data_9KMH
#
_entry.id   9KMH
#
_cell.length_a   1.00
_cell.length_b   1.00
_cell.length_c   1.00
_cell.angle_alpha   90.00
_cell.angle_beta   90.00
_cell.angle_gamma   90.00
#
_symmetry.space_group_name_H-M   'P 1'
#
loop_
_entity.id
_entity.type
_entity.pdbx_description
1 polymer 'Major capsid protein'
2 polymer 'Decoration protein'
3 polymer 'Portal protein'
4 polymer 'Terminator protein'
5 polymer 'Adaptor protein'
6 polymer 'Tail tube protein'
7 polymer 'Connector protein'
8 polymer 'Decoration protein gp29'
#
loop_
_entity_poly.entity_id
_entity_poly.type
_entity_poly.pdbx_seq_one_letter_code
_entity_poly.pdbx_strand_id
1 'polypeptide(L)'
;MTTKKFDEADKSNVEMYLIQAGVKQDAAATMGIWTAQELHRIKSQSYEEDYPVGSALRVFPVTTELSPTDKTFEYMTFDK
VGTAQIIADYTDDLPLVDALGTSEFGKVFRLGNAYLISIDEIKAGQATGRPLSTRKASACQLAHDQLVNRLVFKGSAPHK
IVSVFNHPNITKITSGKWIDASTMKPETAEAELTQAIETIETITRGQHRATNILIPPSMRKVLAIRMPETTMSYLDYFKS
QNSGIEIDSIAELEDIDGAGTKGVLVYEKNPMNMSIEIPEAFNMLPAQPKDLHFKVPCTSKCTGLTIYRPMTIVLITGV
;
aa,af,ag,ah,ai,aj,an,as,at,au,av,aw,ba,bf,bg,bh,bi,bj,bn,bs,bt,bu,bv,bw,ca,cf,cg,ch,ci,cj
2 'polypeptide(L)'
;MAQINASYQRDMAIALPGMVADTSKYNIDGACVVNEGDVLVGAAVQVVQAQAVDGHKLVKALTTGTTPYGVAIRSHWQTV
NAQNQMIYEDGGAINVMTSGRVWMLSKSTEAPTFGSAVKLDVDGQEKSDGTIETTWTYAGGWTKYKDIQLVEVQLHQL
;
ab,ac,ad,ae,al,am,ao,ap,aq,ar,ay,az,bb,bc,bd,be,bl,bm,bo,bp,bq,br,by,bz,cb,cc,cd,ce,cl,cm
3 'polypeptide(L)'
;MRYNQGCQLTAFFIGGNMKIVKHDGYNDIFNGGADGSPKPFFMSDASYHVGSFYNDNATAKRIVDVIPEEMVTAGFKISG
VKDEKEFKSLWDSYKIDPSLVDALCWARLYGGAAIVAIINDNRMLTSPVKPGAKLEGVRVYDRFAITIEKRVTNARSPRY
GEPEIYKVSPGDNIQPYLIHHTRIFIADGERVTPQMRKQNQGWGASVLNKSLIDAICDYDYCESLATQILRRKQQAVWKV
KGLAEMCDDDDAQYAARLRLAQVDDNSGVGRAIGIDAETEEYDVLNSDISGVPEFLSSKMDRIVSLSGIHEIIIKNKNVG
GVSASQNTALETFYKLVDRKREEDYRPLLEFLLPFIVDEQEWSIEFEPLSVPSKKEESEITKNNVESVTKAITEQIIDLE
EARDTLRSIAPEFKLKDGNNINIREPEEPTEPEPGLGEKLEDEN
;
cn,co,cp,cq,cy,dj,du,dy,dz,ea,eb,ec
4 'polypeptide(L)'
;MHYELSAAARAAFLSKYRDFPHYMENRNFTPPKDGGMWLRFNYIEGDTLYLSIDRKCKSYIAIVQIGVVFPPGSGVDEAR
LKAKEIADFFKDGKMLNVGYIFEGAIVHQIVKHESGWMIPVRFTVRVDTKET
;
cr,cs,ct,cu,cv,cw
5 'polypeptide(L)'
;MGVIMNQETLIAAVEQMRKLVPALRKVPDETLYAWVEMAELFVCQKTFKDAYVKAIALYALHLAFLDGALKGEDEDLESY
SRRVTSFSLSGEFSQTFGEVTKNQSGNMMLSTPWGKMFEQLKARRRGRFALMTGLRGGCH
;
cx,cz,da,db,dc,dd,de,df,dg,dh,di,dk
6 'polypeptide(L)'
;MHLPNGAQIFVETSRGEEIEATAVTNEKNPVATVASKGDLAKGDYVIVTQSTWAKMVSRVLIVTDAQETSITLAGIDTSD
TLVFPAGGTMSFAKITGWTEIPCVQEIGQDGGEQQYYTYQCLSDDKEQQIPTFKSAISLTYTFAHEFDNPIYQILRKLDS
SGQVTAVRMYVPKASEMRMWAGILSFNDIPSTQVNEMETVELAVSLKGDFTFISSTLASPGA
;
dl,dm,dn,do,dp,dq
7 'polypeptide(L)'
;MNYSQIERMARKGVAFFTDPSRPMNLIKQGEYGYDENGFEIPPMEQVIPISGATRRPNAREIDGETIRASDILGIFNNDH
EINEGDYIEIDGIRHVVVDARPVQASLEPVAYRPVLRRVSVGG
;
dr,ds,dt,dv,dw,dx
8 'polypeptide(L)'
;MAYENLFLRPACPGNISDTSTYNIDGACVAQGDIGFGSAVQVVGIVDGVKVVAALPDGGTPYGIAFRSQYEHLSGKILDG
EVCNVVSHGRVWTLTSLGEAPSLFSKLQFGSGGVVTGGSGSAGWTFAGGFVKHEDGYIIEVQVKQNAFIAPPPPPPVVLV
ESATIATDKESPQPNNVTIQCVANALPDNATDKTGKWSIDATNIATVDPDSGLVTPVGGEVVGDFNITWTANDASKTTAT
IAYRVEAVPTPEVDA
;
ak,bk,bx,ck,ax
#
# COMPACT_ATOMS: atom_id res chain seq x y z
N ALA A 28 -34.02 112.38 -29.45
CA ALA A 28 -33.99 112.01 -28.04
C ALA A 28 -34.94 110.85 -27.76
N ALA A 29 -35.87 111.05 -26.82
CA ALA A 29 -36.86 110.03 -26.45
C ALA A 29 -38.06 110.74 -25.86
N THR A 30 -39.15 110.80 -26.62
CA THR A 30 -40.40 111.41 -26.17
C THR A 30 -41.50 110.35 -26.27
N MET A 31 -41.80 109.70 -25.15
CA MET A 31 -42.88 108.74 -25.04
C MET A 31 -43.92 109.25 -24.06
N GLY A 32 -44.93 108.42 -23.81
CA GLY A 32 -45.95 108.71 -22.83
C GLY A 32 -45.59 108.17 -21.46
N ILE A 33 -46.60 108.16 -20.58
CA ILE A 33 -46.42 107.64 -19.22
C ILE A 33 -46.60 106.13 -19.15
N TRP A 34 -47.68 105.60 -19.70
CA TRP A 34 -48.05 104.20 -19.56
C TRP A 34 -47.52 103.40 -20.73
N THR A 35 -46.78 102.33 -20.44
CA THR A 35 -46.25 101.49 -21.49
C THR A 35 -47.36 100.65 -22.11
N ALA A 36 -47.06 100.07 -23.28
CA ALA A 36 -48.06 99.32 -24.02
C ALA A 36 -48.49 98.04 -23.32
N GLN A 37 -47.73 97.58 -22.32
CA GLN A 37 -48.03 96.35 -21.62
C GLN A 37 -49.03 96.53 -20.50
N GLU A 38 -49.05 97.68 -19.82
CA GLU A 38 -49.93 97.89 -18.69
C GLU A 38 -51.40 97.92 -19.07
N LEU A 39 -51.73 98.34 -20.29
CA LEU A 39 -53.10 98.37 -20.78
C LEU A 39 -53.24 97.23 -21.80
N HIS A 40 -53.52 96.03 -21.29
CA HIS A 40 -53.54 94.82 -22.10
C HIS A 40 -54.06 93.68 -21.24
N ARG A 41 -54.74 92.74 -21.88
CA ARG A 41 -55.32 91.60 -21.19
C ARG A 41 -54.99 90.33 -21.96
N ILE A 42 -54.83 89.23 -21.22
CA ILE A 42 -54.61 87.91 -21.79
C ILE A 42 -55.80 87.04 -21.42
N LYS A 43 -56.46 86.48 -22.42
CA LYS A 43 -57.60 85.60 -22.15
C LYS A 43 -57.15 84.38 -21.38
N SER A 44 -57.95 83.95 -20.42
CA SER A 44 -57.51 83.06 -19.36
C SER A 44 -57.61 81.58 -19.73
N GLN A 45 -57.55 81.25 -21.02
CA GLN A 45 -57.48 79.85 -21.44
C GLN A 45 -56.90 79.79 -22.84
N SER A 46 -56.32 78.64 -23.18
CA SER A 46 -55.73 78.41 -24.49
C SER A 46 -56.61 77.47 -25.31
N TYR A 47 -56.40 77.51 -26.63
CA TYR A 47 -57.02 76.56 -27.55
C TYR A 47 -55.95 75.60 -28.04
N GLU A 48 -56.25 74.31 -27.99
CA GLU A 48 -55.33 73.28 -28.45
C GLU A 48 -55.97 72.49 -29.58
N GLU A 49 -55.20 72.25 -30.64
CA GLU A 49 -55.70 71.46 -31.76
C GLU A 49 -55.93 70.02 -31.33
N ASP A 50 -56.83 69.34 -32.05
CA ASP A 50 -57.19 67.96 -31.75
C ASP A 50 -56.79 67.06 -32.91
N TYR A 51 -56.38 65.83 -32.57
CA TYR A 51 -56.00 64.83 -33.56
C TYR A 51 -56.62 63.49 -33.17
N PRO A 52 -57.78 63.14 -33.73
CA PRO A 52 -58.40 61.86 -33.38
C PRO A 52 -57.52 60.69 -33.80
N VAL A 53 -57.53 59.63 -32.98
CA VAL A 53 -56.68 58.47 -33.25
C VAL A 53 -57.26 57.65 -34.39
N GLY A 54 -58.50 57.19 -34.23
CA GLY A 54 -59.14 56.32 -35.19
C GLY A 54 -60.20 55.49 -34.50
N SER A 55 -60.49 54.33 -35.09
CA SER A 55 -61.54 53.47 -34.55
C SER A 55 -61.18 51.99 -34.58
N ALA A 56 -59.94 51.63 -34.93
CA ALA A 56 -59.59 50.21 -35.08
C ALA A 56 -59.73 49.46 -33.77
N LEU A 57 -59.17 50.01 -32.68
CA LEU A 57 -59.18 49.35 -31.39
C LEU A 57 -60.57 49.14 -30.82
N ARG A 58 -61.52 50.02 -31.15
CA ARG A 58 -62.88 49.90 -30.67
C ARG A 58 -63.78 49.09 -31.59
N VAL A 59 -63.50 49.08 -32.89
CA VAL A 59 -64.28 48.29 -33.83
C VAL A 59 -63.90 46.80 -33.77
N PHE A 60 -62.58 46.49 -33.78
CA PHE A 60 -62.29 45.06 -33.77
C PHE A 60 -61.90 44.59 -32.37
N PRO A 61 -62.21 43.34 -32.03
CA PRO A 61 -61.87 42.83 -30.70
C PRO A 61 -60.36 42.67 -30.52
N VAL A 62 -59.94 42.75 -29.26
CA VAL A 62 -58.53 42.67 -28.89
C VAL A 62 -58.35 41.56 -27.87
N THR A 63 -57.23 40.84 -27.97
CA THR A 63 -56.88 39.78 -27.04
C THR A 63 -55.47 40.03 -26.51
N THR A 64 -55.14 39.36 -25.40
CA THR A 64 -53.85 39.51 -24.76
C THR A 64 -53.18 38.16 -24.52
N GLU A 65 -53.47 37.18 -25.38
CA GLU A 65 -52.87 35.84 -25.24
C GLU A 65 -51.65 35.73 -26.13
N LEU A 66 -50.63 36.51 -25.78
CA LEU A 66 -49.36 36.52 -26.50
C LEU A 66 -48.32 37.23 -25.64
N SER A 67 -47.18 36.58 -25.43
CA SER A 67 -46.12 37.17 -24.63
C SER A 67 -45.36 38.23 -25.43
N PRO A 68 -44.86 39.27 -24.76
CA PRO A 68 -44.10 40.31 -25.48
C PRO A 68 -42.76 39.82 -26.00
N THR A 69 -42.39 38.56 -25.77
CA THR A 69 -41.16 38.00 -26.29
C THR A 69 -41.40 37.17 -27.55
N ASP A 70 -42.64 36.73 -27.77
CA ASP A 70 -42.97 35.90 -28.93
C ASP A 70 -42.81 36.70 -30.21
N LYS A 71 -42.57 35.97 -31.29
CA LYS A 71 -42.37 36.58 -32.61
C LYS A 71 -43.21 35.94 -33.70
N THR A 72 -43.63 34.68 -33.52
CA THR A 72 -44.55 34.01 -34.42
C THR A 72 -45.50 33.16 -33.58
N PHE A 73 -46.65 32.82 -34.16
CA PHE A 73 -47.66 32.02 -33.49
C PHE A 73 -48.34 31.11 -34.50
N GLU A 74 -49.15 30.18 -34.00
CA GLU A 74 -49.86 29.27 -34.88
C GLU A 74 -51.15 28.80 -34.23
N TYR A 75 -52.08 28.31 -35.05
CA TYR A 75 -53.33 27.72 -34.61
C TYR A 75 -53.67 26.56 -35.52
N MET A 76 -54.47 25.63 -35.01
CA MET A 76 -54.75 24.38 -35.72
C MET A 76 -56.25 24.19 -35.93
N THR A 77 -56.57 23.39 -36.96
CA THR A 77 -57.93 23.02 -37.29
C THR A 77 -57.96 21.53 -37.61
N PHE A 78 -59.15 20.93 -37.49
CA PHE A 78 -59.29 19.48 -37.59
C PHE A 78 -60.42 19.12 -38.54
N ASP A 79 -60.45 17.85 -38.94
CA ASP A 79 -61.40 17.34 -39.91
C ASP A 79 -61.63 15.86 -39.63
N LYS A 80 -62.70 15.31 -40.22
CA LYS A 80 -63.06 13.93 -39.98
C LYS A 80 -63.68 13.32 -41.24
N VAL A 81 -63.55 11.99 -41.35
CA VAL A 81 -64.08 11.21 -42.45
C VAL A 81 -64.67 9.91 -41.88
N GLY A 82 -65.76 9.45 -42.47
CA GLY A 82 -66.36 8.20 -42.04
C GLY A 82 -67.68 7.92 -42.72
N THR A 83 -68.27 6.80 -42.33
CA THR A 83 -69.55 6.35 -42.88
C THR A 83 -70.10 5.24 -42.00
N ALA A 84 -71.28 4.73 -42.40
CA ALA A 84 -71.93 3.64 -41.69
C ALA A 84 -72.74 2.82 -42.68
N GLN A 85 -73.07 1.59 -42.28
CA GLN A 85 -73.80 0.66 -43.13
C GLN A 85 -74.82 -0.10 -42.29
N ILE A 86 -75.62 -0.93 -42.97
CA ILE A 86 -76.58 -1.81 -42.33
C ILE A 86 -75.99 -3.21 -42.31
N ILE A 87 -75.84 -3.77 -41.11
CA ILE A 87 -75.09 -5.01 -40.94
C ILE A 87 -75.98 -6.11 -40.36
N ALA A 88 -75.43 -7.31 -40.22
CA ALA A 88 -76.10 -8.46 -39.66
C ALA A 88 -75.46 -8.83 -38.32
N ASP A 89 -75.92 -9.95 -37.75
CA ASP A 89 -75.43 -10.34 -36.43
C ASP A 89 -74.02 -10.92 -36.51
N TYR A 90 -73.74 -11.75 -37.51
CA TYR A 90 -72.41 -12.29 -37.74
C TYR A 90 -71.72 -11.42 -38.79
N THR A 91 -70.98 -10.42 -38.35
CA THR A 91 -70.31 -9.50 -39.26
C THR A 91 -68.84 -9.44 -38.91
N ASP A 92 -68.00 -9.45 -39.95
CA ASP A 92 -66.55 -9.44 -39.77
C ASP A 92 -65.89 -8.26 -40.46
N ASP A 93 -66.65 -7.40 -41.12
CA ASP A 93 -66.10 -6.21 -41.77
C ASP A 93 -67.00 -5.02 -41.48
N LEU A 94 -66.39 -3.92 -41.01
CA LEU A 94 -67.13 -2.72 -40.67
C LEU A 94 -66.40 -1.50 -41.20
N PRO A 95 -67.12 -0.44 -41.57
CA PRO A 95 -66.46 0.79 -42.03
C PRO A 95 -65.73 1.50 -40.91
N LEU A 96 -64.79 2.37 -41.30
CA LEU A 96 -63.89 3.03 -40.37
C LEU A 96 -63.99 4.54 -40.47
N VAL A 97 -63.41 5.22 -39.47
CA VAL A 97 -63.38 6.68 -39.41
C VAL A 97 -61.97 7.13 -39.03
N ASP A 98 -61.60 8.32 -39.51
CA ASP A 98 -60.28 8.89 -39.30
C ASP A 98 -60.42 10.34 -38.86
N ALA A 99 -59.29 11.06 -38.89
CA ALA A 99 -59.24 12.48 -38.54
C ALA A 99 -58.08 13.13 -39.29
N LEU A 100 -57.93 14.44 -39.12
CA LEU A 100 -56.94 15.19 -39.88
C LEU A 100 -56.46 16.39 -39.05
N GLY A 101 -55.65 17.24 -39.67
CA GLY A 101 -55.14 18.43 -39.00
C GLY A 101 -54.45 19.35 -39.98
N THR A 102 -54.36 20.62 -39.59
CA THR A 102 -53.79 21.66 -40.44
C THR A 102 -53.37 22.82 -39.53
N SER A 103 -52.49 23.69 -40.04
CA SER A 103 -51.97 24.80 -39.26
C SER A 103 -51.72 26.02 -40.14
N GLU A 104 -51.66 27.18 -39.48
CA GLU A 104 -51.31 28.45 -40.12
C GLU A 104 -50.53 29.29 -39.12
N PHE A 105 -49.78 30.28 -39.62
CA PHE A 105 -48.79 31.00 -38.82
C PHE A 105 -49.11 32.50 -38.78
N GLY A 106 -48.25 33.25 -38.09
CA GLY A 106 -48.43 34.67 -37.92
C GLY A 106 -47.12 35.35 -37.63
N LYS A 107 -47.19 36.65 -37.30
CA LYS A 107 -46.00 37.46 -37.12
C LYS A 107 -46.29 38.64 -36.19
N VAL A 108 -45.22 39.24 -35.66
CA VAL A 108 -45.30 40.37 -34.75
C VAL A 108 -44.29 41.42 -35.22
N PHE A 109 -44.53 42.68 -34.84
CA PHE A 109 -43.67 43.80 -35.21
C PHE A 109 -43.49 44.73 -34.01
N ARG A 110 -42.60 45.73 -34.17
CA ARG A 110 -42.22 46.62 -33.09
C ARG A 110 -42.23 48.07 -33.58
N LEU A 111 -42.49 49.00 -32.66
CA LEU A 111 -42.56 50.43 -32.95
C LEU A 111 -41.51 51.16 -32.12
N GLY A 112 -41.29 52.43 -32.45
CA GLY A 112 -40.38 53.25 -31.64
C GLY A 112 -40.31 54.68 -32.13
N ASN A 113 -39.97 55.57 -31.20
CA ASN A 113 -39.69 56.98 -31.47
C ASN A 113 -39.03 57.58 -30.23
N ALA A 114 -38.75 58.88 -30.28
CA ALA A 114 -38.07 59.54 -29.16
C ALA A 114 -38.28 61.05 -29.27
N TYR A 115 -37.65 61.79 -28.36
CA TYR A 115 -37.66 63.24 -28.39
C TYR A 115 -36.48 63.75 -27.55
N LEU A 116 -36.21 65.04 -27.69
CA LEU A 116 -35.09 65.69 -26.99
C LEU A 116 -35.61 66.88 -26.18
N ILE A 117 -34.86 67.22 -25.13
CA ILE A 117 -35.20 68.34 -24.27
C ILE A 117 -33.94 68.76 -23.52
N SER A 118 -33.88 70.02 -23.09
CA SER A 118 -32.69 70.55 -22.44
C SER A 118 -33.03 71.12 -21.06
N ILE A 119 -31.97 71.34 -20.27
CA ILE A 119 -32.12 71.83 -18.90
C ILE A 119 -32.76 73.21 -18.88
N ASP A 120 -32.34 74.10 -19.79
CA ASP A 120 -32.92 75.44 -19.84
C ASP A 120 -34.41 75.37 -20.14
N GLU A 121 -34.81 74.51 -21.09
CA GLU A 121 -36.23 74.37 -21.40
C GLU A 121 -37.00 73.81 -20.22
N ILE A 122 -36.43 72.83 -19.51
CA ILE A 122 -37.10 72.27 -18.35
C ILE A 122 -37.33 73.33 -17.30
N LYS A 123 -36.29 74.12 -16.99
CA LYS A 123 -36.42 75.16 -15.99
C LYS A 123 -37.41 76.24 -16.42
N ALA A 124 -37.38 76.63 -17.69
CA ALA A 124 -38.32 77.63 -18.19
C ALA A 124 -39.76 77.15 -18.08
N GLY A 125 -39.99 75.88 -18.42
CA GLY A 125 -41.33 75.33 -18.26
C GLY A 125 -41.79 75.31 -16.82
N GLN A 126 -40.92 74.84 -15.92
CA GLN A 126 -41.26 74.82 -14.50
C GLN A 126 -41.51 76.22 -13.95
N ALA A 127 -40.82 77.23 -14.48
CA ALA A 127 -41.02 78.61 -14.02
C ALA A 127 -42.32 79.20 -14.54
N THR A 128 -42.59 79.06 -15.84
CA THR A 128 -43.76 79.69 -16.43
C THR A 128 -45.04 78.92 -16.18
N GLY A 129 -44.96 77.67 -15.73
CA GLY A 129 -46.16 76.93 -15.38
C GLY A 129 -46.58 75.92 -16.42
N ARG A 130 -46.19 76.15 -17.67
CA ARG A 130 -46.50 75.21 -18.75
C ARG A 130 -45.25 74.47 -19.17
N PRO A 131 -45.22 73.15 -19.06
CA PRO A 131 -44.01 72.40 -19.46
C PRO A 131 -44.02 72.05 -20.94
N LEU A 132 -42.92 71.41 -21.36
CA LEU A 132 -42.76 70.96 -22.73
C LEU A 132 -42.63 69.45 -22.85
N SER A 133 -42.08 68.80 -21.82
CA SER A 133 -41.92 67.35 -21.85
C SER A 133 -43.27 66.65 -21.93
N THR A 134 -44.27 67.17 -21.22
CA THR A 134 -45.60 66.56 -21.28
C THR A 134 -46.18 66.62 -22.69
N ARG A 135 -46.02 67.77 -23.36
CA ARG A 135 -46.50 67.88 -24.74
C ARG A 135 -45.77 66.94 -25.67
N LYS A 136 -44.44 66.83 -25.51
CA LYS A 136 -43.69 65.94 -26.37
C LYS A 136 -44.08 64.47 -26.15
N ALA A 137 -44.29 64.08 -24.88
CA ALA A 137 -44.72 62.71 -24.60
C ALA A 137 -46.10 62.43 -25.16
N SER A 138 -47.02 63.41 -25.05
CA SER A 138 -48.33 63.25 -25.65
C SER A 138 -48.24 63.07 -27.15
N ALA A 139 -47.37 63.85 -27.81
CA ALA A 139 -47.18 63.71 -29.24
C ALA A 139 -46.66 62.32 -29.58
N CYS A 140 -45.70 61.82 -28.80
CA CYS A 140 -45.17 60.47 -29.05
C CYS A 140 -46.26 59.41 -28.93
N GLN A 141 -47.06 59.49 -27.87
CA GLN A 141 -48.12 58.50 -27.68
C GLN A 141 -49.14 58.55 -28.82
N LEU A 142 -49.53 59.77 -29.22
CA LEU A 142 -50.49 59.91 -30.30
C LEU A 142 -49.94 59.38 -31.61
N ALA A 143 -48.66 59.63 -31.88
CA ALA A 143 -48.03 59.08 -33.08
C ALA A 143 -48.03 57.56 -33.06
N HIS A 144 -47.73 56.96 -31.91
CA HIS A 144 -47.77 55.50 -31.81
C HIS A 144 -49.16 54.96 -32.10
N ASP A 145 -50.18 55.59 -31.51
CA ASP A 145 -51.54 55.10 -31.72
C ASP A 145 -51.98 55.24 -33.18
N GLN A 146 -51.67 56.37 -33.81
CA GLN A 146 -52.02 56.52 -35.22
C GLN A 146 -51.24 55.54 -36.09
N LEU A 147 -49.99 55.23 -35.74
CA LEU A 147 -49.25 54.25 -36.51
C LEU A 147 -49.91 52.87 -36.42
N VAL A 148 -50.36 52.49 -35.22
CA VAL A 148 -51.07 51.22 -35.08
C VAL A 148 -52.32 51.20 -35.93
N ASN A 149 -53.12 52.27 -35.88
CA ASN A 149 -54.36 52.31 -36.65
C ASN A 149 -54.10 52.28 -38.16
N ARG A 150 -53.09 53.02 -38.61
CA ARG A 150 -52.73 53.01 -40.02
C ARG A 150 -52.25 51.64 -40.45
N LEU A 151 -51.50 50.96 -39.59
CA LEU A 151 -51.06 49.61 -39.92
C LEU A 151 -52.25 48.67 -40.05
N VAL A 152 -53.25 48.81 -39.17
CA VAL A 152 -54.42 47.95 -39.24
C VAL A 152 -55.20 48.18 -40.53
N PHE A 153 -55.45 49.46 -40.88
CA PHE A 153 -56.39 49.74 -41.96
C PHE A 153 -55.76 49.94 -43.33
N LYS A 154 -54.45 50.14 -43.43
CA LYS A 154 -53.81 50.40 -44.71
C LYS A 154 -52.71 49.41 -45.07
N GLY A 155 -52.15 48.71 -44.09
CA GLY A 155 -51.10 47.74 -44.36
C GLY A 155 -49.80 48.41 -44.77
N SER A 156 -48.87 47.56 -45.19
CA SER A 156 -47.56 48.03 -45.66
C SER A 156 -46.99 46.98 -46.60
N ALA A 157 -47.01 47.27 -47.90
CA ALA A 157 -46.55 46.29 -48.89
C ALA A 157 -45.11 45.88 -48.71
N PRO A 158 -44.14 46.78 -48.52
CA PRO A 158 -42.75 46.31 -48.32
C PRO A 158 -42.57 45.41 -47.13
N HIS A 159 -43.34 45.60 -46.05
CA HIS A 159 -43.28 44.73 -44.89
C HIS A 159 -44.16 43.50 -45.05
N LYS A 160 -44.88 43.38 -46.17
CA LYS A 160 -45.76 42.25 -46.43
C LYS A 160 -46.84 42.12 -45.35
N ILE A 161 -47.41 43.26 -44.99
CA ILE A 161 -48.55 43.31 -44.08
C ILE A 161 -49.79 43.65 -44.90
N VAL A 162 -50.80 42.80 -44.82
CA VAL A 162 -51.99 42.90 -45.66
C VAL A 162 -53.09 43.62 -44.89
N SER A 163 -53.70 44.61 -45.52
CA SER A 163 -54.82 45.32 -44.91
C SER A 163 -56.08 44.45 -44.96
N VAL A 164 -57.12 44.91 -44.26
CA VAL A 164 -58.36 44.15 -44.21
C VAL A 164 -59.04 44.11 -45.58
N PHE A 165 -58.90 45.18 -46.36
CA PHE A 165 -59.55 45.24 -47.67
C PHE A 165 -58.86 44.40 -48.73
N ASN A 166 -57.59 44.03 -48.53
CA ASN A 166 -56.83 43.29 -49.52
C ASN A 166 -56.66 41.82 -49.16
N HIS A 167 -57.37 41.34 -48.15
CA HIS A 167 -57.31 39.92 -47.83
C HIS A 167 -57.92 39.10 -48.96
N PRO A 168 -57.27 38.03 -49.39
CA PRO A 168 -57.74 37.27 -50.55
C PRO A 168 -58.77 36.18 -50.26
N ASN A 169 -59.20 36.01 -49.02
CA ASN A 169 -60.09 34.92 -48.65
C ASN A 169 -61.41 35.41 -48.06
N ILE A 170 -61.79 36.65 -48.37
CA ILE A 170 -63.05 37.20 -47.88
C ILE A 170 -63.96 37.50 -49.06
N THR A 171 -65.26 37.47 -48.80
CA THR A 171 -66.25 37.69 -49.84
C THR A 171 -66.31 39.16 -50.22
N LYS A 172 -66.17 39.43 -51.51
CA LYS A 172 -66.22 40.79 -52.05
C LYS A 172 -67.36 40.90 -53.03
N ILE A 173 -68.20 41.91 -52.85
CA ILE A 173 -69.38 42.11 -53.69
C ILE A 173 -69.21 43.42 -54.46
N THR A 174 -69.24 43.34 -55.78
CA THR A 174 -69.28 44.54 -56.61
C THR A 174 -70.67 45.14 -56.53
N SER A 175 -70.74 46.44 -56.29
CA SER A 175 -72.00 47.13 -56.07
C SER A 175 -72.15 48.30 -57.03
N GLY A 176 -73.36 48.48 -57.55
CA GLY A 176 -73.66 49.71 -58.26
C GLY A 176 -73.62 50.90 -57.31
N LYS A 177 -73.30 52.07 -57.85
CA LYS A 177 -73.11 53.23 -57.01
C LYS A 177 -74.41 53.61 -56.32
N TRP A 178 -74.33 53.85 -55.01
CA TRP A 178 -75.49 54.30 -54.26
C TRP A 178 -75.81 55.76 -54.57
N ILE A 179 -74.81 56.54 -54.95
CA ILE A 179 -74.97 57.94 -55.35
C ILE A 179 -74.22 58.13 -56.65
N ASP A 180 -74.94 58.40 -57.73
CA ASP A 180 -74.35 58.65 -59.05
C ASP A 180 -74.87 59.97 -59.58
N ALA A 181 -73.96 60.88 -59.90
CA ALA A 181 -74.29 62.22 -60.39
C ALA A 181 -75.24 62.92 -59.42
N SER A 182 -74.96 62.77 -58.13
CA SER A 182 -75.72 63.37 -57.03
C SER A 182 -77.17 62.89 -56.97
N THR A 183 -77.48 61.76 -57.61
CA THR A 183 -78.80 61.15 -57.53
C THR A 183 -78.73 59.94 -56.61
N MET A 184 -79.70 59.84 -55.70
CA MET A 184 -79.67 58.84 -54.64
C MET A 184 -80.62 57.70 -54.95
N LYS A 185 -80.21 56.48 -54.58
CA LYS A 185 -81.00 55.26 -54.77
C LYS A 185 -81.05 54.50 -53.46
N PRO A 186 -81.99 54.84 -52.57
CA PRO A 186 -81.99 54.24 -51.23
C PRO A 186 -82.42 52.79 -51.18
N GLU A 187 -83.10 52.27 -52.21
CA GLU A 187 -83.54 50.88 -52.17
C GLU A 187 -82.43 49.90 -52.51
N THR A 188 -81.48 50.31 -53.34
CA THR A 188 -80.35 49.44 -53.66
C THR A 188 -79.53 49.13 -52.42
N ALA A 189 -79.41 50.11 -51.51
CA ALA A 189 -78.68 49.89 -50.27
C ALA A 189 -79.34 48.79 -49.44
N GLU A 190 -80.67 48.86 -49.29
CA GLU A 190 -81.38 47.82 -48.53
C GLU A 190 -81.24 46.47 -49.20
N ALA A 191 -81.38 46.43 -50.52
CA ALA A 191 -81.24 45.17 -51.23
C ALA A 191 -79.86 44.56 -51.02
N GLU A 192 -78.81 45.36 -51.15
CA GLU A 192 -77.46 44.84 -51.00
C GLU A 192 -77.17 44.42 -49.57
N LEU A 193 -77.65 45.17 -48.58
CA LEU A 193 -77.44 44.78 -47.19
C LEU A 193 -78.12 43.45 -46.89
N THR A 194 -79.37 43.29 -47.33
CA THR A 194 -80.07 42.03 -47.10
C THR A 194 -79.37 40.88 -47.81
N GLN A 195 -78.92 41.11 -49.05
CA GLN A 195 -78.22 40.05 -49.78
C GLN A 195 -76.91 39.68 -49.09
N ALA A 196 -76.17 40.66 -48.58
CA ALA A 196 -74.92 40.36 -47.90
C ALA A 196 -75.15 39.56 -46.61
N ILE A 197 -76.17 39.92 -45.84
CA ILE A 197 -76.47 39.17 -44.62
C ILE A 197 -76.89 37.75 -44.97
N GLU A 198 -77.69 37.59 -46.03
CA GLU A 198 -78.08 36.26 -46.47
C GLU A 198 -76.87 35.44 -46.89
N THR A 199 -75.92 36.08 -47.58
CA THR A 199 -74.71 35.38 -48.00
C THR A 199 -73.89 34.92 -46.80
N ILE A 200 -73.76 35.79 -45.79
CA ILE A 200 -73.03 35.39 -44.59
C ILE A 200 -73.72 34.21 -43.92
N GLU A 201 -75.04 34.26 -43.81
CA GLU A 201 -75.77 33.15 -43.18
C GLU A 201 -75.60 31.85 -43.96
N THR A 202 -75.65 31.94 -45.29
CA THR A 202 -75.65 30.73 -46.11
C THR A 202 -74.27 30.09 -46.19
N ILE A 203 -73.21 30.90 -46.40
CA ILE A 203 -71.90 30.34 -46.66
C ILE A 203 -71.34 29.59 -45.44
N THR A 204 -71.67 30.02 -44.23
CA THR A 204 -71.21 29.34 -43.02
C THR A 204 -72.21 28.32 -42.50
N ARG A 205 -73.33 28.12 -43.21
CA ARG A 205 -74.34 27.12 -42.84
C ARG A 205 -74.90 27.38 -41.44
N GLY A 206 -75.33 28.62 -41.22
CA GLY A 206 -76.04 28.95 -40.01
C GLY A 206 -75.23 28.88 -38.73
N GLN A 207 -73.91 28.80 -38.83
CA GLN A 207 -73.07 28.75 -37.64
C GLN A 207 -72.66 30.14 -37.17
N HIS A 208 -72.65 31.13 -38.08
CA HIS A 208 -72.29 32.49 -37.73
C HIS A 208 -73.37 33.44 -38.24
N ARG A 209 -73.59 34.52 -37.49
CA ARG A 209 -74.63 35.49 -37.79
C ARG A 209 -74.03 36.88 -37.86
N ALA A 210 -74.37 37.62 -38.91
CA ALA A 210 -73.88 38.99 -39.05
C ALA A 210 -74.44 39.87 -37.93
N THR A 211 -73.58 40.72 -37.36
CA THR A 211 -73.98 41.52 -36.22
C THR A 211 -73.61 43.00 -36.34
N ASN A 212 -72.61 43.32 -37.16
CA ASN A 212 -72.12 44.69 -37.26
C ASN A 212 -72.01 45.13 -38.72
N ILE A 213 -72.39 46.37 -38.97
CA ILE A 213 -72.30 46.99 -40.28
C ILE A 213 -71.57 48.33 -40.14
N LEU A 214 -70.61 48.58 -41.03
CA LEU A 214 -69.86 49.83 -41.06
C LEU A 214 -69.98 50.47 -42.42
N ILE A 215 -70.36 51.74 -42.45
CA ILE A 215 -70.63 52.45 -43.70
C ILE A 215 -69.83 53.75 -43.71
N PRO A 216 -69.56 54.30 -44.90
CA PRO A 216 -68.85 55.58 -44.96
C PRO A 216 -69.69 56.69 -44.37
N PRO A 217 -69.06 57.71 -43.78
CA PRO A 217 -69.84 58.79 -43.15
C PRO A 217 -70.66 59.62 -44.13
N SER A 218 -70.34 59.62 -45.41
CA SER A 218 -71.10 60.42 -46.38
C SER A 218 -72.37 59.72 -46.86
N MET A 219 -72.56 58.44 -46.50
CA MET A 219 -73.77 57.70 -46.83
C MET A 219 -74.83 57.75 -45.74
N ARG A 220 -74.58 58.47 -44.63
CA ARG A 220 -75.59 58.56 -43.58
C ARG A 220 -76.83 59.28 -44.08
N LYS A 221 -76.68 60.16 -45.07
CA LYS A 221 -77.83 60.86 -45.64
C LYS A 221 -78.61 59.98 -46.61
N VAL A 222 -78.02 58.87 -47.07
CA VAL A 222 -78.72 57.99 -48.00
C VAL A 222 -79.84 57.26 -47.28
N LEU A 223 -79.60 56.77 -46.07
CA LEU A 223 -80.60 56.04 -45.32
C LEU A 223 -81.56 56.94 -44.55
N ALA A 224 -81.31 58.25 -44.54
CA ALA A 224 -82.20 59.18 -43.85
C ALA A 224 -83.37 59.64 -44.72
N ILE A 225 -83.40 59.25 -45.99
CA ILE A 225 -84.50 59.61 -46.87
C ILE A 225 -85.76 58.89 -46.42
N ARG A 226 -86.89 59.60 -46.47
CA ARG A 226 -88.16 59.02 -46.03
C ARG A 226 -88.63 57.96 -47.02
N MET A 227 -89.09 56.84 -46.50
CA MET A 227 -89.62 55.77 -47.34
C MET A 227 -91.02 56.15 -47.82
N PRO A 228 -91.30 56.06 -49.12
CA PRO A 228 -92.60 56.49 -49.64
C PRO A 228 -93.75 55.71 -49.04
N GLU A 229 -94.90 56.37 -48.97
CA GLU A 229 -96.14 55.80 -48.42
C GLU A 229 -95.99 55.50 -46.92
N THR A 230 -95.05 56.17 -46.26
CA THR A 230 -94.81 55.97 -44.84
C THR A 230 -94.10 57.20 -44.29
N THR A 231 -94.38 57.52 -43.03
CA THR A 231 -93.67 58.58 -42.33
C THR A 231 -92.37 58.11 -41.71
N MET A 232 -92.08 56.82 -41.79
CA MET A 232 -90.89 56.21 -41.21
C MET A 232 -89.83 55.94 -42.27
N SER A 233 -88.57 56.03 -41.85
CA SER A 233 -87.43 56.12 -42.74
C SER A 233 -86.87 54.74 -43.08
N TYR A 234 -85.99 54.72 -44.09
CA TYR A 234 -85.38 53.47 -44.55
C TYR A 234 -84.54 52.81 -43.45
N LEU A 235 -83.74 53.60 -42.74
CA LEU A 235 -82.91 53.03 -41.68
C LEU A 235 -83.77 52.44 -40.56
N ASP A 236 -84.84 53.14 -40.20
CA ASP A 236 -85.74 52.61 -39.17
C ASP A 236 -86.42 51.33 -39.65
N TYR A 237 -86.81 51.29 -40.92
CA TYR A 237 -87.43 50.08 -41.47
C TYR A 237 -86.46 48.90 -41.44
N PHE A 238 -85.21 49.15 -41.83
CA PHE A 238 -84.20 48.10 -41.83
C PHE A 238 -83.95 47.59 -40.42
N LYS A 239 -83.84 48.50 -39.45
CA LYS A 239 -83.64 48.07 -38.07
C LYS A 239 -84.84 47.31 -37.53
N SER A 240 -86.05 47.72 -37.91
CA SER A 240 -87.24 47.00 -37.47
C SER A 240 -87.28 45.58 -38.04
N GLN A 241 -86.89 45.42 -39.31
CA GLN A 241 -86.91 44.09 -39.89
C GLN A 241 -85.78 43.21 -39.35
N ASN A 242 -84.60 43.78 -39.18
CA ASN A 242 -83.42 43.03 -38.75
C ASN A 242 -82.99 43.55 -37.37
N SER A 243 -83.53 42.94 -36.32
CA SER A 243 -83.19 43.34 -34.96
C SER A 243 -81.83 42.79 -34.56
N GLY A 244 -81.18 43.49 -33.63
CA GLY A 244 -79.91 43.05 -33.09
C GLY A 244 -78.69 43.34 -33.92
N ILE A 245 -78.79 44.23 -34.90
CA ILE A 245 -77.67 44.60 -35.76
C ILE A 245 -77.29 46.04 -35.48
N GLU A 246 -76.02 46.29 -35.22
CA GLU A 246 -75.51 47.63 -34.98
C GLU A 246 -74.87 48.19 -36.24
N ILE A 247 -75.32 49.38 -36.64
CA ILE A 247 -74.77 50.08 -37.80
C ILE A 247 -73.98 51.28 -37.30
N ASP A 248 -72.83 51.53 -37.93
CA ASP A 248 -71.91 52.57 -37.48
C ASP A 248 -71.21 53.16 -38.69
N SER A 249 -70.59 54.33 -38.48
CA SER A 249 -69.90 55.06 -39.53
C SER A 249 -68.43 55.21 -39.19
N ILE A 250 -67.57 54.88 -40.15
CA ILE A 250 -66.12 54.94 -39.96
C ILE A 250 -65.53 55.79 -41.09
N ALA A 251 -64.66 56.73 -40.72
CA ALA A 251 -64.09 57.65 -41.70
C ALA A 251 -63.14 56.94 -42.66
N GLU A 252 -62.41 55.93 -42.18
CA GLU A 252 -61.42 55.27 -43.04
C GLU A 252 -62.05 54.48 -44.17
N LEU A 253 -63.37 54.30 -44.16
CA LEU A 253 -64.04 53.62 -45.26
C LEU A 253 -64.32 54.54 -46.44
N GLU A 254 -64.04 55.84 -46.32
CA GLU A 254 -64.23 56.76 -47.42
C GLU A 254 -63.27 56.47 -48.58
N ASP A 255 -62.20 55.71 -48.33
CA ASP A 255 -61.20 55.44 -49.35
C ASP A 255 -60.57 54.09 -49.04
N ILE A 256 -60.80 53.10 -49.90
CA ILE A 256 -60.29 51.76 -49.68
C ILE A 256 -59.10 51.42 -50.58
N ASP A 257 -58.91 52.13 -51.69
CA ASP A 257 -57.81 51.85 -52.60
C ASP A 257 -56.81 52.99 -52.71
N GLY A 258 -57.16 54.18 -52.21
CA GLY A 258 -56.31 55.34 -52.38
C GLY A 258 -56.60 56.16 -53.62
N ALA A 259 -57.73 55.93 -54.29
CA ALA A 259 -58.08 56.65 -55.50
C ALA A 259 -59.49 57.23 -55.47
N GLY A 260 -60.19 57.12 -54.34
CA GLY A 260 -61.52 57.69 -54.24
C GLY A 260 -62.65 56.72 -54.49
N THR A 261 -62.60 55.55 -53.85
CA THR A 261 -63.65 54.55 -53.93
C THR A 261 -64.10 54.19 -52.51
N LYS A 262 -65.41 54.18 -52.30
CA LYS A 262 -65.96 53.89 -50.97
C LYS A 262 -66.30 52.41 -50.84
N GLY A 263 -66.43 51.97 -49.59
CA GLY A 263 -66.73 50.58 -49.31
C GLY A 263 -67.53 50.43 -48.04
N VAL A 264 -68.24 49.31 -47.94
CA VAL A 264 -69.09 48.99 -46.80
C VAL A 264 -68.67 47.63 -46.27
N LEU A 265 -68.70 47.48 -44.94
CA LEU A 265 -68.24 46.25 -44.29
C LEU A 265 -69.38 45.64 -43.50
N VAL A 266 -69.61 44.34 -43.67
CA VAL A 266 -70.54 43.59 -42.83
C VAL A 266 -69.78 42.45 -42.19
N TYR A 267 -69.87 42.32 -40.87
CA TYR A 267 -69.06 41.32 -40.19
C TYR A 267 -69.70 40.95 -38.87
N GLU A 268 -69.17 39.88 -38.26
CA GLU A 268 -69.57 39.41 -36.95
C GLU A 268 -68.45 39.75 -35.95
N LYS A 269 -68.80 40.47 -34.90
CA LYS A 269 -67.84 40.84 -33.87
C LYS A 269 -67.70 39.67 -32.90
N ASN A 270 -66.60 38.93 -33.00
CA ASN A 270 -66.36 37.76 -32.18
C ASN A 270 -64.86 37.53 -32.10
N PRO A 271 -64.26 37.51 -30.90
CA PRO A 271 -62.81 37.36 -30.79
C PRO A 271 -62.27 36.04 -31.33
N MET A 272 -63.14 35.09 -31.69
CA MET A 272 -62.68 33.86 -32.32
C MET A 272 -62.61 33.95 -33.84
N ASN A 273 -63.04 35.07 -34.42
CA ASN A 273 -62.99 35.28 -35.86
C ASN A 273 -61.88 36.22 -36.30
N MET A 274 -61.73 37.36 -35.63
CA MET A 274 -60.65 38.29 -35.95
C MET A 274 -60.11 38.87 -34.66
N SER A 275 -58.86 39.32 -34.71
CA SER A 275 -58.21 39.82 -33.50
C SER A 275 -57.11 40.80 -33.85
N ILE A 276 -56.78 41.62 -32.85
CA ILE A 276 -55.62 42.51 -32.87
C ILE A 276 -54.87 42.32 -31.56
N GLU A 277 -53.55 42.19 -31.65
CA GLU A 277 -52.73 41.86 -30.49
C GLU A 277 -51.84 43.03 -30.12
N ILE A 278 -51.76 43.31 -28.81
CA ILE A 278 -50.86 44.33 -28.28
C ILE A 278 -50.01 43.68 -27.21
N PRO A 279 -48.94 42.96 -27.57
CA PRO A 279 -48.14 42.26 -26.56
C PRO A 279 -47.49 43.19 -25.55
N GLU A 280 -46.95 44.32 -26.00
CA GLU A 280 -46.28 45.27 -25.12
C GLU A 280 -46.90 46.65 -25.31
N ALA A 281 -47.39 47.23 -24.22
CA ALA A 281 -48.03 48.52 -24.28
C ALA A 281 -47.00 49.65 -24.32
N PHE A 282 -47.48 50.86 -24.54
CA PHE A 282 -46.60 52.02 -24.64
C PHE A 282 -45.90 52.28 -23.32
N ASN A 283 -44.61 52.63 -23.40
CA ASN A 283 -43.80 52.90 -22.23
C ASN A 283 -42.69 53.86 -22.61
N MET A 284 -42.12 54.51 -21.59
CA MET A 284 -41.00 55.43 -21.78
C MET A 284 -39.79 54.93 -21.01
N LEU A 285 -38.67 54.81 -21.71
CA LEU A 285 -37.42 54.41 -21.08
C LEU A 285 -36.82 55.57 -20.29
N PRO A 286 -35.95 55.29 -19.32
CA PRO A 286 -35.32 56.37 -18.56
C PRO A 286 -34.48 57.28 -19.45
N ALA A 287 -34.46 58.56 -19.09
CA ALA A 287 -33.78 59.55 -19.92
C ALA A 287 -32.28 59.36 -19.89
N GLN A 288 -31.66 59.36 -21.07
CA GLN A 288 -30.22 59.27 -21.21
C GLN A 288 -29.63 60.68 -21.27
N PRO A 289 -28.77 61.07 -20.33
CA PRO A 289 -28.26 62.44 -20.34
C PRO A 289 -27.07 62.60 -21.27
N LYS A 290 -26.94 63.78 -21.84
CA LYS A 290 -25.75 64.23 -22.56
C LYS A 290 -25.22 65.49 -21.88
N ASP A 291 -24.28 66.16 -22.56
CA ASP A 291 -23.59 67.32 -22.01
C ASP A 291 -24.50 68.26 -21.24
N LEU A 292 -25.57 68.75 -21.90
CA LEU A 292 -26.50 69.64 -21.21
C LEU A 292 -27.95 69.34 -21.55
N HIS A 293 -28.24 68.26 -22.26
CA HIS A 293 -29.60 67.92 -22.64
C HIS A 293 -29.82 66.42 -22.47
N PHE A 294 -31.06 65.99 -22.63
CA PHE A 294 -31.47 64.62 -22.38
C PHE A 294 -32.10 64.04 -23.64
N LYS A 295 -32.17 62.70 -23.68
CA LYS A 295 -32.85 61.99 -24.75
C LYS A 295 -33.78 60.97 -24.13
N VAL A 296 -35.03 60.96 -24.55
CA VAL A 296 -36.06 60.09 -23.97
C VAL A 296 -36.59 59.20 -25.08
N PRO A 297 -36.24 57.91 -25.11
CA PRO A 297 -36.79 57.00 -26.12
C PRO A 297 -38.06 56.31 -25.64
N CYS A 298 -38.91 55.98 -26.61
CA CYS A 298 -40.17 55.29 -26.36
C CYS A 298 -40.31 54.13 -27.33
N THR A 299 -41.06 53.12 -26.91
CA THR A 299 -41.25 51.93 -27.74
C THR A 299 -42.54 51.23 -27.34
N SER A 300 -43.00 50.36 -28.23
CA SER A 300 -44.22 49.57 -28.01
C SER A 300 -44.21 48.43 -29.03
N LYS A 301 -45.20 47.55 -28.92
CA LYS A 301 -45.31 46.40 -29.80
C LYS A 301 -46.74 46.25 -30.29
N CYS A 302 -46.88 45.75 -31.51
CA CYS A 302 -48.19 45.50 -32.12
C CYS A 302 -48.02 44.46 -33.21
N THR A 303 -49.14 43.87 -33.62
CA THR A 303 -49.10 42.82 -34.63
C THR A 303 -49.90 43.22 -35.87
N GLY A 304 -51.07 43.80 -35.66
CA GLY A 304 -51.99 44.11 -36.73
C GLY A 304 -53.26 43.30 -36.62
N LEU A 305 -54.01 43.27 -37.72
CA LEU A 305 -55.26 42.53 -37.79
C LEU A 305 -54.99 41.12 -38.31
N THR A 306 -55.52 40.13 -37.59
CA THR A 306 -55.45 38.73 -38.01
C THR A 306 -56.84 38.17 -38.09
N ILE A 307 -57.12 37.41 -39.15
CA ILE A 307 -58.44 36.84 -39.40
C ILE A 307 -58.29 35.32 -39.34
N TYR A 308 -58.69 34.73 -38.21
CA TYR A 308 -58.64 33.28 -38.07
C TYR A 308 -59.62 32.59 -39.00
N ARG A 309 -60.88 33.03 -38.99
CA ARG A 309 -61.94 32.39 -39.77
C ARG A 309 -62.46 33.38 -40.81
N PRO A 310 -62.04 33.26 -42.06
CA PRO A 310 -62.62 34.10 -43.11
C PRO A 310 -64.03 33.63 -43.46
N MET A 311 -64.62 34.20 -44.51
CA MET A 311 -65.98 33.94 -44.96
C MET A 311 -67.02 34.46 -43.99
N THR A 312 -66.62 35.04 -42.86
CA THR A 312 -67.54 35.70 -41.95
C THR A 312 -67.51 37.21 -42.12
N ILE A 313 -66.84 37.71 -43.15
CA ILE A 313 -66.72 39.14 -43.44
C ILE A 313 -67.07 39.35 -44.90
N VAL A 314 -67.94 40.32 -45.17
CA VAL A 314 -68.34 40.67 -46.53
C VAL A 314 -68.02 42.12 -46.78
N LEU A 315 -67.29 42.40 -47.85
CA LEU A 315 -66.90 43.74 -48.23
C LEU A 315 -67.63 44.12 -49.51
N ILE A 316 -68.51 45.11 -49.41
CA ILE A 316 -69.24 45.62 -50.57
C ILE A 316 -68.45 46.80 -51.11
N THR A 317 -67.87 46.63 -52.29
CA THR A 317 -67.01 47.65 -52.89
C THR A 317 -67.77 48.40 -53.97
N GLY A 318 -67.17 49.49 -54.43
CA GLY A 318 -67.79 50.32 -55.44
C GLY A 318 -69.06 50.99 -55.00
N VAL A 319 -69.10 51.49 -53.76
CA VAL A 319 -70.28 52.14 -53.24
C VAL A 319 -70.22 53.64 -53.51
N GLN B 3 -108.49 -62.91 -14.06
CA GLN B 3 -109.42 -62.77 -15.18
C GLN B 3 -109.17 -61.47 -15.93
N ILE B 4 -109.81 -61.33 -17.08
CA ILE B 4 -109.69 -60.14 -17.92
C ILE B 4 -111.08 -59.53 -18.06
N ASN B 5 -111.22 -58.27 -17.64
CA ASN B 5 -112.49 -57.58 -17.79
C ASN B 5 -112.69 -57.18 -19.24
N ALA B 6 -113.95 -57.02 -19.62
CA ALA B 6 -114.31 -56.78 -21.02
C ALA B 6 -115.39 -55.70 -21.11
N SER B 7 -115.35 -54.97 -22.23
CA SER B 7 -116.37 -54.01 -22.60
C SER B 7 -116.74 -54.23 -24.05
N TYR B 8 -118.00 -53.98 -24.39
CA TYR B 8 -118.53 -54.23 -25.72
C TYR B 8 -119.08 -52.94 -26.31
N GLN B 9 -119.25 -52.93 -27.62
CA GLN B 9 -119.73 -51.75 -28.33
C GLN B 9 -120.75 -52.15 -29.38
N ARG B 10 -121.83 -51.38 -29.47
CA ARG B 10 -122.90 -51.64 -30.42
C ARG B 10 -123.39 -50.31 -30.96
N ASP B 11 -123.92 -50.32 -32.18
CA ASP B 11 -124.39 -49.13 -32.85
C ASP B 11 -125.90 -49.17 -33.04
N MET B 12 -126.54 -48.01 -32.93
CA MET B 12 -127.96 -47.92 -33.24
C MET B 12 -128.17 -47.91 -34.75
N ALA B 13 -129.41 -48.15 -35.16
CA ALA B 13 -129.78 -47.96 -36.55
C ALA B 13 -129.83 -46.46 -36.87
N ILE B 14 -129.90 -46.15 -38.15
CA ILE B 14 -129.86 -44.77 -38.62
C ILE B 14 -131.25 -44.16 -38.72
N ALA B 15 -132.19 -44.88 -39.33
CA ALA B 15 -133.52 -44.32 -39.55
C ALA B 15 -134.55 -45.44 -39.62
N LEU B 16 -135.81 -45.03 -39.75
CA LEU B 16 -136.97 -45.90 -39.86
C LEU B 16 -137.82 -45.41 -41.02
N PRO B 17 -138.65 -46.28 -41.60
CA PRO B 17 -139.49 -45.84 -42.72
C PRO B 17 -140.43 -44.72 -42.30
N GLY B 18 -140.62 -43.75 -43.20
CA GLY B 18 -141.46 -42.60 -42.93
C GLY B 18 -140.86 -41.57 -42.01
N MET B 19 -139.57 -41.65 -41.72
CA MET B 19 -138.95 -40.73 -40.78
C MET B 19 -138.48 -39.45 -41.48
N VAL B 20 -138.65 -38.32 -40.80
CA VAL B 20 -138.16 -37.05 -41.33
C VAL B 20 -136.66 -36.98 -41.13
N ALA B 21 -135.92 -36.82 -42.22
CA ALA B 21 -134.47 -36.91 -42.16
C ALA B 21 -133.86 -35.67 -41.48
N ASP B 22 -134.07 -34.50 -42.06
CA ASP B 22 -133.46 -33.27 -41.58
C ASP B 22 -134.52 -32.24 -41.25
N THR B 23 -134.12 -31.25 -40.45
CA THR B 23 -134.98 -30.11 -40.13
C THR B 23 -134.63 -28.92 -41.03
N SER B 24 -134.85 -29.10 -42.33
CA SER B 24 -134.41 -28.13 -43.34
C SER B 24 -135.58 -27.76 -44.26
N LYS B 25 -136.34 -26.74 -43.86
CA LYS B 25 -137.31 -26.06 -44.73
C LYS B 25 -138.32 -27.06 -45.30
N TYR B 26 -139.11 -27.61 -44.40
CA TYR B 26 -140.12 -28.61 -44.75
C TYR B 26 -141.53 -28.02 -44.65
N ASN B 27 -142.48 -28.72 -45.26
CA ASN B 27 -143.87 -28.30 -45.28
C ASN B 27 -144.77 -29.52 -45.21
N ILE B 28 -145.72 -29.50 -44.28
CA ILE B 28 -146.64 -30.60 -44.05
C ILE B 28 -148.06 -30.09 -44.17
N ASP B 29 -148.89 -30.81 -44.93
CA ASP B 29 -150.30 -30.49 -45.08
C ASP B 29 -151.10 -31.38 -44.14
N GLY B 30 -151.91 -30.77 -43.28
CA GLY B 30 -152.71 -31.50 -42.33
C GLY B 30 -154.19 -31.62 -42.65
N ALA B 31 -154.70 -30.81 -43.57
CA ALA B 31 -156.11 -30.84 -43.92
C ALA B 31 -156.37 -31.86 -45.03
N CYS B 32 -156.02 -33.11 -44.74
CA CYS B 32 -156.14 -34.19 -45.69
C CYS B 32 -156.93 -35.34 -45.08
N VAL B 33 -157.62 -36.08 -45.94
CA VAL B 33 -158.43 -37.21 -45.53
C VAL B 33 -158.11 -38.37 -46.47
N VAL B 34 -158.39 -39.59 -46.02
CA VAL B 34 -158.00 -40.80 -46.71
C VAL B 34 -159.24 -41.53 -47.18
N ASN B 35 -159.18 -42.11 -48.38
CA ASN B 35 -160.28 -42.88 -48.93
C ASN B 35 -159.76 -44.17 -49.53
N GLU B 36 -160.65 -45.17 -49.58
CA GLU B 36 -160.41 -46.41 -50.32
C GLU B 36 -159.16 -47.14 -49.84
N GLY B 37 -159.20 -47.57 -48.58
CA GLY B 37 -158.16 -48.44 -48.06
C GLY B 37 -157.22 -47.79 -47.08
N ASP B 38 -155.98 -48.28 -47.03
CA ASP B 38 -154.98 -47.79 -46.09
C ASP B 38 -153.71 -47.40 -46.84
N VAL B 39 -152.91 -46.55 -46.19
CA VAL B 39 -151.64 -46.09 -46.74
C VAL B 39 -150.55 -46.40 -45.72
N LEU B 40 -149.48 -47.05 -46.19
CA LEU B 40 -148.34 -47.36 -45.34
C LEU B 40 -147.53 -46.10 -45.10
N VAL B 41 -146.95 -45.98 -43.91
CA VAL B 41 -146.09 -44.84 -43.60
C VAL B 41 -144.80 -44.99 -44.39
N GLY B 42 -144.52 -44.02 -45.26
CA GLY B 42 -143.33 -44.03 -46.08
C GLY B 42 -143.55 -44.29 -47.56
N ALA B 43 -144.76 -44.07 -48.08
CA ALA B 43 -145.08 -44.32 -49.48
C ALA B 43 -145.83 -43.13 -50.05
N ALA B 44 -145.69 -42.94 -51.36
CA ALA B 44 -146.31 -41.82 -52.03
C ALA B 44 -147.83 -41.95 -52.04
N VAL B 45 -148.52 -40.80 -52.06
CA VAL B 45 -149.97 -40.75 -52.12
C VAL B 45 -150.36 -39.82 -53.26
N GLN B 46 -151.59 -40.04 -53.76
CA GLN B 46 -152.13 -39.23 -54.84
C GLN B 46 -153.40 -38.54 -54.38
N VAL B 47 -153.67 -37.37 -54.97
CA VAL B 47 -154.82 -36.55 -54.66
C VAL B 47 -155.90 -36.83 -55.71
N VAL B 48 -157.10 -37.18 -55.25
CA VAL B 48 -158.20 -37.46 -56.15
C VAL B 48 -159.21 -36.33 -56.22
N GLN B 49 -159.25 -35.44 -55.22
CA GLN B 49 -160.22 -34.36 -55.20
C GLN B 49 -159.84 -33.36 -54.13
N ALA B 50 -159.97 -32.08 -54.46
CA ALA B 50 -159.79 -30.99 -53.50
C ALA B 50 -161.15 -30.31 -53.34
N GLN B 51 -161.74 -30.42 -52.16
CA GLN B 51 -163.08 -29.89 -51.92
C GLN B 51 -163.10 -28.38 -52.16
N ALA B 52 -164.17 -27.91 -52.81
CA ALA B 52 -164.24 -26.51 -53.23
C ALA B 52 -164.39 -25.57 -52.03
N VAL B 53 -165.28 -25.91 -51.10
CA VAL B 53 -165.61 -25.02 -49.98
C VAL B 53 -165.11 -25.56 -48.66
N ASP B 54 -165.19 -26.88 -48.45
CA ASP B 54 -164.73 -27.45 -47.18
C ASP B 54 -163.23 -27.26 -46.99
N GLY B 55 -162.45 -27.49 -48.03
CA GLY B 55 -161.02 -27.26 -47.99
C GLY B 55 -160.17 -28.48 -47.69
N HIS B 56 -160.76 -29.65 -47.48
CA HIS B 56 -160.01 -30.87 -47.23
C HIS B 56 -159.59 -31.50 -48.55
N LYS B 57 -158.42 -32.12 -48.54
CA LYS B 57 -157.87 -32.78 -49.72
C LYS B 57 -157.98 -34.30 -49.56
N LEU B 58 -158.60 -34.95 -50.53
CA LEU B 58 -158.81 -36.39 -50.50
C LEU B 58 -157.63 -37.09 -51.17
N VAL B 59 -156.95 -37.95 -50.43
CA VAL B 59 -155.77 -38.64 -50.93
C VAL B 59 -155.92 -40.13 -50.72
N LYS B 60 -155.18 -40.90 -51.51
CA LYS B 60 -155.17 -42.35 -51.39
C LYS B 60 -153.84 -42.88 -51.88
N ALA B 61 -153.69 -44.21 -51.85
CA ALA B 61 -152.46 -44.85 -52.27
C ALA B 61 -152.21 -44.62 -53.75
N LEU B 62 -150.94 -44.45 -54.11
CA LEU B 62 -150.57 -44.17 -55.49
C LEU B 62 -150.89 -45.36 -56.38
N THR B 63 -151.40 -45.08 -57.58
CA THR B 63 -151.74 -46.12 -58.54
C THR B 63 -151.05 -45.87 -59.87
N THR B 64 -151.41 -46.65 -60.89
CA THR B 64 -150.80 -46.50 -62.20
C THR B 64 -151.36 -45.27 -62.94
N GLY B 65 -150.50 -44.66 -63.75
CA GLY B 65 -150.92 -43.53 -64.56
C GLY B 65 -151.42 -42.33 -63.78
N THR B 66 -150.71 -41.95 -62.73
CA THR B 66 -151.10 -40.84 -61.88
C THR B 66 -149.86 -40.01 -61.55
N THR B 67 -150.06 -38.96 -60.76
CA THR B 67 -148.99 -38.04 -60.37
C THR B 67 -148.90 -37.97 -58.86
N PRO B 68 -147.75 -38.29 -58.25
CA PRO B 68 -147.66 -38.26 -56.79
C PRO B 68 -147.72 -36.83 -56.25
N TYR B 69 -148.14 -36.72 -55.00
CA TYR B 69 -148.32 -35.43 -54.35
C TYR B 69 -147.48 -35.26 -53.09
N GLY B 70 -147.24 -36.33 -52.33
CA GLY B 70 -146.47 -36.20 -51.12
C GLY B 70 -146.22 -37.57 -50.51
N VAL B 71 -145.55 -37.55 -49.36
CA VAL B 71 -145.14 -38.77 -48.67
C VAL B 71 -145.65 -38.70 -47.23
N ALA B 72 -146.28 -39.79 -46.79
CA ALA B 72 -146.75 -39.86 -45.41
C ALA B 72 -145.56 -39.90 -44.46
N ILE B 73 -145.72 -39.28 -43.29
CA ILE B 73 -144.66 -39.21 -42.29
C ILE B 73 -145.09 -39.99 -41.05
N ARG B 74 -144.17 -40.08 -40.08
CA ARG B 74 -144.32 -40.94 -38.93
C ARG B 74 -144.77 -40.14 -37.71
N SER B 75 -145.88 -40.58 -37.11
CA SER B 75 -146.40 -39.98 -35.89
C SER B 75 -146.86 -41.09 -34.96
N HIS B 76 -146.63 -40.90 -33.65
CA HIS B 76 -146.96 -41.91 -32.66
C HIS B 76 -148.41 -41.87 -32.20
N TRP B 77 -149.20 -40.93 -32.72
CA TRP B 77 -150.57 -40.71 -32.24
C TRP B 77 -151.62 -40.90 -33.33
N GLN B 78 -151.32 -40.58 -34.58
CA GLN B 78 -152.31 -40.60 -35.64
C GLN B 78 -152.42 -41.94 -36.35
N THR B 79 -151.51 -42.86 -36.11
CA THR B 79 -151.48 -44.13 -36.84
C THR B 79 -152.11 -45.25 -36.03
N VAL B 80 -152.27 -46.40 -36.68
CA VAL B 80 -152.69 -47.63 -36.03
C VAL B 80 -151.67 -48.71 -36.36
N ASN B 81 -151.63 -49.73 -35.50
CA ASN B 81 -150.62 -50.78 -35.59
C ASN B 81 -151.24 -52.01 -36.23
N ALA B 82 -150.82 -52.33 -37.44
CA ALA B 82 -151.34 -53.49 -38.16
C ALA B 82 -150.20 -54.15 -38.93
N GLN B 83 -150.22 -55.49 -38.94
CA GLN B 83 -149.15 -56.32 -39.50
C GLN B 83 -147.78 -55.87 -39.00
N ASN B 84 -147.71 -55.55 -37.71
CA ASN B 84 -146.47 -55.09 -37.07
C ASN B 84 -145.88 -53.86 -37.76
N GLN B 85 -146.74 -52.95 -38.23
CA GLN B 85 -146.25 -51.70 -38.80
C GLN B 85 -147.32 -50.63 -38.67
N MET B 86 -146.86 -49.39 -38.77
CA MET B 86 -147.70 -48.22 -38.52
C MET B 86 -148.35 -47.77 -39.82
N ILE B 87 -149.68 -47.65 -39.82
CA ILE B 87 -150.42 -47.29 -41.02
C ILE B 87 -151.49 -46.26 -40.69
N TYR B 88 -151.95 -45.57 -41.73
CA TYR B 88 -153.06 -44.62 -41.62
C TYR B 88 -154.33 -45.31 -42.11
N GLU B 89 -155.29 -45.50 -41.21
CA GLU B 89 -156.52 -46.19 -41.56
C GLU B 89 -157.43 -45.29 -42.38
N ASP B 90 -158.37 -45.92 -43.08
CA ASP B 90 -159.33 -45.17 -43.89
C ASP B 90 -160.20 -44.29 -43.00
N GLY B 91 -160.57 -43.12 -43.52
CA GLY B 91 -161.44 -42.21 -42.80
C GLY B 91 -160.78 -41.45 -41.68
N GLY B 92 -159.46 -41.25 -41.74
CA GLY B 92 -158.75 -40.52 -40.72
C GLY B 92 -157.78 -39.52 -41.32
N ALA B 93 -157.44 -38.53 -40.51
CA ALA B 93 -156.50 -37.51 -40.94
C ALA B 93 -155.11 -38.09 -41.15
N ILE B 94 -154.35 -37.50 -42.06
CA ILE B 94 -153.02 -37.97 -42.42
C ILE B 94 -152.06 -36.80 -42.48
N ASN B 95 -150.81 -37.05 -42.11
CA ASN B 95 -149.75 -36.06 -42.22
C ASN B 95 -148.94 -36.35 -43.47
N VAL B 96 -148.98 -35.43 -44.43
CA VAL B 96 -148.36 -35.61 -45.73
C VAL B 96 -147.37 -34.47 -45.94
N MET B 97 -146.10 -34.82 -46.14
CA MET B 97 -145.06 -33.83 -46.42
C MET B 97 -145.03 -33.53 -47.92
N THR B 98 -145.05 -32.24 -48.26
CA THR B 98 -144.99 -31.83 -49.66
C THR B 98 -143.62 -31.35 -50.09
N SER B 99 -142.74 -31.00 -49.15
CA SER B 99 -141.39 -30.57 -49.48
C SER B 99 -140.50 -30.80 -48.28
N GLY B 100 -139.25 -31.16 -48.51
CA GLY B 100 -138.34 -31.42 -47.41
C GLY B 100 -137.44 -32.60 -47.75
N ARG B 101 -136.99 -33.29 -46.70
CA ARG B 101 -136.15 -34.47 -46.85
C ARG B 101 -136.73 -35.60 -46.01
N VAL B 102 -136.97 -36.75 -46.64
CA VAL B 102 -137.69 -37.85 -45.99
C VAL B 102 -136.99 -39.16 -46.30
N TRP B 103 -137.22 -40.14 -45.43
CA TRP B 103 -136.79 -41.52 -45.66
C TRP B 103 -137.93 -42.31 -46.27
N MET B 104 -137.70 -42.86 -47.45
CA MET B 104 -138.71 -43.59 -48.20
C MET B 104 -138.31 -45.05 -48.31
N LEU B 105 -139.32 -45.93 -48.29
CA LEU B 105 -139.11 -47.33 -48.58
C LEU B 105 -138.60 -47.50 -50.00
N SER B 106 -137.72 -48.48 -50.20
CA SER B 106 -137.13 -48.72 -51.51
C SER B 106 -137.23 -50.19 -51.88
N LYS B 107 -137.33 -50.45 -53.18
CA LYS B 107 -137.35 -51.80 -53.72
C LYS B 107 -136.14 -52.11 -54.58
N SER B 108 -135.22 -51.16 -54.74
CA SER B 108 -134.07 -51.33 -55.61
C SER B 108 -132.97 -52.14 -54.92
N THR B 109 -131.84 -52.24 -55.60
CA THR B 109 -130.69 -52.97 -55.08
C THR B 109 -129.37 -52.25 -55.26
N GLU B 110 -129.33 -51.15 -56.01
CA GLU B 110 -128.11 -50.40 -56.27
C GLU B 110 -128.23 -49.00 -55.68
N ALA B 111 -127.13 -48.51 -55.11
CA ALA B 111 -127.14 -47.19 -54.51
C ALA B 111 -127.42 -46.13 -55.58
N PRO B 112 -128.24 -45.13 -55.27
CA PRO B 112 -128.57 -44.11 -56.26
C PRO B 112 -127.46 -43.05 -56.35
N THR B 113 -127.57 -42.24 -57.40
CA THR B 113 -126.61 -41.18 -57.67
C THR B 113 -127.19 -39.84 -57.21
N PHE B 114 -126.39 -39.08 -56.47
CA PHE B 114 -126.86 -37.81 -55.93
C PHE B 114 -127.27 -36.86 -57.04
N GLY B 115 -128.43 -36.23 -56.87
CA GLY B 115 -128.93 -35.27 -57.83
C GLY B 115 -129.73 -35.84 -58.98
N SER B 116 -129.88 -37.16 -59.05
CA SER B 116 -130.63 -37.77 -60.13
C SER B 116 -132.12 -37.83 -59.78
N ALA B 117 -132.95 -37.92 -60.82
CA ALA B 117 -134.39 -38.00 -60.63
C ALA B 117 -134.78 -39.36 -60.07
N VAL B 118 -135.86 -39.37 -59.29
CA VAL B 118 -136.36 -40.58 -58.64
C VAL B 118 -137.61 -41.05 -59.36
N LYS B 119 -137.67 -42.35 -59.64
CA LYS B 119 -138.84 -42.97 -60.26
C LYS B 119 -139.50 -43.89 -59.24
N LEU B 120 -140.83 -43.90 -59.24
CA LEU B 120 -141.59 -44.71 -58.31
C LEU B 120 -142.17 -45.93 -59.02
N ASP B 121 -142.57 -46.90 -58.21
CA ASP B 121 -143.29 -48.06 -58.71
C ASP B 121 -144.78 -47.73 -58.77
N VAL B 122 -145.62 -48.71 -59.12
CA VAL B 122 -147.05 -48.48 -59.18
C VAL B 122 -147.71 -48.49 -57.82
N ASP B 123 -147.00 -48.90 -56.77
CA ASP B 123 -147.55 -48.95 -55.42
C ASP B 123 -146.97 -47.88 -54.50
N GLY B 124 -146.15 -46.98 -55.01
CA GLY B 124 -145.65 -45.86 -54.24
C GLY B 124 -144.30 -46.06 -53.58
N GLN B 125 -143.63 -47.18 -53.83
CA GLN B 125 -142.31 -47.44 -53.28
C GLN B 125 -141.26 -47.16 -54.34
N GLU B 126 -140.15 -46.54 -53.92
CA GLU B 126 -139.10 -46.16 -54.85
C GLU B 126 -138.46 -47.38 -55.50
N LYS B 127 -138.28 -47.32 -56.82
CA LYS B 127 -137.57 -48.34 -57.55
C LYS B 127 -136.65 -47.64 -58.55
N SER B 128 -135.46 -48.22 -58.76
CA SER B 128 -134.47 -47.58 -59.61
C SER B 128 -134.99 -47.40 -61.03
N ASP B 129 -135.65 -48.41 -61.58
CA ASP B 129 -136.29 -48.35 -62.89
C ASP B 129 -137.80 -48.45 -62.69
N GLY B 130 -138.45 -47.29 -62.65
CA GLY B 130 -139.89 -47.21 -62.47
C GLY B 130 -140.60 -46.69 -63.71
N THR B 131 -141.92 -46.74 -63.65
CA THR B 131 -142.77 -46.26 -64.73
C THR B 131 -143.39 -44.91 -64.44
N ILE B 132 -143.23 -44.38 -63.24
CA ILE B 132 -143.79 -43.09 -62.85
C ILE B 132 -142.66 -42.09 -62.71
N GLU B 133 -142.75 -40.99 -63.45
CA GLU B 133 -141.75 -39.94 -63.43
C GLU B 133 -142.19 -38.83 -62.48
N THR B 134 -141.26 -38.36 -61.67
CA THR B 134 -141.54 -37.36 -60.64
C THR B 134 -140.60 -36.18 -60.82
N THR B 135 -140.78 -35.18 -59.96
CA THR B 135 -139.88 -34.03 -59.88
C THR B 135 -139.04 -34.04 -58.62
N TRP B 136 -139.12 -35.10 -57.83
CA TRP B 136 -138.32 -35.22 -56.61
C TRP B 136 -136.90 -35.62 -56.96
N THR B 137 -136.02 -35.62 -55.96
CA THR B 137 -134.60 -35.87 -56.19
C THR B 137 -134.06 -36.79 -55.10
N TYR B 138 -132.99 -37.51 -55.41
CA TYR B 138 -132.27 -38.25 -54.39
C TYR B 138 -131.43 -37.31 -53.53
N ALA B 139 -131.16 -37.73 -52.30
CA ALA B 139 -130.38 -36.91 -51.37
C ALA B 139 -129.09 -37.57 -50.92
N GLY B 140 -128.86 -38.82 -51.27
CA GLY B 140 -127.62 -39.50 -50.99
C GLY B 140 -127.68 -40.48 -49.84
N GLY B 141 -128.68 -40.41 -48.98
CA GLY B 141 -128.80 -41.36 -47.89
C GLY B 141 -129.17 -42.74 -48.40
N TRP B 142 -128.56 -43.76 -47.80
CA TRP B 142 -128.79 -45.14 -48.23
C TRP B 142 -128.39 -46.05 -47.08
N THR B 143 -129.37 -46.73 -46.49
CA THR B 143 -129.13 -47.59 -45.34
C THR B 143 -130.11 -48.75 -45.36
N LYS B 144 -130.11 -49.54 -44.30
CA LYS B 144 -131.00 -50.70 -44.21
C LYS B 144 -131.23 -51.01 -42.74
N TYR B 145 -132.49 -51.14 -42.35
CA TYR B 145 -132.87 -51.43 -40.97
C TYR B 145 -133.57 -52.78 -40.91
N LYS B 146 -132.87 -53.79 -40.42
CA LYS B 146 -133.39 -55.15 -40.27
C LYS B 146 -134.06 -55.64 -41.55
N ASP B 147 -133.26 -55.65 -42.62
CA ASP B 147 -133.69 -56.14 -43.94
C ASP B 147 -134.87 -55.34 -44.48
N ILE B 148 -134.81 -54.02 -44.34
CA ILE B 148 -135.75 -53.10 -44.95
C ILE B 148 -134.93 -52.01 -45.61
N GLN B 149 -135.13 -51.82 -46.92
CA GLN B 149 -134.33 -50.86 -47.68
C GLN B 149 -134.91 -49.45 -47.58
N LEU B 150 -134.10 -48.50 -47.13
CA LEU B 150 -134.50 -47.11 -46.99
C LEU B 150 -133.61 -46.22 -47.86
N VAL B 151 -134.20 -45.16 -48.41
CA VAL B 151 -133.47 -44.20 -49.22
C VAL B 151 -133.89 -42.80 -48.76
N GLU B 152 -133.07 -41.81 -49.09
CA GLU B 152 -133.32 -40.43 -48.69
C GLU B 152 -133.73 -39.60 -49.91
N VAL B 153 -134.89 -38.97 -49.83
CA VAL B 153 -135.49 -38.27 -50.96
C VAL B 153 -135.76 -36.82 -50.57
N GLN B 154 -135.39 -35.90 -51.48
CA GLN B 154 -135.71 -34.49 -51.38
C GLN B 154 -136.98 -34.22 -52.19
N LEU B 155 -137.98 -33.65 -51.53
CA LEU B 155 -139.30 -33.41 -52.09
C LEU B 155 -139.47 -31.92 -52.35
N HIS B 156 -139.87 -31.58 -53.58
CA HIS B 156 -140.21 -30.22 -53.96
C HIS B 156 -141.73 -30.06 -54.01
N GLN B 157 -142.20 -28.85 -53.76
CA GLN B 157 -143.64 -28.59 -53.79
C GLN B 157 -144.15 -28.59 -55.23
N LEU B 158 -145.24 -29.32 -55.46
CA LEU B 158 -145.86 -29.38 -56.78
C LEU B 158 -146.52 -28.05 -57.13
N GLN C 3 -112.92 32.83 -39.86
CA GLN C 3 -113.17 31.60 -40.61
C GLN C 3 -114.57 31.05 -40.32
N ILE C 4 -115.04 30.16 -41.18
CA ILE C 4 -116.36 29.57 -41.06
C ILE C 4 -116.22 28.06 -40.99
N ASN C 5 -117.06 27.43 -40.18
CA ASN C 5 -116.97 25.99 -39.96
C ASN C 5 -117.59 25.21 -41.11
N ALA C 6 -117.24 23.93 -41.19
CA ALA C 6 -117.75 23.04 -42.22
C ALA C 6 -118.04 21.68 -41.63
N SER C 7 -118.94 20.94 -42.27
CA SER C 7 -119.26 19.57 -41.91
C SER C 7 -119.34 18.75 -43.19
N TYR C 8 -119.04 17.45 -43.07
CA TYR C 8 -118.94 16.58 -44.24
C TYR C 8 -119.92 15.43 -44.12
N GLN C 9 -120.02 14.65 -45.19
CA GLN C 9 -120.95 13.52 -45.25
C GLN C 9 -120.35 12.44 -46.13
N ARG C 10 -120.45 11.19 -45.67
CA ARG C 10 -119.95 10.04 -46.41
C ARG C 10 -121.00 8.94 -46.36
N ASP C 11 -120.98 8.07 -47.37
CA ASP C 11 -121.94 6.99 -47.47
C ASP C 11 -121.23 5.64 -47.42
N MET C 12 -121.74 4.73 -46.61
CA MET C 12 -121.16 3.40 -46.48
C MET C 12 -121.43 2.58 -47.74
N ALA C 13 -120.60 1.56 -47.94
CA ALA C 13 -120.82 0.62 -49.02
C ALA C 13 -122.08 -0.20 -48.75
N ILE C 14 -122.60 -0.81 -49.81
CA ILE C 14 -123.89 -1.50 -49.71
C ILE C 14 -123.70 -2.93 -49.22
N ALA C 15 -122.73 -3.65 -49.77
CA ALA C 15 -122.60 -5.07 -49.47
C ALA C 15 -121.15 -5.51 -49.60
N LEU C 16 -120.90 -6.75 -49.18
CA LEU C 16 -119.61 -7.41 -49.23
C LEU C 16 -119.79 -8.75 -49.90
N PRO C 17 -118.72 -9.32 -50.46
CA PRO C 17 -118.85 -10.64 -51.09
C PRO C 17 -119.29 -11.69 -50.09
N GLY C 18 -120.14 -12.60 -50.54
CA GLY C 18 -120.62 -13.69 -49.70
C GLY C 18 -121.47 -13.23 -48.53
N MET C 19 -122.26 -12.18 -48.71
CA MET C 19 -123.10 -11.63 -47.66
C MET C 19 -124.56 -11.87 -48.00
N VAL C 20 -125.33 -12.31 -47.01
CA VAL C 20 -126.75 -12.54 -47.21
C VAL C 20 -127.44 -11.22 -47.51
N ALA C 21 -128.16 -11.17 -48.63
CA ALA C 21 -128.73 -9.91 -49.10
C ALA C 21 -129.79 -9.39 -48.15
N ASP C 22 -130.70 -10.26 -47.71
CA ASP C 22 -131.79 -9.84 -46.84
C ASP C 22 -132.35 -11.06 -46.12
N THR C 23 -133.43 -10.83 -45.35
CA THR C 23 -134.01 -11.84 -44.48
C THR C 23 -135.16 -12.60 -45.12
N SER C 24 -135.12 -12.79 -46.43
CA SER C 24 -136.15 -13.57 -47.10
C SER C 24 -136.02 -15.04 -46.71
N LYS C 25 -136.87 -15.88 -47.28
CA LYS C 25 -136.89 -17.30 -46.97
C LYS C 25 -135.63 -17.95 -47.52
N TYR C 26 -134.66 -18.25 -46.66
CA TYR C 26 -133.38 -18.81 -47.05
C TYR C 26 -133.19 -20.18 -46.40
N ASN C 27 -132.07 -20.82 -46.75
CA ASN C 27 -131.73 -22.13 -46.21
C ASN C 27 -130.24 -22.36 -46.40
N ILE C 28 -129.58 -22.84 -45.36
CA ILE C 28 -128.14 -23.06 -45.36
C ILE C 28 -127.88 -24.54 -45.13
N ASP C 29 -126.69 -25.00 -45.51
CA ASP C 29 -126.23 -26.36 -45.23
C ASP C 29 -124.88 -26.25 -44.51
N GLY C 30 -124.81 -26.85 -43.33
CA GLY C 30 -123.60 -26.86 -42.54
C GLY C 30 -122.97 -28.22 -42.34
N ALA C 31 -123.52 -29.28 -42.93
CA ALA C 31 -122.94 -30.61 -42.85
C ALA C 31 -122.12 -30.93 -44.08
N CYS C 32 -121.47 -29.92 -44.66
CA CYS C 32 -120.61 -30.08 -45.82
C CYS C 32 -119.16 -29.93 -45.41
N VAL C 33 -118.28 -30.61 -46.14
CA VAL C 33 -116.85 -30.59 -45.87
C VAL C 33 -116.11 -30.30 -47.18
N VAL C 34 -115.14 -29.39 -47.10
CA VAL C 34 -114.33 -29.06 -48.27
C VAL C 34 -113.34 -30.18 -48.53
N ASN C 35 -113.22 -30.58 -49.79
CA ASN C 35 -112.37 -31.69 -50.20
C ASN C 35 -111.39 -31.21 -51.26
N GLU C 36 -110.11 -31.60 -51.11
CA GLU C 36 -109.03 -31.38 -52.07
C GLU C 36 -109.01 -29.98 -52.65
N GLY C 37 -108.82 -28.97 -51.81
CA GLY C 37 -108.61 -27.62 -52.27
C GLY C 37 -109.23 -26.62 -51.32
N ASP C 38 -109.27 -25.37 -51.76
CA ASP C 38 -109.86 -24.28 -50.98
C ASP C 38 -110.97 -23.63 -51.78
N VAL C 39 -111.87 -22.96 -51.07
CA VAL C 39 -113.02 -22.30 -51.66
C VAL C 39 -113.02 -20.84 -51.28
N LEU C 40 -113.18 -19.97 -52.28
CA LEU C 40 -113.30 -18.54 -52.03
C LEU C 40 -114.69 -18.22 -51.51
N VAL C 41 -114.77 -17.25 -50.60
CA VAL C 41 -116.07 -16.83 -50.09
C VAL C 41 -116.75 -15.93 -51.12
N GLY C 42 -117.95 -16.32 -51.54
CA GLY C 42 -118.66 -15.63 -52.58
C GLY C 42 -118.66 -16.31 -53.93
N ALA C 43 -118.20 -17.55 -54.02
CA ALA C 43 -118.15 -18.28 -55.28
C ALA C 43 -118.92 -19.59 -55.15
N ALA C 44 -119.41 -20.09 -56.28
CA ALA C 44 -120.19 -21.31 -56.31
C ALA C 44 -119.32 -22.52 -56.03
N VAL C 45 -119.97 -23.58 -55.54
CA VAL C 45 -119.31 -24.83 -55.21
C VAL C 45 -120.07 -25.98 -55.87
N GLN C 46 -119.40 -27.13 -55.95
CA GLN C 46 -120.00 -28.33 -56.51
C GLN C 46 -119.80 -29.49 -55.55
N VAL C 47 -120.73 -30.43 -55.58
CA VAL C 47 -120.69 -31.62 -54.70
C VAL C 47 -120.14 -32.78 -55.51
N VAL C 48 -119.10 -33.43 -54.98
CA VAL C 48 -118.44 -34.50 -55.71
C VAL C 48 -118.98 -35.85 -55.24
N GLN C 49 -119.37 -35.94 -53.98
CA GLN C 49 -119.80 -37.22 -53.41
C GLN C 49 -120.59 -36.96 -52.14
N ALA C 50 -121.62 -37.75 -51.92
CA ALA C 50 -122.40 -37.73 -50.69
C ALA C 50 -122.31 -39.10 -50.04
N GLN C 51 -121.94 -39.13 -48.76
CA GLN C 51 -121.72 -40.39 -48.07
C GLN C 51 -123.03 -41.12 -47.82
N ALA C 52 -123.00 -42.45 -47.93
CA ALA C 52 -124.22 -43.23 -47.87
C ALA C 52 -124.80 -43.30 -46.46
N VAL C 53 -123.95 -43.53 -45.46
CA VAL C 53 -124.43 -43.78 -44.11
C VAL C 53 -124.00 -42.68 -43.15
N ASP C 54 -122.86 -42.05 -43.42
CA ASP C 54 -122.35 -41.03 -42.51
C ASP C 54 -123.14 -39.74 -42.63
N GLY C 55 -123.50 -39.33 -43.85
CA GLY C 55 -124.36 -38.19 -44.08
C GLY C 55 -123.66 -36.92 -44.51
N HIS C 56 -122.33 -36.87 -44.48
CA HIS C 56 -121.63 -35.67 -44.89
C HIS C 56 -121.62 -35.55 -46.41
N LYS C 57 -121.33 -34.34 -46.89
CA LYS C 57 -121.25 -34.04 -48.31
C LYS C 57 -119.91 -33.41 -48.63
N LEU C 58 -119.19 -33.99 -49.58
CA LEU C 58 -117.88 -33.48 -49.99
C LEU C 58 -118.08 -32.47 -51.11
N VAL C 59 -117.57 -31.24 -50.90
CA VAL C 59 -117.75 -30.16 -51.84
C VAL C 59 -116.38 -29.60 -52.23
N LYS C 60 -116.35 -28.94 -53.38
CA LYS C 60 -115.13 -28.33 -53.87
C LYS C 60 -115.49 -27.17 -54.80
N ALA C 61 -114.46 -26.52 -55.31
CA ALA C 61 -114.66 -25.40 -56.24
C ALA C 61 -115.21 -25.90 -57.56
N LEU C 62 -116.00 -25.04 -58.20
CA LEU C 62 -116.66 -25.41 -59.44
C LEU C 62 -115.66 -25.43 -60.60
N THR C 63 -115.83 -26.40 -61.49
CA THR C 63 -115.03 -26.49 -62.70
C THR C 63 -115.92 -26.76 -63.91
N THR C 64 -115.32 -26.82 -65.10
CA THR C 64 -116.10 -27.05 -66.31
C THR C 64 -116.68 -28.47 -66.31
N GLY C 65 -117.83 -28.61 -66.94
CA GLY C 65 -118.49 -29.91 -67.02
C GLY C 65 -119.10 -30.37 -65.72
N THR C 66 -119.51 -29.45 -64.86
CA THR C 66 -120.14 -29.76 -63.58
C THR C 66 -121.35 -28.88 -63.38
N THR C 67 -122.15 -29.22 -62.37
CA THR C 67 -123.39 -28.52 -62.07
C THR C 67 -123.30 -27.86 -60.70
N PRO C 68 -123.58 -26.57 -60.58
CA PRO C 68 -123.43 -25.90 -59.27
C PRO C 68 -124.47 -26.39 -58.27
N TYR C 69 -124.11 -26.26 -56.99
CA TYR C 69 -124.98 -26.67 -55.89
C TYR C 69 -125.33 -25.55 -54.94
N GLY C 70 -124.42 -24.61 -54.69
CA GLY C 70 -124.69 -23.54 -53.75
C GLY C 70 -123.60 -22.50 -53.77
N VAL C 71 -123.70 -21.56 -52.83
CA VAL C 71 -122.75 -20.44 -52.72
C VAL C 71 -122.31 -20.32 -51.27
N ALA C 72 -121.00 -20.18 -51.07
CA ALA C 72 -120.46 -20.00 -49.73
C ALA C 72 -120.83 -18.61 -49.20
N ILE C 73 -120.90 -18.48 -47.88
CA ILE C 73 -121.29 -17.23 -47.25
C ILE C 73 -120.26 -16.85 -46.19
N ARG C 74 -120.35 -15.60 -45.75
CA ARG C 74 -119.43 -15.08 -44.74
C ARG C 74 -119.74 -15.65 -43.37
N SER C 75 -118.69 -15.95 -42.61
CA SER C 75 -118.81 -16.38 -41.22
C SER C 75 -117.50 -16.05 -40.52
N HIS C 76 -117.57 -15.20 -39.49
CA HIS C 76 -116.37 -14.71 -38.84
C HIS C 76 -115.66 -15.79 -38.04
N TRP C 77 -116.33 -16.90 -37.75
CA TRP C 77 -115.78 -17.93 -36.86
C TRP C 77 -115.15 -19.10 -37.61
N GLN C 78 -115.71 -19.52 -38.74
CA GLN C 78 -115.33 -20.76 -39.41
C GLN C 78 -114.40 -20.55 -40.59
N THR C 79 -113.93 -19.32 -40.80
CA THR C 79 -113.17 -18.98 -41.99
C THR C 79 -111.75 -18.57 -41.62
N VAL C 80 -110.88 -18.54 -42.63
CA VAL C 80 -109.48 -18.22 -42.45
C VAL C 80 -109.09 -17.10 -43.40
N ASN C 81 -108.07 -16.34 -43.02
CA ASN C 81 -107.61 -15.19 -43.80
C ASN C 81 -106.43 -15.62 -44.66
N ALA C 82 -106.55 -15.42 -45.97
CA ALA C 82 -105.48 -15.75 -46.90
C ALA C 82 -105.56 -14.85 -48.12
N GLN C 83 -104.39 -14.50 -48.66
CA GLN C 83 -104.24 -13.53 -49.75
C GLN C 83 -105.18 -12.33 -49.60
N ASN C 84 -105.19 -11.79 -48.39
CA ASN C 84 -105.99 -10.62 -48.02
C ASN C 84 -107.48 -10.81 -48.28
N GLN C 85 -107.99 -12.01 -48.09
CA GLN C 85 -109.38 -12.36 -48.30
C GLN C 85 -109.80 -13.42 -47.29
N MET C 86 -111.07 -13.80 -47.35
CA MET C 86 -111.65 -14.78 -46.43
C MET C 86 -112.00 -16.03 -47.22
N ILE C 87 -111.52 -17.19 -46.75
CA ILE C 87 -111.72 -18.45 -47.44
C ILE C 87 -112.03 -19.55 -46.44
N TYR C 88 -112.44 -20.70 -46.98
CA TYR C 88 -112.63 -21.93 -46.23
C TYR C 88 -111.51 -22.91 -46.60
N GLU C 89 -110.70 -23.27 -45.61
CA GLU C 89 -109.53 -24.10 -45.88
C GLU C 89 -109.97 -25.55 -46.10
N ASP C 90 -109.05 -26.36 -46.63
CA ASP C 90 -109.36 -27.74 -46.96
C ASP C 90 -109.59 -28.57 -45.70
N GLY C 91 -110.46 -29.56 -45.82
CA GLY C 91 -110.75 -30.44 -44.70
C GLY C 91 -111.44 -29.77 -43.53
N GLY C 92 -112.45 -28.94 -43.79
CA GLY C 92 -113.19 -28.29 -42.73
C GLY C 92 -114.63 -28.10 -43.13
N ALA C 93 -115.43 -27.71 -42.14
CA ALA C 93 -116.84 -27.45 -42.39
C ALA C 93 -117.02 -26.17 -43.20
N ILE C 94 -118.16 -26.05 -43.87
CA ILE C 94 -118.45 -24.90 -44.72
C ILE C 94 -119.95 -24.66 -44.74
N ASN C 95 -120.34 -23.39 -44.74
CA ASN C 95 -121.74 -22.99 -44.85
C ASN C 95 -122.06 -22.77 -46.33
N VAL C 96 -123.04 -23.51 -46.84
CA VAL C 96 -123.43 -23.42 -48.25
C VAL C 96 -124.90 -23.01 -48.32
N MET C 97 -125.16 -21.83 -48.86
CA MET C 97 -126.52 -21.32 -48.99
C MET C 97 -127.20 -21.97 -50.19
N THR C 98 -128.25 -22.76 -49.94
CA THR C 98 -128.92 -23.49 -51.00
C THR C 98 -130.16 -22.80 -51.54
N SER C 99 -130.57 -21.67 -50.96
CA SER C 99 -131.73 -20.93 -51.45
C SER C 99 -131.72 -19.55 -50.80
N GLY C 100 -132.16 -18.53 -51.55
CA GLY C 100 -132.24 -17.19 -51.03
C GLY C 100 -131.48 -16.21 -51.89
N ARG C 101 -131.37 -14.98 -51.40
CA ARG C 101 -130.68 -13.91 -52.10
C ARG C 101 -129.29 -13.73 -51.52
N VAL C 102 -128.28 -13.62 -52.38
CA VAL C 102 -126.90 -13.51 -51.92
C VAL C 102 -126.12 -12.60 -52.85
N TRP C 103 -125.16 -11.88 -52.28
CA TRP C 103 -124.21 -11.10 -53.05
C TRP C 103 -123.01 -11.98 -53.39
N MET C 104 -122.66 -12.02 -54.67
CA MET C 104 -121.53 -12.83 -55.10
C MET C 104 -120.67 -12.05 -56.09
N LEU C 105 -119.42 -12.50 -56.20
CA LEU C 105 -118.45 -11.86 -57.08
C LEU C 105 -118.88 -11.99 -58.54
N SER C 106 -118.51 -10.99 -59.34
CA SER C 106 -118.85 -11.00 -60.76
C SER C 106 -117.66 -10.55 -61.57
N LYS C 107 -117.68 -10.90 -62.85
CA LYS C 107 -116.64 -10.51 -63.80
C LYS C 107 -117.17 -9.68 -64.95
N SER C 108 -118.48 -9.45 -65.00
CA SER C 108 -119.08 -8.71 -66.10
C SER C 108 -118.71 -7.23 -66.03
N THR C 109 -119.26 -6.47 -66.98
CA THR C 109 -118.96 -5.05 -67.10
C THR C 109 -120.19 -4.16 -67.15
N GLU C 110 -121.39 -4.72 -67.34
CA GLU C 110 -122.61 -3.94 -67.43
C GLU C 110 -123.65 -4.49 -66.47
N ALA C 111 -124.68 -3.70 -66.21
CA ALA C 111 -125.74 -4.11 -65.31
C ALA C 111 -126.54 -5.27 -65.94
N PRO C 112 -127.02 -6.20 -65.13
CA PRO C 112 -127.80 -7.32 -65.66
C PRO C 112 -129.29 -7.00 -65.67
N THR C 113 -130.04 -7.84 -66.37
CA THR C 113 -131.47 -7.68 -66.50
C THR C 113 -132.19 -8.45 -65.40
N PHE C 114 -133.12 -7.78 -64.71
CA PHE C 114 -133.87 -8.42 -63.65
C PHE C 114 -134.68 -9.59 -64.19
N GLY C 115 -134.63 -10.72 -63.49
CA GLY C 115 -135.37 -11.90 -63.86
C GLY C 115 -134.69 -12.78 -64.89
N SER C 116 -133.52 -12.41 -65.38
CA SER C 116 -132.83 -13.22 -66.38
C SER C 116 -132.09 -14.37 -65.72
N ALA C 117 -131.78 -15.38 -66.54
CA ALA C 117 -131.04 -16.54 -66.05
C ALA C 117 -129.59 -16.15 -65.77
N VAL C 118 -128.95 -16.94 -64.90
CA VAL C 118 -127.58 -16.67 -64.48
C VAL C 118 -126.64 -17.58 -65.24
N LYS C 119 -125.59 -16.99 -65.81
CA LYS C 119 -124.52 -17.71 -66.48
C LYS C 119 -123.26 -17.61 -65.62
N LEU C 120 -122.57 -18.72 -65.45
CA LEU C 120 -121.39 -18.77 -64.60
C LEU C 120 -120.15 -19.12 -65.42
N ASP C 121 -118.99 -18.74 -64.90
CA ASP C 121 -117.72 -19.06 -65.53
C ASP C 121 -117.15 -20.36 -64.95
N VAL C 122 -116.09 -20.86 -65.57
CA VAL C 122 -115.53 -22.14 -65.18
C VAL C 122 -114.90 -22.09 -63.79
N ASP C 123 -114.59 -20.90 -63.30
CA ASP C 123 -114.01 -20.76 -61.97
C ASP C 123 -115.04 -20.49 -60.88
N GLY C 124 -116.31 -20.40 -61.23
CA GLY C 124 -117.37 -20.29 -60.26
C GLY C 124 -117.87 -18.90 -59.95
N GLN C 125 -117.43 -17.89 -60.69
CA GLN C 125 -117.90 -16.52 -60.50
C GLN C 125 -118.88 -16.16 -61.60
N GLU C 126 -119.87 -15.34 -61.25
CA GLU C 126 -120.89 -14.94 -62.22
C GLU C 126 -120.26 -14.09 -63.32
N LYS C 127 -120.66 -14.36 -64.56
CA LYS C 127 -120.20 -13.57 -65.69
C LYS C 127 -121.21 -13.74 -66.82
N SER C 128 -121.50 -12.65 -67.53
CA SER C 128 -122.35 -12.74 -68.71
C SER C 128 -121.68 -13.62 -69.77
N ASP C 129 -122.48 -14.07 -70.73
CA ASP C 129 -122.10 -14.95 -71.84
C ASP C 129 -121.15 -16.06 -71.42
N GLY C 130 -121.34 -16.60 -70.21
CA GLY C 130 -120.54 -17.70 -69.73
C GLY C 130 -120.94 -19.01 -70.35
N THR C 131 -120.22 -20.07 -69.95
CA THR C 131 -120.46 -21.40 -70.49
C THR C 131 -121.47 -22.21 -69.69
N ILE C 132 -121.33 -22.22 -68.37
CA ILE C 132 -122.15 -23.07 -67.52
C ILE C 132 -123.54 -22.44 -67.35
N GLU C 133 -124.58 -23.24 -67.49
CA GLU C 133 -125.96 -22.80 -67.37
C GLU C 133 -126.55 -23.27 -66.05
N THR C 134 -127.20 -22.37 -65.34
CA THR C 134 -127.82 -22.65 -64.05
C THR C 134 -129.31 -22.33 -64.12
N THR C 135 -129.97 -22.45 -62.97
CA THR C 135 -131.39 -22.15 -62.85
C THR C 135 -131.67 -21.00 -61.89
N TRP C 136 -130.63 -20.32 -61.44
CA TRP C 136 -130.78 -19.15 -60.57
C TRP C 136 -131.11 -17.92 -61.41
N THR C 137 -131.47 -16.84 -60.72
CA THR C 137 -131.85 -15.60 -61.40
C THR C 137 -131.12 -14.41 -60.80
N TYR C 138 -131.25 -13.28 -61.46
CA TYR C 138 -130.69 -12.07 -60.93
C TYR C 138 -131.76 -11.41 -60.08
N ALA C 139 -131.40 -10.80 -58.98
CA ALA C 139 -132.35 -10.20 -58.05
C ALA C 139 -132.37 -8.68 -58.12
N GLY C 140 -131.65 -8.08 -59.06
CA GLY C 140 -131.62 -6.64 -59.19
C GLY C 140 -130.71 -5.95 -58.20
N GLY C 141 -129.42 -6.24 -58.30
CA GLY C 141 -128.43 -5.59 -57.45
C GLY C 141 -127.09 -5.45 -58.16
N TRP C 142 -126.55 -4.25 -58.19
CA TRP C 142 -125.34 -3.98 -58.96
C TRP C 142 -124.57 -2.87 -58.26
N THR C 143 -123.48 -3.24 -57.58
CA THR C 143 -122.67 -2.27 -56.87
C THR C 143 -121.23 -2.75 -56.85
N LYS C 144 -120.33 -1.82 -56.55
CA LYS C 144 -118.90 -2.11 -56.48
C LYS C 144 -118.39 -1.73 -55.09
N TYR C 145 -117.52 -2.53 -54.52
CA TYR C 145 -116.96 -2.18 -53.24
C TYR C 145 -115.48 -2.04 -53.39
N LYS C 146 -114.98 -0.81 -53.24
CA LYS C 146 -113.55 -0.58 -53.33
C LYS C 146 -112.95 -1.44 -54.40
N ASP C 147 -113.50 -1.44 -55.61
CA ASP C 147 -112.91 -2.17 -56.74
C ASP C 147 -113.38 -3.62 -57.02
N ILE C 148 -114.15 -4.23 -56.13
CA ILE C 148 -114.64 -5.56 -56.44
C ILE C 148 -116.06 -5.47 -56.95
N GLN C 149 -116.39 -6.23 -57.97
CA GLN C 149 -117.72 -6.20 -58.59
C GLN C 149 -118.62 -7.25 -57.96
N LEU C 150 -119.78 -6.81 -57.46
CA LEU C 150 -120.72 -7.67 -56.78
C LEU C 150 -122.06 -7.67 -57.50
N VAL C 151 -122.80 -8.77 -57.36
CA VAL C 151 -124.11 -8.90 -57.99
C VAL C 151 -125.01 -9.74 -57.09
N GLU C 152 -126.31 -9.46 -57.14
CA GLU C 152 -127.29 -10.08 -56.26
C GLU C 152 -128.03 -11.20 -57.00
N VAL C 153 -128.02 -12.40 -56.42
CA VAL C 153 -128.52 -13.59 -57.09
C VAL C 153 -129.59 -14.25 -56.23
N GLN C 154 -130.66 -14.71 -56.89
CA GLN C 154 -131.71 -15.52 -56.31
C GLN C 154 -131.43 -16.98 -56.62
N LEU C 155 -131.24 -17.78 -55.57
CA LEU C 155 -130.92 -19.20 -55.67
C LEU C 155 -132.12 -20.03 -55.24
N HIS C 156 -132.48 -21.01 -56.06
CA HIS C 156 -133.51 -21.98 -55.74
C HIS C 156 -132.87 -23.34 -55.47
N GLN C 157 -133.52 -24.13 -54.63
CA GLN C 157 -133.02 -25.47 -54.33
C GLN C 157 -133.00 -26.33 -55.58
N LEU C 158 -131.95 -27.14 -55.72
CA LEU C 158 -131.81 -28.01 -56.87
C LEU C 158 -132.88 -29.09 -56.86
N GLN D 3 -198.43 -21.52 -30.33
CA GLN D 3 -197.43 -21.21 -31.34
C GLN D 3 -196.23 -22.15 -31.23
N ILE D 4 -195.37 -22.10 -32.24
CA ILE D 4 -194.17 -22.93 -32.30
C ILE D 4 -192.95 -22.02 -32.41
N ASN D 5 -191.99 -22.20 -31.52
CA ASN D 5 -190.78 -21.41 -31.55
C ASN D 5 -189.94 -21.75 -32.77
N ALA D 6 -189.09 -20.81 -33.18
CA ALA D 6 -188.26 -20.96 -34.36
C ALA D 6 -186.83 -20.57 -34.03
N SER D 7 -185.89 -21.23 -34.70
CA SER D 7 -184.46 -20.93 -34.57
C SER D 7 -183.87 -20.78 -35.97
N TYR D 8 -182.98 -19.80 -36.11
CA TYR D 8 -182.38 -19.49 -37.39
C TYR D 8 -180.86 -19.57 -37.30
N GLN D 9 -180.23 -19.90 -38.42
CA GLN D 9 -178.79 -20.12 -38.47
C GLN D 9 -178.24 -19.60 -39.78
N ARG D 10 -177.05 -19.00 -39.72
CA ARG D 10 -176.39 -18.46 -40.90
C ARG D 10 -174.92 -18.86 -40.88
N ASP D 11 -174.33 -18.94 -42.06
CA ASP D 11 -172.93 -19.33 -42.21
C ASP D 11 -172.13 -18.14 -42.73
N MET D 12 -170.97 -17.91 -42.12
CA MET D 12 -170.09 -16.83 -42.56
C MET D 12 -169.45 -17.17 -43.90
N ALA D 13 -169.07 -16.12 -44.63
CA ALA D 13 -168.39 -16.29 -45.90
C ALA D 13 -166.98 -16.82 -45.67
N ILE D 14 -166.43 -17.46 -46.70
CA ILE D 14 -165.15 -18.15 -46.56
C ILE D 14 -163.98 -17.17 -46.68
N ALA D 15 -163.98 -16.29 -47.68
CA ALA D 15 -162.79 -15.49 -47.95
C ALA D 15 -163.18 -14.17 -48.61
N LEU D 16 -162.23 -13.26 -48.64
CA LEU D 16 -162.32 -11.94 -49.22
C LEU D 16 -161.17 -11.75 -50.20
N PRO D 17 -161.32 -10.88 -51.20
CA PRO D 17 -160.25 -10.70 -52.18
C PRO D 17 -158.95 -10.25 -51.51
N GLY D 18 -157.85 -10.85 -51.95
CA GLY D 18 -156.55 -10.52 -51.40
C GLY D 18 -156.21 -11.14 -50.07
N MET D 19 -157.10 -11.96 -49.52
CA MET D 19 -156.85 -12.58 -48.22
C MET D 19 -155.91 -13.78 -48.37
N VAL D 20 -155.02 -13.92 -47.40
CA VAL D 20 -154.09 -15.05 -47.37
C VAL D 20 -154.87 -16.31 -46.98
N ALA D 21 -154.68 -17.38 -47.75
CA ALA D 21 -155.48 -18.58 -47.56
C ALA D 21 -154.98 -19.42 -46.40
N ASP D 22 -153.74 -19.89 -46.48
CA ASP D 22 -153.17 -20.78 -45.48
C ASP D 22 -151.84 -20.22 -44.98
N THR D 23 -151.51 -20.57 -43.74
CA THR D 23 -150.26 -20.13 -43.13
C THR D 23 -149.20 -21.23 -43.31
N SER D 24 -148.83 -21.44 -44.58
CA SER D 24 -147.93 -22.54 -44.94
C SER D 24 -146.89 -22.01 -45.93
N LYS D 25 -145.74 -21.60 -45.38
CA LYS D 25 -144.54 -21.31 -46.18
C LYS D 25 -144.82 -20.23 -47.23
N TYR D 26 -145.10 -19.03 -46.73
CA TYR D 26 -145.34 -17.88 -47.58
C TYR D 26 -144.14 -16.94 -47.56
N ASN D 27 -144.23 -15.89 -48.38
CA ASN D 27 -143.18 -14.88 -48.45
C ASN D 27 -143.78 -13.58 -48.95
N ILE D 28 -143.52 -12.49 -48.23
CA ILE D 28 -144.07 -11.17 -48.51
C ILE D 28 -142.91 -10.23 -48.81
N ASP D 29 -142.99 -9.53 -49.94
CA ASP D 29 -142.04 -8.49 -50.32
C ASP D 29 -142.71 -7.15 -50.01
N GLY D 30 -142.13 -6.43 -49.05
CA GLY D 30 -142.61 -5.13 -48.65
C GLY D 30 -141.80 -3.96 -49.14
N ALA D 31 -140.69 -4.21 -49.82
CA ALA D 31 -139.79 -3.15 -50.30
C ALA D 31 -140.16 -2.69 -51.71
N CYS D 32 -141.41 -2.85 -52.09
CA CYS D 32 -141.89 -2.41 -53.39
C CYS D 32 -142.64 -1.10 -53.28
N VAL D 33 -142.73 -0.38 -54.39
CA VAL D 33 -143.42 0.90 -54.44
C VAL D 33 -144.24 0.97 -55.72
N VAL D 34 -145.46 1.48 -55.59
CA VAL D 34 -146.34 1.64 -56.74
C VAL D 34 -145.91 2.85 -57.55
N ASN D 35 -145.96 2.73 -58.87
CA ASN D 35 -145.54 3.81 -59.76
C ASN D 35 -146.52 3.93 -60.91
N GLU D 36 -147.13 5.11 -61.05
CA GLU D 36 -147.95 5.46 -62.21
C GLU D 36 -149.15 4.50 -62.37
N GLY D 37 -150.02 4.56 -61.37
CA GLY D 37 -151.29 3.87 -61.45
C GLY D 37 -151.77 3.43 -60.09
N ASP D 38 -152.86 2.66 -60.10
CA ASP D 38 -153.45 2.11 -58.90
C ASP D 38 -153.53 0.58 -59.02
N VAL D 39 -153.54 -0.09 -57.87
CA VAL D 39 -153.58 -1.54 -57.81
C VAL D 39 -154.72 -1.96 -56.92
N LEU D 40 -155.56 -2.86 -57.42
CA LEU D 40 -156.61 -3.46 -56.61
C LEU D 40 -156.07 -4.68 -55.87
N VAL D 41 -156.43 -4.81 -54.60
CA VAL D 41 -155.99 -5.96 -53.83
C VAL D 41 -156.57 -7.23 -54.45
N GLY D 42 -155.74 -8.27 -54.54
CA GLY D 42 -156.13 -9.49 -55.21
C GLY D 42 -155.89 -9.51 -56.70
N ALA D 43 -155.01 -8.65 -57.21
CA ALA D 43 -154.70 -8.60 -58.62
C ALA D 43 -153.19 -8.65 -58.82
N ALA D 44 -152.77 -9.21 -59.94
CA ALA D 44 -151.35 -9.37 -60.22
C ALA D 44 -150.69 -8.03 -60.51
N VAL D 45 -149.37 -7.98 -60.32
CA VAL D 45 -148.58 -6.78 -60.56
C VAL D 45 -147.35 -7.16 -61.39
N GLN D 46 -146.76 -6.14 -62.02
CA GLN D 46 -145.57 -6.31 -62.83
C GLN D 46 -144.49 -5.37 -62.31
N VAL D 47 -143.24 -5.82 -62.45
CA VAL D 47 -142.07 -5.06 -62.01
C VAL D 47 -141.50 -4.32 -63.20
N VAL D 48 -141.51 -2.99 -63.13
CA VAL D 48 -141.02 -2.16 -64.23
C VAL D 48 -139.51 -2.02 -64.20
N GLN D 49 -138.96 -1.63 -63.05
CA GLN D 49 -137.53 -1.40 -62.93
C GLN D 49 -137.11 -1.71 -61.49
N ALA D 50 -135.97 -2.39 -61.36
CA ALA D 50 -135.39 -2.72 -60.07
C ALA D 50 -134.16 -1.85 -59.87
N GLN D 51 -134.19 -1.00 -58.85
CA GLN D 51 -133.09 -0.09 -58.60
C GLN D 51 -131.84 -0.86 -58.17
N ALA D 52 -130.70 -0.44 -58.69
CA ALA D 52 -129.45 -1.16 -58.45
C ALA D 52 -128.92 -0.95 -57.04
N VAL D 53 -128.95 0.27 -56.53
CA VAL D 53 -128.35 0.62 -55.26
C VAL D 53 -129.40 0.82 -54.17
N ASP D 54 -130.46 1.57 -54.48
CA ASP D 54 -131.47 1.88 -53.48
C ASP D 54 -132.17 0.63 -52.99
N GLY D 55 -132.52 -0.28 -53.90
CA GLY D 55 -133.13 -1.55 -53.56
C GLY D 55 -134.64 -1.60 -53.73
N HIS D 56 -135.29 -0.45 -53.84
CA HIS D 56 -136.73 -0.43 -54.03
C HIS D 56 -137.09 -0.89 -55.44
N LYS D 57 -138.18 -1.64 -55.54
CA LYS D 57 -138.66 -2.16 -56.81
C LYS D 57 -139.96 -1.48 -57.20
N LEU D 58 -140.00 -0.95 -58.43
CA LEU D 58 -141.17 -0.25 -58.95
C LEU D 58 -142.13 -1.27 -59.52
N VAL D 59 -143.38 -1.26 -59.03
CA VAL D 59 -144.39 -2.19 -59.49
C VAL D 59 -145.60 -1.40 -59.96
N LYS D 60 -146.39 -2.03 -60.83
CA LYS D 60 -147.63 -1.43 -61.31
C LYS D 60 -148.57 -2.54 -61.75
N ALA D 61 -149.73 -2.13 -62.27
CA ALA D 61 -150.74 -3.09 -62.69
C ALA D 61 -150.24 -3.89 -63.89
N LEU D 62 -150.61 -5.17 -63.94
CA LEU D 62 -150.20 -6.03 -65.03
C LEU D 62 -150.89 -5.62 -66.32
N THR D 63 -150.15 -5.68 -67.42
CA THR D 63 -150.70 -5.40 -68.74
C THR D 63 -150.33 -6.50 -69.72
N THR D 64 -150.64 -6.32 -71.00
CA THR D 64 -150.37 -7.34 -71.99
C THR D 64 -148.86 -7.48 -72.23
N GLY D 65 -148.45 -8.69 -72.60
CA GLY D 65 -147.07 -8.95 -72.97
C GLY D 65 -146.06 -8.74 -71.86
N THR D 66 -146.37 -9.19 -70.65
CA THR D 66 -145.45 -9.09 -69.53
C THR D 66 -145.72 -10.22 -68.56
N THR D 67 -144.64 -10.74 -67.95
CA THR D 67 -144.78 -11.78 -66.95
C THR D 67 -145.08 -11.16 -65.58
N PRO D 68 -146.02 -11.71 -64.82
CA PRO D 68 -146.34 -11.15 -63.51
C PRO D 68 -145.26 -11.46 -62.48
N TYR D 69 -145.30 -10.71 -61.39
CA TYR D 69 -144.37 -10.90 -60.27
C TYR D 69 -145.02 -11.48 -59.03
N GLY D 70 -146.14 -10.90 -58.59
CA GLY D 70 -146.81 -11.37 -57.40
C GLY D 70 -148.23 -10.87 -57.34
N VAL D 71 -148.83 -11.00 -56.16
CA VAL D 71 -150.22 -10.61 -55.92
C VAL D 71 -150.26 -9.70 -54.70
N ALA D 72 -150.95 -8.56 -54.83
CA ALA D 72 -151.13 -7.66 -53.70
C ALA D 72 -152.09 -8.29 -52.69
N ILE D 73 -151.84 -8.00 -51.41
CA ILE D 73 -152.63 -8.59 -50.32
C ILE D 73 -153.23 -7.48 -49.47
N ARG D 74 -154.13 -7.89 -48.58
CA ARG D 74 -154.87 -6.95 -47.76
C ARG D 74 -154.04 -6.41 -46.61
N SER D 75 -154.41 -5.21 -46.15
CA SER D 75 -153.82 -4.61 -44.97
C SER D 75 -154.71 -3.44 -44.54
N HIS D 76 -154.98 -3.34 -43.24
CA HIS D 76 -155.85 -2.30 -42.73
C HIS D 76 -155.12 -1.01 -42.41
N TRP D 77 -153.82 -0.95 -42.65
CA TRP D 77 -153.02 0.24 -42.36
C TRP D 77 -152.36 0.83 -43.60
N GLN D 78 -151.99 0.02 -44.57
CA GLN D 78 -151.27 0.50 -45.74
C GLN D 78 -152.19 0.95 -46.86
N THR D 79 -153.34 0.32 -47.03
CA THR D 79 -154.22 0.59 -48.16
C THR D 79 -155.07 1.83 -47.92
N VAL D 80 -155.80 2.23 -48.97
CA VAL D 80 -156.78 3.31 -48.89
C VAL D 80 -158.09 2.79 -49.45
N ASN D 81 -159.15 3.55 -49.21
CA ASN D 81 -160.51 3.14 -49.56
C ASN D 81 -160.99 3.99 -50.73
N ALA D 82 -161.26 3.33 -51.86
CA ALA D 82 -161.68 4.05 -53.06
C ALA D 82 -162.41 3.10 -54.00
N GLN D 83 -163.33 3.66 -54.79
CA GLN D 83 -164.11 2.91 -55.77
C GLN D 83 -164.87 1.75 -55.12
N ASN D 84 -165.39 1.98 -53.92
CA ASN D 84 -166.07 0.95 -53.13
C ASN D 84 -165.20 -0.28 -52.93
N GLN D 85 -163.89 -0.07 -52.80
CA GLN D 85 -162.92 -1.16 -52.71
C GLN D 85 -161.73 -0.69 -51.89
N MET D 86 -160.80 -1.62 -51.68
CA MET D 86 -159.57 -1.38 -50.93
C MET D 86 -158.40 -1.43 -51.90
N ILE D 87 -157.78 -0.29 -52.15
CA ILE D 87 -156.77 -0.18 -53.20
C ILE D 87 -155.45 0.32 -52.60
N TYR D 88 -154.40 0.22 -53.40
CA TYR D 88 -153.09 0.78 -53.08
C TYR D 88 -152.87 2.01 -53.95
N GLU D 89 -152.67 3.16 -53.31
CA GLU D 89 -152.52 4.39 -54.05
C GLU D 89 -151.11 4.53 -54.60
N ASP D 90 -150.97 5.40 -55.60
CA ASP D 90 -149.68 5.59 -56.25
C ASP D 90 -148.73 6.33 -55.32
N GLY D 91 -147.45 6.04 -55.46
CA GLY D 91 -146.43 6.65 -54.61
C GLY D 91 -146.48 6.21 -53.17
N GLY D 92 -146.72 4.91 -52.92
CA GLY D 92 -146.74 4.40 -51.57
C GLY D 92 -146.26 2.97 -51.52
N ALA D 93 -145.73 2.58 -50.36
CA ALA D 93 -145.23 1.23 -50.18
C ALA D 93 -146.37 0.22 -50.31
N ILE D 94 -146.05 -0.94 -50.87
CA ILE D 94 -147.06 -1.94 -51.23
C ILE D 94 -146.54 -3.32 -50.83
N ASN D 95 -147.43 -4.14 -50.28
CA ASN D 95 -147.13 -5.52 -49.95
C ASN D 95 -147.44 -6.41 -51.15
N VAL D 96 -146.46 -7.19 -51.60
CA VAL D 96 -146.64 -8.11 -52.71
C VAL D 96 -146.26 -9.50 -52.24
N MET D 97 -147.20 -10.43 -52.29
CA MET D 97 -146.96 -11.80 -51.84
C MET D 97 -146.38 -12.58 -53.01
N THR D 98 -145.21 -13.20 -52.80
CA THR D 98 -144.50 -13.85 -53.89
C THR D 98 -144.63 -15.36 -53.88
N SER D 99 -144.81 -15.98 -52.72
CA SER D 99 -144.99 -17.42 -52.64
C SER D 99 -146.03 -17.73 -51.57
N GLY D 100 -146.80 -18.79 -51.80
CA GLY D 100 -147.80 -19.18 -50.83
C GLY D 100 -149.16 -19.47 -51.43
N ARG D 101 -150.23 -19.31 -50.66
CA ARG D 101 -151.58 -19.56 -51.13
C ARG D 101 -152.41 -18.30 -50.91
N VAL D 102 -153.04 -17.80 -51.98
CA VAL D 102 -153.73 -16.52 -51.91
C VAL D 102 -155.06 -16.61 -52.64
N TRP D 103 -156.07 -15.90 -52.12
CA TRP D 103 -157.33 -15.74 -52.82
C TRP D 103 -157.23 -14.62 -53.84
N MET D 104 -157.71 -14.89 -55.05
CA MET D 104 -157.59 -13.96 -56.16
C MET D 104 -158.94 -13.75 -56.80
N LEU D 105 -159.15 -12.54 -57.32
CA LEU D 105 -160.32 -12.26 -58.14
C LEU D 105 -160.24 -13.06 -59.43
N SER D 106 -161.41 -13.50 -59.91
CA SER D 106 -161.47 -14.30 -61.13
C SER D 106 -162.61 -13.83 -62.01
N LYS D 107 -162.51 -14.16 -63.30
CA LYS D 107 -163.54 -13.85 -64.28
C LYS D 107 -164.05 -15.09 -65.00
N SER D 108 -163.84 -16.27 -64.42
CA SER D 108 -164.27 -17.52 -65.04
C SER D 108 -165.61 -17.96 -64.47
N THR D 109 -166.14 -19.05 -65.03
CA THR D 109 -167.42 -19.61 -64.60
C THR D 109 -167.36 -21.09 -64.27
N GLU D 110 -166.28 -21.79 -64.62
CA GLU D 110 -166.14 -23.22 -64.34
C GLU D 110 -165.06 -23.45 -63.31
N ALA D 111 -165.30 -24.36 -62.38
CA ALA D 111 -164.34 -24.64 -61.33
C ALA D 111 -163.06 -25.23 -61.93
N PRO D 112 -161.89 -24.76 -61.51
CA PRO D 112 -160.64 -25.25 -62.06
C PRO D 112 -160.27 -26.62 -61.50
N THR D 113 -159.33 -27.27 -62.18
CA THR D 113 -158.82 -28.57 -61.78
C THR D 113 -157.54 -28.39 -60.97
N PHE D 114 -157.43 -29.17 -59.89
CA PHE D 114 -156.29 -29.04 -58.99
C PHE D 114 -154.99 -29.35 -59.72
N GLY D 115 -154.00 -28.48 -59.53
CA GLY D 115 -152.68 -28.68 -60.09
C GLY D 115 -152.47 -28.18 -61.50
N SER D 116 -153.49 -27.60 -62.13
CA SER D 116 -153.36 -27.13 -63.50
C SER D 116 -152.67 -25.76 -63.52
N ALA D 117 -152.29 -25.35 -64.74
CA ALA D 117 -151.64 -24.07 -64.93
C ALA D 117 -152.62 -22.93 -64.77
N VAL D 118 -152.10 -21.75 -64.42
CA VAL D 118 -152.91 -20.56 -64.22
C VAL D 118 -152.73 -19.63 -65.42
N LYS D 119 -153.84 -19.13 -65.95
CA LYS D 119 -153.84 -18.19 -67.06
C LYS D 119 -154.47 -16.89 -66.59
N LEU D 120 -153.79 -15.78 -66.81
CA LEU D 120 -154.26 -14.47 -66.39
C LEU D 120 -154.81 -13.70 -67.59
N ASP D 121 -155.62 -12.69 -67.29
CA ASP D 121 -156.14 -11.78 -68.29
C ASP D 121 -155.23 -10.56 -68.41
N VAL D 122 -155.57 -9.67 -69.34
CA VAL D 122 -154.77 -8.47 -69.55
C VAL D 122 -154.82 -7.54 -68.35
N ASP D 123 -155.96 -7.43 -67.68
CA ASP D 123 -156.09 -6.49 -66.57
C ASP D 123 -155.47 -7.02 -65.29
N GLY D 124 -155.04 -8.27 -65.25
CA GLY D 124 -154.39 -8.83 -64.08
C GLY D 124 -155.23 -9.77 -63.23
N GLN D 125 -156.36 -10.24 -63.75
CA GLN D 125 -157.24 -11.13 -63.01
C GLN D 125 -157.26 -12.51 -63.66
N GLU D 126 -157.55 -13.52 -62.86
CA GLU D 126 -157.55 -14.89 -63.34
C GLU D 126 -158.64 -15.10 -64.37
N LYS D 127 -158.35 -15.95 -65.36
CA LYS D 127 -159.30 -16.26 -66.42
C LYS D 127 -159.03 -17.65 -66.96
N SER D 128 -160.08 -18.35 -67.36
CA SER D 128 -159.92 -19.69 -67.93
C SER D 128 -159.16 -19.64 -69.25
N ASP D 129 -159.44 -18.64 -70.09
CA ASP D 129 -158.77 -18.46 -71.37
C ASP D 129 -157.97 -17.15 -71.37
N GLY D 130 -156.74 -17.24 -70.86
CA GLY D 130 -155.88 -16.08 -70.78
C GLY D 130 -154.81 -16.04 -71.86
N THR D 131 -154.29 -14.85 -72.16
CA THR D 131 -153.22 -14.70 -73.12
C THR D 131 -151.85 -14.61 -72.46
N ILE D 132 -151.77 -14.75 -71.14
CA ILE D 132 -150.51 -14.65 -70.40
C ILE D 132 -150.21 -15.99 -69.74
N GLU D 133 -149.02 -16.51 -69.99
CA GLU D 133 -148.57 -17.75 -69.38
C GLU D 133 -148.03 -17.48 -67.98
N THR D 134 -148.19 -18.43 -67.08
CA THR D 134 -147.82 -18.26 -65.69
C THR D 134 -147.39 -19.60 -65.10
N THR D 135 -146.42 -19.56 -64.19
CA THR D 135 -145.91 -20.74 -63.53
C THR D 135 -146.63 -21.05 -62.22
N TRP D 136 -147.63 -20.25 -61.85
CA TRP D 136 -148.40 -20.54 -60.65
C TRP D 136 -149.38 -21.67 -60.90
N THR D 137 -149.99 -22.18 -59.83
CA THR D 137 -150.90 -23.30 -59.93
C THR D 137 -152.18 -23.00 -59.16
N TYR D 138 -153.17 -23.89 -59.31
CA TYR D 138 -154.40 -23.79 -58.54
C TYR D 138 -154.27 -24.58 -57.24
N ALA D 139 -155.15 -24.26 -56.28
CA ALA D 139 -155.17 -24.97 -55.01
C ALA D 139 -156.50 -25.66 -54.75
N GLY D 140 -157.53 -25.37 -55.54
CA GLY D 140 -158.83 -26.02 -55.42
C GLY D 140 -159.90 -25.13 -54.82
N GLY D 141 -159.52 -24.14 -54.02
CA GLY D 141 -160.51 -23.24 -53.44
C GLY D 141 -161.30 -22.50 -54.50
N TRP D 142 -162.62 -22.52 -54.36
CA TRP D 142 -163.50 -21.90 -55.36
C TRP D 142 -164.80 -21.51 -54.64
N THR D 143 -164.93 -20.23 -54.32
CA THR D 143 -166.11 -19.74 -53.63
C THR D 143 -166.58 -18.41 -54.22
N LYS D 144 -167.54 -17.75 -53.56
CA LYS D 144 -168.08 -16.51 -54.06
C LYS D 144 -168.65 -15.70 -52.90
N TYR D 145 -168.33 -14.42 -52.85
CA TYR D 145 -168.76 -13.51 -51.78
C TYR D 145 -169.56 -12.38 -52.41
N LYS D 146 -170.88 -12.53 -52.39
CA LYS D 146 -171.81 -11.49 -52.83
C LYS D 146 -171.47 -10.99 -54.24
N ASP D 147 -171.61 -11.92 -55.19
CA ASP D 147 -171.37 -11.68 -56.62
C ASP D 147 -169.94 -11.22 -56.88
N ILE D 148 -168.97 -11.82 -56.21
CA ILE D 148 -167.55 -11.69 -56.53
C ILE D 148 -166.95 -13.08 -56.57
N GLN D 149 -166.26 -13.41 -57.65
CA GLN D 149 -165.73 -14.74 -57.86
C GLN D 149 -164.27 -14.81 -57.42
N LEU D 150 -163.97 -15.74 -56.52
CA LEU D 150 -162.64 -15.89 -55.95
C LEU D 150 -162.09 -17.29 -56.20
N VAL D 151 -160.77 -17.37 -56.31
CA VAL D 151 -160.10 -18.64 -56.60
C VAL D 151 -158.80 -18.69 -55.81
N GLU D 152 -158.41 -19.90 -55.41
CA GLU D 152 -157.21 -20.07 -54.58
C GLU D 152 -156.02 -20.43 -55.45
N VAL D 153 -154.98 -19.60 -55.42
CA VAL D 153 -153.82 -19.73 -56.29
C VAL D 153 -152.59 -20.00 -55.44
N GLN D 154 -151.79 -20.98 -55.85
CA GLN D 154 -150.50 -21.28 -55.28
C GLN D 154 -149.42 -20.56 -56.07
N LEU D 155 -148.69 -19.68 -55.40
CA LEU D 155 -147.64 -18.86 -56.00
C LEU D 155 -146.28 -19.43 -55.66
N HIS D 156 -145.47 -19.67 -56.69
CA HIS D 156 -144.09 -20.11 -56.53
C HIS D 156 -143.17 -18.91 -56.72
N GLN D 157 -142.02 -18.94 -56.03
CA GLN D 157 -141.06 -17.86 -56.15
C GLN D 157 -140.56 -17.75 -57.58
N LEU D 158 -140.46 -16.52 -58.07
CA LEU D 158 -140.02 -16.27 -59.44
C LEU D 158 -138.60 -16.77 -59.68
N GLN E 3 -213.68 97.38 -34.48
CA GLN E 3 -214.33 97.41 -35.79
C GLN E 3 -214.52 96.01 -36.33
N ILE E 4 -214.22 95.82 -37.61
CA ILE E 4 -214.38 94.55 -38.30
C ILE E 4 -213.01 93.92 -38.44
N ASN E 5 -212.82 92.77 -37.77
CA ASN E 5 -211.54 92.09 -37.81
C ASN E 5 -211.31 91.44 -39.17
N ALA E 6 -210.04 91.20 -39.47
CA ALA E 6 -209.64 90.57 -40.72
C ALA E 6 -208.67 89.43 -40.44
N SER E 7 -208.85 88.33 -41.15
CA SER E 7 -207.96 87.18 -41.07
C SER E 7 -207.56 86.76 -42.47
N TYR E 8 -206.32 86.36 -42.64
CA TYR E 8 -205.77 86.05 -43.95
C TYR E 8 -205.17 84.65 -43.96
N GLN E 9 -205.21 84.03 -45.13
CA GLN E 9 -204.69 82.68 -45.32
C GLN E 9 -203.69 82.69 -46.46
N ARG E 10 -202.53 82.06 -46.24
CA ARG E 10 -201.49 81.95 -47.26
C ARG E 10 -201.07 80.50 -47.39
N ASP E 11 -200.91 80.06 -48.63
CA ASP E 11 -200.50 78.68 -48.93
C ASP E 11 -199.03 78.64 -49.32
N MET E 12 -198.31 77.67 -48.76
CA MET E 12 -196.90 77.52 -49.08
C MET E 12 -196.72 77.02 -50.51
N ALA E 13 -195.51 77.18 -51.03
CA ALA E 13 -195.15 76.55 -52.28
C ALA E 13 -195.04 75.03 -52.09
N ILE E 14 -194.98 74.31 -53.21
CA ILE E 14 -194.98 72.85 -53.13
C ILE E 14 -193.70 72.21 -53.62
N ALA E 15 -192.78 72.99 -54.21
CA ALA E 15 -191.57 72.38 -54.74
C ALA E 15 -190.45 73.40 -54.82
N LEU E 16 -189.23 72.89 -54.79
CA LEU E 16 -187.99 73.63 -55.01
C LEU E 16 -187.15 72.87 -56.02
N PRO E 17 -186.30 73.56 -56.78
CA PRO E 17 -185.47 72.86 -57.77
C PRO E 17 -184.57 71.84 -57.10
N GLY E 18 -184.38 70.70 -57.77
CA GLY E 18 -183.52 69.66 -57.25
C GLY E 18 -183.97 69.05 -55.94
N MET E 19 -185.28 68.95 -55.72
CA MET E 19 -185.83 68.38 -54.50
C MET E 19 -186.35 66.98 -54.78
N VAL E 20 -186.12 66.07 -53.83
CA VAL E 20 -186.69 64.74 -53.91
C VAL E 20 -188.18 64.81 -53.63
N ALA E 21 -188.99 64.33 -54.57
CA ALA E 21 -190.43 64.54 -54.49
C ALA E 21 -191.10 63.53 -53.57
N ASP E 22 -191.00 62.25 -53.90
CA ASP E 22 -191.69 61.19 -53.18
C ASP E 22 -190.67 60.29 -52.49
N THR E 23 -191.14 59.60 -51.44
CA THR E 23 -190.32 58.64 -50.72
C THR E 23 -190.41 57.24 -51.31
N SER E 24 -190.77 57.11 -52.59
CA SER E 24 -190.86 55.82 -53.23
C SER E 24 -189.46 55.24 -53.45
N LYS E 25 -189.41 54.10 -54.13
CA LYS E 25 -188.14 53.43 -54.39
C LYS E 25 -187.23 54.34 -55.22
N TYR E 26 -186.13 54.76 -54.62
CA TYR E 26 -185.17 55.66 -55.25
C TYR E 26 -183.76 55.12 -55.06
N ASN E 27 -182.80 55.74 -55.75
CA ASN E 27 -181.40 55.36 -55.62
C ASN E 27 -180.53 56.59 -55.85
N ILE E 28 -179.55 56.80 -54.97
CA ILE E 28 -178.64 57.93 -55.04
C ILE E 28 -177.21 57.41 -55.04
N ASP E 29 -176.38 58.00 -55.89
CA ASP E 29 -174.96 57.67 -55.97
C ASP E 29 -174.17 58.89 -55.49
N GLY E 30 -173.29 58.66 -54.53
CA GLY E 30 -172.48 59.73 -53.96
C GLY E 30 -171.00 59.64 -54.25
N ALA E 31 -170.55 58.57 -54.90
CA ALA E 31 -169.14 58.40 -55.22
C ALA E 31 -168.83 58.95 -56.62
N CYS E 32 -169.19 60.21 -56.82
CA CYS E 32 -168.97 60.91 -58.08
C CYS E 32 -168.30 62.25 -57.82
N VAL E 33 -167.48 62.68 -58.77
CA VAL E 33 -166.68 63.89 -58.64
C VAL E 33 -166.92 64.78 -59.86
N VAL E 34 -167.16 66.06 -59.61
CA VAL E 34 -167.31 67.04 -60.68
C VAL E 34 -165.93 67.34 -61.25
N ASN E 35 -165.81 67.31 -62.57
CA ASN E 35 -164.51 67.44 -63.21
C ASN E 35 -164.30 68.81 -63.87
N GLU E 36 -165.25 69.24 -64.70
CA GLU E 36 -165.14 70.53 -65.38
C GLU E 36 -166.35 71.40 -65.03
N GLY E 37 -166.07 72.67 -64.74
CA GLY E 37 -167.11 73.63 -64.51
C GLY E 37 -167.92 73.36 -63.25
N ASP E 38 -169.13 73.88 -63.24
CA ASP E 38 -170.03 73.75 -62.11
C ASP E 38 -171.39 73.22 -62.60
N VAL E 39 -172.10 72.55 -61.69
CA VAL E 39 -173.39 71.95 -61.99
C VAL E 39 -174.47 72.71 -61.24
N LEU E 40 -175.51 73.12 -61.95
CA LEU E 40 -176.68 73.72 -61.33
C LEU E 40 -177.54 72.64 -60.70
N VAL E 41 -177.99 72.89 -59.47
CA VAL E 41 -178.82 71.93 -58.75
C VAL E 41 -180.18 71.85 -59.46
N GLY E 42 -180.45 70.73 -60.11
CA GLY E 42 -181.69 70.57 -60.83
C GLY E 42 -181.51 70.37 -62.32
N ALA E 43 -180.32 69.92 -62.72
CA ALA E 43 -179.99 69.72 -64.13
C ALA E 43 -179.31 68.37 -64.32
N ALA E 44 -179.49 67.80 -65.52
CA ALA E 44 -178.91 66.51 -65.82
C ALA E 44 -177.39 66.61 -65.92
N VAL E 45 -176.73 65.46 -65.77
CA VAL E 45 -175.27 65.37 -65.73
C VAL E 45 -174.82 64.26 -66.67
N GLN E 46 -173.51 64.21 -66.90
CA GLN E 46 -172.90 63.28 -67.84
C GLN E 46 -171.64 62.67 -67.24
N VAL E 47 -171.52 61.35 -67.36
CA VAL E 47 -170.37 60.61 -66.87
C VAL E 47 -169.34 60.52 -67.98
N VAL E 48 -168.24 61.26 -67.85
CA VAL E 48 -167.22 61.25 -68.88
C VAL E 48 -166.43 59.94 -68.86
N GLN E 49 -166.11 59.44 -67.67
CA GLN E 49 -165.41 58.17 -67.55
C GLN E 49 -165.53 57.66 -66.12
N ALA E 50 -165.42 56.35 -65.96
CA ALA E 50 -165.44 55.69 -64.66
C ALA E 50 -164.07 55.08 -64.42
N GLN E 51 -163.47 55.38 -63.27
CA GLN E 51 -162.16 54.86 -62.95
C GLN E 51 -162.22 53.35 -62.71
N ALA E 52 -161.24 52.64 -63.27
CA ALA E 52 -161.27 51.18 -63.26
C ALA E 52 -160.93 50.63 -61.88
N VAL E 53 -159.92 51.18 -61.22
CA VAL E 53 -159.41 50.63 -59.97
C VAL E 53 -159.86 51.46 -58.77
N ASP E 54 -159.71 52.78 -58.84
CA ASP E 54 -160.12 53.62 -57.71
C ASP E 54 -161.62 53.56 -57.51
N GLY E 55 -162.39 53.65 -58.60
CA GLY E 55 -163.82 53.45 -58.52
C GLY E 55 -164.68 54.69 -58.52
N HIS E 56 -164.09 55.87 -58.66
CA HIS E 56 -164.86 57.11 -58.72
C HIS E 56 -165.46 57.28 -60.11
N LYS E 57 -166.52 58.06 -60.18
CA LYS E 57 -167.16 58.40 -61.45
C LYS E 57 -167.01 59.90 -61.71
N LEU E 58 -166.37 60.24 -62.82
CA LEU E 58 -166.10 61.62 -63.18
C LEU E 58 -167.28 62.15 -63.98
N VAL E 59 -167.88 63.23 -63.50
CA VAL E 59 -169.14 63.72 -64.03
C VAL E 59 -169.05 65.22 -64.27
N LYS E 60 -169.69 65.68 -65.34
CA LYS E 60 -169.75 67.11 -65.64
C LYS E 60 -171.15 67.44 -66.15
N ALA E 61 -171.32 68.69 -66.57
CA ALA E 61 -172.62 69.13 -67.06
C ALA E 61 -172.90 68.56 -68.45
N LEU E 62 -174.18 68.62 -68.84
CA LEU E 62 -174.61 68.00 -70.08
C LEU E 62 -174.26 68.87 -71.28
N THR E 63 -173.99 68.21 -72.41
CA THR E 63 -173.60 68.91 -73.64
C THR E 63 -174.28 68.24 -74.83
N THR E 64 -173.79 68.58 -76.02
CA THR E 64 -174.38 68.07 -77.25
C THR E 64 -174.08 66.58 -77.43
N GLY E 65 -175.09 65.84 -77.89
CA GLY E 65 -174.90 64.46 -78.30
C GLY E 65 -174.36 63.54 -77.23
N THR E 66 -174.84 63.67 -76.01
CA THR E 66 -174.39 62.86 -74.89
C THR E 66 -175.59 62.36 -74.10
N THR E 67 -175.41 61.22 -73.44
CA THR E 67 -176.49 60.56 -72.72
C THR E 67 -176.48 61.01 -71.26
N PRO E 68 -177.57 61.55 -70.75
CA PRO E 68 -177.60 61.92 -69.32
C PRO E 68 -177.55 60.70 -68.42
N TYR E 69 -177.05 60.91 -67.21
CA TYR E 69 -176.88 59.85 -66.23
C TYR E 69 -177.74 60.01 -64.98
N GLY E 70 -178.03 61.24 -64.58
CA GLY E 70 -178.83 61.45 -63.40
C GLY E 70 -179.19 62.92 -63.24
N VAL E 71 -179.74 63.24 -62.07
CA VAL E 71 -180.16 64.59 -61.74
C VAL E 71 -179.62 64.93 -60.35
N ALA E 72 -178.88 66.04 -60.26
CA ALA E 72 -178.35 66.47 -58.97
C ALA E 72 -179.48 66.97 -58.08
N ILE E 73 -179.34 66.73 -56.77
CA ILE E 73 -180.39 67.02 -55.81
C ILE E 73 -179.86 67.98 -54.75
N ARG E 74 -180.78 68.45 -53.91
CA ARG E 74 -180.45 69.46 -52.91
C ARG E 74 -179.71 68.84 -51.73
N SER E 75 -178.87 69.66 -51.10
CA SER E 75 -178.16 69.28 -49.89
C SER E 75 -177.62 70.54 -49.24
N HIS E 76 -177.92 70.73 -47.96
CA HIS E 76 -177.52 71.95 -47.26
C HIS E 76 -176.09 71.89 -46.73
N TRP E 77 -175.40 70.77 -46.89
CA TRP E 77 -174.03 70.60 -46.40
C TRP E 77 -173.00 70.51 -47.49
N GLN E 78 -173.31 69.87 -48.62
CA GLN E 78 -172.34 69.63 -49.67
C GLN E 78 -172.30 70.74 -50.72
N THR E 79 -173.39 71.46 -50.93
CA THR E 79 -173.45 72.47 -51.99
C THR E 79 -172.83 73.78 -51.53
N VAL E 80 -172.70 74.70 -52.48
CA VAL E 80 -172.16 76.03 -52.22
C VAL E 80 -173.08 77.06 -52.86
N ASN E 81 -172.91 78.31 -52.45
CA ASN E 81 -173.80 79.40 -52.82
C ASN E 81 -173.16 80.21 -53.95
N ALA E 82 -173.92 80.42 -55.03
CA ALA E 82 -173.45 81.25 -56.12
C ALA E 82 -174.65 81.70 -56.94
N GLN E 83 -174.54 82.91 -57.49
CA GLN E 83 -175.61 83.57 -58.25
C GLN E 83 -176.99 83.30 -57.65
N ASN E 84 -177.08 83.48 -56.33
CA ASN E 84 -178.32 83.36 -55.58
C ASN E 84 -178.99 82.00 -55.77
N GLN E 85 -178.18 80.94 -55.75
CA GLN E 85 -178.70 79.58 -55.83
C GLN E 85 -177.61 78.59 -55.44
N MET E 86 -178.02 77.36 -55.18
CA MET E 86 -177.09 76.31 -54.78
C MET E 86 -176.50 75.64 -56.00
N ILE E 87 -175.17 75.47 -55.99
CA ILE E 87 -174.47 74.74 -57.05
C ILE E 87 -173.49 73.77 -56.42
N TYR E 88 -173.01 72.85 -57.24
CA TYR E 88 -171.97 71.91 -56.84
C TYR E 88 -170.65 72.36 -57.44
N GLU E 89 -169.72 72.76 -56.58
CA GLU E 89 -168.48 73.38 -57.04
C GLU E 89 -167.60 72.36 -57.76
N ASP E 90 -166.65 72.88 -58.54
CA ASP E 90 -165.76 72.05 -59.31
C ASP E 90 -164.80 71.29 -58.39
N GLY E 91 -164.54 70.04 -58.75
CA GLY E 91 -163.66 69.19 -57.96
C GLY E 91 -164.20 68.85 -56.58
N GLY E 92 -165.47 68.50 -56.48
CA GLY E 92 -166.06 68.13 -55.20
C GLY E 92 -167.09 67.05 -55.39
N ALA E 93 -167.38 66.36 -54.29
CA ALA E 93 -168.34 65.26 -54.31
C ALA E 93 -169.74 65.77 -54.63
N ILE E 94 -170.51 64.98 -55.35
CA ILE E 94 -171.84 65.35 -55.81
C ILE E 94 -172.80 64.19 -55.54
N ASN E 95 -174.08 64.50 -55.37
CA ASN E 95 -175.13 63.51 -55.14
C ASN E 95 -175.96 63.40 -56.41
N VAL E 96 -175.87 62.27 -57.10
CA VAL E 96 -176.57 62.07 -58.36
C VAL E 96 -177.67 61.05 -58.14
N MET E 97 -178.92 61.46 -58.36
CA MET E 97 -180.07 60.58 -58.20
C MET E 97 -180.27 59.83 -59.51
N THR E 98 -180.23 58.50 -59.45
CA THR E 98 -180.27 57.69 -60.66
C THR E 98 -181.63 57.06 -60.93
N SER E 99 -182.54 57.07 -59.95
CA SER E 99 -183.89 56.54 -60.15
C SER E 99 -184.81 57.13 -59.10
N GLY E 100 -186.07 57.34 -59.48
CA GLY E 100 -187.04 57.87 -58.54
C GLY E 100 -187.86 59.00 -59.12
N ARG E 101 -188.24 59.97 -58.29
CA ARG E 101 -188.97 61.14 -58.74
C ARG E 101 -188.26 62.39 -58.27
N VAL E 102 -188.06 63.35 -59.17
CA VAL E 102 -187.31 64.55 -58.84
C VAL E 102 -187.92 65.75 -59.53
N TRP E 103 -187.76 66.92 -58.92
CA TRP E 103 -188.19 68.19 -59.52
C TRP E 103 -187.03 68.79 -60.29
N MET E 104 -187.22 68.95 -61.60
CA MET E 104 -186.20 69.49 -62.48
C MET E 104 -186.63 70.86 -63.00
N LEU E 105 -185.64 71.65 -63.40
CA LEU E 105 -185.91 72.93 -64.04
C LEU E 105 -186.48 72.70 -65.43
N SER E 106 -187.40 73.56 -65.84
CA SER E 106 -188.07 73.42 -67.12
C SER E 106 -187.99 74.71 -67.91
N LYS E 107 -187.98 74.58 -69.24
CA LYS E 107 -187.95 75.72 -70.14
C LYS E 107 -189.18 75.79 -71.05
N SER E 108 -190.12 74.86 -70.90
CA SER E 108 -191.31 74.83 -71.72
C SER E 108 -192.36 75.79 -71.16
N THR E 109 -193.54 75.77 -71.78
CA THR E 109 -194.63 76.67 -71.40
C THR E 109 -195.97 75.99 -71.24
N GLU E 110 -196.12 74.74 -71.67
CA GLU E 110 -197.36 74.00 -71.55
C GLU E 110 -197.16 72.78 -70.66
N ALA E 111 -198.23 72.40 -69.96
CA ALA E 111 -198.17 71.24 -69.08
C ALA E 111 -197.88 69.98 -69.88
N PRO E 112 -197.06 69.08 -69.35
CA PRO E 112 -196.71 67.85 -70.08
C PRO E 112 -197.83 66.84 -69.97
N THR E 113 -197.59 65.67 -70.58
CA THR E 113 -198.56 64.58 -70.61
C THR E 113 -198.03 63.41 -69.80
N PHE E 114 -198.90 62.81 -68.99
CA PHE E 114 -198.50 61.68 -68.16
C PHE E 114 -198.08 60.51 -69.03
N GLY E 115 -196.95 59.90 -68.68
CA GLY E 115 -196.46 58.74 -69.41
C GLY E 115 -195.69 59.03 -70.67
N SER E 116 -195.37 60.29 -70.95
CA SER E 116 -194.63 60.62 -72.16
C SER E 116 -193.13 60.59 -71.89
N ALA E 117 -192.35 60.47 -72.97
CA ALA E 117 -190.91 60.49 -72.86
C ALA E 117 -190.41 61.90 -72.58
N VAL E 118 -189.21 61.99 -72.01
CA VAL E 118 -188.63 63.25 -71.56
C VAL E 118 -187.51 63.63 -72.52
N LYS E 119 -187.57 64.87 -73.03
CA LYS E 119 -186.56 65.42 -73.92
C LYS E 119 -185.88 66.60 -73.22
N LEU E 120 -184.56 66.64 -73.29
CA LEU E 120 -183.78 67.65 -72.59
C LEU E 120 -183.20 68.66 -73.58
N ASP E 121 -182.82 69.81 -73.03
CA ASP E 121 -182.17 70.87 -73.78
C ASP E 121 -180.69 70.54 -73.93
N VAL E 122 -179.90 71.51 -74.37
CA VAL E 122 -178.48 71.31 -74.60
C VAL E 122 -177.73 71.73 -73.34
N ASP E 123 -178.47 72.07 -72.29
CA ASP E 123 -177.86 72.48 -71.03
C ASP E 123 -178.35 71.67 -69.84
N GLY E 124 -179.14 70.62 -70.07
CA GLY E 124 -179.59 69.76 -68.99
C GLY E 124 -180.90 70.13 -68.35
N GLN E 125 -181.62 71.10 -68.90
CA GLN E 125 -182.91 71.52 -68.37
C GLN E 125 -184.02 71.07 -69.30
N GLU E 126 -185.15 70.68 -68.72
CA GLU E 126 -186.23 70.10 -69.50
C GLU E 126 -186.80 71.11 -70.49
N LYS E 127 -187.09 70.63 -71.69
CA LYS E 127 -187.67 71.47 -72.75
C LYS E 127 -188.53 70.58 -73.63
N SER E 128 -189.72 71.09 -73.99
CA SER E 128 -190.66 70.27 -74.75
C SER E 128 -190.10 69.86 -76.10
N ASP E 129 -189.47 70.79 -76.82
CA ASP E 129 -188.92 70.51 -78.14
C ASP E 129 -187.41 70.32 -78.12
N GLY E 130 -186.88 69.71 -77.06
CA GLY E 130 -185.46 69.42 -77.01
C GLY E 130 -185.05 68.38 -78.01
N THR E 131 -183.73 68.29 -78.24
CA THR E 131 -183.20 67.38 -79.24
C THR E 131 -182.67 66.08 -78.64
N ILE E 132 -182.20 66.09 -77.40
CA ILE E 132 -181.63 64.91 -76.77
C ILE E 132 -182.75 64.09 -76.15
N GLU E 133 -182.86 62.83 -76.56
CA GLU E 133 -183.91 61.95 -76.08
C GLU E 133 -183.37 61.08 -74.95
N THR E 134 -184.20 60.82 -73.96
CA THR E 134 -183.86 59.96 -72.83
C THR E 134 -184.92 58.88 -72.68
N THR E 135 -184.80 58.12 -71.59
CA THR E 135 -185.79 57.10 -71.23
C THR E 135 -186.57 57.48 -69.97
N TRP E 136 -186.41 58.70 -69.48
CA TRP E 136 -187.17 59.15 -68.34
C TRP E 136 -188.60 59.50 -68.76
N THR E 137 -189.47 59.70 -67.78
CA THR E 137 -190.88 59.95 -68.06
C THR E 137 -191.39 61.11 -67.22
N TYR E 138 -192.58 61.59 -67.58
CA TYR E 138 -193.24 62.62 -66.81
C TYR E 138 -194.13 61.98 -65.75
N ALA E 139 -194.29 62.67 -64.62
CA ALA E 139 -195.05 62.13 -63.50
C ALA E 139 -196.24 62.99 -63.10
N GLY E 140 -196.46 64.13 -63.75
CA GLY E 140 -197.64 64.93 -63.55
C GLY E 140 -197.42 66.24 -62.80
N GLY E 141 -196.34 66.34 -62.03
CA GLY E 141 -196.09 67.56 -61.29
C GLY E 141 -195.70 68.71 -62.22
N TRP E 142 -196.36 69.85 -62.02
CA TRP E 142 -196.12 71.03 -62.87
C TRP E 142 -196.56 72.26 -62.09
N THR E 143 -195.60 73.06 -61.64
CA THR E 143 -195.92 74.21 -60.80
C THR E 143 -194.81 75.25 -60.94
N LYS E 144 -194.91 76.30 -60.14
CA LYS E 144 -193.99 77.44 -60.18
C LYS E 144 -193.53 77.74 -58.76
N TYR E 145 -192.35 78.36 -58.67
CA TYR E 145 -191.87 78.97 -57.42
C TYR E 145 -191.21 80.30 -57.78
N LYS E 146 -191.99 81.37 -57.77
CA LYS E 146 -191.53 82.73 -58.02
C LYS E 146 -190.72 82.80 -59.33
N ASP E 147 -191.43 82.49 -60.41
CA ASP E 147 -191.00 82.62 -61.81
C ASP E 147 -189.94 81.59 -62.20
N ILE E 148 -189.66 80.59 -61.38
CA ILE E 148 -188.79 79.48 -61.75
C ILE E 148 -189.69 78.26 -61.99
N GLN E 149 -189.57 77.67 -63.17
CA GLN E 149 -190.50 76.60 -63.57
C GLN E 149 -189.94 75.23 -63.20
N LEU E 150 -190.69 74.49 -62.40
CA LEU E 150 -190.30 73.16 -61.95
C LEU E 150 -191.25 72.12 -62.52
N VAL E 151 -190.72 70.96 -62.86
CA VAL E 151 -191.49 69.87 -63.43
C VAL E 151 -191.06 68.56 -62.78
N GLU E 152 -192.02 67.70 -62.47
CA GLU E 152 -191.76 66.40 -61.86
C GLU E 152 -191.33 65.40 -62.94
N VAL E 153 -190.31 64.63 -62.64
CA VAL E 153 -189.74 63.68 -63.61
C VAL E 153 -189.47 62.36 -62.92
N GLN E 154 -189.90 61.27 -63.56
CA GLN E 154 -189.59 59.90 -63.17
C GLN E 154 -188.32 59.44 -63.85
N LEU E 155 -187.35 59.00 -63.06
CA LEU E 155 -186.05 58.53 -63.53
C LEU E 155 -185.96 57.03 -63.38
N HIS E 156 -185.59 56.35 -64.47
CA HIS E 156 -185.36 54.91 -64.48
C HIS E 156 -183.87 54.64 -64.44
N GLN E 157 -183.48 53.57 -63.75
CA GLN E 157 -182.08 53.22 -63.61
C GLN E 157 -181.49 52.89 -64.98
N LEU E 158 -180.30 53.44 -65.25
CA LEU E 158 -179.62 53.18 -66.51
C LEU E 158 -178.83 51.88 -66.43
N ALA F 28 -115.32 142.31 -45.69
CA ALA F 28 -116.25 141.96 -44.62
C ALA F 28 -116.32 140.45 -44.44
N ALA F 29 -116.39 140.02 -43.18
CA ALA F 29 -116.43 138.61 -42.83
C ALA F 29 -117.79 138.25 -42.26
N THR F 30 -118.34 137.12 -42.70
CA THR F 30 -119.65 136.63 -42.27
C THR F 30 -119.48 135.17 -41.83
N MET F 31 -119.28 134.95 -40.54
CA MET F 31 -119.06 133.63 -39.97
C MET F 31 -120.16 133.32 -38.94
N GLY F 32 -120.00 132.18 -38.27
CA GLY F 32 -120.90 131.79 -37.22
C GLY F 32 -120.31 132.03 -35.83
N ILE F 33 -121.17 131.90 -34.82
CA ILE F 33 -120.75 132.19 -33.46
C ILE F 33 -119.76 131.15 -32.96
N TRP F 34 -119.92 129.88 -33.35
CA TRP F 34 -119.06 128.80 -32.90
C TRP F 34 -117.85 128.68 -33.82
N THR F 35 -116.67 128.51 -33.24
CA THR F 35 -115.47 128.27 -34.01
C THR F 35 -115.22 126.77 -34.14
N ALA F 36 -114.30 126.42 -35.03
CA ALA F 36 -114.04 125.01 -35.33
C ALA F 36 -113.53 124.26 -34.10
N GLN F 37 -112.74 124.93 -33.27
CA GLN F 37 -112.13 124.26 -32.13
C GLN F 37 -113.13 123.99 -31.01
N GLU F 38 -114.26 124.70 -31.00
CA GLU F 38 -115.26 124.50 -29.96
C GLU F 38 -116.05 123.22 -30.14
N LEU F 39 -116.12 122.69 -31.36
CA LEU F 39 -116.82 121.44 -31.66
C LEU F 39 -115.83 120.39 -32.14
N HIS F 40 -114.68 120.31 -31.46
CA HIS F 40 -113.56 119.49 -31.90
C HIS F 40 -113.08 118.66 -30.71
N ARG F 41 -112.52 117.48 -31.01
CA ARG F 41 -112.09 116.55 -29.99
C ARG F 41 -110.67 116.06 -30.28
N ILE F 42 -109.91 115.79 -29.22
CA ILE F 42 -108.57 115.26 -29.30
C ILE F 42 -108.56 113.88 -28.66
N LYS F 43 -108.00 112.89 -29.36
CA LYS F 43 -107.91 111.55 -28.81
C LYS F 43 -106.93 111.51 -27.65
N SER F 44 -107.22 110.66 -26.67
CA SER F 44 -106.36 110.54 -25.50
C SER F 44 -105.12 109.70 -25.79
N GLN F 45 -105.16 108.88 -26.84
CA GLN F 45 -104.09 107.93 -27.13
C GLN F 45 -103.33 108.38 -28.37
N SER F 46 -102.01 108.21 -28.35
CA SER F 46 -101.14 108.61 -29.45
C SER F 46 -100.32 107.41 -29.92
N TYR F 47 -99.67 107.59 -31.06
CA TYR F 47 -98.84 106.56 -31.67
C TYR F 47 -97.41 107.06 -31.82
N GLU F 48 -96.46 106.14 -31.64
CA GLU F 48 -95.05 106.44 -31.80
C GLU F 48 -94.44 105.49 -32.82
N GLU F 49 -93.61 106.04 -33.70
CA GLU F 49 -92.95 105.21 -34.71
C GLU F 49 -92.01 104.21 -34.04
N ASP F 50 -91.90 103.03 -34.65
CA ASP F 50 -91.12 101.93 -34.09
C ASP F 50 -89.75 101.84 -34.77
N TYR F 51 -88.73 101.57 -33.98
CA TYR F 51 -87.37 101.35 -34.48
C TYR F 51 -86.76 100.21 -33.67
N PRO F 52 -86.89 98.96 -34.14
CA PRO F 52 -86.29 97.84 -33.42
C PRO F 52 -84.78 97.97 -33.38
N VAL F 53 -84.21 97.62 -32.21
CA VAL F 53 -82.76 97.73 -32.03
C VAL F 53 -82.05 96.68 -32.88
N GLY F 54 -82.49 95.44 -32.81
CA GLY F 54 -81.87 94.38 -33.58
C GLY F 54 -81.85 93.08 -32.78
N SER F 55 -80.96 92.18 -33.20
CA SER F 55 -80.84 90.88 -32.54
C SER F 55 -79.37 90.46 -32.39
N ALA F 56 -78.42 91.36 -32.64
CA ALA F 56 -77.02 90.98 -32.62
C ALA F 56 -76.56 90.54 -31.24
N LEU F 57 -77.03 91.21 -30.19
CA LEU F 57 -76.63 90.88 -28.83
C LEU F 57 -77.31 89.64 -28.29
N ARG F 58 -78.30 89.09 -28.99
CA ARG F 58 -79.01 87.91 -28.53
C ARG F 58 -78.80 86.69 -29.41
N VAL F 59 -78.29 86.85 -30.62
CA VAL F 59 -78.00 85.70 -31.46
C VAL F 59 -76.56 85.25 -31.21
N PHE F 60 -75.78 86.10 -30.54
CA PHE F 60 -74.40 85.77 -30.22
C PHE F 60 -74.16 85.92 -28.72
N PRO F 61 -73.20 85.17 -28.17
CA PRO F 61 -72.91 85.27 -26.74
C PRO F 61 -72.31 86.62 -26.38
N VAL F 62 -72.52 87.02 -25.13
CA VAL F 62 -71.96 88.24 -24.57
C VAL F 62 -71.22 87.89 -23.29
N THR F 63 -70.01 88.42 -23.14
CA THR F 63 -69.15 88.12 -21.99
C THR F 63 -68.71 89.40 -21.32
N THR F 64 -68.07 89.26 -20.16
CA THR F 64 -67.67 90.40 -19.35
C THR F 64 -66.26 90.18 -18.78
N GLU F 65 -65.41 89.45 -19.49
CA GLU F 65 -64.04 89.21 -19.06
C GLU F 65 -63.10 90.21 -19.73
N LEU F 66 -63.31 91.48 -19.40
CA LEU F 66 -62.51 92.55 -20.00
C LEU F 66 -62.64 93.80 -19.14
N SER F 67 -61.53 94.28 -18.60
CA SER F 67 -61.53 95.47 -17.77
C SER F 67 -61.88 96.69 -18.62
N PRO F 68 -62.60 97.67 -18.05
CA PRO F 68 -63.00 98.85 -18.84
C PRO F 68 -61.84 99.67 -19.36
N THR F 69 -60.69 99.65 -18.68
CA THR F 69 -59.56 100.48 -19.07
C THR F 69 -58.61 99.78 -20.04
N ASP F 70 -58.81 98.50 -20.32
CA ASP F 70 -57.97 97.80 -21.27
C ASP F 70 -58.25 98.30 -22.69
N LYS F 71 -57.24 98.18 -23.56
CA LYS F 71 -57.39 98.56 -24.96
C LYS F 71 -57.29 97.38 -25.92
N THR F 72 -56.56 96.33 -25.54
CA THR F 72 -56.35 95.19 -26.41
C THR F 72 -56.45 93.91 -25.58
N PHE F 73 -56.47 92.78 -26.28
CA PHE F 73 -56.46 91.48 -25.63
C PHE F 73 -55.76 90.48 -26.53
N GLU F 74 -55.50 89.29 -26.00
CA GLU F 74 -54.72 88.29 -26.72
C GLU F 74 -55.12 86.89 -26.25
N TYR F 75 -55.11 85.95 -27.20
CA TYR F 75 -55.32 84.54 -26.91
C TYR F 75 -54.28 83.73 -27.68
N MET F 76 -54.10 82.48 -27.25
CA MET F 76 -53.01 81.65 -27.76
C MET F 76 -53.54 80.31 -28.24
N THR F 77 -52.85 79.74 -29.22
CA THR F 77 -53.16 78.43 -29.77
C THR F 77 -51.91 77.57 -29.78
N PHE F 78 -52.09 76.26 -29.78
CA PHE F 78 -50.98 75.32 -29.77
C PHE F 78 -51.23 74.20 -30.77
N ASP F 79 -50.12 73.57 -31.18
CA ASP F 79 -50.15 72.51 -32.17
C ASP F 79 -48.90 71.65 -31.97
N LYS F 80 -48.91 70.46 -32.59
CA LYS F 80 -47.79 69.54 -32.41
C LYS F 80 -47.58 68.74 -33.68
N VAL F 81 -46.39 68.16 -33.80
CA VAL F 81 -46.01 67.32 -34.94
C VAL F 81 -45.32 66.07 -34.41
N GLY F 82 -45.09 65.13 -35.30
CA GLY F 82 -44.37 63.92 -34.95
C GLY F 82 -44.81 62.74 -35.78
N THR F 83 -44.11 61.62 -35.59
CA THR F 83 -44.40 60.39 -36.31
C THR F 83 -43.75 59.23 -35.56
N ALA F 84 -44.06 58.01 -36.02
CA ALA F 84 -43.49 56.80 -35.46
C ALA F 84 -43.06 55.89 -36.60
N GLN F 85 -42.16 54.95 -36.30
CA GLN F 85 -41.60 54.09 -37.33
C GLN F 85 -41.42 52.68 -36.79
N ILE F 86 -41.38 51.73 -37.71
CA ILE F 86 -41.13 50.33 -37.40
C ILE F 86 -39.62 50.10 -37.38
N ILE F 87 -39.12 49.54 -36.28
CA ILE F 87 -37.68 49.43 -36.06
C ILE F 87 -37.34 48.01 -35.61
N ALA F 88 -36.05 47.69 -35.73
CA ALA F 88 -35.49 46.44 -35.24
C ALA F 88 -34.95 46.66 -33.82
N ASP F 89 -34.19 45.71 -33.31
CA ASP F 89 -33.72 45.77 -31.92
C ASP F 89 -32.49 46.64 -31.74
N TYR F 90 -31.46 46.48 -32.59
CA TYR F 90 -30.26 47.31 -32.50
C TYR F 90 -30.41 48.48 -33.47
N THR F 91 -31.11 49.52 -33.01
CA THR F 91 -31.39 50.70 -33.82
C THR F 91 -30.96 51.95 -33.08
N ASP F 92 -30.59 52.98 -33.83
CA ASP F 92 -30.10 54.24 -33.29
C ASP F 92 -30.73 55.46 -33.96
N ASP F 93 -31.80 55.27 -34.75
CA ASP F 93 -32.36 56.32 -35.58
C ASP F 93 -33.85 56.49 -35.28
N LEU F 94 -34.17 56.59 -34.00
CA LEU F 94 -35.54 56.88 -33.60
C LEU F 94 -35.94 58.29 -34.06
N PRO F 95 -37.15 58.46 -34.59
CA PRO F 95 -37.60 59.79 -35.00
C PRO F 95 -37.92 60.65 -33.79
N LEU F 96 -38.25 61.92 -34.07
CA LEU F 96 -38.44 62.92 -33.02
C LEU F 96 -39.78 63.63 -33.19
N VAL F 97 -40.11 64.49 -32.22
CA VAL F 97 -41.36 65.24 -32.22
C VAL F 97 -41.05 66.68 -31.85
N ASP F 98 -42.08 67.51 -31.78
CA ASP F 98 -41.89 68.92 -31.44
C ASP F 98 -43.23 69.53 -31.00
N ALA F 99 -43.22 70.84 -30.81
CA ALA F 99 -44.40 71.60 -30.39
C ALA F 99 -44.46 72.93 -31.14
N LEU F 100 -45.54 73.66 -30.94
CA LEU F 100 -45.81 74.89 -31.69
C LEU F 100 -46.51 75.90 -30.79
N GLY F 101 -46.88 77.04 -31.37
CA GLY F 101 -47.58 78.08 -30.64
C GLY F 101 -47.82 79.28 -31.54
N THR F 102 -48.94 79.96 -31.28
CA THR F 102 -49.33 81.13 -32.07
C THR F 102 -50.31 81.96 -31.24
N SER F 103 -50.38 83.25 -31.54
CA SER F 103 -51.25 84.18 -30.81
C SER F 103 -51.93 85.13 -31.77
N GLU F 104 -52.91 85.88 -31.24
CA GLU F 104 -53.65 86.88 -31.99
C GLU F 104 -54.10 87.98 -31.05
N PHE F 105 -54.71 89.03 -31.61
CA PHE F 105 -55.04 90.24 -30.86
C PHE F 105 -56.41 90.77 -31.26
N GLY F 106 -56.84 91.82 -30.55
CA GLY F 106 -58.10 92.48 -30.77
C GLY F 106 -58.06 93.92 -30.28
N LYS F 107 -59.17 94.63 -30.45
CA LYS F 107 -59.21 96.06 -30.12
C LYS F 107 -60.58 96.41 -29.57
N VAL F 108 -60.63 97.55 -28.86
CA VAL F 108 -61.86 98.07 -28.25
C VAL F 108 -62.04 99.52 -28.68
N PHE F 109 -63.27 99.90 -29.01
CA PHE F 109 -63.59 101.22 -29.56
C PHE F 109 -64.62 101.91 -28.68
N ARG F 110 -64.73 103.23 -28.87
CA ARG F 110 -65.57 104.11 -28.07
C ARG F 110 -66.56 104.84 -28.96
N LEU F 111 -67.75 105.13 -28.42
CA LEU F 111 -68.84 105.75 -29.17
C LEU F 111 -69.34 106.96 -28.41
N GLY F 112 -69.87 107.95 -29.14
CA GLY F 112 -70.36 109.15 -28.49
C GLY F 112 -71.22 110.00 -29.40
N ASN F 113 -72.12 110.76 -28.78
CA ASN F 113 -72.93 111.78 -29.45
C ASN F 113 -73.39 112.79 -28.41
N ALA F 114 -74.34 113.65 -28.77
CA ALA F 114 -74.77 114.71 -27.86
C ALA F 114 -76.12 115.26 -28.32
N TYR F 115 -76.63 116.23 -27.55
CA TYR F 115 -77.84 116.94 -27.94
C TYR F 115 -77.92 118.29 -27.24
N LEU F 116 -78.84 119.13 -27.71
CA LEU F 116 -79.01 120.50 -27.25
C LEU F 116 -80.46 120.76 -26.86
N ILE F 117 -80.65 121.74 -25.98
CA ILE F 117 -81.98 122.19 -25.57
C ILE F 117 -81.83 123.53 -24.89
N SER F 118 -82.91 124.32 -24.90
CA SER F 118 -82.86 125.67 -24.34
C SER F 118 -83.92 125.87 -23.28
N ILE F 119 -83.81 127.01 -22.58
CA ILE F 119 -84.65 127.29 -21.42
C ILE F 119 -86.11 127.46 -21.81
N ASP F 120 -86.38 128.17 -22.90
CA ASP F 120 -87.75 128.35 -23.35
C ASP F 120 -88.39 127.02 -23.71
N GLU F 121 -87.63 126.15 -24.39
CA GLU F 121 -88.14 124.82 -24.70
C GLU F 121 -88.41 124.01 -23.43
N ILE F 122 -87.54 124.13 -22.43
CA ILE F 122 -87.75 123.43 -21.16
C ILE F 122 -89.04 123.90 -20.51
N LYS F 123 -89.25 125.22 -20.44
CA LYS F 123 -90.46 125.75 -19.83
C LYS F 123 -91.70 125.32 -20.59
N ALA F 124 -91.65 125.35 -21.93
CA ALA F 124 -92.80 124.93 -22.72
C ALA F 124 -93.12 123.46 -22.50
N GLY F 125 -92.09 122.61 -22.47
CA GLY F 125 -92.32 121.21 -22.21
C GLY F 125 -92.92 120.96 -20.84
N GLN F 126 -92.43 121.66 -19.83
CA GLN F 126 -92.99 121.53 -18.49
C GLN F 126 -94.45 121.96 -18.47
N ALA F 127 -94.77 123.08 -19.13
CA ALA F 127 -96.13 123.61 -19.10
C ALA F 127 -97.10 122.68 -19.83
N THR F 128 -96.74 122.23 -21.03
CA THR F 128 -97.66 121.43 -21.82
C THR F 128 -97.61 119.94 -21.49
N GLY F 129 -96.68 119.49 -20.65
CA GLY F 129 -96.67 118.11 -20.23
C GLY F 129 -96.03 117.14 -21.20
N ARG F 130 -95.37 117.63 -22.24
CA ARG F 130 -94.70 116.78 -23.24
C ARG F 130 -93.25 117.22 -23.34
N PRO F 131 -92.38 116.74 -22.45
CA PRO F 131 -90.97 117.18 -22.48
C PRO F 131 -90.26 116.70 -23.74
N LEU F 132 -89.24 117.46 -24.14
CA LEU F 132 -88.45 117.15 -25.32
C LEU F 132 -87.11 116.51 -24.98
N SER F 133 -86.55 116.82 -23.81
CA SER F 133 -85.26 116.26 -23.43
C SER F 133 -85.33 114.75 -23.27
N THR F 134 -86.45 114.24 -22.76
CA THR F 134 -86.62 112.79 -22.63
C THR F 134 -86.59 112.12 -24.01
N ARG F 135 -87.29 112.70 -24.98
CA ARG F 135 -87.29 112.13 -26.32
C ARG F 135 -85.89 112.20 -26.94
N LYS F 136 -85.17 113.29 -26.72
CA LYS F 136 -83.83 113.41 -27.27
C LYS F 136 -82.87 112.40 -26.64
N ALA F 137 -82.98 112.19 -25.33
CA ALA F 137 -82.15 111.18 -24.67
C ALA F 137 -82.48 109.78 -25.19
N SER F 138 -83.76 109.49 -25.39
CA SER F 138 -84.14 108.20 -25.98
C SER F 138 -83.55 108.05 -27.37
N ALA F 139 -83.56 109.11 -28.16
CA ALA F 139 -82.97 109.07 -29.49
C ALA F 139 -81.48 108.77 -29.41
N CYS F 140 -80.78 109.39 -28.46
CA CYS F 140 -79.35 109.12 -28.31
C CYS F 140 -79.09 107.66 -27.94
N GLN F 141 -79.86 107.12 -27.00
CA GLN F 141 -79.69 105.72 -26.60
C GLN F 141 -79.94 104.78 -27.77
N LEU F 142 -81.02 105.04 -28.53
CA LEU F 142 -81.34 104.19 -29.67
C LEU F 142 -80.26 104.30 -30.74
N ALA F 143 -79.71 105.49 -30.95
CA ALA F 143 -78.64 105.65 -31.94
C ALA F 143 -77.41 104.86 -31.55
N HIS F 144 -77.06 104.87 -30.26
CA HIS F 144 -75.92 104.07 -29.81
C HIS F 144 -76.16 102.58 -30.03
N ASP F 145 -77.35 102.09 -29.67
CA ASP F 145 -77.64 100.67 -29.86
C ASP F 145 -77.61 100.29 -31.34
N GLN F 146 -78.19 101.13 -32.19
CA GLN F 146 -78.20 100.85 -33.63
C GLN F 146 -76.79 100.85 -34.20
N LEU F 147 -75.93 101.77 -33.74
CA LEU F 147 -74.56 101.78 -34.23
C LEU F 147 -73.81 100.53 -33.80
N VAL F 148 -74.08 100.05 -32.58
CA VAL F 148 -73.47 98.79 -32.13
C VAL F 148 -73.88 97.64 -33.05
N ASN F 149 -75.18 97.55 -33.34
CA ASN F 149 -75.66 96.48 -34.22
C ASN F 149 -75.05 96.61 -35.62
N ARG F 150 -74.94 97.84 -36.12
CA ARG F 150 -74.37 98.06 -37.45
C ARG F 150 -72.90 97.65 -37.48
N LEU F 151 -72.14 97.97 -36.44
CA LEU F 151 -70.76 97.50 -36.36
C LEU F 151 -70.70 95.98 -36.36
N VAL F 152 -71.62 95.33 -35.65
CA VAL F 152 -71.61 93.88 -35.58
C VAL F 152 -71.85 93.27 -36.96
N PHE F 153 -72.86 93.77 -37.68
CA PHE F 153 -73.35 93.08 -38.87
C PHE F 153 -72.89 93.69 -40.18
N LYS F 154 -72.14 94.79 -40.17
CA LYS F 154 -71.64 95.38 -41.41
C LYS F 154 -70.17 95.75 -41.39
N GLY F 155 -69.55 95.93 -40.23
CA GLY F 155 -68.14 96.22 -40.17
C GLY F 155 -67.83 97.68 -40.49
N SER F 156 -66.53 97.96 -40.59
CA SER F 156 -66.05 99.30 -40.91
C SER F 156 -64.66 99.15 -41.52
N ALA F 157 -64.55 99.38 -42.82
CA ALA F 157 -63.27 99.20 -43.50
C ALA F 157 -62.16 100.11 -42.98
N PRO F 158 -62.36 101.42 -42.83
CA PRO F 158 -61.25 102.26 -42.33
C PRO F 158 -60.79 101.88 -40.94
N HIS F 159 -61.70 101.44 -40.07
CA HIS F 159 -61.34 101.05 -38.71
C HIS F 159 -60.87 99.60 -38.62
N LYS F 160 -60.78 98.90 -39.76
CA LYS F 160 -60.37 97.50 -39.80
C LYS F 160 -61.27 96.62 -38.95
N ILE F 161 -62.57 96.92 -38.96
CA ILE F 161 -63.57 96.07 -38.31
C ILE F 161 -64.21 95.22 -39.39
N VAL F 162 -64.13 93.91 -39.25
CA VAL F 162 -64.58 92.97 -40.27
C VAL F 162 -65.93 92.40 -39.86
N SER F 163 -66.87 92.39 -40.79
CA SER F 163 -68.18 91.83 -40.55
C SER F 163 -68.12 90.30 -40.57
N VAL F 164 -69.20 89.68 -40.09
CA VAL F 164 -69.24 88.21 -40.06
C VAL F 164 -69.30 87.64 -41.46
N PHE F 165 -69.97 88.31 -42.39
CA PHE F 165 -70.10 87.79 -43.75
C PHE F 165 -68.83 88.00 -44.57
N ASN F 166 -67.94 88.89 -44.15
CA ASN F 166 -66.72 89.19 -44.89
C ASN F 166 -65.49 88.50 -44.33
N HIS F 167 -65.66 87.64 -43.32
CA HIS F 167 -64.51 86.93 -42.77
C HIS F 167 -63.98 85.94 -43.82
N PRO F 168 -62.67 85.82 -43.97
CA PRO F 168 -62.10 84.93 -44.99
C PRO F 168 -61.85 83.50 -44.53
N ASN F 169 -62.20 83.13 -43.29
CA ASN F 169 -61.90 81.81 -42.76
C ASN F 169 -63.15 81.08 -42.30
N ILE F 170 -64.30 81.41 -42.88
CA ILE F 170 -65.55 80.71 -42.59
C ILE F 170 -65.96 79.96 -43.85
N THR F 171 -66.74 78.89 -43.66
CA THR F 171 -67.14 78.07 -44.80
C THR F 171 -68.24 78.78 -45.58
N LYS F 172 -68.13 78.78 -46.90
CA LYS F 172 -69.11 79.44 -47.77
C LYS F 172 -69.59 78.45 -48.82
N ILE F 173 -70.91 78.41 -49.03
CA ILE F 173 -71.52 77.50 -49.98
C ILE F 173 -72.43 78.29 -50.91
N THR F 174 -72.17 78.22 -52.20
CA THR F 174 -73.05 78.81 -53.20
C THR F 174 -74.19 77.84 -53.51
N SER F 175 -75.41 78.35 -53.46
CA SER F 175 -76.59 77.51 -53.61
C SER F 175 -77.53 78.10 -54.65
N GLY F 176 -78.24 77.21 -55.35
CA GLY F 176 -79.30 77.66 -56.22
C GLY F 176 -80.46 78.24 -55.44
N LYS F 177 -81.29 79.00 -56.16
CA LYS F 177 -82.41 79.67 -55.51
C LYS F 177 -83.41 78.67 -54.94
N TRP F 178 -83.84 78.91 -53.70
CA TRP F 178 -84.94 78.14 -53.14
C TRP F 178 -86.28 78.56 -53.72
N ILE F 179 -86.40 79.81 -54.15
CA ILE F 179 -87.60 80.32 -54.79
C ILE F 179 -87.19 80.84 -56.17
N ASP F 180 -87.70 80.20 -57.23
CA ASP F 180 -87.38 80.59 -58.59
C ASP F 180 -88.68 80.73 -59.37
N ALA F 181 -88.86 81.88 -60.03
CA ALA F 181 -90.04 82.15 -60.84
C ALA F 181 -91.32 81.91 -60.05
N SER F 182 -91.32 82.35 -58.78
CA SER F 182 -92.43 82.14 -57.85
C SER F 182 -92.76 80.66 -57.65
N THR F 183 -91.76 79.79 -57.79
CA THR F 183 -91.90 78.37 -57.49
C THR F 183 -90.96 78.02 -56.35
N MET F 184 -91.34 77.01 -55.58
CA MET F 184 -90.62 76.66 -54.36
C MET F 184 -89.90 75.33 -54.51
N LYS F 185 -88.76 75.21 -53.81
CA LYS F 185 -87.92 74.01 -53.87
C LYS F 185 -87.59 73.56 -52.44
N PRO F 186 -88.58 73.04 -51.71
CA PRO F 186 -88.28 72.53 -50.36
C PRO F 186 -87.29 71.40 -50.35
N GLU F 187 -87.27 70.56 -51.39
CA GLU F 187 -86.26 69.51 -51.48
C GLU F 187 -84.86 70.11 -51.54
N THR F 188 -84.69 71.16 -52.35
CA THR F 188 -83.40 71.84 -52.42
C THR F 188 -83.03 72.46 -51.09
N ALA F 189 -83.99 73.09 -50.42
CA ALA F 189 -83.71 73.69 -49.12
C ALA F 189 -83.24 72.64 -48.12
N GLU F 190 -83.93 71.50 -48.07
CA GLU F 190 -83.55 70.42 -47.17
C GLU F 190 -82.15 69.90 -47.50
N ALA F 191 -81.86 69.73 -48.79
CA ALA F 191 -80.56 69.23 -49.20
C ALA F 191 -79.45 70.18 -48.76
N GLU F 192 -79.65 71.48 -48.96
CA GLU F 192 -78.61 72.44 -48.60
C GLU F 192 -78.42 72.52 -47.09
N LEU F 193 -79.51 72.45 -46.32
CA LEU F 193 -79.37 72.46 -44.86
C LEU F 193 -78.60 71.22 -44.39
N THR F 194 -78.94 70.05 -44.92
CA THR F 194 -78.22 68.84 -44.54
C THR F 194 -76.75 68.91 -44.93
N GLN F 195 -76.46 69.46 -46.12
CA GLN F 195 -75.08 69.60 -46.55
C GLN F 195 -74.30 70.54 -45.63
N ALA F 196 -74.94 71.64 -45.21
CA ALA F 196 -74.27 72.57 -44.31
C ALA F 196 -73.96 71.92 -42.97
N ILE F 197 -74.92 71.18 -42.41
CA ILE F 197 -74.68 70.52 -41.12
C ILE F 197 -73.58 69.47 -41.27
N GLU F 198 -73.60 68.71 -42.36
CA GLU F 198 -72.55 67.72 -42.58
C GLU F 198 -71.18 68.36 -42.72
N THR F 199 -71.11 69.51 -43.41
CA THR F 199 -69.84 70.22 -43.54
C THR F 199 -69.33 70.69 -42.19
N ILE F 200 -70.23 71.22 -41.35
CA ILE F 200 -69.82 71.64 -40.02
C ILE F 200 -69.26 70.47 -39.23
N GLU F 201 -69.93 69.32 -39.29
CA GLU F 201 -69.45 68.15 -38.55
C GLU F 201 -68.10 67.67 -39.09
N THR F 202 -67.94 67.64 -40.41
CA THR F 202 -66.74 67.07 -41.01
C THR F 202 -65.53 67.97 -40.82
N ILE F 203 -65.68 69.27 -41.09
CA ILE F 203 -64.51 70.15 -41.17
C ILE F 203 -63.80 70.25 -39.82
N THR F 204 -64.52 70.11 -38.71
CA THR F 204 -63.90 70.08 -37.40
C THR F 204 -63.59 68.67 -36.94
N ARG F 205 -63.92 67.66 -37.73
CA ARG F 205 -63.63 66.26 -37.43
C ARG F 205 -64.25 65.84 -36.09
N GLY F 206 -65.53 66.16 -35.92
CA GLY F 206 -66.29 65.69 -34.78
C GLY F 206 -66.09 66.45 -33.49
N GLN F 207 -65.26 67.49 -33.49
CA GLN F 207 -65.03 68.23 -32.26
C GLN F 207 -66.25 69.07 -31.89
N HIS F 208 -66.83 69.78 -32.86
CA HIS F 208 -68.00 70.61 -32.64
C HIS F 208 -69.10 70.22 -33.62
N ARG F 209 -70.35 70.47 -33.22
CA ARG F 209 -71.50 70.12 -34.04
C ARG F 209 -72.41 71.34 -34.15
N ALA F 210 -73.14 71.43 -35.26
CA ALA F 210 -74.04 72.55 -35.49
C ALA F 210 -75.17 72.56 -34.47
N THR F 211 -75.53 73.74 -34.03
CA THR F 211 -76.58 73.90 -33.03
C THR F 211 -77.68 74.87 -33.44
N ASN F 212 -77.32 75.97 -34.13
CA ASN F 212 -78.28 77.01 -34.45
C ASN F 212 -78.25 77.34 -35.94
N ILE F 213 -79.43 77.65 -36.47
CA ILE F 213 -79.61 78.07 -37.85
C ILE F 213 -80.39 79.38 -37.87
N LEU F 214 -79.92 80.32 -38.68
CA LEU F 214 -80.59 81.60 -38.90
C LEU F 214 -80.89 81.75 -40.39
N ILE F 215 -82.15 82.01 -40.70
CA ILE F 215 -82.61 82.04 -42.09
C ILE F 215 -83.31 83.37 -42.33
N PRO F 216 -83.41 83.79 -43.60
CA PRO F 216 -84.15 85.02 -43.91
C PRO F 216 -85.59 84.90 -43.48
N PRO F 217 -86.21 86.00 -43.02
CA PRO F 217 -87.60 85.92 -42.56
C PRO F 217 -88.61 85.69 -43.67
N SER F 218 -88.25 85.91 -44.92
CA SER F 218 -89.16 85.71 -46.04
C SER F 218 -89.11 84.29 -46.60
N MET F 219 -88.22 83.45 -46.10
CA MET F 219 -88.12 82.06 -46.53
C MET F 219 -88.76 81.11 -45.52
N ARG F 220 -89.50 81.63 -44.54
CA ARG F 220 -90.20 80.77 -43.60
C ARG F 220 -91.27 79.92 -44.27
N LYS F 221 -91.93 80.46 -45.30
CA LYS F 221 -93.01 79.74 -45.97
C LYS F 221 -92.50 78.56 -46.78
N VAL F 222 -91.21 78.55 -47.13
CA VAL F 222 -90.66 77.43 -47.89
C VAL F 222 -90.68 76.16 -47.05
N LEU F 223 -90.45 76.29 -45.75
CA LEU F 223 -90.39 75.13 -44.86
C LEU F 223 -91.75 74.78 -44.26
N ALA F 224 -92.80 75.50 -44.61
CA ALA F 224 -94.15 75.19 -44.15
C ALA F 224 -94.94 74.34 -45.15
N ILE F 225 -94.30 73.92 -46.24
CA ILE F 225 -94.98 73.12 -47.25
C ILE F 225 -95.22 71.72 -46.73
N ARG F 226 -96.46 71.24 -46.89
CA ARG F 226 -96.78 69.87 -46.51
C ARG F 226 -96.21 68.89 -47.52
N MET F 227 -95.52 67.87 -47.04
CA MET F 227 -95.02 66.83 -47.93
C MET F 227 -96.20 66.02 -48.48
N PRO F 228 -96.11 65.58 -49.73
CA PRO F 228 -97.24 64.88 -50.34
C PRO F 228 -97.60 63.60 -49.59
N GLU F 229 -98.92 63.33 -49.54
CA GLU F 229 -99.48 62.19 -48.82
C GLU F 229 -98.98 62.09 -47.38
N THR F 230 -98.84 63.23 -46.70
CA THR F 230 -98.43 63.23 -45.30
C THR F 230 -99.29 64.25 -44.54
N THR F 231 -99.18 64.22 -43.21
CA THR F 231 -99.88 65.15 -42.34
C THR F 231 -98.89 65.98 -41.52
N MET F 232 -97.67 66.13 -42.01
CA MET F 232 -96.65 66.93 -41.34
C MET F 232 -95.75 67.58 -42.38
N SER F 233 -95.02 68.60 -41.96
CA SER F 233 -94.31 69.47 -42.88
C SER F 233 -92.81 69.13 -42.91
N TYR F 234 -92.12 69.76 -43.87
CA TYR F 234 -90.69 69.54 -44.02
C TYR F 234 -89.93 69.97 -42.78
N LEU F 235 -90.34 71.07 -42.15
CA LEU F 235 -89.67 71.51 -40.93
C LEU F 235 -89.82 70.48 -39.82
N ASP F 236 -91.02 69.91 -39.67
CA ASP F 236 -91.23 68.89 -38.65
C ASP F 236 -90.39 67.65 -38.93
N TYR F 237 -90.32 67.22 -40.18
CA TYR F 237 -89.49 66.06 -40.51
C TYR F 237 -88.02 66.34 -40.24
N PHE F 238 -87.55 67.53 -40.62
CA PHE F 238 -86.15 67.88 -40.41
C PHE F 238 -85.81 67.92 -38.93
N LYS F 239 -86.69 68.51 -38.13
CA LYS F 239 -86.45 68.55 -36.69
C LYS F 239 -86.50 67.16 -36.07
N SER F 240 -87.39 66.29 -36.55
CA SER F 240 -87.44 64.93 -36.05
C SER F 240 -86.15 64.18 -36.35
N GLN F 241 -85.62 64.34 -37.57
CA GLN F 241 -84.38 63.65 -37.93
C GLN F 241 -83.14 64.29 -37.34
N ASN F 242 -83.19 65.56 -36.94
CA ASN F 242 -82.05 66.27 -36.36
C ASN F 242 -82.45 66.91 -35.04
N SER F 243 -83.08 66.12 -34.17
CA SER F 243 -83.48 66.59 -32.85
C SER F 243 -82.28 67.18 -32.10
N GLY F 244 -82.50 68.33 -31.48
CA GLY F 244 -81.45 69.07 -30.80
C GLY F 244 -80.95 70.30 -31.53
N ILE F 245 -81.79 70.93 -32.34
CA ILE F 245 -81.39 72.05 -33.19
C ILE F 245 -82.44 73.14 -33.06
N GLU F 246 -82.06 74.39 -33.32
CA GLU F 246 -82.97 75.52 -33.31
C GLU F 246 -82.85 76.31 -34.61
N ILE F 247 -84.00 76.77 -35.11
CA ILE F 247 -84.06 77.52 -36.35
C ILE F 247 -84.81 78.83 -36.09
N ASP F 248 -84.15 79.95 -36.36
CA ASP F 248 -84.75 81.26 -36.17
C ASP F 248 -84.60 82.08 -37.45
N SER F 249 -85.25 83.24 -37.48
CA SER F 249 -85.21 84.14 -38.60
C SER F 249 -84.73 85.52 -38.17
N ILE F 250 -83.85 86.11 -38.97
CA ILE F 250 -83.29 87.44 -38.72
C ILE F 250 -83.48 88.28 -39.96
N ALA F 251 -84.03 89.49 -39.79
CA ALA F 251 -84.33 90.32 -40.95
C ALA F 251 -83.07 90.86 -41.60
N GLU F 252 -81.96 90.95 -40.85
CA GLU F 252 -80.72 91.45 -41.41
C GLU F 252 -80.14 90.55 -42.49
N LEU F 253 -80.63 89.32 -42.61
CA LEU F 253 -80.18 88.41 -43.65
C LEU F 253 -80.84 88.65 -45.00
N GLU F 254 -81.78 89.59 -45.08
CA GLU F 254 -82.42 89.92 -46.35
C GLU F 254 -81.45 90.49 -47.37
N ASP F 255 -80.33 91.05 -46.93
CA ASP F 255 -79.29 91.55 -47.84
C ASP F 255 -77.96 91.52 -47.12
N ILE F 256 -76.94 90.98 -47.78
CA ILE F 256 -75.61 90.84 -47.16
C ILE F 256 -74.53 91.61 -47.90
N ASP F 257 -74.78 92.06 -49.13
CA ASP F 257 -73.78 92.78 -49.90
C ASP F 257 -74.27 94.15 -50.36
N GLY F 258 -75.50 94.54 -50.03
CA GLY F 258 -76.05 95.79 -50.48
C GLY F 258 -76.66 95.77 -51.86
N ALA F 259 -76.68 94.61 -52.53
CA ALA F 259 -77.29 94.49 -53.84
C ALA F 259 -78.62 93.76 -53.82
N GLY F 260 -78.88 92.92 -52.82
CA GLY F 260 -80.17 92.30 -52.66
C GLY F 260 -80.21 90.77 -52.66
N THR F 261 -79.12 90.09 -52.32
CA THR F 261 -79.17 88.64 -52.19
C THR F 261 -79.23 88.24 -50.72
N LYS F 262 -79.75 87.04 -50.49
CA LYS F 262 -80.02 86.54 -49.15
C LYS F 262 -78.93 85.57 -48.71
N GLY F 263 -79.08 85.07 -47.48
CA GLY F 263 -78.11 84.14 -46.95
C GLY F 263 -78.64 83.41 -45.74
N VAL F 264 -78.01 82.28 -45.45
CA VAL F 264 -78.37 81.42 -44.33
C VAL F 264 -77.12 81.15 -43.51
N LEU F 265 -77.24 81.24 -42.19
CA LEU F 265 -76.12 81.02 -41.28
C LEU F 265 -76.35 79.76 -40.48
N VAL F 266 -75.37 78.86 -40.46
CA VAL F 266 -75.38 77.70 -39.58
C VAL F 266 -74.14 77.75 -38.72
N TYR F 267 -74.32 77.68 -37.41
CA TYR F 267 -73.22 77.88 -36.49
C TYR F 267 -73.54 77.18 -35.17
N GLU F 268 -72.52 77.04 -34.33
CA GLU F 268 -72.68 76.50 -32.98
C GLU F 268 -72.60 77.66 -31.99
N LYS F 269 -73.67 77.88 -31.23
CA LYS F 269 -73.73 79.01 -30.31
C LYS F 269 -73.11 78.59 -28.99
N ASN F 270 -71.81 78.85 -28.85
CA ASN F 270 -71.09 78.63 -27.61
C ASN F 270 -70.26 79.87 -27.31
N PRO F 271 -70.14 80.24 -26.04
CA PRO F 271 -69.39 81.46 -25.70
C PRO F 271 -67.93 81.43 -26.14
N MET F 272 -67.39 80.26 -26.50
CA MET F 272 -65.96 80.16 -26.79
C MET F 272 -65.63 80.37 -28.25
N ASN F 273 -66.62 80.33 -29.15
CA ASN F 273 -66.38 80.50 -30.58
C ASN F 273 -66.53 81.94 -31.05
N MET F 274 -67.62 82.62 -30.66
CA MET F 274 -67.79 84.02 -31.00
C MET F 274 -68.23 84.77 -29.75
N SER F 275 -67.87 86.04 -29.68
CA SER F 275 -68.14 86.80 -28.48
C SER F 275 -68.25 88.29 -28.79
N ILE F 276 -68.90 89.01 -27.89
CA ILE F 276 -69.07 90.45 -27.94
C ILE F 276 -68.80 91.03 -26.56
N GLU F 277 -68.09 92.14 -26.50
CA GLU F 277 -67.73 92.79 -25.24
C GLU F 277 -68.22 94.23 -25.23
N ILE F 278 -68.83 94.62 -24.11
CA ILE F 278 -69.33 95.97 -23.89
C ILE F 278 -68.77 96.47 -22.56
N PRO F 279 -67.52 96.93 -22.51
CA PRO F 279 -66.93 97.32 -21.22
C PRO F 279 -67.68 98.42 -20.49
N GLU F 280 -68.23 99.39 -21.23
CA GLU F 280 -68.92 100.53 -20.62
C GLU F 280 -70.27 100.72 -21.28
N ALA F 281 -71.26 101.11 -20.48
CA ALA F 281 -72.61 101.31 -20.95
C ALA F 281 -72.94 102.80 -21.07
N PHE F 282 -74.15 103.08 -21.53
CA PHE F 282 -74.60 104.45 -21.71
C PHE F 282 -74.56 105.21 -20.40
N ASN F 283 -74.09 106.46 -20.44
CA ASN F 283 -73.74 107.17 -19.22
C ASN F 283 -74.43 108.51 -19.01
N MET F 284 -74.64 109.32 -20.05
CA MET F 284 -75.34 110.61 -19.94
C MET F 284 -74.62 111.55 -18.97
N LEU F 285 -73.44 111.98 -19.39
CA LEU F 285 -72.62 112.95 -18.67
C LEU F 285 -73.39 114.20 -18.27
N PRO F 286 -72.94 114.95 -17.26
CA PRO F 286 -73.66 116.15 -16.84
C PRO F 286 -73.68 117.22 -17.92
N ALA F 287 -74.68 118.09 -17.83
CA ALA F 287 -74.93 119.11 -18.83
C ALA F 287 -73.97 120.27 -18.68
N GLN F 288 -73.59 120.87 -19.81
CA GLN F 288 -72.73 122.03 -19.85
C GLN F 288 -73.53 123.24 -20.32
N PRO F 289 -73.63 124.30 -19.53
CA PRO F 289 -74.47 125.44 -19.92
C PRO F 289 -73.76 126.37 -20.89
N LYS F 290 -74.57 127.22 -21.53
CA LYS F 290 -74.07 128.32 -22.35
C LYS F 290 -75.00 129.50 -22.09
N ASP F 291 -74.95 130.49 -22.99
CA ASP F 291 -75.68 131.74 -22.78
C ASP F 291 -77.11 131.51 -22.32
N LEU F 292 -77.94 130.87 -23.15
CA LEU F 292 -79.33 130.63 -22.80
C LEU F 292 -79.76 129.18 -23.03
N HIS F 293 -78.82 128.28 -23.31
CA HIS F 293 -79.16 126.89 -23.60
C HIS F 293 -78.11 126.00 -22.97
N PHE F 294 -78.29 124.68 -23.12
CA PHE F 294 -77.42 123.68 -22.52
C PHE F 294 -76.87 122.77 -23.61
N LYS F 295 -76.00 121.86 -23.20
CA LYS F 295 -75.48 120.82 -24.09
C LYS F 295 -75.20 119.57 -23.29
N VAL F 296 -75.73 118.43 -23.74
CA VAL F 296 -75.55 117.18 -23.00
C VAL F 296 -74.88 116.14 -23.88
N PRO F 297 -73.70 115.67 -23.51
CA PRO F 297 -73.05 114.58 -24.26
C PRO F 297 -73.34 113.20 -23.68
N CYS F 298 -73.03 112.19 -24.49
CA CYS F 298 -73.28 110.79 -24.15
C CYS F 298 -72.21 109.93 -24.79
N THR F 299 -71.76 108.89 -24.06
CA THR F 299 -70.68 108.04 -24.52
C THR F 299 -70.97 106.58 -24.19
N SER F 300 -70.13 105.69 -24.74
CA SER F 300 -70.24 104.25 -24.54
C SER F 300 -69.01 103.59 -25.11
N LYS F 301 -68.91 102.26 -24.90
CA LYS F 301 -67.77 101.49 -25.38
C LYS F 301 -68.24 100.12 -25.87
N CYS F 302 -67.51 99.56 -26.84
CA CYS F 302 -67.82 98.23 -27.35
C CYS F 302 -66.61 97.69 -28.11
N THR F 303 -66.62 96.39 -28.37
CA THR F 303 -65.52 95.77 -29.11
C THR F 303 -65.95 95.25 -30.48
N GLY F 304 -67.21 94.81 -30.63
CA GLY F 304 -67.66 94.23 -31.87
C GLY F 304 -67.79 92.73 -31.73
N LEU F 305 -67.55 92.01 -32.83
CA LEU F 305 -67.64 90.56 -32.87
C LEU F 305 -66.24 89.98 -32.97
N THR F 306 -65.90 89.09 -32.04
CA THR F 306 -64.61 88.40 -32.04
C THR F 306 -64.86 86.92 -32.26
N ILE F 307 -64.25 86.36 -33.30
CA ILE F 307 -64.41 84.95 -33.66
C ILE F 307 -63.08 84.25 -33.38
N TYR F 308 -63.05 83.47 -32.30
CA TYR F 308 -61.84 82.71 -31.98
C TYR F 308 -61.70 81.48 -32.86
N ARG F 309 -62.81 80.83 -33.19
CA ARG F 309 -62.81 79.65 -34.04
C ARG F 309 -63.61 79.93 -35.31
N PRO F 310 -62.96 80.34 -36.41
CA PRO F 310 -63.71 80.69 -37.62
C PRO F 310 -64.18 79.48 -38.42
N MET F 311 -63.75 78.28 -38.08
CA MET F 311 -64.07 77.09 -38.85
C MET F 311 -65.45 76.53 -38.52
N THR F 312 -66.08 77.00 -37.44
CA THR F 312 -67.39 76.50 -37.03
C THR F 312 -68.53 77.45 -37.42
N ILE F 313 -68.40 78.16 -38.54
CA ILE F 313 -69.47 78.99 -39.08
C ILE F 313 -69.55 78.75 -40.59
N VAL F 314 -70.73 78.38 -41.07
CA VAL F 314 -70.95 78.16 -42.49
C VAL F 314 -72.08 79.06 -42.97
N LEU F 315 -71.88 79.67 -44.13
CA LEU F 315 -72.82 80.62 -44.71
C LEU F 315 -73.20 80.12 -46.10
N ILE F 316 -74.50 79.99 -46.33
CA ILE F 316 -75.05 79.61 -47.62
C ILE F 316 -75.53 80.88 -48.30
N THR F 317 -74.92 81.21 -49.43
CA THR F 317 -75.19 82.45 -50.14
C THR F 317 -76.02 82.19 -51.39
N GLY F 318 -76.69 83.24 -51.86
CA GLY F 318 -77.53 83.13 -53.02
C GLY F 318 -78.87 82.49 -52.79
N VAL F 319 -79.26 82.29 -51.53
CA VAL F 319 -80.54 81.67 -51.21
C VAL F 319 -81.70 82.58 -51.61
N ALA G 29 -184.39 83.60 -55.47
CA ALA G 29 -183.23 83.39 -54.60
C ALA G 29 -183.45 82.20 -53.67
N THR G 30 -182.80 81.08 -53.97
CA THR G 30 -182.93 79.84 -53.20
C THR G 30 -181.54 79.43 -52.72
N MET G 31 -181.26 79.66 -51.44
CA MET G 31 -179.98 79.33 -50.84
C MET G 31 -180.19 78.29 -49.74
N GLY G 32 -179.10 77.98 -49.02
CA GLY G 32 -179.17 77.09 -47.89
C GLY G 32 -179.30 77.83 -46.57
N ILE G 33 -179.49 77.06 -45.49
CA ILE G 33 -179.66 77.66 -44.17
C ILE G 33 -178.37 78.30 -43.69
N TRP G 34 -177.25 77.59 -43.83
CA TRP G 34 -175.98 78.04 -43.29
C TRP G 34 -175.13 78.70 -44.36
N THR G 35 -174.31 79.66 -43.94
CA THR G 35 -173.43 80.40 -44.83
C THR G 35 -172.02 79.82 -44.77
N ALA G 36 -171.17 80.29 -45.69
CA ALA G 36 -169.79 79.81 -45.73
C ALA G 36 -169.02 80.20 -44.48
N GLN G 37 -169.25 81.41 -43.97
CA GLN G 37 -168.49 81.89 -42.82
C GLN G 37 -168.90 81.22 -41.53
N GLU G 38 -170.07 80.57 -41.48
CA GLU G 38 -170.49 79.87 -40.28
C GLU G 38 -169.73 78.57 -40.06
N LEU G 39 -169.16 78.00 -41.12
CA LEU G 39 -168.36 76.77 -41.05
C LEU G 39 -166.97 77.11 -41.57
N HIS G 40 -166.12 77.62 -40.68
CA HIS G 40 -164.81 78.10 -41.09
C HIS G 40 -163.92 78.30 -39.88
N ARG G 41 -162.68 77.85 -39.96
CA ARG G 41 -161.71 77.98 -38.87
C ARG G 41 -160.55 78.85 -39.32
N ILE G 42 -160.07 79.70 -38.41
CA ILE G 42 -158.89 80.52 -38.63
C ILE G 42 -157.77 79.98 -37.76
N LYS G 43 -156.65 79.63 -38.38
CA LYS G 43 -155.49 79.18 -37.62
C LYS G 43 -154.94 80.31 -36.77
N SER G 44 -154.45 79.96 -35.59
CA SER G 44 -153.91 80.92 -34.63
C SER G 44 -152.40 81.10 -34.76
N GLN G 45 -151.82 80.71 -35.88
CA GLN G 45 -150.39 80.82 -36.11
C GLN G 45 -150.14 81.75 -37.28
N SER G 46 -149.32 82.77 -37.06
CA SER G 46 -148.97 83.75 -38.09
C SER G 46 -147.48 83.69 -38.37
N TYR G 47 -147.14 83.78 -39.65
CA TYR G 47 -145.77 83.73 -40.11
C TYR G 47 -145.33 85.11 -40.58
N GLU G 48 -144.09 85.48 -40.28
CA GLU G 48 -143.55 86.78 -40.64
C GLU G 48 -142.21 86.59 -41.34
N GLU G 49 -141.91 87.51 -42.26
CA GLU G 49 -140.66 87.44 -43.00
C GLU G 49 -139.48 87.78 -42.10
N ASP G 50 -138.30 87.29 -42.49
CA ASP G 50 -137.09 87.47 -41.73
C ASP G 50 -136.16 88.49 -42.40
N TYR G 51 -135.51 89.30 -41.57
CA TYR G 51 -134.59 90.34 -42.06
C TYR G 51 -133.45 90.52 -41.06
N PRO G 52 -132.43 89.67 -41.15
CA PRO G 52 -131.25 89.86 -40.29
C PRO G 52 -130.51 91.15 -40.63
N VAL G 53 -129.86 91.70 -39.62
CA VAL G 53 -129.20 93.00 -39.78
C VAL G 53 -127.78 92.82 -40.33
N GLY G 54 -127.02 91.92 -39.75
CA GLY G 54 -125.65 91.70 -40.18
C GLY G 54 -124.77 91.40 -38.98
N SER G 55 -123.46 91.61 -39.16
CA SER G 55 -122.48 91.30 -38.13
C SER G 55 -121.40 92.37 -38.05
N ALA G 56 -121.67 93.57 -38.54
CA ALA G 56 -120.66 94.62 -38.53
C ALA G 56 -120.32 95.08 -37.11
N LEU G 57 -121.31 95.09 -36.22
CA LEU G 57 -121.09 95.48 -34.83
C LEU G 57 -120.57 94.34 -33.98
N ARG G 58 -120.45 93.14 -34.53
CA ARG G 58 -119.90 92.00 -33.81
C ARG G 58 -118.52 91.59 -34.28
N VAL G 59 -118.18 91.81 -35.55
CA VAL G 59 -116.85 91.51 -36.05
C VAL G 59 -115.90 92.70 -35.97
N PHE G 60 -116.32 93.78 -35.33
CA PHE G 60 -115.49 94.95 -35.14
C PHE G 60 -115.65 95.49 -33.73
N PRO G 61 -114.61 96.13 -33.18
CA PRO G 61 -114.75 96.74 -31.86
C PRO G 61 -115.67 97.94 -31.90
N VAL G 62 -116.28 98.24 -30.76
CA VAL G 62 -117.19 99.37 -30.61
C VAL G 62 -116.69 100.21 -29.45
N THR G 63 -115.93 101.26 -29.76
CA THR G 63 -115.44 102.20 -28.76
C THR G 63 -116.45 103.33 -28.56
N THR G 64 -116.46 103.91 -27.35
CA THR G 64 -117.34 105.03 -27.03
C THR G 64 -116.54 106.08 -26.24
N GLU G 65 -115.94 107.01 -26.95
CA GLU G 65 -115.21 108.11 -26.33
C GLU G 65 -115.49 109.43 -27.04
N LEU G 66 -116.71 109.63 -27.53
CA LEU G 66 -117.07 110.84 -28.25
C LEU G 66 -118.37 111.40 -27.68
N SER G 67 -118.40 112.72 -27.51
CA SER G 67 -119.63 113.39 -27.09
C SER G 67 -120.62 113.44 -28.26
N PRO G 68 -121.92 113.50 -27.97
CA PRO G 68 -122.90 113.52 -29.05
C PRO G 68 -122.91 114.81 -29.86
N THR G 69 -122.21 115.84 -29.38
CA THR G 69 -122.27 117.16 -29.99
C THR G 69 -120.93 117.61 -30.55
N ASP G 70 -120.07 116.68 -30.95
CA ASP G 70 -118.82 117.03 -31.61
C ASP G 70 -118.88 116.69 -33.10
N LYS G 71 -117.97 117.29 -33.87
CA LYS G 71 -117.95 117.08 -35.31
C LYS G 71 -116.73 116.35 -35.83
N THR G 72 -115.56 116.54 -35.20
CA THR G 72 -114.33 115.95 -35.69
C THR G 72 -113.52 115.41 -34.52
N PHE G 73 -112.38 114.83 -34.85
CA PHE G 73 -111.42 114.34 -33.86
C PHE G 73 -110.06 114.21 -34.53
N GLU G 74 -109.03 114.09 -33.71
CA GLU G 74 -107.68 113.95 -34.27
C GLU G 74 -106.78 113.18 -33.31
N TYR G 75 -105.84 112.44 -33.90
CA TYR G 75 -104.84 111.68 -33.17
C TYR G 75 -103.47 112.01 -33.72
N MET G 76 -102.46 111.91 -32.86
CA MET G 76 -101.12 112.36 -33.18
C MET G 76 -100.19 111.18 -33.44
N THR G 77 -99.05 111.47 -34.04
CA THR G 77 -97.99 110.50 -34.31
C THR G 77 -96.66 111.20 -34.17
N PHE G 78 -95.64 110.47 -33.71
CA PHE G 78 -94.34 111.05 -33.42
C PHE G 78 -93.25 110.28 -34.16
N ASP G 79 -92.05 110.87 -34.17
CA ASP G 79 -90.91 110.30 -34.87
C ASP G 79 -89.64 110.96 -34.34
N LYS G 80 -88.49 110.45 -34.77
CA LYS G 80 -87.22 110.96 -34.29
C LYS G 80 -86.11 110.64 -35.29
N VAL G 81 -84.99 111.35 -35.14
CA VAL G 81 -83.79 111.14 -35.95
C VAL G 81 -82.57 111.17 -35.03
N GLY G 82 -81.45 110.70 -35.54
CA GLY G 82 -80.21 110.73 -34.78
C GLY G 82 -79.18 109.80 -35.37
N THR G 83 -77.96 109.92 -34.85
CA THR G 83 -76.83 109.12 -35.32
C THR G 83 -75.73 109.15 -34.25
N ALA G 84 -74.67 108.39 -34.49
CA ALA G 84 -73.54 108.31 -33.58
C ALA G 84 -72.29 107.94 -34.36
N GLN G 85 -71.13 108.21 -33.77
CA GLN G 85 -69.85 108.01 -34.43
C GLN G 85 -68.81 107.54 -33.42
N ILE G 86 -67.75 106.93 -33.95
CA ILE G 86 -66.58 106.53 -33.15
C ILE G 86 -65.68 107.73 -33.00
N ILE G 87 -65.28 108.03 -31.76
CA ILE G 87 -64.56 109.26 -31.44
C ILE G 87 -63.28 108.91 -30.71
N ALA G 88 -62.37 109.88 -30.68
CA ALA G 88 -61.16 109.83 -29.86
C ALA G 88 -61.47 110.45 -28.50
N ASP G 89 -60.43 110.72 -27.71
CA ASP G 89 -60.65 111.25 -26.37
C ASP G 89 -60.72 112.78 -26.34
N TYR G 90 -59.86 113.45 -27.08
CA TYR G 90 -59.83 114.92 -27.09
C TYR G 90 -60.73 115.47 -28.20
N THR G 91 -61.97 115.03 -28.21
CA THR G 91 -62.91 115.38 -29.28
C THR G 91 -63.99 116.31 -28.74
N ASP G 92 -64.46 117.21 -29.60
CA ASP G 92 -65.55 118.11 -29.25
C ASP G 92 -66.50 118.27 -30.43
N ASP G 93 -66.77 117.18 -31.14
CA ASP G 93 -67.53 117.24 -32.39
C ASP G 93 -68.59 116.14 -32.42
N LEU G 94 -69.34 116.01 -31.33
CA LEU G 94 -70.36 114.98 -31.24
C LEU G 94 -71.58 115.35 -32.07
N PRO G 95 -72.23 114.38 -32.70
CA PRO G 95 -73.45 114.65 -33.47
C PRO G 95 -74.66 114.81 -32.56
N LEU G 96 -75.80 115.18 -33.16
CA LEU G 96 -77.00 115.54 -32.43
C LEU G 96 -78.20 114.76 -32.95
N VAL G 97 -79.34 114.94 -32.27
CA VAL G 97 -80.59 114.23 -32.55
C VAL G 97 -81.72 115.25 -32.59
N ASP G 98 -82.94 114.75 -32.86
CA ASP G 98 -84.12 115.62 -32.94
C ASP G 98 -85.37 114.75 -32.99
N ALA G 99 -86.53 115.41 -33.11
CA ALA G 99 -87.84 114.74 -33.12
C ALA G 99 -88.86 115.64 -33.81
N LEU G 100 -90.01 115.04 -34.17
CA LEU G 100 -91.08 115.75 -34.88
C LEU G 100 -92.38 114.96 -34.74
N GLY G 101 -93.44 115.45 -35.37
CA GLY G 101 -94.75 114.83 -35.26
C GLY G 101 -95.73 115.28 -36.33
N THR G 102 -96.89 114.61 -36.35
CA THR G 102 -97.92 114.82 -37.37
C THR G 102 -99.24 114.28 -36.81
N SER G 103 -100.35 114.56 -37.50
CA SER G 103 -101.68 114.19 -37.02
C SER G 103 -102.64 113.98 -38.20
N GLU G 104 -103.80 113.39 -37.88
CA GLU G 104 -104.86 113.09 -38.86
C GLU G 104 -106.22 113.43 -38.25
N PHE G 105 -107.28 113.31 -39.05
CA PHE G 105 -108.62 113.77 -38.65
C PHE G 105 -109.71 112.74 -39.01
N GLY G 106 -110.96 113.07 -38.66
CA GLY G 106 -112.11 112.25 -38.92
C GLY G 106 -113.40 113.05 -38.86
N LYS G 107 -114.53 112.36 -39.11
CA LYS G 107 -115.83 113.03 -39.21
C LYS G 107 -116.94 112.14 -38.66
N VAL G 108 -118.13 112.72 -38.52
CA VAL G 108 -119.32 112.08 -37.95
C VAL G 108 -120.56 112.51 -38.74
N PHE G 109 -121.51 111.59 -38.91
CA PHE G 109 -122.68 111.80 -39.76
C PHE G 109 -123.97 111.48 -39.01
N ARG G 110 -125.10 111.86 -39.62
CA ARG G 110 -126.44 111.73 -39.06
C ARG G 110 -127.35 111.00 -40.03
N LEU G 111 -128.37 110.32 -39.49
CA LEU G 111 -129.30 109.51 -40.25
C LEU G 111 -130.72 109.80 -39.81
N GLY G 112 -131.69 109.58 -40.71
CA GLY G 112 -133.08 109.78 -40.34
C GLY G 112 -134.05 109.24 -41.37
N ASN G 113 -135.29 109.04 -40.91
CA ASN G 113 -136.42 108.67 -41.76
C ASN G 113 -137.70 109.08 -41.02
N ALA G 114 -138.85 108.65 -41.52
CA ALA G 114 -140.12 109.05 -40.94
C ALA G 114 -141.22 108.10 -41.40
N TYR G 115 -142.42 108.27 -40.83
CA TYR G 115 -143.58 107.50 -41.27
C TYR G 115 -144.86 108.28 -41.00
N LEU G 116 -145.93 107.85 -41.66
CA LEU G 116 -147.25 108.46 -41.58
C LEU G 116 -148.26 107.45 -41.06
N ILE G 117 -149.39 107.95 -40.55
CA ILE G 117 -150.51 107.12 -40.11
C ILE G 117 -151.74 108.00 -39.96
N SER G 118 -152.91 107.40 -40.06
CA SER G 118 -154.17 108.13 -40.06
C SER G 118 -155.05 107.69 -38.89
N ILE G 119 -156.03 108.54 -38.58
CA ILE G 119 -156.90 108.32 -37.42
C ILE G 119 -157.72 107.05 -37.58
N ASP G 120 -158.29 106.83 -38.77
CA ASP G 120 -159.08 105.63 -39.00
C ASP G 120 -158.23 104.37 -38.82
N GLU G 121 -157.01 104.38 -39.35
CA GLU G 121 -156.12 103.24 -39.18
C GLU G 121 -155.78 103.02 -37.71
N ILE G 122 -155.52 104.11 -36.97
CA ILE G 122 -155.22 103.99 -35.55
C ILE G 122 -156.39 103.35 -34.80
N LYS G 123 -157.61 103.81 -35.09
CA LYS G 123 -158.77 103.27 -34.37
C LYS G 123 -159.06 101.83 -34.76
N ALA G 124 -158.83 101.46 -36.03
CA ALA G 124 -159.04 100.07 -36.43
C ALA G 124 -157.97 99.16 -35.86
N GLY G 125 -156.77 99.69 -35.61
CA GLY G 125 -155.72 98.88 -35.03
C GLY G 125 -156.04 98.35 -33.64
N GLN G 126 -156.66 99.18 -32.81
CA GLN G 126 -157.02 98.75 -31.47
C GLN G 126 -158.17 97.74 -31.45
N ALA G 127 -159.05 97.77 -32.45
CA ALA G 127 -160.24 96.93 -32.47
C ALA G 127 -160.01 95.60 -33.17
N THR G 128 -159.30 95.60 -34.31
CA THR G 128 -159.09 94.33 -35.03
C THR G 128 -158.08 93.45 -34.31
N GLY G 129 -157.26 94.02 -33.44
CA GLY G 129 -156.27 93.28 -32.70
C GLY G 129 -154.85 93.42 -33.21
N ARG G 130 -154.65 93.95 -34.41
CA ARG G 130 -153.33 94.15 -34.96
C ARG G 130 -153.06 95.64 -35.17
N PRO G 131 -152.35 96.31 -34.27
CA PRO G 131 -152.00 97.71 -34.50
C PRO G 131 -151.04 97.85 -35.67
N LEU G 132 -151.06 99.03 -36.29
CA LEU G 132 -150.22 99.29 -37.46
C LEU G 132 -149.01 100.15 -37.13
N SER G 133 -149.04 100.92 -36.03
CA SER G 133 -147.92 101.79 -35.71
C SER G 133 -146.68 101.00 -35.31
N THR G 134 -146.86 99.90 -34.59
CA THR G 134 -145.72 99.13 -34.11
C THR G 134 -144.91 98.55 -35.26
N ARG G 135 -145.59 98.04 -36.29
CA ARG G 135 -144.88 97.47 -37.43
C ARG G 135 -144.06 98.53 -38.15
N LYS G 136 -144.63 99.73 -38.34
CA LYS G 136 -143.90 100.79 -39.01
C LYS G 136 -142.70 101.25 -38.19
N ALA G 137 -142.87 101.35 -36.86
CA ALA G 137 -141.74 101.73 -36.02
C ALA G 137 -140.62 100.68 -36.07
N SER G 138 -140.99 99.40 -36.03
CA SER G 138 -140.00 98.35 -36.14
C SER G 138 -139.28 98.39 -37.47
N ALA G 139 -140.03 98.67 -38.55
CA ALA G 139 -139.40 98.80 -39.87
C ALA G 139 -138.42 99.96 -39.90
N CYS G 140 -138.77 101.07 -39.25
CA CYS G 140 -137.85 102.21 -39.21
C CYS G 140 -136.57 101.86 -38.46
N GLN G 141 -136.70 101.18 -37.32
CA GLN G 141 -135.51 100.77 -36.57
C GLN G 141 -134.64 99.84 -37.40
N LEU G 142 -135.27 98.87 -38.08
CA LEU G 142 -134.52 97.95 -38.93
C LEU G 142 -133.83 98.68 -40.06
N ALA G 143 -134.49 99.67 -40.66
CA ALA G 143 -133.88 100.44 -41.73
C ALA G 143 -132.65 101.18 -41.24
N HIS G 144 -132.73 101.78 -40.06
CA HIS G 144 -131.57 102.48 -39.50
C HIS G 144 -130.41 101.50 -39.28
N ASP G 145 -130.71 100.34 -38.70
CA ASP G 145 -129.65 99.36 -38.43
C ASP G 145 -129.00 98.88 -39.73
N GLN G 146 -129.82 98.57 -40.73
CA GLN G 146 -129.29 98.10 -42.00
C GLN G 146 -128.49 99.18 -42.73
N LEU G 147 -128.90 100.45 -42.59
CA LEU G 147 -128.11 101.52 -43.19
C LEU G 147 -126.76 101.66 -42.52
N VAL G 148 -126.71 101.52 -41.20
CA VAL G 148 -125.41 101.54 -40.50
C VAL G 148 -124.54 100.39 -41.01
N ASN G 149 -125.14 99.20 -41.14
CA ASN G 149 -124.40 98.05 -41.67
C ASN G 149 -123.86 98.33 -43.07
N ARG G 150 -124.69 98.91 -43.94
CA ARG G 150 -124.28 99.19 -45.31
C ARG G 150 -123.14 100.19 -45.34
N LEU G 151 -123.22 101.24 -44.52
CA LEU G 151 -122.13 102.20 -44.47
C LEU G 151 -120.84 101.56 -43.99
N VAL G 152 -120.92 100.66 -43.00
CA VAL G 152 -119.71 100.01 -42.51
C VAL G 152 -119.10 99.13 -43.59
N PHE G 153 -119.92 98.36 -44.30
CA PHE G 153 -119.37 97.37 -45.23
C PHE G 153 -119.10 97.93 -46.62
N LYS G 154 -120.13 98.42 -47.31
CA LYS G 154 -119.96 98.92 -48.67
C LYS G 154 -119.58 100.40 -48.73
N GLY G 155 -120.01 101.20 -47.76
CA GLY G 155 -119.65 102.60 -47.73
C GLY G 155 -120.39 103.42 -48.77
N SER G 156 -119.96 104.67 -48.91
CA SER G 156 -120.54 105.61 -49.87
C SER G 156 -119.43 106.39 -50.53
N ALA G 157 -119.48 106.51 -51.86
CA ALA G 157 -118.49 107.25 -52.63
C ALA G 157 -118.71 108.77 -52.55
N PRO G 158 -119.90 109.29 -52.86
CA PRO G 158 -120.06 110.76 -52.85
C PRO G 158 -119.79 111.40 -51.49
N HIS G 159 -120.10 110.71 -50.40
CA HIS G 159 -119.88 111.25 -49.07
C HIS G 159 -118.46 111.07 -48.58
N LYS G 160 -117.55 110.56 -49.42
CA LYS G 160 -116.15 110.34 -49.06
C LYS G 160 -116.03 109.43 -47.85
N ILE G 161 -116.88 108.41 -47.78
CA ILE G 161 -116.86 107.43 -46.70
C ILE G 161 -116.15 106.19 -47.23
N VAL G 162 -114.92 105.99 -46.79
CA VAL G 162 -114.17 104.81 -47.20
C VAL G 162 -114.70 103.59 -46.47
N SER G 163 -114.70 102.45 -47.15
CA SER G 163 -115.15 101.20 -46.58
C SER G 163 -113.95 100.28 -46.33
N VAL G 164 -114.23 99.11 -45.77
CA VAL G 164 -113.16 98.15 -45.51
C VAL G 164 -112.62 97.54 -46.79
N PHE G 165 -113.34 97.68 -47.92
CA PHE G 165 -112.89 97.16 -49.19
C PHE G 165 -112.21 98.19 -50.08
N ASN G 166 -112.53 99.47 -49.92
CA ASN G 166 -112.09 100.51 -50.84
C ASN G 166 -110.95 101.37 -50.30
N HIS G 167 -110.49 101.12 -49.08
CA HIS G 167 -109.44 101.96 -48.52
C HIS G 167 -108.15 101.74 -49.31
N PRO G 168 -107.51 102.81 -49.80
CA PRO G 168 -106.35 102.65 -50.68
C PRO G 168 -105.04 102.31 -49.96
N ASN G 169 -105.09 101.92 -48.68
CA ASN G 169 -103.89 101.60 -47.93
C ASN G 169 -103.84 100.16 -47.43
N ILE G 170 -104.98 99.49 -47.30
CA ILE G 170 -105.01 98.11 -46.86
C ILE G 170 -104.37 97.24 -47.94
N THR G 171 -103.83 96.10 -47.54
CA THR G 171 -103.15 95.23 -48.49
C THR G 171 -104.17 94.44 -49.29
N LYS G 172 -103.96 94.37 -50.60
CA LYS G 172 -104.86 93.63 -51.49
C LYS G 172 -104.06 92.54 -52.19
N ILE G 173 -104.59 91.32 -52.19
CA ILE G 173 -103.97 90.20 -52.85
C ILE G 173 -104.92 89.67 -53.92
N THR G 174 -104.52 89.77 -55.18
CA THR G 174 -105.24 89.10 -56.24
C THR G 174 -104.90 87.62 -56.23
N SER G 175 -105.85 86.80 -56.66
CA SER G 175 -105.69 85.36 -56.52
C SER G 175 -106.45 84.63 -57.61
N GLY G 176 -105.99 83.43 -57.92
CA GLY G 176 -106.75 82.55 -58.78
C GLY G 176 -108.01 82.06 -58.08
N LYS G 177 -109.00 81.68 -58.89
CA LYS G 177 -110.27 81.26 -58.34
C LYS G 177 -110.11 80.05 -57.44
N TRP G 178 -110.70 80.10 -56.25
CA TRP G 178 -110.75 78.91 -55.40
C TRP G 178 -111.67 77.86 -56.00
N ILE G 179 -112.75 78.28 -56.63
CA ILE G 179 -113.66 77.39 -57.35
C ILE G 179 -113.78 77.95 -58.76
N ASP G 180 -113.21 77.24 -59.73
CA ASP G 180 -113.23 77.65 -61.14
C ASP G 180 -114.06 76.67 -61.96
N ALA G 181 -115.33 77.02 -62.19
CA ALA G 181 -116.27 76.20 -62.94
C ALA G 181 -116.44 74.82 -62.30
N SER G 182 -116.87 74.84 -61.04
CA SER G 182 -117.12 73.63 -60.24
C SER G 182 -115.91 72.71 -60.17
N THR G 183 -114.73 73.26 -59.94
CA THR G 183 -113.51 72.47 -59.74
C THR G 183 -112.82 73.01 -58.49
N MET G 184 -113.05 72.36 -57.36
CA MET G 184 -112.54 72.84 -56.08
C MET G 184 -111.02 72.70 -56.02
N LYS G 185 -110.35 73.74 -55.52
CA LYS G 185 -108.89 73.76 -55.43
C LYS G 185 -108.48 74.20 -54.03
N PRO G 186 -108.56 73.31 -53.04
CA PRO G 186 -108.19 73.68 -51.67
C PRO G 186 -106.72 74.05 -51.50
N GLU G 187 -105.84 73.56 -52.37
CA GLU G 187 -104.42 73.87 -52.24
C GLU G 187 -104.16 75.36 -52.44
N THR G 188 -104.85 75.96 -53.40
CA THR G 188 -104.70 77.40 -53.62
C THR G 188 -105.12 78.20 -52.40
N ALA G 189 -106.24 77.83 -51.78
CA ALA G 189 -106.69 78.52 -50.57
C ALA G 189 -105.68 78.37 -49.45
N GLU G 190 -105.17 77.15 -49.26
CA GLU G 190 -104.19 76.91 -48.21
C GLU G 190 -102.90 77.67 -48.46
N ALA G 191 -102.54 77.89 -49.72
CA ALA G 191 -101.35 78.69 -50.03
C ALA G 191 -101.60 80.18 -49.86
N GLU G 192 -102.80 80.66 -50.14
CA GLU G 192 -103.07 82.09 -50.07
C GLU G 192 -103.33 82.59 -48.65
N LEU G 193 -103.86 81.74 -47.76
CA LEU G 193 -104.09 82.22 -46.39
C LEU G 193 -102.77 82.50 -45.67
N THR G 194 -101.80 81.59 -45.78
CA THR G 194 -100.52 81.78 -45.10
C THR G 194 -99.77 82.96 -45.66
N GLN G 195 -99.88 83.22 -46.96
CA GLN G 195 -99.24 84.39 -47.55
C GLN G 195 -99.80 85.68 -46.95
N ALA G 196 -101.11 85.74 -46.76
CA ALA G 196 -101.72 86.92 -46.15
C ALA G 196 -101.26 87.09 -44.70
N ILE G 197 -101.21 85.99 -43.93
CA ILE G 197 -100.76 86.10 -42.55
C ILE G 197 -99.31 86.59 -42.49
N GLU G 198 -98.44 86.00 -43.32
CA GLU G 198 -97.05 86.43 -43.36
C GLU G 198 -96.92 87.88 -43.81
N THR G 199 -97.77 88.33 -44.74
CA THR G 199 -97.73 89.73 -45.15
C THR G 199 -98.11 90.65 -44.00
N ILE G 200 -99.12 90.30 -43.22
CA ILE G 200 -99.48 91.11 -42.06
C ILE G 200 -98.31 91.19 -41.10
N GLU G 201 -97.63 90.07 -40.85
CA GLU G 201 -96.47 90.11 -39.97
C GLU G 201 -95.37 90.99 -40.54
N THR G 202 -95.05 90.83 -41.82
CA THR G 202 -93.88 91.48 -42.41
C THR G 202 -94.08 92.98 -42.52
N ILE G 203 -95.23 93.41 -43.06
CA ILE G 203 -95.42 94.83 -43.35
C ILE G 203 -95.41 95.68 -42.07
N THR G 204 -95.76 95.11 -40.93
CA THR G 204 -95.71 95.81 -39.66
C THR G 204 -94.48 95.46 -38.83
N ARG G 205 -93.65 94.51 -39.29
CA ARG G 205 -92.39 94.19 -38.65
C ARG G 205 -92.60 93.76 -37.21
N GLY G 206 -93.54 92.85 -37.01
CA GLY G 206 -93.94 92.47 -35.68
C GLY G 206 -94.92 93.47 -35.10
N GLN G 207 -95.20 93.30 -33.81
CA GLN G 207 -96.10 94.12 -33.00
C GLN G 207 -97.56 93.96 -33.41
N HIS G 208 -97.85 93.21 -34.47
CA HIS G 208 -99.21 93.01 -34.94
C HIS G 208 -99.29 91.65 -35.61
N ARG G 209 -100.02 90.73 -35.00
CA ARG G 209 -100.17 89.37 -35.53
C ARG G 209 -101.63 89.13 -35.90
N ALA G 210 -101.83 88.50 -37.05
CA ALA G 210 -103.18 88.22 -37.54
C ALA G 210 -103.93 87.35 -36.55
N THR G 211 -105.18 87.67 -36.32
CA THR G 211 -105.98 86.98 -35.32
C THR G 211 -107.33 86.49 -35.86
N ASN G 212 -107.91 87.19 -36.82
CA ASN G 212 -109.25 86.89 -37.29
C ASN G 212 -109.27 86.70 -38.80
N ILE G 213 -110.00 85.67 -39.25
CA ILE G 213 -110.22 85.41 -40.67
C ILE G 213 -111.71 85.32 -40.92
N LEU G 214 -112.18 86.01 -41.96
CA LEU G 214 -113.57 85.97 -42.39
C LEU G 214 -113.64 85.52 -43.84
N ILE G 215 -114.48 84.52 -44.10
CA ILE G 215 -114.62 83.95 -45.44
C ILE G 215 -116.09 83.99 -45.85
N PRO G 216 -116.41 84.01 -47.14
CA PRO G 216 -117.81 83.95 -47.55
C PRO G 216 -118.40 82.59 -47.20
N PRO G 217 -119.71 82.54 -46.93
CA PRO G 217 -120.31 81.27 -46.49
C PRO G 217 -120.28 80.17 -47.53
N SER G 218 -120.19 80.48 -48.82
CA SER G 218 -120.25 79.46 -49.85
C SER G 218 -118.90 78.83 -50.16
N MET G 219 -117.89 79.02 -49.30
CA MET G 219 -116.57 78.45 -49.51
C MET G 219 -116.14 77.50 -48.40
N ARG G 220 -117.07 77.06 -47.55
CA ARG G 220 -116.73 76.13 -46.48
C ARG G 220 -116.53 74.71 -47.00
N LYS G 221 -117.22 74.32 -48.08
CA LYS G 221 -117.06 72.98 -48.61
C LYS G 221 -115.67 72.77 -49.18
N VAL G 222 -114.99 73.84 -49.58
CA VAL G 222 -113.61 73.71 -50.05
C VAL G 222 -112.68 73.32 -48.91
N LEU G 223 -112.80 74.00 -47.76
CA LEU G 223 -111.98 73.68 -46.61
C LEU G 223 -112.42 72.43 -45.88
N ALA G 224 -113.63 71.93 -46.16
CA ALA G 224 -114.09 70.68 -45.57
C ALA G 224 -113.64 69.45 -46.34
N ILE G 225 -112.87 69.63 -47.41
CA ILE G 225 -112.38 68.49 -48.18
C ILE G 225 -111.31 67.74 -47.39
N ARG G 226 -111.32 66.42 -47.49
CA ARG G 226 -110.29 65.60 -46.87
C ARG G 226 -109.08 65.50 -47.80
N MET G 227 -107.88 65.55 -47.22
CA MET G 227 -106.67 65.45 -48.03
C MET G 227 -106.51 64.03 -48.55
N PRO G 228 -105.88 63.84 -49.70
CA PRO G 228 -105.73 62.50 -50.26
C PRO G 228 -104.86 61.61 -49.37
N GLU G 229 -105.21 60.32 -49.36
CA GLU G 229 -104.47 59.30 -48.60
C GLU G 229 -104.35 59.66 -47.11
N THR G 230 -105.33 60.36 -46.57
CA THR G 230 -105.32 60.76 -45.17
C THR G 230 -106.72 60.60 -44.60
N THR G 231 -106.85 60.94 -43.30
CA THR G 231 -108.13 60.87 -42.60
C THR G 231 -108.50 62.20 -41.96
N MET G 232 -107.66 63.21 -42.09
CA MET G 232 -107.93 64.52 -41.51
C MET G 232 -107.86 65.57 -42.61
N SER G 233 -108.60 66.66 -42.40
CA SER G 233 -108.96 67.57 -43.47
C SER G 233 -108.11 68.84 -43.49
N TYR G 234 -108.31 69.62 -44.55
CA TYR G 234 -107.53 70.84 -44.74
C TYR G 234 -107.74 71.82 -43.60
N LEU G 235 -108.97 71.94 -43.10
CA LEU G 235 -109.23 72.85 -41.99
C LEU G 235 -108.48 72.41 -40.74
N ASP G 236 -108.46 71.11 -40.45
CA ASP G 236 -107.71 70.62 -39.30
C ASP G 236 -106.23 70.88 -39.46
N TYR G 237 -105.69 70.67 -40.66
CA TYR G 237 -104.28 70.97 -40.92
C TYR G 237 -103.96 72.45 -40.71
N PHE G 238 -104.82 73.32 -41.26
CA PHE G 238 -104.60 74.76 -41.15
C PHE G 238 -104.65 75.20 -39.70
N LYS G 239 -105.62 74.71 -38.93
CA LYS G 239 -105.68 75.06 -37.51
C LYS G 239 -104.49 74.49 -36.76
N SER G 240 -104.01 73.31 -37.15
CA SER G 240 -102.85 72.73 -36.49
C SER G 240 -101.62 73.61 -36.63
N GLN G 241 -101.36 74.11 -37.84
CA GLN G 241 -100.23 75.03 -37.96
C GLN G 241 -100.51 76.44 -37.45
N ASN G 242 -101.76 76.90 -37.44
CA ASN G 242 -102.05 78.29 -37.09
C ASN G 242 -103.04 78.36 -35.93
N SER G 243 -102.77 77.59 -34.89
CA SER G 243 -103.56 77.68 -33.67
C SER G 243 -103.47 79.10 -33.09
N GLY G 244 -104.57 79.55 -32.51
CA GLY G 244 -104.69 80.91 -32.02
C GLY G 244 -105.37 81.88 -32.95
N ILE G 245 -105.80 81.43 -34.12
CA ILE G 245 -106.49 82.27 -35.10
C ILE G 245 -107.87 81.67 -35.33
N GLU G 246 -108.90 82.52 -35.28
CA GLU G 246 -110.27 82.06 -35.43
C GLU G 246 -110.78 82.36 -36.83
N ILE G 247 -111.52 81.39 -37.39
CA ILE G 247 -112.10 81.47 -38.72
C ILE G 247 -113.61 81.61 -38.56
N ASP G 248 -114.21 82.50 -39.36
CA ASP G 248 -115.64 82.73 -39.30
C ASP G 248 -116.17 82.97 -40.70
N SER G 249 -117.50 82.91 -40.81
CA SER G 249 -118.21 83.14 -42.07
C SER G 249 -119.14 84.33 -41.93
N ILE G 250 -119.07 85.24 -42.90
CA ILE G 250 -119.88 86.44 -42.91
C ILE G 250 -120.60 86.53 -44.25
N ALA G 251 -121.92 86.68 -44.21
CA ALA G 251 -122.72 86.61 -45.44
C ALA G 251 -122.52 87.80 -46.34
N GLU G 252 -122.02 88.93 -45.82
CA GLU G 252 -121.85 90.13 -46.62
C GLU G 252 -120.67 90.03 -47.59
N LEU G 253 -119.88 88.97 -47.51
CA LEU G 253 -118.71 88.81 -48.37
C LEU G 253 -119.02 88.09 -49.67
N GLU G 254 -120.26 87.65 -49.88
CA GLU G 254 -120.63 86.96 -51.10
C GLU G 254 -120.63 87.86 -52.33
N ASP G 255 -120.68 89.18 -52.14
CA ASP G 255 -120.65 90.11 -53.27
C ASP G 255 -120.14 91.43 -52.72
N ILE G 256 -118.91 91.80 -53.09
CA ILE G 256 -118.25 92.98 -52.55
C ILE G 256 -118.32 94.17 -53.49
N ASP G 257 -118.60 93.97 -54.79
CA ASP G 257 -118.67 95.06 -55.73
C ASP G 257 -119.94 95.07 -56.57
N GLY G 258 -120.88 94.15 -56.34
CA GLY G 258 -122.08 94.07 -57.13
C GLY G 258 -121.94 93.29 -58.41
N ALA G 259 -120.76 92.74 -58.70
CA ALA G 259 -120.51 92.00 -59.93
C ALA G 259 -120.13 90.54 -59.68
N GLY G 260 -120.53 89.99 -58.53
CA GLY G 260 -120.22 88.61 -58.21
C GLY G 260 -118.84 88.38 -57.64
N THR G 261 -118.07 89.42 -57.37
CA THR G 261 -116.74 89.25 -56.80
C THR G 261 -116.84 88.81 -55.35
N LYS G 262 -115.98 87.87 -54.97
CA LYS G 262 -115.91 87.36 -53.60
C LYS G 262 -114.58 87.72 -52.98
N GLY G 263 -114.58 87.84 -51.65
CA GLY G 263 -113.38 88.28 -50.95
C GLY G 263 -113.23 87.58 -49.62
N VAL G 264 -112.00 87.61 -49.10
CA VAL G 264 -111.64 87.04 -47.82
C VAL G 264 -110.88 88.08 -47.02
N LEU G 265 -111.24 88.25 -45.75
CA LEU G 265 -110.64 89.27 -44.90
C LEU G 265 -109.74 88.61 -43.86
N VAL G 266 -108.52 89.11 -43.72
CA VAL G 266 -107.61 88.65 -42.67
C VAL G 266 -107.11 89.89 -41.94
N TYR G 267 -107.33 89.93 -40.62
CA TYR G 267 -106.97 91.13 -39.87
C TYR G 267 -106.76 90.78 -38.41
N GLU G 268 -106.46 91.80 -37.61
CA GLU G 268 -106.27 91.68 -36.18
C GLU G 268 -107.30 92.55 -35.46
N LYS G 269 -108.04 91.97 -34.54
CA LYS G 269 -109.09 92.68 -33.82
C LYS G 269 -108.48 93.42 -32.64
N ASN G 270 -108.56 94.75 -32.65
CA ASN G 270 -108.02 95.58 -31.60
C ASN G 270 -108.63 96.98 -31.67
N PRO G 271 -109.13 97.52 -30.56
CA PRO G 271 -109.63 98.90 -30.57
C PRO G 271 -108.56 99.93 -30.91
N MET G 272 -107.28 99.58 -30.75
CA MET G 272 -106.19 100.46 -31.15
C MET G 272 -106.12 100.68 -32.65
N ASN G 273 -106.77 99.85 -33.45
CA ASN G 273 -106.61 99.85 -34.89
C ASN G 273 -107.84 100.26 -35.67
N MET G 274 -109.03 99.80 -35.27
CA MET G 274 -110.25 100.18 -35.97
C MET G 274 -111.37 100.36 -34.95
N SER G 275 -112.29 101.25 -35.27
CA SER G 275 -113.34 101.61 -34.33
C SER G 275 -114.62 101.98 -35.06
N ILE G 276 -115.74 101.84 -34.35
CA ILE G 276 -117.04 102.32 -34.79
C ILE G 276 -117.68 103.04 -33.62
N GLU G 277 -118.15 104.26 -33.85
CA GLU G 277 -118.73 105.09 -32.81
C GLU G 277 -120.18 105.39 -33.12
N ILE G 278 -121.03 105.33 -32.10
CA ILE G 278 -122.44 105.65 -32.22
C ILE G 278 -122.76 106.70 -31.18
N PRO G 279 -122.47 107.98 -31.45
CA PRO G 279 -122.68 109.01 -30.42
C PRO G 279 -124.12 109.12 -29.93
N GLU G 280 -125.10 108.94 -30.82
CA GLU G 280 -126.50 109.03 -30.46
C GLU G 280 -127.21 107.76 -30.89
N ALA G 281 -127.98 107.18 -29.97
CA ALA G 281 -128.77 106.00 -30.29
C ALA G 281 -130.04 106.40 -31.03
N PHE G 282 -130.69 105.40 -31.64
CA PHE G 282 -131.93 105.64 -32.36
C PHE G 282 -132.99 106.19 -31.41
N ASN G 283 -133.66 107.25 -31.83
CA ASN G 283 -134.71 107.86 -31.02
C ASN G 283 -135.78 108.45 -31.93
N MET G 284 -136.97 108.64 -31.37
CA MET G 284 -138.13 109.11 -32.09
C MET G 284 -138.57 110.46 -31.57
N LEU G 285 -139.15 111.26 -32.44
CA LEU G 285 -139.62 112.60 -32.13
C LEU G 285 -141.14 112.60 -31.96
N PRO G 286 -141.68 113.57 -31.23
CA PRO G 286 -143.14 113.63 -31.06
C PRO G 286 -143.85 113.81 -32.39
N ALA G 287 -145.05 113.24 -32.48
CA ALA G 287 -145.84 113.31 -33.70
C ALA G 287 -146.30 114.72 -33.98
N GLN G 288 -146.40 115.05 -35.26
CA GLN G 288 -146.82 116.39 -35.71
C GLN G 288 -148.17 116.29 -36.39
N PRO G 289 -149.24 116.83 -35.79
CA PRO G 289 -150.57 116.67 -36.38
C PRO G 289 -150.72 117.43 -37.69
N LYS G 290 -151.55 116.87 -38.58
CA LYS G 290 -151.97 117.55 -39.80
C LYS G 290 -153.49 117.48 -39.88
N ASP G 291 -154.05 117.77 -41.06
CA ASP G 291 -155.49 117.83 -41.25
C ASP G 291 -156.24 116.71 -40.54
N LEU G 292 -155.95 115.45 -40.90
CA LEU G 292 -156.57 114.33 -40.21
C LEU G 292 -155.61 113.15 -39.98
N HIS G 293 -154.31 113.33 -40.22
CA HIS G 293 -153.34 112.26 -40.00
C HIS G 293 -152.15 112.83 -39.21
N PHE G 294 -151.14 111.99 -39.01
CA PHE G 294 -149.97 112.35 -38.22
C PHE G 294 -148.72 112.18 -39.06
N LYS G 295 -147.57 112.40 -38.44
CA LYS G 295 -146.27 112.26 -39.08
C LYS G 295 -145.22 112.16 -37.99
N VAL G 296 -144.48 111.06 -37.96
CA VAL G 296 -143.52 110.79 -36.89
C VAL G 296 -142.14 110.62 -37.51
N PRO G 297 -141.18 111.47 -37.21
CA PRO G 297 -139.80 111.27 -37.67
C PRO G 297 -138.96 110.50 -36.65
N CYS G 298 -137.84 109.98 -37.15
CA CYS G 298 -136.87 109.22 -36.36
C CYS G 298 -135.47 109.56 -36.85
N THR G 299 -134.55 109.76 -35.91
CA THR G 299 -133.19 110.20 -36.23
C THR G 299 -132.17 109.43 -35.39
N SER G 300 -130.93 109.47 -35.84
CA SER G 300 -129.82 108.80 -35.17
C SER G 300 -128.52 109.38 -35.70
N LYS G 301 -127.40 108.94 -35.12
CA LYS G 301 -126.09 109.40 -35.53
C LYS G 301 -125.12 108.22 -35.59
N CYS G 302 -124.10 108.36 -36.43
CA CYS G 302 -123.07 107.33 -36.55
C CYS G 302 -121.81 107.97 -37.11
N THR G 303 -120.80 107.15 -37.35
CA THR G 303 -119.56 107.61 -37.96
C THR G 303 -118.99 106.66 -39.01
N GLY G 304 -119.45 105.42 -39.07
CA GLY G 304 -118.85 104.45 -39.95
C GLY G 304 -117.56 103.88 -39.36
N LEU G 305 -116.89 103.06 -40.16
CA LEU G 305 -115.67 102.39 -39.74
C LEU G 305 -114.51 103.38 -39.84
N THR G 306 -113.71 103.47 -38.78
CA THR G 306 -112.52 104.31 -38.77
C THR G 306 -111.29 103.44 -38.57
N ILE G 307 -110.30 103.60 -39.45
CA ILE G 307 -109.10 102.78 -39.45
C ILE G 307 -107.92 103.68 -39.14
N TYR G 308 -107.38 103.56 -37.92
CA TYR G 308 -106.18 104.31 -37.56
C TYR G 308 -104.94 103.72 -38.21
N ARG G 309 -104.81 102.39 -38.21
CA ARG G 309 -103.69 101.71 -38.83
C ARG G 309 -104.19 100.84 -39.98
N PRO G 310 -103.89 101.19 -41.24
CA PRO G 310 -104.43 100.42 -42.37
C PRO G 310 -103.56 99.28 -42.85
N MET G 311 -102.41 99.03 -42.21
CA MET G 311 -101.53 97.93 -42.60
C MET G 311 -101.88 96.63 -41.91
N THR G 312 -102.91 96.62 -41.07
CA THR G 312 -103.34 95.42 -40.35
C THR G 312 -104.57 94.77 -40.98
N ILE G 313 -104.85 95.07 -42.25
CA ILE G 313 -105.99 94.51 -42.96
C ILE G 313 -105.52 94.03 -44.32
N VAL G 314 -105.78 92.75 -44.62
CA VAL G 314 -105.47 92.16 -45.91
C VAL G 314 -106.76 91.60 -46.51
N LEU G 315 -107.03 91.98 -47.76
CA LEU G 315 -108.20 91.53 -48.49
C LEU G 315 -107.72 90.69 -49.66
N ILE G 316 -108.13 89.42 -49.69
CA ILE G 316 -107.85 88.54 -50.81
C ILE G 316 -109.07 88.55 -51.72
N THR G 317 -108.87 88.99 -52.95
CA THR G 317 -109.98 89.16 -53.89
C THR G 317 -109.92 88.11 -54.99
N GLY G 318 -111.03 88.00 -55.72
CA GLY G 318 -111.12 87.03 -56.79
C GLY G 318 -111.49 85.63 -56.38
N VAL G 319 -111.83 85.41 -55.11
CA VAL G 319 -112.19 84.09 -54.64
C VAL G 319 -113.47 83.60 -55.33
N ALA H 28 -170.59 -5.78 -52.73
CA ALA H 28 -169.60 -5.03 -53.50
C ALA H 28 -168.81 -4.09 -52.61
N ALA H 29 -169.22 -3.98 -51.35
CA ALA H 29 -168.56 -3.12 -50.38
C ALA H 29 -167.46 -3.91 -49.69
N THR H 30 -166.22 -3.46 -49.82
CA THR H 30 -165.06 -4.11 -49.23
C THR H 30 -164.14 -3.00 -48.70
N MET H 31 -164.30 -2.68 -47.42
CA MET H 31 -163.61 -1.54 -46.82
C MET H 31 -162.74 -2.01 -45.66
N GLY H 32 -161.94 -1.09 -45.14
CA GLY H 32 -161.27 -1.31 -43.88
C GLY H 32 -162.16 -0.91 -42.72
N ILE H 33 -161.66 -1.16 -41.50
CA ILE H 33 -162.41 -0.78 -40.30
C ILE H 33 -162.06 0.60 -39.80
N TRP H 34 -161.08 1.27 -40.42
CA TRP H 34 -160.70 2.63 -40.06
C TRP H 34 -160.85 3.52 -41.28
N THR H 35 -161.54 4.64 -41.12
CA THR H 35 -161.69 5.60 -42.20
C THR H 35 -160.54 6.59 -42.18
N ALA H 36 -160.44 7.36 -43.26
CA ALA H 36 -159.27 8.23 -43.45
C ALA H 36 -159.19 9.30 -42.37
N GLN H 37 -160.34 9.78 -41.89
CA GLN H 37 -160.35 10.86 -40.90
C GLN H 37 -159.78 10.42 -39.55
N GLU H 38 -159.88 9.13 -39.22
CA GLU H 38 -159.44 8.66 -37.92
C GLU H 38 -157.92 8.76 -37.74
N LEU H 39 -157.16 8.85 -38.82
CA LEU H 39 -155.72 8.94 -38.73
C LEU H 39 -155.22 10.24 -39.36
N HIS H 40 -155.91 11.34 -39.07
CA HIS H 40 -155.61 12.63 -39.65
C HIS H 40 -155.43 13.64 -38.52
N ARG H 41 -154.54 14.62 -38.75
CA ARG H 41 -154.21 15.61 -37.72
C ARG H 41 -154.23 17.01 -38.33
N ILE H 42 -154.79 17.95 -37.57
CA ILE H 42 -154.80 19.37 -37.92
C ILE H 42 -153.72 20.06 -37.10
N LYS H 43 -152.91 20.89 -37.76
CA LYS H 43 -151.75 21.49 -37.10
C LYS H 43 -152.13 22.53 -36.05
N SER H 44 -153.39 22.98 -36.01
CA SER H 44 -153.87 23.97 -35.05
C SER H 44 -153.02 25.23 -35.07
N GLN H 45 -152.56 25.64 -36.25
CA GLN H 45 -151.60 26.73 -36.40
C GLN H 45 -151.79 27.32 -37.79
N SER H 46 -152.46 28.46 -37.87
CA SER H 46 -152.83 29.06 -39.14
C SER H 46 -151.94 30.25 -39.46
N TYR H 47 -151.80 30.52 -40.76
CA TYR H 47 -151.03 31.63 -41.27
C TYR H 47 -151.96 32.67 -41.88
N GLU H 48 -151.67 33.94 -41.63
CA GLU H 48 -152.45 35.05 -42.18
C GLU H 48 -151.54 35.98 -42.95
N GLU H 49 -152.03 36.48 -44.08
CA GLU H 49 -151.29 37.44 -44.87
C GLU H 49 -151.12 38.74 -44.12
N ASP H 50 -150.02 39.43 -44.36
CA ASP H 50 -149.70 40.69 -43.69
C ASP H 50 -149.76 41.84 -44.69
N TYR H 51 -150.57 42.85 -44.36
CA TYR H 51 -150.74 44.04 -45.20
C TYR H 51 -150.38 45.27 -44.38
N PRO H 52 -149.12 45.72 -44.42
CA PRO H 52 -148.76 46.96 -43.72
C PRO H 52 -149.47 48.15 -44.31
N VAL H 53 -149.75 49.14 -43.46
CA VAL H 53 -150.52 50.31 -43.90
C VAL H 53 -149.60 51.32 -44.61
N GLY H 54 -148.51 51.70 -43.95
CA GLY H 54 -147.61 52.68 -44.53
C GLY H 54 -146.87 53.43 -43.43
N SER H 55 -146.44 54.65 -43.78
CA SER H 55 -145.69 55.47 -42.83
C SER H 55 -146.10 56.94 -42.87
N ALA H 56 -147.26 57.26 -43.45
CA ALA H 56 -147.68 58.65 -43.58
C ALA H 56 -147.90 59.29 -42.21
N LEU H 57 -148.50 58.55 -41.28
CA LEU H 57 -148.74 59.09 -39.94
C LEU H 57 -147.52 58.98 -39.03
N ARG H 58 -146.42 58.39 -39.51
CA ARG H 58 -145.20 58.31 -38.74
C ARG H 58 -144.13 59.29 -39.21
N VAL H 59 -144.12 59.64 -40.50
CA VAL H 59 -143.10 60.56 -41.02
C VAL H 59 -143.54 62.02 -41.00
N PHE H 60 -144.84 62.30 -40.87
CA PHE H 60 -145.30 63.67 -40.85
C PHE H 60 -146.07 63.94 -39.56
N PRO H 61 -145.87 65.10 -38.93
CA PRO H 61 -146.58 65.39 -37.68
C PRO H 61 -148.07 65.52 -37.88
N VAL H 62 -148.82 65.20 -36.83
CA VAL H 62 -150.28 65.23 -36.84
C VAL H 62 -150.75 66.23 -35.80
N THR H 63 -151.63 67.14 -36.22
CA THR H 63 -152.22 68.13 -35.34
C THR H 63 -153.72 67.88 -35.20
N THR H 64 -154.33 68.54 -34.21
CA THR H 64 -155.73 68.33 -33.87
C THR H 64 -156.49 69.64 -33.76
N GLU H 65 -156.13 70.64 -34.57
CA GLU H 65 -156.77 71.94 -34.50
C GLU H 65 -157.89 72.03 -35.55
N LEU H 66 -158.84 71.10 -35.41
CA LEU H 66 -160.03 71.11 -36.26
C LEU H 66 -161.19 70.46 -35.51
N SER H 67 -162.28 71.20 -35.34
CA SER H 67 -163.53 70.59 -34.91
C SER H 67 -164.08 69.70 -36.03
N PRO H 68 -164.83 68.66 -35.69
CA PRO H 68 -165.36 67.77 -36.73
C PRO H 68 -166.35 68.45 -37.68
N THR H 69 -166.71 69.71 -37.45
CA THR H 69 -167.74 70.38 -38.23
C THR H 69 -167.21 71.51 -39.10
N ASP H 70 -165.90 71.62 -39.26
CA ASP H 70 -165.34 72.63 -40.16
C ASP H 70 -165.18 72.07 -41.57
N LYS H 71 -165.04 72.97 -42.53
CA LYS H 71 -164.82 72.60 -43.93
C LYS H 71 -163.71 73.39 -44.60
N THR H 72 -163.15 74.40 -43.95
CA THR H 72 -162.13 75.24 -44.56
C THR H 72 -161.34 75.94 -43.46
N PHE H 73 -160.03 75.98 -43.62
CA PHE H 73 -159.14 76.68 -42.70
C PHE H 73 -158.28 77.65 -43.49
N GLU H 74 -157.78 78.68 -42.79
CA GLU H 74 -157.09 79.78 -43.44
C GLU H 74 -156.02 80.31 -42.50
N TYR H 75 -154.89 80.74 -43.10
CA TYR H 75 -153.79 81.30 -42.32
C TYR H 75 -153.20 82.50 -43.06
N MET H 76 -152.45 83.32 -42.32
CA MET H 76 -151.97 84.60 -42.83
C MET H 76 -150.47 84.73 -42.65
N THR H 77 -149.88 85.57 -43.51
CA THR H 77 -148.47 85.94 -43.41
C THR H 77 -148.34 87.44 -43.68
N PHE H 78 -147.24 88.02 -43.20
CA PHE H 78 -147.02 89.47 -43.23
C PHE H 78 -145.62 89.80 -43.70
N ASP H 79 -145.40 91.08 -43.98
CA ASP H 79 -144.11 91.57 -44.46
C ASP H 79 -144.06 93.09 -44.27
N LYS H 80 -142.86 93.65 -44.44
CA LYS H 80 -142.65 95.08 -44.26
C LYS H 80 -141.56 95.57 -45.19
N VAL H 81 -141.57 96.89 -45.47
CA VAL H 81 -140.60 97.52 -46.36
C VAL H 81 -140.28 98.93 -45.85
N GLY H 82 -139.07 99.38 -46.13
CA GLY H 82 -138.64 100.71 -45.72
C GLY H 82 -137.19 100.96 -46.11
N THR H 83 -136.72 102.15 -45.73
CA THR H 83 -135.34 102.56 -45.99
C THR H 83 -135.00 103.76 -45.12
N ALA H 84 -133.75 104.22 -45.26
CA ALA H 84 -133.25 105.36 -44.49
C ALA H 84 -132.13 106.04 -45.27
N GLN H 85 -131.82 107.27 -44.90
CA GLN H 85 -130.89 108.10 -45.66
C GLN H 85 -130.10 109.01 -44.72
N ILE H 86 -129.05 109.62 -45.27
CA ILE H 86 -128.23 110.61 -44.57
C ILE H 86 -128.83 111.98 -44.85
N ILE H 87 -129.07 112.75 -43.79
CA ILE H 87 -129.72 114.05 -43.93
C ILE H 87 -128.87 115.15 -43.31
N ALA H 88 -129.36 116.38 -43.38
CA ALA H 88 -128.78 117.53 -42.70
C ALA H 88 -129.75 118.01 -41.62
N ASP H 89 -129.41 119.12 -40.97
CA ASP H 89 -130.27 119.64 -39.90
C ASP H 89 -131.55 120.22 -40.47
N TYR H 90 -131.46 121.05 -41.51
CA TYR H 90 -132.64 121.67 -42.13
C TYR H 90 -133.08 120.78 -43.29
N THR H 91 -133.85 119.76 -42.98
CA THR H 91 -134.31 118.78 -43.96
C THR H 91 -135.83 118.68 -43.88
N ASP H 92 -136.47 118.62 -45.05
CA ASP H 92 -137.92 118.47 -45.13
C ASP H 92 -138.38 117.18 -45.79
N ASP H 93 -137.49 116.48 -46.50
CA ASP H 93 -137.85 115.23 -47.17
C ASP H 93 -137.24 114.03 -46.44
N LEU H 94 -138.07 113.06 -46.10
CA LEU H 94 -137.65 111.88 -45.37
C LEU H 94 -138.34 110.65 -45.96
N PRO H 95 -137.65 109.51 -46.03
CA PRO H 95 -138.27 108.30 -46.56
C PRO H 95 -139.31 107.73 -45.61
N LEU H 96 -140.14 106.85 -46.15
CA LEU H 96 -141.27 106.27 -45.42
C LEU H 96 -141.21 104.74 -45.49
N VAL H 97 -142.05 104.09 -44.68
CA VAL H 97 -142.09 102.64 -44.55
C VAL H 97 -143.55 102.18 -44.68
N ASP H 98 -143.73 100.88 -44.91
CA ASP H 98 -145.07 100.33 -45.10
C ASP H 98 -145.05 98.83 -44.80
N ALA H 99 -146.23 98.20 -44.81
CA ALA H 99 -146.38 96.80 -44.46
C ALA H 99 -147.35 96.13 -45.43
N LEU H 100 -147.35 94.79 -45.42
CA LEU H 100 -148.13 93.99 -46.34
C LEU H 100 -148.57 92.70 -45.67
N GLY H 101 -149.59 92.05 -46.24
CA GLY H 101 -150.06 90.77 -45.75
C GLY H 101 -150.78 89.98 -46.82
N THR H 102 -151.01 88.69 -46.52
CA THR H 102 -151.70 87.79 -47.43
C THR H 102 -152.16 86.56 -46.66
N SER H 103 -152.92 85.69 -47.33
CA SER H 103 -153.56 84.55 -46.67
C SER H 103 -153.72 83.38 -47.64
N GLU H 104 -153.91 82.18 -47.06
CA GLU H 104 -154.07 80.94 -47.81
C GLU H 104 -155.14 80.08 -47.12
N PHE H 105 -155.66 79.08 -47.86
CA PHE H 105 -156.84 78.31 -47.47
C PHE H 105 -156.60 76.82 -47.64
N GLY H 106 -157.52 76.01 -47.12
CA GLY H 106 -157.48 74.56 -47.22
C GLY H 106 -158.87 73.94 -47.20
N LYS H 107 -158.91 72.60 -47.23
CA LYS H 107 -160.18 71.87 -47.33
C LYS H 107 -160.11 70.54 -46.58
N VAL H 108 -161.27 69.87 -46.49
CA VAL H 108 -161.45 68.60 -45.78
C VAL H 108 -162.31 67.68 -46.64
N PHE H 109 -162.22 66.35 -46.41
CA PHE H 109 -162.97 65.35 -47.15
C PHE H 109 -163.44 64.23 -46.21
N ARG H 110 -164.41 63.44 -46.68
CA ARG H 110 -164.92 62.27 -45.99
C ARG H 110 -164.56 61.00 -46.76
N LEU H 111 -164.82 59.85 -46.13
CA LEU H 111 -164.63 58.56 -46.77
C LEU H 111 -165.36 57.50 -45.96
N GLY H 112 -165.65 56.37 -46.60
CA GLY H 112 -166.37 55.30 -45.93
C GLY H 112 -166.67 54.14 -46.87
N ASN H 113 -167.17 53.06 -46.27
CA ASN H 113 -167.54 51.83 -46.97
C ASN H 113 -168.54 51.07 -46.11
N ALA H 114 -168.77 49.80 -46.42
CA ALA H 114 -169.72 48.99 -45.67
C ALA H 114 -169.40 47.51 -45.87
N TYR H 115 -170.18 46.64 -45.20
CA TYR H 115 -170.02 45.21 -45.37
C TYR H 115 -171.32 44.50 -44.98
N LEU H 116 -171.41 43.22 -45.34
CA LEU H 116 -172.61 42.41 -45.17
C LEU H 116 -172.28 41.14 -44.39
N ILE H 117 -173.30 40.58 -43.74
CA ILE H 117 -173.17 39.30 -43.05
C ILE H 117 -174.58 38.74 -42.86
N SER H 118 -174.66 37.42 -42.70
CA SER H 118 -175.95 36.73 -42.63
C SER H 118 -176.08 35.98 -41.31
N ILE H 119 -177.32 35.61 -40.98
CA ILE H 119 -177.61 34.93 -39.73
C ILE H 119 -176.97 33.55 -39.67
N ASP H 120 -177.05 32.80 -40.78
CA ASP H 120 -176.44 31.47 -40.80
C ASP H 120 -174.93 31.55 -40.63
N GLU H 121 -174.29 32.52 -41.28
CA GLU H 121 -172.85 32.69 -41.13
C GLU H 121 -172.50 33.11 -39.72
N ILE H 122 -173.33 33.97 -39.10
CA ILE H 122 -173.06 34.39 -37.72
C ILE H 122 -173.13 33.18 -36.78
N LYS H 123 -174.18 32.36 -36.93
CA LYS H 123 -174.31 31.18 -36.08
C LYS H 123 -173.17 30.20 -36.31
N ALA H 124 -172.78 29.99 -37.58
CA ALA H 124 -171.68 29.08 -37.86
C ALA H 124 -170.38 29.57 -37.25
N GLY H 125 -170.13 30.88 -37.32
CA GLY H 125 -168.94 31.42 -36.68
C GLY H 125 -168.97 31.27 -35.17
N GLN H 126 -170.14 31.46 -34.56
CA GLN H 126 -170.25 31.26 -33.12
C GLN H 126 -170.03 29.80 -32.73
N ALA H 127 -170.45 28.87 -33.60
CA ALA H 127 -170.37 27.45 -33.25
C ALA H 127 -168.98 26.86 -33.50
N THR H 128 -168.36 27.19 -34.62
CA THR H 128 -167.10 26.54 -34.98
C THR H 128 -165.89 27.14 -34.29
N GLY H 129 -166.04 28.26 -33.58
CA GLY H 129 -164.94 28.90 -32.91
C GLY H 129 -164.18 29.92 -33.73
N ARG H 130 -164.48 30.04 -35.02
CA ARG H 130 -163.84 31.02 -35.90
C ARG H 130 -164.89 31.98 -36.42
N PRO H 131 -165.00 33.18 -35.85
CA PRO H 131 -166.01 34.14 -36.32
C PRO H 131 -165.62 34.74 -37.66
N LEU H 132 -166.60 35.36 -38.31
CA LEU H 132 -166.42 35.99 -39.61
C LEU H 132 -166.52 37.50 -39.58
N SER H 133 -167.33 38.07 -38.69
CA SER H 133 -167.58 39.50 -38.70
C SER H 133 -166.33 40.30 -38.34
N THR H 134 -165.52 39.79 -37.41
CA THR H 134 -164.33 40.51 -36.98
C THR H 134 -163.33 40.67 -38.12
N ARG H 135 -163.21 39.64 -38.96
CA ARG H 135 -162.31 39.74 -40.12
C ARG H 135 -162.73 40.86 -41.06
N LYS H 136 -164.04 40.98 -41.31
CA LYS H 136 -164.53 42.02 -42.21
C LYS H 136 -164.36 43.41 -41.58
N ALA H 137 -164.57 43.52 -40.27
CA ALA H 137 -164.34 44.80 -39.61
C ALA H 137 -162.88 45.22 -39.70
N SER H 138 -161.96 44.27 -39.49
CA SER H 138 -160.54 44.57 -39.62
C SER H 138 -160.20 44.97 -41.05
N ALA H 139 -160.80 44.30 -42.03
CA ALA H 139 -160.58 44.66 -43.43
C ALA H 139 -161.05 46.08 -43.71
N CYS H 140 -162.20 46.47 -43.15
CA CYS H 140 -162.69 47.83 -43.33
C CYS H 140 -161.73 48.86 -42.75
N GLN H 141 -161.26 48.62 -41.52
CA GLN H 141 -160.33 49.58 -40.91
C GLN H 141 -159.03 49.68 -41.70
N LEU H 142 -158.51 48.54 -42.14
CA LEU H 142 -157.30 48.54 -42.96
C LEU H 142 -157.52 49.30 -44.27
N ALA H 143 -158.71 49.16 -44.86
CA ALA H 143 -159.00 49.88 -46.09
C ALA H 143 -158.98 51.39 -45.86
N HIS H 144 -159.58 51.84 -44.75
CA HIS H 144 -159.53 53.27 -44.45
C HIS H 144 -158.10 53.76 -44.28
N ASP H 145 -157.29 53.03 -43.51
CA ASP H 145 -155.92 53.48 -43.29
C ASP H 145 -155.13 53.51 -44.60
N GLN H 146 -155.29 52.48 -45.43
CA GLN H 146 -154.56 52.43 -46.69
C GLN H 146 -154.99 53.55 -47.63
N LEU H 147 -156.28 53.87 -47.66
CA LEU H 147 -156.73 54.96 -48.52
C LEU H 147 -156.23 56.31 -48.01
N VAL H 148 -156.13 56.48 -46.69
CA VAL H 148 -155.54 57.70 -46.16
C VAL H 148 -154.09 57.83 -46.61
N ASN H 149 -153.32 56.75 -46.50
CA ASN H 149 -151.94 56.79 -46.93
C ASN H 149 -151.82 57.07 -48.43
N ARG H 150 -152.69 56.45 -49.23
CA ARG H 150 -152.69 56.69 -50.66
C ARG H 150 -153.01 58.13 -50.99
N LEU H 151 -153.95 58.72 -50.26
CA LEU H 151 -154.27 60.13 -50.46
C LEU H 151 -153.08 61.02 -50.13
N VAL H 152 -152.35 60.68 -49.05
CA VAL H 152 -151.20 61.51 -48.67
C VAL H 152 -150.08 61.42 -49.71
N PHE H 153 -149.75 60.21 -50.15
CA PHE H 153 -148.56 60.04 -51.00
C PHE H 153 -148.85 60.08 -52.50
N LYS H 154 -150.11 60.09 -52.91
CA LYS H 154 -150.45 60.12 -54.32
C LYS H 154 -151.52 61.15 -54.68
N GLY H 155 -152.38 61.52 -53.73
CA GLY H 155 -153.42 62.47 -54.03
C GLY H 155 -154.48 61.91 -54.95
N SER H 156 -155.32 62.81 -55.43
CA SER H 156 -156.39 62.44 -56.35
C SER H 156 -156.60 63.62 -57.31
N ALA H 157 -156.23 63.42 -58.57
CA ALA H 157 -156.39 64.48 -59.57
C ALA H 157 -157.84 64.93 -59.72
N PRO H 158 -158.84 64.05 -59.85
CA PRO H 158 -160.22 64.54 -59.91
C PRO H 158 -160.64 65.33 -58.68
N HIS H 159 -160.17 64.93 -57.50
CA HIS H 159 -160.52 65.63 -56.26
C HIS H 159 -159.66 66.86 -56.03
N LYS H 160 -158.68 67.12 -56.89
CA LYS H 160 -157.75 68.24 -56.72
C LYS H 160 -157.02 68.16 -55.37
N ILE H 161 -156.47 66.99 -55.08
CA ILE H 161 -155.61 66.78 -53.92
C ILE H 161 -154.20 66.53 -54.45
N VAL H 162 -153.25 67.36 -54.00
CA VAL H 162 -151.88 67.32 -54.49
C VAL H 162 -151.02 66.50 -53.55
N SER H 163 -150.17 65.65 -54.12
CA SER H 163 -149.24 64.86 -53.35
C SER H 163 -148.04 65.70 -52.94
N VAL H 164 -147.16 65.10 -52.13
CA VAL H 164 -145.98 65.82 -51.68
C VAL H 164 -144.94 65.95 -52.78
N PHE H 165 -144.99 65.09 -53.79
CA PHE H 165 -144.04 65.14 -54.89
C PHE H 165 -144.46 66.05 -56.03
N ASN H 166 -145.65 66.65 -55.94
CA ASN H 166 -146.18 67.49 -57.01
C ASN H 166 -146.48 68.91 -56.56
N HIS H 167 -146.17 69.25 -55.32
CA HIS H 167 -146.39 70.62 -54.85
C HIS H 167 -145.50 71.57 -55.63
N PRO H 168 -146.03 72.67 -56.17
CA PRO H 168 -145.24 73.54 -57.05
C PRO H 168 -144.35 74.54 -56.35
N ASN H 169 -144.23 74.49 -55.02
CA ASN H 169 -143.45 75.48 -54.28
C ASN H 169 -142.31 74.85 -53.48
N ILE H 170 -142.15 73.54 -53.53
CA ILE H 170 -141.05 72.86 -52.88
C ILE H 170 -139.84 72.90 -53.80
N THR H 171 -138.66 72.63 -53.25
CA THR H 171 -137.44 72.64 -54.03
C THR H 171 -137.27 71.31 -54.73
N LYS H 172 -137.00 71.36 -56.04
CA LYS H 172 -136.77 70.16 -56.84
C LYS H 172 -135.37 70.23 -57.45
N ILE H 173 -134.63 69.12 -57.33
CA ILE H 173 -133.28 69.04 -57.88
C ILE H 173 -133.20 67.80 -58.77
N THR H 174 -132.92 68.00 -60.05
CA THR H 174 -132.68 66.89 -60.95
C THR H 174 -131.32 66.27 -60.65
N SER H 175 -131.24 64.94 -60.74
CA SER H 175 -130.07 64.21 -60.31
C SER H 175 -129.58 63.25 -61.39
N GLY H 176 -128.27 63.05 -61.43
CA GLY H 176 -127.73 61.94 -62.17
C GLY H 176 -128.02 60.63 -61.48
N LYS H 177 -128.11 59.56 -62.27
CA LYS H 177 -128.48 58.26 -61.74
C LYS H 177 -127.45 57.78 -60.72
N TRP H 178 -127.94 57.31 -59.58
CA TRP H 178 -127.06 56.71 -58.58
C TRP H 178 -126.67 55.29 -58.99
N ILE H 179 -127.58 54.54 -59.59
CA ILE H 179 -127.30 53.22 -60.14
C ILE H 179 -127.67 53.27 -61.61
N ASP H 180 -126.67 53.23 -62.48
CA ASP H 180 -126.87 53.26 -63.93
C ASP H 180 -126.21 52.04 -64.58
N ALA H 181 -127.04 51.15 -65.13
CA ALA H 181 -126.59 49.93 -65.79
C ALA H 181 -125.68 49.11 -64.88
N SER H 182 -126.22 48.77 -63.71
CA SER H 182 -125.54 47.95 -62.70
C SER H 182 -124.22 48.56 -62.23
N THR H 183 -124.14 49.89 -62.22
CA THR H 183 -122.95 50.59 -61.73
C THR H 183 -123.37 51.49 -60.57
N MET H 184 -122.65 51.40 -59.46
CA MET H 184 -122.97 52.14 -58.25
C MET H 184 -122.00 53.29 -58.07
N LYS H 185 -122.53 54.49 -57.82
CA LYS H 185 -121.76 55.72 -57.74
C LYS H 185 -122.08 56.44 -56.43
N PRO H 186 -121.51 56.01 -55.31
CA PRO H 186 -121.85 56.62 -54.02
C PRO H 186 -121.38 58.06 -53.86
N GLU H 187 -120.33 58.48 -54.56
CA GLU H 187 -119.83 59.84 -54.38
C GLU H 187 -120.84 60.87 -54.89
N THR H 188 -121.55 60.55 -55.98
CA THR H 188 -122.60 61.44 -56.46
C THR H 188 -123.72 61.57 -55.44
N ALA H 189 -124.10 60.46 -54.81
CA ALA H 189 -125.13 60.49 -53.77
C ALA H 189 -124.69 61.34 -52.60
N GLU H 190 -123.43 61.19 -52.17
CA GLU H 190 -122.92 62.00 -51.07
C GLU H 190 -122.94 63.49 -51.43
N ALA H 191 -122.47 63.83 -52.63
CA ALA H 191 -122.46 65.23 -53.05
C ALA H 191 -123.85 65.81 -53.09
N GLU H 192 -124.81 65.06 -53.64
CA GLU H 192 -126.17 65.58 -53.75
C GLU H 192 -126.85 65.72 -52.39
N LEU H 193 -126.60 64.77 -51.48
CA LEU H 193 -127.16 64.90 -50.14
C LEU H 193 -126.61 66.13 -49.43
N THR H 194 -125.29 66.33 -49.49
CA THR H 194 -124.71 67.51 -48.88
C THR H 194 -125.22 68.79 -49.53
N GLN H 195 -125.41 68.77 -50.85
CA GLN H 195 -125.93 69.93 -51.55
C GLN H 195 -127.35 70.27 -51.09
N ALA H 196 -128.20 69.26 -50.94
CA ALA H 196 -129.56 69.51 -50.47
C ALA H 196 -129.56 70.05 -49.05
N ILE H 197 -128.72 69.49 -48.17
CA ILE H 197 -128.66 69.97 -46.79
C ILE H 197 -128.20 71.42 -46.76
N GLU H 198 -127.21 71.77 -47.59
CA GLU H 198 -126.74 73.16 -47.63
C GLU H 198 -127.80 74.09 -48.23
N THR H 199 -128.55 73.61 -49.22
CA THR H 199 -129.57 74.43 -49.85
C THR H 199 -130.69 74.77 -48.86
N ILE H 200 -131.08 73.80 -48.03
CA ILE H 200 -132.12 74.08 -47.05
C ILE H 200 -131.69 75.19 -46.11
N GLU H 201 -130.45 75.14 -45.62
CA GLU H 201 -129.98 76.16 -44.70
C GLU H 201 -129.76 77.50 -45.38
N THR H 202 -129.28 77.51 -46.62
CA THR H 202 -129.02 78.77 -47.31
C THR H 202 -130.32 79.49 -47.67
N ILE H 203 -131.29 78.76 -48.22
CA ILE H 203 -132.49 79.41 -48.74
C ILE H 203 -133.40 79.92 -47.64
N THR H 204 -133.23 79.44 -46.40
CA THR H 204 -134.04 79.89 -45.28
C THR H 204 -133.28 80.84 -44.35
N ARG H 205 -132.05 81.21 -44.72
CA ARG H 205 -131.25 82.18 -43.96
C ARG H 205 -131.03 81.73 -42.51
N GLY H 206 -130.79 80.44 -42.32
CA GLY H 206 -130.32 79.91 -41.06
C GLY H 206 -131.37 79.69 -39.99
N GLN H 207 -132.65 79.94 -40.29
CA GLN H 207 -133.68 79.70 -39.29
C GLN H 207 -134.23 78.28 -39.32
N HIS H 208 -133.97 77.53 -40.39
CA HIS H 208 -134.42 76.15 -40.49
C HIS H 208 -133.28 75.27 -40.99
N ARG H 209 -133.10 74.13 -40.33
CA ARG H 209 -132.04 73.20 -40.68
C ARG H 209 -132.65 71.81 -40.89
N ALA H 210 -132.17 71.13 -41.92
CA ALA H 210 -132.71 69.82 -42.27
C ALA H 210 -132.46 68.83 -41.14
N THR H 211 -133.42 67.92 -40.94
CA THR H 211 -133.32 66.97 -39.84
C THR H 211 -133.60 65.54 -40.29
N ASN H 212 -134.38 65.37 -41.37
CA ASN H 212 -134.84 64.05 -41.76
C ASN H 212 -134.59 63.81 -43.25
N ILE H 213 -134.14 62.59 -43.56
CA ILE H 213 -133.88 62.14 -44.92
C ILE H 213 -134.62 60.83 -45.16
N LEU H 214 -135.26 60.71 -46.32
CA LEU H 214 -135.96 59.49 -46.71
C LEU H 214 -135.46 59.04 -48.07
N ILE H 215 -135.09 57.77 -48.17
CA ILE H 215 -134.49 57.21 -49.38
C ILE H 215 -135.22 55.93 -49.74
N PRO H 216 -135.20 55.55 -51.02
CA PRO H 216 -135.83 54.29 -51.41
C PRO H 216 -135.10 53.11 -50.80
N PRO H 217 -135.82 52.02 -50.53
CA PRO H 217 -135.15 50.84 -49.96
C PRO H 217 -134.04 50.26 -50.83
N SER H 218 -134.18 50.34 -52.15
CA SER H 218 -133.18 49.76 -53.04
C SER H 218 -131.85 50.50 -53.00
N MET H 219 -131.79 51.70 -52.43
CA MET H 219 -130.56 52.47 -52.37
C MET H 219 -129.79 52.28 -51.07
N ARG H 220 -130.28 51.43 -50.16
CA ARG H 220 -129.54 51.17 -48.92
C ARG H 220 -128.22 50.47 -49.21
N LYS H 221 -128.14 49.72 -50.29
CA LYS H 221 -126.89 49.04 -50.65
C LYS H 221 -125.86 50.01 -51.23
N VAL H 222 -126.30 51.14 -51.77
CA VAL H 222 -125.36 52.11 -52.32
C VAL H 222 -124.53 52.75 -51.22
N LEU H 223 -125.18 53.11 -50.12
CA LEU H 223 -124.50 53.78 -49.02
C LEU H 223 -123.65 52.84 -48.17
N ALA H 224 -123.70 51.53 -48.44
CA ALA H 224 -122.94 50.56 -47.68
C ALA H 224 -121.57 50.26 -48.31
N ILE H 225 -121.23 50.92 -49.41
CA ILE H 225 -119.93 50.69 -50.05
C ILE H 225 -118.82 51.19 -49.14
N ARG H 226 -117.71 50.47 -49.11
CA ARG H 226 -116.56 50.90 -48.33
C ARG H 226 -115.88 52.09 -49.01
N MET H 227 -115.66 53.15 -48.23
CA MET H 227 -114.98 54.32 -48.77
C MET H 227 -113.51 54.00 -49.03
N PRO H 228 -112.97 54.43 -50.17
CA PRO H 228 -111.58 54.10 -50.49
C PRO H 228 -110.60 54.72 -49.51
N GLU H 229 -109.43 54.08 -49.39
CA GLU H 229 -108.35 54.52 -48.51
C GLU H 229 -108.76 54.49 -47.04
N THR H 230 -109.76 53.69 -46.70
CA THR H 230 -110.15 53.51 -45.31
C THR H 230 -110.99 52.23 -45.22
N THR H 231 -111.37 51.89 -43.98
CA THR H 231 -112.14 50.69 -43.71
C THR H 231 -113.45 51.02 -43.01
N MET H 232 -114.10 52.11 -43.44
CA MET H 232 -115.41 52.50 -42.95
C MET H 232 -116.28 52.91 -44.13
N SER H 233 -117.59 52.78 -43.95
CA SER H 233 -118.48 52.94 -45.09
C SER H 233 -118.96 54.39 -45.23
N TYR H 234 -119.56 54.66 -46.39
CA TYR H 234 -120.02 56.00 -46.71
C TYR H 234 -121.07 56.49 -45.74
N LEU H 235 -121.99 55.62 -45.33
CA LEU H 235 -123.01 56.02 -44.37
C LEU H 235 -122.38 56.40 -43.03
N ASP H 236 -121.38 55.62 -42.58
CA ASP H 236 -120.69 55.97 -41.34
C ASP H 236 -119.99 57.31 -41.46
N TYR H 237 -119.33 57.57 -42.60
CA TYR H 237 -118.68 58.86 -42.78
C TYR H 237 -119.70 59.99 -42.77
N PHE H 238 -120.84 59.79 -43.43
CA PHE H 238 -121.87 60.83 -43.48
C PHE H 238 -122.44 61.11 -42.11
N LYS H 239 -122.67 60.08 -41.31
CA LYS H 239 -123.18 60.29 -39.95
C LYS H 239 -122.13 60.91 -39.04
N SER H 240 -120.85 60.59 -39.24
CA SER H 240 -119.80 61.27 -38.48
C SER H 240 -119.74 62.75 -38.83
N GLN H 241 -119.91 63.08 -40.11
CA GLN H 241 -119.85 64.48 -40.52
C GLN H 241 -121.08 65.25 -40.04
N ASN H 242 -122.27 64.85 -40.47
CA ASN H 242 -123.51 65.55 -40.15
C ASN H 242 -124.16 64.84 -38.96
N SER H 243 -123.96 65.39 -37.77
CA SER H 243 -124.56 64.84 -36.57
C SER H 243 -125.98 65.36 -36.39
N GLY H 244 -126.82 64.55 -35.75
CA GLY H 244 -128.19 64.93 -35.49
C GLY H 244 -129.15 64.77 -36.65
N ILE H 245 -128.74 64.04 -37.69
CA ILE H 245 -129.58 63.83 -38.87
C ILE H 245 -130.05 62.38 -38.87
N GLU H 246 -131.34 62.17 -39.07
CA GLU H 246 -131.93 60.84 -39.13
C GLU H 246 -132.29 60.47 -40.55
N ILE H 247 -131.86 59.28 -40.97
CA ILE H 247 -132.07 58.78 -42.32
C ILE H 247 -132.94 57.53 -42.21
N ASP H 248 -133.91 57.40 -43.11
CA ASP H 248 -134.87 56.32 -43.07
C ASP H 248 -135.25 55.93 -44.49
N SER H 249 -135.84 54.74 -44.62
CA SER H 249 -136.23 54.18 -45.91
C SER H 249 -137.74 54.00 -45.96
N ILE H 250 -138.36 54.49 -47.04
CA ILE H 250 -139.81 54.46 -47.20
C ILE H 250 -140.13 53.83 -48.55
N ALA H 251 -140.80 52.67 -48.52
CA ALA H 251 -141.08 51.89 -49.73
C ALA H 251 -142.01 52.60 -50.69
N GLU H 252 -142.75 53.61 -50.25
CA GLU H 252 -143.57 54.40 -51.16
C GLU H 252 -142.77 55.40 -51.98
N LEU H 253 -141.45 55.47 -51.78
CA LEU H 253 -140.59 56.33 -52.59
C LEU H 253 -140.05 55.62 -53.83
N GLU H 254 -140.40 54.35 -54.03
CA GLU H 254 -139.89 53.64 -55.20
C GLU H 254 -140.38 54.26 -56.50
N ASP H 255 -141.66 54.64 -56.56
CA ASP H 255 -142.23 55.25 -57.75
C ASP H 255 -142.92 56.55 -57.35
N ILE H 256 -142.50 57.65 -57.98
CA ILE H 256 -143.04 58.97 -57.66
C ILE H 256 -143.93 59.53 -58.75
N ASP H 257 -144.01 58.88 -59.92
CA ASP H 257 -144.88 59.36 -60.99
C ASP H 257 -145.63 58.25 -61.71
N GLY H 258 -145.54 57.01 -61.27
CA GLY H 258 -146.22 55.91 -61.93
C GLY H 258 -145.51 55.34 -63.14
N ALA H 259 -144.34 55.87 -63.49
CA ALA H 259 -143.57 55.37 -64.62
C ALA H 259 -142.22 54.79 -64.21
N GLY H 260 -142.00 54.56 -62.91
CA GLY H 260 -140.75 53.98 -62.46
C GLY H 260 -139.64 54.98 -62.25
N THR H 261 -139.90 56.00 -61.43
CA THR H 261 -138.92 57.03 -61.11
C THR H 261 -138.76 57.12 -59.61
N LYS H 262 -137.52 57.06 -59.14
CA LYS H 262 -137.22 57.12 -57.72
C LYS H 262 -136.88 58.56 -57.31
N GLY H 263 -136.99 58.81 -56.01
CA GLY H 263 -136.70 60.13 -55.49
C GLY H 263 -136.32 60.08 -54.04
N VAL H 264 -135.47 61.02 -53.65
CA VAL H 264 -134.99 61.16 -52.28
C VAL H 264 -135.59 62.42 -51.69
N LEU H 265 -135.96 62.38 -50.41
CA LEU H 265 -136.63 63.49 -49.76
C LEU H 265 -135.78 63.98 -48.59
N VAL H 266 -135.64 65.30 -48.46
CA VAL H 266 -134.96 65.92 -47.33
C VAL H 266 -135.87 67.00 -46.78
N TYR H 267 -136.08 67.00 -45.46
CA TYR H 267 -136.99 67.98 -44.88
C TYR H 267 -136.72 68.12 -43.38
N GLU H 268 -137.30 69.15 -42.79
CA GLU H 268 -137.28 69.38 -41.35
C GLU H 268 -138.65 69.07 -40.78
N LYS H 269 -138.67 68.24 -39.74
CA LYS H 269 -139.92 67.74 -39.16
C LYS H 269 -140.36 68.71 -38.06
N ASN H 270 -141.51 69.36 -38.27
CA ASN H 270 -142.01 70.34 -37.31
C ASN H 270 -143.50 70.52 -37.56
N PRO H 271 -144.32 70.63 -36.51
CA PRO H 271 -145.77 70.81 -36.74
C PRO H 271 -146.11 72.07 -37.49
N MET H 272 -145.28 73.12 -37.39
CA MET H 272 -145.53 74.36 -38.09
C MET H 272 -145.16 74.31 -39.56
N ASN H 273 -144.44 73.28 -40.00
CA ASN H 273 -143.98 73.20 -41.38
C ASN H 273 -144.95 72.43 -42.27
N MET H 274 -145.25 71.18 -41.91
CA MET H 274 -146.23 70.39 -42.63
C MET H 274 -147.14 69.70 -41.62
N SER H 275 -148.36 69.41 -42.05
CA SER H 275 -149.38 68.93 -41.12
C SER H 275 -150.30 67.95 -41.82
N ILE H 276 -150.84 67.03 -41.02
CA ILE H 276 -151.91 66.13 -41.43
C ILE H 276 -152.99 66.18 -40.35
N GLU H 277 -154.25 66.21 -40.78
CA GLU H 277 -155.37 66.36 -39.86
C GLU H 277 -156.35 65.21 -40.01
N ILE H 278 -156.83 64.68 -38.89
CA ILE H 278 -157.81 63.61 -38.86
C ILE H 278 -158.97 64.06 -37.96
N PRO H 279 -159.91 64.87 -38.48
CA PRO H 279 -160.95 65.44 -37.60
C PRO H 279 -161.83 64.39 -36.93
N GLU H 280 -162.14 63.29 -37.61
CA GLU H 280 -163.09 62.32 -37.11
C GLU H 280 -162.51 60.92 -37.24
N ALA H 281 -162.65 60.12 -36.18
CA ALA H 281 -162.05 58.80 -36.14
C ALA H 281 -162.99 57.75 -36.72
N PHE H 282 -162.41 56.59 -37.02
CA PHE H 282 -163.18 55.47 -37.56
C PHE H 282 -164.23 55.00 -36.57
N ASN H 283 -165.45 54.80 -37.06
CA ASN H 283 -166.54 54.34 -36.22
C ASN H 283 -167.53 53.54 -37.06
N MET H 284 -168.32 52.71 -36.40
CA MET H 284 -169.30 51.85 -37.04
C MET H 284 -170.70 52.26 -36.62
N LEU H 285 -171.56 52.51 -37.60
CA LEU H 285 -172.96 52.78 -37.32
C LEU H 285 -173.69 51.47 -37.00
N PRO H 286 -174.77 51.53 -36.22
CA PRO H 286 -175.52 50.30 -35.91
C PRO H 286 -176.06 49.66 -37.18
N ALA H 287 -176.09 48.33 -37.17
CA ALA H 287 -176.47 47.57 -38.35
C ALA H 287 -177.93 47.81 -38.72
N GLN H 288 -178.20 47.78 -40.01
CA GLN H 288 -179.55 47.97 -40.54
C GLN H 288 -180.11 46.63 -41.01
N PRO H 289 -181.07 46.05 -40.28
CA PRO H 289 -181.53 44.70 -40.63
C PRO H 289 -182.26 44.67 -41.96
N LYS H 290 -182.17 43.53 -42.63
CA LYS H 290 -182.91 43.22 -43.84
C LYS H 290 -183.63 41.89 -43.63
N ASP H 291 -184.14 41.31 -44.73
CA ASP H 291 -184.91 40.08 -44.68
C ASP H 291 -184.26 39.02 -43.81
N LEU H 292 -183.05 38.59 -44.16
CA LEU H 292 -182.33 37.63 -43.33
C LEU H 292 -180.84 37.92 -43.26
N HIS H 293 -180.39 39.13 -43.61
CA HIS H 293 -179.00 39.52 -43.46
C HIS H 293 -178.93 40.97 -42.98
N PHE H 294 -177.75 41.35 -42.53
CA PHE H 294 -177.48 42.67 -41.98
C PHE H 294 -176.62 43.48 -42.95
N LYS H 295 -176.41 44.75 -42.60
CA LYS H 295 -175.57 45.63 -43.40
C LYS H 295 -174.96 46.67 -42.47
N VAL H 296 -173.64 46.64 -42.33
CA VAL H 296 -172.95 47.52 -41.40
C VAL H 296 -172.10 48.52 -42.16
N PRO H 297 -172.39 49.82 -42.05
CA PRO H 297 -171.54 50.83 -42.69
C PRO H 297 -170.48 51.41 -41.77
N CYS H 298 -169.42 51.96 -42.35
CA CYS H 298 -168.33 52.60 -41.61
C CYS H 298 -167.89 53.83 -42.37
N THR H 299 -167.41 54.83 -41.63
CA THR H 299 -167.02 56.11 -42.26
C THR H 299 -166.05 56.84 -41.34
N SER H 300 -165.37 57.84 -41.91
CA SER H 300 -164.44 58.70 -41.20
C SER H 300 -164.12 59.89 -42.10
N LYS H 301 -163.25 60.79 -41.60
CA LYS H 301 -162.91 62.02 -42.29
C LYS H 301 -161.39 62.21 -42.28
N CYS H 302 -160.90 62.99 -43.25
CA CYS H 302 -159.47 63.30 -43.32
C CYS H 302 -159.30 64.55 -44.17
N THR H 303 -158.11 65.15 -44.08
CA THR H 303 -157.83 66.37 -44.82
C THR H 303 -156.71 66.18 -45.83
N GLY H 304 -155.66 65.47 -45.44
CA GLY H 304 -154.48 65.33 -46.26
C GLY H 304 -153.31 66.10 -45.71
N LEU H 305 -152.30 66.30 -46.56
CA LEU H 305 -151.07 66.98 -46.17
C LEU H 305 -151.13 68.44 -46.57
N THR H 306 -150.83 69.32 -45.62
CA THR H 306 -150.80 70.75 -45.84
C THR H 306 -149.41 71.28 -45.52
N ILE H 307 -148.88 72.15 -46.38
CA ILE H 307 -147.54 72.71 -46.24
C ILE H 307 -147.69 74.20 -45.99
N TYR H 308 -147.14 74.68 -44.87
CA TYR H 308 -147.22 76.10 -44.56
C TYR H 308 -146.01 76.86 -45.09
N ARG H 309 -144.81 76.32 -44.86
CA ARG H 309 -143.58 76.91 -45.41
C ARG H 309 -142.99 75.94 -46.42
N PRO H 310 -143.15 76.18 -47.72
CA PRO H 310 -142.73 75.21 -48.73
C PRO H 310 -141.24 75.19 -49.01
N MET H 311 -140.45 76.07 -48.39
CA MET H 311 -139.02 76.15 -48.67
C MET H 311 -138.19 75.19 -47.84
N THR H 312 -138.82 74.34 -47.03
CA THR H 312 -138.11 73.40 -46.18
C THR H 312 -138.21 71.96 -46.67
N ILE H 313 -138.58 71.75 -47.94
CA ILE H 313 -138.69 70.41 -48.51
C ILE H 313 -137.89 70.39 -49.81
N VAL H 314 -136.97 69.42 -49.91
CA VAL H 314 -136.15 69.25 -51.10
C VAL H 314 -136.36 67.84 -51.62
N LEU H 315 -136.69 67.73 -52.91
CA LEU H 315 -136.90 66.46 -53.57
C LEU H 315 -135.84 66.28 -54.65
N ILE H 316 -134.99 65.27 -54.48
CA ILE H 316 -133.98 64.92 -55.45
C ILE H 316 -134.60 63.87 -56.37
N THR H 317 -134.82 64.24 -57.62
CA THR H 317 -135.58 63.42 -58.56
C THR H 317 -134.65 62.73 -59.55
N GLY H 318 -134.99 61.50 -59.89
CA GLY H 318 -134.24 60.74 -60.88
C GLY H 318 -133.21 59.79 -60.32
N VAL H 319 -133.20 59.55 -59.02
CA VAL H 319 -132.24 58.65 -58.41
C VAL H 319 -132.47 57.22 -58.89
N ALA I 29 -86.81 -31.68 -41.10
CA ALA I 29 -87.13 -30.36 -40.56
C ALA I 29 -85.98 -29.82 -39.72
N THR I 30 -85.39 -28.72 -40.16
CA THR I 30 -84.22 -28.11 -39.52
C THR I 30 -84.49 -26.66 -39.18
N MET I 31 -85.64 -26.37 -38.58
CA MET I 31 -85.98 -25.01 -38.21
C MET I 31 -85.18 -24.58 -36.98
N GLY I 32 -85.24 -23.29 -36.67
CA GLY I 32 -84.59 -22.74 -35.50
C GLY I 32 -85.43 -22.93 -34.24
N ILE I 33 -84.89 -22.44 -33.13
CA ILE I 33 -85.53 -22.63 -31.83
C ILE I 33 -86.52 -21.53 -31.47
N TRP I 34 -86.56 -20.43 -32.22
CA TRP I 34 -87.48 -19.34 -31.94
C TRP I 34 -88.49 -19.23 -33.07
N THR I 35 -89.77 -19.12 -32.71
CA THR I 35 -90.84 -18.96 -33.66
C THR I 35 -91.02 -17.49 -34.01
N ALA I 36 -91.85 -17.24 -35.03
CA ALA I 36 -92.08 -15.88 -35.48
C ALA I 36 -92.88 -15.08 -34.45
N GLN I 37 -93.79 -15.73 -33.75
CA GLN I 37 -94.66 -15.03 -32.81
C GLN I 37 -93.89 -14.46 -31.62
N GLU I 38 -92.87 -15.16 -31.12
CA GLU I 38 -92.12 -14.70 -29.97
C GLU I 38 -91.36 -13.40 -30.22
N LEU I 39 -91.14 -13.05 -31.49
CA LEU I 39 -90.45 -11.81 -31.82
C LEU I 39 -91.37 -10.91 -32.63
N HIS I 40 -92.62 -10.78 -32.20
CA HIS I 40 -93.62 -9.98 -32.88
C HIS I 40 -94.23 -9.00 -31.89
N ARG I 41 -94.56 -7.81 -32.39
CA ARG I 41 -95.16 -6.76 -31.56
C ARG I 41 -96.52 -6.37 -32.14
N ILE I 42 -97.52 -6.27 -31.28
CA ILE I 42 -98.85 -5.83 -31.66
C ILE I 42 -99.08 -4.47 -31.01
N LYS I 43 -99.17 -3.43 -31.82
CA LYS I 43 -99.40 -2.08 -31.30
C LYS I 43 -100.79 -1.99 -30.69
N SER I 44 -100.87 -1.45 -29.48
CA SER I 44 -102.14 -1.32 -28.76
C SER I 44 -102.86 -0.03 -29.12
N GLN I 45 -103.18 0.13 -30.39
CA GLN I 45 -103.91 1.30 -30.87
C GLN I 45 -104.52 0.97 -32.21
N SER I 46 -105.85 0.96 -32.29
CA SER I 46 -106.57 0.58 -33.50
C SER I 46 -107.19 1.83 -34.14
N TYR I 47 -107.38 1.76 -35.46
CA TYR I 47 -107.96 2.86 -36.21
C TYR I 47 -109.34 2.47 -36.71
N GLU I 48 -110.28 3.40 -36.64
CA GLU I 48 -111.65 3.20 -37.09
C GLU I 48 -112.00 4.21 -38.16
N GLU I 49 -112.58 3.73 -39.26
CA GLU I 49 -113.04 4.62 -40.31
C GLU I 49 -114.26 5.40 -39.84
N ASP I 50 -114.33 6.66 -40.26
CA ASP I 50 -115.36 7.58 -39.80
C ASP I 50 -116.38 7.79 -40.91
N TYR I 51 -117.66 7.79 -40.52
CA TYR I 51 -118.78 8.02 -41.44
C TYR I 51 -119.69 9.07 -40.83
N PRO I 52 -119.49 10.35 -41.16
CA PRO I 52 -120.36 11.40 -40.62
C PRO I 52 -121.81 11.20 -41.09
N VAL I 53 -122.73 11.48 -40.18
CA VAL I 53 -124.16 11.26 -40.47
C VAL I 53 -124.66 12.29 -41.48
N GLY I 54 -124.30 13.55 -41.30
CA GLY I 54 -124.81 14.62 -42.12
C GLY I 54 -125.04 15.86 -41.27
N SER I 55 -125.87 16.77 -41.79
CA SER I 55 -126.16 18.00 -41.06
C SER I 55 -127.63 18.43 -41.15
N ALA I 56 -128.52 17.58 -41.66
CA ALA I 56 -129.91 17.99 -41.79
C ALA I 56 -130.55 18.28 -40.43
N LEU I 57 -130.30 17.40 -39.45
CA LEU I 57 -130.92 17.53 -38.13
C LEU I 57 -130.38 18.70 -37.33
N ARG I 58 -129.26 19.29 -37.73
CA ARG I 58 -128.72 20.46 -37.05
C ARG I 58 -128.86 21.73 -37.86
N VAL I 59 -129.16 21.64 -39.15
CA VAL I 59 -129.38 22.81 -39.98
C VAL I 59 -130.86 23.17 -40.06
N PHE I 60 -131.73 22.17 -40.29
CA PHE I 60 -133.11 22.60 -40.30
C PHE I 60 -133.79 22.28 -38.97
N PRO I 61 -134.72 23.12 -38.53
CA PRO I 61 -135.33 22.92 -37.21
C PRO I 61 -136.09 21.60 -37.12
N VAL I 62 -136.02 20.99 -35.95
CA VAL I 62 -136.71 19.74 -35.66
C VAL I 62 -137.78 20.02 -34.61
N THR I 63 -139.02 19.66 -34.93
CA THR I 63 -140.15 19.86 -34.04
C THR I 63 -140.73 18.51 -33.65
N THR I 64 -141.60 18.53 -32.63
CA THR I 64 -142.34 17.34 -32.19
C THR I 64 -143.81 17.72 -32.08
N GLU I 65 -144.61 17.38 -33.09
CA GLU I 65 -146.03 17.68 -33.03
C GLU I 65 -146.91 16.47 -33.36
N LEU I 66 -146.44 15.60 -34.25
CA LEU I 66 -147.25 14.44 -34.62
C LEU I 66 -147.05 13.29 -33.64
N SER I 67 -148.13 12.56 -33.39
CA SER I 67 -148.26 11.31 -32.67
C SER I 67 -147.86 10.15 -33.60
N PRO I 68 -147.37 9.03 -33.04
CA PRO I 68 -146.84 7.96 -33.91
C PRO I 68 -147.84 7.38 -34.88
N THR I 69 -149.14 7.54 -34.63
CA THR I 69 -150.16 6.86 -35.43
C THR I 69 -150.73 7.71 -36.56
N ASP I 70 -150.24 8.93 -36.74
CA ASP I 70 -150.76 9.82 -37.78
C ASP I 70 -150.08 9.53 -39.11
N LYS I 71 -150.88 9.54 -40.18
CA LYS I 71 -150.37 9.35 -41.53
C LYS I 71 -150.33 10.63 -42.35
N THR I 72 -151.28 11.53 -42.16
CA THR I 72 -151.35 12.76 -42.92
C THR I 72 -151.67 13.92 -41.97
N PHE I 73 -151.26 15.12 -42.37
CA PHE I 73 -151.52 16.32 -41.59
C PHE I 73 -151.95 17.44 -42.52
N GLU I 74 -152.48 18.51 -41.93
CA GLU I 74 -153.04 19.61 -42.72
C GLU I 74 -152.83 20.92 -41.98
N TYR I 75 -152.49 21.96 -42.74
CA TYR I 75 -152.38 23.32 -42.22
C TYR I 75 -153.12 24.27 -43.14
N MET I 76 -153.55 25.40 -42.58
CA MET I 76 -154.43 26.33 -43.30
C MET I 76 -153.78 27.71 -43.38
N THR I 77 -154.20 28.47 -44.39
CA THR I 77 -153.82 29.86 -44.57
C THR I 77 -155.06 30.67 -44.88
N PHE I 78 -154.98 31.98 -44.62
CA PHE I 78 -156.11 32.87 -44.82
C PHE I 78 -155.66 34.13 -45.55
N ASP I 79 -156.65 34.95 -45.93
CA ASP I 79 -156.40 36.16 -46.73
C ASP I 79 -157.63 37.06 -46.56
N LYS I 80 -157.58 38.25 -47.15
CA LYS I 80 -158.68 39.21 -47.08
C LYS I 80 -158.59 40.19 -48.23
N VAL I 81 -159.72 40.83 -48.53
CA VAL I 81 -159.81 41.85 -49.58
C VAL I 81 -160.66 43.01 -49.07
N GLY I 82 -160.73 44.06 -49.87
CA GLY I 82 -161.53 45.22 -49.53
C GLY I 82 -160.97 46.48 -50.15
N THR I 83 -161.71 47.57 -49.96
CA THR I 83 -161.33 48.88 -50.47
C THR I 83 -162.19 49.94 -49.79
N ALA I 84 -161.92 51.20 -50.11
CA ALA I 84 -162.65 52.33 -49.54
C ALA I 84 -162.71 53.45 -50.56
N GLN I 85 -163.63 54.39 -50.34
CA GLN I 85 -163.94 55.41 -51.32
C GLN I 85 -164.30 56.71 -50.63
N ILE I 86 -164.06 57.83 -51.33
CA ILE I 86 -164.45 59.15 -50.86
C ILE I 86 -165.89 59.41 -51.28
N ILE I 87 -166.76 59.66 -50.30
CA ILE I 87 -168.19 59.74 -50.52
C ILE I 87 -168.69 61.11 -50.09
N ALA I 88 -169.99 61.31 -50.25
CA ALA I 88 -170.72 62.46 -49.73
C ALA I 88 -171.96 61.95 -49.02
N ASP I 89 -172.68 62.85 -48.36
CA ASP I 89 -173.89 62.45 -47.68
C ASP I 89 -174.96 62.02 -48.68
N TYR I 90 -176.05 61.45 -48.16
CA TYR I 90 -177.17 60.97 -48.99
C TYR I 90 -176.74 59.85 -49.92
N THR I 91 -175.67 59.15 -49.56
CA THR I 91 -175.11 58.11 -50.41
C THR I 91 -175.76 56.76 -50.09
N ASP I 92 -175.87 55.90 -51.12
CA ASP I 92 -176.45 54.57 -50.95
C ASP I 92 -175.49 53.44 -51.25
N ASP I 93 -174.46 53.66 -52.07
CA ASP I 93 -173.56 52.60 -52.49
C ASP I 93 -172.20 52.75 -51.81
N LEU I 94 -171.75 51.68 -51.17
CA LEU I 94 -170.46 51.62 -50.51
C LEU I 94 -169.80 50.29 -50.84
N PRO I 95 -168.48 50.26 -50.99
CA PRO I 95 -167.80 49.01 -51.32
C PRO I 95 -167.84 48.02 -50.16
N LEU I 96 -167.53 46.77 -50.48
CA LEU I 96 -167.64 45.66 -49.54
C LEU I 96 -166.32 44.91 -49.43
N VAL I 97 -166.26 43.98 -48.48
CA VAL I 97 -165.06 43.20 -48.18
C VAL I 97 -165.45 41.73 -48.07
N ASP I 98 -164.42 40.86 -48.09
CA ASP I 98 -164.64 39.43 -48.01
C ASP I 98 -163.36 38.76 -47.51
N ALA I 99 -163.34 37.42 -47.54
CA ALA I 99 -162.22 36.65 -46.98
C ALA I 99 -162.08 35.34 -47.74
N LEU I 100 -160.93 34.69 -47.55
CA LEU I 100 -160.59 33.47 -48.28
C LEU I 100 -160.07 32.37 -47.37
N GLY I 101 -159.52 31.30 -47.96
CA GLY I 101 -158.92 30.23 -47.19
C GLY I 101 -158.30 29.20 -48.12
N THR I 102 -157.33 28.47 -47.57
CA THR I 102 -156.56 27.50 -48.33
C THR I 102 -155.95 26.49 -47.36
N SER I 103 -155.59 25.32 -47.87
CA SER I 103 -154.99 24.28 -47.05
C SER I 103 -154.04 23.42 -47.88
N GLU I 104 -153.16 22.71 -47.18
CA GLU I 104 -152.19 21.80 -47.79
C GLU I 104 -152.11 20.53 -46.95
N PHE I 105 -151.32 19.55 -47.42
CA PHE I 105 -151.26 18.23 -46.81
C PHE I 105 -149.82 17.71 -46.78
N GLY I 106 -149.65 16.52 -46.22
CA GLY I 106 -148.36 15.89 -46.08
C GLY I 106 -148.49 14.39 -45.84
N LYS I 107 -147.34 13.73 -45.68
CA LYS I 107 -147.31 12.28 -45.52
C LYS I 107 -146.17 11.87 -44.61
N VAL I 108 -146.27 10.63 -44.09
CA VAL I 108 -145.32 10.06 -43.15
C VAL I 108 -144.88 8.69 -43.65
N PHE I 109 -143.62 8.34 -43.39
CA PHE I 109 -143.00 7.13 -43.93
C PHE I 109 -142.29 6.37 -42.82
N ARG I 110 -141.99 5.09 -43.10
CA ARG I 110 -141.33 4.19 -42.16
C ARG I 110 -140.08 3.60 -42.80
N LEU I 111 -139.09 3.25 -41.96
CA LEU I 111 -137.82 2.70 -42.38
C LEU I 111 -137.50 1.50 -41.49
N GLY I 112 -136.68 0.59 -42.00
CA GLY I 112 -136.25 -0.54 -41.19
C GLY I 112 -135.21 -1.40 -41.89
N ASN I 113 -134.50 -2.18 -41.07
CA ASN I 113 -133.58 -3.21 -41.56
C ASN I 113 -133.38 -4.23 -40.43
N ALA I 114 -132.36 -5.08 -40.57
CA ALA I 114 -132.14 -6.16 -39.61
C ALA I 114 -130.70 -6.65 -39.72
N TYR I 115 -130.34 -7.58 -38.84
CA TYR I 115 -129.02 -8.21 -38.89
C TYR I 115 -129.08 -9.59 -38.26
N LEU I 116 -128.03 -10.38 -38.51
CA LEU I 116 -127.94 -11.77 -38.07
C LEU I 116 -126.64 -12.01 -37.30
N ILE I 117 -126.66 -13.02 -36.45
CA ILE I 117 -125.50 -13.40 -35.65
C ILE I 117 -125.73 -14.82 -35.14
N SER I 118 -124.65 -15.51 -34.78
CA SER I 118 -124.71 -16.90 -34.34
C SER I 118 -124.02 -17.08 -32.99
N ILE I 119 -124.29 -18.25 -32.39
CA ILE I 119 -123.84 -18.53 -31.03
C ILE I 119 -122.32 -18.56 -30.94
N ASP I 120 -121.66 -19.20 -31.91
CA ASP I 120 -120.20 -19.26 -31.88
C ASP I 120 -119.60 -17.86 -31.97
N GLU I 121 -120.16 -17.02 -32.83
CA GLU I 121 -119.67 -15.64 -32.92
C GLU I 121 -119.88 -14.90 -31.60
N ILE I 122 -121.03 -15.11 -30.96
CA ILE I 122 -121.32 -14.44 -29.69
C ILE I 122 -120.30 -14.84 -28.62
N LYS I 123 -120.09 -16.15 -28.45
CA LYS I 123 -119.16 -16.63 -27.45
C LYS I 123 -117.72 -16.19 -27.76
N ALA I 124 -117.33 -16.24 -29.02
CA ALA I 124 -115.99 -15.80 -29.41
C ALA I 124 -115.80 -14.32 -29.13
N GLY I 125 -116.84 -13.52 -29.35
CA GLY I 125 -116.76 -12.11 -29.03
C GLY I 125 -116.54 -11.87 -27.55
N GLN I 126 -117.33 -12.54 -26.69
CA GLN I 126 -117.11 -12.37 -25.26
C GLN I 126 -115.72 -12.86 -24.84
N ALA I 127 -115.24 -13.94 -25.44
CA ALA I 127 -113.94 -14.48 -25.05
C ALA I 127 -112.81 -13.55 -25.46
N THR I 128 -112.79 -13.09 -26.71
CA THR I 128 -111.67 -12.29 -27.19
C THR I 128 -111.71 -10.86 -26.66
N GLY I 129 -112.92 -10.34 -26.39
CA GLY I 129 -113.06 -8.97 -25.93
C GLY I 129 -113.36 -7.97 -27.02
N ARG I 130 -113.69 -8.41 -28.23
CA ARG I 130 -114.07 -7.54 -29.33
C ARG I 130 -115.43 -8.03 -29.81
N PRO I 131 -116.50 -7.69 -29.12
CA PRO I 131 -117.82 -8.23 -29.47
C PRO I 131 -118.26 -7.81 -30.86
N LEU I 132 -119.06 -8.67 -31.49
CA LEU I 132 -119.50 -8.45 -32.85
C LEU I 132 -120.89 -7.84 -32.96
N SER I 133 -121.76 -8.08 -31.97
CA SER I 133 -123.12 -7.55 -32.02
C SER I 133 -123.16 -6.03 -31.98
N THR I 134 -122.31 -5.41 -31.16
CA THR I 134 -122.35 -3.96 -31.01
C THR I 134 -122.00 -3.26 -32.32
N ARG I 135 -121.03 -3.79 -33.06
CA ARG I 135 -120.64 -3.17 -34.33
C ARG I 135 -121.78 -3.22 -35.34
N LYS I 136 -122.49 -4.36 -35.41
CA LYS I 136 -123.63 -4.45 -36.30
C LYS I 136 -124.75 -3.51 -35.87
N ALA I 137 -124.98 -3.38 -34.56
CA ALA I 137 -126.00 -2.45 -34.08
C ALA I 137 -125.66 -1.01 -34.45
N SER I 138 -124.40 -0.62 -34.27
CA SER I 138 -123.97 0.72 -34.64
C SER I 138 -124.10 0.94 -36.14
N ALA I 139 -123.78 -0.09 -36.94
CA ALA I 139 -123.94 0.02 -38.38
C ALA I 139 -125.40 0.25 -38.76
N CYS I 140 -126.32 -0.47 -38.09
CA CYS I 140 -127.73 -0.30 -38.37
C CYS I 140 -128.20 1.11 -38.05
N GLN I 141 -127.81 1.62 -36.87
CA GLN I 141 -128.22 2.97 -36.49
C GLN I 141 -127.66 4.00 -37.45
N LEU I 142 -126.39 3.85 -37.84
CA LEU I 142 -125.78 4.78 -38.79
C LEU I 142 -126.48 4.73 -40.14
N ALA I 143 -126.87 3.54 -40.58
CA ALA I 143 -127.59 3.42 -41.84
C ALA I 143 -128.94 4.14 -41.77
N HIS I 144 -129.65 4.01 -40.64
CA HIS I 144 -130.91 4.72 -40.48
C HIS I 144 -130.72 6.22 -40.58
N ASP I 145 -129.76 6.75 -39.83
CA ASP I 145 -129.53 8.20 -39.84
C ASP I 145 -129.10 8.67 -41.23
N GLN I 146 -128.33 7.88 -41.94
CA GLN I 146 -127.82 8.32 -43.24
C GLN I 146 -128.89 8.26 -44.27
N LEU I 147 -129.79 7.31 -44.15
CA LEU I 147 -130.95 7.30 -45.05
C LEU I 147 -131.86 8.48 -44.80
N VAL I 148 -132.05 8.85 -43.53
CA VAL I 148 -132.87 10.02 -43.23
C VAL I 148 -132.25 11.27 -43.86
N ASN I 149 -130.95 11.45 -43.69
CA ASN I 149 -130.28 12.61 -44.27
C ASN I 149 -130.36 12.61 -45.80
N ARG I 150 -130.16 11.44 -46.41
CA ARG I 150 -130.26 11.32 -47.86
C ARG I 150 -131.64 11.68 -48.36
N LEU I 151 -132.68 11.24 -47.64
CA LEU I 151 -134.05 11.58 -48.01
C LEU I 151 -134.27 13.08 -47.89
N VAL I 152 -133.71 13.70 -46.86
CA VAL I 152 -133.91 15.14 -46.67
C VAL I 152 -133.26 15.94 -47.79
N PHE I 153 -132.00 15.60 -48.14
CA PHE I 153 -131.26 16.46 -49.05
C PHE I 153 -131.32 16.04 -50.51
N LYS I 154 -131.85 14.86 -50.84
CA LYS I 154 -132.00 14.47 -52.23
C LYS I 154 -133.38 13.95 -52.59
N GLY I 155 -134.10 13.33 -51.66
CA GLY I 155 -135.44 12.86 -51.91
C GLY I 155 -135.47 11.62 -52.78
N SER I 156 -136.68 11.15 -53.06
CA SER I 156 -136.90 9.96 -53.87
C SER I 156 -137.95 10.28 -54.93
N ALA I 157 -137.69 9.85 -56.15
CA ALA I 157 -138.63 10.06 -57.26
C ALA I 157 -139.82 9.10 -57.22
N PRO I 158 -139.62 7.78 -57.06
CA PRO I 158 -140.79 6.89 -57.04
C PRO I 158 -141.75 7.17 -55.91
N HIS I 159 -141.25 7.59 -54.75
CA HIS I 159 -142.08 7.82 -53.57
C HIS I 159 -142.67 9.21 -53.53
N LYS I 160 -142.45 10.03 -54.56
CA LYS I 160 -142.95 11.40 -54.61
C LYS I 160 -142.48 12.21 -53.41
N ILE I 161 -141.20 12.11 -53.10
CA ILE I 161 -140.56 12.95 -52.09
C ILE I 161 -139.73 14.00 -52.81
N VAL I 162 -140.05 15.27 -52.58
CA VAL I 162 -139.40 16.37 -53.26
C VAL I 162 -138.34 16.96 -52.34
N SER I 163 -137.12 17.08 -52.85
CA SER I 163 -136.03 17.63 -52.06
C SER I 163 -136.13 19.14 -51.97
N VAL I 164 -135.21 19.74 -51.23
CA VAL I 164 -135.22 21.19 -51.04
C VAL I 164 -134.76 21.91 -52.29
N PHE I 165 -134.00 21.26 -53.16
CA PHE I 165 -133.51 21.89 -54.39
C PHE I 165 -134.50 21.80 -55.54
N ASN I 166 -135.58 21.05 -55.39
CA ASN I 166 -136.53 20.85 -56.49
C ASN I 166 -137.91 21.42 -56.19
N HIS I 167 -138.06 22.19 -55.12
CA HIS I 167 -139.35 22.77 -54.80
C HIS I 167 -139.69 23.87 -55.80
N PRO I 168 -140.87 23.83 -56.43
CA PRO I 168 -141.20 24.83 -57.45
C PRO I 168 -141.76 26.14 -56.91
N ASN I 169 -141.62 26.43 -55.62
CA ASN I 169 -142.18 27.64 -55.03
C ASN I 169 -141.14 28.34 -54.17
N ILE I 170 -139.88 28.28 -54.56
CA ILE I 170 -138.81 28.97 -53.86
C ILE I 170 -138.09 29.87 -54.85
N THR I 171 -137.41 30.89 -54.34
CA THR I 171 -136.70 31.81 -55.19
C THR I 171 -135.43 31.17 -55.72
N LYS I 172 -135.24 31.20 -57.03
CA LYS I 172 -134.07 30.61 -57.68
C LYS I 172 -133.36 31.67 -58.49
N ILE I 173 -132.05 31.78 -58.31
CA ILE I 173 -131.24 32.81 -58.94
C ILE I 173 -130.09 32.15 -59.67
N THR I 174 -130.03 32.32 -60.99
CA THR I 174 -128.87 31.91 -61.74
C THR I 174 -127.68 32.82 -61.41
N SER I 175 -126.48 32.29 -61.52
CA SER I 175 -125.29 33.01 -61.11
C SER I 175 -124.15 32.79 -62.10
N GLY I 176 -123.27 33.78 -62.18
CA GLY I 176 -122.01 33.58 -62.85
C GLY I 176 -121.05 32.77 -62.00
N LYS I 177 -120.06 32.17 -62.65
CA LYS I 177 -119.12 31.30 -61.95
C LYS I 177 -118.24 32.13 -61.01
N TRP I 178 -118.36 31.87 -59.71
CA TRP I 178 -117.49 32.55 -58.74
C TRP I 178 -116.03 32.22 -59.01
N ILE I 179 -115.74 30.97 -59.38
CA ILE I 179 -114.40 30.56 -59.80
C ILE I 179 -114.49 30.11 -61.24
N ASP I 180 -113.84 30.84 -62.13
CA ASP I 180 -113.85 30.53 -63.56
C ASP I 180 -112.43 30.44 -64.06
N ALA I 181 -112.08 29.31 -64.67
CA ALA I 181 -110.74 29.06 -65.19
C ALA I 181 -109.68 29.29 -64.12
N SER I 182 -109.97 28.80 -62.91
CA SER I 182 -109.08 28.92 -61.75
C SER I 182 -108.77 30.38 -61.41
N THR I 183 -109.76 31.26 -61.59
CA THR I 183 -109.65 32.66 -61.20
C THR I 183 -110.78 32.98 -60.22
N MET I 184 -110.46 33.77 -59.20
CA MET I 184 -111.39 34.06 -58.11
C MET I 184 -111.98 35.45 -58.27
N LYS I 185 -113.30 35.54 -58.12
CA LYS I 185 -114.05 36.79 -58.31
C LYS I 185 -114.92 37.03 -57.09
N PRO I 186 -114.35 37.58 -56.01
CA PRO I 186 -115.15 37.79 -54.80
C PRO I 186 -116.19 38.89 -54.93
N GLU I 187 -116.01 39.84 -55.85
CA GLU I 187 -116.97 40.93 -55.99
C GLU I 187 -118.32 40.40 -56.48
N THR I 188 -118.30 39.45 -57.42
CA THR I 188 -119.55 38.85 -57.87
C THR I 188 -120.25 38.11 -56.72
N ALA I 189 -119.47 37.42 -55.90
CA ALA I 189 -120.05 36.73 -54.74
C ALA I 189 -120.71 37.71 -53.79
N GLU I 190 -120.03 38.83 -53.51
CA GLU I 190 -120.61 39.85 -52.65
C GLU I 190 -121.90 40.40 -53.23
N ALA I 191 -121.90 40.71 -54.53
CA ALA I 191 -123.09 41.26 -55.17
C ALA I 191 -124.25 40.29 -55.10
N GLU I 192 -124.01 39.02 -55.40
CA GLU I 192 -125.09 38.05 -55.40
C GLU I 192 -125.62 37.79 -54.00
N LEU I 193 -124.73 37.74 -53.00
CA LEU I 193 -125.18 37.54 -51.63
C LEU I 193 -126.04 38.71 -51.17
N THR I 194 -125.63 39.94 -51.47
CA THR I 194 -126.44 41.09 -51.11
C THR I 194 -127.78 41.06 -51.83
N GLN I 195 -127.78 40.67 -53.11
CA GLN I 195 -129.02 40.59 -53.87
C GLN I 195 -129.99 39.59 -53.25
N ALA I 196 -129.49 38.42 -52.86
CA ALA I 196 -130.37 37.44 -52.22
C ALA I 196 -130.89 37.94 -50.88
N ILE I 197 -130.03 38.57 -50.08
CA ILE I 197 -130.44 39.04 -48.76
C ILE I 197 -131.52 40.11 -48.88
N GLU I 198 -131.40 41.00 -49.87
CA GLU I 198 -132.44 42.01 -50.04
C GLU I 198 -133.69 41.44 -50.70
N THR I 199 -133.56 40.43 -51.54
CA THR I 199 -134.72 39.82 -52.18
C THR I 199 -135.61 39.13 -51.16
N ILE I 200 -135.00 38.38 -50.22
CA ILE I 200 -135.81 37.65 -49.25
C ILE I 200 -136.65 38.61 -48.40
N GLU I 201 -136.17 39.84 -48.22
CA GLU I 201 -136.93 40.84 -47.49
C GLU I 201 -137.99 41.48 -48.37
N THR I 202 -137.61 41.94 -49.55
CA THR I 202 -138.54 42.69 -50.40
C THR I 202 -139.63 41.81 -50.99
N ILE I 203 -139.49 40.49 -50.97
CA ILE I 203 -140.55 39.63 -51.48
C ILE I 203 -141.55 39.23 -50.39
N THR I 204 -141.14 39.20 -49.13
CA THR I 204 -142.02 38.91 -48.01
C THR I 204 -142.48 40.17 -47.29
N ARG I 205 -142.10 41.35 -47.79
CA ARG I 205 -142.61 42.63 -47.26
C ARG I 205 -142.16 42.85 -45.82
N GLY I 206 -140.94 42.40 -45.50
CA GLY I 206 -140.32 42.76 -44.24
C GLY I 206 -140.83 42.03 -43.02
N GLN I 207 -141.66 41.00 -43.19
CA GLN I 207 -142.07 40.19 -42.06
C GLN I 207 -141.17 38.98 -41.84
N HIS I 208 -140.19 38.76 -42.72
CA HIS I 208 -139.23 37.68 -42.58
C HIS I 208 -137.87 38.18 -43.07
N ARG I 209 -136.86 38.10 -42.21
CA ARG I 209 -135.53 38.61 -42.49
C ARG I 209 -134.53 37.46 -42.50
N ALA I 210 -133.65 37.44 -43.49
CA ALA I 210 -132.69 36.36 -43.61
C ALA I 210 -131.73 36.34 -42.42
N THR I 211 -131.42 35.13 -41.95
CA THR I 211 -130.46 34.95 -40.87
C THR I 211 -129.44 33.85 -41.10
N ASN I 212 -129.65 32.96 -42.07
CA ASN I 212 -128.73 31.85 -42.28
C ASN I 212 -128.31 31.75 -43.73
N ILE I 213 -127.01 31.53 -43.93
CA ILE I 213 -126.42 31.32 -45.25
C ILE I 213 -125.60 30.04 -45.21
N LEU I 214 -125.77 29.20 -46.24
CA LEU I 214 -125.03 27.94 -46.36
C LEU I 214 -124.35 27.90 -47.71
N ILE I 215 -123.04 27.68 -47.70
CA ILE I 215 -122.24 27.68 -48.92
C ILE I 215 -121.42 26.39 -48.97
N PRO I 216 -121.03 25.95 -50.17
CA PRO I 216 -120.20 24.75 -50.26
C PRO I 216 -118.82 24.99 -49.67
N PRO I 217 -118.17 23.94 -49.16
CA PRO I 217 -116.85 24.13 -48.55
C PRO I 217 -115.78 24.65 -49.50
N SER I 218 -115.90 24.38 -50.80
CA SER I 218 -114.85 24.76 -51.74
C SER I 218 -114.81 26.25 -52.04
N MET I 219 -115.85 27.00 -51.64
CA MET I 219 -115.88 28.44 -51.88
C MET I 219 -115.52 29.26 -50.65
N ARG I 220 -115.00 28.62 -49.61
CA ARG I 220 -114.55 29.38 -48.44
C ARG I 220 -113.34 30.26 -48.78
N LYS I 221 -112.47 29.80 -49.67
CA LYS I 221 -111.26 30.54 -50.00
C LYS I 221 -111.56 31.80 -50.81
N VAL I 222 -112.70 31.86 -51.50
CA VAL I 222 -113.02 33.05 -52.30
C VAL I 222 -113.31 34.23 -51.39
N LEU I 223 -113.97 33.99 -50.25
CA LEU I 223 -114.31 35.06 -49.32
C LEU I 223 -113.18 35.39 -48.35
N ALA I 224 -112.05 34.69 -48.42
CA ALA I 224 -110.90 34.98 -47.58
C ALA I 224 -109.89 35.91 -48.26
N ILE I 225 -110.16 36.33 -49.49
CA ILE I 225 -109.27 37.23 -50.20
C ILE I 225 -109.38 38.63 -49.62
N ARG I 226 -108.24 39.29 -49.44
CA ARG I 226 -108.25 40.68 -48.99
C ARG I 226 -108.62 41.61 -50.14
N MET I 227 -109.38 42.65 -49.82
CA MET I 227 -109.67 43.67 -50.80
C MET I 227 -108.42 44.51 -51.07
N PRO I 228 -108.31 45.10 -52.26
CA PRO I 228 -107.09 45.87 -52.58
C PRO I 228 -106.90 47.04 -51.64
N GLU I 229 -105.63 47.36 -51.38
CA GLU I 229 -105.22 48.52 -50.59
C GLU I 229 -105.73 48.47 -49.16
N THR I 230 -105.86 47.28 -48.58
CA THR I 230 -106.28 47.14 -47.19
C THR I 230 -105.75 45.83 -46.65
N THR I 231 -105.98 45.59 -45.36
CA THR I 231 -105.49 44.41 -44.65
C THR I 231 -106.61 43.66 -43.97
N MET I 232 -107.72 43.43 -44.67
CA MET I 232 -108.76 42.56 -44.16
C MET I 232 -109.50 41.94 -45.34
N SER I 233 -110.08 40.77 -45.10
CA SER I 233 -110.75 40.00 -46.14
C SER I 233 -112.16 40.53 -46.39
N TYR I 234 -112.72 40.13 -47.53
CA TYR I 234 -114.08 40.54 -47.87
C TYR I 234 -115.08 40.08 -46.81
N LEU I 235 -114.84 38.91 -46.22
CA LEU I 235 -115.79 38.35 -45.27
C LEU I 235 -115.93 39.22 -44.03
N ASP I 236 -114.83 39.79 -43.55
CA ASP I 236 -114.90 40.62 -42.35
C ASP I 236 -115.75 41.87 -42.59
N TYR I 237 -115.55 42.53 -43.73
CA TYR I 237 -116.38 43.70 -44.05
C TYR I 237 -117.83 43.31 -44.26
N PHE I 238 -118.07 42.18 -44.92
CA PHE I 238 -119.45 41.71 -45.10
C PHE I 238 -120.12 41.46 -43.76
N LYS I 239 -119.41 40.81 -42.83
CA LYS I 239 -119.95 40.56 -41.50
C LYS I 239 -120.22 41.86 -40.76
N SER I 240 -119.30 42.83 -40.86
CA SER I 240 -119.50 44.11 -40.18
C SER I 240 -120.72 44.84 -40.73
N GLN I 241 -120.92 44.79 -42.04
CA GLN I 241 -122.07 45.46 -42.63
C GLN I 241 -123.38 44.76 -42.28
N ASN I 242 -123.40 43.43 -42.34
CA ASN I 242 -124.60 42.64 -42.11
C ASN I 242 -124.43 41.87 -40.81
N SER I 243 -124.90 42.45 -39.72
CA SER I 243 -124.81 41.80 -38.41
C SER I 243 -126.06 40.99 -38.12
N GLY I 244 -125.88 39.87 -37.43
CA GLY I 244 -126.98 38.98 -37.11
C GLY I 244 -127.21 37.88 -38.12
N ILE I 245 -126.26 37.62 -39.02
CA ILE I 245 -126.38 36.58 -40.03
C ILE I 245 -125.24 35.61 -39.85
N GLU I 246 -125.57 34.32 -39.83
CA GLU I 246 -124.58 33.26 -39.64
C GLU I 246 -124.32 32.55 -40.95
N ILE I 247 -123.04 32.39 -41.27
CA ILE I 247 -122.59 31.76 -42.51
C ILE I 247 -121.96 30.43 -42.15
N ASP I 248 -122.38 29.37 -42.82
CA ASP I 248 -121.94 28.02 -42.54
C ASP I 248 -121.64 27.31 -43.86
N SER I 249 -120.95 26.17 -43.76
CA SER I 249 -120.58 25.37 -44.92
C SER I 249 -121.25 24.01 -44.82
N ILE I 250 -121.75 23.52 -45.96
CA ILE I 250 -122.48 22.26 -46.03
C ILE I 250 -121.95 21.45 -47.19
N ALA I 251 -121.23 20.37 -46.89
CA ALA I 251 -120.66 19.53 -47.93
C ALA I 251 -121.71 18.86 -48.80
N GLU I 252 -122.95 18.78 -48.34
CA GLU I 252 -124.04 18.27 -49.17
C GLU I 252 -124.38 19.19 -50.34
N LEU I 253 -123.85 20.42 -50.34
CA LEU I 253 -124.14 21.38 -51.39
C LEU I 253 -123.14 21.35 -52.54
N GLU I 254 -122.18 20.41 -52.52
CA GLU I 254 -121.19 20.38 -53.60
C GLU I 254 -121.78 19.86 -54.89
N ASP I 255 -122.82 19.02 -54.81
CA ASP I 255 -123.49 18.47 -55.98
C ASP I 255 -124.99 18.49 -55.66
N ILE I 256 -125.74 19.36 -56.33
CA ILE I 256 -127.16 19.53 -56.04
C ILE I 256 -128.07 18.91 -57.10
N ASP I 257 -127.52 18.34 -58.16
CA ASP I 257 -128.32 17.77 -59.22
C ASP I 257 -127.82 16.42 -59.74
N GLY I 258 -126.75 15.88 -59.18
CA GLY I 258 -126.17 14.66 -59.69
C GLY I 258 -125.24 14.85 -60.87
N ALA I 259 -124.86 16.08 -61.19
CA ALA I 259 -123.99 16.36 -62.32
C ALA I 259 -122.85 17.31 -61.97
N GLY I 260 -122.73 17.71 -60.71
CA GLY I 260 -121.63 18.54 -60.26
C GLY I 260 -121.94 20.01 -60.08
N THR I 261 -123.19 20.43 -60.30
CA THR I 261 -123.54 21.84 -60.12
C THR I 261 -123.58 22.19 -58.64
N LYS I 262 -122.94 23.29 -58.29
CA LYS I 262 -122.90 23.77 -56.91
C LYS I 262 -124.13 24.61 -56.62
N GLY I 263 -124.24 25.05 -55.37
CA GLY I 263 -125.38 25.86 -54.96
C GLY I 263 -125.14 26.51 -53.63
N VAL I 264 -125.84 27.62 -53.41
CA VAL I 264 -125.79 28.37 -52.16
C VAL I 264 -127.23 28.58 -51.69
N LEU I 265 -127.45 28.44 -50.39
CA LEU I 265 -128.80 28.46 -49.84
C LEU I 265 -128.91 29.53 -48.75
N VAL I 266 -129.82 30.48 -48.95
CA VAL I 266 -130.05 31.56 -47.99
C VAL I 266 -131.48 31.45 -47.48
N TYR I 267 -131.65 31.47 -46.16
CA TYR I 267 -132.98 31.27 -45.60
C TYR I 267 -133.03 31.81 -44.18
N GLU I 268 -134.23 31.74 -43.59
CA GLU I 268 -134.47 32.09 -42.21
C GLU I 268 -134.90 30.85 -41.45
N LYS I 269 -134.29 30.61 -40.29
CA LYS I 269 -134.56 29.41 -39.49
C LYS I 269 -135.66 29.71 -38.50
N ASN I 270 -136.78 28.98 -38.62
CA ASN I 270 -137.94 29.19 -37.76
C ASN I 270 -138.84 27.96 -37.87
N PRO I 271 -139.36 27.45 -36.76
CA PRO I 271 -140.34 26.35 -36.86
C PRO I 271 -141.59 26.74 -37.60
N MET I 272 -141.88 28.05 -37.68
CA MET I 272 -142.98 28.56 -38.48
C MET I 272 -142.77 28.32 -39.98
N ASN I 273 -141.53 28.15 -40.42
CA ASN I 273 -141.21 28.14 -41.85
C ASN I 273 -140.88 26.76 -42.40
N MET I 274 -140.16 25.94 -41.66
CA MET I 274 -139.77 24.63 -42.15
C MET I 274 -139.66 23.68 -40.98
N SER I 275 -139.79 22.38 -41.25
CA SER I 275 -139.73 21.42 -40.16
C SER I 275 -139.33 20.05 -40.69
N ILE I 276 -138.80 19.24 -39.78
CA ILE I 276 -138.58 17.81 -39.99
C ILE I 276 -139.12 17.09 -38.77
N GLU I 277 -139.94 16.06 -39.01
CA GLU I 277 -140.63 15.34 -37.95
C GLU I 277 -140.09 13.93 -37.83
N ILE I 278 -139.87 13.49 -36.59
CA ILE I 278 -139.45 12.10 -36.33
C ILE I 278 -140.47 11.52 -35.37
N PRO I 279 -141.58 10.95 -35.88
CA PRO I 279 -142.62 10.44 -34.97
C PRO I 279 -142.16 9.32 -34.07
N GLU I 280 -141.28 8.45 -34.54
CA GLU I 280 -140.84 7.28 -33.77
C GLU I 280 -139.34 7.18 -33.83
N ALA I 281 -138.71 7.07 -32.66
CA ALA I 281 -137.26 6.96 -32.58
C ALA I 281 -136.80 5.55 -32.92
N PHE I 282 -135.50 5.42 -33.16
CA PHE I 282 -134.93 4.12 -33.51
C PHE I 282 -135.08 3.14 -32.36
N ASN I 283 -135.44 1.90 -32.69
CA ASN I 283 -135.61 0.86 -31.69
C ASN I 283 -135.36 -0.51 -32.33
N MET I 284 -135.09 -1.50 -31.49
CA MET I 284 -134.84 -2.85 -31.93
C MET I 284 -135.84 -3.81 -31.29
N LEU I 285 -136.28 -4.79 -32.06
CA LEU I 285 -137.21 -5.80 -31.60
C LEU I 285 -136.46 -6.98 -30.99
N PRO I 286 -137.10 -7.74 -30.11
CA PRO I 286 -136.42 -8.89 -29.49
C PRO I 286 -135.99 -9.91 -30.53
N ALA I 287 -134.86 -10.56 -30.25
CA ALA I 287 -134.28 -11.51 -31.18
C ALA I 287 -135.19 -12.72 -31.36
N GLN I 288 -135.17 -13.29 -32.57
CA GLN I 288 -135.99 -14.44 -32.91
C GLN I 288 -135.09 -15.62 -33.24
N PRO I 289 -134.88 -16.55 -32.33
CA PRO I 289 -133.94 -17.65 -32.59
C PRO I 289 -134.43 -18.56 -33.70
N LYS I 290 -133.47 -19.09 -34.46
CA LYS I 290 -133.76 -20.10 -35.48
C LYS I 290 -132.50 -20.92 -35.74
N ASP I 291 -132.44 -22.12 -35.15
CA ASP I 291 -131.42 -23.11 -35.50
C ASP I 291 -130.00 -22.59 -35.28
N LEU I 292 -129.68 -22.35 -34.02
CA LEU I 292 -128.34 -22.01 -33.54
C LEU I 292 -127.91 -20.60 -33.89
N HIS I 293 -128.82 -19.76 -34.40
CA HIS I 293 -128.48 -18.38 -34.71
C HIS I 293 -129.76 -17.54 -34.64
N PHE I 294 -129.57 -16.23 -34.53
CA PHE I 294 -130.65 -15.30 -34.27
C PHE I 294 -130.83 -14.34 -35.45
N LYS I 295 -131.79 -13.44 -35.30
CA LYS I 295 -132.08 -12.43 -36.32
C LYS I 295 -132.78 -11.27 -35.64
N VAL I 296 -132.12 -10.12 -35.55
CA VAL I 296 -132.62 -8.97 -34.82
C VAL I 296 -133.05 -7.90 -35.81
N PRO I 297 -134.33 -7.55 -35.87
CA PRO I 297 -134.77 -6.42 -36.70
C PRO I 297 -134.60 -5.08 -35.99
N CYS I 298 -134.95 -4.02 -36.70
CA CYS I 298 -134.95 -2.66 -36.16
C CYS I 298 -135.66 -1.74 -37.15
N THR I 299 -136.39 -0.77 -36.61
CA THR I 299 -137.25 0.10 -37.40
C THR I 299 -137.23 1.52 -36.87
N SER I 300 -137.79 2.44 -37.66
CA SER I 300 -137.89 3.85 -37.31
C SER I 300 -138.90 4.51 -38.25
N LYS I 301 -139.16 5.80 -38.02
CA LYS I 301 -140.13 6.54 -38.81
C LYS I 301 -139.60 7.95 -39.11
N CYS I 302 -140.17 8.58 -40.14
CA CYS I 302 -139.79 9.94 -40.49
C CYS I 302 -140.89 10.56 -41.35
N THR I 303 -140.69 11.83 -41.71
CA THR I 303 -141.61 12.55 -42.57
C THR I 303 -140.94 13.32 -43.71
N GLY I 304 -139.65 13.62 -43.62
CA GLY I 304 -139.01 14.45 -44.60
C GLY I 304 -139.17 15.93 -44.27
N LEU I 305 -138.56 16.76 -45.12
CA LEU I 305 -138.56 18.20 -44.93
C LEU I 305 -139.88 18.79 -45.44
N THR I 306 -140.58 19.50 -44.57
CA THR I 306 -141.84 20.14 -44.93
C THR I 306 -141.66 21.65 -44.85
N ILE I 307 -142.02 22.36 -45.91
CA ILE I 307 -141.87 23.80 -46.01
C ILE I 307 -143.25 24.42 -45.95
N TYR I 308 -143.50 25.22 -44.92
CA TYR I 308 -144.80 25.83 -44.69
C TYR I 308 -144.96 27.14 -45.47
N ARG I 309 -143.99 28.04 -45.33
CA ARG I 309 -143.95 29.28 -46.09
C ARG I 309 -142.75 29.24 -47.03
N PRO I 310 -142.94 28.99 -48.33
CA PRO I 310 -141.81 28.76 -49.22
C PRO I 310 -141.17 30.01 -49.78
N MET I 311 -141.65 31.20 -49.41
CA MET I 311 -141.10 32.44 -49.90
C MET I 311 -139.90 32.91 -49.09
N THR I 312 -139.37 32.06 -48.21
CA THR I 312 -138.19 32.38 -47.41
C THR I 312 -136.98 31.56 -47.81
N ILE I 313 -136.93 31.05 -49.03
CA ILE I 313 -135.82 30.22 -49.51
C ILE I 313 -135.27 30.84 -50.77
N VAL I 314 -133.96 31.10 -50.79
CA VAL I 314 -133.27 31.60 -51.96
C VAL I 314 -132.15 30.63 -52.30
N LEU I 315 -132.17 30.13 -53.54
CA LEU I 315 -131.18 29.17 -54.02
C LEU I 315 -130.40 29.82 -55.16
N ILE I 316 -129.13 30.12 -54.91
CA ILE I 316 -128.22 30.63 -55.93
C ILE I 316 -127.58 29.41 -56.59
N THR I 317 -127.92 29.18 -57.85
CA THR I 317 -127.44 28.03 -58.58
C THR I 317 -126.32 28.42 -59.54
N GLY I 318 -125.54 27.42 -59.94
CA GLY I 318 -124.44 27.63 -60.85
C GLY I 318 -123.21 28.24 -60.24
N VAL I 319 -123.18 28.41 -58.92
CA VAL I 319 -122.02 28.97 -58.24
C VAL I 319 -120.82 28.04 -58.33
N GLU J 38 -38.57 27.97 -29.31
CA GLU J 38 -39.02 28.36 -27.97
C GLU J 38 -39.64 29.75 -27.99
N LEU J 39 -39.49 30.45 -29.10
CA LEU J 39 -40.13 31.73 -29.32
C LEU J 39 -41.40 31.64 -30.15
N HIS J 40 -41.89 30.42 -30.38
CA HIS J 40 -43.03 30.17 -31.26
C HIS J 40 -44.19 29.66 -30.41
N ARG J 41 -45.07 30.59 -30.01
CA ARG J 41 -46.22 30.24 -29.19
C ARG J 41 -47.32 29.62 -30.06
N ILE J 42 -48.18 28.85 -29.42
CA ILE J 42 -49.31 28.21 -30.09
C ILE J 42 -50.59 28.62 -29.38
N LYS J 43 -51.63 28.92 -30.16
CA LYS J 43 -52.89 29.38 -29.59
C LYS J 43 -53.57 28.24 -28.84
N SER J 44 -54.45 28.63 -27.90
CA SER J 44 -55.14 27.65 -27.06
C SER J 44 -56.42 27.12 -27.69
N GLN J 45 -57.12 27.93 -28.48
CA GLN J 45 -58.40 27.56 -29.07
C GLN J 45 -58.20 27.02 -30.48
N SER J 46 -58.62 25.79 -30.70
CA SER J 46 -58.61 25.17 -32.03
C SER J 46 -60.01 25.19 -32.62
N TYR J 47 -60.08 25.03 -33.93
CA TYR J 47 -61.34 25.14 -34.68
C TYR J 47 -61.68 23.79 -35.26
N GLU J 48 -62.74 23.17 -34.75
CA GLU J 48 -63.25 21.91 -35.27
C GLU J 48 -64.24 22.23 -36.38
N GLU J 49 -64.01 21.69 -37.57
CA GLU J 49 -64.96 21.88 -38.67
C GLU J 49 -66.27 21.19 -38.33
N ASP J 50 -67.37 21.88 -38.59
CA ASP J 50 -68.70 21.44 -38.19
C ASP J 50 -69.42 20.75 -39.35
N TYR J 51 -70.00 19.60 -39.05
CA TYR J 51 -70.86 18.88 -39.99
C TYR J 51 -72.26 18.82 -39.38
N PRO J 52 -73.20 19.61 -39.88
CA PRO J 52 -74.57 19.57 -39.33
C PRO J 52 -75.18 18.19 -39.48
N VAL J 53 -75.95 17.80 -38.48
CA VAL J 53 -76.50 16.44 -38.42
C VAL J 53 -77.81 16.33 -39.19
N GLY J 54 -78.70 17.32 -39.03
CA GLY J 54 -79.96 17.28 -39.74
C GLY J 54 -81.09 17.71 -38.83
N SER J 55 -82.32 17.43 -39.30
CA SER J 55 -83.51 17.82 -38.56
C SER J 55 -84.60 16.75 -38.57
N ALA J 56 -84.28 15.51 -38.95
CA ALA J 56 -85.30 14.47 -39.05
C ALA J 56 -85.87 14.08 -37.70
N LEU J 57 -85.16 14.33 -36.60
CA LEU J 57 -85.66 13.99 -35.28
C LEU J 57 -86.47 15.10 -34.64
N ARG J 58 -86.27 16.35 -35.05
CA ARG J 58 -87.10 17.46 -34.59
C ARG J 58 -88.34 17.66 -35.45
N VAL J 59 -88.26 17.39 -36.75
CA VAL J 59 -89.42 17.57 -37.63
C VAL J 59 -90.51 16.55 -37.33
N PHE J 60 -90.16 15.27 -37.23
CA PHE J 60 -91.12 14.20 -37.11
C PHE J 60 -91.12 13.65 -35.68
N PRO J 61 -92.26 13.15 -35.21
CA PRO J 61 -92.33 12.62 -33.85
C PRO J 61 -91.47 11.38 -33.68
N VAL J 62 -90.97 11.21 -32.45
CA VAL J 62 -90.18 10.05 -32.07
C VAL J 62 -90.87 9.41 -30.87
N THR J 63 -91.13 8.10 -30.95
CA THR J 63 -91.82 7.37 -29.90
C THR J 63 -90.97 6.18 -29.45
N THR J 64 -91.39 5.57 -28.33
CA THR J 64 -90.73 4.38 -27.77
C THR J 64 -91.82 3.38 -27.40
N GLU J 65 -92.04 2.41 -28.29
CA GLU J 65 -93.00 1.34 -28.03
C GLU J 65 -92.45 -0.05 -28.30
N LEU J 66 -91.51 -0.21 -29.23
CA LEU J 66 -90.94 -1.50 -29.52
C LEU J 66 -89.83 -1.85 -28.54
N SER J 67 -89.83 -3.10 -28.11
CA SER J 67 -88.80 -3.62 -27.21
C SER J 67 -87.50 -3.79 -27.99
N PRO J 68 -86.36 -3.86 -27.29
CA PRO J 68 -85.08 -3.98 -28.00
C PRO J 68 -84.87 -5.33 -28.69
N THR J 69 -85.81 -6.27 -28.57
CA THR J 69 -85.64 -7.59 -29.17
C THR J 69 -86.68 -7.92 -30.24
N ASP J 70 -87.61 -7.01 -30.53
CA ASP J 70 -88.60 -7.28 -31.56
C ASP J 70 -88.00 -7.07 -32.95
N LYS J 71 -88.56 -7.77 -33.93
CA LYS J 71 -88.16 -7.61 -35.32
C LYS J 71 -89.27 -7.07 -36.21
N THR J 72 -90.53 -7.21 -35.82
CA THR J 72 -91.64 -6.77 -36.64
C THR J 72 -92.76 -6.26 -35.75
N PHE J 73 -93.58 -5.37 -36.30
CA PHE J 73 -94.75 -4.86 -35.59
C PHE J 73 -95.93 -4.81 -36.55
N GLU J 74 -97.13 -4.84 -35.98
CA GLU J 74 -98.37 -4.96 -36.74
C GLU J 74 -99.44 -4.08 -36.11
N TYR J 75 -100.23 -3.41 -36.95
CA TYR J 75 -101.36 -2.62 -36.50
C TYR J 75 -102.57 -2.89 -37.39
N MET J 76 -103.76 -2.68 -36.82
CA MET J 76 -105.01 -3.10 -37.43
C MET J 76 -105.90 -1.90 -37.74
N THR J 77 -106.97 -2.19 -38.50
CA THR J 77 -107.94 -1.20 -38.95
C THR J 77 -109.26 -1.91 -39.20
N PHE J 78 -110.37 -1.19 -39.03
CA PHE J 78 -111.70 -1.77 -39.12
C PHE J 78 -112.62 -0.88 -39.96
N ASP J 79 -113.73 -1.48 -40.40
CA ASP J 79 -114.72 -0.82 -41.26
C ASP J 79 -116.03 -1.58 -41.17
N LYS J 80 -117.08 -1.02 -41.78
CA LYS J 80 -118.40 -1.64 -41.74
C LYS J 80 -119.19 -1.25 -42.98
N VAL J 81 -120.25 -2.01 -43.24
CA VAL J 81 -121.15 -1.78 -44.36
C VAL J 81 -122.59 -1.93 -43.88
N GLY J 82 -123.53 -1.53 -44.72
CA GLY J 82 -124.95 -1.64 -44.40
C GLY J 82 -125.77 -0.65 -45.20
N THR J 83 -127.08 -0.74 -45.01
CA THR J 83 -128.04 0.13 -45.69
C THR J 83 -129.38 0.03 -45.00
N ALA J 84 -130.38 0.74 -45.54
CA ALA J 84 -131.73 0.70 -45.03
C ALA J 84 -132.70 1.03 -46.16
N GLN J 85 -133.96 0.62 -45.99
CA GLN J 85 -134.97 0.84 -47.00
C GLN J 85 -136.28 1.24 -46.35
N ILE J 86 -137.20 1.76 -47.16
CA ILE J 86 -138.55 2.09 -46.73
C ILE J 86 -139.42 0.85 -46.87
N ILE J 87 -140.12 0.50 -45.79
CA ILE J 87 -140.83 -0.78 -45.73
C ILE J 87 -142.33 -0.53 -45.59
N ALA J 88 -143.09 -1.61 -45.51
CA ALA J 88 -144.54 -1.59 -45.39
C ALA J 88 -144.96 -2.40 -44.16
N ASP J 89 -146.26 -2.65 -44.04
CA ASP J 89 -146.79 -3.33 -42.87
C ASP J 89 -146.19 -4.73 -42.72
N TYR J 90 -146.44 -5.60 -43.68
CA TYR J 90 -145.85 -6.95 -43.72
C TYR J 90 -144.65 -6.90 -44.66
N THR J 91 -143.46 -7.18 -44.12
CA THR J 91 -142.24 -7.22 -44.93
C THR J 91 -141.31 -8.27 -44.38
N ASP J 92 -140.64 -9.00 -45.29
CA ASP J 92 -139.75 -10.10 -44.93
C ASP J 92 -138.40 -10.01 -45.64
N ASP J 93 -138.02 -8.81 -46.09
CA ASP J 93 -136.75 -8.66 -46.80
C ASP J 93 -135.96 -7.45 -46.31
N LEU J 94 -135.83 -7.30 -45.01
CA LEU J 94 -135.03 -6.21 -44.47
C LEU J 94 -133.56 -6.42 -44.80
N PRO J 95 -132.85 -5.38 -45.25
CA PRO J 95 -131.43 -5.54 -45.55
C PRO J 95 -130.59 -5.73 -44.29
N LEU J 96 -129.33 -6.09 -44.50
CA LEU J 96 -128.43 -6.50 -43.44
C LEU J 96 -127.18 -5.61 -43.41
N VAL J 97 -126.33 -5.84 -42.41
CA VAL J 97 -125.09 -5.10 -42.20
C VAL J 97 -123.97 -6.10 -41.92
N ASP J 98 -122.73 -5.62 -41.97
CA ASP J 98 -121.56 -6.48 -41.75
C ASP J 98 -120.37 -5.60 -41.39
N ALA J 99 -119.28 -6.25 -40.93
CA ALA J 99 -118.08 -5.56 -40.48
C ALA J 99 -116.87 -6.13 -41.22
N LEU J 100 -115.71 -5.50 -40.99
CA LEU J 100 -114.51 -5.80 -41.75
C LEU J 100 -113.29 -5.73 -40.84
N GLY J 101 -112.11 -5.82 -41.44
CA GLY J 101 -110.84 -5.70 -40.72
C GLY J 101 -109.63 -5.90 -41.62
N THR J 102 -108.50 -5.33 -41.23
CA THR J 102 -107.26 -5.44 -41.99
C THR J 102 -106.09 -5.07 -41.09
N SER J 103 -104.87 -5.33 -41.57
CA SER J 103 -103.68 -5.06 -40.76
C SER J 103 -102.47 -4.87 -41.68
N GLU J 104 -101.45 -4.23 -41.13
CA GLU J 104 -100.21 -3.92 -41.84
C GLU J 104 -99.01 -4.34 -41.00
N PHE J 105 -97.80 -4.16 -41.55
CA PHE J 105 -96.59 -4.67 -40.93
C PHE J 105 -95.45 -3.68 -41.09
N GLY J 106 -94.44 -3.83 -40.21
CA GLY J 106 -93.24 -3.01 -40.27
C GLY J 106 -92.08 -3.72 -39.62
N LYS J 107 -90.87 -3.31 -40.01
CA LYS J 107 -89.64 -4.00 -39.65
C LYS J 107 -88.64 -3.04 -39.00
N VAL J 108 -87.55 -3.61 -38.48
CA VAL J 108 -86.52 -2.88 -37.74
C VAL J 108 -85.14 -3.35 -38.22
N PHE J 109 -84.21 -2.42 -38.38
CA PHE J 109 -82.87 -2.70 -38.89
C PHE J 109 -81.80 -2.28 -37.88
N ARG J 110 -80.58 -2.75 -38.13
CA ARG J 110 -79.42 -2.51 -37.27
C ARG J 110 -78.33 -1.83 -38.06
N LEU J 111 -77.57 -0.97 -37.39
CA LEU J 111 -76.53 -0.16 -38.01
C LEU J 111 -75.23 -0.36 -37.26
N GLY J 112 -74.10 -0.23 -37.97
CA GLY J 112 -72.82 -0.38 -37.31
C GLY J 112 -71.60 0.10 -38.08
N ASN J 113 -70.51 0.34 -37.37
CA ASN J 113 -69.22 0.67 -37.95
C ASN J 113 -68.14 0.36 -36.92
N ALA J 114 -66.92 0.82 -37.16
CA ALA J 114 -65.81 0.60 -36.24
C ALA J 114 -64.74 1.65 -36.52
N TYR J 115 -63.67 1.61 -35.71
CA TYR J 115 -62.52 2.46 -35.98
C TYR J 115 -61.27 1.84 -35.39
N LEU J 116 -60.12 2.29 -35.91
CA LEU J 116 -58.81 1.80 -35.52
C LEU J 116 -58.03 2.87 -34.77
N ILE J 117 -57.12 2.42 -33.91
CA ILE J 117 -56.19 3.31 -33.21
C ILE J 117 -54.99 2.47 -32.80
N SER J 118 -53.82 3.13 -32.73
CA SER J 118 -52.58 2.46 -32.38
C SER J 118 -52.06 2.99 -31.06
N ILE J 119 -51.35 2.12 -30.32
CA ILE J 119 -50.81 2.51 -29.02
C ILE J 119 -49.77 3.61 -29.17
N ASP J 120 -49.06 3.64 -30.30
CA ASP J 120 -48.11 4.72 -30.57
C ASP J 120 -48.83 6.06 -30.62
N GLU J 121 -49.92 6.11 -31.38
CA GLU J 121 -50.70 7.35 -31.47
C GLU J 121 -51.36 7.69 -30.14
N ILE J 122 -51.74 6.66 -29.37
CA ILE J 122 -52.32 6.91 -28.05
C ILE J 122 -51.30 7.60 -27.15
N LYS J 123 -50.07 7.09 -27.13
CA LYS J 123 -49.03 7.70 -26.29
C LYS J 123 -48.63 9.06 -26.82
N ALA J 124 -48.66 9.25 -28.14
CA ALA J 124 -48.29 10.54 -28.73
C ALA J 124 -49.31 11.60 -28.33
N GLY J 125 -48.80 12.78 -27.98
CA GLY J 125 -49.66 13.88 -27.57
C GLY J 125 -49.67 15.03 -28.55
N GLN J 126 -50.69 15.87 -28.45
CA GLN J 126 -50.81 17.05 -29.29
C GLN J 126 -50.85 18.28 -28.38
N ALA J 127 -50.55 19.44 -28.99
CA ALA J 127 -50.43 20.67 -28.21
C ALA J 127 -51.75 21.04 -27.54
N THR J 128 -52.86 20.97 -28.29
CA THR J 128 -54.15 21.34 -27.75
C THR J 128 -55.24 20.65 -28.55
N GLY J 129 -56.48 20.81 -28.09
CA GLY J 129 -57.64 20.24 -28.74
C GLY J 129 -58.03 18.91 -28.12
N ARG J 130 -59.14 18.36 -28.60
CA ARG J 130 -59.60 17.07 -28.11
C ARG J 130 -58.65 15.97 -28.57
N PRO J 131 -58.47 14.91 -27.79
CA PRO J 131 -57.60 13.81 -28.21
C PRO J 131 -58.14 13.07 -29.41
N LEU J 132 -57.22 12.41 -30.12
CA LEU J 132 -57.58 11.68 -31.34
C LEU J 132 -58.61 10.59 -31.05
N SER J 133 -58.50 9.94 -29.89
CA SER J 133 -59.47 8.91 -29.52
C SER J 133 -60.86 9.51 -29.38
N THR J 134 -60.97 10.65 -28.71
CA THR J 134 -62.28 11.29 -28.55
C THR J 134 -62.85 11.74 -29.89
N ARG J 135 -62.00 12.31 -30.76
CA ARG J 135 -62.47 12.70 -32.08
C ARG J 135 -62.94 11.52 -32.92
N LYS J 136 -62.20 10.41 -32.92
CA LYS J 136 -62.63 9.22 -33.63
C LYS J 136 -63.88 8.60 -33.03
N ALA J 137 -64.09 8.71 -31.72
CA ALA J 137 -65.33 8.26 -31.10
C ALA J 137 -66.52 9.13 -31.44
N SER J 138 -66.33 10.43 -31.59
CA SER J 138 -67.43 11.32 -31.97
C SER J 138 -67.78 11.18 -33.45
N ALA J 139 -66.79 10.89 -34.28
CA ALA J 139 -67.02 10.72 -35.71
C ALA J 139 -67.99 9.58 -35.98
N CYS J 140 -67.85 8.48 -35.24
CA CYS J 140 -68.74 7.34 -35.42
C CYS J 140 -70.18 7.70 -35.07
N GLN J 141 -70.38 8.42 -33.96
CA GLN J 141 -71.72 8.84 -33.57
C GLN J 141 -72.34 9.74 -34.62
N LEU J 142 -71.56 10.70 -35.14
CA LEU J 142 -72.08 11.58 -36.18
C LEU J 142 -72.44 10.79 -37.42
N ALA J 143 -71.62 9.80 -37.79
CA ALA J 143 -71.92 8.98 -38.96
C ALA J 143 -73.23 8.20 -38.76
N HIS J 144 -73.43 7.63 -37.58
CA HIS J 144 -74.66 6.91 -37.30
C HIS J 144 -75.87 7.82 -37.42
N ASP J 145 -75.79 9.02 -36.83
CA ASP J 145 -76.92 9.94 -36.88
C ASP J 145 -77.21 10.36 -38.32
N GLN J 146 -76.17 10.67 -39.10
CA GLN J 146 -76.38 11.06 -40.49
C GLN J 146 -76.97 9.92 -41.31
N LEU J 147 -76.54 8.69 -41.06
CA LEU J 147 -77.14 7.56 -41.78
C LEU J 147 -78.60 7.38 -41.42
N VAL J 148 -78.97 7.57 -40.16
CA VAL J 148 -80.38 7.52 -39.78
C VAL J 148 -81.17 8.59 -40.53
N ASN J 149 -80.63 9.81 -40.58
CA ASN J 149 -81.30 10.90 -41.27
C ASN J 149 -81.48 10.59 -42.75
N ARG J 150 -80.45 10.07 -43.40
CA ARG J 150 -80.55 9.77 -44.83
C ARG J 150 -81.46 8.58 -45.09
N LEU J 151 -81.54 7.63 -44.16
CA LEU J 151 -82.54 6.57 -44.29
C LEU J 151 -83.95 7.14 -44.22
N VAL J 152 -84.17 8.11 -43.33
CA VAL J 152 -85.49 8.73 -43.23
C VAL J 152 -85.84 9.48 -44.50
N PHE J 153 -84.93 10.30 -45.02
CA PHE J 153 -85.24 11.22 -46.09
C PHE J 153 -84.97 10.70 -47.50
N LYS J 154 -84.32 9.54 -47.64
CA LYS J 154 -83.98 9.04 -48.97
C LYS J 154 -84.28 7.57 -49.19
N GLY J 155 -84.38 6.76 -48.14
CA GLY J 155 -84.73 5.36 -48.29
C GLY J 155 -83.59 4.53 -48.85
N SER J 156 -83.94 3.27 -49.15
CA SER J 156 -82.98 2.33 -49.72
C SER J 156 -83.76 1.30 -50.53
N ALA J 157 -83.59 1.34 -51.85
CA ALA J 157 -84.34 0.42 -52.72
C ALA J 157 -84.05 -1.05 -52.44
N PRO J 158 -82.79 -1.51 -52.34
CA PRO J 158 -82.56 -2.93 -52.07
C PRO J 158 -83.15 -3.40 -50.74
N HIS J 159 -83.15 -2.56 -49.72
CA HIS J 159 -83.62 -2.94 -48.39
C HIS J 159 -85.13 -2.78 -48.23
N LYS J 160 -85.83 -2.32 -49.28
CA LYS J 160 -87.28 -2.11 -49.22
C LYS J 160 -87.66 -1.10 -48.14
N ILE J 161 -87.00 0.04 -48.16
CA ILE J 161 -87.36 1.17 -47.29
C ILE J 161 -87.87 2.29 -48.19
N VAL J 162 -89.02 2.84 -47.83
CA VAL J 162 -89.70 3.86 -48.63
C VAL J 162 -89.45 5.23 -48.00
N SER J 163 -88.91 6.15 -48.79
CA SER J 163 -88.70 7.52 -48.34
C SER J 163 -90.03 8.27 -48.31
N VAL J 164 -90.04 9.40 -47.61
CA VAL J 164 -91.26 10.19 -47.51
C VAL J 164 -91.65 10.83 -48.83
N PHE J 165 -90.68 11.19 -49.67
CA PHE J 165 -90.98 11.80 -50.96
C PHE J 165 -91.48 10.79 -51.99
N ASN J 166 -91.19 9.50 -51.79
CA ASN J 166 -91.50 8.47 -52.77
C ASN J 166 -92.67 7.59 -52.37
N HIS J 167 -93.30 7.88 -51.23
CA HIS J 167 -94.43 7.09 -50.79
C HIS J 167 -95.55 7.17 -51.83
N PRO J 168 -96.13 6.04 -52.23
CA PRO J 168 -97.08 6.05 -53.35
C PRO J 168 -98.51 6.43 -52.97
N ASN J 169 -98.80 6.67 -51.69
CA ASN J 169 -100.16 6.93 -51.24
C ASN J 169 -100.33 8.36 -50.72
N ILE J 170 -99.34 9.22 -50.89
CA ILE J 170 -99.40 10.59 -50.44
C ILE J 170 -99.81 11.48 -51.61
N THR J 171 -100.22 12.70 -51.30
CA THR J 171 -100.72 13.63 -52.31
C THR J 171 -99.62 14.54 -52.79
N LYS J 172 -99.31 14.45 -54.09
CA LYS J 172 -98.30 15.28 -54.73
C LYS J 172 -98.99 16.31 -55.62
N ILE J 173 -98.60 17.56 -55.50
CA ILE J 173 -99.19 18.66 -56.26
C ILE J 173 -98.08 19.35 -57.05
N THR J 174 -98.24 19.38 -58.37
CA THR J 174 -97.32 20.14 -59.20
C THR J 174 -97.54 21.63 -58.99
N SER J 175 -96.48 22.41 -59.13
CA SER J 175 -96.52 23.82 -58.81
C SER J 175 -95.79 24.65 -59.86
N GLY J 176 -96.34 25.82 -60.16
CA GLY J 176 -95.60 26.81 -60.92
C GLY J 176 -94.48 27.38 -60.08
N LYS J 177 -93.37 27.71 -60.73
CA LYS J 177 -92.18 28.16 -60.02
C LYS J 177 -92.47 29.45 -59.26
N TRP J 178 -92.09 29.46 -57.98
CA TRP J 178 -92.19 30.69 -57.20
C TRP J 178 -91.23 31.74 -57.71
N ILE J 179 -90.08 31.32 -58.25
CA ILE J 179 -89.10 32.21 -58.85
C ILE J 179 -88.77 31.68 -60.23
N ASP J 180 -88.84 32.56 -61.23
CA ASP J 180 -88.46 32.23 -62.61
C ASP J 180 -87.48 33.29 -63.10
N ALA J 181 -86.19 33.00 -63.01
CA ALA J 181 -85.12 33.90 -63.41
C ALA J 181 -85.21 35.22 -62.63
N SER J 182 -85.08 35.08 -61.31
CA SER J 182 -85.05 36.22 -60.39
C SER J 182 -86.28 37.12 -60.54
N THR J 183 -87.45 36.48 -60.66
CA THR J 183 -88.73 37.19 -60.75
C THR J 183 -89.66 36.56 -59.72
N MET J 184 -89.68 37.13 -58.51
CA MET J 184 -90.46 36.57 -57.42
C MET J 184 -91.95 36.71 -57.68
N LYS J 185 -92.70 35.66 -57.37
CA LYS J 185 -94.16 35.67 -57.41
C LYS J 185 -94.68 35.38 -56.01
N PRO J 186 -95.01 36.40 -55.23
CA PRO J 186 -95.49 36.18 -53.86
C PRO J 186 -96.98 35.92 -53.73
N GLU J 187 -97.70 35.66 -54.83
CA GLU J 187 -99.11 35.31 -54.78
C GLU J 187 -99.38 33.84 -55.08
N THR J 188 -98.59 33.24 -55.98
CA THR J 188 -98.71 31.82 -56.25
C THR J 188 -98.40 30.99 -55.01
N ALA J 189 -97.39 31.42 -54.23
CA ALA J 189 -97.06 30.74 -53.00
C ALA J 189 -98.24 30.71 -52.04
N GLU J 190 -98.87 31.87 -51.81
CA GLU J 190 -100.01 31.94 -50.91
C GLU J 190 -101.16 31.09 -51.42
N ALA J 191 -101.43 31.16 -52.73
CA ALA J 191 -102.52 30.38 -53.29
C ALA J 191 -102.29 28.89 -53.10
N GLU J 192 -101.06 28.42 -53.34
CA GLU J 192 -100.78 27.00 -53.24
C GLU J 192 -100.77 26.52 -51.79
N LEU J 193 -100.29 27.35 -50.86
CA LEU J 193 -100.37 26.98 -49.46
C LEU J 193 -101.83 26.87 -49.00
N THR J 194 -102.67 27.82 -49.41
CA THR J 194 -104.09 27.71 -49.07
C THR J 194 -104.70 26.45 -49.69
N GLN J 195 -104.32 26.14 -50.93
CA GLN J 195 -104.83 24.94 -51.58
C GLN J 195 -104.41 23.68 -50.84
N ALA J 196 -103.16 23.63 -50.38
CA ALA J 196 -102.69 22.46 -49.65
C ALA J 196 -103.43 22.31 -48.32
N ILE J 197 -103.63 23.40 -47.61
CA ILE J 197 -104.38 23.33 -46.34
C ILE J 197 -105.81 22.85 -46.60
N GLU J 198 -106.45 23.38 -47.64
CA GLU J 198 -107.81 22.96 -47.98
C GLU J 198 -107.85 21.49 -48.34
N THR J 199 -106.85 21.01 -49.09
CA THR J 199 -106.80 19.60 -49.46
C THR J 199 -106.66 18.70 -48.24
N ILE J 200 -105.76 19.07 -47.32
CA ILE J 200 -105.64 18.31 -46.08
C ILE J 200 -106.95 18.29 -45.31
N GLU J 201 -107.63 19.43 -45.25
CA GLU J 201 -108.85 19.50 -44.45
C GLU J 201 -109.97 18.67 -45.10
N THR J 202 -110.01 18.61 -46.43
CA THR J 202 -111.14 17.96 -47.09
C THR J 202 -110.93 16.48 -47.37
N ILE J 203 -109.72 16.05 -47.71
CA ILE J 203 -109.51 14.64 -48.05
C ILE J 203 -109.69 13.73 -46.84
N THR J 204 -109.49 14.25 -45.63
CA THR J 204 -109.73 13.49 -44.40
C THR J 204 -111.13 13.70 -43.87
N ARG J 205 -111.98 14.43 -44.60
CA ARG J 205 -113.39 14.65 -44.23
C ARG J 205 -113.53 15.28 -42.85
N GLY J 206 -112.76 16.33 -42.60
CA GLY J 206 -112.92 17.14 -41.41
C GLY J 206 -112.34 16.55 -40.14
N GLN J 207 -111.60 15.45 -40.24
CA GLN J 207 -111.03 14.80 -39.06
C GLN J 207 -109.60 15.25 -38.79
N HIS J 208 -108.89 15.74 -39.80
CA HIS J 208 -107.49 16.12 -39.66
C HIS J 208 -107.29 17.52 -40.22
N ARG J 209 -106.49 18.33 -39.53
CA ARG J 209 -106.16 19.67 -39.99
C ARG J 209 -104.65 19.88 -39.93
N ALA J 210 -104.10 20.51 -40.97
CA ALA J 210 -102.66 20.70 -41.05
C ALA J 210 -102.19 21.69 -39.99
N THR J 211 -101.00 21.45 -39.46
CA THR J 211 -100.41 22.31 -38.44
C THR J 211 -98.97 22.69 -38.70
N ASN J 212 -98.23 21.98 -39.56
CA ASN J 212 -96.83 22.26 -39.79
C ASN J 212 -96.55 22.39 -41.29
N ILE J 213 -95.72 23.37 -41.64
CA ILE J 213 -95.25 23.58 -43.00
C ILE J 213 -93.74 23.66 -43.00
N LEU J 214 -93.13 23.02 -43.99
CA LEU J 214 -91.69 23.03 -44.18
C LEU J 214 -91.37 23.54 -45.58
N ILE J 215 -90.55 24.58 -45.66
CA ILE J 215 -90.20 25.22 -46.93
C ILE J 215 -88.68 25.25 -47.06
N PRO J 216 -88.14 25.34 -48.28
CA PRO J 216 -86.69 25.39 -48.45
C PRO J 216 -86.12 26.68 -47.88
N PRO J 217 -84.84 26.68 -47.48
CA PRO J 217 -84.25 27.91 -46.90
C PRO J 217 -84.12 29.06 -47.88
N SER J 218 -84.15 28.79 -49.19
CA SER J 218 -84.00 29.84 -50.19
C SER J 218 -85.32 30.53 -50.52
N MET J 219 -86.42 30.08 -49.96
CA MET J 219 -87.73 30.65 -50.25
C MET J 219 -88.19 31.66 -49.21
N ARG J 220 -87.39 31.93 -48.18
CA ARG J 220 -87.74 32.97 -47.23
C ARG J 220 -87.66 34.36 -47.84
N LYS J 221 -86.84 34.53 -48.87
CA LYS J 221 -86.74 35.82 -49.55
C LYS J 221 -87.97 36.17 -50.36
N VAL J 222 -88.90 35.23 -50.53
CA VAL J 222 -90.13 35.48 -51.28
C VAL J 222 -91.28 35.85 -50.35
N LEU J 223 -91.42 35.14 -49.23
CA LEU J 223 -92.53 35.39 -48.32
C LEU J 223 -92.36 36.65 -47.49
N ALA J 224 -91.21 37.31 -47.55
CA ALA J 224 -90.94 38.52 -46.78
C ALA J 224 -91.21 39.79 -47.57
N ILE J 225 -91.82 39.69 -48.74
CA ILE J 225 -92.07 40.87 -49.56
C ILE J 225 -93.21 41.70 -48.99
N ARG J 226 -93.00 43.01 -48.95
CA ARG J 226 -94.02 43.94 -48.50
C ARG J 226 -95.19 43.94 -49.47
N MET J 227 -96.41 43.91 -48.93
CA MET J 227 -97.57 43.91 -49.80
C MET J 227 -97.79 45.32 -50.38
N PRO J 228 -98.31 45.41 -51.59
CA PRO J 228 -98.45 46.72 -52.24
C PRO J 228 -99.41 47.63 -51.47
N GLU J 229 -99.04 48.92 -51.40
CA GLU J 229 -99.85 49.97 -50.76
C GLU J 229 -100.28 49.62 -49.34
N THR J 230 -99.44 48.92 -48.58
CA THR J 230 -99.71 48.66 -47.18
C THR J 230 -98.41 48.35 -46.45
N THR J 231 -98.53 48.02 -45.16
CA THR J 231 -97.39 47.89 -44.28
C THR J 231 -97.02 46.46 -43.94
N MET J 232 -97.99 45.58 -43.74
CA MET J 232 -97.72 44.20 -43.36
C MET J 232 -97.37 43.39 -44.59
N SER J 233 -96.65 42.29 -44.39
CA SER J 233 -96.17 41.49 -45.49
C SER J 233 -97.05 40.27 -45.73
N TYR J 234 -96.74 39.54 -46.81
CA TYR J 234 -97.51 38.36 -47.15
C TYR J 234 -97.49 37.33 -46.03
N LEU J 235 -96.32 37.13 -45.43
CA LEU J 235 -96.20 36.15 -44.35
C LEU J 235 -97.03 36.54 -43.14
N ASP J 236 -96.99 37.83 -42.77
CA ASP J 236 -97.79 38.28 -41.63
C ASP J 236 -99.27 38.14 -41.92
N TYR J 237 -99.70 38.47 -43.14
CA TYR J 237 -101.10 38.28 -43.50
C TYR J 237 -101.49 36.81 -43.47
N PHE J 238 -100.57 35.93 -43.89
CA PHE J 238 -100.86 34.49 -43.86
C PHE J 238 -101.04 34.00 -42.43
N LYS J 239 -100.17 34.43 -41.51
CA LYS J 239 -100.38 34.09 -40.12
C LYS J 239 -101.69 34.66 -39.58
N SER J 240 -102.03 35.89 -39.96
CA SER J 240 -103.29 36.48 -39.50
C SER J 240 -104.48 35.67 -39.97
N GLN J 241 -104.45 35.21 -41.23
CA GLN J 241 -105.55 34.43 -41.78
C GLN J 241 -105.62 33.01 -41.22
N ASN J 242 -104.48 32.37 -40.97
CA ASN J 242 -104.43 30.97 -40.57
C ASN J 242 -103.67 30.82 -39.26
N SER J 243 -104.00 31.65 -38.27
CA SER J 243 -103.33 31.59 -36.97
C SER J 243 -103.45 30.20 -36.36
N GLY J 244 -102.36 29.74 -35.76
CA GLY J 244 -102.28 28.41 -35.21
C GLY J 244 -101.45 27.42 -35.99
N ILE J 245 -100.71 27.87 -37.00
CA ILE J 245 -99.91 27.00 -37.84
C ILE J 245 -98.46 27.47 -37.77
N GLU J 246 -97.52 26.53 -37.81
CA GLU J 246 -96.10 26.82 -37.70
C GLU J 246 -95.40 26.57 -39.01
N ILE J 247 -94.48 27.47 -39.37
CA ILE J 247 -93.74 27.43 -40.62
C ILE J 247 -92.26 27.34 -40.28
N ASP J 248 -91.56 26.42 -40.93
CA ASP J 248 -90.14 26.19 -40.65
C ASP J 248 -89.41 25.98 -41.97
N SER J 249 -88.08 26.06 -41.89
CA SER J 249 -87.20 25.90 -43.03
C SER J 249 -86.35 24.66 -42.86
N ILE J 250 -86.25 23.86 -43.92
CA ILE J 250 -85.47 22.64 -43.94
C ILE J 250 -84.56 22.67 -45.17
N ALA J 251 -83.26 22.49 -44.94
CA ALA J 251 -82.31 22.47 -46.06
C ALA J 251 -82.36 21.18 -46.86
N GLU J 252 -82.94 20.12 -46.28
CA GLU J 252 -83.07 18.85 -47.01
C GLU J 252 -84.01 18.96 -48.19
N LEU J 253 -84.89 19.97 -48.22
CA LEU J 253 -85.86 20.16 -49.29
C LEU J 253 -85.27 20.89 -50.50
N GLU J 254 -84.01 21.32 -50.42
CA GLU J 254 -83.39 22.00 -51.55
C GLU J 254 -83.29 21.08 -52.76
N ASP J 255 -82.92 19.82 -52.54
CA ASP J 255 -82.88 18.80 -53.57
C ASP J 255 -83.66 17.59 -53.07
N ILE J 256 -84.63 17.13 -53.87
CA ILE J 256 -85.45 15.99 -53.50
C ILE J 256 -85.35 14.85 -54.51
N ASP J 257 -84.64 15.05 -55.62
CA ASP J 257 -84.52 14.01 -56.64
C ASP J 257 -83.13 13.86 -57.21
N GLY J 258 -82.14 14.59 -56.70
CA GLY J 258 -80.79 14.52 -57.24
C GLY J 258 -80.55 15.39 -58.45
N ALA J 259 -81.56 16.11 -58.93
CA ALA J 259 -81.43 16.97 -60.10
C ALA J 259 -81.64 18.44 -59.79
N GLY J 260 -81.87 18.79 -58.53
CA GLY J 260 -82.07 20.16 -58.14
C GLY J 260 -83.50 20.60 -57.92
N THR J 261 -84.46 19.68 -58.00
CA THR J 261 -85.85 20.04 -57.78
C THR J 261 -86.12 20.27 -56.31
N LYS J 262 -86.92 21.30 -56.01
CA LYS J 262 -87.27 21.67 -54.65
C LYS J 262 -88.68 21.18 -54.31
N GLY J 263 -89.04 21.28 -53.04
CA GLY J 263 -90.34 20.83 -52.60
C GLY J 263 -90.73 21.46 -51.28
N VAL J 264 -92.03 21.41 -51.01
CA VAL J 264 -92.62 21.97 -49.80
C VAL J 264 -93.49 20.90 -49.15
N LEU J 265 -93.44 20.80 -47.82
CA LEU J 265 -94.21 19.80 -47.09
C LEU J 265 -95.28 20.49 -46.26
N VAL J 266 -96.51 19.97 -46.32
CA VAL J 266 -97.59 20.39 -45.43
C VAL J 266 -98.11 19.15 -44.72
N TYR J 267 -98.06 19.14 -43.40
CA TYR J 267 -98.42 17.93 -42.67
C TYR J 267 -98.97 18.30 -41.30
N GLU J 268 -99.56 17.31 -40.63
CA GLU J 268 -100.00 17.42 -39.26
C GLU J 268 -99.10 16.53 -38.40
N LYS J 269 -98.43 17.15 -37.41
CA LYS J 269 -97.47 16.45 -36.58
C LYS J 269 -98.23 15.78 -35.42
N ASN J 270 -98.29 14.45 -35.45
CA ASN J 270 -99.03 13.67 -34.48
C ASN J 270 -98.46 12.26 -34.43
N PRO J 271 -98.12 11.74 -33.24
CA PRO J 271 -97.56 10.38 -33.17
C PRO J 271 -98.49 9.30 -33.71
N MET J 272 -99.79 9.56 -33.75
CA MET J 272 -100.74 8.60 -34.31
C MET J 272 -100.68 8.51 -35.82
N ASN J 273 -100.06 9.47 -36.49
CA ASN J 273 -99.98 9.50 -37.94
C ASN J 273 -98.64 9.03 -38.49
N MET J 274 -97.53 9.46 -37.88
CA MET J 274 -96.21 9.02 -38.31
C MET J 274 -95.29 9.06 -37.10
N SER J 275 -94.24 8.25 -37.15
CA SER J 275 -93.30 8.21 -36.04
C SER J 275 -92.01 7.55 -36.50
N ILE J 276 -90.95 7.76 -35.72
CA ILE J 276 -89.64 7.14 -35.93
C ILE J 276 -89.22 6.54 -34.59
N GLU J 277 -88.75 5.30 -34.61
CA GLU J 277 -88.43 4.58 -33.39
C GLU J 277 -86.97 4.13 -33.40
N ILE J 278 -86.32 4.27 -32.25
CA ILE J 278 -84.94 3.83 -32.07
C ILE J 278 -84.88 2.92 -30.84
N PRO J 279 -85.13 1.62 -31.00
CA PRO J 279 -85.15 0.73 -29.83
C PRO J 279 -83.82 0.65 -29.09
N GLU J 280 -82.70 0.79 -29.77
CA GLU J 280 -81.38 0.73 -29.14
C GLU J 280 -80.58 1.96 -29.52
N ALA J 281 -80.03 2.65 -28.52
CA ALA J 281 -79.27 3.86 -28.74
C ALA J 281 -77.82 3.52 -29.07
N PHE J 282 -77.05 4.55 -29.40
CA PHE J 282 -75.65 4.36 -29.74
C PHE J 282 -74.86 3.90 -28.51
N ASN J 283 -73.99 2.93 -28.71
CA ASN J 283 -73.15 2.41 -27.64
C ASN J 283 -71.88 1.83 -28.24
N MET J 284 -70.86 1.69 -27.39
CA MET J 284 -69.55 1.23 -27.81
C MET J 284 -69.22 -0.09 -27.13
N LEU J 285 -68.43 -0.91 -27.81
CA LEU J 285 -67.99 -2.20 -27.29
C LEU J 285 -66.54 -2.13 -26.86
N PRO J 286 -66.11 -2.98 -25.93
CA PRO J 286 -64.71 -2.98 -25.50
C PRO J 286 -63.77 -3.26 -26.68
N ALA J 287 -62.61 -2.62 -26.63
CA ALA J 287 -61.64 -2.75 -27.71
C ALA J 287 -61.11 -4.18 -27.80
N GLN J 288 -60.85 -4.63 -29.02
CA GLN J 288 -60.32 -5.97 -29.25
C GLN J 288 -58.87 -5.85 -29.70
N PRO J 289 -57.90 -6.21 -28.85
CA PRO J 289 -56.50 -5.93 -29.19
C PRO J 289 -55.97 -6.85 -30.29
N LYS J 290 -54.99 -6.34 -31.03
CA LYS J 290 -54.21 -7.10 -31.99
C LYS J 290 -52.72 -6.88 -31.67
N ASP J 291 -51.86 -7.28 -32.61
CA ASP J 291 -50.41 -7.23 -32.44
C ASP J 291 -49.93 -5.98 -31.71
N LEU J 292 -50.22 -4.80 -32.26
CA LEU J 292 -49.78 -3.56 -31.64
C LEU J 292 -50.83 -2.46 -31.69
N HIS J 293 -52.05 -2.74 -32.13
CA HIS J 293 -53.09 -1.72 -32.22
C HIS J 293 -54.41 -2.30 -31.72
N PHE J 294 -55.39 -1.41 -31.57
CA PHE J 294 -56.71 -1.75 -31.06
C PHE J 294 -57.75 -1.48 -32.16
N LYS J 295 -58.96 -1.99 -31.92
CA LYS J 295 -60.08 -1.72 -32.82
C LYS J 295 -61.36 -1.69 -32.00
N VAL J 296 -62.18 -0.67 -32.23
CA VAL J 296 -63.40 -0.47 -31.45
C VAL J 296 -64.60 -0.43 -32.37
N PRO J 297 -65.55 -1.36 -32.24
CA PRO J 297 -66.79 -1.29 -33.01
C PRO J 297 -67.91 -0.56 -32.29
N CYS J 298 -68.87 -0.08 -33.07
CA CYS J 298 -70.03 0.65 -32.58
C CYS J 298 -71.26 0.21 -33.34
N THR J 299 -72.38 0.05 -32.62
CA THR J 299 -73.62 -0.44 -33.22
C THR J 299 -74.80 0.32 -32.65
N SER J 300 -75.93 0.22 -33.35
CA SER J 300 -77.19 0.83 -32.92
C SER J 300 -78.32 0.20 -33.74
N LYS J 301 -79.55 0.63 -33.45
CA LYS J 301 -80.72 0.14 -34.16
C LYS J 301 -81.63 1.28 -34.56
N CYS J 302 -82.37 1.08 -35.65
CA CYS J 302 -83.32 2.08 -36.14
C CYS J 302 -84.44 1.34 -36.87
N THR J 303 -85.44 2.11 -37.30
CA THR J 303 -86.57 1.55 -38.03
C THR J 303 -86.96 2.34 -39.27
N GLY J 304 -86.60 3.61 -39.37
CA GLY J 304 -87.01 4.44 -40.49
C GLY J 304 -88.39 5.01 -40.29
N LEU J 305 -88.78 5.88 -41.21
CA LEU J 305 -90.07 6.55 -41.12
C LEU J 305 -91.19 5.64 -41.59
N THR J 306 -92.21 5.48 -40.75
CA THR J 306 -93.39 4.69 -41.07
C THR J 306 -94.62 5.60 -40.99
N ILE J 307 -95.43 5.59 -42.04
CA ILE J 307 -96.60 6.45 -42.13
C ILE J 307 -97.84 5.62 -41.91
N TYR J 308 -98.68 6.02 -40.95
CA TYR J 308 -99.91 5.30 -40.65
C TYR J 308 -101.08 5.80 -41.49
N ARG J 309 -101.29 7.12 -41.56
CA ARG J 309 -102.37 7.70 -42.36
C ARG J 309 -101.75 8.62 -43.41
N PRO J 310 -101.53 8.13 -44.62
CA PRO J 310 -100.85 8.95 -45.64
C PRO J 310 -101.72 10.04 -46.24
N MET J 311 -102.94 10.21 -45.71
CA MET J 311 -103.84 11.26 -46.18
C MET J 311 -103.64 12.57 -45.43
N THR J 312 -102.65 12.64 -44.54
CA THR J 312 -102.36 13.85 -43.77
C THR J 312 -101.03 14.48 -44.16
N ILE J 313 -100.54 14.19 -45.36
CA ILE J 313 -99.28 14.76 -45.85
C ILE J 313 -99.47 15.19 -47.30
N VAL J 314 -99.05 16.41 -47.62
CA VAL J 314 -99.08 16.90 -48.99
C VAL J 314 -97.69 17.42 -49.35
N LEU J 315 -97.17 16.95 -50.48
CA LEU J 315 -95.92 17.44 -51.04
C LEU J 315 -96.22 18.31 -52.24
N ILE J 316 -95.75 19.55 -52.20
CA ILE J 316 -95.84 20.47 -53.32
C ILE J 316 -94.48 20.40 -54.03
N THR J 317 -94.47 19.83 -55.23
CA THR J 317 -93.23 19.61 -55.96
C THR J 317 -93.11 20.62 -57.11
N GLY J 318 -91.88 20.81 -57.57
CA GLY J 318 -91.62 21.78 -58.61
C GLY J 318 -91.45 23.20 -58.15
N VAL J 319 -91.41 23.43 -56.84
CA VAL J 319 -91.25 24.78 -56.30
C VAL J 319 -89.86 25.33 -56.63
N GLN K 3 -89.75 36.25 -38.59
CA GLN K 3 -88.63 35.45 -39.09
C GLN K 3 -89.01 33.97 -39.15
N ILE K 4 -88.30 33.23 -40.01
CA ILE K 4 -88.48 31.80 -40.15
C ILE K 4 -87.13 31.13 -39.87
N ASN K 5 -87.09 30.31 -38.84
CA ASN K 5 -85.84 29.63 -38.46
C ASN K 5 -85.46 28.60 -39.52
N ALA K 6 -84.15 28.42 -39.69
CA ALA K 6 -83.62 27.51 -40.70
C ALA K 6 -82.58 26.59 -40.08
N SER K 7 -82.50 25.37 -40.61
CA SER K 7 -81.49 24.39 -40.23
C SER K 7 -80.88 23.80 -41.48
N TYR K 8 -79.60 23.47 -41.41
CA TYR K 8 -78.83 23.02 -42.56
C TYR K 8 -78.35 21.59 -42.35
N GLN K 9 -77.70 21.06 -43.37
CA GLN K 9 -77.20 19.69 -43.34
C GLN K 9 -75.98 19.57 -44.24
N ARG K 10 -75.09 18.64 -43.90
CA ARG K 10 -73.87 18.42 -44.66
C ARG K 10 -73.35 17.02 -44.33
N ASP K 11 -72.85 16.34 -45.35
CA ASP K 11 -72.40 14.95 -45.23
C ASP K 11 -70.88 14.89 -45.26
N MET K 12 -70.32 13.99 -44.45
CA MET K 12 -68.88 13.81 -44.41
C MET K 12 -68.39 13.18 -45.71
N ALA K 13 -67.07 13.22 -45.91
CA ALA K 13 -66.47 12.48 -46.99
C ALA K 13 -66.54 10.98 -46.70
N ILE K 14 -66.48 10.18 -47.76
CA ILE K 14 -66.59 8.73 -47.60
C ILE K 14 -65.25 8.13 -47.20
N ALA K 15 -64.17 8.53 -47.87
CA ALA K 15 -62.88 7.91 -47.62
C ALA K 15 -61.76 8.93 -47.85
N LEU K 16 -60.55 8.50 -47.53
CA LEU K 16 -59.32 9.25 -47.69
C LEU K 16 -58.32 8.40 -48.47
N PRO K 17 -57.38 9.01 -49.16
CA PRO K 17 -56.38 8.23 -49.90
C PRO K 17 -55.52 7.41 -48.96
N GLY K 18 -55.51 6.10 -49.18
CA GLY K 18 -54.72 5.19 -48.37
C GLY K 18 -55.41 4.64 -47.14
N MET K 19 -56.74 4.75 -47.06
CA MET K 19 -57.45 4.28 -45.88
C MET K 19 -57.67 2.77 -45.94
N VAL K 20 -57.59 2.13 -44.78
CA VAL K 20 -58.04 0.75 -44.66
C VAL K 20 -59.56 0.71 -44.77
N ALA K 21 -60.06 -0.11 -45.70
CA ALA K 21 -61.48 -0.06 -46.03
C ALA K 21 -62.34 -0.67 -44.94
N ASP K 22 -62.09 -1.93 -44.59
CA ASP K 22 -62.88 -2.64 -43.59
C ASP K 22 -61.93 -3.49 -42.76
N THR K 23 -62.47 -4.08 -41.69
CA THR K 23 -61.68 -4.85 -40.73
C THR K 23 -61.75 -6.35 -41.02
N SER K 24 -61.74 -6.72 -42.29
CA SER K 24 -61.94 -8.12 -42.70
C SER K 24 -60.60 -8.72 -43.11
N LYS K 25 -59.87 -9.26 -42.13
CA LYS K 25 -58.76 -10.18 -42.35
C LYS K 25 -57.67 -9.53 -43.22
N TYR K 26 -57.03 -8.53 -42.63
CA TYR K 26 -55.96 -7.82 -43.31
C TYR K 26 -54.58 -8.32 -42.86
N ASN K 27 -53.54 -7.81 -43.51
CA ASN K 27 -52.16 -8.20 -43.17
C ASN K 27 -51.24 -7.04 -43.55
N ILE K 28 -50.77 -6.30 -42.55
CA ILE K 28 -49.92 -5.14 -42.74
C ILE K 28 -48.58 -5.41 -42.08
N ASP K 29 -47.49 -5.13 -42.79
CA ASP K 29 -46.15 -5.37 -42.27
C ASP K 29 -45.25 -4.16 -42.51
N GLY K 30 -44.19 -4.06 -41.71
CA GLY K 30 -43.29 -2.94 -41.81
C GLY K 30 -42.09 -3.22 -42.70
N ALA K 31 -41.67 -2.19 -43.42
CA ALA K 31 -40.53 -2.27 -44.33
C ALA K 31 -39.74 -0.98 -44.23
N CYS K 32 -38.66 -0.92 -45.00
CA CYS K 32 -37.79 0.25 -45.05
C CYS K 32 -37.79 0.83 -46.45
N VAL K 33 -37.86 2.16 -46.56
CA VAL K 33 -37.92 2.81 -47.85
C VAL K 33 -36.52 2.97 -48.42
N VAL K 34 -36.37 2.75 -49.72
CA VAL K 34 -35.11 3.03 -50.39
C VAL K 34 -34.88 4.53 -50.42
N ASN K 35 -33.62 4.94 -50.22
CA ASN K 35 -33.27 6.34 -50.22
C ASN K 35 -33.47 7.01 -51.57
N GLU K 36 -33.63 6.23 -52.64
CA GLU K 36 -33.82 6.76 -53.99
C GLU K 36 -35.30 6.94 -54.25
N GLY K 37 -35.79 8.15 -54.03
CA GLY K 37 -37.18 8.47 -54.31
C GLY K 37 -38.10 8.23 -53.12
N ASP K 38 -39.28 8.83 -53.20
CA ASP K 38 -40.29 8.70 -52.15
C ASP K 38 -41.50 7.93 -52.68
N VAL K 39 -42.39 7.59 -51.75
CA VAL K 39 -43.59 6.81 -52.05
C VAL K 39 -44.81 7.65 -51.70
N LEU K 40 -45.75 7.73 -52.63
CA LEU K 40 -47.02 8.40 -52.40
C LEU K 40 -47.98 7.44 -51.72
N VAL K 41 -48.61 7.90 -50.64
CA VAL K 41 -49.57 7.05 -49.93
C VAL K 41 -50.74 6.75 -50.85
N GLY K 42 -51.16 5.49 -50.88
CA GLY K 42 -52.17 5.05 -51.81
C GLY K 42 -51.64 4.55 -53.14
N ALA K 43 -50.34 4.28 -53.25
CA ALA K 43 -49.74 3.77 -54.46
C ALA K 43 -48.95 2.51 -54.15
N ALA K 44 -48.76 1.68 -55.18
CA ALA K 44 -48.06 0.41 -55.00
C ALA K 44 -46.57 0.63 -54.76
N VAL K 45 -45.91 -0.43 -54.31
CA VAL K 45 -44.48 -0.41 -54.01
C VAL K 45 -43.84 -1.65 -54.62
N GLN K 46 -42.53 -1.59 -54.79
CA GLN K 46 -41.75 -2.70 -55.33
C GLN K 46 -40.64 -3.05 -54.35
N VAL K 47 -40.36 -4.35 -54.23
CA VAL K 47 -39.32 -4.87 -53.35
C VAL K 47 -38.08 -5.15 -54.19
N VAL K 48 -36.93 -4.70 -53.69
CA VAL K 48 -35.68 -4.87 -54.43
C VAL K 48 -34.70 -5.82 -53.73
N GLN K 49 -34.74 -5.93 -52.41
CA GLN K 49 -33.86 -6.83 -51.69
C GLN K 49 -34.48 -7.17 -50.35
N ALA K 50 -34.34 -8.43 -49.94
CA ALA K 50 -34.86 -8.91 -48.67
C ALA K 50 -33.72 -9.45 -47.82
N GLN K 51 -33.76 -9.15 -46.52
CA GLN K 51 -32.73 -9.62 -45.61
C GLN K 51 -32.76 -11.14 -45.51
N ALA K 52 -31.58 -11.73 -45.34
CA ALA K 52 -31.47 -13.19 -45.31
C ALA K 52 -31.66 -13.75 -43.90
N VAL K 53 -31.27 -12.99 -42.87
CA VAL K 53 -31.36 -13.50 -41.50
C VAL K 53 -32.82 -13.57 -41.06
N ASP K 54 -33.60 -12.52 -41.34
CA ASP K 54 -34.98 -12.42 -40.88
C ASP K 54 -35.98 -12.38 -42.02
N GLY K 55 -35.68 -11.63 -43.08
CA GLY K 55 -36.64 -11.39 -44.15
C GLY K 55 -37.10 -9.95 -44.26
N HIS K 56 -36.54 -9.02 -43.50
CA HIS K 56 -36.92 -7.62 -43.59
C HIS K 56 -36.64 -7.09 -44.99
N LYS K 57 -37.53 -6.24 -45.49
CA LYS K 57 -37.57 -5.88 -46.89
C LYS K 57 -37.31 -4.40 -47.08
N LEU K 58 -36.49 -4.07 -48.08
CA LEU K 58 -36.22 -2.70 -48.46
C LEU K 58 -36.94 -2.41 -49.77
N VAL K 59 -37.89 -1.48 -49.75
CA VAL K 59 -38.80 -1.27 -50.86
C VAL K 59 -38.74 0.17 -51.32
N LYS K 60 -39.19 0.41 -52.55
CA LYS K 60 -39.22 1.73 -53.15
C LYS K 60 -40.52 1.87 -53.94
N ALA K 61 -40.63 2.96 -54.70
CA ALA K 61 -41.80 3.17 -55.53
C ALA K 61 -41.79 2.22 -56.72
N LEU K 62 -42.93 2.15 -57.41
CA LEU K 62 -43.08 1.22 -58.52
C LEU K 62 -42.26 1.67 -59.73
N THR K 63 -41.99 0.71 -60.61
CA THR K 63 -41.28 0.96 -61.86
C THR K 63 -41.85 0.02 -62.91
N THR K 64 -41.71 0.42 -64.17
CA THR K 64 -42.29 -0.37 -65.26
C THR K 64 -41.62 -1.73 -65.36
N GLY K 65 -42.41 -2.73 -65.78
CA GLY K 65 -41.92 -4.07 -65.94
C GLY K 65 -41.43 -4.71 -64.65
N THR K 66 -42.18 -4.53 -63.57
CA THR K 66 -41.81 -5.03 -62.26
C THR K 66 -43.01 -5.72 -61.63
N THR K 67 -42.77 -6.31 -60.45
CA THR K 67 -43.81 -7.03 -59.73
C THR K 67 -44.26 -6.24 -58.51
N PRO K 68 -45.50 -5.78 -58.46
CA PRO K 68 -45.98 -5.08 -57.26
C PRO K 68 -46.08 -6.02 -56.07
N TYR K 69 -45.91 -5.45 -54.88
CA TYR K 69 -45.93 -6.23 -53.64
C TYR K 69 -47.05 -5.83 -52.70
N GLY K 70 -47.37 -4.54 -52.60
CA GLY K 70 -48.38 -4.10 -51.68
C GLY K 70 -48.75 -2.65 -51.92
N VAL K 71 -49.42 -2.06 -50.92
CA VAL K 71 -49.89 -0.69 -51.00
C VAL K 71 -49.50 0.03 -49.72
N ALA K 72 -48.90 1.21 -49.86
CA ALA K 72 -48.58 2.05 -48.71
C ALA K 72 -49.86 2.67 -48.15
N ILE K 73 -49.95 2.73 -46.83
CA ILE K 73 -51.16 3.15 -46.15
C ILE K 73 -50.86 4.32 -45.22
N ARG K 74 -51.91 5.03 -44.84
CA ARG K 74 -51.78 6.10 -43.86
C ARG K 74 -51.39 5.53 -42.50
N SER K 75 -50.62 6.31 -41.74
CA SER K 75 -50.19 5.91 -40.42
C SER K 75 -49.69 7.14 -39.68
N HIS K 76 -49.21 6.91 -38.46
CA HIS K 76 -48.59 7.98 -37.68
C HIS K 76 -47.33 8.48 -38.37
N TRP K 77 -46.55 7.57 -38.93
CA TRP K 77 -45.28 7.90 -39.57
C TRP K 77 -45.57 8.35 -41.00
N GLN K 78 -45.49 9.66 -41.25
CA GLN K 78 -45.84 10.21 -42.56
C GLN K 78 -45.39 11.65 -42.61
N THR K 79 -45.01 12.10 -43.81
CA THR K 79 -44.56 13.47 -44.01
C THR K 79 -45.42 14.12 -45.08
N VAL K 80 -45.18 15.42 -45.30
CA VAL K 80 -45.94 16.22 -46.26
C VAL K 80 -44.98 16.74 -47.32
N ASN K 81 -45.41 16.68 -48.57
CA ASN K 81 -44.60 17.17 -49.68
C ASN K 81 -44.78 18.68 -49.83
N ALA K 82 -44.19 19.23 -50.89
CA ALA K 82 -44.39 20.65 -51.20
C ALA K 82 -45.84 20.94 -51.57
N GLN K 83 -46.48 20.04 -52.32
CA GLN K 83 -47.88 20.18 -52.70
C GLN K 83 -48.83 19.67 -51.64
N ASN K 84 -48.38 19.54 -50.39
CA ASN K 84 -49.19 19.11 -49.26
C ASN K 84 -49.73 17.69 -49.43
N GLN K 85 -49.11 16.88 -50.28
CA GLN K 85 -49.48 15.48 -50.43
C GLN K 85 -48.81 14.69 -49.32
N MET K 86 -49.57 13.81 -48.68
CA MET K 86 -48.98 12.89 -47.71
C MET K 86 -48.07 11.91 -48.44
N ILE K 87 -46.85 11.73 -47.91
CA ILE K 87 -45.88 10.83 -48.51
C ILE K 87 -45.11 10.12 -47.40
N TYR K 88 -44.31 9.14 -47.83
CA TYR K 88 -43.38 8.43 -46.96
C TYR K 88 -41.96 8.82 -47.36
N GLU K 89 -41.20 9.36 -46.42
CA GLU K 89 -39.86 9.83 -46.75
C GLU K 89 -38.96 8.66 -47.11
N ASP K 90 -37.92 8.97 -47.89
CA ASP K 90 -37.02 7.92 -48.39
C ASP K 90 -36.23 7.28 -47.27
N GLY K 91 -35.94 8.02 -46.20
CA GLY K 91 -35.22 7.47 -45.07
C GLY K 91 -36.11 7.22 -43.87
N GLY K 92 -36.43 5.96 -43.61
CA GLY K 92 -37.27 5.62 -42.48
C GLY K 92 -38.08 4.37 -42.78
N ALA K 93 -39.02 4.10 -41.87
CA ALA K 93 -39.87 2.92 -41.97
C ALA K 93 -41.17 3.25 -42.68
N ILE K 94 -41.86 2.21 -43.13
CA ILE K 94 -43.07 2.34 -43.92
C ILE K 94 -43.98 1.17 -43.58
N ASN K 95 -45.29 1.39 -43.61
CA ASN K 95 -46.24 0.30 -43.43
C ASN K 95 -46.82 -0.09 -44.79
N VAL K 96 -46.77 -1.37 -45.12
CA VAL K 96 -47.24 -1.87 -46.41
C VAL K 96 -48.30 -2.94 -46.15
N MET K 97 -49.43 -2.82 -46.85
CA MET K 97 -50.54 -3.75 -46.72
C MET K 97 -50.48 -4.77 -47.85
N THR K 98 -50.49 -6.05 -47.50
CA THR K 98 -50.32 -7.12 -48.49
C THR K 98 -51.59 -7.90 -48.77
N SER K 99 -52.62 -7.78 -47.93
CA SER K 99 -53.89 -8.44 -48.19
C SER K 99 -54.99 -7.69 -47.46
N GLY K 100 -56.14 -7.59 -48.11
CA GLY K 100 -57.29 -6.90 -47.56
C GLY K 100 -57.81 -5.81 -48.47
N ARG K 101 -58.79 -5.06 -47.94
CA ARG K 101 -59.46 -4.03 -48.72
C ARG K 101 -58.89 -2.66 -48.35
N VAL K 102 -58.51 -1.89 -49.37
CA VAL K 102 -57.87 -0.59 -49.14
C VAL K 102 -58.32 0.38 -50.22
N TRP K 103 -58.31 1.67 -49.88
CA TRP K 103 -58.60 2.74 -50.83
C TRP K 103 -57.30 3.18 -51.49
N MET K 104 -57.24 3.06 -52.81
CA MET K 104 -56.05 3.35 -53.59
C MET K 104 -56.32 4.47 -54.59
N LEU K 105 -55.30 5.27 -54.85
CA LEU K 105 -55.38 6.34 -55.84
C LEU K 105 -55.64 5.77 -57.23
N SER K 106 -56.43 6.48 -58.01
CA SER K 106 -56.77 6.07 -59.36
C SER K 106 -56.62 7.24 -60.31
N LYS K 107 -56.30 6.93 -61.57
CA LYS K 107 -56.31 7.94 -62.61
C LYS K 107 -57.25 7.58 -63.76
N SER K 108 -58.22 6.70 -63.52
CA SER K 108 -59.21 6.37 -64.52
C SER K 108 -60.38 7.36 -64.43
N THR K 109 -61.38 7.17 -65.30
CA THR K 109 -62.50 8.10 -65.39
C THR K 109 -63.86 7.44 -65.18
N GLU K 110 -63.96 6.12 -65.23
CA GLU K 110 -65.21 5.42 -65.08
C GLU K 110 -65.11 4.39 -63.95
N ALA K 111 -66.22 4.20 -63.24
CA ALA K 111 -66.25 3.23 -62.17
C ALA K 111 -66.06 1.82 -62.73
N PRO K 112 -65.27 0.98 -62.06
CA PRO K 112 -64.98 -0.36 -62.58
C PRO K 112 -66.10 -1.35 -62.25
N THR K 113 -65.93 -2.56 -62.74
CA THR K 113 -66.87 -3.65 -62.49
C THR K 113 -66.36 -4.55 -61.36
N PHE K 114 -67.30 -5.13 -60.63
CA PHE K 114 -66.95 -5.97 -59.49
C PHE K 114 -66.28 -7.26 -59.96
N GLY K 115 -65.24 -7.68 -59.25
CA GLY K 115 -64.62 -8.97 -59.46
C GLY K 115 -63.60 -9.02 -60.59
N SER K 116 -63.35 -7.92 -61.28
CA SER K 116 -62.38 -7.94 -62.36
C SER K 116 -60.96 -7.73 -61.81
N ALA K 117 -59.98 -7.94 -62.68
CA ALA K 117 -58.59 -7.77 -62.29
C ALA K 117 -58.20 -6.31 -62.33
N VAL K 118 -57.21 -5.95 -61.50
CA VAL K 118 -56.73 -4.58 -61.38
C VAL K 118 -55.50 -4.39 -62.24
N LYS K 119 -55.49 -3.31 -63.01
CA LYS K 119 -54.35 -2.93 -63.84
C LYS K 119 -53.74 -1.65 -63.30
N LEU K 120 -52.44 -1.67 -63.07
CA LEU K 120 -51.72 -0.52 -62.52
C LEU K 120 -50.93 0.18 -63.62
N ASP K 121 -50.52 1.41 -63.32
CA ASP K 121 -49.73 2.21 -64.23
C ASP K 121 -48.27 2.19 -63.79
N VAL K 122 -47.43 2.91 -64.54
CA VAL K 122 -45.99 2.92 -64.27
C VAL K 122 -45.70 3.55 -62.92
N ASP K 123 -46.37 4.65 -62.59
CA ASP K 123 -46.11 5.38 -61.35
C ASP K 123 -46.69 4.68 -60.12
N GLY K 124 -47.48 3.63 -60.30
CA GLY K 124 -48.06 2.93 -59.18
C GLY K 124 -49.49 3.30 -58.86
N GLN K 125 -50.25 3.79 -59.82
CA GLN K 125 -51.64 4.17 -59.62
C GLN K 125 -52.54 3.35 -60.53
N GLU K 126 -53.76 3.11 -60.06
CA GLU K 126 -54.70 2.29 -60.80
C GLU K 126 -55.10 2.98 -62.11
N LYS K 127 -55.31 2.17 -63.15
CA LYS K 127 -55.75 2.67 -64.44
C LYS K 127 -56.49 1.57 -65.18
N SER K 128 -57.56 1.95 -65.89
CA SER K 128 -58.37 0.97 -66.59
C SER K 128 -57.64 0.33 -67.77
N ASP K 129 -56.50 0.89 -68.18
CA ASP K 129 -55.73 0.36 -69.30
C ASP K 129 -54.26 0.19 -68.92
N GLY K 130 -54.00 -0.22 -67.67
CA GLY K 130 -52.64 -0.32 -67.20
C GLY K 130 -51.85 -1.40 -67.92
N THR K 131 -50.53 -1.22 -67.91
CA THR K 131 -49.62 -2.13 -68.59
C THR K 131 -49.05 -3.20 -67.66
N ILE K 132 -49.36 -3.15 -66.36
CA ILE K 132 -48.85 -4.12 -65.40
C ILE K 132 -50.00 -4.98 -64.90
N GLU K 133 -49.84 -6.29 -65.02
CA GLU K 133 -50.86 -7.24 -64.60
C GLU K 133 -50.67 -7.60 -63.13
N THR K 134 -51.79 -7.73 -62.41
CA THR K 134 -51.76 -8.04 -61.00
C THR K 134 -52.73 -9.17 -60.68
N THR K 135 -52.72 -9.58 -59.41
CA THR K 135 -53.67 -10.54 -58.89
C THR K 135 -54.82 -9.86 -58.16
N TRP K 136 -54.65 -8.61 -57.76
CA TRP K 136 -55.64 -7.89 -56.96
C TRP K 136 -56.93 -7.70 -57.75
N THR K 137 -58.01 -7.48 -57.03
CA THR K 137 -59.33 -7.34 -57.63
C THR K 137 -60.01 -6.06 -57.14
N TYR K 138 -61.14 -5.73 -57.75
CA TYR K 138 -61.92 -4.56 -57.40
C TYR K 138 -63.01 -4.94 -56.40
N ALA K 139 -63.33 -4.04 -55.48
CA ALA K 139 -64.32 -4.32 -54.46
C ALA K 139 -65.57 -3.45 -54.57
N GLY K 140 -65.67 -2.61 -55.60
CA GLY K 140 -66.88 -1.89 -55.90
C GLY K 140 -66.95 -0.48 -55.33
N GLY K 141 -66.06 -0.12 -54.42
CA GLY K 141 -66.08 1.23 -53.88
C GLY K 141 -65.40 2.22 -54.82
N TRP K 142 -66.09 3.34 -55.07
CA TRP K 142 -65.61 4.31 -56.05
C TRP K 142 -66.13 5.67 -55.63
N THR K 143 -65.23 6.53 -55.16
CA THR K 143 -65.61 7.86 -54.71
C THR K 143 -64.50 8.85 -55.06
N LYS K 144 -64.69 10.10 -54.64
CA LYS K 144 -63.79 11.17 -55.03
C LYS K 144 -63.62 12.13 -53.87
N TYR K 145 -62.43 12.15 -53.29
CA TYR K 145 -62.06 13.19 -52.34
C TYR K 145 -61.81 14.46 -53.14
N LYS K 146 -61.52 15.57 -52.44
CA LYS K 146 -61.50 16.86 -53.13
C LYS K 146 -60.45 16.88 -54.23
N ASP K 147 -60.91 16.82 -55.47
CA ASP K 147 -60.11 16.84 -56.70
C ASP K 147 -59.21 15.62 -56.85
N ILE K 148 -59.49 14.51 -56.16
CA ILE K 148 -58.74 13.27 -56.32
C ILE K 148 -59.70 12.09 -56.33
N GLN K 149 -59.44 11.12 -57.20
CA GLN K 149 -60.26 9.92 -57.29
C GLN K 149 -59.71 8.82 -56.38
N LEU K 150 -60.61 7.97 -55.89
CA LEU K 150 -60.22 6.85 -55.05
C LEU K 150 -60.98 5.61 -55.52
N VAL K 151 -60.36 4.44 -55.33
CA VAL K 151 -60.98 3.18 -55.77
C VAL K 151 -60.66 2.12 -54.73
N GLU K 152 -61.61 1.19 -54.56
CA GLU K 152 -61.53 0.19 -53.50
C GLU K 152 -60.99 -1.12 -54.06
N VAL K 153 -59.86 -1.58 -53.53
CA VAL K 153 -59.19 -2.76 -54.08
C VAL K 153 -59.00 -3.82 -53.00
N GLN K 154 -59.15 -5.07 -53.42
CA GLN K 154 -58.89 -6.25 -52.61
C GLN K 154 -57.54 -6.83 -53.00
N LEU K 155 -56.67 -7.00 -52.01
CA LEU K 155 -55.31 -7.47 -52.19
C LEU K 155 -55.18 -8.89 -51.65
N HIS K 156 -54.60 -9.77 -52.46
CA HIS K 156 -54.31 -11.14 -52.07
C HIS K 156 -52.82 -11.27 -51.75
N GLN K 157 -52.51 -12.11 -50.76
CA GLN K 157 -51.12 -12.36 -50.39
C GLN K 157 -50.36 -12.96 -51.56
N LEU K 158 -49.17 -12.43 -51.84
CA LEU K 158 -48.35 -12.91 -52.95
C LEU K 158 -47.72 -14.26 -52.60
N GLN L 3 -85.57 -60.69 -15.22
CA GLN L 3 -85.69 -59.57 -14.29
C GLN L 3 -84.33 -58.93 -14.04
N ILE L 4 -83.75 -58.35 -15.08
CA ILE L 4 -82.46 -57.67 -14.99
C ILE L 4 -82.57 -56.29 -15.60
N ASN L 5 -81.68 -55.40 -15.17
CA ASN L 5 -81.68 -54.04 -15.67
C ASN L 5 -81.00 -53.98 -17.05
N ALA L 6 -81.12 -52.83 -17.70
CA ALA L 6 -80.51 -52.63 -19.01
C ALA L 6 -80.17 -51.16 -19.20
N SER L 7 -79.23 -50.92 -20.11
CA SER L 7 -78.84 -49.57 -20.48
C SER L 7 -78.65 -49.53 -21.99
N TYR L 8 -78.83 -48.34 -22.57
CA TYR L 8 -78.80 -48.18 -24.02
C TYR L 8 -77.87 -47.03 -24.39
N GLN L 9 -77.56 -46.96 -25.68
CA GLN L 9 -76.62 -45.96 -26.20
C GLN L 9 -77.17 -45.39 -27.51
N ARG L 10 -77.12 -44.06 -27.63
CA ARG L 10 -77.51 -43.36 -28.84
C ARG L 10 -76.44 -42.33 -29.17
N ASP L 11 -76.27 -42.05 -30.46
CA ASP L 11 -75.23 -41.14 -30.94
C ASP L 11 -75.85 -39.90 -31.55
N MET L 12 -75.28 -38.74 -31.22
CA MET L 12 -75.71 -37.48 -31.81
C MET L 12 -75.26 -37.38 -33.26
N ALA L 13 -76.07 -36.71 -34.07
CA ALA L 13 -75.64 -36.35 -35.41
C ALA L 13 -74.58 -35.26 -35.33
N ILE L 14 -73.78 -35.14 -36.39
CA ILE L 14 -72.61 -34.28 -36.36
C ILE L 14 -72.63 -33.18 -37.41
N ALA L 15 -73.76 -32.91 -38.05
CA ALA L 15 -73.77 -31.92 -39.12
C ALA L 15 -75.16 -31.33 -39.27
N LEU L 16 -75.21 -30.19 -39.95
CA LEU L 16 -76.43 -29.47 -40.30
C LEU L 16 -76.14 -28.59 -41.49
N PRO L 17 -77.13 -28.33 -42.35
CA PRO L 17 -76.89 -27.46 -43.51
C PRO L 17 -76.48 -26.06 -43.07
N GLY L 18 -75.48 -25.52 -43.76
CA GLY L 18 -75.01 -24.17 -43.49
C GLY L 18 -74.28 -23.99 -42.18
N MET L 19 -73.85 -25.08 -41.54
CA MET L 19 -73.18 -24.98 -40.25
C MET L 19 -71.69 -24.71 -40.41
N VAL L 20 -71.15 -23.89 -39.51
CA VAL L 20 -69.70 -23.67 -39.49
C VAL L 20 -69.03 -24.92 -38.94
N ALA L 21 -68.06 -25.44 -39.68
CA ALA L 21 -67.46 -26.72 -39.33
C ALA L 21 -66.64 -26.62 -38.04
N ASP L 22 -65.76 -25.63 -37.96
CA ASP L 22 -64.84 -25.52 -36.84
C ASP L 22 -64.39 -24.08 -36.70
N THR L 23 -63.48 -23.83 -35.76
CA THR L 23 -63.03 -22.50 -35.42
C THR L 23 -61.69 -22.14 -36.05
N SER L 24 -61.43 -22.61 -37.27
CA SER L 24 -60.24 -22.20 -38.00
C SER L 24 -60.43 -20.78 -38.51
N LYS L 25 -59.47 -20.28 -39.27
CA LYS L 25 -59.54 -18.91 -39.77
C LYS L 25 -60.70 -18.77 -40.75
N TYR L 26 -61.71 -17.99 -40.36
CA TYR L 26 -62.92 -17.81 -41.17
C TYR L 26 -63.19 -16.32 -41.33
N ASN L 27 -64.05 -16.00 -42.30
CA ASN L 27 -64.41 -14.62 -42.58
C ASN L 27 -65.87 -14.58 -43.02
N ILE L 28 -66.63 -13.63 -42.47
CA ILE L 28 -68.06 -13.51 -42.72
C ILE L 28 -68.35 -12.12 -43.27
N ASP L 29 -69.03 -12.06 -44.41
CA ASP L 29 -69.54 -10.81 -44.96
C ASP L 29 -70.99 -10.65 -44.49
N GLY L 30 -71.21 -9.60 -43.72
CA GLY L 30 -72.53 -9.32 -43.18
C GLY L 30 -73.11 -8.02 -43.66
N ALA L 31 -72.39 -7.32 -44.53
CA ALA L 31 -72.84 -6.04 -45.09
C ALA L 31 -73.50 -6.22 -46.44
N CYS L 32 -74.14 -7.37 -46.67
CA CYS L 32 -74.80 -7.67 -47.92
C CYS L 32 -76.31 -7.53 -47.77
N VAL L 33 -77.01 -7.66 -48.89
CA VAL L 33 -78.47 -7.68 -48.89
C VAL L 33 -78.94 -8.60 -50.02
N VAL L 34 -79.96 -9.39 -49.74
CA VAL L 34 -80.50 -10.34 -50.72
C VAL L 34 -81.55 -9.64 -51.56
N ASN L 35 -81.50 -9.87 -52.87
CA ASN L 35 -82.42 -9.25 -53.81
C ASN L 35 -82.92 -10.29 -54.79
N GLU L 36 -84.14 -10.08 -55.29
CA GLU L 36 -84.75 -10.92 -56.30
C GLU L 36 -84.87 -12.38 -55.83
N GLY L 37 -85.69 -12.56 -54.79
CA GLY L 37 -86.01 -13.90 -54.33
C GLY L 37 -85.57 -14.21 -52.92
N ASP L 38 -85.29 -15.49 -52.66
CA ASP L 38 -84.85 -15.95 -51.35
C ASP L 38 -83.71 -16.94 -51.50
N VAL L 39 -82.97 -17.13 -50.41
CA VAL L 39 -81.79 -17.98 -50.41
C VAL L 39 -81.94 -19.05 -49.35
N LEU L 40 -81.67 -20.29 -49.75
CA LEU L 40 -81.68 -21.43 -48.83
C LEU L 40 -80.40 -21.42 -48.00
N VAL L 41 -80.53 -21.76 -46.72
CA VAL L 41 -79.37 -21.87 -45.85
C VAL L 41 -78.53 -23.05 -46.28
N GLY L 42 -77.28 -22.79 -46.65
CA GLY L 42 -76.38 -23.85 -47.04
C GLY L 42 -76.18 -23.96 -48.54
N ALA L 43 -76.40 -22.87 -49.26
CA ALA L 43 -76.26 -22.85 -50.71
C ALA L 43 -75.39 -21.68 -51.14
N ALA L 44 -74.75 -21.82 -52.29
CA ALA L 44 -73.89 -20.76 -52.81
C ALA L 44 -74.73 -19.58 -53.30
N VAL L 45 -74.10 -18.41 -53.33
CA VAL L 45 -74.74 -17.18 -53.75
C VAL L 45 -73.86 -16.47 -54.77
N GLN L 46 -74.47 -15.56 -55.52
CA GLN L 46 -73.75 -14.75 -56.51
C GLN L 46 -74.04 -13.28 -56.25
N VAL L 47 -73.12 -12.44 -56.71
CA VAL L 47 -73.19 -10.99 -56.52
C VAL L 47 -73.67 -10.37 -57.83
N VAL L 48 -74.80 -9.64 -57.76
CA VAL L 48 -75.33 -8.99 -58.94
C VAL L 48 -74.59 -7.69 -59.22
N GLN L 49 -74.64 -6.75 -58.27
CA GLN L 49 -73.90 -5.51 -58.39
C GLN L 49 -73.56 -5.01 -57.00
N ALA L 50 -72.53 -4.16 -56.93
CA ALA L 50 -72.06 -3.58 -55.68
C ALA L 50 -72.23 -2.07 -55.74
N GLN L 51 -72.84 -1.49 -54.70
CA GLN L 51 -73.04 -0.06 -54.66
C GLN L 51 -71.72 0.66 -54.47
N ALA L 52 -71.55 1.78 -55.19
CA ALA L 52 -70.27 2.48 -55.17
C ALA L 52 -70.13 3.37 -53.94
N VAL L 53 -71.21 4.02 -53.53
CA VAL L 53 -71.18 5.00 -52.44
C VAL L 53 -71.65 4.38 -51.13
N ASP L 54 -72.81 3.70 -51.15
CA ASP L 54 -73.35 3.14 -49.92
C ASP L 54 -72.50 1.99 -49.40
N GLY L 55 -72.04 1.13 -50.30
CA GLY L 55 -71.14 0.05 -49.93
C GLY L 55 -71.79 -1.31 -49.73
N HIS L 56 -73.12 -1.41 -49.82
CA HIS L 56 -73.80 -2.69 -49.69
C HIS L 56 -73.63 -3.50 -50.96
N LYS L 57 -73.47 -4.81 -50.80
CA LYS L 57 -73.48 -5.72 -51.92
C LYS L 57 -74.87 -6.31 -52.09
N LEU L 58 -75.21 -6.65 -53.33
CA LEU L 58 -76.49 -7.25 -53.68
C LEU L 58 -76.23 -8.69 -54.10
N VAL L 59 -76.87 -9.64 -53.40
CA VAL L 59 -76.64 -11.05 -53.66
C VAL L 59 -77.94 -11.73 -54.01
N LYS L 60 -77.83 -12.84 -54.73
CA LYS L 60 -78.97 -13.69 -55.03
C LYS L 60 -78.49 -15.13 -55.17
N ALA L 61 -79.42 -16.03 -55.47
CA ALA L 61 -79.08 -17.43 -55.59
C ALA L 61 -78.22 -17.67 -56.84
N LEU L 62 -77.49 -18.78 -56.83
CA LEU L 62 -76.62 -19.10 -57.95
C LEU L 62 -77.43 -19.62 -59.12
N THR L 63 -77.17 -19.06 -60.30
CA THR L 63 -77.88 -19.41 -61.53
C THR L 63 -76.90 -19.89 -62.58
N THR L 64 -77.42 -20.12 -63.79
CA THR L 64 -76.60 -20.67 -64.87
C THR L 64 -75.62 -19.65 -65.39
N GLY L 65 -74.36 -20.06 -65.55
CA GLY L 65 -73.34 -19.23 -66.13
C GLY L 65 -72.74 -18.18 -65.23
N THR L 66 -73.12 -18.13 -63.96
CA THR L 66 -72.63 -17.12 -63.04
C THR L 66 -71.44 -17.67 -62.26
N THR L 67 -70.98 -16.90 -61.28
CA THR L 67 -69.82 -17.27 -60.47
C THR L 67 -70.21 -17.19 -58.99
N PRO L 68 -70.04 -18.25 -58.22
CA PRO L 68 -70.39 -18.19 -56.80
C PRO L 68 -69.45 -17.28 -56.03
N TYR L 69 -69.95 -16.79 -54.89
CA TYR L 69 -69.20 -15.87 -54.05
C TYR L 69 -69.06 -16.33 -52.61
N GLY L 70 -70.03 -17.07 -52.08
CA GLY L 70 -69.96 -17.50 -50.70
C GLY L 70 -71.04 -18.52 -50.41
N VAL L 71 -71.24 -18.79 -49.12
CA VAL L 71 -72.20 -19.77 -48.64
C VAL L 71 -73.00 -19.15 -47.50
N ALA L 72 -74.33 -19.24 -47.59
CA ALA L 72 -75.17 -18.76 -46.50
C ALA L 72 -75.02 -19.66 -45.28
N ILE L 73 -75.01 -19.05 -44.10
CA ILE L 73 -74.76 -19.78 -42.86
C ILE L 73 -75.95 -19.63 -41.92
N ARG L 74 -75.97 -20.50 -40.91
CA ARG L 74 -77.07 -20.55 -39.96
C ARG L 74 -77.03 -19.37 -38.99
N SER L 75 -78.21 -18.90 -38.60
CA SER L 75 -78.33 -17.83 -37.62
C SER L 75 -79.74 -17.87 -37.06
N HIS L 76 -79.86 -18.09 -35.75
CA HIS L 76 -81.18 -18.23 -35.13
C HIS L 76 -81.98 -16.93 -35.14
N TRP L 77 -81.34 -15.80 -35.47
CA TRP L 77 -81.98 -14.50 -35.37
C TRP L 77 -82.30 -13.89 -36.74
N GLN L 78 -81.41 -14.04 -37.72
CA GLN L 78 -81.58 -13.39 -39.01
C GLN L 78 -82.35 -14.24 -40.02
N THR L 79 -82.65 -15.49 -39.71
CA THR L 79 -83.31 -16.38 -40.65
C THR L 79 -84.81 -16.45 -40.39
N VAL L 80 -85.55 -16.83 -41.41
CA VAL L 80 -86.99 -17.05 -41.29
C VAL L 80 -87.27 -18.53 -41.54
N ASN L 81 -88.16 -19.08 -40.73
CA ASN L 81 -88.54 -20.48 -40.81
C ASN L 81 -89.68 -20.64 -41.80
N ALA L 82 -89.42 -21.30 -42.91
CA ALA L 82 -90.43 -21.54 -43.94
C ALA L 82 -90.15 -22.86 -44.62
N GLN L 83 -91.22 -23.51 -45.10
CA GLN L 83 -91.18 -24.86 -45.67
C GLN L 83 -90.28 -25.79 -44.86
N ASN L 84 -90.38 -25.68 -43.53
CA ASN L 84 -89.65 -26.55 -42.60
C ASN L 84 -88.14 -26.44 -42.76
N GLN L 85 -87.66 -25.23 -43.06
CA GLN L 85 -86.23 -24.97 -43.16
C GLN L 85 -85.94 -23.50 -42.89
N MET L 86 -84.67 -23.22 -42.63
CA MET L 86 -84.16 -21.88 -42.40
C MET L 86 -83.83 -21.25 -43.74
N ILE L 87 -84.37 -20.05 -44.02
CA ILE L 87 -84.10 -19.36 -45.27
C ILE L 87 -83.92 -17.87 -44.99
N TYR L 88 -83.48 -17.15 -46.02
CA TYR L 88 -83.34 -15.70 -45.97
C TYR L 88 -84.33 -15.08 -46.96
N GLU L 89 -85.32 -14.39 -46.42
CA GLU L 89 -86.34 -13.75 -47.24
C GLU L 89 -85.78 -12.50 -47.91
N ASP L 90 -86.50 -12.03 -48.93
CA ASP L 90 -86.05 -10.88 -49.70
C ASP L 90 -86.05 -9.61 -48.85
N GLY L 91 -85.15 -8.69 -49.19
CA GLY L 91 -85.06 -7.42 -48.52
C GLY L 91 -84.65 -7.51 -47.06
N GLY L 92 -83.67 -8.36 -46.77
CA GLY L 92 -83.17 -8.52 -45.41
C GLY L 92 -81.69 -8.78 -45.40
N ALA L 93 -81.08 -8.47 -44.27
CA ALA L 93 -79.64 -8.68 -44.11
C ALA L 93 -79.31 -10.16 -44.13
N ILE L 94 -78.17 -10.50 -44.76
CA ILE L 94 -77.78 -11.88 -44.97
C ILE L 94 -76.33 -12.04 -44.53
N ASN L 95 -75.97 -13.27 -44.15
CA ASN L 95 -74.64 -13.62 -43.66
C ASN L 95 -74.00 -14.56 -44.68
N VAL L 96 -73.12 -14.02 -45.51
CA VAL L 96 -72.37 -14.82 -46.45
C VAL L 96 -71.04 -15.18 -45.80
N MET L 97 -70.53 -16.37 -46.07
CA MET L 97 -69.26 -16.81 -45.50
C MET L 97 -68.25 -17.01 -46.61
N THR L 98 -67.12 -16.29 -46.52
CA THR L 98 -66.18 -16.22 -47.63
C THR L 98 -64.87 -16.97 -47.40
N SER L 99 -64.65 -17.53 -46.22
CA SER L 99 -63.45 -18.32 -45.96
C SER L 99 -63.70 -19.25 -44.77
N GLY L 100 -63.16 -20.44 -44.86
CA GLY L 100 -63.25 -21.42 -43.79
C GLY L 100 -63.94 -22.69 -44.24
N ARG L 101 -64.24 -23.54 -43.27
CA ARG L 101 -64.87 -24.84 -43.52
C ARG L 101 -66.34 -24.76 -43.19
N VAL L 102 -67.19 -25.28 -44.08
CA VAL L 102 -68.64 -25.19 -43.90
C VAL L 102 -69.29 -26.48 -44.39
N TRP L 103 -70.45 -26.80 -43.82
CA TRP L 103 -71.27 -27.91 -44.28
C TRP L 103 -72.23 -27.41 -45.36
N MET L 104 -72.26 -28.09 -46.49
CA MET L 104 -73.09 -27.70 -47.62
C MET L 104 -73.94 -28.88 -48.09
N LEU L 105 -75.13 -28.57 -48.60
CA LEU L 105 -76.01 -29.58 -49.16
C LEU L 105 -75.40 -30.18 -50.41
N SER L 106 -75.62 -31.48 -50.60
CA SER L 106 -75.01 -32.18 -51.72
C SER L 106 -76.06 -33.05 -52.43
N LYS L 107 -75.84 -33.23 -53.74
CA LYS L 107 -76.63 -34.16 -54.54
C LYS L 107 -75.83 -35.35 -55.02
N SER L 108 -74.64 -35.57 -54.47
CA SER L 108 -73.80 -36.69 -54.87
C SER L 108 -74.25 -37.97 -54.16
N THR L 109 -73.57 -39.06 -54.45
CA THR L 109 -73.87 -40.36 -53.84
C THR L 109 -72.63 -41.10 -53.35
N GLU L 110 -71.43 -40.59 -53.62
CA GLU L 110 -70.20 -41.26 -53.23
C GLU L 110 -69.28 -40.30 -52.48
N ALA L 111 -68.40 -40.87 -51.68
CA ALA L 111 -67.45 -40.07 -50.91
C ALA L 111 -66.48 -39.34 -51.85
N PRO L 112 -66.26 -38.05 -51.63
CA PRO L 112 -65.32 -37.31 -52.48
C PRO L 112 -63.88 -37.52 -52.05
N THR L 113 -62.94 -37.13 -52.90
CA THR L 113 -61.52 -37.23 -52.61
C THR L 113 -61.04 -35.96 -51.93
N PHE L 114 -60.29 -36.12 -50.84
CA PHE L 114 -59.80 -34.97 -50.09
C PHE L 114 -58.91 -34.09 -50.97
N GLY L 115 -59.17 -32.78 -50.94
CA GLY L 115 -58.38 -31.83 -51.67
C GLY L 115 -58.78 -31.61 -53.11
N SER L 116 -59.81 -32.29 -53.59
CA SER L 116 -60.24 -32.12 -54.97
C SER L 116 -61.01 -30.81 -55.13
N ALA L 117 -61.27 -30.45 -56.39
CA ALA L 117 -62.02 -29.24 -56.70
C ALA L 117 -63.51 -29.50 -56.54
N VAL L 118 -64.22 -28.50 -56.01
CA VAL L 118 -65.65 -28.59 -55.77
C VAL L 118 -66.40 -28.11 -57.00
N LYS L 119 -67.38 -28.90 -57.44
CA LYS L 119 -68.21 -28.57 -58.58
C LYS L 119 -69.65 -28.41 -58.10
N LEU L 120 -70.28 -27.30 -58.46
CA LEU L 120 -71.62 -26.99 -58.03
C LEU L 120 -72.62 -27.21 -59.15
N ASP L 121 -73.86 -27.52 -58.77
CA ASP L 121 -74.94 -27.69 -59.72
C ASP L 121 -75.67 -26.37 -59.86
N VAL L 122 -76.57 -26.27 -60.84
CA VAL L 122 -77.12 -24.99 -61.26
C VAL L 122 -78.00 -24.29 -60.23
N ASP L 123 -78.21 -24.89 -59.06
CA ASP L 123 -78.99 -24.24 -58.00
C ASP L 123 -78.18 -24.00 -56.74
N GLY L 124 -76.85 -24.01 -56.84
CA GLY L 124 -76.03 -23.72 -55.69
C GLY L 124 -75.89 -24.86 -54.70
N GLN L 125 -75.95 -26.10 -55.16
CA GLN L 125 -75.76 -27.27 -54.31
C GLN L 125 -74.68 -28.15 -54.92
N GLU L 126 -73.83 -28.73 -54.06
CA GLU L 126 -72.70 -29.50 -54.54
C GLU L 126 -73.17 -30.74 -55.29
N LYS L 127 -72.49 -31.02 -56.40
CA LYS L 127 -72.78 -32.19 -57.21
C LYS L 127 -71.48 -32.73 -57.79
N SER L 128 -71.35 -34.05 -57.84
CA SER L 128 -70.12 -34.66 -58.30
C SER L 128 -69.87 -34.41 -59.78
N ASP L 129 -70.93 -34.15 -60.55
CA ASP L 129 -70.81 -33.94 -61.99
C ASP L 129 -71.52 -32.65 -62.38
N GLY L 130 -71.26 -31.58 -61.65
CA GLY L 130 -71.83 -30.30 -61.99
C GLY L 130 -71.09 -29.61 -63.12
N THR L 131 -71.70 -28.53 -63.63
CA THR L 131 -71.10 -27.77 -64.71
C THR L 131 -70.42 -26.51 -64.22
N ILE L 132 -70.88 -25.95 -63.10
CA ILE L 132 -70.28 -24.74 -62.55
C ILE L 132 -69.05 -25.13 -61.73
N GLU L 133 -67.90 -24.57 -62.09
CA GLU L 133 -66.62 -24.90 -61.47
C GLU L 133 -66.21 -23.81 -60.50
N THR L 134 -65.58 -24.23 -59.40
CA THR L 134 -65.06 -23.32 -58.38
C THR L 134 -63.61 -23.67 -58.08
N THR L 135 -63.03 -22.92 -57.14
CA THR L 135 -61.69 -23.19 -56.63
C THR L 135 -61.73 -23.73 -55.21
N TRP L 136 -62.91 -23.81 -54.60
CA TRP L 136 -63.04 -24.34 -53.25
C TRP L 136 -62.68 -25.82 -53.23
N THR L 137 -62.32 -26.32 -52.05
CA THR L 137 -61.84 -27.68 -51.92
C THR L 137 -62.74 -28.47 -50.99
N TYR L 138 -62.57 -29.79 -51.00
CA TYR L 138 -63.27 -30.63 -50.05
C TYR L 138 -62.41 -30.83 -48.81
N ALA L 139 -63.04 -30.74 -47.63
CA ALA L 139 -62.32 -30.82 -46.36
C ALA L 139 -62.28 -32.23 -45.79
N GLY L 140 -62.95 -33.19 -46.43
CA GLY L 140 -62.87 -34.56 -45.99
C GLY L 140 -64.14 -35.09 -45.35
N GLY L 141 -64.84 -34.24 -44.60
CA GLY L 141 -66.04 -34.69 -43.92
C GLY L 141 -67.13 -35.09 -44.89
N TRP L 142 -67.91 -36.10 -44.49
CA TRP L 142 -69.00 -36.60 -45.31
C TRP L 142 -69.99 -37.28 -44.37
N THR L 143 -71.14 -36.64 -44.14
CA THR L 143 -72.10 -37.10 -43.15
C THR L 143 -73.47 -37.09 -43.81
N LYS L 144 -74.45 -37.71 -43.12
CA LYS L 144 -75.82 -37.76 -43.62
C LYS L 144 -76.77 -37.59 -42.45
N TYR L 145 -77.51 -36.48 -42.44
CA TYR L 145 -78.60 -36.29 -41.50
C TYR L 145 -79.82 -37.08 -41.98
N LYS L 146 -80.97 -36.85 -41.35
CA LYS L 146 -82.18 -37.52 -41.77
C LYS L 146 -82.58 -37.09 -43.18
N ASP L 147 -82.35 -37.95 -44.16
CA ASP L 147 -82.70 -37.76 -45.56
C ASP L 147 -81.95 -36.62 -46.22
N ILE L 148 -80.92 -36.07 -45.59
CA ILE L 148 -80.19 -34.92 -46.10
C ILE L 148 -78.70 -35.29 -46.19
N GLN L 149 -78.08 -34.97 -47.32
CA GLN L 149 -76.67 -35.25 -47.54
C GLN L 149 -75.84 -33.98 -47.44
N LEU L 150 -74.85 -34.00 -46.57
CA LEU L 150 -74.02 -32.84 -46.28
C LEU L 150 -72.56 -33.15 -46.55
N VAL L 151 -71.80 -32.12 -46.89
CA VAL L 151 -70.38 -32.29 -47.22
C VAL L 151 -69.58 -31.11 -46.68
N GLU L 152 -68.32 -31.38 -46.34
CA GLU L 152 -67.38 -30.36 -45.86
C GLU L 152 -66.68 -29.67 -47.03
N VAL L 153 -66.90 -28.38 -47.17
CA VAL L 153 -66.26 -27.60 -48.21
C VAL L 153 -65.46 -26.47 -47.57
N GLN L 154 -64.21 -26.33 -48.01
CA GLN L 154 -63.32 -25.26 -47.58
C GLN L 154 -63.29 -24.17 -48.64
N LEU L 155 -63.53 -22.93 -48.21
CA LEU L 155 -63.67 -21.76 -49.05
C LEU L 155 -62.55 -20.78 -48.77
N HIS L 156 -62.04 -20.16 -49.84
CA HIS L 156 -61.10 -19.05 -49.73
C HIS L 156 -61.64 -17.85 -50.50
N GLN L 157 -61.13 -16.68 -50.16
CA GLN L 157 -61.61 -15.43 -50.74
C GLN L 157 -61.50 -15.46 -52.26
N LEU L 158 -62.54 -14.94 -52.92
CA LEU L 158 -62.60 -14.93 -54.39
C LEU L 158 -61.41 -14.19 -55.00
N ALA M 28 -108.53 -4.76 -52.68
CA ALA M 28 -108.78 -4.33 -51.31
C ALA M 28 -108.40 -5.43 -50.32
N ALA M 29 -109.03 -5.41 -49.13
CA ALA M 29 -108.78 -6.39 -48.08
C ALA M 29 -110.08 -6.54 -47.29
N THR M 30 -110.70 -7.72 -47.41
CA THR M 30 -111.96 -8.03 -46.73
C THR M 30 -111.72 -9.25 -45.85
N MET M 31 -111.38 -9.02 -44.60
CA MET M 31 -111.14 -10.07 -43.63
C MET M 31 -112.08 -9.92 -42.44
N GLY M 32 -111.92 -10.81 -41.46
CA GLY M 32 -112.79 -10.84 -40.31
C GLY M 32 -112.34 -9.91 -39.20
N ILE M 33 -113.00 -10.05 -38.05
CA ILE M 33 -112.70 -9.22 -36.88
C ILE M 33 -111.50 -9.72 -36.10
N TRP M 34 -111.41 -11.02 -35.82
CA TRP M 34 -110.39 -11.58 -34.96
C TRP M 34 -109.31 -12.23 -35.82
N THR M 35 -108.06 -11.89 -35.56
CA THR M 35 -106.95 -12.50 -36.28
C THR M 35 -106.76 -13.96 -35.83
N ALA M 36 -105.97 -14.70 -36.61
CA ALA M 36 -105.79 -16.12 -36.36
C ALA M 36 -105.01 -16.40 -35.07
N GLN M 37 -104.34 -15.40 -34.52
CA GLN M 37 -103.57 -15.59 -33.29
C GLN M 37 -104.41 -15.45 -32.04
N GLU M 38 -105.47 -14.64 -32.06
CA GLU M 38 -106.35 -14.50 -30.90
C GLU M 38 -107.08 -15.79 -30.57
N LEU M 39 -107.31 -16.65 -31.56
CA LEU M 39 -107.99 -17.93 -31.39
C LEU M 39 -106.95 -19.02 -31.61
N HIS M 40 -106.22 -19.36 -30.55
CA HIS M 40 -105.09 -20.28 -30.66
C HIS M 40 -104.61 -20.63 -29.26
N ARG M 41 -104.08 -21.84 -29.13
CA ARG M 41 -103.57 -22.35 -27.86
C ARG M 41 -102.15 -22.84 -28.05
N ILE M 42 -101.32 -22.66 -27.02
CA ILE M 42 -99.96 -23.18 -26.99
C ILE M 42 -99.84 -24.08 -25.77
N LYS M 43 -99.43 -25.32 -25.99
CA LYS M 43 -99.24 -26.25 -24.88
C LYS M 43 -98.07 -25.80 -24.02
N SER M 44 -98.25 -25.91 -22.70
CA SER M 44 -97.28 -25.42 -21.74
C SER M 44 -96.21 -26.43 -21.39
N GLN M 45 -95.96 -27.41 -22.25
CA GLN M 45 -94.90 -28.37 -22.02
C GLN M 45 -94.15 -28.63 -23.33
N SER M 46 -92.83 -28.74 -23.23
CA SER M 46 -91.99 -29.03 -24.38
C SER M 46 -91.50 -30.48 -24.31
N TYR M 47 -91.10 -30.99 -25.48
CA TYR M 47 -90.60 -32.36 -25.61
C TYR M 47 -89.15 -32.31 -26.05
N GLU M 48 -88.29 -33.02 -25.33
CA GLU M 48 -86.86 -33.02 -25.60
C GLU M 48 -86.38 -34.45 -25.84
N GLU M 49 -85.60 -34.64 -26.90
CA GLU M 49 -85.06 -35.95 -27.22
C GLU M 49 -84.06 -36.39 -26.17
N ASP M 50 -83.95 -37.70 -25.99
CA ASP M 50 -83.05 -38.30 -25.02
C ASP M 50 -81.90 -38.99 -25.75
N TYR M 51 -80.68 -38.63 -25.37
CA TYR M 51 -79.47 -39.27 -25.89
C TYR M 51 -78.71 -39.88 -24.71
N PRO M 52 -78.84 -41.19 -24.47
CA PRO M 52 -78.14 -41.79 -23.33
C PRO M 52 -76.63 -41.68 -23.47
N VAL M 53 -75.97 -41.44 -22.34
CA VAL M 53 -74.51 -41.27 -22.35
C VAL M 53 -73.82 -42.60 -22.57
N GLY M 54 -74.21 -43.62 -21.81
CA GLY M 54 -73.58 -44.92 -21.86
C GLY M 54 -73.46 -45.50 -20.47
N SER M 55 -72.62 -46.54 -20.35
CA SER M 55 -72.48 -47.23 -19.07
C SER M 55 -71.03 -47.61 -18.75
N ALA M 56 -70.04 -47.12 -19.50
CA ALA M 56 -68.66 -47.53 -19.26
C ALA M 56 -68.17 -47.08 -17.88
N LEU M 57 -68.44 -45.83 -17.53
CA LEU M 57 -67.97 -45.29 -16.26
C LEU M 57 -68.66 -45.91 -15.05
N ARG M 58 -69.83 -46.51 -15.23
CA ARG M 58 -70.53 -47.18 -14.15
C ARG M 58 -70.25 -48.68 -14.10
N VAL M 59 -69.86 -49.30 -15.21
CA VAL M 59 -69.50 -50.70 -15.21
C VAL M 59 -68.06 -50.91 -14.76
N PHE M 60 -67.11 -50.12 -15.31
CA PHE M 60 -65.76 -50.32 -14.83
C PHE M 60 -65.41 -49.29 -13.77
N PRO M 61 -64.62 -49.67 -12.77
CA PRO M 61 -64.26 -48.73 -11.70
C PRO M 61 -63.37 -47.62 -12.21
N VAL M 62 -63.40 -46.50 -11.49
CA VAL M 62 -62.65 -45.30 -11.83
C VAL M 62 -61.70 -44.98 -10.68
N THR M 63 -60.47 -44.60 -11.02
CA THR M 63 -59.45 -44.24 -10.04
C THR M 63 -58.87 -42.87 -10.40
N THR M 64 -58.40 -42.15 -9.38
CA THR M 64 -57.91 -40.79 -9.55
C THR M 64 -56.50 -40.61 -9.00
N GLU M 65 -55.64 -41.61 -9.17
CA GLU M 65 -54.24 -41.50 -8.76
C GLU M 65 -53.38 -41.14 -9.97
N LEU M 66 -53.67 -39.97 -10.53
CA LEU M 66 -52.93 -39.48 -11.68
C LEU M 66 -53.02 -37.96 -11.70
N SER M 67 -51.87 -37.30 -11.86
CA SER M 67 -51.84 -35.85 -11.93
C SER M 67 -52.37 -35.38 -13.30
N PRO M 68 -53.00 -34.20 -13.34
CA PRO M 68 -53.43 -33.65 -14.64
C PRO M 68 -52.28 -33.27 -15.55
N THR M 69 -51.07 -33.07 -15.02
CA THR M 69 -49.92 -32.62 -15.80
C THR M 69 -49.01 -33.76 -16.20
N ASP M 70 -49.40 -35.01 -15.90
CA ASP M 70 -48.61 -36.17 -16.28
C ASP M 70 -49.15 -36.79 -17.56
N LYS M 71 -48.32 -37.60 -18.22
CA LYS M 71 -48.65 -38.15 -19.52
C LYS M 71 -48.31 -39.62 -19.68
N THR M 72 -47.55 -40.21 -18.76
CA THR M 72 -47.23 -41.62 -18.78
C THR M 72 -47.23 -42.15 -17.35
N PHE M 73 -47.50 -43.44 -17.20
CA PHE M 73 -47.50 -44.10 -15.90
C PHE M 73 -46.86 -45.48 -16.03
N GLU M 74 -46.53 -46.07 -14.87
CA GLU M 74 -45.82 -47.34 -14.86
C GLU M 74 -46.19 -48.11 -13.60
N TYR M 75 -46.32 -49.43 -13.73
CA TYR M 75 -46.54 -50.32 -12.59
C TYR M 75 -45.58 -51.49 -12.70
N MET M 76 -45.22 -52.07 -11.55
CA MET M 76 -44.18 -53.07 -11.49
C MET M 76 -44.71 -54.37 -10.88
N THR M 77 -44.06 -55.48 -11.25
CA THR M 77 -44.40 -56.81 -10.76
C THR M 77 -43.12 -57.51 -10.32
N PHE M 78 -43.21 -58.28 -9.25
CA PHE M 78 -42.05 -58.91 -8.63
C PHE M 78 -42.21 -60.43 -8.65
N ASP M 79 -41.11 -61.12 -8.32
CA ASP M 79 -41.05 -62.57 -8.39
C ASP M 79 -39.98 -63.06 -7.43
N LYS M 80 -39.97 -64.37 -7.19
CA LYS M 80 -39.02 -64.98 -6.27
C LYS M 80 -38.77 -66.43 -6.66
N VAL M 81 -37.61 -66.95 -6.23
CA VAL M 81 -37.23 -68.35 -6.43
C VAL M 81 -36.47 -68.82 -5.19
N GLY M 82 -36.35 -70.13 -5.05
CA GLY M 82 -35.60 -70.69 -3.93
C GLY M 82 -35.92 -72.16 -3.72
N THR M 83 -35.28 -72.71 -2.69
CA THR M 83 -35.49 -74.10 -2.28
C THR M 83 -34.87 -74.31 -0.91
N ALA M 84 -35.04 -75.53 -0.38
CA ALA M 84 -34.51 -75.89 0.92
C ALA M 84 -34.15 -77.38 0.91
N GLN M 85 -33.33 -77.79 1.87
CA GLN M 85 -32.84 -79.16 1.94
C GLN M 85 -32.74 -79.60 3.39
N ILE M 86 -32.25 -80.82 3.60
CA ILE M 86 -32.05 -81.41 4.91
C ILE M 86 -30.55 -81.35 5.25
N ILE M 87 -30.23 -80.89 6.45
CA ILE M 87 -28.84 -80.65 6.82
C ILE M 87 -28.50 -81.38 8.12
N ALA M 88 -27.21 -81.39 8.45
CA ALA M 88 -26.71 -81.87 9.73
C ALA M 88 -26.20 -80.67 10.53
N ASP M 89 -25.71 -80.95 11.74
CA ASP M 89 -25.28 -79.86 12.62
C ASP M 89 -24.04 -79.16 12.07
N TYR M 90 -23.10 -79.90 11.51
CA TYR M 90 -21.92 -79.34 10.87
C TYR M 90 -22.18 -79.29 9.36
N THR M 91 -22.50 -78.11 8.85
CA THR M 91 -22.72 -77.91 7.43
C THR M 91 -22.09 -76.60 7.00
N ASP M 92 -21.72 -76.52 5.72
CA ASP M 92 -21.14 -75.31 5.16
C ASP M 92 -21.77 -74.86 3.86
N ASP M 93 -22.73 -75.59 3.32
CA ASP M 93 -23.44 -75.16 2.12
C ASP M 93 -24.94 -75.16 2.37
N LEU M 94 -25.61 -74.13 1.87
CA LEU M 94 -27.06 -73.98 1.98
C LEU M 94 -27.59 -73.34 0.70
N PRO M 95 -28.71 -73.83 0.18
CA PRO M 95 -29.27 -73.23 -1.04
C PRO M 95 -29.73 -71.80 -0.81
N LEU M 96 -29.71 -71.02 -1.89
CA LEU M 96 -29.96 -69.59 -1.83
C LEU M 96 -31.29 -69.24 -2.50
N VAL M 97 -31.72 -67.99 -2.30
CA VAL M 97 -32.94 -67.46 -2.86
C VAL M 97 -32.64 -66.11 -3.50
N ASP M 98 -33.60 -65.62 -4.30
CA ASP M 98 -33.40 -64.39 -5.05
C ASP M 98 -34.75 -63.76 -5.35
N ALA M 99 -34.75 -62.69 -6.14
CA ALA M 99 -35.96 -61.97 -6.53
C ALA M 99 -35.70 -61.24 -7.83
N LEU M 100 -36.78 -60.80 -8.49
CA LEU M 100 -36.70 -60.19 -9.81
C LEU M 100 -37.65 -58.99 -9.87
N GLY M 101 -37.89 -58.49 -11.08
CA GLY M 101 -38.79 -57.37 -11.28
C GLY M 101 -39.08 -57.15 -12.75
N THR M 102 -40.19 -56.46 -13.00
CA THR M 102 -40.68 -56.21 -14.35
C THR M 102 -41.63 -55.02 -14.28
N SER M 103 -41.82 -54.34 -15.42
CA SER M 103 -42.65 -53.14 -15.46
C SER M 103 -43.39 -53.04 -16.80
N GLU M 104 -44.44 -52.22 -16.80
CA GLU M 104 -45.22 -51.91 -17.98
C GLU M 104 -45.67 -50.45 -17.92
N PHE M 105 -46.20 -49.95 -19.04
CA PHE M 105 -46.43 -48.51 -19.20
C PHE M 105 -47.85 -48.22 -19.65
N GLY M 106 -48.11 -46.96 -19.97
CA GLY M 106 -49.42 -46.51 -20.40
C GLY M 106 -49.32 -45.16 -21.09
N LYS M 107 -50.49 -44.58 -21.38
CA LYS M 107 -50.54 -43.34 -22.15
C LYS M 107 -51.82 -42.59 -21.81
N VAL M 108 -51.81 -41.28 -22.08
CA VAL M 108 -52.92 -40.38 -21.80
C VAL M 108 -53.20 -39.55 -23.05
N PHE M 109 -54.45 -39.11 -23.21
CA PHE M 109 -54.89 -38.34 -24.37
C PHE M 109 -55.67 -37.11 -23.92
N ARG M 110 -56.07 -36.28 -24.89
CA ARG M 110 -56.72 -35.01 -24.61
C ARG M 110 -57.90 -34.81 -25.56
N LEU M 111 -58.94 -34.13 -25.06
CA LEU M 111 -60.19 -33.93 -25.78
C LEU M 111 -60.49 -32.44 -25.91
N GLY M 112 -61.35 -32.09 -26.87
CA GLY M 112 -61.73 -30.70 -27.03
C GLY M 112 -62.85 -30.51 -28.03
N ASN M 113 -63.57 -29.40 -27.87
CA ASN M 113 -64.62 -28.94 -28.78
C ASN M 113 -64.98 -27.51 -28.39
N ALA M 114 -65.90 -26.91 -29.14
CA ALA M 114 -66.26 -25.50 -28.90
C ALA M 114 -67.61 -25.19 -29.53
N TYR M 115 -68.03 -23.94 -29.39
CA TYR M 115 -69.28 -23.45 -29.99
C TYR M 115 -69.22 -21.93 -30.09
N LEU M 116 -70.18 -21.37 -30.83
CA LEU M 116 -70.25 -19.94 -31.07
C LEU M 116 -71.64 -19.41 -30.69
N ILE M 117 -71.68 -18.11 -30.41
CA ILE M 117 -72.92 -17.42 -30.04
C ILE M 117 -72.70 -15.91 -30.22
N SER M 118 -73.77 -15.17 -30.46
CA SER M 118 -73.68 -13.74 -30.71
C SER M 118 -74.58 -12.96 -29.74
N ILE M 119 -74.37 -11.64 -29.71
CA ILE M 119 -75.08 -10.78 -28.77
C ILE M 119 -76.58 -10.75 -29.06
N ASP M 120 -76.96 -10.76 -30.35
CA ASP M 120 -78.38 -10.78 -30.68
C ASP M 120 -79.04 -12.05 -30.16
N GLU M 121 -78.39 -13.20 -30.34
CA GLU M 121 -78.95 -14.44 -29.83
C GLU M 121 -79.03 -14.45 -28.32
N ILE M 122 -78.00 -13.91 -27.65
CA ILE M 122 -78.01 -13.85 -26.19
C ILE M 122 -79.19 -13.02 -25.70
N LYS M 123 -79.37 -11.83 -26.27
CA LYS M 123 -80.45 -10.96 -25.84
C LYS M 123 -81.82 -11.55 -26.17
N ALA M 124 -81.95 -12.17 -27.35
CA ALA M 124 -83.22 -12.80 -27.71
C ALA M 124 -83.56 -13.94 -26.76
N GLY M 125 -82.57 -14.73 -26.37
CA GLY M 125 -82.81 -15.79 -25.40
C GLY M 125 -83.23 -15.26 -24.05
N GLN M 126 -82.51 -14.24 -23.55
CA GLN M 126 -82.89 -13.64 -22.28
C GLN M 126 -84.27 -12.99 -22.33
N ALA M 127 -84.71 -12.53 -23.50
CA ALA M 127 -86.03 -11.92 -23.63
C ALA M 127 -87.14 -12.97 -23.69
N THR M 128 -86.97 -13.99 -24.53
CA THR M 128 -88.01 -15.00 -24.70
C THR M 128 -88.05 -16.03 -23.58
N GLY M 129 -87.01 -16.09 -22.74
CA GLY M 129 -87.02 -17.02 -21.63
C GLY M 129 -86.11 -18.22 -21.82
N ARG M 130 -86.05 -18.74 -23.05
CA ARG M 130 -85.20 -19.89 -23.32
C ARG M 130 -83.91 -19.42 -23.97
N PRO M 131 -82.75 -19.66 -23.36
CA PRO M 131 -81.49 -19.29 -23.99
C PRO M 131 -80.98 -20.39 -24.91
N LEU M 132 -79.86 -20.09 -25.58
CA LEU M 132 -79.21 -21.05 -26.46
C LEU M 132 -77.84 -21.50 -25.96
N SER M 133 -77.19 -20.68 -25.13
CA SER M 133 -75.89 -21.05 -24.58
C SER M 133 -75.99 -22.29 -23.72
N THR M 134 -77.05 -22.42 -22.93
CA THR M 134 -77.23 -23.61 -22.10
C THR M 134 -77.35 -24.86 -22.96
N ARG M 135 -78.15 -24.77 -24.03
CA ARG M 135 -78.31 -25.92 -24.92
C ARG M 135 -76.99 -26.30 -25.58
N LYS M 136 -76.22 -25.31 -26.03
CA LYS M 136 -74.95 -25.62 -26.68
C LYS M 136 -73.95 -26.22 -25.69
N ALA M 137 -73.93 -25.73 -24.46
CA ALA M 137 -73.06 -26.30 -23.44
C ALA M 137 -73.46 -27.74 -23.12
N SER M 138 -74.76 -28.00 -23.03
CA SER M 138 -75.22 -29.37 -22.81
C SER M 138 -74.79 -30.28 -23.96
N ALA M 139 -74.90 -29.78 -25.20
CA ALA M 139 -74.46 -30.57 -26.34
C ALA M 139 -72.97 -30.88 -26.26
N CYS M 140 -72.15 -29.89 -25.88
CA CYS M 140 -70.71 -30.12 -25.77
C CYS M 140 -70.41 -31.18 -24.72
N GLN M 141 -71.04 -31.08 -23.54
CA GLN M 141 -70.80 -32.06 -22.50
C GLN M 141 -71.21 -33.46 -22.94
N LEU M 142 -72.38 -33.58 -23.57
CA LEU M 142 -72.86 -34.89 -23.99
C LEU M 142 -71.95 -35.49 -25.05
N ALA M 143 -71.45 -34.66 -25.97
CA ALA M 143 -70.51 -35.13 -26.98
C ALA M 143 -69.22 -35.64 -26.33
N HIS M 144 -68.71 -34.92 -25.33
CA HIS M 144 -67.52 -35.37 -24.62
C HIS M 144 -67.74 -36.74 -24.00
N ASP M 145 -68.86 -36.91 -23.29
CA ASP M 145 -69.13 -38.18 -22.61
C ASP M 145 -69.27 -39.31 -23.61
N GLN M 146 -70.00 -39.08 -24.72
CA GLN M 146 -70.13 -40.12 -25.73
C GLN M 146 -68.80 -40.48 -26.35
N LEU M 147 -67.92 -39.50 -26.58
CA LEU M 147 -66.62 -39.82 -27.14
C LEU M 147 -65.79 -40.65 -26.17
N VAL M 148 -65.88 -40.36 -24.87
CA VAL M 148 -65.17 -41.17 -23.88
C VAL M 148 -65.66 -42.60 -23.92
N ASN M 149 -66.98 -42.79 -23.93
CA ASN M 149 -67.53 -44.15 -23.95
C ASN M 149 -67.14 -44.88 -25.24
N ARG M 150 -67.18 -44.19 -26.37
CA ARG M 150 -66.79 -44.79 -27.63
C ARG M 150 -65.33 -45.20 -27.62
N LEU M 151 -64.47 -44.37 -27.04
CA LEU M 151 -63.06 -44.76 -26.92
C LEU M 151 -62.90 -46.00 -26.05
N VAL M 152 -63.70 -46.09 -24.98
CA VAL M 152 -63.61 -47.26 -24.10
C VAL M 152 -64.01 -48.53 -24.84
N PHE M 153 -65.16 -48.52 -25.52
CA PHE M 153 -65.71 -49.76 -26.05
C PHE M 153 -65.39 -50.03 -27.51
N LYS M 154 -64.70 -49.13 -28.21
CA LYS M 154 -64.38 -49.34 -29.62
C LYS M 154 -62.92 -49.12 -29.96
N GLY M 155 -62.23 -48.20 -29.27
CA GLY M 155 -60.85 -47.92 -29.57
C GLY M 155 -60.69 -47.11 -30.84
N SER M 156 -59.42 -46.89 -31.19
CA SER M 156 -59.08 -46.15 -32.40
C SER M 156 -57.70 -46.60 -32.86
N ALA M 157 -57.67 -47.38 -33.93
CA ALA M 157 -56.40 -47.99 -34.37
C ALA M 157 -55.33 -46.96 -34.73
N PRO M 158 -55.60 -45.89 -35.49
CA PRO M 158 -54.52 -44.94 -35.79
C PRO M 158 -53.91 -44.30 -34.55
N HIS M 159 -54.68 -44.09 -33.50
CA HIS M 159 -54.14 -43.64 -32.22
C HIS M 159 -53.49 -44.76 -31.44
N LYS M 160 -53.56 -45.99 -31.92
CA LYS M 160 -53.07 -47.18 -31.21
C LYS M 160 -53.74 -47.30 -29.84
N ILE M 161 -55.06 -47.33 -29.85
CA ILE M 161 -55.87 -47.57 -28.66
C ILE M 161 -56.61 -48.89 -28.86
N VAL M 162 -56.49 -49.78 -27.89
CA VAL M 162 -57.05 -51.13 -27.98
C VAL M 162 -58.31 -51.20 -27.13
N SER M 163 -59.40 -51.68 -27.71
CA SER M 163 -60.64 -51.84 -26.99
C SER M 163 -60.56 -53.04 -26.05
N VAL M 164 -61.56 -53.16 -25.18
CA VAL M 164 -61.58 -54.27 -24.24
C VAL M 164 -61.76 -55.61 -24.96
N PHE M 165 -62.35 -55.59 -26.16
CA PHE M 165 -62.60 -56.82 -26.90
C PHE M 165 -61.38 -57.30 -27.70
N ASN M 166 -60.38 -56.45 -27.91
CA ASN M 166 -59.24 -56.78 -28.74
C ASN M 166 -57.97 -57.04 -27.94
N HIS M 167 -58.06 -57.12 -26.62
CA HIS M 167 -56.87 -57.37 -25.82
C HIS M 167 -56.42 -58.82 -26.00
N PRO M 168 -55.18 -59.04 -26.44
CA PRO M 168 -54.73 -60.41 -26.75
C PRO M 168 -54.20 -61.20 -25.56
N ASN M 169 -54.42 -60.75 -24.33
CA ASN M 169 -53.96 -61.47 -23.15
C ASN M 169 -55.10 -61.87 -22.23
N ILE M 170 -56.33 -61.89 -22.76
CA ILE M 170 -57.50 -62.28 -21.98
C ILE M 170 -58.11 -63.52 -22.60
N THR M 171 -58.87 -64.25 -21.79
CA THR M 171 -59.45 -65.52 -22.21
C THR M 171 -60.65 -65.27 -23.12
N LYS M 172 -60.64 -65.93 -24.28
CA LYS M 172 -61.73 -65.86 -25.24
C LYS M 172 -62.28 -67.26 -25.48
N ILE M 173 -63.59 -67.40 -25.44
CA ILE M 173 -64.25 -68.69 -25.57
C ILE M 173 -65.23 -68.63 -26.74
N THR M 174 -65.02 -69.47 -27.74
CA THR M 174 -65.99 -69.63 -28.81
C THR M 174 -67.22 -70.35 -28.28
N SER M 175 -68.39 -69.89 -28.69
CA SER M 175 -69.64 -70.40 -28.15
C SER M 175 -70.56 -70.87 -29.27
N GLY M 176 -71.23 -72.00 -29.03
CA GLY M 176 -72.36 -72.36 -29.87
C GLY M 176 -73.49 -71.35 -29.69
N LYS M 177 -74.14 -71.02 -30.80
CA LYS M 177 -75.12 -69.95 -30.80
C LYS M 177 -76.24 -70.22 -29.79
N TRP M 178 -76.59 -69.20 -29.01
CA TRP M 178 -77.68 -69.35 -28.06
C TRP M 178 -79.04 -69.36 -28.75
N ILE M 179 -79.17 -68.63 -29.85
CA ILE M 179 -80.40 -68.58 -30.63
C ILE M 179 -80.02 -68.80 -32.09
N ASP M 180 -80.51 -69.89 -32.67
CA ASP M 180 -80.31 -70.17 -34.09
C ASP M 180 -81.67 -70.41 -34.74
N ALA M 181 -81.95 -69.65 -35.80
CA ALA M 181 -83.22 -69.73 -36.52
C ALA M 181 -84.41 -69.55 -35.58
N SER M 182 -84.28 -68.58 -34.67
CA SER M 182 -85.30 -68.22 -33.69
C SER M 182 -85.64 -69.37 -32.75
N THR M 183 -84.71 -70.29 -32.50
CA THR M 183 -84.92 -71.39 -31.57
C THR M 183 -84.04 -71.16 -30.34
N MET M 184 -84.63 -71.33 -29.17
CA MET M 184 -83.96 -71.05 -27.90
C MET M 184 -83.31 -72.31 -27.35
N LYS M 185 -82.09 -72.15 -26.84
CA LYS M 185 -81.32 -73.23 -26.22
C LYS M 185 -80.81 -72.74 -24.87
N PRO M 186 -81.62 -72.89 -23.81
CA PRO M 186 -81.25 -72.31 -22.52
C PRO M 186 -80.17 -73.06 -21.76
N GLU M 187 -80.01 -74.37 -21.99
CA GLU M 187 -79.01 -75.13 -21.25
C GLU M 187 -77.59 -74.82 -21.69
N THR M 188 -77.38 -74.47 -22.96
CA THR M 188 -76.05 -74.12 -23.43
C THR M 188 -75.54 -72.87 -22.71
N ALA M 189 -76.40 -71.87 -22.52
CA ALA M 189 -75.99 -70.65 -21.84
C ALA M 189 -75.57 -70.95 -20.40
N GLU M 190 -76.34 -71.79 -19.70
CA GLU M 190 -75.99 -72.16 -18.33
C GLU M 190 -74.66 -72.89 -18.29
N ALA M 191 -74.46 -73.83 -19.22
CA ALA M 191 -73.19 -74.56 -19.25
C ALA M 191 -72.02 -73.63 -19.49
N GLU M 192 -72.16 -72.69 -20.42
CA GLU M 192 -71.05 -71.79 -20.73
C GLU M 192 -70.78 -70.82 -19.59
N LEU M 193 -71.82 -70.34 -18.92
CA LEU M 193 -71.60 -69.47 -17.76
C LEU M 193 -70.88 -70.21 -16.64
N THR M 194 -71.29 -71.45 -16.37
CA THR M 194 -70.59 -72.25 -15.36
C THR M 194 -69.14 -72.50 -15.76
N GLN M 195 -68.90 -72.78 -17.05
CA GLN M 195 -67.55 -72.99 -17.53
C GLN M 195 -66.69 -71.75 -17.35
N ALA M 196 -67.24 -70.57 -17.66
CA ALA M 196 -66.49 -69.34 -17.50
C ALA M 196 -66.16 -69.07 -16.03
N ILE M 197 -67.12 -69.31 -15.14
CA ILE M 197 -66.87 -69.11 -13.71
C ILE M 197 -65.77 -70.06 -13.24
N GLU M 198 -65.84 -71.32 -13.65
CA GLU M 198 -64.80 -72.28 -13.26
C GLU M 198 -63.44 -71.89 -13.82
N THR M 199 -63.41 -71.39 -15.06
CA THR M 199 -62.15 -70.98 -15.67
C THR M 199 -61.52 -69.83 -14.89
N ILE M 200 -62.34 -68.83 -14.52
CA ILE M 200 -61.80 -67.72 -13.74
C ILE M 200 -61.29 -68.21 -12.39
N GLU M 201 -62.04 -69.11 -11.75
CA GLU M 201 -61.60 -69.62 -10.45
C GLU M 201 -60.31 -70.43 -10.56
N THR M 202 -60.15 -71.17 -11.65
CA THR M 202 -59.02 -72.10 -11.77
C THR M 202 -57.75 -71.40 -12.25
N ILE M 203 -57.86 -70.56 -13.26
CA ILE M 203 -56.66 -69.96 -13.87
C ILE M 203 -55.95 -69.02 -12.91
N THR M 204 -56.67 -68.38 -11.99
CA THR M 204 -56.05 -67.56 -10.97
C THR M 204 -55.74 -68.34 -9.70
N ARG M 205 -56.19 -69.58 -9.60
CA ARG M 205 -55.77 -70.51 -8.55
C ARG M 205 -56.12 -70.01 -7.16
N GLY M 206 -57.42 -69.83 -6.92
CA GLY M 206 -57.89 -69.52 -5.59
C GLY M 206 -57.74 -68.09 -5.16
N GLN M 207 -57.24 -67.22 -6.04
CA GLN M 207 -57.05 -65.82 -5.69
C GLN M 207 -58.21 -64.94 -6.12
N HIS M 208 -58.78 -65.18 -7.29
CA HIS M 208 -59.84 -64.35 -7.83
C HIS M 208 -61.04 -65.21 -8.20
N ARG M 209 -62.24 -64.66 -8.01
CA ARG M 209 -63.49 -65.33 -8.31
C ARG M 209 -64.39 -64.37 -9.08
N ALA M 210 -65.16 -64.91 -10.03
CA ALA M 210 -66.02 -64.07 -10.85
C ALA M 210 -67.07 -63.37 -10.00
N THR M 211 -67.38 -62.12 -10.34
CA THR M 211 -68.31 -61.33 -9.56
C THR M 211 -69.44 -60.76 -10.42
N ASN M 212 -69.13 -60.36 -11.65
CA ASN M 212 -70.10 -59.71 -12.52
C ASN M 212 -70.16 -60.38 -13.88
N ILE M 213 -71.38 -60.39 -14.43
CA ILE M 213 -71.65 -60.90 -15.77
C ILE M 213 -72.43 -59.84 -16.53
N LEU M 214 -72.04 -59.61 -17.79
CA LEU M 214 -72.71 -58.68 -18.66
C LEU M 214 -73.15 -59.40 -19.93
N ILE M 215 -74.43 -59.27 -20.28
CA ILE M 215 -75.00 -59.96 -21.43
C ILE M 215 -75.74 -58.93 -22.29
N PRO M 216 -75.91 -59.22 -23.58
CA PRO M 216 -76.64 -58.30 -24.44
C PRO M 216 -78.10 -58.20 -24.01
N PRO M 217 -78.75 -57.05 -24.24
CA PRO M 217 -80.15 -56.91 -23.81
C PRO M 217 -81.12 -57.78 -24.59
N SER M 218 -80.73 -58.28 -25.76
CA SER M 218 -81.61 -59.12 -26.56
C SER M 218 -81.58 -60.58 -26.11
N MET M 219 -80.77 -60.93 -25.12
CA MET M 219 -80.69 -62.29 -24.61
C MET M 219 -81.37 -62.46 -23.26
N ARG M 220 -82.01 -61.41 -22.74
CA ARG M 220 -82.71 -61.54 -21.47
C ARG M 220 -83.89 -62.49 -21.56
N LYS M 221 -84.44 -62.69 -22.76
CA LYS M 221 -85.56 -63.60 -22.93
C LYS M 221 -85.14 -65.07 -22.93
N VAL M 222 -83.86 -65.35 -23.15
CA VAL M 222 -83.40 -66.73 -23.15
C VAL M 222 -83.40 -67.30 -21.74
N LEU M 223 -82.94 -66.52 -20.77
CA LEU M 223 -82.85 -66.98 -19.39
C LEU M 223 -84.17 -66.89 -18.64
N ALA M 224 -85.21 -66.35 -19.26
CA ALA M 224 -86.52 -66.25 -18.62
C ALA M 224 -87.41 -67.44 -18.91
N ILE M 225 -86.94 -68.41 -19.69
CA ILE M 225 -87.73 -69.59 -20.01
C ILE M 225 -87.94 -70.43 -18.75
N ARG M 226 -89.18 -70.83 -18.52
CA ARG M 226 -89.48 -71.76 -17.43
C ARG M 226 -88.82 -73.11 -17.71
N MET M 227 -88.11 -73.62 -16.74
CA MET M 227 -87.42 -74.90 -16.90
C MET M 227 -88.40 -76.04 -16.75
N PRO M 228 -88.14 -77.20 -17.36
CA PRO M 228 -89.01 -78.36 -17.13
C PRO M 228 -88.95 -78.82 -15.69
N GLU M 229 -90.05 -79.43 -15.23
CA GLU M 229 -90.12 -80.15 -13.95
C GLU M 229 -90.11 -79.19 -12.76
N THR M 230 -90.13 -77.88 -13.01
CA THR M 230 -90.15 -76.92 -11.92
C THR M 230 -90.75 -75.61 -12.43
N THR M 231 -91.40 -74.87 -11.53
CA THR M 231 -92.10 -73.64 -11.84
C THR M 231 -91.20 -72.41 -11.86
N MET M 232 -89.91 -72.56 -11.61
CA MET M 232 -89.01 -71.43 -11.50
C MET M 232 -88.15 -71.30 -12.76
N SER M 233 -87.55 -70.12 -12.92
CA SER M 233 -86.86 -69.77 -14.15
C SER M 233 -85.36 -70.12 -14.07
N TYR M 234 -84.74 -70.19 -15.25
CA TYR M 234 -83.32 -70.50 -15.34
C TYR M 234 -82.48 -69.46 -14.62
N LEU M 235 -82.84 -68.18 -14.77
CA LEU M 235 -82.08 -67.12 -14.11
C LEU M 235 -82.18 -67.24 -12.59
N ASP M 236 -83.37 -67.56 -12.09
CA ASP M 236 -83.54 -67.76 -10.65
C ASP M 236 -82.72 -68.95 -10.17
N TYR M 237 -82.69 -70.03 -10.96
CA TYR M 237 -81.88 -71.20 -10.59
C TYR M 237 -80.40 -70.84 -10.55
N PHE M 238 -79.93 -70.07 -11.53
CA PHE M 238 -78.53 -69.67 -11.56
C PHE M 238 -78.19 -68.80 -10.36
N LYS M 239 -79.09 -67.86 -10.00
CA LYS M 239 -78.85 -67.04 -8.81
C LYS M 239 -78.84 -67.88 -7.54
N SER M 240 -79.73 -68.87 -7.44
CA SER M 240 -79.73 -69.73 -6.26
C SER M 240 -78.43 -70.53 -6.17
N GLN M 241 -77.92 -71.01 -7.31
CA GLN M 241 -76.69 -71.80 -7.30
C GLN M 241 -75.48 -70.94 -6.99
N ASN M 242 -75.41 -69.73 -7.54
CA ASN M 242 -74.26 -68.84 -7.37
C ASN M 242 -74.73 -67.57 -6.69
N SER M 243 -74.59 -67.53 -5.37
CA SER M 243 -74.89 -66.34 -4.60
C SER M 243 -73.73 -65.36 -4.66
N GLY M 244 -74.04 -64.07 -4.55
CA GLY M 244 -73.03 -63.05 -4.58
C GLY M 244 -72.52 -62.67 -5.96
N ILE M 245 -73.28 -62.92 -7.01
CA ILE M 245 -72.91 -62.59 -8.38
C ILE M 245 -74.02 -61.75 -8.99
N GLU M 246 -73.64 -60.75 -9.78
CA GLU M 246 -74.60 -59.82 -10.39
C GLU M 246 -74.59 -59.96 -11.89
N ILE M 247 -75.77 -60.11 -12.49
CA ILE M 247 -75.94 -60.25 -13.92
C ILE M 247 -76.66 -59.01 -14.44
N ASP M 248 -76.06 -58.34 -15.41
CA ASP M 248 -76.61 -57.10 -15.96
C ASP M 248 -76.51 -57.11 -17.49
N SER M 249 -77.01 -56.03 -18.08
CA SER M 249 -77.10 -55.91 -19.53
C SER M 249 -76.44 -54.61 -19.99
N ILE M 250 -75.73 -54.68 -21.10
CA ILE M 250 -75.06 -53.55 -21.71
C ILE M 250 -75.39 -53.53 -23.20
N ALA M 251 -75.70 -52.35 -23.72
CA ALA M 251 -76.08 -52.24 -25.13
C ALA M 251 -74.88 -52.38 -26.06
N GLU M 252 -73.69 -51.94 -25.63
CA GLU M 252 -72.53 -52.00 -26.49
C GLU M 252 -72.10 -53.43 -26.80
N LEU M 253 -72.62 -54.42 -26.09
CA LEU M 253 -72.32 -55.82 -26.39
C LEU M 253 -73.11 -56.35 -27.57
N GLU M 254 -74.05 -55.57 -28.11
CA GLU M 254 -74.85 -56.02 -29.25
C GLU M 254 -74.00 -56.24 -30.50
N ASP M 255 -72.83 -55.61 -30.58
CA ASP M 255 -71.93 -55.80 -31.71
C ASP M 255 -70.51 -55.56 -31.23
N ILE M 256 -69.63 -56.55 -31.42
CA ILE M 256 -68.27 -56.45 -30.95
C ILE M 256 -67.25 -56.32 -32.07
N ASP M 257 -67.54 -56.77 -33.29
CA ASP M 257 -66.62 -56.65 -34.41
C ASP M 257 -67.15 -55.76 -35.52
N GLY M 258 -68.32 -55.15 -35.35
CA GLY M 258 -68.90 -54.31 -36.38
C GLY M 258 -69.65 -55.04 -37.47
N ALA M 259 -69.85 -56.36 -37.32
CA ALA M 259 -70.54 -57.16 -38.33
C ALA M 259 -71.75 -57.89 -37.77
N GLY M 260 -72.10 -57.67 -36.52
CA GLY M 260 -73.27 -58.31 -35.95
C GLY M 260 -72.95 -59.58 -35.17
N THR M 261 -71.94 -59.51 -34.31
CA THR M 261 -71.57 -60.61 -33.43
C THR M 261 -71.67 -60.17 -31.98
N LYS M 262 -72.42 -60.91 -31.19
CA LYS M 262 -72.64 -60.57 -29.80
C LYS M 262 -71.55 -61.17 -28.91
N GLY M 263 -71.48 -60.67 -27.68
CA GLY M 263 -70.47 -61.14 -26.74
C GLY M 263 -70.96 -61.03 -25.31
N VAL M 264 -70.47 -61.94 -24.48
CA VAL M 264 -70.80 -61.98 -23.06
C VAL M 264 -69.52 -61.80 -22.26
N LEU M 265 -69.58 -61.00 -21.19
CA LEU M 265 -68.39 -60.65 -20.43
C LEU M 265 -68.54 -61.17 -19.00
N VAL M 266 -67.55 -61.92 -18.53
CA VAL M 266 -67.52 -62.38 -17.14
C VAL M 266 -66.25 -61.88 -16.50
N TYR M 267 -66.37 -61.15 -15.39
CA TYR M 267 -65.18 -60.53 -14.82
C TYR M 267 -65.39 -60.26 -13.33
N GLU M 268 -64.30 -59.83 -12.69
CA GLU M 268 -64.29 -59.42 -11.29
C GLU M 268 -64.09 -57.91 -11.23
N LYS M 269 -65.01 -57.21 -10.57
CA LYS M 269 -64.94 -55.76 -10.46
C LYS M 269 -64.09 -55.38 -9.25
N ASN M 270 -62.94 -54.77 -9.51
CA ASN M 270 -62.03 -54.32 -8.46
C ASN M 270 -61.03 -53.35 -9.09
N PRO M 271 -60.74 -52.22 -8.45
CA PRO M 271 -59.79 -51.25 -9.03
C PRO M 271 -58.39 -51.80 -9.23
N MET M 272 -58.07 -52.97 -8.69
CA MET M 272 -56.76 -53.57 -8.89
C MET M 272 -56.63 -54.29 -10.22
N ASN M 273 -57.74 -54.54 -10.91
CA ASN M 273 -57.73 -55.28 -12.16
C ASN M 273 -57.91 -54.40 -13.39
N MET M 274 -58.96 -53.59 -13.43
CA MET M 274 -59.21 -52.72 -14.57
C MET M 274 -59.51 -51.32 -14.06
N SER M 275 -59.11 -50.32 -14.85
CA SER M 275 -59.23 -48.95 -14.40
C SER M 275 -59.47 -48.03 -15.59
N ILE M 276 -60.19 -46.94 -15.31
CA ILE M 276 -60.37 -45.83 -16.22
C ILE M 276 -59.96 -44.56 -15.49
N GLU M 277 -59.13 -43.74 -16.13
CA GLU M 277 -58.57 -42.55 -15.51
C GLU M 277 -59.09 -41.29 -16.19
N ILE M 278 -59.50 -40.31 -15.38
CA ILE M 278 -59.91 -39.00 -15.87
C ILE M 278 -59.13 -37.94 -15.11
N PRO M 279 -57.86 -37.68 -15.48
CA PRO M 279 -57.07 -36.70 -14.72
C PRO M 279 -57.67 -35.32 -14.68
N GLU M 280 -58.29 -34.86 -15.77
CA GLU M 280 -58.85 -33.52 -15.85
C GLU M 280 -60.32 -33.63 -16.23
N ALA M 281 -61.18 -33.06 -15.39
CA ALA M 281 -62.61 -33.11 -15.62
C ALA M 281 -63.03 -32.06 -16.63
N PHE M 282 -64.28 -32.17 -17.11
CA PHE M 282 -64.81 -31.23 -18.07
C PHE M 282 -64.89 -29.83 -17.49
N ASN M 283 -64.47 -28.84 -18.27
CA ASN M 283 -64.48 -27.46 -17.83
C ASN M 283 -64.72 -26.55 -19.02
N MET M 284 -65.14 -25.32 -18.73
CA MET M 284 -65.43 -24.32 -19.74
C MET M 284 -64.38 -23.21 -19.67
N LEU M 285 -63.73 -22.95 -20.79
CA LEU M 285 -62.74 -21.89 -20.86
C LEU M 285 -63.40 -20.54 -21.06
N PRO M 286 -62.73 -19.45 -20.68
CA PRO M 286 -63.33 -18.12 -20.84
C PRO M 286 -63.64 -17.81 -22.30
N ALA M 287 -64.74 -17.11 -22.50
CA ALA M 287 -65.19 -16.80 -23.85
C ALA M 287 -64.29 -15.75 -24.49
N GLN M 288 -63.84 -16.04 -25.71
CA GLN M 288 -63.03 -15.10 -26.49
C GLN M 288 -63.96 -14.25 -27.33
N PRO M 289 -63.97 -12.92 -27.15
CA PRO M 289 -64.85 -12.08 -27.97
C PRO M 289 -64.24 -11.78 -29.33
N LYS M 290 -65.10 -11.62 -30.31
CA LYS M 290 -64.73 -11.21 -31.66
C LYS M 290 -65.55 -9.99 -32.05
N ASP M 291 -65.55 -9.67 -33.34
CA ASP M 291 -66.20 -8.48 -33.87
C ASP M 291 -67.59 -8.25 -33.25
N LEU M 292 -68.51 -9.20 -33.42
CA LEU M 292 -69.82 -9.07 -32.79
C LEU M 292 -70.33 -10.40 -32.22
N HIS M 293 -69.45 -11.39 -32.06
CA HIS M 293 -69.84 -12.68 -31.50
C HIS M 293 -68.71 -13.19 -30.63
N PHE M 294 -68.94 -14.34 -29.98
CA PHE M 294 -68.01 -14.93 -29.04
C PHE M 294 -67.66 -16.35 -29.45
N LYS M 295 -66.65 -16.90 -28.78
CA LYS M 295 -66.27 -18.29 -28.98
C LYS M 295 -65.92 -18.89 -27.63
N VAL M 296 -66.51 -20.04 -27.31
CA VAL M 296 -66.32 -20.68 -26.01
C VAL M 296 -65.78 -22.09 -26.25
N PRO M 297 -64.52 -22.37 -25.92
CA PRO M 297 -63.99 -23.73 -26.05
C PRO M 297 -64.15 -24.56 -24.79
N CYS M 298 -63.97 -25.87 -24.96
CA CYS M 298 -64.05 -26.83 -23.86
C CYS M 298 -62.93 -27.86 -24.02
N THR M 299 -62.59 -28.52 -22.92
CA THR M 299 -61.54 -29.53 -22.96
C THR M 299 -61.67 -30.46 -21.77
N SER M 300 -61.00 -31.61 -21.86
CA SER M 300 -60.96 -32.60 -20.79
C SER M 300 -59.85 -33.59 -21.12
N LYS M 301 -59.57 -34.49 -20.19
CA LYS M 301 -58.52 -35.49 -20.37
C LYS M 301 -59.03 -36.87 -19.97
N CYS M 302 -58.44 -37.90 -20.56
CA CYS M 302 -58.82 -39.27 -20.30
C CYS M 302 -57.68 -40.17 -20.74
N THR M 303 -57.79 -41.46 -20.38
CA THR M 303 -56.77 -42.44 -20.73
C THR M 303 -57.37 -43.64 -21.46
N GLY M 304 -58.62 -43.96 -21.15
CA GLY M 304 -59.25 -45.15 -21.64
C GLY M 304 -59.30 -46.23 -20.58
N LEU M 305 -59.26 -47.48 -21.05
CA LEU M 305 -59.30 -48.63 -20.17
C LEU M 305 -57.92 -49.27 -20.06
N THR M 306 -57.47 -49.53 -18.84
CA THR M 306 -56.21 -50.20 -18.59
C THR M 306 -56.46 -51.44 -17.75
N ILE M 307 -55.90 -52.57 -18.18
CA ILE M 307 -56.09 -53.84 -17.50
C ILE M 307 -54.73 -54.24 -16.91
N TYR M 308 -54.57 -54.02 -15.62
CA TYR M 308 -53.30 -54.36 -14.96
C TYR M 308 -53.16 -55.87 -14.80
N ARG M 309 -54.23 -56.55 -14.37
CA ARG M 309 -54.21 -57.98 -14.10
C ARG M 309 -55.16 -58.68 -15.07
N PRO M 310 -54.66 -59.23 -16.17
CA PRO M 310 -55.52 -60.01 -17.06
C PRO M 310 -55.86 -61.35 -16.45
N MET M 311 -56.55 -62.20 -17.21
CA MET M 311 -57.02 -63.53 -16.82
C MET M 311 -58.19 -63.46 -15.85
N THR M 312 -58.57 -62.28 -15.39
CA THR M 312 -59.80 -62.09 -14.62
C THR M 312 -60.96 -61.65 -15.49
N ILE M 313 -60.79 -61.67 -16.81
CA ILE M 313 -61.82 -61.30 -17.76
C ILE M 313 -61.97 -62.44 -18.76
N VAL M 314 -63.20 -62.90 -18.97
CA VAL M 314 -63.49 -63.94 -19.94
C VAL M 314 -64.53 -63.40 -20.91
N LEU M 315 -64.24 -63.52 -22.20
CA LEU M 315 -65.10 -63.01 -23.26
C LEU M 315 -65.65 -64.18 -24.06
N ILE M 316 -66.95 -64.41 -23.96
CA ILE M 316 -67.63 -65.45 -24.72
C ILE M 316 -68.12 -64.83 -26.01
N THR M 317 -67.57 -65.30 -27.14
CA THR M 317 -67.85 -64.73 -28.45
C THR M 317 -68.83 -65.60 -29.21
N GLY M 318 -69.51 -64.97 -30.17
CA GLY M 318 -70.47 -65.68 -31.00
C GLY M 318 -71.69 -66.17 -30.25
N VAL M 319 -72.27 -65.33 -29.40
CA VAL M 319 -73.49 -65.69 -28.69
C VAL M 319 -74.69 -65.02 -29.32
N GLN N 3 -0.70 -106.83 67.22
CA GLN N 3 -1.05 -108.18 66.79
C GLN N 3 -1.89 -108.16 65.53
N ILE N 4 -2.11 -109.33 64.94
CA ILE N 4 -2.87 -109.47 63.70
C ILE N 4 -4.08 -110.33 63.99
N ASN N 5 -5.28 -109.80 63.71
CA ASN N 5 -6.50 -110.56 63.91
C ASN N 5 -6.69 -111.56 62.78
N ALA N 6 -7.49 -112.59 63.04
CA ALA N 6 -7.71 -113.66 62.08
C ALA N 6 -9.19 -114.01 61.99
N SER N 7 -9.58 -114.51 60.81
CA SER N 7 -10.91 -115.02 60.56
C SER N 7 -10.78 -116.29 59.73
N TYR N 8 -11.66 -117.26 59.99
CA TYR N 8 -11.56 -118.57 59.36
C TYR N 8 -12.86 -118.92 58.65
N GLN N 9 -12.79 -119.96 57.82
CA GLN N 9 -13.93 -120.37 56.99
C GLN N 9 -13.97 -121.89 56.91
N ARG N 10 -15.18 -122.43 56.88
CA ARG N 10 -15.39 -123.87 56.77
C ARG N 10 -16.74 -124.12 56.10
N ASP N 11 -16.83 -125.21 55.35
CA ASP N 11 -18.02 -125.49 54.55
C ASP N 11 -18.69 -126.78 55.00
N MET N 12 -20.02 -126.77 55.01
CA MET N 12 -20.78 -127.94 55.41
C MET N 12 -20.80 -128.98 54.29
N ALA N 13 -21.15 -130.21 54.67
CA ALA N 13 -21.28 -131.27 53.69
C ALA N 13 -22.57 -131.11 52.89
N ILE N 14 -22.57 -131.65 51.68
CA ILE N 14 -23.68 -131.50 50.75
C ILE N 14 -24.90 -132.30 51.20
N ALA N 15 -24.71 -133.57 51.57
CA ALA N 15 -25.85 -134.42 51.89
C ALA N 15 -25.38 -135.61 52.71
N LEU N 16 -26.35 -136.41 53.13
CA LEU N 16 -26.18 -137.62 53.91
C LEU N 16 -26.86 -138.78 53.19
N PRO N 17 -26.44 -140.02 53.44
CA PRO N 17 -27.06 -141.16 52.76
C PRO N 17 -28.55 -141.24 53.04
N GLY N 18 -29.32 -141.52 52.01
CA GLY N 18 -30.76 -141.66 52.13
C GLY N 18 -31.53 -140.36 52.20
N MET N 19 -30.86 -139.22 52.02
CA MET N 19 -31.54 -137.93 52.08
C MET N 19 -32.21 -137.61 50.75
N VAL N 20 -33.39 -137.00 50.82
CA VAL N 20 -34.06 -136.53 49.62
C VAL N 20 -33.32 -135.31 49.08
N ALA N 21 -33.00 -135.32 47.79
CA ALA N 21 -32.17 -134.27 47.23
C ALA N 21 -32.99 -133.02 46.90
N ASP N 22 -33.95 -133.15 46.00
CA ASP N 22 -34.75 -132.03 45.54
C ASP N 22 -36.21 -132.22 45.90
N THR N 23 -36.95 -131.12 45.89
CA THR N 23 -38.40 -131.15 46.15
C THR N 23 -39.16 -131.17 44.82
N SER N 24 -38.88 -132.20 44.01
CA SER N 24 -39.38 -132.27 42.65
C SER N 24 -40.15 -133.57 42.43
N LYS N 25 -41.46 -133.54 42.69
CA LYS N 25 -42.40 -134.55 42.23
C LYS N 25 -42.02 -135.94 42.75
N TYR N 26 -42.08 -136.07 44.08
CA TYR N 26 -41.72 -137.33 44.73
C TYR N 26 -42.97 -138.08 45.17
N ASN N 27 -42.76 -139.33 45.59
CA ASN N 27 -43.83 -140.21 46.01
C ASN N 27 -43.29 -141.18 47.04
N ILE N 28 -43.88 -141.16 48.24
CA ILE N 28 -43.47 -142.00 49.35
C ILE N 28 -44.63 -142.92 49.72
N ASP N 29 -44.35 -144.22 49.80
CA ASP N 29 -45.36 -145.22 50.15
C ASP N 29 -45.15 -145.64 51.60
N GLY N 30 -46.19 -145.49 52.42
CA GLY N 30 -46.11 -145.84 53.83
C GLY N 30 -46.75 -147.15 54.23
N ALA N 31 -47.48 -147.80 53.33
CA ALA N 31 -48.16 -149.06 53.65
C ALA N 31 -47.27 -150.25 53.33
N CYS N 32 -46.06 -150.22 53.89
CA CYS N 32 -45.08 -151.29 53.69
C CYS N 32 -44.55 -151.75 55.03
N VAL N 33 -44.23 -153.04 55.11
CA VAL N 33 -43.66 -153.63 56.31
C VAL N 33 -42.46 -154.49 55.91
N VAL N 34 -41.47 -154.54 56.80
CA VAL N 34 -40.19 -155.18 56.52
C VAL N 34 -40.19 -156.60 57.07
N ASN N 35 -39.55 -157.52 56.34
CA ASN N 35 -39.41 -158.90 56.76
C ASN N 35 -37.96 -159.33 56.61
N GLU N 36 -37.55 -160.26 57.48
CA GLU N 36 -36.30 -160.99 57.33
C GLU N 36 -35.09 -160.07 57.30
N GLY N 37 -34.86 -159.37 58.40
CA GLY N 37 -33.61 -158.66 58.57
C GLY N 37 -33.70 -157.15 58.69
N ASP N 38 -32.62 -156.47 58.31
CA ASP N 38 -32.48 -155.04 58.47
C ASP N 38 -32.29 -154.38 57.11
N VAL N 39 -32.67 -153.11 57.03
CA VAL N 39 -32.54 -152.32 55.80
C VAL N 39 -31.74 -151.07 56.13
N LEU N 40 -30.62 -150.89 55.44
CA LEU N 40 -29.81 -149.69 55.60
C LEU N 40 -30.47 -148.51 54.88
N VAL N 41 -30.52 -147.36 55.55
CA VAL N 41 -31.10 -146.16 54.96
C VAL N 41 -30.22 -145.74 53.79
N GLY N 42 -30.77 -145.79 52.58
CA GLY N 42 -30.04 -145.47 51.38
C GLY N 42 -29.75 -146.64 50.46
N ALA N 43 -30.41 -147.77 50.63
CA ALA N 43 -30.17 -148.95 49.82
C ALA N 43 -31.49 -149.42 49.21
N ALA N 44 -31.40 -150.04 48.03
CA ALA N 44 -32.58 -150.48 47.32
C ALA N 44 -33.30 -151.60 48.06
N VAL N 45 -34.59 -151.74 47.79
CA VAL N 45 -35.44 -152.73 48.44
C VAL N 45 -36.27 -153.44 47.38
N GLN N 46 -36.79 -154.61 47.75
CA GLN N 46 -37.58 -155.44 46.86
C GLN N 46 -38.87 -155.87 47.55
N VAL N 47 -39.94 -155.94 46.78
CA VAL N 47 -41.26 -156.35 47.26
C VAL N 47 -41.42 -157.83 47.01
N VAL N 48 -41.82 -158.57 48.05
CA VAL N 48 -41.99 -160.01 47.94
C VAL N 48 -43.47 -160.42 47.95
N GLN N 49 -44.37 -159.59 48.48
CA GLN N 49 -45.78 -159.94 48.55
C GLN N 49 -46.58 -158.68 48.81
N ALA N 50 -47.67 -158.52 48.07
CA ALA N 50 -48.63 -157.45 48.28
C ALA N 50 -49.95 -158.08 48.72
N GLN N 51 -50.34 -157.84 49.97
CA GLN N 51 -51.53 -158.48 50.51
C GLN N 51 -52.77 -158.04 49.74
N ALA N 52 -53.60 -159.01 49.38
CA ALA N 52 -54.74 -158.73 48.50
C ALA N 52 -55.80 -157.92 49.21
N VAL N 53 -56.06 -158.20 50.49
CA VAL N 53 -57.15 -157.60 51.22
C VAL N 53 -56.67 -156.48 52.14
N ASP N 54 -55.72 -156.77 53.03
CA ASP N 54 -55.27 -155.77 53.99
C ASP N 54 -54.55 -154.61 53.30
N GLY N 55 -53.81 -154.90 52.23
CA GLY N 55 -53.21 -153.86 51.43
C GLY N 55 -51.79 -153.49 51.76
N HIS N 56 -51.19 -154.10 52.79
CA HIS N 56 -49.81 -153.84 53.14
C HIS N 56 -48.88 -154.64 52.25
N LYS N 57 -47.76 -154.01 51.88
CA LYS N 57 -46.77 -154.62 51.00
C LYS N 57 -45.57 -155.08 51.81
N LEU N 58 -45.14 -156.32 51.57
CA LEU N 58 -44.02 -156.89 52.31
C LEU N 58 -42.74 -156.64 51.52
N VAL N 59 -41.76 -156.05 52.18
CA VAL N 59 -40.55 -155.57 51.53
C VAL N 59 -39.34 -156.07 52.31
N LYS N 60 -38.23 -156.24 51.61
CA LYS N 60 -36.97 -156.62 52.25
C LYS N 60 -35.81 -156.09 51.42
N ALA N 61 -34.60 -156.43 51.83
CA ALA N 61 -33.41 -155.96 51.16
C ALA N 61 -33.25 -156.63 49.80
N LEU N 62 -32.53 -155.95 48.91
CA LEU N 62 -32.34 -156.48 47.57
C LEU N 62 -31.43 -157.70 47.59
N THR N 63 -31.78 -158.71 46.79
CA THR N 63 -30.95 -159.89 46.64
C THR N 63 -30.66 -160.14 45.17
N THR N 64 -29.95 -161.23 44.87
CA THR N 64 -29.53 -161.49 43.50
C THR N 64 -30.70 -161.92 42.63
N GLY N 65 -30.67 -161.47 41.37
CA GLY N 65 -31.65 -161.90 40.39
C GLY N 65 -33.08 -161.49 40.69
N THR N 66 -33.30 -160.26 41.14
CA THR N 66 -34.63 -159.74 41.43
C THR N 66 -34.77 -158.34 40.85
N THR N 67 -35.92 -157.72 41.11
CA THR N 67 -36.23 -156.40 40.58
C THR N 67 -36.37 -155.40 41.72
N PRO N 68 -35.62 -154.29 41.72
CA PRO N 68 -35.77 -153.30 42.78
C PRO N 68 -37.08 -152.55 42.67
N TYR N 69 -37.52 -152.00 43.80
CA TYR N 69 -38.78 -151.28 43.86
C TYR N 69 -38.66 -149.85 44.36
N GLY N 70 -37.76 -149.58 45.30
CA GLY N 70 -37.67 -148.24 45.85
C GLY N 70 -36.40 -148.09 46.67
N VAL N 71 -36.33 -146.98 47.41
CA VAL N 71 -35.17 -146.63 48.20
C VAL N 71 -35.64 -146.21 49.59
N ALA N 72 -35.02 -146.77 50.62
CA ALA N 72 -35.31 -146.32 51.98
C ALA N 72 -34.79 -144.89 52.18
N ILE N 73 -35.59 -144.06 52.83
CA ILE N 73 -35.25 -142.65 53.02
C ILE N 73 -34.98 -142.41 54.50
N ARG N 74 -34.50 -141.20 54.79
CA ARG N 74 -34.00 -140.84 56.10
C ARG N 74 -35.07 -140.09 56.90
N SER N 75 -35.44 -140.65 58.05
CA SER N 75 -36.39 -140.01 58.96
C SER N 75 -35.86 -140.12 60.38
N HIS N 76 -36.12 -139.09 61.18
CA HIS N 76 -35.59 -139.00 62.54
C HIS N 76 -36.47 -139.69 63.57
N TRP N 77 -37.61 -140.24 63.18
CA TRP N 77 -38.57 -140.80 64.12
C TRP N 77 -38.87 -142.27 63.90
N GLN N 78 -38.99 -142.70 62.64
CA GLN N 78 -39.36 -144.07 62.33
C GLN N 78 -38.20 -145.04 62.40
N THR N 79 -36.96 -144.55 62.52
CA THR N 79 -35.77 -145.37 62.40
C THR N 79 -35.16 -145.65 63.77
N VAL N 80 -34.13 -146.49 63.77
CA VAL N 80 -33.36 -146.79 64.98
C VAL N 80 -31.88 -146.67 64.66
N ASN N 81 -31.09 -146.31 65.67
CA ASN N 81 -29.65 -146.11 65.50
C ASN N 81 -28.88 -147.33 66.02
N ALA N 82 -28.29 -148.08 65.09
CA ALA N 82 -27.50 -149.26 65.42
C ALA N 82 -26.28 -149.30 64.53
N GLN N 83 -25.21 -149.91 65.04
CA GLN N 83 -23.88 -149.85 64.40
C GLN N 83 -23.51 -148.43 64.00
N ASN N 84 -23.87 -147.46 64.86
CA ASN N 84 -23.57 -146.05 64.65
C ASN N 84 -24.14 -145.54 63.33
N GLN N 85 -25.22 -146.15 62.85
CA GLN N 85 -25.87 -145.71 61.64
C GLN N 85 -27.37 -145.87 61.79
N MET N 86 -28.12 -145.17 60.95
CA MET N 86 -29.57 -145.15 61.08
C MET N 86 -30.19 -146.16 60.12
N ILE N 87 -31.03 -147.04 60.66
CA ILE N 87 -31.57 -148.18 59.93
C ILE N 87 -33.05 -148.36 60.25
N TYR N 88 -33.69 -149.24 59.48
CA TYR N 88 -35.06 -149.68 59.70
C TYR N 88 -35.04 -151.10 60.24
N GLU N 89 -35.63 -151.30 61.41
CA GLU N 89 -35.61 -152.62 62.02
C GLU N 89 -36.71 -153.51 61.45
N ASP N 90 -36.60 -154.80 61.74
CA ASP N 90 -37.57 -155.77 61.27
C ASP N 90 -38.92 -155.57 61.96
N GLY N 91 -40.00 -155.93 61.25
CA GLY N 91 -41.32 -155.83 61.82
C GLY N 91 -41.79 -154.42 62.10
N GLY N 92 -41.43 -153.45 61.26
CA GLY N 92 -41.85 -152.08 61.45
C GLY N 92 -42.15 -151.41 60.13
N ALA N 93 -42.95 -150.35 60.21
CA ALA N 93 -43.31 -149.60 59.01
C ALA N 93 -42.10 -148.87 58.47
N ILE N 94 -42.04 -148.74 57.14
CA ILE N 94 -40.89 -148.19 56.46
C ILE N 94 -41.36 -147.14 55.45
N ASN N 95 -40.51 -146.14 55.21
CA ASN N 95 -40.75 -145.12 54.20
C ASN N 95 -39.98 -145.49 52.95
N VAL N 96 -40.70 -145.74 51.85
CA VAL N 96 -40.10 -146.19 50.60
C VAL N 96 -40.40 -145.14 49.54
N MET N 97 -39.35 -144.62 48.91
CA MET N 97 -39.47 -143.65 47.84
C MET N 97 -39.61 -144.39 46.50
N THR N 98 -40.76 -144.21 45.84
CA THR N 98 -41.00 -144.90 44.59
C THR N 98 -40.63 -144.08 43.35
N SER N 99 -40.54 -142.75 43.48
CA SER N 99 -40.18 -141.90 42.34
C SER N 99 -39.72 -140.56 42.88
N GLY N 100 -38.76 -139.95 42.20
CA GLY N 100 -38.25 -138.66 42.62
C GLY N 100 -36.75 -138.59 42.43
N ARG N 101 -36.09 -137.88 43.33
CA ARG N 101 -34.63 -137.78 43.34
C ARG N 101 -34.14 -138.05 44.75
N VAL N 102 -33.14 -138.93 44.88
CA VAL N 102 -32.67 -139.36 46.19
C VAL N 102 -31.15 -139.52 46.17
N TRP N 103 -30.56 -139.55 47.36
CA TRP N 103 -29.15 -139.86 47.51
C TRP N 103 -28.99 -141.33 47.90
N MET N 104 -28.02 -142.00 47.29
CA MET N 104 -27.83 -143.43 47.43
C MET N 104 -26.38 -143.74 47.74
N LEU N 105 -26.18 -144.75 48.60
CA LEU N 105 -24.85 -145.27 48.84
C LEU N 105 -24.28 -145.89 47.57
N SER N 106 -22.98 -145.72 47.37
CA SER N 106 -22.33 -146.18 46.16
C SER N 106 -21.08 -146.96 46.49
N LYS N 107 -20.67 -147.83 45.56
CA LYS N 107 -19.46 -148.61 45.69
C LYS N 107 -18.45 -148.33 44.58
N SER N 108 -18.74 -147.39 43.69
CA SER N 108 -17.88 -147.09 42.56
C SER N 108 -16.82 -146.05 42.94
N THR N 109 -15.88 -145.82 42.03
CA THR N 109 -14.83 -144.84 42.21
C THR N 109 -14.72 -143.83 41.07
N GLU N 110 -15.45 -144.03 39.97
CA GLU N 110 -15.41 -143.15 38.82
C GLU N 110 -16.74 -142.40 38.70
N ALA N 111 -16.66 -141.13 38.34
CA ALA N 111 -17.86 -140.30 38.26
C ALA N 111 -18.78 -140.83 37.14
N PRO N 112 -20.09 -140.79 37.35
CA PRO N 112 -21.01 -141.32 36.35
C PRO N 112 -21.33 -140.29 35.27
N THR N 113 -22.02 -140.76 34.23
CA THR N 113 -22.45 -139.92 33.13
C THR N 113 -23.93 -139.62 33.28
N PHE N 114 -24.29 -138.35 33.10
CA PHE N 114 -25.68 -137.93 33.25
C PHE N 114 -26.57 -138.64 32.25
N GLY N 115 -27.73 -139.10 32.71
CA GLY N 115 -28.73 -139.69 31.84
C GLY N 115 -28.55 -141.18 31.58
N SER N 116 -27.48 -141.78 32.07
CA SER N 116 -27.25 -143.20 31.82
C SER N 116 -27.96 -144.06 32.85
N ALA N 117 -28.23 -145.31 32.46
CA ALA N 117 -28.95 -146.22 33.33
C ALA N 117 -28.14 -146.58 34.56
N VAL N 118 -28.84 -146.96 35.63
CA VAL N 118 -28.21 -147.29 36.91
C VAL N 118 -28.20 -148.80 37.07
N LYS N 119 -27.05 -149.36 37.41
CA LYS N 119 -26.88 -150.78 37.66
C LYS N 119 -26.53 -150.98 39.13
N LEU N 120 -27.24 -151.88 39.80
CA LEU N 120 -27.06 -152.10 41.22
C LEU N 120 -26.29 -153.39 41.48
N ASP N 121 -25.67 -153.46 42.66
CA ASP N 121 -25.01 -154.67 43.10
C ASP N 121 -26.05 -155.60 43.72
N VAL N 122 -25.60 -156.72 44.30
CA VAL N 122 -26.51 -157.71 44.85
C VAL N 122 -26.88 -157.43 46.30
N ASP N 123 -26.42 -156.32 46.86
CA ASP N 123 -26.77 -155.95 48.24
C ASP N 123 -27.54 -154.63 48.30
N GLY N 124 -28.06 -154.14 47.19
CA GLY N 124 -28.85 -152.93 47.17
C GLY N 124 -28.06 -151.64 47.05
N GLN N 125 -26.74 -151.71 46.92
CA GLN N 125 -25.90 -150.54 46.78
C GLN N 125 -25.47 -150.37 45.33
N GLU N 126 -25.43 -149.13 44.87
CA GLU N 126 -25.11 -148.85 43.48
C GLU N 126 -23.65 -149.22 43.18
N LYS N 127 -23.42 -149.72 41.97
CA LYS N 127 -22.08 -150.08 41.53
C LYS N 127 -21.97 -149.78 40.03
N SER N 128 -20.77 -149.34 39.62
CA SER N 128 -20.54 -149.05 38.20
C SER N 128 -20.73 -150.29 37.34
N ASP N 129 -20.26 -151.44 37.83
CA ASP N 129 -20.40 -152.71 37.11
C ASP N 129 -21.27 -153.63 37.97
N GLY N 130 -22.59 -153.52 37.79
CA GLY N 130 -23.54 -154.36 38.47
C GLY N 130 -24.08 -155.45 37.56
N THR N 131 -24.96 -156.27 38.14
CA THR N 131 -25.57 -157.37 37.42
C THR N 131 -27.08 -157.31 37.39
N ILE N 132 -27.70 -156.35 38.08
CA ILE N 132 -29.14 -156.18 38.10
C ILE N 132 -29.47 -154.87 37.39
N GLU N 133 -30.23 -154.97 36.31
CA GLU N 133 -30.57 -153.82 35.49
C GLU N 133 -31.88 -153.20 35.97
N THR N 134 -31.91 -151.87 36.03
CA THR N 134 -33.09 -151.12 36.46
C THR N 134 -33.51 -150.17 35.36
N THR N 135 -34.49 -149.32 35.68
CA THR N 135 -34.92 -148.25 34.79
C THR N 135 -34.59 -146.87 35.34
N TRP N 136 -33.96 -146.81 36.52
CA TRP N 136 -33.61 -145.54 37.14
C TRP N 136 -32.45 -144.89 36.39
N THR N 137 -32.23 -143.60 36.67
CA THR N 137 -31.19 -142.86 35.98
C THR N 137 -30.35 -142.06 36.97
N TYR N 138 -29.27 -141.48 36.48
CA TYR N 138 -28.44 -140.60 37.29
C TYR N 138 -28.89 -139.15 37.13
N ALA N 139 -28.78 -138.38 38.21
CA ALA N 139 -29.13 -136.97 38.18
C ALA N 139 -27.91 -136.06 38.13
N GLY N 140 -26.70 -136.62 38.11
CA GLY N 140 -25.49 -135.85 37.97
C GLY N 140 -24.76 -135.55 39.27
N GLY N 141 -25.44 -135.66 40.41
CA GLY N 141 -24.79 -135.38 41.68
C GLY N 141 -23.75 -136.44 42.01
N TRP N 142 -22.64 -135.98 42.60
CA TRP N 142 -21.55 -136.88 42.96
C TRP N 142 -20.73 -136.20 44.06
N THR N 143 -20.85 -136.70 45.29
CA THR N 143 -20.18 -136.09 46.43
C THR N 143 -19.66 -137.19 47.33
N LYS N 144 -19.09 -136.80 48.47
CA LYS N 144 -18.45 -137.74 49.38
C LYS N 144 -18.47 -137.15 50.78
N TYR N 145 -19.00 -137.89 51.74
CA TYR N 145 -19.13 -137.43 53.11
C TYR N 145 -18.28 -138.29 54.04
N LYS N 146 -17.14 -137.77 54.47
CA LYS N 146 -16.29 -138.39 55.48
C LYS N 146 -16.02 -139.86 55.15
N ASP N 147 -15.51 -140.08 53.94
CA ASP N 147 -15.22 -141.41 53.42
C ASP N 147 -16.50 -142.25 53.34
N ILE N 148 -17.49 -141.72 52.61
CA ILE N 148 -18.70 -142.42 52.22
C ILE N 148 -19.11 -141.88 50.87
N GLN N 149 -19.26 -142.76 49.88
CA GLN N 149 -19.58 -142.34 48.52
C GLN N 149 -21.08 -142.31 48.29
N LEU N 150 -21.59 -141.16 47.85
CA LEU N 150 -23.01 -140.97 47.56
C LEU N 150 -23.20 -140.59 46.10
N VAL N 151 -24.31 -141.04 45.52
CA VAL N 151 -24.66 -140.69 44.15
C VAL N 151 -26.13 -140.29 44.12
N GLU N 152 -26.48 -139.40 43.19
CA GLU N 152 -27.83 -138.86 43.10
C GLU N 152 -28.61 -139.59 42.02
N VAL N 153 -29.69 -140.26 42.42
CA VAL N 153 -30.44 -141.16 41.56
C VAL N 153 -31.84 -140.61 41.33
N GLN N 154 -32.27 -140.60 40.07
CA GLN N 154 -33.62 -140.27 39.66
C GLN N 154 -34.41 -141.56 39.53
N LEU N 155 -35.50 -141.65 40.29
CA LEU N 155 -36.34 -142.83 40.40
C LEU N 155 -37.61 -142.63 39.59
N HIS N 156 -37.87 -143.53 38.65
CA HIS N 156 -39.10 -143.54 37.88
C HIS N 156 -40.08 -144.54 38.47
N GLN N 157 -41.36 -144.21 38.42
CA GLN N 157 -42.38 -145.08 38.99
C GLN N 157 -42.46 -146.39 38.23
N LEU N 158 -42.52 -147.50 38.97
CA LEU N 158 -42.61 -148.82 38.37
C LEU N 158 -44.00 -149.04 37.78
N GLN O 3 -80.62 -94.28 9.52
CA GLN O 3 -79.45 -95.10 9.79
C GLN O 3 -79.70 -96.06 10.95
N ILE O 4 -79.16 -97.27 10.83
CA ILE O 4 -79.32 -98.32 11.83
C ILE O 4 -77.97 -98.67 12.40
N ASN O 5 -77.91 -98.81 13.72
CA ASN O 5 -76.66 -99.14 14.39
C ASN O 5 -76.30 -100.60 14.20
N ALA O 6 -75.05 -100.94 14.53
CA ALA O 6 -74.53 -102.28 14.32
C ALA O 6 -73.60 -102.67 15.46
N SER O 7 -73.40 -103.97 15.62
CA SER O 7 -72.48 -104.51 16.60
C SER O 7 -71.58 -105.54 15.93
N TYR O 8 -70.35 -105.68 16.45
CA TYR O 8 -69.35 -106.55 15.88
C TYR O 8 -68.84 -107.51 16.94
N GLN O 9 -68.09 -108.52 16.50
CA GLN O 9 -67.61 -109.57 17.38
C GLN O 9 -66.25 -110.06 16.89
N ARG O 10 -65.34 -110.29 17.83
CA ARG O 10 -64.00 -110.76 17.51
C ARG O 10 -63.64 -111.90 18.44
N ASP O 11 -62.75 -112.78 17.98
CA ASP O 11 -62.36 -113.97 18.70
C ASP O 11 -60.90 -113.85 19.14
N MET O 12 -60.65 -114.22 20.39
CA MET O 12 -59.30 -114.16 20.94
C MET O 12 -58.45 -115.30 20.40
N ALA O 13 -57.13 -115.12 20.49
CA ALA O 13 -56.22 -116.18 20.12
C ALA O 13 -56.18 -117.26 21.21
N ILE O 14 -55.58 -118.40 20.87
CA ILE O 14 -55.64 -119.54 21.77
C ILE O 14 -54.37 -119.65 22.60
N ALA O 15 -53.21 -119.63 21.96
CA ALA O 15 -51.97 -119.94 22.64
C ALA O 15 -50.84 -119.07 22.12
N LEU O 16 -49.71 -119.14 22.82
CA LEU O 16 -48.48 -118.44 22.50
C LEU O 16 -47.34 -119.45 22.53
N PRO O 17 -46.25 -119.18 21.82
CA PRO O 17 -45.10 -120.10 21.87
C PRO O 17 -44.58 -120.26 23.28
N GLY O 18 -44.25 -121.50 23.63
CA GLY O 18 -43.69 -121.77 24.94
C GLY O 18 -44.61 -121.45 26.11
N MET O 19 -45.90 -121.78 25.98
CA MET O 19 -46.87 -121.55 27.03
C MET O 19 -47.34 -122.88 27.59
N VAL O 20 -47.57 -122.92 28.90
CA VAL O 20 -48.12 -124.12 29.52
C VAL O 20 -49.58 -124.26 29.13
N ALA O 21 -49.93 -125.40 28.53
CA ALA O 21 -51.27 -125.58 27.96
C ALA O 21 -52.34 -125.53 29.03
N ASP O 22 -52.17 -126.27 30.12
CA ASP O 22 -53.16 -126.33 31.17
C ASP O 22 -52.47 -126.70 32.48
N THR O 23 -53.28 -126.90 33.53
CA THR O 23 -52.79 -127.12 34.88
C THR O 23 -52.62 -128.60 35.22
N SER O 24 -52.37 -129.44 34.23
CA SER O 24 -52.12 -130.84 34.49
C SER O 24 -50.81 -130.99 35.27
N LYS O 25 -50.49 -132.23 35.63
CA LYS O 25 -49.32 -132.52 36.47
C LYS O 25 -48.06 -132.11 35.73
N TYR O 26 -47.40 -131.05 36.19
CA TYR O 26 -46.23 -130.50 35.53
C TYR O 26 -45.05 -130.44 36.49
N ASN O 27 -43.88 -130.14 35.93
CA ASN O 27 -42.64 -130.05 36.69
C ASN O 27 -41.65 -129.21 35.90
N ILE O 28 -41.07 -128.20 36.56
CA ILE O 28 -40.19 -127.25 35.89
C ILE O 28 -38.89 -127.15 36.67
N ASP O 29 -37.77 -127.36 35.99
CA ASP O 29 -36.44 -127.21 36.57
C ASP O 29 -35.97 -125.79 36.33
N GLY O 30 -35.70 -125.06 37.41
CA GLY O 30 -35.18 -123.71 37.33
C GLY O 30 -33.75 -123.53 37.78
N ALA O 31 -33.09 -124.58 38.23
CA ALA O 31 -31.69 -124.52 38.67
C ALA O 31 -30.74 -124.79 37.52
N CYS O 32 -31.21 -124.61 36.29
CA CYS O 32 -30.40 -124.75 35.09
C CYS O 32 -29.80 -123.40 34.72
N VAL O 33 -28.87 -123.43 33.76
CA VAL O 33 -28.25 -122.21 33.26
C VAL O 33 -27.85 -122.40 31.81
N VAL O 34 -28.05 -121.35 31.00
CA VAL O 34 -27.76 -121.41 29.58
C VAL O 34 -26.25 -121.29 29.36
N ASN O 35 -25.74 -122.03 28.38
CA ASN O 35 -24.33 -122.05 28.06
C ASN O 35 -24.13 -121.72 26.60
N GLU O 36 -23.19 -120.83 26.31
CA GLU O 36 -22.71 -120.50 24.97
C GLU O 36 -23.83 -120.30 23.93
N GLY O 37 -24.69 -119.32 24.15
CA GLY O 37 -25.65 -118.95 23.14
C GLY O 37 -26.93 -118.45 23.76
N ASP O 38 -27.98 -118.47 22.95
CA ASP O 38 -29.31 -118.04 23.37
C ASP O 38 -30.35 -119.06 22.90
N VAL O 39 -31.48 -119.10 23.61
CA VAL O 39 -32.53 -120.08 23.37
C VAL O 39 -33.82 -119.33 23.05
N LEU O 40 -34.48 -119.73 21.97
CA LEU O 40 -35.80 -119.21 21.65
C LEU O 40 -36.84 -119.88 22.54
N VAL O 41 -37.75 -119.08 23.08
CA VAL O 41 -38.81 -119.62 23.94
C VAL O 41 -39.73 -120.48 23.07
N GLY O 42 -39.98 -121.70 23.52
CA GLY O 42 -40.81 -122.63 22.78
C GLY O 42 -40.04 -123.68 21.99
N ALA O 43 -38.72 -123.77 22.15
CA ALA O 43 -37.91 -124.75 21.45
C ALA O 43 -37.24 -125.67 22.45
N ALA O 44 -36.77 -126.81 21.95
CA ALA O 44 -36.16 -127.81 22.82
C ALA O 44 -34.72 -127.44 23.15
N VAL O 45 -34.26 -127.90 24.31
CA VAL O 45 -32.91 -127.66 24.78
C VAL O 45 -32.26 -128.99 25.09
N GLN O 46 -30.96 -128.94 25.41
CA GLN O 46 -30.20 -130.13 25.76
C GLN O 46 -29.27 -129.81 26.92
N VAL O 47 -28.88 -130.85 27.65
CA VAL O 47 -27.96 -130.75 28.76
C VAL O 47 -26.59 -131.22 28.29
N VAL O 48 -25.56 -130.40 28.51
CA VAL O 48 -24.22 -130.73 28.04
C VAL O 48 -23.34 -131.18 29.20
N GLN O 49 -23.58 -130.64 30.40
CA GLN O 49 -22.74 -130.97 31.55
C GLN O 49 -23.51 -130.66 32.82
N ALA O 50 -23.43 -131.56 33.80
CA ALA O 50 -24.01 -131.37 35.11
C ALA O 50 -22.89 -131.28 36.14
N GLN O 51 -22.87 -130.21 36.92
CA GLN O 51 -21.83 -130.02 37.92
C GLN O 51 -21.97 -131.04 39.03
N ALA O 52 -20.84 -131.56 39.51
CA ALA O 52 -20.88 -132.68 40.45
C ALA O 52 -21.30 -132.24 41.84
N VAL O 53 -20.82 -131.08 42.31
CA VAL O 53 -21.04 -130.68 43.68
C VAL O 53 -21.81 -129.35 43.74
N ASP O 54 -21.67 -128.54 42.69
CA ASP O 54 -22.35 -127.24 42.69
C ASP O 54 -23.84 -127.39 42.46
N GLY O 55 -24.25 -128.26 41.55
CA GLY O 55 -25.64 -128.60 41.37
C GLY O 55 -26.32 -127.99 40.17
N HIS O 56 -25.72 -127.02 39.50
CA HIS O 56 -26.34 -126.43 38.33
C HIS O 56 -26.13 -127.32 37.10
N LYS O 57 -27.04 -127.19 36.14
CA LYS O 57 -27.00 -127.94 34.90
C LYS O 57 -26.81 -127.00 33.72
N LEU O 58 -25.81 -127.30 32.89
CA LEU O 58 -25.49 -126.49 31.73
C LEU O 58 -26.36 -126.96 30.56
N VAL O 59 -27.15 -126.03 30.01
CA VAL O 59 -28.06 -126.36 28.92
C VAL O 59 -27.80 -125.42 27.76
N LYS O 60 -28.18 -125.87 26.56
CA LYS O 60 -28.01 -125.06 25.36
C LYS O 60 -28.99 -125.54 24.31
N ALA O 61 -28.93 -124.88 23.14
CA ALA O 61 -29.87 -125.17 22.07
C ALA O 61 -29.63 -126.56 21.50
N LEU O 62 -30.72 -127.18 21.02
CA LEU O 62 -30.63 -128.52 20.47
C LEU O 62 -29.83 -128.52 19.18
N THR O 63 -29.02 -129.56 18.99
CA THR O 63 -28.20 -129.69 17.79
C THR O 63 -28.37 -131.06 17.16
N THR O 64 -27.57 -131.37 16.15
CA THR O 64 -27.70 -132.63 15.43
C THR O 64 -27.10 -133.79 16.23
N GLY O 65 -27.76 -134.94 16.13
CA GLY O 65 -27.26 -136.15 16.76
C GLY O 65 -27.15 -136.09 18.27
N THR O 66 -28.17 -135.54 18.93
CA THR O 66 -28.18 -135.40 20.38
C THR O 66 -29.56 -135.77 20.93
N THR O 67 -29.70 -135.64 22.24
CA THR O 67 -30.91 -136.04 22.94
C THR O 67 -31.53 -134.84 23.65
N PRO O 68 -32.80 -134.54 23.40
CA PRO O 68 -33.42 -133.38 24.06
C PRO O 68 -33.72 -133.66 25.52
N TYR O 69 -33.90 -132.56 26.28
CA TYR O 69 -34.18 -132.63 27.70
C TYR O 69 -35.47 -131.94 28.12
N GLY O 70 -35.78 -130.79 27.55
CA GLY O 70 -36.99 -130.07 27.92
C GLY O 70 -37.30 -128.97 26.95
N VAL O 71 -38.31 -128.17 27.29
CA VAL O 71 -38.78 -127.08 26.45
C VAL O 71 -38.88 -125.82 27.30
N ALA O 72 -38.35 -124.71 26.80
CA ALA O 72 -38.42 -123.45 27.52
C ALA O 72 -39.85 -122.93 27.59
N ILE O 73 -40.14 -122.14 28.63
CA ILE O 73 -41.47 -121.61 28.85
C ILE O 73 -41.39 -120.11 29.06
N ARG O 74 -42.53 -119.44 28.86
CA ARG O 74 -42.58 -117.99 28.92
C ARG O 74 -42.43 -117.49 30.35
N SER O 75 -41.83 -116.32 30.49
CA SER O 75 -41.75 -115.63 31.77
C SER O 75 -41.56 -114.15 31.52
N HIS O 76 -42.34 -113.31 32.19
CA HIS O 76 -42.28 -111.88 31.95
C HIS O 76 -41.18 -111.20 32.74
N TRP O 77 -40.44 -111.96 33.56
CA TRP O 77 -39.39 -111.39 34.40
C TRP O 77 -38.01 -111.95 34.11
N GLN O 78 -37.91 -113.19 33.64
CA GLN O 78 -36.63 -113.88 33.50
C GLN O 78 -36.15 -113.96 32.06
N THR O 79 -36.78 -113.21 31.15
CA THR O 79 -36.47 -113.29 29.74
C THR O 79 -36.05 -111.91 29.23
N VAL O 80 -35.56 -111.88 27.99
CA VAL O 80 -35.15 -110.65 27.35
C VAL O 80 -35.80 -110.57 25.97
N ASN O 81 -36.04 -109.35 25.50
CA ASN O 81 -36.73 -109.11 24.24
C ASN O 81 -35.69 -108.86 23.17
N ALA O 82 -35.67 -109.70 22.14
CA ALA O 82 -34.66 -109.61 21.09
C ALA O 82 -35.19 -110.23 19.80
N GLN O 83 -34.75 -109.66 18.68
CA GLN O 83 -35.26 -109.94 17.32
C GLN O 83 -36.77 -110.19 17.34
N ASN O 84 -37.50 -109.21 17.89
CA ASN O 84 -38.95 -109.19 17.94
C ASN O 84 -39.55 -110.44 18.58
N GLN O 85 -38.82 -111.11 19.46
CA GLN O 85 -39.29 -112.26 20.20
C GLN O 85 -38.76 -112.23 21.63
N MET O 86 -39.02 -113.31 22.35
CA MET O 86 -38.65 -113.45 23.75
C MET O 86 -37.67 -114.61 23.86
N ILE O 87 -36.50 -114.36 24.46
CA ILE O 87 -35.43 -115.34 24.51
C ILE O 87 -34.80 -115.34 25.90
N TYR O 88 -33.97 -116.35 26.14
CA TYR O 88 -33.10 -116.42 27.30
C TYR O 88 -31.67 -116.20 26.84
N GLU O 89 -30.97 -115.26 27.48
CA GLU O 89 -29.65 -114.86 27.03
C GLU O 89 -28.58 -115.77 27.63
N ASP O 90 -27.34 -115.60 27.16
CA ASP O 90 -26.22 -116.37 27.67
C ASP O 90 -25.89 -115.97 29.09
N GLY O 91 -25.44 -116.93 29.89
CA GLY O 91 -25.10 -116.67 31.28
C GLY O 91 -26.26 -116.24 32.14
N GLY O 92 -27.39 -116.93 32.06
CA GLY O 92 -28.54 -116.60 32.87
C GLY O 92 -29.37 -117.82 33.17
N ALA O 93 -30.20 -117.70 34.20
CA ALA O 93 -31.06 -118.80 34.61
C ALA O 93 -32.16 -119.02 33.58
N ILE O 94 -32.65 -120.25 33.50
CA ILE O 94 -33.66 -120.65 32.53
C ILE O 94 -34.64 -121.60 33.17
N ASN O 95 -35.93 -121.42 32.85
CA ASN O 95 -36.97 -122.34 33.29
C ASN O 95 -37.18 -123.39 32.19
N VAL O 96 -36.90 -124.65 32.51
CA VAL O 96 -37.07 -125.73 31.55
C VAL O 96 -38.15 -126.67 32.08
N MET O 97 -39.25 -126.78 31.36
CA MET O 97 -40.36 -127.63 31.74
C MET O 97 -40.08 -129.05 31.27
N THR O 98 -40.06 -129.99 32.22
CA THR O 98 -39.61 -131.35 31.93
C THR O 98 -40.74 -132.33 31.68
N SER O 99 -41.92 -132.11 32.26
CA SER O 99 -43.04 -133.03 32.07
C SER O 99 -44.33 -132.25 32.18
N GLY O 100 -45.26 -132.50 31.24
CA GLY O 100 -46.52 -131.80 31.19
C GLY O 100 -46.83 -131.34 29.78
N ARG O 101 -47.91 -130.58 29.64
CA ARG O 101 -48.39 -130.16 28.32
C ARG O 101 -47.91 -128.74 28.03
N VAL O 102 -47.44 -128.52 26.80
CA VAL O 102 -46.86 -127.23 26.44
C VAL O 102 -47.09 -126.96 24.96
N TRP O 103 -47.26 -125.69 24.62
CA TRP O 103 -47.33 -125.25 23.23
C TRP O 103 -45.93 -124.92 22.75
N MET O 104 -45.54 -125.51 21.62
CA MET O 104 -44.19 -125.27 21.09
C MET O 104 -44.27 -125.01 19.59
N LEU O 105 -43.23 -124.35 19.10
CA LEU O 105 -43.16 -123.98 17.69
C LEU O 105 -43.12 -125.22 16.81
N SER O 106 -43.66 -125.10 15.61
CA SER O 106 -43.69 -126.22 14.67
C SER O 106 -43.32 -125.74 13.28
N LYS O 107 -42.80 -126.67 12.47
CA LYS O 107 -42.48 -126.43 11.08
C LYS O 107 -43.31 -127.30 10.15
N SER O 108 -44.27 -128.05 10.67
CA SER O 108 -45.09 -128.94 9.87
C SER O 108 -46.18 -128.15 9.15
N THR O 109 -46.95 -128.87 8.32
CA THR O 109 -48.03 -128.28 7.55
C THR O 109 -49.38 -128.92 7.79
N GLU O 110 -49.43 -130.22 8.06
CA GLU O 110 -50.69 -130.93 8.27
C GLU O 110 -50.84 -131.34 9.72
N ALA O 111 -52.09 -131.51 10.15
CA ALA O 111 -52.37 -131.80 11.55
C ALA O 111 -51.80 -133.16 11.94
N PRO O 112 -51.39 -133.33 13.19
CA PRO O 112 -50.84 -134.61 13.64
C PRO O 112 -51.93 -135.52 14.22
N THR O 113 -51.53 -136.75 14.50
CA THR O 113 -52.43 -137.75 15.04
C THR O 113 -52.26 -137.84 16.56
N PHE O 114 -53.37 -137.94 17.28
CA PHE O 114 -53.32 -137.97 18.74
C PHE O 114 -52.66 -139.25 19.23
N GLY O 115 -51.58 -139.09 19.98
CA GLY O 115 -50.88 -140.22 20.58
C GLY O 115 -49.63 -140.66 19.86
N SER O 116 -49.26 -140.02 18.76
CA SER O 116 -48.07 -140.42 18.02
C SER O 116 -46.83 -139.74 18.60
N ALA O 117 -45.67 -140.33 18.31
CA ALA O 117 -44.41 -139.79 18.81
C ALA O 117 -44.05 -138.50 18.08
N VAL O 118 -43.22 -137.69 18.72
CA VAL O 118 -42.84 -136.38 18.20
C VAL O 118 -41.41 -136.45 17.68
N LYS O 119 -41.22 -135.97 16.46
CA LYS O 119 -39.90 -135.90 15.83
C LYS O 119 -39.48 -134.45 15.71
N LEU O 120 -38.29 -134.14 16.22
CA LEU O 120 -37.77 -132.78 16.25
C LEU O 120 -36.73 -132.58 15.16
N ASP O 121 -36.65 -131.35 14.67
CA ASP O 121 -35.65 -130.98 13.68
C ASP O 121 -34.34 -130.65 14.39
N VAL O 122 -33.28 -130.48 13.60
CA VAL O 122 -31.95 -130.24 14.17
C VAL O 122 -31.91 -128.91 14.92
N ASP O 123 -32.76 -127.95 14.54
CA ASP O 123 -32.76 -126.64 15.18
C ASP O 123 -33.65 -126.57 16.41
N GLY O 124 -34.36 -127.65 16.74
CA GLY O 124 -35.09 -127.72 17.99
C GLY O 124 -36.57 -127.45 17.94
N GLN O 125 -37.16 -127.31 16.76
CA GLN O 125 -38.61 -127.14 16.64
C GLN O 125 -39.23 -128.38 16.00
N GLU O 126 -40.49 -128.63 16.35
CA GLU O 126 -41.19 -129.80 15.85
C GLU O 126 -41.33 -129.74 14.34
N LYS O 127 -41.08 -130.88 13.69
CA LYS O 127 -41.29 -131.02 12.25
C LYS O 127 -41.52 -132.47 11.94
N SER O 128 -42.52 -132.74 11.09
CA SER O 128 -42.79 -134.12 10.68
C SER O 128 -41.61 -134.66 9.89
N ASP O 129 -41.49 -135.99 9.90
CA ASP O 129 -40.42 -136.77 9.26
C ASP O 129 -39.02 -136.21 9.53
N GLY O 130 -38.84 -135.56 10.67
CA GLY O 130 -37.54 -135.08 11.07
C GLY O 130 -36.64 -136.21 11.55
N THR O 131 -35.37 -135.86 11.77
CA THR O 131 -34.36 -136.86 12.11
C THR O 131 -34.41 -137.28 13.57
N ILE O 132 -34.42 -136.32 14.50
CA ILE O 132 -34.36 -136.64 15.92
C ILE O 132 -35.69 -137.23 16.35
N GLU O 133 -35.63 -138.31 17.12
CA GLU O 133 -36.80 -138.99 17.65
C GLU O 133 -36.84 -138.84 19.17
N THR O 134 -38.05 -138.70 19.71
CA THR O 134 -38.25 -138.50 21.14
C THR O 134 -39.28 -139.49 21.67
N THR O 135 -39.51 -139.45 22.98
CA THR O 135 -40.52 -140.25 23.63
C THR O 135 -41.75 -139.42 24.00
N TRP O 136 -41.81 -138.18 23.54
CA TRP O 136 -42.92 -137.29 23.82
C TRP O 136 -44.10 -137.64 22.92
N THR O 137 -45.27 -137.03 23.21
CA THR O 137 -46.45 -137.32 22.42
C THR O 137 -47.16 -136.03 22.02
N TYR O 138 -48.06 -136.13 21.06
CA TYR O 138 -48.95 -135.03 20.76
C TYR O 138 -50.20 -135.15 21.61
N ALA O 139 -50.64 -134.04 22.21
CA ALA O 139 -51.80 -134.11 23.08
C ALA O 139 -53.03 -133.41 22.49
N GLY O 140 -53.12 -133.34 21.17
CA GLY O 140 -54.32 -132.83 20.52
C GLY O 140 -54.38 -131.32 20.39
N GLY O 141 -53.37 -130.72 19.78
CA GLY O 141 -53.36 -129.29 19.59
C GLY O 141 -52.83 -128.88 18.23
N TRP O 142 -53.52 -127.95 17.59
CA TRP O 142 -53.10 -127.44 16.28
C TRP O 142 -53.77 -126.09 16.07
N THR O 143 -52.98 -125.03 16.07
CA THR O 143 -53.51 -123.69 15.86
C THR O 143 -52.40 -122.80 15.32
N LYS O 144 -52.79 -121.61 14.85
CA LYS O 144 -51.87 -120.63 14.30
C LYS O 144 -52.11 -119.28 14.96
N TYR O 145 -51.03 -118.59 15.30
CA TYR O 145 -51.09 -117.23 15.81
C TYR O 145 -50.34 -116.32 14.85
N LYS O 146 -51.07 -115.72 13.91
CA LYS O 146 -50.53 -114.69 13.03
C LYS O 146 -49.24 -115.13 12.34
N ASP O 147 -49.32 -116.16 11.50
CA ASP O 147 -48.25 -116.72 10.68
C ASP O 147 -47.27 -117.57 11.50
N ILE O 148 -47.56 -117.89 12.75
CA ILE O 148 -46.71 -118.72 13.59
C ILE O 148 -47.47 -120.00 13.90
N GLN O 149 -46.82 -121.15 13.68
CA GLN O 149 -47.47 -122.44 13.88
C GLN O 149 -47.09 -123.03 15.22
N LEU O 150 -48.10 -123.33 16.03
CA LEU O 150 -47.92 -123.93 17.34
C LEU O 150 -48.55 -125.31 17.38
N VAL O 151 -47.88 -126.23 18.08
CA VAL O 151 -48.39 -127.58 18.27
C VAL O 151 -48.29 -127.89 19.76
N GLU O 152 -49.24 -128.70 20.24
CA GLU O 152 -49.41 -128.90 21.68
C GLU O 152 -48.95 -130.31 22.07
N VAL O 153 -47.86 -130.37 22.83
CA VAL O 153 -47.07 -131.56 23.04
C VAL O 153 -47.07 -131.92 24.52
N GLN O 154 -47.17 -133.22 24.79
CA GLN O 154 -47.18 -133.75 26.15
C GLN O 154 -45.82 -134.41 26.42
N LEU O 155 -45.23 -134.06 27.56
CA LEU O 155 -43.84 -134.33 27.89
C LEU O 155 -43.76 -135.31 29.05
N HIS O 156 -43.05 -136.42 28.83
CA HIS O 156 -42.72 -137.37 29.88
C HIS O 156 -41.30 -137.12 30.35
N GLN O 157 -41.11 -137.12 31.67
CA GLN O 157 -39.80 -136.79 32.24
C GLN O 157 -38.76 -137.84 31.88
N LEU O 158 -37.58 -137.37 31.51
CA LEU O 158 -36.47 -138.25 31.19
C LEU O 158 -35.99 -139.00 32.43
N GLN P 3 -79.88 -167.55 80.53
CA GLN P 3 -79.62 -167.06 79.18
C GLN P 3 -78.24 -166.44 79.07
N ILE P 4 -77.60 -166.60 77.92
CA ILE P 4 -76.27 -166.07 77.66
C ILE P 4 -76.38 -165.04 76.53
N ASN P 5 -75.85 -163.85 76.77
CA ASN P 5 -75.95 -162.78 75.79
C ASN P 5 -75.02 -163.05 74.62
N ALA P 6 -75.28 -162.35 73.51
CA ALA P 6 -74.50 -162.48 72.29
C ALA P 6 -74.14 -161.10 71.74
N SER P 7 -72.99 -161.03 71.08
CA SER P 7 -72.52 -159.81 70.44
C SER P 7 -72.07 -160.14 69.03
N TYR P 8 -72.52 -159.33 68.07
CA TYR P 8 -72.32 -159.62 66.67
C TYR P 8 -71.51 -158.50 66.01
N GLN P 9 -70.70 -158.90 65.02
CA GLN P 9 -69.76 -157.99 64.39
C GLN P 9 -69.72 -158.29 62.89
N ARG P 10 -69.80 -157.22 62.09
CA ARG P 10 -69.71 -157.33 60.65
C ARG P 10 -68.73 -156.28 60.13
N ASP P 11 -68.01 -156.64 59.06
CA ASP P 11 -66.96 -155.81 58.50
C ASP P 11 -67.42 -155.13 57.21
N MET P 12 -66.93 -153.91 56.99
CA MET P 12 -67.27 -153.16 55.80
C MET P 12 -66.59 -153.75 54.57
N ALA P 13 -67.17 -153.47 53.40
CA ALA P 13 -66.53 -153.82 52.15
C ALA P 13 -65.35 -152.89 51.89
N ILE P 14 -64.42 -153.36 51.05
CA ILE P 14 -63.20 -152.62 50.81
C ILE P 14 -63.36 -151.55 49.74
N ALA P 15 -64.03 -151.88 48.62
CA ALA P 15 -64.02 -150.96 47.49
C ALA P 15 -65.29 -151.13 46.67
N LEU P 16 -65.53 -150.13 45.82
CA LEU P 16 -66.62 -150.08 44.86
C LEU P 16 -66.04 -149.94 43.47
N PRO P 17 -66.78 -150.36 42.43
CA PRO P 17 -66.27 -150.18 41.07
C PRO P 17 -66.02 -148.71 40.76
N GLY P 18 -64.89 -148.45 40.10
CA GLY P 18 -64.54 -147.10 39.70
C GLY P 18 -64.07 -146.19 40.80
N MET P 19 -63.80 -146.69 41.99
CA MET P 19 -63.36 -145.85 43.09
C MET P 19 -61.84 -145.74 43.10
N VAL P 20 -61.36 -144.54 43.44
CA VAL P 20 -59.92 -144.30 43.52
C VAL P 20 -59.35 -145.06 44.72
N ALA P 21 -58.32 -145.86 44.46
CA ALA P 21 -57.79 -146.75 45.51
C ALA P 21 -56.95 -145.99 46.53
N ASP P 22 -55.87 -145.36 46.08
CA ASP P 22 -54.96 -144.65 46.95
C ASP P 22 -54.79 -143.21 46.46
N THR P 23 -54.64 -142.30 47.41
CA THR P 23 -54.44 -140.89 47.10
C THR P 23 -52.95 -140.61 46.90
N SER P 24 -52.42 -141.18 45.81
CA SER P 24 -50.98 -141.14 45.54
C SER P 24 -50.76 -140.68 44.10
N LYS P 25 -50.70 -139.36 43.91
CA LYS P 25 -50.27 -138.74 42.66
C LYS P 25 -51.12 -139.19 41.47
N TYR P 26 -52.39 -138.82 41.51
CA TYR P 26 -53.32 -139.14 40.43
C TYR P 26 -53.40 -137.97 39.45
N ASN P 27 -54.20 -138.18 38.40
CA ASN P 27 -54.48 -137.12 37.43
C ASN P 27 -55.83 -137.39 36.80
N ILE P 28 -56.68 -136.37 36.76
CA ILE P 28 -58.05 -136.50 36.29
C ILE P 28 -58.27 -135.52 35.15
N ASP P 29 -58.82 -136.02 34.04
CA ASP P 29 -59.21 -135.20 32.90
C ASP P 29 -60.72 -135.06 32.94
N GLY P 30 -61.19 -133.82 33.04
CA GLY P 30 -62.59 -133.50 33.07
C GLY P 30 -63.11 -132.73 31.88
N ALA P 31 -62.29 -132.54 30.84
CA ALA P 31 -62.68 -131.82 29.64
C ALA P 31 -62.99 -132.77 28.49
N CYS P 32 -63.55 -133.94 28.79
CA CYS P 32 -63.94 -134.91 27.79
C CYS P 32 -65.46 -134.96 27.69
N VAL P 33 -65.94 -135.52 26.58
CA VAL P 33 -67.37 -135.65 26.34
C VAL P 33 -67.64 -137.03 25.75
N VAL P 34 -68.70 -137.68 26.23
CA VAL P 34 -69.06 -139.00 25.75
C VAL P 34 -69.79 -138.88 24.42
N ASN P 35 -69.42 -139.73 23.46
CA ASN P 35 -69.94 -139.65 22.10
C ASN P 35 -70.49 -141.00 21.69
N GLU P 36 -71.79 -141.04 21.40
CA GLU P 36 -72.42 -142.18 20.72
C GLU P 36 -72.22 -143.48 21.52
N GLY P 37 -72.82 -143.51 22.69
CA GLY P 37 -72.85 -144.71 23.49
C GLY P 37 -73.02 -144.39 24.95
N ASP P 38 -72.76 -145.40 25.79
CA ASP P 38 -72.81 -145.27 27.24
C ASP P 38 -71.53 -145.85 27.83
N VAL P 39 -71.05 -145.23 28.90
CA VAL P 39 -69.81 -145.62 29.56
C VAL P 39 -70.14 -146.01 30.99
N LEU P 40 -69.76 -147.23 31.38
CA LEU P 40 -69.92 -147.68 32.74
C LEU P 40 -68.76 -147.20 33.60
N VAL P 41 -69.02 -146.99 34.89
CA VAL P 41 -67.95 -146.66 35.82
C VAL P 41 -67.08 -147.89 36.02
N GLY P 42 -65.78 -147.67 36.14
CA GLY P 42 -64.84 -148.77 36.29
C GLY P 42 -64.52 -149.52 35.02
N ALA P 43 -64.68 -148.90 33.85
CA ALA P 43 -64.39 -149.52 32.58
C ALA P 43 -63.51 -148.60 31.74
N ALA P 44 -62.69 -149.19 30.89
CA ALA P 44 -61.78 -148.40 30.07
C ALA P 44 -62.54 -147.66 28.97
N VAL P 45 -61.93 -146.57 28.50
CA VAL P 45 -62.50 -145.75 27.44
C VAL P 45 -61.46 -145.58 26.34
N GLN P 46 -61.87 -144.93 25.26
CA GLN P 46 -60.99 -144.64 24.13
C GLN P 46 -61.33 -143.27 23.58
N VAL P 47 -60.34 -142.64 22.97
CA VAL P 47 -60.47 -141.30 22.40
C VAL P 47 -60.63 -141.42 20.89
N VAL P 48 -61.75 -140.93 20.37
CA VAL P 48 -62.04 -141.02 18.95
C VAL P 48 -61.40 -139.88 18.18
N GLN P 49 -61.61 -138.64 18.63
CA GLN P 49 -61.08 -137.48 17.95
C GLN P 49 -60.91 -136.35 18.95
N ALA P 50 -59.73 -135.73 18.94
CA ALA P 50 -59.44 -134.58 19.79
C ALA P 50 -59.52 -133.33 18.93
N GLN P 51 -60.39 -132.40 19.32
CA GLN P 51 -60.59 -131.18 18.54
C GLN P 51 -59.33 -130.34 18.53
N ALA P 52 -59.06 -129.71 17.38
CA ALA P 52 -57.81 -128.98 17.19
C ALA P 52 -57.78 -127.67 17.96
N VAL P 53 -58.88 -126.91 17.97
CA VAL P 53 -58.91 -125.58 18.56
C VAL P 53 -59.83 -125.51 19.77
N ASP P 54 -60.97 -126.21 19.72
CA ASP P 54 -61.91 -126.16 20.84
C ASP P 54 -61.31 -126.77 22.09
N GLY P 55 -60.62 -127.90 21.97
CA GLY P 55 -59.89 -128.50 23.06
C GLY P 55 -60.57 -129.69 23.72
N HIS P 56 -61.86 -129.88 23.48
CA HIS P 56 -62.55 -131.03 24.06
C HIS P 56 -62.11 -132.32 23.38
N LYS P 57 -62.24 -133.43 24.10
CA LYS P 57 -61.90 -134.75 23.59
C LYS P 57 -63.14 -135.64 23.58
N LEU P 58 -63.40 -136.26 22.43
CA LEU P 58 -64.53 -137.15 22.26
C LEU P 58 -64.10 -138.55 22.68
N VAL P 59 -64.82 -139.14 23.64
CA VAL P 59 -64.47 -140.46 24.16
C VAL P 59 -65.68 -141.37 24.04
N LYS P 60 -65.40 -142.68 23.99
CA LYS P 60 -66.46 -143.67 24.01
C LYS P 60 -65.92 -144.97 24.57
N ALA P 61 -66.80 -145.94 24.75
CA ALA P 61 -66.42 -147.22 25.34
C ALA P 61 -65.38 -147.92 24.46
N LEU P 62 -64.49 -148.67 25.11
CA LEU P 62 -63.43 -149.37 24.40
C LEU P 62 -64.01 -150.44 23.48
N THR P 63 -63.35 -150.65 22.35
CA THR P 63 -63.79 -151.67 21.40
C THR P 63 -62.59 -152.48 20.91
N THR P 64 -62.81 -153.32 19.91
CA THR P 64 -61.76 -154.19 19.41
C THR P 64 -60.66 -153.41 18.70
N GLY P 65 -59.42 -153.84 18.88
CA GLY P 65 -58.28 -153.30 18.16
C GLY P 65 -58.01 -151.83 18.36
N THR P 66 -58.03 -151.35 19.60
CA THR P 66 -57.76 -149.96 19.89
C THR P 66 -57.07 -149.84 21.24
N THR P 67 -56.21 -148.83 21.37
CA THR P 67 -55.45 -148.56 22.59
C THR P 67 -56.33 -147.81 23.59
N PRO P 68 -56.41 -148.27 24.83
CA PRO P 68 -57.20 -147.55 25.84
C PRO P 68 -56.53 -146.25 26.25
N TYR P 69 -57.31 -145.40 26.90
CA TYR P 69 -56.84 -144.09 27.35
C TYR P 69 -56.88 -143.91 28.86
N GLY P 70 -57.98 -144.30 29.50
CA GLY P 70 -58.10 -144.16 30.94
C GLY P 70 -59.31 -144.91 31.44
N VAL P 71 -59.62 -144.69 32.71
CA VAL P 71 -60.73 -145.36 33.39
C VAL P 71 -61.64 -144.31 34.00
N ALA P 72 -62.94 -144.43 33.75
CA ALA P 72 -63.91 -143.55 34.36
C ALA P 72 -64.00 -143.83 35.87
N ILE P 73 -64.37 -142.80 36.63
CA ILE P 73 -64.38 -142.90 38.09
C ILE P 73 -65.76 -142.52 38.61
N ARG P 74 -65.94 -142.71 39.91
CA ARG P 74 -67.22 -142.46 40.55
C ARG P 74 -67.46 -140.96 40.76
N SER P 75 -68.73 -140.58 40.75
CA SER P 75 -69.14 -139.21 41.04
C SER P 75 -70.64 -139.21 41.30
N HIS P 76 -71.05 -138.58 42.39
CA HIS P 76 -72.46 -138.52 42.77
C HIS P 76 -73.20 -137.38 42.10
N TRP P 77 -72.54 -136.61 41.24
CA TRP P 77 -73.16 -135.46 40.60
C TRP P 77 -73.23 -135.58 39.08
N GLN P 78 -72.14 -135.99 38.43
CA GLN P 78 -72.08 -136.01 36.98
C GLN P 78 -72.74 -137.22 36.35
N THR P 79 -73.03 -138.25 37.14
CA THR P 79 -73.50 -139.51 36.59
C THR P 79 -75.02 -139.61 36.65
N VAL P 80 -75.54 -140.73 36.13
CA VAL P 80 -76.96 -141.06 36.20
C VAL P 80 -77.09 -142.51 36.65
N ASN P 81 -78.29 -142.85 37.11
CA ASN P 81 -78.59 -144.20 37.57
C ASN P 81 -79.34 -144.95 36.48
N ALA P 82 -78.80 -146.09 36.06
CA ALA P 82 -79.42 -146.87 35.01
C ALA P 82 -78.91 -148.31 35.07
N GLN P 83 -79.80 -149.25 34.77
CA GLN P 83 -79.48 -150.68 34.77
C GLN P 83 -78.97 -151.15 36.13
N ASN P 84 -79.48 -150.54 37.19
CA ASN P 84 -79.04 -150.83 38.57
C ASN P 84 -77.54 -150.57 38.74
N GLN P 85 -77.00 -149.62 37.97
CA GLN P 85 -75.62 -149.19 38.08
C GLN P 85 -75.58 -147.67 37.95
N MET P 86 -74.38 -147.13 38.05
CA MET P 86 -74.12 -145.72 37.86
C MET P 86 -73.32 -145.55 36.57
N ILE P 87 -73.88 -144.82 35.61
CA ILE P 87 -73.30 -144.73 34.28
C ILE P 87 -73.22 -143.26 33.84
N TYR P 88 -72.43 -143.04 32.78
CA TYR P 88 -72.31 -141.75 32.13
C TYR P 88 -73.12 -141.77 30.84
N GLU P 89 -74.12 -140.89 30.74
CA GLU P 89 -74.97 -140.84 29.57
C GLU P 89 -74.28 -140.09 28.44
N ASP P 90 -74.81 -140.28 27.23
CA ASP P 90 -74.27 -139.62 26.05
C ASP P 90 -74.45 -138.11 26.16
N GLY P 91 -73.50 -137.39 25.57
CA GLY P 91 -73.55 -135.93 25.57
C GLY P 91 -73.39 -135.29 26.93
N GLY P 92 -72.45 -135.79 27.74
CA GLY P 92 -72.20 -135.20 29.04
C GLY P 92 -70.74 -135.33 29.40
N ALA P 93 -70.28 -134.42 30.26
CA ALA P 93 -68.90 -134.43 30.69
C ALA P 93 -68.61 -135.66 31.54
N ILE P 94 -67.42 -136.22 31.36
CA ILE P 94 -67.03 -137.48 31.99
C ILE P 94 -65.66 -137.30 32.64
N ASN P 95 -65.50 -137.87 33.83
CA ASN P 95 -64.24 -137.80 34.56
C ASN P 95 -63.40 -139.02 34.22
N VAL P 96 -62.31 -138.82 33.51
CA VAL P 96 -61.44 -139.92 33.08
C VAL P 96 -60.13 -139.81 33.84
N MET P 97 -59.79 -140.85 34.59
CA MET P 97 -58.57 -140.88 35.38
C MET P 97 -57.43 -141.39 34.51
N THR P 98 -56.42 -140.55 34.29
CA THR P 98 -55.33 -140.88 33.39
C THR P 98 -54.16 -141.58 34.07
N SER P 99 -53.81 -141.19 35.30
CA SER P 99 -52.69 -141.80 35.99
C SER P 99 -53.06 -141.97 37.46
N GLY P 100 -52.52 -143.01 38.09
CA GLY P 100 -52.76 -143.23 39.50
C GLY P 100 -53.08 -144.66 39.87
N ARG P 101 -53.96 -144.86 40.85
CA ARG P 101 -54.40 -146.19 41.25
C ARG P 101 -55.93 -146.19 41.31
N VAL P 102 -56.56 -147.23 40.77
CA VAL P 102 -58.02 -147.26 40.68
C VAL P 102 -58.52 -148.69 40.74
N TRP P 103 -59.72 -148.87 41.28
CA TRP P 103 -60.39 -150.17 41.27
C TRP P 103 -61.18 -150.33 39.97
N MET P 104 -60.97 -151.45 39.29
CA MET P 104 -61.55 -151.66 37.97
C MET P 104 -62.25 -153.01 37.94
N LEU P 105 -63.35 -153.06 37.19
CA LEU P 105 -64.11 -154.29 37.06
C LEU P 105 -63.29 -155.37 36.36
N SER P 106 -63.50 -156.62 36.77
CA SER P 106 -62.72 -157.73 36.26
C SER P 106 -63.64 -158.88 35.88
N LYS P 107 -63.13 -159.76 35.02
CA LYS P 107 -63.80 -161.00 34.68
C LYS P 107 -62.91 -162.21 34.88
N SER P 108 -61.82 -162.06 35.63
CA SER P 108 -60.88 -163.14 35.88
C SER P 108 -61.31 -163.94 37.10
N THR P 109 -60.52 -164.97 37.42
CA THR P 109 -60.79 -165.84 38.56
C THR P 109 -59.60 -166.02 39.50
N GLU P 110 -58.37 -165.87 39.02
CA GLU P 110 -57.18 -166.07 39.82
C GLU P 110 -56.54 -164.73 40.15
N ALA P 111 -55.89 -164.67 41.31
CA ALA P 111 -55.26 -163.43 41.74
C ALA P 111 -54.10 -163.07 40.82
N PRO P 112 -53.96 -161.81 40.43
CA PRO P 112 -52.88 -161.40 39.55
C PRO P 112 -51.56 -161.24 40.31
N THR P 113 -50.48 -161.29 39.54
CA THR P 113 -49.13 -161.14 40.09
C THR P 113 -48.78 -159.67 40.16
N PHE P 114 -48.16 -159.26 41.28
CA PHE P 114 -47.76 -157.87 41.45
C PHE P 114 -46.77 -157.45 40.37
N GLY P 115 -47.02 -156.29 39.77
CA GLY P 115 -46.14 -155.75 38.76
C GLY P 115 -46.33 -156.32 37.36
N SER P 116 -47.23 -157.27 37.19
CA SER P 116 -47.43 -157.90 35.89
C SER P 116 -48.21 -156.98 34.96
N ALA P 117 -48.13 -157.27 33.67
CA ALA P 117 -48.80 -156.47 32.66
C ALA P 117 -50.31 -156.69 32.70
N VAL P 118 -51.05 -155.70 32.23
CA VAL P 118 -52.52 -155.71 32.24
C VAL P 118 -53.02 -155.98 30.84
N LYS P 119 -53.93 -156.94 30.70
CA LYS P 119 -54.57 -157.25 29.43
C LYS P 119 -56.07 -157.04 29.58
N LEU P 120 -56.65 -156.30 28.64
CA LEU P 120 -58.07 -155.96 28.70
C LEU P 120 -58.85 -156.83 27.72
N ASP P 121 -60.17 -156.80 27.88
CA ASP P 121 -61.09 -157.53 27.00
C ASP P 121 -61.60 -156.61 25.90
N VAL P 122 -62.41 -157.18 25.01
CA VAL P 122 -63.02 -156.39 23.94
C VAL P 122 -63.98 -155.34 24.49
N ASP P 123 -64.79 -155.71 25.48
CA ASP P 123 -65.80 -154.78 25.99
C ASP P 123 -65.24 -153.71 26.89
N GLY P 124 -64.01 -153.87 27.37
CA GLY P 124 -63.36 -152.86 28.19
C GLY P 124 -63.19 -153.19 29.65
N GLN P 125 -63.22 -154.47 30.02
CA GLN P 125 -63.03 -154.90 31.39
C GLN P 125 -61.79 -155.78 31.48
N GLU P 126 -61.13 -155.74 32.63
CA GLU P 126 -59.89 -156.48 32.81
C GLU P 126 -60.13 -157.98 32.71
N LYS P 127 -59.23 -158.68 32.02
CA LYS P 127 -59.31 -160.13 31.88
C LYS P 127 -57.93 -160.71 32.04
N SER P 128 -57.86 -161.94 32.56
CA SER P 128 -56.57 -162.58 32.78
C SER P 128 -55.85 -162.83 31.46
N ASP P 129 -56.57 -163.26 30.44
CA ASP P 129 -56.02 -163.49 29.10
C ASP P 129 -56.78 -162.65 28.07
N GLY P 130 -56.35 -161.40 27.92
CA GLY P 130 -57.01 -160.49 27.01
C GLY P 130 -56.26 -160.32 25.69
N THR P 131 -56.96 -159.83 24.68
CA THR P 131 -56.38 -159.65 23.35
C THR P 131 -55.91 -158.23 23.11
N ILE P 132 -55.96 -157.35 24.11
CA ILE P 132 -55.52 -155.96 23.98
C ILE P 132 -54.38 -155.74 24.94
N GLU P 133 -53.23 -155.29 24.41
CA GLU P 133 -52.06 -155.04 25.22
C GLU P 133 -52.13 -153.64 25.81
N THR P 134 -51.67 -153.51 27.05
CA THR P 134 -51.78 -152.27 27.80
C THR P 134 -50.52 -152.06 28.63
N THR P 135 -50.20 -150.79 28.89
CA THR P 135 -49.01 -150.43 29.66
C THR P 135 -49.30 -150.24 31.15
N TRP P 136 -50.53 -150.50 31.59
CA TRP P 136 -50.86 -150.40 33.00
C TRP P 136 -50.34 -151.62 33.75
N THR P 137 -50.35 -151.54 35.08
CA THR P 137 -49.83 -152.63 35.90
C THR P 137 -50.84 -152.98 36.99
N TYR P 138 -50.65 -154.15 37.59
CA TYR P 138 -51.43 -154.54 38.75
C TYR P 138 -50.78 -153.99 40.02
N ALA P 139 -51.62 -153.53 40.94
CA ALA P 139 -51.12 -152.90 42.17
C ALA P 139 -51.25 -153.80 43.38
N GLY P 140 -51.82 -155.00 43.26
CA GLY P 140 -51.86 -155.98 44.31
C GLY P 140 -53.26 -156.29 44.83
N GLY P 141 -54.12 -155.28 44.91
CA GLY P 141 -55.44 -155.49 45.49
C GLY P 141 -56.27 -156.46 44.67
N TRP P 142 -57.02 -157.31 45.37
CA TRP P 142 -57.86 -158.31 44.70
C TRP P 142 -58.99 -158.68 45.67
N THR P 143 -60.19 -158.13 45.41
CA THR P 143 -61.32 -158.39 46.29
C THR P 143 -62.61 -158.57 45.49
N LYS P 144 -63.74 -158.59 46.19
CA LYS P 144 -65.03 -158.84 45.55
C LYS P 144 -66.12 -158.21 46.39
N TYR P 145 -67.07 -157.56 45.72
CA TYR P 145 -68.19 -156.89 46.37
C TYR P 145 -69.50 -157.50 45.86
N LYS P 146 -70.01 -158.48 46.60
CA LYS P 146 -71.31 -159.11 46.32
C LYS P 146 -71.40 -159.59 44.87
N ASP P 147 -70.56 -160.57 44.55
CA ASP P 147 -70.51 -161.23 43.25
C ASP P 147 -70.09 -160.26 42.15
N ILE P 148 -69.24 -159.28 42.47
CA ILE P 148 -68.60 -158.41 41.50
C ILE P 148 -67.11 -158.45 41.76
N GLN P 149 -66.32 -158.68 40.72
CA GLN P 149 -64.88 -158.85 40.87
C GLN P 149 -64.16 -157.54 40.59
N LEU P 150 -63.32 -157.12 41.51
CA LEU P 150 -62.58 -155.87 41.40
C LEU P 150 -61.08 -156.16 41.43
N VAL P 151 -60.32 -155.37 40.67
CA VAL P 151 -58.87 -155.48 40.64
C VAL P 151 -58.27 -154.09 40.68
N GLU P 152 -57.17 -153.94 41.42
CA GLU P 152 -56.54 -152.65 41.61
C GLU P 152 -55.45 -152.43 40.58
N VAL P 153 -55.57 -151.36 39.81
CA VAL P 153 -54.74 -151.12 38.63
C VAL P 153 -54.01 -149.80 38.79
N GLN P 154 -52.70 -149.83 38.52
CA GLN P 154 -51.84 -148.66 38.45
C GLN P 154 -51.79 -148.18 37.00
N LEU P 155 -52.20 -146.93 36.80
CA LEU P 155 -52.33 -146.31 35.48
C LEU P 155 -51.16 -145.36 35.25
N HIS P 156 -50.46 -145.54 34.13
CA HIS P 156 -49.39 -144.67 33.72
C HIS P 156 -49.88 -143.74 32.61
N GLN P 157 -49.39 -142.50 32.63
CA GLN P 157 -49.79 -141.53 31.62
C GLN P 157 -49.36 -142.00 30.23
N LEU P 158 -50.22 -141.76 29.25
CA LEU P 158 -49.94 -142.14 27.87
C LEU P 158 -48.69 -141.43 27.34
N GLN Q 3 -187.58 -140.91 35.95
CA GLN Q 3 -187.68 -142.12 35.14
C GLN Q 3 -186.51 -143.06 35.41
N ILE Q 4 -186.14 -143.84 34.40
CA ILE Q 4 -185.05 -144.80 34.49
C ILE Q 4 -183.80 -144.14 33.92
N ASN Q 5 -182.79 -143.98 34.77
CA ASN Q 5 -181.55 -143.34 34.36
C ASN Q 5 -180.63 -144.37 33.69
N ALA Q 6 -179.78 -143.87 32.80
CA ALA Q 6 -178.85 -144.70 32.06
C ALA Q 6 -177.45 -144.11 32.13
N SER Q 7 -176.47 -144.99 32.33
CA SER Q 7 -175.07 -144.61 32.36
C SER Q 7 -174.34 -145.37 31.27
N TYR Q 8 -173.46 -144.66 30.55
CA TYR Q 8 -172.78 -145.21 29.38
C TYR Q 8 -171.28 -145.27 29.66
N GLN Q 9 -170.59 -146.08 28.85
CA GLN Q 9 -169.16 -146.26 29.00
C GLN Q 9 -168.52 -146.33 27.63
N ARG Q 10 -167.43 -145.59 27.43
CA ARG Q 10 -166.66 -145.62 26.19
C ARG Q 10 -165.20 -145.84 26.53
N ASP Q 11 -164.55 -146.71 25.76
CA ASP Q 11 -163.15 -147.04 25.96
C ASP Q 11 -162.29 -146.19 25.02
N MET Q 12 -161.28 -145.52 25.57
CA MET Q 12 -160.40 -144.71 24.75
C MET Q 12 -159.43 -145.60 23.97
N ALA Q 13 -158.93 -145.03 22.88
CA ALA Q 13 -158.09 -145.79 21.96
C ALA Q 13 -156.75 -146.13 22.59
N ILE Q 14 -156.03 -147.06 21.95
CA ILE Q 14 -154.78 -147.58 22.51
C ILE Q 14 -153.54 -146.90 21.96
N ALA Q 15 -153.52 -146.51 20.68
CA ALA Q 15 -152.29 -145.99 20.10
C ALA Q 15 -152.61 -145.08 18.94
N LEU Q 16 -151.60 -144.34 18.52
CA LEU Q 16 -151.63 -143.41 17.40
C LEU Q 16 -150.44 -143.71 16.51
N PRO Q 17 -150.49 -143.31 15.24
CA PRO Q 17 -149.35 -143.56 14.35
C PRO Q 17 -148.08 -142.91 14.87
N GLY Q 18 -146.97 -143.64 14.79
CA GLY Q 18 -145.69 -143.12 15.20
C GLY Q 18 -145.56 -142.82 16.67
N MET Q 19 -146.16 -143.64 17.54
CA MET Q 19 -146.10 -143.44 18.98
C MET Q 19 -145.26 -144.55 19.62
N VAL Q 20 -144.46 -144.17 20.60
CA VAL Q 20 -143.65 -145.15 21.34
C VAL Q 20 -144.58 -146.05 22.15
N ALA Q 21 -144.35 -147.36 22.06
CA ALA Q 21 -145.27 -148.31 22.68
C ALA Q 21 -144.99 -148.48 24.17
N ASP Q 22 -143.79 -148.94 24.52
CA ASP Q 22 -143.42 -149.24 25.90
C ASP Q 22 -142.21 -148.41 26.29
N THR Q 23 -141.92 -148.39 27.59
CA THR Q 23 -140.79 -147.65 28.13
C THR Q 23 -139.58 -148.54 28.38
N SER Q 24 -139.37 -149.56 27.54
CA SER Q 24 -138.17 -150.38 27.63
C SER Q 24 -136.97 -149.60 27.09
N LYS Q 25 -135.84 -150.29 26.97
CA LYS Q 25 -134.65 -149.63 26.42
C LYS Q 25 -134.93 -149.18 24.99
N TYR Q 26 -134.54 -147.95 24.67
CA TYR Q 26 -134.80 -147.37 23.36
C TYR Q 26 -133.67 -146.39 23.02
N ASN Q 27 -133.52 -146.13 21.73
CA ASN Q 27 -132.51 -145.21 21.25
C ASN Q 27 -133.10 -144.34 20.14
N ILE Q 28 -132.98 -143.03 20.29
CA ILE Q 28 -133.55 -142.07 19.36
C ILE Q 28 -132.47 -141.12 18.89
N ASP Q 29 -132.23 -141.08 17.58
CA ASP Q 29 -131.27 -140.18 16.96
C ASP Q 29 -132.02 -138.92 16.54
N GLY Q 30 -131.54 -137.77 17.02
CA GLY Q 30 -132.12 -136.50 16.65
C GLY Q 30 -131.25 -135.64 15.75
N ALA Q 31 -130.01 -136.04 15.54
CA ALA Q 31 -129.11 -135.30 14.65
C ALA Q 31 -129.24 -135.83 13.21
N CYS Q 32 -130.47 -135.77 12.71
CA CYS Q 32 -130.79 -136.18 11.35
C CYS Q 32 -131.65 -135.09 10.70
N VAL Q 33 -131.47 -134.92 9.40
CA VAL Q 33 -132.16 -133.88 8.65
C VAL Q 33 -132.84 -134.49 7.44
N VAL Q 34 -134.06 -134.05 7.17
CA VAL Q 34 -134.82 -134.51 6.02
C VAL Q 34 -134.26 -133.85 4.77
N ASN Q 35 -133.89 -134.67 3.78
CA ASN Q 35 -133.20 -134.17 2.60
C ASN Q 35 -134.17 -133.76 1.49
N GLU Q 36 -135.07 -134.65 1.10
CA GLU Q 36 -136.01 -134.39 0.02
C GLU Q 36 -137.41 -134.82 0.41
N GLY Q 37 -138.40 -134.08 -0.06
CA GLY Q 37 -139.78 -134.45 0.16
C GLY Q 37 -140.23 -134.30 1.61
N ASP Q 38 -141.33 -134.98 1.91
CA ASP Q 38 -141.89 -135.01 3.26
C ASP Q 38 -141.95 -136.44 3.76
N VAL Q 39 -141.74 -136.60 5.06
CA VAL Q 39 -141.73 -137.90 5.71
C VAL Q 39 -142.90 -137.97 6.67
N LEU Q 40 -143.70 -139.04 6.55
CA LEU Q 40 -144.88 -139.21 7.39
C LEU Q 40 -144.45 -139.70 8.77
N VAL Q 41 -145.16 -139.22 9.79
CA VAL Q 41 -144.91 -139.69 11.15
C VAL Q 41 -145.48 -141.09 11.28
N GLY Q 42 -144.61 -142.10 11.30
CA GLY Q 42 -145.05 -143.47 11.37
C GLY Q 42 -144.65 -144.31 10.17
N ALA Q 43 -143.57 -143.92 9.50
CA ALA Q 43 -143.06 -144.63 8.35
C ALA Q 43 -141.53 -144.70 8.41
N ALA Q 44 -140.97 -145.69 7.73
CA ALA Q 44 -139.53 -145.91 7.75
C ALA Q 44 -138.81 -144.84 6.93
N VAL Q 45 -137.52 -144.68 7.23
CA VAL Q 45 -136.66 -143.71 6.56
C VAL Q 45 -135.38 -144.42 6.12
N GLN Q 46 -134.66 -143.77 5.21
CA GLN Q 46 -133.40 -144.28 4.71
C GLN Q 46 -132.36 -143.17 4.70
N VAL Q 47 -131.10 -143.58 4.80
CA VAL Q 47 -129.98 -142.65 4.91
C VAL Q 47 -129.31 -142.52 3.55
N VAL Q 48 -129.19 -141.28 3.06
CA VAL Q 48 -128.51 -141.04 1.80
C VAL Q 48 -127.00 -141.01 2.00
N GLN Q 49 -126.54 -140.26 3.00
CA GLN Q 49 -125.11 -140.17 3.28
C GLN Q 49 -124.90 -139.70 4.71
N ALA Q 50 -123.70 -139.90 5.23
CA ALA Q 50 -123.31 -139.44 6.54
C ALA Q 50 -122.13 -138.48 6.39
N GLN Q 51 -122.30 -137.26 6.87
CA GLN Q 51 -121.27 -136.24 6.70
C GLN Q 51 -120.01 -136.61 7.47
N ALA Q 52 -118.86 -136.36 6.86
CA ALA Q 52 -117.60 -136.81 7.43
C ALA Q 52 -117.23 -136.03 8.68
N VAL Q 53 -117.34 -134.70 8.64
CA VAL Q 53 -116.90 -133.84 9.74
C VAL Q 53 -118.08 -133.12 10.37
N ASP Q 54 -119.02 -132.63 9.55
CA ASP Q 54 -120.16 -131.89 10.08
C ASP Q 54 -121.00 -132.76 11.02
N GLY Q 55 -121.04 -134.06 10.76
CA GLY Q 55 -121.63 -134.99 11.70
C GLY Q 55 -123.12 -135.23 11.58
N HIS Q 56 -123.79 -134.62 10.62
CA HIS Q 56 -125.22 -134.80 10.43
C HIS Q 56 -125.48 -135.91 9.41
N LYS Q 57 -126.71 -136.43 9.43
CA LYS Q 57 -127.13 -137.47 8.53
C LYS Q 57 -128.34 -137.01 7.72
N LEU Q 58 -128.25 -137.16 6.41
CA LEU Q 58 -129.34 -136.82 5.49
C LEU Q 58 -130.22 -138.04 5.31
N VAL Q 59 -131.51 -137.91 5.59
CA VAL Q 59 -132.44 -139.01 5.49
C VAL Q 59 -133.62 -138.59 4.62
N LYS Q 60 -134.27 -139.59 4.02
CA LYS Q 60 -135.49 -139.36 3.25
C LYS Q 60 -136.39 -140.58 3.39
N ALA Q 61 -137.47 -140.58 2.62
CA ALA Q 61 -138.40 -141.70 2.63
C ALA Q 61 -137.78 -142.92 1.95
N LEU Q 62 -138.34 -144.09 2.27
CA LEU Q 62 -137.84 -145.35 1.75
C LEU Q 62 -138.27 -145.53 0.29
N THR Q 63 -137.45 -146.28 -0.45
CA THR Q 63 -137.74 -146.59 -1.84
C THR Q 63 -137.17 -147.97 -2.17
N THR Q 64 -137.27 -148.33 -3.45
CA THR Q 64 -136.82 -149.65 -3.89
C THR Q 64 -135.32 -149.80 -3.74
N GLY Q 65 -134.89 -150.99 -3.31
CA GLY Q 65 -133.49 -151.32 -3.24
C GLY Q 65 -132.70 -150.49 -2.24
N THR Q 66 -133.28 -150.27 -1.06
CA THR Q 66 -132.62 -149.53 0.01
C THR Q 66 -132.82 -150.26 1.33
N THR Q 67 -131.89 -150.02 2.26
CA THR Q 67 -131.95 -150.63 3.57
C THR Q 67 -132.55 -149.65 4.56
N PRO Q 68 -133.66 -149.99 5.22
CA PRO Q 68 -134.28 -149.05 6.15
C PRO Q 68 -133.40 -148.81 7.37
N TYR Q 69 -133.58 -147.63 7.98
CA TYR Q 69 -132.83 -147.23 9.15
C TYR Q 69 -133.65 -147.22 10.43
N GLY Q 70 -134.79 -146.57 10.45
CA GLY Q 70 -135.58 -146.46 11.65
C GLY Q 70 -136.98 -146.00 11.34
N VAL Q 71 -137.67 -145.52 12.38
CA VAL Q 71 -139.05 -145.08 12.27
C VAL Q 71 -139.18 -143.68 12.85
N ALA Q 72 -139.81 -142.78 12.10
CA ALA Q 72 -140.09 -141.44 12.63
C ALA Q 72 -141.13 -141.53 13.73
N ILE Q 73 -140.93 -140.75 14.79
CA ILE Q 73 -141.77 -140.83 15.99
C ILE Q 73 -142.52 -139.52 16.17
N ARG Q 74 -143.56 -139.58 16.98
CA ARG Q 74 -144.44 -138.44 17.21
C ARG Q 74 -143.73 -137.36 18.01
N SER Q 75 -144.13 -136.11 17.76
CA SER Q 75 -143.60 -134.96 18.49
C SER Q 75 -144.49 -133.76 18.23
N HIS Q 76 -144.91 -133.09 19.30
CA HIS Q 76 -145.84 -131.96 19.18
C HIS Q 76 -145.14 -130.65 18.86
N TRP Q 77 -143.81 -130.64 18.79
CA TRP Q 77 -143.05 -129.40 18.61
C TRP Q 77 -142.34 -129.31 17.27
N GLN Q 78 -141.72 -130.40 16.80
CA GLN Q 78 -140.93 -130.36 15.58
C GLN Q 78 -141.74 -130.53 14.31
N THR Q 79 -142.86 -131.25 14.37
CA THR Q 79 -143.63 -131.59 13.19
C THR Q 79 -144.54 -130.45 12.76
N VAL Q 80 -145.03 -130.55 11.53
CA VAL Q 80 -146.01 -129.62 10.99
C VAL Q 80 -147.24 -130.40 10.59
N ASN Q 81 -148.34 -129.68 10.34
CA ASN Q 81 -149.62 -130.30 10.05
C ASN Q 81 -149.93 -130.16 8.56
N ALA Q 82 -150.26 -131.28 7.92
CA ALA Q 82 -150.56 -131.28 6.50
C ALA Q 82 -151.37 -132.52 6.17
N GLN Q 83 -152.31 -132.36 5.24
CA GLN Q 83 -153.35 -133.35 4.91
C GLN Q 83 -153.84 -134.09 6.15
N ASN Q 84 -154.19 -133.31 7.18
CA ASN Q 84 -154.78 -133.83 8.42
C ASN Q 84 -153.87 -134.86 9.09
N GLN Q 85 -152.57 -134.61 9.09
CA GLN Q 85 -151.66 -135.50 9.80
C GLN Q 85 -150.34 -134.78 10.03
N MET Q 86 -149.57 -135.30 10.98
CA MET Q 86 -148.28 -134.73 11.32
C MET Q 86 -147.20 -135.25 10.37
N ILE Q 87 -146.43 -134.33 9.80
CA ILE Q 87 -145.33 -134.67 8.91
C ILE Q 87 -144.09 -133.89 9.31
N TYR Q 88 -142.95 -134.35 8.82
CA TYR Q 88 -141.67 -133.66 9.01
C TYR Q 88 -141.31 -132.92 7.72
N GLU Q 89 -141.26 -131.60 7.80
CA GLU Q 89 -141.03 -130.80 6.60
C GLU Q 89 -139.60 -130.98 6.10
N ASP Q 90 -139.40 -130.61 4.84
CA ASP Q 90 -138.07 -130.65 4.25
C ASP Q 90 -137.15 -129.64 4.94
N GLY Q 91 -135.88 -130.02 5.07
CA GLY Q 91 -134.90 -129.15 5.70
C GLY Q 91 -135.14 -128.89 7.17
N GLY Q 92 -135.45 -129.94 7.93
CA GLY Q 92 -135.66 -129.79 9.35
C GLY Q 92 -135.22 -131.04 10.09
N ALA Q 93 -134.83 -130.85 11.35
CA ALA Q 93 -134.38 -131.96 12.16
C ALA Q 93 -135.51 -132.94 12.41
N ILE Q 94 -135.16 -134.23 12.49
CA ILE Q 94 -136.14 -135.30 12.59
C ILE Q 94 -135.68 -136.30 13.65
N ASN Q 95 -136.65 -136.84 14.39
CA ASN Q 95 -136.38 -137.82 15.44
C ASN Q 95 -136.62 -139.21 14.85
N VAL Q 96 -135.61 -140.05 14.87
CA VAL Q 96 -135.68 -141.40 14.32
C VAL Q 96 -135.33 -142.40 15.39
N MET Q 97 -136.21 -143.37 15.63
CA MET Q 97 -135.97 -144.42 16.60
C MET Q 97 -135.21 -145.56 15.93
N THR Q 98 -134.05 -145.91 16.48
CA THR Q 98 -133.24 -146.98 15.91
C THR Q 98 -133.32 -148.29 16.68
N SER Q 99 -133.96 -148.29 17.85
CA SER Q 99 -134.16 -149.53 18.61
C SER Q 99 -135.27 -149.29 19.62
N GLY Q 100 -136.17 -150.26 19.75
CA GLY Q 100 -137.27 -150.12 20.68
C GLY Q 100 -138.60 -150.64 20.16
N ARG Q 101 -139.71 -150.15 20.71
CA ARG Q 101 -141.04 -150.58 20.29
C ARG Q 101 -141.81 -149.38 19.79
N VAL Q 102 -142.48 -149.53 18.65
CA VAL Q 102 -143.22 -148.41 18.06
C VAL Q 102 -144.49 -148.95 17.41
N TRP Q 103 -145.42 -148.04 17.11
CA TRP Q 103 -146.59 -148.37 16.31
C TRP Q 103 -146.43 -147.80 14.90
N MET Q 104 -146.54 -148.66 13.90
CA MET Q 104 -146.38 -148.25 12.52
C MET Q 104 -147.68 -148.46 11.74
N LEU Q 105 -147.84 -147.67 10.68
CA LEU Q 105 -148.95 -147.86 9.76
C LEU Q 105 -148.81 -149.19 9.02
N SER Q 106 -149.94 -149.86 8.81
CA SER Q 106 -149.94 -151.16 8.16
C SER Q 106 -150.90 -151.16 6.98
N LYS Q 107 -150.56 -151.97 5.98
CA LYS Q 107 -151.41 -152.17 4.81
C LYS Q 107 -151.93 -153.60 4.69
N SER Q 108 -151.86 -154.38 5.77
CA SER Q 108 -152.33 -155.76 5.76
C SER Q 108 -153.72 -155.84 6.38
N THR Q 109 -154.23 -157.08 6.44
CA THR Q 109 -155.55 -157.33 7.01
C THR Q 109 -155.59 -158.55 7.92
N GLU Q 110 -154.52 -159.32 8.02
CA GLU Q 110 -154.44 -160.46 8.92
C GLU Q 110 -153.42 -160.20 10.02
N ALA Q 111 -153.75 -160.62 11.23
CA ALA Q 111 -152.86 -160.42 12.37
C ALA Q 111 -151.55 -161.20 12.16
N PRO Q 112 -150.42 -160.59 12.49
CA PRO Q 112 -149.13 -161.23 12.27
C PRO Q 112 -148.82 -162.25 13.37
N THR Q 113 -147.67 -162.90 13.23
CA THR Q 113 -147.20 -163.90 14.17
C THR Q 113 -146.13 -163.29 15.06
N PHE Q 114 -146.16 -163.65 16.35
CA PHE Q 114 -145.18 -163.12 17.29
C PHE Q 114 -143.79 -163.66 16.97
N GLY Q 115 -142.82 -162.76 16.86
CA GLY Q 115 -141.44 -163.15 16.63
C GLY Q 115 -141.01 -163.26 15.17
N SER Q 116 -141.92 -163.07 14.23
CA SER Q 116 -141.57 -163.17 12.81
C SER Q 116 -140.89 -161.88 12.34
N ALA Q 117 -140.30 -161.95 11.15
CA ALA Q 117 -139.64 -160.80 10.57
C ALA Q 117 -140.67 -159.81 10.01
N VAL Q 118 -140.22 -158.58 9.78
CA VAL Q 118 -141.08 -157.49 9.34
C VAL Q 118 -140.77 -157.19 7.87
N LYS Q 119 -141.82 -157.10 7.06
CA LYS Q 119 -141.72 -156.78 5.64
C LYS Q 119 -142.30 -155.40 5.38
N LEU Q 120 -141.58 -154.57 4.64
CA LEU Q 120 -142.03 -153.23 4.31
C LEU Q 120 -142.41 -153.14 2.83
N ASP Q 121 -143.11 -152.06 2.51
CA ASP Q 121 -143.55 -151.78 1.15
C ASP Q 121 -142.57 -150.85 0.46
N VAL Q 122 -142.95 -150.35 -0.72
CA VAL Q 122 -142.11 -149.46 -1.51
C VAL Q 122 -142.26 -148.04 -0.99
N ASP Q 123 -143.13 -147.84 -0.01
CA ASP Q 123 -143.39 -146.52 0.53
C ASP Q 123 -143.06 -146.41 2.02
N GLY Q 124 -142.36 -147.39 2.59
CA GLY Q 124 -141.99 -147.33 3.99
C GLY Q 124 -143.04 -147.79 4.97
N GLN Q 125 -144.09 -148.48 4.50
CA GLN Q 125 -145.16 -148.96 5.36
C GLN Q 125 -145.16 -150.48 5.38
N GLU Q 126 -145.59 -151.04 6.50
CA GLU Q 126 -145.58 -152.49 6.67
C GLU Q 126 -146.56 -153.15 5.72
N LYS Q 127 -146.17 -154.34 5.23
CA LYS Q 127 -147.03 -155.11 4.33
C LYS Q 127 -146.68 -156.58 4.49
N SER Q 128 -147.71 -157.42 4.56
CA SER Q 128 -147.47 -158.86 4.71
C SER Q 128 -146.83 -159.45 3.47
N ASP Q 129 -147.01 -158.81 2.31
CA ASP Q 129 -146.43 -159.27 1.06
C ASP Q 129 -145.33 -158.34 0.56
N GLY Q 130 -144.62 -157.67 1.45
CA GLY Q 130 -143.61 -156.72 1.03
C GLY Q 130 -142.41 -157.40 0.39
N THR Q 131 -141.67 -156.60 -0.37
CA THR Q 131 -140.50 -157.09 -1.09
C THR Q 131 -139.18 -156.63 -0.49
N ILE Q 132 -139.21 -155.88 0.60
CA ILE Q 132 -137.99 -155.38 1.23
C ILE Q 132 -137.75 -156.14 2.52
N GLU Q 133 -136.57 -156.75 2.63
CA GLU Q 133 -136.20 -157.56 3.79
C GLU Q 133 -135.74 -156.64 4.90
N THR Q 134 -136.16 -156.96 6.14
CA THR Q 134 -135.80 -156.18 7.30
C THR Q 134 -135.53 -157.11 8.48
N THR Q 135 -134.73 -156.62 9.42
CA THR Q 135 -134.37 -157.36 10.62
C THR Q 135 -135.25 -157.03 11.82
N TRP Q 136 -136.31 -156.26 11.61
CA TRP Q 136 -137.23 -155.94 12.70
C TRP Q 136 -138.12 -157.13 13.00
N THR Q 137 -138.87 -157.02 14.10
CA THR Q 137 -139.66 -158.13 14.62
C THR Q 137 -141.06 -157.65 14.98
N TYR Q 138 -142.03 -158.56 14.94
CA TYR Q 138 -143.36 -158.26 15.40
C TYR Q 138 -143.46 -158.51 16.90
N ALA Q 139 -144.22 -157.65 17.59
CA ALA Q 139 -144.36 -157.75 19.03
C ALA Q 139 -145.79 -158.03 19.50
N GLY Q 140 -146.74 -158.22 18.58
CA GLY Q 140 -148.06 -158.68 18.93
C GLY Q 140 -149.16 -157.64 18.89
N GLY Q 141 -148.81 -156.36 18.82
CA GLY Q 141 -149.83 -155.32 18.80
C GLY Q 141 -150.57 -155.29 17.47
N TRP Q 142 -151.89 -155.20 17.54
CA TRP Q 142 -152.72 -155.14 16.34
C TRP Q 142 -154.04 -154.50 16.69
N THR Q 143 -154.25 -153.26 16.23
CA THR Q 143 -155.49 -152.53 16.51
C THR Q 143 -155.68 -151.47 15.43
N LYS Q 144 -156.78 -150.73 15.54
CA LYS Q 144 -157.12 -149.70 14.59
C LYS Q 144 -157.59 -148.46 15.33
N TYR Q 145 -157.44 -147.31 14.68
CA TYR Q 145 -157.91 -146.02 15.19
C TYR Q 145 -158.65 -145.31 14.06
N LYS Q 146 -159.97 -145.53 13.97
CA LYS Q 146 -160.84 -144.87 13.01
C LYS Q 146 -160.30 -145.03 11.58
N ASP Q 147 -160.28 -146.27 11.13
CA ASP Q 147 -159.94 -146.73 9.78
C ASP Q 147 -158.44 -146.60 9.50
N ILE Q 148 -157.60 -146.39 10.50
CA ILE Q 148 -156.16 -146.42 10.33
C ILE Q 148 -155.63 -147.68 11.01
N GLN Q 149 -154.84 -148.47 10.29
CA GLN Q 149 -154.38 -149.75 10.80
C GLN Q 149 -152.97 -149.61 11.37
N LEU Q 150 -152.79 -150.05 12.62
CA LEU Q 150 -151.54 -149.93 13.33
C LEU Q 150 -151.01 -151.31 13.69
N VAL Q 151 -149.68 -151.44 13.69
CA VAL Q 151 -149.01 -152.68 14.07
C VAL Q 151 -147.81 -152.34 14.94
N GLU Q 152 -147.58 -153.14 15.97
CA GLU Q 152 -146.50 -152.89 16.91
C GLU Q 152 -145.23 -153.61 16.48
N VAL Q 153 -144.12 -152.88 16.44
CA VAL Q 153 -142.88 -153.36 15.83
C VAL Q 153 -141.72 -153.15 16.79
N GLN Q 154 -140.88 -154.18 16.91
CA GLN Q 154 -139.61 -154.16 17.62
C GLN Q 154 -138.47 -153.87 16.65
N LEU Q 155 -137.70 -152.83 16.93
CA LEU Q 155 -136.60 -152.39 16.08
C LEU Q 155 -135.27 -152.68 16.77
N HIS Q 156 -134.36 -153.29 16.02
CA HIS Q 156 -133.00 -153.56 16.48
C HIS Q 156 -132.05 -152.58 15.82
N GLN Q 157 -130.98 -152.22 16.54
CA GLN Q 157 -130.01 -151.28 16.02
C GLN Q 157 -129.32 -151.86 14.79
N LEU Q 158 -129.20 -151.05 13.74
CA LEU Q 158 -128.55 -151.48 12.51
C LEU Q 158 -127.05 -151.57 12.71
N ALA R 28 -173.74 -64.21 -38.74
CA ALA R 28 -174.04 -63.75 -37.40
C ALA R 28 -172.85 -63.93 -36.48
N ALA R 29 -172.91 -63.34 -35.29
CA ALA R 29 -171.85 -63.40 -34.31
C ALA R 29 -172.31 -64.22 -33.11
N THR R 30 -171.52 -65.24 -32.75
CA THR R 30 -171.79 -66.08 -31.59
C THR R 30 -170.52 -66.14 -30.75
N MET R 31 -170.38 -65.19 -29.83
CA MET R 31 -169.22 -65.11 -28.95
C MET R 31 -169.65 -65.25 -27.50
N GLY R 32 -168.70 -65.10 -26.58
CA GLY R 32 -168.95 -65.25 -25.18
C GLY R 32 -169.12 -63.91 -24.46
N ILE R 33 -169.63 -63.99 -23.23
CA ILE R 33 -169.89 -62.77 -22.47
C ILE R 33 -168.60 -62.14 -21.98
N TRP R 34 -167.51 -62.90 -21.93
CA TRP R 34 -166.22 -62.37 -21.50
C TRP R 34 -165.33 -62.14 -22.72
N THR R 35 -164.55 -61.07 -22.68
CA THR R 35 -163.64 -60.72 -23.76
C THR R 35 -162.21 -61.12 -23.42
N ALA R 36 -161.32 -60.94 -24.39
CA ALA R 36 -159.93 -61.35 -24.22
C ALA R 36 -159.24 -60.53 -23.14
N GLN R 37 -159.51 -59.22 -23.09
CA GLN R 37 -158.76 -58.33 -22.20
C GLN R 37 -159.17 -58.52 -20.75
N GLU R 38 -160.36 -59.06 -20.49
CA GLU R 38 -160.82 -59.23 -19.12
C GLU R 38 -160.04 -60.29 -18.36
N LEU R 39 -159.46 -61.26 -19.06
CA LEU R 39 -158.70 -62.34 -18.45
C LEU R 39 -157.24 -62.29 -18.88
N HIS R 40 -156.66 -61.09 -18.86
CA HIS R 40 -155.32 -60.85 -19.35
C HIS R 40 -154.53 -60.08 -18.31
N ARG R 41 -153.22 -60.36 -18.24
CA ARG R 41 -152.36 -59.76 -17.23
C ARG R 41 -151.14 -59.11 -17.87
N ILE R 42 -150.71 -58.00 -17.30
CA ILE R 42 -149.56 -57.25 -17.76
C ILE R 42 -148.44 -57.45 -16.74
N LYS R 43 -147.27 -57.86 -17.21
CA LYS R 43 -146.12 -57.95 -16.32
C LYS R 43 -145.67 -56.55 -15.90
N SER R 44 -145.21 -56.46 -14.64
CA SER R 44 -144.90 -55.14 -14.09
C SER R 44 -143.61 -54.56 -14.63
N GLN R 45 -142.60 -55.39 -14.89
CA GLN R 45 -141.29 -54.92 -15.31
C GLN R 45 -141.13 -55.11 -16.81
N SER R 46 -140.63 -54.07 -17.49
CA SER R 46 -140.39 -54.09 -18.92
C SER R 46 -138.91 -54.28 -19.19
N TYR R 47 -138.56 -54.37 -20.47
CA TYR R 47 -137.18 -54.59 -20.90
C TYR R 47 -136.79 -53.52 -21.90
N GLU R 48 -135.49 -53.21 -21.93
CA GLU R 48 -134.95 -52.23 -22.85
C GLU R 48 -133.70 -52.79 -23.52
N GLU R 49 -133.45 -52.37 -24.75
CA GLU R 49 -132.27 -52.81 -25.48
C GLU R 49 -131.01 -52.19 -24.88
N ASP R 50 -129.88 -52.83 -25.14
CA ASP R 50 -128.59 -52.35 -24.68
C ASP R 50 -127.78 -51.76 -25.83
N TYR R 51 -127.26 -50.56 -25.62
CA TYR R 51 -126.38 -49.90 -26.58
C TYR R 51 -125.17 -49.36 -25.82
N PRO R 52 -124.19 -50.20 -25.51
CA PRO R 52 -123.01 -49.73 -24.79
C PRO R 52 -122.24 -48.70 -25.61
N VAL R 53 -121.68 -47.71 -24.92
CA VAL R 53 -121.02 -46.61 -25.62
C VAL R 53 -119.67 -47.05 -26.17
N GLY R 54 -118.76 -47.46 -25.30
CA GLY R 54 -117.43 -47.84 -25.71
C GLY R 54 -116.46 -47.73 -24.56
N SER R 55 -115.18 -47.59 -24.90
CA SER R 55 -114.11 -47.54 -23.91
C SER R 55 -113.05 -46.49 -24.23
N ALA R 56 -113.31 -45.62 -25.22
CA ALA R 56 -112.29 -44.66 -25.65
C ALA R 56 -111.99 -43.62 -24.57
N LEU R 57 -112.95 -43.33 -23.70
CA LEU R 57 -112.73 -42.37 -22.63
C LEU R 57 -112.12 -43.00 -21.39
N ARG R 58 -111.92 -44.31 -21.38
CA ARG R 58 -111.31 -44.98 -20.23
C ARG R 58 -109.97 -45.64 -20.58
N VAL R 59 -109.71 -45.94 -21.84
CA VAL R 59 -108.44 -46.55 -22.23
C VAL R 59 -107.44 -45.45 -22.55
N PHE R 60 -107.93 -44.24 -22.79
CA PHE R 60 -107.02 -43.13 -23.07
C PHE R 60 -107.25 -42.00 -22.07
N PRO R 61 -106.20 -41.26 -21.71
CA PRO R 61 -106.37 -40.18 -20.75
C PRO R 61 -107.21 -39.05 -21.31
N VAL R 62 -107.91 -38.36 -20.42
CA VAL R 62 -108.74 -37.21 -20.76
C VAL R 62 -108.25 -36.02 -19.95
N THR R 63 -108.05 -34.88 -20.63
CA THR R 63 -107.53 -33.67 -20.02
C THR R 63 -108.49 -32.51 -20.30
N THR R 64 -108.24 -31.40 -19.60
CA THR R 64 -109.10 -30.22 -19.70
C THR R 64 -108.29 -28.94 -19.92
N GLU R 65 -107.11 -29.05 -20.53
CA GLU R 65 -106.28 -27.88 -20.79
C GLU R 65 -106.59 -27.33 -22.18
N LEU R 66 -107.82 -26.84 -22.31
CA LEU R 66 -108.26 -26.27 -23.59
C LEU R 66 -109.52 -25.46 -23.33
N SER R 67 -109.48 -24.17 -23.67
CA SER R 67 -110.62 -23.30 -23.44
C SER R 67 -111.76 -23.65 -24.39
N PRO R 68 -113.01 -23.39 -23.99
CA PRO R 68 -114.14 -23.69 -24.89
C PRO R 68 -114.10 -22.92 -26.20
N THR R 69 -113.45 -21.76 -26.25
CA THR R 69 -113.43 -20.93 -27.45
C THR R 69 -112.16 -21.11 -28.29
N ASP R 70 -111.23 -21.96 -27.85
CA ASP R 70 -110.03 -22.20 -28.64
C ASP R 70 -110.35 -23.01 -29.89
N LYS R 71 -109.50 -22.87 -30.90
CA LYS R 71 -109.69 -23.55 -32.18
C LYS R 71 -108.50 -24.40 -32.60
N THR R 72 -107.28 -23.99 -32.26
CA THR R 72 -106.08 -24.70 -32.67
C THR R 72 -105.08 -24.69 -31.52
N PHE R 73 -104.29 -25.76 -31.43
CA PHE R 73 -103.29 -25.86 -30.38
C PHE R 73 -101.96 -26.29 -31.00
N GLU R 74 -100.88 -25.97 -30.28
CA GLU R 74 -99.52 -26.16 -30.78
C GLU R 74 -98.63 -26.72 -29.68
N TYR R 75 -97.74 -27.63 -30.07
CA TYR R 75 -96.72 -28.17 -29.18
C TYR R 75 -95.39 -28.21 -29.93
N MET R 76 -94.30 -28.20 -29.17
CA MET R 76 -92.98 -28.04 -29.74
C MET R 76 -92.04 -29.15 -29.28
N THR R 77 -91.03 -29.42 -30.10
CA THR R 77 -89.98 -30.38 -29.77
C THR R 77 -88.62 -29.72 -30.00
N PHE R 78 -87.58 -30.31 -29.43
CA PHE R 78 -86.23 -29.77 -29.55
C PHE R 78 -85.23 -30.90 -29.74
N ASP R 79 -84.07 -30.55 -30.29
CA ASP R 79 -83.05 -31.53 -30.66
C ASP R 79 -81.70 -30.81 -30.71
N LYS R 80 -80.63 -31.58 -30.91
CA LYS R 80 -79.29 -31.00 -30.94
C LYS R 80 -78.36 -31.93 -31.71
N VAL R 81 -77.21 -31.37 -32.12
CA VAL R 81 -76.16 -32.10 -32.84
C VAL R 81 -74.81 -31.64 -32.32
N GLY R 82 -73.79 -32.43 -32.61
CA GLY R 82 -72.43 -32.07 -32.23
C GLY R 82 -71.53 -33.28 -32.20
N THR R 83 -70.25 -33.02 -31.88
CA THR R 83 -69.24 -34.06 -31.79
C THR R 83 -68.03 -33.50 -31.06
N ALA R 84 -67.08 -34.40 -30.78
CA ALA R 84 -65.80 -34.04 -30.15
C ALA R 84 -64.69 -34.84 -30.80
N GLN R 85 -63.45 -34.37 -30.64
CA GLN R 85 -62.31 -35.00 -31.28
C GLN R 85 -61.13 -35.01 -30.33
N ILE R 86 -60.16 -35.86 -30.65
CA ILE R 86 -58.90 -35.93 -29.92
C ILE R 86 -57.92 -34.95 -30.58
N ILE R 87 -57.38 -34.04 -29.79
CA ILE R 87 -56.59 -32.93 -30.31
C ILE R 87 -55.28 -32.83 -29.53
N ALA R 88 -54.33 -32.10 -30.12
CA ALA R 88 -53.06 -31.80 -29.49
C ALA R 88 -53.17 -30.46 -28.76
N ASP R 89 -52.03 -29.91 -28.32
CA ASP R 89 -52.04 -28.71 -27.51
C ASP R 89 -52.21 -27.43 -28.34
N TYR R 90 -51.46 -27.28 -29.43
CA TYR R 90 -51.53 -26.09 -30.28
C TYR R 90 -52.48 -26.39 -31.44
N THR R 91 -53.78 -26.19 -31.19
CA THR R 91 -54.80 -26.48 -32.19
C THR R 91 -55.78 -25.32 -32.28
N ASP R 92 -56.40 -25.17 -33.46
CA ASP R 92 -57.42 -24.18 -33.70
C ASP R 92 -58.62 -24.75 -34.46
N ASP R 93 -58.82 -26.07 -34.39
CA ASP R 93 -59.84 -26.76 -35.19
C ASP R 93 -60.85 -27.44 -34.28
N LEU R 94 -61.30 -26.73 -33.28
CA LEU R 94 -62.35 -27.31 -32.44
C LEU R 94 -63.67 -27.36 -33.20
N PRO R 95 -64.30 -28.53 -33.29
CA PRO R 95 -65.61 -28.61 -33.95
C PRO R 95 -66.69 -27.90 -33.14
N LEU R 96 -67.88 -27.84 -33.71
CA LEU R 96 -68.96 -27.01 -33.18
C LEU R 96 -70.23 -27.84 -32.97
N VAL R 97 -71.21 -27.23 -32.29
CA VAL R 97 -72.48 -27.89 -31.97
C VAL R 97 -73.60 -26.91 -32.30
N ASP R 98 -74.84 -27.41 -32.32
CA ASP R 98 -76.00 -26.57 -32.63
C ASP R 98 -77.25 -27.28 -32.14
N ALA R 99 -78.39 -26.60 -32.25
CA ALA R 99 -79.68 -27.10 -31.77
C ALA R 99 -80.76 -26.86 -32.83
N LEU R 100 -81.96 -27.37 -32.57
CA LEU R 100 -83.05 -27.36 -33.54
C LEU R 100 -84.37 -27.10 -32.81
N GLY R 101 -85.47 -27.30 -33.53
CA GLY R 101 -86.81 -27.13 -32.98
C GLY R 101 -87.85 -27.36 -34.06
N THR R 102 -89.03 -27.77 -33.61
CA THR R 102 -90.12 -28.13 -34.53
C THR R 102 -91.44 -28.01 -33.78
N SER R 103 -92.52 -27.80 -34.53
CA SER R 103 -93.86 -27.66 -33.95
C SER R 103 -94.89 -28.38 -34.81
N GLU R 104 -96.04 -28.65 -34.22
CA GLU R 104 -97.17 -29.28 -34.91
C GLU R 104 -98.46 -28.65 -34.42
N PHE R 105 -99.55 -28.95 -35.14
CA PHE R 105 -100.85 -28.30 -34.94
C PHE R 105 -101.95 -29.34 -34.74
N GLY R 106 -103.10 -28.88 -34.25
CA GLY R 106 -104.28 -29.69 -34.07
C GLY R 106 -105.52 -28.92 -34.43
N LYS R 107 -106.68 -29.50 -34.14
CA LYS R 107 -107.96 -28.88 -34.50
C LYS R 107 -109.05 -29.35 -33.55
N VAL R 108 -110.17 -28.63 -33.57
CA VAL R 108 -111.34 -28.92 -32.76
C VAL R 108 -112.57 -28.96 -33.68
N PHE R 109 -113.58 -29.74 -33.31
CA PHE R 109 -114.77 -29.94 -34.11
C PHE R 109 -116.01 -29.85 -33.23
N ARG R 110 -117.14 -29.56 -33.87
CA ARG R 110 -118.43 -29.42 -33.20
C ARG R 110 -119.39 -30.47 -33.75
N LEU R 111 -120.26 -30.98 -32.88
CA LEU R 111 -121.24 -32.00 -33.23
C LEU R 111 -122.62 -31.52 -32.83
N GLY R 112 -123.64 -31.98 -33.53
CA GLY R 112 -125.00 -31.55 -33.24
C GLY R 112 -126.04 -32.47 -33.83
N ASN R 113 -127.24 -32.44 -33.25
CA ASN R 113 -128.41 -33.13 -33.76
C ASN R 113 -129.65 -32.44 -33.21
N ALA R 114 -130.82 -33.07 -33.37
CA ALA R 114 -132.07 -32.48 -32.90
C ALA R 114 -133.14 -33.56 -32.81
N TYR R 115 -134.31 -33.17 -32.32
CA TYR R 115 -135.47 -34.05 -32.31
C TYR R 115 -136.76 -33.23 -32.30
N LEU R 116 -137.85 -33.91 -32.60
CA LEU R 116 -139.17 -33.29 -32.79
C LEU R 116 -140.20 -33.97 -31.89
N ILE R 117 -141.26 -33.23 -31.59
CA ILE R 117 -142.36 -33.74 -30.76
C ILE R 117 -143.56 -32.85 -30.98
N SER R 118 -144.76 -33.39 -30.74
CA SER R 118 -145.99 -32.65 -30.97
C SER R 118 -146.80 -32.56 -29.68
N ILE R 119 -147.78 -31.64 -29.68
CA ILE R 119 -148.58 -31.38 -28.49
C ILE R 119 -149.45 -32.59 -28.16
N ASP R 120 -150.04 -33.22 -29.17
CA ASP R 120 -150.85 -34.40 -28.92
C ASP R 120 -150.03 -35.53 -28.32
N GLU R 121 -148.81 -35.73 -28.83
CA GLU R 121 -147.94 -36.76 -28.27
C GLU R 121 -147.54 -36.41 -26.84
N ILE R 122 -147.30 -35.12 -26.56
CA ILE R 122 -146.97 -34.72 -25.19
C ILE R 122 -148.12 -35.04 -24.25
N LYS R 123 -149.34 -34.69 -24.64
CA LYS R 123 -150.51 -34.96 -23.80
C LYS R 123 -150.71 -36.45 -23.60
N ALA R 124 -150.54 -37.24 -24.67
CA ALA R 124 -150.70 -38.68 -24.56
C ALA R 124 -149.65 -39.29 -23.63
N GLY R 125 -148.40 -38.83 -23.74
CA GLY R 125 -147.37 -39.32 -22.86
C GLY R 125 -147.65 -38.99 -21.40
N GLN R 126 -148.11 -37.76 -21.14
CA GLN R 126 -148.47 -37.40 -19.78
C GLN R 126 -149.64 -38.23 -19.27
N ALA R 127 -150.61 -38.52 -20.13
CA ALA R 127 -151.79 -39.27 -19.71
C ALA R 127 -151.45 -40.73 -19.39
N THR R 128 -150.66 -41.37 -20.26
CA THR R 128 -150.33 -42.77 -20.07
C THR R 128 -149.10 -43.00 -19.20
N GLY R 129 -148.42 -41.93 -18.76
CA GLY R 129 -147.29 -42.10 -17.88
C GLY R 129 -146.03 -42.61 -18.54
N ARG R 130 -145.96 -42.60 -19.87
CA ARG R 130 -144.79 -43.06 -20.61
C ARG R 130 -144.37 -41.94 -21.56
N PRO R 131 -143.59 -40.98 -21.09
CA PRO R 131 -143.19 -39.86 -21.95
C PRO R 131 -142.28 -40.30 -23.08
N LEU R 132 -142.32 -39.54 -24.17
CA LEU R 132 -141.52 -39.80 -25.35
C LEU R 132 -140.35 -38.83 -25.51
N SER R 133 -140.47 -37.62 -24.96
CA SER R 133 -139.38 -36.66 -25.04
C SER R 133 -138.14 -37.16 -24.30
N THR R 134 -138.34 -37.82 -23.16
CA THR R 134 -137.20 -38.37 -22.44
C THR R 134 -136.48 -39.44 -23.27
N ARG R 135 -137.25 -40.30 -23.95
CA ARG R 135 -136.64 -41.32 -24.79
C ARG R 135 -135.86 -40.69 -25.93
N LYS R 136 -136.41 -39.64 -26.54
CA LYS R 136 -135.71 -38.99 -27.65
C LYS R 136 -134.45 -38.28 -27.18
N ALA R 137 -134.50 -37.68 -25.98
CA ALA R 137 -133.30 -37.06 -25.42
C ALA R 137 -132.22 -38.11 -25.15
N SER R 138 -132.63 -39.27 -24.62
CA SER R 138 -131.69 -40.35 -24.41
C SER R 138 -131.06 -40.81 -25.72
N ALA R 139 -131.87 -40.90 -26.78
CA ALA R 139 -131.35 -41.27 -28.08
C ALA R 139 -130.32 -40.25 -28.57
N CYS R 140 -130.61 -38.97 -28.41
CA CYS R 140 -129.66 -37.93 -28.83
C CYS R 140 -128.34 -38.04 -28.08
N GLN R 141 -128.42 -38.19 -26.75
CA GLN R 141 -127.19 -38.29 -25.95
C GLN R 141 -126.36 -39.51 -26.35
N LEU R 142 -127.01 -40.65 -26.51
CA LEU R 142 -126.29 -41.86 -26.86
C LEU R 142 -125.68 -41.75 -28.25
N ALA R 143 -126.39 -41.07 -29.17
CA ALA R 143 -125.83 -40.83 -30.50
C ALA R 143 -124.58 -39.97 -30.43
N HIS R 144 -124.60 -38.93 -29.59
CA HIS R 144 -123.40 -38.10 -29.41
C HIS R 144 -122.22 -38.94 -28.93
N ASP R 145 -122.46 -39.75 -27.89
CA ASP R 145 -121.38 -40.57 -27.35
C ASP R 145 -120.84 -41.55 -28.37
N GLN R 146 -121.74 -42.21 -29.11
CA GLN R 146 -121.31 -43.17 -30.12
C GLN R 146 -120.53 -42.50 -31.24
N LEU R 147 -120.94 -41.29 -31.66
CA LEU R 147 -120.18 -40.61 -32.70
C LEU R 147 -118.78 -40.25 -32.23
N VAL R 148 -118.65 -39.83 -30.96
CA VAL R 148 -117.31 -39.55 -30.42
C VAL R 148 -116.46 -40.82 -30.44
N ASN R 149 -117.05 -41.94 -30.01
CA ASN R 149 -116.30 -43.20 -29.98
C ASN R 149 -115.87 -43.62 -31.38
N ARG R 150 -116.78 -43.47 -32.35
CA ARG R 150 -116.47 -43.83 -33.73
C ARG R 150 -115.37 -42.96 -34.29
N LEU R 151 -115.39 -41.67 -33.98
CA LEU R 151 -114.32 -40.79 -34.41
C LEU R 151 -112.98 -41.21 -33.78
N VAL R 152 -113.01 -41.66 -32.53
CA VAL R 152 -111.76 -42.01 -31.85
C VAL R 152 -111.15 -43.27 -32.48
N PHE R 153 -111.94 -44.33 -32.61
CA PHE R 153 -111.38 -45.60 -33.10
C PHE R 153 -111.40 -45.77 -34.62
N LYS R 154 -112.00 -44.85 -35.37
CA LYS R 154 -112.02 -45.03 -36.83
C LYS R 154 -111.62 -43.80 -37.62
N GLY R 155 -111.82 -42.59 -37.13
CA GLY R 155 -111.42 -41.41 -37.86
C GLY R 155 -112.32 -41.15 -39.07
N SER R 156 -111.96 -40.09 -39.80
CA SER R 156 -112.75 -39.69 -40.96
C SER R 156 -111.78 -39.18 -42.02
N ALA R 157 -111.79 -39.79 -43.19
CA ALA R 157 -110.93 -39.34 -44.29
C ALA R 157 -111.26 -37.93 -44.77
N PRO R 158 -112.51 -37.55 -45.04
CA PRO R 158 -112.76 -36.18 -45.51
C PRO R 158 -112.33 -35.10 -44.53
N HIS R 159 -112.48 -35.34 -43.24
CA HIS R 159 -112.13 -34.35 -42.22
C HIS R 159 -110.68 -34.46 -41.76
N LYS R 160 -109.92 -35.40 -42.32
CA LYS R 160 -108.52 -35.61 -41.96
C LYS R 160 -108.35 -35.89 -40.47
N ILE R 161 -109.19 -36.78 -39.95
CA ILE R 161 -108.99 -37.36 -38.62
C ILE R 161 -108.48 -38.77 -38.81
N VAL R 162 -107.31 -39.05 -38.24
CA VAL R 162 -106.65 -40.35 -38.42
C VAL R 162 -106.90 -41.20 -37.18
N SER R 163 -107.30 -42.44 -37.40
CA SER R 163 -107.53 -43.36 -36.31
C SER R 163 -106.20 -43.85 -35.73
N VAL R 164 -106.29 -44.48 -34.55
CA VAL R 164 -105.10 -45.03 -33.92
C VAL R 164 -104.53 -46.17 -34.75
N PHE R 165 -105.38 -46.88 -35.49
CA PHE R 165 -104.92 -47.98 -36.32
C PHE R 165 -104.33 -47.53 -37.64
N ASN R 166 -104.54 -46.26 -38.02
CA ASN R 166 -104.13 -45.77 -39.33
C ASN R 166 -103.01 -44.74 -39.27
N HIS R 167 -102.44 -44.49 -38.09
CA HIS R 167 -101.33 -43.56 -38.01
C HIS R 167 -100.12 -44.12 -38.76
N PRO R 168 -99.39 -43.29 -39.50
CA PRO R 168 -98.22 -43.77 -40.24
C PRO R 168 -96.91 -43.75 -39.48
N ASN R 169 -96.91 -43.59 -38.16
CA ASN R 169 -95.68 -43.56 -37.37
C ASN R 169 -95.78 -44.39 -36.09
N ILE R 170 -96.69 -45.36 -36.05
CA ILE R 170 -96.79 -46.29 -34.94
C ILE R 170 -96.21 -47.62 -35.37
N THR R 171 -95.63 -48.35 -34.41
CA THR R 171 -94.96 -49.59 -34.76
C THR R 171 -96.00 -50.65 -35.12
N LYS R 172 -95.76 -51.38 -36.20
CA LYS R 172 -96.65 -52.42 -36.67
C LYS R 172 -95.89 -53.75 -36.73
N ILE R 173 -96.53 -54.81 -36.27
CA ILE R 173 -95.92 -56.14 -36.23
C ILE R 173 -96.87 -57.12 -36.92
N THR R 174 -96.43 -57.69 -38.03
CA THR R 174 -97.16 -58.79 -38.66
C THR R 174 -97.00 -60.05 -37.82
N SER R 175 -98.10 -60.75 -37.58
CA SER R 175 -98.13 -61.83 -36.61
C SER R 175 -98.72 -63.09 -37.24
N GLY R 176 -98.16 -64.23 -36.85
CA GLY R 176 -98.82 -65.49 -37.11
C GLY R 176 -100.08 -65.63 -36.27
N LYS R 177 -101.03 -66.39 -36.80
CA LYS R 177 -102.33 -66.50 -36.14
C LYS R 177 -102.21 -67.25 -34.82
N TRP R 178 -102.81 -66.68 -33.77
CA TRP R 178 -102.86 -67.35 -32.48
C TRP R 178 -103.82 -68.53 -32.49
N ILE R 179 -104.88 -68.48 -33.29
CA ILE R 179 -105.84 -69.57 -33.40
C ILE R 179 -105.94 -69.93 -34.88
N ASP R 180 -105.66 -71.18 -35.22
CA ASP R 180 -105.72 -71.66 -36.58
C ASP R 180 -106.44 -73.00 -36.61
N ALA R 181 -107.53 -73.08 -37.37
CA ALA R 181 -108.33 -74.30 -37.50
C ALA R 181 -108.75 -74.84 -36.13
N SER R 182 -109.18 -73.92 -35.26
CA SER R 182 -109.71 -74.24 -33.93
C SER R 182 -108.70 -74.92 -33.03
N THR R 183 -107.45 -74.45 -33.01
CA THR R 183 -106.47 -74.85 -32.02
C THR R 183 -105.70 -73.62 -31.55
N MET R 184 -105.14 -73.71 -30.35
CA MET R 184 -104.50 -72.58 -29.70
C MET R 184 -102.98 -72.67 -29.78
N LYS R 185 -102.32 -71.51 -29.84
CA LYS R 185 -100.87 -71.41 -29.88
C LYS R 185 -100.40 -70.44 -28.79
N PRO R 186 -100.50 -70.84 -27.53
CA PRO R 186 -100.04 -69.97 -26.45
C PRO R 186 -98.56 -69.65 -26.53
N GLU R 187 -97.74 -70.56 -27.06
CA GLU R 187 -96.32 -70.27 -27.21
C GLU R 187 -96.09 -69.10 -28.16
N THR R 188 -96.77 -69.10 -29.31
CA THR R 188 -96.66 -67.99 -30.25
C THR R 188 -97.21 -66.71 -29.64
N ALA R 189 -98.33 -66.80 -28.92
CA ALA R 189 -98.87 -65.61 -28.27
C ALA R 189 -97.88 -65.02 -27.29
N GLU R 190 -97.27 -65.86 -26.46
CA GLU R 190 -96.30 -65.40 -25.47
C GLU R 190 -95.09 -64.75 -26.15
N ALA R 191 -94.58 -65.40 -27.19
CA ALA R 191 -93.41 -64.88 -27.89
C ALA R 191 -93.70 -63.52 -28.50
N GLU R 192 -94.87 -63.37 -29.12
CA GLU R 192 -95.19 -62.10 -29.77
C GLU R 192 -95.41 -60.99 -28.76
N LEU R 193 -96.07 -61.30 -27.63
CA LEU R 193 -96.23 -60.29 -26.59
C LEU R 193 -94.89 -59.84 -26.04
N THR R 194 -94.00 -60.80 -25.77
CA THR R 194 -92.66 -60.46 -25.26
C THR R 194 -91.89 -59.64 -26.28
N GLN R 195 -92.00 -59.99 -27.56
CA GLN R 195 -91.33 -59.23 -28.61
C GLN R 195 -91.84 -57.80 -28.66
N ALA R 196 -93.16 -57.61 -28.54
CA ALA R 196 -93.71 -56.26 -28.55
C ALA R 196 -93.21 -55.44 -27.36
N ILE R 197 -93.17 -56.05 -26.17
CA ILE R 197 -92.68 -55.32 -25.00
C ILE R 197 -91.22 -54.97 -25.16
N GLU R 198 -90.41 -55.90 -25.67
CA GLU R 198 -89.00 -55.60 -25.89
C GLU R 198 -88.83 -54.50 -26.93
N THR R 199 -89.68 -54.50 -27.96
CA THR R 199 -89.60 -53.44 -28.98
C THR R 199 -89.91 -52.08 -28.37
N ILE R 200 -90.95 -52.00 -27.54
CA ILE R 200 -91.29 -50.69 -26.96
C ILE R 200 -90.19 -50.24 -26.00
N GLU R 201 -89.57 -51.17 -25.28
CA GLU R 201 -88.44 -50.81 -24.42
C GLU R 201 -87.25 -50.35 -25.24
N THR R 202 -87.04 -50.95 -26.40
CA THR R 202 -85.82 -50.72 -27.16
C THR R 202 -85.88 -49.44 -27.98
N ILE R 203 -86.99 -49.20 -28.68
CA ILE R 203 -87.05 -48.09 -29.63
C ILE R 203 -86.84 -46.75 -28.94
N THR R 204 -87.37 -46.58 -27.74
CA THR R 204 -87.20 -45.34 -27.00
C THR R 204 -85.92 -45.32 -26.16
N ARG R 205 -85.08 -46.36 -26.26
CA ARG R 205 -83.79 -46.41 -25.58
C ARG R 205 -83.94 -46.26 -24.07
N GLY R 206 -84.93 -46.96 -23.51
CA GLY R 206 -85.14 -46.97 -22.08
C GLY R 206 -85.86 -45.76 -21.52
N GLN R 207 -86.28 -44.82 -22.37
CA GLN R 207 -86.94 -43.63 -21.87
C GLN R 207 -88.39 -43.93 -21.48
N HIS R 208 -89.03 -44.87 -22.17
CA HIS R 208 -90.42 -45.21 -21.94
C HIS R 208 -90.59 -46.72 -21.83
N ARG R 209 -91.60 -47.13 -21.07
CA ARG R 209 -91.86 -48.54 -20.80
C ARG R 209 -93.35 -48.84 -20.97
N ALA R 210 -93.64 -50.03 -21.49
CA ALA R 210 -95.03 -50.43 -21.69
C ALA R 210 -95.74 -50.63 -20.36
N THR R 211 -97.02 -50.29 -20.35
CA THR R 211 -97.83 -50.45 -19.15
C THR R 211 -99.14 -51.18 -19.42
N ASN R 212 -99.78 -50.95 -20.57
CA ASN R 212 -101.10 -51.46 -20.84
C ASN R 212 -101.13 -52.28 -22.13
N ILE R 213 -101.92 -53.35 -22.10
CA ILE R 213 -102.18 -54.21 -23.24
C ILE R 213 -103.68 -54.32 -23.44
N LEU R 214 -104.13 -54.17 -24.69
CA LEU R 214 -105.52 -54.32 -25.06
C LEU R 214 -105.62 -55.43 -26.11
N ILE R 215 -106.49 -56.41 -25.85
CA ILE R 215 -106.59 -57.59 -26.69
C ILE R 215 -108.06 -57.80 -27.05
N PRO R 216 -108.33 -58.50 -28.15
CA PRO R 216 -109.72 -58.82 -28.51
C PRO R 216 -110.37 -59.66 -27.44
N PRO R 217 -111.66 -59.44 -27.16
CA PRO R 217 -112.34 -60.29 -26.17
C PRO R 217 -112.59 -61.72 -26.63
N SER R 218 -112.32 -62.05 -27.90
CA SER R 218 -112.45 -63.42 -28.34
C SER R 218 -111.19 -64.24 -28.15
N MET R 219 -110.08 -63.61 -27.74
CA MET R 219 -108.81 -64.28 -27.56
C MET R 219 -108.50 -64.60 -26.09
N ARG R 220 -109.44 -64.34 -25.18
CA ARG R 220 -109.17 -64.54 -23.76
C ARG R 220 -109.00 -66.01 -23.39
N LYS R 221 -109.50 -66.92 -24.22
CA LYS R 221 -109.33 -68.35 -23.93
C LYS R 221 -107.91 -68.82 -24.22
N VAL R 222 -107.19 -68.15 -25.11
CA VAL R 222 -105.85 -68.57 -25.47
C VAL R 222 -104.90 -68.47 -24.28
N LEU R 223 -104.99 -67.38 -23.54
CA LEU R 223 -104.09 -67.17 -22.39
C LEU R 223 -104.54 -67.91 -21.14
N ALA R 224 -105.73 -68.52 -21.15
CA ALA R 224 -106.24 -69.23 -19.99
C ALA R 224 -105.96 -70.72 -20.03
N ILE R 225 -105.24 -71.21 -21.04
CA ILE R 225 -104.92 -72.63 -21.11
C ILE R 225 -103.78 -72.93 -20.14
N ARG R 226 -103.84 -74.11 -19.53
CA ARG R 226 -102.90 -74.46 -18.47
C ARG R 226 -101.60 -75.00 -19.05
N MET R 227 -100.48 -74.59 -18.46
CA MET R 227 -99.19 -75.14 -18.85
C MET R 227 -99.06 -76.58 -18.35
N PRO R 228 -98.49 -77.47 -19.17
CA PRO R 228 -98.37 -78.88 -18.76
C PRO R 228 -97.50 -79.03 -17.52
N GLU R 229 -97.86 -80.02 -16.70
CA GLU R 229 -97.10 -80.39 -15.49
C GLU R 229 -97.00 -79.23 -14.50
N THR R 230 -97.98 -78.33 -14.51
CA THR R 230 -97.99 -77.19 -13.60
C THR R 230 -99.45 -76.82 -13.33
N THR R 231 -99.68 -76.17 -12.19
CA THR R 231 -101.03 -75.79 -11.77
C THR R 231 -101.28 -74.30 -11.96
N MET R 232 -100.56 -73.66 -12.87
CA MET R 232 -100.79 -72.25 -13.18
C MET R 232 -100.81 -72.07 -14.69
N SER R 233 -101.39 -70.97 -15.14
CA SER R 233 -101.65 -70.74 -16.55
C SER R 233 -100.62 -69.80 -17.16
N TYR R 234 -100.67 -69.69 -18.48
CA TYR R 234 -99.75 -68.82 -19.20
C TYR R 234 -99.91 -67.37 -18.78
N LEU R 235 -101.15 -66.93 -18.57
CA LEU R 235 -101.38 -65.57 -18.10
C LEU R 235 -100.74 -65.33 -16.75
N ASP R 236 -100.87 -66.29 -15.84
CA ASP R 236 -100.28 -66.14 -14.52
C ASP R 236 -98.76 -66.09 -14.59
N TYR R 237 -98.16 -66.95 -15.41
CA TYR R 237 -96.70 -66.92 -15.55
C TYR R 237 -96.24 -65.60 -16.15
N PHE R 238 -96.94 -65.12 -17.18
CA PHE R 238 -96.57 -63.85 -17.81
C PHE R 238 -96.68 -62.70 -16.83
N LYS R 239 -97.75 -62.66 -16.03
CA LYS R 239 -97.89 -61.61 -15.03
C LYS R 239 -96.80 -61.71 -13.98
N SER R 240 -96.46 -62.92 -13.53
CA SER R 240 -95.41 -63.08 -12.54
C SER R 240 -94.08 -62.57 -13.07
N GLN R 241 -93.76 -62.85 -14.33
CA GLN R 241 -92.51 -62.37 -14.91
C GLN R 241 -92.53 -60.88 -15.22
N ASN R 242 -93.67 -60.31 -15.60
CA ASN R 242 -93.76 -58.92 -16.02
C ASN R 242 -94.69 -58.15 -15.09
N SER R 243 -94.51 -58.35 -13.79
CA SER R 243 -95.30 -57.64 -12.79
C SER R 243 -95.27 -56.14 -13.03
N GLY R 244 -96.44 -55.50 -12.87
CA GLY R 244 -96.59 -54.11 -13.19
C GLY R 244 -97.24 -53.82 -14.53
N ILE R 245 -97.91 -54.79 -15.13
CA ILE R 245 -98.54 -54.63 -16.44
C ILE R 245 -100.03 -54.93 -16.29
N GLU R 246 -100.84 -54.24 -17.08
CA GLU R 246 -102.29 -54.44 -17.08
C GLU R 246 -102.74 -54.98 -18.44
N ILE R 247 -103.65 -55.95 -18.41
CA ILE R 247 -104.18 -56.58 -19.61
C ILE R 247 -105.70 -56.45 -19.58
N ASP R 248 -106.27 -55.90 -20.65
CA ASP R 248 -107.71 -55.72 -20.75
C ASP R 248 -108.17 -56.12 -22.15
N SER R 249 -109.48 -56.32 -22.28
CA SER R 249 -110.09 -56.71 -23.54
C SER R 249 -111.01 -55.61 -24.04
N ILE R 250 -110.89 -55.29 -25.33
CA ILE R 250 -111.64 -54.21 -25.96
C ILE R 250 -112.34 -54.76 -27.19
N ALA R 251 -113.67 -54.61 -27.24
CA ALA R 251 -114.44 -55.20 -28.33
C ALA R 251 -114.19 -54.50 -29.65
N GLU R 252 -113.70 -53.26 -29.60
CA GLU R 252 -113.40 -52.53 -30.82
C GLU R 252 -112.25 -53.15 -31.61
N LEU R 253 -111.50 -54.08 -31.01
CA LEU R 253 -110.35 -54.70 -31.66
C LEU R 253 -110.70 -55.99 -32.40
N GLU R 254 -111.98 -56.38 -32.42
CA GLU R 254 -112.41 -57.51 -33.26
C GLU R 254 -112.28 -57.21 -34.75
N ASP R 255 -112.25 -55.93 -35.13
CA ASP R 255 -112.24 -55.54 -36.54
C ASP R 255 -111.59 -54.17 -36.65
N ILE R 256 -110.47 -54.10 -37.37
CA ILE R 256 -109.70 -52.87 -37.46
C ILE R 256 -109.64 -52.29 -38.87
N ASP R 257 -110.21 -52.97 -39.86
CA ASP R 257 -110.16 -52.51 -41.24
C ASP R 257 -111.46 -52.69 -41.99
N GLY R 258 -112.52 -53.16 -41.33
CA GLY R 258 -113.77 -53.44 -42.01
C GLY R 258 -113.81 -54.75 -42.77
N ALA R 259 -112.75 -55.55 -42.69
CA ALA R 259 -112.65 -56.80 -43.44
C ALA R 259 -112.74 -58.04 -42.57
N GLY R 260 -112.35 -57.95 -41.30
CA GLY R 260 -112.45 -59.07 -40.39
C GLY R 260 -111.16 -59.49 -39.70
N THR R 261 -110.06 -58.79 -39.92
CA THR R 261 -108.83 -59.11 -39.21
C THR R 261 -108.86 -58.52 -37.81
N LYS R 262 -108.06 -59.09 -36.92
CA LYS R 262 -107.98 -58.67 -35.53
C LYS R 262 -106.66 -57.94 -35.28
N GLY R 263 -106.50 -57.48 -34.05
CA GLY R 263 -105.28 -56.78 -33.66
C GLY R 263 -105.12 -56.73 -32.17
N VAL R 264 -103.89 -56.47 -31.75
CA VAL R 264 -103.54 -56.34 -30.34
C VAL R 264 -102.77 -55.04 -30.16
N LEU R 265 -103.12 -54.25 -29.15
CA LEU R 265 -102.50 -52.95 -28.92
C LEU R 265 -101.67 -53.00 -27.65
N VAL R 266 -100.45 -52.49 -27.72
CA VAL R 266 -99.56 -52.37 -26.56
C VAL R 266 -99.09 -50.93 -26.48
N TYR R 267 -99.28 -50.30 -25.32
CA TYR R 267 -98.94 -48.90 -25.20
C TYR R 267 -98.68 -48.55 -23.74
N GLU R 268 -98.19 -47.33 -23.53
CA GLU R 268 -97.97 -46.78 -22.20
C GLU R 268 -98.99 -45.67 -21.98
N LYS R 269 -99.80 -45.80 -20.93
CA LYS R 269 -100.89 -44.87 -20.69
C LYS R 269 -100.40 -43.76 -19.77
N ASN R 270 -99.98 -42.65 -20.38
CA ASN R 270 -99.62 -41.43 -19.69
C ASN R 270 -100.26 -40.26 -20.42
N PRO R 271 -100.82 -39.29 -19.70
CA PRO R 271 -101.54 -38.19 -20.37
C PRO R 271 -100.68 -37.40 -21.33
N MET R 272 -99.36 -37.40 -21.18
CA MET R 272 -98.51 -36.59 -22.04
C MET R 272 -98.15 -37.31 -23.34
N ASN R 273 -98.46 -38.60 -23.47
CA ASN R 273 -98.25 -39.31 -24.73
C ASN R 273 -99.45 -39.23 -25.66
N MET R 274 -100.67 -39.30 -25.12
CA MET R 274 -101.88 -39.20 -25.93
C MET R 274 -102.93 -38.45 -25.12
N SER R 275 -103.89 -37.87 -25.84
CA SER R 275 -104.88 -37.05 -25.16
C SER R 275 -106.17 -37.01 -25.96
N ILE R 276 -107.26 -36.71 -25.25
CA ILE R 276 -108.57 -36.44 -25.82
C ILE R 276 -109.15 -35.21 -25.13
N GLU R 277 -109.62 -34.25 -25.92
CA GLU R 277 -110.15 -33.00 -25.37
C GLU R 277 -111.62 -32.86 -25.73
N ILE R 278 -112.42 -32.52 -24.72
CA ILE R 278 -113.85 -32.26 -24.87
C ILE R 278 -114.13 -30.87 -24.28
N PRO R 279 -113.90 -29.80 -25.05
CA PRO R 279 -114.05 -28.46 -24.48
C PRO R 279 -115.46 -28.14 -24.01
N GLU R 280 -116.49 -28.67 -24.67
CA GLU R 280 -117.87 -28.35 -24.33
C GLU R 280 -118.67 -29.64 -24.25
N ALA R 281 -119.74 -29.61 -23.45
CA ALA R 281 -120.53 -30.80 -23.18
C ALA R 281 -121.95 -30.66 -23.72
N PHE R 282 -122.74 -31.70 -23.50
CA PHE R 282 -124.09 -31.79 -24.02
C PHE R 282 -124.98 -30.75 -23.33
N ASN R 283 -125.81 -30.05 -24.10
CA ASN R 283 -126.36 -28.77 -23.65
C ASN R 283 -127.88 -28.66 -23.63
N MET R 284 -128.60 -29.18 -24.62
CA MET R 284 -130.06 -29.01 -24.72
C MET R 284 -130.46 -27.53 -24.80
N LEU R 285 -130.12 -26.92 -25.94
CA LEU R 285 -130.62 -25.58 -26.25
C LEU R 285 -132.15 -25.54 -26.14
N PRO R 286 -132.74 -24.37 -25.88
CA PRO R 286 -134.19 -24.30 -25.67
C PRO R 286 -134.97 -24.69 -26.91
N ALA R 287 -136.23 -25.07 -26.69
CA ALA R 287 -137.10 -25.59 -27.74
C ALA R 287 -137.70 -24.46 -28.55
N GLN R 288 -137.72 -24.64 -29.88
CA GLN R 288 -138.30 -23.68 -30.79
C GLN R 288 -139.65 -24.19 -31.26
N PRO R 289 -140.74 -23.45 -31.03
CA PRO R 289 -142.06 -23.95 -31.42
C PRO R 289 -142.41 -23.63 -32.87
N LYS R 290 -143.45 -24.31 -33.33
CA LYS R 290 -144.03 -24.07 -34.66
C LYS R 290 -145.55 -24.15 -34.51
N ASP R 291 -146.25 -24.33 -35.63
CA ASP R 291 -147.71 -24.30 -35.63
C ASP R 291 -148.31 -25.09 -34.47
N LEU R 292 -148.04 -26.40 -34.43
CA LEU R 292 -148.56 -27.21 -33.33
C LEU R 292 -147.54 -28.25 -32.85
N HIS R 293 -146.26 -28.05 -33.11
CA HIS R 293 -145.23 -28.99 -32.68
C HIS R 293 -144.03 -28.19 -32.20
N PHE R 294 -142.92 -28.89 -31.93
CA PHE R 294 -141.73 -28.31 -31.35
C PHE R 294 -140.50 -28.84 -32.08
N LYS R 295 -139.35 -28.21 -31.81
CA LYS R 295 -138.08 -28.69 -32.32
C LYS R 295 -137.00 -28.36 -31.31
N VAL R 296 -136.25 -29.38 -30.87
CA VAL R 296 -135.21 -29.17 -29.86
C VAL R 296 -133.87 -29.63 -30.39
N PRO R 297 -132.89 -28.73 -30.52
CA PRO R 297 -131.55 -29.11 -30.96
C PRO R 297 -130.61 -29.39 -29.79
N CYS R 298 -129.47 -29.99 -30.11
CA CYS R 298 -128.43 -30.33 -29.15
C CYS R 298 -127.07 -30.23 -29.83
N THR R 299 -126.07 -29.73 -29.10
CA THR R 299 -124.73 -29.52 -29.64
C THR R 299 -123.68 -29.87 -28.59
N SER R 300 -122.46 -30.10 -29.08
CA SER R 300 -121.32 -30.45 -28.24
C SER R 300 -120.04 -30.24 -29.05
N LYS R 301 -118.89 -30.48 -28.41
CA LYS R 301 -117.61 -30.27 -29.06
C LYS R 301 -116.63 -31.38 -28.67
N CYS R 302 -115.67 -31.66 -29.54
CA CYS R 302 -114.62 -32.63 -29.25
C CYS R 302 -113.46 -32.40 -30.19
N THR R 303 -112.29 -32.95 -29.84
CA THR R 303 -111.13 -32.83 -30.71
C THR R 303 -110.74 -34.15 -31.37
N GLY R 304 -111.01 -35.29 -30.72
CA GLY R 304 -110.57 -36.57 -31.21
C GLY R 304 -109.40 -37.06 -30.37
N LEU R 305 -108.55 -37.87 -30.99
CA LEU R 305 -107.38 -38.44 -30.33
C LEU R 305 -106.13 -37.73 -30.86
N THR R 306 -105.26 -37.31 -29.94
CA THR R 306 -103.98 -36.70 -30.29
C THR R 306 -102.87 -37.58 -29.75
N ILE R 307 -101.89 -37.89 -30.60
CA ILE R 307 -100.75 -38.73 -30.24
C ILE R 307 -99.50 -37.85 -30.37
N TYR R 308 -98.97 -37.41 -29.23
CA TYR R 308 -97.77 -36.58 -29.26
C TYR R 308 -96.53 -37.41 -29.56
N ARG R 309 -96.44 -38.61 -28.98
CA ARG R 309 -95.30 -39.49 -29.20
C ARG R 309 -95.77 -40.74 -29.95
N PRO R 310 -95.50 -40.83 -31.26
CA PRO R 310 -95.96 -41.99 -32.02
C PRO R 310 -95.11 -43.24 -31.84
N MET R 311 -94.00 -43.16 -31.11
CA MET R 311 -93.14 -44.31 -30.88
C MET R 311 -93.53 -45.12 -29.65
N THR R 312 -94.62 -44.74 -28.98
CA THR R 312 -95.09 -45.45 -27.79
C THR R 312 -96.34 -46.30 -28.07
N ILE R 313 -96.64 -46.56 -29.35
CA ILE R 313 -97.81 -47.33 -29.74
C ILE R 313 -97.34 -48.48 -30.61
N VAL R 314 -97.67 -49.72 -30.21
CA VAL R 314 -97.33 -50.91 -30.96
C VAL R 314 -98.61 -51.67 -31.26
N LEU R 315 -98.83 -51.97 -32.54
CA LEU R 315 -100.01 -52.71 -32.98
C LEU R 315 -99.55 -54.00 -33.65
N ILE R 316 -100.04 -55.13 -33.15
CA ILE R 316 -99.74 -56.44 -33.69
C ILE R 316 -100.96 -56.88 -34.48
N THR R 317 -100.82 -57.03 -35.79
CA THR R 317 -101.92 -57.35 -36.67
C THR R 317 -101.89 -58.82 -37.07
N GLY R 318 -103.01 -59.28 -37.63
CA GLY R 318 -103.12 -60.65 -38.08
C GLY R 318 -103.40 -61.67 -37.00
N VAL R 319 -103.64 -61.22 -35.76
CA VAL R 319 -103.93 -62.13 -34.67
C VAL R 319 -105.27 -62.82 -34.87
N ALA S 29 -157.62 -137.83 10.91
CA ALA S 29 -157.26 -136.49 11.37
C ALA S 29 -156.57 -136.55 12.73
N THR S 30 -155.24 -136.67 12.69
CA THR S 30 -154.41 -136.76 13.89
C THR S 30 -153.31 -135.71 13.79
N MET S 31 -153.54 -134.55 14.39
CA MET S 31 -152.61 -133.44 14.35
C MET S 31 -152.19 -133.06 15.76
N GLY S 32 -151.26 -132.11 15.86
CA GLY S 32 -150.78 -131.67 17.15
C GLY S 32 -151.73 -130.71 17.85
N ILE S 33 -151.45 -130.46 19.12
CA ILE S 33 -152.29 -129.56 19.91
C ILE S 33 -152.18 -128.13 19.39
N TRP S 34 -150.96 -127.66 19.18
CA TRP S 34 -150.70 -126.28 18.81
C TRP S 34 -150.68 -126.13 17.29
N THR S 35 -151.16 -124.99 16.81
CA THR S 35 -151.20 -124.68 15.40
C THR S 35 -149.96 -123.88 15.00
N ALA S 36 -149.79 -123.69 13.69
CA ALA S 36 -148.64 -122.93 13.20
C ALA S 36 -148.75 -121.46 13.60
N GLN S 37 -149.96 -120.92 13.64
CA GLN S 37 -150.15 -119.50 13.94
C GLN S 37 -149.82 -119.18 15.39
N GLU S 38 -150.07 -120.10 16.32
CA GLU S 38 -149.80 -119.84 17.74
C GLU S 38 -148.33 -119.60 18.02
N LEU S 39 -147.43 -120.14 17.19
CA LEU S 39 -146.00 -119.92 17.30
C LEU S 39 -145.58 -119.14 16.07
N HIS S 40 -145.70 -117.82 16.13
CA HIS S 40 -145.44 -116.95 14.98
C HIS S 40 -145.33 -115.51 15.43
N ARG S 41 -144.28 -114.82 15.00
CA ARG S 41 -144.07 -113.42 15.35
C ARG S 41 -144.16 -112.54 14.11
N ILE S 42 -144.89 -111.44 14.24
CA ILE S 42 -145.01 -110.45 13.18
C ILE S 42 -144.12 -109.26 13.54
N LYS S 43 -143.10 -109.02 12.73
CA LYS S 43 -142.18 -107.92 13.01
C LYS S 43 -142.88 -106.57 12.89
N SER S 44 -142.53 -105.67 13.81
CA SER S 44 -143.18 -104.37 13.91
C SER S 44 -142.45 -103.28 13.14
N GLN S 45 -141.75 -103.63 12.07
CA GLN S 45 -141.09 -102.65 11.21
C GLN S 45 -141.47 -102.94 9.76
N SER S 46 -141.94 -101.93 9.06
CA SER S 46 -142.39 -102.05 7.69
C SER S 46 -141.53 -101.20 6.76
N TYR S 47 -141.37 -101.67 5.53
CA TYR S 47 -140.56 -101.00 4.53
C TYR S 47 -141.44 -100.49 3.41
N GLU S 48 -141.11 -99.31 2.89
CA GLU S 48 -141.89 -98.65 1.85
C GLU S 48 -140.99 -98.19 0.72
N GLU S 49 -141.50 -98.24 -0.50
CA GLU S 49 -140.75 -97.75 -1.65
C GLU S 49 -140.62 -96.24 -1.59
N ASP S 50 -139.58 -95.71 -2.22
CA ASP S 50 -139.33 -94.28 -2.28
C ASP S 50 -139.46 -93.78 -3.72
N TYR S 51 -140.15 -92.64 -3.88
CA TYR S 51 -140.30 -92.00 -5.18
C TYR S 51 -139.98 -90.52 -5.02
N PRO S 52 -138.71 -90.15 -5.13
CA PRO S 52 -138.35 -88.73 -5.04
C PRO S 52 -138.96 -87.92 -6.16
N VAL S 53 -139.31 -86.68 -5.84
CA VAL S 53 -140.03 -85.83 -6.80
C VAL S 53 -139.09 -85.25 -7.84
N GLY S 54 -138.13 -84.45 -7.39
CA GLY S 54 -137.19 -83.82 -8.29
C GLY S 54 -136.70 -82.50 -7.71
N SER S 55 -136.13 -81.67 -8.59
CA SER S 55 -135.54 -80.41 -8.18
C SER S 55 -135.88 -79.28 -9.15
N ALA S 56 -136.97 -79.44 -9.91
CA ALA S 56 -137.37 -78.39 -10.84
C ALA S 56 -137.76 -77.11 -10.12
N LEU S 57 -138.31 -77.22 -8.91
CA LEU S 57 -138.68 -76.06 -8.13
C LEU S 57 -137.57 -75.61 -7.18
N ARG S 58 -136.42 -76.27 -7.21
CA ARG S 58 -135.28 -75.86 -6.41
C ARG S 58 -134.16 -75.23 -7.23
N VAL S 59 -133.89 -75.73 -8.43
CA VAL S 59 -132.88 -75.16 -9.30
C VAL S 59 -133.41 -74.04 -10.18
N PHE S 60 -134.67 -73.65 -10.02
CA PHE S 60 -135.28 -72.60 -10.81
C PHE S 60 -136.09 -71.67 -9.93
N PRO S 61 -136.23 -70.40 -10.32
CA PRO S 61 -136.98 -69.45 -9.49
C PRO S 61 -138.47 -69.75 -9.51
N VAL S 62 -139.16 -69.23 -8.49
CA VAL S 62 -140.61 -69.37 -8.35
C VAL S 62 -141.18 -67.97 -8.19
N THR S 63 -142.16 -67.63 -9.03
CA THR S 63 -142.77 -66.31 -8.96
C THR S 63 -144.27 -66.43 -8.66
N THR S 64 -144.76 -65.48 -7.86
CA THR S 64 -146.18 -65.40 -7.51
C THR S 64 -146.67 -64.00 -7.86
N GLU S 65 -147.11 -63.83 -9.11
CA GLU S 65 -147.53 -62.53 -9.63
C GLU S 65 -148.79 -62.69 -10.48
N LEU S 66 -149.31 -63.90 -10.58
CA LEU S 66 -150.40 -64.22 -11.48
C LEU S 66 -151.56 -64.80 -10.68
N SER S 67 -152.77 -64.37 -11.01
CA SER S 67 -153.97 -64.72 -10.25
C SER S 67 -154.53 -66.07 -10.71
N PRO S 68 -155.26 -66.77 -9.82
CA PRO S 68 -155.82 -68.08 -10.20
C PRO S 68 -156.89 -67.99 -11.27
N THR S 69 -157.30 -66.77 -11.61
CA THR S 69 -158.35 -66.54 -12.61
C THR S 69 -157.81 -65.86 -13.87
N ASP S 70 -156.55 -66.10 -14.21
CA ASP S 70 -155.96 -65.52 -15.41
C ASP S 70 -155.61 -66.62 -16.40
N LYS S 71 -155.51 -66.24 -17.68
CA LYS S 71 -155.18 -67.17 -18.74
C LYS S 71 -153.87 -66.87 -19.44
N THR S 72 -153.54 -65.59 -19.65
CA THR S 72 -152.34 -65.21 -20.38
C THR S 72 -151.64 -64.08 -19.66
N PHE S 73 -150.48 -63.68 -20.20
CA PHE S 73 -149.73 -62.54 -19.71
C PHE S 73 -148.83 -62.04 -20.83
N GLU S 74 -148.36 -60.80 -20.69
CA GLU S 74 -147.50 -60.24 -21.72
C GLU S 74 -146.50 -59.27 -21.10
N TYR S 75 -145.35 -59.14 -21.76
CA TYR S 75 -144.29 -58.23 -21.36
C TYR S 75 -143.84 -57.45 -22.58
N MET S 76 -143.19 -56.31 -22.35
CA MET S 76 -142.89 -55.36 -23.42
C MET S 76 -141.40 -55.05 -23.45
N THR S 77 -140.95 -54.65 -24.64
CA THR S 77 -139.56 -54.30 -24.90
C THR S 77 -139.54 -53.01 -25.71
N PHE S 78 -138.47 -52.22 -25.53
CA PHE S 78 -138.36 -50.91 -26.17
C PHE S 78 -137.00 -50.77 -26.83
N ASP S 79 -136.92 -49.82 -27.77
CA ASP S 79 -135.72 -49.63 -28.58
C ASP S 79 -135.73 -48.22 -29.14
N LYS S 80 -134.57 -47.79 -29.66
CA LYS S 80 -134.42 -46.43 -30.16
C LYS S 80 -133.44 -46.41 -31.33
N VAL S 81 -133.53 -45.35 -32.13
CA VAL S 81 -132.60 -45.11 -33.23
C VAL S 81 -132.21 -43.64 -33.24
N GLY S 82 -131.10 -43.33 -33.90
CA GLY S 82 -130.64 -41.96 -33.99
C GLY S 82 -129.25 -41.88 -34.58
N THR S 83 -128.81 -40.65 -34.81
CA THR S 83 -127.49 -40.40 -35.39
C THR S 83 -127.08 -38.96 -35.10
N ALA S 84 -125.84 -38.63 -35.44
CA ALA S 84 -125.30 -37.30 -35.27
C ALA S 84 -124.23 -37.05 -36.33
N GLN S 85 -123.94 -35.77 -36.57
CA GLN S 85 -122.99 -35.39 -37.59
C GLN S 85 -122.18 -34.19 -37.12
N ILE S 86 -121.19 -33.80 -37.92
CA ILE S 86 -120.34 -32.64 -37.65
C ILE S 86 -120.89 -31.45 -38.42
N ILE S 87 -121.16 -30.36 -37.71
CA ILE S 87 -121.86 -29.21 -38.27
C ILE S 87 -120.98 -27.97 -38.14
N ALA S 88 -121.38 -26.92 -38.85
CA ALA S 88 -120.79 -25.60 -38.74
C ALA S 88 -121.65 -24.75 -37.82
N ASP S 89 -121.36 -23.45 -37.76
CA ASP S 89 -122.13 -22.55 -36.89
C ASP S 89 -123.44 -22.10 -37.52
N TYR S 90 -123.45 -21.82 -38.83
CA TYR S 90 -124.66 -21.36 -39.52
C TYR S 90 -125.37 -22.54 -40.19
N THR S 91 -125.73 -23.53 -39.39
CA THR S 91 -126.35 -24.74 -39.92
C THR S 91 -127.78 -24.87 -39.41
N ASP S 92 -128.66 -25.37 -40.28
CA ASP S 92 -130.05 -25.66 -39.93
C ASP S 92 -130.51 -26.95 -40.60
N ASP S 93 -129.68 -27.99 -40.57
CA ASP S 93 -129.99 -29.27 -41.19
C ASP S 93 -129.66 -30.44 -40.27
N LEU S 94 -129.92 -30.27 -38.98
CA LEU S 94 -129.58 -31.29 -38.00
C LEU S 94 -130.50 -32.50 -38.17
N PRO S 95 -129.98 -33.72 -37.96
CA PRO S 95 -130.80 -34.93 -38.09
C PRO S 95 -131.73 -35.12 -36.89
N LEU S 96 -132.42 -36.26 -36.88
CA LEU S 96 -133.45 -36.55 -35.88
C LEU S 96 -133.29 -37.96 -35.32
N VAL S 97 -134.13 -38.29 -34.34
CA VAL S 97 -134.11 -39.58 -33.65
C VAL S 97 -135.55 -40.06 -33.49
N ASP S 98 -135.70 -41.31 -33.01
CA ASP S 98 -137.01 -41.93 -32.82
C ASP S 98 -136.90 -43.07 -31.82
N ALA S 99 -138.03 -43.75 -31.59
CA ALA S 99 -138.11 -44.86 -30.65
C ALA S 99 -139.27 -45.78 -31.03
N LEU S 100 -139.26 -46.99 -30.49
CA LEU S 100 -140.27 -48.00 -30.84
C LEU S 100 -140.27 -49.09 -29.77
N GLY S 101 -141.18 -50.07 -29.93
CA GLY S 101 -141.33 -51.14 -28.96
C GLY S 101 -142.08 -52.33 -29.52
N THR S 102 -142.14 -53.40 -28.72
CA THR S 102 -142.72 -54.68 -29.13
C THR S 102 -143.15 -55.42 -27.86
N SER S 103 -143.78 -56.59 -28.02
CA SER S 103 -144.31 -57.37 -26.89
C SER S 103 -144.39 -58.84 -27.27
N GLU S 104 -144.62 -59.68 -26.25
CA GLU S 104 -144.74 -61.13 -26.39
C GLU S 104 -145.82 -61.63 -25.44
N PHE S 105 -146.08 -62.95 -25.44
CA PHE S 105 -147.23 -63.50 -24.73
C PHE S 105 -146.88 -64.78 -23.96
N GLY S 106 -147.91 -65.38 -23.35
CA GLY S 106 -147.76 -66.59 -22.55
C GLY S 106 -149.09 -67.31 -22.39
N LYS S 107 -149.11 -68.31 -21.51
CA LYS S 107 -150.30 -69.13 -21.32
C LYS S 107 -150.18 -69.93 -20.02
N VAL S 108 -151.32 -70.46 -19.54
CA VAL S 108 -151.43 -71.21 -18.29
C VAL S 108 -152.23 -72.48 -18.55
N PHE S 109 -151.99 -73.52 -17.73
CA PHE S 109 -152.60 -74.83 -17.91
C PHE S 109 -153.12 -75.39 -16.59
N ARG S 110 -153.91 -76.47 -16.69
CA ARG S 110 -154.57 -77.10 -15.55
C ARG S 110 -154.33 -78.60 -15.57
N LEU S 111 -154.28 -79.20 -14.38
CA LEU S 111 -153.98 -80.62 -14.19
C LEU S 111 -155.01 -81.25 -13.28
N GLY S 112 -155.17 -82.57 -13.37
CA GLY S 112 -156.08 -83.26 -12.48
C GLY S 112 -156.06 -84.76 -12.65
N ASN S 113 -156.61 -85.44 -11.64
CA ASN S 113 -156.83 -86.89 -11.65
C ASN S 113 -157.90 -87.21 -10.62
N ALA S 114 -158.05 -88.49 -10.27
CA ALA S 114 -159.09 -88.90 -9.32
C ALA S 114 -158.70 -90.23 -8.70
N TYR S 115 -159.53 -90.69 -7.75
CA TYR S 115 -159.36 -92.03 -7.18
C TYR S 115 -160.70 -92.53 -6.63
N LEU S 116 -160.74 -93.82 -6.34
CA LEU S 116 -161.95 -94.53 -5.93
C LEU S 116 -161.70 -95.31 -4.63
N ILE S 117 -162.77 -95.55 -3.89
CA ILE S 117 -162.73 -96.35 -2.67
C ILE S 117 -164.13 -96.88 -2.39
N SER S 118 -164.20 -97.95 -1.61
CA SER S 118 -165.45 -98.65 -1.33
C SER S 118 -165.76 -98.63 0.16
N ILE S 119 -167.05 -98.86 0.47
CA ILE S 119 -167.52 -98.81 1.86
C ILE S 119 -166.88 -99.91 2.69
N ASP S 120 -166.83 -101.13 2.15
CA ASP S 120 -166.23 -102.23 2.89
C ASP S 120 -164.75 -101.98 3.15
N GLU S 121 -164.05 -101.41 2.17
CA GLU S 121 -162.64 -101.07 2.36
C GLU S 121 -162.48 -100.00 3.43
N ILE S 122 -163.36 -99.01 3.45
CA ILE S 122 -163.31 -97.98 4.48
C ILE S 122 -163.51 -98.60 5.87
N LYS S 123 -164.48 -99.51 5.99
CA LYS S 123 -164.72 -100.12 7.29
C LYS S 123 -163.58 -101.02 7.72
N ALA S 124 -162.95 -101.72 6.77
CA ALA S 124 -161.83 -102.58 7.12
C ALA S 124 -160.56 -101.79 7.44
N GLY S 125 -160.46 -100.57 6.91
CA GLY S 125 -159.31 -99.74 7.22
C GLY S 125 -159.25 -99.31 8.67
N GLN S 126 -160.40 -99.01 9.28
CA GLN S 126 -160.44 -98.63 10.68
C GLN S 126 -160.12 -99.79 11.61
N ALA S 127 -160.24 -101.03 11.14
CA ALA S 127 -160.03 -102.21 11.97
C ALA S 127 -158.63 -102.79 11.80
N THR S 128 -158.19 -103.03 10.57
CA THR S 128 -156.90 -103.68 10.37
C THR S 128 -155.74 -102.76 10.76
N GLY S 129 -155.98 -101.45 10.81
CA GLY S 129 -154.95 -100.50 11.19
C GLY S 129 -154.22 -99.85 10.04
N ARG S 130 -154.46 -100.31 8.81
CA ARG S 130 -153.82 -99.73 7.63
C ARG S 130 -154.87 -99.14 6.71
N PRO S 131 -155.22 -97.87 6.86
CA PRO S 131 -156.23 -97.26 5.97
C PRO S 131 -155.73 -97.18 4.55
N LEU S 132 -156.68 -97.23 3.61
CA LEU S 132 -156.36 -97.22 2.19
C LEU S 132 -156.56 -95.85 1.53
N SER S 133 -157.41 -95.00 2.10
CA SER S 133 -157.66 -93.69 1.52
C SER S 133 -156.41 -92.81 1.56
N THR S 134 -155.66 -92.87 2.66
CA THR S 134 -154.48 -92.01 2.81
C THR S 134 -153.43 -92.33 1.76
N ARG S 135 -153.22 -93.62 1.48
CA ARG S 135 -152.21 -94.00 0.49
C ARG S 135 -152.61 -93.50 -0.90
N LYS S 136 -153.90 -93.59 -1.24
CA LYS S 136 -154.34 -93.09 -2.54
C LYS S 136 -154.21 -91.57 -2.62
N ALA S 137 -154.50 -90.87 -1.53
CA ALA S 137 -154.32 -89.42 -1.53
C ALA S 137 -152.85 -89.04 -1.74
N SER S 138 -151.95 -89.76 -1.05
CA SER S 138 -150.52 -89.50 -1.23
C SER S 138 -150.08 -89.81 -2.66
N ALA S 139 -150.65 -90.87 -3.25
CA ALA S 139 -150.33 -91.19 -4.64
C ALA S 139 -150.78 -90.09 -5.57
N CYS S 140 -151.97 -89.52 -5.33
CA CYS S 140 -152.45 -88.40 -6.15
C CYS S 140 -151.50 -87.21 -6.05
N GLN S 141 -151.10 -86.85 -4.82
CA GLN S 141 -150.19 -85.72 -4.65
C GLN S 141 -148.85 -85.96 -5.35
N LEU S 142 -148.31 -87.17 -5.20
CA LEU S 142 -147.04 -87.49 -5.83
C LEU S 142 -147.14 -87.45 -7.34
N ALA S 143 -148.26 -87.95 -7.89
CA ALA S 143 -148.45 -87.91 -9.33
C ALA S 143 -148.51 -86.48 -9.84
N HIS S 144 -149.21 -85.60 -9.12
CA HIS S 144 -149.25 -84.19 -9.53
C HIS S 144 -147.85 -83.58 -9.54
N ASP S 145 -147.08 -83.80 -8.45
CA ASP S 145 -145.76 -83.20 -8.37
C ASP S 145 -144.83 -83.73 -9.46
N GLN S 146 -144.86 -85.04 -9.72
CA GLN S 146 -144.01 -85.60 -10.75
C GLN S 146 -144.43 -85.15 -12.14
N LEU S 147 -145.73 -84.96 -12.37
CA LEU S 147 -146.18 -84.41 -13.65
C LEU S 147 -145.65 -82.99 -13.84
N VAL S 148 -145.65 -82.19 -12.77
CA VAL S 148 -145.12 -80.83 -12.87
C VAL S 148 -143.63 -80.87 -13.22
N ASN S 149 -142.88 -81.75 -12.55
CA ASN S 149 -141.46 -81.88 -12.86
C ASN S 149 -141.25 -82.31 -14.31
N ARG S 150 -142.05 -83.27 -14.78
CA ARG S 150 -141.91 -83.74 -16.16
C ARG S 150 -142.21 -82.63 -17.16
N LEU S 151 -143.22 -81.81 -16.87
CA LEU S 151 -143.52 -80.69 -17.75
C LEU S 151 -142.38 -79.68 -17.76
N VAL S 152 -141.76 -79.45 -16.61
CA VAL S 152 -140.68 -78.47 -16.55
C VAL S 152 -139.47 -78.94 -17.35
N PHE S 153 -139.03 -80.19 -17.15
CA PHE S 153 -137.81 -80.63 -17.83
C PHE S 153 -138.03 -81.14 -19.25
N LYS S 154 -139.00 -82.02 -19.47
CA LYS S 154 -139.18 -82.61 -20.79
C LYS S 154 -140.21 -81.88 -21.64
N GLY S 155 -141.25 -81.31 -21.04
CA GLY S 155 -142.25 -80.57 -21.78
C GLY S 155 -143.16 -81.50 -22.56
N SER S 156 -144.01 -80.89 -23.39
CA SER S 156 -144.92 -81.61 -24.26
C SER S 156 -144.90 -80.98 -25.64
N ALA S 157 -144.82 -81.82 -26.67
CA ALA S 157 -144.76 -81.34 -28.05
C ALA S 157 -146.13 -80.87 -28.54
N PRO S 158 -147.18 -81.69 -28.52
CA PRO S 158 -148.47 -81.22 -29.07
C PRO S 158 -149.04 -80.01 -28.34
N HIS S 159 -148.72 -79.83 -27.06
CA HIS S 159 -149.24 -78.73 -26.28
C HIS S 159 -148.51 -77.43 -26.52
N LYS S 160 -147.46 -77.44 -27.35
CA LYS S 160 -146.62 -76.26 -27.60
C LYS S 160 -146.03 -75.71 -26.30
N ILE S 161 -145.55 -76.61 -25.45
CA ILE S 161 -144.84 -76.25 -24.23
C ILE S 161 -143.39 -76.66 -24.43
N VAL S 162 -142.56 -75.71 -24.83
CA VAL S 162 -141.14 -75.99 -25.06
C VAL S 162 -140.43 -76.10 -23.72
N SER S 163 -139.48 -77.02 -23.64
CA SER S 163 -138.74 -77.28 -22.41
C SER S 163 -137.41 -76.54 -22.43
N VAL S 164 -136.63 -76.75 -21.36
CA VAL S 164 -135.31 -76.15 -21.29
C VAL S 164 -134.33 -76.79 -22.27
N PHE S 165 -134.65 -77.98 -22.79
CA PHE S 165 -133.80 -78.67 -23.74
C PHE S 165 -134.20 -78.44 -25.19
N ASN S 166 -135.42 -77.98 -25.45
CA ASN S 166 -135.95 -77.88 -26.81
C ASN S 166 -136.26 -76.46 -27.24
N HIS S 167 -135.87 -75.46 -26.48
CA HIS S 167 -136.14 -74.08 -26.88
C HIS S 167 -135.29 -73.73 -28.09
N PRO S 168 -135.88 -73.19 -29.16
CA PRO S 168 -135.12 -72.93 -30.39
C PRO S 168 -134.23 -71.69 -30.34
N ASN S 169 -134.00 -71.11 -29.17
CA ASN S 169 -133.19 -69.90 -29.06
C ASN S 169 -132.08 -70.00 -28.03
N ILE S 170 -132.06 -71.04 -27.21
CA ILE S 170 -130.96 -71.26 -26.27
C ILE S 170 -129.76 -71.80 -27.05
N THR S 171 -128.57 -71.57 -26.52
CA THR S 171 -127.37 -71.98 -27.23
C THR S 171 -127.16 -73.48 -27.05
N LYS S 172 -126.89 -74.17 -28.15
CA LYS S 172 -126.63 -75.61 -28.13
C LYS S 172 -125.25 -75.88 -28.68
N ILE S 173 -124.43 -76.60 -27.92
CA ILE S 173 -123.08 -76.96 -28.34
C ILE S 173 -122.98 -78.48 -28.36
N THR S 174 -122.70 -79.03 -29.54
CA THR S 174 -122.39 -80.45 -29.63
C THR S 174 -120.97 -80.70 -29.11
N SER S 175 -120.74 -81.90 -28.60
CA SER S 175 -119.52 -82.17 -27.88
C SER S 175 -119.07 -83.60 -28.11
N GLY S 176 -117.76 -83.80 -28.10
CA GLY S 176 -117.22 -85.14 -28.03
C GLY S 176 -117.45 -85.75 -26.66
N LYS S 177 -117.47 -87.07 -26.62
CA LYS S 177 -117.80 -87.77 -25.38
C LYS S 177 -116.76 -87.50 -24.31
N TRP S 178 -117.22 -87.23 -23.09
CA TRP S 178 -116.31 -87.14 -21.96
C TRP S 178 -115.82 -88.52 -21.53
N ILE S 179 -116.64 -89.54 -21.75
CA ILE S 179 -116.28 -90.93 -21.47
C ILE S 179 -116.50 -91.69 -22.78
N ASP S 180 -115.44 -91.83 -23.57
CA ASP S 180 -115.51 -92.52 -24.86
C ASP S 180 -114.95 -93.92 -24.66
N ALA S 181 -115.84 -94.92 -24.69
CA ALA S 181 -115.47 -96.33 -24.53
C ALA S 181 -114.70 -96.54 -23.21
N SER S 182 -115.32 -96.09 -22.12
CA SER S 182 -114.79 -96.23 -20.76
C SER S 182 -113.44 -95.55 -20.58
N THR S 183 -113.12 -94.58 -21.44
CA THR S 183 -111.86 -93.84 -21.35
C THR S 183 -112.20 -92.40 -20.98
N MET S 184 -111.84 -92.01 -19.76
CA MET S 184 -112.16 -90.68 -19.26
C MET S 184 -111.26 -89.63 -19.93
N LYS S 185 -111.86 -88.52 -20.36
CA LYS S 185 -111.15 -87.41 -21.00
C LYS S 185 -111.55 -86.11 -20.31
N PRO S 186 -111.00 -85.83 -19.14
CA PRO S 186 -111.35 -84.58 -18.44
C PRO S 186 -110.92 -83.33 -19.18
N GLU S 187 -109.96 -83.44 -20.12
CA GLU S 187 -109.51 -82.27 -20.86
C GLU S 187 -110.62 -81.67 -21.70
N THR S 188 -111.44 -82.53 -22.33
CA THR S 188 -112.57 -82.04 -23.12
C THR S 188 -113.56 -81.30 -22.23
N ALA S 189 -113.87 -81.84 -21.05
CA ALA S 189 -114.79 -81.17 -20.14
C ALA S 189 -114.24 -79.81 -19.71
N GLU S 190 -112.96 -79.77 -19.35
CA GLU S 190 -112.35 -78.51 -18.94
C GLU S 190 -112.33 -77.48 -20.05
N ALA S 191 -112.08 -77.91 -21.29
CA ALA S 191 -112.04 -76.98 -22.42
C ALA S 191 -113.42 -76.61 -22.93
N GLU S 192 -114.47 -77.35 -22.55
CA GLU S 192 -115.80 -77.03 -23.02
C GLU S 192 -116.63 -76.25 -22.01
N LEU S 193 -116.33 -76.34 -20.73
CA LEU S 193 -117.05 -75.50 -19.77
C LEU S 193 -116.72 -74.03 -19.93
N THR S 194 -115.42 -73.71 -20.07
CA THR S 194 -115.01 -72.33 -20.24
C THR S 194 -115.55 -71.76 -21.55
N GLN S 195 -115.64 -72.59 -22.59
CA GLN S 195 -116.23 -72.12 -23.85
C GLN S 195 -117.68 -71.73 -23.66
N ALA S 196 -118.44 -72.52 -22.90
CA ALA S 196 -119.83 -72.18 -22.63
C ALA S 196 -119.95 -70.89 -21.84
N ILE S 197 -119.09 -70.71 -20.83
CA ILE S 197 -119.12 -69.47 -20.05
C ILE S 197 -118.79 -68.28 -20.94
N GLU S 198 -117.78 -68.42 -21.80
CA GLU S 198 -117.44 -67.38 -22.75
C GLU S 198 -118.60 -67.05 -23.67
N THR S 199 -119.29 -68.06 -24.18
CA THR S 199 -120.44 -67.81 -25.05
C THR S 199 -121.52 -67.05 -24.29
N ILE S 200 -121.82 -67.46 -23.07
CA ILE S 200 -122.81 -66.76 -22.25
C ILE S 200 -122.45 -65.29 -22.12
N GLU S 201 -121.17 -65.00 -21.84
CA GLU S 201 -120.76 -63.61 -21.68
C GLU S 201 -120.91 -62.83 -22.99
N THR S 202 -120.34 -63.34 -24.08
CA THR S 202 -120.26 -62.54 -25.30
C THR S 202 -121.62 -62.37 -25.96
N ILE S 203 -122.40 -63.45 -26.09
CA ILE S 203 -123.65 -63.34 -26.84
C ILE S 203 -124.62 -62.37 -26.18
N THR S 204 -124.53 -62.17 -24.87
CA THR S 204 -125.35 -61.18 -24.17
C THR S 204 -124.65 -59.85 -23.99
N ARG S 205 -123.35 -59.77 -24.30
CA ARG S 205 -122.63 -58.50 -24.31
C ARG S 205 -122.67 -57.82 -22.94
N GLY S 206 -122.18 -58.52 -21.94
CA GLY S 206 -122.25 -58.02 -20.58
C GLY S 206 -123.65 -58.15 -20.01
N GLN S 207 -123.79 -57.68 -18.78
CA GLN S 207 -125.03 -57.66 -17.99
C GLN S 207 -125.50 -59.04 -17.59
N HIS S 208 -124.84 -60.11 -18.04
CA HIS S 208 -125.27 -61.47 -17.73
C HIS S 208 -124.06 -62.39 -17.79
N ARG S 209 -123.69 -62.96 -16.65
CA ARG S 209 -122.55 -63.87 -16.55
C ARG S 209 -123.02 -65.20 -15.97
N ALA S 210 -122.36 -66.27 -16.42
CA ALA S 210 -122.73 -67.61 -15.96
C ALA S 210 -122.51 -67.74 -14.45
N THR S 211 -123.45 -68.38 -13.78
CA THR S 211 -123.36 -68.53 -12.33
C THR S 211 -123.58 -69.97 -11.87
N ASN S 212 -124.36 -70.76 -12.59
CA ASN S 212 -124.73 -72.09 -12.15
C ASN S 212 -124.50 -73.12 -13.24
N ILE S 213 -123.99 -74.29 -12.82
CA ILE S 213 -123.72 -75.41 -13.71
C ILE S 213 -124.40 -76.65 -13.16
N LEU S 214 -125.08 -77.40 -14.04
CA LEU S 214 -125.72 -78.66 -13.68
C LEU S 214 -125.17 -79.76 -14.57
N ILE S 215 -124.68 -80.83 -13.95
CA ILE S 215 -124.08 -81.95 -14.68
C ILE S 215 -124.70 -83.27 -14.18
N PRO S 216 -124.70 -84.33 -14.99
CA PRO S 216 -125.22 -85.60 -14.51
C PRO S 216 -124.33 -86.16 -13.42
N PRO S 217 -124.90 -86.94 -12.49
CA PRO S 217 -124.07 -87.57 -11.45
C PRO S 217 -123.13 -88.63 -11.97
N SER S 218 -123.30 -89.10 -13.21
CA SER S 218 -122.42 -90.10 -13.78
C SER S 218 -121.15 -89.51 -14.37
N MET S 219 -120.92 -88.21 -14.21
CA MET S 219 -119.72 -87.55 -14.71
C MET S 219 -118.91 -86.89 -13.61
N ARG S 220 -119.15 -87.25 -12.35
CA ARG S 220 -118.35 -86.69 -11.26
C ARG S 220 -116.98 -87.35 -11.16
N LYS S 221 -116.87 -88.62 -11.51
CA LYS S 221 -115.56 -89.27 -11.47
C LYS S 221 -114.62 -88.71 -12.53
N VAL S 222 -115.17 -88.15 -13.61
CA VAL S 222 -114.33 -87.50 -14.61
C VAL S 222 -113.65 -86.27 -14.02
N LEU S 223 -114.40 -85.46 -13.28
CA LEU S 223 -113.85 -84.27 -12.66
C LEU S 223 -113.08 -84.56 -11.37
N ALA S 224 -113.23 -85.75 -10.81
CA ALA S 224 -112.49 -86.14 -9.61
C ALA S 224 -111.11 -86.71 -9.92
N ILE S 225 -110.74 -86.80 -11.20
CA ILE S 225 -109.43 -87.33 -11.57
C ILE S 225 -108.34 -86.38 -11.13
N ARG S 226 -107.25 -86.94 -10.58
CA ARG S 226 -106.08 -86.14 -10.22
C ARG S 226 -105.31 -85.74 -11.47
N MET S 227 -104.97 -84.46 -11.56
CA MET S 227 -104.23 -83.95 -12.70
C MET S 227 -102.82 -84.55 -12.71
N PRO S 228 -102.32 -84.95 -13.89
CA PRO S 228 -101.03 -85.65 -13.93
C PRO S 228 -99.88 -84.82 -13.35
N GLU S 229 -99.02 -85.48 -12.59
CA GLU S 229 -97.82 -84.89 -12.00
C GLU S 229 -98.17 -83.68 -11.14
N THR S 230 -99.28 -83.76 -10.41
CA THR S 230 -99.72 -82.67 -9.53
C THR S 230 -100.27 -83.27 -8.24
N THR S 231 -100.99 -82.44 -7.48
CA THR S 231 -101.61 -82.84 -6.24
C THR S 231 -103.09 -82.42 -6.20
N MET S 232 -103.49 -81.50 -7.07
CA MET S 232 -104.85 -80.99 -7.08
C MET S 232 -105.56 -81.48 -8.35
N SER S 233 -106.88 -81.54 -8.26
CA SER S 233 -107.70 -82.14 -9.31
C SER S 233 -108.25 -81.09 -10.26
N TYR S 234 -108.85 -81.58 -11.35
CA TYR S 234 -109.43 -80.70 -12.35
C TYR S 234 -110.52 -79.82 -11.77
N LEU S 235 -111.34 -80.38 -10.88
CA LEU S 235 -112.39 -79.58 -10.26
C LEU S 235 -111.80 -78.44 -9.44
N ASP S 236 -110.74 -78.71 -8.67
CA ASP S 236 -110.10 -77.66 -7.89
C ASP S 236 -109.48 -76.59 -8.79
N TYR S 237 -108.82 -77.01 -9.87
CA TYR S 237 -108.26 -76.04 -10.80
C TYR S 237 -109.33 -75.16 -11.43
N PHE S 238 -110.43 -75.78 -11.86
CA PHE S 238 -111.52 -75.02 -12.45
C PHE S 238 -112.13 -74.04 -11.46
N LYS S 239 -112.33 -74.48 -10.22
CA LYS S 239 -112.90 -73.58 -9.21
C LYS S 239 -111.95 -72.44 -8.91
N SER S 240 -110.64 -72.71 -8.84
CA SER S 240 -109.67 -71.66 -8.60
C SER S 240 -109.69 -70.63 -9.74
N GLN S 241 -109.81 -71.10 -10.98
CA GLN S 241 -109.85 -70.19 -12.11
C GLN S 241 -111.15 -69.40 -12.21
N ASN S 242 -112.29 -70.02 -11.88
CA ASN S 242 -113.61 -69.41 -12.08
C ASN S 242 -114.39 -69.38 -10.77
N SER S 243 -113.75 -68.92 -9.70
CA SER S 243 -114.41 -68.78 -8.42
C SER S 243 -115.65 -67.89 -8.54
N GLY S 244 -116.72 -68.30 -7.86
CA GLY S 244 -118.00 -67.63 -7.97
C GLY S 244 -119.07 -68.41 -8.70
N ILE S 245 -118.87 -69.68 -8.99
CA ILE S 245 -119.79 -70.50 -9.77
C ILE S 245 -120.11 -71.76 -8.97
N GLU S 246 -121.39 -72.11 -8.92
CA GLU S 246 -121.85 -73.28 -8.18
C GLU S 246 -122.14 -74.43 -9.14
N ILE S 247 -121.60 -75.60 -8.83
CA ILE S 247 -121.73 -76.79 -9.65
C ILE S 247 -122.55 -77.82 -8.88
N ASP S 248 -123.59 -78.35 -9.52
CA ASP S 248 -124.47 -79.33 -8.90
C ASP S 248 -124.78 -80.46 -9.86
N SER S 249 -125.41 -81.49 -9.32
CA SER S 249 -125.78 -82.69 -10.08
C SER S 249 -127.28 -82.87 -10.07
N ILE S 250 -127.83 -83.23 -11.22
CA ILE S 250 -129.27 -83.44 -11.39
C ILE S 250 -129.48 -84.81 -12.01
N ALA S 251 -130.39 -85.60 -11.43
CA ALA S 251 -130.62 -86.96 -11.90
C ALA S 251 -131.38 -87.02 -13.22
N GLU S 252 -131.87 -85.87 -13.72
CA GLU S 252 -132.66 -85.87 -14.95
C GLU S 252 -131.82 -85.71 -16.20
N LEU S 253 -130.49 -85.67 -16.08
CA LEU S 253 -129.63 -85.34 -17.21
C LEU S 253 -129.00 -86.55 -17.90
N GLU S 254 -129.37 -87.77 -17.52
CA GLU S 254 -128.90 -88.95 -18.25
C GLU S 254 -129.75 -89.28 -19.47
N ASP S 255 -130.92 -88.65 -19.62
CA ASP S 255 -131.81 -88.95 -20.73
C ASP S 255 -132.52 -87.66 -21.12
N ILE S 256 -131.97 -86.96 -22.12
CA ILE S 256 -132.54 -85.72 -22.61
C ILE S 256 -133.30 -85.90 -23.91
N ASP S 257 -133.20 -87.05 -24.56
CA ASP S 257 -133.91 -87.29 -25.81
C ASP S 257 -134.67 -88.61 -25.83
N GLY S 258 -134.66 -89.37 -24.75
CA GLY S 258 -135.26 -90.69 -24.75
C GLY S 258 -134.37 -91.79 -25.26
N ALA S 259 -133.15 -91.48 -25.68
CA ALA S 259 -132.23 -92.47 -26.24
C ALA S 259 -130.92 -92.54 -25.45
N GLY S 260 -130.91 -92.03 -24.22
CA GLY S 260 -129.74 -92.12 -23.36
C GLY S 260 -128.71 -91.03 -23.53
N THR S 261 -128.99 -90.00 -24.33
CA THR S 261 -128.06 -88.90 -24.48
C THR S 261 -127.94 -88.12 -23.18
N LYS S 262 -126.73 -87.68 -22.85
CA LYS S 262 -126.45 -86.93 -21.65
C LYS S 262 -126.19 -85.47 -22.00
N GLY S 263 -126.50 -84.58 -21.06
CA GLY S 263 -126.37 -83.16 -21.30
C GLY S 263 -125.89 -82.42 -20.07
N VAL S 264 -125.34 -81.23 -20.32
CA VAL S 264 -124.84 -80.35 -19.27
C VAL S 264 -125.45 -78.97 -19.47
N LEU S 265 -125.86 -78.33 -18.37
CA LEU S 265 -126.55 -77.05 -18.44
C LEU S 265 -125.72 -75.96 -17.75
N VAL S 266 -125.58 -74.82 -18.42
CA VAL S 266 -124.93 -73.65 -17.84
C VAL S 266 -125.89 -72.47 -17.96
N TYR S 267 -126.12 -71.77 -16.85
CA TYR S 267 -127.08 -70.69 -16.87
C TYR S 267 -126.84 -69.74 -15.70
N GLU S 268 -127.66 -68.68 -15.66
CA GLU S 268 -127.65 -67.69 -14.59
C GLU S 268 -129.02 -67.68 -13.91
N LYS S 269 -129.02 -67.82 -12.59
CA LYS S 269 -130.27 -67.88 -11.83
C LYS S 269 -130.77 -66.46 -11.56
N ASN S 270 -131.90 -66.12 -12.16
CA ASN S 270 -132.51 -64.80 -12.00
C ASN S 270 -133.98 -64.86 -12.40
N PRO S 271 -134.90 -64.41 -11.55
CA PRO S 271 -136.32 -64.44 -11.92
C PRO S 271 -136.65 -63.63 -13.16
N MET S 272 -135.84 -62.63 -13.50
CA MET S 272 -136.07 -61.84 -14.71
C MET S 272 -135.73 -62.60 -15.99
N ASN S 273 -135.10 -63.76 -15.88
CA ASN S 273 -134.72 -64.55 -17.06
C ASN S 273 -135.58 -65.79 -17.26
N MET S 274 -135.90 -66.53 -16.19
CA MET S 274 -136.78 -67.67 -16.29
C MET S 274 -137.56 -67.79 -15.00
N SER S 275 -138.74 -68.41 -15.09
CA SER S 275 -139.64 -68.44 -13.94
C SER S 275 -140.58 -69.63 -14.05
N ILE S 276 -141.20 -69.95 -12.91
CA ILE S 276 -142.23 -70.98 -12.80
C ILE S 276 -143.32 -70.44 -11.89
N GLU S 277 -144.58 -70.58 -12.32
CA GLU S 277 -145.73 -70.11 -11.57
C GLU S 277 -146.57 -71.29 -11.11
N ILE S 278 -147.10 -71.20 -9.90
CA ILE S 278 -148.09 -72.17 -9.40
C ILE S 278 -149.28 -71.37 -8.89
N PRO S 279 -150.18 -70.91 -9.77
CA PRO S 279 -151.31 -70.08 -9.30
C PRO S 279 -152.20 -70.76 -8.30
N GLU S 280 -152.47 -72.06 -8.46
CA GLU S 280 -153.40 -72.78 -7.61
C GLU S 280 -152.75 -74.08 -7.14
N ALA S 281 -152.72 -74.27 -5.83
CA ALA S 281 -152.07 -75.43 -5.25
C ALA S 281 -153.01 -76.64 -5.28
N PHE S 282 -152.47 -77.79 -4.90
CA PHE S 282 -153.23 -79.03 -4.90
C PHE S 282 -154.40 -78.94 -3.93
N ASN S 283 -155.57 -79.35 -4.40
CA ASN S 283 -156.78 -79.34 -3.57
C ASN S 283 -157.66 -80.51 -3.97
N MET S 284 -158.55 -80.89 -3.07
CA MET S 284 -159.45 -82.01 -3.26
C MET S 284 -160.89 -81.54 -3.29
N LEU S 285 -161.77 -82.41 -3.80
CA LEU S 285 -163.18 -82.11 -3.90
C LEU S 285 -164.01 -83.08 -3.08
N PRO S 286 -165.22 -82.68 -2.68
CA PRO S 286 -166.07 -83.58 -1.88
C PRO S 286 -166.39 -84.85 -2.64
N ALA S 287 -166.52 -85.95 -1.89
CA ALA S 287 -166.77 -87.25 -2.49
C ALA S 287 -168.14 -87.29 -3.15
N GLN S 288 -168.19 -87.92 -4.33
CA GLN S 288 -169.43 -88.04 -5.08
C GLN S 288 -169.93 -89.48 -5.01
N PRO S 289 -170.97 -89.76 -4.23
CA PRO S 289 -171.36 -91.15 -4.00
C PRO S 289 -171.93 -91.81 -5.24
N LYS S 290 -171.78 -93.13 -5.29
CA LYS S 290 -172.42 -93.97 -6.31
C LYS S 290 -173.17 -95.06 -5.55
N ASP S 291 -173.61 -96.11 -6.25
CA ASP S 291 -174.41 -97.17 -5.64
C ASP S 291 -173.88 -97.62 -4.29
N LEU S 292 -172.60 -98.05 -4.23
CA LEU S 292 -172.03 -98.46 -2.96
C LEU S 292 -170.58 -98.02 -2.78
N HIS S 293 -170.03 -97.20 -3.66
CA HIS S 293 -168.65 -96.75 -3.56
C HIS S 293 -168.59 -95.25 -3.80
N PHE S 294 -167.38 -94.70 -3.72
CA PHE S 294 -167.16 -93.26 -3.77
C PHE S 294 -166.22 -92.91 -4.92
N LYS S 295 -166.00 -91.61 -5.10
CA LYS S 295 -165.09 -91.11 -6.12
C LYS S 295 -164.63 -89.72 -5.72
N VAL S 296 -163.32 -89.54 -5.56
CA VAL S 296 -162.75 -88.28 -5.11
C VAL S 296 -161.83 -87.75 -6.19
N PRO S 297 -162.13 -86.60 -6.80
CA PRO S 297 -161.22 -86.00 -7.78
C PRO S 297 -160.27 -84.98 -7.16
N CYS S 298 -159.24 -84.64 -7.92
CA CYS S 298 -158.18 -83.73 -7.50
C CYS S 298 -157.76 -82.89 -8.69
N THR S 299 -157.57 -81.59 -8.46
CA THR S 299 -157.21 -80.65 -9.53
C THR S 299 -156.14 -79.68 -9.04
N SER S 300 -155.45 -79.07 -10.01
CA SER S 300 -154.40 -78.11 -9.73
C SER S 300 -154.16 -77.28 -10.99
N LYS S 301 -153.34 -76.24 -10.87
CA LYS S 301 -152.98 -75.38 -11.99
C LYS S 301 -151.47 -75.19 -12.04
N CYS S 302 -150.97 -74.85 -13.22
CA CYS S 302 -149.54 -74.65 -13.41
C CYS S 302 -149.32 -73.85 -14.69
N THR S 303 -148.05 -73.56 -14.98
CA THR S 303 -147.69 -72.88 -16.21
C THR S 303 -146.45 -73.45 -16.89
N GLY S 304 -145.68 -74.30 -16.23
CA GLY S 304 -144.42 -74.76 -16.78
C GLY S 304 -143.31 -73.74 -16.60
N LEU S 305 -142.30 -73.85 -17.45
CA LEU S 305 -141.14 -72.97 -17.41
C LEU S 305 -141.33 -71.84 -18.43
N THR S 306 -141.18 -70.61 -17.98
CA THR S 306 -141.27 -69.44 -18.84
C THR S 306 -139.90 -68.81 -18.96
N ILE S 307 -139.43 -68.64 -20.20
CA ILE S 307 -138.09 -68.11 -20.48
C ILE S 307 -138.26 -66.77 -21.17
N TYR S 308 -137.96 -65.68 -20.46
CA TYR S 308 -138.08 -64.35 -21.03
C TYR S 308 -136.89 -64.02 -21.92
N ARG S 309 -135.68 -64.17 -21.39
CA ARG S 309 -134.46 -63.95 -22.17
C ARG S 309 -133.81 -65.28 -22.48
N PRO S 310 -133.90 -65.78 -23.71
CA PRO S 310 -133.41 -67.13 -24.03
C PRO S 310 -131.94 -67.23 -24.36
N MET S 311 -131.19 -66.13 -24.28
CA MET S 311 -129.78 -66.14 -24.63
C MET S 311 -128.87 -66.47 -23.44
N THR S 312 -129.44 -66.65 -22.25
CA THR S 312 -128.65 -66.93 -21.05
C THR S 312 -128.76 -68.40 -20.62
N ILE S 313 -128.93 -69.32 -21.58
CA ILE S 313 -128.95 -70.75 -21.30
C ILE S 313 -128.11 -71.45 -22.36
N VAL S 314 -127.13 -72.23 -21.91
CA VAL S 314 -126.27 -73.01 -22.79
C VAL S 314 -126.41 -74.48 -22.44
N LEU S 315 -126.63 -75.30 -23.46
CA LEU S 315 -126.78 -76.74 -23.31
C LEU S 315 -125.66 -77.44 -24.09
N ILE S 316 -124.84 -78.20 -23.38
CA ILE S 316 -123.82 -79.03 -23.99
C ILE S 316 -124.40 -80.42 -24.18
N THR S 317 -124.45 -80.89 -25.42
CA THR S 317 -125.09 -82.15 -25.77
C THR S 317 -124.05 -83.15 -26.23
N GLY S 318 -124.27 -84.41 -25.87
CA GLY S 318 -123.36 -85.48 -26.25
C GLY S 318 -122.37 -85.89 -25.18
N VAL S 319 -122.43 -85.28 -24.01
CA VAL S 319 -121.57 -85.68 -22.91
C VAL S 319 -121.98 -87.05 -22.38
N ALA T 28 -76.89 -156.46 43.53
CA ALA T 28 -75.85 -155.83 42.72
C ALA T 28 -76.18 -154.36 42.46
N ALA T 29 -76.78 -153.72 43.46
CA ALA T 29 -77.22 -152.32 43.34
C ALA T 29 -76.04 -151.41 43.64
N THR T 30 -75.70 -150.54 42.69
CA THR T 30 -74.62 -149.56 42.85
C THR T 30 -75.13 -148.24 42.31
N MET T 31 -75.67 -147.40 43.18
CA MET T 31 -76.23 -146.11 42.81
C MET T 31 -75.66 -145.02 43.71
N GLY T 32 -75.92 -143.77 43.32
CA GLY T 32 -75.60 -142.64 44.17
C GLY T 32 -76.67 -142.44 45.24
N ILE T 33 -76.40 -141.47 46.12
CA ILE T 33 -77.33 -141.18 47.21
C ILE T 33 -78.39 -140.15 46.83
N TRP T 34 -78.37 -139.65 45.60
CA TRP T 34 -79.36 -138.69 45.12
C TRP T 34 -80.07 -139.27 43.89
N THR T 35 -81.39 -139.23 43.89
CA THR T 35 -82.16 -139.62 42.73
C THR T 35 -82.40 -138.41 41.84
N ALA T 36 -82.74 -138.68 40.57
CA ALA T 36 -82.83 -137.62 39.57
C ALA T 36 -83.91 -136.61 39.91
N GLN T 37 -84.98 -137.06 40.57
CA GLN T 37 -86.12 -136.18 40.83
C GLN T 37 -85.75 -135.03 41.76
N GLU T 38 -84.80 -135.24 42.67
CA GLU T 38 -84.43 -134.19 43.62
C GLU T 38 -83.79 -132.98 42.94
N LEU T 39 -83.19 -133.15 41.77
CA LEU T 39 -82.54 -132.05 41.07
C LEU T 39 -83.28 -131.74 39.78
N HIS T 40 -84.61 -131.73 39.84
CA HIS T 40 -85.46 -131.47 38.68
C HIS T 40 -86.47 -130.40 39.04
N ARG T 41 -86.69 -129.47 38.11
CA ARG T 41 -87.53 -128.30 38.37
C ARG T 41 -88.65 -128.23 37.34
N ILE T 42 -89.81 -127.73 37.77
CA ILE T 42 -90.95 -127.46 36.90
C ILE T 42 -91.04 -125.94 36.73
N LYS T 43 -91.16 -125.49 35.48
CA LYS T 43 -91.09 -124.05 35.20
C LYS T 43 -92.25 -123.26 35.78
N SER T 44 -93.31 -123.92 36.21
CA SER T 44 -94.44 -123.29 36.93
C SER T 44 -95.16 -122.24 36.08
N GLN T 45 -95.20 -122.43 34.77
CA GLN T 45 -95.97 -121.57 33.88
C GLN T 45 -96.26 -122.35 32.59
N SER T 46 -97.53 -122.45 32.23
CA SER T 46 -97.97 -123.31 31.14
C SER T 46 -98.40 -122.48 29.94
N TYR T 47 -98.48 -123.16 28.79
CA TYR T 47 -98.91 -122.54 27.54
C TYR T 47 -100.18 -123.21 27.06
N GLU T 48 -101.20 -122.40 26.77
CA GLU T 48 -102.49 -122.88 26.29
C GLU T 48 -102.70 -122.41 24.86
N GLU T 49 -103.07 -123.33 23.98
CA GLU T 49 -103.42 -122.95 22.62
C GLU T 49 -104.72 -122.14 22.61
N ASP T 50 -104.77 -121.14 21.74
CA ASP T 50 -105.94 -120.29 21.61
C ASP T 50 -106.73 -120.65 20.36
N TYR T 51 -108.05 -120.47 20.44
CA TYR T 51 -108.96 -120.75 19.32
C TYR T 51 -109.92 -119.58 19.17
N PRO T 52 -109.60 -118.61 18.33
CA PRO T 52 -110.55 -117.51 18.10
C PRO T 52 -111.84 -118.03 17.49
N VAL T 53 -112.95 -117.41 17.89
CA VAL T 53 -114.27 -117.87 17.44
C VAL T 53 -114.62 -117.25 16.09
N GLY T 54 -114.38 -115.96 15.94
CA GLY T 54 -114.68 -115.29 14.69
C GLY T 54 -115.13 -113.86 14.96
N SER T 55 -115.72 -113.25 13.93
CA SER T 55 -116.19 -111.87 14.04
C SER T 55 -117.62 -111.71 13.53
N ALA T 56 -118.39 -112.80 13.46
CA ALA T 56 -119.76 -112.70 12.95
C ALA T 56 -120.63 -111.86 13.87
N LEU T 57 -120.39 -111.94 15.17
CA LEU T 57 -121.15 -111.14 16.12
C LEU T 57 -120.60 -109.73 16.28
N ARG T 58 -119.46 -109.43 15.66
CA ARG T 58 -118.87 -108.10 15.75
C ARG T 58 -119.07 -107.26 14.50
N VAL T 59 -119.07 -107.88 13.32
CA VAL T 59 -119.23 -107.13 12.07
C VAL T 59 -120.68 -106.97 11.66
N PHE T 60 -121.60 -107.74 12.25
CA PHE T 60 -123.00 -107.62 11.91
C PHE T 60 -123.82 -107.32 13.17
N PRO T 61 -124.86 -106.50 13.06
CA PRO T 61 -125.64 -106.14 14.25
C PRO T 61 -126.47 -107.31 14.76
N VAL T 62 -126.81 -107.25 16.05
CA VAL T 62 -127.61 -108.27 16.71
C VAL T 62 -128.73 -107.57 17.48
N THR T 63 -129.93 -108.15 17.42
CA THR T 63 -131.09 -107.64 18.14
C THR T 63 -131.74 -108.76 18.94
N THR T 64 -132.79 -108.42 19.68
CA THR T 64 -133.43 -109.33 20.62
C THR T 64 -134.95 -109.35 20.45
N GLU T 65 -135.45 -109.20 19.23
CA GLU T 65 -136.89 -109.07 19.01
C GLU T 65 -137.47 -110.43 18.58
N LEU T 66 -137.28 -111.42 19.44
CA LEU T 66 -137.85 -112.75 19.26
C LEU T 66 -137.93 -113.43 20.61
N SER T 67 -139.11 -113.89 20.99
CA SER T 67 -139.26 -114.67 22.19
C SER T 67 -138.63 -116.05 22.00
N PRO T 68 -138.13 -116.67 23.06
CA PRO T 68 -137.47 -117.99 22.90
C PRO T 68 -138.39 -119.09 22.40
N THR T 69 -139.71 -118.89 22.46
CA THR T 69 -140.67 -119.94 22.13
C THR T 69 -141.24 -119.82 20.72
N ASP T 70 -140.61 -119.01 19.86
CA ASP T 70 -141.11 -118.84 18.50
C ASP T 70 -140.40 -119.78 17.54
N LYS T 71 -140.98 -119.94 16.35
CA LYS T 71 -140.40 -120.74 15.28
C LYS T 71 -140.33 -120.01 13.95
N THR T 72 -141.03 -118.89 13.78
CA THR T 72 -141.09 -118.21 12.50
C THR T 72 -141.40 -116.73 12.74
N PHE T 73 -140.84 -115.88 11.89
CA PHE T 73 -141.14 -114.46 11.89
C PHE T 73 -141.49 -114.02 10.47
N GLU T 74 -142.13 -112.86 10.37
CA GLU T 74 -142.67 -112.37 9.11
C GLU T 74 -142.59 -110.85 9.07
N TYR T 75 -142.32 -110.31 7.89
CA TYR T 75 -142.28 -108.86 7.73
C TYR T 75 -142.87 -108.46 6.38
N MET T 76 -143.28 -107.19 6.29
CA MET T 76 -144.09 -106.68 5.19
C MET T 76 -143.35 -105.59 4.43
N THR T 77 -143.76 -105.40 3.17
CA THR T 77 -143.34 -104.26 2.35
C THR T 77 -144.51 -103.82 1.48
N PHE T 78 -144.48 -102.54 1.07
CA PHE T 78 -145.59 -101.91 0.37
C PHE T 78 -145.10 -101.09 -0.82
N ASP T 79 -146.04 -100.66 -1.66
CA ASP T 79 -145.75 -99.91 -2.88
C ASP T 79 -147.02 -99.25 -3.37
N LYS T 80 -146.87 -98.32 -4.32
CA LYS T 80 -147.99 -97.55 -4.86
C LYS T 80 -147.77 -97.28 -6.34
N VAL T 81 -148.86 -97.02 -7.05
CA VAL T 81 -148.83 -96.67 -8.47
C VAL T 81 -149.90 -95.64 -8.78
N GLY T 82 -149.60 -94.77 -9.74
CA GLY T 82 -150.56 -93.75 -10.15
C GLY T 82 -149.98 -92.88 -11.25
N THR T 83 -150.81 -91.93 -11.70
CA THR T 83 -150.44 -91.00 -12.76
C THR T 83 -151.41 -89.83 -12.76
N ALA T 84 -151.17 -88.89 -13.67
CA ALA T 84 -151.99 -87.69 -13.80
C ALA T 84 -151.92 -87.19 -15.24
N GLN T 85 -152.84 -86.28 -15.58
CA GLN T 85 -152.97 -85.80 -16.95
C GLN T 85 -153.37 -84.34 -16.96
N ILE T 86 -153.53 -83.80 -18.17
CA ILE T 86 -153.96 -82.43 -18.40
C ILE T 86 -155.39 -82.46 -18.90
N ILE T 87 -156.27 -81.70 -18.25
CA ILE T 87 -157.70 -81.77 -18.56
C ILE T 87 -158.24 -80.40 -18.94
N ALA T 88 -159.51 -80.36 -19.32
CA ALA T 88 -160.23 -79.14 -19.64
C ALA T 88 -161.33 -78.92 -18.60
N ASP T 89 -162.17 -77.91 -18.82
CA ASP T 89 -163.20 -77.57 -17.84
C ASP T 89 -164.27 -78.65 -17.74
N TYR T 90 -164.80 -79.12 -18.87
CA TYR T 90 -165.76 -80.22 -18.88
C TYR T 90 -165.00 -81.50 -19.18
N THR T 91 -164.69 -82.25 -18.12
CA THR T 91 -163.99 -83.52 -18.25
C THR T 91 -164.78 -84.61 -17.53
N ASP T 92 -164.70 -85.83 -18.05
CA ASP T 92 -165.36 -86.98 -17.45
C ASP T 92 -164.43 -88.17 -17.26
N ASP T 93 -163.20 -88.10 -17.77
CA ASP T 93 -162.23 -89.16 -17.61
C ASP T 93 -161.04 -88.63 -16.81
N LEU T 94 -160.60 -89.41 -15.82
CA LEU T 94 -159.49 -89.06 -14.95
C LEU T 94 -158.77 -90.33 -14.53
N PRO T 95 -157.44 -90.29 -14.49
CA PRO T 95 -156.68 -91.48 -14.08
C PRO T 95 -156.86 -91.79 -12.59
N LEU T 96 -156.54 -93.02 -12.22
CA LEU T 96 -156.71 -93.52 -10.85
C LEU T 96 -155.37 -94.03 -10.32
N VAL T 97 -155.38 -94.40 -9.03
CA VAL T 97 -154.18 -94.83 -8.31
C VAL T 97 -154.49 -96.11 -7.54
N ASP T 98 -153.44 -96.85 -7.20
CA ASP T 98 -153.57 -98.17 -6.57
C ASP T 98 -152.34 -98.42 -5.69
N ALA T 99 -152.35 -99.54 -4.97
CA ALA T 99 -151.29 -99.88 -4.02
C ALA T 99 -151.03 -101.38 -4.04
N LEU T 100 -149.89 -101.78 -3.48
CA LEU T 100 -149.44 -103.16 -3.49
C LEU T 100 -148.71 -103.47 -2.19
N GLY T 101 -148.60 -104.76 -1.88
CA GLY T 101 -147.86 -105.20 -0.71
C GLY T 101 -147.50 -106.66 -0.78
N THR T 102 -146.51 -107.05 0.02
CA THR T 102 -146.04 -108.43 0.08
C THR T 102 -145.32 -108.66 1.41
N SER T 103 -144.87 -109.91 1.62
CA SER T 103 -144.32 -110.33 2.90
C SER T 103 -143.28 -111.43 2.71
N GLU T 104 -142.44 -111.60 3.74
CA GLU T 104 -141.42 -112.65 3.77
C GLU T 104 -141.30 -113.22 5.18
N PHE T 105 -140.64 -114.37 5.29
CA PHE T 105 -140.65 -115.21 6.50
C PHE T 105 -139.22 -115.49 6.97
N GLY T 106 -139.12 -116.22 8.09
CA GLY T 106 -137.87 -116.64 8.68
C GLY T 106 -138.00 -117.95 9.44
N LYS T 107 -136.92 -118.32 10.14
CA LYS T 107 -136.88 -119.58 10.88
C LYS T 107 -135.79 -119.56 11.95
N VAL T 108 -135.90 -120.48 12.91
CA VAL T 108 -135.01 -120.58 14.07
C VAL T 108 -134.64 -122.04 14.31
N PHE T 109 -133.43 -122.29 14.83
CA PHE T 109 -132.92 -123.64 15.07
C PHE T 109 -132.32 -123.75 16.47
N ARG T 110 -132.14 -124.99 16.92
CA ARG T 110 -131.45 -125.31 18.18
C ARG T 110 -130.12 -125.98 17.88
N LEU T 111 -129.32 -126.16 18.93
CA LEU T 111 -128.04 -126.86 18.82
C LEU T 111 -127.56 -127.20 20.23
N GLY T 112 -126.71 -128.23 20.31
CA GLY T 112 -126.22 -128.67 21.61
C GLY T 112 -125.22 -129.80 21.49
N ASN T 113 -124.63 -130.12 22.65
CA ASN T 113 -123.64 -131.19 22.80
C ASN T 113 -123.64 -131.63 24.26
N ALA T 114 -122.61 -132.37 24.68
CA ALA T 114 -122.54 -132.86 26.05
C ALA T 114 -121.10 -133.24 26.37
N TYR T 115 -120.88 -133.67 27.61
CA TYR T 115 -119.56 -134.14 28.04
C TYR T 115 -119.72 -135.10 29.22
N LEU T 116 -118.62 -135.81 29.51
CA LEU T 116 -118.58 -136.85 30.53
C LEU T 116 -117.46 -136.57 31.52
N ILE T 117 -117.62 -137.06 32.75
CA ILE T 117 -116.60 -136.93 33.79
C ILE T 117 -116.83 -138.02 34.82
N SER T 118 -115.79 -138.38 35.55
CA SER T 118 -115.83 -139.50 36.49
C SER T 118 -115.38 -139.04 37.88
N ILE T 119 -115.79 -139.82 38.89
CA ILE T 119 -115.52 -139.50 40.29
C ILE T 119 -114.02 -139.52 40.58
N ASP T 120 -113.30 -140.51 40.06
CA ASP T 120 -111.86 -140.57 40.28
C ASP T 120 -111.15 -139.36 39.69
N GLU T 121 -111.55 -138.96 38.49
CA GLU T 121 -110.97 -137.76 37.88
C GLU T 121 -111.31 -136.51 38.68
N ILE T 122 -112.53 -136.44 39.22
CA ILE T 122 -112.91 -135.30 40.04
C ILE T 122 -112.03 -135.21 41.29
N LYS T 123 -111.84 -136.35 41.96
CA LYS T 123 -110.99 -136.36 43.15
C LYS T 123 -109.55 -136.00 42.82
N ALA T 124 -109.02 -136.54 41.72
CA ALA T 124 -107.65 -136.24 41.34
C ALA T 124 -107.48 -134.76 41.02
N GLY T 125 -108.47 -134.16 40.35
CA GLY T 125 -108.40 -132.74 40.07
C GLY T 125 -108.49 -131.89 41.31
N GLN T 126 -109.33 -132.28 42.27
CA GLN T 126 -109.40 -131.54 43.52
C GLN T 126 -108.09 -131.68 44.31
N ALA T 127 -107.40 -132.81 44.18
CA ALA T 127 -106.18 -133.01 44.94
C ALA T 127 -104.99 -132.29 44.32
N THR T 128 -104.74 -132.49 43.03
CA THR T 128 -103.54 -131.97 42.40
C THR T 128 -103.60 -130.49 42.09
N GLY T 129 -104.78 -129.86 42.19
CA GLY T 129 -104.92 -128.45 41.93
C GLY T 129 -105.23 -128.07 40.50
N ARG T 130 -105.25 -129.02 39.58
CA ARG T 130 -105.57 -128.75 38.18
C ARG T 130 -106.83 -129.54 37.81
N PRO T 131 -108.00 -128.92 37.87
CA PRO T 131 -109.24 -129.65 37.58
C PRO T 131 -109.44 -129.90 36.09
N LEU T 132 -110.47 -130.67 35.78
CA LEU T 132 -110.76 -131.09 34.42
C LEU T 132 -112.13 -130.65 33.91
N SER T 133 -113.11 -130.46 34.80
CA SER T 133 -114.46 -130.14 34.36
C SER T 133 -114.53 -128.76 33.70
N THR T 134 -113.79 -127.79 34.25
CA THR T 134 -113.83 -126.43 33.70
C THR T 134 -113.33 -126.40 32.27
N ARG T 135 -112.29 -127.18 31.97
CA ARG T 135 -111.75 -127.23 30.62
C ARG T 135 -112.80 -127.76 29.63
N LYS T 136 -113.53 -128.81 30.03
CA LYS T 136 -114.54 -129.37 29.14
C LYS T 136 -115.70 -128.40 28.96
N ALA T 137 -116.09 -127.69 30.02
CA ALA T 137 -117.16 -126.70 29.87
C ALA T 137 -116.73 -125.58 28.92
N SER T 138 -115.50 -125.10 29.04
CA SER T 138 -115.00 -124.08 28.15
C SER T 138 -114.95 -124.59 26.71
N ALA T 139 -114.55 -125.85 26.52
CA ALA T 139 -114.54 -126.44 25.19
C ALA T 139 -115.95 -126.47 24.60
N CYS T 140 -116.95 -126.82 25.40
CA CYS T 140 -118.33 -126.85 24.91
C CYS T 140 -118.78 -125.46 24.48
N GLN T 141 -118.50 -124.45 25.30
CA GLN T 141 -118.89 -123.09 24.94
C GLN T 141 -118.21 -122.64 23.65
N LEU T 142 -116.92 -122.94 23.50
CA LEU T 142 -116.21 -122.62 22.27
C LEU T 142 -116.83 -123.33 21.08
N ALA T 143 -117.25 -124.58 21.27
CA ALA T 143 -117.88 -125.33 20.19
C ALA T 143 -119.17 -124.65 19.73
N HIS T 144 -120.01 -124.22 20.68
CA HIS T 144 -121.24 -123.53 20.31
C HIS T 144 -120.94 -122.24 19.55
N ASP T 145 -120.00 -121.45 20.04
CA ASP T 145 -119.68 -120.19 19.38
C ASP T 145 -119.17 -120.41 17.96
N GLN T 146 -118.27 -121.39 17.79
CA GLN T 146 -117.71 -121.66 16.48
C GLN T 146 -118.77 -122.19 15.52
N LEU T 147 -119.70 -123.01 16.03
CA LEU T 147 -120.78 -123.50 15.17
C LEU T 147 -121.69 -122.35 14.72
N VAL T 148 -121.98 -121.41 15.62
CA VAL T 148 -122.77 -120.24 15.23
C VAL T 148 -122.05 -119.46 14.13
N ASN T 149 -120.76 -119.25 14.30
CA ASN T 149 -119.99 -118.51 13.28
C ASN T 149 -120.01 -119.26 11.94
N ARG T 150 -119.88 -120.59 11.99
CA ARG T 150 -119.91 -121.38 10.77
C ARG T 150 -121.26 -121.28 10.07
N LEU T 151 -122.35 -121.31 10.84
CA LEU T 151 -123.66 -121.12 10.23
C LEU T 151 -123.79 -119.76 9.59
N VAL T 152 -123.23 -118.73 10.23
CA VAL T 152 -123.34 -117.38 9.67
C VAL T 152 -122.58 -117.27 8.35
N PHE T 153 -121.36 -117.78 8.29
CA PHE T 153 -120.50 -117.51 7.14
C PHE T 153 -120.39 -118.65 6.12
N LYS T 154 -121.02 -119.79 6.35
CA LYS T 154 -121.00 -120.88 5.38
C LYS T 154 -122.34 -121.55 5.17
N GLY T 155 -123.26 -121.46 6.12
CA GLY T 155 -124.56 -122.06 5.96
C GLY T 155 -124.48 -123.58 6.01
N SER T 156 -125.58 -124.19 5.56
CA SER T 156 -125.68 -125.65 5.53
C SER T 156 -126.71 -126.02 4.47
N ALA T 157 -126.28 -126.81 3.47
CA ALA T 157 -127.18 -127.21 2.41
C ALA T 157 -128.37 -128.04 2.91
N PRO T 158 -128.18 -129.08 3.73
CA PRO T 158 -129.36 -129.85 4.18
C PRO T 158 -130.36 -129.02 4.97
N HIS T 159 -129.89 -128.05 5.74
CA HIS T 159 -130.78 -127.23 6.56
C HIS T 159 -131.38 -126.05 5.81
N LYS T 160 -130.96 -125.82 4.57
CA LYS T 160 -131.40 -124.67 3.78
C LYS T 160 -131.09 -123.36 4.49
N ILE T 161 -129.84 -123.22 4.92
CA ILE T 161 -129.32 -121.98 5.47
C ILE T 161 -128.37 -121.38 4.45
N VAL T 162 -128.63 -120.15 4.04
CA VAL T 162 -127.86 -119.49 2.99
C VAL T 162 -126.80 -118.59 3.62
N SER T 163 -125.57 -118.72 3.14
CA SER T 163 -124.50 -117.85 3.60
C SER T 163 -124.66 -116.45 3.02
N VAL T 164 -123.91 -115.51 3.57
CA VAL T 164 -123.96 -114.14 3.07
C VAL T 164 -123.40 -114.03 1.66
N PHE T 165 -122.62 -115.02 1.21
CA PHE T 165 -122.08 -115.04 -0.14
C PHE T 165 -123.01 -115.71 -1.15
N ASN T 166 -124.11 -116.33 -0.71
CA ASN T 166 -124.97 -117.10 -1.60
C ASN T 166 -126.35 -116.48 -1.76
N HIS T 167 -126.63 -115.36 -1.11
CA HIS T 167 -127.94 -114.74 -1.24
C HIS T 167 -128.16 -114.29 -2.68
N PRO T 168 -129.29 -114.62 -3.30
CA PRO T 168 -129.47 -114.34 -4.73
C PRO T 168 -130.00 -112.94 -5.03
N ASN T 169 -129.97 -112.01 -4.09
CA ASN T 169 -130.51 -110.68 -4.31
C ASN T 169 -129.51 -109.57 -4.00
N ILE T 170 -128.33 -109.92 -3.51
CA ILE T 170 -127.28 -108.95 -3.25
C ILE T 170 -126.57 -108.65 -4.56
N THR T 171 -125.82 -107.56 -4.59
CA THR T 171 -125.09 -107.17 -5.79
C THR T 171 -123.76 -107.91 -5.83
N LYS T 172 -123.47 -108.55 -6.96
CA LYS T 172 -122.24 -109.30 -7.15
C LYS T 172 -121.48 -108.76 -8.35
N ILE T 173 -120.20 -108.50 -8.16
CA ILE T 173 -119.34 -107.96 -9.21
C ILE T 173 -118.13 -108.86 -9.36
N THR T 174 -117.96 -109.43 -10.55
CA THR T 174 -116.74 -110.16 -10.85
C THR T 174 -115.60 -109.18 -11.07
N SER T 175 -114.39 -109.58 -10.69
CA SER T 175 -113.25 -108.70 -10.73
C SER T 175 -112.05 -109.39 -11.34
N GLY T 176 -111.20 -108.63 -12.02
CA GLY T 176 -109.88 -109.12 -12.35
C GLY T 176 -109.04 -109.29 -11.10
N LYS T 177 -108.03 -110.15 -11.19
CA LYS T 177 -107.22 -110.46 -10.02
C LYS T 177 -106.50 -109.23 -9.51
N TRP T 178 -106.59 -109.00 -8.21
CA TRP T 178 -105.75 -107.99 -7.57
C TRP T 178 -104.28 -108.44 -7.55
N ILE T 179 -104.05 -109.73 -7.39
CA ILE T 179 -102.71 -110.30 -7.40
C ILE T 179 -102.69 -111.35 -8.51
N ASP T 180 -101.72 -111.24 -9.41
CA ASP T 180 -101.58 -112.16 -10.53
C ASP T 180 -100.12 -112.56 -10.67
N ALA T 181 -99.79 -113.77 -10.24
CA ALA T 181 -98.43 -114.31 -10.32
C ALA T 181 -97.41 -113.35 -9.69
N SER T 182 -97.61 -113.09 -8.40
CA SER T 182 -96.69 -112.29 -7.59
C SER T 182 -96.54 -110.86 -8.12
N THR T 183 -97.54 -110.34 -8.84
CA THR T 183 -97.50 -108.99 -9.37
C THR T 183 -98.60 -108.17 -8.70
N MET T 184 -98.30 -106.91 -8.41
CA MET T 184 -99.22 -106.03 -7.68
C MET T 184 -99.97 -105.14 -8.67
N LYS T 185 -101.29 -105.07 -8.51
CA LYS T 185 -102.15 -104.15 -9.27
C LYS T 185 -103.08 -103.42 -8.32
N PRO T 186 -102.59 -102.40 -7.60
CA PRO T 186 -103.48 -101.67 -6.69
C PRO T 186 -104.44 -100.72 -7.39
N GLU T 187 -104.16 -100.34 -8.64
CA GLU T 187 -105.07 -99.45 -9.37
C GLU T 187 -106.43 -100.11 -9.59
N THR T 188 -106.42 -101.39 -9.97
CA THR T 188 -107.67 -102.12 -10.13
C THR T 188 -108.43 -102.21 -8.82
N ALA T 189 -107.71 -102.43 -7.72
CA ALA T 189 -108.36 -102.50 -6.41
C ALA T 189 -109.04 -101.18 -6.06
N GLU T 190 -108.32 -100.07 -6.24
CA GLU T 190 -108.90 -98.77 -5.92
C GLU T 190 -110.10 -98.47 -6.81
N ALA T 191 -109.99 -98.75 -8.11
CA ALA T 191 -111.10 -98.49 -9.02
C ALA T 191 -112.32 -99.30 -8.64
N GLU T 192 -112.13 -100.57 -8.31
CA GLU T 192 -113.26 -101.44 -7.99
C GLU T 192 -113.91 -101.03 -6.66
N LEU T 193 -113.10 -100.62 -5.68
CA LEU T 193 -113.66 -100.14 -4.43
C LEU T 193 -114.51 -98.88 -4.67
N THR T 194 -114.00 -97.96 -5.48
CA THR T 194 -114.78 -96.76 -5.79
C THR T 194 -116.06 -97.11 -6.54
N GLN T 195 -115.97 -98.08 -7.46
CA GLN T 195 -117.15 -98.51 -8.19
C GLN T 195 -118.21 -99.08 -7.26
N ALA T 196 -117.82 -99.90 -6.30
CA ALA T 196 -118.77 -100.46 -5.35
C ALA T 196 -119.41 -99.37 -4.49
N ILE T 197 -118.59 -98.42 -4.02
CA ILE T 197 -119.12 -97.35 -3.20
C ILE T 197 -120.11 -96.50 -3.99
N GLU T 198 -119.83 -96.26 -5.26
CA GLU T 198 -120.77 -95.51 -6.09
C GLU T 198 -122.04 -96.30 -6.36
N THR T 199 -121.91 -97.62 -6.56
CA THR T 199 -123.08 -98.45 -6.84
C THR T 199 -124.04 -98.47 -5.66
N ILE T 200 -123.52 -98.56 -4.44
CA ILE T 200 -124.39 -98.53 -3.26
C ILE T 200 -125.27 -97.30 -3.27
N GLU T 201 -124.68 -96.12 -3.49
CA GLU T 201 -125.45 -94.89 -3.47
C GLU T 201 -126.38 -94.78 -4.68
N THR T 202 -125.95 -95.25 -5.85
CA THR T 202 -126.74 -95.06 -7.06
C THR T 202 -127.97 -95.96 -7.05
N ILE T 203 -127.82 -97.24 -6.71
CA ILE T 203 -128.91 -98.18 -6.84
C ILE T 203 -130.00 -97.93 -5.80
N THR T 204 -129.69 -97.22 -4.72
CA THR T 204 -130.65 -96.93 -3.66
C THR T 204 -131.19 -95.50 -3.71
N ARG T 205 -130.86 -94.76 -4.77
CA ARG T 205 -131.36 -93.40 -4.97
C ARG T 205 -130.99 -92.49 -3.80
N GLY T 206 -129.81 -92.70 -3.23
CA GLY T 206 -129.25 -91.79 -2.25
C GLY T 206 -129.77 -91.91 -0.84
N GLN T 207 -130.65 -92.87 -0.56
CA GLN T 207 -131.12 -93.06 0.81
C GLN T 207 -130.18 -93.93 1.63
N HIS T 208 -129.20 -94.57 0.99
CA HIS T 208 -128.22 -95.40 1.67
C HIS T 208 -126.83 -95.07 1.16
N ARG T 209 -125.83 -95.30 2.01
CA ARG T 209 -124.44 -95.04 1.66
C ARG T 209 -123.56 -96.08 2.32
N ALA T 210 -122.44 -96.39 1.67
CA ALA T 210 -121.53 -97.40 2.18
C ALA T 210 -120.86 -96.91 3.47
N THR T 211 -120.68 -97.81 4.42
CA THR T 211 -120.11 -97.45 5.71
C THR T 211 -118.99 -98.40 6.12
N ASN T 212 -119.02 -99.64 5.65
CA ASN T 212 -118.03 -100.63 6.08
C ASN T 212 -117.51 -101.43 4.89
N ILE T 213 -116.20 -101.69 4.90
CA ILE T 213 -115.53 -102.51 3.90
C ILE T 213 -114.74 -103.60 4.62
N LEU T 214 -114.84 -104.83 4.11
CA LEU T 214 -114.13 -105.97 4.67
C LEU T 214 -113.30 -106.63 3.57
N ILE T 215 -112.01 -106.83 3.87
CA ILE T 215 -111.08 -107.39 2.90
C ILE T 215 -110.34 -108.56 3.54
N PRO T 216 -109.84 -109.49 2.74
CA PRO T 216 -109.05 -110.58 3.31
C PRO T 216 -107.73 -110.07 3.85
N PRO T 217 -107.17 -110.75 4.85
CA PRO T 217 -105.88 -110.30 5.41
C PRO T 217 -104.74 -110.31 4.41
N SER T 218 -104.75 -111.24 3.44
CA SER T 218 -103.66 -111.35 2.50
C SER T 218 -103.58 -110.17 1.54
N MET T 219 -104.63 -109.38 1.44
CA MET T 219 -104.66 -108.24 0.53
C MET T 219 -104.27 -106.93 1.19
N ARG T 220 -103.93 -106.95 2.49
CA ARG T 220 -103.52 -105.71 3.16
C ARG T 220 -102.23 -105.17 2.59
N LYS T 221 -101.31 -106.05 2.17
CA LYS T 221 -100.05 -105.60 1.59
C LYS T 221 -100.24 -104.96 0.22
N VAL T 222 -101.39 -105.20 -0.43
CA VAL T 222 -101.64 -104.60 -1.73
C VAL T 222 -101.91 -103.10 -1.59
N LEU T 223 -102.60 -102.70 -0.52
CA LEU T 223 -103.02 -101.32 -0.34
C LEU T 223 -101.97 -100.44 0.32
N ALA T 224 -100.80 -100.98 0.65
CA ALA T 224 -99.74 -100.21 1.29
C ALA T 224 -98.73 -99.67 0.28
N ILE T 225 -98.96 -99.86 -1.02
CA ILE T 225 -98.01 -99.43 -2.03
C ILE T 225 -98.08 -97.92 -2.19
N ARG T 226 -96.92 -97.30 -2.41
CA ARG T 226 -96.83 -95.86 -2.56
C ARG T 226 -97.40 -95.41 -3.90
N MET T 227 -98.18 -94.33 -3.88
CA MET T 227 -98.64 -93.71 -5.11
C MET T 227 -97.46 -93.17 -5.91
N PRO T 228 -97.50 -93.29 -7.23
CA PRO T 228 -96.44 -92.70 -8.06
C PRO T 228 -96.43 -91.19 -7.94
N GLU T 229 -95.23 -90.62 -8.11
CA GLU T 229 -95.03 -89.17 -8.13
C GLU T 229 -95.37 -88.51 -6.80
N THR T 230 -95.38 -89.28 -5.72
CA THR T 230 -95.60 -88.76 -4.38
C THR T 230 -95.16 -89.82 -3.38
N THR T 231 -95.20 -89.45 -2.10
CA THR T 231 -94.70 -90.29 -1.02
C THR T 231 -95.81 -90.66 -0.04
N MET T 232 -96.96 -91.04 -0.57
CA MET T 232 -98.10 -91.41 0.26
C MET T 232 -98.76 -92.65 -0.33
N SER T 233 -99.34 -93.46 0.56
CA SER T 233 -99.81 -94.79 0.16
C SER T 233 -101.20 -94.72 -0.46
N TYR T 234 -101.53 -95.79 -1.19
CA TYR T 234 -102.85 -95.92 -1.81
C TYR T 234 -103.96 -95.91 -0.76
N LEU T 235 -103.75 -96.61 0.36
CA LEU T 235 -104.77 -96.62 1.42
C LEU T 235 -104.94 -95.24 2.02
N ASP T 236 -103.83 -94.51 2.22
CA ASP T 236 -103.93 -93.16 2.76
C ASP T 236 -104.70 -92.24 1.81
N TYR T 237 -104.40 -92.32 0.52
CA TYR T 237 -105.14 -91.51 -0.46
C TYR T 237 -106.61 -91.87 -0.47
N PHE T 238 -106.92 -93.18 -0.44
CA PHE T 238 -108.32 -93.61 -0.46
C PHE T 238 -109.08 -93.11 0.75
N LYS T 239 -108.48 -93.23 1.94
CA LYS T 239 -109.13 -92.74 3.15
C LYS T 239 -109.25 -91.22 3.16
N SER T 240 -108.28 -90.51 2.59
CA SER T 240 -108.40 -89.06 2.49
C SER T 240 -109.57 -88.67 1.58
N GLN T 241 -109.75 -89.39 0.46
CA GLN T 241 -110.83 -89.05 -0.46
C GLN T 241 -112.19 -89.44 0.12
N ASN T 242 -112.27 -90.58 0.80
CA ASN T 242 -113.54 -91.07 1.34
C ASN T 242 -113.47 -91.06 2.85
N SER T 243 -114.07 -90.05 3.47
CA SER T 243 -114.09 -89.96 4.92
C SER T 243 -115.34 -90.62 5.48
N GLY T 244 -115.19 -91.23 6.65
CA GLY T 244 -116.30 -91.90 7.30
C GLY T 244 -116.49 -93.35 6.94
N ILE T 245 -115.47 -94.01 6.40
CA ILE T 245 -115.55 -95.41 6.00
C ILE T 245 -114.52 -96.20 6.78
N GLU T 246 -114.95 -97.32 7.36
CA GLU T 246 -114.09 -98.19 8.14
C GLU T 246 -113.73 -99.44 7.33
N ILE T 247 -112.44 -99.74 7.27
CA ILE T 247 -111.91 -100.88 6.54
C ILE T 247 -111.36 -101.88 7.55
N ASP T 248 -111.81 -103.13 7.45
CA ASP T 248 -111.41 -104.19 8.37
C ASP T 248 -110.97 -105.42 7.59
N SER T 249 -110.33 -106.33 8.32
CA SER T 249 -109.79 -107.56 7.75
C SER T 249 -110.27 -108.76 8.57
N ILE T 250 -110.79 -109.77 7.89
CA ILE T 250 -111.23 -111.01 8.51
C ILE T 250 -110.75 -112.20 7.69
N ALA T 251 -110.00 -113.09 8.33
CA ALA T 251 -109.46 -114.28 7.67
C ALA T 251 -110.55 -115.20 7.17
N GLU T 252 -111.77 -115.06 7.66
CA GLU T 252 -112.92 -115.80 7.18
C GLU T 252 -113.36 -115.40 5.78
N LEU T 253 -112.80 -114.33 5.22
CA LEU T 253 -113.07 -113.97 3.82
C LEU T 253 -112.07 -114.59 2.85
N GLU T 254 -111.12 -115.39 3.33
CA GLU T 254 -110.11 -115.95 2.44
C GLU T 254 -110.72 -116.91 1.42
N ASP T 255 -111.65 -117.75 1.86
CA ASP T 255 -112.30 -118.72 0.98
C ASP T 255 -113.81 -118.60 1.15
N ILE T 256 -114.51 -118.41 0.03
CA ILE T 256 -115.95 -118.18 0.05
C ILE T 256 -116.73 -119.26 -0.69
N ASP T 257 -116.06 -120.14 -1.45
CA ASP T 257 -116.77 -121.18 -2.18
C ASP T 257 -116.23 -122.58 -1.91
N GLY T 258 -115.23 -122.73 -1.05
CA GLY T 258 -114.69 -124.05 -0.76
C GLY T 258 -113.68 -124.56 -1.75
N ALA T 259 -113.26 -123.75 -2.72
CA ALA T 259 -112.27 -124.16 -3.71
C ALA T 259 -111.10 -123.19 -3.78
N GLY T 260 -111.03 -122.20 -2.90
CA GLY T 260 -109.93 -121.26 -2.89
C GLY T 260 -110.17 -120.00 -3.71
N THR T 261 -111.29 -119.33 -3.45
CA THR T 261 -111.61 -118.07 -4.11
C THR T 261 -111.81 -117.00 -3.05
N LYS T 262 -111.08 -115.90 -3.17
CA LYS T 262 -111.17 -114.79 -2.23
C LYS T 262 -112.38 -113.91 -2.57
N GLY T 263 -112.62 -112.93 -1.71
CA GLY T 263 -113.73 -112.01 -1.92
C GLY T 263 -113.61 -110.79 -1.04
N VAL T 264 -114.27 -109.72 -1.47
CA VAL T 264 -114.31 -108.46 -0.74
C VAL T 264 -115.77 -108.09 -0.53
N LEU T 265 -116.07 -107.51 0.63
CA LEU T 265 -117.45 -107.21 1.02
C LEU T 265 -117.57 -105.71 1.29
N VAL T 266 -118.61 -105.09 0.75
CA VAL T 266 -118.92 -103.69 1.05
C VAL T 266 -120.38 -103.61 1.46
N TYR T 267 -120.65 -102.95 2.59
CA TYR T 267 -122.01 -102.92 3.10
C TYR T 267 -122.21 -101.73 4.02
N GLU T 268 -123.46 -101.54 4.42
CA GLU T 268 -123.85 -100.55 5.42
C GLU T 268 -124.34 -101.27 6.66
N LYS T 269 -123.89 -100.80 7.83
CA LYS T 269 -124.22 -101.44 9.10
C LYS T 269 -125.42 -100.72 9.70
N ASN T 270 -126.54 -101.44 9.84
CA ASN T 270 -127.77 -100.90 10.40
C ASN T 270 -128.61 -102.06 10.86
N PRO T 271 -129.28 -101.98 12.01
CA PRO T 271 -130.16 -103.09 12.42
C PRO T 271 -131.30 -103.33 11.45
N MET T 272 -131.69 -102.31 10.68
CA MET T 272 -132.80 -102.46 9.73
C MET T 272 -132.39 -103.23 8.48
N ASN T 273 -131.11 -103.34 8.18
CA ASN T 273 -130.66 -103.95 6.94
C ASN T 273 -130.34 -105.43 7.10
N MET T 274 -129.58 -105.80 8.13
CA MET T 274 -129.30 -107.20 8.40
C MET T 274 -129.29 -107.40 9.91
N SER T 275 -129.49 -108.66 10.32
CA SER T 275 -129.61 -108.94 11.74
C SER T 275 -129.24 -110.39 12.04
N ILE T 276 -128.86 -110.62 13.29
CA ILE T 276 -128.63 -111.96 13.83
C ILE T 276 -129.30 -112.03 15.20
N GLU T 277 -129.97 -113.14 15.47
CA GLU T 277 -130.70 -113.32 16.71
C GLU T 277 -130.17 -114.52 17.49
N ILE T 278 -130.14 -114.39 18.82
CA ILE T 278 -129.79 -115.48 19.72
C ILE T 278 -130.90 -115.61 20.75
N PRO T 279 -131.98 -116.34 20.43
CA PRO T 279 -133.14 -116.37 21.35
C PRO T 279 -132.81 -116.92 22.72
N GLU T 280 -131.95 -117.93 22.83
CA GLU T 280 -131.59 -118.52 24.11
C GLU T 280 -130.08 -118.65 24.20
N ALA T 281 -129.53 -118.24 25.35
CA ALA T 281 -128.10 -118.27 25.56
C ALA T 281 -127.64 -119.65 26.03
N PHE T 282 -126.33 -119.82 26.09
CA PHE T 282 -125.74 -121.07 26.53
C PHE T 282 -126.11 -121.38 27.97
N ASN T 283 -126.41 -122.65 28.24
CA ASN T 283 -126.75 -123.10 29.58
C ASN T 283 -126.48 -124.60 29.68
N MET T 284 -126.34 -125.08 30.91
CA MET T 284 -126.04 -126.47 31.19
C MET T 284 -127.12 -127.08 32.06
N LEU T 285 -127.55 -128.29 31.71
CA LEU T 285 -128.53 -129.02 32.50
C LEU T 285 -127.86 -129.68 33.70
N PRO T 286 -128.62 -129.99 34.75
CA PRO T 286 -128.03 -130.69 35.90
C PRO T 286 -127.52 -132.07 35.51
N ALA T 287 -126.44 -132.48 36.16
CA ALA T 287 -125.76 -133.72 35.81
C ALA T 287 -126.66 -134.93 36.05
N GLN T 288 -126.48 -135.96 35.23
CA GLN T 288 -127.25 -137.19 35.32
C GLN T 288 -126.34 -138.33 35.74
N PRO T 289 -126.43 -138.81 36.97
CA PRO T 289 -125.50 -139.84 37.44
C PRO T 289 -125.71 -141.17 36.73
N LYS T 290 -124.62 -141.91 36.58
CA LYS T 290 -124.61 -143.29 36.11
C LYS T 290 -123.84 -144.12 37.14
N ASP T 291 -123.46 -145.34 36.74
CA ASP T 291 -122.82 -146.29 37.64
C ASP T 291 -121.78 -145.64 38.56
N LEU T 292 -120.75 -145.04 37.96
CA LEU T 292 -119.77 -144.30 38.77
C LEU T 292 -119.31 -143.00 38.10
N HIS T 293 -120.02 -142.50 37.10
CA HIS T 293 -119.65 -141.27 36.42
C HIS T 293 -120.89 -140.44 36.15
N PHE T 294 -120.69 -139.29 35.54
CA PHE T 294 -121.75 -138.32 35.27
C PHE T 294 -121.84 -138.04 33.77
N LYS T 295 -122.79 -137.19 33.41
CA LYS T 295 -123.01 -136.80 32.02
C LYS T 295 -123.77 -135.48 31.99
N VAL T 296 -123.15 -134.46 31.42
CA VAL T 296 -123.74 -133.12 31.44
C VAL T 296 -123.99 -132.62 30.03
N PRO T 297 -125.22 -132.28 29.66
CA PRO T 297 -125.48 -131.70 28.33
C PRO T 297 -125.47 -130.18 28.31
N CYS T 298 -125.47 -129.61 27.11
CA CYS T 298 -125.46 -128.17 26.90
C CYS T 298 -126.24 -127.87 25.63
N THR T 299 -127.09 -126.84 25.68
CA THR T 299 -127.95 -126.49 24.55
C THR T 299 -128.02 -124.98 24.41
N SER T 300 -128.39 -124.54 23.21
CA SER T 300 -128.63 -123.13 22.92
C SER T 300 -129.41 -123.06 21.60
N LYS T 301 -129.79 -121.84 21.22
CA LYS T 301 -130.58 -121.61 20.02
C LYS T 301 -129.94 -120.51 19.17
N CYS T 302 -130.27 -120.51 17.88
CA CYS T 302 -129.75 -119.51 16.96
C CYS T 302 -130.71 -119.36 15.80
N THR T 303 -130.47 -118.34 14.97
CA THR T 303 -131.35 -118.06 13.84
C THR T 303 -130.58 -117.92 12.54
N GLY T 304 -129.34 -117.47 12.61
CA GLY T 304 -128.56 -117.15 11.44
C GLY T 304 -128.76 -115.72 11.01
N LEU T 305 -128.15 -115.37 9.88
CA LEU T 305 -128.16 -114.01 9.37
C LEU T 305 -129.39 -113.79 8.49
N THR T 306 -130.14 -112.75 8.80
CA THR T 306 -131.32 -112.37 8.02
C THR T 306 -131.09 -111.01 7.38
N ILE T 307 -131.28 -110.93 6.07
CA ILE T 307 -131.08 -109.71 5.31
C ILE T 307 -132.45 -109.22 4.86
N TYR T 308 -132.84 -108.04 5.34
CA TYR T 308 -134.15 -107.48 5.00
C TYR T 308 -134.10 -106.72 3.68
N ARG T 309 -133.09 -105.87 3.51
CA ARG T 309 -132.90 -105.13 2.27
C ARG T 309 -131.62 -105.61 1.59
N PRO T 310 -131.71 -106.44 0.56
CA PRO T 310 -130.49 -106.99 -0.07
C PRO T 310 -129.77 -106.02 -1.00
N MET T 311 -130.28 -104.82 -1.19
CA MET T 311 -129.71 -103.86 -2.13
C MET T 311 -128.52 -103.11 -1.55
N THR T 312 -128.14 -103.37 -0.30
CA THR T 312 -127.09 -102.64 0.37
C THR T 312 -125.81 -103.45 0.56
N ILE T 313 -125.62 -104.53 -0.19
CA ILE T 313 -124.44 -105.38 -0.07
C ILE T 313 -123.84 -105.61 -1.45
N VAL T 314 -122.54 -105.32 -1.58
CA VAL T 314 -121.80 -105.58 -2.80
C VAL T 314 -120.68 -106.56 -2.48
N LEU T 315 -120.65 -107.67 -3.23
CA LEU T 315 -119.62 -108.69 -3.08
C LEU T 315 -118.74 -108.67 -4.33
N ILE T 316 -117.47 -108.36 -4.16
CA ILE T 316 -116.48 -108.42 -5.22
C ILE T 316 -115.88 -109.81 -5.19
N THR T 317 -116.06 -110.57 -6.26
CA THR T 317 -115.68 -111.97 -6.31
C THR T 317 -114.47 -112.16 -7.23
N GLY T 318 -113.53 -112.97 -6.75
CA GLY T 318 -112.34 -113.29 -7.53
C GLY T 318 -111.09 -112.53 -7.16
N VAL T 319 -111.14 -111.70 -6.12
CA VAL T 319 -109.97 -110.94 -5.69
C VAL T 319 -108.87 -111.88 -5.20
N ALA U 29 -12.57 -98.22 22.83
CA ALA U 29 -13.76 -97.50 23.28
C ALA U 29 -13.65 -96.01 22.93
N THR U 30 -14.44 -95.58 21.94
CA THR U 30 -14.43 -94.20 21.46
C THR U 30 -15.88 -93.72 21.26
N MET U 31 -16.71 -93.99 22.25
CA MET U 31 -18.11 -93.59 22.18
C MET U 31 -18.25 -92.09 22.40
N GLY U 32 -19.48 -91.60 22.36
CA GLY U 32 -19.79 -90.21 22.66
C GLY U 32 -20.03 -90.01 24.15
N ILE U 33 -20.45 -88.80 24.49
CA ILE U 33 -20.75 -88.47 25.88
C ILE U 33 -22.23 -88.61 26.22
N TRP U 34 -23.07 -88.95 25.26
CA TRP U 34 -24.50 -89.08 25.47
C TRP U 34 -24.96 -90.46 25.01
N THR U 35 -25.89 -91.04 25.76
CA THR U 35 -26.45 -92.33 25.42
C THR U 35 -27.71 -92.17 24.56
N ALA U 36 -28.23 -93.30 24.08
CA ALA U 36 -29.43 -93.26 23.26
C ALA U 36 -30.66 -92.91 24.09
N GLN U 37 -30.69 -93.34 25.35
CA GLN U 37 -31.85 -93.11 26.19
C GLN U 37 -32.02 -91.65 26.58
N GLU U 38 -30.93 -90.89 26.72
CA GLU U 38 -31.04 -89.51 27.17
C GLU U 38 -31.70 -88.61 26.13
N LEU U 39 -31.68 -89.00 24.85
CA LEU U 39 -32.30 -88.23 23.78
C LEU U 39 -33.44 -89.03 23.16
N HIS U 40 -34.25 -89.65 24.01
CA HIS U 40 -35.30 -90.55 23.57
C HIS U 40 -36.59 -90.22 24.32
N ARG U 41 -37.72 -90.44 23.66
CA ARG U 41 -39.03 -90.11 24.21
C ARG U 41 -39.92 -91.35 24.22
N ILE U 42 -40.76 -91.46 25.24
CA ILE U 42 -41.74 -92.53 25.33
C ILE U 42 -43.12 -91.86 25.37
N LYS U 43 -43.97 -92.19 24.42
CA LYS U 43 -45.32 -91.64 24.39
C LYS U 43 -46.08 -92.05 25.65
N SER U 44 -46.79 -91.11 26.25
CA SER U 44 -47.56 -91.39 27.46
C SER U 44 -48.99 -91.80 27.13
N GLN U 45 -49.13 -92.78 26.24
CA GLN U 45 -50.43 -93.29 25.85
C GLN U 45 -50.24 -94.62 25.16
N SER U 46 -51.01 -95.64 25.57
CA SER U 46 -50.87 -96.99 25.05
C SER U 46 -52.10 -97.38 24.24
N TYR U 47 -51.88 -98.17 23.20
CA TYR U 47 -52.94 -98.69 22.35
C TYR U 47 -53.28 -100.12 22.75
N GLU U 48 -54.58 -100.39 22.82
CA GLU U 48 -55.10 -101.71 23.14
C GLU U 48 -56.07 -102.17 22.06
N GLU U 49 -55.91 -103.41 21.61
CA GLU U 49 -56.90 -103.96 20.70
C GLU U 49 -58.20 -104.23 21.45
N ASP U 50 -59.28 -104.33 20.70
CA ASP U 50 -60.60 -104.62 21.23
C ASP U 50 -61.01 -106.04 20.87
N TYR U 51 -61.72 -106.69 21.77
CA TYR U 51 -62.29 -108.01 21.54
C TYR U 51 -63.75 -107.95 21.98
N PRO U 52 -64.63 -107.42 21.12
CA PRO U 52 -66.04 -107.31 21.51
C PRO U 52 -66.63 -108.67 21.82
N VAL U 53 -67.43 -108.72 22.88
CA VAL U 53 -67.93 -109.99 23.39
C VAL U 53 -68.93 -110.60 22.42
N GLY U 54 -69.98 -109.86 22.11
CA GLY U 54 -71.04 -110.34 21.26
C GLY U 54 -72.32 -109.61 21.56
N SER U 55 -73.44 -110.23 21.19
CA SER U 55 -74.75 -109.61 21.37
C SER U 55 -75.83 -110.57 21.86
N ALA U 56 -75.48 -111.78 22.28
CA ALA U 56 -76.51 -112.76 22.65
C ALA U 56 -77.34 -112.29 23.82
N LEU U 57 -76.70 -111.80 24.88
CA LEU U 57 -77.42 -111.39 26.08
C LEU U 57 -78.27 -110.15 25.88
N ARG U 58 -77.88 -109.25 24.99
CA ARG U 58 -78.66 -108.05 24.71
C ARG U 58 -79.65 -108.24 23.56
N VAL U 59 -79.58 -109.35 22.83
CA VAL U 59 -80.54 -109.64 21.78
C VAL U 59 -81.64 -110.56 22.28
N PHE U 60 -81.29 -111.58 23.07
CA PHE U 60 -82.31 -112.45 23.61
C PHE U 60 -82.52 -112.17 25.10
N PRO U 61 -83.75 -112.28 25.59
CA PRO U 61 -83.99 -112.00 27.01
C PRO U 61 -83.31 -113.00 27.92
N VAL U 62 -82.95 -112.54 29.11
CA VAL U 62 -82.30 -113.37 30.12
C VAL U 62 -83.22 -113.48 31.32
N THR U 63 -83.56 -114.71 31.69
CA THR U 63 -84.42 -114.98 32.84
C THR U 63 -83.61 -115.63 33.95
N THR U 64 -84.04 -115.40 35.19
CA THR U 64 -83.37 -115.90 36.39
C THR U 64 -84.38 -116.70 37.20
N GLU U 65 -84.49 -118.00 36.92
CA GLU U 65 -85.43 -118.84 37.63
C GLU U 65 -84.75 -120.08 38.20
N LEU U 66 -83.80 -120.66 37.46
CA LEU U 66 -83.17 -121.90 37.88
C LEU U 66 -82.29 -121.67 39.10
N SER U 67 -82.31 -122.63 40.01
CA SER U 67 -81.47 -122.74 41.19
C SER U 67 -80.06 -123.17 40.80
N PRO U 68 -79.04 -122.77 41.56
CA PRO U 68 -77.67 -123.15 41.21
C PRO U 68 -77.43 -124.65 41.18
N THR U 69 -78.21 -125.44 41.92
CA THR U 69 -77.98 -126.86 42.05
C THR U 69 -78.90 -127.72 41.17
N ASP U 70 -79.68 -127.11 40.30
CA ASP U 70 -80.59 -127.84 39.44
C ASP U 70 -79.88 -128.28 38.16
N LYS U 71 -80.33 -129.41 37.61
CA LYS U 71 -79.72 -129.97 36.41
C LYS U 71 -80.66 -130.01 35.21
N THR U 72 -81.96 -130.14 35.42
CA THR U 72 -82.93 -130.16 34.33
C THR U 72 -84.15 -129.36 34.73
N PHE U 73 -84.92 -128.94 33.72
CA PHE U 73 -86.18 -128.25 33.96
C PHE U 73 -87.22 -128.78 32.98
N GLU U 74 -88.48 -128.46 33.26
CA GLU U 74 -89.61 -129.00 32.52
C GLU U 74 -90.70 -127.94 32.41
N TYR U 75 -91.38 -127.94 31.27
CA TYR U 75 -92.55 -127.09 31.07
C TYR U 75 -93.58 -127.86 30.24
N MET U 76 -94.85 -127.49 30.42
CA MET U 76 -95.96 -128.24 29.86
C MET U 76 -96.87 -127.35 29.03
N THR U 77 -97.60 -127.98 28.11
CA THR U 77 -98.58 -127.30 27.26
C THR U 77 -99.86 -128.12 27.25
N PHE U 78 -100.96 -127.48 26.86
CA PHE U 78 -102.27 -128.11 26.89
C PHE U 78 -103.03 -127.81 25.60
N ASP U 79 -104.12 -128.56 25.40
CA ASP U 79 -104.93 -128.45 24.18
C ASP U 79 -106.35 -128.90 24.52
N LYS U 80 -107.21 -128.94 23.51
CA LYS U 80 -108.60 -129.32 23.69
C LYS U 80 -109.21 -129.65 22.33
N VAL U 81 -110.33 -130.37 22.36
CA VAL U 81 -111.08 -130.76 21.16
C VAL U 81 -112.57 -130.66 21.46
N GLY U 82 -113.37 -130.85 20.42
CA GLY U 82 -114.81 -130.85 20.57
C GLY U 82 -115.50 -130.38 19.30
N THR U 83 -116.82 -130.53 19.31
CA THR U 83 -117.67 -130.13 18.19
C THR U 83 -119.09 -129.95 18.71
N ALA U 84 -120.00 -129.63 17.79
CA ALA U 84 -121.40 -129.44 18.13
C ALA U 84 -122.25 -129.73 16.90
N GLN U 85 -123.55 -129.90 17.12
CA GLN U 85 -124.47 -130.30 16.06
C GLN U 85 -125.83 -129.66 16.28
N ILE U 86 -126.64 -129.65 15.23
CA ILE U 86 -128.00 -129.13 15.29
C ILE U 86 -128.94 -130.30 15.54
N ILE U 87 -129.73 -130.21 16.63
CA ILE U 87 -130.51 -131.32 17.12
C ILE U 87 -131.99 -130.93 17.16
N ALA U 88 -132.81 -131.86 17.61
CA ALA U 88 -134.22 -131.66 17.87
C ALA U 88 -134.56 -132.26 19.23
N ASP U 89 -135.81 -132.10 19.65
CA ASP U 89 -136.23 -132.68 20.92
C ASP U 89 -136.26 -134.20 20.82
N TYR U 90 -136.34 -134.85 21.98
CA TYR U 90 -136.27 -136.31 22.08
C TYR U 90 -134.98 -136.85 21.46
N THR U 91 -133.88 -136.13 21.65
CA THR U 91 -132.59 -136.55 21.14
C THR U 91 -131.86 -137.34 22.22
N ASP U 92 -131.03 -138.29 21.79
CA ASP U 92 -130.27 -139.11 22.72
C ASP U 92 -128.78 -139.15 22.45
N ASP U 93 -128.33 -138.79 21.25
CA ASP U 93 -126.91 -138.75 20.92
C ASP U 93 -126.42 -137.31 20.83
N LEU U 94 -125.30 -137.03 21.48
CA LEU U 94 -124.69 -135.72 21.49
C LEU U 94 -123.18 -135.87 21.41
N PRO U 95 -122.48 -134.88 20.84
CA PRO U 95 -121.02 -134.97 20.75
C PRO U 95 -120.36 -134.78 22.11
N LEU U 96 -119.07 -135.08 22.16
CA LEU U 96 -118.28 -134.98 23.38
C LEU U 96 -117.02 -134.17 23.13
N VAL U 97 -116.30 -133.88 24.23
CA VAL U 97 -115.07 -133.10 24.20
C VAL U 97 -114.02 -133.84 25.04
N ASP U 98 -112.77 -133.41 24.90
CA ASP U 98 -111.65 -134.06 25.58
C ASP U 98 -110.50 -133.05 25.69
N ALA U 99 -109.35 -133.50 26.19
CA ALA U 99 -108.22 -132.61 26.46
C ALA U 99 -106.91 -133.38 26.32
N LEU U 100 -105.80 -132.64 26.23
CA LEU U 100 -104.49 -133.22 25.96
C LEU U 100 -103.40 -132.65 26.86
N GLY U 101 -102.14 -132.95 26.53
CA GLY U 101 -101.01 -132.43 27.30
C GLY U 101 -99.71 -132.92 26.70
N THR U 102 -98.64 -132.17 27.01
CA THR U 102 -97.31 -132.44 26.46
C THR U 102 -96.29 -131.75 27.37
N SER U 103 -95.04 -132.22 27.32
CA SER U 103 -93.97 -131.64 28.13
C SER U 103 -92.63 -131.80 27.43
N GLU U 104 -91.66 -130.97 27.85
CA GLU U 104 -90.31 -130.97 27.28
C GLU U 104 -89.29 -130.70 28.39
N PHE U 105 -88.01 -130.84 28.05
CA PHE U 105 -86.93 -130.79 29.03
C PHE U 105 -85.77 -129.93 28.55
N GLY U 106 -84.75 -129.80 29.39
CA GLY U 106 -83.56 -129.03 29.10
C GLY U 106 -82.41 -129.43 30.00
N LYS U 107 -81.26 -128.79 29.81
CA LYS U 107 -80.04 -129.13 30.53
C LYS U 107 -79.26 -127.89 30.91
N VAL U 108 -78.21 -128.08 31.73
CA VAL U 108 -77.35 -127.03 32.24
C VAL U 108 -75.90 -127.50 32.19
N PHE U 109 -74.97 -126.56 32.02
CA PHE U 109 -73.56 -126.88 31.84
C PHE U 109 -72.70 -125.97 32.73
N ARG U 110 -71.46 -126.41 32.96
CA ARG U 110 -70.48 -125.70 33.77
C ARG U 110 -69.27 -125.35 32.94
N LEU U 111 -68.58 -124.27 33.31
CA LEU U 111 -67.46 -123.73 32.57
C LEU U 111 -66.35 -123.34 33.55
N GLY U 112 -65.12 -123.25 33.06
CA GLY U 112 -64.03 -122.79 33.91
C GLY U 112 -62.69 -122.82 33.20
N ASN U 113 -61.77 -122.00 33.74
CA ASN U 113 -60.37 -121.97 33.32
C ASN U 113 -59.54 -121.37 34.46
N ALA U 114 -58.23 -121.30 34.27
CA ALA U 114 -57.34 -120.87 35.33
C ALA U 114 -56.18 -120.08 34.76
N TYR U 115 -55.34 -119.56 35.65
CA TYR U 115 -54.13 -118.84 35.23
C TYR U 115 -53.05 -118.95 36.30
N LEU U 116 -51.82 -118.59 35.91
CA LEU U 116 -50.62 -118.75 36.71
C LEU U 116 -49.89 -117.43 36.86
N ILE U 117 -49.16 -117.30 37.97
CA ILE U 117 -48.34 -116.11 38.24
C ILE U 117 -47.32 -116.47 39.31
N SER U 118 -46.23 -115.72 39.37
CA SER U 118 -45.16 -115.97 40.33
C SER U 118 -44.83 -114.70 41.12
N ILE U 119 -44.07 -114.91 42.20
CA ILE U 119 -43.80 -113.83 43.15
C ILE U 119 -42.97 -112.73 42.51
N ASP U 120 -41.97 -113.10 41.70
CA ASP U 120 -41.16 -112.07 41.05
C ASP U 120 -41.99 -111.22 40.10
N GLU U 121 -42.89 -111.85 39.35
CA GLU U 121 -43.78 -111.10 38.48
C GLU U 121 -44.68 -110.18 39.28
N ILE U 122 -45.21 -110.66 40.41
CA ILE U 122 -46.05 -109.81 41.25
C ILE U 122 -45.29 -108.58 41.71
N LYS U 123 -44.08 -108.78 42.25
CA LYS U 123 -43.30 -107.66 42.76
C LYS U 123 -42.91 -106.69 41.64
N ALA U 124 -42.53 -107.23 40.47
CA ALA U 124 -42.15 -106.37 39.36
C ALA U 124 -43.32 -105.52 38.89
N GLY U 125 -44.51 -106.13 38.79
CA GLY U 125 -45.69 -105.36 38.41
C GLY U 125 -46.01 -104.28 39.43
N GLN U 126 -45.92 -104.62 40.72
CA GLN U 126 -46.18 -103.64 41.75
C GLN U 126 -45.20 -102.47 41.69
N ALA U 127 -43.92 -102.77 41.42
CA ALA U 127 -42.91 -101.72 41.38
C ALA U 127 -43.07 -100.84 40.15
N THR U 128 -43.26 -101.44 38.98
CA THR U 128 -43.34 -100.65 37.75
C THR U 128 -44.63 -99.87 37.66
N GLY U 129 -45.71 -100.39 38.23
CA GLY U 129 -47.02 -99.77 38.12
C GLY U 129 -47.93 -100.41 37.09
N ARG U 130 -47.52 -101.53 36.49
CA ARG U 130 -48.33 -102.26 35.54
C ARG U 130 -48.53 -103.68 36.06
N PRO U 131 -49.50 -103.87 36.96
CA PRO U 131 -49.75 -105.22 37.48
C PRO U 131 -50.18 -106.18 36.39
N LEU U 132 -49.79 -107.43 36.55
CA LEU U 132 -50.05 -108.47 35.54
C LEU U 132 -51.28 -109.31 35.86
N SER U 133 -51.65 -109.45 37.13
CA SER U 133 -52.77 -110.30 37.50
C SER U 133 -54.10 -109.75 36.98
N THR U 134 -54.23 -108.42 36.94
CA THR U 134 -55.48 -107.83 36.46
C THR U 134 -55.74 -108.18 35.00
N ARG U 135 -54.69 -108.13 34.16
CA ARG U 135 -54.84 -108.47 32.76
C ARG U 135 -55.28 -109.92 32.58
N LYS U 136 -54.68 -110.83 33.34
CA LYS U 136 -55.05 -112.24 33.23
C LYS U 136 -56.47 -112.50 33.71
N ALA U 137 -56.88 -111.83 34.79
CA ALA U 137 -58.26 -111.98 35.26
C ALA U 137 -59.25 -111.45 34.22
N SER U 138 -58.95 -110.30 33.62
CA SER U 138 -59.82 -109.76 32.59
C SER U 138 -59.88 -110.68 31.38
N ALA U 139 -58.74 -111.28 31.01
CA ALA U 139 -58.72 -112.22 29.89
C ALA U 139 -59.60 -113.44 30.19
N CYS U 140 -59.52 -113.97 31.42
CA CYS U 140 -60.36 -115.10 31.78
C CYS U 140 -61.84 -114.74 31.70
N GLN U 141 -62.23 -113.59 32.25
CA GLN U 141 -63.63 -113.19 32.22
C GLN U 141 -64.12 -113.01 30.78
N LEU U 142 -63.33 -112.34 29.95
CA LEU U 142 -63.76 -112.10 28.58
C LEU U 142 -63.82 -113.41 27.80
N ALA U 143 -62.93 -114.36 28.11
CA ALA U 143 -63.01 -115.66 27.47
C ALA U 143 -64.28 -116.40 27.86
N HIS U 144 -64.67 -116.32 29.13
CA HIS U 144 -65.94 -116.91 29.55
C HIS U 144 -67.10 -116.31 28.78
N ASP U 145 -67.14 -114.97 28.68
CA ASP U 145 -68.24 -114.31 27.98
C ASP U 145 -68.27 -114.69 26.51
N GLN U 146 -67.11 -114.73 25.86
CA GLN U 146 -67.06 -115.10 24.45
C GLN U 146 -67.50 -116.54 24.24
N LEU U 147 -67.14 -117.44 25.16
CA LEU U 147 -67.57 -118.82 25.01
C LEU U 147 -69.08 -118.94 25.16
N VAL U 148 -69.68 -118.18 26.08
CA VAL U 148 -71.13 -118.18 26.19
C VAL U 148 -71.78 -117.69 24.89
N ASN U 149 -71.25 -116.59 24.34
CA ASN U 149 -71.79 -116.07 23.09
C ASN U 149 -71.65 -117.09 21.94
N ARG U 150 -70.49 -117.74 21.86
CA ARG U 150 -70.28 -118.74 20.83
C ARG U 150 -71.24 -119.91 21.00
N LEU U 151 -71.48 -120.31 22.24
CA LEU U 151 -72.42 -121.40 22.48
C LEU U 151 -73.82 -121.01 22.04
N VAL U 152 -74.20 -119.76 22.27
CA VAL U 152 -75.53 -119.31 21.86
C VAL U 152 -75.67 -119.30 20.33
N PHE U 153 -74.69 -118.71 19.63
CA PHE U 153 -74.86 -118.45 18.20
C PHE U 153 -74.32 -119.53 17.28
N LYS U 154 -73.50 -120.45 17.78
CA LYS U 154 -72.90 -121.49 16.96
C LYS U 154 -73.24 -122.90 17.42
N GLY U 155 -73.24 -123.16 18.72
CA GLY U 155 -73.58 -124.46 19.24
C GLY U 155 -72.43 -125.45 19.14
N SER U 156 -72.61 -126.57 19.83
CA SER U 156 -71.64 -127.66 19.83
C SER U 156 -72.34 -128.97 19.54
N ALA U 157 -71.79 -129.75 18.61
CA ALA U 157 -72.37 -131.02 18.23
C ALA U 157 -72.09 -132.12 19.26
N PRO U 158 -70.86 -132.31 19.75
CA PRO U 158 -70.63 -133.39 20.72
C PRO U 158 -71.42 -133.23 22.00
N HIS U 159 -71.74 -132.00 22.41
CA HIS U 159 -72.50 -131.76 23.62
C HIS U 159 -74.01 -131.71 23.38
N LYS U 160 -74.46 -131.99 22.16
CA LYS U 160 -75.87 -131.99 21.80
C LYS U 160 -76.54 -130.66 22.12
N ILE U 161 -75.86 -129.57 21.77
CA ILE U 161 -76.39 -128.21 21.91
C ILE U 161 -76.62 -127.66 20.52
N VAL U 162 -77.85 -127.22 20.25
CA VAL U 162 -78.28 -126.81 18.91
C VAL U 162 -78.30 -125.29 18.84
N SER U 163 -77.73 -124.74 17.77
CA SER U 163 -77.78 -123.32 17.54
C SER U 163 -79.15 -122.89 17.04
N VAL U 164 -79.47 -121.61 17.22
CA VAL U 164 -80.75 -121.08 16.79
C VAL U 164 -80.91 -121.19 15.27
N PHE U 165 -79.81 -121.24 14.53
CA PHE U 165 -79.85 -121.40 13.09
C PHE U 165 -80.11 -122.85 12.66
N ASN U 166 -80.10 -123.80 13.61
CA ASN U 166 -80.22 -125.21 13.29
C ASN U 166 -81.39 -125.89 13.99
N HIS U 167 -82.23 -125.14 14.68
CA HIS U 167 -83.41 -125.73 15.29
C HIS U 167 -84.37 -126.20 14.18
N PRO U 168 -84.86 -127.43 14.25
CA PRO U 168 -85.71 -127.95 13.18
C PRO U 168 -87.17 -127.53 13.25
N ASN U 169 -87.52 -126.55 14.09
CA ASN U 169 -88.91 -126.16 14.29
C ASN U 169 -89.10 -124.66 14.14
N ILE U 170 -88.26 -124.02 13.32
CA ILE U 170 -88.40 -122.60 13.04
C ILE U 170 -88.74 -122.43 11.56
N THR U 171 -89.43 -121.34 11.24
CA THR U 171 -89.92 -121.15 9.89
C THR U 171 -88.82 -120.61 9.00
N LYS U 172 -88.39 -121.41 8.03
CA LYS U 172 -87.25 -121.09 7.19
C LYS U 172 -87.73 -120.71 5.79
N ILE U 173 -87.19 -119.61 5.26
CA ILE U 173 -87.57 -119.10 3.95
C ILE U 173 -86.31 -118.97 3.10
N THR U 174 -86.27 -119.70 1.99
CA THR U 174 -85.21 -119.50 1.02
C THR U 174 -85.44 -118.19 0.28
N SER U 175 -84.36 -117.47 0.00
CA SER U 175 -84.46 -116.12 -0.56
C SER U 175 -83.57 -115.99 -1.78
N GLY U 176 -83.99 -115.10 -2.69
CA GLY U 176 -83.12 -114.70 -3.77
C GLY U 176 -81.99 -113.80 -3.28
N LYS U 177 -80.92 -113.75 -4.06
CA LYS U 177 -79.74 -113.01 -3.66
C LYS U 177 -80.02 -111.52 -3.67
N TRP U 178 -79.95 -110.88 -2.50
CA TRP U 178 -80.18 -109.44 -2.41
C TRP U 178 -79.12 -108.67 -3.19
N ILE U 179 -77.85 -109.07 -3.09
CA ILE U 179 -76.77 -108.47 -3.85
C ILE U 179 -76.12 -109.55 -4.71
N ASP U 180 -76.23 -109.42 -6.03
CA ASP U 180 -75.66 -110.37 -6.97
C ASP U 180 -74.91 -109.63 -8.07
N ALA U 181 -73.73 -110.14 -8.43
CA ALA U 181 -72.86 -109.50 -9.40
C ALA U 181 -72.63 -108.04 -9.05
N SER U 182 -72.48 -107.77 -7.76
CA SER U 182 -72.32 -106.41 -7.23
C SER U 182 -73.48 -105.50 -7.63
N THR U 183 -74.69 -106.03 -7.68
CA THR U 183 -75.90 -105.27 -7.97
C THR U 183 -76.87 -105.41 -6.81
N MET U 184 -77.40 -104.29 -6.36
CA MET U 184 -78.26 -104.24 -5.17
C MET U 184 -79.72 -104.21 -5.57
N LYS U 185 -80.52 -105.04 -4.90
CA LYS U 185 -81.93 -105.24 -5.26
C LYS U 185 -82.81 -105.00 -4.03
N PRO U 186 -83.34 -103.79 -3.87
CA PRO U 186 -84.10 -103.49 -2.64
C PRO U 186 -85.55 -103.97 -2.67
N GLU U 187 -86.18 -104.06 -3.84
CA GLU U 187 -87.56 -104.52 -3.90
C GLU U 187 -87.69 -105.96 -3.42
N THR U 188 -86.74 -106.82 -3.78
CA THR U 188 -86.74 -108.19 -3.29
C THR U 188 -86.62 -108.22 -1.77
N ALA U 189 -85.76 -107.39 -1.21
CA ALA U 189 -85.59 -107.35 0.24
C ALA U 189 -86.87 -106.93 0.92
N GLU U 190 -87.53 -105.89 0.40
CA GLU U 190 -88.80 -105.46 0.98
C GLU U 190 -89.84 -106.57 0.89
N ALA U 191 -89.93 -107.24 -0.25
CA ALA U 191 -90.92 -108.30 -0.41
C ALA U 191 -90.68 -109.43 0.59
N GLU U 192 -89.42 -109.84 0.76
CA GLU U 192 -89.14 -110.94 1.69
C GLU U 192 -89.39 -110.53 3.13
N LEU U 193 -89.03 -109.30 3.50
CA LEU U 193 -89.28 -108.84 4.87
C LEU U 193 -90.77 -108.80 5.16
N THR U 194 -91.56 -108.25 4.24
CA THR U 194 -93.01 -108.19 4.44
C THR U 194 -93.61 -109.59 4.48
N GLN U 195 -93.09 -110.50 3.65
CA GLN U 195 -93.59 -111.87 3.67
C GLN U 195 -93.35 -112.53 5.02
N ALA U 196 -92.15 -112.36 5.58
CA ALA U 196 -91.88 -112.94 6.90
C ALA U 196 -92.74 -112.31 7.98
N ILE U 197 -92.92 -110.98 7.91
CA ILE U 197 -93.74 -110.29 8.91
C ILE U 197 -95.18 -110.79 8.87
N GLU U 198 -95.74 -110.99 7.68
CA GLU U 198 -97.10 -111.50 7.61
C GLU U 198 -97.18 -112.97 7.97
N THR U 199 -96.12 -113.75 7.68
CA THR U 199 -96.13 -115.17 7.99
C THR U 199 -96.17 -115.41 9.50
N ILE U 200 -95.39 -114.64 10.25
CA ILE U 200 -95.32 -114.87 11.70
C ILE U 200 -96.69 -114.63 12.35
N GLU U 201 -97.44 -113.65 11.85
CA GLU U 201 -98.79 -113.43 12.37
C GLU U 201 -99.77 -114.48 11.88
N THR U 202 -99.73 -114.81 10.59
CA THR U 202 -100.69 -115.74 10.02
C THR U 202 -100.57 -117.14 10.62
N ILE U 203 -99.35 -117.64 10.82
CA ILE U 203 -99.18 -118.99 11.37
C ILE U 203 -99.60 -119.08 12.84
N THR U 204 -99.48 -117.99 13.61
CA THR U 204 -99.87 -117.98 15.01
C THR U 204 -101.28 -117.44 15.23
N ARG U 205 -101.99 -117.09 14.17
CA ARG U 205 -103.40 -116.69 14.25
C ARG U 205 -103.57 -115.41 15.07
N GLY U 206 -102.60 -114.51 14.98
CA GLY U 206 -102.78 -113.17 15.49
C GLY U 206 -102.51 -112.98 16.97
N GLN U 207 -102.06 -114.00 17.68
CA GLN U 207 -101.67 -113.83 19.07
C GLN U 207 -100.20 -113.48 19.24
N HIS U 208 -99.45 -113.42 18.14
CA HIS U 208 -98.04 -113.03 18.17
C HIS U 208 -97.77 -112.09 17.01
N ARG U 209 -97.04 -111.00 17.29
CA ARG U 209 -96.71 -110.02 16.28
C ARG U 209 -95.22 -109.75 16.31
N ALA U 210 -94.59 -109.78 15.14
CA ALA U 210 -93.14 -109.59 15.07
C ALA U 210 -92.75 -108.23 15.60
N THR U 211 -91.62 -108.17 16.30
CA THR U 211 -91.14 -106.93 16.89
C THR U 211 -89.68 -106.64 16.63
N ASN U 212 -88.87 -107.61 16.21
CA ASN U 212 -87.45 -107.36 16.00
C ASN U 212 -86.94 -108.05 14.75
N ILE U 213 -86.07 -107.35 14.02
CA ILE U 213 -85.42 -107.85 12.82
C ILE U 213 -83.92 -107.64 12.96
N LEU U 214 -83.13 -108.67 12.63
CA LEU U 214 -81.68 -108.61 12.66
C LEU U 214 -81.14 -108.99 11.30
N ILE U 215 -80.26 -108.15 10.77
CA ILE U 215 -79.74 -108.32 9.41
C ILE U 215 -78.22 -108.25 9.46
N PRO U 216 -77.54 -108.87 8.49
CA PRO U 216 -76.08 -108.78 8.45
C PRO U 216 -75.64 -107.35 8.19
N PRO U 217 -74.48 -106.94 8.72
CA PRO U 217 -74.02 -105.55 8.54
C PRO U 217 -73.79 -105.16 7.08
N SER U 218 -73.41 -106.10 6.22
CA SER U 218 -73.06 -105.78 4.84
C SER U 218 -74.27 -105.41 3.99
N MET U 219 -75.48 -105.66 4.47
CA MET U 219 -76.69 -105.36 3.71
C MET U 219 -77.38 -104.09 4.20
N ARG U 220 -76.72 -103.29 5.03
CA ARG U 220 -77.30 -102.01 5.43
C ARG U 220 -77.38 -101.05 4.26
N LYS U 221 -76.49 -101.21 3.28
CA LYS U 221 -76.46 -100.32 2.12
C LYS U 221 -77.60 -100.58 1.14
N VAL U 222 -78.15 -101.80 1.12
CA VAL U 222 -79.24 -102.11 0.22
C VAL U 222 -80.50 -101.33 0.59
N LEU U 223 -80.74 -101.17 1.89
CA LEU U 223 -81.94 -100.51 2.38
C LEU U 223 -81.81 -98.99 2.43
N ALA U 224 -80.66 -98.44 2.05
CA ALA U 224 -80.44 -97.00 2.08
C ALA U 224 -80.54 -96.34 0.71
N ILE U 225 -80.85 -97.10 -0.33
CA ILE U 225 -80.99 -96.53 -1.66
C ILE U 225 -82.29 -95.73 -1.75
N ARG U 226 -82.26 -94.61 -2.46
CA ARG U 226 -83.46 -93.83 -2.66
C ARG U 226 -84.36 -94.47 -3.70
N MET U 227 -85.67 -94.36 -3.49
CA MET U 227 -86.62 -94.89 -4.45
C MET U 227 -86.63 -94.00 -5.69
N PRO U 228 -86.98 -94.56 -6.85
CA PRO U 228 -87.00 -93.74 -8.07
C PRO U 228 -88.01 -92.60 -7.98
N GLU U 229 -87.66 -91.49 -8.63
CA GLU U 229 -88.48 -90.28 -8.68
C GLU U 229 -88.90 -89.77 -7.31
N THR U 230 -88.03 -89.88 -6.31
CA THR U 230 -88.31 -89.35 -4.98
C THR U 230 -86.99 -89.07 -4.28
N THR U 231 -87.07 -88.50 -3.08
CA THR U 231 -85.91 -88.09 -2.32
C THR U 231 -85.89 -88.71 -0.92
N MET U 232 -86.20 -90.00 -0.84
CA MET U 232 -86.10 -90.71 0.43
C MET U 232 -85.75 -92.17 0.15
N SER U 233 -85.17 -92.82 1.16
CA SER U 233 -84.72 -94.19 1.04
C SER U 233 -85.88 -95.17 1.21
N TYR U 234 -85.63 -96.42 0.81
CA TYR U 234 -86.63 -97.48 1.02
C TYR U 234 -86.87 -97.70 2.51
N LEU U 235 -85.83 -97.51 3.33
CA LEU U 235 -85.95 -97.77 4.76
C LEU U 235 -86.96 -96.83 5.41
N ASP U 236 -86.96 -95.56 5.01
CA ASP U 236 -87.92 -94.62 5.59
C ASP U 236 -89.36 -95.05 5.32
N TYR U 237 -89.66 -95.42 4.08
CA TYR U 237 -91.00 -95.87 3.74
C TYR U 237 -91.35 -97.16 4.50
N PHE U 238 -90.41 -98.10 4.56
CA PHE U 238 -90.68 -99.36 5.26
C PHE U 238 -90.96 -99.11 6.73
N LYS U 239 -90.18 -98.24 7.37
CA LYS U 239 -90.40 -97.93 8.78
C LYS U 239 -91.71 -97.19 8.99
N SER U 240 -92.07 -96.30 8.07
CA SER U 240 -93.34 -95.60 8.18
C SER U 240 -94.51 -96.57 8.09
N GLN U 241 -94.43 -97.53 7.17
CA GLN U 241 -95.52 -98.48 7.01
C GLN U 241 -95.61 -99.45 8.19
N ASN U 242 -94.48 -100.01 8.60
CA ASN U 242 -94.44 -100.99 9.70
C ASN U 242 -94.03 -100.26 10.98
N SER U 243 -95.02 -99.82 11.74
CA SER U 243 -94.77 -99.09 12.97
C SER U 243 -94.48 -100.04 14.12
N GLY U 244 -93.51 -99.69 14.95
CA GLY U 244 -93.20 -100.45 16.13
C GLY U 244 -92.27 -101.63 15.93
N ILE U 245 -91.71 -101.80 14.72
CA ILE U 245 -90.79 -102.88 14.43
C ILE U 245 -89.39 -102.30 14.33
N GLU U 246 -88.46 -102.87 15.09
CA GLU U 246 -87.09 -102.37 15.16
C GLU U 246 -86.19 -103.22 14.27
N ILE U 247 -85.22 -102.55 13.63
CA ILE U 247 -84.27 -103.19 12.72
C ILE U 247 -82.87 -102.94 13.27
N ASP U 248 -82.07 -104.01 13.37
CA ASP U 248 -80.72 -103.92 13.90
C ASP U 248 -79.80 -104.85 13.13
N SER U 249 -78.50 -104.73 13.40
CA SER U 249 -77.47 -105.48 12.68
C SER U 249 -76.61 -106.26 13.67
N ILE U 250 -76.33 -107.51 13.33
CA ILE U 250 -75.52 -108.40 14.16
C ILE U 250 -74.47 -109.07 13.29
N ALA U 251 -73.19 -108.79 13.58
CA ALA U 251 -72.10 -109.32 12.77
C ALA U 251 -72.01 -110.83 12.80
N GLU U 252 -72.67 -111.49 13.75
CA GLU U 252 -72.71 -112.95 13.78
C GLU U 252 -73.56 -113.54 12.67
N LEU U 253 -74.33 -112.73 11.95
CA LEU U 253 -75.21 -113.22 10.90
C LEU U 253 -74.54 -113.26 9.54
N GLU U 254 -73.26 -112.86 9.44
CA GLU U 254 -72.58 -112.87 8.15
C GLU U 254 -72.31 -114.30 7.67
N ASP U 255 -71.94 -115.19 8.59
CA ASP U 255 -71.68 -116.60 8.27
C ASP U 255 -72.50 -117.45 9.22
N ILE U 256 -73.47 -118.20 8.68
CA ILE U 256 -74.39 -118.94 9.52
C ILE U 256 -74.12 -120.44 9.55
N ASP U 257 -73.41 -120.99 8.56
CA ASP U 257 -73.21 -122.42 8.48
C ASP U 257 -71.76 -122.86 8.32
N GLY U 258 -70.82 -121.93 8.19
CA GLY U 258 -69.43 -122.28 8.00
C GLY U 258 -68.96 -122.37 6.56
N ALA U 259 -69.72 -121.79 5.62
CA ALA U 259 -69.33 -121.81 4.21
C ALA U 259 -69.54 -120.46 3.54
N GLY U 260 -69.94 -119.43 4.27
CA GLY U 260 -70.13 -118.11 3.71
C GLY U 260 -71.57 -117.69 3.50
N THR U 261 -72.53 -118.38 4.11
CA THR U 261 -73.94 -118.07 3.92
C THR U 261 -74.38 -116.98 4.89
N LYS U 262 -75.18 -116.03 4.38
CA LYS U 262 -75.75 -114.97 5.19
C LYS U 262 -77.20 -115.31 5.52
N GLY U 263 -77.78 -114.55 6.44
CA GLY U 263 -79.15 -114.81 6.85
C GLY U 263 -79.74 -113.64 7.59
N VAL U 264 -81.07 -113.62 7.67
CA VAL U 264 -81.83 -112.58 8.33
C VAL U 264 -82.78 -113.22 9.32
N LEU U 265 -82.88 -112.63 10.52
CA LEU U 265 -83.68 -113.20 11.60
C LEU U 265 -84.84 -112.26 11.93
N VAL U 266 -86.06 -112.79 11.94
CA VAL U 266 -87.25 -112.03 12.32
C VAL U 266 -87.93 -112.75 13.47
N TYR U 267 -88.21 -112.02 14.55
CA TYR U 267 -88.78 -112.69 15.71
C TYR U 267 -89.51 -111.70 16.60
N GLU U 268 -90.27 -112.25 17.55
CA GLU U 268 -90.93 -111.50 18.60
C GLU U 268 -90.18 -111.74 19.90
N LYS U 269 -89.68 -110.67 20.50
CA LYS U 269 -88.84 -110.76 21.68
C LYS U 269 -89.71 -110.73 22.93
N ASN U 270 -89.73 -111.84 23.67
CA ASN U 270 -90.51 -111.96 24.88
C ASN U 270 -89.89 -113.06 25.72
N PRO U 271 -89.85 -112.91 27.05
CA PRO U 271 -89.28 -113.98 27.88
C PRO U 271 -90.01 -115.30 27.74
N MET U 272 -91.32 -115.27 27.53
CA MET U 272 -92.10 -116.51 27.42
C MET U 272 -91.81 -117.28 26.15
N ASN U 273 -91.15 -116.67 25.16
CA ASN U 273 -90.87 -117.34 23.89
C ASN U 273 -89.48 -117.94 23.82
N MET U 274 -88.44 -117.20 24.23
CA MET U 274 -87.09 -117.73 24.26
C MET U 274 -86.39 -117.13 25.47
N SER U 275 -85.34 -117.81 25.93
CA SER U 275 -84.66 -117.35 27.13
C SER U 275 -83.23 -117.89 27.16
N ILE U 276 -82.41 -117.23 27.97
CA ILE U 276 -81.06 -117.69 28.31
C ILE U 276 -80.91 -117.56 29.82
N GLU U 277 -80.44 -118.62 30.47
CA GLU U 277 -80.31 -118.66 31.92
C GLU U 277 -78.84 -118.71 32.32
N ILE U 278 -78.49 -117.92 33.32
CA ILE U 278 -77.14 -117.92 33.87
C ILE U 278 -77.24 -118.30 35.35
N PRO U 279 -77.22 -119.59 35.68
CA PRO U 279 -77.41 -119.97 37.09
C PRO U 279 -76.35 -119.43 38.03
N GLU U 280 -75.11 -119.30 37.59
CA GLU U 280 -74.01 -118.86 38.43
C GLU U 280 -73.14 -117.88 37.66
N ALA U 281 -72.87 -116.72 38.25
CA ALA U 281 -72.03 -115.73 37.62
C ALA U 281 -70.55 -116.08 37.80
N PHE U 282 -69.70 -115.26 37.18
CA PHE U 282 -68.26 -115.50 37.23
C PHE U 282 -67.73 -115.26 38.63
N ASN U 283 -66.80 -116.12 39.06
CA ASN U 283 -66.18 -115.99 40.37
C ASN U 283 -64.81 -116.66 40.36
N MET U 284 -63.99 -116.30 41.33
CA MET U 284 -62.62 -116.79 41.43
C MET U 284 -62.41 -117.52 42.75
N LEU U 285 -61.71 -118.65 42.67
CA LEU U 285 -61.34 -119.41 43.85
C LEU U 285 -60.07 -118.84 44.47
N PRO U 286 -59.87 -119.05 45.77
CA PRO U 286 -58.64 -118.58 46.41
C PRO U 286 -57.41 -119.23 45.80
N ALA U 287 -56.32 -118.47 45.76
CA ALA U 287 -55.08 -118.94 45.15
C ALA U 287 -54.53 -120.16 45.89
N GLN U 288 -53.93 -121.07 45.14
CA GLN U 288 -53.35 -122.27 45.72
C GLN U 288 -51.83 -122.24 45.53
N PRO U 289 -51.06 -121.83 46.54
CA PRO U 289 -49.62 -121.69 46.33
C PRO U 289 -48.94 -123.01 46.08
N LYS U 290 -47.88 -122.96 45.27
CA LYS U 290 -47.03 -124.13 45.05
C LYS U 290 -45.60 -123.65 44.80
N ASP U 291 -44.83 -123.51 45.88
CA ASP U 291 -43.38 -123.36 45.82
C ASP U 291 -42.95 -122.22 44.89
N LEU U 292 -43.26 -121.00 45.34
CA LEU U 292 -42.85 -119.72 44.74
C LEU U 292 -43.74 -119.27 43.58
N HIS U 293 -44.88 -119.93 43.34
CA HIS U 293 -45.83 -119.43 42.36
C HIS U 293 -47.22 -119.94 42.71
N PHE U 294 -48.22 -119.21 42.25
CA PHE U 294 -49.62 -119.49 42.57
C PHE U 294 -50.36 -120.00 41.35
N LYS U 295 -51.62 -120.37 41.55
CA LYS U 295 -52.46 -120.89 40.48
C LYS U 295 -53.91 -120.59 40.84
N VAL U 296 -54.55 -119.70 40.08
CA VAL U 296 -55.88 -119.22 40.39
C VAL U 296 -56.86 -119.82 39.40
N PRO U 297 -57.78 -120.69 39.82
CA PRO U 297 -58.86 -121.15 38.95
C PRO U 297 -60.09 -120.26 39.08
N CYS U 298 -61.02 -120.47 38.15
CA CYS U 298 -62.29 -119.74 38.14
C CYS U 298 -63.30 -120.52 37.30
N THR U 299 -64.56 -120.52 37.75
CA THR U 299 -65.62 -121.30 37.14
C THR U 299 -66.88 -120.46 36.97
N SER U 300 -67.87 -121.05 36.31
CA SER U 300 -69.16 -120.41 36.06
C SER U 300 -70.13 -121.46 35.53
N LYS U 301 -71.35 -121.03 35.24
CA LYS U 301 -72.41 -121.92 34.76
C LYS U 301 -73.19 -121.25 33.65
N CYS U 302 -73.84 -122.06 32.82
CA CYS U 302 -74.67 -121.56 31.73
C CYS U 302 -75.65 -122.64 31.30
N THR U 303 -76.52 -122.30 30.36
CA THR U 303 -77.47 -123.26 29.81
C THR U 303 -77.66 -123.18 28.31
N GLY U 304 -77.23 -122.12 27.64
CA GLY U 304 -77.54 -121.95 26.23
C GLY U 304 -78.85 -121.22 26.02
N LEU U 305 -79.37 -121.36 24.80
CA LEU U 305 -80.62 -120.70 24.41
C LEU U 305 -81.75 -121.71 24.37
N THR U 306 -82.82 -121.42 25.10
CA THR U 306 -83.98 -122.32 25.20
C THR U 306 -85.17 -121.65 24.53
N ILE U 307 -85.78 -122.36 23.59
CA ILE U 307 -86.93 -121.85 22.83
C ILE U 307 -88.15 -122.63 23.30
N TYR U 308 -89.12 -121.94 23.88
CA TYR U 308 -90.34 -122.57 24.39
C TYR U 308 -91.39 -122.70 23.28
N ARG U 309 -91.68 -121.61 22.59
CA ARG U 309 -92.59 -121.62 21.44
C ARG U 309 -91.79 -121.39 20.17
N PRO U 310 -91.56 -122.42 19.36
CA PRO U 310 -90.67 -122.27 18.20
C PRO U 310 -91.32 -121.67 16.96
N MET U 311 -92.60 -121.32 17.00
CA MET U 311 -93.29 -120.78 15.84
C MET U 311 -93.14 -119.27 15.70
N THR U 312 -92.39 -118.63 16.59
CA THR U 312 -92.22 -117.18 16.56
C THR U 312 -90.87 -116.77 15.97
N ILE U 313 -90.20 -117.64 15.23
CA ILE U 313 -88.89 -117.36 14.67
C ILE U 313 -88.90 -117.67 13.18
N VAL U 314 -88.50 -116.68 12.37
CA VAL U 314 -88.40 -116.84 10.92
C VAL U 314 -86.97 -116.55 10.52
N LEU U 315 -86.37 -117.47 9.78
CA LEU U 315 -85.00 -117.38 9.30
C LEU U 315 -85.02 -117.31 7.78
N ILE U 316 -84.62 -116.16 7.24
CA ILE U 316 -84.50 -115.96 5.81
C ILE U 316 -83.06 -116.33 5.44
N THR U 317 -82.90 -117.42 4.70
CA THR U 317 -81.58 -117.91 4.32
C THR U 317 -81.25 -117.49 2.89
N GLY U 318 -79.95 -117.53 2.57
CA GLY U 318 -79.49 -117.16 1.25
C GLY U 318 -79.40 -115.67 1.00
N VAL U 319 -79.49 -114.85 2.04
CA VAL U 319 -79.41 -113.40 1.88
C VAL U 319 -77.98 -112.97 1.62
N GLU V 38 -39.75 -36.57 -16.07
CA GLU V 38 -40.26 -35.90 -14.87
C GLU V 38 -41.79 -36.02 -14.83
N LEU V 39 -42.40 -36.13 -16.00
CA LEU V 39 -43.84 -36.28 -16.13
C LEU V 39 -44.27 -37.74 -16.05
N HIS V 40 -43.34 -38.66 -15.83
CA HIS V 40 -43.61 -40.10 -15.80
C HIS V 40 -43.87 -40.52 -14.36
N ARG V 41 -45.15 -40.63 -14.02
CA ARG V 41 -45.53 -41.07 -12.67
C ARG V 41 -45.41 -42.59 -12.55
N ILE V 42 -45.15 -43.04 -11.33
CA ILE V 42 -45.05 -44.46 -11.01
C ILE V 42 -46.20 -44.82 -10.08
N LYS V 43 -46.89 -45.92 -10.39
CA LYS V 43 -48.01 -46.35 -9.56
C LYS V 43 -47.54 -46.72 -8.16
N SER V 44 -48.49 -46.73 -7.23
CA SER V 44 -48.20 -47.01 -5.83
C SER V 44 -48.32 -48.48 -5.47
N GLN V 45 -49.20 -49.22 -6.13
CA GLN V 45 -49.45 -50.62 -5.80
C GLN V 45 -48.70 -51.52 -6.77
N SER V 46 -47.79 -52.33 -6.24
CA SER V 46 -47.07 -53.32 -7.03
C SER V 46 -47.68 -54.70 -6.82
N TYR V 47 -47.51 -55.56 -7.82
CA TYR V 47 -48.17 -56.85 -7.86
C TYR V 47 -47.17 -57.95 -7.53
N GLU V 48 -47.42 -58.65 -6.42
CA GLU V 48 -46.59 -59.77 -5.99
C GLU V 48 -47.18 -61.06 -6.57
N GLU V 49 -46.41 -61.75 -7.39
CA GLU V 49 -46.89 -63.00 -7.96
C GLU V 49 -47.09 -64.04 -6.85
N ASP V 50 -48.20 -64.77 -6.92
CA ASP V 50 -48.64 -65.63 -5.84
C ASP V 50 -48.04 -67.03 -5.98
N TYR V 51 -47.75 -67.62 -4.84
CA TYR V 51 -47.32 -69.03 -4.76
C TYR V 51 -48.04 -69.67 -3.59
N PRO V 52 -49.14 -70.38 -3.81
CA PRO V 52 -49.83 -71.04 -2.70
C PRO V 52 -48.95 -72.09 -2.03
N VAL V 53 -49.12 -72.22 -0.72
CA VAL V 53 -48.25 -73.08 0.08
C VAL V 53 -48.78 -74.51 0.13
N GLY V 54 -50.07 -74.68 0.41
CA GLY V 54 -50.64 -76.00 0.49
C GLY V 54 -51.68 -76.07 1.59
N SER V 55 -52.00 -77.31 1.98
CA SER V 55 -52.99 -77.54 3.03
C SER V 55 -52.62 -78.68 3.96
N ALA V 56 -51.36 -79.14 3.96
CA ALA V 56 -50.96 -80.27 4.80
C ALA V 56 -51.01 -79.95 6.29
N LEU V 57 -50.98 -78.68 6.67
CA LEU V 57 -51.11 -78.30 8.08
C LEU V 57 -52.57 -78.18 8.52
N ARG V 58 -53.51 -78.18 7.58
CA ARG V 58 -54.93 -78.17 7.92
C ARG V 58 -55.62 -79.51 7.71
N VAL V 59 -55.09 -80.36 6.83
CA VAL V 59 -55.68 -81.67 6.64
C VAL V 59 -55.46 -82.58 7.85
N PHE V 60 -54.26 -82.57 8.43
CA PHE V 60 -53.90 -83.49 9.49
C PHE V 60 -53.63 -82.72 10.77
N PRO V 61 -53.83 -83.35 11.93
CA PRO V 61 -53.58 -82.65 13.19
C PRO V 61 -52.11 -82.33 13.40
N VAL V 62 -51.86 -81.32 14.22
CA VAL V 62 -50.51 -80.90 14.58
C VAL V 62 -50.42 -80.90 16.10
N THR V 63 -49.61 -81.79 16.66
CA THR V 63 -49.44 -81.92 18.09
C THR V 63 -48.20 -81.18 18.56
N THR V 64 -47.99 -81.17 19.88
CA THR V 64 -46.82 -80.59 20.53
C THR V 64 -46.48 -81.48 21.73
N GLU V 65 -45.56 -82.42 21.52
CA GLU V 65 -45.15 -83.33 22.57
C GLU V 65 -43.63 -83.52 22.66
N LEU V 66 -42.90 -83.24 21.60
CA LEU V 66 -41.46 -83.48 21.59
C LEU V 66 -40.69 -82.21 21.88
N SER V 67 -39.62 -82.35 22.64
CA SER V 67 -38.75 -81.24 22.99
C SER V 67 -37.84 -80.91 21.80
N PRO V 68 -37.27 -79.70 21.77
CA PRO V 68 -36.38 -79.36 20.64
C PRO V 68 -35.07 -80.12 20.61
N THR V 69 -34.79 -80.96 21.60
CA THR V 69 -33.57 -81.76 21.62
C THR V 69 -33.82 -83.25 21.39
N ASP V 70 -35.04 -83.66 21.12
CA ASP V 70 -35.35 -85.06 20.91
C ASP V 70 -34.88 -85.52 19.54
N LYS V 71 -34.64 -86.83 19.41
CA LYS V 71 -34.28 -87.44 18.15
C LYS V 71 -35.12 -88.64 17.79
N THR V 72 -35.83 -89.23 18.75
CA THR V 72 -36.58 -90.45 18.51
C THR V 72 -37.77 -90.49 19.46
N PHE V 73 -38.88 -91.05 18.96
CA PHE V 73 -40.06 -91.25 19.79
C PHE V 73 -40.54 -92.69 19.64
N GLU V 74 -41.23 -93.17 20.68
CA GLU V 74 -41.66 -94.55 20.80
C GLU V 74 -43.12 -94.56 21.25
N TYR V 75 -43.85 -95.61 20.88
CA TYR V 75 -45.17 -95.87 21.43
C TYR V 75 -45.41 -97.37 21.53
N MET V 76 -46.26 -97.74 22.49
CA MET V 76 -46.44 -99.12 22.93
C MET V 76 -47.82 -99.64 22.57
N THR V 77 -47.95 -100.97 22.64
CA THR V 77 -49.20 -101.67 22.39
C THR V 77 -49.21 -102.95 23.23
N PHE V 78 -50.39 -103.34 23.67
CA PHE V 78 -50.56 -104.51 24.54
C PHE V 78 -51.69 -105.39 23.99
N ASP V 79 -51.69 -106.65 24.41
CA ASP V 79 -52.61 -107.64 23.86
C ASP V 79 -52.73 -108.79 24.85
N LYS V 80 -53.67 -109.70 24.57
CA LYS V 80 -53.90 -110.84 25.46
C LYS V 80 -54.43 -112.01 24.67
N VAL V 81 -54.29 -113.21 25.24
CA VAL V 81 -54.79 -114.45 24.65
C VAL V 81 -55.43 -115.30 25.76
N GLY V 82 -56.15 -116.33 25.35
CA GLY V 82 -56.78 -117.23 26.30
C GLY V 82 -57.98 -117.93 25.69
N THR V 83 -58.57 -118.81 26.49
CA THR V 83 -59.73 -119.60 26.06
C THR V 83 -60.41 -120.17 27.30
N ALA V 84 -61.45 -120.98 27.07
CA ALA V 84 -62.20 -121.63 28.14
C ALA V 84 -62.82 -122.91 27.59
N GLN V 85 -63.18 -123.82 28.51
CA GLN V 85 -63.70 -125.12 28.13
C GLN V 85 -64.83 -125.51 29.07
N ILE V 86 -65.60 -126.52 28.66
CA ILE V 86 -66.60 -127.16 29.50
C ILE V 86 -65.91 -128.22 30.35
N ILE V 87 -66.10 -128.14 31.66
CA ILE V 87 -65.41 -129.05 32.58
C ILE V 87 -66.43 -129.90 33.34
N ALA V 88 -65.92 -130.76 34.21
CA ALA V 88 -66.72 -131.68 35.01
C ALA V 88 -66.40 -131.49 36.49
N ASP V 89 -66.87 -132.43 37.31
CA ASP V 89 -66.72 -132.31 38.75
C ASP V 89 -65.24 -132.30 39.16
N TYR V 90 -64.49 -133.31 38.72
CA TYR V 90 -63.06 -133.40 38.99
C TYR V 90 -62.32 -133.14 37.68
N THR V 91 -61.69 -131.97 37.58
CA THR V 91 -60.89 -131.63 36.41
C THR V 91 -59.59 -130.98 36.87
N ASP V 92 -58.49 -131.35 36.21
CA ASP V 92 -57.17 -130.81 36.52
C ASP V 92 -56.51 -130.22 35.28
N ASP V 93 -57.32 -129.84 34.28
CA ASP V 93 -56.80 -129.42 32.99
C ASP V 93 -57.43 -128.11 32.53
N LEU V 94 -57.50 -127.13 33.41
CA LEU V 94 -58.06 -125.84 33.04
C LEU V 94 -57.09 -125.08 32.15
N PRO V 95 -57.55 -124.57 31.00
CA PRO V 95 -56.65 -123.82 30.12
C PRO V 95 -56.21 -122.50 30.73
N LEU V 96 -55.09 -121.99 30.24
CA LEU V 96 -54.43 -120.82 30.79
C LEU V 96 -54.51 -119.64 29.81
N VAL V 97 -54.11 -118.46 30.31
CA VAL V 97 -54.18 -117.22 29.56
C VAL V 97 -52.84 -116.49 29.71
N ASP V 98 -52.60 -115.52 28.84
CA ASP V 98 -51.34 -114.78 28.83
C ASP V 98 -51.56 -113.42 28.17
N ALA V 99 -50.53 -112.57 28.21
CA ALA V 99 -50.57 -111.23 27.63
C ALA V 99 -49.31 -110.99 26.83
N LEU V 100 -49.30 -109.88 26.08
CA LEU V 100 -48.23 -109.59 25.14
C LEU V 100 -47.86 -108.12 25.25
N GLY V 101 -47.05 -107.65 24.29
CA GLY V 101 -46.66 -106.27 24.18
C GLY V 101 -45.76 -106.02 22.98
N THR V 102 -45.69 -104.78 22.53
CA THR V 102 -44.86 -104.42 21.37
C THR V 102 -44.72 -102.90 21.33
N SER V 103 -43.87 -102.42 20.42
CA SER V 103 -43.57 -100.99 20.35
C SER V 103 -43.16 -100.62 18.93
N GLU V 104 -43.17 -99.32 18.66
CA GLU V 104 -42.78 -98.76 17.36
C GLU V 104 -41.86 -97.57 17.57
N PHE V 105 -41.29 -97.07 16.47
CA PHE V 105 -40.25 -96.04 16.52
C PHE V 105 -40.50 -94.97 15.47
N GLY V 106 -39.97 -93.77 15.74
CA GLY V 106 -40.03 -92.68 14.77
C GLY V 106 -38.93 -91.67 15.02
N LYS V 107 -38.58 -90.93 13.96
CA LYS V 107 -37.43 -90.04 13.94
C LYS V 107 -37.84 -88.61 13.62
N VAL V 108 -36.86 -87.71 13.74
CA VAL V 108 -37.05 -86.26 13.55
C VAL V 108 -35.91 -85.73 12.69
N PHE V 109 -36.21 -84.78 11.81
CA PHE V 109 -35.24 -84.24 10.86
C PHE V 109 -35.14 -82.72 11.00
N ARG V 110 -34.06 -82.18 10.42
CA ARG V 110 -33.77 -80.75 10.44
C ARG V 110 -33.74 -80.22 9.00
N LEU V 111 -34.11 -78.95 8.85
CA LEU V 111 -34.18 -78.29 7.56
C LEU V 111 -33.46 -76.96 7.62
N GLY V 112 -32.98 -76.49 6.46
CA GLY V 112 -32.32 -75.19 6.42
C GLY V 112 -31.88 -74.69 5.07
N ASN V 113 -31.65 -73.38 4.97
CA ASN V 113 -31.13 -72.74 3.76
C ASN V 113 -30.46 -71.44 4.19
N ALA V 114 -30.18 -70.56 3.22
CA ALA V 114 -29.54 -69.29 3.49
C ALA V 114 -29.83 -68.32 2.35
N TYR V 115 -29.44 -67.06 2.54
CA TYR V 115 -29.55 -66.08 1.46
C TYR V 115 -28.40 -65.08 1.56
N LEU V 116 -28.14 -64.43 0.42
CA LEU V 116 -27.07 -63.45 0.28
C LEU V 116 -27.66 -62.07 -0.01
N ILE V 117 -26.97 -61.04 0.46
CA ILE V 117 -27.32 -59.65 0.17
C ILE V 117 -26.07 -58.80 0.35
N SER V 118 -25.95 -57.74 -0.45
CA SER V 118 -24.78 -56.88 -0.42
C SER V 118 -25.16 -55.48 0.06
N ILE V 119 -24.16 -54.77 0.57
CA ILE V 119 -24.40 -53.43 1.12
C ILE V 119 -24.87 -52.47 0.03
N ASP V 120 -24.38 -52.65 -1.21
CA ASP V 120 -24.84 -51.80 -2.31
C ASP V 120 -26.32 -51.98 -2.56
N GLU V 121 -26.80 -53.22 -2.56
CA GLU V 121 -28.22 -53.47 -2.79
C GLU V 121 -29.05 -53.06 -1.57
N ILE V 122 -28.45 -53.07 -0.38
CA ILE V 122 -29.12 -52.49 0.78
C ILE V 122 -29.27 -50.98 0.61
N LYS V 123 -28.24 -50.32 0.09
CA LYS V 123 -28.32 -48.90 -0.23
C LYS V 123 -29.41 -48.62 -1.26
N ALA V 124 -29.47 -49.43 -2.31
CA ALA V 124 -30.36 -49.15 -3.43
C ALA V 124 -31.81 -49.04 -2.96
N GLY V 125 -32.47 -47.97 -3.38
CA GLY V 125 -33.85 -47.73 -3.00
C GLY V 125 -34.81 -47.93 -4.16
N GLN V 126 -36.08 -48.20 -3.84
CA GLN V 126 -37.11 -48.43 -4.85
C GLN V 126 -38.26 -47.46 -4.60
N ALA V 127 -39.02 -47.19 -5.66
CA ALA V 127 -40.12 -46.23 -5.57
C ALA V 127 -41.16 -46.68 -4.55
N THR V 128 -41.62 -47.92 -4.66
CA THR V 128 -42.58 -48.47 -3.71
C THR V 128 -42.47 -49.99 -3.75
N GLY V 129 -42.87 -50.63 -2.66
CA GLY V 129 -42.80 -52.06 -2.55
C GLY V 129 -41.98 -52.49 -1.35
N ARG V 130 -42.13 -53.75 -0.97
CA ARG V 130 -41.39 -54.27 0.17
C ARG V 130 -39.90 -54.31 -0.15
N PRO V 131 -39.03 -54.05 0.83
CA PRO V 131 -37.59 -54.04 0.55
C PRO V 131 -37.06 -55.40 0.12
N LEU V 132 -35.95 -55.35 -0.61
CA LEU V 132 -35.36 -56.57 -1.16
C LEU V 132 -34.99 -57.54 -0.06
N SER V 133 -34.47 -57.03 1.07
CA SER V 133 -34.14 -57.90 2.19
C SER V 133 -35.38 -58.60 2.74
N THR V 134 -36.48 -57.87 2.88
CA THR V 134 -37.71 -58.47 3.37
C THR V 134 -38.24 -59.54 2.42
N ARG V 135 -38.19 -59.26 1.12
CA ARG V 135 -38.61 -60.26 0.15
C ARG V 135 -37.73 -61.51 0.17
N LYS V 136 -36.41 -61.33 0.26
CA LYS V 136 -35.51 -62.47 0.35
C LYS V 136 -35.70 -63.25 1.64
N ALA V 137 -36.08 -62.59 2.72
CA ALA V 137 -36.38 -63.28 3.97
C ALA V 137 -37.71 -64.02 3.94
N SER V 138 -38.71 -63.49 3.23
CA SER V 138 -39.99 -64.18 3.09
C SER V 138 -39.89 -65.38 2.16
N ALA V 139 -39.03 -65.30 1.16
CA ALA V 139 -38.83 -66.42 0.23
C ALA V 139 -38.33 -67.66 0.96
N CYS V 140 -37.43 -67.47 1.94
CA CYS V 140 -36.91 -68.61 2.68
C CYS V 140 -38.00 -69.31 3.49
N GLN V 141 -38.85 -68.52 4.15
CA GLN V 141 -39.97 -69.11 4.90
C GLN V 141 -40.91 -69.87 3.98
N LEU V 142 -41.23 -69.28 2.82
CA LEU V 142 -42.10 -69.97 1.88
C LEU V 142 -41.47 -71.28 1.41
N ALA V 143 -40.16 -71.27 1.15
CA ALA V 143 -39.48 -72.48 0.72
C ALA V 143 -39.52 -73.56 1.81
N HIS V 144 -39.32 -73.16 3.07
CA HIS V 144 -39.39 -74.11 4.17
C HIS V 144 -40.76 -74.75 4.26
N ASP V 145 -41.82 -73.92 4.18
CA ASP V 145 -43.17 -74.46 4.27
C ASP V 145 -43.48 -75.39 3.10
N GLN V 146 -43.07 -75.01 1.89
CA GLN V 146 -43.28 -75.87 0.72
C GLN V 146 -42.54 -77.19 0.87
N LEU V 147 -41.32 -77.17 1.42
CA LEU V 147 -40.58 -78.42 1.61
C LEU V 147 -41.26 -79.30 2.63
N VAL V 148 -41.83 -78.71 3.69
CA VAL V 148 -42.57 -79.51 4.67
C VAL V 148 -43.77 -80.18 3.99
N ASN V 149 -44.51 -79.42 3.20
CA ASN V 149 -45.67 -79.98 2.49
C ASN V 149 -45.24 -81.09 1.54
N ARG V 150 -44.14 -80.89 0.83
CA ARG V 150 -43.64 -81.91 -0.09
C ARG V 150 -43.20 -83.16 0.65
N LEU V 151 -42.56 -83.01 1.81
CA LEU V 151 -42.20 -84.17 2.61
C LEU V 151 -43.44 -84.93 3.07
N VAL V 152 -44.50 -84.22 3.44
CA VAL V 152 -45.72 -84.88 3.89
C VAL V 152 -46.37 -85.65 2.75
N PHE V 153 -46.51 -85.02 1.58
CA PHE V 153 -47.34 -85.57 0.51
C PHE V 153 -46.58 -86.37 -0.54
N LYS V 154 -45.25 -86.41 -0.48
CA LYS V 154 -44.48 -87.13 -1.49
C LYS V 154 -43.40 -88.04 -0.92
N GLY V 155 -42.86 -87.77 0.26
CA GLY V 155 -41.86 -88.61 0.85
C GLY V 155 -40.48 -88.37 0.27
N SER V 156 -39.53 -89.18 0.75
CA SER V 156 -38.15 -89.08 0.30
C SER V 156 -37.51 -90.46 0.45
N ALA V 157 -37.24 -91.11 -0.67
CA ALA V 157 -36.73 -92.48 -0.62
C ALA V 157 -35.39 -92.60 0.09
N PRO V 158 -34.36 -91.81 -0.21
CA PRO V 158 -33.07 -92.00 0.50
C PRO V 158 -33.17 -91.78 1.99
N HIS V 159 -34.02 -90.86 2.45
CA HIS V 159 -34.16 -90.57 3.86
C HIS V 159 -35.09 -91.53 4.58
N LYS V 160 -35.62 -92.54 3.89
CA LYS V 160 -36.53 -93.52 4.48
C LYS V 160 -37.75 -92.84 5.11
N ILE V 161 -38.36 -91.93 4.37
CA ILE V 161 -39.58 -91.25 4.77
C ILE V 161 -40.71 -91.72 3.87
N VAL V 162 -41.82 -92.12 4.47
CA VAL V 162 -42.95 -92.72 3.76
C VAL V 162 -44.07 -91.69 3.70
N SER V 163 -44.57 -91.43 2.49
CA SER V 163 -45.68 -90.50 2.30
C SER V 163 -47.01 -91.20 2.60
N VAL V 164 -48.08 -90.42 2.61
CA VAL V 164 -49.40 -90.98 2.88
C VAL V 164 -49.88 -91.90 1.77
N PHE V 165 -49.58 -91.59 0.51
CA PHE V 165 -50.02 -92.42 -0.60
C PHE V 165 -49.23 -93.72 -0.75
N ASN V 166 -48.03 -93.80 -0.17
CA ASN V 166 -47.15 -94.94 -0.36
C ASN V 166 -47.03 -95.82 0.88
N HIS V 167 -47.85 -95.60 1.90
CA HIS V 167 -47.81 -96.44 3.07
C HIS V 167 -48.25 -97.86 2.70
N PRO V 168 -47.61 -98.89 3.24
CA PRO V 168 -47.95 -100.27 2.85
C PRO V 168 -49.08 -100.90 3.65
N ASN V 169 -49.60 -100.24 4.69
CA ASN V 169 -50.61 -100.83 5.56
C ASN V 169 -51.93 -100.07 5.57
N ILE V 170 -52.19 -99.26 4.54
CA ILE V 170 -53.46 -98.58 4.40
C ILE V 170 -54.34 -99.34 3.42
N THR V 171 -55.61 -99.00 3.41
CA THR V 171 -56.59 -99.68 2.57
C THR V 171 -56.77 -98.95 1.25
N LYS V 172 -56.39 -99.60 0.16
CA LYS V 172 -56.50 -99.03 -1.18
C LYS V 172 -57.67 -99.69 -1.89
N ILE V 173 -58.43 -98.88 -2.62
CA ILE V 173 -59.56 -99.36 -3.41
C ILE V 173 -59.37 -98.88 -4.85
N THR V 174 -59.33 -99.83 -5.78
CA THR V 174 -59.34 -99.50 -7.20
C THR V 174 -60.72 -99.03 -7.60
N SER V 175 -60.78 -98.03 -8.48
CA SER V 175 -62.03 -97.37 -8.82
C SER V 175 -62.22 -97.32 -10.33
N GLY V 176 -63.48 -97.42 -10.75
CA GLY V 176 -63.82 -97.10 -12.13
C GLY V 176 -63.85 -95.59 -12.30
N LYS V 177 -63.40 -95.14 -13.48
CA LYS V 177 -63.22 -93.72 -13.70
C LYS V 177 -64.55 -92.97 -13.58
N TRP V 178 -64.54 -91.89 -12.79
CA TRP V 178 -65.72 -91.05 -12.67
C TRP V 178 -66.02 -90.34 -13.97
N ILE V 179 -64.99 -89.86 -14.67
CA ILE V 179 -65.12 -89.17 -15.93
C ILE V 179 -64.34 -89.93 -16.98
N ASP V 180 -64.99 -90.29 -18.09
CA ASP V 180 -64.37 -90.93 -19.23
C ASP V 180 -64.78 -90.19 -20.50
N ALA V 181 -63.91 -89.30 -20.98
CA ALA V 181 -64.14 -88.51 -22.18
C ALA V 181 -65.43 -87.70 -22.07
N SER V 182 -65.49 -86.90 -21.00
CA SER V 182 -66.60 -85.98 -20.75
C SER V 182 -67.94 -86.71 -20.70
N THR V 183 -67.95 -87.87 -20.03
CA THR V 183 -69.17 -88.64 -19.79
C THR V 183 -69.30 -88.80 -18.28
N MET V 184 -69.98 -87.85 -17.66
CA MET V 184 -70.02 -87.76 -16.20
C MET V 184 -70.92 -88.84 -15.61
N LYS V 185 -70.42 -89.51 -14.57
CA LYS V 185 -71.17 -90.57 -13.88
C LYS V 185 -71.37 -90.16 -12.44
N PRO V 186 -72.58 -89.74 -12.07
CA PRO V 186 -72.84 -89.27 -10.70
C PRO V 186 -73.27 -90.34 -9.71
N GLU V 187 -73.34 -91.60 -10.10
CA GLU V 187 -73.71 -92.69 -9.20
C GLU V 187 -72.52 -93.53 -8.77
N THR V 188 -71.51 -93.67 -9.63
CA THR V 188 -70.31 -94.41 -9.27
C THR V 188 -69.60 -93.75 -8.09
N ALA V 189 -69.52 -92.42 -8.10
CA ALA V 189 -68.88 -91.70 -7.00
C ALA V 189 -69.60 -91.96 -5.68
N GLU V 190 -70.93 -91.91 -5.69
CA GLU V 190 -71.70 -92.16 -4.47
C GLU V 190 -71.48 -93.59 -3.99
N ALA V 191 -71.53 -94.56 -4.90
CA ALA V 191 -71.33 -95.95 -4.51
C ALA V 191 -69.95 -96.16 -3.90
N GLU V 192 -68.92 -95.57 -4.52
CA GLU V 192 -67.55 -95.75 -4.03
C GLU V 192 -67.35 -95.08 -2.68
N LEU V 193 -67.93 -93.89 -2.49
CA LEU V 193 -67.82 -93.23 -1.19
C LEU V 193 -68.50 -94.05 -0.10
N THR V 194 -69.70 -94.56 -0.38
CA THR V 194 -70.39 -95.39 0.62
C THR V 194 -69.60 -96.65 0.92
N GLN V 195 -69.01 -97.27 -0.11
CA GLN V 195 -68.22 -98.47 0.10
C GLN V 195 -67.00 -98.18 0.96
N ALA V 196 -66.33 -97.05 0.72
CA ALA V 196 -65.16 -96.69 1.53
C ALA V 196 -65.54 -96.44 2.99
N ILE V 197 -66.66 -95.74 3.20
CA ILE V 197 -67.11 -95.49 4.57
C ILE V 197 -67.43 -96.81 5.28
N GLU V 198 -68.12 -97.72 4.58
CA GLU V 198 -68.43 -99.02 5.17
C GLU V 198 -67.16 -99.82 5.46
N THR V 199 -66.17 -99.72 4.58
CA THR V 199 -64.91 -100.44 4.81
C THR V 199 -64.22 -99.93 6.07
N ILE V 200 -64.16 -98.61 6.24
CA ILE V 200 -63.57 -98.06 7.47
C ILE V 200 -64.36 -98.52 8.68
N GLU V 201 -65.69 -98.53 8.58
CA GLU V 201 -66.52 -98.91 9.72
C GLU V 201 -66.30 -100.36 10.11
N THR V 202 -66.18 -101.27 9.13
CA THR V 202 -66.11 -102.69 9.44
C THR V 202 -64.71 -103.20 9.71
N ILE V 203 -63.66 -102.60 9.14
CA ILE V 203 -62.32 -103.12 9.33
C ILE V 203 -61.75 -102.82 10.71
N THR V 204 -62.32 -101.85 11.43
CA THR V 204 -61.89 -101.53 12.78
C THR V 204 -62.91 -101.97 13.84
N ARG V 205 -63.88 -102.81 13.45
CA ARG V 205 -64.86 -103.39 14.38
C ARG V 205 -65.68 -102.31 15.09
N GLY V 206 -66.04 -101.26 14.35
CA GLY V 206 -66.99 -100.28 14.84
C GLY V 206 -66.42 -99.24 15.79
N GLN V 207 -65.12 -99.27 16.08
CA GLN V 207 -64.52 -98.29 16.97
C GLN V 207 -63.96 -97.09 16.23
N HIS V 208 -64.19 -97.00 14.92
CA HIS V 208 -63.69 -95.88 14.12
C HIS V 208 -64.68 -95.60 12.99
N ARG V 209 -65.13 -94.36 12.89
CA ARG V 209 -66.07 -93.92 11.88
C ARG V 209 -65.46 -92.81 11.06
N ALA V 210 -65.61 -92.90 9.73
CA ALA V 210 -65.05 -91.90 8.84
C ALA V 210 -65.70 -90.53 9.08
N THR V 211 -64.88 -89.49 9.04
CA THR V 211 -65.35 -88.14 9.30
C THR V 211 -64.98 -87.10 8.24
N ASN V 212 -63.92 -87.34 7.45
CA ASN V 212 -63.48 -86.35 6.47
C ASN V 212 -63.19 -87.02 5.14
N ILE V 213 -63.54 -86.29 4.07
CA ILE V 213 -63.27 -86.71 2.69
C ILE V 213 -62.54 -85.59 1.98
N LEU V 214 -61.53 -85.97 1.19
CA LEU V 214 -60.80 -85.04 0.33
C LEU V 214 -60.90 -85.53 -1.11
N ILE V 215 -61.31 -84.63 -1.99
CA ILE V 215 -61.55 -84.96 -3.40
C ILE V 215 -60.78 -83.96 -4.28
N PRO V 216 -60.44 -84.32 -5.52
CA PRO V 216 -59.73 -83.38 -6.39
C PRO V 216 -60.59 -82.18 -6.72
N PRO V 217 -59.98 -81.01 -6.94
CA PRO V 217 -60.76 -79.81 -7.29
C PRO V 217 -61.47 -79.91 -8.62
N SER V 218 -61.03 -80.79 -9.52
CA SER V 218 -61.66 -80.93 -10.83
C SER V 218 -62.80 -81.92 -10.84
N MET V 219 -63.14 -82.51 -9.69
CA MET V 219 -64.23 -83.46 -9.58
C MET V 219 -65.41 -82.91 -8.79
N ARG V 220 -65.41 -81.62 -8.46
CA ARG V 220 -66.51 -81.03 -7.73
C ARG V 220 -67.78 -80.90 -8.58
N LYS V 221 -67.64 -80.96 -9.90
CA LYS V 221 -68.79 -80.84 -10.79
C LYS V 221 -69.61 -82.11 -10.86
N VAL V 222 -69.04 -83.26 -10.49
CA VAL V 222 -69.78 -84.52 -10.53
C VAL V 222 -70.86 -84.57 -9.46
N LEU V 223 -70.58 -84.05 -8.27
CA LEU V 223 -71.52 -84.14 -7.16
C LEU V 223 -72.52 -83.00 -7.11
N ALA V 224 -72.41 -82.01 -7.99
CA ALA V 224 -73.34 -80.89 -8.02
C ALA V 224 -74.44 -81.06 -9.06
N ILE V 225 -74.47 -82.20 -9.75
CA ILE V 225 -75.48 -82.43 -10.78
C ILE V 225 -76.85 -82.59 -10.13
N ARG V 226 -77.84 -81.90 -10.69
CA ARG V 226 -79.21 -82.07 -10.23
C ARG V 226 -79.68 -83.49 -10.52
N MET V 227 -80.18 -84.17 -9.49
CA MET V 227 -80.58 -85.56 -9.63
C MET V 227 -81.79 -85.65 -10.55
N PRO V 228 -81.92 -86.73 -11.32
CA PRO V 228 -83.04 -86.84 -12.28
C PRO V 228 -84.38 -86.81 -11.57
N GLU V 229 -85.34 -86.10 -12.21
CA GLU V 229 -86.72 -86.04 -11.75
C GLU V 229 -86.86 -85.52 -10.33
N THR V 230 -86.02 -84.56 -9.94
CA THR V 230 -86.12 -83.91 -8.64
C THR V 230 -85.38 -82.58 -8.70
N THR V 231 -85.18 -81.98 -7.53
CA THR V 231 -84.60 -80.64 -7.44
C THR V 231 -83.30 -80.58 -6.63
N MET V 232 -82.98 -81.61 -5.85
CA MET V 232 -81.78 -81.59 -5.03
C MET V 232 -80.70 -82.48 -5.65
N SER V 233 -79.45 -82.18 -5.35
CA SER V 233 -78.33 -82.80 -6.02
C SER V 233 -77.81 -84.01 -5.25
N TYR V 234 -76.88 -84.72 -5.89
CA TYR V 234 -76.28 -85.90 -5.27
C TYR V 234 -75.54 -85.52 -4.00
N LEU V 235 -74.88 -84.37 -4.00
CA LEU V 235 -74.19 -83.90 -2.79
C LEU V 235 -75.18 -83.69 -1.65
N ASP V 236 -76.32 -83.06 -1.93
CA ASP V 236 -77.30 -82.82 -0.88
C ASP V 236 -77.87 -84.12 -0.36
N TYR V 237 -78.17 -85.07 -1.26
CA TYR V 237 -78.66 -86.37 -0.81
C TYR V 237 -77.64 -87.09 0.05
N PHE V 238 -76.37 -87.06 -0.36
CA PHE V 238 -75.32 -87.73 0.39
C PHE V 238 -75.13 -87.11 1.77
N LYS V 239 -75.18 -85.77 1.85
CA LYS V 239 -75.08 -85.12 3.15
C LYS V 239 -76.29 -85.44 4.03
N SER V 240 -77.49 -85.51 3.44
CA SER V 240 -78.67 -85.86 4.23
C SER V 240 -78.55 -87.27 4.79
N GLN V 241 -78.07 -88.21 3.99
CA GLN V 241 -77.93 -89.58 4.47
C GLN V 241 -76.74 -89.77 5.41
N ASN V 242 -75.70 -88.95 5.29
CA ASN V 242 -74.48 -89.11 6.08
C ASN V 242 -74.13 -87.82 6.79
N SER V 243 -75.12 -87.22 7.45
CA SER V 243 -74.88 -86.03 8.25
C SER V 243 -73.81 -86.29 9.30
N GLY V 244 -72.92 -85.33 9.48
CA GLY V 244 -71.79 -85.47 10.38
C GLY V 244 -70.46 -85.67 9.73
N ILE V 245 -70.36 -85.54 8.40
CA ILE V 245 -69.13 -85.72 7.67
C ILE V 245 -68.82 -84.43 6.92
N GLU V 246 -67.54 -84.17 6.69
CA GLU V 246 -67.10 -82.99 5.97
C GLU V 246 -66.40 -83.38 4.67
N ILE V 247 -66.62 -82.58 3.64
CA ILE V 247 -66.08 -82.82 2.31
C ILE V 247 -65.25 -81.60 1.92
N ASP V 248 -64.03 -81.84 1.45
CA ASP V 248 -63.12 -80.76 1.12
C ASP V 248 -62.35 -81.11 -0.15
N SER V 249 -61.72 -80.08 -0.72
CA SER V 249 -60.97 -80.20 -1.96
C SER V 249 -59.53 -79.79 -1.73
N ILE V 250 -58.61 -80.60 -2.25
CA ILE V 250 -57.18 -80.37 -2.13
C ILE V 250 -56.55 -80.53 -3.49
N ALA V 251 -55.71 -79.57 -3.90
CA ALA V 251 -55.06 -79.65 -5.20
C ALA V 251 -53.94 -80.67 -5.21
N GLU V 252 -53.45 -81.10 -4.06
CA GLU V 252 -52.41 -82.11 -3.99
C GLU V 252 -52.86 -83.47 -4.50
N LEU V 253 -54.16 -83.72 -4.56
CA LEU V 253 -54.70 -84.99 -5.00
C LEU V 253 -54.82 -85.10 -6.52
N GLU V 254 -54.49 -84.03 -7.26
CA GLU V 254 -54.62 -84.08 -8.70
C GLU V 254 -53.69 -85.12 -9.32
N ASP V 255 -52.44 -85.17 -8.85
CA ASP V 255 -51.46 -86.15 -9.29
C ASP V 255 -50.89 -86.85 -8.06
N ILE V 256 -51.14 -88.15 -7.92
CA ILE V 256 -50.60 -88.92 -6.82
C ILE V 256 -49.37 -89.73 -7.22
N ASP V 257 -49.00 -89.71 -8.51
CA ASP V 257 -47.79 -90.40 -8.95
C ASP V 257 -46.97 -89.59 -9.95
N GLY V 258 -47.41 -88.40 -10.33
CA GLY V 258 -46.71 -87.62 -11.32
C GLY V 258 -47.01 -87.98 -12.76
N ALA V 259 -47.94 -88.89 -13.00
CA ALA V 259 -48.30 -89.30 -14.35
C ALA V 259 -49.76 -89.00 -14.70
N GLY V 260 -50.48 -88.28 -13.84
CA GLY V 260 -51.85 -87.93 -14.09
C GLY V 260 -52.89 -88.71 -13.33
N THR V 261 -52.47 -89.59 -12.41
CA THR V 261 -53.42 -90.35 -11.63
C THR V 261 -54.03 -89.49 -10.52
N LYS V 262 -55.34 -89.54 -10.40
CA LYS V 262 -56.07 -88.82 -9.37
C LYS V 262 -56.47 -89.79 -8.26
N GLY V 263 -56.89 -89.22 -7.14
CA GLY V 263 -57.28 -90.04 -6.00
C GLY V 263 -58.17 -89.30 -5.04
N VAL V 264 -58.85 -90.08 -4.20
CA VAL V 264 -59.76 -89.56 -3.18
C VAL V 264 -59.35 -90.15 -1.83
N LEU V 265 -59.36 -89.33 -0.80
CA LEU V 265 -58.97 -89.77 0.54
C LEU V 265 -60.17 -89.74 1.47
N VAL V 266 -60.38 -90.83 2.22
CA VAL V 266 -61.41 -90.88 3.24
C VAL V 266 -60.73 -91.26 4.55
N TYR V 267 -60.87 -90.43 5.58
CA TYR V 267 -60.16 -90.69 6.82
C TYR V 267 -60.95 -90.13 7.99
N GLU V 268 -60.51 -90.49 9.19
CA GLU V 268 -61.03 -89.93 10.44
C GLU V 268 -59.96 -89.05 11.05
N LYS V 269 -60.30 -87.78 11.25
CA LYS V 269 -59.34 -86.81 11.77
C LYS V 269 -59.34 -86.88 13.30
N ASN V 270 -58.24 -87.36 13.86
CA ASN V 270 -58.09 -87.49 15.31
C ASN V 270 -56.61 -87.48 15.66
N PRO V 271 -56.21 -86.80 16.73
CA PRO V 271 -54.79 -86.77 17.10
C PRO V 271 -54.24 -88.15 17.46
N MET V 272 -55.10 -89.10 17.80
CA MET V 272 -54.66 -90.43 18.20
C MET V 272 -54.28 -91.31 17.03
N ASN V 273 -54.66 -90.94 15.80
CA ASN V 273 -54.37 -91.76 14.62
C ASN V 273 -53.25 -91.21 13.76
N MET V 274 -53.15 -89.89 13.62
CA MET V 274 -52.04 -89.28 12.90
C MET V 274 -51.78 -87.90 13.47
N SER V 275 -50.55 -87.42 13.25
CA SER V 275 -50.17 -86.10 13.72
C SER V 275 -48.88 -85.69 13.03
N ILE V 276 -48.66 -84.37 12.97
CA ILE V 276 -47.43 -83.79 12.47
C ILE V 276 -46.84 -82.92 13.56
N GLU V 277 -45.56 -83.13 13.86
CA GLU V 277 -44.88 -82.42 14.95
C GLU V 277 -43.92 -81.39 14.38
N ILE V 278 -43.92 -80.20 14.97
CA ILE V 278 -42.98 -79.15 14.62
C ILE V 278 -42.25 -78.71 15.89
N PRO V 279 -41.16 -79.40 16.27
CA PRO V 279 -40.50 -79.07 17.55
C PRO V 279 -39.84 -77.70 17.57
N GLU V 280 -39.17 -77.30 16.49
CA GLU V 280 -38.53 -75.98 16.44
C GLU V 280 -39.06 -75.24 15.22
N ALA V 281 -39.60 -74.04 15.46
CA ALA V 281 -40.20 -73.24 14.41
C ALA V 281 -39.11 -72.53 13.60
N PHE V 282 -39.53 -71.85 12.53
CA PHE V 282 -38.61 -71.12 11.70
C PHE V 282 -37.99 -69.96 12.47
N ASN V 283 -36.69 -69.72 12.23
CA ASN V 283 -35.99 -68.62 12.87
C ASN V 283 -34.79 -68.25 12.02
N MET V 284 -34.29 -67.02 12.22
CA MET V 284 -33.16 -66.50 11.48
C MET V 284 -31.98 -66.30 12.42
N LEU V 285 -30.78 -66.47 11.88
CA LEU V 285 -29.55 -66.30 12.62
C LEU V 285 -28.89 -64.98 12.26
N PRO V 286 -28.07 -64.43 13.15
CA PRO V 286 -27.40 -63.16 12.85
C PRO V 286 -26.51 -63.28 11.63
N ALA V 287 -26.43 -62.17 10.87
CA ALA V 287 -25.68 -62.18 9.63
C ALA V 287 -24.19 -62.34 9.88
N GLN V 288 -23.49 -62.94 8.92
CA GLN V 288 -22.06 -63.17 9.02
C GLN V 288 -21.35 -62.38 7.93
N PRO V 289 -20.77 -61.22 8.24
CA PRO V 289 -20.27 -60.33 7.18
C PRO V 289 -19.05 -60.90 6.47
N LYS V 290 -18.95 -60.57 5.18
CA LYS V 290 -17.78 -60.84 4.36
C LYS V 290 -17.25 -59.49 3.84
N ASP V 291 -16.34 -59.57 2.86
CA ASP V 291 -15.65 -58.39 2.33
C ASP V 291 -16.57 -57.19 2.14
N LEU V 292 -17.58 -57.32 1.29
CA LEU V 292 -18.53 -56.23 1.08
C LEU V 292 -19.98 -56.70 1.05
N HIS V 293 -20.27 -57.91 1.53
CA HIS V 293 -21.65 -58.40 1.57
C HIS V 293 -21.86 -59.21 2.84
N PHE V 294 -23.12 -59.52 3.10
CA PHE V 294 -23.54 -60.30 4.26
C PHE V 294 -24.06 -61.65 3.79
N LYS V 295 -24.45 -62.49 4.75
CA LYS V 295 -25.07 -63.77 4.46
C LYS V 295 -25.85 -64.21 5.68
N VAL V 296 -27.08 -64.68 5.46
CA VAL V 296 -27.96 -65.01 6.57
C VAL V 296 -28.49 -66.43 6.41
N PRO V 297 -28.21 -67.33 7.36
CA PRO V 297 -28.78 -68.67 7.33
C PRO V 297 -30.07 -68.79 8.14
N CYS V 298 -30.88 -69.77 7.75
CA CYS V 298 -32.16 -70.06 8.38
C CYS V 298 -32.30 -71.56 8.54
N THR V 299 -32.96 -71.99 9.61
CA THR V 299 -33.10 -73.42 9.90
C THR V 299 -34.36 -73.66 10.73
N SER V 300 -34.76 -74.93 10.78
CA SER V 300 -35.93 -75.36 11.54
C SER V 300 -35.90 -76.88 11.66
N LYS V 301 -36.95 -77.43 12.27
CA LYS V 301 -37.07 -78.87 12.45
C LYS V 301 -38.46 -79.36 12.07
N CYS V 302 -38.55 -80.63 11.69
CA CYS V 302 -39.82 -81.24 11.34
C CYS V 302 -39.71 -82.74 11.58
N THR V 303 -40.83 -83.44 11.36
CA THR V 303 -40.87 -84.88 11.51
C THR V 303 -41.54 -85.62 10.36
N GLY V 304 -42.49 -85.00 9.67
CA GLY V 304 -43.28 -85.68 8.66
C GLY V 304 -44.53 -86.32 9.25
N LEU V 305 -45.28 -86.98 8.38
CA LEU V 305 -46.53 -87.61 8.78
C LEU V 305 -46.27 -88.99 9.36
N THR V 306 -46.82 -89.23 10.55
CA THR V 306 -46.73 -90.52 11.23
C THR V 306 -48.13 -91.09 11.42
N ILE V 307 -48.31 -92.36 11.08
CA ILE V 307 -49.61 -93.02 11.18
C ILE V 307 -49.53 -94.07 12.28
N TYR V 308 -50.43 -93.99 13.25
CA TYR V 308 -50.46 -94.93 14.35
C TYR V 308 -51.44 -96.08 14.12
N ARG V 309 -52.60 -95.78 13.55
CA ARG V 309 -53.63 -96.78 13.25
C ARG V 309 -53.90 -96.73 11.75
N PRO V 310 -53.19 -97.54 10.96
CA PRO V 310 -53.31 -97.45 9.50
C PRO V 310 -54.62 -98.02 8.95
N MET V 311 -55.51 -98.44 9.83
CA MET V 311 -56.80 -98.99 9.43
C MET V 311 -57.90 -97.94 9.38
N THR V 312 -57.55 -96.66 9.61
CA THR V 312 -58.53 -95.58 9.57
C THR V 312 -58.33 -94.65 8.37
N ILE V 313 -57.66 -95.13 7.33
CA ILE V 313 -57.41 -94.36 6.12
C ILE V 313 -57.76 -95.22 4.92
N VAL V 314 -58.49 -94.65 3.97
CA VAL V 314 -58.84 -95.33 2.73
C VAL V 314 -58.47 -94.44 1.56
N LEU V 315 -57.73 -94.99 0.61
CA LEU V 315 -57.35 -94.30 -0.62
C LEU V 315 -58.07 -94.93 -1.79
N ILE V 316 -58.94 -94.15 -2.43
CA ILE V 316 -59.63 -94.56 -3.65
C ILE V 316 -58.77 -94.07 -4.81
N THR V 317 -58.13 -95.01 -5.50
CA THR V 317 -57.20 -94.67 -6.57
C THR V 317 -57.83 -94.92 -7.93
N GLY V 318 -57.26 -94.28 -8.95
CA GLY V 318 -57.78 -94.40 -10.30
C GLY V 318 -58.93 -93.47 -10.64
N VAL V 319 -59.33 -92.61 -9.71
CA VAL V 319 -60.43 -91.69 -9.93
C VAL V 319 -60.10 -90.72 -11.06
N GLN W 3 -71.86 -76.31 -1.88
CA GLN W 3 -70.55 -75.93 -2.42
C GLN W 3 -69.43 -76.52 -1.57
N ILE W 4 -68.30 -76.82 -2.20
CA ILE W 4 -67.15 -77.42 -1.54
C ILE W 4 -65.97 -76.47 -1.68
N ASN W 5 -65.36 -76.11 -0.56
CA ASN W 5 -64.20 -75.22 -0.59
C ASN W 5 -62.99 -75.95 -1.19
N ALA W 6 -62.14 -75.17 -1.87
CA ALA W 6 -60.98 -75.72 -2.56
C ALA W 6 -59.75 -74.87 -2.26
N SER W 7 -58.58 -75.50 -2.34
CA SER W 7 -57.30 -74.84 -2.14
C SER W 7 -56.32 -75.31 -3.19
N TYR W 8 -55.31 -74.49 -3.48
CA TYR W 8 -54.35 -74.78 -4.54
C TYR W 8 -52.93 -74.74 -3.98
N GLN W 9 -51.97 -75.04 -4.86
CA GLN W 9 -50.58 -75.20 -4.44
C GLN W 9 -49.66 -75.08 -5.65
N ARG W 10 -48.50 -74.46 -5.44
CA ARG W 10 -47.47 -74.35 -6.47
C ARG W 10 -46.10 -74.43 -5.83
N ASP W 11 -45.11 -74.80 -6.63
CA ASP W 11 -43.72 -74.85 -6.18
C ASP W 11 -42.89 -73.87 -7.00
N MET W 12 -42.04 -73.11 -6.31
CA MET W 12 -41.23 -72.10 -6.96
C MET W 12 -40.16 -72.74 -7.84
N ALA W 13 -39.67 -71.96 -8.80
CA ALA W 13 -38.55 -72.38 -9.62
C ALA W 13 -37.29 -72.48 -8.76
N ILE W 14 -36.41 -73.42 -9.13
CA ILE W 14 -35.26 -73.71 -8.31
C ILE W 14 -34.21 -72.61 -8.38
N ALA W 15 -33.86 -72.18 -9.60
CA ALA W 15 -32.73 -71.28 -9.75
C ALA W 15 -32.99 -70.29 -10.88
N LEU W 16 -31.99 -69.46 -11.14
CA LEU W 16 -31.95 -68.45 -12.18
C LEU W 16 -30.63 -68.56 -12.91
N PRO W 17 -30.55 -68.07 -14.15
CA PRO W 17 -29.27 -68.07 -14.86
C PRO W 17 -28.26 -67.19 -14.15
N GLY W 18 -27.08 -67.76 -13.86
CA GLY W 18 -26.02 -67.03 -13.20
C GLY W 18 -26.12 -66.97 -11.70
N MET W 19 -27.03 -67.73 -11.09
CA MET W 19 -27.18 -67.69 -9.64
C MET W 19 -26.08 -68.49 -8.96
N VAL W 20 -25.56 -67.95 -7.86
CA VAL W 20 -24.65 -68.70 -7.00
C VAL W 20 -25.46 -69.78 -6.28
N ALA W 21 -25.02 -71.02 -6.39
CA ALA W 21 -25.83 -72.15 -5.91
C ALA W 21 -25.89 -72.17 -4.38
N ASP W 22 -24.74 -72.31 -3.74
CA ASP W 22 -24.70 -72.49 -2.29
C ASP W 22 -23.58 -71.63 -1.73
N THR W 23 -23.39 -71.71 -0.40
CA THR W 23 -22.42 -70.89 0.31
C THR W 23 -21.16 -71.67 0.66
N SER W 24 -20.71 -72.54 -0.24
CA SER W 24 -19.56 -73.40 0.01
C SER W 24 -18.36 -72.88 -0.76
N LYS W 25 -17.66 -71.92 -0.16
CA LYS W 25 -16.32 -71.49 -0.59
C LYS W 25 -16.34 -70.95 -2.02
N TYR W 26 -16.98 -69.79 -2.16
CA TYR W 26 -16.93 -69.05 -3.42
C TYR W 26 -15.82 -68.01 -3.38
N ASN W 27 -15.41 -67.54 -4.57
CA ASN W 27 -14.36 -66.54 -4.68
C ASN W 27 -14.65 -65.69 -5.91
N ILE W 28 -15.11 -64.47 -5.69
CA ILE W 28 -15.62 -63.59 -6.74
C ILE W 28 -14.73 -62.35 -6.80
N ASP W 29 -14.29 -62.00 -8.02
CA ASP W 29 -13.47 -60.82 -8.23
C ASP W 29 -14.11 -59.92 -9.29
N GLY W 30 -13.85 -58.62 -9.18
CA GLY W 30 -14.41 -57.67 -10.11
C GLY W 30 -13.46 -57.34 -11.24
N ALA W 31 -14.04 -57.04 -12.40
CA ALA W 31 -13.26 -56.69 -13.59
C ALA W 31 -14.06 -55.71 -14.42
N CYS W 32 -13.47 -55.27 -15.53
CA CYS W 32 -14.11 -54.36 -16.46
C CYS W 32 -14.25 -55.03 -17.82
N VAL W 33 -15.40 -54.80 -18.46
CA VAL W 33 -15.71 -55.49 -19.72
C VAL W 33 -15.08 -54.76 -20.88
N VAL W 34 -14.46 -55.52 -21.79
CA VAL W 34 -13.91 -54.95 -23.02
C VAL W 34 -15.06 -54.44 -23.89
N ASN W 35 -14.85 -53.29 -24.53
CA ASN W 35 -15.89 -52.65 -25.31
C ASN W 35 -16.30 -53.46 -26.54
N GLU W 36 -15.53 -54.47 -26.93
CA GLU W 36 -15.87 -55.29 -28.09
C GLU W 36 -16.73 -56.45 -27.63
N GLY W 37 -18.03 -56.34 -27.84
CA GLY W 37 -18.95 -57.44 -27.56
C GLY W 37 -19.39 -57.46 -26.11
N ASP W 38 -20.65 -57.86 -25.92
CA ASP W 38 -21.25 -58.00 -24.59
C ASP W 38 -21.13 -59.44 -24.12
N VAL W 39 -21.33 -59.63 -22.82
CA VAL W 39 -21.23 -60.93 -22.18
C VAL W 39 -22.56 -61.28 -21.53
N LEU W 40 -22.97 -62.54 -21.67
CA LEU W 40 -24.23 -63.02 -21.13
C LEU W 40 -24.02 -63.53 -19.71
N VAL W 41 -24.91 -63.14 -18.80
CA VAL W 41 -24.80 -63.59 -17.42
C VAL W 41 -25.03 -65.10 -17.35
N GLY W 42 -24.18 -65.78 -16.60
CA GLY W 42 -24.23 -67.23 -16.52
C GLY W 42 -23.39 -67.95 -17.54
N ALA W 43 -22.64 -67.23 -18.37
CA ALA W 43 -21.80 -67.82 -19.40
C ALA W 43 -20.34 -67.50 -19.10
N ALA W 44 -19.45 -68.35 -19.62
CA ALA W 44 -18.03 -68.21 -19.35
C ALA W 44 -17.47 -66.98 -20.05
N VAL W 45 -16.30 -66.55 -19.57
CA VAL W 45 -15.60 -65.39 -20.12
C VAL W 45 -14.13 -65.75 -20.30
N GLN W 46 -13.40 -64.86 -20.95
CA GLN W 46 -11.97 -65.00 -21.16
C GLN W 46 -11.29 -63.67 -20.87
N VAL W 47 -10.01 -63.74 -20.49
CA VAL W 47 -9.21 -62.57 -20.20
C VAL W 47 -8.28 -62.31 -21.38
N VAL W 48 -8.22 -61.07 -21.83
CA VAL W 48 -7.37 -60.70 -22.96
C VAL W 48 -6.03 -60.10 -22.53
N GLN W 49 -6.01 -59.32 -21.44
CA GLN W 49 -4.77 -58.75 -20.94
C GLN W 49 -5.00 -58.27 -19.51
N ALA W 50 -3.94 -58.25 -18.72
CA ALA W 50 -4.01 -57.89 -17.31
C ALA W 50 -3.03 -56.77 -17.00
N GLN W 51 -3.40 -55.93 -16.03
CA GLN W 51 -2.52 -54.84 -15.61
C GLN W 51 -1.28 -55.40 -14.93
N ALA W 52 -0.17 -54.69 -15.09
CA ALA W 52 1.10 -55.12 -14.51
C ALA W 52 1.30 -54.62 -13.09
N VAL W 53 0.67 -53.48 -12.75
CA VAL W 53 0.89 -52.89 -11.42
C VAL W 53 0.06 -53.60 -10.37
N ASP W 54 -1.25 -53.69 -10.58
CA ASP W 54 -2.17 -54.21 -9.59
C ASP W 54 -2.66 -55.62 -9.92
N GLY W 55 -3.21 -55.82 -11.10
CA GLY W 55 -3.81 -57.09 -11.49
C GLY W 55 -5.23 -57.00 -11.99
N HIS W 56 -5.77 -55.79 -12.19
CA HIS W 56 -7.11 -55.65 -12.75
C HIS W 56 -7.14 -56.20 -14.16
N LYS W 57 -8.26 -56.85 -14.51
CA LYS W 57 -8.35 -57.64 -15.73
C LYS W 57 -9.44 -57.12 -16.64
N LEU W 58 -9.19 -57.19 -17.95
CA LEU W 58 -10.19 -56.88 -18.96
C LEU W 58 -10.66 -58.18 -19.59
N VAL W 59 -11.98 -58.39 -19.62
CA VAL W 59 -12.56 -59.64 -20.06
C VAL W 59 -13.66 -59.38 -21.08
N LYS W 60 -13.90 -60.37 -21.94
CA LYS W 60 -14.94 -60.32 -22.94
C LYS W 60 -15.48 -61.73 -23.15
N ALA W 61 -16.24 -61.91 -24.22
CA ALA W 61 -16.87 -63.20 -24.49
C ALA W 61 -15.83 -64.24 -24.87
N LEU W 62 -16.21 -65.51 -24.71
CA LEU W 62 -15.32 -66.61 -25.04
C LEU W 62 -15.17 -66.75 -26.56
N THR W 63 -14.04 -67.35 -26.96
CA THR W 63 -13.70 -67.51 -28.35
C THR W 63 -13.00 -68.85 -28.52
N THR W 64 -13.06 -69.40 -29.74
CA THR W 64 -12.49 -70.72 -30.01
C THR W 64 -10.99 -70.73 -29.72
N GLY W 65 -10.52 -71.86 -29.19
CA GLY W 65 -9.11 -72.06 -28.92
C GLY W 65 -8.54 -71.11 -27.88
N THR W 66 -9.30 -70.87 -26.82
CA THR W 66 -8.86 -69.99 -25.74
C THR W 66 -9.15 -70.66 -24.40
N THR W 67 -8.53 -70.13 -23.36
CA THR W 67 -8.68 -70.69 -22.02
C THR W 67 -9.72 -69.89 -21.25
N PRO W 68 -10.82 -70.50 -20.81
CA PRO W 68 -11.80 -69.77 -20.01
C PRO W 68 -11.24 -69.42 -18.63
N TYR W 69 -11.79 -68.34 -18.07
CA TYR W 69 -11.34 -67.82 -16.78
C TYR W 69 -12.38 -67.95 -15.68
N GLY W 70 -13.63 -67.61 -15.97
CA GLY W 70 -14.66 -67.66 -14.95
C GLY W 70 -16.03 -67.47 -15.55
N VAL W 71 -17.02 -67.39 -14.67
CA VAL W 71 -18.43 -67.32 -15.05
C VAL W 71 -19.04 -66.05 -14.46
N ALA W 72 -19.68 -65.26 -15.31
CA ALA W 72 -20.38 -64.07 -14.85
C ALA W 72 -21.59 -64.44 -14.01
N ILE W 73 -21.79 -63.73 -12.90
CA ILE W 73 -22.86 -64.02 -11.96
C ILE W 73 -23.78 -62.81 -11.87
N ARG W 74 -25.01 -63.07 -11.45
CA ARG W 74 -25.99 -62.00 -11.28
C ARG W 74 -25.55 -61.06 -10.17
N SER W 75 -25.75 -59.76 -10.40
CA SER W 75 -25.36 -58.74 -9.43
C SER W 75 -26.14 -57.47 -9.73
N HIS W 76 -25.72 -56.38 -9.09
CA HIS W 76 -26.39 -55.10 -9.28
C HIS W 76 -26.19 -54.55 -10.68
N TRP W 77 -24.93 -54.54 -11.14
CA TRP W 77 -24.58 -53.87 -12.40
C TRP W 77 -24.88 -54.80 -13.56
N GLN W 78 -26.15 -54.88 -13.95
CA GLN W 78 -26.54 -55.72 -15.07
C GLN W 78 -27.81 -55.12 -15.69
N THR W 79 -27.96 -55.32 -17.00
CA THR W 79 -29.04 -54.71 -17.75
C THR W 79 -29.76 -55.75 -18.58
N VAL W 80 -30.70 -55.28 -19.39
CA VAL W 80 -31.51 -56.14 -20.26
C VAL W 80 -31.08 -55.91 -21.69
N ASN W 81 -31.22 -56.95 -22.52
CA ASN W 81 -30.98 -56.82 -23.95
C ASN W 81 -32.29 -56.56 -24.68
N ALA W 82 -32.23 -56.60 -26.02
CA ALA W 82 -33.44 -56.44 -26.81
C ALA W 82 -34.41 -57.59 -26.59
N GLN W 83 -33.89 -58.81 -26.47
CA GLN W 83 -34.71 -59.99 -26.24
C GLN W 83 -35.06 -60.19 -24.77
N ASN W 84 -34.92 -59.15 -23.93
CA ASN W 84 -35.19 -59.20 -22.51
C ASN W 84 -34.30 -60.22 -21.78
N GLN W 85 -33.16 -60.56 -22.36
CA GLN W 85 -32.21 -61.48 -21.74
C GLN W 85 -31.18 -60.65 -20.97
N MET W 86 -30.82 -61.11 -19.79
CA MET W 86 -29.99 -60.30 -18.89
C MET W 86 -28.54 -60.35 -19.34
N ILE W 87 -27.89 -59.18 -19.37
CA ILE W 87 -26.54 -59.05 -19.90
C ILE W 87 -25.74 -58.07 -19.04
N TYR W 88 -24.43 -58.03 -19.31
CA TYR W 88 -23.54 -56.99 -18.82
C TYR W 88 -23.21 -56.07 -19.99
N GLU W 89 -23.31 -54.77 -19.79
CA GLU W 89 -23.08 -53.83 -20.87
C GLU W 89 -21.61 -53.84 -21.30
N ASP W 90 -21.35 -53.21 -22.45
CA ASP W 90 -20.01 -53.21 -23.02
C ASP W 90 -19.00 -52.54 -22.11
N GLY W 91 -19.37 -51.41 -21.50
CA GLY W 91 -18.48 -50.73 -20.57
C GLY W 91 -19.04 -50.68 -19.17
N GLY W 92 -18.42 -51.39 -18.25
CA GLY W 92 -18.88 -51.41 -16.87
C GLY W 92 -18.21 -52.52 -16.10
N ALA W 93 -18.65 -52.67 -14.84
CA ALA W 93 -18.10 -53.65 -13.93
C ALA W 93 -18.77 -55.00 -14.09
N ILE W 94 -17.98 -56.06 -13.99
CA ILE W 94 -18.46 -57.43 -14.12
C ILE W 94 -17.92 -58.23 -12.93
N ASN W 95 -18.78 -58.98 -12.26
CA ASN W 95 -18.35 -59.87 -11.20
C ASN W 95 -18.15 -61.27 -11.76
N VAL W 96 -16.97 -61.85 -11.52
CA VAL W 96 -16.64 -63.17 -12.04
C VAL W 96 -16.28 -64.07 -10.88
N MET W 97 -16.91 -65.24 -10.82
CA MET W 97 -16.58 -66.23 -9.80
C MET W 97 -15.57 -67.20 -10.39
N THR W 98 -14.52 -67.50 -9.63
CA THR W 98 -13.46 -68.38 -10.10
C THR W 98 -13.47 -69.73 -9.40
N SER W 99 -14.22 -69.90 -8.31
CA SER W 99 -14.32 -71.17 -7.63
C SER W 99 -15.63 -71.21 -6.85
N GLY W 100 -16.33 -72.32 -6.95
CA GLY W 100 -17.61 -72.48 -6.31
C GLY W 100 -18.66 -73.04 -7.24
N ARG W 101 -19.88 -73.19 -6.72
CA ARG W 101 -20.96 -73.81 -7.45
C ARG W 101 -21.90 -72.75 -8.01
N VAL W 102 -22.16 -72.82 -9.32
CA VAL W 102 -22.95 -71.80 -10.00
C VAL W 102 -23.94 -72.49 -10.92
N TRP W 103 -25.04 -71.77 -11.23
CA TRP W 103 -26.01 -72.21 -12.21
C TRP W 103 -25.65 -71.57 -13.55
N MET W 104 -25.18 -72.40 -14.49
CA MET W 104 -24.62 -71.94 -15.74
C MET W 104 -25.51 -72.38 -16.90
N LEU W 105 -25.59 -71.53 -17.91
CA LEU W 105 -26.40 -71.82 -19.09
C LEU W 105 -25.91 -73.08 -19.79
N SER W 106 -26.85 -73.87 -20.29
CA SER W 106 -26.54 -75.08 -21.02
C SER W 106 -27.41 -75.17 -22.25
N LYS W 107 -26.90 -75.88 -23.27
CA LYS W 107 -27.70 -76.12 -24.46
C LYS W 107 -27.71 -77.60 -24.84
N SER W 108 -27.36 -78.49 -23.92
CA SER W 108 -27.48 -79.92 -24.15
C SER W 108 -28.90 -80.38 -23.82
N THR W 109 -29.12 -81.70 -23.83
CA THR W 109 -30.44 -82.26 -23.61
C THR W 109 -30.49 -83.33 -22.54
N GLU W 110 -29.35 -83.88 -22.13
CA GLU W 110 -29.31 -85.01 -21.21
C GLU W 110 -28.62 -84.62 -19.91
N ALA W 111 -29.08 -85.22 -18.82
CA ALA W 111 -28.47 -84.97 -17.52
C ALA W 111 -27.04 -85.49 -17.49
N PRO W 112 -26.10 -84.71 -16.97
CA PRO W 112 -24.70 -85.14 -16.94
C PRO W 112 -24.40 -86.04 -15.74
N THR W 113 -23.18 -86.57 -15.73
CA THR W 113 -22.71 -87.46 -14.68
C THR W 113 -21.84 -86.69 -13.69
N PHE W 114 -22.06 -86.96 -12.41
CA PHE W 114 -21.35 -86.24 -11.35
C PHE W 114 -19.85 -86.49 -11.43
N GLY W 115 -19.07 -85.43 -11.25
CA GLY W 115 -17.63 -85.52 -11.17
C GLY W 115 -16.89 -85.53 -12.49
N SER W 116 -17.59 -85.49 -13.61
CA SER W 116 -16.94 -85.53 -14.91
C SER W 116 -16.48 -84.13 -15.33
N ALA W 117 -15.62 -84.09 -16.33
CA ALA W 117 -15.12 -82.82 -16.86
C ALA W 117 -16.22 -82.11 -17.66
N VAL W 118 -16.06 -80.79 -17.79
CA VAL W 118 -17.04 -79.95 -18.46
C VAL W 118 -16.51 -79.54 -19.82
N LYS W 119 -17.39 -79.55 -20.83
CA LYS W 119 -17.06 -79.13 -22.18
C LYS W 119 -17.86 -77.86 -22.51
N LEU W 120 -17.19 -76.90 -23.13
CA LEU W 120 -17.79 -75.62 -23.46
C LEU W 120 -17.86 -75.41 -24.96
N ASP W 121 -18.58 -74.36 -25.36
CA ASP W 121 -18.80 -74.04 -26.75
C ASP W 121 -18.12 -72.72 -27.11
N VAL W 122 -18.36 -72.27 -28.34
CA VAL W 122 -17.73 -71.05 -28.84
C VAL W 122 -18.22 -69.84 -28.05
N ASP W 123 -19.52 -69.75 -27.82
CA ASP W 123 -20.10 -68.58 -27.15
C ASP W 123 -20.02 -68.65 -25.63
N GLY W 124 -19.57 -69.76 -25.07
CA GLY W 124 -19.46 -69.88 -23.63
C GLY W 124 -20.62 -70.56 -22.94
N GLN W 125 -21.25 -71.53 -23.60
CA GLN W 125 -22.35 -72.29 -23.00
C GLN W 125 -22.03 -73.78 -23.04
N GLU W 126 -22.39 -74.47 -21.96
CA GLU W 126 -22.03 -75.87 -21.81
C GLU W 126 -22.72 -76.73 -22.88
N LYS W 127 -21.99 -77.74 -23.36
CA LYS W 127 -22.52 -78.70 -24.32
C LYS W 127 -21.79 -80.02 -24.13
N SER W 128 -22.50 -81.13 -24.36
CA SER W 128 -21.96 -82.45 -24.07
C SER W 128 -20.74 -82.80 -24.91
N ASP W 129 -20.58 -82.19 -26.09
CA ASP W 129 -19.47 -82.49 -26.97
C ASP W 129 -18.78 -81.22 -27.45
N GLY W 130 -18.50 -80.30 -26.53
CA GLY W 130 -17.89 -79.04 -26.91
C GLY W 130 -16.44 -79.21 -27.30
N THR W 131 -15.91 -78.16 -27.95
CA THR W 131 -14.55 -78.16 -28.45
C THR W 131 -13.55 -77.51 -27.50
N ILE W 132 -14.00 -77.04 -26.34
CA ILE W 132 -13.13 -76.34 -25.40
C ILE W 132 -13.01 -77.17 -24.13
N GLU W 133 -11.78 -77.49 -23.75
CA GLU W 133 -11.50 -78.26 -22.55
C GLU W 133 -11.41 -77.34 -21.34
N THR W 134 -11.96 -77.80 -20.21
CA THR W 134 -11.96 -77.03 -18.98
C THR W 134 -11.57 -77.93 -17.81
N THR W 135 -11.23 -77.29 -16.70
CA THR W 135 -10.95 -77.98 -15.45
C THR W 135 -12.20 -78.17 -14.58
N TRP W 136 -13.27 -77.43 -14.88
CA TRP W 136 -14.46 -77.42 -14.05
C TRP W 136 -15.14 -78.79 -14.06
N THR W 137 -16.07 -78.97 -13.12
CA THR W 137 -16.76 -80.25 -12.97
C THR W 137 -18.27 -80.03 -12.87
N TYR W 138 -19.01 -81.11 -13.01
CA TYR W 138 -20.45 -81.10 -12.83
C TYR W 138 -20.80 -81.42 -11.38
N ALA W 139 -21.71 -80.64 -10.80
CA ALA W 139 -22.14 -80.88 -9.44
C ALA W 139 -23.46 -81.64 -9.35
N GLY W 140 -24.04 -82.02 -10.48
CA GLY W 140 -25.20 -82.89 -10.52
C GLY W 140 -26.53 -82.19 -10.67
N GLY W 141 -26.60 -80.89 -10.39
CA GLY W 141 -27.87 -80.19 -10.49
C GLY W 141 -28.25 -79.93 -11.94
N TRP W 142 -29.42 -80.43 -12.33
CA TRP W 142 -29.89 -80.28 -13.70
C TRP W 142 -31.34 -79.83 -13.64
N THR W 143 -31.59 -78.57 -13.95
CA THR W 143 -32.93 -78.02 -13.85
C THR W 143 -33.21 -77.12 -15.05
N LYS W 144 -34.42 -76.57 -15.08
CA LYS W 144 -34.89 -75.85 -16.25
C LYS W 144 -35.76 -74.68 -15.82
N TYR W 145 -35.22 -73.48 -15.95
CA TYR W 145 -36.03 -72.27 -15.84
C TYR W 145 -36.91 -72.19 -17.08
N LYS W 146 -37.86 -71.24 -17.11
CA LYS W 146 -38.81 -71.18 -18.20
C LYS W 146 -38.11 -71.06 -19.55
N ASP W 147 -38.23 -72.10 -20.36
CA ASP W 147 -37.67 -72.19 -21.71
C ASP W 147 -36.14 -72.20 -21.72
N ILE W 148 -35.49 -72.23 -20.56
CA ILE W 148 -34.03 -72.16 -20.47
C ILE W 148 -33.53 -73.33 -19.63
N GLN W 149 -32.51 -74.01 -20.15
CA GLN W 149 -31.88 -75.11 -19.43
C GLN W 149 -30.69 -74.59 -18.62
N LEU W 150 -30.54 -75.12 -17.40
CA LEU W 150 -29.44 -74.70 -16.53
C LEU W 150 -28.74 -75.94 -16.00
N VAL W 151 -27.47 -75.78 -15.63
CA VAL W 151 -26.68 -76.89 -15.09
C VAL W 151 -25.79 -76.37 -13.98
N GLU W 152 -25.54 -77.21 -12.99
CA GLU W 152 -24.76 -76.83 -11.82
C GLU W 152 -23.29 -77.17 -12.06
N VAL W 153 -22.45 -76.14 -12.10
CA VAL W 153 -21.04 -76.31 -12.41
C VAL W 153 -20.21 -75.90 -11.21
N GLN W 154 -19.26 -76.76 -10.84
CA GLN W 154 -18.25 -76.48 -9.84
C GLN W 154 -17.01 -75.93 -10.52
N LEU W 155 -16.61 -74.73 -10.13
CA LEU W 155 -15.47 -74.02 -10.69
C LEU W 155 -14.28 -74.15 -9.74
N HIS W 156 -13.16 -74.63 -10.28
CA HIS W 156 -11.90 -74.73 -9.55
C HIS W 156 -10.99 -73.59 -9.98
N GLN W 157 -10.36 -72.95 -9.00
CA GLN W 157 -9.45 -71.85 -9.29
C GLN W 157 -8.32 -72.32 -10.20
N LEU W 158 -8.04 -71.54 -11.24
CA LEU W 158 -7.00 -71.88 -12.20
C LEU W 158 -5.62 -71.77 -11.56
N GLN X 3 9.41 -90.92 54.39
CA GLN X 3 8.24 -90.08 54.56
C GLN X 3 8.41 -88.73 53.86
N ILE X 4 8.56 -88.79 52.55
CA ILE X 4 8.65 -87.58 51.73
C ILE X 4 7.50 -87.58 50.74
N ASN X 5 7.06 -86.38 50.36
CA ASN X 5 5.95 -86.27 49.43
C ASN X 5 6.39 -86.69 48.03
N ALA X 6 5.43 -86.71 47.11
CA ALA X 6 5.70 -87.12 45.74
C ALA X 6 4.74 -86.42 44.80
N SER X 7 5.13 -86.38 43.53
CA SER X 7 4.29 -85.81 42.48
C SER X 7 4.46 -86.66 41.23
N TYR X 8 3.42 -86.66 40.40
CA TYR X 8 3.40 -87.47 39.19
C TYR X 8 2.90 -86.63 38.03
N GLN X 9 3.29 -87.02 36.83
CA GLN X 9 3.01 -86.25 35.62
C GLN X 9 2.50 -87.19 34.55
N ARG X 10 1.38 -86.83 33.92
CA ARG X 10 0.73 -87.64 32.90
C ARG X 10 0.31 -86.75 31.74
N ASP X 11 0.35 -87.29 30.53
CA ASP X 11 0.04 -86.53 29.32
C ASP X 11 -1.21 -87.09 28.65
N MET X 12 -2.04 -86.18 28.13
CA MET X 12 -3.21 -86.59 27.37
C MET X 12 -2.79 -87.09 25.98
N ALA X 13 -3.68 -87.86 25.36
CA ALA X 13 -3.50 -88.23 23.97
C ALA X 13 -3.72 -87.00 23.08
N ILE X 14 -3.31 -87.11 21.81
CA ILE X 14 -3.29 -85.96 20.93
C ILE X 14 -4.21 -86.10 19.73
N ALA X 15 -4.86 -87.25 19.52
CA ALA X 15 -5.68 -87.40 18.33
C ALA X 15 -6.80 -88.39 18.59
N LEU X 16 -7.81 -88.33 17.73
CA LEU X 16 -8.96 -89.22 17.74
C LEU X 16 -9.33 -89.51 16.29
N PRO X 17 -9.97 -90.65 16.02
CA PRO X 17 -10.41 -90.92 14.65
C PRO X 17 -11.47 -89.91 14.21
N GLY X 18 -11.28 -89.35 13.03
CA GLY X 18 -12.24 -88.42 12.47
C GLY X 18 -12.23 -87.04 13.08
N MET X 19 -11.28 -86.73 13.94
CA MET X 19 -11.25 -85.45 14.63
C MET X 19 -10.47 -84.44 13.80
N VAL X 20 -10.99 -83.22 13.70
CA VAL X 20 -10.44 -82.22 12.78
C VAL X 20 -9.12 -81.72 13.33
N ALA X 21 -8.09 -81.72 12.48
CA ALA X 21 -6.72 -81.48 12.96
C ALA X 21 -6.55 -80.07 13.49
N ASP X 22 -7.04 -79.06 12.77
CA ASP X 22 -6.89 -77.68 13.20
C ASP X 22 -7.96 -76.82 12.54
N THR X 23 -7.87 -75.51 12.77
CA THR X 23 -8.83 -74.55 12.25
C THR X 23 -8.34 -73.86 10.98
N SER X 24 -7.58 -74.55 10.15
CA SER X 24 -7.13 -73.99 8.89
C SER X 24 -8.27 -74.13 7.86
N LYS X 25 -7.93 -73.96 6.58
CA LYS X 25 -8.88 -74.17 5.50
C LYS X 25 -9.56 -75.52 5.64
N TYR X 26 -10.89 -75.51 5.71
CA TYR X 26 -11.67 -76.73 5.68
C TYR X 26 -13.04 -76.42 5.07
N ASN X 27 -13.72 -77.47 4.64
CA ASN X 27 -15.04 -77.35 4.02
C ASN X 27 -15.82 -78.62 4.33
N ILE X 28 -17.06 -78.46 4.76
CA ILE X 28 -17.87 -79.57 5.25
C ILE X 28 -19.13 -79.65 4.40
N ASP X 29 -19.46 -80.86 3.95
CA ASP X 29 -20.70 -81.13 3.23
C ASP X 29 -21.67 -81.79 4.21
N GLY X 30 -22.81 -81.14 4.39
CA GLY X 30 -23.83 -81.62 5.31
C GLY X 30 -25.13 -81.96 4.61
N ALA X 31 -25.17 -81.79 3.29
CA ALA X 31 -26.35 -82.07 2.49
C ALA X 31 -26.28 -83.44 1.83
N CYS X 32 -25.67 -84.42 2.50
CA CYS X 32 -25.55 -85.77 1.99
C CYS X 32 -26.39 -86.71 2.85
N VAL X 33 -26.63 -87.91 2.31
CA VAL X 33 -27.34 -88.95 3.03
C VAL X 33 -26.64 -90.28 2.79
N VAL X 34 -26.45 -91.05 3.85
CA VAL X 34 -25.80 -92.34 3.76
C VAL X 34 -26.78 -93.34 3.17
N ASN X 35 -26.28 -94.24 2.32
CA ASN X 35 -27.10 -95.19 1.61
C ASN X 35 -26.47 -96.58 1.67
N GLU X 36 -27.30 -97.59 1.85
CA GLU X 36 -26.89 -98.99 1.81
C GLU X 36 -25.79 -99.29 2.84
N GLY X 37 -26.14 -99.14 4.11
CA GLY X 37 -25.26 -99.54 5.18
C GLY X 37 -24.87 -98.41 6.13
N ASP X 38 -23.71 -98.54 6.75
CA ASP X 38 -23.20 -97.55 7.69
C ASP X 38 -21.71 -97.36 7.47
N VAL X 39 -21.21 -96.19 7.87
CA VAL X 39 -19.83 -95.81 7.65
C VAL X 39 -19.15 -95.63 8.99
N LEU X 40 -17.82 -95.56 8.94
CA LEU X 40 -17.00 -95.40 10.14
C LEU X 40 -16.45 -93.99 10.20
N VAL X 41 -16.52 -93.37 11.39
CA VAL X 41 -15.96 -92.05 11.58
C VAL X 41 -14.45 -92.13 11.38
N GLY X 42 -13.97 -91.47 10.33
CA GLY X 42 -12.56 -91.52 10.01
C GLY X 42 -12.24 -92.45 8.85
N ALA X 43 -13.18 -92.57 7.91
CA ALA X 43 -13.01 -93.43 6.75
C ALA X 43 -13.48 -92.70 5.49
N ALA X 44 -12.90 -93.09 4.36
CA ALA X 44 -13.28 -92.50 3.09
C ALA X 44 -14.63 -93.05 2.63
N VAL X 45 -15.37 -92.20 1.90
CA VAL X 45 -16.69 -92.55 1.39
C VAL X 45 -16.75 -92.20 -0.10
N GLN X 46 -17.72 -92.80 -0.78
CA GLN X 46 -17.92 -92.58 -2.20
C GLN X 46 -19.37 -92.16 -2.46
N VAL X 47 -19.56 -91.48 -3.59
CA VAL X 47 -20.85 -90.95 -3.99
C VAL X 47 -21.41 -91.83 -5.09
N VAL X 48 -22.66 -92.27 -4.91
CA VAL X 48 -23.31 -93.09 -5.93
C VAL X 48 -23.94 -92.20 -6.99
N GLN X 49 -24.87 -91.34 -6.59
CA GLN X 49 -25.56 -90.45 -7.51
C GLN X 49 -25.92 -89.17 -6.79
N ALA X 50 -26.18 -88.13 -7.57
CA ALA X 50 -26.61 -86.84 -7.06
C ALA X 50 -27.98 -86.50 -7.62
N GLN X 51 -28.91 -86.16 -6.75
CA GLN X 51 -30.26 -85.84 -7.20
C GLN X 51 -30.26 -84.55 -8.01
N ALA X 52 -30.99 -84.55 -9.12
CA ALA X 52 -30.99 -83.39 -10.02
C ALA X 52 -31.80 -82.24 -9.44
N VAL X 53 -32.94 -82.54 -8.84
CA VAL X 53 -33.86 -81.52 -8.34
C VAL X 53 -33.75 -81.37 -6.83
N ASP X 54 -33.80 -82.48 -6.10
CA ASP X 54 -33.73 -82.42 -4.64
C ASP X 54 -32.38 -81.86 -4.17
N GLY X 55 -31.29 -82.35 -4.75
CA GLY X 55 -29.98 -81.83 -4.45
C GLY X 55 -29.17 -82.61 -3.43
N HIS X 56 -29.77 -83.58 -2.74
CA HIS X 56 -29.04 -84.37 -1.76
C HIS X 56 -28.20 -85.43 -2.46
N LYS X 57 -26.95 -85.56 -2.03
CA LYS X 57 -26.06 -86.59 -2.52
C LYS X 57 -26.28 -87.89 -1.75
N LEU X 58 -26.02 -89.00 -2.42
CA LEU X 58 -26.12 -90.33 -1.82
C LEU X 58 -24.73 -90.90 -1.68
N VAL X 59 -24.34 -91.27 -0.46
CA VAL X 59 -22.98 -91.72 -0.19
C VAL X 59 -23.02 -93.09 0.48
N LYS X 60 -21.90 -93.80 0.35
CA LYS X 60 -21.73 -95.08 1.02
C LYS X 60 -20.24 -95.29 1.28
N ALA X 61 -19.92 -96.39 1.96
CA ALA X 61 -18.52 -96.69 2.27
C ALA X 61 -17.76 -97.04 1.00
N LEU X 62 -16.46 -96.71 1.02
CA LEU X 62 -15.61 -96.95 -0.14
C LEU X 62 -15.47 -98.44 -0.40
N THR X 63 -15.52 -98.82 -1.67
CA THR X 63 -15.32 -100.19 -2.12
C THR X 63 -14.26 -100.21 -3.22
N THR X 64 -14.09 -101.37 -3.84
CA THR X 64 -13.09 -101.52 -4.88
C THR X 64 -13.52 -100.83 -6.17
N GLY X 65 -12.54 -100.27 -6.87
CA GLY X 65 -12.78 -99.65 -8.16
C GLY X 65 -13.50 -98.33 -8.13
N THR X 66 -13.61 -97.68 -6.97
CA THR X 66 -14.38 -96.46 -6.83
C THR X 66 -13.44 -95.26 -6.70
N THR X 67 -14.01 -94.08 -6.52
CA THR X 67 -13.26 -92.83 -6.41
C THR X 67 -13.66 -92.15 -5.10
N PRO X 68 -12.70 -91.86 -4.22
CA PRO X 68 -13.05 -91.22 -2.94
C PRO X 68 -13.53 -89.79 -3.15
N TYR X 69 -14.39 -89.36 -2.22
CA TYR X 69 -14.92 -87.99 -2.24
C TYR X 69 -14.65 -87.23 -0.96
N GLY X 70 -14.65 -87.90 0.19
CA GLY X 70 -14.42 -87.20 1.45
C GLY X 70 -14.33 -88.20 2.58
N VAL X 71 -14.18 -87.66 3.79
CA VAL X 71 -14.02 -88.46 4.99
C VAL X 71 -15.02 -87.99 6.03
N ALA X 72 -15.78 -88.93 6.59
CA ALA X 72 -16.71 -88.59 7.68
C ALA X 72 -15.94 -88.16 8.91
N ILE X 73 -16.49 -87.20 9.64
CA ILE X 73 -15.81 -86.59 10.79
C ILE X 73 -16.60 -86.88 12.05
N ARG X 74 -16.03 -86.46 13.18
CA ARG X 74 -16.66 -86.66 14.47
C ARG X 74 -17.80 -85.67 14.69
N SER X 75 -18.81 -86.12 15.42
CA SER X 75 -19.92 -85.27 15.84
C SER X 75 -20.64 -85.97 16.99
N HIS X 76 -20.72 -85.31 18.14
CA HIS X 76 -21.32 -85.91 19.32
C HIS X 76 -22.83 -86.02 19.23
N TRP X 77 -23.46 -85.42 18.22
CA TRP X 77 -24.91 -85.35 18.14
C TRP X 77 -25.48 -86.13 16.96
N GLN X 78 -24.75 -86.20 15.85
CA GLN X 78 -25.26 -86.86 14.66
C GLN X 78 -24.87 -88.33 14.56
N THR X 79 -23.98 -88.82 15.42
CA THR X 79 -23.48 -90.18 15.32
C THR X 79 -24.15 -91.08 16.35
N VAL X 80 -24.23 -92.36 16.02
CA VAL X 80 -24.79 -93.38 16.92
C VAL X 80 -23.67 -94.30 17.35
N ASN X 81 -23.79 -94.81 18.58
CA ASN X 81 -22.71 -95.58 19.21
C ASN X 81 -22.95 -97.07 19.01
N ALA X 82 -22.03 -97.72 18.32
CA ALA X 82 -22.06 -99.17 18.12
C ALA X 82 -20.64 -99.69 18.05
N GLN X 83 -20.43 -100.91 18.54
CA GLN X 83 -19.11 -101.55 18.55
C GLN X 83 -18.08 -100.63 19.23
N ASN X 84 -18.53 -99.94 20.28
CA ASN X 84 -17.70 -99.00 21.03
C ASN X 84 -17.07 -97.95 20.13
N GLN X 85 -17.84 -97.45 19.17
CA GLN X 85 -17.37 -96.37 18.31
C GLN X 85 -18.56 -95.67 17.69
N MET X 86 -18.32 -94.46 17.19
CA MET X 86 -19.37 -93.65 16.59
C MET X 86 -19.44 -93.95 15.10
N ILE X 87 -20.65 -94.22 14.62
CA ILE X 87 -20.91 -94.51 13.22
C ILE X 87 -22.13 -93.71 12.77
N TYR X 88 -22.37 -93.74 11.46
CA TYR X 88 -23.55 -93.11 10.87
C TYR X 88 -24.47 -94.19 10.32
N GLU X 89 -25.58 -94.43 10.98
CA GLU X 89 -26.53 -95.45 10.58
C GLU X 89 -27.30 -95.00 9.34
N ASP X 90 -27.91 -95.96 8.66
CA ASP X 90 -28.53 -95.71 7.37
C ASP X 90 -29.71 -94.75 7.47
N GLY X 91 -29.95 -94.02 6.39
CA GLY X 91 -31.05 -93.09 6.32
C GLY X 91 -30.93 -91.89 7.24
N GLY X 92 -29.75 -91.29 7.30
CA GLY X 92 -29.54 -90.12 8.13
C GLY X 92 -28.52 -89.19 7.50
N ALA X 93 -28.61 -87.92 7.89
CA ALA X 93 -27.67 -86.93 7.39
C ALA X 93 -26.27 -87.21 7.91
N ILE X 94 -25.27 -86.90 7.09
CA ILE X 94 -23.88 -87.22 7.39
C ILE X 94 -23.04 -85.98 7.15
N ASN X 95 -21.95 -85.85 7.92
CA ASN X 95 -21.02 -84.73 7.85
C ASN X 95 -19.76 -85.22 7.14
N VAL X 96 -19.70 -85.02 5.82
CA VAL X 96 -18.53 -85.38 5.04
C VAL X 96 -17.60 -84.18 5.03
N MET X 97 -16.29 -84.43 4.95
CA MET X 97 -15.32 -83.36 4.82
C MET X 97 -14.73 -83.38 3.41
N THR X 98 -14.75 -82.22 2.74
CA THR X 98 -14.26 -82.13 1.37
C THR X 98 -12.91 -81.45 1.25
N SER X 99 -12.45 -80.76 2.29
CA SER X 99 -11.15 -80.10 2.29
C SER X 99 -10.71 -79.88 3.73
N GLY X 100 -9.40 -79.88 3.93
CA GLY X 100 -8.83 -79.60 5.24
C GLY X 100 -8.01 -80.75 5.76
N ARG X 101 -7.55 -80.60 7.01
CA ARG X 101 -6.72 -81.60 7.65
C ARG X 101 -7.57 -82.38 8.66
N VAL X 102 -7.38 -83.71 8.69
CA VAL X 102 -8.20 -84.56 9.53
C VAL X 102 -7.41 -85.82 9.89
N TRP X 103 -7.76 -86.41 11.03
CA TRP X 103 -7.13 -87.64 11.48
C TRP X 103 -7.92 -88.84 10.97
N MET X 104 -7.25 -89.72 10.24
CA MET X 104 -7.87 -90.90 9.65
C MET X 104 -7.25 -92.16 10.24
N LEU X 105 -8.10 -93.18 10.37
CA LEU X 105 -7.63 -94.51 10.74
C LEU X 105 -6.66 -95.04 9.70
N SER X 106 -5.61 -95.71 10.16
CA SER X 106 -4.57 -96.21 9.27
C SER X 106 -4.27 -97.67 9.58
N LYS X 107 -3.75 -98.36 8.57
CA LYS X 107 -3.35 -99.75 8.71
C LYS X 107 -1.86 -99.95 8.46
N SER X 108 -1.08 -98.87 8.33
CA SER X 108 0.33 -98.96 8.07
C SER X 108 1.09 -99.23 9.38
N THR X 109 2.40 -99.45 9.26
CA THR X 109 3.23 -99.75 10.41
C THR X 109 4.47 -98.86 10.50
N GLU X 110 4.70 -97.97 9.54
CA GLU X 110 5.84 -97.07 9.56
C GLU X 110 5.39 -95.65 9.24
N ALA X 111 6.18 -94.69 9.68
CA ALA X 111 5.84 -93.29 9.45
C ALA X 111 5.89 -92.97 7.95
N PRO X 112 4.99 -92.11 7.47
CA PRO X 112 5.00 -91.75 6.05
C PRO X 112 5.93 -90.59 5.75
N THR X 113 5.99 -90.18 4.49
CA THR X 113 6.82 -89.06 4.06
C THR X 113 5.93 -87.83 3.85
N PHE X 114 6.32 -86.73 4.48
CA PHE X 114 5.55 -85.49 4.37
C PHE X 114 5.48 -85.04 2.92
N GLY X 115 4.27 -84.67 2.48
CA GLY X 115 4.05 -84.18 1.14
C GLY X 115 3.81 -85.24 0.09
N SER X 116 3.91 -86.52 0.44
CA SER X 116 3.69 -87.59 -0.52
C SER X 116 2.19 -87.81 -0.72
N ALA X 117 1.86 -88.52 -1.80
CA ALA X 117 0.47 -88.84 -2.10
C ALA X 117 -0.04 -89.93 -1.18
N VAL X 118 -1.35 -89.97 -0.99
CA VAL X 118 -1.99 -90.93 -0.10
C VAL X 118 -2.57 -92.07 -0.93
N LYS X 119 -2.45 -93.28 -0.40
CA LYS X 119 -3.05 -94.48 -0.99
C LYS X 119 -3.89 -95.17 0.07
N LEU X 120 -5.03 -95.72 -0.34
CA LEU X 120 -6.01 -96.28 0.58
C LEU X 120 -6.18 -97.78 0.34
N ASP X 121 -6.87 -98.42 1.28
CA ASP X 121 -7.25 -99.81 1.15
C ASP X 121 -8.62 -99.90 0.49
N VAL X 122 -9.09 -101.13 0.27
CA VAL X 122 -10.39 -101.34 -0.35
C VAL X 122 -11.55 -101.08 0.60
N ASP X 123 -11.27 -100.90 1.89
CA ASP X 123 -12.30 -100.63 2.88
C ASP X 123 -12.23 -99.20 3.44
N GLY X 124 -11.55 -98.31 2.72
CA GLY X 124 -11.53 -96.90 3.11
C GLY X 124 -10.57 -96.54 4.23
N GLN X 125 -9.58 -97.38 4.50
CA GLN X 125 -8.57 -97.10 5.52
C GLN X 125 -7.22 -96.95 4.85
N GLU X 126 -6.51 -95.91 5.21
CA GLU X 126 -5.23 -95.67 4.58
C GLU X 126 -4.30 -96.83 4.73
N LYS X 127 -3.43 -97.00 3.76
CA LYS X 127 -2.40 -98.02 3.81
C LYS X 127 -1.21 -97.53 3.00
N SER X 128 -0.01 -97.89 3.46
CA SER X 128 1.20 -97.38 2.81
C SER X 128 1.37 -97.91 1.40
N ASP X 129 0.81 -99.09 1.11
CA ASP X 129 0.93 -99.72 -0.21
C ASP X 129 -0.45 -100.10 -0.74
N GLY X 130 -1.41 -99.19 -0.64
CA GLY X 130 -2.74 -99.46 -1.12
C GLY X 130 -2.83 -99.49 -2.64
N THR X 131 -3.95 -100.01 -3.12
CA THR X 131 -4.18 -100.11 -4.55
C THR X 131 -5.03 -98.95 -5.08
N ILE X 132 -5.72 -98.23 -4.21
CA ILE X 132 -6.50 -97.07 -4.60
C ILE X 132 -5.64 -95.83 -4.45
N GLU X 133 -5.53 -95.04 -5.52
CA GLU X 133 -4.69 -93.86 -5.55
C GLU X 133 -5.55 -92.61 -5.51
N THR X 134 -5.17 -91.66 -4.66
CA THR X 134 -5.89 -90.41 -4.46
C THR X 134 -4.98 -89.24 -4.77
N THR X 135 -5.47 -88.03 -4.48
CA THR X 135 -4.70 -86.81 -4.64
C THR X 135 -4.48 -86.08 -3.32
N TRP X 136 -4.97 -86.62 -2.21
CA TRP X 136 -4.71 -86.03 -0.90
C TRP X 136 -3.26 -86.22 -0.51
N THR X 137 -2.83 -85.51 0.53
CA THR X 137 -1.43 -85.56 0.96
C THR X 137 -1.34 -85.85 2.45
N TYR X 138 -0.16 -86.27 2.88
CA TYR X 138 0.12 -86.37 4.31
C TYR X 138 0.47 -85.00 4.86
N ALA X 139 -0.04 -84.67 6.04
CA ALA X 139 0.23 -83.38 6.65
C ALA X 139 1.34 -83.44 7.69
N GLY X 140 1.96 -84.59 7.88
CA GLY X 140 3.07 -84.71 8.80
C GLY X 140 2.73 -85.42 10.10
N GLY X 141 1.50 -85.27 10.56
CA GLY X 141 1.09 -85.88 11.80
C GLY X 141 1.09 -87.40 11.72
N TRP X 142 1.55 -88.03 12.79
CA TRP X 142 1.57 -89.50 12.88
C TRP X 142 1.64 -89.86 14.35
N THR X 143 0.56 -90.44 14.87
CA THR X 143 0.45 -90.74 16.29
C THR X 143 -0.23 -92.10 16.46
N LYS X 144 -0.63 -92.38 17.70
CA LYS X 144 -1.26 -93.66 18.01
C LYS X 144 -2.04 -93.52 19.31
N TYR X 145 -3.34 -93.78 19.25
CA TYR X 145 -4.16 -93.89 20.44
C TYR X 145 -3.97 -95.27 21.06
N LYS X 146 -4.85 -95.63 22.00
CA LYS X 146 -4.74 -96.95 22.62
C LYS X 146 -5.08 -98.03 21.61
N ASP X 147 -4.06 -98.67 21.05
CA ASP X 147 -4.15 -99.74 20.06
C ASP X 147 -4.74 -99.26 18.74
N ILE X 148 -4.89 -97.96 18.53
CA ILE X 148 -5.50 -97.40 17.32
C ILE X 148 -4.47 -96.52 16.63
N GLN X 149 -4.29 -96.71 15.33
CA GLN X 149 -3.30 -95.95 14.57
C GLN X 149 -3.97 -94.88 13.73
N LEU X 150 -3.52 -93.65 13.91
CA LEU X 150 -4.10 -92.49 13.25
C LEU X 150 -3.04 -91.74 12.47
N VAL X 151 -3.45 -91.14 11.36
CA VAL X 151 -2.54 -90.34 10.52
C VAL X 151 -3.25 -89.06 10.14
N GLU X 152 -2.48 -87.99 9.99
CA GLU X 152 -3.04 -86.68 9.67
C GLU X 152 -2.95 -86.44 8.16
N VAL X 153 -4.11 -86.29 7.52
CA VAL X 153 -4.20 -86.21 6.07
C VAL X 153 -4.84 -84.90 5.68
N GLN X 154 -4.37 -84.31 4.59
CA GLN X 154 -4.86 -83.05 4.06
C GLN X 154 -5.55 -83.30 2.73
N LEU X 155 -6.78 -82.79 2.60
CA LEU X 155 -7.66 -83.04 1.49
C LEU X 155 -8.00 -81.72 0.79
N HIS X 156 -8.20 -81.78 -0.52
CA HIS X 156 -8.69 -80.66 -1.29
C HIS X 156 -9.96 -81.05 -2.02
N GLN X 157 -10.70 -80.04 -2.48
CA GLN X 157 -11.95 -80.29 -3.17
C GLN X 157 -11.73 -81.15 -4.41
N LEU X 158 -12.64 -82.09 -4.64
CA LEU X 158 -12.53 -83.00 -5.77
C LEU X 158 -12.68 -82.26 -7.10
N ALA Y 28 -44.35 -112.21 13.60
CA ALA Y 28 -45.19 -111.42 14.48
C ALA Y 28 -44.36 -110.67 15.52
N ALA Y 29 -44.92 -110.50 16.71
CA ALA Y 29 -44.26 -109.77 17.80
C ALA Y 29 -44.79 -110.31 19.12
N THR Y 30 -44.01 -111.16 19.77
CA THR Y 30 -44.38 -111.76 21.04
C THR Y 30 -43.37 -111.32 22.10
N MET Y 31 -43.67 -110.22 22.77
CA MET Y 31 -42.82 -109.66 23.82
C MET Y 31 -43.55 -109.72 25.16
N GLY Y 32 -42.92 -109.14 26.18
CA GLY Y 32 -43.48 -109.07 27.50
C GLY Y 32 -44.13 -107.73 27.79
N ILE Y 33 -44.60 -107.58 29.03
CA ILE Y 33 -45.27 -106.35 29.45
C ILE Y 33 -44.28 -105.23 29.79
N TRP Y 34 -43.13 -105.55 30.36
CA TRP Y 34 -42.18 -104.56 30.84
C TRP Y 34 -40.96 -104.55 29.93
N THR Y 35 -40.56 -103.35 29.49
CA THR Y 35 -39.39 -103.21 28.66
C THR Y 35 -38.12 -103.38 29.48
N ALA Y 36 -36.99 -103.56 28.78
CA ALA Y 36 -35.72 -103.74 29.45
C ALA Y 36 -35.28 -102.50 30.22
N GLN Y 37 -35.81 -101.33 29.87
CA GLN Y 37 -35.47 -100.09 30.56
C GLN Y 37 -36.28 -99.86 31.82
N GLU Y 38 -37.50 -100.38 31.88
CA GLU Y 38 -38.31 -100.25 33.09
C GLU Y 38 -37.72 -101.00 34.27
N LEU Y 39 -36.89 -102.02 34.02
CA LEU Y 39 -36.19 -102.76 35.06
C LEU Y 39 -34.70 -102.47 34.86
N HIS Y 40 -34.23 -101.37 35.42
CA HIS Y 40 -32.88 -100.91 35.19
C HIS Y 40 -32.56 -99.78 36.16
N ARG Y 41 -31.29 -99.68 36.52
CA ARG Y 41 -30.82 -98.65 37.45
C ARG Y 41 -29.57 -98.01 36.87
N ILE Y 42 -29.42 -96.71 37.06
CA ILE Y 42 -28.26 -95.96 36.62
C ILE Y 42 -27.52 -95.48 37.86
N LYS Y 43 -26.23 -95.77 37.95
CA LYS Y 43 -25.44 -95.33 39.09
C LYS Y 43 -25.35 -93.81 39.11
N SER Y 44 -25.29 -93.25 40.33
CA SER Y 44 -25.35 -91.81 40.53
C SER Y 44 -23.98 -91.15 40.54
N GLN Y 45 -22.91 -91.90 40.33
CA GLN Y 45 -21.56 -91.36 40.38
C GLN Y 45 -20.81 -91.69 39.11
N SER Y 46 -20.11 -90.70 38.58
CA SER Y 46 -19.30 -90.86 37.37
C SER Y 46 -17.83 -90.75 37.71
N TYR Y 47 -17.02 -91.49 36.96
CA TYR Y 47 -15.58 -91.61 37.20
C TYR Y 47 -14.83 -90.94 36.06
N GLU Y 48 -13.85 -90.12 36.40
CA GLU Y 48 -13.07 -89.40 35.41
C GLU Y 48 -11.58 -89.73 35.57
N GLU Y 49 -10.90 -89.92 34.44
CA GLU Y 49 -9.46 -90.09 34.46
C GLU Y 49 -8.77 -88.79 34.82
N ASP Y 50 -7.76 -88.88 35.67
CA ASP Y 50 -7.04 -87.72 36.18
C ASP Y 50 -5.72 -87.57 35.47
N TYR Y 51 -5.43 -86.36 34.99
CA TYR Y 51 -4.16 -86.04 34.36
C TYR Y 51 -3.45 -84.98 35.20
N PRO Y 52 -2.52 -85.38 36.07
CA PRO Y 52 -1.84 -84.39 36.90
C PRO Y 52 -1.05 -83.40 36.06
N VAL Y 53 -1.09 -82.13 36.49
CA VAL Y 53 -0.51 -81.05 35.69
C VAL Y 53 1.01 -81.13 35.68
N GLY Y 54 1.62 -81.36 36.84
CA GLY Y 54 3.06 -81.35 36.97
C GLY Y 54 3.48 -80.59 38.21
N SER Y 55 4.77 -80.25 38.28
CA SER Y 55 5.31 -79.64 39.48
C SER Y 55 6.32 -78.51 39.22
N ALA Y 56 6.52 -78.09 37.97
CA ALA Y 56 7.55 -77.10 37.68
C ALA Y 56 7.24 -75.76 38.36
N LEU Y 57 6.00 -75.28 38.21
CA LEU Y 57 5.62 -73.99 38.76
C LEU Y 57 5.58 -73.97 40.29
N ARG Y 58 5.41 -75.12 40.93
CA ARG Y 58 5.42 -75.22 42.38
C ARG Y 58 6.82 -75.45 42.94
N VAL Y 59 7.71 -76.06 42.17
CA VAL Y 59 9.08 -76.27 42.63
C VAL Y 59 9.93 -75.03 42.43
N PHE Y 60 9.82 -74.36 41.26
CA PHE Y 60 10.68 -73.21 41.12
C PHE Y 60 9.92 -71.91 41.36
N PRO Y 61 10.59 -70.86 41.79
CA PRO Y 61 9.91 -69.58 42.02
C PRO Y 61 9.43 -68.95 40.73
N VAL Y 62 8.46 -68.06 40.86
CA VAL Y 62 7.81 -67.41 39.72
C VAL Y 62 7.88 -65.90 39.90
N THR Y 63 8.19 -65.20 38.80
CA THR Y 63 8.21 -63.74 38.76
C THR Y 63 7.26 -63.25 37.68
N THR Y 64 6.91 -61.97 37.73
CA THR Y 64 5.95 -61.37 36.81
C THR Y 64 6.38 -59.98 36.33
N GLU Y 65 7.69 -59.73 36.25
CA GLU Y 65 8.18 -58.39 35.95
C GLU Y 65 8.51 -58.27 34.46
N LEU Y 66 7.47 -58.43 33.65
CA LEU Y 66 7.51 -58.10 32.23
C LEU Y 66 6.11 -57.76 31.75
N SER Y 67 6.02 -56.79 30.86
CA SER Y 67 4.76 -56.47 30.18
C SER Y 67 4.47 -57.51 29.10
N PRO Y 68 3.20 -57.81 28.86
CA PRO Y 68 2.88 -58.85 27.87
C PRO Y 68 3.34 -58.55 26.46
N THR Y 69 3.61 -57.28 26.13
CA THR Y 69 4.06 -56.90 24.80
C THR Y 69 5.57 -57.05 24.63
N ASP Y 70 6.28 -57.28 25.74
CA ASP Y 70 7.74 -57.38 25.75
C ASP Y 70 8.18 -58.71 25.20
N LYS Y 71 9.37 -58.73 24.60
CA LYS Y 71 9.86 -59.91 23.91
C LYS Y 71 11.31 -60.25 24.21
N THR Y 72 12.08 -59.32 24.78
CA THR Y 72 13.43 -59.59 25.25
C THR Y 72 13.68 -58.83 26.54
N PHE Y 73 14.67 -59.29 27.30
CA PHE Y 73 15.06 -58.67 28.58
C PHE Y 73 16.55 -58.88 28.80
N GLU Y 74 17.11 -58.07 29.70
CA GLU Y 74 18.53 -58.17 30.00
C GLU Y 74 18.78 -57.86 31.47
N TYR Y 75 19.90 -58.34 31.98
CA TYR Y 75 20.37 -58.03 33.32
C TYR Y 75 21.87 -57.79 33.27
N MET Y 76 22.37 -57.00 34.22
CA MET Y 76 23.75 -56.55 34.20
C MET Y 76 24.47 -56.95 35.48
N THR Y 77 25.76 -57.24 35.34
CA THR Y 77 26.65 -57.54 36.46
C THR Y 77 27.88 -56.64 36.35
N PHE Y 78 28.45 -56.30 37.50
CA PHE Y 78 29.56 -55.36 37.56
C PHE Y 78 30.73 -55.99 38.30
N ASP Y 79 31.84 -55.26 38.35
CA ASP Y 79 33.08 -55.75 38.93
C ASP Y 79 33.92 -54.56 39.34
N LYS Y 80 34.98 -54.82 40.12
CA LYS Y 80 35.82 -53.76 40.65
C LYS Y 80 37.25 -54.26 40.81
N VAL Y 81 38.20 -53.32 40.84
CA VAL Y 81 39.61 -53.59 41.05
C VAL Y 81 40.19 -52.50 41.96
N GLY Y 82 41.40 -52.72 42.44
CA GLY Y 82 42.07 -51.70 43.22
C GLY Y 82 43.15 -52.30 44.10
N THR Y 83 43.84 -51.40 44.82
CA THR Y 83 44.90 -51.77 45.74
C THR Y 83 45.19 -50.59 46.66
N ALA Y 84 46.11 -50.80 47.60
CA ALA Y 84 46.48 -49.78 48.56
C ALA Y 84 47.94 -49.98 48.97
N GLN Y 85 48.52 -48.92 49.54
CA GLN Y 85 49.93 -48.94 49.91
C GLN Y 85 50.11 -48.18 51.23
N ILE Y 86 51.36 -48.07 51.67
CA ILE Y 86 51.75 -47.33 52.86
C ILE Y 86 52.55 -46.11 52.41
N ILE Y 87 52.17 -44.94 52.91
CA ILE Y 87 52.70 -43.67 52.39
C ILE Y 87 53.26 -42.80 53.50
N ALA Y 88 53.69 -41.59 53.14
CA ALA Y 88 54.15 -40.58 54.07
C ALA Y 88 53.30 -39.33 53.95
N ASP Y 89 53.68 -38.28 54.67
CA ASP Y 89 52.87 -37.06 54.68
C ASP Y 89 52.96 -36.32 53.34
N TYR Y 90 54.16 -36.15 52.82
CA TYR Y 90 54.37 -35.49 51.52
C TYR Y 90 54.40 -36.57 50.46
N THR Y 91 53.23 -36.89 49.90
CA THR Y 91 53.11 -37.92 48.89
C THR Y 91 52.30 -37.38 47.71
N ASP Y 92 52.79 -37.65 46.50
CA ASP Y 92 52.14 -37.16 45.30
C ASP Y 92 51.64 -38.27 44.38
N ASP Y 93 51.84 -39.54 44.72
CA ASP Y 93 51.31 -40.64 43.93
C ASP Y 93 50.55 -41.61 44.81
N LEU Y 94 49.38 -42.04 44.34
CA LEU Y 94 48.56 -43.02 45.03
C LEU Y 94 47.94 -43.97 44.00
N PRO Y 95 47.73 -45.23 44.35
CA PRO Y 95 47.13 -46.16 43.40
C PRO Y 95 45.68 -45.83 43.14
N LEU Y 96 45.20 -46.25 41.97
CA LEU Y 96 43.86 -45.92 41.49
C LEU Y 96 42.99 -47.17 41.40
N VAL Y 97 41.68 -46.94 41.29
CA VAL Y 97 40.68 -48.00 41.23
C VAL Y 97 39.72 -47.71 40.08
N ASP Y 98 39.01 -48.76 39.65
CA ASP Y 98 38.05 -48.64 38.55
C ASP Y 98 36.93 -49.65 38.75
N ALA Y 99 36.10 -49.79 37.71
CA ALA Y 99 34.96 -50.70 37.73
C ALA Y 99 34.74 -51.25 36.32
N LEU Y 100 33.76 -52.14 36.19
CA LEU Y 100 33.48 -52.81 34.93
C LEU Y 100 31.97 -53.04 34.79
N GLY Y 101 31.59 -53.85 33.80
CA GLY Y 101 30.19 -54.15 33.57
C GLY Y 101 30.04 -55.26 32.55
N THR Y 102 28.85 -55.88 32.56
CA THR Y 102 28.54 -57.01 31.68
C THR Y 102 27.03 -57.09 31.56
N SER Y 103 26.56 -57.88 30.58
CA SER Y 103 25.13 -58.06 30.36
C SER Y 103 24.85 -59.44 29.75
N GLU Y 104 23.60 -59.88 29.92
CA GLU Y 104 23.09 -61.10 29.29
C GLU Y 104 21.69 -60.83 28.78
N PHE Y 105 21.10 -61.80 28.08
CA PHE Y 105 19.85 -61.60 27.36
C PHE Y 105 18.86 -62.73 27.65
N GLY Y 106 17.70 -62.65 27.00
CA GLY Y 106 16.65 -63.65 27.14
C GLY Y 106 15.62 -63.50 26.04
N LYS Y 107 14.57 -64.31 26.13
CA LYS Y 107 13.51 -64.34 25.12
C LYS Y 107 12.20 -64.77 25.73
N VAL Y 108 11.11 -64.52 25.00
CA VAL Y 108 9.76 -64.87 25.41
C VAL Y 108 9.03 -65.51 24.22
N PHE Y 109 8.11 -66.43 24.53
CA PHE Y 109 7.39 -67.20 23.51
C PHE Y 109 5.89 -67.06 23.71
N ARG Y 110 5.12 -67.80 22.91
CA ARG Y 110 3.66 -67.70 22.90
C ARG Y 110 3.06 -69.07 22.59
N LEU Y 111 1.87 -69.32 23.15
CA LEU Y 111 1.16 -70.58 23.02
C LEU Y 111 -0.27 -70.33 22.53
N GLY Y 112 -0.91 -71.39 22.02
CA GLY Y 112 -2.28 -71.25 21.57
C GLY Y 112 -2.87 -72.55 21.06
N ASN Y 113 -4.19 -72.67 21.22
CA ASN Y 113 -4.98 -73.76 20.67
C ASN Y 113 -6.44 -73.31 20.62
N ALA Y 114 -7.34 -74.22 20.26
CA ALA Y 114 -8.74 -73.86 20.08
C ALA Y 114 -9.61 -75.12 20.16
N TYR Y 115 -10.92 -74.92 20.00
CA TYR Y 115 -11.87 -76.02 19.97
C TYR Y 115 -13.12 -75.58 19.21
N LEU Y 116 -13.95 -76.55 18.86
CA LEU Y 116 -15.15 -76.32 18.05
C LEU Y 116 -16.38 -76.89 18.77
N ILE Y 117 -17.53 -76.28 18.49
CA ILE Y 117 -18.81 -76.73 19.04
C ILE Y 117 -19.94 -76.17 18.19
N SER Y 118 -21.08 -76.85 18.15
CA SER Y 118 -22.19 -76.47 17.31
C SER Y 118 -23.46 -76.22 18.13
N ILE Y 119 -24.47 -75.67 17.46
CA ILE Y 119 -25.72 -75.27 18.12
C ILE Y 119 -26.46 -76.49 18.63
N ASP Y 120 -26.52 -77.57 17.85
CA ASP Y 120 -27.22 -78.77 18.29
C ASP Y 120 -26.58 -79.35 19.54
N GLU Y 121 -25.24 -79.40 19.58
CA GLU Y 121 -24.55 -79.91 20.76
C GLU Y 121 -24.75 -79.00 21.96
N ILE Y 122 -24.76 -77.68 21.75
CA ILE Y 122 -24.99 -76.75 22.85
C ILE Y 122 -26.38 -76.98 23.45
N LYS Y 123 -27.39 -77.10 22.60
CA LYS Y 123 -28.75 -77.31 23.10
C LYS Y 123 -28.89 -78.68 23.76
N ALA Y 124 -28.25 -79.71 23.20
CA ALA Y 124 -28.31 -81.03 23.81
C ALA Y 124 -27.66 -81.03 25.19
N GLY Y 125 -26.54 -80.31 25.35
CA GLY Y 125 -25.95 -80.17 26.65
C GLY Y 125 -26.86 -79.42 27.62
N GLN Y 126 -27.47 -78.33 27.16
CA GLN Y 126 -28.41 -77.60 28.01
C GLN Y 126 -29.60 -78.45 28.42
N ALA Y 127 -30.01 -79.40 27.60
CA ALA Y 127 -31.14 -80.26 27.94
C ALA Y 127 -30.75 -81.41 28.86
N THR Y 128 -29.63 -82.07 28.59
CA THR Y 128 -29.20 -83.20 29.39
C THR Y 128 -28.57 -82.79 30.72
N GLY Y 129 -28.11 -81.56 30.87
CA GLY Y 129 -27.56 -81.12 32.13
C GLY Y 129 -26.04 -81.04 32.12
N ARG Y 130 -25.39 -81.92 31.37
CA ARG Y 130 -23.94 -81.91 31.29
C ARG Y 130 -23.49 -81.23 30.01
N PRO Y 131 -22.71 -80.15 30.08
CA PRO Y 131 -22.26 -79.48 28.87
C PRO Y 131 -20.99 -80.10 28.31
N LEU Y 132 -20.67 -79.70 27.08
CA LEU Y 132 -19.47 -80.16 26.39
C LEU Y 132 -18.43 -79.06 26.23
N SER Y 133 -18.86 -77.80 26.13
CA SER Y 133 -17.93 -76.70 26.00
C SER Y 133 -17.05 -76.58 27.24
N THR Y 134 -17.61 -76.82 28.42
CA THR Y 134 -16.82 -76.76 29.65
C THR Y 134 -15.72 -77.83 29.64
N ARG Y 135 -16.05 -79.04 29.20
CA ARG Y 135 -15.06 -80.10 29.14
C ARG Y 135 -13.97 -79.76 28.14
N LYS Y 136 -14.34 -79.20 26.98
CA LYS Y 136 -13.32 -78.81 26.01
C LYS Y 136 -12.44 -77.69 26.54
N ALA Y 137 -13.01 -76.73 27.25
CA ALA Y 137 -12.22 -75.67 27.85
C ALA Y 137 -11.23 -76.21 28.87
N SER Y 138 -11.69 -77.15 29.71
CA SER Y 138 -10.79 -77.77 30.68
C SER Y 138 -9.66 -78.50 29.98
N ALA Y 139 -9.98 -79.22 28.89
CA ALA Y 139 -8.94 -79.90 28.14
C ALA Y 139 -7.92 -78.92 27.58
N CYS Y 140 -8.39 -77.79 27.05
CA CYS Y 140 -7.48 -76.79 26.50
C CYS Y 140 -6.56 -76.22 27.58
N GLN Y 141 -7.12 -75.88 28.74
CA GLN Y 141 -6.30 -75.33 29.82
C GLN Y 141 -5.26 -76.34 30.29
N LEU Y 142 -5.68 -77.59 30.45
CA LEU Y 142 -4.74 -78.62 30.89
C LEU Y 142 -3.63 -78.82 29.86
N ALA Y 143 -3.97 -78.78 28.57
CA ALA Y 143 -2.96 -78.93 27.53
C ALA Y 143 -1.96 -77.77 27.58
N HIS Y 144 -2.44 -76.55 27.80
CA HIS Y 144 -1.54 -75.41 27.90
C HIS Y 144 -0.57 -75.57 29.06
N ASP Y 145 -1.09 -75.95 30.23
CA ASP Y 145 -0.22 -76.10 31.40
C ASP Y 145 0.78 -77.23 31.21
N GLN Y 146 0.34 -78.34 30.61
CA GLN Y 146 1.25 -79.45 30.36
C GLN Y 146 2.34 -79.05 29.37
N LEU Y 147 2.00 -78.26 28.35
CA LEU Y 147 3.02 -77.77 27.43
C LEU Y 147 4.02 -76.88 28.13
N VAL Y 148 3.56 -76.03 29.05
CA VAL Y 148 4.48 -75.19 29.81
C VAL Y 148 5.45 -76.05 30.62
N ASN Y 149 4.93 -77.06 31.33
CA ASN Y 149 5.79 -77.92 32.12
C ASN Y 149 6.79 -78.69 31.24
N ARG Y 150 6.32 -79.20 30.11
CA ARG Y 150 7.20 -79.92 29.20
C ARG Y 150 8.30 -79.01 28.66
N LEU Y 151 7.95 -77.75 28.37
CA LEU Y 151 8.94 -76.79 27.90
C LEU Y 151 9.98 -76.53 28.98
N VAL Y 152 9.55 -76.44 30.24
CA VAL Y 152 10.50 -76.19 31.33
C VAL Y 152 11.47 -77.37 31.48
N PHE Y 153 10.94 -78.59 31.46
CA PHE Y 153 11.78 -79.73 31.83
C PHE Y 153 12.45 -80.44 30.65
N LYS Y 154 12.08 -80.16 29.42
CA LYS Y 154 12.65 -80.87 28.28
C LYS Y 154 13.25 -79.96 27.22
N GLY Y 155 12.77 -78.73 27.08
CA GLY Y 155 13.30 -77.83 26.07
C GLY Y 155 12.84 -78.19 24.69
N SER Y 156 13.36 -77.44 23.71
CA SER Y 156 13.02 -77.64 22.31
C SER Y 156 14.23 -77.27 21.47
N ALA Y 157 14.84 -78.26 20.82
CA ALA Y 157 16.07 -78.01 20.07
C ALA Y 157 15.89 -77.03 18.92
N PRO Y 158 14.89 -77.18 18.03
CA PRO Y 158 14.76 -76.20 16.94
C PRO Y 158 14.56 -74.77 17.40
N HIS Y 159 13.84 -74.57 18.50
CA HIS Y 159 13.68 -73.23 19.07
C HIS Y 159 14.87 -72.80 19.90
N LYS Y 160 15.84 -73.70 20.12
CA LYS Y 160 17.02 -73.41 20.93
C LYS Y 160 16.65 -72.97 22.34
N ILE Y 161 15.87 -73.80 23.02
CA ILE Y 161 15.54 -73.61 24.43
C ILE Y 161 16.27 -74.69 25.21
N VAL Y 162 17.12 -74.27 26.16
CA VAL Y 162 17.98 -75.17 26.90
C VAL Y 162 17.29 -75.55 28.20
N SER Y 163 17.06 -76.85 28.39
CA SER Y 163 16.45 -77.33 29.62
C SER Y 163 17.42 -77.19 30.79
N VAL Y 164 16.89 -77.39 31.99
CA VAL Y 164 17.71 -77.23 33.20
C VAL Y 164 18.83 -78.27 33.23
N PHE Y 165 18.58 -79.47 32.72
CA PHE Y 165 19.57 -80.53 32.74
C PHE Y 165 20.71 -80.30 31.76
N ASN Y 166 20.49 -79.47 30.73
CA ASN Y 166 21.49 -79.26 29.68
C ASN Y 166 22.17 -77.90 29.79
N HIS Y 167 21.97 -77.17 30.89
CA HIS Y 167 22.64 -75.90 31.05
C HIS Y 167 24.15 -76.13 31.23
N PRO Y 168 24.98 -75.40 30.48
CA PRO Y 168 26.42 -75.70 30.47
C PRO Y 168 27.24 -75.02 31.56
N ASN Y 169 26.63 -74.30 32.49
CA ASN Y 169 27.35 -73.61 33.55
C ASN Y 169 26.92 -74.07 34.94
N ILE Y 170 26.38 -75.28 35.04
CA ILE Y 170 25.96 -75.83 36.32
C ILE Y 170 26.82 -77.04 36.63
N THR Y 171 27.05 -77.26 37.93
CA THR Y 171 27.94 -78.32 38.38
C THR Y 171 27.28 -79.68 38.16
N LYS Y 172 28.01 -80.58 37.51
CA LYS Y 172 27.54 -81.92 37.19
C LYS Y 172 28.47 -82.94 37.84
N ILE Y 173 27.89 -83.88 38.58
CA ILE Y 173 28.67 -84.87 39.32
C ILE Y 173 28.24 -86.26 38.86
N THR Y 174 29.21 -87.04 38.38
CA THR Y 174 28.96 -88.43 38.05
C THR Y 174 28.92 -89.26 39.31
N SER Y 175 27.90 -90.11 39.44
CA SER Y 175 27.66 -90.88 40.64
C SER Y 175 27.62 -92.37 40.32
N GLY Y 176 28.22 -93.16 41.20
CA GLY Y 176 28.00 -94.60 41.15
C GLY Y 176 26.54 -94.91 41.43
N LYS Y 177 26.05 -95.97 40.79
CA LYS Y 177 24.64 -96.32 40.88
C LYS Y 177 24.25 -96.56 42.34
N TRP Y 178 23.16 -95.94 42.77
CA TRP Y 178 22.65 -96.20 44.11
C TRP Y 178 22.01 -97.57 44.21
N ILE Y 179 21.44 -98.06 43.12
CA ILE Y 179 20.83 -99.37 43.05
C ILE Y 179 21.47 -100.11 41.88
N ASP Y 180 22.18 -101.19 42.18
CA ASP Y 180 22.81 -102.02 41.17
C ASP Y 180 22.42 -103.47 41.41
N ALA Y 181 21.83 -104.11 40.40
CA ALA Y 181 21.39 -105.50 40.47
C ALA Y 181 20.47 -105.72 41.67
N SER Y 182 19.54 -104.80 41.86
CA SER Y 182 18.56 -104.80 42.95
C SER Y 182 19.20 -104.78 44.32
N THR Y 183 20.44 -104.32 44.42
CA THR Y 183 21.13 -104.17 45.71
C THR Y 183 21.13 -102.69 46.10
N MET Y 184 21.02 -102.43 47.39
CA MET Y 184 20.84 -101.07 47.89
C MET Y 184 22.11 -100.60 48.61
N LYS Y 185 22.45 -99.33 48.38
CA LYS Y 185 23.66 -98.72 48.93
C LYS Y 185 23.30 -97.39 49.57
N PRO Y 186 22.80 -97.41 50.81
CA PRO Y 186 22.37 -96.15 51.46
C PRO Y 186 23.51 -95.26 51.88
N GLU Y 187 24.76 -95.74 51.92
CA GLU Y 187 25.87 -94.89 52.31
C GLU Y 187 26.39 -94.03 51.17
N THR Y 188 26.37 -94.56 49.94
CA THR Y 188 26.78 -93.76 48.79
C THR Y 188 25.88 -92.55 48.63
N ALA Y 189 24.58 -92.72 48.86
CA ALA Y 189 23.64 -91.62 48.71
C ALA Y 189 23.95 -90.49 49.69
N GLU Y 190 24.14 -90.82 50.96
CA GLU Y 190 24.42 -89.77 51.95
C GLU Y 190 25.78 -89.12 51.68
N ALA Y 191 26.77 -89.92 51.29
CA ALA Y 191 28.08 -89.35 50.95
C ALA Y 191 27.96 -88.33 49.82
N GLU Y 192 27.25 -88.69 48.74
CA GLU Y 192 27.13 -87.78 47.61
C GLU Y 192 26.29 -86.56 47.94
N LEU Y 193 25.23 -86.74 48.73
CA LEU Y 193 24.41 -85.59 49.13
C LEU Y 193 25.22 -84.60 49.96
N THR Y 194 25.98 -85.10 50.93
CA THR Y 194 26.83 -84.21 51.72
C THR Y 194 27.88 -83.54 50.86
N GLN Y 195 28.45 -84.27 49.91
CA GLN Y 195 29.44 -83.68 49.01
C GLN Y 195 28.83 -82.55 48.20
N ALA Y 196 27.61 -82.74 47.68
CA ALA Y 196 26.96 -81.70 46.90
C ALA Y 196 26.66 -80.47 47.75
N ILE Y 197 26.18 -80.67 48.97
CA ILE Y 197 25.89 -79.54 49.84
C ILE Y 197 27.17 -78.76 50.14
N GLU Y 198 28.25 -79.47 50.47
CA GLU Y 198 29.51 -78.80 50.73
C GLU Y 198 30.03 -78.07 49.50
N THR Y 199 29.86 -78.66 48.32
CA THR Y 199 30.30 -78.01 47.09
C THR Y 199 29.56 -76.70 46.86
N ILE Y 200 28.24 -76.71 47.07
CA ILE Y 200 27.48 -75.47 46.92
C ILE Y 200 27.95 -74.44 47.94
N GLU Y 201 28.18 -74.86 49.17
CA GLU Y 201 28.66 -73.94 50.20
C GLU Y 201 30.00 -73.33 49.83
N THR Y 202 30.91 -74.13 49.26
CA THR Y 202 32.27 -73.68 49.01
C THR Y 202 32.36 -72.81 47.76
N ILE Y 203 31.77 -73.27 46.65
CA ILE Y 203 32.00 -72.62 45.36
C ILE Y 203 31.52 -71.17 45.33
N THR Y 204 30.51 -70.82 46.12
CA THR Y 204 30.05 -69.44 46.20
C THR Y 204 30.70 -68.66 47.34
N ARG Y 205 31.65 -69.28 48.05
CA ARG Y 205 32.41 -68.62 49.12
C ARG Y 205 31.50 -68.09 50.23
N GLY Y 206 30.72 -69.00 50.82
CA GLY Y 206 29.96 -68.66 52.00
C GLY Y 206 28.76 -67.77 51.79
N GLN Y 207 28.32 -67.57 50.56
CA GLN Y 207 27.20 -66.70 50.29
C GLN Y 207 25.88 -67.44 50.11
N HIS Y 208 25.91 -68.64 49.55
CA HIS Y 208 24.70 -69.43 49.32
C HIS Y 208 24.81 -70.78 50.02
N ARG Y 209 23.68 -71.25 50.53
CA ARG Y 209 23.60 -72.54 51.21
C ARG Y 209 22.46 -73.33 50.59
N ALA Y 210 22.67 -74.63 50.39
CA ALA Y 210 21.64 -75.47 49.78
C ALA Y 210 20.40 -75.53 50.68
N THR Y 211 19.23 -75.46 50.06
CA THR Y 211 17.99 -75.46 50.81
C THR Y 211 17.05 -76.58 50.38
N ASN Y 212 17.06 -76.93 49.09
CA ASN Y 212 16.12 -77.90 48.55
C ASN Y 212 16.85 -79.02 47.82
N ILE Y 213 16.33 -80.23 47.99
CA ILE Y 213 16.82 -81.43 47.32
C ILE Y 213 15.65 -82.14 46.66
N LEU Y 214 15.85 -82.59 45.42
CA LEU Y 214 14.84 -83.31 44.66
C LEU Y 214 15.42 -84.63 44.20
N ILE Y 215 14.70 -85.72 44.47
CA ILE Y 215 15.15 -87.07 44.14
C ILE Y 215 14.03 -87.80 43.42
N PRO Y 216 14.36 -88.80 42.60
CA PRO Y 216 13.31 -89.54 41.90
C PRO Y 216 12.43 -90.30 42.87
N PRO Y 217 11.16 -90.52 42.53
CA PRO Y 217 10.25 -91.23 43.45
C PRO Y 217 10.64 -92.66 43.72
N SER Y 218 11.34 -93.33 42.81
CA SER Y 218 11.69 -94.73 43.00
C SER Y 218 12.82 -94.93 43.99
N MET Y 219 13.53 -93.88 44.38
CA MET Y 219 14.65 -93.97 45.30
C MET Y 219 14.27 -93.73 46.75
N ARG Y 220 12.98 -93.51 47.05
CA ARG Y 220 12.58 -93.31 48.43
C ARG Y 220 12.81 -94.56 49.27
N LYS Y 221 12.74 -95.74 48.65
CA LYS Y 221 13.00 -96.97 49.38
C LYS Y 221 14.47 -97.13 49.75
N VAL Y 222 15.37 -96.40 49.07
CA VAL Y 222 16.79 -96.45 49.43
C VAL Y 222 17.02 -95.75 50.76
N LEU Y 223 16.39 -94.60 50.96
CA LEU Y 223 16.63 -93.78 52.14
C LEU Y 223 15.78 -94.16 53.34
N ALA Y 224 14.96 -95.20 53.22
CA ALA Y 224 14.16 -95.68 54.33
C ALA Y 224 14.76 -96.91 55.01
N ILE Y 225 15.97 -97.31 54.62
CA ILE Y 225 16.59 -98.49 55.20
C ILE Y 225 17.05 -98.19 56.62
N ARG Y 226 16.93 -99.18 57.51
CA ARG Y 226 17.34 -99.02 58.89
C ARG Y 226 18.86 -98.91 58.97
N MET Y 227 19.33 -97.88 59.67
CA MET Y 227 20.76 -97.67 59.87
C MET Y 227 21.27 -98.58 60.97
N PRO Y 228 22.35 -99.34 60.74
CA PRO Y 228 22.81 -100.30 61.75
C PRO Y 228 23.17 -99.63 63.06
N GLU Y 229 22.97 -100.38 64.15
CA GLU Y 229 23.26 -99.91 65.51
C GLU Y 229 22.34 -98.77 65.93
N THR Y 230 21.18 -98.64 65.27
CA THR Y 230 20.20 -97.62 65.63
C THR Y 230 18.86 -98.03 65.04
N THR Y 231 17.79 -97.72 65.75
CA THR Y 231 16.44 -97.99 65.26
C THR Y 231 15.92 -96.87 64.37
N MET Y 232 16.71 -95.84 64.13
CA MET Y 232 16.34 -94.69 63.31
C MET Y 232 16.81 -94.91 61.88
N SER Y 233 16.25 -94.12 60.97
CA SER Y 233 16.50 -94.30 59.54
C SER Y 233 17.55 -93.32 59.03
N TYR Y 234 18.10 -93.64 57.85
CA TYR Y 234 19.10 -92.78 57.24
C TYR Y 234 18.55 -91.39 56.92
N LEU Y 235 17.30 -91.32 56.46
CA LEU Y 235 16.70 -90.03 56.16
C LEU Y 235 16.57 -89.18 57.42
N ASP Y 236 16.17 -89.79 58.53
CA ASP Y 236 16.09 -89.05 59.79
C ASP Y 236 17.46 -88.61 60.27
N TYR Y 237 18.48 -89.47 60.09
CA TYR Y 237 19.85 -89.06 60.41
C TYR Y 237 20.24 -87.84 59.59
N PHE Y 238 19.97 -87.87 58.29
CA PHE Y 238 20.35 -86.76 57.42
C PHE Y 238 19.61 -85.48 57.82
N LYS Y 239 18.33 -85.59 58.15
CA LYS Y 239 17.58 -84.42 58.58
C LYS Y 239 18.13 -83.87 59.90
N SER Y 240 18.52 -84.74 60.82
CA SER Y 240 19.10 -84.28 62.09
C SER Y 240 20.43 -83.57 61.85
N GLN Y 241 21.25 -84.09 60.94
CA GLN Y 241 22.56 -83.47 60.71
C GLN Y 241 22.44 -82.15 59.96
N ASN Y 242 21.62 -82.10 58.92
CA ASN Y 242 21.50 -80.91 58.08
C ASN Y 242 20.10 -80.34 58.27
N SER Y 243 19.94 -79.51 59.30
CA SER Y 243 18.67 -78.90 59.58
C SER Y 243 18.34 -77.80 58.57
N GLY Y 244 17.06 -77.59 58.34
CA GLY Y 244 16.61 -76.54 57.46
C GLY Y 244 16.70 -76.84 55.98
N ILE Y 245 16.65 -78.11 55.59
CA ILE Y 245 16.69 -78.53 54.19
C ILE Y 245 15.46 -79.38 53.91
N GLU Y 246 14.80 -79.09 52.79
CA GLU Y 246 13.59 -79.81 52.39
C GLU Y 246 13.93 -80.80 51.28
N ILE Y 247 13.52 -82.05 51.48
CA ILE Y 247 13.76 -83.13 50.53
C ILE Y 247 12.42 -83.53 49.91
N ASP Y 248 12.36 -83.59 48.59
CA ASP Y 248 11.12 -83.84 47.88
C ASP Y 248 11.37 -84.80 46.72
N SER Y 249 10.27 -85.31 46.16
CA SER Y 249 10.28 -86.26 45.06
C SER Y 249 9.57 -85.67 43.87
N ILE Y 250 10.16 -85.81 42.68
CA ILE Y 250 9.61 -85.27 41.44
C ILE Y 250 9.65 -86.36 40.39
N ALA Y 251 8.54 -86.54 39.68
CA ALA Y 251 8.46 -87.60 38.67
C ALA Y 251 9.28 -87.26 37.43
N GLU Y 252 9.42 -85.97 37.12
CA GLU Y 252 10.15 -85.58 35.91
C GLU Y 252 11.64 -85.87 36.02
N LEU Y 253 12.14 -86.22 37.21
CA LEU Y 253 13.53 -86.61 37.37
C LEU Y 253 13.76 -88.07 37.01
N GLU Y 254 12.71 -88.84 36.71
CA GLU Y 254 12.85 -90.26 36.43
C GLU Y 254 13.65 -90.54 35.16
N ASP Y 255 13.56 -89.67 34.17
CA ASP Y 255 14.31 -89.83 32.93
C ASP Y 255 14.76 -88.46 32.46
N ILE Y 256 16.06 -88.21 32.48
CA ILE Y 256 16.60 -86.90 32.13
C ILE Y 256 17.19 -86.84 30.74
N ASP Y 257 17.56 -87.98 30.14
CA ASP Y 257 18.15 -88.00 28.81
C ASP Y 257 17.27 -88.69 27.78
N GLY Y 258 16.17 -89.31 28.21
CA GLY Y 258 15.36 -90.10 27.31
C GLY Y 258 15.90 -91.49 27.04
N ALA Y 259 16.95 -91.91 27.73
CA ALA Y 259 17.57 -93.22 27.51
C ALA Y 259 17.68 -94.03 28.79
N GLY Y 260 17.07 -93.58 29.89
CA GLY Y 260 17.04 -94.36 31.11
C GLY Y 260 18.13 -94.00 32.12
N THR Y 261 18.29 -92.71 32.40
CA THR Y 261 19.20 -92.22 33.43
C THR Y 261 18.44 -91.28 34.35
N LYS Y 262 18.59 -91.48 35.65
CA LYS Y 262 17.95 -90.62 36.64
C LYS Y 262 18.89 -89.52 37.10
N GLY Y 263 18.35 -88.59 37.87
CA GLY Y 263 19.15 -87.49 38.36
C GLY Y 263 18.66 -87.00 39.71
N VAL Y 264 19.59 -86.40 40.46
CA VAL Y 264 19.29 -85.79 41.75
C VAL Y 264 19.66 -84.32 41.65
N LEU Y 265 18.78 -83.44 42.12
CA LEU Y 265 18.97 -82.00 41.98
C LEU Y 265 19.10 -81.40 43.37
N VAL Y 266 20.18 -80.63 43.59
CA VAL Y 266 20.39 -79.93 44.85
C VAL Y 266 20.53 -78.45 44.53
N TYR Y 267 19.66 -77.61 45.11
CA TYR Y 267 19.66 -76.21 44.73
C TYR Y 267 19.12 -75.37 45.87
N GLU Y 268 19.27 -74.05 45.72
CA GLU Y 268 18.78 -73.07 46.68
C GLU Y 268 17.60 -72.34 46.06
N LYS Y 269 16.46 -72.37 46.75
CA LYS Y 269 15.23 -71.77 46.23
C LYS Y 269 15.18 -70.29 46.59
N ASN Y 270 15.40 -69.44 45.61
CA ASN Y 270 15.40 -67.99 45.79
C ASN Y 270 15.26 -67.35 44.42
N PRO Y 271 14.28 -66.45 44.23
CA PRO Y 271 14.07 -65.87 42.89
C PRO Y 271 15.26 -65.09 42.34
N MET Y 272 16.26 -64.77 43.17
CA MET Y 272 17.46 -64.10 42.68
C MET Y 272 18.38 -65.03 41.90
N ASN Y 273 18.13 -66.34 41.94
CA ASN Y 273 18.99 -67.32 41.26
C ASN Y 273 18.36 -67.92 40.02
N MET Y 274 17.12 -68.40 40.10
CA MET Y 274 16.44 -68.95 38.94
C MET Y 274 14.99 -68.51 38.98
N SER Y 275 14.35 -68.51 37.81
CA SER Y 275 12.97 -68.05 37.74
C SER Y 275 12.26 -68.67 36.54
N ILE Y 276 10.94 -68.75 36.64
CA ILE Y 276 10.05 -69.04 35.53
C ILE Y 276 8.99 -67.94 35.52
N GLU Y 277 8.80 -67.31 34.37
CA GLU Y 277 7.95 -66.12 34.29
C GLU Y 277 6.82 -66.32 33.29
N ILE Y 278 5.62 -65.88 33.67
CA ILE Y 278 4.44 -65.98 32.84
C ILE Y 278 3.93 -64.57 32.55
N PRO Y 279 4.35 -63.95 31.45
CA PRO Y 279 3.88 -62.58 31.16
C PRO Y 279 2.38 -62.46 31.02
N GLU Y 280 1.73 -63.46 30.43
CA GLU Y 280 0.30 -63.45 30.21
C GLU Y 280 -0.29 -64.81 30.60
N ALA Y 281 -1.35 -64.78 31.39
CA ALA Y 281 -1.99 -66.00 31.83
C ALA Y 281 -2.93 -66.54 30.75
N PHE Y 282 -3.60 -67.64 31.08
CA PHE Y 282 -4.52 -68.26 30.13
C PHE Y 282 -5.79 -67.42 30.00
N ASN Y 283 -6.24 -67.21 28.76
CA ASN Y 283 -7.47 -66.49 28.50
C ASN Y 283 -8.10 -67.05 27.24
N MET Y 284 -9.41 -66.88 27.13
CA MET Y 284 -10.18 -67.36 25.99
C MET Y 284 -10.71 -66.18 25.19
N LEU Y 285 -10.47 -66.20 23.88
CA LEU Y 285 -10.94 -65.17 22.99
C LEU Y 285 -12.43 -65.36 22.70
N PRO Y 286 -13.13 -64.29 22.29
CA PRO Y 286 -14.54 -64.43 21.94
C PRO Y 286 -14.75 -65.41 20.80
N ALA Y 287 -15.87 -66.11 20.84
CA ALA Y 287 -16.17 -67.12 19.83
C ALA Y 287 -16.44 -66.48 18.48
N GLN Y 288 -15.86 -67.06 17.43
CA GLN Y 288 -16.11 -66.65 16.06
C GLN Y 288 -17.19 -67.54 15.47
N PRO Y 289 -18.34 -67.00 15.08
CA PRO Y 289 -19.40 -67.84 14.52
C PRO Y 289 -19.16 -68.13 13.05
N LYS Y 290 -19.59 -69.32 12.63
CA LYS Y 290 -19.63 -69.73 11.24
C LYS Y 290 -21.05 -70.24 10.97
N ASP Y 291 -21.25 -70.93 9.85
CA ASP Y 291 -22.58 -71.31 9.38
C ASP Y 291 -23.50 -71.83 10.50
N LEU Y 292 -23.11 -72.93 11.14
CA LEU Y 292 -23.91 -73.44 12.25
C LEU Y 292 -23.06 -73.89 13.44
N HIS Y 293 -21.83 -73.40 13.55
CA HIS Y 293 -20.97 -73.75 14.67
C HIS Y 293 -20.17 -72.52 15.09
N PHE Y 294 -19.31 -72.71 16.08
CA PHE Y 294 -18.47 -71.65 16.61
C PHE Y 294 -17.01 -72.12 16.68
N LYS Y 295 -16.11 -71.16 16.81
CA LYS Y 295 -14.69 -71.47 16.98
C LYS Y 295 -14.14 -70.59 18.09
N VAL Y 296 -13.60 -71.22 19.13
CA VAL Y 296 -13.15 -70.51 20.32
C VAL Y 296 -11.64 -70.71 20.45
N PRO Y 297 -10.82 -69.69 20.19
CA PRO Y 297 -9.38 -69.81 20.38
C PRO Y 297 -8.94 -69.37 21.78
N CYS Y 298 -7.75 -69.83 22.16
CA CYS Y 298 -7.15 -69.48 23.44
C CYS Y 298 -5.64 -69.32 23.26
N THR Y 299 -5.05 -68.43 24.04
CA THR Y 299 -3.61 -68.16 23.97
C THR Y 299 -3.06 -67.94 25.37
N SER Y 300 -1.73 -67.95 25.46
CA SER Y 300 -1.00 -67.67 26.70
C SER Y 300 0.45 -67.41 26.33
N LYS Y 301 1.21 -66.89 27.30
CA LYS Y 301 2.62 -66.60 27.09
C LYS Y 301 3.44 -67.19 28.24
N CYS Y 302 4.65 -67.66 27.89
CA CYS Y 302 5.58 -68.20 28.87
C CYS Y 302 6.98 -68.09 28.28
N THR Y 303 7.98 -68.24 29.15
CA THR Y 303 9.37 -68.08 28.74
C THR Y 303 10.24 -69.30 29.08
N GLY Y 304 9.83 -70.06 30.08
CA GLY Y 304 10.61 -71.19 30.55
C GLY Y 304 11.41 -70.86 31.79
N LEU Y 305 12.51 -71.59 31.96
CA LEU Y 305 13.37 -71.42 33.12
C LEU Y 305 14.61 -70.60 32.74
N THR Y 306 14.81 -69.48 33.43
CA THR Y 306 15.99 -68.66 33.27
C THR Y 306 16.81 -68.72 34.55
N ILE Y 307 18.07 -69.09 34.43
CA ILE Y 307 18.99 -69.22 35.55
C ILE Y 307 19.93 -68.02 35.48
N TYR Y 308 19.68 -67.01 36.31
CA TYR Y 308 20.52 -65.82 36.29
C TYR Y 308 21.86 -66.08 36.94
N ARG Y 309 21.88 -66.81 38.06
CA ARG Y 309 23.10 -67.08 38.83
C ARG Y 309 23.34 -68.57 38.84
N PRO Y 310 24.22 -69.08 37.96
CA PRO Y 310 24.58 -70.50 38.02
C PRO Y 310 25.49 -70.80 39.19
N MET Y 311 25.99 -72.03 39.27
CA MET Y 311 26.85 -72.55 40.33
C MET Y 311 26.11 -72.78 41.64
N THR Y 312 24.83 -72.41 41.72
CA THR Y 312 24.01 -72.71 42.88
C THR Y 312 23.20 -73.98 42.71
N ILE Y 313 23.39 -74.68 41.59
CA ILE Y 313 22.64 -75.90 41.28
C ILE Y 313 23.64 -77.02 41.04
N VAL Y 314 23.44 -78.16 41.69
CA VAL Y 314 24.27 -79.34 41.51
C VAL Y 314 23.39 -80.47 41.00
N LEU Y 315 23.80 -81.07 39.89
CA LEU Y 315 23.09 -82.17 39.26
C LEU Y 315 23.92 -83.43 39.38
N ILE Y 316 23.43 -84.39 40.14
CA ILE Y 316 24.08 -85.68 40.33
C ILE Y 316 23.45 -86.66 39.35
N THR Y 317 24.26 -87.17 38.42
CA THR Y 317 23.76 -88.00 37.33
C THR Y 317 24.09 -89.46 37.58
N GLY Y 318 23.45 -90.33 36.81
CA GLY Y 318 23.68 -91.76 36.91
C GLY Y 318 23.20 -92.40 38.20
N VAL Y 319 22.26 -91.76 38.88
CA VAL Y 319 21.71 -92.30 40.12
C VAL Y 319 20.71 -93.39 39.81
N GLN Z 3 80.90 5.47 96.49
CA GLN Z 3 81.96 4.51 96.78
C GLN Z 3 81.64 3.14 96.18
N ILE Z 4 82.61 2.24 96.25
CA ILE Z 4 82.47 0.88 95.72
C ILE Z 4 82.55 -0.10 96.87
N ASN Z 5 81.53 -0.93 97.02
CA ASN Z 5 81.54 -1.93 98.09
C ASN Z 5 82.54 -3.04 97.78
N ALA Z 6 82.85 -3.83 98.80
CA ALA Z 6 83.84 -4.88 98.68
C ALA Z 6 83.31 -6.19 99.24
N SER Z 7 83.77 -7.30 98.65
CA SER Z 7 83.45 -8.63 99.09
C SER Z 7 84.71 -9.47 99.08
N TYR Z 8 84.98 -10.17 100.17
CA TYR Z 8 86.22 -10.93 100.34
C TYR Z 8 85.89 -12.40 100.57
N GLN Z 9 86.90 -13.24 100.36
CA GLN Z 9 86.73 -14.69 100.43
C GLN Z 9 88.04 -15.33 100.87
N ARG Z 10 87.95 -16.27 101.81
CA ARG Z 10 89.11 -16.97 102.32
C ARG Z 10 88.75 -18.44 102.51
N ASP Z 11 89.71 -19.32 102.20
CA ASP Z 11 89.49 -20.75 102.20
C ASP Z 11 90.02 -21.39 103.47
N MET Z 12 89.33 -22.42 103.94
CA MET Z 12 89.72 -23.15 105.13
C MET Z 12 90.87 -24.10 104.82
N ALA Z 13 91.54 -24.56 105.88
CA ALA Z 13 92.56 -25.58 105.73
C ALA Z 13 91.92 -26.94 105.52
N ILE Z 14 92.72 -27.90 105.07
CA ILE Z 14 92.22 -29.22 104.71
C ILE Z 14 92.26 -30.18 105.89
N ALA Z 15 93.38 -30.24 106.61
CA ALA Z 15 93.51 -31.22 107.68
C ALA Z 15 94.56 -30.75 108.68
N LEU Z 16 94.70 -31.54 109.74
CA LEU Z 16 95.64 -31.31 110.83
C LEU Z 16 96.42 -32.60 111.08
N PRO Z 17 97.61 -32.50 111.68
CA PRO Z 17 98.36 -33.71 112.02
C PRO Z 17 97.59 -34.60 112.97
N GLY Z 18 97.68 -35.91 112.74
CA GLY Z 18 97.07 -36.88 113.63
C GLY Z 18 95.57 -37.00 113.56
N MET Z 19 94.93 -36.37 112.59
CA MET Z 19 93.48 -36.43 112.49
C MET Z 19 93.05 -37.59 111.61
N VAL Z 20 91.92 -38.21 111.97
CA VAL Z 20 91.37 -39.30 111.17
C VAL Z 20 90.89 -38.75 109.84
N ALA Z 21 91.30 -39.41 108.75
CA ALA Z 21 91.04 -38.89 107.42
C ALA Z 21 89.59 -39.09 107.01
N ASP Z 22 89.15 -40.35 106.96
CA ASP Z 22 87.82 -40.71 106.47
C ASP Z 22 87.12 -41.60 107.49
N THR Z 23 85.80 -41.72 107.35
CA THR Z 23 85.02 -42.62 108.18
C THR Z 23 84.82 -43.96 107.48
N SER Z 24 85.94 -44.58 107.12
CA SER Z 24 85.93 -45.79 106.30
C SER Z 24 86.65 -46.92 107.03
N LYS Z 25 85.90 -47.65 107.86
CA LYS Z 25 86.34 -48.93 108.42
C LYS Z 25 87.64 -48.76 109.23
N TYR Z 26 87.51 -48.00 110.31
CA TYR Z 26 88.65 -47.73 111.19
C TYR Z 26 88.58 -48.59 112.45
N ASN Z 27 89.74 -48.78 113.07
CA ASN Z 27 89.87 -49.57 114.28
C ASN Z 27 90.85 -48.88 115.22
N ILE Z 28 90.47 -48.74 116.49
CA ILE Z 28 91.26 -48.02 117.47
C ILE Z 28 91.44 -48.93 118.68
N ASP Z 29 92.68 -49.07 119.14
CA ASP Z 29 92.99 -49.86 120.33
C ASP Z 29 93.19 -48.89 121.50
N GLY Z 30 92.42 -49.09 122.56
CA GLY Z 30 92.51 -48.23 123.73
C GLY Z 30 93.24 -48.81 124.92
N ALA Z 31 93.49 -50.12 124.92
CA ALA Z 31 94.15 -50.79 126.04
C ALA Z 31 95.67 -50.75 125.87
N CYS Z 32 96.18 -49.55 125.66
CA CYS Z 32 97.61 -49.33 125.44
C CYS Z 32 98.12 -48.30 126.43
N VAL Z 33 99.36 -48.48 126.87
CA VAL Z 33 100.02 -47.58 127.80
C VAL Z 33 101.37 -47.19 127.21
N VAL Z 34 101.90 -46.07 127.66
CA VAL Z 34 103.10 -45.47 127.08
C VAL Z 34 104.25 -45.58 128.08
N ASN Z 35 105.42 -45.98 127.58
CA ASN Z 35 106.62 -46.11 128.41
C ASN Z 35 107.77 -45.34 127.77
N GLU Z 36 108.65 -44.86 128.64
CA GLU Z 36 109.95 -44.30 128.24
C GLU Z 36 109.79 -43.14 127.26
N GLY Z 37 109.17 -42.07 127.74
CA GLY Z 37 109.14 -40.83 126.99
C GLY Z 37 107.76 -40.36 126.58
N ASP Z 38 107.70 -39.52 125.56
CA ASP Z 38 106.45 -38.97 125.07
C ASP Z 38 106.30 -39.26 123.58
N VAL Z 39 105.06 -39.26 123.11
CA VAL Z 39 104.74 -39.57 121.73
C VAL Z 39 104.00 -38.38 121.13
N LEU Z 40 104.48 -37.89 120.00
CA LEU Z 40 103.81 -36.82 119.28
C LEU Z 40 102.55 -37.34 118.61
N VAL Z 41 101.54 -36.49 118.51
CA VAL Z 41 100.32 -36.83 117.79
C VAL Z 41 100.64 -36.85 116.30
N GLY Z 42 100.29 -37.93 115.62
CA GLY Z 42 100.56 -38.09 114.22
C GLY Z 42 101.85 -38.80 113.88
N ALA Z 43 102.45 -39.52 114.82
CA ALA Z 43 103.68 -40.25 114.59
C ALA Z 43 103.49 -41.71 114.97
N ALA Z 44 104.17 -42.59 114.25
CA ALA Z 44 104.01 -44.03 114.45
C ALA Z 44 104.59 -44.45 115.81
N VAL Z 45 104.09 -45.58 116.31
CA VAL Z 45 104.51 -46.13 117.59
C VAL Z 45 104.90 -47.59 117.40
N GLN Z 46 105.56 -48.14 118.40
CA GLN Z 46 105.98 -49.53 118.41
C GLN Z 46 105.54 -50.18 119.72
N VAL Z 47 105.40 -51.50 119.68
CA VAL Z 47 104.95 -52.29 120.82
C VAL Z 47 106.15 -53.06 121.38
N VAL Z 48 106.40 -52.91 122.68
CA VAL Z 48 107.55 -53.56 123.31
C VAL Z 48 107.16 -54.80 124.11
N GLN Z 49 105.95 -54.87 124.66
CA GLN Z 49 105.55 -56.01 125.47
C GLN Z 49 104.04 -56.06 125.54
N ALA Z 50 103.48 -57.24 125.35
CA ALA Z 50 102.05 -57.48 125.51
C ALA Z 50 101.86 -58.31 126.77
N GLN Z 51 101.27 -57.68 127.79
CA GLN Z 51 101.07 -58.36 129.07
C GLN Z 51 100.17 -59.58 128.89
N ALA Z 52 100.58 -60.69 129.50
CA ALA Z 52 99.93 -61.97 129.23
C ALA Z 52 98.55 -62.07 129.88
N VAL Z 53 98.43 -61.59 131.11
CA VAL Z 53 97.21 -61.75 131.89
C VAL Z 53 96.39 -60.48 131.95
N ASP Z 54 97.01 -59.35 132.30
CA ASP Z 54 96.27 -58.12 132.49
C ASP Z 54 95.60 -57.64 131.20
N GLY Z 55 96.31 -57.70 130.08
CA GLY Z 55 95.76 -57.36 128.80
C GLY Z 55 96.12 -55.99 128.25
N HIS Z 56 97.01 -55.26 128.91
CA HIS Z 56 97.47 -53.98 128.41
C HIS Z 56 98.68 -54.18 127.50
N LYS Z 57 98.82 -53.29 126.52
CA LYS Z 57 99.94 -53.33 125.59
C LYS Z 57 100.83 -52.12 125.79
N LEU Z 58 102.13 -52.37 125.96
CA LEU Z 58 103.09 -51.32 126.25
C LEU Z 58 103.71 -50.84 124.95
N VAL Z 59 103.65 -49.54 124.70
CA VAL Z 59 104.12 -48.96 123.44
C VAL Z 59 105.09 -47.83 123.74
N LYS Z 60 105.80 -47.41 122.70
CA LYS Z 60 106.69 -46.27 122.78
C LYS Z 60 106.89 -45.70 121.38
N ALA Z 61 107.72 -44.67 121.29
CA ALA Z 61 108.07 -44.10 119.99
C ALA Z 61 108.91 -45.07 119.19
N LEU Z 62 108.83 -44.95 117.86
CA LEU Z 62 109.52 -45.88 116.98
C LEU Z 62 111.02 -45.65 117.02
N THR Z 63 111.77 -46.76 117.07
CA THR Z 63 113.23 -46.71 117.00
C THR Z 63 113.73 -47.57 115.85
N THR Z 64 115.04 -47.53 115.59
CA THR Z 64 115.60 -48.24 114.45
C THR Z 64 115.54 -49.75 114.65
N GLY Z 65 115.39 -50.46 113.54
CA GLY Z 65 115.37 -51.92 113.57
C GLY Z 65 114.17 -52.52 114.27
N THR Z 66 112.99 -51.96 114.05
CA THR Z 66 111.75 -52.46 114.64
C THR Z 66 110.64 -52.42 113.60
N THR Z 67 109.44 -52.84 114.02
CA THR Z 67 108.28 -52.89 113.14
C THR Z 67 107.15 -52.07 113.75
N PRO Z 68 106.63 -51.06 113.06
CA PRO Z 68 105.58 -50.23 113.65
C PRO Z 68 104.26 -50.97 113.76
N TYR Z 69 103.40 -50.46 114.64
CA TYR Z 69 102.10 -51.06 114.92
C TYR Z 69 100.93 -50.16 114.63
N GLY Z 70 101.07 -48.85 114.77
CA GLY Z 70 99.94 -47.97 114.55
C GLY Z 70 100.38 -46.52 114.59
N VAL Z 71 99.37 -45.64 114.62
CA VAL Z 71 99.57 -44.20 114.61
C VAL Z 71 98.79 -43.58 115.75
N ALA Z 72 99.46 -42.76 116.56
CA ALA Z 72 98.76 -42.01 117.59
C ALA Z 72 97.87 -40.95 116.95
N ILE Z 73 96.65 -40.84 117.44
CA ILE Z 73 95.66 -39.94 116.87
C ILE Z 73 95.40 -38.79 117.82
N ARG Z 74 94.60 -37.83 117.35
CA ARG Z 74 94.38 -36.57 118.03
C ARG Z 74 93.08 -36.61 118.84
N SER Z 75 93.18 -36.28 120.12
CA SER Z 75 92.02 -36.24 121.00
C SER Z 75 92.13 -35.03 121.93
N HIS Z 76 91.02 -34.33 122.12
CA HIS Z 76 90.99 -33.10 122.89
C HIS Z 76 91.01 -33.34 124.40
N TRP Z 77 90.94 -34.59 124.85
CA TRP Z 77 90.78 -34.91 126.26
C TRP Z 77 91.91 -35.75 126.83
N GLN Z 78 92.51 -36.64 126.04
CA GLN Z 78 93.54 -37.54 126.53
C GLN Z 78 94.96 -37.03 126.32
N THR Z 79 95.14 -35.87 125.69
CA THR Z 79 96.46 -35.38 125.37
C THR Z 79 96.82 -34.19 126.26
N VAL Z 80 98.10 -33.78 126.18
CA VAL Z 80 98.59 -32.61 126.89
C VAL Z 80 99.28 -31.69 125.89
N ASN Z 81 99.16 -30.39 126.12
CA ASN Z 81 99.75 -29.38 125.25
C ASN Z 81 101.14 -29.05 125.76
N ALA Z 82 102.16 -29.54 125.06
CA ALA Z 82 103.54 -29.25 125.40
C ALA Z 82 104.27 -28.83 124.13
N GLN Z 83 105.29 -28.00 124.30
CA GLN Z 83 106.07 -27.41 123.21
C GLN Z 83 105.17 -26.95 122.06
N ASN Z 84 104.05 -26.32 122.44
CA ASN Z 84 103.08 -25.73 121.50
C ASN Z 84 102.48 -26.76 120.55
N GLN Z 85 102.25 -27.99 121.04
CA GLN Z 85 101.59 -29.00 120.24
C GLN Z 85 101.08 -30.10 121.15
N MET Z 86 100.17 -30.91 120.59
CA MET Z 86 99.51 -31.98 121.32
C MET Z 86 100.39 -33.21 121.37
N ILE Z 87 100.61 -33.74 122.59
CA ILE Z 87 101.42 -34.94 122.76
C ILE Z 87 100.75 -35.84 123.80
N TYR Z 88 101.09 -37.12 123.75
CA TYR Z 88 100.70 -38.09 124.77
C TYR Z 88 101.86 -38.22 125.75
N GLU Z 89 101.59 -37.93 127.02
CA GLU Z 89 102.64 -37.98 128.02
C GLU Z 89 102.92 -39.41 128.45
N ASP Z 90 104.04 -39.58 129.14
CA ASP Z 90 104.40 -40.88 129.67
C ASP Z 90 103.44 -41.31 130.76
N GLY Z 91 103.23 -42.61 130.89
CA GLY Z 91 102.38 -43.14 131.94
C GLY Z 91 100.90 -42.86 131.79
N GLY Z 92 100.44 -42.65 130.57
CA GLY Z 92 99.03 -42.40 130.33
C GLY Z 92 98.51 -43.24 129.18
N ALA Z 93 97.19 -43.41 129.17
CA ALA Z 93 96.55 -44.17 128.10
C ALA Z 93 96.66 -43.42 126.78
N ILE Z 94 96.77 -44.17 125.69
CA ILE Z 94 96.98 -43.61 124.37
C ILE Z 94 96.00 -44.23 123.39
N ASN Z 95 95.59 -43.45 122.40
CA ASN Z 95 94.72 -43.93 121.32
C ASN Z 95 95.59 -44.28 120.12
N VAL Z 96 95.56 -45.55 119.72
CA VAL Z 96 96.37 -46.05 118.63
C VAL Z 96 95.45 -46.54 117.52
N MET Z 97 95.53 -45.91 116.36
CA MET Z 97 94.84 -46.36 115.16
C MET Z 97 95.55 -47.58 114.59
N THR Z 98 94.80 -48.62 114.27
CA THR Z 98 95.39 -49.83 113.71
C THR Z 98 95.09 -50.02 112.23
N SER Z 99 93.87 -49.74 111.79
CA SER Z 99 93.53 -49.84 110.38
C SER Z 99 92.60 -48.70 110.02
N GLY Z 100 92.74 -48.18 108.81
CA GLY Z 100 91.91 -47.07 108.37
C GLY Z 100 92.73 -46.10 107.55
N ARG Z 101 92.32 -44.83 107.59
CA ARG Z 101 93.01 -43.76 106.88
C ARG Z 101 93.28 -42.62 107.85
N VAL Z 102 94.51 -42.12 107.85
CA VAL Z 102 94.90 -41.09 108.81
C VAL Z 102 95.90 -40.12 108.16
N TRP Z 103 95.93 -38.90 108.68
CA TRP Z 103 96.90 -37.89 108.27
C TRP Z 103 98.13 -37.98 109.16
N MET Z 104 99.29 -38.20 108.53
CA MET Z 104 100.54 -38.39 109.23
C MET Z 104 101.54 -37.31 108.82
N LEU Z 105 102.41 -36.97 109.75
CA LEU Z 105 103.50 -36.03 109.49
C LEU Z 105 104.44 -36.61 108.45
N SER Z 106 105.00 -35.73 107.61
CA SER Z 106 105.89 -36.16 106.55
C SER Z 106 107.15 -35.30 106.55
N LYS Z 107 108.24 -35.88 106.05
CA LYS Z 107 109.51 -35.19 105.93
C LYS Z 107 109.96 -35.03 104.49
N SER Z 108 109.26 -35.60 103.53
CA SER Z 108 109.67 -35.60 102.14
C SER Z 108 109.30 -34.29 101.46
N THR Z 109 109.60 -34.22 100.16
CA THR Z 109 109.32 -33.03 99.36
C THR Z 109 108.73 -33.33 98.00
N GLU Z 110 108.42 -34.59 97.70
CA GLU Z 110 107.85 -34.97 96.41
C GLU Z 110 106.52 -35.68 96.63
N ALA Z 111 105.54 -35.38 95.77
CA ALA Z 111 104.22 -35.98 95.90
C ALA Z 111 104.30 -37.49 95.72
N PRO Z 112 103.63 -38.27 96.56
CA PRO Z 112 103.74 -39.72 96.49
C PRO Z 112 102.91 -40.30 95.35
N THR Z 113 103.14 -41.58 95.09
CA THR Z 113 102.42 -42.33 94.06
C THR Z 113 101.36 -43.20 94.73
N PHE Z 114 100.14 -43.13 94.22
CA PHE Z 114 99.02 -43.83 94.83
C PHE Z 114 99.27 -45.34 94.84
N GLY Z 115 99.04 -45.97 95.99
CA GLY Z 115 99.11 -47.40 96.12
C GLY Z 115 100.47 -47.96 96.44
N SER Z 116 101.52 -47.15 96.46
CA SER Z 116 102.85 -47.64 96.72
C SER Z 116 103.07 -47.84 98.22
N ALA Z 117 104.14 -48.57 98.54
CA ALA Z 117 104.46 -48.85 99.94
C ALA Z 117 104.97 -47.59 100.63
N VAL Z 118 104.87 -47.59 101.96
CA VAL Z 118 105.26 -46.45 102.78
C VAL Z 118 106.52 -46.81 103.56
N LYS Z 119 107.51 -45.92 103.53
CA LYS Z 119 108.75 -46.09 104.28
C LYS Z 119 108.84 -44.99 105.32
N LEU Z 120 109.16 -45.35 106.55
CA LEU Z 120 109.23 -44.40 107.64
C LEU Z 120 110.69 -44.10 108.01
N ASP Z 121 110.88 -42.95 108.64
CA ASP Z 121 112.19 -42.53 109.11
C ASP Z 121 112.41 -43.17 110.48
N VAL Z 122 113.59 -42.98 111.08
CA VAL Z 122 113.92 -43.59 112.35
C VAL Z 122 113.10 -43.03 113.51
N ASP Z 123 112.55 -41.82 113.37
CA ASP Z 123 111.77 -41.20 114.43
C ASP Z 123 110.28 -41.45 114.28
N GLY Z 124 109.85 -42.17 113.24
CA GLY Z 124 108.46 -42.50 113.06
C GLY Z 124 107.68 -41.56 112.15
N GLN Z 125 108.35 -40.70 111.41
CA GLN Z 125 107.70 -39.78 110.49
C GLN Z 125 107.96 -40.20 109.06
N GLU Z 126 106.99 -39.95 108.18
CA GLU Z 126 107.06 -40.44 106.81
C GLU Z 126 108.22 -39.78 106.07
N LYS Z 127 108.90 -40.57 105.24
CA LYS Z 127 110.01 -40.08 104.44
C LYS Z 127 110.05 -40.90 103.15
N SER Z 128 110.37 -40.23 102.04
CA SER Z 128 110.35 -40.91 100.74
C SER Z 128 111.38 -42.03 100.69
N ASP Z 129 112.56 -41.81 101.24
CA ASP Z 129 113.62 -42.82 101.28
C ASP Z 129 114.02 -43.12 102.72
N GLY Z 130 113.28 -44.05 103.34
CA GLY Z 130 113.52 -44.47 104.69
C GLY Z 130 114.37 -45.73 104.77
N THR Z 131 114.64 -46.15 106.00
CA THR Z 131 115.43 -47.34 106.26
C THR Z 131 114.62 -48.50 106.80
N ILE Z 132 113.38 -48.26 107.23
CA ILE Z 132 112.50 -49.30 107.74
C ILE Z 132 111.33 -49.46 106.77
N GLU Z 133 110.94 -50.71 106.53
CA GLU Z 133 109.90 -51.02 105.56
C GLU Z 133 108.60 -51.38 106.27
N THR Z 134 107.49 -50.89 105.73
CA THR Z 134 106.17 -51.11 106.28
C THR Z 134 105.25 -51.65 105.19
N THR Z 135 104.06 -52.09 105.60
CA THR Z 135 103.06 -52.62 104.68
C THR Z 135 101.93 -51.63 104.40
N TRP Z 136 102.01 -50.42 104.95
CA TRP Z 136 100.96 -49.44 104.74
C TRP Z 136 101.06 -48.84 103.34
N THR Z 137 99.99 -48.16 102.93
CA THR Z 137 99.93 -47.60 101.59
C THR Z 137 99.61 -46.12 101.65
N TYR Z 138 99.83 -45.43 100.52
CA TYR Z 138 99.40 -44.05 100.39
C TYR Z 138 97.97 -44.01 99.89
N ALA Z 139 97.22 -42.99 100.30
CA ALA Z 139 95.83 -42.87 99.90
C ALA Z 139 95.56 -41.67 99.01
N GLY Z 140 96.58 -40.97 98.55
CA GLY Z 140 96.45 -39.89 97.60
C GLY Z 140 96.54 -38.50 98.18
N GLY Z 141 96.09 -38.31 99.43
CA GLY Z 141 96.10 -36.99 100.02
C GLY Z 141 97.52 -36.45 100.21
N TRP Z 142 97.67 -35.15 99.98
CA TRP Z 142 98.96 -34.48 100.13
C TRP Z 142 98.68 -32.99 100.24
N THR Z 143 99.00 -32.39 101.38
CA THR Z 143 98.70 -30.98 101.61
C THR Z 143 99.72 -30.42 102.60
N LYS Z 144 99.50 -29.19 103.04
CA LYS Z 144 100.41 -28.50 103.95
C LYS Z 144 99.61 -27.51 104.79
N TYR Z 145 99.76 -27.58 106.10
CA TYR Z 145 99.09 -26.67 107.02
C TYR Z 145 100.13 -25.79 107.69
N LYS Z 146 100.25 -24.55 107.22
CA LYS Z 146 101.14 -23.54 107.79
C LYS Z 146 102.56 -24.08 107.97
N ASP Z 147 103.16 -24.46 106.84
CA ASP Z 147 104.53 -24.97 106.78
C ASP Z 147 104.68 -26.21 107.66
N ILE Z 148 103.68 -27.09 107.58
CA ILE Z 148 103.74 -28.44 108.17
C ILE Z 148 103.33 -29.41 107.07
N GLN Z 149 104.15 -30.43 106.84
CA GLN Z 149 103.90 -31.36 105.74
C GLN Z 149 103.09 -32.55 106.21
N LEU Z 150 101.93 -32.76 105.58
CA LEU Z 150 101.02 -33.85 105.93
C LEU Z 150 100.79 -34.75 104.72
N VAL Z 151 100.63 -36.05 104.99
CA VAL Z 151 100.32 -37.04 103.96
C VAL Z 151 99.21 -37.94 104.50
N GLU Z 152 98.50 -38.60 103.59
CA GLU Z 152 97.37 -39.43 103.97
C GLU Z 152 97.70 -40.90 103.73
N VAL Z 153 97.62 -41.70 104.79
CA VAL Z 153 98.13 -43.06 104.81
C VAL Z 153 97.01 -44.03 105.15
N GLN Z 154 96.94 -45.12 104.40
CA GLN Z 154 96.04 -46.23 104.64
C GLN Z 154 96.78 -47.32 105.40
N LEU Z 155 96.25 -47.70 106.56
CA LEU Z 155 96.86 -48.67 107.46
C LEU Z 155 96.04 -49.95 107.47
N HIS Z 156 96.72 -51.08 107.33
CA HIS Z 156 96.12 -52.40 107.43
C HIS Z 156 96.50 -53.02 108.76
N GLN Z 157 95.65 -53.93 109.24
CA GLN Z 157 95.92 -54.62 110.50
C GLN Z 157 97.16 -55.49 110.38
N LEU Z 158 98.03 -55.41 111.39
CA LEU Z 158 99.25 -56.21 111.42
C LEU Z 158 98.92 -57.69 111.56
N GLN AA 3 36.94 -82.98 85.18
CA GLN AA 3 38.28 -82.39 85.11
C GLN AA 3 38.83 -82.14 86.50
N ILE AA 4 40.16 -82.23 86.64
CA ILE AA 4 40.83 -82.15 87.93
C ILE AA 4 41.85 -81.02 87.88
N ASN AA 5 41.96 -80.29 88.99
CA ASN AA 5 42.79 -79.09 89.04
C ASN AA 5 44.26 -79.44 89.11
N ALA AA 6 45.10 -78.42 88.95
CA ALA AA 6 46.54 -78.55 89.05
C ALA AA 6 47.14 -77.26 89.58
N SER AA 7 48.31 -77.38 90.20
CA SER AA 7 49.05 -76.23 90.69
C SER AA 7 50.52 -76.39 90.32
N TYR AA 8 51.18 -75.27 90.04
CA TYR AA 8 52.54 -75.26 89.54
C TYR AA 8 53.45 -74.53 90.52
N GLN AA 9 54.75 -74.65 90.28
CA GLN AA 9 55.76 -74.10 91.19
C GLN AA 9 56.95 -73.61 90.38
N ARG AA 10 57.49 -72.46 90.77
CA ARG AA 10 58.61 -71.85 90.08
C ARG AA 10 59.59 -71.29 91.11
N ASP AA 11 60.87 -71.25 90.75
CA ASP AA 11 61.93 -70.84 91.66
C ASP AA 11 62.53 -69.52 91.20
N MET AA 12 62.71 -68.60 92.15
CA MET AA 12 63.34 -67.33 91.88
C MET AA 12 64.83 -67.52 91.60
N ALA AA 13 65.39 -66.60 90.81
CA ALA AA 13 66.81 -66.61 90.57
C ALA AA 13 67.58 -66.17 91.81
N ILE AA 14 68.88 -66.46 91.82
CA ILE AA 14 69.68 -66.20 93.01
C ILE AA 14 70.14 -64.74 93.05
N ALA AA 15 70.92 -64.31 92.06
CA ALA AA 15 71.54 -63.00 92.11
C ALA AA 15 71.65 -62.41 90.71
N LEU AA 16 72.20 -61.21 90.64
CA LEU AA 16 72.30 -60.40 89.44
C LEU AA 16 73.69 -59.79 89.38
N PRO AA 17 74.14 -59.35 88.21
CA PRO AA 17 75.48 -58.79 88.10
C PRO AA 17 75.67 -57.58 89.00
N GLY AA 18 76.85 -57.47 89.60
CA GLY AA 18 77.16 -56.35 90.47
C GLY AA 18 76.28 -56.25 91.69
N MET AA 19 75.95 -57.37 92.31
CA MET AA 19 75.05 -57.42 93.46
C MET AA 19 75.83 -57.85 94.70
N VAL AA 20 75.62 -57.13 95.80
CA VAL AA 20 76.26 -57.51 97.07
C VAL AA 20 75.71 -58.85 97.51
N ALA AA 21 76.61 -59.81 97.72
CA ALA AA 21 76.18 -61.19 97.96
C ALA AA 21 75.48 -61.33 99.30
N ASP AA 22 76.09 -60.81 100.37
CA ASP AA 22 75.54 -60.99 101.72
C ASP AA 22 75.98 -59.82 102.59
N THR AA 23 75.55 -59.85 103.85
CA THR AA 23 75.71 -58.74 104.76
C THR AA 23 76.93 -58.88 105.66
N SER AA 24 78.01 -59.49 105.16
CA SER AA 24 79.25 -59.57 105.92
C SER AA 24 79.89 -58.19 106.00
N LYS AA 25 81.09 -58.14 106.57
CA LYS AA 25 81.84 -56.89 106.65
C LYS AA 25 82.20 -56.44 105.24
N TYR AA 26 81.81 -55.23 104.89
CA TYR AA 26 82.08 -54.68 103.56
C TYR AA 26 82.45 -53.21 103.66
N ASN AA 27 82.81 -52.63 102.51
CA ASN AA 27 83.19 -51.24 102.44
C ASN AA 27 83.01 -50.75 101.01
N ILE AA 28 82.38 -49.58 100.86
CA ILE AA 28 82.10 -49.00 99.55
C ILE AA 28 82.64 -47.58 99.53
N ASP AA 29 83.23 -47.18 98.41
CA ASP AA 29 83.76 -45.84 98.22
C ASP AA 29 82.87 -45.12 97.22
N GLY AA 30 82.39 -43.94 97.61
CA GLY AA 30 81.54 -43.12 96.76
C GLY AA 30 82.10 -41.76 96.42
N ALA AA 31 83.37 -41.50 96.70
CA ALA AA 31 84.03 -40.24 96.33
C ALA AA 31 84.83 -40.40 95.04
N CYS AA 32 84.52 -41.41 94.24
CA CYS AA 32 85.20 -41.70 93.01
C CYS AA 32 84.34 -41.28 91.82
N VAL AA 33 85.00 -40.85 90.75
CA VAL AA 33 84.31 -40.35 89.57
C VAL AA 33 84.82 -41.07 88.33
N VAL AA 34 83.89 -41.38 87.42
CA VAL AA 34 84.23 -42.05 86.18
C VAL AA 34 84.99 -41.09 85.27
N ASN AA 35 85.94 -41.63 84.51
CA ASN AA 35 86.78 -40.83 83.63
C ASN AA 35 86.89 -41.50 82.27
N GLU AA 36 86.77 -40.71 81.20
CA GLU AA 36 86.96 -41.12 79.82
C GLU AA 36 86.33 -42.47 79.47
N GLY AA 37 85.03 -42.59 79.64
CA GLY AA 37 84.32 -43.77 79.24
C GLY AA 37 83.23 -44.11 80.22
N ASP AA 38 82.74 -45.35 80.13
CA ASP AA 38 81.69 -45.85 81.00
C ASP AA 38 82.03 -47.25 81.50
N VAL AA 39 81.44 -47.62 82.63
CA VAL AA 39 81.75 -48.87 83.31
C VAL AA 39 80.49 -49.72 83.39
N LEU AA 40 80.61 -50.97 82.96
CA LEU AA 40 79.54 -51.93 83.15
C LEU AA 40 79.41 -52.29 84.62
N VAL AA 41 78.18 -52.40 85.11
CA VAL AA 41 77.95 -52.78 86.50
C VAL AA 41 78.36 -54.23 86.67
N GLY AA 42 79.21 -54.49 87.66
CA GLY AA 42 79.74 -55.82 87.91
C GLY AA 42 81.10 -56.10 87.32
N ALA AA 43 81.81 -55.09 86.84
CA ALA AA 43 83.13 -55.26 86.25
C ALA AA 43 84.16 -54.43 87.02
N ALA AA 44 85.40 -54.92 87.00
CA ALA AA 44 86.48 -54.29 87.76
C ALA AA 44 86.84 -52.93 87.16
N VAL AA 45 87.31 -52.03 88.03
CA VAL AA 45 87.75 -50.70 87.64
C VAL AA 45 89.17 -50.50 88.11
N GLN AA 46 89.76 -49.37 87.71
CA GLN AA 46 91.11 -49.01 88.13
C GLN AA 46 91.21 -47.52 88.33
N VAL AA 47 92.16 -47.11 89.16
CA VAL AA 47 92.39 -45.70 89.49
C VAL AA 47 93.53 -45.18 88.62
N VAL AA 48 93.29 -44.06 87.96
CA VAL AA 48 94.30 -43.48 87.07
C VAL AA 48 94.99 -42.31 87.76
N GLN AA 49 94.25 -41.57 88.58
CA GLN AA 49 94.83 -40.41 89.27
C GLN AA 49 93.97 -40.07 90.46
N ALA AA 50 94.61 -39.74 91.59
CA ALA AA 50 93.93 -39.33 92.81
C ALA AA 50 94.28 -37.86 93.07
N GLN AA 51 93.27 -37.02 93.22
CA GLN AA 51 93.50 -35.61 93.44
C GLN AA 51 94.12 -35.38 94.81
N ALA AA 52 95.13 -34.52 94.87
CA ALA AA 52 95.91 -34.34 96.08
C ALA AA 52 95.13 -33.59 97.16
N VAL AA 53 94.45 -32.51 96.78
CA VAL AA 53 93.82 -31.62 97.76
C VAL AA 53 92.31 -31.65 97.62
N ASP AA 54 91.81 -31.94 96.41
CA ASP AA 54 90.37 -31.94 96.18
C ASP AA 54 89.72 -33.18 96.81
N GLY AA 55 90.36 -34.35 96.67
CA GLY AA 55 89.93 -35.54 97.36
C GLY AA 55 89.32 -36.62 96.49
N HIS AA 56 88.84 -36.29 95.30
CA HIS AA 56 88.20 -37.29 94.45
C HIS AA 56 89.25 -38.15 93.74
N LYS AA 57 88.83 -39.35 93.35
CA LYS AA 57 89.68 -40.29 92.65
C LYS AA 57 89.08 -40.63 91.28
N LEU AA 58 89.93 -40.65 90.27
CA LEU AA 58 89.53 -40.90 88.89
C LEU AA 58 89.60 -42.39 88.60
N VAL AA 59 88.46 -42.98 88.22
CA VAL AA 59 88.41 -44.41 87.94
C VAL AA 59 87.93 -44.63 86.51
N LYS AA 60 88.38 -45.74 85.93
CA LYS AA 60 87.99 -46.09 84.57
C LYS AA 60 88.07 -47.60 84.40
N ALA AA 61 87.51 -48.08 83.30
CA ALA AA 61 87.45 -49.52 83.04
C ALA AA 61 88.85 -50.10 82.94
N LEU AA 62 88.99 -51.34 83.41
CA LEU AA 62 90.29 -51.98 83.50
C LEU AA 62 90.90 -52.19 82.12
N THR AA 63 92.22 -52.05 82.04
CA THR AA 63 92.95 -52.21 80.79
C THR AA 63 94.18 -53.08 81.04
N THR AA 64 94.81 -53.58 79.97
CA THR AA 64 95.94 -54.47 80.12
C THR AA 64 97.11 -53.79 80.82
N GLY AA 65 97.83 -54.57 81.61
CA GLY AA 65 98.98 -54.05 82.34
C GLY AA 65 98.64 -53.05 83.42
N THR AA 66 97.57 -53.31 84.18
CA THR AA 66 97.13 -52.43 85.25
C THR AA 66 96.73 -53.27 86.46
N THR AA 67 96.34 -52.58 87.54
CA THR AA 67 95.96 -53.25 88.77
C THR AA 67 94.54 -52.86 89.14
N PRO AA 68 93.63 -53.82 89.31
CA PRO AA 68 92.25 -53.48 89.69
C PRO AA 68 92.17 -52.93 91.11
N TYR AA 69 91.14 -52.13 91.34
CA TYR AA 69 90.90 -51.52 92.64
C TYR AA 69 89.57 -51.88 93.27
N GLY AA 70 88.53 -52.08 92.49
CA GLY AA 70 87.23 -52.42 93.04
C GLY AA 70 86.27 -52.89 91.97
N VAL AA 71 85.04 -53.15 92.40
CA VAL AA 71 83.99 -53.64 91.51
C VAL AA 71 82.76 -52.76 91.69
N ALA AA 72 82.26 -52.21 90.60
CA ALA AA 72 81.05 -51.38 90.64
C ALA AA 72 79.84 -52.23 90.99
N ILE AA 73 78.94 -51.65 91.81
CA ILE AA 73 77.80 -52.38 92.32
C ILE AA 73 76.51 -51.70 91.89
N ARG AA 74 75.40 -52.38 92.13
CA ARG AA 74 74.11 -51.92 91.64
C ARG AA 74 73.57 -50.75 92.45
N SER AA 75 72.83 -49.87 91.76
CA SER AA 75 72.10 -48.78 92.40
C SER AA 75 71.02 -48.33 91.42
N HIS AA 76 69.80 -48.13 91.93
CA HIS AA 76 68.69 -47.75 91.07
C HIS AA 76 68.58 -46.25 90.88
N TRP AA 77 69.46 -45.47 91.51
CA TRP AA 77 69.40 -44.02 91.45
C TRP AA 77 70.59 -43.39 90.74
N GLN AA 78 71.79 -43.94 90.92
CA GLN AA 78 73.02 -43.35 90.41
C GLN AA 78 73.51 -44.06 89.15
N THR AA 79 72.61 -44.67 88.39
CA THR AA 79 72.96 -45.43 87.21
C THR AA 79 72.03 -45.09 86.07
N VAL AA 80 72.45 -45.41 84.84
CA VAL AA 80 71.66 -45.14 83.65
C VAL AA 80 71.49 -46.43 82.86
N ASN AA 81 70.40 -46.51 82.09
CA ASN AA 81 70.06 -47.71 81.34
C ASN AA 81 70.52 -47.53 79.90
N ALA AA 82 71.50 -48.34 79.49
CA ALA AA 82 72.06 -48.26 78.16
C ALA AA 82 72.40 -49.65 77.66
N GLN AA 83 72.23 -49.85 76.35
CA GLN AA 83 72.34 -51.16 75.69
C GLN AA 83 71.74 -52.29 76.54
N ASN AA 84 70.52 -52.05 77.02
CA ASN AA 84 69.72 -53.02 77.78
C ASN AA 84 70.40 -53.45 79.07
N GLN AA 85 71.36 -52.69 79.55
CA GLN AA 85 72.06 -52.97 80.81
C GLN AA 85 72.10 -51.69 81.65
N MET AA 86 72.68 -51.81 82.83
CA MET AA 86 72.81 -50.72 83.78
C MET AA 86 74.28 -50.33 83.86
N ILE AA 87 74.58 -49.06 83.62
CA ILE AA 87 75.97 -48.60 83.56
C ILE AA 87 76.10 -47.28 84.32
N TYR AA 88 77.35 -46.88 84.54
CA TYR AA 88 77.71 -45.58 85.07
C TYR AA 88 78.31 -44.75 83.94
N GLU AA 89 77.73 -43.58 83.68
CA GLU AA 89 78.15 -42.75 82.58
C GLU AA 89 79.37 -41.92 82.96
N ASP AA 90 79.95 -41.25 81.97
CA ASP AA 90 81.15 -40.45 82.20
C ASP AA 90 80.83 -39.21 83.02
N GLY AA 91 81.80 -38.78 83.82
CA GLY AA 91 81.65 -37.56 84.61
C GLY AA 91 80.57 -37.63 85.65
N GLY AA 92 80.52 -38.70 86.43
CA GLY AA 92 79.53 -38.83 87.48
C GLY AA 92 80.05 -39.68 88.62
N ALA AA 93 79.38 -39.54 89.76
CA ALA AA 93 79.76 -40.31 90.94
C ALA AA 93 79.51 -41.79 90.71
N ILE AA 94 80.33 -42.64 91.32
CA ILE AA 94 80.27 -44.08 91.13
C ILE AA 94 80.44 -44.76 92.49
N ASN AA 95 79.84 -45.95 92.63
CA ASN AA 95 80.01 -46.77 93.82
C ASN AA 95 81.05 -47.84 93.50
N VAL AA 96 82.12 -47.89 94.27
CA VAL AA 96 83.17 -48.89 94.08
C VAL AA 96 83.34 -49.67 95.38
N MET AA 97 83.01 -50.95 95.36
CA MET AA 97 83.11 -51.80 96.53
C MET AA 97 84.54 -52.30 96.66
N THR AA 98 85.18 -51.98 97.79
CA THR AA 98 86.60 -52.28 97.96
C THR AA 98 86.86 -53.47 98.87
N SER AA 99 85.84 -54.06 99.49
CA SER AA 99 86.04 -55.20 100.36
C SER AA 99 84.69 -55.85 100.62
N GLY AA 100 84.65 -57.19 100.57
CA GLY AA 100 83.43 -57.92 100.86
C GLY AA 100 83.09 -58.87 99.74
N ARG AA 101 81.89 -59.46 99.84
CA ARG AA 101 81.45 -60.47 98.88
C ARG AA 101 80.53 -59.84 97.85
N VAL AA 102 80.75 -60.14 96.58
CA VAL AA 102 79.97 -59.52 95.51
C VAL AA 102 79.87 -60.48 94.33
N TRP AA 103 78.77 -60.37 93.59
CA TRP AA 103 78.56 -61.13 92.37
C TRP AA 103 79.09 -60.35 91.18
N MET AA 104 79.84 -61.02 90.31
CA MET AA 104 80.38 -60.35 89.13
C MET AA 104 80.33 -61.28 87.92
N LEU AA 105 80.39 -60.67 86.75
CA LEU AA 105 80.28 -61.39 85.49
C LEU AA 105 81.49 -62.30 85.29
N SER AA 106 81.28 -63.37 84.53
CA SER AA 106 82.33 -64.35 84.30
C SER AA 106 82.39 -64.72 82.83
N LYS AA 107 83.58 -65.14 82.40
CA LYS AA 107 83.79 -65.67 81.05
C LYS AA 107 84.23 -67.13 81.07
N SER AA 108 84.18 -67.79 82.23
CA SER AA 108 84.63 -69.16 82.35
C SER AA 108 83.52 -70.13 81.94
N THR AA 109 83.81 -71.42 82.10
CA THR AA 109 82.87 -72.48 81.74
C THR AA 109 82.68 -73.54 82.81
N GLU AA 110 83.58 -73.63 83.79
CA GLU AA 110 83.51 -74.65 84.83
C GLU AA 110 83.60 -73.99 86.21
N ALA AA 111 83.07 -74.69 87.20
CA ALA AA 111 83.05 -74.14 88.55
C ALA AA 111 84.48 -74.00 89.09
N PRO AA 112 84.78 -72.93 89.81
CA PRO AA 112 86.11 -72.74 90.37
C PRO AA 112 86.23 -73.39 91.75
N THR AA 113 87.48 -73.56 92.18
CA THR AA 113 87.78 -74.16 93.47
C THR AA 113 87.65 -73.11 94.56
N PHE AA 114 87.07 -73.51 95.70
CA PHE AA 114 86.85 -72.58 96.80
C PHE AA 114 88.18 -72.10 97.37
N GLY AA 115 88.31 -70.78 97.53
CA GLY AA 115 89.44 -70.18 98.20
C GLY AA 115 90.64 -69.88 97.33
N SER AA 116 90.62 -70.24 96.05
CA SER AA 116 91.76 -70.02 95.19
C SER AA 116 91.82 -68.56 94.76
N ALA AA 117 92.89 -68.22 94.04
CA ALA AA 117 93.07 -66.87 93.53
C ALA AA 117 92.11 -66.60 92.37
N VAL AA 118 91.83 -65.32 92.15
CA VAL AA 118 90.92 -64.90 91.09
C VAL AA 118 91.72 -64.50 89.86
N LYS AA 119 91.35 -65.06 88.72
CA LYS AA 119 91.95 -64.73 87.43
C LYS AA 119 91.07 -63.71 86.72
N LEU AA 120 91.69 -62.70 86.13
CA LEU AA 120 90.95 -61.62 85.48
C LEU AA 120 91.25 -61.58 84.00
N ASP AA 121 90.28 -61.09 83.23
CA ASP AA 121 90.45 -60.88 81.80
C ASP AA 121 90.88 -59.42 81.53
N VAL AA 122 91.25 -59.16 80.28
CA VAL AA 122 91.79 -57.84 79.94
C VAL AA 122 90.73 -56.76 80.05
N ASP AA 123 89.47 -57.10 79.84
CA ASP AA 123 88.40 -56.11 79.82
C ASP AA 123 87.73 -55.91 81.17
N GLY AA 124 88.20 -56.57 82.22
CA GLY AA 124 87.67 -56.36 83.55
C GLY AA 124 86.62 -57.37 84.01
N GLN AA 125 86.53 -58.52 83.36
CA GLN AA 125 85.58 -59.55 83.75
C GLN AA 125 86.33 -60.81 84.15
N GLU AA 126 85.73 -61.59 85.04
CA GLU AA 126 86.38 -62.80 85.54
C GLU AA 126 86.46 -63.85 84.43
N LYS AA 127 87.61 -64.52 84.38
CA LYS AA 127 87.82 -65.60 83.42
C LYS AA 127 89.05 -66.38 83.85
N SER AA 128 88.95 -67.71 83.85
CA SER AA 128 90.10 -68.53 84.16
C SER AA 128 91.21 -68.33 83.13
N ASP AA 129 92.39 -68.86 83.44
CA ASP AA 129 93.62 -68.77 82.64
C ASP AA 129 93.83 -67.39 82.04
N GLY AA 130 93.47 -66.34 82.77
CA GLY AA 130 93.69 -64.98 82.33
C GLY AA 130 95.09 -64.50 82.62
N THR AA 131 95.33 -63.23 82.32
CA THR AA 131 96.67 -62.67 82.45
C THR AA 131 96.82 -61.73 83.65
N ILE AA 132 95.79 -60.94 83.94
CA ILE AA 132 95.88 -59.94 85.01
C ILE AA 132 95.84 -60.65 86.36
N GLU AA 133 96.73 -60.25 87.26
CA GLU AA 133 96.91 -60.90 88.55
C GLU AA 133 96.13 -60.16 89.63
N THR AA 134 95.49 -60.92 90.50
CA THR AA 134 94.62 -60.37 91.53
C THR AA 134 94.91 -61.08 92.85
N THR AA 135 94.43 -60.50 93.96
CA THR AA 135 94.59 -61.09 95.29
C THR AA 135 93.25 -61.43 95.92
N TRP AA 136 92.16 -61.34 95.17
CA TRP AA 136 90.83 -61.69 95.64
C TRP AA 136 90.66 -63.21 95.65
N THR AA 137 89.56 -63.68 96.24
CA THR AA 137 89.31 -65.11 96.31
C THR AA 137 87.91 -65.44 95.82
N TYR AA 138 87.67 -66.72 95.56
CA TYR AA 138 86.33 -67.19 95.24
C TYR AA 138 85.57 -67.54 96.51
N ALA AA 139 84.30 -67.12 96.58
CA ALA AA 139 83.48 -67.35 97.76
C ALA AA 139 82.51 -68.51 97.59
N GLY AA 140 82.68 -69.32 96.55
CA GLY AA 140 81.84 -70.49 96.38
C GLY AA 140 80.45 -70.17 95.88
N GLY AA 141 80.36 -69.48 94.75
CA GLY AA 141 79.09 -69.17 94.13
C GLY AA 141 79.18 -69.28 92.63
N TRP AA 142 78.31 -70.10 92.03
CA TRP AA 142 78.39 -70.38 90.61
C TRP AA 142 76.97 -70.63 90.10
N THR AA 143 76.33 -69.58 89.59
CA THR AA 143 74.98 -69.69 89.06
C THR AA 143 74.87 -68.82 87.80
N LYS AA 144 73.84 -69.10 87.02
CA LYS AA 144 73.61 -68.40 85.77
C LYS AA 144 72.20 -67.84 85.75
N TYR AA 145 72.08 -66.55 85.41
CA TYR AA 145 70.79 -65.88 85.31
C TYR AA 145 70.48 -65.67 83.83
N LYS AA 146 69.70 -66.59 83.26
CA LYS AA 146 69.23 -66.49 81.88
C LYS AA 146 70.36 -66.19 80.91
N ASP AA 147 71.30 -67.12 80.78
CA ASP AA 147 72.43 -67.10 79.85
C ASP AA 147 73.50 -66.08 80.24
N ILE AA 148 73.49 -65.56 81.45
CA ILE AA 148 74.55 -64.67 81.95
C ILE AA 148 75.24 -65.38 83.11
N GLN AA 149 76.55 -65.55 83.00
CA GLN AA 149 77.31 -66.33 83.97
C GLN AA 149 77.87 -65.43 85.06
N LEU AA 150 77.58 -65.77 86.31
CA LEU AA 150 77.96 -64.98 87.46
C LEU AA 150 78.86 -65.81 88.38
N VAL AA 151 79.62 -65.11 89.22
CA VAL AA 151 80.51 -65.75 90.17
C VAL AA 151 80.60 -64.88 91.42
N GLU AA 152 80.77 -65.52 92.57
CA GLU AA 152 80.84 -64.85 93.86
C GLU AA 152 82.30 -64.66 94.26
N VAL AA 153 82.70 -63.41 94.47
CA VAL AA 153 84.09 -63.07 94.73
C VAL AA 153 84.20 -62.35 96.07
N GLN AA 154 85.21 -62.73 96.85
CA GLN AA 154 85.58 -62.06 98.08
C GLN AA 154 86.73 -61.10 97.81
N LEU AA 155 86.51 -59.83 98.16
CA LEU AA 155 87.37 -58.71 97.81
C LEU AA 155 88.11 -58.23 99.06
N HIS AA 156 89.43 -58.11 98.94
CA HIS AA 156 90.28 -57.57 99.99
C HIS AA 156 90.71 -56.15 99.62
N GLN AA 157 90.74 -55.26 100.61
CA GLN AA 157 91.12 -53.88 100.37
C GLN AA 157 92.59 -53.80 99.99
N LEU AA 158 92.90 -52.94 99.03
CA LEU AA 158 94.27 -52.72 98.60
C LEU AA 158 95.06 -51.97 99.67
N GLN BA 3 90.88 -62.48 169.92
CA GLN BA 3 90.74 -63.03 168.58
C GLN BA 3 90.82 -61.93 167.52
N ILE BA 4 91.16 -62.31 166.29
CA ILE BA 4 91.35 -61.38 165.20
C ILE BA 4 90.41 -61.77 164.06
N ASN BA 5 89.67 -60.79 163.55
CA ASN BA 5 88.80 -61.02 162.41
C ASN BA 5 89.62 -61.23 161.14
N ALA BA 6 89.00 -61.85 160.14
CA ALA BA 6 89.66 -62.16 158.89
C ALA BA 6 88.71 -61.92 157.72
N SER BA 7 89.29 -61.68 156.55
CA SER BA 7 88.54 -61.51 155.32
C SER BA 7 89.32 -62.15 154.18
N TYR BA 8 88.61 -62.64 153.17
CA TYR BA 8 89.23 -63.35 152.07
C TYR BA 8 88.84 -62.73 150.74
N GLN BA 9 89.67 -62.96 149.74
CA GLN BA 9 89.48 -62.37 148.41
C GLN BA 9 89.91 -63.37 147.35
N ARG BA 10 89.07 -63.57 146.34
CA ARG BA 10 89.36 -64.49 145.25
C ARG BA 10 89.08 -63.81 143.92
N ASP BA 11 89.90 -64.13 142.93
CA ASP BA 11 89.82 -63.54 141.60
C ASP BA 11 89.27 -64.55 140.60
N MET BA 12 88.40 -64.08 139.71
CA MET BA 12 87.83 -64.93 138.69
C MET BA 12 88.87 -65.29 137.64
N ALA BA 13 88.58 -66.34 136.88
CA ALA BA 13 89.40 -66.68 135.73
C ALA BA 13 89.19 -65.64 134.62
N ILE BA 14 90.13 -65.60 133.69
CA ILE BA 14 90.13 -64.57 132.66
C ILE BA 14 89.18 -64.91 131.51
N ALA BA 15 89.21 -66.13 131.01
CA ALA BA 15 88.41 -66.48 129.85
C ALA BA 15 88.12 -67.97 129.82
N LEU BA 16 87.13 -68.34 129.03
CA LEU BA 16 86.70 -69.72 128.80
C LEU BA 16 87.04 -70.11 127.38
N PRO BA 17 87.18 -71.41 127.12
CA PRO BA 17 87.51 -71.86 125.75
C PRO BA 17 86.47 -71.40 124.74
N GLY BA 18 86.95 -70.97 123.57
CA GLY BA 18 86.08 -70.57 122.49
C GLY BA 18 85.42 -69.22 122.66
N MET BA 19 85.76 -68.48 123.70
CA MET BA 19 85.13 -67.19 123.97
C MET BA 19 85.80 -66.09 123.16
N VAL BA 20 84.99 -65.14 122.70
CA VAL BA 20 85.50 -63.99 121.96
C VAL BA 20 86.16 -63.03 122.95
N ALA BA 21 87.40 -62.64 122.64
CA ALA BA 21 88.17 -61.84 123.60
C ALA BA 21 87.80 -60.37 123.56
N ASP BA 22 88.01 -59.72 122.42
CA ASP BA 22 87.77 -58.29 122.29
C ASP BA 22 86.70 -58.03 121.24
N THR BA 23 85.89 -57.02 121.49
CA THR BA 23 84.83 -56.63 120.56
C THR BA 23 85.35 -55.57 119.61
N SER BA 24 86.14 -56.02 118.64
CA SER BA 24 86.85 -55.13 117.72
C SER BA 24 86.82 -55.73 116.31
N LYS BA 25 85.82 -55.33 115.52
CA LYS BA 25 85.79 -55.59 114.09
C LYS BA 25 85.89 -57.08 113.78
N TYR BA 26 84.88 -57.82 114.20
CA TYR BA 26 84.83 -59.26 114.03
C TYR BA 26 83.82 -59.65 112.96
N ASN BA 27 83.98 -60.86 112.43
CA ASN BA 27 83.07 -61.41 111.44
C ASN BA 27 82.75 -62.85 111.78
N ILE BA 28 81.47 -63.19 111.74
CA ILE BA 28 80.99 -64.52 112.12
C ILE BA 28 80.15 -65.06 110.97
N ASP BA 29 80.47 -66.27 110.52
CA ASP BA 29 79.70 -66.98 109.50
C ASP BA 29 78.77 -67.95 110.21
N GLY BA 30 77.48 -67.83 109.92
CA GLY BA 30 76.46 -68.69 110.46
C GLY BA 30 75.76 -69.58 109.46
N ALA BA 31 76.16 -69.53 108.19
CA ALA BA 31 75.57 -70.35 107.14
C ALA BA 31 76.34 -71.64 106.92
N CYS BA 32 77.08 -72.08 107.94
CA CYS BA 32 77.87 -73.29 107.87
C CYS BA 32 77.12 -74.44 108.53
N VAL BA 33 77.39 -75.65 108.06
CA VAL BA 33 76.75 -76.85 108.60
C VAL BA 33 77.82 -77.90 108.85
N VAL BA 34 77.73 -78.55 110.01
CA VAL BA 34 78.69 -79.58 110.39
C VAL BA 34 78.36 -80.88 109.67
N ASN BA 35 79.36 -81.48 109.05
CA ASN BA 35 79.19 -82.69 108.26
C ASN BA 35 80.23 -83.71 108.67
N GLU BA 36 79.79 -84.94 108.95
CA GLU BA 36 80.68 -86.08 109.21
C GLU BA 36 81.58 -85.80 110.42
N GLY BA 37 80.94 -85.75 111.58
CA GLY BA 37 81.66 -85.79 112.83
C GLY BA 37 81.13 -84.77 113.80
N ASP BA 38 81.96 -84.46 114.80
CA ASP BA 38 81.64 -83.48 115.83
C ASP BA 38 82.75 -82.44 115.89
N VAL BA 39 82.39 -81.22 116.26
CA VAL BA 39 83.32 -80.10 116.31
C VAL BA 39 83.45 -79.64 117.76
N LEU BA 40 84.68 -79.47 118.21
CA LEU BA 40 84.93 -79.03 119.58
C LEU BA 40 84.89 -77.51 119.62
N VAL BA 41 84.27 -76.96 120.67
CA VAL BA 41 84.27 -75.52 120.85
C VAL BA 41 85.66 -75.06 121.21
N GLY BA 42 86.20 -74.12 120.43
CA GLY BA 42 87.56 -73.65 120.64
C GLY BA 42 88.61 -74.37 119.83
N ALA BA 43 88.25 -74.90 118.65
CA ALA BA 43 89.20 -75.60 117.80
C ALA BA 43 88.96 -75.21 116.35
N ALA BA 44 90.00 -75.35 115.54
CA ALA BA 44 89.92 -74.98 114.13
C ALA BA 44 89.02 -75.94 113.37
N VAL BA 45 88.53 -75.49 112.22
CA VAL BA 45 87.66 -76.28 111.35
C VAL BA 45 88.16 -76.15 109.92
N GLN BA 46 87.69 -77.07 109.08
CA GLN BA 46 88.03 -77.07 107.67
C GLN BA 46 86.76 -77.12 106.85
N VAL BA 47 86.84 -76.57 105.63
CA VAL BA 47 85.72 -76.50 104.71
C VAL BA 47 85.90 -77.56 103.63
N VAL BA 48 84.92 -78.45 103.51
CA VAL BA 48 85.00 -79.55 102.57
C VAL BA 48 84.45 -79.18 101.21
N GLN BA 49 83.27 -78.57 101.17
CA GLN BA 49 82.61 -78.25 99.91
C GLN BA 49 81.69 -77.07 100.13
N ALA BA 50 81.69 -76.13 99.19
CA ALA BA 50 80.81 -74.97 99.21
C ALA BA 50 79.75 -75.15 98.13
N GLN BA 51 78.49 -75.16 98.52
CA GLN BA 51 77.41 -75.40 97.56
C GLN BA 51 77.29 -74.24 96.58
N ALA BA 52 77.03 -74.57 95.33
CA ALA BA 52 77.00 -73.56 94.26
C ALA BA 52 75.72 -72.73 94.29
N VAL BA 53 74.58 -73.33 94.60
CA VAL BA 53 73.29 -72.67 94.54
C VAL BA 53 72.72 -72.42 95.93
N ASP BA 54 72.73 -73.45 96.79
CA ASP BA 54 72.13 -73.31 98.12
C ASP BA 54 72.87 -72.28 98.96
N GLY BA 55 74.20 -72.36 99.00
CA GLY BA 55 75.01 -71.41 99.73
C GLY BA 55 75.64 -71.96 100.99
N HIS BA 56 75.07 -73.01 101.57
CA HIS BA 56 75.61 -73.56 102.80
C HIS BA 56 77.00 -74.16 102.57
N LYS BA 57 77.85 -74.07 103.58
CA LYS BA 57 79.21 -74.57 103.53
C LYS BA 57 79.36 -75.73 104.50
N LEU BA 58 79.86 -76.85 103.98
CA LEU BA 58 80.09 -78.05 104.79
C LEU BA 58 81.42 -77.89 105.51
N VAL BA 59 81.39 -77.98 106.84
CA VAL BA 59 82.61 -77.87 107.63
C VAL BA 59 82.75 -79.11 108.49
N LYS BA 60 83.99 -79.38 108.91
CA LYS BA 60 84.24 -80.48 109.83
C LYS BA 60 85.54 -80.18 110.59
N ALA BA 61 85.94 -81.14 111.42
CA ALA BA 61 87.14 -80.97 112.21
C ALA BA 61 88.38 -80.98 111.32
N LEU BA 62 89.38 -80.21 111.71
CA LEU BA 62 90.60 -80.10 110.93
C LEU BA 62 91.38 -81.40 110.95
N THR BA 63 91.94 -81.77 109.80
CA THR BA 63 92.75 -82.97 109.69
C THR BA 63 94.12 -82.63 109.09
N THR BA 64 94.92 -83.65 108.80
CA THR BA 64 96.27 -83.42 108.30
C THR BA 64 96.23 -82.88 106.88
N GLY BA 65 97.19 -82.00 106.57
CA GLY BA 65 97.36 -81.48 105.23
C GLY BA 65 96.19 -80.69 104.69
N THR BA 66 95.64 -79.77 105.49
CA THR BA 66 94.52 -78.95 105.06
C THR BA 66 94.64 -77.56 105.66
N THR BA 67 94.21 -76.56 104.88
CA THR BA 67 94.23 -75.16 105.29
C THR BA 67 93.04 -74.86 106.18
N PRO BA 68 93.25 -74.29 107.36
CA PRO BA 68 92.12 -73.98 108.25
C PRO BA 68 91.31 -72.80 107.74
N TYR BA 69 90.11 -72.66 108.30
CA TYR BA 69 89.18 -71.62 107.90
C TYR BA 69 88.72 -70.73 109.04
N GLY BA 70 88.51 -71.29 110.23
CA GLY BA 70 88.02 -70.50 111.34
C GLY BA 70 88.00 -71.33 112.62
N VAL BA 71 87.38 -70.74 113.64
CA VAL BA 71 87.28 -71.36 114.96
C VAL BA 71 85.83 -71.29 115.42
N ALA BA 72 85.31 -72.41 115.92
CA ALA BA 72 83.97 -72.41 116.49
C ALA BA 72 83.97 -71.69 117.83
N ILE BA 73 82.90 -70.94 118.09
CA ILE BA 73 82.79 -70.12 119.29
C ILE BA 73 81.62 -70.59 120.14
N ARG BA 74 81.48 -69.97 121.31
CA ARG BA 74 80.49 -70.40 122.29
C ARG BA 74 79.09 -69.90 121.94
N SER BA 75 78.10 -70.66 122.39
CA SER BA 75 76.70 -70.27 122.31
C SER BA 75 75.90 -71.21 123.20
N HIS BA 76 75.08 -70.65 124.08
CA HIS BA 76 74.31 -71.44 125.03
C HIS BA 76 73.06 -72.04 124.42
N TRP BA 77 72.78 -71.75 123.16
CA TRP BA 77 71.58 -72.21 122.48
C TRP BA 77 71.86 -73.22 121.38
N GLN BA 78 72.93 -73.04 120.62
CA GLN BA 78 73.20 -73.86 119.45
C GLN BA 78 74.04 -75.10 119.76
N THR BA 79 74.62 -75.20 120.95
CA THR BA 79 75.53 -76.29 121.26
C THR BA 79 74.84 -77.36 122.11
N VAL BA 80 75.53 -78.49 122.28
CA VAL BA 80 75.06 -79.57 123.14
C VAL BA 80 76.18 -79.92 124.12
N ASN BA 81 75.82 -80.72 125.12
CA ASN BA 81 76.74 -81.10 126.18
C ASN BA 81 77.17 -82.54 125.98
N ALA BA 82 78.48 -82.75 125.88
CA ALA BA 82 79.01 -84.11 125.71
C ALA BA 82 80.47 -84.13 126.18
N GLN BA 83 80.90 -85.29 126.67
CA GLN BA 83 82.27 -85.51 127.11
C GLN BA 83 82.70 -84.47 128.14
N ASN BA 84 81.79 -84.12 129.05
CA ASN BA 84 82.03 -83.12 130.09
C ASN BA 84 82.44 -81.77 129.50
N GLN BA 85 81.87 -81.40 128.36
CA GLN BA 85 82.28 -80.18 127.67
C GLN BA 85 81.17 -79.78 126.70
N MET BA 86 81.32 -78.60 126.09
CA MET BA 86 80.36 -78.04 125.15
C MET BA 86 80.84 -78.32 123.72
N ILE BA 87 80.01 -79.00 122.93
CA ILE BA 87 80.38 -79.39 121.58
C ILE BA 87 79.25 -79.04 120.60
N TYR BA 88 79.59 -79.14 119.32
CA TYR BA 88 78.64 -79.01 118.22
C TYR BA 88 78.40 -80.38 117.61
N GLU BA 89 77.14 -80.76 117.45
CA GLU BA 89 76.83 -82.09 116.95
C GLU BA 89 76.83 -82.12 115.42
N ASP BA 90 76.73 -83.33 114.88
CA ASP BA 90 76.67 -83.52 113.45
C ASP BA 90 75.29 -83.11 112.92
N GLY BA 91 75.28 -82.60 111.69
CA GLY BA 91 74.04 -82.20 111.05
C GLY BA 91 73.35 -81.02 111.70
N GLY BA 92 74.10 -79.97 112.04
CA GLY BA 92 73.53 -78.78 112.63
C GLY BA 92 74.35 -77.56 112.28
N ALA BA 93 73.73 -76.39 112.48
CA ALA BA 93 74.39 -75.13 112.18
C ALA BA 93 75.50 -74.86 113.19
N ILE BA 94 76.48 -74.07 112.77
CA ILE BA 94 77.64 -73.76 113.60
C ILE BA 94 78.05 -72.31 113.35
N ASN BA 95 78.54 -71.65 114.39
CA ASN BA 95 79.08 -70.29 114.28
C ASN BA 95 80.59 -70.38 114.11
N VAL BA 96 81.08 -69.88 112.98
CA VAL BA 96 82.51 -69.92 112.69
C VAL BA 96 83.04 -68.50 112.65
N MET BA 97 84.01 -68.20 113.52
CA MET BA 97 84.62 -66.88 113.58
C MET BA 97 85.67 -66.79 112.49
N THR BA 98 85.49 -65.86 111.56
CA THR BA 98 86.34 -65.79 110.38
C THR BA 98 87.49 -64.80 110.54
N SER BA 99 87.28 -63.70 111.25
CA SER BA 99 88.32 -62.70 111.46
C SER BA 99 88.01 -61.93 112.73
N GLY BA 100 88.98 -61.84 113.64
CA GLY BA 100 88.76 -61.21 114.91
C GLY BA 100 89.75 -61.65 115.98
N ARG BA 101 89.34 -61.63 117.25
CA ARG BA 101 90.20 -62.10 118.33
C ARG BA 101 89.43 -63.13 119.14
N VAL BA 102 90.03 -64.30 119.37
CA VAL BA 102 89.32 -65.39 120.04
C VAL BA 102 90.29 -66.19 120.90
N TRP BA 103 89.80 -66.66 122.04
CA TRP BA 103 90.55 -67.59 122.88
C TRP BA 103 90.41 -69.01 122.33
N MET BA 104 91.53 -69.73 122.29
CA MET BA 104 91.57 -71.04 121.66
C MET BA 104 92.46 -71.97 122.47
N LEU BA 105 92.12 -73.26 122.44
CA LEU BA 105 92.89 -74.26 123.17
C LEU BA 105 94.30 -74.36 122.62
N SER BA 106 95.25 -74.66 123.51
CA SER BA 106 96.65 -74.77 123.14
C SER BA 106 97.26 -76.00 123.79
N LYS BA 107 98.32 -76.50 123.17
CA LYS BA 107 99.07 -77.63 123.69
C LYS BA 107 100.52 -77.29 123.99
N SER BA 108 100.86 -76.01 124.07
CA SER BA 108 102.21 -75.58 124.37
C SER BA 108 102.37 -75.28 125.86
N THR BA 109 103.60 -74.97 126.26
CA THR BA 109 103.91 -74.65 127.64
C THR BA 109 104.64 -73.33 127.82
N GLU BA 110 105.05 -72.67 126.75
CA GLU BA 110 105.76 -71.40 126.83
C GLU BA 110 104.93 -70.30 126.18
N ALA BA 111 105.00 -69.10 126.74
CA ALA BA 111 104.23 -67.98 126.22
C ALA BA 111 104.73 -67.62 124.81
N PRO BA 112 103.84 -67.23 123.91
CA PRO BA 112 104.25 -66.89 122.55
C PRO BA 112 104.70 -65.44 122.42
N THR BA 113 105.36 -65.16 121.30
CA THR BA 113 105.86 -63.84 120.99
C THR BA 113 104.81 -63.06 120.23
N PHE BA 114 104.55 -61.82 120.65
CA PHE BA 114 103.53 -61.00 120.04
C PHE BA 114 103.84 -60.74 118.58
N GLY BA 115 102.84 -60.93 117.72
CA GLY BA 115 102.98 -60.67 116.30
C GLY BA 115 103.45 -61.83 115.46
N SER BA 116 103.89 -62.93 116.07
CA SER BA 116 104.38 -64.06 115.31
C SER BA 116 103.24 -64.91 114.78
N ALA BA 117 103.49 -65.58 113.67
CA ALA BA 117 102.51 -66.46 113.06
C ALA BA 117 102.28 -67.70 113.92
N VAL BA 118 101.04 -68.20 113.89
CA VAL BA 118 100.63 -69.32 114.72
C VAL BA 118 100.66 -70.59 113.88
N LYS BA 119 101.00 -71.71 114.51
CA LYS BA 119 101.04 -73.02 113.86
C LYS BA 119 100.09 -73.95 114.60
N LEU BA 120 99.30 -74.71 113.85
CA LEU BA 120 98.31 -75.59 114.43
C LEU BA 120 98.80 -77.04 114.42
N ASP BA 121 98.04 -77.89 115.10
CA ASP BA 121 98.33 -79.32 115.19
C ASP BA 121 97.34 -80.11 114.35
N VAL BA 122 97.61 -81.41 114.20
CA VAL BA 122 96.75 -82.27 113.42
C VAL BA 122 95.35 -82.37 114.01
N ASP BA 123 95.24 -82.41 115.34
CA ASP BA 123 93.95 -82.44 116.00
C ASP BA 123 93.14 -81.18 115.69
N GLY BA 124 93.81 -80.04 115.53
CA GLY BA 124 93.13 -78.78 115.32
C GLY BA 124 93.33 -77.77 116.42
N GLN BA 125 94.27 -77.99 117.33
CA GLN BA 125 94.56 -77.10 118.44
C GLN BA 125 95.93 -76.46 118.24
N GLU BA 126 96.19 -75.40 118.99
CA GLU BA 126 97.44 -74.68 118.86
C GLU BA 126 98.60 -75.55 119.34
N LYS BA 127 99.76 -75.37 118.71
CA LYS BA 127 100.98 -76.03 119.13
C LYS BA 127 102.16 -75.18 118.70
N SER BA 128 103.18 -75.11 119.57
CA SER BA 128 104.35 -74.27 119.27
C SER BA 128 105.05 -74.73 118.01
N ASP BA 129 105.17 -76.04 117.81
CA ASP BA 129 105.80 -76.63 116.63
C ASP BA 129 104.83 -77.59 115.95
N GLY BA 130 103.99 -77.03 115.07
CA GLY BA 130 103.03 -77.83 114.34
C GLY BA 130 103.37 -77.95 112.87
N THR BA 131 102.71 -78.86 112.17
CA THR BA 131 102.99 -79.12 110.76
C THR BA 131 102.04 -78.40 109.82
N ILE BA 132 101.11 -77.60 110.35
CA ILE BA 132 100.14 -76.87 109.53
C ILE BA 132 100.48 -75.39 109.60
N GLU BA 133 100.76 -74.80 108.44
CA GLU BA 133 101.06 -73.37 108.35
C GLU BA 133 99.77 -72.57 108.28
N THR BA 134 99.73 -71.46 109.00
CA THR BA 134 98.54 -70.63 109.08
C THR BA 134 98.95 -69.16 109.12
N THR BA 135 98.08 -68.30 108.58
CA THR BA 135 98.37 -66.88 108.48
C THR BA 135 97.84 -66.07 109.65
N TRP BA 136 97.25 -66.72 110.65
CA TRP BA 136 96.75 -66.01 111.82
C TRP BA 136 97.93 -65.51 112.66
N THR BA 137 97.61 -64.86 113.78
CA THR BA 137 98.63 -64.21 114.59
C THR BA 137 98.31 -64.43 116.06
N TYR BA 138 99.33 -64.31 116.91
CA TYR BA 138 99.10 -64.27 118.35
C TYR BA 138 98.75 -62.84 118.77
N ALA BA 139 97.88 -62.73 119.78
CA ALA BA 139 97.47 -61.42 120.27
C ALA BA 139 98.11 -61.04 121.59
N GLY BA 140 98.76 -61.98 122.28
CA GLY BA 140 99.50 -61.70 123.49
C GLY BA 140 98.99 -62.43 124.71
N GLY BA 141 97.68 -62.67 124.80
CA GLY BA 141 97.11 -63.30 125.97
C GLY BA 141 97.61 -64.72 126.14
N TRP BA 142 97.79 -65.13 127.39
CA TRP BA 142 98.27 -66.48 127.70
C TRP BA 142 97.76 -66.84 129.10
N THR BA 143 96.65 -67.58 129.15
CA THR BA 143 95.99 -67.85 130.41
C THR BA 143 95.60 -69.31 130.52
N LYS BA 144 95.54 -69.84 131.74
CA LYS BA 144 95.16 -71.22 131.98
C LYS BA 144 93.97 -71.23 132.95
N TYR BA 145 92.96 -72.04 132.64
CA TYR BA 145 91.76 -72.15 133.45
C TYR BA 145 91.59 -73.61 133.87
N LYS BA 146 92.03 -73.92 135.09
CA LYS BA 146 91.84 -75.22 135.71
C LYS BA 146 92.32 -76.37 134.80
N ASP BA 147 93.63 -76.37 134.57
CA ASP BA 147 94.33 -77.40 133.81
C ASP BA 147 93.95 -77.40 132.34
N ILE BA 148 93.47 -76.27 131.81
CA ILE BA 148 93.21 -76.11 130.38
C ILE BA 148 93.99 -74.90 129.91
N GLN BA 149 94.79 -75.08 128.86
CA GLN BA 149 95.67 -74.03 128.38
C GLN BA 149 95.00 -73.27 127.24
N LEU BA 150 94.91 -71.96 127.37
CA LEU BA 150 94.26 -71.10 126.40
C LEU BA 150 95.24 -70.06 125.86
N VAL BA 151 94.98 -69.59 124.65
CA VAL BA 151 95.81 -68.57 124.02
C VAL BA 151 94.92 -67.71 123.13
N GLU BA 152 95.24 -66.42 123.05
CA GLU BA 152 94.43 -65.47 122.29
C GLU BA 152 95.01 -65.31 120.88
N VAL BA 153 94.20 -65.60 119.88
CA VAL BA 153 94.64 -65.58 118.50
C VAL BA 153 93.83 -64.57 117.70
N GLN BA 154 94.52 -63.86 116.81
CA GLN BA 154 93.95 -62.92 115.87
C GLN BA 154 93.77 -63.62 114.53
N LEU BA 155 92.53 -63.61 114.03
CA LEU BA 155 92.10 -64.31 112.83
C LEU BA 155 91.95 -63.33 111.69
N HIS BA 156 92.57 -63.63 110.55
CA HIS BA 156 92.46 -62.82 109.35
C HIS BA 156 91.55 -63.50 108.33
N GLN BA 157 90.82 -62.69 107.58
CA GLN BA 157 89.90 -63.23 106.57
C GLN BA 157 90.67 -63.94 105.47
N LEU BA 158 90.14 -65.09 105.05
CA LEU BA 158 90.76 -65.88 103.99
C LEU BA 158 90.73 -65.15 102.65
N GLN CA 3 18.48 -159.27 175.98
CA GLN CA 3 19.64 -160.15 176.03
C GLN CA 3 20.92 -159.34 176.19
N ILE CA 4 21.89 -159.60 175.30
CA ILE CA 4 23.17 -158.91 175.32
C ILE CA 4 23.29 -158.07 174.06
N ASN CA 5 23.48 -156.76 174.23
CA ASN CA 5 23.63 -155.87 173.10
C ASN CA 5 25.01 -156.05 172.45
N ALA CA 6 25.08 -155.69 171.17
CA ALA CA 6 26.30 -155.82 170.39
C ALA CA 6 26.60 -154.51 169.67
N SER CA 7 27.89 -154.17 169.61
CA SER CA 7 28.36 -152.98 168.90
C SER CA 7 29.54 -153.37 168.03
N TYR CA 8 29.53 -152.93 166.78
CA TYR CA 8 30.52 -153.30 165.80
C TYR CA 8 31.31 -152.07 165.36
N GLN CA 9 32.45 -152.32 164.71
CA GLN CA 9 33.33 -151.25 164.27
C GLN CA 9 33.94 -151.63 162.93
N ARG CA 10 34.04 -150.66 162.03
CA ARG CA 10 34.54 -150.87 160.68
C ARG CA 10 35.43 -149.71 160.27
N ASP CA 11 36.51 -150.01 159.56
CA ASP CA 11 37.49 -149.02 159.15
C ASP CA 11 37.36 -148.74 157.66
N MET CA 12 37.45 -147.47 157.28
CA MET CA 12 37.39 -147.11 155.88
C MET CA 12 38.67 -147.49 155.15
N ALA CA 13 38.56 -147.68 153.84
CA ALA CA 13 39.74 -147.83 153.01
C ALA CA 13 40.46 -146.50 152.89
N ILE CA 14 41.79 -146.57 152.73
CA ILE CA 14 42.63 -145.38 152.76
C ILE CA 14 42.90 -144.80 151.38
N ALA CA 15 42.61 -145.52 150.30
CA ALA CA 15 43.02 -145.03 148.99
C ALA CA 15 42.06 -145.52 147.92
N LEU CA 16 42.04 -144.78 146.83
CA LEU CA 16 41.37 -145.12 145.58
C LEU CA 16 42.35 -144.91 144.44
N PRO CA 17 42.18 -145.60 143.32
CA PRO CA 17 43.12 -145.43 142.21
C PRO CA 17 43.16 -143.99 141.73
N GLY CA 18 44.36 -143.51 141.43
CA GLY CA 18 44.53 -142.16 140.93
C GLY CA 18 44.10 -141.06 141.88
N MET CA 19 44.32 -141.24 143.18
CA MET CA 19 44.01 -140.23 144.18
C MET CA 19 45.29 -139.66 144.75
N VAL CA 20 45.32 -138.34 144.91
CA VAL CA 20 46.48 -137.67 145.49
C VAL CA 20 46.56 -138.03 146.97
N ALA CA 21 47.75 -138.47 147.40
CA ALA CA 21 47.90 -138.98 148.76
C ALA CA 21 47.97 -137.85 149.78
N ASP CA 22 48.99 -137.00 149.68
CA ASP CA 22 49.21 -135.91 150.61
C ASP CA 22 48.99 -134.58 149.90
N THR CA 23 48.98 -133.50 150.69
CA THR CA 23 48.87 -132.15 150.15
C THR CA 23 50.21 -131.44 150.08
N SER CA 24 51.30 -132.19 149.93
CA SER CA 24 52.62 -131.58 149.79
C SER CA 24 52.74 -130.90 148.44
N LYS CA 25 53.94 -130.37 148.16
CA LYS CA 25 54.18 -129.67 146.91
C LYS CA 25 53.90 -130.58 145.72
N TYR CA 26 52.92 -130.19 144.90
CA TYR CA 26 52.55 -130.95 143.71
C TYR CA 26 52.43 -130.00 142.53
N ASN CA 27 52.25 -130.59 141.34
CA ASN CA 27 52.10 -129.83 140.11
C ASN CA 27 51.23 -130.61 139.15
N ILE CA 28 50.19 -129.96 138.63
CA ILE CA 28 49.23 -130.60 137.72
C ILE CA 28 49.10 -129.74 136.48
N ASP CA 29 49.20 -130.39 135.31
CA ASP CA 29 49.01 -129.74 134.03
C ASP CA 29 47.61 -130.08 133.53
N GLY CA 30 46.84 -129.04 133.17
CA GLY CA 30 45.52 -129.21 132.61
C GLY CA 30 45.40 -128.90 131.14
N ALA CA 31 46.45 -128.33 130.55
CA ALA CA 31 46.46 -128.04 129.12
C ALA CA 31 46.99 -129.23 128.34
N CYS CA 32 46.29 -130.35 128.46
CA CYS CA 32 46.65 -131.58 127.79
C CYS CA 32 45.42 -132.17 127.11
N VAL CA 33 45.65 -132.90 126.02
CA VAL CA 33 44.59 -133.47 125.20
C VAL CA 33 44.88 -134.93 124.95
N VAL CA 34 43.87 -135.78 125.16
CA VAL CA 34 44.00 -137.20 124.84
C VAL CA 34 43.93 -137.34 123.32
N ASN CA 35 44.93 -138.00 122.75
CA ASN CA 35 45.04 -138.09 121.30
C ASN CA 35 44.40 -139.34 120.73
N GLU CA 36 44.68 -140.50 121.33
CA GLU CA 36 44.14 -141.77 120.85
C GLU CA 36 43.65 -142.60 122.02
N GLY CA 37 42.59 -143.37 121.77
CA GLY CA 37 42.08 -144.31 122.76
C GLY CA 37 41.56 -143.62 124.01
N ASP CA 38 41.60 -144.37 125.11
CA ASP CA 38 41.22 -143.87 126.41
C ASP CA 38 42.33 -144.15 127.42
N VAL CA 39 42.41 -143.31 128.45
CA VAL CA 39 43.44 -143.40 129.47
C VAL CA 39 42.78 -143.68 130.81
N LEU CA 40 43.23 -144.73 131.49
CA LEU CA 40 42.71 -145.11 132.78
C LEU CA 40 43.25 -144.16 133.85
N VAL CA 41 42.39 -143.79 134.80
CA VAL CA 41 42.84 -142.98 135.93
C VAL CA 41 43.74 -143.85 136.80
N GLY CA 42 44.91 -143.32 137.16
CA GLY CA 42 45.86 -144.09 137.94
C GLY CA 42 46.91 -144.79 137.09
N ALA CA 43 46.98 -144.43 135.80
CA ALA CA 43 47.94 -145.02 134.88
C ALA CA 43 48.78 -143.93 134.23
N ALA CA 44 50.01 -144.31 133.86
CA ALA CA 44 50.95 -143.35 133.28
C ALA CA 44 50.54 -142.99 131.86
N VAL CA 45 51.05 -141.85 131.40
CA VAL CA 45 50.78 -141.33 130.06
C VAL CA 45 52.10 -140.95 129.41
N GLN CA 46 52.05 -140.80 128.09
CA GLN CA 46 53.22 -140.37 127.32
C GLN CA 46 52.80 -139.26 126.36
N VAL CA 47 53.75 -138.39 126.06
CA VAL CA 47 53.52 -137.23 125.21
C VAL CA 47 54.00 -137.56 123.80
N VAL CA 48 53.12 -137.37 122.82
CA VAL CA 48 53.50 -137.61 121.43
C VAL CA 48 54.20 -136.39 120.85
N GLN CA 49 53.50 -135.25 120.81
CA GLN CA 49 54.09 -134.02 120.30
C GLN CA 49 53.46 -132.84 121.01
N ALA CA 50 54.16 -131.72 120.99
CA ALA CA 50 53.71 -130.48 121.63
C ALA CA 50 53.51 -129.42 120.56
N GLN CA 51 52.34 -128.80 120.53
CA GLN CA 51 52.08 -127.74 119.58
C GLN CA 51 52.95 -126.52 119.88
N ALA CA 52 53.62 -126.02 118.86
CA ALA CA 52 54.57 -124.93 119.05
C ALA CA 52 53.87 -123.62 119.35
N VAL CA 53 52.80 -123.31 118.62
CA VAL CA 53 52.11 -122.03 118.74
C VAL CA 53 50.86 -122.14 119.60
N ASP CA 54 50.01 -123.14 119.34
CA ASP CA 54 48.79 -123.30 120.10
C ASP CA 54 49.08 -123.58 121.56
N GLY CA 55 50.05 -124.45 121.84
CA GLY CA 55 50.51 -124.67 123.20
C GLY CA 55 49.92 -125.85 123.93
N HIS CA 56 49.19 -126.72 123.25
CA HIS CA 56 48.64 -127.92 123.87
C HIS CA 56 49.61 -129.08 123.72
N LYS CA 57 49.43 -130.09 124.57
CA LYS CA 57 50.25 -131.29 124.56
C LYS CA 57 49.36 -132.50 124.33
N LEU CA 58 49.69 -133.30 123.32
CA LEU CA 58 48.94 -134.50 122.99
C LEU CA 58 49.52 -135.68 123.75
N VAL CA 59 48.70 -136.34 124.54
CA VAL CA 59 49.13 -137.46 125.38
C VAL CA 59 48.30 -138.68 125.04
N LYS CA 60 48.85 -139.86 125.33
CA LYS CA 60 48.13 -141.11 125.18
C LYS CA 60 48.71 -142.13 126.14
N ALA CA 61 48.16 -143.35 126.08
CA ALA CA 61 48.59 -144.41 126.97
C ALA CA 61 50.03 -144.81 126.67
N LEU CA 62 50.72 -145.24 127.73
CA LEU CA 62 52.11 -145.65 127.60
C LEU CA 62 52.21 -146.96 126.81
N THR CA 63 53.33 -147.10 126.09
CA THR CA 63 53.56 -148.28 125.28
C THR CA 63 55.04 -148.64 125.36
N THR CA 64 55.43 -149.62 124.54
CA THR CA 64 56.80 -150.12 124.57
C THR CA 64 57.80 -149.06 124.13
N GLY CA 65 58.91 -148.97 124.85
CA GLY CA 65 60.01 -148.10 124.48
C GLY CA 65 59.68 -146.62 124.46
N THR CA 66 58.94 -146.15 125.46
CA THR CA 66 58.58 -144.75 125.57
C THR CA 66 58.79 -144.26 126.99
N THR CA 67 59.01 -142.96 127.13
CA THR CA 67 59.32 -142.36 128.43
C THR CA 67 58.05 -141.83 129.06
N PRO CA 68 57.69 -142.29 130.26
CA PRO CA 68 56.49 -141.76 130.92
C PRO CA 68 56.64 -140.30 131.29
N TYR CA 69 55.51 -139.60 131.31
CA TYR CA 69 55.49 -138.17 131.60
C TYR CA 69 54.69 -137.79 132.83
N GLY CA 70 53.65 -138.53 133.16
CA GLY CA 70 52.85 -138.19 134.33
C GLY CA 70 51.86 -139.28 134.65
N VAL CA 71 50.93 -138.95 135.54
CA VAL CA 71 49.91 -139.87 136.01
C VAL CA 71 48.57 -139.12 136.05
N ALA CA 72 47.53 -139.74 135.48
CA ALA CA 72 46.20 -139.16 135.52
C ALA CA 72 45.65 -139.17 136.94
N ILE CA 73 44.84 -138.16 137.28
CA ILE CA 73 44.29 -138.04 138.62
C ILE CA 73 42.77 -137.99 138.54
N ARG CA 74 42.13 -138.34 139.65
CA ARG CA 74 40.68 -138.41 139.71
C ARG CA 74 40.05 -137.04 139.62
N SER CA 75 38.85 -136.99 139.04
CA SER CA 75 38.06 -135.77 138.96
C SER CA 75 36.62 -136.16 138.70
N HIS CA 76 35.70 -135.69 139.54
CA HIS CA 76 34.30 -136.05 139.43
C HIS CA 76 33.58 -135.35 138.29
N TRP CA 77 34.23 -134.40 137.62
CA TRP CA 77 33.61 -133.62 136.57
C TRP CA 77 34.17 -133.90 135.18
N GLN CA 78 35.46 -134.21 135.08
CA GLN CA 78 36.12 -134.33 133.79
C GLN CA 78 36.12 -135.74 133.21
N THR CA 79 35.72 -136.73 133.99
CA THR CA 79 35.83 -138.12 133.56
C THR CA 79 34.47 -138.68 133.16
N VAL CA 80 34.51 -139.86 132.53
CA VAL CA 80 33.31 -140.59 132.17
C VAL CA 80 33.41 -141.99 132.74
N ASN CA 81 32.27 -142.67 132.80
CA ASN CA 81 32.16 -143.98 133.43
C ASN CA 81 32.08 -145.05 132.34
N ALA CA 82 32.99 -146.02 132.41
CA ALA CA 82 32.96 -147.13 131.46
C ALA CA 82 33.66 -148.33 132.09
N GLN CA 83 33.20 -149.52 131.70
CA GLN CA 83 33.57 -150.80 132.33
C GLN CA 83 33.73 -150.65 133.84
N ASN CA 84 32.74 -150.00 134.45
CA ASN CA 84 32.65 -149.84 135.90
C ASN CA 84 33.88 -149.15 136.47
N GLN CA 85 34.38 -148.13 135.78
CA GLN CA 85 35.52 -147.38 136.27
C GLN CA 85 35.62 -146.05 135.54
N MET CA 86 36.40 -145.14 136.14
CA MET CA 86 36.55 -143.78 135.63
C MET CA 86 37.62 -143.72 134.55
N ILE CA 87 37.30 -143.12 133.41
CA ILE CA 87 38.24 -142.99 132.31
C ILE CA 87 38.16 -141.59 131.73
N TYR CA 88 39.19 -141.25 130.95
CA TYR CA 88 39.22 -140.02 130.17
C TYR CA 88 39.04 -140.39 128.70
N GLU CA 89 37.90 -140.02 128.12
CA GLU CA 89 37.61 -140.41 126.75
C GLU CA 89 38.50 -139.67 125.77
N ASP CA 90 38.51 -140.15 124.54
CA ASP CA 90 39.31 -139.54 123.49
C ASP CA 90 38.78 -138.17 123.12
N GLY CA 91 39.69 -137.27 122.75
CA GLY CA 91 39.31 -135.92 122.38
C GLY CA 91 38.75 -135.09 123.52
N GLY CA 92 39.38 -135.16 124.69
CA GLY CA 92 38.93 -134.37 125.81
C GLY CA 92 40.11 -133.98 126.68
N ALA CA 93 39.91 -132.93 127.47
CA ALA CA 93 40.96 -132.45 128.36
C ALA CA 93 41.24 -133.48 129.45
N ILE CA 94 42.46 -133.46 129.97
CA ILE CA 94 42.91 -134.43 130.95
C ILE CA 94 43.82 -133.73 131.96
N ASN CA 95 43.75 -134.19 133.21
CA ASN CA 95 44.57 -133.67 134.30
C ASN CA 95 45.76 -134.61 134.48
N VAL CA 96 46.98 -134.09 134.35
CA VAL CA 96 48.18 -134.91 134.43
C VAL CA 96 49.07 -134.37 135.54
N MET CA 97 49.37 -135.21 136.52
CA MET CA 97 50.21 -134.84 137.66
C MET CA 97 51.67 -135.09 137.30
N THR CA 98 52.49 -134.04 137.36
CA THR CA 98 53.88 -134.15 136.95
C THR CA 98 54.87 -134.21 138.11
N SER CA 99 54.43 -133.89 139.32
CA SER CA 99 55.29 -134.00 140.50
C SER CA 99 54.42 -134.06 141.73
N GLY CA 100 54.82 -134.88 142.71
CA GLY CA 100 54.05 -135.01 143.92
C GLY CA 100 53.92 -136.42 144.44
N ARG CA 101 52.81 -136.74 145.10
CA ARG CA 101 52.57 -138.07 145.63
C ARG CA 101 51.22 -138.56 145.13
N VAL CA 102 51.16 -139.81 144.67
CA VAL CA 102 49.94 -140.34 144.07
C VAL CA 102 49.81 -141.82 144.40
N TRP CA 103 48.60 -142.35 144.24
CA TRP CA 103 48.35 -143.78 144.31
C TRP CA 103 48.17 -144.33 142.90
N MET CA 104 48.85 -145.43 142.59
CA MET CA 104 48.84 -146.02 141.26
C MET CA 104 48.43 -147.49 141.35
N LEU CA 105 47.82 -147.98 140.28
CA LEU CA 105 47.51 -149.40 140.18
C LEU CA 105 48.80 -150.20 140.03
N SER CA 106 48.83 -151.38 140.64
CA SER CA 106 50.01 -152.22 140.62
C SER CA 106 49.65 -153.63 140.19
N LYS CA 107 50.63 -154.33 139.61
CA LYS CA 107 50.48 -155.72 139.21
C LYS CA 107 51.48 -156.64 139.93
N SER CA 108 52.05 -156.18 141.04
CA SER CA 108 53.01 -156.98 141.80
C SER CA 108 52.30 -157.71 142.94
N THR CA 109 53.10 -158.35 143.79
CA THR CA 109 52.58 -159.11 144.93
C THR CA 109 53.30 -158.83 146.24
N GLU CA 110 54.50 -158.28 146.21
CA GLU CA 110 55.29 -158.06 147.42
C GLU CA 110 55.46 -156.57 147.68
N ALA CA 111 55.53 -156.22 148.97
CA ALA CA 111 55.70 -154.84 149.35
C ALA CA 111 57.04 -154.30 148.85
N PRO CA 112 57.07 -153.08 148.34
CA PRO CA 112 58.31 -152.52 147.79
C PRO CA 112 59.19 -151.97 148.91
N THR CA 113 60.41 -151.63 148.53
CA THR CA 113 61.39 -151.06 149.46
C THR CA 113 61.39 -149.54 149.32
N PHE CA 114 61.35 -148.85 150.46
CA PHE CA 114 61.33 -147.39 150.45
C PHE CA 114 62.60 -146.84 149.82
N GLY CA 115 62.43 -145.89 148.91
CA GLY CA 115 63.55 -145.22 148.28
C GLY CA 115 64.06 -145.84 147.00
N SER CA 116 63.57 -147.02 146.63
CA SER CA 116 64.07 -147.68 145.43
C SER CA 116 63.36 -147.15 144.18
N ALA CA 117 63.89 -147.52 143.03
CA ALA CA 117 63.38 -147.04 141.75
C ALA CA 117 62.03 -147.69 141.44
N VAL CA 118 61.26 -147.01 140.60
CA VAL CA 118 59.93 -147.45 140.19
C VAL CA 118 60.02 -147.93 138.75
N LYS CA 119 59.58 -149.17 138.53
CA LYS CA 119 59.58 -149.79 137.20
C LYS CA 119 58.14 -149.97 136.74
N LEU CA 120 57.91 -149.69 135.46
CA LEU CA 120 56.57 -149.77 134.89
C LEU CA 120 56.50 -150.89 133.84
N ASP CA 121 55.27 -151.31 133.56
CA ASP CA 121 55.00 -152.31 132.55
C ASP CA 121 54.81 -151.62 131.20
N VAL CA 122 54.31 -152.36 130.21
CA VAL CA 122 54.15 -151.82 128.86
C VAL CA 122 52.74 -151.27 128.69
N ASP CA 123 51.97 -151.23 129.77
CA ASP CA 123 50.61 -150.72 129.72
C ASP CA 123 50.36 -149.58 130.71
N GLY CA 124 51.40 -149.05 131.34
CA GLY CA 124 51.23 -147.91 132.22
C GLY CA 124 50.93 -148.22 133.66
N GLN CA 125 51.16 -149.46 134.11
CA GLN CA 125 50.90 -149.85 135.48
C GLN CA 125 52.20 -150.28 136.15
N GLU CA 126 52.33 -149.93 137.42
CA GLU CA 126 53.55 -150.25 138.16
C GLU CA 126 53.73 -151.75 138.27
N LYS CA 127 54.99 -152.20 138.12
CA LYS CA 127 55.30 -153.61 138.20
C LYS CA 127 56.77 -153.74 138.59
N SER CA 128 57.04 -154.54 139.62
CA SER CA 128 58.39 -154.57 140.21
C SER CA 128 59.45 -154.96 139.21
N ASP CA 129 59.12 -155.85 138.27
CA ASP CA 129 60.08 -156.32 137.27
C ASP CA 129 59.81 -155.77 135.88
N GLY CA 130 59.15 -154.61 135.80
CA GLY CA 130 58.80 -154.06 134.51
C GLY CA 130 60.01 -153.66 133.68
N THR CA 131 59.75 -153.36 132.41
CA THR CA 131 60.81 -153.09 131.45
C THR CA 131 61.09 -151.61 131.26
N ILE CA 132 60.15 -150.72 131.62
CA ILE CA 132 60.33 -149.29 131.46
C ILE CA 132 60.91 -148.71 132.75
N GLU CA 133 62.03 -148.02 132.63
CA GLU CA 133 62.71 -147.44 133.78
C GLU CA 133 62.31 -145.99 133.94
N THR CA 134 61.92 -145.61 135.16
CA THR CA 134 61.52 -144.25 135.47
C THR CA 134 62.43 -143.66 136.54
N THR CA 135 62.28 -142.36 136.77
CA THR CA 135 63.01 -141.66 137.81
C THR CA 135 62.18 -141.45 139.06
N TRP CA 136 60.96 -141.99 139.11
CA TRP CA 136 60.11 -141.84 140.28
C TRP CA 136 60.61 -142.72 141.41
N THR CA 137 60.03 -142.51 142.60
CA THR CA 137 60.49 -143.18 143.80
C THR CA 137 59.29 -143.74 144.55
N TYR CA 138 59.51 -144.78 145.34
CA TYR CA 138 58.45 -145.29 146.20
C TYR CA 138 58.32 -144.41 147.45
N ALA CA 139 57.12 -144.38 148.00
CA ALA CA 139 56.82 -143.55 149.15
C ALA CA 139 56.31 -144.33 150.36
N GLY CA 140 56.22 -145.66 150.27
CA GLY CA 140 55.88 -146.50 151.39
C GLY CA 140 54.42 -146.91 151.46
N GLY CA 141 53.52 -146.20 150.78
CA GLY CA 141 52.12 -146.60 150.77
C GLY CA 141 51.92 -147.86 149.97
N TRP CA 142 51.22 -148.82 150.57
CA TRP CA 142 50.99 -150.11 149.93
C TRP CA 142 49.75 -150.73 150.56
N THR CA 143 48.65 -150.77 149.81
CA THR CA 143 47.39 -151.27 150.33
C THR CA 143 46.56 -151.84 149.19
N LYS CA 144 45.30 -152.15 149.49
CA LYS CA 144 44.39 -152.74 148.52
C LYS CA 144 42.98 -152.22 148.77
N TYR CA 145 42.22 -152.04 147.69
CA TYR CA 145 40.83 -151.61 147.75
C TYR CA 145 39.98 -152.64 147.01
N LYS CA 146 39.53 -153.67 147.73
CA LYS CA 146 38.63 -154.69 147.20
C LYS CA 146 39.21 -155.33 145.94
N ASP CA 147 40.35 -155.99 146.13
CA ASP CA 147 41.12 -156.73 145.14
C ASP CA 147 41.83 -155.82 144.15
N ILE CA 148 41.83 -154.50 144.34
CA ILE CA 148 42.54 -153.57 143.48
C ILE CA 148 43.81 -153.15 144.22
N GLN CA 149 44.97 -153.50 143.67
CA GLN CA 149 46.23 -153.27 144.36
C GLN CA 149 46.75 -151.88 144.05
N LEU CA 150 46.96 -151.09 145.10
CA LEU CA 150 47.42 -149.71 144.97
C LEU CA 150 48.79 -149.56 145.64
N VAL CA 151 49.61 -148.68 145.07
CA VAL CA 151 50.93 -148.39 145.62
C VAL CA 151 51.18 -146.89 145.51
N GLU CA 152 51.78 -146.32 146.55
CA GLU CA 152 52.09 -144.90 146.57
C GLU CA 152 53.40 -144.63 145.86
N VAL CA 153 53.45 -143.55 145.09
CA VAL CA 153 54.61 -143.20 144.28
C VAL CA 153 54.84 -141.69 144.35
N GLN CA 154 56.11 -141.31 144.50
CA GLN CA 154 56.57 -139.93 144.44
C GLN CA 154 57.12 -139.63 143.06
N LEU CA 155 56.64 -138.55 142.46
CA LEU CA 155 56.99 -138.14 141.10
C LEU CA 155 57.83 -136.88 141.13
N HIS CA 156 58.96 -136.90 140.43
CA HIS CA 156 59.80 -135.74 140.21
C HIS CA 156 59.52 -135.17 138.83
N GLN CA 157 59.54 -133.84 138.73
CA GLN CA 157 59.25 -133.20 137.45
C GLN CA 157 60.32 -133.55 136.42
N LEU CA 158 59.88 -133.81 135.19
CA LEU CA 158 60.80 -134.16 134.12
C LEU CA 158 61.68 -132.98 133.73
N ALA DA 28 -29.31 -169.12 79.83
CA ALA DA 28 -30.26 -168.42 80.70
C ALA DA 28 -29.79 -167.01 80.98
N ALA DA 29 -30.49 -166.32 81.89
CA ALA DA 29 -30.17 -164.94 82.25
C ALA DA 29 -29.78 -164.88 83.72
N THR DA 30 -28.60 -164.33 83.99
CA THR DA 30 -28.10 -164.10 85.35
C THR DA 30 -27.50 -162.70 85.38
N MET DA 31 -28.31 -161.72 85.77
CA MET DA 31 -27.89 -160.32 85.77
C MET DA 31 -28.22 -159.70 87.13
N GLY DA 32 -27.73 -158.47 87.33
CA GLY DA 32 -27.89 -157.78 88.59
C GLY DA 32 -29.20 -156.99 88.65
N ILE DA 33 -29.53 -156.56 89.88
CA ILE DA 33 -30.79 -155.87 90.10
C ILE DA 33 -30.77 -154.47 89.48
N TRP DA 34 -29.61 -153.82 89.46
CA TRP DA 34 -29.49 -152.48 88.92
C TRP DA 34 -28.99 -152.54 87.48
N THR DA 35 -29.65 -151.81 86.59
CA THR DA 35 -29.20 -151.70 85.21
C THR DA 35 -28.24 -150.54 85.07
N ALA DA 36 -27.54 -150.50 83.93
CA ALA DA 36 -26.51 -149.50 83.71
C ALA DA 36 -27.11 -148.10 83.63
N GLN DA 37 -28.41 -148.00 83.36
CA GLN DA 37 -29.04 -146.69 83.21
C GLN DA 37 -29.27 -146.02 84.57
N GLU DA 38 -29.53 -146.81 85.61
CA GLU DA 38 -29.82 -146.23 86.92
C GLU DA 38 -28.60 -145.57 87.57
N LEU DA 39 -27.39 -146.02 87.23
CA LEU DA 39 -26.16 -145.47 87.79
C LEU DA 39 -25.42 -144.65 86.74
N HIS DA 40 -26.15 -143.90 85.94
CA HIS DA 40 -25.61 -143.15 84.83
C HIS DA 40 -26.03 -141.70 84.92
N ARG DA 41 -25.20 -140.81 84.40
CA ARG DA 41 -25.43 -139.37 84.44
C ARG DA 41 -25.25 -138.77 83.06
N ILE DA 42 -25.98 -137.71 82.78
CA ILE DA 42 -25.91 -136.98 81.52
C ILE DA 42 -25.49 -135.54 81.83
N LYS DA 43 -24.43 -135.08 81.16
CA LYS DA 43 -23.97 -133.72 81.35
C LYS DA 43 -25.01 -132.71 80.86
N SER DA 44 -25.06 -131.56 81.54
CA SER DA 44 -26.04 -130.54 81.20
C SER DA 44 -25.66 -129.80 79.91
N GLN DA 45 -24.37 -129.54 79.70
CA GLN DA 45 -23.92 -128.72 78.59
C GLN DA 45 -23.49 -129.60 77.42
N SER DA 46 -24.01 -129.30 76.24
CA SER DA 46 -23.67 -130.01 75.01
C SER DA 46 -22.81 -129.11 74.12
N TYR DA 47 -22.20 -129.72 73.12
CA TYR DA 47 -21.30 -129.02 72.21
C TYR DA 47 -21.93 -128.93 70.83
N GLU DA 48 -21.46 -127.97 70.05
CA GLU DA 48 -21.93 -127.78 68.68
C GLU DA 48 -20.74 -127.51 67.77
N GLU DA 49 -20.78 -128.10 66.57
CA GLU DA 49 -19.74 -127.85 65.60
C GLU DA 49 -19.80 -126.42 65.07
N ASP DA 50 -18.65 -125.90 64.69
CA ASP DA 50 -18.51 -124.51 64.25
C ASP DA 50 -18.24 -124.47 62.76
N TYR DA 51 -18.99 -123.64 62.04
CA TYR DA 51 -18.80 -123.40 60.61
C TYR DA 51 -18.75 -121.90 60.39
N PRO DA 52 -17.60 -121.28 60.62
CA PRO DA 52 -17.50 -119.82 60.44
C PRO DA 52 -17.82 -119.42 59.01
N VAL DA 53 -18.50 -118.28 58.88
CA VAL DA 53 -18.96 -117.85 57.56
C VAL DA 53 -17.79 -117.34 56.73
N GLY DA 54 -17.08 -116.33 57.23
CA GLY DA 54 -15.95 -115.80 56.51
C GLY DA 54 -15.79 -114.31 56.80
N SER DA 55 -15.27 -113.60 55.80
CA SER DA 55 -15.01 -112.17 55.95
C SER DA 55 -15.37 -111.38 54.70
N ALA DA 56 -16.15 -111.94 53.78
CA ALA DA 56 -16.45 -111.26 52.54
C ALA DA 56 -17.24 -109.98 52.77
N LEU DA 57 -18.13 -109.96 53.75
CA LEU DA 57 -18.95 -108.79 54.03
C LEU DA 57 -18.29 -107.81 54.99
N ARG DA 58 -17.07 -108.09 55.44
CA ARG DA 58 -16.36 -107.19 56.34
C ARG DA 58 -15.03 -106.69 55.78
N VAL DA 59 -14.49 -107.33 54.74
CA VAL DA 59 -13.26 -106.85 54.13
C VAL DA 59 -13.59 -105.98 52.92
N PHE DA 60 -14.85 -105.98 52.51
CA PHE DA 60 -15.27 -105.17 51.38
C PHE DA 60 -16.45 -104.27 51.77
N PRO DA 61 -16.57 -103.09 51.18
CA PRO DA 61 -17.68 -102.21 51.52
C PRO DA 61 -19.02 -102.78 51.09
N VAL DA 62 -20.05 -102.46 51.86
CA VAL DA 62 -21.42 -102.87 51.57
C VAL DA 62 -22.26 -101.62 51.38
N THR DA 63 -22.87 -101.48 50.20
CA THR DA 63 -23.74 -100.36 49.88
C THR DA 63 -25.17 -100.87 49.73
N THR DA 64 -26.13 -99.93 49.78
CA THR DA 64 -27.54 -100.29 49.77
C THR DA 64 -28.30 -99.51 48.70
N GLU DA 65 -27.59 -98.86 47.79
CA GLU DA 65 -28.23 -98.02 46.76
C GLU DA 65 -28.60 -98.87 45.55
N LEU DA 66 -29.58 -99.75 45.76
CA LEU DA 66 -30.06 -100.63 44.70
C LEU DA 66 -31.46 -101.10 45.07
N SER DA 67 -32.45 -100.76 44.25
CA SER DA 67 -33.82 -101.16 44.55
C SER DA 67 -33.99 -102.67 44.41
N PRO DA 68 -34.83 -103.29 45.24
CA PRO DA 68 -34.95 -104.75 45.22
C PRO DA 68 -35.47 -105.32 43.91
N THR DA 69 -36.15 -104.52 43.09
CA THR DA 69 -36.76 -105.03 41.87
C THR DA 69 -35.92 -104.78 40.62
N ASP DA 70 -34.70 -104.27 40.77
CA ASP DA 70 -33.86 -103.98 39.61
C ASP DA 70 -33.05 -105.20 39.21
N LYS DA 71 -32.74 -105.31 37.92
CA LYS DA 71 -31.99 -106.43 37.38
C LYS DA 71 -30.62 -106.06 36.85
N THR DA 72 -30.38 -104.78 36.53
CA THR DA 72 -29.13 -104.36 35.92
C THR DA 72 -28.79 -102.96 36.39
N PHE DA 73 -27.49 -102.66 36.45
CA PHE DA 73 -27.04 -101.31 36.78
C PHE DA 73 -25.92 -100.91 35.82
N GLU DA 74 -25.78 -99.60 35.64
CA GLU DA 74 -24.88 -99.03 34.65
C GLU DA 74 -24.20 -97.81 35.25
N TYR DA 75 -22.98 -97.54 34.79
CA TYR DA 75 -22.21 -96.39 35.27
C TYR DA 75 -21.39 -95.79 34.14
N MET DA 76 -20.98 -94.55 34.34
CA MET DA 76 -20.34 -93.74 33.30
C MET DA 76 -18.90 -93.42 33.67
N THR DA 77 -18.03 -93.42 32.65
CA THR DA 77 -16.69 -92.87 32.77
C THR DA 77 -16.41 -92.00 31.55
N PHE DA 78 -15.54 -91.01 31.72
CA PHE DA 78 -15.25 -90.04 30.67
C PHE DA 78 -13.75 -89.83 30.53
N ASP DA 79 -13.35 -89.22 29.42
CA ASP DA 79 -11.95 -88.98 29.10
C ASP DA 79 -11.86 -87.76 28.19
N LYS DA 80 -10.63 -87.37 27.85
CA LYS DA 80 -10.41 -86.20 27.00
C LYS DA 80 -9.04 -86.28 26.36
N VAL DA 81 -8.89 -85.58 25.23
CA VAL DA 81 -7.64 -85.51 24.48
C VAL DA 81 -7.41 -84.07 24.04
N GLY DA 82 -6.20 -83.81 23.57
CA GLY DA 82 -5.86 -82.49 23.07
C GLY DA 82 -4.37 -82.26 23.10
N THR DA 83 -3.99 -81.05 22.68
CA THR DA 83 -2.59 -80.64 22.66
C THR DA 83 -2.53 -79.12 22.51
N ALA DA 84 -1.31 -78.59 22.62
CA ALA DA 84 -1.04 -77.16 22.43
C ALA DA 84 0.30 -77.01 21.75
N GLN DA 85 0.48 -75.87 21.08
CA GLN DA 85 1.68 -75.66 20.27
C GLN DA 85 2.17 -74.23 20.42
N ILE DA 86 3.41 -74.01 20.02
CA ILE DA 86 4.02 -72.69 20.01
C ILE DA 86 3.72 -72.04 18.66
N ILE DA 87 3.15 -70.83 18.70
CA ILE DA 87 2.61 -70.17 17.52
C ILE DA 87 3.14 -68.74 17.46
N ALA DA 88 3.07 -68.16 16.27
CA ALA DA 88 3.49 -66.79 16.04
C ALA DA 88 2.25 -65.89 16.00
N ASP DA 89 2.43 -64.62 15.64
CA ASP DA 89 1.36 -63.62 15.69
C ASP DA 89 0.29 -63.85 14.63
N TYR DA 90 0.69 -64.27 13.42
CA TYR DA 90 -0.26 -64.53 12.34
C TYR DA 90 -0.26 -66.03 12.07
N THR DA 91 -1.37 -66.68 12.45
CA THR DA 91 -1.53 -68.11 12.23
C THR DA 91 -3.02 -68.45 12.13
N ASP DA 92 -3.30 -69.62 11.56
CA ASP DA 92 -4.67 -70.12 11.42
C ASP DA 92 -4.75 -71.62 11.69
N ASP DA 93 -3.76 -72.19 12.37
CA ASP DA 93 -3.63 -73.64 12.52
C ASP DA 93 -3.68 -74.01 14.00
N LEU DA 94 -4.63 -73.44 14.71
CA LEU DA 94 -4.74 -73.77 16.13
C LEU DA 94 -5.31 -75.18 16.30
N PRO DA 95 -4.62 -76.05 17.02
CA PRO DA 95 -5.10 -77.43 17.18
C PRO DA 95 -6.33 -77.50 18.07
N LEU DA 96 -6.99 -78.65 18.05
CA LEU DA 96 -8.30 -78.81 18.66
C LEU DA 96 -8.24 -79.88 19.76
N VAL DA 97 -9.37 -80.03 20.47
CA VAL DA 97 -9.48 -80.98 21.57
C VAL DA 97 -10.82 -81.70 21.42
N ASP DA 98 -11.04 -82.71 22.25
CA ASP DA 98 -12.29 -83.47 22.21
C ASP DA 98 -12.50 -84.17 23.55
N ALA DA 99 -13.54 -85.02 23.59
CA ALA DA 99 -13.92 -85.77 24.79
C ALA DA 99 -14.44 -87.15 24.39
N LEU DA 100 -14.65 -88.00 25.40
CA LEU DA 100 -15.01 -89.40 25.18
C LEU DA 100 -16.14 -89.78 26.14
N GLY DA 101 -16.45 -91.07 26.15
CA GLY DA 101 -17.41 -91.63 27.09
C GLY DA 101 -17.54 -93.12 26.88
N THR DA 102 -18.02 -93.81 27.92
CA THR DA 102 -18.26 -95.25 27.84
C THR DA 102 -19.09 -95.68 29.04
N SER DA 103 -19.44 -96.97 29.06
CA SER DA 103 -20.31 -97.53 30.10
C SER DA 103 -20.05 -99.02 30.26
N GLU DA 104 -20.44 -99.54 31.43
CA GLU DA 104 -20.39 -100.96 31.71
C GLU DA 104 -21.70 -101.38 32.38
N PHE DA 105 -21.81 -102.67 32.68
CA PHE DA 105 -23.06 -103.23 33.19
C PHE DA 105 -22.79 -104.19 34.33
N GLY DA 106 -23.87 -104.62 34.98
CA GLY DA 106 -23.83 -105.57 36.07
C GLY DA 106 -25.10 -106.40 36.06
N LYS DA 107 -25.24 -107.25 37.09
CA LYS DA 107 -26.39 -108.16 37.16
C LYS DA 107 -26.69 -108.52 38.60
N VAL DA 108 -27.89 -109.06 38.81
CA VAL DA 108 -28.38 -109.47 40.12
C VAL DA 108 -28.83 -110.92 40.01
N PHE DA 109 -28.77 -111.66 41.12
CA PHE DA 109 -29.11 -113.07 41.15
C PHE DA 109 -29.97 -113.38 42.37
N ARG DA 110 -30.75 -114.46 42.26
CA ARG DA 110 -31.62 -114.93 43.33
C ARG DA 110 -31.16 -116.30 43.80
N LEU DA 111 -31.31 -116.56 45.10
CA LEU DA 111 -30.85 -117.78 45.74
C LEU DA 111 -32.02 -118.39 46.50
N GLY DA 112 -31.98 -119.70 46.72
CA GLY DA 112 -33.03 -120.34 47.47
C GLY DA 112 -32.76 -121.80 47.76
N ASN DA 113 -33.39 -122.29 48.82
CA ASN DA 113 -33.41 -123.72 49.17
C ASN DA 113 -34.71 -124.01 49.92
N ALA DA 114 -34.78 -125.17 50.58
CA ALA DA 114 -35.99 -125.55 51.29
C ALA DA 114 -35.65 -126.63 52.31
N TYR DA 115 -36.66 -127.03 53.08
CA TYR DA 115 -36.52 -128.15 54.01
C TYR DA 115 -37.88 -128.77 54.29
N LEU DA 116 -37.84 -129.95 54.90
CA LEU DA 116 -39.03 -130.76 55.17
C LEU DA 116 -39.07 -131.20 56.63
N ILE DA 117 -40.29 -131.45 57.11
CA ILE DA 117 -40.50 -131.94 58.48
C ILE DA 117 -41.90 -132.52 58.54
N SER DA 118 -42.14 -133.41 59.50
CA SER DA 118 -43.42 -134.10 59.62
C SER DA 118 -44.05 -133.85 60.99
N ILE DA 119 -45.34 -134.19 61.08
CA ILE DA 119 -46.10 -133.99 62.31
C ILE DA 119 -45.54 -134.82 63.45
N ASP DA 120 -45.18 -136.08 63.17
CA ASP DA 120 -44.63 -136.93 64.22
C ASP DA 120 -43.32 -136.38 64.74
N GLU DA 121 -42.48 -135.88 63.84
CA GLU DA 121 -41.21 -135.27 64.26
C GLU DA 121 -41.46 -134.00 65.08
N ILE DA 122 -42.46 -133.20 64.69
CA ILE DA 122 -42.79 -132.00 65.46
C ILE DA 122 -43.21 -132.37 66.87
N LYS DA 123 -44.09 -133.37 67.00
CA LYS DA 123 -44.53 -133.80 68.32
C LYS DA 123 -43.38 -134.35 69.15
N ALA DA 124 -42.51 -135.16 68.54
CA ALA DA 124 -41.37 -135.71 69.26
C ALA DA 124 -40.44 -134.62 69.74
N GLY DA 125 -40.17 -133.62 68.89
CA GLY DA 125 -39.32 -132.52 69.30
C GLY DA 125 -39.92 -131.72 70.44
N GLN DA 126 -41.23 -131.46 70.37
CA GLN DA 126 -41.89 -130.72 71.43
C GLN DA 126 -41.83 -131.50 72.75
N ALA DA 127 -42.06 -132.82 72.69
CA ALA DA 127 -42.06 -133.63 73.91
C ALA DA 127 -40.67 -133.73 74.51
N THR DA 128 -39.64 -133.88 73.67
CA THR DA 128 -38.28 -134.03 74.16
C THR DA 128 -37.67 -132.70 74.62
N GLY DA 129 -38.10 -131.58 74.04
CA GLY DA 129 -37.48 -130.30 74.34
C GLY DA 129 -36.36 -129.91 73.41
N ARG DA 130 -36.07 -130.70 72.37
CA ARG DA 130 -35.01 -130.43 71.41
C ARG DA 130 -35.64 -130.35 70.03
N PRO DA 131 -36.04 -129.15 69.60
CA PRO DA 131 -36.72 -129.03 68.29
C PRO DA 131 -35.79 -129.26 67.12
N LEU DA 132 -36.38 -129.54 65.96
CA LEU DA 132 -35.64 -129.80 64.74
C LEU DA 132 -35.80 -128.72 63.68
N SER DA 133 -36.96 -128.03 63.68
CA SER DA 133 -37.19 -126.97 62.70
C SER DA 133 -36.21 -125.82 62.88
N THR DA 134 -35.90 -125.47 64.13
CA THR DA 134 -34.93 -124.39 64.37
C THR DA 134 -33.56 -124.76 63.83
N ARG DA 135 -33.12 -126.00 64.05
CA ARG DA 135 -31.84 -126.44 63.53
C ARG DA 135 -31.81 -126.41 62.01
N LYS DA 136 -32.90 -126.84 61.37
CA LYS DA 136 -32.95 -126.82 59.92
C LYS DA 136 -32.95 -125.39 59.38
N ALA DA 137 -33.66 -124.47 60.03
CA ALA DA 137 -33.64 -123.08 59.61
C ALA DA 137 -32.25 -122.48 59.75
N SER DA 138 -31.55 -122.80 60.84
CA SER DA 138 -30.18 -122.33 61.01
C SER DA 138 -29.28 -122.89 59.90
N ALA DA 139 -29.48 -124.16 59.55
CA ALA DA 139 -28.72 -124.75 58.45
C ALA DA 139 -28.97 -124.00 57.15
N CYS DA 140 -30.23 -123.66 56.87
CA CYS DA 140 -30.54 -122.92 55.65
C CYS DA 140 -29.85 -121.57 55.63
N GLN DA 141 -29.90 -120.84 56.75
CA GLN DA 141 -29.26 -119.53 56.83
C GLN DA 141 -27.75 -119.64 56.62
N LEU DA 142 -27.13 -120.63 57.26
CA LEU DA 142 -25.70 -120.82 57.11
C LEU DA 142 -25.34 -121.17 55.66
N ALA DA 143 -26.17 -121.99 55.01
CA ALA DA 143 -25.93 -122.33 53.61
C ALA DA 143 -26.00 -121.09 52.73
N HIS DA 144 -26.99 -120.23 52.97
CA HIS DA 144 -27.09 -118.98 52.19
C HIS DA 144 -25.84 -118.12 52.38
N ASP DA 145 -25.41 -117.94 53.63
CA ASP DA 145 -24.23 -117.11 53.88
C ASP DA 145 -22.98 -117.69 53.23
N GLN DA 146 -22.78 -119.00 53.36
CA GLN DA 146 -21.61 -119.63 52.76
C GLN DA 146 -21.65 -119.54 51.25
N LEU DA 147 -22.83 -119.67 50.65
CA LEU DA 147 -22.92 -119.51 49.19
C LEU DA 147 -22.55 -118.09 48.77
N VAL DA 148 -22.99 -117.09 49.53
CA VAL DA 148 -22.62 -115.71 49.20
C VAL DA 148 -21.10 -115.55 49.27
N ASN DA 149 -20.48 -116.07 50.33
CA ASN DA 149 -19.04 -115.96 50.47
C ASN DA 149 -18.31 -116.65 49.32
N ARG DA 150 -18.75 -117.87 48.97
CA ARG DA 150 -18.09 -118.61 47.90
C ARG DA 150 -18.28 -117.93 46.55
N LEU DA 151 -19.44 -117.30 46.33
CA LEU DA 151 -19.63 -116.52 45.12
C LEU DA 151 -18.66 -115.34 45.08
N VAL DA 152 -18.45 -114.69 46.22
CA VAL DA 152 -17.56 -113.52 46.24
C VAL DA 152 -16.12 -113.93 45.96
N PHE DA 153 -15.66 -115.01 46.60
CA PHE DA 153 -14.24 -115.34 46.59
C PHE DA 153 -13.82 -116.30 45.48
N LYS DA 154 -14.73 -117.16 45.00
CA LYS DA 154 -14.35 -118.18 44.02
C LYS DA 154 -15.00 -118.01 42.65
N GLY DA 155 -16.12 -117.31 42.54
CA GLY DA 155 -16.74 -117.08 41.25
C GLY DA 155 -17.46 -118.31 40.74
N SER DA 156 -18.06 -118.15 39.56
CA SER DA 156 -18.76 -119.25 38.89
C SER DA 156 -18.63 -119.04 37.40
N ALA DA 157 -17.97 -119.98 36.72
CA ALA DA 157 -17.76 -119.84 35.28
C ALA DA 157 -19.05 -119.82 34.47
N PRO DA 158 -20.01 -120.73 34.67
CA PRO DA 158 -21.22 -120.70 33.82
C PRO DA 158 -22.03 -119.43 33.92
N HIS DA 159 -22.06 -118.79 35.08
CA HIS DA 159 -22.89 -117.62 35.29
C HIS DA 159 -22.20 -116.31 34.95
N LYS DA 160 -20.98 -116.38 34.41
CA LYS DA 160 -20.18 -115.20 34.09
C LYS DA 160 -19.95 -114.33 35.33
N ILE DA 161 -19.75 -114.98 36.47
CA ILE DA 161 -19.36 -114.31 37.70
C ILE DA 161 -17.86 -114.55 37.88
N VAL DA 162 -17.09 -113.47 37.86
CA VAL DA 162 -15.63 -113.54 37.92
C VAL DA 162 -15.18 -113.26 39.35
N SER DA 163 -14.25 -114.07 39.84
CA SER DA 163 -13.71 -113.88 41.18
C SER DA 163 -12.79 -112.67 41.20
N VAL DA 164 -12.46 -112.23 42.43
CA VAL DA 164 -11.53 -111.11 42.57
C VAL DA 164 -10.14 -111.49 42.10
N PHE DA 165 -9.73 -112.74 42.33
CA PHE DA 165 -8.41 -113.19 41.90
C PHE DA 165 -8.29 -113.32 40.39
N ASN DA 166 -9.37 -113.71 39.71
CA ASN DA 166 -9.34 -113.95 38.27
C ASN DA 166 -9.69 -112.71 37.45
N HIS DA 167 -9.88 -111.57 38.08
CA HIS DA 167 -10.20 -110.37 37.34
C HIS DA 167 -9.02 -109.98 36.45
N PRO DA 168 -9.23 -109.80 35.15
CA PRO DA 168 -8.12 -109.56 34.23
C PRO DA 168 -7.62 -108.12 34.16
N ASN DA 169 -7.93 -107.28 35.13
CA ASN DA 169 -7.52 -105.87 35.10
C ASN DA 169 -6.94 -105.42 36.45
N ILE DA 170 -6.65 -106.35 37.35
CA ILE DA 170 -5.98 -106.05 38.61
C ILE DA 170 -4.50 -106.36 38.42
N THR DA 171 -3.66 -105.74 39.25
CA THR DA 171 -2.23 -105.95 39.11
C THR DA 171 -1.82 -107.25 39.80
N LYS DA 172 -0.92 -108.00 39.17
CA LYS DA 172 -0.44 -109.27 39.69
C LYS DA 172 1.07 -109.25 39.76
N ILE DA 173 1.62 -109.75 40.87
CA ILE DA 173 3.06 -109.73 41.10
C ILE DA 173 3.51 -111.14 41.49
N THR DA 174 4.39 -111.71 40.67
CA THR DA 174 5.02 -112.98 41.03
C THR DA 174 6.10 -112.74 42.07
N SER DA 175 6.09 -113.56 43.12
CA SER DA 175 6.93 -113.31 44.29
C SER DA 175 7.75 -114.54 44.62
N GLY DA 176 8.93 -114.30 45.21
CA GLY DA 176 9.66 -115.37 45.83
C GLY DA 176 9.01 -115.82 47.12
N LYS DA 177 9.26 -117.07 47.48
CA LYS DA 177 8.62 -117.66 48.65
C LYS DA 177 9.09 -116.97 49.92
N TRP DA 178 8.14 -116.64 50.80
CA TRP DA 178 8.48 -116.13 52.12
C TRP DA 178 8.99 -117.21 53.04
N ILE DA 179 8.59 -118.46 52.83
CA ILE DA 179 9.07 -119.60 53.62
C ILE DA 179 9.62 -120.63 52.64
N ASP DA 180 10.92 -120.89 52.72
CA ASP DA 180 11.58 -121.87 51.88
C ASP DA 180 12.43 -122.77 52.76
N ALA DA 181 12.28 -124.09 52.60
CA ALA DA 181 12.99 -125.08 53.40
C ALA DA 181 12.78 -124.83 54.89
N SER DA 182 11.55 -124.47 55.24
CA SER DA 182 11.15 -124.17 56.62
C SER DA 182 11.97 -123.04 57.24
N THR DA 183 12.43 -122.10 56.41
CA THR DA 183 13.14 -120.92 56.88
C THR DA 183 12.38 -119.68 56.42
N MET DA 184 12.57 -118.58 57.15
CA MET DA 184 11.81 -117.36 56.93
C MET DA 184 12.65 -116.32 56.21
N LYS DA 185 11.98 -115.47 55.43
CA LYS DA 185 12.61 -114.38 54.70
C LYS DA 185 11.86 -113.08 54.97
N PRO DA 186 11.98 -112.54 56.19
CA PRO DA 186 11.32 -111.27 56.49
C PRO DA 186 11.78 -110.12 55.61
N GLU DA 187 13.05 -110.12 55.20
CA GLU DA 187 13.51 -109.08 54.28
C GLU DA 187 12.77 -109.15 52.95
N THR DA 188 12.60 -110.36 52.41
CA THR DA 188 11.85 -110.52 51.17
C THR DA 188 10.40 -110.08 51.35
N ALA DA 189 9.80 -110.44 52.49
CA ALA DA 189 8.42 -110.03 52.73
C ALA DA 189 8.30 -108.50 52.78
N GLU DA 190 9.24 -107.85 53.46
CA GLU DA 190 9.24 -106.39 53.55
C GLU DA 190 9.40 -105.77 52.17
N ALA DA 191 10.32 -106.31 51.36
CA ALA DA 191 10.55 -105.77 50.02
C ALA DA 191 9.29 -105.91 49.17
N GLU DA 192 8.61 -107.06 49.24
CA GLU DA 192 7.44 -107.26 48.41
C GLU DA 192 6.29 -106.37 48.84
N LEU DA 193 6.10 -106.18 50.15
CA LEU DA 193 5.06 -105.27 50.62
C LEU DA 193 5.34 -103.84 50.15
N THR DA 194 6.59 -103.39 50.28
CA THR DA 194 6.93 -102.04 49.84
C THR DA 194 6.72 -101.88 48.34
N GLN DA 195 7.11 -102.90 47.56
CA GLN DA 195 6.92 -102.83 46.12
C GLN DA 195 5.45 -102.76 45.74
N ALA DA 196 4.60 -103.55 46.42
CA ALA DA 196 3.18 -103.51 46.12
C ALA DA 196 2.58 -102.14 46.46
N ILE DA 197 2.96 -101.57 47.61
CA ILE DA 197 2.44 -100.25 47.97
C ILE DA 197 2.90 -99.20 46.96
N GLU DA 198 4.16 -99.29 46.54
CA GLU DA 198 4.67 -98.36 45.53
C GLU DA 198 3.93 -98.51 44.21
N THR DA 199 3.60 -99.75 43.83
CA THR DA 199 2.84 -99.96 42.59
C THR DA 199 1.47 -99.34 42.68
N ILE DA 200 0.78 -99.52 43.81
CA ILE DA 200 -0.51 -98.84 44.01
C ILE DA 200 -0.34 -97.33 43.86
N GLU DA 201 0.70 -96.77 44.45
CA GLU DA 201 0.90 -95.33 44.39
C GLU DA 201 1.16 -94.86 42.96
N THR DA 202 1.96 -95.61 42.19
CA THR DA 202 2.46 -95.09 40.93
C THR DA 202 1.54 -95.41 39.75
N ILE DA 203 0.74 -96.47 39.85
CA ILE DA 203 -0.09 -96.84 38.70
C ILE DA 203 -1.28 -95.90 38.56
N THR DA 204 -1.77 -95.34 39.66
CA THR DA 204 -2.86 -94.38 39.63
C THR DA 204 -2.37 -92.94 39.61
N ARG DA 205 -1.06 -92.72 39.53
CA ARG DA 205 -0.47 -91.38 39.48
C ARG DA 205 -0.86 -90.55 40.70
N GLY DA 206 -0.84 -91.19 41.87
CA GLY DA 206 -1.08 -90.51 43.12
C GLY DA 206 -2.53 -90.22 43.44
N GLN DA 207 -3.46 -90.63 42.59
CA GLN DA 207 -4.88 -90.38 42.85
C GLN DA 207 -5.36 -91.19 44.05
N HIS DA 208 -4.93 -92.45 44.15
CA HIS DA 208 -5.32 -93.34 45.23
C HIS DA 208 -4.08 -93.92 45.90
N ARG DA 209 -4.21 -94.23 47.19
CA ARG DA 209 -3.12 -94.77 47.98
C ARG DA 209 -3.58 -95.99 48.73
N ALA DA 210 -2.67 -96.95 48.91
CA ALA DA 210 -3.02 -98.22 49.55
C ALA DA 210 -3.45 -97.98 50.99
N THR DA 211 -4.42 -98.77 51.43
CA THR DA 211 -4.98 -98.60 52.76
C THR DA 211 -4.98 -99.88 53.59
N ASN DA 212 -5.18 -101.04 52.98
CA ASN DA 212 -5.29 -102.29 53.71
C ASN DA 212 -4.50 -103.40 53.03
N ILE DA 213 -3.97 -104.30 53.86
CA ILE DA 213 -3.22 -105.47 53.40
C ILE DA 213 -3.83 -106.71 54.05
N LEU DA 214 -4.01 -107.76 53.26
CA LEU DA 214 -4.55 -109.03 53.70
C LEU DA 214 -3.55 -110.13 53.40
N ILE DA 215 -3.19 -110.91 54.43
CA ILE DA 215 -2.17 -111.94 54.31
C ILE DA 215 -2.76 -113.24 54.85
N PRO DA 216 -2.21 -114.39 54.44
CA PRO DA 216 -2.69 -115.67 55.00
C PRO DA 216 -2.38 -115.75 56.48
N PRO DA 217 -3.23 -116.42 57.26
CA PRO DA 217 -3.00 -116.48 58.71
C PRO DA 217 -1.80 -117.32 59.11
N SER DA 218 -1.20 -118.06 58.19
CA SER DA 218 -0.03 -118.87 58.49
C SER DA 218 1.28 -118.12 58.30
N MET DA 219 1.26 -116.91 57.76
CA MET DA 219 2.45 -116.11 57.57
C MET DA 219 2.69 -115.09 58.68
N ARG DA 220 1.88 -115.13 59.74
CA ARG DA 220 2.03 -114.18 60.83
C ARG DA 220 3.34 -114.35 61.59
N LYS DA 221 3.92 -115.56 61.57
CA LYS DA 221 5.17 -115.79 62.28
C LYS DA 221 6.35 -115.12 61.59
N VAL DA 222 6.26 -114.90 60.28
CA VAL DA 222 7.37 -114.28 59.56
C VAL DA 222 7.52 -112.82 59.96
N LEU DA 223 6.40 -112.11 60.12
CA LEU DA 223 6.43 -110.71 60.50
C LEU DA 223 6.59 -110.51 62.01
N ALA DA 224 6.63 -111.58 62.79
CA ALA DA 224 6.83 -111.50 64.23
C ALA DA 224 8.28 -111.72 64.64
N ILE DA 225 9.19 -111.85 63.67
CA ILE DA 225 10.60 -112.09 63.99
C ILE DA 225 11.25 -110.78 64.43
N ARG DA 226 12.05 -110.86 65.49
CA ARG DA 226 12.75 -109.69 65.99
C ARG DA 226 13.94 -109.34 65.09
N MET DA 227 14.07 -108.07 64.76
CA MET DA 227 15.22 -107.64 63.97
C MET DA 227 16.51 -107.75 64.79
N PRO DA 228 17.64 -108.01 64.14
CA PRO DA 228 18.89 -108.19 64.89
C PRO DA 228 19.29 -106.93 65.65
N GLU DA 229 19.89 -107.14 66.82
CA GLU DA 229 20.53 -106.08 67.60
C GLU DA 229 19.56 -104.95 67.97
N THR DA 230 18.29 -105.28 68.19
CA THR DA 230 17.30 -104.28 68.56
C THR DA 230 16.17 -104.96 69.31
N THR DA 231 15.25 -104.16 69.82
CA THR DA 231 14.15 -104.62 70.67
C THR DA 231 12.79 -104.44 70.01
N MET DA 232 12.74 -104.39 68.68
CA MET DA 232 11.49 -104.19 67.95
C MET DA 232 11.48 -105.09 66.72
N SER DA 233 10.27 -105.37 66.24
CA SER DA 233 10.05 -106.38 65.22
C SER DA 233 9.83 -105.75 63.85
N TYR DA 234 9.89 -106.61 62.82
CA TYR DA 234 9.69 -106.15 61.45
C TYR DA 234 8.30 -105.56 61.27
N LEU DA 235 7.28 -106.14 61.91
CA LEU DA 235 5.94 -105.60 61.82
C LEU DA 235 5.87 -104.19 62.37
N ASP DA 236 6.49 -103.96 63.54
CA ASP DA 236 6.48 -102.63 64.13
C ASP DA 236 7.23 -101.64 63.26
N TYR DA 237 8.38 -102.05 62.71
CA TYR DA 237 9.12 -101.16 61.82
C TYR DA 237 8.29 -100.80 60.59
N PHE DA 238 7.62 -101.80 60.00
CA PHE DA 238 6.80 -101.55 58.81
C PHE DA 238 5.66 -100.61 59.14
N LYS DA 239 4.98 -100.81 60.26
CA LYS DA 239 3.89 -99.92 60.63
C LYS DA 239 4.37 -98.50 60.91
N SER DA 240 5.53 -98.37 61.56
CA SER DA 240 6.08 -97.04 61.83
C SER DA 240 6.43 -96.33 60.52
N GLN DA 241 6.99 -97.05 59.55
CA GLN DA 241 7.38 -96.43 58.29
C GLN DA 241 6.20 -96.27 57.32
N ASN DA 242 5.08 -96.92 57.58
CA ASN DA 242 3.89 -96.84 56.73
C ASN DA 242 2.65 -96.64 57.57
N SER DA 243 2.72 -95.68 58.51
CA SER DA 243 1.60 -95.38 59.39
C SER DA 243 0.34 -95.06 58.57
N GLY DA 244 -0.79 -95.58 59.05
CA GLY DA 244 -2.05 -95.42 58.36
C GLY DA 244 -2.49 -96.61 57.54
N ILE DA 245 -1.84 -97.76 57.68
CA ILE DA 245 -2.17 -98.96 56.91
C ILE DA 245 -2.45 -100.09 57.88
N GLU DA 246 -3.55 -100.81 57.65
CA GLU DA 246 -3.95 -101.92 58.49
C GLU DA 246 -3.57 -103.25 57.83
N ILE DA 247 -3.22 -104.22 58.68
CA ILE DA 247 -2.83 -105.56 58.24
C ILE DA 247 -3.78 -106.56 58.89
N ASP DA 248 -4.35 -107.45 58.07
CA ASP DA 248 -5.29 -108.43 58.57
C ASP DA 248 -5.00 -109.78 57.91
N SER DA 249 -5.52 -110.84 58.52
CA SER DA 249 -5.31 -112.19 58.03
C SER DA 249 -6.64 -112.82 57.65
N ILE DA 250 -6.66 -113.46 56.48
CA ILE DA 250 -7.88 -114.00 55.88
C ILE DA 250 -7.60 -115.46 55.51
N ALA DA 251 -8.53 -116.35 55.88
CA ALA DA 251 -8.26 -117.78 55.76
C ALA DA 251 -8.45 -118.28 54.34
N GLU DA 252 -9.25 -117.58 53.53
CA GLU DA 252 -9.43 -118.01 52.14
C GLU DA 252 -8.18 -117.81 51.30
N LEU DA 253 -7.17 -117.10 51.82
CA LEU DA 253 -5.95 -116.85 51.07
C LEU DA 253 -4.94 -118.00 51.17
N GLU DA 254 -5.25 -119.06 51.92
CA GLU DA 254 -4.40 -120.24 51.94
C GLU DA 254 -4.41 -120.99 50.61
N ASP DA 255 -5.43 -120.78 49.78
CA ASP DA 255 -5.49 -121.41 48.47
C ASP DA 255 -6.30 -120.51 47.55
N ILE DA 256 -5.68 -120.05 46.47
CA ILE DA 256 -6.31 -119.10 45.56
C ILE DA 256 -6.56 -119.67 44.18
N ASP DA 257 -6.01 -120.82 43.85
CA ASP DA 257 -6.24 -121.46 42.56
C ASP DA 257 -6.76 -122.88 42.66
N GLY DA 258 -7.04 -123.37 43.86
CA GLY DA 258 -7.46 -124.75 44.04
C GLY DA 258 -6.34 -125.77 43.99
N ALA DA 259 -5.08 -125.33 43.96
CA ALA DA 259 -3.95 -126.24 43.87
C ALA DA 259 -3.03 -126.18 45.09
N GLY DA 260 -3.10 -125.12 45.89
CA GLY DA 260 -2.29 -125.01 47.08
C GLY DA 260 -1.37 -123.80 47.17
N THR DA 261 -1.50 -122.83 46.28
CA THR DA 261 -0.69 -121.63 46.35
C THR DA 261 -1.37 -120.58 47.20
N LYS DA 262 -0.56 -119.72 47.82
CA LYS DA 262 -1.03 -118.66 48.69
C LYS DA 262 -0.98 -117.33 47.96
N GLY DA 263 -1.55 -116.31 48.59
CA GLY DA 263 -1.58 -114.99 47.98
C GLY DA 263 -1.77 -113.91 49.01
N VAL DA 264 -1.39 -112.70 48.62
CA VAL DA 264 -1.49 -111.52 49.48
C VAL DA 264 -2.21 -110.42 48.70
N LEU DA 265 -3.13 -109.74 49.37
CA LEU DA 265 -3.93 -108.68 48.75
C LEU DA 265 -3.51 -107.33 49.30
N VAL DA 266 -3.32 -106.35 48.42
CA VAL DA 266 -3.12 -104.96 48.80
C VAL DA 266 -4.19 -104.14 48.09
N TYR DA 267 -4.97 -103.38 48.85
CA TYR DA 267 -6.09 -102.67 48.24
C TYR DA 267 -6.46 -101.47 49.08
N GLU DA 268 -7.29 -100.60 48.50
CA GLU DA 268 -7.85 -99.44 49.18
C GLU DA 268 -9.34 -99.69 49.40
N LYS DA 269 -9.76 -99.66 50.65
CA LYS DA 269 -11.13 -100.01 51.02
C LYS DA 269 -12.01 -98.76 50.91
N ASN DA 270 -12.55 -98.54 49.72
CA ASN DA 270 -13.40 -97.40 49.44
C ASN DA 270 -14.62 -97.86 48.65
N PRO DA 271 -15.82 -97.48 49.07
CA PRO DA 271 -17.03 -97.93 48.36
C PRO DA 271 -17.06 -97.55 46.89
N MET DA 272 -16.39 -96.47 46.50
CA MET DA 272 -16.34 -96.10 45.09
C MET DA 272 -15.42 -96.99 44.28
N ASN DA 273 -14.64 -97.86 44.93
CA ASN DA 273 -13.73 -98.77 44.25
C ASN DA 273 -14.30 -100.17 44.08
N MET DA 274 -14.92 -100.72 45.12
CA MET DA 274 -15.50 -102.06 45.05
C MET DA 274 -16.76 -102.08 45.92
N SER DA 275 -17.68 -102.98 45.56
CA SER DA 275 -18.96 -103.01 46.27
C SER DA 275 -19.57 -104.40 46.19
N ILE DA 276 -20.44 -104.68 47.16
CA ILE DA 276 -21.27 -105.87 47.21
C ILE DA 276 -22.68 -105.45 47.58
N GLU DA 277 -23.68 -106.03 46.92
CA GLU DA 277 -25.08 -105.71 47.17
C GLU DA 277 -25.85 -106.96 47.55
N ILE DA 278 -26.68 -106.82 48.58
CA ILE DA 278 -27.64 -107.83 49.01
C ILE DA 278 -29.01 -107.16 49.04
N PRO DA 279 -29.66 -106.96 47.89
CA PRO DA 279 -30.92 -106.19 47.88
C PRO DA 279 -32.03 -106.79 48.73
N GLU DA 280 -32.09 -108.12 48.83
CA GLU DA 280 -33.10 -108.79 49.63
C GLU DA 280 -32.44 -109.73 50.63
N ALA DA 281 -33.04 -109.86 51.80
CA ALA DA 281 -32.52 -110.69 52.88
C ALA DA 281 -33.28 -112.01 52.97
N PHE DA 282 -32.92 -112.80 53.98
CA PHE DA 282 -33.59 -114.06 54.23
C PHE DA 282 -35.07 -113.81 54.57
N ASN DA 283 -35.96 -114.58 53.94
CA ASN DA 283 -37.38 -114.28 53.98
C ASN DA 283 -38.24 -115.33 54.68
N MET DA 284 -37.96 -116.62 54.50
CA MET DA 284 -38.67 -117.69 55.20
C MET DA 284 -40.17 -117.66 54.89
N LEU DA 285 -40.48 -117.97 53.62
CA LEU DA 285 -41.85 -118.04 53.13
C LEU DA 285 -42.72 -118.97 53.98
N PRO DA 286 -44.04 -118.84 53.93
CA PRO DA 286 -44.91 -119.73 54.70
C PRO DA 286 -44.80 -121.17 54.22
N ALA DA 287 -45.20 -122.09 55.09
CA ALA DA 287 -45.09 -123.52 54.83
C ALA DA 287 -46.26 -124.02 53.99
N GLN DA 288 -45.99 -125.06 53.20
CA GLN DA 288 -47.03 -125.68 52.38
C GLN DA 288 -47.23 -127.12 52.83
N PRO DA 289 -48.43 -127.51 53.26
CA PRO DA 289 -48.62 -128.85 53.79
C PRO DA 289 -48.80 -129.89 52.69
N LYS DA 290 -48.71 -131.14 53.10
CA LYS DA 290 -48.96 -132.29 52.23
C LYS DA 290 -49.72 -133.32 53.05
N ASP DA 291 -49.73 -134.57 52.58
CA ASP DA 291 -50.47 -135.64 53.23
C ASP DA 291 -50.32 -135.60 54.75
N LEU DA 292 -49.10 -135.73 55.24
CA LEU DA 292 -48.87 -135.67 56.68
C LEU DA 292 -47.59 -134.92 57.05
N HIS DA 293 -47.05 -134.11 56.15
CA HIS DA 293 -45.81 -133.39 56.40
C HIS DA 293 -45.87 -132.02 55.73
N PHE DA 294 -44.79 -131.25 55.88
CA PHE DA 294 -44.76 -129.87 55.43
C PHE DA 294 -43.54 -129.65 54.55
N LYS DA 295 -43.59 -128.58 53.76
CA LYS DA 295 -42.45 -128.13 52.96
C LYS DA 295 -42.27 -126.65 53.17
N VAL DA 296 -41.06 -126.22 53.55
CA VAL DA 296 -40.81 -124.81 53.79
C VAL DA 296 -39.67 -124.32 52.90
N PRO DA 297 -39.94 -123.40 51.96
CA PRO DA 297 -38.87 -122.82 51.16
C PRO DA 297 -38.33 -121.52 51.73
N CYS DA 298 -37.14 -121.15 51.25
CA CYS DA 298 -36.45 -119.93 51.66
C CYS DA 298 -35.70 -119.37 50.46
N THR DA 299 -35.67 -118.04 50.34
CA THR DA 299 -35.03 -117.37 49.21
C THR DA 299 -34.35 -116.09 49.66
N SER DA 300 -33.56 -115.51 48.75
CA SER DA 300 -32.84 -114.27 48.98
C SER DA 300 -32.29 -113.77 47.66
N LYS DA 301 -31.61 -112.62 47.70
CA LYS DA 301 -31.03 -112.02 46.51
C LYS DA 301 -29.63 -111.50 46.82
N CYS DA 302 -28.80 -111.40 45.78
CA CYS DA 302 -27.45 -110.87 45.93
C CYS DA 302 -26.95 -110.40 44.56
N THR DA 303 -25.76 -109.81 44.54
CA THR DA 303 -25.14 -109.46 43.26
C THR DA 303 -23.74 -109.99 43.11
N GLY DA 304 -22.98 -110.13 44.19
CA GLY DA 304 -21.59 -110.52 44.11
C GLY DA 304 -20.68 -109.31 44.32
N LEU DA 305 -19.46 -109.40 43.81
CA LEU DA 305 -18.48 -108.34 43.96
C LEU DA 305 -18.33 -107.58 42.65
N THR DA 306 -18.40 -106.25 42.72
CA THR DA 306 -18.22 -105.38 41.57
C THR DA 306 -17.01 -104.49 41.82
N ILE DA 307 -16.08 -104.46 40.87
CA ILE DA 307 -14.85 -103.69 40.97
C ILE DA 307 -14.92 -102.58 39.93
N TYR DA 308 -15.21 -101.35 40.38
CA TYR DA 308 -15.31 -100.24 39.44
C TYR DA 308 -13.93 -99.78 38.97
N ARG DA 309 -12.96 -99.70 39.88
CA ARG DA 309 -11.60 -99.27 39.56
C ARG DA 309 -10.66 -100.44 39.75
N PRO DA 310 -10.31 -101.16 38.69
CA PRO DA 310 -9.47 -102.36 38.85
C PRO DA 310 -7.98 -102.08 39.03
N MET DA 311 -7.56 -100.82 38.99
CA MET DA 311 -6.15 -100.49 39.14
C MET DA 311 -5.73 -100.27 40.58
N THR DA 312 -6.65 -100.42 41.54
CA THR DA 312 -6.35 -100.19 42.94
C THR DA 312 -6.21 -101.49 43.73
N ILE DA 313 -5.99 -102.61 43.06
CA ILE DA 313 -5.87 -103.91 43.71
C ILE DA 313 -4.63 -104.62 43.18
N VAL DA 314 -3.76 -105.06 44.09
CA VAL DA 314 -2.56 -105.82 43.77
C VAL DA 314 -2.64 -107.17 44.45
N LEU DA 315 -2.43 -108.22 43.68
CA LEU DA 315 -2.38 -109.60 44.16
C LEU DA 315 -0.96 -110.12 44.02
N ILE DA 316 -0.32 -110.42 45.14
CA ILE DA 316 1.02 -110.99 45.17
C ILE DA 316 0.87 -112.49 45.28
N THR DA 317 1.34 -113.21 44.27
CA THR DA 317 1.19 -114.65 44.18
C THR DA 317 2.51 -115.35 44.44
N GLY DA 318 2.42 -116.64 44.75
CA GLY DA 318 3.60 -117.42 45.05
C GLY DA 318 4.19 -117.19 46.42
N VAL DA 319 3.45 -116.57 47.33
CA VAL DA 319 3.93 -116.33 48.68
C VAL DA 319 4.00 -117.64 49.45
N ALA EA 29 34.57 -151.52 141.02
CA ALA EA 29 33.40 -150.65 141.05
C ALA EA 29 33.75 -149.28 141.63
N THR EA 30 34.43 -148.46 140.85
CA THR EA 30 34.86 -147.11 141.27
C THR EA 30 34.35 -146.12 140.23
N MET EA 31 33.27 -145.43 140.56
CA MET EA 31 32.65 -144.44 139.69
C MET EA 31 32.63 -143.08 140.37
N GLY EA 32 32.02 -142.10 139.71
CA GLY EA 32 31.83 -140.80 140.31
C GLY EA 32 30.45 -140.65 140.94
N ILE EA 33 30.27 -139.53 141.63
CA ILE EA 33 28.99 -139.28 142.29
C ILE EA 33 27.89 -139.05 141.26
N TRP EA 34 28.15 -138.21 140.26
CA TRP EA 34 27.17 -137.86 139.26
C TRP EA 34 27.29 -138.75 138.03
N THR EA 35 26.16 -139.03 137.40
CA THR EA 35 26.11 -139.84 136.19
C THR EA 35 26.12 -138.93 134.97
N ALA EA 36 26.06 -139.54 133.79
CA ALA EA 36 26.10 -138.78 132.55
C ALA EA 36 24.78 -138.07 132.29
N GLN EA 37 23.66 -138.73 132.59
CA GLN EA 37 22.34 -138.18 132.25
C GLN EA 37 21.99 -136.96 133.08
N GLU EA 38 22.49 -136.85 134.31
CA GLU EA 38 22.12 -135.73 135.17
C GLU EA 38 22.65 -134.41 134.66
N LEU EA 39 23.71 -134.41 133.85
CA LEU EA 39 24.23 -133.21 133.20
C LEU EA 39 24.06 -133.41 131.70
N HIS EA 40 22.86 -133.11 131.21
CA HIS EA 40 22.50 -133.38 129.82
C HIS EA 40 21.23 -132.64 129.46
N ARG EA 41 21.24 -131.87 128.38
CA ARG EA 41 20.10 -131.08 127.98
C ARG EA 41 19.50 -131.62 126.68
N ILE EA 42 18.17 -131.56 126.59
CA ILE EA 42 17.46 -131.94 125.38
C ILE EA 42 16.85 -130.67 124.79
N LYS EA 43 17.20 -130.36 123.54
CA LYS EA 43 16.68 -129.17 122.90
C LYS EA 43 15.17 -129.31 122.69
N SER EA 44 14.47 -128.18 122.82
CA SER EA 44 13.01 -128.15 122.71
C SER EA 44 12.54 -127.85 121.29
N GLN EA 45 13.33 -128.23 120.29
CA GLN EA 45 12.99 -128.01 118.89
C GLN EA 45 13.19 -129.31 118.13
N SER EA 46 12.25 -129.64 117.25
CA SER EA 46 12.31 -130.85 116.45
C SER EA 46 12.16 -130.50 114.97
N TYR EA 47 12.81 -131.30 114.13
CA TYR EA 47 12.80 -131.09 112.68
C TYR EA 47 12.13 -132.26 111.99
N GLU EA 48 11.23 -131.96 111.06
CA GLU EA 48 10.47 -132.97 110.34
C GLU EA 48 10.70 -132.83 108.85
N GLU EA 49 10.71 -133.97 108.15
CA GLU EA 49 10.91 -133.96 106.71
C GLU EA 49 9.70 -133.34 106.01
N ASP EA 50 9.93 -132.85 104.80
CA ASP EA 50 8.92 -132.16 104.01
C ASP EA 50 8.54 -132.99 102.79
N TYR EA 51 7.26 -132.98 102.45
CA TYR EA 51 6.75 -133.68 101.27
C TYR EA 51 5.64 -132.84 100.65
N PRO EA 52 5.97 -132.03 99.65
CA PRO EA 52 4.94 -131.25 98.98
C PRO EA 52 3.97 -132.14 98.22
N VAL EA 53 2.71 -131.69 98.15
CA VAL EA 53 1.68 -132.47 97.49
C VAL EA 53 1.83 -132.38 95.97
N GLY EA 54 1.74 -131.18 95.43
CA GLY EA 54 1.85 -130.99 93.99
C GLY EA 54 1.12 -129.72 93.58
N SER EA 55 0.72 -129.70 92.30
CA SER EA 55 0.06 -128.53 91.74
C SER EA 55 -1.10 -128.90 90.81
N ALA EA 56 -1.48 -130.17 90.76
CA ALA EA 56 -2.51 -130.60 89.83
C ALA EA 56 -3.87 -129.98 90.13
N LEU EA 57 -4.19 -129.78 91.40
CA LEU EA 57 -5.48 -129.23 91.79
C LEU EA 57 -5.53 -127.72 91.73
N ARG EA 58 -4.41 -127.06 91.41
CA ARG EA 58 -4.42 -125.61 91.21
C ARG EA 58 -4.14 -125.21 89.78
N VAL EA 59 -3.54 -126.08 88.96
CA VAL EA 59 -3.29 -125.76 87.56
C VAL EA 59 -4.38 -126.26 86.65
N PHE EA 60 -5.45 -126.84 87.19
CA PHE EA 60 -6.55 -127.34 86.39
C PHE EA 60 -7.88 -127.03 87.08
N PRO EA 61 -8.95 -126.86 86.31
CA PRO EA 61 -10.25 -126.61 86.93
C PRO EA 61 -10.74 -127.83 87.69
N VAL EA 62 -11.54 -127.58 88.73
CA VAL EA 62 -12.09 -128.61 89.58
C VAL EA 62 -13.60 -128.40 89.62
N THR EA 63 -14.34 -129.26 88.94
CA THR EA 63 -15.79 -129.17 88.93
C THR EA 63 -16.40 -130.17 89.91
N THR EA 64 -17.67 -129.93 90.27
CA THR EA 64 -18.41 -130.79 91.18
C THR EA 64 -19.82 -130.97 90.63
N GLU EA 65 -20.01 -132.00 89.81
CA GLU EA 65 -21.27 -132.23 89.13
C GLU EA 65 -21.62 -133.71 89.11
N LEU EA 66 -21.02 -134.50 90.00
CA LEU EA 66 -21.26 -135.93 90.06
C LEU EA 66 -21.70 -136.33 91.46
N SER EA 67 -22.71 -137.20 91.53
CA SER EA 67 -23.18 -137.73 92.80
C SER EA 67 -22.21 -138.80 93.30
N PRO EA 68 -22.15 -139.02 94.62
CA PRO EA 68 -21.22 -140.01 95.16
C PRO EA 68 -21.59 -141.45 94.80
N THR EA 69 -22.66 -141.63 94.04
CA THR EA 69 -23.11 -142.96 93.63
C THR EA 69 -23.20 -143.11 92.12
N ASP EA 70 -22.28 -142.51 91.38
CA ASP EA 70 -22.28 -142.59 89.93
C ASP EA 70 -21.07 -143.40 89.45
N LYS EA 71 -21.21 -143.99 88.25
CA LYS EA 71 -20.12 -144.74 87.64
C LYS EA 71 -19.71 -144.22 86.27
N THR EA 72 -20.66 -143.74 85.47
CA THR EA 72 -20.36 -143.23 84.14
C THR EA 72 -21.10 -141.93 83.92
N PHE EA 73 -20.73 -141.22 82.85
CA PHE EA 73 -21.39 -140.00 82.44
C PHE EA 73 -21.13 -139.79 80.95
N GLU EA 74 -21.93 -138.93 80.34
CA GLU EA 74 -21.82 -138.72 78.90
C GLU EA 74 -22.13 -137.27 78.55
N TYR EA 75 -21.63 -136.85 77.39
CA TYR EA 75 -21.90 -135.54 76.82
C TYR EA 75 -22.14 -135.69 75.32
N MET EA 76 -22.93 -134.77 74.76
CA MET EA 76 -23.39 -134.89 73.39
C MET EA 76 -22.88 -133.74 72.52
N THR EA 77 -22.71 -134.03 71.24
CA THR EA 77 -22.26 -133.07 70.25
C THR EA 77 -23.16 -133.19 69.02
N PHE EA 78 -23.36 -132.08 68.31
CA PHE EA 78 -24.27 -132.04 67.18
C PHE EA 78 -23.60 -131.44 65.95
N ASP EA 79 -24.24 -131.63 64.80
CA ASP EA 79 -23.71 -131.18 63.53
C ASP EA 79 -24.87 -130.85 62.60
N LYS EA 80 -24.53 -130.48 61.36
CA LYS EA 80 -25.55 -130.14 60.37
C LYS EA 80 -24.95 -130.19 58.97
N VAL EA 81 -25.83 -130.33 57.97
CA VAL EA 81 -25.45 -130.30 56.56
C VAL EA 81 -26.47 -129.47 55.81
N GLY EA 82 -26.08 -129.00 54.63
CA GLY EA 82 -26.97 -128.23 53.80
C GLY EA 82 -26.23 -127.59 52.64
N THR EA 83 -27.01 -126.95 51.76
CA THR EA 83 -26.46 -126.29 50.59
C THR EA 83 -27.50 -125.32 50.04
N ALA EA 84 -27.11 -124.59 48.99
CA ALA EA 84 -27.98 -123.65 48.31
C ALA EA 84 -27.56 -123.54 46.86
N GLN EA 85 -28.50 -123.10 46.01
CA GLN EA 85 -28.27 -123.00 44.58
C GLN EA 85 -28.89 -121.70 44.06
N ILE EA 86 -28.47 -121.33 42.85
CA ILE EA 86 -29.04 -120.19 42.14
C ILE EA 86 -30.24 -120.68 41.33
N ILE EA 87 -31.38 -120.02 41.51
CA ILE EA 87 -32.64 -120.46 40.93
C ILE EA 87 -33.26 -119.33 40.12
N ALA EA 88 -34.17 -119.71 39.23
CA ALA EA 88 -35.04 -118.77 38.53
C ALA EA 88 -36.35 -118.65 39.30
N ASP EA 89 -37.37 -118.05 38.67
CA ASP EA 89 -38.63 -117.81 39.36
C ASP EA 89 -39.57 -119.01 39.34
N TYR EA 90 -39.67 -119.72 38.21
CA TYR EA 90 -40.59 -120.84 38.07
C TYR EA 90 -39.88 -122.17 38.37
N THR EA 91 -39.28 -122.26 39.55
CA THR EA 91 -38.50 -123.42 39.93
C THR EA 91 -39.18 -124.16 41.08
N ASP EA 92 -39.08 -125.50 41.05
CA ASP EA 92 -39.54 -126.33 42.16
C ASP EA 92 -38.59 -127.49 42.41
N ASP EA 93 -37.28 -127.20 42.43
CA ASP EA 93 -36.27 -128.22 42.68
C ASP EA 93 -35.25 -127.73 43.70
N LEU EA 94 -35.75 -127.16 44.80
CA LEU EA 94 -34.87 -126.61 45.82
C LEU EA 94 -34.17 -127.73 46.60
N PRO EA 95 -32.94 -127.52 47.03
CA PRO EA 95 -32.24 -128.52 47.85
C PRO EA 95 -32.69 -128.44 49.30
N LEU EA 96 -32.15 -129.34 50.12
CA LEU EA 96 -32.62 -129.55 51.50
C LEU EA 96 -31.44 -129.55 52.48
N VAL EA 97 -31.78 -129.71 53.76
CA VAL EA 97 -30.82 -129.71 54.86
C VAL EA 97 -31.17 -130.86 55.80
N ASP EA 98 -30.30 -131.08 56.80
CA ASP EA 98 -30.49 -132.14 57.79
C ASP EA 98 -29.56 -131.88 58.97
N ALA EA 99 -29.58 -132.80 59.95
CA ALA EA 99 -28.79 -132.67 61.16
C ALA EA 99 -28.53 -134.05 61.77
N LEU EA 100 -27.57 -134.11 62.68
CA LEU EA 100 -27.16 -135.36 63.32
C LEU EA 100 -26.38 -135.05 64.59
N GLY EA 101 -25.99 -136.10 65.32
CA GLY EA 101 -25.27 -135.94 66.57
C GLY EA 101 -24.60 -137.23 67.02
N THR EA 102 -23.90 -137.12 68.15
CA THR EA 102 -23.14 -138.25 68.72
C THR EA 102 -22.87 -137.96 70.20
N SER EA 103 -22.10 -138.85 70.84
CA SER EA 103 -21.84 -138.74 72.28
C SER EA 103 -20.56 -139.50 72.64
N GLU EA 104 -20.09 -139.24 73.86
CA GLU EA 104 -18.89 -139.87 74.42
C GLU EA 104 -19.07 -140.05 75.93
N PHE EA 105 -18.20 -140.87 76.54
CA PHE EA 105 -18.42 -141.36 77.91
C PHE EA 105 -17.22 -141.08 78.82
N GLY EA 106 -17.32 -141.56 80.07
CA GLY EA 106 -16.30 -141.39 81.08
C GLY EA 106 -16.51 -142.36 82.24
N LYS EA 107 -15.56 -142.34 83.19
CA LYS EA 107 -15.54 -143.33 84.26
C LYS EA 107 -15.12 -142.68 85.58
N VAL EA 108 -15.23 -143.46 86.66
CA VAL EA 108 -14.94 -143.04 88.04
C VAL EA 108 -14.23 -144.18 88.77
N PHE EA 109 -13.27 -143.83 89.63
CA PHE EA 109 -12.43 -144.82 90.33
C PHE EA 109 -12.43 -144.56 91.83
N ARG EA 110 -11.96 -145.55 92.59
CA ARG EA 110 -11.94 -145.52 94.04
C ARG EA 110 -10.55 -145.89 94.55
N LEU EA 111 -10.17 -145.34 95.71
CA LEU EA 111 -8.85 -145.49 96.29
C LEU EA 111 -8.97 -145.87 97.76
N GLY EA 112 -7.93 -146.50 98.30
CA GLY EA 112 -7.93 -146.86 99.70
C GLY EA 112 -6.59 -147.35 100.19
N ASN EA 113 -6.41 -147.29 101.51
CA ASN EA 113 -5.27 -147.85 102.21
C ASN EA 113 -5.70 -148.16 103.64
N ALA EA 114 -4.73 -148.45 104.51
CA ALA EA 114 -5.05 -148.79 105.90
C ALA EA 114 -3.79 -148.68 106.75
N TYR EA 115 -3.96 -148.86 108.06
CA TYR EA 115 -2.83 -148.90 108.97
C TYR EA 115 -3.18 -149.73 110.21
N LEU EA 116 -2.13 -150.08 110.96
CA LEU EA 116 -2.22 -150.93 112.14
C LEU EA 116 -1.57 -150.22 113.33
N ILE EA 117 -2.03 -150.57 114.54
CA ILE EA 117 -1.47 -150.02 115.77
C ILE EA 117 -1.87 -150.91 116.93
N SER EA 118 -1.12 -150.83 118.02
CA SER EA 118 -1.26 -151.74 119.16
C SER EA 118 -1.57 -150.99 120.44
N ILE EA 119 -2.08 -151.73 121.42
CA ILE EA 119 -2.51 -151.15 122.68
C ILE EA 119 -1.33 -150.55 123.45
N ASP EA 120 -0.19 -151.25 123.46
CA ASP EA 120 0.97 -150.73 124.16
C ASP EA 120 1.43 -149.41 123.58
N GLU EA 121 1.42 -149.29 122.25
CA GLU EA 121 1.79 -148.02 121.62
C GLU EA 121 0.75 -146.94 121.92
N ILE EA 122 -0.53 -147.31 121.96
CA ILE EA 122 -1.56 -146.34 122.34
C ILE EA 122 -1.30 -145.80 123.73
N LYS EA 123 -0.97 -146.68 124.68
CA LYS EA 123 -0.70 -146.22 126.05
C LYS EA 123 0.58 -145.41 126.14
N ALA EA 124 1.61 -145.79 125.39
CA ALA EA 124 2.87 -145.05 125.44
C ALA EA 124 2.75 -143.68 124.79
N GLY EA 125 1.83 -143.53 123.83
CA GLY EA 125 1.61 -142.22 123.25
C GLY EA 125 1.10 -141.19 124.24
N GLN EA 126 0.23 -141.61 125.16
CA GLN EA 126 -0.32 -140.70 126.15
C GLN EA 126 0.64 -140.43 127.31
N ALA EA 127 1.78 -141.11 127.35
CA ALA EA 127 2.78 -140.91 128.40
C ALA EA 127 4.01 -140.18 127.92
N THR EA 128 4.61 -140.62 126.81
CA THR EA 128 5.82 -139.98 126.33
C THR EA 128 5.55 -138.60 125.72
N GLY EA 129 4.29 -138.31 125.41
CA GLY EA 129 3.91 -137.05 124.82
C GLY EA 129 3.85 -137.03 123.31
N ARG EA 130 4.34 -138.08 122.64
CA ARG EA 130 4.32 -138.16 121.19
C ARG EA 130 3.38 -139.27 120.74
N PRO EA 131 2.14 -138.96 120.35
CA PRO EA 131 1.24 -140.01 119.87
C PRO EA 131 1.72 -140.56 118.53
N LEU EA 132 1.34 -141.82 118.28
CA LEU EA 132 1.74 -142.50 117.05
C LEU EA 132 0.61 -142.62 116.03
N SER EA 133 -0.65 -142.57 116.48
CA SER EA 133 -1.77 -142.68 115.54
C SER EA 133 -1.82 -141.50 114.59
N THR EA 134 -1.53 -140.29 115.09
CA THR EA 134 -1.63 -139.09 114.26
C THR EA 134 -0.63 -139.13 113.11
N ARG EA 135 0.58 -139.63 113.36
CA ARG EA 135 1.58 -139.69 112.30
C ARG EA 135 1.15 -140.63 111.19
N LYS EA 136 0.61 -141.79 111.55
CA LYS EA 136 0.12 -142.72 110.54
C LYS EA 136 -1.07 -142.16 109.79
N ALA EA 137 -1.94 -141.42 110.47
CA ALA EA 137 -3.07 -140.79 109.81
C ALA EA 137 -2.60 -139.76 108.78
N SER EA 138 -1.63 -138.93 109.16
CA SER EA 138 -1.08 -137.95 108.24
C SER EA 138 -0.41 -138.64 107.05
N ALA EA 139 0.28 -139.75 107.31
CA ALA EA 139 0.89 -140.51 106.22
C ALA EA 139 -0.18 -141.02 105.25
N CYS EA 140 -1.29 -141.52 105.78
CA CYS EA 140 -2.36 -142.02 104.91
C CYS EA 140 -2.95 -140.91 104.06
N GLN EA 141 -3.23 -139.75 104.67
CA GLN EA 141 -3.77 -138.63 103.91
C GLN EA 141 -2.82 -138.20 102.81
N LEU EA 142 -1.52 -138.09 103.15
CA LEU EA 142 -0.54 -137.69 102.15
C LEU EA 142 -0.45 -138.72 101.03
N ALA EA 143 -0.55 -140.01 101.38
CA ALA EA 143 -0.50 -141.05 100.36
C ALA EA 143 -1.66 -140.93 99.38
N HIS EA 144 -2.87 -140.69 99.89
CA HIS EA 144 -4.02 -140.52 98.99
C HIS EA 144 -3.83 -139.31 98.08
N ASP EA 145 -3.41 -138.18 98.65
CA ASP EA 145 -3.25 -136.98 97.82
C ASP EA 145 -2.18 -137.18 96.76
N GLN EA 146 -1.05 -137.81 97.12
CA GLN EA 146 0.01 -138.05 96.15
C GLN EA 146 -0.43 -139.03 95.08
N LEU EA 147 -1.22 -140.05 95.44
CA LEU EA 147 -1.72 -140.98 94.43
C LEU EA 147 -2.65 -140.26 93.44
N VAL EA 148 -3.51 -139.37 93.94
CA VAL EA 148 -4.36 -138.60 93.04
C VAL EA 148 -3.51 -137.75 92.09
N ASN EA 149 -2.49 -137.09 92.62
CA ASN EA 149 -1.62 -136.26 91.78
C ASN EA 149 -0.92 -137.12 90.72
N ARG EA 150 -0.44 -138.30 91.11
CA ARG EA 150 0.21 -139.19 90.15
C ARG EA 150 -0.76 -139.62 89.06
N LEU EA 151 -1.99 -139.95 89.44
CA LEU EA 151 -2.99 -140.33 88.44
C LEU EA 151 -3.26 -139.19 87.47
N VAL EA 152 -3.34 -137.96 87.97
CA VAL EA 152 -3.59 -136.82 87.09
C VAL EA 152 -2.42 -136.62 86.13
N PHE EA 153 -1.19 -136.69 86.62
CA PHE EA 153 -0.06 -136.33 85.78
C PHE EA 153 0.46 -137.48 84.93
N LYS EA 154 0.91 -138.57 85.55
CA LYS EA 154 1.47 -139.69 84.80
C LYS EA 154 0.42 -140.67 84.31
N GLY EA 155 -0.64 -140.91 85.10
CA GLY EA 155 -1.68 -141.83 84.70
C GLY EA 155 -1.24 -143.27 84.83
N SER EA 156 -2.19 -144.17 84.55
CA SER EA 156 -1.96 -145.61 84.62
C SER EA 156 -2.35 -146.24 83.30
N ALA EA 157 -1.47 -147.07 82.76
CA ALA EA 157 -1.72 -147.73 81.48
C ALA EA 157 -2.74 -148.85 81.60
N PRO EA 158 -2.58 -149.84 82.49
CA PRO EA 158 -3.55 -150.95 82.53
C PRO EA 158 -4.97 -150.51 82.83
N HIS EA 159 -5.15 -149.43 83.58
CA HIS EA 159 -6.48 -148.95 83.93
C HIS EA 159 -7.10 -148.05 82.87
N LYS EA 160 -6.42 -147.86 81.73
CA LYS EA 160 -6.92 -147.04 80.63
C LYS EA 160 -7.19 -145.60 81.09
N ILE EA 161 -6.32 -145.09 81.94
CA ILE EA 161 -6.38 -143.70 82.39
C ILE EA 161 -5.34 -142.94 81.59
N VAL EA 162 -5.78 -142.30 80.51
CA VAL EA 162 -4.87 -141.54 79.67
C VAL EA 162 -4.55 -140.22 80.35
N SER EA 163 -3.26 -139.93 80.47
CA SER EA 163 -2.79 -138.74 81.16
C SER EA 163 -2.61 -137.59 80.17
N VAL EA 164 -2.14 -136.45 80.68
CA VAL EA 164 -1.94 -135.28 79.84
C VAL EA 164 -0.78 -135.44 78.88
N PHE EA 165 0.13 -136.38 79.13
CA PHE EA 165 1.26 -136.61 78.25
C PHE EA 165 1.06 -137.78 77.29
N ASN EA 166 0.15 -138.70 77.59
CA ASN EA 166 -0.06 -139.88 76.77
C ASN EA 166 -1.35 -139.84 75.97
N HIS EA 167 -2.12 -138.78 76.06
CA HIS EA 167 -3.37 -138.70 75.31
C HIS EA 167 -3.08 -138.67 73.81
N PRO EA 168 -3.70 -139.55 73.01
CA PRO EA 168 -3.37 -139.63 71.58
C PRO EA 168 -4.01 -138.56 70.72
N ASN EA 169 -4.60 -137.51 71.29
CA ASN EA 169 -5.29 -136.50 70.51
C ASN EA 169 -4.71 -135.10 70.66
N ILE EA 170 -4.00 -134.81 71.75
CA ILE EA 170 -3.41 -133.49 71.97
C ILE EA 170 -2.27 -133.31 70.99
N THR EA 171 -1.90 -132.05 70.74
CA THR EA 171 -0.84 -131.76 69.79
C THR EA 171 0.52 -131.98 70.47
N LYS EA 172 1.42 -132.64 69.75
CA LYS EA 172 2.76 -132.94 70.25
C LYS EA 172 3.79 -132.39 69.28
N ILE EA 173 4.77 -131.66 69.81
CA ILE EA 173 5.79 -131.02 69.00
C ILE EA 173 7.16 -131.48 69.48
N THR EA 174 7.92 -132.11 68.59
CA THR EA 174 9.30 -132.42 68.85
C THR EA 174 10.14 -131.15 68.73
N SER EA 175 11.33 -131.18 69.33
CA SER EA 175 12.14 -129.98 69.40
C SER EA 175 13.61 -130.34 69.55
N GLY EA 176 14.46 -129.47 69.01
CA GLY EA 176 15.86 -129.49 69.39
C GLY EA 176 16.03 -129.03 70.83
N LYS EA 177 17.09 -129.52 71.46
CA LYS EA 177 17.27 -129.26 72.89
C LYS EA 177 17.48 -127.78 73.16
N TRP EA 178 16.75 -127.25 74.14
CA TRP EA 178 17.00 -125.87 74.57
C TRP EA 178 18.35 -125.76 75.26
N ILE EA 179 18.75 -126.78 76.01
CA ILE EA 179 20.05 -126.83 76.67
C ILE EA 179 20.76 -128.06 76.12
N ASP EA 180 21.72 -127.85 75.23
CA ASP EA 180 22.49 -128.93 74.63
C ASP EA 180 23.95 -128.86 75.11
N ALA EA 181 24.26 -129.67 76.13
CA ALA EA 181 25.59 -129.73 76.74
C ALA EA 181 26.02 -128.36 77.27
N SER EA 182 25.24 -127.86 78.24
CA SER EA 182 25.50 -126.61 78.94
C SER EA 182 25.59 -125.42 77.99
N THR EA 183 24.83 -125.43 76.91
CA THR EA 183 24.78 -124.33 75.94
C THR EA 183 23.32 -123.89 75.81
N MET EA 184 22.99 -122.78 76.45
CA MET EA 184 21.62 -122.28 76.41
C MET EA 184 21.32 -121.67 75.04
N LYS EA 185 20.14 -121.99 74.50
CA LYS EA 185 19.70 -121.51 73.19
C LYS EA 185 18.32 -120.91 73.33
N PRO EA 186 18.21 -119.69 73.90
CA PRO EA 186 16.88 -119.07 74.09
C PRO EA 186 16.16 -118.77 72.79
N GLU EA 187 16.88 -118.65 71.67
CA GLU EA 187 16.21 -118.35 70.40
C GLU EA 187 15.28 -119.48 69.99
N THR EA 188 15.70 -120.73 70.22
CA THR EA 188 14.83 -121.86 69.92
C THR EA 188 13.56 -121.81 70.76
N ALA EA 189 13.69 -121.49 72.04
CA ALA EA 189 12.51 -121.40 72.90
C ALA EA 189 11.56 -120.31 72.43
N GLU EA 190 12.12 -119.14 72.09
CA GLU EA 190 11.30 -118.04 71.62
C GLU EA 190 10.62 -118.34 70.30
N ALA EA 191 11.28 -119.10 69.42
CA ALA EA 191 10.65 -119.49 68.16
C ALA EA 191 9.60 -120.58 68.34
N GLU EA 192 9.76 -121.45 69.33
CA GLU EA 192 8.86 -122.58 69.49
C GLU EA 192 7.60 -122.24 70.29
N LEU EA 193 7.70 -121.36 71.29
CA LEU EA 193 6.49 -121.04 72.06
C LEU EA 193 5.42 -120.38 71.19
N THR EA 194 5.82 -119.43 70.34
CA THR EA 194 4.87 -118.80 69.44
C THR EA 194 4.28 -119.79 68.45
N GLN EA 195 5.08 -120.78 68.04
CA GLN EA 195 4.57 -121.83 67.17
C GLN EA 195 3.43 -122.59 67.85
N ALA EA 196 3.61 -122.94 69.13
CA ALA EA 196 2.55 -123.64 69.85
C ALA EA 196 1.31 -122.79 69.99
N ILE EA 197 1.48 -121.50 70.30
CA ILE EA 197 0.32 -120.62 70.45
C ILE EA 197 -0.44 -120.51 69.12
N GLU EA 198 0.30 -120.31 68.02
CA GLU EA 198 -0.32 -120.23 66.71
C GLU EA 198 -1.02 -121.53 66.34
N THR EA 199 -0.43 -122.68 66.71
CA THR EA 199 -1.07 -123.95 66.44
C THR EA 199 -2.39 -124.07 67.19
N ILE EA 200 -2.41 -123.66 68.46
CA ILE EA 200 -3.66 -123.71 69.22
C ILE EA 200 -4.73 -122.85 68.58
N GLU EA 201 -4.36 -121.63 68.17
CA GLU EA 201 -5.35 -120.78 67.51
C GLU EA 201 -5.83 -121.39 66.18
N THR EA 202 -4.90 -121.88 65.37
CA THR EA 202 -5.24 -122.30 64.01
C THR EA 202 -6.08 -123.57 64.00
N ILE EA 203 -5.66 -124.59 64.77
CA ILE EA 203 -6.39 -125.86 64.75
C ILE EA 203 -7.81 -125.71 65.28
N THR EA 204 -8.02 -124.89 66.30
CA THR EA 204 -9.35 -124.65 66.83
C THR EA 204 -10.15 -123.67 65.97
N ARG EA 205 -9.47 -122.89 65.13
CA ARG EA 205 -10.13 -121.96 64.21
C ARG EA 205 -10.94 -120.91 64.96
N GLY EA 206 -10.23 -120.06 65.71
CA GLY EA 206 -10.89 -119.10 66.55
C GLY EA 206 -11.41 -119.75 67.82
N GLN EA 207 -12.21 -118.99 68.55
CA GLN EA 207 -13.05 -119.37 69.69
C GLN EA 207 -12.25 -119.92 70.87
N HIS EA 208 -10.94 -120.06 70.74
CA HIS EA 208 -10.10 -120.55 71.84
C HIS EA 208 -8.70 -119.99 71.66
N ARG EA 209 -8.15 -119.43 72.74
CA ARG EA 209 -6.79 -118.90 72.74
C ARG EA 209 -6.00 -119.47 73.91
N ALA EA 210 -4.71 -119.65 73.70
CA ALA EA 210 -3.84 -120.13 74.77
C ALA EA 210 -3.73 -119.10 75.88
N THR EA 211 -3.76 -119.58 77.11
CA THR EA 211 -3.72 -118.67 78.26
C THR EA 211 -2.65 -119.04 79.27
N ASN EA 212 -2.26 -120.30 79.37
CA ASN EA 212 -1.31 -120.75 80.37
C ASN EA 212 -0.17 -121.53 79.73
N ILE EA 213 1.04 -121.30 80.26
CA ILE EA 213 2.24 -122.03 79.87
C ILE EA 213 2.90 -122.56 81.13
N LEU EA 214 3.32 -123.82 81.10
CA LEU EA 214 3.99 -124.46 82.23
C LEU EA 214 5.33 -125.01 81.78
N ILE EA 215 6.39 -124.65 82.51
CA ILE EA 215 7.76 -125.03 82.17
C ILE EA 215 8.46 -125.60 83.40
N PRO EA 216 9.48 -126.43 83.24
CA PRO EA 216 10.20 -126.94 84.41
C PRO EA 216 10.97 -125.83 85.09
N PRO EA 217 11.17 -125.93 86.41
CA PRO EA 217 11.90 -124.87 87.12
C PRO EA 217 13.36 -124.73 86.72
N SER EA 218 13.98 -125.77 86.18
CA SER EA 218 15.41 -125.71 85.90
C SER EA 218 15.72 -125.04 84.57
N MET EA 219 14.73 -124.45 83.91
CA MET EA 219 14.94 -123.81 82.61
C MET EA 219 14.60 -122.33 82.63
N ARG EA 220 14.41 -121.73 83.81
CA ARG EA 220 14.16 -120.30 83.88
C ARG EA 220 15.40 -119.48 83.54
N LYS EA 221 16.59 -120.06 83.75
CA LYS EA 221 17.83 -119.34 83.40
C LYS EA 221 17.95 -119.14 81.90
N VAL EA 222 17.35 -120.01 81.11
CA VAL EA 222 17.36 -119.83 79.66
C VAL EA 222 16.58 -118.58 79.27
N LEU EA 223 15.41 -118.38 79.85
CA LEU EA 223 14.58 -117.22 79.57
C LEU EA 223 15.07 -115.96 80.26
N ALA EA 224 15.87 -116.07 81.32
CA ALA EA 224 16.37 -114.91 82.03
C ALA EA 224 17.58 -114.28 81.37
N ILE EA 225 18.07 -114.85 80.26
CA ILE EA 225 19.25 -114.32 79.60
C ILE EA 225 18.94 -112.97 78.97
N ARG EA 226 19.85 -112.01 79.13
CA ARG EA 226 19.76 -110.74 78.45
C ARG EA 226 20.25 -110.88 77.02
N MET EA 227 19.49 -110.33 76.07
CA MET EA 227 19.87 -110.46 74.66
C MET EA 227 21.12 -109.63 74.38
N PRO EA 228 21.92 -110.02 73.40
CA PRO EA 228 23.09 -109.22 73.04
C PRO EA 228 22.69 -107.82 72.58
N GLU EA 229 23.48 -106.84 72.99
CA GLU EA 229 23.35 -105.45 72.54
C GLU EA 229 22.01 -104.83 72.98
N THR EA 230 21.30 -105.49 73.88
CA THR EA 230 20.03 -104.98 74.40
C THR EA 230 20.13 -104.86 75.90
N THR EA 231 19.04 -104.38 76.52
CA THR EA 231 19.02 -104.13 77.95
C THR EA 231 17.85 -104.83 78.66
N MET EA 232 17.24 -105.83 78.03
CA MET EA 232 16.23 -106.63 78.71
C MET EA 232 16.33 -108.07 78.23
N SER EA 233 15.53 -108.94 78.87
CA SER EA 233 15.64 -110.38 78.70
C SER EA 233 14.60 -110.91 77.71
N TYR EA 234 14.83 -112.15 77.29
CA TYR EA 234 13.92 -112.84 76.38
C TYR EA 234 12.53 -112.95 77.00
N LEU EA 235 12.46 -113.18 78.31
CA LEU EA 235 11.17 -113.25 78.99
C LEU EA 235 10.41 -111.92 78.87
N ASP EA 236 11.12 -110.81 79.09
CA ASP EA 236 10.47 -109.51 78.97
C ASP EA 236 9.99 -109.25 77.55
N TYR EA 237 10.81 -109.60 76.56
CA TYR EA 237 10.40 -109.44 75.17
C TYR EA 237 9.16 -110.29 74.86
N PHE EA 238 9.15 -111.54 75.33
CA PHE EA 238 8.03 -112.41 75.07
C PHE EA 238 6.75 -111.88 75.71
N LYS EA 239 6.84 -111.40 76.95
CA LYS EA 239 5.66 -110.83 77.59
C LYS EA 239 5.19 -109.59 76.87
N SER EA 240 6.11 -108.73 76.43
CA SER EA 240 5.72 -107.52 75.72
C SER EA 240 5.02 -107.85 74.41
N GLN EA 241 5.52 -108.87 73.69
CA GLN EA 241 4.92 -109.22 72.40
C GLN EA 241 3.62 -110.00 72.53
N ASN EA 242 3.48 -110.84 73.56
CA ASN EA 242 2.31 -111.70 73.73
C ASN EA 242 1.67 -111.48 75.09
N SER EA 243 1.48 -110.21 75.45
CA SER EA 243 0.84 -109.88 76.71
C SER EA 243 -0.55 -110.50 76.79
N GLY EA 244 -0.89 -111.02 77.97
CA GLY EA 244 -2.16 -111.65 78.21
C GLY EA 244 -2.11 -113.13 78.54
N ILE EA 245 -0.92 -113.73 78.59
CA ILE EA 245 -0.76 -115.13 78.92
C ILE EA 245 0.17 -115.25 80.11
N GLU EA 246 -0.02 -116.30 80.91
CA GLU EA 246 0.70 -116.48 82.17
C GLU EA 246 1.65 -117.67 82.08
N ILE EA 247 2.88 -117.46 82.53
CA ILE EA 247 3.92 -118.47 82.52
C ILE EA 247 4.18 -118.92 83.96
N ASP EA 248 4.26 -120.23 84.18
CA ASP EA 248 4.43 -120.79 85.50
C ASP EA 248 5.44 -121.93 85.47
N SER EA 249 5.97 -122.25 86.64
CA SER EA 249 6.98 -123.27 86.82
C SER EA 249 6.44 -124.42 87.67
N ILE EA 250 6.56 -125.64 87.15
CA ILE EA 250 6.04 -126.83 87.80
C ILE EA 250 7.14 -127.88 87.85
N ALA EA 251 7.34 -128.46 89.04
CA ALA EA 251 8.42 -129.44 89.22
C ALA EA 251 8.08 -130.81 88.64
N GLU EA 252 6.83 -131.02 88.21
CA GLU EA 252 6.43 -132.29 87.62
C GLU EA 252 6.89 -132.44 86.17
N LEU EA 253 7.45 -131.39 85.57
CA LEU EA 253 7.82 -131.41 84.17
C LEU EA 253 9.29 -131.73 83.94
N GLU EA 254 10.01 -132.15 84.96
CA GLU EA 254 11.39 -132.60 84.81
C GLU EA 254 11.49 -134.06 84.40
N ASP EA 255 10.37 -134.78 84.39
CA ASP EA 255 10.39 -136.20 84.03
C ASP EA 255 9.00 -136.55 83.51
N ILE EA 256 8.86 -136.63 82.18
CA ILE EA 256 7.58 -136.93 81.56
C ILE EA 256 7.43 -138.39 81.20
N ASP EA 257 8.52 -139.16 81.11
CA ASP EA 257 8.43 -140.57 80.77
C ASP EA 257 9.33 -141.45 81.64
N GLY EA 258 9.96 -140.91 82.68
CA GLY EA 258 10.80 -141.69 83.55
C GLY EA 258 12.23 -141.84 83.11
N ALA EA 259 12.60 -141.31 81.94
CA ALA EA 259 13.96 -141.44 81.41
C ALA EA 259 14.68 -140.11 81.30
N GLY EA 260 14.27 -139.11 82.10
CA GLY EA 260 14.91 -137.82 82.08
C GLY EA 260 14.40 -136.83 81.06
N THR EA 261 13.45 -137.23 80.21
CA THR EA 261 12.91 -136.32 79.22
C THR EA 261 12.07 -135.24 79.90
N LYS EA 262 12.20 -134.02 79.41
CA LYS EA 262 11.46 -132.88 79.93
C LYS EA 262 10.43 -132.42 78.91
N GLY EA 263 9.46 -131.64 79.39
CA GLY EA 263 8.38 -131.18 78.52
C GLY EA 263 7.87 -129.82 78.94
N VAL EA 264 7.16 -129.19 78.02
CA VAL EA 264 6.54 -127.89 78.23
C VAL EA 264 5.07 -127.98 77.83
N LEU EA 265 4.18 -127.42 78.65
CA LEU EA 265 2.75 -127.47 78.39
C LEU EA 265 2.25 -126.09 78.00
N VAL EA 266 1.40 -126.03 76.97
CA VAL EA 266 0.72 -124.81 76.59
C VAL EA 266 -0.76 -125.13 76.42
N TYR EA 267 -1.62 -124.41 77.12
CA TYR EA 267 -3.04 -124.75 77.12
C TYR EA 267 -3.88 -123.55 77.52
N GLU EA 268 -5.19 -123.77 77.57
CA GLU EA 268 -6.17 -122.77 77.93
C GLU EA 268 -6.98 -123.28 79.12
N LYS EA 269 -7.25 -122.41 80.08
CA LYS EA 269 -7.91 -122.81 81.32
C LYS EA 269 -9.39 -122.47 81.25
N ASN EA 270 -10.23 -123.50 81.23
CA ASN EA 270 -11.69 -123.36 81.16
C ASN EA 270 -12.32 -124.69 81.51
N PRO EA 271 -13.31 -124.72 82.41
CA PRO EA 271 -13.90 -126.02 82.81
C PRO EA 271 -14.51 -126.81 81.67
N MET EA 272 -14.88 -126.16 80.56
CA MET EA 272 -15.46 -126.86 79.43
C MET EA 272 -14.44 -127.65 78.63
N ASN EA 273 -13.14 -127.47 78.89
CA ASN EA 273 -12.09 -128.20 78.18
C ASN EA 273 -11.49 -129.35 78.97
N MET EA 274 -11.28 -129.18 80.27
CA MET EA 274 -10.75 -130.25 81.10
C MET EA 274 -11.23 -130.06 82.53
N SER EA 275 -11.35 -131.17 83.24
CA SER EA 275 -11.90 -131.11 84.59
C SER EA 275 -11.39 -132.29 85.42
N ILE EA 276 -11.51 -132.14 86.73
CA ILE EA 276 -11.19 -133.18 87.70
C ILE EA 276 -12.31 -133.21 88.74
N GLU EA 277 -12.80 -134.41 89.04
CA GLU EA 277 -13.91 -134.58 89.97
C GLU EA 277 -13.44 -135.37 91.19
N ILE EA 278 -13.92 -134.98 92.36
CA ILE EA 278 -13.61 -135.68 93.61
C ILE EA 278 -14.93 -135.99 94.30
N PRO EA 279 -15.67 -137.01 93.86
CA PRO EA 279 -17.01 -137.26 94.42
C PRO EA 279 -17.02 -137.53 95.92
N GLU EA 280 -16.01 -138.21 96.45
CA GLU EA 280 -15.98 -138.57 97.86
C GLU EA 280 -14.65 -138.15 98.45
N ALA EA 281 -14.72 -137.43 99.58
CA ALA EA 281 -13.52 -136.94 100.24
C ALA EA 281 -12.92 -138.01 101.13
N PHE EA 282 -11.71 -137.73 101.63
CA PHE EA 282 -11.02 -138.66 102.51
C PHE EA 282 -11.80 -138.85 103.81
N ASN EA 283 -11.95 -140.10 104.23
CA ASN EA 283 -12.62 -140.41 105.48
C ASN EA 283 -12.07 -141.72 106.03
N MET EA 284 -12.26 -141.91 107.32
CA MET EA 284 -11.80 -143.10 108.02
C MET EA 284 -12.98 -143.96 108.45
N LEU EA 285 -12.71 -145.22 108.70
CA LEU EA 285 -13.70 -146.17 109.18
C LEU EA 285 -13.45 -146.51 110.64
N PRO EA 286 -14.47 -146.97 111.36
CA PRO EA 286 -14.26 -147.33 112.77
C PRO EA 286 -13.21 -148.42 112.92
N ALA EA 287 -12.45 -148.34 114.01
CA ALA EA 287 -11.38 -149.29 114.24
C ALA EA 287 -11.94 -150.70 114.43
N GLN EA 288 -11.23 -151.67 113.85
CA GLN EA 288 -11.65 -153.07 113.89
C GLN EA 288 -10.78 -153.83 114.89
N PRO EA 289 -11.32 -154.26 116.03
CA PRO EA 289 -10.49 -154.89 117.04
C PRO EA 289 -9.97 -156.26 116.63
N LYS EA 290 -8.79 -156.59 117.12
CA LYS EA 290 -8.23 -157.93 117.02
C LYS EA 290 -7.77 -158.36 118.41
N ASP EA 291 -6.99 -159.43 118.51
CA ASP EA 291 -6.54 -159.97 119.79
C ASP EA 291 -6.07 -158.89 120.75
N LEU EA 292 -5.05 -158.13 120.36
CA LEU EA 292 -4.55 -157.06 121.21
C LEU EA 292 -4.22 -155.79 120.44
N HIS EA 293 -4.48 -155.74 119.14
CA HIS EA 293 -4.21 -154.56 118.33
C HIS EA 293 -5.45 -154.21 117.52
N PHE EA 294 -5.36 -153.13 116.75
CA PHE EA 294 -6.47 -152.64 115.94
C PHE EA 294 -6.06 -152.60 114.48
N LYS EA 295 -6.98 -152.11 113.64
CA LYS EA 295 -6.74 -152.01 112.20
C LYS EA 295 -7.72 -150.98 111.64
N VAL EA 296 -7.20 -149.89 111.07
CA VAL EA 296 -8.03 -148.78 110.64
C VAL EA 296 -7.87 -148.60 109.13
N PRO EA 297 -8.94 -148.77 108.35
CA PRO EA 297 -8.87 -148.50 106.91
C PRO EA 297 -9.29 -147.08 106.55
N CYS EA 298 -8.94 -146.68 105.33
CA CYS EA 298 -9.24 -145.35 104.82
C CYS EA 298 -9.54 -145.46 103.33
N THR EA 299 -10.58 -144.74 102.87
CA THR EA 299 -11.03 -144.84 101.49
C THR EA 299 -11.36 -143.45 100.95
N SER EA 300 -11.47 -143.39 99.62
CA SER EA 300 -11.83 -142.15 98.92
C SER EA 300 -12.19 -142.50 97.49
N LYS EA 301 -12.63 -141.48 96.74
CA LYS EA 301 -13.01 -141.65 95.34
C LYS EA 301 -12.45 -140.50 94.51
N CYS EA 302 -12.35 -140.73 93.20
CA CYS EA 302 -11.88 -139.71 92.27
C CYS EA 302 -12.22 -140.14 90.86
N THR EA 303 -11.78 -139.35 89.89
CA THR EA 303 -11.98 -139.68 88.49
C THR EA 303 -10.77 -139.42 87.61
N GLY EA 304 -9.75 -138.72 88.09
CA GLY EA 304 -8.64 -138.32 87.25
C GLY EA 304 -8.98 -137.08 86.44
N LEU EA 305 -8.22 -136.88 85.38
CA LEU EA 305 -8.39 -135.72 84.50
C LEU EA 305 -9.19 -136.14 83.28
N THR EA 306 -10.31 -135.47 83.05
CA THR EA 306 -11.13 -135.68 81.86
C THR EA 306 -10.92 -134.52 80.90
N ILE EA 307 -10.58 -134.84 79.66
CA ILE EA 307 -10.32 -133.86 78.61
C ILE EA 307 -11.46 -133.95 77.60
N TYR EA 308 -12.30 -132.92 77.56
CA TYR EA 308 -13.41 -132.91 76.61
C TYR EA 308 -12.96 -132.44 75.23
N ARG EA 309 -12.16 -131.39 75.18
CA ARG EA 309 -11.65 -130.86 73.91
C ARG EA 309 -10.14 -131.06 73.87
N PRO EA 310 -9.64 -132.05 73.14
CA PRO EA 310 -8.19 -132.31 73.10
C PRO EA 310 -7.42 -131.47 72.08
N MET EA 311 -8.08 -130.54 71.40
CA MET EA 311 -7.41 -129.68 70.43
C MET EA 311 -6.75 -128.47 71.08
N THR EA 312 -6.98 -128.24 72.37
CA THR EA 312 -6.52 -127.04 73.05
C THR EA 312 -5.30 -127.30 73.95
N ILE EA 313 -4.62 -128.42 73.77
CA ILE EA 313 -3.47 -128.78 74.58
C ILE EA 313 -2.30 -129.08 73.65
N VAL EA 314 -1.17 -128.40 73.88
CA VAL EA 314 0.05 -128.61 73.10
C VAL EA 314 1.17 -128.96 74.06
N LEU EA 315 1.90 -130.02 73.74
CA LEU EA 315 3.03 -130.49 74.53
C LEU EA 315 4.28 -130.42 73.69
N ILE EA 316 5.27 -129.67 74.15
CA ILE EA 316 6.59 -129.61 73.53
C ILE EA 316 7.46 -130.62 74.25
N THR EA 317 7.94 -131.63 73.52
CA THR EA 317 8.71 -132.71 74.10
C THR EA 317 10.19 -132.58 73.71
N GLY EA 318 11.04 -133.25 74.47
CA GLY EA 318 12.47 -133.17 74.24
C GLY EA 318 13.10 -131.86 74.65
N VAL EA 319 12.38 -131.01 75.37
CA VAL EA 319 12.84 -129.68 75.73
C VAL EA 319 14.03 -129.75 76.68
N ALA FA 28 87.16 -79.11 135.21
CA ALA FA 28 87.25 -78.84 133.78
C ALA FA 28 85.89 -78.95 133.12
N ALA FA 29 84.83 -78.95 133.93
CA ALA FA 29 83.47 -79.10 133.44
C ALA FA 29 83.03 -77.78 132.81
N THR FA 30 82.65 -77.82 131.55
CA THR FA 30 82.26 -76.63 130.80
C THR FA 30 80.93 -76.92 130.08
N MET FA 31 79.84 -76.38 130.61
CA MET FA 31 78.51 -76.54 130.03
C MET FA 31 77.90 -75.17 129.80
N GLY FA 32 76.70 -75.19 129.23
CA GLY FA 32 75.84 -74.02 129.27
C GLY FA 32 75.02 -74.00 130.54
N ILE FA 33 74.18 -72.98 130.67
CA ILE FA 33 73.32 -72.88 131.84
C ILE FA 33 71.99 -73.59 131.64
N TRP FA 34 71.77 -74.20 130.48
CA TRP FA 34 70.56 -74.96 130.18
C TRP FA 34 70.94 -76.36 129.75
N THR FA 35 70.19 -77.36 130.23
CA THR FA 35 70.39 -78.73 129.80
C THR FA 35 69.33 -79.10 128.75
N ALA FA 36 69.47 -80.31 128.21
CA ALA FA 36 68.61 -80.72 127.10
C ALA FA 36 67.16 -80.89 127.53
N GLN FA 37 66.93 -81.11 128.83
CA GLN FA 37 65.57 -81.41 129.29
C GLN FA 37 64.65 -80.19 129.25
N GLU FA 38 65.14 -79.00 129.61
CA GLU FA 38 64.25 -77.84 129.69
C GLU FA 38 63.78 -77.37 128.32
N LEU FA 39 64.40 -77.83 127.24
CA LEU FA 39 64.00 -77.40 125.91
C LEU FA 39 63.45 -78.58 125.11
N HIS FA 40 62.63 -79.41 125.76
CA HIS FA 40 62.08 -80.61 125.16
C HIS FA 40 60.60 -80.69 125.47
N ARG FA 41 59.82 -81.20 124.51
CA ARG FA 41 58.38 -81.30 124.64
C ARG FA 41 57.93 -82.73 124.35
N ILE FA 42 56.91 -83.17 125.07
CA ILE FA 42 56.28 -84.47 124.84
C ILE FA 42 54.98 -84.22 124.10
N LYS FA 43 54.74 -85.00 123.03
CA LYS FA 43 53.59 -84.77 122.17
C LYS FA 43 52.26 -84.94 122.89
N SER FA 44 52.22 -85.65 124.01
CA SER FA 44 51.01 -85.85 124.82
C SER FA 44 49.89 -86.51 124.03
N GLN FA 45 50.23 -87.28 123.00
CA GLN FA 45 49.25 -88.02 122.22
C GLN FA 45 49.89 -89.33 121.79
N SER FA 46 49.36 -90.45 122.27
CA SER FA 46 49.95 -91.76 122.03
C SER FA 46 49.23 -92.50 120.91
N TYR FA 47 49.98 -93.34 120.22
CA TYR FA 47 49.47 -94.13 119.11
C TYR FA 47 49.54 -95.61 119.49
N GLU FA 48 48.41 -96.30 119.38
CA GLU FA 48 48.30 -97.68 119.82
C GLU FA 48 47.94 -98.57 118.64
N GLU FA 49 48.67 -99.68 118.49
CA GLU FA 49 48.31 -100.66 117.49
C GLU FA 49 47.03 -101.37 117.89
N ASP FA 50 46.15 -101.58 116.92
CA ASP FA 50 44.84 -102.17 117.16
C ASP FA 50 44.82 -103.62 116.69
N TYR FA 51 44.20 -104.49 117.49
CA TYR FA 51 44.03 -105.91 117.16
C TYR FA 51 42.54 -106.20 117.05
N PRO FA 52 41.99 -106.23 115.83
CA PRO FA 52 40.58 -106.57 115.68
C PRO FA 52 40.31 -108.00 116.12
N VAL FA 53 39.12 -108.22 116.68
CA VAL FA 53 38.76 -109.54 117.19
C VAL FA 53 38.39 -110.47 116.05
N GLY FA 54 37.32 -110.13 115.33
CA GLY FA 54 36.82 -111.00 114.29
C GLY FA 54 35.35 -110.73 114.04
N SER FA 55 34.70 -111.69 113.37
CA SER FA 55 33.30 -111.52 113.00
C SER FA 55 32.48 -112.80 113.16
N ALA FA 56 33.00 -113.79 113.88
CA ALA FA 56 32.26 -115.05 114.02
C ALA FA 56 30.95 -114.84 114.75
N LEU FA 57 30.95 -114.05 115.82
CA LEU FA 57 29.73 -113.77 116.56
C LEU FA 57 28.82 -112.79 115.84
N ARG FA 58 29.30 -112.15 114.77
CA ARG FA 58 28.51 -111.19 114.02
C ARG FA 58 27.85 -111.79 112.79
N VAL FA 59 28.50 -112.76 112.13
CA VAL FA 59 27.96 -113.35 110.91
C VAL FA 59 27.08 -114.57 111.18
N PHE FA 60 27.17 -115.17 112.37
CA PHE FA 60 26.32 -116.30 112.71
C PHE FA 60 25.48 -115.98 113.94
N PRO FA 61 24.24 -116.47 114.00
CA PRO FA 61 23.40 -116.18 115.17
C PRO FA 61 23.93 -116.85 116.43
N VAL FA 62 23.64 -116.23 117.56
CA VAL FA 62 24.07 -116.69 118.87
C VAL FA 62 22.83 -116.98 119.71
N THR FA 63 22.75 -118.18 120.24
CA THR FA 63 21.64 -118.60 121.09
C THR FA 63 22.06 -118.59 122.55
N THR FA 64 21.05 -118.56 123.43
CA THR FA 64 21.28 -118.44 124.87
C THR FA 64 20.59 -119.56 125.64
N GLU FA 65 20.29 -120.67 124.98
CA GLU FA 65 19.58 -121.77 125.64
C GLU FA 65 20.55 -122.89 125.99
N LEU FA 66 21.22 -122.71 127.13
CA LEU FA 66 22.10 -123.74 127.68
C LEU FA 66 22.45 -123.34 129.10
N SER FA 67 22.21 -124.25 130.06
CA SER FA 67 22.62 -123.99 131.43
C SER FA 67 24.15 -124.02 131.53
N PRO FA 68 24.72 -123.17 132.39
CA PRO FA 68 26.19 -123.13 132.49
C PRO FA 68 26.83 -124.42 132.96
N THR FA 69 26.06 -125.32 133.55
CA THR FA 69 26.60 -126.55 134.13
C THR FA 69 26.38 -127.77 133.24
N ASP FA 70 25.96 -127.57 131.98
CA ASP FA 70 25.72 -128.68 131.08
C ASP FA 70 27.01 -129.14 130.43
N LYS FA 71 26.96 -130.34 129.84
CA LYS FA 71 28.08 -130.89 129.10
C LYS FA 71 27.72 -131.33 127.68
N THR FA 72 26.52 -131.83 127.44
CA THR FA 72 26.10 -132.27 126.12
C THR FA 72 24.64 -131.89 125.90
N PHE FA 73 24.27 -131.78 124.63
CA PHE FA 73 22.88 -131.53 124.24
C PHE FA 73 22.52 -132.45 123.09
N GLU FA 74 21.21 -132.64 122.89
CA GLU FA 74 20.71 -133.59 121.91
C GLU FA 74 19.50 -133.02 121.20
N TYR FA 75 19.34 -133.39 119.93
CA TYR FA 75 18.17 -132.98 119.16
C TYR FA 75 17.74 -134.11 118.24
N MET FA 76 16.45 -134.13 117.90
CA MET FA 76 15.83 -135.25 117.23
C MET FA 76 15.10 -134.80 115.97
N THR FA 77 15.00 -135.73 115.01
CA THR FA 77 14.28 -135.53 113.77
C THR FA 77 13.44 -136.76 113.45
N PHE FA 78 12.43 -136.59 112.59
CA PHE FA 78 11.46 -137.64 112.29
C PHE FA 78 11.16 -137.68 110.80
N ASP FA 79 10.56 -138.80 110.37
CA ASP FA 79 10.22 -139.02 108.96
C ASP FA 79 9.17 -140.14 108.90
N LYS FA 80 8.59 -140.31 107.72
CA LYS FA 80 7.49 -141.28 107.55
C LYS FA 80 7.46 -141.81 106.13
N VAL FA 81 6.76 -142.94 105.96
CA VAL FA 81 6.63 -143.60 104.67
C VAL FA 81 5.23 -144.20 104.54
N GLY FA 82 4.78 -144.38 103.31
CA GLY FA 82 3.49 -144.98 103.05
C GLY FA 82 3.16 -144.96 101.56
N THR FA 83 2.02 -145.57 101.24
CA THR FA 83 1.56 -145.67 99.86
C THR FA 83 0.08 -146.01 99.84
N ALA FA 84 -0.51 -145.95 98.65
CA ALA FA 84 -1.93 -146.22 98.46
C ALA FA 84 -2.15 -146.78 97.07
N GLN FA 85 -3.31 -147.41 96.88
CA GLN FA 85 -3.60 -148.12 95.64
C GLN FA 85 -5.08 -147.98 95.29
N ILE FA 86 -5.49 -148.72 94.27
CA ILE FA 86 -6.87 -148.72 93.77
C ILE FA 86 -7.49 -150.06 94.12
N ILE FA 87 -8.70 -150.03 94.70
CA ILE FA 87 -9.32 -151.25 95.21
C ILE FA 87 -10.72 -151.42 94.64
N ALA FA 88 -11.33 -152.57 94.91
CA ALA FA 88 -12.70 -152.88 94.53
C ALA FA 88 -13.56 -152.98 95.80
N ASP FA 89 -14.83 -153.30 95.61
CA ASP FA 89 -15.75 -153.36 96.74
C ASP FA 89 -15.39 -154.46 97.72
N TYR FA 90 -14.99 -155.63 97.23
CA TYR FA 90 -14.58 -156.74 98.08
C TYR FA 90 -13.05 -156.81 98.07
N THR FA 91 -12.44 -155.97 98.92
CA THR FA 91 -10.99 -155.89 99.01
C THR FA 91 -10.54 -156.35 100.38
N ASP FA 92 -9.41 -157.05 100.43
CA ASP FA 92 -8.87 -157.57 101.67
C ASP FA 92 -7.38 -157.27 101.86
N ASP FA 93 -6.72 -156.67 100.87
CA ASP FA 93 -5.32 -156.32 100.96
C ASP FA 93 -5.15 -154.83 100.70
N LEU FA 94 -4.77 -154.08 101.73
CA LEU FA 94 -4.56 -152.66 101.64
C LEU FA 94 -3.16 -152.31 102.15
N PRO FA 95 -2.47 -151.41 101.46
CA PRO FA 95 -1.11 -151.04 101.89
C PRO FA 95 -1.11 -150.28 103.21
N LEU FA 96 0.05 -150.27 103.86
CA LEU FA 96 0.21 -149.71 105.19
C LEU FA 96 1.21 -148.56 105.18
N VAL FA 97 1.35 -147.90 106.34
CA VAL FA 97 2.21 -146.73 106.52
C VAL FA 97 3.02 -146.92 107.79
N ASP FA 98 4.09 -146.13 107.93
CA ASP FA 98 4.99 -146.26 109.08
C ASP FA 98 5.75 -144.95 109.27
N ALA FA 99 6.47 -144.85 110.39
CA ALA FA 99 7.23 -143.65 110.76
C ALA FA 99 8.49 -144.05 111.50
N LEU FA 100 9.43 -143.10 111.59
CA LEU FA 100 10.73 -143.36 112.21
C LEU FA 100 11.39 -142.03 112.60
N GLY FA 101 12.53 -142.13 113.30
CA GLY FA 101 13.24 -140.96 113.77
C GLY FA 101 14.70 -141.23 114.08
N THR FA 102 15.40 -140.18 114.49
CA THR FA 102 16.82 -140.25 114.82
C THR FA 102 17.21 -139.02 115.65
N SER FA 103 18.47 -138.99 116.11
CA SER FA 103 18.93 -137.93 117.01
C SER FA 103 20.44 -137.71 116.87
N GLU FA 104 20.91 -136.56 117.37
CA GLU FA 104 22.30 -136.13 117.30
C GLU FA 104 22.67 -135.35 118.56
N PHE FA 105 23.99 -135.24 118.82
CA PHE FA 105 24.51 -134.76 120.10
C PHE FA 105 25.50 -133.61 119.88
N GLY FA 106 25.93 -133.01 121.00
CA GLY FA 106 26.88 -131.90 120.99
C GLY FA 106 27.83 -131.95 122.18
N LYS FA 107 28.61 -130.88 122.35
CA LYS FA 107 29.64 -130.82 123.39
C LYS FA 107 29.99 -129.37 123.73
N VAL FA 108 30.72 -129.20 124.85
CA VAL FA 108 31.07 -127.90 125.41
C VAL FA 108 32.51 -127.93 125.94
N PHE FA 109 33.19 -126.78 125.93
CA PHE FA 109 34.58 -126.66 126.35
C PHE FA 109 34.78 -125.40 127.22
N ARG FA 110 35.92 -125.35 127.91
CA ARG FA 110 36.32 -124.23 128.77
C ARG FA 110 37.59 -123.58 128.24
N LEU FA 111 37.80 -122.33 128.68
CA LEU FA 111 38.94 -121.51 128.27
C LEU FA 111 39.47 -120.78 129.50
N GLY FA 112 40.76 -120.49 129.51
CA GLY FA 112 41.34 -119.76 130.64
C GLY FA 112 42.74 -119.26 130.35
N ASN FA 113 43.16 -118.31 131.18
CA ASN FA 113 44.51 -117.72 131.17
C ASN FA 113 44.72 -116.97 132.48
N ALA FA 114 45.81 -116.20 132.57
CA ALA FA 114 46.11 -115.47 133.80
C ALA FA 114 47.10 -114.36 133.50
N TYR FA 115 47.44 -113.59 134.53
CA TYR FA 115 48.46 -112.55 134.43
C TYR FA 115 49.05 -112.26 135.82
N LEU FA 116 50.16 -111.52 135.81
CA LEU FA 116 50.93 -111.21 137.02
C LEU FA 116 51.16 -109.71 137.13
N ILE FA 117 51.37 -109.24 138.36
CA ILE FA 117 51.74 -107.86 138.62
C ILE FA 117 52.33 -107.80 140.02
N SER FA 118 53.10 -106.74 140.29
CA SER FA 118 53.83 -106.61 141.55
C SER FA 118 53.46 -105.29 142.23
N ILE FA 119 53.86 -105.17 143.49
CA ILE FA 119 53.53 -104.01 144.32
C ILE FA 119 54.21 -102.75 143.78
N ASP FA 120 55.50 -102.84 143.46
CA ASP FA 120 56.20 -101.68 142.94
C ASP FA 120 55.60 -101.21 141.64
N GLU FA 121 55.23 -102.15 140.76
CA GLU FA 121 54.61 -101.78 139.49
C GLU FA 121 53.24 -101.14 139.71
N ILE FA 122 52.47 -101.67 140.67
CA ILE FA 122 51.17 -101.08 140.97
C ILE FA 122 51.34 -99.64 141.44
N LYS FA 123 52.28 -99.42 142.36
CA LYS FA 123 52.51 -98.07 142.88
C LYS FA 123 53.01 -97.12 141.79
N ALA FA 124 53.91 -97.60 140.93
CA ALA FA 124 54.43 -96.77 139.85
C ALA FA 124 53.33 -96.39 138.87
N GLY FA 125 52.45 -97.34 138.54
CA GLY FA 125 51.32 -97.02 137.69
C GLY FA 125 50.36 -96.05 138.34
N GLN FA 126 50.16 -96.17 139.65
CA GLN FA 126 49.34 -95.18 140.36
C GLN FA 126 49.96 -93.79 140.29
N ALA FA 127 51.29 -93.70 140.40
CA ALA FA 127 51.95 -92.41 140.47
C ALA FA 127 52.03 -91.73 139.10
N THR FA 128 52.56 -92.45 138.10
CA THR FA 128 52.82 -91.84 136.80
C THR FA 128 51.55 -91.56 136.00
N GLY FA 129 50.40 -92.06 136.44
CA GLY FA 129 49.16 -91.83 135.74
C GLY FA 129 48.85 -92.83 134.65
N ARG FA 130 49.77 -93.73 134.33
CA ARG FA 130 49.55 -94.76 133.31
C ARG FA 130 49.69 -96.12 133.96
N PRO FA 131 48.60 -96.73 134.40
CA PRO FA 131 48.70 -98.01 135.13
C PRO FA 131 49.09 -99.16 134.20
N LEU FA 132 49.27 -100.32 134.81
CA LEU FA 132 49.68 -101.52 134.10
C LEU FA 132 48.67 -102.65 134.16
N SER FA 133 47.81 -102.68 135.18
CA SER FA 133 46.87 -103.78 135.32
C SER FA 133 45.77 -103.74 134.26
N THR FA 134 45.32 -102.54 133.90
CA THR FA 134 44.23 -102.42 132.92
C THR FA 134 44.66 -102.94 131.56
N ARG FA 135 45.89 -102.66 131.15
CA ARG FA 135 46.38 -103.15 129.87
C ARG FA 135 46.40 -104.67 129.83
N LYS FA 136 46.84 -105.30 130.93
CA LYS FA 136 46.89 -106.76 130.97
C LYS FA 136 45.48 -107.36 131.00
N ALA FA 137 44.55 -106.71 131.70
CA ALA FA 137 43.17 -107.17 131.68
C ALA FA 137 42.59 -107.13 130.27
N SER FA 138 42.83 -106.03 129.55
CA SER FA 138 42.36 -105.91 128.18
C SER FA 138 43.01 -106.97 127.30
N ALA FA 139 44.29 -107.25 127.52
CA ALA FA 139 44.97 -108.30 126.76
C ALA FA 139 44.32 -109.66 127.00
N CYS FA 140 43.96 -109.95 128.26
CA CYS FA 140 43.31 -111.23 128.55
C CYS FA 140 41.97 -111.34 127.85
N GLN FA 141 41.16 -110.28 127.91
CA GLN FA 141 39.86 -110.31 127.24
C GLN FA 141 40.02 -110.49 125.72
N LEU FA 142 40.97 -109.77 125.12
CA LEU FA 142 41.21 -109.90 123.69
C LEU FA 142 41.65 -111.31 123.34
N ALA FA 143 42.50 -111.91 124.17
CA ALA FA 143 42.95 -113.28 123.92
C ALA FA 143 41.77 -114.25 123.95
N HIS FA 144 40.87 -114.11 124.92
CA HIS FA 144 39.71 -115.00 124.97
C HIS FA 144 38.85 -114.85 123.73
N ASP FA 145 38.57 -113.61 123.32
CA ASP FA 145 37.73 -113.41 122.13
C ASP FA 145 38.40 -113.99 120.89
N GLN FA 146 39.70 -113.77 120.73
CA GLN FA 146 40.41 -114.28 119.56
C GLN FA 146 40.43 -115.80 119.55
N LEU FA 147 40.60 -116.44 120.72
CA LEU FA 147 40.56 -117.90 120.77
C LEU FA 147 39.19 -118.44 120.39
N VAL FA 148 38.12 -117.79 120.86
CA VAL FA 148 36.78 -118.22 120.47
C VAL FA 148 36.62 -118.13 118.96
N ASN FA 149 37.04 -117.01 118.37
CA ASN FA 149 36.92 -116.86 116.92
C ASN FA 149 37.73 -117.91 116.18
N ARG FA 150 38.94 -118.20 116.66
CA ARG FA 150 39.77 -119.21 116.01
C ARG FA 150 39.15 -120.59 116.08
N LEU FA 151 38.56 -120.93 117.22
CA LEU FA 151 37.85 -122.21 117.31
C LEU FA 151 36.68 -122.25 116.33
N VAL FA 152 35.96 -121.15 116.18
CA VAL FA 152 34.80 -121.14 115.29
C VAL FA 152 35.22 -121.33 113.84
N PHE FA 153 36.25 -120.60 113.39
CA PHE FA 153 36.57 -120.57 111.97
C PHE FA 153 37.65 -121.56 111.53
N LYS FA 154 38.40 -122.14 112.46
CA LYS FA 154 39.47 -123.08 112.08
C LYS FA 154 39.35 -124.44 112.77
N GLY FA 155 38.77 -124.51 113.95
CA GLY FA 155 38.66 -125.77 114.64
C GLY FA 155 39.99 -126.19 115.25
N SER FA 156 39.98 -127.41 115.80
CA SER FA 156 41.17 -127.98 116.44
C SER FA 156 41.09 -129.49 116.30
N ALA FA 157 42.05 -130.07 115.59
CA ALA FA 157 42.04 -131.52 115.36
C ALA FA 157 42.09 -132.34 116.64
N PRO FA 158 43.00 -132.07 117.60
CA PRO FA 158 43.07 -132.96 118.78
C PRO FA 158 41.78 -132.99 119.59
N HIS FA 159 41.06 -131.87 119.66
CA HIS FA 159 39.79 -131.83 120.38
C HIS FA 159 38.62 -132.29 119.54
N LYS FA 160 38.85 -132.64 118.28
CA LYS FA 160 37.78 -133.03 117.36
C LYS FA 160 36.70 -131.95 117.27
N ILE FA 161 37.14 -130.72 117.00
CA ILE FA 161 36.25 -129.60 116.74
C ILE FA 161 36.31 -129.29 115.25
N VAL FA 162 35.18 -129.43 114.57
CA VAL FA 162 35.10 -129.24 113.13
C VAL FA 162 34.75 -127.79 112.82
N SER FA 163 35.44 -127.22 111.85
CA SER FA 163 35.16 -125.85 111.43
C SER FA 163 33.98 -125.82 110.48
N VAL FA 164 33.58 -124.60 110.09
CA VAL FA 164 32.48 -124.46 109.14
C VAL FA 164 32.89 -124.96 107.76
N PHE FA 165 34.16 -124.85 107.40
CA PHE FA 165 34.63 -125.27 106.08
C PHE FA 165 34.79 -126.79 105.97
N ASN FA 166 35.17 -127.47 107.05
CA ASN FA 166 35.49 -128.89 107.00
C ASN FA 166 34.33 -129.78 107.43
N HIS FA 167 33.14 -129.22 107.55
CA HIS FA 167 31.97 -130.03 107.89
C HIS FA 167 31.71 -131.02 106.76
N PRO FA 168 31.38 -132.28 107.06
CA PRO FA 168 31.29 -133.31 106.02
C PRO FA 168 29.95 -133.42 105.33
N ASN FA 169 28.99 -132.54 105.61
CA ASN FA 169 27.65 -132.66 105.06
C ASN FA 169 27.20 -131.41 104.31
N ILE FA 170 28.00 -130.35 104.31
CA ILE FA 170 27.67 -129.14 103.59
C ILE FA 170 27.93 -129.36 102.11
N THR FA 171 27.37 -128.50 101.27
CA THR FA 171 27.55 -128.61 99.83
C THR FA 171 28.87 -127.95 99.45
N LYS FA 172 29.69 -128.69 98.69
CA LYS FA 172 31.00 -128.20 98.25
C LYS FA 172 31.01 -128.13 96.73
N ILE FA 173 31.45 -126.99 96.20
CA ILE FA 173 31.51 -126.78 94.76
C ILE FA 173 32.91 -126.29 94.39
N THR FA 174 33.60 -127.06 93.57
CA THR FA 174 34.85 -126.58 92.99
C THR FA 174 34.54 -125.55 91.91
N SER FA 175 35.46 -124.60 91.73
CA SER FA 175 35.26 -123.51 90.80
C SER FA 175 36.55 -123.17 90.07
N GLY FA 176 36.42 -122.70 88.84
CA GLY FA 176 37.56 -122.17 88.12
C GLY FA 176 38.07 -120.89 88.77
N LYS FA 177 39.34 -120.59 88.50
CA LYS FA 177 39.96 -119.43 89.12
C LYS FA 177 39.23 -118.15 88.73
N TRP FA 178 38.93 -117.31 89.73
CA TRP FA 178 38.39 -115.99 89.43
C TRP FA 178 39.47 -115.04 88.95
N ILE FA 179 40.70 -115.21 89.44
CA ILE FA 179 41.85 -114.42 89.01
C ILE FA 179 42.94 -115.42 88.68
N ASP FA 180 43.13 -115.70 87.39
CA ASP FA 180 44.10 -116.70 86.93
C ASP FA 180 45.24 -115.96 86.24
N ALA FA 181 46.39 -115.91 86.92
CA ALA FA 181 47.62 -115.32 86.38
C ALA FA 181 47.39 -113.86 85.98
N SER FA 182 46.98 -113.06 86.95
CA SER FA 182 46.78 -111.61 86.80
C SER FA 182 45.70 -111.27 85.78
N THR FA 183 44.85 -112.23 85.43
CA THR FA 183 43.73 -112.02 84.53
C THR FA 183 42.45 -112.32 85.27
N MET FA 184 41.47 -111.43 85.17
CA MET FA 184 40.25 -111.51 85.96
C MET FA 184 39.10 -112.00 85.10
N LYS FA 185 38.35 -112.97 85.61
CA LYS FA 185 37.26 -113.62 84.87
C LYS FA 185 35.98 -113.50 85.70
N PRO FA 186 35.28 -112.36 85.62
CA PRO FA 186 34.12 -112.15 86.49
C PRO FA 186 32.84 -112.81 86.00
N GLU FA 187 32.72 -113.14 84.72
CA GLU FA 187 31.54 -113.86 84.26
C GLU FA 187 31.44 -115.22 84.93
N THR FA 188 32.57 -115.89 85.12
CA THR FA 188 32.58 -117.15 85.86
C THR FA 188 32.10 -116.93 87.28
N ALA FA 189 32.54 -115.85 87.93
CA ALA FA 189 32.11 -115.56 89.29
C ALA FA 189 30.61 -115.38 89.37
N GLU FA 190 30.04 -114.61 88.43
CA GLU FA 190 28.60 -114.40 88.41
C GLU FA 190 27.86 -115.72 88.20
N ALA FA 191 28.36 -116.56 87.29
CA ALA FA 191 27.71 -117.84 87.03
C ALA FA 191 27.73 -118.73 88.27
N GLU FA 192 28.88 -118.80 88.96
CA GLU FA 192 28.97 -119.63 90.15
C GLU FA 192 28.05 -119.12 91.26
N LEU FA 193 27.99 -117.80 91.45
CA LEU FA 193 27.10 -117.25 92.48
C LEU FA 193 25.65 -117.60 92.18
N THR FA 194 25.22 -117.42 90.93
CA THR FA 194 23.85 -117.76 90.57
C THR FA 194 23.58 -119.24 90.77
N GLN FA 195 24.53 -120.10 90.39
CA GLN FA 195 24.34 -121.53 90.55
C GLN FA 195 24.21 -121.92 92.02
N ALA FA 196 25.02 -121.32 92.89
CA ALA FA 196 24.93 -121.63 94.32
C ALA FA 196 23.58 -121.18 94.89
N ILE FA 197 23.13 -119.98 94.51
CA ILE FA 197 21.84 -119.51 95.00
C ILE FA 197 20.73 -120.44 94.53
N GLU FA 198 20.78 -120.88 93.27
CA GLU FA 198 19.78 -121.82 92.77
C GLU FA 198 19.83 -123.14 93.53
N THR FA 199 21.03 -123.64 93.81
CA THR FA 199 21.18 -124.93 94.46
C THR FA 199 20.59 -124.91 95.87
N ILE FA 200 20.83 -123.83 96.61
CA ILE FA 200 20.30 -123.76 97.98
C ILE FA 200 18.79 -123.89 97.99
N GLU FA 201 18.11 -123.19 97.07
CA GLU FA 201 16.66 -123.30 96.97
C GLU FA 201 16.21 -124.65 96.43
N THR FA 202 16.98 -125.25 95.52
CA THR FA 202 16.54 -126.47 94.87
C THR FA 202 16.60 -127.67 95.81
N ILE FA 203 17.71 -127.82 96.55
CA ILE FA 203 17.88 -129.03 97.33
C ILE FA 203 17.03 -129.03 98.60
N THR FA 204 16.48 -127.88 98.98
CA THR FA 204 15.56 -127.80 100.11
C THR FA 204 14.10 -127.74 99.68
N ARG FA 205 13.84 -127.91 98.38
CA ARG FA 205 12.47 -127.93 97.84
C ARG FA 205 11.70 -126.65 98.18
N GLY FA 206 12.39 -125.52 98.16
CA GLY FA 206 11.74 -124.23 98.23
C GLY FA 206 11.44 -123.70 99.62
N GLN FA 207 11.68 -124.48 100.67
CA GLN FA 207 11.40 -124.00 102.02
C GLN FA 207 12.52 -123.13 102.59
N HIS FA 208 13.70 -123.13 101.97
CA HIS FA 208 14.82 -122.31 102.41
C HIS FA 208 15.43 -121.62 101.21
N ARG FA 209 15.90 -120.39 101.43
CA ARG FA 209 16.45 -119.58 100.34
C ARG FA 209 17.73 -118.90 100.82
N ALA FA 210 18.61 -118.62 99.88
CA ALA FA 210 19.86 -117.92 100.19
C ALA FA 210 19.57 -116.53 100.70
N THR FA 211 20.33 -116.12 101.73
CA THR FA 211 20.12 -114.81 102.33
C THR FA 211 21.42 -114.03 102.45
N ASN FA 212 22.53 -114.73 102.63
CA ASN FA 212 23.81 -114.09 102.93
C ASN FA 212 24.93 -114.67 102.07
N ILE FA 213 25.81 -113.78 101.60
CA ILE FA 213 27.01 -114.16 100.85
C ILE FA 213 28.22 -113.53 101.54
N LEU FA 214 29.26 -114.34 101.72
CA LEU FA 214 30.53 -113.87 102.27
C LEU FA 214 31.64 -114.20 101.29
N ILE FA 215 32.44 -113.19 100.95
CA ILE FA 215 33.50 -113.33 99.95
C ILE FA 215 34.80 -112.79 100.53
N PRO FA 216 35.93 -113.24 100.01
CA PRO FA 216 37.20 -112.73 100.50
C PRO FA 216 37.39 -111.27 100.11
N PRO FA 217 38.15 -110.50 100.89
CA PRO FA 217 38.39 -109.10 100.54
C PRO FA 217 39.10 -108.91 99.20
N SER FA 218 39.99 -109.82 98.83
CA SER FA 218 40.79 -109.63 97.62
C SER FA 218 39.96 -109.73 96.34
N MET FA 219 38.78 -110.32 96.39
CA MET FA 219 37.95 -110.52 95.21
C MET FA 219 36.95 -109.39 94.98
N ARG FA 220 36.94 -108.36 95.82
CA ARG FA 220 35.97 -107.28 95.66
C ARG FA 220 36.21 -106.49 94.38
N LYS FA 221 37.47 -106.37 93.95
CA LYS FA 221 37.76 -105.65 92.71
C LYS FA 221 37.26 -106.39 91.49
N VAL FA 222 37.00 -107.70 91.60
CA VAL FA 222 36.48 -108.46 90.47
C VAL FA 222 35.03 -108.07 90.19
N LEU FA 223 34.25 -107.82 91.24
CA LEU FA 223 32.84 -107.50 91.08
C LEU FA 223 32.58 -106.04 90.74
N ALA FA 224 33.63 -105.23 90.60
CA ALA FA 224 33.47 -103.82 90.26
C ALA FA 224 33.72 -103.53 88.79
N ILE FA 225 33.83 -104.57 87.94
CA ILE FA 225 34.13 -104.34 86.54
C ILE FA 225 32.86 -103.92 85.81
N ARG FA 226 33.02 -103.08 84.79
CA ARG FA 226 31.89 -102.62 84.00
C ARG FA 226 31.43 -103.69 83.02
N MET FA 227 30.11 -103.86 82.91
CA MET FA 227 29.57 -104.79 81.93
C MET FA 227 29.77 -104.28 80.52
N PRO FA 228 30.14 -105.16 79.59
CA PRO FA 228 30.09 -104.80 78.17
C PRO FA 228 28.73 -104.24 77.80
N GLU FA 229 28.75 -103.25 76.89
CA GLU FA 229 27.53 -102.66 76.33
C GLU FA 229 26.67 -101.97 77.38
N THR FA 230 27.26 -101.65 78.53
CA THR FA 230 26.52 -100.98 79.60
C THR FA 230 27.52 -100.20 80.43
N THR FA 231 27.01 -99.27 81.24
CA THR FA 231 27.82 -98.41 82.08
C THR FA 231 27.55 -98.67 83.56
N MET FA 232 27.45 -99.94 83.94
CA MET FA 232 27.26 -100.32 85.34
C MET FA 232 28.03 -101.62 85.62
N SER FA 233 28.13 -101.94 86.91
CA SER FA 233 29.01 -103.02 87.34
C SER FA 233 28.25 -104.34 87.51
N TYR FA 234 29.01 -105.43 87.53
CA TYR FA 234 28.45 -106.74 87.81
C TYR FA 234 27.79 -106.79 89.17
N LEU FA 235 28.35 -106.08 90.15
CA LEU FA 235 27.71 -106.01 91.47
C LEU FA 235 26.33 -105.38 91.36
N ASP FA 236 26.22 -104.28 90.61
CA ASP FA 236 24.92 -103.64 90.44
C ASP FA 236 23.94 -104.56 89.73
N TYR FA 237 24.39 -105.23 88.66
CA TYR FA 237 23.50 -106.13 87.93
C TYR FA 237 23.03 -107.28 88.82
N PHE FA 238 23.96 -107.89 89.58
CA PHE FA 238 23.60 -108.99 90.46
C PHE FA 238 22.63 -108.55 91.55
N LYS FA 239 22.88 -107.38 92.14
CA LYS FA 239 21.99 -106.86 93.16
C LYS FA 239 20.61 -106.55 92.61
N SER FA 240 20.52 -106.00 91.40
CA SER FA 240 19.22 -105.75 90.79
C SER FA 240 18.49 -107.05 90.48
N GLN FA 241 19.22 -108.07 90.02
CA GLN FA 241 18.59 -109.34 89.70
C GLN FA 241 18.07 -110.04 90.94
N ASN FA 242 18.90 -110.16 91.97
CA ASN FA 242 18.53 -110.89 93.19
C ASN FA 242 18.33 -109.87 94.31
N SER FA 243 17.07 -109.53 94.56
CA SER FA 243 16.74 -108.60 95.63
C SER FA 243 16.61 -109.32 96.95
N GLY FA 244 16.77 -108.57 98.04
CA GLY FA 244 16.65 -109.13 99.37
C GLY FA 244 17.85 -109.92 99.85
N ILE FA 245 19.01 -109.72 99.24
CA ILE FA 245 20.21 -110.49 99.56
C ILE FA 245 21.28 -109.53 100.07
N GLU FA 246 22.19 -110.04 100.90
CA GLU FA 246 23.26 -109.24 101.49
C GLU FA 246 24.62 -109.84 101.15
N ILE FA 247 25.57 -108.96 100.86
CA ILE FA 247 26.92 -109.33 100.45
C ILE FA 247 27.90 -108.72 101.45
N ASP FA 248 28.86 -109.51 101.92
CA ASP FA 248 29.83 -109.04 102.89
C ASP FA 248 31.19 -109.64 102.59
N SER FA 249 32.24 -109.01 103.14
CA SER FA 249 33.61 -109.45 102.97
C SER FA 249 34.19 -109.85 104.32
N ILE FA 250 34.88 -110.99 104.36
CA ILE FA 250 35.39 -111.56 105.59
C ILE FA 250 36.86 -111.92 105.40
N ALA FA 251 37.73 -111.27 106.17
CA ALA FA 251 39.17 -111.40 106.01
C ALA FA 251 39.69 -112.82 106.23
N GLU FA 252 39.06 -113.60 107.10
CA GLU FA 252 39.51 -114.97 107.31
C GLU FA 252 38.98 -115.93 106.25
N LEU FA 253 38.37 -115.43 105.18
CA LEU FA 253 38.06 -116.25 104.02
C LEU FA 253 39.22 -116.35 103.03
N GLU FA 254 40.32 -115.65 103.29
CA GLU FA 254 41.47 -115.69 102.38
C GLU FA 254 42.11 -117.07 102.35
N ASP FA 255 42.29 -117.68 103.52
CA ASP FA 255 42.90 -119.00 103.64
C ASP FA 255 41.96 -119.92 104.40
N ILE FA 256 41.58 -121.03 103.79
CA ILE FA 256 40.66 -121.98 104.42
C ILE FA 256 41.27 -123.36 104.63
N ASP FA 257 42.46 -123.63 104.10
CA ASP FA 257 43.14 -124.89 104.40
C ASP FA 257 44.58 -124.71 104.84
N GLY FA 258 45.01 -123.49 105.18
CA GLY FA 258 46.37 -123.27 105.61
C GLY FA 258 47.41 -123.31 104.53
N ALA FA 259 47.00 -123.33 103.25
CA ALA FA 259 47.94 -123.39 102.13
C ALA FA 259 47.68 -122.31 101.10
N GLY FA 260 46.79 -121.36 101.38
CA GLY FA 260 46.51 -120.30 100.44
C GLY FA 260 45.42 -120.64 99.44
N THR FA 261 44.26 -121.07 99.94
CA THR FA 261 43.12 -121.37 99.10
C THR FA 261 41.93 -120.55 99.59
N LYS FA 262 41.25 -119.88 98.67
CA LYS FA 262 40.14 -118.99 99.00
C LYS FA 262 38.81 -119.73 98.89
N GLY FA 263 37.77 -119.11 99.43
CA GLY FA 263 36.45 -119.71 99.41
C GLY FA 263 35.37 -118.68 99.59
N VAL FA 264 34.20 -118.99 99.05
CA VAL FA 264 33.02 -118.14 99.14
C VAL FA 264 31.92 -118.93 99.84
N LEU FA 265 31.24 -118.28 100.79
CA LEU FA 265 30.26 -118.97 101.63
C LEU FA 265 28.88 -118.36 101.39
N VAL FA 266 27.94 -119.18 100.93
CA VAL FA 266 26.57 -118.74 100.70
C VAL FA 266 25.67 -119.53 101.63
N TYR FA 267 24.82 -118.83 102.37
CA TYR FA 267 24.03 -119.49 103.40
C TYR FA 267 22.81 -118.66 103.74
N GLU FA 268 21.98 -119.22 104.63
CA GLU FA 268 20.81 -118.55 105.18
C GLU FA 268 21.01 -118.34 106.67
N LYS FA 269 20.74 -117.13 107.15
CA LYS FA 269 20.95 -116.77 108.54
C LYS FA 269 19.66 -116.98 109.32
N ASN FA 270 19.63 -118.03 110.17
CA ASN FA 270 18.47 -118.34 110.98
C ASN FA 270 18.93 -119.16 112.16
N PRO FA 271 18.42 -118.91 113.37
CA PRO FA 271 18.88 -119.68 114.53
C PRO FA 271 18.63 -121.17 114.42
N MET FA 272 17.61 -121.60 113.70
CA MET FA 272 17.36 -123.03 113.55
C MET FA 272 18.33 -123.70 112.59
N ASN FA 273 19.18 -122.93 111.90
CA ASN FA 273 20.14 -123.50 110.96
C ASN FA 273 21.50 -123.72 111.62
N MET FA 274 22.03 -122.70 112.28
CA MET FA 274 23.33 -122.79 112.93
C MET FA 274 23.29 -121.95 114.20
N SER FA 275 24.22 -122.24 115.11
CA SER FA 275 24.19 -121.60 116.41
C SER FA 275 25.57 -121.60 117.04
N ILE FA 276 25.77 -120.66 117.97
CA ILE FA 276 26.96 -120.58 118.80
C ILE FA 276 26.50 -120.32 120.23
N GLU FA 277 27.10 -121.02 121.19
CA GLU FA 277 26.70 -120.93 122.59
C GLU FA 277 27.86 -120.42 123.44
N ILE FA 278 27.56 -119.48 124.32
CA ILE FA 278 28.52 -118.95 125.29
C ILE FA 278 27.90 -119.06 126.68
N PRO FA 279 27.91 -120.25 127.30
CA PRO FA 279 27.21 -120.41 128.58
C PRO FA 279 27.69 -119.49 129.68
N GLU FA 280 28.98 -119.20 129.75
CA GLU FA 280 29.54 -118.37 130.81
C GLU FA 280 30.39 -117.27 130.18
N ALA FA 281 30.25 -116.05 130.68
CA ALA FA 281 30.98 -114.92 130.13
C ALA FA 281 32.34 -114.78 130.78
N PHE FA 282 33.17 -113.92 130.19
CA PHE FA 282 34.51 -113.70 130.70
C PHE FA 282 34.45 -113.01 132.07
N ASN FA 283 35.25 -113.51 133.01
CA ASN FA 283 35.25 -112.98 134.36
C ASN FA 283 36.60 -113.24 135.01
N MET FA 284 36.87 -112.53 136.10
CA MET FA 284 38.14 -112.60 136.82
C MET FA 284 37.91 -113.14 138.22
N LEU FA 285 38.82 -113.99 138.67
CA LEU FA 285 38.82 -114.48 140.04
C LEU FA 285 39.62 -113.53 140.94
N PRO FA 286 39.35 -113.53 142.24
CA PRO FA 286 40.11 -112.65 143.14
C PRO FA 286 41.58 -112.99 143.15
N ALA FA 287 42.41 -111.97 143.36
CA ALA FA 287 43.85 -112.12 143.28
C ALA FA 287 44.37 -113.00 144.41
N GLN FA 288 45.50 -113.66 144.16
CA GLN FA 288 46.12 -114.57 145.12
C GLN FA 288 47.51 -114.06 145.47
N PRO FA 289 47.72 -113.60 146.70
CA PRO FA 289 49.01 -113.01 147.04
C PRO FA 289 50.12 -114.04 147.12
N LYS FA 290 51.34 -113.60 146.81
CA LYS FA 290 52.58 -114.32 147.05
C LYS FA 290 53.49 -113.35 147.80
N ASP FA 291 54.78 -113.68 147.89
CA ASP FA 291 55.73 -112.89 148.68
C ASP FA 291 55.54 -111.39 148.52
N LEU FA 292 55.69 -110.88 147.29
CA LEU FA 292 55.50 -109.45 147.06
C LEU FA 292 54.77 -109.15 145.75
N HIS FA 293 54.08 -110.11 145.15
CA HIS FA 293 53.36 -109.88 143.91
C HIS FA 293 52.10 -110.73 143.89
N PHE FA 294 51.17 -110.36 143.02
CA PHE FA 294 49.86 -110.99 142.93
C PHE FA 294 49.73 -111.77 141.63
N LYS FA 295 48.70 -112.61 141.56
CA LYS FA 295 48.44 -113.44 140.40
C LYS FA 295 46.94 -113.48 140.16
N VAL FA 296 46.51 -113.17 138.94
CA VAL FA 296 45.08 -113.05 138.67
C VAL FA 296 44.69 -113.97 137.51
N PRO FA 297 43.82 -114.96 137.73
CA PRO FA 297 43.35 -115.81 136.62
C PRO FA 297 42.05 -115.35 135.98
N CYS FA 298 41.74 -115.90 134.80
CA CYS FA 298 40.53 -115.59 134.06
C CYS FA 298 40.07 -116.86 133.33
N THR FA 299 38.75 -116.99 133.16
CA THR FA 299 38.20 -118.20 132.55
C THR FA 299 36.84 -117.88 131.95
N SER FA 300 36.40 -118.76 131.04
CA SER FA 300 35.10 -118.67 130.39
C SER FA 300 34.80 -120.02 129.73
N LYS FA 301 33.68 -120.09 129.02
CA LYS FA 301 33.24 -121.32 128.38
C LYS FA 301 32.69 -121.04 126.99
N CYS FA 302 32.66 -122.08 126.16
CA CYS FA 302 32.14 -121.96 124.80
C CYS FA 302 31.79 -123.36 124.29
N THR FA 303 31.30 -123.42 123.05
CA THR FA 303 30.98 -124.72 122.45
C THR FA 303 31.49 -124.86 121.02
N GLY FA 304 31.65 -123.76 120.31
CA GLY FA 304 31.93 -123.79 118.90
C GLY FA 304 30.69 -123.48 118.07
N LEU FA 305 30.71 -123.97 116.83
CA LEU FA 305 29.62 -123.77 115.89
C LEU FA 305 28.85 -125.07 115.71
N THR FA 306 27.53 -124.99 115.81
CA THR FA 306 26.66 -126.15 115.68
C THR FA 306 25.71 -125.95 114.51
N ILE FA 307 25.65 -126.96 113.62
CA ILE FA 307 24.82 -126.91 112.43
C ILE FA 307 23.73 -127.96 112.59
N TYR FA 308 22.47 -127.55 112.47
CA TYR FA 308 21.37 -128.50 112.61
C TYR FA 308 20.90 -129.00 111.24
N ARG FA 309 20.79 -128.09 110.27
CA ARG FA 309 20.42 -128.46 108.91
C ARG FA 309 21.61 -128.21 107.98
N PRO FA 310 22.38 -129.24 107.64
CA PRO FA 310 23.56 -129.03 106.79
C PRO FA 310 23.24 -128.87 105.31
N MET FA 311 21.98 -128.71 104.94
CA MET FA 311 21.59 -128.54 103.55
C MET FA 311 21.51 -127.09 103.12
N THR FA 312 21.79 -126.14 104.02
CA THR FA 312 21.70 -124.72 103.72
C THR FA 312 23.05 -124.03 103.71
N ILE FA 313 24.14 -124.77 103.49
CA ILE FA 313 25.48 -124.22 103.48
C ILE FA 313 26.16 -124.62 102.17
N VAL FA 314 26.53 -123.62 101.37
CA VAL FA 314 27.23 -123.87 100.12
C VAL FA 314 28.60 -123.19 100.18
N LEU FA 315 29.65 -123.97 99.98
CA LEU FA 315 31.01 -123.49 99.98
C LEU FA 315 31.58 -123.64 98.58
N ILE FA 316 31.93 -122.52 97.96
CA ILE FA 316 32.61 -122.50 96.67
C ILE FA 316 34.09 -122.43 96.97
N THR FA 317 34.81 -123.51 96.67
CA THR FA 317 36.22 -123.63 97.01
C THR FA 317 37.09 -123.28 95.81
N GLY FA 318 38.34 -122.91 96.10
CA GLY FA 318 39.27 -122.55 95.07
C GLY FA 318 39.06 -121.18 94.46
N VAL FA 319 38.19 -120.36 95.03
CA VAL FA 319 37.93 -119.02 94.50
C VAL FA 319 39.18 -118.16 94.62
N ALA GA 29 73.24 -27.91 64.34
CA ALA GA 29 71.94 -28.19 64.92
C ALA GA 29 70.83 -27.88 63.91
N THR GA 30 70.29 -28.92 63.29
CA THR GA 30 69.23 -28.79 62.29
C THR GA 30 68.11 -29.79 62.58
N MET GA 31 67.70 -29.87 63.84
CA MET GA 31 66.64 -30.78 64.22
C MET GA 31 65.27 -30.13 64.02
N GLY GA 32 64.23 -30.88 64.35
CA GLY GA 32 62.87 -30.41 64.24
C GLY GA 32 62.41 -29.63 65.47
N ILE GA 33 61.14 -29.25 65.46
CA ILE GA 33 60.58 -28.49 66.58
C ILE GA 33 59.80 -29.38 67.55
N TRP GA 34 59.69 -30.67 67.28
CA TRP GA 34 59.01 -31.60 68.16
C TRP GA 34 60.00 -32.66 68.64
N THR GA 35 60.08 -32.85 69.95
CA THR GA 35 60.88 -33.92 70.51
C THR GA 35 60.11 -35.23 70.49
N ALA GA 36 60.83 -36.34 70.65
CA ALA GA 36 60.20 -37.65 70.58
C ALA GA 36 59.17 -37.84 71.69
N GLN GA 37 59.47 -37.33 72.89
CA GLN GA 37 58.57 -37.53 74.03
C GLN GA 37 57.20 -36.92 73.80
N GLU GA 38 57.10 -35.86 73.01
CA GLU GA 38 55.80 -35.25 72.75
C GLU GA 38 54.91 -36.09 71.86
N LEU GA 39 55.48 -37.05 71.12
CA LEU GA 39 54.72 -37.92 70.24
C LEU GA 39 54.86 -39.37 70.68
N HIS GA 40 54.77 -39.61 71.97
CA HIS GA 40 55.03 -40.93 72.55
C HIS GA 40 53.92 -41.28 73.53
N ARG GA 41 53.57 -42.56 73.57
CA ARG GA 41 52.50 -43.07 74.42
C ARG GA 41 53.03 -44.18 75.31
N ILE GA 42 52.58 -44.19 76.57
CA ILE GA 42 52.93 -45.23 77.53
C ILE GA 42 51.65 -45.96 77.89
N LYS GA 43 51.63 -47.27 77.68
CA LYS GA 43 50.42 -48.06 77.93
C LYS GA 43 50.17 -48.17 79.42
N SER GA 44 48.93 -47.93 79.83
CA SER GA 44 48.54 -47.90 81.23
C SER GA 44 48.32 -49.30 81.79
N GLN GA 45 49.35 -50.15 81.68
CA GLN GA 45 49.27 -51.51 82.22
C GLN GA 45 50.68 -52.06 82.31
N SER GA 46 51.02 -52.66 83.44
CA SER GA 46 52.32 -53.26 83.67
C SER GA 46 52.17 -54.77 83.79
N TYR GA 47 53.18 -55.49 83.32
CA TYR GA 47 53.19 -56.95 83.37
C TYR GA 47 54.13 -57.43 84.46
N GLU GA 48 53.62 -58.27 85.35
CA GLU GA 48 54.35 -58.78 86.49
C GLU GA 48 54.65 -60.26 86.30
N GLU GA 49 55.90 -60.63 86.51
CA GLU GA 49 56.26 -62.04 86.49
C GLU GA 49 55.66 -62.75 87.70
N ASP GA 50 55.34 -64.02 87.51
CA ASP GA 50 54.66 -64.82 88.52
C ASP GA 50 55.60 -65.90 89.03
N TYR GA 51 55.63 -66.09 90.35
CA TYR GA 51 56.42 -67.13 91.00
C TYR GA 51 55.51 -67.88 91.97
N PRO GA 52 54.80 -68.90 91.49
CA PRO GA 52 53.96 -69.68 92.39
C PRO GA 52 54.79 -70.35 93.48
N VAL GA 53 54.23 -70.40 94.69
CA VAL GA 53 55.01 -70.83 95.85
C VAL GA 53 55.10 -72.35 95.93
N GLY GA 54 53.98 -73.04 95.81
CA GLY GA 54 53.95 -74.47 95.98
C GLY GA 54 52.64 -74.89 96.61
N SER GA 55 52.61 -76.13 97.09
CA SER GA 55 51.38 -76.69 97.64
C SER GA 55 51.58 -77.54 98.89
N ALA GA 56 52.73 -77.47 99.54
CA ALA GA 56 52.96 -78.29 100.73
C ALA GA 56 52.00 -77.91 101.86
N LEU GA 57 51.84 -76.62 102.11
CA LEU GA 57 51.00 -76.15 103.21
C LEU GA 57 49.52 -76.29 102.91
N ARG GA 58 49.15 -76.55 101.66
CA ARG GA 58 47.76 -76.80 101.29
C ARG GA 58 47.45 -78.28 101.15
N VAL GA 59 48.46 -79.12 100.93
CA VAL GA 59 48.27 -80.55 100.77
C VAL GA 59 48.42 -81.27 102.10
N PHE GA 60 49.44 -80.92 102.88
CA PHE GA 60 49.58 -81.63 104.15
C PHE GA 60 49.10 -80.77 105.31
N PRO GA 61 48.53 -81.37 106.35
CA PRO GA 61 47.99 -80.59 107.46
C PRO GA 61 49.07 -79.85 108.23
N VAL GA 62 48.67 -78.72 108.81
CA VAL GA 62 49.56 -77.89 109.61
C VAL GA 62 48.98 -77.78 111.01
N THR GA 63 49.80 -78.08 112.02
CA THR GA 63 49.41 -77.98 113.42
C THR GA 63 50.20 -76.86 114.08
N THR GA 64 49.82 -76.55 115.32
CA THR GA 64 50.51 -75.55 116.15
C THR GA 64 50.55 -76.10 117.57
N GLU GA 65 51.61 -76.81 117.92
CA GLU GA 65 51.73 -77.39 119.25
C GLU GA 65 53.06 -77.05 119.91
N LEU GA 66 54.10 -76.91 119.10
CA LEU GA 66 55.43 -76.62 119.64
C LEU GA 66 55.55 -75.16 120.03
N SER GA 67 56.26 -74.90 121.12
CA SER GA 67 56.59 -73.59 121.66
C SER GA 67 57.68 -72.93 120.81
N PRO GA 68 57.70 -71.60 120.75
CA PRO GA 68 58.75 -70.93 119.97
C PRO GA 68 60.16 -71.19 120.48
N THR GA 69 60.31 -71.62 121.73
CA THR GA 69 61.62 -71.82 122.33
C THR GA 69 62.03 -73.29 122.39
N ASP GA 70 61.32 -74.18 121.71
CA ASP GA 70 61.61 -75.61 121.77
C ASP GA 70 62.64 -76.00 120.72
N LYS GA 71 63.30 -77.14 120.96
CA LYS GA 71 64.28 -77.68 120.03
C LYS GA 71 64.02 -79.12 119.63
N THR GA 72 63.27 -79.88 120.44
CA THR GA 72 63.05 -81.30 120.18
C THR GA 72 61.68 -81.70 120.71
N PHE GA 73 61.06 -82.67 120.04
CA PHE GA 73 59.77 -83.18 120.46
C PHE GA 73 59.81 -84.70 120.45
N GLU GA 74 58.82 -85.31 121.11
CA GLU GA 74 58.82 -86.74 121.35
C GLU GA 74 57.38 -87.25 121.40
N TYR GA 75 57.16 -88.45 120.86
CA TYR GA 75 55.87 -89.12 120.94
C TYR GA 75 56.08 -90.60 121.16
N MET GA 76 55.08 -91.26 121.73
CA MET GA 76 55.19 -92.63 122.22
C MET GA 76 54.19 -93.53 121.50
N THR GA 77 54.54 -94.82 121.45
CA THR GA 77 53.68 -95.87 120.92
C THR GA 77 53.64 -97.02 121.91
N PHE GA 78 52.68 -97.92 121.73
CA PHE GA 78 52.51 -99.06 122.64
C PHE GA 78 52.07 -100.30 121.87
N ASP GA 79 52.09 -101.43 122.57
CA ASP GA 79 51.74 -102.73 122.00
C ASP GA 79 51.39 -103.68 123.14
N LYS GA 80 51.13 -104.93 122.81
CA LYS GA 80 50.73 -105.93 123.80
C LYS GA 80 50.90 -107.33 123.22
N VAL GA 81 50.90 -108.32 124.09
CA VAL GA 81 50.95 -109.73 123.72
C VAL GA 81 50.02 -110.52 124.62
N GLY GA 82 49.82 -111.79 124.28
CA GLY GA 82 49.01 -112.67 125.10
C GLY GA 82 48.42 -113.79 124.26
N THR GA 83 47.79 -114.73 124.97
CA THR GA 83 47.16 -115.89 124.33
C THR GA 83 46.21 -116.53 125.35
N ALA GA 84 45.64 -117.67 124.95
CA ALA GA 84 44.74 -118.43 125.79
C ALA GA 84 44.81 -119.89 125.39
N GLN GA 85 44.28 -120.76 126.25
CA GLN GA 85 44.35 -122.20 126.04
C GLN GA 85 43.13 -122.89 126.62
N ILE GA 86 42.85 -124.09 126.12
CA ILE GA 86 41.74 -124.90 126.59
C ILE GA 86 42.22 -125.71 127.79
N ILE GA 87 41.57 -125.53 128.93
CA ILE GA 87 42.01 -126.10 130.19
C ILE GA 87 40.94 -127.05 130.72
N ALA GA 88 41.24 -127.67 131.85
CA ALA GA 88 40.31 -128.51 132.60
C ALA GA 88 40.35 -128.08 134.06
N ASP GA 89 39.60 -128.79 134.90
CA ASP GA 89 39.63 -128.51 136.32
C ASP GA 89 40.95 -129.00 136.92
N TYR GA 90 41.23 -128.51 138.14
CA TYR GA 90 42.44 -128.89 138.88
C TYR GA 90 43.71 -128.51 138.12
N THR GA 91 43.61 -127.50 137.27
CA THR GA 91 44.75 -127.08 136.46
C THR GA 91 45.60 -126.08 137.24
N ASP GA 92 46.89 -126.01 136.90
CA ASP GA 92 47.80 -125.07 137.53
C ASP GA 92 48.44 -124.10 136.56
N ASP GA 93 48.94 -124.56 135.41
CA ASP GA 93 49.63 -123.72 134.46
C ASP GA 93 48.64 -122.97 133.57
N LEU GA 94 48.89 -121.68 133.39
CA LEU GA 94 48.09 -120.82 132.53
C LEU GA 94 49.01 -119.85 131.81
N PRO GA 95 48.62 -119.38 130.63
CA PRO GA 95 49.45 -118.41 129.90
C PRO GA 95 49.43 -117.05 130.57
N LEU GA 96 50.39 -116.21 130.18
CA LEU GA 96 50.54 -114.86 130.72
C LEU GA 96 50.56 -113.84 129.59
N VAL GA 97 50.54 -112.56 129.98
CA VAL GA 97 50.50 -111.44 129.05
C VAL GA 97 51.52 -110.39 129.48
N ASP GA 98 51.78 -109.44 128.59
CA ASP GA 98 52.75 -108.37 128.86
C ASP GA 98 52.40 -107.15 128.00
N ALA GA 99 53.32 -106.19 127.95
CA ALA GA 99 53.09 -104.92 127.26
C ALA GA 99 54.44 -104.34 126.83
N LEU GA 100 54.38 -103.34 125.95
CA LEU GA 100 55.59 -102.75 125.37
C LEU GA 100 55.50 -101.23 125.26
N GLY GA 101 56.46 -100.62 124.58
CA GLY GA 101 56.47 -99.17 124.41
C GLY GA 101 57.72 -98.75 123.65
N THR GA 102 57.59 -97.60 122.97
CA THR GA 102 58.65 -97.06 122.13
C THR GA 102 58.44 -95.55 122.00
N SER GA 103 59.49 -94.86 121.53
CA SER GA 103 59.44 -93.41 121.38
C SER GA 103 60.29 -92.98 120.19
N GLU GA 104 60.05 -91.76 119.72
CA GLU GA 104 60.77 -91.16 118.60
C GLU GA 104 60.95 -89.67 118.85
N PHE GA 105 61.78 -89.03 118.00
CA PHE GA 105 62.24 -87.67 118.25
C PHE GA 105 62.11 -86.82 116.99
N GLY GA 106 62.56 -85.57 117.09
CA GLY GA 106 62.50 -84.61 116.00
C GLY GA 106 63.32 -83.37 116.29
N LYS GA 107 63.29 -82.42 115.36
CA LYS GA 107 64.10 -81.22 115.45
C LYS GA 107 63.40 -80.04 114.81
N VAL GA 108 63.94 -78.84 115.07
CA VAL GA 108 63.40 -77.57 114.58
C VAL GA 108 64.55 -76.72 114.05
N PHE GA 109 64.28 -75.93 113.01
CA PHE GA 109 65.30 -75.16 112.31
C PHE GA 109 64.84 -73.71 112.17
N ARG GA 110 65.81 -72.82 111.90
CA ARG GA 110 65.58 -71.39 111.76
C ARG GA 110 66.08 -70.91 110.41
N LEU GA 111 65.43 -69.89 109.87
CA LEU GA 111 65.72 -69.33 108.57
C LEU GA 111 65.79 -67.80 108.68
N GLY GA 112 66.50 -67.17 107.75
CA GLY GA 112 66.51 -65.72 107.71
C GLY GA 112 67.36 -65.18 106.60
N ASN GA 113 67.05 -63.94 106.21
CA ASN GA 113 67.88 -63.18 105.26
C ASN GA 113 67.70 -61.69 105.58
N ALA GA 114 68.10 -60.84 104.63
CA ALA GA 114 68.07 -59.40 104.85
C ALA GA 114 68.06 -58.68 103.51
N TYR GA 115 67.95 -57.35 103.57
CA TYR GA 115 68.04 -56.53 102.37
C TYR GA 115 68.52 -55.14 102.71
N LEU GA 116 68.90 -54.38 101.68
CA LEU GA 116 69.48 -53.05 101.81
C LEU GA 116 68.63 -52.02 101.08
N ILE GA 117 68.76 -50.76 101.51
CA ILE GA 117 68.13 -49.64 100.83
C ILE GA 117 68.87 -48.37 101.23
N SER GA 118 68.70 -47.32 100.44
CA SER GA 118 69.39 -46.05 100.66
C SER GA 118 68.40 -44.89 100.71
N ILE GA 119 68.85 -43.79 101.30
CA ILE GA 119 68.00 -42.63 101.50
C ILE GA 119 67.55 -42.04 100.16
N ASP GA 120 68.47 -41.92 99.21
CA ASP GA 120 68.12 -41.36 97.91
C ASP GA 120 67.10 -42.24 97.20
N GLU GA 121 67.26 -43.55 97.28
CA GLU GA 121 66.29 -44.46 96.67
C GLU GA 121 64.93 -44.36 97.34
N ILE GA 122 64.91 -44.24 98.67
CA ILE GA 122 63.63 -44.08 99.39
C ILE GA 122 62.94 -42.80 98.93
N LYS GA 123 63.69 -41.70 98.86
CA LYS GA 123 63.12 -40.42 98.45
C LYS GA 123 62.60 -40.49 97.02
N ALA GA 124 63.36 -41.09 96.12
CA ALA GA 124 62.94 -41.19 94.73
C ALA GA 124 61.68 -42.04 94.59
N GLY GA 125 61.61 -43.15 95.33
CA GLY GA 125 60.41 -43.97 95.28
C GLY GA 125 59.20 -43.23 95.80
N GLN GA 126 59.36 -42.53 96.93
CA GLN GA 126 58.23 -41.77 97.48
C GLN GA 126 57.77 -40.69 96.51
N ALA GA 127 58.71 -40.04 95.82
CA ALA GA 127 58.33 -38.98 94.89
C ALA GA 127 57.65 -39.55 93.65
N THR GA 128 58.20 -40.61 93.08
CA THR GA 128 57.70 -41.09 91.78
C THR GA 128 56.47 -41.97 91.96
N GLY GA 129 56.17 -42.40 93.18
CA GLY GA 129 54.98 -43.17 93.45
C GLY GA 129 55.15 -44.67 93.37
N ARG GA 130 56.34 -45.16 93.01
CA ARG GA 130 56.63 -46.59 92.98
C ARG GA 130 57.72 -46.88 94.01
N PRO GA 131 57.33 -47.26 95.22
CA PRO GA 131 58.32 -47.56 96.26
C PRO GA 131 59.13 -48.81 95.92
N LEU GA 132 60.34 -48.87 96.50
CA LEU GA 132 61.23 -50.01 96.29
C LEU GA 132 61.30 -50.93 97.50
N SER GA 133 61.01 -50.43 98.70
CA SER GA 133 61.08 -51.27 99.90
C SER GA 133 60.04 -52.39 99.87
N THR GA 134 58.84 -52.10 99.38
CA THR GA 134 57.77 -53.09 99.38
C THR GA 134 58.13 -54.29 98.49
N ARG GA 135 58.72 -54.03 97.32
CA ARG GA 135 59.09 -55.12 96.44
C ARG GA 135 60.15 -56.02 97.07
N LYS GA 136 61.12 -55.42 97.74
CA LYS GA 136 62.16 -56.21 98.41
C LYS GA 136 61.56 -57.02 99.57
N ALA GA 137 60.64 -56.44 100.33
CA ALA GA 137 59.99 -57.18 101.41
C ALA GA 137 59.20 -58.36 100.85
N SER GA 138 58.47 -58.14 99.75
CA SER GA 138 57.72 -59.22 99.12
C SER GA 138 58.67 -60.31 98.63
N ALA GA 139 59.81 -59.92 98.06
CA ALA GA 139 60.79 -60.90 97.60
C ALA GA 139 61.33 -61.72 98.76
N CYS GA 140 61.59 -61.08 99.90
CA CYS GA 140 62.07 -61.82 101.06
C CYS GA 140 61.03 -62.82 101.56
N GLN GA 141 59.77 -62.39 101.65
CA GLN GA 141 58.72 -63.29 102.10
C GLN GA 141 58.56 -64.47 101.14
N LEU GA 142 58.59 -64.19 99.84
CA LEU GA 142 58.48 -65.26 98.85
C LEU GA 142 59.65 -66.22 98.94
N ALA GA 143 60.87 -65.70 99.16
CA ALA GA 143 62.02 -66.57 99.31
C ALA GA 143 61.87 -67.49 100.51
N HIS GA 144 61.37 -66.96 101.63
CA HIS GA 144 61.12 -67.79 102.80
C HIS GA 144 60.13 -68.90 102.49
N ASP GA 145 59.02 -68.54 101.83
CA ASP GA 145 57.99 -69.55 101.55
C ASP GA 145 58.51 -70.63 100.60
N GLN GA 146 59.24 -70.23 99.56
CA GLN GA 146 59.78 -71.22 98.63
C GLN GA 146 60.84 -72.08 99.28
N LEU GA 147 61.62 -71.53 100.22
CA LEU GA 147 62.58 -72.36 100.93
C LEU GA 147 61.87 -73.40 101.79
N VAL GA 148 60.76 -73.01 102.44
CA VAL GA 148 59.99 -73.99 103.20
C VAL GA 148 59.46 -75.09 102.28
N ASN GA 149 58.91 -74.70 101.13
CA ASN GA 149 58.38 -75.70 100.20
C ASN GA 149 59.47 -76.65 99.70
N ARG GA 150 60.64 -76.09 99.38
CA ARG GA 150 61.77 -76.92 98.96
C ARG GA 150 62.19 -77.87 100.06
N LEU GA 151 62.20 -77.39 101.30
CA LEU GA 151 62.56 -78.25 102.43
C LEU GA 151 61.58 -79.40 102.57
N VAL GA 152 60.29 -79.13 102.36
CA VAL GA 152 59.28 -80.18 102.48
C VAL GA 152 59.44 -81.21 101.37
N PHE GA 153 59.57 -80.77 100.12
CA PHE GA 153 59.42 -81.68 98.98
C PHE GA 153 60.74 -82.24 98.46
N LYS GA 154 61.87 -81.59 98.71
CA LYS GA 154 63.15 -82.05 98.19
C LYS GA 154 64.12 -82.50 99.26
N GLY GA 155 64.12 -81.86 100.43
CA GLY GA 155 64.98 -82.25 101.52
C GLY GA 155 66.39 -81.70 101.38
N SER GA 156 67.10 -81.69 102.50
CA SER GA 156 68.49 -81.26 102.56
C SER GA 156 69.32 -82.36 103.20
N ALA GA 157 70.35 -82.80 102.49
CA ALA GA 157 71.18 -83.91 102.96
C ALA GA 157 72.13 -83.50 104.08
N PRO GA 158 72.91 -82.41 103.95
CA PRO GA 158 73.83 -82.05 105.04
C PRO GA 158 73.12 -81.75 106.35
N HIS GA 159 71.87 -81.30 106.31
CA HIS GA 159 71.09 -81.07 107.51
C HIS GA 159 70.36 -82.31 107.99
N LYS GA 160 70.55 -83.44 107.31
CA LYS GA 160 69.89 -84.70 107.67
C LYS GA 160 68.37 -84.55 107.70
N ILE GA 161 67.84 -83.80 106.73
CA ILE GA 161 66.40 -83.65 106.54
C ILE GA 161 66.01 -84.45 105.32
N VAL GA 162 65.08 -85.39 105.49
CA VAL GA 162 64.71 -86.33 104.45
C VAL GA 162 63.38 -85.92 103.85
N SER GA 163 63.29 -85.94 102.52
CA SER GA 163 62.06 -85.62 101.83
C SER GA 163 61.05 -86.74 101.98
N VAL GA 164 59.79 -86.43 101.65
CA VAL GA 164 58.73 -87.43 101.74
C VAL GA 164 58.97 -88.59 100.80
N PHE GA 165 59.71 -88.39 99.71
CA PHE GA 165 60.01 -89.45 98.76
C PHE GA 165 61.14 -90.35 99.22
N ASN GA 166 61.82 -90.02 100.31
CA ASN GA 166 62.97 -90.79 100.77
C ASN GA 166 62.80 -91.34 102.18
N HIS GA 167 61.59 -91.35 102.70
CA HIS GA 167 61.37 -91.97 104.00
C HIS GA 167 61.51 -93.49 103.88
N PRO GA 168 62.33 -94.13 104.71
CA PRO GA 168 62.61 -95.55 104.54
C PRO GA 168 61.51 -96.48 105.06
N ASN GA 169 60.33 -95.98 105.39
CA ASN GA 169 59.28 -96.82 105.96
C ASN GA 169 57.94 -96.55 105.30
N ILE GA 170 57.95 -96.07 104.05
CA ILE GA 170 56.73 -95.87 103.29
C ILE GA 170 56.64 -96.95 102.23
N THR GA 171 55.42 -97.26 101.81
CA THR GA 171 55.24 -98.30 100.80
C THR GA 171 55.65 -97.75 99.43
N LYS GA 172 56.47 -98.51 98.72
CA LYS GA 172 56.94 -98.12 97.40
C LYS GA 172 56.60 -99.22 96.40
N ILE GA 173 55.95 -98.84 95.30
CA ILE GA 173 55.52 -99.78 94.27
C ILE GA 173 56.12 -99.34 92.94
N THR GA 174 56.87 -100.23 92.30
CA THR GA 174 57.33 -99.98 90.95
C THR GA 174 56.17 -100.11 89.97
N SER GA 175 56.21 -99.32 88.91
CA SER GA 175 55.09 -99.22 87.99
C SER GA 175 55.56 -99.39 86.55
N GLY GA 176 54.69 -99.97 85.73
CA GLY GA 176 54.88 -99.92 84.30
C GLY GA 176 54.62 -98.53 83.76
N LYS GA 177 55.24 -98.24 82.62
CA LYS GA 177 55.18 -96.89 82.06
C LYS GA 177 53.78 -96.62 81.53
N TRP GA 178 53.10 -95.63 82.11
CA TRP GA 178 51.76 -95.27 81.65
C TRP GA 178 51.78 -94.76 80.22
N ILE GA 179 52.75 -93.92 79.88
CA ILE GA 179 52.93 -93.43 78.52
C ILE GA 179 54.29 -93.90 78.03
N ASP GA 180 54.29 -94.82 77.07
CA ASP GA 180 55.52 -95.40 76.54
C ASP GA 180 55.54 -95.21 75.04
N ALA GA 181 56.54 -94.47 74.55
CA ALA GA 181 56.68 -94.16 73.12
C ALA GA 181 55.39 -93.55 72.57
N SER GA 182 54.84 -92.58 73.31
CA SER GA 182 53.62 -91.87 72.92
C SER GA 182 52.43 -92.81 72.77
N THR GA 183 52.41 -93.89 73.54
CA THR GA 183 51.29 -94.83 73.56
C THR GA 183 50.65 -94.78 74.94
N MET GA 184 49.33 -94.62 74.97
CA MET GA 184 48.61 -94.37 76.20
C MET GA 184 47.93 -95.65 76.69
N LYS GA 185 48.16 -95.97 77.96
CA LYS GA 185 47.66 -97.22 78.56
C LYS GA 185 46.93 -96.89 79.86
N PRO GA 186 45.68 -96.42 79.77
CA PRO GA 186 44.96 -96.05 81.01
C PRO GA 186 44.58 -97.24 81.88
N GLU GA 187 44.45 -98.43 81.31
CA GLU GA 187 44.09 -99.59 82.12
C GLU GA 187 45.18 -99.92 83.13
N THR GA 188 46.44 -99.79 82.73
CA THR GA 188 47.54 -99.99 83.67
C THR GA 188 47.47 -99.00 84.82
N ALA GA 189 47.17 -97.74 84.52
CA ALA GA 189 47.07 -96.72 85.56
C ALA GA 189 45.94 -97.04 86.53
N GLU GA 190 44.78 -97.42 85.99
CA GLU GA 190 43.65 -97.75 86.85
C GLU GA 190 43.95 -98.95 87.73
N ALA GA 191 44.56 -99.99 87.17
CA ALA GA 191 44.90 -101.17 87.96
C ALA GA 191 45.89 -100.83 89.06
N GLU GA 192 46.91 -100.02 88.75
CA GLU GA 192 47.88 -99.65 89.76
C GLU GA 192 47.26 -98.81 90.87
N LEU GA 193 46.37 -97.87 90.50
CA LEU GA 193 45.70 -97.07 91.52
C LEU GA 193 44.85 -97.94 92.43
N THR GA 194 44.10 -98.89 91.85
CA THR GA 194 43.29 -99.80 92.66
C THR GA 194 44.18 -100.63 93.58
N GLN GA 195 45.32 -101.11 93.07
CA GLN GA 195 46.23 -101.89 93.90
C GLN GA 195 46.74 -101.07 95.08
N ALA GA 196 47.15 -99.83 94.85
CA ALA GA 196 47.66 -99.00 95.94
C ALA GA 196 46.56 -98.71 96.97
N ILE GA 197 45.36 -98.36 96.50
CA ILE GA 197 44.26 -98.09 97.40
C ILE GA 197 43.99 -99.31 98.28
N GLU GA 198 43.85 -100.48 97.66
CA GLU GA 198 43.59 -101.70 98.45
C GLU GA 198 44.73 -102.01 99.41
N THR GA 199 45.98 -101.76 99.00
CA THR GA 199 47.11 -102.03 99.86
C THR GA 199 47.05 -101.19 101.13
N ILE GA 200 46.59 -99.94 101.02
CA ILE GA 200 46.56 -99.08 102.20
C ILE GA 200 45.70 -99.70 103.30
N GLU GA 201 44.49 -100.16 102.97
CA GLU GA 201 43.65 -100.76 104.00
C GLU GA 201 44.13 -102.15 104.40
N THR GA 202 44.63 -102.92 103.44
CA THR GA 202 45.08 -104.28 103.75
C THR GA 202 46.23 -104.30 104.74
N ILE GA 203 47.23 -103.43 104.57
CA ILE GA 203 48.35 -103.38 105.50
C ILE GA 203 47.95 -102.91 106.90
N THR GA 204 47.07 -101.91 107.00
CA THR GA 204 46.69 -101.35 108.28
C THR GA 204 45.46 -102.01 108.88
N ARG GA 205 44.97 -103.10 108.28
CA ARG GA 205 43.89 -103.90 108.86
C ARG GA 205 42.61 -103.09 109.03
N GLY GA 206 42.35 -102.18 108.09
CA GLY GA 206 41.08 -101.49 108.04
C GLY GA 206 40.90 -100.35 109.01
N GLN GA 207 41.95 -99.91 109.70
CA GLN GA 207 41.85 -98.75 110.56
C GLN GA 207 42.29 -97.46 109.87
N HIS GA 208 42.69 -97.54 108.60
CA HIS GA 208 43.07 -96.37 107.82
C HIS GA 208 42.60 -96.57 106.38
N ARG GA 209 41.92 -95.56 105.84
CA ARG GA 209 41.38 -95.62 104.50
C ARG GA 209 41.94 -94.48 103.67
N ALA GA 210 42.30 -94.78 102.43
CA ALA GA 210 42.86 -93.78 101.55
C ALA GA 210 41.83 -92.70 101.25
N THR GA 211 42.28 -91.45 101.16
CA THR GA 211 41.41 -90.33 100.84
C THR GA 211 41.96 -89.40 99.78
N ASN GA 212 43.27 -89.32 99.57
CA ASN GA 212 43.84 -88.36 98.65
C ASN GA 212 44.81 -89.04 97.69
N ILE GA 213 44.73 -88.64 96.42
CA ILE GA 213 45.63 -89.09 95.37
C ILE GA 213 46.22 -87.86 94.69
N LEU GA 214 47.54 -87.86 94.52
CA LEU GA 214 48.26 -86.78 93.86
C LEU GA 214 49.03 -87.33 92.67
N ILE GA 215 48.83 -86.73 91.51
CA ILE GA 215 49.47 -87.17 90.27
C ILE GA 215 50.12 -85.97 89.60
N PRO GA 216 51.13 -86.20 88.77
CA PRO GA 216 51.74 -85.09 88.04
C PRO GA 216 50.79 -84.55 86.99
N PRO GA 217 50.89 -83.26 86.65
CA PRO GA 217 49.96 -82.69 85.65
C PRO GA 217 50.05 -83.32 84.28
N SER GA 218 51.21 -83.79 83.86
CA SER GA 218 51.37 -84.33 82.51
C SER GA 218 50.61 -85.64 82.31
N MET GA 219 50.15 -86.29 83.37
CA MET GA 219 49.38 -87.52 83.27
C MET GA 219 47.88 -87.30 83.43
N ARG GA 220 47.42 -86.05 83.36
CA ARG GA 220 45.99 -85.79 83.45
C ARG GA 220 45.25 -86.27 82.21
N LYS GA 221 45.91 -86.24 81.05
CA LYS GA 221 45.28 -86.64 79.80
C LYS GA 221 45.10 -88.15 79.69
N VAL GA 222 45.84 -88.93 80.47
CA VAL GA 222 45.69 -90.39 80.42
C VAL GA 222 44.34 -90.80 80.99
N LEU GA 223 43.89 -90.12 82.04
CA LEU GA 223 42.63 -90.46 82.70
C LEU GA 223 41.41 -89.90 81.98
N ALA GA 224 41.59 -89.17 80.88
CA ALA GA 224 40.49 -88.57 80.15
C ALA GA 224 40.13 -89.32 78.89
N ILE GA 225 40.78 -90.46 78.62
CA ILE GA 225 40.46 -91.25 77.44
C ILE GA 225 39.13 -91.98 77.66
N ARG GA 226 38.26 -91.94 76.65
CA ARG GA 226 37.01 -92.67 76.73
C ARG GA 226 37.25 -94.15 76.55
N MET GA 227 36.52 -94.96 77.33
CA MET GA 227 36.59 -96.39 77.16
C MET GA 227 35.87 -96.81 75.87
N PRO GA 228 36.32 -97.87 75.21
CA PRO GA 228 35.68 -98.30 73.98
C PRO GA 228 34.22 -98.68 74.19
N GLU GA 229 33.41 -98.42 73.16
CA GLU GA 229 31.99 -98.75 73.13
C GLU GA 229 31.17 -97.96 74.14
N THR GA 230 31.71 -96.83 74.61
CA THR GA 230 30.97 -95.97 75.54
C THR GA 230 31.44 -94.54 75.35
N THR GA 231 30.72 -93.62 75.98
CA THR GA 231 30.95 -92.19 75.83
C THR GA 231 31.27 -91.52 77.17
N MET GA 232 32.00 -92.22 78.03
CA MET GA 232 32.49 -91.60 79.26
C MET GA 232 33.95 -92.01 79.46
N SER GA 233 34.67 -91.17 80.20
CA SER GA 233 36.10 -91.36 80.40
C SER GA 233 36.36 -92.34 81.53
N TYR GA 234 37.63 -92.75 81.65
CA TYR GA 234 38.02 -93.63 82.73
C TYR GA 234 37.83 -92.98 84.09
N LEU GA 235 38.11 -91.67 84.20
CA LEU GA 235 38.04 -90.99 85.47
C LEU GA 235 36.62 -90.99 86.04
N ASP GA 236 35.62 -90.81 85.19
CA ASP GA 236 34.24 -90.79 85.67
C ASP GA 236 33.85 -92.13 86.26
N TYR GA 237 34.19 -93.23 85.57
CA TYR GA 237 33.87 -94.56 86.10
C TYR GA 237 34.64 -94.83 87.39
N PHE GA 238 35.91 -94.45 87.44
CA PHE GA 238 36.70 -94.67 88.65
C PHE GA 238 36.12 -93.90 89.83
N LYS GA 239 35.72 -92.65 89.61
CA LYS GA 239 35.14 -91.85 90.67
C LYS GA 239 33.80 -92.41 91.12
N SER GA 240 33.01 -92.93 90.17
CA SER GA 240 31.75 -93.57 90.54
C SER GA 240 31.99 -94.79 91.41
N GLN GA 241 32.98 -95.61 91.05
CA GLN GA 241 33.27 -96.80 91.83
C GLN GA 241 33.82 -96.45 93.22
N ASN GA 242 34.69 -95.45 93.29
CA ASN GA 242 35.37 -95.08 94.54
C ASN GA 242 34.83 -93.72 94.98
N SER GA 243 33.79 -93.75 95.81
CA SER GA 243 33.21 -92.52 96.33
C SER GA 243 33.98 -92.05 97.56
N GLY GA 244 34.23 -90.73 97.62
CA GLY GA 244 34.90 -90.15 98.76
C GLY GA 244 36.39 -90.00 98.64
N ILE GA 245 36.96 -90.13 97.44
CA ILE GA 245 38.38 -90.01 97.22
C ILE GA 245 38.63 -88.87 96.24
N GLU GA 246 39.52 -87.94 96.62
CA GLU GA 246 39.86 -86.80 95.79
C GLU GA 246 41.15 -87.05 95.04
N ILE GA 247 41.14 -86.73 93.75
CA ILE GA 247 42.31 -86.84 92.87
C ILE GA 247 42.71 -85.44 92.46
N ASP GA 248 43.99 -85.10 92.64
CA ASP GA 248 44.49 -83.77 92.33
C ASP GA 248 45.88 -83.88 91.70
N SER GA 249 46.34 -82.76 91.16
CA SER GA 249 47.60 -82.70 90.44
C SER GA 249 48.56 -81.74 91.13
N ILE GA 250 49.82 -82.16 91.25
CA ILE GA 250 50.86 -81.38 91.92
C ILE GA 250 52.12 -81.40 91.06
N ALA GA 251 52.50 -80.24 90.54
CA ALA GA 251 53.62 -80.14 89.60
C ALA GA 251 54.95 -80.56 90.21
N GLU GA 252 55.05 -80.64 91.53
CA GLU GA 252 56.27 -81.13 92.17
C GLU GA 252 56.49 -82.62 91.94
N LEU GA 253 55.51 -83.34 91.39
CA LEU GA 253 55.65 -84.77 91.17
C LEU GA 253 56.26 -85.11 89.83
N GLU GA 254 56.57 -84.12 88.99
CA GLU GA 254 57.20 -84.39 87.71
C GLU GA 254 58.58 -85.03 87.89
N ASP GA 255 59.40 -84.44 88.77
CA ASP GA 255 60.76 -84.92 89.02
C ASP GA 255 60.88 -85.23 90.51
N ILE GA 256 61.04 -86.51 90.85
CA ILE GA 256 61.11 -86.91 92.25
C ILE GA 256 62.52 -87.20 92.72
N ASP GA 257 63.46 -87.44 91.81
CA ASP GA 257 64.84 -87.73 92.18
C ASP GA 257 65.87 -86.93 91.40
N GLY GA 258 65.46 -85.98 90.58
CA GLY GA 258 66.39 -85.15 89.84
C GLY GA 258 66.80 -85.67 88.49
N ALA GA 259 66.17 -86.73 87.97
CA ALA GA 259 66.50 -87.28 86.68
C ALA GA 259 65.30 -87.38 85.75
N GLY GA 260 64.14 -86.85 86.17
CA GLY GA 260 62.95 -86.89 85.35
C GLY GA 260 61.98 -88.01 85.66
N THR GA 261 62.23 -88.79 86.70
CA THR GA 261 61.31 -89.86 87.07
C THR GA 261 60.08 -89.30 87.77
N LYS GA 262 58.91 -89.75 87.35
CA LYS GA 262 57.64 -89.28 87.89
C LYS GA 262 57.15 -90.22 88.98
N GLY GA 263 56.11 -89.79 89.69
CA GLY GA 263 55.56 -90.60 90.76
C GLY GA 263 54.16 -90.15 91.11
N VAL GA 264 53.44 -91.05 91.77
CA VAL GA 264 52.07 -90.81 92.23
C VAL GA 264 52.01 -91.10 93.72
N LEU GA 265 51.33 -90.23 94.47
CA LEU GA 265 51.28 -90.35 95.93
C LEU GA 265 49.85 -90.60 96.38
N VAL GA 266 49.63 -91.69 97.12
CA VAL GA 266 48.32 -92.05 97.64
C VAL GA 266 48.42 -92.11 99.15
N TYR GA 267 47.48 -91.45 99.84
CA TYR GA 267 47.57 -91.39 101.29
C TYR GA 267 46.21 -91.00 101.87
N GLU GA 268 46.18 -90.94 103.20
CA GLU GA 268 45.05 -90.43 103.97
C GLU GA 268 45.47 -89.15 104.66
N LYS GA 269 44.62 -88.13 104.61
CA LYS GA 269 44.94 -86.82 105.16
C LYS GA 269 44.30 -86.71 106.54
N ASN GA 270 45.14 -86.53 107.56
CA ASN GA 270 44.71 -86.52 108.96
C ASN GA 270 45.88 -85.98 109.78
N PRO GA 271 45.64 -85.06 110.71
CA PRO GA 271 46.76 -84.46 111.44
C PRO GA 271 47.62 -85.46 112.21
N MET GA 272 47.03 -86.54 112.72
CA MET GA 272 47.81 -87.51 113.48
C MET GA 272 48.74 -88.36 112.62
N ASN GA 273 48.63 -88.28 111.30
CA ASN GA 273 49.48 -89.05 110.41
C ASN GA 273 50.72 -88.29 109.96
N MET GA 274 50.58 -87.05 109.52
CA MET GA 274 51.72 -86.23 109.13
C MET GA 274 51.40 -84.78 109.47
N SER GA 275 52.44 -83.97 109.58
CA SER GA 275 52.26 -82.59 110.01
C SER GA 275 53.43 -81.73 109.58
N ILE GA 276 53.17 -80.42 109.54
CA ILE GA 276 54.19 -79.40 109.35
C ILE GA 276 53.98 -78.33 110.42
N GLU GA 277 55.06 -77.96 111.10
CA GLU GA 277 54.99 -77.02 112.21
C GLU GA 277 55.76 -75.76 111.86
N ILE GA 278 55.18 -74.60 112.19
CA ILE GA 278 55.83 -73.31 111.99
C ILE GA 278 55.84 -72.56 113.32
N PRO GA 279 56.82 -72.80 114.18
CA PRO GA 279 56.78 -72.19 115.53
C PRO GA 279 56.81 -70.68 115.52
N GLU GA 280 57.55 -70.05 114.61
CA GLU GA 280 57.67 -68.59 114.58
C GLU GA 280 57.40 -68.10 113.17
N ALA GA 281 56.46 -67.17 113.04
CA ALA GA 281 56.09 -66.63 111.74
C ALA GA 281 57.12 -65.62 111.26
N PHE GA 282 57.00 -65.25 109.98
CA PHE GA 282 57.92 -64.30 109.37
C PHE GA 282 57.75 -62.92 109.98
N ASN GA 283 58.87 -62.31 110.35
CA ASN GA 283 58.85 -60.97 110.94
C ASN GA 283 60.13 -60.24 110.54
N MET GA 284 60.09 -58.92 110.66
CA MET GA 284 61.19 -58.06 110.28
C MET GA 284 61.68 -57.24 111.47
N LEU GA 285 62.99 -57.05 111.54
CA LEU GA 285 63.64 -56.28 112.59
C LEU GA 285 63.71 -54.80 112.21
N PRO GA 286 63.81 -53.92 113.20
CA PRO GA 286 64.00 -52.49 112.89
C PRO GA 286 65.29 -52.25 112.11
N ALA GA 287 65.25 -51.26 111.23
CA ALA GA 287 66.39 -50.97 110.38
C ALA GA 287 67.59 -50.50 111.19
N GLN GA 288 68.77 -50.92 110.77
CA GLN GA 288 70.01 -50.58 111.46
C GLN GA 288 70.81 -49.64 110.59
N PRO GA 289 70.82 -48.33 110.86
CA PRO GA 289 71.47 -47.39 109.95
C PRO GA 289 72.97 -47.58 109.89
N LYS GA 290 73.53 -47.32 108.71
CA LYS GA 290 74.99 -47.27 108.56
C LYS GA 290 75.31 -46.29 107.44
N ASP GA 291 75.52 -45.02 107.80
CA ASP GA 291 76.13 -44.01 106.92
C ASP GA 291 75.37 -43.91 105.59
N LEU GA 292 74.16 -43.35 105.69
CA LEU GA 292 73.30 -42.96 104.56
C LEU GA 292 72.52 -44.12 103.95
N HIS GA 293 72.58 -45.32 104.53
CA HIS GA 293 71.79 -46.42 104.02
C HIS GA 293 71.48 -47.39 105.15
N PHE GA 294 70.40 -48.13 104.99
CA PHE GA 294 69.88 -49.00 106.05
C PHE GA 294 70.14 -50.46 105.71
N LYS GA 295 69.68 -51.34 106.60
CA LYS GA 295 69.81 -52.78 106.44
C LYS GA 295 68.75 -53.45 107.28
N VAL GA 296 67.79 -54.11 106.63
CA VAL GA 296 66.65 -54.69 107.30
C VAL GA 296 66.77 -56.20 107.27
N PRO GA 297 66.93 -56.87 108.41
CA PRO GA 297 66.87 -58.33 108.45
C PRO GA 297 65.45 -58.84 108.63
N CYS GA 298 65.29 -60.16 108.46
CA CYS GA 298 64.01 -60.81 108.64
C CYS GA 298 64.20 -62.31 108.71
N THR GA 299 63.58 -62.93 109.73
CA THR GA 299 63.81 -64.34 110.06
C THR GA 299 62.48 -65.07 110.24
N SER GA 300 62.58 -66.38 110.45
CA SER GA 300 61.43 -67.24 110.67
C SER GA 300 61.92 -68.60 111.16
N LYS GA 301 60.97 -69.49 111.44
CA LYS GA 301 61.29 -70.84 111.93
C LYS GA 301 60.45 -71.88 111.19
N CYS GA 302 60.95 -73.12 111.17
CA CYS GA 302 60.24 -74.21 110.53
C CYS GA 302 60.72 -75.52 111.14
N THR GA 303 60.10 -76.62 110.70
CA THR GA 303 60.48 -77.96 111.16
C THR GA 303 60.54 -79.02 110.07
N GLY GA 304 60.01 -78.77 108.88
CA GLY GA 304 59.92 -79.81 107.87
C GLY GA 304 58.65 -80.62 108.02
N LEU GA 305 58.63 -81.76 107.35
CA LEU GA 305 57.48 -82.66 107.36
C LEU GA 305 57.75 -83.82 108.32
N THR GA 306 56.83 -84.02 109.26
CA THR GA 306 56.95 -85.10 110.24
C THR GA 306 55.87 -86.13 109.97
N ILE GA 307 56.27 -87.40 109.89
CA ILE GA 307 55.35 -88.51 109.65
C ILE GA 307 55.37 -89.40 110.89
N TYR GA 308 54.21 -89.58 111.50
CA TYR GA 308 54.10 -90.40 112.70
C TYR GA 308 53.79 -91.86 112.37
N ARG GA 309 52.78 -92.09 111.54
CA ARG GA 309 52.46 -93.43 111.07
C ARG GA 309 52.89 -93.54 109.61
N PRO GA 310 53.95 -94.29 109.31
CA PRO GA 310 54.47 -94.34 107.93
C PRO GA 310 53.78 -95.37 107.04
N MET GA 311 52.78 -96.08 107.54
CA MET GA 311 52.10 -97.10 106.75
C MET GA 311 50.95 -96.56 105.93
N THR GA 312 50.61 -95.28 106.09
CA THR GA 312 49.54 -94.65 105.32
C THR GA 312 50.06 -93.87 104.14
N ILE GA 313 51.19 -94.27 103.57
CA ILE GA 313 51.79 -93.60 102.42
C ILE GA 313 52.18 -94.65 101.39
N VAL GA 314 51.62 -94.54 100.19
CA VAL GA 314 51.99 -95.41 99.08
C VAL GA 314 52.50 -94.53 97.93
N LEU GA 315 53.70 -94.83 97.46
CA LEU GA 315 54.32 -94.08 96.37
C LEU GA 315 54.46 -95.03 95.19
N ILE GA 316 53.72 -94.74 94.12
CA ILE GA 316 53.86 -95.47 92.86
C ILE GA 316 54.94 -94.74 92.07
N THR GA 317 56.13 -95.35 92.02
CA THR GA 317 57.29 -94.75 91.39
C THR GA 317 57.47 -95.27 89.97
N GLY GA 318 58.17 -94.49 89.15
CA GLY GA 318 58.40 -94.86 87.77
C GLY GA 318 57.21 -94.64 86.85
N VAL GA 319 56.24 -93.84 87.27
CA VAL GA 319 55.08 -93.56 86.43
C VAL GA 319 55.47 -92.73 85.23
N GLU HA 38 12.24 -50.50 21.94
CA GLU HA 38 11.18 -50.07 22.84
C GLU HA 38 10.38 -51.28 23.34
N LEU HA 39 10.72 -52.45 22.83
CA LEU HA 39 10.18 -53.71 23.31
C LEU HA 39 11.13 -54.44 24.25
N HIS HA 40 12.20 -53.76 24.70
CA HIS HA 40 13.28 -54.40 25.43
C HIS HA 40 13.41 -53.74 26.81
N ARG HA 41 12.95 -54.42 27.85
CA ARG HA 41 13.15 -53.93 29.20
C ARG HA 41 14.50 -54.37 29.76
N ILE HA 42 14.91 -53.70 30.84
CA ILE HA 42 16.13 -54.02 31.56
C ILE HA 42 15.75 -54.43 32.97
N LYS HA 43 16.36 -55.51 33.46
CA LYS HA 43 16.08 -56.00 34.81
C LYS HA 43 16.40 -54.91 35.83
N SER HA 44 15.55 -54.84 36.86
CA SER HA 44 15.69 -53.81 37.88
C SER HA 44 16.81 -54.09 38.86
N GLN HA 45 17.18 -55.36 39.03
CA GLN HA 45 18.20 -55.75 39.99
C GLN HA 45 19.47 -56.17 39.25
N SER HA 46 20.60 -55.62 39.67
CA SER HA 46 21.90 -55.98 39.14
C SER HA 46 22.66 -56.82 40.17
N TYR HA 47 23.57 -57.64 39.67
CA TYR HA 47 24.35 -58.56 40.50
C TYR HA 47 25.76 -58.02 40.65
N GLU HA 48 26.25 -57.94 41.89
CA GLU HA 48 27.58 -57.45 42.18
C GLU HA 48 28.47 -58.63 42.56
N GLU HA 49 29.60 -58.78 41.86
CA GLU HA 49 30.56 -59.80 42.26
C GLU HA 49 31.16 -59.45 43.62
N ASP HA 50 31.10 -60.40 44.54
CA ASP HA 50 31.39 -60.13 45.93
C ASP HA 50 32.83 -60.51 46.27
N TYR HA 51 33.52 -59.61 46.96
CA TYR HA 51 34.88 -59.84 47.44
C TYR HA 51 34.85 -59.83 48.96
N PRO HA 52 34.91 -61.00 49.61
CA PRO HA 52 34.90 -61.01 51.07
C PRO HA 52 36.08 -60.26 51.65
N VAL HA 53 35.86 -59.62 52.79
CA VAL HA 53 36.87 -58.76 53.41
C VAL HA 53 37.87 -59.61 54.18
N GLY HA 54 37.40 -60.29 55.22
CA GLY HA 54 38.29 -61.09 56.04
C GLY HA 54 37.69 -61.29 57.43
N SER HA 55 38.56 -61.71 58.35
CA SER HA 55 38.13 -61.99 59.70
C SER HA 55 39.13 -61.52 60.77
N ALA HA 56 40.15 -60.76 60.38
CA ALA HA 56 41.17 -60.31 61.32
C ALA HA 56 40.66 -59.31 62.35
N LEU HA 57 39.58 -58.60 62.05
CA LEU HA 57 39.01 -57.67 63.00
C LEU HA 57 38.00 -58.32 63.94
N ARG HA 58 37.67 -59.60 63.72
CA ARG HA 58 36.79 -60.33 64.62
C ARG HA 58 37.50 -61.41 65.42
N VAL HA 59 38.48 -62.10 64.84
CA VAL HA 59 39.15 -63.16 65.58
C VAL HA 59 40.01 -62.60 66.72
N PHE HA 60 40.75 -61.52 66.48
CA PHE HA 60 41.64 -60.95 67.48
C PHE HA 60 41.01 -59.73 68.11
N PRO HA 61 41.35 -59.44 69.37
CA PRO HA 61 40.77 -58.28 70.05
C PRO HA 61 41.22 -56.97 69.42
N VAL HA 62 40.38 -55.96 69.60
CA VAL HA 62 40.66 -54.60 69.12
C VAL HA 62 40.35 -53.63 70.26
N THR HA 63 41.32 -52.79 70.61
CA THR HA 63 41.14 -51.75 71.62
C THR HA 63 41.45 -50.39 71.01
N THR HA 64 41.11 -49.33 71.75
CA THR HA 64 41.31 -47.95 71.31
C THR HA 64 41.90 -47.15 72.47
N GLU HA 65 43.23 -47.07 72.50
CA GLU HA 65 43.93 -46.23 73.46
C GLU HA 65 44.80 -45.16 72.81
N LEU HA 66 45.37 -45.43 71.65
CA LEU HA 66 46.28 -44.51 71.00
C LEU HA 66 45.51 -43.33 70.41
N SER HA 67 46.03 -42.14 70.69
CA SER HA 67 45.50 -40.92 70.09
C SER HA 67 45.88 -40.90 68.61
N PRO HA 68 45.13 -40.16 67.77
CA PRO HA 68 45.44 -40.15 66.33
C PRO HA 68 46.78 -39.49 65.99
N THR HA 69 47.46 -38.88 66.95
CA THR HA 69 48.72 -38.21 66.69
C THR HA 69 49.94 -38.93 67.25
N ASP HA 70 49.75 -40.03 67.97
CA ASP HA 70 50.88 -40.78 68.52
C ASP HA 70 51.60 -41.54 67.43
N LYS HA 71 52.92 -41.71 67.60
CA LYS HA 71 53.74 -42.48 66.68
C LYS HA 71 54.34 -43.72 67.30
N THR HA 72 54.34 -43.84 68.63
CA THR HA 72 55.03 -44.95 69.28
C THR HA 72 54.35 -45.22 70.61
N PHE HA 73 54.26 -46.51 70.97
CA PHE HA 73 53.76 -46.91 72.27
C PHE HA 73 54.77 -47.82 72.94
N GLU HA 74 54.77 -47.79 74.27
CA GLU HA 74 55.77 -48.48 75.07
C GLU HA 74 55.09 -49.07 76.30
N TYR HA 75 55.46 -50.31 76.64
CA TYR HA 75 54.92 -50.98 77.81
C TYR HA 75 56.05 -51.63 78.59
N MET HA 76 55.83 -51.76 79.91
CA MET HA 76 56.84 -52.13 80.88
C MET HA 76 56.62 -53.54 81.40
N THR HA 77 57.65 -54.04 82.10
CA THR HA 77 57.63 -55.36 82.71
C THR HA 77 58.57 -55.34 83.91
N PHE HA 78 58.24 -56.11 84.95
CA PHE HA 78 58.99 -56.11 86.19
C PHE HA 78 59.28 -57.53 86.65
N ASP HA 79 60.32 -57.68 87.47
CA ASP HA 79 60.81 -58.97 87.93
C ASP HA 79 61.62 -58.77 89.20
N LYS HA 80 61.93 -59.87 89.88
CA LYS HA 80 62.67 -59.81 91.13
C LYS HA 80 63.47 -61.09 91.32
N VAL HA 81 64.48 -61.01 92.19
CA VAL HA 81 65.32 -62.15 92.55
C VAL HA 81 65.53 -62.15 94.06
N GLY HA 82 65.98 -63.28 94.59
CA GLY HA 82 66.25 -63.40 96.00
C GLY HA 82 66.44 -64.85 96.39
N THR HA 83 66.83 -65.04 97.65
CA THR HA 83 67.07 -66.38 98.19
C THR HA 83 67.07 -66.30 99.72
N ALA HA 84 67.24 -67.46 100.35
CA ALA HA 84 67.31 -67.55 101.80
C ALA HA 84 68.08 -68.80 102.17
N GLN HA 85 68.58 -68.84 103.41
CA GLN HA 85 69.36 -69.96 103.89
C GLN HA 85 68.96 -70.30 105.32
N ILE HA 86 69.69 -71.24 105.91
CA ILE HA 86 69.51 -71.63 107.30
C ILE HA 86 70.62 -70.99 108.12
N ILE HA 87 70.26 -70.37 109.25
CA ILE HA 87 71.20 -69.54 109.99
C ILE HA 87 71.37 -70.05 111.41
N ALA HA 88 72.19 -69.34 112.19
CA ALA HA 88 72.40 -69.60 113.61
C ALA HA 88 72.20 -68.30 114.38
N ASP HA 89 72.41 -68.37 115.70
CA ASP HA 89 72.10 -67.22 116.56
C ASP HA 89 73.03 -66.05 116.28
N TYR HA 90 74.33 -66.30 116.15
CA TYR HA 90 75.30 -65.28 115.74
C TYR HA 90 75.59 -65.51 114.26
N THR HA 91 75.12 -64.60 113.42
CA THR HA 91 75.36 -64.69 111.99
C THR HA 91 75.44 -63.30 111.38
N ASP HA 92 76.36 -63.14 110.43
CA ASP HA 92 76.56 -61.89 109.70
C ASP HA 92 76.51 -62.11 108.19
N ASP HA 93 75.90 -63.20 107.74
CA ASP HA 93 75.95 -63.56 106.32
C ASP HA 93 74.55 -63.84 105.76
N LEU HA 94 73.61 -62.95 106.04
CA LEU HA 94 72.29 -63.08 105.43
C LEU HA 94 72.34 -62.61 103.98
N PRO HA 95 71.72 -63.34 103.05
CA PRO HA 95 71.75 -62.92 101.65
C PRO HA 95 70.81 -61.76 101.37
N LEU HA 96 70.90 -61.22 100.16
CA LEU HA 96 70.16 -60.03 99.75
C LEU HA 96 69.21 -60.34 98.60
N VAL HA 97 68.38 -59.36 98.26
CA VAL HA 97 67.38 -59.46 97.20
C VAL HA 97 67.46 -58.20 96.33
N ASP HA 98 66.82 -58.24 95.17
CA ASP HA 98 66.85 -57.13 94.22
C ASP HA 98 65.70 -57.27 93.24
N ALA HA 99 65.47 -56.22 92.44
CA ALA HA 99 64.38 -56.18 91.47
C ALA HA 99 64.92 -55.68 90.14
N LEU HA 100 64.06 -55.71 89.11
CA LEU HA 100 64.46 -55.38 87.74
C LEU HA 100 63.33 -54.61 87.06
N GLY HA 101 63.55 -54.30 85.78
CA GLY HA 101 62.58 -53.62 84.93
C GLY HA 101 62.97 -53.69 83.46
N THR HA 102 61.98 -53.66 82.58
CA THR HA 102 62.22 -53.80 81.14
C THR HA 102 61.08 -53.10 80.41
N SER HA 103 61.30 -52.78 79.13
CA SER HA 103 60.29 -52.11 78.33
C SER HA 103 60.40 -52.54 76.88
N GLU HA 104 59.31 -52.34 76.13
CA GLU HA 104 59.23 -52.67 74.71
C GLU HA 104 58.64 -51.49 73.94
N PHE HA 105 58.55 -51.63 72.62
CA PHE HA 105 58.12 -50.54 71.75
C PHE HA 105 57.26 -51.06 70.61
N GLY HA 106 56.47 -50.15 70.04
CA GLY HA 106 55.66 -50.44 68.86
C GLY HA 106 55.30 -49.18 68.12
N LYS HA 107 55.05 -49.32 66.82
CA LYS HA 107 54.89 -48.19 65.91
C LYS HA 107 53.51 -48.19 65.25
N VAL HA 108 53.27 -47.15 64.45
CA VAL HA 108 52.01 -46.93 63.75
C VAL HA 108 52.30 -46.49 62.33
N PHE HA 109 51.51 -46.96 61.36
CA PHE HA 109 51.69 -46.66 59.95
C PHE HA 109 50.43 -46.03 59.37
N ARG HA 110 50.60 -45.40 58.20
CA ARG HA 110 49.53 -44.72 57.49
C ARG HA 110 49.31 -45.37 56.13
N LEU HA 111 48.05 -45.38 55.69
CA LEU HA 111 47.62 -46.05 54.48
C LEU HA 111 46.86 -45.06 53.60
N GLY HA 112 46.94 -45.27 52.28
CA GLY HA 112 46.20 -44.39 51.38
C GLY HA 112 46.14 -44.82 49.91
N ASN HA 113 45.15 -44.29 49.21
CA ASN HA 113 45.03 -44.48 47.76
C ASN HA 113 44.21 -43.31 47.20
N ALA HA 114 43.75 -43.44 45.96
CA ALA HA 114 42.98 -42.38 45.32
C ALA HA 114 42.20 -42.97 44.15
N TYR HA 115 41.26 -42.18 43.63
CA TYR HA 115 40.52 -42.57 42.43
C TYR HA 115 40.23 -41.34 41.58
N LEU HA 116 39.99 -41.60 40.29
CA LEU HA 116 39.69 -40.56 39.32
C LEU HA 116 38.28 -40.74 38.78
N ILE HA 117 37.68 -39.63 38.34
CA ILE HA 117 36.36 -39.63 37.72
C ILE HA 117 36.25 -38.39 36.86
N SER HA 118 35.43 -38.49 35.81
CA SER HA 118 35.29 -37.41 34.84
C SER HA 118 33.85 -36.91 34.78
N ILE HA 119 33.71 -35.65 34.37
CA ILE HA 119 32.39 -35.01 34.33
C ILE HA 119 31.47 -35.73 33.37
N ASP HA 120 32.01 -36.23 32.25
CA ASP HA 120 31.19 -36.95 31.28
C ASP HA 120 30.58 -38.20 31.91
N GLU HA 121 31.39 -38.98 32.62
CA GLU HA 121 30.88 -40.18 33.28
C GLU HA 121 29.91 -39.82 34.40
N ILE HA 122 30.18 -38.72 35.12
CA ILE HA 122 29.25 -38.29 36.16
C ILE HA 122 27.89 -37.97 35.57
N LYS HA 123 27.88 -37.22 34.47
CA LYS HA 123 26.60 -36.83 33.86
C LYS HA 123 25.90 -38.01 33.22
N ALA HA 124 26.65 -38.96 32.68
CA ALA HA 124 26.04 -40.13 32.03
C ALA HA 124 25.20 -40.91 33.03
N GLY HA 125 24.02 -41.34 32.58
CA GLY HA 125 23.11 -42.10 33.42
C GLY HA 125 22.94 -43.52 32.95
N GLN HA 126 22.47 -44.39 33.84
CA GLN HA 126 22.32 -45.81 33.56
C GLN HA 126 20.91 -46.26 33.93
N ALA HA 127 20.56 -47.48 33.50
CA ALA HA 127 19.24 -48.01 33.76
C ALA HA 127 19.00 -48.26 35.24
N THR HA 128 19.96 -48.92 35.91
CA THR HA 128 19.81 -49.25 37.31
C THR HA 128 21.20 -49.46 37.91
N GLY HA 129 21.22 -49.71 39.21
CA GLY HA 129 22.46 -49.96 39.91
C GLY HA 129 23.00 -48.74 40.61
N ARG HA 130 23.91 -48.96 41.53
CA ARG HA 130 24.53 -47.85 42.25
C ARG HA 130 25.38 -47.01 41.30
N PRO HA 131 25.49 -45.71 41.52
CA PRO HA 131 26.28 -44.87 40.61
C PRO HA 131 27.76 -45.23 40.64
N LEU HA 132 28.43 -44.90 39.54
CA LEU HA 132 29.84 -45.23 39.37
C LEU HA 132 30.70 -44.57 40.45
N SER HA 133 30.32 -43.35 40.84
CA SER HA 133 31.05 -42.69 41.92
C SER HA 133 30.96 -43.48 43.22
N THR HA 134 29.75 -43.95 43.55
CA THR HA 134 29.58 -44.74 44.77
C THR HA 134 30.35 -46.05 44.71
N ARG HA 135 30.32 -46.72 43.55
CA ARG HA 135 31.08 -47.96 43.41
C ARG HA 135 32.58 -47.74 43.53
N LYS HA 136 33.11 -46.70 42.89
CA LYS HA 136 34.53 -46.37 43.03
C LYS HA 136 34.90 -45.98 44.46
N ALA HA 137 34.02 -45.28 45.18
CA ALA HA 137 34.27 -44.94 46.56
C ALA HA 137 34.22 -46.15 47.50
N SER HA 138 33.39 -47.14 47.20
CA SER HA 138 33.34 -48.35 47.99
C SER HA 138 34.55 -49.25 47.73
N ALA HA 139 35.06 -49.22 46.50
CA ALA HA 139 36.25 -50.00 46.16
C ALA HA 139 37.44 -49.61 47.03
N CYS HA 140 37.60 -48.31 47.27
CA CYS HA 140 38.71 -47.83 48.09
C CYS HA 140 38.63 -48.35 49.51
N GLN HA 141 37.43 -48.31 50.10
CA GLN HA 141 37.25 -48.83 51.46
C GLN HA 141 37.53 -50.32 51.51
N LEU HA 142 37.05 -51.06 50.51
CA LEU HA 142 37.32 -52.49 50.45
C LEU HA 142 38.82 -52.76 50.37
N ALA HA 143 39.53 -51.98 49.55
CA ALA HA 143 40.97 -52.16 49.41
C ALA HA 143 41.69 -51.89 50.73
N HIS HA 144 41.28 -50.83 51.44
CA HIS HA 144 41.91 -50.52 52.71
C HIS HA 144 41.69 -51.64 53.73
N ASP HA 145 40.46 -52.16 53.80
CA ASP HA 145 40.18 -53.24 54.74
C ASP HA 145 40.98 -54.49 54.39
N GLN HA 146 41.06 -54.83 53.10
CA GLN HA 146 41.85 -55.98 52.70
C GLN HA 146 43.32 -55.79 52.99
N LEU HA 147 43.85 -54.58 52.83
CA LEU HA 147 45.25 -54.34 53.17
C LEU HA 147 45.49 -54.49 54.66
N VAL HA 148 44.55 -54.04 55.49
CA VAL HA 148 44.68 -54.24 56.93
C VAL HA 148 44.73 -55.72 57.26
N ASN HA 149 43.83 -56.50 56.66
CA ASN HA 149 43.83 -57.95 56.91
C ASN HA 149 45.13 -58.58 56.44
N ARG HA 150 45.62 -58.18 55.28
CA ARG HA 150 46.86 -58.74 54.75
C ARG HA 150 48.06 -58.40 55.62
N LEU HA 151 48.10 -57.18 56.17
CA LEU HA 151 49.16 -56.83 57.10
C LEU HA 151 49.08 -57.69 58.36
N VAL HA 152 47.86 -57.94 58.85
CA VAL HA 152 47.72 -58.76 60.06
C VAL HA 152 48.19 -60.18 59.81
N PHE HA 153 47.81 -60.78 58.69
CA PHE HA 153 48.00 -62.20 58.46
C PHE HA 153 49.21 -62.55 57.61
N LYS HA 154 49.94 -61.58 57.08
CA LYS HA 154 51.07 -61.85 56.21
C LYS HA 154 52.32 -61.05 56.52
N GLY HA 155 52.21 -59.89 57.15
CA GLY HA 155 53.37 -59.08 57.46
C GLY HA 155 53.94 -58.38 56.25
N SER HA 156 55.06 -57.69 56.49
CA SER HA 156 55.76 -56.97 55.43
C SER HA 156 57.21 -56.83 55.86
N ALA HA 157 58.11 -57.54 55.17
CA ALA HA 157 59.52 -57.53 55.56
C ALA HA 157 60.16 -56.15 55.48
N PRO HA 158 60.02 -55.37 54.41
CA PRO HA 158 60.72 -54.07 54.37
C PRO HA 158 60.31 -53.11 55.48
N HIS HA 159 59.06 -53.17 55.93
CA HIS HA 159 58.59 -52.26 56.97
C HIS HA 159 58.79 -52.81 58.37
N LYS HA 160 59.48 -53.94 58.51
CA LYS HA 160 59.73 -54.56 59.82
C LYS HA 160 58.43 -54.85 60.55
N ILE HA 161 57.44 -55.37 59.83
CA ILE HA 161 56.20 -55.86 60.40
C ILE HA 161 56.24 -57.38 60.40
N VAL HA 162 56.03 -57.98 61.57
CA VAL HA 162 56.12 -59.43 61.74
C VAL HA 162 54.71 -59.99 61.80
N SER HA 163 54.45 -61.01 60.98
CA SER HA 163 53.15 -61.65 60.94
C SER HA 163 52.95 -62.53 62.18
N VAL HA 164 51.73 -63.05 62.33
CA VAL HA 164 51.43 -63.90 63.47
C VAL HA 164 51.93 -65.33 63.27
N PHE HA 165 52.14 -65.76 62.02
CA PHE HA 165 52.69 -67.08 61.76
C PHE HA 165 54.21 -67.10 61.80
N ASN HA 166 54.86 -65.95 61.70
CA ASN HA 166 56.31 -65.85 61.68
C ASN HA 166 56.90 -65.31 62.96
N HIS HA 167 56.09 -65.14 64.00
CA HIS HA 167 56.60 -64.59 65.25
C HIS HA 167 57.63 -65.54 65.85
N PRO HA 168 58.79 -65.05 66.28
CA PRO HA 168 59.87 -65.94 66.73
C PRO HA 168 59.78 -66.36 68.19
N ASN HA 169 58.69 -66.05 68.89
CA ASN HA 169 58.56 -66.37 70.30
C ASN HA 169 57.33 -67.21 70.63
N ILE HA 170 56.60 -67.66 69.61
CA ILE HA 170 55.41 -68.46 69.82
C ILE HA 170 55.77 -69.94 69.63
N THR HA 171 54.90 -70.81 70.11
CA THR HA 171 55.15 -72.24 70.11
C THR HA 171 54.55 -72.88 68.86
N LYS HA 172 55.40 -73.53 68.07
CA LYS HA 172 54.99 -74.23 66.86
C LYS HA 172 55.09 -75.73 67.10
N ILE HA 173 54.06 -76.46 66.68
CA ILE HA 173 53.98 -77.90 66.85
C ILE HA 173 53.90 -78.55 65.48
N THR HA 174 54.84 -79.44 65.19
CA THR HA 174 54.74 -80.25 63.99
C THR HA 174 53.70 -81.35 64.19
N SER HA 175 52.96 -81.66 63.13
CA SER HA 175 51.84 -82.57 63.22
C SER HA 175 51.84 -83.56 62.06
N GLY HA 176 51.38 -84.77 62.34
CA GLY HA 176 51.05 -85.70 61.27
C GLY HA 176 49.79 -85.23 60.56
N LYS HA 177 49.71 -85.52 59.27
CA LYS HA 177 48.60 -85.01 58.47
C LYS HA 177 47.29 -85.64 58.91
N TRP HA 178 46.27 -84.80 59.11
CA TRP HA 178 44.95 -85.30 59.47
C TRP HA 178 44.31 -86.06 58.33
N ILE HA 179 44.53 -85.62 57.10
CA ILE HA 179 44.03 -86.29 55.90
C ILE HA 179 45.24 -86.72 55.08
N ASP HA 180 45.37 -88.02 54.83
CA ASP HA 180 46.44 -88.58 54.03
C ASP HA 180 45.83 -89.33 52.86
N ALA HA 181 45.69 -88.65 51.73
CA ALA HA 181 45.12 -89.22 50.51
C ALA HA 181 43.72 -89.77 50.77
N SER HA 182 42.83 -88.87 51.18
CA SER HA 182 41.43 -89.17 51.40
C SER HA 182 41.25 -90.31 52.41
N THR HA 183 42.06 -90.28 53.47
CA THR HA 183 42.00 -91.25 54.56
C THR HA 183 41.91 -90.46 55.87
N MET HA 184 40.69 -90.31 56.37
CA MET HA 184 40.48 -89.48 57.56
C MET HA 184 41.08 -90.12 58.79
N LYS HA 185 41.69 -89.29 59.63
CA LYS HA 185 42.21 -89.72 60.93
C LYS HA 185 41.60 -88.85 62.02
N PRO HA 186 40.46 -89.25 62.58
CA PRO HA 186 39.75 -88.41 63.54
C PRO HA 186 40.28 -88.46 64.98
N GLU HA 187 41.23 -89.35 65.27
CA GLU HA 187 41.84 -89.42 66.60
C GLU HA 187 43.10 -88.58 66.71
N THR HA 188 43.87 -88.47 65.63
CA THR HA 188 45.08 -87.65 65.64
C THR HA 188 44.74 -86.19 65.87
N ALA HA 189 43.67 -85.70 65.25
CA ALA HA 189 43.25 -84.31 65.44
C ALA HA 189 42.92 -84.04 66.90
N GLU HA 190 42.13 -84.92 67.52
CA GLU HA 190 41.75 -84.72 68.92
C GLU HA 190 42.98 -84.79 69.83
N ALA HA 191 43.87 -85.75 69.57
CA ALA HA 191 45.09 -85.86 70.38
C ALA HA 191 45.94 -84.60 70.29
N GLU HA 192 46.12 -84.07 69.08
CA GLU HA 192 46.97 -82.91 68.90
C GLU HA 192 46.32 -81.65 69.49
N LEU HA 193 44.98 -81.54 69.37
CA LEU HA 193 44.31 -80.40 69.99
C LEU HA 193 44.44 -80.44 71.50
N THR HA 194 44.27 -81.62 72.10
CA THR HA 194 44.46 -81.74 73.55
C THR HA 194 45.89 -81.43 73.94
N GLN HA 195 46.87 -81.88 73.14
CA GLN HA 195 48.25 -81.57 73.42
C GLN HA 195 48.52 -80.07 73.39
N ALA HA 196 47.96 -79.37 72.39
CA ALA HA 196 48.15 -77.93 72.30
C ALA HA 196 47.52 -77.21 73.49
N ILE HA 197 46.31 -77.62 73.88
CA ILE HA 197 45.66 -76.98 75.02
C ILE HA 197 46.48 -77.20 76.29
N GLU HA 198 46.98 -78.42 76.50
CA GLU HA 198 47.79 -78.69 77.68
C GLU HA 198 49.10 -77.94 77.64
N THR HA 199 49.66 -77.74 76.45
CA THR HA 199 50.89 -76.95 76.33
C THR HA 199 50.66 -75.51 76.73
N ILE HA 200 49.55 -74.91 76.29
CA ILE HA 200 49.23 -73.55 76.71
C ILE HA 200 49.02 -73.50 78.23
N GLU HA 201 48.38 -74.54 78.77
CA GLU HA 201 48.15 -74.59 80.21
C GLU HA 201 49.46 -74.65 81.00
N THR HA 202 50.40 -75.48 80.55
CA THR HA 202 51.61 -75.74 81.31
C THR HA 202 52.76 -74.80 80.99
N ILE HA 203 52.64 -73.96 79.96
CA ILE HA 203 53.73 -73.04 79.66
C ILE HA 203 53.59 -71.72 80.41
N THR HA 204 52.38 -71.32 80.78
CA THR HA 204 52.15 -70.12 81.58
C THR HA 204 51.92 -70.45 83.05
N ARG HA 205 52.14 -71.70 83.45
CA ARG HA 205 52.05 -72.11 84.85
C ARG HA 205 50.68 -71.81 85.45
N GLY HA 206 49.63 -72.04 84.67
CA GLY HA 206 48.27 -71.95 85.15
C GLY HA 206 47.63 -70.58 85.08
N GLN HA 207 48.33 -69.57 84.59
CA GLN HA 207 47.78 -68.22 84.53
C GLN HA 207 46.98 -67.95 83.26
N HIS HA 208 46.96 -68.89 82.32
CA HIS HA 208 46.24 -68.70 81.07
C HIS HA 208 45.70 -70.03 80.59
N ARG HA 209 44.44 -70.04 80.17
CA ARG HA 209 43.79 -71.24 79.65
C ARG HA 209 43.29 -70.97 78.24
N ALA HA 210 43.44 -71.96 77.37
CA ALA HA 210 43.03 -71.82 75.98
C ALA HA 210 41.51 -71.66 75.89
N THR HA 211 41.07 -70.78 74.98
CA THR HA 211 39.65 -70.53 74.79
C THR HA 211 39.19 -70.55 73.34
N ASN HA 212 40.07 -70.35 72.36
CA ASN HA 212 39.67 -70.26 70.97
C ASN HA 212 40.54 -71.15 70.09
N ILE HA 213 39.89 -71.83 69.15
CA ILE HA 213 40.54 -72.63 68.12
C ILE HA 213 40.07 -72.17 66.76
N LEU HA 214 41.01 -72.04 65.83
CA LEU HA 214 40.72 -71.73 64.44
C LEU HA 214 41.29 -72.84 63.57
N ILE HA 215 40.43 -73.42 62.73
CA ILE HA 215 40.80 -74.58 61.90
C ILE HA 215 40.45 -74.28 60.44
N PRO HA 216 41.11 -74.91 59.48
CA PRO HA 216 40.77 -74.70 58.07
C PRO HA 216 39.35 -75.13 57.77
N PRO HA 217 38.66 -74.44 56.86
CA PRO HA 217 37.27 -74.81 56.55
C PRO HA 217 37.11 -76.17 55.92
N SER HA 218 38.14 -76.71 55.28
CA SER HA 218 38.04 -78.01 54.63
C SER HA 218 38.23 -79.18 55.58
N MET HA 219 38.61 -78.92 56.82
CA MET HA 219 38.81 -79.98 57.80
C MET HA 219 37.64 -80.15 58.75
N ARG HA 220 36.53 -79.46 58.51
CA ARG HA 220 35.34 -79.64 59.34
C ARG HA 220 34.70 -81.01 59.12
N LYS HA 221 35.06 -81.70 58.05
CA LYS HA 221 34.54 -83.05 57.80
C LYS HA 221 35.17 -84.10 58.69
N VAL HA 222 36.40 -83.89 59.16
CA VAL HA 222 37.04 -84.83 60.08
C VAL HA 222 36.35 -84.84 61.44
N LEU HA 223 35.90 -83.69 61.91
CA LEU HA 223 35.28 -83.59 63.23
C LEU HA 223 33.80 -83.93 63.23
N ALA HA 224 33.23 -84.28 62.07
CA ALA HA 224 31.83 -84.66 61.98
C ALA HA 224 31.64 -86.17 61.93
N ILE HA 225 32.72 -86.94 61.98
CA ILE HA 225 32.63 -88.39 61.91
C ILE HA 225 32.02 -88.95 63.19
N ARG HA 226 31.10 -89.90 63.05
CA ARG HA 226 30.60 -90.63 64.21
C ARG HA 226 31.69 -91.52 64.78
N MET HA 227 31.85 -91.48 66.10
CA MET HA 227 32.77 -92.40 66.75
C MET HA 227 32.23 -93.83 66.61
N PRO HA 228 33.10 -94.82 66.47
CA PRO HA 228 32.64 -96.19 66.24
C PRO HA 228 31.79 -96.71 67.39
N GLU HA 229 30.79 -97.52 67.06
CA GLU HA 229 29.93 -98.20 68.03
C GLU HA 229 29.22 -97.23 68.97
N THR HA 230 28.83 -96.07 68.47
CA THR HA 230 28.08 -95.10 69.26
C THR HA 230 27.40 -94.10 68.32
N THR HA 231 26.84 -93.05 68.91
CA THR HA 231 26.09 -92.05 68.15
C THR HA 231 26.78 -90.69 68.07
N MET HA 232 27.22 -90.14 69.19
CA MET HA 232 27.77 -88.79 69.24
C MET HA 232 29.16 -88.75 68.61
N SER HA 233 29.51 -87.59 68.05
CA SER HA 233 30.69 -87.47 67.21
C SER HA 233 31.91 -87.04 68.03
N TYR HA 234 33.06 -87.03 67.34
CA TYR HA 234 34.32 -86.65 67.99
C TYR HA 234 34.26 -85.21 68.49
N LEU HA 235 33.68 -84.30 67.71
CA LEU HA 235 33.56 -82.92 68.14
C LEU HA 235 32.68 -82.81 69.38
N ASP HA 236 31.58 -83.58 69.43
CA ASP HA 236 30.71 -83.54 70.60
C ASP HA 236 31.43 -84.07 71.83
N TYR HA 237 32.20 -85.14 71.69
CA TYR HA 237 32.98 -85.65 72.81
C TYR HA 237 34.02 -84.64 73.28
N PHE HA 238 34.69 -83.99 72.32
CA PHE HA 238 35.68 -82.98 72.67
C PHE HA 238 35.05 -81.82 73.43
N LYS HA 239 33.89 -81.36 72.97
CA LYS HA 239 33.20 -80.29 73.68
C LYS HA 239 32.74 -80.73 75.06
N SER HA 240 32.26 -81.97 75.19
CA SER HA 240 31.84 -82.46 76.50
C SER HA 240 33.01 -82.50 77.47
N GLN HA 241 34.18 -82.93 77.01
CA GLN HA 241 35.34 -82.97 77.90
C GLN HA 241 36.01 -81.62 78.10
N ASN HA 242 35.77 -80.65 77.22
CA ASN HA 242 36.41 -79.34 77.30
C ASN HA 242 35.38 -78.22 77.17
N SER HA 243 34.28 -78.33 77.91
CA SER HA 243 33.28 -77.28 77.90
C SER HA 243 33.89 -75.94 78.29
N GLY HA 244 33.54 -74.91 77.52
CA GLY HA 244 34.07 -73.58 77.73
C GLY HA 244 35.03 -73.08 76.67
N ILE HA 245 35.02 -73.68 75.49
CA ILE HA 245 35.94 -73.33 74.41
C ILE HA 245 35.12 -73.10 73.14
N GLU HA 246 35.63 -72.25 72.26
CA GLU HA 246 34.96 -71.93 71.00
C GLU HA 246 35.85 -72.32 69.82
N ILE HA 247 35.24 -73.01 68.86
CA ILE HA 247 35.92 -73.52 67.68
C ILE HA 247 35.33 -72.83 66.46
N ASP HA 248 36.19 -72.35 65.57
CA ASP HA 248 35.75 -71.60 64.40
C ASP HA 248 36.63 -71.95 63.22
N SER HA 249 36.22 -71.47 62.05
CA SER HA 249 36.91 -71.73 60.79
C SER HA 249 37.30 -70.42 60.13
N ILE HA 250 38.53 -70.38 59.61
CA ILE HA 250 39.09 -69.20 58.97
C ILE HA 250 39.72 -69.62 57.65
N ALA HA 251 39.39 -68.91 56.57
CA ALA HA 251 39.91 -69.26 55.26
C ALA HA 251 41.37 -68.86 55.07
N GLU HA 252 41.88 -67.95 55.91
CA GLU HA 252 43.29 -67.59 55.84
C GLU HA 252 44.21 -68.73 56.24
N LEU HA 253 43.68 -69.78 56.84
CA LEU HA 253 44.48 -70.91 57.31
C LEU HA 253 44.60 -72.03 56.28
N GLU HA 254 43.96 -71.89 55.12
CA GLU HA 254 44.10 -72.91 54.09
C GLU HA 254 45.53 -72.97 53.56
N ASP HA 255 46.18 -71.81 53.48
CA ASP HA 255 47.57 -71.71 53.05
C ASP HA 255 48.25 -70.71 53.99
N ILE HA 256 49.42 -71.08 54.52
CA ILE HA 256 50.13 -70.24 55.46
C ILE HA 256 51.50 -69.80 54.95
N ASP HA 257 52.01 -70.42 53.89
CA ASP HA 257 53.29 -70.00 53.33
C ASP HA 257 53.32 -69.92 51.81
N GLY HA 258 52.18 -69.90 51.13
CA GLY HA 258 52.15 -69.76 49.70
C GLY HA 258 52.34 -71.03 48.91
N ALA HA 259 52.55 -72.17 49.57
CA ALA HA 259 52.81 -73.43 48.89
C ALA HA 259 51.84 -74.54 49.31
N GLY HA 260 50.70 -74.19 49.90
CA GLY HA 260 49.73 -75.17 50.30
C GLY HA 260 49.85 -75.69 51.71
N THR HA 261 50.73 -75.11 52.52
CA THR HA 261 50.88 -75.56 53.90
C THR HA 261 49.69 -75.08 54.73
N LYS HA 262 49.07 -76.02 55.44
CA LYS HA 262 47.92 -75.73 56.28
C LYS HA 262 48.37 -75.60 57.74
N GLY HA 263 47.41 -75.23 58.59
CA GLY HA 263 47.71 -75.06 59.99
C GLY HA 263 46.46 -74.86 60.83
N VAL HA 264 46.66 -74.96 62.14
CA VAL HA 264 45.60 -74.75 63.13
C VAL HA 264 46.14 -73.80 64.18
N LEU HA 265 45.28 -72.91 64.67
CA LEU HA 265 45.71 -71.91 65.65
C LEU HA 265 44.90 -72.08 66.92
N VAL HA 266 45.60 -72.15 68.07
CA VAL HA 266 44.94 -72.26 69.37
C VAL HA 266 45.46 -71.13 70.25
N TYR HA 267 44.53 -70.31 70.76
CA TYR HA 267 44.93 -69.13 71.51
C TYR HA 267 43.88 -68.78 72.54
N GLU HA 268 44.19 -67.80 73.36
CA GLU HA 268 43.29 -67.23 74.35
C GLU HA 268 43.01 -65.78 73.98
N LYS HA 269 41.76 -65.44 73.75
CA LYS HA 269 41.37 -64.11 73.29
C LYS HA 269 41.21 -63.20 74.51
N ASN HA 270 42.09 -62.21 74.64
CA ASN HA 270 42.11 -61.32 75.78
C ASN HA 270 42.81 -60.02 75.38
N PRO HA 271 42.19 -58.86 75.60
CA PRO HA 271 42.81 -57.60 75.18
C PRO HA 271 44.18 -57.35 75.80
N MET HA 272 44.44 -57.81 77.01
CA MET HA 272 45.73 -57.57 77.64
C MET HA 272 46.84 -58.44 77.07
N ASN HA 273 46.53 -59.42 76.23
CA ASN HA 273 47.53 -60.27 75.61
C ASN HA 273 47.90 -59.83 74.20
N MET HA 274 46.95 -59.30 73.44
CA MET HA 274 47.20 -58.87 72.06
C MET HA 274 46.01 -58.07 71.57
N SER HA 275 46.28 -57.17 70.62
CA SER HA 275 45.23 -56.29 70.13
C SER HA 275 45.69 -55.63 68.84
N ILE HA 276 44.74 -54.97 68.16
CA ILE HA 276 44.98 -54.22 66.94
C ILE HA 276 44.51 -52.80 67.16
N GLU HA 277 45.32 -51.83 66.75
CA GLU HA 277 44.99 -50.41 66.88
C GLU HA 277 44.67 -49.82 65.52
N ILE HA 278 43.58 -49.06 65.46
CA ILE HA 278 43.22 -48.28 64.28
C ILE HA 278 42.98 -46.84 64.74
N PRO HA 279 44.04 -46.05 64.92
CA PRO HA 279 43.86 -44.70 65.49
C PRO HA 279 42.98 -43.79 64.67
N GLU HA 280 43.03 -43.86 63.34
CA GLU HA 280 42.25 -42.97 62.49
C GLU HA 280 41.42 -43.79 61.52
N ALA HA 281 40.12 -43.49 61.44
CA ALA HA 281 39.21 -44.22 60.60
C ALA HA 281 39.35 -43.78 59.14
N PHE HA 282 38.79 -44.59 58.24
CA PHE HA 282 38.80 -44.26 56.82
C PHE HA 282 37.99 -43.00 56.55
N ASN HA 283 38.49 -42.15 55.68
CA ASN HA 283 37.86 -40.86 55.42
C ASN HA 283 38.08 -40.44 53.98
N MET HA 284 37.31 -39.43 53.57
CA MET HA 284 37.36 -38.86 52.23
C MET HA 284 37.95 -37.46 52.27
N LEU HA 285 38.69 -37.11 51.25
CA LEU HA 285 39.17 -35.75 51.08
C LEU HA 285 38.48 -35.09 49.91
N PRO HA 286 38.32 -33.76 49.95
CA PRO HA 286 37.63 -33.08 48.85
C PRO HA 286 38.36 -33.26 47.52
N ALA HA 287 37.57 -33.35 46.46
CA ALA HA 287 38.13 -33.55 45.13
C ALA HA 287 38.97 -32.35 44.70
N GLN HA 288 40.03 -32.62 43.95
CA GLN HA 288 40.90 -31.58 43.43
C GLN HA 288 40.73 -31.49 41.92
N PRO HA 289 40.00 -30.50 41.41
CA PRO HA 289 39.63 -30.51 39.99
C PRO HA 289 40.81 -30.24 39.08
N LYS HA 290 40.76 -30.85 37.90
CA LYS HA 290 41.69 -30.58 36.81
C LYS HA 290 40.88 -30.08 35.61
N ASP HA 291 41.54 -30.01 34.45
CA ASP HA 291 40.94 -29.49 33.22
C ASP HA 291 39.49 -29.92 33.02
N LEU HA 292 39.26 -31.24 32.97
CA LEU HA 292 37.90 -31.74 32.77
C LEU HA 292 37.58 -32.95 33.62
N HIS HA 293 38.37 -33.27 34.64
CA HIS HA 293 38.11 -34.39 35.52
C HIS HA 293 38.48 -34.00 36.95
N PHE HA 294 38.27 -34.95 37.86
CA PHE HA 294 38.49 -34.75 39.28
C PHE HA 294 39.43 -35.83 39.81
N LYS HA 295 39.73 -35.75 41.11
CA LYS HA 295 40.60 -36.72 41.75
C LYS HA 295 40.31 -36.70 43.25
N VAL HA 296 40.10 -37.88 43.83
CA VAL HA 296 39.75 -37.97 45.25
C VAL HA 296 40.71 -38.90 45.97
N PRO HA 297 41.46 -38.42 46.95
CA PRO HA 297 42.32 -39.29 47.75
C PRO HA 297 41.63 -39.79 49.02
N CYS HA 298 42.13 -40.92 49.51
CA CYS HA 298 41.61 -41.58 50.69
C CYS HA 298 42.76 -42.02 51.58
N THR HA 299 42.61 -41.84 52.89
CA THR HA 299 43.67 -42.13 53.83
C THR HA 299 43.11 -42.79 55.09
N SER HA 300 43.99 -43.45 55.83
CA SER HA 300 43.65 -44.12 57.07
C SER HA 300 44.94 -44.44 57.82
N LYS HA 301 44.81 -45.01 59.01
CA LYS HA 301 45.96 -45.42 59.81
C LYS HA 301 45.74 -46.80 60.40
N CYS HA 302 46.84 -47.48 60.72
CA CYS HA 302 46.79 -48.79 61.34
C CYS HA 302 48.11 -49.06 62.04
N THR HA 303 48.21 -50.24 62.67
CA THR HA 303 49.44 -50.63 63.34
C THR HA 303 49.89 -52.05 63.05
N GLY HA 304 48.99 -52.94 62.67
CA GLY HA 304 49.30 -54.36 62.57
C GLY HA 304 48.95 -55.09 63.86
N LEU HA 305 49.57 -56.25 64.02
CA LEU HA 305 49.31 -57.08 65.19
C LEU HA 305 50.50 -57.04 66.14
N THR HA 306 50.23 -56.83 67.42
CA THR HA 306 51.24 -56.83 68.47
C THR HA 306 50.84 -57.85 69.53
N ILE HA 307 51.82 -58.62 70.00
CA ILE HA 307 51.61 -59.64 71.01
C ILE HA 307 52.40 -59.26 72.24
N TYR HA 308 51.71 -59.14 73.38
CA TYR HA 308 52.36 -58.81 74.63
C TYR HA 308 52.93 -60.03 75.33
N ARG HA 309 52.21 -61.16 75.30
CA ARG HA 309 52.63 -62.41 75.93
C ARG HA 309 52.64 -63.49 74.86
N PRO HA 310 53.78 -63.77 74.24
CA PRO HA 310 53.81 -64.72 73.13
C PRO HA 310 53.70 -66.17 73.56
N MET HA 311 53.49 -66.41 74.86
CA MET HA 311 53.36 -67.75 75.39
C MET HA 311 51.91 -68.23 75.45
N THR HA 312 50.97 -67.43 74.96
CA THR HA 312 49.56 -67.79 74.98
C THR HA 312 49.03 -68.11 73.58
N ILE HA 313 49.91 -68.43 72.64
CA ILE HA 313 49.52 -68.72 71.26
C ILE HA 313 50.28 -69.98 70.82
N VAL HA 314 49.56 -70.91 70.22
CA VAL HA 314 50.16 -72.13 69.69
C VAL HA 314 49.73 -72.32 68.25
N LEU HA 315 50.70 -72.55 67.37
CA LEU HA 315 50.44 -72.80 65.96
C LEU HA 315 50.83 -74.23 65.63
N ILE HA 316 49.88 -75.00 65.12
CA ILE HA 316 50.13 -76.38 64.71
C ILE HA 316 50.29 -76.35 63.20
N THR HA 317 51.49 -76.68 62.73
CA THR HA 317 51.81 -76.61 61.31
C THR HA 317 51.84 -77.99 60.68
N GLY HA 318 51.70 -78.04 59.36
CA GLY HA 318 51.70 -79.28 58.63
C GLY HA 318 50.38 -80.00 58.55
N VAL HA 319 49.35 -79.49 59.23
CA VAL HA 319 48.04 -80.14 59.23
C VAL HA 319 47.35 -79.97 57.89
N GLN IA 3 27.54 -77.96 64.12
CA GLN IA 3 28.01 -77.26 62.93
C GLN IA 3 28.98 -76.15 63.30
N ILE IA 4 30.00 -75.94 62.46
CA ILE IA 4 31.04 -74.97 62.71
C ILE IA 4 30.95 -73.88 61.64
N ASN IA 5 30.86 -72.64 62.08
CA ASN IA 5 30.80 -71.51 61.15
C ASN IA 5 32.12 -71.34 60.42
N ALA IA 6 32.05 -70.84 59.19
CA ALA IA 6 33.22 -70.59 58.37
C ALA IA 6 33.10 -69.25 57.66
N SER IA 7 34.25 -68.61 57.46
CA SER IA 7 34.33 -67.34 56.76
C SER IA 7 35.40 -67.43 55.69
N TYR IA 8 35.12 -66.86 54.52
CA TYR IA 8 35.99 -66.97 53.37
C TYR IA 8 36.63 -65.61 53.04
N GLN IA 9 37.69 -65.66 52.25
CA GLN IA 9 38.46 -64.48 51.91
C GLN IA 9 38.84 -64.52 50.43
N ARG IA 10 38.91 -63.34 49.82
CA ARG IA 10 39.22 -63.23 48.39
C ARG IA 10 39.77 -61.84 48.13
N ASP IA 11 40.75 -61.76 47.23
CA ASP IA 11 41.45 -60.51 46.94
C ASP IA 11 41.10 -60.01 45.55
N MET IA 12 40.96 -58.69 45.42
CA MET IA 12 40.63 -58.09 44.13
C MET IA 12 41.82 -58.12 43.19
N ALA IA 13 41.54 -57.92 41.91
CA ALA IA 13 42.59 -57.80 40.93
C ALA IA 13 43.32 -56.46 41.09
N ILE IA 14 44.56 -56.42 40.61
CA ILE IA 14 45.39 -55.25 40.82
C ILE IA 14 45.13 -54.18 39.77
N ALA IA 15 45.08 -54.59 38.49
CA ALA IA 15 45.02 -53.60 37.42
C ALA IA 15 44.21 -54.14 36.25
N LEU IA 16 43.90 -53.25 35.34
CA LEU IA 16 43.18 -53.52 34.10
C LEU IA 16 44.02 -53.00 32.94
N PRO IA 17 43.84 -53.55 31.74
CA PRO IA 17 44.65 -53.09 30.60
C PRO IA 17 44.36 -51.63 30.29
N GLY IA 18 45.41 -50.82 30.30
CA GLY IA 18 45.31 -49.40 30.01
C GLY IA 18 45.06 -48.51 31.21
N MET IA 19 44.95 -49.08 32.42
CA MET IA 19 44.68 -48.28 33.60
C MET IA 19 45.87 -47.39 33.94
N VAL IA 20 45.58 -46.15 34.34
CA VAL IA 20 46.62 -45.27 34.83
C VAL IA 20 47.10 -45.76 36.19
N ALA IA 21 48.42 -45.94 36.32
CA ALA IA 21 48.97 -46.54 37.53
C ALA IA 21 48.71 -45.66 38.74
N ASP IA 22 49.23 -44.44 38.73
CA ASP IA 22 49.08 -43.51 39.86
C ASP IA 22 49.01 -42.09 39.32
N THR IA 23 48.95 -41.13 40.23
CA THR IA 23 48.68 -39.73 39.90
C THR IA 23 49.94 -38.87 39.93
N SER IA 24 51.07 -39.40 39.47
CA SER IA 24 52.35 -38.69 39.52
C SER IA 24 52.61 -38.00 38.18
N LYS IA 25 51.99 -36.84 37.99
CA LYS IA 25 52.29 -35.92 36.88
C LYS IA 25 52.10 -36.61 35.53
N TYR IA 26 50.84 -36.95 35.25
CA TYR IA 26 50.47 -37.53 33.97
C TYR IA 26 50.16 -36.44 32.96
N ASN IA 27 49.99 -36.84 31.69
CA ASN IA 27 49.70 -35.89 30.63
C ASN IA 27 48.97 -36.63 29.51
N ILE IA 28 47.65 -36.43 29.43
CA ILE IA 28 46.80 -37.11 28.47
C ILE IA 28 46.20 -36.07 27.52
N ASP IA 29 46.18 -36.38 26.23
CA ASP IA 29 45.58 -35.49 25.24
C ASP IA 29 44.69 -36.30 24.29
N GLY IA 30 43.74 -35.60 23.67
CA GLY IA 30 42.82 -36.26 22.75
C GLY IA 30 43.30 -36.18 21.32
N ALA IA 31 42.92 -37.19 20.54
CA ALA IA 31 43.28 -37.24 19.13
C ALA IA 31 42.18 -37.99 18.38
N CYS IA 32 42.34 -38.07 17.06
CA CYS IA 32 41.39 -38.75 16.20
C CYS IA 32 42.06 -39.96 15.56
N VAL IA 33 41.38 -41.10 15.60
CA VAL IA 33 41.90 -42.30 14.96
C VAL IA 33 41.55 -42.29 13.48
N VAL IA 34 42.54 -42.60 12.64
CA VAL IA 34 42.29 -42.72 11.21
C VAL IA 34 41.48 -43.98 10.96
N ASN IA 35 40.70 -43.99 9.87
CA ASN IA 35 39.75 -45.06 9.61
C ASN IA 35 40.42 -46.41 9.35
N GLU IA 36 41.73 -46.45 9.12
CA GLU IA 36 42.42 -47.70 8.81
C GLU IA 36 42.78 -48.41 10.11
N GLY IA 37 42.04 -49.47 10.40
CA GLY IA 37 42.39 -50.34 11.52
C GLY IA 37 41.99 -49.76 12.87
N ASP IA 38 41.65 -50.66 13.79
CA ASP IA 38 41.31 -50.31 15.16
C ASP IA 38 42.54 -50.37 16.05
N VAL IA 39 42.42 -49.78 17.24
CA VAL IA 39 43.48 -49.73 18.22
C VAL IA 39 42.99 -50.35 19.53
N LEU IA 40 43.77 -51.27 20.07
CA LEU IA 40 43.44 -51.92 21.33
C LEU IA 40 44.04 -51.10 22.47
N VAL IA 41 43.28 -50.96 23.56
CA VAL IA 41 43.78 -50.25 24.73
C VAL IA 41 44.99 -50.99 25.28
N GLY IA 42 45.95 -50.23 25.80
CA GLY IA 42 47.20 -50.80 26.25
C GLY IA 42 48.22 -51.06 25.17
N ALA IA 43 48.01 -50.52 23.96
CA ALA IA 43 48.95 -50.67 22.87
C ALA IA 43 49.41 -49.30 22.37
N ALA IA 44 50.68 -49.23 22.01
CA ALA IA 44 51.27 -47.96 21.58
C ALA IA 44 50.67 -47.50 20.26
N VAL IA 45 50.68 -46.19 20.05
CA VAL IA 45 50.14 -45.56 18.85
C VAL IA 45 51.20 -44.67 18.23
N GLN IA 46 51.02 -44.39 16.94
CA GLN IA 46 51.90 -43.51 16.19
C GLN IA 46 51.07 -42.45 15.48
N VAL IA 47 51.69 -41.29 15.25
CA VAL IA 47 51.03 -40.15 14.62
C VAL IA 47 51.34 -40.19 13.13
N VAL IA 48 50.30 -40.07 12.31
CA VAL IA 48 50.48 -40.08 10.86
C VAL IA 48 50.40 -38.69 10.24
N GLN IA 49 49.69 -37.76 10.85
CA GLN IA 49 49.55 -36.40 10.31
C GLN IA 49 49.00 -35.50 11.40
N ALA IA 50 49.61 -34.32 11.54
CA ALA IA 50 49.20 -33.35 12.55
C ALA IA 50 48.62 -32.12 11.88
N GLN IA 51 47.55 -31.59 12.46
CA GLN IA 51 46.94 -30.37 11.95
C GLN IA 51 47.89 -29.19 12.10
N ALA IA 52 47.78 -28.24 11.18
CA ALA IA 52 48.66 -27.07 11.18
C ALA IA 52 48.09 -25.90 11.95
N VAL IA 53 46.76 -25.75 11.98
CA VAL IA 53 46.15 -24.59 12.62
C VAL IA 53 46.34 -24.63 14.13
N ASP IA 54 46.11 -25.79 14.74
CA ASP IA 54 46.22 -25.93 16.19
C ASP IA 54 47.21 -27.00 16.61
N GLY IA 55 47.13 -28.19 16.02
CA GLY IA 55 47.98 -29.30 16.41
C GLY IA 55 47.26 -30.62 16.61
N HIS IA 56 46.00 -30.74 16.20
CA HIS IA 56 45.28 -32.01 16.32
C HIS IA 56 45.98 -33.07 15.50
N LYS IA 57 45.99 -34.30 16.02
CA LYS IA 57 46.78 -35.39 15.46
C LYS IA 57 45.91 -36.55 15.04
N LEU IA 58 46.36 -37.30 14.04
CA LEU IA 58 45.73 -38.52 13.60
C LEU IA 58 46.65 -39.70 13.92
N VAL IA 59 46.10 -40.72 14.58
CA VAL IA 59 46.90 -41.82 15.10
C VAL IA 59 46.33 -43.16 14.64
N LYS IA 60 47.19 -44.17 14.60
CA LYS IA 60 46.78 -45.53 14.30
C LYS IA 60 47.77 -46.48 15.00
N ALA IA 61 47.63 -47.78 14.71
CA ALA IA 61 48.44 -48.78 15.37
C ALA IA 61 49.90 -48.71 14.93
N LEU IA 62 50.76 -49.33 15.71
CA LEU IA 62 52.19 -49.29 15.44
C LEU IA 62 52.54 -50.14 14.22
N THR IA 63 53.62 -49.73 13.55
CA THR IA 63 54.07 -50.39 12.33
C THR IA 63 55.59 -50.44 12.37
N THR IA 64 56.16 -51.38 11.61
CA THR IA 64 57.60 -51.60 11.62
C THR IA 64 58.35 -50.33 11.21
N GLY IA 65 59.43 -50.04 11.94
CA GLY IA 65 60.27 -48.90 11.64
C GLY IA 65 59.58 -47.56 11.79
N THR IA 66 58.81 -47.39 12.87
CA THR IA 66 58.10 -46.15 13.12
C THR IA 66 58.28 -45.75 14.58
N THR IA 67 58.09 -44.46 14.84
CA THR IA 67 58.34 -43.91 16.17
C THR IA 67 57.05 -43.88 16.97
N PRO IA 68 57.00 -44.55 18.13
CA PRO IA 68 55.78 -44.49 18.95
C PRO IA 68 55.59 -43.11 19.57
N TYR IA 69 54.33 -42.81 19.89
CA TYR IA 69 53.94 -41.52 20.45
C TYR IA 69 53.37 -41.61 21.85
N GLY IA 70 52.60 -42.65 22.14
CA GLY IA 70 51.96 -42.76 23.43
C GLY IA 70 51.35 -44.14 23.62
N VAL IA 71 50.47 -44.23 24.61
CA VAL IA 71 49.77 -45.47 24.93
C VAL IA 71 48.30 -45.16 25.11
N ALA IA 72 47.45 -45.93 24.42
CA ALA IA 72 46.01 -45.77 24.57
C ALA IA 72 45.58 -46.19 25.96
N ILE IA 73 44.62 -45.47 26.53
CA ILE IA 73 44.20 -45.67 27.91
C ILE IA 73 42.68 -45.84 27.96
N ARG IA 74 42.21 -46.41 29.07
CA ARG IA 74 40.78 -46.59 29.28
C ARG IA 74 40.09 -45.24 29.40
N SER IA 75 38.93 -45.12 28.75
CA SER IA 75 38.17 -43.88 28.77
C SER IA 75 36.71 -44.21 28.44
N HIS IA 76 35.88 -43.17 28.45
CA HIS IA 76 34.46 -43.34 28.15
C HIS IA 76 34.26 -43.80 26.70
N TRP IA 77 34.98 -43.20 25.77
CA TRP IA 77 34.90 -43.59 24.36
C TRP IA 77 35.66 -44.90 24.19
N GLN IA 78 34.94 -46.00 24.10
CA GLN IA 78 35.57 -47.32 24.03
C GLN IA 78 34.50 -48.33 23.62
N THR IA 79 34.87 -49.19 22.67
CA THR IA 79 33.94 -50.21 22.17
C THR IA 79 34.49 -51.58 22.52
N VAL IA 80 33.70 -52.61 22.22
CA VAL IA 80 34.08 -53.99 22.46
C VAL IA 80 34.02 -54.74 21.14
N ASN IA 81 35.12 -55.39 20.77
CA ASN IA 81 35.20 -56.11 19.51
C ASN IA 81 34.49 -57.45 19.62
N ALA IA 82 34.63 -58.27 18.57
CA ALA IA 82 33.97 -59.57 18.55
C ALA IA 82 34.51 -60.49 19.65
N GLN IA 83 35.80 -60.40 19.94
CA GLN IA 83 36.44 -61.28 20.92
C GLN IA 83 36.34 -60.77 22.35
N ASN IA 84 35.34 -59.92 22.64
CA ASN IA 84 35.09 -59.37 23.97
C ASN IA 84 36.22 -58.48 24.47
N GLN IA 85 37.21 -58.21 23.62
CA GLN IA 85 38.34 -57.34 23.97
C GLN IA 85 37.94 -55.90 23.66
N MET IA 86 38.26 -54.99 24.57
CA MET IA 86 37.88 -53.60 24.38
C MET IA 86 38.91 -52.87 23.53
N ILE IA 87 38.41 -52.03 22.62
CA ILE IA 87 39.22 -51.35 21.61
C ILE IA 87 38.68 -49.95 21.37
N TYR IA 88 39.33 -49.25 20.47
CA TYR IA 88 38.91 -47.93 20.00
C TYR IA 88 38.45 -48.05 18.55
N GLU IA 89 37.27 -47.52 18.26
CA GLU IA 89 36.70 -47.65 16.93
C GLU IA 89 37.48 -46.82 15.92
N ASP IA 90 37.26 -47.12 14.64
CA ASP IA 90 38.05 -46.48 13.58
C ASP IA 90 37.83 -44.97 13.53
N GLY IA 91 36.58 -44.53 13.61
CA GLY IA 91 36.30 -43.10 13.55
C GLY IA 91 35.77 -42.55 14.86
N GLY IA 92 36.58 -41.75 15.54
CA GLY IA 92 36.17 -41.17 16.81
C GLY IA 92 37.37 -40.68 17.59
N ALA IA 93 37.08 -40.17 18.78
CA ALA IA 93 38.09 -39.58 19.64
C ALA IA 93 38.79 -40.66 20.47
N ILE IA 94 40.07 -40.44 20.73
CA ILE IA 94 40.90 -41.38 21.48
C ILE IA 94 41.71 -40.58 22.49
N ASN IA 95 41.87 -41.12 23.69
CA ASN IA 95 42.71 -40.47 24.70
C ASN IA 95 44.07 -41.15 24.75
N VAL IA 96 45.13 -40.37 24.59
CA VAL IA 96 46.50 -40.89 24.52
C VAL IA 96 47.31 -40.25 25.64
N MET IA 97 47.99 -41.08 26.42
CA MET IA 97 48.85 -40.62 27.49
C MET IA 97 50.29 -40.55 26.96
N THR IA 98 50.96 -39.42 27.22
CA THR IA 98 52.32 -39.22 26.75
C THR IA 98 53.32 -39.02 27.87
N SER IA 99 52.90 -39.11 29.13
CA SER IA 99 53.80 -38.97 30.26
C SER IA 99 53.14 -39.57 31.49
N GLY IA 100 53.93 -40.27 32.29
CA GLY IA 100 53.43 -40.85 33.52
C GLY IA 100 53.43 -42.37 33.50
N ARG IA 101 52.89 -42.95 34.57
CA ARG IA 101 52.91 -44.39 34.76
C ARG IA 101 51.59 -45.01 34.33
N VAL IA 102 51.68 -46.09 33.56
CA VAL IA 102 50.48 -46.73 33.02
C VAL IA 102 50.69 -48.24 33.01
N TRP IA 103 49.59 -48.98 33.02
CA TRP IA 103 49.62 -50.42 32.83
C TRP IA 103 49.46 -50.71 31.34
N MET IA 104 50.33 -51.57 30.81
CA MET IA 104 50.42 -51.82 29.37
C MET IA 104 50.45 -53.32 29.11
N LEU IA 105 49.86 -53.70 27.97
CA LEU IA 105 49.85 -55.09 27.54
C LEU IA 105 51.27 -55.56 27.23
N SER IA 106 51.51 -56.84 27.47
CA SER IA 106 52.82 -57.43 27.22
C SER IA 106 52.66 -58.90 26.86
N LYS IA 107 53.69 -59.44 26.20
CA LYS IA 107 53.71 -60.86 25.87
C LYS IA 107 55.05 -61.51 26.19
N SER IA 108 55.83 -60.94 27.10
CA SER IA 108 57.07 -61.55 27.54
C SER IA 108 56.78 -62.59 28.61
N THR IA 109 57.84 -63.15 29.19
CA THR IA 109 57.70 -64.22 30.17
C THR IA 109 58.44 -63.98 31.48
N GLU IA 110 59.45 -63.12 31.50
CA GLU IA 110 60.23 -62.86 32.70
C GLU IA 110 60.02 -61.42 33.15
N ALA IA 111 59.92 -61.22 34.45
CA ALA IA 111 59.68 -59.90 35.01
C ALA IA 111 60.87 -58.99 34.71
N PRO IA 112 60.64 -57.77 34.26
CA PRO IA 112 61.73 -56.86 33.92
C PRO IA 112 62.30 -56.16 35.15
N THR IA 113 63.52 -55.67 35.01
CA THR IA 113 64.22 -54.99 36.09
C THR IA 113 63.90 -53.50 36.05
N PHE IA 114 64.13 -52.84 37.19
CA PHE IA 114 63.77 -51.44 37.34
C PHE IA 114 64.67 -50.55 36.49
N GLY IA 115 64.06 -49.63 35.75
CA GLY IA 115 64.78 -48.58 35.06
C GLY IA 115 65.38 -48.94 33.72
N SER IA 116 65.21 -50.17 33.24
CA SER IA 116 65.77 -50.54 31.96
C SER IA 116 64.88 -50.05 30.81
N ALA IA 117 65.47 -50.00 29.62
CA ALA IA 117 64.77 -49.50 28.45
C ALA IA 117 63.65 -50.45 28.03
N VAL IA 118 62.64 -49.88 27.39
CA VAL IA 118 61.45 -50.62 26.97
C VAL IA 118 61.53 -50.87 25.47
N LYS IA 119 61.28 -52.12 25.08
CA LYS IA 119 61.28 -52.52 23.67
C LYS IA 119 59.88 -52.99 23.29
N LEU IA 120 59.36 -52.46 22.19
CA LEU IA 120 58.05 -52.81 21.69
C LEU IA 120 58.16 -53.78 20.52
N ASP IA 121 57.02 -54.30 20.09
CA ASP IA 121 56.94 -55.20 18.95
C ASP IA 121 56.25 -54.49 17.78
N VAL IA 122 56.04 -55.25 16.70
CA VAL IA 122 55.35 -54.70 15.54
C VAL IA 122 53.91 -54.36 15.89
N ASP IA 123 53.24 -55.24 16.63
CA ASP IA 123 51.84 -55.03 16.99
C ASP IA 123 51.63 -53.91 18.00
N GLY IA 124 52.69 -53.38 18.59
CA GLY IA 124 52.57 -52.34 19.58
C GLY IA 124 52.45 -52.82 21.01
N GLN IA 125 52.79 -54.07 21.28
CA GLN IA 125 52.77 -54.63 22.62
C GLN IA 125 54.19 -54.85 23.10
N GLU IA 126 54.38 -54.71 24.41
CA GLU IA 126 55.72 -54.80 24.99
C GLU IA 126 56.30 -56.19 24.81
N LYS IA 127 57.59 -56.26 24.50
CA LYS IA 127 58.29 -57.52 24.28
C LYS IA 127 59.71 -57.37 24.77
N SER IA 128 60.20 -58.41 25.46
CA SER IA 128 61.52 -58.34 26.08
C SER IA 128 62.64 -58.27 25.04
N ASP IA 129 62.40 -58.70 23.80
CA ASP IA 129 63.41 -58.66 22.76
C ASP IA 129 62.85 -58.07 21.47
N GLY IA 130 62.09 -56.98 21.58
CA GLY IA 130 61.51 -56.37 20.42
C GLY IA 130 62.53 -55.68 19.54
N THR IA 131 62.07 -55.28 18.35
CA THR IA 131 62.93 -54.61 17.38
C THR IA 131 62.76 -53.09 17.37
N ILE IA 132 61.90 -52.54 18.21
CA ILE IA 132 61.61 -51.11 18.23
C ILE IA 132 62.21 -50.51 19.49
N GLU IA 133 62.98 -49.44 19.33
CA GLU IA 133 63.63 -48.76 20.45
C GLU IA 133 62.77 -47.61 20.92
N THR IA 134 62.77 -47.37 22.23
CA THR IA 134 61.98 -46.32 22.84
C THR IA 134 62.77 -45.60 23.93
N THR IA 135 62.16 -44.55 24.47
CA THR IA 135 62.73 -43.80 25.58
C THR IA 135 62.10 -44.17 26.91
N TRP IA 136 60.93 -44.79 26.91
CA TRP IA 136 60.19 -45.12 28.13
C TRP IA 136 61.02 -46.05 29.02
N THR IA 137 60.58 -46.20 30.26
CA THR IA 137 61.27 -47.02 31.24
C THR IA 137 60.27 -47.94 31.93
N TYR IA 138 60.80 -48.94 32.65
CA TYR IA 138 59.97 -49.82 33.46
C TYR IA 138 59.81 -49.24 34.84
N ALA IA 139 58.60 -49.37 35.40
CA ALA IA 139 58.31 -48.87 36.73
C ALA IA 139 58.29 -49.96 37.79
N GLY IA 140 58.37 -51.23 37.39
CA GLY IA 140 58.47 -52.34 38.31
C GLY IA 140 57.23 -53.19 38.43
N GLY IA 141 56.05 -52.61 38.28
CA GLY IA 141 54.82 -53.37 38.44
C GLY IA 141 54.70 -54.45 37.38
N TRP IA 142 54.49 -55.68 37.84
CA TRP IA 142 54.35 -56.82 36.94
C TRP IA 142 53.25 -57.72 37.50
N THR IA 143 52.16 -57.89 36.76
CA THR IA 143 51.03 -58.64 37.25
C THR IA 143 50.29 -59.29 36.08
N LYS IA 144 49.27 -60.07 36.42
CA LYS IA 144 48.53 -60.83 35.43
C LYS IA 144 47.04 -60.71 35.72
N TYR IA 145 46.32 -60.04 34.84
CA TYR IA 145 44.85 -60.11 34.81
C TYR IA 145 44.48 -61.49 34.27
N LYS IA 146 43.19 -61.81 34.24
CA LYS IA 146 42.80 -63.17 33.88
C LYS IA 146 43.25 -63.50 32.46
N ASP IA 147 44.29 -64.32 32.35
CA ASP IA 147 44.92 -64.74 31.10
C ASP IA 147 45.53 -63.58 30.32
N ILE IA 148 45.86 -62.47 30.99
CA ILE IA 148 46.44 -61.30 30.35
C ILE IA 148 47.65 -60.86 31.16
N GLN IA 149 48.77 -60.62 30.48
CA GLN IA 149 49.97 -60.12 31.13
C GLN IA 149 49.98 -58.60 31.08
N LEU IA 150 50.41 -57.98 32.18
CA LEU IA 150 50.47 -56.52 32.25
C LEU IA 150 51.83 -56.11 32.80
N VAL IA 151 52.25 -54.89 32.45
CA VAL IA 151 53.51 -54.36 32.93
C VAL IA 151 53.36 -52.86 33.12
N GLU IA 152 54.09 -52.31 34.09
CA GLU IA 152 54.01 -50.89 34.43
C GLU IA 152 55.10 -50.13 33.72
N VAL IA 153 54.70 -49.17 32.89
CA VAL IA 153 55.64 -48.43 32.06
C VAL IA 153 55.55 -46.95 32.43
N GLN IA 154 56.72 -46.32 32.57
CA GLN IA 154 56.86 -44.90 32.80
C GLN IA 154 57.18 -44.22 31.47
N LEU IA 155 56.33 -43.28 31.06
CA LEU IA 155 56.43 -42.59 29.79
C LEU IA 155 57.00 -41.20 30.00
N HIS IA 156 58.05 -40.88 29.24
CA HIS IA 156 58.62 -39.55 29.16
C HIS IA 156 58.12 -38.89 27.88
N GLN IA 157 57.86 -37.58 27.95
CA GLN IA 157 57.39 -36.85 26.78
C GLN IA 157 58.42 -36.93 25.66
N LEU IA 158 57.94 -37.19 24.45
CA LEU IA 158 58.82 -37.29 23.28
C LEU IA 158 59.39 -35.93 22.88
N GLN JA 3 74.05 9.48 75.10
CA GLN JA 3 72.68 9.26 75.52
C GLN JA 3 71.73 9.36 74.33
N ILE JA 4 72.07 8.66 73.25
CA ILE JA 4 71.26 8.63 72.04
C ILE JA 4 70.89 7.19 71.74
N ASN JA 5 69.66 7.01 71.25
CA ASN JA 5 69.17 5.68 70.95
C ASN JA 5 69.86 5.12 69.71
N ALA JA 6 69.64 3.84 69.46
CA ALA JA 6 70.24 3.17 68.31
C ALA JA 6 69.31 2.07 67.82
N SER JA 7 69.57 1.62 66.60
CA SER JA 7 68.83 0.52 66.00
C SER JA 7 69.83 -0.41 65.32
N TYR JA 8 69.44 -1.67 65.18
CA TYR JA 8 70.32 -2.68 64.60
C TYR JA 8 69.57 -3.49 63.56
N GLN JA 9 70.33 -4.12 62.67
CA GLN JA 9 69.80 -4.84 61.53
C GLN JA 9 70.40 -6.24 61.48
N ARG JA 10 69.53 -7.24 61.30
CA ARG JA 10 69.94 -8.63 61.17
C ARG JA 10 69.10 -9.29 60.08
N ASP JA 11 69.76 -10.10 59.24
CA ASP JA 11 69.10 -10.76 58.13
C ASP JA 11 68.93 -12.25 58.43
N MET JA 12 67.74 -12.76 58.12
CA MET JA 12 67.46 -14.17 58.26
C MET JA 12 68.28 -14.98 57.25
N ALA JA 13 68.61 -16.21 57.63
CA ALA JA 13 69.28 -17.11 56.71
C ALA JA 13 68.33 -17.48 55.58
N ILE JA 14 68.86 -18.07 54.52
CA ILE JA 14 68.11 -18.26 53.28
C ILE JA 14 67.75 -19.72 53.01
N ALA JA 15 68.47 -20.69 53.58
CA ALA JA 15 68.22 -22.08 53.21
C ALA JA 15 68.54 -23.00 54.38
N LEU JA 16 67.98 -24.20 54.30
CA LEU JA 16 68.21 -25.29 55.25
C LEU JA 16 68.47 -26.55 54.45
N PRO JA 17 69.17 -27.53 55.01
CA PRO JA 17 69.44 -28.77 54.26
C PRO JA 17 68.17 -29.53 53.94
N GLY JA 18 67.87 -29.65 52.65
CA GLY JA 18 66.77 -30.47 52.20
C GLY JA 18 65.45 -29.77 51.99
N MET JA 19 65.44 -28.43 51.95
CA MET JA 19 64.22 -27.70 51.67
C MET JA 19 63.85 -27.76 50.19
N VAL JA 20 62.56 -27.66 49.90
CA VAL JA 20 62.13 -27.38 48.54
C VAL JA 20 62.35 -25.90 48.25
N ALA JA 21 63.08 -25.61 47.18
CA ALA JA 21 63.52 -24.23 46.93
C ALA JA 21 62.35 -23.33 46.59
N ASP JA 22 61.44 -23.79 45.74
CA ASP JA 22 60.33 -22.98 45.28
C ASP JA 22 59.15 -23.87 44.91
N THR JA 23 58.12 -23.25 44.34
CA THR JA 23 56.85 -23.93 44.04
C THR JA 23 56.71 -24.27 42.56
N SER JA 24 57.81 -24.59 41.88
CA SER JA 24 57.74 -24.95 40.47
C SER JA 24 57.18 -26.37 40.35
N LYS JA 25 57.14 -26.89 39.13
CA LYS JA 25 56.60 -28.22 38.91
C LYS JA 25 57.48 -29.27 39.57
N TYR JA 26 56.96 -29.91 40.62
CA TYR JA 26 57.74 -30.84 41.41
C TYR JA 26 56.95 -32.15 41.57
N ASN JA 27 57.68 -33.22 41.86
CA ASN JA 27 57.08 -34.53 42.06
C ASN JA 27 57.76 -35.20 43.24
N ILE JA 28 56.97 -35.70 44.18
CA ILE JA 28 57.48 -36.32 45.40
C ILE JA 28 56.89 -37.72 45.51
N ASP JA 29 57.77 -38.71 45.58
CA ASP JA 29 57.38 -40.11 45.79
C ASP JA 29 57.38 -40.36 47.30
N GLY JA 30 56.22 -40.82 47.78
CA GLY JA 30 56.07 -41.10 49.20
C GLY JA 30 55.73 -42.55 49.48
N ALA JA 31 55.88 -43.41 48.48
CA ALA JA 31 55.61 -44.83 48.61
C ALA JA 31 56.88 -45.65 48.77
N CYS JA 32 58.00 -44.99 49.04
CA CYS JA 32 59.29 -45.64 49.21
C CYS JA 32 59.52 -45.96 50.68
N VAL JA 33 60.36 -46.97 50.91
CA VAL JA 33 60.72 -47.38 52.27
C VAL JA 33 62.24 -47.51 52.33
N VAL JA 34 62.83 -47.02 53.40
CA VAL JA 34 64.28 -47.08 53.57
C VAL JA 34 64.66 -48.47 54.06
N ASN JA 35 65.72 -49.03 53.47
CA ASN JA 35 66.16 -50.37 53.77
C ASN JA 35 67.65 -50.38 54.06
N GLU JA 36 68.06 -51.27 54.97
CA GLU JA 36 69.46 -51.53 55.32
C GLU JA 36 70.25 -50.23 55.50
N GLY JA 37 69.84 -49.44 56.47
CA GLY JA 37 70.57 -48.24 56.82
C GLY JA 37 69.69 -47.02 57.01
N ASP JA 38 70.30 -45.84 57.00
CA ASP JA 38 69.59 -44.58 57.15
C ASP JA 38 70.21 -43.54 56.24
N VAL JA 39 69.48 -42.46 55.99
CA VAL JA 39 69.89 -41.42 55.06
C VAL JA 39 69.85 -40.08 55.77
N LEU JA 40 70.62 -39.13 55.24
CA LEU JA 40 70.62 -37.76 55.74
C LEU JA 40 69.67 -36.92 54.89
N VAL JA 41 68.91 -36.04 55.54
CA VAL JA 41 67.98 -35.19 54.83
C VAL JA 41 68.77 -34.21 53.99
N GLY JA 42 68.77 -34.41 52.68
CA GLY JA 42 69.55 -33.56 51.78
C GLY JA 42 70.60 -34.32 51.02
N ALA JA 43 70.52 -35.65 51.01
CA ALA JA 43 71.48 -36.49 50.30
C ALA JA 43 70.75 -37.43 49.36
N ALA JA 44 71.39 -37.75 48.23
CA ALA JA 44 70.78 -38.59 47.23
C ALA JA 44 70.66 -40.03 47.72
N VAL JA 45 69.66 -40.74 47.19
CA VAL JA 45 69.39 -42.12 47.55
C VAL JA 45 69.33 -42.96 46.28
N GLN JA 46 69.45 -44.27 46.45
CA GLN JA 46 69.41 -45.22 45.34
C GLN JA 46 68.35 -46.27 45.63
N VAL JA 47 67.79 -46.83 44.56
CA VAL JA 47 66.72 -47.81 44.63
C VAL JA 47 67.32 -49.19 44.44
N VAL JA 48 67.03 -50.09 45.38
CA VAL JA 48 67.59 -51.44 45.32
C VAL JA 48 66.70 -52.35 44.48
N GLN JA 49 65.42 -52.44 44.82
CA GLN JA 49 64.49 -53.27 44.07
C GLN JA 49 63.10 -52.66 44.17
N ALA JA 50 62.26 -53.01 43.18
CA ALA JA 50 60.87 -52.58 43.15
C ALA JA 50 59.97 -53.80 43.20
N GLN JA 51 59.12 -53.88 44.22
CA GLN JA 51 58.25 -55.03 44.39
C GLN JA 51 57.20 -55.07 43.30
N ALA JA 52 56.92 -56.28 42.80
CA ALA JA 52 56.08 -56.44 41.62
C ALA JA 52 54.62 -56.17 41.93
N VAL JA 53 54.12 -56.65 43.06
CA VAL JA 53 52.70 -56.64 43.36
C VAL JA 53 52.35 -55.62 44.45
N ASP JA 54 53.18 -55.53 45.50
CA ASP JA 54 52.89 -54.54 46.55
C ASP JA 54 53.24 -53.13 46.08
N GLY JA 55 54.31 -52.99 45.32
CA GLY JA 55 54.64 -51.73 44.68
C GLY JA 55 55.51 -50.79 45.46
N HIS JA 56 55.92 -51.13 46.68
CA HIS JA 56 56.79 -50.27 47.47
C HIS JA 56 58.22 -50.34 46.95
N LYS JA 57 58.80 -49.17 46.70
CA LYS JA 57 60.20 -49.07 46.32
C LYS JA 57 61.07 -49.15 47.57
N LEU JA 58 62.27 -49.69 47.39
CA LEU JA 58 63.25 -49.82 48.47
C LEU JA 58 64.40 -48.88 48.18
N VAL JA 59 64.68 -47.96 49.12
CA VAL JA 59 65.71 -46.97 48.94
C VAL JA 59 66.77 -47.14 50.03
N LYS JA 60 67.99 -46.71 49.71
CA LYS JA 60 69.08 -46.73 50.67
C LYS JA 60 70.12 -45.70 50.25
N ALA JA 61 71.08 -45.45 51.13
CA ALA JA 61 72.09 -44.44 50.86
C ALA JA 61 72.92 -44.80 49.64
N LEU JA 62 73.32 -43.77 48.89
CA LEU JA 62 74.08 -43.98 47.66
C LEU JA 62 75.46 -44.55 47.96
N THR JA 63 75.89 -45.47 47.12
CA THR JA 63 77.20 -46.14 47.25
C THR JA 63 77.98 -45.99 45.95
N THR JA 64 79.11 -46.69 45.88
CA THR JA 64 79.99 -46.58 44.72
C THR JA 64 79.40 -47.29 43.51
N GLY JA 65 79.41 -46.61 42.37
CA GLY JA 65 79.00 -47.20 41.11
C GLY JA 65 77.52 -47.39 40.93
N THR JA 66 76.68 -46.71 41.70
CA THR JA 66 75.24 -46.85 41.60
C THR JA 66 74.64 -45.68 40.82
N THR JA 67 73.32 -45.64 40.76
CA THR JA 67 72.59 -44.62 40.00
C THR JA 67 71.66 -43.88 40.94
N PRO JA 68 71.79 -42.56 41.09
CA PRO JA 68 70.88 -41.83 41.97
C PRO JA 68 69.47 -41.79 41.41
N TYR JA 69 68.50 -41.72 42.32
CA TYR JA 69 67.09 -41.68 41.95
C TYR JA 69 66.34 -40.48 42.51
N GLY JA 70 66.76 -39.96 43.65
CA GLY JA 70 66.05 -38.84 44.25
C GLY JA 70 66.78 -38.32 45.45
N VAL JA 71 66.16 -37.34 46.11
CA VAL JA 71 66.75 -36.65 47.25
C VAL JA 71 65.75 -36.65 48.39
N ALA JA 72 66.22 -37.01 49.59
CA ALA JA 72 65.36 -36.93 50.77
C ALA JA 72 65.14 -35.48 51.15
N ILE JA 73 63.89 -35.13 51.45
CA ILE JA 73 63.51 -33.75 51.72
C ILE JA 73 63.05 -33.63 53.17
N ARG JA 74 62.92 -32.39 53.63
CA ARG JA 74 62.60 -32.10 55.01
C ARG JA 74 61.12 -32.41 55.31
N SER JA 75 60.88 -32.87 56.53
CA SER JA 75 59.53 -33.12 57.02
C SER JA 75 59.58 -33.12 58.53
N HIS JA 76 58.76 -32.26 59.16
CA HIS JA 76 58.80 -32.13 60.61
C HIS JA 76 58.15 -33.29 61.35
N TRP JA 77 57.49 -34.19 60.63
CA TRP JA 77 56.79 -35.32 61.24
C TRP JA 77 57.46 -36.66 60.95
N GLN JA 78 57.87 -36.89 59.71
CA GLN JA 78 58.40 -38.19 59.31
C GLN JA 78 59.83 -38.43 59.78
N THR JA 79 60.60 -37.38 60.03
CA THR JA 79 62.03 -37.53 60.31
C THR JA 79 62.28 -37.69 61.81
N VAL JA 80 63.38 -38.35 62.13
CA VAL JA 80 63.78 -38.55 63.52
C VAL JA 80 65.09 -37.81 63.75
N ASN JA 81 65.23 -37.26 64.95
CA ASN JA 81 66.31 -36.34 65.28
C ASN JA 81 67.46 -37.11 65.93
N ALA JA 82 68.63 -37.09 65.28
CA ALA JA 82 69.80 -37.78 65.78
C ALA JA 82 71.06 -37.05 65.30
N GLN JA 83 72.10 -37.11 66.13
CA GLN JA 83 73.33 -36.31 65.95
C GLN JA 83 73.02 -34.88 65.47
N ASN JA 84 72.01 -34.26 66.06
CA ASN JA 84 71.63 -32.88 65.78
C ASN JA 84 71.31 -32.69 64.30
N GLN JA 85 70.67 -33.70 63.70
CA GLN JA 85 70.26 -33.65 62.31
C GLN JA 85 68.96 -34.45 62.17
N MET JA 86 68.30 -34.27 61.04
CA MET JA 86 67.14 -35.07 60.70
C MET JA 86 67.58 -36.25 59.85
N ILE JA 87 67.12 -37.46 60.20
CA ILE JA 87 67.40 -38.65 59.43
C ILE JA 87 66.10 -39.45 59.29
N TYR JA 88 66.16 -40.45 58.42
CA TYR JA 88 65.06 -41.39 58.23
C TYR JA 88 65.50 -42.75 58.78
N GLU JA 89 64.93 -43.13 59.91
CA GLU JA 89 65.26 -44.40 60.56
C GLU JA 89 64.79 -45.57 59.70
N ASP JA 90 65.48 -46.69 59.83
CA ASP JA 90 65.21 -47.85 59.00
C ASP JA 90 63.80 -48.38 59.27
N GLY JA 91 63.21 -48.99 58.24
CA GLY JA 91 61.87 -49.51 58.32
C GLY JA 91 60.81 -48.44 58.48
N GLY JA 92 60.92 -47.37 57.71
CA GLY JA 92 59.96 -46.29 57.77
C GLY JA 92 59.80 -45.62 56.43
N ALA JA 93 58.66 -44.97 56.26
CA ALA JA 93 58.36 -44.28 55.00
C ALA JA 93 59.26 -43.07 54.83
N ILE JA 94 59.58 -42.76 53.57
CA ILE JA 94 60.49 -41.67 53.24
C ILE JA 94 59.85 -40.83 52.15
N ASN JA 95 60.32 -39.59 52.02
CA ASN JA 95 59.84 -38.64 51.02
C ASN JA 95 60.98 -38.39 50.01
N VAL JA 96 60.95 -39.11 48.90
CA VAL JA 96 61.94 -38.93 47.84
C VAL JA 96 61.42 -37.86 46.88
N MET JA 97 62.32 -37.04 46.34
CA MET JA 97 61.93 -35.99 45.40
C MET JA 97 62.56 -36.29 44.05
N THR JA 98 61.75 -36.26 42.99
CA THR JA 98 62.21 -36.62 41.67
C THR JA 98 62.26 -35.48 40.67
N SER JA 99 61.55 -34.39 40.91
CA SER JA 99 61.58 -33.24 40.01
C SER JA 99 61.46 -31.97 40.83
N GLY JA 100 62.16 -30.93 40.39
CA GLY JA 100 62.06 -29.61 41.01
C GLY JA 100 63.38 -29.17 41.58
N ARG JA 101 63.33 -28.03 42.28
CA ARG JA 101 64.52 -27.40 42.85
C ARG JA 101 64.64 -27.75 44.32
N VAL JA 102 65.83 -28.19 44.74
CA VAL JA 102 66.04 -28.61 46.12
C VAL JA 102 67.43 -28.17 46.55
N TRP JA 103 67.56 -27.85 47.83
CA TRP JA 103 68.86 -27.53 48.42
C TRP JA 103 69.54 -28.83 48.86
N MET JA 104 70.80 -28.99 48.45
CA MET JA 104 71.57 -30.20 48.72
C MET JA 104 72.89 -29.83 49.39
N LEU JA 105 73.32 -30.71 50.30
CA LEU JA 105 74.61 -30.53 50.94
C LEU JA 105 75.74 -30.63 49.93
N SER JA 106 76.76 -29.81 50.11
CA SER JA 106 77.88 -29.77 49.17
C SER JA 106 79.19 -29.89 49.92
N LYS JA 107 80.20 -30.40 49.20
CA LYS JA 107 81.57 -30.47 49.72
C LYS JA 107 82.54 -29.71 48.84
N SER JA 108 82.06 -28.83 47.96
CA SER JA 108 82.91 -28.05 47.07
C SER JA 108 83.35 -26.77 47.76
N THR JA 109 84.27 -26.06 47.11
CA THR JA 109 84.84 -24.84 47.67
C THR JA 109 84.56 -23.59 46.83
N GLU JA 110 84.00 -23.76 45.63
CA GLU JA 110 83.71 -22.64 44.75
C GLU JA 110 82.33 -22.81 44.13
N ALA JA 111 81.74 -21.70 43.72
CA ALA JA 111 80.42 -21.72 43.13
C ALA JA 111 80.44 -22.43 41.77
N PRO JA 112 79.38 -23.16 41.43
CA PRO JA 112 79.34 -23.82 40.12
C PRO JA 112 78.86 -22.89 39.01
N THR JA 113 78.68 -23.44 37.81
CA THR JA 113 78.20 -22.68 36.66
C THR JA 113 76.72 -22.98 36.45
N PHE JA 114 75.93 -21.93 36.26
CA PHE JA 114 74.49 -22.10 36.04
C PHE JA 114 74.25 -22.92 34.78
N GLY JA 115 73.37 -23.92 34.90
CA GLY JA 115 72.99 -24.75 33.77
C GLY JA 115 73.91 -25.92 33.52
N SER JA 116 75.00 -26.06 34.27
CA SER JA 116 75.94 -27.16 34.03
C SER JA 116 75.45 -28.44 34.72
N ALA JA 117 76.14 -29.53 34.43
CA ALA JA 117 75.77 -30.83 34.97
C ALA JA 117 76.30 -31.01 36.38
N VAL JA 118 75.62 -31.84 37.16
CA VAL JA 118 75.96 -32.08 38.56
C VAL JA 118 76.72 -33.39 38.68
N LYS JA 119 77.73 -33.42 39.55
CA LYS JA 119 78.48 -34.63 39.85
C LYS JA 119 78.49 -34.83 41.36
N LEU JA 120 78.28 -36.06 41.79
CA LEU JA 120 78.13 -36.39 43.21
C LEU JA 120 79.34 -37.15 43.72
N ASP JA 121 79.44 -37.22 45.05
CA ASP JA 121 80.45 -38.03 45.70
C ASP JA 121 79.90 -39.43 45.95
N VAL JA 122 80.68 -40.27 46.63
CA VAL JA 122 80.24 -41.62 46.93
C VAL JA 122 79.33 -41.69 48.15
N ASP JA 123 79.14 -40.59 48.86
CA ASP JA 123 78.27 -40.55 50.03
C ASP JA 123 77.00 -39.74 49.78
N GLY JA 124 76.66 -39.49 48.51
CA GLY JA 124 75.44 -38.80 48.19
C GLY JA 124 75.46 -37.30 48.40
N GLN JA 125 76.64 -36.67 48.27
CA GLN JA 125 76.77 -35.23 48.42
C GLN JA 125 77.43 -34.65 47.17
N GLU JA 126 77.06 -33.41 46.84
CA GLU JA 126 77.57 -32.78 45.63
C GLU JA 126 79.04 -32.42 45.79
N LYS JA 127 79.80 -32.67 44.73
CA LYS JA 127 81.23 -32.39 44.71
C LYS JA 127 81.61 -31.89 43.32
N SER JA 128 82.58 -30.98 43.27
CA SER JA 128 82.93 -30.35 42.00
C SER JA 128 83.50 -31.34 41.00
N ASP JA 129 84.26 -32.33 41.48
CA ASP JA 129 84.91 -33.31 40.61
C ASP JA 129 84.59 -34.73 41.07
N GLY JA 130 83.31 -35.00 41.31
CA GLY JA 130 82.91 -36.31 41.79
C GLY JA 130 83.01 -37.38 40.73
N THR JA 131 82.74 -38.61 41.16
CA THR JA 131 82.87 -39.78 40.29
C THR JA 131 81.55 -40.17 39.64
N ILE JA 132 80.45 -40.10 40.38
CA ILE JA 132 79.15 -40.48 39.85
C ILE JA 132 78.57 -39.32 39.04
N GLU JA 133 78.22 -39.60 37.79
CA GLU JA 133 77.65 -38.58 36.90
C GLU JA 133 76.13 -38.69 36.87
N THR JA 134 75.47 -37.55 36.92
CA THR JA 134 74.01 -37.47 36.85
C THR JA 134 73.61 -36.61 35.66
N THR JA 135 72.30 -36.41 35.52
CA THR JA 135 71.76 -35.52 34.50
C THR JA 135 71.08 -34.30 35.11
N TRP JA 136 71.10 -34.17 36.43
CA TRP JA 136 70.53 -33.02 37.11
C TRP JA 136 71.36 -31.78 36.80
N THR JA 137 70.80 -30.61 37.11
CA THR JA 137 71.48 -29.36 36.80
C THR JA 137 71.62 -28.50 38.05
N TYR JA 138 72.50 -27.51 37.97
CA TYR JA 138 72.56 -26.49 39.02
C TYR JA 138 71.56 -25.39 38.70
N ALA JA 139 70.70 -25.06 39.65
CA ALA JA 139 69.64 -24.09 39.43
C ALA JA 139 70.07 -22.66 39.73
N GLY JA 140 71.33 -22.46 40.13
CA GLY JA 140 71.84 -21.11 40.33
C GLY JA 140 72.17 -20.76 41.76
N GLY JA 141 71.37 -21.24 42.70
CA GLY JA 141 71.56 -20.86 44.09
C GLY JA 141 72.87 -21.40 44.66
N TRP JA 142 73.46 -20.61 45.56
CA TRP JA 142 74.69 -21.00 46.25
C TRP JA 142 74.79 -20.16 47.52
N THR JA 143 74.63 -20.80 48.67
CA THR JA 143 74.65 -20.10 49.94
C THR JA 143 75.37 -20.95 50.97
N LYS JA 144 75.36 -20.47 52.22
CA LYS JA 144 76.03 -21.16 53.31
C LYS JA 144 75.29 -20.85 54.59
N TYR JA 145 74.76 -21.88 55.24
CA TYR JA 145 74.27 -21.76 56.61
C TYR JA 145 75.48 -21.74 57.54
N LYS JA 146 75.26 -21.66 58.85
CA LYS JA 146 76.38 -21.73 59.77
C LYS JA 146 77.12 -23.03 59.56
N ASP JA 147 78.37 -22.94 59.09
CA ASP JA 147 79.36 -23.98 58.77
C ASP JA 147 78.79 -25.16 58.01
N ILE JA 148 77.71 -24.99 57.25
CA ILE JA 148 77.19 -25.99 56.33
C ILE JA 148 77.07 -25.36 54.96
N GLN JA 149 77.54 -26.05 53.92
CA GLN JA 149 77.47 -25.56 52.56
C GLN JA 149 76.32 -26.20 51.80
N LEU JA 150 75.46 -25.35 51.23
CA LEU JA 150 74.28 -25.81 50.51
C LEU JA 150 74.30 -25.26 49.09
N VAL JA 151 73.72 -26.03 48.16
CA VAL JA 151 73.68 -25.66 46.75
C VAL JA 151 72.32 -26.03 46.18
N GLU JA 152 71.80 -25.20 45.29
CA GLU JA 152 70.50 -25.41 44.69
C GLU JA 152 70.62 -26.26 43.43
N VAL JA 153 70.05 -27.46 43.46
CA VAL JA 153 70.12 -28.40 42.35
C VAL JA 153 68.72 -28.68 41.86
N GLN JA 154 68.55 -28.72 40.55
CA GLN JA 154 67.27 -29.02 39.92
C GLN JA 154 67.28 -30.45 39.37
N LEU JA 155 66.21 -31.17 39.68
CA LEU JA 155 66.04 -32.59 39.42
C LEU JA 155 64.96 -32.79 38.37
N HIS JA 156 65.16 -33.77 37.50
CA HIS JA 156 64.13 -34.22 36.58
C HIS JA 156 63.99 -35.73 36.68
N GLN JA 157 62.89 -36.24 36.14
CA GLN JA 157 62.56 -37.66 36.26
C GLN JA 157 63.65 -38.52 35.62
N LEU JA 158 63.94 -39.65 36.25
CA LEU JA 158 64.92 -40.59 35.76
C LEU JA 158 64.58 -41.09 34.36
N ALA KA 28 69.78 -61.33 78.24
CA ALA KA 28 68.66 -60.86 79.04
C ALA KA 28 68.60 -59.34 79.09
N ALA KA 29 67.80 -58.81 80.01
CA ALA KA 29 67.62 -57.35 80.16
C ALA KA 29 67.60 -57.04 81.65
N THR KA 30 68.64 -56.38 82.13
CA THR KA 30 68.76 -55.99 83.54
C THR KA 30 68.81 -54.47 83.61
N MET KA 31 67.68 -53.86 83.93
CA MET KA 31 67.57 -52.41 84.09
C MET KA 31 67.12 -52.10 85.51
N GLY KA 32 66.84 -50.81 85.75
CA GLY KA 32 66.34 -50.35 87.03
C GLY KA 32 64.83 -50.23 87.03
N ILE KA 33 64.31 -49.74 88.16
CA ILE KA 33 62.87 -49.57 88.33
C ILE KA 33 62.33 -48.31 87.66
N TRP KA 34 63.08 -47.22 87.67
CA TRP KA 34 62.60 -45.93 87.18
C TRP KA 34 63.34 -45.58 85.89
N THR KA 35 62.58 -45.27 84.84
CA THR KA 35 63.17 -44.87 83.59
C THR KA 35 63.69 -43.44 83.68
N ALA KA 36 64.52 -43.06 82.71
CA ALA KA 36 65.16 -41.75 82.72
C ALA KA 36 64.18 -40.61 82.57
N GLN KA 37 63.00 -40.85 81.99
CA GLN KA 37 62.01 -39.81 81.81
C GLN KA 37 61.26 -39.47 83.09
N GLU KA 38 61.10 -40.41 84.01
CA GLU KA 38 60.43 -40.12 85.27
C GLU KA 38 61.26 -39.21 86.18
N LEU KA 39 62.58 -39.18 85.98
CA LEU KA 39 63.48 -38.28 86.71
C LEU KA 39 64.05 -37.31 85.71
N HIS KA 40 63.31 -36.23 85.45
CA HIS KA 40 63.65 -35.28 84.41
C HIS KA 40 62.72 -34.09 84.53
N ARG KA 41 63.24 -32.91 84.18
CA ARG KA 41 62.46 -31.68 84.25
C ARG KA 41 62.62 -30.89 82.96
N ILE KA 42 61.51 -30.33 82.48
CA ILE KA 42 61.51 -29.47 81.31
C ILE KA 42 61.21 -28.05 81.77
N LYS KA 43 62.10 -27.12 81.45
CA LYS KA 43 61.90 -25.74 81.83
C LYS KA 43 60.64 -25.18 81.18
N SER KA 44 59.87 -24.42 81.95
CA SER KA 44 58.59 -23.90 81.50
C SER KA 44 58.71 -22.65 80.65
N GLN KA 45 59.92 -22.33 80.17
CA GLN KA 45 60.13 -21.15 79.36
C GLN KA 45 61.02 -21.50 78.18
N SER KA 46 60.73 -20.90 77.03
CA SER KA 46 61.46 -21.15 75.79
C SER KA 46 62.27 -19.94 75.39
N TYR KA 47 63.16 -20.14 74.42
CA TYR KA 47 64.05 -19.10 73.93
C TYR KA 47 63.94 -19.00 72.42
N GLU KA 48 63.81 -17.77 71.91
CA GLU KA 48 63.65 -17.52 70.49
C GLU KA 48 64.64 -16.45 70.05
N GLU KA 49 65.34 -16.71 68.94
CA GLU KA 49 66.23 -15.73 68.38
C GLU KA 49 65.43 -14.60 67.75
N ASP KA 50 66.02 -13.40 67.75
CA ASP KA 50 65.37 -12.20 67.25
C ASP KA 50 66.08 -11.71 65.99
N TYR KA 51 65.28 -11.20 65.06
CA TYR KA 51 65.80 -10.60 63.82
C TYR KA 51 65.19 -9.21 63.67
N PRO KA 52 65.87 -8.15 64.12
CA PRO KA 52 65.29 -6.80 64.00
C PRO KA 52 65.04 -6.44 62.55
N VAL KA 53 63.88 -5.83 62.30
CA VAL KA 53 63.47 -5.53 60.93
C VAL KA 53 64.34 -4.42 60.34
N GLY KA 54 64.58 -3.37 61.10
CA GLY KA 54 65.33 -2.23 60.63
C GLY KA 54 64.68 -0.94 61.08
N SER KA 55 65.00 0.15 60.39
CA SER KA 55 64.50 1.46 60.79
C SER KA 55 64.08 2.35 59.62
N ALA KA 56 63.97 1.80 58.40
CA ALA KA 56 63.66 2.65 57.25
C ALA KA 56 62.29 3.29 57.38
N LEU KA 57 61.27 2.51 57.73
CA LEU KA 57 59.90 3.01 57.78
C LEU KA 57 59.64 3.91 58.98
N ARG KA 58 60.55 3.95 59.96
CA ARG KA 58 60.40 4.88 61.08
C ARG KA 58 61.31 6.09 60.98
N VAL KA 59 62.36 6.03 60.17
CA VAL KA 59 63.19 7.19 59.91
C VAL KA 59 62.64 8.04 58.77
N PHE KA 60 62.18 7.39 57.67
CA PHE KA 60 61.64 8.24 56.61
C PHE KA 60 60.13 8.25 56.65
N PRO KA 61 59.50 9.37 56.26
CA PRO KA 61 58.04 9.44 56.26
C PRO KA 61 57.42 8.54 55.22
N VAL KA 62 56.19 8.11 55.50
CA VAL KA 62 55.45 7.18 54.65
C VAL KA 62 54.18 7.85 54.17
N THR KA 63 53.96 7.82 52.86
CA THR KA 63 52.75 8.36 52.24
C THR KA 63 51.89 7.23 51.72
N THR KA 64 50.64 7.56 51.38
CA THR KA 64 49.68 6.58 50.88
C THR KA 64 48.87 7.14 49.71
N GLU KA 65 49.47 8.02 48.91
CA GLU KA 65 48.76 8.67 47.81
C GLU KA 65 48.98 7.90 46.51
N LEU KA 66 48.65 6.60 46.55
CA LEU KA 66 48.73 5.73 45.39
C LEU KA 66 47.82 4.53 45.63
N SER KA 67 47.06 4.16 44.59
CA SER KA 67 46.22 2.98 44.65
C SER KA 67 47.03 1.74 44.25
N PRO KA 68 46.63 0.55 44.73
CA PRO KA 68 47.44 -0.65 44.48
C PRO KA 68 47.56 -1.02 43.00
N THR KA 69 46.66 -0.56 42.15
CA THR KA 69 46.71 -0.88 40.73
C THR KA 69 47.60 0.08 39.94
N ASP KA 70 48.12 1.10 40.59
CA ASP KA 70 48.98 2.10 39.95
C ASP KA 70 50.35 1.50 39.65
N LYS KA 71 50.94 1.96 38.56
CA LYS KA 71 52.24 1.46 38.11
C LYS KA 71 53.22 2.57 37.74
N THR KA 72 52.75 3.80 37.51
CA THR KA 72 53.62 4.96 37.33
C THR KA 72 52.98 6.14 38.03
N PHE KA 73 53.80 7.16 38.32
CA PHE KA 73 53.33 8.41 38.90
C PHE KA 73 54.18 9.56 38.40
N GLU KA 74 53.64 10.77 38.49
CA GLU KA 74 54.36 11.95 38.05
C GLU KA 74 53.99 13.15 38.92
N TYR KA 75 54.90 14.11 39.00
CA TYR KA 75 54.68 15.37 39.71
C TYR KA 75 55.23 16.51 38.87
N MET KA 76 54.68 17.70 39.09
CA MET KA 76 54.97 18.85 38.23
C MET KA 76 55.60 19.98 39.03
N THR KA 77 56.36 20.82 38.32
CA THR KA 77 56.99 21.99 38.90
C THR KA 77 56.85 23.16 37.93
N PHE KA 78 56.89 24.38 38.47
CA PHE KA 78 56.60 25.58 37.70
C PHE KA 78 57.73 26.61 37.87
N ASP KA 79 57.63 27.66 37.07
CA ASP KA 79 58.61 28.74 37.07
C ASP KA 79 57.96 29.97 36.47
N LYS KA 80 58.58 31.14 36.65
CA LYS KA 80 58.02 32.39 36.17
C LYS KA 80 59.13 33.37 35.84
N VAL KA 81 58.80 34.35 34.99
CA VAL KA 81 59.72 35.40 34.58
C VAL KA 81 58.96 36.72 34.55
N GLY KA 82 59.71 37.83 34.56
CA GLY KA 82 59.08 39.13 34.43
C GLY KA 82 60.02 40.25 34.83
N THR KA 83 59.53 41.47 34.63
CA THR KA 83 60.26 42.69 34.97
C THR KA 83 59.27 43.85 35.00
N ALA KA 84 59.76 45.00 35.45
CA ALA KA 84 58.95 46.21 35.51
C ALA KA 84 59.83 47.42 35.19
N GLN KA 85 59.19 48.51 34.78
CA GLN KA 85 59.89 49.72 34.39
C GLN KA 85 59.17 50.93 34.96
N ILE KA 86 59.77 52.10 34.76
CA ILE KA 86 59.20 53.38 35.18
C ILE KA 86 58.51 53.99 33.97
N ILE KA 87 57.26 54.43 34.14
CA ILE KA 87 56.45 54.88 33.01
C ILE KA 87 55.93 56.28 33.25
N ALA KA 88 55.22 56.82 32.26
CA ALA KA 88 54.53 58.10 32.34
C ALA KA 88 53.03 57.87 32.16
N ASP KA 89 52.29 58.98 32.05
CA ASP KA 89 50.84 58.87 31.94
C ASP KA 89 50.41 58.31 30.60
N TYR KA 90 51.03 58.77 29.51
CA TYR KA 90 50.70 58.32 28.16
C TYR KA 90 51.75 57.29 27.73
N THR KA 91 51.50 56.03 28.04
CA THR KA 91 52.41 54.95 27.66
C THR KA 91 51.67 53.96 26.77
N ASP KA 92 52.41 53.35 25.85
CA ASP KA 92 51.84 52.34 24.97
C ASP KA 92 52.56 51.01 25.04
N ASP KA 93 53.75 50.94 25.62
CA ASP KA 93 54.51 49.70 25.70
C ASP KA 93 54.82 49.37 27.15
N LEU KA 94 54.55 48.14 27.56
CA LEU KA 94 54.83 47.68 28.91
C LEU KA 94 55.45 46.29 28.86
N PRO KA 95 56.40 46.01 29.75
CA PRO KA 95 57.04 44.69 29.76
C PRO KA 95 56.06 43.59 30.17
N LEU KA 96 56.33 42.38 29.69
CA LEU KA 96 55.44 41.24 29.84
C LEU KA 96 56.05 40.17 30.74
N VAL KA 97 55.20 39.23 31.15
CA VAL KA 97 55.58 38.12 32.03
C VAL KA 97 55.01 36.83 31.47
N ASP KA 98 55.56 35.70 31.92
CA ASP KA 98 55.17 34.38 31.44
C ASP KA 98 55.40 33.35 32.54
N ALA KA 99 55.30 32.08 32.16
CA ALA KA 99 55.48 30.95 33.09
C ALA KA 99 55.95 29.74 32.31
N LEU KA 100 56.29 28.67 33.02
CA LEU KA 100 56.80 27.44 32.42
C LEU KA 100 56.27 26.24 33.18
N GLY KA 101 56.82 25.06 32.89
CA GLY KA 101 56.41 23.83 33.56
C GLY KA 101 57.34 22.69 33.22
N THR KA 102 57.34 21.69 34.11
CA THR KA 102 58.23 20.53 33.97
C THR KA 102 57.66 19.40 34.82
N SER KA 103 57.99 18.16 34.45
CA SER KA 103 57.47 16.99 35.14
C SER KA 103 58.56 15.93 35.28
N GLU KA 104 58.36 15.03 36.25
CA GLU KA 104 59.25 13.90 36.48
C GLU KA 104 58.39 12.65 36.75
N PHE KA 105 59.03 11.49 36.78
CA PHE KA 105 58.31 10.21 36.78
C PHE KA 105 58.86 9.27 37.85
N GLY KA 106 58.27 8.08 37.92
CA GLY KA 106 58.63 7.08 38.90
C GLY KA 106 58.11 5.71 38.51
N LYS KA 107 58.27 4.76 39.42
CA LYS KA 107 57.89 3.36 39.15
C LYS KA 107 57.50 2.66 40.45
N VAL KA 108 56.83 1.51 40.30
CA VAL KA 108 56.35 0.70 41.41
C VAL KA 108 56.73 -0.75 41.14
N PHE KA 109 56.87 -1.54 42.21
CA PHE KA 109 57.30 -2.93 42.12
C PHE KA 109 56.36 -3.83 42.93
N ARG KA 110 56.69 -5.12 42.97
CA ARG KA 110 55.85 -6.13 43.61
C ARG KA 110 56.72 -7.20 44.25
N LEU KA 111 56.23 -7.77 45.35
CA LEU KA 111 56.95 -8.75 46.14
C LEU KA 111 56.11 -10.01 46.30
N GLY KA 112 56.75 -11.11 46.69
CA GLY KA 112 56.02 -12.35 46.95
C GLY KA 112 56.91 -13.44 47.47
N ASN KA 113 56.29 -14.36 48.20
CA ASN KA 113 56.91 -15.59 48.69
C ASN KA 113 55.79 -16.56 49.09
N ALA KA 114 56.16 -17.72 49.63
CA ALA KA 114 55.17 -18.73 49.98
C ALA KA 114 55.77 -19.70 50.98
N TYR KA 115 54.97 -20.69 51.38
CA TYR KA 115 55.42 -21.74 52.29
C TYR KA 115 54.51 -22.95 52.12
N LEU KA 116 55.00 -24.11 52.59
CA LEU KA 116 54.28 -25.37 52.50
C LEU KA 116 54.05 -25.96 53.88
N ILE KA 117 53.02 -26.79 53.99
CA ILE KA 117 52.69 -27.49 55.23
C ILE KA 117 51.78 -28.66 54.89
N SER KA 118 51.77 -29.70 55.73
CA SER KA 118 51.00 -30.90 55.47
C SER KA 118 49.99 -31.17 56.59
N ILE KA 119 49.05 -32.06 56.30
CA ILE KA 119 47.97 -32.38 57.23
C ILE KA 119 48.51 -33.01 58.50
N ASP KA 120 49.46 -33.93 58.38
CA ASP KA 120 50.04 -34.55 59.57
C ASP KA 120 50.73 -33.52 60.45
N GLU KA 121 51.47 -32.58 59.84
CA GLU KA 121 52.10 -31.53 60.61
C GLU KA 121 51.05 -30.66 61.31
N ILE KA 122 49.96 -30.34 60.61
CA ILE KA 122 48.91 -29.52 61.23
C ILE KA 122 48.32 -30.22 62.45
N LYS KA 123 47.99 -31.50 62.30
CA LYS KA 123 47.42 -32.25 63.43
C LYS KA 123 48.41 -32.38 64.57
N ALA KA 124 49.68 -32.64 64.26
CA ALA KA 124 50.69 -32.76 65.30
C ALA KA 124 50.84 -31.45 66.06
N GLY KA 125 50.84 -30.32 65.34
CA GLY KA 125 50.95 -29.03 66.02
C GLY KA 125 49.75 -28.75 66.91
N GLN KA 126 48.54 -28.96 66.39
CA GLN KA 126 47.36 -28.68 67.20
C GLN KA 126 47.22 -29.65 68.36
N ALA KA 127 47.84 -30.82 68.29
CA ALA KA 127 47.81 -31.76 69.41
C ALA KA 127 48.86 -31.44 70.46
N THR KA 128 50.10 -31.16 70.03
CA THR KA 128 51.19 -30.90 70.96
C THR KA 128 51.19 -29.49 71.51
N GLY KA 129 50.43 -28.57 70.94
CA GLY KA 129 50.30 -27.25 71.51
C GLY KA 129 50.93 -26.14 70.70
N ARG KA 130 52.11 -26.38 70.14
CA ARG KA 130 52.78 -25.38 69.33
C ARG KA 130 52.59 -25.70 67.86
N PRO KA 131 52.01 -24.79 67.07
CA PRO KA 131 51.84 -25.05 65.64
C PRO KA 131 53.06 -24.61 64.84
N LEU KA 132 53.02 -24.91 63.54
CA LEU KA 132 54.08 -24.55 62.62
C LEU KA 132 53.68 -23.47 61.62
N SER KA 133 52.40 -23.38 61.29
CA SER KA 133 51.94 -22.41 60.30
C SER KA 133 52.16 -20.98 60.79
N THR KA 134 51.94 -20.73 62.08
CA THR KA 134 52.16 -19.39 62.61
C THR KA 134 53.61 -18.97 62.46
N ARG KA 135 54.54 -19.88 62.79
CA ARG KA 135 55.95 -19.56 62.66
C ARG KA 135 56.33 -19.31 61.20
N LYS KA 136 55.80 -20.14 60.29
CA LYS KA 136 56.12 -19.95 58.88
C LYS KA 136 55.58 -18.62 58.35
N ALA KA 137 54.36 -18.25 58.75
CA ALA KA 137 53.79 -16.97 58.34
C ALA KA 137 54.59 -15.80 58.90
N SER KA 138 55.01 -15.90 60.16
CA SER KA 138 55.84 -14.84 60.74
C SER KA 138 57.15 -14.70 59.99
N ALA KA 139 57.77 -15.83 59.61
CA ALA KA 139 58.99 -15.77 58.83
C ALA KA 139 58.75 -15.09 57.49
N CYS KA 140 57.64 -15.41 56.82
CA CYS KA 140 57.33 -14.78 55.54
C CYS KA 140 57.18 -13.28 55.69
N GLN KA 141 56.43 -12.84 56.71
CA GLN KA 141 56.23 -11.40 56.90
C GLN KA 141 57.53 -10.68 57.20
N LEU KA 142 58.36 -11.27 58.06
CA LEU KA 142 59.64 -10.64 58.39
C LEU KA 142 60.55 -10.58 57.17
N ALA KA 143 60.52 -11.61 56.33
CA ALA KA 143 61.30 -11.59 55.09
C ALA KA 143 60.84 -10.46 54.18
N HIS KA 144 59.52 -10.27 54.07
CA HIS KA 144 59.00 -9.19 53.24
C HIS KA 144 59.49 -7.84 53.74
N ASP KA 145 59.38 -7.61 55.06
CA ASP KA 145 59.79 -6.33 55.62
C ASP KA 145 61.29 -6.10 55.45
N GLN KA 146 62.09 -7.13 55.66
CA GLN KA 146 63.54 -7.00 55.49
C GLN KA 146 63.88 -6.71 54.03
N LEU KA 147 63.17 -7.33 53.09
CA LEU KA 147 63.43 -7.02 51.68
C LEU KA 147 63.09 -5.58 51.36
N VAL KA 148 61.99 -5.06 51.92
CA VAL KA 148 61.67 -3.65 51.72
C VAL KA 148 62.80 -2.75 52.24
N ASN KA 149 63.27 -3.03 53.46
CA ASN KA 149 64.31 -2.18 54.04
C ASN KA 149 65.60 -2.27 53.22
N ARG KA 150 65.98 -3.48 52.80
CA ARG KA 150 67.19 -3.65 51.99
C ARG KA 150 67.07 -2.92 50.66
N LEU KA 151 65.89 -2.98 50.04
CA LEU KA 151 65.69 -2.26 48.79
C LEU KA 151 65.83 -0.75 48.99
N VAL KA 152 65.32 -0.25 50.11
CA VAL KA 152 65.42 1.19 50.38
C VAL KA 152 66.87 1.60 50.57
N PHE KA 153 67.61 0.87 51.42
CA PHE KA 153 68.93 1.33 51.82
C PHE KA 153 70.08 0.85 50.94
N LYS KA 154 69.85 -0.07 49.99
CA LYS KA 154 70.92 -0.55 49.13
C LYS KA 154 70.60 -0.49 47.65
N GLY KA 155 69.35 -0.71 47.25
CA GLY KA 155 68.98 -0.67 45.86
C GLY KA 155 69.37 -1.93 45.12
N SER KA 156 69.03 -1.95 43.83
CA SER KA 156 69.33 -3.08 42.96
C SER KA 156 69.67 -2.57 41.57
N ALA KA 157 70.91 -2.81 41.15
CA ALA KA 157 71.35 -2.32 39.85
C ALA KA 157 70.60 -2.94 38.67
N PRO KA 158 70.42 -4.26 38.59
CA PRO KA 158 69.71 -4.81 37.42
C PRO KA 158 68.28 -4.30 37.29
N HIS KA 159 67.59 -4.04 38.40
CA HIS KA 159 66.26 -3.46 38.35
C HIS KA 159 66.29 -1.94 38.28
N LYS KA 160 67.49 -1.34 38.27
CA LYS KA 160 67.65 0.11 38.14
C LYS KA 160 66.93 0.85 39.25
N ILE KA 161 67.26 0.51 40.49
CA ILE KA 161 66.80 1.21 41.68
C ILE KA 161 68.01 1.82 42.36
N VAL KA 162 67.93 3.12 42.65
CA VAL KA 162 69.06 3.88 43.17
C VAL KA 162 68.87 4.06 44.68
N SER KA 163 69.88 3.65 45.45
CA SER KA 163 69.84 3.80 46.89
C SER KA 163 69.98 5.27 47.27
N VAL KA 164 69.70 5.56 48.54
CA VAL KA 164 69.80 6.94 49.02
C VAL KA 164 71.25 7.42 48.97
N PHE KA 165 72.21 6.51 49.12
CA PHE KA 165 73.62 6.90 49.08
C PHE KA 165 74.15 7.11 47.68
N ASN KA 166 73.41 6.72 46.64
CA ASN KA 166 73.85 6.83 45.26
C ASN KA 166 73.07 7.85 44.46
N HIS KA 167 72.13 8.56 45.07
CA HIS KA 167 71.38 9.57 44.36
C HIS KA 167 72.31 10.71 43.93
N PRO KA 168 72.32 11.07 42.65
CA PRO KA 168 73.32 12.02 42.15
C PRO KA 168 72.97 13.49 42.33
N ASN KA 169 71.81 13.82 42.91
CA ASN KA 169 71.39 15.21 43.07
C ASN KA 169 71.37 15.62 44.54
N ILE KA 170 72.16 14.95 45.38
CA ILE KA 170 72.27 15.32 46.78
C ILE KA 170 73.70 15.77 47.05
N THR KA 171 73.84 16.62 48.05
CA THR KA 171 75.14 17.17 48.40
C THR KA 171 75.98 16.12 49.12
N LYS KA 172 77.22 15.95 48.65
CA LYS KA 172 78.17 15.01 49.24
C LYS KA 172 79.38 15.78 49.73
N ILE KA 173 79.78 15.53 50.97
CA ILE KA 173 80.90 16.23 51.59
C ILE KA 173 81.96 15.22 51.97
N THR KA 174 83.16 15.38 51.41
CA THR KA 174 84.31 14.61 51.85
C THR KA 174 84.76 15.13 53.21
N SER KA 175 85.09 14.21 54.11
CA SER KA 175 85.44 14.56 55.48
C SER KA 175 86.72 13.87 55.91
N GLY KA 176 87.55 14.61 56.65
CA GLY KA 176 88.64 13.96 57.37
C GLY KA 176 88.08 12.99 58.40
N LYS KA 177 88.77 11.86 58.55
CA LYS KA 177 88.25 10.79 59.39
C LYS KA 177 88.10 11.26 60.83
N TRP KA 178 86.94 10.95 61.43
CA TRP KA 178 86.74 11.27 62.83
C TRP KA 178 87.58 10.38 63.72
N ILE KA 179 87.87 9.16 63.28
CA ILE KA 179 88.70 8.21 64.02
C ILE KA 179 89.77 7.71 63.08
N ASP KA 180 91.01 8.11 63.31
CA ASP KA 180 92.15 7.65 62.53
C ASP KA 180 93.22 7.07 63.46
N ALA KA 181 93.64 5.84 63.16
CA ALA KA 181 94.64 5.12 63.95
C ALA KA 181 94.22 5.06 65.42
N SER KA 182 92.94 4.82 65.64
CA SER KA 182 92.32 4.74 66.98
C SER KA 182 92.49 6.03 67.78
N THR KA 183 92.68 7.16 67.11
CA THR KA 183 92.75 8.46 67.77
C THR KA 183 91.43 9.19 67.54
N MET KA 184 91.02 9.99 68.52
CA MET KA 184 89.70 10.61 68.52
C MET KA 184 89.80 12.11 68.31
N LYS KA 185 88.95 12.64 67.42
CA LYS KA 185 88.94 14.05 67.06
C LYS KA 185 87.51 14.58 67.20
N PRO KA 186 87.14 15.05 68.40
CA PRO KA 186 85.75 15.48 68.62
C PRO KA 186 85.41 16.84 68.01
N GLU KA 187 86.38 17.61 67.54
CA GLU KA 187 86.09 18.93 66.99
C GLU KA 187 85.78 18.89 65.50
N THR KA 188 86.34 17.92 64.78
CA THR KA 188 86.04 17.79 63.35
C THR KA 188 84.57 17.50 63.13
N ALA KA 189 83.98 16.64 63.98
CA ALA KA 189 82.56 16.35 63.88
C ALA KA 189 81.73 17.60 64.09
N GLU KA 190 82.08 18.40 65.11
CA GLU KA 190 81.38 19.65 65.35
C GLU KA 190 81.44 20.57 64.14
N ALA KA 191 82.64 20.78 63.61
CA ALA KA 191 82.80 21.70 62.48
C ALA KA 191 82.03 21.20 61.26
N GLU KA 192 82.11 19.91 60.97
CA GLU KA 192 81.45 19.39 59.77
C GLU KA 192 79.93 19.41 59.90
N LEU KA 193 79.41 19.09 61.09
CA LEU KA 193 77.96 19.19 61.28
C LEU KA 193 77.49 20.63 61.14
N THR KA 194 78.22 21.58 61.72
CA THR KA 194 77.85 22.98 61.57
C THR KA 194 77.88 23.41 60.10
N GLN KA 195 78.91 22.99 59.37
CA GLN KA 195 78.99 23.34 57.96
C GLN KA 195 77.83 22.74 57.17
N ALA KA 196 77.46 21.49 57.47
CA ALA KA 196 76.34 20.86 56.76
C ALA KA 196 75.04 21.59 57.04
N ILE KA 197 74.79 21.96 58.29
CA ILE KA 197 73.57 22.70 58.62
C ILE KA 197 73.55 24.05 57.92
N GLU KA 198 74.70 24.73 57.88
CA GLU KA 198 74.77 26.01 57.17
C GLU KA 198 74.51 25.82 55.68
N THR KA 199 75.01 24.73 55.11
CA THR KA 199 74.78 24.45 53.69
C THR KA 199 73.29 24.24 53.42
N ILE KA 200 72.62 23.47 54.28
CA ILE KA 200 71.18 23.27 54.13
C ILE KA 200 70.44 24.60 54.21
N GLU KA 201 70.83 25.45 55.17
CA GLU KA 201 70.16 26.74 55.31
C GLU KA 201 70.40 27.65 54.11
N THR KA 202 71.61 27.61 53.55
CA THR KA 202 71.98 28.56 52.51
C THR KA 202 71.45 28.15 51.14
N ILE KA 203 71.67 26.89 50.74
CA ILE KA 203 71.34 26.48 49.38
C ILE KA 203 69.84 26.53 49.10
N THR KA 204 69.01 26.40 50.13
CA THR KA 204 67.56 26.48 49.95
C THR KA 204 67.00 27.88 50.19
N ARG KA 205 67.86 28.84 50.53
CA ARG KA 205 67.47 30.24 50.66
C ARG KA 205 66.35 30.44 51.67
N GLY KA 206 66.54 29.87 52.86
CA GLY KA 206 65.67 30.16 53.98
C GLY KA 206 64.33 29.46 53.99
N GLN KA 207 64.11 28.52 53.07
CA GLN KA 207 62.86 27.77 53.05
C GLN KA 207 62.93 26.47 53.84
N HIS KA 208 64.10 25.87 53.96
CA HIS KA 208 64.26 24.61 54.66
C HIS KA 208 65.38 24.72 55.68
N ARG KA 209 65.20 24.04 56.82
CA ARG KA 209 66.20 24.00 57.87
C ARG KA 209 66.40 22.55 58.28
N ALA KA 210 67.64 22.19 58.59
CA ALA KA 210 67.94 20.83 59.01
C ALA KA 210 67.29 20.54 60.36
N THR KA 211 66.72 19.33 60.47
CA THR KA 211 66.00 18.97 61.68
C THR KA 211 66.48 17.64 62.26
N ASN KA 212 67.01 16.76 61.41
CA ASN KA 212 67.39 15.42 61.84
C ASN KA 212 68.79 15.08 61.36
N ILE KA 213 69.51 14.34 62.21
CA ILE KA 213 70.83 13.82 61.91
C ILE KA 213 70.84 12.32 62.20
N LEU KA 214 71.53 11.56 61.36
CA LEU KA 214 71.74 10.13 61.57
C LEU KA 214 73.23 9.84 61.50
N ILE KA 215 73.75 9.17 62.53
CA ILE KA 215 75.18 8.89 62.62
C ILE KA 215 75.35 7.40 62.91
N PRO KA 216 76.49 6.83 62.53
CA PRO KA 216 76.74 5.42 62.83
C PRO KA 216 76.84 5.19 64.32
N PRO KA 217 76.45 4.02 64.82
CA PRO KA 217 76.52 3.76 66.27
C PRO KA 217 77.94 3.71 66.82
N SER KA 218 78.95 3.51 65.98
CA SER KA 218 80.32 3.48 66.48
C SER KA 218 80.86 4.86 66.81
N MET KA 219 80.15 5.93 66.44
CA MET KA 219 80.59 7.29 66.70
C MET KA 219 79.90 7.92 67.90
N ARG KA 220 79.09 7.18 68.65
CA ARG KA 220 78.48 7.75 69.84
C ARG KA 220 79.50 8.04 70.93
N LYS KA 221 80.62 7.31 70.94
CA LYS KA 221 81.66 7.57 71.93
C LYS KA 221 82.48 8.81 71.59
N VAL KA 222 82.42 9.27 70.34
CA VAL KA 222 83.14 10.50 69.98
C VAL KA 222 82.45 11.71 70.61
N LEU KA 223 81.13 11.73 70.60
CA LEU KA 223 80.38 12.86 71.13
C LEU KA 223 80.13 12.75 72.63
N ALA KA 224 80.61 11.70 73.28
CA ALA KA 224 80.52 11.56 74.73
C ALA KA 224 81.77 12.03 75.45
N ILE KA 225 82.77 12.53 74.72
CA ILE KA 225 84.02 12.96 75.33
C ILE KA 225 83.78 14.20 76.18
N ARG KA 226 84.52 14.31 77.28
CA ARG KA 226 84.46 15.49 78.12
C ARG KA 226 85.07 16.68 77.39
N MET KA 227 84.27 17.72 77.27
CA MET KA 227 84.71 18.97 76.65
C MET KA 227 85.75 19.64 77.53
N PRO KA 228 86.86 20.10 76.92
CA PRO KA 228 87.88 20.65 77.80
C PRO KA 228 87.44 21.90 78.54
N GLU KA 229 88.13 22.23 79.61
CA GLU KA 229 87.84 23.44 80.39
C GLU KA 229 86.37 23.51 80.81
N THR KA 230 85.69 22.36 80.82
CA THR KA 230 84.27 22.31 81.16
C THR KA 230 83.93 20.90 81.62
N THR KA 231 82.84 20.80 82.38
CA THR KA 231 82.31 19.51 82.81
C THR KA 231 81.23 18.98 81.86
N MET KA 232 80.73 19.82 80.97
CA MET KA 232 79.60 19.53 80.09
C MET KA 232 80.10 18.99 78.74
N SER KA 233 79.30 18.11 78.15
CA SER KA 233 79.75 17.25 77.05
C SER KA 233 79.49 17.88 75.67
N TYR KA 234 80.15 17.32 74.65
CA TYR KA 234 80.03 17.85 73.30
C TYR KA 234 78.60 17.75 72.77
N LEU KA 235 77.94 16.62 73.01
CA LEU KA 235 76.56 16.45 72.56
C LEU KA 235 75.63 17.45 73.24
N ASP KA 236 75.83 17.68 74.54
CA ASP KA 236 75.03 18.66 75.25
C ASP KA 236 75.29 20.06 74.72
N TYR KA 237 76.55 20.37 74.39
CA TYR KA 237 76.86 21.66 73.77
C TYR KA 237 76.10 21.83 72.46
N PHE KA 238 76.15 20.80 71.61
CA PHE KA 238 75.48 20.88 70.31
C PHE KA 238 73.98 21.06 70.49
N LYS KA 239 73.37 20.32 71.42
CA LYS KA 239 71.94 20.48 71.65
C LYS KA 239 71.60 21.86 72.19
N SER KA 240 72.45 22.41 73.06
CA SER KA 240 72.21 23.75 73.59
C SER KA 240 72.29 24.80 72.49
N GLN KA 241 73.27 24.68 71.60
CA GLN KA 241 73.43 25.70 70.55
C GLN KA 241 72.38 25.56 69.46
N ASN KA 242 71.98 24.33 69.14
CA ASN KA 242 71.06 24.07 68.04
C ASN KA 242 69.81 23.43 68.64
N SER KA 243 68.77 24.24 68.85
CA SER KA 243 67.54 23.76 69.44
C SER KA 243 66.63 23.13 68.38
N GLY KA 244 65.88 22.11 68.79
CA GLY KA 244 64.91 21.48 67.93
C GLY KA 244 65.48 20.54 66.88
N ILE KA 245 66.69 20.03 67.08
CA ILE KA 245 67.32 19.10 66.14
C ILE KA 245 67.58 17.79 66.84
N GLU KA 246 67.19 16.69 66.22
CA GLU KA 246 67.26 15.36 66.82
C GLU KA 246 68.36 14.54 66.14
N ILE KA 247 69.21 13.92 66.96
CA ILE KA 247 70.29 13.07 66.49
C ILE KA 247 69.95 11.63 66.82
N ASP KA 248 70.12 10.73 65.85
CA ASP KA 248 69.80 9.33 66.04
C ASP KA 248 70.92 8.47 65.44
N SER KA 249 70.91 7.19 65.80
CA SER KA 249 71.92 6.24 65.36
C SER KA 249 71.24 5.15 64.53
N ILE KA 250 71.85 4.82 63.39
CA ILE KA 250 71.29 3.84 62.46
C ILE KA 250 72.40 2.86 62.08
N ALA KA 251 72.09 1.56 62.16
CA ALA KA 251 73.10 0.54 61.88
C ALA KA 251 73.44 0.45 60.41
N GLU KA 252 72.50 0.83 59.52
CA GLU KA 252 72.77 0.74 58.10
C GLU KA 252 73.84 1.72 57.64
N LEU KA 253 74.20 2.70 58.47
CA LEU KA 253 75.20 3.69 58.09
C LEU KA 253 76.63 3.21 58.27
N GLU KA 254 76.83 2.02 58.87
CA GLU KA 254 78.19 1.51 59.06
C GLU KA 254 78.89 1.25 57.73
N ASP KA 255 78.21 0.64 56.76
CA ASP KA 255 78.80 0.35 55.45
C ASP KA 255 77.84 0.84 54.38
N ILE KA 256 78.30 1.69 53.48
CA ILE KA 256 77.45 2.25 52.45
C ILE KA 256 77.82 1.81 51.05
N ASP KA 257 79.08 1.50 50.77
CA ASP KA 257 79.51 1.06 49.45
C ASP KA 257 79.82 -0.42 49.39
N GLY KA 258 79.64 -1.15 50.49
CA GLY KA 258 80.00 -2.56 50.53
C GLY KA 258 81.48 -2.82 50.72
N ALA KA 259 82.28 -1.79 50.93
CA ALA KA 259 83.73 -1.94 51.09
C ALA KA 259 84.24 -1.41 52.41
N GLY KA 260 83.36 -0.97 53.31
CA GLY KA 260 83.77 -0.55 54.63
C GLY KA 260 84.03 0.93 54.81
N THR KA 261 83.06 1.76 54.43
CA THR KA 261 83.12 3.20 54.65
C THR KA 261 81.87 3.64 55.39
N LYS KA 262 82.03 4.61 56.29
CA LYS KA 262 80.92 5.12 57.07
C LYS KA 262 80.37 6.41 56.45
N GLY KA 263 79.29 6.91 57.03
CA GLY KA 263 78.68 8.14 56.55
C GLY KA 263 77.69 8.71 57.55
N VAL KA 264 77.49 10.02 57.45
CA VAL KA 264 76.56 10.75 58.30
C VAL KA 264 75.53 11.42 57.40
N LEU KA 265 74.26 11.32 57.77
CA LEU KA 265 73.17 11.82 56.95
C LEU KA 265 72.44 12.93 57.69
N VAL KA 266 72.46 14.14 57.13
CA VAL KA 266 71.77 15.29 57.70
C VAL KA 266 70.63 15.68 56.79
N TYR KA 267 69.41 15.72 57.32
CA TYR KA 267 68.26 15.98 56.46
C TYR KA 267 67.12 16.57 57.28
N GLU KA 268 66.14 17.08 56.56
CA GLU KA 268 64.88 17.56 57.14
C GLU KA 268 63.81 16.51 56.86
N LYS KA 269 63.08 16.13 57.90
CA LYS KA 269 62.05 15.11 57.78
C LYS KA 269 60.70 15.78 57.50
N ASN KA 270 60.21 15.65 56.28
CA ASN KA 270 58.94 16.20 55.87
C ASN KA 270 58.42 15.43 54.66
N PRO KA 271 57.12 15.09 54.61
CA PRO KA 271 56.61 14.28 53.50
C PRO KA 271 56.69 14.95 52.14
N MET KA 272 56.98 16.25 52.06
CA MET KA 272 57.10 16.91 50.77
C MET KA 272 58.51 16.83 50.18
N ASN KA 273 59.47 16.25 50.90
CA ASN KA 273 60.84 16.13 50.42
C ASN KA 273 61.21 14.73 50.00
N MET KA 274 61.03 13.74 50.87
CA MET KA 274 61.31 12.35 50.52
C MET KA 274 60.18 11.48 51.04
N SER KA 275 59.88 10.41 50.31
CA SER KA 275 58.73 9.59 50.66
C SER KA 275 58.97 8.14 50.25
N ILE KA 276 58.27 7.24 50.94
CA ILE KA 276 58.21 5.82 50.62
C ILE KA 276 56.74 5.42 50.57
N GLU KA 277 56.36 4.71 49.51
CA GLU KA 277 54.97 4.33 49.28
C GLU KA 277 54.79 2.83 49.48
N ILE KA 278 53.69 2.47 50.13
CA ILE KA 278 53.29 1.06 50.30
C ILE KA 278 51.88 0.92 49.76
N PRO KA 279 51.71 0.78 48.45
CA PRO KA 279 50.34 0.69 47.89
C PRO KA 279 49.54 -0.48 48.42
N GLU KA 280 50.18 -1.63 48.65
CA GLU KA 280 49.49 -2.83 49.10
C GLU KA 280 50.21 -3.39 50.33
N ALA KA 281 49.44 -3.63 51.39
CA ALA KA 281 50.00 -4.19 52.60
C ALA KA 281 50.16 -5.70 52.49
N PHE KA 282 50.87 -6.28 53.46
CA PHE KA 282 51.11 -7.72 53.44
C PHE KA 282 49.81 -8.48 53.67
N ASN KA 283 49.58 -9.49 52.84
CA ASN KA 283 48.36 -10.28 52.91
C ASN KA 283 48.66 -11.70 52.48
N MET KA 284 47.80 -12.63 52.89
CA MET KA 284 47.97 -14.04 52.59
C MET KA 284 46.83 -14.51 51.71
N LEU KA 285 47.18 -15.20 50.63
CA LEU KA 285 46.19 -15.77 49.72
C LEU KA 285 45.60 -17.04 50.32
N PRO KA 286 44.39 -17.42 49.91
CA PRO KA 286 43.80 -18.67 50.40
C PRO KA 286 44.65 -19.86 50.02
N ALA KA 287 44.71 -20.84 50.93
CA ALA KA 287 45.55 -22.00 50.73
C ALA KA 287 45.05 -22.86 49.57
N GLN KA 288 45.97 -23.26 48.70
CA GLN KA 288 45.68 -24.16 47.60
C GLN KA 288 46.00 -25.58 48.02
N PRO KA 289 45.02 -26.47 48.09
CA PRO KA 289 45.31 -27.85 48.50
C PRO KA 289 45.84 -28.67 47.34
N LYS KA 290 46.80 -29.53 47.65
CA LYS KA 290 47.27 -30.55 46.72
C LYS KA 290 46.97 -31.92 47.36
N ASP KA 291 47.58 -32.97 46.81
CA ASP KA 291 47.26 -34.35 47.15
C ASP KA 291 47.06 -34.56 48.65
N LEU KA 292 48.04 -34.17 49.47
CA LEU KA 292 47.90 -34.31 50.92
C LEU KA 292 48.49 -33.13 51.68
N HIS KA 293 48.88 -32.06 51.00
CA HIS KA 293 49.45 -30.89 51.65
C HIS KA 293 48.93 -29.64 50.96
N PHE KA 294 49.27 -28.49 51.54
CA PHE KA 294 48.73 -27.20 51.10
C PHE KA 294 49.86 -26.25 50.73
N LYS KA 295 49.51 -25.22 49.96
CA LYS KA 295 50.45 -24.17 49.61
C LYS KA 295 49.79 -22.82 49.87
N VAL KA 296 50.45 -21.96 50.63
CA VAL KA 296 49.90 -20.66 51.01
C VAL KA 296 50.85 -19.58 50.53
N PRO KA 297 50.53 -18.85 49.45
CA PRO KA 297 51.39 -17.77 48.99
C PRO KA 297 51.00 -16.42 49.61
N CYS KA 298 51.95 -15.50 49.56
CA CYS KA 298 51.78 -14.15 50.09
C CYS KA 298 52.38 -13.15 49.12
N THR KA 299 51.92 -11.90 49.20
CA THR KA 299 52.43 -10.86 48.32
C THR KA 299 52.15 -9.49 48.92
N SER KA 300 52.83 -8.49 48.38
CA SER KA 300 52.65 -7.09 48.78
C SER KA 300 53.28 -6.21 47.70
N LYS KA 301 53.35 -4.91 47.97
CA LYS KA 301 53.89 -3.96 47.01
C LYS KA 301 54.70 -2.89 47.73
N CYS KA 302 55.67 -2.34 47.00
CA CYS KA 302 56.48 -1.21 47.48
C CYS KA 302 57.14 -0.57 46.26
N THR KA 303 57.64 0.65 46.46
CA THR KA 303 58.24 1.39 45.36
C THR KA 303 59.67 1.84 45.68
N GLY KA 304 59.99 1.97 46.96
CA GLY KA 304 61.29 2.45 47.38
C GLY KA 304 61.23 3.88 47.90
N LEU KA 305 62.38 4.54 47.85
CA LEU KA 305 62.51 5.92 48.32
C LEU KA 305 62.55 6.87 47.13
N THR KA 306 61.68 7.87 47.15
CA THR KA 306 61.62 8.89 46.11
C THR KA 306 61.86 10.25 46.74
N ILE KA 307 62.83 10.98 46.22
CA ILE KA 307 63.21 12.30 46.73
C ILE KA 307 62.71 13.32 45.72
N TYR KA 308 61.59 13.97 46.02
CA TYR KA 308 61.02 14.95 45.11
C TYR KA 308 61.85 16.23 45.10
N ARG KA 309 62.24 16.73 46.28
CA ARG KA 309 62.97 17.97 46.43
C ARG KA 309 64.35 17.68 47.00
N PRO KA 310 65.37 17.60 46.15
CA PRO KA 310 66.74 17.43 46.66
C PRO KA 310 67.26 18.70 47.31
N MET KA 311 68.56 18.74 47.60
CA MET KA 311 69.26 19.84 48.25
C MET KA 311 68.88 19.97 49.72
N THR KA 312 67.98 19.13 50.23
CA THR KA 312 67.64 19.09 51.64
C THR KA 312 68.28 17.91 52.35
N ILE KA 313 69.14 17.15 51.67
CA ILE KA 313 69.83 16.01 52.24
C ILE KA 313 71.31 16.16 51.96
N VAL KA 314 72.13 16.00 53.01
CA VAL KA 314 73.58 16.09 52.91
C VAL KA 314 74.18 14.80 53.43
N LEU KA 315 75.09 14.22 52.65
CA LEU KA 315 75.77 12.98 53.01
C LEU KA 315 77.25 13.28 53.21
N ILE KA 316 77.72 13.11 54.44
CA ILE KA 316 79.13 13.28 54.77
C ILE KA 316 79.78 11.90 54.69
N THR KA 317 80.74 11.76 53.80
CA THR KA 317 81.37 10.48 53.51
C THR KA 317 82.72 10.36 54.22
N GLY KA 318 83.19 9.12 54.33
CA GLY KA 318 84.47 8.85 54.95
C GLY KA 318 84.55 9.22 56.41
N VAL KA 319 83.49 8.98 57.17
CA VAL KA 319 83.46 9.33 58.59
C VAL KA 319 84.21 8.28 59.40
N GLN LA 3 23.85 118.64 32.60
CA GLN LA 3 24.98 119.33 33.21
C GLN LA 3 26.04 118.32 33.64
N ILE LA 4 27.31 118.71 33.52
CA ILE LA 4 28.44 117.85 33.83
C ILE LA 4 29.12 118.37 35.09
N ASN LA 5 29.27 117.50 36.09
CA ASN LA 5 30.03 117.85 37.28
C ASN LA 5 31.52 117.77 36.98
N ALA LA 6 32.31 118.47 37.80
CA ALA LA 6 33.75 118.55 37.62
C ALA LA 6 34.46 118.34 38.94
N SER LA 7 35.68 117.81 38.86
CA SER LA 7 36.53 117.60 40.01
C SER LA 7 37.93 118.11 39.70
N TYR LA 8 38.54 118.80 40.66
CA TYR LA 8 39.81 119.48 40.47
C TYR LA 8 40.86 118.91 41.41
N GLN LA 9 42.12 119.27 41.15
CA GLN LA 9 43.25 118.73 41.89
C GLN LA 9 44.41 119.72 41.83
N ARG LA 10 45.11 119.85 42.96
CA ARG LA 10 46.26 120.74 43.07
C ARG LA 10 47.27 120.13 44.02
N ASP LA 11 48.55 120.31 43.73
CA ASP LA 11 49.63 119.72 44.51
C ASP LA 11 50.29 120.78 45.38
N MET LA 12 50.68 120.36 46.60
CA MET LA 12 51.34 121.27 47.52
C MET LA 12 52.80 121.47 47.12
N ALA LA 13 53.41 122.50 47.68
CA ALA LA 13 54.84 122.71 47.54
C ALA LA 13 55.59 121.67 48.36
N ILE LA 14 56.88 121.52 48.05
CA ILE LA 14 57.71 120.49 48.67
C ILE LA 14 58.39 121.00 49.93
N ALA LA 15 59.04 122.16 49.87
CA ALA LA 15 59.84 122.62 51.00
C ALA LA 15 59.87 124.14 51.04
N LEU LA 16 60.45 124.66 52.10
CA LEU LA 16 60.58 126.09 52.38
C LEU LA 16 62.03 126.40 52.72
N PRO LA 17 62.44 127.65 52.57
CA PRO LA 17 63.81 128.02 52.93
C PRO LA 17 64.09 127.77 54.41
N GLY LA 18 65.16 127.02 54.67
CA GLY LA 18 65.59 126.74 56.03
C GLY LA 18 64.87 125.59 56.70
N MET LA 19 63.97 124.89 56.01
CA MET LA 19 63.26 123.78 56.61
C MET LA 19 64.18 122.57 56.74
N VAL LA 20 63.98 121.79 57.80
CA VAL LA 20 64.72 120.54 57.97
C VAL LA 20 64.18 119.51 56.99
N ALA LA 21 65.07 118.92 56.20
CA ALA LA 21 64.64 118.06 55.10
C ALA LA 21 64.19 116.70 55.59
N ASP LA 22 65.10 115.92 56.18
CA ASP LA 22 64.82 114.57 56.63
C ASP LA 22 65.15 114.46 58.12
N THR LA 23 64.56 113.45 58.77
CA THR LA 23 64.83 113.16 60.17
C THR LA 23 65.93 112.11 60.30
N SER LA 24 67.07 112.39 59.69
CA SER LA 24 68.17 111.41 59.59
C SER LA 24 69.42 111.99 60.25
N LYS LA 25 69.57 111.71 61.55
CA LYS LA 25 70.82 111.93 62.27
C LYS LA 25 71.25 113.40 62.20
N TYR LA 26 70.42 114.24 62.81
CA TYR LA 26 70.69 115.67 62.84
C TYR LA 26 71.33 116.09 64.17
N ASN LA 27 71.85 117.31 64.18
CA ASN LA 27 72.46 117.89 65.38
C ASN LA 27 72.28 119.39 65.35
N ILE LA 28 71.75 119.94 66.45
CA ILE LA 28 71.45 121.35 66.58
C ILE LA 28 72.19 121.92 67.77
N ASP LA 29 72.78 123.09 67.62
CA ASP LA 29 73.44 123.81 68.71
C ASP LA 29 72.51 124.92 69.18
N GLY LA 30 72.21 124.94 70.47
CA GLY LA 30 71.36 125.96 71.03
C GLY LA 30 72.06 127.12 71.70
N ALA LA 31 73.27 126.91 72.21
CA ALA LA 31 73.99 127.95 72.94
C ALA LA 31 74.75 128.86 71.98
N CYS LA 32 73.99 129.45 71.06
CA CYS LA 32 74.53 130.36 70.07
C CYS LA 32 73.81 131.71 70.16
N VAL LA 33 74.57 132.78 70.00
CA VAL LA 33 74.06 134.14 70.06
C VAL LA 33 74.53 134.91 68.85
N VAL LA 34 73.67 135.80 68.36
CA VAL LA 34 73.88 136.51 67.10
C VAL LA 34 74.46 137.89 67.38
N ASN LA 35 75.35 138.35 66.50
CA ASN LA 35 75.90 139.69 66.57
C ASN LA 35 75.86 140.33 65.19
N GLU LA 36 75.84 141.68 65.19
CA GLU LA 36 76.03 142.47 63.97
C GLU LA 36 74.99 142.15 62.90
N GLY LA 37 73.74 142.44 63.21
CA GLY LA 37 72.70 142.41 62.20
C GLY LA 37 71.74 141.24 62.29
N ASP LA 38 71.40 140.67 61.13
CA ASP LA 38 70.39 139.63 61.05
C ASP LA 38 70.93 138.45 60.24
N VAL LA 39 70.27 137.31 60.40
CA VAL LA 39 70.58 136.10 59.64
C VAL LA 39 69.30 135.60 59.01
N LEU LA 40 69.34 135.33 57.70
CA LEU LA 40 68.20 134.80 56.98
C LEU LA 40 68.09 133.31 57.27
N VAL LA 41 66.86 132.82 57.41
CA VAL LA 41 66.64 131.39 57.62
C VAL LA 41 67.02 130.66 56.33
N GLY LA 42 68.02 129.80 56.41
CA GLY LA 42 68.55 129.14 55.25
C GLY LA 42 69.86 129.71 54.72
N ALA LA 43 70.60 130.45 55.53
CA ALA LA 43 71.86 131.06 55.11
C ALA LA 43 72.96 130.66 56.08
N ALA LA 44 74.18 130.55 55.55
CA ALA LA 44 75.30 130.13 56.35
C ALA LA 44 75.68 131.20 57.37
N VAL LA 45 76.31 130.76 58.46
CA VAL LA 45 76.79 131.66 59.50
C VAL LA 45 78.24 131.31 59.80
N GLN LA 46 78.93 132.26 60.45
CA GLN LA 46 80.31 132.08 60.85
C GLN LA 46 80.44 132.36 62.34
N VAL LA 47 81.41 131.70 62.95
CA VAL LA 47 81.69 131.83 64.38
C VAL LA 47 82.84 132.80 64.57
N VAL LA 48 82.60 133.85 65.34
CA VAL LA 48 83.63 134.87 65.58
C VAL LA 48 84.36 134.68 66.91
N GLN LA 49 83.75 134.02 67.89
CA GLN LA 49 84.38 133.84 69.18
C GLN LA 49 83.65 132.73 69.94
N ALA LA 50 84.42 131.85 70.57
CA ALA LA 50 83.88 130.82 71.45
C ALA LA 50 84.21 131.21 72.87
N GLN LA 51 83.19 131.57 73.64
CA GLN LA 51 83.38 132.00 75.01
C GLN LA 51 84.01 130.88 75.83
N ALA LA 52 85.07 131.20 76.58
CA ALA LA 52 85.86 130.16 77.22
C ALA LA 52 85.14 129.53 78.40
N VAL LA 53 84.54 130.35 79.27
CA VAL LA 53 83.93 129.86 80.49
C VAL LA 53 82.42 129.93 80.45
N ASP LA 54 81.86 130.96 79.81
CA ASP LA 54 80.41 131.09 79.75
C ASP LA 54 79.79 129.99 78.91
N GLY LA 55 80.43 129.63 77.81
CA GLY LA 55 80.00 128.50 77.01
C GLY LA 55 79.19 128.81 75.77
N HIS LA 56 78.89 130.08 75.51
CA HIS LA 56 78.14 130.48 74.34
C HIS LA 56 79.05 130.67 73.14
N LYS LA 57 78.47 130.54 71.96
CA LYS LA 57 79.19 130.75 70.70
C LYS LA 57 78.57 131.92 69.95
N LEU LA 58 79.41 132.87 69.54
CA LEU LA 58 78.96 134.08 68.88
C LEU LA 58 79.04 133.87 67.37
N VAL LA 59 77.91 134.04 66.68
CA VAL LA 59 77.83 133.80 65.25
C VAL LA 59 77.29 135.05 64.56
N LYS LA 60 77.61 135.16 63.28
CA LYS LA 60 77.15 136.28 62.47
C LYS LA 60 77.01 135.79 61.03
N ALA LA 61 76.57 136.70 60.15
CA ALA LA 61 76.42 136.37 58.75
C ALA LA 61 77.78 136.06 58.11
N LEU LA 62 77.77 135.14 57.15
CA LEU LA 62 79.00 134.72 56.51
C LEU LA 62 79.58 135.85 55.65
N THR LA 63 80.90 136.00 55.71
CA THR LA 63 81.60 137.02 54.92
C THR LA 63 82.71 136.39 54.09
N THR LA 64 83.48 137.23 53.40
CA THR LA 64 84.53 136.72 52.53
C THR LA 64 85.69 136.14 53.34
N GLY LA 65 86.32 135.11 52.78
CA GLY LA 65 87.48 134.51 53.40
C GLY LA 65 87.23 133.92 54.78
N THR LA 66 86.11 133.21 54.94
CA THR LA 66 85.73 132.63 56.23
C THR LA 66 85.15 131.25 55.98
N THR LA 67 85.32 130.36 56.97
CA THR LA 67 84.83 129.00 56.89
C THR LA 67 83.45 128.93 57.54
N PRO LA 68 82.42 128.53 56.80
CA PRO LA 68 81.08 128.42 57.41
C PRO LA 68 81.03 127.34 58.47
N TYR LA 69 80.13 127.54 59.43
CA TYR LA 69 79.97 126.61 60.54
C TYR LA 69 78.63 125.90 60.56
N GLY LA 70 77.55 126.55 60.16
CA GLY LA 70 76.25 125.89 60.17
C GLY LA 70 75.24 126.67 59.36
N VAL LA 71 74.01 126.17 59.38
CA VAL LA 71 72.90 126.75 58.65
C VAL LA 71 71.75 126.96 59.61
N ALA LA 72 71.20 128.18 59.63
CA ALA LA 72 70.07 128.48 60.49
C ALA LA 72 68.82 127.74 60.02
N ILE LA 73 68.03 127.26 60.98
CA ILE LA 73 66.85 126.47 60.68
C ILE LA 73 65.59 127.29 60.99
N ARG LA 74 64.45 126.73 60.62
CA ARG LA 74 63.18 127.45 60.66
C ARG LA 74 62.37 127.05 61.88
N SER LA 75 61.95 128.05 62.66
CA SER LA 75 61.13 127.83 63.85
C SER LA 75 60.05 128.89 63.92
N HIS LA 76 58.94 128.55 64.56
CA HIS LA 76 57.78 129.43 64.66
C HIS LA 76 57.80 130.32 65.89
N TRP LA 77 58.75 130.12 66.80
CA TRP LA 77 58.75 130.82 68.08
C TRP LA 77 59.92 131.79 68.24
N GLN LA 78 61.12 131.39 67.85
CA GLN LA 78 62.32 132.17 68.08
C GLN LA 78 62.59 133.22 67.01
N THR LA 79 61.82 133.23 65.94
CA THR LA 79 62.08 134.11 64.80
C THR LA 79 61.16 135.32 64.81
N VAL LA 80 61.45 136.26 63.92
CA VAL LA 80 60.62 137.45 63.73
C VAL LA 80 60.32 137.61 62.24
N ASN LA 81 59.18 138.23 61.96
CA ASN LA 81 58.71 138.43 60.59
C ASN LA 81 59.04 139.86 60.17
N ALA LA 82 60.06 140.01 59.35
CA ALA LA 82 60.48 141.31 58.85
C ALA LA 82 60.68 141.24 57.35
N GLN LA 83 60.47 142.38 56.69
CA GLN LA 83 60.38 142.48 55.23
C GLN LA 83 59.64 141.28 54.62
N ASN LA 84 58.53 140.91 55.26
CA ASN LA 84 57.67 139.81 54.82
C ASN LA 84 58.46 138.51 54.67
N GLN LA 85 59.29 138.19 55.65
CA GLN LA 85 60.07 136.97 55.62
C GLN LA 85 60.58 136.70 57.04
N MET LA 86 60.94 135.44 57.27
CA MET LA 86 61.37 134.98 58.59
C MET LA 86 62.86 135.21 58.79
N ILE LA 87 63.24 135.86 59.90
CA ILE LA 87 64.64 136.13 60.20
C ILE LA 87 64.88 135.97 61.70
N TYR LA 88 66.15 136.00 62.07
CA TYR LA 88 66.59 136.03 63.46
C TYR LA 88 67.17 137.41 63.75
N GLU LA 89 66.66 138.07 64.78
CA GLU LA 89 67.11 139.41 65.09
C GLU LA 89 68.49 139.38 65.76
N ASP LA 90 69.05 140.56 65.96
CA ASP LA 90 70.33 140.68 66.63
C ASP LA 90 70.17 140.44 68.13
N GLY LA 91 71.21 139.91 68.76
CA GLY LA 91 71.22 139.74 70.19
C GLY LA 91 70.26 138.72 70.73
N GLY LA 92 69.86 137.74 69.92
CA GLY LA 92 68.93 136.73 70.36
C GLY LA 92 69.47 135.34 70.07
N ALA LA 93 68.96 134.37 70.84
CA ALA LA 93 69.36 132.98 70.66
C ALA LA 93 68.91 132.46 69.31
N ILE LA 94 69.77 131.69 68.67
CA ILE LA 94 69.52 131.17 67.33
C ILE LA 94 69.76 129.66 67.34
N ASN LA 95 69.10 128.97 66.42
CA ASN LA 95 69.26 127.53 66.24
C ASN LA 95 70.16 127.28 65.02
N VAL LA 96 71.25 126.58 65.22
CA VAL LA 96 72.23 126.33 64.18
C VAL LA 96 72.33 124.83 63.96
N MET LA 97 72.09 124.39 62.73
CA MET LA 97 72.29 123.00 62.33
C MET LA 97 73.76 122.75 62.05
N THR LA 98 74.30 121.65 62.59
CA THR LA 98 75.70 121.33 62.37
C THR LA 98 75.92 120.09 61.51
N SER LA 99 74.91 119.23 61.38
CA SER LA 99 75.04 118.01 60.58
C SER LA 99 73.65 117.48 60.29
N GLY LA 100 73.43 117.01 59.06
CA GLY LA 100 72.14 116.46 58.68
C GLY LA 100 71.79 116.85 57.25
N ARG LA 101 70.49 116.89 56.98
CA ARG LA 101 69.98 117.31 55.68
C ARG LA 101 69.15 118.57 55.87
N VAL LA 102 69.42 119.61 55.08
CA VAL LA 102 68.73 120.87 55.23
C VAL LA 102 68.47 121.51 53.86
N TRP LA 103 67.34 122.20 53.76
CA TRP LA 103 67.02 123.00 52.59
C TRP LA 103 67.67 124.37 52.74
N MET LA 104 68.29 124.85 51.67
CA MET LA 104 69.08 126.07 51.70
C MET LA 104 68.76 126.92 50.48
N LEU LA 105 68.83 128.24 50.66
CA LEU LA 105 68.62 129.16 49.56
C LEU LA 105 69.72 129.02 48.52
N SER LA 106 69.38 129.29 47.26
CA SER LA 106 70.33 129.14 46.17
C SER LA 106 70.29 130.35 45.25
N LYS LA 107 71.39 130.55 44.52
CA LYS LA 107 71.50 131.60 43.52
C LYS LA 107 71.84 131.07 42.13
N SER LA 108 72.05 129.77 41.99
CA SER LA 108 72.43 129.20 40.71
C SER LA 108 71.20 128.96 39.83
N THR LA 109 71.44 128.36 38.66
CA THR LA 109 70.39 128.08 37.70
C THR LA 109 70.41 126.67 37.15
N GLU LA 110 71.35 125.82 37.58
CA GLU LA 110 71.49 124.47 37.07
C GLU LA 110 71.34 123.47 38.21
N ALA LA 111 70.78 122.29 37.88
CA ALA LA 111 70.65 121.24 38.87
C ALA LA 111 72.03 120.73 39.27
N PRO LA 112 72.27 120.50 40.56
CA PRO LA 112 73.60 120.08 41.01
C PRO LA 112 73.82 118.58 40.80
N THR LA 113 75.07 118.18 40.95
CA THR LA 113 75.48 116.79 40.80
C THR LA 113 75.47 116.11 42.16
N PHE LA 114 75.00 114.87 42.21
CA PHE LA 114 74.89 114.15 43.47
C PHE LA 114 76.27 113.85 44.04
N GLY LA 115 76.48 114.23 45.31
CA GLY LA 115 77.68 113.90 46.01
C GLY LA 115 78.84 114.86 45.84
N SER LA 116 78.71 115.87 44.98
CA SER LA 116 79.78 116.82 44.78
C SER LA 116 79.83 117.84 45.91
N ALA LA 117 80.96 118.52 46.02
CA ALA LA 117 81.16 119.49 47.08
C ALA LA 117 80.29 120.73 46.85
N VAL LA 118 80.06 121.47 47.93
CA VAL LA 118 79.22 122.66 47.90
C VAL LA 118 80.11 123.89 47.94
N LYS LA 119 79.81 124.86 47.08
CA LYS LA 119 80.50 126.14 47.04
C LYS LA 119 79.49 127.24 47.39
N LEU LA 120 79.86 128.11 48.32
CA LEU LA 120 78.95 129.14 48.79
C LEU LA 120 79.37 130.51 48.25
N ASP LA 121 78.49 131.48 48.45
CA ASP LA 121 78.74 132.86 48.03
C ASP LA 121 79.24 133.66 49.22
N VAL LA 122 79.51 134.96 49.00
CA VAL LA 122 80.02 135.82 50.06
C VAL LA 122 78.94 136.33 50.99
N ASP LA 123 77.69 135.93 50.78
CA ASP LA 123 76.58 136.35 51.62
C ASP LA 123 75.87 135.18 52.29
N GLY LA 124 76.38 133.96 52.14
CA GLY LA 124 75.82 132.81 52.82
C GLY LA 124 74.84 131.98 52.03
N GLN LA 125 74.75 132.17 50.73
CA GLN LA 125 73.84 131.40 49.88
C GLN LA 125 74.63 130.55 48.91
N GLU LA 126 74.12 129.35 48.63
CA GLU LA 126 74.82 128.43 47.74
C GLU LA 126 74.87 129.01 46.34
N LYS LA 127 75.97 128.75 45.64
CA LYS LA 127 76.16 129.22 44.28
C LYS LA 127 76.99 128.20 43.52
N SER LA 128 76.71 128.04 42.23
CA SER LA 128 77.38 127.01 41.44
C SER LA 128 78.88 127.26 41.39
N ASP LA 129 79.29 128.51 41.18
CA ASP LA 129 80.70 128.89 41.15
C ASP LA 129 80.97 130.02 42.14
N GLY LA 130 81.20 129.63 43.40
CA GLY LA 130 81.45 130.56 44.47
C GLY LA 130 82.91 130.61 44.88
N THR LA 131 83.22 131.64 45.68
CA THR LA 131 84.58 131.86 46.15
C THR LA 131 84.87 131.24 47.50
N ILE LA 132 83.90 130.57 48.12
CA ILE LA 132 84.08 129.93 49.41
C ILE LA 132 83.88 128.43 49.22
N GLU LA 133 84.90 127.66 49.58
CA GLU LA 133 84.87 126.21 49.43
C GLU LA 133 84.60 125.55 50.78
N THR LA 134 83.64 124.63 50.80
CA THR LA 134 83.19 123.97 52.02
C THR LA 134 83.39 122.47 51.88
N THR LA 135 83.21 121.76 52.99
CA THR LA 135 83.29 120.31 53.02
C THR LA 135 81.92 119.64 52.96
N TRP LA 136 80.85 120.43 52.85
CA TRP LA 136 79.50 119.87 52.79
C TRP LA 136 79.29 119.16 51.45
N THR LA 137 78.12 118.55 51.30
CA THR LA 137 77.80 117.87 50.06
C THR LA 137 76.38 118.19 49.61
N TYR LA 138 76.12 118.03 48.32
CA TYR LA 138 74.76 118.05 47.82
C TYR LA 138 74.08 116.74 48.18
N ALA LA 139 72.75 116.77 48.24
CA ALA LA 139 71.99 115.54 48.48
C ALA LA 139 70.96 115.25 47.40
N GLY LA 140 70.97 115.99 46.30
CA GLY LA 140 70.15 115.70 45.15
C GLY LA 140 68.86 116.50 45.06
N GLY LA 141 68.42 117.11 46.15
CA GLY LA 141 67.20 117.88 46.12
C GLY LA 141 67.35 119.16 45.32
N TRP LA 142 66.30 119.48 44.56
CA TRP LA 142 66.30 120.69 43.73
C TRP LA 142 64.85 121.03 43.41
N THR LA 143 64.37 122.13 43.97
CA THR LA 143 62.97 122.53 43.78
C THR LA 143 62.91 124.05 43.78
N LYS LA 144 61.68 124.58 43.74
CA LYS LA 144 61.45 126.02 43.77
C LYS LA 144 60.08 126.27 44.36
N TYR LA 145 60.00 127.24 45.27
CA TYR LA 145 58.75 127.61 45.91
C TYR LA 145 58.41 129.05 45.56
N LYS LA 146 57.48 129.22 44.62
CA LYS LA 146 56.96 130.54 44.21
C LYS LA 146 58.11 131.51 43.93
N ASP LA 147 58.97 131.11 42.99
CA ASP LA 147 60.13 131.90 42.58
C ASP LA 147 61.10 132.10 43.75
N ILE LA 148 61.50 130.99 44.37
CA ILE LA 148 62.57 130.96 45.36
C ILE LA 148 63.35 129.68 45.13
N GLN LA 149 64.64 129.80 44.81
CA GLN LA 149 65.46 128.63 44.52
C GLN LA 149 65.94 127.94 45.79
N LEU LA 150 65.59 126.66 45.95
CA LEU LA 150 65.98 125.87 47.09
C LEU LA 150 66.82 124.68 46.66
N VAL LA 151 67.80 124.30 47.49
CA VAL LA 151 68.65 123.15 47.24
C VAL LA 151 68.76 122.36 48.53
N GLU LA 152 69.16 121.09 48.42
CA GLU LA 152 69.25 120.20 49.57
C GLU LA 152 70.70 119.85 49.85
N VAL LA 153 71.14 120.19 51.07
CA VAL LA 153 72.55 120.09 51.44
C VAL LA 153 72.71 119.16 52.63
N GLN LA 154 73.69 118.26 52.53
CA GLN LA 154 74.14 117.41 53.62
C GLN LA 154 75.29 118.10 54.34
N LEU LA 155 75.09 118.34 55.63
CA LEU LA 155 76.02 119.07 56.49
C LEU LA 155 76.78 118.08 57.35
N HIS LA 156 78.10 118.24 57.40
CA HIS LA 156 78.98 117.43 58.22
C HIS LA 156 79.51 118.24 59.38
N GLN LA 157 79.67 117.58 60.53
CA GLN LA 157 80.16 118.26 61.73
C GLN LA 157 81.58 118.79 61.52
N LEU LA 158 81.80 120.03 61.92
CA LEU LA 158 83.12 120.64 61.79
C LEU LA 158 84.03 120.23 62.94
N GLN MA 3 78.34 51.12 81.70
CA GLN MA 3 78.17 52.28 80.85
C GLN MA 3 78.05 53.55 81.70
N ILE MA 4 78.52 54.67 81.16
CA ILE MA 4 78.51 55.95 81.84
C ILE MA 4 77.96 57.01 80.90
N ASN MA 5 77.21 57.95 81.46
CA ASN MA 5 76.59 58.99 80.65
C ASN MA 5 77.63 59.98 80.15
N ALA MA 6 77.21 60.83 79.20
CA ALA MA 6 78.06 61.86 78.66
C ALA MA 6 77.21 63.06 78.25
N SER MA 7 77.82 64.24 78.33
CA SER MA 7 77.18 65.47 77.88
C SER MA 7 78.10 66.18 76.90
N TYR MA 8 77.51 66.90 75.96
CA TYR MA 8 78.25 67.50 74.87
C TYR MA 8 78.05 69.01 74.88
N GLN MA 9 78.75 69.69 73.97
CA GLN MA 9 78.72 71.14 73.94
C GLN MA 9 79.00 71.63 72.52
N ARG MA 10 78.31 72.70 72.12
CA ARG MA 10 78.52 73.31 70.82
C ARG MA 10 78.49 74.83 70.97
N ASP MA 11 79.22 75.51 70.09
CA ASP MA 11 79.31 76.96 70.09
C ASP MA 11 78.58 77.53 68.89
N MET MA 12 77.85 78.62 69.12
CA MET MA 12 77.06 79.24 68.07
C MET MA 12 77.96 79.99 67.10
N ALA MA 13 77.47 80.16 65.87
CA ALA MA 13 78.15 81.04 64.94
C ALA MA 13 77.98 82.49 65.37
N ILE MA 14 78.90 83.34 64.94
CA ILE MA 14 78.92 84.71 65.43
C ILE MA 14 78.13 85.64 64.53
N ALA MA 15 78.29 85.53 63.21
CA ALA MA 15 77.81 86.55 62.30
C ALA MA 15 77.18 85.92 61.07
N LEU MA 16 76.38 86.72 60.37
CA LEU MA 16 75.74 86.38 59.11
C LEU MA 16 76.01 87.53 58.15
N PRO MA 17 76.01 87.25 56.84
CA PRO MA 17 76.31 88.32 55.88
C PRO MA 17 75.31 89.48 55.96
N GLY MA 18 75.83 90.69 55.84
CA GLY MA 18 74.98 91.87 55.83
C GLY MA 18 74.20 92.09 57.11
N MET MA 19 74.76 91.72 58.24
CA MET MA 19 74.09 91.83 59.53
C MET MA 19 74.63 93.03 60.29
N VAL MA 20 73.72 93.80 60.89
CA VAL MA 20 74.13 94.93 61.73
C VAL MA 20 74.98 94.40 62.88
N ALA MA 21 76.20 94.92 63.00
CA ALA MA 21 77.16 94.34 63.95
C ALA MA 21 76.71 94.56 65.38
N ASP MA 22 76.38 95.80 65.74
CA ASP MA 22 76.05 96.14 67.12
C ASP MA 22 75.30 97.47 67.14
N THR MA 23 74.88 97.87 68.33
CA THR MA 23 73.95 98.98 68.50
C THR MA 23 74.65 100.33 68.62
N SER MA 24 75.85 100.47 68.08
CA SER MA 24 76.49 101.77 68.02
C SER MA 24 75.70 102.68 67.10
N LYS MA 25 75.99 103.97 67.16
CA LYS MA 25 75.22 104.99 66.44
C LYS MA 25 75.26 104.70 64.95
N TYR MA 26 74.11 104.32 64.39
CA TYR MA 26 74.01 103.94 62.98
C TYR MA 26 73.04 104.86 62.25
N ASN MA 27 72.91 104.62 60.94
CA ASN MA 27 71.99 105.37 60.10
C ASN MA 27 71.71 104.55 58.85
N ILE MA 28 70.43 104.32 58.57
CA ILE MA 28 70.00 103.46 57.46
C ILE MA 28 69.00 104.22 56.61
N ASP MA 29 69.30 104.33 55.31
CA ASP MA 29 68.42 104.99 54.34
C ASP MA 29 67.48 103.95 53.76
N GLY MA 30 66.18 104.23 53.81
CA GLY MA 30 65.17 103.35 53.25
C GLY MA 30 64.34 103.95 52.14
N ALA MA 31 64.64 105.16 51.69
CA ALA MA 31 63.93 105.79 50.58
C ALA MA 31 64.63 105.55 49.26
N CYS MA 32 65.32 104.42 49.14
CA CYS MA 32 66.04 104.05 47.93
C CYS MA 32 65.29 102.93 47.22
N VAL MA 33 65.68 102.68 45.97
CA VAL MA 33 65.06 101.65 45.14
C VAL MA 33 66.12 101.03 44.25
N VAL MA 34 66.05 99.70 44.10
CA VAL MA 34 66.98 98.97 43.24
C VAL MA 34 66.61 99.22 41.79
N ASN MA 35 67.64 99.46 40.97
CA ASN MA 35 67.46 99.75 39.55
C ASN MA 35 68.27 98.76 38.73
N GLU MA 36 67.64 98.21 37.69
CA GLU MA 36 68.25 97.34 36.69
C GLU MA 36 69.16 96.26 37.28
N GLY MA 37 68.61 95.35 38.07
CA GLY MA 37 69.34 94.21 38.55
C GLY MA 37 68.91 93.84 39.95
N ASP MA 38 69.75 93.06 40.62
CA ASP MA 38 69.52 92.64 41.99
C ASP MA 38 70.81 92.81 42.79
N VAL MA 39 70.65 93.00 44.09
CA VAL MA 39 71.77 93.29 44.99
C VAL MA 39 71.87 92.19 46.03
N LEU MA 40 73.05 91.61 46.16
CA LEU MA 40 73.32 90.62 47.21
C LEU MA 40 73.36 91.30 48.56
N VAL MA 41 72.82 90.63 49.58
CA VAL MA 41 72.85 91.18 50.93
C VAL MA 41 74.26 91.06 51.47
N GLY MA 42 74.86 92.19 51.80
CA GLY MA 42 76.24 92.24 52.29
C GLY MA 42 77.25 92.78 51.32
N ALA MA 43 76.83 93.36 50.19
CA ALA MA 43 77.73 93.92 49.19
C ALA MA 43 77.44 95.39 49.00
N ALA MA 44 78.47 96.12 48.58
CA ALA MA 44 78.37 97.56 48.39
C ALA MA 44 77.42 97.90 47.24
N VAL MA 45 76.88 99.12 47.29
CA VAL MA 45 75.95 99.61 46.29
C VAL MA 45 76.42 100.98 45.82
N GLN MA 46 75.93 101.40 44.65
CA GLN MA 46 76.26 102.70 44.10
C GLN MA 46 74.99 103.38 43.64
N VAL MA 47 74.97 104.71 43.80
CA VAL MA 47 73.82 105.55 43.47
C VAL MA 47 74.03 106.12 42.08
N VAL MA 48 73.02 106.01 41.22
CA VAL MA 48 73.17 106.42 39.83
C VAL MA 48 72.45 107.74 39.58
N GLN MA 49 71.38 108.00 40.33
CA GLN MA 49 70.62 109.23 40.11
C GLN MA 49 69.73 109.48 41.32
N ALA MA 50 69.57 110.75 41.69
CA ALA MA 50 68.66 111.16 42.74
C ALA MA 50 67.58 112.05 42.12
N GLN MA 51 66.32 111.70 42.35
CA GLN MA 51 65.22 112.44 41.76
C GLN MA 51 65.06 113.79 42.46
N ALA MA 52 64.80 114.84 41.66
CA ALA MA 52 64.78 116.19 42.20
C ALA MA 52 63.53 116.44 43.04
N VAL MA 53 62.37 116.03 42.57
CA VAL MA 53 61.11 116.40 43.22
C VAL MA 53 60.45 115.20 43.88
N ASP MA 54 60.87 113.99 43.49
CA ASP MA 54 60.27 112.79 44.07
C ASP MA 54 61.04 112.33 45.31
N GLY MA 55 62.36 112.30 45.24
CA GLY MA 55 63.19 112.03 46.40
C GLY MA 55 63.80 110.64 46.46
N HIS MA 56 63.30 109.69 45.69
CA HIS MA 56 63.84 108.34 45.73
C HIS MA 56 65.24 108.30 45.10
N LYS MA 57 66.05 107.38 45.59
CA LYS MA 57 67.42 107.22 45.16
C LYS MA 57 67.57 105.90 44.41
N LEU MA 58 68.02 105.97 43.17
CA LEU MA 58 68.20 104.78 42.34
C LEU MA 58 69.57 104.19 42.62
N VAL MA 59 69.60 102.94 43.08
CA VAL MA 59 70.85 102.29 43.44
C VAL MA 59 70.98 101.00 42.65
N LYS MA 60 72.23 100.55 42.50
CA LYS MA 60 72.49 99.26 41.86
C LYS MA 60 73.83 98.74 42.34
N ALA MA 61 74.20 97.57 41.79
CA ALA MA 61 75.44 96.91 42.22
C ALA MA 61 76.66 97.74 41.84
N LEU MA 62 77.68 97.67 42.68
CA LEU MA 62 78.90 98.42 42.45
C LEU MA 62 79.68 97.83 41.28
N THR MA 63 80.19 98.72 40.42
CA THR MA 63 80.98 98.28 39.27
C THR MA 63 82.33 98.99 39.24
N THR MA 64 83.06 98.84 38.14
CA THR MA 64 84.40 99.40 38.04
C THR MA 64 84.36 100.93 37.92
N GLY MA 65 85.35 101.57 38.52
CA GLY MA 65 85.50 103.01 38.40
C GLY MA 65 84.34 103.82 38.94
N THR MA 66 83.78 103.40 40.06
CA THR MA 66 82.69 104.12 40.70
C THR MA 66 83.00 104.30 42.18
N THR MA 67 82.07 104.95 42.88
CA THR MA 67 82.22 105.22 44.30
C THR MA 67 81.08 104.58 45.07
N PRO MA 68 81.34 103.74 46.06
CA PRO MA 68 80.25 103.10 46.81
C PRO MA 68 79.53 104.10 47.69
N TYR MA 69 78.31 103.71 48.08
CA TYR MA 69 77.47 104.53 48.93
C TYR MA 69 77.04 103.85 50.22
N GLY MA 70 76.86 102.54 50.23
CA GLY MA 70 76.44 101.86 51.43
C GLY MA 70 76.38 100.37 51.23
N VAL MA 71 75.90 99.67 52.26
CA VAL MA 71 75.86 98.22 52.29
C VAL MA 71 74.44 97.78 52.64
N ALA MA 72 73.89 96.87 51.85
CA ALA MA 72 72.58 96.32 52.14
C ALA MA 72 72.62 95.49 53.41
N ILE MA 73 71.49 95.42 54.11
CA ILE MA 73 71.40 94.75 55.39
C ILE MA 73 70.29 93.70 55.34
N ARG MA 74 70.31 92.80 56.32
CA ARG MA 74 69.32 91.74 56.39
C ARG MA 74 67.97 92.28 56.85
N SER MA 75 66.90 91.74 56.25
CA SER MA 75 65.54 92.06 56.65
C SER MA 75 64.65 90.93 56.20
N HIS MA 76 63.98 90.27 57.15
CA HIS MA 76 63.18 89.11 56.83
C HIS MA 76 61.93 89.45 56.03
N TRP MA 77 61.58 90.72 55.93
CA TRP MA 77 60.35 91.14 55.28
C TRP MA 77 60.55 91.68 53.87
N GLN MA 78 61.65 92.39 53.61
CA GLN MA 78 61.83 93.15 52.38
C GLN MA 78 62.75 92.43 51.39
N THR MA 79 63.05 91.16 51.64
CA THR MA 79 64.02 90.43 50.83
C THR MA 79 63.35 89.23 50.18
N VAL MA 80 64.05 88.64 49.20
CA VAL MA 80 63.57 87.46 48.49
C VAL MA 80 64.66 86.40 48.49
N ASN MA 81 64.25 85.14 48.59
CA ASN MA 81 65.17 84.01 48.62
C ASN MA 81 65.45 83.56 47.19
N ALA MA 82 66.66 83.81 46.72
CA ALA MA 82 67.05 83.44 45.36
C ALA MA 82 68.44 82.84 45.38
N GLN MA 83 68.64 81.81 44.55
CA GLN MA 83 69.92 81.11 44.38
C GLN MA 83 70.56 80.75 45.72
N ASN MA 84 69.74 80.19 46.61
CA ASN MA 84 70.12 79.71 47.93
C ASN MA 84 70.70 80.82 48.82
N GLN MA 85 70.51 82.07 48.44
CA GLN MA 85 70.88 83.22 49.25
C GLN MA 85 69.67 84.15 49.35
N MET MA 86 69.89 85.30 49.97
CA MET MA 86 68.84 86.28 50.21
C MET MA 86 69.24 87.60 49.57
N ILE MA 87 68.40 88.12 48.67
CA ILE MA 87 68.74 89.28 47.87
C ILE MA 87 67.57 90.25 47.84
N TYR MA 88 67.78 91.38 47.16
CA TYR MA 88 66.75 92.35 46.85
C TYR MA 88 66.54 92.36 45.34
N GLU MA 89 65.29 92.21 44.92
CA GLU MA 89 64.98 92.09 43.50
C GLU MA 89 64.78 93.47 42.88
N ASP MA 90 64.60 93.48 41.56
CA ASP MA 90 64.50 94.73 40.82
C ASP MA 90 63.18 95.43 41.12
N GLY MA 91 63.23 96.76 41.16
CA GLY MA 91 62.04 97.56 41.41
C GLY MA 91 61.46 97.40 42.80
N GLY MA 92 62.30 97.41 43.83
CA GLY MA 92 61.82 97.29 45.19
C GLY MA 92 62.64 98.15 46.13
N ALA MA 93 62.04 98.45 47.28
CA ALA MA 93 62.73 99.26 48.29
C ALA MA 93 63.87 98.48 48.91
N ILE MA 94 64.93 99.18 49.27
CA ILE MA 94 66.15 98.59 49.80
C ILE MA 94 66.57 99.35 51.04
N ASN MA 95 67.31 98.69 51.93
CA ASN MA 95 67.90 99.33 53.10
C ASN MA 95 69.39 99.49 52.87
N VAL MA 96 69.88 100.72 52.90
CA VAL MA 96 71.29 101.01 52.67
C VAL MA 96 71.86 101.65 53.93
N MET MA 97 72.80 100.97 54.56
CA MET MA 97 73.39 101.43 55.81
C MET MA 97 74.56 102.36 55.50
N THR MA 98 74.41 103.64 55.86
CA THR MA 98 75.38 104.65 55.47
C THR MA 98 76.37 105.02 56.57
N SER MA 99 76.22 104.49 57.78
CA SER MA 99 77.15 104.78 58.86
C SER MA 99 76.98 103.74 59.96
N GLY MA 100 78.10 103.26 60.50
CA GLY MA 100 78.06 102.32 61.60
C GLY MA 100 78.82 101.06 61.27
N ARG MA 101 78.63 100.03 62.10
CA ARG MA 101 79.40 98.79 61.98
C ARG MA 101 78.52 97.71 61.37
N VAL MA 102 79.06 97.03 60.35
CA VAL MA 102 78.29 96.02 59.63
C VAL MA 102 79.21 94.88 59.21
N TRP MA 103 78.66 93.67 59.14
CA TRP MA 103 79.36 92.51 58.62
C TRP MA 103 79.13 92.44 57.12
N MET MA 104 80.17 92.08 56.37
CA MET MA 104 80.02 91.98 54.93
C MET MA 104 80.96 90.91 54.37
N LEU MA 105 80.64 90.47 53.16
CA LEU MA 105 81.36 89.39 52.50
C LEU MA 105 82.79 89.80 52.16
N SER MA 106 83.68 88.83 52.12
CA SER MA 106 85.08 89.08 51.77
C SER MA 106 85.61 87.97 50.89
N LYS MA 107 86.58 88.33 50.05
CA LYS MA 107 87.32 87.36 49.25
C LYS MA 107 88.75 87.18 49.76
N SER MA 108 89.14 87.88 50.82
CA SER MA 108 90.50 87.84 51.30
C SER MA 108 90.81 86.48 51.92
N THR MA 109 92.10 86.25 52.19
CA THR MA 109 92.57 85.01 52.78
C THR MA 109 93.21 85.18 54.15
N GLU MA 110 93.56 86.40 54.54
CA GLU MA 110 94.21 86.66 55.81
C GLU MA 110 93.47 87.74 56.58
N ALA MA 111 93.58 87.70 57.90
CA ALA MA 111 92.93 88.70 58.73
C ALA MA 111 93.56 90.07 58.48
N PRO MA 112 92.77 91.13 58.49
CA PRO MA 112 93.31 92.47 58.22
C PRO MA 112 93.80 93.15 59.50
N THR MA 113 94.35 94.35 59.31
CA THR MA 113 94.86 95.15 60.41
C THR MA 113 93.81 96.17 60.84
N PHE MA 114 93.60 96.28 62.15
CA PHE MA 114 92.60 97.19 62.68
C PHE MA 114 92.94 98.63 62.34
N GLY MA 115 91.95 99.37 61.84
CA GLY MA 115 92.10 100.78 61.55
C GLY MA 115 92.50 101.11 60.13
N SER MA 116 92.90 100.12 59.33
CA SER MA 116 93.31 100.38 57.97
C SER MA 116 92.09 100.67 57.08
N ALA MA 117 92.36 101.24 55.91
CA ALA MA 117 91.30 101.54 54.97
C ALA MA 117 90.82 100.26 54.28
N VAL MA 118 89.57 100.28 53.84
CA VAL MA 118 88.95 99.13 53.19
C VAL MA 118 89.07 99.28 51.68
N LYS MA 119 89.60 98.25 51.02
CA LYS MA 119 89.67 98.18 49.57
C LYS MA 119 88.61 97.21 49.08
N LEU MA 120 87.95 97.55 47.97
CA LEU MA 120 86.84 96.76 47.47
C LEU MA 120 87.16 96.18 46.10
N ASP MA 121 86.56 95.03 45.82
CA ASP MA 121 86.68 94.40 44.51
C ASP MA 121 85.67 95.02 43.54
N VAL MA 122 85.82 94.67 42.27
CA VAL MA 122 84.99 95.25 41.22
C VAL MA 122 83.53 94.84 41.38
N ASP MA 123 83.28 93.68 41.97
CA ASP MA 123 81.92 93.17 42.12
C ASP MA 123 81.24 93.61 43.41
N GLY MA 124 81.90 94.44 44.22
CA GLY MA 124 81.29 94.97 45.42
C GLY MA 124 81.56 94.22 46.69
N GLN MA 125 82.53 93.30 46.71
CA GLN MA 125 82.86 92.53 47.89
C GLN MA 125 84.25 92.94 48.39
N GLU MA 126 84.43 92.91 49.71
CA GLU MA 126 85.69 93.32 50.30
C GLU MA 126 86.81 92.36 49.88
N LYS MA 127 87.96 92.93 49.55
CA LYS MA 127 89.11 92.13 49.15
C LYS MA 127 90.37 92.94 49.38
N SER MA 128 91.46 92.26 49.76
CA SER MA 128 92.75 92.93 49.84
C SER MA 128 93.19 93.37 48.44
N ASP MA 129 94.25 94.19 48.42
CA ASP MA 129 94.92 94.71 47.21
C ASP MA 129 93.94 95.01 46.08
N GLY MA 130 92.80 95.61 46.42
CA GLY MA 130 91.77 95.87 45.44
C GLY MA 130 92.01 97.16 44.68
N THR MA 131 91.05 97.47 43.80
CA THR MA 131 91.14 98.65 42.95
C THR MA 131 90.40 99.85 43.51
N ILE MA 132 89.14 99.68 43.87
CA ILE MA 132 88.33 100.78 44.38
C ILE MA 132 88.76 101.12 45.80
N GLU MA 133 89.00 102.40 46.05
CA GLU MA 133 89.43 102.88 47.36
C GLU MA 133 88.31 103.68 48.01
N THR MA 134 88.13 103.47 49.31
CA THR MA 134 87.04 104.06 50.08
C THR MA 134 87.59 104.81 51.29
N THR MA 135 86.68 105.25 52.15
CA THR MA 135 87.03 105.86 53.43
C THR MA 135 86.57 105.02 54.61
N TRP MA 136 86.00 103.85 54.34
CA TRP MA 136 85.57 102.93 55.40
C TRP MA 136 86.79 102.30 56.05
N THR MA 137 86.60 101.81 57.27
CA THR MA 137 87.70 101.23 58.03
C THR MA 137 87.33 99.83 58.50
N TYR MA 138 88.34 99.10 58.97
CA TYR MA 138 88.08 97.80 59.58
C TYR MA 138 87.75 97.98 61.06
N ALA MA 139 86.82 97.16 61.56
CA ALA MA 139 86.37 97.28 62.93
C ALA MA 139 86.88 96.18 63.83
N GLY MA 140 87.82 95.36 63.35
CA GLY MA 140 88.34 94.28 64.16
C GLY MA 140 87.37 93.13 64.30
N GLY MA 141 87.04 92.49 63.19
CA GLY MA 141 86.17 91.33 63.20
C GLY MA 141 86.50 90.40 62.06
N TRP MA 142 86.73 89.12 62.37
CA TRP MA 142 87.19 88.17 61.37
C TRP MA 142 86.70 86.78 61.76
N THR MA 143 85.63 86.32 61.13
CA THR MA 143 85.11 84.98 61.38
C THR MA 143 84.56 84.43 60.07
N LYS MA 144 84.39 83.12 60.03
CA LYS MA 144 83.89 82.43 58.85
C LYS MA 144 82.66 81.62 59.22
N TYR MA 145 81.66 81.65 58.36
CA TYR MA 145 80.40 80.92 58.57
C TYR MA 145 80.27 79.87 57.46
N LYS MA 146 80.72 78.65 57.76
CA LYS MA 146 80.56 77.51 56.87
C LYS MA 146 80.98 77.81 55.44
N ASP MA 147 82.27 78.06 55.23
CA ASP MA 147 82.91 78.33 53.95
C ASP MA 147 82.53 79.69 53.38
N ILE MA 148 81.99 80.59 54.19
CA ILE MA 148 81.71 81.97 53.76
C ILE MA 148 82.54 82.90 54.64
N GLN MA 149 83.32 83.76 53.99
CA GLN MA 149 84.25 84.62 54.71
C GLN MA 149 83.62 85.99 54.95
N LEU MA 150 83.59 86.40 56.22
CA LEU MA 150 82.95 87.64 56.63
C LEU MA 150 84.00 88.56 57.25
N VAL MA 151 83.68 89.85 57.28
CA VAL MA 151 84.57 90.85 57.85
C VAL MA 151 83.73 92.01 58.39
N GLU MA 152 84.23 92.65 59.43
CA GLU MA 152 83.51 93.72 60.12
C GLU MA 152 84.05 95.08 59.68
N VAL MA 153 83.17 95.92 59.14
CA VAL MA 153 83.56 97.18 58.53
C VAL MA 153 82.81 98.32 59.20
N GLN MA 154 83.53 99.40 59.50
CA GLN MA 154 82.97 100.65 60.00
C GLN MA 154 82.80 101.61 58.83
N LEU MA 155 81.59 102.17 58.70
CA LEU MA 155 81.20 103.02 57.58
C LEU MA 155 80.98 104.44 58.06
N HIS MA 156 81.63 105.39 57.39
CA HIS MA 156 81.44 106.81 57.60
C HIS MA 156 80.59 107.37 56.48
N GLN MA 157 79.65 108.25 56.82
CA GLN MA 157 78.70 108.75 55.84
C GLN MA 157 79.42 109.57 54.77
N LEU MA 158 79.02 109.36 53.51
CA LEU MA 158 79.58 110.09 52.39
C LEU MA 158 79.26 111.57 52.49
N GLN NA 3 76.37 148.05 113.64
CA GLN NA 3 76.99 147.06 112.76
C GLN NA 3 76.28 147.00 111.42
N ILE NA 4 77.01 146.56 110.40
CA ILE NA 4 76.50 146.42 109.04
C ILE NA 4 76.60 144.95 108.65
N ASN NA 5 75.48 144.38 108.21
CA ASN NA 5 75.47 142.98 107.82
C ASN NA 5 76.16 142.78 106.47
N ALA NA 6 76.42 141.52 106.14
CA ALA NA 6 77.10 141.16 104.91
C ALA NA 6 76.50 139.89 104.33
N SER NA 7 76.62 139.74 103.02
CA SER NA 7 76.18 138.54 102.31
C SER NA 7 77.27 138.11 101.35
N TYR NA 8 77.61 136.82 101.39
CA TYR NA 8 78.70 136.27 100.60
C TYR NA 8 78.17 135.36 99.50
N GLN NA 9 78.94 135.27 98.42
CA GLN NA 9 78.56 134.46 97.26
C GLN NA 9 79.78 133.72 96.73
N ARG NA 10 79.59 132.45 96.41
CA ARG NA 10 80.65 131.63 95.82
C ARG NA 10 80.11 130.91 94.59
N ASP NA 11 80.96 130.79 93.57
CA ASP NA 11 80.60 130.18 92.30
C ASP NA 11 81.24 128.81 92.18
N MET NA 12 80.45 127.83 91.77
CA MET NA 12 80.96 126.47 91.61
C MET NA 12 81.92 126.39 90.43
N ALA NA 13 82.73 125.34 90.42
CA ALA NA 13 83.61 125.09 89.29
C ALA NA 13 82.80 124.67 88.08
N ILE NA 14 83.42 124.76 86.91
CA ILE NA 14 82.73 124.45 85.66
C ILE NA 14 82.70 122.96 85.40
N ALA NA 15 83.84 122.26 85.54
CA ALA NA 15 83.89 120.85 85.19
C ALA NA 15 85.00 120.15 85.95
N LEU NA 16 84.93 118.83 85.98
CA LEU NA 16 85.91 117.93 86.54
C LEU NA 16 86.57 117.16 85.40
N PRO NA 17 87.80 116.68 85.61
CA PRO NA 17 88.49 115.97 84.52
C PRO NA 17 87.72 114.75 84.05
N GLY NA 18 87.71 114.55 82.73
CA GLY NA 18 87.10 113.38 82.14
C GLY NA 18 85.59 113.40 82.05
N MET NA 19 84.94 114.51 82.38
CA MET NA 19 83.49 114.58 82.31
C MET NA 19 83.04 114.84 80.88
N VAL NA 20 81.84 114.36 80.56
CA VAL NA 20 81.23 114.63 79.26
C VAL NA 20 80.63 116.03 79.29
N ALA NA 21 81.05 116.88 78.35
CA ALA NA 21 80.69 118.29 78.41
C ALA NA 21 79.24 118.52 78.00
N ASP NA 22 78.90 118.20 76.76
CA ASP NA 22 77.57 118.44 76.24
C ASP NA 22 76.89 117.12 75.92
N THR NA 23 75.57 117.13 75.97
CA THR NA 23 74.76 115.96 75.62
C THR NA 23 74.32 116.07 74.16
N SER NA 24 75.31 115.97 73.26
CA SER NA 24 75.08 116.14 71.83
C SER NA 24 75.83 115.05 71.06
N LYS NA 25 75.13 113.96 70.77
CA LYS NA 25 75.59 112.94 69.83
C LYS NA 25 76.95 112.35 70.25
N TYR NA 26 76.94 111.67 71.38
CA TYR NA 26 78.14 111.01 71.90
C TYR NA 26 78.10 109.51 71.61
N ASN NA 27 79.28 108.90 71.66
CA ASN NA 27 79.39 107.46 71.47
C ASN NA 27 80.36 106.91 72.52
N ILE NA 28 79.91 105.90 73.27
CA ILE NA 28 80.67 105.31 74.36
C ILE NA 28 80.93 103.86 74.03
N ASP NA 29 82.21 103.48 74.03
CA ASP NA 29 82.65 102.10 73.83
C ASP NA 29 82.92 101.51 75.21
N GLY NA 30 82.11 100.53 75.59
CA GLY NA 30 82.21 99.88 76.87
C GLY NA 30 82.64 98.44 76.84
N ALA NA 31 82.96 97.90 75.66
CA ALA NA 31 83.40 96.51 75.52
C ALA NA 31 84.92 96.40 75.42
N CYS NA 32 85.63 97.28 76.08
CA CYS NA 32 87.09 97.29 76.08
C CYS NA 32 87.62 96.79 77.42
N VAL NA 33 88.89 96.40 77.41
CA VAL NA 33 89.56 95.94 78.64
C VAL NA 33 90.92 96.61 78.74
N VAL NA 34 91.24 97.11 79.93
CA VAL NA 34 92.54 97.71 80.17
C VAL NA 34 93.57 96.60 80.36
N ASN NA 35 94.70 96.71 79.66
CA ASN NA 35 95.71 95.67 79.65
C ASN NA 35 97.07 96.28 79.89
N GLU NA 36 97.82 95.71 80.85
CA GLU NA 36 99.23 96.01 81.08
C GLU NA 36 99.43 97.50 81.40
N GLY NA 37 98.89 97.89 82.55
CA GLY NA 37 99.14 99.21 83.09
C GLY NA 37 97.87 99.82 83.63
N ASP NA 38 97.97 101.09 84.01
CA ASP NA 38 96.85 101.86 84.53
C ASP NA 38 96.55 103.02 83.59
N VAL NA 39 95.28 103.41 83.55
CA VAL NA 39 94.81 104.51 82.71
C VAL NA 39 94.26 105.60 83.61
N LEU NA 40 94.74 106.83 83.41
CA LEU NA 40 94.25 107.98 84.16
C LEU NA 40 92.93 108.47 83.57
N VAL NA 41 91.98 108.82 84.44
CA VAL NA 41 90.70 109.31 83.98
C VAL NA 41 90.88 110.71 83.38
N GLY NA 42 90.55 110.84 82.10
CA GLY NA 42 90.74 112.10 81.41
C GLY NA 42 91.93 112.15 80.49
N ALA NA 43 92.43 111.00 80.03
CA ALA NA 43 93.60 110.94 79.17
C ALA NA 43 93.35 109.99 78.01
N ALA NA 44 94.05 110.23 76.91
CA ALA NA 44 93.86 109.42 75.72
C ALA NA 44 94.41 108.01 75.91
N VAL NA 45 93.84 107.06 75.18
CA VAL NA 45 94.22 105.66 75.23
C VAL NA 45 94.53 105.18 73.83
N GLN NA 46 95.12 103.99 73.76
CA GLN NA 46 95.46 103.36 72.48
C GLN NA 46 95.01 101.92 72.50
N VAL NA 47 94.79 101.37 71.30
CA VAL NA 47 94.36 99.99 71.13
C VAL NA 47 95.56 99.14 70.78
N VAL NA 48 95.81 98.10 71.57
CA VAL NA 48 96.95 97.20 71.34
C VAL NA 48 96.60 96.12 70.33
N GLN NA 49 95.46 95.45 70.53
CA GLN NA 49 95.07 94.33 69.67
C GLN NA 49 93.57 94.14 69.79
N ALA NA 50 92.94 93.81 68.67
CA ALA NA 50 91.49 93.59 68.61
C ALA NA 50 91.22 92.12 68.36
N GLN NA 51 90.44 91.51 69.26
CA GLN NA 51 90.17 90.09 69.17
C GLN NA 51 89.28 89.78 67.96
N ALA NA 52 89.60 88.69 67.27
CA ALA NA 52 88.89 88.36 66.03
C ALA NA 52 87.49 87.82 66.28
N VAL NA 53 87.31 86.98 67.30
CA VAL NA 53 86.06 86.29 67.55
C VAL NA 53 85.42 86.72 68.87
N ASP NA 54 86.23 86.85 69.92
CA ASP NA 54 85.68 87.22 71.22
C ASP NA 54 85.05 88.60 71.18
N GLY NA 55 85.69 89.56 70.52
CA GLY NA 55 85.13 90.86 70.28
C GLY NA 55 85.69 91.97 71.14
N HIS NA 56 86.27 91.65 72.29
CA HIS NA 56 86.81 92.68 73.16
C HIS NA 56 88.04 93.32 72.53
N LYS NA 57 88.27 94.58 72.89
CA LYS NA 57 89.43 95.32 72.45
C LYS NA 57 90.32 95.68 73.63
N LEU NA 58 91.61 95.41 73.49
CA LEU NA 58 92.59 95.67 74.53
C LEU NA 58 93.08 97.10 74.38
N VAL NA 59 92.95 97.90 75.45
CA VAL NA 59 93.40 99.28 75.43
C VAL NA 59 94.43 99.48 76.53
N LYS NA 60 95.26 100.49 76.36
CA LYS NA 60 96.23 100.86 77.40
C LYS NA 60 96.63 102.32 77.20
N ALA NA 61 97.49 102.79 78.10
CA ALA NA 61 97.91 104.18 78.08
C ALA NA 61 98.68 104.50 76.81
N LEU NA 62 98.54 105.72 76.32
CA LEU NA 62 99.19 106.13 75.08
C LEU NA 62 100.69 106.29 75.29
N THR NA 63 101.46 105.91 74.27
CA THR NA 63 102.91 106.05 74.30
C THR NA 63 103.41 106.73 73.04
N THR NA 64 104.72 106.75 72.85
CA THR NA 64 105.29 107.44 71.69
C THR NA 64 105.10 106.61 70.43
N GLY NA 65 104.94 107.31 69.30
CA GLY NA 65 104.84 106.68 68.00
C GLY NA 65 103.61 105.82 67.80
N THR NA 66 102.46 106.26 68.30
CA THR NA 66 101.21 105.54 68.15
C THR NA 66 100.06 106.53 68.07
N THR NA 67 99.01 106.14 67.33
CA THR NA 67 97.84 107.00 67.10
C THR NA 67 96.84 106.84 68.25
N PRO NA 68 96.16 107.91 68.65
CA PRO NA 68 95.17 107.80 69.72
C PRO NA 68 93.87 107.21 69.22
N TYR NA 69 93.07 106.72 70.17
CA TYR NA 69 91.76 106.14 69.88
C TYR NA 69 90.60 106.85 70.56
N GLY NA 70 90.69 107.08 71.87
CA GLY NA 70 89.58 107.64 72.60
C GLY NA 70 90.01 108.18 73.94
N VAL NA 71 89.01 108.61 74.71
CA VAL NA 71 89.23 109.24 76.01
C VAL NA 71 88.42 108.50 77.07
N ALA NA 72 89.07 108.16 78.17
CA ALA NA 72 88.36 107.55 79.29
C ALA NA 72 87.49 108.59 80.00
N ILE NA 73 86.34 108.16 80.50
CA ILE NA 73 85.38 109.07 81.12
C ILE NA 73 85.12 108.64 82.55
N ARG NA 74 84.46 109.53 83.30
CA ARG NA 74 84.24 109.32 84.72
C ARG NA 74 83.14 108.29 84.96
N SER NA 75 83.24 107.63 86.12
CA SER NA 75 82.20 106.72 86.60
C SER NA 75 82.44 106.47 88.08
N HIS NA 76 81.37 106.50 88.86
CA HIS NA 76 81.47 106.27 90.30
C HIS NA 76 81.37 104.81 90.68
N TRP NA 77 81.23 103.91 89.71
CA TRP NA 77 81.06 102.49 89.98
C TRP NA 77 82.16 101.64 89.39
N GLN NA 78 82.59 101.92 88.15
CA GLN NA 78 83.57 101.10 87.47
C GLN NA 78 85.02 101.47 87.81
N THR NA 79 85.26 102.63 88.40
CA THR NA 79 86.61 103.11 88.63
C THR NA 79 87.08 102.76 90.04
N VAL NA 80 88.37 103.01 90.28
CA VAL NA 80 88.95 102.85 91.61
C VAL NA 80 89.69 104.12 91.97
N ASN NA 81 90.06 104.23 93.25
CA ASN NA 81 90.68 105.44 93.78
C ASN NA 81 92.13 105.14 94.14
N ALA NA 82 93.05 105.88 93.53
CA ALA NA 82 94.47 105.71 93.81
C ALA NA 82 95.20 106.99 93.41
N GLN NA 83 96.34 107.24 94.05
CA GLN NA 83 97.16 108.43 93.80
C GLN NA 83 96.35 109.71 93.97
N ASN NA 84 95.46 109.72 94.98
CA ASN NA 84 94.60 110.87 95.26
C ASN NA 84 93.69 111.21 94.08
N GLN NA 85 93.47 110.25 93.18
CA GLN NA 85 92.72 110.50 91.96
C GLN NA 85 91.87 109.27 91.64
N MET NA 86 91.16 109.35 90.52
CA MET NA 86 90.30 108.29 90.02
C MET NA 86 90.99 107.66 88.81
N ILE NA 87 91.10 106.33 88.81
CA ILE NA 87 91.77 105.62 87.73
C ILE NA 87 90.97 104.38 87.36
N TYR NA 88 91.29 103.84 86.19
CA TYR NA 88 90.83 102.54 85.73
C TYR NA 88 91.97 101.54 85.88
N GLU NA 89 91.81 100.58 86.77
CA GLU NA 89 92.88 99.65 87.09
C GLU NA 89 93.11 98.66 85.96
N ASP NA 90 94.17 97.87 86.10
CA ASP NA 90 94.50 96.85 85.11
C ASP NA 90 93.55 95.67 85.22
N GLY NA 91 93.28 95.04 84.08
CA GLY NA 91 92.39 93.90 84.03
C GLY NA 91 90.94 94.19 84.35
N GLY NA 92 90.39 95.27 83.81
CA GLY NA 92 89.00 95.60 84.03
C GLY NA 92 88.44 96.42 82.89
N ALA NA 93 87.11 96.40 82.78
CA ALA NA 93 86.45 97.12 81.71
C ALA NA 93 86.60 98.63 81.88
N ILE NA 94 86.64 99.34 80.76
CA ILE NA 94 86.82 100.78 80.73
C ILE NA 94 85.78 101.40 79.81
N ASN NA 95 85.42 102.64 80.08
CA ASN NA 95 84.53 103.41 79.22
C ASN NA 95 85.36 104.38 78.37
N VAL NA 96 85.33 104.21 77.05
CA VAL NA 96 86.13 105.03 76.15
C VAL NA 96 85.18 105.85 75.28
N MET NA 97 85.31 107.17 75.34
CA MET NA 97 84.48 108.05 74.53
C MET NA 97 85.09 108.14 73.14
N THR NA 98 84.36 107.66 72.13
CA THR NA 98 84.89 107.62 70.78
C THR NA 98 84.47 108.80 69.91
N SER NA 99 83.38 109.49 70.27
CA SER NA 99 82.94 110.67 69.54
C SER NA 99 82.07 111.51 70.45
N GLY NA 100 82.24 112.83 70.38
CA GLY NA 100 81.46 113.71 71.23
C GLY NA 100 82.24 114.90 71.74
N ARG NA 101 81.91 115.41 72.93
CA ARG NA 101 82.65 116.51 73.54
C ARG NA 101 83.03 116.11 74.95
N VAL NA 102 84.29 116.32 75.32
CA VAL NA 102 84.79 115.84 76.61
C VAL NA 102 85.85 116.80 77.14
N TRP NA 103 85.92 116.93 78.46
CA TRP NA 103 86.98 117.68 79.11
C TRP NA 103 88.22 116.81 79.25
N MET NA 104 89.38 117.36 78.92
CA MET NA 104 90.62 116.62 78.92
C MET NA 104 91.70 117.42 79.65
N LEU NA 105 92.64 116.70 80.25
CA LEU NA 105 93.75 117.33 80.94
C LEU NA 105 94.66 118.05 79.96
N SER NA 106 95.29 119.11 80.42
CA SER NA 106 96.16 119.92 79.58
C SER NA 106 97.48 120.20 80.29
N LYS NA 107 98.54 120.35 79.50
CA LYS NA 107 99.85 120.73 79.99
C LYS NA 107 100.32 122.05 79.41
N SER NA 108 99.42 122.83 78.81
CA SER NA 108 99.78 124.06 78.13
C SER NA 108 99.60 125.27 79.03
N THR NA 109 99.84 126.44 78.45
CA THR NA 109 99.71 127.71 79.16
C THR NA 109 98.87 128.75 78.45
N GLU NA 110 98.62 128.59 77.16
CA GLU NA 110 97.86 129.56 76.38
C GLU NA 110 96.53 128.96 75.93
N ALA NA 111 95.48 129.77 75.96
CA ALA NA 111 94.17 129.30 75.53
C ALA NA 111 94.19 128.98 74.05
N PRO NA 112 93.58 127.88 73.64
CA PRO NA 112 93.59 127.49 72.22
C PRO NA 112 92.54 128.24 71.41
N THR NA 113 92.71 128.18 70.09
CA THR NA 113 91.79 128.82 69.16
C THR NA 113 90.73 127.81 68.73
N PHE NA 114 89.53 128.32 68.48
CA PHE NA 114 88.40 127.45 68.17
C PHE NA 114 88.58 126.81 66.78
N GLY NA 115 88.39 125.50 66.73
CA GLY NA 115 88.43 124.78 65.47
C GLY NA 115 89.79 124.27 65.04
N SER NA 116 90.84 124.55 65.80
CA SER NA 116 92.16 124.07 65.43
C SER NA 116 92.33 122.59 65.75
N ALA NA 117 93.33 121.99 65.14
CA ALA NA 117 93.65 120.59 65.39
C ALA NA 117 94.30 120.42 66.75
N VAL NA 118 94.15 119.23 67.32
CA VAL NA 118 94.65 118.92 68.66
C VAL NA 118 95.95 118.14 68.51
N LYS NA 119 96.95 118.53 69.29
CA LYS NA 119 98.22 117.81 69.37
C LYS NA 119 98.38 117.29 70.79
N LEU NA 120 98.74 116.01 70.92
CA LEU NA 120 98.85 115.36 72.20
C LEU NA 120 100.32 115.21 72.61
N ASP NA 121 100.53 114.76 73.84
CA ASP NA 121 101.85 114.49 74.39
C ASP NA 121 102.09 112.99 74.47
N VAL NA 122 103.35 112.63 74.75
CA VAL NA 122 103.70 111.22 74.87
C VAL NA 122 102.95 110.55 76.00
N ASP NA 123 102.71 111.26 77.11
CA ASP NA 123 101.91 110.72 78.20
C ASP NA 123 100.45 110.51 77.79
N GLY NA 124 99.94 111.35 76.89
CA GLY NA 124 98.56 111.24 76.45
C GLY NA 124 97.67 112.41 76.80
N GLN NA 125 98.23 113.49 77.32
CA GLN NA 125 97.48 114.68 77.68
C GLN NA 125 97.67 115.76 76.62
N GLU NA 126 96.76 116.74 76.63
CA GLU NA 126 96.80 117.80 75.63
C GLU NA 126 98.03 118.67 75.82
N LYS NA 127 98.57 119.17 74.71
CA LYS NA 127 99.74 120.03 74.72
C LYS NA 127 99.73 120.89 73.46
N SER NA 128 100.08 122.17 73.61
CA SER NA 128 100.04 123.07 72.47
C SER NA 128 101.01 122.66 71.38
N ASP NA 129 102.19 122.18 71.77
CA ASP NA 129 103.21 121.71 70.83
C ASP NA 129 103.62 120.28 71.14
N GLY NA 130 102.86 119.33 70.60
CA GLY NA 130 103.13 117.93 70.80
C GLY NA 130 103.66 117.25 69.56
N THR NA 131 104.15 116.02 69.71
CA THR NA 131 104.73 115.28 68.59
C THR NA 131 103.76 114.28 67.97
N ILE NA 132 102.51 114.23 68.44
CA ILE NA 132 101.51 113.29 67.95
C ILE NA 132 100.41 114.07 67.27
N GLU NA 133 100.13 113.73 66.01
CA GLU NA 133 99.08 114.38 65.25
C GLU NA 133 97.75 113.69 65.51
N THR NA 134 96.69 114.49 65.60
CA THR NA 134 95.37 113.99 65.96
C THR NA 134 94.31 114.74 65.17
N THR NA 135 93.23 114.05 64.84
CA THR NA 135 92.15 114.61 64.04
C THR NA 135 91.04 115.23 64.88
N TRP NA 136 91.21 115.29 66.20
CA TRP NA 136 90.22 115.92 67.06
C TRP NA 136 90.33 117.44 66.93
N THR NA 137 89.41 118.14 67.60
CA THR NA 137 89.42 119.60 67.53
C THR NA 137 89.19 120.20 68.91
N TYR NA 138 89.60 121.46 69.07
CA TYR NA 138 89.22 122.22 70.25
C TYR NA 138 87.80 122.74 70.06
N ALA NA 139 87.04 122.79 71.15
CA ALA NA 139 85.66 123.25 71.06
C ALA NA 139 85.41 124.58 71.77
N GLY NA 140 86.43 125.15 72.43
CA GLY NA 140 86.35 126.46 73.02
C GLY NA 140 86.51 126.47 74.53
N GLY NA 141 86.10 125.39 75.20
CA GLY NA 141 86.19 125.35 76.65
C GLY NA 141 87.64 125.40 77.13
N TRP NA 142 87.91 126.29 78.08
CA TRP NA 142 89.25 126.42 78.64
C TRP NA 142 89.10 126.99 80.06
N THR NA 143 89.23 126.12 81.06
CA THR NA 143 89.10 126.54 82.45
C THR NA 143 90.14 125.86 83.32
N LYS NA 144 90.01 126.00 84.64
CA LYS NA 144 90.96 125.41 85.56
C LYS NA 144 90.23 125.09 86.86
N TYR NA 145 90.58 123.96 87.46
CA TYR NA 145 89.95 123.48 88.70
C TYR NA 145 91.04 123.21 89.73
N LYS NA 146 91.35 124.21 90.55
CA LYS NA 146 92.29 124.08 91.67
C LYS NA 146 93.63 123.53 91.21
N ASP NA 147 94.28 124.32 90.35
CA ASP NA 147 95.62 124.04 89.82
C ASP NA 147 95.63 122.80 88.91
N ILE NA 148 94.49 122.46 88.33
CA ILE NA 148 94.39 121.40 87.32
C ILE NA 148 93.80 122.03 86.06
N GLN NA 149 94.50 121.88 84.94
CA GLN NA 149 94.14 122.58 83.71
C GLN NA 149 93.32 121.68 82.79
N LEU NA 150 92.15 122.16 82.37
CA LEU NA 150 91.23 121.41 81.55
C LEU NA 150 91.00 122.14 80.23
N VAL NA 151 90.69 121.37 79.18
CA VAL NA 151 90.37 121.91 77.87
C VAL NA 151 89.31 121.02 77.25
N GLU NA 152 88.37 121.63 76.53
CA GLU NA 152 87.21 120.91 76.03
C GLU NA 152 87.41 120.55 74.55
N VAL NA 153 87.30 119.26 74.25
CA VAL NA 153 87.75 118.69 73.00
C VAL NA 153 86.58 118.00 72.31
N GLN NA 154 86.46 118.23 71.01
CA GLN NA 154 85.52 117.55 70.13
C GLN NA 154 86.22 116.34 69.52
N LEU NA 155 85.64 115.16 69.73
CA LEU NA 155 86.17 113.88 69.31
C LEU NA 155 85.39 113.37 68.10
N HIS NA 156 86.11 113.09 67.02
CA HIS NA 156 85.54 112.49 65.82
C HIS NA 156 85.85 111.01 65.79
N GLN NA 157 84.92 110.22 65.27
CA GLN NA 157 85.12 108.77 65.18
C GLN NA 157 86.28 108.45 64.25
N LEU NA 158 87.09 107.47 64.64
CA LEU NA 158 88.27 107.05 63.89
C LEU NA 158 87.92 106.69 62.45
N GLN OA 3 120.07 68.73 191.99
CA GLN OA 3 121.30 69.48 192.17
C GLN OA 3 121.36 70.72 191.27
N ILE OA 4 122.43 70.83 190.50
CA ILE OA 4 122.67 71.98 189.64
C ILE OA 4 122.15 71.65 188.25
N ASN OA 5 121.13 72.37 187.81
CA ASN OA 5 120.58 72.15 186.48
C ASN OA 5 121.53 72.67 185.41
N ALA OA 6 121.51 72.03 184.24
CA ALA OA 6 122.35 72.40 183.12
C ALA OA 6 121.52 72.48 181.86
N SER OA 7 121.83 73.46 181.02
CA SER OA 7 121.19 73.63 179.72
C SER OA 7 122.28 73.84 178.67
N TYR OA 8 122.14 73.14 177.54
CA TYR OA 8 123.14 73.14 176.49
C TYR OA 8 122.59 73.83 175.24
N GLN OA 9 123.52 74.30 174.41
CA GLN OA 9 123.17 75.04 173.20
C GLN OA 9 123.89 74.41 172.01
N ARG OA 10 123.15 74.17 170.94
CA ARG OA 10 123.70 73.58 169.72
C ARG OA 10 123.21 74.36 168.51
N ASP OA 11 124.09 74.52 167.53
CA ASP OA 11 123.78 75.25 166.31
C ASP OA 11 123.72 74.29 165.13
N MET OA 12 122.74 74.50 164.25
CA MET OA 12 122.65 73.70 163.04
C MET OA 12 123.69 74.14 162.02
N ALA OA 13 124.11 73.20 161.18
CA ALA OA 13 124.99 73.53 160.07
C ALA OA 13 124.26 74.39 159.05
N ILE OA 14 124.99 75.31 158.43
CA ILE OA 14 124.38 76.34 157.60
C ILE OA 14 124.34 75.99 156.12
N ALA OA 15 124.81 74.81 155.72
CA ALA OA 15 124.82 74.48 154.30
C ALA OA 15 124.85 72.97 154.11
N LEU OA 16 124.44 72.54 152.93
CA LEU OA 16 124.50 71.18 152.45
C LEU OA 16 125.01 71.19 151.02
N PRO OA 17 125.59 70.08 150.55
CA PRO OA 17 126.09 70.04 149.17
C PRO OA 17 124.96 70.26 148.17
N GLY OA 18 125.24 71.09 147.17
CA GLY OA 18 124.29 71.34 146.11
C GLY OA 18 123.00 72.01 146.52
N MET OA 19 123.06 72.90 147.50
CA MET OA 19 121.88 73.62 147.99
C MET OA 19 121.93 75.05 147.49
N VAL OA 20 120.75 75.60 147.16
CA VAL OA 20 120.65 76.99 146.73
C VAL OA 20 120.91 77.89 147.93
N ALA OA 21 121.89 78.78 147.80
CA ALA OA 21 122.37 79.54 148.95
C ALA OA 21 121.42 80.67 149.34
N ASP OA 22 120.99 81.47 148.36
CA ASP OA 22 120.15 82.62 148.60
C ASP OA 22 118.91 82.56 147.73
N THR OA 23 118.03 83.53 147.91
CA THR OA 23 116.80 83.65 147.12
C THR OA 23 116.90 84.74 146.07
N SER OA 24 118.11 85.11 145.65
CA SER OA 24 118.28 86.16 144.66
C SER OA 24 117.88 85.65 143.28
N LYS OA 25 118.13 86.48 142.27
CA LYS OA 25 117.81 86.13 140.89
C LYS OA 25 118.53 84.85 140.48
N TYR OA 26 117.77 83.80 140.17
CA TYR OA 26 118.33 82.52 139.79
C TYR OA 26 117.60 81.97 138.58
N ASN OA 27 118.26 81.08 137.85
CA ASN OA 27 117.66 80.45 136.67
C ASN OA 27 118.01 78.97 136.68
N ILE OA 28 117.01 78.13 136.43
CA ILE OA 28 117.15 76.68 136.46
C ILE OA 28 116.61 76.09 135.18
N ASP OA 29 117.33 75.13 134.61
CA ASP OA 29 116.88 74.37 133.46
C ASP OA 29 116.51 72.96 133.91
N GLY OA 30 115.31 72.53 133.57
CA GLY OA 30 114.84 71.19 133.87
C GLY OA 30 114.66 70.31 132.66
N ALA OA 31 114.82 70.84 131.46
CA ALA OA 31 114.72 70.06 130.23
C ALA OA 31 116.09 69.55 129.80
N CYS OA 32 116.69 68.77 130.69
CA CYS OA 32 118.00 68.18 130.45
C CYS OA 32 117.96 66.70 130.81
N VAL OA 33 118.83 65.92 130.18
CA VAL OA 33 118.89 64.48 130.35
C VAL OA 33 120.33 64.08 130.63
N VAL OA 34 120.53 63.24 131.63
CA VAL OA 34 121.84 62.67 131.91
C VAL OA 34 122.13 61.62 130.85
N ASN OA 35 123.27 61.76 130.17
CA ASN OA 35 123.60 60.89 129.03
C ASN OA 35 124.36 59.65 129.47
N GLU OA 36 125.52 59.83 130.10
CA GLU OA 36 126.35 58.72 130.53
C GLU OA 36 126.68 58.85 132.01
N GLY OA 37 126.75 57.71 132.68
CA GLY OA 37 127.22 57.69 134.05
C GLY OA 37 126.28 58.38 135.02
N ASP OA 38 126.84 58.79 136.15
CA ASP OA 38 126.10 59.41 137.23
C ASP OA 38 126.66 60.80 137.50
N VAL OA 39 125.78 61.68 138.00
CA VAL OA 39 126.13 63.05 138.31
C VAL OA 39 125.98 63.28 139.80
N LEU OA 40 127.05 63.71 140.44
CA LEU OA 40 127.04 64.02 141.86
C LEU OA 40 126.33 65.36 142.08
N VAL OA 41 125.43 65.40 143.06
CA VAL OA 41 124.74 66.65 143.37
C VAL OA 41 125.76 67.60 144.01
N GLY OA 42 125.82 68.82 143.52
CA GLY OA 42 126.80 69.78 144.00
C GLY OA 42 128.04 69.84 143.13
N ALA OA 43 128.05 69.08 142.05
CA ALA OA 43 129.16 69.04 141.11
C ALA OA 43 128.73 69.59 139.77
N ALA OA 44 129.68 70.20 139.06
CA ALA OA 44 129.39 70.83 137.78
C ALA OA 44 129.08 69.78 136.72
N VAL OA 45 128.49 70.24 135.61
CA VAL OA 45 128.13 69.38 134.49
C VAL OA 45 128.60 70.04 133.20
N GLN OA 46 128.61 69.24 132.14
CA GLN OA 46 128.96 69.71 130.81
C GLN OA 46 127.91 69.21 129.83
N VAL OA 47 127.82 69.88 128.69
CA VAL OA 47 126.79 69.61 127.69
C VAL OA 47 127.43 68.96 126.48
N VAL OA 48 126.88 67.83 126.05
CA VAL OA 48 127.40 67.14 124.87
C VAL OA 48 126.79 67.73 123.60
N GLN OA 49 125.47 67.67 123.47
CA GLN OA 49 124.81 68.23 122.30
C GLN OA 49 123.41 68.67 122.69
N ALA OA 50 122.84 69.57 121.90
CA ALA OA 50 121.47 70.04 122.06
C ALA OA 50 120.67 69.62 120.85
N GLN OA 51 119.56 68.92 121.08
CA GLN OA 51 118.72 68.46 119.99
C GLN OA 51 118.09 69.64 119.26
N ALA OA 52 118.06 69.56 117.94
CA ALA OA 52 117.63 70.69 117.13
C ALA OA 52 116.13 70.91 117.22
N VAL OA 53 115.34 69.85 117.15
CA VAL OA 53 113.88 69.96 117.10
C VAL OA 53 113.23 69.45 118.37
N ASP OA 54 113.72 68.34 118.92
CA ASP OA 54 113.13 67.79 120.13
C ASP OA 54 113.35 68.71 121.34
N GLY OA 55 114.46 69.44 121.34
CA GLY OA 55 114.65 70.50 122.31
C GLY OA 55 115.19 70.07 123.67
N HIS OA 56 115.80 68.90 123.78
CA HIS OA 56 116.42 68.47 125.03
C HIS OA 56 117.92 68.71 124.98
N LYS OA 57 118.52 68.79 126.16
CA LYS OA 57 119.96 68.98 126.29
C LYS OA 57 120.57 67.80 127.03
N LEU OA 58 121.57 67.18 126.42
CA LEU OA 58 122.25 66.02 126.99
C LEU OA 58 123.45 66.51 127.78
N VAL OA 59 123.52 66.13 129.05
CA VAL OA 59 124.56 66.58 129.95
C VAL OA 59 125.23 65.38 130.60
N LYS OA 60 126.45 65.60 131.10
CA LYS OA 60 127.19 64.56 131.81
C LYS OA 60 128.19 65.24 132.75
N ALA OA 61 128.98 64.41 133.42
CA ALA OA 61 129.98 64.92 134.34
C ALA OA 61 131.12 65.60 133.59
N LEU OA 62 131.85 66.44 134.31
CA LEU OA 62 132.91 67.23 133.71
C LEU OA 62 134.12 66.36 133.37
N THR OA 63 134.95 66.87 132.45
CA THR OA 63 136.16 66.18 132.04
C THR OA 63 137.14 67.22 131.50
N THR OA 64 138.35 66.76 131.20
CA THR OA 64 139.42 67.66 130.78
C THR OA 64 139.12 68.29 129.43
N GLY OA 65 139.46 69.57 129.29
CA GLY OA 65 139.29 70.30 128.05
C GLY OA 65 137.85 70.50 127.64
N THR OA 66 137.00 70.85 128.60
CA THR OA 66 135.59 71.08 128.35
C THR OA 66 135.13 72.33 129.11
N THR OA 67 134.05 72.94 128.64
CA THR OA 67 133.50 74.13 129.27
C THR OA 67 132.34 73.76 130.18
N PRO OA 68 132.33 74.21 131.43
CA PRO OA 68 131.18 73.91 132.30
C PRO OA 68 129.94 74.66 131.85
N TYR OA 69 128.78 74.08 132.18
CA TYR OA 69 127.49 74.67 131.85
C TYR OA 69 126.65 75.02 133.06
N GLY OA 70 126.65 74.17 134.09
CA GLY OA 70 125.84 74.45 135.25
C GLY OA 70 126.16 73.49 136.38
N VAL OA 71 125.40 73.61 137.46
CA VAL OA 71 125.59 72.82 138.66
C VAL OA 71 124.26 72.18 139.04
N ALA OA 72 124.26 70.87 139.25
CA ALA OA 72 123.06 70.18 139.70
C ALA OA 72 122.73 70.59 141.13
N ILE OA 73 121.43 70.64 141.44
CA ILE OA 73 120.96 71.13 142.74
C ILE OA 73 120.17 70.03 143.43
N ARG OA 74 119.87 70.27 144.70
CA ARG OA 74 119.16 69.29 145.52
C ARG OA 74 117.69 69.20 145.12
N SER OA 75 117.15 67.98 145.24
CA SER OA 75 115.74 67.74 145.00
C SER OA 75 115.38 66.41 145.63
N HIS OA 76 114.30 66.39 146.41
CA HIS OA 76 113.90 65.20 147.14
C HIS OA 76 113.00 64.26 146.33
N TRP OA 77 112.74 64.57 145.06
CA TRP OA 77 111.88 63.75 144.22
C TRP OA 77 112.60 63.14 143.04
N GLN OA 78 113.42 63.92 142.32
CA GLN OA 78 114.02 63.47 141.08
C GLN OA 78 115.30 62.66 141.28
N THR OA 79 115.87 62.65 142.47
CA THR OA 79 117.17 62.05 142.71
C THR OA 79 117.03 60.64 143.29
N VAL OA 80 118.13 59.90 143.23
CA VAL OA 80 118.22 58.59 143.86
C VAL OA 80 119.38 58.62 144.86
N ASN OA 81 119.48 57.55 145.65
CA ASN OA 81 120.42 57.50 146.75
C ASN OA 81 121.43 56.39 146.51
N ALA OA 82 122.71 56.73 146.56
CA ALA OA 82 123.77 55.75 146.38
C ALA OA 82 125.06 56.27 146.99
N GLN OA 83 125.90 55.34 147.45
CA GLN OA 83 127.17 55.65 148.11
C GLN OA 83 126.97 56.66 149.23
N ASN OA 84 125.88 56.49 149.98
CA ASN OA 84 125.53 57.37 151.09
C ASN OA 84 125.44 58.83 150.67
N GLN OA 85 124.90 59.07 149.47
CA GLN OA 85 124.74 60.44 149.02
C GLN OA 85 123.70 60.50 147.90
N MET OA 86 123.19 61.70 147.67
CA MET OA 86 122.21 61.94 146.61
C MET OA 86 122.91 62.03 145.26
N ILE OA 87 122.35 61.35 144.26
CA ILE OA 87 122.87 61.41 142.90
C ILE OA 87 121.71 61.49 141.92
N TYR OA 88 122.02 61.88 140.69
CA TYR OA 88 121.08 61.85 139.58
C TYR OA 88 121.44 60.67 138.69
N GLU OA 89 120.54 59.69 138.62
CA GLU OA 89 120.83 58.46 137.90
C GLU OA 89 120.83 58.68 136.40
N ASP OA 90 121.40 57.72 135.68
CA ASP OA 90 121.44 57.77 134.22
C ASP OA 90 120.04 57.59 133.65
N GLY OA 91 119.80 58.20 132.50
CA GLY OA 91 118.51 58.12 131.84
C GLY OA 91 117.37 58.78 132.59
N GLY OA 92 117.59 59.96 133.13
CA GLY OA 92 116.55 60.66 133.86
C GLY OA 92 116.76 62.17 133.77
N ALA OA 93 115.65 62.89 133.92
CA ALA OA 93 115.71 64.34 133.88
C ALA OA 93 116.48 64.89 135.07
N ILE OA 94 117.26 65.95 134.82
CA ILE OA 94 118.12 66.53 135.83
C ILE OA 94 117.82 68.02 135.93
N ASN OA 95 117.99 68.57 137.14
CA ASN OA 95 117.76 69.98 137.41
C ASN OA 95 119.11 70.68 137.48
N VAL OA 96 119.46 71.43 136.43
CA VAL OA 96 120.73 72.12 136.36
C VAL OA 96 120.47 73.60 136.62
N MET OA 97 121.44 74.27 137.25
CA MET OA 97 121.30 75.67 137.63
C MET OA 97 122.28 76.50 136.81
N THR OA 98 121.76 77.50 136.10
CA THR OA 98 122.59 78.25 135.16
C THR OA 98 122.98 79.63 135.65
N SER OA 99 122.35 80.15 136.70
CA SER OA 99 122.70 81.45 137.24
C SER OA 99 122.19 81.55 138.67
N GLY OA 100 122.93 82.25 139.52
CA GLY OA 100 122.50 82.45 140.89
C GLY OA 100 123.59 82.23 141.92
N ARG OA 101 123.22 81.73 143.10
CA ARG OA 101 124.18 81.46 144.16
C ARG OA 101 123.96 80.04 144.65
N VAL OA 102 125.02 79.23 144.66
CA VAL OA 102 124.87 77.81 145.00
C VAL OA 102 126.10 77.33 145.75
N TRP OA 103 125.89 76.34 146.63
CA TRP OA 103 126.96 75.68 147.36
C TRP OA 103 127.46 74.49 146.57
N MET OA 104 128.77 74.40 146.38
CA MET OA 104 129.38 73.23 145.74
C MET OA 104 130.44 72.62 146.64
N LEU OA 105 130.80 71.38 146.30
CA LEU OA 105 131.86 70.66 146.99
C LEU OA 105 133.22 71.26 146.63
N SER OA 106 134.17 71.14 147.56
CA SER OA 106 135.50 71.69 147.36
C SER OA 106 136.56 70.70 147.80
N LYS OA 107 137.72 70.78 147.15
CA LYS OA 107 138.91 70.05 147.57
C LYS OA 107 139.97 70.97 148.16
N SER OA 108 139.68 72.26 148.27
CA SER OA 108 140.64 73.24 148.75
C SER OA 108 140.75 73.19 150.26
N THR OA 109 141.72 73.94 150.79
CA THR OA 109 141.96 74.00 152.23
C THR OA 109 142.07 75.42 152.76
N GLU OA 110 142.11 76.43 151.90
CA GLU OA 110 142.30 77.81 152.31
C GLU OA 110 141.08 78.65 151.91
N ALA OA 111 140.83 79.69 152.70
CA ALA OA 111 139.72 80.59 152.42
C ALA OA 111 139.99 81.35 151.12
N PRO OA 112 138.97 81.53 150.29
CA PRO OA 112 139.13 82.23 149.02
C PRO OA 112 139.07 83.75 149.22
N THR OA 113 139.12 84.45 148.09
CA THR OA 113 139.01 85.91 148.08
C THR OA 113 137.72 86.29 147.36
N PHE OA 114 136.97 87.22 147.94
CA PHE OA 114 135.70 87.62 147.36
C PHE OA 114 135.90 88.25 145.98
N GLY OA 115 135.12 87.79 145.01
CA GLY OA 115 135.12 88.36 143.68
C GLY OA 115 136.10 87.74 142.70
N SER OA 116 136.99 86.87 143.16
CA SER OA 116 137.99 86.30 142.27
C SER OA 116 137.40 85.19 141.42
N ALA OA 117 138.14 84.79 140.39
CA ALA OA 117 137.68 83.77 139.46
C ALA OA 117 137.68 82.39 140.13
N VAL OA 118 136.86 81.50 139.58
CA VAL OA 118 136.67 80.16 140.12
C VAL OA 118 137.32 79.16 139.19
N LYS OA 119 138.17 78.30 139.74
CA LYS OA 119 138.86 77.27 138.97
C LYS OA 119 138.30 75.90 139.37
N LEU OA 120 138.08 75.05 138.38
CA LEU OA 120 137.49 73.74 138.59
C LEU OA 120 138.53 72.64 138.42
N ASP OA 121 138.22 71.48 139.00
CA ASP OA 121 139.07 70.31 138.93
C ASP OA 121 138.71 69.50 137.67
N VAL OA 122 139.23 68.27 137.59
CA VAL OA 122 139.05 67.44 136.41
C VAL OA 122 137.87 66.51 136.59
N ASP OA 123 137.10 66.71 137.66
CA ASP OA 123 135.94 65.86 137.94
C ASP OA 123 134.71 66.63 138.39
N GLY OA 124 134.68 67.95 138.21
CA GLY OA 124 133.51 68.73 138.53
C GLY OA 124 133.44 69.27 139.93
N GLN OA 125 134.55 69.32 140.66
CA GLN OA 125 134.59 69.89 141.99
C GLN OA 125 135.54 71.08 142.01
N GLU OA 126 135.22 72.05 142.87
CA GLU OA 126 136.00 73.27 142.91
C GLU OA 126 137.38 73.02 143.51
N LYS OA 127 138.39 73.63 142.92
CA LYS OA 127 139.75 73.54 143.43
C LYS OA 127 140.53 74.77 142.99
N SER OA 128 141.24 75.40 143.92
CA SER OA 128 141.96 76.63 143.60
C SER OA 128 143.12 76.37 142.65
N ASP OA 129 143.58 75.12 142.56
CA ASP OA 129 144.70 74.76 141.70
C ASP OA 129 144.26 74.11 140.39
N GLY OA 130 142.98 74.20 140.06
CA GLY OA 130 142.47 73.53 138.88
C GLY OA 130 142.96 74.17 137.60
N THR OA 131 142.73 73.46 136.50
CA THR OA 131 143.18 73.91 135.18
C THR OA 131 142.04 74.45 134.31
N ILE OA 132 140.80 74.11 134.62
CA ILE OA 132 139.65 74.59 133.85
C ILE OA 132 139.26 75.97 134.37
N GLU OA 133 139.20 76.95 133.48
CA GLU OA 133 138.85 78.31 133.84
C GLU OA 133 137.37 78.55 133.54
N THR OA 134 136.68 79.14 134.50
CA THR OA 134 135.25 79.44 134.37
C THR OA 134 135.01 80.93 134.60
N THR OA 135 133.87 81.40 134.13
CA THR OA 135 133.47 82.79 134.29
C THR OA 135 132.71 83.03 135.58
N TRP OA 136 132.49 81.99 136.38
CA TRP OA 136 131.78 82.13 137.64
C TRP OA 136 132.65 82.92 138.63
N THR OA 137 132.07 83.19 139.80
CA THR OA 137 132.72 84.06 140.77
C THR OA 137 132.60 83.45 142.16
N TYR OA 138 133.54 83.80 143.04
CA TYR OA 138 133.39 83.44 144.44
C TYR OA 138 132.39 84.36 145.12
N ALA OA 139 131.71 83.84 146.14
CA ALA OA 139 130.64 84.56 146.81
C ALA OA 139 130.91 84.81 148.28
N GLY OA 140 131.98 84.25 148.85
CA GLY OA 140 132.36 84.50 150.22
C GLY OA 140 131.95 83.43 151.21
N GLY OA 141 130.99 82.58 150.87
CA GLY OA 141 130.59 81.52 151.76
C GLY OA 141 131.63 80.41 151.80
N TRP OA 142 131.94 79.94 153.01
CA TRP OA 142 132.97 78.92 153.18
C TRP OA 142 132.72 78.22 154.51
N THR OA 143 132.22 76.99 154.45
CA THR OA 143 131.87 76.26 155.66
C THR OA 143 132.14 74.78 155.46
N LYS OA 144 131.94 74.01 156.53
CA LYS OA 144 132.23 72.58 156.54
C LYS OA 144 131.07 71.85 157.22
N TYR OA 145 130.70 70.70 156.66
CA TYR OA 145 129.60 69.89 157.19
C TYR OA 145 130.08 68.45 157.39
N LYS OA 146 130.62 68.18 158.57
CA LYS OA 146 131.01 66.83 158.99
C LYS OA 146 131.89 66.15 157.93
N ASP OA 147 133.05 66.76 157.71
CA ASP OA 147 134.15 66.31 156.85
C ASP OA 147 133.87 66.52 155.37
N ILE OA 148 132.88 67.31 155.00
CA ILE OA 148 132.67 67.73 153.61
C ILE OA 148 132.89 69.23 153.54
N GLN OA 149 133.70 69.67 152.58
CA GLN OA 149 133.97 71.09 152.41
C GLN OA 149 133.04 71.70 151.36
N LEU OA 150 132.33 72.75 151.75
CA LEU OA 150 131.38 73.43 150.87
C LEU OA 150 131.82 74.87 150.66
N VAL OA 151 131.56 75.39 149.46
CA VAL OA 151 131.90 76.77 149.13
C VAL OA 151 130.76 77.37 148.30
N GLU OA 152 130.43 78.62 148.58
CA GLU OA 152 129.40 79.36 147.85
C GLU OA 152 129.98 79.97 146.59
N VAL OA 153 129.24 79.88 145.49
CA VAL OA 153 129.69 80.37 144.20
C VAL OA 153 128.56 81.09 143.49
N GLN OA 154 128.92 82.14 142.76
CA GLN OA 154 128.03 82.93 141.92
C GLN OA 154 128.13 82.43 140.48
N LEU OA 155 126.99 82.04 139.93
CA LEU OA 155 126.89 81.50 138.57
C LEU OA 155 126.31 82.55 137.65
N HIS OA 156 127.02 82.81 136.55
CA HIS OA 156 126.55 83.71 135.50
C HIS OA 156 126.05 82.89 134.33
N GLN OA 157 125.01 83.39 133.67
CA GLN OA 157 124.47 82.71 132.50
C GLN OA 157 125.51 82.69 131.38
N LEU OA 158 125.65 81.54 130.73
CA LEU OA 158 126.62 81.38 129.65
C LEU OA 158 126.24 82.23 128.44
N ALA PA 28 117.60 -27.88 146.29
CA ALA PA 28 116.26 -27.70 146.81
C ALA PA 28 115.52 -26.59 146.07
N ALA PA 29 114.26 -26.38 146.43
CA ALA PA 29 113.42 -25.38 145.80
C ALA PA 29 113.12 -24.26 146.78
N THR PA 30 113.40 -23.03 146.37
CA THR PA 30 113.17 -21.83 147.18
C THR PA 30 112.24 -20.92 146.38
N MET PA 31 110.93 -21.09 146.56
CA MET PA 31 109.93 -20.35 145.81
C MET PA 31 109.17 -19.42 146.74
N GLY PA 32 108.20 -18.71 146.19
CA GLY PA 32 107.36 -17.81 146.95
C GLY PA 32 106.12 -18.50 147.50
N ILE PA 33 105.34 -17.73 148.26
CA ILE PA 33 104.12 -18.29 148.83
C ILE PA 33 102.93 -18.10 147.89
N TRP PA 34 103.04 -17.18 146.93
CA TRP PA 34 101.99 -16.93 145.95
C TRP PA 34 102.38 -17.58 144.64
N THR PA 35 101.47 -18.38 144.09
CA THR PA 35 101.70 -19.01 142.79
C THR PA 35 101.31 -18.06 141.67
N ALA PA 36 101.78 -18.36 140.46
CA ALA PA 36 101.60 -17.46 139.33
C ALA PA 36 100.13 -17.30 138.98
N GLN PA 37 99.35 -18.38 139.11
CA GLN PA 37 97.96 -18.34 138.67
C GLN PA 37 97.08 -17.49 139.59
N GLU PA 38 97.55 -17.21 140.81
CA GLU PA 38 96.75 -16.42 141.74
C GLU PA 38 96.65 -14.95 141.32
N LEU PA 39 97.75 -14.33 140.93
CA LEU PA 39 97.78 -12.94 140.49
C LEU PA 39 97.61 -12.87 138.98
N HIS PA 40 96.50 -13.38 138.47
CA HIS PA 40 96.27 -13.47 137.03
C HIS PA 40 94.84 -13.07 136.72
N ARG PA 41 94.65 -12.54 135.51
CA ARG PA 41 93.34 -12.17 135.01
C ARG PA 41 93.20 -12.66 133.58
N ILE PA 42 92.02 -13.18 133.25
CA ILE PA 42 91.70 -13.64 131.91
C ILE PA 42 90.65 -12.70 131.32
N LYS PA 43 90.93 -12.19 130.12
CA LYS PA 43 90.00 -11.26 129.48
C LYS PA 43 88.67 -11.94 129.22
N SER PA 44 87.59 -11.17 129.34
CA SER PA 44 86.25 -11.73 129.30
C SER PA 44 85.90 -12.31 127.93
N GLN PA 45 86.45 -11.74 126.86
CA GLN PA 45 86.11 -12.14 125.51
C GLN PA 45 87.32 -12.73 124.79
N SER PA 46 87.05 -13.59 123.81
CA SER PA 46 88.05 -14.14 122.92
C SER PA 46 87.91 -13.54 121.53
N TYR PA 47 88.72 -14.05 120.60
CA TYR PA 47 88.64 -13.68 119.20
C TYR PA 47 88.49 -14.95 118.36
N GLU PA 48 87.81 -14.81 117.22
CA GLU PA 48 87.61 -15.91 116.30
C GLU PA 48 88.17 -15.55 114.94
N GLU PA 49 88.91 -16.48 114.34
CA GLU PA 49 89.41 -16.29 112.99
C GLU PA 49 88.24 -16.20 112.01
N ASP PA 50 88.37 -15.32 111.02
CA ASP PA 50 87.30 -15.06 110.07
C ASP PA 50 87.49 -15.90 108.81
N TYR PA 51 86.37 -16.32 108.22
CA TYR PA 51 86.36 -17.11 106.98
C TYR PA 51 85.13 -16.72 106.19
N PRO PA 52 85.19 -15.64 105.41
CA PRO PA 52 84.05 -15.26 104.58
C PRO PA 52 83.75 -16.32 103.54
N VAL PA 53 82.46 -16.47 103.23
CA VAL PA 53 82.05 -17.52 102.29
C VAL PA 53 82.34 -17.09 100.86
N GLY PA 54 81.80 -15.95 100.44
CA GLY PA 54 82.03 -15.47 99.10
C GLY PA 54 80.88 -14.58 98.65
N SER PA 55 80.68 -14.56 97.33
CA SER PA 55 79.62 -13.74 96.75
C SER PA 55 78.88 -14.43 95.61
N ALA PA 56 79.10 -15.74 95.42
CA ALA PA 56 78.55 -16.43 94.26
C ALA PA 56 77.02 -16.46 94.30
N LEU PA 57 76.43 -16.51 95.49
CA LEU PA 57 74.99 -16.61 95.61
C LEU PA 57 74.27 -15.26 95.57
N ARG PA 58 75.02 -14.16 95.50
CA ARG PA 58 74.40 -12.84 95.46
C ARG PA 58 74.90 -11.97 94.32
N VAL PA 59 75.88 -12.44 93.54
CA VAL PA 59 76.25 -11.74 92.31
C VAL PA 59 75.50 -12.38 91.15
N PHE PA 60 74.95 -13.57 91.39
CA PHE PA 60 74.18 -14.28 90.38
C PHE PA 60 72.81 -14.65 90.92
N PRO PA 61 71.81 -14.74 90.05
CA PRO PA 61 70.44 -15.03 90.52
C PRO PA 61 70.32 -16.45 91.06
N VAL PA 62 69.33 -16.63 91.93
CA VAL PA 62 69.02 -17.93 92.52
C VAL PA 62 67.57 -18.28 92.20
N THR PA 63 67.37 -19.49 91.67
CA THR PA 63 66.05 -19.96 91.27
C THR PA 63 65.72 -21.28 91.97
N THR PA 64 64.46 -21.69 91.84
CA THR PA 64 63.97 -22.85 92.58
C THR PA 64 62.99 -23.69 91.75
N GLU PA 65 63.27 -23.92 90.49
CA GLU PA 65 62.38 -24.78 89.73
C GLU PA 65 62.50 -26.26 90.07
N LEU PA 66 63.70 -26.82 89.99
CA LEU PA 66 63.88 -28.26 90.21
C LEU PA 66 63.35 -28.74 91.54
N SER PA 67 62.71 -29.90 91.57
CA SER PA 67 62.24 -30.48 92.82
C SER PA 67 63.44 -31.12 93.40
N PRO PA 68 63.38 -31.50 94.68
CA PRO PA 68 64.67 -32.06 95.14
C PRO PA 68 65.00 -33.43 94.58
N THR PA 69 64.05 -34.15 93.97
CA THR PA 69 64.30 -35.49 93.48
C THR PA 69 64.71 -35.55 92.01
N ASP PA 70 64.69 -34.42 91.31
CA ASP PA 70 65.03 -34.43 89.89
C ASP PA 70 66.54 -34.55 89.68
N LYS PA 71 66.93 -35.15 88.55
CA LYS PA 71 68.34 -35.34 88.23
C LYS PA 71 68.84 -34.49 87.08
N THR PA 72 67.98 -34.17 86.11
CA THR PA 72 68.39 -33.40 84.94
C THR PA 72 67.33 -32.35 84.63
N PHE PA 73 67.67 -31.46 83.70
CA PHE PA 73 66.72 -30.47 83.21
C PHE PA 73 67.04 -30.13 81.77
N GLU PA 74 66.05 -29.59 81.07
CA GLU PA 74 66.17 -29.33 79.64
C GLU PA 74 65.39 -28.07 79.27
N TYR PA 75 65.91 -27.34 78.30
CA TYR PA 75 65.25 -26.16 77.77
C TYR PA 75 65.42 -26.11 76.27
N MET PA 76 64.48 -25.43 75.61
CA MET PA 76 64.35 -25.46 74.16
C MET PA 76 64.72 -24.10 73.57
N THR PA 77 65.22 -24.11 72.34
CA THR PA 77 65.48 -22.91 71.57
C THR PA 77 64.90 -23.07 70.17
N PHE PA 78 64.58 -21.96 69.53
CA PHE PA 78 63.93 -21.98 68.23
C PHE PA 78 64.55 -20.95 67.30
N ASP PA 79 64.39 -21.18 65.99
CA ASP PA 79 64.98 -20.34 64.96
C ASP PA 79 64.19 -20.55 63.67
N LYS PA 80 64.43 -19.67 62.70
CA LYS PA 80 63.71 -19.74 61.42
C LYS PA 80 64.58 -19.18 60.31
N VAL PA 81 64.27 -19.62 59.07
CA VAL PA 81 64.95 -19.18 57.87
C VAL PA 81 63.92 -18.87 56.81
N GLY PA 82 64.33 -18.09 55.82
CA GLY PA 82 63.45 -17.72 54.74
C GLY PA 82 63.96 -16.50 54.00
N THR PA 83 63.21 -16.12 52.97
CA THR PA 83 63.58 -14.98 52.12
C THR PA 83 62.35 -14.50 51.37
N ALA PA 84 62.54 -13.43 50.61
CA ALA PA 84 61.51 -12.87 49.73
C ALA PA 84 62.18 -12.33 48.48
N GLN PA 85 61.41 -12.22 47.41
CA GLN PA 85 61.96 -11.82 46.11
C GLN PA 85 61.01 -10.88 45.40
N ILE PA 86 61.53 -10.20 44.39
CA ILE PA 86 60.75 -9.31 43.54
C ILE PA 86 60.30 -10.11 42.32
N ILE PA 87 58.99 -10.17 42.12
CA ILE PA 87 58.40 -11.07 41.13
C ILE PA 87 57.54 -10.29 40.15
N ALA PA 88 57.29 -10.91 39.00
CA ALA PA 88 56.40 -10.37 37.99
C ALA PA 88 54.97 -10.87 38.25
N ASP PA 89 54.07 -10.70 37.29
CA ASP PA 89 52.67 -11.06 37.47
C ASP PA 89 52.45 -12.57 37.39
N TYR PA 90 52.80 -13.18 36.26
CA TYR PA 90 52.63 -14.62 36.06
C TYR PA 90 53.89 -15.33 36.54
N THR PA 91 53.87 -15.77 37.79
CA THR PA 91 55.00 -16.44 38.41
C THR PA 91 54.53 -17.69 39.14
N ASP PA 92 55.33 -18.75 39.04
CA ASP PA 92 55.01 -20.04 39.66
C ASP PA 92 56.16 -20.56 40.53
N ASP PA 93 57.10 -19.71 40.94
CA ASP PA 93 58.33 -20.16 41.59
C ASP PA 93 58.63 -19.30 42.83
N LEU PA 94 57.62 -19.11 43.65
CA LEU PA 94 57.81 -18.35 44.88
C LEU PA 94 58.73 -19.11 45.84
N PRO PA 95 59.65 -18.43 46.51
CA PRO PA 95 60.52 -19.11 47.48
C PRO PA 95 59.75 -19.49 48.75
N LEU PA 96 60.40 -20.30 49.58
CA LEU PA 96 59.75 -20.93 50.72
C LEU PA 96 60.56 -20.67 52.01
N VAL PA 97 59.97 -21.03 53.15
CA VAL PA 97 60.56 -20.76 54.46
C VAL PA 97 60.49 -22.03 55.29
N ASP PA 98 61.08 -21.99 56.49
CA ASP PA 98 61.12 -23.15 57.37
C ASP PA 98 61.41 -22.70 58.81
N ALA PA 99 61.49 -23.66 59.71
CA ALA PA 99 61.73 -23.42 61.13
C ALA PA 99 62.84 -24.33 61.64
N LEU PA 100 63.16 -24.19 62.92
CA LEU PA 100 64.31 -24.87 63.52
C LEU PA 100 64.06 -25.07 65.01
N GLY PA 101 64.91 -25.88 65.65
CA GLY PA 101 64.80 -26.10 67.09
C GLY PA 101 66.06 -26.74 67.62
N THR PA 102 66.26 -26.61 68.94
CA THR PA 102 67.46 -27.09 69.60
C THR PA 102 67.19 -27.24 71.09
N SER PA 103 67.93 -28.14 71.75
CA SER PA 103 67.78 -28.38 73.18
C SER PA 103 69.12 -28.73 73.81
N GLU PA 104 69.23 -28.46 75.11
CA GLU PA 104 70.43 -28.76 75.89
C GLU PA 104 70.02 -29.16 77.31
N PHE PA 105 70.97 -29.73 78.05
CA PHE PA 105 70.67 -30.39 79.32
C PHE PA 105 71.60 -29.90 80.43
N GLY PA 106 71.34 -30.39 81.64
CA GLY PA 106 72.10 -30.04 82.83
C GLY PA 106 72.07 -31.18 83.83
N LYS PA 107 72.67 -30.94 84.99
CA LYS PA 107 72.84 -31.99 85.99
C LYS PA 107 72.85 -31.41 87.40
N VAL PA 108 72.58 -32.28 88.37
CA VAL PA 108 72.52 -31.93 89.80
C VAL PA 108 73.46 -32.87 90.55
N PHE PA 109 74.00 -32.38 91.67
CA PHE PA 109 75.03 -33.10 92.42
C PHE PA 109 74.72 -33.04 93.91
N ARG PA 110 75.24 -34.04 94.64
CA ARG PA 110 75.05 -34.18 96.07
C ARG PA 110 76.39 -34.11 96.79
N LEU PA 111 76.41 -33.42 97.92
CA LEU PA 111 77.62 -33.15 98.69
C LEU PA 111 77.44 -33.70 100.10
N GLY PA 112 78.54 -34.12 100.71
CA GLY PA 112 78.48 -34.72 102.03
C GLY PA 112 79.77 -34.62 102.79
N ASN PA 113 79.66 -34.68 104.12
CA ASN PA 113 80.81 -34.74 105.03
C ASN PA 113 80.32 -35.30 106.36
N ALA PA 114 81.18 -35.29 107.38
CA ALA PA 114 80.82 -35.85 108.67
C ALA PA 114 81.78 -35.35 109.74
N TYR PA 115 81.49 -35.71 111.00
CA TYR PA 115 82.39 -35.44 112.10
C TYR PA 115 82.16 -36.43 113.23
N LEU PA 116 83.13 -36.49 114.15
CA LEU PA 116 83.16 -37.45 115.24
C LEU PA 116 83.32 -36.73 116.58
N ILE PA 117 82.80 -37.36 117.63
CA ILE PA 117 82.85 -36.77 118.97
C ILE PA 117 82.67 -37.90 119.98
N SER PA 118 83.27 -37.73 121.17
CA SER PA 118 83.27 -38.77 122.18
C SER PA 118 82.55 -38.31 123.45
N ILE PA 119 82.21 -39.28 124.29
CA ILE PA 119 81.46 -39.01 125.52
C ILE PA 119 82.28 -38.16 126.48
N ASP PA 120 83.57 -38.47 126.63
CA ASP PA 120 84.42 -37.69 127.52
C ASP PA 120 84.49 -36.24 127.08
N GLU PA 121 84.65 -36.02 125.76
CA GLU PA 121 84.71 -34.65 125.26
C GLU PA 121 83.38 -33.93 125.44
N ILE PA 122 82.26 -34.64 125.26
CA ILE PA 122 80.96 -34.02 125.46
C ILE PA 122 80.80 -33.56 126.91
N LYS PA 123 81.13 -34.45 127.86
CA LYS PA 123 80.99 -34.10 129.27
C LYS PA 123 81.94 -32.97 129.65
N ALA PA 124 83.17 -32.99 129.14
CA ALA PA 124 84.12 -31.93 129.44
C ALA PA 124 83.65 -30.59 128.89
N GLY PA 125 83.12 -30.58 127.66
CA GLY PA 125 82.59 -29.35 127.11
C GLY PA 125 81.43 -28.82 127.91
N GLN PA 126 80.51 -29.70 128.33
CA GLN PA 126 79.39 -29.26 129.14
C GLN PA 126 79.87 -28.69 130.47
N ALA PA 127 80.87 -29.33 131.09
CA ALA PA 127 81.37 -28.86 132.38
C ALA PA 127 82.06 -27.52 132.26
N THR PA 128 82.90 -27.34 131.24
CA THR PA 128 83.63 -26.09 131.08
C THR PA 128 82.81 -24.98 130.42
N GLY PA 129 81.63 -25.30 129.89
CA GLY PA 129 80.79 -24.28 129.29
C GLY PA 129 81.13 -23.93 127.85
N ARG PA 130 82.06 -24.66 127.22
CA ARG PA 130 82.46 -24.41 125.84
C ARG PA 130 82.32 -25.69 125.05
N PRO PA 131 81.15 -25.93 124.44
CA PRO PA 131 80.95 -27.17 123.68
C PRO PA 131 81.80 -27.21 122.41
N LEU PA 132 82.06 -28.42 121.94
CA LEU PA 132 82.85 -28.66 120.73
C LEU PA 132 82.00 -29.09 119.54
N SER PA 133 80.86 -29.74 119.80
CA SER PA 133 79.99 -30.18 118.73
C SER PA 133 79.45 -29.00 117.92
N THR PA 134 79.13 -27.89 118.60
CA THR PA 134 78.67 -26.70 117.90
C THR PA 134 79.73 -26.17 116.96
N ARG PA 135 80.98 -26.13 117.42
CA ARG PA 135 82.08 -25.67 116.57
C ARG PA 135 82.25 -26.57 115.36
N LYS PA 136 82.18 -27.88 115.58
CA LYS PA 136 82.33 -28.81 114.46
C LYS PA 136 81.18 -28.67 113.46
N ALA PA 137 79.96 -28.48 113.95
CA ALA PA 137 78.82 -28.29 113.05
C ALA PA 137 78.95 -27.01 112.23
N SER PA 138 79.39 -25.92 112.87
CA SER PA 138 79.62 -24.69 112.14
C SER PA 138 80.71 -24.87 111.09
N ALA PA 139 81.76 -25.62 111.42
CA ALA PA 139 82.80 -25.90 110.44
C ALA PA 139 82.24 -26.69 109.25
N CYS PA 140 81.37 -27.66 109.52
CA CYS PA 140 80.76 -28.42 108.43
C CYS PA 140 79.94 -27.52 107.51
N GLN PA 141 79.12 -26.65 108.10
CA GLN PA 141 78.30 -25.76 107.29
C GLN PA 141 79.15 -24.80 106.46
N LEU PA 142 80.21 -24.26 107.07
CA LEU PA 142 81.10 -23.37 106.35
C LEU PA 142 81.79 -24.10 105.21
N ALA PA 143 82.20 -25.34 105.44
CA ALA PA 143 82.83 -26.13 104.38
C ALA PA 143 81.87 -26.34 103.23
N HIS PA 144 80.59 -26.64 103.53
CA HIS PA 144 79.61 -26.80 102.46
C HIS PA 144 79.46 -25.52 101.63
N ASP PA 145 79.35 -24.38 102.31
CA ASP PA 145 79.18 -23.11 101.59
C ASP PA 145 80.40 -22.81 100.71
N GLN PA 146 81.60 -22.97 101.27
CA GLN PA 146 82.81 -22.71 100.50
C GLN PA 146 82.95 -23.67 99.33
N LEU PA 147 82.54 -24.93 99.49
CA LEU PA 147 82.61 -25.87 98.38
C LEU PA 147 81.65 -25.49 97.26
N VAL PA 148 80.45 -25.02 97.62
CA VAL PA 148 79.52 -24.54 96.59
C VAL PA 148 80.12 -23.35 95.85
N ASN PA 149 80.71 -22.41 96.59
CA ASN PA 149 81.34 -21.26 95.95
C ASN PA 149 82.47 -21.68 95.02
N ARG PA 150 83.29 -22.63 95.47
CA ARG PA 150 84.39 -23.13 94.64
C ARG PA 150 83.87 -23.81 93.39
N LEU PA 151 82.78 -24.57 93.51
CA LEU PA 151 82.18 -25.18 92.34
C LEU PA 151 81.71 -24.13 91.33
N VAL PA 152 81.12 -23.04 91.83
CA VAL PA 152 80.63 -22.00 90.93
C VAL PA 152 81.79 -21.31 90.22
N PHE PA 153 82.80 -20.89 90.97
CA PHE PA 153 83.84 -20.03 90.43
C PHE PA 153 85.05 -20.76 89.85
N LYS PA 154 85.14 -22.08 90.03
CA LYS PA 154 86.28 -22.82 89.50
C LYS PA 154 85.92 -24.09 88.75
N GLY PA 155 84.75 -24.69 89.00
CA GLY PA 155 84.37 -25.90 88.29
C GLY PA 155 85.20 -27.09 88.72
N SER PA 156 85.03 -28.18 87.97
CA SER PA 156 85.79 -29.41 88.20
C SER PA 156 85.92 -30.13 86.88
N ALA PA 157 87.15 -30.29 86.40
CA ALA PA 157 87.38 -30.98 85.13
C ALA PA 157 86.86 -32.41 85.13
N PRO PA 158 87.10 -33.25 86.14
CA PRO PA 158 86.56 -34.62 86.08
C PRO PA 158 85.05 -34.69 86.02
N HIS PA 159 84.34 -33.76 86.67
CA HIS PA 159 82.89 -33.78 86.73
C HIS PA 159 82.24 -33.03 85.58
N LYS PA 160 83.03 -32.52 84.63
CA LYS PA 160 82.51 -31.78 83.49
C LYS PA 160 81.67 -30.58 83.94
N ILE PA 161 82.19 -29.82 84.89
CA ILE PA 161 81.62 -28.55 85.30
C ILE PA 161 82.56 -27.45 84.82
N VAL PA 162 82.04 -26.52 84.04
CA VAL PA 162 82.83 -25.43 83.48
C VAL PA 162 82.61 -24.18 84.32
N SER PA 163 83.69 -23.53 84.71
CA SER PA 163 83.61 -22.31 85.49
C SER PA 163 83.13 -21.16 84.62
N VAL PA 164 82.80 -20.05 85.27
CA VAL PA 164 82.30 -18.89 84.54
C VAL PA 164 83.39 -18.32 83.63
N PHE PA 165 84.64 -18.36 84.07
CA PHE PA 165 85.73 -17.85 83.24
C PHE PA 165 86.09 -18.79 82.10
N ASN PA 166 85.78 -20.07 82.23
CA ASN PA 166 86.23 -21.09 81.28
C ASN PA 166 85.16 -21.48 80.26
N HIS PA 167 84.03 -20.80 80.25
CA HIS PA 167 82.99 -21.12 79.29
C HIS PA 167 83.46 -20.78 77.88
N PRO PA 168 83.12 -21.59 76.88
CA PRO PA 168 83.62 -21.36 75.53
C PRO PA 168 82.80 -20.38 74.68
N ASN PA 169 81.74 -19.80 75.21
CA ASN PA 169 80.85 -18.94 74.42
C ASN PA 169 80.59 -17.60 75.08
N ILE PA 170 81.51 -17.15 75.94
CA ILE PA 170 81.43 -15.81 76.52
C ILE PA 170 82.44 -14.93 75.80
N THR PA 171 82.09 -13.67 75.60
CA THR PA 171 82.99 -12.76 74.90
C THR PA 171 84.20 -12.48 75.77
N LYS PA 172 85.39 -12.56 75.18
CA LYS PA 172 86.63 -12.32 75.89
C LYS PA 172 87.39 -11.19 75.23
N ILE PA 173 87.96 -10.31 76.05
CA ILE PA 173 88.69 -9.15 75.57
C ILE PA 173 90.05 -9.12 76.26
N THR PA 174 91.12 -9.25 75.48
CA THR PA 174 92.46 -9.02 76.00
C THR PA 174 92.67 -7.52 76.14
N SER PA 175 93.29 -7.12 77.26
CA SER PA 175 93.32 -5.73 77.64
C SER PA 175 94.73 -5.31 78.03
N GLY PA 176 95.03 -4.04 77.79
CA GLY PA 176 96.21 -3.44 78.35
C GLY PA 176 96.08 -3.25 79.85
N LYS PA 177 97.23 -3.15 80.52
CA LYS PA 177 97.23 -3.07 81.97
C LYS PA 177 96.72 -1.72 82.45
N TRP PA 178 95.80 -1.74 83.41
CA TRP PA 178 95.36 -0.52 84.07
C TRP PA 178 96.41 0.02 85.02
N ILE PA 179 97.35 -0.81 85.45
CA ILE PA 179 98.42 -0.41 86.35
C ILE PA 179 99.70 -1.07 85.84
N ASP PA 180 100.59 -0.29 85.25
CA ASP PA 180 101.87 -0.78 84.75
C ASP PA 180 102.98 0.08 85.32
N ALA PA 181 104.00 -0.56 85.89
CA ALA PA 181 105.15 0.14 86.48
C ALA PA 181 104.70 1.15 87.53
N SER PA 182 103.69 0.77 88.31
CA SER PA 182 103.15 1.57 89.41
C SER PA 182 102.69 2.96 88.97
N THR PA 183 102.07 3.06 87.80
CA THR PA 183 101.38 4.28 87.38
C THR PA 183 100.02 3.94 86.84
N MET PA 184 99.10 4.91 86.92
CA MET PA 184 97.68 4.66 86.71
C MET PA 184 97.27 5.06 85.28
N LYS PA 185 96.28 4.36 84.74
CA LYS PA 185 95.74 4.63 83.42
C LYS PA 185 94.22 4.68 83.46
N PRO PA 186 93.65 5.71 84.09
CA PRO PA 186 92.18 5.84 84.12
C PRO PA 186 91.57 5.96 82.74
N GLU PA 187 92.26 6.60 81.79
CA GLU PA 187 91.72 6.69 80.43
C GLU PA 187 91.64 5.32 79.78
N THR PA 188 92.67 4.48 79.99
CA THR PA 188 92.62 3.12 79.47
C THR PA 188 91.48 2.33 80.11
N ALA PA 189 91.30 2.48 81.42
CA ALA PA 189 90.21 1.78 82.09
C ALA PA 189 88.86 2.22 81.53
N GLU PA 190 88.67 3.52 81.36
CA GLU PA 190 87.40 4.04 80.85
C GLU PA 190 87.14 3.54 79.44
N ALA PA 191 88.16 3.58 78.58
CA ALA PA 191 87.99 3.10 77.21
C ALA PA 191 87.63 1.63 77.18
N GLU PA 192 88.28 0.82 78.01
CA GLU PA 192 87.99 -0.62 78.00
C GLU PA 192 86.58 -0.90 78.51
N LEU PA 193 86.15 -0.19 79.56
CA LEU PA 193 84.79 -0.38 80.06
C LEU PA 193 83.75 0.01 79.02
N THR PA 194 83.96 1.15 78.34
CA THR PA 194 83.02 1.56 77.31
C THR PA 194 83.01 0.58 76.15
N GLN PA 195 84.18 0.04 75.78
CA GLN PA 195 84.24 -0.96 74.73
C GLN PA 195 83.47 -2.21 75.11
N ALA PA 196 83.59 -2.63 76.37
CA ALA PA 196 82.83 -3.80 76.83
C ALA PA 196 81.32 -3.54 76.77
N ILE PA 197 80.89 -2.36 77.21
CA ILE PA 197 79.46 -2.05 77.17
C ILE PA 197 78.94 -2.05 75.73
N GLU PA 198 79.66 -1.40 74.82
CA GLU PA 198 79.18 -1.34 73.44
C GLU PA 198 79.21 -2.72 72.79
N THR PA 199 80.19 -3.55 73.15
CA THR PA 199 80.20 -4.93 72.65
C THR PA 199 78.98 -5.69 73.12
N ILE PA 200 78.63 -5.55 74.41
CA ILE PA 200 77.41 -6.18 74.92
C ILE PA 200 76.20 -5.72 74.11
N GLU PA 201 76.11 -4.41 73.85
CA GLU PA 201 74.96 -3.88 73.13
C GLU PA 201 74.91 -4.40 71.69
N THR PA 202 76.06 -4.47 71.02
CA THR PA 202 76.05 -4.69 69.57
C THR PA 202 76.03 -6.18 69.22
N ILE PA 203 76.56 -7.05 70.08
CA ILE PA 203 76.62 -8.46 69.72
C ILE PA 203 75.25 -9.10 69.84
N THR PA 204 74.37 -8.54 70.67
CA THR PA 204 73.01 -9.05 70.82
C THR PA 204 72.00 -8.29 69.99
N ARG PA 205 72.45 -7.38 69.12
CA ARG PA 205 71.58 -6.62 68.22
C ARG PA 205 70.50 -5.85 69.00
N GLY PA 206 70.92 -5.27 70.12
CA GLY PA 206 70.06 -4.39 70.88
C GLY PA 206 68.99 -5.07 71.71
N GLN PA 207 69.02 -6.40 71.81
CA GLN PA 207 68.02 -7.09 72.62
C GLN PA 207 68.29 -6.89 74.11
N HIS PA 208 69.54 -6.99 74.53
CA HIS PA 208 69.90 -6.91 75.94
C HIS PA 208 70.96 -5.84 76.15
N ARG PA 209 70.97 -5.28 77.36
CA ARG PA 209 71.87 -4.20 77.74
C ARG PA 209 72.53 -4.55 79.06
N ALA PA 210 73.82 -4.21 79.18
CA ALA PA 210 74.57 -4.53 80.38
C ALA PA 210 74.01 -3.80 81.59
N THR PA 211 74.08 -4.45 82.74
CA THR PA 211 73.53 -3.86 83.96
C THR PA 211 74.50 -3.88 85.14
N ASN PA 212 75.41 -4.87 85.20
CA ASN PA 212 76.31 -5.00 86.34
C ASN PA 212 77.75 -5.18 85.86
N ILE PA 213 78.67 -4.59 86.63
CA ILE PA 213 80.10 -4.68 86.41
C ILE PA 213 80.76 -5.15 87.69
N LEU PA 214 81.70 -6.08 87.57
CA LEU PA 214 82.48 -6.60 88.68
C LEU PA 214 83.96 -6.41 88.38
N ILE PA 215 84.68 -5.77 89.30
CA ILE PA 215 86.09 -5.45 89.11
C ILE PA 215 86.86 -5.89 90.35
N PRO PA 216 88.15 -6.14 90.21
CA PRO PA 216 88.96 -6.49 91.39
C PRO PA 216 88.94 -5.38 92.42
N PRO PA 217 88.89 -5.71 93.71
CA PRO PA 217 88.92 -4.66 94.74
C PRO PA 217 90.22 -3.88 94.80
N SER PA 218 91.31 -4.38 94.19
CA SER PA 218 92.58 -3.67 94.18
C SER PA 218 92.67 -2.61 93.10
N MET PA 219 91.64 -2.49 92.26
CA MET PA 219 91.62 -1.47 91.22
C MET PA 219 90.60 -0.36 91.50
N ARG PA 220 90.06 -0.31 92.72
CA ARG PA 220 89.13 0.77 93.06
C ARG PA 220 89.81 2.13 93.06
N LYS PA 221 91.07 2.22 93.49
CA LYS PA 221 91.78 3.48 93.51
C LYS PA 221 91.96 4.07 92.11
N VAL PA 222 91.98 3.22 91.09
CA VAL PA 222 92.13 3.71 89.72
C VAL PA 222 90.90 4.51 89.30
N LEU PA 223 89.72 4.09 89.73
CA LEU PA 223 88.48 4.75 89.35
C LEU PA 223 88.13 5.92 90.28
N ALA PA 224 88.94 6.19 91.30
CA ALA PA 224 88.68 7.28 92.23
C ALA PA 224 89.57 8.50 91.98
N ILE PA 225 90.43 8.46 90.96
CA ILE PA 225 91.33 9.57 90.69
C ILE PA 225 90.54 10.74 90.12
N ARG PA 226 90.84 11.95 90.60
CA ARG PA 226 90.15 13.14 90.13
C ARG PA 226 90.58 13.51 88.72
N MET PA 227 89.62 13.86 87.87
CA MET PA 227 89.95 14.33 86.54
C MET PA 227 90.61 15.71 86.63
N PRO PA 228 91.53 16.02 85.71
CA PRO PA 228 92.21 17.31 85.76
C PRO PA 228 91.24 18.47 85.60
N GLU PA 229 91.52 19.56 86.35
CA GLU PA 229 90.78 20.82 86.24
C GLU PA 229 89.28 20.64 86.51
N THR PA 230 88.92 19.61 87.27
CA THR PA 230 87.53 19.39 87.65
C THR PA 230 87.48 19.04 89.13
N THR PA 231 86.26 18.93 89.66
CA THR PA 231 86.04 18.65 91.07
C THR PA 231 85.29 17.33 91.29
N MET PA 232 85.35 16.42 90.31
CA MET PA 232 84.75 15.10 90.47
C MET PA 232 85.65 14.06 89.81
N SER PA 233 85.32 12.80 90.05
CA SER PA 233 86.18 11.69 89.68
C SER PA 233 85.71 11.03 88.39
N TYR PA 234 86.60 10.21 87.81
CA TYR PA 234 86.27 9.44 86.62
C TYR PA 234 85.06 8.55 86.86
N LEU PA 235 84.94 8.00 88.07
CA LEU PA 235 83.79 7.17 88.39
C LEU PA 235 82.50 7.97 88.33
N ASP PA 236 82.51 9.18 88.89
CA ASP PA 236 81.32 10.03 88.85
C ASP PA 236 80.96 10.39 87.41
N TYR PA 237 81.96 10.74 86.60
CA TYR PA 237 81.67 11.07 85.20
C TYR PA 237 81.12 9.86 84.44
N PHE PA 238 81.69 8.68 84.67
CA PHE PA 238 81.23 7.48 83.98
C PHE PA 238 79.81 7.13 84.40
N LYS PA 239 79.50 7.25 85.68
CA LYS PA 239 78.13 6.99 86.13
C LYS PA 239 77.15 7.99 85.55
N SER PA 240 77.55 9.27 85.45
CA SER PA 240 76.68 10.26 84.82
C SER PA 240 76.43 9.93 83.36
N GLN PA 241 77.46 9.51 82.64
CA GLN PA 241 77.33 9.20 81.22
C GLN PA 241 76.64 7.85 80.95
N ASN PA 242 76.64 6.94 81.91
CA ASN PA 242 76.04 5.61 81.74
C ASN PA 242 75.16 5.27 82.93
N SER PA 243 74.30 6.22 83.31
CA SER PA 243 73.34 5.99 84.38
C SER PA 243 72.52 4.74 84.12
N GLY PA 244 72.13 4.05 85.20
CA GLY PA 244 71.42 2.80 85.09
C GLY PA 244 72.29 1.56 85.20
N ILE PA 245 73.54 1.70 85.64
CA ILE PA 245 74.47 0.58 85.75
C ILE PA 245 75.04 0.58 87.17
N GLU PA 246 75.51 -0.58 87.62
CA GLU PA 246 76.06 -0.73 88.95
C GLU PA 246 77.45 -1.35 88.89
N ILE PA 247 78.30 -0.95 89.83
CA ILE PA 247 79.70 -1.37 89.89
C ILE PA 247 79.94 -2.01 91.25
N ASP PA 248 80.65 -3.14 91.27
CA ASP PA 248 80.96 -3.82 92.50
C ASP PA 248 82.33 -4.49 92.39
N SER PA 249 82.88 -4.88 93.54
CA SER PA 249 84.19 -5.50 93.59
C SER PA 249 84.08 -6.90 94.21
N ILE PA 250 84.76 -7.86 93.60
CA ILE PA 250 84.69 -9.27 93.98
C ILE PA 250 86.10 -9.80 94.13
N ALA PA 251 86.39 -10.42 95.28
CA ALA PA 251 87.76 -10.82 95.59
C ALA PA 251 88.19 -12.03 94.76
N GLU PA 252 87.23 -12.77 94.22
CA GLU PA 252 87.56 -13.94 93.40
C GLU PA 252 88.14 -13.56 92.05
N LEU PA 253 88.15 -12.28 91.69
CA LEU PA 253 88.65 -11.84 90.39
C LEU PA 253 90.14 -11.54 90.39
N GLU PA 254 90.80 -11.57 91.55
CA GLU PA 254 92.25 -11.34 91.58
C GLU PA 254 93.04 -12.44 90.89
N ASP PA 255 92.49 -13.65 90.78
CA ASP PA 255 93.19 -14.75 90.15
C ASP PA 255 92.16 -15.58 89.39
N ILE PA 256 92.19 -15.49 88.06
CA ILE PA 256 91.21 -16.18 87.22
C ILE PA 256 91.76 -17.47 86.62
N ASP PA 257 93.07 -17.70 86.68
CA ASP PA 257 93.65 -18.92 86.14
C ASP PA 257 94.73 -19.54 87.04
N GLY PA 258 94.89 -19.04 88.26
CA GLY PA 258 95.87 -19.59 89.17
C GLY PA 258 97.30 -19.12 88.99
N ALA PA 259 97.53 -18.16 88.09
CA ALA PA 259 98.87 -17.66 87.85
C ALA PA 259 99.09 -16.23 88.32
N GLY PA 260 98.03 -15.50 88.62
CA GLY PA 260 98.13 -14.13 89.07
C GLY PA 260 97.47 -13.09 88.17
N THR PA 261 96.71 -13.50 87.18
CA THR PA 261 96.02 -12.58 86.30
C THR PA 261 94.68 -12.17 86.89
N LYS PA 262 94.21 -11.00 86.49
CA LYS PA 262 92.95 -10.44 86.99
C LYS PA 262 91.92 -10.41 85.86
N GLY PA 263 90.68 -10.13 86.25
CA GLY PA 263 89.61 -10.08 85.26
C GLY PA 263 88.48 -9.18 85.71
N VAL PA 264 87.73 -8.70 84.72
CA VAL PA 264 86.57 -7.84 84.94
C VAL PA 264 85.39 -8.46 84.23
N LEU PA 265 84.25 -8.53 84.92
CA LEU PA 265 83.04 -9.14 84.39
C LEU PA 265 82.00 -8.07 84.09
N VAL PA 266 81.44 -8.10 82.88
CA VAL PA 266 80.33 -7.23 82.50
C VAL PA 266 79.18 -8.14 82.09
N TYR PA 267 78.03 -7.98 82.73
CA TYR PA 267 76.93 -8.88 82.45
C TYR PA 267 75.61 -8.20 82.82
N GLU PA 268 74.51 -8.87 82.48
CA GLU PA 268 73.16 -8.47 82.87
C GLU PA 268 72.63 -9.50 83.85
N LYS PA 269 72.10 -9.03 84.98
CA LYS PA 269 71.61 -9.92 86.03
C LYS PA 269 70.13 -10.19 85.78
N ASN PA 270 69.83 -11.40 85.34
CA ASN PA 270 68.47 -11.81 85.04
C ASN PA 270 68.32 -13.32 85.21
N PRO PA 271 67.23 -13.80 85.80
CA PRO PA 271 66.99 -15.24 85.86
C PRO PA 271 66.89 -15.88 84.48
N MET PA 272 66.51 -15.13 83.46
CA MET PA 272 66.44 -15.60 82.09
C MET PA 272 67.79 -16.04 81.54
N ASN PA 273 68.89 -15.51 82.06
CA ASN PA 273 70.21 -15.68 81.46
C ASN PA 273 71.08 -16.68 82.20
N MET PA 274 71.04 -16.71 83.53
CA MET PA 274 71.99 -17.50 84.30
C MET PA 274 71.42 -17.76 85.68
N SER PA 275 71.78 -18.91 86.26
CA SER PA 275 71.18 -19.29 87.52
C SER PA 275 72.08 -20.23 88.31
N ILE PA 276 71.88 -20.23 89.62
CA ILE PA 276 72.46 -21.19 90.55
C ILE PA 276 71.31 -21.78 91.37
N GLU PA 277 71.31 -23.10 91.52
CA GLU PA 277 70.20 -23.78 92.16
C GLU PA 277 70.67 -24.69 93.29
N ILE PA 278 69.93 -24.65 94.39
CA ILE PA 278 70.20 -25.42 95.60
C ILE PA 278 68.93 -26.19 95.95
N PRO PA 279 68.68 -27.33 95.32
CA PRO PA 279 67.41 -28.04 95.55
C PRO PA 279 67.22 -28.51 96.99
N GLU PA 280 68.28 -28.96 97.65
CA GLU PA 280 68.19 -29.49 99.01
C GLU PA 280 69.21 -28.82 99.91
N ALA PA 281 68.78 -28.43 101.10
CA ALA PA 281 69.61 -27.65 102.01
C ALA PA 281 70.26 -28.54 103.07
N PHE PA 282 71.02 -27.90 103.94
CA PHE PA 282 71.74 -28.60 105.00
C PHE PA 282 70.74 -29.28 105.94
N ASN PA 283 71.03 -30.54 106.31
CA ASN PA 283 70.03 -31.38 106.94
C ASN PA 283 70.39 -31.92 108.33
N MET PA 284 71.67 -32.20 108.62
CA MET PA 284 72.10 -32.65 109.94
C MET PA 284 71.41 -33.96 110.34
N LEU PA 285 71.75 -35.02 109.60
CA LEU PA 285 71.27 -36.38 109.88
C LEU PA 285 71.55 -36.79 111.33
N PRO PA 286 70.77 -37.71 111.89
CA PRO PA 286 70.96 -38.10 113.29
C PRO PA 286 72.28 -38.83 113.51
N ALA PA 287 72.72 -38.84 114.76
CA ALA PA 287 74.01 -39.40 115.14
C ALA PA 287 73.93 -40.92 115.28
N GLN PA 288 75.02 -41.59 114.88
CA GLN PA 288 75.12 -43.03 114.97
C GLN PA 288 76.11 -43.42 116.05
N PRO PA 289 75.71 -44.23 117.04
CA PRO PA 289 76.61 -44.56 118.14
C PRO PA 289 77.61 -45.65 117.76
N LYS PA 290 78.60 -45.81 118.62
CA LYS PA 290 79.61 -46.85 118.50
C LYS PA 290 80.05 -47.23 119.91
N ASP PA 291 81.21 -47.86 120.04
CA ASP PA 291 81.71 -48.32 121.32
C ASP PA 291 81.55 -47.26 122.40
N LEU PA 292 82.21 -46.10 122.22
CA LEU PA 292 82.07 -45.02 123.20
C LEU PA 292 82.08 -43.64 122.55
N HIS PA 293 81.77 -43.55 121.26
CA HIS PA 293 81.74 -42.26 120.56
C HIS PA 293 80.61 -42.29 119.54
N PHE PA 294 80.39 -41.16 118.88
CA PHE PA 294 79.29 -41.00 117.94
C PHE PA 294 79.84 -40.51 116.61
N LYS PA 295 79.05 -40.69 115.56
CA LYS PA 295 79.40 -40.22 114.24
C LYS PA 295 78.22 -39.48 113.65
N VAL PA 296 78.44 -38.26 113.15
CA VAL PA 296 77.34 -37.44 112.63
C VAL PA 296 77.64 -37.03 111.19
N PRO PA 297 76.82 -37.46 110.22
CA PRO PA 297 77.00 -37.01 108.84
C PRO PA 297 76.16 -35.79 108.50
N CYS PA 298 76.50 -35.16 107.37
CA CYS PA 298 75.82 -33.98 106.86
C CYS PA 298 75.82 -34.04 105.34
N THR PA 299 74.70 -33.66 104.73
CA THR PA 299 74.54 -33.75 103.28
C THR PA 299 73.82 -32.51 102.75
N SER PA 300 73.93 -32.31 101.44
CA SER PA 300 73.30 -31.18 100.76
C SER PA 300 73.31 -31.44 99.25
N LYS PA 301 72.74 -30.51 98.49
CA LYS PA 301 72.64 -30.65 97.04
C LYS PA 301 72.91 -29.30 96.38
N CYS PA 302 73.35 -29.34 95.13
CA CYS PA 302 73.57 -28.11 94.35
C CYS PA 302 73.68 -28.46 92.88
N THR PA 303 73.54 -27.44 92.03
CA THR PA 303 73.72 -27.64 90.59
C THR PA 303 74.97 -26.96 90.05
N GLY PA 304 75.37 -25.83 90.61
CA GLY PA 304 76.43 -25.03 90.04
C GLY PA 304 75.86 -23.83 89.33
N LEU PA 305 76.56 -23.36 88.30
CA LEU PA 305 76.13 -22.22 87.50
C LEU PA 305 75.72 -22.70 86.12
N THR PA 306 74.50 -22.34 85.70
CA THR PA 306 74.00 -22.66 84.37
C THR PA 306 73.77 -21.35 83.62
N ILE PA 307 74.34 -21.26 82.42
CA ILE PA 307 74.24 -20.07 81.58
C ILE PA 307 73.42 -20.46 80.36
N TYR PA 308 72.16 -20.01 80.31
CA TYR PA 308 71.31 -20.28 79.16
C TYR PA 308 71.73 -19.45 77.96
N ARG PA 309 72.01 -18.16 78.16
CA ARG PA 309 72.41 -17.26 77.08
C ARG PA 309 73.84 -16.80 77.31
N PRO PA 310 74.83 -17.43 76.67
CA PRO PA 310 76.23 -17.08 76.94
C PRO PA 310 76.68 -15.80 76.27
N MET PA 311 75.88 -15.21 75.39
CA MET PA 311 76.29 -14.04 74.64
C MET PA 311 76.18 -12.75 75.45
N THR PA 312 75.60 -12.81 76.65
CA THR PA 312 75.47 -11.64 77.50
C THR PA 312 76.50 -11.59 78.62
N ILE PA 313 77.69 -12.13 78.38
CA ILE PA 313 78.78 -12.10 79.35
C ILE PA 313 80.06 -11.67 78.64
N VAL PA 314 80.71 -10.62 79.16
CA VAL PA 314 81.97 -10.13 78.64
C VAL PA 314 83.01 -10.20 79.75
N LEU PA 315 84.17 -10.76 79.44
CA LEU PA 315 85.26 -10.93 80.39
C LEU PA 315 86.49 -10.20 79.85
N ILE PA 316 86.90 -9.16 80.56
CA ILE PA 316 88.09 -8.38 80.21
C ILE PA 316 89.24 -8.95 81.03
N THR PA 317 90.21 -9.56 80.34
CA THR PA 317 91.34 -10.19 81.01
C THR PA 317 92.55 -9.28 80.99
N GLY PA 318 93.55 -9.65 81.78
CA GLY PA 318 94.79 -8.90 81.81
C GLY PA 318 94.74 -7.58 82.56
N VAL PA 319 93.65 -7.31 83.27
CA VAL PA 319 93.51 -6.07 84.02
C VAL PA 319 94.52 -6.01 85.15
N ALA QA 29 126.98 61.44 155.08
CA ALA QA 29 125.67 60.81 154.90
C ALA QA 29 124.59 61.85 154.63
N THR QA 30 124.34 62.13 153.35
CA THR QA 30 123.36 63.13 152.93
C THR QA 30 122.32 62.42 152.07
N MET QA 31 121.20 62.04 152.68
CA MET QA 31 120.10 61.37 152.03
C MET QA 31 118.95 62.34 151.80
N GLY QA 32 117.90 61.86 151.13
CA GLY QA 32 116.64 62.56 151.10
C GLY QA 32 115.71 62.09 152.19
N ILE QA 33 114.54 62.74 152.25
CA ILE QA 33 113.55 62.36 153.25
C ILE QA 33 112.98 60.98 152.94
N TRP QA 34 112.61 60.74 151.68
CA TRP QA 34 111.98 59.48 151.29
C TRP QA 34 113.00 58.55 150.65
N THR QA 35 112.76 57.26 150.82
CA THR QA 35 113.57 56.23 150.17
C THR QA 35 112.84 55.68 148.96
N ALA QA 36 113.49 54.75 148.25
CA ALA QA 36 112.91 54.22 147.03
C ALA QA 36 111.70 53.35 147.31
N GLN QA 37 111.67 52.68 148.46
CA GLN QA 37 110.60 51.75 148.78
C GLN QA 37 109.24 52.43 148.92
N GLU QA 38 109.18 53.61 149.55
CA GLU QA 38 107.91 54.27 149.80
C GLU QA 38 107.17 54.61 148.51
N LEU QA 39 107.86 54.73 147.39
CA LEU QA 39 107.25 55.06 146.11
C LEU QA 39 107.51 53.90 145.15
N HIS QA 40 106.64 52.89 145.21
CA HIS QA 40 106.82 51.66 144.45
C HIS QA 40 105.52 50.87 144.45
N ARG QA 41 105.09 50.41 143.28
CA ARG QA 41 103.85 49.66 143.15
C ARG QA 41 104.12 48.24 142.67
N ILE QA 42 103.54 47.27 143.35
CA ILE QA 42 103.65 45.86 142.98
C ILE QA 42 102.38 45.48 142.23
N LYS QA 43 102.54 45.03 140.99
CA LYS QA 43 101.39 44.56 140.23
C LYS QA 43 100.80 43.32 140.89
N SER QA 44 99.47 43.28 140.96
CA SER QA 44 98.76 42.22 141.65
C SER QA 44 98.37 41.08 140.71
N GLN QA 45 99.14 40.87 139.64
CA GLN QA 45 98.87 39.81 138.69
C GLN QA 45 100.15 39.02 138.44
N SER QA 46 100.03 37.70 138.31
CA SER QA 46 101.16 36.82 138.13
C SER QA 46 101.06 36.09 136.79
N TYR QA 47 102.23 35.82 136.20
CA TYR QA 47 102.33 35.06 134.96
C TYR QA 47 103.01 33.73 135.25
N GLU QA 48 102.45 32.65 134.70
CA GLU QA 48 102.96 31.31 134.96
C GLU QA 48 103.21 30.59 133.64
N GLU QA 49 104.33 29.89 133.57
CA GLU QA 49 104.63 29.08 132.40
C GLU QA 49 103.62 27.95 132.28
N ASP QA 50 103.29 27.58 131.04
CA ASP QA 50 102.27 26.60 130.76
C ASP QA 50 102.90 25.32 130.22
N TYR QA 51 102.44 24.18 130.72
CA TYR QA 51 102.93 22.87 130.28
C TYR QA 51 101.74 21.99 129.91
N PRO QA 52 101.40 21.95 128.61
CA PRO QA 52 100.32 21.06 128.17
C PRO QA 52 100.69 19.60 128.37
N VAL QA 53 99.67 18.78 128.58
CA VAL QA 53 99.90 17.37 128.93
C VAL QA 53 100.07 16.52 127.69
N GLY QA 54 99.04 16.45 126.85
CA GLY QA 54 99.09 15.62 125.67
C GLY QA 54 97.67 15.21 125.27
N SER QA 55 97.61 14.15 124.47
CA SER QA 55 96.33 13.67 123.95
C SER QA 55 96.21 12.15 123.96
N ALA QA 56 97.05 11.46 124.74
CA ALA QA 56 97.04 10.00 124.73
C ALA QA 56 95.77 9.44 125.33
N LEU QA 57 95.18 10.12 126.30
CA LEU QA 57 93.94 9.68 126.92
C LEU QA 57 92.71 10.19 126.20
N ARG QA 58 92.88 10.98 125.13
CA ARG QA 58 91.77 11.48 124.35
C ARG QA 58 91.68 10.85 122.96
N VAL QA 59 92.80 10.45 122.37
CA VAL QA 59 92.78 9.81 121.06
C VAL QA 59 92.75 8.29 121.13
N PHE QA 60 92.82 7.72 122.34
CA PHE QA 60 92.79 6.28 122.50
C PHE QA 60 91.79 5.89 123.58
N PRO QA 61 91.15 4.73 123.44
CA PRO QA 61 90.16 4.32 124.45
C PRO QA 61 90.80 3.99 125.78
N VAL QA 62 90.02 4.13 126.85
CA VAL QA 62 90.47 3.87 128.20
C VAL QA 62 89.53 2.85 128.82
N THR QA 63 89.96 1.59 128.85
CA THR QA 63 89.19 0.52 129.46
C THR QA 63 89.66 0.29 130.90
N THR QA 64 88.73 -0.15 131.76
CA THR QA 64 89.04 -0.47 133.15
C THR QA 64 88.48 -1.86 133.47
N GLU QA 65 89.34 -2.87 133.36
CA GLU QA 65 88.94 -4.25 133.61
C GLU QA 65 90.05 -5.01 134.35
N LEU QA 66 90.97 -4.28 134.96
CA LEU QA 66 92.07 -4.88 135.70
C LEU QA 66 92.01 -4.47 137.16
N SER QA 67 92.25 -5.43 138.04
CA SER QA 67 92.28 -5.18 139.48
C SER QA 67 93.56 -4.45 139.86
N PRO QA 68 93.56 -3.73 140.99
CA PRO QA 68 94.77 -3.02 141.41
C PRO QA 68 95.89 -3.95 141.85
N THR QA 69 95.60 -5.24 141.97
CA THR QA 69 96.56 -6.21 142.47
C THR QA 69 96.88 -7.30 141.45
N ASP QA 70 96.83 -6.97 140.16
CA ASP QA 70 97.11 -7.94 139.11
C ASP QA 70 98.46 -7.63 138.46
N LYS QA 71 99.07 -8.66 137.87
CA LYS QA 71 100.35 -8.51 137.19
C LYS QA 71 100.31 -8.80 135.70
N THR QA 72 99.47 -9.73 135.26
CA THR QA 72 99.38 -10.08 133.85
C THR QA 72 97.92 -10.23 133.46
N PHE QA 73 97.68 -10.38 132.16
CA PHE QA 73 96.35 -10.68 131.64
C PHE QA 73 96.49 -11.54 130.40
N GLU QA 74 95.38 -12.12 129.98
CA GLU QA 74 95.39 -13.10 128.90
C GLU QA 74 94.11 -12.99 128.08
N TYR QA 75 94.24 -13.22 126.78
CA TYR QA 75 93.10 -13.33 125.89
C TYR QA 75 93.35 -14.49 124.93
N MET QA 76 92.26 -15.05 124.41
CA MET QA 76 92.32 -16.29 123.63
C MET QA 76 91.78 -16.09 122.23
N THR QA 77 92.22 -16.96 121.32
CA THR QA 77 91.80 -16.93 119.93
C THR QA 77 91.57 -18.36 119.45
N PHE QA 78 90.58 -18.54 118.58
CA PHE QA 78 90.19 -19.87 118.12
C PHE QA 78 90.21 -19.94 116.59
N ASP QA 79 90.10 -21.16 116.08
CA ASP QA 79 90.20 -21.42 114.64
C ASP QA 79 89.56 -22.77 114.35
N LYS QA 80 89.55 -23.15 113.08
CA LYS QA 80 88.94 -24.41 112.66
C LYS QA 80 89.46 -24.81 111.28
N VAL QA 81 89.23 -26.09 110.94
CA VAL QA 81 89.56 -26.63 109.63
C VAL QA 81 88.40 -27.52 109.18
N GLY QA 82 88.42 -27.91 107.91
CA GLY QA 82 87.40 -28.79 107.38
C GLY QA 82 87.38 -28.78 105.88
N THR QA 83 86.57 -29.68 105.32
CA THR QA 83 86.41 -29.82 103.87
C THR QA 83 85.16 -30.64 103.59
N ALA QA 84 84.82 -30.73 102.30
CA ALA QA 84 83.70 -31.55 101.86
C ALA QA 84 83.96 -32.01 100.44
N GLN QA 85 83.26 -33.07 100.02
CA GLN QA 85 83.43 -33.65 98.71
C GLN QA 85 82.07 -33.99 98.11
N ILE QA 86 82.09 -34.38 96.84
CA ILE QA 86 80.92 -34.87 96.12
C ILE QA 86 80.89 -36.39 96.24
N ILE QA 87 79.74 -36.92 96.63
CA ILE QA 87 79.63 -38.34 96.99
C ILE QA 87 78.50 -38.97 96.19
N ALA QA 88 78.45 -40.30 96.26
CA ALA QA 88 77.35 -41.09 95.73
C ALA QA 88 76.33 -41.32 96.84
N ASP QA 89 75.42 -42.27 96.60
CA ASP QA 89 74.40 -42.58 97.61
C ASP QA 89 74.82 -43.72 98.54
N TYR QA 90 75.49 -44.74 98.02
CA TYR QA 90 75.94 -45.87 98.84
C TYR QA 90 77.39 -45.67 99.29
N THR QA 91 77.65 -44.52 99.91
CA THR QA 91 79.00 -44.15 100.30
C THR QA 91 79.11 -44.02 101.82
N ASP QA 92 80.24 -44.49 102.35
CA ASP QA 92 80.55 -44.33 103.77
C ASP QA 92 82.01 -43.94 103.96
N ASP QA 93 82.48 -42.95 103.21
CA ASP QA 93 83.86 -42.48 103.32
C ASP QA 93 83.89 -40.94 103.39
N LEU QA 94 83.02 -40.38 104.22
CA LEU QA 94 82.93 -38.93 104.32
C LEU QA 94 84.13 -38.37 105.09
N PRO QA 95 84.58 -37.16 104.78
CA PRO QA 95 85.69 -36.55 105.52
C PRO QA 95 85.22 -36.01 106.88
N LEU QA 96 86.15 -35.36 107.58
CA LEU QA 96 85.91 -34.88 108.93
C LEU QA 96 86.30 -33.40 109.05
N VAL QA 97 86.04 -32.84 110.24
CA VAL QA 97 86.37 -31.47 110.58
C VAL QA 97 87.01 -31.45 111.97
N ASP QA 98 87.51 -30.28 112.37
CA ASP QA 98 88.20 -30.15 113.64
C ASP QA 98 88.28 -28.66 114.00
N ALA QA 99 88.82 -28.37 115.19
CA ALA QA 99 88.96 -27.00 115.68
C ALA QA 99 90.12 -26.94 116.67
N LEU QA 100 90.60 -25.73 116.93
CA LEU QA 100 91.75 -25.53 117.82
C LEU QA 100 91.70 -24.09 118.37
N GLY QA 101 92.75 -23.72 119.11
CA GLY QA 101 92.81 -22.42 119.74
C GLY QA 101 94.20 -22.03 120.18
N THR QA 102 94.31 -20.82 120.72
CA THR QA 102 95.58 -20.25 121.16
C THR QA 102 95.29 -19.11 122.15
N SER QA 103 96.35 -18.41 122.56
CA SER QA 103 96.22 -17.33 123.54
C SER QA 103 97.49 -16.47 123.54
N GLU QA 104 97.40 -15.32 124.22
CA GLU QA 104 98.50 -14.38 124.36
C GLU QA 104 98.45 -13.74 125.74
N PHE QA 105 99.38 -12.80 126.00
CA PHE QA 105 99.62 -12.32 127.35
C PHE QA 105 99.84 -10.79 127.38
N GLY QA 106 100.10 -10.28 128.58
CA GLY QA 106 100.30 -8.85 128.81
C GLY QA 106 101.00 -8.60 130.12
N LYS QA 107 101.13 -7.32 130.48
CA LYS QA 107 101.92 -6.93 131.66
C LYS QA 107 101.49 -5.54 132.14
N VAL QA 108 101.83 -5.25 133.40
CA VAL QA 108 101.50 -4.00 134.07
C VAL QA 108 102.75 -3.47 134.77
N PHE QA 109 102.82 -2.15 134.98
CA PHE QA 109 103.98 -1.49 135.57
C PHE QA 109 103.56 -0.45 136.59
N ARG QA 110 104.55 0.03 137.36
CA ARG QA 110 104.36 0.97 138.45
C ARG QA 110 105.28 2.18 138.27
N LEU QA 111 104.85 3.34 138.79
CA LEU QA 111 105.56 4.60 138.63
C LEU QA 111 105.61 5.32 139.98
N GLY QA 112 106.62 6.16 140.16
CA GLY QA 112 106.73 6.89 141.41
C GLY QA 112 107.81 7.95 141.38
N ASN QA 113 107.69 8.89 142.31
CA ASN QA 113 108.67 9.95 142.53
C ASN QA 113 108.50 10.48 143.95
N ALA QA 114 109.13 11.62 144.26
CA ALA QA 114 109.08 12.15 145.61
C ALA QA 114 109.50 13.61 145.59
N TYR QA 115 109.41 14.27 146.76
CA TYR QA 115 109.91 15.62 146.92
C TYR QA 115 110.21 15.90 148.39
N LEU QA 116 110.93 17.00 148.62
CA LEU QA 116 111.35 17.43 149.94
C LEU QA 116 110.87 18.84 150.23
N ILE QA 117 110.75 19.16 151.52
CA ILE QA 117 110.42 20.51 151.98
C ILE QA 117 110.94 20.66 153.40
N SER QA 118 111.13 21.90 153.81
CA SER QA 118 111.74 22.22 155.09
C SER QA 118 110.76 23.01 155.97
N ILE QA 119 111.03 22.96 157.28
CA ILE QA 119 110.16 23.64 158.24
C ILE QA 119 110.16 25.14 158.01
N ASP QA 120 111.33 25.73 157.77
CA ASP QA 120 111.39 27.17 157.55
C ASP QA 120 110.64 27.57 156.29
N GLU QA 121 110.76 26.78 155.23
CA GLU QA 121 109.99 27.06 154.02
C GLU QA 121 108.49 26.96 154.28
N ILE QA 122 108.08 25.95 155.06
CA ILE QA 122 106.66 25.78 155.37
C ILE QA 122 106.13 26.99 156.14
N LYS QA 123 106.89 27.46 157.13
CA LYS QA 123 106.46 28.63 157.90
C LYS QA 123 106.45 29.90 157.06
N ALA QA 124 107.44 30.06 156.17
CA ALA QA 124 107.47 31.25 155.33
C ALA QA 124 106.35 31.25 154.31
N GLY QA 125 105.89 30.07 153.89
CA GLY QA 125 104.78 30.01 152.95
C GLY QA 125 103.49 30.56 153.52
N GLN QA 126 103.24 30.35 154.81
CA GLN QA 126 102.04 30.84 155.45
C GLN QA 126 102.11 32.33 155.78
N ALA QA 127 103.31 32.91 155.80
CA ALA QA 127 103.50 34.32 156.12
C ALA QA 127 103.56 35.21 154.88
N THR QA 128 104.30 34.78 153.85
CA THR QA 128 104.39 35.58 152.64
C THR QA 128 103.08 35.57 151.85
N GLY QA 129 102.37 34.45 151.85
CA GLY QA 129 101.16 34.30 151.07
C GLY QA 129 101.26 33.30 149.93
N ARG QA 130 102.47 32.90 149.55
CA ARG QA 130 102.65 31.90 148.50
C ARG QA 130 103.26 30.64 149.10
N PRO QA 131 102.46 29.62 149.38
CA PRO QA 131 103.03 28.35 149.87
C PRO QA 131 103.82 27.65 148.77
N LEU QA 132 104.79 26.84 149.19
CA LEU QA 132 105.66 26.14 148.27
C LEU QA 132 105.26 24.67 148.06
N SER QA 133 104.55 24.07 149.02
CA SER QA 133 104.20 22.66 148.90
C SER QA 133 103.24 22.42 147.73
N THR QA 134 102.32 23.35 147.49
CA THR QA 134 101.35 23.18 146.42
C THR QA 134 102.03 23.12 145.06
N ARG QA 135 103.03 23.97 144.85
CA ARG QA 135 103.74 23.99 143.57
C ARG QA 135 104.47 22.67 143.34
N LYS QA 136 105.12 22.14 144.37
CA LYS QA 136 105.81 20.86 144.23
C LYS QA 136 104.82 19.72 143.98
N ALA QA 137 103.66 19.75 144.64
CA ALA QA 137 102.65 18.73 144.38
C ALA QA 137 102.16 18.79 142.94
N SER QA 138 101.91 19.99 142.43
CA SER QA 138 101.49 20.15 141.05
C SER QA 138 102.58 19.65 140.09
N ALA QA 139 103.84 19.93 140.42
CA ALA QA 139 104.94 19.44 139.59
C ALA QA 139 104.98 17.92 139.57
N CYS QA 140 104.75 17.28 140.72
CA CYS QA 140 104.75 15.82 140.77
C CYS QA 140 103.60 15.25 139.92
N GLN QA 141 102.41 15.82 140.04
CA GLN QA 141 101.28 15.36 139.25
C GLN QA 141 101.55 15.52 137.75
N LEU QA 142 102.10 16.67 137.35
CA LEU QA 142 102.40 16.89 135.95
C LEU QA 142 103.47 15.92 135.46
N ALA QA 143 104.47 15.63 136.29
CA ALA QA 143 105.49 14.68 135.91
C ALA QA 143 104.89 13.29 135.67
N HIS QA 144 103.97 12.87 136.54
CA HIS QA 144 103.31 11.58 136.35
C HIS QA 144 102.54 11.55 135.04
N ASP QA 145 101.75 12.60 134.77
CA ASP QA 145 100.97 12.63 133.55
C ASP QA 145 101.85 12.61 132.30
N GLN QA 146 102.93 13.40 132.31
CA GLN QA 146 103.82 13.44 131.15
C GLN QA 146 104.54 12.12 130.96
N LEU QA 147 104.92 11.44 132.04
CA LEU QA 147 105.56 10.14 131.88
C LEU QA 147 104.59 9.11 131.31
N VAL QA 148 103.32 9.16 131.73
CA VAL QA 148 102.33 8.26 131.16
C VAL QA 148 102.18 8.52 129.66
N ASN QA 149 102.11 9.80 129.28
CA ASN QA 149 102.00 10.15 127.86
C ASN QA 149 103.22 9.67 127.08
N ARG QA 150 104.41 9.84 127.65
CA ARG QA 150 105.62 9.40 126.97
C ARG QA 150 105.65 7.88 126.80
N LEU QA 151 105.19 7.14 127.81
CA LEU QA 151 105.10 5.70 127.68
C LEU QA 151 104.12 5.30 126.59
N VAL QA 152 103.01 6.03 126.47
CA VAL QA 152 102.01 5.69 125.45
C VAL QA 152 102.57 5.94 124.06
N PHE QA 153 103.18 7.10 123.83
CA PHE QA 153 103.64 7.42 122.48
C PHE QA 153 105.05 6.91 122.17
N LYS QA 154 106.07 7.39 122.89
CA LYS QA 154 107.44 7.05 122.54
C LYS QA 154 107.84 5.63 122.95
N GLY QA 155 107.39 5.17 124.12
CA GLY QA 155 107.73 3.83 124.57
C GLY QA 155 109.10 3.77 125.19
N SER QA 156 109.43 2.58 125.70
CA SER QA 156 110.72 2.33 126.34
C SER QA 156 111.27 1.00 125.83
N ALA QA 157 112.52 1.01 125.39
CA ALA QA 157 113.14 -0.17 124.79
C ALA QA 157 113.57 -1.21 125.84
N PRO QA 158 114.37 -0.85 126.86
CA PRO QA 158 114.84 -1.89 127.79
C PRO QA 158 113.73 -2.55 128.58
N HIS QA 159 112.59 -1.88 128.75
CA HIS QA 159 111.46 -2.47 129.44
C HIS QA 159 110.58 -3.32 128.53
N LYS QA 160 110.93 -3.43 127.25
CA LYS QA 160 110.15 -4.18 126.28
C LYS QA 160 108.70 -3.69 126.22
N ILE QA 161 108.52 -2.38 126.29
CA ILE QA 161 107.22 -1.74 126.13
C ILE QA 161 107.18 -1.18 124.72
N VAL QA 162 106.53 -1.89 123.81
CA VAL QA 162 106.47 -1.47 122.42
C VAL QA 162 105.52 -0.29 122.29
N SER QA 163 105.88 0.66 121.44
CA SER QA 163 105.10 1.86 121.23
C SER QA 163 104.19 1.70 120.01
N VAL QA 164 103.43 2.76 119.72
CA VAL QA 164 102.61 2.75 118.52
C VAL QA 164 103.45 3.02 117.28
N PHE QA 165 104.67 3.53 117.46
CA PHE QA 165 105.55 3.85 116.33
C PHE QA 165 106.53 2.74 115.99
N ASN QA 166 106.74 1.79 116.89
CA ASN QA 166 107.76 0.76 116.73
C ASN QA 166 107.23 -0.66 116.79
N HIS QA 167 105.91 -0.85 116.82
CA HIS QA 167 105.36 -2.20 116.84
C HIS QA 167 105.66 -2.89 115.51
N PRO QA 168 106.19 -4.11 115.52
CA PRO QA 168 106.60 -4.77 114.27
C PRO QA 168 105.46 -5.43 113.52
N ASN QA 169 104.20 -5.12 113.82
CA ASN QA 169 103.07 -5.75 113.14
C ASN QA 169 102.11 -4.75 112.52
N ILE QA 170 102.26 -3.46 112.78
CA ILE QA 170 101.43 -2.45 112.16
C ILE QA 170 101.94 -2.17 110.75
N THR QA 171 101.05 -1.71 109.88
CA THR QA 171 101.41 -1.54 108.48
C THR QA 171 102.15 -0.23 108.28
N LYS QA 172 103.43 -0.33 107.92
CA LYS QA 172 104.30 0.82 107.77
C LYS QA 172 104.47 1.14 106.30
N ILE QA 173 104.19 2.38 105.91
CA ILE QA 173 104.32 2.83 104.54
C ILE QA 173 105.35 3.95 104.49
N THR QA 174 106.44 3.72 103.77
CA THR QA 174 107.39 4.79 103.47
C THR QA 174 106.82 5.68 102.37
N SER QA 175 107.21 6.95 102.39
CA SER QA 175 106.61 7.92 101.47
C SER QA 175 107.61 9.01 101.15
N GLY QA 176 107.39 9.67 100.02
CA GLY QA 176 108.14 10.86 99.71
C GLY QA 176 107.70 12.05 100.54
N LYS QA 177 108.52 13.09 100.55
CA LYS QA 177 108.21 14.26 101.36
C LYS QA 177 106.99 14.98 100.82
N TRP QA 178 106.10 15.38 101.73
CA TRP QA 178 105.00 16.26 101.34
C TRP QA 178 105.51 17.68 101.09
N ILE QA 179 106.54 18.10 101.83
CA ILE QA 179 107.15 19.42 101.68
C ILE QA 179 108.62 19.18 101.40
N ASP QA 180 109.00 19.17 100.12
CA ASP QA 180 110.37 18.93 99.71
C ASP QA 180 111.02 20.27 99.38
N ALA QA 181 111.84 20.77 100.32
CA ALA QA 181 112.53 22.05 100.18
C ALA QA 181 111.54 23.20 99.93
N SER QA 182 110.60 23.33 100.86
CA SER QA 182 109.56 24.36 100.83
C SER QA 182 108.71 24.29 99.56
N THR QA 183 108.47 23.09 99.04
CA THR QA 183 107.62 22.88 97.88
C THR QA 183 106.47 21.98 98.30
N MET QA 184 105.30 22.59 98.57
CA MET QA 184 104.15 21.82 99.00
C MET QA 184 103.62 20.97 97.85
N LYS QA 185 103.34 19.70 98.15
CA LYS QA 185 102.87 18.74 97.15
C LYS QA 185 101.64 18.02 97.70
N PRO QA 186 100.48 18.66 97.67
CA PRO QA 186 99.26 18.00 98.18
C PRO QA 186 98.84 16.78 97.37
N GLU QA 187 99.29 16.65 96.12
CA GLU QA 187 98.94 15.49 95.32
C GLU QA 187 99.49 14.21 95.94
N THR QA 188 100.72 14.26 96.45
CA THR QA 188 101.29 13.09 97.11
C THR QA 188 100.50 12.73 98.36
N ALA QA 189 100.12 13.72 99.17
CA ALA QA 189 99.34 13.42 100.37
C ALA QA 189 98.00 12.80 100.03
N GLU QA 190 97.31 13.34 99.03
CA GLU QA 190 96.03 12.79 98.60
C GLU QA 190 96.19 11.39 98.04
N ALA QA 191 97.29 11.10 97.34
CA ALA QA 191 97.54 9.76 96.83
C ALA QA 191 97.89 8.78 97.93
N GLU QA 192 98.52 9.24 99.01
CA GLU QA 192 98.98 8.33 100.05
C GLU QA 192 97.91 8.04 101.11
N LEU QA 193 96.99 8.97 101.37
CA LEU QA 193 95.97 8.67 102.37
C LEU QA 193 95.02 7.57 101.90
N THR QA 194 94.61 7.62 100.64
CA THR QA 194 93.74 6.58 100.09
C THR QA 194 94.41 5.22 100.09
N GLN QA 195 95.73 5.20 99.85
CA GLN QA 195 96.46 3.93 99.91
C GLN QA 195 96.40 3.32 101.30
N ALA QA 196 96.56 4.15 102.34
CA ALA QA 196 96.46 3.65 103.71
C ALA QA 196 95.05 3.14 104.01
N ILE QA 197 94.03 3.87 103.58
CA ILE QA 197 92.66 3.41 103.82
C ILE QA 197 92.40 2.08 103.13
N GLU QA 198 92.83 1.96 101.87
CA GLU QA 198 92.63 0.72 101.14
C GLU QA 198 93.42 -0.43 101.76
N THR QA 199 94.62 -0.15 102.30
CA THR QA 199 95.37 -1.19 102.99
C THR QA 199 94.63 -1.66 104.24
N ILE QA 200 94.08 -0.72 105.02
CA ILE QA 200 93.30 -1.09 106.19
C ILE QA 200 92.15 -2.00 105.81
N GLU QA 201 91.47 -1.67 104.70
CA GLU QA 201 90.39 -2.55 104.24
C GLU QA 201 90.90 -3.92 103.82
N THR QA 202 91.95 -3.96 103.00
CA THR QA 202 92.36 -5.20 102.34
C THR QA 202 92.97 -6.18 103.33
N ILE QA 203 93.92 -5.72 104.16
CA ILE QA 203 94.64 -6.67 105.02
C ILE QA 203 93.75 -7.24 106.11
N THR QA 204 92.59 -6.65 106.37
CA THR QA 204 91.64 -7.18 107.33
C THR QA 204 90.42 -7.83 106.68
N ARG QA 205 90.27 -7.69 105.36
CA ARG QA 205 89.21 -8.38 104.61
C ARG QA 205 87.83 -8.00 105.13
N GLY QA 206 87.58 -6.70 105.19
CA GLY QA 206 86.35 -6.22 105.78
C GLY QA 206 86.40 -6.32 107.29
N GLN QA 207 85.25 -6.02 107.91
CA GLN QA 207 85.04 -6.06 109.35
C GLN QA 207 85.81 -4.98 110.09
N HIS QA 208 86.62 -4.17 109.39
CA HIS QA 208 87.43 -3.14 110.03
C HIS QA 208 87.63 -2.00 109.05
N ARG QA 209 87.00 -0.86 109.32
CA ARG QA 209 87.10 0.33 108.48
C ARG QA 209 87.84 1.43 109.21
N ALA QA 210 88.78 2.06 108.50
CA ALA QA 210 89.51 3.17 109.08
C ALA QA 210 88.57 4.32 109.42
N THR QA 211 88.76 4.90 110.58
CA THR QA 211 87.83 5.90 111.09
C THR QA 211 88.51 7.20 111.50
N ASN QA 212 89.77 7.15 111.90
CA ASN QA 212 90.45 8.33 112.42
C ASN QA 212 91.82 8.50 111.81
N ILE QA 213 92.17 9.75 111.52
CA ILE QA 213 93.47 10.14 110.99
C ILE QA 213 94.08 11.20 111.89
N LEU QA 214 95.35 11.04 112.22
CA LEU QA 214 96.10 12.01 113.01
C LEU QA 214 97.31 12.47 112.21
N ILE QA 215 97.46 13.79 112.07
CA ILE QA 215 98.50 14.38 111.24
C ILE QA 215 99.27 15.43 112.06
N PRO QA 216 100.51 15.75 111.71
CA PRO QA 216 101.24 16.77 112.46
C PRO QA 216 100.62 18.14 112.25
N PRO QA 217 100.82 19.08 113.17
CA PRO QA 217 100.19 20.39 113.03
C PRO QA 217 100.82 21.26 111.95
N SER QA 218 102.05 20.97 111.52
CA SER QA 218 102.74 21.84 110.57
C SER QA 218 102.35 21.58 109.13
N MET QA 219 101.49 20.60 108.85
CA MET QA 219 101.06 20.32 107.49
C MET QA 219 99.56 20.45 107.30
N ARG QA 220 98.89 21.32 108.06
CA ARG QA 220 97.54 21.69 107.70
C ARG QA 220 97.52 22.61 106.48
N LYS QA 221 98.57 23.42 106.31
CA LYS QA 221 98.65 24.30 105.14
C LYS QA 221 98.76 23.50 103.85
N VAL QA 222 99.36 22.30 103.89
CA VAL QA 222 99.47 21.48 102.70
C VAL QA 222 98.09 21.09 102.19
N LEU QA 223 97.21 20.66 103.10
CA LEU QA 223 95.86 20.27 102.73
C LEU QA 223 94.93 21.46 102.54
N ALA QA 224 95.28 22.64 103.07
CA ALA QA 224 94.45 23.81 102.90
C ALA QA 224 94.70 24.55 101.58
N ILE QA 225 95.46 23.96 100.66
CA ILE QA 225 95.74 24.60 99.38
C ILE QA 225 94.53 24.48 98.46
N ARG QA 226 94.21 25.56 97.78
CA ARG QA 226 93.15 25.56 96.78
C ARG QA 226 93.63 24.87 95.51
N MET QA 227 92.83 23.93 95.00
CA MET QA 227 93.27 23.16 93.84
C MET QA 227 93.30 24.05 92.60
N PRO QA 228 94.19 23.77 91.65
CA PRO QA 228 94.31 24.63 90.47
C PRO QA 228 93.02 24.65 89.66
N GLU QA 229 92.69 25.84 89.13
CA GLU QA 229 91.47 26.07 88.35
C GLU QA 229 90.21 25.55 89.03
N THR QA 230 90.14 25.66 90.37
CA THR QA 230 88.96 25.26 91.11
C THR QA 230 88.63 26.33 92.14
N THR QA 231 87.61 26.07 92.95
CA THR QA 231 87.19 26.98 94.00
C THR QA 231 87.10 26.27 95.37
N MET QA 232 87.73 25.11 95.50
CA MET QA 232 87.72 24.38 96.76
C MET QA 232 89.11 23.82 97.04
N SER QA 233 89.27 23.27 98.23
CA SER QA 233 90.56 22.82 98.73
C SER QA 233 90.65 21.29 98.72
N TYR QA 234 91.90 20.82 98.80
CA TYR QA 234 92.15 19.38 98.82
C TYR QA 234 91.47 18.73 100.02
N LEU QA 235 91.43 19.43 101.16
CA LEU QA 235 90.76 18.90 102.34
C LEU QA 235 89.27 18.70 102.08
N ASP QA 236 88.63 19.67 101.42
CA ASP QA 236 87.21 19.55 101.10
C ASP QA 236 86.97 18.40 100.13
N TYR QA 237 87.82 18.28 99.11
CA TYR QA 237 87.66 17.17 98.16
C TYR QA 237 87.83 15.83 98.85
N PHE QA 238 88.84 15.70 99.72
CA PHE QA 238 89.07 14.45 100.43
C PHE QA 238 87.90 14.11 101.35
N LYS QA 239 87.38 15.11 102.07
CA LYS QA 239 86.24 14.85 102.95
C LYS QA 239 85.02 14.42 102.15
N SER QA 240 84.76 15.07 101.00
CA SER QA 240 83.62 14.70 100.18
C SER QA 240 83.77 13.27 99.67
N GLN QA 241 84.97 12.89 99.25
CA GLN QA 241 85.18 11.53 98.75
C GLN QA 241 85.14 10.48 99.85
N ASN QA 242 85.64 10.77 101.04
CA ASN QA 242 85.74 9.79 102.13
C ASN QA 242 84.92 10.24 103.33
N SER QA 243 83.70 10.70 103.08
CA SER QA 243 82.81 11.12 104.16
C SER QA 243 82.65 10.03 105.21
N GLY QA 244 82.49 10.44 106.46
CA GLY QA 244 82.40 9.53 107.57
C GLY QA 244 83.69 9.32 108.35
N ILE QA 245 84.67 10.20 108.20
CA ILE QA 245 85.98 10.03 108.81
C ILE QA 245 86.35 11.33 109.53
N GLU QA 246 87.15 11.21 110.58
CA GLU QA 246 87.61 12.36 111.34
C GLU QA 246 89.11 12.50 111.24
N ILE QA 247 89.57 13.73 111.00
CA ILE QA 247 90.98 14.06 110.89
C ILE QA 247 91.32 15.07 111.97
N ASP QA 248 92.45 14.87 112.64
CA ASP QA 248 92.87 15.70 113.76
C ASP QA 248 94.36 15.97 113.68
N SER QA 249 94.79 16.96 114.46
CA SER QA 249 96.18 17.39 114.52
C SER QA 249 96.73 17.16 115.92
N ILE QA 250 97.89 16.51 116.00
CA ILE QA 250 98.55 16.19 117.26
C ILE QA 250 100.00 16.67 117.17
N ALA QA 251 100.45 17.40 118.19
CA ALA QA 251 101.82 17.91 118.19
C ALA QA 251 102.84 16.82 118.48
N GLU QA 252 102.41 15.68 119.02
CA GLU QA 252 103.32 14.59 119.34
C GLU QA 252 103.85 13.89 118.10
N LEU QA 253 103.28 14.13 116.93
CA LEU QA 253 103.70 13.48 115.71
C LEU QA 253 104.79 14.24 114.96
N GLU QA 254 105.30 15.31 115.55
CA GLU QA 254 106.38 16.09 114.94
C GLU QA 254 107.71 15.36 114.97
N ASP QA 255 107.99 14.58 116.03
CA ASP QA 255 109.24 13.83 116.12
C ASP QA 255 108.87 12.41 116.53
N ILE QA 256 109.18 11.44 115.67
CA ILE QA 256 108.87 10.04 115.92
C ILE QA 256 110.09 9.20 116.25
N ASP QA 257 111.30 9.66 115.91
CA ASP QA 257 112.51 8.91 116.19
C ASP QA 257 113.68 9.75 116.69
N GLY QA 258 113.46 11.01 117.06
CA GLY QA 258 114.52 11.85 117.56
C GLY QA 258 115.37 12.53 116.51
N ALA QA 259 115.08 12.30 115.22
CA ALA QA 259 115.84 12.90 114.14
C ALA QA 259 114.99 13.85 113.29
N GLY QA 260 113.83 14.26 113.79
CA GLY QA 260 112.96 15.17 113.07
C GLY QA 260 112.03 14.52 112.07
N THR QA 261 111.98 13.20 112.01
CA THR QA 261 111.07 12.53 111.08
C THR QA 261 109.62 12.71 111.54
N LYS QA 262 108.74 12.89 110.56
CA LYS QA 262 107.32 13.08 110.81
C LYS QA 262 106.53 11.85 110.38
N GLY QA 263 105.32 11.74 110.92
CA GLY QA 263 104.49 10.58 110.62
C GLY QA 263 103.02 10.90 110.69
N VAL QA 264 102.23 10.08 110.01
CA VAL QA 264 100.78 10.20 109.98
C VAL QA 264 100.17 8.86 110.37
N LEU QA 265 99.15 8.91 111.23
CA LEU QA 265 98.51 7.69 111.75
C LEU QA 265 97.11 7.56 111.19
N VAL QA 266 96.78 6.37 110.68
CA VAL QA 266 95.41 6.03 110.28
C VAL QA 266 95.00 4.79 111.04
N TYR QA 267 93.89 4.87 111.77
CA TYR QA 267 93.48 3.74 112.59
C TYR QA 267 91.98 3.78 112.81
N GLU QA 268 91.48 2.72 113.45
CA GLU QA 268 90.08 2.59 113.80
C GLU QA 268 89.94 2.70 115.31
N LYS QA 269 89.18 3.70 115.77
CA LYS QA 269 88.99 3.92 117.19
C LYS QA 269 87.93 2.96 117.70
N ASN QA 270 88.35 2.00 118.51
CA ASN QA 270 87.44 1.05 119.11
C ASN QA 270 88.13 0.42 120.31
N PRO QA 271 87.46 0.30 121.46
CA PRO QA 271 88.11 -0.27 122.64
C PRO QA 271 88.59 -1.68 122.43
N MET QA 272 88.08 -2.38 121.42
CA MET QA 272 88.38 -3.79 121.22
C MET QA 272 89.75 -4.02 120.58
N ASN QA 273 90.33 -3.02 119.92
CA ASN QA 273 91.59 -3.19 119.20
C ASN QA 273 92.79 -2.64 119.94
N MET QA 274 92.65 -1.50 120.61
CA MET QA 274 93.72 -0.94 121.42
C MET QA 274 93.10 -0.46 122.73
N SER QA 275 93.94 -0.39 123.77
CA SER QA 275 93.42 -0.02 125.08
C SER QA 275 94.53 0.57 125.92
N ILE QA 276 94.13 1.36 126.92
CA ILE QA 276 95.00 1.90 127.95
C ILE QA 276 94.31 1.72 129.29
N GLU QA 277 95.03 1.18 130.26
CA GLU QA 277 94.48 0.89 131.58
C GLU QA 277 95.25 1.65 132.65
N ILE QA 278 94.54 2.15 133.66
CA ILE QA 278 95.15 2.81 134.81
C ILE QA 278 94.62 2.14 136.07
N PRO QA 279 95.17 1.00 136.48
CA PRO QA 279 94.61 0.30 137.65
C PRO QA 279 94.64 1.12 138.94
N GLU QA 280 95.68 1.93 139.13
CA GLU QA 280 95.85 2.69 140.37
C GLU QA 280 96.02 4.16 140.04
N ALA QA 281 95.33 5.01 140.80
CA ALA QA 281 95.38 6.45 140.56
C ALA QA 281 96.49 7.09 141.39
N PHE QA 282 96.84 8.31 141.02
CA PHE QA 282 97.90 9.04 141.69
C PHE QA 282 97.49 9.37 143.12
N ASN QA 283 98.43 9.20 144.06
CA ASN QA 283 98.14 9.43 145.47
C ASN QA 283 99.42 9.77 146.21
N MET QA 284 99.25 10.34 147.39
CA MET QA 284 100.33 10.73 148.28
C MET QA 284 100.49 9.70 149.39
N LEU QA 285 101.67 9.68 149.99
CA LEU QA 285 101.93 8.94 151.21
C LEU QA 285 102.20 9.89 152.36
N PRO QA 286 101.94 9.48 153.60
CA PRO QA 286 102.20 10.36 154.74
C PRO QA 286 103.67 10.74 154.82
N ALA QA 287 103.91 11.94 155.34
CA ALA QA 287 105.27 12.47 155.40
C ALA QA 287 106.15 11.64 156.31
N GLN QA 288 107.42 11.52 155.93
CA GLN QA 288 108.41 10.78 156.70
C GLN QA 288 109.42 11.76 157.27
N PRO QA 289 109.31 12.13 158.54
CA PRO QA 289 110.17 13.19 159.08
C PRO QA 289 111.63 12.78 159.17
N LYS QA 290 112.50 13.78 159.08
CA LYS QA 290 113.91 13.62 159.39
C LYS QA 290 114.23 14.73 160.39
N ASP QA 291 115.51 14.99 160.66
CA ASP QA 291 115.94 15.96 161.67
C ASP QA 291 115.12 17.24 161.65
N LEU QA 292 115.10 17.96 160.52
CA LEU QA 292 114.38 19.22 160.46
C LEU QA 292 113.60 19.41 159.17
N HIS QA 293 113.60 18.45 158.26
CA HIS QA 293 112.84 18.56 157.02
C HIS QA 293 112.05 17.27 156.80
N PHE QA 294 111.26 17.24 155.73
CA PHE QA 294 110.35 16.14 155.46
C PHE QA 294 110.64 15.55 154.09
N LYS QA 295 109.88 14.52 153.74
CA LYS QA 295 110.02 13.84 152.45
C LYS QA 295 108.70 13.18 152.13
N VAL QA 296 108.11 13.53 150.99
CA VAL QA 296 106.80 13.04 150.59
C VAL QA 296 106.94 12.26 149.29
N PRO QA 297 106.61 10.97 149.27
CA PRO QA 297 106.61 10.21 148.02
C PRO QA 297 105.25 10.19 147.34
N CYS QA 298 105.26 9.80 146.08
CA CYS QA 298 104.07 9.72 145.24
C CYS QA 298 104.18 8.52 144.33
N THR QA 299 103.07 7.81 144.14
CA THR QA 299 103.08 6.55 143.40
C THR QA 299 101.86 6.47 142.49
N SER QA 300 101.94 5.56 141.52
CA SER QA 300 100.86 5.28 140.59
C SER QA 300 101.16 3.98 139.84
N LYS QA 301 100.20 3.53 139.06
CA LYS QA 301 100.35 2.33 138.25
C LYS QA 301 99.78 2.57 136.85
N CYS QA 302 100.29 1.82 135.88
CA CYS QA 302 99.83 1.96 134.50
C CYS QA 302 100.17 0.70 133.73
N THR QA 303 99.79 0.69 132.45
CA THR QA 303 100.10 -0.44 131.58
C THR QA 303 100.57 -0.04 130.18
N GLY QA 304 100.55 1.24 129.84
CA GLY QA 304 100.90 1.65 128.49
C GLY QA 304 99.75 1.45 127.52
N LEU QA 305 100.11 1.28 126.26
CA LEU QA 305 99.15 1.02 125.20
C LEU QA 305 99.23 -0.44 124.80
N THR QA 306 98.08 -1.13 124.84
CA THR QA 306 98.00 -2.52 124.43
C THR QA 306 97.29 -2.60 123.09
N ILE QA 307 97.87 -3.33 122.15
CA ILE QA 307 97.35 -3.48 120.80
C ILE QA 307 97.03 -4.95 120.59
N TYR QA 308 95.74 -5.30 120.72
CA TYR QA 308 95.33 -6.68 120.54
C TYR QA 308 95.34 -7.08 119.07
N ARG QA 309 94.84 -6.21 118.20
CA ARG QA 309 94.84 -6.46 116.76
C ARG QA 309 95.75 -5.45 116.08
N PRO QA 310 97.01 -5.79 115.80
CA PRO QA 310 97.94 -4.83 115.22
C PRO QA 310 97.82 -4.67 113.71
N MET QA 311 96.82 -5.28 113.09
CA MET QA 311 96.60 -5.16 111.66
C MET QA 311 95.67 -4.01 111.31
N THR QA 312 95.22 -3.24 112.31
CA THR QA 312 94.28 -2.15 112.10
C THR QA 312 94.92 -0.78 112.28
N ILE QA 313 96.24 -0.70 112.22
CA ILE QA 313 96.97 0.56 112.37
C ILE QA 313 97.93 0.70 111.20
N VAL QA 314 97.87 1.85 110.52
CA VAL QA 314 98.77 2.15 109.41
C VAL QA 314 99.51 3.44 109.74
N LEU QA 315 100.83 3.40 109.57
CA LEU QA 315 101.69 4.54 109.84
C LEU QA 315 102.40 4.93 108.56
N ILE QA 316 102.16 6.14 108.08
CA ILE QA 316 102.89 6.72 106.96
C ILE QA 316 104.09 7.46 107.54
N THR QA 317 105.28 6.97 107.25
CA THR QA 317 106.51 7.52 107.81
C THR QA 317 107.23 8.37 106.77
N GLY QA 318 108.14 9.23 107.25
CA GLY QA 318 108.89 10.10 106.38
C GLY QA 318 108.12 11.28 105.85
N VAL QA 319 106.91 11.51 106.32
CA VAL QA 319 106.07 12.60 105.84
C VAL QA 319 106.68 13.95 106.20
N ALA RA 28 93.62 119.22 94.52
CA ALA RA 28 94.00 118.12 93.64
C ALA RA 28 93.33 116.83 94.10
N ALA RA 29 92.37 116.93 95.00
CA ALA RA 29 91.64 115.78 95.52
C ALA RA 29 90.44 115.52 94.62
N THR RA 30 90.47 114.41 93.88
CA THR RA 30 89.40 114.03 92.96
C THR RA 30 89.11 112.54 93.16
N MET RA 31 87.99 112.22 93.81
CA MET RA 31 87.55 110.86 93.98
C MET RA 31 86.03 110.79 93.85
N GLY RA 32 85.50 109.57 93.88
CA GLY RA 32 84.07 109.37 93.88
C GLY RA 32 83.47 109.50 95.28
N ILE RA 33 82.16 109.24 95.36
CA ILE RA 33 81.46 109.32 96.63
C ILE RA 33 81.30 107.97 97.32
N TRP RA 34 81.87 106.91 96.76
CA TRP RA 34 81.85 105.58 97.37
C TRP RA 34 83.27 105.07 97.53
N THR RA 35 83.62 104.66 98.75
CA THR RA 35 84.93 104.09 99.02
C THR RA 35 84.91 102.59 98.74
N ALA RA 36 86.12 102.03 98.58
CA ALA RA 36 86.23 100.63 98.18
C ALA RA 36 85.71 99.69 99.26
N GLN RA 37 85.68 100.15 100.51
CA GLN RA 37 85.21 99.32 101.61
C GLN RA 37 83.70 99.12 101.58
N GLU RA 38 82.94 100.14 101.16
CA GLU RA 38 81.49 100.06 101.21
C GLU RA 38 80.91 99.03 100.26
N LEU RA 39 81.71 98.54 99.30
CA LEU RA 39 81.24 97.53 98.37
C LEU RA 39 82.06 96.25 98.52
N HIS RA 40 82.30 95.84 99.76
CA HIS RA 40 83.11 94.67 100.06
C HIS RA 40 82.34 93.76 101.00
N ARG RA 41 82.53 92.46 100.84
CA ARG RA 41 81.83 91.45 101.62
C ARG RA 41 82.80 90.43 102.16
N ILE RA 42 82.58 90.00 103.40
CA ILE RA 42 83.33 88.93 104.04
C ILE RA 42 82.46 87.69 104.04
N LYS RA 43 83.02 86.56 103.59
CA LYS RA 43 82.24 85.35 103.39
C LYS RA 43 81.69 84.77 104.69
N SER RA 44 82.20 85.19 105.84
CA SER RA 44 81.71 84.76 107.16
C SER RA 44 81.87 83.27 107.39
N GLN RA 45 82.83 82.63 106.72
CA GLN RA 45 83.13 81.22 106.94
C GLN RA 45 84.62 81.02 106.77
N SER RA 46 85.30 80.60 107.83
CA SER RA 46 86.74 80.46 107.84
C SER RA 46 87.14 79.00 107.70
N TYR RA 47 88.42 78.80 107.39
CA TYR RA 47 88.99 77.47 107.21
C TYR RA 47 90.14 77.27 108.18
N GLU RA 48 90.16 76.10 108.83
CA GLU RA 48 91.17 75.78 109.83
C GLU RA 48 91.87 74.49 109.44
N GLU RA 49 93.20 74.53 109.40
CA GLU RA 49 93.97 73.34 109.10
C GLU RA 49 93.86 72.33 110.24
N ASP RA 50 93.85 71.05 109.88
CA ASP RA 50 93.59 69.97 110.82
C ASP RA 50 94.90 69.29 111.20
N TYR RA 51 95.03 68.93 112.48
CA TYR RA 51 96.18 68.20 113.00
C TYR RA 51 95.70 66.97 113.76
N PRO RA 52 95.55 65.82 113.10
CA PRO RA 52 95.16 64.61 113.82
C PRO RA 52 96.24 64.19 114.80
N VAL RA 53 95.82 63.60 115.91
CA VAL RA 53 96.77 63.22 116.95
C VAL RA 53 97.47 61.90 116.60
N GLY RA 54 96.71 60.83 116.49
CA GLY RA 54 97.28 59.53 116.23
C GLY RA 54 96.34 58.42 116.67
N SER RA 55 96.92 57.25 116.90
CA SER RA 55 96.14 56.06 117.24
C SER RA 55 96.77 55.24 118.35
N ALA RA 56 97.75 55.78 119.08
CA ALA RA 56 98.43 55.02 120.11
C ALA RA 56 97.46 54.61 121.22
N LEU RA 57 96.56 55.52 121.61
CA LEU RA 57 95.59 55.22 122.64
C LEU RA 57 94.40 54.43 122.11
N ARG RA 58 94.28 54.27 120.79
CA ARG RA 58 93.16 53.55 120.20
C ARG RA 58 93.49 52.10 119.85
N VAL RA 59 94.72 51.81 119.43
CA VAL RA 59 95.07 50.45 119.04
C VAL RA 59 95.65 49.62 120.18
N PHE RA 60 96.04 50.25 121.29
CA PHE RA 60 96.57 49.52 122.43
C PHE RA 60 95.69 49.73 123.65
N PRO RA 61 95.51 48.71 124.49
CA PRO RA 61 94.63 48.86 125.65
C PRO RA 61 95.19 49.84 126.66
N VAL RA 62 94.28 50.48 127.39
CA VAL RA 62 94.61 51.49 128.39
C VAL RA 62 94.20 50.96 129.76
N THR RA 63 95.12 50.99 130.71
CA THR RA 63 94.84 50.60 132.09
C THR RA 63 94.94 51.83 132.99
N THR RA 64 94.38 51.70 134.19
CA THR RA 64 94.38 52.78 135.18
C THR RA 64 94.83 52.27 136.55
N GLU RA 65 95.65 51.23 136.57
CA GLU RA 65 96.11 50.64 137.84
C GLU RA 65 97.49 51.19 138.18
N LEU RA 66 97.51 52.49 138.52
CA LEU RA 66 98.75 53.17 138.87
C LEU RA 66 98.40 54.45 139.60
N SER RA 67 98.93 54.63 140.82
CA SER RA 67 98.70 55.84 141.56
C SER RA 67 99.46 57.00 140.93
N PRO RA 68 98.92 58.23 141.02
CA PRO RA 68 99.62 59.38 140.41
C PRO RA 68 100.96 59.70 141.04
N THR RA 69 101.24 59.22 142.26
CA THR RA 69 102.44 59.57 142.99
C THR RA 69 103.52 58.50 142.90
N ASP RA 70 103.32 57.47 142.07
CA ASP RA 70 104.29 56.39 141.95
C ASP RA 70 105.38 56.75 140.96
N LYS RA 71 106.49 56.02 141.05
CA LYS RA 71 107.61 56.17 140.13
C LYS RA 71 108.05 54.86 139.50
N THR RA 72 107.64 53.72 140.04
CA THR RA 72 108.13 52.43 139.56
C THR RA 72 107.06 51.38 139.82
N PHE RA 73 106.97 50.40 138.93
CA PHE RA 73 106.09 49.25 139.10
C PHE RA 73 106.85 47.99 138.74
N GLU RA 74 106.40 46.86 139.29
CA GLU RA 74 107.11 45.60 139.13
C GLU RA 74 106.10 44.46 138.95
N TYR RA 75 106.46 43.50 138.11
CA TYR RA 75 105.66 42.30 137.92
C TYR RA 75 106.56 41.08 137.98
N MET RA 76 105.96 39.92 138.25
CA MET RA 76 106.71 38.70 138.54
C MET RA 76 106.15 37.52 137.75
N THR RA 77 107.02 36.54 137.51
CA THR RA 77 106.66 35.29 136.83
C THR RA 77 107.31 34.12 137.57
N PHE RA 78 106.74 32.92 137.37
CA PHE RA 78 107.18 31.71 138.05
C PHE RA 78 107.25 30.55 137.08
N ASP RA 79 107.86 29.46 137.54
CA ASP RA 79 108.09 28.27 136.73
C ASP RA 79 108.40 27.09 137.65
N LYS RA 80 108.44 25.89 137.07
CA LYS RA 80 108.65 24.68 137.85
C LYS RA 80 109.35 23.62 137.01
N VAL RA 81 109.97 22.65 137.69
CA VAL RA 81 110.68 21.54 137.06
C VAL RA 81 110.48 20.26 137.87
N GLY RA 82 110.53 19.13 137.19
CA GLY RA 82 110.41 17.83 137.84
C GLY RA 82 110.39 16.71 136.83
N THR RA 83 110.32 15.49 137.34
CA THR RA 83 110.31 14.30 136.50
C THR RA 83 109.80 13.10 137.29
N ALA RA 84 109.80 11.94 136.63
CA ALA RA 84 109.31 10.69 137.21
C ALA RA 84 110.01 9.52 136.57
N GLN RA 85 109.87 8.34 137.18
CA GLN RA 85 110.57 7.15 136.71
C GLN RA 85 109.72 5.91 136.95
N ILE RA 86 110.32 4.75 136.70
CA ILE RA 86 109.69 3.45 136.92
C ILE RA 86 110.48 2.74 138.02
N ILE RA 87 109.76 2.24 139.03
CA ILE RA 87 110.42 1.73 140.24
C ILE RA 87 110.04 0.29 140.52
N ALA RA 88 110.66 -0.30 141.54
CA ALA RA 88 110.35 -1.63 142.03
C ALA RA 88 109.76 -1.51 143.44
N ASP RA 89 109.53 -2.66 144.08
CA ASP RA 89 108.85 -2.65 145.37
C ASP RA 89 109.73 -2.07 146.48
N TYR RA 90 111.00 -2.49 146.56
CA TYR RA 90 111.95 -1.90 147.51
C TYR RA 90 112.82 -0.90 146.75
N THR RA 91 112.38 0.35 146.76
CA THR RA 91 113.10 1.43 146.08
C THR RA 91 113.44 2.51 147.10
N ASP RA 92 114.69 2.99 147.05
CA ASP RA 92 115.15 4.04 147.94
C ASP RA 92 115.62 5.29 147.22
N ASP RA 93 115.56 5.31 145.88
CA ASP RA 93 115.94 6.49 145.10
C ASP RA 93 114.75 6.92 144.26
N LEU RA 94 114.32 8.17 144.44
CA LEU RA 94 113.21 8.72 143.70
C LEU RA 94 113.53 10.14 143.26
N PRO RA 95 113.10 10.54 142.07
CA PRO RA 95 113.41 11.88 141.57
C PRO RA 95 112.66 12.96 142.34
N LEU RA 96 113.07 14.20 142.11
CA LEU RA 96 112.59 15.36 142.88
C LEU RA 96 112.07 16.44 141.93
N VAL RA 97 111.54 17.52 142.54
CA VAL RA 97 110.95 18.64 141.83
C VAL RA 97 111.39 19.95 142.49
N ASP RA 98 111.14 21.06 141.80
CA ASP RA 98 111.50 22.38 142.33
C ASP RA 98 110.77 23.46 141.52
N ALA RA 99 110.97 24.72 141.92
CA ALA RA 99 110.28 25.85 141.31
C ALA RA 99 111.18 27.08 141.31
N LEU RA 100 110.86 28.03 140.44
CA LEU RA 100 111.68 29.21 140.18
C LEU RA 100 110.78 30.42 140.00
N GLY RA 101 111.39 31.62 140.07
CA GLY RA 101 110.69 32.86 139.83
C GLY RA 101 111.63 33.98 139.43
N THR RA 102 111.04 35.06 138.91
CA THR RA 102 111.79 36.24 138.48
C THR RA 102 110.83 37.42 138.36
N SER RA 103 111.39 38.60 138.04
CA SER RA 103 110.62 39.84 138.09
C SER RA 103 111.20 40.87 137.12
N GLU RA 104 110.39 41.91 136.84
CA GLU RA 104 110.75 43.00 135.95
C GLU RA 104 110.11 44.30 136.43
N PHE RA 105 110.64 45.44 135.95
CA PHE RA 105 110.30 46.76 136.49
C PHE RA 105 109.92 47.72 135.36
N GLY RA 106 109.45 48.91 135.76
CA GLY RA 106 109.06 49.96 134.83
C GLY RA 106 109.31 51.34 135.42
N LYS RA 107 108.85 52.37 134.70
CA LYS RA 107 109.10 53.76 135.08
C LYS RA 107 107.96 54.67 134.60
N VAL RA 108 108.01 55.94 135.04
CA VAL RA 108 107.02 56.96 134.72
C VAL RA 108 107.75 58.28 134.45
N PHE RA 109 107.16 59.12 133.60
CA PHE RA 109 107.75 60.41 133.20
C PHE RA 109 106.69 61.51 133.28
N ARG RA 110 107.17 62.76 133.35
CA ARG RA 110 106.33 63.95 133.33
C ARG RA 110 106.57 64.74 132.05
N LEU RA 111 105.71 65.74 131.81
CA LEU RA 111 105.84 66.60 130.65
C LEU RA 111 104.97 67.84 130.84
N GLY RA 112 105.29 68.90 130.10
CA GLY RA 112 104.52 70.14 130.21
C GLY RA 112 105.04 71.20 129.26
N ASN RA 113 104.34 72.34 129.27
CA ASN RA 113 104.67 73.52 128.47
C ASN RA 113 103.98 74.73 129.08
N ALA RA 114 103.95 75.85 128.35
CA ALA RA 114 103.36 77.07 128.86
C ALA RA 114 102.96 77.97 127.69
N TYR RA 115 102.25 79.06 128.00
CA TYR RA 115 101.90 80.04 126.98
C TYR RA 115 101.72 81.42 127.63
N LEU RA 116 101.72 82.44 126.77
CA LEU RA 116 101.69 83.84 127.18
C LEU RA 116 100.51 84.56 126.52
N ILE RA 117 100.05 85.62 127.17
CA ILE RA 117 99.00 86.47 126.62
C ILE RA 117 99.07 87.81 127.33
N SER RA 118 98.51 88.85 126.73
CA SER RA 118 98.57 90.20 127.26
C SER RA 118 97.17 90.79 127.40
N ILE RA 119 97.09 91.86 128.20
CA ILE RA 119 95.81 92.50 128.49
C ILE RA 119 95.20 93.10 127.24
N ASP RA 120 96.01 93.77 126.42
CA ASP RA 120 95.51 94.36 125.19
C ASP RA 120 94.93 93.30 124.26
N GLU RA 121 95.62 92.17 124.11
CA GLU RA 121 95.12 91.10 123.26
C GLU RA 121 93.85 90.48 123.85
N ILE RA 122 93.79 90.35 125.17
CA ILE RA 122 92.58 89.83 125.81
C ILE RA 122 91.38 90.72 125.47
N LYS RA 123 91.54 92.03 125.66
CA LYS RA 123 90.44 92.95 125.39
C LYS RA 123 90.07 92.96 123.90
N ALA RA 124 91.07 92.93 123.02
CA ALA RA 124 90.79 92.94 121.59
C ALA RA 124 90.01 91.69 121.18
N GLY RA 125 90.40 90.54 121.71
CA GLY RA 125 89.64 89.32 121.43
C GLY RA 125 88.25 89.36 122.00
N GLN RA 126 88.08 89.93 123.19
CA GLN RA 126 86.74 90.06 123.77
C GLN RA 126 85.86 90.98 122.94
N ALA RA 127 86.44 92.01 122.32
CA ALA RA 127 85.65 92.97 121.56
C ALA RA 127 85.33 92.46 120.16
N THR RA 128 86.34 92.03 119.41
CA THR RA 128 86.15 91.62 118.03
C THR RA 128 85.30 90.36 117.89
N GLY RA 129 85.16 89.57 118.94
CA GLY RA 129 84.41 88.33 118.87
C GLY RA 129 85.23 87.11 118.55
N ARG RA 130 86.51 87.26 118.24
CA ARG RA 130 87.40 86.14 117.97
C ARG RA 130 88.49 86.12 119.04
N PRO RA 131 88.34 85.35 120.10
CA PRO RA 131 89.34 85.37 121.18
C PRO RA 131 90.62 84.66 120.77
N LEU RA 132 91.63 84.81 121.63
CA LEU RA 132 92.96 84.27 121.37
C LEU RA 132 93.41 83.22 122.39
N SER RA 133 92.86 83.25 123.61
CA SER RA 133 93.32 82.33 124.65
C SER RA 133 92.91 80.89 124.36
N THR RA 134 91.70 80.70 123.82
CA THR RA 134 91.22 79.35 123.54
C THR RA 134 92.09 78.66 122.51
N ARG RA 135 92.55 79.39 121.49
CA ARG RA 135 93.42 78.81 120.48
C ARG RA 135 94.72 78.32 121.09
N LYS RA 136 95.32 79.12 121.98
CA LYS RA 136 96.57 78.72 122.61
C LYS RA 136 96.37 77.53 123.54
N ALA RA 137 95.26 77.49 124.28
CA ALA RA 137 94.99 76.34 125.13
C ALA RA 137 94.82 75.06 124.30
N SER RA 138 94.10 75.16 123.18
CA SER RA 138 93.95 74.01 122.30
C SER RA 138 95.28 73.56 121.73
N ALA RA 139 96.14 74.53 121.39
CA ALA RA 139 97.47 74.18 120.90
C ALA RA 139 98.28 73.44 121.96
N CYS RA 140 98.18 73.89 123.21
CA CYS RA 140 98.88 73.20 124.30
C CYS RA 140 98.40 71.75 124.45
N GLN RA 141 97.08 71.55 124.45
CA GLN RA 141 96.56 70.20 124.61
C GLN RA 141 96.99 69.31 123.44
N LEU RA 142 96.92 69.84 122.22
CA LEU RA 142 97.33 69.06 121.05
C LEU RA 142 98.81 68.73 121.11
N ALA RA 143 99.64 69.66 121.58
CA ALA RA 143 101.06 69.38 121.72
C ALA RA 143 101.31 68.25 122.70
N HIS RA 144 100.59 68.26 123.83
CA HIS RA 144 100.74 67.18 124.80
C HIS RA 144 100.38 65.84 124.19
N ASP RA 145 99.24 65.78 123.49
CA ASP RA 145 98.80 64.52 122.89
C ASP RA 145 99.80 64.03 121.83
N GLN RA 146 100.30 64.93 121.00
CA GLN RA 146 101.27 64.53 119.98
C GLN RA 146 102.56 64.04 120.60
N LEU RA 147 103.01 64.66 121.70
CA LEU RA 147 104.21 64.19 122.37
C LEU RA 147 104.01 62.78 122.92
N VAL RA 148 102.84 62.50 123.49
CA VAL RA 148 102.57 61.16 124.01
C VAL RA 148 102.59 60.14 122.86
N ASN RA 149 101.96 60.49 121.74
CA ASN RA 149 101.95 59.60 120.59
C ASN RA 149 103.36 59.33 120.07
N ARG RA 150 104.17 60.39 119.99
CA ARG RA 150 105.55 60.23 119.54
C ARG RA 150 106.33 59.35 120.50
N LEU RA 151 106.11 59.49 121.80
CA LEU RA 151 106.78 58.63 122.76
C LEU RA 151 106.39 57.17 122.56
N VAL RA 152 105.12 56.91 122.29
CA VAL RA 152 104.68 55.54 122.10
C VAL RA 152 105.29 54.93 120.84
N PHE RA 153 105.28 55.67 119.72
CA PHE RA 153 105.64 55.08 118.44
C PHE RA 153 107.08 55.34 117.99
N LYS RA 154 107.86 56.10 118.74
CA LYS RA 154 109.25 56.37 118.37
C LYS RA 154 110.24 56.19 119.51
N GLY RA 155 109.82 56.34 120.75
CA GLY RA 155 110.73 56.23 121.86
C GLY RA 155 111.62 57.46 121.97
N SER RA 156 112.64 57.32 122.82
CA SER RA 156 113.59 58.41 123.07
C SER RA 156 114.89 57.79 123.55
N ALA RA 157 115.95 57.92 122.76
CA ALA RA 157 117.24 57.34 123.14
C ALA RA 157 117.81 57.93 124.41
N PRO RA 158 117.87 59.27 124.60
CA PRO RA 158 118.44 59.78 125.85
C PRO RA 158 117.70 59.33 127.10
N HIS RA 159 116.38 59.18 127.03
CA HIS RA 159 115.59 58.76 128.17
C HIS RA 159 115.50 57.24 128.32
N LYS RA 160 116.11 56.49 127.40
CA LYS RA 160 116.05 55.03 127.41
C LYS RA 160 114.61 54.54 127.40
N ILE RA 161 113.82 55.09 126.48
CA ILE RA 161 112.46 54.63 126.23
C ILE RA 161 112.46 53.87 124.91
N VAL RA 162 112.16 52.58 124.97
CA VAL RA 162 112.19 51.71 123.81
C VAL RA 162 110.85 51.76 123.10
N SER RA 163 110.88 52.02 121.80
CA SER RA 163 109.66 52.03 121.00
C SER RA 163 109.17 50.60 120.79
N VAL RA 164 107.96 50.50 120.22
CA VAL RA 164 107.38 49.19 119.97
C VAL RA 164 108.18 48.40 118.96
N PHE RA 165 108.90 49.06 118.06
CA PHE RA 165 109.65 48.39 117.01
C PHE RA 165 111.05 47.97 117.44
N ASN RA 166 111.54 48.45 118.58
CA ASN RA 166 112.90 48.18 119.02
C ASN RA 166 112.95 47.26 120.24
N HIS RA 167 111.84 46.65 120.62
CA HIS RA 167 111.86 45.70 121.73
C HIS RA 167 112.64 44.46 121.30
N PRO RA 168 113.62 44.00 122.07
CA PRO RA 168 114.50 42.92 121.62
C PRO RA 168 113.99 41.51 121.88
N ASN RA 169 112.71 41.33 122.22
CA ASN RA 169 112.17 40.01 122.52
C ASN RA 169 110.98 39.67 121.64
N ILE RA 170 110.43 40.63 120.92
CA ILE RA 170 109.29 40.39 120.05
C ILE RA 170 109.77 39.65 118.80
N THR RA 171 108.82 39.09 118.07
CA THR RA 171 109.15 38.30 116.88
C THR RA 171 109.35 39.24 115.70
N LYS RA 172 110.45 39.01 114.96
CA LYS RA 172 110.77 39.81 113.78
C LYS RA 172 110.90 38.89 112.57
N ILE RA 173 110.29 39.28 111.46
CA ILE RA 173 110.36 38.52 110.22
C ILE RA 173 110.83 39.45 109.11
N THR RA 174 112.01 39.16 108.56
CA THR RA 174 112.45 39.85 107.37
C THR RA 174 111.58 39.44 106.18
N SER RA 175 111.24 40.41 105.35
CA SER RA 175 110.25 40.23 104.30
C SER RA 175 110.81 40.58 102.94
N GLY RA 176 110.42 39.82 101.93
CA GLY RA 176 110.58 40.26 100.57
C GLY RA 176 109.63 41.39 100.26
N LYS RA 177 110.10 42.35 99.46
CA LYS RA 177 109.33 43.57 99.24
C LYS RA 177 108.01 43.25 98.55
N TRP RA 178 106.93 43.84 99.06
CA TRP RA 178 105.61 43.65 98.47
C TRP RA 178 105.48 44.40 97.15
N ILE RA 179 106.17 45.53 97.01
CA ILE RA 179 106.15 46.33 95.79
C ILE RA 179 107.60 46.46 95.34
N ASP RA 180 107.96 45.75 94.29
CA ASP RA 180 109.32 45.74 93.76
C ASP RA 180 109.30 46.50 92.44
N ALA RA 181 109.91 47.69 92.43
CA ALA RA 181 109.99 48.54 91.23
C ALA RA 181 108.61 48.76 90.61
N SER RA 182 107.67 49.14 91.49
CA SER RA 182 106.28 49.41 91.11
C SER RA 182 105.58 48.18 90.54
N THR RA 183 105.97 46.99 90.97
CA THR RA 183 105.27 45.76 90.61
C THR RA 183 104.69 45.16 91.89
N MET RA 184 103.40 44.85 91.86
CA MET RA 184 102.68 44.40 93.05
C MET RA 184 102.65 42.88 93.07
N LYS RA 185 102.98 42.30 94.24
CA LYS RA 185 103.08 40.85 94.42
C LYS RA 185 102.20 40.45 95.60
N PRO RA 186 100.90 40.20 95.38
CA PRO RA 186 100.01 39.85 96.48
C PRO RA 186 100.28 38.48 97.09
N GLU RA 187 100.86 37.55 96.32
CA GLU RA 187 101.11 36.21 96.85
C GLU RA 187 102.11 36.26 98.01
N THR RA 188 103.15 37.07 97.88
CA THR RA 188 104.12 37.21 98.97
C THR RA 188 103.45 37.75 100.23
N ALA RA 189 102.59 38.76 100.07
CA ALA RA 189 101.89 39.35 101.22
C ALA RA 189 101.00 38.31 101.89
N GLU RA 190 100.24 37.55 101.09
CA GLU RA 190 99.36 36.54 101.66
C GLU RA 190 100.15 35.48 102.42
N ALA RA 191 101.24 34.99 101.80
CA ALA RA 191 102.04 33.97 102.45
C ALA RA 191 102.64 34.46 103.74
N GLU RA 192 103.18 35.69 103.75
CA GLU RA 192 103.81 36.22 104.94
C GLU RA 192 102.79 36.45 106.06
N LEU RA 193 101.61 36.97 105.72
CA LEU RA 193 100.59 37.19 106.74
C LEU RA 193 100.15 35.87 107.36
N THR RA 194 99.91 34.86 106.51
CA THR RA 194 99.51 33.55 107.04
C THR RA 194 100.61 32.94 107.90
N GLN RA 195 101.86 33.07 107.47
CA GLN RA 195 102.98 32.53 108.24
C GLN RA 195 103.08 33.20 109.60
N ALA RA 196 102.93 34.52 109.65
CA ALA RA 196 103.00 35.22 110.93
C ALA RA 196 101.87 34.81 111.86
N ILE RA 197 100.65 34.70 111.33
CA ILE RA 197 99.52 34.28 112.16
C ILE RA 197 99.75 32.88 112.70
N GLU RA 198 100.23 31.97 111.85
CA GLU RA 198 100.52 30.61 112.31
C GLU RA 198 101.62 30.60 113.35
N THR RA 199 102.65 31.44 113.16
CA THR RA 199 103.76 31.49 114.11
C THR RA 199 103.31 31.93 115.50
N ILE RA 200 102.44 32.94 115.55
CA ILE RA 200 102.00 33.42 116.87
C ILE RA 200 101.31 32.30 117.65
N GLU RA 201 100.42 31.54 116.98
CA GLU RA 201 99.76 30.43 117.64
C GLU RA 201 100.73 29.31 118.00
N THR RA 202 101.69 29.01 117.12
CA THR RA 202 102.58 27.88 117.34
C THR RA 202 103.54 28.14 118.50
N ILE RA 203 104.13 29.33 118.55
CA ILE RA 203 105.16 29.59 119.54
C ILE RA 203 104.58 29.67 120.96
N THR RA 204 103.33 30.07 121.10
CA THR RA 204 102.68 30.17 122.40
C THR RA 204 101.89 28.92 122.76
N ARG RA 205 101.99 27.86 121.95
CA ARG RA 205 101.36 26.58 122.23
C ARG RA 205 99.85 26.70 122.37
N GLY RA 206 99.25 27.57 121.56
CA GLY RA 206 97.81 27.61 121.40
C GLY RA 206 97.05 28.35 122.49
N GLN RA 207 97.73 28.90 123.49
CA GLN RA 207 97.02 29.65 124.53
C GLN RA 207 96.76 31.09 124.13
N HIS RA 208 97.25 31.52 122.97
CA HIS RA 208 96.99 32.84 122.44
C HIS RA 208 96.86 32.77 120.93
N ARG RA 209 96.24 33.80 120.34
CA ARG RA 209 96.06 33.86 118.90
C ARG RA 209 95.98 35.31 118.45
N ALA RA 210 96.43 35.55 117.21
CA ALA RA 210 96.43 36.90 116.67
C ALA RA 210 95.01 37.39 116.45
N THR RA 211 94.81 38.69 116.68
CA THR RA 211 93.48 39.28 116.50
C THR RA 211 93.53 40.54 115.64
N ASN RA 212 94.63 41.27 115.68
CA ASN RA 212 94.72 42.57 115.03
C ASN RA 212 95.94 42.65 114.13
N ILE RA 213 95.75 43.24 112.95
CA ILE RA 213 96.81 43.49 111.99
C ILE RA 213 96.76 44.95 111.57
N LEU RA 214 97.95 45.58 111.52
CA LEU RA 214 98.08 46.97 111.10
C LEU RA 214 99.07 47.04 109.96
N ILE RA 215 98.69 47.74 108.90
CA ILE RA 215 99.49 47.83 107.67
C ILE RA 215 99.60 49.30 107.27
N PRO RA 216 100.63 49.64 106.51
CA PRO RA 216 100.79 51.03 106.09
C PRO RA 216 99.68 51.43 105.14
N PRO RA 217 99.35 52.73 105.08
CA PRO RA 217 98.30 53.18 104.15
C PRO RA 217 98.63 52.98 102.68
N SER RA 218 99.91 52.82 102.34
CA SER RA 218 100.28 52.65 100.95
C SER RA 218 100.14 51.21 100.46
N MET RA 219 99.83 50.27 101.35
CA MET RA 219 99.72 48.87 100.99
C MET RA 219 98.28 48.38 100.88
N ARG RA 220 97.30 49.28 100.95
CA ARG RA 220 95.91 48.85 100.81
C ARG RA 220 95.57 48.45 99.38
N LYS RA 221 96.26 49.04 98.40
CA LYS RA 221 96.00 48.71 97.01
C LYS RA 221 96.56 47.35 96.60
N VAL RA 222 97.62 46.89 97.28
CA VAL RA 222 98.16 45.57 96.98
C VAL RA 222 97.16 44.48 97.38
N LEU RA 223 96.38 44.72 98.42
CA LEU RA 223 95.41 43.75 98.90
C LEU RA 223 94.10 43.80 98.13
N ALA RA 224 93.94 44.73 97.18
CA ALA RA 224 92.71 44.86 96.43
C ALA RA 224 92.81 44.29 95.02
N ILE RA 225 93.93 43.66 94.66
CA ILE RA 225 94.06 43.06 93.34
C ILE RA 225 93.21 41.79 93.28
N ARG RA 226 92.54 41.58 92.15
CA ARG RA 226 91.75 40.38 91.94
C ARG RA 226 92.65 39.16 91.78
N MET RA 227 92.28 38.05 92.41
CA MET RA 227 93.03 36.82 92.23
C MET RA 227 92.80 36.28 90.81
N PRO RA 228 93.74 35.49 90.31
CA PRO RA 228 93.49 34.79 89.04
C PRO RA 228 92.33 33.82 89.16
N GLU RA 229 91.66 33.61 88.03
CA GLU RA 229 90.65 32.55 87.87
C GLU RA 229 89.37 32.88 88.64
N THR RA 230 89.29 34.05 89.25
CA THR RA 230 88.10 34.39 90.03
C THR RA 230 87.83 35.88 89.93
N THR RA 231 86.75 36.30 90.58
CA THR RA 231 86.24 37.66 90.50
C THR RA 231 86.26 38.34 91.88
N MET RA 232 87.11 37.85 92.77
CA MET RA 232 87.18 38.38 94.13
C MET RA 232 88.62 38.69 94.50
N SER RA 233 88.78 39.57 95.48
CA SER RA 233 90.07 40.14 95.83
C SER RA 233 90.78 39.33 96.91
N TYR RA 234 92.10 39.54 96.99
CA TYR RA 234 92.91 38.83 97.97
C TYR RA 234 92.47 39.14 99.39
N LEU RA 235 92.11 40.39 99.68
CA LEU RA 235 91.66 40.76 101.01
C LEU RA 235 90.35 40.05 101.37
N ASP RA 236 89.43 39.95 100.42
CA ASP RA 236 88.20 39.22 100.66
C ASP RA 236 88.49 37.74 100.90
N TYR RA 237 89.39 37.16 100.12
CA TYR RA 237 89.78 35.76 100.34
C TYR RA 237 90.39 35.57 101.72
N PHE RA 238 91.23 36.51 102.15
CA PHE RA 238 91.86 36.42 103.46
C PHE RA 238 90.84 36.49 104.58
N LYS RA 239 89.88 37.42 104.47
CA LYS RA 239 88.83 37.46 105.50
C LYS RA 239 87.94 36.22 105.47
N SER RA 240 87.71 35.64 104.30
CA SER RA 240 86.94 34.39 104.26
C SER RA 240 87.69 33.26 104.94
N GLN RA 241 89.00 33.19 104.73
CA GLN RA 241 89.79 32.12 105.34
C GLN RA 241 89.91 32.30 106.85
N ASN RA 242 90.26 33.50 107.30
CA ASN RA 242 90.55 33.76 108.72
C ASN RA 242 89.51 34.75 109.25
N SER RA 243 88.40 34.21 109.76
CA SER RA 243 87.39 35.04 110.38
C SER RA 243 87.81 35.42 111.79
N GLY RA 244 87.38 36.60 112.22
CA GLY RA 244 87.69 37.08 113.56
C GLY RA 244 88.97 37.87 113.68
N ILE RA 245 89.51 38.36 112.57
CA ILE RA 245 90.73 39.16 112.57
C ILE RA 245 90.42 40.52 111.96
N GLU RA 246 90.79 41.59 112.67
CA GLU RA 246 90.57 42.94 112.20
C GLU RA 246 91.85 43.51 111.61
N ILE RA 247 91.75 44.07 110.41
CA ILE RA 247 92.88 44.62 109.68
C ILE RA 247 92.63 46.11 109.48
N ASP RA 248 93.64 46.92 109.81
CA ASP RA 248 93.53 48.37 109.76
C ASP RA 248 94.80 48.98 109.19
N SER RA 249 94.74 50.28 108.93
CA SER RA 249 95.85 51.03 108.37
C SER RA 249 96.25 52.14 109.34
N ILE RA 250 97.55 52.27 109.58
CA ILE RA 250 98.09 53.25 110.52
C ILE RA 250 99.28 53.93 109.88
N ALA RA 251 99.14 55.24 109.63
CA ALA RA 251 100.17 56.01 108.94
C ALA RA 251 101.49 56.06 109.70
N GLU RA 252 101.49 55.73 110.99
CA GLU RA 252 102.73 55.66 111.75
C GLU RA 252 103.63 54.51 111.31
N LEU RA 253 103.13 53.58 110.49
CA LEU RA 253 103.93 52.43 110.06
C LEU RA 253 104.71 52.69 108.79
N GLU RA 254 104.55 53.86 108.16
CA GLU RA 254 105.31 54.15 106.95
C GLU RA 254 106.81 54.23 107.23
N ASP RA 255 107.18 54.86 108.33
CA ASP RA 255 108.58 54.98 108.72
C ASP RA 255 108.76 54.42 110.12
N ILE RA 256 109.52 53.34 110.23
CA ILE RA 256 109.79 52.71 111.52
C ILE RA 256 111.24 52.86 111.95
N ASP RA 257 112.10 53.46 111.13
CA ASP RA 257 113.47 53.75 111.54
C ASP RA 257 113.95 55.12 111.08
N GLY RA 258 113.08 55.95 110.50
CA GLY RA 258 113.47 57.27 110.06
C GLY RA 258 114.18 57.33 108.72
N ALA RA 259 114.30 56.21 108.02
CA ALA RA 259 115.00 56.18 106.74
C ALA RA 259 114.15 55.65 105.60
N GLY RA 260 112.84 55.50 105.81
CA GLY RA 260 111.95 55.04 104.75
C GLY RA 260 111.84 53.54 104.64
N THR RA 261 111.49 52.87 105.75
CA THR RA 261 111.29 51.44 105.76
C THR RA 261 109.92 51.14 106.34
N LYS RA 262 109.12 50.38 105.60
CA LYS RA 262 107.76 50.06 105.99
C LYS RA 262 107.70 48.75 106.76
N GLY RA 263 106.60 48.55 107.47
CA GLY RA 263 106.44 47.34 108.26
C GLY RA 263 104.98 47.06 108.56
N VAL RA 264 104.72 45.81 108.91
CA VAL RA 264 103.38 45.34 109.25
C VAL RA 264 103.42 44.77 110.67
N LEU RA 265 102.38 45.04 111.45
CA LEU RA 265 102.33 44.61 112.84
C LEU RA 265 101.16 43.66 113.06
N VAL RA 266 101.42 42.51 113.65
CA VAL RA 266 100.38 41.54 113.98
C VAL RA 266 100.46 41.23 115.46
N TYR RA 267 99.33 41.33 116.15
CA TYR RA 267 99.35 41.18 117.60
C TYR RA 267 97.95 40.85 118.11
N GLU RA 268 97.89 40.49 119.39
CA GLU RA 268 96.64 40.21 120.09
C GLU RA 268 96.41 41.31 121.13
N LYS RA 269 95.25 41.95 121.06
CA LYS RA 269 94.94 43.07 121.94
C LYS RA 269 94.37 42.53 123.26
N ASN RA 270 95.04 42.83 124.37
CA ASN RA 270 94.63 42.37 125.68
C ASN RA 270 95.40 43.14 126.73
N PRO RA 271 94.76 43.64 127.80
CA PRO RA 271 95.51 44.35 128.84
C PRO RA 271 96.58 43.49 129.49
N MET RA 272 96.40 42.17 129.53
CA MET RA 272 97.40 41.28 130.11
C MET RA 272 98.69 41.21 129.30
N ASN RA 273 98.65 41.60 128.02
CA ASN RA 273 99.83 41.51 127.17
C ASN RA 273 100.58 42.84 127.07
N MET RA 274 99.86 43.95 126.94
CA MET RA 274 100.49 45.25 126.83
C MET RA 274 99.59 46.30 127.46
N SER RA 275 100.20 47.41 127.85
CA SER RA 275 99.47 48.44 128.58
C SER RA 275 100.08 49.81 128.35
N ILE RA 276 99.26 50.83 128.57
CA ILE RA 276 99.69 52.23 128.63
C ILE RA 276 99.04 52.87 129.84
N GLU RA 277 99.84 53.55 130.65
CA GLU RA 277 99.39 54.16 131.89
C GLU RA 277 99.37 55.68 131.75
N ILE RA 278 98.29 56.29 132.22
CA ILE RA 278 98.19 57.75 132.28
C ILE RA 278 97.83 58.13 133.70
N PRO RA 279 98.81 58.24 134.61
CA PRO RA 279 98.49 58.56 136.01
C PRO RA 279 97.79 59.90 136.19
N GLU RA 280 98.16 60.91 135.41
CA GLU RA 280 97.63 62.26 135.58
C GLU RA 280 97.30 62.84 134.21
N ALA RA 281 96.11 63.43 134.10
CA ALA RA 281 95.66 63.98 132.84
C ALA RA 281 96.10 65.44 132.69
N PHE RA 282 95.81 66.00 131.53
CA PHE RA 282 96.15 67.40 131.25
C PHE RA 282 95.40 68.33 132.20
N ASN RA 283 96.07 69.38 132.64
CA ASN RA 283 95.47 70.38 133.52
C ASN RA 283 96.22 71.69 133.38
N MET RA 284 95.59 72.76 133.85
CA MET RA 284 96.12 74.11 133.70
C MET RA 284 96.27 74.76 135.07
N LEU RA 285 97.43 75.36 135.31
CA LEU RA 285 97.69 76.09 136.54
C LEU RA 285 97.10 77.49 136.46
N PRO RA 286 96.83 78.11 137.62
CA PRO RA 286 96.35 79.50 137.59
C PRO RA 286 97.41 80.43 137.02
N ALA RA 287 96.94 81.48 136.33
CA ALA RA 287 97.84 82.39 135.66
C ALA RA 287 98.64 83.21 136.67
N GLN RA 288 99.89 83.51 136.30
CA GLN RA 288 100.79 84.31 137.14
C GLN RA 288 100.94 85.69 136.53
N PRO RA 289 100.43 86.73 137.17
CA PRO RA 289 100.49 88.07 136.58
C PRO RA 289 101.91 88.62 136.56
N LYS RA 290 102.19 89.43 135.54
CA LYS RA 290 103.40 90.22 135.44
C LYS RA 290 103.01 91.68 135.19
N ASP RA 291 103.99 92.49 134.79
CA ASP RA 291 103.78 93.93 134.58
C ASP RA 291 102.47 94.24 133.87
N LEU RA 292 102.30 93.73 132.65
CA LEU RA 292 101.05 93.93 131.93
C LEU RA 292 100.61 92.69 131.16
N HIS RA 293 101.29 91.55 131.34
CA HIS RA 293 100.93 90.31 130.66
C HIS RA 293 100.89 89.18 131.67
N PHE RA 294 100.40 88.03 131.22
CA PHE RA 294 100.22 86.86 132.08
C PHE RA 294 101.02 85.69 131.53
N LYS RA 295 101.02 84.59 132.29
CA LYS RA 295 101.72 83.38 131.89
C LYS RA 295 100.99 82.18 132.46
N VAL RA 296 100.66 81.22 131.60
CA VAL RA 296 99.90 80.05 132.05
C VAL RA 296 100.66 78.78 131.73
N PRO RA 297 101.06 78.00 132.73
CA PRO RA 297 101.71 76.71 132.47
C PRO RA 297 100.74 75.53 132.46
N CYS RA 298 101.13 74.44 131.81
CA CYS RA 298 100.34 73.21 131.74
C CYS RA 298 101.29 72.03 131.89
N THR RA 299 100.77 70.93 132.44
CA THR RA 299 101.60 69.77 132.73
C THR RA 299 100.73 68.52 132.82
N SER RA 300 101.39 67.36 132.70
CA SER RA 300 100.74 66.05 132.82
C SER RA 300 101.85 65.00 132.93
N LYS RA 301 101.43 63.74 133.02
CA LYS RA 301 102.32 62.61 133.19
C LYS RA 301 101.97 61.48 132.22
N CYS RA 302 102.93 60.60 131.98
CA CYS RA 302 102.73 59.44 131.11
C CYS RA 302 103.78 58.39 131.45
N THR RA 303 103.69 57.24 130.77
CA THR RA 303 104.70 56.22 130.96
C THR RA 303 105.21 55.62 129.64
N GLY RA 304 104.39 55.65 128.60
CA GLY RA 304 104.68 54.97 127.37
C GLY RA 304 103.97 53.63 127.25
N LEU RA 305 104.58 52.75 126.48
CA LEU RA 305 104.02 51.42 126.22
C LEU RA 305 104.83 50.36 126.97
N THR RA 306 104.13 49.48 127.67
CA THR RA 306 104.75 48.40 128.43
C THR RA 306 104.25 47.06 127.90
N ILE RA 307 105.18 46.13 127.70
CA ILE RA 307 104.87 44.79 127.19
C ILE RA 307 105.21 43.79 128.29
N TYR RA 308 104.24 42.98 128.68
CA TYR RA 308 104.47 41.95 129.68
C TYR RA 308 104.84 40.62 129.05
N ARG RA 309 104.09 40.21 128.02
CA ARG RA 309 104.37 38.98 127.29
C ARG RA 309 104.85 39.32 125.89
N PRO RA 310 106.15 39.29 125.61
CA PRO RA 310 106.66 39.71 124.31
C PRO RA 310 106.48 38.69 123.20
N MET RA 311 105.90 37.53 123.50
CA MET RA 311 105.78 36.45 122.52
C MET RA 311 104.52 36.57 121.67
N THR RA 312 103.76 37.65 121.82
CA THR RA 312 102.49 37.81 121.13
C THR RA 312 102.52 38.91 120.07
N ILE RA 313 103.70 39.38 119.67
CA ILE RA 313 103.83 40.46 118.72
C ILE RA 313 104.78 40.04 117.60
N VAL RA 314 104.35 40.21 116.36
CA VAL RA 314 105.16 39.91 115.19
C VAL RA 314 105.28 41.17 114.33
N LEU RA 315 106.50 41.56 114.02
CA LEU RA 315 106.78 42.68 113.14
C LEU RA 315 107.37 42.13 111.84
N ILE RA 316 106.65 42.35 110.74
CA ILE RA 316 107.13 42.01 109.41
C ILE RA 316 107.83 43.25 108.86
N THR RA 317 109.15 43.14 108.68
CA THR RA 317 110.00 44.28 108.36
C THR RA 317 110.36 44.27 106.89
N GLY RA 318 110.38 45.46 106.29
CA GLY RA 318 110.75 45.62 104.90
C GLY RA 318 109.61 45.57 103.91
N VAL RA 319 108.37 45.66 104.38
CA VAL RA 319 107.21 45.64 103.50
C VAL RA 319 107.19 46.89 102.62
N ALA SA 29 52.01 82.39 25.68
CA ALA SA 29 51.80 81.62 26.90
C ALA SA 29 50.89 80.42 26.63
N THR SA 30 51.47 79.23 26.71
CA THR SA 30 50.77 77.98 26.43
C THR SA 30 50.97 77.00 27.57
N MET SA 31 50.76 77.47 28.80
CA MET SA 31 50.94 76.62 29.97
C MET SA 31 49.78 75.62 30.09
N GLY SA 32 49.81 74.84 31.17
CA GLY SA 32 48.71 73.97 31.52
C GLY SA 32 47.68 74.68 32.40
N ILE SA 33 46.85 73.86 33.05
CA ILE SA 33 45.79 74.41 33.90
C ILE SA 33 46.06 74.19 35.39
N TRP SA 34 47.17 73.56 35.76
CA TRP SA 34 47.52 73.35 37.15
C TRP SA 34 48.93 73.88 37.41
N THR SA 35 49.08 74.65 38.48
CA THR SA 35 50.37 75.19 38.86
C THR SA 35 51.12 74.19 39.74
N ALA SA 36 52.36 74.57 40.09
CA ALA SA 36 53.18 73.71 40.93
C ALA SA 36 52.60 73.55 42.33
N GLN SA 37 52.06 74.64 42.88
CA GLN SA 37 51.58 74.61 44.26
C GLN SA 37 50.38 73.69 44.44
N GLU SA 38 49.53 73.55 43.42
CA GLU SA 38 48.35 72.70 43.54
C GLU SA 38 48.70 71.22 43.63
N LEU SA 39 49.92 70.84 43.26
CA LEU SA 39 50.35 69.46 43.36
C LEU SA 39 51.63 69.37 44.20
N HIS SA 40 51.63 70.04 45.34
CA HIS SA 40 52.81 70.16 46.18
C HIS SA 40 52.41 69.88 47.63
N ARG SA 41 53.28 69.16 48.34
CA ARG SA 41 53.04 68.77 49.72
C ARG SA 41 54.13 69.37 50.61
N ILE SA 42 53.71 69.99 51.71
CA ILE SA 42 54.63 70.55 52.69
C ILE SA 42 54.54 69.70 53.94
N LYS SA 43 55.65 69.09 54.34
CA LYS SA 43 55.66 68.23 55.51
C LYS SA 43 55.54 69.05 56.78
N SER SA 44 54.63 68.66 57.66
CA SER SA 44 54.35 69.43 58.88
C SER SA 44 55.24 68.97 60.04
N GLN SA 45 56.54 68.92 59.81
CA GLN SA 45 57.50 68.59 60.85
C GLN SA 45 58.78 69.37 60.58
N SER SA 46 59.16 70.23 61.52
CA SER SA 46 60.32 71.09 61.36
C SER SA 46 61.48 70.56 62.19
N TYR SA 47 62.68 70.66 61.63
CA TYR SA 47 63.90 70.24 62.29
C TYR SA 47 64.67 71.47 62.76
N GLU SA 48 65.08 71.45 64.03
CA GLU SA 48 65.84 72.53 64.64
C GLU SA 48 67.24 72.05 64.99
N GLU SA 49 68.22 72.93 64.78
CA GLU SA 49 69.57 72.62 65.20
C GLU SA 49 69.66 72.62 66.73
N ASP SA 50 70.70 71.99 67.24
CA ASP SA 50 70.90 71.82 68.68
C ASP SA 50 72.17 72.51 69.13
N TYR SA 51 72.13 73.10 70.32
CA TYR SA 51 73.29 73.74 70.94
C TYR SA 51 73.26 73.44 72.43
N PRO SA 52 73.85 72.33 72.87
CA PRO SA 52 73.91 72.05 74.31
C PRO SA 52 74.71 73.12 75.03
N VAL SA 53 74.21 73.51 76.21
CA VAL SA 53 74.81 74.64 76.92
C VAL SA 53 76.16 74.26 77.51
N GLY SA 54 76.28 73.06 78.04
CA GLY SA 54 77.50 72.64 78.70
C GLY SA 54 77.18 71.92 79.99
N SER SA 55 78.17 71.89 80.89
CA SER SA 55 78.02 71.16 82.15
C SER SA 55 78.61 71.88 83.35
N ALA SA 56 79.02 73.14 83.23
CA ALA SA 56 79.70 73.80 84.35
C ALA SA 56 78.79 73.91 85.56
N LEU SA 57 77.58 74.41 85.37
CA LEU SA 57 76.66 74.65 86.48
C LEU SA 57 76.11 73.36 87.09
N ARG SA 58 76.13 72.25 86.36
CA ARG SA 58 75.66 70.97 86.89
C ARG SA 58 76.78 70.15 87.52
N VAL SA 59 78.02 70.32 87.08
CA VAL SA 59 79.15 69.60 87.65
C VAL SA 59 79.69 70.31 88.89
N PHE SA 60 79.88 71.64 88.81
CA PHE SA 60 80.39 72.24 90.03
C PHE SA 60 79.27 72.84 90.85
N PRO SA 61 79.36 72.76 92.18
CA PRO SA 61 78.29 73.27 93.04
C PRO SA 61 78.15 74.77 92.91
N VAL SA 62 76.91 75.25 93.04
CA VAL SA 62 76.57 76.66 92.89
C VAL SA 62 75.94 77.15 94.17
N THR SA 63 76.40 78.31 94.65
CA THR SA 63 75.90 78.93 95.85
C THR SA 63 75.39 80.33 95.54
N THR SA 64 74.59 80.87 96.46
CA THR SA 64 74.02 82.22 96.34
C THR SA 64 74.25 82.96 97.64
N GLU SA 65 75.34 83.72 97.71
CA GLU SA 65 75.66 84.46 98.93
C GLU SA 65 75.89 85.94 98.64
N LEU SA 66 76.49 86.25 97.49
CA LEU SA 66 76.80 87.63 97.17
C LEU SA 66 75.53 88.43 96.85
N SER SA 67 75.45 89.63 97.41
CA SER SA 67 74.42 90.57 97.04
C SER SA 67 74.70 91.14 95.66
N PRO SA 68 73.67 91.60 94.94
CA PRO SA 68 73.92 92.14 93.58
C PRO SA 68 74.84 93.34 93.55
N THR SA 69 75.02 94.04 94.68
CA THR SA 69 75.81 95.26 94.71
C THR SA 69 77.20 95.07 95.31
N ASP SA 70 77.80 93.89 95.15
CA ASP SA 70 79.16 93.66 95.63
C ASP SA 70 80.15 93.61 94.47
N LYS SA 71 81.40 93.99 94.75
CA LYS SA 71 82.47 93.94 93.77
C LYS SA 71 83.58 92.97 94.14
N THR SA 72 83.74 92.66 95.43
CA THR SA 72 84.80 91.76 95.89
C THR SA 72 84.27 90.94 97.07
N PHE SA 73 84.99 89.86 97.38
CA PHE SA 73 84.69 89.07 98.57
C PHE SA 73 86.01 88.61 99.18
N GLU SA 74 85.91 88.01 100.37
CA GLU SA 74 87.11 87.65 101.14
C GLU SA 74 86.79 86.46 102.03
N TYR SA 75 87.81 85.62 102.27
CA TYR SA 75 87.71 84.51 103.19
C TYR SA 75 89.04 84.39 103.94
N MET SA 76 89.00 83.74 105.10
CA MET SA 76 90.14 83.71 106.01
C MET SA 76 90.48 82.28 106.42
N THR SA 77 91.75 82.11 106.81
CA THR SA 77 92.29 80.82 107.21
C THR SA 77 93.23 81.03 108.39
N PHE SA 78 93.28 80.05 109.29
CA PHE SA 78 94.06 80.16 110.52
C PHE SA 78 94.91 78.92 110.72
N ASP SA 79 95.98 79.07 111.50
CA ASP SA 79 96.90 77.97 111.80
C ASP SA 79 97.29 78.04 113.27
N LYS SA 80 98.22 77.16 113.67
CA LYS SA 80 98.69 77.10 115.04
C LYS SA 80 100.03 76.37 115.06
N VAL SA 81 100.84 76.67 116.08
CA VAL SA 81 102.14 76.04 116.29
C VAL SA 81 102.31 75.76 117.77
N GLY SA 82 103.31 74.94 118.10
CA GLY SA 82 103.61 74.62 119.48
C GLY SA 82 104.36 73.31 119.59
N THR SA 83 104.80 73.04 120.81
CA THR SA 83 105.58 71.83 121.12
C THR SA 83 105.53 71.58 122.61
N ALA SA 84 106.13 70.48 123.04
CA ALA SA 84 106.19 70.09 124.44
C ALA SA 84 107.45 69.29 124.69
N GLN SA 85 107.84 69.20 125.96
CA GLN SA 85 109.07 68.51 126.34
C GLN SA 85 108.89 67.79 127.66
N ILE SA 86 109.78 66.84 127.92
CA ILE SA 86 109.81 66.09 129.16
C ILE SA 86 110.69 66.82 130.16
N ILE SA 87 110.11 67.22 131.29
CA ILE SA 87 110.75 68.08 132.26
C ILE SA 87 110.82 67.37 133.60
N ALA SA 88 111.36 68.08 134.60
CA ALA SA 88 111.45 67.61 135.97
C ALA SA 88 110.95 68.73 136.89
N ASP SA 89 110.99 68.47 138.19
CA ASP SA 89 110.58 69.49 139.14
C ASP SA 89 111.61 70.62 139.18
N TYR SA 90 111.23 71.72 139.82
CA TYR SA 90 112.09 72.90 139.94
C TYR SA 90 112.47 73.47 138.58
N THR SA 91 111.65 73.20 137.57
CA THR SA 91 111.92 73.67 136.22
C THR SA 91 111.46 75.12 136.09
N ASP SA 92 112.12 75.87 135.22
CA ASP SA 92 111.81 77.28 135.05
C ASP SA 92 111.46 77.66 133.62
N ASP SA 93 112.11 77.09 132.62
CA ASP SA 93 111.84 77.40 131.23
C ASP SA 93 110.93 76.35 130.62
N LEU SA 94 109.96 76.78 129.82
CA LEU SA 94 109.00 75.92 129.16
C LEU SA 94 108.71 76.47 127.78
N PRO SA 95 108.34 75.62 126.83
CA PRO SA 95 108.03 76.09 125.47
C PRO SA 95 106.72 76.86 125.42
N LEU SA 96 106.53 77.58 124.32
CA LEU SA 96 105.37 78.42 124.10
C LEU SA 96 104.72 78.09 122.76
N VAL SA 97 103.55 78.71 122.51
CA VAL SA 97 102.74 78.46 121.33
C VAL SA 97 102.28 79.79 120.74
N ASP SA 98 101.80 79.75 119.50
CA ASP SA 98 101.34 80.95 118.80
C ASP SA 98 100.29 80.55 117.77
N ALA SA 99 99.89 81.52 116.93
CA ALA SA 99 98.82 81.32 115.96
C ALA SA 99 99.12 82.13 114.70
N LEU SA 100 98.28 81.93 113.67
CA LEU SA 100 98.48 82.59 112.38
C LEU SA 100 97.18 83.12 111.79
N GLY SA 101 97.23 83.56 110.53
CA GLY SA 101 96.02 84.03 109.85
C GLY SA 101 96.37 84.51 108.45
N THR SA 102 95.40 84.33 107.54
CA THR SA 102 95.61 84.65 106.13
C THR SA 102 94.24 84.91 105.48
N SER SA 103 94.25 85.68 104.39
CA SER SA 103 93.02 86.04 103.69
C SER SA 103 93.28 86.12 102.19
N GLU SA 104 92.19 86.05 101.42
CA GLU SA 104 92.24 86.12 99.96
C GLU SA 104 91.07 86.95 99.45
N PHE SA 105 90.97 87.08 98.12
CA PHE SA 105 90.03 88.00 97.50
C PHE SA 105 89.40 87.38 96.26
N GLY SA 106 88.56 88.18 95.57
CA GLY SA 106 87.87 87.75 94.37
C GLY SA 106 87.25 88.92 93.64
N LYS SA 107 86.52 88.62 92.58
CA LYS SA 107 85.96 89.65 91.71
C LYS SA 107 84.69 89.16 91.03
N VAL SA 108 83.92 90.12 90.50
CA VAL SA 108 82.63 89.88 89.87
C VAL SA 108 82.56 90.68 88.56
N PHE SA 109 81.93 90.08 87.54
CA PHE SA 109 81.87 90.68 86.20
C PHE SA 109 80.42 90.73 85.72
N ARG SA 110 80.21 91.47 84.63
CA ARG SA 110 78.89 91.69 84.04
C ARG SA 110 78.91 91.27 82.58
N LEU SA 111 77.72 90.91 82.07
CA LEU SA 111 77.56 90.40 80.71
C LEU SA 111 76.34 91.07 80.08
N GLY SA 112 76.28 91.09 78.76
CA GLY SA 112 75.10 91.61 78.09
C GLY SA 112 75.17 91.53 76.59
N ASN SA 113 74.00 91.62 75.97
CA ASN SA 113 73.85 91.77 74.52
C ASN SA 113 72.48 92.38 74.24
N ALA SA 114 72.05 92.36 72.99
CA ALA SA 114 70.83 93.05 72.57
C ALA SA 114 70.37 92.50 71.22
N TYR SA 115 69.21 92.98 70.78
CA TYR SA 115 68.70 92.61 69.46
C TYR SA 115 67.77 93.69 68.93
N LEU SA 116 67.46 93.57 67.63
CA LEU SA 116 66.64 94.53 66.90
C LEU SA 116 65.44 93.83 66.26
N ILE SA 117 64.38 94.60 66.04
CA ILE SA 117 63.18 94.10 65.38
C ILE SA 117 62.38 95.29 64.88
N SER SA 118 61.50 95.06 63.91
CA SER SA 118 60.71 96.11 63.30
C SER SA 118 59.23 95.74 63.23
N ILE SA 119 58.41 96.75 62.97
CA ILE SA 119 56.96 96.60 63.01
C ILE SA 119 56.48 95.61 61.96
N ASP SA 120 57.04 95.69 60.74
CA ASP SA 120 56.61 94.79 59.69
C ASP SA 120 56.93 93.34 60.05
N GLU SA 121 58.12 93.09 60.60
CA GLU SA 121 58.46 91.73 61.02
C GLU SA 121 57.55 91.25 62.14
N ILE SA 122 57.23 92.12 63.10
CA ILE SA 122 56.32 91.73 64.17
C ILE SA 122 54.95 91.34 63.61
N LYS SA 123 54.41 92.17 62.71
CA LYS SA 123 53.11 91.90 62.14
C LYS SA 123 53.12 90.61 61.32
N ALA SA 124 54.15 90.40 60.50
CA ALA SA 124 54.24 89.20 59.69
C ALA SA 124 54.35 87.96 60.56
N GLY SA 125 55.15 88.02 61.62
CA GLY SA 125 55.26 86.89 62.53
C GLY SA 125 53.95 86.57 63.21
N GLN SA 126 53.24 87.60 63.68
CA GLN SA 126 51.95 87.38 64.33
C GLN SA 126 50.95 86.76 63.36
N ALA SA 127 50.95 87.23 62.11
CA ALA SA 127 50.00 86.71 61.13
C ALA SA 127 50.32 85.27 60.76
N THR SA 128 51.60 84.96 60.48
CA THR SA 128 51.96 83.63 60.00
C THR SA 128 51.90 82.60 61.12
N GLY SA 129 52.21 82.99 62.35
CA GLY SA 129 52.27 82.06 63.45
C GLY SA 129 53.67 81.64 63.84
N ARG SA 130 54.69 82.27 63.30
CA ARG SA 130 56.09 82.01 63.65
C ARG SA 130 56.74 83.32 64.04
N PRO SA 131 56.44 83.84 65.22
CA PRO SA 131 57.01 85.13 65.63
C PRO SA 131 58.53 85.08 65.66
N LEU SA 132 59.14 86.21 65.29
CA LEU SA 132 60.59 86.31 65.21
C LEU SA 132 61.25 86.74 66.51
N SER SA 133 60.51 87.42 67.39
CA SER SA 133 61.10 87.91 68.63
C SER SA 133 61.49 86.78 69.58
N THR SA 134 60.70 85.71 69.62
CA THR SA 134 60.98 84.61 70.54
C THR SA 134 62.31 83.94 70.20
N ARG SA 135 62.59 83.75 68.91
CA ARG SA 135 63.84 83.11 68.50
C ARG SA 135 65.04 83.95 68.90
N LYS SA 136 64.94 85.28 68.71
CA LYS SA 136 66.05 86.15 69.09
C LYS SA 136 66.25 86.17 70.61
N ALA SA 137 65.16 86.14 71.37
CA ALA SA 137 65.28 86.06 72.83
C ALA SA 137 65.96 84.76 73.26
N SER SA 138 65.57 83.64 72.64
CA SER SA 138 66.21 82.37 72.95
C SER SA 138 67.69 82.39 72.59
N ALA SA 139 68.01 83.01 71.45
CA ALA SA 139 69.42 83.14 71.06
C ALA SA 139 70.21 83.94 72.07
N CYS SA 140 69.64 85.04 72.57
CA CYS SA 140 70.33 85.85 73.57
C CYS SA 140 70.57 85.06 74.85
N GLN SA 141 69.54 84.36 75.33
CA GLN SA 141 69.71 83.57 76.56
C GLN SA 141 70.76 82.48 76.37
N LEU SA 142 70.72 81.79 75.24
CA LEU SA 142 71.70 80.74 74.97
C LEU SA 142 73.10 81.30 74.90
N ALA SA 143 73.26 82.47 74.28
CA ALA SA 143 74.57 83.10 74.22
C ALA SA 143 75.09 83.43 75.61
N HIS SA 144 74.23 83.97 76.48
CA HIS SA 144 74.65 84.26 77.85
C HIS SA 144 75.12 83.01 78.57
N ASP SA 145 74.33 81.93 78.48
CA ASP SA 145 74.69 80.71 79.20
C ASP SA 145 75.98 80.09 78.65
N GLN SA 146 76.14 80.07 77.33
CA GLN SA 146 77.37 79.53 76.75
C GLN SA 146 78.58 80.39 77.11
N LEU SA 147 78.39 81.71 77.23
CA LEU SA 147 79.50 82.56 77.64
C LEU SA 147 79.90 82.27 79.08
N VAL SA 148 78.92 82.04 79.96
CA VAL SA 148 79.25 81.65 81.34
C VAL SA 148 80.03 80.35 81.35
N ASN SA 149 79.58 79.36 80.57
CA ASN SA 149 80.28 78.08 80.51
C ASN SA 149 81.71 78.26 80.00
N ARG SA 150 81.88 79.08 78.96
CA ARG SA 150 83.21 79.33 78.41
C ARG SA 150 84.12 79.99 79.44
N LEU SA 151 83.58 80.95 80.21
CA LEU SA 151 84.36 81.58 81.26
C LEU SA 151 84.79 80.57 82.30
N VAL SA 152 83.89 79.65 82.67
CA VAL SA 152 84.22 78.68 83.71
C VAL SA 152 85.29 77.70 83.23
N PHE SA 153 85.16 77.21 81.99
CA PHE SA 153 85.98 76.08 81.55
C PHE SA 153 87.21 76.46 80.74
N LYS SA 154 87.27 77.64 80.15
CA LYS SA 154 88.38 78.03 79.29
C LYS SA 154 89.12 79.27 79.76
N GLY SA 155 88.43 80.21 80.41
CA GLY SA 155 89.07 81.38 80.97
C GLY SA 155 89.29 82.48 79.94
N SER SA 156 89.66 83.65 80.47
CA SER SA 156 89.94 84.82 79.64
C SER SA 156 91.28 85.40 80.07
N ALA SA 157 92.16 85.63 79.11
CA ALA SA 157 93.51 86.11 79.41
C ALA SA 157 93.53 87.59 79.79
N PRO SA 158 93.01 88.50 78.96
CA PRO SA 158 93.08 89.92 79.34
C PRO SA 158 92.35 90.26 80.64
N HIS SA 159 91.27 89.56 80.95
CA HIS SA 159 90.48 89.85 82.13
C HIS SA 159 91.05 89.24 83.40
N LYS SA 160 92.16 88.52 83.30
CA LYS SA 160 92.79 87.85 84.45
C LYS SA 160 91.80 86.89 85.14
N ILE SA 161 91.12 86.09 84.33
CA ILE SA 161 90.28 85.01 84.83
C ILE SA 161 90.95 83.70 84.49
N VAL SA 162 91.22 82.89 85.51
CA VAL SA 162 91.99 81.67 85.37
C VAL SA 162 91.04 80.48 85.31
N SER SA 163 91.21 79.65 84.28
CA SER SA 163 90.36 78.48 84.12
C SER SA 163 90.72 77.41 85.16
N VAL SA 164 89.91 76.35 85.18
CA VAL SA 164 90.15 75.27 86.13
C VAL SA 164 91.42 74.50 85.80
N PHE SA 165 91.81 74.43 84.53
CA PHE SA 165 93.01 73.71 84.13
C PHE SA 165 94.28 74.51 84.30
N ASN SA 166 94.17 75.82 84.56
CA ASN SA 166 95.34 76.69 84.66
C ASN SA 166 95.62 77.15 86.08
N HIS SA 167 94.87 76.66 87.07
CA HIS SA 167 95.11 77.08 88.44
C HIS SA 167 96.46 76.55 88.91
N PRO SA 168 97.32 77.40 89.49
CA PRO SA 168 98.67 76.96 89.84
C PRO SA 168 98.79 76.21 91.16
N ASN SA 169 97.68 75.96 91.86
CA ASN SA 169 97.76 75.34 93.19
C ASN SA 169 96.95 74.05 93.24
N ILE SA 170 96.75 73.41 92.10
CA ILE SA 170 96.10 72.10 92.06
C ILE SA 170 97.17 71.05 91.79
N THR SA 171 96.81 69.79 92.02
CA THR SA 171 97.75 68.71 91.76
C THR SA 171 97.70 68.34 90.29
N LYS SA 172 98.86 68.23 89.65
CA LYS SA 172 98.96 67.89 88.25
C LYS SA 172 99.82 66.65 88.09
N ILE SA 173 99.30 65.65 87.39
CA ILE SA 173 99.98 64.37 87.20
C ILE SA 173 100.17 64.14 85.71
N THR SA 174 101.41 64.04 85.27
CA THR SA 174 101.69 63.68 83.89
C THR SA 174 101.43 62.20 83.67
N SER SA 175 100.71 61.87 82.61
CA SER SA 175 100.23 60.53 82.37
C SER SA 175 100.77 59.98 81.07
N GLY SA 176 100.97 58.67 81.05
CA GLY SA 176 101.25 57.97 79.81
C GLY SA 176 100.01 57.90 78.94
N LYS SA 177 100.22 57.56 77.66
CA LYS SA 177 99.13 57.53 76.72
C LYS SA 177 98.20 56.37 77.02
N TRP SA 178 96.94 56.68 77.35
CA TRP SA 178 95.95 55.62 77.51
C TRP SA 178 95.68 54.92 76.19
N ILE SA 179 95.76 55.65 75.07
CA ILE SA 179 95.66 55.08 73.73
C ILE SA 179 96.83 55.62 72.92
N ASP SA 180 97.59 54.70 72.32
CA ASP SA 180 98.61 55.08 71.33
C ASP SA 180 98.60 54.07 70.19
N ALA SA 181 98.76 54.56 68.97
CA ALA SA 181 98.72 53.73 67.76
C ALA SA 181 97.45 52.87 67.74
N SER SA 182 96.35 53.45 68.21
CA SER SA 182 95.07 52.75 68.33
C SER SA 182 95.17 51.47 69.16
N THR SA 183 95.95 51.52 70.24
CA THR SA 183 96.09 50.39 71.16
C THR SA 183 95.57 50.82 72.54
N MET SA 184 94.74 49.98 73.14
CA MET SA 184 94.08 50.29 74.39
C MET SA 184 94.82 49.63 75.55
N LYS SA 185 95.09 50.42 76.60
CA LYS SA 185 95.87 49.98 77.74
C LYS SA 185 95.10 50.28 79.02
N PRO SA 186 94.09 49.48 79.33
CA PRO SA 186 93.28 49.78 80.52
C PRO SA 186 94.01 49.65 81.83
N GLU SA 187 95.09 48.86 81.89
CA GLU SA 187 95.84 48.73 83.13
C GLU SA 187 96.46 50.06 83.54
N THR SA 188 96.99 50.81 82.57
CA THR SA 188 97.54 52.13 82.88
C THR SA 188 96.47 53.06 83.43
N ALA SA 189 95.27 53.04 82.84
CA ALA SA 189 94.18 53.88 83.32
C ALA SA 189 93.79 53.51 84.75
N GLU SA 190 93.68 52.21 85.02
CA GLU SA 190 93.33 51.77 86.37
C GLU SA 190 94.37 52.22 87.38
N ALA SA 191 95.65 52.02 87.05
CA ALA SA 191 96.72 52.42 87.97
C ALA SA 191 96.71 53.92 88.21
N GLU SA 192 96.52 54.71 87.15
CA GLU SA 192 96.53 56.16 87.30
C GLU SA 192 95.35 56.65 88.14
N LEU SA 193 94.16 56.07 87.91
CA LEU SA 193 93.00 56.47 88.70
C LEU SA 193 93.20 56.13 90.18
N THR SA 194 93.72 54.94 90.46
CA THR SA 194 93.99 54.57 91.85
C THR SA 194 95.03 55.50 92.47
N GLN SA 195 96.07 55.85 91.71
CA GLN SA 195 97.10 56.74 92.23
C GLN SA 195 96.53 58.11 92.55
N ALA SA 196 95.69 58.66 91.68
CA ALA SA 196 95.10 59.97 91.96
C ALA SA 196 94.18 59.92 93.16
N ILE SA 197 93.37 58.87 93.28
CA ILE SA 197 92.46 58.75 94.42
C ILE SA 197 93.25 58.66 95.72
N GLU SA 198 94.35 57.90 95.71
CA GLU SA 198 95.17 57.82 96.92
C GLU SA 198 95.87 59.14 97.22
N THR SA 199 96.34 59.84 96.19
CA THR SA 199 97.08 61.09 96.40
C THR SA 199 96.19 62.16 97.02
N ILE SA 200 94.95 62.28 96.54
CA ILE SA 200 94.08 63.35 97.03
C ILE SA 200 93.82 63.20 98.52
N GLU SA 201 93.77 61.96 99.01
CA GLU SA 201 93.55 61.75 100.44
C GLU SA 201 94.84 61.86 101.24
N THR SA 202 95.95 61.30 100.73
CA THR SA 202 97.20 61.37 101.46
C THR SA 202 97.75 62.78 101.54
N ILE SA 203 97.31 63.69 100.68
CA ILE SA 203 97.73 65.08 100.78
C ILE SA 203 96.85 65.90 101.71
N THR SA 204 95.60 65.47 101.94
CA THR SA 204 94.70 66.15 102.86
C THR SA 204 94.62 65.46 104.21
N ARG SA 205 95.44 64.43 104.44
CA ARG SA 205 95.56 63.77 105.74
C ARG SA 205 94.23 63.15 106.18
N GLY SA 206 93.48 62.63 105.23
CA GLY SA 206 92.25 61.93 105.54
C GLY SA 206 91.08 62.81 105.86
N GLN SA 207 91.20 64.13 105.68
CA GLN SA 207 90.08 65.04 105.92
C GLN SA 207 89.22 65.25 104.69
N HIS SA 208 89.74 65.00 103.50
CA HIS SA 208 88.99 65.12 102.26
C HIS SA 208 89.19 63.86 101.43
N ARG SA 209 88.11 63.34 100.87
CA ARG SA 209 88.13 62.14 100.05
C ARG SA 209 87.47 62.41 98.72
N ALA SA 210 88.14 62.05 97.63
CA ALA SA 210 87.59 62.27 96.30
C ALA SA 210 86.30 61.48 96.12
N THR SA 211 85.32 62.10 95.48
CA THR SA 211 84.05 61.45 95.19
C THR SA 211 83.59 61.57 93.75
N ASN SA 212 84.17 62.46 92.95
CA ASN SA 212 83.73 62.63 91.57
C ASN SA 212 84.91 62.57 90.62
N ILE SA 213 84.70 61.88 89.50
CA ILE SA 213 85.70 61.73 88.44
C ILE SA 213 85.05 62.10 87.11
N LEU SA 214 85.78 62.85 86.28
CA LEU SA 214 85.32 63.26 84.96
C LEU SA 214 86.36 62.89 83.93
N ILE SA 215 85.93 62.20 82.87
CA ILE SA 215 86.83 61.73 81.82
C ILE SA 215 86.29 62.17 80.48
N PRO SA 216 87.16 62.30 79.47
CA PRO SA 216 86.68 62.70 78.14
C PRO SA 216 85.82 61.62 77.53
N PRO SA 217 84.88 61.98 76.65
CA PRO SA 217 83.97 60.98 76.08
C PRO SA 217 84.64 59.92 75.25
N SER SA 218 85.83 60.19 74.70
CA SER SA 218 86.49 59.23 73.82
C SER SA 218 87.14 58.07 74.58
N MET SA 219 87.23 58.16 75.91
CA MET SA 219 87.89 57.14 76.71
C MET SA 219 86.92 56.19 77.38
N ARG SA 220 85.65 56.19 76.98
CA ARG SA 220 84.70 55.24 77.57
C ARG SA 220 84.98 53.81 77.10
N LYS SA 221 85.46 53.64 75.87
CA LYS SA 221 85.72 52.31 75.35
C LYS SA 221 86.95 51.68 75.95
N VAL SA 222 87.88 52.48 76.50
CA VAL SA 222 89.04 51.92 77.17
C VAL SA 222 88.63 51.21 78.45
N LEU SA 223 87.64 51.74 79.15
CA LEU SA 223 87.21 51.19 80.43
C LEU SA 223 86.11 50.14 80.28
N ALA SA 224 85.72 49.80 79.06
CA ALA SA 224 84.70 48.78 78.82
C ALA SA 224 85.28 47.46 78.36
N ILE SA 225 86.61 47.33 78.34
CA ILE SA 225 87.24 46.10 77.88
C ILE SA 225 87.19 45.04 78.96
N ARG SA 226 86.78 43.83 78.60
CA ARG SA 226 86.74 42.73 79.54
C ARG SA 226 88.16 42.33 79.95
N MET SA 227 88.31 41.92 81.21
CA MET SA 227 89.59 41.46 81.68
C MET SA 227 89.87 40.05 81.17
N PRO SA 228 91.14 39.68 81.01
CA PRO SA 228 91.46 38.34 80.52
C PRO SA 228 90.96 37.26 81.46
N GLU SA 229 90.52 36.15 80.87
CA GLU SA 229 90.09 34.95 81.58
C GLU SA 229 88.89 35.23 82.49
N THR SA 230 88.05 36.20 82.15
CA THR SA 230 86.84 36.48 82.91
C THR SA 230 85.82 37.15 81.99
N THR SA 231 84.64 37.40 82.53
CA THR SA 231 83.52 37.96 81.77
C THR SA 231 82.94 39.20 82.44
N MET SA 232 83.79 40.17 82.77
CA MET SA 232 83.29 41.48 83.16
C MET SA 232 84.34 42.53 82.81
N SER SA 233 83.88 43.77 82.68
CA SER SA 233 84.75 44.87 82.28
C SER SA 233 85.52 45.40 83.49
N TYR SA 234 86.55 46.20 83.19
CA TYR SA 234 87.34 46.82 84.25
C TYR SA 234 86.50 47.74 85.12
N LEU SA 235 85.51 48.40 84.52
CA LEU SA 235 84.72 49.38 85.26
C LEU SA 235 83.91 48.72 86.38
N ASP SA 236 83.40 47.51 86.13
CA ASP SA 236 82.64 46.82 87.16
C ASP SA 236 83.51 46.50 88.37
N TYR SA 237 84.72 45.99 88.13
CA TYR SA 237 85.64 45.70 89.23
C TYR SA 237 86.04 46.97 89.96
N PHE SA 238 86.31 48.05 89.22
CA PHE SA 238 86.69 49.31 89.85
C PHE SA 238 85.58 49.83 90.73
N LYS SA 239 84.33 49.76 90.24
CA LYS SA 239 83.20 50.23 91.02
C LYS SA 239 82.99 49.36 92.26
N SER SA 240 83.19 48.05 92.14
CA SER SA 240 83.06 47.18 93.30
C SER SA 240 84.12 47.50 94.34
N GLN SA 241 85.35 47.77 93.91
CA GLN SA 241 86.43 48.01 94.87
C GLN SA 241 86.28 49.38 95.54
N ASN SA 242 85.98 50.42 94.77
CA ASN SA 242 85.88 51.78 95.31
C ASN SA 242 84.42 52.22 95.23
N SER SA 243 83.67 51.90 96.28
CA SER SA 243 82.26 52.28 96.34
C SER SA 243 82.11 53.73 96.75
N GLY SA 244 81.04 54.37 96.28
CA GLY SA 244 80.75 55.73 96.65
C GLY SA 244 81.39 56.80 95.78
N ILE SA 245 81.82 56.45 94.57
CA ILE SA 245 82.46 57.40 93.66
C ILE SA 245 81.68 57.41 92.35
N GLU SA 246 81.37 58.60 91.86
CA GLU SA 246 80.62 58.78 90.63
C GLU SA 246 81.56 59.22 89.51
N ILE SA 247 81.45 58.55 88.36
CA ILE SA 247 82.29 58.81 87.20
C ILE SA 247 81.41 59.26 86.05
N ASP SA 248 81.77 60.37 85.43
CA ASP SA 248 81.01 60.99 84.35
C ASP SA 248 81.93 61.41 83.21
N SER SA 249 81.31 61.88 82.13
CA SER SA 249 82.03 62.29 80.93
C SER SA 249 81.65 63.71 80.55
N ILE SA 250 82.64 64.50 80.16
CA ILE SA 250 82.45 65.92 79.84
C ILE SA 250 83.17 66.20 78.54
N ALA SA 251 82.41 66.57 77.51
CA ALA SA 251 82.98 66.82 76.18
C ALA SA 251 83.97 67.97 76.17
N GLU SA 252 83.95 68.84 77.19
CA GLU SA 252 84.91 69.91 77.28
C GLU SA 252 86.33 69.42 77.57
N LEU SA 253 86.49 68.15 77.92
CA LEU SA 253 87.80 67.62 78.29
C LEU SA 253 88.59 67.06 77.11
N GLU SA 254 88.05 67.15 75.89
CA GLU SA 254 88.79 66.69 74.73
C GLU SA 254 90.00 67.58 74.45
N ASP SA 255 89.84 68.89 74.61
CA ASP SA 255 90.92 69.85 74.36
C ASP SA 255 91.01 70.76 75.58
N ILE SA 256 92.09 70.62 76.37
CA ILE SA 256 92.28 71.46 77.54
C ILE SA 256 93.13 72.69 77.26
N ASP SA 257 94.03 72.63 76.27
CA ASP SA 257 94.92 73.74 75.99
C ASP SA 257 94.78 74.33 74.59
N GLY SA 258 93.94 73.75 73.74
CA GLY SA 258 93.77 74.24 72.39
C GLY SA 258 94.63 73.58 71.34
N ALA SA 259 95.31 72.47 71.69
CA ALA SA 259 96.15 71.76 70.73
C ALA SA 259 95.87 70.26 70.72
N GLY SA 260 94.79 69.81 71.36
CA GLY SA 260 94.42 68.41 71.36
C GLY SA 260 94.77 67.62 72.61
N THR SA 261 95.28 68.28 73.65
CA THR SA 261 95.63 67.58 74.88
C THR SA 261 94.38 67.25 75.67
N LYS SA 262 94.33 66.03 76.20
CA LYS SA 262 93.20 65.55 76.98
C LYS SA 262 93.52 65.60 78.47
N GLY SA 263 92.50 65.44 79.30
CA GLY SA 263 92.69 65.49 80.73
C GLY SA 263 91.58 64.79 81.47
N VAL SA 264 91.91 64.34 82.67
CA VAL SA 264 90.95 63.69 83.57
C VAL SA 264 90.93 64.47 84.89
N LEU SA 265 89.74 64.73 85.41
CA LEU SA 265 89.57 65.55 86.59
C LEU SA 265 89.04 64.72 87.75
N VAL SA 266 89.74 64.76 88.88
CA VAL SA 266 89.30 64.08 90.09
C VAL SA 266 89.14 65.12 91.20
N TYR SA 267 87.96 65.15 91.82
CA TYR SA 267 87.70 66.16 92.82
C TYR SA 267 86.67 65.64 93.81
N GLU SA 268 86.48 66.40 94.89
CA GLU SA 268 85.42 66.18 95.86
C GLU SA 268 84.41 67.32 95.73
N LYS SA 269 83.15 66.98 95.50
CA LYS SA 269 82.12 67.98 95.22
C LYS SA 269 81.55 68.51 96.53
N ASN SA 270 82.02 69.68 96.95
CA ASN SA 270 81.58 70.32 98.17
C ASN SA 270 81.49 71.82 97.94
N PRO SA 271 80.43 72.48 98.43
CA PRO SA 271 80.35 73.94 98.26
C PRO SA 271 81.50 74.69 98.89
N MET SA 272 82.06 74.18 100.00
CA MET SA 272 83.17 74.84 100.66
C MET SA 272 84.48 74.69 99.92
N ASN SA 273 84.54 73.82 98.91
CA ASN SA 273 85.77 73.61 98.14
C ASN SA 273 85.85 74.48 96.90
N MET SA 274 84.83 74.47 96.06
CA MET SA 274 84.76 75.32 94.89
C MET SA 274 83.33 75.82 94.74
N SER SA 275 83.18 76.97 94.10
CA SER SA 275 81.86 77.59 94.02
C SER SA 275 81.75 78.47 92.78
N ILE SA 276 80.51 78.70 92.38
CA ILE SA 276 80.16 79.64 91.32
C ILE SA 276 78.98 80.47 91.81
N GLU SA 277 79.07 81.78 91.67
CA GLU SA 277 78.02 82.70 92.09
C GLU SA 277 77.37 83.34 90.88
N ILE SA 278 76.04 83.42 90.90
CA ILE SA 278 75.27 84.11 89.86
C ILE SA 278 74.40 85.15 90.54
N PRO SA 279 74.94 86.33 90.86
CA PRO SA 279 74.16 87.31 91.65
C PRO SA 279 72.89 87.78 90.96
N GLU SA 280 72.99 88.25 89.71
CA GLU SA 280 71.86 88.82 89.00
C GLU SA 280 71.53 87.91 87.82
N ALA SA 281 70.28 87.47 87.74
CA ALA SA 281 69.86 86.55 86.70
C ALA SA 281 69.59 87.31 85.40
N PHE SA 282 69.45 86.55 84.31
CA PHE SA 282 69.22 87.15 83.01
C PHE SA 282 67.86 87.85 82.97
N ASN SA 283 67.86 89.08 82.47
CA ASN SA 283 66.63 89.86 82.36
C ASN SA 283 66.72 90.75 81.14
N MET SA 284 65.56 91.17 80.64
CA MET SA 284 65.46 91.98 79.43
C MET SA 284 64.83 93.33 79.77
N LEU SA 285 65.48 94.39 79.29
CA LEU SA 285 65.01 95.75 79.52
C LEU SA 285 63.91 96.11 78.52
N PRO SA 286 63.05 97.06 78.87
CA PRO SA 286 61.99 97.46 77.94
C PRO SA 286 62.55 98.01 76.63
N ALA SA 287 61.82 97.74 75.55
CA ALA SA 287 62.27 98.12 74.22
C ALA SA 287 62.33 99.64 74.08
N GLN SA 288 63.31 100.11 73.31
CA GLN SA 288 63.50 101.54 73.08
C GLN SA 288 63.18 101.87 71.64
N PRO SA 289 62.02 102.44 71.34
CA PRO SA 289 61.63 102.64 69.94
C PRO SA 289 62.53 103.65 69.24
N LYS SA 290 62.72 103.42 67.94
CA LYS SA 290 63.49 104.36 67.12
C LYS SA 290 63.03 104.23 65.66
N ASP SA 291 62.13 105.11 65.24
CA ASP SA 291 61.77 105.30 63.84
C ASP SA 291 61.38 103.99 63.16
N LEU SA 292 60.22 103.47 63.59
CA LEU SA 292 59.56 102.30 63.02
C LEU SA 292 60.23 100.99 63.40
N HIS SA 293 61.17 101.00 64.33
CA HIS SA 293 61.77 99.75 64.80
C HIS SA 293 62.30 99.98 66.21
N PHE SA 294 62.51 98.88 66.92
CA PHE SA 294 62.87 98.92 68.33
C PHE SA 294 64.26 98.34 68.54
N LYS SA 295 64.71 98.36 69.79
CA LYS SA 295 66.02 97.83 70.17
C LYS SA 295 65.93 97.36 71.61
N VAL SA 296 66.09 96.06 71.84
CA VAL SA 296 65.88 95.46 73.15
C VAL SA 296 67.22 95.00 73.70
N PRO SA 297 67.72 95.60 74.78
CA PRO SA 297 68.92 95.09 75.44
C PRO SA 297 68.60 94.04 76.50
N CYS SA 298 69.67 93.45 77.04
CA CYS SA 298 69.56 92.44 78.09
C CYS SA 298 70.93 92.20 78.68
N THR SA 299 70.99 92.07 80.01
CA THR SA 299 72.25 91.96 80.74
C THR SA 299 72.15 90.85 81.79
N SER SA 300 73.28 90.61 82.46
CA SER SA 300 73.41 89.57 83.47
C SER SA 300 74.70 89.80 84.25
N LYS SA 301 74.87 89.04 85.33
CA LYS SA 301 76.07 89.13 86.17
C LYS SA 301 76.63 87.73 86.42
N CYS SA 302 77.93 87.65 86.65
CA CYS SA 302 78.60 86.37 86.87
C CYS SA 302 79.88 86.59 87.67
N THR SA 303 80.49 85.49 88.10
CA THR SA 303 81.74 85.55 88.84
C THR SA 303 82.78 84.52 88.42
N GLY SA 304 82.42 83.49 87.66
CA GLY SA 304 83.35 82.43 87.34
C GLY SA 304 83.43 81.39 88.46
N LEU SA 305 84.52 80.64 88.44
CA LEU SA 305 84.75 79.55 89.39
C LEU SA 305 85.80 79.98 90.42
N THR SA 306 85.48 79.80 91.70
CA THR SA 306 86.38 80.13 92.78
C THR SA 306 86.75 78.85 93.52
N ILE SA 307 88.04 78.67 93.78
CA ILE SA 307 88.55 77.50 94.50
C ILE SA 307 89.08 77.98 95.85
N TYR SA 308 88.39 77.63 96.93
CA TYR SA 308 88.81 78.02 98.26
C TYR SA 308 89.89 77.10 98.82
N ARG SA 309 89.76 75.79 98.56
CA ARG SA 309 90.72 74.80 99.00
C ARG SA 309 91.30 74.09 97.78
N PRO SA 310 92.48 74.49 97.30
CA PRO SA 310 93.00 73.94 96.03
C PRO SA 310 93.72 72.62 96.17
N MET SA 311 93.71 71.98 97.34
CA MET SA 311 94.38 70.70 97.51
C MET SA 311 93.47 69.51 97.24
N THR SA 312 92.23 69.75 96.81
CA THR SA 312 91.28 68.68 96.54
C THR SA 312 90.98 68.53 95.05
N ILE SA 313 91.86 69.00 94.17
CA ILE SA 313 91.66 68.89 92.73
C ILE SA 313 92.90 68.27 92.11
N VAL SA 314 92.71 67.17 91.39
CA VAL SA 314 93.80 66.47 90.71
C VAL SA 314 93.48 66.42 89.22
N LEU SA 315 94.44 66.88 88.41
CA LEU SA 315 94.32 66.90 86.96
C LEU SA 315 95.35 65.95 86.39
N ILE SA 316 94.87 64.87 85.77
CA ILE SA 316 95.74 63.92 85.09
C ILE SA 316 95.81 64.37 83.63
N THR SA 317 96.99 64.84 83.22
CA THR SA 317 97.19 65.40 81.89
C THR SA 317 97.94 64.43 80.99
N GLY SA 318 97.78 64.63 79.69
CA GLY SA 318 98.38 63.75 78.71
C GLY SA 318 97.62 62.49 78.42
N VAL SA 319 96.41 62.35 78.95
CA VAL SA 319 95.58 61.19 78.70
C VAL SA 319 95.17 61.11 77.24
N GLU TA 38 45.66 4.85 31.96
CA GLU TA 38 44.71 4.69 33.05
C GLU TA 38 45.41 4.23 34.33
N LEU TA 39 46.64 3.74 34.18
CA LEU TA 39 47.45 3.30 35.30
C LEU TA 39 48.46 4.35 35.75
N HIS TA 40 48.36 5.57 35.24
CA HIS TA 40 49.32 6.63 35.51
C HIS TA 40 48.63 7.70 36.36
N ARG TA 41 48.98 7.74 37.63
CA ARG TA 41 48.43 8.75 38.53
C ARG TA 41 49.31 10.00 38.55
N ILE TA 42 48.72 11.12 38.91
CA ILE TA 42 49.40 12.41 39.00
C ILE TA 42 49.28 12.90 40.44
N LYS TA 43 50.42 13.28 41.03
CA LYS TA 43 50.42 13.76 42.40
C LYS TA 43 49.64 15.06 42.53
N SER TA 44 49.00 15.23 43.68
CA SER TA 44 48.18 16.40 43.94
C SER TA 44 49.01 17.63 44.29
N GLN TA 45 50.16 17.46 44.93
CA GLN TA 45 50.98 18.57 45.39
C GLN TA 45 52.00 18.94 44.32
N SER TA 46 52.01 20.21 43.94
CA SER TA 46 52.96 20.74 42.98
C SER TA 46 54.02 21.56 43.69
N TYR TA 47 55.16 21.72 43.04
CA TYR TA 47 56.31 22.42 43.60
C TYR TA 47 56.57 23.67 42.77
N GLU TA 48 56.65 24.82 43.45
CA GLU TA 48 56.84 26.10 42.77
C GLU TA 48 58.22 26.64 43.10
N GLU TA 49 59.00 26.95 42.07
CA GLU TA 49 60.25 27.67 42.27
C GLU TA 49 59.95 29.06 42.84
N ASP TA 50 60.69 29.45 43.86
CA ASP TA 50 60.40 30.65 44.62
C ASP TA 50 61.52 31.68 44.48
N TYR TA 51 61.13 32.94 44.53
CA TYR TA 51 62.06 34.07 44.46
C TYR TA 51 61.81 34.99 45.64
N PRO TA 52 62.53 34.83 46.75
CA PRO TA 52 62.32 35.72 47.90
C PRO TA 52 62.55 37.17 47.53
N VAL TA 53 61.74 38.04 48.11
CA VAL TA 53 61.63 39.42 47.64
C VAL TA 53 62.69 40.31 48.27
N GLY TA 54 62.87 40.21 49.59
CA GLY TA 54 63.85 41.03 50.25
C GLY TA 54 63.33 41.55 51.58
N SER TA 55 63.96 42.62 52.05
CA SER TA 55 63.59 43.21 53.33
C SER TA 55 63.63 44.74 53.32
N ALA TA 56 63.58 45.38 52.15
CA ALA TA 56 63.62 46.83 52.08
C ALA TA 56 62.43 47.49 52.75
N LEU TA 57 61.29 46.79 52.83
CA LEU TA 57 60.10 47.34 53.46
C LEU TA 57 60.03 47.07 54.96
N ARG TA 58 60.82 46.13 55.46
CA ARG TA 58 60.86 45.85 56.90
C ARG TA 58 62.03 46.53 57.60
N VAL TA 59 63.18 46.66 56.94
CA VAL TA 59 64.33 47.31 57.56
C VAL TA 59 64.06 48.78 57.86
N PHE TA 60 63.53 49.52 56.91
CA PHE TA 60 63.34 50.95 57.05
C PHE TA 60 61.87 51.27 57.30
N PRO TA 61 61.59 52.33 58.05
CA PRO TA 61 60.19 52.66 58.37
C PRO TA 61 59.41 53.06 57.13
N VAL TA 62 58.10 52.87 57.23
CA VAL TA 62 57.17 53.24 56.16
C VAL TA 62 56.10 54.14 56.78
N THR TA 63 55.97 55.36 56.26
CA THR TA 63 54.97 56.29 56.72
C THR TA 63 54.00 56.61 55.59
N THR TA 64 52.97 57.40 55.92
CA THR TA 64 51.95 57.78 54.95
C THR TA 64 51.59 59.26 55.17
N GLU TA 65 52.20 60.12 54.36
CA GLU TA 65 51.94 61.55 54.40
C GLU TA 65 51.59 62.14 53.04
N LEU TA 66 51.94 61.47 51.96
CA LEU TA 66 51.68 61.98 50.62
C LEU TA 66 50.37 61.41 50.07
N SER TA 67 49.54 62.29 49.54
CA SER TA 67 48.31 61.91 48.88
C SER TA 67 48.66 61.27 47.53
N PRO TA 68 47.77 60.43 47.00
CA PRO TA 68 48.08 59.76 45.72
C PRO TA 68 48.19 60.71 44.53
N THR TA 69 47.90 62.00 44.70
CA THR TA 69 47.99 62.96 43.62
C THR TA 69 49.12 63.95 43.75
N ASP TA 70 49.95 63.85 44.78
CA ASP TA 70 51.06 64.77 44.96
C ASP TA 70 52.27 64.34 44.13
N LYS TA 71 53.01 65.31 43.63
CA LYS TA 71 54.20 65.05 42.84
C LYS TA 71 55.49 65.50 43.52
N THR TA 72 55.41 66.16 44.67
CA THR TA 72 56.59 66.72 45.30
C THR TA 72 56.31 66.91 46.79
N PHE TA 73 57.35 66.74 47.60
CA PHE TA 73 57.26 67.02 49.03
C PHE TA 73 58.47 67.85 49.45
N GLU TA 74 58.31 68.55 50.56
CA GLU TA 74 59.27 69.53 51.04
C GLU TA 74 59.29 69.54 52.56
N TYR TA 75 60.49 69.71 53.14
CA TYR TA 75 60.64 69.85 54.58
C TYR TA 75 61.61 70.99 54.88
N MET TA 76 61.46 71.55 56.07
CA MET TA 76 62.13 72.77 56.49
C MET TA 76 63.20 72.47 57.55
N THR TA 77 64.03 73.49 57.80
CA THR TA 77 65.10 73.41 58.80
C THR TA 77 65.43 74.83 59.23
N PHE TA 78 65.85 74.99 60.48
CA PHE TA 78 66.11 76.30 61.07
C PHE TA 78 67.44 76.30 61.82
N ASP TA 79 67.95 77.50 62.06
CA ASP TA 79 69.22 77.71 62.75
C ASP TA 79 69.25 79.12 63.30
N LYS TA 80 70.22 79.41 64.16
CA LYS TA 80 70.31 80.71 64.82
C LYS TA 80 71.77 81.04 65.11
N VAL TA 81 72.04 82.33 65.31
CA VAL TA 81 73.36 82.85 65.62
C VAL TA 81 73.24 83.89 66.73
N GLY TA 82 74.37 84.25 67.32
CA GLY TA 82 74.39 85.23 68.37
C GLY TA 82 75.67 85.14 69.18
N THR TA 83 75.89 86.17 70.00
CA THR TA 83 77.12 86.30 70.79
C THR TA 83 76.82 87.16 72.01
N ALA TA 84 77.72 87.13 72.99
CA ALA TA 84 77.64 87.98 74.16
C ALA TA 84 79.04 88.37 74.59
N GLN TA 85 79.15 89.49 75.31
CA GLN TA 85 80.43 90.05 75.67
C GLN TA 85 80.39 90.58 77.10
N ILE TA 86 81.52 91.12 77.53
CA ILE TA 86 81.64 91.75 78.85
C ILE TA 86 81.66 93.25 78.67
N ILE TA 87 80.77 93.94 79.39
CA ILE TA 87 80.58 95.37 79.19
C ILE TA 87 80.83 96.14 80.48
N ALA TA 88 80.66 97.46 80.40
CA ALA TA 88 80.77 98.37 81.54
C ALA TA 88 79.44 99.08 81.76
N ASP TA 89 79.44 100.07 82.65
CA ASP TA 89 78.19 100.75 83.00
C ASP TA 89 77.64 101.53 81.81
N TYR TA 90 78.46 102.35 81.17
CA TYR TA 90 78.08 103.08 79.96
C TYR TA 90 78.60 102.31 78.76
N THR TA 91 77.70 101.66 78.02
CA THR TA 91 78.06 100.92 76.82
C THR TA 91 76.99 101.12 75.76
N ASP TA 92 77.42 101.33 74.52
CA ASP TA 92 76.52 101.62 73.41
C ASP TA 92 76.70 100.65 72.25
N ASP TA 93 77.39 99.53 72.47
CA ASP TA 93 77.72 98.62 71.38
C ASP TA 93 77.47 97.16 71.74
N LEU TA 94 76.31 96.87 72.30
CA LEU TA 94 75.98 95.49 72.63
C LEU TA 94 75.81 94.67 71.35
N PRO TA 95 76.31 93.44 71.31
CA PRO TA 95 76.17 92.62 70.09
C PRO TA 95 74.73 92.16 69.88
N LEU TA 96 74.50 91.62 68.69
CA LEU TA 96 73.15 91.26 68.22
C LEU TA 96 73.08 89.78 67.86
N VAL TA 97 71.85 89.32 67.61
CA VAL TA 97 71.55 87.92 67.30
C VAL TA 97 70.62 87.88 66.08
N ASP TA 98 70.50 86.70 65.47
CA ASP TA 98 69.66 86.54 64.28
C ASP TA 98 69.33 85.07 64.08
N ALA TA 99 68.46 84.78 63.10
CA ALA TA 99 68.00 83.42 62.82
C ALA TA 99 68.06 83.16 61.32
N LEU TA 100 67.76 81.93 60.93
CA LEU TA 100 67.86 81.49 59.53
C LEU TA 100 66.76 80.49 59.22
N GLY TA 101 66.84 79.89 58.03
CA GLY TA 101 65.92 78.85 57.58
C GLY TA 101 66.28 78.30 56.22
N THR TA 102 65.83 77.09 55.92
CA THR TA 102 66.11 76.44 54.64
C THR TA 102 65.14 75.29 54.45
N SER TA 103 65.17 74.69 53.26
CA SER TA 103 64.25 73.60 52.95
C SER TA 103 64.83 72.72 51.85
N GLU TA 104 64.37 71.47 51.81
CA GLU TA 104 64.79 70.47 50.83
C GLU TA 104 63.56 69.99 50.05
N PHE TA 105 63.79 69.12 49.07
CA PHE TA 105 62.74 68.69 48.14
C PHE TA 105 62.86 67.20 47.83
N GLY TA 106 61.75 66.62 47.37
CA GLY TA 106 61.74 65.24 46.92
C GLY TA 106 60.56 64.98 46.00
N LYS TA 107 60.71 63.92 45.19
CA LYS TA 107 59.77 63.62 44.11
C LYS TA 107 59.16 62.23 44.29
N VAL TA 108 58.25 61.90 43.37
CA VAL TA 108 57.47 60.65 43.39
C VAL TA 108 57.41 60.10 41.97
N PHE TA 109 57.47 58.78 41.82
CA PHE TA 109 57.50 58.12 40.53
C PHE TA 109 56.41 57.05 40.44
N ARG TA 110 56.16 56.60 39.20
CA ARG TA 110 55.15 55.60 38.88
C ARG TA 110 55.81 54.38 38.24
N LEU TA 111 55.21 53.22 38.45
CA LEU TA 111 55.74 51.95 37.99
C LEU TA 111 54.63 51.17 37.30
N GLY TA 112 55.01 50.33 36.34
CA GLY TA 112 54.01 49.55 35.62
C GLY TA 112 54.52 48.47 34.70
N ASN TA 113 53.66 47.50 34.39
CA ASN TA 113 53.95 46.43 33.43
C ASN TA 113 52.62 45.89 32.91
N ALA TA 114 52.66 44.74 32.24
CA ALA TA 114 51.45 44.15 31.69
C ALA TA 114 51.72 42.69 31.36
N TYR TA 115 50.67 41.96 30.99
CA TYR TA 115 50.82 40.58 30.54
C TYR TA 115 49.73 40.24 29.53
N LEU TA 116 50.05 39.28 28.67
CA LEU TA 116 49.15 38.80 27.62
C LEU TA 116 48.67 37.40 27.95
N ILE TA 117 47.42 37.10 27.57
CA ILE TA 117 46.85 35.78 27.75
C ILE TA 117 45.83 35.55 26.65
N SER TA 118 45.65 34.29 26.28
CA SER TA 118 44.76 33.92 25.18
C SER TA 118 43.60 33.07 25.69
N ILE TA 119 42.46 33.20 25.01
CA ILE TA 119 41.26 32.47 25.38
C ILE TA 119 41.51 30.97 25.33
N ASP TA 120 42.32 30.51 24.39
CA ASP TA 120 42.67 29.09 24.31
C ASP TA 120 43.38 28.65 25.58
N GLU TA 121 44.34 29.45 26.05
CA GLU TA 121 45.08 29.08 27.26
C GLU TA 121 44.20 29.16 28.50
N ILE TA 122 43.26 30.10 28.54
CA ILE TA 122 42.33 30.16 29.66
C ILE TA 122 41.43 28.93 29.68
N LYS TA 123 40.94 28.51 28.50
CA LYS TA 123 40.02 27.38 28.46
C LYS TA 123 40.73 26.05 28.67
N ALA TA 124 42.01 25.97 28.31
CA ALA TA 124 42.77 24.75 28.52
C ALA TA 124 42.92 24.46 30.01
N GLY TA 125 42.74 23.20 30.38
CA GLY TA 125 42.80 22.81 31.77
C GLY TA 125 43.99 21.93 32.10
N GLN TA 126 44.38 21.90 33.37
CA GLN TA 126 45.50 21.11 33.85
C GLN TA 126 45.06 20.21 34.99
N ALA TA 127 45.94 19.31 35.40
CA ALA TA 127 45.62 18.39 36.48
C ALA TA 127 45.64 19.09 37.83
N THR TA 128 46.81 19.61 38.21
CA THR TA 128 46.97 20.26 39.51
C THR TA 128 47.71 21.58 39.32
N GLY TA 129 47.80 22.33 40.41
CA GLY TA 129 48.50 23.60 40.39
C GLY TA 129 47.55 24.78 40.24
N ARG TA 130 48.07 25.97 40.49
CA ARG TA 130 47.28 27.18 40.33
C ARG TA 130 47.03 27.44 38.85
N PRO TA 131 45.97 28.17 38.50
CA PRO TA 131 45.72 28.50 37.10
C PRO TA 131 46.80 29.42 36.53
N LEU TA 132 46.96 29.34 35.20
CA LEU TA 132 47.96 30.14 34.51
C LEU TA 132 47.70 31.63 34.69
N SER TA 133 46.43 32.03 34.67
CA SER TA 133 46.09 33.43 34.87
C SER TA 133 46.49 33.89 36.27
N THR TA 134 46.23 33.07 37.28
CA THR TA 134 46.59 33.44 38.64
C THR TA 134 48.11 33.56 38.79
N ARG TA 135 48.85 32.63 38.20
CA ARG TA 135 50.31 32.72 38.23
C ARG TA 135 50.82 33.97 37.54
N LYS TA 136 50.30 34.29 36.35
CA LYS TA 136 50.69 35.50 35.64
C LYS TA 136 50.31 36.77 36.39
N ALA TA 137 49.23 36.73 37.16
CA ALA TA 137 48.84 37.87 37.98
C ALA TA 137 49.73 38.04 39.21
N SER TA 138 50.15 36.93 39.83
CA SER TA 138 51.08 37.02 40.96
C SER TA 138 52.46 37.49 40.53
N ALA TA 139 52.87 37.11 39.33
CA ALA TA 139 54.19 37.48 38.81
C ALA TA 139 54.37 39.00 38.73
N CYS TA 140 53.33 39.71 38.29
CA CYS TA 140 53.45 41.16 38.14
C CYS TA 140 53.65 41.85 39.48
N GLN TA 141 52.87 41.45 40.50
CA GLN TA 141 53.04 42.02 41.83
C GLN TA 141 54.42 41.72 42.39
N LEU TA 142 54.88 40.47 42.20
CA LEU TA 142 56.22 40.13 42.67
C LEU TA 142 57.27 41.00 41.98
N ALA TA 143 57.11 41.23 40.68
CA ALA TA 143 58.06 42.06 39.94
C ALA TA 143 58.07 43.50 40.44
N HIS TA 144 56.89 44.05 40.75
CA HIS TA 144 56.84 45.41 41.29
C HIS TA 144 57.57 45.50 42.62
N ASP TA 145 57.36 44.50 43.49
CA ASP TA 145 58.08 44.51 44.77
C ASP TA 145 59.58 44.36 44.56
N GLN TA 146 59.98 43.52 43.61
CA GLN TA 146 61.39 43.41 43.25
C GLN TA 146 61.97 44.76 42.84
N LEU TA 147 61.23 45.50 42.00
CA LEU TA 147 61.73 46.78 41.51
C LEU TA 147 61.81 47.81 42.63
N VAL TA 148 60.85 47.79 43.56
CA VAL TA 148 60.91 48.71 44.70
C VAL TA 148 62.16 48.42 45.54
N ASN TA 149 62.40 47.13 45.83
CA ASN TA 149 63.58 46.77 46.61
C ASN TA 149 64.86 47.17 45.88
N ARG TA 150 64.92 46.93 44.57
CA ARG TA 150 66.10 47.30 43.80
C ARG TA 150 66.32 48.80 43.77
N LEU TA 151 65.24 49.59 43.67
CA LEU TA 151 65.38 51.04 43.72
C LEU TA 151 65.93 51.49 45.06
N VAL TA 152 65.46 50.88 46.14
CA VAL TA 152 65.94 51.29 47.46
C VAL TA 152 67.43 50.94 47.63
N PHE TA 153 67.81 49.72 47.25
CA PHE TA 153 69.14 49.22 47.60
C PHE TA 153 70.20 49.41 46.52
N LYS TA 154 69.84 49.86 45.32
CA LYS TA 154 70.83 50.10 44.27
C LYS TA 154 70.65 51.42 43.52
N GLY TA 155 69.45 52.00 43.52
CA GLY TA 155 69.27 53.30 42.91
C GLY TA 155 69.24 53.26 41.40
N SER TA 156 68.91 54.42 40.83
CA SER TA 156 68.85 54.57 39.37
C SER TA 156 69.41 55.95 39.03
N ALA TA 157 70.59 55.98 38.43
CA ALA TA 157 71.24 57.25 38.13
C ALA TA 157 70.46 58.14 37.17
N PRO TA 158 69.97 57.66 36.03
CA PRO TA 158 69.27 58.58 35.10
C PRO TA 158 68.06 59.26 35.71
N HIS TA 159 67.35 58.59 36.60
CA HIS TA 159 66.21 59.19 37.29
C HIS TA 159 66.63 59.99 38.52
N LYS TA 160 67.93 60.08 38.80
CA LYS TA 160 68.46 60.82 39.94
C LYS TA 160 67.90 60.28 41.26
N ILE TA 161 67.76 58.97 41.35
CA ILE TA 161 67.39 58.30 42.59
C ILE TA 161 68.65 57.76 43.24
N VAL TA 162 68.95 58.24 44.44
CA VAL TA 162 70.21 57.96 45.13
C VAL TA 162 70.01 56.77 46.06
N SER TA 163 70.92 55.80 45.97
CA SER TA 163 70.87 54.62 46.81
C SER TA 163 71.37 54.96 48.22
N VAL TA 164 71.13 54.05 49.16
CA VAL TA 164 71.57 54.27 50.54
C VAL TA 164 73.08 54.09 50.68
N PHE TA 165 73.72 53.35 49.79
CA PHE TA 165 75.17 53.17 49.83
C PHE TA 165 75.93 54.28 49.11
N ASN TA 166 75.28 54.99 48.18
CA ASN TA 166 75.94 56.02 47.39
C ASN TA 166 75.62 57.43 47.87
N HIS TA 167 74.97 57.57 49.01
CA HIS TA 167 74.67 58.89 49.54
C HIS TA 167 75.98 59.59 49.91
N PRO TA 168 76.13 60.89 49.61
CA PRO TA 168 77.41 61.57 49.84
C PRO TA 168 77.55 62.22 51.20
N ASN TA 169 76.58 62.07 52.11
CA ASN TA 169 76.62 62.75 53.39
C ASN TA 169 76.53 61.78 54.57
N ILE TA 170 76.74 60.50 54.34
CA ILE TA 170 76.76 59.51 55.41
C ILE TA 170 78.20 59.15 55.71
N THR TA 171 78.41 58.51 56.86
CA THR TA 171 79.75 58.20 57.35
C THR TA 171 80.17 56.81 56.90
N LYS TA 172 81.19 56.75 56.04
CA LYS TA 172 81.75 55.50 55.55
C LYS TA 172 83.07 55.25 56.26
N ILE TA 173 83.24 54.03 56.78
CA ILE TA 173 84.45 53.63 57.49
C ILE TA 173 85.02 52.40 56.80
N THR TA 174 86.27 52.52 56.34
CA THR TA 174 86.97 51.36 55.81
C THR TA 174 87.37 50.44 56.95
N SER TA 175 87.38 49.14 56.67
CA SER TA 175 87.57 48.12 57.69
C SER TA 175 88.62 47.11 57.27
N GLY TA 176 89.34 46.58 58.25
CA GLY TA 176 90.13 45.38 58.03
C GLY TA 176 89.21 44.17 57.96
N LYS TA 177 89.49 43.28 57.01
CA LYS TA 177 88.59 42.18 56.72
C LYS TA 177 88.40 41.29 57.94
N TRP TA 178 87.13 40.97 58.24
CA TRP TA 178 86.85 40.10 59.37
C TRP TA 178 87.36 38.69 59.13
N ILE TA 179 87.33 38.23 57.89
CA ILE TA 179 87.80 36.91 57.50
C ILE TA 179 88.93 37.09 56.50
N ASP TA 180 90.09 36.52 56.81
CA ASP TA 180 91.27 36.61 55.95
C ASP TA 180 91.79 35.21 55.69
N ALA TA 181 91.44 34.64 54.54
CA ALA TA 181 91.90 33.33 54.10
C ALA TA 181 91.57 32.25 55.14
N SER TA 182 90.26 32.07 55.35
CA SER TA 182 89.74 31.05 56.26
C SER TA 182 90.28 31.23 57.67
N THR TA 183 90.30 32.49 58.14
CA THR TA 183 90.76 32.84 59.48
C THR TA 183 89.81 33.89 60.05
N MET TA 184 88.98 33.48 60.99
CA MET TA 184 88.08 34.41 61.66
C MET TA 184 88.84 35.27 62.65
N LYS TA 185 88.46 36.55 62.72
CA LYS TA 185 89.06 37.50 63.66
C LYS TA 185 87.93 38.15 64.45
N PRO TA 186 87.46 37.51 65.52
CA PRO TA 186 86.26 37.99 66.22
C PRO TA 186 86.49 39.16 67.17
N GLU TA 187 87.67 39.76 67.21
CA GLU TA 187 87.90 40.97 67.98
C GLU TA 187 87.82 42.23 67.15
N THR TA 188 88.25 42.15 65.88
CA THR TA 188 88.15 43.30 64.99
C THR TA 188 86.69 43.68 64.76
N ALA TA 189 85.82 42.69 64.61
CA ALA TA 189 84.40 42.96 64.42
C ALA TA 189 83.81 43.70 65.61
N GLU TA 190 84.11 43.23 66.82
CA GLU TA 190 83.57 43.88 68.02
C GLU TA 190 84.13 45.30 68.16
N ALA TA 191 85.44 45.47 67.91
CA ALA TA 191 86.02 46.79 68.01
C ALA TA 191 85.39 47.75 67.01
N GLU TA 192 85.16 47.30 65.79
CA GLU TA 192 84.61 48.18 64.76
C GLU TA 192 83.14 48.50 65.04
N LEU TA 193 82.38 47.54 65.55
CA LEU TA 193 81.00 47.83 65.92
C LEU TA 193 80.93 48.85 67.04
N THR TA 194 81.78 48.69 68.06
CA THR TA 194 81.82 49.68 69.13
C THR TA 194 82.22 51.05 68.60
N GLN TA 195 83.19 51.08 67.67
CA GLN TA 195 83.60 52.36 67.10
C GLN TA 195 82.46 53.02 66.31
N ALA TA 196 81.69 52.22 65.57
CA ALA TA 196 80.58 52.78 64.80
C ALA TA 196 79.49 53.32 65.72
N ILE TA 197 79.16 52.59 66.78
CA ILE TA 197 78.17 53.08 67.73
C ILE TA 197 78.66 54.37 68.39
N GLU TA 198 79.95 54.41 68.72
CA GLU TA 198 80.51 55.64 69.30
C GLU TA 198 80.45 56.80 68.31
N THR TA 199 80.68 56.52 67.02
CA THR TA 199 80.58 57.57 66.02
C THR TA 199 79.16 58.12 65.94
N ILE TA 200 78.17 57.23 65.92
CA ILE TA 200 76.78 57.68 65.97
C ILE TA 200 76.53 58.55 67.19
N GLU TA 201 77.05 58.12 68.35
CA GLU TA 201 76.81 58.86 69.59
C GLU TA 201 77.47 60.24 69.56
N THR TA 202 78.69 60.33 69.04
CA THR TA 202 79.47 61.56 69.15
C THR TA 202 79.19 62.56 68.05
N ILE TA 203 78.80 62.13 66.86
CA ILE TA 203 78.66 63.08 65.76
C ILE TA 203 77.32 63.82 65.78
N THR TA 204 76.32 63.28 66.48
CA THR TA 204 75.01 63.93 66.58
C THR TA 204 74.81 64.63 67.92
N ARG TA 205 75.86 64.74 68.74
CA ARG TA 205 75.80 65.46 70.01
C ARG TA 205 74.71 64.93 70.94
N GLY TA 206 74.61 63.61 71.01
CA GLY TA 206 73.80 62.97 72.03
C GLY TA 206 72.31 62.93 71.78
N GLN TA 207 71.83 63.45 70.65
CA GLN TA 207 70.41 63.45 70.36
C GLN TA 207 69.94 62.17 69.68
N HIS TA 208 70.86 61.30 69.27
CA HIS TA 208 70.49 60.10 68.53
C HIS TA 208 71.43 58.96 68.94
N ARG TA 209 70.84 57.85 69.36
CA ARG TA 209 71.59 56.65 69.71
C ARG TA 209 71.34 55.57 68.67
N ALA TA 210 72.38 54.82 68.32
CA ALA TA 210 72.23 53.70 67.41
C ALA TA 210 71.35 52.63 68.04
N THR TA 211 70.52 51.99 67.21
CA THR TA 211 69.62 50.95 67.70
C THR TA 211 69.53 49.72 66.82
N ASN TA 212 70.03 49.74 65.58
CA ASN TA 212 69.97 48.58 64.71
C ASN TA 212 71.28 48.38 63.97
N ILE TA 213 71.64 47.10 63.83
CA ILE TA 213 72.82 46.66 63.09
C ILE TA 213 72.41 45.61 62.07
N LEU TA 214 72.94 45.73 60.87
CA LEU TA 214 72.72 44.77 59.79
C LEU TA 214 74.06 44.29 59.27
N ILE TA 215 74.24 42.97 59.25
CA ILE TA 215 75.50 42.35 58.85
C ILE TA 215 75.23 41.35 57.72
N PRO TA 216 76.22 41.03 56.90
CA PRO TA 216 76.02 40.01 55.86
C PRO TA 216 75.65 38.67 56.48
N PRO TA 217 74.77 37.89 55.84
CA PRO TA 217 74.36 36.61 56.42
C PRO TA 217 75.47 35.59 56.51
N SER TA 218 76.57 35.77 55.76
CA SER TA 218 77.69 34.84 55.80
C SER TA 218 78.69 35.17 56.91
N MET TA 219 78.44 36.21 57.70
CA MET TA 219 79.33 36.60 58.78
C MET TA 219 78.84 36.16 60.15
N ARG TA 220 77.76 35.37 60.21
CA ARG TA 220 77.27 34.89 61.50
C ARG TA 220 78.20 33.86 62.12
N LYS TA 221 79.01 33.17 61.31
CA LYS TA 221 79.96 32.20 61.85
C LYS TA 221 81.11 32.85 62.59
N VAL TA 222 81.32 34.15 62.42
CA VAL TA 222 82.41 34.85 63.09
C VAL TA 222 82.03 35.25 64.51
N LEU TA 223 80.81 35.76 64.70
CA LEU TA 223 80.39 36.25 66.00
C LEU TA 223 79.90 35.15 66.93
N ALA TA 224 79.80 33.91 66.45
CA ALA TA 224 79.38 32.80 67.28
C ALA TA 224 80.53 32.12 67.98
N ILE TA 225 81.76 32.56 67.73
CA ILE TA 225 82.93 31.96 68.36
C ILE TA 225 82.93 32.27 69.85
N ARG TA 226 83.38 31.31 70.66
CA ARG TA 226 83.53 31.53 72.09
C ARG TA 226 84.71 32.46 72.35
N MET TA 227 84.60 33.27 73.39
CA MET TA 227 85.79 33.93 73.91
C MET TA 227 86.67 32.89 74.59
N PRO TA 228 87.99 33.05 74.53
CA PRO TA 228 88.89 32.02 75.09
C PRO TA 228 88.71 31.88 76.59
N GLU TA 229 88.85 30.65 77.08
CA GLU TA 229 88.85 30.33 78.51
C GLU TA 229 87.55 30.74 79.19
N THR TA 230 86.42 30.58 78.51
CA THR TA 230 85.11 30.84 79.10
C THR TA 230 84.06 30.06 78.33
N THR TA 231 82.79 30.32 78.66
CA THR TA 231 81.68 29.59 78.07
C THR TA 231 80.86 30.42 77.08
N MET TA 232 80.62 31.69 77.37
CA MET TA 232 79.75 32.53 76.55
C MET TA 232 80.52 33.06 75.34
N SER TA 233 79.78 33.53 74.35
CA SER TA 233 80.38 33.90 73.08
C SER TA 233 80.51 35.42 72.94
N TYR TA 234 81.20 35.83 71.86
CA TYR TA 234 81.43 37.25 71.61
C TYR TA 234 80.11 38.00 71.44
N LEU TA 235 79.16 37.39 70.73
CA LEU TA 235 77.86 38.04 70.55
C LEU TA 235 77.14 38.22 71.88
N ASP TA 236 77.21 37.22 72.75
CA ASP TA 236 76.57 37.34 74.05
C ASP TA 236 77.21 38.44 74.89
N TYR TA 237 78.54 38.53 74.87
CA TYR TA 237 79.20 39.61 75.60
C TYR TA 237 78.84 40.97 75.01
N PHE TA 238 78.74 41.05 73.68
CA PHE TA 238 78.35 42.30 73.04
C PHE TA 238 76.96 42.72 73.47
N LYS TA 239 76.01 41.77 73.51
CA LYS TA 239 74.68 42.09 73.98
C LYS TA 239 74.68 42.52 75.44
N SER TA 240 75.46 41.85 76.28
CA SER TA 240 75.53 42.23 77.70
C SER TA 240 76.06 43.65 77.85
N GLN TA 241 77.07 44.02 77.05
CA GLN TA 241 77.64 45.36 77.14
C GLN TA 241 76.77 46.42 76.48
N ASN TA 242 75.94 46.06 75.52
CA ASN TA 242 75.15 47.02 74.75
C ASN TA 242 73.70 46.59 74.66
N SER TA 243 73.12 46.26 75.81
CA SER TA 243 71.71 45.89 75.87
C SER TA 243 70.82 46.95 75.23
N GLY TA 244 69.84 46.49 74.47
CA GLY TA 244 68.96 47.38 73.74
C GLY TA 244 69.25 47.52 72.26
N ILE TA 245 70.10 46.66 71.70
CA ILE TA 245 70.51 46.74 70.30
C ILE TA 245 70.07 45.46 69.60
N GLU TA 246 69.53 45.60 68.39
CA GLU TA 246 69.09 44.48 67.59
C GLU TA 246 70.00 44.29 66.38
N ILE TA 247 70.37 43.03 66.14
CA ILE TA 247 71.28 42.66 65.06
C ILE TA 247 70.55 41.72 64.12
N ASP TA 248 70.65 42.00 62.82
CA ASP TA 248 69.97 41.21 61.81
C ASP TA 248 70.89 41.01 60.61
N SER TA 249 70.58 39.99 59.81
CA SER TA 249 71.36 39.64 58.63
C SER TA 249 70.53 39.86 57.38
N ILE TA 250 71.09 40.58 56.42
CA ILE TA 250 70.39 40.94 55.19
C ILE TA 250 71.25 40.51 54.01
N ALA TA 251 70.65 39.78 53.07
CA ALA TA 251 71.42 39.23 51.96
C ALA TA 251 71.80 40.29 50.93
N GLU TA 252 71.18 41.46 50.96
CA GLU TA 252 71.56 42.53 50.05
C GLU TA 252 72.91 43.14 50.38
N LEU TA 253 73.48 42.82 51.55
CA LEU TA 253 74.77 43.34 51.96
C LEU TA 253 75.93 42.46 51.54
N GLU TA 254 75.66 41.31 50.89
CA GLU TA 254 76.73 40.44 50.44
C GLU TA 254 77.56 41.11 49.35
N ASP TA 255 76.91 41.83 48.45
CA ASP TA 255 77.57 42.55 47.36
C ASP TA 255 76.96 43.94 47.28
N ILE TA 256 77.79 44.96 47.48
CA ILE TA 256 77.31 46.34 47.52
C ILE TA 256 77.75 47.15 46.31
N ASP TA 257 78.63 46.62 45.47
CA ASP TA 257 79.10 47.35 44.31
C ASP TA 257 79.16 46.53 43.03
N GLY TA 258 78.71 45.27 43.06
CA GLY TA 258 78.79 44.43 41.89
C GLY TA 258 80.09 43.68 41.71
N ALA TA 259 81.04 43.83 42.65
CA ALA TA 259 82.33 43.15 42.57
C ALA TA 259 82.61 42.27 43.78
N GLY TA 260 81.63 42.07 44.65
CA GLY TA 260 81.80 41.22 45.81
C GLY TA 260 82.16 41.91 47.10
N THR TA 261 82.12 43.24 47.15
CA THR TA 261 82.43 43.96 48.37
C THR TA 261 81.33 43.76 49.40
N LYS TA 262 81.72 43.62 50.66
CA LYS TA 262 80.80 43.42 51.77
C LYS TA 262 80.70 44.69 52.61
N GLY TA 263 79.62 44.78 53.38
CA GLY TA 263 79.39 45.96 54.19
C GLY TA 263 78.46 45.68 55.35
N VAL TA 264 78.59 46.52 56.37
CA VAL TA 264 77.77 46.46 57.58
C VAL TA 264 77.11 47.82 57.77
N LEU TA 265 75.83 47.80 58.13
CA LEU TA 265 75.05 49.03 58.22
C LEU TA 265 74.58 49.22 59.65
N VAL TA 266 74.96 50.34 60.27
CA VAL TA 266 74.55 50.64 61.64
C VAL TA 266 73.77 51.95 61.63
N TYR TA 267 72.58 51.94 62.22
CA TYR TA 267 71.72 53.11 62.14
C TYR TA 267 70.71 53.09 63.27
N GLU TA 268 69.87 54.12 63.30
CA GLU TA 268 68.73 54.22 64.20
C GLU TA 268 67.46 54.22 63.38
N LYS TA 269 66.54 53.33 63.71
CA LYS TA 269 65.27 53.20 62.97
C LYS TA 269 64.26 54.15 63.58
N ASN TA 270 63.85 55.15 62.80
CA ASN TA 270 62.96 56.19 63.29
C ASN TA 270 62.25 56.84 62.10
N PRO TA 271 60.92 57.03 62.18
CA PRO TA 271 60.21 57.62 61.03
C PRO TA 271 60.66 59.02 60.68
N MET TA 272 61.28 59.75 61.61
CA MET TA 272 61.71 61.12 61.33
C MET TA 272 63.09 61.19 60.67
N ASN TA 273 63.82 60.09 60.60
CA ASN TA 273 65.13 60.05 59.97
C ASN TA 273 65.11 59.46 58.56
N MET TA 274 64.26 58.45 58.33
CA MET TA 274 64.14 57.86 57.01
C MET TA 274 62.75 57.23 56.89
N SER TA 275 62.28 57.11 55.66
CA SER TA 275 60.95 56.57 55.40
C SER TA 275 60.83 56.22 53.93
N ILE TA 276 59.76 55.47 53.62
CA ILE TA 276 59.41 55.12 52.25
C ILE TA 276 57.90 55.33 52.09
N GLU TA 277 57.50 55.99 51.01
CA GLU TA 277 56.11 56.31 50.74
C GLU TA 277 55.58 55.44 49.62
N ILE TA 278 54.37 54.92 49.80
CA ILE TA 278 53.66 54.19 48.75
C ILE TA 278 52.28 54.84 48.62
N PRO TA 279 52.18 55.97 47.90
CA PRO TA 279 50.87 56.64 47.80
C PRO TA 279 49.80 55.81 47.11
N GLU TA 280 50.16 54.99 46.11
CA GLU TA 280 49.20 54.13 45.44
C GLU TA 280 49.71 52.71 45.44
N ALA TA 281 48.90 51.79 45.96
CA ALA TA 281 49.29 50.40 46.08
C ALA TA 281 49.07 49.69 44.75
N PHE TA 282 49.41 48.40 44.73
CA PHE TA 282 49.22 47.59 43.54
C PHE TA 282 47.73 47.48 43.20
N ASN TA 283 47.40 47.68 41.93
CA ASN TA 283 46.01 47.64 41.49
C ASN TA 283 45.91 46.96 40.15
N MET TA 284 44.69 46.56 39.80
CA MET TA 284 44.43 45.75 38.62
C MET TA 284 43.54 46.52 37.66
N LEU TA 285 43.74 46.29 36.37
CA LEU TA 285 42.92 46.96 35.38
C LEU TA 285 42.19 45.96 34.50
N PRO TA 286 40.99 46.32 34.02
CA PRO TA 286 40.23 45.40 33.17
C PRO TA 286 40.97 45.09 31.88
N ALA TA 287 40.75 43.86 31.39
CA ALA TA 287 41.40 43.42 30.15
C ALA TA 287 40.85 44.18 28.95
N GLN TA 288 41.72 44.44 27.99
CA GLN TA 288 41.33 45.10 26.74
C GLN TA 288 41.36 44.08 25.61
N PRO TA 289 40.20 43.64 25.11
CA PRO TA 289 40.18 42.51 24.17
C PRO TA 289 40.80 42.87 22.83
N LYS TA 290 41.37 41.85 22.19
CA LYS TA 290 41.86 41.90 20.82
C LYS TA 290 41.23 40.74 20.05
N ASP TA 291 41.78 40.45 18.86
CA ASP TA 291 41.24 39.43 17.97
C ASP TA 291 40.84 38.16 18.69
N LEU TA 292 41.79 37.50 19.35
CA LEU TA 292 41.49 36.27 20.08
C LEU TA 292 42.17 36.20 21.44
N HIS TA 293 42.81 37.28 21.89
CA HIS TA 293 43.52 37.29 23.15
C HIS TA 293 43.30 38.64 23.85
N PHE TA 294 43.61 38.67 25.13
CA PHE TA 294 43.46 39.86 25.96
C PHE TA 294 44.83 40.42 26.30
N LYS TA 295 44.83 41.57 26.98
CA LYS TA 295 46.05 42.20 27.46
C LYS TA 295 45.72 43.00 28.71
N VAL TA 296 46.45 42.73 29.79
CA VAL TA 296 46.08 43.29 31.09
C VAL TA 296 47.26 44.07 31.67
N PRO TA 297 47.10 45.35 31.97
CA PRO TA 297 48.18 46.13 32.58
C PRO TA 297 48.08 46.20 34.10
N CYS TA 298 49.20 46.58 34.71
CA CYS TA 298 49.33 46.73 36.15
C CYS TA 298 50.16 47.97 36.46
N THR TA 299 49.73 48.76 37.43
CA THR TA 299 50.40 50.01 37.77
C THR TA 299 50.52 50.15 39.28
N SER TA 300 51.43 51.02 39.70
CA SER TA 300 51.64 51.36 41.11
C SER TA 300 52.46 52.65 41.17
N LYS TA 301 52.65 53.14 42.40
CA LYS TA 301 53.44 54.34 42.62
C LYS TA 301 54.40 54.14 43.80
N CYS TA 302 55.49 54.90 43.79
CA CYS TA 302 56.50 54.81 44.83
C CYS TA 302 57.29 56.10 44.87
N THR TA 303 58.23 56.18 45.81
CA THR TA 303 59.04 57.39 45.97
C THR TA 303 60.53 57.14 46.12
N GLY TA 304 60.95 55.96 46.58
CA GLY TA 304 62.35 55.71 46.88
C GLY TA 304 62.71 56.17 48.28
N LEU TA 305 63.93 55.83 48.68
CA LEU TA 305 64.38 56.10 50.04
C LEU TA 305 64.91 57.52 50.16
N THR TA 306 64.37 58.26 51.12
CA THR TA 306 64.79 59.62 51.41
C THR TA 306 65.34 59.67 52.83
N ILE TA 307 66.52 60.26 52.99
CA ILE TA 307 67.17 60.38 54.29
C ILE TA 307 67.15 61.84 54.71
N TYR TA 308 66.55 62.12 55.87
CA TYR TA 308 66.44 63.48 56.36
C TYR TA 308 67.67 63.90 57.16
N ARG TA 309 68.15 63.04 58.06
CA ARG TA 309 69.37 63.27 58.82
C ARG TA 309 70.39 62.21 58.42
N PRO TA 310 71.33 62.54 57.54
CA PRO TA 310 72.31 61.55 57.08
C PRO TA 310 73.37 61.24 58.13
N MET TA 311 73.29 61.89 59.28
CA MET TA 311 74.30 61.76 60.32
C MET TA 311 73.96 60.67 61.33
N THR TA 312 72.88 59.90 61.08
CA THR TA 312 72.48 58.81 61.96
C THR TA 312 72.71 57.45 61.31
N ILE TA 313 73.53 57.38 60.27
CA ILE TA 313 73.80 56.15 59.55
C ILE TA 313 75.30 56.04 59.31
N VAL TA 314 75.86 54.86 59.59
CA VAL TA 314 77.25 54.58 59.25
C VAL TA 314 77.31 53.28 58.46
N LEU TA 315 78.16 53.27 57.43
CA LEU TA 315 78.41 52.12 56.59
C LEU TA 315 79.87 51.70 56.75
N ILE TA 316 80.08 50.48 57.20
CA ILE TA 316 81.42 49.92 57.40
C ILE TA 316 81.69 49.04 56.19
N THR TA 317 82.64 49.43 55.36
CA THR TA 317 82.92 48.73 54.12
C THR TA 317 84.21 47.91 54.24
N GLY TA 318 84.36 46.94 53.36
CA GLY TA 318 85.55 46.12 53.32
C GLY TA 318 85.54 44.91 54.23
N VAL TA 319 84.46 44.68 54.97
CA VAL TA 319 84.40 43.54 55.87
C VAL TA 319 84.21 42.25 55.08
N GLN UA 3 71.59 33.52 68.53
CA GLN UA 3 71.19 33.23 67.15
C GLN UA 3 70.65 34.49 66.47
N ILE UA 4 70.98 34.66 65.20
CA ILE UA 4 70.61 35.83 64.42
C ILE UA 4 69.81 35.37 63.20
N ASN UA 5 68.65 35.97 62.99
CA ASN UA 5 67.82 35.63 61.84
C ASN UA 5 68.45 36.12 60.55
N ALA UA 6 67.98 35.58 59.43
CA ALA UA 6 68.49 35.91 58.11
C ALA UA 6 67.37 35.98 57.10
N SER UA 7 67.61 36.73 56.03
CA SER UA 7 66.68 36.83 54.90
C SER UA 7 67.49 36.83 53.61
N TYR UA 8 66.92 36.21 52.57
CA TYR UA 8 67.61 36.07 51.29
C TYR UA 8 66.83 36.79 50.19
N GLN UA 9 67.42 36.84 49.01
CA GLN UA 9 66.84 37.56 47.88
C GLN UA 9 67.26 36.92 46.58
N ARG UA 10 66.43 37.05 45.55
CA ARG UA 10 66.71 36.50 44.23
C ARG UA 10 65.89 37.24 43.20
N ASP UA 11 66.42 37.34 41.98
CA ASP UA 11 65.77 38.03 40.88
C ASP UA 11 65.35 37.04 39.81
N MET UA 12 64.14 37.21 39.29
CA MET UA 12 63.67 36.36 38.20
C MET UA 12 64.40 36.69 36.90
N ALA UA 13 64.42 35.71 36.01
CA ALA UA 13 65.00 35.94 34.69
C ALA UA 13 64.14 36.92 33.89
N ILE UA 14 64.82 37.79 33.14
CA ILE UA 14 64.13 38.87 32.44
C ILE UA 14 63.35 38.32 31.24
N ALA UA 15 63.95 37.40 30.50
CA ALA UA 15 63.40 37.03 29.20
C ALA UA 15 63.34 35.52 29.04
N LEU UA 16 62.58 35.10 28.05
CA LEU UA 16 62.45 33.72 27.61
C LEU UA 16 62.68 33.68 26.10
N PRO UA 17 63.11 32.55 25.55
CA PRO UA 17 63.33 32.48 24.10
C PRO UA 17 62.04 32.66 23.33
N GLY UA 18 61.99 33.73 22.53
CA GLY UA 18 60.85 34.00 21.67
C GLY UA 18 59.74 34.79 22.30
N MET UA 19 59.92 35.30 23.51
CA MET UA 19 58.85 36.05 24.18
C MET UA 19 58.62 37.39 23.50
N VAL UA 20 57.35 37.81 23.49
CA VAL UA 20 57.02 39.15 23.03
C VAL UA 20 57.55 40.16 24.03
N ALA UA 21 58.30 41.16 23.53
CA ALA UA 21 58.98 42.08 24.42
C ALA UA 21 58.00 43.01 25.13
N ASP UA 22 57.20 43.75 24.37
CA ASP UA 22 56.27 44.72 24.93
C ASP UA 22 55.04 44.80 24.03
N THR UA 23 54.15 45.73 24.35
CA THR UA 23 52.83 45.82 23.73
C THR UA 23 52.74 46.97 22.73
N SER UA 24 53.79 47.22 21.96
CA SER UA 24 53.83 48.37 21.06
C SER UA 24 53.50 47.93 19.64
N LYS UA 25 52.20 47.77 19.37
CA LYS UA 25 51.65 47.67 18.01
C LYS UA 25 52.29 46.52 17.23
N TYR UA 26 52.02 45.30 17.71
CA TYR UA 26 52.53 44.10 17.07
C TYR UA 26 51.56 43.61 15.99
N ASN UA 27 51.98 42.55 15.28
CA ASN UA 27 51.15 41.97 14.23
C ASN UA 27 51.57 40.51 14.05
N ILE UA 28 50.71 39.60 14.50
CA ILE UA 28 50.99 38.16 14.50
C ILE UA 28 49.96 37.47 13.63
N ASP UA 29 50.41 36.53 12.79
CA ASP UA 29 49.54 35.77 11.92
C ASP UA 29 49.86 34.28 12.00
N GLY UA 30 48.87 33.46 11.64
CA GLY UA 30 49.07 32.02 11.67
C GLY UA 30 49.50 31.44 10.34
N ALA UA 31 50.14 30.29 10.41
CA ALA UA 31 50.59 29.58 9.22
C ALA UA 31 50.75 28.11 9.55
N CYS UA 32 51.16 27.34 8.54
CA CYS UA 32 51.41 25.91 8.70
C CYS UA 32 52.85 25.60 8.34
N VAL UA 33 53.49 24.74 9.14
CA VAL UA 33 54.90 24.42 8.93
C VAL UA 33 55.04 23.41 7.81
N VAL UA 34 56.08 23.59 6.99
CA VAL UA 34 56.41 22.62 5.95
C VAL UA 34 56.89 21.33 6.62
N ASN UA 35 56.54 20.19 6.01
CA ASN UA 35 56.87 18.89 6.59
C ASN UA 35 58.36 18.60 6.61
N GLU UA 36 59.17 19.39 5.92
CA GLU UA 36 60.62 19.20 5.87
C GLU UA 36 61.27 20.12 6.89
N GLY UA 37 61.81 19.53 7.94
CA GLY UA 37 62.53 20.31 8.95
C GLY UA 37 61.59 21.00 9.92
N ASP UA 38 61.99 21.01 11.19
CA ASP UA 38 61.22 21.65 12.24
C ASP UA 38 61.67 23.09 12.43
N VAL UA 39 60.88 23.84 13.20
CA VAL UA 39 61.12 25.25 13.46
C VAL UA 39 61.42 25.45 14.94
N LEU UA 40 62.53 26.12 15.23
CA LEU UA 40 62.92 26.44 16.60
C LEU UA 40 62.19 27.71 17.04
N VAL UA 41 61.62 27.67 18.24
CA VAL UA 41 60.99 28.86 18.80
C VAL UA 41 62.06 29.92 19.04
N GLY UA 42 61.85 31.10 18.49
CA GLY UA 42 62.82 32.17 18.59
C GLY UA 42 63.77 32.29 17.43
N ALA UA 43 63.43 31.73 16.27
CA ALA UA 43 64.29 31.77 15.09
C ALA UA 43 63.52 32.30 13.89
N ALA UA 44 64.25 32.83 12.92
CA ALA UA 44 63.64 33.36 11.71
C ALA UA 44 63.07 32.24 10.86
N VAL UA 45 62.07 32.59 10.04
CA VAL UA 45 61.41 31.65 9.14
C VAL UA 45 61.30 32.28 7.76
N GLN UA 46 61.05 31.44 6.77
CA GLN UA 46 60.79 31.86 5.40
C GLN UA 46 59.54 31.18 4.88
N VAL UA 47 58.81 31.90 4.04
CA VAL UA 47 57.66 31.38 3.31
C VAL UA 47 58.12 30.91 1.94
N VAL UA 48 57.69 29.72 1.55
CA VAL UA 48 58.05 29.16 0.24
C VAL UA 48 56.93 29.30 -0.79
N GLN UA 49 55.66 29.28 -0.37
CA GLN UA 49 54.55 29.43 -1.29
C GLN UA 49 53.36 29.99 -0.54
N ALA UA 50 52.48 30.68 -1.24
CA ALA UA 50 51.30 31.30 -0.64
C ALA UA 50 50.05 30.88 -1.40
N GLN UA 51 49.00 30.58 -0.65
CA GLN UA 51 47.73 30.22 -1.27
C GLN UA 51 47.12 31.44 -1.97
N ALA UA 52 46.54 31.20 -3.15
CA ALA UA 52 45.93 32.28 -3.92
C ALA UA 52 44.50 32.56 -3.49
N VAL UA 53 43.90 31.67 -2.71
CA VAL UA 53 42.51 31.86 -2.29
C VAL UA 53 42.41 33.00 -1.28
N ASP UA 54 43.10 32.86 -0.14
CA ASP UA 54 43.07 33.84 0.93
C ASP UA 54 44.42 34.50 1.17
N GLY UA 55 45.51 33.76 0.95
CA GLY UA 55 46.83 34.23 1.30
C GLY UA 55 47.51 33.43 2.40
N HIS UA 56 46.93 32.32 2.85
CA HIS UA 56 47.57 31.49 3.86
C HIS UA 56 48.89 30.95 3.34
N LYS UA 57 49.88 30.88 4.22
CA LYS UA 57 51.26 30.69 3.80
C LYS UA 57 51.86 29.46 4.47
N LEU UA 58 52.76 28.78 3.75
CA LEU UA 58 53.49 27.64 4.28
C LEU UA 58 54.94 28.05 4.50
N VAL UA 59 55.44 27.85 5.72
CA VAL UA 59 56.74 28.37 6.12
C VAL UA 59 57.64 27.24 6.59
N LYS UA 60 58.94 27.44 6.44
CA LYS UA 60 59.95 26.49 6.91
C LYS UA 60 61.16 27.28 7.37
N ALA UA 61 62.23 26.57 7.72
CA ALA UA 61 63.42 27.21 8.28
C ALA UA 61 64.16 28.00 7.20
N LEU UA 62 64.96 28.97 7.67
CA LEU UA 62 65.73 29.83 6.79
C LEU UA 62 66.92 29.08 6.21
N THR UA 63 67.34 29.48 5.01
CA THR UA 63 68.48 28.86 4.33
C THR UA 63 69.31 29.94 3.67
N THR UA 64 70.30 29.50 2.89
CA THR UA 64 71.22 30.43 2.23
C THR UA 64 70.52 31.20 1.12
N GLY UA 65 70.92 32.45 0.95
CA GLY UA 65 70.44 33.27 -0.15
C GLY UA 65 68.94 33.43 -0.19
N THR UA 66 68.34 33.71 0.96
CA THR UA 66 66.89 33.72 1.10
C THR UA 66 66.44 35.02 1.74
N THR UA 67 65.12 35.21 1.78
CA THR UA 67 64.52 36.41 2.34
C THR UA 67 63.81 36.08 3.65
N PRO UA 68 64.25 36.61 4.78
CA PRO UA 68 63.53 36.38 6.03
C PRO UA 68 62.15 37.02 6.00
N TYR UA 69 61.22 36.40 6.72
CA TYR UA 69 59.83 36.85 6.78
C TYR UA 69 59.40 37.27 8.17
N GLY UA 70 59.66 36.43 9.18
CA GLY UA 70 59.23 36.73 10.53
C GLY UA 70 59.93 35.85 11.53
N VAL UA 71 59.46 35.91 12.77
CA VAL UA 71 60.04 35.16 13.88
C VAL UA 71 58.92 34.42 14.60
N ALA UA 72 59.10 33.10 14.76
CA ALA UA 72 58.16 32.30 15.51
C ALA UA 72 58.19 32.69 16.99
N ILE UA 73 57.01 32.70 17.62
CA ILE UA 73 56.88 33.16 18.99
C ILE UA 73 56.29 32.04 19.83
N ARG UA 74 56.45 32.17 21.16
CA ARG UA 74 55.88 31.21 22.09
C ARG UA 74 54.36 31.24 22.03
N SER UA 75 53.75 30.06 22.06
CA SER UA 75 52.30 29.96 22.02
C SER UA 75 51.89 28.60 22.58
N HIS UA 76 50.59 28.31 22.51
CA HIS UA 76 50.08 27.06 23.04
C HIS UA 76 50.62 25.87 22.24
N TRP UA 77 50.68 26.01 20.91
CA TRP UA 77 51.19 24.93 20.06
C TRP UA 77 52.70 24.94 20.12
N GLN UA 78 53.28 24.07 20.93
CA GLN UA 78 54.72 24.06 21.16
C GLN UA 78 55.13 22.69 21.65
N THR UA 79 56.16 22.13 21.02
CA THR UA 79 56.59 20.77 21.35
C THR UA 79 58.02 20.80 21.86
N VAL UA 80 58.46 19.66 22.37
CA VAL UA 80 59.77 19.51 23.01
C VAL UA 80 60.63 18.62 22.12
N ASN UA 81 61.85 19.06 21.86
CA ASN UA 81 62.79 18.29 21.07
C ASN UA 81 63.49 17.26 21.96
N ALA UA 82 64.48 16.56 21.38
CA ALA UA 82 65.26 15.62 22.16
C ALA UA 82 66.07 16.30 23.24
N GLN UA 83 66.61 17.49 22.95
CA GLN UA 83 67.41 18.26 23.89
C GLN UA 83 66.58 19.21 24.73
N ASN UA 84 65.29 18.92 24.94
CA ASN UA 84 64.38 19.75 25.71
C ASN UA 84 64.24 21.15 25.13
N GLN UA 85 64.50 21.31 23.84
CA GLN UA 85 64.40 22.61 23.17
C GLN UA 85 62.95 22.83 22.74
N MET UA 86 62.45 24.06 22.93
CA MET UA 86 61.12 24.40 22.47
C MET UA 86 61.12 24.53 20.94
N ILE UA 87 60.22 23.79 20.29
CA ILE UA 87 60.19 23.72 18.84
C ILE UA 87 58.76 23.74 18.34
N TYR UA 88 58.63 23.93 17.02
CA TYR UA 88 57.38 23.83 16.30
C TYR UA 88 57.44 22.56 15.44
N GLU UA 89 56.45 21.69 15.59
CA GLU UA 89 56.48 20.42 14.89
C GLU UA 89 56.31 20.61 13.39
N ASP UA 90 56.64 19.56 12.63
CA ASP UA 90 56.60 19.65 11.18
C ASP UA 90 55.18 19.91 10.66
N GLY UA 91 54.20 19.25 11.24
CA GLY UA 91 52.82 19.46 10.82
C GLY UA 91 51.97 20.06 11.91
N GLY UA 92 51.51 21.28 11.70
CA GLY UA 92 50.67 21.95 12.68
C GLY UA 92 50.71 23.45 12.48
N ALA UA 93 50.04 24.15 13.39
CA ALA UA 93 49.92 25.59 13.35
C ALA UA 93 51.18 26.24 13.93
N ILE UA 94 51.52 27.41 13.38
CA ILE UA 94 52.68 28.18 13.81
C ILE UA 94 52.28 29.64 13.83
N ASN UA 95 52.67 30.35 14.89
CA ASN UA 95 52.43 31.79 14.96
C ASN UA 95 53.69 32.56 14.58
N VAL UA 96 53.54 33.50 13.67
CA VAL UA 96 54.67 34.31 13.19
C VAL UA 96 54.34 35.77 13.46
N MET UA 97 55.25 36.47 14.15
CA MET UA 97 55.10 37.89 14.42
C MET UA 97 56.00 38.66 13.46
N THR UA 98 55.40 39.62 12.74
CA THR UA 98 56.11 40.32 11.68
C THR UA 98 56.42 41.78 12.01
N SER UA 99 55.80 42.36 13.03
CA SER UA 99 56.06 43.74 13.40
C SER UA 99 56.05 43.85 14.91
N GLY UA 100 56.99 44.61 15.44
CA GLY UA 100 57.09 44.83 16.87
C GLY UA 100 58.37 44.27 17.45
N ARG UA 101 58.45 44.30 18.78
CA ARG UA 101 59.65 43.90 19.49
C ARG UA 101 59.51 42.48 20.02
N VAL UA 102 60.58 41.71 19.90
CA VAL UA 102 60.56 40.31 20.31
C VAL UA 102 61.95 39.91 20.79
N TRP UA 103 62.01 38.94 21.69
CA TRP UA 103 63.28 38.36 22.12
C TRP UA 103 63.66 37.25 21.15
N MET UA 104 64.91 37.23 20.72
CA MET UA 104 65.37 36.31 19.70
C MET UA 104 66.69 35.66 20.13
N LEU UA 105 66.85 34.40 19.74
CA LEU UA 105 68.09 33.67 20.00
C LEU UA 105 69.25 34.30 19.24
N SER UA 106 70.44 34.22 19.84
CA SER UA 106 71.64 34.77 19.23
C SER UA 106 72.82 33.88 19.56
N LYS UA 107 73.86 33.98 18.72
CA LYS UA 107 75.13 33.33 19.02
C LYS UA 107 76.30 34.30 18.90
N SER UA 108 76.04 35.60 19.05
CA SER UA 108 77.10 36.59 19.06
C SER UA 108 77.71 36.69 20.46
N THR UA 109 78.79 37.45 20.59
CA THR UA 109 79.49 37.61 21.85
C THR UA 109 79.60 39.05 22.32
N GLU UA 110 79.14 40.02 21.53
CA GLU UA 110 79.24 41.43 21.88
C GLU UA 110 77.86 42.07 21.85
N ALA UA 111 77.68 43.06 22.72
CA ALA UA 111 76.39 43.74 22.80
C ALA UA 111 76.17 44.61 21.55
N PRO UA 112 75.07 44.41 20.84
CA PRO UA 112 74.78 45.21 19.65
C PRO UA 112 74.47 46.65 19.99
N THR UA 113 74.71 47.52 19.01
CA THR UA 113 74.43 48.95 19.14
C THR UA 113 72.98 49.23 18.78
N PHE UA 114 72.43 50.27 19.39
CA PHE UA 114 71.03 50.61 19.17
C PHE UA 114 70.81 51.15 17.75
N GLY UA 115 69.82 50.59 17.06
CA GLY UA 115 69.41 51.09 15.77
C GLY UA 115 70.14 50.51 14.58
N SER UA 116 71.19 49.72 14.79
CA SER UA 116 71.92 49.16 13.67
C SER UA 116 71.13 48.03 13.02
N ALA UA 117 71.47 47.72 11.78
CA ALA UA 117 70.76 46.71 11.01
C ALA UA 117 70.99 45.32 11.59
N VAL UA 118 70.00 44.44 11.40
CA VAL UA 118 70.06 43.07 11.87
C VAL UA 118 70.62 42.19 10.76
N LYS UA 119 71.63 41.39 11.09
CA LYS UA 119 72.23 40.44 10.18
C LYS UA 119 72.04 39.04 10.74
N LEU UA 120 71.43 38.17 9.95
CA LEU UA 120 71.04 36.83 10.40
C LEU UA 120 72.08 35.80 9.99
N ASP UA 121 71.96 34.62 10.60
CA ASP UA 121 72.79 33.47 10.27
C ASP UA 121 72.06 32.56 9.30
N VAL UA 122 72.74 31.50 8.86
CA VAL UA 122 72.16 30.57 7.90
C VAL UA 122 70.96 29.85 8.52
N ASP UA 123 71.09 29.43 9.78
CA ASP UA 123 70.03 28.66 10.41
C ASP UA 123 68.95 29.53 11.06
N GLY UA 124 69.03 30.86 10.92
CA GLY UA 124 67.95 31.72 11.33
C GLY UA 124 68.08 32.36 12.69
N GLN UA 125 69.30 32.59 13.17
CA GLN UA 125 69.51 33.26 14.45
C GLN UA 125 70.41 34.47 14.26
N GLU UA 126 70.28 35.44 15.17
CA GLU UA 126 71.05 36.66 15.07
C GLU UA 126 72.53 36.37 15.21
N LYS UA 127 73.34 37.07 14.41
CA LYS UA 127 74.78 36.90 14.44
C LYS UA 127 75.41 38.22 14.03
N SER UA 128 76.54 38.55 14.66
CA SER UA 128 77.10 39.89 14.54
C SER UA 128 77.53 40.23 13.11
N ASP UA 129 77.99 39.25 12.33
CA ASP UA 129 78.48 39.51 10.99
C ASP UA 129 77.99 38.46 9.99
N GLY UA 130 76.71 38.09 10.07
CA GLY UA 130 76.17 37.11 9.15
C GLY UA 130 76.07 37.65 7.74
N THR UA 131 75.91 36.72 6.80
CA THR UA 131 75.87 37.04 5.38
C THR UA 131 74.46 37.26 4.84
N ILE UA 132 73.43 37.20 5.70
CA ILE UA 132 72.05 37.38 5.28
C ILE UA 132 71.58 38.74 5.75
N GLU UA 133 71.02 39.53 4.83
CA GLU UA 133 70.64 40.90 5.10
C GLU UA 133 69.15 40.98 5.45
N THR UA 134 68.84 41.79 6.46
CA THR UA 134 67.48 41.89 6.98
C THR UA 134 67.15 43.36 7.23
N THR UA 135 65.87 43.70 7.09
CA THR UA 135 65.39 45.07 7.27
C THR UA 135 65.16 45.45 8.73
N TRP UA 136 65.10 44.47 9.63
CA TRP UA 136 64.77 44.74 11.03
C TRP UA 136 65.89 45.54 11.70
N THR UA 137 65.66 45.89 12.97
CA THR UA 137 66.61 46.68 13.73
C THR UA 137 66.74 46.12 15.15
N TYR UA 138 67.73 46.63 15.88
CA TYR UA 138 67.91 46.28 17.28
C TYR UA 138 67.10 47.22 18.16
N ALA UA 139 66.71 46.75 19.34
CA ALA UA 139 65.97 47.58 20.27
C ALA UA 139 66.71 47.85 21.57
N GLY UA 140 67.90 47.26 21.75
CA GLY UA 140 68.75 47.56 22.88
C GLY UA 140 68.77 46.51 23.99
N GLY UA 141 67.81 45.59 24.00
CA GLY UA 141 67.78 44.59 25.05
C GLY UA 141 68.76 43.46 24.77
N TRP UA 142 69.52 43.08 25.79
CA TRP UA 142 70.59 42.08 25.65
C TRP UA 142 70.72 41.37 26.98
N THR UA 143 70.36 40.09 27.02
CA THR UA 143 70.36 39.33 28.27
C THR UA 143 70.72 37.88 27.99
N LYS UA 144 70.79 37.10 29.06
CA LYS UA 144 71.28 35.73 28.97
C LYS UA 144 70.43 34.83 29.86
N TYR UA 145 69.58 34.02 29.23
CA TYR UA 145 68.89 32.94 29.91
C TYR UA 145 69.89 31.83 30.22
N LYS UA 146 69.44 30.77 30.87
CA LYS UA 146 70.35 29.73 31.34
C LYS UA 146 71.07 29.07 30.17
N ASP UA 147 72.35 29.42 29.99
CA ASP UA 147 73.19 28.97 28.90
C ASP UA 147 72.66 29.36 27.52
N ILE UA 148 71.87 30.43 27.44
CA ILE UA 148 71.29 30.88 26.17
C ILE UA 148 71.44 32.40 26.09
N GLN UA 149 71.82 32.90 24.93
CA GLN UA 149 71.89 34.34 24.71
C GLN UA 149 70.62 34.82 24.02
N LEU UA 150 70.14 36.00 24.43
CA LEU UA 150 68.93 36.56 23.85
C LEU UA 150 69.19 38.02 23.48
N VAL UA 151 68.48 38.50 22.47
CA VAL UA 151 68.64 39.87 22.00
C VAL UA 151 67.28 40.40 21.55
N GLU UA 152 67.07 41.70 21.71
CA GLU UA 152 65.77 42.31 21.49
C GLU UA 152 65.73 42.93 20.09
N VAL UA 153 64.81 42.45 19.26
CA VAL UA 153 64.79 42.81 17.84
C VAL UA 153 63.43 43.43 17.50
N GLN UA 154 63.48 44.54 16.76
CA GLN UA 154 62.31 45.24 16.27
C GLN UA 154 62.11 44.89 14.80
N LEU UA 155 60.94 44.33 14.48
CA LEU UA 155 60.60 43.85 13.15
C LEU UA 155 59.64 44.80 12.47
N HIS UA 156 59.98 45.19 11.24
CA HIS UA 156 59.11 45.99 10.37
C HIS UA 156 58.44 45.06 9.37
N GLN UA 157 57.21 45.40 9.00
CA GLN UA 157 56.47 44.61 8.03
C GLN UA 157 57.18 44.63 6.68
N LEU UA 158 57.31 43.46 6.08
CA LEU UA 158 57.95 43.33 4.76
C LEU UA 158 56.99 43.75 3.66
N GLN VA 3 19.13 102.12 17.94
CA GLN VA 3 18.79 101.19 19.01
C GLN VA 3 18.33 99.85 18.45
N ILE VA 4 19.27 99.05 18.00
CA ILE VA 4 19.01 97.68 17.54
C ILE VA 4 20.07 96.76 18.13
N ASN VA 5 19.68 95.50 18.35
CA ASN VA 5 20.59 94.55 18.96
C ASN VA 5 21.64 94.09 17.95
N ALA VA 6 22.70 93.48 18.45
CA ALA VA 6 23.79 93.00 17.60
C ALA VA 6 24.32 91.70 18.15
N SER VA 7 24.93 90.92 17.26
CA SER VA 7 25.54 89.64 17.63
C SER VA 7 26.84 89.49 16.85
N TYR VA 8 27.77 88.74 17.43
CA TYR VA 8 29.11 88.62 16.88
C TYR VA 8 29.49 87.15 16.76
N GLN VA 9 30.67 86.92 16.19
CA GLN VA 9 31.20 85.56 15.99
C GLN VA 9 32.71 85.58 16.19
N ARG VA 10 33.24 84.54 16.83
CA ARG VA 10 34.67 84.35 17.00
C ARG VA 10 35.02 82.89 16.78
N ASP VA 11 36.15 82.64 16.13
CA ASP VA 11 36.57 81.29 15.76
C ASP VA 11 37.75 80.86 16.61
N MET VA 12 37.66 79.66 17.16
CA MET VA 12 38.73 79.11 17.99
C MET VA 12 39.95 78.77 17.14
N ALA VA 13 41.12 78.84 17.78
CA ALA VA 13 42.33 78.33 17.16
C ALA VA 13 42.25 76.81 17.06
N ILE VA 14 43.18 76.21 16.31
CA ILE VA 14 43.07 74.80 15.95
C ILE VA 14 44.29 73.97 16.34
N ALA VA 15 45.33 74.56 16.92
CA ALA VA 15 46.52 73.75 17.22
C ALA VA 15 47.33 74.40 18.34
N LEU VA 16 48.07 73.55 19.04
CA LEU VA 16 49.08 73.93 20.02
C LEU VA 16 50.33 73.10 19.74
N PRO VA 17 51.51 73.57 20.17
CA PRO VA 17 52.73 72.77 20.01
C PRO VA 17 52.63 71.45 20.74
N GLY VA 18 53.07 70.38 20.07
CA GLY VA 18 53.06 69.07 20.68
C GLY VA 18 51.70 68.42 20.80
N MET VA 19 50.67 69.00 20.19
CA MET VA 19 49.33 68.44 20.27
C MET VA 19 49.18 67.27 19.30
N VAL VA 20 48.45 66.24 19.73
CA VAL VA 20 48.14 65.13 18.84
C VAL VA 20 47.11 65.58 17.82
N ALA VA 21 47.40 65.36 16.54
CA ALA VA 21 46.55 65.90 15.48
C ALA VA 21 45.20 65.21 15.44
N ASP VA 22 45.17 63.89 15.46
CA ASP VA 22 43.93 63.14 15.30
C ASP VA 22 44.08 61.77 15.95
N THR VA 23 43.03 60.96 15.81
CA THR VA 23 42.94 59.65 16.46
C THR VA 23 43.33 58.50 15.54
N SER VA 24 44.26 58.72 14.61
CA SER VA 24 44.69 57.68 13.70
C SER VA 24 45.62 56.71 14.44
N LYS VA 25 46.25 55.82 13.69
CA LYS VA 25 47.19 54.88 14.29
C LYS VA 25 48.43 55.61 14.79
N TYR VA 26 48.58 55.65 16.11
CA TYR VA 26 49.73 56.31 16.74
C TYR VA 26 50.37 55.36 17.73
N ASN VA 27 51.60 55.67 18.12
CA ASN VA 27 52.33 54.87 19.09
C ASN VA 27 53.16 55.80 19.97
N ILE VA 28 53.04 55.63 21.28
CA ILE VA 28 53.68 56.51 22.25
C ILE VA 28 54.69 55.69 23.06
N ASP VA 29 55.96 56.05 22.94
CA ASP VA 29 57.02 55.49 23.78
C ASP VA 29 57.01 56.27 25.09
N GLY VA 30 56.69 55.56 26.17
CA GLY VA 30 56.57 56.20 27.47
C GLY VA 30 57.52 55.68 28.52
N ALA VA 31 58.56 54.95 28.09
CA ALA VA 31 59.55 54.40 29.00
C ALA VA 31 60.91 55.07 28.84
N CYS VA 32 60.94 56.29 28.32
CA CYS VA 32 62.17 57.03 28.13
C CYS VA 32 62.37 58.01 29.28
N VAL VA 33 63.60 58.52 29.39
CA VAL VA 33 63.95 59.48 30.43
C VAL VA 33 64.84 60.55 29.82
N VAL VA 34 64.59 61.80 30.21
CA VAL VA 34 65.36 62.94 29.69
C VAL VA 34 66.71 62.98 30.37
N ASN VA 35 67.77 63.12 29.57
CA ASN VA 35 69.12 63.23 30.08
C ASN VA 35 69.79 64.46 29.47
N GLU VA 36 70.66 65.08 30.26
CA GLU VA 36 71.48 66.22 29.81
C GLU VA 36 70.60 67.37 29.32
N GLY VA 37 69.82 67.93 30.24
CA GLY VA 37 69.06 69.13 29.96
C GLY VA 37 67.57 68.93 29.95
N ASP VA 38 66.85 69.82 29.27
CA ASP VA 38 65.39 69.76 29.18
C ASP VA 38 64.97 69.84 27.73
N VAL VA 39 63.76 69.32 27.46
CA VAL VA 39 63.23 69.22 26.11
C VAL VA 39 61.92 70.00 26.03
N LEU VA 40 61.83 70.87 25.02
CA LEU VA 40 60.61 71.60 24.73
C LEU VA 40 59.60 70.67 24.07
N VAL VA 41 58.31 70.85 24.43
CA VAL VA 41 57.26 70.09 23.79
C VAL VA 41 57.11 70.59 22.35
N GLY VA 42 56.97 69.66 21.41
CA GLY VA 42 56.85 70.05 20.01
C GLY VA 42 58.18 70.08 19.30
N ALA VA 43 59.22 69.52 19.91
CA ALA VA 43 60.54 69.46 19.31
C ALA VA 43 61.02 68.02 19.30
N ALA VA 44 61.84 67.69 18.30
CA ALA VA 44 62.34 66.34 18.16
C ALA VA 44 63.34 66.01 19.26
N VAL VA 45 63.55 64.71 19.48
CA VAL VA 45 64.46 64.20 20.50
C VAL VA 45 65.38 63.18 19.86
N GLN VA 46 66.49 62.90 20.54
CA GLN VA 46 67.45 61.91 20.09
C GLN VA 46 67.81 60.99 21.24
N VAL VA 47 68.26 59.78 20.90
CA VAL VA 47 68.54 58.73 21.86
C VAL VA 47 70.06 58.59 22.00
N VAL VA 48 70.53 58.61 23.25
CA VAL VA 48 71.96 58.47 23.51
C VAL VA 48 72.33 56.99 23.62
N GLN VA 49 71.62 56.24 24.46
CA GLN VA 49 71.89 54.83 24.63
C GLN VA 49 70.65 54.15 25.22
N ALA VA 50 70.64 52.82 25.17
CA ALA VA 50 69.58 52.01 25.73
C ALA VA 50 70.18 51.06 26.76
N GLN VA 51 69.60 51.04 27.96
CA GLN VA 51 70.10 50.17 29.01
C GLN VA 51 69.82 48.71 28.66
N ALA VA 52 70.78 47.84 29.01
CA ALA VA 52 70.70 46.44 28.60
C ALA VA 52 69.63 45.68 29.35
N VAL VA 53 69.56 45.86 30.67
CA VAL VA 53 68.68 45.08 31.53
C VAL VA 53 67.56 45.92 32.12
N ASP VA 54 67.83 47.20 32.42
CA ASP VA 54 66.81 48.05 33.01
C ASP VA 54 65.68 48.32 32.02
N GLY VA 55 66.01 48.62 30.77
CA GLY VA 55 65.02 48.84 29.75
C GLY VA 55 64.59 50.27 29.53
N HIS VA 56 65.25 51.23 30.16
CA HIS VA 56 64.92 52.65 29.97
C HIS VA 56 65.86 53.26 28.94
N LYS VA 57 65.28 53.98 27.98
CA LYS VA 57 66.07 54.73 27.02
C LYS VA 57 66.37 56.12 27.56
N LEU VA 58 67.53 56.64 27.16
CA LEU VA 58 67.99 57.97 27.56
C LEU VA 58 67.91 58.88 26.35
N VAL VA 59 67.17 59.99 26.48
CA VAL VA 59 66.94 60.88 25.35
C VAL VA 59 67.33 62.31 25.74
N LYS VA 60 67.56 63.12 24.72
CA LYS VA 60 67.94 64.52 24.91
C LYS VA 60 67.49 65.32 23.71
N ALA VA 61 67.70 66.62 23.78
CA ALA VA 61 67.31 67.51 22.68
C ALA VA 61 68.20 67.26 21.46
N LEU VA 62 67.68 67.63 20.29
CA LEU VA 62 68.38 67.34 19.05
C LEU VA 62 69.60 68.24 18.89
N THR VA 63 70.66 67.67 18.32
CA THR VA 63 71.91 68.38 18.03
C THR VA 63 72.28 68.16 16.57
N THR VA 64 73.49 68.57 16.21
CA THR VA 64 73.95 68.46 14.84
C THR VA 64 74.56 67.08 14.58
N GLY VA 65 74.22 66.49 13.44
CA GLY VA 65 74.77 65.22 13.03
C GLY VA 65 74.15 63.99 13.66
N THR VA 66 72.97 64.12 14.27
CA THR VA 66 72.32 63.01 14.93
C THR VA 66 71.13 62.53 14.10
N THR VA 67 70.39 61.55 14.63
CA THR VA 67 69.22 60.99 13.95
C THR VA 67 68.01 61.19 14.84
N PRO VA 68 66.99 61.93 14.39
CA PRO VA 68 65.80 62.13 15.23
C PRO VA 68 65.03 60.84 15.42
N TYR VA 69 64.38 60.75 16.60
CA TYR VA 69 63.64 59.55 16.98
C TYR VA 69 62.15 59.79 17.16
N GLY VA 70 61.76 60.90 17.79
CA GLY VA 70 60.36 61.16 18.04
C GLY VA 70 60.15 62.59 18.48
N VAL VA 71 58.89 62.90 18.80
CA VAL VA 71 58.48 64.25 19.16
C VAL VA 71 57.77 64.20 20.50
N ALA VA 72 58.18 65.05 21.43
CA ALA VA 72 57.51 65.14 22.72
C ALA VA 72 56.11 65.72 22.54
N ILE VA 73 55.15 65.18 23.29
CA ILE VA 73 53.74 65.55 23.14
C ILE VA 73 53.28 66.27 24.39
N ARG VA 74 52.06 66.81 24.31
CA ARG VA 74 51.50 67.57 25.41
C ARG VA 74 50.99 66.67 26.51
N SER VA 75 51.09 67.15 27.75
CA SER VA 75 50.56 66.44 28.92
C SER VA 75 50.42 67.43 30.04
N HIS VA 76 49.22 67.58 30.58
CA HIS VA 76 48.96 68.55 31.64
C HIS VA 76 49.53 68.13 32.98
N TRP VA 77 50.00 66.90 33.12
CA TRP VA 77 50.47 66.38 34.39
C TRP VA 77 51.97 66.17 34.43
N GLN VA 78 52.55 65.58 33.39
CA GLN VA 78 53.95 65.18 33.41
C GLN VA 78 54.91 66.34 33.14
N THR VA 79 54.45 67.44 32.56
CA THR VA 79 55.31 68.54 32.17
C THR VA 79 55.47 69.53 33.30
N VAL VA 80 56.41 70.46 33.14
CA VAL VA 80 56.61 71.56 34.07
C VAL VA 80 56.56 72.87 33.32
N ASN VA 81 56.11 73.92 34.00
CA ASN VA 81 55.91 75.23 33.39
C ASN VA 81 57.18 76.06 33.54
N ALA VA 82 57.76 76.45 32.41
CA ALA VA 82 58.97 77.28 32.40
C ALA VA 82 59.00 78.10 31.12
N GLN VA 83 59.40 79.36 31.25
CA GLN VA 83 59.47 80.30 30.12
C GLN VA 83 58.12 80.44 29.43
N ASN VA 84 57.04 80.25 30.18
CA ASN VA 84 55.67 80.30 29.66
C ASN VA 84 55.42 79.22 28.61
N GLN VA 85 56.16 78.11 28.72
CA GLN VA 85 55.89 76.92 27.92
C GLN VA 85 55.91 75.72 28.86
N MET VA 86 55.56 74.56 28.30
CA MET VA 86 55.66 73.31 29.03
C MET VA 86 56.90 72.56 28.54
N ILE VA 87 57.76 72.18 29.48
CA ILE VA 87 59.00 71.48 29.16
C ILE VA 87 59.11 70.23 30.03
N TYR VA 88 60.01 69.34 29.63
CA TYR VA 88 60.30 68.13 30.37
C TYR VA 88 61.67 68.29 31.02
N GLU VA 89 61.69 68.30 32.35
CA GLU VA 89 62.92 68.56 33.09
C GLU VA 89 63.84 67.35 33.07
N ASP VA 90 65.09 67.58 33.48
CA ASP VA 90 66.09 66.53 33.49
C ASP VA 90 65.74 65.46 34.54
N GLY VA 91 66.02 64.22 34.18
CA GLY VA 91 65.76 63.11 35.08
C GLY VA 91 64.30 62.86 35.35
N GLY VA 92 63.47 62.89 34.30
CA GLY VA 92 62.05 62.63 34.44
C GLY VA 92 61.53 61.88 33.24
N ALA VA 93 60.40 61.20 33.46
CA ALA VA 93 59.77 60.45 32.39
C ALA VA 93 59.21 61.39 31.33
N ILE VA 94 59.24 60.93 30.07
CA ILE VA 94 58.80 61.73 28.94
C ILE VA 94 57.91 60.87 28.05
N ASN VA 95 57.04 61.53 27.29
CA ASN VA 95 56.11 60.87 26.38
C ASN VA 95 56.55 61.18 24.95
N VAL VA 96 57.37 60.32 24.38
CA VAL VA 96 57.83 60.48 23.01
C VAL VA 96 56.80 59.82 22.10
N MET VA 97 56.60 60.38 20.91
CA MET VA 97 55.70 59.80 19.93
C MET VA 97 56.50 59.26 18.74
N THR VA 98 56.25 58.01 18.38
CA THR VA 98 57.00 57.39 17.29
C THR VA 98 56.18 57.15 16.03
N SER VA 99 54.86 57.24 16.10
CA SER VA 99 54.01 57.08 14.92
C SER VA 99 52.77 57.94 15.08
N GLY VA 100 52.20 58.34 13.96
CA GLY VA 100 50.98 59.12 13.93
C GLY VA 100 51.24 60.55 13.50
N ARG VA 101 50.19 61.36 13.59
CA ARG VA 101 50.23 62.76 13.17
C ARG VA 101 50.36 63.65 14.40
N VAL VA 102 51.27 64.60 14.35
CA VAL VA 102 51.51 65.49 15.50
C VAL VA 102 51.82 66.88 14.99
N TRP VA 103 51.44 67.88 15.79
CA TRP VA 103 51.72 69.28 15.49
C TRP VA 103 53.09 69.65 16.05
N MET VA 104 53.91 70.29 15.23
CA MET VA 104 55.28 70.62 15.59
C MET VA 104 55.58 72.07 15.27
N LEU VA 105 56.42 72.69 16.11
CA LEU VA 105 56.89 74.05 15.85
C LEU VA 105 57.70 74.09 14.57
N SER VA 106 57.59 75.20 13.85
CA SER VA 106 58.30 75.36 12.58
C SER VA 106 58.87 76.77 12.46
N LYS VA 107 59.99 76.87 11.75
CA LYS VA 107 60.60 78.15 11.43
C LYS VA 107 60.45 78.51 9.96
N SER VA 108 59.59 77.84 9.22
CA SER VA 108 59.42 78.09 7.80
C SER VA 108 58.65 79.39 7.58
N THR VA 109 58.56 79.81 6.32
CA THR VA 109 57.86 81.04 5.96
C THR VA 109 56.77 80.81 4.93
N GLU VA 110 56.57 79.59 4.46
CA GLU VA 110 55.54 79.28 3.47
C GLU VA 110 55.00 77.88 3.74
N ALA VA 111 53.79 77.62 3.23
CA ALA VA 111 53.20 76.31 3.37
C ALA VA 111 54.00 75.27 2.59
N PRO VA 112 54.18 74.07 3.14
CA PRO VA 112 54.95 73.04 2.43
C PRO VA 112 54.07 72.23 1.48
N THR VA 113 54.68 71.28 0.78
CA THR VA 113 53.97 70.44 -0.18
C THR VA 113 53.52 69.17 0.51
N PHE VA 114 52.28 68.77 0.27
CA PHE VA 114 51.73 67.56 0.87
C PHE VA 114 52.54 66.35 0.43
N GLY VA 115 52.86 65.49 1.39
CA GLY VA 115 53.57 64.26 1.11
C GLY VA 115 55.07 64.39 0.96
N SER VA 116 55.62 65.59 1.09
CA SER VA 116 57.05 65.77 0.93
C SER VA 116 57.79 65.27 2.17
N ALA VA 117 59.11 65.21 2.06
CA ALA VA 117 59.95 64.78 3.18
C ALA VA 117 60.20 65.94 4.13
N VAL VA 118 60.34 65.63 5.41
CA VAL VA 118 60.52 66.62 6.45
C VAL VA 118 62.00 66.87 6.67
N LYS VA 119 62.38 68.14 6.70
CA LYS VA 119 63.75 68.56 7.00
C LYS VA 119 63.76 69.35 8.29
N LEU VA 120 64.60 68.95 9.22
CA LEU VA 120 64.69 69.59 10.53
C LEU VA 120 65.92 70.49 10.61
N ASP VA 121 65.92 71.35 11.63
CA ASP VA 121 67.05 72.20 11.91
C ASP VA 121 67.99 71.51 12.89
N VAL VA 122 69.04 72.22 13.31
CA VAL VA 122 69.98 71.67 14.28
C VAL VA 122 69.43 71.68 15.70
N ASP VA 123 68.26 72.30 15.93
CA ASP VA 123 67.63 72.33 17.23
C ASP VA 123 66.31 71.56 17.25
N GLY VA 124 66.04 70.76 16.23
CA GLY VA 124 64.89 69.88 16.25
C GLY VA 124 63.57 70.52 15.89
N GLN VA 125 63.56 71.57 15.08
CA GLN VA 125 62.33 72.21 14.63
C GLN VA 125 62.29 72.21 13.11
N GLU VA 126 61.09 72.03 12.55
CA GLU VA 126 60.94 71.88 11.11
C GLU VA 126 61.34 73.16 10.39
N LYS VA 127 62.07 72.99 9.29
CA LYS VA 127 62.55 74.12 8.51
C LYS VA 127 62.59 73.70 7.04
N SER VA 128 62.24 74.64 6.16
CA SER VA 128 62.11 74.31 4.74
C SER VA 128 63.45 73.92 4.12
N ASP VA 129 64.55 74.46 4.63
CA ASP VA 129 65.88 74.21 4.09
C ASP VA 129 66.85 73.84 5.20
N GLY VA 130 66.45 72.91 6.05
CA GLY VA 130 67.31 72.44 7.13
C GLY VA 130 68.39 71.51 6.62
N THR VA 131 69.20 71.03 7.56
CA THR VA 131 70.33 70.17 7.23
C THR VA 131 70.05 68.69 7.49
N ILE VA 132 69.40 68.37 8.60
CA ILE VA 132 69.15 66.98 8.95
C ILE VA 132 68.00 66.45 8.09
N GLU VA 133 68.24 65.31 7.43
CA GLU VA 133 67.25 64.68 6.58
C GLU VA 133 66.53 63.59 7.33
N THR VA 134 65.20 63.56 7.22
CA THR VA 134 64.36 62.61 7.92
C THR VA 134 63.50 61.84 6.91
N THR VA 135 62.66 60.95 7.43
CA THR VA 135 61.75 60.16 6.61
C THR VA 135 60.29 60.47 6.91
N TRP VA 136 60.01 61.32 7.89
CA TRP VA 136 58.64 61.71 8.20
C TRP VA 136 58.09 62.57 7.06
N THR VA 137 56.77 62.74 7.06
CA THR VA 137 56.12 63.43 5.95
C THR VA 137 55.22 64.55 6.48
N TYR VA 138 54.86 65.47 5.58
CA TYR VA 138 53.89 66.49 5.92
C TYR VA 138 52.47 65.96 5.72
N ALA VA 139 51.59 66.23 6.68
CA ALA VA 139 50.21 65.75 6.59
C ALA VA 139 49.25 66.81 6.05
N GLY VA 140 49.75 67.97 5.65
CA GLY VA 140 48.91 68.94 5.00
C GLY VA 140 48.56 70.16 5.82
N GLY VA 141 48.31 69.97 7.11
CA GLY VA 141 47.91 71.08 7.96
C GLY VA 141 48.99 72.16 8.03
N TRP VA 142 48.53 73.41 8.02
CA TRP VA 142 49.44 74.55 8.11
C TRP VA 142 48.66 75.72 8.68
N THR VA 143 48.86 76.00 9.96
CA THR VA 143 48.14 77.06 10.66
C THR VA 143 49.13 77.93 11.42
N LYS VA 144 48.59 78.84 12.22
CA LYS VA 144 49.42 79.78 12.98
C LYS VA 144 48.67 80.22 14.22
N TYR VA 145 49.20 79.88 15.39
CA TYR VA 145 48.69 80.39 16.65
C TYR VA 145 49.19 81.83 16.83
N LYS VA 146 48.89 82.45 17.96
CA LYS VA 146 49.33 83.83 18.17
C LYS VA 146 50.85 83.90 18.20
N ASP VA 147 51.45 84.39 17.12
CA ASP VA 147 52.89 84.53 16.93
C ASP VA 147 53.62 83.19 16.96
N ILE VA 148 52.92 82.07 16.79
CA ILE VA 148 53.53 80.74 16.81
C ILE VA 148 53.18 80.03 15.52
N GLN VA 149 54.18 79.45 14.87
CA GLN VA 149 53.99 78.75 13.62
C GLN VA 149 54.09 77.25 13.81
N LEU VA 150 53.01 76.54 13.48
CA LEU VA 150 52.92 75.10 13.66
C LEU VA 150 52.65 74.42 12.33
N VAL VA 151 53.04 73.15 12.25
CA VAL VA 151 52.83 72.35 11.04
C VAL VA 151 52.57 70.92 11.45
N GLU VA 152 51.77 70.22 10.66
CA GLU VA 152 51.35 68.85 10.98
C GLU VA 152 52.26 67.86 10.27
N VAL VA 153 52.93 67.02 11.05
CA VAL VA 153 53.91 66.07 10.53
C VAL VA 153 53.51 64.67 10.96
N GLN VA 154 53.57 63.73 10.02
CA GLN VA 154 53.30 62.33 10.26
C GLN VA 154 54.61 61.57 10.41
N LEU VA 155 54.69 60.76 11.46
CA LEU VA 155 55.88 60.01 11.83
C LEU VA 155 55.57 58.51 11.77
N HIS VA 156 56.56 57.74 11.31
CA HIS VA 156 56.48 56.30 11.34
C HIS VA 156 57.64 55.75 12.17
N GLN VA 157 57.58 54.45 12.47
CA GLN VA 157 58.58 53.82 13.32
C GLN VA 157 59.96 53.92 12.69
N LEU VA 158 60.97 54.10 13.54
CA LEU VA 158 62.35 54.23 13.10
C LEU VA 158 62.81 53.01 12.31
N ALA WA 28 76.78 77.32 51.86
CA ALA WA 28 75.61 77.05 52.68
C ALA WA 28 74.42 77.89 52.23
N ALA WA 29 73.28 77.73 52.90
CA ALA WA 29 72.03 78.41 52.51
C ALA WA 29 71.61 79.31 53.67
N THR WA 30 71.64 80.62 53.43
CA THR WA 30 71.24 81.62 54.42
C THR WA 30 69.99 82.33 53.92
N MET WA 31 68.83 81.82 54.31
CA MET WA 31 67.55 82.41 53.95
C MET WA 31 66.88 82.99 55.19
N GLY WA 32 65.68 83.52 55.01
CA GLY WA 32 64.91 84.08 56.09
C GLY WA 32 64.03 83.04 56.76
N ILE WA 33 63.20 83.52 57.70
CA ILE WA 33 62.27 82.65 58.40
C ILE WA 33 61.04 82.28 57.55
N TRP WA 34 60.47 83.23 56.83
CA TRP WA 34 59.23 83.01 56.09
C TRP WA 34 59.54 82.84 54.61
N THR WA 35 58.95 81.81 54.00
CA THR WA 35 59.14 81.57 52.59
C THR WA 35 58.22 82.46 51.76
N ALA WA 36 58.42 82.44 50.44
CA ALA WA 36 57.67 83.31 49.55
C ALA WA 36 56.22 82.89 49.38
N GLN WA 37 55.85 81.69 49.84
CA GLN WA 37 54.49 81.20 49.68
C GLN WA 37 53.58 81.56 50.86
N GLU WA 38 54.15 81.79 52.05
CA GLU WA 38 53.32 82.11 53.20
C GLU WA 38 52.80 83.54 53.17
N LEU WA 39 53.42 84.42 52.38
CA LEU WA 39 52.96 85.78 52.18
C LEU WA 39 52.55 85.89 50.71
N HIS WA 40 51.31 85.51 50.43
CA HIS WA 40 50.83 85.40 49.05
C HIS WA 40 49.32 85.27 49.09
N ARG WA 41 48.66 85.86 48.09
CA ARG WA 41 47.21 85.84 47.98
C ARG WA 41 46.83 85.38 46.59
N ILE WA 42 45.75 84.61 46.50
CA ILE WA 42 45.21 84.12 45.24
C ILE WA 42 43.83 84.72 45.05
N LYS WA 43 43.64 85.42 43.94
CA LYS WA 43 42.34 85.99 43.65
C LYS WA 43 41.34 84.88 43.36
N SER WA 44 40.15 84.99 43.96
CA SER WA 44 39.14 83.95 43.87
C SER WA 44 38.24 84.11 42.65
N GLN WA 45 38.69 84.83 41.63
CA GLN WA 45 37.93 85.00 40.41
C GLN WA 45 38.81 84.67 39.21
N SER WA 46 38.32 83.78 38.36
CA SER WA 46 39.03 83.35 37.16
C SER WA 46 38.37 83.97 35.92
N TYR WA 47 39.19 84.20 34.91
CA TYR WA 47 38.74 84.85 33.68
C TYR WA 47 38.77 83.85 32.54
N GLU WA 48 37.64 83.70 31.85
CA GLU WA 48 37.50 82.75 30.75
C GLU WA 48 37.26 83.52 29.46
N GLU WA 49 38.03 83.19 28.43
CA GLU WA 49 37.81 83.79 27.12
C GLU WA 49 36.50 83.30 26.52
N ASP WA 50 35.79 84.21 25.85
CA ASP WA 50 34.46 83.94 25.33
C ASP WA 50 34.50 83.81 23.82
N TYR WA 51 33.84 82.78 23.30
CA TYR WA 51 33.71 82.55 21.86
C TYR WA 51 32.23 82.50 21.51
N PRO WA 52 31.67 83.56 20.92
CA PRO WA 52 30.27 83.51 20.53
C PRO WA 52 30.03 82.44 19.47
N VAL WA 53 28.86 81.81 19.54
CA VAL WA 53 28.55 80.70 18.64
C VAL WA 53 28.21 81.22 17.25
N GLY WA 54 27.25 82.15 17.18
CA GLY WA 54 26.75 82.66 15.93
C GLY WA 54 25.29 83.01 16.07
N SER WA 55 24.62 83.22 14.93
CA SER WA 55 23.21 83.61 14.96
C SER WA 55 22.36 82.92 13.90
N ALA WA 56 22.88 81.89 13.22
CA ALA WA 56 22.11 81.24 12.17
C ALA WA 56 20.86 80.58 12.73
N LEU WA 57 21.00 79.82 13.81
CA LEU WA 57 19.89 79.09 14.40
C LEU WA 57 18.84 79.99 15.04
N ARG WA 58 19.14 81.27 15.24
CA ARG WA 58 18.17 82.21 15.78
C ARG WA 58 17.63 83.17 14.73
N VAL WA 59 18.31 83.33 13.61
CA VAL WA 59 17.81 84.16 12.51
C VAL WA 59 16.93 83.35 11.56
N PHE WA 60 17.36 82.12 11.20
CA PHE WA 60 16.50 81.37 10.31
C PHE WA 60 15.69 80.32 11.08
N PRO WA 61 14.49 80.01 10.61
CA PRO WA 61 13.66 79.02 11.32
C PRO WA 61 14.25 77.63 11.26
N VAL WA 62 13.92 76.84 12.30
CA VAL WA 62 14.43 75.48 12.45
C VAL WA 62 13.24 74.53 12.52
N THR WA 63 13.29 73.47 11.72
CA THR WA 63 12.24 72.46 11.70
C THR WA 63 12.83 71.10 12.02
N THR WA 64 11.98 70.18 12.45
CA THR WA 64 12.38 68.82 12.81
C THR WA 64 11.56 67.77 12.06
N GLU WA 65 11.21 68.05 10.80
CA GLU WA 65 10.43 67.12 10.00
C GLU WA 65 11.38 66.29 9.12
N LEU WA 66 12.25 65.54 9.79
CA LEU WA 66 13.25 64.74 9.09
C LEU WA 66 13.83 63.75 10.08
N SER WA 67 13.78 62.46 9.73
CA SER WA 67 14.29 61.40 10.59
C SER WA 67 15.82 61.33 10.53
N PRO WA 68 16.46 60.90 11.62
CA PRO WA 68 17.92 60.82 11.61
C PRO WA 68 18.50 59.84 10.60
N THR WA 69 17.71 58.90 10.10
CA THR WA 69 18.20 57.91 9.15
C THR WA 69 17.99 58.37 7.70
N ASP WA 70 17.16 59.38 7.48
CA ASP WA 70 16.93 59.90 6.14
C ASP WA 70 18.20 60.51 5.60
N LYS WA 71 18.37 60.44 4.29
CA LYS WA 71 19.61 60.83 3.65
C LYS WA 71 19.42 61.73 2.44
N THR WA 72 18.22 61.75 1.85
CA THR WA 72 17.83 62.73 0.84
C THR WA 72 16.36 63.06 1.06
N PHE WA 73 15.94 64.23 0.58
CA PHE WA 73 14.55 64.64 0.71
C PHE WA 73 14.06 65.25 -0.60
N GLU WA 74 12.75 65.46 -0.67
CA GLU WA 74 12.10 65.90 -1.90
C GLU WA 74 10.80 66.62 -1.56
N TYR WA 75 10.49 67.67 -2.33
CA TYR WA 75 9.22 68.37 -2.22
C TYR WA 75 8.63 68.55 -3.62
N MET WA 76 7.34 68.88 -3.66
CA MET WA 76 6.59 68.87 -4.90
C MET WA 76 5.95 70.23 -5.16
N THR WA 77 5.57 70.45 -6.41
CA THR WA 77 4.95 71.69 -6.86
C THR WA 77 3.92 71.37 -7.93
N PHE WA 78 2.82 72.12 -7.94
CA PHE WA 78 1.70 71.87 -8.83
C PHE WA 78 1.38 73.10 -9.66
N ASP WA 79 0.60 72.89 -10.73
CA ASP WA 79 0.24 73.95 -11.66
C ASP WA 79 -1.04 73.51 -12.38
N LYS WA 80 -1.72 74.46 -13.01
CA LYS WA 80 -2.99 74.19 -13.67
C LYS WA 80 -3.19 75.14 -14.85
N VAL WA 81 -4.02 74.70 -15.80
CA VAL WA 81 -4.42 75.51 -16.95
C VAL WA 81 -5.91 75.30 -17.19
N GLY WA 82 -6.54 76.28 -17.85
CA GLY WA 82 -7.95 76.17 -18.13
C GLY WA 82 -8.50 77.45 -18.71
N THR WA 83 -9.79 77.39 -19.07
CA THR WA 83 -10.50 78.52 -19.66
C THR WA 83 -11.99 78.21 -19.68
N ALA WA 84 -12.77 79.18 -20.15
CA ALA WA 84 -14.22 79.04 -20.24
C ALA WA 84 -14.74 79.91 -21.38
N GLN WA 85 -15.98 79.64 -21.79
CA GLN WA 85 -16.60 80.36 -22.91
C GLN WA 85 -18.06 80.64 -22.58
N ILE WA 86 -18.77 81.20 -23.56
CA ILE WA 86 -20.19 81.49 -23.47
C ILE WA 86 -20.93 80.54 -24.40
N ILE WA 87 -21.91 79.82 -23.87
CA ILE WA 87 -22.54 78.72 -24.59
C ILE WA 87 -24.04 78.92 -24.71
N ALA WA 88 -24.72 77.96 -25.32
CA ALA WA 88 -26.17 77.94 -25.45
C ALA WA 88 -26.72 76.69 -24.76
N ASP WA 89 -28.03 76.44 -24.94
CA ASP WA 89 -28.65 75.31 -24.27
C ASP WA 89 -28.20 73.99 -24.88
N TYR WA 90 -28.20 73.87 -26.20
CA TYR WA 90 -27.82 72.64 -26.90
C TYR WA 90 -26.37 72.78 -27.36
N THR WA 91 -25.44 72.36 -26.52
CA THR WA 91 -24.02 72.37 -26.87
C THR WA 91 -23.44 70.98 -26.67
N ASP WA 92 -22.41 70.67 -27.46
CA ASP WA 92 -21.71 69.39 -27.35
C ASP WA 92 -20.21 69.53 -27.18
N ASP WA 93 -19.68 70.75 -27.15
CA ASP WA 93 -18.26 70.97 -26.95
C ASP WA 93 -18.03 72.00 -25.85
N LEU WA 94 -17.04 71.75 -25.00
CA LEU WA 94 -16.70 72.59 -23.86
C LEU WA 94 -15.20 72.53 -23.62
N PRO WA 95 -14.56 73.65 -23.31
CA PRO WA 95 -13.11 73.64 -23.08
C PRO WA 95 -12.75 72.86 -21.82
N LEU WA 96 -11.53 72.34 -21.82
CA LEU WA 96 -11.05 71.44 -20.78
C LEU WA 96 -9.94 72.08 -19.96
N VAL WA 97 -9.61 71.41 -18.85
CA VAL WA 97 -8.56 71.84 -17.93
C VAL WA 97 -7.59 70.69 -17.72
N ASP WA 98 -6.47 70.97 -17.05
CA ASP WA 98 -5.45 69.98 -16.83
C ASP WA 98 -4.63 70.40 -15.60
N ALA WA 99 -3.58 69.63 -15.30
CA ALA WA 99 -2.71 69.89 -14.15
C ALA WA 99 -1.27 69.61 -14.55
N LEU WA 100 -0.36 69.74 -13.59
CA LEU WA 100 1.07 69.57 -13.84
C LEU WA 100 1.77 69.33 -12.50
N GLY WA 101 3.05 68.97 -12.54
CA GLY WA 101 3.80 68.67 -11.34
C GLY WA 101 5.29 68.70 -11.57
N THR WA 102 6.02 68.93 -10.48
CA THR WA 102 7.48 69.07 -10.53
C THR WA 102 8.02 68.72 -9.13
N SER WA 103 9.33 68.49 -9.06
CA SER WA 103 9.97 68.11 -7.81
C SER WA 103 11.41 68.62 -7.76
N GLU WA 104 11.95 68.71 -6.54
CA GLU WA 104 13.34 69.07 -6.29
C GLU WA 104 13.87 68.22 -5.15
N PHE WA 105 15.19 68.22 -4.96
CA PHE WA 105 15.86 67.28 -4.08
C PHE WA 105 16.75 68.02 -3.07
N GLY WA 106 17.47 67.25 -2.28
CA GLY WA 106 18.34 67.78 -1.25
C GLY WA 106 19.33 66.74 -0.77
N LYS WA 107 20.08 67.09 0.28
CA LYS WA 107 21.12 66.22 0.80
C LYS WA 107 21.41 66.56 2.25
N VAL WA 108 22.03 65.61 2.97
CA VAL WA 108 22.35 65.73 4.38
C VAL WA 108 23.79 65.29 4.60
N PHE WA 109 24.45 65.85 5.62
CA PHE WA 109 25.85 65.59 5.92
C PHE WA 109 26.02 65.17 7.38
N ARG WA 110 27.26 64.97 7.79
CA ARG WA 110 27.59 64.47 9.13
C ARG WA 110 28.86 65.15 9.64
N LEU WA 111 28.93 65.32 10.97
CA LEU WA 111 30.06 65.98 11.63
C LEU WA 111 30.62 65.07 12.71
N GLY WA 112 31.84 65.35 13.16
CA GLY WA 112 32.41 64.59 14.27
C GLY WA 112 33.81 65.04 14.63
N ASN WA 113 34.18 64.73 15.87
CA ASN WA 113 35.55 64.90 16.38
C ASN WA 113 35.68 64.11 17.68
N ALA WA 114 36.78 64.30 18.40
CA ALA WA 114 37.06 63.54 19.61
C ALA WA 114 38.08 64.28 20.46
N TYR WA 115 38.47 63.63 21.57
CA TYR WA 115 39.50 64.18 22.46
C TYR WA 115 40.10 63.03 23.26
N LEU WA 116 41.19 63.33 23.98
CA LEU WA 116 41.91 62.35 24.78
C LEU WA 116 42.02 62.82 26.22
N ILE WA 117 42.21 61.85 27.12
CA ILE WA 117 42.39 62.12 28.54
C ILE WA 117 43.01 60.88 29.18
N SER WA 118 43.76 61.06 30.27
CA SER WA 118 44.47 59.97 30.90
C SER WA 118 44.07 59.84 32.37
N ILE WA 119 44.45 58.71 32.97
CA ILE WA 119 44.08 58.42 34.35
C ILE WA 119 44.70 59.42 35.31
N ASP WA 120 45.97 59.75 35.12
CA ASP WA 120 46.63 60.71 35.99
C ASP WA 120 45.95 62.08 35.91
N GLU WA 121 45.58 62.51 34.71
CA GLU WA 121 44.87 63.76 34.56
C GLU WA 121 43.51 63.71 35.25
N ILE WA 122 42.81 62.58 35.16
CA ILE WA 122 41.52 62.45 35.81
C ILE WA 122 41.66 62.58 37.33
N LYS WA 123 42.64 61.87 37.90
CA LYS WA 123 42.86 61.94 39.34
C LYS WA 123 43.29 63.34 39.77
N ALA WA 124 44.14 63.99 38.99
CA ALA WA 124 44.56 65.34 39.31
C ALA WA 124 43.37 66.31 39.31
N GLY WA 125 42.48 66.16 38.32
CA GLY WA 125 41.29 66.99 38.31
C GLY WA 125 40.40 66.74 39.50
N GLN WA 126 40.16 65.46 39.82
CA GLN WA 126 39.33 65.14 40.97
C GLN WA 126 39.93 65.62 42.28
N ALA WA 127 41.26 65.71 42.37
CA ALA WA 127 41.91 66.19 43.58
C ALA WA 127 41.90 67.71 43.69
N THR WA 128 42.29 68.41 42.62
CA THR WA 128 42.40 69.86 42.66
C THR WA 128 41.08 70.57 42.43
N GLY WA 129 40.02 69.85 42.09
CA GLY WA 129 38.70 70.47 42.00
C GLY WA 129 38.25 70.79 40.59
N ARG WA 130 39.17 71.20 39.72
CA ARG WA 130 38.82 71.58 38.37
C ARG WA 130 39.19 70.46 37.40
N PRO WA 131 38.22 69.80 36.78
CA PRO WA 131 38.53 68.74 35.83
C PRO WA 131 38.90 69.28 34.45
N LEU WA 132 39.34 68.37 33.59
CA LEU WA 132 39.71 68.68 32.22
C LEU WA 132 38.70 68.15 31.21
N SER WA 133 37.99 67.08 31.54
CA SER WA 133 37.02 66.49 30.63
C SER WA 133 35.89 67.47 30.31
N THR WA 134 35.42 68.21 31.31
CA THR WA 134 34.35 69.17 31.07
C THR WA 134 34.79 70.26 30.10
N ARG WA 135 36.00 70.77 30.25
CA ARG WA 135 36.51 71.78 29.34
C ARG WA 135 36.64 71.24 27.93
N LYS WA 136 37.18 70.02 27.79
CA LYS WA 136 37.33 69.46 26.45
C LYS WA 136 35.96 69.19 25.81
N ALA WA 137 34.98 68.76 26.61
CA ALA WA 137 33.64 68.55 26.09
C ALA WA 137 33.00 69.85 25.62
N SER WA 138 33.18 70.92 26.40
CA SER WA 138 32.67 72.22 25.96
C SER WA 138 33.35 72.66 24.67
N ALA WA 139 34.65 72.40 24.54
CA ALA WA 139 35.34 72.72 23.30
C ALA WA 139 34.76 71.96 22.12
N CYS WA 140 34.48 70.66 22.30
CA CYS WA 140 33.91 69.87 21.21
C CYS WA 140 32.53 70.39 20.80
N GLN WA 141 31.67 70.68 21.78
CA GLN WA 141 30.34 71.18 21.47
C GLN WA 141 30.41 72.52 20.74
N LEU WA 142 31.26 73.43 21.22
CA LEU WA 142 31.40 74.72 20.55
C LEU WA 142 31.94 74.55 19.14
N ALA WA 143 32.85 73.60 18.94
CA ALA WA 143 33.38 73.35 17.60
C ALA WA 143 32.28 72.88 16.65
N HIS WA 144 31.43 71.97 17.11
CA HIS WA 144 30.32 71.53 16.27
C HIS WA 144 29.39 72.69 15.91
N ASP WA 145 29.02 73.50 16.91
CA ASP WA 145 28.10 74.60 16.63
C ASP WA 145 28.71 75.61 15.66
N GLN WA 146 29.98 75.95 15.87
CA GLN WA 146 30.64 76.91 14.99
C GLN WA 146 30.78 76.36 13.58
N LEU WA 147 31.05 75.06 13.44
CA LEU WA 147 31.11 74.48 12.11
C LEU WA 147 29.75 74.55 11.42
N VAL WA 148 28.67 74.30 12.15
CA VAL WA 148 27.35 74.40 11.56
C VAL WA 148 27.09 75.82 11.06
N ASN WA 149 27.40 76.81 11.90
CA ASN WA 149 27.18 78.20 11.49
C ASN WA 149 28.04 78.58 10.28
N ARG WA 150 29.29 78.13 10.27
CA ARG WA 150 30.17 78.41 9.14
C ARG WA 150 29.64 77.78 7.86
N LEU WA 151 29.13 76.55 7.95
CA LEU WA 151 28.56 75.90 6.78
C LEU WA 151 27.34 76.66 6.28
N VAL WA 152 26.50 77.13 7.19
CA VAL WA 152 25.30 77.86 6.78
C VAL WA 152 25.67 79.17 6.08
N PHE WA 153 26.63 79.91 6.63
CA PHE WA 153 26.90 81.25 6.10
C PHE WA 153 27.99 81.29 5.02
N LYS WA 154 28.71 80.21 4.79
CA LYS WA 154 29.77 80.22 3.78
C LYS WA 154 29.73 79.07 2.79
N GLY WA 155 29.26 77.89 3.19
CA GLY WA 155 29.23 76.75 2.30
C GLY WA 155 30.59 76.09 2.14
N SER WA 156 30.63 75.10 1.26
CA SER WA 156 31.85 74.35 0.98
C SER WA 156 31.85 73.94 -0.48
N ALA WA 157 32.82 74.46 -1.24
CA ALA WA 157 32.84 74.21 -2.69
C ALA WA 157 33.05 72.75 -3.05
N PRO WA 158 34.03 72.02 -2.48
CA PRO WA 158 34.18 70.60 -2.87
C PRO WA 158 32.97 69.76 -2.53
N HIS WA 159 32.27 70.06 -1.44
CA HIS WA 159 31.06 69.35 -1.07
C HIS WA 159 29.83 69.82 -1.84
N LYS WA 160 29.98 70.87 -2.66
CA LYS WA 160 28.88 71.44 -3.43
C LYS WA 160 27.74 71.89 -2.51
N ILE WA 161 28.09 72.71 -1.53
CA ILE WA 161 27.13 73.34 -0.62
C ILE WA 161 27.04 74.80 -1.00
N VAL WA 162 25.82 75.28 -1.20
CA VAL WA 162 25.57 76.64 -1.67
C VAL WA 162 25.21 77.52 -0.49
N SER WA 163 26.00 78.58 -0.28
CA SER WA 163 25.73 79.53 0.78
C SER WA 163 24.59 80.45 0.37
N VAL WA 164 24.04 81.16 1.36
CA VAL WA 164 22.91 82.04 1.09
C VAL WA 164 23.31 83.20 0.20
N PHE WA 165 24.59 83.58 0.21
CA PHE WA 165 25.04 84.69 -0.60
C PHE WA 165 25.39 84.30 -2.03
N ASN WA 166 25.39 83.00 -2.35
CA ASN WA 166 25.73 82.54 -3.69
C ASN WA 166 24.58 81.77 -4.35
N HIS WA 167 23.38 81.82 -3.78
CA HIS WA 167 22.25 81.17 -4.42
C HIS WA 167 21.90 81.89 -5.71
N PRO WA 168 21.68 81.15 -6.81
CA PRO WA 168 21.46 81.79 -8.11
C PRO WA 168 20.02 82.13 -8.43
N ASN WA 169 19.08 81.92 -7.52
CA ASN WA 169 17.66 82.19 -7.77
C ASN WA 169 17.09 83.21 -6.79
N ILE WA 170 17.94 84.01 -6.17
CA ILE WA 170 17.50 85.05 -5.24
C ILE WA 170 17.77 86.40 -5.88
N THR WA 171 16.97 87.39 -5.48
CA THR WA 171 17.07 88.72 -6.04
C THR WA 171 18.31 89.43 -5.49
N LYS WA 172 19.16 89.91 -6.39
CA LYS WA 172 20.37 90.62 -6.04
C LYS WA 172 20.30 92.04 -6.58
N ILE WA 173 20.62 93.01 -5.73
CA ILE WA 173 20.62 94.42 -6.11
C ILE WA 173 21.98 95.02 -5.77
N THR WA 174 22.66 95.55 -6.77
CA THR WA 174 23.86 96.33 -6.52
C THR WA 174 23.46 97.69 -5.95
N SER WA 175 24.30 98.24 -5.08
CA SER WA 175 23.96 99.45 -4.34
C SER WA 175 25.05 100.48 -4.43
N GLY WA 176 24.65 101.74 -4.54
CA GLY WA 176 25.59 102.83 -4.30
C GLY WA 176 26.03 102.82 -2.84
N LYS WA 177 27.28 103.24 -2.61
CA LYS WA 177 27.86 103.12 -1.28
C LYS WA 177 27.09 103.97 -0.28
N TRP WA 178 26.75 103.36 0.87
CA TRP WA 178 26.17 104.13 1.96
C TRP WA 178 27.22 105.01 2.63
N ILE WA 179 28.46 104.54 2.68
CA ILE WA 179 29.58 105.30 3.23
C ILE WA 179 30.72 105.22 2.24
N ASP WA 180 31.21 106.37 1.80
CA ASP WA 180 32.39 106.46 0.93
C ASP WA 180 33.27 107.59 1.43
N ALA WA 181 34.54 107.29 1.65
CA ALA WA 181 35.51 108.26 2.18
C ALA WA 181 34.99 108.89 3.47
N SER WA 182 34.42 108.04 4.33
CA SER WA 182 33.88 108.41 5.63
C SER WA 182 32.72 109.40 5.54
N THR WA 183 32.08 109.52 4.39
CA THR WA 183 30.93 110.39 4.22
C THR WA 183 29.66 109.55 4.20
N MET WA 184 28.70 109.92 5.05
CA MET WA 184 27.48 109.16 5.23
C MET WA 184 26.34 109.74 4.39
N LYS WA 185 25.53 108.84 3.82
CA LYS WA 185 24.36 109.20 3.02
C LYS WA 185 23.16 108.47 3.60
N PRO WA 186 22.46 109.07 4.56
CA PRO WA 186 21.33 108.38 5.19
C PRO WA 186 20.07 108.33 4.33
N GLU WA 187 20.09 108.86 3.11
CA GLU WA 187 18.92 108.82 2.25
C GLU WA 187 18.97 107.64 1.26
N THR WA 188 20.17 107.28 0.80
CA THR WA 188 20.30 106.14 -0.10
C THR WA 188 19.84 104.86 0.58
N ALA WA 189 20.17 104.69 1.87
CA ALA WA 189 19.74 103.52 2.60
C ALA WA 189 18.23 103.42 2.65
N GLU WA 190 17.56 104.54 2.96
CA GLU WA 190 16.10 104.53 3.04
C GLU WA 190 15.49 104.22 1.69
N ALA WA 191 16.00 104.84 0.62
CA ALA WA 191 15.47 104.58 -0.72
C ALA WA 191 15.64 103.12 -1.11
N GLU WA 192 16.81 102.55 -0.83
CA GLU WA 192 17.06 101.16 -1.20
C GLU WA 192 16.19 100.20 -0.41
N LEU WA 193 16.00 100.47 0.88
CA LEU WA 193 15.13 99.61 1.68
C LEU WA 193 13.70 99.66 1.18
N THR WA 194 13.20 100.86 0.87
CA THR WA 194 11.85 100.97 0.33
C THR WA 194 11.72 100.24 -0.99
N GLN WA 195 12.73 100.36 -1.87
CA GLN WA 195 12.69 99.66 -3.14
C GLN WA 195 12.69 98.14 -2.95
N ALA WA 196 13.49 97.64 -2.00
CA ALA WA 196 13.53 96.21 -1.76
C ALA WA 196 12.19 95.70 -1.23
N ILE WA 197 11.59 96.43 -0.31
CA ILE WA 197 10.28 96.02 0.23
C ILE WA 197 9.23 96.01 -0.88
N GLU WA 198 9.24 97.04 -1.73
CA GLU WA 198 8.29 97.08 -2.84
C GLU WA 198 8.52 95.92 -3.81
N THR WA 199 9.78 95.58 -4.08
CA THR WA 199 10.08 94.47 -4.98
C THR WA 199 9.58 93.15 -4.41
N ILE WA 200 9.78 92.93 -3.11
CA ILE WA 200 9.29 91.70 -2.50
C ILE WA 200 7.77 91.65 -2.57
N GLU WA 201 7.11 92.77 -2.28
CA GLU WA 201 5.65 92.80 -2.36
C GLU WA 201 5.16 92.54 -3.78
N THR WA 202 5.88 93.02 -4.78
CA THR WA 202 5.41 92.95 -6.15
C THR WA 202 5.61 91.57 -6.76
N ILE WA 203 6.85 91.06 -6.73
CA ILE WA 203 7.16 89.87 -7.51
C ILE WA 203 6.46 88.62 -7.00
N THR WA 204 5.95 88.64 -5.77
CA THR WA 204 5.14 87.53 -5.27
C THR WA 204 3.65 87.78 -5.40
N ARG WA 205 3.26 88.90 -6.01
CA ARG WA 205 1.85 89.24 -6.26
C ARG WA 205 1.03 89.23 -4.97
N GLY WA 206 1.57 89.88 -3.94
CA GLY WA 206 0.83 90.10 -2.72
C GLY WA 206 0.68 88.89 -1.83
N GLN WA 207 1.34 87.78 -2.16
CA GLN WA 207 1.27 86.59 -1.33
C GLN WA 207 2.16 86.66 -0.11
N HIS WA 208 3.30 87.33 -0.22
CA HIS WA 208 4.28 87.41 0.86
C HIS WA 208 4.69 88.86 1.07
N ARG WA 209 5.03 89.21 2.31
CA ARG WA 209 5.41 90.56 2.68
C ARG WA 209 6.70 90.51 3.48
N ALA WA 210 7.59 91.48 3.25
CA ALA WA 210 8.85 91.51 3.97
C ALA WA 210 8.61 91.73 5.47
N THR WA 211 9.37 91.01 6.29
CA THR WA 211 9.16 91.07 7.73
C THR WA 211 10.44 91.39 8.49
N ASN WA 212 11.60 91.06 7.93
CA ASN WA 212 12.86 91.22 8.67
C ASN WA 212 13.95 91.80 7.78
N ILE WA 213 14.78 92.63 8.40
CA ILE WA 213 15.94 93.25 7.75
C ILE WA 213 17.18 92.98 8.58
N LEU WA 214 18.28 92.67 7.92
CA LEU WA 214 19.56 92.42 8.57
C LEU WA 214 20.61 93.32 7.96
N ILE WA 215 21.33 94.07 8.80
CA ILE WA 215 22.31 95.04 8.35
C ILE WA 215 23.62 94.80 9.10
N PRO WA 216 24.75 95.21 8.52
CA PRO WA 216 26.03 95.07 9.24
C PRO WA 216 26.04 95.93 10.49
N PRO WA 217 26.76 95.49 11.54
CA PRO WA 217 26.82 96.29 12.76
C PRO WA 217 27.49 97.65 12.59
N SER WA 218 28.36 97.81 11.61
CA SER WA 218 29.05 99.07 11.40
C SER WA 218 28.20 100.10 10.68
N MET WA 219 27.07 99.70 10.09
CA MET WA 219 26.14 100.61 9.44
C MET WA 219 25.07 101.14 10.37
N ARG WA 220 25.07 100.73 11.64
CA ARG WA 220 24.08 101.24 12.59
C ARG WA 220 24.26 102.73 12.84
N LYS WA 221 25.46 103.26 12.65
CA LYS WA 221 25.69 104.69 12.83
C LYS WA 221 25.08 105.52 11.71
N VAL WA 222 24.82 104.91 10.55
CA VAL WA 222 24.23 105.65 9.44
C VAL WA 222 22.78 106.00 9.74
N LEU WA 223 22.01 105.04 10.27
CA LEU WA 223 20.60 105.26 10.52
C LEU WA 223 20.33 105.99 11.84
N ALA WA 224 21.36 106.31 12.61
CA ALA WA 224 21.19 107.08 13.83
C ALA WA 224 21.30 108.59 13.60
N ILE WA 225 21.55 109.01 12.37
CA ILE WA 225 21.67 110.43 12.07
C ILE WA 225 20.31 111.10 12.18
N ARG WA 226 20.30 112.31 12.70
CA ARG WA 226 19.06 113.08 12.84
C ARG WA 226 18.61 113.60 11.49
N MET WA 227 17.33 113.40 11.19
CA MET WA 227 16.76 113.92 9.96
C MET WA 227 16.65 115.43 10.02
N PRO WA 228 16.96 116.15 8.93
CA PRO WA 228 16.86 117.61 8.96
C PRO WA 228 15.45 118.08 9.23
N GLU WA 229 15.34 119.23 9.89
CA GLU WA 229 14.06 119.88 10.19
C GLU WA 229 13.21 119.04 11.16
N THR WA 230 13.83 118.06 11.80
CA THR WA 230 13.14 117.20 12.77
C THR WA 230 14.08 116.91 13.92
N THR WA 231 13.49 116.54 15.05
CA THR WA 231 14.25 116.06 16.20
C THR WA 231 14.30 114.53 16.26
N MET WA 232 13.75 113.85 15.27
CA MET WA 232 13.64 112.40 15.25
C MET WA 232 14.62 111.79 14.26
N SER WA 233 14.79 110.48 14.34
CA SER WA 233 15.83 109.77 13.61
C SER WA 233 15.26 109.00 12.42
N TYR WA 234 16.18 108.64 11.51
CA TYR WA 234 15.78 107.88 10.33
C TYR WA 234 15.21 106.52 10.70
N LEU WA 235 15.81 105.85 11.69
CA LEU WA 235 15.29 104.55 12.11
C LEU WA 235 13.89 104.69 12.68
N ASP WA 236 13.65 105.72 13.49
CA ASP WA 236 12.31 105.94 14.03
C ASP WA 236 11.31 106.23 12.91
N TYR WA 237 11.72 107.03 11.94
CA TYR WA 237 10.82 107.35 10.82
C TYR WA 237 10.47 106.09 10.03
N PHE WA 238 11.47 105.26 9.72
CA PHE WA 238 11.23 104.03 8.98
C PHE WA 238 10.32 103.08 9.76
N LYS WA 239 10.57 102.93 11.07
CA LYS WA 239 9.73 102.06 11.88
C LYS WA 239 8.30 102.56 11.95
N SER WA 240 8.11 103.88 12.08
CA SER WA 240 6.76 104.43 12.11
C SER WA 240 6.04 104.22 10.78
N GLN WA 241 6.76 104.42 9.67
CA GLN WA 241 6.11 104.29 8.37
C GLN WA 241 5.77 102.84 8.04
N ASN WA 242 6.68 101.91 8.31
CA ASN WA 242 6.48 100.50 8.00
C ASN WA 242 6.35 99.75 9.32
N SER WA 243 5.13 99.66 9.83
CA SER WA 243 4.88 99.01 11.10
C SER WA 243 4.98 97.49 10.96
N GLY WA 244 5.28 96.83 12.08
CA GLY WA 244 5.34 95.39 12.12
C GLY WA 244 6.57 94.76 11.50
N ILE WA 245 7.67 95.50 11.37
CA ILE WA 245 8.90 94.99 10.78
C ILE WA 245 10.00 95.04 11.83
N GLU WA 246 10.98 94.15 11.71
CA GLU WA 246 12.10 94.09 12.63
C GLU WA 246 13.40 94.33 11.88
N ILE WA 247 14.32 95.06 12.51
CA ILE WA 247 15.65 95.33 11.96
C ILE WA 247 16.66 94.80 12.97
N ASP WA 248 17.63 94.04 12.48
CA ASP WA 248 18.64 93.42 13.34
C ASP WA 248 20.02 93.57 12.69
N SER WA 249 21.04 93.28 13.50
CA SER WA 249 22.42 93.38 13.08
C SER WA 249 23.09 92.01 13.24
N ILE WA 250 23.84 91.61 12.22
CA ILE WA 250 24.58 90.34 12.22
C ILE WA 250 26.00 90.64 11.79
N ALA WA 251 26.97 90.16 12.57
CA ALA WA 251 28.37 90.43 12.26
C ALA WA 251 28.84 89.65 11.04
N GLU WA 252 28.11 88.61 10.64
CA GLU WA 252 28.51 87.83 9.48
C GLU WA 252 28.34 88.60 8.18
N LEU WA 253 27.67 89.74 8.21
CA LEU WA 253 27.44 90.53 7.00
C LEU WA 253 28.56 91.51 6.69
N GLU WA 254 29.57 91.62 7.57
CA GLU WA 254 30.67 92.55 7.32
C GLU WA 254 31.56 92.10 6.16
N ASP WA 255 31.47 90.84 5.75
CA ASP WA 255 32.27 90.33 4.64
C ASP WA 255 31.54 89.14 4.04
N ILE WA 256 31.24 89.21 2.75
CA ILE WA 256 30.44 88.18 2.10
C ILE WA 256 31.23 87.35 1.10
N ASP WA 257 32.37 87.83 0.60
CA ASP WA 257 33.15 87.08 -0.37
C ASP WA 257 34.62 86.93 0.01
N GLY WA 258 35.01 87.40 1.20
CA GLY WA 258 36.40 87.35 1.59
C GLY WA 258 37.27 88.47 1.07
N ALA WA 259 36.67 89.54 0.55
CA ALA WA 259 37.42 90.66 0.01
C ALA WA 259 36.97 92.00 0.56
N GLY WA 260 36.20 92.02 1.65
CA GLY WA 260 35.80 93.26 2.27
C GLY WA 260 34.61 93.93 1.61
N THR WA 261 33.52 93.19 1.44
CA THR WA 261 32.30 93.71 0.84
C THR WA 261 31.13 93.46 1.79
N LYS WA 262 30.35 94.51 2.04
CA LYS WA 262 29.22 94.43 2.95
C LYS WA 262 27.93 94.11 2.20
N GLY WA 263 26.90 93.77 2.96
CA GLY WA 263 25.62 93.44 2.36
C GLY WA 263 24.49 93.61 3.35
N VAL WA 264 23.29 93.81 2.80
CA VAL WA 264 22.06 93.95 3.58
C VAL WA 264 21.05 92.92 3.07
N LEU WA 265 20.41 92.21 3.99
CA LEU WA 265 19.57 91.08 3.62
C LEU WA 265 18.15 91.31 4.12
N VAL WA 266 17.18 91.33 3.21
CA VAL WA 266 15.79 91.59 3.54
C VAL WA 266 14.97 90.36 3.19
N TYR WA 267 14.19 89.86 4.15
CA TYR WA 267 13.51 88.59 3.91
C TYR WA 267 12.24 88.50 4.76
N GLU WA 268 11.50 87.43 4.52
CA GLU WA 268 10.27 87.10 5.24
C GLU WA 268 10.51 85.81 6.01
N LYS WA 269 10.28 85.84 7.32
CA LYS WA 269 10.59 84.71 8.19
C LYS WA 269 9.40 83.79 8.28
N ASN WA 270 9.54 82.57 7.77
CA ASN WA 270 8.52 81.53 7.82
C ASN WA 270 9.15 80.20 7.44
N PRO WA 271 8.86 79.11 8.15
CA PRO WA 271 9.46 77.82 7.82
C PRO WA 271 9.09 77.28 6.44
N MET WA 272 8.10 77.87 5.76
CA MET WA 272 7.72 77.41 4.44
C MET WA 272 8.62 77.94 3.34
N ASN WA 273 9.44 78.96 3.61
CA ASN WA 273 10.34 79.53 2.62
C ASN WA 273 11.79 79.09 2.80
N MET WA 274 12.31 79.15 4.02
CA MET WA 274 13.67 78.72 4.28
C MET WA 274 13.68 77.87 5.55
N SER WA 275 14.65 76.95 5.62
CA SER WA 275 14.70 76.07 6.78
C SER WA 275 16.11 75.52 6.95
N ILE WA 276 16.38 75.10 8.19
CA ILE WA 276 17.60 74.39 8.56
C ILE WA 276 17.19 73.17 9.37
N GLU WA 277 17.65 71.99 8.96
CA GLU WA 277 17.27 70.73 9.58
C GLU WA 277 18.40 70.20 10.45
N ILE WA 278 18.04 69.68 11.61
CA ILE WA 278 18.99 69.03 12.51
C ILE WA 278 18.45 67.64 12.84
N PRO WA 279 18.62 66.65 11.94
CA PRO WA 279 18.07 65.32 12.22
C PRO WA 279 18.61 64.68 13.48
N GLU WA 280 19.89 64.91 13.79
CA GLU WA 280 20.54 64.30 14.93
C GLU WA 280 21.13 65.39 15.81
N ALA WA 281 20.89 65.30 17.11
CA ALA WA 281 21.44 66.26 18.06
C ALA WA 281 22.81 65.80 18.53
N PHE WA 282 23.52 66.71 19.20
CA PHE WA 282 24.85 66.42 19.70
C PHE WA 282 24.79 65.32 20.76
N ASN WA 283 25.72 64.36 20.66
CA ASN WA 283 25.78 63.27 21.60
C ASN WA 283 27.22 62.78 21.72
N MET WA 284 27.52 62.13 22.84
CA MET WA 284 28.86 61.65 23.13
C MET WA 284 28.84 60.13 23.22
N LEU WA 285 29.71 59.49 22.44
CA LEU WA 285 29.82 58.04 22.44
C LEU WA 285 30.56 57.56 23.68
N PRO WA 286 30.38 56.30 24.06
CA PRO WA 286 31.09 55.79 25.24
C PRO WA 286 32.59 55.83 25.05
N ALA WA 287 33.30 56.05 26.16
CA ALA WA 287 34.75 56.17 26.11
C ALA WA 287 35.41 54.84 25.76
N GLN WA 288 36.31 54.88 24.78
CA GLN WA 288 37.09 53.70 24.39
C GLN WA 288 38.38 53.68 25.19
N PRO WA 289 38.63 52.66 26.00
CA PRO WA 289 39.84 52.66 26.83
C PRO WA 289 41.04 52.11 26.06
N LYS WA 290 42.21 52.65 26.39
CA LYS WA 290 43.49 52.14 25.93
C LYS WA 290 44.37 51.91 27.16
N ASP WA 291 45.66 51.68 26.90
CA ASP WA 291 46.63 51.26 27.92
C ASP WA 291 46.44 51.99 29.24
N LEU WA 292 46.56 53.32 29.23
CA LEU WA 292 46.30 54.10 30.43
C LEU WA 292 45.55 55.38 30.14
N HIS WA 293 44.87 55.48 29.00
CA HIS WA 293 44.11 56.67 28.64
C HIS WA 293 42.86 56.26 27.90
N PHE WA 294 41.95 57.22 27.72
CA PHE WA 294 40.66 56.99 27.10
C PHE WA 294 40.52 57.88 25.87
N LYS WA 295 39.56 57.53 25.02
CA LYS WA 295 39.24 58.34 23.85
C LYS WA 295 37.72 58.51 23.79
N VAL WA 296 37.26 59.75 23.69
CA VAL WA 296 35.84 60.06 23.74
C VAL WA 296 35.46 60.78 22.44
N PRO WA 297 34.76 60.14 21.52
CA PRO WA 297 34.34 60.81 20.29
C PRO WA 297 32.96 61.46 20.41
N CYS WA 298 32.72 62.41 19.52
CA CYS WA 298 31.44 63.11 19.45
C CYS WA 298 31.02 63.24 17.99
N THR WA 299 29.72 63.39 17.76
CA THR WA 299 29.20 63.48 16.40
C THR WA 299 27.82 64.10 16.42
N SER WA 300 27.35 64.49 15.23
CA SER WA 300 26.02 65.05 15.01
C SER WA 300 25.75 65.05 13.51
N LYS WA 301 24.62 65.62 13.12
CA LYS WA 301 24.23 65.71 11.72
C LYS WA 301 23.58 67.05 11.45
N CYS WA 302 23.66 67.47 10.18
CA CYS WA 302 23.08 68.73 9.73
C CYS WA 302 22.95 68.70 8.22
N THR WA 303 22.24 69.70 7.68
CA THR WA 303 22.00 69.74 6.24
C THR WA 303 22.33 71.11 5.64
N GLY WA 304 22.33 72.16 6.46
CA GLY WA 304 22.55 73.51 5.99
C GLY WA 304 21.22 74.24 5.80
N LEU WA 305 21.28 75.27 4.97
CA LEU WA 305 20.11 76.09 4.66
C LEU WA 305 19.48 75.62 3.37
N THR WA 306 18.15 75.45 3.38
CA THR WA 306 17.39 75.08 2.20
C THR WA 306 16.30 76.12 1.96
N ILE WA 307 16.21 76.57 0.72
CA ILE WA 307 15.26 77.62 0.33
C ILE WA 307 14.25 76.98 -0.63
N TYR WA 308 13.07 76.68 -0.10
CA TYR WA 308 12.01 76.12 -0.94
C TYR WA 308 11.39 77.20 -1.82
N ARG WA 309 11.16 78.39 -1.27
CA ARG WA 309 10.52 79.49 -1.97
C ARG WA 309 11.50 80.66 -2.07
N PRO WA 310 12.21 80.78 -3.20
CA PRO WA 310 13.02 81.99 -3.42
C PRO WA 310 12.13 83.18 -3.74
N MET WA 311 12.73 84.31 -4.10
CA MET WA 311 12.08 85.57 -4.42
C MET WA 311 11.47 86.24 -3.19
N THR WA 312 11.54 85.61 -2.02
CA THR WA 312 11.20 86.26 -0.77
C THR WA 312 12.44 86.82 -0.07
N ILE WA 313 13.59 86.75 -0.72
CA ILE WA 313 14.86 87.20 -0.15
C ILE WA 313 15.49 88.18 -1.14
N VAL WA 314 15.92 89.33 -0.64
CA VAL WA 314 16.61 90.34 -1.44
C VAL WA 314 17.95 90.62 -0.78
N LEU WA 315 19.02 90.56 -1.59
CA LEU WA 315 20.38 90.80 -1.12
C LEU WA 315 20.91 92.06 -1.79
N ILE WA 316 21.15 93.10 -0.99
CA ILE WA 316 21.71 94.36 -1.47
C ILE WA 316 23.21 94.33 -1.21
N THR WA 317 23.98 94.29 -2.28
CA THR WA 317 25.42 94.10 -2.22
C THR WA 317 26.16 95.42 -2.36
N GLY WA 318 27.43 95.42 -1.93
CA GLY WA 318 28.28 96.58 -2.05
C GLY WA 318 27.81 97.78 -1.25
N VAL WA 319 27.32 97.55 -0.04
CA VAL WA 319 26.86 98.63 0.81
C VAL WA 319 28.03 99.35 1.47
N GLN XA 3 -93.49 76.71 -35.90
CA GLN XA 3 -93.50 78.16 -36.12
C GLN XA 3 -92.15 78.75 -35.77
N ILE XA 4 -91.72 79.73 -36.57
CA ILE XA 4 -90.40 80.33 -36.44
C ILE XA 4 -90.55 81.78 -36.00
N ASN XA 5 -89.84 82.16 -34.94
CA ASN XA 5 -89.88 83.53 -34.46
C ASN XA 5 -89.04 84.44 -35.35
N ALA XA 6 -89.30 85.75 -35.25
CA ALA XA 6 -88.64 86.72 -36.10
C ALA XA 6 -88.21 87.95 -35.31
N SER XA 7 -87.16 88.60 -35.80
CA SER XA 7 -86.71 89.89 -35.31
C SER XA 7 -86.40 90.77 -36.51
N TYR XA 8 -86.76 92.04 -36.43
CA TYR XA 8 -86.63 92.96 -37.55
C TYR XA 8 -85.73 94.12 -37.18
N GLN XA 9 -85.40 94.93 -38.20
CA GLN XA 9 -84.44 96.01 -38.05
C GLN XA 9 -84.91 97.22 -38.86
N ARG XA 10 -84.64 98.41 -38.33
CA ARG XA 10 -84.91 99.65 -39.05
C ARG XA 10 -83.97 100.72 -38.52
N ASP XA 11 -83.37 101.48 -39.43
CA ASP XA 11 -82.41 102.51 -39.08
C ASP XA 11 -83.07 103.88 -39.11
N MET XA 12 -82.70 104.72 -38.15
CA MET XA 12 -83.24 106.07 -38.09
C MET XA 12 -82.60 106.95 -39.16
N ALA XA 13 -83.28 108.05 -39.48
CA ALA XA 13 -82.73 109.02 -40.40
C ALA XA 13 -81.58 109.77 -39.73
N ILE XA 14 -80.78 110.45 -40.56
CA ILE XA 14 -79.56 111.10 -40.10
C ILE XA 14 -79.81 112.52 -39.61
N ALA XA 15 -80.55 113.32 -40.39
CA ALA XA 15 -80.70 114.73 -40.05
C ALA XA 15 -81.96 115.28 -40.69
N LEU XA 16 -82.25 116.53 -40.35
CA LEU XA 16 -83.39 117.30 -40.82
C LEU XA 16 -82.90 118.65 -41.31
N PRO XA 17 -83.64 119.31 -42.18
CA PRO XA 17 -83.22 120.64 -42.65
C PRO XA 17 -83.10 121.62 -41.49
N GLY XA 18 -82.06 122.45 -41.54
CA GLY XA 18 -81.84 123.46 -40.52
C GLY XA 18 -81.27 122.96 -39.22
N MET XA 19 -80.89 121.69 -39.14
CA MET XA 19 -80.37 121.15 -37.89
C MET XA 19 -78.88 121.44 -37.76
N VAL XA 20 -78.44 121.67 -36.52
CA VAL XA 20 -77.02 121.85 -36.26
C VAL XA 20 -76.33 120.49 -36.31
N ALA XA 21 -75.37 120.33 -37.23
CA ALA XA 21 -74.79 119.03 -37.48
C ALA XA 21 -73.83 118.62 -36.37
N ASP XA 22 -72.89 119.48 -36.03
CA ASP XA 22 -71.85 119.19 -35.05
C ASP XA 22 -71.79 120.30 -34.01
N THR XA 23 -71.27 119.97 -32.85
CA THR XA 23 -71.08 120.94 -31.77
C THR XA 23 -69.65 121.50 -31.82
N SER XA 24 -69.31 122.08 -32.97
CA SER XA 24 -67.94 122.53 -33.25
C SER XA 24 -67.91 124.05 -33.40
N LYS XA 25 -67.79 124.75 -32.27
CA LYS XA 25 -67.46 126.18 -32.25
C LYS XA 25 -68.44 126.98 -33.11
N TYR XA 26 -69.69 126.96 -32.70
CA TYR XA 26 -70.76 127.64 -33.40
C TYR XA 26 -71.00 129.03 -32.84
N ASN XA 27 -71.74 129.84 -33.60
CA ASN XA 27 -72.11 131.19 -33.19
C ASN XA 27 -73.49 131.52 -33.74
N ILE XA 28 -74.36 132.02 -32.86
CA ILE XA 28 -75.76 132.29 -33.19
C ILE XA 28 -76.03 133.76 -32.87
N ASP XA 29 -76.69 134.45 -33.80
CA ASP XA 29 -77.14 135.83 -33.58
C ASP XA 29 -78.63 135.81 -33.29
N GLY XA 30 -79.01 136.29 -32.11
CA GLY XA 30 -80.40 136.38 -31.74
C GLY XA 30 -81.03 137.74 -31.90
N ALA XA 31 -80.23 138.77 -32.15
CA ALA XA 31 -80.76 140.13 -32.31
C ALA XA 31 -81.03 140.44 -33.78
N CYS XA 32 -81.80 139.54 -34.40
CA CYS XA 32 -82.18 139.67 -35.79
C CYS XA 32 -83.69 139.62 -35.92
N VAL XA 33 -84.21 140.36 -36.90
CA VAL XA 33 -85.64 140.44 -37.14
C VAL XA 33 -85.90 140.25 -38.62
N VAL XA 34 -87.01 139.57 -38.94
CA VAL XA 34 -87.35 139.16 -40.30
C VAL XA 34 -88.32 140.17 -40.90
N ASN XA 35 -88.13 140.48 -42.17
CA ASN XA 35 -89.01 141.38 -42.90
C ASN XA 35 -89.38 140.79 -44.25
N GLU XA 36 -90.49 141.26 -44.80
CA GLU XA 36 -90.90 140.96 -46.16
C GLU XA 36 -91.05 139.45 -46.39
N GLY XA 37 -92.00 138.85 -45.67
CA GLY XA 37 -92.34 137.47 -45.91
C GLY XA 37 -91.88 136.51 -44.83
N ASP XA 38 -91.39 135.34 -45.26
CA ASP XA 38 -90.95 134.30 -44.34
C ASP XA 38 -89.63 133.71 -44.83
N VAL XA 39 -88.98 132.98 -43.93
CA VAL XA 39 -87.70 132.34 -44.21
C VAL XA 39 -87.82 130.86 -43.90
N LEU XA 40 -87.52 130.01 -44.88
CA LEU XA 40 -87.49 128.58 -44.67
C LEU XA 40 -86.29 128.21 -43.81
N VAL XA 41 -86.48 127.28 -42.88
CA VAL XA 41 -85.35 126.80 -42.09
C VAL XA 41 -84.43 126.02 -43.01
N GLY XA 42 -83.13 126.29 -42.93
CA GLY XA 42 -82.16 125.71 -43.82
C GLY XA 42 -81.89 126.50 -45.09
N ALA XA 43 -82.28 127.77 -45.14
CA ALA XA 43 -82.05 128.61 -46.31
C ALA XA 43 -81.32 129.88 -45.88
N ALA XA 44 -80.35 130.28 -46.69
CA ALA XA 44 -79.52 131.43 -46.36
C ALA XA 44 -80.33 132.71 -46.38
N VAL XA 45 -79.88 133.68 -45.58
CA VAL XA 45 -80.57 134.96 -45.44
C VAL XA 45 -79.58 136.08 -45.70
N GLN XA 46 -80.12 137.24 -46.05
CA GLN XA 46 -79.33 138.44 -46.32
C GLN XA 46 -79.72 139.54 -45.34
N VAL XA 47 -78.74 140.36 -44.99
CA VAL XA 47 -78.92 141.49 -44.09
C VAL XA 47 -79.07 142.76 -44.92
N VAL XA 48 -80.16 143.49 -44.70
CA VAL XA 48 -80.43 144.68 -45.47
C VAL XA 48 -80.11 145.97 -44.72
N GLN XA 49 -80.14 145.96 -43.39
CA GLN XA 49 -79.78 147.14 -42.61
C GLN XA 49 -79.28 146.71 -41.25
N ALA XA 50 -78.54 147.60 -40.59
CA ALA XA 50 -78.13 147.42 -39.21
C ALA XA 50 -78.48 148.70 -38.46
N GLN XA 51 -79.31 148.58 -37.43
CA GLN XA 51 -79.74 149.74 -36.67
C GLN XA 51 -78.56 150.34 -35.92
N ALA XA 52 -78.40 151.66 -36.04
CA ALA XA 52 -77.23 152.32 -35.46
C ALA XA 52 -77.35 152.44 -33.95
N VAL XA 53 -78.55 152.70 -33.45
CA VAL XA 53 -78.77 152.95 -32.04
C VAL XA 53 -79.41 151.76 -31.34
N ASP XA 54 -80.40 151.13 -31.96
CA ASP XA 54 -81.09 150.00 -31.31
C ASP XA 54 -80.21 148.76 -31.29
N GLY XA 55 -79.59 148.43 -32.41
CA GLY XA 55 -78.69 147.29 -32.48
C GLY XA 55 -79.27 146.01 -33.05
N HIS XA 56 -80.51 146.03 -33.53
CA HIS XA 56 -81.11 144.87 -34.18
C HIS XA 56 -80.75 144.87 -35.67
N LYS XA 57 -80.69 143.67 -36.24
CA LYS XA 57 -80.28 143.50 -37.62
C LYS XA 57 -81.45 142.96 -38.43
N LEU XA 58 -81.73 143.61 -39.56
CA LEU XA 58 -82.87 143.27 -40.41
C LEU XA 58 -82.42 142.29 -41.47
N VAL XA 59 -83.03 141.10 -41.48
CA VAL XA 59 -82.68 140.05 -42.42
C VAL XA 59 -83.92 139.63 -43.19
N LYS XA 60 -83.69 139.07 -44.37
CA LYS XA 60 -84.76 138.53 -45.20
C LYS XA 60 -84.21 137.43 -46.08
N ALA XA 61 -85.09 136.84 -46.89
CA ALA XA 61 -84.69 135.75 -47.76
C ALA XA 61 -83.70 136.25 -48.81
N LEU XA 62 -82.76 135.38 -49.16
CA LEU XA 62 -81.73 135.74 -50.13
C LEU XA 62 -82.33 135.97 -51.51
N THR XA 63 -81.79 136.95 -52.22
CA THR XA 63 -82.20 137.24 -53.59
C THR XA 63 -80.99 137.36 -54.49
N THR XA 64 -81.20 137.76 -55.74
CA THR XA 64 -80.10 137.87 -56.68
C THR XA 64 -79.24 139.09 -56.39
N GLY XA 65 -77.94 138.95 -56.64
CA GLY XA 65 -77.01 140.06 -56.47
C GLY XA 65 -76.84 140.51 -55.03
N THR XA 66 -76.76 139.57 -54.09
CA THR XA 66 -76.54 139.88 -52.68
C THR XA 66 -75.70 138.78 -52.06
N THR XA 67 -74.94 139.13 -51.03
CA THR XA 67 -74.04 138.22 -50.35
C THR XA 67 -74.75 137.61 -49.13
N PRO XA 68 -74.77 136.28 -49.01
CA PRO XA 68 -75.40 135.68 -47.83
C PRO XA 68 -74.64 135.99 -46.56
N TYR XA 69 -75.38 135.97 -45.45
CA TYR XA 69 -74.81 136.25 -44.13
C TYR XA 69 -74.85 135.08 -43.18
N GLY XA 70 -75.91 134.28 -43.20
CA GLY XA 70 -76.01 133.15 -42.28
C GLY XA 70 -77.16 132.26 -42.70
N VAL XA 71 -77.37 131.22 -41.89
CA VAL XA 71 -78.37 130.19 -42.17
C VAL XA 71 -79.30 130.08 -40.98
N ALA XA 72 -80.60 130.18 -41.21
CA ALA XA 72 -81.57 130.01 -40.15
C ALA XA 72 -81.56 128.57 -39.65
N ILE XA 73 -81.72 128.40 -38.34
CA ILE XA 73 -81.64 127.09 -37.71
C ILE XA 73 -83.01 126.70 -37.18
N ARG XA 74 -83.06 125.51 -36.59
CA ARG XA 74 -84.31 124.84 -36.26
C ARG XA 74 -84.53 124.85 -34.75
N SER XA 75 -85.71 125.32 -34.32
CA SER XA 75 -86.08 125.38 -32.91
C SER XA 75 -87.55 125.04 -32.78
N HIS XA 76 -87.91 124.39 -31.67
CA HIS XA 76 -89.29 123.96 -31.45
C HIS XA 76 -90.16 125.04 -30.83
N TRP XA 77 -89.62 126.21 -30.54
CA TRP XA 77 -90.35 127.26 -29.84
C TRP XA 77 -90.57 128.51 -30.68
N GLN XA 78 -89.53 129.00 -31.35
CA GLN XA 78 -89.60 130.26 -32.07
C GLN XA 78 -90.23 130.14 -33.45
N THR XA 79 -90.39 128.93 -33.98
CA THR XA 79 -90.89 128.74 -35.33
C THR XA 79 -92.40 128.49 -35.32
N VAL XA 80 -92.98 128.51 -36.51
CA VAL XA 80 -94.40 128.20 -36.68
C VAL XA 80 -94.54 127.15 -37.77
N ASN XA 81 -95.67 126.45 -37.75
CA ASN XA 81 -95.93 125.35 -38.68
C ASN XA 81 -96.85 125.87 -39.78
N ALA XA 82 -96.33 125.94 -40.99
CA ALA XA 82 -97.10 126.34 -42.16
C ALA XA 82 -96.74 125.41 -43.32
N GLN XA 83 -97.71 125.16 -44.18
CA GLN XA 83 -97.62 124.16 -45.26
C GLN XA 83 -96.88 122.89 -44.80
N ASN XA 84 -97.19 122.45 -43.58
CA ASN XA 84 -96.65 121.23 -42.99
C ASN XA 84 -95.12 121.25 -42.90
N GLN XA 85 -94.57 122.39 -42.52
CA GLN XA 85 -93.13 122.52 -42.26
C GLN XA 85 -92.91 123.78 -41.44
N MET XA 86 -91.77 123.84 -40.77
CA MET XA 86 -91.51 124.97 -39.88
C MET XA 86 -90.89 126.13 -40.65
N ILE XA 87 -91.39 127.34 -40.37
CA ILE XA 87 -90.88 128.57 -40.94
C ILE XA 87 -90.76 129.60 -39.82
N TYR XA 88 -90.01 130.67 -40.11
CA TYR XA 88 -90.00 131.86 -39.28
C TYR XA 88 -90.91 132.88 -39.94
N GLU XA 89 -91.89 133.37 -39.18
CA GLU XA 89 -92.87 134.28 -39.73
C GLU XA 89 -92.33 135.71 -39.75
N ASP XA 90 -93.07 136.59 -40.42
CA ASP XA 90 -92.67 137.98 -40.53
C ASP XA 90 -92.75 138.68 -39.18
N GLY XA 91 -91.84 139.63 -38.95
CA GLY XA 91 -91.86 140.42 -37.73
C GLY XA 91 -91.60 139.65 -36.47
N GLY XA 92 -90.74 138.64 -36.51
CA GLY XA 92 -90.43 137.86 -35.33
C GLY XA 92 -88.94 137.56 -35.25
N ALA XA 93 -88.48 137.38 -34.02
CA ALA XA 93 -87.07 137.09 -33.78
C ALA XA 93 -86.68 135.77 -34.42
N ILE XA 94 -85.47 135.72 -34.97
CA ILE XA 94 -84.98 134.56 -35.70
C ILE XA 94 -83.59 134.21 -35.18
N ASN XA 95 -83.25 132.92 -35.25
CA ASN XA 95 -81.93 132.44 -34.90
C ASN XA 95 -81.14 132.22 -36.18
N VAL XA 96 -80.06 132.98 -36.35
CA VAL XA 96 -79.23 132.93 -37.55
C VAL XA 96 -77.85 132.46 -37.15
N MET XA 97 -77.39 131.36 -37.75
CA MET XA 97 -76.09 130.80 -37.45
C MET XA 97 -75.06 131.40 -38.38
N THR XA 98 -73.95 131.88 -37.80
CA THR XA 98 -72.94 132.60 -38.58
C THR XA 98 -71.63 131.85 -38.76
N SER XA 99 -71.36 130.84 -37.94
CA SER XA 99 -70.12 130.08 -38.07
C SER XA 99 -70.33 128.70 -37.48
N GLY XA 100 -69.79 127.67 -38.11
CA GLY XA 100 -69.91 126.32 -37.61
C GLY XA 100 -70.25 125.37 -38.74
N ARG XA 101 -71.05 124.36 -38.40
CA ARG XA 101 -71.46 123.33 -39.36
C ARG XA 101 -72.97 123.20 -39.28
N VAL XA 102 -73.65 123.20 -40.44
CA VAL XA 102 -75.10 123.15 -40.48
C VAL XA 102 -75.58 122.36 -41.68
N TRP XA 103 -76.76 121.76 -41.54
CA TRP XA 103 -77.43 121.08 -42.64
C TRP XA 103 -78.23 122.09 -43.45
N MET XA 104 -78.15 121.97 -44.77
CA MET XA 104 -78.76 122.92 -45.69
C MET XA 104 -79.54 122.15 -46.75
N LEU XA 105 -80.64 122.76 -47.22
CA LEU XA 105 -81.37 122.21 -48.34
C LEU XA 105 -80.54 122.28 -49.61
N SER XA 106 -80.76 121.34 -50.50
CA SER XA 106 -79.98 121.24 -51.73
C SER XA 106 -80.89 121.08 -52.93
N LYS XA 107 -80.41 121.58 -54.08
CA LYS XA 107 -81.10 121.40 -55.35
C LYS XA 107 -80.25 120.65 -56.36
N SER XA 108 -79.05 120.22 -55.99
CA SER XA 108 -78.19 119.48 -56.89
C SER XA 108 -78.47 117.97 -56.78
N THR XA 109 -77.89 117.22 -57.73
CA THR XA 109 -78.10 115.78 -57.79
C THR XA 109 -76.82 114.96 -57.67
N GLU XA 110 -75.66 115.59 -57.70
CA GLU XA 110 -74.39 114.89 -57.59
C GLU XA 110 -73.71 115.24 -56.27
N ALA XA 111 -73.01 114.28 -55.70
CA ALA XA 111 -72.36 114.49 -54.41
C ALA XA 111 -71.28 115.55 -54.53
N PRO XA 112 -71.11 116.39 -53.52
CA PRO XA 112 -70.10 117.45 -53.58
C PRO XA 112 -68.72 116.92 -53.20
N THR XA 113 -67.72 117.75 -53.48
CA THR XA 113 -66.33 117.42 -53.20
C THR XA 113 -65.89 118.13 -51.93
N PHE XA 114 -65.21 117.41 -51.04
CA PHE XA 114 -64.79 117.97 -49.76
C PHE XA 114 -63.82 119.12 -49.97
N GLY XA 115 -64.01 120.19 -49.19
CA GLY XA 115 -63.08 121.31 -49.18
C GLY XA 115 -63.28 122.35 -50.26
N SER XA 116 -64.30 122.19 -51.11
CA SER XA 116 -64.49 123.15 -52.18
C SER XA 116 -65.45 124.26 -51.76
N ALA XA 117 -65.57 125.27 -52.61
CA ALA XA 117 -66.43 126.41 -52.33
C ALA XA 117 -67.89 126.05 -52.58
N VAL XA 118 -68.78 126.84 -51.99
CA VAL XA 118 -70.22 126.62 -52.06
C VAL XA 118 -70.86 127.72 -52.89
N LYS XA 119 -71.75 127.33 -53.80
CA LYS XA 119 -72.50 128.27 -54.63
C LYS XA 119 -73.98 128.12 -54.32
N LEU XA 120 -74.67 129.24 -54.20
CA LEU XA 120 -76.09 129.25 -53.86
C LEU XA 120 -76.93 129.61 -55.08
N ASP XA 121 -78.22 129.33 -54.98
CA ASP XA 121 -79.18 129.70 -56.01
C ASP XA 121 -79.75 131.06 -55.62
N VAL XA 122 -80.79 131.53 -56.31
CA VAL XA 122 -81.37 132.83 -56.02
C VAL XA 122 -82.46 132.78 -54.96
N ASP XA 123 -82.65 131.64 -54.29
CA ASP XA 123 -83.66 131.50 -53.26
C ASP XA 123 -83.11 130.96 -51.95
N GLY XA 124 -81.79 130.79 -51.83
CA GLY XA 124 -81.18 130.38 -50.58
C GLY XA 124 -80.82 128.92 -50.48
N GLN XA 125 -81.12 128.11 -51.49
CA GLN XA 125 -80.77 126.69 -51.49
C GLN XA 125 -79.58 126.50 -52.42
N GLU XA 126 -78.54 125.86 -51.89
CA GLU XA 126 -77.28 125.79 -52.63
C GLU XA 126 -77.45 124.95 -53.90
N LYS XA 127 -76.66 125.26 -54.91
CA LYS XA 127 -76.72 124.56 -56.18
C LYS XA 127 -75.31 124.24 -56.63
N SER XA 128 -75.17 123.10 -57.32
CA SER XA 128 -73.86 122.72 -57.85
C SER XA 128 -73.36 123.75 -58.85
N ASP XA 129 -74.24 124.22 -59.73
CA ASP XA 129 -73.95 125.29 -60.68
C ASP XA 129 -74.82 126.49 -60.30
N GLY XA 130 -74.32 127.31 -59.37
CA GLY XA 130 -75.04 128.47 -58.91
C GLY XA 130 -74.49 129.76 -59.49
N THR XA 131 -75.24 130.83 -59.25
CA THR XA 131 -74.88 132.16 -59.73
C THR XA 131 -74.41 133.08 -58.63
N ILE XA 132 -74.35 132.62 -57.38
CA ILE XA 132 -73.92 133.42 -56.25
C ILE XA 132 -72.71 132.75 -55.63
N GLU XA 133 -71.64 133.52 -55.42
CA GLU XA 133 -70.41 133.01 -54.83
C GLU XA 133 -70.40 133.27 -53.33
N THR XA 134 -70.02 132.25 -52.57
CA THR XA 134 -69.93 132.34 -51.12
C THR XA 134 -68.55 131.88 -50.67
N THR XA 135 -68.22 132.21 -49.42
CA THR XA 135 -66.97 131.83 -48.80
C THR XA 135 -67.11 130.61 -47.89
N TRP XA 136 -68.27 129.97 -47.89
CA TRP XA 136 -68.47 128.76 -47.11
C TRP XA 136 -67.86 127.56 -47.81
N THR XA 137 -67.75 126.45 -47.10
CA THR XA 137 -67.19 125.23 -47.65
C THR XA 137 -68.13 124.06 -47.41
N TYR XA 138 -67.79 122.91 -47.99
CA TYR XA 138 -68.51 121.69 -47.72
C TYR XA 138 -67.83 120.93 -46.58
N ALA XA 139 -68.61 120.16 -45.81
CA ALA XA 139 -68.07 119.41 -44.70
C ALA XA 139 -68.17 117.91 -44.87
N GLY XA 140 -68.67 117.42 -46.00
CA GLY XA 140 -68.64 116.02 -46.33
C GLY XA 140 -69.98 115.31 -46.33
N GLY XA 141 -70.90 115.70 -45.45
CA GLY XA 141 -72.17 114.99 -45.34
C GLY XA 141 -73.03 115.18 -46.58
N TRP XA 142 -73.70 114.09 -46.98
CA TRP XA 142 -74.60 114.11 -48.14
C TRP XA 142 -75.60 112.99 -47.96
N THR XA 143 -76.82 113.33 -47.54
CA THR XA 143 -77.84 112.33 -47.28
C THR XA 143 -79.17 112.85 -47.83
N LYS XA 144 -80.24 112.10 -47.57
CA LYS XA 144 -81.56 112.45 -48.07
C LYS XA 144 -82.61 111.93 -47.10
N TYR XA 145 -83.40 112.84 -46.53
CA TYR XA 145 -84.46 112.47 -45.60
C TYR XA 145 -85.80 112.54 -46.31
N LYS XA 146 -86.37 111.38 -46.61
CA LYS XA 146 -87.71 111.26 -47.18
C LYS XA 146 -87.86 112.14 -48.42
N ASP XA 147 -86.98 111.91 -49.39
CA ASP XA 147 -86.99 112.62 -50.67
C ASP XA 147 -86.82 114.13 -50.44
N ILE XA 148 -85.85 114.48 -49.59
CA ILE XA 148 -85.42 115.87 -49.40
C ILE XA 148 -83.89 115.84 -49.39
N GLN XA 149 -83.28 116.64 -50.27
CA GLN XA 149 -81.82 116.62 -50.40
C GLN XA 149 -81.17 117.54 -49.37
N LEU XA 150 -80.32 116.98 -48.53
CA LEU XA 150 -79.61 117.73 -47.50
C LEU XA 150 -78.10 117.64 -47.72
N VAL XA 151 -77.40 118.74 -47.42
CA VAL XA 151 -75.95 118.79 -47.53
C VAL XA 151 -75.41 119.41 -46.24
N GLU XA 152 -74.13 119.17 -45.96
CA GLU XA 152 -73.50 119.68 -44.75
C GLU XA 152 -72.50 120.77 -45.11
N VAL XA 153 -72.73 121.97 -44.61
CA VAL XA 153 -71.99 123.16 -45.01
C VAL XA 153 -71.28 123.75 -43.80
N GLN XA 154 -70.03 124.15 -44.00
CA GLN XA 154 -69.21 124.81 -42.99
C GLN XA 154 -69.20 126.31 -43.26
N LEU XA 155 -69.57 127.09 -42.25
CA LEU XA 155 -69.71 128.53 -42.36
C LEU XA 155 -68.62 129.22 -41.55
N HIS XA 156 -67.98 130.21 -42.16
CA HIS XA 156 -67.00 131.06 -41.50
C HIS XA 156 -67.62 132.41 -41.20
N GLN XA 157 -67.22 133.00 -40.08
CA GLN XA 157 -67.75 134.31 -39.70
C GLN XA 157 -67.38 135.36 -40.73
N LEU XA 158 -68.36 136.16 -41.12
CA LEU XA 158 -68.13 137.22 -42.11
C LEU XA 158 -67.26 138.31 -41.53
N GLN YA 3 -15.06 122.78 4.49
CA GLN YA 3 -15.84 122.81 3.26
C GLN YA 3 -17.03 123.74 3.40
N ILE YA 4 -17.49 124.27 2.27
CA ILE YA 4 -18.65 125.15 2.22
C ILE YA 4 -19.67 124.55 1.26
N ASN YA 5 -20.95 124.63 1.63
CA ASN YA 5 -22.00 123.97 0.88
C ASN YA 5 -22.30 124.71 -0.41
N ALA YA 6 -23.00 124.02 -1.31
CA ALA YA 6 -23.39 124.58 -2.60
C ALA YA 6 -24.80 124.17 -2.94
N SER YA 7 -25.51 125.05 -3.64
CA SER YA 7 -26.83 124.77 -4.16
C SER YA 7 -26.88 125.15 -5.63
N TYR YA 8 -27.66 124.39 -6.41
CA TYR YA 8 -27.66 124.52 -7.86
C TYR YA 8 -29.05 124.91 -8.34
N GLN YA 9 -29.16 125.13 -9.65
CA GLN YA 9 -30.40 125.56 -10.25
C GLN YA 9 -30.53 124.96 -11.65
N ARG YA 10 -31.75 124.65 -12.05
CA ARG YA 10 -32.01 124.07 -13.36
C ARG YA 10 -33.35 124.58 -13.88
N ASP YA 11 -33.49 124.60 -15.20
CA ASP YA 11 -34.71 125.06 -15.85
C ASP YA 11 -35.30 123.95 -16.70
N MET YA 12 -36.62 123.78 -16.59
CA MET YA 12 -37.31 122.79 -17.40
C MET YA 12 -37.41 123.25 -18.86
N ALA YA 13 -37.70 122.30 -19.74
CA ALA YA 13 -37.88 122.63 -21.15
C ALA YA 13 -39.17 123.42 -21.34
N ILE YA 14 -39.27 124.06 -22.51
CA ILE YA 14 -40.40 124.95 -22.77
C ILE YA 14 -41.57 124.19 -23.38
N ALA YA 15 -41.30 123.33 -24.36
CA ALA YA 15 -42.37 122.72 -25.14
C ALA YA 15 -42.01 121.29 -25.51
N LEU YA 16 -42.95 120.64 -26.19
CA LEU YA 16 -42.82 119.28 -26.68
C LEU YA 16 -43.44 119.20 -28.07
N PRO YA 17 -43.00 118.25 -28.89
CA PRO YA 17 -43.62 118.08 -30.21
C PRO YA 17 -45.10 117.73 -30.07
N GLY YA 18 -45.92 118.34 -30.91
CA GLY YA 18 -47.35 118.03 -30.93
C GLY YA 18 -48.07 118.31 -29.63
N MET YA 19 -47.71 119.40 -28.95
CA MET YA 19 -48.34 119.79 -27.70
C MET YA 19 -49.10 121.09 -27.89
N VAL YA 20 -50.26 121.19 -27.26
CA VAL YA 20 -51.06 122.41 -27.35
C VAL YA 20 -50.30 123.55 -26.71
N ALA YA 21 -50.11 124.63 -27.47
CA ALA YA 21 -49.24 125.71 -27.01
C ALA YA 21 -49.81 126.42 -25.79
N ASP YA 22 -51.07 126.83 -25.84
CA ASP YA 22 -51.69 127.53 -24.73
C ASP YA 22 -53.20 127.36 -24.81
N THR YA 23 -53.91 128.12 -23.96
CA THR YA 23 -55.35 127.96 -23.77
C THR YA 23 -56.16 128.98 -24.55
N SER YA 24 -55.71 129.36 -25.74
CA SER YA 24 -56.49 130.24 -26.59
C SER YA 24 -57.72 129.50 -27.12
N LYS YA 25 -58.48 130.16 -27.98
CA LYS YA 25 -59.66 129.54 -28.57
C LYS YA 25 -59.22 128.48 -29.56
N TYR YA 26 -59.47 127.20 -29.24
CA TYR YA 26 -59.03 126.10 -30.08
C TYR YA 26 -60.21 125.27 -30.56
N ASN YA 27 -59.89 124.24 -31.35
CA ASN YA 27 -60.87 123.31 -31.88
C ASN YA 27 -60.13 122.05 -32.30
N ILE YA 28 -60.52 120.91 -31.73
CA ILE YA 28 -59.86 119.63 -31.98
C ILE YA 28 -60.90 118.64 -32.47
N ASP YA 29 -60.69 118.10 -33.66
CA ASP YA 29 -61.60 117.16 -34.30
C ASP YA 29 -61.14 115.75 -33.95
N GLY YA 30 -62.06 114.94 -33.45
CA GLY YA 30 -61.78 113.58 -33.05
C GLY YA 30 -62.57 112.49 -33.75
N ALA YA 31 -63.32 112.83 -34.81
CA ALA YA 31 -64.07 111.84 -35.57
C ALA YA 31 -63.34 111.43 -36.84
N CYS YA 32 -62.01 111.41 -36.80
CA CYS YA 32 -61.19 111.00 -37.92
C CYS YA 32 -60.55 109.65 -37.66
N VAL YA 33 -60.10 109.01 -38.73
CA VAL YA 33 -59.42 107.72 -38.65
C VAL YA 33 -58.21 107.75 -39.57
N VAL YA 34 -57.11 107.17 -39.08
CA VAL YA 34 -55.89 107.08 -39.87
C VAL YA 34 -56.05 106.01 -40.94
N ASN YA 35 -55.70 106.35 -42.17
CA ASN YA 35 -55.86 105.47 -43.32
C ASN YA 35 -54.51 105.30 -44.02
N GLU YA 36 -54.13 104.04 -44.27
CA GLU YA 36 -52.97 103.70 -45.07
C GLU YA 36 -51.71 104.33 -44.48
N GLY YA 37 -51.31 103.89 -43.30
CA GLY YA 37 -50.04 104.27 -42.74
C GLY YA 37 -50.21 104.78 -41.32
N ASP YA 38 -49.19 105.48 -40.85
CA ASP YA 38 -49.16 106.03 -39.50
C ASP YA 38 -48.75 107.51 -39.57
N VAL YA 39 -49.12 108.24 -38.52
CA VAL YA 39 -48.91 109.68 -38.46
C VAL YA 39 -48.03 109.99 -37.25
N LEU YA 40 -46.95 110.74 -37.48
CA LEU YA 40 -46.09 111.20 -36.40
C LEU YA 40 -46.77 112.36 -35.66
N VAL YA 41 -46.75 112.30 -34.33
CA VAL YA 41 -47.34 113.36 -33.52
C VAL YA 41 -46.51 114.63 -33.72
N GLY YA 42 -47.20 115.72 -34.07
CA GLY YA 42 -46.55 116.99 -34.34
C GLY YA 42 -46.35 117.32 -35.80
N ALA YA 43 -46.93 116.55 -36.72
CA ALA YA 43 -46.78 116.79 -38.15
C ALA YA 43 -48.14 116.92 -38.79
N ALA YA 44 -48.16 117.58 -39.96
CA ALA YA 44 -49.40 117.87 -40.64
C ALA YA 44 -50.00 116.61 -41.26
N VAL YA 45 -51.32 116.65 -41.47
CA VAL YA 45 -52.08 115.54 -42.04
C VAL YA 45 -52.88 116.06 -43.22
N GLN YA 46 -53.48 115.12 -43.95
CA GLN YA 46 -54.35 115.44 -45.07
C GLN YA 46 -55.55 114.51 -45.05
N VAL YA 47 -56.65 114.98 -45.64
CA VAL YA 47 -57.88 114.20 -45.76
C VAL YA 47 -57.97 113.66 -47.18
N VAL YA 48 -58.22 112.36 -47.30
CA VAL YA 48 -58.30 111.73 -48.61
C VAL YA 48 -59.75 111.53 -49.02
N GLN YA 49 -60.62 111.32 -48.04
CA GLN YA 49 -62.01 111.04 -48.34
C GLN YA 49 -62.84 111.22 -47.08
N ALA YA 50 -64.01 111.85 -47.22
CA ALA YA 50 -64.95 112.03 -46.11
C ALA YA 50 -66.20 111.22 -46.43
N GLN YA 51 -66.55 110.31 -45.52
CA GLN YA 51 -67.73 109.47 -45.74
C GLN YA 51 -69.00 110.31 -45.63
N ALA YA 52 -69.87 110.16 -46.62
CA ALA YA 52 -71.06 111.01 -46.68
C ALA YA 52 -72.09 110.62 -45.64
N VAL YA 53 -72.28 109.32 -45.40
CA VAL YA 53 -73.37 108.86 -44.55
C VAL YA 53 -72.83 108.44 -43.19
N ASP YA 54 -71.57 108.02 -43.14
CA ASP YA 54 -71.01 107.54 -41.88
C ASP YA 54 -70.45 108.69 -41.04
N GLY YA 55 -69.85 109.69 -41.69
CA GLY YA 55 -69.38 110.87 -41.01
C GLY YA 55 -67.91 110.91 -40.68
N HIS YA 56 -67.22 109.77 -40.72
CA HIS YA 56 -65.80 109.74 -40.41
C HIS YA 56 -64.98 110.34 -41.55
N LYS YA 57 -63.78 110.81 -41.20
CA LYS YA 57 -62.86 111.39 -42.16
C LYS YA 57 -61.58 110.59 -42.19
N LEU YA 58 -61.16 110.19 -43.39
CA LEU YA 58 -59.97 109.37 -43.57
C LEU YA 58 -58.77 110.29 -43.78
N VAL YA 59 -57.76 110.17 -42.90
CA VAL YA 59 -56.60 111.05 -42.95
C VAL YA 59 -55.34 110.23 -43.09
N LYS YA 60 -54.30 110.88 -43.61
CA LYS YA 60 -52.98 110.25 -43.68
C LYS YA 60 -51.91 111.33 -43.77
N ALA YA 61 -50.66 110.89 -43.80
CA ALA YA 61 -49.53 111.81 -43.81
C ALA YA 61 -49.54 112.68 -45.05
N LEU YA 62 -49.08 113.92 -44.89
CA LEU YA 62 -49.07 114.86 -46.01
C LEU YA 62 -48.08 114.43 -47.07
N THR YA 63 -48.48 114.60 -48.34
CA THR YA 63 -47.63 114.24 -49.46
C THR YA 63 -47.60 115.45 -50.41
N THR YA 64 -46.72 115.45 -51.40
CA THR YA 64 -46.53 116.60 -52.27
C THR YA 64 -47.78 116.88 -53.11
N GLY YA 65 -48.00 118.16 -53.39
CA GLY YA 65 -49.11 118.59 -54.23
C GLY YA 65 -50.49 118.35 -53.63
N THR YA 66 -50.65 118.61 -52.33
CA THR YA 66 -51.93 118.47 -51.65
C THR YA 66 -52.13 119.63 -50.70
N THR YA 67 -53.29 119.64 -50.03
CA THR YA 67 -53.65 120.71 -49.11
C THR YA 67 -53.72 120.17 -47.69
N PRO YA 68 -52.90 120.66 -46.76
CA PRO YA 68 -52.98 120.17 -45.38
C PRO YA 68 -54.27 120.60 -44.70
N TYR YA 69 -54.66 119.83 -43.70
CA TYR YA 69 -55.91 120.05 -42.97
C TYR YA 69 -55.72 120.34 -41.49
N GLY YA 70 -54.70 119.79 -40.86
CA GLY YA 70 -54.49 120.05 -39.45
C GLY YA 70 -53.18 119.47 -38.96
N VAL YA 71 -53.02 119.44 -37.65
CA VAL YA 71 -51.83 118.92 -37.00
C VAL YA 71 -52.27 118.01 -35.87
N ALA YA 72 -51.66 116.82 -35.79
CA ALA YA 72 -51.95 115.90 -34.69
C ALA YA 72 -51.34 116.42 -33.39
N ILE YA 73 -52.02 116.14 -32.28
CA ILE YA 73 -51.59 116.62 -30.98
C ILE YA 73 -51.29 115.44 -30.07
N ARG YA 74 -50.71 115.76 -28.91
CA ARG YA 74 -50.29 114.73 -27.97
C ARG YA 74 -51.48 114.17 -27.20
N SER YA 75 -51.38 112.89 -26.86
CA SER YA 75 -52.36 112.22 -26.00
C SER YA 75 -51.71 110.97 -25.43
N HIS YA 76 -51.81 110.81 -24.10
CA HIS YA 76 -51.17 109.66 -23.47
C HIS YA 76 -52.00 108.40 -23.54
N TRP YA 77 -53.23 108.49 -24.07
CA TRP YA 77 -54.12 107.34 -24.14
C TRP YA 77 -54.31 106.82 -25.57
N GLN YA 78 -54.53 107.70 -26.53
CA GLN YA 78 -54.92 107.31 -27.88
C GLN YA 78 -53.72 107.29 -28.83
N THR YA 79 -52.53 106.97 -28.31
CA THR YA 79 -51.32 106.94 -29.10
C THR YA 79 -50.52 105.68 -28.78
N VAL YA 80 -49.55 105.37 -29.64
CA VAL YA 80 -48.76 104.16 -29.54
C VAL YA 80 -47.29 104.52 -29.65
N ASN YA 81 -46.46 103.90 -28.81
CA ASN YA 81 -45.02 104.12 -28.80
C ASN YA 81 -44.39 103.32 -29.95
N ALA YA 82 -43.67 104.01 -30.83
CA ALA YA 82 -43.02 103.37 -31.96
C ALA YA 82 -41.82 104.20 -32.41
N GLN YA 83 -40.76 103.50 -32.81
CA GLN YA 83 -39.46 104.08 -33.19
C GLN YA 83 -39.06 105.22 -32.25
N ASN YA 84 -39.11 104.93 -30.95
CA ASN YA 84 -38.68 105.82 -29.89
C ASN YA 84 -39.44 107.16 -29.88
N GLN YA 85 -40.55 107.24 -30.60
CA GLN YA 85 -41.43 108.38 -30.63
C GLN YA 85 -42.84 107.92 -30.28
N MET YA 86 -43.78 108.85 -30.30
CA MET YA 86 -45.18 108.54 -30.04
C MET YA 86 -45.99 108.90 -31.29
N ILE YA 87 -46.72 107.92 -31.83
CA ILE YA 87 -47.38 108.06 -33.12
C ILE YA 87 -48.84 107.63 -32.99
N TYR YA 88 -49.59 107.84 -34.06
CA TYR YA 88 -50.92 107.27 -34.23
C TYR YA 88 -50.82 106.13 -35.23
N GLU YA 89 -51.19 104.92 -34.79
CA GLU YA 89 -51.05 103.74 -35.63
C GLU YA 89 -52.16 103.69 -36.67
N ASP YA 90 -52.08 102.69 -37.55
CA ASP YA 90 -53.03 102.57 -38.64
C ASP YA 90 -54.39 102.08 -38.11
N GLY YA 91 -55.45 102.55 -38.75
CA GLY YA 91 -56.80 102.10 -38.43
C GLY YA 91 -57.28 102.43 -37.03
N GLY YA 92 -57.08 103.68 -36.59
CA GLY YA 92 -57.51 104.07 -35.26
C GLY YA 92 -57.89 105.54 -35.22
N ALA YA 93 -58.61 105.90 -34.16
CA ALA YA 93 -59.04 107.27 -33.97
C ALA YA 93 -57.85 108.18 -33.72
N ILE YA 94 -57.97 109.44 -34.11
CA ILE YA 94 -56.89 110.42 -34.03
C ILE YA 94 -57.47 111.78 -33.66
N ASN YA 95 -56.72 112.55 -32.88
CA ASN YA 95 -57.05 113.94 -32.59
C ASN YA 95 -56.31 114.82 -33.59
N VAL YA 96 -57.05 115.72 -34.24
CA VAL YA 96 -56.46 116.66 -35.20
C VAL YA 96 -56.90 118.07 -34.82
N MET YA 97 -55.92 118.92 -34.51
CA MET YA 97 -56.19 120.31 -34.15
C MET YA 97 -56.43 121.10 -35.43
N THR YA 98 -57.60 121.74 -35.52
CA THR YA 98 -57.97 122.46 -36.72
C THR YA 98 -57.87 123.98 -36.58
N SER YA 99 -57.74 124.51 -35.38
CA SER YA 99 -57.55 125.93 -35.17
C SER YA 99 -56.99 126.16 -33.78
N GLY YA 100 -55.98 127.01 -33.67
CA GLY YA 100 -55.36 127.32 -32.40
C GLY YA 100 -53.86 127.30 -32.50
N ARG YA 101 -53.19 127.43 -31.37
CA ARG YA 101 -51.74 127.50 -31.32
C ARG YA 101 -51.17 126.15 -30.92
N VAL YA 102 -50.18 125.67 -31.68
CA VAL YA 102 -49.63 124.34 -31.44
C VAL YA 102 -48.13 124.34 -31.75
N TRP YA 103 -47.40 123.49 -31.02
CA TRP YA 103 -45.98 123.29 -31.23
C TRP YA 103 -45.77 122.12 -32.19
N MET YA 104 -45.00 122.33 -33.25
CA MET YA 104 -44.77 121.27 -34.23
C MET YA 104 -43.29 121.16 -34.55
N LEU YA 105 -42.93 120.02 -35.14
CA LEU YA 105 -41.56 119.76 -35.55
C LEU YA 105 -41.13 120.73 -36.65
N SER YA 106 -39.83 121.03 -36.69
CA SER YA 106 -39.31 121.96 -37.66
C SER YA 106 -38.01 121.43 -38.23
N LYS YA 107 -37.73 121.80 -39.49
CA LYS YA 107 -36.47 121.49 -40.13
C LYS YA 107 -35.68 122.75 -40.49
N SER YA 108 -36.22 123.92 -40.20
CA SER YA 108 -35.52 125.17 -40.49
C SER YA 108 -34.36 125.37 -39.52
N THR YA 109 -33.54 126.37 -39.82
CA THR YA 109 -32.34 126.65 -39.03
C THR YA 109 -32.30 128.04 -38.42
N GLU YA 110 -33.21 128.94 -38.80
CA GLU YA 110 -33.23 130.30 -38.28
C GLU YA 110 -34.61 130.63 -37.74
N ALA YA 111 -34.65 131.58 -36.81
CA ALA YA 111 -35.91 131.97 -36.21
C ALA YA 111 -36.83 132.61 -37.24
N PRO YA 112 -38.13 132.36 -37.18
CA PRO YA 112 -39.06 132.93 -38.16
C PRO YA 112 -39.51 134.33 -37.75
N THR YA 113 -40.30 134.94 -38.63
CA THR YA 113 -40.81 136.28 -38.41
C THR YA 113 -42.28 136.23 -38.01
N PHE YA 114 -42.62 136.95 -36.96
CA PHE YA 114 -44.00 136.96 -36.46
C PHE YA 114 -44.95 137.49 -37.53
N GLY YA 115 -46.07 136.81 -37.70
CA GLY YA 115 -47.11 137.24 -38.62
C GLY YA 115 -46.92 136.82 -40.06
N SER YA 116 -45.85 136.09 -40.38
CA SER YA 116 -45.60 135.68 -41.75
C SER YA 116 -46.34 134.39 -42.06
N ALA YA 117 -46.28 133.99 -43.33
CA ALA YA 117 -46.94 132.77 -43.78
C ALA YA 117 -46.06 131.55 -43.51
N VAL YA 118 -46.70 130.40 -43.36
CA VAL YA 118 -46.01 129.16 -43.04
C VAL YA 118 -45.87 128.31 -44.29
N LYS YA 119 -44.66 127.80 -44.53
CA LYS YA 119 -44.39 126.91 -45.65
C LYS YA 119 -44.01 125.54 -45.10
N LEU YA 120 -44.71 124.51 -45.56
CA LEU YA 120 -44.48 123.15 -45.09
C LEU YA 120 -43.69 122.35 -46.13
N ASP YA 121 -42.92 121.39 -45.63
CA ASP YA 121 -42.15 120.52 -46.50
C ASP YA 121 -43.03 119.35 -46.98
N VAL YA 122 -42.45 118.54 -47.87
CA VAL YA 122 -43.22 117.46 -48.50
C VAL YA 122 -43.63 116.40 -47.49
N ASP YA 123 -42.85 116.23 -46.43
CA ASP YA 123 -43.14 115.19 -45.44
C ASP YA 123 -44.02 115.69 -44.29
N GLY YA 124 -44.47 116.93 -44.33
CA GLY YA 124 -45.39 117.44 -43.34
C GLY YA 124 -44.76 118.13 -42.14
N GLN YA 125 -43.51 118.58 -42.24
CA GLN YA 125 -42.84 119.29 -41.16
C GLN YA 125 -42.47 120.68 -41.61
N GLU YA 126 -42.66 121.66 -40.73
CA GLU YA 126 -42.43 123.05 -41.08
C GLU YA 126 -40.98 123.29 -41.48
N LYS YA 127 -40.79 124.00 -42.60
CA LYS YA 127 -39.46 124.31 -43.09
C LYS YA 127 -39.57 125.52 -44.01
N SER YA 128 -38.72 126.52 -43.78
CA SER YA 128 -38.70 127.68 -44.66
C SER YA 128 -38.30 127.26 -46.07
N ASP YA 129 -38.48 128.20 -47.01
CA ASP YA 129 -38.24 128.01 -48.44
C ASP YA 129 -38.84 126.71 -48.97
N GLY YA 130 -39.92 126.25 -48.35
CA GLY YA 130 -40.57 125.02 -48.75
C GLY YA 130 -41.48 125.22 -49.95
N THR YA 131 -41.96 124.09 -50.47
CA THR YA 131 -42.74 124.10 -51.70
C THR YA 131 -44.25 124.19 -51.46
N ILE YA 132 -44.75 123.63 -50.37
CA ILE YA 132 -46.19 123.63 -50.11
C ILE YA 132 -46.56 124.90 -49.36
N GLU YA 133 -47.57 125.60 -49.85
CA GLU YA 133 -48.03 126.86 -49.28
C GLU YA 133 -49.27 126.63 -48.43
N THR YA 134 -49.32 127.29 -47.28
CA THR YA 134 -50.41 127.15 -46.32
C THR YA 134 -51.01 128.52 -46.01
N THR YA 135 -52.03 128.51 -45.15
CA THR YA 135 -52.68 129.73 -44.69
C THR YA 135 -52.54 129.93 -43.18
N TRP YA 136 -51.60 129.23 -42.56
CA TRP YA 136 -51.35 129.37 -41.13
C TRP YA 136 -50.34 130.48 -40.88
N THR YA 137 -50.06 130.75 -39.60
CA THR YA 137 -49.19 131.84 -39.22
C THR YA 137 -48.20 131.37 -38.17
N TYR YA 138 -47.08 132.08 -38.05
CA TYR YA 138 -46.18 131.86 -36.92
C TYR YA 138 -46.66 132.68 -35.72
N ALA YA 139 -46.61 132.07 -34.54
CA ALA YA 139 -47.11 132.72 -33.33
C ALA YA 139 -45.98 133.22 -32.42
N GLY YA 140 -44.75 133.27 -32.92
CA GLY YA 140 -43.65 133.76 -32.12
C GLY YA 140 -43.19 132.79 -31.05
N GLY YA 141 -42.70 131.64 -31.47
CA GLY YA 141 -42.16 130.65 -30.55
C GLY YA 141 -41.10 129.81 -31.22
N TRP YA 142 -39.92 129.73 -30.62
CA TRP YA 142 -38.77 129.13 -31.28
C TRP YA 142 -37.82 128.59 -30.21
N THR YA 143 -37.84 127.29 -29.97
CA THR YA 143 -36.97 126.68 -28.98
C THR YA 143 -36.71 125.24 -29.39
N LYS YA 144 -35.65 124.68 -28.80
CA LYS YA 144 -35.20 123.33 -29.10
C LYS YA 144 -35.22 122.48 -27.84
N TYR YA 145 -35.77 121.28 -27.94
CA TYR YA 145 -35.76 120.32 -26.84
C TYR YA 145 -34.79 119.20 -27.18
N LYS YA 146 -33.56 119.33 -26.71
CA LYS YA 146 -32.54 118.30 -26.84
C LYS YA 146 -32.40 117.78 -28.26
N ASP YA 147 -31.99 118.64 -29.18
CA ASP YA 147 -31.69 118.36 -30.59
C ASP YA 147 -32.95 118.20 -31.43
N ILE YA 148 -34.13 118.54 -30.92
CA ILE YA 148 -35.37 118.52 -31.68
C ILE YA 148 -35.88 119.95 -31.79
N GLN YA 149 -36.01 120.43 -33.02
CA GLN YA 149 -36.42 121.81 -33.26
C GLN YA 149 -37.94 121.91 -33.32
N LEU YA 150 -38.48 122.83 -32.52
CA LEU YA 150 -39.93 123.02 -32.43
C LEU YA 150 -40.27 124.46 -32.79
N VAL YA 151 -41.43 124.64 -33.42
CA VAL YA 151 -41.90 125.97 -33.80
C VAL YA 151 -43.38 126.08 -33.45
N GLU YA 152 -43.82 127.30 -33.16
CA GLU YA 152 -45.17 127.56 -32.68
C GLU YA 152 -46.02 128.17 -33.79
N VAL YA 153 -47.09 127.47 -34.17
CA VAL YA 153 -47.88 127.84 -35.32
C VAL YA 153 -49.34 128.05 -34.91
N GLN YA 154 -49.93 129.13 -35.41
CA GLN YA 154 -51.35 129.44 -35.26
C GLN YA 154 -52.08 128.95 -36.50
N LEU YA 155 -53.15 128.18 -36.27
CA LEU YA 155 -53.91 127.52 -37.32
C LEU YA 155 -55.31 128.11 -37.39
N HIS YA 156 -55.69 128.59 -38.57
CA HIS YA 156 -57.05 129.01 -38.85
C HIS YA 156 -57.77 127.89 -39.57
N GLN YA 157 -59.02 127.64 -39.17
CA GLN YA 157 -59.75 126.50 -39.68
C GLN YA 157 -60.01 126.66 -41.18
N LEU YA 158 -59.89 125.54 -41.90
CA LEU YA 158 -60.03 125.52 -43.35
C LEU YA 158 -61.39 126.02 -43.80
N GLN ZA 3 -102.20 173.46 -10.41
CA GLN ZA 3 -100.86 173.04 -10.80
C GLN ZA 3 -100.89 171.65 -11.42
N ILE ZA 4 -100.02 171.40 -12.38
CA ILE ZA 4 -99.99 170.16 -13.14
C ILE ZA 4 -98.72 169.40 -12.81
N ASN ZA 5 -98.87 168.15 -12.39
CA ASN ZA 5 -97.72 167.32 -12.07
C ASN ZA 5 -96.89 167.04 -13.31
N ALA ZA 6 -95.58 166.87 -13.11
CA ALA ZA 6 -94.65 166.65 -14.20
C ALA ZA 6 -93.80 165.42 -13.90
N SER ZA 7 -93.50 164.67 -14.95
CA SER ZA 7 -92.63 163.51 -14.87
C SER ZA 7 -91.60 163.58 -15.99
N TYR ZA 8 -90.34 163.36 -15.65
CA TYR ZA 8 -89.24 163.47 -16.59
C TYR ZA 8 -88.66 162.09 -16.86
N GLN ZA 9 -87.87 161.99 -17.94
CA GLN ZA 9 -87.27 160.72 -18.32
C GLN ZA 9 -85.94 160.98 -19.01
N ARG ZA 10 -84.93 160.20 -18.66
CA ARG ZA 10 -83.62 160.26 -19.29
C ARG ZA 10 -83.21 158.87 -19.74
N ASP ZA 11 -82.47 158.81 -20.84
CA ASP ZA 11 -81.94 157.56 -21.37
C ASP ZA 11 -80.43 157.51 -21.19
N MET ZA 12 -79.94 156.38 -20.68
CA MET ZA 12 -78.51 156.21 -20.51
C MET ZA 12 -77.82 156.06 -21.86
N ALA ZA 13 -76.52 156.31 -21.86
CA ALA ZA 13 -75.72 156.12 -23.06
C ALA ZA 13 -75.65 154.62 -23.41
N ILE ZA 14 -75.00 154.33 -24.52
CA ILE ZA 14 -74.91 152.95 -24.99
C ILE ZA 14 -73.51 152.38 -24.81
N ALA ZA 15 -72.48 153.17 -25.13
CA ALA ZA 15 -71.13 152.64 -25.21
C ALA ZA 15 -70.13 153.57 -24.53
N LEU ZA 16 -69.01 153.00 -24.15
CA LEU ZA 16 -67.84 153.70 -23.65
C LEU ZA 16 -66.63 153.21 -24.43
N PRO ZA 17 -65.60 154.04 -24.59
CA PRO ZA 17 -64.46 153.65 -25.43
C PRO ZA 17 -63.77 152.39 -24.89
N GLY ZA 18 -63.44 151.49 -25.82
CA GLY ZA 18 -62.76 150.27 -25.45
C GLY ZA 18 -63.62 149.22 -24.79
N MET ZA 19 -64.93 149.40 -24.74
CA MET ZA 19 -65.80 148.43 -24.11
C MET ZA 19 -66.10 147.27 -25.05
N VAL ZA 20 -66.21 146.07 -24.47
CA VAL ZA 20 -66.64 144.90 -25.22
C VAL ZA 20 -68.15 144.93 -25.35
N ALA ZA 21 -68.65 144.87 -26.59
CA ALA ZA 21 -70.07 145.10 -26.83
C ALA ZA 21 -70.89 143.84 -26.63
N ASP ZA 22 -70.58 142.78 -27.39
CA ASP ZA 22 -71.36 141.57 -27.37
C ASP ZA 22 -70.52 140.41 -26.85
N THR ZA 23 -71.18 139.48 -26.18
CA THR ZA 23 -70.53 138.26 -25.69
C THR ZA 23 -70.69 137.15 -26.73
N SER ZA 24 -69.98 137.32 -27.83
CA SER ZA 24 -70.10 136.40 -28.98
C SER ZA 24 -68.70 136.03 -29.46
N LYS ZA 25 -68.15 134.97 -28.88
CA LYS ZA 25 -66.93 134.33 -29.38
C LYS ZA 25 -65.76 135.33 -29.42
N TYR ZA 26 -65.37 135.79 -28.25
CA TYR ZA 26 -64.30 136.76 -28.11
C TYR ZA 26 -63.00 136.07 -27.66
N ASN ZA 27 -61.91 136.83 -27.73
CA ASN ZA 27 -60.60 136.33 -27.35
C ASN ZA 27 -59.74 137.50 -26.87
N ILE ZA 28 -59.19 137.35 -25.66
CA ILE ZA 28 -58.40 138.40 -25.01
C ILE ZA 28 -57.01 137.85 -24.76
N ASP ZA 29 -55.99 138.57 -25.22
CA ASP ZA 29 -54.59 138.23 -24.96
C ASP ZA 29 -54.11 139.11 -23.81
N GLY ZA 30 -53.70 138.47 -22.73
CA GLY ZA 30 -53.22 139.16 -21.55
C GLY ZA 30 -51.76 138.96 -21.24
N ALA ZA 31 -50.99 138.34 -22.13
CA ALA ZA 31 -49.58 138.07 -21.91
C ALA ZA 31 -48.68 139.04 -22.67
N CYS ZA 32 -49.18 140.24 -22.94
CA CYS ZA 32 -48.42 141.28 -23.62
C CYS ZA 32 -47.87 142.28 -22.61
N VAL ZA 33 -46.92 143.09 -23.07
CA VAL ZA 33 -46.32 144.12 -22.22
C VAL ZA 33 -46.16 145.39 -23.05
N VAL ZA 34 -46.50 146.53 -22.44
CA VAL ZA 34 -46.34 147.81 -23.10
C VAL ZA 34 -44.90 148.27 -23.02
N ASN ZA 35 -44.34 148.67 -24.15
CA ASN ZA 35 -42.95 149.09 -24.23
C ASN ZA 35 -42.85 150.39 -25.01
N GLU ZA 36 -42.15 151.37 -24.43
CA GLU ZA 36 -41.81 152.62 -25.09
C GLU ZA 36 -43.06 153.39 -25.54
N GLY ZA 37 -43.83 153.81 -24.54
CA GLY ZA 37 -44.91 154.74 -24.78
C GLY ZA 37 -46.12 154.40 -23.94
N ASP ZA 38 -47.18 155.18 -24.13
CA ASP ZA 38 -48.45 154.99 -23.45
C ASP ZA 38 -49.52 154.67 -24.50
N VAL ZA 39 -50.53 153.91 -24.06
CA VAL ZA 39 -51.58 153.43 -24.95
C VAL ZA 39 -52.93 153.90 -24.42
N LEU ZA 40 -53.74 154.44 -25.31
CA LEU ZA 40 -55.11 154.81 -24.96
C LEU ZA 40 -56.05 153.63 -25.20
N VAL ZA 41 -56.97 153.42 -24.27
CA VAL ZA 41 -57.95 152.34 -24.45
C VAL ZA 41 -58.86 152.68 -25.63
N GLY ZA 42 -59.20 151.66 -26.41
CA GLY ZA 42 -59.97 151.87 -27.61
C GLY ZA 42 -59.17 152.25 -28.83
N ALA ZA 43 -57.86 152.05 -28.81
CA ALA ZA 43 -56.99 152.39 -29.92
C ALA ZA 43 -56.14 151.18 -30.29
N ALA ZA 44 -55.84 151.06 -31.58
CA ALA ZA 44 -55.09 149.91 -32.06
C ALA ZA 44 -53.64 149.96 -31.60
N VAL ZA 45 -53.04 148.77 -31.48
CA VAL ZA 45 -51.65 148.63 -31.04
C VAL ZA 45 -50.90 147.78 -32.06
N GLN ZA 46 -49.58 147.84 -31.98
CA GLN ZA 46 -48.72 147.06 -32.86
C GLN ZA 46 -47.74 146.26 -32.01
N VAL ZA 47 -47.33 145.11 -32.54
CA VAL ZA 47 -46.35 144.25 -31.89
C VAL ZA 47 -44.98 144.53 -32.50
N VAL ZA 48 -44.05 144.97 -31.67
CA VAL ZA 48 -42.70 145.26 -32.12
C VAL ZA 48 -41.85 144.00 -32.20
N GLN ZA 49 -41.89 143.19 -31.15
CA GLN ZA 49 -41.11 141.96 -31.09
C GLN ZA 49 -41.82 140.95 -30.23
N ALA ZA 50 -41.74 139.67 -30.62
CA ALA ZA 50 -42.26 138.56 -29.85
C ALA ZA 50 -41.08 137.77 -29.31
N GLN ZA 51 -40.99 137.65 -27.99
CA GLN ZA 51 -39.88 136.93 -27.38
C GLN ZA 51 -39.94 135.45 -27.76
N ALA ZA 52 -38.78 134.90 -28.09
CA ALA ZA 52 -38.72 133.54 -28.64
C ALA ZA 52 -38.95 132.47 -27.57
N VAL ZA 53 -38.45 132.67 -26.36
CA VAL ZA 53 -38.52 131.68 -25.30
C VAL ZA 53 -39.42 132.14 -24.16
N ASP ZA 54 -39.25 133.39 -23.71
CA ASP ZA 54 -40.01 133.89 -22.58
C ASP ZA 54 -41.51 133.91 -22.88
N GLY ZA 55 -41.88 134.34 -24.09
CA GLY ZA 55 -43.25 134.27 -24.55
C GLY ZA 55 -44.01 135.57 -24.50
N HIS ZA 56 -43.54 136.57 -23.76
CA HIS ZA 56 -44.21 137.87 -23.74
C HIS ZA 56 -44.02 138.58 -25.07
N LYS ZA 57 -44.95 139.47 -25.38
CA LYS ZA 57 -44.92 140.24 -26.62
C LYS ZA 57 -44.91 141.73 -26.30
N LEU ZA 58 -43.96 142.45 -26.90
CA LEU ZA 58 -43.83 143.89 -26.68
C LEU ZA 58 -44.73 144.61 -27.66
N VAL ZA 59 -45.63 145.44 -27.13
CA VAL ZA 59 -46.57 146.19 -27.96
C VAL ZA 59 -46.40 147.67 -27.71
N LYS ZA 60 -46.89 148.48 -28.65
CA LYS ZA 60 -46.84 149.92 -28.52
C LYS ZA 60 -47.93 150.53 -29.40
N ALA ZA 61 -47.99 151.85 -29.41
CA ALA ZA 61 -48.98 152.55 -30.22
C ALA ZA 61 -48.67 152.40 -31.70
N LEU ZA 62 -49.72 152.38 -32.52
CA LEU ZA 62 -49.56 152.15 -33.95
C LEU ZA 62 -48.93 153.37 -34.62
N THR ZA 63 -48.05 153.10 -35.60
CA THR ZA 63 -47.43 154.17 -36.37
C THR ZA 63 -47.63 153.94 -37.86
N THR ZA 64 -47.00 154.76 -38.69
CA THR ZA 64 -47.20 154.67 -40.13
C THR ZA 64 -46.53 153.43 -40.71
N GLY ZA 65 -47.14 152.87 -41.75
CA GLY ZA 65 -46.59 151.73 -42.45
C GLY ZA 65 -46.41 150.49 -41.58
N THR ZA 66 -47.40 150.20 -40.75
CA THR ZA 66 -47.34 149.08 -39.81
C THR ZA 66 -48.67 148.35 -39.79
N THR ZA 67 -48.61 147.07 -39.40
CA THR ZA 67 -49.78 146.21 -39.38
C THR ZA 67 -50.38 146.16 -37.97
N PRO ZA 68 -51.64 146.53 -37.80
CA PRO ZA 68 -52.25 146.49 -36.46
C PRO ZA 68 -52.49 145.06 -36.00
N TYR ZA 69 -52.56 144.91 -34.68
CA TYR ZA 69 -52.77 143.61 -34.05
C TYR ZA 69 -54.10 143.49 -33.34
N GLY ZA 70 -54.41 144.41 -32.42
CA GLY ZA 70 -55.63 144.31 -31.65
C GLY ZA 70 -56.05 145.66 -31.12
N VAL ZA 71 -57.00 145.62 -30.18
CA VAL ZA 71 -57.57 146.83 -29.60
C VAL ZA 71 -57.51 146.70 -28.08
N ALA ZA 72 -56.94 147.70 -27.41
CA ALA ZA 72 -56.93 147.72 -25.96
C ALA ZA 72 -58.33 147.95 -25.42
N ILE ZA 73 -58.68 147.24 -24.35
CA ILE ZA 73 -60.02 147.31 -23.78
C ILE ZA 73 -59.95 147.84 -22.36
N ARG ZA 74 -61.14 148.14 -21.82
CA ARG ZA 74 -61.24 148.72 -20.49
C ARG ZA 74 -60.89 147.70 -19.41
N SER ZA 75 -60.49 148.22 -18.25
CA SER ZA 75 -60.26 147.42 -17.06
C SER ZA 75 -60.18 148.37 -15.87
N HIS ZA 76 -60.90 148.05 -14.80
CA HIS ZA 76 -60.94 148.90 -13.62
C HIS ZA 76 -59.75 148.67 -12.70
N TRP ZA 77 -58.92 147.67 -12.97
CA TRP ZA 77 -57.81 147.33 -12.09
C TRP ZA 77 -56.45 147.55 -12.73
N GLN ZA 78 -56.25 147.10 -13.97
CA GLN ZA 78 -54.94 147.19 -14.60
C GLN ZA 78 -54.58 148.58 -15.08
N THR ZA 79 -55.57 149.40 -15.42
CA THR ZA 79 -55.33 150.70 -16.05
C THR ZA 79 -55.02 151.77 -15.00
N VAL ZA 80 -54.61 152.94 -15.48
CA VAL ZA 80 -54.36 154.10 -14.65
C VAL ZA 80 -55.14 155.28 -15.22
N ASN ZA 81 -55.35 156.29 -14.37
CA ASN ZA 81 -56.15 157.45 -14.73
C ASN ZA 81 -55.24 158.63 -15.01
N ALA ZA 82 -55.30 159.18 -16.22
CA ALA ZA 82 -54.43 160.27 -16.60
C ALA ZA 82 -54.98 160.99 -17.82
N GLN ZA 83 -54.61 162.26 -17.97
CA GLN ZA 83 -55.22 163.21 -18.91
C GLN ZA 83 -56.72 162.97 -19.11
N ASN ZA 84 -57.47 162.92 -18.02
CA ASN ZA 84 -58.93 162.78 -18.07
C ASN ZA 84 -59.37 161.55 -18.85
N GLN ZA 85 -58.59 160.47 -18.77
CA GLN ZA 85 -58.85 159.25 -19.53
C GLN ZA 85 -58.29 158.07 -18.76
N MET ZA 86 -58.57 156.87 -19.26
CA MET ZA 86 -58.09 155.63 -18.71
C MET ZA 86 -57.06 155.04 -19.69
N ILE ZA 87 -55.82 154.91 -19.24
CA ILE ZA 87 -54.71 154.54 -20.12
C ILE ZA 87 -53.92 153.38 -19.52
N TYR ZA 88 -53.04 152.82 -20.33
CA TYR ZA 88 -52.10 151.79 -19.92
C TYR ZA 88 -50.70 152.41 -19.86
N GLU ZA 89 -49.99 152.13 -18.77
CA GLU ZA 89 -48.68 152.74 -18.54
C GLU ZA 89 -47.57 151.84 -19.06
N ASP ZA 90 -46.40 152.45 -19.27
CA ASP ZA 90 -45.24 151.72 -19.74
C ASP ZA 90 -44.81 150.67 -18.72
N GLY ZA 91 -44.32 149.54 -19.24
CA GLY ZA 91 -43.86 148.46 -18.38
C GLY ZA 91 -44.95 147.79 -17.56
N GLY ZA 92 -46.09 147.49 -18.17
CA GLY ZA 92 -47.15 146.80 -17.46
C GLY ZA 92 -47.95 145.93 -18.40
N ALA ZA 93 -48.60 144.93 -17.81
CA ALA ZA 93 -49.43 144.02 -18.58
C ALA ZA 93 -50.64 144.74 -19.16
N ILE ZA 94 -51.07 144.32 -20.35
CA ILE ZA 94 -52.14 144.97 -21.08
C ILE ZA 94 -53.05 143.89 -21.67
N ASN ZA 95 -54.36 144.16 -21.63
CA ASN ZA 95 -55.34 143.30 -22.30
C ASN ZA 95 -55.51 143.78 -23.74
N VAL ZA 96 -55.36 142.88 -24.70
CA VAL ZA 96 -55.55 143.19 -26.10
C VAL ZA 96 -56.58 142.23 -26.67
N MET ZA 97 -57.70 142.78 -27.14
CA MET ZA 97 -58.77 141.97 -27.70
C MET ZA 97 -58.41 141.63 -29.14
N THR ZA 98 -58.23 140.34 -29.42
CA THR ZA 98 -57.75 139.93 -30.74
C THR ZA 98 -58.90 139.63 -31.71
N SER ZA 99 -60.01 139.10 -31.25
CA SER ZA 99 -61.14 138.81 -32.12
C SER ZA 99 -62.43 139.06 -31.36
N GLY ZA 100 -63.42 139.61 -32.05
CA GLY ZA 100 -64.71 139.88 -31.43
C GLY ZA 100 -65.29 141.22 -31.83
N ARG ZA 101 -66.22 141.76 -31.03
CA ARG ZA 101 -66.84 143.04 -31.35
C ARG ZA 101 -66.48 144.04 -30.26
N VAL ZA 102 -65.91 145.17 -30.65
CA VAL ZA 102 -65.43 146.15 -29.69
C VAL ZA 102 -65.77 147.56 -30.15
N TRP ZA 103 -66.17 148.40 -29.19
CA TRP ZA 103 -66.34 149.83 -29.46
C TRP ZA 103 -64.98 150.51 -29.50
N MET ZA 104 -64.77 151.32 -30.52
CA MET ZA 104 -63.47 151.92 -30.80
C MET ZA 104 -63.66 153.38 -31.14
N LEU ZA 105 -62.71 154.20 -30.71
CA LEU ZA 105 -62.74 155.63 -31.02
C LEU ZA 105 -62.62 155.86 -32.52
N SER ZA 106 -63.32 156.88 -33.00
CA SER ZA 106 -63.36 157.17 -34.43
C SER ZA 106 -63.14 158.66 -34.67
N LYS ZA 107 -62.65 158.98 -35.87
CA LYS ZA 107 -62.44 160.35 -36.29
C LYS ZA 107 -63.28 160.71 -37.52
N SER ZA 108 -64.09 159.79 -38.00
CA SER ZA 108 -64.93 160.03 -39.18
C SER ZA 108 -66.17 160.82 -38.78
N THR ZA 109 -66.97 161.18 -39.81
CA THR ZA 109 -68.17 161.97 -39.60
C THR ZA 109 -69.44 161.30 -40.08
N GLU ZA 110 -69.37 160.37 -41.02
CA GLU ZA 110 -70.54 159.69 -41.55
C GLU ZA 110 -70.55 158.22 -41.12
N ALA ZA 111 -71.73 157.68 -40.93
CA ALA ZA 111 -71.85 156.30 -40.47
C ALA ZA 111 -71.27 155.35 -41.51
N PRO ZA 112 -70.60 154.28 -41.07
CA PRO ZA 112 -70.01 153.33 -42.03
C PRO ZA 112 -71.04 152.33 -42.52
N THR ZA 113 -70.68 151.64 -43.60
CA THR ZA 113 -71.53 150.64 -44.22
C THR ZA 113 -71.20 149.26 -43.65
N PHE ZA 114 -72.23 148.54 -43.22
CA PHE ZA 114 -72.04 147.23 -42.62
C PHE ZA 114 -71.34 146.30 -43.60
N GLY ZA 115 -70.30 145.62 -43.11
CA GLY ZA 115 -69.57 144.67 -43.90
C GLY ZA 115 -68.41 145.22 -44.69
N SER ZA 116 -68.23 146.53 -44.73
CA SER ZA 116 -67.11 147.12 -45.45
C SER ZA 116 -65.82 147.03 -44.63
N ALA ZA 117 -64.70 147.26 -45.30
CA ALA ZA 117 -63.41 147.20 -44.65
C ALA ZA 117 -63.20 148.41 -43.74
N VAL ZA 118 -62.33 148.24 -42.75
CA VAL ZA 118 -62.02 149.28 -41.78
C VAL ZA 118 -60.65 149.84 -42.10
N LYS ZA 119 -60.56 151.17 -42.20
CA LYS ZA 119 -59.31 151.86 -42.50
C LYS ZA 119 -58.91 152.69 -41.29
N LEU ZA 120 -57.65 152.56 -40.88
CA LEU ZA 120 -57.15 153.18 -39.68
C LEU ZA 120 -56.27 154.39 -40.02
N ASP ZA 121 -56.22 155.34 -39.10
CA ASP ZA 121 -55.34 156.49 -39.18
C ASP ZA 121 -53.99 156.13 -38.56
N VAL ZA 122 -53.00 156.99 -38.79
CA VAL ZA 122 -51.67 156.76 -38.25
C VAL ZA 122 -51.69 156.75 -36.73
N ASP ZA 123 -52.58 157.52 -36.10
CA ASP ZA 123 -52.67 157.55 -34.65
C ASP ZA 123 -53.26 156.28 -34.07
N GLY ZA 124 -53.82 155.41 -34.90
CA GLY ZA 124 -54.44 154.18 -34.43
C GLY ZA 124 -55.93 154.24 -34.21
N GLN ZA 125 -56.60 155.26 -34.72
CA GLN ZA 125 -58.04 155.42 -34.57
C GLN ZA 125 -58.73 155.32 -35.92
N GLU ZA 126 -59.97 154.84 -35.91
CA GLU ZA 126 -60.70 154.62 -37.15
C GLU ZA 126 -60.95 155.93 -37.88
N LYS ZA 127 -60.92 155.87 -39.21
CA LYS ZA 127 -61.16 157.04 -40.04
C LYS ZA 127 -61.73 156.58 -41.38
N SER ZA 128 -62.59 157.41 -41.97
CA SER ZA 128 -63.27 157.01 -43.20
C SER ZA 128 -62.27 156.81 -44.33
N ASP ZA 129 -61.27 157.68 -44.44
CA ASP ZA 129 -60.21 157.56 -45.44
C ASP ZA 129 -58.88 157.53 -44.68
N GLY ZA 130 -58.20 156.39 -44.77
CA GLY ZA 130 -56.93 156.22 -44.08
C GLY ZA 130 -55.85 155.65 -44.98
N THR ZA 131 -54.61 155.65 -44.50
CA THR ZA 131 -53.49 155.12 -45.25
C THR ZA 131 -53.11 153.70 -44.83
N ILE ZA 132 -53.82 153.12 -43.86
CA ILE ZA 132 -53.52 151.78 -43.36
C ILE ZA 132 -54.72 150.88 -43.61
N GLU ZA 133 -54.47 149.76 -44.27
CA GLU ZA 133 -55.53 148.81 -44.61
C GLU ZA 133 -55.55 147.69 -43.58
N THR ZA 134 -56.75 147.30 -43.16
CA THR ZA 134 -56.93 146.30 -42.13
C THR ZA 134 -58.00 145.31 -42.57
N THR ZA 135 -57.90 144.08 -42.07
CA THR ZA 135 -58.81 143.01 -42.43
C THR ZA 135 -60.03 142.93 -41.50
N TRP ZA 136 -60.17 143.88 -40.58
CA TRP ZA 136 -61.35 143.92 -39.72
C TRP ZA 136 -62.55 144.41 -40.51
N THR ZA 137 -63.72 144.40 -39.87
CA THR ZA 137 -64.94 144.85 -40.52
C THR ZA 137 -65.74 145.74 -39.57
N TYR ZA 138 -66.76 146.38 -40.10
CA TYR ZA 138 -67.69 147.15 -39.28
C TYR ZA 138 -68.83 146.25 -38.82
N ALA ZA 139 -69.33 146.50 -37.61
CA ALA ZA 139 -70.41 145.70 -37.06
C ALA ZA 139 -71.76 146.40 -37.09
N GLY ZA 140 -71.81 147.67 -37.47
CA GLY ZA 140 -73.05 148.42 -37.60
C GLY ZA 140 -73.27 149.45 -36.52
N GLY ZA 141 -72.63 149.28 -35.36
CA GLY ZA 141 -72.82 150.24 -34.28
C GLY ZA 141 -72.24 151.59 -34.63
N TRP ZA 142 -72.95 152.64 -34.23
CA TRP ZA 142 -72.51 154.02 -34.49
C TRP ZA 142 -73.20 154.91 -33.48
N THR ZA 143 -72.43 155.42 -32.51
CA THR ZA 143 -73.00 156.23 -31.44
C THR ZA 143 -72.08 157.38 -31.05
N LYS ZA 144 -72.43 158.07 -29.96
CA LYS ZA 144 -71.65 159.21 -29.51
C LYS ZA 144 -71.91 159.40 -28.02
N TYR ZA 145 -70.85 159.59 -27.25
CA TYR ZA 145 -70.91 159.79 -25.80
C TYR ZA 145 -70.30 161.14 -25.48
N LYS ZA 146 -71.15 162.17 -25.38
CA LYS ZA 146 -70.74 163.52 -24.98
C LYS ZA 146 -69.57 164.03 -25.81
N ASP ZA 147 -69.86 164.18 -27.10
CA ASP ZA 147 -68.91 164.64 -28.11
C ASP ZA 147 -67.69 163.75 -28.23
N ILE ZA 148 -67.86 162.43 -28.07
CA ILE ZA 148 -66.82 161.45 -28.34
C ILE ZA 148 -67.42 160.44 -29.30
N GLN ZA 149 -66.76 160.21 -30.44
CA GLN ZA 149 -67.32 159.39 -31.50
C GLN ZA 149 -66.82 157.95 -31.39
N LEU ZA 150 -67.76 157.01 -31.31
CA LEU ZA 150 -67.47 155.60 -31.19
C LEU ZA 150 -68.06 154.84 -32.36
N VAL ZA 151 -67.44 153.71 -32.69
CA VAL ZA 151 -67.92 152.84 -33.75
C VAL ZA 151 -67.55 151.41 -33.39
N GLU ZA 152 -68.42 150.47 -33.74
CA GLU ZA 152 -68.23 149.08 -33.36
C GLU ZA 152 -67.54 148.32 -34.48
N VAL ZA 153 -66.37 147.75 -34.18
CA VAL ZA 153 -65.58 147.03 -35.16
C VAL ZA 153 -65.50 145.56 -34.77
N GLN ZA 154 -65.59 144.71 -35.79
CA GLN ZA 154 -65.41 143.27 -35.67
C GLN ZA 154 -63.96 142.93 -36.03
N LEU ZA 155 -63.23 142.38 -35.07
CA LEU ZA 155 -61.83 142.03 -35.20
C LEU ZA 155 -61.71 140.54 -35.49
N HIS ZA 156 -60.95 140.21 -36.53
CA HIS ZA 156 -60.66 138.83 -36.88
C HIS ZA 156 -59.27 138.46 -36.39
N GLN ZA 157 -59.08 137.19 -36.05
CA GLN ZA 157 -57.78 136.73 -35.57
C GLN ZA 157 -56.74 136.86 -36.67
N LEU ZA 158 -55.54 137.27 -36.30
CA LEU ZA 158 -54.44 137.41 -37.25
C LEU ZA 158 -54.09 136.07 -37.87
N GLN AB 3 -22.65 227.75 62.39
CA GLN AB 3 -22.74 228.92 61.50
C GLN AB 3 -23.70 228.67 60.35
N ILE AB 4 -23.17 228.66 59.13
CA ILE AB 4 -23.96 228.48 57.92
C ILE AB 4 -23.52 227.17 57.27
N ASN AB 5 -24.45 226.24 57.13
CA ASN AB 5 -24.15 224.98 56.48
C ASN AB 5 -24.15 225.13 54.96
N ALA AB 6 -23.53 224.17 54.29
CA ALA AB 6 -23.37 224.21 52.84
C ALA AB 6 -23.78 222.87 52.23
N SER AB 7 -24.44 222.95 51.07
CA SER AB 7 -24.80 221.78 50.29
C SER AB 7 -24.26 221.95 48.88
N TYR AB 8 -23.70 220.89 48.33
CA TYR AB 8 -23.05 220.93 47.02
C TYR AB 8 -23.77 220.00 46.06
N GLN AB 9 -23.45 220.16 44.78
CA GLN AB 9 -24.07 219.37 43.71
C GLN AB 9 -23.03 219.07 42.65
N ARG AB 10 -23.06 217.84 42.13
CA ARG AB 10 -22.16 217.42 41.07
C ARG AB 10 -22.95 216.62 40.03
N ASP AB 11 -22.55 216.74 38.78
CA ASP AB 11 -23.19 216.04 37.67
C ASP AB 11 -22.34 214.88 37.22
N MET AB 12 -22.98 213.75 36.89
CA MET AB 12 -22.25 212.62 36.34
C MET AB 12 -21.72 212.93 34.96
N ALA AB 13 -20.64 212.25 34.59
CA ALA AB 13 -20.17 212.29 33.22
C ALA AB 13 -21.15 211.54 32.32
N ILE AB 14 -21.22 211.97 31.06
CA ILE AB 14 -22.22 211.45 30.13
C ILE AB 14 -21.84 210.10 29.55
N ALA AB 15 -20.60 209.88 29.16
CA ALA AB 15 -20.26 208.70 28.39
C ALA AB 15 -18.87 208.20 28.76
N LEU AB 16 -18.57 207.01 28.26
CA LEU AB 16 -17.29 206.34 28.38
C LEU AB 16 -16.90 205.79 27.02
N PRO AB 17 -15.61 205.58 26.77
CA PRO AB 17 -15.20 204.98 25.48
C PRO AB 17 -15.83 203.63 25.26
N GLY AB 18 -16.24 203.37 24.02
CA GLY AB 18 -16.82 202.09 23.67
C GLY AB 18 -18.13 201.76 24.35
N MET AB 19 -18.96 202.77 24.61
CA MET AB 19 -20.23 202.58 25.28
C MET AB 19 -21.38 202.80 24.31
N VAL AB 20 -22.35 201.89 24.33
CA VAL AB 20 -23.51 201.99 23.45
C VAL AB 20 -24.30 203.24 23.81
N ALA AB 21 -24.63 204.04 22.80
CA ALA AB 21 -25.20 205.36 23.05
C ALA AB 21 -26.68 205.29 23.39
N ASP AB 22 -27.49 204.77 22.48
CA ASP AB 22 -28.93 204.73 22.64
C ASP AB 22 -29.42 203.28 22.59
N THR AB 23 -30.73 203.12 22.78
CA THR AB 23 -31.39 201.82 22.72
C THR AB 23 -32.06 201.58 21.37
N SER AB 24 -31.67 202.32 20.34
CA SER AB 24 -32.27 202.19 19.03
C SER AB 24 -31.87 200.87 18.38
N LYS AB 25 -32.31 200.70 17.13
CA LYS AB 25 -32.01 199.48 16.38
C LYS AB 25 -30.49 199.30 16.24
N TYR AB 26 -29.96 198.27 16.87
CA TYR AB 26 -28.53 198.00 16.87
C TYR AB 26 -28.29 196.53 16.51
N ASN AB 27 -27.04 196.22 16.17
CA ASN AB 27 -26.67 194.86 15.80
C ASN AB 27 -25.22 194.63 16.21
N ILE AB 28 -24.96 193.48 16.85
CA ILE AB 28 -23.65 193.14 17.37
C ILE AB 28 -23.24 191.77 16.85
N ASP AB 29 -22.00 191.66 16.39
CA ASP AB 29 -21.42 190.40 15.95
C ASP AB 29 -20.48 189.91 17.04
N GLY AB 30 -20.69 188.68 17.50
CA GLY AB 30 -19.84 188.06 18.50
C GLY AB 30 -18.98 186.94 18.01
N ALA AB 31 -19.22 186.44 16.79
CA ALA AB 31 -18.42 185.36 16.22
C ALA AB 31 -17.23 185.94 15.45
N CYS AB 32 -16.48 186.79 16.14
CA CYS AB 32 -15.30 187.42 15.59
C CYS AB 32 -14.16 187.27 16.58
N VAL AB 33 -12.95 187.02 16.07
CA VAL AB 33 -11.78 186.80 16.91
C VAL AB 33 -10.65 187.68 16.43
N VAL AB 34 -9.85 188.17 17.37
CA VAL AB 34 -8.72 189.04 17.05
C VAL AB 34 -7.58 188.19 16.53
N ASN AB 35 -7.14 188.47 15.31
CA ASN AB 35 -6.08 187.69 14.67
C ASN AB 35 -4.69 188.09 15.16
N GLU AB 36 -4.39 189.39 15.17
CA GLU AB 36 -3.09 189.89 15.54
C GLU AB 36 -3.22 191.06 16.50
N GLY AB 37 -2.23 191.20 17.38
CA GLY AB 37 -2.17 192.35 18.27
C GLY AB 37 -3.31 192.40 19.27
N ASP AB 38 -3.54 193.61 19.78
CA ASP AB 38 -4.64 193.88 20.69
C ASP AB 38 -5.46 195.05 20.17
N VAL AB 39 -6.75 195.05 20.50
CA VAL AB 39 -7.70 196.04 20.00
C VAL AB 39 -8.16 196.90 21.17
N LEU AB 40 -8.07 198.22 21.01
CA LEU AB 40 -8.54 199.16 22.02
C LEU AB 40 -10.05 199.30 21.91
N VAL AB 41 -10.74 199.23 23.05
CA VAL AB 41 -12.18 199.38 23.09
C VAL AB 41 -12.52 200.82 22.71
N GLY AB 42 -13.45 201.00 21.78
CA GLY AB 42 -13.82 202.33 21.32
C GLY AB 42 -13.12 202.73 20.05
N ALA AB 43 -12.44 201.78 19.41
CA ALA AB 43 -11.71 202.04 18.18
C ALA AB 43 -12.16 201.08 17.09
N ALA AB 44 -12.09 201.56 15.85
CA ALA AB 44 -12.56 200.77 14.71
C ALA AB 44 -11.65 199.58 14.44
N VAL AB 45 -12.19 198.59 13.73
CA VAL AB 45 -11.47 197.38 13.40
C VAL AB 45 -11.62 197.10 11.91
N GLN AB 46 -10.82 196.15 11.41
CA GLN AB 46 -10.87 195.72 10.03
C GLN AB 46 -10.89 194.20 9.99
N VAL AB 47 -11.49 193.67 8.93
CA VAL AB 47 -11.67 192.23 8.74
C VAL AB 47 -10.58 191.73 7.80
N VAL AB 48 -9.84 190.71 8.24
CA VAL AB 48 -8.80 190.13 7.41
C VAL AB 48 -9.38 189.11 6.43
N GLN AB 49 -10.07 188.10 6.95
CA GLN AB 49 -10.67 187.07 6.12
C GLN AB 49 -11.79 186.40 6.89
N ALA AB 50 -12.67 185.71 6.17
CA ALA AB 50 -13.77 184.97 6.75
C ALA AB 50 -13.65 183.50 6.36
N GLN AB 51 -13.64 182.62 7.36
CA GLN AB 51 -13.54 181.19 7.09
C GLN AB 51 -14.77 180.70 6.36
N ALA AB 52 -14.56 179.86 5.34
CA ALA AB 52 -15.64 179.45 4.46
C ALA AB 52 -16.60 178.49 5.15
N VAL AB 53 -16.07 177.48 5.85
CA VAL AB 53 -16.89 176.43 6.44
C VAL AB 53 -17.04 176.62 7.95
N ASP AB 54 -15.96 176.97 8.64
CA ASP AB 54 -16.01 177.13 10.09
C ASP AB 54 -16.92 178.29 10.49
N GLY AB 55 -16.90 179.39 9.72
CA GLY AB 55 -17.83 180.47 9.94
C GLY AB 55 -17.37 181.58 10.86
N HIS AB 56 -16.10 181.62 11.22
CA HIS AB 56 -15.56 182.68 12.05
C HIS AB 56 -15.05 183.82 11.19
N LYS AB 57 -14.86 184.97 11.83
CA LYS AB 57 -14.26 186.14 11.21
C LYS AB 57 -13.00 186.53 11.96
N LEU AB 58 -11.98 186.95 11.23
CA LEU AB 58 -10.73 187.41 11.81
C LEU AB 58 -10.69 188.93 11.71
N VAL AB 59 -10.48 189.60 12.84
CA VAL AB 59 -10.45 191.06 12.87
C VAL AB 59 -9.15 191.51 13.50
N LYS AB 60 -8.78 192.76 13.21
CA LYS AB 60 -7.60 193.36 13.83
C LYS AB 60 -7.74 194.87 13.77
N ALA AB 61 -6.72 195.56 14.29
CA ALA AB 61 -6.74 197.02 14.31
C ALA AB 61 -6.69 197.59 12.91
N LEU AB 62 -7.30 198.77 12.76
CA LEU AB 62 -7.36 199.42 11.47
C LEU AB 62 -5.98 199.89 11.02
N THR AB 63 -5.70 199.75 9.73
CA THR AB 63 -4.45 200.20 9.15
C THR AB 63 -4.76 201.01 7.90
N THR AB 64 -3.70 201.52 7.27
CA THR AB 64 -3.85 202.38 6.11
C THR AB 64 -4.37 201.58 4.92
N GLY AB 65 -5.22 202.22 4.11
CA GLY AB 65 -5.77 201.60 2.93
C GLY AB 65 -6.63 200.39 3.21
N THR AB 66 -7.48 200.49 4.24
CA THR AB 66 -8.33 199.38 4.66
C THR AB 66 -9.74 199.89 4.89
N THR AB 67 -10.70 198.96 4.82
CA THR AB 67 -12.11 199.28 4.98
C THR AB 67 -12.56 198.94 6.39
N PRO AB 68 -12.95 199.91 7.21
CA PRO AB 68 -13.42 199.59 8.56
C PRO AB 68 -14.71 198.80 8.52
N TYR AB 69 -14.90 197.96 9.55
CA TYR AB 69 -16.04 197.06 9.62
C TYR AB 69 -16.95 197.33 10.82
N GLY AB 70 -16.40 197.73 11.96
CA GLY AB 70 -17.22 197.96 13.12
C GLY AB 70 -16.43 198.60 14.24
N VAL AB 71 -16.99 198.52 15.44
CA VAL AB 71 -16.43 199.15 16.64
C VAL AB 71 -16.43 198.13 17.77
N ALA AB 72 -15.32 198.04 18.49
CA ALA AB 72 -15.28 197.24 19.70
C ALA AB 72 -15.97 197.98 20.84
N ILE AB 73 -16.79 197.25 21.61
CA ILE AB 73 -17.60 197.86 22.64
C ILE AB 73 -17.21 197.29 24.01
N ARG AB 74 -17.72 197.93 25.05
CA ARG AB 74 -17.35 197.58 26.42
C ARG AB 74 -18.00 196.27 26.85
N SER AB 75 -17.34 195.61 27.81
CA SER AB 75 -17.86 194.40 28.42
C SER AB 75 -17.04 194.12 29.68
N HIS AB 76 -17.72 193.83 30.78
CA HIS AB 76 -17.04 193.57 32.05
C HIS AB 76 -16.59 192.13 32.19
N TRP AB 77 -16.86 191.29 31.19
CA TRP AB 77 -16.53 189.86 31.24
C TRP AB 77 -15.54 189.43 30.19
N GLN AB 78 -15.56 190.04 29.00
CA GLN AB 78 -14.71 189.62 27.90
C GLN AB 78 -13.40 190.39 27.81
N THR AB 79 -13.36 191.63 28.27
CA THR AB 79 -12.20 192.48 28.11
C THR AB 79 -11.11 192.14 29.13
N VAL AB 80 -9.90 192.63 28.87
CA VAL AB 80 -8.77 192.46 29.77
C VAL AB 80 -8.22 193.84 30.11
N ASN AB 81 -7.66 193.97 31.30
CA ASN AB 81 -7.20 195.24 31.83
C ASN AB 81 -5.71 195.42 31.51
N ALA AB 82 -5.39 196.48 30.77
CA ALA AB 82 -4.00 196.78 30.44
C ALA AB 82 -3.88 198.27 30.16
N GLN AB 83 -2.70 198.82 30.46
CA GLN AB 83 -2.41 200.25 30.37
C GLN AB 83 -3.60 201.11 30.80
N ASN AB 84 -4.17 200.75 31.95
CA ASN AB 84 -5.23 201.52 32.60
C ASN AB 84 -6.48 201.64 31.74
N GLN AB 85 -6.78 200.59 30.99
CA GLN AB 85 -8.00 200.59 30.17
C GLN AB 85 -8.30 199.18 29.68
N MET AB 86 -9.51 199.01 29.16
CA MET AB 86 -9.92 197.72 28.61
C MET AB 86 -9.33 197.52 27.22
N ILE AB 87 -8.90 196.30 26.93
CA ILE AB 87 -8.46 195.90 25.61
C ILE AB 87 -9.03 194.52 25.32
N TYR AB 88 -9.02 194.16 24.04
CA TYR AB 88 -9.37 192.82 23.59
C TYR AB 88 -8.10 192.11 23.18
N GLU AB 89 -7.68 191.12 23.98
CA GLU AB 89 -6.38 190.52 23.78
C GLU AB 89 -6.39 189.59 22.57
N ASP AB 90 -5.19 189.22 22.14
CA ASP AB 90 -5.02 188.34 21.00
C ASP AB 90 -5.58 186.95 21.28
N GLY AB 91 -6.14 186.33 20.25
CA GLY AB 91 -6.70 185.00 20.37
C GLY AB 91 -7.91 184.91 21.28
N GLY AB 92 -8.81 185.89 21.22
CA GLY AB 92 -10.01 185.86 22.04
C GLY AB 92 -11.17 186.46 21.28
N ALA AB 93 -12.37 186.12 21.73
CA ALA AB 93 -13.59 186.61 21.10
C ALA AB 93 -13.73 188.11 21.32
N ILE AB 94 -14.34 188.78 20.34
CA ILE AB 94 -14.51 190.23 20.37
C ILE AB 94 -15.93 190.56 19.95
N ASN AB 95 -16.50 191.55 20.62
CA ASN AB 95 -17.86 192.03 20.32
C ASN AB 95 -17.74 193.26 19.43
N VAL AB 96 -18.27 193.18 18.21
CA VAL AB 96 -18.16 194.26 17.24
C VAL AB 96 -19.56 194.76 16.91
N MET AB 97 -19.83 196.02 17.23
CA MET AB 97 -21.13 196.64 16.95
C MET AB 97 -21.11 197.15 15.51
N THR AB 98 -21.98 196.60 14.68
CA THR AB 98 -21.97 196.91 13.25
C THR AB 98 -23.03 197.88 12.81
N SER AB 99 -24.05 198.13 13.63
CA SER AB 99 -25.11 199.07 13.27
C SER AB 99 -25.66 199.71 14.54
N GLY AB 100 -25.94 201.00 14.47
CA GLY AB 100 -26.50 201.67 15.64
C GLY AB 100 -25.78 202.93 16.06
N ARG AB 101 -25.74 203.21 17.35
CA ARG AB 101 -25.10 204.41 17.87
C ARG AB 101 -24.05 204.01 18.89
N VAL AB 102 -22.89 204.68 18.86
CA VAL AB 102 -21.82 204.32 19.78
C VAL AB 102 -21.03 205.59 20.12
N TRP AB 103 -20.28 205.53 21.22
CA TRP AB 103 -19.31 206.56 21.54
C TRP AB 103 -17.92 206.08 21.12
N MET AB 104 -17.18 206.94 20.43
CA MET AB 104 -15.91 206.58 19.82
C MET AB 104 -14.83 207.56 20.26
N LEU AB 105 -13.63 207.03 20.44
CA LEU AB 105 -12.47 207.86 20.72
C LEU AB 105 -12.20 208.80 19.55
N SER AB 106 -11.86 210.05 19.87
CA SER AB 106 -11.65 211.07 18.87
C SER AB 106 -10.35 211.80 19.13
N LYS AB 107 -9.79 212.39 18.06
CA LYS AB 107 -8.59 213.20 18.15
C LYS AB 107 -8.80 214.60 17.59
N SER AB 108 -10.05 215.06 17.52
CA SER AB 108 -10.37 216.36 16.95
C SER AB 108 -10.32 217.44 18.03
N THR AB 109 -10.70 218.65 17.63
CA THR AB 109 -10.76 219.78 18.53
C THR AB 109 -12.03 220.61 18.40
N GLU AB 110 -12.82 220.39 17.35
CA GLU AB 110 -14.05 221.14 17.12
C GLU AB 110 -15.23 220.19 16.99
N ALA AB 111 -16.38 220.62 17.50
CA ALA AB 111 -17.58 219.83 17.40
C ALA AB 111 -17.98 219.63 15.94
N PRO AB 112 -18.39 218.42 15.57
CA PRO AB 112 -18.70 218.13 14.17
C PRO AB 112 -20.09 218.64 13.80
N THR AB 113 -20.40 218.53 12.51
CA THR AB 113 -21.68 218.93 11.97
C THR AB 113 -22.58 217.72 11.85
N PHE AB 114 -23.80 217.83 12.34
CA PHE AB 114 -24.74 216.71 12.32
C PHE AB 114 -25.01 216.26 10.90
N GLY AB 115 -24.94 214.95 10.68
CA GLY AB 115 -25.25 214.37 9.39
C GLY AB 115 -24.09 214.28 8.41
N SER AB 116 -22.91 214.79 8.77
CA SER AB 116 -21.78 214.76 7.86
C SER AB 116 -21.08 213.40 7.92
N ALA AB 117 -20.23 213.17 6.94
CA ALA AB 117 -19.50 211.90 6.87
C ALA AB 117 -18.36 211.88 7.89
N VAL AB 118 -17.95 210.67 8.25
CA VAL AB 118 -16.96 210.45 9.30
C VAL AB 118 -15.63 210.05 8.65
N LYS AB 119 -14.55 210.66 9.11
CA LYS AB 119 -13.20 210.37 8.64
C LYS AB 119 -12.40 209.74 9.76
N LEU AB 120 -11.65 208.69 9.44
CA LEU AB 120 -10.83 207.99 10.42
C LEU AB 120 -9.35 208.24 10.14
N ASP AB 121 -8.53 207.88 11.13
CA ASP AB 121 -7.09 208.01 11.05
C ASP AB 121 -6.46 206.65 10.74
N VAL AB 122 -5.14 206.58 10.76
CA VAL AB 122 -4.42 205.37 10.39
C VAL AB 122 -4.44 204.39 11.55
N ASP AB 123 -4.86 204.85 12.74
CA ASP AB 123 -4.89 204.02 13.92
C ASP AB 123 -6.29 203.60 14.34
N GLY AB 124 -7.31 203.91 13.54
CA GLY AB 124 -8.66 203.49 13.84
C GLY AB 124 -9.46 204.42 14.70
N GLN AB 125 -9.05 205.68 14.85
CA GLN AB 125 -9.75 206.65 15.68
C GLN AB 125 -10.25 207.80 14.81
N GLU AB 126 -11.30 208.44 15.27
CA GLU AB 126 -11.89 209.52 14.50
C GLU AB 126 -10.99 210.69 14.41
N LYS AB 127 -11.09 211.43 13.33
CA LYS AB 127 -10.35 212.67 13.16
C LYS AB 127 -11.01 213.48 12.06
N SER AB 128 -11.13 214.79 12.27
CA SER AB 128 -11.74 215.65 11.27
C SER AB 128 -10.92 215.70 9.99
N ASP AB 129 -9.59 215.66 10.11
CA ASP AB 129 -8.69 215.67 8.97
C ASP AB 129 -8.24 214.27 8.57
N GLY AB 130 -9.10 213.27 8.74
CA GLY AB 130 -8.71 211.91 8.43
C GLY AB 130 -8.60 211.66 6.94
N THR AB 131 -8.03 210.50 6.61
CA THR AB 131 -7.81 210.12 5.23
C THR AB 131 -8.64 208.91 4.79
N ILE AB 132 -9.13 208.11 5.73
CA ILE AB 132 -9.89 206.91 5.40
C ILE AB 132 -11.36 207.29 5.22
N GLU AB 133 -11.98 206.79 4.16
CA GLU AB 133 -13.35 207.12 3.82
C GLU AB 133 -14.29 206.05 4.39
N THR AB 134 -15.31 206.50 5.10
CA THR AB 134 -16.32 205.62 5.68
C THR AB 134 -17.71 206.09 5.30
N THR AB 135 -18.70 205.28 5.64
CA THR AB 135 -20.11 205.60 5.39
C THR AB 135 -20.87 205.92 6.67
N TRP AB 136 -20.19 206.07 7.79
CA TRP AB 136 -20.87 206.38 9.05
C TRP AB 136 -21.28 207.85 9.08
N THR AB 137 -21.98 208.21 10.14
CA THR AB 137 -22.56 209.54 10.26
C THR AB 137 -22.32 210.09 11.66
N TYR AB 138 -22.17 211.41 11.76
CA TYR AB 138 -22.06 212.06 13.06
C TYR AB 138 -23.44 212.24 13.68
N ALA AB 139 -23.57 211.82 14.94
CA ALA AB 139 -24.85 211.88 15.64
C ALA AB 139 -24.98 213.09 16.54
N GLY AB 140 -24.00 213.98 16.59
CA GLY AB 140 -24.08 215.21 17.35
C GLY AB 140 -23.50 215.14 18.74
N GLY AB 141 -23.28 213.95 19.29
CA GLY AB 141 -22.71 213.84 20.62
C GLY AB 141 -21.25 214.24 20.63
N TRP AB 142 -20.88 215.06 21.62
CA TRP AB 142 -19.51 215.57 21.72
C TRP AB 142 -19.28 215.99 23.16
N THR AB 143 -18.49 215.22 23.90
CA THR AB 143 -18.27 215.48 25.31
C THR AB 143 -16.86 215.05 25.69
N LYS AB 144 -16.58 215.06 27.00
CA LYS AB 144 -15.28 214.70 27.52
C LYS AB 144 -15.44 213.92 28.82
N TYR AB 145 -14.46 213.06 29.10
CA TYR AB 145 -14.36 212.34 30.36
C TYR AB 145 -12.91 212.40 30.81
N LYS AB 146 -12.58 213.44 31.59
CA LYS AB 146 -11.23 213.64 32.14
C LYS AB 146 -10.17 213.55 31.04
N ASP AB 147 -10.25 214.49 30.11
CA ASP AB 147 -9.32 214.73 29.01
C ASP AB 147 -9.36 213.62 27.97
N ILE AB 148 -10.39 212.77 27.93
CA ILE AB 148 -10.56 211.78 26.89
C ILE AB 148 -11.64 212.29 25.93
N GLN AB 149 -11.36 212.25 24.64
CA GLN AB 149 -12.26 212.81 23.65
C GLN AB 149 -13.23 211.75 23.12
N LEU AB 150 -14.53 212.01 23.29
CA LEU AB 150 -15.57 211.09 22.86
C LEU AB 150 -16.49 211.79 21.86
N VAL AB 151 -16.87 211.06 20.82
CA VAL AB 151 -17.80 211.56 19.80
C VAL AB 151 -18.82 210.47 19.49
N GLU AB 152 -20.07 210.86 19.31
CA GLU AB 152 -21.13 209.91 19.02
C GLU AB 152 -21.20 209.65 17.52
N VAL AB 153 -21.31 208.38 17.16
CA VAL AB 153 -21.26 207.96 15.76
C VAL AB 153 -22.40 206.99 15.48
N GLN AB 154 -23.10 207.22 14.37
CA GLN AB 154 -24.11 206.33 13.83
C GLN AB 154 -23.48 205.44 12.76
N LEU AB 155 -23.57 204.13 12.96
CA LEU AB 155 -22.99 203.13 12.06
C LEU AB 155 -24.09 202.48 11.26
N HIS AB 156 -23.91 202.46 9.93
CA HIS AB 156 -24.76 201.71 9.01
C HIS AB 156 -24.08 200.39 8.67
N GLN AB 157 -24.88 199.35 8.46
CA GLN AB 157 -24.33 198.04 8.14
C GLN AB 157 -23.54 198.10 6.85
N LEU AB 158 -22.40 197.40 6.81
CA LEU AB 158 -21.55 197.37 5.63
C LEU AB 158 -22.28 196.74 4.45
N ALA BB 28 64.21 164.02 67.85
CA ALA BB 28 63.15 163.81 68.83
C ALA BB 28 61.93 163.17 68.19
N ALA BB 29 60.99 162.72 69.01
CA ALA BB 29 59.79 162.05 68.55
C ALA BB 29 58.57 162.85 68.96
N THR BB 30 57.67 163.11 68.01
CA THR BB 30 56.42 163.83 68.24
C THR BB 30 55.30 163.00 67.64
N MET BB 31 54.57 162.28 68.49
CA MET BB 31 53.48 161.41 68.05
C MET BB 31 52.18 161.81 68.77
N GLY BB 32 51.13 161.05 68.50
CA GLY BB 32 49.85 161.24 69.17
C GLY BB 32 49.72 160.36 70.39
N ILE BB 33 48.63 160.59 71.12
CA ILE BB 33 48.40 159.83 72.35
C ILE BB 33 47.84 158.44 72.05
N TRP BB 34 47.15 158.28 70.93
CA TRP BB 34 46.58 157.01 70.52
C TRP BB 34 47.51 156.31 69.54
N THR BB 35 47.65 155.00 69.69
CA THR BB 35 48.45 154.20 68.77
C THR BB 35 47.53 153.53 67.74
N ALA BB 36 48.15 153.07 66.65
CA ALA BB 36 47.38 152.45 65.57
C ALA BB 36 46.69 151.18 66.03
N GLN BB 37 47.26 150.52 67.04
CA GLN BB 37 46.67 149.28 67.53
C GLN BB 37 45.37 149.53 68.29
N GLU BB 38 45.26 150.68 68.97
CA GLU BB 38 44.05 150.96 69.74
C GLU BB 38 42.83 151.22 68.87
N LEU BB 39 43.03 151.68 67.64
CA LEU BB 39 41.95 152.01 66.72
C LEU BB 39 41.91 151.04 65.55
N HIS BB 40 42.12 149.76 65.84
CA HIS BB 40 42.24 148.73 64.82
C HIS BB 40 41.35 147.55 65.19
N ARG BB 41 40.86 146.86 64.16
CA ARG BB 41 39.98 145.71 64.35
C ARG BB 41 40.49 144.53 63.51
N ILE BB 42 40.34 143.33 64.06
CA ILE BB 42 40.71 142.09 63.39
C ILE BB 42 39.44 141.36 63.00
N LYS BB 43 39.33 141.01 61.72
CA LYS BB 43 38.16 140.28 61.25
C LYS BB 43 38.09 138.91 61.91
N SER BB 44 36.87 138.53 62.31
CA SER BB 44 36.69 137.28 63.04
C SER BB 44 36.97 136.06 62.17
N GLN BB 45 36.59 136.10 60.90
CA GLN BB 45 36.68 134.94 60.02
C GLN BB 45 37.94 135.00 59.18
N SER BB 46 38.68 133.89 59.16
CA SER BB 46 39.91 133.77 58.39
C SER BB 46 39.67 132.83 57.20
N TYR BB 47 40.68 132.76 56.33
CA TYR BB 47 40.59 131.99 55.11
C TYR BB 47 41.70 130.93 55.08
N GLU BB 48 41.41 129.83 54.38
CA GLU BB 48 42.37 128.75 54.21
C GLU BB 48 42.46 128.38 52.74
N GLU BB 49 43.69 128.14 52.27
CA GLU BB 49 43.90 127.74 50.88
C GLU BB 49 43.32 126.35 50.64
N ASP BB 50 42.99 126.08 49.39
CA ASP BB 50 42.33 124.84 48.99
C ASP BB 50 43.29 123.96 48.19
N TYR BB 51 43.37 122.69 48.57
CA TYR BB 51 44.15 121.69 47.85
C TYR BB 51 43.30 120.44 47.69
N PRO BB 52 42.46 120.38 46.66
CA PRO BB 52 41.62 119.20 46.46
C PRO BB 52 42.46 117.95 46.23
N VAL BB 53 42.00 116.83 46.79
CA VAL BB 53 42.77 115.60 46.72
C VAL BB 53 42.75 115.01 45.31
N GLY BB 54 41.58 114.96 44.69
CA GLY BB 54 41.48 114.38 43.36
C GLY BB 54 40.22 113.54 43.26
N SER BB 55 40.26 112.59 42.30
CA SER BB 55 39.08 111.79 41.99
C SER BB 55 39.42 110.32 41.74
N ALA BB 56 40.65 109.90 42.01
CA ALA BB 56 41.07 108.55 41.67
C ALA BB 56 40.29 107.49 42.44
N LEU BB 57 39.96 107.75 43.70
CA LEU BB 57 39.25 106.78 44.52
C LEU BB 57 37.75 106.79 44.29
N ARG BB 58 37.23 107.70 43.47
CA ARG BB 58 35.81 107.74 43.17
C ARG BB 58 35.50 107.49 41.70
N VAL BB 59 36.50 107.51 40.81
CA VAL BB 59 36.25 107.18 39.41
C VAL BB 59 36.60 105.71 39.17
N PHE BB 60 37.31 105.10 40.10
CA PHE BB 60 37.68 103.70 39.95
C PHE BB 60 37.23 102.87 41.15
N PRO BB 61 36.88 101.61 40.96
CA PRO BB 61 36.40 100.80 42.08
C PRO BB 61 37.48 100.54 43.11
N VAL BB 62 37.04 100.34 44.35
CA VAL BB 62 37.91 100.00 45.47
C VAL BB 62 37.36 98.76 46.15
N THR BB 63 38.24 97.81 46.47
CA THR BB 63 37.86 96.56 47.09
C THR BB 63 38.66 96.37 48.38
N THR BB 64 38.36 95.28 49.09
CA THR BB 64 39.02 94.95 50.34
C THR BB 64 39.39 93.47 50.41
N GLU BB 65 39.60 92.83 49.27
CA GLU BB 65 39.94 91.42 49.23
C GLU BB 65 41.47 91.28 49.20
N LEU BB 66 42.09 91.77 50.26
CA LEU BB 66 43.55 91.67 50.41
C LEU BB 66 43.90 91.90 51.86
N SER BB 67 44.48 90.88 52.51
CA SER BB 67 44.84 91.00 53.91
C SER BB 67 46.00 91.99 54.08
N PRO BB 68 46.07 92.67 55.22
CA PRO BB 68 47.16 93.64 55.43
C PRO BB 68 48.55 93.03 55.47
N THR BB 69 48.66 91.71 55.64
CA THR BB 69 49.95 91.07 55.83
C THR BB 69 50.50 90.40 54.58
N ASP BB 70 49.78 90.44 53.45
CA ASP BB 70 50.27 89.83 52.23
C ASP BB 70 51.16 90.80 51.46
N LYS BB 71 51.96 90.26 50.54
CA LYS BB 71 52.86 91.06 49.72
C LYS BB 71 52.55 91.00 48.23
N THR BB 72 51.94 89.93 47.74
CA THR BB 72 51.66 89.79 46.32
C THR BB 72 50.28 89.17 46.14
N PHE BB 73 49.85 89.09 44.87
CA PHE BB 73 48.59 88.47 44.53
C PHE BB 73 48.67 87.95 43.10
N GLU BB 74 47.73 87.05 42.76
CA GLU BB 74 47.77 86.35 41.49
C GLU BB 74 46.36 86.07 41.00
N TYR BB 75 46.18 86.13 39.69
CA TYR BB 75 44.92 85.75 39.04
C TYR BB 75 45.22 84.92 37.81
N MET BB 76 44.24 84.11 37.41
CA MET BB 76 44.45 83.10 36.38
C MET BB 76 43.43 83.27 35.26
N THR BB 77 43.85 82.91 34.05
CA THR BB 77 42.99 82.92 32.87
C THR BB 77 43.09 81.57 32.17
N PHE BB 78 42.04 81.25 31.41
CA PHE BB 78 41.96 79.97 30.71
C PHE BB 78 41.50 80.20 29.28
N ASP BB 79 41.84 79.24 28.42
CA ASP BB 79 41.55 79.33 26.98
C ASP BB 79 41.44 77.91 26.43
N LYS BB 80 40.86 77.79 25.24
CA LYS BB 80 40.66 76.48 24.63
C LYS BB 80 40.71 76.61 23.12
N VAL BB 81 40.98 75.48 22.45
CA VAL BB 81 41.06 75.40 21.00
C VAL BB 81 40.29 74.17 20.55
N GLY BB 82 40.10 74.07 19.23
CA GLY BB 82 39.47 72.90 18.67
C GLY BB 82 39.01 73.15 17.25
N THR BB 83 38.37 72.13 16.69
CA THR BB 83 37.83 72.18 15.34
C THR BB 83 36.89 70.99 15.14
N ALA BB 84 36.27 70.95 13.97
CA ALA BB 84 35.40 69.84 13.59
C ALA BB 84 35.42 69.71 12.08
N GLN BB 85 35.06 68.53 11.59
CA GLN BB 85 35.15 68.24 10.17
C GLN BB 85 33.95 67.40 9.74
N ILE BB 86 33.71 67.38 8.43
CA ILE BB 86 32.69 66.55 7.82
C ILE BB 86 33.31 65.20 7.49
N ILE BB 87 32.74 64.13 8.05
CA ILE BB 87 33.37 62.81 7.98
C ILE BB 87 32.37 61.81 7.41
N ALA BB 88 32.91 60.69 6.94
CA ALA BB 88 32.13 59.60 6.39
C ALA BB 88 31.78 58.63 7.54
N ASP BB 89 31.26 57.45 7.19
CA ASP BB 89 30.88 56.46 8.19
C ASP BB 89 32.09 55.77 8.80
N TYR BB 90 32.90 55.09 7.98
CA TYR BB 90 34.09 54.39 8.45
C TYR BB 90 35.27 55.37 8.46
N THR BB 91 35.46 56.01 9.61
CA THR BB 91 36.53 56.98 9.78
C THR BB 91 37.25 56.73 11.10
N ASP BB 92 38.55 57.01 11.12
CA ASP BB 92 39.38 56.83 12.30
C ASP BB 92 40.35 57.99 12.51
N ASP BB 93 40.03 59.19 12.02
CA ASP BB 93 40.94 60.32 12.06
C ASP BB 93 40.20 61.59 12.54
N LEU BB 94 39.44 61.45 13.60
CA LEU BB 94 38.73 62.60 14.13
C LEU BB 94 39.72 63.57 14.78
N PRO BB 95 39.51 64.88 14.62
CA PRO BB 95 40.41 65.86 15.25
C PRO BB 95 40.17 65.96 16.74
N LEU BB 96 41.14 66.58 17.43
CA LEU BB 96 41.16 66.62 18.90
C LEU BB 96 41.06 68.08 19.38
N VAL BB 97 40.91 68.24 20.70
CA VAL BB 97 40.80 69.56 21.31
C VAL BB 97 41.72 69.59 22.52
N ASP BB 98 41.90 70.79 23.09
CA ASP BB 98 42.85 70.97 24.18
C ASP BB 98 42.45 72.22 24.98
N ALA BB 99 43.27 72.54 25.99
CA ALA BB 99 43.04 73.68 26.87
C ALA BB 99 44.36 74.29 27.31
N LEU BB 100 44.30 75.53 27.80
CA LEU BB 100 45.51 76.27 28.18
C LEU BB 100 45.28 76.96 29.52
N GLY BB 101 46.27 77.74 29.95
CA GLY BB 101 46.18 78.50 31.18
C GLY BB 101 47.31 79.49 31.28
N THR BB 102 47.08 80.53 32.07
CA THR BB 102 48.04 81.62 32.22
C THR BB 102 47.75 82.35 33.53
N SER BB 103 48.75 83.06 34.05
CA SER BB 103 48.63 83.76 35.32
C SER BB 103 49.45 85.06 35.30
N GLU BB 104 49.11 85.96 36.22
CA GLU BB 104 49.76 87.26 36.35
C GLU BB 104 49.96 87.56 37.84
N PHE BB 105 50.70 88.63 38.11
CA PHE BB 105 51.06 88.99 39.48
C PHE BB 105 50.91 90.49 39.71
N GLY BB 106 51.12 90.88 40.97
CA GLY BB 106 51.07 92.27 41.39
C GLY BB 106 51.91 92.48 42.62
N LYS BB 107 51.88 93.70 43.16
CA LYS BB 107 52.70 94.06 44.31
C LYS BB 107 51.97 95.10 45.17
N VAL BB 108 52.49 95.30 46.38
CA VAL BB 108 51.98 96.27 47.34
C VAL BB 108 53.15 97.15 47.77
N PHE BB 109 52.84 98.38 48.19
CA PHE BB 109 53.84 99.38 48.58
C PHE BB 109 53.40 100.08 49.85
N ARG BB 110 54.38 100.67 50.55
CA ARG BB 110 54.16 101.37 51.80
C ARG BB 110 54.66 102.81 51.67
N LEU BB 111 53.90 103.73 52.25
CA LEU BB 111 54.22 105.16 52.23
C LEU BB 111 54.44 105.65 53.65
N GLY BB 112 55.27 106.68 53.80
CA GLY BB 112 55.53 107.23 55.11
C GLY BB 112 56.08 108.63 55.06
N ASN BB 113 55.89 109.35 56.16
CA ASN BB 113 56.49 110.67 56.37
C ASN BB 113 56.53 110.94 57.87
N ALA BB 114 56.81 112.18 58.26
CA ALA BB 114 56.89 112.52 59.67
C ALA BB 114 56.80 114.04 59.83
N TYR BB 115 56.64 114.46 61.08
CA TYR BB 115 56.70 115.88 61.41
C TYR BB 115 57.38 116.07 62.77
N LEU BB 116 57.73 117.31 63.07
CA LEU BB 116 58.54 117.67 64.21
C LEU BB 116 58.01 118.95 64.85
N ILE BB 117 57.98 118.99 66.17
CA ILE BB 117 57.45 120.13 66.92
C ILE BB 117 58.16 120.19 68.26
N SER BB 118 58.08 121.35 68.91
CA SER BB 118 58.78 121.57 70.17
C SER BB 118 57.82 122.05 71.26
N ILE BB 119 58.31 122.01 72.50
CA ILE BB 119 57.50 122.33 73.67
C ILE BB 119 57.10 123.80 73.68
N ASP BB 120 58.02 124.70 73.32
CA ASP BB 120 57.69 126.11 73.29
C ASP BB 120 56.59 126.40 72.29
N GLU BB 121 56.66 125.77 71.11
CA GLU BB 121 55.60 125.93 70.11
C GLU BB 121 54.29 125.36 70.62
N ILE BB 122 54.33 124.23 71.33
CA ILE BB 122 53.11 123.65 71.89
C ILE BB 122 52.46 124.62 72.87
N LYS BB 123 53.26 125.17 73.78
CA LYS BB 123 52.71 126.11 74.77
C LYS BB 123 52.16 127.36 74.10
N ALA BB 124 52.88 127.90 73.11
CA ALA BB 124 52.41 129.09 72.43
C ALA BB 124 51.10 128.82 71.69
N GLY BB 125 51.00 127.67 71.04
CA GLY BB 125 49.75 127.33 70.37
C GLY BB 125 48.59 127.20 71.32
N GLN BB 126 48.82 126.55 72.47
CA GLN BB 126 47.76 126.43 73.46
C GLN BB 126 47.35 127.80 73.99
N ALA BB 127 48.33 128.69 74.19
CA ALA BB 127 48.02 130.02 74.71
C ALA BB 127 47.20 130.84 73.71
N THR BB 128 47.61 130.84 72.44
CA THR BB 128 46.92 131.66 71.45
C THR BB 128 45.68 131.00 70.88
N GLY BB 129 45.42 129.73 71.19
CA GLY BB 129 44.24 129.06 70.70
C GLY BB 129 44.32 128.58 69.27
N ARG BB 130 45.49 128.69 68.62
CA ARG BB 130 45.69 128.25 67.25
C ARG BB 130 46.88 127.30 67.22
N PRO BB 131 46.66 126.01 67.49
CA PRO BB 131 47.78 125.07 67.57
C PRO BB 131 48.41 124.82 66.20
N LEU BB 132 49.60 124.23 66.22
CA LEU BB 132 50.34 123.91 65.01
C LEU BB 132 50.36 122.41 64.69
N SER BB 133 50.20 121.56 65.71
CA SER BB 133 50.21 120.13 65.49
C SER BB 133 49.06 119.69 64.61
N THR BB 134 47.88 120.28 64.79
CA THR BB 134 46.74 119.92 63.95
C THR BB 134 47.00 120.26 62.49
N ARG BB 135 47.56 121.44 62.22
CA ARG BB 135 47.87 121.82 60.84
C ARG BB 135 48.91 120.88 60.24
N LYS BB 136 49.93 120.51 61.02
CA LYS BB 136 50.96 119.62 60.49
C LYS BB 136 50.40 118.23 60.22
N ALA BB 137 49.52 117.73 61.10
CA ALA BB 137 48.90 116.43 60.86
C ALA BB 137 48.02 116.45 59.62
N SER BB 138 47.26 117.53 59.43
CA SER BB 138 46.45 117.66 58.22
C SER BB 138 47.33 117.69 56.98
N ALA BB 139 48.47 118.39 57.06
CA ALA BB 139 49.40 118.42 55.93
C ALA BB 139 49.92 117.03 55.62
N CYS BB 140 50.26 116.25 56.65
CA CYS BB 140 50.75 114.90 56.42
C CYS BB 140 49.70 114.03 55.74
N GLN BB 141 48.45 114.10 56.23
CA GLN BB 141 47.40 113.28 55.63
C GLN BB 141 47.14 113.68 54.18
N LEU BB 142 47.11 115.00 53.91
CA LEU BB 142 46.92 115.46 52.54
C LEU BB 142 48.07 115.02 51.65
N ALA BB 143 49.30 115.02 52.17
CA ALA BB 143 50.43 114.55 51.39
C ALA BB 143 50.28 113.08 51.02
N HIS BB 144 49.84 112.26 51.97
CA HIS BB 144 49.62 110.85 51.68
C HIS BB 144 48.55 110.67 50.60
N ASP BB 145 47.44 111.38 50.73
CA ASP BB 145 46.35 111.23 49.76
C ASP BB 145 46.79 111.68 48.36
N GLN BB 146 47.48 112.81 48.28
CA GLN BB 146 47.95 113.28 46.97
C GLN BB 146 49.00 112.35 46.38
N LEU BB 147 49.83 111.72 47.22
CA LEU BB 147 50.77 110.74 46.71
C LEU BB 147 50.04 109.53 46.13
N VAL BB 148 48.97 109.09 46.78
CA VAL BB 148 48.19 107.98 46.24
C VAL BB 148 47.61 108.35 44.89
N ASN BB 149 47.04 109.56 44.78
CA ASN BB 149 46.47 110.00 43.51
C ASN BB 149 47.54 110.10 42.43
N ARG BB 150 48.73 110.63 42.78
CA ARG BB 150 49.81 110.75 41.81
C ARG BB 150 50.30 109.37 41.36
N LEU BB 151 50.33 108.40 42.28
CA LEU BB 151 50.66 107.04 41.88
C LEU BB 151 49.64 106.50 40.90
N VAL BB 152 48.36 106.76 41.14
CA VAL BB 152 47.31 106.23 40.28
C VAL BB 152 47.41 106.81 38.88
N PHE BB 153 47.56 108.13 38.76
CA PHE BB 153 47.46 108.78 37.46
C PHE BB 153 48.79 109.08 36.79
N LYS BB 154 49.93 108.83 37.44
CA LYS BB 154 51.23 109.03 36.79
C LYS BB 154 52.20 107.87 36.97
N GLY BB 155 52.12 107.10 38.04
CA GLY BB 155 53.02 105.99 38.25
C GLY BB 155 54.43 106.45 38.56
N SER BB 156 55.36 105.50 38.49
CA SER BB 156 56.77 105.76 38.74
C SER BB 156 57.59 104.73 37.98
N ALA BB 157 58.48 105.20 37.10
CA ALA BB 157 59.29 104.28 36.31
C ALA BB 157 60.22 103.41 37.15
N PRO BB 158 61.01 103.94 38.10
CA PRO BB 158 61.91 103.06 38.86
C PRO BB 158 61.20 102.00 39.66
N HIS BB 159 60.01 102.29 40.18
CA HIS BB 159 59.26 101.33 40.98
C HIS BB 159 58.43 100.38 40.13
N LYS BB 160 58.53 100.48 38.80
CA LYS BB 160 57.79 99.62 37.88
C LYS BB 160 56.29 99.69 38.11
N ILE BB 161 55.78 100.90 38.31
CA ILE BB 161 54.35 101.15 38.41
C ILE BB 161 53.95 101.92 37.16
N VAL BB 162 52.98 101.39 36.41
CA VAL BB 162 52.55 101.95 35.14
C VAL BB 162 51.25 102.70 35.35
N SER BB 163 51.17 103.91 34.77
CA SER BB 163 49.96 104.71 34.85
C SER BB 163 48.91 104.19 33.87
N VAL BB 164 47.68 104.69 34.04
CA VAL BB 164 46.60 104.26 33.18
C VAL BB 164 46.81 104.73 31.74
N PHE BB 165 47.38 105.93 31.56
CA PHE BB 165 47.61 106.44 30.23
C PHE BB 165 48.77 105.75 29.52
N ASN BB 166 49.61 105.02 30.25
CA ASN BB 166 50.81 104.42 29.68
C ASN BB 166 50.72 102.90 29.63
N HIS BB 167 49.56 102.32 29.90
CA HIS BB 167 49.42 100.88 29.80
C HIS BB 167 49.52 100.45 28.34
N PRO BB 168 50.25 99.37 28.05
CA PRO BB 168 50.49 98.98 26.66
C PRO BB 168 49.45 98.05 26.04
N ASN BB 169 48.32 97.82 26.71
CA ASN BB 169 47.29 96.92 26.18
C ASN BB 169 45.91 97.56 26.14
N ILE BB 170 45.86 98.88 26.28
CA ILE BB 170 44.60 99.62 26.17
C ILE BB 170 44.54 100.22 24.78
N THR BB 171 43.31 100.48 24.30
CA THR BB 171 43.15 100.99 22.96
C THR BB 171 43.44 102.49 22.94
N LYS BB 172 44.14 102.94 21.90
CA LYS BB 172 44.48 104.34 21.74
C LYS BB 172 44.00 104.82 20.37
N ILE BB 173 43.30 105.96 20.35
CA ILE BB 173 42.75 106.53 19.13
C ILE BB 173 43.24 107.96 19.00
N THR BB 174 43.89 108.26 17.89
CA THR BB 174 44.34 109.61 17.61
C THR BB 174 43.22 110.40 16.91
N SER BB 175 42.90 111.57 17.45
CA SER BB 175 41.80 112.36 16.96
C SER BB 175 42.24 113.80 16.73
N GLY BB 176 41.62 114.44 15.75
CA GLY BB 176 41.84 115.85 15.54
C GLY BB 176 41.27 116.68 16.68
N LYS BB 177 41.84 117.87 16.85
CA LYS BB 177 41.44 118.73 17.96
C LYS BB 177 39.98 119.12 17.84
N TRP BB 178 39.25 119.02 18.96
CA TRP BB 178 37.87 119.45 19.00
C TRP BB 178 37.73 120.96 18.96
N ILE BB 179 38.78 121.69 19.33
CA ILE BB 179 38.78 123.14 19.30
C ILE BB 179 40.01 123.56 18.49
N ASP BB 180 39.77 124.21 17.34
CA ASP BB 180 40.84 124.64 16.46
C ASP BB 180 40.65 126.10 16.10
N ALA BB 181 41.65 126.92 16.39
CA ALA BB 181 41.61 128.36 16.12
C ALA BB 181 40.36 129.00 16.72
N SER BB 182 40.05 128.60 17.96
CA SER BB 182 38.87 129.08 18.69
C SER BB 182 37.56 128.73 17.98
N THR BB 183 37.57 127.69 17.16
CA THR BB 183 36.37 127.19 16.51
C THR BB 183 36.07 125.78 17.01
N MET BB 184 34.79 125.49 17.20
CA MET BB 184 34.34 124.27 17.84
C MET BB 184 33.83 123.27 16.80
N LYS BB 185 34.00 121.98 17.10
CA LYS BB 185 33.61 120.89 16.20
C LYS BB 185 32.77 119.87 16.96
N PRO BB 186 31.55 120.23 17.33
CA PRO BB 186 30.68 119.25 18.02
C PRO BB 186 30.39 118.01 17.20
N GLU BB 187 30.27 118.15 15.88
CA GLU BB 187 30.06 116.97 15.04
C GLU BB 187 31.26 116.03 15.11
N THR BB 188 32.46 116.59 15.07
CA THR BB 188 33.66 115.76 15.22
C THR BB 188 33.69 115.08 16.58
N ALA BB 189 33.33 115.82 17.64
CA ALA BB 189 33.33 115.23 18.97
C ALA BB 189 32.35 114.06 19.06
N GLU BB 190 31.15 114.24 18.51
CA GLU BB 190 30.16 113.17 18.52
C GLU BB 190 30.63 111.96 17.72
N ALA BB 191 31.25 112.21 16.56
CA ALA BB 191 31.76 111.11 15.75
C ALA BB 191 32.83 110.33 16.50
N GLU BB 192 33.76 111.03 17.14
CA GLU BB 192 34.81 110.33 17.88
C GLU BB 192 34.25 109.55 19.06
N LEU BB 193 33.28 110.11 19.78
CA LEU BB 193 32.69 109.38 20.90
C LEU BB 193 31.97 108.13 20.42
N THR BB 194 31.21 108.23 19.33
CA THR BB 194 30.53 107.05 18.79
C THR BB 194 31.54 106.01 18.32
N GLN BB 195 32.64 106.45 17.71
CA GLN BB 195 33.67 105.52 17.27
C GLN BB 195 34.29 104.79 18.45
N ALA BB 196 34.55 105.51 19.54
CA ALA BB 196 35.11 104.88 20.74
C ALA BB 196 34.15 103.85 21.32
N ILE BB 197 32.87 104.18 21.40
CA ILE BB 197 31.89 103.23 21.94
C ILE BB 197 31.79 102.00 21.04
N GLU BB 198 31.79 102.20 19.73
CA GLU BB 198 31.75 101.07 18.80
C GLU BB 198 32.99 100.21 18.94
N THR BB 199 34.15 100.82 19.15
CA THR BB 199 35.37 100.05 19.37
C THR BB 199 35.27 99.21 20.65
N ILE BB 200 34.75 99.80 21.72
CA ILE BB 200 34.57 99.05 22.96
C ILE BB 200 33.66 97.85 22.73
N GLU BB 201 32.56 98.05 22.01
CA GLU BB 201 31.65 96.95 21.74
C GLU BB 201 32.30 95.88 20.88
N THR BB 202 33.09 96.29 19.88
CA THR BB 202 33.64 95.35 18.91
C THR BB 202 34.77 94.51 19.49
N ILE BB 203 35.69 95.14 20.24
CA ILE BB 203 36.88 94.41 20.70
C ILE BB 203 36.50 93.22 21.59
N THR BB 204 35.58 93.41 22.53
CA THR BB 204 35.15 92.34 23.40
C THR BB 204 34.06 91.48 22.77
N ARG BB 205 33.62 91.81 21.55
CA ARG BB 205 32.63 91.03 20.81
C ARG BB 205 31.31 90.91 21.58
N GLY BB 206 30.86 92.05 22.10
CA GLY BB 206 29.60 92.10 22.82
C GLY BB 206 29.64 91.60 24.24
N GLN BB 207 30.81 91.22 24.75
CA GLN BB 207 30.88 90.73 26.12
C GLN BB 207 30.76 91.87 27.13
N HIS BB 208 31.36 93.02 26.82
CA HIS BB 208 31.32 94.20 27.68
C HIS BB 208 30.71 95.37 26.93
N ARG BB 209 30.15 96.32 27.69
CA ARG BB 209 29.56 97.53 27.14
C ARG BB 209 30.11 98.74 27.88
N ALA BB 210 30.28 99.83 27.16
CA ALA BB 210 30.78 101.06 27.77
C ALA BB 210 29.78 101.61 28.78
N THR BB 211 30.30 102.17 29.86
CA THR BB 211 29.45 102.69 30.91
C THR BB 211 29.77 104.13 31.29
N ASN BB 212 31.05 104.51 31.29
CA ASN BB 212 31.46 105.82 31.75
C ASN BB 212 32.41 106.48 30.76
N ILE BB 213 32.28 107.80 30.65
CA ILE BB 213 33.14 108.65 29.84
C ILE BB 213 33.66 109.78 30.71
N LEU BB 214 34.98 110.01 30.64
CA LEU BB 214 35.63 111.08 31.37
C LEU BB 214 36.29 112.03 30.38
N ILE BB 215 35.98 113.31 30.50
CA ILE BB 215 36.42 114.33 29.56
C ILE BB 215 37.06 115.47 30.33
N PRO BB 216 37.94 116.24 29.69
CA PRO BB 216 38.53 117.41 30.35
C PRO BB 216 37.48 118.44 30.68
N PRO BB 217 37.67 119.21 31.76
CA PRO BB 217 36.73 120.29 32.08
C PRO BB 217 36.75 121.44 31.10
N SER BB 218 37.76 121.54 30.24
CA SER BB 218 37.85 122.62 29.27
C SER BB 218 37.01 122.38 28.02
N MET BB 219 36.38 121.21 27.90
CA MET BB 219 35.59 120.87 26.74
C MET BB 219 34.10 120.72 27.05
N ARG BB 220 33.67 121.14 28.24
CA ARG BB 220 32.25 121.05 28.57
C ARG BB 220 31.39 122.00 27.73
N LYS BB 221 31.99 123.07 27.19
CA LYS BB 221 31.24 124.02 26.38
C LYS BB 221 30.97 123.48 24.97
N VAL BB 222 31.86 122.66 24.43
CA VAL BB 222 31.68 122.15 23.08
C VAL BB 222 30.47 121.23 23.01
N LEU BB 223 30.25 120.43 24.05
CA LEU BB 223 29.13 119.48 24.06
C LEU BB 223 27.82 120.12 24.50
N ALA BB 224 27.81 121.40 24.85
CA ALA BB 224 26.61 122.09 25.27
C ALA BB 224 26.02 122.99 24.20
N ILE BB 225 26.55 122.96 22.98
CA ILE BB 225 26.06 123.82 21.92
C ILE BB 225 24.68 123.35 21.47
N ARG BB 226 23.76 124.30 21.29
CA ARG BB 226 22.44 123.98 20.78
C ARG BB 226 22.52 123.51 19.34
N MET BB 227 21.89 122.39 19.03
CA MET BB 227 21.85 121.91 17.66
C MET BB 227 21.05 122.88 16.79
N PRO BB 228 21.45 123.07 15.54
CA PRO BB 228 20.79 124.08 14.70
C PRO BB 228 19.32 123.76 14.47
N GLU BB 229 18.51 124.81 14.43
CA GLU BB 229 17.07 124.74 14.16
C GLU BB 229 16.35 123.79 15.10
N THR BB 230 16.73 123.76 16.38
CA THR BB 230 16.01 122.98 17.38
C THR BB 230 16.31 123.56 18.76
N THR BB 231 15.72 122.94 19.78
CA THR BB 231 15.83 123.40 21.16
C THR BB 231 16.46 122.37 22.09
N MET BB 232 17.54 121.72 21.64
CA MET BB 232 18.25 120.75 22.46
C MET BB 232 19.74 120.88 22.19
N SER BB 233 20.52 120.16 22.99
CA SER BB 233 21.97 120.21 22.90
C SER BB 233 22.52 118.90 22.37
N TYR BB 234 23.77 118.94 21.91
CA TYR BB 234 24.43 117.73 21.45
C TYR BB 234 24.54 116.70 22.58
N LEU BB 235 24.77 117.17 23.79
CA LEU BB 235 24.80 116.25 24.94
C LEU BB 235 23.44 115.61 25.15
N ASP BB 236 22.36 116.38 25.00
CA ASP BB 236 21.02 115.82 25.16
C ASP BB 236 20.75 114.76 24.10
N TYR BB 237 21.11 115.03 22.84
CA TYR BB 237 20.91 114.04 21.79
C TYR BB 237 21.75 112.80 22.05
N PHE BB 238 23.01 112.98 22.45
CA PHE BB 238 23.88 111.84 22.73
C PHE BB 238 23.31 110.98 23.85
N LYS BB 239 22.82 111.61 24.93
CA LYS BB 239 22.24 110.84 26.02
C LYS BB 239 20.96 110.13 25.58
N SER BB 240 20.13 110.79 24.78
CA SER BB 240 18.90 110.15 24.31
C SER BB 240 19.20 108.93 23.46
N GLN BB 241 20.18 109.04 22.57
CA GLN BB 241 20.52 107.91 21.69
C GLN BB 241 21.38 106.85 22.37
N ASN BB 242 22.04 107.18 23.47
CA ASN BB 242 22.91 106.25 24.19
C ASN BB 242 22.52 106.19 25.66
N SER BB 243 21.20 106.11 25.92
CA SER BB 243 20.70 106.02 27.28
C SER BB 243 21.36 104.89 28.05
N GLY BB 244 21.63 105.14 29.32
CA GLY BB 244 22.36 104.20 30.15
C GLY BB 244 23.84 104.47 30.28
N ILE BB 245 24.28 105.71 30.05
CA ILE BB 245 25.70 106.07 30.07
C ILE BB 245 25.87 107.27 30.99
N GLU BB 246 27.10 107.49 31.45
CA GLU BB 246 27.42 108.62 32.31
C GLU BB 246 28.64 109.37 31.76
N ILE BB 247 28.61 110.69 31.93
CA ILE BB 247 29.67 111.57 31.47
C ILE BB 247 30.13 112.42 32.65
N ASP BB 248 31.44 112.55 32.82
CA ASP BB 248 31.97 113.31 33.93
C ASP BB 248 33.27 114.00 33.50
N SER BB 249 33.68 114.97 34.31
CA SER BB 249 34.85 115.79 34.04
C SER BB 249 35.94 115.54 35.08
N ILE BB 250 37.18 115.40 34.61
CA ILE BB 250 38.33 115.11 35.46
C ILE BB 250 39.43 116.11 35.13
N ALA BB 251 39.97 116.77 36.15
CA ALA BB 251 40.96 117.81 35.91
C ALA BB 251 42.32 117.20 35.55
N GLU BB 252 42.55 115.94 35.91
CA GLU BB 252 43.82 115.29 35.60
C GLU BB 252 44.04 115.10 34.11
N LEU BB 253 43.00 115.26 33.29
CA LEU BB 253 43.11 115.05 31.85
C LEU BB 253 43.56 116.29 31.09
N GLU BB 254 43.75 117.43 31.77
CA GLU BB 254 44.32 118.60 31.09
C GLU BB 254 45.73 118.35 30.58
N ASP BB 255 46.45 117.38 31.13
CA ASP BB 255 47.78 117.04 30.64
C ASP BB 255 48.02 115.57 30.93
N ILE BB 256 48.33 114.79 29.90
CA ILE BB 256 48.49 113.36 30.03
C ILE BB 256 49.93 112.89 29.82
N ASP BB 257 50.81 113.75 29.31
CA ASP BB 257 52.21 113.40 29.13
C ASP BB 257 53.17 114.39 29.76
N GLY BB 258 52.66 115.44 30.41
CA GLY BB 258 53.52 116.48 30.95
C GLY BB 258 53.93 117.55 29.96
N ALA BB 259 53.52 117.44 28.70
CA ALA BB 259 53.90 118.40 27.68
C ALA BB 259 52.76 119.32 27.27
N GLY BB 260 51.53 119.01 27.62
CA GLY BB 260 50.40 119.87 27.33
C GLY BB 260 49.31 119.30 26.42
N THR BB 261 49.26 117.98 26.23
CA THR BB 261 48.22 117.39 25.42
C THR BB 261 47.13 116.77 26.29
N LYS BB 262 45.92 116.75 25.76
CA LYS BB 262 44.74 116.30 26.49
C LYS BB 262 44.35 114.89 26.08
N GLY BB 263 43.26 114.41 26.67
CA GLY BB 263 42.78 113.07 26.38
C GLY BB 263 41.40 112.84 26.96
N VAL BB 264 40.74 111.81 26.41
CA VAL BB 264 39.40 111.42 26.82
C VAL BB 264 39.40 109.92 27.12
N LEU BB 265 38.77 109.53 28.22
CA LEU BB 265 38.76 108.14 28.64
C LEU BB 265 37.36 107.55 28.53
N VAL BB 266 37.26 106.38 27.89
CA VAL BB 266 36.00 105.64 27.81
C VAL BB 266 36.24 104.27 28.41
N TYR BB 267 35.40 103.87 29.36
CA TYR BB 267 35.64 102.63 30.08
C TYR BB 267 34.34 102.13 30.69
N GLU BB 268 34.39 100.92 31.24
CA GLU BB 268 33.29 100.32 32.00
C GLU BB 268 33.73 100.18 33.46
N LYS BB 269 32.88 100.65 34.37
CA LYS BB 269 33.20 100.65 35.79
C LYS BB 269 32.64 99.39 36.43
N ASN BB 270 33.46 98.35 36.49
CA ASN BB 270 33.08 97.08 37.10
C ASN BB 270 34.23 96.60 37.99
N PRO BB 271 33.93 96.18 39.22
CA PRO BB 271 35.01 95.74 40.12
C PRO BB 271 35.84 94.59 39.57
N MET BB 272 35.29 93.77 38.69
CA MET BB 272 36.03 92.65 38.13
C MET BB 272 37.05 93.07 37.07
N ASN BB 273 36.88 94.26 36.47
CA ASN BB 273 37.79 94.75 35.44
C ASN BB 273 39.02 95.44 36.00
N MET BB 274 38.88 96.17 37.11
CA MET BB 274 39.94 97.04 37.59
C MET BB 274 39.74 97.30 39.07
N SER BB 275 40.82 97.62 39.76
CA SER BB 275 40.74 97.75 41.21
C SER BB 275 41.87 98.60 41.76
N ILE BB 276 41.66 99.10 42.97
CA ILE BB 276 42.67 99.78 43.76
C ILE BB 276 42.55 99.27 45.20
N GLU BB 277 43.66 98.87 45.79
CA GLU BB 277 43.67 98.26 47.12
C GLU BB 277 44.43 99.15 48.10
N ILE BB 278 43.84 99.34 49.27
CA ILE BB 278 44.43 100.09 50.38
C ILE BB 278 44.44 99.19 51.61
N PRO BB 279 45.43 98.31 51.76
CA PRO BB 279 45.39 97.35 52.88
C PRO BB 279 45.39 98.00 54.25
N GLU BB 280 46.12 99.09 54.43
CA GLU BB 280 46.20 99.77 55.72
C GLU BB 280 45.95 101.26 55.54
N ALA BB 281 45.32 101.86 56.53
CA ALA BB 281 44.97 103.28 56.49
C ALA BB 281 45.95 104.11 57.32
N PHE BB 282 45.73 105.42 57.30
CA PHE BB 282 46.58 106.36 58.01
C PHE BB 282 46.50 106.11 59.51
N ASN BB 283 47.65 106.11 60.19
CA ASN BB 283 47.75 105.53 61.53
C ASN BB 283 48.20 106.48 62.64
N MET BB 284 49.14 107.40 62.38
CA MET BB 284 49.62 108.35 63.39
C MET BB 284 50.25 107.63 64.59
N LEU BB 285 51.42 107.03 64.34
CA LEU BB 285 52.23 106.40 65.38
C LEU BB 285 52.50 107.36 66.54
N PRO BB 286 52.79 106.85 67.74
CA PRO BB 286 53.03 107.73 68.89
C PRO BB 286 54.28 108.57 68.71
N ALA BB 287 54.40 109.57 69.58
CA ALA BB 287 55.48 110.56 69.49
C ALA BB 287 56.71 110.09 70.24
N GLN BB 288 57.87 110.28 69.62
CA GLN BB 288 59.15 109.94 70.23
C GLN BB 288 59.82 111.20 70.74
N PRO BB 289 60.16 111.29 72.03
CA PRO BB 289 60.73 112.53 72.56
C PRO BB 289 62.24 112.62 72.32
N LYS BB 290 62.74 113.84 72.47
CA LYS BB 290 64.17 114.12 72.41
C LYS BB 290 64.45 115.18 73.48
N ASP BB 291 65.61 115.85 73.35
CA ASP BB 291 66.04 116.83 74.35
C ASP BB 291 64.91 117.76 74.77
N LEU BB 292 64.36 118.52 73.83
CA LEU BB 292 63.24 119.40 74.15
C LEU BB 292 62.21 119.47 73.02
N HIS BB 293 62.18 118.48 72.13
CA HIS BB 293 61.24 118.47 71.02
C HIS BB 293 60.85 117.02 70.75
N PHE BB 294 59.75 116.83 70.03
CA PHE BB 294 59.21 115.51 69.74
C PHE BB 294 59.29 115.25 68.25
N LYS BB 295 59.07 113.99 67.88
CA LYS BB 295 59.00 113.61 66.46
C LYS BB 295 57.87 112.61 66.29
N VAL BB 296 57.03 112.82 65.28
CA VAL BB 296 55.88 111.94 65.06
C VAL BB 296 55.90 111.40 63.64
N PRO BB 297 56.04 110.09 63.45
CA PRO BB 297 55.97 109.51 62.10
C PRO BB 297 54.57 109.02 61.75
N CYS BB 298 54.33 108.93 60.44
CA CYS BB 298 53.05 108.49 59.89
C CYS BB 298 53.31 107.53 58.73
N THR BB 299 52.47 106.51 58.61
CA THR BB 299 52.64 105.48 57.59
C THR BB 299 51.28 105.09 57.01
N SER BB 300 51.34 104.44 55.85
CA SER BB 300 50.15 103.96 55.14
C SER BB 300 50.59 102.92 54.12
N LYS BB 301 49.61 102.27 53.49
CA LYS BB 301 49.88 101.23 52.50
C LYS BB 301 48.91 101.34 51.34
N CYS BB 302 49.36 100.94 50.15
CA CYS BB 302 48.50 100.93 48.98
C CYS BB 302 49.13 100.05 47.91
N THR BB 303 48.33 99.67 46.90
CA THR BB 303 48.84 98.86 45.81
C THR BB 303 48.90 99.62 44.48
N GLY BB 304 48.05 100.62 44.29
CA GLY BB 304 47.98 101.33 43.04
C GLY BB 304 46.79 100.86 42.24
N LEU BB 305 46.89 100.99 40.92
CA LEU BB 305 45.82 100.63 40.00
C LEU BB 305 46.15 99.31 39.31
N THR BB 306 45.24 98.35 39.39
CA THR BB 306 45.39 97.07 38.72
C THR BB 306 44.28 96.92 37.69
N ILE BB 307 44.65 96.54 36.47
CA ILE BB 307 43.71 96.37 35.37
C ILE BB 307 43.76 94.91 34.96
N TYR BB 308 42.74 94.13 35.35
CA TYR BB 308 42.72 92.71 35.01
C TYR BB 308 42.36 92.50 33.55
N ARG BB 309 41.41 93.28 33.02
CA ARG BB 309 40.97 93.16 31.64
C ARG BB 309 41.33 94.44 30.89
N PRO BB 310 42.43 94.45 30.13
CA PRO BB 310 42.90 95.71 29.54
C PRO BB 310 42.22 96.09 28.24
N MET BB 311 41.22 95.34 27.79
CA MET BB 311 40.54 95.63 26.52
C MET BB 311 39.29 96.49 26.69
N THR BB 312 38.99 96.93 27.91
CA THR BB 312 37.84 97.78 28.17
C THR BB 312 38.22 99.24 28.44
N ILE BB 313 39.44 99.63 28.04
CA ILE BB 313 39.92 100.99 28.24
C ILE BB 313 40.25 101.58 26.88
N VAL BB 314 39.61 102.71 26.53
CA VAL BB 314 39.89 103.44 25.30
C VAL BB 314 40.32 104.85 25.67
N LEU BB 315 41.46 105.26 25.11
CA LEU BB 315 42.01 106.60 25.33
C LEU BB 315 42.06 107.33 24.00
N ILE BB 316 41.37 108.46 23.93
CA ILE BB 316 41.38 109.33 22.75
C ILE BB 316 42.40 110.43 23.03
N THR BB 317 43.44 110.48 22.20
CA THR BB 317 44.59 111.34 22.43
C THR BB 317 44.57 112.52 21.47
N GLY BB 318 45.11 113.65 21.94
CA GLY BB 318 45.18 114.84 21.11
C GLY BB 318 43.92 115.66 21.05
N VAL BB 319 42.94 115.36 21.89
CA VAL BB 319 41.66 116.06 21.87
C VAL BB 319 41.84 117.54 22.18
N ALA CB 29 -8.36 206.73 33.30
CA ALA CB 29 -8.38 205.34 33.76
C ALA CB 29 -9.79 204.77 33.74
N THR CB 30 -10.07 203.91 32.77
CA THR CB 30 -11.37 203.26 32.61
C THR CB 30 -11.16 201.76 32.63
N MET CB 31 -11.43 201.15 33.78
CA MET CB 31 -11.21 199.72 33.99
C MET CB 31 -12.55 199.03 34.27
N GLY CB 32 -12.47 197.73 34.57
CA GLY CB 32 -13.66 196.97 34.88
C GLY CB 32 -13.90 196.81 36.37
N ILE CB 33 -15.08 196.29 36.70
CA ILE CB 33 -15.43 196.07 38.10
C ILE CB 33 -14.58 194.95 38.70
N TRP CB 34 -14.45 193.83 38.00
CA TRP CB 34 -13.72 192.68 38.49
C TRP CB 34 -12.30 192.67 37.95
N THR CB 35 -11.36 192.30 38.80
CA THR CB 35 -9.97 192.12 38.42
C THR CB 35 -9.76 190.68 37.94
N ALA CB 36 -8.59 190.44 37.33
CA ALA CB 36 -8.30 189.11 36.79
C ALA CB 36 -8.11 188.10 37.91
N GLN CB 37 -7.60 188.54 39.06
CA GLN CB 37 -7.34 187.62 40.17
C GLN CB 37 -8.61 187.00 40.72
N GLU CB 38 -9.71 187.76 40.80
CA GLU CB 38 -10.95 187.25 41.37
C GLU CB 38 -11.53 186.09 40.58
N LEU CB 39 -11.13 185.94 39.31
CA LEU CB 39 -11.60 184.85 38.46
C LEU CB 39 -10.36 184.04 38.07
N HIS CB 40 -9.97 183.12 38.96
CA HIS CB 40 -8.73 182.39 38.80
C HIS CB 40 -8.68 181.20 39.76
N ARG CB 41 -8.42 180.01 39.26
CA ARG CB 41 -8.40 178.81 40.07
C ARG CB 41 -7.00 178.21 40.11
N ILE CB 42 -6.56 177.82 41.30
CA ILE CB 42 -5.25 177.20 41.49
C ILE CB 42 -5.49 175.72 41.79
N LYS CB 43 -4.95 174.85 40.95
CA LYS CB 43 -5.12 173.42 41.13
C LYS CB 43 -4.46 172.96 42.43
N SER CB 44 -5.14 172.07 43.14
CA SER CB 44 -4.69 171.58 44.43
C SER CB 44 -3.76 170.38 44.31
N GLN CB 45 -3.12 170.20 43.16
CA GLN CB 45 -2.17 169.12 42.95
C GLN CB 45 -0.84 169.71 42.45
N SER CB 46 0.24 169.32 43.10
CA SER CB 46 1.57 169.79 42.77
C SER CB 46 2.41 168.66 42.18
N TYR CB 47 3.39 169.04 41.39
CA TYR CB 47 4.25 168.07 40.70
C TYR CB 47 5.68 168.20 41.17
N GLU CB 48 6.35 167.07 41.34
CA GLU CB 48 7.72 167.04 41.84
C GLU CB 48 8.56 166.10 40.98
N GLU CB 49 9.81 166.48 40.76
CA GLU CB 49 10.73 165.65 40.01
C GLU CB 49 11.20 164.46 40.86
N ASP CB 50 11.61 163.40 40.18
CA ASP CB 50 12.09 162.19 40.83
C ASP CB 50 13.61 162.09 40.71
N TYR CB 51 14.23 161.45 41.70
CA TYR CB 51 15.67 161.20 41.69
C TYR CB 51 15.92 159.88 42.42
N PRO CB 52 15.84 158.76 41.71
CA PRO CB 52 16.14 157.48 42.34
C PRO CB 52 17.60 157.40 42.76
N VAL CB 53 17.84 156.67 43.84
CA VAL CB 53 19.20 156.57 44.38
C VAL CB 53 20.03 155.58 43.60
N GLY CB 54 19.63 154.32 43.61
CA GLY CB 54 20.36 153.27 42.96
C GLY CB 54 20.11 151.94 43.64
N SER CB 55 20.89 150.93 43.24
CA SER CB 55 20.71 149.58 43.76
C SER CB 55 21.98 149.04 44.42
N ALA CB 56 22.90 149.91 44.83
CA ALA CB 56 24.15 149.45 45.43
C ALA CB 56 23.90 148.69 46.73
N LEU CB 57 23.00 149.18 47.57
CA LEU CB 57 22.69 148.52 48.84
C LEU CB 57 21.73 147.35 48.66
N ARG CB 58 21.22 147.12 47.45
CA ARG CB 58 20.30 146.02 47.20
C ARG CB 58 20.94 144.86 46.46
N VAL CB 59 21.93 145.11 45.60
CA VAL CB 59 22.58 144.03 44.84
C VAL CB 59 23.91 143.61 45.44
N PHE CB 60 24.29 144.17 46.59
CA PHE CB 60 25.51 143.77 47.28
C PHE CB 60 25.23 143.56 48.75
N PRO CB 61 25.83 142.55 49.37
CA PRO CB 61 25.58 142.28 50.78
C PRO CB 61 26.11 143.41 51.67
N VAL CB 62 25.43 143.60 52.80
CA VAL CB 62 25.76 144.67 53.74
C VAL CB 62 26.03 144.01 55.10
N THR CB 63 27.27 144.08 55.56
CA THR CB 63 27.66 143.57 56.86
C THR CB 63 27.77 144.72 57.86
N THR CB 64 27.51 144.41 59.15
CA THR CB 64 27.62 145.39 60.23
C THR CB 64 28.40 144.76 61.40
N GLU CB 65 29.73 144.88 61.35
CA GLU CB 65 30.58 144.39 62.42
C GLU CB 65 31.75 145.34 62.69
N LEU CB 66 31.55 146.63 62.43
CA LEU CB 66 32.58 147.63 62.69
C LEU CB 66 32.07 148.67 63.66
N SER CB 67 32.90 149.00 64.66
CA SER CB 67 32.59 150.05 65.61
C SER CB 67 32.62 151.41 64.92
N PRO CB 68 31.83 152.37 65.40
CA PRO CB 68 31.84 153.71 64.80
C PRO CB 68 33.17 154.43 64.93
N THR CB 69 34.04 153.91 65.82
CA THR CB 69 35.33 154.56 66.09
C THR CB 69 36.50 153.72 65.58
N ASP CB 70 36.33 153.01 64.47
CA ASP CB 70 37.39 152.20 63.90
C ASP CB 70 37.85 152.78 62.57
N LYS CB 71 39.15 152.70 62.30
CA LYS CB 71 39.71 153.24 61.07
C LYS CB 71 40.07 152.18 60.05
N THR CB 72 40.56 151.01 60.48
CA THR CB 72 41.00 149.97 59.58
C THR CB 72 40.47 148.62 60.04
N PHE CB 73 40.79 147.59 59.27
CA PHE CB 73 40.48 146.22 59.63
C PHE CB 73 41.41 145.29 58.86
N GLU CB 74 41.52 144.05 59.32
CA GLU CB 74 42.39 143.10 58.65
C GLU CB 74 41.86 141.68 58.82
N TYR CB 75 42.24 140.82 57.88
CA TYR CB 75 41.85 139.41 57.87
C TYR CB 75 43.08 138.57 57.50
N MET CB 76 43.04 137.30 57.89
CA MET CB 76 44.19 136.42 57.77
C MET CB 76 43.90 135.25 56.83
N THR CB 77 44.97 134.69 56.28
CA THR CB 77 44.91 133.55 55.38
C THR CB 77 46.04 132.59 55.72
N PHE CB 78 45.79 131.29 55.59
CA PHE CB 78 46.75 130.26 55.99
C PHE CB 78 47.05 129.33 54.83
N ASP CB 79 48.18 128.63 54.95
CA ASP CB 79 48.71 127.80 53.87
C ASP CB 79 49.55 126.69 54.49
N LYS CB 80 49.95 125.72 53.66
CA LYS CB 80 50.73 124.59 54.15
C LYS CB 80 51.57 124.00 53.02
N VAL CB 81 52.58 123.21 53.41
CA VAL CB 81 53.43 122.47 52.48
C VAL CB 81 53.70 121.09 53.05
N GLY CB 82 54.13 120.16 52.20
CA GLY CB 82 54.47 118.83 52.65
C GLY CB 82 54.66 117.89 51.48
N THR CB 83 55.05 116.66 51.83
CA THR CB 83 55.29 115.61 50.83
C THR CB 83 55.29 114.26 51.53
N ALA CB 84 55.39 113.19 50.73
CA ALA CB 84 55.49 111.83 51.23
C ALA CB 84 56.28 110.99 50.24
N GLN CB 85 56.73 109.82 50.69
CA GLN CB 85 57.59 108.97 49.89
C GLN CB 85 57.27 107.50 50.15
N ILE CB 86 57.79 106.64 49.29
CA ILE CB 86 57.72 105.19 49.45
C ILE CB 86 58.96 104.74 50.22
N ILE CB 87 58.74 104.03 51.32
CA ILE CB 87 59.82 103.71 52.25
C ILE CB 87 59.85 102.20 52.47
N ALA CB 88 61.00 101.74 52.96
CA ALA CB 88 61.20 100.37 53.37
C ALA CB 88 60.92 100.25 54.88
N ASP CB 89 61.31 99.12 55.47
CA ASP CB 89 60.98 98.84 56.86
C ASP CB 89 61.95 99.46 57.87
N TYR CB 90 63.25 99.32 57.65
CA TYR CB 90 64.26 99.82 58.60
C TYR CB 90 64.73 101.21 58.20
N THR CB 91 63.79 102.13 58.01
CA THR CB 91 64.09 103.46 57.51
C THR CB 91 63.88 104.51 58.59
N ASP CB 92 64.75 105.51 58.63
CA ASP CB 92 64.62 106.65 59.53
C ASP CB 92 64.97 107.96 58.84
N ASP CB 93 64.48 108.15 57.62
CA ASP CB 93 64.76 109.36 56.84
C ASP CB 93 63.49 109.93 56.22
N LEU CB 94 62.42 109.98 57.03
CA LEU CB 94 61.14 110.46 56.54
C LEU CB 94 61.17 111.97 56.33
N PRO CB 95 60.41 112.49 55.37
CA PRO CB 95 60.36 113.94 55.14
C PRO CB 95 59.48 114.63 56.18
N LEU CB 96 59.37 115.95 56.05
CA LEU CB 96 58.71 116.79 57.04
C LEU CB 96 57.72 117.75 56.37
N VAL CB 97 56.92 118.42 57.20
CA VAL CB 97 55.89 119.36 56.75
C VAL CB 97 56.03 120.66 57.54
N ASP CB 98 55.28 121.68 57.13
CA ASP CB 98 55.34 123.00 57.75
C ASP CB 98 54.09 123.79 57.35
N ALA CB 99 53.98 125.02 57.86
CA ALA CB 99 52.81 125.85 57.63
C ALA CB 99 53.19 127.33 57.75
N LEU CB 100 52.34 128.19 57.20
CA LEU CB 100 52.58 129.63 57.20
C LEU CB 100 51.28 130.36 56.87
N GLY CB 101 51.33 131.70 56.92
CA GLY CB 101 50.16 132.51 56.67
C GLY CB 101 50.49 133.98 56.48
N THR CB 102 49.50 134.73 55.96
CA THR CB 102 49.66 136.15 55.66
C THR CB 102 48.38 136.89 56.08
N SER CB 103 48.26 138.14 55.64
CA SER CB 103 47.11 138.99 55.99
C SER CB 103 47.00 140.15 55.02
N GLU CB 104 45.87 140.87 55.11
CA GLU CB 104 45.56 142.02 54.27
C GLU CB 104 44.75 143.04 55.08
N PHE CB 105 44.64 144.26 54.56
CA PHE CB 105 44.11 145.40 55.33
C PHE CB 105 42.94 146.08 54.61
N GLY CB 106 42.42 147.14 55.23
CA GLY CB 106 41.32 147.92 54.70
C GLY CB 106 41.24 149.29 55.35
N LYS CB 107 40.28 150.11 54.88
CA LYS CB 107 40.19 151.51 55.29
C LYS CB 107 38.72 151.94 55.37
N VAL CB 108 38.51 153.13 55.96
CA VAL CB 108 37.19 153.72 56.18
C VAL CB 108 37.27 155.22 55.86
N PHE CB 109 36.12 155.82 55.51
CA PHE CB 109 36.06 157.24 55.12
C PHE CB 109 34.84 157.91 55.76
N ARG CB 110 34.83 159.25 55.67
CA ARG CB 110 33.80 160.10 56.24
C ARG CB 110 33.29 161.09 55.19
N LEU CB 111 32.01 161.46 55.29
CA LEU CB 111 31.34 162.27 54.29
C LEU CB 111 30.56 163.38 54.99
N GLY CB 112 30.26 164.47 54.26
CA GLY CB 112 29.49 165.54 54.85
C GLY CB 112 29.06 166.58 53.85
N ASN CB 113 28.13 167.43 54.28
CA ASN CB 113 27.66 168.61 53.54
C ASN CB 113 26.98 169.55 54.53
N ALA CB 114 26.30 170.58 54.03
CA ALA CB 114 25.65 171.56 54.89
C ALA CB 114 24.65 172.37 54.09
N TYR CB 115 23.86 173.19 54.79
CA TYR CB 115 22.92 174.09 54.13
C TYR CB 115 22.65 175.30 55.01
N LEU CB 116 22.10 176.35 54.39
CA LEU CB 116 21.82 177.62 55.03
C LEU CB 116 20.35 177.98 54.89
N ILE CB 117 19.85 178.81 55.82
CA ILE CB 117 18.47 179.29 55.78
C ILE CB 117 18.39 180.58 56.60
N SER CB 118 17.38 181.38 56.32
CA SER CB 118 17.24 182.71 56.89
C SER CB 118 15.98 182.82 57.73
N ILE CB 119 15.98 183.81 58.62
CA ILE CB 119 14.84 184.02 59.54
C ILE CB 119 13.60 184.39 58.76
N ASP CB 120 13.74 185.28 57.76
CA ASP CB 120 12.57 185.66 56.96
C ASP CB 120 12.00 184.46 56.22
N GLU CB 121 12.86 183.61 55.68
CA GLU CB 121 12.38 182.41 55.00
C GLU CB 121 11.68 181.45 55.96
N ILE CB 122 12.24 181.29 57.16
CA ILE CB 122 11.60 180.43 58.16
C ILE CB 122 10.22 180.96 58.51
N LYS CB 123 10.11 182.27 58.72
CA LYS CB 123 8.81 182.85 59.05
C LYS CB 123 7.81 182.72 57.91
N ALA CB 124 8.25 183.00 56.67
CA ALA CB 124 7.33 182.94 55.54
C ALA CB 124 6.92 181.52 55.20
N GLY CB 125 7.74 180.52 55.58
CA GLY CB 125 7.38 179.15 55.31
C GLY CB 125 6.15 178.69 56.07
N GLN CB 126 5.98 179.18 57.30
CA GLN CB 126 4.82 178.81 58.11
C GLN CB 126 3.56 179.57 57.70
N ALA CB 127 3.69 180.61 56.88
CA ALA CB 127 2.55 181.39 56.42
C ALA CB 127 2.09 181.01 55.03
N THR CB 128 3.02 180.88 54.08
CA THR CB 128 2.63 180.54 52.71
C THR CB 128 2.14 179.10 52.61
N GLY CB 129 2.46 178.26 53.58
CA GLY CB 129 2.02 176.88 53.59
C GLY CB 129 3.07 175.88 53.14
N ARG CB 130 4.13 176.32 52.47
CA ARG CB 130 5.18 175.43 52.00
C ARG CB 130 6.48 175.74 52.72
N PRO CB 131 6.87 174.96 53.73
CA PRO CB 131 8.17 175.18 54.37
C PRO CB 131 9.31 174.82 53.42
N LEU CB 132 10.47 175.42 53.69
CA LEU CB 132 11.63 175.23 52.83
C LEU CB 132 12.73 174.39 53.48
N SER CB 133 12.76 174.30 54.81
CA SER CB 133 13.81 173.54 55.49
C SER CB 133 13.71 172.05 55.16
N THR CB 134 12.49 171.52 55.07
CA THR CB 134 12.32 170.10 54.79
C THR CB 134 12.88 169.74 53.43
N ARG CB 135 12.70 170.61 52.42
CA ARG CB 135 13.23 170.35 51.10
C ARG CB 135 14.75 170.29 51.10
N LYS CB 136 15.40 171.19 51.83
CA LYS CB 136 16.86 171.17 51.92
C LYS CB 136 17.34 169.93 52.67
N ALA CB 137 16.60 169.51 53.70
CA ALA CB 137 16.95 168.27 54.39
C ALA CB 137 16.87 167.08 53.44
N SER CB 138 15.81 167.01 52.65
CA SER CB 138 15.67 165.93 51.68
C SER CB 138 16.80 165.97 50.65
N ALA CB 139 17.17 167.17 50.22
CA ALA CB 139 18.28 167.31 49.28
C ALA CB 139 19.58 166.78 49.87
N CYS CB 140 19.85 167.10 51.14
CA CYS CB 140 21.05 166.61 51.80
C CYS CB 140 21.05 165.08 51.87
N GLN CB 141 19.92 164.49 52.27
CA GLN CB 141 19.84 163.04 52.36
C GLN CB 141 20.05 162.38 50.99
N LEU CB 142 19.41 162.92 49.96
CA LEU CB 142 19.54 162.35 48.62
C LEU CB 142 20.96 162.48 48.11
N ALA CB 143 21.62 163.62 48.38
CA ALA CB 143 23.01 163.78 47.96
C ALA CB 143 23.90 162.76 48.65
N HIS CB 144 23.68 162.53 49.95
CA HIS CB 144 24.47 161.51 50.66
C HIS CB 144 24.31 160.14 50.02
N ASP CB 145 23.06 159.72 49.81
CA ASP CB 145 22.82 158.39 49.26
C ASP CB 145 23.39 158.25 47.85
N GLN CB 146 23.21 159.27 47.02
CA GLN CB 146 23.73 159.23 45.65
C GLN CB 146 25.25 159.17 45.64
N LEU CB 147 25.91 159.93 46.50
CA LEU CB 147 27.38 159.89 46.52
C LEU CB 147 27.88 158.55 47.04
N VAL CB 148 27.16 157.94 47.99
CA VAL CB 148 27.54 156.61 48.44
C VAL CB 148 27.45 155.61 47.29
N ASN CB 149 26.36 155.68 46.51
CA ASN CB 149 26.23 154.82 45.35
C ASN CB 149 27.36 155.06 44.34
N ARG CB 150 27.68 156.32 44.10
CA ARG CB 150 28.76 156.64 43.16
C ARG CB 150 30.09 156.09 43.66
N LEU CB 151 30.35 156.18 44.95
CA LEU CB 151 31.58 155.62 45.50
C LEU CB 151 31.61 154.11 45.31
N VAL CB 152 30.47 153.44 45.53
CA VAL CB 152 30.43 151.99 45.40
C VAL CB 152 30.68 151.56 43.96
N PHE CB 153 30.06 152.23 43.00
CA PHE CB 153 30.11 151.72 41.63
C PHE CB 153 31.23 152.33 40.78
N LYS CB 154 31.37 153.66 40.80
CA LYS CB 154 32.36 154.32 39.96
C LYS CB 154 33.73 154.42 40.61
N GLY CB 155 33.80 154.56 41.93
CA GLY CB 155 35.07 154.62 42.61
C GLY CB 155 35.73 155.98 42.48
N SER CB 156 36.80 156.16 43.25
CA SER CB 156 37.58 157.38 43.24
C SER CB 156 39.05 157.03 43.12
N ALA CB 157 39.73 157.64 42.14
CA ALA CB 157 41.12 157.32 41.87
C ALA CB 157 42.08 157.95 42.87
N PRO CB 158 42.04 159.27 43.12
CA PRO CB 158 43.00 159.85 44.06
C PRO CB 158 42.87 159.31 45.47
N HIS CB 159 41.68 158.88 45.88
CA HIS CB 159 41.45 158.35 47.22
C HIS CB 159 41.83 156.87 47.32
N LYS CB 160 42.27 156.26 46.23
CA LYS CB 160 42.62 154.83 46.20
C LYS CB 160 41.43 153.96 46.62
N ILE CB 161 40.24 154.35 46.18
CA ILE CB 161 39.03 153.57 46.36
C ILE CB 161 38.74 152.90 45.03
N VAL CB 162 39.10 151.62 44.91
CA VAL CB 162 38.91 150.89 43.67
C VAL CB 162 37.42 150.60 43.48
N SER CB 163 36.96 150.68 42.23
CA SER CB 163 35.59 150.36 41.89
C SER CB 163 35.48 148.89 41.50
N VAL CB 164 34.26 148.46 41.20
CA VAL CB 164 34.06 147.09 40.75
C VAL CB 164 34.51 146.92 39.30
N PHE CB 165 34.80 148.01 38.61
CA PHE CB 165 35.25 147.96 37.22
C PHE CB 165 36.75 148.09 37.05
N ASN CB 166 37.42 148.84 37.94
CA ASN CB 166 38.85 149.10 37.83
C ASN CB 166 39.70 148.18 38.69
N HIS CB 167 39.11 147.18 39.33
CA HIS CB 167 39.90 146.28 40.16
C HIS CB 167 40.80 145.43 39.27
N PRO CB 168 42.11 145.40 39.52
CA PRO CB 168 43.04 144.69 38.62
C PRO CB 168 43.09 143.19 38.83
N ASN CB 169 42.17 142.59 39.58
CA ASN CB 169 42.21 141.16 39.89
C ASN CB 169 40.99 140.40 39.42
N ILE CB 170 39.87 141.07 39.17
CA ILE CB 170 38.67 140.40 38.69
C ILE CB 170 38.88 139.99 37.25
N THR CB 171 38.16 138.97 36.81
CA THR CB 171 38.31 138.50 35.43
C THR CB 171 37.63 139.49 34.48
N LYS CB 172 38.34 139.86 33.43
CA LYS CB 172 37.81 140.80 32.43
C LYS CB 172 37.80 140.13 31.08
N ILE CB 173 36.66 140.17 30.41
CA ILE CB 173 36.48 139.56 29.09
C ILE CB 173 36.09 140.65 28.10
N THR CB 174 36.94 140.88 27.11
CA THR CB 174 36.55 141.73 25.99
C THR CB 174 35.54 141.00 25.13
N SER CB 175 34.75 141.76 24.39
CA SER CB 175 33.62 141.18 23.68
C SER CB 175 33.37 141.90 22.38
N GLY CB 176 32.85 141.17 21.40
CA GLY CB 176 32.25 141.80 20.25
C GLY CB 176 30.94 142.48 20.61
N LYS CB 177 30.60 143.50 19.83
CA LYS CB 177 29.43 144.31 20.17
C LYS CB 177 28.16 143.48 20.04
N TRP CB 178 27.33 143.50 21.09
CA TRP CB 178 26.05 142.81 21.04
C TRP CB 178 25.09 143.52 20.08
N ILE CB 179 25.25 144.83 19.92
CA ILE CB 179 24.48 145.62 18.96
C ILE CB 179 25.49 146.49 18.23
N ASP CB 180 25.92 146.05 17.05
CA ASP CB 180 26.89 146.79 16.24
C ASP CB 180 26.16 147.43 15.07
N ALA CB 181 25.99 148.75 15.14
CA ALA CB 181 25.27 149.53 14.12
C ALA CB 181 23.87 148.97 13.89
N SER CB 182 23.17 148.74 14.99
CA SER CB 182 21.80 148.23 15.01
C SER CB 182 21.69 146.85 14.37
N THR CB 183 22.74 146.03 14.46
CA THR CB 183 22.71 144.65 13.99
C THR CB 183 22.67 143.75 15.23
N MET CB 184 21.48 143.30 15.60
CA MET CB 184 21.31 142.55 16.83
C MET CB 184 21.84 141.13 16.65
N LYS CB 185 22.72 140.70 17.56
CA LYS CB 185 23.38 139.41 17.50
C LYS CB 185 23.28 138.70 18.84
N PRO CB 186 22.14 138.06 19.12
CA PRO CB 186 22.01 137.33 20.39
C PRO CB 186 22.92 136.12 20.51
N GLU CB 187 23.44 135.60 19.40
CA GLU CB 187 24.30 134.42 19.47
C GLU CB 187 25.59 134.72 20.24
N THR CB 188 26.16 135.91 20.03
CA THR CB 188 27.38 136.28 20.75
C THR CB 188 27.12 136.35 22.26
N ALA CB 189 26.01 136.95 22.67
CA ALA CB 189 25.68 137.02 24.09
C ALA CB 189 25.48 135.63 24.67
N GLU CB 190 24.76 134.76 23.93
CA GLU CB 190 24.54 133.40 24.40
C GLU CB 190 25.85 132.63 24.56
N ALA CB 191 26.79 132.79 23.62
CA ALA CB 191 28.08 132.13 23.73
C ALA CB 191 28.97 132.73 24.81
N GLU CB 192 28.79 134.02 25.11
CA GLU CB 192 29.68 134.68 26.05
C GLU CB 192 29.26 134.53 27.51
N LEU CB 193 27.95 134.40 27.79
CA LEU CB 193 27.54 134.20 29.17
C LEU CB 193 28.08 132.90 29.75
N THR CB 194 28.01 131.81 28.97
CA THR CB 194 28.50 130.52 29.44
C THR CB 194 30.01 130.53 29.65
N GLN CB 195 30.73 131.30 28.83
CA GLN CB 195 32.17 131.43 29.04
C GLN CB 195 32.47 132.07 30.39
N ALA CB 196 31.71 133.12 30.75
CA ALA CB 196 31.90 133.76 32.04
C ALA CB 196 31.59 132.80 33.19
N ILE CB 197 30.50 132.03 33.06
CA ILE CB 197 30.16 131.08 34.12
C ILE CB 197 31.25 130.01 34.27
N GLU CB 198 31.73 129.48 33.15
CA GLU CB 198 32.79 128.48 33.20
C GLU CB 198 34.07 129.05 33.79
N THR CB 199 34.41 130.31 33.47
CA THR CB 199 35.58 130.93 34.07
C THR CB 199 35.42 131.06 35.58
N ILE CB 200 34.24 131.50 36.04
CA ILE CB 200 33.99 131.60 37.47
C ILE CB 200 34.22 130.26 38.15
N GLU CB 201 33.71 129.18 37.56
CA GLU CB 201 33.94 127.86 38.13
C GLU CB 201 35.43 127.51 38.13
N THR CB 202 36.11 127.69 36.98
CA THR CB 202 37.44 127.15 36.81
C THR CB 202 38.46 127.87 37.68
N ILE CB 203 38.51 129.21 37.64
CA ILE CB 203 39.61 129.89 38.29
C ILE CB 203 39.55 129.76 39.80
N THR CB 204 38.38 129.47 40.37
CA THR CB 204 38.26 129.15 41.78
C THR CB 204 38.28 127.66 42.05
N ARG CB 205 38.29 126.83 41.01
CA ARG CB 205 38.43 125.39 41.15
C ARG CB 205 37.33 124.80 42.02
N GLY CB 206 36.09 125.10 41.66
CA GLY CB 206 34.97 124.72 42.48
C GLY CB 206 34.86 125.61 43.71
N GLN CB 207 33.96 125.20 44.61
CA GLN CB 207 33.66 125.88 45.87
C GLN CB 207 33.03 127.24 45.66
N HIS CB 208 32.85 127.70 44.42
CA HIS CB 208 32.26 129.00 44.13
C HIS CB 208 31.60 128.94 42.78
N ARG CB 209 30.28 129.11 42.74
CA ARG CB 209 29.50 129.02 41.52
C ARG CB 209 28.78 130.33 41.26
N ALA CB 210 28.77 130.74 39.99
CA ALA CB 210 28.11 132.00 39.62
C ALA CB 210 26.62 131.93 39.98
N THR CB 211 26.12 133.02 40.55
CA THR CB 211 24.74 133.05 41.01
C THR CB 211 23.93 134.20 40.43
N ASN CB 212 24.54 135.37 40.24
CA ASN CB 212 23.81 136.54 39.79
C ASN CB 212 24.47 137.14 38.55
N ILE CB 213 23.62 137.61 37.64
CA ILE CB 213 24.05 138.32 36.43
C ILE CB 213 23.32 139.65 36.38
N LEU CB 214 24.07 140.71 36.07
CA LEU CB 214 23.53 142.05 35.91
C LEU CB 214 23.83 142.55 34.51
N ILE CB 215 22.80 142.99 33.81
CA ILE CB 215 22.93 143.44 32.42
C ILE CB 215 22.33 144.83 32.27
N PRO CB 216 22.79 145.63 31.31
CA PRO CB 216 22.22 146.97 31.14
C PRO CB 216 20.78 146.88 30.69
N PRO CB 217 19.97 147.89 31.00
CA PRO CB 217 18.54 147.83 30.65
C PRO CB 217 18.26 147.94 29.16
N SER CB 218 19.24 148.35 28.34
CA SER CB 218 19.02 148.49 26.92
C SER CB 218 19.33 147.23 26.12
N MET CB 219 19.70 146.13 26.78
CA MET CB 219 20.07 144.91 26.11
C MET CB 219 19.08 143.78 26.35
N ARG CB 220 17.88 144.08 26.85
CA ARG CB 220 16.88 143.04 27.03
C ARG CB 220 16.23 142.62 25.72
N LYS CB 221 16.15 143.53 24.75
CA LYS CB 221 15.60 143.18 23.44
C LYS CB 221 16.48 142.14 22.74
N VAL CB 222 17.78 142.14 23.02
CA VAL CB 222 18.67 141.16 22.41
C VAL CB 222 18.30 139.75 22.86
N LEU CB 223 18.01 139.58 24.14
CA LEU CB 223 17.63 138.27 24.67
C LEU CB 223 16.15 137.97 24.51
N ALA CB 224 15.33 138.95 24.13
CA ALA CB 224 13.91 138.73 23.90
C ALA CB 224 13.61 138.16 22.51
N ILE CB 225 14.61 137.97 21.66
CA ILE CB 225 14.37 137.50 20.31
C ILE CB 225 14.05 136.01 20.31
N ARG CB 226 13.07 135.62 19.51
CA ARG CB 226 12.76 134.21 19.28
C ARG CB 226 13.83 133.57 18.40
N MET CB 227 14.29 132.38 18.79
CA MET CB 227 15.26 131.67 17.96
C MET CB 227 14.62 131.23 16.65
N PRO CB 228 15.40 131.14 15.57
CA PRO CB 228 14.80 130.83 14.26
C PRO CB 228 14.08 129.49 14.24
N GLU CB 229 12.93 129.47 13.56
CA GLU CB 229 12.16 128.26 13.33
C GLU CB 229 11.78 127.54 14.62
N THR CB 230 11.66 128.28 15.72
CA THR CB 230 11.27 127.72 17.01
C THR CB 230 10.26 128.65 17.66
N THR CB 231 9.71 128.19 18.78
CA THR CB 231 8.68 128.94 19.50
C THR CB 231 9.15 129.40 20.87
N MET CB 232 10.46 129.41 21.11
CA MET CB 232 11.00 129.86 22.38
C MET CB 232 12.21 130.75 22.11
N SER CB 233 12.55 131.57 23.11
CA SER CB 233 13.52 132.63 22.95
C SER CB 233 14.86 132.27 23.58
N TYR CB 234 15.87 133.10 23.29
CA TYR CB 234 17.21 132.87 23.83
C TYR CB 234 17.22 132.92 25.35
N LEU CB 235 16.44 133.84 25.93
CA LEU CB 235 16.37 133.91 27.39
C LEU CB 235 15.82 132.61 27.97
N ASP CB 236 14.77 132.07 27.38
CA ASP CB 236 14.21 130.81 27.87
C ASP CB 236 15.21 129.67 27.72
N TYR CB 237 15.91 129.61 26.58
CA TYR CB 237 16.89 128.55 26.39
C TYR CB 237 18.02 128.65 27.40
N PHE CB 238 18.53 129.86 27.63
CA PHE CB 238 19.62 130.05 28.58
C PHE CB 238 19.19 129.70 29.99
N LYS CB 239 17.97 130.12 30.38
CA LYS CB 239 17.48 129.79 31.72
C LYS CB 239 17.32 128.28 31.88
N SER CB 240 16.81 127.60 30.85
CA SER CB 240 16.66 126.16 30.93
C SER CB 240 18.02 125.47 31.05
N GLN CB 241 19.01 125.92 30.29
CA GLN CB 241 20.33 125.27 30.31
C GLN CB 241 21.13 125.59 31.56
N ASN CB 242 20.94 126.76 32.18
CA ASN CB 242 21.68 127.16 33.37
C ASN CB 242 20.72 127.55 34.49
N SER CB 243 19.71 126.70 34.73
CA SER CB 243 18.75 126.96 35.79
C SER CB 243 19.43 127.14 37.13
N GLY CB 244 18.94 128.09 37.90
CA GLY CB 244 19.51 128.43 39.19
C GLY CB 244 20.28 129.74 39.24
N ILE CB 245 20.18 130.57 38.21
CA ILE CB 245 20.92 131.81 38.11
C ILE CB 245 19.92 132.95 37.87
N GLU CB 246 20.05 134.03 38.63
CA GLU CB 246 19.14 135.16 38.57
C GLU CB 246 19.73 136.28 37.72
N ILE CB 247 18.93 136.77 36.77
CA ILE CB 247 19.33 137.83 35.85
C ILE CB 247 18.55 139.09 36.19
N ASP CB 248 19.27 140.20 36.37
CA ASP CB 248 18.66 141.48 36.70
C ASP CB 248 19.23 142.57 35.80
N SER CB 249 18.54 143.71 35.80
CA SER CB 249 18.94 144.87 35.02
C SER CB 249 19.21 146.05 35.95
N ILE CB 250 20.35 146.71 35.75
CA ILE CB 250 20.77 147.84 36.56
C ILE CB 250 21.08 149.01 35.64
N ALA CB 251 20.58 150.19 36.00
CA ALA CB 251 20.65 151.34 35.09
C ALA CB 251 22.07 151.84 34.85
N GLU CB 252 22.94 151.79 35.86
CA GLU CB 252 24.26 152.40 35.70
C GLU CB 252 25.28 151.46 35.10
N LEU CB 253 24.85 150.39 34.41
CA LEU CB 253 25.75 149.56 33.62
C LEU CB 253 25.84 150.02 32.18
N GLU CB 254 25.12 151.07 31.80
CA GLU CB 254 25.19 151.63 30.46
C GLU CB 254 26.38 152.56 30.28
N ASP CB 255 27.11 152.89 31.35
CA ASP CB 255 28.27 153.76 31.26
C ASP CB 255 29.25 153.32 32.34
N ILE CB 256 30.36 152.71 31.93
CA ILE CB 256 31.35 152.19 32.86
C ILE CB 256 32.63 153.00 32.88
N ASP CB 257 32.86 153.85 31.88
CA ASP CB 257 34.08 154.65 31.83
C ASP CB 257 33.88 156.08 31.38
N GLY CB 258 32.64 156.53 31.17
CA GLY CB 258 32.36 157.88 30.73
C GLY CB 258 32.37 158.08 29.23
N ALA CB 259 32.76 157.08 28.45
CA ALA CB 259 32.77 157.15 27.00
C ALA CB 259 31.59 156.42 26.38
N GLY CB 260 30.61 156.02 27.18
CA GLY CB 260 29.45 155.31 26.69
C GLY CB 260 29.60 153.82 26.59
N THR CB 261 30.75 153.26 26.97
CA THR CB 261 30.94 151.82 26.92
C THR CB 261 30.04 151.13 27.94
N LYS CB 262 29.49 150.00 27.55
CA LYS CB 262 28.59 149.22 28.38
C LYS CB 262 29.27 147.95 28.87
N GLY CB 263 28.72 147.38 29.93
CA GLY CB 263 29.32 146.19 30.53
C GLY CB 263 28.28 145.30 31.16
N VAL CB 264 28.69 144.05 31.40
CA VAL CB 264 27.86 143.03 32.02
C VAL CB 264 28.63 142.43 33.19
N LEU CB 265 27.93 142.20 34.31
CA LEU CB 265 28.55 141.69 35.52
C LEU CB 265 28.04 140.28 35.81
N VAL CB 266 28.96 139.38 36.16
CA VAL CB 266 28.61 138.04 36.62
C VAL CB 266 29.34 137.79 37.93
N TYR CB 267 28.59 137.49 38.99
CA TYR CB 267 29.21 137.40 40.30
C TYR CB 267 28.42 136.45 41.19
N GLU CB 268 29.06 136.05 42.29
CA GLU CB 268 28.45 135.25 43.34
C GLU CB 268 28.15 136.13 44.54
N LYS CB 269 26.90 136.11 45.00
CA LYS CB 269 26.49 136.93 46.12
C LYS CB 269 26.74 136.19 47.42
N ASN CB 270 27.65 136.70 48.24
CA ASN CB 270 28.01 136.08 49.51
C ASN CB 270 28.74 137.11 50.37
N PRO CB 271 28.35 137.27 51.64
CA PRO CB 271 29.06 138.23 52.51
C PRO CB 271 30.53 137.94 52.66
N MET CB 272 30.95 136.68 52.55
CA MET CB 272 32.36 136.33 52.67
C MET CB 272 33.19 136.79 51.49
N ASN CB 273 32.56 137.17 50.38
CA ASN CB 273 33.27 137.58 49.18
C ASN CB 273 33.37 139.09 49.00
N MET CB 274 32.27 139.82 49.20
CA MET CB 274 32.30 141.28 49.15
C MET CB 274 31.30 141.82 50.15
N SER CB 275 31.54 143.07 50.57
CA SER CB 275 30.71 143.65 51.62
C SER CB 275 30.71 145.16 51.50
N ILE CB 276 29.71 145.77 52.12
CA ILE CB 276 29.60 147.21 52.30
C ILE CB 276 29.24 147.49 53.74
N GLU CB 277 29.99 148.37 54.39
CA GLU CB 277 29.80 148.68 55.81
C GLU CB 277 29.36 150.14 55.95
N ILE CB 278 28.43 150.38 56.86
CA ILE CB 278 27.95 151.74 57.15
C ILE CB 278 28.08 151.98 58.64
N PRO CB 279 29.26 152.38 59.12
CA PRO CB 279 29.42 152.55 60.58
C PRO CB 279 28.52 153.60 61.20
N GLU CB 280 28.23 154.69 60.47
CA GLU CB 280 27.47 155.80 61.02
C GLU CB 280 26.38 156.22 60.05
N ALA CB 281 25.17 156.37 60.55
CA ALA CB 281 24.04 156.76 59.73
C ALA CB 281 24.00 158.28 59.55
N PHE CB 282 23.14 158.72 58.64
CA PHE CB 282 22.99 160.15 58.37
C PHE CB 282 22.38 160.85 59.58
N ASN CB 283 22.93 161.99 59.94
CA ASN CB 283 22.48 162.73 61.11
C ASN CB 283 22.78 164.21 60.92
N MET CB 284 22.12 165.03 61.74
CA MET CB 284 22.23 166.48 61.66
C MET CB 284 22.76 167.04 62.97
N LEU CB 285 23.43 168.18 62.87
CA LEU CB 285 23.98 168.90 64.01
C LEU CB 285 23.11 170.09 64.35
N PRO CB 286 23.18 170.58 65.60
CA PRO CB 286 22.41 171.77 65.96
C PRO CB 286 22.81 172.96 65.11
N ALA CB 287 21.83 173.82 64.84
CA ALA CB 287 22.04 174.97 63.99
C ALA CB 287 22.99 175.97 64.65
N GLN CB 288 23.83 176.60 63.83
CA GLN CB 288 24.81 177.57 64.30
C GLN CB 288 24.36 178.97 63.89
N PRO CB 289 23.91 179.80 64.83
CA PRO CB 289 23.40 181.12 64.46
C PRO CB 289 24.49 182.04 63.94
N LYS CB 290 24.08 182.94 63.04
CA LYS CB 290 24.90 184.07 62.62
C LYS CB 290 24.08 185.34 62.79
N ASP CB 291 24.54 186.45 62.20
CA ASP CB 291 23.87 187.73 62.30
C ASP CB 291 22.35 187.62 62.21
N LEU CB 292 21.85 187.06 61.10
CA LEU CB 292 20.40 186.90 60.95
C LEU CB 292 20.00 185.59 60.28
N HIS CB 293 20.92 184.66 60.05
CA HIS CB 293 20.59 183.39 59.42
C HIS CB 293 21.25 182.25 60.20
N PHE CB 294 21.01 181.03 59.73
CA PHE CB 294 21.46 179.82 60.40
C PHE CB 294 22.33 179.00 59.45
N LYS CB 295 22.93 177.93 59.97
CA LYS CB 295 23.73 177.03 59.16
C LYS CB 295 23.67 175.65 59.81
N VAL CB 296 23.23 174.65 59.04
CA VAL CB 296 23.07 173.29 59.56
C VAL CB 296 23.98 172.35 58.77
N PRO CB 297 24.96 171.72 59.40
CA PRO CB 297 25.77 170.72 58.71
C PRO CB 297 25.23 169.30 58.90
N CYS CB 298 25.76 168.39 58.09
CA CYS CB 298 25.34 166.98 58.07
C CYS CB 298 26.56 166.12 57.78
N THR CB 299 26.69 165.01 58.51
CA THR CB 299 27.85 164.13 58.39
C THR CB 299 27.41 162.68 58.31
N SER CB 300 28.33 161.83 57.89
CA SER CB 300 28.11 160.39 57.79
C SER CB 300 29.45 159.69 57.62
N LYS CB 301 29.43 158.36 57.65
CA LYS CB 301 30.64 157.56 57.47
C LYS CB 301 30.33 156.36 56.57
N CYS CB 302 31.37 155.88 55.88
CA CYS CB 302 31.20 154.76 54.96
C CYS CB 302 32.55 154.08 54.75
N THR CB 303 32.53 153.02 53.94
CA THR CB 303 33.75 152.29 53.61
C THR CB 303 33.89 151.93 52.14
N GLY CB 304 32.85 152.09 51.33
CA GLY CB 304 32.89 151.64 49.97
C GLY CB 304 32.62 150.14 49.87
N LEU CB 305 33.01 149.58 48.73
CA LEU CB 305 32.87 148.14 48.49
C LEU CB 305 34.18 147.46 48.80
N THR CB 306 34.16 146.51 49.73
CA THR CB 306 35.34 145.75 50.10
C THR CB 306 35.24 144.35 49.52
N ILE CB 307 36.27 143.96 48.77
CA ILE CB 307 36.30 142.67 48.09
C ILE CB 307 37.41 141.84 48.74
N TYR CB 308 37.05 140.69 49.31
CA TYR CB 308 38.04 139.81 49.91
C TYR CB 308 38.55 138.79 48.90
N ARG CB 309 37.64 138.16 48.17
CA ARG CB 309 38.00 137.24 47.09
C ARG CB 309 37.73 137.89 45.74
N PRO CB 310 38.75 138.29 45.00
CA PRO CB 310 38.53 138.94 43.69
C PRO CB 310 38.38 137.96 42.52
N MET CB 311 38.42 136.66 42.77
CA MET CB 311 38.30 135.66 41.73
C MET CB 311 36.85 135.23 41.49
N THR CB 312 35.88 135.93 42.07
CA THR CB 312 34.48 135.57 41.93
C THR CB 312 33.68 136.60 41.15
N ILE CB 313 34.35 137.43 40.35
CA ILE CB 313 33.70 138.47 39.57
C ILE CB 313 34.24 138.44 38.15
N VAL CB 314 33.33 138.39 37.17
CA VAL CB 314 33.67 138.50 35.76
C VAL CB 314 32.95 139.71 35.20
N LEU CB 315 33.70 140.57 34.51
CA LEU CB 315 33.16 141.74 33.84
C LEU CB 315 33.35 141.57 32.34
N ILE CB 316 32.24 141.57 31.61
CA ILE CB 316 32.26 141.53 30.15
C ILE CB 316 32.15 142.95 29.64
N THR CB 317 33.20 143.44 29.01
CA THR CB 317 33.29 144.82 28.56
C THR CB 317 33.07 144.90 27.06
N GLY CB 318 32.77 146.10 26.58
CA GLY CB 318 32.53 146.31 25.17
C GLY CB 318 31.16 145.90 24.68
N VAL CB 319 30.29 145.46 25.58
CA VAL CB 319 28.94 145.05 25.21
C VAL CB 319 28.14 146.23 24.66
N ALA DB 28 -66.18 164.70 -21.37
CA ALA DB 28 -64.94 164.07 -21.80
C ALA DB 28 -64.20 163.49 -20.60
N ALA DB 29 -64.94 163.15 -19.55
CA ALA DB 29 -64.36 162.57 -18.34
C ALA DB 29 -64.61 161.07 -18.36
N THR DB 30 -63.53 160.29 -18.22
CA THR DB 30 -63.61 158.83 -18.23
C THR DB 30 -62.56 158.27 -17.28
N MET DB 31 -62.99 157.83 -16.11
CA MET DB 31 -62.13 157.21 -15.11
C MET DB 31 -62.69 155.85 -14.74
N GLY DB 32 -61.87 155.08 -14.02
CA GLY DB 32 -62.38 153.95 -13.27
C GLY DB 32 -62.96 154.40 -11.94
N ILE DB 33 -63.68 153.49 -11.28
CA ILE DB 33 -64.34 153.83 -10.03
C ILE DB 33 -63.41 153.73 -8.83
N TRP DB 34 -62.13 153.45 -9.05
CA TRP DB 34 -61.14 153.42 -7.98
C TRP DB 34 -59.99 154.36 -8.33
N THR DB 35 -59.63 155.22 -7.39
CA THR DB 35 -58.50 156.12 -7.58
C THR DB 35 -57.21 155.45 -7.12
N ALA DB 36 -56.08 156.02 -7.55
CA ALA DB 36 -54.79 155.39 -7.29
C ALA DB 36 -54.47 155.35 -5.81
N GLN DB 37 -54.97 156.32 -5.05
CA GLN DB 37 -54.67 156.38 -3.62
C GLN DB 37 -55.26 155.21 -2.84
N GLU DB 38 -56.41 154.70 -3.27
CA GLU DB 38 -57.10 153.67 -2.50
C GLU DB 38 -56.35 152.34 -2.49
N LEU DB 39 -55.38 152.15 -3.38
CA LEU DB 39 -54.62 150.91 -3.43
C LEU DB 39 -53.14 151.17 -3.21
N HIS DB 40 -52.82 152.00 -2.20
CA HIS DB 40 -51.45 152.38 -1.90
C HIS DB 40 -51.16 152.04 -0.45
N ARG DB 41 -49.90 151.74 -0.15
CA ARG DB 41 -49.51 151.31 1.18
C ARG DB 41 -48.24 152.02 1.62
N ILE DB 42 -48.18 152.35 2.91
CA ILE DB 42 -47.00 152.94 3.52
C ILE DB 42 -46.41 151.92 4.49
N LYS DB 43 -45.09 151.75 4.45
CA LYS DB 43 -44.42 150.73 5.25
C LYS DB 43 -44.48 151.00 6.75
N SER DB 44 -44.74 152.25 7.17
CA SER DB 44 -44.74 152.64 8.58
C SER DB 44 -43.39 152.35 9.24
N GLN DB 45 -42.30 152.48 8.49
CA GLN DB 45 -40.95 152.29 9.02
C GLN DB 45 -40.03 153.25 8.28
N SER DB 46 -39.36 154.12 9.04
CA SER DB 46 -38.53 155.16 8.44
C SER DB 46 -37.05 154.87 8.68
N TYR DB 47 -36.23 155.40 7.76
CA TYR DB 47 -34.79 155.23 7.82
C TYR DB 47 -34.14 156.59 8.03
N GLU DB 48 -33.23 156.66 9.00
CA GLU DB 48 -32.58 157.91 9.37
C GLU DB 48 -31.07 157.76 9.23
N GLU DB 49 -30.42 158.76 8.65
CA GLU DB 49 -28.97 158.77 8.57
C GLU DB 49 -28.38 159.03 9.96
N ASP DB 50 -27.18 158.50 10.18
CA ASP DB 50 -26.55 158.52 11.50
C ASP DB 50 -25.27 159.35 11.44
N TYR DB 51 -25.11 160.25 12.41
CA TYR DB 51 -23.92 161.08 12.54
C TYR DB 51 -23.31 160.83 13.91
N PRO DB 52 -22.34 159.93 14.02
CA PRO DB 52 -21.71 159.68 15.32
C PRO DB 52 -20.92 160.90 15.78
N VAL DB 53 -20.84 161.08 17.09
CA VAL DB 53 -20.21 162.28 17.65
C VAL DB 53 -18.69 162.17 17.57
N GLY DB 54 -18.13 161.10 18.11
CA GLY DB 54 -16.68 160.96 18.16
C GLY DB 54 -16.27 160.13 19.38
N SER DB 55 -15.00 160.27 19.74
CA SER DB 55 -14.45 159.48 20.83
C SER DB 55 -13.53 160.28 21.75
N ALA DB 56 -13.51 161.61 21.64
CA ALA DB 56 -12.63 162.41 22.48
C ALA DB 56 -13.04 162.29 23.95
N LEU DB 57 -14.33 162.28 24.23
CA LEU DB 57 -14.81 162.12 25.60
C LEU DB 57 -14.65 160.69 26.11
N ARG DB 58 -14.32 159.73 25.24
CA ARG DB 58 -14.17 158.34 25.64
C ARG DB 58 -12.72 157.90 25.77
N VAL DB 59 -11.80 158.51 25.02
CA VAL DB 59 -10.40 158.08 25.05
C VAL DB 59 -9.55 158.92 26.00
N PHE DB 60 -10.06 160.06 26.48
CA PHE DB 60 -9.31 160.89 27.41
C PHE DB 60 -10.12 161.10 28.68
N PRO DB 61 -9.46 161.14 29.84
CA PRO DB 61 -10.18 161.31 31.10
C PRO DB 61 -10.85 162.68 31.18
N VAL DB 62 -11.96 162.73 31.90
CA VAL DB 62 -12.74 163.94 32.08
C VAL DB 62 -12.83 164.25 33.57
N THR DB 63 -12.60 165.51 33.92
CA THR DB 63 -12.61 165.96 35.30
C THR DB 63 -13.70 167.01 35.50
N THR DB 64 -13.98 167.31 36.78
CA THR DB 64 -15.04 168.24 37.14
C THR DB 64 -14.57 169.25 38.17
N GLU DB 65 -13.26 169.53 38.22
CA GLU DB 65 -12.71 170.47 39.19
C GLU DB 65 -12.55 171.83 38.52
N LEU DB 66 -13.69 172.45 38.22
CA LEU DB 66 -13.70 173.78 37.63
C LEU DB 66 -15.09 174.38 37.79
N SER DB 67 -15.18 175.46 38.56
CA SER DB 67 -16.44 176.17 38.69
C SER DB 67 -16.75 176.91 37.39
N PRO DB 68 -18.03 177.09 37.07
CA PRO DB 68 -18.38 177.73 35.78
C PRO DB 68 -17.95 179.18 35.67
N THR DB 69 -17.61 179.84 36.77
CA THR DB 69 -17.34 181.28 36.77
C THR DB 69 -15.84 181.59 36.62
N ASP DB 70 -15.01 180.58 36.42
CA ASP DB 70 -13.58 180.80 36.27
C ASP DB 70 -13.22 181.10 34.81
N LYS DB 71 -12.02 181.64 34.63
CA LYS DB 71 -11.47 181.91 33.30
C LYS DB 71 -10.08 181.36 33.10
N THR DB 72 -9.37 181.00 34.16
CA THR DB 72 -7.99 180.54 34.06
C THR DB 72 -7.69 179.59 35.20
N PHE DB 73 -6.88 178.58 34.92
CA PHE DB 73 -6.39 177.65 35.93
C PHE DB 73 -4.87 177.60 35.87
N GLU DB 74 -4.27 177.19 36.99
CA GLU DB 74 -2.83 177.26 37.19
C GLU DB 74 -2.35 175.97 37.85
N TYR DB 75 -1.11 175.59 37.56
CA TYR DB 75 -0.50 174.46 38.28
C TYR DB 75 1.00 174.70 38.42
N MET DB 76 1.60 173.99 39.37
CA MET DB 76 2.98 174.23 39.81
C MET DB 76 3.80 172.96 39.75
N THR DB 77 5.11 173.14 39.54
CA THR DB 77 6.09 172.05 39.56
C THR DB 77 7.31 172.51 40.33
N PHE DB 78 8.06 171.55 40.88
CA PHE DB 78 9.20 171.85 41.75
C PHE DB 78 10.39 170.97 41.39
N ASP DB 79 11.57 171.37 41.89
CA ASP DB 79 12.82 170.69 41.60
C ASP DB 79 13.84 171.10 42.65
N LYS DB 80 14.91 170.31 42.78
CA LYS DB 80 15.92 170.54 43.79
C LYS DB 80 17.30 170.17 43.24
N VAL DB 81 18.34 170.71 43.89
CA VAL DB 81 19.73 170.45 43.51
C VAL DB 81 20.59 170.40 44.76
N GLY DB 82 21.68 169.64 44.69
CA GLY DB 82 22.62 169.54 45.80
C GLY DB 82 23.70 168.52 45.50
N THR DB 83 24.64 168.42 46.44
CA THR DB 83 25.74 167.46 46.33
C THR DB 83 26.42 167.33 47.69
N ALA DB 84 27.40 166.43 47.75
CA ALA DB 84 28.15 166.14 48.97
C ALA DB 84 29.58 165.82 48.60
N GLN DB 85 30.46 165.75 49.61
CA GLN DB 85 31.87 165.53 49.39
C GLN DB 85 32.46 164.68 50.51
N ILE DB 86 33.74 164.35 50.36
CA ILE DB 86 34.51 163.62 51.36
C ILE DB 86 35.36 164.63 52.12
N ILE DB 87 35.24 164.63 53.45
CA ILE DB 87 35.86 165.68 54.25
C ILE DB 87 36.80 165.10 55.30
N ALA DB 88 37.41 165.98 56.07
CA ALA DB 88 38.22 165.63 57.24
C ALA DB 88 37.57 166.21 58.49
N ASP DB 89 38.25 166.11 59.62
CA ASP DB 89 37.63 166.53 60.88
C ASP DB 89 37.69 168.05 61.06
N TYR DB 90 38.85 168.68 60.86
CA TYR DB 90 38.97 170.13 60.94
C TYR DB 90 38.66 170.71 59.56
N THR DB 91 37.38 170.74 59.22
CA THR DB 91 36.92 171.21 57.91
C THR DB 91 36.02 172.41 58.08
N ASP DB 92 36.18 173.40 57.19
CA ASP DB 92 35.36 174.60 57.21
C ASP DB 92 34.54 174.78 55.94
N ASP DB 93 34.79 174.00 54.89
CA ASP DB 93 34.08 174.13 53.62
C ASP DB 93 33.26 172.88 53.35
N LEU DB 94 31.98 173.07 53.02
CA LEU DB 94 31.08 171.98 52.69
C LEU DB 94 30.16 172.40 51.55
N PRO DB 95 29.68 171.44 50.77
CA PRO DB 95 28.71 171.77 49.70
C PRO DB 95 27.37 172.18 50.27
N LEU DB 96 26.55 172.78 49.42
CA LEU DB 96 25.23 173.29 49.78
C LEU DB 96 24.17 172.75 48.83
N VAL DB 97 22.90 173.03 49.17
CA VAL DB 97 21.74 172.54 48.42
C VAL DB 97 20.78 173.71 48.20
N ASP DB 98 19.84 173.52 47.28
CA ASP DB 98 18.88 174.56 46.94
C ASP DB 98 17.69 173.93 46.20
N ALA DB 99 16.65 174.73 45.97
CA ALA DB 99 15.43 174.24 45.33
C ALA DB 99 14.81 175.37 44.51
N LEU DB 100 13.83 175.00 43.67
CA LEU DB 100 13.18 175.96 42.78
C LEU DB 100 11.88 175.36 42.26
N GLY DB 101 11.11 176.19 41.54
CA GLY DB 101 9.85 175.73 40.96
C GLY DB 101 9.32 176.68 39.91
N THR DB 102 8.36 176.18 39.15
CA THR DB 102 7.74 176.91 38.03
C THR DB 102 6.24 176.64 38.03
N SER DB 103 5.54 177.24 37.06
CA SER DB 103 4.09 177.13 36.98
C SER DB 103 3.62 177.33 35.54
N GLU DB 104 2.38 176.90 35.27
CA GLU DB 104 1.76 176.99 33.96
C GLU DB 104 0.28 177.30 34.10
N PHE DB 105 -0.34 177.73 32.99
CA PHE DB 105 -1.69 178.30 32.99
C PHE DB 105 -2.58 177.59 31.96
N GLY DB 106 -3.86 177.95 31.96
CA GLY DB 106 -4.83 177.41 31.02
C GLY DB 106 -5.90 178.43 30.67
N LYS DB 107 -6.94 177.97 29.96
CA LYS DB 107 -7.99 178.87 29.47
C LYS DB 107 -9.25 178.08 29.12
N VAL DB 108 -10.38 178.80 29.03
CA VAL DB 108 -11.70 178.25 28.82
C VAL DB 108 -12.45 179.09 27.78
N PHE DB 109 -13.36 178.45 27.02
CA PHE DB 109 -14.15 179.12 25.98
C PHE DB 109 -15.62 178.73 26.08
N ARG DB 110 -16.46 179.45 25.34
CA ARG DB 110 -17.89 179.19 25.23
C ARG DB 110 -18.24 178.71 23.82
N LEU DB 111 -19.52 178.39 23.62
CA LEU DB 111 -20.04 178.04 22.31
C LEU DB 111 -21.57 178.00 22.38
N GLY DB 112 -22.21 178.18 21.23
CA GLY DB 112 -23.66 178.27 21.20
C GLY DB 112 -24.20 178.35 19.79
N ASN DB 113 -25.52 178.22 19.68
CA ASN DB 113 -26.25 178.30 18.41
C ASN DB 113 -27.72 178.56 18.73
N ALA DB 114 -28.58 178.42 17.72
CA ALA DB 114 -30.01 178.72 17.90
C ALA DB 114 -30.82 177.99 16.82
N TYR DB 115 -32.14 178.02 16.97
CA TYR DB 115 -33.03 177.45 15.96
C TYR DB 115 -34.35 178.20 15.96
N LEU DB 116 -35.11 178.03 14.86
CA LEU DB 116 -36.35 178.76 14.63
C LEU DB 116 -37.50 177.79 14.41
N ILE DB 117 -38.71 178.28 14.66
CA ILE DB 117 -39.92 177.47 14.44
C ILE DB 117 -41.11 178.43 14.37
N SER DB 118 -42.21 177.96 13.78
CA SER DB 118 -43.40 178.77 13.54
C SER DB 118 -44.64 178.08 14.10
N ILE DB 119 -45.69 178.87 14.31
CA ILE DB 119 -46.92 178.36 14.93
C ILE DB 119 -47.60 177.33 14.03
N ASP DB 120 -47.70 177.63 12.73
CA ASP DB 120 -48.34 176.69 11.81
C ASP DB 120 -47.57 175.38 11.73
N GLU DB 121 -46.23 175.47 11.72
CA GLU DB 121 -45.42 174.26 11.70
C GLU DB 121 -45.61 173.45 12.99
N ILE DB 122 -45.72 174.14 14.13
CA ILE DB 122 -45.95 173.45 15.39
C ILE DB 122 -47.27 172.70 15.36
N LYS DB 123 -48.34 173.37 14.90
CA LYS DB 123 -49.65 172.73 14.86
C LYS DB 123 -49.66 171.57 13.86
N ALA DB 124 -49.03 171.74 12.70
CA ALA DB 124 -48.99 170.66 11.72
C ALA DB 124 -48.23 169.45 12.24
N GLY DB 125 -47.11 169.70 12.93
CA GLY DB 125 -46.38 168.59 13.54
C GLY DB 125 -47.15 167.90 14.64
N GLN DB 126 -47.91 168.66 15.43
CA GLN DB 126 -48.74 168.04 16.46
C GLN DB 126 -49.87 167.23 15.85
N ALA DB 127 -50.40 167.66 14.70
CA ALA DB 127 -51.53 166.97 14.11
C ALA DB 127 -51.10 165.71 13.35
N THR DB 128 -50.10 165.83 12.47
CA THR DB 128 -49.71 164.70 11.63
C THR DB 128 -49.03 163.58 12.40
N GLY DB 129 -48.68 163.81 13.66
CA GLY DB 129 -48.06 162.77 14.47
C GLY DB 129 -46.55 162.76 14.45
N ARG DB 130 -45.92 163.59 13.62
CA ARG DB 130 -44.45 163.67 13.55
C ARG DB 130 -44.03 165.11 13.82
N PRO DB 131 -43.69 165.45 15.06
CA PRO DB 131 -43.34 166.84 15.37
C PRO DB 131 -41.99 167.24 14.77
N LEU DB 132 -41.72 168.53 14.83
CA LEU DB 132 -40.55 169.13 14.19
C LEU DB 132 -39.55 169.74 15.17
N SER DB 133 -39.99 170.18 16.35
CA SER DB 133 -39.08 170.85 17.28
C SER DB 133 -38.04 169.89 17.83
N THR DB 134 -38.42 168.63 18.07
CA THR DB 134 -37.49 167.66 18.63
C THR DB 134 -36.32 167.42 17.69
N ARG DB 135 -36.59 167.37 16.38
CA ARG DB 135 -35.52 167.15 15.42
C ARG DB 135 -34.50 168.28 15.46
N LYS DB 136 -34.96 169.52 15.53
CA LYS DB 136 -34.04 170.66 15.56
C LYS DB 136 -33.26 170.71 16.87
N ALA DB 137 -33.92 170.40 18.00
CA ALA DB 137 -33.20 170.36 19.26
C ALA DB 137 -32.11 169.30 19.26
N SER DB 138 -32.43 168.11 18.71
CA SER DB 138 -31.44 167.06 18.61
C SER DB 138 -30.29 167.47 17.69
N ALA DB 139 -30.61 168.17 16.60
CA ALA DB 139 -29.56 168.66 15.71
C ALA DB 139 -28.64 169.64 16.43
N CYS DB 140 -29.21 170.53 17.23
CA CYS DB 140 -28.39 171.49 17.97
C CYS DB 140 -27.47 170.78 18.95
N GLN DB 141 -28.00 169.82 19.71
CA GLN DB 141 -27.16 169.10 20.67
C GLN DB 141 -26.05 168.33 19.97
N LEU DB 142 -26.38 167.66 18.87
CA LEU DB 142 -25.37 166.90 18.12
C LEU DB 142 -24.30 167.83 17.56
N ALA DB 143 -24.71 169.01 17.08
CA ALA DB 143 -23.73 169.97 16.57
C ALA DB 143 -22.78 170.42 17.66
N HIS DB 144 -23.31 170.66 18.87
CA HIS DB 144 -22.43 171.03 19.98
C HIS DB 144 -21.43 169.93 20.30
N ASP DB 145 -21.89 168.68 20.36
CA ASP DB 145 -20.97 167.58 20.66
C ASP DB 145 -19.90 167.43 19.58
N GLN DB 146 -20.30 167.53 18.31
CA GLN DB 146 -19.33 167.41 17.23
C GLN DB 146 -18.33 168.56 17.26
N LEU DB 147 -18.78 169.77 17.62
CA LEU DB 147 -17.85 170.89 17.72
C LEU DB 147 -16.84 170.65 18.85
N VAL DB 148 -17.28 170.08 19.97
CA VAL DB 148 -16.34 169.77 21.04
C VAL DB 148 -15.30 168.76 20.55
N ASN DB 149 -15.76 167.73 19.84
CA ASN DB 149 -14.82 166.75 19.29
C ASN DB 149 -13.82 167.40 18.34
N ARG DB 150 -14.31 168.28 17.47
CA ARG DB 150 -13.42 168.97 16.54
C ARG DB 150 -12.41 169.83 17.27
N LEU DB 151 -12.83 170.51 18.34
CA LEU DB 151 -11.90 171.31 19.12
C LEU DB 151 -10.83 170.44 19.75
N VAL DB 152 -11.21 169.28 20.27
CA VAL DB 152 -10.23 168.41 20.92
C VAL DB 152 -9.21 167.89 19.91
N PHE DB 153 -9.66 167.39 18.75
CA PHE DB 153 -8.75 166.71 17.85
C PHE DB 153 -8.11 167.60 16.78
N LYS DB 154 -8.63 168.79 16.54
CA LYS DB 154 -8.11 169.66 15.49
C LYS DB 154 -7.74 171.06 15.98
N GLY DB 155 -8.49 171.61 16.93
CA GLY DB 155 -8.20 172.93 17.43
C GLY DB 155 -8.56 174.01 16.42
N SER DB 156 -8.17 175.24 16.78
CA SER DB 156 -8.41 176.40 15.93
C SER DB 156 -7.22 177.34 16.09
N ALA DB 157 -6.54 177.64 14.99
CA ALA DB 157 -5.38 178.52 15.03
C ALA DB 157 -5.71 179.92 15.53
N PRO DB 158 -6.76 180.60 15.05
CA PRO DB 158 -7.02 181.97 15.56
C PRO DB 158 -7.24 182.03 17.06
N HIS DB 159 -7.89 181.02 17.64
CA HIS DB 159 -8.09 180.98 19.08
C HIS DB 159 -6.84 180.53 19.83
N LYS DB 160 -5.79 180.13 19.13
CA LYS DB 160 -4.57 179.62 19.74
C LYS DB 160 -4.85 178.40 20.61
N ILE DB 161 -5.62 177.46 20.04
CA ILE DB 161 -5.88 176.17 20.67
C ILE DB 161 -5.06 175.13 19.93
N VAL DB 162 -4.22 174.41 20.67
CA VAL DB 162 -3.31 173.42 20.08
C VAL DB 162 -3.92 172.03 20.22
N SER DB 163 -3.88 171.27 19.13
CA SER DB 163 -4.39 169.91 19.14
C SER DB 163 -3.41 168.98 19.84
N VAL DB 164 -3.81 167.72 19.97
CA VAL DB 164 -2.94 166.73 20.60
C VAL DB 164 -1.76 166.38 19.71
N PHE DB 165 -1.90 166.54 18.39
CA PHE DB 165 -0.82 166.25 17.46
C PHE DB 165 0.12 167.43 17.25
N ASN DB 166 -0.14 168.57 17.88
CA ASN DB 166 0.62 169.79 17.64
C ASN DB 166 1.25 170.35 18.91
N HIS DB 167 1.12 169.65 20.03
CA HIS DB 167 1.79 170.10 21.25
C HIS DB 167 3.30 170.03 21.05
N PRO DB 168 4.05 171.08 21.41
CA PRO DB 168 5.49 171.10 21.14
C PRO DB 168 6.33 170.36 22.18
N ASN DB 169 5.74 169.54 23.03
CA ASN DB 169 6.48 168.90 24.12
C ASN DB 169 6.24 167.40 24.21
N ILE DB 170 5.37 166.85 23.36
CA ILE DB 170 5.14 165.42 23.32
C ILE DB 170 6.23 164.78 22.47
N THR DB 171 6.37 163.46 22.59
CA THR DB 171 7.41 162.75 21.87
C THR DB 171 6.89 162.41 20.46
N LYS DB 172 7.73 162.67 19.46
CA LYS DB 172 7.38 162.42 18.06
C LYS DB 172 8.42 161.49 17.45
N ILE DB 173 7.95 160.52 16.67
CA ILE DB 173 8.83 159.58 15.99
C ILE DB 173 8.41 159.48 14.53
N THR DB 174 9.32 159.80 13.62
CA THR DB 174 9.06 159.59 12.20
C THR DB 174 9.17 158.11 11.87
N SER DB 175 8.33 157.66 10.94
CA SER DB 175 8.22 156.24 10.64
C SER DB 175 8.23 156.01 9.14
N GLY DB 176 8.79 154.87 8.74
CA GLY DB 176 8.60 154.40 7.37
C GLY DB 176 7.20 153.87 7.17
N LYS DB 177 6.77 153.85 5.91
CA LYS DB 177 5.41 153.46 5.59
C LYS DB 177 5.15 152.01 5.99
N TRP DB 178 4.01 151.78 6.66
CA TRP DB 178 3.58 150.42 6.94
C TRP DB 178 3.02 149.75 5.68
N ILE DB 179 2.29 150.50 4.86
CA ILE DB 179 1.78 150.02 3.59
C ILE DB 179 2.41 150.91 2.52
N ASP DB 180 3.47 150.42 1.89
CA ASP DB 180 4.20 151.16 0.87
C ASP DB 180 3.84 150.58 -0.49
N ALA DB 181 3.06 151.34 -1.27
CA ALA DB 181 2.60 150.92 -2.59
C ALA DB 181 1.86 149.59 -2.52
N SER DB 182 0.88 149.55 -1.61
CA SER DB 182 0.02 148.39 -1.40
C SER DB 182 0.82 147.15 -0.99
N THR DB 183 1.96 147.33 -0.33
CA THR DB 183 2.76 146.24 0.20
C THR DB 183 2.78 146.36 1.72
N MET DB 184 2.48 145.27 2.41
CA MET DB 184 2.31 145.28 3.86
C MET DB 184 3.58 144.81 4.53
N LYS DB 185 4.00 145.54 5.57
CA LYS DB 185 5.24 145.25 6.30
C LYS DB 185 4.95 145.20 7.79
N PRO DB 186 4.37 144.11 8.29
CA PRO DB 186 4.08 144.01 9.73
C PRO DB 186 5.32 144.04 10.61
N GLU DB 187 6.49 143.67 10.09
CA GLU DB 187 7.70 143.69 10.90
C GLU DB 187 8.04 145.10 11.35
N THR DB 188 7.95 146.06 10.43
CA THR DB 188 8.20 147.46 10.79
C THR DB 188 7.20 147.94 11.83
N ALA DB 189 5.92 147.56 11.68
CA ALA DB 189 4.91 147.98 12.63
C ALA DB 189 5.20 147.44 14.02
N GLU DB 190 5.54 146.16 14.11
CA GLU DB 190 5.85 145.56 15.41
C GLU DB 190 7.07 146.22 16.04
N ALA DB 191 8.10 146.46 15.23
CA ALA DB 191 9.31 147.08 15.75
C ALA DB 191 9.02 148.48 16.28
N GLU DB 192 8.27 149.28 15.52
CA GLU DB 192 7.96 150.64 15.96
C GLU DB 192 7.12 150.63 17.23
N LEU DB 193 6.12 149.75 17.31
CA LEU DB 193 5.29 149.69 18.50
C LEU DB 193 6.11 149.32 19.73
N THR DB 194 6.95 148.29 19.60
CA THR DB 194 7.78 147.89 20.73
C THR DB 194 8.75 149.00 21.14
N GLN DB 195 9.34 149.68 20.16
CA GLN DB 195 10.26 150.77 20.47
C GLN DB 195 9.54 151.89 21.20
N ALA DB 196 8.31 152.21 20.80
CA ALA DB 196 7.56 153.26 21.49
C ALA DB 196 7.22 152.85 22.93
N ILE DB 197 6.81 151.59 23.13
CA ILE DB 197 6.48 151.14 24.48
C ILE DB 197 7.72 151.10 25.35
N GLU DB 198 8.89 150.90 24.75
CA GLU DB 198 10.12 150.98 25.54
C GLU DB 198 10.47 152.43 25.85
N THR DB 199 10.27 153.33 24.88
CA THR DB 199 10.62 154.74 25.07
C THR DB 199 9.77 155.39 26.15
N ILE DB 200 8.48 155.06 26.19
CA ILE DB 200 7.58 155.72 27.14
C ILE DB 200 8.02 155.47 28.57
N GLU DB 201 8.65 154.32 28.83
CA GLU DB 201 9.15 154.06 30.17
C GLU DB 201 10.60 154.48 30.34
N THR DB 202 11.38 154.51 29.26
CA THR DB 202 12.77 154.92 29.38
C THR DB 202 12.88 156.41 29.69
N ILE DB 203 12.05 157.23 29.05
CA ILE DB 203 12.13 158.67 29.25
C ILE DB 203 11.69 159.07 30.66
N THR DB 204 10.69 158.41 31.22
CA THR DB 204 10.14 158.78 32.52
C THR DB 204 10.78 158.03 33.68
N ARG DB 205 11.81 157.23 33.40
CA ARG DB 205 12.56 156.50 34.43
C ARG DB 205 11.67 155.56 35.23
N GLY DB 206 10.70 154.93 34.57
CA GLY DB 206 9.97 153.83 35.14
C GLY DB 206 8.80 154.17 36.02
N GLN DB 207 8.54 155.45 36.30
CA GLN DB 207 7.38 155.79 37.10
C GLN DB 207 6.10 155.78 36.29
N HIS DB 208 6.19 155.65 34.97
CA HIS DB 208 5.03 155.56 34.11
C HIS DB 208 5.25 154.47 33.07
N ARG DB 209 4.15 153.89 32.60
CA ARG DB 209 4.20 152.86 31.57
C ARG DB 209 3.01 153.03 30.65
N ALA DB 210 3.18 152.62 29.39
CA ALA DB 210 2.12 152.73 28.41
C ALA DB 210 0.93 151.86 28.80
N THR DB 211 -0.27 152.37 28.51
CA THR DB 211 -1.48 151.62 28.83
C THR DB 211 -2.42 151.53 27.64
N ASN DB 212 -2.38 152.53 26.76
CA ASN DB 212 -3.33 152.61 25.65
C ASN DB 212 -2.63 152.92 24.34
N ILE DB 213 -3.11 152.27 23.28
CA ILE DB 213 -2.63 152.46 21.92
C ILE DB 213 -3.82 152.71 21.01
N LEU DB 214 -3.70 153.69 20.12
CA LEU DB 214 -4.73 154.02 19.15
C LEU DB 214 -4.13 154.00 17.75
N ILE DB 215 -4.78 153.28 16.84
CA ILE DB 215 -4.29 153.11 15.48
C ILE DB 215 -5.43 153.42 14.50
N PRO DB 216 -5.10 153.82 13.28
CA PRO DB 216 -6.15 154.11 12.31
C PRO DB 216 -6.91 152.85 11.93
N PRO DB 217 -8.19 152.98 11.59
CA PRO DB 217 -8.98 151.79 11.20
C PRO DB 217 -8.44 151.08 9.97
N SER DB 218 -7.89 151.80 9.00
CA SER DB 218 -7.46 151.19 7.75
C SER DB 218 -6.27 150.26 7.91
N MET DB 219 -5.57 150.33 9.04
CA MET DB 219 -4.39 149.50 9.26
C MET DB 219 -4.65 148.30 10.15
N ARG DB 220 -5.91 148.02 10.48
CA ARG DB 220 -6.21 146.81 11.24
C ARG DB 220 -5.84 145.56 10.44
N LYS DB 221 -5.84 145.64 9.12
CA LYS DB 221 -5.45 144.51 8.29
C LYS DB 221 -3.95 144.25 8.31
N VAL DB 222 -3.14 145.25 8.68
CA VAL DB 222 -1.69 145.05 8.72
C VAL DB 222 -1.31 144.13 9.87
N LEU DB 223 -1.93 144.32 11.04
CA LEU DB 223 -1.59 143.55 12.22
C LEU DB 223 -2.22 142.15 12.23
N ALA DB 224 -3.09 141.85 11.27
CA ALA DB 224 -3.76 140.55 11.22
C ALA DB 224 -3.07 139.55 10.30
N ILE DB 225 -1.92 139.90 9.73
CA ILE DB 225 -1.21 138.97 8.85
C ILE DB 225 -0.61 137.85 9.69
N ARG DB 226 -0.55 136.65 9.12
CA ARG DB 226 -0.02 135.50 9.83
C ARG DB 226 1.50 135.59 9.97
N MET DB 227 2.00 135.33 11.17
CA MET DB 227 3.43 135.35 11.40
C MET DB 227 4.10 134.17 10.71
N PRO DB 228 5.31 134.36 10.18
CA PRO DB 228 6.04 133.24 9.58
C PRO DB 228 6.28 132.13 10.58
N GLU DB 229 6.30 130.90 10.06
CA GLU DB 229 6.68 129.70 10.83
C GLU DB 229 5.75 129.46 12.01
N THR DB 230 4.49 129.85 11.90
CA THR DB 230 3.53 129.62 12.98
C THR DB 230 2.12 129.76 12.43
N THR DB 231 1.15 129.64 13.33
CA THR DB 231 -0.27 129.63 13.01
C THR DB 231 -1.02 130.75 13.72
N MET DB 232 -0.32 131.84 14.05
CA MET DB 232 -0.90 132.95 14.78
C MET DB 232 -0.54 134.26 14.09
N SER DB 233 -1.31 135.30 14.39
CA SER DB 233 -1.11 136.59 13.76
C SER DB 233 -0.20 137.48 14.59
N TYR DB 234 0.27 138.55 13.95
CA TYR DB 234 1.17 139.49 14.61
C TYR DB 234 0.50 140.14 15.82
N LEU DB 235 -0.78 140.49 15.70
CA LEU DB 235 -1.50 141.05 16.84
C LEU DB 235 -1.58 140.06 17.98
N ASP DB 236 -1.83 138.79 17.68
CA ASP DB 236 -1.88 137.77 18.71
C ASP DB 236 -0.53 137.65 19.43
N TYR DB 237 0.55 137.60 18.67
CA TYR DB 237 1.88 137.51 19.28
C TYR DB 237 2.18 138.74 20.12
N PHE DB 238 1.82 139.93 19.61
CA PHE DB 238 2.09 141.16 20.33
C PHE DB 238 1.34 141.21 21.65
N LYS DB 239 0.06 140.83 21.65
CA LYS DB 239 -0.71 140.82 22.89
C LYS DB 239 -0.25 139.72 23.84
N SER DB 240 0.24 138.60 23.32
CA SER DB 240 0.83 137.58 24.18
C SER DB 240 2.09 138.11 24.87
N GLN DB 241 2.91 138.86 24.13
CA GLN DB 241 4.15 139.38 24.70
C GLN DB 241 3.88 140.48 25.71
N ASN DB 242 3.01 141.43 25.37
CA ASN DB 242 2.73 142.59 26.21
C ASN DB 242 1.33 142.44 26.79
N SER DB 243 1.26 142.00 28.05
CA SER DB 243 -0.01 141.88 28.74
C SER DB 243 -0.36 143.20 29.42
N GLY DB 244 -1.66 143.44 29.56
CA GLY DB 244 -2.14 144.66 30.18
C GLY DB 244 -2.18 145.86 29.27
N ILE DB 245 -2.00 145.68 27.96
CA ILE DB 245 -2.02 146.77 26.99
C ILE DB 245 -3.32 146.69 26.21
N GLU DB 246 -4.02 147.82 26.11
CA GLU DB 246 -5.26 147.91 25.34
C GLU DB 246 -5.02 148.70 24.07
N ILE DB 247 -5.49 148.14 22.95
CA ILE DB 247 -5.31 148.72 21.62
C ILE DB 247 -6.70 148.97 21.05
N ASP DB 248 -6.85 150.10 20.35
CA ASP DB 248 -8.15 150.50 19.81
C ASP DB 248 -7.96 151.23 18.50
N SER DB 249 -9.07 151.43 17.79
CA SER DB 249 -9.09 152.09 16.49
C SER DB 249 -9.94 153.35 16.58
N ILE DB 250 -9.42 154.46 16.07
CA ILE DB 250 -10.09 155.75 16.10
C ILE DB 250 -10.03 156.37 14.72
N ALA DB 251 -11.20 156.61 14.13
CA ALA DB 251 -11.28 157.15 12.77
C ALA DB 251 -10.67 158.53 12.65
N GLU DB 252 -10.48 159.25 13.75
CA GLU DB 252 -9.81 160.54 13.71
C GLU DB 252 -8.32 160.44 13.41
N LEU DB 253 -7.74 159.23 13.43
CA LEU DB 253 -6.33 159.06 13.15
C LEU DB 253 -6.04 158.75 11.69
N GLU DB 254 -7.04 158.89 10.81
CA GLU DB 254 -6.77 158.72 9.39
C GLU DB 254 -6.04 159.92 8.81
N ASP DB 255 -6.36 161.12 9.28
CA ASP DB 255 -5.68 162.34 8.85
C ASP DB 255 -5.29 163.12 10.09
N ILE DB 256 -4.05 163.59 10.14
CA ILE DB 256 -3.55 164.35 11.28
C ILE DB 256 -3.15 165.77 10.93
N ASP DB 257 -2.95 166.10 9.65
CA ASP DB 257 -2.51 167.44 9.28
C ASP DB 257 -3.31 168.05 8.13
N GLY DB 258 -4.45 167.47 7.74
CA GLY DB 258 -5.24 168.03 6.67
C GLY DB 258 -4.77 167.69 5.27
N ALA DB 259 -3.71 166.89 5.14
CA ALA DB 259 -3.18 166.53 3.84
C ALA DB 259 -3.10 165.03 3.63
N GLY DB 260 -3.67 164.23 4.53
CA GLY DB 260 -3.65 162.79 4.38
C GLY DB 260 -2.42 162.14 4.99
N THR DB 261 -2.09 162.51 6.22
CA THR DB 261 -0.98 161.94 6.95
C THR DB 261 -1.52 161.15 8.13
N LYS DB 262 -1.14 159.89 8.23
CA LYS DB 262 -1.65 159.00 9.26
C LYS DB 262 -0.72 159.00 10.47
N GLY DB 263 -1.30 158.69 11.64
CA GLY DB 263 -0.54 158.69 12.87
C GLY DB 263 -1.04 157.64 13.83
N VAL DB 264 -0.13 157.17 14.67
CA VAL DB 264 -0.43 156.19 15.71
C VAL DB 264 -0.06 156.80 17.06
N LEU DB 265 -0.89 156.55 18.07
CA LEU DB 265 -0.72 157.21 19.36
C LEU DB 265 -0.51 156.17 20.45
N VAL DB 266 0.51 156.38 21.29
CA VAL DB 266 0.77 155.52 22.45
C VAL DB 266 0.84 156.42 23.68
N TYR DB 267 0.07 156.09 24.71
CA TYR DB 267 0.03 156.95 25.89
C TYR DB 267 -0.47 156.16 27.09
N GLU DB 268 -0.40 156.81 28.26
CA GLU DB 268 -0.92 156.27 29.51
C GLU DB 268 -2.13 157.09 29.94
N LYS DB 269 -3.23 156.41 30.22
CA LYS DB 269 -4.49 157.07 30.55
C LYS DB 269 -4.54 157.30 32.06
N ASN DB 270 -4.57 158.57 32.46
CA ASN DB 270 -4.58 158.94 33.87
C ASN DB 270 -4.99 160.40 33.98
N PRO DB 271 -5.96 160.75 34.82
CA PRO DB 271 -6.30 162.17 34.97
C PRO DB 271 -5.15 163.04 35.42
N MET DB 272 -4.14 162.44 36.06
CA MET DB 272 -2.94 163.17 36.43
C MET DB 272 -2.15 163.65 35.23
N ASN DB 273 -2.39 163.10 34.04
CA ASN DB 273 -1.56 163.37 32.88
C ASN DB 273 -2.24 164.29 31.86
N MET DB 274 -3.51 164.03 31.55
CA MET DB 274 -4.26 164.92 30.66
C MET DB 274 -5.69 164.99 31.15
N SER DB 275 -6.38 166.06 30.75
CA SER DB 275 -7.73 166.27 31.23
C SER DB 275 -8.55 167.05 30.22
N ILE DB 276 -9.87 166.88 30.32
CA ILE DB 276 -10.84 167.65 29.56
C ILE DB 276 -11.97 168.04 30.51
N GLU DB 277 -12.36 169.30 30.50
CA GLU DB 277 -13.36 169.82 31.42
C GLU DB 277 -14.54 170.40 30.67
N ILE DB 278 -15.74 170.17 31.20
CA ILE DB 278 -16.97 170.78 30.71
C ILE DB 278 -17.65 171.47 31.88
N PRO DB 279 -17.29 172.71 32.20
CA PRO DB 279 -17.87 173.36 33.38
C PRO DB 279 -19.39 173.45 33.36
N GLU DB 280 -19.98 173.70 32.19
CA GLU DB 280 -21.42 173.84 32.06
C GLU DB 280 -21.89 172.98 30.90
N ALA DB 281 -22.92 172.17 31.14
CA ALA DB 281 -23.42 171.27 30.12
C ALA DB 281 -24.37 171.99 29.17
N PHE DB 282 -24.87 171.25 28.18
CA PHE DB 282 -25.78 171.83 27.21
C PHE DB 282 -27.11 172.19 27.86
N ASN DB 283 -27.56 173.41 27.64
CA ASN DB 283 -28.82 173.88 28.19
C ASN DB 283 -29.50 174.79 27.19
N MET DB 284 -30.81 174.94 27.35
CA MET DB 284 -31.66 175.64 26.39
C MET DB 284 -32.30 176.84 27.05
N LEU DB 285 -32.31 177.98 26.35
CA LEU DB 285 -32.95 179.18 26.84
C LEU DB 285 -34.42 179.21 26.43
N PRO DB 286 -35.27 179.86 27.22
CA PRO DB 286 -36.70 179.94 26.88
C PRO DB 286 -36.93 180.71 25.59
N ALA DB 287 -38.02 180.36 24.91
CA ALA DB 287 -38.32 180.92 23.60
C ALA DB 287 -38.58 182.42 23.68
N GLN DB 288 -38.18 183.13 22.63
CA GLN DB 288 -38.36 184.58 22.53
C GLN DB 288 -39.34 184.89 21.40
N PRO DB 289 -40.56 185.33 21.72
CA PRO DB 289 -41.57 185.50 20.68
C PRO DB 289 -41.26 186.63 19.71
N LYS DB 290 -41.70 186.46 18.47
CA LYS DB 290 -41.73 187.49 17.45
C LYS DB 290 -43.16 187.54 16.89
N ASP DB 291 -43.32 188.23 15.75
CA ASP DB 291 -44.62 188.45 15.14
C ASP DB 291 -45.48 187.18 15.12
N LEU DB 292 -45.00 186.13 14.47
CA LEU DB 292 -45.76 184.88 14.44
C LEU DB 292 -44.87 183.64 14.58
N HIS DB 293 -43.61 183.78 14.97
CA HIS DB 293 -42.71 182.66 15.11
C HIS DB 293 -41.84 182.86 16.34
N PHE DB 294 -41.02 181.86 16.64
CA PHE DB 294 -40.20 181.84 17.85
C PHE DB 294 -38.72 181.78 17.47
N LYS DB 295 -37.88 181.75 18.50
CA LYS DB 295 -36.43 181.66 18.34
C LYS DB 295 -35.84 181.14 19.63
N VAL DB 296 -35.20 179.97 19.58
CA VAL DB 296 -34.68 179.34 20.78
C VAL DB 296 -33.16 179.23 20.68
N PRO DB 297 -32.42 179.93 21.55
CA PRO DB 297 -30.95 179.77 21.56
C PRO DB 297 -30.47 178.75 22.58
N CYS DB 298 -29.29 178.19 22.35
CA CYS DB 298 -28.67 177.21 23.23
C CYS DB 298 -27.19 177.54 23.37
N THR DB 299 -26.65 177.34 24.57
CA THR DB 299 -25.25 177.66 24.85
C THR DB 299 -24.66 176.56 25.73
N SER DB 300 -23.32 176.53 25.77
CA SER DB 300 -22.56 175.67 26.65
C SER DB 300 -21.11 176.16 26.66
N LYS DB 301 -20.29 175.54 27.50
CA LYS DB 301 -18.89 175.95 27.70
C LYS DB 301 -17.98 174.73 27.62
N CYS DB 302 -16.72 174.97 27.25
CA CYS DB 302 -15.75 173.90 27.13
C CYS DB 302 -14.35 174.49 27.33
N THR DB 303 -13.35 173.62 27.42
CA THR DB 303 -11.99 174.10 27.59
C THR DB 303 -11.01 173.40 26.64
N GLY DB 304 -11.33 172.19 26.22
CA GLY DB 304 -10.46 171.41 25.38
C GLY DB 304 -9.62 170.43 26.17
N LEU DB 305 -8.47 170.09 25.60
CA LEU DB 305 -7.54 169.14 26.20
C LEU DB 305 -6.38 169.88 26.84
N THR DB 306 -6.06 169.53 28.08
CA THR DB 306 -4.92 170.11 28.78
C THR DB 306 -3.98 168.98 29.22
N ILE DB 307 -2.71 169.11 28.87
CA ILE DB 307 -1.70 168.10 29.14
C ILE DB 307 -0.76 168.65 30.20
N TYR DB 308 -0.65 167.95 31.33
CA TYR DB 308 0.22 168.38 32.42
C TYR DB 308 1.60 167.75 32.31
N ARG DB 309 1.66 166.46 31.94
CA ARG DB 309 2.93 165.76 31.78
C ARG DB 309 3.12 165.42 30.31
N PRO DB 310 3.89 166.20 29.56
CA PRO DB 310 4.03 165.96 28.12
C PRO DB 310 4.94 164.80 27.76
N MET DB 311 5.60 164.18 28.72
CA MET DB 311 6.49 163.05 28.45
C MET DB 311 5.79 161.71 28.50
N THR DB 312 4.46 161.70 28.53
CA THR DB 312 3.69 160.46 28.57
C THR DB 312 2.94 160.20 27.27
N ILE DB 313 3.29 160.87 26.18
CA ILE DB 313 2.60 160.72 24.90
C ILE DB 313 3.62 160.56 23.79
N VAL DB 314 3.46 159.52 22.97
CA VAL DB 314 4.31 159.26 21.83
C VAL DB 314 3.43 159.21 20.59
N LEU DB 315 3.81 159.96 19.57
CA LEU DB 315 3.09 160.03 18.31
C LEU DB 315 4.01 159.52 17.20
N ILE DB 316 3.59 158.45 16.53
CA ILE DB 316 4.30 157.90 15.40
C ILE DB 316 3.67 158.49 14.15
N THR DB 317 4.45 159.27 13.41
CA THR DB 317 3.96 160.05 12.28
C THR DB 317 4.47 159.44 10.97
N GLY DB 318 3.64 159.57 9.94
CA GLY DB 318 3.98 159.04 8.63
C GLY DB 318 3.57 157.60 8.40
N VAL DB 319 2.96 156.96 9.39
CA VAL DB 319 2.52 155.58 9.28
C VAL DB 319 1.53 155.42 8.13
N ALA EB 29 -46.76 80.31 -39.56
CA ALA EB 29 -46.65 80.47 -38.12
C ALA EB 29 -46.04 79.23 -37.47
N THR EB 30 -44.76 79.33 -37.12
CA THR EB 30 -44.00 78.25 -36.49
C THR EB 30 -43.28 78.77 -35.25
N MET EB 31 -44.02 79.51 -34.42
CA MET EB 31 -43.41 80.19 -33.28
C MET EB 31 -43.05 79.20 -32.18
N GLY EB 32 -42.56 79.74 -31.07
CA GLY EB 32 -42.34 78.96 -29.87
C GLY EB 32 -43.56 78.97 -28.95
N ILE EB 33 -43.41 78.31 -27.80
CA ILE EB 33 -44.51 78.21 -26.85
C ILE EB 33 -44.44 79.24 -25.74
N TRP EB 34 -43.36 80.02 -25.64
CA TRP EB 34 -43.24 81.08 -24.66
C TRP EB 34 -43.02 82.41 -25.35
N THR EB 35 -43.82 83.40 -25.00
CA THR EB 35 -43.67 84.74 -25.53
C THR EB 35 -42.53 85.47 -24.83
N ALA EB 36 -42.12 86.60 -25.43
CA ALA EB 36 -41.04 87.38 -24.84
C ALA EB 36 -41.44 87.95 -23.48
N GLN EB 37 -42.72 88.23 -23.28
CA GLN EB 37 -43.20 88.77 -22.02
C GLN EB 37 -43.02 87.81 -20.86
N GLU EB 38 -43.26 86.51 -21.07
CA GLU EB 38 -43.17 85.54 -19.98
C GLU EB 38 -41.74 85.33 -19.48
N LEU EB 39 -40.74 85.79 -20.22
CA LEU EB 39 -39.34 85.73 -19.81
C LEU EB 39 -38.77 87.13 -19.73
N HIS EB 40 -39.53 88.05 -19.14
CA HIS EB 40 -39.16 89.45 -19.06
C HIS EB 40 -39.21 89.90 -17.60
N ARG EB 41 -38.33 90.83 -17.26
CA ARG EB 41 -38.24 91.36 -15.90
C ARG EB 41 -38.41 92.87 -15.93
N ILE EB 42 -39.19 93.39 -14.99
CA ILE EB 42 -39.38 94.83 -14.82
C ILE EB 42 -38.84 95.19 -13.44
N LYS EB 43 -37.76 95.96 -13.41
CA LYS EB 43 -37.20 96.41 -12.14
C LYS EB 43 -38.17 97.35 -11.45
N SER EB 44 -38.40 97.14 -10.16
CA SER EB 44 -39.42 97.88 -9.42
C SER EB 44 -38.82 99.13 -8.79
N GLN EB 45 -38.22 99.97 -9.64
CA GLN EB 45 -37.68 101.25 -9.20
C GLN EB 45 -37.46 102.12 -10.43
N SER EB 46 -37.96 103.35 -10.38
CA SER EB 46 -37.87 104.27 -11.50
C SER EB 46 -37.04 105.49 -11.10
N TYR EB 47 -36.45 106.13 -12.11
CA TYR EB 47 -35.60 107.30 -11.92
C TYR EB 47 -36.30 108.53 -12.45
N GLU EB 48 -36.37 109.57 -11.64
CA GLU EB 48 -37.00 110.82 -12.02
C GLU EB 48 -35.94 111.92 -12.13
N GLU EB 49 -36.06 112.73 -13.18
CA GLU EB 49 -35.15 113.85 -13.34
C GLU EB 49 -35.36 114.86 -12.21
N ASP EB 50 -34.29 115.57 -11.86
CA ASP EB 50 -34.31 116.52 -10.77
C ASP EB 50 -34.24 117.95 -11.32
N TYR EB 51 -34.83 118.88 -10.57
CA TYR EB 51 -34.84 120.30 -10.93
C TYR EB 51 -34.86 121.12 -9.65
N PRO EB 52 -33.71 121.59 -9.19
CA PRO EB 52 -33.70 122.48 -8.02
C PRO EB 52 -34.43 123.78 -8.31
N VAL EB 53 -35.18 124.25 -7.33
CA VAL EB 53 -35.99 125.45 -7.52
C VAL EB 53 -35.10 126.70 -7.62
N GLY EB 54 -34.11 126.79 -6.75
CA GLY EB 54 -33.26 127.96 -6.68
C GLY EB 54 -32.87 128.23 -5.23
N SER EB 55 -32.40 129.47 -5.00
CA SER EB 55 -31.93 129.83 -3.67
C SER EB 55 -32.35 131.25 -3.25
N ALA EB 56 -33.22 131.92 -4.00
CA ALA EB 56 -33.55 133.30 -3.69
C ALA EB 56 -34.27 133.41 -2.33
N LEU EB 57 -35.31 132.61 -2.13
CA LEU EB 57 -36.09 132.69 -0.90
C LEU EB 57 -35.33 132.24 0.34
N ARG EB 58 -34.24 131.49 0.17
CA ARG EB 58 -33.44 131.07 1.31
C ARG EB 58 -32.24 131.96 1.56
N VAL EB 59 -31.73 132.64 0.53
CA VAL EB 59 -30.61 133.55 0.71
C VAL EB 59 -31.09 134.94 1.13
N PHE EB 60 -32.06 135.51 0.39
CA PHE EB 60 -32.57 136.81 0.76
C PHE EB 60 -33.79 136.66 1.66
N PRO EB 61 -33.96 137.54 2.64
CA PRO EB 61 -35.08 137.41 3.57
C PRO EB 61 -36.41 137.61 2.88
N VAL EB 62 -37.44 136.93 3.40
CA VAL EB 62 -38.81 137.05 2.91
C VAL EB 62 -39.69 137.51 4.06
N THR EB 63 -40.49 138.54 3.81
CA THR EB 63 -41.40 139.10 4.80
C THR EB 63 -42.83 139.08 4.26
N THR EB 64 -43.77 139.44 5.12
CA THR EB 64 -45.20 139.49 4.79
C THR EB 64 -45.78 140.78 5.36
N GLU EB 65 -45.86 141.82 4.53
CA GLU EB 65 -46.42 143.09 4.98
C GLU EB 65 -47.48 143.59 4.00
N LEU EB 66 -47.34 143.26 2.73
CA LEU EB 66 -48.26 143.76 1.72
C LEU EB 66 -49.56 142.97 1.72
N SER EB 67 -50.68 143.67 1.52
CA SER EB 67 -52.02 143.13 1.39
C SER EB 67 -52.22 142.55 -0.01
N PRO EB 68 -53.06 141.53 -0.15
CA PRO EB 68 -53.27 140.93 -1.48
C PRO EB 68 -53.82 141.88 -2.53
N THR EB 69 -54.51 142.95 -2.11
CA THR EB 69 -55.14 143.87 -3.04
C THR EB 69 -54.29 145.10 -3.33
N ASP EB 70 -53.04 145.13 -2.86
CA ASP EB 70 -52.18 146.30 -3.01
C ASP EB 70 -51.39 146.22 -4.31
N LYS EB 71 -51.14 147.38 -4.91
CA LYS EB 71 -50.37 147.46 -6.14
C LYS EB 71 -49.01 148.14 -5.97
N THR EB 72 -48.91 149.11 -5.07
CA THR EB 72 -47.67 149.85 -4.87
C THR EB 72 -47.44 150.06 -3.39
N PHE EB 73 -46.20 150.42 -3.03
CA PHE EB 73 -45.86 150.72 -1.65
C PHE EB 73 -44.90 151.91 -1.62
N GLU EB 74 -44.51 152.30 -0.42
CA GLU EB 74 -43.72 153.51 -0.23
C GLU EB 74 -42.95 153.44 1.09
N TYR EB 75 -41.78 154.07 1.12
CA TYR EB 75 -41.00 154.22 2.34
C TYR EB 75 -40.28 155.57 2.29
N MET EB 76 -39.94 156.08 3.46
CA MET EB 76 -39.44 157.44 3.61
C MET EB 76 -38.13 157.46 4.37
N THR EB 77 -37.34 158.50 4.11
CA THR EB 77 -36.06 158.73 4.78
C THR EB 77 -36.01 160.17 5.28
N PHE EB 78 -35.06 160.43 6.19
CA PHE EB 78 -34.89 161.75 6.79
C PHE EB 78 -33.41 162.05 6.99
N ASP EB 79 -33.09 163.34 7.08
CA ASP EB 79 -31.73 163.84 7.30
C ASP EB 79 -31.80 165.02 8.26
N LYS EB 80 -30.69 165.73 8.38
CA LYS EB 80 -30.61 166.94 9.21
C LYS EB 80 -29.29 167.64 8.92
N VAL EB 81 -29.24 168.93 9.25
CA VAL EB 81 -28.05 169.76 9.10
C VAL EB 81 -27.93 170.69 10.29
N GLY EB 82 -26.78 171.35 10.40
CA GLY EB 82 -26.55 172.30 11.47
C GLY EB 82 -25.08 172.47 11.75
N THR EB 83 -24.79 173.44 12.61
CA THR EB 83 -23.42 173.75 12.99
C THR EB 83 -23.45 174.58 14.28
N ALA EB 84 -22.26 174.89 14.79
CA ALA EB 84 -22.13 175.69 16.00
C ALA EB 84 -20.82 176.46 15.93
N GLN EB 85 -20.69 177.47 16.79
CA GLN EB 85 -19.55 178.37 16.75
C GLN EB 85 -19.19 178.82 18.16
N ILE EB 86 -17.99 179.36 18.29
CA ILE EB 86 -17.50 179.90 19.57
C ILE EB 86 -17.87 181.37 19.63
N ILE EB 87 -18.66 181.74 20.63
CA ILE EB 87 -19.26 183.07 20.73
C ILE EB 87 -18.83 183.73 22.03
N ALA EB 88 -19.25 184.97 22.19
CA ALA EB 88 -19.06 185.74 23.42
C ALA EB 88 -20.41 186.32 23.85
N ASP EB 89 -20.40 187.10 24.92
CA ASP EB 89 -21.63 187.75 25.37
C ASP EB 89 -21.99 188.89 24.43
N TYR EB 90 -23.21 189.42 24.60
CA TYR EB 90 -23.72 190.51 23.77
C TYR EB 90 -23.75 190.14 22.29
N THR EB 91 -23.94 188.85 22.00
CA THR EB 91 -23.97 188.38 20.63
C THR EB 91 -25.39 188.49 20.08
N ASP EB 92 -25.50 188.56 18.76
CA ASP EB 92 -26.80 188.61 18.09
C ASP EB 92 -26.96 187.60 16.97
N ASP EB 93 -25.88 187.18 16.33
CA ASP EB 93 -25.94 186.21 15.24
C ASP EB 93 -25.55 184.82 15.74
N LEU EB 94 -26.38 183.84 15.40
CA LEU EB 94 -26.14 182.44 15.78
C LEU EB 94 -26.54 181.55 14.62
N PRO EB 95 -25.88 180.41 14.46
CA PRO EB 95 -26.25 179.49 13.38
C PRO EB 95 -27.58 178.80 13.65
N LEU EB 96 -28.11 178.17 12.60
CA LEU EB 96 -29.41 177.52 12.63
C LEU EB 96 -29.29 176.10 12.09
N VAL EB 97 -30.39 175.34 12.21
CA VAL EB 97 -30.48 173.96 11.76
C VAL EB 97 -31.75 173.78 10.97
N ASP EB 98 -31.83 172.67 10.23
CA ASP EB 98 -32.97 172.39 9.36
C ASP EB 98 -33.20 170.88 9.31
N ALA EB 99 -34.06 170.45 8.37
CA ALA EB 99 -34.43 169.04 8.26
C ALA EB 99 -34.71 168.72 6.79
N LEU EB 100 -34.97 167.44 6.51
CA LEU EB 100 -35.13 166.97 5.14
C LEU EB 100 -35.94 165.68 5.07
N GLY EB 101 -36.31 165.25 3.86
CA GLY EB 101 -37.05 164.01 3.70
C GLY EB 101 -37.10 163.59 2.24
N THR EB 102 -37.40 162.30 2.04
CA THR EB 102 -37.42 161.69 0.72
C THR EB 102 -38.33 160.47 0.76
N SER EB 103 -38.67 159.94 -0.42
CA SER EB 103 -39.52 158.77 -0.52
C SER EB 103 -39.22 158.01 -1.82
N GLU EB 104 -39.60 156.73 -1.84
CA GLU EB 104 -39.44 155.85 -3.00
C GLU EB 104 -40.62 154.90 -3.10
N PHE EB 105 -40.66 154.12 -4.18
CA PHE EB 105 -41.85 153.36 -4.55
C PHE EB 105 -41.48 151.93 -4.97
N GLY EB 106 -42.51 151.16 -5.34
CA GLY EB 106 -42.37 149.80 -5.79
C GLY EB 106 -43.64 149.32 -6.47
N LYS EB 107 -43.63 148.05 -6.89
CA LYS EB 107 -44.75 147.50 -7.65
C LYS EB 107 -44.96 146.03 -7.29
N VAL EB 108 -46.07 145.47 -7.79
CA VAL EB 108 -46.47 144.08 -7.57
C VAL EB 108 -46.98 143.51 -8.89
N PHE EB 109 -46.72 142.21 -9.10
CA PHE EB 109 -47.04 141.55 -10.35
C PHE EB 109 -47.75 140.22 -10.09
N ARG EB 110 -48.45 139.73 -11.11
CA ARG EB 110 -49.20 138.48 -11.04
C ARG EB 110 -48.63 137.48 -12.04
N LEU EB 111 -48.77 136.19 -11.72
CA LEU EB 111 -48.25 135.09 -12.52
C LEU EB 111 -49.35 134.05 -12.68
N GLY EB 112 -49.27 133.26 -13.75
CA GLY EB 112 -50.26 132.22 -13.93
C GLY EB 112 -49.98 131.32 -15.11
N ASN EB 113 -50.56 130.13 -15.07
CA ASN EB 113 -50.51 129.16 -16.16
C ASN EB 113 -51.68 128.18 -15.99
N ALA EB 114 -51.69 127.11 -16.77
CA ALA EB 114 -52.81 126.18 -16.75
C ALA EB 114 -52.37 124.82 -17.31
N TYR EB 115 -53.26 123.84 -17.19
CA TYR EB 115 -53.01 122.52 -17.74
C TYR EB 115 -54.31 121.84 -18.13
N LEU EB 116 -54.19 120.84 -19.00
CA LEU EB 116 -55.33 120.12 -19.57
C LEU EB 116 -55.28 118.65 -19.17
N ILE EB 117 -56.46 118.03 -19.13
CA ILE EB 117 -56.59 116.61 -18.78
C ILE EB 117 -57.92 116.13 -19.32
N SER EB 118 -58.01 114.82 -19.57
CA SER EB 118 -59.19 114.21 -20.17
C SER EB 118 -59.69 113.05 -19.35
N ILE EB 119 -60.96 112.67 -19.58
CA ILE EB 119 -61.61 111.65 -18.79
C ILE EB 119 -60.94 110.29 -18.97
N ASP EB 120 -60.60 109.94 -20.22
CA ASP EB 120 -59.94 108.67 -20.47
C ASP EB 120 -58.60 108.58 -19.77
N GLU EB 121 -57.81 109.66 -19.81
CA GLU EB 121 -56.54 109.67 -19.11
C GLU EB 121 -56.73 109.58 -17.60
N ILE EB 122 -57.74 110.27 -17.06
CA ILE EB 122 -58.01 110.19 -15.63
C ILE EB 122 -58.31 108.75 -15.23
N LYS EB 123 -59.22 108.10 -15.96
CA LYS EB 123 -59.60 106.73 -15.63
C LYS EB 123 -58.41 105.78 -15.77
N ALA EB 124 -57.64 105.92 -16.86
CA ALA EB 124 -56.50 105.04 -17.06
C ALA EB 124 -55.46 105.21 -15.95
N GLY EB 125 -55.18 106.45 -15.56
CA GLY EB 125 -54.25 106.67 -14.46
C GLY EB 125 -54.74 106.10 -13.15
N GLN EB 126 -56.03 106.27 -12.86
CA GLN EB 126 -56.57 105.72 -11.63
C GLN EB 126 -56.46 104.20 -11.61
N ALA EB 127 -56.75 103.55 -12.74
CA ALA EB 127 -56.65 102.10 -12.80
C ALA EB 127 -55.20 101.64 -12.69
N THR EB 128 -54.29 102.31 -13.39
CA THR EB 128 -52.90 101.87 -13.42
C THR EB 128 -52.21 102.06 -12.07
N GLY EB 129 -52.47 103.17 -11.41
CA GLY EB 129 -51.75 103.53 -10.21
C GLY EB 129 -50.66 104.56 -10.43
N ARG EB 130 -50.59 105.17 -11.61
CA ARG EB 130 -49.63 106.22 -11.92
C ARG EB 130 -50.43 107.42 -12.42
N PRO EB 131 -51.05 108.16 -11.49
CA PRO EB 131 -51.94 109.25 -11.91
C PRO EB 131 -51.19 110.34 -12.66
N LEU EB 132 -51.91 111.01 -13.57
CA LEU EB 132 -51.32 112.02 -14.42
C LEU EB 132 -51.57 113.44 -13.92
N SER EB 133 -52.59 113.66 -13.10
CA SER EB 133 -52.90 115.01 -12.64
C SER EB 133 -51.86 115.54 -11.66
N THR EB 134 -51.38 114.68 -10.76
CA THR EB 134 -50.42 115.11 -9.74
C THR EB 134 -49.11 115.56 -10.37
N ARG EB 135 -48.66 114.84 -11.41
CA ARG EB 135 -47.43 115.22 -12.09
C ARG EB 135 -47.55 116.60 -12.72
N LYS EB 136 -48.68 116.86 -13.38
CA LYS EB 136 -48.88 118.17 -14.00
C LYS EB 136 -48.98 119.28 -12.95
N ALA EB 137 -49.65 119.00 -11.83
CA ALA EB 137 -49.72 120.01 -10.77
C ALA EB 137 -48.34 120.34 -10.22
N SER EB 138 -47.52 119.31 -9.99
CA SER EB 138 -46.16 119.54 -9.52
C SER EB 138 -45.34 120.32 -10.55
N ALA EB 139 -45.53 120.01 -11.84
CA ALA EB 139 -44.83 120.75 -12.87
C ALA EB 139 -45.22 122.22 -12.87
N CYS EB 140 -46.51 122.51 -12.68
CA CYS EB 140 -46.96 123.90 -12.63
C CYS EB 140 -46.35 124.64 -11.45
N GLN EB 141 -46.35 124.01 -10.27
CA GLN EB 141 -45.77 124.66 -9.10
C GLN EB 141 -44.27 124.91 -9.29
N LEU EB 142 -43.56 123.94 -9.85
CA LEU EB 142 -42.15 124.11 -10.12
C LEU EB 142 -41.91 125.24 -11.11
N ALA EB 143 -42.75 125.35 -12.14
CA ALA EB 143 -42.62 126.44 -13.09
C ALA EB 143 -42.79 127.78 -12.42
N HIS EB 144 -43.78 127.90 -11.53
CA HIS EB 144 -43.98 129.15 -10.79
C HIS EB 144 -42.75 129.51 -9.98
N ASP EB 145 -42.21 128.54 -9.22
CA ASP EB 145 -41.07 128.84 -8.37
C ASP EB 145 -39.83 129.21 -9.19
N GLN EB 146 -39.59 128.49 -10.29
CA GLN EB 146 -38.45 128.79 -11.14
C GLN EB 146 -38.58 130.17 -11.78
N LEU EB 147 -39.81 130.55 -12.16
CA LEU EB 147 -40.00 131.90 -12.72
C LEU EB 147 -39.74 132.96 -11.67
N VAL EB 148 -40.15 132.72 -10.42
CA VAL EB 148 -39.84 133.67 -9.35
C VAL EB 148 -38.34 133.83 -9.18
N ASN EB 149 -37.61 132.71 -9.15
CA ASN EB 149 -36.16 132.77 -9.02
C ASN EB 149 -35.52 133.51 -10.19
N ARG EB 150 -36.02 133.25 -11.40
CA ARG EB 150 -35.50 133.94 -12.58
C ARG EB 150 -35.73 135.44 -12.50
N LEU EB 151 -36.91 135.85 -12.03
CA LEU EB 151 -37.17 137.27 -11.84
C LEU EB 151 -36.21 137.88 -10.83
N VAL EB 152 -35.95 137.16 -9.73
CA VAL EB 152 -35.09 137.70 -8.69
C VAL EB 152 -33.66 137.88 -9.20
N PHE EB 153 -33.11 136.86 -9.88
CA PHE EB 153 -31.69 136.87 -10.22
C PHE EB 153 -31.38 137.40 -11.61
N LYS EB 154 -32.36 137.61 -12.47
CA LYS EB 154 -32.12 138.12 -13.81
C LYS EB 154 -32.97 139.32 -14.19
N GLY EB 155 -34.22 139.38 -13.73
CA GLY EB 155 -35.08 140.49 -14.04
C GLY EB 155 -35.63 140.44 -15.46
N SER EB 156 -36.47 141.41 -15.78
CA SER EB 156 -37.04 141.57 -17.11
C SER EB 156 -36.92 143.03 -17.51
N ALA EB 157 -36.42 143.28 -18.72
CA ALA EB 157 -36.25 144.64 -19.21
C ALA EB 157 -37.58 145.29 -19.59
N PRO EB 158 -38.46 144.63 -20.36
CA PRO EB 158 -39.74 145.28 -20.67
C PRO EB 158 -40.58 145.59 -19.45
N HIS EB 159 -40.54 144.74 -18.41
CA HIS EB 159 -41.34 144.95 -17.22
C HIS EB 159 -40.67 145.92 -16.23
N LYS EB 160 -39.49 146.43 -16.55
CA LYS EB 160 -38.77 147.37 -15.70
C LYS EB 160 -38.49 146.78 -14.32
N ILE EB 161 -38.13 145.50 -14.28
CA ILE EB 161 -37.62 144.85 -13.08
C ILE EB 161 -36.11 144.73 -13.20
N VAL EB 162 -35.40 145.22 -12.20
CA VAL EB 162 -33.94 145.27 -12.23
C VAL EB 162 -33.39 144.17 -11.33
N SER EB 163 -32.44 143.41 -11.86
CA SER EB 163 -31.80 142.36 -11.09
C SER EB 163 -30.87 142.95 -10.05
N VAL EB 164 -30.44 142.10 -9.11
CA VAL EB 164 -29.54 142.55 -8.06
C VAL EB 164 -28.18 142.97 -8.62
N PHE EB 165 -27.78 142.40 -9.76
CA PHE EB 165 -26.51 142.76 -10.37
C PHE EB 165 -26.58 144.00 -11.24
N ASN EB 166 -27.78 144.52 -11.51
CA ASN EB 166 -27.93 145.70 -12.35
C ASN EB 166 -28.47 146.90 -11.59
N HIS EB 167 -28.59 146.80 -10.27
CA HIS EB 167 -29.02 147.95 -9.49
C HIS EB 167 -27.96 149.02 -9.52
N PRO EB 168 -28.30 150.27 -9.86
CA PRO EB 168 -27.28 151.31 -10.05
C PRO EB 168 -26.80 151.98 -8.76
N ASN EB 169 -27.07 151.41 -7.60
CA ASN EB 169 -26.72 152.06 -6.33
C ASN EB 169 -26.04 151.09 -5.38
N ILE EB 170 -25.34 150.10 -5.91
CA ILE EB 170 -24.59 149.15 -5.10
C ILE EB 170 -23.10 149.36 -5.36
N THR EB 171 -22.28 148.86 -4.42
CA THR EB 171 -20.84 149.00 -4.59
C THR EB 171 -20.34 147.90 -5.52
N LYS EB 172 -19.47 148.28 -6.46
CA LYS EB 172 -18.95 147.35 -7.46
C LYS EB 172 -17.43 147.43 -7.49
N ILE EB 173 -16.77 146.28 -7.41
CA ILE EB 173 -15.32 146.19 -7.34
C ILE EB 173 -14.82 145.40 -8.55
N THR EB 174 -14.00 146.04 -9.37
CA THR EB 174 -13.30 145.33 -10.43
C THR EB 174 -12.25 144.40 -9.80
N SER EB 175 -12.11 143.21 -10.36
CA SER EB 175 -11.29 142.17 -9.76
C SER EB 175 -10.30 141.61 -10.76
N GLY EB 176 -9.16 141.14 -10.23
CA GLY EB 176 -8.28 140.31 -11.01
C GLY EB 176 -8.77 138.87 -11.04
N LYS EB 177 -8.33 138.15 -12.07
CA LYS EB 177 -8.80 136.78 -12.26
C LYS EB 177 -8.25 135.87 -11.17
N TRP EB 178 -9.15 135.29 -10.37
CA TRP EB 178 -8.71 134.34 -9.34
C TRP EB 178 -8.05 133.13 -9.96
N ILE EB 179 -8.59 132.61 -11.06
CA ILE EB 179 -7.96 131.56 -11.84
C ILE EB 179 -7.70 132.10 -13.24
N ASP EB 180 -6.45 132.08 -13.67
CA ASP EB 180 -6.06 132.57 -14.98
C ASP EB 180 -5.14 131.57 -15.63
N ALA EB 181 -5.58 131.02 -16.77
CA ALA EB 181 -4.82 130.00 -17.50
C ALA EB 181 -4.45 128.82 -16.60
N SER EB 182 -5.46 128.32 -15.86
CA SER EB 182 -5.29 127.17 -14.98
C SER EB 182 -4.25 127.43 -13.88
N THR EB 183 -4.09 128.69 -13.49
CA THR EB 183 -3.18 129.07 -12.42
C THR EB 183 -3.98 129.74 -11.30
N MET EB 184 -3.78 129.30 -10.07
CA MET EB 184 -4.59 129.72 -8.95
C MET EB 184 -3.85 130.76 -8.12
N LYS EB 185 -4.56 131.82 -7.74
CA LYS EB 185 -4.00 132.96 -7.01
C LYS EB 185 -4.86 133.24 -5.79
N PRO EB 186 -4.69 132.46 -4.71
CA PRO EB 186 -5.57 132.65 -3.54
C PRO EB 186 -5.29 133.94 -2.78
N GLU EB 187 -4.06 134.46 -2.84
CA GLU EB 187 -3.75 135.68 -2.12
C GLU EB 187 -4.57 136.86 -2.64
N THR EB 188 -4.78 136.91 -3.97
CA THR EB 188 -5.64 137.94 -4.54
C THR EB 188 -7.06 137.82 -4.01
N ALA EB 189 -7.57 136.59 -3.91
CA ALA EB 189 -8.92 136.39 -3.42
C ALA EB 189 -9.05 136.86 -1.97
N GLU EB 190 -8.08 136.51 -1.14
CA GLU EB 190 -8.12 136.95 0.26
C GLU EB 190 -8.05 138.46 0.37
N ALA EB 191 -7.18 139.10 -0.42
CA ALA EB 191 -7.06 140.54 -0.38
C ALA EB 191 -8.38 141.21 -0.78
N GLU EB 192 -9.00 140.73 -1.86
CA GLU EB 192 -10.25 141.34 -2.32
C GLU EB 192 -11.38 141.12 -1.32
N LEU EB 193 -11.45 139.92 -0.72
CA LEU EB 193 -12.49 139.67 0.28
C LEU EB 193 -12.33 140.59 1.48
N THR EB 194 -11.10 140.75 1.97
CA THR EB 194 -10.87 141.67 3.08
C THR EB 194 -11.22 143.09 2.69
N GLN EB 195 -10.88 143.49 1.46
CA GLN EB 195 -11.19 144.84 1.00
C GLN EB 195 -12.68 145.09 0.99
N ALA EB 196 -13.46 144.14 0.48
CA ALA EB 196 -14.92 144.32 0.43
C ALA EB 196 -15.53 144.34 1.83
N ILE EB 197 -15.06 143.45 2.71
CA ILE EB 197 -15.59 143.39 4.07
C ILE EB 197 -15.34 144.71 4.78
N GLU EB 198 -14.14 145.28 4.64
CA GLU EB 198 -13.87 146.57 5.25
C GLU EB 198 -14.62 147.70 4.55
N THR EB 199 -14.83 147.60 3.25
CA THR EB 199 -15.52 148.65 2.51
C THR EB 199 -16.95 148.81 2.99
N ILE EB 200 -17.65 147.70 3.21
CA ILE EB 200 -19.05 147.82 3.66
C ILE EB 200 -19.13 148.60 4.97
N GLU EB 201 -18.26 148.26 5.93
CA GLU EB 201 -18.31 148.93 7.22
C GLU EB 201 -17.89 150.40 7.11
N THR EB 202 -16.82 150.69 6.37
CA THR EB 202 -16.32 152.06 6.30
C THR EB 202 -17.20 152.96 5.47
N ILE EB 203 -18.03 152.43 4.58
CA ILE EB 203 -18.91 153.27 3.78
C ILE EB 203 -20.21 153.61 4.51
N THR EB 204 -20.62 152.80 5.48
CA THR EB 204 -21.77 153.10 6.32
C THR EB 204 -21.37 153.62 7.69
N ARG EB 205 -20.07 153.78 7.94
CA ARG EB 205 -19.57 154.46 9.13
C ARG EB 205 -19.92 153.68 10.40
N GLY EB 206 -19.76 152.36 10.36
CA GLY EB 206 -19.93 151.54 11.54
C GLY EB 206 -21.36 151.27 11.95
N GLN EB 207 -22.33 151.59 11.10
CA GLN EB 207 -23.72 151.27 11.40
C GLN EB 207 -24.15 149.95 10.79
N HIS EB 208 -23.44 149.45 9.79
CA HIS EB 208 -23.75 148.18 9.16
C HIS EB 208 -22.47 147.38 9.01
N ARG EB 209 -22.51 146.10 9.34
CA ARG EB 209 -21.37 145.21 9.24
C ARG EB 209 -21.72 144.03 8.35
N ALA EB 210 -20.76 143.62 7.52
CA ALA EB 210 -20.97 142.50 6.63
C ALA EB 210 -21.12 141.20 7.42
N THR EB 211 -22.06 140.36 7.00
CA THR EB 211 -22.32 139.08 7.67
C THR EB 211 -22.40 137.89 6.73
N ASN EB 212 -22.69 138.07 5.45
CA ASN EB 212 -22.88 136.95 4.54
C ASN EB 212 -22.07 137.16 3.27
N ILE EB 213 -21.50 136.07 2.77
CA ILE EB 213 -20.74 136.05 1.53
C ILE EB 213 -21.22 134.89 0.66
N LEU EB 214 -21.37 135.15 -0.63
CA LEU EB 214 -21.72 134.11 -1.61
C LEU EB 214 -20.69 134.13 -2.73
N ILE EB 215 -20.16 132.95 -3.05
CA ILE EB 215 -19.16 132.80 -4.10
C ILE EB 215 -19.61 131.70 -5.05
N PRO EB 216 -19.16 131.75 -6.31
CA PRO EB 216 -19.58 130.73 -7.27
C PRO EB 216 -19.03 129.37 -6.88
N PRO EB 217 -19.72 128.28 -7.23
CA PRO EB 217 -19.23 126.95 -6.84
C PRO EB 217 -17.89 126.57 -7.43
N SER EB 218 -17.49 127.18 -8.55
CA SER EB 218 -16.24 126.81 -9.19
C SER EB 218 -15.02 127.42 -8.50
N MET EB 219 -15.21 128.38 -7.61
CA MET EB 219 -14.11 129.02 -6.89
C MET EB 219 -13.82 128.36 -5.55
N ARG EB 220 -14.48 127.25 -5.24
CA ARG EB 220 -14.27 126.60 -3.95
C ARG EB 220 -12.86 126.04 -3.83
N LYS EB 221 -12.27 125.60 -4.93
CA LYS EB 221 -10.93 125.03 -4.89
C LYS EB 221 -9.84 126.08 -4.75
N VAL EB 222 -10.14 127.35 -5.03
CA VAL EB 222 -9.15 128.41 -4.86
C VAL EB 222 -8.86 128.62 -3.38
N LEU EB 223 -9.88 128.56 -2.54
CA LEU EB 223 -9.74 128.81 -1.11
C LEU EB 223 -9.46 127.53 -0.32
N ALA EB 224 -9.28 126.39 -0.98
CA ALA EB 224 -8.93 125.16 -0.32
C ALA EB 224 -7.45 124.84 -0.42
N ILE EB 225 -6.65 125.71 -1.01
CA ILE EB 225 -5.22 125.48 -1.14
C ILE EB 225 -4.54 125.73 0.20
N ARG EB 226 -3.56 124.89 0.52
CA ARG EB 226 -2.76 125.13 1.71
C ARG EB 226 -1.70 126.19 1.44
N MET EB 227 -1.52 127.09 2.40
CA MET EB 227 -0.46 128.08 2.29
C MET EB 227 0.89 127.45 2.65
N PRO EB 228 1.98 127.96 2.09
CA PRO EB 228 3.27 127.27 2.22
C PRO EB 228 3.73 127.17 3.67
N GLU EB 229 4.49 126.10 3.94
CA GLU EB 229 5.18 125.87 5.20
C GLU EB 229 4.22 125.69 6.38
N THR EB 230 3.02 125.16 6.13
CA THR EB 230 2.08 124.84 7.20
C THR EB 230 1.13 123.77 6.71
N THR EB 231 0.22 123.37 7.61
CA THR EB 231 -0.70 122.27 7.35
C THR EB 231 -2.15 122.67 7.58
N MET EB 232 -2.57 123.82 7.02
CA MET EB 232 -3.98 124.14 6.98
C MET EB 232 -4.24 125.04 5.78
N SER EB 233 -5.51 125.11 5.40
CA SER EB 233 -5.95 125.83 4.22
C SER EB 233 -6.04 127.33 4.50
N TYR EB 234 -6.15 128.11 3.42
CA TYR EB 234 -6.37 129.55 3.55
C TYR EB 234 -7.69 129.85 4.23
N LEU EB 235 -8.74 129.08 3.91
CA LEU EB 235 -10.07 129.36 4.42
C LEU EB 235 -10.15 129.23 5.93
N ASP EB 236 -9.44 128.24 6.49
CA ASP EB 236 -9.46 128.08 7.95
C ASP EB 236 -8.88 129.30 8.65
N TYR EB 237 -7.74 129.80 8.16
CA TYR EB 237 -7.17 131.00 8.74
C TYR EB 237 -8.07 132.22 8.55
N PHE EB 238 -8.69 132.34 7.36
CA PHE EB 238 -9.59 133.45 7.13
C PHE EB 238 -10.78 133.42 8.08
N LYS EB 239 -11.36 132.24 8.30
CA LYS EB 239 -12.48 132.14 9.23
C LYS EB 239 -12.04 132.41 10.66
N SER EB 240 -10.84 131.97 11.02
CA SER EB 240 -10.32 132.25 12.36
C SER EB 240 -10.15 133.75 12.57
N GLN EB 241 -9.65 134.46 11.55
CA GLN EB 241 -9.43 135.89 11.69
C GLN EB 241 -10.74 136.67 11.69
N ASN EB 242 -11.66 136.35 10.79
CA ASN EB 242 -12.92 137.06 10.66
C ASN EB 242 -14.01 136.19 11.29
N SER EB 243 -14.43 136.57 12.49
CA SER EB 243 -15.37 135.74 13.25
C SER EB 243 -16.81 136.17 12.99
N GLY EB 244 -17.69 135.19 12.88
CA GLY EB 244 -19.10 135.45 12.73
C GLY EB 244 -19.57 135.73 11.31
N ILE EB 245 -18.83 135.31 10.30
CA ILE EB 245 -19.17 135.55 8.91
C ILE EB 245 -19.40 134.21 8.22
N GLU EB 246 -20.54 134.07 7.56
CA GLU EB 246 -20.90 132.83 6.87
C GLU EB 246 -20.66 132.96 5.38
N ILE EB 247 -20.00 131.95 4.81
CA ILE EB 247 -19.64 131.92 3.41
C ILE EB 247 -20.33 130.72 2.76
N ASP EB 248 -21.03 130.97 1.66
CA ASP EB 248 -21.80 129.95 0.95
C ASP EB 248 -21.60 130.10 -0.55
N SER EB 249 -22.29 129.24 -1.31
CA SER EB 249 -22.15 129.21 -2.75
C SER EB 249 -23.52 129.16 -3.42
N ILE EB 250 -23.65 129.91 -4.52
CA ILE EB 250 -24.89 129.98 -5.29
C ILE EB 250 -24.53 129.76 -6.76
N ALA EB 251 -25.04 128.66 -7.34
CA ALA EB 251 -24.72 128.31 -8.71
C ALA EB 251 -25.19 129.36 -9.71
N GLU EB 252 -26.13 130.23 -9.33
CA GLU EB 252 -26.56 131.31 -10.20
C GLU EB 252 -25.48 132.35 -10.44
N LEU EB 253 -24.39 132.31 -9.67
CA LEU EB 253 -23.31 133.27 -9.81
C LEU EB 253 -22.29 132.87 -10.87
N GLU EB 254 -22.51 131.76 -11.57
CA GLU EB 254 -21.60 131.35 -12.64
C GLU EB 254 -21.61 132.34 -13.79
N ASP EB 255 -22.77 132.93 -14.08
CA ASP EB 255 -22.92 133.91 -15.15
C ASP EB 255 -23.80 135.05 -14.65
N ILE EB 256 -23.23 136.25 -14.55
CA ILE EB 256 -23.98 137.41 -14.07
C ILE EB 256 -24.48 138.30 -15.21
N ASP EB 257 -23.98 138.11 -16.43
CA ASP EB 257 -24.43 138.90 -17.57
C ASP EB 257 -24.80 138.07 -18.78
N GLY EB 258 -24.55 136.76 -18.78
CA GLY EB 258 -24.80 135.93 -19.92
C GLY EB 258 -23.63 135.75 -20.86
N ALA EB 259 -22.44 136.22 -20.49
CA ALA EB 259 -21.26 136.09 -21.33
C ALA EB 259 -20.11 135.38 -20.63
N GLY EB 260 -20.38 134.72 -19.50
CA GLY EB 260 -19.35 133.99 -18.79
C GLY EB 260 -18.71 134.72 -17.63
N THR EB 261 -19.23 135.87 -17.24
CA THR EB 261 -18.65 136.62 -16.14
C THR EB 261 -19.10 136.06 -14.79
N LYS EB 262 -18.13 135.86 -13.90
CA LYS EB 262 -18.42 135.38 -12.55
C LYS EB 262 -18.43 136.56 -11.58
N GLY EB 263 -18.94 136.33 -10.38
CA GLY EB 263 -19.07 137.40 -9.42
C GLY EB 263 -19.15 136.87 -8.01
N VAL EB 264 -18.84 137.76 -7.06
CA VAL EB 264 -18.89 137.46 -5.64
C VAL EB 264 -19.78 138.49 -4.97
N LEU EB 265 -20.66 138.03 -4.08
CA LEU EB 265 -21.61 138.89 -3.40
C LEU EB 265 -21.25 138.95 -1.92
N VAL EB 266 -21.15 140.17 -1.37
CA VAL EB 266 -20.90 140.35 0.05
C VAL EB 266 -21.92 141.34 0.59
N TYR EB 267 -22.65 140.94 1.63
CA TYR EB 267 -23.74 141.78 2.10
C TYR EB 267 -24.05 141.45 3.56
N GLU EB 268 -24.96 142.23 4.14
CA GLU EB 268 -25.48 142.00 5.48
C GLU EB 268 -26.96 141.64 5.36
N LYS EB 269 -27.34 140.49 5.91
CA LYS EB 269 -28.70 139.98 5.78
C LYS EB 269 -29.56 140.57 6.89
N ASN EB 270 -30.54 141.39 6.51
CA ASN EB 270 -31.48 142.01 7.43
C ASN EB 270 -32.71 142.44 6.65
N PRO EB 271 -33.91 142.20 7.18
CA PRO EB 271 -35.12 142.65 6.47
C PRO EB 271 -35.16 144.14 6.24
N MET EB 272 -34.61 144.95 7.15
CA MET EB 272 -34.61 146.40 6.97
C MET EB 272 -33.79 146.86 5.78
N ASN EB 273 -32.88 146.04 5.27
CA ASN EB 273 -32.03 146.42 4.14
C ASN EB 273 -32.55 145.91 2.81
N MET EB 274 -33.14 144.72 2.78
CA MET EB 274 -33.60 144.13 1.52
C MET EB 274 -34.71 143.14 1.82
N SER EB 275 -35.57 142.92 0.85
CA SER EB 275 -36.73 142.07 1.10
C SER EB 275 -37.29 141.52 -0.20
N ILE EB 276 -38.04 140.43 -0.07
CA ILE EB 276 -38.86 139.85 -1.13
C ILE EB 276 -40.23 139.57 -0.55
N GLU EB 277 -41.27 139.95 -1.27
CA GLU EB 277 -42.65 139.81 -0.79
C GLU EB 277 -43.45 138.90 -1.71
N ILE EB 278 -44.25 138.02 -1.11
CA ILE EB 278 -45.12 137.12 -1.85
C ILE EB 278 -46.54 137.29 -1.30
N PRO EB 279 -47.27 138.32 -1.74
CA PRO EB 279 -48.57 138.61 -1.11
C PRO EB 279 -49.58 137.48 -1.18
N GLU EB 280 -49.62 136.75 -2.30
CA GLU EB 280 -50.62 135.70 -2.50
C GLU EB 280 -49.91 134.41 -2.90
N ALA EB 281 -50.16 133.34 -2.16
CA ALA EB 281 -49.51 132.07 -2.42
C ALA EB 281 -50.13 131.37 -3.62
N PHE EB 282 -49.43 130.36 -4.12
CA PHE EB 282 -49.91 129.58 -5.26
C PHE EB 282 -51.24 128.89 -4.92
N ASN EB 283 -52.20 129.00 -5.83
CA ASN EB 283 -53.51 128.40 -5.62
C ASN EB 283 -54.02 127.86 -6.95
N MET EB 284 -54.95 126.92 -6.86
CA MET EB 284 -55.50 126.22 -8.01
C MET EB 284 -57.00 126.51 -8.12
N LEU EB 285 -57.41 126.95 -9.30
CA LEU EB 285 -58.80 127.29 -9.56
C LEU EB 285 -59.59 126.05 -9.94
N PRO EB 286 -60.91 126.06 -9.72
CA PRO EB 286 -61.73 124.90 -10.08
C PRO EB 286 -61.72 124.63 -11.59
N ALA EB 287 -61.88 123.36 -11.94
CA ALA EB 287 -61.81 122.95 -13.34
C ALA EB 287 -63.00 123.48 -14.13
N GLN EB 288 -62.80 123.60 -15.45
CA GLN EB 288 -63.86 124.04 -16.36
C GLN EB 288 -64.09 122.96 -17.40
N PRO EB 289 -65.11 122.11 -17.26
CA PRO EB 289 -65.31 121.04 -18.24
C PRO EB 289 -65.68 121.57 -19.61
N LYS EB 290 -65.22 120.86 -20.64
CA LYS EB 290 -65.57 121.21 -22.02
C LYS EB 290 -65.44 119.96 -22.90
N ASP EB 291 -66.57 119.31 -23.16
CA ASP EB 291 -66.66 118.26 -24.18
C ASP EB 291 -65.64 117.15 -23.95
N LEU EB 292 -65.85 116.42 -22.85
CA LEU EB 292 -65.10 115.22 -22.47
C LEU EB 292 -63.68 115.51 -21.97
N HIS EB 293 -63.37 116.76 -21.60
CA HIS EB 293 -62.08 117.07 -21.01
C HIS EB 293 -62.19 118.36 -20.21
N PHE EB 294 -61.20 118.60 -19.37
CA PHE EB 294 -61.20 119.71 -18.43
C PHE EB 294 -60.11 120.72 -18.78
N LYS EB 295 -59.98 121.74 -17.94
CA LYS EB 295 -58.94 122.75 -18.10
C LYS EB 295 -58.78 123.46 -16.77
N VAL EB 296 -57.62 123.33 -16.14
CA VAL EB 296 -57.41 123.82 -14.78
C VAL EB 296 -56.35 124.93 -14.82
N PRO EB 297 -56.72 126.17 -14.51
CA PRO EB 297 -55.73 127.23 -14.36
C PRO EB 297 -55.22 127.33 -12.92
N CYS EB 298 -54.14 128.10 -12.77
CA CYS EB 298 -53.55 128.34 -11.46
C CYS EB 298 -52.65 129.57 -11.54
N THR EB 299 -52.77 130.44 -10.53
CA THR EB 299 -52.11 131.74 -10.52
C THR EB 299 -51.38 131.97 -9.20
N SER EB 300 -50.69 133.10 -9.11
CA SER EB 300 -49.91 133.49 -7.96
C SER EB 300 -49.53 134.96 -8.10
N LYS EB 301 -48.84 135.49 -7.09
CA LYS EB 301 -48.42 136.88 -7.10
C LYS EB 301 -47.01 137.01 -6.55
N CYS EB 302 -46.32 138.08 -6.92
CA CYS EB 302 -44.95 138.32 -6.46
C CYS EB 302 -44.63 139.80 -6.59
N THR EB 303 -43.43 140.17 -6.13
CA THR EB 303 -42.97 141.55 -6.22
C THR EB 303 -41.51 141.71 -6.63
N GLY EB 304 -40.70 140.67 -6.60
CA GLY EB 304 -39.28 140.81 -6.86
C GLY EB 304 -38.51 141.19 -5.62
N LEU EB 305 -37.27 141.62 -5.83
CA LEU EB 305 -36.36 141.98 -4.75
C LEU EB 305 -36.28 143.49 -4.63
N THR EB 306 -36.53 144.00 -3.42
CA THR EB 306 -36.48 145.43 -3.15
C THR EB 306 -35.36 145.71 -2.16
N ILE EB 307 -34.50 146.66 -2.49
CA ILE EB 307 -33.38 147.05 -1.65
C ILE EB 307 -33.67 148.44 -1.12
N TYR EB 308 -33.83 148.55 0.20
CA TYR EB 308 -34.15 149.83 0.83
C TYR EB 308 -32.91 150.67 1.10
N ARG EB 309 -31.86 150.05 1.62
CA ARG EB 309 -30.58 150.71 1.83
C ARG EB 309 -29.55 150.07 0.90
N PRO EB 310 -29.23 150.68 -0.24
CA PRO EB 310 -28.39 150.01 -1.24
C PRO EB 310 -26.89 150.12 -0.96
N MET EB 311 -26.48 150.67 0.16
CA MET EB 311 -25.07 150.81 0.47
C MET EB 311 -24.50 149.62 1.22
N THR EB 312 -25.30 148.59 1.44
CA THR EB 312 -24.85 147.39 2.16
C THR EB 312 -24.63 146.20 1.24
N ILE EB 313 -24.33 146.43 -0.04
CA ILE EB 313 -24.12 145.35 -1.00
C ILE EB 313 -22.87 145.65 -1.81
N VAL EB 314 -21.92 144.71 -1.82
CA VAL EB 314 -20.71 144.81 -2.63
C VAL EB 314 -20.67 143.63 -3.59
N LEU EB 315 -20.49 143.93 -4.86
CA LEU EB 315 -20.38 142.93 -5.92
C LEU EB 315 -18.98 143.00 -6.50
N ILE EB 316 -18.22 141.92 -6.31
CA ILE EB 316 -16.89 141.80 -6.90
C ILE EB 316 -17.08 141.14 -8.27
N THR EB 317 -16.83 141.91 -9.32
CA THR EB 317 -17.08 141.46 -10.68
C THR EB 317 -15.77 141.12 -11.39
N GLY EB 318 -15.88 140.26 -12.40
CA GLY EB 318 -14.72 139.84 -13.15
C GLY EB 318 -13.95 138.69 -12.56
N VAL EB 319 -14.38 138.17 -11.41
CA VAL EB 319 -13.74 137.03 -10.79
C VAL EB 319 -13.81 135.80 -11.69
N GLU FB 38 13.94 53.89 -0.04
CA GLU FB 38 13.47 53.58 1.30
C GLU FB 38 14.07 54.53 2.34
N LEU FB 39 15.23 55.09 2.02
CA LEU FB 39 15.87 56.10 2.85
C LEU FB 39 15.64 57.51 2.33
N HIS FB 40 14.77 57.68 1.33
CA HIS FB 40 14.53 58.96 0.69
C HIS FB 40 13.18 59.50 1.19
N ARG FB 41 13.24 60.52 2.03
CA ARG FB 41 12.04 61.12 2.58
C ARG FB 41 11.39 62.08 1.58
N ILE FB 42 10.05 62.17 1.67
CA ILE FB 42 9.27 63.14 0.91
C ILE FB 42 8.59 64.07 1.92
N LYS FB 43 8.71 65.37 1.68
CA LYS FB 43 8.13 66.35 2.59
C LYS FB 43 6.62 66.21 2.67
N SER FB 44 6.04 66.84 3.70
CA SER FB 44 4.61 66.71 3.96
C SER FB 44 3.78 67.83 3.34
N GLN FB 45 4.30 69.05 3.29
CA GLN FB 45 3.57 70.18 2.74
C GLN FB 45 4.00 70.41 1.30
N SER FB 46 3.04 70.74 0.44
CA SER FB 46 3.29 70.94 -0.98
C SER FB 46 3.04 72.40 -1.36
N TYR FB 47 3.54 72.77 -2.54
CA TYR FB 47 3.50 74.14 -3.02
C TYR FB 47 2.63 74.23 -4.26
N GLU FB 48 1.70 75.17 -4.26
CA GLU FB 48 0.80 75.39 -5.40
C GLU FB 48 1.00 76.81 -5.92
N GLU FB 49 1.18 76.93 -7.24
CA GLU FB 49 1.16 78.25 -7.85
C GLU FB 49 -0.20 78.89 -7.68
N ASP FB 50 -0.21 80.18 -7.32
CA ASP FB 50 -1.43 80.90 -7.05
C ASP FB 50 -1.73 81.88 -8.17
N TYR FB 51 -2.97 81.85 -8.64
CA TYR FB 51 -3.45 82.78 -9.66
C TYR FB 51 -4.53 83.64 -9.02
N PRO FB 52 -4.22 84.87 -8.62
CA PRO FB 52 -5.26 85.73 -8.04
C PRO FB 52 -6.36 86.00 -9.05
N VAL FB 53 -7.59 86.07 -8.54
CA VAL FB 53 -8.76 86.18 -9.41
C VAL FB 53 -9.03 87.64 -9.79
N GLY FB 54 -9.00 88.54 -8.82
CA GLY FB 54 -9.26 89.94 -9.11
C GLY FB 54 -10.03 90.59 -7.99
N SER FB 55 -10.67 91.72 -8.33
CA SER FB 55 -11.40 92.51 -7.35
C SER FB 55 -12.72 93.06 -7.90
N ALA FB 56 -13.19 92.58 -9.05
CA ALA FB 56 -14.39 93.14 -9.67
C ALA FB 56 -15.63 92.97 -8.82
N LEU FB 57 -15.78 91.85 -8.12
CA LEU FB 57 -16.94 91.63 -7.28
C LEU FB 57 -16.94 92.46 -6.01
N ARG FB 58 -15.77 92.96 -5.59
CA ARG FB 58 -15.68 93.80 -4.41
C ARG FB 58 -15.76 95.30 -4.72
N VAL FB 59 -15.18 95.75 -5.82
CA VAL FB 59 -15.20 97.18 -6.11
C VAL FB 59 -16.61 97.68 -6.48
N PHE FB 60 -17.42 96.86 -7.16
CA PHE FB 60 -18.75 97.27 -7.56
C PHE FB 60 -19.80 96.51 -6.76
N PRO FB 61 -20.96 97.12 -6.53
CA PRO FB 61 -22.00 96.44 -5.75
C PRO FB 61 -22.57 95.24 -6.49
N VAL FB 62 -23.09 94.29 -5.71
CA VAL FB 62 -23.71 93.09 -6.23
C VAL FB 62 -25.14 93.04 -5.70
N THR FB 63 -26.11 92.89 -6.60
CA THR FB 63 -27.51 92.86 -6.22
C THR FB 63 -28.07 91.44 -6.40
N THR FB 64 -29.36 91.29 -6.07
CA THR FB 64 -30.10 90.05 -6.28
C THR FB 64 -31.57 90.41 -6.56
N GLU FB 65 -31.90 90.50 -7.85
CA GLU FB 65 -33.26 90.82 -8.26
C GLU FB 65 -33.76 89.96 -9.41
N LEU FB 66 -32.88 89.22 -10.08
CA LEU FB 66 -33.27 88.43 -11.25
C LEU FB 66 -33.50 86.98 -10.88
N SER FB 67 -34.63 86.45 -11.33
CA SER FB 67 -34.95 85.04 -11.20
C SER FB 67 -34.04 84.25 -12.14
N PRO FB 68 -33.70 83.01 -11.78
CA PRO FB 68 -32.78 82.22 -12.62
C PRO FB 68 -33.33 81.84 -13.98
N THR FB 69 -34.59 82.20 -14.29
CA THR FB 69 -35.18 81.88 -15.58
C THR FB 69 -35.47 83.11 -16.44
N ASP FB 70 -35.34 84.31 -15.88
CA ASP FB 70 -35.54 85.52 -16.68
C ASP FB 70 -34.39 85.70 -17.66
N LYS FB 71 -34.69 86.35 -18.79
CA LYS FB 71 -33.71 86.54 -19.85
C LYS FB 71 -33.42 88.01 -20.14
N THR FB 72 -34.39 88.90 -19.92
CA THR FB 72 -34.19 90.33 -20.15
C THR FB 72 -34.76 91.10 -18.99
N PHE FB 73 -34.28 92.33 -18.81
CA PHE FB 73 -34.83 93.22 -17.79
C PHE FB 73 -34.90 94.64 -18.34
N GLU FB 74 -35.80 95.43 -17.77
CA GLU FB 74 -36.11 96.77 -18.25
C GLU FB 74 -36.31 97.70 -17.06
N TYR FB 75 -35.93 98.97 -17.23
CA TYR FB 75 -36.14 99.99 -16.21
C TYR FB 75 -36.53 101.30 -16.89
N MET FB 76 -37.20 102.16 -16.12
CA MET FB 76 -37.90 103.33 -16.64
C MET FB 76 -37.32 104.62 -16.07
N THR FB 77 -37.73 105.73 -16.69
CA THR FB 77 -37.29 107.07 -16.35
C THR FB 77 -38.39 108.05 -16.74
N PHE FB 78 -38.51 109.14 -15.98
CA PHE FB 78 -39.58 110.12 -16.19
C PHE FB 78 -39.02 111.54 -16.19
N ASP FB 79 -39.78 112.44 -16.80
CA ASP FB 79 -39.38 113.84 -16.99
C ASP FB 79 -40.63 114.68 -17.21
N LYS FB 80 -40.46 116.01 -17.16
CA LYS FB 80 -41.59 116.92 -17.29
C LYS FB 80 -41.12 118.21 -17.92
N VAL FB 81 -42.09 119.00 -18.41
CA VAL FB 81 -41.84 120.31 -19.01
C VAL FB 81 -42.86 121.30 -18.46
N GLY FB 82 -42.66 122.57 -18.79
CA GLY FB 82 -43.61 123.60 -18.42
C GLY FB 82 -42.96 124.97 -18.38
N THR FB 83 -43.79 125.98 -18.11
CA THR FB 83 -43.33 127.36 -18.02
C THR FB 83 -44.42 128.19 -17.34
N ALA FB 84 -44.17 129.50 -17.25
CA ALA FB 84 -45.12 130.44 -16.65
C ALA FB 84 -44.88 131.81 -17.25
N GLN FB 85 -45.84 132.71 -17.05
CA GLN FB 85 -45.79 134.04 -17.65
C GLN FB 85 -46.48 135.04 -16.74
N ILE FB 86 -46.16 136.32 -16.95
CA ILE FB 86 -46.81 137.41 -16.24
C ILE FB 86 -48.09 137.78 -16.98
N ILE FB 87 -49.20 137.81 -16.26
CA ILE FB 87 -50.51 137.94 -16.90
C ILE FB 87 -51.28 139.13 -16.34
N ALA FB 88 -52.46 139.38 -16.90
CA ALA FB 88 -53.37 140.42 -16.45
C ALA FB 88 -54.69 139.80 -16.02
N ASP FB 89 -55.67 140.64 -15.72
CA ASP FB 89 -56.94 140.14 -15.19
C ASP FB 89 -57.74 139.39 -16.25
N TYR FB 90 -57.89 139.94 -17.44
CA TYR FB 90 -58.55 139.28 -18.56
C TYR FB 90 -57.46 138.62 -19.41
N THR FB 91 -57.29 137.31 -19.24
CA THR FB 91 -56.27 136.57 -19.97
C THR FB 91 -56.82 135.21 -20.37
N ASP FB 92 -56.63 134.85 -21.64
CA ASP FB 92 -57.07 133.57 -22.18
C ASP FB 92 -55.93 132.84 -22.88
N ASP FB 93 -54.69 133.10 -22.46
CA ASP FB 93 -53.52 132.54 -23.12
C ASP FB 93 -52.51 131.97 -22.11
N LEU FB 94 -52.99 131.23 -21.13
CA LEU FB 94 -52.09 130.59 -20.18
C LEU FB 94 -51.37 129.42 -20.86
N PRO FB 95 -50.08 129.24 -20.60
CA PRO FB 95 -49.35 128.10 -21.18
C PRO FB 95 -49.74 126.79 -20.52
N LEU FB 96 -49.15 125.70 -21.02
CA LEU FB 96 -49.46 124.35 -20.58
C LEU FB 96 -48.19 123.59 -20.19
N VAL FB 97 -48.38 122.38 -19.65
CA VAL FB 97 -47.30 121.52 -19.17
C VAL FB 97 -47.56 120.10 -19.63
N ASP FB 98 -46.55 119.24 -19.54
CA ASP FB 98 -46.68 117.84 -19.93
C ASP FB 98 -45.56 117.03 -19.29
N ALA FB 99 -45.62 115.70 -19.46
CA ALA FB 99 -44.66 114.78 -18.87
C ALA FB 99 -44.26 113.72 -19.90
N LEU FB 100 -43.20 112.98 -19.59
CA LEU FB 100 -42.57 112.05 -20.53
C LEU FB 100 -42.33 110.70 -19.87
N GLY FB 101 -41.61 109.84 -20.58
CA GLY FB 101 -41.22 108.52 -20.11
C GLY FB 101 -40.24 107.84 -21.05
N THR FB 102 -39.35 107.02 -20.49
CA THR FB 102 -38.29 106.37 -21.27
C THR FB 102 -37.93 105.07 -20.57
N SER FB 103 -37.28 104.15 -21.29
CA SER FB 103 -36.88 102.88 -20.71
C SER FB 103 -35.63 102.36 -21.40
N GLU FB 104 -34.95 101.44 -20.71
CA GLU FB 104 -33.75 100.78 -21.23
C GLU FB 104 -33.82 99.28 -20.94
N PHE FB 105 -32.91 98.52 -21.55
CA PHE FB 105 -32.99 97.06 -21.54
C PHE FB 105 -31.63 96.45 -21.22
N GLY FB 106 -31.66 95.20 -20.75
CA GLY FB 106 -30.45 94.45 -20.45
C GLY FB 106 -30.70 92.95 -20.52
N LYS FB 107 -29.61 92.20 -20.75
CA LYS FB 107 -29.67 90.78 -21.05
C LYS FB 107 -28.84 89.96 -20.06
N VAL FB 108 -28.89 88.64 -20.22
CA VAL FB 108 -28.23 87.68 -19.34
C VAL FB 108 -27.59 86.59 -20.19
N PHE FB 109 -26.40 86.14 -19.78
CA PHE FB 109 -25.63 85.14 -20.51
C PHE FB 109 -25.30 83.95 -19.60
N ARG FB 110 -24.89 82.84 -20.24
CA ARG FB 110 -24.55 81.60 -19.58
C ARG FB 110 -23.12 81.21 -19.92
N LEU FB 111 -22.45 80.58 -18.95
CA LEU FB 111 -21.05 80.20 -19.07
C LEU FB 111 -20.90 78.71 -18.75
N GLY FB 112 -19.88 78.09 -19.32
CA GLY FB 112 -19.65 76.68 -19.07
C GLY FB 112 -18.33 76.11 -19.56
N ASN FB 113 -17.88 75.03 -18.92
CA ASN FB 113 -16.67 74.32 -19.32
C ASN FB 113 -16.82 72.87 -18.86
N ALA FB 114 -15.73 72.10 -18.92
CA ALA FB 114 -15.77 70.68 -18.56
C ALA FB 114 -14.35 70.19 -18.33
N TYR FB 115 -14.25 68.98 -17.78
CA TYR FB 115 -12.95 68.33 -17.62
C TYR FB 115 -13.11 66.82 -17.75
N LEU FB 116 -12.07 66.18 -18.27
CA LEU FB 116 -12.00 64.73 -18.41
C LEU FB 116 -11.16 64.14 -17.29
N ILE FB 117 -11.38 62.86 -17.02
CA ILE FB 117 -10.58 62.12 -16.05
C ILE FB 117 -10.75 60.63 -16.35
N SER FB 118 -9.69 59.86 -16.08
CA SER FB 118 -9.67 58.44 -16.40
C SER FB 118 -9.56 57.61 -15.12
N ILE FB 119 -10.13 56.41 -15.17
CA ILE FB 119 -10.15 55.54 -13.99
C ILE FB 119 -8.74 55.20 -13.54
N ASP FB 120 -7.79 55.10 -14.47
CA ASP FB 120 -6.40 54.84 -14.10
C ASP FB 120 -5.87 55.94 -13.19
N GLU FB 121 -6.08 57.20 -13.58
CA GLU FB 121 -5.60 58.31 -12.76
C GLU FB 121 -6.40 58.45 -11.48
N ILE FB 122 -7.69 58.10 -11.53
CA ILE FB 122 -8.50 58.12 -10.30
C ILE FB 122 -7.95 57.12 -9.28
N LYS FB 123 -7.63 55.92 -9.73
CA LYS FB 123 -7.13 54.90 -8.83
C LYS FB 123 -5.70 55.20 -8.37
N ALA FB 124 -4.90 55.83 -9.24
CA ALA FB 124 -3.52 56.12 -8.90
C ALA FB 124 -3.44 57.05 -7.70
N GLY FB 125 -2.58 56.69 -6.75
CA GLY FB 125 -2.38 57.49 -5.56
C GLY FB 125 -1.04 58.20 -5.56
N GLN FB 126 -0.91 59.27 -4.78
CA GLN FB 126 0.30 60.06 -4.72
C GLN FB 126 0.77 60.17 -3.29
N ALA FB 127 1.96 60.75 -3.12
CA ALA FB 127 2.54 60.90 -1.78
C ALA FB 127 1.67 61.79 -0.90
N THR FB 128 1.54 63.06 -1.28
CA THR FB 128 0.75 64.00 -0.50
C THR FB 128 0.24 65.09 -1.44
N GLY FB 129 -0.87 65.70 -1.06
CA GLY FB 129 -1.49 66.75 -1.85
C GLY FB 129 -2.92 66.42 -2.20
N ARG FB 130 -3.64 67.43 -2.67
CA ARG FB 130 -5.04 67.23 -3.03
C ARG FB 130 -5.13 66.29 -4.23
N PRO FB 131 -6.20 65.50 -4.33
CA PRO FB 131 -6.33 64.58 -5.47
C PRO FB 131 -6.53 65.34 -6.78
N LEU FB 132 -6.19 64.64 -7.87
CA LEU FB 132 -6.27 65.21 -9.21
C LEU FB 132 -7.69 65.66 -9.53
N SER FB 133 -8.68 64.87 -9.08
CA SER FB 133 -10.07 65.24 -9.29
C SER FB 133 -10.40 66.56 -8.61
N THR FB 134 -9.96 66.74 -7.36
CA THR FB 134 -10.23 67.97 -6.63
C THR FB 134 -9.53 69.16 -7.30
N ARG FB 135 -8.28 68.98 -7.71
CA ARG FB 135 -7.58 70.06 -8.39
C ARG FB 135 -8.22 70.45 -9.71
N LYS FB 136 -8.63 69.47 -10.51
CA LYS FB 136 -9.32 69.76 -11.76
C LYS FB 136 -10.68 70.38 -11.55
N ALA FB 137 -11.37 70.05 -10.45
CA ALA FB 137 -12.59 70.73 -10.09
C ALA FB 137 -12.37 72.17 -9.67
N SER FB 138 -11.29 72.46 -8.94
CA SER FB 138 -10.97 73.83 -8.56
C SER FB 138 -10.58 74.67 -9.76
N ALA FB 139 -9.94 74.05 -10.75
CA ALA FB 139 -9.54 74.75 -11.97
C ALA FB 139 -10.75 75.34 -12.68
N CYS FB 140 -11.86 74.59 -12.73
CA CYS FB 140 -13.06 75.07 -13.40
C CYS FB 140 -13.63 76.30 -12.70
N GLN FB 141 -13.68 76.26 -11.36
CA GLN FB 141 -14.19 77.40 -10.61
C GLN FB 141 -13.32 78.63 -10.83
N LEU FB 142 -11.99 78.44 -10.80
CA LEU FB 142 -11.09 79.56 -11.05
C LEU FB 142 -11.30 80.13 -12.44
N ALA FB 143 -11.47 79.25 -13.44
CA ALA FB 143 -11.70 79.72 -14.81
C ALA FB 143 -12.99 80.53 -14.91
N HIS FB 144 -14.05 80.05 -14.27
CA HIS FB 144 -15.32 80.79 -14.31
C HIS FB 144 -15.19 82.17 -13.68
N ASP FB 145 -14.56 82.23 -12.50
CA ASP FB 145 -14.42 83.52 -11.83
C ASP FB 145 -13.55 84.48 -12.65
N GLN FB 146 -12.45 83.99 -13.21
CA GLN FB 146 -11.60 84.84 -14.03
C GLN FB 146 -12.31 85.30 -15.30
N LEU FB 147 -13.13 84.44 -15.90
CA LEU FB 147 -13.89 84.87 -17.07
C LEU FB 147 -14.90 85.96 -16.71
N VAL FB 148 -15.55 85.84 -15.55
CA VAL FB 148 -16.47 86.88 -15.12
C VAL FB 148 -15.73 88.20 -14.93
N ASN FB 149 -14.57 88.15 -14.27
CA ASN FB 149 -13.78 89.36 -14.06
C ASN FB 149 -13.35 89.97 -15.39
N ARG FB 150 -12.94 89.13 -16.33
CA ARG FB 150 -12.54 89.62 -17.65
C ARG FB 150 -13.70 90.25 -18.39
N LEU FB 151 -14.90 89.66 -18.29
CA LEU FB 151 -16.08 90.26 -18.91
C LEU FB 151 -16.36 91.63 -18.32
N VAL FB 152 -16.23 91.76 -16.99
CA VAL FB 152 -16.50 93.04 -16.36
C VAL FB 152 -15.48 94.09 -16.77
N PHE FB 153 -14.20 93.73 -16.81
CA PHE FB 153 -13.13 94.72 -16.94
C PHE FB 153 -12.64 94.92 -18.37
N LYS FB 154 -13.05 94.09 -19.33
CA LYS FB 154 -12.58 94.22 -20.70
C LYS FB 154 -13.67 94.12 -21.75
N GLY FB 155 -14.81 93.49 -21.47
CA GLY FB 155 -15.89 93.41 -22.42
C GLY FB 155 -15.63 92.38 -23.50
N SER FB 156 -16.55 92.35 -24.47
CA SER FB 156 -16.47 91.41 -25.59
C SER FB 156 -17.26 92.00 -26.74
N ALA FB 157 -16.57 92.36 -27.81
CA ALA FB 157 -17.22 93.05 -28.93
C ALA FB 157 -18.30 92.21 -29.62
N PRO FB 158 -18.05 90.95 -30.01
CA PRO FB 158 -19.10 90.21 -30.72
C PRO FB 158 -20.39 90.02 -29.94
N HIS FB 159 -20.31 89.90 -28.62
CA HIS FB 159 -21.47 89.65 -27.79
C HIS FB 159 -22.19 90.92 -27.36
N LYS FB 160 -21.75 92.08 -27.84
CA LYS FB 160 -22.35 93.37 -27.48
C LYS FB 160 -22.27 93.61 -25.97
N ILE FB 161 -21.10 93.37 -25.40
CA ILE FB 161 -20.83 93.67 -24.00
C ILE FB 161 -19.81 94.80 -23.94
N VAL FB 162 -20.12 95.84 -23.18
CA VAL FB 162 -19.29 97.04 -23.10
C VAL FB 162 -18.59 97.05 -21.75
N SER FB 163 -17.29 97.33 -21.77
CA SER FB 163 -16.51 97.38 -20.54
C SER FB 163 -16.78 98.69 -19.81
N VAL FB 164 -16.31 98.76 -18.55
CA VAL FB 164 -16.49 99.97 -17.77
C VAL FB 164 -15.62 101.12 -18.29
N PHE FB 165 -14.62 100.82 -19.11
CA PHE FB 165 -13.77 101.86 -19.69
C PHE FB 165 -14.28 102.37 -21.03
N ASN FB 166 -15.04 101.55 -21.77
CA ASN FB 166 -15.47 101.89 -23.12
C ASN FB 166 -16.92 102.36 -23.18
N HIS FB 167 -17.57 102.53 -22.04
CA HIS FB 167 -18.93 103.06 -22.04
C HIS FB 167 -18.90 104.50 -22.55
N PRO FB 168 -19.79 104.87 -23.48
CA PRO FB 168 -19.67 106.18 -24.15
C PRO FB 168 -20.27 107.34 -23.37
N ASN FB 169 -21.03 107.10 -22.30
CA ASN FB 169 -21.73 108.16 -21.60
C ASN FB 169 -21.04 108.55 -20.29
N ILE FB 170 -19.82 108.07 -20.07
CA ILE FB 170 -19.06 108.42 -18.87
C ILE FB 170 -18.10 109.55 -19.21
N THR FB 171 -17.57 110.18 -18.15
CA THR FB 171 -16.69 111.33 -18.31
C THR FB 171 -15.23 110.87 -18.30
N LYS FB 172 -14.47 111.32 -19.30
CA LYS FB 172 -13.07 110.98 -19.46
C LYS FB 172 -12.23 112.24 -19.36
N ILE FB 173 -11.12 112.16 -18.63
CA ILE FB 173 -10.24 113.29 -18.40
C ILE FB 173 -8.83 112.91 -18.85
N THR FB 174 -8.29 113.68 -19.80
CA THR FB 174 -6.90 113.50 -20.21
C THR FB 174 -5.98 114.05 -19.13
N SER FB 175 -4.88 113.32 -18.88
CA SER FB 175 -4.01 113.62 -17.74
C SER FB 175 -2.56 113.73 -18.19
N GLY FB 176 -1.86 114.72 -17.62
CA GLY FB 176 -0.41 114.71 -17.67
C GLY FB 176 0.14 113.64 -16.73
N LYS FB 177 1.16 112.94 -17.19
CA LYS FB 177 1.66 111.77 -16.47
C LYS FB 177 2.19 112.16 -15.10
N TRP FB 178 1.80 111.40 -14.08
CA TRP FB 178 2.29 111.66 -12.73
C TRP FB 178 3.77 111.38 -12.60
N ILE FB 179 4.25 110.31 -13.24
CA ILE FB 179 5.66 109.92 -13.19
C ILE FB 179 6.26 110.16 -14.56
N ASP FB 180 7.30 110.98 -14.61
CA ASP FB 180 7.99 111.32 -15.86
C ASP FB 180 9.44 110.88 -15.75
N ALA FB 181 9.70 109.62 -16.07
CA ALA FB 181 11.04 109.04 -16.05
C ALA FB 181 11.71 109.26 -14.70
N SER FB 182 11.11 108.66 -13.67
CA SER FB 182 11.60 108.72 -12.29
C SER FB 182 11.64 110.16 -11.79
N THR FB 183 10.62 110.95 -12.17
CA THR FB 183 10.44 112.32 -11.66
C THR FB 183 9.00 112.41 -11.18
N MET FB 184 8.79 112.05 -9.92
CA MET FB 184 7.45 112.06 -9.35
C MET FB 184 6.93 113.48 -9.20
N LYS FB 185 5.66 113.68 -9.55
CA LYS FB 185 4.99 114.97 -9.41
C LYS FB 185 3.81 114.81 -8.49
N PRO FB 186 3.96 115.14 -7.20
CA PRO FB 186 2.89 114.89 -6.22
C PRO FB 186 1.85 115.99 -6.08
N GLU FB 187 1.86 117.03 -6.92
CA GLU FB 187 0.83 118.06 -6.90
C GLU FB 187 -0.17 117.91 -8.03
N THR FB 188 0.27 117.42 -9.19
CA THR FB 188 -0.66 117.15 -10.29
C THR FB 188 -1.69 116.12 -9.88
N ALA FB 189 -1.28 115.11 -9.10
CA ALA FB 189 -2.21 114.09 -8.64
C ALA FB 189 -3.31 114.72 -7.79
N GLU FB 190 -2.94 115.51 -6.78
CA GLU FB 190 -3.95 116.13 -5.93
C GLU FB 190 -4.86 117.04 -6.75
N ALA FB 191 -4.27 117.81 -7.67
CA ALA FB 191 -5.08 118.70 -8.50
C ALA FB 191 -6.10 117.91 -9.31
N GLU FB 192 -5.69 116.80 -9.91
CA GLU FB 192 -6.59 116.07 -10.80
C GLU FB 192 -7.66 115.32 -10.02
N LEU FB 193 -7.33 114.76 -8.86
CA LEU FB 193 -8.38 114.15 -8.04
C LEU FB 193 -9.37 115.19 -7.55
N THR FB 194 -8.91 116.39 -7.16
CA THR FB 194 -9.86 117.43 -6.78
C THR FB 194 -10.74 117.82 -7.96
N GLN FB 195 -10.15 117.92 -9.16
CA GLN FB 195 -10.93 118.24 -10.35
C GLN FB 195 -11.99 117.18 -10.63
N ALA FB 196 -11.63 115.90 -10.50
CA ALA FB 196 -12.59 114.83 -10.74
C ALA FB 196 -13.72 114.85 -9.71
N ILE FB 197 -13.38 115.08 -8.44
CA ILE FB 197 -14.42 115.14 -7.41
C ILE FB 197 -15.37 116.29 -7.68
N GLU FB 198 -14.83 117.46 -8.03
CA GLU FB 198 -15.68 118.60 -8.35
C GLU FB 198 -16.54 118.31 -9.58
N THR FB 199 -15.98 117.61 -10.57
CA THR FB 199 -16.75 117.27 -11.76
C THR FB 199 -17.93 116.38 -11.42
N ILE FB 200 -17.71 115.36 -10.59
CA ILE FB 200 -18.82 114.49 -10.19
C ILE FB 200 -19.85 115.28 -9.40
N GLU FB 201 -19.39 116.16 -8.51
CA GLU FB 201 -20.32 116.94 -7.70
C GLU FB 201 -21.18 117.86 -8.56
N THR FB 202 -20.58 118.49 -9.57
CA THR FB 202 -21.27 119.54 -10.32
C THR FB 202 -21.96 119.06 -11.58
N ILE FB 203 -21.70 117.83 -12.05
CA ILE FB 203 -22.38 117.36 -13.24
C ILE FB 203 -23.73 116.71 -12.92
N THR FB 204 -23.91 116.21 -11.70
CA THR FB 204 -25.18 115.64 -11.27
C THR FB 204 -26.00 116.61 -10.44
N ARG FB 205 -25.59 117.87 -10.36
CA ARG FB 205 -26.31 118.92 -9.65
C ARG FB 205 -26.52 118.57 -8.18
N GLY FB 206 -25.46 118.11 -7.52
CA GLY FB 206 -25.44 117.95 -6.08
C GLY FB 206 -26.19 116.75 -5.55
N GLN FB 207 -26.64 115.83 -6.40
CA GLN FB 207 -27.36 114.66 -5.95
C GLN FB 207 -26.46 113.44 -5.77
N HIS FB 208 -25.18 113.55 -6.11
CA HIS FB 208 -24.26 112.42 -6.00
C HIS FB 208 -22.87 112.94 -5.70
N ARG FB 209 -22.32 112.52 -4.57
CA ARG FB 209 -20.98 112.91 -4.14
C ARG FB 209 -20.07 111.68 -4.18
N ALA FB 210 -18.87 111.86 -4.73
CA ALA FB 210 -17.96 110.74 -4.92
C ALA FB 210 -17.53 110.16 -3.58
N THR FB 211 -17.36 108.84 -3.55
CA THR FB 211 -16.96 108.14 -2.35
C THR FB 211 -15.73 107.25 -2.50
N ASN FB 212 -15.46 106.71 -3.68
CA ASN FB 212 -14.39 105.74 -3.86
C ASN FB 212 -13.45 106.15 -4.98
N ILE FB 213 -12.17 105.92 -4.74
CA ILE FB 213 -11.10 106.16 -5.71
C ILE FB 213 -10.29 104.88 -5.86
N LEU FB 214 -9.98 104.53 -7.10
CA LEU FB 214 -9.15 103.39 -7.43
C LEU FB 214 -7.97 103.86 -8.25
N ILE FB 215 -6.76 103.54 -7.79
CA ILE FB 215 -5.53 103.97 -8.45
C ILE FB 215 -4.66 102.76 -8.75
N PRO FB 216 -3.81 102.81 -9.77
CA PRO FB 216 -2.88 101.70 -10.02
C PRO FB 216 -1.93 101.51 -8.86
N PRO FB 217 -1.53 100.26 -8.58
CA PRO FB 217 -0.64 100.01 -7.43
C PRO FB 217 0.74 100.64 -7.55
N SER FB 218 1.18 100.99 -8.76
CA SER FB 218 2.51 101.56 -8.95
C SER FB 218 2.59 103.03 -8.58
N MET FB 219 1.45 103.67 -8.32
CA MET FB 219 1.42 105.08 -7.95
C MET FB 219 1.34 105.30 -6.44
N ARG FB 220 1.36 104.24 -5.65
CA ARG FB 220 1.26 104.40 -4.20
C ARG FB 220 2.48 105.08 -3.61
N LYS FB 221 3.62 105.06 -4.30
CA LYS FB 221 4.80 105.76 -3.83
C LYS FB 221 4.71 107.27 -4.05
N VAL FB 222 3.96 107.71 -5.07
CA VAL FB 222 3.84 109.13 -5.36
C VAL FB 222 3.07 109.87 -4.27
N LEU FB 223 2.04 109.24 -3.70
CA LEU FB 223 1.22 109.88 -2.70
C LEU FB 223 1.78 109.77 -1.29
N ALA FB 224 2.88 109.06 -1.11
CA ALA FB 224 3.51 108.91 0.20
C ALA FB 224 4.63 109.92 0.43
N ILE FB 225 4.85 110.83 -0.52
CA ILE FB 225 5.93 111.81 -0.39
C ILE FB 225 5.57 112.82 0.70
N ARG FB 226 6.54 113.08 1.58
CA ARG FB 226 6.36 114.11 2.60
C ARG FB 226 6.33 115.48 1.95
N MET FB 227 5.38 116.32 2.37
CA MET FB 227 5.30 117.67 1.84
C MET FB 227 6.48 118.49 2.34
N PRO FB 228 6.98 119.44 1.55
CA PRO FB 228 8.18 120.19 1.95
C PRO FB 228 7.99 120.94 3.25
N GLU FB 229 9.05 120.97 4.06
CA GLU FB 229 9.11 121.72 5.31
C GLU FB 229 8.00 121.32 6.29
N THR FB 230 7.47 120.12 6.14
CA THR FB 230 6.38 119.65 7.01
C THR FB 230 6.69 118.21 7.44
N THR FB 231 5.74 117.63 8.17
CA THR FB 231 5.85 116.26 8.65
C THR FB 231 4.73 115.36 8.15
N MET FB 232 3.79 115.89 7.36
CA MET FB 232 2.66 115.13 6.85
C MET FB 232 2.86 114.79 5.39
N SER FB 233 2.07 113.85 4.90
CA SER FB 233 2.15 113.43 3.52
C SER FB 233 1.02 114.03 2.69
N TYR FB 234 1.18 113.98 1.37
CA TYR FB 234 0.14 114.47 0.47
C TYR FB 234 -1.15 113.69 0.65
N LEU FB 235 -1.05 112.37 0.80
CA LEU FB 235 -2.23 111.55 1.03
C LEU FB 235 -2.91 111.92 2.34
N ASP FB 236 -2.12 112.17 3.39
CA ASP FB 236 -2.69 112.56 4.67
C ASP FB 236 -3.43 113.88 4.57
N TYR FB 237 -2.83 114.87 3.90
CA TYR FB 237 -3.50 116.16 3.74
C TYR FB 237 -4.76 116.01 2.89
N PHE FB 238 -4.70 115.20 1.84
CA PHE FB 238 -5.86 115.00 0.99
C PHE FB 238 -7.02 114.37 1.76
N LYS FB 239 -6.73 113.35 2.57
CA LYS FB 239 -7.78 112.75 3.37
C LYS FB 239 -8.32 113.71 4.43
N SER FB 240 -7.44 114.50 5.03
CA SER FB 240 -7.90 115.49 6.01
C SER FB 240 -8.84 116.49 5.37
N GLN FB 241 -8.53 116.94 4.15
CA GLN FB 241 -9.40 117.89 3.47
C GLN FB 241 -10.67 117.26 2.91
N ASN FB 242 -10.64 115.98 2.54
CA ASN FB 242 -11.77 115.32 1.89
C ASN FB 242 -12.19 114.08 2.66
N SER FB 243 -12.31 114.21 3.98
CA SER FB 243 -12.80 113.13 4.81
C SER FB 243 -14.12 112.59 4.29
N GLY FB 244 -14.30 111.28 4.39
CA GLY FB 244 -15.46 110.60 3.85
C GLY FB 244 -15.24 109.92 2.51
N ILE FB 245 -14.00 109.84 2.04
CA ILE FB 245 -13.68 109.26 0.74
C ILE FB 245 -12.65 108.17 0.95
N GLU FB 246 -12.89 107.00 0.37
CA GLU FB 246 -12.02 105.84 0.52
C GLU FB 246 -11.21 105.60 -0.75
N ILE FB 247 -9.92 105.35 -0.56
CA ILE FB 247 -8.97 105.19 -1.65
C ILE FB 247 -8.42 103.77 -1.62
N ASP FB 248 -8.22 103.18 -2.80
CA ASP FB 248 -7.79 101.80 -2.91
C ASP FB 248 -6.99 101.62 -4.19
N SER FB 249 -6.37 100.45 -4.32
CA SER FB 249 -5.54 100.12 -5.47
C SER FB 249 -6.04 98.84 -6.12
N ILE FB 250 -6.20 98.88 -7.45
CA ILE FB 250 -6.67 97.74 -8.22
C ILE FB 250 -5.65 97.48 -9.32
N ALA FB 251 -5.16 96.24 -9.42
CA ALA FB 251 -4.10 95.94 -10.37
C ALA FB 251 -4.61 95.91 -11.81
N GLU FB 252 -5.93 95.83 -12.02
CA GLU FB 252 -6.48 95.84 -13.37
C GLU FB 252 -6.30 97.20 -14.06
N LEU FB 253 -5.94 98.24 -13.32
CA LEU FB 253 -5.76 99.57 -13.87
C LEU FB 253 -4.34 99.83 -14.37
N GLU FB 254 -3.43 98.86 -14.19
CA GLU FB 254 -2.08 99.04 -14.69
C GLU FB 254 -2.06 99.12 -16.22
N ASP FB 255 -2.87 98.29 -16.87
CA ASP FB 255 -2.96 98.24 -18.33
C ASP FB 255 -4.43 98.16 -18.71
N ILE FB 256 -4.94 99.22 -19.34
CA ILE FB 256 -6.36 99.31 -19.67
C ILE FB 256 -6.63 99.22 -21.16
N ASP FB 257 -5.60 99.33 -22.00
CA ASP FB 257 -5.80 99.28 -23.44
C ASP FB 257 -4.96 98.23 -24.14
N GLY FB 258 -4.15 97.46 -23.42
CA GLY FB 258 -3.25 96.52 -24.03
C GLY FB 258 -1.94 97.10 -24.54
N ALA FB 259 -1.69 98.38 -24.30
CA ALA FB 259 -0.49 99.05 -24.80
C ALA FB 259 0.29 99.76 -23.71
N GLY FB 260 -0.09 99.61 -22.44
CA GLY FB 260 0.60 100.27 -21.36
C GLY FB 260 -0.06 101.50 -20.79
N THR FB 261 -1.28 101.82 -21.22
CA THR FB 261 -1.97 102.98 -20.69
C THR FB 261 -2.44 102.71 -19.25
N LYS FB 262 -2.38 103.74 -18.42
CA LYS FB 262 -2.80 103.66 -17.03
C LYS FB 262 -3.98 104.59 -16.79
N GLY FB 263 -4.80 104.24 -15.81
CA GLY FB 263 -5.99 105.02 -15.52
C GLY FB 263 -6.34 105.03 -14.06
N VAL FB 264 -7.10 106.05 -13.68
CA VAL FB 264 -7.59 106.22 -12.31
C VAL FB 264 -9.10 106.35 -12.37
N LEU FB 265 -9.80 105.70 -11.44
CA LEU FB 265 -11.25 105.63 -11.47
C LEU FB 265 -11.81 106.32 -10.23
N VAL FB 266 -12.76 107.23 -10.41
CA VAL FB 266 -13.44 107.89 -9.30
C VAL FB 266 -14.93 107.67 -9.46
N TYR FB 267 -15.56 107.09 -8.44
CA TYR FB 267 -16.98 106.76 -8.56
C TYR FB 267 -17.62 106.74 -7.18
N GLU FB 268 -18.93 106.50 -7.18
CA GLU FB 268 -19.72 106.37 -5.96
C GLU FB 268 -20.29 104.95 -5.90
N LYS FB 269 -19.85 104.17 -4.92
CA LYS FB 269 -20.26 102.78 -4.78
C LYS FB 269 -21.66 102.75 -4.20
N ASN FB 270 -22.66 102.47 -5.04
CA ASN FB 270 -24.06 102.45 -4.65
C ASN FB 270 -24.80 101.45 -5.51
N PRO FB 271 -25.55 100.51 -4.92
CA PRO FB 271 -26.28 99.54 -5.74
C PRO FB 271 -27.28 100.16 -6.68
N MET FB 272 -27.78 101.36 -6.37
CA MET FB 272 -28.73 102.04 -7.25
C MET FB 272 -28.08 102.63 -8.49
N ASN FB 273 -26.78 102.91 -8.44
CA ASN FB 273 -26.04 103.45 -9.57
C ASN FB 273 -25.56 102.37 -10.54
N MET FB 274 -24.95 101.31 -10.02
CA MET FB 274 -24.45 100.22 -10.84
C MET FB 274 -24.47 98.93 -10.02
N SER FB 275 -24.51 97.81 -10.71
CA SER FB 275 -24.58 96.52 -10.02
C SER FB 275 -24.18 95.42 -10.98
N ILE FB 276 -23.90 94.25 -10.42
CA ILE FB 276 -23.65 93.02 -11.16
C ILE FB 276 -24.59 91.95 -10.65
N GLU FB 277 -25.24 91.23 -11.56
CA GLU FB 277 -26.22 90.22 -11.22
C GLU FB 277 -25.66 88.83 -11.51
N ILE FB 278 -25.81 87.93 -10.56
CA ILE FB 278 -25.41 86.54 -10.72
C ILE FB 278 -26.62 85.67 -10.41
N PRO FB 279 -27.53 85.47 -11.36
CA PRO FB 279 -28.74 84.70 -11.07
C PRO FB 279 -28.48 83.25 -10.69
N GLU FB 280 -27.45 82.61 -11.26
CA GLU FB 280 -27.17 81.21 -10.98
C GLU FB 280 -25.71 81.06 -10.57
N ALA FB 281 -25.47 80.26 -9.55
CA ALA FB 281 -24.13 80.05 -9.03
C ALA FB 281 -23.44 78.89 -9.75
N PHE FB 282 -22.17 78.69 -9.45
CA PHE FB 282 -21.40 77.60 -10.03
C PHE FB 282 -21.91 76.26 -9.48
N ASN FB 283 -22.06 75.30 -10.39
CA ASN FB 283 -22.51 73.97 -10.01
C ASN FB 283 -21.94 72.95 -10.98
N MET FB 284 -21.95 71.69 -10.55
CA MET FB 284 -21.35 70.59 -11.32
C MET FB 284 -22.43 69.56 -11.64
N LEU FB 285 -22.28 68.91 -12.78
CA LEU FB 285 -23.21 67.91 -13.24
C LEU FB 285 -22.68 66.51 -12.98
N PRO FB 286 -23.55 65.50 -12.89
CA PRO FB 286 -23.09 64.13 -12.69
C PRO FB 286 -22.21 63.67 -13.84
N ALA FB 287 -21.25 62.81 -13.52
CA ALA FB 287 -20.31 62.31 -14.51
C ALA FB 287 -21.03 61.47 -15.56
N GLN FB 288 -20.57 61.60 -16.80
CA GLN FB 288 -21.13 60.85 -17.92
C GLN FB 288 -20.09 59.86 -18.42
N PRO FB 289 -20.22 58.57 -18.13
CA PRO FB 289 -19.13 57.63 -18.41
C PRO FB 289 -19.01 57.32 -19.90
N LYS FB 290 -17.77 57.10 -20.32
CA LYS FB 290 -17.44 56.61 -21.65
C LYS FB 290 -16.69 55.28 -21.47
N ASP FB 291 -16.08 54.80 -22.56
CA ASP FB 291 -15.42 53.49 -22.59
C ASP FB 291 -14.65 53.17 -21.32
N LEU FB 292 -13.69 54.01 -20.96
CA LEU FB 292 -12.94 53.80 -19.72
C LEU FB 292 -12.67 55.09 -18.96
N HIS FB 293 -13.24 56.22 -19.39
CA HIS FB 293 -13.03 57.49 -18.72
C HIS FB 293 -14.37 58.20 -18.55
N PHE FB 294 -14.36 59.31 -17.84
CA PHE FB 294 -15.54 60.10 -17.53
C PHE FB 294 -15.43 61.47 -18.18
N LYS FB 295 -16.46 62.29 -17.93
CA LYS FB 295 -16.47 63.68 -18.36
C LYS FB 295 -17.41 64.44 -17.44
N VAL FB 296 -16.94 65.56 -16.91
CA VAL FB 296 -17.75 66.33 -15.97
C VAL FB 296 -17.87 67.76 -16.46
N PRO FB 297 -19.07 68.22 -16.81
CA PRO FB 297 -19.27 69.63 -17.16
C PRO FB 297 -19.71 70.49 -15.99
N CYS FB 298 -19.46 71.78 -16.13
CA CYS FB 298 -19.79 72.80 -15.13
C CYS FB 298 -20.38 74.01 -15.83
N THR FB 299 -21.41 74.62 -15.24
CA THR FB 299 -22.07 75.76 -15.86
C THR FB 299 -22.43 76.79 -14.81
N SER FB 300 -22.74 77.99 -15.28
CA SER FB 300 -23.17 79.10 -14.43
C SER FB 300 -23.80 80.17 -15.31
N LYS FB 301 -24.24 81.26 -14.67
CA LYS FB 301 -24.85 82.37 -15.38
C LYS FB 301 -24.29 83.70 -14.87
N CYS FB 302 -24.39 84.72 -15.72
CA CYS FB 302 -23.94 86.07 -15.35
C CYS FB 302 -24.64 87.06 -16.27
N THR FB 303 -24.35 88.35 -16.05
CA THR FB 303 -24.92 89.39 -16.89
C THR FB 303 -23.91 90.44 -17.36
N GLY FB 304 -22.81 90.62 -16.64
CA GLY FB 304 -21.90 91.73 -16.91
C GLY FB 304 -22.28 92.96 -16.10
N LEU FB 305 -21.51 94.03 -16.32
CA LEU FB 305 -21.73 95.26 -15.58
C LEU FB 305 -22.72 96.15 -16.30
N THR FB 306 -23.71 96.65 -15.57
CA THR FB 306 -24.72 97.56 -16.10
C THR FB 306 -24.64 98.87 -15.34
N ILE FB 307 -24.70 99.98 -16.08
CA ILE FB 307 -24.59 101.32 -15.50
C ILE FB 307 -25.95 102.00 -15.64
N TYR FB 308 -26.60 102.27 -14.51
CA TYR FB 308 -27.89 102.93 -14.52
C TYR FB 308 -27.76 104.44 -14.73
N ARG FB 309 -26.82 105.09 -14.04
CA ARG FB 309 -26.58 106.52 -14.17
C ARG FB 309 -25.12 106.73 -14.56
N PRO FB 310 -24.83 106.92 -15.84
CA PRO FB 310 -23.43 107.01 -16.28
C PRO FB 310 -22.74 108.32 -15.91
N MET FB 311 -23.44 109.20 -15.20
CA MET FB 311 -22.88 110.50 -14.83
C MET FB 311 -22.24 110.48 -13.44
N THR FB 312 -22.13 109.32 -12.80
CA THR FB 312 -21.49 109.21 -11.50
C THR FB 312 -20.18 108.43 -11.55
N ILE FB 313 -19.54 108.36 -12.72
CA ILE FB 313 -18.28 107.67 -12.89
C ILE FB 313 -17.35 108.57 -13.70
N VAL FB 314 -16.11 108.71 -13.25
CA VAL FB 314 -15.12 109.53 -13.95
C VAL FB 314 -13.85 108.72 -14.13
N LEU FB 315 -13.34 108.69 -15.35
CA LEU FB 315 -12.11 107.98 -15.69
C LEU FB 315 -11.04 108.99 -16.08
N ILE FB 316 -9.92 108.95 -15.38
CA ILE FB 316 -8.76 109.79 -15.69
C ILE FB 316 -7.77 108.90 -16.44
N THR FB 317 -7.57 109.17 -17.72
CA THR FB 317 -6.71 108.34 -18.56
C THR FB 317 -5.37 109.04 -18.78
N GLY FB 318 -4.38 108.25 -19.19
CA GLY FB 318 -3.06 108.77 -19.48
C GLY FB 318 -2.16 108.96 -18.28
N VAL FB 319 -2.57 108.52 -17.10
CA VAL FB 319 -1.75 108.65 -15.90
C VAL FB 319 -0.53 107.74 -16.00
N GLN GB 3 -1.40 104.31 4.41
CA GLN GB 3 -1.18 103.06 3.69
C GLN GB 3 -2.36 102.74 2.77
N ILE GB 4 -2.04 102.23 1.58
CA ILE GB 4 -3.04 101.87 0.58
C ILE GB 4 -2.99 100.37 0.38
N ASN GB 5 -4.14 99.71 0.53
CA ASN GB 5 -4.20 98.27 0.32
C ASN GB 5 -4.05 97.95 -1.18
N ALA GB 6 -3.60 96.74 -1.46
CA ALA GB 6 -3.35 96.31 -2.83
C ALA GB 6 -3.98 94.95 -3.08
N SER GB 7 -4.42 94.74 -4.32
CA SER GB 7 -4.93 93.47 -4.79
C SER GB 7 -4.46 93.25 -6.22
N TYR GB 8 -3.93 92.07 -6.50
CA TYR GB 8 -3.32 91.78 -7.78
C TYR GB 8 -4.18 90.81 -8.57
N GLN GB 9 -3.74 90.54 -9.81
CA GLN GB 9 -4.49 89.69 -10.72
C GLN GB 9 -3.52 88.97 -11.65
N ARG GB 10 -3.91 87.78 -12.07
CA ARG GB 10 -3.08 86.97 -12.97
C ARG GB 10 -3.97 85.96 -13.67
N ASP GB 11 -3.71 85.75 -14.96
CA ASP GB 11 -4.52 84.85 -15.79
C ASP GB 11 -3.80 83.52 -15.99
N MET GB 12 -4.58 82.47 -16.19
CA MET GB 12 -4.02 81.15 -16.42
C MET GB 12 -3.63 80.97 -17.89
N ALA GB 13 -2.87 79.91 -18.14
CA ALA GB 13 -2.55 79.54 -19.51
C ALA GB 13 -3.76 78.89 -20.18
N ILE GB 14 -3.75 78.87 -21.50
CA ILE GB 14 -4.89 78.35 -22.25
C ILE GB 14 -4.78 76.84 -22.44
N ALA GB 15 -3.60 76.35 -22.81
CA ALA GB 15 -3.47 74.95 -23.20
C ALA GB 15 -2.06 74.44 -22.90
N LEU GB 16 -1.92 73.13 -22.99
CA LEU GB 16 -0.69 72.39 -22.84
C LEU GB 16 -0.45 71.61 -24.12
N PRO GB 17 0.81 71.29 -24.44
CA PRO GB 17 1.08 70.56 -25.69
C PRO GB 17 0.44 69.18 -25.69
N GLY GB 18 -0.33 68.89 -26.74
CA GLY GB 18 -0.98 67.62 -26.90
C GLY GB 18 -2.32 67.48 -26.21
N MET GB 19 -2.83 68.53 -25.60
CA MET GB 19 -4.07 68.42 -24.84
C MET GB 19 -5.28 68.46 -25.76
N VAL GB 20 -6.31 67.71 -25.39
CA VAL GB 20 -7.57 67.73 -26.13
C VAL GB 20 -8.22 69.10 -25.94
N ALA GB 21 -8.68 69.69 -27.04
CA ALA GB 21 -9.22 71.06 -26.98
C ALA GB 21 -10.58 71.08 -26.30
N ASP GB 22 -11.56 70.39 -26.87
CA ASP GB 22 -12.90 70.31 -26.29
C ASP GB 22 -13.41 68.89 -26.48
N THR GB 23 -14.69 68.69 -26.16
CA THR GB 23 -15.31 67.37 -26.07
C THR GB 23 -16.21 67.06 -27.26
N SER GB 24 -15.81 67.46 -28.46
CA SER GB 24 -16.67 67.33 -29.65
C SER GB 24 -16.28 66.08 -30.43
N LYS GB 25 -16.80 64.94 -29.99
CA LYS GB 25 -16.82 63.70 -30.76
C LYS GB 25 -15.40 63.26 -31.16
N TYR GB 26 -14.62 62.91 -30.12
CA TYR GB 26 -13.26 62.49 -30.31
C TYR GB 26 -13.17 60.97 -30.52
N ASN GB 27 -11.96 60.51 -30.88
CA ASN GB 27 -11.73 59.07 -31.10
C ASN GB 27 -10.26 58.79 -30.84
N ILE GB 28 -9.98 58.17 -29.70
CA ILE GB 28 -8.62 57.86 -29.27
C ILE GB 28 -8.45 56.35 -29.20
N ASP GB 29 -7.30 55.85 -29.66
CA ASP GB 29 -7.01 54.43 -29.63
C ASP GB 29 -5.60 54.19 -29.08
N GLY GB 30 -5.39 52.97 -28.57
CA GLY GB 30 -4.09 52.62 -28.03
C GLY GB 30 -3.24 51.84 -29.02
N ALA GB 31 -1.93 52.05 -28.92
CA ALA GB 31 -0.97 51.38 -29.80
C ALA GB 31 0.32 51.15 -29.04
N CYS GB 32 1.28 50.54 -29.72
CA CYS GB 32 2.58 50.25 -29.15
C CYS GB 32 3.66 50.99 -29.94
N VAL GB 33 4.61 51.59 -29.22
CA VAL GB 33 5.66 52.37 -29.86
C VAL GB 33 6.76 51.44 -30.35
N VAL GB 34 7.21 51.67 -31.59
CA VAL GB 34 8.33 50.90 -32.13
C VAL GB 34 9.60 51.26 -31.38
N ASN GB 35 10.55 50.33 -31.34
CA ASN GB 35 11.78 50.51 -30.58
C ASN GB 35 12.64 51.67 -31.08
N GLU GB 36 12.50 52.07 -32.34
CA GLU GB 36 13.37 53.08 -32.94
C GLU GB 36 12.79 54.47 -32.71
N GLY GB 37 13.42 55.21 -31.82
CA GLY GB 37 13.12 56.63 -31.66
C GLY GB 37 11.97 56.90 -30.70
N ASP GB 38 12.02 58.06 -30.08
CA ASP GB 38 10.96 58.56 -29.23
C ASP GB 38 10.01 59.45 -30.02
N VAL GB 39 8.78 59.54 -29.53
CA VAL GB 39 7.76 60.40 -30.14
C VAL GB 39 7.34 61.45 -29.11
N LEU GB 40 7.34 62.71 -29.54
CA LEU GB 40 6.99 63.83 -28.68
C LEU GB 40 5.47 63.90 -28.56
N VAL GB 41 4.98 64.14 -27.34
CA VAL GB 41 3.55 64.34 -27.17
C VAL GB 41 3.13 65.61 -27.89
N GLY GB 42 2.06 65.51 -28.67
CA GLY GB 42 1.63 66.62 -29.48
C GLY GB 42 2.22 66.68 -30.87
N ALA GB 43 2.78 65.58 -31.36
CA ALA GB 43 3.35 65.50 -32.70
C ALA GB 43 2.79 64.28 -33.42
N ALA GB 44 2.78 64.34 -34.74
CA ALA GB 44 2.17 63.29 -35.53
C ALA GB 44 2.99 62.01 -35.45
N VAL GB 45 2.33 60.88 -35.75
CA VAL GB 45 2.94 59.57 -35.73
C VAL GB 45 2.55 58.84 -37.01
N GLN GB 46 3.31 57.79 -37.32
CA GLN GB 46 3.07 56.96 -38.50
C GLN GB 46 2.97 55.50 -38.06
N VAL GB 47 2.33 54.69 -38.90
CA VAL GB 47 2.13 53.27 -38.63
C VAL GB 47 3.05 52.48 -39.56
N VAL GB 48 3.78 51.52 -38.99
CA VAL GB 48 4.71 50.71 -39.76
C VAL GB 48 4.20 49.28 -39.97
N GLN GB 49 3.39 48.75 -39.05
CA GLN GB 49 2.88 47.38 -39.18
C GLN GB 49 1.67 47.21 -38.29
N ALA GB 50 0.60 46.65 -38.85
CA ALA GB 50 -0.62 46.36 -38.11
C ALA GB 50 -0.85 44.86 -38.07
N GLN GB 51 -1.16 44.34 -36.89
CA GLN GB 51 -1.39 42.91 -36.73
C GLN GB 51 -2.62 42.47 -37.51
N ALA GB 52 -2.58 41.25 -38.02
CA ALA GB 52 -3.64 40.74 -38.87
C ALA GB 52 -4.78 40.12 -38.07
N VAL GB 53 -4.51 39.61 -36.88
CA VAL GB 53 -5.53 38.90 -36.11
C VAL GB 53 -6.61 39.87 -35.63
N ASP GB 54 -6.20 41.01 -35.08
CA ASP GB 54 -7.14 41.97 -34.50
C ASP GB 54 -7.01 43.37 -35.09
N GLY GB 55 -5.79 43.83 -35.34
CA GLY GB 55 -5.57 45.17 -35.86
C GLY GB 55 -4.70 46.05 -34.98
N HIS GB 56 -4.03 45.50 -33.97
CA HIS GB 56 -3.13 46.30 -33.15
C HIS GB 56 -1.98 46.82 -34.00
N LYS GB 57 -1.60 48.08 -33.77
CA LYS GB 57 -0.68 48.79 -34.64
C LYS GB 57 0.59 49.17 -33.89
N LEU GB 58 1.70 49.20 -34.63
CA LEU GB 58 2.98 49.68 -34.12
C LEU GB 58 3.27 51.03 -34.77
N VAL GB 59 3.59 52.03 -33.94
CA VAL GB 59 3.75 53.40 -34.42
C VAL GB 59 5.10 53.95 -34.01
N LYS GB 60 5.61 54.87 -34.83
CA LYS GB 60 6.85 55.57 -34.55
C LYS GB 60 6.71 57.00 -35.06
N ALA GB 61 7.76 57.80 -34.87
CA ALA GB 61 7.71 59.20 -35.27
C ALA GB 61 7.63 59.34 -36.78
N LEU GB 62 7.06 60.45 -37.23
CA LEU GB 62 6.86 60.70 -38.64
C LEU GB 62 8.19 60.98 -39.33
N THR GB 63 8.30 60.52 -40.57
CA THR GB 63 9.49 60.70 -41.38
C THR GB 63 9.05 61.10 -42.78
N THR GB 64 9.96 61.70 -43.54
CA THR GB 64 9.63 62.22 -44.86
C THR GB 64 9.11 61.12 -45.77
N GLY GB 65 8.16 61.48 -46.64
CA GLY GB 65 7.56 60.55 -47.58
C GLY GB 65 6.71 59.48 -46.93
N THR GB 66 5.98 59.84 -45.89
CA THR GB 66 5.08 58.91 -45.21
C THR GB 66 3.79 59.63 -44.86
N THR GB 67 2.73 58.83 -44.71
CA THR GB 67 1.40 59.37 -44.43
C THR GB 67 1.13 59.31 -42.93
N PRO GB 68 0.74 60.42 -42.30
CA PRO GB 68 0.49 60.40 -40.86
C PRO GB 68 -0.77 59.64 -40.51
N TYR GB 69 -0.84 59.22 -39.25
CA TYR GB 69 -1.99 58.50 -38.71
C TYR GB 69 -2.75 59.30 -37.67
N GLY GB 70 -2.07 59.84 -36.67
CA GLY GB 70 -2.72 60.61 -35.64
C GLY GB 70 -1.72 61.45 -34.89
N VAL GB 71 -2.16 61.98 -33.75
CA VAL GB 71 -1.35 62.87 -32.92
C VAL GB 71 -1.30 62.32 -31.50
N ALA GB 72 -0.09 62.25 -30.95
CA ALA GB 72 0.08 61.79 -29.57
C ALA GB 72 -0.48 62.82 -28.60
N ILE GB 73 -1.16 62.34 -27.57
CA ILE GB 73 -1.85 63.19 -26.61
C ILE GB 73 -1.31 62.92 -25.22
N ARG GB 74 -1.64 63.81 -24.28
CA ARG GB 74 -1.29 63.61 -22.88
C ARG GB 74 -2.13 62.47 -22.30
N SER GB 75 -1.50 61.66 -21.46
CA SER GB 75 -2.18 60.51 -20.89
C SER GB 75 -1.46 60.11 -19.60
N HIS GB 76 -1.84 58.93 -19.09
CA HIS GB 76 -1.25 58.45 -17.84
C HIS GB 76 0.20 58.03 -18.03
N TRP GB 77 0.50 57.33 -19.12
CA TRP GB 77 1.84 56.78 -19.34
C TRP GB 77 2.64 57.79 -20.16
N GLN GB 78 3.59 58.47 -19.52
CA GLN GB 78 4.39 59.47 -20.21
C GLN GB 78 5.54 59.88 -19.31
N THR GB 79 6.71 60.07 -19.93
CA THR GB 79 7.94 60.28 -19.17
C THR GB 79 8.55 61.62 -19.53
N VAL GB 80 9.70 61.91 -18.92
CA VAL GB 80 10.41 63.18 -19.07
C VAL GB 80 11.75 62.90 -19.72
N ASN GB 81 12.16 63.78 -20.65
CA ASN GB 81 13.43 63.64 -21.34
C ASN GB 81 14.50 64.50 -20.66
N ALA GB 82 15.67 64.60 -21.32
CA ALA GB 82 16.77 65.38 -20.76
C ALA GB 82 16.45 66.86 -20.69
N GLN GB 83 15.79 67.40 -21.72
CA GLN GB 83 15.44 68.81 -21.76
C GLN GB 83 14.10 69.10 -21.10
N ASN GB 84 13.64 68.22 -20.21
CA ASN GB 84 12.35 68.32 -19.54
C ASN GB 84 11.18 68.31 -20.51
N GLN GB 85 11.38 67.78 -21.72
CA GLN GB 85 10.31 67.63 -22.70
C GLN GB 85 9.55 66.35 -22.36
N MET GB 86 8.23 66.42 -22.40
CA MET GB 86 7.41 65.26 -22.10
C MET GB 86 7.30 64.36 -23.31
N ILE GB 87 7.60 63.08 -23.12
CA ILE GB 87 7.79 62.15 -24.23
C ILE GB 87 7.13 60.81 -23.95
N TYR GB 88 7.04 60.01 -25.02
CA TYR GB 88 6.61 58.63 -24.97
C TYR GB 88 7.85 57.75 -25.18
N GLU GB 89 8.05 56.79 -24.27
CA GLU GB 89 9.25 55.98 -24.32
C GLU GB 89 9.22 55.00 -25.51
N ASP GB 90 10.39 54.41 -25.78
CA ASP GB 90 10.49 53.45 -26.88
C ASP GB 90 9.62 52.23 -26.65
N GLY GB 91 9.64 51.68 -25.44
CA GLY GB 91 8.85 50.50 -25.12
C GLY GB 91 7.71 50.80 -24.18
N GLY GB 92 6.49 50.77 -24.69
CA GLY GB 92 5.32 51.05 -23.88
C GLY GB 92 4.14 51.39 -24.76
N ALA GB 93 3.01 51.65 -24.10
CA ALA GB 93 1.76 51.95 -24.77
C ALA GB 93 1.66 53.44 -25.06
N ILE GB 94 0.90 53.77 -26.10
CA ILE GB 94 0.74 55.15 -26.56
C ILE GB 94 -0.73 55.37 -26.87
N ASN GB 95 -1.24 56.55 -26.53
CA ASN GB 95 -2.60 56.93 -26.91
C ASN GB 95 -2.55 57.90 -28.08
N VAL GB 96 -3.31 57.60 -29.13
CA VAL GB 96 -3.28 58.37 -30.37
C VAL GB 96 -4.69 58.81 -30.70
N MET GB 97 -4.87 60.09 -30.99
CA MET GB 97 -6.16 60.65 -31.37
C MET GB 97 -6.25 60.70 -32.89
N THR GB 98 -7.34 60.15 -33.44
CA THR GB 98 -7.55 60.10 -34.87
C THR GB 98 -8.64 61.04 -35.37
N SER GB 99 -9.44 61.60 -34.47
CA SER GB 99 -10.50 62.53 -34.85
C SER GB 99 -10.79 63.47 -33.69
N GLY GB 100 -11.11 64.71 -34.02
CA GLY GB 100 -11.44 65.70 -33.03
C GLY GB 100 -10.47 66.87 -33.03
N ARG GB 101 -10.69 67.79 -32.10
CA ARG GB 101 -9.85 68.98 -31.97
C ARG GB 101 -8.78 68.74 -30.91
N VAL GB 102 -7.54 69.09 -31.26
CA VAL GB 102 -6.42 68.87 -30.35
C VAL GB 102 -5.44 70.02 -30.49
N TRP GB 103 -4.73 70.33 -29.41
CA TRP GB 103 -3.65 71.30 -29.44
C TRP GB 103 -2.37 70.58 -29.84
N MET GB 104 -1.72 71.04 -30.90
CA MET GB 104 -0.59 70.36 -31.47
C MET GB 104 0.54 71.35 -31.70
N LEU GB 105 1.77 70.87 -31.59
CA LEU GB 105 2.95 71.73 -31.65
C LEU GB 105 3.06 72.39 -33.02
N SER GB 106 3.48 73.65 -33.00
CA SER GB 106 3.72 74.41 -34.22
C SER GB 106 5.06 75.13 -34.11
N LYS GB 107 5.69 75.36 -35.26
CA LYS GB 107 6.94 76.10 -35.27
C LYS GB 107 6.93 77.20 -36.33
N SER GB 108 5.77 77.55 -36.86
CA SER GB 108 5.64 78.69 -37.75
C SER GB 108 5.60 79.97 -36.92
N THR GB 109 5.31 81.09 -37.58
CA THR GB 109 5.34 82.39 -36.93
C THR GB 109 4.05 83.19 -37.06
N GLU GB 110 3.16 82.84 -37.98
CA GLU GB 110 1.94 83.60 -38.20
C GLU GB 110 0.73 82.71 -37.99
N ALA GB 111 -0.34 83.30 -37.46
CA ALA GB 111 -1.54 82.56 -37.15
C ALA GB 111 -2.19 82.04 -38.44
N PRO GB 112 -2.64 80.79 -38.46
CA PRO GB 112 -3.25 80.23 -39.66
C PRO GB 112 -4.72 80.63 -39.80
N THR GB 113 -5.24 80.43 -41.01
CA THR GB 113 -6.61 80.81 -41.34
C THR GB 113 -7.54 79.61 -41.16
N PHE GB 114 -8.78 79.91 -40.77
CA PHE GB 114 -9.76 78.86 -40.51
C PHE GB 114 -10.16 78.14 -41.79
N GLY GB 115 -10.29 76.81 -41.70
CA GLY GB 115 -10.80 76.01 -42.79
C GLY GB 115 -9.76 75.51 -43.78
N SER GB 116 -8.52 75.97 -43.69
CA SER GB 116 -7.50 75.55 -44.64
C SER GB 116 -6.87 74.23 -44.19
N ALA GB 117 -6.13 73.61 -45.11
CA ALA GB 117 -5.47 72.36 -44.80
C ALA GB 117 -4.22 72.59 -43.96
N VAL GB 118 -3.76 71.53 -43.30
CA VAL GB 118 -2.60 71.57 -42.44
C VAL GB 118 -1.45 70.86 -43.13
N LYS GB 119 -0.29 71.52 -43.18
CA LYS GB 119 0.92 70.96 -43.76
C LYS GB 119 1.95 70.76 -42.65
N LEU GB 120 2.59 69.59 -42.65
CA LEU GB 120 3.52 69.20 -41.60
C LEU GB 120 4.94 69.15 -42.15
N ASP GB 121 5.89 69.06 -41.22
CA ASP GB 121 7.30 68.97 -41.55
C ASP GB 121 7.76 67.53 -41.39
N VAL GB 122 9.06 67.30 -41.64
CA VAL GB 122 9.61 65.95 -41.56
C VAL GB 122 9.54 65.42 -40.13
N ASP GB 123 9.85 66.27 -39.14
CA ASP GB 123 9.82 65.87 -37.74
C ASP GB 123 8.41 65.68 -37.21
N GLY GB 124 7.37 66.06 -37.95
CA GLY GB 124 6.01 65.85 -37.53
C GLY GB 124 5.36 67.03 -36.83
N GLN GB 125 5.83 68.24 -37.06
CA GLN GB 125 5.26 69.45 -36.47
C GLN GB 125 4.72 70.35 -37.57
N GLU GB 126 3.84 71.27 -37.16
CA GLU GB 126 3.19 72.15 -38.12
C GLU GB 126 4.20 73.09 -38.76
N LYS GB 127 4.02 73.32 -40.06
CA LYS GB 127 4.78 74.32 -40.79
C LYS GB 127 3.88 74.91 -41.87
N SER GB 128 3.89 76.23 -42.00
CA SER GB 128 3.03 76.89 -42.97
C SER GB 128 3.36 76.51 -44.41
N ASP GB 129 4.61 76.13 -44.69
CA ASP GB 129 5.02 75.75 -46.03
C ASP GB 129 5.75 74.41 -46.03
N GLY GB 130 5.20 73.41 -45.33
CA GLY GB 130 5.79 72.10 -45.32
C GLY GB 130 5.53 71.34 -46.61
N THR GB 131 6.23 70.23 -46.76
CA THR GB 131 6.12 69.41 -47.95
C THR GB 131 5.20 68.20 -47.79
N ILE GB 132 4.62 68.01 -46.60
CA ILE GB 132 3.74 66.87 -46.34
C ILE GB 132 2.29 67.35 -46.39
N GLU GB 133 1.49 66.68 -47.22
CA GLU GB 133 0.09 67.05 -47.40
C GLU GB 133 -0.79 66.14 -46.56
N THR GB 134 -1.70 66.75 -45.80
CA THR GB 134 -2.56 66.02 -44.88
C THR GB 134 -4.00 66.47 -45.03
N THR GB 135 -4.91 65.59 -44.60
CA THR GB 135 -6.34 65.86 -44.66
C THR GB 135 -6.84 66.71 -43.49
N TRP GB 136 -6.04 66.85 -42.43
CA TRP GB 136 -6.47 67.57 -41.24
C TRP GB 136 -6.66 69.05 -41.57
N THR GB 137 -7.35 69.76 -40.67
CA THR GB 137 -7.75 71.13 -40.92
C THR GB 137 -7.40 71.98 -39.70
N TYR GB 138 -7.18 73.28 -39.93
CA TYR GB 138 -6.97 74.23 -38.84
C TYR GB 138 -8.30 74.55 -38.19
N ALA GB 139 -8.29 74.74 -36.86
CA ALA GB 139 -9.51 75.01 -36.12
C ALA GB 139 -9.61 76.45 -35.64
N GLY GB 140 -8.53 77.23 -35.74
CA GLY GB 140 -8.55 78.64 -35.39
C GLY GB 140 -7.85 78.99 -34.09
N GLY GB 141 -7.60 78.01 -33.22
CA GLY GB 141 -6.93 78.32 -31.97
C GLY GB 141 -5.44 78.45 -32.15
N TRP GB 142 -4.87 79.50 -31.57
CA TRP GB 142 -3.45 79.81 -31.75
C TRP GB 142 -2.95 80.43 -30.47
N THR GB 143 -2.10 79.71 -29.72
CA THR GB 143 -1.69 80.15 -28.41
C THR GB 143 -0.20 79.90 -28.22
N LYS GB 144 0.34 80.43 -27.13
CA LYS GB 144 1.77 80.46 -26.90
C LYS GB 144 2.02 80.15 -25.42
N TYR GB 145 2.41 78.91 -25.13
CA TYR GB 145 2.86 78.54 -23.80
C TYR GB 145 4.29 79.06 -23.63
N LYS GB 146 4.86 78.91 -22.43
CA LYS GB 146 6.18 79.48 -22.17
C LYS GB 146 7.21 78.87 -23.12
N ASP GB 147 7.70 79.69 -24.06
CA ASP GB 147 8.64 79.31 -25.10
C ASP GB 147 8.13 78.17 -25.98
N ILE GB 148 6.82 77.97 -26.05
CA ILE GB 148 6.22 76.90 -26.84
C ILE GB 148 5.08 77.49 -27.67
N GLN GB 149 5.00 77.10 -28.93
CA GLN GB 149 3.89 77.49 -29.79
C GLN GB 149 2.92 76.34 -29.95
N LEU GB 150 1.62 76.65 -29.95
CA LEU GB 150 0.59 75.63 -30.09
C LEU GB 150 -0.45 76.10 -31.10
N VAL GB 151 -1.08 75.14 -31.78
CA VAL GB 151 -2.13 75.44 -32.74
C VAL GB 151 -3.19 74.36 -32.67
N GLU GB 152 -4.44 74.73 -32.90
CA GLU GB 152 -5.56 73.82 -32.73
C GLU GB 152 -5.92 73.19 -34.07
N VAL GB 153 -6.03 71.86 -34.09
CA VAL GB 153 -6.21 71.12 -35.32
C VAL GB 153 -7.42 70.21 -35.21
N GLN GB 154 -8.26 70.24 -36.24
CA GLN GB 154 -9.35 69.29 -36.46
C GLN GB 154 -8.79 68.08 -37.21
N LEU GB 155 -9.02 66.90 -36.64
CA LEU GB 155 -8.50 65.65 -37.16
C LEU GB 155 -9.65 64.79 -37.66
N HIS GB 156 -9.55 64.35 -38.92
CA HIS GB 156 -10.55 63.49 -39.55
C HIS GB 156 -10.05 62.06 -39.57
N GLN GB 157 -10.96 61.11 -39.39
CA GLN GB 157 -10.60 59.70 -39.40
C GLN GB 157 -10.10 59.29 -40.78
N LEU GB 158 -9.00 58.54 -40.79
CA LEU GB 158 -8.43 58.06 -42.05
C LEU GB 158 -9.07 56.74 -42.46
N GLN HB 3 -79.53 58.86 -37.46
CA GLN HB 3 -79.21 58.91 -36.04
C GLN HB 3 -78.18 57.85 -35.69
N ILE HB 4 -77.04 57.87 -36.39
CA ILE HB 4 -75.99 56.90 -36.20
C ILE HB 4 -74.67 57.63 -35.98
N ASN HB 5 -73.84 57.07 -35.10
CA ASN HB 5 -72.62 57.73 -34.69
C ASN HB 5 -71.56 57.68 -35.79
N ALA HB 6 -70.53 58.49 -35.64
CA ALA HB 6 -69.43 58.55 -36.60
C ALA HB 6 -68.14 58.88 -35.87
N SER HB 7 -67.04 58.39 -36.42
CA SER HB 7 -65.71 58.66 -35.87
C SER HB 7 -64.79 59.06 -37.00
N TYR HB 8 -63.91 60.02 -36.72
CA TYR HB 8 -63.07 60.61 -37.74
C TYR HB 8 -61.60 60.38 -37.39
N GLN HB 9 -60.74 60.56 -38.39
CA GLN HB 9 -59.32 60.32 -38.25
C GLN HB 9 -58.53 61.49 -38.86
N ARG HB 10 -57.48 61.90 -38.17
CA ARG HB 10 -56.59 62.95 -38.64
C ARG HB 10 -55.15 62.58 -38.27
N ASP HB 11 -54.20 63.04 -39.09
CA ASP HB 11 -52.80 62.68 -38.93
C ASP HB 11 -51.96 63.91 -38.64
N MET HB 12 -51.01 63.77 -37.73
CA MET HB 12 -50.06 64.85 -37.44
C MET HB 12 -49.09 65.04 -38.60
N ALA HB 13 -48.53 66.24 -38.69
CA ALA HB 13 -47.47 66.50 -39.64
C ALA HB 13 -46.18 65.82 -39.17
N ILE HB 14 -45.24 65.67 -40.09
CA ILE HB 14 -44.02 64.92 -39.83
C ILE HB 14 -42.85 65.81 -39.40
N ALA HB 15 -42.66 66.97 -40.03
CA ALA HB 15 -41.45 67.75 -39.81
C ALA HB 15 -41.84 69.19 -39.47
N LEU HB 16 -40.80 70.01 -39.32
CA LEU HB 16 -40.94 71.41 -38.95
C LEU HB 16 -39.60 72.08 -39.20
N PRO HB 17 -39.59 73.31 -39.72
CA PRO HB 17 -38.31 73.94 -40.11
C PRO HB 17 -37.34 74.05 -38.94
N GLY HB 18 -36.18 73.43 -39.10
CA GLY HB 18 -35.13 73.48 -38.10
C GLY HB 18 -35.13 72.37 -37.08
N MET HB 19 -35.88 71.28 -37.32
CA MET HB 19 -35.95 70.18 -36.38
C MET HB 19 -34.95 69.10 -36.75
N VAL HB 20 -34.35 68.48 -35.73
CA VAL HB 20 -33.45 67.35 -35.96
C VAL HB 20 -34.28 66.14 -36.36
N ALA HB 21 -33.84 65.44 -37.41
CA ALA HB 21 -34.65 64.36 -37.96
C ALA HB 21 -34.74 63.17 -37.01
N ASP HB 22 -33.60 62.73 -36.49
CA ASP HB 22 -33.55 61.53 -35.66
C ASP HB 22 -32.38 61.64 -34.69
N THR HB 23 -32.11 60.53 -34.00
CA THR HB 23 -31.09 60.49 -32.95
C THR HB 23 -29.82 59.77 -33.41
N SER HB 24 -29.41 59.99 -34.65
CA SER HB 24 -28.19 59.37 -35.16
C SER HB 24 -26.98 60.07 -34.55
N LYS HB 25 -25.79 59.67 -34.98
CA LYS HB 25 -24.56 60.32 -34.53
C LYS HB 25 -24.54 61.78 -34.99
N TYR HB 26 -24.70 62.71 -34.04
CA TYR HB 26 -24.82 64.11 -34.38
C TYR HB 26 -23.81 64.91 -33.58
N ASN HB 27 -23.72 66.21 -33.90
CA ASN HB 27 -22.77 67.10 -33.26
C ASN HB 27 -23.29 68.53 -33.38
N ILE HB 28 -23.38 69.22 -32.25
CA ILE HB 28 -23.92 70.57 -32.18
C ILE HB 28 -22.86 71.48 -31.59
N ASP HB 29 -22.57 72.57 -32.29
CA ASP HB 29 -21.65 73.61 -31.80
C ASP HB 29 -22.50 74.73 -31.21
N GLY HB 30 -22.26 75.02 -29.95
CA GLY HB 30 -22.97 76.09 -29.27
C GLY HB 30 -22.06 77.21 -28.83
N ALA HB 31 -20.81 77.18 -29.27
CA ALA HB 31 -19.82 78.20 -28.94
C ALA HB 31 -19.67 79.24 -30.05
N CYS HB 32 -20.74 79.46 -30.81
CA CYS HB 32 -20.74 80.43 -31.89
C CYS HB 32 -21.62 81.62 -31.52
N VAL HB 33 -21.39 82.75 -32.20
CA VAL HB 33 -22.15 83.96 -31.96
C VAL HB 33 -22.56 84.56 -33.31
N VAL HB 34 -23.80 85.02 -33.39
CA VAL HB 34 -24.34 85.63 -34.59
C VAL HB 34 -23.77 87.04 -34.72
N ASN HB 35 -23.30 87.38 -35.90
CA ASN HB 35 -22.72 88.69 -36.19
C ASN HB 35 -23.33 89.26 -37.46
N GLU HB 36 -23.54 90.57 -37.45
CA GLU HB 36 -23.97 91.32 -38.63
C GLU HB 36 -25.31 90.80 -39.18
N GLY HB 37 -26.35 90.95 -38.37
CA GLY HB 37 -27.70 90.67 -38.83
C GLY HB 37 -28.42 89.60 -38.05
N ASP HB 38 -29.28 88.85 -38.72
CA ASP HB 38 -30.04 87.77 -38.08
C ASP HB 38 -29.95 86.51 -38.94
N VAL HB 39 -30.25 85.38 -38.31
CA VAL HB 39 -30.18 84.08 -38.97
C VAL HB 39 -31.53 83.40 -38.82
N LEU HB 40 -31.99 82.82 -39.93
CA LEU HB 40 -33.28 82.15 -39.97
C LEU HB 40 -33.09 80.67 -39.64
N VAL HB 41 -33.98 80.14 -38.80
CA VAL HB 41 -33.89 78.75 -38.35
C VAL HB 41 -34.20 77.82 -39.51
N GLY HB 42 -33.21 77.02 -39.91
CA GLY HB 42 -33.39 76.09 -41.01
C GLY HB 42 -32.61 76.50 -42.25
N ALA HB 43 -31.62 77.37 -42.06
CA ALA HB 43 -30.80 77.86 -43.17
C ALA HB 43 -29.33 77.70 -42.82
N ALA HB 44 -28.51 77.54 -43.86
CA ALA HB 44 -27.08 77.39 -43.66
C ALA HB 44 -26.46 78.70 -43.20
N VAL HB 45 -25.32 78.59 -42.51
CA VAL HB 45 -24.58 79.74 -42.01
C VAL HB 45 -23.12 79.59 -42.43
N GLN HB 46 -22.39 80.70 -42.36
CA GLN HB 46 -20.98 80.71 -42.67
C GLN HB 46 -20.21 81.37 -41.53
N VAL HB 47 -18.94 80.98 -41.43
CA VAL HB 47 -18.03 81.47 -40.39
C VAL HB 47 -17.16 82.55 -41.00
N VAL HB 48 -17.19 83.74 -40.39
CA VAL HB 48 -16.35 84.84 -40.84
C VAL HB 48 -14.92 84.65 -40.34
N GLN HB 49 -14.76 84.62 -39.01
CA GLN HB 49 -13.45 84.48 -38.40
C GLN HB 49 -13.62 83.82 -37.04
N ALA HB 50 -12.54 83.24 -36.56
CA ALA HB 50 -12.49 82.60 -35.25
C ALA HB 50 -11.46 83.32 -34.38
N GLN HB 51 -11.86 83.67 -33.16
CA GLN HB 51 -10.95 84.35 -32.25
C GLN HB 51 -9.78 83.44 -31.90
N ALA HB 52 -8.58 84.02 -31.87
CA ALA HB 52 -7.38 83.22 -31.63
C ALA HB 52 -7.25 82.81 -30.17
N VAL HB 53 -7.67 83.68 -29.25
CA VAL HB 53 -7.51 83.45 -27.82
C VAL HB 53 -8.84 83.13 -27.16
N ASP HB 54 -9.88 83.92 -27.44
CA ASP HB 54 -11.17 83.73 -26.77
C ASP HB 54 -11.82 82.42 -27.18
N GLY HB 55 -11.86 82.12 -28.47
CA GLY HB 55 -12.39 80.87 -28.97
C GLY HB 55 -13.78 80.92 -29.55
N HIS HB 56 -14.52 82.00 -29.37
CA HIS HB 56 -15.86 82.13 -29.93
C HIS HB 56 -15.77 82.34 -31.43
N LYS HB 57 -16.56 81.58 -32.18
CA LYS HB 57 -16.64 81.73 -33.62
C LYS HB 57 -17.71 82.76 -33.97
N LEU HB 58 -17.47 83.49 -35.05
CA LEU HB 58 -18.39 84.49 -35.56
C LEU HB 58 -19.09 83.93 -36.80
N VAL HB 59 -20.41 83.87 -36.77
CA VAL HB 59 -21.17 83.28 -37.87
C VAL HB 59 -22.20 84.28 -38.35
N LYS HB 60 -22.59 84.13 -39.61
CA LYS HB 60 -23.66 84.95 -40.18
C LYS HB 60 -24.33 84.17 -41.31
N ALA HB 61 -25.27 84.82 -41.98
CA ALA HB 61 -26.05 84.18 -43.02
C ALA HB 61 -25.19 83.92 -44.24
N LEU HB 62 -25.60 82.93 -45.03
CA LEU HB 62 -24.85 82.55 -46.23
C LEU HB 62 -25.05 83.58 -47.33
N THR HB 63 -23.97 83.91 -48.03
CA THR HB 63 -23.95 84.85 -49.13
C THR HB 63 -23.13 84.24 -50.27
N THR HB 64 -23.35 84.74 -51.49
CA THR HB 64 -22.70 84.17 -52.66
C THR HB 64 -21.18 84.23 -52.53
N GLY HB 65 -20.52 83.18 -53.04
CA GLY HB 65 -19.07 83.08 -52.97
C GLY HB 65 -18.52 82.61 -51.65
N THR HB 66 -19.36 82.14 -50.74
CA THR HB 66 -18.91 81.74 -49.41
C THR HB 66 -18.95 80.21 -49.28
N THR HB 67 -18.54 79.71 -48.12
CA THR HB 67 -18.48 78.28 -47.86
C THR HB 67 -19.38 77.96 -46.66
N PRO HB 68 -20.39 77.10 -46.83
CA PRO HB 68 -21.27 76.79 -45.71
C PRO HB 68 -20.56 76.01 -44.61
N TYR HB 69 -21.04 76.19 -43.38
CA TYR HB 69 -20.47 75.54 -42.21
C TYR HB 69 -21.45 74.70 -41.43
N GLY HB 70 -22.69 75.13 -41.30
CA GLY HB 70 -23.66 74.37 -40.53
C GLY HB 70 -25.06 74.93 -40.72
N VAL HB 71 -25.99 74.40 -39.94
CA VAL HB 71 -27.40 74.76 -40.04
C VAL HB 71 -27.92 75.05 -38.63
N ALA HB 72 -28.57 76.19 -38.46
CA ALA HB 72 -29.19 76.52 -37.18
C ALA HB 72 -30.40 75.63 -36.93
N ILE HB 73 -30.55 75.19 -35.67
CA ILE HB 73 -31.57 74.21 -35.32
C ILE HB 73 -32.59 74.89 -34.40
N ARG HB 74 -33.66 74.14 -34.09
CA ARG HB 74 -34.75 74.66 -33.29
C ARG HB 74 -34.38 74.65 -31.81
N SER HB 75 -34.93 75.63 -31.08
CA SER HB 75 -34.78 75.71 -29.63
C SER HB 75 -35.85 76.66 -29.10
N HIS HB 76 -36.63 76.21 -28.13
CA HIS HB 76 -37.73 77.01 -27.63
C HIS HB 76 -37.28 78.08 -26.63
N TRP HB 77 -36.00 78.10 -26.26
CA TRP HB 77 -35.48 79.02 -25.27
C TRP HB 77 -34.51 80.04 -25.83
N GLN HB 78 -33.70 79.65 -26.81
CA GLN HB 78 -32.65 80.53 -27.33
C GLN HB 78 -33.14 81.40 -28.49
N THR HB 79 -34.24 81.05 -29.14
CA THR HB 79 -34.68 81.74 -30.33
C THR HB 79 -35.59 82.91 -29.97
N VAL HB 80 -35.74 83.83 -30.93
CA VAL HB 80 -36.53 85.03 -30.77
C VAL HB 80 -37.61 85.06 -31.85
N ASN HB 81 -38.81 85.44 -31.45
CA ASN HB 81 -39.99 85.39 -32.30
C ASN HB 81 -40.07 86.66 -33.11
N ALA HB 82 -40.08 86.54 -34.44
CA ALA HB 82 -40.21 87.68 -35.32
C ALA HB 82 -40.67 87.21 -36.69
N GLN HB 83 -41.33 88.11 -37.43
CA GLN HB 83 -42.00 87.81 -38.70
C GLN HB 83 -42.68 86.44 -38.68
N ASN HB 84 -43.38 86.15 -37.58
CA ASN HB 84 -44.22 84.95 -37.46
C ASN HB 84 -43.38 83.68 -37.59
N GLN HB 85 -42.16 83.71 -37.04
CA GLN HB 85 -41.29 82.54 -37.05
C GLN HB 85 -40.14 82.76 -36.08
N MET HB 86 -39.39 81.70 -35.84
CA MET HB 86 -38.27 81.73 -34.90
C MET HB 86 -36.99 82.12 -35.65
N ILE HB 87 -36.24 83.06 -35.09
CA ILE HB 87 -34.96 83.48 -35.66
C ILE HB 87 -33.93 83.60 -34.54
N TYR HB 88 -32.68 83.82 -34.94
CA TYR HB 88 -31.60 84.14 -34.03
C TYR HB 88 -31.20 85.59 -34.25
N GLU HB 89 -31.28 86.41 -33.21
CA GLU HB 89 -30.96 87.82 -33.31
C GLU HB 89 -29.45 88.03 -33.33
N ASP HB 90 -29.05 89.27 -33.56
CA ASP HB 90 -27.64 89.62 -33.55
C ASP HB 90 -27.09 89.61 -32.12
N GLY HB 91 -25.84 89.20 -31.98
CA GLY HB 91 -25.19 89.17 -30.68
C GLY HB 91 -25.82 88.20 -29.70
N GLY HB 92 -26.11 86.98 -30.17
CA GLY HB 92 -26.66 85.95 -29.32
C GLY HB 92 -26.09 84.60 -29.67
N ALA HB 93 -26.04 83.73 -28.65
CA ALA HB 93 -25.53 82.38 -28.86
C ALA HB 93 -26.43 81.63 -29.83
N ILE HB 94 -25.82 80.80 -30.68
CA ILE HB 94 -26.53 80.07 -31.71
C ILE HB 94 -26.17 78.59 -31.60
N ASN HB 95 -27.08 77.75 -32.07
CA ASN HB 95 -26.93 76.29 -32.03
C ASN HB 95 -26.74 75.81 -33.46
N VAL HB 96 -25.48 75.70 -33.88
CA VAL HB 96 -25.15 75.25 -35.23
C VAL HB 96 -25.04 73.73 -35.21
N MET HB 97 -25.47 73.09 -36.28
CA MET HB 97 -25.38 71.64 -36.40
C MET HB 97 -24.28 71.28 -37.40
N THR HB 98 -23.30 70.51 -36.95
CA THR HB 98 -22.16 70.17 -37.79
C THR HB 98 -22.20 68.75 -38.34
N SER HB 99 -23.00 67.86 -37.75
CA SER HB 99 -23.16 66.51 -38.25
C SER HB 99 -24.52 65.96 -37.81
N GLY HB 100 -25.13 65.16 -38.67
CA GLY HB 100 -26.40 64.53 -38.39
C GLY HB 100 -27.44 64.85 -39.44
N ARG HB 101 -28.67 64.41 -39.18
CA ARG HB 101 -29.78 64.61 -40.10
C ARG HB 101 -30.63 65.77 -39.61
N VAL HB 102 -30.93 66.71 -40.50
CA VAL HB 102 -31.67 67.91 -40.13
C VAL HB 102 -32.69 68.23 -41.21
N TRP HB 103 -33.81 68.82 -40.80
CA TRP HB 103 -34.85 69.26 -41.72
C TRP HB 103 -34.60 70.71 -42.11
N MET HB 104 -34.34 70.93 -43.40
CA MET HB 104 -34.00 72.24 -43.93
C MET HB 104 -35.13 72.75 -44.82
N LEU HB 105 -35.21 74.08 -44.93
CA LEU HB 105 -36.11 74.71 -45.88
C LEU HB 105 -35.65 74.41 -47.30
N SER HB 106 -36.60 74.39 -48.24
CA SER HB 106 -36.28 74.13 -49.63
C SER HB 106 -37.06 75.08 -50.53
N LYS HB 107 -36.53 75.27 -51.74
CA LYS HB 107 -37.17 76.12 -52.74
C LYS HB 107 -37.46 75.37 -54.02
N SER HB 108 -37.30 74.05 -54.04
CA SER HB 108 -37.52 73.24 -55.23
C SER HB 108 -38.98 72.82 -55.32
N THR HB 109 -39.31 72.06 -56.36
CA THR HB 109 -40.67 71.60 -56.60
C THR HB 109 -40.78 70.09 -56.78
N GLU HB 110 -39.67 69.37 -56.82
CA GLU HB 110 -39.69 67.93 -57.06
C GLU HB 110 -38.84 67.21 -56.03
N ALA HB 111 -39.14 65.93 -55.81
CA ALA HB 111 -38.40 65.15 -54.85
C ALA HB 111 -36.97 64.92 -55.33
N PRO HB 112 -36.00 64.91 -54.41
CA PRO HB 112 -34.61 64.68 -54.80
C PRO HB 112 -34.24 63.20 -54.77
N THR HB 113 -33.04 62.88 -55.26
CA THR HB 113 -32.56 61.51 -55.31
C THR HB 113 -31.75 61.20 -54.05
N PHE HB 114 -32.03 60.06 -53.43
CA PHE HB 114 -31.32 59.67 -52.22
C PHE HB 114 -29.83 59.50 -52.51
N GLY HB 115 -29.00 60.05 -51.63
CA GLY HB 115 -27.57 59.89 -51.72
C GLY HB 115 -26.84 60.89 -52.61
N SER HB 116 -27.58 61.80 -53.26
CA SER HB 116 -26.93 62.76 -54.14
C SER HB 116 -26.38 63.94 -53.35
N ALA HB 117 -25.59 64.77 -54.04
CA ALA HB 117 -25.00 65.95 -53.41
C ALA HB 117 -26.01 67.08 -53.33
N VAL HB 118 -25.87 67.92 -52.32
CA VAL HB 118 -26.79 69.03 -52.08
C VAL HB 118 -26.19 70.31 -52.64
N LYS HB 119 -27.01 71.05 -53.38
CA LYS HB 119 -26.63 72.35 -53.92
C LYS HB 119 -27.55 73.41 -53.32
N LEU HB 120 -26.96 74.46 -52.75
CA LEU HB 120 -27.71 75.48 -52.05
C LEU HB 120 -27.84 76.74 -52.91
N ASP HB 121 -28.77 77.59 -52.52
CA ASP HB 121 -28.95 78.90 -53.13
C ASP HB 121 -28.08 79.93 -52.42
N VAL HB 122 -28.04 81.14 -52.95
CA VAL HB 122 -27.25 82.21 -52.33
C VAL HB 122 -27.84 82.68 -51.00
N ASP HB 123 -29.04 82.23 -50.65
CA ASP HB 123 -29.68 82.62 -49.41
C ASP HB 123 -29.64 81.50 -48.36
N GLY HB 124 -28.95 80.40 -48.67
CA GLY HB 124 -28.85 79.31 -47.73
C GLY HB 124 -30.01 78.36 -47.73
N GLN HB 125 -30.90 78.45 -48.72
CA GLN HB 125 -32.06 77.59 -48.83
C GLN HB 125 -31.88 76.63 -50.00
N GLU HB 126 -32.38 75.41 -49.84
CA GLU HB 126 -32.13 74.35 -50.79
C GLU HB 126 -32.78 74.66 -52.15
N LYS HB 127 -32.05 74.35 -53.22
CA LYS HB 127 -32.56 74.50 -54.57
C LYS HB 127 -31.94 73.43 -55.45
N SER HB 128 -32.75 72.87 -56.36
CA SER HB 128 -32.28 71.77 -57.19
C SER HB 128 -31.17 72.19 -58.14
N ASP HB 129 -31.14 73.47 -58.53
CA ASP HB 129 -30.15 73.98 -59.46
C ASP HB 129 -29.44 75.20 -58.88
N GLY HB 130 -29.02 75.10 -57.63
CA GLY HB 130 -28.32 76.19 -56.99
C GLY HB 130 -26.89 76.32 -57.47
N THR HB 131 -26.26 77.43 -57.07
CA THR HB 131 -24.91 77.74 -57.51
C THR HB 131 -23.85 77.29 -56.51
N ILE HB 132 -24.19 77.22 -55.23
CA ILE HB 132 -23.24 76.83 -54.21
C ILE HB 132 -23.29 75.33 -54.00
N GLU HB 133 -22.17 74.65 -54.20
CA GLU HB 133 -22.08 73.20 -54.07
C GLU HB 133 -21.43 72.84 -52.74
N THR HB 134 -21.97 71.80 -52.11
CA THR HB 134 -21.51 71.33 -50.81
C THR HB 134 -21.15 69.85 -50.89
N THR HB 135 -20.90 69.26 -49.72
CA THR HB 135 -20.63 67.83 -49.61
C THR HB 135 -21.70 67.09 -48.82
N TRP HB 136 -22.74 67.79 -48.36
CA TRP HB 136 -23.83 67.16 -47.64
C TRP HB 136 -24.70 66.38 -48.62
N THR HB 137 -25.58 65.53 -48.09
CA THR HB 137 -26.37 64.64 -48.92
C THR HB 137 -27.84 64.71 -48.56
N TYR HB 138 -28.68 64.22 -49.47
CA TYR HB 138 -30.10 64.05 -49.16
C TYR HB 138 -30.31 62.70 -48.50
N ALA HB 139 -31.04 62.68 -47.38
CA ALA HB 139 -31.22 61.45 -46.62
C ALA HB 139 -32.55 60.77 -46.88
N GLY HB 140 -33.34 61.27 -47.83
CA GLY HB 140 -34.56 60.58 -48.24
C GLY HB 140 -35.84 61.29 -47.88
N GLY HB 141 -35.87 61.97 -46.73
CA GLY HB 141 -37.09 62.64 -46.31
C GLY HB 141 -37.49 63.76 -47.25
N TRP HB 142 -38.79 63.80 -47.56
CA TRP HB 142 -39.33 64.86 -48.42
C TRP HB 142 -40.80 65.01 -48.08
N THR HB 143 -41.14 66.05 -47.31
CA THR HB 143 -42.51 66.32 -46.92
C THR HB 143 -42.79 67.79 -47.12
N LYS HB 144 -43.96 68.23 -46.66
CA LYS HB 144 -44.38 69.61 -46.85
C LYS HB 144 -45.32 70.00 -45.71
N TYR HB 145 -44.96 71.06 -45.00
CA TYR HB 145 -45.84 71.65 -44.01
C TYR HB 145 -46.87 72.53 -44.70
N LYS HB 146 -47.61 73.32 -43.93
CA LYS HB 146 -48.58 74.22 -44.55
C LYS HB 146 -47.86 75.30 -45.35
N ASP HB 147 -47.83 75.15 -46.68
CA ASP HB 147 -47.24 76.07 -47.62
C ASP HB 147 -45.74 76.23 -47.39
N ILE HB 148 -45.10 75.26 -46.74
CA ILE HB 148 -43.66 75.30 -46.47
C ILE HB 148 -43.08 73.96 -46.90
N GLN HB 149 -42.05 74.01 -47.75
CA GLN HB 149 -41.42 72.80 -48.26
C GLN HB 149 -40.11 72.53 -47.54
N LEU HB 150 -39.97 71.31 -47.02
CA LEU HB 150 -38.82 70.91 -46.25
C LEU HB 150 -38.16 69.69 -46.89
N VAL HB 151 -36.88 69.50 -46.57
CA VAL HB 151 -36.12 68.37 -47.08
C VAL HB 151 -35.17 67.90 -45.98
N GLU HB 152 -34.93 66.60 -45.92
CA GLU HB 152 -34.11 66.00 -44.87
C GLU HB 152 -32.69 65.77 -45.39
N VAL HB 153 -31.72 66.40 -44.74
CA VAL HB 153 -30.36 66.48 -45.26
C VAL HB 153 -29.39 65.93 -44.21
N GLN HB 154 -28.45 65.10 -44.66
CA GLN HB 154 -27.38 64.57 -43.84
C GLN HB 154 -26.14 65.45 -43.98
N LEU HB 155 -25.59 65.86 -42.84
CA LEU HB 155 -24.43 66.73 -42.75
C LEU HB 155 -23.28 66.01 -42.06
N HIS HB 156 -22.07 66.25 -42.53
CA HIS HB 156 -20.87 65.82 -41.84
C HIS HB 156 -19.99 67.04 -41.58
N GLN HB 157 -18.91 66.82 -40.83
CA GLN HB 157 -17.97 67.90 -40.55
C GLN HB 157 -17.39 68.43 -41.85
N LEU HB 158 -17.12 69.73 -41.88
CA LEU HB 158 -16.69 70.43 -43.10
C LEU HB 158 -15.53 69.71 -43.79
N ALA IB 46 39.73 4.92 25.48
CA ALA IB 46 40.17 6.32 25.42
C ALA IB 46 39.28 7.20 26.30
N SER IB 47 37.99 7.24 25.97
CA SER IB 47 37.03 8.05 26.72
C SER IB 47 36.50 7.22 27.89
N TYR IB 48 37.27 7.20 28.97
CA TYR IB 48 36.91 6.46 30.17
C TYR IB 48 37.15 7.23 31.46
N HIS IB 49 37.65 8.47 31.39
CA HIS IB 49 37.94 9.25 32.59
C HIS IB 49 36.63 9.85 33.10
N VAL IB 50 36.16 9.34 34.24
CA VAL IB 50 34.84 9.73 34.75
C VAL IB 50 34.80 11.22 35.06
N GLY IB 51 35.91 11.76 35.57
CA GLY IB 51 35.93 13.16 35.96
C GLY IB 51 35.64 14.09 34.79
N SER IB 52 36.33 13.87 33.68
CA SER IB 52 36.11 14.72 32.50
C SER IB 52 34.78 14.38 31.84
N PHE IB 53 34.42 13.10 31.81
CA PHE IB 53 33.19 12.69 31.14
C PHE IB 53 31.96 13.30 31.82
N TYR IB 54 31.98 13.38 33.14
CA TYR IB 54 30.86 13.94 33.89
C TYR IB 54 30.58 15.38 33.49
N ASN IB 55 31.60 16.23 33.49
CA ASN IB 55 31.42 17.64 33.20
C ASN IB 55 31.49 17.96 31.72
N ASP IB 56 31.71 16.95 30.87
CA ASP IB 56 31.70 17.18 29.43
C ASP IB 56 30.50 16.57 28.72
N ASN IB 57 29.74 15.69 29.37
CA ASN IB 57 28.55 15.11 28.76
C ASN IB 57 27.35 15.42 29.66
N ALA IB 58 26.32 16.04 29.09
CA ALA IB 58 25.14 16.39 29.86
C ALA IB 58 24.35 15.16 30.28
N THR IB 59 24.28 14.15 29.40
CA THR IB 59 23.55 12.93 29.73
C THR IB 59 24.16 12.25 30.95
N ALA IB 60 25.49 12.20 31.03
CA ALA IB 60 26.14 11.66 32.21
C ALA IB 60 25.79 12.47 33.44
N LYS IB 61 25.83 13.80 33.31
CA LYS IB 61 25.43 14.68 34.41
C LYS IB 61 24.07 14.27 34.96
N ARG IB 62 23.05 14.27 34.11
CA ARG IB 62 21.70 13.93 34.56
C ARG IB 62 21.66 12.54 35.16
N ILE IB 63 22.15 11.54 34.42
CA ILE IB 63 22.00 10.16 34.84
C ILE IB 63 22.69 9.90 36.16
N VAL IB 64 23.68 10.72 36.54
CA VAL IB 64 24.39 10.51 37.79
C VAL IB 64 23.77 11.32 38.94
N ASP IB 65 23.27 12.53 38.69
CA ASP IB 65 22.88 13.35 39.84
C ASP IB 65 21.38 13.61 39.94
N VAL IB 66 20.57 13.07 39.04
CA VAL IB 66 19.13 13.35 39.10
C VAL IB 66 18.53 12.71 40.34
N ILE IB 67 19.10 11.61 40.80
CA ILE IB 67 18.48 10.79 41.84
C ILE IB 67 18.69 11.39 43.24
N PRO IB 68 19.93 11.56 43.70
CA PRO IB 68 20.12 11.93 45.12
C PRO IB 68 19.51 13.26 45.52
N GLU IB 69 19.52 14.25 44.62
CA GLU IB 69 18.96 15.55 44.96
C GLU IB 69 17.46 15.46 45.22
N GLU IB 70 16.74 14.72 44.38
CA GLU IB 70 15.33 14.52 44.64
C GLU IB 70 15.15 13.67 45.89
N MET IB 71 16.04 12.70 46.12
CA MET IB 71 15.99 11.91 47.34
C MET IB 71 15.96 12.79 48.57
N VAL IB 72 16.90 13.74 48.64
CA VAL IB 72 17.03 14.56 49.84
C VAL IB 72 15.91 15.59 49.90
N THR IB 73 15.51 16.17 48.77
CA THR IB 73 14.43 17.15 48.81
C THR IB 73 13.08 16.50 49.10
N ALA IB 74 12.97 15.18 49.05
CA ALA IB 74 11.70 14.52 49.35
C ALA IB 74 11.16 14.87 50.74
N GLY IB 75 11.98 14.74 51.78
CA GLY IB 75 11.54 15.04 53.14
C GLY IB 75 11.15 13.82 53.94
N PHE IB 76 11.04 14.04 55.26
CA PHE IB 76 10.80 12.99 56.23
C PHE IB 76 10.32 13.64 57.52
N LYS IB 77 9.97 12.81 58.52
CA LYS IB 77 9.84 13.35 59.87
C LYS IB 77 10.17 12.29 60.90
N ILE IB 78 10.17 12.72 62.16
CA ILE IB 78 10.64 11.95 63.31
C ILE IB 78 9.52 11.87 64.33
N SER IB 79 9.30 10.68 64.86
CA SER IB 79 8.35 10.46 65.94
C SER IB 79 9.09 10.25 67.26
N GLY IB 80 8.42 10.59 68.36
CA GLY IB 80 9.03 10.57 69.67
C GLY IB 80 9.65 11.88 70.10
N VAL IB 81 9.51 12.94 69.31
CA VAL IB 81 10.04 14.25 69.66
C VAL IB 81 8.92 15.09 70.25
N LYS IB 82 9.28 15.94 71.22
CA LYS IB 82 8.29 16.76 71.89
C LYS IB 82 7.62 17.73 70.92
N ASP IB 83 8.40 18.35 70.04
CA ASP IB 83 7.85 19.30 69.08
C ASP IB 83 8.77 19.38 67.88
N GLU IB 84 8.21 19.89 66.78
CA GLU IB 84 8.92 19.96 65.51
C GLU IB 84 9.34 21.36 65.10
N LYS IB 85 8.74 22.40 65.69
CA LYS IB 85 9.05 23.77 65.29
C LYS IB 85 10.51 24.09 65.56
N GLU IB 86 10.96 23.86 66.79
CA GLU IB 86 12.38 24.07 67.11
C GLU IB 86 13.28 23.12 66.35
N PHE IB 87 12.80 21.92 66.03
CA PHE IB 87 13.60 20.98 65.25
C PHE IB 87 13.91 21.55 63.87
N LYS IB 88 12.88 21.99 63.15
CA LYS IB 88 13.12 22.62 61.85
C LYS IB 88 13.90 23.92 62.00
N SER IB 89 13.73 24.64 63.11
CA SER IB 89 14.52 25.85 63.33
C SER IB 89 16.01 25.53 63.37
N LEU IB 90 16.40 24.53 64.15
CA LEU IB 90 17.80 24.11 64.17
C LEU IB 90 18.23 23.59 62.80
N TRP IB 91 17.37 22.85 62.12
CA TRP IB 91 17.74 22.26 60.84
C TRP IB 91 18.06 23.34 59.80
N ASP IB 92 17.15 24.29 59.60
CA ASP IB 92 17.39 25.33 58.62
C ASP IB 92 18.34 26.41 59.13
N SER IB 93 18.67 26.41 60.42
CA SER IB 93 19.81 27.21 60.87
C SER IB 93 21.12 26.55 60.49
N TYR IB 94 21.17 25.22 60.53
CA TYR IB 94 22.40 24.51 60.17
C TYR IB 94 22.64 24.50 58.67
N LYS IB 95 21.57 24.34 57.87
CA LYS IB 95 21.60 24.45 56.42
C LYS IB 95 22.77 23.69 55.79
N ILE IB 96 22.74 22.36 55.94
CA ILE IB 96 23.78 21.49 55.41
C ILE IB 96 23.29 20.62 54.26
N ASP IB 97 22.08 20.87 53.75
CA ASP IB 97 21.51 20.02 52.71
C ASP IB 97 22.27 20.11 51.38
N PRO IB 98 22.83 21.26 50.95
CA PRO IB 98 23.64 21.21 49.72
C PRO IB 98 24.86 20.32 49.88
N SER IB 99 25.47 20.32 51.06
CA SER IB 99 26.60 19.43 51.30
C SER IB 99 26.15 17.97 51.31
N LEU IB 100 24.97 17.69 51.84
CA LEU IB 100 24.43 16.34 51.76
C LEU IB 100 24.22 15.91 50.31
N VAL IB 101 23.68 16.82 49.49
CA VAL IB 101 23.47 16.52 48.08
C VAL IB 101 24.80 16.19 47.40
N ASP IB 102 25.81 17.02 47.65
CA ASP IB 102 27.12 16.78 47.04
C ASP IB 102 27.73 15.47 47.52
N ALA IB 103 27.60 15.16 48.81
CA ALA IB 103 28.14 13.91 49.33
C ALA IB 103 27.50 12.72 48.66
N LEU IB 104 26.17 12.73 48.54
CA LEU IB 104 25.49 11.63 47.86
C LEU IB 104 25.88 11.55 46.39
N CYS IB 105 26.06 12.70 45.74
CA CYS IB 105 26.44 12.71 44.34
C CYS IB 105 27.81 12.06 44.13
N TRP IB 106 28.79 12.45 44.96
CA TRP IB 106 30.10 11.83 44.81
C TRP IB 106 30.08 10.37 45.22
N ALA IB 107 29.24 9.99 46.18
CA ALA IB 107 29.11 8.58 46.54
C ALA IB 107 28.60 7.78 45.35
N ARG IB 108 27.61 8.31 44.63
CA ARG IB 108 27.08 7.59 43.48
C ARG IB 108 28.08 7.58 42.33
N LEU IB 109 28.84 8.66 42.16
CA LEU IB 109 29.75 8.77 41.02
C LEU IB 109 31.03 7.97 41.24
N TYR IB 110 31.80 8.33 42.27
CA TYR IB 110 33.13 7.75 42.49
C TYR IB 110 33.08 6.44 43.26
N GLY IB 111 31.91 6.04 43.75
CA GLY IB 111 31.81 4.82 44.53
C GLY IB 111 32.16 4.97 45.99
N GLY IB 112 32.53 6.16 46.44
CA GLY IB 112 32.86 6.38 47.83
C GLY IB 112 33.08 7.83 48.18
N ALA IB 113 32.56 8.25 49.33
CA ALA IB 113 32.72 9.62 49.78
C ALA IB 113 32.75 9.64 51.30
N ALA IB 114 33.34 10.69 51.86
CA ALA IB 114 33.51 10.81 53.31
C ALA IB 114 32.83 12.09 53.79
N ILE IB 115 32.16 12.00 54.93
CA ILE IB 115 31.48 13.13 55.54
C ILE IB 115 32.02 13.28 56.96
N VAL IB 116 32.37 14.50 57.35
CA VAL IB 116 32.98 14.77 58.64
C VAL IB 116 32.15 15.82 59.36
N ALA IB 117 31.90 15.58 60.66
CA ALA IB 117 31.12 16.47 61.49
C ALA IB 117 31.97 16.91 62.67
N ILE IB 118 31.87 18.19 63.03
CA ILE IB 118 32.61 18.75 64.15
C ILE IB 118 31.65 19.03 65.29
N ILE IB 119 32.05 18.70 66.51
CA ILE IB 119 31.19 18.73 67.68
C ILE IB 119 31.76 19.68 68.71
N ASN IB 120 30.88 20.18 69.58
CA ASN IB 120 31.28 21.02 70.71
C ASN IB 120 31.82 20.09 71.80
N ASP IB 121 33.12 19.86 71.80
CA ASP IB 121 33.72 18.99 72.79
C ASP IB 121 35.12 19.49 73.11
N ASN IB 122 35.46 19.48 74.39
CA ASN IB 122 36.73 20.01 74.88
C ASN IB 122 37.82 18.95 74.93
N ARG IB 123 38.04 18.26 73.81
CA ARG IB 123 39.10 17.28 73.69
C ARG IB 123 39.71 17.37 72.30
N MET IB 124 40.77 16.59 72.08
CA MET IB 124 41.41 16.57 70.77
C MET IB 124 40.51 15.88 69.75
N LEU IB 125 40.59 16.35 68.50
CA LEU IB 125 39.78 15.79 67.43
C LEU IB 125 40.11 14.31 67.19
N THR IB 126 41.29 13.86 67.57
CA THR IB 126 41.62 12.45 67.46
C THR IB 126 40.83 11.61 68.46
N SER IB 127 40.54 12.17 69.63
CA SER IB 127 39.88 11.42 70.68
C SER IB 127 38.46 11.03 70.28
N PRO IB 128 37.95 9.92 70.81
CA PRO IB 128 36.55 9.54 70.57
C PRO IB 128 35.56 10.57 71.11
N VAL IB 129 34.27 10.33 70.89
CA VAL IB 129 33.21 11.28 71.24
C VAL IB 129 32.44 10.73 72.42
N LYS IB 130 32.33 11.53 73.47
CA LYS IB 130 31.51 11.19 74.62
C LYS IB 130 30.04 11.51 74.32
N PRO IB 131 29.11 10.84 74.99
CA PRO IB 131 27.68 11.05 74.66
C PRO IB 131 27.25 12.50 74.87
N GLY IB 132 26.47 13.00 73.92
CA GLY IB 132 26.01 14.37 73.97
C GLY IB 132 25.29 14.73 72.68
N ALA IB 133 24.69 15.91 72.69
CA ALA IB 133 23.94 16.44 71.54
C ALA IB 133 24.46 17.83 71.22
N LYS IB 134 25.53 17.90 70.43
CA LYS IB 134 26.11 19.16 69.99
C LYS IB 134 26.51 19.03 68.53
N LEU IB 135 26.41 20.14 67.81
CA LEU IB 135 26.84 20.19 66.41
C LEU IB 135 27.37 21.58 66.10
N GLU IB 136 28.40 21.63 65.25
CA GLU IB 136 28.99 22.88 64.81
C GLU IB 136 29.04 23.04 63.30
N GLY IB 137 29.31 21.97 62.57
CA GLY IB 137 29.43 22.06 61.12
C GLY IB 137 29.78 20.70 60.54
N VAL IB 138 29.62 20.62 59.22
CA VAL IB 138 29.82 19.38 58.48
C VAL IB 138 30.50 19.70 57.16
N ARG IB 139 31.49 18.89 56.78
CA ARG IB 139 32.20 19.06 55.52
C ARG IB 139 32.29 17.71 54.80
N VAL IB 140 32.52 17.78 53.49
CA VAL IB 140 32.47 16.61 52.62
C VAL IB 140 33.78 16.50 51.83
N TYR IB 141 34.28 15.28 51.72
CA TYR IB 141 35.45 14.96 50.91
C TYR IB 141 35.17 13.77 50.01
N ASP IB 142 35.89 13.72 48.90
CA ASP IB 142 35.68 12.68 47.90
C ASP IB 142 36.48 11.43 48.25
N ARG IB 143 36.50 10.47 47.31
CA ARG IB 143 37.16 9.19 47.54
C ARG IB 143 38.69 9.35 47.62
N PHE IB 144 39.21 10.49 47.18
CA PHE IB 144 40.65 10.60 46.97
C PHE IB 144 41.40 11.18 48.16
N ALA IB 145 40.72 11.44 49.28
CA ALA IB 145 41.36 12.14 50.39
C ALA IB 145 41.34 11.38 51.72
N ILE IB 146 40.94 10.11 51.73
CA ILE IB 146 40.79 9.36 52.97
C ILE IB 146 41.55 8.05 52.86
N THR IB 147 42.26 7.68 53.94
CA THR IB 147 42.97 6.40 54.01
C THR IB 147 42.87 5.82 55.42
N ILE IB 148 43.58 4.72 55.62
CA ILE IB 148 43.50 3.89 56.81
C ILE IB 148 44.78 4.07 57.62
N GLU IB 149 44.69 4.04 58.96
CA GLU IB 149 45.90 3.91 59.76
C GLU IB 149 45.94 2.68 60.65
N LYS IB 150 44.95 2.47 61.49
CA LYS IB 150 45.06 1.53 62.60
C LYS IB 150 43.95 0.50 62.52
N ARG IB 151 44.25 -0.73 62.95
CA ARG IB 151 43.34 -1.86 62.84
C ARG IB 151 42.92 -2.35 64.22
N VAL IB 152 41.70 -2.87 64.32
CA VAL IB 152 41.25 -3.61 65.49
C VAL IB 152 40.86 -5.02 65.03
N THR IB 153 41.47 -6.02 65.67
CA THR IB 153 41.20 -7.43 65.35
C THR IB 153 41.09 -8.28 66.60
N ASN IB 154 40.80 -7.65 67.75
CA ASN IB 154 40.76 -8.38 69.01
C ASN IB 154 39.50 -9.22 69.12
N ALA IB 155 39.58 -10.29 69.91
CA ALA IB 155 38.57 -11.33 69.86
C ALA IB 155 37.22 -10.87 70.41
N ARG IB 156 37.22 -10.20 71.58
CA ARG IB 156 35.96 -9.99 72.28
C ARG IB 156 35.03 -9.06 71.52
N SER IB 157 35.57 -8.02 70.90
CA SER IB 157 34.72 -7.07 70.19
C SER IB 157 34.33 -7.64 68.83
N PRO IB 158 33.05 -7.57 68.46
CA PRO IB 158 32.64 -7.89 67.08
C PRO IB 158 33.13 -6.89 66.06
N ARG IB 159 33.76 -5.81 66.50
CA ARG IB 159 34.35 -4.79 65.65
C ARG IB 159 35.73 -5.20 65.13
N TYR IB 160 36.17 -6.42 65.44
CA TYR IB 160 37.45 -6.90 64.93
C TYR IB 160 37.44 -6.95 63.42
N GLY IB 161 38.51 -6.45 62.81
CA GLY IB 161 38.59 -6.33 61.37
C GLY IB 161 37.89 -5.13 60.79
N GLU IB 162 37.45 -4.19 61.62
CA GLU IB 162 36.72 -3.02 61.18
C GLU IB 162 37.62 -1.79 61.35
N PRO IB 163 37.56 -0.82 60.44
CA PRO IB 163 38.50 0.32 60.52
C PRO IB 163 38.39 1.10 61.82
N GLU IB 164 39.54 1.53 62.34
CA GLU IB 164 39.55 2.23 63.62
C GLU IB 164 39.88 3.71 63.45
N ILE IB 165 41.01 4.03 62.83
CA ILE IB 165 41.50 5.40 62.75
C ILE IB 165 41.68 5.78 61.29
N TYR IB 166 41.12 6.94 60.90
CA TYR IB 166 41.10 7.40 59.53
C TYR IB 166 42.12 8.51 59.33
N LYS IB 167 42.90 8.37 58.27
CA LYS IB 167 43.94 9.31 57.89
C LYS IB 167 43.40 10.21 56.80
N VAL IB 168 43.03 11.44 57.16
CA VAL IB 168 42.47 12.39 56.21
C VAL IB 168 43.59 13.26 55.67
N SER IB 169 43.67 13.38 54.35
CA SER IB 169 44.69 14.16 53.67
C SER IB 169 43.99 15.06 52.66
N PRO IB 170 43.30 16.10 53.12
CA PRO IB 170 42.58 16.98 52.19
C PRO IB 170 43.48 17.66 51.18
N GLY IB 171 44.74 17.86 51.55
CA GLY IB 171 45.64 18.62 50.72
C GLY IB 171 45.61 20.09 51.11
N ASP IB 172 45.33 20.95 50.12
CA ASP IB 172 45.18 22.40 50.32
C ASP IB 172 46.19 22.96 51.31
N ASN IB 173 47.46 22.60 51.09
CA ASN IB 173 48.63 23.05 51.86
C ASN IB 173 48.43 23.06 53.36
N ILE IB 174 47.65 22.11 53.89
CA ILE IB 174 47.53 21.91 55.33
C ILE IB 174 47.97 20.49 55.65
N GLN IB 175 48.46 20.30 56.88
CA GLN IB 175 48.95 18.99 57.28
C GLN IB 175 47.78 18.00 57.36
N PRO IB 176 47.88 16.87 56.68
CA PRO IB 176 46.90 15.80 56.89
C PRO IB 176 46.89 15.34 58.34
N TYR IB 177 45.74 14.91 58.82
CA TYR IB 177 45.60 14.56 60.23
C TYR IB 177 44.78 13.28 60.39
N LEU IB 178 44.46 12.99 61.66
CA LEU IB 178 43.88 11.71 62.06
C LEU IB 178 42.53 11.95 62.73
N ILE IB 179 41.60 11.01 62.50
CA ILE IB 179 40.25 11.12 63.03
C ILE IB 179 39.82 9.76 63.59
N HIS IB 180 39.14 9.78 64.73
CA HIS IB 180 38.57 8.58 65.30
C HIS IB 180 37.39 8.10 64.47
N HIS IB 181 37.08 6.81 64.61
CA HIS IB 181 36.00 6.21 63.84
C HIS IB 181 34.65 6.87 64.12
N THR IB 182 34.48 7.43 65.31
CA THR IB 182 33.18 7.96 65.71
C THR IB 182 32.84 9.24 64.96
N ARG IB 183 33.85 9.95 64.46
CA ARG IB 183 33.60 11.29 63.94
C ARG IB 183 33.18 11.27 62.47
N ILE IB 184 33.81 10.43 61.65
CA ILE IB 184 33.55 10.42 60.22
C ILE IB 184 32.71 9.21 59.83
N PHE IB 185 31.73 9.46 58.97
CA PHE IB 185 30.94 8.41 58.32
C PHE IB 185 31.31 8.35 56.86
N ILE IB 186 31.19 7.17 56.26
CA ILE IB 186 31.57 6.92 54.87
C ILE IB 186 30.35 6.42 54.12
N ALA IB 187 30.12 6.97 52.93
CA ALA IB 187 29.07 6.53 52.04
C ALA IB 187 29.69 5.78 50.87
N ASP IB 188 29.17 4.59 50.60
CA ASP IB 188 29.71 3.72 49.55
C ASP IB 188 28.88 3.85 48.28
N GLY IB 189 29.29 3.11 47.25
CA GLY IB 189 28.57 3.09 45.99
C GLY IB 189 27.60 1.92 45.91
N GLU IB 190 27.91 0.94 45.07
CA GLU IB 190 27.10 -0.25 44.94
C GLU IB 190 27.87 -1.48 45.40
N ARG IB 191 27.13 -2.53 45.70
CA ARG IB 191 27.75 -3.78 46.10
C ARG IB 191 28.53 -4.40 44.94
N VAL IB 192 29.64 -5.05 45.28
CA VAL IB 192 30.43 -5.82 44.33
C VAL IB 192 30.75 -7.16 44.97
N THR IB 193 31.33 -8.06 44.17
CA THR IB 193 31.78 -9.33 44.68
C THR IB 193 32.83 -9.11 45.77
N PRO IB 194 32.83 -9.93 46.82
CA PRO IB 194 33.78 -9.70 47.93
C PRO IB 194 35.23 -9.67 47.47
N GLN IB 195 35.57 -10.42 46.43
CA GLN IB 195 36.93 -10.43 45.92
C GLN IB 195 37.35 -9.07 45.37
N MET IB 196 36.45 -8.38 44.67
CA MET IB 196 36.69 -7.00 44.25
C MET IB 196 36.55 -6.01 45.40
N ARG IB 197 35.70 -6.32 46.37
CA ARG IB 197 35.55 -5.48 47.55
C ARG IB 197 36.88 -5.37 48.30
N LYS IB 198 37.56 -6.52 48.47
CA LYS IB 198 38.87 -6.51 49.12
C LYS IB 198 39.94 -5.89 48.25
N GLN IB 199 39.88 -6.11 46.94
CA GLN IB 199 40.85 -5.51 46.03
C GLN IB 199 40.74 -3.99 45.98
N ASN IB 200 39.53 -3.46 46.19
CA ASN IB 200 39.31 -2.02 46.22
C ASN IB 200 39.32 -1.45 47.63
N GLN IB 201 40.11 -2.05 48.52
CA GLN IB 201 40.22 -1.66 49.94
C GLN IB 201 38.86 -1.26 50.53
N GLY IB 202 37.86 -2.11 50.30
CA GLY IB 202 36.54 -1.90 50.88
C GLY IB 202 35.82 -0.67 50.37
N TRP IB 203 36.00 -0.35 49.08
CA TRP IB 203 35.30 0.75 48.45
C TRP IB 203 34.59 0.25 47.20
N GLY IB 204 33.43 0.84 46.91
CA GLY IB 204 32.59 0.38 45.83
C GLY IB 204 33.06 0.83 44.46
N ALA IB 205 32.18 0.71 43.46
CA ALA IB 205 32.51 1.02 42.09
C ALA IB 205 31.58 2.10 41.56
N SER IB 206 32.02 2.74 40.48
CA SER IB 206 31.22 3.78 39.85
C SER IB 206 29.96 3.20 39.22
N VAL IB 207 28.91 4.01 39.17
CA VAL IB 207 27.69 3.60 38.49
C VAL IB 207 27.89 3.60 36.98
N LEU IB 208 28.92 4.27 36.48
CA LEU IB 208 29.23 4.29 35.06
C LEU IB 208 30.12 3.09 34.74
N ASN IB 209 29.49 1.94 34.45
CA ASN IB 209 30.23 0.78 34.02
C ASN IB 209 30.50 0.83 32.52
N LYS IB 210 31.25 -0.15 32.04
CA LYS IB 210 31.69 -0.13 30.65
C LYS IB 210 30.51 -0.19 29.68
N SER IB 211 29.50 -1.01 29.99
CA SER IB 211 28.33 -1.09 29.13
C SER IB 211 27.63 0.26 29.02
N LEU IB 212 27.44 0.94 30.15
CA LEU IB 212 26.83 2.26 30.11
C LEU IB 212 27.69 3.23 29.30
N ILE IB 213 29.01 3.21 29.51
CA ILE IB 213 29.88 4.18 28.85
C ILE IB 213 29.84 3.99 27.34
N ASP IB 214 30.01 2.75 26.86
CA ASP IB 214 30.05 2.55 25.42
C ASP IB 214 28.68 2.65 24.77
N ALA IB 215 27.61 2.30 25.49
CA ALA IB 215 26.27 2.54 24.98
C ALA IB 215 26.02 4.03 24.79
N ILE IB 216 26.46 4.85 25.75
CA ILE IB 216 26.36 6.29 25.59
C ILE IB 216 27.19 6.76 24.39
N CYS IB 217 28.40 6.22 24.25
CA CYS IB 217 29.31 6.66 23.19
C CYS IB 217 28.74 6.37 21.81
N ASP IB 218 28.13 5.20 21.64
CA ASP IB 218 27.60 4.81 20.32
C ASP IB 218 26.53 5.77 19.81
N TYR IB 219 25.78 6.42 20.71
CA TYR IB 219 24.74 7.34 20.29
C TYR IB 219 25.30 8.51 19.50
N ASP IB 220 26.43 9.07 19.94
CA ASP IB 220 27.04 10.18 19.22
C ASP IB 220 27.50 9.74 17.84
N TYR IB 221 28.09 8.56 17.73
CA TYR IB 221 28.48 8.05 16.43
C TYR IB 221 27.28 7.90 15.52
N CYS IB 222 26.17 7.40 16.06
CA CYS IB 222 24.96 7.25 15.26
C CYS IB 222 24.44 8.58 14.76
N GLU IB 223 24.39 9.60 15.62
CA GLU IB 223 23.85 10.89 15.16
C GLU IB 223 24.79 11.56 14.17
N SER IB 224 26.10 11.39 14.35
CA SER IB 224 27.04 11.92 13.36
C SER IB 224 26.84 11.25 12.01
N LEU IB 225 26.64 9.93 12.01
CA LEU IB 225 26.34 9.24 10.76
C LEU IB 225 25.04 9.75 10.15
N ALA IB 226 24.05 10.05 10.97
CA ALA IB 226 22.80 10.58 10.44
C ALA IB 226 23.01 11.92 9.75
N THR IB 227 23.81 12.80 10.38
CA THR IB 227 24.10 14.09 9.76
C THR IB 227 24.84 13.90 8.44
N GLN IB 228 25.81 12.99 8.40
CA GLN IB 228 26.51 12.70 7.15
C GLN IB 228 25.54 12.16 6.09
N ILE IB 229 24.60 11.30 6.52
CA ILE IB 229 23.62 10.74 5.61
C ILE IB 229 22.81 11.85 4.96
N LEU IB 230 22.31 12.78 5.77
CA LEU IB 230 21.54 13.88 5.20
C LEU IB 230 22.40 14.75 4.29
N ARG IB 231 23.67 14.95 4.64
CA ARG IB 231 24.55 15.75 3.80
C ARG IB 231 24.74 15.10 2.44
N ARG IB 232 24.87 13.78 2.39
CA ARG IB 232 25.12 13.07 1.15
C ARG IB 232 23.85 12.60 0.45
N LYS IB 233 22.74 13.32 0.62
CA LYS IB 233 21.48 12.89 0.01
C LYS IB 233 21.56 12.94 -1.51
N GLN IB 234 22.18 13.98 -2.07
CA GLN IB 234 22.18 14.22 -3.50
C GLN IB 234 23.57 14.65 -3.94
N GLN IB 235 24.02 14.15 -5.09
CA GLN IB 235 25.33 14.46 -5.62
C GLN IB 235 25.23 14.73 -7.11
N ALA IB 236 25.87 15.80 -7.56
CA ALA IB 236 25.87 16.19 -8.97
C ALA IB 236 27.23 15.94 -9.58
N VAL IB 237 27.25 15.35 -10.78
CA VAL IB 237 28.46 14.98 -11.48
C VAL IB 237 28.49 15.71 -12.81
N TRP IB 238 29.66 16.20 -13.20
CA TRP IB 238 29.86 16.94 -14.43
C TRP IB 238 31.05 16.32 -15.18
N LYS IB 239 30.78 15.74 -16.34
CA LYS IB 239 31.76 14.95 -17.08
C LYS IB 239 32.16 15.69 -18.34
N VAL IB 240 33.46 15.93 -18.51
CA VAL IB 240 33.99 16.70 -19.64
C VAL IB 240 35.20 15.97 -20.21
N LYS IB 241 35.04 15.41 -21.41
CA LYS IB 241 36.16 14.75 -22.09
C LYS IB 241 37.30 15.73 -22.28
N GLY IB 242 38.51 15.29 -21.94
CA GLY IB 242 39.68 16.14 -21.99
C GLY IB 242 39.95 16.92 -20.73
N LEU IB 243 39.08 16.86 -19.72
CA LEU IB 243 39.32 17.61 -18.50
C LEU IB 243 40.62 17.18 -17.82
N ALA IB 244 41.10 15.98 -18.13
CA ALA IB 244 42.33 15.49 -17.50
C ALA IB 244 43.56 16.26 -17.99
N GLU IB 245 43.42 17.01 -19.08
CA GLU IB 245 44.59 17.68 -19.64
C GLU IB 245 44.94 18.95 -18.88
N MET IB 246 44.15 19.31 -17.87
CA MET IB 246 44.43 20.51 -17.09
C MET IB 246 45.72 20.33 -16.29
N CYS IB 247 46.54 21.37 -16.29
CA CYS IB 247 47.71 21.39 -15.41
C CYS IB 247 47.30 21.69 -13.98
N ASP IB 248 47.94 21.01 -13.04
CA ASP IB 248 47.57 21.16 -11.64
C ASP IB 248 47.98 22.52 -11.11
N ASP IB 249 47.05 23.17 -10.41
CA ASP IB 249 47.29 24.43 -9.73
C ASP IB 249 47.78 25.50 -10.70
N ASP IB 250 47.00 25.74 -11.75
CA ASP IB 250 47.27 26.80 -12.69
C ASP IB 250 46.02 27.67 -12.86
N ASP IB 251 46.21 28.77 -13.59
CA ASP IB 251 45.11 29.71 -13.81
C ASP IB 251 43.95 29.02 -14.50
N ALA IB 252 44.23 28.11 -15.44
CA ALA IB 252 43.17 27.41 -16.14
C ALA IB 252 42.31 26.60 -15.19
N GLN IB 253 42.92 25.80 -14.32
CA GLN IB 253 42.16 24.96 -13.41
C GLN IB 253 41.42 25.81 -12.37
N TYR IB 254 42.08 26.86 -11.87
CA TYR IB 254 41.40 27.75 -10.92
C TYR IB 254 40.17 28.39 -11.55
N ALA IB 255 40.28 28.85 -12.80
CA ALA IB 255 39.14 29.44 -13.47
C ALA IB 255 38.05 28.40 -13.73
N ALA IB 256 38.45 27.16 -14.06
CA ALA IB 256 37.45 26.12 -14.28
C ALA IB 256 36.65 25.84 -13.01
N ARG IB 257 37.32 25.70 -11.87
CA ARG IB 257 36.58 25.41 -10.64
C ARG IB 257 35.80 26.65 -10.18
N LEU IB 258 36.33 27.84 -10.47
CA LEU IB 258 35.58 29.07 -10.22
C LEU IB 258 34.25 29.06 -10.97
N ARG IB 259 34.29 28.77 -12.27
CA ARG IB 259 33.07 28.75 -13.07
C ARG IB 259 32.14 27.64 -12.63
N LEU IB 260 32.69 26.48 -12.25
CA LEU IB 260 31.85 25.39 -11.76
C LEU IB 260 31.08 25.81 -10.50
N ALA IB 261 31.78 26.40 -9.53
CA ALA IB 261 31.11 26.84 -8.31
C ALA IB 261 30.08 27.92 -8.62
N GLN IB 262 30.41 28.85 -9.53
CA GLN IB 262 29.48 29.93 -9.85
C GLN IB 262 28.20 29.39 -10.47
N VAL IB 263 28.33 28.48 -11.44
CA VAL IB 263 27.14 27.95 -12.10
C VAL IB 263 26.36 27.05 -11.15
N ASP IB 264 27.03 26.41 -10.20
CA ASP IB 264 26.32 25.61 -9.21
C ASP IB 264 25.48 26.50 -8.30
N ASP IB 265 26.03 27.67 -7.92
CA ASP IB 265 25.33 28.52 -6.96
C ASP IB 265 24.07 29.15 -7.53
N ASN IB 266 23.90 29.19 -8.85
CA ASN IB 266 22.75 29.83 -9.46
C ASN IB 266 21.70 28.85 -9.97
N SER IB 267 21.87 27.56 -9.76
CA SER IB 267 20.89 26.60 -10.22
C SER IB 267 19.73 26.49 -9.23
N GLY IB 268 18.70 25.77 -9.65
CA GLY IB 268 17.55 25.56 -8.79
C GLY IB 268 16.37 25.06 -9.59
N VAL IB 269 15.18 25.19 -8.98
CA VAL IB 269 13.95 24.79 -9.65
C VAL IB 269 13.66 25.71 -10.83
N GLY IB 270 13.75 27.01 -10.62
CA GLY IB 270 13.42 28.00 -11.63
C GLY IB 270 14.56 28.45 -12.50
N ARG IB 271 15.65 27.67 -12.58
CA ARG IB 271 16.80 28.04 -13.39
C ARG IB 271 17.28 26.81 -14.15
N ALA IB 272 17.89 27.06 -15.31
CA ALA IB 272 18.33 26.00 -16.20
C ALA IB 272 19.81 26.19 -16.52
N ILE IB 273 20.48 25.10 -16.87
CA ILE IB 273 21.91 25.10 -17.19
C ILE IB 273 22.09 24.51 -18.58
N GLY IB 274 22.98 25.11 -19.36
CA GLY IB 274 23.28 24.62 -20.68
C GLY IB 274 24.63 23.92 -20.76
N ILE IB 275 24.69 22.88 -21.57
CA ILE IB 275 25.89 22.08 -21.73
C ILE IB 275 26.10 21.81 -23.22
N ASP IB 276 27.28 21.31 -23.55
CA ASP IB 276 27.62 20.94 -24.92
C ASP IB 276 27.45 19.44 -25.10
N ALA IB 277 26.64 19.04 -26.08
CA ALA IB 277 26.27 17.64 -26.24
C ALA IB 277 27.49 16.79 -26.60
N GLU IB 278 28.37 17.30 -27.45
CA GLU IB 278 29.47 16.47 -27.96
C GLU IB 278 30.48 16.14 -26.86
N THR IB 279 30.79 17.11 -26.00
CA THR IB 279 31.95 16.99 -25.13
C THR IB 279 31.65 16.78 -23.66
N GLU IB 280 30.49 17.21 -23.16
CA GLU IB 280 30.24 17.18 -21.73
C GLU IB 280 28.81 16.74 -21.46
N GLU IB 281 28.58 16.33 -20.21
CA GLU IB 281 27.24 16.03 -19.73
C GLU IB 281 27.16 16.27 -18.22
N TYR IB 282 25.94 16.44 -17.74
CA TYR IB 282 25.66 16.80 -16.35
C TYR IB 282 24.61 15.82 -15.81
N ASP IB 283 25.01 15.02 -14.84
CA ASP IB 283 24.14 14.02 -14.24
C ASP IB 283 23.96 14.31 -12.76
N VAL IB 284 22.91 13.72 -12.19
CA VAL IB 284 22.62 13.85 -10.77
C VAL IB 284 22.21 12.49 -10.22
N LEU IB 285 22.73 12.14 -9.05
CA LEU IB 285 22.46 10.87 -8.39
C LEU IB 285 21.96 11.12 -6.99
N ASN IB 286 20.99 10.31 -6.55
CA ASN IB 286 20.34 10.56 -5.28
C ASN IB 286 20.04 9.26 -4.56
N SER IB 287 20.01 9.34 -3.24
CA SER IB 287 19.67 8.21 -2.39
C SER IB 287 18.67 8.68 -1.33
N ASP IB 288 17.85 7.75 -0.87
CA ASP IB 288 16.77 8.08 0.05
C ASP IB 288 17.22 7.92 1.50
N ILE IB 289 16.33 8.33 2.42
CA ILE IB 289 16.54 8.17 3.85
C ILE IB 289 15.21 7.73 4.48
N SER IB 290 15.29 6.80 5.43
CA SER IB 290 14.13 6.31 6.14
C SER IB 290 14.60 5.39 7.26
N GLY IB 291 13.85 5.40 8.36
CA GLY IB 291 14.10 4.51 9.47
C GLY IB 291 15.09 5.00 10.50
N VAL IB 292 15.78 6.12 10.25
CA VAL IB 292 16.74 6.63 11.24
C VAL IB 292 16.05 7.18 12.48
N PRO IB 293 14.84 7.77 12.43
CA PRO IB 293 14.17 8.09 13.70
C PRO IB 293 13.97 6.87 14.57
N GLU IB 294 13.51 5.76 13.98
CA GLU IB 294 13.34 4.54 14.74
C GLU IB 294 14.67 4.01 15.26
N PHE IB 295 15.72 4.10 14.44
CA PHE IB 295 17.04 3.65 14.85
C PHE IB 295 17.52 4.41 16.09
N LEU IB 296 17.46 5.74 16.05
CA LEU IB 296 17.89 6.54 17.18
C LEU IB 296 17.00 6.31 18.40
N SER IB 297 15.70 6.12 18.17
CA SER IB 297 14.81 5.82 19.29
C SER IB 297 15.20 4.50 19.94
N SER IB 298 15.57 3.51 19.13
CA SER IB 298 16.02 2.23 19.69
C SER IB 298 17.31 2.40 20.49
N LYS IB 299 18.24 3.22 20.01
CA LYS IB 299 19.45 3.48 20.78
C LYS IB 299 19.12 4.13 22.12
N MET IB 300 18.24 5.13 22.12
CA MET IB 300 17.83 5.75 23.38
C MET IB 300 17.15 4.73 24.28
N ASP IB 301 16.37 3.82 23.71
CA ASP IB 301 15.69 2.80 24.51
C ASP IB 301 16.71 1.86 25.16
N ARG IB 302 17.76 1.51 24.43
CA ARG IB 302 18.83 0.73 25.06
C ARG IB 302 19.45 1.50 26.22
N ILE IB 303 19.69 2.80 26.02
CA ILE IB 303 20.26 3.62 27.08
C ILE IB 303 19.38 3.57 28.32
N VAL IB 304 18.08 3.75 28.14
CA VAL IB 304 17.19 3.83 29.30
C VAL IB 304 17.08 2.47 29.97
N SER IB 305 17.03 1.39 29.19
CA SER IB 305 16.92 0.05 29.76
C SER IB 305 18.15 -0.29 30.58
N LEU IB 306 19.34 0.06 30.07
CA LEU IB 306 20.55 -0.21 30.81
C LEU IB 306 20.69 0.69 32.04
N SER IB 307 20.22 1.94 31.94
CA SER IB 307 20.34 2.87 33.06
C SER IB 307 19.44 2.46 34.22
N GLY IB 308 18.17 2.19 33.94
CA GLY IB 308 17.20 1.93 34.97
C GLY IB 308 16.34 3.12 35.33
N ILE IB 309 16.48 4.24 34.62
CA ILE IB 309 15.61 5.40 34.77
C ILE IB 309 14.86 5.59 33.45
N HIS IB 310 13.55 5.74 33.54
CA HIS IB 310 12.75 5.58 32.32
C HIS IB 310 12.54 6.90 31.59
N GLU IB 311 11.70 6.83 30.55
CA GLU IB 311 11.73 7.83 29.49
C GLU IB 311 11.23 9.19 29.96
N ILE IB 312 10.13 9.23 30.70
CA ILE IB 312 9.54 10.52 31.06
C ILE IB 312 10.45 11.26 32.04
N ILE IB 313 11.55 10.63 32.42
CA ILE IB 313 12.54 11.25 33.29
C ILE IB 313 13.86 11.51 32.57
N ILE IB 314 14.24 10.67 31.60
CA ILE IB 314 15.51 10.83 30.90
C ILE IB 314 15.35 11.46 29.52
N LYS IB 315 14.46 10.92 28.69
CA LYS IB 315 14.18 11.51 27.38
C LYS IB 315 13.30 12.74 27.50
N ASN IB 316 12.49 12.81 28.57
CA ASN IB 316 11.65 13.95 28.87
C ASN IB 316 10.60 14.19 27.79
N LYS IB 317 10.09 13.13 27.17
CA LYS IB 317 8.86 13.18 26.38
C LYS IB 317 7.75 12.51 27.17
N ASN IB 318 6.61 13.19 27.24
CA ASN IB 318 5.39 12.52 27.65
C ASN IB 318 4.93 11.59 26.54
N VAL IB 319 4.41 10.42 26.94
CA VAL IB 319 4.00 9.42 25.95
C VAL IB 319 2.92 9.98 25.03
N GLY IB 320 2.00 10.77 25.58
CA GLY IB 320 1.03 11.49 24.80
C GLY IB 320 -0.13 10.69 24.27
N GLY IB 321 0.06 9.40 23.98
CA GLY IB 321 -1.02 8.59 23.46
C GLY IB 321 -2.00 8.09 24.51
N VAL IB 322 -1.74 8.36 25.78
CA VAL IB 322 -2.61 7.93 26.87
C VAL IB 322 -2.75 9.11 27.84
N SER IB 323 -3.85 9.12 28.58
CA SER IB 323 -4.13 10.23 29.47
C SER IB 323 -3.48 10.07 30.84
N ALA IB 324 -3.67 8.90 31.47
CA ALA IB 324 -3.32 8.72 32.88
C ALA IB 324 -2.52 7.45 33.10
N SER IB 325 -1.48 7.22 32.30
CA SER IB 325 -0.53 6.16 32.57
C SER IB 325 0.82 6.69 33.03
N GLN IB 326 1.14 7.95 32.71
CA GLN IB 326 2.37 8.56 33.18
C GLN IB 326 2.38 8.74 34.69
N ASN IB 327 1.21 8.88 35.33
CA ASN IB 327 1.17 8.87 36.78
C ASN IB 327 1.61 7.54 37.36
N THR IB 328 1.19 6.43 36.75
CA THR IB 328 1.68 5.12 37.17
C THR IB 328 3.17 4.98 36.88
N ALA IB 329 3.64 5.53 35.76
CA ALA IB 329 5.07 5.49 35.47
C ALA IB 329 5.87 6.24 36.53
N LEU IB 330 5.40 7.43 36.92
CA LEU IB 330 6.12 8.19 37.94
C LEU IB 330 6.03 7.51 39.30
N GLU IB 331 4.92 6.81 39.59
CA GLU IB 331 4.89 6.11 40.87
C GLU IB 331 5.78 4.87 40.85
N THR IB 332 6.00 4.25 39.69
CA THR IB 332 7.02 3.22 39.58
C THR IB 332 8.41 3.79 39.85
N PHE IB 333 8.71 4.94 39.24
CA PHE IB 333 9.96 5.62 39.56
C PHE IB 333 10.06 5.90 41.05
N TYR IB 334 8.94 6.29 41.67
CA TYR IB 334 8.93 6.62 43.09
C TYR IB 334 9.16 5.38 43.94
N LYS IB 335 8.58 4.24 43.58
CA LYS IB 335 8.82 3.05 44.39
C LYS IB 335 10.28 2.62 44.29
N LEU IB 336 10.88 2.72 43.09
CA LEU IB 336 12.28 2.32 42.99
C LEU IB 336 13.19 3.30 43.74
N VAL IB 337 12.87 4.60 43.70
CA VAL IB 337 13.68 5.58 44.40
C VAL IB 337 13.55 5.37 45.90
N ASP IB 338 12.36 4.97 46.37
CA ASP IB 338 12.20 4.62 47.78
C ASP IB 338 13.00 3.38 48.13
N ARG IB 339 13.00 2.38 47.25
CA ARG IB 339 13.76 1.16 47.50
C ARG IB 339 15.23 1.47 47.71
N LYS IB 340 15.81 2.29 46.82
CA LYS IB 340 17.23 2.59 46.98
C LYS IB 340 17.47 3.55 48.13
N ARG IB 341 16.52 4.46 48.42
CA ARG IB 341 16.67 5.38 49.54
C ARG IB 341 16.79 4.64 50.85
N GLU IB 342 15.91 3.65 51.06
CA GLU IB 342 15.97 2.82 52.26
C GLU IB 342 17.34 2.20 52.46
N GLU IB 343 18.16 2.13 51.40
CA GLU IB 343 19.45 1.48 51.48
C GLU IB 343 20.55 2.43 51.93
N ASP IB 344 20.56 3.67 51.44
CA ASP IB 344 21.70 4.55 51.65
C ASP IB 344 21.38 5.86 52.35
N TYR IB 345 20.16 6.38 52.27
CA TYR IB 345 19.91 7.69 52.87
C TYR IB 345 19.80 7.59 54.38
N ARG IB 346 19.22 6.51 54.88
CA ARG IB 346 19.03 6.36 56.32
C ARG IB 346 20.33 6.43 57.10
N PRO IB 347 21.41 5.71 56.72
CA PRO IB 347 22.63 5.73 57.56
C PRO IB 347 23.12 7.14 57.88
N LEU IB 348 23.00 8.08 56.95
CA LEU IB 348 23.28 9.48 57.29
C LEU IB 348 22.38 9.95 58.43
N LEU IB 349 21.12 9.55 58.41
CA LEU IB 349 20.18 10.01 59.43
C LEU IB 349 20.52 9.43 60.79
N GLU IB 350 20.74 8.11 60.87
CA GLU IB 350 21.15 7.56 62.16
C GLU IB 350 22.58 7.94 62.56
N PHE IB 351 23.37 8.49 61.64
CA PHE IB 351 24.68 9.00 62.01
C PHE IB 351 24.63 10.41 62.57
N LEU IB 352 23.73 11.25 62.05
CA LEU IB 352 23.72 12.66 62.39
C LEU IB 352 22.67 13.01 63.45
N LEU IB 353 21.47 12.44 63.36
CA LEU IB 353 20.40 12.82 64.29
C LEU IB 353 20.73 12.57 65.76
N PRO IB 354 21.32 11.44 66.16
CA PRO IB 354 21.63 11.28 67.59
C PRO IB 354 22.53 12.35 68.16
N PHE IB 355 23.14 13.18 67.30
CA PHE IB 355 24.03 14.24 67.75
C PHE IB 355 23.35 15.58 67.91
N ILE IB 356 22.04 15.67 67.67
CA ILE IB 356 21.36 16.95 67.74
C ILE IB 356 20.18 16.91 68.71
N VAL IB 357 19.62 15.73 68.92
CA VAL IB 357 18.43 15.59 69.75
C VAL IB 357 18.82 15.00 71.11
N ASP IB 358 18.38 15.67 72.18
CA ASP IB 358 18.60 15.17 73.52
C ASP IB 358 17.58 14.09 73.88
N GLU IB 359 16.50 14.00 73.11
CA GLU IB 359 15.46 13.02 73.40
C GLU IB 359 16.00 11.61 73.23
N GLN IB 360 15.50 10.70 74.07
CA GLN IB 360 16.13 9.39 74.20
C GLN IB 360 15.84 8.49 73.01
N GLU IB 361 14.57 8.14 72.79
CA GLU IB 361 14.19 7.17 71.77
C GLU IB 361 13.28 7.83 70.75
N TRP IB 362 13.65 7.73 69.48
CA TRP IB 362 12.92 8.36 68.40
C TRP IB 362 12.92 7.44 67.19
N SER IB 363 12.00 7.68 66.27
CA SER IB 363 11.84 6.88 65.06
C SER IB 363 11.73 7.78 63.85
N ILE IB 364 12.03 7.21 62.69
CA ILE IB 364 12.07 7.92 61.42
C ILE IB 364 10.97 7.36 60.53
N GLU IB 365 10.27 8.23 59.81
CA GLU IB 365 9.52 7.76 58.66
C GLU IB 365 9.78 8.69 57.47
N PHE IB 366 9.83 8.11 56.28
CA PHE IB 366 10.07 8.85 55.04
C PHE IB 366 8.73 9.27 54.47
N GLU IB 367 8.60 10.55 54.15
CA GLU IB 367 7.32 11.07 53.70
C GLU IB 367 6.93 10.40 52.38
N PRO IB 368 5.71 9.85 52.28
CA PRO IB 368 5.31 9.15 51.05
C PRO IB 368 5.36 10.06 49.83
N LEU IB 369 6.28 9.77 48.91
CA LEU IB 369 6.56 10.66 47.78
C LEU IB 369 5.38 10.65 46.82
N SER IB 370 4.60 11.73 46.88
CA SER IB 370 3.47 11.93 45.99
C SER IB 370 3.19 13.42 45.92
N VAL IB 371 3.00 13.93 44.70
CA VAL IB 371 2.82 15.37 44.50
C VAL IB 371 1.46 15.79 45.05
N PRO IB 372 1.40 16.67 46.05
CA PRO IB 372 0.05 16.94 46.56
C PRO IB 372 -0.75 18.01 45.80
N SER IB 373 -1.98 17.71 45.38
CA SER IB 373 -2.80 18.71 44.66
C SER IB 373 -3.67 19.53 45.59
N LYS IB 374 -3.38 20.82 45.71
CA LYS IB 374 -4.11 21.66 46.65
C LYS IB 374 -5.51 21.13 46.88
N LYS IB 375 -6.21 20.85 45.79
CA LYS IB 375 -7.57 20.33 45.90
C LYS IB 375 -7.58 18.99 46.63
N GLU IB 376 -6.76 18.03 46.20
CA GLU IB 376 -6.90 16.69 46.74
C GLU IB 376 -6.50 16.65 48.21
N GLU IB 377 -5.48 17.41 48.61
CA GLU IB 377 -5.22 17.50 50.04
C GLU IB 377 -6.39 18.15 50.75
N SER IB 378 -7.11 19.06 50.10
CA SER IB 378 -8.31 19.59 50.72
C SER IB 378 -9.30 18.48 51.02
N GLU IB 379 -9.65 17.66 50.01
CA GLU IB 379 -10.67 16.65 50.31
C GLU IB 379 -10.16 15.59 51.28
N ILE IB 380 -8.87 15.25 51.25
CA ILE IB 380 -8.40 14.24 52.21
C ILE IB 380 -8.44 14.82 53.63
N THR IB 381 -8.16 16.11 53.77
CA THR IB 381 -8.32 16.75 55.08
C THR IB 381 -9.76 16.69 55.55
N LYS IB 382 -10.71 16.92 54.63
CA LYS IB 382 -12.12 16.79 55.02
C LYS IB 382 -12.43 15.38 55.48
N ASN IB 383 -11.93 14.38 54.75
CA ASN IB 383 -12.19 12.99 55.10
C ASN IB 383 -11.60 12.66 56.46
N ASN IB 384 -10.36 13.12 56.73
CA ASN IB 384 -9.73 12.81 58.01
C ASN IB 384 -10.42 13.53 59.16
N VAL IB 385 -10.84 14.78 58.97
CA VAL IB 385 -11.50 15.47 60.08
C VAL IB 385 -12.88 14.89 60.32
N GLU IB 386 -13.49 14.28 59.31
CA GLU IB 386 -14.75 13.59 59.54
C GLU IB 386 -14.53 12.25 60.25
N SER IB 387 -13.49 11.53 59.87
CA SER IB 387 -13.21 10.24 60.49
C SER IB 387 -12.75 10.40 61.93
N VAL IB 388 -11.99 11.45 62.23
CA VAL IB 388 -11.42 11.59 63.57
C VAL IB 388 -12.52 11.79 64.59
N THR IB 389 -13.54 12.58 64.28
CA THR IB 389 -14.74 12.65 65.12
C THR IB 389 -15.98 12.48 64.24
N LYS IB 390 -16.23 11.24 63.85
CA LYS IB 390 -17.55 10.76 63.46
C LYS IB 390 -18.26 10.07 64.62
N ALA IB 391 -17.61 9.11 65.28
CA ALA IB 391 -18.25 8.33 66.33
C ALA IB 391 -17.41 8.22 67.58
N ILE IB 392 -16.29 8.94 67.68
CA ILE IB 392 -15.49 8.91 68.89
C ILE IB 392 -16.24 9.51 70.07
N THR IB 393 -17.25 10.33 69.81
CA THR IB 393 -18.06 10.91 70.87
C THR IB 393 -18.88 9.87 71.63
N GLU IB 394 -18.75 8.59 71.27
CA GLU IB 394 -19.52 7.54 71.91
C GLU IB 394 -18.72 6.70 72.89
N GLN IB 395 -17.39 6.80 72.86
CA GLN IB 395 -16.53 6.01 73.75
C GLN IB 395 -15.52 6.93 74.44
N ILE IB 396 -14.56 6.32 75.13
CA ILE IB 396 -13.65 7.04 76.01
C ILE IB 396 -12.59 7.84 75.27
N ILE IB 397 -12.57 7.79 73.94
CA ILE IB 397 -11.60 8.56 73.17
C ILE IB 397 -11.89 10.04 73.36
N ASP IB 398 -10.99 10.73 74.07
CA ASP IB 398 -11.23 12.09 74.51
C ASP IB 398 -10.47 13.09 73.65
N LEU IB 399 -10.74 14.38 73.87
CA LEU IB 399 -10.08 15.43 73.10
C LEU IB 399 -8.58 15.44 73.34
N GLU IB 400 -8.14 15.03 74.52
CA GLU IB 400 -6.72 14.99 74.85
C GLU IB 400 -5.91 14.18 73.85
N GLU IB 401 -6.47 13.09 73.31
CA GLU IB 401 -5.83 12.36 72.23
C GLU IB 401 -6.37 12.72 70.86
N ALA IB 402 -7.60 13.22 70.78
CA ALA IB 402 -8.16 13.59 69.48
C ALA IB 402 -7.38 14.75 68.85
N ARG IB 403 -6.98 15.73 69.66
CA ARG IB 403 -6.18 16.83 69.14
C ARG IB 403 -4.83 16.34 68.63
N ASP IB 404 -4.22 15.41 69.37
CA ASP IB 404 -2.96 14.83 68.92
C ASP IB 404 -3.15 14.09 67.61
N THR IB 405 -4.25 13.35 67.47
CA THR IB 405 -4.52 12.67 66.21
C THR IB 405 -4.67 13.65 65.06
N LEU IB 406 -5.42 14.73 65.28
CA LEU IB 406 -5.70 15.65 64.18
C LEU IB 406 -4.46 16.45 63.79
N ARG IB 407 -3.58 16.74 64.74
CA ARG IB 407 -2.35 17.46 64.42
C ARG IB 407 -1.19 16.53 64.08
N SER IB 408 -1.36 15.22 64.21
CA SER IB 408 -0.31 14.29 63.80
C SER IB 408 -0.20 14.22 62.29
N ILE IB 409 -1.29 13.85 61.62
CA ILE IB 409 -1.34 13.92 60.16
C ILE IB 409 -1.33 15.40 59.77
N ALA IB 410 -0.20 15.86 59.24
CA ALA IB 410 0.09 17.28 59.07
C ALA IB 410 -1.01 17.98 58.29
N PRO IB 411 -1.84 18.78 58.97
CA PRO IB 411 -2.94 19.46 58.26
C PRO IB 411 -2.58 20.88 57.89
N GLU IB 412 -3.48 21.54 57.18
CA GLU IB 412 -3.42 22.98 57.04
C GLU IB 412 -4.08 23.68 58.22
N PHE IB 413 -4.64 22.93 59.16
CA PHE IB 413 -5.26 23.47 60.36
C PHE IB 413 -4.22 23.44 61.48
N LYS IB 414 -3.65 24.60 61.79
CA LYS IB 414 -2.82 24.66 62.98
C LYS IB 414 -3.70 24.72 64.23
N LEU IB 415 -3.08 24.40 65.37
CA LEU IB 415 -3.82 24.33 66.63
C LEU IB 415 -2.88 24.67 67.76
N LYS IB 416 -3.21 25.71 68.52
CA LYS IB 416 -2.41 26.08 69.67
C LYS IB 416 -2.46 25.00 70.73
N ASP IB 417 -1.29 24.67 71.28
CA ASP IB 417 -1.21 23.64 72.30
C ASP IB 417 -1.94 24.07 73.57
N GLY IB 418 -2.50 23.09 74.27
CA GLY IB 418 -3.29 23.37 75.45
C GLY IB 418 -3.91 22.13 76.03
N ASN IB 419 -5.22 22.19 76.31
CA ASN IB 419 -5.94 21.05 76.88
C ASN IB 419 -6.14 19.94 75.84
N SER JB 37 -45.15 -16.27 -29.20
CA SER JB 37 -46.55 -15.91 -29.43
C SER JB 37 -47.54 -17.09 -29.59
N PRO JB 38 -47.11 -18.23 -30.15
CA PRO JB 38 -48.01 -19.39 -30.15
C PRO JB 38 -48.34 -19.84 -28.73
N LYS JB 39 -49.63 -19.86 -28.42
CA LYS JB 39 -50.11 -20.22 -27.09
C LYS JB 39 -51.18 -21.29 -27.21
N PRO JB 40 -51.15 -22.32 -26.36
CA PRO JB 40 -52.23 -23.30 -26.36
C PRO JB 40 -53.50 -22.68 -25.80
N PHE JB 41 -54.65 -23.30 -26.11
CA PHE JB 41 -55.92 -22.76 -25.62
C PHE JB 41 -56.05 -22.96 -24.12
N PHE JB 42 -55.44 -24.02 -23.59
CA PHE JB 42 -55.49 -24.28 -22.15
C PHE JB 42 -54.26 -23.70 -21.48
N MET JB 43 -54.47 -22.98 -20.38
CA MET JB 43 -53.39 -22.33 -19.63
C MET JB 43 -53.45 -22.81 -18.17
N SER JB 44 -52.80 -23.94 -17.88
CA SER JB 44 -52.74 -24.44 -16.52
C SER JB 44 -51.50 -25.28 -16.27
N ASP JB 45 -50.45 -24.67 -15.71
CA ASP JB 45 -49.25 -25.40 -15.33
C ASP JB 45 -48.44 -24.55 -14.36
N ALA JB 46 -48.29 -25.05 -13.13
CA ALA JB 46 -47.48 -24.36 -12.13
C ALA JB 46 -46.60 -25.34 -11.36
N SER JB 47 -46.90 -26.63 -11.48
CA SER JB 47 -46.23 -27.64 -10.66
C SER JB 47 -44.93 -28.15 -11.29
N TYR JB 48 -44.50 -27.56 -12.41
CA TYR JB 48 -43.38 -28.10 -13.15
C TYR JB 48 -42.07 -28.10 -12.36
N HIS JB 49 -41.76 -27.00 -11.64
CA HIS JB 49 -40.53 -26.93 -10.86
C HIS JB 49 -40.74 -26.58 -9.40
N VAL JB 50 -41.92 -26.13 -8.98
CA VAL JB 50 -42.10 -25.62 -7.62
C VAL JB 50 -41.90 -26.73 -6.59
N GLY JB 51 -42.52 -27.89 -6.82
CA GLY JB 51 -42.35 -29.00 -5.90
C GLY JB 51 -40.92 -29.50 -5.86
N SER JB 52 -40.29 -29.56 -7.03
CA SER JB 52 -38.90 -29.99 -7.10
C SER JB 52 -38.00 -29.07 -6.29
N PHE JB 53 -38.18 -27.77 -6.43
CA PHE JB 53 -37.39 -26.83 -5.64
C PHE JB 53 -37.67 -26.97 -4.15
N TYR JB 54 -38.95 -27.13 -3.78
CA TYR JB 54 -39.26 -27.27 -2.36
C TYR JB 54 -38.58 -28.49 -1.77
N ASN JB 55 -38.67 -29.64 -2.44
CA ASN JB 55 -38.17 -30.88 -1.86
C ASN JB 55 -36.71 -31.15 -2.19
N ASP JB 56 -36.05 -30.25 -2.94
CA ASP JB 56 -34.62 -30.46 -3.20
C ASP JB 56 -33.78 -29.19 -3.06
N ASN JB 57 -34.27 -28.14 -2.41
CA ASN JB 57 -33.47 -26.93 -2.24
C ASN JB 57 -33.74 -26.37 -0.86
N ALA JB 58 -32.73 -26.37 0.01
CA ALA JB 58 -32.92 -25.92 1.39
C ALA JB 58 -33.27 -24.44 1.44
N THR JB 59 -32.73 -23.65 0.52
CA THR JB 59 -33.05 -22.22 0.50
C THR JB 59 -34.54 -22.00 0.26
N ALA JB 60 -35.11 -22.71 -0.70
CA ALA JB 60 -36.56 -22.62 -0.93
C ALA JB 60 -37.34 -23.09 0.28
N LYS JB 61 -36.91 -24.18 0.89
CA LYS JB 61 -37.56 -24.68 2.11
C LYS JB 61 -37.64 -23.59 3.16
N ARG JB 62 -36.50 -22.97 3.48
CA ARG JB 62 -36.49 -21.93 4.50
C ARG JB 62 -37.34 -20.73 4.08
N ILE JB 63 -37.14 -20.25 2.85
CA ILE JB 63 -37.82 -19.03 2.42
C ILE JB 63 -39.33 -19.19 2.40
N VAL JB 64 -39.84 -20.41 2.23
CA VAL JB 64 -41.28 -20.60 2.16
C VAL JB 64 -41.87 -21.11 3.49
N ASP JB 65 -41.08 -21.70 4.37
CA ASP JB 65 -41.62 -22.18 5.64
C ASP JB 65 -41.33 -21.29 6.84
N VAL JB 66 -40.40 -20.33 6.74
CA VAL JB 66 -39.99 -19.59 7.93
C VAL JB 66 -41.14 -18.75 8.47
N ILE JB 67 -41.94 -18.15 7.59
CA ILE JB 67 -42.98 -17.22 8.03
C ILE JB 67 -44.17 -17.93 8.67
N PRO JB 68 -44.89 -18.80 7.96
CA PRO JB 68 -46.18 -19.27 8.50
C PRO JB 68 -46.06 -20.05 9.79
N GLU JB 69 -45.02 -20.86 9.95
CA GLU JB 69 -44.93 -21.72 11.12
C GLU JB 69 -44.63 -20.91 12.38
N GLU JB 70 -43.66 -19.99 12.30
CA GLU JB 70 -43.43 -19.08 13.42
C GLU JB 70 -44.66 -18.21 13.67
N MET JB 71 -45.32 -17.80 12.59
CA MET JB 71 -46.53 -17.00 12.70
C MET JB 71 -47.59 -17.68 13.55
N VAL JB 72 -47.87 -18.94 13.24
CA VAL JB 72 -48.91 -19.66 13.98
C VAL JB 72 -48.45 -19.98 15.39
N THR JB 73 -47.17 -20.33 15.58
CA THR JB 73 -46.68 -20.58 16.93
C THR JB 73 -46.67 -19.34 17.80
N ALA JB 74 -46.69 -18.15 17.21
CA ALA JB 74 -46.76 -16.92 18.00
C ALA JB 74 -48.00 -16.87 18.88
N GLY JB 75 -49.11 -17.45 18.45
CA GLY JB 75 -50.32 -17.51 19.25
C GLY JB 75 -51.18 -16.26 19.17
N PHE JB 76 -52.23 -16.26 19.98
CA PHE JB 76 -53.21 -15.18 20.01
C PHE JB 76 -54.01 -15.31 21.30
N LYS JB 77 -54.81 -14.29 21.59
CA LYS JB 77 -55.70 -14.34 22.75
C LYS JB 77 -57.07 -13.77 22.37
N ILE JB 78 -58.07 -14.14 23.16
CA ILE JB 78 -59.46 -13.84 22.87
C ILE JB 78 -60.04 -13.04 24.03
N SER JB 79 -61.00 -12.17 23.72
CA SER JB 79 -61.71 -11.37 24.71
C SER JB 79 -63.21 -11.54 24.52
N GLY JB 80 -63.93 -11.42 25.62
CA GLY JB 80 -65.35 -11.71 25.65
C GLY JB 80 -65.69 -13.11 26.10
N VAL JB 81 -64.70 -13.95 26.34
CA VAL JB 81 -64.91 -15.32 26.82
C VAL JB 81 -64.86 -15.30 28.34
N LYS JB 82 -65.67 -16.18 28.96
CA LYS JB 82 -65.74 -16.22 30.41
C LYS JB 82 -64.40 -16.55 31.04
N ASP JB 83 -63.75 -17.63 30.58
CA ASP JB 83 -62.50 -18.10 31.17
C ASP JB 83 -61.60 -18.61 30.06
N GLU JB 84 -60.30 -18.70 30.38
CA GLU JB 84 -59.31 -19.20 29.44
C GLU JB 84 -58.80 -20.59 29.77
N LYS JB 85 -59.02 -21.08 30.99
CA LYS JB 85 -58.55 -22.40 31.36
C LYS JB 85 -59.13 -23.46 30.42
N GLU JB 86 -60.45 -23.59 30.41
CA GLU JB 86 -61.11 -24.53 29.51
C GLU JB 86 -60.87 -24.19 28.05
N PHE JB 87 -60.61 -22.92 27.73
CA PHE JB 87 -60.33 -22.54 26.34
C PHE JB 87 -59.04 -23.20 25.85
N LYS JB 88 -57.95 -23.03 26.60
CA LYS JB 88 -56.72 -23.73 26.25
C LYS JB 88 -56.90 -25.24 26.37
N SER JB 89 -57.74 -25.70 27.31
CA SER JB 89 -57.97 -27.13 27.43
C SER JB 89 -58.56 -27.72 26.15
N LEU JB 90 -59.57 -27.05 25.61
CA LEU JB 90 -60.18 -27.55 24.38
C LEU JB 90 -59.25 -27.38 23.18
N TRP JB 91 -58.49 -26.28 23.14
CA TRP JB 91 -57.54 -26.09 22.05
C TRP JB 91 -56.48 -27.19 22.02
N ASP JB 92 -55.83 -27.43 23.16
CA ASP JB 92 -54.79 -28.45 23.20
C ASP JB 92 -55.37 -29.85 23.35
N SER JB 93 -56.69 -29.99 23.44
CA SER JB 93 -57.31 -31.28 23.22
C SER JB 93 -57.47 -31.56 21.72
N TYR JB 94 -57.94 -30.57 20.96
CA TYR JB 94 -58.12 -30.78 19.52
C TYR JB 94 -56.79 -30.92 18.80
N LYS JB 95 -55.85 -30.00 19.03
CA LYS JB 95 -54.50 -30.09 18.47
C LYS JB 95 -54.51 -30.22 16.94
N ILE JB 96 -55.00 -29.16 16.30
CA ILE JB 96 -55.02 -29.10 14.84
C ILE JB 96 -54.00 -28.10 14.29
N ASP JB 97 -53.13 -27.58 15.13
CA ASP JB 97 -52.18 -26.58 14.66
C ASP JB 97 -51.11 -27.09 13.68
N PRO JB 98 -50.65 -28.35 13.70
CA PRO JB 98 -49.76 -28.77 12.61
C PRO JB 98 -50.47 -28.79 11.27
N SER JB 99 -51.76 -29.18 11.30
CA SER JB 99 -52.59 -29.11 10.10
C SER JB 99 -52.72 -27.67 9.61
N LEU JB 100 -52.92 -26.73 10.53
CA LEU JB 100 -52.92 -25.33 10.14
C LEU JB 100 -51.60 -24.92 9.53
N VAL JB 101 -50.49 -25.39 10.12
CA VAL JB 101 -49.15 -25.07 9.61
C VAL JB 101 -49.03 -25.46 8.15
N ASP JB 102 -49.18 -26.76 7.85
CA ASP JB 102 -48.92 -27.18 6.48
C ASP JB 102 -50.03 -26.72 5.54
N ALA JB 103 -51.23 -26.45 6.06
CA ALA JB 103 -52.26 -25.84 5.22
C ALA JB 103 -51.81 -24.47 4.72
N LEU JB 104 -51.38 -23.61 5.64
CA LEU JB 104 -50.89 -22.29 5.24
C LEU JB 104 -49.65 -22.40 4.35
N CYS JB 105 -48.79 -23.36 4.63
CA CYS JB 105 -47.58 -23.54 3.81
C CYS JB 105 -47.94 -23.88 2.37
N TRP JB 106 -48.85 -24.85 2.18
CA TRP JB 106 -49.24 -25.23 0.84
C TRP JB 106 -50.05 -24.12 0.16
N ALA JB 107 -50.81 -23.35 0.92
CA ALA JB 107 -51.49 -22.19 0.34
C ALA JB 107 -50.47 -21.17 -0.16
N ARG JB 108 -49.40 -20.97 0.60
CA ARG JB 108 -48.30 -20.10 0.15
C ARG JB 108 -47.68 -20.62 -1.13
N LEU JB 109 -47.40 -21.92 -1.19
CA LEU JB 109 -46.63 -22.45 -2.32
C LEU JB 109 -47.49 -22.56 -3.58
N TYR JB 110 -48.54 -23.39 -3.52
CA TYR JB 110 -49.29 -23.74 -4.72
C TYR JB 110 -50.25 -22.64 -5.16
N GLY JB 111 -50.44 -21.61 -4.34
CA GLY JB 111 -51.38 -20.56 -4.68
C GLY JB 111 -52.81 -20.84 -4.28
N GLY JB 112 -53.07 -21.92 -3.55
CA GLY JB 112 -54.41 -22.23 -3.12
C GLY JB 112 -54.50 -23.49 -2.28
N ALA JB 113 -55.31 -23.44 -1.22
CA ALA JB 113 -55.53 -24.59 -0.36
C ALA JB 113 -56.94 -24.53 0.19
N ALA JB 114 -57.42 -25.68 0.67
CA ALA JB 114 -58.76 -25.76 1.26
C ALA JB 114 -58.71 -26.63 2.49
N ILE JB 115 -59.58 -26.33 3.46
CA ILE JB 115 -59.72 -27.14 4.66
C ILE JB 115 -61.19 -27.50 4.82
N VAL JB 116 -61.45 -28.77 5.16
CA VAL JB 116 -62.79 -29.27 5.39
C VAL JB 116 -62.91 -29.66 6.86
N ALA JB 117 -63.98 -29.20 7.49
CA ALA JB 117 -64.21 -29.44 8.91
C ALA JB 117 -65.41 -30.38 9.07
N ILE JB 118 -65.15 -31.59 9.52
CA ILE JB 118 -66.20 -32.57 9.77
C ILE JB 118 -66.81 -32.27 11.13
N ILE JB 119 -68.14 -32.15 11.16
CA ILE JB 119 -68.87 -31.74 12.34
C ILE JB 119 -69.79 -32.87 12.77
N ASN JB 120 -69.92 -33.04 14.08
CA ASN JB 120 -70.81 -34.06 14.64
C ASN JB 120 -72.26 -33.57 14.51
N ASP JB 121 -72.84 -33.80 13.35
CA ASP JB 121 -74.22 -33.41 13.09
C ASP JB 121 -74.92 -34.55 12.38
N ASN JB 122 -76.24 -34.61 12.54
CA ASN JB 122 -77.03 -35.68 11.96
C ASN JB 122 -77.54 -35.32 10.57
N ARG JB 123 -76.61 -35.01 9.67
CA ARG JB 123 -76.94 -34.73 8.27
C ARG JB 123 -75.78 -35.15 7.38
N MET JB 124 -76.08 -35.29 6.11
CA MET JB 124 -75.04 -35.46 5.10
C MET JB 124 -74.25 -34.17 4.97
N LEU JB 125 -72.98 -34.31 4.57
CA LEU JB 125 -72.10 -33.15 4.44
C LEU JB 125 -72.44 -32.30 3.21
N THR JB 126 -73.37 -32.75 2.38
CA THR JB 126 -73.79 -31.93 1.24
C THR JB 126 -74.66 -30.76 1.67
N SER JB 127 -75.56 -30.98 2.62
CA SER JB 127 -76.50 -29.94 3.02
C SER JB 127 -75.81 -28.87 3.86
N PRO JB 128 -76.39 -27.66 3.92
CA PRO JB 128 -75.86 -26.63 4.83
C PRO JB 128 -75.98 -27.02 6.29
N VAL JB 129 -75.50 -26.17 7.19
CA VAL JB 129 -75.34 -26.51 8.60
C VAL JB 129 -76.23 -25.61 9.45
N LYS JB 130 -76.96 -26.22 10.39
CA LYS JB 130 -77.64 -25.47 11.43
C LYS JB 130 -76.60 -24.94 12.44
N PRO JB 131 -76.88 -23.83 13.10
CA PRO JB 131 -75.85 -23.21 13.94
C PRO JB 131 -75.57 -24.03 15.19
N GLY JB 132 -74.33 -23.96 15.65
CA GLY JB 132 -73.91 -24.70 16.82
C GLY JB 132 -72.42 -24.55 17.04
N ALA JB 133 -71.97 -25.11 18.16
CA ALA JB 133 -70.56 -25.06 18.58
C ALA JB 133 -70.10 -26.50 18.81
N LYS JB 134 -69.48 -27.09 17.79
CA LYS JB 134 -69.09 -28.49 17.84
C LYS JB 134 -68.21 -28.84 16.65
N LEU JB 135 -67.16 -29.63 16.92
CA LEU JB 135 -66.26 -30.14 15.90
C LEU JB 135 -65.86 -31.56 16.26
N GLU JB 136 -65.41 -32.32 15.26
CA GLU JB 136 -64.74 -33.58 15.50
C GLU JB 136 -63.44 -33.73 14.74
N GLY JB 137 -63.15 -32.84 13.78
CA GLY JB 137 -61.90 -32.91 13.05
C GLY JB 137 -61.89 -31.95 11.89
N VAL JB 138 -60.67 -31.57 11.49
CA VAL JB 138 -60.44 -30.69 10.35
C VAL JB 138 -59.25 -31.24 9.58
N ARG JB 139 -59.37 -31.27 8.25
CA ARG JB 139 -58.29 -31.78 7.42
C ARG JB 139 -58.19 -31.00 6.12
N VAL JB 140 -56.99 -30.98 5.54
CA VAL JB 140 -56.62 -30.01 4.51
C VAL JB 140 -56.27 -30.73 3.22
N TYR JB 141 -56.60 -30.10 2.10
CA TYR JB 141 -56.18 -30.50 0.77
C TYR JB 141 -55.56 -29.29 0.05
N ASP JB 142 -54.69 -29.60 -0.90
CA ASP JB 142 -54.01 -28.54 -1.67
C ASP JB 142 -54.91 -28.10 -2.82
N ARG JB 143 -54.35 -27.30 -3.73
CA ARG JB 143 -55.11 -26.75 -4.84
C ARG JB 143 -55.59 -27.83 -5.80
N PHE JB 144 -54.75 -28.83 -6.07
CA PHE JB 144 -55.03 -29.78 -7.14
C PHE JB 144 -56.23 -30.67 -6.86
N ALA JB 145 -56.49 -30.99 -5.60
CA ALA JB 145 -57.55 -31.95 -5.25
C ALA JB 145 -58.93 -31.32 -5.12
N ILE JB 146 -59.03 -30.00 -5.30
CA ILE JB 146 -60.26 -29.26 -5.07
C ILE JB 146 -60.66 -28.54 -6.35
N THR JB 147 -61.91 -28.70 -6.76
CA THR JB 147 -62.49 -27.96 -7.87
C THR JB 147 -63.88 -27.49 -7.46
N ILE JB 148 -64.58 -26.86 -8.40
CA ILE JB 148 -65.89 -26.28 -8.15
C ILE JB 148 -66.89 -26.88 -9.14
N GLU JB 149 -68.08 -27.21 -8.68
CA GLU JB 149 -69.13 -27.70 -9.59
C GLU JB 149 -70.33 -26.78 -9.66
N LYS JB 150 -70.96 -26.48 -8.53
CA LYS JB 150 -72.19 -25.70 -8.50
C LYS JB 150 -71.86 -24.22 -8.42
N ARG JB 151 -72.28 -23.47 -9.43
CA ARG JB 151 -72.04 -22.04 -9.52
C ARG JB 151 -73.35 -21.30 -9.32
N VAL JB 152 -73.36 -20.37 -8.37
CA VAL JB 152 -74.52 -19.54 -8.06
C VAL JB 152 -74.18 -18.09 -8.36
N THR JB 153 -74.97 -17.46 -9.23
CA THR JB 153 -74.82 -16.05 -9.56
C THR JB 153 -76.09 -15.26 -9.25
N ASN JB 154 -76.84 -15.71 -8.23
CA ASN JB 154 -78.15 -15.14 -7.95
C ASN JB 154 -78.05 -13.67 -7.61
N ALA JB 155 -79.01 -12.88 -8.12
CA ALA JB 155 -78.93 -11.43 -8.01
C ALA JB 155 -79.08 -10.96 -6.57
N ARG JB 156 -80.05 -11.49 -5.84
CA ARG JB 156 -80.32 -10.97 -4.49
C ARG JB 156 -79.16 -11.25 -3.55
N SER JB 157 -78.52 -12.40 -3.66
CA SER JB 157 -77.41 -12.70 -2.78
C SER JB 157 -76.15 -11.98 -3.25
N PRO JB 158 -75.49 -11.22 -2.37
CA PRO JB 158 -74.15 -10.71 -2.67
C PRO JB 158 -73.08 -11.78 -2.69
N ARG JB 159 -73.42 -12.99 -2.26
CA ARG JB 159 -72.57 -14.16 -2.34
C ARG JB 159 -72.34 -14.61 -3.78
N TYR JB 160 -73.10 -14.06 -4.73
CA TYR JB 160 -72.96 -14.45 -6.13
C TYR JB 160 -71.56 -14.16 -6.63
N GLY JB 161 -71.13 -14.93 -7.63
CA GLY JB 161 -69.74 -14.92 -8.04
C GLY JB 161 -68.86 -15.85 -7.25
N GLU JB 162 -69.43 -16.60 -6.31
CA GLU JB 162 -68.70 -17.54 -5.49
C GLU JB 162 -69.32 -18.93 -5.64
N PRO JB 163 -68.52 -19.95 -5.95
CA PRO JB 163 -69.08 -21.29 -6.17
C PRO JB 163 -69.78 -21.81 -4.92
N GLU JB 164 -70.84 -22.60 -5.15
CA GLU JB 164 -71.64 -23.07 -4.02
C GLU JB 164 -71.16 -24.43 -3.52
N ILE JB 165 -70.89 -25.36 -4.44
CA ILE JB 165 -70.50 -26.72 -4.08
C ILE JB 165 -69.15 -27.04 -4.70
N TYR JB 166 -68.27 -27.66 -3.91
CA TYR JB 166 -66.92 -27.99 -4.33
C TYR JB 166 -66.76 -29.50 -4.43
N LYS JB 167 -65.88 -29.92 -5.33
CA LYS JB 167 -65.57 -31.32 -5.56
C LYS JB 167 -64.17 -31.61 -5.03
N VAL JB 168 -64.05 -32.59 -4.14
CA VAL JB 168 -62.77 -33.04 -3.63
C VAL JB 168 -62.51 -34.43 -4.17
N SER JB 169 -61.30 -34.62 -4.71
CA SER JB 169 -60.85 -35.91 -5.21
C SER JB 169 -59.48 -36.19 -4.60
N PRO JB 170 -59.44 -36.59 -3.33
CA PRO JB 170 -58.15 -36.83 -2.66
C PRO JB 170 -57.32 -37.92 -3.31
N GLY JB 171 -57.98 -38.89 -3.92
CA GLY JB 171 -57.31 -40.03 -4.50
C GLY JB 171 -57.36 -41.23 -3.59
N ASP JB 172 -56.21 -41.86 -3.36
CA ASP JB 172 -56.06 -43.01 -2.46
C ASP JB 172 -57.25 -43.97 -2.55
N ASN JB 173 -57.61 -44.31 -3.79
CA ASN JB 173 -58.69 -45.24 -4.13
C ASN JB 173 -59.95 -45.07 -3.30
N ILE JB 174 -60.32 -43.83 -2.99
CA ILE JB 174 -61.59 -43.52 -2.34
C ILE JB 174 -62.36 -42.57 -3.24
N GLN JB 175 -63.68 -42.76 -3.30
CA GLN JB 175 -64.49 -42.04 -4.27
C GLN JB 175 -64.51 -40.54 -3.97
N PRO JB 176 -64.34 -39.69 -4.98
CA PRO JB 176 -64.44 -38.25 -4.76
C PRO JB 176 -65.84 -37.86 -4.31
N TYR JB 177 -65.92 -36.76 -3.55
CA TYR JB 177 -67.21 -36.32 -3.01
C TYR JB 177 -67.30 -34.79 -3.08
N LEU JB 178 -68.45 -34.26 -2.67
CA LEU JB 178 -68.76 -32.85 -2.86
C LEU JB 178 -69.31 -32.22 -1.58
N ILE JB 179 -68.98 -30.95 -1.39
CA ILE JB 179 -69.15 -30.26 -0.12
C ILE JB 179 -69.85 -28.93 -0.36
N HIS JB 180 -70.76 -28.57 0.54
CA HIS JB 180 -71.33 -27.24 0.56
C HIS JB 180 -70.29 -26.22 1.02
N HIS JB 181 -70.46 -24.98 0.58
CA HIS JB 181 -69.46 -23.95 0.83
C HIS JB 181 -69.27 -23.68 2.32
N THR JB 182 -70.37 -23.65 3.09
CA THR JB 182 -70.28 -23.24 4.48
C THR JB 182 -69.38 -24.15 5.29
N ARG JB 183 -69.15 -25.38 4.81
CA ARG JB 183 -68.31 -26.31 5.55
C ARG JB 183 -66.83 -26.09 5.25
N ILE JB 184 -66.51 -25.50 4.11
CA ILE JB 184 -65.14 -25.44 3.62
C ILE JB 184 -64.68 -23.98 3.58
N PHE JB 185 -63.37 -23.80 3.69
CA PHE JB 185 -62.72 -22.50 3.58
C PHE JB 185 -61.57 -22.62 2.60
N ILE JB 186 -61.41 -21.60 1.76
CA ILE JB 186 -60.37 -21.57 0.74
C ILE JB 186 -59.38 -20.46 1.10
N ALA JB 187 -58.09 -20.77 1.01
CA ALA JB 187 -57.02 -19.83 1.26
C ALA JB 187 -56.23 -19.62 -0.03
N ASP JB 188 -56.05 -18.36 -0.40
CA ASP JB 188 -55.35 -17.98 -1.61
C ASP JB 188 -53.91 -17.57 -1.29
N GLY JB 189 -53.12 -17.35 -2.33
CA GLY JB 189 -51.73 -16.98 -2.16
C GLY JB 189 -51.51 -15.49 -2.09
N GLU JB 190 -50.75 -14.95 -3.02
CA GLU JB 190 -50.45 -13.52 -3.04
C GLU JB 190 -51.23 -12.82 -4.14
N ARG JB 191 -51.09 -11.50 -4.18
CA ARG JB 191 -51.87 -10.66 -5.06
C ARG JB 191 -51.39 -10.75 -6.50
N VAL JB 192 -52.33 -10.68 -7.44
CA VAL JB 192 -52.05 -10.78 -8.86
C VAL JB 192 -53.13 -10.03 -9.62
N THR JB 193 -52.81 -9.64 -10.85
CA THR JB 193 -53.73 -8.87 -11.67
C THR JB 193 -55.01 -9.64 -11.92
N PRO JB 194 -56.15 -8.95 -12.09
CA PRO JB 194 -57.41 -9.66 -12.34
C PRO JB 194 -57.39 -10.52 -13.59
N GLN JB 195 -56.66 -10.10 -14.62
CA GLN JB 195 -56.57 -10.90 -15.84
C GLN JB 195 -55.92 -12.25 -15.58
N MET JB 196 -54.94 -12.33 -14.69
CA MET JB 196 -54.36 -13.59 -14.28
C MET JB 196 -55.19 -14.32 -13.24
N ARG JB 197 -55.91 -13.59 -12.40
CA ARG JB 197 -56.77 -14.25 -11.41
C ARG JB 197 -57.90 -15.01 -12.08
N LYS JB 198 -58.54 -14.38 -13.08
CA LYS JB 198 -59.56 -15.09 -13.84
C LYS JB 198 -58.94 -16.21 -14.67
N GLN JB 199 -57.68 -16.04 -15.08
CA GLN JB 199 -56.97 -17.08 -15.81
C GLN JB 199 -56.74 -18.32 -14.96
N ASN JB 200 -56.39 -18.14 -13.69
CA ASN JB 200 -56.11 -19.23 -12.77
C ASN JB 200 -57.34 -19.65 -11.97
N GLN JB 201 -58.54 -19.44 -12.50
CA GLN JB 201 -59.79 -19.81 -11.83
C GLN JB 201 -59.88 -19.19 -10.44
N GLY JB 202 -59.60 -17.88 -10.36
CA GLY JB 202 -59.66 -17.19 -9.09
C GLY JB 202 -58.64 -17.69 -8.08
N TRP JB 203 -57.41 -17.92 -8.52
CA TRP JB 203 -56.36 -18.42 -7.64
C TRP JB 203 -55.07 -17.66 -7.91
N GLY JB 204 -54.28 -17.48 -6.87
CA GLY JB 204 -53.07 -16.70 -6.97
C GLY JB 204 -51.93 -17.40 -7.69
N ALA JB 205 -50.71 -16.92 -7.50
CA ALA JB 205 -49.53 -17.49 -8.13
C ALA JB 205 -48.59 -18.04 -7.06
N SER JB 206 -47.56 -18.73 -7.51
CA SER JB 206 -46.56 -19.26 -6.59
C SER JB 206 -45.68 -18.13 -6.06
N VAL JB 207 -45.30 -18.23 -4.79
CA VAL JB 207 -44.42 -17.24 -4.20
C VAL JB 207 -43.05 -17.26 -4.88
N LEU JB 208 -42.62 -18.41 -5.40
CA LEU JB 208 -41.35 -18.52 -6.09
C LEU JB 208 -41.54 -18.08 -7.53
N ASN JB 209 -41.32 -16.79 -7.77
CA ASN JB 209 -41.39 -16.24 -9.11
C ASN JB 209 -40.09 -16.55 -9.87
N LYS JB 210 -40.14 -16.39 -11.20
CA LYS JB 210 -39.02 -16.77 -12.03
C LYS JB 210 -37.77 -15.96 -11.72
N SER JB 211 -37.92 -14.70 -11.33
CA SER JB 211 -36.77 -13.89 -10.96
C SER JB 211 -36.08 -14.47 -9.73
N LEU JB 212 -36.85 -14.82 -8.71
CA LEU JB 212 -36.26 -15.45 -7.53
C LEU JB 212 -35.66 -16.80 -7.88
N ILE JB 213 -36.31 -17.54 -8.78
CA ILE JB 213 -35.84 -18.87 -9.16
C ILE JB 213 -34.47 -18.79 -9.81
N ASP JB 214 -34.32 -17.95 -10.83
CA ASP JB 214 -33.03 -17.92 -11.50
C ASP JB 214 -31.96 -17.18 -10.70
N ALA JB 215 -32.36 -16.22 -9.86
CA ALA JB 215 -31.41 -15.64 -8.93
C ALA JB 215 -30.87 -16.71 -7.98
N ILE JB 216 -31.73 -17.63 -7.54
CA ILE JB 216 -31.24 -18.73 -6.73
C ILE JB 216 -30.31 -19.63 -7.52
N CYS JB 217 -30.70 -20.00 -8.74
CA CYS JB 217 -29.95 -21.05 -9.44
C CYS JB 217 -28.55 -20.58 -9.81
N ASP JB 218 -28.40 -19.32 -10.25
CA ASP JB 218 -27.07 -18.90 -10.70
C ASP JB 218 -26.06 -18.82 -9.55
N TYR JB 219 -26.54 -18.74 -8.31
CA TYR JB 219 -25.62 -18.71 -7.16
C TYR JB 219 -24.83 -20.00 -7.07
N ASP JB 220 -25.47 -21.14 -7.32
CA ASP JB 220 -24.77 -22.41 -7.32
C ASP JB 220 -23.75 -22.48 -8.46
N TYR JB 221 -24.11 -21.95 -9.62
CA TYR JB 221 -23.16 -21.85 -10.73
C TYR JB 221 -21.94 -21.05 -10.33
N CYS JB 222 -22.16 -19.94 -9.61
CA CYS JB 222 -21.04 -19.13 -9.13
C CYS JB 222 -20.18 -19.91 -8.14
N GLU JB 223 -20.81 -20.68 -7.25
CA GLU JB 223 -20.02 -21.47 -6.30
C GLU JB 223 -19.15 -22.50 -7.03
N SER JB 224 -19.71 -23.17 -8.03
CA SER JB 224 -18.93 -24.14 -8.79
C SER JB 224 -17.78 -23.46 -9.51
N LEU JB 225 -18.03 -22.28 -10.10
CA LEU JB 225 -16.94 -21.55 -10.74
C LEU JB 225 -15.86 -21.16 -9.74
N ALA JB 226 -16.25 -20.81 -8.51
CA ALA JB 226 -15.28 -20.50 -7.48
C ALA JB 226 -14.42 -21.72 -7.15
N THR JB 227 -15.05 -22.89 -7.08
CA THR JB 227 -14.29 -24.11 -6.87
C THR JB 227 -13.28 -24.34 -7.99
N GLN JB 228 -13.70 -24.11 -9.24
CA GLN JB 228 -12.76 -24.25 -10.35
C GLN JB 228 -11.62 -23.25 -10.26
N ILE JB 229 -11.92 -22.01 -9.87
CA ILE JB 229 -10.87 -21.01 -9.70
C ILE JB 229 -9.86 -21.47 -8.66
N LEU JB 230 -10.33 -22.00 -7.54
CA LEU JB 230 -9.41 -22.53 -6.54
C LEU JB 230 -8.59 -23.69 -7.09
N ARG JB 231 -9.21 -24.57 -7.88
CA ARG JB 231 -8.49 -25.72 -8.42
C ARG JB 231 -7.40 -25.30 -9.40
N ARG JB 232 -7.61 -24.22 -10.13
CA ARG JB 232 -6.69 -23.83 -11.19
C ARG JB 232 -5.66 -22.80 -10.74
N LYS JB 233 -5.21 -22.85 -9.47
CA LYS JB 233 -4.25 -21.86 -9.00
C LYS JB 233 -2.86 -22.07 -9.62
N GLN JB 234 -2.43 -23.33 -9.73
CA GLN JB 234 -1.09 -23.65 -10.20
C GLN JB 234 -1.19 -24.63 -11.36
N GLN JB 235 -0.27 -24.53 -12.31
CA GLN JB 235 -0.18 -25.48 -13.41
C GLN JB 235 1.27 -25.65 -13.84
N ALA JB 236 1.73 -26.89 -13.87
CA ALA JB 236 3.09 -27.20 -14.27
C ALA JB 236 3.11 -27.88 -15.63
N VAL JB 237 3.98 -27.40 -16.51
CA VAL JB 237 4.08 -27.91 -17.87
C VAL JB 237 5.44 -28.56 -18.05
N TRP JB 238 5.45 -29.75 -18.64
CA TRP JB 238 6.64 -30.56 -18.85
C TRP JB 238 6.84 -30.73 -20.35
N LYS JB 239 7.87 -30.07 -20.89
CA LYS JB 239 8.10 -30.00 -22.32
C LYS JB 239 9.24 -30.94 -22.70
N VAL JB 240 8.98 -31.87 -23.62
CA VAL JB 240 9.96 -32.83 -24.09
C VAL JB 240 9.88 -32.90 -25.61
N LYS JB 241 10.91 -32.36 -26.28
CA LYS JB 241 10.95 -32.40 -27.73
C LYS JB 241 10.90 -33.84 -28.22
N GLY JB 242 10.06 -34.08 -29.22
CA GLY JB 242 9.85 -35.41 -29.74
C GLY JB 242 8.79 -36.22 -29.02
N LEU JB 243 8.26 -35.73 -27.89
CA LEU JB 243 7.26 -36.52 -27.17
C LEU JB 243 6.05 -36.82 -28.06
N ALA JB 244 5.81 -36.01 -29.08
CA ALA JB 244 4.64 -36.20 -29.91
C ALA JB 244 4.80 -37.36 -30.88
N GLU JB 245 6.05 -37.77 -31.17
CA GLU JB 245 6.22 -38.75 -32.25
C GLU JB 245 5.92 -40.16 -31.74
N MET JB 246 5.72 -40.32 -30.44
CA MET JB 246 5.39 -41.62 -29.87
C MET JB 246 4.11 -42.17 -30.49
N CYS JB 247 4.08 -43.49 -30.66
CA CYS JB 247 2.88 -44.13 -31.17
C CYS JB 247 1.82 -44.16 -30.08
N ASP JB 248 0.58 -44.38 -30.49
CA ASP JB 248 -0.53 -44.28 -29.55
C ASP JB 248 -0.73 -45.58 -28.77
N ASP JB 249 -1.19 -45.43 -27.52
CA ASP JB 249 -1.57 -46.52 -26.62
C ASP JB 249 -0.54 -47.65 -26.62
N ASP JB 250 0.67 -47.33 -26.16
CA ASP JB 250 1.75 -48.30 -26.09
C ASP JB 250 2.44 -48.24 -24.74
N ASP JB 251 3.11 -49.35 -24.41
CA ASP JB 251 3.77 -49.48 -23.12
C ASP JB 251 4.80 -48.37 -22.90
N ALA JB 252 5.37 -47.85 -23.99
CA ALA JB 252 6.32 -46.74 -23.85
C ALA JB 252 5.66 -45.52 -23.23
N GLN JB 253 4.52 -45.09 -23.80
CA GLN JB 253 3.87 -43.90 -23.26
C GLN JB 253 3.21 -44.20 -21.92
N TYR JB 254 2.78 -45.45 -21.70
CA TYR JB 254 2.29 -45.81 -20.38
C TYR JB 254 3.38 -45.65 -19.32
N ALA JB 255 4.59 -46.15 -19.61
CA ALA JB 255 5.69 -45.98 -18.68
C ALA JB 255 6.03 -44.51 -18.49
N ALA JB 256 5.98 -43.73 -19.57
CA ALA JB 256 6.25 -42.29 -19.46
C ALA JB 256 5.27 -41.62 -18.51
N ARG JB 257 3.97 -41.87 -18.68
CA ARG JB 257 2.99 -41.18 -17.85
C ARG JB 257 3.01 -41.69 -16.41
N LEU JB 258 3.31 -42.98 -16.21
CA LEU JB 258 3.50 -43.46 -14.85
C LEU JB 258 4.65 -42.74 -14.18
N ARG JB 259 5.81 -42.67 -14.85
CA ARG JB 259 6.96 -41.96 -14.31
C ARG JB 259 6.61 -40.52 -13.98
N LEU JB 260 5.81 -39.88 -14.85
CA LEU JB 260 5.31 -38.55 -14.55
C LEU JB 260 4.52 -38.55 -13.25
N ALA JB 261 3.70 -39.58 -13.04
CA ALA JB 261 2.92 -39.65 -11.80
C ALA JB 261 3.82 -39.73 -10.57
N GLN JB 262 4.81 -40.63 -10.57
CA GLN JB 262 5.67 -40.72 -9.38
C GLN JB 262 6.46 -39.44 -9.18
N VAL JB 263 6.96 -38.83 -10.26
CA VAL JB 263 7.76 -37.62 -10.06
C VAL JB 263 6.88 -36.48 -9.55
N ASP JB 264 5.61 -36.46 -9.94
CA ASP JB 264 4.71 -35.43 -9.42
C ASP JB 264 4.40 -35.70 -7.96
N ASP JB 265 4.32 -36.98 -7.56
CA ASP JB 265 3.93 -37.32 -6.21
C ASP JB 265 4.91 -36.84 -5.14
N ASN JB 266 6.21 -36.87 -5.41
CA ASN JB 266 7.23 -36.66 -4.39
C ASN JB 266 7.81 -35.26 -4.37
N SER JB 267 7.22 -34.31 -5.09
CA SER JB 267 7.72 -32.94 -5.06
C SER JB 267 7.37 -32.27 -3.73
N GLY JB 268 8.16 -31.26 -3.38
CA GLY JB 268 7.93 -30.54 -2.14
C GLY JB 268 8.99 -29.48 -1.91
N VAL JB 269 8.93 -28.89 -0.72
CA VAL JB 269 9.87 -27.83 -0.37
C VAL JB 269 11.27 -28.40 -0.15
N GLY JB 270 11.36 -29.50 0.57
CA GLY JB 270 12.63 -30.09 0.96
C GLY JB 270 13.20 -31.10 -0.01
N ARG JB 271 12.69 -31.18 -1.23
CA ARG JB 271 13.16 -32.14 -2.21
C ARG JB 271 13.38 -31.43 -3.54
N ALA JB 272 14.26 -31.99 -4.35
CA ALA JB 272 14.65 -31.40 -5.62
C ALA JB 272 14.37 -32.39 -6.76
N ILE JB 273 14.23 -31.85 -7.96
CA ILE JB 273 13.97 -32.63 -9.16
C ILE JB 273 15.02 -32.30 -10.19
N GLY JB 274 15.67 -33.33 -10.74
CA GLY JB 274 16.64 -33.14 -11.79
C GLY JB 274 16.08 -33.47 -13.16
N ILE JB 275 16.49 -32.67 -14.14
CA ILE JB 275 16.07 -32.85 -15.53
C ILE JB 275 17.27 -32.66 -16.43
N ASP JB 276 17.12 -33.10 -17.69
CA ASP JB 276 18.17 -33.01 -18.69
C ASP JB 276 18.14 -31.64 -19.34
N ALA JB 277 19.33 -31.04 -19.51
CA ALA JB 277 19.39 -29.65 -19.96
C ALA JB 277 18.91 -29.49 -21.39
N GLU JB 278 19.42 -30.30 -22.33
CA GLU JB 278 19.18 -30.04 -23.74
C GLU JB 278 17.73 -30.33 -24.14
N THR JB 279 17.21 -31.49 -23.75
CA THR JB 279 16.03 -32.02 -24.40
C THR JB 279 14.71 -31.78 -23.67
N GLU JB 280 14.74 -31.47 -22.38
CA GLU JB 280 13.50 -31.34 -21.64
C GLU JB 280 13.55 -30.12 -20.73
N GLU JB 281 12.38 -29.53 -20.51
CA GLU JB 281 12.23 -28.42 -19.58
C GLU JB 281 10.99 -28.64 -18.74
N TYR JB 282 10.98 -28.03 -17.56
CA TYR JB 282 9.88 -28.17 -16.60
C TYR JB 282 9.62 -26.79 -16.03
N ASP JB 283 8.48 -26.20 -16.40
CA ASP JB 283 8.14 -24.87 -15.91
C ASP JB 283 6.81 -24.89 -15.17
N VAL JB 284 6.55 -23.82 -14.44
CA VAL JB 284 5.34 -23.70 -13.63
C VAL JB 284 4.76 -22.30 -13.83
N LEU JB 285 3.44 -22.22 -13.86
CA LEU JB 285 2.72 -20.96 -13.99
C LEU JB 285 1.61 -20.90 -12.95
N ASN JB 286 1.26 -19.67 -12.56
CA ASN JB 286 0.34 -19.46 -11.46
C ASN JB 286 -0.59 -18.29 -11.79
N SER JB 287 -1.72 -18.26 -11.09
CA SER JB 287 -2.69 -17.18 -11.20
C SER JB 287 -3.17 -16.81 -9.80
N ASP JB 288 -3.64 -15.58 -9.65
CA ASP JB 288 -4.04 -15.08 -8.35
C ASP JB 288 -5.56 -15.19 -8.18
N ILE JB 289 -5.98 -15.36 -6.93
CA ILE JB 289 -7.39 -15.46 -6.57
C ILE JB 289 -7.70 -14.32 -5.60
N SER JB 290 -8.76 -13.58 -5.89
CA SER JB 290 -9.17 -12.45 -5.07
C SER JB 290 -10.52 -11.95 -5.57
N GLY JB 291 -11.32 -11.42 -4.65
CA GLY JB 291 -12.62 -10.89 -4.98
C GLY JB 291 -13.75 -11.89 -4.93
N VAL JB 292 -13.43 -13.19 -4.95
CA VAL JB 292 -14.50 -14.20 -4.88
C VAL JB 292 -15.33 -14.06 -3.61
N PRO JB 293 -14.74 -13.85 -2.42
CA PRO JB 293 -15.60 -13.73 -1.22
C PRO JB 293 -16.64 -12.63 -1.31
N GLU JB 294 -16.25 -11.40 -1.62
CA GLU JB 294 -17.23 -10.33 -1.64
C GLU JB 294 -18.13 -10.42 -2.86
N PHE JB 295 -17.66 -11.04 -3.94
CA PHE JB 295 -18.55 -11.33 -5.06
C PHE JB 295 -19.70 -12.24 -4.63
N LEU JB 296 -19.37 -13.34 -3.95
CA LEU JB 296 -20.41 -14.25 -3.47
C LEU JB 296 -21.29 -13.56 -2.44
N SER JB 297 -20.71 -12.69 -1.60
CA SER JB 297 -21.51 -11.96 -0.63
C SER JB 297 -22.51 -11.05 -1.32
N SER JB 298 -22.10 -10.39 -2.40
CA SER JB 298 -23.02 -9.55 -3.16
C SER JB 298 -24.13 -10.39 -3.78
N LYS JB 299 -23.81 -11.57 -4.28
CA LYS JB 299 -24.85 -12.46 -4.80
C LYS JB 299 -25.85 -12.82 -3.71
N MET JB 300 -25.36 -13.15 -2.52
CA MET JB 300 -26.24 -13.44 -1.39
C MET JB 300 -27.10 -12.22 -1.05
N ASP JB 301 -26.52 -11.02 -1.14
CA ASP JB 301 -27.28 -9.81 -0.86
C ASP JB 301 -28.41 -9.63 -1.87
N ARG JB 302 -28.15 -9.93 -3.15
CA ARG JB 302 -29.22 -9.88 -4.13
C ARG JB 302 -30.32 -10.86 -3.79
N ILE JB 303 -29.94 -12.08 -3.39
CA ILE JB 303 -30.96 -13.06 -3.00
C ILE JB 303 -31.80 -12.53 -1.85
N VAL JB 304 -31.16 -11.94 -0.84
CA VAL JB 304 -31.88 -11.40 0.32
C VAL JB 304 -32.83 -10.29 -0.11
N SER JB 305 -32.34 -9.38 -0.95
CA SER JB 305 -33.17 -8.25 -1.39
C SER JB 305 -34.39 -8.72 -2.16
N LEU JB 306 -34.21 -9.67 -3.08
CA LEU JB 306 -35.36 -10.19 -3.81
C LEU JB 306 -36.28 -11.02 -2.91
N SER JB 307 -35.74 -11.62 -1.84
CA SER JB 307 -36.57 -12.38 -0.92
C SER JB 307 -37.48 -11.47 -0.12
N GLY JB 308 -36.91 -10.58 0.67
CA GLY JB 308 -37.66 -9.77 1.60
C GLY JB 308 -37.44 -10.11 3.05
N ILE JB 309 -36.81 -11.24 3.36
CA ILE JB 309 -36.37 -11.58 4.70
C ILE JB 309 -34.89 -11.27 4.78
N HIS JB 310 -34.44 -10.80 5.94
CA HIS JB 310 -33.10 -10.22 6.01
C HIS JB 310 -32.10 -11.19 6.63
N GLU JB 311 -30.89 -10.68 6.85
CA GLU JB 311 -29.71 -11.53 7.04
C GLU JB 311 -29.80 -12.38 8.29
N ILE JB 312 -30.14 -11.79 9.43
CA ILE JB 312 -30.03 -12.51 10.69
C ILE JB 312 -31.04 -13.66 10.70
N ILE JB 313 -31.91 -13.71 9.71
CA ILE JB 313 -32.90 -14.77 9.63
C ILE JB 313 -32.70 -15.69 8.42
N ILE JB 314 -31.95 -15.26 7.39
CA ILE JB 314 -31.67 -16.12 6.26
C ILE JB 314 -30.24 -16.66 6.29
N LYS JB 315 -29.25 -15.79 6.46
CA LYS JB 315 -27.86 -16.22 6.54
C LYS JB 315 -27.50 -16.81 7.90
N ASN JB 316 -28.22 -16.43 8.95
CA ASN JB 316 -27.98 -16.91 10.31
C ASN JB 316 -26.56 -16.62 10.78
N LYS JB 317 -26.13 -15.37 10.63
CA LYS JB 317 -24.85 -14.91 11.19
C LYS JB 317 -25.04 -13.51 11.75
N ASN JB 318 -24.43 -13.25 12.91
CA ASN JB 318 -24.43 -11.90 13.45
C ASN JB 318 -23.48 -11.03 12.62
N VAL JB 319 -23.85 -9.75 12.49
CA VAL JB 319 -23.01 -8.82 11.73
C VAL JB 319 -21.68 -8.62 12.43
N GLY JB 320 -21.68 -8.62 13.77
CA GLY JB 320 -20.47 -8.57 14.55
C GLY JB 320 -19.97 -7.19 14.91
N GLY JB 321 -20.11 -6.20 14.01
CA GLY JB 321 -19.60 -4.88 14.28
C GLY JB 321 -20.45 -4.04 15.21
N VAL JB 322 -21.65 -4.49 15.55
CA VAL JB 322 -22.54 -3.74 16.43
C VAL JB 322 -23.07 -4.70 17.50
N SER JB 323 -23.36 -4.15 18.68
CA SER JB 323 -23.79 -4.97 19.79
C SER JB 323 -25.31 -5.16 19.80
N ALA JB 324 -26.06 -4.09 19.62
CA ALA JB 324 -27.51 -4.12 19.79
C ALA JB 324 -28.24 -3.41 18.65
N SER JB 325 -27.88 -3.72 17.41
CA SER JB 325 -28.69 -3.34 16.27
C SER JB 325 -29.49 -4.50 15.69
N GLN JB 326 -29.07 -5.74 15.99
CA GLN JB 326 -29.85 -6.91 15.63
C GLN JB 326 -31.20 -6.93 16.34
N ASN JB 327 -31.34 -6.24 17.48
CA ASN JB 327 -32.67 -6.06 18.05
C ASN JB 327 -33.59 -5.25 17.15
N THR JB 328 -33.09 -4.17 16.56
CA THR JB 328 -33.86 -3.43 15.58
C THR JB 328 -34.13 -4.27 14.33
N ALA JB 329 -33.15 -5.07 13.92
CA ALA JB 329 -33.37 -5.96 12.78
C ALA JB 329 -34.52 -6.94 13.05
N LEU JB 330 -34.50 -7.58 14.22
CA LEU JB 330 -35.56 -8.52 14.56
C LEU JB 330 -36.90 -7.82 14.76
N GLU JB 331 -36.92 -6.58 15.26
CA GLU JB 331 -38.20 -5.90 15.37
C GLU JB 331 -38.76 -5.53 14.00
N THR JB 332 -37.89 -5.17 13.05
CA THR JB 332 -38.37 -4.96 11.68
C THR JB 332 -38.93 -6.24 11.09
N PHE JB 333 -38.26 -7.37 11.35
CA PHE JB 333 -38.78 -8.65 10.91
C PHE JB 333 -40.15 -8.92 11.52
N TYR JB 334 -40.31 -8.62 12.81
CA TYR JB 334 -41.62 -8.81 13.44
C TYR JB 334 -42.67 -7.92 12.81
N LYS JB 335 -42.30 -6.68 12.49
CA LYS JB 335 -43.26 -5.79 11.85
C LYS JB 335 -43.73 -6.35 10.52
N LEU JB 336 -42.80 -6.82 9.68
CA LEU JB 336 -43.20 -7.35 8.38
C LEU JB 336 -44.02 -8.63 8.52
N VAL JB 337 -43.64 -9.52 9.44
CA VAL JB 337 -44.37 -10.77 9.57
C VAL JB 337 -45.76 -10.52 10.13
N ASP JB 338 -45.91 -9.55 11.04
CA ASP JB 338 -47.24 -9.20 11.54
C ASP JB 338 -48.07 -8.55 10.44
N ARG JB 339 -47.44 -7.71 9.61
CA ARG JB 339 -48.16 -7.11 8.49
C ARG JB 339 -48.74 -8.18 7.58
N LYS JB 340 -47.95 -9.19 7.24
CA LYS JB 340 -48.47 -10.24 6.37
C LYS JB 340 -49.43 -11.16 7.11
N ARG JB 341 -49.24 -11.33 8.42
CA ARG JB 341 -50.14 -12.16 9.22
C ARG JB 341 -51.54 -11.60 9.26
N GLU JB 342 -51.67 -10.28 9.45
CA GLU JB 342 -52.98 -9.66 9.52
C GLU JB 342 -53.82 -9.96 8.29
N GLU JB 343 -53.19 -10.11 7.13
CA GLU JB 343 -53.92 -10.41 5.90
C GLU JB 343 -54.54 -11.80 5.94
N ASP JB 344 -53.76 -12.81 6.27
CA ASP JB 344 -54.13 -14.20 6.01
C ASP JB 344 -54.55 -14.98 7.24
N TYR JB 345 -53.87 -14.80 8.39
CA TYR JB 345 -54.18 -15.64 9.55
C TYR JB 345 -55.60 -15.42 10.06
N ARG JB 346 -56.05 -14.17 10.12
CA ARG JB 346 -57.33 -13.87 10.75
C ARG JB 346 -58.51 -14.56 10.08
N PRO JB 347 -58.63 -14.60 8.75
CA PRO JB 347 -59.77 -15.32 8.15
C PRO JB 347 -59.96 -16.74 8.65
N LEU JB 348 -58.86 -17.47 8.90
CA LEU JB 348 -58.97 -18.78 9.53
C LEU JB 348 -59.61 -18.64 10.91
N LEU JB 349 -59.20 -17.62 11.67
CA LEU JB 349 -59.74 -17.43 13.01
C LEU JB 349 -61.25 -17.22 12.97
N GLU JB 350 -61.72 -16.27 12.15
CA GLU JB 350 -63.16 -16.05 12.11
C GLU JB 350 -63.92 -17.11 11.32
N PHE JB 351 -63.22 -18.01 10.62
CA PHE JB 351 -63.91 -19.15 10.03
C PHE JB 351 -64.09 -20.28 11.03
N LEU JB 352 -63.12 -20.51 11.91
CA LEU JB 352 -63.12 -21.71 12.74
C LEU JB 352 -63.63 -21.46 14.15
N LEU JB 353 -63.29 -20.32 14.75
CA LEU JB 353 -63.75 -20.02 16.10
C LEU JB 353 -65.26 -20.06 16.27
N PRO JB 354 -66.08 -19.50 15.37
CA PRO JB 354 -67.54 -19.51 15.61
C PRO JB 354 -68.13 -20.91 15.73
N PHE JB 355 -67.43 -21.94 15.27
CA PHE JB 355 -67.97 -23.29 15.32
C PHE JB 355 -67.59 -24.04 16.60
N ILE JB 356 -66.81 -23.45 17.50
CA ILE JB 356 -66.40 -24.16 18.70
C ILE JB 356 -66.77 -23.39 19.97
N VAL JB 357 -66.86 -22.06 19.87
CA VAL JB 357 -67.18 -21.23 21.02
C VAL JB 357 -68.68 -20.98 21.05
N ASP JB 358 -69.28 -21.14 22.23
CA ASP JB 358 -70.71 -20.93 22.38
C ASP JB 358 -71.05 -19.49 22.74
N GLU JB 359 -70.13 -18.77 23.39
CA GLU JB 359 -70.36 -17.39 23.74
C GLU JB 359 -70.47 -16.54 22.47
N GLN JB 360 -71.33 -15.52 22.54
CA GLN JB 360 -71.79 -14.85 21.32
C GLN JB 360 -70.74 -13.89 20.76
N GLU JB 361 -70.34 -12.88 21.53
CA GLU JB 361 -69.51 -11.80 21.01
C GLU JB 361 -68.08 -11.96 21.53
N TRP JB 362 -67.13 -12.01 20.59
CA TRP JB 362 -65.73 -12.19 20.94
C TRP JB 362 -64.89 -11.23 20.10
N SER JB 363 -63.67 -10.98 20.57
CA SER JB 363 -62.69 -10.21 19.81
C SER JB 363 -61.34 -10.89 19.90
N ILE JB 364 -60.60 -10.85 18.80
CA ILE JB 364 -59.32 -11.53 18.67
C ILE JB 364 -58.21 -10.48 18.75
N GLU JB 365 -57.21 -10.74 19.58
CA GLU JB 365 -56.04 -9.88 19.69
C GLU JB 365 -54.80 -10.74 19.52
N PHE JB 366 -53.73 -10.15 19.01
CA PHE JB 366 -52.52 -10.88 18.69
C PHE JB 366 -51.45 -10.61 19.73
N GLU JB 367 -50.79 -11.68 20.17
CA GLU JB 367 -49.72 -11.56 21.15
C GLU JB 367 -48.64 -10.62 20.60
N PRO JB 368 -48.17 -9.65 21.40
CA PRO JB 368 -47.12 -8.77 20.90
C PRO JB 368 -45.81 -9.52 20.75
N LEU JB 369 -45.42 -9.74 19.49
CA LEU JB 369 -44.37 -10.71 19.15
C LEU JB 369 -43.01 -10.09 19.42
N SER JB 370 -42.49 -10.38 20.62
CA SER JB 370 -41.15 -9.99 21.02
C SER JB 370 -40.77 -10.83 22.23
N VAL JB 371 -39.54 -11.33 22.24
CA VAL JB 371 -39.10 -12.27 23.27
C VAL JB 371 -39.02 -11.58 24.63
N PRO JB 372 -39.82 -12.00 25.60
CA PRO JB 372 -39.63 -11.28 26.87
C PRO JB 372 -38.58 -12.01 27.64
N SER JB 373 -38.30 -11.57 28.86
CA SER JB 373 -37.15 -12.11 29.58
C SER JB 373 -37.33 -11.93 31.06
N LYS JB 374 -36.99 -12.94 31.81
CA LYS JB 374 -37.27 -12.89 33.23
C LYS JB 374 -36.95 -11.59 33.86
N LYS JB 375 -35.71 -11.16 33.76
CA LYS JB 375 -35.43 -9.96 34.55
C LYS JB 375 -36.34 -8.81 34.14
N GLU JB 376 -36.27 -8.40 32.87
CA GLU JB 376 -37.05 -7.26 32.42
C GLU JB 376 -38.54 -7.50 32.58
N GLU JB 377 -38.98 -8.75 32.42
CA GLU JB 377 -40.39 -9.02 32.64
C GLU JB 377 -40.73 -8.98 34.12
N SER JB 378 -39.73 -9.15 34.95
CA SER JB 378 -39.99 -8.96 36.36
C SER JB 378 -40.29 -7.48 36.48
N GLU JB 379 -39.34 -6.64 36.13
CA GLU JB 379 -39.61 -5.20 36.34
C GLU JB 379 -40.92 -4.77 35.69
N ILE JB 380 -41.32 -5.36 34.57
CA ILE JB 380 -42.60 -4.95 33.98
C ILE JB 380 -43.75 -5.37 34.88
N THR JB 381 -43.66 -6.56 35.49
CA THR JB 381 -44.70 -6.98 36.43
C THR JB 381 -44.74 -6.06 37.65
N LYS JB 382 -43.56 -5.68 38.15
CA LYS JB 382 -43.52 -4.73 39.26
C LYS JB 382 -44.19 -3.41 38.89
N ASN JB 383 -43.85 -2.87 37.72
CA ASN JB 383 -44.41 -1.59 37.30
C ASN JB 383 -45.92 -1.69 37.13
N ASN JB 384 -46.41 -2.78 36.53
CA ASN JB 384 -47.85 -2.94 36.37
C ASN JB 384 -48.54 -3.04 37.73
N VAL JB 385 -47.97 -3.82 38.66
CA VAL JB 385 -48.66 -4.03 39.93
C VAL JB 385 -48.67 -2.76 40.77
N GLU JB 386 -47.63 -1.92 40.67
CA GLU JB 386 -47.68 -0.69 41.45
C GLU JB 386 -48.48 0.40 40.74
N SER JB 387 -48.53 0.37 39.41
CA SER JB 387 -49.35 1.34 38.69
C SER JB 387 -50.83 1.04 38.86
N VAL JB 388 -51.20 -0.23 38.93
CA VAL JB 388 -52.62 -0.57 39.02
C VAL JB 388 -53.19 -0.14 40.37
N THR JB 389 -52.42 -0.28 41.45
CA THR JB 389 -52.82 0.30 42.74
C THR JB 389 -51.65 1.07 43.35
N LYS JB 390 -51.42 2.26 42.81
CA LYS JB 390 -50.78 3.36 43.54
C LYS JB 390 -51.75 4.47 43.87
N ALA JB 391 -52.75 4.70 43.02
CA ALA JB 391 -53.66 5.83 43.21
C ALA JB 391 -55.13 5.44 43.10
N ILE JB 392 -55.46 4.18 42.87
CA ILE JB 392 -56.87 3.80 42.76
C ILE JB 392 -57.55 3.76 44.12
N THR JB 393 -56.79 3.83 45.21
CA THR JB 393 -57.39 3.83 46.53
C THR JB 393 -58.21 5.07 46.82
N GLU JB 394 -58.09 6.11 45.99
CA GLU JB 394 -58.74 7.39 46.24
C GLU JB 394 -60.10 7.53 45.58
N GLN JB 395 -60.46 6.67 44.63
CA GLN JB 395 -61.73 6.77 43.93
C GLN JB 395 -62.49 5.46 44.04
N ILE JB 396 -63.57 5.34 43.25
CA ILE JB 396 -64.47 4.20 43.32
C ILE JB 396 -63.92 2.97 42.61
N ILE JB 397 -62.73 3.06 42.01
CA ILE JB 397 -62.14 1.91 41.36
C ILE JB 397 -61.71 0.94 42.45
N ASP JB 398 -62.50 -0.10 42.65
CA ASP JB 398 -62.40 -0.94 43.83
C ASP JB 398 -61.86 -2.33 43.49
N LEU JB 399 -61.89 -3.23 44.48
CA LEU JB 399 -61.13 -4.47 44.42
C LEU JB 399 -61.59 -5.39 43.29
N GLU JB 400 -62.90 -5.50 43.06
CA GLU JB 400 -63.35 -6.50 42.09
C GLU JB 400 -63.00 -6.12 40.67
N GLU JB 401 -62.84 -4.85 40.35
CA GLU JB 401 -62.31 -4.45 39.06
C GLU JB 401 -60.79 -4.37 39.03
N ALA JB 402 -60.17 -4.06 40.17
CA ALA JB 402 -58.71 -4.05 40.22
C ALA JB 402 -58.15 -5.45 39.97
N ARG JB 403 -58.78 -6.47 40.56
CA ARG JB 403 -58.31 -7.84 40.35
C ARG JB 403 -58.47 -8.25 38.88
N ASP JB 404 -59.62 -7.91 38.29
CA ASP JB 404 -59.84 -8.21 36.88
C ASP JB 404 -58.78 -7.53 36.02
N THR JB 405 -58.48 -6.27 36.32
CA THR JB 405 -57.43 -5.57 35.60
C THR JB 405 -56.08 -6.25 35.78
N LEU JB 406 -55.79 -6.71 37.00
CA LEU JB 406 -54.44 -7.20 37.25
C LEU JB 406 -54.19 -8.55 36.58
N ARG JB 407 -55.19 -9.42 36.50
CA ARG JB 407 -54.92 -10.63 35.71
C ARG JB 407 -55.44 -10.53 34.29
N SER JB 408 -55.92 -9.37 33.86
CA SER JB 408 -56.09 -9.14 32.42
C SER JB 408 -54.73 -9.14 31.73
N ILE JB 409 -53.77 -8.44 32.31
CA ILE JB 409 -52.37 -8.53 31.89
C ILE JB 409 -51.77 -9.77 32.56
N ALA JB 410 -51.50 -10.80 31.75
CA ALA JB 410 -51.13 -12.12 32.24
C ALA JB 410 -49.90 -12.07 33.14
N PRO JB 411 -50.07 -12.29 34.44
CA PRO JB 411 -48.91 -12.26 35.35
C PRO JB 411 -48.40 -13.66 35.65
N GLU JB 412 -47.30 -13.75 36.39
CA GLU JB 412 -46.90 -15.00 37.00
C GLU JB 412 -47.66 -15.25 38.30
N PHE JB 413 -48.45 -14.27 38.74
CA PHE JB 413 -49.13 -14.32 40.04
C PHE JB 413 -50.48 -14.98 39.83
N LYS JB 414 -50.61 -16.20 40.34
CA LYS JB 414 -51.89 -16.88 40.26
C LYS JB 414 -52.93 -16.17 41.10
N LEU JB 415 -54.19 -16.45 40.80
CA LEU JB 415 -55.28 -15.82 41.53
C LEU JB 415 -56.52 -16.70 41.44
N LYS JB 416 -56.99 -17.15 42.59
CA LYS JB 416 -58.21 -17.94 42.64
C LYS JB 416 -59.44 -17.04 42.65
N ASP JB 417 -60.48 -17.48 41.95
CA ASP JB 417 -61.66 -16.66 41.79
C ASP JB 417 -62.42 -16.52 43.10
N GLY JB 418 -63.20 -15.45 43.20
CA GLY JB 418 -63.92 -15.15 44.42
C GLY JB 418 -64.69 -13.84 44.33
N ASN JB 419 -64.57 -13.00 45.36
CA ASN JB 419 -65.24 -11.70 45.38
C ASN JB 419 -64.87 -10.85 44.18
N HIS KB 49 -42.73 21.34 -22.52
CA HIS KB 49 -41.33 21.02 -22.33
C HIS KB 49 -41.10 20.70 -20.85
N VAL KB 50 -41.27 21.73 -20.02
CA VAL KB 50 -41.20 21.52 -18.57
C VAL KB 50 -42.27 20.54 -18.13
N GLY KB 51 -43.45 20.60 -18.77
CA GLY KB 51 -44.46 19.58 -18.52
C GLY KB 51 -43.98 18.20 -18.91
N SER KB 52 -43.24 18.11 -20.02
CA SER KB 52 -42.69 16.82 -20.45
C SER KB 52 -41.75 16.27 -19.39
N PHE KB 53 -40.81 17.09 -18.90
CA PHE KB 53 -39.93 16.63 -17.83
C PHE KB 53 -40.70 16.24 -16.59
N TYR KB 54 -41.69 17.04 -16.20
CA TYR KB 54 -42.42 16.75 -14.97
C TYR KB 54 -43.12 15.40 -15.06
N ASN KB 55 -43.90 15.19 -16.12
CA ASN KB 55 -44.69 13.97 -16.19
C ASN KB 55 -43.89 12.78 -16.68
N ASP KB 56 -42.66 13.00 -17.14
CA ASP KB 56 -41.83 11.87 -17.57
C ASP KB 56 -40.83 11.46 -16.49
N ASN KB 57 -39.97 12.38 -16.06
CA ASN KB 57 -38.90 12.05 -15.15
C ASN KB 57 -39.39 12.07 -13.70
N ALA KB 58 -38.72 11.30 -12.85
CA ALA KB 58 -39.13 11.15 -11.46
C ALA KB 58 -38.36 12.05 -10.50
N THR KB 59 -37.09 12.34 -10.78
CA THR KB 59 -36.34 13.23 -9.89
C THR KB 59 -36.92 14.63 -9.90
N ALA KB 60 -37.30 15.13 -11.07
CA ALA KB 60 -37.99 16.42 -11.14
C ALA KB 60 -39.33 16.36 -10.43
N LYS KB 61 -40.04 15.24 -10.59
CA LYS KB 61 -41.28 15.00 -9.86
C LYS KB 61 -41.08 15.22 -8.37
N ARG KB 62 -40.05 14.59 -7.81
CA ARG KB 62 -39.78 14.72 -6.38
C ARG KB 62 -39.42 16.16 -6.02
N ILE KB 63 -38.50 16.76 -6.79
CA ILE KB 63 -38.05 18.11 -6.49
C ILE KB 63 -39.19 19.10 -6.48
N VAL KB 64 -40.18 18.96 -7.37
CA VAL KB 64 -41.31 19.88 -7.40
C VAL KB 64 -42.42 19.49 -6.44
N ASP KB 65 -42.48 18.22 -6.01
CA ASP KB 65 -43.64 17.72 -5.29
C ASP KB 65 -43.44 17.62 -3.79
N VAL KB 66 -42.23 17.30 -3.31
CA VAL KB 66 -42.06 16.91 -1.91
C VAL KB 66 -42.49 18.04 -0.97
N ILE KB 67 -42.31 19.29 -1.37
CA ILE KB 67 -42.57 20.39 -0.46
C ILE KB 67 -44.05 20.68 -0.27
N PRO KB 68 -44.84 20.95 -1.33
CA PRO KB 68 -46.22 21.41 -1.10
C PRO KB 68 -47.09 20.42 -0.33
N GLU KB 69 -46.99 19.12 -0.60
CA GLU KB 69 -47.92 18.18 0.01
C GLU KB 69 -47.62 17.98 1.49
N GLU KB 70 -46.35 17.82 1.86
CA GLU KB 70 -46.01 17.72 3.27
C GLU KB 70 -46.28 19.05 3.98
N MET KB 71 -45.98 20.15 3.29
CA MET KB 71 -46.36 21.48 3.73
C MET KB 71 -47.81 21.54 4.20
N VAL KB 72 -48.74 21.17 3.32
CA VAL KB 72 -50.14 21.29 3.67
C VAL KB 72 -50.54 20.26 4.72
N THR KB 73 -50.07 19.02 4.60
CA THR KB 73 -50.47 17.98 5.54
C THR KB 73 -49.90 18.19 6.94
N ALA KB 74 -48.93 19.09 7.10
CA ALA KB 74 -48.45 19.41 8.44
C ALA KB 74 -49.57 19.89 9.37
N GLY KB 75 -50.56 20.60 8.83
CA GLY KB 75 -51.69 21.06 9.62
C GLY KB 75 -51.47 22.45 10.20
N PHE KB 76 -52.53 22.95 10.84
CA PHE KB 76 -52.52 24.29 11.41
C PHE KB 76 -53.59 24.38 12.49
N LYS KB 77 -53.75 25.59 13.03
CA LYS KB 77 -54.68 25.84 14.11
C LYS KB 77 -55.22 27.27 13.96
N ILE KB 78 -56.44 27.50 14.46
CA ILE KB 78 -57.06 28.81 14.39
C ILE KB 78 -57.39 29.25 15.81
N SER KB 79 -57.30 30.56 16.05
CA SER KB 79 -57.54 31.14 17.35
C SER KB 79 -58.58 32.25 17.25
N GLY KB 80 -59.37 32.40 18.31
CA GLY KB 80 -60.48 33.31 18.33
C GLY KB 80 -61.84 32.66 18.14
N VAL KB 81 -61.87 31.37 17.86
CA VAL KB 81 -63.12 30.64 17.64
C VAL KB 81 -63.54 30.00 18.96
N LYS KB 82 -64.85 29.80 19.14
CA LYS KB 82 -65.35 29.24 20.38
C LYS KB 82 -64.86 27.82 20.61
N ASP KB 83 -64.80 27.01 19.54
CA ASP KB 83 -64.48 25.60 19.68
C ASP KB 83 -63.88 25.08 18.39
N GLU KB 84 -63.25 23.91 18.47
CA GLU KB 84 -62.50 23.36 17.36
C GLU KB 84 -63.15 22.15 16.70
N LYS KB 85 -64.01 21.41 17.40
CA LYS KB 85 -64.59 20.20 16.83
C LYS KB 85 -65.48 20.53 15.64
N GLU KB 86 -66.32 21.56 15.76
CA GLU KB 86 -67.15 21.95 14.62
C GLU KB 86 -66.33 22.52 13.48
N PHE KB 87 -65.23 23.22 13.79
CA PHE KB 87 -64.33 23.69 12.74
C PHE KB 87 -63.75 22.52 11.96
N LYS KB 88 -63.26 21.50 12.66
CA LYS KB 88 -62.74 20.32 11.97
C LYS KB 88 -63.84 19.61 11.19
N SER KB 89 -65.06 19.56 11.73
CA SER KB 89 -66.17 18.93 11.04
C SER KB 89 -66.44 19.61 9.71
N LEU KB 90 -66.57 20.94 9.73
CA LEU KB 90 -66.82 21.65 8.48
C LEU KB 90 -65.61 21.53 7.53
N TRP KB 91 -64.41 21.56 8.08
CA TRP KB 91 -63.20 21.47 7.26
C TRP KB 91 -63.16 20.17 6.48
N ASP KB 92 -63.30 19.03 7.17
CA ASP KB 92 -63.23 17.76 6.48
C ASP KB 92 -64.54 17.37 5.80
N SER KB 93 -65.63 18.11 6.04
CA SER KB 93 -66.81 17.96 5.22
C SER KB 93 -66.64 18.67 3.88
N TYR KB 94 -65.95 19.81 3.88
CA TYR KB 94 -65.67 20.50 2.62
C TYR KB 94 -64.59 19.80 1.83
N LYS KB 95 -63.59 19.24 2.51
CA LYS KB 95 -62.60 18.31 1.95
C LYS KB 95 -62.05 18.79 0.61
N ILE KB 96 -61.34 19.93 0.67
CA ILE KB 96 -60.76 20.53 -0.53
C ILE KB 96 -59.25 20.48 -0.53
N ASP KB 97 -58.64 19.81 0.46
CA ASP KB 97 -57.18 19.84 0.60
C ASP KB 97 -56.41 19.18 -0.54
N PRO KB 98 -56.89 18.15 -1.25
CA PRO KB 98 -56.09 17.68 -2.39
C PRO KB 98 -56.12 18.63 -3.56
N SER KB 99 -57.26 19.31 -3.77
CA SER KB 99 -57.30 20.38 -4.74
C SER KB 99 -56.32 21.49 -4.37
N LEU KB 100 -56.22 21.81 -3.08
CA LEU KB 100 -55.22 22.79 -2.66
C LEU KB 100 -53.80 22.31 -2.95
N VAL KB 101 -53.54 21.03 -2.68
CA VAL KB 101 -52.22 20.46 -2.97
C VAL KB 101 -51.88 20.64 -4.45
N ASP KB 102 -52.82 20.26 -5.32
CA ASP KB 102 -52.59 20.33 -6.75
C ASP KB 102 -52.41 21.78 -7.21
N ALA KB 103 -53.17 22.71 -6.63
CA ALA KB 103 -53.00 24.12 -6.93
C ALA KB 103 -51.58 24.57 -6.61
N LEU KB 104 -51.11 24.24 -5.41
CA LEU KB 104 -49.75 24.63 -5.03
C LEU KB 104 -48.71 24.00 -5.96
N CYS KB 105 -48.89 22.72 -6.30
CA CYS KB 105 -47.92 22.06 -7.16
C CYS KB 105 -47.85 22.72 -8.53
N TRP KB 106 -49.01 23.00 -9.13
CA TRP KB 106 -49.02 23.64 -10.44
C TRP KB 106 -48.48 25.05 -10.40
N ALA KB 107 -48.77 25.80 -9.33
CA ALA KB 107 -48.20 27.14 -9.20
C ALA KB 107 -46.68 27.07 -9.09
N ARG KB 108 -46.17 26.08 -8.34
CA ARG KB 108 -44.73 25.91 -8.23
C ARG KB 108 -44.12 25.55 -9.57
N LEU KB 109 -44.79 24.70 -10.35
CA LEU KB 109 -44.23 24.23 -11.61
C LEU KB 109 -44.26 25.31 -12.67
N TYR KB 110 -45.47 25.75 -13.06
CA TYR KB 110 -45.61 26.64 -14.19
C TYR KB 110 -45.33 28.09 -13.83
N GLY KB 111 -45.24 28.43 -12.55
CA GLY KB 111 -45.05 29.81 -12.14
C GLY KB 111 -46.32 30.56 -11.85
N GLY KB 112 -47.48 29.90 -11.89
CA GLY KB 112 -48.73 30.56 -11.59
C GLY KB 112 -49.93 29.64 -11.66
N ALA KB 113 -50.93 29.90 -10.81
CA ALA KB 113 -52.15 29.11 -10.78
C ALA KB 113 -53.27 29.98 -10.23
N ALA KB 114 -54.51 29.54 -10.48
CA ALA KB 114 -55.68 30.29 -10.06
C ALA KB 114 -56.65 29.37 -9.32
N ILE KB 115 -57.28 29.89 -8.28
CA ILE KB 115 -58.22 29.14 -7.46
C ILE KB 115 -59.53 29.93 -7.41
N VAL KB 116 -60.62 29.28 -7.80
CA VAL KB 116 -61.94 29.89 -7.88
C VAL KB 116 -62.84 29.30 -6.80
N ALA KB 117 -63.53 30.17 -6.07
CA ALA KB 117 -64.45 29.75 -5.01
C ALA KB 117 -65.85 30.23 -5.36
N ILE KB 118 -66.81 29.31 -5.34
CA ILE KB 118 -68.21 29.63 -5.60
C ILE KB 118 -68.94 29.76 -4.26
N ILE KB 119 -69.68 30.85 -4.11
CA ILE KB 119 -70.30 31.21 -2.84
C ILE KB 119 -71.81 31.01 -2.96
N ASN KB 120 -72.42 30.66 -1.83
CA ASN KB 120 -73.88 30.54 -1.73
C ASN KB 120 -74.47 31.94 -1.72
N ASP KB 121 -74.83 32.45 -2.90
CA ASP KB 121 -75.37 33.79 -3.00
C ASP KB 121 -76.26 33.89 -4.23
N ASN KB 122 -77.31 34.69 -4.10
CA ASN KB 122 -78.28 34.88 -5.17
C ASN KB 122 -77.93 36.08 -6.05
N ARG KB 123 -76.72 36.08 -6.60
CA ARG KB 123 -76.28 37.12 -7.52
C ARG KB 123 -75.48 36.48 -8.64
N MET KB 124 -75.38 37.18 -9.76
CA MET KB 124 -74.55 36.72 -10.86
C MET KB 124 -73.08 36.76 -10.45
N LEU KB 125 -72.32 35.81 -10.99
CA LEU KB 125 -70.92 35.63 -10.59
C LEU KB 125 -70.03 36.79 -11.04
N THR KB 126 -70.50 37.64 -11.94
CA THR KB 126 -69.70 38.79 -12.35
C THR KB 126 -69.70 39.88 -11.27
N SER KB 127 -70.79 40.00 -10.52
CA SER KB 127 -70.90 41.04 -9.50
C SER KB 127 -69.97 40.77 -8.34
N PRO KB 128 -69.60 41.81 -7.58
CA PRO KB 128 -68.81 41.58 -6.36
C PRO KB 128 -69.60 40.84 -5.30
N VAL KB 129 -69.00 40.61 -4.14
CA VAL KB 129 -69.58 39.77 -3.09
C VAL KB 129 -69.85 40.63 -1.86
N LYS KB 130 -71.05 40.47 -1.29
CA LYS KB 130 -71.42 41.11 -0.05
C LYS KB 130 -70.80 40.36 1.13
N PRO KB 131 -70.72 41.01 2.30
CA PRO KB 131 -70.18 40.32 3.48
C PRO KB 131 -70.98 39.07 3.82
N GLY KB 132 -70.28 38.05 4.29
CA GLY KB 132 -70.89 36.79 4.66
C GLY KB 132 -69.84 35.72 4.81
N ALA KB 133 -70.29 34.56 5.28
CA ALA KB 133 -69.44 33.39 5.45
C ALA KB 133 -70.11 32.20 4.75
N LYS KB 134 -69.90 32.10 3.44
CA LYS KB 134 -70.50 31.04 2.64
C LYS KB 134 -69.53 30.65 1.53
N LEU KB 135 -69.57 29.36 1.17
CA LEU KB 135 -68.97 28.87 -0.06
C LEU KB 135 -69.43 27.43 -0.26
N GLU KB 136 -69.78 27.09 -1.49
CA GLU KB 136 -70.28 25.76 -1.81
C GLU KB 136 -69.31 24.91 -2.63
N GLY KB 137 -68.14 25.44 -2.99
CA GLY KB 137 -67.19 24.66 -3.75
C GLY KB 137 -66.03 25.50 -4.19
N VAL KB 138 -64.98 24.80 -4.63
CA VAL KB 138 -63.74 25.43 -5.07
C VAL KB 138 -63.17 24.61 -6.22
N ARG KB 139 -62.51 25.29 -7.16
CA ARG KB 139 -61.91 24.65 -8.32
C ARG KB 139 -60.57 25.31 -8.61
N VAL KB 140 -59.72 24.59 -9.33
CA VAL KB 140 -58.34 25.02 -9.60
C VAL KB 140 -58.12 25.06 -11.10
N TYR KB 141 -57.32 26.02 -11.55
CA TYR KB 141 -56.91 26.14 -12.94
C TYR KB 141 -55.43 26.47 -13.03
N ASP KB 142 -54.80 25.99 -14.10
CA ASP KB 142 -53.37 26.12 -14.31
C ASP KB 142 -53.04 27.51 -14.83
N ARG KB 143 -51.80 27.70 -15.30
CA ARG KB 143 -51.33 29.03 -15.66
C ARG KB 143 -51.96 29.52 -16.96
N PHE KB 144 -52.28 28.62 -17.89
CA PHE KB 144 -52.54 29.03 -19.26
C PHE KB 144 -53.97 29.46 -19.50
N ALA KB 145 -54.88 29.25 -18.56
CA ALA KB 145 -56.30 29.46 -18.81
C ALA KB 145 -56.86 30.72 -18.18
N ILE KB 146 -56.03 31.59 -17.61
CA ILE KB 146 -56.50 32.79 -16.92
C ILE KB 146 -55.79 34.00 -17.51
N THR KB 147 -56.58 35.01 -17.88
CA THR KB 147 -56.06 36.21 -18.52
C THR KB 147 -56.75 37.45 -17.95
N ILE KB 148 -56.33 38.60 -18.48
CA ILE KB 148 -56.73 39.93 -18.03
C ILE KB 148 -57.90 40.39 -18.90
N GLU KB 149 -58.88 41.08 -18.30
CA GLU KB 149 -59.92 41.63 -19.18
C GLU KB 149 -59.92 43.17 -19.22
N LYS KB 150 -60.09 43.85 -18.09
CA LYS KB 150 -60.18 45.30 -18.05
C LYS KB 150 -59.34 45.86 -16.92
N ARG KB 151 -58.99 47.15 -17.02
CA ARG KB 151 -58.13 47.82 -16.04
C ARG KB 151 -58.92 48.81 -15.20
N VAL KB 152 -58.69 48.76 -13.89
CA VAL KB 152 -59.13 49.80 -12.96
C VAL KB 152 -57.88 50.52 -12.45
N THR KB 153 -57.85 51.84 -12.65
CA THR KB 153 -56.69 52.65 -12.28
C THR KB 153 -57.14 53.99 -11.68
N ASN KB 154 -58.27 54.01 -10.99
CA ASN KB 154 -58.71 55.22 -10.32
C ASN KB 154 -57.76 55.55 -9.17
N ALA KB 155 -57.38 56.83 -9.07
CA ALA KB 155 -56.37 57.23 -8.11
C ALA KB 155 -56.85 57.05 -6.67
N ARG KB 156 -58.15 57.28 -6.43
CA ARG KB 156 -58.66 57.26 -5.07
C ARG KB 156 -58.47 55.89 -4.42
N SER KB 157 -58.78 54.83 -5.15
CA SER KB 157 -58.64 53.49 -4.60
C SER KB 157 -57.16 53.11 -4.54
N PRO KB 158 -56.77 52.26 -3.58
CA PRO KB 158 -55.44 51.64 -3.63
C PRO KB 158 -55.36 50.44 -4.55
N ARG KB 159 -56.46 50.12 -5.23
CA ARG KB 159 -56.57 48.96 -6.11
C ARG KB 159 -56.16 49.28 -7.54
N TYR KB 160 -55.68 50.49 -7.81
CA TYR KB 160 -55.31 50.86 -9.16
C TYR KB 160 -54.10 50.06 -9.62
N GLY KB 161 -54.10 49.70 -10.90
CA GLY KB 161 -53.06 48.83 -11.44
C GLY KB 161 -53.23 47.37 -11.07
N GLU KB 162 -54.35 47.01 -10.44
CA GLU KB 162 -54.61 45.66 -10.03
C GLU KB 162 -55.81 45.12 -10.81
N PRO KB 163 -55.78 43.86 -11.20
CA PRO KB 163 -56.85 43.32 -12.04
C PRO KB 163 -58.17 43.22 -11.29
N GLU KB 164 -59.21 43.86 -11.84
CA GLU KB 164 -60.54 43.69 -11.31
C GLU KB 164 -61.27 42.53 -11.98
N ILE KB 165 -61.09 42.37 -13.29
CA ILE KB 165 -61.84 41.38 -14.06
C ILE KB 165 -60.87 40.40 -14.73
N TYR KB 166 -61.07 39.12 -14.46
CA TYR KB 166 -60.31 38.04 -15.05
C TYR KB 166 -61.15 37.30 -16.07
N LYS KB 167 -60.51 36.84 -17.13
CA LYS KB 167 -61.14 36.00 -18.14
C LYS KB 167 -60.58 34.60 -18.01
N VAL KB 168 -61.46 33.63 -17.78
CA VAL KB 168 -61.07 32.25 -17.58
C VAL KB 168 -61.63 31.41 -18.72
N SER KB 169 -60.76 30.63 -19.35
CA SER KB 169 -61.10 29.82 -20.51
C SER KB 169 -60.61 28.39 -20.29
N PRO KB 170 -61.31 27.61 -19.46
CA PRO KB 170 -60.88 26.23 -19.21
C PRO KB 170 -60.87 25.38 -20.48
N GLY KB 171 -61.75 25.71 -21.42
CA GLY KB 171 -61.91 24.92 -22.62
C GLY KB 171 -63.12 24.00 -22.53
N ASP KB 172 -62.88 22.70 -22.57
CA ASP KB 172 -63.90 21.66 -22.39
C ASP KB 172 -65.22 22.04 -23.05
N ASN KB 173 -65.12 22.50 -24.31
CA ASN KB 173 -66.24 22.90 -25.15
C ASN KB 173 -67.29 23.74 -24.42
N ILE KB 174 -66.86 24.60 -23.51
CA ILE KB 174 -67.75 25.57 -22.85
C ILE KB 174 -67.20 26.96 -23.11
N GLN KB 175 -68.09 27.95 -23.09
CA GLN KB 175 -67.68 29.31 -23.37
C GLN KB 175 -66.78 29.84 -22.26
N PRO KB 176 -65.65 30.45 -22.59
CA PRO KB 176 -64.87 31.17 -21.58
C PRO KB 176 -65.72 32.27 -20.95
N TYR KB 177 -65.53 32.48 -19.65
CA TYR KB 177 -66.37 33.42 -18.94
C TYR KB 177 -65.50 34.39 -18.13
N LEU KB 178 -66.16 35.30 -17.42
CA LEU KB 178 -65.50 36.41 -16.76
C LEU KB 178 -65.80 36.37 -15.27
N ILE KB 179 -64.80 36.71 -14.46
CA ILE KB 179 -64.90 36.61 -13.02
C ILE KB 179 -64.46 37.93 -12.39
N HIS KB 180 -65.21 38.37 -11.39
CA HIS KB 180 -64.81 39.49 -10.54
C HIS KB 180 -63.58 39.10 -9.71
N HIS KB 181 -62.84 40.13 -9.30
CA HIS KB 181 -61.58 39.90 -8.59
C HIS KB 181 -61.82 39.18 -7.27
N THR KB 182 -62.82 39.62 -6.49
CA THR KB 182 -62.96 39.16 -5.12
C THR KB 182 -63.26 37.66 -5.05
N ARG KB 183 -63.75 37.07 -6.13
CA ARG KB 183 -64.21 35.69 -6.06
C ARG KB 183 -63.07 34.69 -6.10
N ILE KB 184 -61.94 35.05 -6.70
CA ILE KB 184 -60.88 34.07 -6.91
C ILE KB 184 -59.56 34.57 -6.32
N PHE KB 185 -58.64 33.64 -6.13
CA PHE KB 185 -57.31 33.90 -5.61
C PHE KB 185 -56.28 33.43 -6.62
N ILE KB 186 -55.22 34.21 -6.81
CA ILE KB 186 -54.16 33.90 -7.76
C ILE KB 186 -52.88 33.66 -6.97
N ALA KB 187 -52.17 32.58 -7.29
CA ALA KB 187 -50.95 32.21 -6.61
C ALA KB 187 -49.80 32.16 -7.60
N ASP KB 188 -48.63 32.62 -7.16
CA ASP KB 188 -47.44 32.66 -8.00
C ASP KB 188 -46.37 31.71 -7.45
N GLY KB 189 -45.24 31.66 -8.13
CA GLY KB 189 -44.15 30.78 -7.75
C GLY KB 189 -43.01 31.48 -7.06
N GLU KB 190 -41.84 31.50 -7.69
CA GLU KB 190 -40.65 32.14 -7.14
C GLU KB 190 -40.50 33.55 -7.67
N ARG KB 191 -39.92 34.41 -6.84
CA ARG KB 191 -39.73 35.80 -7.22
C ARG KB 191 -38.76 35.91 -8.38
N VAL KB 192 -39.02 36.90 -9.24
CA VAL KB 192 -38.17 37.20 -10.39
C VAL KB 192 -38.02 38.71 -10.47
N THR KB 193 -36.97 39.15 -11.16
CA THR KB 193 -36.70 40.57 -11.31
C THR KB 193 -37.90 41.27 -11.95
N PRO KB 194 -38.17 42.51 -11.57
CA PRO KB 194 -39.37 43.19 -12.11
C PRO KB 194 -39.38 43.29 -13.63
N GLN KB 195 -38.19 43.39 -14.25
CA GLN KB 195 -38.13 43.43 -15.71
C GLN KB 195 -38.69 42.16 -16.35
N MET KB 196 -38.52 41.01 -15.71
CA MET KB 196 -39.15 39.78 -16.17
C MET KB 196 -40.56 39.60 -15.62
N ARG KB 197 -40.85 40.19 -14.46
CA ARG KB 197 -42.20 40.12 -13.90
C ARG KB 197 -43.20 40.80 -14.83
N LYS KB 198 -42.88 42.02 -15.25
CA LYS KB 198 -43.76 42.72 -16.18
C LYS KB 198 -43.79 42.06 -17.55
N GLN KB 199 -42.70 41.36 -17.92
CA GLN KB 199 -42.66 40.69 -19.20
C GLN KB 199 -43.50 39.42 -19.22
N ASN KB 200 -43.60 38.72 -18.09
CA ASN KB 200 -44.43 37.53 -17.96
C ASN KB 200 -45.82 37.84 -17.41
N GLN KB 201 -46.35 39.03 -17.72
CA GLN KB 201 -47.69 39.44 -17.27
C GLN KB 201 -47.83 39.35 -15.76
N GLY KB 202 -46.82 39.81 -15.04
CA GLY KB 202 -46.88 39.86 -13.59
C GLY KB 202 -47.01 38.51 -12.93
N TRP KB 203 -46.36 37.49 -13.49
CA TRP KB 203 -46.56 36.11 -13.05
C TRP KB 203 -45.20 35.47 -12.78
N GLY KB 204 -45.18 34.56 -11.81
CA GLY KB 204 -43.94 34.01 -11.31
C GLY KB 204 -43.16 33.16 -12.30
N ALA KB 205 -42.04 32.60 -11.83
CA ALA KB 205 -41.13 31.84 -12.69
C ALA KB 205 -41.11 30.39 -12.25
N SER KB 206 -40.78 29.52 -13.19
CA SER KB 206 -40.75 28.09 -12.92
C SER KB 206 -39.61 27.74 -11.97
N VAL KB 207 -39.86 26.78 -11.09
CA VAL KB 207 -38.81 26.29 -10.21
C VAL KB 207 -37.72 25.57 -10.99
N LEU KB 208 -38.05 25.00 -12.15
CA LEU KB 208 -37.10 24.23 -12.94
C LEU KB 208 -36.35 25.17 -13.87
N ASN KB 209 -35.27 25.76 -13.36
CA ASN KB 209 -34.43 26.63 -14.16
C ASN KB 209 -33.56 25.82 -15.11
N LYS KB 210 -32.89 26.53 -16.02
CA LYS KB 210 -32.07 25.86 -17.02
C LYS KB 210 -30.90 25.11 -16.39
N SER KB 211 -30.28 25.72 -15.38
CA SER KB 211 -29.17 25.07 -14.69
C SER KB 211 -29.61 23.76 -14.04
N LEU KB 212 -30.75 23.79 -13.36
CA LEU KB 212 -31.26 22.57 -12.75
C LEU KB 212 -31.62 21.53 -13.82
N ILE KB 213 -32.20 21.98 -14.94
CA ILE KB 213 -32.59 21.06 -15.99
C ILE KB 213 -31.38 20.34 -16.56
N ASP KB 214 -30.34 21.08 -16.93
CA ASP KB 214 -29.20 20.41 -17.55
C ASP KB 214 -28.37 19.63 -16.53
N ALA KB 215 -28.37 20.07 -15.25
CA ALA KB 215 -27.75 19.27 -14.22
C ALA KB 215 -28.45 17.93 -14.06
N ILE KB 216 -29.79 17.93 -14.12
CA ILE KB 216 -30.52 16.68 -14.10
C ILE KB 216 -30.18 15.84 -15.33
N CYS KB 217 -30.09 16.48 -16.49
CA CYS KB 217 -29.86 15.75 -17.73
C CYS KB 217 -28.51 15.05 -17.73
N ASP KB 218 -27.46 15.72 -17.25
CA ASP KB 218 -26.11 15.16 -17.31
C ASP KB 218 -25.96 13.87 -16.52
N TYR KB 219 -26.76 13.68 -15.46
CA TYR KB 219 -26.67 12.47 -14.66
C TYR KB 219 -26.98 11.23 -15.50
N ASP KB 220 -28.01 11.31 -16.34
CA ASP KB 220 -28.39 10.16 -17.18
C ASP KB 220 -27.28 9.82 -18.16
N TYR KB 221 -26.67 10.85 -18.75
CA TYR KB 221 -25.57 10.60 -19.68
C TYR KB 221 -24.40 9.94 -18.98
N CYS KB 222 -24.09 10.38 -17.76
CA CYS KB 222 -23.03 9.73 -16.99
C CYS KB 222 -23.39 8.28 -16.67
N GLU KB 223 -24.65 8.03 -16.34
CA GLU KB 223 -25.09 6.65 -16.08
C GLU KB 223 -24.87 5.77 -17.30
N SER KB 224 -25.27 6.26 -18.48
CA SER KB 224 -25.05 5.50 -19.70
C SER KB 224 -23.56 5.21 -19.89
N LEU KB 225 -22.73 6.25 -19.83
CA LEU KB 225 -21.30 6.05 -20.03
C LEU KB 225 -20.74 5.05 -19.05
N ALA KB 226 -21.25 5.02 -17.81
CA ALA KB 226 -20.83 3.99 -16.87
C ALA KB 226 -21.22 2.61 -17.37
N THR KB 227 -22.42 2.48 -17.94
CA THR KB 227 -22.84 1.18 -18.44
C THR KB 227 -21.93 0.67 -19.55
N GLN KB 228 -21.63 1.52 -20.55
CA GLN KB 228 -20.74 1.06 -21.60
C GLN KB 228 -19.30 0.91 -21.10
N ILE KB 229 -18.91 1.65 -20.06
CA ILE KB 229 -17.59 1.44 -19.48
C ILE KB 229 -17.50 0.04 -18.89
N LEU KB 230 -18.55 -0.39 -18.18
CA LEU KB 230 -18.57 -1.77 -17.70
C LEU KB 230 -18.56 -2.77 -18.85
N ARG KB 231 -19.34 -2.51 -19.90
CA ARG KB 231 -19.45 -3.48 -20.99
C ARG KB 231 -18.12 -3.63 -21.72
N ARG KB 232 -17.34 -2.55 -21.83
CA ARG KB 232 -16.07 -2.58 -22.55
C ARG KB 232 -14.89 -2.93 -21.66
N LYS KB 233 -15.11 -3.67 -20.56
CA LYS KB 233 -14.01 -3.99 -19.66
C LYS KB 233 -12.97 -4.88 -20.34
N GLN KB 234 -13.41 -5.89 -21.08
CA GLN KB 234 -12.53 -6.90 -21.64
C GLN KB 234 -12.91 -7.16 -23.09
N GLN KB 235 -11.90 -7.37 -23.93
CA GLN KB 235 -12.12 -7.57 -25.36
C GLN KB 235 -11.18 -8.67 -25.86
N ALA KB 236 -11.71 -9.54 -26.73
CA ALA KB 236 -10.93 -10.60 -27.34
C ALA KB 236 -10.76 -10.34 -28.82
N VAL KB 237 -9.53 -10.51 -29.31
CA VAL KB 237 -9.19 -10.23 -30.70
C VAL KB 237 -8.65 -11.50 -31.34
N TRP KB 238 -9.04 -11.74 -32.58
CA TRP KB 238 -8.72 -12.97 -33.29
C TRP KB 238 -8.18 -12.61 -34.67
N LYS KB 239 -6.99 -13.12 -35.00
CA LYS KB 239 -6.28 -12.74 -36.22
C LYS KB 239 -6.04 -13.98 -37.07
N VAL KB 240 -6.41 -13.91 -38.35
CA VAL KB 240 -6.29 -15.03 -39.28
C VAL KB 240 -5.63 -14.55 -40.56
N LYS KB 241 -4.54 -15.20 -40.93
CA LYS KB 241 -3.82 -14.87 -42.17
C LYS KB 241 -4.77 -14.94 -43.35
N GLY KB 242 -4.86 -13.85 -44.09
CA GLY KB 242 -5.68 -13.81 -45.27
C GLY KB 242 -7.17 -13.67 -45.03
N LEU KB 243 -7.61 -13.53 -43.78
CA LEU KB 243 -9.05 -13.43 -43.53
C LEU KB 243 -9.67 -12.25 -44.26
N ALA KB 244 -8.86 -11.26 -44.63
CA ALA KB 244 -9.38 -10.12 -45.37
C ALA KB 244 -9.93 -10.52 -46.73
N GLU KB 245 -9.26 -11.45 -47.42
CA GLU KB 245 -9.62 -11.70 -48.81
C GLU KB 245 -10.93 -12.45 -48.93
N MET KB 246 -11.48 -12.93 -47.82
CA MET KB 246 -12.79 -13.58 -47.85
C MET KB 246 -13.85 -12.64 -48.42
N CYS KB 247 -14.64 -13.17 -49.34
CA CYS KB 247 -15.62 -12.35 -50.04
C CYS KB 247 -16.82 -12.11 -49.15
N ASP KB 248 -17.50 -10.99 -49.37
CA ASP KB 248 -18.57 -10.58 -48.47
C ASP KB 248 -19.82 -11.42 -48.67
N ASP KB 249 -20.58 -11.57 -47.57
CA ASP KB 249 -21.87 -12.27 -47.49
C ASP KB 249 -21.94 -13.51 -48.38
N ASP KB 250 -20.99 -14.42 -48.18
CA ASP KB 250 -21.03 -15.75 -48.76
C ASP KB 250 -21.13 -16.79 -47.66
N ASP KB 251 -21.34 -18.04 -48.08
CA ASP KB 251 -21.45 -19.15 -47.13
C ASP KB 251 -20.19 -19.28 -46.30
N ALA KB 252 -19.03 -18.99 -46.91
CA ALA KB 252 -17.77 -19.04 -46.16
C ALA KB 252 -17.79 -18.05 -44.99
N GLN KB 253 -18.17 -16.80 -45.26
CA GLN KB 253 -18.21 -15.81 -44.20
C GLN KB 253 -19.24 -16.17 -43.13
N TYR KB 254 -20.41 -16.65 -43.55
CA TYR KB 254 -21.44 -17.01 -42.58
C TYR KB 254 -20.98 -18.16 -41.69
N ALA KB 255 -20.35 -19.18 -42.29
CA ALA KB 255 -19.82 -20.28 -41.50
C ALA KB 255 -18.74 -19.80 -40.55
N ALA KB 256 -17.87 -18.90 -41.01
CA ALA KB 256 -16.80 -18.39 -40.15
C ALA KB 256 -17.37 -17.65 -38.95
N ARG KB 257 -18.36 -16.78 -39.16
CA ARG KB 257 -18.89 -16.02 -38.03
C ARG KB 257 -19.70 -16.91 -37.09
N LEU KB 258 -20.40 -17.91 -37.63
CA LEU KB 258 -21.08 -18.85 -36.75
C LEU KB 258 -20.09 -19.65 -35.92
N ARG KB 259 -18.99 -20.08 -36.54
CA ARG KB 259 -17.96 -20.80 -35.79
C ARG KB 259 -17.37 -19.92 -34.70
N LEU KB 260 -17.16 -18.63 -35.01
CA LEU KB 260 -16.68 -17.70 -33.99
C LEU KB 260 -17.66 -17.62 -32.83
N ALA KB 261 -18.95 -17.49 -33.12
CA ALA KB 261 -19.94 -17.41 -32.05
C ALA KB 261 -19.93 -18.67 -31.19
N GLN KB 262 -19.89 -19.84 -31.82
CA GLN KB 262 -19.90 -21.08 -31.05
C GLN KB 262 -18.65 -21.21 -30.19
N VAL KB 263 -17.47 -20.90 -30.75
CA VAL KB 263 -16.25 -21.05 -29.98
C VAL KB 263 -16.19 -20.04 -28.84
N ASP KB 264 -16.77 -18.86 -29.04
CA ASP KB 264 -16.77 -17.86 -27.97
C ASP KB 264 -17.75 -18.25 -26.87
N ASP KB 265 -18.87 -18.87 -27.23
CA ASP KB 265 -19.87 -19.22 -26.22
C ASP KB 265 -19.41 -20.34 -25.30
N ASN KB 266 -18.36 -21.06 -25.65
CA ASN KB 266 -17.88 -22.17 -24.84
C ASN KB 266 -16.62 -21.84 -24.05
N SER KB 267 -16.06 -20.65 -24.23
CA SER KB 267 -14.87 -20.28 -23.49
C SER KB 267 -15.20 -20.03 -22.02
N GLY KB 268 -14.20 -20.19 -21.17
CA GLY KB 268 -14.40 -19.99 -19.75
C GLY KB 268 -13.23 -20.54 -18.96
N VAL KB 269 -13.48 -20.75 -17.67
CA VAL KB 269 -12.44 -21.27 -16.79
C VAL KB 269 -12.12 -22.72 -17.10
N GLY KB 270 -13.15 -23.55 -17.25
CA GLY KB 270 -12.97 -24.97 -17.42
C GLY KB 270 -12.86 -25.46 -18.84
N ARG KB 271 -12.74 -24.58 -19.83
CA ARG KB 271 -12.65 -24.96 -21.22
C ARG KB 271 -11.50 -24.22 -21.88
N ALA KB 272 -10.92 -24.85 -22.90
CA ALA KB 272 -9.78 -24.32 -23.61
C ALA KB 272 -10.06 -24.31 -25.10
N ILE KB 273 -9.48 -23.35 -25.80
CA ILE KB 273 -9.65 -23.19 -27.25
C ILE KB 273 -8.32 -23.45 -27.93
N GLY KB 274 -8.34 -24.31 -28.94
CA GLY KB 274 -7.16 -24.54 -29.74
C GLY KB 274 -7.20 -23.74 -31.03
N ILE KB 275 -6.02 -23.21 -31.38
CA ILE KB 275 -5.87 -22.42 -32.60
C ILE KB 275 -4.62 -22.89 -33.32
N ASP KB 276 -4.61 -22.71 -34.64
CA ASP KB 276 -3.46 -23.03 -35.46
C ASP KB 276 -2.33 -22.05 -35.14
N ALA KB 277 -1.12 -22.57 -34.96
CA ALA KB 277 -0.02 -21.73 -34.49
C ALA KB 277 0.48 -20.81 -35.60
N GLU KB 278 0.54 -21.30 -36.83
CA GLU KB 278 1.27 -20.59 -37.88
C GLU KB 278 0.43 -19.48 -38.51
N THR KB 279 -0.90 -19.58 -38.43
CA THR KB 279 -1.75 -18.68 -39.20
C THR KB 279 -2.70 -17.82 -38.37
N GLU KB 280 -2.99 -18.17 -37.13
CA GLU KB 280 -3.98 -17.42 -36.37
C GLU KB 280 -3.52 -17.23 -34.93
N GLU KB 281 -3.96 -16.12 -34.34
CA GLU KB 281 -3.63 -15.79 -32.96
C GLU KB 281 -4.88 -15.25 -32.27
N TYR KB 282 -5.08 -15.68 -31.02
CA TYR KB 282 -6.22 -15.28 -30.22
C TYR KB 282 -5.66 -14.59 -28.98
N ASP KB 283 -5.82 -13.27 -28.92
CA ASP KB 283 -5.29 -12.50 -27.80
C ASP KB 283 -6.43 -11.79 -27.07
N VAL KB 284 -6.12 -11.28 -25.89
CA VAL KB 284 -7.11 -10.62 -25.04
C VAL KB 284 -6.53 -9.31 -24.51
N LEU KB 285 -7.36 -8.27 -24.47
CA LEU KB 285 -7.00 -6.98 -23.91
C LEU KB 285 -8.03 -6.58 -22.87
N ASN KB 286 -7.62 -5.78 -21.90
CA ASN KB 286 -8.50 -5.47 -20.79
C ASN KB 286 -8.14 -4.12 -20.19
N SER KB 287 -9.06 -3.58 -19.40
CA SER KB 287 -8.90 -2.29 -18.75
C SER KB 287 -9.45 -2.37 -17.33
N ASP KB 288 -9.08 -1.38 -16.52
CA ASP KB 288 -9.52 -1.30 -15.14
C ASP KB 288 -10.59 -0.23 -14.98
N ILE KB 289 -11.41 -0.40 -13.95
CA ILE KB 289 -12.45 0.56 -13.60
C ILE KB 289 -12.34 0.85 -12.10
N SER KB 290 -12.36 2.13 -11.75
CA SER KB 290 -12.23 2.56 -10.36
C SER KB 290 -12.55 4.04 -10.27
N GLY KB 291 -13.20 4.43 -9.18
CA GLY KB 291 -13.59 5.81 -8.97
C GLY KB 291 -14.94 6.19 -9.55
N VAL KB 292 -15.54 5.30 -10.34
CA VAL KB 292 -16.85 5.61 -10.93
C VAL KB 292 -17.91 5.84 -9.85
N PRO KB 293 -18.02 5.03 -8.79
CA PRO KB 293 -19.00 5.35 -7.74
C PRO KB 293 -18.81 6.73 -7.13
N GLU KB 294 -17.56 7.16 -6.91
CA GLU KB 294 -17.34 8.48 -6.33
C GLU KB 294 -17.68 9.59 -7.31
N PHE KB 295 -17.39 9.37 -8.60
CA PHE KB 295 -17.84 10.30 -9.63
C PHE KB 295 -19.36 10.46 -9.59
N LEU KB 296 -20.07 9.33 -9.51
CA LEU KB 296 -21.53 9.36 -9.46
C LEU KB 296 -22.02 10.10 -8.22
N SER KB 297 -21.39 9.84 -7.07
CA SER KB 297 -21.76 10.53 -5.85
C SER KB 297 -21.54 12.03 -5.96
N SER KB 298 -20.46 12.43 -6.64
CA SER KB 298 -20.21 13.86 -6.83
C SER KB 298 -21.28 14.50 -7.70
N LYS KB 299 -21.70 13.81 -8.77
CA LYS KB 299 -22.77 14.36 -9.60
C LYS KB 299 -24.06 14.50 -8.80
N MET KB 300 -24.40 13.49 -8.01
CA MET KB 300 -25.57 13.58 -7.15
C MET KB 300 -25.44 14.72 -6.15
N ASP KB 301 -24.24 14.94 -5.61
CA ASP KB 301 -24.04 16.03 -4.67
C ASP KB 301 -24.28 17.38 -5.34
N ARG KB 302 -23.83 17.51 -6.59
CA ARG KB 302 -24.13 18.74 -7.33
C ARG KB 302 -25.63 18.93 -7.48
N ILE KB 303 -26.35 17.86 -7.83
CA ILE KB 303 -27.80 17.95 -7.95
C ILE KB 303 -28.41 18.42 -6.64
N VAL KB 304 -27.99 17.83 -5.53
CA VAL KB 304 -28.52 18.21 -4.21
C VAL KB 304 -28.25 19.67 -3.92
N SER KB 305 -27.00 20.11 -4.09
CA SER KB 305 -26.63 21.47 -3.73
C SER KB 305 -27.38 22.49 -4.56
N LEU KB 306 -27.55 22.22 -5.86
CA LEU KB 306 -28.28 23.17 -6.69
C LEU KB 306 -29.78 23.15 -6.42
N SER KB 307 -30.35 21.98 -6.10
CA SER KB 307 -31.78 21.91 -5.86
C SER KB 307 -32.16 22.60 -4.56
N GLY KB 308 -31.43 22.30 -3.47
CA GLY KB 308 -31.72 22.89 -2.19
C GLY KB 308 -32.44 21.99 -1.19
N ILE KB 309 -32.69 20.73 -1.55
CA ILE KB 309 -33.20 19.73 -0.62
C ILE KB 309 -32.12 18.69 -0.40
N HIS KB 310 -31.92 18.28 0.85
CA HIS KB 310 -30.72 17.55 1.22
C HIS KB 310 -30.90 16.05 0.99
N GLU KB 311 -29.83 15.30 1.32
CA GLU KB 311 -29.67 13.94 0.81
C GLU KB 311 -30.74 12.99 1.35
N ILE KB 312 -31.03 13.03 2.64
CA ILE KB 312 -31.90 12.01 3.21
C ILE KB 312 -33.33 12.22 2.73
N ILE KB 313 -33.54 13.23 1.91
CA ILE KB 313 -34.83 13.44 1.26
C ILE KB 313 -34.77 13.30 -0.25
N ILE KB 314 -33.66 13.67 -0.89
CA ILE KB 314 -33.54 13.60 -2.34
C ILE KB 314 -32.91 12.28 -2.79
N LYS KB 315 -31.76 11.91 -2.24
CA LYS KB 315 -31.25 10.56 -2.41
C LYS KB 315 -31.97 9.57 -1.50
N ASN KB 316 -32.52 10.08 -0.40
CA ASN KB 316 -33.31 9.30 0.54
C ASN KB 316 -32.49 8.09 1.00
N LYS KB 317 -31.41 8.35 1.73
CA LYS KB 317 -30.46 7.33 2.17
C LYS KB 317 -29.81 7.78 3.45
N ASN KB 318 -30.03 7.03 4.53
CA ASN KB 318 -29.39 7.37 5.79
C ASN KB 318 -27.88 7.16 5.69
N VAL KB 319 -27.13 8.09 6.30
CA VAL KB 319 -25.68 8.07 6.18
C VAL KB 319 -25.09 6.84 6.85
N GLY KB 320 -25.64 6.44 7.99
CA GLY KB 320 -25.19 5.26 8.69
C GLY KB 320 -23.97 5.45 9.56
N GLY KB 321 -23.10 6.41 9.24
CA GLY KB 321 -21.91 6.65 10.05
C GLY KB 321 -22.17 7.38 11.35
N VAL KB 322 -23.38 7.89 11.56
CA VAL KB 322 -23.75 8.59 12.78
C VAL KB 322 -25.18 8.20 13.13
N SER KB 323 -25.45 8.13 14.43
CA SER KB 323 -26.75 7.67 14.89
C SER KB 323 -27.80 8.77 14.88
N ALA KB 324 -27.46 9.95 15.39
CA ALA KB 324 -28.45 10.99 15.66
C ALA KB 324 -28.03 12.34 15.09
N SER KB 325 -27.62 12.35 13.82
CA SER KB 325 -27.43 13.61 13.10
C SER KB 325 -28.46 13.81 12.00
N GLN KB 326 -29.08 12.73 11.52
CA GLN KB 326 -30.18 12.88 10.58
C GLN KB 326 -31.35 13.63 11.19
N ASN KB 327 -31.52 13.56 12.51
CA ASN KB 327 -32.53 14.39 13.16
C ASN KB 327 -32.22 15.88 13.01
N THR KB 328 -30.95 16.27 13.15
CA THR KB 328 -30.59 17.67 12.92
C THR KB 328 -30.77 18.06 11.46
N ALA KB 329 -30.41 17.18 10.53
CA ALA KB 329 -30.65 17.47 9.12
C ALA KB 329 -32.14 17.65 8.85
N LEU KB 330 -32.96 16.77 9.43
CA LEU KB 330 -34.40 16.85 9.30
C LEU KB 330 -34.98 18.11 9.95
N GLU KB 331 -34.39 18.58 11.04
CA GLU KB 331 -34.90 19.83 11.62
C GLU KB 331 -34.48 21.03 10.79
N THR KB 332 -33.32 20.99 10.14
CA THR KB 332 -33.01 22.04 9.17
C THR KB 332 -34.01 22.04 8.02
N PHE KB 333 -34.39 20.84 7.57
CA PHE KB 333 -35.43 20.73 6.55
C PHE KB 333 -36.73 21.35 7.03
N TYR KB 334 -37.11 21.08 8.29
CA TYR KB 334 -38.30 21.72 8.84
C TYR KB 334 -38.16 23.23 8.89
N LYS KB 335 -36.98 23.73 9.25
CA LYS KB 335 -36.77 25.17 9.25
C LYS KB 335 -37.05 25.75 7.88
N LEU KB 336 -36.49 25.12 6.83
CA LEU KB 336 -36.67 25.69 5.49
C LEU KB 336 -38.10 25.55 5.00
N VAL KB 337 -38.76 24.43 5.32
CA VAL KB 337 -40.13 24.26 4.83
C VAL KB 337 -41.08 25.21 5.53
N ASP KB 338 -40.87 25.47 6.83
CA ASP KB 338 -41.66 26.49 7.50
C ASP KB 338 -41.36 27.87 6.95
N ARG KB 339 -40.08 28.16 6.68
CA ARG KB 339 -39.68 29.44 6.13
C ARG KB 339 -40.36 29.69 4.79
N LYS KB 340 -40.56 28.64 4.00
CA LYS KB 340 -41.24 28.80 2.71
C LYS KB 340 -42.75 28.77 2.88
N ARG KB 341 -43.26 28.04 3.86
CA ARG KB 341 -44.70 27.97 4.08
C ARG KB 341 -45.25 29.33 4.49
N GLU KB 342 -44.53 30.04 5.36
CA GLU KB 342 -44.99 31.34 5.80
C GLU KB 342 -45.15 32.33 4.65
N GLU KB 343 -44.50 32.07 3.51
CA GLU KB 343 -44.52 33.03 2.41
C GLU KB 343 -45.73 32.82 1.49
N ASP KB 344 -46.17 31.57 1.31
CA ASP KB 344 -47.22 31.29 0.34
C ASP KB 344 -48.47 30.65 0.92
N TYR KB 345 -48.36 29.76 1.91
CA TYR KB 345 -49.55 29.04 2.36
C TYR KB 345 -50.53 29.97 3.07
N ARG KB 346 -50.02 30.89 3.89
CA ARG KB 346 -50.91 31.75 4.68
C ARG KB 346 -51.87 32.56 3.82
N PRO KB 347 -51.45 33.22 2.74
CA PRO KB 347 -52.43 33.95 1.91
C PRO KB 347 -53.62 33.11 1.51
N LEU KB 348 -53.42 31.83 1.24
CA LEU KB 348 -54.54 30.91 1.07
C LEU KB 348 -55.44 30.91 2.30
N LEU KB 349 -54.83 30.93 3.49
CA LEU KB 349 -55.62 30.90 4.72
C LEU KB 349 -56.48 32.15 4.86
N GLU KB 350 -55.89 33.34 4.71
CA GLU KB 350 -56.77 34.50 4.87
C GLU KB 350 -57.62 34.79 3.63
N PHE KB 351 -57.41 34.08 2.53
CA PHE KB 351 -58.38 34.14 1.45
C PHE KB 351 -59.57 33.22 1.68
N LEU KB 352 -59.34 32.07 2.33
CA LEU KB 352 -60.38 31.07 2.50
C LEU KB 352 -61.20 31.27 3.77
N LEU KB 353 -60.54 31.39 4.92
CA LEU KB 353 -61.24 31.39 6.21
C LEU KB 353 -62.31 32.46 6.32
N PRO KB 354 -62.10 33.72 5.92
CA PRO KB 354 -63.17 34.73 6.10
C PRO KB 354 -64.49 34.35 5.44
N PHE KB 355 -64.48 33.41 4.50
CA PHE KB 355 -65.71 32.95 3.89
C PHE KB 355 -66.34 31.77 4.61
N ILE KB 356 -65.77 31.34 5.73
CA ILE KB 356 -66.30 30.19 6.47
C ILE KB 356 -66.58 30.57 7.91
N VAL KB 357 -65.82 31.52 8.44
CA VAL KB 357 -65.94 31.89 9.84
C VAL KB 357 -66.82 33.13 9.96
N ASP KB 358 -67.78 33.07 10.88
CA ASP KB 358 -68.63 34.22 11.17
C ASP KB 358 -68.11 35.01 12.36
N GLU KB 359 -67.26 34.42 13.18
CA GLU KB 359 -66.66 35.13 14.30
C GLU KB 359 -65.75 36.25 13.79
N GLN KB 360 -65.69 37.33 14.56
CA GLN KB 360 -65.13 38.58 14.03
C GLN KB 360 -63.61 38.53 13.93
N GLU KB 361 -62.91 38.41 15.06
CA GLU KB 361 -61.45 38.50 15.08
C GLU KB 361 -60.83 37.14 15.36
N TRP KB 362 -59.91 36.75 14.49
CA TRP KB 362 -59.28 35.43 14.57
C TRP KB 362 -57.86 35.53 14.02
N SER KB 363 -57.04 34.57 14.40
CA SER KB 363 -55.66 34.50 13.95
C SER KB 363 -55.28 33.06 13.63
N ILE KB 364 -54.18 32.90 12.91
CA ILE KB 364 -53.72 31.61 12.43
C ILE KB 364 -52.43 31.25 13.16
N GLU KB 365 -52.39 30.04 13.72
CA GLU KB 365 -51.21 29.52 14.41
C GLU KB 365 -50.73 28.29 13.64
N PHE KB 366 -49.44 28.21 13.40
CA PHE KB 366 -48.87 27.09 12.66
C PHE KB 366 -48.37 26.03 13.62
N GLU KB 367 -48.89 24.82 13.49
CA GLU KB 367 -48.51 23.75 14.40
C GLU KB 367 -47.01 23.48 14.27
N PRO KB 368 -46.27 23.45 15.37
CA PRO KB 368 -44.81 23.25 15.28
C PRO KB 368 -44.45 21.90 14.68
N LEU KB 369 -43.83 21.93 13.50
CA LEU KB 369 -43.52 20.72 12.75
C LEU KB 369 -42.39 19.97 13.44
N SER KB 370 -42.76 18.96 14.22
CA SER KB 370 -41.80 18.07 14.85
C SER KB 370 -42.45 16.70 15.01
N VAL KB 371 -41.72 15.66 14.63
CA VAL KB 371 -42.27 14.30 14.62
C VAL KB 371 -42.60 13.87 16.05
N PRO KB 372 -43.87 13.63 16.33
CA PRO KB 372 -44.16 13.36 17.73
C PRO KB 372 -43.73 11.99 18.16
N SER KB 373 -43.81 11.70 19.45
CA SER KB 373 -43.53 10.36 19.90
C SER KB 373 -44.29 10.18 21.20
N LYS KB 374 -44.74 8.97 21.46
CA LYS KB 374 -45.47 8.71 22.67
C LYS KB 374 -44.62 8.93 23.90
N LYS KB 375 -43.45 8.30 23.98
CA LYS KB 375 -42.75 8.43 25.26
C LYS KB 375 -42.51 9.90 25.65
N GLU KB 376 -41.91 10.66 24.74
CA GLU KB 376 -41.56 12.04 25.09
C GLU KB 376 -42.78 12.91 25.30
N GLU KB 377 -43.86 12.66 24.56
CA GLU KB 377 -45.11 13.37 24.84
C GLU KB 377 -45.72 12.95 26.18
N SER KB 378 -45.55 11.69 26.57
CA SER KB 378 -46.02 11.30 27.90
C SER KB 378 -45.30 12.09 28.98
N GLU KB 379 -43.97 12.14 28.90
CA GLU KB 379 -43.24 12.86 29.94
C GLU KB 379 -43.41 14.37 29.80
N ILE KB 380 -43.69 14.86 28.59
CA ILE KB 380 -44.05 16.26 28.41
C ILE KB 380 -45.36 16.57 29.10
N THR KB 381 -46.36 15.68 28.96
CA THR KB 381 -47.61 15.87 29.67
C THR KB 381 -47.39 15.86 31.17
N LYS KB 382 -46.56 14.95 31.67
CA LYS KB 382 -46.18 15.00 33.08
C LYS KB 382 -45.65 16.38 33.47
N ASN KB 383 -44.62 16.84 32.76
CA ASN KB 383 -43.97 18.08 33.14
C ASN KB 383 -44.95 19.24 33.09
N ASN KB 384 -45.80 19.26 32.07
CA ASN KB 384 -46.65 20.42 31.86
C ASN KB 384 -47.86 20.40 32.80
N VAL KB 385 -48.36 19.22 33.14
CA VAL KB 385 -49.47 19.17 34.10
C VAL KB 385 -48.97 19.49 35.50
N GLU KB 386 -47.73 19.12 35.83
CA GLU KB 386 -47.22 19.54 37.13
C GLU KB 386 -46.87 21.03 37.13
N SER KB 387 -46.47 21.58 35.99
CA SER KB 387 -46.21 23.02 35.94
C SER KB 387 -47.51 23.81 36.05
N VAL KB 388 -48.59 23.35 35.41
CA VAL KB 388 -49.83 24.12 35.41
C VAL KB 388 -50.41 24.20 36.82
N THR KB 389 -50.39 23.10 37.57
CA THR KB 389 -50.78 23.14 38.99
C THR KB 389 -49.73 22.45 39.85
N LYS KB 390 -48.63 23.17 40.08
CA LYS KB 390 -47.76 22.95 41.23
C LYS KB 390 -47.75 24.15 42.16
N ALA KB 391 -47.79 25.37 41.61
CA ALA KB 391 -47.70 26.57 42.43
C ALA KB 391 -48.84 27.56 42.17
N ILE KB 392 -49.95 27.11 41.57
CA ILE KB 392 -51.09 28.01 41.41
C ILE KB 392 -52.02 27.93 42.61
N THR KB 393 -51.66 27.14 43.62
CA THR KB 393 -52.51 26.94 44.78
C THR KB 393 -52.55 28.14 45.72
N GLU KB 394 -51.71 29.16 45.47
CA GLU KB 394 -51.52 30.23 46.44
C GLU KB 394 -51.93 31.61 45.93
N GLN KB 395 -52.18 31.78 44.64
CA GLN KB 395 -52.56 33.07 44.09
C GLN KB 395 -53.94 32.99 43.45
N ILE KB 396 -54.33 34.08 42.78
CA ILE KB 396 -55.68 34.21 42.23
C ILE KB 396 -55.90 33.35 40.99
N ILE KB 397 -54.87 32.62 40.54
CA ILE KB 397 -55.04 31.69 39.43
C ILE KB 397 -55.93 30.53 39.87
N ASP KB 398 -57.15 30.47 39.34
CA ASP KB 398 -58.15 29.52 39.78
C ASP KB 398 -58.49 28.52 38.67
N LEU KB 399 -59.50 27.68 38.96
CA LEU KB 399 -59.79 26.55 38.09
C LEU KB 399 -60.30 26.98 36.73
N GLU KB 400 -61.14 28.02 36.67
CA GLU KB 400 -61.72 28.45 35.41
C GLU KB 400 -60.67 28.88 34.39
N GLU KB 401 -59.49 29.27 34.85
CA GLU KB 401 -58.37 29.62 34.00
C GLU KB 401 -57.36 28.49 33.84
N ALA KB 402 -57.14 27.70 34.90
CA ALA KB 402 -56.24 26.56 34.79
C ALA KB 402 -56.76 25.54 33.80
N ARG KB 403 -58.06 25.25 33.84
CA ARG KB 403 -58.66 24.32 32.88
C ARG KB 403 -58.54 24.85 31.45
N ASP KB 404 -58.74 26.16 31.27
CA ASP KB 404 -58.60 26.75 29.94
C ASP KB 404 -57.18 26.56 29.43
N THR KB 405 -56.19 26.80 30.29
CA THR KB 405 -54.81 26.53 29.91
C THR KB 405 -54.61 25.07 29.56
N LEU KB 406 -55.16 24.16 30.38
CA LEU KB 406 -54.88 22.75 30.22
C LEU KB 406 -55.50 22.18 28.95
N ARG KB 407 -56.62 22.75 28.51
CA ARG KB 407 -57.23 22.32 27.26
C ARG KB 407 -56.80 23.17 26.06
N SER KB 408 -56.10 24.28 26.29
CA SER KB 408 -55.46 24.99 25.18
C SER KB 408 -54.20 24.26 24.74
N ILE KB 409 -53.40 23.81 25.69
CA ILE KB 409 -52.31 22.88 25.44
C ILE KB 409 -52.92 21.54 25.06
N ALA KB 410 -52.75 21.13 23.80
CA ALA KB 410 -53.42 19.95 23.26
C ALA KB 410 -53.02 18.70 24.04
N PRO KB 411 -53.91 18.17 24.88
CA PRO KB 411 -53.55 17.00 25.67
C PRO KB 411 -54.07 15.71 25.04
N GLU KB 412 -53.70 14.58 25.64
CA GLU KB 412 -54.51 13.37 25.51
C GLU KB 412 -55.56 13.28 26.59
N PHE KB 413 -55.65 14.30 27.45
CA PHE KB 413 -56.63 14.38 28.53
C PHE KB 413 -57.85 15.12 28.01
N LYS KB 414 -58.83 14.40 27.49
CA LYS KB 414 -60.08 15.06 27.14
C LYS KB 414 -60.80 15.45 28.42
N LEU KB 415 -61.69 16.44 28.29
CA LEU KB 415 -62.43 16.90 29.46
C LEU KB 415 -63.67 17.65 28.99
N LYS KB 416 -64.80 17.38 29.62
CA LYS KB 416 -66.04 18.06 29.29
C LYS KB 416 -65.95 19.53 29.69
N ASP KB 417 -66.65 20.37 28.94
CA ASP KB 417 -66.74 21.78 29.31
C ASP KB 417 -67.57 21.93 30.57
N GLY KB 418 -67.31 23.01 31.30
CA GLY KB 418 -68.02 23.24 32.54
C GLY KB 418 -67.52 24.44 33.31
N ASN KB 419 -67.31 24.26 34.61
CA ASN KB 419 -66.88 25.34 35.49
C ASN KB 419 -65.50 25.89 35.09
N ALA LB 46 1.45 46.20 -7.72
CA ALA LB 46 0.11 46.15 -8.30
C ALA LB 46 -0.95 46.46 -7.26
N SER LB 47 -1.94 47.26 -7.65
CA SER LB 47 -3.05 47.66 -6.78
C SER LB 47 -2.54 48.34 -5.51
N TYR LB 48 -1.63 49.30 -5.67
CA TYR LB 48 -1.08 50.01 -4.51
C TYR LB 48 -2.15 50.80 -3.77
N HIS LB 49 -3.20 51.25 -4.46
CA HIS LB 49 -4.33 51.90 -3.79
C HIS LB 49 -5.22 50.80 -3.22
N VAL LB 50 -5.17 50.64 -1.89
CA VAL LB 50 -5.82 49.52 -1.24
C VAL LB 50 -7.34 49.59 -1.35
N GLY LB 51 -7.89 50.75 -1.66
CA GLY LB 51 -9.33 50.86 -1.82
C GLY LB 51 -9.86 49.98 -2.93
N SER LB 52 -9.15 49.94 -4.06
CA SER LB 52 -9.55 49.07 -5.17
C SER LB 52 -9.49 47.61 -4.74
N PHE LB 53 -8.43 47.22 -4.03
CA PHE LB 53 -8.34 45.86 -3.52
C PHE LB 53 -9.52 45.52 -2.63
N TYR LB 54 -9.86 46.45 -1.73
CA TYR LB 54 -10.96 46.24 -0.80
C TYR LB 54 -12.29 46.06 -1.53
N ASN LB 55 -12.58 46.91 -2.50
CA ASN LB 55 -13.84 46.83 -3.21
C ASN LB 55 -13.82 45.82 -4.34
N ASP LB 56 -12.68 45.17 -4.58
CA ASP LB 56 -12.59 44.18 -5.63
C ASP LB 56 -12.69 42.77 -5.07
N ASN LB 57 -11.85 42.45 -4.09
CA ASN LB 57 -11.78 41.08 -3.56
C ASN LB 57 -12.60 41.01 -2.28
N ALA LB 58 -13.60 40.11 -2.28
CA ALA LB 58 -14.50 40.01 -1.14
C ALA LB 58 -13.79 39.48 0.10
N THR LB 59 -12.69 38.76 -0.08
CA THR LB 59 -11.97 38.23 1.07
C THR LB 59 -11.44 39.37 1.95
N ALA LB 60 -10.71 40.32 1.35
CA ALA LB 60 -10.21 41.46 2.11
C ALA LB 60 -11.37 42.24 2.72
N LYS LB 61 -12.48 42.32 2.00
CA LYS LB 61 -13.71 42.88 2.58
C LYS LB 61 -14.04 42.21 3.91
N ARG LB 62 -14.04 40.87 3.92
CA ARG LB 62 -14.39 40.16 5.14
C ARG LB 62 -13.38 40.44 6.26
N ILE LB 63 -12.09 40.28 5.97
CA ILE LB 63 -11.09 40.55 7.01
C ILE LB 63 -11.22 41.95 7.58
N VAL LB 64 -11.53 42.94 6.76
CA VAL LB 64 -11.59 44.31 7.27
C VAL LB 64 -12.90 44.65 7.98
N ASP LB 65 -14.02 43.98 7.65
CA ASP LB 65 -15.29 44.42 8.20
C ASP LB 65 -15.93 43.46 9.19
N VAL LB 66 -15.42 42.25 9.39
CA VAL LB 66 -16.07 41.36 10.35
C VAL LB 66 -15.91 41.87 11.78
N ILE LB 67 -14.73 42.38 12.12
CA ILE LB 67 -14.44 42.70 13.53
C ILE LB 67 -15.20 43.93 14.01
N PRO LB 68 -15.01 45.13 13.43
CA PRO LB 68 -15.61 46.33 14.05
C PRO LB 68 -17.13 46.31 14.07
N GLU LB 69 -17.76 45.77 13.03
CA GLU LB 69 -19.20 45.83 12.94
C GLU LB 69 -19.85 44.89 13.95
N GLU LB 70 -19.31 43.68 14.09
CA GLU LB 70 -19.74 42.80 15.17
C GLU LB 70 -19.45 43.42 16.53
N MET LB 71 -18.30 44.09 16.64
CA MET LB 71 -17.92 44.76 17.87
C MET LB 71 -19.02 45.73 18.33
N VAL LB 72 -19.44 46.60 17.43
CA VAL LB 72 -20.46 47.59 17.80
C VAL LB 72 -21.82 46.93 18.00
N THR LB 73 -22.18 45.95 17.17
CA THR LB 73 -23.48 45.31 17.34
C THR LB 73 -23.56 44.45 18.60
N ALA LB 74 -22.42 44.12 19.22
CA ALA LB 74 -22.47 43.37 20.47
C ALA LB 74 -23.23 44.11 21.55
N GLY LB 75 -23.12 45.44 21.62
CA GLY LB 75 -23.83 46.23 22.60
C GLY LB 75 -23.01 46.52 23.84
N PHE LB 76 -23.56 47.37 24.68
CA PHE LB 76 -22.92 47.86 25.89
C PHE LB 76 -24.00 48.25 26.87
N LYS LB 77 -23.61 48.56 28.11
CA LYS LB 77 -24.58 49.06 29.07
C LYS LB 77 -23.93 50.08 29.99
N ILE LB 78 -24.78 50.91 30.58
CA ILE LB 78 -24.34 52.07 31.36
C ILE LB 78 -24.91 51.96 32.77
N SER LB 79 -24.11 52.39 33.75
CA SER LB 79 -24.51 52.38 35.15
C SER LB 79 -24.30 53.77 35.75
N GLY LB 80 -24.95 54.00 36.89
CA GLY LB 80 -24.92 55.29 37.53
C GLY LB 80 -25.97 56.27 37.04
N VAL LB 81 -26.83 55.86 36.13
CA VAL LB 81 -27.90 56.72 35.63
C VAL LB 81 -29.16 56.42 36.43
N LYS LB 82 -30.11 57.36 36.43
CA LYS LB 82 -31.36 57.15 37.14
C LYS LB 82 -32.13 55.98 36.55
N ASP LB 83 -32.11 55.84 35.22
CA ASP LB 83 -32.83 54.79 34.53
C ASP LB 83 -32.17 54.55 33.18
N GLU LB 84 -32.64 53.51 32.48
CA GLU LB 84 -32.07 53.11 31.20
C GLU LB 84 -33.08 53.00 30.06
N LYS LB 85 -34.37 52.92 30.36
CA LYS LB 85 -35.36 52.88 29.28
C LYS LB 85 -35.32 54.16 28.44
N GLU LB 86 -35.32 55.33 29.10
CA GLU LB 86 -35.20 56.57 28.34
C GLU LB 86 -33.83 56.69 27.69
N PHE LB 87 -32.79 56.12 28.30
CA PHE LB 87 -31.48 56.08 27.66
C PHE LB 87 -31.55 55.37 26.31
N LYS LB 88 -32.14 54.17 26.30
CA LYS LB 88 -32.31 53.44 25.05
C LYS LB 88 -33.22 54.17 24.07
N SER LB 89 -34.27 54.81 24.58
CA SER LB 89 -35.17 55.56 23.71
C SER LB 89 -34.45 56.68 23.00
N LEU LB 90 -33.67 57.47 23.73
CA LEU LB 90 -32.89 58.52 23.09
C LEU LB 90 -31.84 57.92 22.15
N TRP LB 91 -31.23 56.81 22.55
CA TRP LB 91 -30.18 56.20 21.75
C TRP LB 91 -30.69 55.81 20.36
N ASP LB 92 -31.78 55.04 20.32
CA ASP LB 92 -32.31 54.67 19.02
C ASP LB 92 -33.11 55.80 18.37
N SER LB 93 -33.41 56.88 19.10
CA SER LB 93 -33.90 58.08 18.44
C SER LB 93 -32.81 58.73 17.61
N TYR LB 94 -31.59 58.84 18.16
CA TYR LB 94 -30.49 59.35 17.35
C TYR LB 94 -30.10 58.38 16.25
N LYS LB 95 -30.08 57.08 16.56
CA LYS LB 95 -29.83 56.00 15.59
C LYS LB 95 -28.66 56.32 14.66
N ILE LB 96 -27.48 56.42 15.25
CA ILE LB 96 -26.26 56.75 14.51
C ILE LB 96 -25.28 55.59 14.46
N ASP LB 97 -25.69 54.39 14.87
CA ASP LB 97 -24.74 53.29 14.86
C ASP LB 97 -24.31 52.83 13.46
N PRO LB 98 -25.08 53.03 12.37
CA PRO LB 98 -24.49 52.69 11.06
C PRO LB 98 -23.35 53.63 10.69
N SER LB 99 -23.51 54.92 11.00
CA SER LB 99 -22.42 55.86 10.81
C SER LB 99 -21.23 55.49 11.68
N LEU LB 100 -21.48 55.03 12.90
CA LEU LB 100 -20.37 54.55 13.74
C LEU LB 100 -19.67 53.36 13.08
N VAL LB 101 -20.44 52.43 12.53
CA VAL LB 101 -19.86 51.27 11.85
C VAL LB 101 -18.95 51.72 10.71
N ASP LB 102 -19.47 52.61 9.86
CA ASP LB 102 -18.67 53.07 8.72
C ASP LB 102 -17.43 53.82 9.17
N ALA LB 103 -17.54 54.65 10.22
CA ALA LB 103 -16.37 55.35 10.73
C ALA LB 103 -15.30 54.37 11.19
N LEU LB 104 -15.71 53.36 11.95
CA LEU LB 104 -14.75 52.35 12.41
C LEU LB 104 -14.12 51.61 11.24
N CYS LB 105 -14.92 51.27 10.22
CA CYS LB 105 -14.40 50.56 9.07
C CYS LB 105 -13.37 51.40 8.31
N TRP LB 106 -13.66 52.68 8.10
CA TRP LB 106 -12.67 53.53 7.43
C TRP LB 106 -11.42 53.69 8.28
N ALA LB 107 -11.57 53.81 9.60
CA ALA LB 107 -10.38 53.89 10.45
C ALA LB 107 -9.53 52.64 10.33
N ARG LB 108 -10.17 51.48 10.27
CA ARG LB 108 -9.42 50.23 10.18
C ARG LB 108 -8.77 50.06 8.82
N LEU LB 109 -9.46 50.49 7.76
CA LEU LB 109 -8.96 50.26 6.40
C LEU LB 109 -7.93 51.31 6.00
N TYR LB 110 -8.35 52.58 5.92
CA TYR LB 110 -7.47 53.65 5.49
C TYR LB 110 -6.46 54.07 6.55
N GLY LB 111 -6.60 53.59 7.78
CA GLY LB 111 -5.73 54.00 8.85
C GLY LB 111 -6.18 55.21 9.63
N GLY LB 112 -7.29 55.83 9.24
CA GLY LB 112 -7.78 57.00 9.94
C GLY LB 112 -9.17 57.43 9.51
N ALA LB 113 -9.88 58.09 10.42
CA ALA LB 113 -11.22 58.60 10.15
C ALA LB 113 -11.54 59.68 11.17
N ALA LB 114 -12.61 60.44 10.92
CA ALA LB 114 -13.05 61.46 11.86
C ALA LB 114 -14.56 61.51 11.87
N ILE LB 115 -15.14 61.94 12.98
CA ILE LB 115 -16.56 62.21 13.08
C ILE LB 115 -16.74 63.60 13.69
N VAL LB 116 -17.67 64.37 13.14
CA VAL LB 116 -18.00 65.69 13.66
C VAL LB 116 -19.41 65.64 14.22
N ALA LB 117 -19.56 66.09 15.46
CA ALA LB 117 -20.84 66.11 16.16
C ALA LB 117 -21.32 67.55 16.23
N ILE LB 118 -22.31 67.88 15.42
CA ILE LB 118 -22.88 69.22 15.39
C ILE LB 118 -23.90 69.33 16.52
N ILE LB 119 -23.74 70.36 17.34
CA ILE LB 119 -24.50 70.50 18.57
C ILE LB 119 -25.38 71.75 18.47
N ASN LB 120 -26.60 71.62 18.97
CA ASN LB 120 -27.55 72.74 18.97
C ASN LB 120 -27.09 73.79 19.98
N ASP LB 121 -26.38 74.79 19.49
CA ASP LB 121 -25.88 75.87 20.32
C ASP LB 121 -25.91 77.17 19.51
N ASN LB 122 -26.11 78.29 20.19
CA ASN LB 122 -26.19 79.58 19.54
C ASN LB 122 -24.83 80.26 19.43
N ARG LB 123 -23.83 79.51 18.94
CA ARG LB 123 -22.51 80.04 18.69
C ARG LB 123 -22.00 79.53 17.35
N MET LB 124 -21.09 80.29 16.75
CA MET LB 124 -20.46 79.85 15.52
C MET LB 124 -19.53 78.68 15.81
N LEU LB 125 -19.43 77.77 14.84
CA LEU LB 125 -18.95 76.42 15.12
C LEU LB 125 -17.46 76.36 15.48
N THR LB 126 -16.62 77.22 14.89
CA THR LB 126 -15.19 77.11 15.15
C THR LB 126 -14.86 77.43 16.60
N SER LB 127 -15.74 78.14 17.29
CA SER LB 127 -15.53 78.43 18.70
C SER LB 127 -15.64 77.15 19.53
N PRO LB 128 -15.02 77.12 20.71
CA PRO LB 128 -15.13 75.94 21.58
C PRO LB 128 -16.56 75.75 22.10
N VAL LB 129 -16.77 74.70 22.89
CA VAL LB 129 -18.10 74.28 23.31
C VAL LB 129 -18.25 74.53 24.81
N LYS LB 130 -19.32 75.21 25.18
CA LYS LB 130 -19.67 75.42 26.57
C LYS LB 130 -20.27 74.15 27.18
N PRO LB 131 -20.21 73.99 28.50
CA PRO LB 131 -20.70 72.75 29.10
C PRO LB 131 -22.19 72.55 28.88
N GLY LB 132 -22.59 71.29 28.77
CA GLY LB 132 -23.98 70.95 28.53
C GLY LB 132 -24.11 69.54 28.03
N ALA LB 133 -25.35 69.10 27.90
CA ALA LB 133 -25.68 67.76 27.41
C ALA LB 133 -26.79 67.90 26.36
N LYS LB 134 -26.39 67.90 25.09
CA LYS LB 134 -27.30 68.14 23.99
C LYS LB 134 -26.63 67.72 22.69
N LEU LB 135 -27.44 67.26 21.74
CA LEU LB 135 -26.92 66.80 20.46
C LEU LB 135 -28.05 66.82 19.44
N GLU LB 136 -27.70 67.10 18.18
CA GLU LB 136 -28.66 67.10 17.09
C GLU LB 136 -28.21 66.31 15.87
N GLY LB 137 -26.94 65.98 15.75
CA GLY LB 137 -26.49 65.20 14.61
C GLY LB 137 -25.00 64.98 14.64
N VAL LB 138 -24.58 63.94 13.93
CA VAL LB 138 -23.17 63.58 13.78
C VAL LB 138 -22.96 63.06 12.37
N ARG LB 139 -21.79 63.30 11.81
CA ARG LB 139 -21.49 62.87 10.46
C ARG LB 139 -19.99 62.63 10.30
N VAL LB 140 -19.64 61.64 9.47
CA VAL LB 140 -18.32 61.04 9.44
C VAL LB 140 -17.58 61.43 8.17
N TYR LB 141 -16.32 61.80 8.33
CA TYR LB 141 -15.41 62.08 7.23
C TYR LB 141 -14.29 61.04 7.18
N ASP LB 142 -13.88 60.74 5.96
CA ASP LB 142 -12.86 59.75 5.68
C ASP LB 142 -11.49 60.36 5.99
N ARG LB 143 -10.43 59.53 5.92
CA ARG LB 143 -9.08 59.95 6.25
C ARG LB 143 -8.62 61.13 5.40
N PHE LB 144 -9.10 61.23 4.16
CA PHE LB 144 -8.54 62.18 3.21
C PHE LB 144 -9.04 63.61 3.43
N ALA LB 145 -10.08 63.80 4.25
CA ALA LB 145 -10.78 65.08 4.29
C ALA LB 145 -10.35 66.00 5.43
N ILE LB 146 -9.37 65.61 6.24
CA ILE LB 146 -9.00 66.35 7.44
C ILE LB 146 -7.54 66.77 7.34
N THR LB 147 -7.26 68.02 7.71
CA THR LB 147 -5.91 68.56 7.78
C THR LB 147 -5.82 69.41 9.04
N ILE LB 148 -4.61 69.67 9.51
CA ILE LB 148 -4.38 70.52 10.67
C ILE LB 148 -4.28 71.96 10.18
N GLU LB 149 -4.91 72.91 10.90
CA GLU LB 149 -4.85 74.30 10.50
C GLU LB 149 -4.09 75.16 11.51
N LYS LB 150 -4.47 75.11 12.79
CA LYS LB 150 -3.83 75.88 13.84
C LYS LB 150 -3.31 74.95 14.92
N ARG LB 151 -2.11 75.24 15.40
CA ARG LB 151 -1.44 74.43 16.41
C ARG LB 151 -1.08 75.31 17.61
N VAL LB 152 -1.21 74.77 18.81
CA VAL LB 152 -0.87 75.48 20.04
C VAL LB 152 0.38 74.83 20.64
N THR LB 153 1.29 75.66 21.12
CA THR LB 153 2.53 75.19 21.73
C THR LB 153 2.76 75.81 23.11
N ASN LB 154 1.73 76.44 23.69
CA ASN LB 154 1.88 77.06 25.00
C ASN LB 154 2.21 76.01 26.05
N ALA LB 155 3.24 76.30 26.85
CA ALA LB 155 3.71 75.32 27.82
C ALA LB 155 2.76 75.20 29.00
N ARG LB 156 1.96 76.24 29.26
CA ARG LB 156 1.05 76.21 30.40
C ARG LB 156 0.04 75.08 30.26
N SER LB 157 -0.64 74.99 29.13
CA SER LB 157 -1.59 73.92 28.91
C SER LB 157 -0.84 72.64 28.53
N PRO LB 158 -1.34 71.47 28.94
CA PRO LB 158 -0.77 70.20 28.48
C PRO LB 158 -1.20 69.80 27.07
N ARG LB 159 -1.93 70.66 26.36
CA ARG LB 159 -2.38 70.39 25.01
C ARG LB 159 -1.43 70.91 23.95
N TYR LB 160 -0.26 71.41 24.34
CA TYR LB 160 0.73 71.84 23.38
C TYR LB 160 1.15 70.68 22.50
N GLY LB 161 1.35 70.96 21.21
CA GLY LB 161 1.63 69.92 20.26
C GLY LB 161 0.42 69.15 19.78
N GLU LB 162 -0.78 69.57 20.18
CA GLU LB 162 -2.01 68.96 19.73
C GLU LB 162 -2.80 69.97 18.91
N PRO LB 163 -3.36 69.57 17.77
CA PRO LB 163 -4.08 70.53 16.93
C PRO LB 163 -5.27 71.13 17.65
N GLU LB 164 -5.50 72.43 17.40
CA GLU LB 164 -6.69 73.08 17.95
C GLU LB 164 -7.76 73.24 16.89
N ILE LB 165 -7.35 73.51 15.65
CA ILE LB 165 -8.27 73.78 14.56
C ILE LB 165 -8.05 72.74 13.46
N TYR LB 166 -9.14 72.13 13.01
CA TYR LB 166 -9.12 71.13 11.96
C TYR LB 166 -9.77 71.71 10.71
N LYS LB 167 -9.07 71.58 9.59
CA LYS LB 167 -9.57 71.99 8.29
C LYS LB 167 -10.20 70.79 7.61
N VAL LB 168 -11.52 70.82 7.45
CA VAL LB 168 -12.27 69.74 6.84
C VAL LB 168 -12.71 70.19 5.45
N SER LB 169 -12.42 69.36 4.45
CA SER LB 169 -12.68 69.67 3.05
C SER LB 169 -13.44 68.52 2.41
N PRO LB 170 -14.75 68.46 2.62
CA PRO LB 170 -15.54 67.37 2.03
C PRO LB 170 -15.65 67.46 0.52
N GLY LB 171 -15.84 68.67 0.00
CA GLY LB 171 -16.03 68.88 -1.42
C GLY LB 171 -17.43 69.32 -1.76
N ASP LB 172 -18.10 68.57 -2.63
CA ASP LB 172 -19.50 68.79 -3.05
C ASP LB 172 -19.82 70.28 -3.19
N ASN LB 173 -18.93 70.99 -3.89
CA ASN LB 173 -19.00 72.42 -4.16
C ASN LB 173 -19.45 73.25 -2.96
N ILE LB 174 -19.03 72.85 -1.76
CA ILE LB 174 -19.21 73.65 -0.55
C ILE LB 174 -17.82 73.94 0.00
N GLN LB 175 -17.64 75.16 0.51
CA GLN LB 175 -16.32 75.62 0.89
C GLN LB 175 -15.79 74.80 2.07
N PRO LB 176 -14.54 74.33 2.00
CA PRO LB 176 -13.94 73.68 3.17
C PRO LB 176 -13.89 74.63 4.35
N TYR LB 177 -14.11 74.09 5.55
CA TYR LB 177 -14.29 74.92 6.73
C TYR LB 177 -13.48 74.36 7.90
N LEU LB 178 -13.70 74.94 9.07
CA LEU LB 178 -12.83 74.75 10.22
C LEU LB 178 -13.65 74.30 11.43
N ILE LB 179 -13.02 73.46 12.26
CA ILE LB 179 -13.66 72.86 13.42
C ILE LB 179 -12.75 72.99 14.63
N HIS LB 180 -13.32 73.32 15.77
CA HIS LB 180 -12.58 73.30 17.02
C HIS LB 180 -12.33 71.86 17.46
N HIS LB 181 -11.27 71.67 18.24
CA HIS LB 181 -10.85 70.33 18.62
C HIS LB 181 -11.93 69.60 19.43
N THR LB 182 -12.59 70.30 20.34
CA THR LB 182 -13.55 69.65 21.23
C THR LB 182 -14.73 69.08 20.46
N ARG LB 183 -15.07 69.69 19.31
CA ARG LB 183 -16.25 69.24 18.57
C ARG LB 183 -15.99 67.96 17.81
N ILE LB 184 -14.75 67.72 17.42
CA ILE LB 184 -14.40 66.60 16.56
C ILE LB 184 -13.67 65.53 17.36
N PHE LB 185 -13.76 64.30 16.89
CA PHE LB 185 -12.97 63.19 17.40
C PHE LB 185 -12.28 62.52 16.23
N ILE LB 186 -11.05 62.06 16.44
CA ILE LB 186 -10.25 61.45 15.38
C ILE LB 186 -9.96 60.01 15.80
N ALA LB 187 -10.15 59.07 14.89
CA ALA LB 187 -9.93 57.66 15.14
C ALA LB 187 -8.82 57.16 14.22
N ASP LB 188 -7.93 56.36 14.78
CA ASP LB 188 -6.79 55.83 14.04
C ASP LB 188 -6.90 54.32 13.90
N GLY LB 189 -5.93 53.73 13.22
CA GLY LB 189 -5.91 52.29 13.04
C GLY LB 189 -5.07 51.59 14.08
N GLU LB 190 -4.03 50.89 13.63
CA GLU LB 190 -3.13 50.18 14.52
C GLU LB 190 -1.83 50.96 14.69
N ARG LB 191 -1.14 50.67 15.79
CA ARG LB 191 0.07 51.40 16.15
C ARG LB 191 1.18 51.12 15.14
N VAL LB 192 2.05 52.11 14.96
CA VAL LB 192 3.19 52.03 14.06
C VAL LB 192 4.33 52.83 14.69
N THR LB 193 5.55 52.52 14.26
CA THR LB 193 6.73 53.16 14.82
C THR LB 193 6.62 54.68 14.69
N PRO LB 194 7.08 55.42 15.70
CA PRO LB 194 6.89 56.88 15.67
C PRO LB 194 7.51 57.56 14.46
N GLN LB 195 8.59 57.01 13.91
CA GLN LB 195 9.17 57.56 12.69
C GLN LB 195 8.20 57.51 11.52
N MET LB 196 7.44 56.42 11.39
CA MET LB 196 6.37 56.34 10.40
C MET LB 196 5.14 57.15 10.80
N ARG LB 197 4.84 57.21 12.10
CA ARG LB 197 3.69 57.98 12.57
C ARG LB 197 3.83 59.46 12.22
N LYS LB 198 5.03 60.00 12.43
CA LYS LB 198 5.23 61.43 12.20
C LYS LB 198 5.28 61.78 10.72
N GLN LB 199 5.73 60.84 9.87
CA GLN LB 199 5.68 61.09 8.44
C GLN LB 199 4.30 60.81 7.86
N ASN LB 200 3.45 60.10 8.59
CA ASN LB 200 2.04 59.97 8.24
C ASN LB 200 1.17 61.00 8.93
N GLN LB 201 1.74 62.18 9.22
CA GLN LB 201 1.07 63.25 9.97
C GLN LB 201 0.23 62.70 11.12
N GLY LB 202 0.87 61.93 11.98
CA GLY LB 202 0.23 61.46 13.21
C GLY LB 202 -1.00 60.60 12.99
N TRP LB 203 -1.00 59.79 11.94
CA TRP LB 203 -2.11 58.90 11.66
C TRP LB 203 -1.59 57.48 11.54
N GLY LB 204 -2.48 56.52 11.79
CA GLY LB 204 -2.11 55.12 11.85
C GLY LB 204 -1.74 54.50 10.52
N ALA LB 205 -1.85 53.17 10.44
CA ALA LB 205 -1.45 52.44 9.25
C ALA LB 205 -2.61 51.55 8.80
N SER LB 206 -2.58 51.19 7.52
CA SER LB 206 -3.59 50.29 6.98
C SER LB 206 -3.38 48.87 7.49
N VAL LB 207 -4.47 48.17 7.76
CA VAL LB 207 -4.38 46.80 8.24
C VAL LB 207 -3.97 45.84 7.12
N LEU LB 208 -4.15 46.24 5.87
CA LEU LB 208 -3.81 45.40 4.73
C LEU LB 208 -2.38 45.72 4.29
N ASN LB 209 -1.42 45.15 5.00
CA ASN LB 209 -0.02 45.34 4.66
C ASN LB 209 0.37 44.44 3.48
N LYS LB 210 1.55 44.74 2.91
CA LYS LB 210 1.94 44.13 1.65
C LYS LB 210 2.06 42.62 1.76
N SER LB 211 2.42 42.12 2.95
CA SER LB 211 2.49 40.67 3.15
C SER LB 211 1.13 40.02 2.94
N LEU LB 212 0.10 40.55 3.60
CA LEU LB 212 -1.24 40.02 3.41
C LEU LB 212 -1.70 40.24 1.96
N ILE LB 213 -1.31 41.36 1.37
CA ILE LB 213 -1.70 41.64 -0.01
C ILE LB 213 -1.19 40.56 -0.95
N ASP LB 214 0.10 40.24 -0.87
CA ASP LB 214 0.65 39.25 -1.79
C ASP LB 214 0.17 37.83 -1.45
N ALA LB 215 -0.06 37.55 -0.16
CA ALA LB 215 -0.63 36.26 0.21
C ALA LB 215 -2.01 36.09 -0.39
N ILE LB 216 -2.82 37.15 -0.39
CA ILE LB 216 -4.11 37.09 -1.09
C ILE LB 216 -3.90 36.94 -2.58
N CYS LB 217 -2.92 37.65 -3.14
CA CYS LB 217 -2.76 37.70 -4.59
C CYS LB 217 -2.40 36.34 -5.17
N ASP LB 218 -1.45 35.63 -4.54
CA ASP LB 218 -0.97 34.41 -5.16
C ASP LB 218 -1.93 33.24 -5.02
N TYR LB 219 -2.88 33.30 -4.09
CA TYR LB 219 -3.82 32.19 -3.92
C TYR LB 219 -4.72 32.03 -5.14
N ASP LB 220 -5.25 33.13 -5.67
CA ASP LB 220 -6.07 33.05 -6.87
C ASP LB 220 -5.24 32.57 -8.06
N TYR LB 221 -3.98 32.99 -8.12
CA TYR LB 221 -3.09 32.51 -9.17
C TYR LB 221 -2.91 31.01 -9.08
N CYS LB 222 -2.74 30.49 -7.87
CA CYS LB 222 -2.65 29.04 -7.69
C CYS LB 222 -3.93 28.34 -8.10
N GLU LB 223 -5.09 28.94 -7.80
CA GLU LB 223 -6.35 28.32 -8.22
C GLU LB 223 -6.46 28.25 -9.74
N SER LB 224 -6.11 29.34 -10.43
CA SER LB 224 -6.13 29.31 -11.89
C SER LB 224 -5.16 28.26 -12.43
N LEU LB 225 -3.98 28.15 -11.81
CA LEU LB 225 -3.02 27.15 -12.23
C LEU LB 225 -3.57 25.75 -12.03
N ALA LB 226 -4.30 25.52 -10.94
CA ALA LB 226 -4.92 24.21 -10.70
C ALA LB 226 -5.97 23.90 -11.76
N THR LB 227 -6.76 24.91 -12.14
CA THR LB 227 -7.70 24.71 -13.24
C THR LB 227 -6.97 24.31 -14.51
N GLN LB 228 -5.84 24.96 -14.79
CA GLN LB 228 -5.04 24.57 -15.96
C GLN LB 228 -4.52 23.13 -15.83
N ILE LB 229 -4.12 22.73 -14.63
CA ILE LB 229 -3.66 21.36 -14.41
C ILE LB 229 -4.76 20.37 -14.76
N LEU LB 230 -5.98 20.64 -14.29
CA LEU LB 230 -7.09 19.76 -14.64
C LEU LB 230 -7.36 19.77 -16.14
N ARG LB 231 -7.24 20.93 -16.77
CA ARG LB 231 -7.49 21.02 -18.21
C ARG LB 231 -6.50 20.18 -19.01
N ARG LB 232 -5.24 20.16 -18.57
CA ARG LB 232 -4.18 19.48 -19.33
C ARG LB 232 -3.93 18.05 -18.87
N LYS LB 233 -4.97 17.33 -18.43
CA LYS LB 233 -4.74 15.99 -17.91
C LYS LB 233 -4.38 15.01 -19.02
N GLN LB 234 -5.04 15.11 -20.17
CA GLN LB 234 -4.85 14.16 -21.26
C GLN LB 234 -4.68 14.91 -22.57
N GLN LB 235 -3.85 14.37 -23.46
CA GLN LB 235 -3.61 14.95 -24.77
C GLN LB 235 -3.55 13.87 -25.83
N ALA LB 236 -4.08 14.15 -27.01
CA ALA LB 236 -4.03 13.23 -28.13
C ALA LB 236 -3.15 13.82 -29.24
N VAL LB 237 -2.32 12.97 -29.83
CA VAL LB 237 -1.39 13.37 -30.88
C VAL LB 237 -1.67 12.54 -32.12
N TRP LB 238 -1.74 13.21 -33.27
CA TRP LB 238 -2.06 12.58 -34.54
C TRP LB 238 -1.00 12.95 -35.55
N LYS LB 239 -0.30 11.94 -36.08
CA LYS LB 239 0.85 12.17 -36.96
C LYS LB 239 0.58 11.59 -38.33
N VAL LB 240 0.81 12.41 -39.36
CA VAL LB 240 0.50 12.09 -40.75
C VAL LB 240 1.69 12.41 -41.64
N LYS LB 241 2.16 11.42 -42.40
CA LYS LB 241 3.29 11.60 -43.29
C LYS LB 241 3.04 12.74 -44.25
N GLY LB 242 4.00 13.66 -44.32
CA GLY LB 242 3.89 14.79 -45.22
C GLY LB 242 2.82 15.80 -44.86
N LEU LB 243 2.34 15.81 -43.62
CA LEU LB 243 1.30 16.78 -43.26
C LEU LB 243 1.78 18.21 -43.44
N ALA LB 244 3.09 18.43 -43.45
CA ALA LB 244 3.61 19.79 -43.57
C ALA LB 244 3.61 20.27 -45.02
N GLU LB 245 3.31 19.37 -45.96
CA GLU LB 245 3.44 19.72 -47.36
C GLU LB 245 2.43 20.77 -47.79
N MET LB 246 1.22 20.73 -47.25
CA MET LB 246 0.15 21.62 -47.70
C MET LB 246 0.49 23.08 -47.42
N CYS LB 247 0.09 23.96 -48.34
CA CYS LB 247 0.26 25.39 -48.14
C CYS LB 247 -0.60 25.88 -46.99
N ASP LB 248 -0.28 27.07 -46.49
CA ASP LB 248 -1.04 27.64 -45.38
C ASP LB 248 -2.38 28.17 -45.86
N ASP LB 249 -3.31 28.31 -44.90
CA ASP LB 249 -4.67 28.87 -45.07
C ASP LB 249 -5.22 28.63 -46.47
N ASP LB 250 -5.32 27.37 -46.85
CA ASP LB 250 -5.95 26.98 -48.11
C ASP LB 250 -7.04 25.96 -47.83
N ASP LB 251 -7.83 25.66 -48.87
CA ASP LB 251 -8.99 24.81 -48.70
C ASP LB 251 -8.61 23.43 -48.21
N ALA LB 252 -7.48 22.90 -48.65
CA ALA LB 252 -7.06 21.57 -48.21
C ALA LB 252 -6.83 21.54 -46.71
N GLN LB 253 -6.05 22.49 -46.19
CA GLN LB 253 -5.80 22.54 -44.76
C GLN LB 253 -7.07 22.81 -43.98
N TYR LB 254 -7.94 23.68 -44.52
CA TYR LB 254 -9.19 23.97 -43.83
C TYR LB 254 -10.06 22.72 -43.71
N ALA LB 255 -10.15 21.94 -44.80
CA ALA LB 255 -10.92 20.71 -44.76
C ALA LB 255 -10.29 19.71 -43.81
N ALA LB 256 -8.96 19.64 -43.78
CA ALA LB 256 -8.29 18.74 -42.84
C ALA LB 256 -8.63 19.10 -41.40
N ARG LB 257 -8.59 20.40 -41.07
CA ARG LB 257 -8.92 20.83 -39.72
C ARG LB 257 -10.37 20.53 -39.38
N LEU LB 258 -11.28 20.77 -40.32
CA LEU LB 258 -12.68 20.46 -40.08
C LEU LB 258 -12.90 18.98 -39.85
N ARG LB 259 -12.22 18.13 -40.64
CA ARG LB 259 -12.32 16.69 -40.44
C ARG LB 259 -11.79 16.28 -39.08
N LEU LB 260 -10.65 16.87 -38.67
CA LEU LB 260 -10.09 16.55 -37.36
C LEU LB 260 -11.05 16.93 -36.23
N ALA LB 261 -11.66 18.11 -36.33
CA ALA LB 261 -12.62 18.52 -35.31
C ALA LB 261 -13.83 17.60 -35.29
N GLN LB 262 -14.32 17.22 -36.47
CA GLN LB 262 -15.50 16.36 -36.54
C GLN LB 262 -15.23 14.99 -35.94
N VAL LB 263 -14.08 14.39 -36.27
CA VAL LB 263 -13.77 13.07 -35.73
C VAL LB 263 -13.49 13.17 -34.24
N ASP LB 264 -12.94 14.30 -33.78
CA ASP LB 264 -12.77 14.50 -32.35
C ASP LB 264 -14.11 14.54 -31.63
N ASP LB 265 -15.10 15.19 -32.25
CA ASP LB 265 -16.41 15.33 -31.60
C ASP LB 265 -17.09 13.99 -31.37
N ASN LB 266 -16.88 13.00 -32.23
CA ASN LB 266 -17.62 11.75 -32.17
C ASN LB 266 -16.84 10.60 -31.55
N SER LB 267 -15.71 10.87 -30.90
CA SER LB 267 -14.97 9.81 -30.24
C SER LB 267 -15.43 9.63 -28.80
N GLY LB 268 -15.12 8.48 -28.23
CA GLY LB 268 -15.51 8.19 -26.88
C GLY LB 268 -15.29 6.73 -26.55
N VAL LB 269 -15.90 6.31 -25.43
CA VAL LB 269 -15.80 4.91 -25.03
C VAL LB 269 -16.52 4.01 -26.02
N GLY LB 270 -17.76 4.37 -26.37
CA GLY LB 270 -18.57 3.59 -27.27
C GLY LB 270 -18.37 3.88 -28.75
N ARG LB 271 -17.30 4.59 -29.11
CA ARG LB 271 -17.03 4.93 -30.50
C ARG LB 271 -15.56 4.68 -30.80
N ALA LB 272 -15.27 4.36 -32.05
CA ALA LB 272 -13.93 4.01 -32.49
C ALA LB 272 -13.54 4.84 -33.70
N ILE LB 273 -12.25 4.89 -34.00
CA ILE LB 273 -11.70 5.68 -35.10
C ILE LB 273 -10.89 4.76 -36.00
N GLY LB 274 -10.93 5.05 -37.30
CA GLY LB 274 -10.10 4.32 -38.26
C GLY LB 274 -9.00 5.20 -38.82
N ILE LB 275 -7.82 4.58 -38.98
CA ILE LB 275 -6.65 5.30 -39.45
C ILE LB 275 -5.96 4.47 -40.51
N ASP LB 276 -4.93 5.04 -41.11
CA ASP LB 276 -4.11 4.36 -42.11
C ASP LB 276 -2.81 3.89 -41.48
N ALA LB 277 -2.55 2.59 -41.57
CA ALA LB 277 -1.40 2.01 -40.87
C ALA LB 277 -0.08 2.54 -41.41
N GLU LB 278 0.04 2.64 -42.73
CA GLU LB 278 1.34 2.92 -43.33
C GLU LB 278 1.74 4.39 -43.14
N THR LB 279 0.75 5.29 -43.02
CA THR LB 279 1.04 6.71 -42.96
C THR LB 279 0.85 7.36 -41.60
N GLU LB 280 -0.29 7.16 -40.95
CA GLU LB 280 -0.64 7.99 -39.81
C GLU LB 280 -0.79 7.13 -38.56
N GLU LB 281 -0.57 7.78 -37.41
CA GLU LB 281 -0.80 7.12 -36.13
C GLU LB 281 -1.44 8.11 -35.15
N TYR LB 282 -2.07 7.55 -34.13
CA TYR LB 282 -2.85 8.30 -33.15
C TYR LB 282 -2.48 7.77 -31.77
N ASP LB 283 -1.83 8.61 -30.96
CA ASP LB 283 -1.39 8.24 -29.63
C ASP LB 283 -1.98 9.17 -28.58
N VAL LB 284 -1.92 8.75 -27.32
CA VAL LB 284 -2.41 9.55 -26.21
C VAL LB 284 -1.35 9.62 -25.13
N LEU LB 285 -1.22 10.79 -24.51
CA LEU LB 285 -0.34 11.01 -23.38
C LEU LB 285 -1.16 11.55 -22.21
N ASN LB 286 -0.78 11.15 -21.00
CA ASN LB 286 -1.55 11.52 -19.82
C ASN LB 286 -0.62 11.73 -18.64
N SER LB 287 -1.09 12.53 -17.69
CA SER LB 287 -0.38 12.79 -16.45
C SER LB 287 -1.39 12.77 -15.31
N ASP LB 288 -0.90 12.52 -14.10
CA ASP LB 288 -1.76 12.40 -12.93
C ASP LB 288 -1.84 13.72 -12.18
N ILE LB 289 -2.88 13.83 -11.34
CA ILE LB 289 -3.06 14.97 -10.46
C ILE LB 289 -3.19 14.45 -9.03
N SER LB 290 -2.48 15.08 -8.11
CA SER LB 290 -2.45 14.63 -6.72
C SER LB 290 -1.81 15.71 -5.87
N GLY LB 291 -2.39 15.95 -4.70
CA GLY LB 291 -1.88 16.92 -3.77
C GLY LB 291 -2.40 18.33 -3.94
N VAL LB 292 -3.09 18.61 -5.04
CA VAL LB 292 -3.55 19.98 -5.30
C VAL LB 292 -4.48 20.50 -4.22
N PRO LB 293 -5.48 19.74 -3.75
CA PRO LB 293 -6.30 20.25 -2.64
C PRO LB 293 -5.50 20.58 -1.40
N GLU LB 294 -4.46 19.77 -1.11
CA GLU LB 294 -3.59 20.08 0.02
C GLU LB 294 -2.79 21.35 -0.19
N PHE LB 295 -2.32 21.62 -1.41
CA PHE LB 295 -1.67 22.90 -1.65
C PHE LB 295 -2.64 24.06 -1.43
N LEU LB 296 -3.86 23.94 -1.93
CA LEU LB 296 -4.82 25.02 -1.73
C LEU LB 296 -5.14 25.20 -0.24
N SER LB 297 -5.25 24.09 0.49
CA SER LB 297 -5.49 24.16 1.93
C SER LB 297 -4.34 24.84 2.65
N SER LB 298 -3.09 24.52 2.27
CA SER LB 298 -1.95 25.14 2.92
C SER LB 298 -1.89 26.63 2.64
N LYS LB 299 -2.19 27.03 1.40
CA LYS LB 299 -2.21 28.45 1.09
C LYS LB 299 -3.29 29.18 1.89
N MET LB 300 -4.48 28.58 1.98
CA MET LB 300 -5.54 29.20 2.78
C MET LB 300 -5.14 29.28 4.25
N ASP LB 301 -4.43 28.27 4.74
CA ASP LB 301 -3.98 28.27 6.13
C ASP LB 301 -2.97 29.38 6.37
N ARG LB 302 -2.08 29.63 5.40
CA ARG LB 302 -1.18 30.77 5.50
C ARG LB 302 -1.96 32.08 5.53
N ILE LB 303 -3.00 32.18 4.71
CA ILE LB 303 -3.89 33.35 4.76
C ILE LB 303 -4.43 33.53 6.17
N VAL LB 304 -4.91 32.45 6.78
CA VAL LB 304 -5.47 32.51 8.12
C VAL LB 304 -4.41 32.98 9.12
N SER LB 305 -3.21 32.39 9.05
CA SER LB 305 -2.16 32.73 10.00
C SER LB 305 -1.77 34.19 9.91
N LEU LB 306 -1.61 34.71 8.68
CA LEU LB 306 -1.27 36.12 8.53
C LEU LB 306 -2.41 37.05 8.91
N SER LB 307 -3.67 36.64 8.67
CA SER LB 307 -4.80 37.49 9.01
C SER LB 307 -4.97 37.61 10.51
N GLY LB 308 -4.93 36.49 11.23
CA GLY LB 308 -5.10 36.47 12.66
C GLY LB 308 -6.47 36.07 13.13
N ILE LB 309 -7.47 36.08 12.25
CA ILE LB 309 -8.81 35.57 12.56
C ILE LB 309 -8.90 34.14 12.04
N HIS LB 310 -9.56 33.27 12.82
CA HIS LB 310 -9.39 31.85 12.58
C HIS LB 310 -10.43 31.32 11.60
N GLU LB 311 -10.37 30.01 11.37
CA GLU LB 311 -10.95 29.42 10.17
C GLU LB 311 -12.47 29.49 10.16
N ILE LB 312 -13.12 29.18 11.28
CA ILE LB 312 -14.58 29.07 11.27
C ILE LB 312 -15.20 30.47 11.14
N ILE LB 313 -14.36 31.48 11.03
CA ILE LB 313 -14.82 32.82 10.69
C ILE LB 313 -14.27 33.33 9.35
N ILE LB 314 -13.09 32.88 8.93
CA ILE LB 314 -12.49 33.36 7.69
C ILE LB 314 -12.85 32.50 6.49
N LYS LB 315 -12.79 31.17 6.62
CA LYS LB 315 -13.26 30.30 5.56
C LYS LB 315 -14.70 29.84 5.79
N ASN LB 316 -15.25 30.14 6.97
CA ASN LB 316 -16.63 29.82 7.30
C ASN LB 316 -16.95 28.34 7.11
N LYS LB 317 -16.03 27.47 7.51
CA LYS LB 317 -16.24 26.02 7.42
C LYS LB 317 -15.95 25.40 8.78
N ASN LB 318 -16.92 24.67 9.31
CA ASN LB 318 -16.69 23.91 10.53
C ASN LB 318 -15.75 22.74 10.24
N VAL LB 319 -14.88 22.45 11.21
CA VAL LB 319 -13.94 21.35 11.04
C VAL LB 319 -14.67 20.02 10.92
N GLY LB 320 -15.78 19.87 11.65
CA GLY LB 320 -16.63 18.70 11.54
C GLY LB 320 -16.16 17.48 12.31
N GLY LB 321 -14.87 17.37 12.62
CA GLY LB 321 -14.37 16.22 13.33
C GLY LB 321 -14.56 16.26 14.83
N VAL LB 322 -15.03 17.38 15.37
CA VAL LB 322 -15.17 17.54 16.82
C VAL LB 322 -16.53 18.15 17.11
N SER LB 323 -17.07 17.85 18.29
CA SER LB 323 -18.40 18.33 18.66
C SER LB 323 -18.32 19.65 19.42
N ALA LB 324 -17.41 19.75 20.39
CA ALA LB 324 -17.39 20.88 21.32
C ALA LB 324 -16.01 21.51 21.42
N SER LB 325 -15.35 21.73 20.27
CA SER LB 325 -14.14 22.54 20.23
C SER LB 325 -14.32 23.84 19.45
N GLN LB 326 -15.24 23.85 18.49
CA GLN LB 326 -15.58 25.10 17.80
C GLN LB 326 -16.16 26.12 18.77
N ASN LB 327 -16.78 25.69 19.85
CA ASN LB 327 -17.18 26.63 20.88
C ASN LB 327 -15.97 27.35 21.48
N THR LB 328 -14.91 26.62 21.83
CA THR LB 328 -13.70 27.24 22.34
C THR LB 328 -13.06 28.14 21.28
N ALA LB 329 -13.21 27.79 20.01
CA ALA LB 329 -12.81 28.71 18.95
C ALA LB 329 -13.60 30.01 19.04
N LEU LB 330 -14.91 29.91 19.31
CA LEU LB 330 -15.71 31.11 19.53
C LEU LB 330 -15.21 31.93 20.70
N GLU LB 331 -14.85 31.32 21.83
CA GLU LB 331 -14.30 32.17 22.89
C GLU LB 331 -12.93 32.76 22.55
N THR LB 332 -12.09 32.07 21.76
CA THR LB 332 -10.84 32.71 21.33
C THR LB 332 -11.13 33.94 20.47
N PHE LB 333 -12.08 33.81 19.53
CA PHE LB 333 -12.48 34.97 18.75
C PHE LB 333 -13.07 36.06 19.64
N TYR LB 334 -13.80 35.66 20.67
CA TYR LB 334 -14.41 36.60 21.59
C TYR LB 334 -13.36 37.39 22.35
N LYS LB 335 -12.32 36.72 22.84
CA LYS LB 335 -11.28 37.45 23.55
C LYS LB 335 -10.53 38.38 22.60
N LEU LB 336 -10.28 37.94 21.36
CA LEU LB 336 -9.63 38.82 20.40
C LEU LB 336 -10.47 40.07 20.14
N VAL LB 337 -11.77 39.89 19.88
CA VAL LB 337 -12.61 41.03 19.52
C VAL LB 337 -12.80 41.95 20.72
N ASP LB 338 -12.93 41.38 21.92
CA ASP LB 338 -13.03 42.22 23.11
C ASP LB 338 -11.76 43.04 23.31
N ARG LB 339 -10.60 42.40 23.17
CA ARG LB 339 -9.33 43.10 23.39
C ARG LB 339 -9.16 44.22 22.38
N LYS LB 340 -9.54 43.99 21.12
CA LYS LB 340 -9.51 45.09 20.17
C LYS LB 340 -10.61 46.11 20.46
N ARG LB 341 -11.66 45.70 21.18
CA ARG LB 341 -12.76 46.61 21.49
C ARG LB 341 -12.33 47.69 22.48
N GLU LB 342 -11.68 47.30 23.58
CA GLU LB 342 -11.41 48.34 24.58
C GLU LB 342 -10.50 49.44 24.04
N GLU LB 343 -9.73 49.15 22.98
CA GLU LB 343 -8.72 50.10 22.52
C GLU LB 343 -9.32 51.18 21.62
N ASP LB 344 -10.39 50.87 20.89
CA ASP LB 344 -10.97 51.84 19.98
C ASP LB 344 -12.44 52.15 20.22
N TYR LB 345 -13.28 51.16 20.55
CA TYR LB 345 -14.71 51.44 20.71
C TYR LB 345 -14.95 52.35 21.91
N ARG LB 346 -14.21 52.15 22.99
CA ARG LB 346 -14.43 52.92 24.21
C ARG LB 346 -14.16 54.41 24.04
N PRO LB 347 -13.08 54.85 23.38
CA PRO LB 347 -12.89 56.30 23.19
C PRO LB 347 -14.05 56.99 22.50
N LEU LB 348 -14.70 56.32 21.56
CA LEU LB 348 -15.93 56.86 20.98
C LEU LB 348 -16.96 57.13 22.07
N LEU LB 349 -17.10 56.19 23.01
CA LEU LB 349 -18.07 56.33 24.08
C LEU LB 349 -17.72 57.52 24.99
N GLU LB 350 -16.43 57.67 25.33
CA GLU LB 350 -16.06 58.84 26.12
C GLU LB 350 -16.25 60.15 25.37
N PHE LB 351 -16.05 60.15 24.05
CA PHE LB 351 -16.20 61.39 23.29
C PHE LB 351 -17.66 61.79 23.14
N LEU LB 352 -18.55 60.82 22.94
CA LEU LB 352 -19.94 61.14 22.59
C LEU LB 352 -20.89 61.11 23.78
N LEU LB 353 -20.67 60.17 24.71
CA LEU LB 353 -21.65 59.95 25.78
C LEU LB 353 -21.92 61.18 26.63
N PRO LB 354 -20.93 61.97 27.04
CA PRO LB 354 -21.25 63.15 27.87
C PRO LB 354 -22.14 64.17 27.18
N PHE LB 355 -22.22 64.14 25.85
CA PHE LB 355 -23.00 65.12 25.11
C PHE LB 355 -24.48 64.77 25.02
N ILE LB 356 -24.91 63.66 25.62
CA ILE LB 356 -26.31 63.27 25.51
C ILE LB 356 -26.96 63.12 26.89
N VAL LB 357 -26.14 62.87 27.91
CA VAL LB 357 -26.66 62.57 29.24
C VAL LB 357 -26.45 63.76 30.16
N ASP LB 358 -27.52 64.19 30.84
CA ASP LB 358 -27.43 65.24 31.84
C ASP LB 358 -26.76 64.76 33.12
N GLU LB 359 -26.65 63.44 33.30
CA GLU LB 359 -26.13 62.89 34.55
C GLU LB 359 -24.63 63.14 34.66
N GLN LB 360 -24.17 63.31 35.90
CA GLN LB 360 -22.82 63.79 36.14
C GLN LB 360 -21.77 62.67 36.04
N GLU LB 361 -21.84 61.67 36.92
CA GLU LB 361 -20.83 60.62 36.96
C GLU LB 361 -21.46 59.26 36.69
N TRP LB 362 -20.85 58.51 35.79
CA TRP LB 362 -21.44 57.30 35.25
C TRP LB 362 -20.35 56.26 35.05
N SER LB 363 -20.77 55.08 34.59
CA SER LB 363 -19.85 54.01 34.21
C SER LB 363 -20.34 53.35 32.93
N ILE LB 364 -19.39 52.92 32.10
CA ILE LB 364 -19.68 52.22 30.86
C ILE LB 364 -19.07 50.82 30.95
N GLU LB 365 -19.91 49.80 30.99
CA GLU LB 365 -19.46 48.42 31.11
C GLU LB 365 -19.97 47.60 29.94
N PHE LB 366 -19.10 46.74 29.42
CA PHE LB 366 -19.36 46.00 28.18
C PHE LB 366 -20.08 44.71 28.49
N GLU LB 367 -21.16 44.45 27.74
CA GLU LB 367 -21.91 43.21 27.92
C GLU LB 367 -21.02 42.01 27.57
N PRO LB 368 -21.03 40.95 28.38
CA PRO LB 368 -20.26 39.75 28.04
C PRO LB 368 -20.69 39.14 26.71
N LEU LB 369 -19.76 39.10 25.75
CA LEU LB 369 -20.06 38.61 24.41
C LEU LB 369 -20.05 37.08 24.42
N SER LB 370 -21.18 36.51 24.82
CA SER LB 370 -21.38 35.07 24.77
C SER LB 370 -22.75 34.80 24.18
N VAL LB 371 -22.80 34.00 23.12
CA VAL LB 371 -24.05 33.72 22.42
C VAL LB 371 -25.02 33.03 23.37
N PRO LB 372 -26.11 33.65 23.75
CA PRO LB 372 -26.88 32.96 24.81
C PRO LB 372 -27.80 31.80 24.40
N SER LB 373 -28.33 31.03 25.36
CA SER LB 373 -29.38 30.04 25.06
C SER LB 373 -30.48 29.95 26.10
N LYS LB 374 -31.68 30.39 25.75
CA LYS LB 374 -32.77 30.42 26.73
C LYS LB 374 -32.65 29.31 27.72
N LYS LB 375 -32.54 28.10 27.22
CA LYS LB 375 -32.52 27.06 28.24
C LYS LB 375 -31.42 27.34 29.28
N GLU LB 376 -30.22 27.65 28.78
CA GLU LB 376 -29.10 27.91 29.69
C GLU LB 376 -29.38 29.08 30.60
N GLU LB 377 -29.93 30.19 30.08
CA GLU LB 377 -30.27 31.28 30.99
C GLU LB 377 -31.50 30.97 31.83
N SER LB 378 -32.30 29.97 31.45
CA SER LB 378 -33.37 29.53 32.34
C SER LB 378 -32.79 28.99 33.64
N GLU LB 379 -31.84 28.05 33.55
CA GLU LB 379 -31.19 27.64 34.80
C GLU LB 379 -30.29 28.73 35.38
N ILE LB 380 -29.78 29.65 34.56
CA ILE LB 380 -29.05 30.78 35.14
C ILE LB 380 -29.97 31.60 36.05
N THR LB 381 -31.17 31.92 35.58
CA THR LB 381 -32.12 32.67 36.38
C THR LB 381 -32.55 31.88 37.61
N LYS LB 382 -32.73 30.57 37.48
CA LYS LB 382 -33.03 29.76 38.65
C LYS LB 382 -31.91 29.88 39.70
N ASN LB 383 -30.67 29.73 39.25
CA ASN LB 383 -29.54 29.82 40.16
C ASN LB 383 -29.48 31.20 40.82
N ASN LB 384 -29.69 32.26 40.04
CA ASN LB 384 -29.65 33.60 40.61
C ASN LB 384 -30.77 33.82 41.61
N VAL LB 385 -31.99 33.37 41.30
CA VAL LB 385 -33.11 33.65 42.19
C VAL LB 385 -32.98 32.87 43.49
N GLU LB 386 -32.45 31.64 43.44
CA GLU LB 386 -32.24 30.93 44.69
C GLU LB 386 -31.05 31.45 45.47
N SER LB 387 -29.99 31.89 44.78
CA SER LB 387 -28.83 32.42 45.49
C SER LB 387 -29.14 33.77 46.15
N VAL LB 388 -29.90 34.62 45.47
CA VAL LB 388 -30.15 35.97 45.99
C VAL LB 388 -30.94 35.91 47.29
N THR LB 389 -31.97 35.08 47.35
CA THR LB 389 -32.68 34.85 48.61
C THR LB 389 -32.83 33.35 48.86
N LYS LB 390 -31.74 32.73 49.28
CA LYS LB 390 -31.77 31.51 50.08
C LYS LB 390 -31.33 31.77 51.51
N ALA LB 391 -30.58 32.84 51.76
CA ALA LB 391 -30.01 33.09 53.08
C ALA LB 391 -30.18 34.54 53.56
N ILE LB 392 -30.70 35.44 52.73
CA ILE LB 392 -30.82 36.82 53.18
C ILE LB 392 -31.91 36.99 54.23
N THR LB 393 -32.69 35.93 54.49
CA THR LB 393 -33.71 36.00 55.52
C THR LB 393 -33.15 36.13 56.93
N GLU LB 394 -31.82 36.20 57.09
CA GLU LB 394 -31.20 36.34 58.39
C GLU LB 394 -30.35 37.60 58.53
N GLN LB 395 -30.20 38.40 57.49
CA GLN LB 395 -29.43 39.63 57.55
C GLN LB 395 -30.34 40.84 57.36
N ILE LB 396 -29.73 42.03 57.34
CA ILE LB 396 -30.47 43.27 57.15
C ILE LB 396 -30.76 43.56 55.69
N ILE LB 397 -30.43 42.64 54.79
CA ILE LB 397 -30.65 42.83 53.37
C ILE LB 397 -32.15 42.85 53.11
N ASP LB 398 -32.69 44.03 52.84
CA ASP LB 398 -34.12 44.24 52.77
C ASP LB 398 -34.60 44.32 51.32
N LEU LB 399 -35.86 44.68 51.14
CA LEU LB 399 -36.50 44.62 49.83
C LEU LB 399 -35.88 45.61 48.85
N GLU LB 400 -35.66 46.86 49.27
CA GLU LB 400 -35.26 47.87 48.31
C GLU LB 400 -33.84 47.66 47.79
N GLU LB 401 -33.05 46.81 48.43
CA GLU LB 401 -31.75 46.42 47.89
C GLU LB 401 -31.77 45.04 47.25
N ALA LB 402 -32.56 44.11 47.76
CA ALA LB 402 -32.66 42.80 47.13
C ALA LB 402 -33.26 42.91 45.74
N ARG LB 403 -34.31 43.73 45.59
CA ARG LB 403 -34.89 43.95 44.27
C ARG LB 403 -33.89 44.59 43.33
N ASP LB 404 -33.13 45.56 43.81
CA ASP LB 404 -32.12 46.19 42.97
C ASP LB 404 -31.06 45.18 42.54
N THR LB 405 -30.64 44.30 43.46
CA THR LB 405 -29.67 43.28 43.09
C THR LB 405 -30.23 42.34 42.04
N LEU LB 406 -31.50 41.92 42.18
CA LEU LB 406 -32.04 40.92 41.28
C LEU LB 406 -32.32 41.51 39.90
N ARG LB 407 -32.70 42.77 39.82
CA ARG LB 407 -32.96 43.38 38.52
C ARG LB 407 -31.75 44.13 37.97
N SER LB 408 -30.65 44.17 38.70
CA SER LB 408 -29.40 44.68 38.12
C SER LB 408 -28.84 43.68 37.13
N ILE LB 409 -28.81 42.41 37.50
CA ILE LB 409 -28.55 41.34 36.55
C ILE LB 409 -29.78 41.22 35.66
N ALA LB 410 -29.66 41.68 34.41
CA ALA LB 410 -30.82 41.86 33.53
C ALA LB 410 -31.59 40.56 33.37
N PRO LB 411 -32.76 40.45 33.99
CA PRO LB 411 -33.53 39.21 33.89
C PRO LB 411 -34.56 39.28 32.78
N GLU LB 412 -35.30 38.20 32.60
CA GLU LB 412 -36.51 38.24 31.80
C GLU LB 412 -37.73 38.65 32.63
N PHE LB 413 -37.51 38.98 33.91
CA PHE LB 413 -38.58 39.37 34.83
C PHE LB 413 -38.66 40.88 34.84
N LYS LB 414 -39.80 41.42 34.40
CA LYS LB 414 -40.02 42.86 34.50
C LYS LB 414 -40.56 43.22 35.87
N LEU LB 415 -40.01 44.29 36.45
CA LEU LB 415 -40.39 44.70 37.79
C LEU LB 415 -40.69 46.18 37.80
N LYS LB 416 -41.90 46.54 38.21
CA LYS LB 416 -42.25 47.94 38.39
C LYS LB 416 -41.46 48.53 39.55
N ASP LB 417 -41.07 49.80 39.39
CA ASP LB 417 -40.36 50.49 40.46
C ASP LB 417 -41.27 50.64 41.67
N GLY LB 418 -40.67 50.58 42.85
CA GLY LB 418 -41.43 50.69 44.09
C GLY LB 418 -40.60 50.57 45.34
N ASN LB 419 -41.16 49.91 46.35
CA ASN LB 419 -40.50 49.79 47.65
C ASN LB 419 -39.30 48.84 47.58
N MET MB 1 75.46 9.69 -116.74
CA MET MB 1 74.26 10.08 -117.44
C MET MB 1 73.10 9.18 -117.05
N HIS MB 2 72.66 9.30 -115.80
CA HIS MB 2 71.62 8.42 -115.27
C HIS MB 2 70.42 9.23 -114.80
N TYR MB 3 70.69 10.40 -114.22
CA TYR MB 3 69.63 11.30 -113.77
C TYR MB 3 68.77 11.76 -114.95
N GLU MB 4 69.43 12.14 -116.05
CA GLU MB 4 68.71 12.65 -117.22
C GLU MB 4 67.79 11.60 -117.81
N LEU MB 5 68.23 10.35 -117.84
CA LEU MB 5 67.41 9.29 -118.43
C LEU MB 5 66.13 9.08 -117.65
N SER MB 6 66.24 9.06 -116.32
CA SER MB 6 65.05 8.94 -115.48
C SER MB 6 64.12 10.14 -115.66
N ALA MB 7 64.72 11.34 -115.71
CA ALA MB 7 63.90 12.54 -115.92
C ALA MB 7 63.15 12.46 -117.25
N ALA MB 8 63.82 11.99 -118.30
CA ALA MB 8 63.18 11.90 -119.61
C ALA MB 8 62.07 10.86 -119.63
N ALA MB 9 62.30 9.71 -118.99
CA ALA MB 9 61.26 8.70 -118.92
C ALA MB 9 60.03 9.23 -118.18
N ARG MB 10 60.26 9.92 -117.05
CA ARG MB 10 59.15 10.52 -116.33
C ARG MB 10 58.43 11.55 -117.20
N ALA MB 11 59.18 12.38 -117.91
CA ALA MB 11 58.58 13.41 -118.74
C ALA MB 11 57.70 12.80 -119.82
N ALA MB 12 58.20 11.77 -120.50
CA ALA MB 12 57.43 11.15 -121.57
C ALA MB 12 56.16 10.50 -121.03
N PHE MB 13 56.29 9.68 -119.99
CA PHE MB 13 55.11 9.00 -119.45
C PHE MB 13 54.10 10.00 -118.92
N LEU MB 14 54.55 10.99 -118.18
CA LEU MB 14 53.65 11.96 -117.58
C LEU MB 14 52.98 12.82 -118.64
N SER MB 15 53.71 13.26 -119.66
CA SER MB 15 53.11 14.02 -120.74
C SER MB 15 52.08 13.19 -121.49
N LYS MB 16 52.26 11.88 -121.57
CA LYS MB 16 51.23 11.06 -122.20
C LYS MB 16 50.03 10.86 -121.29
N TYR MB 17 50.23 10.83 -119.97
CA TYR MB 17 49.15 10.47 -119.05
C TYR MB 17 49.05 11.47 -117.89
N ARG MB 18 48.95 12.76 -118.23
CA ARG MB 18 48.79 13.79 -117.20
C ARG MB 18 47.60 13.51 -116.31
N ASP MB 19 46.44 13.25 -116.90
CA ASP MB 19 45.20 13.25 -116.14
C ASP MB 19 44.99 11.98 -115.31
N PHE MB 20 45.38 10.84 -115.84
CA PHE MB 20 44.97 9.57 -115.26
C PHE MB 20 45.76 9.33 -113.97
N PRO MB 21 45.11 8.84 -112.90
CA PRO MB 21 45.79 8.74 -111.61
C PRO MB 21 46.98 7.79 -111.63
N HIS MB 22 48.06 8.21 -110.97
CA HIS MB 22 49.31 7.47 -111.00
C HIS MB 22 50.09 7.73 -109.71
N TYR MB 23 51.05 6.85 -109.45
CA TYR MB 23 51.90 6.90 -108.27
C TYR MB 23 53.35 6.93 -108.70
N MET MB 24 54.14 7.83 -108.10
CA MET MB 24 55.54 8.02 -108.43
C MET MB 24 56.42 7.66 -107.24
N GLU MB 25 57.73 7.85 -107.42
CA GLU MB 25 58.69 7.42 -106.42
C GLU MB 25 58.63 8.28 -105.16
N ASN MB 26 58.56 7.60 -104.01
CA ASN MB 26 58.81 8.22 -102.71
C ASN MB 26 57.95 9.45 -102.46
N ARG MB 27 56.69 9.37 -102.86
CA ARG MB 27 55.72 10.43 -102.58
C ARG MB 27 54.47 9.78 -102.01
N ASN MB 28 54.00 10.28 -100.87
CA ASN MB 28 52.84 9.70 -100.22
C ASN MB 28 51.59 9.86 -101.09
N PHE MB 29 51.14 8.77 -101.68
CA PHE MB 29 50.03 8.76 -102.62
C PHE MB 29 48.92 7.88 -102.08
N THR MB 30 47.68 8.36 -102.17
CA THR MB 30 46.57 7.54 -101.74
C THR MB 30 45.77 7.05 -102.95
N PRO MB 31 45.31 5.81 -102.93
CA PRO MB 31 44.56 5.28 -104.07
C PRO MB 31 43.24 6.01 -104.23
N PRO MB 32 42.67 5.99 -105.44
CA PRO MB 32 41.39 6.69 -105.67
C PRO MB 32 40.28 6.16 -104.77
N LYS MB 33 39.37 7.06 -104.40
CA LYS MB 33 38.27 6.69 -103.51
C LYS MB 33 37.37 5.65 -104.15
N ASP MB 34 37.07 5.79 -105.45
CA ASP MB 34 36.24 4.84 -106.16
C ASP MB 34 36.93 3.47 -106.27
N GLY MB 35 38.26 3.42 -106.18
CA GLY MB 35 38.97 2.18 -106.33
C GLY MB 35 39.21 1.74 -107.75
N GLY MB 36 38.99 2.61 -108.72
CA GLY MB 36 39.27 2.28 -110.10
C GLY MB 36 40.75 2.15 -110.36
N MET MB 37 41.07 1.78 -111.59
CA MET MB 37 42.45 1.50 -111.96
C MET MB 37 43.31 2.75 -111.88
N TRP MB 38 44.57 2.55 -111.49
CA TRP MB 38 45.57 3.61 -111.48
C TRP MB 38 46.92 3.02 -111.85
N LEU MB 39 47.87 3.89 -112.19
CA LEU MB 39 49.16 3.42 -112.65
C LEU MB 39 50.23 3.53 -111.58
N ARG MB 40 51.20 2.63 -111.64
CA ARG MB 40 52.35 2.60 -110.75
C ARG MB 40 53.59 2.91 -111.58
N PHE MB 41 54.52 3.68 -111.02
CA PHE MB 41 55.76 4.01 -111.74
C PHE MB 41 56.96 3.52 -110.94
N ASN MB 42 57.85 2.81 -111.63
CA ASN MB 42 59.05 2.28 -111.01
C ASN MB 42 60.24 2.47 -111.94
N TYR MB 43 61.43 2.50 -111.35
CA TYR MB 43 62.68 2.64 -112.08
C TYR MB 43 63.67 1.64 -111.51
N ILE MB 44 64.27 0.84 -112.39
CA ILE MB 44 65.18 -0.23 -112.00
C ILE MB 44 66.55 0.07 -112.60
N GLU MB 45 67.58 0.07 -111.75
CA GLU MB 45 68.93 0.41 -112.19
C GLU MB 45 69.66 -0.82 -112.69
N GLY MB 46 69.98 -0.83 -113.99
CA GLY MB 46 70.79 -1.87 -114.57
C GLY MB 46 72.28 -1.56 -114.45
N ASP MB 47 73.08 -2.47 -114.97
CA ASP MB 47 74.52 -2.30 -114.93
C ASP MB 47 74.98 -1.28 -115.99
N THR MB 48 76.22 -0.83 -115.82
CA THR MB 48 76.86 0.07 -116.77
C THR MB 48 78.04 -0.67 -117.40
N LEU MB 49 78.19 -0.53 -118.72
CA LEU MB 49 79.18 -1.28 -119.47
C LEU MB 49 80.30 -0.36 -119.93
N TYR MB 50 81.53 -0.81 -119.76
CA TYR MB 50 82.70 -0.11 -120.28
C TYR MB 50 83.06 -0.73 -121.62
N LEU MB 51 83.04 0.08 -122.68
CA LEU MB 51 83.15 -0.46 -124.03
C LEU MB 51 84.59 -0.66 -124.47
N SER MB 52 85.43 0.36 -124.33
CA SER MB 52 86.75 0.36 -124.91
C SER MB 52 87.79 -0.19 -123.94
N ILE MB 53 89.06 -0.07 -124.33
CA ILE MB 53 90.16 -0.45 -123.46
C ILE MB 53 90.73 0.76 -122.72
N ASP MB 54 90.56 1.97 -123.24
CA ASP MB 54 91.02 3.19 -122.58
C ASP MB 54 90.01 3.74 -121.59
N ARG MB 55 88.86 3.08 -121.42
CA ARG MB 55 87.91 3.40 -120.36
C ARG MB 55 87.29 4.79 -120.55
N LYS MB 56 86.81 5.06 -121.76
CA LYS MB 56 86.28 6.39 -122.08
C LYS MB 56 84.89 6.38 -122.66
N CYS MB 57 84.51 5.34 -123.40
CA CYS MB 57 83.19 5.28 -124.01
C CYS MB 57 82.33 4.25 -123.27
N LYS MB 58 81.18 4.71 -122.77
CA LYS MB 58 80.36 3.95 -121.84
C LYS MB 58 78.90 3.92 -122.31
N SER MB 59 78.14 3.03 -121.67
CA SER MB 59 76.71 2.87 -121.96
C SER MB 59 75.95 2.67 -120.66
N TYR MB 60 74.68 3.08 -120.66
CA TYR MB 60 73.82 2.97 -119.48
C TYR MB 60 72.49 2.35 -119.90
N ILE MB 61 72.10 1.31 -119.17
CA ILE MB 61 70.87 0.56 -119.40
C ILE MB 61 69.97 0.73 -118.18
N ALA MB 62 68.68 0.97 -118.41
CA ALA MB 62 67.72 1.11 -117.32
C ALA MB 62 66.43 0.39 -117.68
N ILE MB 63 65.72 -0.04 -116.64
CA ILE MB 63 64.46 -0.76 -116.79
C ILE MB 63 63.34 0.09 -116.21
N VAL MB 64 62.28 0.28 -116.99
CA VAL MB 64 61.12 1.05 -116.56
C VAL MB 64 59.92 0.11 -116.52
N GLN MB 65 59.22 0.10 -115.39
CA GLN MB 65 58.06 -0.77 -115.18
C GLN MB 65 56.85 0.09 -114.83
N ILE MB 66 55.75 -0.14 -115.54
CA ILE MB 66 54.49 0.53 -115.29
C ILE MB 66 53.46 -0.52 -114.92
N GLY MB 67 52.85 -0.38 -113.74
CA GLY MB 67 51.90 -1.37 -113.29
C GLY MB 67 50.46 -0.89 -113.34
N VAL MB 68 49.58 -1.68 -113.93
CA VAL MB 68 48.16 -1.37 -113.97
C VAL MB 68 47.46 -2.21 -112.91
N VAL MB 69 46.87 -1.55 -111.93
CA VAL MB 69 46.15 -2.21 -110.86
C VAL MB 69 44.66 -2.09 -111.12
N PHE MB 70 43.89 -3.03 -110.60
CA PHE MB 70 42.45 -3.03 -110.79
C PHE MB 70 41.77 -3.87 -109.71
N PRO MB 71 40.54 -3.52 -109.36
CA PRO MB 71 39.89 -4.16 -108.22
C PRO MB 71 39.54 -5.61 -108.53
N PRO MB 72 39.43 -6.46 -107.51
CA PRO MB 72 38.98 -7.84 -107.74
C PRO MB 72 37.51 -7.89 -108.09
N GLY MB 73 37.14 -8.94 -108.82
CA GLY MB 73 35.75 -9.16 -109.17
C GLY MB 73 35.22 -8.30 -110.30
N SER MB 74 36.09 -7.61 -111.03
CA SER MB 74 35.66 -6.71 -112.09
C SER MB 74 36.23 -7.09 -113.44
N GLY MB 75 36.83 -8.27 -113.55
CA GLY MB 75 37.38 -8.72 -114.81
C GLY MB 75 38.79 -8.22 -115.05
N VAL MB 76 39.34 -8.60 -116.21
CA VAL MB 76 40.72 -8.28 -116.55
C VAL MB 76 40.87 -7.68 -117.94
N ASP MB 77 39.86 -7.77 -118.81
CA ASP MB 77 40.04 -7.32 -120.19
C ASP MB 77 40.21 -5.81 -120.29
N GLU MB 78 39.64 -5.03 -119.37
CA GLU MB 78 39.92 -3.59 -119.37
C GLU MB 78 41.40 -3.34 -119.10
N ALA MB 79 41.97 -4.06 -118.13
CA ALA MB 79 43.39 -3.92 -117.84
C ALA MB 79 44.23 -4.33 -119.03
N ARG MB 80 43.82 -5.39 -119.74
CA ARG MB 80 44.57 -5.82 -120.91
C ARG MB 80 44.47 -4.79 -122.05
N LEU MB 81 43.31 -4.14 -122.18
CA LEU MB 81 43.18 -3.05 -123.13
C LEU MB 81 44.15 -1.92 -122.82
N LYS MB 82 44.17 -1.48 -121.56
CA LYS MB 82 45.11 -0.44 -121.16
C LYS MB 82 46.55 -0.89 -121.41
N ALA MB 83 46.84 -2.16 -121.14
CA ALA MB 83 48.20 -2.66 -121.33
C ALA MB 83 48.61 -2.63 -122.79
N LYS MB 84 47.73 -3.07 -123.70
CA LYS MB 84 48.12 -3.07 -125.10
C LYS MB 84 48.32 -1.64 -125.57
N GLU MB 85 47.50 -0.71 -125.09
CA GLU MB 85 47.64 0.67 -125.52
C GLU MB 85 48.96 1.26 -125.01
N ILE MB 86 49.33 0.96 -123.76
CA ILE MB 86 50.61 1.40 -123.24
C ILE MB 86 51.75 0.84 -124.08
N ALA MB 87 51.68 -0.45 -124.39
CA ALA MB 87 52.76 -1.09 -125.16
C ALA MB 87 52.85 -0.50 -126.55
N ASP MB 88 51.71 -0.25 -127.20
CA ASP MB 88 51.70 0.33 -128.53
C ASP MB 88 52.32 1.72 -128.50
N PHE MB 89 51.95 2.53 -127.50
CA PHE MB 89 52.55 3.86 -127.40
C PHE MB 89 54.05 3.78 -127.17
N PHE MB 90 54.49 2.84 -126.34
CA PHE MB 90 55.92 2.69 -126.03
C PHE MB 90 56.55 1.63 -126.92
N LYS MB 91 56.56 1.91 -128.22
CA LYS MB 91 57.11 0.95 -129.18
C LYS MB 91 58.64 1.04 -129.22
N ASP MB 92 59.24 0.01 -129.81
CA ASP MB 92 60.68 0.00 -129.98
C ASP MB 92 61.11 1.02 -131.03
N GLY MB 93 62.29 1.59 -130.82
CA GLY MB 93 62.84 2.56 -131.74
C GLY MB 93 62.42 3.99 -131.50
N LYS MB 94 61.49 4.24 -130.59
CA LYS MB 94 61.14 5.61 -130.24
C LYS MB 94 62.32 6.30 -129.59
N MET MB 95 62.60 7.52 -130.04
CA MET MB 95 63.77 8.27 -129.59
C MET MB 95 63.34 9.25 -128.52
N LEU MB 96 63.73 8.97 -127.28
CA LEU MB 96 63.51 9.91 -126.19
C LEU MB 96 64.47 11.09 -126.33
N ASN MB 97 64.18 12.16 -125.60
CA ASN MB 97 64.95 13.39 -125.78
C ASN MB 97 66.35 13.31 -125.17
N VAL MB 98 66.67 12.27 -124.40
CA VAL MB 98 68.03 12.11 -123.92
C VAL MB 98 68.63 10.80 -124.43
N GLY MB 99 67.82 9.75 -124.51
CA GLY MB 99 68.30 8.45 -124.93
C GLY MB 99 67.37 7.79 -125.91
N TYR MB 100 67.31 6.45 -125.92
CA TYR MB 100 66.38 5.78 -126.81
C TYR MB 100 65.95 4.46 -126.22
N ILE MB 101 64.79 3.98 -126.66
CA ILE MB 101 64.23 2.73 -126.16
C ILE MB 101 65.02 1.57 -126.75
N PHE MB 102 65.72 0.84 -125.88
CA PHE MB 102 66.51 -0.30 -126.33
C PHE MB 102 65.61 -1.45 -126.77
N GLU MB 103 64.55 -1.70 -126.01
CA GLU MB 103 63.59 -2.76 -126.33
C GLU MB 103 62.34 -2.54 -125.50
N GLY MB 104 61.18 -2.45 -126.15
CA GLY MB 104 59.96 -2.04 -125.48
C GLY MB 104 58.83 -3.04 -125.65
N ALA MB 105 57.70 -2.71 -125.02
CA ALA MB 105 56.43 -3.43 -125.16
C ALA MB 105 56.58 -4.90 -124.76
N ILE MB 106 56.88 -5.09 -123.47
CA ILE MB 106 56.92 -6.40 -122.85
C ILE MB 106 55.89 -6.45 -121.74
N VAL MB 107 55.03 -7.45 -121.78
CA VAL MB 107 54.01 -7.68 -120.75
C VAL MB 107 54.29 -9.04 -120.11
N HIS MB 108 54.34 -9.07 -118.79
CA HIS MB 108 54.58 -10.29 -118.04
C HIS MB 108 53.29 -10.75 -117.37
N GLN MB 109 53.37 -11.92 -116.75
CA GLN MB 109 52.18 -12.55 -116.16
C GLN MB 109 51.67 -11.73 -114.98
N ILE MB 110 50.35 -11.78 -114.80
CA ILE MB 110 49.68 -11.01 -113.75
C ILE MB 110 50.02 -11.59 -112.39
N VAL MB 111 50.32 -10.73 -111.44
CA VAL MB 111 50.43 -11.14 -110.04
C VAL MB 111 49.06 -11.02 -109.40
N LYS MB 112 48.67 -12.03 -108.64
CA LYS MB 112 47.32 -12.15 -108.13
C LYS MB 112 47.31 -11.96 -106.62
N HIS MB 113 46.34 -11.20 -106.14
CA HIS MB 113 46.19 -10.92 -104.72
C HIS MB 113 44.72 -10.96 -104.34
N GLU MB 114 44.47 -10.92 -103.03
CA GLU MB 114 43.11 -10.96 -102.52
C GLU MB 114 42.50 -9.58 -102.32
N SER MB 115 43.27 -8.51 -102.52
CA SER MB 115 42.76 -7.15 -102.36
C SER MB 115 42.70 -6.38 -103.66
N GLY MB 116 43.53 -6.71 -104.64
CA GLY MB 116 43.55 -6.02 -105.92
C GLY MB 116 44.67 -6.51 -106.80
N TRP MB 117 44.38 -6.67 -108.09
CA TRP MB 117 45.32 -7.31 -109.01
C TRP MB 117 46.16 -6.27 -109.73
N MET MB 118 47.36 -6.67 -110.16
CA MET MB 118 48.24 -5.74 -110.85
C MET MB 118 48.94 -6.49 -111.97
N ILE MB 119 49.08 -5.83 -113.11
CA ILE MB 119 49.72 -6.40 -114.29
C ILE MB 119 50.85 -5.45 -114.70
N PRO MB 120 52.09 -5.95 -114.85
CA PRO MB 120 53.20 -5.06 -115.18
C PRO MB 120 53.52 -5.01 -116.67
N VAL MB 121 53.97 -3.85 -117.12
CA VAL MB 121 54.55 -3.68 -118.45
C VAL MB 121 55.95 -3.12 -118.26
N ARG MB 122 56.96 -3.86 -118.73
CA ARG MB 122 58.35 -3.49 -118.49
C ARG MB 122 59.05 -3.29 -119.82
N PHE MB 123 59.87 -2.26 -119.90
CA PHE MB 123 60.70 -2.04 -121.08
C PHE MB 123 62.04 -1.46 -120.63
N THR MB 124 62.94 -1.27 -121.59
CA THR MB 124 64.31 -0.86 -121.28
C THR MB 124 64.73 0.32 -122.13
N VAL MB 125 65.49 1.22 -121.51
CA VAL MB 125 66.00 2.42 -122.17
C VAL MB 125 67.51 2.45 -122.05
N ARG MB 126 68.14 3.08 -123.05
CA ARG MB 126 69.59 3.06 -123.14
C ARG MB 126 70.09 4.43 -123.56
N VAL MB 127 71.23 4.81 -122.99
CA VAL MB 127 71.95 6.01 -123.41
C VAL MB 127 73.43 5.69 -123.48
N ASP MB 128 74.07 6.06 -124.58
CA ASP MB 128 75.50 5.83 -124.78
C ASP MB 128 76.25 7.15 -124.82
N THR MB 129 77.41 7.19 -124.15
CA THR MB 129 78.15 8.44 -124.00
C THR MB 129 79.63 8.21 -124.22
N LYS MB 130 80.32 9.29 -124.59
CA LYS MB 130 81.76 9.31 -124.78
C LYS MB 130 82.35 10.41 -123.91
N GLU MB 131 83.17 10.02 -122.94
CA GLU MB 131 83.80 10.98 -122.04
C GLU MB 131 85.10 11.47 -122.69
N THR MB 132 85.20 12.78 -122.85
CA THR MB 132 86.37 13.38 -123.50
C THR MB 132 87.06 14.39 -122.58
N MET NB 1 97.41 -40.05 -90.55
CA MET NB 1 98.28 -39.12 -89.83
C MET NB 1 97.70 -37.71 -89.84
N HIS NB 2 96.91 -37.39 -88.82
CA HIS NB 2 96.25 -36.09 -88.77
C HIS NB 2 96.39 -35.50 -87.37
N TYR NB 3 96.67 -36.37 -86.39
CA TYR NB 3 96.82 -35.93 -85.00
C TYR NB 3 98.08 -35.09 -84.81
N GLU NB 4 99.22 -35.58 -85.30
CA GLU NB 4 100.49 -34.91 -85.06
C GLU NB 4 100.54 -33.55 -85.71
N LEU NB 5 99.94 -33.41 -86.89
CA LEU NB 5 99.92 -32.13 -87.57
C LEU NB 5 99.21 -31.08 -86.73
N SER NB 6 98.03 -31.42 -86.22
CA SER NB 6 97.29 -30.50 -85.36
C SER NB 6 98.09 -30.16 -84.12
N ALA NB 7 98.72 -31.17 -83.51
CA ALA NB 7 99.53 -30.93 -82.33
C ALA NB 7 100.65 -29.93 -82.63
N ALA NB 8 101.32 -30.10 -83.76
CA ALA NB 8 102.45 -29.23 -84.10
C ALA NB 8 102.00 -27.81 -84.39
N ALA NB 9 100.90 -27.65 -85.12
CA ALA NB 9 100.39 -26.30 -85.40
C ALA NB 9 99.97 -25.60 -84.11
N ARG NB 10 99.28 -26.32 -83.23
CA ARG NB 10 98.91 -25.76 -81.93
C ARG NB 10 100.14 -25.37 -81.14
N ALA NB 11 101.17 -26.21 -81.15
CA ALA NB 11 102.40 -25.91 -80.42
C ALA NB 11 103.06 -24.65 -80.95
N ALA NB 12 103.10 -24.50 -82.28
CA ALA NB 12 103.71 -23.31 -82.86
C ALA NB 12 102.96 -22.05 -82.46
N PHE NB 13 101.63 -22.06 -82.60
CA PHE NB 13 100.87 -20.86 -82.24
C PHE NB 13 101.01 -20.55 -80.75
N LEU NB 14 100.97 -21.58 -79.91
CA LEU NB 14 101.08 -21.38 -78.47
C LEU NB 14 102.45 -20.84 -78.08
N SER NB 15 103.52 -21.36 -78.69
CA SER NB 15 104.85 -20.83 -78.41
C SER NB 15 104.99 -19.39 -78.88
N LYS NB 16 104.28 -19.00 -79.94
CA LYS NB 16 104.35 -17.61 -80.38
C LYS NB 16 103.56 -16.68 -79.46
N TYR NB 17 102.37 -17.10 -79.02
CA TYR NB 17 101.47 -16.22 -78.27
C TYR NB 17 101.06 -16.85 -76.95
N ARG NB 18 102.04 -17.31 -76.18
CA ARG NB 18 101.74 -17.95 -74.90
C ARG NB 18 101.00 -17.00 -73.96
N ASP NB 19 101.45 -15.74 -73.87
CA ASP NB 19 100.92 -14.82 -72.88
C ASP NB 19 99.56 -14.26 -73.26
N PHE NB 20 99.28 -14.11 -74.54
CA PHE NB 20 98.10 -13.37 -74.96
C PHE NB 20 96.84 -14.24 -74.77
N PRO NB 21 95.73 -13.66 -74.30
CA PRO NB 21 94.54 -14.47 -74.02
C PRO NB 21 94.00 -15.15 -75.26
N HIS NB 22 93.66 -16.43 -75.11
CA HIS NB 22 93.28 -17.24 -76.25
C HIS NB 22 92.34 -18.35 -75.81
N TYR NB 23 91.64 -18.91 -76.79
CA TYR NB 23 90.67 -19.98 -76.57
C TYR NB 23 91.00 -21.16 -77.45
N MET NB 24 91.00 -22.36 -76.86
CA MET NB 24 91.37 -23.60 -77.52
C MET NB 24 90.15 -24.47 -77.76
N GLU NB 25 90.41 -25.70 -78.21
CA GLU NB 25 89.33 -26.61 -78.56
C GLU NB 25 88.70 -27.25 -77.33
N ASN NB 26 87.40 -27.01 -77.14
CA ASN NB 26 86.58 -27.76 -76.20
C ASN NB 26 87.13 -27.68 -74.77
N ARG NB 27 87.58 -26.50 -74.36
CA ARG NB 27 87.94 -26.25 -72.97
C ARG NB 27 87.21 -24.99 -72.52
N ASN NB 28 86.66 -25.03 -71.31
CA ASN NB 28 85.87 -23.92 -70.80
C ASN NB 28 86.74 -22.69 -70.52
N PHE NB 29 86.49 -21.62 -71.26
CA PHE NB 29 87.27 -20.38 -71.18
C PHE NB 29 86.32 -19.20 -71.12
N THR NB 30 86.60 -18.26 -70.22
CA THR NB 30 85.78 -17.07 -70.11
C THR NB 30 86.51 -15.85 -70.68
N PRO NB 31 85.83 -15.01 -71.44
CA PRO NB 31 86.51 -13.88 -72.08
C PRO NB 31 86.97 -12.86 -71.07
N PRO NB 32 87.98 -12.04 -71.40
CA PRO NB 32 88.55 -11.12 -70.42
C PRO NB 32 87.51 -10.15 -69.87
N LYS NB 33 87.67 -9.82 -68.59
CA LYS NB 33 86.71 -8.95 -67.91
C LYS NB 33 86.75 -7.53 -68.47
N ASP NB 34 87.96 -7.05 -68.79
CA ASP NB 34 88.11 -5.71 -69.35
C ASP NB 34 87.45 -5.60 -70.72
N GLY NB 35 87.44 -6.68 -71.51
CA GLY NB 35 86.90 -6.63 -72.84
C GLY NB 35 87.92 -6.39 -73.93
N GLY NB 36 89.20 -6.59 -73.64
CA GLY NB 36 90.22 -6.45 -74.65
C GLY NB 36 90.22 -7.60 -75.63
N MET NB 37 91.05 -7.46 -76.65
CA MET NB 37 91.11 -8.45 -77.71
C MET NB 37 91.64 -9.78 -77.19
N TRP NB 38 91.04 -10.87 -77.68
CA TRP NB 38 91.53 -12.20 -77.37
C TRP NB 38 91.41 -13.05 -78.63
N LEU NB 39 92.23 -14.10 -78.70
CA LEU NB 39 92.33 -14.90 -79.90
C LEU NB 39 91.54 -16.20 -79.77
N ARG NB 40 91.04 -16.67 -80.90
CA ARG NB 40 90.28 -17.91 -80.98
C ARG NB 40 91.06 -18.89 -81.87
N PHE NB 41 91.11 -20.15 -81.47
CA PHE NB 41 91.83 -21.16 -82.23
C PHE NB 41 90.85 -22.22 -82.72
N ASN NB 42 90.94 -22.57 -84.00
CA ASN NB 42 90.06 -23.56 -84.59
C ASN NB 42 90.85 -24.41 -85.58
N TYR NB 43 90.35 -25.62 -85.80
CA TYR NB 43 90.99 -26.58 -86.68
C TYR NB 43 89.93 -27.22 -87.57
N ILE NB 44 90.28 -27.44 -88.84
CA ILE NB 44 89.35 -27.96 -89.83
C ILE NB 44 90.03 -29.15 -90.52
N GLU NB 45 89.27 -30.20 -90.77
CA GLU NB 45 89.80 -31.39 -91.42
C GLU NB 45 89.53 -31.35 -92.91
N GLY NB 46 90.55 -31.70 -93.70
CA GLY NB 46 90.42 -31.78 -95.15
C GLY NB 46 90.37 -33.22 -95.63
N ASP NB 47 90.20 -33.36 -96.94
CA ASP NB 47 90.12 -34.67 -97.55
C ASP NB 47 91.49 -35.31 -97.67
N THR NB 48 91.49 -36.64 -97.80
CA THR NB 48 92.70 -37.43 -97.98
C THR NB 48 92.68 -38.06 -99.36
N LEU NB 49 93.77 -37.91 -100.10
CA LEU NB 49 93.80 -38.27 -101.52
C LEU NB 49 94.59 -39.56 -101.72
N TYR NB 50 94.04 -40.46 -102.54
CA TYR NB 50 94.77 -41.61 -103.04
C TYR NB 50 95.47 -41.21 -104.33
N LEU NB 51 96.80 -41.24 -104.33
CA LEU NB 51 97.57 -40.72 -105.45
C LEU NB 51 97.79 -41.76 -106.54
N SER NB 52 98.06 -43.01 -106.15
CA SER NB 52 98.49 -44.02 -107.10
C SER NB 52 97.35 -44.97 -107.45
N ILE NB 53 97.67 -45.99 -108.24
CA ILE NB 53 96.72 -47.03 -108.59
C ILE NB 53 96.76 -48.19 -107.60
N ASP NB 54 97.85 -48.35 -106.85
CA ASP NB 54 97.97 -49.38 -105.83
C ASP NB 54 97.59 -48.91 -104.43
N ARG NB 55 97.25 -47.62 -104.27
CA ARG NB 55 96.66 -47.08 -103.04
C ARG NB 55 97.64 -47.19 -101.87
N LYS NB 56 98.87 -46.69 -102.06
CA LYS NB 56 99.94 -46.78 -101.08
C LYS NB 56 100.46 -45.41 -100.65
N CYS NB 57 100.53 -44.45 -101.56
CA CYS NB 57 101.02 -43.12 -101.27
C CYS NB 57 99.86 -42.14 -101.16
N LYS NB 58 99.77 -41.44 -100.04
CA LYS NB 58 98.65 -40.58 -99.71
C LYS NB 58 99.11 -39.22 -99.23
N SER NB 59 98.14 -38.33 -99.00
CA SER NB 59 98.39 -36.98 -98.53
C SER NB 59 97.28 -36.56 -97.58
N TYR NB 60 97.61 -35.61 -96.70
CA TYR NB 60 96.67 -35.11 -95.71
C TYR NB 60 96.68 -33.58 -95.72
N ILE NB 61 95.48 -32.99 -95.74
CA ILE NB 61 95.27 -31.55 -95.85
C ILE NB 61 94.55 -31.08 -94.60
N ALA NB 62 94.92 -29.90 -94.10
CA ALA NB 62 94.22 -29.30 -92.97
C ALA NB 62 94.09 -27.80 -93.19
N ILE NB 63 93.08 -27.21 -92.55
CA ILE NB 63 92.85 -25.77 -92.59
C ILE NB 63 92.83 -25.26 -91.15
N VAL NB 64 93.55 -24.17 -90.90
CA VAL NB 64 93.63 -23.56 -89.59
C VAL NB 64 93.03 -22.17 -89.68
N GLN NB 65 92.11 -21.86 -88.75
CA GLN NB 65 91.43 -20.58 -88.68
C GLN NB 65 91.68 -19.96 -87.32
N ILE NB 66 92.01 -18.67 -87.30
CA ILE NB 66 92.28 -17.94 -86.07
C ILE NB 66 91.42 -16.69 -86.10
N GLY NB 67 90.94 -16.26 -84.93
CA GLY NB 67 90.04 -15.13 -84.91
C GLY NB 67 90.45 -14.02 -83.97
N VAL NB 68 90.23 -12.78 -84.35
CA VAL NB 68 90.49 -11.63 -83.51
C VAL NB 68 89.18 -10.92 -83.22
N VAL NB 69 88.85 -10.76 -81.93
CA VAL NB 69 87.61 -10.14 -81.51
C VAL NB 69 87.92 -8.79 -80.87
N PHE NB 70 87.02 -7.84 -81.04
CA PHE NB 70 87.17 -6.53 -80.43
C PHE NB 70 85.81 -5.96 -80.06
N PRO NB 71 85.74 -5.14 -79.01
CA PRO NB 71 84.46 -4.61 -78.58
C PRO NB 71 83.92 -3.60 -79.56
N PRO NB 72 82.61 -3.41 -79.61
CA PRO NB 72 82.04 -2.37 -80.48
C PRO NB 72 82.41 -0.97 -79.99
N GLY NB 73 82.50 -0.05 -80.94
CA GLY NB 73 82.82 1.33 -80.63
C GLY NB 73 84.29 1.63 -80.45
N SER NB 74 85.17 0.69 -80.78
CA SER NB 74 86.61 0.89 -80.61
C SER NB 74 87.35 0.97 -81.94
N GLY NB 75 86.63 1.17 -83.04
CA GLY NB 75 87.27 1.28 -84.33
C GLY NB 75 87.68 -0.06 -84.91
N VAL NB 76 88.50 0.01 -85.95
CA VAL NB 76 88.97 -1.19 -86.63
C VAL NB 76 90.47 -1.22 -86.85
N ASP NB 77 91.18 -0.11 -86.67
CA ASP NB 77 92.59 -0.07 -87.05
C ASP NB 77 93.45 -0.98 -86.18
N GLU NB 78 93.21 -1.06 -84.87
CA GLU NB 78 94.03 -1.95 -84.05
C GLU NB 78 93.83 -3.40 -84.47
N ALA NB 79 92.59 -3.81 -84.72
CA ALA NB 79 92.31 -5.18 -85.12
C ALA NB 79 92.94 -5.49 -86.47
N ARG NB 80 92.82 -4.57 -87.42
CA ARG NB 80 93.43 -4.80 -88.73
C ARG NB 80 94.95 -4.89 -88.62
N LEU NB 81 95.56 -4.05 -87.77
CA LEU NB 81 96.99 -4.16 -87.55
C LEU NB 81 97.35 -5.53 -86.99
N LYS NB 82 96.67 -5.95 -85.92
CA LYS NB 82 96.94 -7.24 -85.31
C LYS NB 82 96.84 -8.37 -86.32
N ALA NB 83 95.78 -8.35 -87.13
CA ALA NB 83 95.66 -9.33 -88.20
C ALA NB 83 96.84 -9.24 -89.16
N LYS NB 84 97.36 -8.03 -89.37
CA LYS NB 84 98.50 -7.88 -90.26
C LYS NB 84 99.74 -8.58 -89.69
N GLU NB 85 100.02 -8.40 -88.40
CA GLU NB 85 101.18 -9.12 -87.87
C GLU NB 85 100.95 -10.63 -87.85
N ILE NB 86 99.71 -11.07 -87.60
CA ILE NB 86 99.44 -12.51 -87.65
C ILE NB 86 99.74 -13.06 -89.04
N ALA NB 87 99.26 -12.35 -90.07
CA ALA NB 87 99.48 -12.79 -91.44
C ALA NB 87 100.97 -12.77 -91.80
N ASP NB 88 101.69 -11.75 -91.33
CA ASP NB 88 103.13 -11.69 -91.59
C ASP NB 88 103.85 -12.85 -90.93
N PHE NB 89 103.47 -13.18 -89.69
CA PHE NB 89 104.11 -14.29 -88.98
C PHE NB 89 103.83 -15.61 -89.67
N PHE NB 90 102.61 -15.80 -90.16
CA PHE NB 90 102.24 -17.06 -90.82
C PHE NB 90 102.41 -16.94 -92.34
N LYS NB 91 103.66 -16.88 -92.76
CA LYS NB 91 104.00 -16.70 -94.16
C LYS NB 91 104.04 -18.04 -94.89
N ASP NB 92 104.03 -17.97 -96.22
CA ASP NB 92 103.95 -19.15 -97.06
C ASP NB 92 105.25 -19.93 -97.08
N GLY NB 93 105.13 -21.26 -97.05
CA GLY NB 93 106.27 -22.13 -97.19
C GLY NB 93 107.02 -22.45 -95.93
N LYS NB 94 106.61 -21.91 -94.79
CA LYS NB 94 107.26 -22.24 -93.53
C LYS NB 94 107.08 -23.72 -93.22
N MET NB 95 108.13 -24.34 -92.67
CA MET NB 95 108.13 -25.77 -92.40
C MET NB 95 107.80 -26.01 -90.93
N LEU NB 96 106.75 -26.79 -90.68
CA LEU NB 96 106.42 -27.19 -89.33
C LEU NB 96 107.14 -28.49 -88.97
N ASN NB 97 106.86 -29.00 -87.76
CA ASN NB 97 107.55 -30.18 -87.27
C ASN NB 97 107.17 -31.44 -88.02
N VAL NB 98 105.96 -31.54 -88.55
CA VAL NB 98 105.54 -32.75 -89.25
C VAL NB 98 105.14 -32.41 -90.67
N GLY NB 99 104.67 -31.18 -90.88
CA GLY NB 99 104.21 -30.79 -92.21
C GLY NB 99 104.65 -29.40 -92.60
N TYR NB 100 103.97 -28.81 -93.57
CA TYR NB 100 104.36 -27.47 -94.01
C TYR NB 100 103.14 -26.69 -94.46
N ILE NB 101 103.29 -25.36 -94.47
CA ILE NB 101 102.21 -24.47 -94.86
C ILE NB 101 102.00 -24.59 -96.37
N PHE NB 102 100.84 -25.12 -96.76
CA PHE NB 102 100.53 -25.28 -98.18
C PHE NB 102 100.23 -23.93 -98.82
N GLU NB 103 99.49 -23.07 -98.12
CA GLU NB 103 99.13 -21.75 -98.60
C GLU NB 103 98.61 -20.93 -97.43
N GLY NB 104 99.20 -19.76 -97.17
CA GLY NB 104 99.00 -19.06 -95.92
C GLY NB 104 98.76 -17.57 -96.09
N ALA NB 105 98.53 -16.91 -94.95
CA ALA NB 105 98.38 -15.46 -94.84
C ALA NB 105 97.22 -14.94 -95.68
N ILE NB 106 96.02 -15.33 -95.25
CA ILE NB 106 94.78 -14.86 -95.86
C ILE NB 106 93.93 -14.19 -94.79
N VAL NB 107 93.37 -13.02 -95.12
CA VAL NB 107 92.44 -12.31 -94.26
C VAL NB 107 91.12 -12.19 -94.99
N HIS NB 108 90.03 -12.55 -94.31
CA HIS NB 108 88.70 -12.56 -94.90
C HIS NB 108 87.87 -11.39 -94.37
N GLN NB 109 86.64 -11.30 -94.87
CA GLN NB 109 85.79 -10.17 -94.54
C GLN NB 109 85.31 -10.24 -93.09
N ILE NB 110 85.05 -9.06 -92.53
CA ILE NB 110 84.70 -8.93 -91.12
C ILE NB 110 83.25 -9.38 -90.91
N VAL NB 111 83.05 -10.27 -89.95
CA VAL NB 111 81.70 -10.63 -89.50
C VAL NB 111 81.32 -9.70 -88.36
N LYS NB 112 80.12 -9.12 -88.46
CA LYS NB 112 79.68 -8.08 -87.55
C LYS NB 112 78.56 -8.60 -86.65
N HIS NB 113 78.73 -8.41 -85.35
CA HIS NB 113 77.65 -8.65 -84.40
C HIS NB 113 77.55 -7.46 -83.46
N GLU NB 114 76.34 -7.21 -82.98
CA GLU NB 114 76.08 -6.03 -82.17
C GLU NB 114 76.73 -6.07 -80.79
N SER NB 115 77.26 -7.23 -80.37
CA SER NB 115 77.92 -7.34 -79.09
C SER NB 115 79.44 -7.30 -79.18
N GLY NB 116 79.99 -7.56 -80.37
CA GLY NB 116 81.43 -7.55 -80.58
C GLY NB 116 81.79 -8.04 -81.96
N TRP NB 117 82.88 -7.55 -82.52
CA TRP NB 117 83.22 -7.85 -83.90
C TRP NB 117 84.38 -8.84 -83.97
N MET NB 118 84.45 -9.55 -85.10
CA MET NB 118 85.44 -10.61 -85.29
C MET NB 118 86.04 -10.51 -86.67
N ILE NB 119 87.33 -10.74 -86.77
CA ILE NB 119 88.07 -10.79 -88.03
C ILE NB 119 88.75 -12.15 -88.11
N PRO NB 120 88.51 -12.92 -89.18
CA PRO NB 120 89.16 -14.23 -89.30
C PRO NB 120 90.43 -14.19 -90.14
N VAL NB 121 91.38 -15.07 -89.83
CA VAL NB 121 92.58 -15.28 -90.62
C VAL NB 121 92.73 -16.78 -90.83
N ARG NB 122 92.83 -17.20 -92.09
CA ARG NB 122 92.79 -18.61 -92.40
C ARG NB 122 93.99 -18.99 -93.26
N PHE NB 123 94.52 -20.18 -93.01
CA PHE NB 123 95.57 -20.73 -93.86
C PHE NB 123 95.43 -22.24 -93.90
N THR NB 124 96.29 -22.90 -94.68
CA THR NB 124 96.20 -24.33 -94.88
C THR NB 124 97.57 -24.97 -94.77
N VAL NB 125 97.59 -26.22 -94.30
CA VAL NB 125 98.80 -26.96 -94.05
C VAL NB 125 98.66 -28.37 -94.63
N ARG NB 126 99.80 -29.01 -94.87
CA ARG NB 126 99.82 -30.24 -95.64
C ARG NB 126 100.91 -31.18 -95.15
N VAL NB 127 100.64 -32.48 -95.31
CA VAL NB 127 101.62 -33.54 -95.07
C VAL NB 127 101.51 -34.57 -96.18
N ASP NB 128 102.64 -35.10 -96.63
CA ASP NB 128 102.68 -36.15 -97.64
C ASP NB 128 103.26 -37.43 -97.02
N THR NB 129 102.62 -38.57 -97.27
CA THR NB 129 102.99 -39.81 -96.62
C THR NB 129 102.97 -40.95 -97.62
N LYS NB 130 103.84 -41.93 -97.40
CA LYS NB 130 103.84 -43.19 -98.13
C LYS NB 130 103.78 -44.32 -97.11
N GLU NB 131 102.77 -45.18 -97.21
CA GLU NB 131 102.69 -46.35 -96.35
C GLU NB 131 103.04 -47.58 -97.17
N THR NB 132 103.98 -48.38 -96.66
CA THR NB 132 104.44 -49.58 -97.36
C THR NB 132 103.70 -50.79 -96.83
N MET OB 1 70.36 -59.00 -104.45
CA MET OB 1 71.40 -59.26 -103.46
C MET OB 1 71.82 -57.99 -102.75
N HIS OB 2 71.01 -57.55 -101.78
CA HIS OB 2 71.34 -56.36 -101.01
C HIS OB 2 71.20 -56.67 -99.52
N TYR OB 3 70.46 -57.74 -99.23
CA TYR OB 3 70.31 -58.22 -97.86
C TYR OB 3 71.63 -58.73 -97.31
N GLU OB 4 72.32 -59.56 -98.08
CA GLU OB 4 73.55 -60.19 -97.61
C GLU OB 4 74.66 -59.17 -97.43
N LEU OB 5 74.64 -58.07 -98.17
CA LEU OB 5 75.65 -57.03 -97.99
C LEU OB 5 75.57 -56.43 -96.60
N SER OB 6 74.36 -56.03 -96.17
CA SER OB 6 74.18 -55.52 -94.83
C SER OB 6 74.50 -56.59 -93.80
N ALA OB 7 74.10 -57.84 -94.06
CA ALA OB 7 74.43 -58.91 -93.14
C ALA OB 7 75.94 -59.03 -92.94
N ALA OB 8 76.70 -59.02 -94.04
CA ALA OB 8 78.15 -59.16 -93.96
C ALA OB 8 78.78 -57.97 -93.24
N ALA OB 9 78.33 -56.76 -93.55
CA ALA OB 9 78.89 -55.57 -92.90
C ALA OB 9 78.65 -55.62 -91.39
N ARG OB 10 77.42 -55.96 -90.99
CA ARG OB 10 77.13 -56.09 -89.57
C ARG OB 10 77.98 -57.17 -88.93
N ALA OB 11 78.15 -58.31 -89.61
CA ALA OB 11 78.94 -59.40 -89.06
C ALA OB 11 80.37 -58.95 -88.81
N ALA OB 12 80.99 -58.29 -89.80
CA ALA OB 12 82.37 -57.85 -89.64
C ALA OB 12 82.50 -56.83 -88.52
N PHE OB 13 81.61 -55.83 -88.50
CA PHE OB 13 81.72 -54.79 -87.49
C PHE OB 13 81.51 -55.36 -86.09
N LEU OB 14 80.53 -56.24 -85.92
CA LEU OB 14 80.29 -56.86 -84.63
C LEU OB 14 81.43 -57.76 -84.21
N SER OB 15 82.01 -58.53 -85.13
CA SER OB 15 83.18 -59.33 -84.78
C SER OB 15 84.35 -58.46 -84.33
N LYS OB 16 84.50 -57.28 -84.91
CA LYS OB 16 85.59 -56.41 -84.48
C LYS OB 16 85.30 -55.75 -83.13
N TYR OB 17 84.08 -55.28 -82.89
CA TYR OB 17 83.78 -54.46 -81.71
C TYR OB 17 82.54 -54.98 -80.98
N ARG OB 18 82.54 -56.28 -80.67
CA ARG OB 18 81.43 -56.87 -79.95
C ARG OB 18 81.17 -56.18 -78.62
N ASP OB 19 82.23 -55.98 -77.82
CA ASP OB 19 82.05 -55.54 -76.44
C ASP OB 19 81.74 -54.05 -76.32
N PHE OB 20 82.31 -53.22 -77.18
CA PHE OB 20 82.23 -51.78 -77.00
C PHE OB 20 80.79 -51.30 -77.18
N PRO OB 21 80.36 -50.27 -76.45
CA PRO OB 21 78.99 -49.79 -76.59
C PRO OB 21 78.70 -49.27 -77.98
N HIS OB 22 77.65 -49.78 -78.60
CA HIS OB 22 77.34 -49.44 -79.98
C HIS OB 22 75.83 -49.39 -80.15
N TYR OB 23 75.40 -48.66 -81.19
CA TYR OB 23 74.00 -48.51 -81.53
C TYR OB 23 73.77 -49.03 -82.93
N MET OB 24 72.68 -49.77 -83.12
CA MET OB 24 72.32 -50.36 -84.40
C MET OB 24 70.96 -49.87 -84.88
N GLU OB 25 70.56 -50.35 -86.05
CA GLU OB 25 69.35 -49.88 -86.70
C GLU OB 25 68.10 -50.38 -85.97
N ASN OB 26 67.23 -49.45 -85.58
CA ASN OB 26 65.86 -49.75 -85.17
C ASN OB 26 65.81 -50.66 -83.93
N ARG OB 27 66.75 -50.46 -83.02
CA ARG OB 27 66.73 -51.15 -81.73
C ARG OB 27 66.88 -50.12 -80.63
N ASN OB 28 66.07 -50.24 -79.59
CA ASN OB 28 66.11 -49.29 -78.48
C ASN OB 28 67.42 -49.40 -77.72
N PHE OB 29 68.18 -48.31 -77.66
CA PHE OB 29 69.50 -48.30 -77.05
C PHE OB 29 69.67 -47.06 -76.20
N THR OB 30 70.18 -47.24 -74.98
CA THR OB 30 70.43 -46.17 -74.02
C THR OB 30 71.92 -45.92 -73.90
N PRO OB 31 72.36 -44.66 -73.84
CA PRO OB 31 73.79 -44.38 -73.82
C PRO OB 31 74.39 -44.69 -72.46
N PRO OB 32 75.71 -44.83 -72.38
CA PRO OB 32 76.34 -45.19 -71.10
C PRO OB 32 76.06 -44.17 -70.02
N LYS OB 33 75.88 -44.67 -68.80
CA LYS OB 33 75.56 -43.80 -67.67
C LYS OB 33 76.72 -42.86 -67.34
N ASP OB 34 77.95 -43.36 -67.45
CA ASP OB 34 79.12 -42.54 -67.18
C ASP OB 34 79.28 -41.41 -68.18
N GLY OB 35 78.85 -41.60 -69.42
CA GLY OB 35 79.01 -40.58 -70.44
C GLY OB 35 80.26 -40.73 -71.28
N GLY OB 36 80.86 -41.91 -71.33
CA GLY OB 36 82.02 -42.12 -72.18
C GLY OB 36 81.64 -42.29 -73.63
N MET OB 37 82.66 -42.55 -74.45
CA MET OB 37 82.46 -42.67 -75.88
C MET OB 37 81.68 -43.95 -76.22
N TRP OB 38 81.03 -43.92 -77.38
CA TRP OB 38 80.32 -45.09 -77.91
C TRP OB 38 80.15 -44.89 -79.41
N LEU OB 39 79.78 -45.97 -80.09
CA LEU OB 39 79.77 -45.98 -81.55
C LEU OB 39 78.35 -46.07 -82.09
N ARG OB 40 78.15 -45.51 -83.28
CA ARG OB 40 76.90 -45.57 -84.01
C ARG OB 40 77.11 -46.37 -85.29
N PHE OB 41 76.08 -47.09 -85.72
CA PHE OB 41 76.14 -47.85 -86.96
C PHE OB 41 75.02 -47.38 -87.88
N ASN OB 42 75.39 -46.96 -89.08
CA ASN OB 42 74.40 -46.53 -90.07
C ASN OB 42 74.70 -47.22 -91.40
N TYR OB 43 73.64 -47.60 -92.09
CA TYR OB 43 73.73 -48.27 -93.38
C TYR OB 43 72.99 -47.42 -94.41
N ILE OB 44 73.68 -47.09 -95.50
CA ILE OB 44 73.13 -46.29 -96.59
C ILE OB 44 73.19 -47.12 -97.86
N GLU OB 45 72.05 -47.26 -98.53
CA GLU OB 45 71.99 -48.05 -99.75
C GLU OB 45 72.31 -47.18 -100.95
N GLY OB 46 73.27 -47.62 -101.76
CA GLY OB 46 73.60 -46.96 -103.01
C GLY OB 46 72.74 -47.47 -104.16
N ASP OB 47 72.87 -46.80 -105.29
CA ASP OB 47 72.14 -47.17 -106.47
C ASP OB 47 72.70 -48.46 -107.08
N THR OB 48 71.86 -49.16 -107.83
CA THR OB 48 72.24 -50.38 -108.51
C THR OB 48 72.47 -50.09 -109.99
N LEU OB 49 73.66 -50.40 -110.47
CA LEU OB 49 74.04 -50.13 -111.86
C LEU OB 49 73.69 -51.33 -112.72
N TYR OB 50 73.19 -51.07 -113.92
CA TYR OB 50 72.94 -52.12 -114.91
C TYR OB 50 74.03 -52.00 -115.97
N LEU OB 51 74.86 -53.03 -116.10
CA LEU OB 51 76.07 -52.93 -116.89
C LEU OB 51 75.84 -53.25 -118.37
N SER OB 52 75.18 -54.36 -118.66
CA SER OB 52 75.13 -54.87 -120.02
C SER OB 52 73.86 -54.42 -120.75
N ILE OB 53 73.66 -54.98 -121.94
CA ILE OB 53 72.48 -54.68 -122.75
C ILE OB 53 71.43 -55.78 -122.65
N ASP OB 54 71.80 -56.99 -122.28
CA ASP OB 54 70.85 -58.07 -122.06
C ASP OB 54 70.23 -58.02 -120.67
N ARG OB 55 70.67 -57.09 -119.83
CA ARG OB 55 70.05 -56.78 -118.53
C ARG OB 55 70.18 -57.96 -117.56
N LYS OB 56 71.38 -58.52 -117.48
CA LYS OB 56 71.64 -59.71 -116.66
C LYS OB 56 72.79 -59.53 -115.69
N CYS OB 57 73.77 -58.68 -116.00
CA CYS OB 57 74.88 -58.41 -115.09
C CYS OB 57 74.55 -57.17 -114.28
N LYS OB 58 74.68 -57.27 -112.96
CA LYS OB 58 74.16 -56.30 -112.02
C LYS OB 58 75.23 -55.97 -110.99
N SER OB 59 75.10 -54.79 -110.37
CA SER OB 59 76.03 -54.36 -109.33
C SER OB 59 75.25 -53.71 -108.20
N TYR OB 60 75.83 -53.73 -107.00
CA TYR OB 60 75.22 -53.14 -105.82
C TYR OB 60 76.28 -52.39 -105.03
N ILE OB 61 75.97 -51.15 -104.68
CA ILE OB 61 76.85 -50.27 -103.91
C ILE OB 61 76.20 -50.01 -102.56
N ALA OB 62 77.02 -49.86 -101.52
CA ALA OB 62 76.51 -49.46 -100.21
C ALA OB 62 77.55 -48.60 -99.52
N ILE OB 63 77.09 -47.72 -98.63
CA ILE OB 63 77.95 -46.82 -97.89
C ILE OB 63 77.72 -47.05 -96.40
N VAL OB 64 78.80 -47.19 -95.65
CA VAL OB 64 78.74 -47.44 -94.22
C VAL OB 64 79.42 -46.29 -93.50
N GLN OB 65 78.71 -45.72 -92.51
CA GLN OB 65 79.19 -44.59 -91.74
C GLN OB 65 79.17 -44.95 -90.26
N ILE OB 66 80.28 -44.69 -89.57
CA ILE OB 66 80.44 -45.00 -88.15
C ILE OB 66 80.86 -43.73 -87.44
N GLY OB 67 80.15 -43.38 -86.38
CA GLY OB 67 80.47 -42.15 -85.66
C GLY OB 67 81.01 -42.40 -84.27
N VAL OB 68 81.93 -41.55 -83.82
CA VAL OB 68 82.47 -41.62 -82.47
C VAL OB 68 82.09 -40.35 -81.73
N VAL OB 69 81.55 -40.51 -80.52
CA VAL OB 69 81.04 -39.39 -79.74
C VAL OB 69 81.91 -39.20 -78.51
N PHE OB 70 81.93 -37.98 -77.98
CA PHE OB 70 82.68 -37.71 -76.76
C PHE OB 70 82.15 -36.46 -76.08
N PRO OB 71 82.25 -36.41 -74.74
CA PRO OB 71 81.61 -35.32 -74.00
C PRO OB 71 82.34 -34.01 -74.21
N PRO OB 72 81.67 -32.89 -73.97
CA PRO OB 72 82.34 -31.59 -74.09
C PRO OB 72 83.24 -31.32 -72.90
N GLY OB 73 84.20 -30.42 -73.10
CA GLY OB 73 85.12 -30.04 -72.05
C GLY OB 73 86.20 -31.05 -71.74
N SER OB 74 86.50 -31.97 -72.66
CA SER OB 74 87.44 -33.05 -72.40
C SER OB 74 88.45 -33.26 -73.54
N GLY OB 75 88.64 -32.26 -74.39
CA GLY OB 75 89.60 -32.38 -75.47
C GLY OB 75 89.10 -33.22 -76.63
N VAL OB 76 89.99 -33.41 -77.61
CA VAL OB 76 89.64 -34.14 -78.82
C VAL OB 76 90.64 -35.23 -79.18
N ASP OB 77 91.81 -35.29 -78.54
CA ASP OB 77 92.87 -36.17 -79.03
C ASP OB 77 92.53 -37.65 -78.85
N GLU OB 78 91.84 -38.03 -77.77
CA GLU OB 78 91.46 -39.43 -77.64
C GLU OB 78 90.49 -39.82 -78.75
N ALA OB 79 89.56 -38.92 -79.09
CA ALA OB 79 88.64 -39.19 -80.18
C ALA OB 79 89.38 -39.34 -81.50
N ARG OB 80 90.37 -38.47 -81.76
CA ARG OB 80 91.14 -38.59 -82.99
C ARG OB 80 91.91 -39.92 -83.03
N LEU OB 81 92.47 -40.32 -81.90
CA LEU OB 81 93.19 -41.60 -81.83
C LEU OB 81 92.25 -42.76 -82.15
N LYS OB 82 91.07 -42.79 -81.52
CA LYS OB 82 90.12 -43.86 -81.79
C LYS OB 82 89.68 -43.85 -83.25
N ALA OB 83 89.45 -42.67 -83.81
CA ALA OB 83 88.99 -42.58 -85.19
C ALA OB 83 90.05 -43.12 -86.15
N LYS OB 84 91.31 -42.75 -85.95
CA LYS OB 84 92.33 -43.27 -86.86
C LYS OB 84 92.58 -44.75 -86.61
N GLU OB 85 92.28 -45.24 -85.40
CA GLU OB 85 92.33 -46.68 -85.18
C GLU OB 85 91.27 -47.40 -86.01
N ILE OB 86 90.04 -46.88 -86.02
CA ILE OB 86 88.99 -47.48 -86.85
C ILE OB 86 89.39 -47.43 -88.31
N ALA OB 87 89.94 -46.29 -88.75
CA ALA OB 87 90.35 -46.14 -90.14
C ALA OB 87 91.43 -47.14 -90.49
N ASP OB 88 92.41 -47.34 -89.59
CA ASP OB 88 93.47 -48.30 -89.85
C ASP OB 88 92.92 -49.72 -89.96
N PHE OB 89 91.98 -50.07 -89.09
CA PHE OB 89 91.37 -51.40 -89.20
C PHE OB 89 90.65 -51.58 -90.52
N PHE OB 90 89.86 -50.59 -90.93
CA PHE OB 90 89.11 -50.68 -92.18
C PHE OB 90 89.94 -50.17 -93.36
N LYS OB 91 90.91 -50.98 -93.76
CA LYS OB 91 91.82 -50.60 -94.84
C LYS OB 91 91.21 -50.95 -96.19
N ASP OB 92 91.80 -50.37 -97.24
CA ASP OB 92 91.33 -50.58 -98.59
C ASP OB 92 91.68 -51.98 -99.07
N GLY OB 93 90.85 -52.50 -99.98
CA GLY OB 93 91.11 -53.76 -100.62
C GLY OB 93 90.73 -54.99 -99.82
N LYS OB 94 90.23 -54.84 -98.60
CA LYS OB 94 89.84 -55.98 -97.79
C LYS OB 94 88.65 -56.68 -98.43
N MET OB 95 88.63 -58.01 -98.33
CA MET OB 95 87.60 -58.83 -98.96
C MET OB 95 86.64 -59.31 -97.89
N LEU OB 96 85.36 -58.94 -98.03
CA LEU OB 96 84.33 -59.48 -97.17
C LEU OB 96 83.94 -60.89 -97.63
N ASN OB 97 83.05 -61.53 -96.87
CA ASN OB 97 82.59 -62.85 -97.25
C ASN OB 97 81.50 -62.80 -98.32
N VAL OB 98 81.01 -61.62 -98.67
CA VAL OB 98 80.03 -61.47 -99.75
C VAL OB 98 80.52 -60.49 -100.82
N GLY OB 99 81.02 -59.32 -100.40
CA GLY OB 99 81.52 -58.33 -101.34
C GLY OB 99 82.91 -57.85 -100.97
N TYR OB 100 83.24 -56.61 -101.31
CA TYR OB 100 84.54 -56.09 -100.95
C TYR OB 100 84.48 -54.58 -100.78
N ILE OB 101 85.47 -54.05 -100.07
CA ILE OB 101 85.54 -52.62 -99.77
C ILE OB 101 86.06 -51.89 -101.01
N PHE OB 102 85.31 -50.87 -101.45
CA PHE OB 102 85.73 -50.11 -102.63
C PHE OB 102 86.80 -49.10 -102.24
N GLU OB 103 86.57 -48.30 -101.20
CA GLU OB 103 87.59 -47.51 -100.52
C GLU OB 103 87.25 -47.41 -99.04
N GLY OB 104 88.24 -47.12 -98.20
CA GLY OB 104 88.02 -47.01 -96.77
C GLY OB 104 88.93 -45.96 -96.14
N ALA OB 105 88.71 -45.77 -94.84
CA ALA OB 105 89.53 -44.91 -93.99
C ALA OB 105 89.53 -43.46 -94.51
N ILE OB 106 88.35 -42.85 -94.42
CA ILE OB 106 88.19 -41.42 -94.70
C ILE OB 106 87.62 -40.77 -93.44
N VAL OB 107 88.22 -39.66 -93.03
CA VAL OB 107 87.78 -38.88 -91.88
C VAL OB 107 87.33 -37.51 -92.36
N HIS OB 108 86.27 -36.98 -91.77
CA HIS OB 108 85.71 -35.70 -92.16
C HIS OB 108 85.74 -34.70 -91.02
N GLN OB 109 85.10 -33.56 -91.24
CA GLN OB 109 85.11 -32.44 -90.32
C GLN OB 109 84.36 -32.78 -89.03
N ILE OB 110 84.82 -32.20 -87.94
CA ILE OB 110 84.18 -32.37 -86.64
C ILE OB 110 82.83 -31.68 -86.65
N VAL OB 111 81.79 -32.40 -86.25
CA VAL OB 111 80.48 -31.81 -86.03
C VAL OB 111 80.28 -31.63 -84.53
N LYS OB 112 79.95 -30.40 -84.12
CA LYS OB 112 79.90 -30.03 -82.71
C LYS OB 112 78.47 -29.75 -82.30
N HIS OB 113 78.15 -30.08 -81.05
CA HIS OB 113 76.83 -29.82 -80.49
C HIS OB 113 76.99 -29.43 -79.03
N GLU OB 114 75.96 -28.78 -78.51
CA GLU OB 114 75.98 -28.25 -77.14
C GLU OB 114 76.15 -29.34 -76.08
N SER OB 115 75.71 -30.57 -76.34
CA SER OB 115 75.75 -31.62 -75.34
C SER OB 115 76.87 -32.63 -75.56
N GLY OB 116 77.47 -32.66 -76.76
CA GLY OB 116 78.54 -33.60 -77.03
C GLY OB 116 78.99 -33.54 -78.48
N TRP OB 117 80.23 -33.91 -78.75
CA TRP OB 117 80.77 -33.79 -80.10
C TRP OB 117 80.92 -35.17 -80.74
N MET OB 118 80.94 -35.18 -82.08
CA MET OB 118 80.99 -36.43 -82.82
C MET OB 118 81.91 -36.27 -84.01
N ILE OB 119 82.56 -37.36 -84.40
CA ILE OB 119 83.46 -37.41 -85.54
C ILE OB 119 83.06 -38.60 -86.41
N PRO OB 120 82.83 -38.41 -87.71
CA PRO OB 120 82.42 -39.52 -88.57
C PRO OB 120 83.57 -40.20 -89.30
N VAL OB 121 83.42 -41.48 -89.62
CA VAL OB 121 84.31 -42.22 -90.50
C VAL OB 121 83.45 -42.99 -91.48
N ARG OB 122 83.69 -42.79 -92.78
CA ARG OB 122 82.80 -43.33 -93.80
C ARG OB 122 83.60 -44.13 -94.82
N PHE OB 123 83.02 -45.24 -95.27
CA PHE OB 123 83.60 -46.03 -96.35
C PHE OB 123 82.47 -46.65 -97.15
N THR OB 124 82.83 -47.46 -98.14
CA THR OB 124 81.84 -48.04 -99.04
C THR OB 124 82.22 -49.46 -99.43
N VAL OB 125 81.18 -50.27 -99.66
CA VAL OB 125 81.33 -51.66 -100.05
C VAL OB 125 80.56 -51.89 -101.35
N ARG OB 126 80.96 -52.95 -102.05
CA ARG OB 126 80.40 -53.24 -103.36
C ARG OB 126 80.30 -54.74 -103.56
N VAL OB 127 79.28 -55.15 -104.32
CA VAL OB 127 79.18 -56.52 -104.82
C VAL OB 127 78.76 -56.46 -106.28
N ASP OB 128 79.13 -57.47 -107.05
CA ASP OB 128 78.73 -57.60 -108.44
C ASP OB 128 78.26 -59.02 -108.72
N THR OB 129 77.15 -59.14 -109.44
CA THR OB 129 76.52 -60.43 -109.68
C THR OB 129 76.15 -60.58 -111.15
N LYS OB 130 75.98 -61.83 -111.57
CA LYS OB 130 75.50 -62.16 -112.90
C LYS OB 130 74.31 -63.10 -112.75
N GLU OB 131 73.18 -62.74 -113.35
CA GLU OB 131 71.95 -63.51 -113.23
C GLU OB 131 71.87 -64.54 -114.33
N THR OB 132 71.28 -65.69 -114.03
CA THR OB 132 71.13 -66.75 -115.02
C THR OB 132 69.68 -66.83 -115.50
N MET PB 1 46.31 -42.36 -124.11
CA MET PB 1 46.39 -43.68 -123.51
C MET PB 1 47.16 -43.62 -122.19
N HIS PB 2 46.46 -43.28 -121.12
CA HIS PB 2 47.09 -43.18 -119.81
C HIS PB 2 46.24 -43.90 -118.76
N TYR PB 3 44.93 -43.96 -119.02
CA TYR PB 3 44.01 -44.71 -118.17
C TYR PB 3 44.37 -46.20 -118.15
N GLU PB 4 44.62 -46.75 -119.34
CA GLU PB 4 44.85 -48.18 -119.47
C GLU PB 4 46.15 -48.61 -118.82
N LEU PB 5 47.18 -47.76 -118.85
CA LEU PB 5 48.44 -48.10 -118.20
C LEU PB 5 48.27 -48.22 -116.69
N SER PB 6 47.57 -47.25 -116.09
CA SER PB 6 47.30 -47.31 -114.66
C SER PB 6 46.45 -48.54 -114.33
N ALA PB 7 45.44 -48.81 -115.16
CA ALA PB 7 44.60 -49.98 -114.93
C ALA PB 7 45.41 -51.26 -114.99
N ALA PB 8 46.30 -51.38 -115.97
CA ALA PB 8 47.11 -52.59 -116.10
C ALA PB 8 48.06 -52.76 -114.92
N ALA PB 9 48.72 -51.68 -114.51
CA ALA PB 9 49.64 -51.78 -113.37
C ALA PB 9 48.90 -52.17 -112.11
N ARG PB 10 47.74 -51.55 -111.87
CA ARG PB 10 46.94 -51.90 -110.71
C ARG PB 10 46.49 -53.36 -110.78
N ALA PB 11 46.07 -53.81 -111.96
CA ALA PB 11 45.61 -55.18 -112.12
C ALA PB 11 46.71 -56.17 -111.79
N ALA PB 12 47.92 -55.94 -112.33
CA ALA PB 12 49.03 -56.84 -112.05
C ALA PB 12 49.37 -56.85 -110.57
N PHE PB 13 49.45 -55.66 -109.96
CA PHE PB 13 49.84 -55.58 -108.56
C PHE PB 13 48.83 -56.29 -107.66
N LEU PB 14 47.54 -56.02 -107.85
CA LEU PB 14 46.54 -56.62 -106.98
C LEU PB 14 46.31 -58.09 -107.32
N SER PB 15 46.58 -58.53 -108.54
CA SER PB 15 46.57 -59.96 -108.82
C SER PB 15 47.70 -60.66 -108.09
N LYS PB 16 48.86 -60.00 -107.96
CA LYS PB 16 49.95 -60.64 -107.23
C LYS PB 16 49.74 -60.60 -105.72
N TYR PB 17 49.17 -59.53 -105.18
CA TYR PB 17 49.07 -59.33 -103.75
C TYR PB 17 47.68 -58.89 -103.34
N ARG PB 18 46.66 -59.64 -103.79
CA ARG PB 18 45.28 -59.36 -103.38
C ARG PB 18 45.13 -59.40 -101.87
N ASP PB 19 45.61 -60.46 -101.24
CA ASP PB 19 45.33 -60.71 -99.83
C ASP PB 19 46.08 -59.79 -98.89
N PHE PB 20 47.34 -59.48 -99.18
CA PHE PB 20 48.17 -58.77 -98.22
C PHE PB 20 47.66 -57.34 -98.04
N PRO PB 21 47.61 -56.82 -96.81
CA PRO PB 21 47.01 -55.50 -96.59
C PRO PB 21 47.73 -54.41 -97.36
N HIS PB 22 46.96 -53.52 -97.96
CA HIS PB 22 47.52 -52.51 -98.83
C HIS PB 22 46.59 -51.31 -98.87
N TYR PB 23 47.15 -50.18 -99.29
CA TYR PB 23 46.41 -48.96 -99.49
C TYR PB 23 46.59 -48.49 -100.93
N MET PB 24 45.50 -48.06 -101.55
CA MET PB 24 45.53 -47.54 -102.90
C MET PB 24 44.85 -46.18 -102.96
N GLU PB 25 45.13 -45.45 -104.04
CA GLU PB 25 44.97 -44.00 -104.04
C GLU PB 25 43.53 -43.55 -103.81
N ASN PB 26 43.38 -42.50 -103.00
CA ASN PB 26 42.16 -41.70 -102.91
C ASN PB 26 41.01 -42.52 -102.32
N ARG PB 27 41.33 -43.52 -101.51
CA ARG PB 27 40.34 -44.28 -100.77
C ARG PB 27 40.70 -44.30 -99.30
N ASN PB 28 39.74 -43.97 -98.45
CA ASN PB 28 39.97 -43.97 -97.01
C ASN PB 28 40.26 -45.37 -96.50
N PHE PB 29 41.43 -45.58 -95.93
CA PHE PB 29 41.92 -46.90 -95.55
C PHE PB 29 42.51 -46.83 -94.15
N THR PB 30 42.28 -47.87 -93.34
CA THR PB 30 42.82 -47.87 -91.99
C THR PB 30 43.92 -48.91 -91.83
N PRO PB 31 45.00 -48.57 -91.14
CA PRO PB 31 46.12 -49.50 -90.99
C PRO PB 31 45.73 -50.70 -90.13
N PRO PB 32 46.49 -51.79 -90.21
CA PRO PB 32 46.14 -52.99 -89.43
C PRO PB 32 46.15 -52.72 -87.93
N LYS PB 33 45.27 -53.45 -87.22
CA LYS PB 33 45.17 -53.28 -85.78
C LYS PB 33 46.45 -53.69 -85.06
N ASP PB 34 47.04 -54.81 -85.47
CA ASP PB 34 48.20 -55.35 -84.76
C ASP PB 34 49.49 -54.58 -85.05
N GLY PB 35 49.48 -53.65 -86.00
CA GLY PB 35 50.66 -52.89 -86.33
C GLY PB 35 51.60 -53.55 -87.30
N GLY PB 36 51.19 -54.62 -87.95
CA GLY PB 36 52.04 -55.28 -88.91
C GLY PB 36 52.26 -54.45 -90.16
N MET PB 37 53.15 -54.94 -91.02
CA MET PB 37 53.49 -54.23 -92.23
C MET PB 37 52.33 -54.24 -93.21
N TRP PB 38 52.32 -53.26 -94.11
CA TRP PB 38 51.32 -53.17 -95.16
C TRP PB 38 51.92 -52.42 -96.34
N LEU PB 39 51.26 -52.53 -97.50
CA LEU PB 39 51.79 -51.98 -98.73
C LEU PB 39 51.12 -50.66 -99.09
N ARG PB 40 51.86 -49.82 -99.81
CA ARG PB 40 51.37 -48.53 -100.29
C ARG PB 40 51.45 -48.52 -101.81
N PHE PB 41 50.44 -47.96 -102.46
CA PHE PB 41 50.42 -47.84 -103.91
C PHE PB 41 50.37 -46.37 -104.31
N ASN PB 42 51.27 -45.98 -105.21
CA ASN PB 42 51.31 -44.61 -105.72
C ASN PB 42 51.47 -44.66 -107.23
N TYR PB 43 51.04 -43.58 -107.88
CA TYR PB 43 51.16 -43.43 -109.32
C TYR PB 43 51.61 -42.02 -109.64
N ILE PB 44 52.66 -41.89 -110.45
CA ILE PB 44 53.24 -40.61 -110.79
C ILE PB 44 53.25 -40.48 -112.31
N GLU PB 45 52.74 -39.36 -112.82
CA GLU PB 45 52.73 -39.11 -114.25
C GLU PB 45 54.08 -38.60 -114.72
N GLY PB 46 54.60 -39.20 -115.78
CA GLY PB 46 55.80 -38.71 -116.43
C GLY PB 46 55.46 -37.68 -117.51
N ASP PB 47 56.41 -37.51 -118.42
CA ASP PB 47 56.17 -36.62 -119.56
C ASP PB 47 55.64 -37.40 -120.75
N THR PB 48 55.05 -36.67 -121.69
CA THR PB 48 54.56 -37.23 -122.94
C THR PB 48 55.43 -36.70 -124.08
N LEU PB 49 56.02 -37.62 -124.83
CA LEU PB 49 57.01 -37.27 -125.84
C LEU PB 49 56.39 -37.29 -127.23
N TYR PB 50 56.61 -36.21 -127.98
CA TYR PB 50 56.28 -36.17 -129.39
C TYR PB 50 57.50 -36.61 -130.19
N LEU PB 51 57.39 -37.75 -130.86
CA LEU PB 51 58.53 -38.35 -131.54
C LEU PB 51 58.77 -37.76 -132.93
N SER PB 52 57.77 -37.84 -133.79
CA SER PB 52 57.93 -37.52 -135.21
C SER PB 52 57.61 -36.05 -135.46
N ILE PB 53 57.93 -35.61 -136.68
CA ILE PB 53 57.61 -34.26 -137.11
C ILE PB 53 56.11 -34.04 -137.28
N ASP PB 54 55.36 -35.03 -137.73
CA ASP PB 54 53.93 -34.89 -137.96
C ASP PB 54 53.10 -35.08 -136.70
N ARG PB 55 53.74 -35.40 -135.57
CA ARG PB 55 53.07 -35.49 -134.27
C ARG PB 55 51.94 -36.54 -134.29
N LYS PB 56 52.27 -37.73 -134.80
CA LYS PB 56 51.30 -38.81 -134.92
C LYS PB 56 51.67 -40.01 -134.06
N CYS PB 57 52.96 -40.19 -133.78
CA CYS PB 57 53.42 -41.26 -132.91
C CYS PB 57 53.98 -40.66 -131.62
N LYS PB 58 53.44 -41.11 -130.49
CA LYS PB 58 53.77 -40.56 -129.18
C LYS PB 58 54.14 -41.68 -128.22
N SER PB 59 54.57 -41.29 -127.03
CA SER PB 59 54.91 -42.24 -125.98
C SER PB 59 54.46 -41.67 -124.64
N TYR PB 60 54.10 -42.57 -123.73
CA TYR PB 60 53.68 -42.21 -122.39
C TYR PB 60 54.52 -42.98 -121.39
N ILE PB 61 55.07 -42.25 -120.42
CA ILE PB 61 55.92 -42.79 -119.37
C ILE PB 61 55.20 -42.63 -118.04
N ALA PB 62 55.26 -43.67 -117.20
CA ALA PB 62 54.69 -43.58 -115.87
C ALA PB 62 55.65 -44.23 -114.87
N ILE PB 63 55.57 -43.78 -113.63
CA ILE PB 63 56.41 -44.29 -112.56
C ILE PB 63 55.51 -44.89 -111.49
N VAL PB 64 55.83 -46.12 -111.07
CA VAL PB 64 55.09 -46.83 -110.03
C VAL PB 64 55.99 -46.95 -108.82
N GLN PB 65 55.47 -46.56 -107.66
CA GLN PB 65 56.19 -46.58 -106.40
C GLN PB 65 55.40 -47.40 -105.38
N ILE PB 66 56.07 -48.38 -104.78
CA ILE PB 66 55.48 -49.25 -103.77
C ILE PB 66 56.35 -49.17 -102.53
N GLY PB 67 55.74 -48.81 -101.40
CA GLY PB 67 56.51 -48.71 -100.18
C GLY PB 67 56.14 -49.78 -99.18
N VAL PB 68 57.13 -50.28 -98.45
CA VAL PB 68 56.88 -51.21 -97.35
C VAL PB 68 57.15 -50.49 -96.04
N VAL PB 69 56.17 -50.48 -95.15
CA VAL PB 69 56.25 -49.77 -93.89
C VAL PB 69 56.24 -50.80 -92.77
N PHE PB 70 57.09 -50.58 -91.76
CA PHE PB 70 57.21 -51.52 -90.66
C PHE PB 70 57.38 -50.78 -89.35
N PRO PB 71 56.92 -51.39 -88.24
CA PRO PB 71 56.90 -50.67 -86.97
C PRO PB 71 58.30 -50.41 -86.45
N PRO PB 72 58.49 -49.35 -85.66
CA PRO PB 72 59.80 -49.11 -85.06
C PRO PB 72 60.13 -50.14 -84.00
N GLY PB 73 61.43 -50.33 -83.77
CA GLY PB 73 61.88 -51.25 -82.76
C GLY PB 73 61.71 -52.71 -83.12
N SER PB 74 61.66 -53.05 -84.41
CA SER PB 74 61.42 -54.43 -84.83
C SER PB 74 62.46 -54.93 -85.84
N GLY PB 75 63.51 -54.17 -86.09
CA GLY PB 75 64.55 -54.59 -87.00
C GLY PB 75 64.27 -54.20 -88.44
N VAL PB 76 65.17 -54.63 -89.32
CA VAL PB 76 65.08 -54.26 -90.74
C VAL PB 76 65.18 -55.46 -91.68
N ASP PB 77 65.66 -56.61 -91.23
CA ASP PB 77 66.00 -57.69 -92.16
C ASP PB 77 64.76 -58.27 -92.85
N GLU PB 78 63.65 -58.44 -92.13
CA GLU PB 78 62.45 -58.97 -92.75
C GLU PB 78 61.91 -58.01 -93.80
N ALA PB 79 61.96 -56.70 -93.52
CA ALA PB 79 61.53 -55.71 -94.51
C ALA PB 79 62.42 -55.76 -95.73
N ARG PB 80 63.73 -55.89 -95.53
CA ARG PB 80 64.64 -55.99 -96.68
C ARG PB 80 64.35 -57.24 -97.50
N LEU PB 81 64.04 -58.36 -96.83
CA LEU PB 81 63.71 -59.58 -97.56
C LEU PB 81 62.45 -59.40 -98.38
N LYS PB 82 61.42 -58.78 -97.80
CA LYS PB 82 60.18 -58.56 -98.54
C LYS PB 82 60.41 -57.64 -99.74
N ALA PB 83 61.19 -56.58 -99.55
CA ALA PB 83 61.49 -55.67 -100.66
C ALA PB 83 62.26 -56.39 -101.76
N LYS PB 84 63.21 -57.25 -101.37
CA LYS PB 84 63.95 -58.02 -102.36
C LYS PB 84 63.02 -58.94 -103.15
N GLU PB 85 62.06 -59.56 -102.47
CA GLU PB 85 61.09 -60.40 -103.17
C GLU PB 85 60.27 -59.58 -104.17
N ILE PB 86 59.82 -58.40 -103.76
CA ILE PB 86 59.04 -57.56 -104.66
C ILE PB 86 59.86 -57.19 -105.89
N ALA PB 87 61.12 -56.79 -105.66
CA ALA PB 87 61.99 -56.41 -106.78
C ALA PB 87 62.24 -57.59 -107.70
N ASP PB 88 62.44 -58.78 -107.14
CA ASP PB 88 62.65 -59.97 -107.97
C ASP PB 88 61.43 -60.28 -108.82
N PHE PB 89 60.23 -60.14 -108.26
CA PHE PB 89 59.03 -60.35 -109.05
C PHE PB 89 58.90 -59.32 -110.17
N PHE PB 90 59.10 -58.05 -109.85
CA PHE PB 90 58.95 -56.98 -110.84
C PHE PB 90 60.27 -56.75 -111.59
N LYS PB 91 60.63 -57.73 -112.41
CA LYS PB 91 61.89 -57.64 -113.14
C LYS PB 91 61.70 -56.91 -114.46
N ASP PB 92 62.82 -56.53 -115.06
CA ASP PB 92 62.82 -55.84 -116.33
C ASP PB 92 62.34 -56.75 -117.45
N GLY PB 93 61.76 -56.14 -118.48
CA GLY PB 93 61.33 -56.86 -119.65
C GLY PB 93 59.99 -57.57 -119.55
N LYS PB 94 59.33 -57.50 -118.39
CA LYS PB 94 58.03 -58.12 -118.26
C LYS PB 94 57.00 -57.36 -119.10
N MET PB 95 56.06 -58.10 -119.68
CA MET PB 95 55.08 -57.53 -120.59
C MET PB 95 53.72 -57.46 -119.90
N LEU PB 96 53.24 -56.24 -119.68
CA LEU PB 96 51.88 -56.04 -119.20
C LEU PB 96 50.91 -56.16 -120.36
N ASN PB 97 49.61 -56.12 -120.05
CA ASN PB 97 48.61 -56.32 -121.08
C ASN PB 97 48.32 -55.06 -121.89
N VAL PB 98 48.93 -53.93 -121.53
CA VAL PB 98 48.78 -52.70 -122.32
C VAL PB 98 50.16 -52.19 -122.73
N GLY PB 99 51.03 -51.99 -121.76
CA GLY PB 99 52.37 -51.51 -122.03
C GLY PB 99 53.42 -52.47 -121.53
N TYR PB 100 54.61 -51.96 -121.16
CA TYR PB 100 55.63 -52.86 -120.63
C TYR PB 100 56.53 -52.12 -119.68
N ILE PB 101 57.20 -52.89 -118.81
CA ILE PB 101 58.11 -52.35 -117.82
C ILE PB 101 59.36 -51.86 -118.53
N PHE PB 102 59.57 -50.54 -118.50
CA PHE PB 102 60.75 -49.97 -119.15
C PHE PB 102 62.02 -50.42 -118.45
N GLU PB 103 62.03 -50.36 -117.12
CA GLU PB 103 63.14 -50.83 -116.28
C GLU PB 103 62.68 -50.84 -114.84
N GLY PB 104 63.02 -51.90 -114.08
CA GLY PB 104 62.44 -52.11 -112.77
C GLY PB 104 63.45 -52.60 -111.75
N ALA PB 105 62.91 -52.93 -110.57
CA ALA PB 105 63.66 -53.51 -109.46
C ALA PB 105 64.79 -52.59 -108.98
N ILE PB 106 64.38 -51.45 -108.45
CA ILE PB 106 65.29 -50.50 -107.81
C ILE PB 106 64.85 -50.32 -106.36
N VAL PB 107 65.82 -50.37 -105.44
CA VAL PB 107 65.59 -50.15 -104.02
C VAL PB 107 66.36 -48.91 -103.60
N HIS PB 108 65.72 -48.03 -102.85
CA HIS PB 108 66.29 -46.75 -102.46
C HIS PB 108 66.48 -46.69 -100.94
N GLN PB 109 66.93 -45.53 -100.48
CA GLN PB 109 67.29 -45.30 -99.09
C GLN PB 109 66.09 -45.42 -98.17
N ILE PB 110 66.34 -45.85 -96.94
CA ILE PB 110 65.30 -45.90 -95.92
C ILE PB 110 65.00 -44.49 -95.44
N VAL PB 111 63.71 -44.15 -95.41
CA VAL PB 111 63.27 -42.91 -94.77
C VAL PB 111 62.91 -43.21 -93.33
N LYS PB 112 63.46 -42.44 -92.40
CA LYS PB 112 63.31 -42.70 -90.97
C LYS PB 112 62.35 -41.72 -90.35
N HIS PB 113 61.36 -42.26 -89.65
CA HIS PB 113 60.46 -41.46 -88.82
C HIS PB 113 60.25 -42.21 -87.51
N GLU PB 114 60.03 -41.44 -86.43
CA GLU PB 114 60.01 -42.04 -85.10
C GLU PB 114 58.73 -42.80 -84.81
N SER PB 115 57.75 -42.78 -85.71
CA SER PB 115 56.53 -43.55 -85.54
C SER PB 115 56.53 -44.85 -86.33
N GLY PB 116 57.35 -44.96 -87.37
CA GLY PB 116 57.42 -46.16 -88.19
C GLY PB 116 58.26 -45.94 -89.42
N TRP PB 117 58.96 -46.98 -89.90
CA TRP PB 117 59.93 -46.80 -90.97
C TRP PB 117 59.37 -47.29 -92.29
N MET PB 118 59.96 -46.83 -93.38
CA MET PB 118 59.47 -47.10 -94.72
C MET PB 118 60.64 -47.33 -95.67
N ILE PB 119 60.50 -48.30 -96.56
CA ILE PB 119 61.47 -48.59 -97.62
C ILE PB 119 60.76 -48.48 -98.96
N PRO PB 120 61.23 -47.63 -99.87
CA PRO PB 120 60.55 -47.51 -101.17
C PRO PB 120 61.13 -48.43 -102.24
N VAL PB 121 60.30 -48.83 -103.19
CA VAL PB 121 60.70 -49.58 -104.38
C VAL PB 121 60.04 -48.94 -105.58
N ARG PB 122 60.82 -48.58 -106.58
CA ARG PB 122 60.31 -47.77 -107.68
C ARG PB 122 60.68 -48.40 -109.01
N PHE PB 123 59.73 -48.40 -109.94
CA PHE PB 123 60.02 -48.82 -111.31
C PHE PB 123 59.18 -47.97 -112.26
N THR PB 124 59.33 -48.22 -113.56
CA THR PB 124 58.69 -47.40 -114.58
C THR PB 124 58.08 -48.26 -115.67
N VAL PB 125 56.94 -47.79 -116.19
CA VAL PB 125 56.21 -48.47 -117.24
C VAL PB 125 56.04 -47.51 -118.42
N ARG PB 126 55.93 -48.09 -119.61
CA ARG PB 126 55.93 -47.30 -120.83
C ARG PB 126 54.92 -47.86 -121.81
N VAL PB 127 54.34 -46.94 -122.60
CA VAL PB 127 53.46 -47.28 -123.71
C VAL PB 127 53.86 -46.44 -124.92
N ASP PB 128 54.06 -47.10 -126.06
CA ASP PB 128 54.37 -46.42 -127.31
C ASP PB 128 53.17 -46.54 -128.25
N THR PB 129 52.59 -45.39 -128.62
CA THR PB 129 51.36 -45.37 -129.38
C THR PB 129 51.55 -44.68 -130.72
N LYS PB 130 50.77 -45.14 -131.70
CA LYS PB 130 50.68 -44.55 -133.03
C LYS PB 130 49.22 -44.29 -133.35
N GLU PB 131 48.84 -43.03 -133.47
CA GLU PB 131 47.45 -42.70 -133.78
C GLU PB 131 47.33 -42.50 -135.29
N THR PB 132 46.36 -43.16 -135.89
CA THR PB 132 46.20 -43.13 -137.34
C THR PB 132 45.18 -42.08 -137.76
N MET QB 1 99.91 -6.01 -97.29
CA MET QB 1 99.50 -4.62 -97.35
C MET QB 1 97.99 -4.51 -97.49
N HIS QB 2 97.29 -4.44 -96.35
CA HIS QB 2 95.84 -4.33 -96.38
C HIS QB 2 95.38 -3.19 -95.46
N TYR QB 3 96.18 -2.91 -94.43
CA TYR QB 3 95.92 -1.78 -93.55
C TYR QB 3 95.96 -0.46 -94.32
N GLU QB 4 96.98 -0.32 -95.19
CA GLU QB 4 97.16 0.92 -95.92
C GLU QB 4 96.05 1.14 -96.94
N LEU QB 5 95.43 0.06 -97.44
CA LEU QB 5 94.32 0.23 -98.37
C LEU QB 5 93.16 0.95 -97.70
N SER QB 6 92.74 0.47 -96.53
CA SER QB 6 91.69 1.14 -95.79
C SER QB 6 92.12 2.54 -95.38
N ALA QB 7 93.38 2.71 -94.99
CA ALA QB 7 93.86 4.03 -94.62
C ALA QB 7 93.73 5.00 -95.77
N ALA QB 8 94.14 4.59 -96.97
CA ALA QB 8 94.09 5.49 -98.13
C ALA QB 8 92.67 5.76 -98.58
N ALA QB 9 91.81 4.75 -98.56
CA ALA QB 9 90.42 4.97 -98.94
C ALA QB 9 89.75 5.95 -97.98
N ARG QB 10 89.97 5.77 -96.67
CA ARG QB 10 89.45 6.72 -95.70
C ARG QB 10 90.02 8.11 -95.93
N ALA QB 11 91.32 8.21 -96.20
CA ALA QB 11 91.94 9.51 -96.42
C ALA QB 11 91.28 10.23 -97.60
N ALA QB 12 91.12 9.54 -98.72
CA ALA QB 12 90.54 10.17 -99.90
C ALA QB 12 89.10 10.60 -99.66
N PHE QB 13 88.27 9.67 -99.17
CA PHE QB 13 86.86 9.99 -98.97
C PHE QB 13 86.68 11.09 -97.94
N LEU QB 14 87.45 11.06 -96.86
CA LEU QB 14 87.36 12.05 -95.81
C LEU QB 14 87.86 13.42 -96.26
N SER QB 15 88.93 13.47 -97.06
CA SER QB 15 89.35 14.74 -97.63
C SER QB 15 88.30 15.30 -98.58
N LYS QB 16 87.57 14.43 -99.27
CA LYS QB 16 86.51 14.92 -100.16
C LYS QB 16 85.28 15.39 -99.38
N TYR QB 17 84.94 14.72 -98.29
CA TYR QB 17 83.67 14.97 -97.59
C TYR QB 17 83.87 15.11 -96.09
N ARG QB 18 84.81 15.96 -95.69
CA ARG QB 18 84.99 16.26 -94.27
C ARG QB 18 83.69 16.71 -93.61
N ASP QB 19 83.02 17.71 -94.18
CA ASP QB 19 81.95 18.39 -93.47
C ASP QB 19 80.62 17.65 -93.53
N PHE QB 20 80.40 16.83 -94.56
CA PHE QB 20 79.12 16.16 -94.69
C PHE QB 20 78.96 15.13 -93.56
N PRO QB 21 77.77 15.01 -92.98
CA PRO QB 21 77.56 14.00 -91.92
C PRO QB 21 77.79 12.60 -92.46
N HIS QB 22 78.67 11.87 -91.79
CA HIS QB 22 79.09 10.57 -92.29
C HIS QB 22 79.31 9.63 -91.12
N TYR QB 23 79.21 8.35 -91.41
CA TYR QB 23 79.36 7.30 -90.42
C TYR QB 23 80.46 6.34 -90.85
N MET QB 24 81.40 6.08 -89.94
CA MET QB 24 82.53 5.20 -90.19
C MET QB 24 82.37 3.93 -89.37
N GLU QB 25 83.24 2.96 -89.63
CA GLU QB 25 83.08 1.63 -89.08
C GLU QB 25 83.26 1.62 -87.57
N ASN QB 26 82.33 0.95 -86.88
CA ASN QB 26 82.46 0.63 -85.45
C ASN QB 26 82.68 1.87 -84.60
N ARG QB 27 81.96 2.95 -84.91
CA ARG QB 27 81.89 4.12 -84.05
C ARG QB 27 80.42 4.45 -83.81
N ASN QB 28 80.05 4.62 -82.54
CA ASN QB 28 78.67 4.93 -82.21
C ASN QB 28 78.27 6.29 -82.75
N PHE QB 29 77.44 6.29 -83.79
CA PHE QB 29 77.05 7.49 -84.51
C PHE QB 29 75.53 7.61 -84.50
N THR QB 30 75.04 8.82 -84.28
CA THR QB 30 73.60 9.03 -84.30
C THR QB 30 73.18 9.83 -85.52
N PRO QB 31 72.05 9.50 -86.13
CA PRO QB 31 71.61 10.24 -87.32
C PRO QB 31 71.29 11.68 -86.98
N PRO QB 32 71.35 12.59 -87.95
CA PRO QB 32 71.08 14.00 -87.67
C PRO QB 32 69.67 14.21 -87.15
N LYS QB 33 69.51 15.22 -86.32
CA LYS QB 33 68.22 15.48 -85.68
C LYS QB 33 67.15 15.81 -86.70
N ASP QB 34 67.47 16.63 -87.69
CA ASP QB 34 66.49 17.07 -88.67
C ASP QB 34 66.10 15.98 -89.66
N GLY QB 35 66.82 14.87 -89.69
CA GLY QB 35 66.52 13.81 -90.64
C GLY QB 35 67.15 13.97 -91.99
N GLY QB 36 68.14 14.85 -92.13
CA GLY QB 36 68.80 15.03 -93.41
C GLY QB 36 69.64 13.82 -93.78
N MET QB 37 70.04 13.77 -95.05
CA MET QB 37 70.81 12.66 -95.56
C MET QB 37 72.19 12.61 -94.92
N TRP QB 38 72.70 11.39 -94.75
CA TRP QB 38 74.05 11.19 -94.25
C TRP QB 38 74.69 10.02 -94.98
N LEU QB 39 76.02 10.00 -94.99
CA LEU QB 39 76.75 8.98 -95.72
C LEU QB 39 77.16 7.84 -94.81
N ARG QB 40 77.30 6.66 -95.40
CA ARG QB 40 77.69 5.44 -94.70
C ARG QB 40 78.97 4.92 -95.32
N PHE QB 41 79.89 4.43 -94.49
CA PHE QB 41 81.17 3.91 -94.97
C PHE QB 41 81.31 2.45 -94.56
N ASN QB 42 81.70 1.61 -95.52
CA ASN QB 42 81.98 0.22 -95.26
C ASN QB 42 83.23 -0.19 -96.02
N TYR QB 43 83.87 -1.26 -95.56
CA TYR QB 43 85.04 -1.83 -96.23
C TYR QB 43 84.83 -3.32 -96.31
N ILE QB 44 85.07 -3.89 -97.49
CA ILE QB 44 84.83 -5.30 -97.75
C ILE QB 44 86.15 -5.94 -98.17
N GLU QB 45 86.47 -7.09 -97.57
CA GLU QB 45 87.74 -7.77 -97.84
C GLU QB 45 87.59 -8.73 -99.01
N GLY QB 46 88.45 -8.57 -100.02
CA GLY QB 46 88.50 -9.49 -101.12
C GLY QB 46 89.62 -10.51 -100.97
N ASP QB 47 89.68 -11.41 -101.94
CA ASP QB 47 90.72 -12.43 -101.92
C ASP QB 47 92.06 -11.84 -102.32
N THR QB 48 93.13 -12.55 -101.96
CA THR QB 48 94.49 -12.19 -102.35
C THR QB 48 95.00 -13.24 -103.33
N LEU QB 49 95.46 -12.78 -104.49
CA LEU QB 49 95.85 -13.66 -105.58
C LEU QB 49 97.35 -13.90 -105.53
N TYR QB 50 97.74 -15.16 -105.74
CA TYR QB 50 99.15 -15.51 -105.91
C TYR QB 50 99.46 -15.53 -107.40
N LEU QB 51 100.46 -14.74 -107.79
CA LEU QB 51 100.73 -14.54 -109.21
C LEU QB 51 101.85 -15.44 -109.73
N SER QB 52 102.98 -15.47 -109.03
CA SER QB 52 104.16 -16.16 -109.51
C SER QB 52 104.10 -17.64 -109.13
N ILE QB 53 105.20 -18.35 -109.38
CA ILE QB 53 105.36 -19.72 -108.94
C ILE QB 53 106.14 -19.80 -107.62
N ASP QB 54 107.04 -18.86 -107.37
CA ASP QB 54 107.81 -18.82 -106.14
C ASP QB 54 107.08 -18.10 -105.01
N ARG QB 55 105.87 -17.61 -105.25
CA ARG QB 55 105.04 -16.98 -104.22
C ARG QB 55 105.72 -15.76 -103.63
N LYS QB 56 106.04 -14.79 -104.49
CA LYS QB 56 106.70 -13.56 -104.05
C LYS QB 56 105.98 -12.30 -104.51
N CYS QB 57 105.39 -12.31 -105.69
CA CYS QB 57 104.66 -11.14 -106.18
C CYS QB 57 103.15 -11.37 -106.01
N LYS QB 58 102.53 -10.56 -105.16
CA LYS QB 58 101.18 -10.74 -104.67
C LYS QB 58 100.28 -9.59 -105.11
N SER QB 59 98.99 -9.76 -104.88
CA SER QB 59 98.00 -8.73 -105.18
C SER QB 59 96.95 -8.70 -104.08
N TYR QB 60 96.32 -7.54 -103.91
CA TYR QB 60 95.28 -7.32 -102.92
C TYR QB 60 94.14 -6.54 -103.56
N ILE QB 61 92.92 -7.03 -103.34
CA ILE QB 61 91.70 -6.46 -103.91
C ILE QB 61 90.73 -6.15 -102.79
N ALA QB 62 90.14 -4.95 -102.83
CA ALA QB 62 89.21 -4.53 -101.79
C ALA QB 62 87.99 -3.87 -102.43
N ILE QB 63 86.85 -4.04 -101.78
CA ILE QB 63 85.58 -3.47 -102.22
C ILE QB 63 85.16 -2.39 -101.23
N VAL QB 64 84.89 -1.20 -101.73
CA VAL QB 64 84.48 -0.07 -100.92
C VAL QB 64 83.05 0.31 -101.32
N GLN QB 65 82.19 0.45 -100.31
CA GLN QB 65 80.78 0.76 -100.52
C GLN QB 65 80.41 2.02 -99.72
N ILE QB 66 79.74 2.95 -100.38
CA ILE QB 66 79.27 4.18 -99.76
C ILE QB 66 77.75 4.23 -99.93
N GLY QB 67 77.04 4.39 -98.81
CA GLY QB 67 75.59 4.41 -98.88
C GLY QB 67 75.00 5.77 -98.59
N VAL QB 68 74.03 6.19 -99.40
CA VAL QB 68 73.34 7.46 -99.21
C VAL QB 68 71.93 7.16 -98.75
N VAL QB 69 71.56 7.67 -97.58
CA VAL QB 69 70.26 7.40 -96.98
C VAL QB 69 69.45 8.68 -97.01
N PHE QB 70 68.12 8.53 -97.09
CA PHE QB 70 67.23 9.68 -97.13
C PHE QB 70 65.86 9.29 -96.59
N PRO QB 71 65.13 10.27 -96.02
CA PRO QB 71 63.83 9.95 -95.44
C PRO QB 71 62.81 9.63 -96.51
N PRO QB 72 61.79 8.83 -96.18
CA PRO QB 72 60.71 8.59 -97.13
C PRO QB 72 59.85 9.82 -97.33
N GLY QB 73 59.25 9.92 -98.51
CA GLY QB 73 58.36 11.02 -98.81
C GLY QB 73 59.06 12.29 -99.23
N SER QB 74 60.36 12.25 -99.53
CA SER QB 74 61.11 13.44 -99.89
C SER QB 74 61.70 13.36 -101.29
N GLY QB 75 61.20 12.46 -102.12
CA GLY QB 75 61.68 12.35 -103.48
C GLY QB 75 62.99 11.59 -103.58
N VAL QB 76 63.47 11.46 -104.82
CA VAL QB 76 64.69 10.71 -105.10
C VAL QB 76 65.66 11.46 -105.99
N ASP QB 77 65.28 12.58 -106.61
CA ASP QB 77 66.15 13.21 -107.59
C ASP QB 77 67.39 13.82 -106.95
N GLU QB 78 67.28 14.40 -105.76
CA GLU QB 78 68.48 14.94 -105.11
C GLU QB 78 69.44 13.82 -104.74
N ALA QB 79 68.91 12.68 -104.28
CA ALA QB 79 69.77 11.55 -103.96
C ALA QB 79 70.47 11.02 -105.21
N ARG QB 80 69.75 10.95 -106.33
CA ARG QB 80 70.37 10.51 -107.57
C ARG QB 80 71.43 11.50 -108.04
N LEU QB 81 71.19 12.79 -107.86
CA LEU QB 81 72.20 13.80 -108.21
C LEU QB 81 73.44 13.62 -107.35
N LYS QB 82 73.27 13.39 -106.05
CA LYS QB 82 74.41 13.18 -105.17
C LYS QB 82 75.18 11.92 -105.57
N ALA QB 83 74.47 10.85 -105.91
CA ALA QB 83 75.14 9.64 -106.37
C ALA QB 83 75.93 9.88 -107.65
N LYS QB 84 75.35 10.66 -108.58
CA LYS QB 84 76.05 11.00 -109.81
C LYS QB 84 77.32 11.78 -109.51
N GLU QB 85 77.25 12.72 -108.57
CA GLU QB 85 78.45 13.48 -108.22
C GLU QB 85 79.51 12.58 -107.59
N ILE QB 86 79.09 11.66 -106.74
CA ILE QB 86 80.04 10.70 -106.14
C ILE QB 86 80.73 9.90 -107.22
N ALA QB 87 79.94 9.40 -108.19
CA ALA QB 87 80.51 8.61 -109.28
C ALA QB 87 81.47 9.44 -110.10
N ASP QB 88 81.13 10.70 -110.36
CA ASP QB 88 82.02 11.58 -111.11
C ASP QB 88 83.34 11.78 -110.38
N PHE QB 89 83.29 11.95 -109.05
CA PHE QB 89 84.52 12.09 -108.29
C PHE QB 89 85.35 10.81 -108.34
N PHE QB 90 84.71 9.65 -108.23
CA PHE QB 90 85.43 8.38 -108.24
C PHE QB 90 85.53 7.81 -109.65
N LYS QB 91 86.41 8.40 -110.45
CA LYS QB 91 86.65 7.91 -111.79
C LYS QB 91 87.59 6.71 -111.77
N ASP QB 92 87.51 5.90 -112.82
CA ASP QB 92 88.40 4.76 -112.96
C ASP QB 92 89.80 5.27 -113.28
N GLY QB 93 90.80 4.55 -112.80
CA GLY QB 93 92.18 4.91 -113.02
C GLY QB 93 92.74 5.97 -112.10
N LYS QB 94 91.93 6.50 -111.17
CA LYS QB 94 92.43 7.46 -110.20
C LYS QB 94 93.50 6.81 -109.32
N MET QB 95 94.57 7.53 -109.07
CA MET QB 95 95.74 7.00 -108.38
C MET QB 95 95.66 7.34 -106.90
N LEU QB 96 95.41 6.33 -106.07
CA LEU QB 96 95.54 6.51 -104.63
C LEU QB 96 97.02 6.50 -104.24
N ASN QB 97 97.29 6.98 -103.03
CA ASN QB 97 98.68 7.10 -102.60
C ASN QB 97 99.32 5.76 -102.27
N VAL QB 98 98.55 4.67 -102.20
CA VAL QB 98 99.13 3.36 -101.92
C VAL QB 98 98.71 2.36 -102.99
N GLY QB 99 97.59 2.62 -103.67
CA GLY QB 99 97.11 1.73 -104.70
C GLY QB 99 96.39 2.43 -105.81
N TYR QB 100 95.48 1.74 -106.51
CA TYR QB 100 94.70 2.45 -107.52
C TYR QB 100 93.35 1.78 -107.68
N ILE QB 101 92.38 2.57 -108.15
CA ILE QB 101 91.02 2.10 -108.37
C ILE QB 101 91.02 1.17 -109.58
N PHE QB 102 90.50 -0.04 -109.40
CA PHE QB 102 90.51 -1.00 -110.50
C PHE QB 102 89.36 -0.73 -111.47
N GLU QB 103 88.13 -0.68 -110.95
CA GLU QB 103 87.00 -0.14 -111.70
C GLU QB 103 86.03 0.49 -110.70
N GLY QB 104 85.47 1.65 -111.03
CA GLY QB 104 84.72 2.45 -110.09
C GLY QB 104 83.47 3.04 -110.70
N ALA QB 105 82.78 3.82 -109.87
CA ALA QB 105 81.61 4.59 -110.27
C ALA QB 105 80.49 3.68 -110.81
N ILE QB 106 79.99 2.84 -109.91
CA ILE QB 106 78.89 1.93 -110.19
C ILE QB 106 77.75 2.24 -109.23
N VAL QB 107 76.55 2.37 -109.76
CA VAL QB 107 75.36 2.64 -108.96
C VAL QB 107 74.42 1.46 -109.08
N HIS QB 108 74.01 0.91 -107.94
CA HIS QB 108 73.12 -0.24 -107.88
C HIS QB 108 71.70 0.21 -107.59
N GLN QB 109 70.78 -0.76 -107.62
CA GLN QB 109 69.37 -0.45 -107.46
C GLN QB 109 69.06 -0.07 -106.02
N ILE QB 110 67.98 0.71 -105.86
CA ILE QB 110 67.62 1.28 -104.58
C ILE QB 110 67.07 0.18 -103.68
N VAL QB 111 67.54 0.14 -102.43
CA VAL QB 111 66.95 -0.69 -101.39
C VAL QB 111 65.95 0.16 -100.62
N LYS QB 112 64.75 -0.38 -100.43
CA LYS QB 112 63.62 0.38 -99.91
C LYS QB 112 63.17 -0.20 -98.57
N HIS QB 113 62.98 0.67 -97.60
CA HIS QB 113 62.46 0.28 -96.29
C HIS QB 113 61.43 1.31 -95.84
N GLU QB 114 60.52 0.88 -94.99
CA GLU QB 114 59.42 1.75 -94.56
C GLU QB 114 59.88 2.87 -93.62
N SER QB 115 61.12 2.84 -93.15
CA SER QB 115 61.64 3.90 -92.29
C SER QB 115 62.54 4.87 -93.04
N GLY QB 116 63.14 4.46 -94.15
CA GLY QB 116 64.03 5.30 -94.92
C GLY QB 116 64.68 4.54 -96.05
N TRP QB 117 65.12 5.24 -97.09
CA TRP QB 117 65.66 4.57 -98.27
C TRP QB 117 67.17 4.80 -98.39
N MET QB 118 67.82 3.91 -99.11
CA MET QB 118 69.27 3.93 -99.24
C MET QB 118 69.67 3.57 -100.66
N ILE QB 119 70.64 4.30 -101.21
CA ILE QB 119 71.24 4.03 -102.52
C ILE QB 119 72.71 3.67 -102.29
N PRO QB 120 73.15 2.48 -102.71
CA PRO QB 120 74.57 2.13 -102.54
C PRO QB 120 75.41 2.40 -103.77
N VAL QB 121 76.65 2.85 -103.55
CA VAL QB 121 77.64 3.01 -104.62
C VAL QB 121 78.85 2.15 -104.26
N ARG QB 122 79.27 1.30 -105.18
CA ARG QB 122 80.32 0.34 -104.89
C ARG QB 122 81.43 0.43 -105.91
N PHE QB 123 82.68 0.34 -105.45
CA PHE QB 123 83.83 0.30 -106.35
C PHE QB 123 84.90 -0.56 -105.71
N THR QB 124 86.02 -0.70 -106.41
CA THR QB 124 87.10 -1.58 -105.96
C THR QB 124 88.47 -0.95 -106.14
N VAL QB 125 89.36 -1.24 -105.21
CA VAL QB 125 90.73 -0.77 -105.24
C VAL QB 125 91.66 -1.98 -105.23
N ARG QB 126 92.86 -1.77 -105.76
CA ARG QB 126 93.81 -2.86 -105.92
C ARG QB 126 95.22 -2.36 -105.67
N VAL QB 127 96.04 -3.27 -105.13
CA VAL QB 127 97.46 -3.03 -104.91
C VAL QB 127 98.24 -4.27 -105.32
N ASP QB 128 99.27 -4.08 -106.15
CA ASP QB 128 100.18 -5.15 -106.50
C ASP QB 128 101.50 -4.94 -105.76
N THR QB 129 101.96 -5.97 -105.06
CA THR QB 129 103.12 -5.85 -104.18
C THR QB 129 104.15 -6.92 -104.50
N LYS QB 130 105.39 -6.65 -104.12
CA LYS QB 130 106.52 -7.52 -104.37
C LYS QB 130 107.20 -7.84 -103.04
N GLU QB 131 107.62 -9.09 -102.86
CA GLU QB 131 108.32 -9.51 -101.66
C GLU QB 131 109.72 -9.99 -102.04
N THR QB 132 110.68 -9.76 -101.16
CA THR QB 132 112.05 -10.19 -101.41
C THR QB 132 112.58 -11.03 -100.25
N MET RB 1 49.71 -7.17 -130.28
CA MET RB 1 48.37 -7.65 -129.95
C MET RB 1 48.44 -8.85 -129.00
N HIS RB 2 47.69 -8.78 -127.90
CA HIS RB 2 47.70 -9.84 -126.91
C HIS RB 2 46.29 -10.15 -126.42
N TYR RB 3 45.40 -9.17 -126.52
CA TYR RB 3 44.01 -9.35 -126.11
C TYR RB 3 43.30 -10.37 -126.97
N GLU RB 4 43.60 -10.37 -128.27
CA GLU RB 4 42.92 -11.27 -129.20
C GLU RB 4 43.22 -12.72 -128.87
N LEU RB 5 44.42 -13.01 -128.37
CA LEU RB 5 44.75 -14.38 -127.99
C LEU RB 5 43.84 -14.86 -126.88
N SER RB 6 43.70 -14.07 -125.82
CA SER RB 6 42.83 -14.42 -124.71
C SER RB 6 41.38 -14.50 -125.16
N ALA RB 7 40.96 -13.58 -126.02
CA ALA RB 7 39.58 -13.58 -126.51
C ALA RB 7 39.29 -14.85 -127.30
N ALA RB 8 40.21 -15.25 -128.17
CA ALA RB 8 40.00 -16.47 -128.96
C ALA RB 8 40.01 -17.71 -128.07
N ALA RB 9 40.94 -17.76 -127.11
CA ALA RB 9 40.97 -18.90 -126.21
C ALA RB 9 39.68 -19.00 -125.40
N ARG RB 10 39.20 -17.86 -124.89
CA ARG RB 10 37.94 -17.86 -124.16
C ARG RB 10 36.79 -18.27 -125.05
N ALA RB 11 36.77 -17.80 -126.29
CA ALA RB 11 35.70 -18.17 -127.22
C ALA RB 11 35.67 -19.67 -127.43
N ALA RB 12 36.82 -20.27 -127.74
CA ALA RB 12 36.85 -21.71 -128.00
C ALA RB 12 36.47 -22.50 -126.76
N PHE RB 13 37.12 -22.20 -125.62
CA PHE RB 13 36.85 -22.92 -124.38
C PHE RB 13 35.38 -22.79 -123.98
N LEU RB 14 34.85 -21.58 -124.00
CA LEU RB 14 33.48 -21.32 -123.57
C LEU RB 14 32.46 -21.93 -124.51
N SER RB 15 32.70 -21.89 -125.82
CA SER RB 15 31.81 -22.57 -126.76
C SER RB 15 31.82 -24.08 -126.55
N LYS RB 16 32.98 -24.67 -126.26
CA LYS RB 16 33.01 -26.11 -126.06
C LYS RB 16 32.39 -26.51 -124.73
N TYR RB 17 32.55 -25.71 -123.69
CA TYR RB 17 32.10 -26.08 -122.35
C TYR RB 17 31.21 -24.99 -121.76
N ARG RB 18 30.20 -24.57 -122.52
CA ARG RB 18 29.22 -23.61 -122.01
C ARG RB 18 28.57 -24.09 -120.71
N ASP RB 19 27.82 -25.19 -120.78
CA ASP RB 19 26.97 -25.60 -119.66
C ASP RB 19 27.77 -26.00 -118.43
N PHE RB 20 28.93 -26.60 -118.61
CA PHE RB 20 29.70 -27.11 -117.47
C PHE RB 20 30.12 -25.94 -116.58
N PRO RB 21 29.86 -26.02 -115.28
CA PRO RB 21 30.24 -24.91 -114.39
C PRO RB 21 31.73 -24.65 -114.44
N HIS RB 22 32.09 -23.38 -114.55
CA HIS RB 22 33.48 -23.00 -114.78
C HIS RB 22 33.74 -21.63 -114.17
N TYR RB 23 35.01 -21.36 -113.92
CA TYR RB 23 35.44 -20.14 -113.25
C TYR RB 23 36.35 -19.36 -114.20
N MET RB 24 35.96 -18.11 -114.45
CA MET RB 24 36.67 -17.17 -115.31
C MET RB 24 37.60 -16.31 -114.49
N GLU RB 25 38.43 -15.54 -115.17
CA GLU RB 25 39.38 -14.66 -114.49
C GLU RB 25 38.66 -13.55 -113.72
N ASN RB 26 38.97 -13.44 -112.43
CA ASN RB 26 38.59 -12.30 -111.61
C ASN RB 26 37.07 -12.08 -111.56
N ARG RB 27 36.33 -13.17 -111.43
CA ARG RB 27 34.89 -13.10 -111.20
C ARG RB 27 34.55 -13.91 -109.96
N ASN RB 28 33.78 -13.31 -109.06
CA ASN RB 28 33.42 -13.99 -107.81
C ASN RB 28 32.53 -15.20 -108.10
N PHE RB 29 33.09 -16.39 -107.95
CA PHE RB 29 32.44 -17.64 -108.33
C PHE RB 29 32.28 -18.51 -107.10
N THR RB 30 31.10 -19.10 -106.95
CA THR RB 30 30.84 -20.06 -105.90
C THR RB 30 30.77 -21.47 -106.47
N PRO RB 31 31.36 -22.46 -105.80
CA PRO RB 31 31.35 -23.83 -106.32
C PRO RB 31 29.95 -24.42 -106.25
N PRO RB 32 29.68 -25.46 -107.04
CA PRO RB 32 28.38 -26.12 -106.97
C PRO RB 32 28.08 -26.62 -105.56
N LYS RB 33 26.79 -26.57 -105.19
CA LYS RB 33 26.39 -26.92 -103.85
C LYS RB 33 26.73 -28.38 -103.53
N ASP RB 34 26.50 -29.28 -104.47
CA ASP RB 34 26.80 -30.69 -104.26
C ASP RB 34 28.30 -30.95 -104.21
N GLY RB 35 29.12 -29.99 -104.61
CA GLY RB 35 30.55 -30.18 -104.65
C GLY RB 35 31.06 -30.90 -105.88
N GLY RB 36 30.23 -31.02 -106.92
CA GLY RB 36 30.65 -31.67 -108.14
C GLY RB 36 31.77 -30.91 -108.83
N MET RB 37 32.45 -31.61 -109.72
CA MET RB 37 33.63 -31.06 -110.37
C MET RB 37 33.27 -29.84 -111.21
N TRP RB 38 34.19 -28.87 -111.23
CA TRP RB 38 34.00 -27.65 -112.00
C TRP RB 38 35.33 -27.27 -112.64
N LEU RB 39 35.24 -26.46 -113.69
CA LEU RB 39 36.41 -26.11 -114.48
C LEU RB 39 37.00 -24.79 -114.01
N ARG RB 40 38.32 -24.68 -114.12
CA ARG RB 40 39.07 -23.51 -113.68
C ARG RB 40 39.89 -22.98 -114.84
N PHE RB 41 39.45 -21.88 -115.46
CA PHE RB 41 40.17 -21.31 -116.58
C PHE RB 41 41.25 -20.38 -116.06
N ASN RB 42 42.44 -20.46 -116.64
CA ASN RB 42 43.54 -19.61 -116.23
C ASN RB 42 44.39 -19.27 -117.43
N TYR RB 43 45.06 -18.12 -117.35
CA TYR RB 43 45.85 -17.60 -118.47
C TYR RB 43 47.21 -17.19 -117.96
N ILE RB 44 48.26 -17.65 -118.64
CA ILE RB 44 49.63 -17.34 -118.29
C ILE RB 44 50.30 -16.71 -119.49
N GLU RB 45 51.02 -15.61 -119.26
CA GLU RB 45 51.65 -14.88 -120.35
C GLU RB 45 53.14 -15.20 -120.42
N GLY RB 46 53.60 -15.53 -121.63
CA GLY RB 46 55.01 -15.77 -121.88
C GLY RB 46 55.69 -14.55 -122.47
N ASP RB 47 56.92 -14.78 -122.93
CA ASP RB 47 57.70 -13.70 -123.52
C ASP RB 47 57.26 -13.43 -124.96
N THR RB 48 57.74 -12.31 -125.49
CA THR RB 48 57.54 -11.95 -126.89
C THR RB 48 58.88 -11.87 -127.57
N LEU RB 49 59.00 -12.47 -128.74
CA LEU RB 49 60.28 -12.59 -129.44
C LEU RB 49 60.32 -11.61 -130.61
N TYR RB 50 61.42 -10.86 -130.69
CA TYR RB 50 61.71 -10.05 -131.86
C TYR RB 50 62.55 -10.88 -132.82
N LEU RB 51 61.98 -11.23 -133.96
CA LEU RB 51 62.59 -12.20 -134.86
C LEU RB 51 63.67 -11.59 -135.75
N SER RB 52 63.37 -10.46 -136.37
CA SER RB 52 64.20 -9.91 -137.43
C SER RB 52 65.16 -8.86 -136.89
N ILE RB 53 65.84 -8.16 -137.81
CA ILE RB 53 66.75 -7.10 -137.45
C ILE RB 53 66.12 -5.72 -137.57
N ASP RB 54 65.03 -5.58 -138.33
CA ASP RB 54 64.30 -4.33 -138.44
C ASP RB 54 63.20 -4.20 -137.39
N ARG RB 55 63.05 -5.19 -136.51
CA ARG RB 55 62.09 -5.17 -135.42
C ARG RB 55 60.67 -4.97 -135.95
N LYS RB 56 60.27 -5.81 -136.90
CA LYS RB 56 58.98 -5.66 -137.57
C LYS RB 56 58.14 -6.93 -137.52
N CYS RB 57 58.75 -8.11 -137.57
CA CYS RB 57 58.00 -9.34 -137.41
C CYS RB 57 58.20 -9.86 -135.99
N LYS RB 58 57.11 -10.02 -135.26
CA LYS RB 58 57.13 -10.37 -133.85
C LYS RB 58 56.35 -11.65 -133.61
N SER RB 59 56.55 -12.22 -132.43
CA SER RB 59 55.84 -13.42 -132.03
C SER RB 59 55.37 -13.28 -130.59
N TYR RB 60 54.17 -13.77 -130.33
CA TYR RB 60 53.58 -13.76 -129.00
C TYR RB 60 53.28 -15.19 -128.59
N ILE RB 61 53.75 -15.58 -127.41
CA ILE RB 61 53.60 -16.93 -126.88
C ILE RB 61 52.84 -16.84 -125.56
N ALA RB 62 51.79 -17.63 -125.43
CA ALA RB 62 50.98 -17.62 -124.22
C ALA RB 62 50.73 -19.04 -123.75
N ILE RB 63 50.58 -19.19 -122.45
CA ILE RB 63 50.33 -20.48 -121.81
C ILE RB 63 48.91 -20.46 -121.26
N VAL RB 64 48.15 -21.51 -121.56
CA VAL RB 64 46.77 -21.65 -121.10
C VAL RB 64 46.71 -22.86 -120.17
N GLN RB 65 46.11 -22.66 -119.01
CA GLN RB 65 46.03 -23.67 -117.96
C GLN RB 65 44.57 -23.97 -117.64
N ILE RB 66 44.20 -25.24 -117.70
CA ILE RB 66 42.86 -25.70 -117.33
C ILE RB 66 43.01 -26.67 -116.17
N GLY RB 67 42.35 -26.37 -115.05
CA GLY RB 67 42.45 -27.25 -113.91
C GLY RB 67 41.13 -27.89 -113.56
N VAL RB 68 41.13 -29.21 -113.34
CA VAL RB 68 39.93 -29.91 -112.92
C VAL RB 68 40.06 -30.24 -111.44
N VAL RB 69 38.98 -30.06 -110.68
CA VAL RB 69 38.99 -30.28 -109.24
C VAL RB 69 37.88 -31.27 -108.90
N PHE RB 70 38.17 -32.16 -107.96
CA PHE RB 70 37.20 -33.18 -107.57
C PHE RB 70 37.31 -33.48 -106.09
N PRO RB 71 36.20 -33.85 -105.45
CA PRO RB 71 36.20 -34.04 -104.00
C PRO RB 71 37.04 -35.25 -103.61
N PRO RB 72 37.59 -35.25 -102.40
CA PRO RB 72 38.38 -36.40 -101.95
C PRO RB 72 37.50 -37.62 -101.69
N GLY RB 73 38.11 -38.80 -101.85
CA GLY RB 73 37.44 -40.04 -101.57
C GLY RB 73 36.51 -40.53 -102.63
N SER RB 74 36.39 -39.81 -103.76
CA SER RB 74 35.45 -40.18 -104.82
C SER RB 74 36.16 -40.86 -106.00
N GLY RB 75 37.44 -41.17 -105.86
CA GLY RB 75 38.18 -41.79 -106.94
C GLY RB 75 38.81 -40.77 -107.87
N VAL RB 76 39.65 -41.28 -108.77
CA VAL RB 76 40.42 -40.43 -109.67
C VAL RB 76 40.27 -40.83 -111.13
N ASP RB 77 39.80 -42.03 -111.44
CA ASP RB 77 39.73 -42.50 -112.82
C ASP RB 77 38.80 -41.65 -113.68
N GLU RB 78 37.65 -41.25 -113.13
CA GLU RB 78 36.73 -40.44 -113.92
C GLU RB 78 37.32 -39.06 -114.19
N ALA RB 79 38.07 -38.51 -113.23
CA ALA RB 79 38.75 -37.25 -113.47
C ALA RB 79 39.80 -37.39 -114.56
N ARG RB 80 40.54 -38.50 -114.55
CA ARG RB 80 41.50 -38.76 -115.62
C ARG RB 80 40.80 -38.85 -116.96
N LEU RB 81 39.64 -39.52 -117.01
CA LEU RB 81 38.91 -39.64 -118.26
C LEU RB 81 38.45 -38.27 -118.76
N LYS RB 82 37.97 -37.42 -117.87
CA LYS RB 82 37.58 -36.07 -118.28
C LYS RB 82 38.77 -35.28 -118.80
N ALA RB 83 39.92 -35.38 -118.12
CA ALA RB 83 41.10 -34.68 -118.58
C ALA RB 83 41.54 -35.18 -119.95
N LYS RB 84 41.40 -36.48 -120.20
CA LYS RB 84 41.71 -37.04 -121.51
C LYS RB 84 40.76 -36.49 -122.57
N GLU RB 85 39.48 -36.32 -122.22
CA GLU RB 85 38.56 -35.68 -123.15
C GLU RB 85 39.01 -34.27 -123.49
N ILE RB 86 39.41 -33.51 -122.47
CA ILE RB 86 39.87 -32.14 -122.71
C ILE RB 86 41.10 -32.14 -123.62
N ALA RB 87 42.06 -33.02 -123.33
CA ALA RB 87 43.30 -33.06 -124.11
C ALA RB 87 43.03 -33.48 -125.54
N ASP RB 88 42.16 -34.47 -125.74
CA ASP RB 88 41.83 -34.93 -127.08
C ASP RB 88 41.16 -33.82 -127.88
N PHE RB 89 40.28 -33.04 -127.23
CA PHE RB 89 39.70 -31.90 -127.91
C PHE RB 89 40.78 -30.88 -128.29
N PHE RB 90 41.70 -30.59 -127.36
CA PHE RB 90 42.77 -29.63 -127.61
C PHE RB 90 43.98 -30.31 -128.23
N LYS RB 91 43.79 -30.83 -129.43
CA LYS RB 91 44.84 -31.56 -130.12
C LYS RB 91 45.82 -30.60 -130.80
N ASP RB 92 46.97 -31.17 -131.19
CA ASP RB 92 48.04 -30.37 -131.77
C ASP RB 92 47.64 -29.79 -133.13
N GLY RB 93 48.16 -28.60 -133.41
CA GLY RB 93 48.03 -27.99 -134.71
C GLY RB 93 46.68 -27.37 -135.01
N LYS RB 94 45.78 -27.30 -134.03
CA LYS RB 94 44.46 -26.73 -134.28
C LYS RB 94 44.57 -25.25 -134.65
N MET RB 95 43.79 -24.84 -135.63
CA MET RB 95 43.88 -23.49 -136.19
C MET RB 95 42.90 -22.59 -135.44
N LEU RB 96 43.42 -21.79 -134.52
CA LEU RB 96 42.60 -20.82 -133.82
C LEU RB 96 42.28 -19.64 -134.75
N ASN RB 97 41.17 -18.96 -134.46
CA ASN RB 97 40.71 -17.91 -135.36
C ASN RB 97 41.60 -16.67 -135.36
N VAL RB 98 42.56 -16.58 -134.44
CA VAL RB 98 43.56 -15.52 -134.45
C VAL RB 98 44.98 -16.07 -134.50
N GLY RB 99 45.29 -17.04 -133.64
CA GLY RB 99 46.60 -17.66 -133.63
C GLY RB 99 46.52 -19.15 -133.86
N TYR RB 100 47.42 -19.92 -133.24
CA TYR RB 100 47.33 -21.37 -133.37
C TYR RB 100 48.01 -22.03 -132.18
N ILE RB 101 47.63 -23.29 -131.94
CA ILE RB 101 48.15 -24.06 -130.83
C ILE RB 101 49.56 -24.52 -131.18
N PHE RB 102 50.56 -24.04 -130.42
CA PHE RB 102 51.93 -24.44 -130.69
C PHE RB 102 52.15 -25.90 -130.34
N GLU RB 103 51.74 -26.31 -129.14
CA GLU RB 103 51.61 -27.72 -128.79
C GLU RB 103 50.66 -27.87 -127.60
N GLY RB 104 49.80 -28.88 -127.62
CA GLY RB 104 48.79 -29.04 -126.60
C GLY RB 104 48.73 -30.44 -126.05
N ALA RB 105 47.76 -30.66 -125.17
CA ALA RB 105 47.44 -31.97 -124.60
C ALA RB 105 48.63 -32.55 -123.83
N ILE RB 106 49.01 -31.85 -122.77
CA ILE RB 106 50.01 -32.33 -121.82
C ILE RB 106 49.39 -32.37 -120.43
N VAL RB 107 49.46 -33.53 -119.79
CA VAL RB 107 48.90 -33.73 -118.45
C VAL RB 107 50.06 -33.94 -117.49
N HIS RB 108 50.00 -33.26 -116.34
CA HIS RB 108 51.06 -33.30 -115.35
C HIS RB 108 50.58 -34.03 -114.10
N GLN RB 109 51.53 -34.28 -113.19
CA GLN RB 109 51.23 -35.07 -112.00
C GLN RB 109 50.20 -34.36 -111.12
N ILE RB 110 49.40 -35.17 -110.43
CA ILE RB 110 48.28 -34.67 -109.66
C ILE RB 110 48.80 -33.95 -108.41
N VAL RB 111 48.17 -32.84 -108.06
CA VAL RB 111 48.44 -32.16 -106.80
C VAL RB 111 47.38 -32.59 -105.78
N LYS RB 112 47.83 -32.96 -104.59
CA LYS RB 112 46.97 -33.53 -103.57
C LYS RB 112 46.77 -32.54 -102.43
N HIS RB 113 45.51 -32.35 -102.05
CA HIS RB 113 45.15 -31.53 -100.90
C HIS RB 113 44.16 -32.31 -100.04
N GLU RB 114 44.09 -31.92 -98.77
CA GLU RB 114 43.23 -32.63 -97.83
C GLU RB 114 41.77 -32.25 -97.95
N SER RB 115 41.43 -31.26 -98.77
CA SER RB 115 40.04 -30.83 -98.94
C SER RB 115 39.50 -31.12 -100.34
N GLY RB 116 40.36 -31.44 -101.29
CA GLY RB 116 39.93 -31.70 -102.65
C GLY RB 116 41.10 -31.75 -103.62
N TRP RB 117 41.08 -32.69 -104.56
CA TRP RB 117 42.22 -32.91 -105.42
C TRP RB 117 42.05 -32.16 -106.73
N MET RB 118 43.17 -31.92 -107.41
CA MET RB 118 43.19 -31.12 -108.63
C MET RB 118 44.17 -31.71 -109.62
N ILE RB 119 43.78 -31.75 -110.89
CA ILE RB 119 44.62 -32.20 -111.98
C ILE RB 119 44.79 -31.02 -112.95
N PRO RB 120 46.02 -30.59 -113.21
CA PRO RB 120 46.24 -29.52 -114.18
C PRO RB 120 46.55 -30.05 -115.59
N VAL RB 121 45.96 -29.45 -116.61
CA VAL RB 121 46.35 -29.67 -118.00
C VAL RB 121 46.75 -28.32 -118.57
N ARG RB 122 47.71 -28.33 -119.49
CA ARG RB 122 48.36 -27.11 -119.91
C ARG RB 122 48.71 -27.19 -121.38
N PHE RB 123 48.54 -26.07 -122.09
CA PHE RB 123 48.97 -26.00 -123.48
C PHE RB 123 49.43 -24.58 -123.78
N THR RB 124 49.87 -24.36 -125.02
CA THR RB 124 50.42 -23.07 -125.42
C THR RB 124 49.88 -22.64 -126.77
N VAL RB 125 49.59 -21.34 -126.87
CA VAL RB 125 49.14 -20.73 -128.11
C VAL RB 125 50.18 -19.72 -128.57
N ARG RB 126 50.21 -19.50 -129.88
CA ARG RB 126 51.24 -18.65 -130.47
C ARG RB 126 50.63 -17.87 -131.62
N VAL RB 127 51.08 -16.62 -131.74
CA VAL RB 127 50.68 -15.74 -132.83
C VAL RB 127 51.92 -15.07 -133.42
N ASP RB 128 52.10 -15.21 -134.73
CA ASP RB 128 53.16 -14.51 -135.43
C ASP RB 128 52.55 -13.33 -136.19
N THR RB 129 53.11 -12.15 -136.00
CA THR RB 129 52.57 -10.93 -136.58
C THR RB 129 53.64 -10.19 -137.36
N LYS RB 130 53.20 -9.51 -138.42
CA LYS RB 130 54.04 -8.63 -139.22
C LYS RB 130 53.50 -7.21 -139.08
N GLU RB 131 54.36 -6.27 -138.71
CA GLU RB 131 53.97 -4.89 -138.48
C GLU RB 131 54.24 -4.07 -139.73
N THR RB 132 53.27 -3.26 -140.13
CA THR RB 132 53.42 -2.41 -141.31
C THR RB 132 53.14 -0.96 -140.95
N ILE SB 4 42.94 45.24 -39.09
CA ILE SB 4 43.61 43.96 -39.34
C ILE SB 4 44.44 43.56 -38.13
N MET SB 5 44.48 42.27 -37.84
CA MET SB 5 45.34 41.77 -36.78
C MET SB 5 46.80 42.10 -37.11
N ASN SB 6 47.63 42.13 -36.07
CA ASN SB 6 48.93 42.77 -36.17
C ASN SB 6 49.78 42.15 -37.27
N GLN SB 7 50.43 43.01 -38.06
CA GLN SB 7 51.12 42.57 -39.26
C GLN SB 7 52.29 41.65 -38.92
N GLU SB 8 53.10 42.03 -37.94
CA GLU SB 8 54.25 41.19 -37.60
C GLU SB 8 53.80 39.88 -36.97
N THR SB 9 52.69 39.88 -36.24
CA THR SB 9 52.14 38.63 -35.73
C THR SB 9 51.70 37.72 -36.87
N LEU SB 10 51.06 38.29 -37.89
CA LEU SB 10 50.67 37.50 -39.06
C LEU SB 10 51.89 36.94 -39.78
N ILE SB 11 52.93 37.76 -39.93
CA ILE SB 11 54.16 37.29 -40.57
C ILE SB 11 54.79 36.16 -39.76
N ALA SB 12 54.80 36.30 -38.43
CA ALA SB 12 55.32 35.24 -37.58
C ALA SB 12 54.49 33.97 -37.74
N ALA SB 13 53.17 34.12 -37.87
CA ALA SB 13 52.32 32.96 -38.06
C ALA SB 13 52.66 32.22 -39.34
N VAL SB 14 52.76 32.95 -40.45
CA VAL SB 14 53.05 32.29 -41.72
C VAL SB 14 54.46 31.71 -41.70
N GLU SB 15 55.40 32.40 -41.06
CA GLU SB 15 56.77 31.88 -40.95
C GLU SB 15 56.81 30.58 -40.17
N GLN SB 16 56.13 30.53 -39.02
CA GLN SB 16 56.14 29.32 -38.21
C GLN SB 16 55.43 28.18 -38.92
N MET SB 17 54.32 28.48 -39.60
CA MET SB 17 53.64 27.46 -40.39
C MET SB 17 54.55 26.90 -41.48
N ARG SB 18 55.29 27.79 -42.16
CA ARG SB 18 56.18 27.36 -43.22
C ARG SB 18 57.31 26.49 -42.69
N LYS SB 19 57.92 26.89 -41.57
CA LYS SB 19 59.00 26.08 -41.03
C LYS SB 19 58.49 24.79 -40.41
N LEU SB 20 57.22 24.73 -40.02
CA LEU SB 20 56.65 23.48 -39.55
C LEU SB 20 56.37 22.53 -40.70
N VAL SB 21 55.89 23.05 -41.82
CA VAL SB 21 55.63 22.25 -43.02
C VAL SB 21 56.47 22.81 -44.16
N PRO SB 22 57.62 22.20 -44.45
CA PRO SB 22 58.53 22.76 -45.47
C PRO SB 22 57.92 22.82 -46.85
N ALA SB 23 56.97 21.94 -47.18
CA ALA SB 23 56.43 21.88 -48.54
C ALA SB 23 55.72 23.16 -48.96
N LEU SB 24 55.28 23.98 -48.00
CA LEU SB 24 54.57 25.21 -48.34
C LEU SB 24 55.50 26.35 -48.74
N ARG SB 25 56.82 26.15 -48.65
CA ARG SB 25 57.75 27.20 -49.04
C ARG SB 25 57.60 27.56 -50.51
N LYS SB 26 57.16 26.62 -51.35
CA LYS SB 26 56.99 26.89 -52.77
C LYS SB 26 55.65 27.55 -53.08
N VAL SB 27 54.69 27.51 -52.16
CA VAL SB 27 53.38 28.11 -52.42
C VAL SB 27 53.51 29.62 -52.35
N PRO SB 28 52.91 30.38 -53.28
CA PRO SB 28 52.99 31.83 -53.21
C PRO SB 28 52.42 32.36 -51.91
N ASP SB 29 53.03 33.44 -51.40
CA ASP SB 29 52.74 33.91 -50.06
C ASP SB 29 51.31 34.44 -49.91
N GLU SB 30 50.72 34.99 -50.98
CA GLU SB 30 49.46 35.70 -50.81
C GLU SB 30 48.29 34.75 -50.60
N THR SB 31 48.35 33.54 -51.20
CA THR SB 31 47.33 32.55 -50.90
C THR SB 31 47.37 32.16 -49.42
N LEU SB 32 48.58 31.97 -48.88
CA LEU SB 32 48.71 31.70 -47.46
C LEU SB 32 48.23 32.88 -46.62
N TYR SB 33 48.51 34.10 -47.07
CA TYR SB 33 48.02 35.28 -46.36
C TYR SB 33 46.49 35.25 -46.27
N ALA SB 34 45.84 34.95 -47.39
CA ALA SB 34 44.37 34.90 -47.41
C ALA SB 34 43.86 33.79 -46.51
N TRP SB 35 44.47 32.61 -46.58
CA TRP SB 35 44.05 31.51 -45.71
C TRP SB 35 44.17 31.88 -44.25
N VAL SB 36 45.26 32.54 -43.87
CA VAL SB 36 45.44 32.90 -42.47
C VAL SB 36 44.43 33.94 -42.04
N GLU SB 37 44.20 34.98 -42.86
CA GLU SB 37 43.27 36.02 -42.41
C GLU SB 37 41.83 35.52 -42.48
N MET SB 38 41.58 34.42 -43.17
CA MET SB 38 40.26 33.82 -43.13
C MET SB 38 40.12 32.90 -41.93
N ALA SB 39 41.19 32.19 -41.55
CA ALA SB 39 41.13 31.28 -40.41
C ALA SB 39 41.20 32.01 -39.08
N GLU SB 40 41.64 33.27 -39.07
CA GLU SB 40 41.73 33.98 -37.80
C GLU SB 40 40.36 34.27 -37.19
N LEU SB 41 39.30 34.10 -37.97
CA LEU SB 41 37.94 34.40 -37.49
C LEU SB 41 37.45 33.42 -36.45
N PHE SB 42 38.14 32.30 -36.23
CA PHE SB 42 37.65 31.23 -35.37
C PHE SB 42 38.21 31.31 -33.95
N VAL SB 43 39.53 31.44 -33.83
CA VAL SB 43 40.13 31.40 -32.49
C VAL SB 43 39.87 32.70 -31.75
N CYS SB 44 39.95 32.62 -30.42
CA CYS SB 44 39.90 33.80 -29.56
C CYS SB 44 41.31 34.19 -29.13
N GLN SB 45 41.46 35.41 -28.63
CA GLN SB 45 42.75 35.93 -28.19
C GLN SB 45 43.03 35.62 -26.73
N LYS SB 46 42.15 36.05 -25.83
CA LYS SB 46 42.36 35.85 -24.40
C LYS SB 46 42.38 34.39 -23.99
N THR SB 47 41.91 33.49 -24.84
CA THR SB 47 42.00 32.06 -24.54
C THR SB 47 43.46 31.63 -24.42
N PHE SB 48 44.28 32.00 -25.40
CA PHE SB 48 45.69 31.61 -25.39
C PHE SB 48 46.57 32.72 -24.83
N LYS SB 49 46.57 33.87 -25.50
CA LYS SB 49 47.28 35.12 -25.16
C LYS SB 49 48.79 34.92 -25.03
N ASP SB 50 49.26 33.69 -25.20
CA ASP SB 50 50.69 33.40 -25.27
C ASP SB 50 51.06 32.65 -26.54
N ALA SB 51 50.32 31.60 -26.87
CA ALA SB 51 50.56 30.77 -28.06
C ALA SB 51 49.53 31.07 -29.13
N TYR SB 52 49.16 32.34 -29.27
CA TYR SB 52 48.20 32.74 -30.29
C TYR SB 52 48.71 32.39 -31.68
N VAL SB 53 49.99 32.68 -31.93
CA VAL SB 53 50.59 32.36 -33.24
C VAL SB 53 50.53 30.87 -33.50
N LYS SB 54 50.92 30.07 -32.50
CA LYS SB 54 50.92 28.62 -32.66
C LYS SB 54 49.52 28.11 -32.97
N ALA SB 55 48.53 28.53 -32.19
CA ALA SB 55 47.17 28.05 -32.38
C ALA SB 55 46.60 28.47 -33.72
N ILE SB 56 46.83 29.72 -34.12
CA ILE SB 56 46.26 30.19 -35.37
C ILE SB 56 46.92 29.48 -36.56
N ALA SB 57 48.23 29.23 -36.47
CA ALA SB 57 48.89 28.49 -37.54
C ALA SB 57 48.36 27.07 -37.62
N LEU SB 58 48.18 26.41 -36.48
CA LEU SB 58 47.65 25.06 -36.48
C LEU SB 58 46.27 25.01 -37.10
N TYR SB 59 45.40 25.95 -36.72
CA TYR SB 59 44.03 25.92 -37.23
C TYR SB 59 43.99 26.23 -38.73
N ALA SB 60 44.79 27.20 -39.18
CA ALA SB 60 44.83 27.48 -40.61
C ALA SB 60 45.35 26.30 -41.40
N LEU SB 61 46.35 25.60 -40.86
CA LEU SB 61 46.87 24.40 -41.52
C LEU SB 61 45.80 23.32 -41.61
N HIS SB 62 45.03 23.13 -40.53
CA HIS SB 62 43.97 22.14 -40.55
C HIS SB 62 42.92 22.50 -41.59
N LEU SB 63 42.55 23.78 -41.66
CA LEU SB 63 41.59 24.21 -42.67
C LEU SB 63 42.11 23.97 -44.08
N ALA SB 64 43.39 24.25 -44.32
CA ALA SB 64 43.95 24.04 -45.64
C ALA SB 64 43.98 22.56 -46.01
N PHE SB 65 44.23 21.69 -45.03
CA PHE SB 65 44.38 20.26 -45.30
C PHE SB 65 43.14 19.48 -44.91
N LEU SB 66 41.99 20.15 -44.79
CA LEU SB 66 40.77 19.48 -44.35
C LEU SB 66 40.37 18.32 -45.26
N ASP SB 67 39.98 18.62 -46.50
CA ASP SB 67 39.65 17.61 -47.51
C ASP SB 67 40.40 17.89 -48.79
N GLY SB 68 41.65 18.35 -48.67
CA GLY SB 68 42.40 18.78 -49.84
C GLY SB 68 41.79 20.00 -50.50
N ALA SB 69 41.20 20.90 -49.70
CA ALA SB 69 40.58 22.10 -50.27
C ALA SB 69 41.62 22.99 -50.92
N LEU SB 70 42.80 23.11 -50.32
CA LEU SB 70 43.90 23.86 -50.91
C LEU SB 70 44.52 23.03 -52.02
N LYS SB 71 44.41 23.50 -53.25
CA LYS SB 71 44.88 22.79 -54.43
C LYS SB 71 45.93 23.64 -55.15
N GLY SB 72 46.30 23.19 -56.34
CA GLY SB 72 47.18 23.98 -57.18
C GLY SB 72 46.48 25.20 -57.74
N GLU SB 73 47.23 26.08 -58.40
CA GLU SB 73 46.64 27.33 -58.87
C GLU SB 73 45.90 27.15 -60.19
N ASP SB 74 46.61 26.68 -61.22
CA ASP SB 74 45.99 26.46 -62.52
C ASP SB 74 46.04 24.98 -62.89
N GLU SB 75 47.01 24.26 -62.34
CA GLU SB 75 47.10 22.83 -62.60
C GLU SB 75 45.87 22.10 -62.09
N ASP SB 76 45.17 22.68 -61.12
CA ASP SB 76 43.94 22.07 -60.63
C ASP SB 76 42.87 22.10 -61.71
N LEU SB 77 42.11 21.02 -61.80
CA LEU SB 77 40.95 20.97 -62.68
C LEU SB 77 39.68 21.08 -61.84
N GLU SB 78 38.64 21.66 -62.43
CA GLU SB 78 37.43 22.00 -61.69
C GLU SB 78 36.64 20.73 -61.34
N SER SB 79 37.25 19.90 -60.50
CA SER SB 79 36.58 18.74 -59.91
C SER SB 79 37.05 18.62 -58.46
N TYR SB 80 36.33 19.29 -57.55
CA TYR SB 80 36.52 19.08 -56.13
C TYR SB 80 35.56 18.07 -55.54
N SER SB 81 34.56 17.63 -56.32
CA SER SB 81 33.60 16.65 -55.89
C SER SB 81 34.00 15.22 -56.23
N ARG SB 82 35.16 15.05 -56.85
CA ARG SB 82 35.60 13.76 -57.35
C ARG SB 82 37.07 13.54 -57.03
N ARG SB 83 37.42 12.31 -56.65
CA ARG SB 83 38.79 11.94 -56.37
C ARG SB 83 39.18 10.74 -57.23
N VAL SB 84 40.43 10.73 -57.66
CA VAL SB 84 40.95 9.66 -58.51
C VAL SB 84 41.53 8.60 -57.59
N THR SB 85 40.81 7.48 -57.47
CA THR SB 85 41.29 6.39 -56.62
C THR SB 85 42.56 5.78 -57.17
N SER SB 86 42.64 5.60 -58.48
CA SER SB 86 43.78 4.92 -59.09
C SER SB 86 43.90 5.35 -60.54
N PHE SB 87 45.10 5.15 -61.08
CA PHE SB 87 45.34 5.40 -62.50
C PHE SB 87 46.56 4.59 -62.93
N SER SB 88 46.59 4.27 -64.22
CA SER SB 88 47.66 3.43 -64.75
C SER SB 88 47.89 3.74 -66.21
N LEU SB 89 49.15 3.77 -66.61
CA LEU SB 89 49.48 3.79 -68.03
C LEU SB 89 49.76 2.37 -68.48
N SER SB 90 49.60 2.13 -69.79
CA SER SB 90 49.52 0.76 -70.30
C SER SB 90 50.74 -0.06 -69.91
N GLY SB 91 51.91 0.32 -70.39
CA GLY SB 91 53.11 -0.45 -70.11
C GLY SB 91 54.19 0.38 -69.47
N GLU SB 92 53.79 1.37 -68.66
CA GLU SB 92 54.76 2.26 -68.02
C GLU SB 92 54.68 2.17 -66.50
N PHE SB 93 53.50 2.35 -65.90
CA PHE SB 93 53.37 2.29 -64.45
C PHE SB 93 51.90 2.25 -64.07
N SER SB 94 51.66 2.14 -62.77
CA SER SB 94 50.31 2.10 -62.21
C SER SB 94 50.36 2.56 -60.77
N GLN SB 95 49.22 3.00 -60.25
CA GLN SB 95 49.19 3.50 -58.87
C GLN SB 95 47.75 3.56 -58.39
N THR SB 96 47.58 3.41 -57.08
CA THR SB 96 46.29 3.47 -56.41
C THR SB 96 46.39 4.42 -55.21
N PHE SB 97 45.23 4.78 -54.66
CA PHE SB 97 45.16 5.70 -53.53
C PHE SB 97 44.07 5.23 -52.57
N GLY SB 98 43.84 6.02 -51.52
CA GLY SB 98 42.82 5.71 -50.55
C GLY SB 98 42.79 6.79 -49.48
N GLU SB 99 41.83 6.65 -48.57
CA GLU SB 99 41.70 7.62 -47.49
C GLU SB 99 42.84 7.47 -46.50
N VAL SB 100 42.98 8.45 -45.61
CA VAL SB 100 44.10 8.52 -44.69
C VAL SB 100 43.68 8.37 -43.23
N THR SB 101 42.53 8.92 -42.86
CA THR SB 101 42.18 9.07 -41.46
C THR SB 101 41.01 8.20 -41.02
N LYS SB 102 39.94 8.11 -41.81
CA LYS SB 102 38.76 7.32 -41.45
C LYS SB 102 38.17 7.82 -40.13
N ASN SB 103 37.65 9.05 -40.18
CA ASN SB 103 37.02 9.66 -39.02
C ASN SB 103 35.85 8.81 -38.54
N GLN SB 104 35.66 8.79 -37.22
CA GLN SB 104 34.65 7.93 -36.60
C GLN SB 104 33.66 8.70 -35.73
N SER SB 105 33.84 10.00 -35.55
CA SER SB 105 33.01 10.77 -34.62
C SER SB 105 32.29 11.95 -35.24
N GLY SB 106 32.65 12.39 -36.45
CA GLY SB 106 31.97 13.50 -37.07
C GLY SB 106 32.10 14.82 -36.32
N ASN SB 107 33.29 15.09 -35.79
CA ASN SB 107 33.55 16.35 -35.11
C ASN SB 107 34.23 17.36 -36.02
N MET SB 108 34.93 16.89 -37.06
CA MET SB 108 35.58 17.72 -38.08
C MET SB 108 36.82 18.40 -37.51
N MET SB 109 37.01 18.32 -36.20
CA MET SB 109 38.30 18.63 -35.61
C MET SB 109 39.13 17.38 -35.41
N LEU SB 110 38.47 16.25 -35.18
CA LEU SB 110 39.14 14.95 -35.10
C LEU SB 110 39.14 14.25 -36.46
N SER SB 111 39.58 14.96 -37.48
CA SER SB 111 39.66 14.42 -38.83
C SER SB 111 41.03 14.53 -39.47
N THR SB 112 41.88 15.42 -38.96
CA THR SB 112 43.25 15.58 -39.41
C THR SB 112 44.17 15.64 -38.20
N PRO SB 113 45.44 15.27 -38.36
CA PRO SB 113 46.37 15.40 -37.23
C PRO SB 113 46.48 16.83 -36.70
N TRP SB 114 46.43 17.82 -37.59
CA TRP SB 114 46.51 19.20 -37.15
C TRP SB 114 45.31 19.57 -36.29
N GLY SB 115 44.12 19.12 -36.68
CA GLY SB 115 42.94 19.38 -35.87
C GLY SB 115 43.05 18.75 -34.48
N LYS SB 116 43.57 17.52 -34.42
CA LYS SB 116 43.77 16.86 -33.14
C LYS SB 116 44.77 17.64 -32.27
N MET SB 117 45.85 18.11 -32.89
CA MET SB 117 46.86 18.87 -32.16
C MET SB 117 46.27 20.16 -31.59
N PHE SB 118 45.51 20.89 -32.40
CA PHE SB 118 44.88 22.11 -31.94
C PHE SB 118 43.85 21.82 -30.86
N GLU SB 119 43.13 20.70 -31.00
CA GLU SB 119 42.14 20.32 -30.00
C GLU SB 119 42.80 20.08 -28.65
N GLN SB 120 43.91 19.35 -28.64
CA GLN SB 120 44.63 19.14 -27.38
C GLN SB 120 45.17 20.45 -26.82
N LEU SB 121 45.67 21.32 -27.68
CA LEU SB 121 46.17 22.61 -27.19
C LEU SB 121 45.06 23.41 -26.53
N LYS SB 122 43.89 23.47 -27.16
CA LYS SB 122 42.75 24.19 -26.58
C LYS SB 122 42.31 23.55 -25.27
N ALA SB 123 42.25 22.22 -25.23
CA ALA SB 123 41.84 21.54 -24.01
C ALA SB 123 42.79 21.83 -22.87
N ARG SB 124 44.10 21.82 -23.14
CA ARG SB 124 45.06 22.09 -22.07
C ARG SB 124 45.01 23.54 -21.62
N ARG SB 125 44.82 24.47 -22.56
CA ARG SB 125 44.93 25.87 -22.19
C ARG SB 125 43.66 26.39 -21.50
N ARG SB 126 42.50 26.14 -22.10
CA ARG SB 126 41.24 26.60 -21.51
C ARG SB 126 40.29 25.47 -21.17
N GLY SB 127 40.09 24.53 -22.09
CA GLY SB 127 39.16 23.43 -21.84
C GLY SB 127 38.16 23.24 -22.95
N ARG SB 128 37.34 22.20 -22.84
CA ARG SB 128 36.37 21.84 -23.86
C ARG SB 128 34.95 22.02 -23.36
N PHE SB 129 34.78 22.83 -22.32
CA PHE SB 129 33.51 22.92 -21.60
C PHE SB 129 32.85 24.25 -21.87
N ALA SB 130 31.52 24.28 -21.73
CA ALA SB 130 30.75 25.51 -21.83
C ALA SB 130 29.55 25.37 -20.90
N LEU SB 131 29.70 25.86 -19.67
CA LEU SB 131 28.62 25.87 -18.69
C LEU SB 131 28.10 27.29 -18.56
N MET SB 132 26.79 27.46 -18.69
CA MET SB 132 26.19 28.78 -18.67
C MET SB 132 24.82 28.72 -18.01
N THR SB 133 24.40 29.87 -17.48
CA THR SB 133 23.07 30.05 -16.91
C THR SB 133 22.58 31.45 -17.26
N GLY SB 134 21.28 31.65 -17.13
CA GLY SB 134 20.68 32.93 -17.49
C GLY SB 134 21.06 34.07 -16.58
N LEU SB 135 21.16 35.28 -17.14
CA LEU SB 135 21.35 36.48 -16.34
C LEU SB 135 20.00 36.99 -15.85
N ARG SB 136 20.03 37.80 -14.79
CA ARG SB 136 18.81 38.28 -14.17
C ARG SB 136 18.69 39.79 -14.28
N SER TB 37 36.03 42.75 11.66
CA SER TB 37 35.51 43.37 10.46
C SER TB 37 35.22 44.86 10.70
N PRO TB 38 35.51 45.69 9.71
CA PRO TB 38 35.26 47.13 9.86
C PRO TB 38 33.79 47.43 10.07
N LYS TB 39 33.52 48.43 10.89
CA LYS TB 39 32.17 48.80 11.28
C LYS TB 39 32.17 50.28 11.66
N PRO TB 40 31.02 50.96 11.51
CA PRO TB 40 30.99 52.40 11.78
C PRO TB 40 31.23 52.69 13.25
N PHE TB 41 31.82 53.87 13.52
CA PHE TB 41 32.14 54.22 14.90
C PHE TB 41 30.88 54.54 15.70
N PHE TB 42 29.86 55.10 15.06
CA PHE TB 42 28.57 55.30 15.70
C PHE TB 42 27.67 54.08 15.52
N MET TB 43 27.86 53.10 16.41
CA MET TB 43 27.15 51.84 16.31
C MET TB 43 25.65 52.05 16.47
N SER TB 44 24.88 51.49 15.53
CA SER TB 44 23.42 51.57 15.56
C SER TB 44 22.87 50.38 14.81
N ASP TB 45 22.32 49.41 15.56
CA ASP TB 45 21.77 48.19 14.98
C ASP TB 45 20.25 48.21 14.95
N ALA TB 46 19.62 48.42 16.11
CA ALA TB 46 18.16 48.46 16.20
C ALA TB 46 17.67 49.88 15.92
N SER TB 47 18.00 50.35 14.72
CA SER TB 47 17.62 51.69 14.28
C SER TB 47 16.64 51.66 13.13
N TYR TB 48 16.95 50.95 12.04
CA TYR TB 48 16.09 50.89 10.87
C TYR TB 48 15.56 49.50 10.59
N HIS TB 49 16.38 48.47 10.79
CA HIS TB 49 15.98 47.11 10.43
C HIS TB 49 14.79 46.65 11.25
N VAL TB 50 14.81 46.91 12.56
CA VAL TB 50 13.72 46.49 13.43
C VAL TB 50 12.43 47.21 13.06
N GLY TB 51 12.52 48.52 12.81
CA GLY TB 51 11.34 49.27 12.42
C GLY TB 51 10.76 48.79 11.10
N SER TB 52 11.63 48.49 10.15
CA SER TB 52 11.18 48.01 8.85
C SER TB 52 10.47 46.66 8.99
N PHE TB 53 11.11 45.72 9.68
CA PHE TB 53 10.51 44.40 9.87
C PHE TB 53 9.23 44.46 10.69
N TYR TB 54 9.08 45.45 11.56
CA TYR TB 54 7.84 45.64 12.29
C TYR TB 54 6.73 46.20 11.40
N ASN TB 55 6.97 47.32 10.74
CA ASN TB 55 5.92 48.00 10.00
C ASN TB 55 5.67 47.42 8.62
N ASP TB 56 6.47 46.46 8.17
CA ASP TB 56 6.25 45.81 6.88
C ASP TB 56 5.68 44.41 7.00
N ASN TB 57 6.34 43.53 7.74
CA ASN TB 57 5.88 42.16 7.91
C ASN TB 57 4.80 42.10 8.99
N ALA TB 58 3.93 41.11 8.87
CA ALA TB 58 2.80 40.96 9.78
C ALA TB 58 3.07 40.03 10.95
N THR TB 59 3.80 38.93 10.71
CA THR TB 59 4.11 38.02 11.81
C THR TB 59 4.96 38.70 12.87
N ALA TB 60 5.84 39.62 12.47
CA ALA TB 60 6.58 40.42 13.44
C ALA TB 60 5.62 41.29 14.25
N LYS TB 61 4.66 41.92 13.57
CA LYS TB 61 3.64 42.69 14.27
C LYS TB 61 2.97 41.85 15.35
N ARG TB 62 2.54 40.65 14.98
CA ARG TB 62 1.86 39.79 15.95
C ARG TB 62 2.78 39.42 17.10
N ILE TB 63 3.98 38.93 16.78
CA ILE TB 63 4.86 38.42 17.82
C ILE TB 63 5.31 39.51 18.77
N VAL TB 64 5.31 40.77 18.35
CA VAL TB 64 5.67 41.85 19.27
C VAL TB 64 4.44 42.47 19.93
N ASP TB 65 3.25 42.28 19.36
CA ASP TB 65 2.09 43.05 19.79
C ASP TB 65 1.07 42.26 20.60
N VAL TB 66 1.05 40.92 20.51
CA VAL TB 66 -0.01 40.17 21.19
C VAL TB 66 0.06 40.33 22.70
N ILE TB 67 1.26 40.51 23.25
CA ILE TB 67 1.48 40.46 24.69
C ILE TB 67 1.06 41.74 25.42
N PRO TB 68 1.55 42.93 25.04
CA PRO TB 68 1.41 44.10 25.94
C PRO TB 68 -0.03 44.50 26.24
N GLU TB 69 -0.89 44.62 25.24
CA GLU TB 69 -2.25 45.08 25.54
C GLU TB 69 -3.02 44.00 26.28
N GLU TB 70 -2.72 42.73 26.02
CA GLU TB 70 -3.32 41.68 26.83
C GLU TB 70 -2.93 41.83 28.30
N MET TB 71 -1.65 42.09 28.57
CA MET TB 71 -1.25 42.32 29.95
C MET TB 71 -2.03 43.48 30.55
N VAL TB 72 -2.03 44.63 29.87
CA VAL TB 72 -2.60 45.82 30.49
C VAL TB 72 -4.11 45.70 30.65
N THR TB 73 -4.78 45.00 29.73
CA THR TB 73 -6.23 44.89 29.78
C THR TB 73 -6.70 43.69 30.60
N ALA TB 74 -5.78 42.85 31.07
CA ALA TB 74 -6.19 41.82 32.03
C ALA TB 74 -6.82 42.41 33.28
N GLY TB 75 -6.48 43.64 33.63
CA GLY TB 75 -7.06 44.31 34.78
C GLY TB 75 -6.26 44.07 36.05
N PHE TB 76 -6.48 44.95 37.02
CA PHE TB 76 -5.80 44.86 38.31
C PHE TB 76 -6.71 45.44 39.38
N LYS TB 77 -6.42 45.09 40.64
CA LYS TB 77 -7.23 45.50 41.77
C LYS TB 77 -6.31 46.07 42.84
N ILE TB 78 -6.82 47.03 43.61
CA ILE TB 78 -6.06 47.70 44.64
C ILE TB 78 -6.67 47.35 46.00
N SER TB 79 -5.81 47.21 47.01
CA SER TB 79 -6.25 46.92 48.37
C SER TB 79 -5.69 47.97 49.32
N GLY TB 80 -6.50 48.31 50.32
CA GLY TB 80 -6.17 49.36 51.25
C GLY TB 80 -6.82 50.69 50.97
N VAL TB 81 -7.80 50.74 50.08
CA VAL TB 81 -8.46 51.98 49.70
C VAL TB 81 -9.86 52.00 50.29
N LYS TB 82 -10.37 53.22 50.52
CA LYS TB 82 -11.72 53.36 51.07
C LYS TB 82 -12.78 52.82 50.13
N ASP TB 83 -12.63 53.05 48.83
CA ASP TB 83 -13.64 52.63 47.86
C ASP TB 83 -13.00 52.55 46.48
N GLU TB 84 -13.72 51.90 45.55
CA GLU TB 84 -13.23 51.66 44.20
C GLU TB 84 -14.01 52.39 43.11
N LYS TB 85 -15.20 52.91 43.41
CA LYS TB 85 -15.94 53.66 42.41
C LYS TB 85 -15.14 54.88 41.96
N GLU TB 86 -14.61 55.64 42.91
CA GLU TB 86 -13.79 56.80 42.56
C GLU TB 86 -12.47 56.38 41.92
N PHE TB 87 -11.96 55.20 42.26
CA PHE TB 87 -10.75 54.69 41.61
C PHE TB 87 -10.99 54.51 40.11
N LYS TB 88 -12.05 53.78 39.76
CA LYS TB 88 -12.39 53.63 38.34
C LYS TB 88 -12.76 54.95 37.70
N SER TB 89 -13.40 55.86 38.45
CA SER TB 89 -13.73 57.17 37.90
C SER TB 89 -12.48 57.93 37.51
N LEU TB 90 -11.48 57.96 38.39
CA LEU TB 90 -10.25 58.67 38.07
C LEU TB 90 -9.48 57.97 36.95
N TRP TB 91 -9.53 56.63 36.92
CA TRP TB 91 -8.83 55.91 35.86
C TRP TB 91 -9.42 56.20 34.49
N ASP TB 92 -10.73 56.08 34.35
CA ASP TB 92 -11.34 56.38 33.06
C ASP TB 92 -11.53 57.87 32.84
N SER TB 93 -11.15 58.71 33.79
CA SER TB 93 -10.97 60.13 33.51
C SER TB 93 -9.60 60.37 32.88
N TYR TB 94 -8.55 59.80 33.45
CA TYR TB 94 -7.21 60.01 32.92
C TYR TB 94 -7.02 59.35 31.56
N LYS TB 95 -7.48 58.12 31.39
CA LYS TB 95 -7.48 57.43 30.09
C LYS TB 95 -6.08 57.35 29.50
N ILE TB 96 -5.21 56.60 30.17
CA ILE TB 96 -3.81 56.49 29.78
C ILE TB 96 -3.42 55.10 29.32
N ASP TB 97 -4.36 54.16 29.28
CA ASP TB 97 -3.95 52.81 28.93
C ASP TB 97 -3.51 52.61 27.46
N PRO TB 98 -3.94 53.40 26.46
CA PRO TB 98 -3.31 53.21 25.14
C PRO TB 98 -1.87 53.66 25.14
N SER TB 99 -1.57 54.73 25.89
CA SER TB 99 -0.20 55.17 26.07
C SER TB 99 0.63 54.10 26.76
N LEU TB 100 0.06 53.46 27.78
CA LEU TB 100 0.76 52.35 28.41
C LEU TB 100 1.01 51.22 27.42
N VAL TB 101 0.02 50.93 26.57
CA VAL TB 101 0.16 49.85 25.59
C VAL TB 101 1.34 50.12 24.67
N ASP TB 102 1.33 51.26 23.98
CA ASP TB 102 2.41 51.46 23.01
C ASP TB 102 3.73 51.77 23.69
N ALA TB 103 3.71 52.24 24.95
CA ALA TB 103 4.95 52.35 25.70
C ALA TB 103 5.60 50.98 25.88
N LEU TB 104 4.82 50.01 26.37
CA LEU TB 104 5.35 48.65 26.48
C LEU TB 104 5.71 48.09 25.12
N CYS TB 105 5.00 48.51 24.07
CA CYS TB 105 5.32 48.05 22.72
C CYS TB 105 6.71 48.50 22.30
N TRP TB 106 7.01 49.80 22.45
CA TRP TB 106 8.35 50.26 22.10
C TRP TB 106 9.40 49.68 23.04
N ALA TB 107 9.03 49.44 24.30
CA ALA TB 107 9.98 48.80 25.22
C ALA TB 107 10.36 47.42 24.72
N ARG TB 108 9.39 46.66 24.22
CA ARG TB 108 9.67 45.31 23.74
C ARG TB 108 10.38 45.35 22.39
N LEU TB 109 10.08 46.35 21.55
CA LEU TB 109 10.64 46.38 20.22
C LEU TB 109 12.04 46.97 20.20
N TYR TB 110 12.18 48.24 20.60
CA TYR TB 110 13.45 48.93 20.54
C TYR TB 110 14.34 48.65 21.75
N GLY TB 111 13.86 47.89 22.72
CA GLY TB 111 14.64 47.60 23.90
C GLY TB 111 14.61 48.67 24.97
N GLY TB 112 13.79 49.70 24.81
CA GLY TB 112 13.71 50.75 25.80
C GLY TB 112 12.67 51.80 25.49
N ALA TB 113 12.02 52.32 26.53
CA ALA TB 113 11.03 53.37 26.37
C ALA TB 113 11.00 54.20 27.64
N ALA TB 114 10.40 55.38 27.56
CA ALA TB 114 10.28 56.26 28.72
C ALA TB 114 8.89 56.88 28.73
N ILE TB 115 8.38 57.16 29.93
CA ILE TB 115 7.12 57.88 30.11
C ILE TB 115 7.35 59.02 31.09
N VAL TB 116 6.88 60.21 30.74
CA VAL TB 116 6.97 61.39 31.59
C VAL TB 116 5.57 61.73 32.08
N ALA TB 117 5.46 61.95 33.39
CA ALA TB 117 4.22 62.35 34.03
C ALA TB 117 4.35 63.80 34.48
N ILE TB 118 3.36 64.61 34.14
CA ILE TB 118 3.35 66.02 34.47
C ILE TB 118 2.51 66.22 35.72
N ILE TB 119 3.05 66.98 36.68
CA ILE TB 119 2.43 67.16 37.99
C ILE TB 119 2.03 68.62 38.15
N ASN TB 120 0.96 68.85 38.90
CA ASN TB 120 0.50 70.20 39.20
C ASN TB 120 1.43 70.80 40.24
N ASP TB 121 2.57 71.32 39.78
CA ASP TB 121 3.58 71.84 40.69
C ASP TB 121 3.98 73.23 40.25
N ASN TB 122 4.06 74.15 41.21
CA ASN TB 122 4.45 75.53 40.94
C ASN TB 122 5.96 75.71 41.04
N ARG TB 123 6.70 74.88 40.32
CA ARG TB 123 8.16 74.94 40.34
C ARG TB 123 8.69 74.72 38.93
N MET TB 124 9.94 75.14 38.73
CA MET TB 124 10.60 74.88 37.47
C MET TB 124 10.69 73.37 37.22
N LEU TB 125 10.56 73.00 35.96
CA LEU TB 125 10.44 71.58 35.60
C LEU TB 125 11.74 70.83 35.82
N THR TB 126 12.82 71.52 36.18
CA THR TB 126 14.05 70.84 36.59
C THR TB 126 13.94 70.29 38.00
N SER TB 127 13.17 70.96 38.87
CA SER TB 127 13.14 70.65 40.28
C SER TB 127 12.49 69.29 40.54
N PRO TB 128 12.82 68.65 41.67
CA PRO TB 128 12.14 67.42 42.06
C PRO TB 128 10.68 67.66 42.41
N VAL TB 129 9.97 66.62 42.83
CA VAL TB 129 8.58 66.73 43.24
C VAL TB 129 8.49 66.60 44.75
N LYS TB 130 7.69 67.46 45.38
CA LYS TB 130 7.36 67.32 46.78
C LYS TB 130 6.27 66.28 46.97
N PRO TB 131 6.14 65.72 48.16
CA PRO TB 131 5.10 64.72 48.40
C PRO TB 131 3.71 65.27 48.11
N GLY TB 132 2.86 64.42 47.57
CA GLY TB 132 1.51 64.81 47.20
C GLY TB 132 0.88 63.76 46.33
N ALA TB 133 -0.36 64.06 45.90
CA ALA TB 133 -1.12 63.18 45.01
C ALA TB 133 -1.79 64.06 43.96
N LYS TB 134 -1.10 64.23 42.82
CA LYS TB 134 -1.59 65.09 41.76
C LYS TB 134 -0.79 64.81 40.49
N LEU TB 135 -1.46 64.97 39.35
CA LEU TB 135 -0.85 64.79 38.04
C LEU TB 135 -1.83 65.26 36.97
N GLU TB 136 -1.29 65.68 35.83
CA GLU TB 136 -2.11 66.23 34.76
C GLU TB 136 -1.86 65.61 33.40
N GLY TB 137 -1.09 64.53 33.31
CA GLY TB 137 -0.89 63.86 32.04
C GLY TB 137 0.31 62.95 32.08
N VAL TB 138 0.28 61.95 31.20
CA VAL TB 138 1.38 61.01 31.03
C VAL TB 138 1.59 60.80 29.54
N ARG TB 139 2.83 60.95 29.09
CA ARG TB 139 3.12 60.84 27.66
C ARG TB 139 4.47 60.15 27.46
N VAL TB 140 4.58 59.45 26.33
CA VAL TB 140 5.60 58.43 26.12
C VAL TB 140 6.59 58.88 25.06
N TYR TB 141 7.86 58.52 25.24
CA TYR TB 141 8.91 58.68 24.25
C TYR TB 141 9.63 57.35 24.02
N ASP TB 142 10.18 57.22 22.82
CA ASP TB 142 10.83 56.01 22.35
C ASP TB 142 12.26 55.95 22.91
N ARG TB 143 12.99 54.89 22.56
CA ARG TB 143 14.37 54.74 22.99
C ARG TB 143 15.27 55.85 22.45
N PHE TB 144 15.00 56.33 21.24
CA PHE TB 144 15.91 57.25 20.57
C PHE TB 144 15.90 58.65 21.18
N ALA TB 145 14.90 58.99 22.00
CA ALA TB 145 14.65 60.37 22.37
C ALA TB 145 15.20 60.75 23.75
N ILE TB 146 15.84 59.83 24.47
CA ILE TB 146 16.29 60.08 25.83
C ILE TB 146 17.77 59.79 25.94
N THR TB 147 18.50 60.69 26.60
CA THR TB 147 19.90 60.46 26.95
C THR TB 147 20.15 60.97 28.36
N ILE TB 148 21.38 60.83 28.82
CA ILE TB 148 21.78 61.18 30.18
C ILE TB 148 22.35 62.58 30.14
N GLU TB 149 22.01 63.42 31.13
CA GLU TB 149 22.53 64.77 31.17
C GLU TB 149 23.73 64.91 32.10
N LYS TB 150 23.57 64.55 33.37
CA LYS TB 150 24.68 64.51 34.31
C LYS TB 150 24.50 63.36 35.28
N ARG TB 151 25.61 62.85 35.82
CA ARG TB 151 25.66 61.62 36.58
C ARG TB 151 26.19 61.91 37.99
N VAL TB 152 25.57 61.26 38.98
CA VAL TB 152 25.99 61.36 40.37
C VAL TB 152 26.34 59.98 40.88
N THR TB 153 27.55 59.85 41.45
CA THR TB 153 27.99 58.59 42.05
C THR TB 153 28.42 58.82 43.50
N ASN TB 154 27.65 59.60 44.25
CA ASN TB 154 28.01 59.91 45.63
C ASN TB 154 28.00 58.64 46.48
N ALA TB 155 28.95 58.55 47.41
CA ALA TB 155 29.12 57.34 48.18
C ALA TB 155 27.97 57.12 49.15
N ARG TB 156 27.58 58.16 49.90
CA ARG TB 156 26.58 57.97 50.94
C ARG TB 156 25.22 57.63 50.36
N SER TB 157 24.87 58.22 49.22
CA SER TB 157 23.57 57.97 48.62
C SER TB 157 23.58 56.61 47.92
N PRO TB 158 22.54 55.80 48.11
CA PRO TB 158 22.40 54.55 47.34
C PRO TB 158 22.05 54.78 45.88
N ARG TB 159 21.91 56.02 45.45
CA ARG TB 159 21.60 56.38 44.08
C ARG TB 159 22.85 56.52 43.23
N TYR TB 160 24.01 56.10 43.73
CA TYR TB 160 25.22 56.10 42.92
C TYR TB 160 25.07 55.13 41.75
N GLY TB 161 25.61 55.51 40.61
CA GLY TB 161 25.44 54.72 39.40
C GLY TB 161 24.12 54.94 38.69
N GLU TB 162 23.26 55.81 39.22
CA GLU TB 162 21.94 56.05 38.70
C GLU TB 162 21.85 57.43 38.08
N PRO TB 163 21.55 57.54 36.79
CA PRO TB 163 21.54 58.86 36.14
C PRO TB 163 20.42 59.74 36.70
N GLU TB 164 20.81 60.87 37.29
CA GLU TB 164 19.87 61.63 38.08
C GLU TB 164 19.11 62.65 37.24
N ILE TB 165 19.68 63.02 36.08
CA ILE TB 165 19.03 63.97 35.17
C ILE TB 165 18.98 63.36 33.77
N TYR TB 166 17.79 63.36 33.18
CA TYR TB 166 17.56 62.84 31.84
C TYR TB 166 17.30 63.98 30.86
N LYS TB 167 18.06 64.00 29.78
CA LYS TB 167 17.89 64.99 28.72
C LYS TB 167 17.09 64.36 27.59
N VAL TB 168 15.91 64.92 27.32
CA VAL TB 168 14.99 64.36 26.33
C VAL TB 168 14.91 65.34 25.17
N SER TB 169 14.95 64.80 23.96
CA SER TB 169 14.84 65.61 22.75
C SER TB 169 13.57 65.23 22.00
N PRO TB 170 12.44 65.85 22.31
CA PRO TB 170 11.18 65.49 21.66
C PRO TB 170 11.17 65.89 20.19
N GLY TB 171 10.13 65.46 19.51
CA GLY TB 171 9.91 65.79 18.11
C GLY TB 171 9.11 67.06 17.93
N ASP TB 172 8.57 67.23 16.73
CA ASP TB 172 7.75 68.38 16.33
C ASP TB 172 8.31 69.70 16.87
N ASN TB 173 9.59 69.91 16.58
CA ASN TB 173 10.32 71.16 16.87
C ASN TB 173 10.00 71.70 18.26
N ILE TB 174 10.32 70.90 19.27
CA ILE TB 174 10.24 71.30 20.67
C ILE TB 174 11.64 71.21 21.27
N GLN TB 175 12.06 72.30 21.93
CA GLN TB 175 13.41 72.36 22.47
C GLN TB 175 13.58 71.32 23.58
N PRO TB 176 14.77 70.74 23.71
CA PRO TB 176 15.00 69.74 24.76
C PRO TB 176 14.87 70.35 26.15
N TYR TB 177 14.45 69.52 27.09
CA TYR TB 177 14.23 69.93 28.48
C TYR TB 177 14.70 68.82 29.41
N LEU TB 178 15.65 69.14 30.28
CA LEU TB 178 16.18 68.14 31.21
C LEU TB 178 15.21 67.91 32.35
N ILE TB 179 15.20 66.68 32.88
CA ILE TB 179 14.21 66.23 33.84
C ILE TB 179 14.91 65.57 35.02
N HIS TB 180 14.46 65.92 36.22
CA HIS TB 180 14.81 65.21 37.44
C HIS TB 180 14.29 63.77 37.39
N HIS TB 181 15.06 62.87 38.00
CA HIS TB 181 14.75 61.44 37.88
C HIS TB 181 13.36 61.10 38.42
N THR TB 182 12.86 61.90 39.35
CA THR TB 182 11.63 61.52 40.05
C THR TB 182 10.41 61.56 39.14
N ARG TB 183 10.47 62.37 38.11
CA ARG TB 183 9.29 62.54 37.28
C ARG TB 183 9.06 61.48 36.25
N ILE TB 184 10.11 61.02 35.62
CA ILE TB 184 9.99 60.08 34.51
C ILE TB 184 10.35 58.69 34.98
N PHE TB 185 9.87 57.70 34.24
CA PHE TB 185 10.18 56.30 34.47
C PHE TB 185 10.71 55.71 33.18
N ILE TB 186 11.73 54.88 33.28
CA ILE TB 186 12.35 54.23 32.13
C ILE TB 186 12.04 52.74 32.20
N ALA TB 187 11.52 52.21 31.09
CA ALA TB 187 11.16 50.80 30.99
C ALA TB 187 12.07 50.11 29.99
N ASP TB 188 12.68 49.01 30.42
CA ASP TB 188 13.61 48.26 29.59
C ASP TB 188 12.89 47.09 28.92
N GLY TB 189 13.65 46.34 28.13
CA GLY TB 189 13.10 45.17 27.46
C GLY TB 189 13.43 43.88 28.18
N GLU TB 190 14.34 43.10 27.60
CA GLU TB 190 14.75 41.82 28.16
C GLU TB 190 16.20 41.90 28.64
N ARG TB 191 16.56 40.96 29.51
CA ARG TB 191 17.91 40.95 30.07
C ARG TB 191 18.95 40.65 29.01
N VAL TB 192 20.10 41.31 29.13
CA VAL TB 192 21.26 41.06 28.29
C VAL TB 192 22.48 40.92 29.19
N THR TB 193 23.60 40.52 28.59
CA THR TB 193 24.84 40.48 29.32
C THR TB 193 25.22 41.89 29.78
N PRO TB 194 25.81 42.04 30.96
CA PRO TB 194 26.22 43.37 31.39
C PRO TB 194 27.24 44.02 30.47
N GLN TB 195 28.06 43.20 29.82
CA GLN TB 195 29.02 43.72 28.85
C GLN TB 195 28.31 44.41 27.69
N MET TB 196 27.24 43.82 27.17
CA MET TB 196 26.42 44.47 26.17
C MET TB 196 25.60 45.61 26.73
N ARG TB 197 25.16 45.50 27.99
CA ARG TB 197 24.35 46.54 28.60
C ARG TB 197 25.11 47.85 28.72
N LYS TB 198 26.34 47.79 29.22
CA LYS TB 198 27.14 49.00 29.36
C LYS TB 198 27.48 49.59 28.00
N GLN TB 199 27.72 48.76 27.00
CA GLN TB 199 27.99 49.26 25.66
C GLN TB 199 26.76 49.88 25.03
N ASN TB 200 25.56 49.42 25.40
CA ASN TB 200 24.31 49.97 24.91
C ASN TB 200 23.71 50.99 25.87
N GLN TB 201 24.56 51.76 26.57
CA GLN TB 201 24.15 52.77 27.55
C GLN TB 201 22.95 52.32 28.39
N GLY TB 202 23.11 51.19 29.06
CA GLY TB 202 22.13 50.73 30.03
C GLY TB 202 20.76 50.44 29.45
N TRP TB 203 20.70 49.82 28.27
CA TRP TB 203 19.46 49.59 27.56
C TRP TB 203 19.41 48.15 27.06
N GLY TB 204 18.21 47.58 27.09
CA GLY TB 204 18.02 46.19 26.70
C GLY TB 204 18.18 45.95 25.21
N ALA TB 205 17.75 44.79 24.75
CA ALA TB 205 17.89 44.42 23.35
C ALA TB 205 16.51 44.16 22.75
N SER TB 206 16.47 44.14 21.42
CA SER TB 206 15.23 43.84 20.71
C SER TB 206 14.92 42.35 20.78
N VAL TB 207 13.63 42.04 20.85
CA VAL TB 207 13.21 40.64 20.80
C VAL TB 207 13.52 40.01 19.46
N LEU TB 208 13.65 40.83 18.41
CA LEU TB 208 13.87 40.32 17.05
C LEU TB 208 15.36 40.12 16.84
N ASN TB 209 15.92 39.10 17.48
CA ASN TB 209 17.30 38.72 17.25
C ASN TB 209 17.43 38.05 15.88
N LYS TB 210 18.67 37.99 15.39
CA LYS TB 210 18.90 37.60 14.00
C LYS TB 210 18.44 36.18 13.71
N SER TB 211 18.48 35.30 14.72
CA SER TB 211 17.99 33.94 14.52
C SER TB 211 16.51 33.95 14.18
N LEU TB 212 15.70 34.63 14.98
CA LEU TB 212 14.28 34.74 14.67
C LEU TB 212 14.07 35.50 13.36
N ILE TB 213 14.92 36.50 13.09
CA ILE TB 213 14.76 37.29 11.89
C ILE TB 213 14.90 36.43 10.64
N ASP TB 214 15.99 35.66 10.55
CA ASP TB 214 16.17 34.88 9.33
C ASP TB 214 15.29 33.65 9.29
N ALA TB 215 14.87 33.12 10.46
CA ALA TB 215 13.85 32.09 10.46
C ALA TB 215 12.56 32.61 9.86
N ILE TB 216 12.18 33.84 10.19
CA ILE TB 216 11.03 34.47 9.54
C ILE TB 216 11.30 34.66 8.05
N CYS TB 217 12.53 35.08 7.72
CA CYS TB 217 12.84 35.47 6.34
C CYS TB 217 12.74 34.29 5.38
N ASP TB 218 13.30 33.14 5.76
CA ASP TB 218 13.35 32.04 4.80
C ASP TB 218 11.99 31.41 4.54
N TYR TB 219 10.99 31.69 5.38
CA TYR TB 219 9.66 31.14 5.17
C TYR TB 219 9.09 31.58 3.83
N ASP TB 220 9.21 32.87 3.51
CA ASP TB 220 8.71 33.37 2.24
C ASP TB 220 9.47 32.75 1.07
N TYR TB 221 10.77 32.51 1.25
CA TYR TB 221 11.55 31.84 0.22
C TYR TB 221 11.02 30.45 -0.04
N CYS TB 222 10.74 29.69 1.02
CA CYS TB 222 10.19 28.35 0.85
C CYS TB 222 8.82 28.39 0.18
N GLU TB 223 7.97 29.35 0.57
CA GLU TB 223 6.67 29.46 -0.06
C GLU TB 223 6.79 29.75 -1.56
N SER TB 224 7.70 30.67 -1.92
CA SER TB 224 7.90 30.99 -3.32
C SER TB 224 8.40 29.79 -4.10
N LEU TB 225 9.33 29.03 -3.52
CA LEU TB 225 9.81 27.83 -4.19
C LEU TB 225 8.69 26.80 -4.35
N ALA TB 226 7.81 26.70 -3.35
CA ALA TB 226 6.68 25.77 -3.46
C ALA TB 226 5.77 26.17 -4.62
N THR TB 227 5.45 27.46 -4.73
CA THR TB 227 4.63 27.91 -5.84
C THR TB 227 5.32 27.68 -7.17
N GLN TB 228 6.64 27.88 -7.22
CA GLN TB 228 7.38 27.65 -8.45
C GLN TB 228 7.33 26.19 -8.86
N ILE TB 229 7.49 25.28 -7.90
CA ILE TB 229 7.38 23.85 -8.18
C ILE TB 229 5.98 23.52 -8.67
N LEU TB 230 4.96 24.13 -8.07
CA LEU TB 230 3.60 23.91 -8.55
C LEU TB 230 3.44 24.36 -10.01
N ARG TB 231 4.02 25.51 -10.37
CA ARG TB 231 3.97 25.94 -11.76
C ARG TB 231 4.71 24.97 -12.67
N ARG TB 232 5.83 24.43 -12.21
CA ARG TB 232 6.71 23.63 -13.05
C ARG TB 232 6.33 22.16 -13.06
N LYS TB 233 5.05 21.83 -12.84
CA LYS TB 233 4.66 20.43 -12.76
C LYS TB 233 4.84 19.69 -14.09
N GLN TB 234 4.42 20.31 -15.19
CA GLN TB 234 4.35 19.62 -16.47
C GLN TB 234 4.86 20.54 -17.58
N GLN TB 235 5.63 19.96 -18.50
CA GLN TB 235 6.23 20.70 -19.61
C GLN TB 235 6.01 19.94 -20.91
N ALA TB 236 5.94 20.65 -22.02
CA ALA TB 236 5.79 20.05 -23.33
C ALA TB 236 6.95 20.46 -24.23
N VAL TB 237 7.45 19.50 -25.01
CA VAL TB 237 8.59 19.73 -25.89
C VAL TB 237 8.16 19.45 -27.32
N TRP TB 238 8.51 20.37 -28.22
CA TRP TB 238 8.17 20.30 -29.63
C TRP TB 238 9.44 20.46 -30.45
N LYS TB 239 9.81 19.43 -31.20
CA LYS TB 239 11.09 19.36 -31.89
C LYS TB 239 10.86 19.35 -33.41
N VAL TB 240 11.49 20.30 -34.10
CA VAL TB 240 11.35 20.44 -35.55
C VAL TB 240 12.74 20.59 -36.16
N LYS TB 241 13.18 19.56 -36.87
CA LYS TB 241 14.48 19.61 -37.51
C LYS TB 241 14.55 20.78 -38.48
N GLY TB 242 15.68 21.48 -38.47
CA GLY TB 242 15.82 22.68 -39.28
C GLY TB 242 15.28 23.93 -38.65
N LEU TB 243 14.76 23.87 -37.42
CA LEU TB 243 14.27 25.09 -36.78
C LEU TB 243 15.38 26.11 -36.58
N ALA TB 244 16.64 25.66 -36.62
CA ALA TB 244 17.76 26.59 -36.49
C ALA TB 244 17.85 27.53 -37.68
N GLU TB 245 17.30 27.13 -38.83
CA GLU TB 245 17.40 27.97 -40.02
C GLU TB 245 16.57 29.24 -39.87
N MET TB 246 15.68 29.29 -38.88
CA MET TB 246 14.80 30.43 -38.74
C MET TB 246 15.58 31.69 -38.43
N CYS TB 247 15.21 32.78 -39.10
CA CYS TB 247 15.84 34.06 -38.86
C CYS TB 247 15.40 34.62 -37.51
N ASP TB 248 16.29 35.37 -36.88
CA ASP TB 248 15.96 35.98 -35.60
C ASP TB 248 15.18 37.28 -35.81
N ASP TB 249 14.03 37.36 -35.15
CA ASP TB 249 13.19 38.55 -35.09
C ASP TB 249 12.79 39.03 -36.48
N ASP TB 250 12.30 38.11 -37.29
CA ASP TB 250 11.67 38.43 -38.58
C ASP TB 250 10.28 37.81 -38.63
N ASP TB 251 9.60 38.09 -39.75
CA ASP TB 251 8.20 37.71 -39.90
C ASP TB 251 8.02 36.21 -39.78
N ALA TB 252 8.97 35.43 -40.31
CA ALA TB 252 8.82 33.98 -40.26
C ALA TB 252 8.84 33.46 -38.83
N GLN TB 253 9.82 33.91 -38.03
CA GLN TB 253 9.88 33.46 -36.64
C GLN TB 253 8.68 33.96 -35.85
N TYR TB 254 8.26 35.20 -36.08
CA TYR TB 254 7.06 35.68 -35.40
C TYR TB 254 5.84 34.86 -35.76
N ALA TB 255 5.68 34.50 -37.04
CA ALA TB 255 4.54 33.69 -37.44
C ALA TB 255 4.59 32.33 -36.79
N ALA TB 256 5.79 31.72 -36.71
CA ALA TB 256 5.91 30.43 -36.04
C ALA TB 256 5.50 30.53 -34.58
N ARG TB 257 5.93 31.59 -33.89
CA ARG TB 257 5.60 31.72 -32.48
C ARG TB 257 4.11 31.98 -32.27
N LEU TB 258 3.50 32.82 -33.12
CA LEU TB 258 2.05 33.00 -33.08
C LEU TB 258 1.32 31.68 -33.28
N ARG TB 259 1.72 30.88 -34.26
CA ARG TB 259 1.04 29.62 -34.50
C ARG TB 259 1.19 28.67 -33.31
N LEU TB 260 2.40 28.60 -32.74
CA LEU TB 260 2.62 27.71 -31.61
C LEU TB 260 1.75 28.11 -30.42
N ALA TB 261 1.73 29.40 -30.08
CA ALA TB 261 0.90 29.83 -28.97
C ALA TB 261 -0.58 29.60 -29.26
N GLN TB 262 -1.01 29.87 -30.49
CA GLN TB 262 -2.42 29.72 -30.85
C GLN TB 262 -2.86 28.26 -30.70
N VAL TB 263 -2.05 27.32 -31.19
CA VAL TB 263 -2.41 25.92 -31.06
C VAL TB 263 -2.28 25.47 -29.61
N ASP TB 264 -1.43 26.16 -28.83
CA ASP TB 264 -1.31 25.80 -27.42
C ASP TB 264 -2.57 26.17 -26.65
N ASP TB 265 -3.10 27.38 -26.86
CA ASP TB 265 -4.25 27.81 -26.08
C ASP TB 265 -5.51 26.99 -26.35
N ASN TB 266 -5.68 26.48 -27.57
CA ASN TB 266 -6.89 25.75 -27.92
C ASN TB 266 -6.80 24.26 -27.61
N SER TB 267 -5.67 23.78 -27.12
CA SER TB 267 -5.53 22.38 -26.79
C SER TB 267 -6.17 22.07 -25.45
N GLY TB 268 -6.32 20.79 -25.16
CA GLY TB 268 -6.91 20.36 -23.91
C GLY TB 268 -7.23 18.88 -23.94
N VAL TB 269 -8.00 18.45 -22.94
CA VAL TB 269 -8.39 17.04 -22.85
C VAL TB 269 -9.34 16.68 -23.97
N GLY TB 270 -10.25 17.59 -24.33
CA GLY TB 270 -11.22 17.35 -25.36
C GLY TB 270 -10.78 17.72 -26.76
N ARG TB 271 -9.49 17.97 -26.98
CA ARG TB 271 -8.98 18.40 -28.27
C ARG TB 271 -7.71 17.63 -28.60
N ALA TB 272 -7.40 17.57 -29.89
CA ALA TB 272 -6.24 16.86 -30.40
C ALA TB 272 -5.43 17.79 -31.29
N ILE TB 273 -4.13 17.51 -31.41
CA ILE TB 273 -3.21 18.31 -32.22
C ILE TB 273 -2.53 17.39 -33.22
N GLY TB 274 -2.30 17.91 -34.43
CA GLY TB 274 -1.66 17.14 -35.48
C GLY TB 274 -0.27 17.67 -35.81
N ILE TB 275 0.64 16.73 -36.05
CA ILE TB 275 2.03 17.06 -36.37
C ILE TB 275 2.49 16.16 -37.51
N ASP TB 276 3.69 16.42 -38.00
CA ASP TB 276 4.29 15.66 -39.10
C ASP TB 276 5.28 14.64 -38.55
N ALA TB 277 5.20 13.41 -39.06
CA ALA TB 277 6.03 12.34 -38.51
C ALA TB 277 7.51 12.54 -38.84
N GLU TB 278 7.82 12.92 -40.07
CA GLU TB 278 9.22 13.02 -40.49
C GLU TB 278 9.96 14.13 -39.75
N THR TB 279 9.32 15.28 -39.57
CA THR TB 279 10.04 16.48 -39.16
C THR TB 279 9.94 16.79 -37.67
N GLU TB 280 8.78 16.62 -37.05
CA GLU TB 280 8.56 17.13 -35.71
C GLU TB 280 8.10 16.01 -34.78
N GLU TB 281 8.43 16.18 -33.50
CA GLU TB 281 7.97 15.27 -32.46
C GLU TB 281 7.46 16.10 -31.29
N TYR TB 282 6.40 15.61 -30.65
CA TYR TB 282 5.73 16.32 -29.57
C TYR TB 282 5.67 15.39 -28.35
N ASP TB 283 6.45 15.71 -27.34
CA ASP TB 283 6.50 14.89 -26.13
C ASP TB 283 6.11 15.71 -24.92
N VAL TB 284 5.75 15.03 -23.84
CA VAL TB 284 5.37 15.68 -22.60
C VAL TB 284 6.18 15.08 -21.45
N LEU TB 285 6.70 15.96 -20.59
CA LEU TB 285 7.44 15.56 -19.41
C LEU TB 285 6.73 16.06 -18.16
N ASN TB 286 6.77 15.23 -17.12
CA ASN TB 286 6.05 15.57 -15.90
C ASN TB 286 6.87 15.13 -14.70
N SER TB 287 6.62 15.78 -13.56
CA SER TB 287 7.27 15.47 -12.30
C SER TB 287 6.24 15.47 -11.19
N ASP TB 288 6.53 14.72 -10.13
CA ASP TB 288 5.61 14.59 -9.00
C ASP TB 288 5.85 15.68 -7.97
N ILE TB 289 4.80 15.96 -7.20
CA ILE TB 289 4.83 16.96 -6.13
C ILE TB 289 4.13 16.38 -4.91
N SER TB 290 4.81 16.40 -3.77
CA SER TB 290 4.30 15.83 -2.53
C SER TB 290 5.24 16.19 -1.39
N GLY TB 291 4.71 16.20 -0.18
CA GLY TB 291 5.48 16.54 0.99
C GLY TB 291 5.63 18.01 1.25
N VAL TB 292 5.25 18.86 0.29
CA VAL TB 292 5.39 20.30 0.46
C VAL TB 292 4.57 20.82 1.64
N PRO TB 293 3.30 20.44 1.81
CA PRO TB 293 2.57 20.93 2.99
C PRO TB 293 3.22 20.55 4.31
N GLU TB 294 3.75 19.33 4.41
CA GLU TB 294 4.43 18.91 5.63
C GLU TB 294 5.69 19.72 5.86
N PHE TB 295 6.45 19.97 4.79
CA PHE TB 295 7.66 20.77 4.92
C PHE TB 295 7.34 22.18 5.41
N LEU TB 296 6.31 22.79 4.84
CA LEU TB 296 5.92 24.13 5.27
C LEU TB 296 5.40 24.14 6.70
N SER TB 297 4.67 23.08 7.09
CA SER TB 297 4.21 22.99 8.47
C SER TB 297 5.39 22.88 9.42
N SER TB 298 6.43 22.14 9.02
CA SER TB 298 7.63 22.05 9.85
C SER TB 298 8.31 23.42 10.00
N LYS TB 299 8.39 24.18 8.91
CA LYS TB 299 8.96 25.53 9.01
C LYS TB 299 8.15 26.41 9.95
N MET TB 300 6.83 26.35 9.85
CA MET TB 300 5.99 27.12 10.77
C MET TB 300 6.19 26.67 12.21
N ASP TB 301 6.37 25.36 12.42
CA ASP TB 301 6.62 24.87 13.77
C ASP TB 301 7.93 25.41 14.32
N ARG TB 302 8.95 25.51 13.48
CA ARG TB 302 10.20 26.13 13.91
C ARG TB 302 9.98 27.60 14.28
N ILE TB 303 9.19 28.32 13.49
CA ILE TB 303 8.86 29.69 13.83
C ILE TB 303 8.20 29.75 15.21
N VAL TB 304 7.27 28.83 15.47
CA VAL TB 304 6.60 28.80 16.77
C VAL TB 304 7.60 28.55 17.88
N SER TB 305 8.50 27.59 17.68
CA SER TB 305 9.46 27.24 18.73
C SER TB 305 10.36 28.41 19.08
N LEU TB 306 10.90 29.10 18.07
CA LEU TB 306 11.71 30.27 18.35
C LEU TB 306 10.90 31.43 18.90
N SER TB 307 9.62 31.55 18.52
CA SER TB 307 8.80 32.65 19.03
C SER TB 307 8.52 32.50 20.51
N GLY TB 308 8.11 31.31 20.94
CA GLY TB 308 7.72 31.08 22.30
C GLY TB 308 6.23 31.24 22.58
N ILE TB 309 5.46 31.69 21.59
CA ILE TB 309 4.01 31.75 21.67
C ILE TB 309 3.44 30.61 20.85
N HIS TB 310 2.53 29.84 21.42
CA HIS TB 310 2.22 28.53 20.86
C HIS TB 310 1.21 28.65 19.71
N GLU TB 311 0.78 27.48 19.24
CA GLU TB 311 0.21 27.34 17.90
C GLU TB 311 -1.11 28.07 17.76
N ILE TB 312 -2.06 27.84 18.68
CA ILE TB 312 -3.42 28.32 18.47
C ILE TB 312 -3.49 29.82 18.74
N ILE TB 313 -2.35 30.42 19.09
CA ILE TB 313 -2.26 31.85 19.25
C ILE TB 313 -1.46 32.52 18.14
N ILE TB 314 -0.36 31.93 17.69
CA ILE TB 314 0.48 32.52 16.65
C ILE TB 314 -0.05 32.19 15.26
N LYS TB 315 -0.49 30.96 15.02
CA LYS TB 315 -1.10 30.61 13.74
C LYS TB 315 -2.61 30.77 13.74
N ASN TB 316 -3.21 30.82 14.93
CA ASN TB 316 -4.65 30.96 15.09
C ASN TB 316 -5.42 29.88 14.34
N LYS TB 317 -4.96 28.63 14.42
CA LYS TB 317 -5.70 27.49 13.91
C LYS TB 317 -5.97 26.53 15.06
N ASN TB 318 -7.24 26.22 15.30
CA ASN TB 318 -7.57 25.15 16.22
C ASN TB 318 -7.16 23.82 15.60
N VAL TB 319 -6.60 22.94 16.43
CA VAL TB 319 -6.16 21.64 15.94
C VAL TB 319 -7.33 20.83 15.40
N GLY TB 320 -8.50 20.99 16.00
CA GLY TB 320 -9.72 20.39 15.50
C GLY TB 320 -9.98 18.96 15.89
N GLY TB 321 -8.94 18.15 16.10
CA GLY TB 321 -9.14 16.76 16.44
C GLY TB 321 -9.44 16.48 17.90
N VAL TB 322 -9.33 17.48 18.76
CA VAL TB 322 -9.56 17.30 20.19
C VAL TB 322 -10.54 18.37 20.65
N SER TB 323 -11.34 18.02 21.66
CA SER TB 323 -12.41 18.90 22.11
C SER TB 323 -11.89 19.97 23.07
N ALA TB 324 -11.13 19.57 24.08
CA ALA TB 324 -10.79 20.46 25.20
C ALA TB 324 -9.30 20.40 25.52
N SER TB 325 -8.44 20.54 24.52
CA SER TB 325 -7.02 20.76 24.77
C SER TB 325 -6.61 22.21 24.54
N GLN TB 326 -7.38 22.96 23.75
CA GLN TB 326 -7.10 24.37 23.59
C GLN TB 326 -7.21 25.12 24.91
N ASN TB 327 -8.06 24.66 25.83
CA ASN TB 327 -8.15 25.31 27.14
C ASN TB 327 -6.85 25.21 27.92
N THR TB 328 -6.22 24.03 27.94
CA THR TB 328 -4.95 23.92 28.63
C THR TB 328 -3.83 24.63 27.87
N ALA TB 329 -3.91 24.65 26.54
CA ALA TB 329 -2.94 25.44 25.78
C ALA TB 329 -3.03 26.91 26.16
N LEU TB 330 -4.24 27.45 26.23
CA LEU TB 330 -4.42 28.85 26.58
C LEU TB 330 -4.09 29.14 28.04
N GLU TB 331 -4.30 28.17 28.95
CA GLU TB 331 -3.86 28.45 30.32
C GLU TB 331 -2.34 28.43 30.44
N THR TB 332 -1.66 27.59 29.66
CA THR TB 332 -0.20 27.70 29.58
C THR TB 332 0.22 29.05 29.01
N PHE TB 333 -0.51 29.52 28.00
CA PHE TB 333 -0.22 30.84 27.45
C PHE TB 333 -0.38 31.93 28.50
N TYR TB 334 -1.43 31.84 29.33
CA TYR TB 334 -1.55 32.79 30.42
C TYR TB 334 -0.47 32.63 31.46
N LYS TB 335 0.03 31.41 31.67
CA LYS TB 335 1.20 31.28 32.52
C LYS TB 335 2.36 32.10 31.96
N LEU TB 336 2.63 31.97 30.66
CA LEU TB 336 3.69 32.76 30.04
C LEU TB 336 3.46 34.25 30.20
N VAL TB 337 2.26 34.73 29.84
CA VAL TB 337 2.03 36.16 29.82
C VAL TB 337 2.01 36.72 31.23
N ASP TB 338 1.56 35.93 32.21
CA ASP TB 338 1.58 36.39 33.59
C ASP TB 338 2.99 36.48 34.13
N ARG TB 339 3.84 35.49 33.83
CA ARG TB 339 5.21 35.56 34.33
C ARG TB 339 5.98 36.66 33.63
N LYS TB 340 5.58 37.04 32.42
CA LYS TB 340 6.15 38.22 31.80
C LYS TB 340 5.57 39.51 32.37
N ARG TB 341 4.29 39.49 32.74
CA ARG TB 341 3.62 40.66 33.30
C ARG TB 341 4.23 41.06 34.63
N GLU TB 342 4.51 40.08 35.48
CA GLU TB 342 5.08 40.38 36.80
C GLU TB 342 6.43 41.09 36.69
N GLU TB 343 7.08 41.01 35.51
CA GLU TB 343 8.41 41.58 35.36
C GLU TB 343 8.37 43.05 34.94
N ASP TB 344 7.34 43.46 34.20
CA ASP TB 344 7.32 44.80 33.63
C ASP TB 344 6.07 45.61 33.93
N TYR TB 345 4.90 44.97 34.07
CA TYR TB 345 3.68 45.74 34.29
C TYR TB 345 3.66 46.37 35.67
N ARG TB 346 4.20 45.66 36.68
CA ARG TB 346 4.18 46.20 38.04
C ARG TB 346 4.93 47.52 38.17
N PRO TB 347 6.17 47.67 37.71
CA PRO TB 347 6.87 48.95 37.94
C PRO TB 347 6.12 50.17 37.43
N LEU TB 348 5.39 50.05 36.33
CA LEU TB 348 4.54 51.15 35.89
C LEU TB 348 3.49 51.49 36.95
N LEU TB 349 2.88 50.45 37.55
CA LEU TB 349 1.87 50.69 38.57
C LEU TB 349 2.49 51.33 39.81
N GLU TB 350 3.60 50.78 40.31
CA GLU TB 350 4.25 51.40 41.45
C GLU TB 350 4.81 52.79 41.14
N PHE TB 351 4.97 53.15 39.86
CA PHE TB 351 5.42 54.49 39.53
C PHE TB 351 4.26 55.47 39.41
N LEU TB 352 3.08 55.00 38.98
CA LEU TB 352 1.94 55.87 38.76
C LEU TB 352 1.05 56.03 39.99
N LEU TB 353 0.85 54.96 40.75
CA LEU TB 353 -0.10 54.98 41.85
C LEU TB 353 0.19 56.03 42.92
N PRO TB 354 1.42 56.21 43.40
CA PRO TB 354 1.62 57.19 44.49
C PRO TB 354 1.23 58.60 44.11
N PHE TB 355 1.07 58.91 42.83
CA PHE TB 355 0.65 60.23 42.39
C PHE TB 355 -0.87 60.36 42.22
N ILE TB 356 -1.63 59.28 42.34
CA ILE TB 356 -3.06 59.36 42.06
C ILE TB 356 -3.89 59.11 43.31
N VAL TB 357 -3.36 58.34 44.26
CA VAL TB 357 -4.10 57.98 45.46
C VAL TB 357 -3.45 58.64 46.67
N ASP TB 358 -4.27 59.32 47.46
CA ASP TB 358 -3.77 59.97 48.67
C ASP TB 358 -3.60 59.00 49.82
N GLU TB 359 -4.13 57.78 49.71
CA GLU TB 359 -3.98 56.80 50.76
C GLU TB 359 -2.53 56.35 50.87
N GLN TB 360 -2.11 56.04 52.10
CA GLN TB 360 -0.69 55.93 52.40
C GLN TB 360 -0.12 54.54 52.13
N GLU TB 361 -0.88 53.48 52.39
CA GLU TB 361 -0.38 52.13 52.18
C GLU TB 361 -1.41 51.27 51.47
N TRP TB 362 -1.04 50.80 50.27
CA TRP TB 362 -1.93 50.00 49.44
C TRP TB 362 -1.13 48.85 48.84
N SER TB 363 -1.84 47.88 48.27
CA SER TB 363 -1.22 46.72 47.65
C SER TB 363 -1.92 46.39 46.34
N ILE TB 364 -1.17 45.79 45.43
CA ILE TB 364 -1.64 45.45 44.09
C ILE TB 364 -1.95 43.97 44.03
N GLU TB 365 -3.12 43.63 43.50
CA GLU TB 365 -3.51 42.26 43.21
C GLU TB 365 -3.82 42.16 41.73
N PHE TB 366 -3.42 41.06 41.10
CA PHE TB 366 -3.70 40.86 39.68
C PHE TB 366 -4.86 39.89 39.53
N GLU TB 367 -5.88 40.33 38.80
CA GLU TB 367 -7.07 39.53 38.62
C GLU TB 367 -6.72 38.24 37.89
N PRO TB 368 -7.36 37.11 38.22
CA PRO TB 368 -6.98 35.86 37.57
C PRO TB 368 -7.32 35.87 36.09
N LEU TB 369 -6.29 35.85 35.24
CA LEU TB 369 -6.45 36.01 33.80
C LEU TB 369 -7.00 34.71 33.22
N SER TB 370 -8.30 34.52 33.42
CA SER TB 370 -9.02 33.38 32.87
C SER TB 370 -10.47 33.81 32.66
N VAL TB 371 -10.96 33.66 31.44
CA VAL TB 371 -12.29 34.14 31.06
C VAL TB 371 -13.37 33.28 31.69
N PRO TB 372 -14.26 33.81 32.56
CA PRO TB 372 -15.25 32.83 33.10
C PRO TB 372 -16.64 32.94 32.48
N SER TB 373 -17.52 31.96 32.72
CA SER TB 373 -18.75 31.78 31.92
C SER TB 373 -20.08 31.98 32.67
N LYS TB 374 -21.03 32.70 32.07
CA LYS TB 374 -22.29 32.98 32.74
C LYS TB 374 -22.68 31.79 33.50
N LYS TB 375 -22.57 30.65 32.86
CA LYS TB 375 -22.86 29.41 33.56
C LYS TB 375 -22.00 29.27 34.83
N GLU TB 376 -20.68 29.18 34.64
CA GLU TB 376 -19.83 28.92 35.80
C GLU TB 376 -19.71 30.14 36.70
N GLU TB 377 -19.87 31.36 36.17
CA GLU TB 377 -19.89 32.49 37.08
C GLU TB 377 -21.11 32.43 38.00
N SER TB 378 -22.28 32.08 37.46
CA SER TB 378 -23.45 31.89 38.32
C SER TB 378 -23.19 30.81 39.35
N GLU TB 379 -22.59 29.69 38.90
CA GLU TB 379 -22.30 28.60 39.82
C GLU TB 379 -21.35 29.02 40.93
N ILE TB 380 -20.29 29.76 40.61
CA ILE TB 380 -19.31 30.14 41.63
C ILE TB 380 -19.92 31.18 42.58
N THR TB 381 -20.75 32.09 42.06
CA THR TB 381 -21.44 33.00 42.97
C THR TB 381 -22.32 32.25 43.94
N LYS TB 382 -23.06 31.25 43.45
CA LYS TB 382 -23.86 30.43 44.36
C LYS TB 382 -22.98 29.74 45.40
N ASN TB 383 -21.88 29.13 44.93
CA ASN TB 383 -20.99 28.41 45.83
C ASN TB 383 -20.47 29.31 46.94
N ASN TB 384 -19.92 30.48 46.58
CA ASN TB 384 -19.33 31.32 47.60
C ASN TB 384 -20.39 31.96 48.49
N VAL TB 385 -21.57 32.27 47.94
CA VAL TB 385 -22.58 32.90 48.78
C VAL TB 385 -23.10 31.91 49.81
N GLU TB 386 -23.18 30.62 49.48
CA GLU TB 386 -23.61 29.69 50.52
C GLU TB 386 -22.46 29.29 51.43
N SER TB 387 -21.22 29.29 50.93
CA SER TB 387 -20.10 28.98 51.81
C SER TB 387 -19.88 30.08 52.83
N VAL TB 388 -20.04 31.35 52.44
CA VAL TB 388 -19.77 32.45 53.35
C VAL TB 388 -20.74 32.44 54.51
N THR TB 389 -22.04 32.19 54.26
CA THR TB 389 -23.00 32.00 55.35
C THR TB 389 -23.75 30.68 55.15
N LYS TB 390 -23.05 29.60 55.45
CA LYS TB 390 -23.66 28.33 55.83
C LYS TB 390 -23.43 28.03 57.30
N ALA TB 391 -22.28 28.40 57.84
CA ALA TB 391 -21.91 28.03 59.20
C ALA TB 391 -21.40 29.19 60.05
N ILE TB 392 -21.34 30.41 59.51
CA ILE TB 392 -20.90 31.53 60.32
C ILE TB 392 -21.97 31.98 61.31
N THR TB 393 -23.19 31.47 61.16
CA THR TB 393 -24.29 31.87 62.02
C THR TB 393 -24.11 31.46 63.47
N GLU TB 394 -23.17 30.56 63.76
CA GLU TB 394 -22.95 30.09 65.13
C GLU TB 394 -21.77 30.76 65.81
N GLN TB 395 -21.10 31.70 65.16
CA GLN TB 395 -19.91 32.33 65.69
C GLN TB 395 -20.12 33.84 65.80
N ILE TB 396 -19.04 34.55 66.12
CA ILE TB 396 -19.09 36.01 66.28
C ILE TB 396 -18.96 36.76 64.97
N ILE TB 397 -18.85 36.05 63.84
CA ILE TB 397 -18.80 36.70 62.53
C ILE TB 397 -20.14 37.39 62.29
N ASP TB 398 -20.12 38.72 62.29
CA ASP TB 398 -21.33 39.52 62.25
C ASP TB 398 -21.53 40.14 60.86
N LEU TB 399 -22.63 40.89 60.72
CA LEU TB 399 -23.02 41.43 59.42
C LEU TB 399 -21.99 42.44 58.91
N GLU TB 400 -21.43 43.26 59.81
CA GLU TB 400 -20.58 44.35 59.36
C GLU TB 400 -19.29 43.87 58.71
N GLU TB 401 -18.88 42.62 58.94
CA GLU TB 401 -17.78 42.01 58.19
C GLU TB 401 -18.23 40.98 57.18
N ALA TB 402 -19.39 40.35 57.39
CA ALA TB 402 -19.92 39.44 56.37
C ALA TB 402 -20.21 40.17 55.07
N ARG TB 403 -20.72 41.41 55.18
CA ARG TB 403 -20.98 42.19 53.99
C ARG TB 403 -19.69 42.53 53.24
N ASP TB 404 -18.63 42.89 53.97
CA ASP TB 404 -17.35 43.12 53.30
C ASP TB 404 -16.85 41.84 52.65
N THR TB 405 -17.01 40.70 53.31
CA THR TB 405 -16.60 39.45 52.71
C THR TB 405 -17.35 39.20 51.41
N LEU TB 406 -18.67 39.43 51.40
CA LEU TB 406 -19.45 39.10 50.22
C LEU TB 406 -19.17 40.06 49.07
N ARG TB 407 -18.94 41.34 49.36
CA ARG TB 407 -18.68 42.30 48.30
C ARG TB 407 -17.19 42.52 48.05
N SER TB 408 -16.32 41.77 48.72
CA SER TB 408 -14.90 41.81 48.40
C SER TB 408 -14.63 41.11 47.07
N ILE TB 409 -14.98 39.84 46.98
CA ILE TB 409 -15.02 39.15 45.70
C ILE TB 409 -16.11 39.80 44.86
N ALA TB 410 -15.71 40.46 43.77
CA ALA TB 410 -16.60 41.31 43.00
C ALA TB 410 -17.81 40.52 42.53
N PRO TB 411 -18.98 40.74 43.13
CA PRO TB 411 -20.15 39.96 42.73
C PRO TB 411 -21.00 40.72 41.72
N GLU TB 412 -22.03 40.06 41.21
CA GLU TB 412 -23.11 40.78 40.54
C GLU TB 412 -24.15 41.27 41.54
N PHE TB 413 -23.97 40.97 42.83
CA PHE TB 413 -24.88 41.38 43.88
C PHE TB 413 -24.39 42.70 44.46
N LYS TB 414 -25.05 43.79 44.08
CA LYS TB 414 -24.68 45.09 44.62
C LYS TB 414 -25.12 45.19 46.08
N LEU TB 415 -24.66 46.25 46.74
CA LEU TB 415 -24.99 46.47 48.14
C LEU TB 415 -24.72 47.92 48.49
N LYS TB 416 -25.73 48.61 49.02
CA LYS TB 416 -25.55 49.98 49.45
C LYS TB 416 -24.78 50.03 50.76
N ASP TB 417 -23.85 50.97 50.85
CA ASP TB 417 -22.96 51.06 51.99
C ASP TB 417 -23.74 51.37 53.26
N GLY TB 418 -23.47 50.60 54.31
CA GLY TB 418 -24.23 50.75 55.54
C GLY TB 418 -23.72 49.92 56.71
N ASN TB 419 -24.64 49.32 57.45
CA ASN TB 419 -24.33 48.62 58.70
C ASN TB 419 -23.38 47.43 58.50
N ILE UB 4 54.41 -47.16 -10.37
CA ILE UB 4 53.90 -47.02 -11.73
C ILE UB 4 52.67 -47.91 -11.90
N MET UB 5 51.78 -47.49 -12.79
CA MET UB 5 50.58 -48.28 -13.09
C MET UB 5 51.00 -49.61 -13.71
N ASN UB 6 50.11 -50.60 -13.60
CA ASN UB 6 50.48 -51.99 -13.81
C ASN UB 6 51.04 -52.22 -15.21
N GLN UB 7 52.10 -53.01 -15.30
CA GLN UB 7 52.78 -53.24 -16.56
C GLN UB 7 51.89 -53.96 -17.57
N GLU UB 8 51.18 -55.00 -17.11
CA GLU UB 8 50.28 -55.73 -18.01
C GLU UB 8 49.16 -54.83 -18.52
N THR UB 9 48.59 -54.01 -17.64
CA THR UB 9 47.56 -53.07 -18.06
C THR UB 9 48.11 -52.06 -19.06
N LEU UB 10 49.34 -51.59 -18.84
CA LEU UB 10 49.96 -50.66 -19.78
C LEU UB 10 50.16 -51.30 -21.15
N ILE UB 11 50.64 -52.54 -21.17
CA ILE UB 11 50.84 -53.24 -22.44
C ILE UB 11 49.50 -53.44 -23.15
N ALA UB 12 48.48 -53.84 -22.40
CA ALA UB 12 47.15 -54.00 -23.00
C ALA UB 12 46.63 -52.68 -23.55
N ALA UB 13 46.89 -51.59 -22.84
CA ALA UB 13 46.43 -50.27 -23.29
C ALA UB 13 47.11 -49.88 -24.59
N VAL UB 14 48.44 -50.07 -24.67
CA VAL UB 14 49.13 -49.68 -25.89
C VAL UB 14 48.70 -50.58 -27.06
N GLU UB 15 48.43 -51.86 -26.78
CA GLU UB 15 47.88 -52.73 -27.81
C GLU UB 15 46.52 -52.25 -28.28
N GLN UB 16 45.67 -51.79 -27.35
CA GLN UB 16 44.37 -51.27 -27.71
C GLN UB 16 44.49 -50.02 -28.58
N MET UB 17 45.40 -49.11 -28.23
CA MET UB 17 45.66 -47.96 -29.08
C MET UB 17 46.05 -48.39 -30.49
N ARG UB 18 47.00 -49.34 -30.57
CA ARG UB 18 47.51 -49.75 -31.87
C ARG UB 18 46.43 -50.42 -32.72
N LYS UB 19 45.59 -51.26 -32.11
CA LYS UB 19 44.55 -51.91 -32.88
C LYS UB 19 43.39 -51.00 -33.18
N LEU UB 20 43.19 -49.93 -32.40
CA LEU UB 20 42.15 -48.97 -32.73
C LEU UB 20 42.56 -48.09 -33.90
N VAL UB 21 43.80 -47.63 -33.90
CA VAL UB 21 44.34 -46.85 -35.02
C VAL UB 21 45.49 -47.64 -35.63
N PRO UB 22 45.25 -48.34 -36.74
CA PRO UB 22 46.30 -49.20 -37.32
C PRO UB 22 47.53 -48.44 -37.77
N ALA UB 23 47.38 -47.18 -38.21
CA ALA UB 23 48.51 -46.43 -38.73
C ALA UB 23 49.55 -46.10 -37.67
N LEU UB 24 49.25 -46.30 -36.40
CA LEU UB 24 50.18 -46.01 -35.32
C LEU UB 24 51.17 -47.16 -35.09
N ARG UB 25 51.03 -48.26 -35.84
CA ARG UB 25 51.93 -49.40 -35.65
C ARG UB 25 53.38 -49.05 -35.94
N LYS UB 26 53.62 -48.07 -36.81
CA LYS UB 26 54.96 -47.74 -37.23
C LYS UB 26 55.72 -46.92 -36.20
N VAL UB 27 55.03 -46.28 -35.26
CA VAL UB 27 55.69 -45.38 -34.32
C VAL UB 27 56.45 -46.19 -33.28
N PRO UB 28 57.65 -45.79 -32.89
CA PRO UB 28 58.38 -46.50 -31.83
C PRO UB 28 57.59 -46.51 -30.52
N ASP UB 29 57.71 -47.61 -29.79
CA ASP UB 29 56.88 -47.82 -28.60
C ASP UB 29 57.29 -46.95 -27.42
N GLU UB 30 58.55 -46.54 -27.33
CA GLU UB 30 59.02 -45.81 -26.15
C GLU UB 30 58.37 -44.43 -26.06
N THR UB 31 58.17 -43.76 -27.19
CA THR UB 31 57.45 -42.50 -27.17
C THR UB 31 56.01 -42.69 -26.72
N LEU UB 32 55.38 -43.77 -27.19
CA LEU UB 32 54.05 -44.10 -26.70
C LEU UB 32 54.07 -44.40 -25.20
N TYR UB 33 55.12 -45.08 -24.73
CA TYR UB 33 55.25 -45.28 -23.29
C TYR UB 33 55.23 -43.96 -22.55
N ALA UB 34 56.10 -43.04 -22.97
CA ALA UB 34 56.19 -41.74 -22.30
C ALA UB 34 54.86 -41.02 -22.32
N TRP UB 35 54.19 -41.02 -23.47
CA TRP UB 35 52.88 -40.38 -23.56
C TRP UB 35 51.87 -41.04 -22.63
N VAL UB 36 51.99 -42.36 -22.41
CA VAL UB 36 50.96 -43.00 -21.60
C VAL UB 36 51.17 -42.69 -20.11
N GLU UB 37 52.43 -42.60 -19.64
CA GLU UB 37 52.50 -42.16 -18.23
C GLU UB 37 52.19 -40.67 -18.13
N MET UB 38 52.38 -39.90 -19.20
CA MET UB 38 51.90 -38.53 -19.18
C MET UB 38 50.39 -38.48 -19.03
N ALA UB 39 49.68 -39.35 -19.75
CA ALA UB 39 48.23 -39.32 -19.75
C ALA UB 39 47.61 -39.92 -18.50
N GLU UB 40 48.29 -40.85 -17.83
CA GLU UB 40 47.66 -41.51 -16.69
C GLU UB 40 47.50 -40.56 -15.50
N LEU UB 41 48.13 -39.39 -15.54
CA LEU UB 41 48.01 -38.43 -14.45
C LEU UB 41 46.61 -37.84 -14.33
N PHE UB 42 45.83 -37.82 -15.40
CA PHE UB 42 44.55 -37.12 -15.42
C PHE UB 42 43.39 -38.02 -15.01
N VAL UB 43 43.32 -39.22 -15.56
CA VAL UB 43 42.22 -40.12 -15.24
C VAL UB 43 42.48 -40.81 -13.90
N CYS UB 44 41.43 -40.92 -13.10
CA CYS UB 44 41.51 -41.68 -11.86
C CYS UB 44 40.76 -43.01 -12.02
N GLN UB 45 40.93 -43.90 -11.04
CA GLN UB 45 40.68 -45.33 -11.22
C GLN UB 45 39.26 -45.74 -10.90
N LYS UB 46 38.78 -45.45 -9.68
CA LYS UB 46 37.52 -46.00 -9.20
C LYS UB 46 36.31 -45.53 -10.01
N THR UB 47 36.42 -44.42 -10.74
CA THR UB 47 35.31 -43.96 -11.55
C THR UB 47 34.94 -45.00 -12.60
N PHE UB 48 35.93 -45.49 -13.34
CA PHE UB 48 35.68 -46.50 -14.35
C PHE UB 48 35.75 -47.91 -13.76
N LYS UB 49 36.91 -48.28 -13.24
CA LYS UB 49 37.18 -49.50 -12.46
C LYS UB 49 36.86 -50.78 -13.22
N ASP UB 50 36.33 -50.67 -14.43
CA ASP UB 50 36.13 -51.84 -15.30
C ASP UB 50 36.79 -51.70 -16.65
N ALA UB 51 36.56 -50.58 -17.34
CA ALA UB 51 37.11 -50.31 -18.66
C ALA UB 51 38.26 -49.32 -18.57
N TYR UB 52 39.08 -49.46 -17.53
CA TYR UB 52 40.21 -48.57 -17.31
C TYR UB 52 41.13 -48.55 -18.53
N VAL UB 53 41.36 -49.72 -19.14
CA VAL UB 53 42.23 -49.79 -20.30
C VAL UB 53 41.66 -48.95 -21.44
N LYS UB 54 40.37 -49.11 -21.74
CA LYS UB 54 39.75 -48.35 -22.80
C LYS UB 54 39.80 -46.86 -22.51
N ALA UB 55 39.50 -46.48 -21.25
CA ALA UB 55 39.48 -45.06 -20.90
C ALA UB 55 40.86 -44.44 -21.06
N ILE UB 56 41.90 -45.10 -20.55
CA ILE UB 56 43.23 -44.52 -20.62
C ILE UB 56 43.71 -44.48 -22.06
N ALA UB 57 43.37 -45.49 -22.86
CA ALA UB 57 43.74 -45.46 -24.27
C ALA UB 57 43.08 -44.30 -24.99
N LEU UB 58 41.79 -44.09 -24.77
CA LEU UB 58 41.08 -43.00 -25.43
C LEU UB 58 41.64 -41.65 -25.01
N TYR UB 59 41.89 -41.47 -23.71
CA TYR UB 59 42.41 -40.19 -23.25
C TYR UB 59 43.82 -39.94 -23.79
N ALA UB 60 44.65 -40.98 -23.85
CA ALA UB 60 45.99 -40.82 -24.42
C ALA UB 60 45.92 -40.44 -25.89
N LEU UB 61 45.03 -41.09 -26.65
CA LEU UB 61 44.87 -40.73 -28.06
C LEU UB 61 44.44 -39.28 -28.21
N HIS UB 62 43.48 -38.84 -27.40
CA HIS UB 62 43.04 -37.45 -27.47
C HIS UB 62 44.18 -36.49 -27.15
N LEU UB 63 44.90 -36.76 -26.07
CA LEU UB 63 45.97 -35.85 -25.66
C LEU UB 63 47.11 -35.84 -26.68
N ALA UB 64 47.33 -36.95 -27.38
CA ALA UB 64 48.34 -36.97 -28.42
C ALA UB 64 47.90 -36.23 -29.66
N PHE UB 65 46.64 -36.37 -30.07
CA PHE UB 65 46.13 -35.75 -31.28
C PHE UB 65 45.43 -34.42 -30.99
N LEU UB 66 45.75 -33.80 -29.86
CA LEU UB 66 45.13 -32.53 -29.50
C LEU UB 66 45.30 -31.48 -30.58
N ASP UB 67 46.53 -31.06 -30.84
CA ASP UB 67 46.82 -30.02 -31.83
C ASP UB 67 48.02 -30.41 -32.67
N GLY UB 68 48.18 -31.70 -32.92
CA GLY UB 68 49.36 -32.17 -33.62
C GLY UB 68 50.63 -31.96 -32.82
N ALA UB 69 50.52 -31.90 -31.49
CA ALA UB 69 51.70 -31.75 -30.66
C ALA UB 69 52.61 -32.97 -30.77
N LEU UB 70 52.02 -34.14 -31.03
CA LEU UB 70 52.80 -35.34 -31.31
C LEU UB 70 53.23 -35.31 -32.76
N LYS UB 71 54.52 -35.12 -32.99
CA LYS UB 71 55.07 -35.05 -34.33
C LYS UB 71 56.09 -36.17 -34.52
N GLY UB 72 56.78 -36.15 -35.66
CA GLY UB 72 57.79 -37.14 -35.93
C GLY UB 72 59.01 -37.01 -35.05
N GLU UB 73 60.08 -37.73 -35.36
CA GLU UB 73 61.27 -37.72 -34.52
C GLU UB 73 62.34 -36.75 -35.01
N ASP UB 74 62.49 -36.61 -36.32
CA ASP UB 74 63.46 -35.67 -36.85
C ASP UB 74 62.87 -34.80 -37.95
N GLU UB 75 61.87 -35.33 -38.65
CA GLU UB 75 61.33 -34.62 -39.81
C GLU UB 75 60.62 -33.34 -39.41
N ASP UB 76 60.18 -33.25 -38.16
CA ASP UB 76 59.48 -32.06 -37.71
C ASP UB 76 60.44 -30.87 -37.57
N LEU UB 77 60.35 -29.94 -38.51
CA LEU UB 77 61.11 -28.71 -38.41
C LEU UB 77 60.57 -27.86 -37.28
N GLU UB 78 61.46 -27.08 -36.66
CA GLU UB 78 61.12 -26.32 -35.46
C GLU UB 78 60.22 -25.13 -35.83
N SER UB 79 58.98 -25.47 -36.13
CA SER UB 79 57.91 -24.47 -36.30
C SER UB 79 56.65 -25.06 -35.67
N TYR UB 80 56.48 -24.84 -34.37
CA TYR UB 80 55.28 -25.25 -33.68
C TYR UB 80 54.25 -24.13 -33.58
N SER UB 81 54.61 -22.92 -33.99
CA SER UB 81 53.70 -21.78 -33.94
C SER UB 81 53.03 -21.49 -35.27
N ARG UB 82 53.35 -22.25 -36.32
CA ARG UB 82 52.80 -22.02 -37.64
C ARG UB 82 52.33 -23.34 -38.25
N ARG UB 83 51.39 -23.25 -39.18
CA ARG UB 83 51.03 -24.35 -40.05
C ARG UB 83 51.16 -23.91 -41.50
N VAL UB 84 51.31 -24.89 -42.38
CA VAL UB 84 51.37 -24.65 -43.82
C VAL UB 84 49.97 -24.83 -44.38
N THR UB 85 49.35 -23.73 -44.79
CA THR UB 85 47.99 -23.81 -45.33
C THR UB 85 47.98 -24.50 -46.68
N SER UB 86 48.95 -24.18 -47.54
CA SER UB 86 48.97 -24.74 -48.88
C SER UB 86 50.39 -24.62 -49.44
N PHE UB 87 50.68 -25.46 -50.43
CA PHE UB 87 51.95 -25.37 -51.14
C PHE UB 87 51.79 -26.01 -52.51
N SER UB 88 52.64 -25.58 -53.44
CA SER UB 88 52.55 -26.04 -54.81
C SER UB 88 53.93 -26.01 -55.45
N LEU UB 89 54.20 -26.99 -56.30
CA LEU UB 89 55.40 -26.94 -57.11
C LEU UB 89 55.02 -26.43 -58.51
N SER UB 90 56.04 -26.06 -59.30
CA SER UB 90 55.79 -25.27 -60.50
C SER UB 90 54.87 -26.00 -61.48
N GLY UB 91 55.18 -27.24 -61.81
CA GLY UB 91 54.40 -27.93 -62.83
C GLY UB 91 54.09 -29.38 -62.53
N GLU UB 92 54.03 -29.74 -61.25
CA GLU UB 92 53.76 -31.11 -60.85
C GLU UB 92 52.49 -31.24 -60.01
N PHE UB 93 52.35 -30.49 -58.93
CA PHE UB 93 51.17 -30.63 -58.09
C PHE UB 93 50.98 -29.38 -57.25
N SER UB 94 49.79 -29.29 -56.66
CA SER UB 94 49.43 -28.25 -55.72
C SER UB 94 48.51 -28.86 -54.67
N GLN UB 95 48.53 -28.31 -53.46
CA GLN UB 95 47.72 -28.89 -52.40
C GLN UB 95 47.41 -27.83 -51.36
N THR UB 96 46.24 -27.97 -50.74
CA THR UB 96 45.74 -27.05 -49.72
C THR UB 96 45.38 -27.87 -48.48
N PHE UB 97 45.21 -27.18 -47.36
CA PHE UB 97 44.83 -27.81 -46.10
C PHE UB 97 43.86 -26.90 -45.37
N GLY UB 98 43.21 -27.45 -44.35
CA GLY UB 98 42.23 -26.67 -43.61
C GLY UB 98 41.85 -27.35 -42.32
N GLU UB 99 41.08 -26.60 -41.51
CA GLU UB 99 40.63 -27.10 -40.22
C GLU UB 99 39.44 -28.02 -40.40
N VAL UB 100 39.26 -28.95 -39.45
CA VAL UB 100 38.38 -30.08 -39.63
C VAL UB 100 37.11 -29.98 -38.78
N THR UB 101 37.20 -29.56 -37.52
CA THR UB 101 36.08 -29.71 -36.60
C THR UB 101 35.40 -28.39 -36.25
N LYS UB 102 36.14 -27.29 -36.13
CA LYS UB 102 35.60 -25.96 -35.83
C LYS UB 102 34.86 -26.00 -34.48
N ASN UB 103 35.66 -26.16 -33.43
CA ASN UB 103 35.14 -26.09 -32.08
C ASN UB 103 34.49 -24.74 -31.82
N GLN UB 104 33.39 -24.77 -31.06
CA GLN UB 104 32.57 -23.58 -30.85
C GLN UB 104 32.34 -23.26 -29.37
N SER UB 105 32.79 -24.12 -28.46
CA SER UB 105 32.52 -23.94 -27.05
C SER UB 105 33.73 -23.58 -26.21
N GLY UB 106 34.94 -23.74 -26.72
CA GLY UB 106 36.13 -23.43 -25.93
C GLY UB 106 36.28 -24.32 -24.71
N ASN UB 107 35.96 -25.60 -24.85
CA ASN UB 107 36.07 -26.55 -23.74
C ASN UB 107 37.37 -27.31 -23.76
N MET UB 108 38.05 -27.38 -24.91
CA MET UB 108 39.34 -28.04 -25.10
C MET UB 108 39.16 -29.55 -25.06
N MET UB 109 37.95 -30.01 -24.70
CA MET UB 109 37.67 -31.43 -24.65
C MET UB 109 36.82 -31.88 -25.83
N LEU UB 110 35.94 -31.02 -26.32
CA LEU UB 110 35.20 -31.30 -27.55
C LEU UB 110 35.98 -30.83 -28.77
N SER UB 111 37.25 -31.22 -28.84
CA SER UB 111 38.13 -30.82 -29.92
C SER UB 111 38.53 -31.96 -30.84
N THR UB 112 38.57 -33.19 -30.34
CA THR UB 112 38.88 -34.38 -31.12
C THR UB 112 37.83 -35.43 -30.88
N PRO UB 113 37.59 -36.31 -31.84
CA PRO UB 113 36.57 -37.36 -31.64
C PRO UB 113 36.86 -38.24 -30.43
N TRP UB 114 38.13 -38.57 -30.18
CA TRP UB 114 38.45 -39.43 -29.05
C TRP UB 114 38.06 -38.77 -27.73
N GLY UB 115 38.35 -37.47 -27.57
CA GLY UB 115 37.93 -36.78 -26.37
C GLY UB 115 36.42 -36.72 -26.21
N LYS UB 116 35.70 -36.57 -27.33
CA LYS UB 116 34.25 -36.48 -27.27
C LYS UB 116 33.65 -37.81 -26.83
N MET UB 117 34.13 -38.92 -27.40
CA MET UB 117 33.66 -40.22 -26.93
C MET UB 117 34.11 -40.49 -25.50
N PHE UB 118 35.26 -39.94 -25.09
CA PHE UB 118 35.68 -40.07 -23.70
C PHE UB 118 34.69 -39.39 -22.77
N GLU UB 119 34.24 -38.18 -23.11
CA GLU UB 119 33.23 -37.52 -22.30
C GLU UB 119 31.91 -38.27 -22.32
N GLN UB 120 31.52 -38.83 -23.47
CA GLN UB 120 30.30 -39.61 -23.50
C GLN UB 120 30.38 -40.82 -22.57
N LEU UB 121 31.51 -41.53 -22.62
CA LEU UB 121 31.69 -42.68 -21.73
C LEU UB 121 31.70 -42.26 -20.28
N LYS UB 122 32.34 -41.12 -19.96
CA LYS UB 122 32.36 -40.64 -18.59
C LYS UB 122 30.96 -40.30 -18.11
N ALA UB 123 30.16 -39.66 -18.96
CA ALA UB 123 28.79 -39.34 -18.60
C ALA UB 123 27.98 -40.61 -18.36
N ARG UB 124 28.19 -41.64 -19.18
CA ARG UB 124 27.55 -42.93 -18.92
C ARG UB 124 27.99 -43.52 -17.59
N ARG UB 125 29.28 -43.46 -17.29
CA ARG UB 125 29.81 -44.23 -16.17
C ARG UB 125 29.55 -43.53 -14.84
N ARG UB 126 30.06 -42.31 -14.68
CA ARG UB 126 29.92 -41.58 -13.43
C ARG UB 126 29.05 -40.34 -13.57
N GLY UB 127 29.40 -39.42 -14.47
CA GLY UB 127 28.63 -38.21 -14.65
C GLY UB 127 29.48 -36.98 -14.91
N ARG UB 128 28.84 -35.87 -15.28
CA ARG UB 128 29.53 -34.63 -15.61
C ARG UB 128 29.19 -33.53 -14.60
N PHE UB 129 28.90 -33.91 -13.36
CA PHE UB 129 28.43 -32.97 -12.35
C PHE UB 129 29.40 -32.91 -11.19
N ALA UB 130 29.21 -31.89 -10.35
CA ALA UB 130 30.01 -31.73 -9.13
C ALA UB 130 29.20 -30.90 -8.14
N LEU UB 131 28.58 -31.55 -7.16
CA LEU UB 131 27.90 -30.88 -6.07
C LEU UB 131 28.75 -31.01 -4.81
N MET UB 132 29.15 -29.88 -4.24
CA MET UB 132 29.98 -29.86 -3.06
C MET UB 132 29.34 -29.00 -1.98
N THR UB 133 29.49 -29.44 -0.74
CA THR UB 133 29.01 -28.69 0.41
C THR UB 133 30.11 -28.61 1.46
N GLY UB 134 30.15 -27.49 2.18
CA GLY UB 134 31.15 -27.30 3.20
C GLY UB 134 31.00 -28.26 4.36
N LEU UB 135 32.07 -29.01 4.67
CA LEU UB 135 32.03 -29.95 5.78
C LEU UB 135 32.42 -29.22 7.06
N ARG UB 136 32.04 -29.79 8.20
CA ARG UB 136 32.33 -29.15 9.49
C ARG UB 136 33.63 -29.69 10.08
N ILE VB 4 6.91 -60.31 -38.35
CA ILE VB 4 7.32 -59.47 -39.47
C ILE VB 4 6.06 -58.97 -40.18
N MET VB 5 6.19 -57.81 -40.84
CA MET VB 5 5.06 -57.23 -41.57
C MET VB 5 4.65 -58.14 -42.73
N ASN VB 6 3.40 -57.99 -43.15
CA ASN VB 6 2.81 -58.92 -44.10
C ASN VB 6 3.52 -58.87 -45.45
N GLN VB 7 3.75 -60.05 -46.01
CA GLN VB 7 4.56 -60.17 -47.22
C GLN VB 7 3.84 -59.59 -48.43
N GLU VB 8 2.52 -59.81 -48.52
CA GLU VB 8 1.75 -59.22 -49.61
C GLU VB 8 1.73 -57.70 -49.52
N THR VB 9 1.57 -57.15 -48.32
CA THR VB 9 1.65 -55.71 -48.15
C THR VB 9 3.03 -55.19 -48.53
N LEU VB 10 4.07 -55.96 -48.24
CA LEU VB 10 5.42 -55.58 -48.65
C LEU VB 10 5.52 -55.52 -50.16
N ILE VB 11 4.96 -56.51 -50.86
CA ILE VB 11 4.98 -56.50 -52.32
C ILE VB 11 4.24 -55.28 -52.86
N ALA VB 12 3.07 -55.00 -52.31
CA ALA VB 12 2.30 -53.84 -52.78
C ALA VB 12 3.07 -52.54 -52.55
N ALA VB 13 3.70 -52.42 -51.38
CA ALA VB 13 4.45 -51.20 -51.07
C ALA VB 13 5.63 -51.01 -52.01
N VAL VB 14 6.38 -52.08 -52.27
CA VAL VB 14 7.54 -51.94 -53.15
C VAL VB 14 7.11 -51.65 -54.58
N GLU VB 15 5.98 -52.23 -55.01
CA GLU VB 15 5.46 -51.90 -56.33
C GLU VB 15 5.05 -50.44 -56.41
N GLN VB 16 4.44 -49.92 -55.35
CA GLN VB 16 4.12 -48.50 -55.28
C GLN VB 16 5.37 -47.64 -55.37
N MET VB 17 6.43 -48.02 -54.65
CA MET VB 17 7.69 -47.29 -54.73
C MET VB 17 8.19 -47.25 -56.17
N ARG VB 18 8.24 -48.41 -56.83
CA ARG VB 18 8.78 -48.47 -58.19
C ARG VB 18 7.93 -47.67 -59.16
N LYS VB 19 6.62 -47.74 -59.05
CA LYS VB 19 5.77 -46.99 -59.97
C LYS VB 19 5.82 -45.49 -59.70
N LEU VB 20 6.06 -45.08 -58.46
CA LEU VB 20 6.15 -43.65 -58.17
C LEU VB 20 7.47 -43.07 -58.64
N VAL VB 21 8.56 -43.80 -58.44
CA VAL VB 21 9.88 -43.38 -58.88
C VAL VB 21 10.41 -44.40 -59.88
N PRO VB 22 10.35 -44.08 -61.17
CA PRO VB 22 10.77 -45.07 -62.20
C PRO VB 22 12.23 -45.48 -62.08
N ALA VB 23 13.10 -44.66 -61.51
CA ALA VB 23 14.51 -44.97 -61.46
C ALA VB 23 14.85 -46.14 -60.55
N LEU VB 24 13.96 -46.51 -59.63
CA LEU VB 24 14.21 -47.64 -58.75
C LEU VB 24 13.99 -48.98 -59.43
N ARG VB 25 13.64 -48.99 -60.72
CA ARG VB 25 13.47 -50.24 -61.43
C ARG VB 25 14.79 -51.01 -61.55
N LYS VB 26 15.90 -50.29 -61.76
CA LYS VB 26 17.19 -50.96 -61.91
C LYS VB 26 17.75 -51.45 -60.58
N VAL VB 27 17.29 -50.90 -59.46
CA VAL VB 27 17.85 -51.28 -58.16
C VAL VB 27 17.47 -52.72 -57.85
N PRO VB 28 18.39 -53.56 -57.37
CA PRO VB 28 18.04 -54.96 -57.09
C PRO VB 28 16.96 -55.06 -56.02
N ASP VB 29 16.19 -56.14 -56.11
CA ASP VB 29 14.94 -56.26 -55.37
C ASP VB 29 15.13 -56.47 -53.87
N GLU VB 30 16.26 -57.05 -53.44
CA GLU VB 30 16.43 -57.35 -52.02
C GLU VB 30 16.73 -56.09 -51.21
N THR VB 31 17.46 -55.13 -51.79
CA THR VB 31 17.75 -53.90 -51.08
C THR VB 31 16.49 -53.11 -50.76
N LEU VB 32 15.56 -53.03 -51.71
CA LEU VB 32 14.30 -52.34 -51.46
C LEU VB 32 13.53 -53.02 -50.34
N TYR VB 33 13.53 -54.36 -50.30
CA TYR VB 33 12.86 -55.05 -49.21
C TYR VB 33 13.50 -54.69 -47.88
N ALA VB 34 14.83 -54.76 -47.82
CA ALA VB 34 15.51 -54.41 -46.57
C ALA VB 34 15.13 -53.01 -46.11
N TRP VB 35 15.09 -52.06 -47.05
CA TRP VB 35 14.71 -50.70 -46.71
C TRP VB 35 13.27 -50.62 -46.24
N VAL VB 36 12.37 -51.41 -46.82
CA VAL VB 36 10.96 -51.27 -46.44
C VAL VB 36 10.73 -51.82 -45.03
N GLU VB 37 11.37 -52.95 -44.66
CA GLU VB 37 11.17 -53.34 -43.25
C GLU VB 37 11.97 -52.46 -42.30
N MET VB 38 13.04 -51.80 -42.76
CA MET VB 38 13.65 -50.79 -41.89
C MET VB 38 12.69 -49.63 -41.67
N ALA VB 39 11.98 -49.20 -42.72
CA ALA VB 39 11.01 -48.12 -42.59
C ALA VB 39 9.81 -48.53 -41.75
N GLU VB 40 9.48 -49.82 -41.71
CA GLU VB 40 8.33 -50.27 -40.94
C GLU VB 40 8.46 -49.94 -39.45
N LEU VB 41 9.68 -49.94 -38.93
CA LEU VB 41 9.89 -49.78 -37.48
C LEU VB 41 9.38 -48.47 -36.93
N PHE VB 42 9.30 -47.41 -37.73
CA PHE VB 42 8.92 -46.09 -37.23
C PHE VB 42 7.43 -45.82 -37.37
N VAL VB 43 6.89 -45.95 -38.59
CA VAL VB 43 5.50 -45.59 -38.83
C VAL VB 43 4.56 -46.59 -38.13
N CYS VB 44 3.44 -46.07 -37.64
CA CYS VB 44 2.43 -46.89 -36.99
C CYS VB 44 1.45 -47.42 -38.03
N GLN VB 45 0.42 -48.12 -37.55
CA GLN VB 45 -0.58 -48.72 -38.42
C GLN VB 45 -1.97 -48.12 -38.22
N LYS VB 46 -2.48 -48.16 -36.99
CA LYS VB 46 -3.84 -47.72 -36.70
C LYS VB 46 -4.10 -46.26 -37.04
N THR VB 47 -3.07 -45.41 -37.01
CA THR VB 47 -3.26 -43.99 -37.30
C THR VB 47 -3.79 -43.78 -38.71
N PHE VB 48 -3.23 -44.49 -39.67
CA PHE VB 48 -3.70 -44.38 -41.05
C PHE VB 48 -4.80 -45.40 -41.34
N LYS VB 49 -4.48 -46.69 -41.16
CA LYS VB 49 -5.40 -47.83 -41.18
C LYS VB 49 -6.17 -47.96 -42.49
N ASP VB 50 -5.95 -47.04 -43.43
CA ASP VB 50 -6.47 -47.19 -44.79
C ASP VB 50 -5.38 -47.07 -45.84
N ALA VB 51 -4.55 -46.03 -45.76
CA ALA VB 51 -3.49 -45.78 -46.72
C ALA VB 51 -2.13 -46.14 -46.14
N TYR VB 52 -2.08 -47.25 -45.40
CA TYR VB 52 -0.83 -47.68 -44.79
C TYR VB 52 0.22 -47.97 -45.85
N VAL VB 53 -0.21 -48.44 -47.02
CA VAL VB 53 0.71 -48.66 -48.13
C VAL VB 53 1.36 -47.34 -48.55
N LYS VB 54 0.55 -46.30 -48.74
CA LYS VB 54 1.09 -45.00 -49.11
C LYS VB 54 2.01 -44.45 -48.04
N ALA VB 55 1.62 -44.60 -46.78
CA ALA VB 55 2.45 -44.09 -45.69
C ALA VB 55 3.80 -44.77 -45.66
N ILE VB 56 3.82 -46.11 -45.74
CA ILE VB 56 5.08 -46.83 -45.68
C ILE VB 56 5.93 -46.51 -46.90
N ALA VB 57 5.31 -46.33 -48.07
CA ALA VB 57 6.06 -45.99 -49.26
C ALA VB 57 6.73 -44.62 -49.12
N LEU VB 58 5.97 -43.62 -48.66
CA LEU VB 58 6.54 -42.28 -48.51
C LEU VB 58 7.65 -42.28 -47.47
N TYR VB 59 7.44 -42.96 -46.34
CA TYR VB 59 8.47 -43.00 -45.31
C TYR VB 59 9.73 -43.72 -45.81
N ALA VB 60 9.57 -44.82 -46.54
CA ALA VB 60 10.72 -45.53 -47.07
C ALA VB 60 11.48 -44.67 -48.07
N LEU VB 61 10.77 -43.92 -48.90
CA LEU VB 61 11.43 -43.01 -49.83
C LEU VB 61 12.23 -41.94 -49.08
N HIS VB 62 11.65 -41.38 -48.02
CA HIS VB 62 12.36 -40.36 -47.25
C HIS VB 62 13.62 -40.95 -46.60
N LEU VB 63 13.51 -42.15 -46.03
CA LEU VB 63 14.68 -42.80 -45.47
C LEU VB 63 15.74 -43.06 -46.53
N ALA VB 64 15.33 -43.50 -47.72
CA ALA VB 64 16.30 -43.77 -48.77
C ALA VB 64 17.03 -42.51 -49.20
N PHE VB 65 16.32 -41.38 -49.31
CA PHE VB 65 16.90 -40.17 -49.86
C PHE VB 65 17.20 -39.13 -48.79
N LEU VB 66 17.36 -39.54 -47.53
CA LEU VB 66 17.64 -38.59 -46.45
C LEU VB 66 18.87 -37.74 -46.76
N ASP VB 67 20.04 -38.36 -46.82
CA ASP VB 67 21.28 -37.69 -47.23
C ASP VB 67 22.05 -38.56 -48.21
N GLY VB 68 21.34 -39.15 -49.17
CA GLY VB 68 21.98 -40.07 -50.08
C GLY VB 68 22.52 -41.32 -49.41
N ALA VB 69 21.83 -41.80 -48.37
CA ALA VB 69 22.29 -42.98 -47.66
C ALA VB 69 22.29 -44.21 -48.57
N LEU VB 70 21.27 -44.34 -49.40
CA LEU VB 70 21.21 -45.44 -50.36
C LEU VB 70 22.18 -45.16 -51.50
N LYS VB 71 23.27 -45.92 -51.53
CA LYS VB 71 24.35 -45.72 -52.48
C LYS VB 71 24.34 -46.86 -53.50
N GLY VB 72 25.36 -46.89 -54.35
CA GLY VB 72 25.54 -48.00 -55.26
C GLY VB 72 25.94 -49.27 -54.56
N GLU VB 73 26.50 -50.23 -55.29
CA GLU VB 73 26.81 -51.51 -54.67
C GLU VB 73 28.29 -51.64 -54.33
N ASP VB 74 29.17 -51.25 -55.25
CA ASP VB 74 30.60 -51.34 -54.99
C ASP VB 74 31.31 -50.04 -55.38
N GLU VB 75 30.71 -49.30 -56.31
CA GLU VB 75 31.34 -48.08 -56.81
C GLU VB 75 31.52 -47.04 -55.71
N ASP VB 76 30.69 -47.10 -54.67
CA ASP VB 76 30.82 -46.15 -53.57
C ASP VB 76 32.03 -46.51 -52.72
N LEU VB 77 32.95 -45.57 -52.58
CA LEU VB 77 34.14 -45.76 -51.78
C LEU VB 77 33.84 -45.47 -50.31
N GLU VB 78 34.81 -45.76 -49.45
CA GLU VB 78 34.67 -45.48 -48.02
C GLU VB 78 34.86 -43.99 -47.74
N SER VB 79 34.04 -43.19 -48.44
CA SER VB 79 33.99 -41.75 -48.23
C SER VB 79 32.51 -41.39 -48.06
N TYR VB 80 32.02 -41.53 -46.84
CA TYR VB 80 30.69 -41.08 -46.47
C TYR VB 80 30.72 -39.83 -45.61
N SER VB 81 31.88 -39.47 -45.09
CA SER VB 81 32.06 -38.26 -44.30
C SER VB 81 32.42 -37.04 -45.14
N ARG VB 82 32.54 -37.20 -46.46
CA ARG VB 82 32.85 -36.11 -47.36
C ARG VB 82 32.06 -36.26 -48.64
N ARG VB 83 31.89 -35.15 -49.36
CA ARG VB 83 31.20 -35.15 -50.64
C ARG VB 83 32.04 -34.37 -51.65
N VAL VB 84 31.83 -34.69 -52.92
CA VAL VB 84 32.60 -34.10 -54.01
C VAL VB 84 31.86 -32.84 -54.47
N THR VB 85 32.45 -31.68 -54.21
CA THR VB 85 31.82 -30.42 -54.60
C THR VB 85 31.86 -30.22 -56.10
N SER VB 86 33.01 -30.51 -56.72
CA SER VB 86 33.17 -30.29 -58.16
C SER VB 86 34.32 -31.13 -58.66
N PHE VB 87 34.35 -31.34 -59.98
CA PHE VB 87 35.45 -32.05 -60.60
C PHE VB 87 35.56 -31.62 -62.06
N SER VB 88 36.78 -31.65 -62.57
CA SER VB 88 37.03 -31.24 -63.95
C SER VB 88 38.20 -32.02 -64.50
N LEU VB 89 38.06 -32.50 -65.73
CA LEU VB 89 39.20 -33.07 -66.42
C LEU VB 89 39.92 -31.97 -67.19
N SER VB 90 41.16 -32.25 -67.59
CA SER VB 90 42.05 -31.18 -68.09
C SER VB 90 41.46 -30.49 -69.31
N GLY VB 91 41.01 -31.26 -70.29
CA GLY VB 91 40.55 -30.65 -71.53
C GLY VB 91 39.32 -31.31 -72.13
N GLU VB 92 38.50 -31.93 -71.29
CA GLU VB 92 37.29 -32.59 -71.77
C GLU VB 92 36.02 -31.97 -71.20
N PHE VB 93 35.92 -31.83 -69.87
CA PHE VB 93 34.70 -31.29 -69.28
C PHE VB 93 34.97 -30.82 -67.87
N SER VB 94 33.99 -30.14 -67.29
CA SER VB 94 34.03 -29.65 -65.93
C SER VB 94 32.62 -29.67 -65.38
N GLN VB 95 32.50 -29.76 -64.05
CA GLN VB 95 31.18 -29.82 -63.44
C GLN VB 95 31.28 -29.44 -61.98
N THR VB 96 30.24 -28.76 -61.49
CA THR VB 96 30.13 -28.33 -60.11
C THR VB 96 28.76 -28.77 -59.57
N PHE VB 97 28.66 -28.87 -58.25
CA PHE VB 97 27.45 -29.39 -57.61
C PHE VB 97 27.05 -28.43 -56.50
N GLY VB 98 25.96 -28.78 -55.80
CA GLY VB 98 25.49 -27.95 -54.71
C GLY VB 98 24.31 -28.60 -54.01
N GLU VB 99 23.96 -28.03 -52.86
CA GLU VB 99 22.85 -28.54 -52.07
C GLU VB 99 21.52 -28.17 -52.71
N VAL VB 100 20.45 -28.77 -52.21
CA VAL VB 100 19.13 -28.64 -52.80
C VAL VB 100 18.12 -28.02 -51.83
N THR VB 101 18.16 -28.39 -50.56
CA THR VB 101 17.07 -28.09 -49.64
C THR VB 101 17.33 -26.90 -48.72
N LYS VB 102 18.52 -26.82 -48.10
CA LYS VB 102 18.88 -25.72 -47.21
C LYS VB 102 17.86 -25.62 -46.07
N ASN VB 103 17.89 -26.65 -45.22
CA ASN VB 103 16.95 -26.76 -44.12
C ASN VB 103 17.13 -25.63 -43.12
N GLN VB 104 16.05 -25.32 -42.40
CA GLN VB 104 16.03 -24.19 -41.46
C GLN VB 104 15.46 -24.56 -40.10
N SER VB 105 14.94 -25.76 -39.91
CA SER VB 105 14.26 -26.12 -38.68
C SER VB 105 15.00 -27.10 -37.80
N GLY VB 106 15.96 -27.85 -38.32
CA GLY VB 106 16.62 -28.87 -37.51
C GLY VB 106 15.67 -29.96 -37.06
N ASN VB 107 14.68 -30.28 -37.88
CA ASN VB 107 13.71 -31.33 -37.58
C ASN VB 107 14.03 -32.64 -38.28
N MET VB 108 14.84 -32.61 -39.34
CA MET VB 108 15.28 -33.78 -40.11
C MET VB 108 14.12 -34.31 -40.94
N MET VB 109 12.91 -33.81 -40.69
CA MET VB 109 11.74 -34.37 -41.34
C MET VB 109 11.30 -33.51 -42.52
N LEU VB 110 11.54 -32.20 -42.46
CA LEU VB 110 11.35 -31.32 -43.62
C LEU VB 110 12.65 -31.18 -44.40
N SER VB 111 13.28 -32.29 -44.73
CA SER VB 111 14.53 -32.30 -45.46
C SER VB 111 14.42 -32.87 -46.86
N THR VB 112 13.44 -33.73 -47.12
CA THR VB 112 13.19 -34.29 -48.43
C THR VB 112 11.71 -34.18 -48.75
N PRO VB 113 11.36 -33.95 -50.02
CA PRO VB 113 9.95 -33.71 -50.35
C PRO VB 113 9.02 -34.84 -49.92
N TRP VB 114 9.50 -36.09 -49.99
CA TRP VB 114 8.68 -37.21 -49.54
C TRP VB 114 8.34 -37.07 -48.06
N GLY VB 115 9.31 -36.66 -47.25
CA GLY VB 115 9.03 -36.47 -45.83
C GLY VB 115 8.02 -35.37 -45.58
N LYS VB 116 8.10 -34.28 -46.36
CA LYS VB 116 7.16 -33.18 -46.21
C LYS VB 116 5.75 -33.62 -46.59
N MET VB 117 5.63 -34.41 -47.67
CA MET VB 117 4.37 -35.04 -48.01
C MET VB 117 3.85 -35.89 -46.86
N PHE VB 118 4.74 -36.67 -46.24
CA PHE VB 118 4.34 -37.50 -45.11
C PHE VB 118 3.84 -36.67 -43.94
N GLU VB 119 4.48 -35.53 -43.68
CA GLU VB 119 4.00 -34.66 -42.61
C GLU VB 119 2.60 -34.15 -42.91
N GLN VB 120 2.34 -33.77 -44.16
CA GLN VB 120 0.98 -33.38 -44.52
C GLN VB 120 0.00 -34.52 -44.29
N LEU VB 121 0.38 -35.73 -44.69
CA LEU VB 121 -0.53 -36.87 -44.53
C LEU VB 121 -0.80 -37.14 -43.05
N LYS VB 122 0.25 -37.08 -42.21
CA LYS VB 122 0.07 -37.31 -40.79
C LYS VB 122 -0.81 -36.25 -40.16
N ALA VB 123 -0.59 -34.98 -40.53
CA ALA VB 123 -1.42 -33.91 -39.97
C ALA VB 123 -2.87 -34.07 -40.39
N ARG VB 124 -3.10 -34.49 -41.63
CA ARG VB 124 -4.48 -34.72 -42.08
C ARG VB 124 -5.12 -35.89 -41.35
N ARG VB 125 -4.37 -36.96 -41.12
CA ARG VB 125 -4.98 -38.20 -40.62
C ARG VB 125 -5.14 -38.16 -39.10
N ARG VB 126 -4.05 -37.96 -38.37
CA ARG VB 126 -4.12 -37.95 -36.91
C ARG VB 126 -3.81 -36.58 -36.33
N GLY VB 127 -2.66 -36.00 -36.66
CA GLY VB 127 -2.27 -34.72 -36.12
C GLY VB 127 -0.82 -34.69 -35.69
N ARG VB 128 -0.38 -33.55 -35.15
CA ARG VB 128 1.01 -33.37 -34.75
C ARG VB 128 1.10 -33.05 -33.26
N PHE VB 129 0.34 -33.77 -32.43
CA PHE VB 129 0.24 -33.46 -31.02
C PHE VB 129 0.25 -34.74 -30.20
N ALA VB 130 0.56 -34.58 -28.91
CA ALA VB 130 0.46 -35.67 -27.93
C ALA VB 130 0.33 -35.02 -26.55
N LEU VB 131 -0.85 -35.13 -25.96
CA LEU VB 131 -1.13 -34.54 -24.66
C LEU VB 131 -1.24 -35.65 -23.63
N MET VB 132 -0.46 -35.53 -22.56
CA MET VB 132 -0.32 -36.58 -21.57
C MET VB 132 -0.96 -36.16 -20.25
N THR VB 133 -1.46 -37.14 -19.51
CA THR VB 133 -1.97 -36.93 -18.16
C THR VB 133 -1.50 -38.07 -17.28
N GLY VB 134 -1.35 -37.78 -15.99
CA GLY VB 134 -0.88 -38.79 -15.06
C GLY VB 134 -1.97 -39.74 -14.60
N LEU VB 135 -1.80 -41.03 -14.89
CA LEU VB 135 -2.70 -42.05 -14.38
C LEU VB 135 -2.45 -42.26 -12.90
N ARG VB 136 -3.53 -42.31 -12.11
CA ARG VB 136 -3.41 -42.39 -10.66
C ARG VB 136 -3.64 -43.81 -10.16
N ILE WB 4 -21.22 -21.20 -66.32
CA ILE WB 4 -20.04 -20.62 -66.95
C ILE WB 4 -20.13 -19.10 -66.88
N MET WB 5 -18.97 -18.44 -66.73
CA MET WB 5 -18.92 -17.00 -66.73
C MET WB 5 -19.35 -16.47 -68.10
N ASN WB 6 -19.94 -15.27 -68.10
CA ASN WB 6 -20.62 -14.77 -69.28
C ASN WB 6 -19.67 -14.68 -70.47
N GLN WB 7 -20.14 -15.14 -71.63
CA GLN WB 7 -19.27 -15.38 -72.76
C GLN WB 7 -18.75 -14.08 -73.36
N GLU WB 8 -19.63 -13.11 -73.59
CA GLU WB 8 -19.19 -11.84 -74.18
C GLU WB 8 -18.33 -11.05 -73.20
N THR WB 9 -18.61 -11.13 -71.90
CA THR WB 9 -17.73 -10.50 -70.92
C THR WB 9 -16.35 -11.14 -70.96
N LEU WB 10 -16.31 -12.47 -71.12
CA LEU WB 10 -15.02 -13.16 -71.24
C LEU WB 10 -14.27 -12.71 -72.50
N ILE WB 11 -15.00 -12.55 -73.60
CA ILE WB 11 -14.37 -12.05 -74.83
C ILE WB 11 -13.81 -10.66 -74.62
N ALA WB 12 -14.57 -9.78 -73.95
CA ALA WB 12 -14.07 -8.45 -73.66
C ALA WB 12 -12.81 -8.52 -72.80
N ALA WB 13 -12.80 -9.41 -71.81
CA ALA WB 13 -11.63 -9.54 -70.95
C ALA WB 13 -10.40 -9.99 -71.73
N VAL WB 14 -10.56 -10.99 -72.59
CA VAL WB 14 -9.40 -11.49 -73.33
C VAL WB 14 -8.90 -10.44 -74.32
N GLU WB 15 -9.83 -9.69 -74.94
CA GLU WB 15 -9.40 -8.64 -75.86
C GLU WB 15 -8.71 -7.51 -75.12
N GLN WB 16 -9.18 -7.18 -73.92
CA GLN WB 16 -8.51 -6.20 -73.09
C GLN WB 16 -7.09 -6.66 -72.73
N MET WB 17 -6.94 -7.93 -72.37
CA MET WB 17 -5.62 -8.48 -72.11
C MET WB 17 -4.72 -8.31 -73.32
N ARG WB 18 -5.23 -8.66 -74.50
CA ARG WB 18 -4.41 -8.63 -75.71
C ARG WB 18 -4.01 -7.21 -76.06
N LYS WB 19 -4.92 -6.24 -75.87
CA LYS WB 19 -4.61 -4.86 -76.21
C LYS WB 19 -3.77 -4.19 -75.12
N LEU WB 20 -3.70 -4.77 -73.92
CA LEU WB 20 -2.89 -4.17 -72.88
C LEU WB 20 -1.47 -4.73 -72.89
N VAL WB 21 -1.31 -6.00 -73.25
CA VAL WB 21 0.00 -6.61 -73.43
C VAL WB 21 0.11 -7.08 -74.87
N PRO WB 22 0.71 -6.28 -75.75
CA PRO WB 22 0.71 -6.60 -77.18
C PRO WB 22 1.41 -7.89 -77.53
N ALA WB 23 2.33 -8.37 -76.68
CA ALA WB 23 3.06 -9.60 -76.99
C ALA WB 23 2.19 -10.85 -76.89
N LEU WB 24 0.98 -10.73 -76.34
CA LEU WB 24 0.09 -11.88 -76.20
C LEU WB 24 -0.62 -12.24 -77.50
N ARG WB 25 -0.45 -11.44 -78.55
CA ARG WB 25 -1.15 -11.72 -79.80
C ARG WB 25 -0.71 -13.05 -80.42
N LYS WB 26 0.54 -13.45 -80.19
CA LYS WB 26 1.03 -14.68 -80.77
C LYS WB 26 0.61 -15.92 -79.98
N VAL WB 27 0.07 -15.72 -78.78
CA VAL WB 27 -0.31 -16.87 -77.93
C VAL WB 27 -1.53 -17.54 -78.52
N PRO WB 28 -1.60 -18.88 -78.53
CA PRO WB 28 -2.79 -19.54 -79.07
C PRO WB 28 -4.04 -19.15 -78.32
N ASP WB 29 -5.16 -19.17 -79.05
CA ASP WB 29 -6.39 -18.55 -78.59
C ASP WB 29 -7.00 -19.24 -77.37
N GLU WB 30 -6.90 -20.57 -77.27
CA GLU WB 30 -7.59 -21.31 -76.22
C GLU WB 30 -6.99 -21.06 -74.84
N THR WB 31 -5.67 -20.88 -74.77
CA THR WB 31 -5.00 -20.76 -73.47
C THR WB 31 -5.48 -19.53 -72.71
N LEU WB 32 -5.77 -18.45 -73.42
CA LEU WB 32 -6.29 -17.26 -72.75
C LEU WB 32 -7.67 -17.51 -72.15
N TYR WB 33 -8.54 -18.24 -72.87
CA TYR WB 33 -9.80 -18.67 -72.26
C TYR WB 33 -9.54 -19.46 -70.99
N ALA WB 34 -8.60 -20.40 -71.05
CA ALA WB 34 -8.32 -21.21 -69.86
C ALA WB 34 -7.91 -20.34 -68.69
N TRP WB 35 -6.96 -19.43 -68.92
CA TRP WB 35 -6.46 -18.59 -67.85
C TRP WB 35 -7.56 -17.68 -67.30
N VAL WB 36 -8.38 -17.10 -68.17
CA VAL WB 36 -9.39 -16.16 -67.70
C VAL WB 36 -10.49 -16.87 -66.93
N GLU WB 37 -10.90 -18.07 -67.37
CA GLU WB 37 -11.91 -18.77 -66.59
C GLU WB 37 -11.34 -19.27 -65.27
N MET WB 38 -10.02 -19.53 -65.23
CA MET WB 38 -9.42 -19.84 -63.94
C MET WB 38 -9.42 -18.61 -63.03
N ALA WB 39 -9.09 -17.44 -63.57
CA ALA WB 39 -9.05 -16.21 -62.78
C ALA WB 39 -10.43 -15.77 -62.32
N GLU WB 40 -11.49 -16.21 -63.03
CA GLU WB 40 -12.84 -15.86 -62.61
C GLU WB 40 -13.14 -16.34 -61.19
N LEU WB 41 -12.52 -17.44 -60.77
CA LEU WB 41 -12.84 -18.04 -59.48
C LEU WB 41 -12.38 -17.22 -58.29
N PHE WB 42 -11.42 -16.31 -58.47
CA PHE WB 42 -10.83 -15.57 -57.35
C PHE WB 42 -11.58 -14.28 -57.06
N VAL WB 43 -11.85 -13.48 -58.10
CA VAL WB 43 -12.51 -12.19 -57.91
C VAL WB 43 -14.01 -12.40 -57.69
N CYS WB 44 -14.60 -11.50 -56.91
CA CYS WB 44 -16.04 -11.46 -56.76
C CYS WB 44 -16.65 -10.40 -57.68
N GLN WB 45 -17.98 -10.38 -57.74
CA GLN WB 45 -18.69 -9.57 -58.72
C GLN WB 45 -19.19 -8.25 -58.16
N LYS WB 46 -20.03 -8.29 -57.12
CA LYS WB 46 -20.73 -7.11 -56.64
C LYS WB 46 -19.81 -6.05 -56.05
N THR WB 47 -18.59 -6.41 -55.66
CA THR WB 47 -17.67 -5.42 -55.10
C THR WB 47 -17.35 -4.35 -56.14
N PHE WB 48 -16.95 -4.76 -57.34
CA PHE WB 48 -16.69 -3.80 -58.40
C PHE WB 48 -17.95 -3.51 -59.22
N LYS WB 49 -18.50 -4.55 -59.86
CA LYS WB 49 -19.77 -4.55 -60.59
C LYS WB 49 -19.82 -3.49 -61.70
N ASP WB 50 -18.74 -2.74 -61.85
CA ASP WB 50 -18.60 -1.78 -62.94
C ASP WB 50 -17.36 -2.04 -63.78
N ALA WB 51 -16.21 -2.23 -63.14
CA ALA WB 51 -14.95 -2.53 -63.81
C ALA WB 51 -14.58 -4.00 -63.62
N TYR WB 52 -15.59 -4.87 -63.66
CA TYR WB 52 -15.37 -6.30 -63.50
C TYR WB 52 -14.41 -6.83 -64.57
N VAL WB 53 -14.57 -6.36 -65.81
CA VAL WB 53 -13.71 -6.81 -66.89
C VAL WB 53 -12.26 -6.40 -66.62
N LYS WB 54 -12.06 -5.15 -66.22
CA LYS WB 54 -10.71 -4.69 -65.92
C LYS WB 54 -10.09 -5.49 -64.80
N ALA WB 55 -10.87 -5.74 -63.74
CA ALA WB 55 -10.35 -6.48 -62.59
C ALA WB 55 -9.96 -7.91 -62.96
N ILE WB 56 -10.81 -8.59 -63.74
CA ILE WB 56 -10.49 -9.97 -64.09
C ILE WB 56 -9.29 -10.01 -65.03
N ALA WB 57 -9.18 -9.04 -65.94
CA ALA WB 57 -8.01 -8.98 -66.81
C ALA WB 57 -6.75 -8.79 -65.99
N LEU WB 58 -6.78 -7.88 -65.01
CA LEU WB 58 -5.61 -7.64 -64.17
C LEU WB 58 -5.23 -8.87 -63.37
N TYR WB 59 -6.22 -9.53 -62.75
CA TYR WB 59 -5.91 -10.71 -61.95
C TYR WB 59 -5.35 -11.84 -62.80
N ALA WB 60 -5.91 -12.05 -63.99
CA ALA WB 60 -5.41 -13.12 -64.84
C ALA WB 60 -4.01 -12.79 -65.36
N LEU WB 61 -3.72 -11.52 -65.63
CA LEU WB 61 -2.36 -11.14 -65.98
C LEU WB 61 -1.40 -11.44 -64.85
N HIS WB 62 -1.79 -11.12 -63.61
CA HIS WB 62 -0.92 -11.40 -62.48
C HIS WB 62 -0.69 -12.90 -62.33
N LEU WB 63 -1.75 -13.69 -62.49
CA LEU WB 63 -1.61 -15.14 -62.43
C LEU WB 63 -0.68 -15.67 -63.52
N ALA WB 64 -0.77 -15.11 -64.73
CA ALA WB 64 0.07 -15.58 -65.81
C ALA WB 64 1.53 -15.21 -65.58
N PHE WB 65 1.80 -14.04 -65.00
CA PHE WB 65 3.17 -13.56 -64.86
C PHE WB 65 3.69 -13.67 -63.43
N LEU WB 66 3.06 -14.50 -62.60
CA LEU WB 66 3.50 -14.66 -61.22
C LEU WB 66 4.96 -15.08 -61.12
N ASP WB 67 5.29 -16.28 -61.59
CA ASP WB 67 6.64 -16.82 -61.55
C ASP WB 67 7.01 -17.41 -62.90
N GLY WB 68 6.67 -16.72 -63.98
CA GLY WB 68 6.79 -17.31 -65.29
C GLY WB 68 5.87 -18.50 -65.45
N ALA WB 69 4.68 -18.45 -64.84
CA ALA WB 69 3.77 -19.59 -64.89
C ALA WB 69 3.33 -19.89 -66.32
N LEU WB 70 3.05 -18.86 -67.10
CA LEU WB 70 2.70 -19.05 -68.50
C LEU WB 70 3.95 -19.38 -69.29
N LYS WB 71 3.97 -20.53 -69.94
CA LYS WB 71 5.12 -21.04 -70.65
C LYS WB 71 4.75 -21.27 -72.13
N GLY WB 72 5.71 -21.81 -72.88
CA GLY WB 72 5.49 -22.12 -74.28
C GLY WB 72 4.65 -23.36 -74.47
N GLU WB 73 4.59 -23.86 -75.70
CA GLU WB 73 3.68 -24.97 -75.99
C GLU WB 73 4.36 -26.33 -75.86
N ASP WB 74 5.45 -26.56 -76.60
CA ASP WB 74 6.17 -27.83 -76.48
C ASP WB 74 7.66 -27.61 -76.39
N GLU WB 75 8.13 -26.43 -76.82
CA GLU WB 75 9.55 -26.14 -76.79
C GLU WB 75 10.13 -26.20 -75.38
N ASP WB 76 9.28 -26.03 -74.38
CA ASP WB 76 9.74 -26.00 -73.00
C ASP WB 76 10.09 -27.41 -72.52
N LEU WB 77 11.24 -27.53 -71.88
CA LEU WB 77 11.65 -28.76 -71.24
C LEU WB 77 10.86 -28.96 -69.95
N GLU WB 78 10.92 -30.18 -69.41
CA GLU WB 78 10.29 -30.49 -68.14
C GLU WB 78 11.14 -29.96 -66.97
N SER WB 79 11.40 -28.65 -67.02
CA SER WB 79 12.21 -27.97 -66.03
C SER WB 79 11.49 -26.70 -65.62
N TYR WB 80 10.63 -26.82 -64.61
CA TYR WB 80 9.96 -25.66 -64.02
C TYR WB 80 10.55 -25.30 -62.65
N SER WB 81 11.22 -26.25 -62.00
CA SER WB 81 11.86 -26.00 -60.71
C SER WB 81 13.26 -25.45 -60.85
N ARG WB 82 13.80 -25.38 -62.07
CA ARG WB 82 15.16 -24.97 -62.32
C ARG WB 82 15.18 -23.85 -63.36
N ARG WB 83 15.84 -22.76 -63.01
CA ARG WB 83 15.93 -21.60 -63.90
C ARG WB 83 17.35 -21.47 -64.42
N VAL WB 84 17.46 -21.03 -65.67
CA VAL WB 84 18.74 -20.85 -66.33
C VAL WB 84 19.29 -19.49 -65.92
N THR WB 85 20.33 -19.51 -65.07
CA THR WB 85 20.91 -18.25 -64.62
C THR WB 85 21.71 -17.56 -65.72
N SER WB 86 22.51 -18.33 -66.44
CA SER WB 86 23.35 -17.76 -67.50
C SER WB 86 23.77 -18.87 -68.45
N PHE WB 87 24.23 -18.46 -69.62
CA PHE WB 87 24.75 -19.40 -70.61
C PHE WB 87 25.66 -18.65 -71.57
N SER WB 88 26.40 -19.41 -72.37
CA SER WB 88 27.33 -18.80 -73.30
C SER WB 88 27.82 -19.84 -74.29
N LEU WB 89 27.97 -19.43 -75.55
CA LEU WB 89 28.69 -20.25 -76.51
C LEU WB 89 30.13 -19.74 -76.63
N SER WB 90 31.01 -20.60 -77.14
CA SER WB 90 32.45 -20.35 -77.01
C SER WB 90 32.87 -19.04 -77.66
N GLY WB 91 32.51 -18.84 -78.93
CA GLY WB 91 32.98 -17.67 -79.62
C GLY WB 91 31.89 -16.86 -80.29
N GLU WB 92 30.65 -17.01 -79.84
CA GLU WB 92 29.54 -16.28 -80.44
C GLU WB 92 28.89 -15.30 -79.48
N PHE WB 93 28.43 -15.73 -78.31
CA PHE WB 93 27.76 -14.81 -77.40
C PHE WB 93 27.75 -15.38 -75.99
N SER WB 94 27.32 -14.53 -75.06
CA SER WB 94 27.17 -14.90 -73.66
C SER WB 94 26.07 -14.04 -73.07
N GLN WB 95 25.35 -14.60 -72.10
CA GLN WB 95 24.22 -13.88 -71.51
C GLN WB 95 24.00 -14.35 -70.08
N THR WB 96 23.63 -13.40 -69.23
CA THR WB 96 23.33 -13.65 -67.83
C THR WB 96 21.95 -13.06 -67.51
N PHE WB 97 21.26 -13.70 -66.56
CA PHE WB 97 19.89 -13.32 -66.23
C PHE WB 97 19.84 -12.94 -64.76
N GLY WB 98 18.67 -12.52 -64.30
CA GLY WB 98 18.52 -12.14 -62.90
C GLY WB 98 17.08 -11.85 -62.57
N GLU WB 99 16.83 -11.68 -61.27
CA GLU WB 99 15.49 -11.41 -60.79
C GLU WB 99 15.16 -9.93 -61.02
N VAL WB 100 13.86 -9.62 -61.00
CA VAL WB 100 13.37 -8.30 -61.36
C VAL WB 100 12.75 -7.58 -60.16
N THR WB 101 12.06 -8.31 -59.28
CA THR WB 101 11.22 -7.70 -58.26
C THR WB 101 11.82 -7.69 -56.87
N LYS WB 102 12.31 -8.83 -56.37
CA LYS WB 102 12.84 -8.94 -55.01
C LYS WB 102 11.78 -8.52 -53.99
N ASN WB 103 10.76 -9.36 -53.88
CA ASN WB 103 9.71 -9.14 -52.91
C ASN WB 103 10.26 -9.21 -51.49
N GLN WB 104 9.57 -8.53 -50.57
CA GLN WB 104 10.04 -8.41 -49.19
C GLN WB 104 8.92 -8.69 -48.19
N SER WB 105 7.68 -8.82 -48.65
CA SER WB 105 6.55 -8.97 -47.73
C SER WB 105 5.98 -10.37 -47.64
N GLY WB 106 6.28 -11.25 -48.59
CA GLY WB 106 5.71 -12.60 -48.55
C GLY WB 106 4.19 -12.61 -48.66
N ASN WB 107 3.64 -11.73 -49.49
CA ASN WB 107 2.20 -11.67 -49.72
C ASN WB 107 1.79 -12.23 -51.06
N MET WB 108 2.65 -12.07 -52.09
CA MET WB 108 2.47 -12.62 -53.43
C MET WB 108 1.39 -11.85 -54.19
N MET WB 109 0.67 -10.98 -53.50
CA MET WB 109 -0.05 -9.93 -54.21
C MET WB 109 0.90 -8.79 -54.55
N LEU WB 110 1.87 -8.54 -53.69
CA LEU WB 110 2.93 -7.57 -53.94
C LEU WB 110 4.16 -8.23 -54.56
N SER WB 111 3.94 -8.99 -55.62
CA SER WB 111 5.02 -9.71 -56.29
C SER WB 111 5.18 -9.35 -57.76
N THR WB 112 4.11 -8.91 -58.42
CA THR WB 112 4.15 -8.45 -59.80
C THR WB 112 3.42 -7.13 -59.90
N PRO WB 113 3.75 -6.30 -60.90
CA PRO WB 113 3.06 -5.02 -61.05
C PRO WB 113 1.55 -5.17 -61.21
N TRP WB 114 1.12 -6.22 -61.91
CA TRP WB 114 -0.31 -6.44 -62.11
C TRP WB 114 -1.02 -6.68 -60.79
N GLY WB 115 -0.42 -7.50 -59.91
CA GLY WB 115 -1.01 -7.71 -58.60
C GLY WB 115 -1.07 -6.45 -57.76
N LYS WB 116 -0.02 -5.62 -57.86
CA LYS WB 116 0.00 -4.37 -57.11
C LYS WB 116 -1.12 -3.45 -57.56
N MET WB 117 -1.31 -3.32 -58.88
CA MET WB 117 -2.39 -2.50 -59.41
C MET WB 117 -3.75 -3.05 -58.99
N PHE WB 118 -3.92 -4.37 -59.04
CA PHE WB 118 -5.18 -4.96 -58.62
C PHE WB 118 -5.42 -4.70 -57.13
N GLU WB 119 -4.37 -4.73 -56.33
CA GLU WB 119 -4.50 -4.45 -54.91
C GLU WB 119 -4.95 -3.02 -54.66
N GLN WB 120 -4.38 -2.07 -55.40
CA GLN WB 120 -4.83 -0.68 -55.27
C GLN WB 120 -6.30 -0.55 -55.65
N LEU WB 121 -6.69 -1.17 -56.77
CA LEU WB 121 -8.07 -1.08 -57.24
C LEU WB 121 -9.03 -1.68 -56.23
N LYS WB 122 -8.68 -2.83 -55.65
CA LYS WB 122 -9.51 -3.43 -54.61
C LYS WB 122 -9.61 -2.54 -53.39
N ALA WB 123 -8.48 -1.99 -52.94
CA ALA WB 123 -8.50 -1.16 -51.74
C ALA WB 123 -9.42 0.04 -51.91
N ARG WB 124 -9.44 0.63 -53.10
CA ARG WB 124 -10.39 1.71 -53.29
C ARG WB 124 -11.82 1.23 -53.46
N ARG WB 125 -12.04 0.16 -54.23
CA ARG WB 125 -13.41 -0.16 -54.58
C ARG WB 125 -14.15 -0.72 -53.36
N ARG WB 126 -13.55 -1.66 -52.66
CA ARG WB 126 -14.16 -2.21 -51.44
C ARG WB 126 -13.33 -1.93 -50.20
N GLY WB 127 -12.06 -2.31 -50.20
CA GLY WB 127 -11.19 -2.14 -49.05
C GLY WB 127 -10.22 -3.29 -48.90
N ARG WB 128 -9.47 -3.31 -47.80
CA ARG WB 128 -8.50 -4.37 -47.53
C ARG WB 128 -8.65 -4.92 -46.12
N PHE WB 129 -9.89 -4.97 -45.61
CA PHE WB 129 -10.14 -5.30 -44.22
C PHE WB 129 -11.19 -6.39 -44.14
N ALA WB 130 -11.35 -6.94 -42.93
CA ALA WB 130 -12.39 -7.93 -42.64
C ALA WB 130 -12.68 -7.85 -41.15
N LEU WB 131 -13.80 -7.24 -40.78
CA LEU WB 131 -14.24 -7.17 -39.40
C LEU WB 131 -15.48 -8.04 -39.24
N MET WB 132 -15.44 -8.97 -38.30
CA MET WB 132 -16.48 -9.96 -38.14
C MET WB 132 -16.93 -10.03 -36.69
N THR WB 133 -18.20 -10.40 -36.51
CA THR WB 133 -18.80 -10.56 -35.20
C THR WB 133 -19.65 -11.82 -35.16
N GLY WB 134 -19.81 -12.37 -33.95
CA GLY WB 134 -20.63 -13.54 -33.77
C GLY WB 134 -22.11 -13.27 -33.95
N LEU WB 135 -22.87 -14.31 -34.28
CA LEU WB 135 -24.31 -14.19 -34.46
C LEU WB 135 -25.04 -14.94 -33.34
N ARG WB 136 -26.07 -14.32 -32.77
CA ARG WB 136 -26.94 -14.98 -31.82
C ARG WB 136 -27.91 -15.94 -32.54
N ILE XB 4 -2.93 30.79 -66.37
CA ILE XB 4 -1.50 30.66 -66.59
C ILE XB 4 -0.72 31.58 -65.65
N MET XB 5 0.36 31.07 -65.08
CA MET XB 5 1.23 31.88 -64.26
C MET XB 5 1.93 32.92 -65.12
N ASN XB 6 2.34 34.02 -64.49
CA ASN XB 6 2.65 35.24 -65.22
C ASN XB 6 3.77 34.99 -66.23
N GLN XB 7 3.60 35.55 -67.43
CA GLN XB 7 4.44 35.18 -68.57
C GLN XB 7 5.88 35.61 -68.38
N GLU XB 8 6.10 36.89 -68.04
CA GLU XB 8 7.47 37.36 -67.90
C GLU XB 8 8.15 36.73 -66.69
N THR XB 9 7.40 36.44 -65.63
CA THR XB 9 7.98 35.72 -64.51
C THR XB 9 8.40 34.32 -64.91
N LEU XB 10 7.59 33.65 -65.74
CA LEU XB 10 7.97 32.33 -66.23
C LEU XB 10 9.23 32.41 -67.11
N ILE XB 11 9.31 33.44 -67.94
CA ILE XB 11 10.49 33.65 -68.77
C ILE XB 11 11.72 33.84 -67.89
N ALA XB 12 11.57 34.66 -66.84
CA ALA XB 12 12.68 34.87 -65.91
C ALA XB 12 13.09 33.57 -65.25
N ALA XB 13 12.12 32.74 -64.86
CA ALA XB 13 12.44 31.47 -64.22
C ALA XB 13 13.21 30.56 -65.15
N VAL XB 14 12.75 30.44 -66.40
CA VAL XB 14 13.42 29.52 -67.31
C VAL XB 14 14.82 30.02 -67.65
N GLU XB 15 14.99 31.33 -67.87
CA GLU XB 15 16.33 31.82 -68.15
C GLU XB 15 17.22 31.71 -66.92
N GLN XB 16 16.63 31.85 -65.73
CA GLN XB 16 17.40 31.70 -64.50
C GLN XB 16 17.93 30.29 -64.34
N MET XB 17 17.08 29.28 -64.56
CA MET XB 17 17.57 27.90 -64.46
C MET XB 17 18.55 27.59 -65.58
N ARG XB 18 18.35 28.19 -66.76
CA ARG XB 18 19.28 27.96 -67.86
C ARG XB 18 20.67 28.51 -67.54
N LYS XB 19 20.76 29.72 -67.01
CA LYS XB 19 22.07 30.27 -66.67
C LYS XB 19 22.61 29.69 -65.38
N LEU XB 20 21.77 29.03 -64.58
CA LEU XB 20 22.27 28.26 -63.46
C LEU XB 20 22.94 26.97 -63.92
N VAL XB 21 22.34 26.29 -64.88
CA VAL XB 21 22.91 25.08 -65.47
C VAL XB 21 23.10 25.32 -66.96
N PRO XB 22 24.30 25.71 -67.39
CA PRO XB 22 24.51 26.06 -68.80
C PRO XB 22 24.27 24.91 -69.76
N ALA XB 23 24.33 23.67 -69.28
CA ALA XB 23 24.13 22.52 -70.15
C ALA XB 23 22.72 22.41 -70.70
N LEU XB 24 21.76 23.16 -70.15
CA LEU XB 24 20.39 23.13 -70.63
C LEU XB 24 20.14 24.12 -71.76
N ARG XB 25 21.15 24.89 -72.18
CA ARG XB 25 20.95 25.87 -73.24
C ARG XB 25 20.58 25.19 -74.56
N LYS XB 26 21.20 24.05 -74.85
CA LYS XB 26 20.93 23.34 -76.11
C LYS XB 26 19.56 22.70 -76.14
N VAL XB 27 18.91 22.52 -75.00
CA VAL XB 27 17.61 21.85 -74.95
C VAL XB 27 16.56 22.77 -75.57
N PRO XB 28 15.64 22.27 -76.38
CA PRO XB 28 14.57 23.12 -76.91
C PRO XB 28 13.75 23.73 -75.78
N ASP XB 29 13.30 24.96 -76.01
CA ASP XB 29 12.68 25.74 -74.93
C ASP XB 29 11.36 25.17 -74.46
N GLU XB 30 10.50 24.69 -75.37
CA GLU XB 30 9.13 24.36 -74.99
C GLU XB 30 9.08 23.23 -73.97
N THR XB 31 10.06 22.33 -74.00
CA THR XB 31 10.14 21.32 -72.95
C THR XB 31 10.35 21.95 -71.59
N LEU XB 32 11.22 22.97 -71.53
CA LEU XB 32 11.40 23.71 -70.29
C LEU XB 32 10.12 24.40 -69.85
N TYR XB 33 9.38 24.97 -70.81
CA TYR XB 33 8.10 25.59 -70.48
C TYR XB 33 7.16 24.58 -69.85
N ALA XB 34 7.08 23.39 -70.46
CA ALA XB 34 6.20 22.35 -69.90
C ALA XB 34 6.65 21.95 -68.51
N TRP XB 35 7.96 21.77 -68.30
CA TRP XB 35 8.45 21.36 -66.99
C TRP XB 35 8.15 22.40 -65.93
N VAL XB 36 8.34 23.68 -66.24
CA VAL XB 36 8.08 24.72 -65.25
C VAL XB 36 6.59 24.88 -64.99
N GLU XB 37 5.77 24.81 -66.04
CA GLU XB 37 4.33 24.92 -65.84
C GLU XB 37 3.79 23.72 -65.08
N MET XB 38 4.50 22.59 -65.12
CA MET XB 38 4.10 21.46 -64.31
C MET XB 38 4.61 21.58 -62.88
N ALA XB 39 5.81 22.14 -62.70
CA ALA XB 39 6.38 22.25 -61.37
C ALA XB 39 5.78 23.37 -60.55
N GLU XB 40 5.12 24.35 -61.18
CA GLU XB 40 4.51 25.43 -60.42
C GLU XB 40 3.38 24.94 -59.54
N LEU XB 41 2.88 23.73 -59.76
CA LEU XB 41 1.79 23.19 -58.97
C LEU XB 41 2.19 22.87 -57.53
N PHE XB 42 3.48 22.83 -57.21
CA PHE XB 42 3.94 22.39 -55.90
C PHE XB 42 4.25 23.56 -54.97
N VAL XB 43 5.07 24.50 -55.42
CA VAL XB 43 5.48 25.60 -54.55
C VAL XB 43 4.27 26.46 -54.20
N CYS XB 44 4.31 27.01 -52.98
CA CYS XB 44 3.33 28.00 -52.59
C CYS XB 44 3.74 29.34 -53.21
N GLN XB 45 2.92 30.37 -53.00
CA GLN XB 45 3.24 31.70 -53.52
C GLN XB 45 3.59 32.69 -52.44
N LYS XB 46 2.69 32.91 -51.49
CA LYS XB 46 2.90 33.91 -50.44
C LYS XB 46 3.97 33.49 -49.44
N THR XB 47 4.35 32.21 -49.40
CA THR XB 47 5.41 31.78 -48.51
C THR XB 47 6.73 32.45 -48.87
N PHE XB 48 7.13 32.35 -50.14
CA PHE XB 48 8.33 33.06 -50.59
C PHE XB 48 8.01 34.51 -50.93
N LYS XB 49 7.19 34.71 -51.96
CA LYS XB 49 6.62 35.99 -52.42
C LYS XB 49 7.71 37.01 -52.77
N ASP XB 50 8.98 36.65 -52.59
CA ASP XB 50 10.11 37.46 -53.03
C ASP XB 50 11.04 36.70 -53.95
N ALA XB 51 11.44 35.49 -53.55
CA ALA XB 51 12.31 34.63 -54.35
C ALA XB 51 11.50 33.50 -54.97
N TYR XB 52 10.27 33.82 -55.38
CA TYR XB 52 9.42 32.82 -56.02
C TYR XB 52 10.08 32.26 -57.27
N VAL XB 53 10.72 33.13 -58.05
CA VAL XB 53 11.39 32.69 -59.27
C VAL XB 53 12.51 31.71 -58.93
N LYS XB 54 13.34 32.05 -57.95
CA LYS XB 54 14.43 31.15 -57.56
C LYS XB 54 13.89 29.82 -57.06
N ALA XB 55 12.85 29.86 -56.23
CA ALA XB 55 12.31 28.62 -55.66
C ALA XB 55 11.72 27.73 -56.75
N ILE XB 56 10.96 28.32 -57.67
CA ILE XB 56 10.35 27.50 -58.72
C ILE XB 56 11.41 26.95 -59.65
N ALA XB 57 12.45 27.74 -59.94
CA ALA XB 57 13.54 27.21 -60.75
C ALA XB 57 14.23 26.05 -60.06
N LEU XB 58 14.50 26.18 -58.77
CA LEU XB 58 15.14 25.09 -58.03
C LEU XB 58 14.29 23.83 -58.06
N TYR XB 59 12.99 23.97 -57.79
CA TYR XB 59 12.15 22.79 -57.72
C TYR XB 59 11.97 22.15 -59.10
N ALA XB 60 11.87 22.97 -60.15
CA ALA XB 60 11.77 22.42 -61.49
C ALA XB 60 13.04 21.67 -61.87
N LEU XB 61 14.20 22.21 -61.52
CA LEU XB 61 15.45 21.52 -61.81
C LEU XB 61 15.54 20.21 -61.06
N HIS XB 62 15.12 20.20 -59.79
CA HIS XB 62 15.12 18.97 -59.01
C HIS XB 62 14.20 17.93 -59.62
N LEU XB 63 13.00 18.36 -60.02
CA LEU XB 63 12.06 17.44 -60.67
C LEU XB 63 12.63 16.88 -61.95
N ALA XB 64 13.29 17.71 -62.75
CA ALA XB 64 13.88 17.24 -63.99
C ALA XB 64 15.01 16.25 -63.75
N PHE XB 65 15.86 16.50 -62.76
CA PHE XB 65 17.03 15.68 -62.51
C PHE XB 65 16.83 14.72 -61.35
N LEU XB 66 15.58 14.38 -61.03
CA LEU XB 66 15.29 13.47 -59.94
C LEU XB 66 15.95 12.11 -60.13
N ASP XB 67 15.54 11.36 -61.14
CA ASP XB 67 16.08 10.05 -61.44
C ASP XB 67 16.28 9.89 -62.94
N GLY XB 68 16.80 10.92 -63.59
CA GLY XB 68 16.92 10.91 -65.03
C GLY XB 68 15.58 10.92 -65.74
N ALA XB 69 14.59 11.60 -65.16
CA ALA XB 69 13.29 11.69 -65.80
C ALA XB 69 13.37 12.47 -67.11
N LEU XB 70 14.17 13.54 -67.12
CA LEU XB 70 14.34 14.33 -68.34
C LEU XB 70 15.38 13.67 -69.23
N LYS XB 71 14.96 13.28 -70.42
CA LYS XB 71 15.80 12.61 -71.40
C LYS XB 71 15.92 13.48 -72.65
N GLY XB 72 16.53 12.91 -73.69
CA GLY XB 72 16.63 13.60 -74.96
C GLY XB 72 15.31 13.68 -75.68
N GLU XB 73 15.34 13.91 -76.99
CA GLU XB 73 14.09 14.02 -77.73
C GLU XB 73 13.67 12.67 -78.32
N ASP XB 74 14.55 12.05 -79.10
CA ASP XB 74 14.26 10.74 -79.66
C ASP XB 74 15.42 9.78 -79.43
N GLU XB 75 16.63 10.32 -79.28
CA GLU XB 75 17.82 9.49 -79.14
C GLU XB 75 17.74 8.60 -77.90
N ASP XB 76 16.97 9.01 -76.89
CA ASP XB 76 16.79 8.17 -75.73
C ASP XB 76 15.91 6.98 -76.09
N LEU XB 77 16.43 5.78 -75.84
CA LEU XB 77 15.65 4.58 -76.10
C LEU XB 77 14.53 4.45 -75.08
N GLU XB 78 13.45 3.78 -75.48
CA GLU XB 78 12.29 3.61 -74.61
C GLU XB 78 12.64 2.58 -73.52
N SER XB 79 13.47 3.04 -72.58
CA SER XB 79 13.89 2.24 -71.44
C SER XB 79 14.18 3.20 -70.29
N TYR XB 80 13.17 3.41 -69.44
CA TYR XB 80 13.31 4.23 -68.24
C TYR XB 80 13.40 3.40 -66.97
N SER XB 81 12.92 2.16 -67.01
CA SER XB 81 13.01 1.25 -65.88
C SER XB 81 14.30 0.44 -65.87
N ARG XB 82 15.19 0.70 -66.83
CA ARG XB 82 16.44 -0.04 -66.96
C ARG XB 82 17.58 0.96 -67.10
N ARG XB 83 18.66 0.72 -66.37
CA ARG XB 83 19.85 1.56 -66.44
C ARG XB 83 21.05 0.71 -66.80
N VAL XB 84 21.91 1.26 -67.65
CA VAL XB 84 23.12 0.58 -68.09
C VAL XB 84 24.24 0.93 -67.12
N THR XB 85 24.84 -0.09 -66.51
CA THR XB 85 25.87 0.15 -65.51
C THR XB 85 27.24 0.23 -66.14
N SER XB 86 27.48 -0.51 -67.22
CA SER XB 86 28.78 -0.50 -67.87
C SER XB 86 28.62 -0.97 -69.31
N PHE XB 87 29.62 -0.63 -70.13
CA PHE XB 87 29.68 -1.12 -71.49
C PHE XB 87 31.09 -0.95 -72.01
N SER XB 88 31.46 -1.80 -72.97
CA SER XB 88 32.81 -1.77 -73.51
C SER XB 88 32.79 -2.29 -74.93
N LEU XB 89 33.52 -1.62 -75.81
CA LEU XB 89 33.75 -2.16 -77.14
C LEU XB 89 34.99 -3.07 -77.09
N SER XB 90 35.12 -3.93 -78.12
CA SER XB 90 36.08 -5.04 -78.04
C SER XB 90 37.48 -4.57 -77.71
N GLY XB 91 38.07 -3.80 -78.61
CA GLY XB 91 39.43 -3.31 -78.40
C GLY XB 91 39.54 -1.82 -78.59
N GLU XB 92 38.50 -1.08 -78.21
CA GLU XB 92 38.46 0.36 -78.43
C GLU XB 92 38.38 1.13 -77.12
N PHE XB 93 37.41 0.83 -76.25
CA PHE XB 93 37.26 1.54 -75.00
C PHE XB 93 36.31 0.78 -74.08
N SER XB 94 36.21 1.25 -72.84
CA SER XB 94 35.36 0.65 -71.83
C SER XB 94 34.91 1.73 -70.85
N GLN XB 95 33.84 1.44 -70.12
CA GLN XB 95 33.35 2.40 -69.13
C GLN XB 95 32.36 1.70 -68.20
N THR XB 96 32.31 2.17 -66.95
CA THR XB 96 31.41 1.68 -65.91
C THR XB 96 30.73 2.89 -65.29
N PHE XB 97 29.75 2.66 -64.41
CA PHE XB 97 28.98 3.79 -63.89
C PHE XB 97 28.56 3.48 -62.45
N GLY XB 98 27.86 4.43 -61.84
CA GLY XB 98 27.40 4.24 -60.47
C GLY XB 98 26.50 5.38 -60.03
N GLU XB 99 25.92 5.18 -58.84
CA GLU XB 99 24.99 6.17 -58.29
C GLU XB 99 25.76 7.33 -57.65
N VAL XB 100 25.08 8.46 -57.47
CA VAL XB 100 25.70 9.70 -57.04
C VAL XB 100 25.41 10.02 -55.59
N THR XB 101 24.19 9.75 -55.11
CA THR XB 101 23.72 10.35 -53.86
C THR XB 101 23.58 9.36 -52.72
N LYS XB 102 22.98 8.18 -52.96
CA LYS XB 102 22.81 7.15 -51.95
C LYS XB 102 22.01 7.70 -50.76
N ASN XB 103 20.74 7.99 -51.08
CA ASN XB 103 19.80 8.57 -50.11
C ASN XB 103 19.48 7.56 -49.00
N GLN XB 104 19.05 8.09 -47.84
CA GLN XB 104 18.92 7.29 -46.63
C GLN XB 104 17.52 7.29 -46.01
N SER XB 105 16.71 8.31 -46.28
CA SER XB 105 15.43 8.45 -45.57
C SER XB 105 14.20 8.31 -46.45
N GLY XB 106 14.34 8.31 -47.77
CA GLY XB 106 13.19 8.13 -48.64
C GLY XB 106 12.19 9.26 -48.59
N ASN XB 107 12.66 10.48 -48.31
CA ASN XB 107 11.80 11.65 -48.38
C ASN XB 107 11.68 12.18 -49.81
N MET XB 108 12.58 11.74 -50.69
CA MET XB 108 12.64 12.09 -52.11
C MET XB 108 13.12 13.54 -52.25
N MET XB 109 13.20 14.25 -51.14
CA MET XB 109 13.57 15.65 -51.17
C MET XB 109 15.07 15.83 -50.95
N LEU XB 110 15.66 15.05 -50.06
CA LEU XB 110 17.11 15.03 -49.92
C LEU XB 110 17.72 13.93 -50.78
N SER XB 111 17.31 13.89 -52.04
CA SER XB 111 17.78 12.90 -53.00
C SER XB 111 18.59 13.50 -54.13
N THR XB 112 18.39 14.78 -54.44
CA THR XB 112 19.17 15.50 -55.45
C THR XB 112 19.63 16.82 -54.86
N PRO XB 113 20.77 17.34 -55.31
CA PRO XB 113 21.26 18.62 -54.76
C PRO XB 113 20.27 19.76 -54.90
N TRP XB 114 19.57 19.82 -56.03
CA TRP XB 114 18.54 20.84 -56.22
C TRP XB 114 17.43 20.68 -55.20
N GLY XB 115 16.99 19.45 -54.96
CA GLY XB 115 15.97 19.21 -53.95
C GLY XB 115 16.44 19.61 -52.56
N LYS XB 116 17.69 19.29 -52.23
CA LYS XB 116 18.23 19.66 -50.92
C LYS XB 116 18.28 21.18 -50.75
N MET XB 117 18.71 21.89 -51.79
CA MET XB 117 18.76 23.35 -51.72
C MET XB 117 17.36 23.94 -51.58
N PHE XB 118 16.40 23.42 -52.33
CA PHE XB 118 15.01 23.88 -52.19
C PHE XB 118 14.51 23.61 -50.78
N GLU XB 119 14.88 22.47 -50.21
CA GLU XB 119 14.42 22.12 -48.87
C GLU XB 119 14.97 23.10 -47.84
N GLN XB 120 16.27 23.42 -47.95
CA GLN XB 120 16.86 24.41 -47.06
C GLN XB 120 16.22 25.78 -47.24
N LEU XB 121 15.93 26.16 -48.48
CA LEU XB 121 15.28 27.46 -48.70
C LEU XB 121 13.90 27.49 -48.07
N LYS XB 122 13.14 26.40 -48.18
CA LYS XB 122 11.83 26.34 -47.54
C LYS XB 122 11.95 26.45 -46.02
N ALA XB 123 12.91 25.73 -45.44
CA ALA XB 123 13.12 25.81 -43.99
C ALA XB 123 13.48 27.23 -43.56
N ARG XB 124 14.34 27.89 -44.33
CA ARG XB 124 14.70 29.28 -44.04
C ARG XB 124 13.49 30.21 -44.14
N ARG XB 125 12.68 30.03 -45.17
CA ARG XB 125 11.68 31.05 -45.48
C ARG XB 125 10.43 30.89 -44.63
N ARG XB 126 9.87 29.67 -44.58
CA ARG XB 126 8.64 29.46 -43.83
C ARG XB 126 8.81 28.51 -42.66
N GLY XB 127 9.36 27.33 -42.89
CA GLY XB 127 9.50 26.34 -41.84
C GLY XB 127 9.13 24.94 -42.29
N ARG XB 128 9.40 23.97 -41.43
CA ARG XB 128 9.18 22.56 -41.72
C ARG XB 128 8.14 21.97 -40.78
N PHE XB 129 7.24 22.78 -40.26
CA PHE XB 129 6.33 22.38 -39.22
C PHE XB 129 4.89 22.47 -39.69
N ALA XB 130 4.05 21.58 -39.15
CA ALA XB 130 2.61 21.62 -39.40
C ALA XB 130 1.91 21.35 -38.07
N LEU XB 131 1.61 22.41 -37.33
CA LEU XB 131 0.84 22.32 -36.10
C LEU XB 131 -0.58 22.79 -36.39
N MET XB 132 -1.56 21.95 -36.09
CA MET XB 132 -2.94 22.26 -36.37
C MET XB 132 -3.83 21.75 -35.26
N THR XB 133 -5.01 22.33 -35.16
CA THR XB 133 -6.01 21.93 -34.18
C THR XB 133 -7.40 22.10 -34.79
N GLY XB 134 -8.35 21.35 -34.25
CA GLY XB 134 -9.72 21.41 -34.75
C GLY XB 134 -10.35 22.77 -34.54
N LEU XB 135 -10.90 23.34 -35.61
CA LEU XB 135 -11.56 24.63 -35.53
C LEU XB 135 -13.03 24.42 -35.18
N ARG XB 136 -13.73 25.50 -34.88
CA ARG XB 136 -15.11 25.39 -34.44
C ARG XB 136 -16.08 25.96 -35.47
N ILE YB 4 21.66 40.98 -51.42
CA ILE YB 4 22.57 41.94 -52.02
C ILE YB 4 22.05 43.35 -51.83
N MET YB 5 22.96 44.31 -51.68
CA MET YB 5 22.61 45.71 -51.50
C MET YB 5 23.40 46.65 -52.38
N ASN YB 6 24.48 46.20 -53.00
CA ASN YB 6 25.30 47.04 -53.86
C ASN YB 6 26.10 46.12 -54.78
N GLN YB 7 27.09 46.69 -55.47
CA GLN YB 7 27.95 45.91 -56.34
C GLN YB 7 29.34 45.70 -55.75
N GLU YB 8 29.78 46.58 -54.85
CA GLU YB 8 31.07 46.40 -54.21
C GLU YB 8 31.11 45.12 -53.39
N THR YB 9 30.02 44.83 -52.66
CA THR YB 9 29.96 43.59 -51.90
C THR YB 9 29.99 42.38 -52.81
N LEU YB 10 29.26 42.43 -53.93
CA LEU YB 10 29.24 41.31 -54.86
C LEU YB 10 30.63 41.06 -55.43
N ILE YB 11 31.31 42.13 -55.84
CA ILE YB 11 32.64 41.99 -56.40
C ILE YB 11 33.61 41.46 -55.35
N ALA YB 12 33.50 41.96 -54.12
CA ALA YB 12 34.37 41.48 -53.05
C ALA YB 12 34.14 40.01 -52.78
N ALA YB 13 32.88 39.57 -52.77
CA ALA YB 13 32.57 38.16 -52.55
C ALA YB 13 33.16 37.30 -53.65
N VAL YB 14 33.00 37.71 -54.91
CA VAL YB 14 33.54 36.93 -56.01
C VAL YB 14 35.06 36.87 -55.93
N GLU YB 15 35.71 38.00 -55.61
CA GLU YB 15 37.16 38.01 -55.52
C GLU YB 15 37.66 37.14 -54.38
N GLN YB 16 36.98 37.19 -53.23
CA GLN YB 16 37.39 36.34 -52.11
C GLN YB 16 37.20 34.86 -52.45
N MET YB 17 36.11 34.54 -53.16
CA MET YB 17 35.90 33.17 -53.60
C MET YB 17 37.02 32.72 -54.54
N ARG YB 18 37.44 33.59 -55.46
CA ARG YB 18 38.53 33.24 -56.36
C ARG YB 18 39.85 33.11 -55.61
N LYS YB 19 40.07 33.92 -54.58
CA LYS YB 19 41.28 33.76 -53.77
C LYS YB 19 41.27 32.42 -53.06
N LEU YB 20 40.11 32.00 -52.55
CA LEU YB 20 40.01 30.71 -51.89
C LEU YB 20 40.24 29.56 -52.87
N VAL YB 21 39.68 29.66 -54.06
CA VAL YB 21 39.85 28.65 -55.10
C VAL YB 21 40.46 29.33 -56.33
N PRO YB 22 41.78 29.25 -56.51
CA PRO YB 22 42.41 29.90 -57.67
C PRO YB 22 41.94 29.33 -59.00
N ALA YB 23 41.38 28.13 -59.02
CA ALA YB 23 40.89 27.57 -60.28
C ALA YB 23 39.72 28.35 -60.85
N LEU YB 24 39.01 29.12 -60.02
CA LEU YB 24 37.84 29.84 -60.49
C LEU YB 24 38.19 31.10 -61.28
N ARG YB 25 39.46 31.52 -61.29
CA ARG YB 25 39.84 32.73 -62.02
C ARG YB 25 39.61 32.59 -63.52
N LYS YB 26 39.71 31.38 -64.07
CA LYS YB 26 39.49 31.19 -65.49
C LYS YB 26 38.02 30.99 -65.85
N VAL YB 27 37.19 30.64 -64.88
CA VAL YB 27 35.75 30.52 -65.13
C VAL YB 27 35.18 31.91 -65.41
N PRO YB 28 34.28 32.06 -66.38
CA PRO YB 28 33.66 33.38 -66.61
C PRO YB 28 32.94 33.85 -65.36
N ASP YB 29 33.03 35.16 -65.11
CA ASP YB 29 32.54 35.69 -63.84
C ASP YB 29 31.02 35.74 -63.80
N GLU YB 30 30.35 35.60 -64.94
CA GLU YB 30 28.89 35.68 -64.94
C GLU YB 30 28.27 34.56 -64.11
N THR YB 31 28.76 33.33 -64.27
CA THR YB 31 28.27 32.23 -63.46
C THR YB 31 28.56 32.47 -61.98
N LEU YB 32 29.71 33.08 -61.69
CA LEU YB 32 30.02 33.41 -60.31
C LEU YB 32 29.01 34.41 -59.74
N TYR YB 33 28.65 35.44 -60.51
CA TYR YB 33 27.62 36.36 -60.05
C TYR YB 33 26.32 35.61 -59.79
N ALA YB 34 25.93 34.74 -60.72
CA ALA YB 34 24.68 34.00 -60.57
C ALA YB 34 24.69 33.18 -59.28
N TRP YB 35 25.76 32.43 -59.05
CA TRP YB 35 25.83 31.57 -57.88
C TRP YB 35 25.86 32.37 -56.59
N VAL YB 36 26.60 33.48 -56.56
CA VAL YB 36 26.67 34.26 -55.33
C VAL YB 36 25.35 34.96 -55.04
N GLU YB 37 24.65 35.42 -56.08
CA GLU YB 37 23.36 36.07 -55.82
C GLU YB 37 22.29 35.04 -55.49
N MET YB 38 22.50 33.77 -55.86
CA MET YB 38 21.59 32.75 -55.37
C MET YB 38 21.92 32.35 -53.94
N ALA YB 39 23.20 32.39 -53.57
CA ALA YB 39 23.61 32.01 -52.22
C ALA YB 39 23.33 33.10 -51.21
N GLU YB 40 23.19 34.35 -51.64
CA GLU YB 40 22.88 35.41 -50.68
C GLU YB 40 21.50 35.25 -50.07
N LEU YB 41 20.67 34.37 -50.62
CA LEU YB 41 19.34 34.13 -50.09
C LEU YB 41 19.35 33.38 -48.76
N PHE YB 42 20.48 32.74 -48.40
CA PHE YB 42 20.54 31.88 -47.23
C PHE YB 42 21.25 32.53 -46.04
N VAL YB 43 22.03 33.57 -46.27
CA VAL YB 43 22.89 34.13 -45.23
C VAL YB 43 22.19 35.33 -44.59
N CYS YB 44 22.36 35.48 -43.28
CA CYS YB 44 21.78 36.59 -42.54
C CYS YB 44 22.87 37.56 -42.12
N GLN YB 45 22.82 38.79 -42.63
CA GLN YB 45 23.88 39.72 -42.32
C GLN YB 45 23.73 40.32 -40.93
N LYS YB 46 22.51 40.30 -40.37
CA LYS YB 46 22.33 40.64 -38.96
C LYS YB 46 23.23 39.83 -38.04
N THR YB 47 23.43 38.55 -38.35
CA THR YB 47 24.18 37.68 -37.47
C THR YB 47 25.67 37.95 -37.55
N PHE YB 48 26.21 38.05 -38.77
CA PHE YB 48 27.65 38.22 -38.92
C PHE YB 48 28.05 39.68 -38.81
N LYS YB 49 27.57 40.52 -39.74
CA LYS YB 49 27.74 41.97 -39.81
C LYS YB 49 29.21 42.41 -39.87
N ASP YB 50 30.15 41.49 -39.85
CA ASP YB 50 31.51 41.89 -40.21
C ASP YB 50 32.15 40.95 -41.23
N ALA YB 51 31.90 39.65 -41.13
CA ALA YB 51 32.43 38.65 -42.03
C ALA YB 51 31.35 38.14 -42.96
N TYR YB 52 30.43 39.04 -43.34
CA TYR YB 52 29.35 38.67 -44.23
C TYR YB 52 29.87 38.21 -45.58
N VAL YB 53 30.88 38.91 -46.11
CA VAL YB 53 31.46 38.53 -47.40
C VAL YB 53 32.11 37.15 -47.30
N LYS YB 54 32.89 36.92 -46.23
CA LYS YB 54 33.53 35.62 -46.07
C LYS YB 54 32.50 34.51 -45.98
N ALA YB 55 31.46 34.71 -45.17
CA ALA YB 55 30.45 33.68 -45.00
C ALA YB 55 29.70 33.42 -46.30
N ILE YB 56 29.36 34.47 -47.03
CA ILE YB 56 28.59 34.30 -48.26
C ILE YB 56 29.43 33.59 -49.32
N ALA YB 57 30.73 33.92 -49.40
CA ALA YB 57 31.59 33.22 -50.34
C ALA YB 57 31.74 31.76 -49.96
N LEU YB 58 31.91 31.47 -48.66
CA LEU YB 58 32.03 30.09 -48.21
C LEU YB 58 30.78 29.29 -48.56
N TYR YB 59 29.61 29.87 -48.28
CA TYR YB 59 28.36 29.16 -48.54
C TYR YB 59 28.14 28.96 -50.03
N ALA YB 60 28.48 29.97 -50.85
CA ALA YB 60 28.33 29.81 -52.29
C ALA YB 60 29.24 28.71 -52.81
N LEU YB 61 30.48 28.66 -52.32
CA LEU YB 61 31.40 27.62 -52.75
C LEU YB 61 30.86 26.23 -52.40
N HIS YB 62 30.43 26.06 -51.15
CA HIS YB 62 29.88 24.77 -50.74
C HIS YB 62 28.64 24.41 -51.56
N LEU YB 63 27.79 25.41 -51.80
CA LEU YB 63 26.54 25.18 -52.53
C LEU YB 63 26.82 24.72 -53.94
N ALA YB 64 27.79 25.34 -54.60
CA ALA YB 64 28.17 24.95 -55.96
C ALA YB 64 28.94 23.65 -56.01
N PHE YB 65 29.58 23.24 -54.91
CA PHE YB 65 30.38 22.03 -54.90
C PHE YB 65 29.70 20.89 -54.13
N LEU YB 66 28.39 21.00 -53.89
CA LEU YB 66 27.67 19.92 -53.20
C LEU YB 66 27.89 18.56 -53.83
N ASP YB 67 27.38 18.38 -55.05
CA ASP YB 67 27.52 17.10 -55.75
C ASP YB 67 27.92 17.31 -57.21
N GLY YB 68 28.28 18.53 -57.58
CA GLY YB 68 28.49 18.90 -58.97
C GLY YB 68 27.28 19.63 -59.48
N ALA YB 69 27.33 20.96 -59.43
CA ALA YB 69 26.27 21.79 -59.97
C ALA YB 69 26.90 22.85 -60.86
N LEU YB 70 28.14 23.24 -60.51
CA LEU YB 70 28.96 24.05 -61.38
C LEU YB 70 29.70 23.20 -62.39
N LYS YB 71 29.55 21.89 -62.33
CA LYS YB 71 30.21 20.99 -63.28
C LYS YB 71 29.79 21.28 -64.71
N GLY YB 72 28.63 21.93 -64.90
CA GLY YB 72 28.18 22.26 -66.24
C GLY YB 72 28.88 23.47 -66.85
N GLU YB 73 29.71 23.23 -67.85
CA GLU YB 73 30.23 24.32 -68.67
C GLU YB 73 29.34 24.45 -69.92
N ASP YB 74 29.79 25.24 -70.89
CA ASP YB 74 29.01 25.45 -72.10
C ASP YB 74 28.72 24.15 -72.85
N GLU YB 75 29.57 23.15 -72.69
CA GLU YB 75 29.36 21.85 -73.33
C GLU YB 75 29.37 20.76 -72.25
N ASP YB 76 28.24 20.05 -72.15
CA ASP YB 76 28.01 18.89 -71.29
C ASP YB 76 26.70 18.25 -71.70
N LEU YB 77 26.40 17.12 -71.07
CA LEU YB 77 25.13 16.43 -71.25
C LEU YB 77 24.48 16.21 -69.88
N GLU YB 78 23.33 15.51 -69.90
CA GLU YB 78 22.59 15.22 -68.69
C GLU YB 78 23.24 14.04 -67.95
N SER YB 79 24.38 14.34 -67.33
CA SER YB 79 25.07 13.41 -66.45
C SER YB 79 24.88 13.75 -64.98
N TYR YB 80 23.86 14.54 -64.66
CA TYR YB 80 23.65 14.99 -63.28
C TYR YB 80 22.99 13.93 -62.40
N SER YB 81 22.50 12.84 -62.98
CA SER YB 81 21.90 11.77 -62.20
C SER YB 81 22.85 10.60 -61.98
N ARG YB 82 23.96 10.58 -62.71
CA ARG YB 82 24.87 9.45 -62.78
C ARG YB 82 26.32 9.93 -62.74
N ARG YB 83 27.19 9.09 -62.17
CA ARG YB 83 28.60 9.40 -62.01
C ARG YB 83 29.44 8.32 -62.65
N VAL YB 84 30.48 8.72 -63.39
CA VAL YB 84 31.43 7.79 -63.97
C VAL YB 84 32.31 7.22 -62.88
N THR YB 85 32.43 5.89 -62.83
CA THR YB 85 33.30 5.23 -61.87
C THR YB 85 34.65 4.83 -62.44
N SER YB 86 34.74 4.59 -63.75
CA SER YB 86 36.01 4.26 -64.37
C SER YB 86 35.90 4.50 -65.86
N PHE YB 87 37.05 4.73 -66.49
CA PHE YB 87 37.12 4.93 -67.92
C PHE YB 87 38.50 4.49 -68.39
N SER YB 88 38.55 3.79 -69.53
CA SER YB 88 39.81 3.23 -69.95
C SER YB 88 39.79 3.00 -71.45
N LEU YB 89 40.89 3.35 -72.11
CA LEU YB 89 41.13 2.83 -73.44
C LEU YB 89 41.64 1.40 -73.33
N SER YB 90 41.37 0.63 -74.38
CA SER YB 90 41.57 -0.82 -74.29
C SER YB 90 43.02 -1.18 -74.01
N GLY YB 91 43.96 -0.49 -74.64
CA GLY YB 91 45.35 -0.83 -74.47
C GLY YB 91 46.28 0.34 -74.21
N GLU YB 92 45.74 1.49 -73.82
CA GLU YB 92 46.54 2.69 -73.65
C GLU YB 92 46.58 3.21 -72.22
N PHE YB 93 45.43 3.42 -71.59
CA PHE YB 93 45.43 3.89 -70.20
C PHE YB 93 44.10 3.53 -69.56
N SER YB 94 44.08 3.57 -68.23
CA SER YB 94 42.89 3.31 -67.45
C SER YB 94 42.86 4.28 -66.29
N GLN YB 95 41.66 4.59 -65.82
CA GLN YB 95 41.53 5.57 -64.75
C GLN YB 95 40.25 5.28 -63.98
N THR YB 96 40.33 5.42 -62.66
CA THR YB 96 39.24 5.05 -61.76
C THR YB 96 38.93 6.19 -60.81
N PHE YB 97 37.65 6.47 -60.63
CA PHE YB 97 37.18 7.59 -59.82
C PHE YB 97 36.55 7.08 -58.52
N GLY YB 98 36.01 8.01 -57.76
CA GLY YB 98 35.32 7.67 -56.52
C GLY YB 98 34.91 8.92 -55.79
N GLU YB 99 33.94 8.75 -54.90
CA GLU YB 99 33.46 9.86 -54.08
C GLU YB 99 34.49 10.21 -53.01
N VAL YB 100 34.59 11.51 -52.72
CA VAL YB 100 35.62 12.00 -51.82
C VAL YB 100 35.23 11.83 -50.36
N THR YB 101 33.95 11.94 -50.02
CA THR YB 101 33.50 11.94 -48.64
C THR YB 101 32.20 11.17 -48.48
N LYS YB 102 32.11 10.39 -47.41
CA LYS YB 102 30.89 9.70 -47.02
C LYS YB 102 30.12 10.57 -46.03
N ASN YB 103 28.79 10.50 -46.10
CA ASN YB 103 27.92 11.45 -45.42
C ASN YB 103 26.83 10.72 -44.63
N GLN YB 104 27.25 9.78 -43.79
CA GLN YB 104 26.30 9.01 -42.97
C GLN YB 104 25.39 9.91 -42.14
N SER YB 105 25.84 11.11 -41.77
CA SER YB 105 25.05 11.97 -40.90
C SER YB 105 23.71 12.33 -41.52
N GLY YB 106 23.70 12.69 -42.80
CA GLY YB 106 22.45 13.07 -43.46
C GLY YB 106 22.00 14.48 -43.21
N ASN YB 107 22.78 15.29 -42.49
CA ASN YB 107 22.41 16.69 -42.29
C ASN YB 107 22.56 17.49 -43.57
N MET YB 108 23.30 16.95 -44.54
CA MET YB 108 23.46 17.49 -45.89
C MET YB 108 24.34 18.74 -45.91
N MET YB 109 24.54 19.38 -44.76
CA MET YB 109 25.36 20.58 -44.76
C MET YB 109 26.84 20.26 -44.61
N LEU YB 110 27.16 19.14 -43.97
CA LEU YB 110 28.54 18.66 -43.89
C LEU YB 110 28.87 17.73 -45.06
N SER YB 111 28.52 18.17 -46.27
CA SER YB 111 28.81 17.42 -47.48
C SER YB 111 30.08 17.87 -48.19
N THR YB 112 30.54 19.08 -47.92
CA THR YB 112 31.76 19.63 -48.47
C THR YB 112 32.59 20.21 -47.33
N PRO YB 113 33.90 20.33 -47.51
CA PRO YB 113 34.70 21.00 -46.49
C PRO YB 113 34.22 22.41 -46.20
N TRP YB 114 33.79 23.14 -47.24
CA TRP YB 114 33.29 24.48 -47.03
C TRP YB 114 32.02 24.48 -46.21
N GLY YB 115 31.19 23.44 -46.34
CA GLY YB 115 30.01 23.34 -45.51
C GLY YB 115 30.33 23.20 -44.04
N LYS YB 116 31.29 22.33 -43.71
CA LYS YB 116 31.70 22.15 -42.33
C LYS YB 116 32.34 23.43 -41.79
N MET YB 117 33.15 24.10 -42.61
CA MET YB 117 33.72 25.37 -42.20
C MET YB 117 32.63 26.39 -41.92
N PHE YB 118 31.58 26.42 -42.76
CA PHE YB 118 30.51 27.38 -42.56
C PHE YB 118 29.73 27.07 -41.29
N GLU YB 119 29.52 25.78 -41.00
CA GLU YB 119 28.83 25.44 -39.75
C GLU YB 119 29.64 25.83 -38.52
N GLN YB 120 30.96 25.59 -38.54
CA GLN YB 120 31.73 25.96 -37.37
C GLN YB 120 31.84 27.47 -37.24
N LEU YB 121 31.85 28.19 -38.36
CA LEU YB 121 31.84 29.65 -38.29
C LEU YB 121 30.50 30.16 -37.79
N LYS YB 122 29.41 29.48 -38.14
CA LYS YB 122 28.11 29.86 -37.62
C LYS YB 122 28.04 29.65 -36.11
N ALA YB 123 28.57 28.53 -35.63
CA ALA YB 123 28.65 28.34 -34.18
C ALA YB 123 29.54 29.39 -33.54
N ARG YB 124 30.51 29.92 -34.21
CA ARG YB 124 31.25 30.92 -33.47
C ARG YB 124 30.44 32.16 -33.45
N ARG YB 125 29.89 32.55 -34.58
CA ARG YB 125 29.25 33.86 -34.52
C ARG YB 125 28.01 33.83 -33.65
N ARG YB 126 27.07 32.93 -33.94
CA ARG YB 126 25.82 32.82 -33.19
C ARG YB 126 25.38 31.38 -33.20
N GLY YB 127 25.25 30.78 -32.01
CA GLY YB 127 25.02 29.35 -31.87
C GLY YB 127 23.94 28.75 -32.74
N ARG YB 128 24.10 27.47 -33.08
CA ARG YB 128 23.14 26.78 -33.94
C ARG YB 128 21.88 26.35 -33.21
N PHE YB 129 21.67 26.81 -31.98
CA PHE YB 129 20.47 26.46 -31.24
C PHE YB 129 19.25 27.15 -31.83
N ALA YB 130 18.08 26.65 -31.47
CA ALA YB 130 16.82 27.31 -31.84
C ALA YB 130 15.83 27.06 -30.69
N LEU YB 131 15.80 27.99 -29.74
CA LEU YB 131 14.94 27.89 -28.57
C LEU YB 131 13.94 29.03 -28.61
N MET YB 132 12.66 28.69 -28.54
CA MET YB 132 11.60 29.68 -28.70
C MET YB 132 10.42 29.30 -27.81
N THR YB 133 9.61 30.31 -27.50
CA THR YB 133 8.40 30.12 -26.71
C THR YB 133 7.25 30.90 -27.33
N GLY YB 134 6.04 30.41 -27.10
CA GLY YB 134 4.86 31.14 -27.54
C GLY YB 134 4.72 32.44 -26.76
N LEU YB 135 4.55 33.53 -27.48
CA LEU YB 135 4.47 34.84 -26.83
C LEU YB 135 3.04 35.10 -26.35
N ARG YB 136 2.79 36.36 -25.99
CA ARG YB 136 1.63 36.81 -25.19
C ARG YB 136 1.10 35.72 -24.25
N ILE ZB 4 64.05 -23.42 -8.90
CA ILE ZB 4 65.18 -24.34 -8.82
C ILE ZB 4 65.70 -24.42 -7.39
N MET ZB 5 66.13 -25.63 -6.99
CA MET ZB 5 66.82 -25.83 -5.74
C MET ZB 5 68.07 -26.68 -5.88
N ASN ZB 6 68.18 -27.48 -6.94
CA ASN ZB 6 69.35 -28.31 -7.18
C ASN ZB 6 69.37 -28.69 -8.66
N GLN ZB 7 70.28 -29.58 -9.03
CA GLN ZB 7 70.55 -29.84 -10.44
C GLN ZB 7 69.79 -31.05 -10.99
N GLU ZB 8 69.53 -32.06 -10.16
CA GLU ZB 8 68.86 -33.26 -10.66
C GLU ZB 8 67.44 -32.95 -11.13
N THR ZB 9 66.73 -32.06 -10.42
CA THR ZB 9 65.39 -31.69 -10.85
C THR ZB 9 65.43 -30.97 -12.20
N LEU ZB 10 66.42 -30.09 -12.39
CA LEU ZB 10 66.54 -29.40 -13.67
C LEU ZB 10 66.86 -30.37 -14.80
N ILE ZB 11 67.76 -31.33 -14.54
CA ILE ZB 11 68.12 -32.29 -15.57
C ILE ZB 11 66.92 -33.16 -15.92
N ALA ZB 12 66.15 -33.57 -14.91
CA ALA ZB 12 64.92 -34.32 -15.19
C ALA ZB 12 63.95 -33.49 -16.00
N ALA ZB 13 63.84 -32.20 -15.71
CA ALA ZB 13 62.97 -31.32 -16.48
C ALA ZB 13 63.41 -31.24 -17.93
N VAL ZB 14 64.71 -31.10 -18.17
CA VAL ZB 14 65.22 -31.02 -19.53
C VAL ZB 14 64.98 -32.33 -20.27
N GLU ZB 15 65.20 -33.45 -19.60
CA GLU ZB 15 64.95 -34.74 -20.23
C GLU ZB 15 63.48 -34.90 -20.59
N GLN ZB 16 62.59 -34.47 -19.69
CA GLN ZB 16 61.16 -34.54 -19.97
C GLN ZB 16 60.80 -33.66 -21.16
N MET ZB 17 61.36 -32.45 -21.21
CA MET ZB 17 61.14 -31.56 -22.35
C MET ZB 17 61.55 -32.23 -23.65
N ARG ZB 18 62.73 -32.86 -23.67
CA ARG ZB 18 63.21 -33.46 -24.90
C ARG ZB 18 62.40 -34.70 -25.29
N LYS ZB 19 61.93 -35.48 -24.31
CA LYS ZB 19 61.06 -36.59 -24.63
C LYS ZB 19 59.74 -36.10 -25.22
N LEU ZB 20 59.17 -35.04 -24.64
CA LEU ZB 20 57.90 -34.54 -25.15
C LEU ZB 20 58.04 -33.97 -26.56
N VAL ZB 21 59.08 -33.19 -26.79
CA VAL ZB 21 59.36 -32.62 -28.11
C VAL ZB 21 60.74 -33.08 -28.56
N PRO ZB 22 60.81 -34.08 -29.45
CA PRO ZB 22 62.11 -34.56 -29.92
C PRO ZB 22 62.92 -33.51 -30.68
N ALA ZB 23 62.25 -32.57 -31.35
CA ALA ZB 23 62.97 -31.58 -32.15
C ALA ZB 23 63.83 -30.66 -31.32
N LEU ZB 24 63.62 -30.62 -29.99
CA LEU ZB 24 64.42 -29.80 -29.12
C LEU ZB 24 65.80 -30.39 -28.85
N ARG ZB 25 66.06 -31.62 -29.32
CA ARG ZB 25 67.31 -32.30 -29.04
C ARG ZB 25 68.53 -31.57 -29.60
N LYS ZB 26 68.44 -31.07 -30.82
CA LYS ZB 26 69.57 -30.40 -31.45
C LYS ZB 26 69.80 -28.99 -30.92
N VAL ZB 27 68.83 -28.42 -30.22
CA VAL ZB 27 68.97 -27.06 -29.68
C VAL ZB 27 70.06 -27.05 -28.61
N PRO ZB 28 70.94 -26.06 -28.59
CA PRO ZB 28 71.97 -26.01 -27.54
C PRO ZB 28 71.32 -25.93 -26.16
N ASP ZB 29 71.97 -26.59 -25.19
CA ASP ZB 29 71.34 -26.79 -23.90
C ASP ZB 29 71.35 -25.54 -23.04
N GLU ZB 30 72.25 -24.60 -23.29
CA GLU ZB 30 72.37 -23.44 -22.42
C GLU ZB 30 71.15 -22.52 -22.54
N THR ZB 31 70.62 -22.37 -23.76
CA THR ZB 31 69.42 -21.58 -23.93
C THR ZB 31 68.25 -22.20 -23.17
N LEU ZB 32 68.14 -23.53 -23.24
CA LEU ZB 32 67.11 -24.21 -22.45
C LEU ZB 32 67.33 -24.02 -20.96
N TYR ZB 33 68.60 -24.01 -20.54
CA TYR ZB 33 68.94 -23.73 -19.14
C TYR ZB 33 68.36 -22.38 -18.73
N ALA ZB 34 68.61 -21.35 -19.53
CA ALA ZB 34 68.12 -20.01 -19.21
C ALA ZB 34 66.60 -19.98 -19.20
N TRP ZB 35 65.97 -20.61 -20.18
CA TRP ZB 35 64.51 -20.57 -20.26
C TRP ZB 35 63.87 -21.27 -19.07
N VAL ZB 36 64.42 -22.42 -18.65
CA VAL ZB 36 63.82 -23.14 -17.54
C VAL ZB 36 64.07 -22.40 -16.22
N GLU ZB 37 65.23 -21.77 -16.06
CA GLU ZB 37 65.45 -21.03 -14.83
C GLU ZB 37 64.59 -19.76 -14.79
N MET ZB 38 64.20 -19.25 -15.95
CA MET ZB 38 63.14 -18.24 -15.95
C MET ZB 38 61.78 -18.82 -15.58
N ALA ZB 39 61.41 -19.96 -16.18
CA ALA ZB 39 60.08 -20.51 -15.99
C ALA ZB 39 59.83 -21.00 -14.58
N GLU ZB 40 60.89 -21.32 -13.84
CA GLU ZB 40 60.68 -21.75 -12.45
C GLU ZB 40 60.23 -20.61 -11.55
N LEU ZB 41 60.25 -19.38 -12.05
CA LEU ZB 41 59.80 -18.22 -11.29
C LEU ZB 41 58.28 -18.11 -11.21
N PHE ZB 42 57.54 -18.92 -11.96
CA PHE ZB 42 56.09 -18.81 -12.01
C PHE ZB 42 55.37 -19.95 -11.28
N VAL ZB 43 56.01 -21.10 -11.10
CA VAL ZB 43 55.32 -22.27 -10.57
C VAL ZB 43 55.28 -22.21 -9.05
N CYS ZB 44 54.23 -22.77 -8.47
CA CYS ZB 44 54.08 -22.86 -7.02
C CYS ZB 44 54.33 -24.30 -6.60
N GLN ZB 45 55.49 -24.57 -6.01
CA GLN ZB 45 55.90 -25.95 -5.76
C GLN ZB 45 54.94 -26.67 -4.81
N LYS ZB 46 54.54 -26.01 -3.73
CA LYS ZB 46 53.70 -26.66 -2.72
C LYS ZB 46 52.41 -27.23 -3.31
N THR ZB 47 51.88 -26.63 -4.38
CA THR ZB 47 50.67 -27.13 -4.99
C THR ZB 47 50.89 -28.47 -5.68
N PHE ZB 48 51.98 -28.58 -6.45
CA PHE ZB 48 52.21 -29.80 -7.22
C PHE ZB 48 52.88 -30.87 -6.38
N LYS ZB 49 54.12 -30.59 -5.92
CA LYS ZB 49 54.87 -31.33 -4.91
C LYS ZB 49 55.12 -32.79 -5.27
N ASP ZB 50 54.56 -33.28 -6.37
CA ASP ZB 50 54.84 -34.63 -6.84
C ASP ZB 50 55.23 -34.67 -8.31
N ALA ZB 51 54.60 -33.85 -9.15
CA ALA ZB 51 54.87 -33.78 -10.58
C ALA ZB 51 55.49 -32.45 -10.93
N TYR ZB 52 56.40 -31.99 -10.06
CA TYR ZB 52 57.00 -30.67 -10.23
C TYR ZB 52 57.79 -30.58 -11.53
N VAL ZB 53 58.53 -31.63 -11.88
CA VAL ZB 53 59.30 -31.62 -13.11
C VAL ZB 53 58.37 -31.59 -14.32
N LYS ZB 54 57.28 -32.36 -14.28
CA LYS ZB 54 56.34 -32.34 -15.39
C LYS ZB 54 55.73 -30.95 -15.55
N ALA ZB 55 55.31 -30.35 -14.45
CA ALA ZB 55 54.68 -29.03 -14.52
C ALA ZB 55 55.66 -27.98 -15.03
N ILE ZB 56 56.91 -28.02 -14.55
CA ILE ZB 56 57.88 -27.02 -14.96
C ILE ZB 56 58.23 -27.18 -16.43
N ALA ZB 57 58.30 -28.43 -16.91
CA ALA ZB 57 58.54 -28.65 -18.33
C ALA ZB 57 57.39 -28.09 -19.16
N LEU ZB 58 56.15 -28.36 -18.75
CA LEU ZB 58 55.00 -27.86 -19.51
C LEU ZB 58 55.00 -26.34 -19.56
N TYR ZB 59 55.26 -25.70 -18.41
CA TYR ZB 59 55.24 -24.24 -18.37
C TYR ZB 59 56.40 -23.67 -19.18
N ALA ZB 60 57.55 -24.33 -19.17
CA ALA ZB 60 58.67 -23.87 -19.98
C ALA ZB 60 58.35 -23.94 -21.47
N LEU ZB 61 57.76 -25.04 -21.92
CA LEU ZB 61 57.35 -25.13 -23.32
C LEU ZB 61 56.35 -24.04 -23.68
N HIS ZB 62 55.36 -23.82 -22.82
CA HIS ZB 62 54.39 -22.76 -23.09
C HIS ZB 62 55.07 -21.40 -23.18
N LEU ZB 63 55.95 -21.09 -22.22
CA LEU ZB 63 56.59 -19.79 -22.19
C LEU ZB 63 57.47 -19.57 -23.41
N ALA ZB 64 58.16 -20.61 -23.85
CA ALA ZB 64 59.03 -20.49 -25.01
C ALA ZB 64 58.27 -20.42 -26.33
N PHE ZB 65 57.16 -21.13 -26.47
CA PHE ZB 65 56.42 -21.17 -27.73
C PHE ZB 65 55.13 -20.37 -27.65
N LEU ZB 66 55.06 -19.38 -26.75
CA LEU ZB 66 53.89 -18.51 -26.64
C LEU ZB 66 53.45 -17.98 -28.00
N ASP ZB 67 54.30 -17.20 -28.65
CA ASP ZB 67 54.09 -16.83 -30.04
C ASP ZB 67 55.40 -16.86 -30.82
N GLY ZB 68 56.46 -17.40 -30.24
CA GLY ZB 68 57.77 -17.40 -30.85
C GLY ZB 68 58.65 -16.34 -30.23
N ALA ZB 69 59.45 -16.73 -29.25
CA ALA ZB 69 60.47 -15.86 -28.67
C ALA ZB 69 61.79 -16.61 -28.69
N LEU ZB 70 61.72 -17.92 -28.44
CA LEU ZB 70 62.84 -18.82 -28.70
C LEU ZB 70 63.09 -19.00 -30.18
N LYS ZB 71 62.15 -18.60 -31.03
CA LYS ZB 71 62.32 -18.71 -32.48
C LYS ZB 71 63.60 -18.05 -32.94
N GLY ZB 72 63.97 -16.93 -32.34
CA GLY ZB 72 65.23 -16.29 -32.68
C GLY ZB 72 66.39 -17.15 -32.26
N GLU ZB 73 67.06 -17.77 -33.24
CA GLU ZB 73 68.27 -18.53 -32.98
C GLU ZB 73 69.47 -17.59 -33.09
N ASP ZB 74 70.67 -18.16 -33.22
CA ASP ZB 74 71.88 -17.36 -33.21
C ASP ZB 74 71.89 -16.30 -34.30
N GLU ZB 75 71.15 -16.48 -35.39
CA GLU ZB 75 71.11 -15.51 -36.48
C GLU ZB 75 69.67 -15.30 -36.91
N ASP ZB 76 69.08 -14.20 -36.45
CA ASP ZB 76 67.76 -13.77 -36.91
C ASP ZB 76 67.74 -12.25 -36.93
N LEU ZB 77 66.65 -11.70 -37.45
CA LEU ZB 77 66.47 -10.26 -37.56
C LEU ZB 77 65.30 -9.82 -36.69
N GLU ZB 78 65.01 -8.52 -36.71
CA GLU ZB 78 63.96 -7.93 -35.88
C GLU ZB 78 62.59 -8.17 -36.53
N SER ZB 79 62.22 -9.45 -36.58
CA SER ZB 79 60.90 -9.86 -37.02
C SER ZB 79 59.96 -10.15 -35.85
N TYR ZB 80 60.25 -9.59 -34.68
CA TYR ZB 80 59.46 -9.84 -33.49
C TYR ZB 80 58.20 -8.98 -33.41
N SER ZB 81 58.02 -8.07 -34.35
CA SER ZB 81 56.80 -7.27 -34.41
C SER ZB 81 55.85 -7.76 -35.50
N ARG ZB 82 56.32 -8.64 -36.39
CA ARG ZB 82 55.58 -9.06 -37.57
C ARG ZB 82 55.64 -10.56 -37.75
N ARG ZB 83 54.79 -11.04 -38.67
CA ARG ZB 83 54.84 -12.40 -39.19
C ARG ZB 83 54.81 -12.38 -40.71
N VAL ZB 84 55.52 -13.31 -41.35
CA VAL ZB 84 55.39 -13.52 -42.78
C VAL ZB 84 54.16 -14.36 -43.06
N THR ZB 85 53.51 -14.10 -44.19
CA THR ZB 85 52.36 -14.88 -44.60
C THR ZB 85 52.61 -15.74 -45.83
N SER ZB 86 53.44 -15.30 -46.77
CA SER ZB 86 53.66 -16.05 -47.99
C SER ZB 86 55.06 -15.77 -48.52
N PHE ZB 87 55.57 -16.71 -49.31
CA PHE ZB 87 56.87 -16.57 -49.93
C PHE ZB 87 56.92 -17.47 -51.16
N SER ZB 88 57.45 -16.94 -52.26
CA SER ZB 88 57.45 -17.70 -53.50
C SER ZB 88 58.57 -17.24 -54.40
N LEU ZB 89 59.26 -18.19 -55.01
CA LEU ZB 89 60.08 -17.88 -56.16
C LEU ZB 89 59.19 -17.75 -57.39
N SER ZB 90 59.64 -16.95 -58.35
CA SER ZB 90 58.76 -16.54 -59.44
C SER ZB 90 58.28 -17.74 -60.24
N GLY ZB 91 59.16 -18.68 -60.54
CA GLY ZB 91 58.77 -19.83 -61.32
C GLY ZB 91 59.21 -21.16 -60.75
N GLU ZB 92 59.49 -21.20 -59.44
CA GLU ZB 92 60.04 -22.39 -58.82
C GLU ZB 92 59.10 -23.02 -57.80
N PHE ZB 93 58.67 -22.28 -56.78
CA PHE ZB 93 57.76 -22.82 -55.78
C PHE ZB 93 57.08 -21.67 -55.05
N SER ZB 94 56.01 -22.00 -54.33
CA SER ZB 94 55.28 -21.03 -53.52
C SER ZB 94 54.89 -21.68 -52.21
N GLN ZB 95 54.68 -20.85 -51.19
CA GLN ZB 95 54.38 -21.37 -49.86
C GLN ZB 95 53.57 -20.31 -49.11
N THR ZB 96 52.44 -20.75 -48.54
CA THR ZB 96 51.55 -19.89 -47.78
C THR ZB 96 51.49 -20.36 -46.34
N PHE ZB 97 51.60 -19.42 -45.41
CA PHE ZB 97 51.63 -19.71 -43.99
C PHE ZB 97 50.29 -19.35 -43.36
N GLY ZB 98 50.20 -19.53 -42.05
CA GLY ZB 98 48.97 -19.23 -41.35
C GLY ZB 98 49.12 -19.52 -39.86
N GLU ZB 99 48.29 -18.83 -39.09
CA GLU ZB 99 48.27 -19.00 -37.65
C GLU ZB 99 47.71 -20.37 -37.29
N VAL ZB 100 48.25 -20.95 -36.23
CA VAL ZB 100 47.86 -22.30 -35.84
C VAL ZB 100 46.53 -22.34 -35.12
N THR ZB 101 46.29 -21.45 -34.15
CA THR ZB 101 45.08 -21.45 -33.36
C THR ZB 101 44.58 -20.04 -33.13
N LYS ZB 102 43.27 -19.89 -32.95
CA LYS ZB 102 42.64 -18.62 -32.61
C LYS ZB 102 42.36 -18.58 -31.11
N ASN ZB 103 42.51 -17.39 -30.53
CA ASN ZB 103 42.43 -17.21 -29.08
C ASN ZB 103 41.54 -16.01 -28.76
N GLN ZB 104 40.33 -16.00 -29.32
CA GLN ZB 104 39.41 -14.89 -29.11
C GLN ZB 104 39.07 -14.69 -27.63
N SER ZB 105 39.24 -15.72 -26.80
CA SER ZB 105 38.92 -15.59 -25.38
C SER ZB 105 39.78 -14.54 -24.70
N GLY ZB 106 41.09 -14.57 -24.97
CA GLY ZB 106 41.98 -13.59 -24.39
C GLY ZB 106 42.56 -13.95 -23.04
N ASN ZB 107 42.48 -15.23 -22.64
CA ASN ZB 107 43.02 -15.64 -21.34
C ASN ZB 107 44.55 -15.65 -21.36
N MET ZB 108 45.14 -15.82 -22.54
CA MET ZB 108 46.59 -15.88 -22.76
C MET ZB 108 47.14 -17.22 -22.26
N MET ZB 109 46.33 -17.99 -21.55
CA MET ZB 109 46.69 -19.34 -21.18
C MET ZB 109 46.11 -20.37 -22.15
N LEU ZB 110 45.07 -20.00 -22.88
CA LEU ZB 110 44.51 -20.84 -23.93
C LEU ZB 110 45.11 -20.50 -25.28
N SER ZB 111 46.45 -20.45 -25.33
CA SER ZB 111 47.17 -20.04 -26.53
C SER ZB 111 47.96 -21.16 -27.17
N THR ZB 112 48.54 -22.06 -26.39
CA THR ZB 112 49.30 -23.20 -26.89
C THR ZB 112 48.78 -24.46 -26.24
N PRO ZB 113 48.90 -25.61 -26.92
CA PRO ZB 113 48.42 -26.86 -26.32
C PRO ZB 113 49.06 -27.18 -24.98
N TRP ZB 114 50.33 -26.80 -24.81
CA TRP ZB 114 50.99 -27.05 -23.54
C TRP ZB 114 50.46 -26.15 -22.45
N GLY ZB 115 50.04 -24.93 -22.80
CA GLY ZB 115 49.37 -24.09 -21.83
C GLY ZB 115 48.06 -24.68 -21.35
N LYS ZB 116 47.26 -25.20 -22.30
CA LYS ZB 116 46.02 -25.85 -21.92
C LYS ZB 116 46.27 -27.09 -21.07
N MET ZB 117 47.29 -27.89 -21.42
CA MET ZB 117 47.61 -29.05 -20.61
C MET ZB 117 48.04 -28.64 -19.20
N PHE ZB 118 48.86 -27.59 -19.09
CA PHE ZB 118 49.26 -27.12 -17.77
C PHE ZB 118 48.07 -26.67 -16.95
N GLU ZB 119 47.15 -25.92 -17.56
CA GLU ZB 119 45.98 -25.47 -16.82
C GLU ZB 119 45.10 -26.63 -16.39
N GLN ZB 120 44.91 -27.61 -17.29
CA GLN ZB 120 44.09 -28.77 -16.93
C GLN ZB 120 44.71 -29.56 -15.79
N LEU ZB 121 46.02 -29.78 -15.85
CA LEU ZB 121 46.68 -30.52 -14.78
C LEU ZB 121 46.67 -29.72 -13.48
N LYS ZB 122 46.81 -28.40 -13.57
CA LYS ZB 122 46.71 -27.56 -12.39
C LYS ZB 122 45.34 -27.68 -11.75
N ALA ZB 123 44.28 -27.60 -12.55
CA ALA ZB 123 42.93 -27.72 -12.00
C ALA ZB 123 42.71 -29.10 -11.41
N ARG ZB 124 43.26 -30.13 -12.02
CA ARG ZB 124 43.15 -31.48 -11.45
C ARG ZB 124 43.84 -31.58 -10.10
N ARG ZB 125 45.03 -30.98 -9.98
CA ARG ZB 125 45.79 -31.11 -8.74
C ARG ZB 125 45.21 -30.23 -7.63
N ARG ZB 126 44.76 -29.04 -7.98
CA ARG ZB 126 44.13 -28.12 -7.03
C ARG ZB 126 43.35 -27.11 -7.85
N GLY ZB 127 42.10 -26.86 -7.48
CA GLY ZB 127 41.20 -26.06 -8.28
C GLY ZB 127 41.75 -24.73 -8.78
N ARG ZB 128 41.21 -24.25 -9.90
CA ARG ZB 128 41.60 -22.98 -10.49
C ARG ZB 128 41.15 -21.78 -9.68
N PHE ZB 129 40.36 -22.00 -8.63
CA PHE ZB 129 39.78 -20.92 -7.87
C PHE ZB 129 40.84 -20.16 -7.07
N ALA ZB 130 40.50 -18.93 -6.70
CA ALA ZB 130 41.26 -18.18 -5.71
C ALA ZB 130 40.27 -17.28 -4.98
N LEU ZB 131 39.76 -17.76 -3.86
CA LEU ZB 131 38.78 -17.06 -3.05
C LEU ZB 131 39.35 -16.85 -1.66
N MET ZB 132 39.39 -15.60 -1.21
CA MET ZB 132 40.04 -15.26 0.04
C MET ZB 132 39.16 -14.29 0.83
N THR ZB 133 39.43 -14.22 2.12
CA THR ZB 133 38.76 -13.29 3.01
C THR ZB 133 39.79 -12.47 3.76
N GLY ZB 134 39.41 -11.25 4.14
CA GLY ZB 134 40.31 -10.39 4.88
C GLY ZB 134 40.57 -10.95 6.27
N LEU ZB 135 41.77 -10.67 6.80
CA LEU ZB 135 42.14 -11.16 8.11
C LEU ZB 135 41.53 -10.29 9.20
N ARG ZB 136 41.36 -10.91 10.38
CA ARG ZB 136 40.69 -10.32 11.54
C ARG ZB 136 39.50 -9.42 11.18
N ILE AC 4 71.04 6.53 -11.43
CA ILE AC 4 71.70 5.34 -11.95
C ILE AC 4 71.44 4.11 -11.09
N MET AC 5 71.03 3.02 -11.73
CA MET AC 5 71.07 1.74 -11.05
C MET AC 5 72.52 1.27 -10.92
N ASN AC 6 72.72 0.29 -10.05
CA ASN AC 6 74.05 -0.25 -9.88
C ASN AC 6 74.57 -0.81 -11.20
N GLN AC 7 75.86 -0.60 -11.44
CA GLN AC 7 76.45 -0.96 -12.74
C GLN AC 7 76.37 -2.45 -12.98
N GLU AC 8 76.61 -3.26 -11.95
CA GLU AC 8 76.48 -4.70 -12.14
C GLU AC 8 75.04 -5.09 -12.39
N THR AC 9 74.07 -4.38 -11.81
CA THR AC 9 72.68 -4.64 -12.12
C THR AC 9 72.37 -4.35 -13.58
N LEU AC 10 72.84 -3.21 -14.09
CA LEU AC 10 72.61 -2.89 -15.49
C LEU AC 10 73.28 -3.90 -16.41
N ILE AC 11 74.51 -4.29 -16.09
CA ILE AC 11 75.22 -5.27 -16.90
C ILE AC 11 74.49 -6.61 -16.90
N ALA AC 12 74.02 -7.04 -15.73
CA ALA AC 12 73.26 -8.28 -15.65
C ALA AC 12 71.99 -8.18 -16.48
N ALA AC 13 71.29 -7.05 -16.39
CA ALA AC 13 70.05 -6.87 -17.15
C ALA AC 13 70.33 -6.99 -18.65
N VAL AC 14 71.31 -6.25 -19.15
CA VAL AC 14 71.56 -6.24 -20.59
C VAL AC 14 72.07 -7.60 -21.06
N GLU AC 15 72.91 -8.26 -20.26
CA GLU AC 15 73.47 -9.54 -20.68
C GLU AC 15 72.41 -10.62 -20.67
N GLN AC 16 71.53 -10.62 -19.66
CA GLN AC 16 70.46 -11.60 -19.64
C GLN AC 16 69.44 -11.33 -20.73
N MET AC 17 69.21 -10.06 -21.06
CA MET AC 17 68.38 -9.74 -22.21
C MET AC 17 68.98 -10.30 -23.49
N ARG AC 18 70.30 -10.16 -23.64
CA ARG AC 18 70.96 -10.67 -24.84
C ARG AC 18 70.90 -12.18 -24.91
N LYS AC 19 71.02 -12.86 -23.76
CA LYS AC 19 70.92 -14.32 -23.81
C LYS AC 19 69.48 -14.78 -24.03
N LEU AC 20 68.49 -14.00 -23.59
CA LEU AC 20 67.11 -14.32 -23.92
C LEU AC 20 66.86 -14.21 -25.42
N VAL AC 21 67.32 -13.13 -26.03
CA VAL AC 21 67.18 -12.93 -27.47
C VAL AC 21 68.57 -12.84 -28.10
N PRO AC 22 69.10 -13.94 -28.61
CA PRO AC 22 70.47 -13.92 -29.14
C PRO AC 22 70.64 -13.07 -30.38
N ALA AC 23 69.58 -12.85 -31.15
CA ALA AC 23 69.69 -12.02 -32.35
C ALA AC 23 69.98 -10.57 -32.02
N LEU AC 24 69.85 -10.18 -30.75
CA LEU AC 24 70.15 -8.82 -30.30
C LEU AC 24 71.64 -8.63 -30.03
N ARG AC 25 72.45 -9.68 -30.23
CA ARG AC 25 73.89 -9.57 -29.99
C ARG AC 25 74.54 -8.55 -30.92
N LYS AC 26 74.07 -8.45 -32.16
CA LYS AC 26 74.76 -7.65 -33.17
C LYS AC 26 74.58 -6.15 -33.00
N VAL AC 27 73.56 -5.71 -32.26
CA VAL AC 27 73.34 -4.27 -32.10
C VAL AC 27 74.45 -3.69 -31.21
N PRO AC 28 74.88 -2.45 -31.43
CA PRO AC 28 75.86 -1.84 -30.51
C PRO AC 28 75.34 -1.79 -29.08
N ASP AC 29 76.27 -1.68 -28.13
CA ASP AC 29 75.93 -1.83 -26.72
C ASP AC 29 75.51 -0.52 -26.07
N GLU AC 30 75.42 0.57 -26.82
CA GLU AC 30 75.02 1.84 -26.22
C GLU AC 30 73.53 2.09 -26.37
N THR AC 31 72.94 1.67 -27.49
CA THR AC 31 71.51 1.80 -27.67
C THR AC 31 70.75 1.01 -26.61
N LEU AC 32 71.24 -0.19 -26.27
CA LEU AC 32 70.62 -0.96 -25.21
C LEU AC 32 70.72 -0.25 -23.87
N TYR AC 33 71.86 0.38 -23.58
CA TYR AC 33 71.98 1.15 -22.35
C TYR AC 33 70.94 2.25 -22.29
N ALA AC 34 70.78 2.97 -23.41
CA ALA AC 34 69.78 4.04 -23.45
C ALA AC 34 68.37 3.50 -23.24
N TRP AC 35 68.03 2.39 -23.93
CA TRP AC 35 66.70 1.82 -23.80
C TRP AC 35 66.42 1.35 -22.39
N VAL AC 36 67.40 0.71 -21.75
CA VAL AC 36 67.21 0.23 -20.39
C VAL AC 36 67.10 1.40 -19.42
N GLU AC 37 67.90 2.45 -19.61
CA GLU AC 37 67.80 3.60 -18.73
C GLU AC 37 66.47 4.33 -18.90
N MET AC 38 65.86 4.25 -20.08
CA MET AC 38 64.51 4.81 -20.21
C MET AC 38 63.48 3.89 -19.57
N ALA AC 39 63.63 2.58 -19.73
CA ALA AC 39 62.66 1.63 -19.22
C ALA AC 39 62.68 1.50 -17.71
N GLU AC 40 63.80 1.85 -17.05
CA GLU AC 40 63.85 1.74 -15.59
C GLU AC 40 62.89 2.70 -14.92
N LEU AC 41 62.39 3.70 -15.65
CA LEU AC 41 61.43 4.63 -15.09
C LEU AC 41 60.04 4.03 -14.92
N PHE AC 42 59.84 2.75 -15.22
CA PHE AC 42 58.54 2.12 -15.10
C PHE AC 42 58.51 1.04 -14.02
N VAL AC 43 59.49 0.13 -14.03
CA VAL AC 43 59.50 -0.94 -13.04
C VAL AC 43 59.77 -0.37 -11.66
N CYS AC 44 59.18 -0.99 -10.65
CA CYS AC 44 59.25 -0.48 -9.30
C CYS AC 44 60.20 -1.40 -8.51
N GLN AC 45 60.35 -1.18 -7.20
CA GLN AC 45 61.35 -1.93 -6.45
C GLN AC 45 60.76 -2.94 -5.47
N LYS AC 46 59.96 -2.48 -4.51
CA LYS AC 46 59.45 -3.36 -3.48
C LYS AC 46 58.50 -4.42 -4.01
N THR AC 47 57.96 -4.23 -5.22
CA THR AC 47 57.12 -5.24 -5.83
C THR AC 47 57.89 -6.55 -6.01
N PHE AC 48 59.07 -6.47 -6.62
CA PHE AC 48 59.84 -7.68 -6.85
C PHE AC 48 60.91 -7.90 -5.79
N LYS AC 49 61.86 -6.98 -5.69
CA LYS AC 49 63.00 -6.97 -4.76
C LYS AC 49 63.86 -8.22 -4.88
N ASP AC 50 63.48 -9.15 -5.76
CA ASP AC 50 64.25 -10.37 -5.98
C ASP AC 50 64.64 -10.55 -7.43
N ALA AC 51 63.69 -10.41 -8.35
CA ALA AC 51 63.92 -10.61 -9.78
C ALA AC 51 63.86 -9.29 -10.52
N TYR AC 52 64.44 -8.24 -9.92
CA TYR AC 52 64.41 -6.92 -10.52
C TYR AC 52 65.07 -6.91 -11.90
N VAL AC 53 66.19 -7.63 -12.05
CA VAL AC 53 66.86 -7.69 -13.34
C VAL AC 53 65.96 -8.33 -14.38
N LYS AC 54 65.28 -9.42 -14.00
CA LYS AC 54 64.38 -10.08 -14.92
C LYS AC 54 63.26 -9.14 -15.35
N ALA AC 55 62.65 -8.45 -14.38
CA ALA AC 55 61.53 -7.57 -14.68
C ALA AC 55 61.96 -6.41 -15.57
N ILE AC 56 63.10 -5.79 -15.27
CA ILE AC 56 63.52 -4.64 -16.06
C ILE AC 56 63.90 -5.08 -17.47
N ALA AC 57 64.54 -6.24 -17.61
CA ALA AC 57 64.85 -6.75 -18.94
C ALA AC 57 63.58 -7.01 -19.74
N LEU AC 58 62.59 -7.63 -19.11
CA LEU AC 58 61.34 -7.91 -19.80
C LEU AC 58 60.65 -6.62 -20.24
N TYR AC 59 60.59 -5.63 -19.35
CA TYR AC 59 59.91 -4.38 -19.68
C TYR AC 59 60.64 -3.65 -20.79
N ALA AC 60 61.97 -3.62 -20.74
CA ALA AC 60 62.73 -2.95 -21.79
C ALA AC 60 62.55 -3.65 -23.13
N LEU AC 61 62.52 -4.98 -23.13
CA LEU AC 61 62.27 -5.72 -24.37
C LEU AC 61 60.89 -5.38 -24.92
N HIS AC 62 59.87 -5.32 -24.06
CA HIS AC 62 58.53 -5.00 -24.52
C HIS AC 62 58.48 -3.58 -25.11
N LEU AC 63 59.13 -2.64 -24.43
CA LEU AC 63 59.18 -1.27 -24.95
C LEU AC 63 59.87 -1.21 -26.30
N ALA AC 64 60.98 -1.93 -26.46
CA ALA AC 64 61.70 -1.91 -27.73
C ALA AC 64 60.89 -2.54 -28.85
N PHE AC 65 60.17 -3.62 -28.57
CA PHE AC 65 59.47 -4.37 -29.59
C PHE AC 65 57.98 -4.09 -29.61
N LEU AC 66 57.55 -2.96 -29.03
CA LEU AC 66 56.14 -2.60 -28.99
C LEU AC 66 55.52 -2.57 -30.38
N ASP AC 67 55.95 -1.63 -31.22
CA ASP AC 67 55.47 -1.49 -32.59
C ASP AC 67 56.62 -1.27 -33.53
N GLY AC 68 57.71 -2.01 -33.33
CA GLY AC 68 58.92 -1.74 -34.08
C GLY AC 68 59.53 -0.40 -33.73
N ALA AC 69 59.44 0.00 -32.45
CA ALA AC 69 60.03 1.26 -32.03
C ALA AC 69 61.53 1.27 -32.24
N LEU AC 70 62.20 0.17 -31.90
CA LEU AC 70 63.63 0.03 -32.16
C LEU AC 70 63.83 -0.36 -33.61
N LYS AC 71 64.35 0.56 -34.41
CA LYS AC 71 64.61 0.34 -35.83
C LYS AC 71 66.10 0.09 -36.05
N GLY AC 72 66.48 -0.01 -37.31
CA GLY AC 72 67.88 -0.19 -37.66
C GLY AC 72 68.70 1.06 -37.40
N GLU AC 73 69.99 1.01 -37.72
CA GLU AC 73 70.86 2.15 -37.43
C GLU AC 73 70.77 3.19 -38.53
N ASP AC 74 70.94 2.79 -39.79
CA ASP AC 74 70.77 3.70 -40.91
C ASP AC 74 69.91 3.07 -41.99
N GLU AC 75 69.89 1.73 -42.04
CA GLU AC 75 69.13 1.03 -43.07
C GLU AC 75 67.65 1.37 -43.02
N ASP AC 76 67.17 1.78 -41.85
CA ASP AC 76 65.79 2.23 -41.73
C ASP AC 76 65.57 3.54 -42.49
N LEU AC 77 64.43 3.62 -43.18
CA LEU AC 77 64.06 4.86 -43.84
C LEU AC 77 63.15 5.67 -42.92
N GLU AC 78 63.13 6.98 -43.12
CA GLU AC 78 62.34 7.87 -42.28
C GLU AC 78 60.86 7.73 -42.67
N SER AC 79 60.31 6.56 -42.33
CA SER AC 79 58.89 6.29 -42.47
C SER AC 79 58.48 5.35 -41.34
N TYR AC 80 58.05 5.93 -40.22
CA TYR AC 80 57.55 5.15 -39.09
C TYR AC 80 56.04 5.00 -39.10
N SER AC 81 55.35 5.72 -39.99
CA SER AC 81 53.90 5.68 -40.06
C SER AC 81 53.38 4.84 -41.22
N ARG AC 82 54.24 4.06 -41.86
CA ARG AC 82 53.86 3.28 -43.03
C ARG AC 82 54.54 1.92 -42.98
N ARG AC 83 53.78 0.87 -43.28
CA ARG AC 83 54.30 -0.48 -43.33
C ARG AC 83 54.09 -1.05 -44.73
N VAL AC 84 55.07 -1.83 -45.18
CA VAL AC 84 55.00 -2.48 -46.47
C VAL AC 84 54.32 -3.84 -46.28
N THR AC 85 53.16 -4.02 -46.91
CA THR AC 85 52.40 -5.25 -46.74
C THR AC 85 52.91 -6.34 -47.68
N SER AC 86 53.47 -5.96 -48.82
CA SER AC 86 54.05 -6.93 -49.74
C SER AC 86 55.01 -6.21 -50.68
N PHE AC 87 56.02 -6.94 -51.14
CA PHE AC 87 56.86 -6.43 -52.22
C PHE AC 87 57.33 -7.62 -53.05
N SER AC 88 57.61 -7.34 -54.32
CA SER AC 88 57.96 -8.41 -55.25
C SER AC 88 58.77 -7.86 -56.40
N LEU AC 89 59.84 -8.55 -56.76
CA LEU AC 89 60.54 -8.20 -57.98
C LEU AC 89 59.91 -8.97 -59.15
N SER AC 90 60.21 -8.50 -60.36
CA SER AC 90 59.46 -8.93 -61.54
C SER AC 90 59.53 -10.43 -61.75
N GLY AC 91 60.74 -10.98 -61.79
CA GLY AC 91 60.89 -12.38 -62.13
C GLY AC 91 61.84 -13.13 -61.23
N GLU AC 92 62.02 -12.65 -60.00
CA GLU AC 92 62.85 -13.35 -59.03
C GLU AC 92 62.06 -13.86 -57.84
N PHE AC 93 61.37 -12.99 -57.11
CA PHE AC 93 60.70 -13.44 -55.88
C PHE AC 93 59.59 -12.46 -55.50
N SER AC 94 58.79 -12.89 -54.54
CA SER AC 94 57.67 -12.10 -54.03
C SER AC 94 57.51 -12.43 -52.56
N GLN AC 95 56.94 -11.50 -51.80
CA GLN AC 95 56.72 -11.73 -50.38
C GLN AC 95 55.59 -10.83 -49.90
N THR AC 96 54.85 -11.33 -48.91
CA THR AC 96 53.74 -10.64 -48.28
C THR AC 96 54.00 -10.59 -46.77
N PHE AC 97 53.28 -9.69 -46.09
CA PHE AC 97 53.57 -9.37 -44.69
C PHE AC 97 52.29 -9.47 -43.89
N GLY AC 98 52.43 -9.53 -42.57
CA GLY AC 98 51.24 -9.70 -41.75
C GLY AC 98 51.50 -9.45 -40.28
N GLU AC 99 50.42 -9.21 -39.57
CA GLU AC 99 50.47 -8.86 -38.16
C GLU AC 99 50.46 -10.13 -37.30
N VAL AC 100 50.84 -9.99 -36.03
CA VAL AC 100 51.19 -11.12 -35.19
C VAL AC 100 50.18 -11.38 -34.08
N THR AC 101 49.59 -10.34 -33.49
CA THR AC 101 48.76 -10.51 -32.28
C THR AC 101 47.27 -10.39 -32.53
N LYS AC 102 46.82 -9.30 -33.15
CA LYS AC 102 45.41 -8.96 -33.26
C LYS AC 102 44.80 -8.78 -31.86
N ASN AC 103 45.31 -7.76 -31.17
CA ASN AC 103 44.83 -7.42 -29.83
C ASN AC 103 43.36 -7.04 -29.85
N GLN AC 104 42.67 -7.41 -28.78
CA GLN AC 104 41.23 -7.18 -28.65
C GLN AC 104 40.86 -6.43 -27.38
N SER AC 105 41.84 -5.93 -26.62
CA SER AC 105 41.56 -5.32 -25.32
C SER AC 105 41.97 -3.86 -25.22
N GLY AC 106 42.84 -3.35 -26.08
CA GLY AC 106 43.26 -1.96 -25.99
C GLY AC 106 43.98 -1.65 -24.69
N ASN AC 107 44.89 -2.52 -24.26
CA ASN AC 107 45.60 -2.35 -23.00
C ASN AC 107 47.05 -1.94 -23.21
N MET AC 108 47.62 -2.23 -24.37
CA MET AC 108 48.99 -1.87 -24.76
C MET AC 108 49.99 -2.75 -24.01
N MET AC 109 49.51 -3.53 -23.05
CA MET AC 109 50.38 -4.47 -22.35
C MET AC 109 50.12 -5.90 -22.80
N LEU AC 110 48.91 -6.19 -23.27
CA LEU AC 110 48.63 -7.44 -23.97
C LEU AC 110 48.85 -7.27 -25.46
N SER AC 111 50.02 -6.76 -25.82
CA SER AC 111 50.38 -6.51 -27.22
C SER AC 111 51.64 -7.24 -27.66
N THR AC 112 52.53 -7.57 -26.75
CA THR AC 112 53.74 -8.32 -27.04
C THR AC 112 53.88 -9.47 -26.05
N PRO AC 113 54.52 -10.56 -26.45
CA PRO AC 113 54.72 -11.67 -25.49
C PRO AC 113 55.48 -11.24 -24.25
N TRP AC 114 56.45 -10.35 -24.39
CA TRP AC 114 57.19 -9.88 -23.23
C TRP AC 114 56.29 -9.11 -22.28
N GLY AC 115 55.39 -8.28 -22.81
CA GLY AC 115 54.45 -7.60 -21.95
C GLY AC 115 53.53 -8.56 -21.22
N LYS AC 116 53.06 -9.59 -21.91
CA LYS AC 116 52.20 -10.59 -21.27
C LYS AC 116 52.95 -11.30 -20.16
N MET AC 117 54.20 -11.67 -20.40
CA MET AC 117 55.01 -12.30 -19.36
C MET AC 117 55.20 -11.36 -18.17
N PHE AC 118 55.45 -10.08 -18.45
CA PHE AC 118 55.66 -9.13 -17.37
C PHE AC 118 54.41 -8.97 -16.51
N GLU AC 119 53.24 -8.86 -17.15
CA GLU AC 119 52.00 -8.75 -16.38
C GLU AC 119 51.70 -10.02 -15.61
N GLN AC 120 51.97 -11.18 -16.20
CA GLN AC 120 51.77 -12.44 -15.47
C GLN AC 120 52.65 -12.48 -14.23
N LEU AC 121 53.92 -12.09 -14.37
CA LEU AC 121 54.82 -12.06 -13.22
C LEU AC 121 54.35 -11.06 -12.18
N LYS AC 122 53.91 -9.88 -12.61
CA LYS AC 122 53.42 -8.88 -11.67
C LYS AC 122 52.21 -9.38 -10.90
N ALA AC 123 51.26 -10.00 -11.59
CA ALA AC 123 50.08 -10.52 -10.91
C ALA AC 123 50.46 -11.62 -9.93
N ARG AC 124 51.40 -12.49 -10.31
CA ARG AC 124 51.80 -13.56 -9.42
C ARG AC 124 52.54 -13.03 -8.19
N ARG AC 125 53.30 -11.94 -8.35
CA ARG AC 125 54.20 -11.52 -7.29
C ARG AC 125 53.51 -10.52 -6.36
N ARG AC 126 52.90 -9.48 -6.91
CA ARG AC 126 52.19 -8.49 -6.11
C ARG AC 126 50.70 -8.44 -6.42
N GLY AC 127 50.33 -8.27 -7.68
CA GLY AC 127 48.93 -8.19 -8.05
C GLY AC 127 48.65 -7.15 -9.12
N ARG AC 128 47.38 -6.99 -9.49
CA ARG AC 128 46.97 -6.06 -10.53
C ARG AC 128 45.86 -5.15 -10.03
N PHE AC 129 45.85 -4.85 -8.74
CA PHE AC 129 44.74 -4.15 -8.11
C PHE AC 129 45.24 -2.90 -7.41
N ALA AC 130 44.30 -2.04 -7.04
CA ALA AC 130 44.61 -0.85 -6.24
C ALA AC 130 43.35 -0.41 -5.50
N LEU AC 131 43.28 -0.75 -4.21
CA LEU AC 131 42.24 -0.25 -3.32
C LEU AC 131 42.83 0.88 -2.49
N MET AC 132 42.21 2.05 -2.55
CA MET AC 132 42.68 3.20 -1.78
C MET AC 132 41.56 3.76 -0.92
N THR AC 133 41.95 4.31 0.22
CA THR AC 133 41.03 4.99 1.12
C THR AC 133 41.63 6.33 1.51
N GLY AC 134 40.77 7.30 1.77
CA GLY AC 134 41.20 8.63 2.12
C GLY AC 134 42.02 8.71 3.38
N LEU AC 135 43.06 9.54 3.38
CA LEU AC 135 43.87 9.76 4.57
C LEU AC 135 43.41 11.02 5.29
N ARG AC 136 43.22 10.91 6.60
CA ARG AC 136 42.75 12.02 7.41
C ARG AC 136 43.89 12.98 7.73
N ILE BC 4 60.26 25.65 -22.49
CA ILE BC 4 61.70 25.81 -22.54
C ILE BC 4 62.12 27.07 -21.80
N MET BC 5 63.27 27.01 -21.13
CA MET BC 5 63.78 28.13 -20.36
C MET BC 5 65.26 28.38 -20.55
N ASN BC 6 65.98 27.45 -21.17
CA ASN BC 6 67.42 27.56 -21.33
C ASN BC 6 67.82 26.73 -22.56
N GLN BC 7 69.11 26.46 -22.68
CA GLN BC 7 69.63 25.73 -23.84
C GLN BC 7 70.09 24.32 -23.50
N GLU BC 8 70.55 24.05 -22.28
CA GLU BC 8 71.01 22.69 -21.98
C GLU BC 8 69.85 21.70 -22.02
N THR BC 9 68.66 22.10 -21.54
CA THR BC 9 67.52 21.19 -21.61
C THR BC 9 67.12 20.94 -23.07
N LEU BC 10 67.19 21.98 -23.91
CA LEU BC 10 66.86 21.81 -25.32
C LEU BC 10 67.83 20.85 -26.01
N ILE BC 11 69.12 21.04 -25.76
CA ILE BC 11 70.12 20.17 -26.38
C ILE BC 11 69.97 18.76 -25.86
N ALA BC 12 69.65 18.59 -24.57
CA ALA BC 12 69.44 17.26 -24.02
C ALA BC 12 68.23 16.59 -24.67
N ALA BC 13 67.16 17.34 -24.90
CA ALA BC 13 65.99 16.78 -25.57
C ALA BC 13 66.33 16.33 -26.98
N VAL BC 14 67.07 17.16 -27.72
CA VAL BC 14 67.43 16.81 -29.10
C VAL BC 14 68.32 15.57 -29.10
N GLU BC 15 69.29 15.51 -28.19
CA GLU BC 15 70.15 14.34 -28.11
C GLU BC 15 69.36 13.10 -27.75
N GLN BC 16 68.40 13.21 -26.83
CA GLN BC 16 67.58 12.07 -26.46
C GLN BC 16 66.75 11.58 -27.64
N MET BC 17 66.14 12.49 -28.38
CA MET BC 17 65.39 12.07 -29.56
C MET BC 17 66.29 11.35 -30.55
N ARG BC 18 67.49 11.89 -30.79
CA ARG BC 18 68.36 11.29 -31.79
C ARG BC 18 68.91 9.94 -31.34
N LYS BC 19 69.14 9.75 -30.03
CA LYS BC 19 69.67 8.47 -29.59
C LYS BC 19 68.55 7.48 -29.30
N LEU BC 20 67.30 7.93 -29.33
CA LEU BC 20 66.18 6.99 -29.34
C LEU BC 20 65.88 6.51 -30.75
N VAL BC 21 65.77 7.44 -31.69
CA VAL BC 21 65.60 7.12 -33.11
C VAL BC 21 66.78 7.71 -33.87
N PRO BC 22 67.65 6.88 -34.43
CA PRO BC 22 68.87 7.40 -35.05
C PRO BC 22 68.67 7.96 -36.45
N ALA BC 23 67.53 7.67 -37.09
CA ALA BC 23 67.28 8.21 -38.42
C ALA BC 23 67.15 9.72 -38.41
N LEU BC 24 66.94 10.32 -37.24
CA LEU BC 24 66.86 11.78 -37.15
C LEU BC 24 68.22 12.44 -37.12
N ARG BC 25 69.31 11.67 -37.07
CA ARG BC 25 70.64 12.27 -37.15
C ARG BC 25 70.89 12.91 -38.51
N LYS BC 26 70.29 12.39 -39.58
CA LYS BC 26 70.42 12.98 -40.89
C LYS BC 26 69.55 14.21 -41.08
N VAL BC 27 68.45 14.31 -40.35
CA VAL BC 27 67.53 15.45 -40.49
C VAL BC 27 68.21 16.71 -39.95
N PRO BC 28 68.12 17.84 -40.66
CA PRO BC 28 68.73 19.07 -40.14
C PRO BC 28 68.13 19.45 -38.80
N ASP BC 29 68.97 20.01 -37.93
CA ASP BC 29 68.58 20.16 -36.53
C ASP BC 29 67.48 21.17 -36.32
N GLU BC 30 67.45 22.26 -37.10
CA GLU BC 30 66.53 23.36 -36.80
C GLU BC 30 65.08 22.92 -36.88
N THR BC 31 64.76 21.99 -37.78
CA THR BC 31 63.41 21.47 -37.84
C THR BC 31 63.05 20.73 -36.56
N LEU BC 32 63.98 19.92 -36.05
CA LEU BC 32 63.76 19.27 -34.76
C LEU BC 32 63.60 20.28 -33.65
N TYR BC 33 64.37 21.37 -33.71
CA TYR BC 33 64.24 22.42 -32.71
C TYR BC 33 62.83 23.01 -32.72
N ALA BC 34 62.33 23.31 -33.91
CA ALA BC 34 60.98 23.86 -34.03
C ALA BC 34 59.95 22.88 -33.48
N TRP BC 35 60.07 21.61 -33.87
CA TRP BC 35 59.11 20.61 -33.41
C TRP BC 35 59.13 20.46 -31.90
N VAL BC 36 60.33 20.42 -31.30
CA VAL BC 36 60.42 20.20 -29.86
C VAL BC 36 59.96 21.42 -29.08
N GLU BC 37 60.27 22.63 -29.55
CA GLU BC 37 59.81 23.80 -28.81
C GLU BC 37 58.31 24.03 -29.01
N MET BC 38 57.74 23.49 -30.08
CA MET BC 38 56.29 23.49 -30.19
C MET BC 38 55.65 22.42 -29.30
N ALA BC 39 56.28 21.25 -29.19
CA ALA BC 39 55.70 20.17 -28.42
C ALA BC 39 55.84 20.36 -26.92
N GLU BC 40 56.84 21.13 -26.47
CA GLU BC 40 56.98 21.37 -25.04
C GLU BC 40 55.84 22.18 -24.46
N LEU BC 41 54.99 22.75 -25.31
CA LEU BC 41 53.86 23.55 -24.87
C LEU BC 41 52.81 22.74 -24.15
N PHE BC 42 52.87 21.41 -24.20
CA PHE BC 42 51.89 20.54 -23.57
C PHE BC 42 52.36 19.95 -22.26
N VAL BC 43 53.64 19.59 -22.16
CA VAL BC 43 54.14 18.87 -21.00
C VAL BC 43 54.30 19.82 -19.82
N CYS BC 44 53.98 19.32 -18.62
CA CYS BC 44 54.08 20.12 -17.40
C CYS BC 44 55.27 19.67 -16.58
N GLN BC 45 56.12 20.62 -16.20
CA GLN BC 45 57.32 20.29 -15.45
C GLN BC 45 56.99 19.81 -14.03
N LYS BC 46 56.05 20.48 -13.37
CA LYS BC 46 55.78 20.22 -11.96
C LYS BC 46 55.36 18.78 -11.71
N THR BC 47 54.78 18.11 -12.71
CA THR BC 47 54.36 16.72 -12.54
C THR BC 47 55.57 15.78 -12.54
N PHE BC 48 56.52 16.02 -13.43
CA PHE BC 48 57.61 15.07 -13.64
C PHE BC 48 58.83 15.42 -12.82
N LYS BC 49 59.37 16.61 -13.02
CA LYS BC 49 60.42 17.28 -12.23
C LYS BC 49 61.73 16.51 -12.22
N ASP BC 50 61.75 15.31 -12.77
CA ASP BC 50 62.99 14.53 -12.85
C ASP BC 50 63.26 13.99 -14.24
N ALA BC 51 62.22 13.55 -14.95
CA ALA BC 51 62.35 12.99 -16.29
C ALA BC 51 61.67 13.90 -17.30
N TYR BC 52 61.79 15.22 -17.08
CA TYR BC 52 61.15 16.18 -17.95
C TYR BC 52 61.71 16.08 -19.37
N VAL BC 53 63.02 15.90 -19.49
CA VAL BC 53 63.63 15.74 -20.81
C VAL BC 53 63.10 14.50 -21.50
N LYS BC 54 62.98 13.40 -20.76
CA LYS BC 54 62.44 12.17 -21.33
C LYS BC 54 61.02 12.39 -21.83
N ALA BC 55 60.20 13.07 -21.03
CA ALA BC 55 58.81 13.31 -21.42
C ALA BC 55 58.73 14.19 -22.65
N ILE BC 56 59.56 15.23 -22.72
CA ILE BC 56 59.59 16.10 -23.88
C ILE BC 56 59.95 15.30 -25.13
N ALA BC 57 60.97 14.44 -25.02
CA ALA BC 57 61.36 13.64 -26.18
C ALA BC 57 60.23 12.71 -26.62
N LEU BC 58 59.58 12.04 -25.66
CA LEU BC 58 58.49 11.13 -26.01
C LEU BC 58 57.36 11.87 -26.70
N TYR BC 59 56.95 13.01 -26.13
CA TYR BC 59 55.85 13.76 -26.71
C TYR BC 59 56.22 14.29 -28.08
N ALA BC 60 57.44 14.79 -28.26
CA ALA BC 60 57.85 15.29 -29.56
C ALA BC 60 57.81 14.19 -30.61
N LEU BC 61 58.33 13.00 -30.27
CA LEU BC 61 58.32 11.90 -31.22
C LEU BC 61 56.91 11.50 -31.59
N HIS BC 62 56.04 11.32 -30.60
CA HIS BC 62 54.66 10.92 -30.89
C HIS BC 62 53.95 11.98 -31.72
N LEU BC 63 54.13 13.25 -31.36
CA LEU BC 63 53.43 14.33 -32.04
C LEU BC 63 53.89 14.46 -33.47
N ALA BC 64 55.18 14.26 -33.73
CA ALA BC 64 55.70 14.33 -35.08
C ALA BC 64 55.40 13.07 -35.90
N PHE BC 65 55.10 11.94 -35.26
CA PHE BC 65 54.80 10.71 -35.97
C PHE BC 65 53.31 10.36 -35.94
N LEU BC 66 52.47 11.28 -35.46
CA LEU BC 66 51.05 11.03 -35.30
C LEU BC 66 50.42 10.40 -36.53
N ASP BC 67 50.42 11.12 -37.65
CA ASP BC 67 49.92 10.58 -38.90
C ASP BC 67 50.84 10.91 -40.06
N GLY BC 68 52.00 11.50 -39.79
CA GLY BC 68 52.91 11.93 -40.82
C GLY BC 68 52.80 13.44 -41.02
N ALA BC 69 53.66 14.19 -40.34
CA ALA BC 69 53.74 15.63 -40.54
C ALA BC 69 55.20 15.99 -40.77
N LEU BC 70 56.10 15.22 -40.16
CA LEU BC 70 57.52 15.34 -40.46
C LEU BC 70 57.88 14.62 -41.75
N LYS BC 71 56.92 13.92 -42.36
CA LYS BC 71 57.15 13.32 -43.66
C LYS BC 71 57.61 14.35 -44.68
N GLY BC 72 57.04 15.55 -44.64
CA GLY BC 72 57.43 16.58 -45.56
C GLY BC 72 58.83 17.09 -45.28
N GLU BC 73 59.76 16.73 -46.14
CA GLU BC 73 61.09 17.31 -46.12
C GLU BC 73 61.14 18.42 -47.16
N ASP BC 74 62.34 18.90 -47.50
CA ASP BC 74 62.46 20.13 -48.29
C ASP BC 74 61.68 20.08 -49.60
N GLU BC 75 61.50 18.89 -50.18
CA GLU BC 75 60.66 18.77 -51.39
C GLU BC 75 59.63 17.67 -51.16
N ASP BC 76 58.36 18.06 -51.18
CA ASP BC 76 57.22 17.16 -51.18
C ASP BC 76 56.03 17.94 -51.70
N LEU BC 77 55.03 17.21 -52.20
CA LEU BC 77 53.86 17.83 -52.78
C LEU BC 77 52.66 17.68 -51.84
N GLU BC 78 51.53 18.22 -52.26
CA GLU BC 78 50.31 18.22 -51.45
C GLU BC 78 49.69 16.83 -51.46
N SER BC 79 50.35 15.93 -50.75
CA SER BC 79 49.90 14.55 -50.57
C SER BC 79 49.41 14.29 -49.15
N TYR BC 80 49.18 15.34 -48.36
CA TYR BC 80 48.74 15.17 -46.98
C TYR BC 80 47.30 14.73 -46.86
N SER BC 81 46.49 14.92 -47.91
CA SER BC 81 45.08 14.54 -47.85
C SER BC 81 44.81 13.16 -48.42
N ARG BC 82 45.82 12.51 -49.01
CA ARG BC 82 45.64 11.23 -49.66
C ARG BC 82 46.82 10.32 -49.32
N ARG BC 83 46.54 9.03 -49.21
CA ARG BC 83 47.55 8.03 -48.91
C ARG BC 83 47.72 7.10 -50.10
N VAL BC 84 48.96 6.90 -50.53
CA VAL BC 84 49.24 5.96 -51.60
C VAL BC 84 49.27 4.55 -51.03
N THR BC 85 48.55 3.63 -51.67
CA THR BC 85 48.46 2.26 -51.20
C THR BC 85 49.30 1.29 -51.99
N SER BC 86 49.51 1.54 -53.28
CA SER BC 86 50.31 0.65 -54.10
C SER BC 86 51.03 1.45 -55.17
N PHE BC 87 52.17 0.94 -55.59
CA PHE BC 87 52.92 1.53 -56.69
C PHE BC 87 53.72 0.43 -57.37
N SER BC 88 53.69 0.42 -58.70
CA SER BC 88 54.32 -0.67 -59.42
C SER BC 88 54.69 -0.21 -60.82
N LEU BC 89 55.88 -0.58 -61.25
CA LEU BC 89 56.18 -0.46 -62.67
C LEU BC 89 55.60 -1.65 -63.42
N SER BC 90 55.33 -1.45 -64.71
CA SER BC 90 54.50 -2.38 -65.44
C SER BC 90 55.10 -3.79 -65.46
N GLY BC 91 56.42 -3.89 -65.56
CA GLY BC 91 57.03 -5.20 -65.60
C GLY BC 91 58.35 -5.29 -64.85
N GLU BC 92 58.56 -4.44 -63.86
CA GLU BC 92 59.85 -4.39 -63.16
C GLU BC 92 59.74 -4.72 -61.68
N PHE BC 93 58.86 -4.04 -60.94
CA PHE BC 93 58.66 -4.36 -59.54
C PHE BC 93 57.35 -3.74 -59.07
N SER BC 94 56.95 -4.11 -57.85
CA SER BC 94 55.69 -3.64 -57.27
C SER BC 94 55.89 -3.50 -55.77
N GLN BC 95 54.98 -2.75 -55.15
CA GLN BC 95 55.10 -2.48 -53.73
C GLN BC 95 53.75 -2.02 -53.20
N THR BC 96 53.27 -2.67 -52.15
CA THR BC 96 51.98 -2.37 -51.56
C THR BC 96 52.16 -1.98 -50.11
N PHE BC 97 51.47 -0.92 -49.69
CA PHE BC 97 51.63 -0.32 -48.37
C PHE BC 97 50.37 -0.55 -47.54
N GLY BC 98 50.42 -0.09 -46.29
CA GLY BC 98 49.29 -0.26 -45.41
C GLY BC 98 49.46 0.53 -44.13
N GLU BC 99 48.36 0.67 -43.40
CA GLU BC 99 48.35 1.39 -42.14
C GLU BC 99 49.13 0.63 -41.07
N VAL BC 100 49.71 1.39 -40.14
CA VAL BC 100 50.54 0.79 -39.10
C VAL BC 100 49.72 0.35 -37.90
N THR BC 101 48.69 1.09 -37.52
CA THR BC 101 47.96 0.82 -36.29
C THR BC 101 46.48 1.16 -36.47
N LYS BC 102 45.62 0.37 -35.84
CA LYS BC 102 44.19 0.61 -35.80
C LYS BC 102 43.79 1.19 -34.46
N ASN BC 103 42.88 2.18 -34.49
CA ASN BC 103 42.64 3.07 -33.36
C ASN BC 103 41.14 3.29 -33.13
N GLN BC 104 40.38 2.19 -33.00
CA GLN BC 104 38.95 2.34 -32.77
C GLN BC 104 38.63 3.08 -31.47
N SER BC 105 39.59 3.15 -30.53
CA SER BC 105 39.34 3.84 -29.28
C SER BC 105 39.09 5.33 -29.50
N GLY BC 106 39.88 5.97 -30.35
CA GLY BC 106 39.68 7.37 -30.67
C GLY BC 106 40.24 8.36 -29.68
N ASN BC 107 40.96 7.90 -28.65
CA ASN BC 107 41.55 8.82 -27.69
C ASN BC 107 42.67 9.63 -28.33
N MET BC 108 43.30 9.08 -29.37
CA MET BC 108 44.32 9.70 -30.22
C MET BC 108 45.67 9.77 -29.52
N MET BC 109 45.70 9.49 -28.21
CA MET BC 109 46.99 9.22 -27.59
C MET BC 109 47.46 7.81 -27.88
N LEU BC 110 46.53 6.91 -28.19
CA LEU BC 110 46.85 5.53 -28.56
C LEU BC 110 46.95 5.39 -30.07
N SER BC 111 47.76 6.26 -30.70
CA SER BC 111 47.95 6.23 -32.14
C SER BC 111 49.36 5.85 -32.56
N THR BC 112 50.36 6.16 -31.74
CA THR BC 112 51.74 5.79 -31.99
C THR BC 112 52.33 5.18 -30.73
N PRO BC 113 53.33 4.32 -30.86
CA PRO BC 113 53.94 3.73 -29.65
C PRO BC 113 54.49 4.76 -28.70
N TRP BC 114 55.05 5.85 -29.22
CA TRP BC 114 55.57 6.91 -28.36
C TRP BC 114 54.44 7.53 -27.54
N GLY BC 115 53.27 7.72 -28.15
CA GLY BC 115 52.15 8.26 -27.39
C GLY BC 115 51.75 7.36 -26.24
N LYS BC 116 51.69 6.04 -26.48
CA LYS BC 116 51.34 5.12 -25.42
C LYS BC 116 52.40 5.11 -24.32
N MET BC 117 53.68 5.16 -24.71
CA MET BC 117 54.74 5.21 -23.71
C MET BC 117 54.63 6.46 -22.85
N PHE BC 118 54.37 7.61 -23.49
CA PHE BC 118 54.18 8.85 -22.74
C PHE BC 118 52.98 8.77 -21.82
N GLU BC 119 51.89 8.17 -22.29
CA GLU BC 119 50.69 8.08 -21.46
C GLU BC 119 50.94 7.19 -20.25
N GLN BC 120 51.66 6.09 -20.45
CA GLN BC 120 51.99 5.23 -19.32
C GLN BC 120 52.92 5.93 -18.33
N LEU BC 121 53.90 6.69 -18.85
CA LEU BC 121 54.75 7.47 -17.97
C LEU BC 121 53.95 8.46 -17.15
N LYS BC 122 53.00 9.14 -17.78
CA LYS BC 122 52.12 10.05 -17.06
C LYS BC 122 51.34 9.30 -16.00
N ALA BC 123 50.81 8.13 -16.34
CA ALA BC 123 50.03 7.36 -15.38
C ALA BC 123 50.86 7.00 -14.16
N ARG BC 124 52.11 6.60 -14.38
CA ARG BC 124 52.95 6.22 -13.24
C ARG BC 124 53.34 7.44 -12.41
N ARG BC 125 53.70 8.54 -13.05
CA ARG BC 125 54.22 9.68 -12.29
C ARG BC 125 53.10 10.40 -11.56
N ARG BC 126 51.95 10.58 -12.21
CA ARG BC 126 50.78 11.19 -11.57
C ARG BC 126 49.56 10.79 -12.39
N GLY BC 127 48.67 10.01 -11.77
CA GLY BC 127 47.59 9.34 -12.45
C GLY BC 127 46.79 10.13 -13.47
N ARG BC 128 46.21 9.44 -14.44
CA ARG BC 128 45.42 10.03 -15.51
C ARG BC 128 44.18 10.75 -15.00
N PHE BC 129 43.91 10.72 -13.70
CA PHE BC 129 42.67 11.25 -13.17
C PHE BC 129 42.68 12.78 -13.18
N ALA BC 130 41.48 13.35 -13.08
CA ALA BC 130 41.31 14.79 -12.84
C ALA BC 130 40.05 14.95 -12.01
N LEU BC 131 40.22 15.00 -10.69
CA LEU BC 131 39.12 15.13 -9.75
C LEU BC 131 39.19 16.49 -9.08
N MET BC 132 38.12 17.26 -9.19
CA MET BC 132 38.08 18.61 -8.66
C MET BC 132 36.71 18.88 -8.05
N THR BC 133 36.64 19.90 -7.20
CA THR BC 133 35.40 20.36 -6.62
C THR BC 133 35.33 21.87 -6.70
N GLY BC 134 34.11 22.40 -6.75
CA GLY BC 134 33.93 23.85 -6.73
C GLY BC 134 34.48 24.44 -5.45
N LEU BC 135 35.34 25.44 -5.58
CA LEU BC 135 35.96 26.04 -4.41
C LEU BC 135 35.01 27.06 -3.77
N ARG BC 136 35.37 27.47 -2.56
CA ARG BC 136 34.40 27.90 -1.54
C ARG BC 136 33.21 26.95 -1.50
N ILE CC 4 27.93 -56.88 -25.60
CA ILE CC 4 28.07 -58.22 -26.15
C ILE CC 4 27.95 -59.27 -25.06
N MET CC 5 27.25 -60.36 -25.38
CA MET CC 5 27.15 -61.51 -24.49
C MET CC 5 27.31 -62.84 -25.21
N ASN CC 6 27.32 -62.85 -26.54
CA ASN CC 6 27.44 -64.09 -27.31
C ASN CC 6 27.98 -63.74 -28.68
N GLN CC 7 27.91 -64.69 -29.61
CA GLN CC 7 28.48 -64.51 -30.95
C GLN CC 7 27.43 -64.36 -32.03
N GLU CC 8 26.26 -64.98 -31.89
CA GLU CC 8 25.26 -64.90 -32.96
C GLU CC 8 24.67 -63.49 -33.08
N THR CC 9 24.53 -62.78 -31.96
CA THR CC 9 24.08 -61.39 -32.07
C THR CC 9 25.14 -60.55 -32.75
N LEU CC 10 26.41 -60.85 -32.52
CA LEU CC 10 27.49 -60.14 -33.21
C LEU CC 10 27.41 -60.40 -34.71
N ILE CC 11 27.18 -61.65 -35.09
CA ILE CC 11 27.07 -61.98 -36.50
C ILE CC 11 25.88 -61.27 -37.13
N ALA CC 12 24.74 -61.24 -36.42
CA ALA CC 12 23.56 -60.56 -36.94
C ALA CC 12 23.83 -59.08 -37.12
N ALA CC 13 24.51 -58.45 -36.15
CA ALA CC 13 24.82 -57.03 -36.27
C ALA CC 13 25.72 -56.76 -37.46
N VAL CC 14 26.76 -57.59 -37.65
CA VAL CC 14 27.67 -57.38 -38.76
C VAL CC 14 26.96 -57.56 -40.09
N GLU CC 15 26.13 -58.58 -40.22
CA GLU CC 15 25.45 -58.80 -41.49
C GLU CC 15 24.43 -57.69 -41.76
N GLN CC 16 23.76 -57.18 -40.73
CA GLN CC 16 22.86 -56.05 -40.92
C GLN CC 16 23.62 -54.82 -41.40
N MET CC 17 24.78 -54.55 -40.79
CA MET CC 17 25.61 -53.44 -41.25
C MET CC 17 25.99 -53.61 -42.71
N ARG CC 18 26.42 -54.81 -43.10
CA ARG CC 18 26.84 -55.05 -44.48
C ARG CC 18 25.66 -54.93 -45.44
N LYS CC 19 24.47 -55.37 -45.03
CA LYS CC 19 23.30 -55.24 -45.88
C LYS CC 19 22.93 -53.78 -46.09
N LEU CC 20 23.00 -52.97 -45.02
CA LEU CC 20 22.66 -51.56 -45.17
C LEU CC 20 23.69 -50.81 -45.99
N VAL CC 21 24.97 -51.08 -45.78
CA VAL CC 21 26.06 -50.44 -46.50
C VAL CC 21 26.81 -51.51 -47.28
N PRO CC 22 26.54 -51.63 -48.58
CA PRO CC 22 27.17 -52.71 -49.35
C PRO CC 22 28.68 -52.64 -49.39
N ALA CC 23 29.27 -51.45 -49.35
CA ALA CC 23 30.72 -51.33 -49.46
C ALA CC 23 31.46 -51.97 -48.30
N LEU CC 24 30.79 -52.23 -47.18
CA LEU CC 24 31.45 -52.85 -46.04
C LEU CC 24 31.78 -54.31 -46.28
N ARG CC 25 31.32 -54.90 -47.38
CA ARG CC 25 31.62 -56.30 -47.67
C ARG CC 25 33.10 -56.54 -47.92
N LYS CC 26 33.88 -55.50 -48.16
CA LYS CC 26 35.30 -55.64 -48.48
C LYS CC 26 36.20 -55.50 -47.27
N VAL CC 27 35.80 -54.76 -46.26
CA VAL CC 27 36.67 -54.49 -45.10
C VAL CC 27 36.86 -55.78 -44.31
N PRO CC 28 38.08 -56.08 -43.85
CA PRO CC 28 38.26 -57.25 -42.98
C PRO CC 28 37.44 -57.12 -41.70
N ASP CC 29 36.94 -58.26 -41.22
CA ASP CC 29 35.93 -58.23 -40.17
C ASP CC 29 36.52 -57.97 -38.79
N GLU CC 30 37.84 -58.04 -38.64
CA GLU CC 30 38.44 -57.80 -37.33
C GLU CC 30 38.22 -56.36 -36.87
N THR CC 31 38.40 -55.39 -37.78
CA THR CC 31 38.15 -54.00 -37.43
C THR CC 31 36.68 -53.77 -37.10
N LEU CC 32 35.78 -54.42 -37.85
CA LEU CC 32 34.36 -54.32 -37.53
C LEU CC 32 34.07 -54.88 -36.15
N TYR CC 33 34.71 -56.01 -35.80
CA TYR CC 33 34.52 -56.58 -34.48
C TYR CC 33 34.97 -55.62 -33.40
N ALA CC 34 36.13 -55.00 -33.58
CA ALA CC 34 36.63 -54.04 -32.59
C ALA CC 34 35.67 -52.86 -32.47
N TRP CC 35 35.19 -52.35 -33.60
CA TRP CC 35 34.32 -51.18 -33.56
C TRP CC 35 32.98 -51.50 -32.90
N VAL CC 36 32.40 -52.65 -33.20
CA VAL CC 36 31.13 -53.01 -32.58
C VAL CC 36 31.32 -53.33 -31.11
N GLU CC 37 32.49 -53.85 -30.74
CA GLU CC 37 32.76 -54.08 -29.32
C GLU CC 37 32.88 -52.77 -28.57
N MET CC 38 33.47 -51.75 -29.20
CA MET CC 38 33.44 -50.41 -28.60
C MET CC 38 32.02 -49.84 -28.55
N ALA CC 39 31.23 -50.07 -29.59
CA ALA CC 39 29.90 -49.48 -29.68
C ALA CC 39 28.92 -50.07 -28.67
N GLU CC 40 29.06 -51.36 -28.36
CA GLU CC 40 28.11 -51.98 -27.43
C GLU CC 40 28.25 -51.45 -26.01
N LEU CC 41 29.32 -50.71 -25.72
CA LEU CC 41 29.52 -50.15 -24.39
C LEU CC 41 28.61 -48.95 -24.11
N PHE CC 42 28.05 -48.32 -25.14
CA PHE CC 42 27.24 -47.13 -24.97
C PHE CC 42 25.74 -47.40 -25.05
N VAL CC 43 25.33 -48.44 -25.76
CA VAL CC 43 23.91 -48.78 -25.89
C VAL CC 43 23.53 -49.76 -24.79
N CYS CC 44 22.40 -49.48 -24.13
CA CYS CC 44 21.86 -50.39 -23.12
C CYS CC 44 20.63 -51.09 -23.68
N GLN CC 45 20.61 -52.42 -23.52
CA GLN CC 45 19.66 -53.27 -24.24
C GLN CC 45 18.24 -53.11 -23.72
N LYS CC 46 18.09 -52.86 -22.42
CA LYS CC 46 16.78 -52.92 -21.77
C LYS CC 46 15.76 -51.98 -22.40
N THR CC 47 16.19 -50.85 -22.95
CA THR CC 47 15.25 -49.91 -23.52
C THR CC 47 14.61 -50.47 -24.80
N PHE CC 48 15.41 -51.09 -25.66
CA PHE CC 48 14.88 -51.60 -26.92
C PHE CC 48 14.24 -52.97 -26.73
N LYS CC 49 15.04 -53.94 -26.26
CA LYS CC 49 14.65 -55.31 -25.92
C LYS CC 49 14.01 -56.07 -27.08
N ASP CC 50 13.86 -55.45 -28.24
CA ASP CC 50 13.34 -56.18 -29.39
C ASP CC 50 14.20 -55.97 -30.63
N ALA CC 51 14.68 -54.75 -30.86
CA ALA CC 51 15.48 -54.40 -32.03
C ALA CC 51 16.90 -54.02 -31.61
N TYR CC 52 17.43 -54.77 -30.64
CA TYR CC 52 18.76 -54.47 -30.12
C TYR CC 52 19.82 -54.58 -31.22
N VAL CC 53 19.66 -55.55 -32.12
CA VAL CC 53 20.59 -55.68 -33.23
C VAL CC 53 20.54 -54.47 -34.14
N LYS CC 54 19.34 -53.99 -34.46
CA LYS CC 54 19.22 -52.80 -35.30
C LYS CC 54 19.84 -51.59 -34.62
N ALA CC 55 19.58 -51.42 -33.33
CA ALA CC 55 20.11 -50.27 -32.61
C ALA CC 55 21.63 -50.31 -32.56
N ILE CC 56 22.21 -51.48 -32.26
CA ILE CC 56 23.66 -51.56 -32.16
C ILE CC 56 24.29 -51.36 -33.53
N ALA CC 57 23.64 -51.85 -34.58
CA ALA CC 57 24.16 -51.60 -35.93
C ALA CC 57 24.17 -50.11 -36.26
N LEU CC 58 23.06 -49.42 -36.00
CA LEU CC 58 23.00 -47.99 -36.30
C LEU CC 58 24.04 -47.23 -35.49
N TYR CC 59 24.20 -47.57 -34.22
CA TYR CC 59 25.18 -46.87 -33.39
C TYR CC 59 26.60 -47.16 -33.86
N ALA CC 60 26.85 -48.38 -34.34
CA ALA CC 60 28.18 -48.70 -34.89
C ALA CC 60 28.47 -47.87 -36.13
N LEU CC 61 27.49 -47.75 -37.04
CA LEU CC 61 27.68 -46.88 -38.20
C LEU CC 61 27.97 -45.45 -37.77
N HIS CC 62 27.21 -44.93 -36.81
CA HIS CC 62 27.43 -43.56 -36.37
C HIS CC 62 28.83 -43.40 -35.78
N LEU CC 63 29.26 -44.34 -34.93
CA LEU CC 63 30.56 -44.22 -34.29
C LEU CC 63 31.69 -44.34 -35.30
N ALA CC 64 31.48 -45.14 -36.35
CA ALA CC 64 32.51 -45.28 -37.39
C ALA CC 64 32.56 -44.08 -38.33
N PHE CC 65 31.44 -43.42 -38.59
CA PHE CC 65 31.40 -42.33 -39.55
C PHE CC 65 31.26 -40.97 -38.87
N LEU CC 66 31.55 -40.90 -37.58
CA LEU CC 66 31.45 -39.65 -36.83
C LEU CC 66 32.11 -38.48 -37.54
N ASP CC 67 33.42 -38.55 -37.73
CA ASP CC 67 34.13 -37.58 -38.57
C ASP CC 67 35.28 -38.22 -39.33
N GLY CC 68 35.34 -39.55 -39.37
CA GLY CC 68 36.46 -40.27 -39.94
C GLY CC 68 37.37 -40.82 -38.88
N ALA CC 69 37.12 -42.07 -38.47
CA ALA CC 69 38.01 -42.78 -37.57
C ALA CC 69 38.32 -44.14 -38.19
N LEU CC 70 37.36 -44.68 -38.94
CA LEU CC 70 37.59 -45.87 -39.74
C LEU CC 70 38.48 -45.57 -40.94
N LYS CC 71 38.65 -44.30 -41.30
CA LYS CC 71 39.51 -43.96 -42.41
C LYS CC 71 40.93 -44.47 -42.21
N GLY CC 72 41.38 -44.56 -40.96
CA GLY CC 72 42.69 -45.11 -40.70
C GLY CC 72 42.71 -46.60 -40.96
N GLU CC 73 43.28 -46.99 -42.10
CA GLU CC 73 43.52 -48.39 -42.41
C GLU CC 73 45.02 -48.66 -42.29
N ASP CC 74 45.46 -49.82 -42.81
CA ASP CC 74 46.82 -50.29 -42.57
C ASP CC 74 47.88 -49.26 -42.98
N GLU CC 75 47.67 -48.53 -44.06
CA GLU CC 75 48.68 -47.59 -44.57
C GLU CC 75 48.08 -46.20 -44.73
N ASP CC 76 48.43 -45.31 -43.81
CA ASP CC 76 47.98 -43.92 -43.74
C ASP CC 76 49.04 -43.14 -42.95
N LEU CC 77 48.79 -41.84 -42.82
CA LEU CC 77 49.69 -40.93 -42.12
C LEU CC 77 48.94 -40.13 -41.05
N GLU CC 78 49.64 -39.17 -40.45
CA GLU CC 78 49.08 -38.32 -39.39
C GLU CC 78 48.22 -37.21 -40.01
N SER CC 79 47.09 -37.65 -40.60
CA SER CC 79 46.12 -36.75 -41.20
C SER CC 79 44.90 -36.55 -40.30
N TYR CC 80 44.99 -36.93 -39.03
CA TYR CC 80 43.87 -36.77 -38.13
C TYR CC 80 43.72 -35.35 -37.58
N SER CC 81 44.73 -34.51 -37.75
CA SER CC 81 44.66 -33.15 -37.23
C SER CC 81 44.31 -32.13 -38.30
N ARG CC 82 44.36 -32.51 -39.58
CA ARG CC 82 44.05 -31.60 -40.67
C ARG CC 82 43.25 -32.33 -41.73
N ARG CC 83 42.51 -31.56 -42.52
CA ARG CC 83 41.69 -32.08 -43.61
C ARG CC 83 42.10 -31.41 -44.91
N VAL CC 84 42.23 -32.20 -45.97
CA VAL CC 84 42.58 -31.67 -47.28
C VAL CC 84 41.31 -31.13 -47.94
N THR CC 85 41.46 -30.03 -48.68
CA THR CC 85 40.34 -29.41 -49.35
C THR CC 85 40.36 -29.56 -50.86
N SER CC 86 41.54 -29.62 -51.47
CA SER CC 86 41.63 -29.74 -52.92
C SER CC 86 42.93 -30.42 -53.28
N PHE CC 87 42.92 -31.07 -54.44
CA PHE CC 87 44.11 -31.73 -54.98
C PHE CC 87 44.03 -31.75 -56.49
N SER CC 88 45.16 -31.48 -57.14
CA SER CC 88 45.13 -31.39 -58.60
C SER CC 88 46.52 -31.67 -59.15
N LEU CC 89 46.56 -32.37 -60.28
CA LEU CC 89 47.78 -32.41 -61.05
C LEU CC 89 47.83 -31.22 -61.99
N SER CC 90 49.04 -30.72 -62.24
CA SER CC 90 49.20 -29.39 -62.81
C SER CC 90 48.49 -29.24 -64.15
N GLY CC 91 48.31 -30.35 -64.87
CA GLY CC 91 47.66 -30.26 -66.16
C GLY CC 91 46.77 -31.42 -66.55
N GLU CC 92 46.39 -32.26 -65.59
CA GLU CC 92 45.59 -33.45 -65.89
C GLU CC 92 44.19 -33.43 -65.27
N PHE CC 93 44.09 -33.23 -63.96
CA PHE CC 93 42.76 -33.20 -63.35
C PHE CC 93 42.83 -32.45 -62.03
N SER CC 94 41.66 -32.05 -61.55
CA SER CC 94 41.52 -31.33 -60.29
C SER CC 94 40.33 -31.90 -59.54
N GLN CC 95 40.35 -31.74 -58.22
CA GLN CC 95 39.29 -32.27 -57.39
C GLN CC 95 39.18 -31.43 -56.13
N THR CC 96 37.96 -31.12 -55.74
CA THR CC 96 37.68 -30.33 -54.55
C THR CC 96 36.76 -31.11 -53.63
N PHE CC 97 36.98 -30.99 -52.32
CA PHE CC 97 36.25 -31.73 -51.31
C PHE CC 97 35.55 -30.76 -50.36
N GLY CC 98 34.90 -31.32 -49.36
CA GLY CC 98 34.22 -30.49 -48.38
C GLY CC 98 33.30 -31.33 -47.52
N GLU CC 99 33.01 -30.80 -46.33
CA GLU CC 99 32.15 -31.48 -45.38
C GLU CC 99 30.72 -31.54 -45.92
N VAL CC 100 30.01 -32.61 -45.55
CA VAL CC 100 28.68 -32.85 -46.08
C VAL CC 100 27.61 -32.14 -45.25
N THR CC 101 27.77 -32.08 -43.93
CA THR CC 101 26.73 -31.56 -43.05
C THR CC 101 27.31 -30.52 -42.10
N LYS CC 102 26.47 -29.58 -41.68
CA LYS CC 102 26.83 -28.59 -40.68
C LYS CC 102 26.10 -28.87 -39.38
N ASN CC 103 26.79 -28.68 -38.25
CA ASN CC 103 26.37 -29.20 -36.96
C ASN CC 103 26.29 -28.07 -35.92
N GLN CC 104 25.60 -27.00 -36.28
CA GLN CC 104 25.46 -25.86 -35.38
C GLN CC 104 24.82 -26.24 -34.06
N SER CC 105 24.05 -27.33 -34.02
CA SER CC 105 23.39 -27.73 -32.77
C SER CC 105 24.40 -28.12 -31.70
N GLY CC 106 25.44 -28.86 -32.08
CA GLY CC 106 26.45 -29.28 -31.13
C GLY CC 106 26.08 -30.48 -30.28
N ASN CC 107 25.01 -31.20 -30.63
CA ASN CC 107 24.59 -32.35 -29.83
C ASN CC 107 25.53 -33.53 -30.05
N MET CC 108 26.23 -33.55 -31.19
CA MET CC 108 27.22 -34.56 -31.55
C MET CC 108 26.52 -35.87 -31.93
N MET CC 109 25.21 -35.93 -31.68
CA MET CC 109 24.36 -37.01 -32.16
C MET CC 109 23.80 -36.77 -33.55
N LEU CC 110 23.49 -35.52 -33.89
CA LEU CC 110 22.94 -35.21 -35.20
C LEU CC 110 24.04 -34.80 -36.18
N SER CC 111 25.07 -35.63 -36.28
CA SER CC 111 26.17 -35.39 -37.22
C SER CC 111 26.15 -36.33 -38.41
N THR CC 112 25.49 -37.48 -38.29
CA THR CC 112 25.36 -38.45 -39.36
C THR CC 112 23.91 -38.87 -39.49
N PRO CC 113 23.47 -39.28 -40.68
CA PRO CC 113 22.09 -39.77 -40.81
C PRO CC 113 21.78 -40.95 -39.92
N TRP CC 114 22.78 -41.81 -39.70
CA TRP CC 114 22.57 -42.96 -38.81
C TRP CC 114 22.29 -42.51 -37.39
N GLY CC 115 22.96 -41.46 -36.92
CA GLY CC 115 22.68 -40.95 -35.59
C GLY CC 115 21.26 -40.45 -35.46
N LYS CC 116 20.78 -39.73 -36.47
CA LYS CC 116 19.41 -39.23 -36.45
C LYS CC 116 18.39 -40.36 -36.48
N MET CC 117 18.65 -41.38 -37.31
CA MET CC 117 17.79 -42.56 -37.31
C MET CC 117 17.77 -43.23 -35.95
N PHE CC 118 18.94 -43.35 -35.33
CA PHE CC 118 19.04 -43.97 -34.02
C PHE CC 118 18.27 -43.20 -32.97
N GLU CC 119 18.33 -41.86 -33.01
CA GLU CC 119 17.58 -41.08 -32.05
C GLU CC 119 16.07 -41.18 -32.28
N GLN CC 120 15.64 -41.24 -33.54
CA GLN CC 120 14.22 -41.47 -33.80
C GLN CC 120 13.77 -42.81 -33.24
N LEU CC 121 14.56 -43.87 -33.45
CA LEU CC 121 14.19 -45.17 -32.91
C LEU CC 121 14.20 -45.17 -31.39
N LYS CC 122 15.19 -44.50 -30.79
CA LYS CC 122 15.25 -44.38 -29.34
C LYS CC 122 14.00 -43.69 -28.81
N ALA CC 123 13.61 -42.58 -29.43
CA ALA CC 123 12.43 -41.86 -28.98
C ALA CC 123 11.16 -42.70 -29.16
N ARG CC 124 11.11 -43.50 -30.24
CA ARG CC 124 9.99 -44.42 -30.40
C ARG CC 124 9.91 -45.41 -29.25
N ARG CC 125 11.05 -45.98 -28.84
CA ARG CC 125 11.01 -47.02 -27.82
C ARG CC 125 10.76 -46.42 -26.43
N ARG CC 126 11.34 -45.26 -26.16
CA ARG CC 126 11.09 -44.52 -24.93
C ARG CC 126 11.53 -43.08 -25.16
N GLY CC 127 10.75 -42.13 -24.67
CA GLY CC 127 11.07 -40.73 -24.89
C GLY CC 127 12.47 -40.37 -24.45
N ARG CC 128 13.09 -39.39 -25.12
CA ARG CC 128 14.44 -38.97 -24.77
C ARG CC 128 14.52 -38.32 -23.40
N PHE CC 129 13.41 -38.25 -22.67
CA PHE CC 129 13.40 -37.62 -21.37
C PHE CC 129 14.17 -38.47 -20.35
N ALA CC 130 14.56 -37.82 -19.26
CA ALA CC 130 15.01 -38.54 -18.07
C ALA CC 130 14.81 -37.59 -16.88
N LEU CC 131 13.71 -37.79 -16.17
CA LEU CC 131 13.40 -37.03 -14.96
C LEU CC 131 13.65 -37.92 -13.75
N MET CC 132 14.16 -37.32 -12.69
CA MET CC 132 14.51 -38.05 -11.48
C MET CC 132 14.00 -37.27 -10.27
N THR CC 133 13.78 -38.00 -9.20
CA THR CC 133 13.29 -37.43 -7.95
C THR CC 133 14.13 -37.93 -6.80
N GLY CC 134 14.01 -37.26 -5.66
CA GLY CC 134 14.74 -37.69 -4.48
C GLY CC 134 14.28 -39.05 -4.03
N LEU CC 135 15.22 -39.87 -3.55
CA LEU CC 135 14.95 -41.15 -2.94
C LEU CC 135 14.48 -40.92 -1.50
N ARG CC 136 14.64 -41.94 -0.66
CA ARG CC 136 14.45 -41.87 0.79
C ARG CC 136 13.18 -41.12 1.20
N ILE DC 4 -10.61 -40.21 -54.49
CA ILE DC 4 -11.25 -40.37 -55.79
C ILE DC 4 -12.46 -41.28 -55.63
N MET DC 5 -13.45 -41.11 -56.50
CA MET DC 5 -14.68 -41.87 -56.44
C MET DC 5 -15.13 -42.42 -57.78
N ASN DC 6 -14.54 -41.97 -58.88
CA ASN DC 6 -14.96 -42.38 -60.21
C ASN DC 6 -13.84 -42.09 -61.19
N GLN DC 7 -14.09 -42.31 -62.48
CA GLN DC 7 -13.08 -42.12 -63.50
C GLN DC 7 -13.31 -40.90 -64.37
N GLU DC 8 -14.56 -40.45 -64.52
CA GLU DC 8 -14.82 -39.28 -65.35
C GLU DC 8 -14.24 -38.01 -64.72
N THR DC 9 -14.35 -37.86 -63.41
CA THR DC 9 -13.73 -36.71 -62.75
C THR DC 9 -12.21 -36.79 -62.85
N LEU DC 10 -11.66 -38.01 -62.78
CA LEU DC 10 -10.23 -38.20 -62.96
C LEU DC 10 -9.78 -37.74 -64.35
N ILE DC 11 -10.54 -38.12 -65.37
CA ILE DC 11 -10.23 -37.71 -66.74
C ILE DC 11 -10.33 -36.20 -66.86
N ALA DC 12 -11.36 -35.60 -66.27
CA ALA DC 12 -11.50 -34.16 -66.32
C ALA DC 12 -10.31 -33.47 -65.65
N ALA DC 13 -9.86 -34.00 -64.51
CA ALA DC 13 -8.75 -33.39 -63.79
C ALA DC 13 -7.46 -33.47 -64.60
N VAL DC 14 -7.17 -34.64 -65.18
CA VAL DC 14 -5.93 -34.76 -65.95
C VAL DC 14 -6.00 -33.90 -67.21
N GLU DC 15 -7.19 -33.79 -67.82
CA GLU DC 15 -7.33 -32.93 -68.99
C GLU DC 15 -7.13 -31.46 -68.63
N GLN DC 16 -7.64 -31.05 -67.46
CA GLN DC 16 -7.41 -29.69 -67.01
C GLN DC 16 -5.93 -29.43 -66.74
N MET DC 17 -5.24 -30.42 -66.15
CA MET DC 17 -3.80 -30.30 -65.98
C MET DC 17 -3.10 -30.07 -67.31
N ARG DC 18 -3.43 -30.88 -68.31
CA ARG DC 18 -2.81 -30.73 -69.62
C ARG DC 18 -3.15 -29.39 -70.26
N LYS DC 19 -4.40 -28.94 -70.09
CA LYS DC 19 -4.79 -27.63 -70.64
C LYS DC 19 -3.98 -26.51 -70.00
N LEU DC 20 -3.77 -26.60 -68.69
CA LEU DC 20 -3.03 -25.55 -68.00
C LEU DC 20 -1.56 -25.54 -68.41
N VAL DC 21 -0.94 -26.72 -68.44
CA VAL DC 21 0.48 -26.84 -68.81
C VAL DC 21 0.56 -27.71 -70.05
N PRO DC 22 0.81 -27.12 -71.22
CA PRO DC 22 0.87 -27.92 -72.45
C PRO DC 22 1.99 -28.94 -72.48
N ALA DC 23 3.04 -28.75 -71.69
CA ALA DC 23 4.18 -29.67 -71.73
C ALA DC 23 3.83 -31.06 -71.22
N LEU DC 24 2.68 -31.22 -70.56
CA LEU DC 24 2.29 -32.52 -70.03
C LEU DC 24 1.70 -33.43 -71.09
N ARG DC 25 1.52 -32.96 -72.32
CA ARG DC 25 0.98 -33.80 -73.38
C ARG DC 25 1.92 -34.95 -73.75
N LYS DC 26 3.21 -34.80 -73.47
CA LYS DC 26 4.18 -35.82 -73.84
C LYS DC 26 4.30 -36.95 -72.83
N VAL DC 27 4.06 -36.68 -71.55
CA VAL DC 27 4.26 -37.69 -70.52
C VAL DC 27 3.17 -38.76 -70.63
N PRO DC 28 3.50 -40.04 -70.52
CA PRO DC 28 2.46 -41.07 -70.60
C PRO DC 28 1.43 -40.93 -69.50
N ASP DC 29 0.21 -41.40 -69.80
CA ASP DC 29 -0.93 -41.13 -68.93
C ASP DC 29 -0.80 -41.79 -67.56
N GLU DC 30 -0.23 -43.00 -67.50
CA GLU DC 30 -0.27 -43.78 -66.26
C GLU DC 30 0.41 -43.04 -65.12
N THR DC 31 1.54 -42.38 -65.40
CA THR DC 31 2.23 -41.61 -64.38
C THR DC 31 1.35 -40.50 -63.83
N LEU DC 32 0.65 -39.78 -64.71
CA LEU DC 32 -0.25 -38.74 -64.25
C LEU DC 32 -1.40 -39.32 -63.44
N TYR DC 33 -1.90 -40.48 -63.84
CA TYR DC 33 -2.95 -41.13 -63.06
C TYR DC 33 -2.47 -41.43 -61.64
N ALA DC 34 -1.25 -41.98 -61.53
CA ALA DC 34 -0.70 -42.27 -60.21
C ALA DC 34 -0.52 -40.99 -59.40
N TRP DC 35 -0.03 -39.93 -60.04
CA TRP DC 35 0.21 -38.68 -59.32
C TRP DC 35 -1.09 -38.07 -58.81
N VAL DC 36 -2.12 -38.02 -59.66
CA VAL DC 36 -3.39 -37.44 -59.21
C VAL DC 36 -4.05 -38.33 -58.17
N GLU DC 37 -3.90 -39.65 -58.31
CA GLU DC 37 -4.43 -40.55 -57.30
C GLU DC 37 -3.79 -40.30 -55.94
N MET DC 38 -2.48 -40.09 -55.90
CA MET DC 38 -1.83 -39.84 -54.63
C MET DC 38 -2.10 -38.42 -54.13
N ALA DC 39 -2.32 -37.47 -55.05
CA ALA DC 39 -2.55 -36.09 -54.65
C ALA DC 39 -3.96 -35.84 -54.12
N GLU DC 40 -4.94 -36.61 -54.59
CA GLU DC 40 -6.31 -36.36 -54.18
C GLU DC 40 -6.54 -36.58 -52.69
N LEU DC 41 -5.65 -37.31 -52.01
CA LEU DC 41 -5.84 -37.60 -50.59
C LEU DC 41 -5.86 -36.35 -49.72
N PHE DC 42 -4.99 -35.38 -49.99
CA PHE DC 42 -4.88 -34.19 -49.17
C PHE DC 42 -6.04 -33.22 -49.36
N VAL DC 43 -6.60 -33.15 -50.57
CA VAL DC 43 -7.70 -32.24 -50.85
C VAL DC 43 -8.97 -32.77 -50.19
N CYS DC 44 -9.69 -31.88 -49.50
CA CYS DC 44 -10.94 -32.25 -48.86
C CYS DC 44 -12.11 -31.71 -49.67
N GLN DC 45 -12.89 -32.62 -50.26
CA GLN DC 45 -14.00 -32.23 -51.12
C GLN DC 45 -15.05 -31.44 -50.36
N LYS DC 46 -15.22 -31.72 -49.08
CA LYS DC 46 -16.24 -31.06 -48.27
C LYS DC 46 -15.99 -29.57 -48.11
N THR DC 47 -14.79 -29.09 -48.42
CA THR DC 47 -14.56 -27.65 -48.39
C THR DC 47 -15.07 -26.97 -49.65
N PHE DC 48 -14.79 -27.56 -50.82
CA PHE DC 48 -15.15 -26.92 -52.07
C PHE DC 48 -16.59 -27.24 -52.48
N LYS DC 49 -16.86 -28.51 -52.78
CA LYS DC 49 -18.10 -28.98 -53.43
C LYS DC 49 -18.26 -28.49 -54.87
N ASP DC 50 -17.44 -27.57 -55.33
CA ASP DC 50 -17.80 -27.03 -56.64
C ASP DC 50 -16.64 -26.95 -57.62
N ALA DC 51 -15.46 -26.56 -57.15
CA ALA DC 51 -14.28 -26.42 -57.99
C ALA DC 51 -13.31 -27.56 -57.74
N TYR DC 52 -13.88 -28.74 -57.52
CA TYR DC 52 -13.08 -29.88 -57.10
C TYR DC 52 -12.01 -30.25 -58.13
N VAL DC 53 -12.39 -30.23 -59.42
CA VAL DC 53 -11.42 -30.58 -60.46
C VAL DC 53 -10.28 -29.56 -60.50
N LYS DC 54 -10.61 -28.27 -60.38
CA LYS DC 54 -9.58 -27.25 -60.38
C LYS DC 54 -8.65 -27.39 -59.19
N ALA DC 55 -9.22 -27.66 -58.01
CA ALA DC 55 -8.40 -27.85 -56.82
C ALA DC 55 -7.48 -29.05 -56.96
N ILE DC 56 -8.00 -30.16 -57.50
CA ILE DC 56 -7.17 -31.33 -57.73
C ILE DC 56 -6.04 -31.02 -58.70
N ALA DC 57 -6.35 -30.29 -59.78
CA ALA DC 57 -5.31 -29.93 -60.74
C ALA DC 57 -4.22 -29.08 -60.09
N LEU DC 58 -4.62 -28.06 -59.32
CA LEU DC 58 -3.64 -27.21 -58.67
C LEU DC 58 -2.78 -27.99 -57.69
N TYR DC 59 -3.40 -28.83 -56.87
CA TYR DC 59 -2.64 -29.59 -55.90
C TYR DC 59 -1.70 -30.57 -56.59
N ALA DC 60 -2.15 -31.19 -57.67
CA ALA DC 60 -1.29 -32.12 -58.39
C ALA DC 60 -0.09 -31.40 -58.99
N LEU DC 61 -0.32 -30.23 -59.61
CA LEU DC 61 0.79 -29.49 -60.17
C LEU DC 61 1.80 -29.10 -59.09
N HIS DC 62 1.32 -28.55 -57.97
CA HIS DC 62 2.22 -28.14 -56.91
C HIS DC 62 2.97 -29.35 -56.33
N LEU DC 63 2.26 -30.45 -56.14
CA LEU DC 63 2.85 -31.62 -55.51
C LEU DC 63 3.91 -32.25 -56.41
N ALA DC 64 3.69 -32.21 -57.73
CA ALA DC 64 4.65 -32.73 -58.68
C ALA DC 64 5.81 -31.78 -58.93
N PHE DC 65 5.65 -30.49 -58.67
CA PHE DC 65 6.72 -29.53 -58.90
C PHE DC 65 7.32 -29.01 -57.59
N LEU DC 66 7.05 -29.69 -56.47
CA LEU DC 66 7.58 -29.30 -55.16
C LEU DC 66 9.07 -28.95 -55.21
N ASP DC 67 9.91 -29.94 -55.53
CA ASP DC 67 11.34 -29.72 -55.68
C ASP DC 67 11.87 -30.45 -56.91
N GLY DC 68 10.99 -31.02 -57.72
CA GLY DC 68 11.38 -31.90 -58.81
C GLY DC 68 11.19 -33.33 -58.36
N ALA DC 69 10.05 -33.92 -58.73
CA ALA DC 69 9.76 -35.30 -58.35
C ALA DC 69 9.32 -36.08 -59.57
N LEU DC 70 8.76 -35.38 -60.55
CA LEU DC 70 8.48 -35.97 -61.85
C LEU DC 70 9.71 -36.02 -62.72
N LYS DC 71 10.82 -35.43 -62.25
CA LYS DC 71 12.06 -35.41 -63.02
C LYS DC 71 12.53 -36.82 -63.37
N GLY DC 72 12.19 -37.80 -62.55
CA GLY DC 72 12.62 -39.16 -62.81
C GLY DC 72 11.86 -39.78 -63.96
N GLU DC 73 12.53 -39.93 -65.11
CA GLU DC 73 11.97 -40.66 -66.23
C GLU DC 73 12.49 -42.08 -66.20
N ASP DC 74 12.28 -42.83 -67.28
CA ASP DC 74 12.62 -44.26 -67.28
C ASP DC 74 14.10 -44.52 -67.02
N GLU DC 75 14.98 -43.55 -67.26
CA GLU DC 75 16.41 -43.72 -67.06
C GLU DC 75 16.95 -42.52 -66.31
N ASP DC 76 17.19 -42.68 -65.02
CA ASP DC 76 17.80 -41.65 -64.19
C ASP DC 76 18.58 -42.33 -63.07
N LEU DC 77 19.31 -41.53 -62.32
CA LEU DC 77 20.16 -42.01 -61.24
C LEU DC 77 19.74 -41.34 -59.93
N GLU DC 78 20.43 -41.72 -58.85
CA GLU DC 78 20.15 -41.17 -57.53
C GLU DC 78 20.75 -39.76 -57.41
N SER DC 79 20.15 -38.85 -58.18
CA SER DC 79 20.50 -37.43 -58.14
C SER DC 79 19.47 -36.61 -57.38
N TYR DC 80 18.58 -37.26 -56.64
CA TYR DC 80 17.58 -36.55 -55.86
C TYR DC 80 18.16 -35.86 -54.64
N SER DC 81 19.38 -36.21 -54.23
CA SER DC 81 19.97 -35.62 -53.04
C SER DC 81 20.76 -34.35 -53.36
N ARG DC 82 21.17 -34.16 -54.61
CA ARG DC 82 22.03 -33.05 -54.99
C ARG DC 82 21.53 -32.45 -56.30
N ARG DC 83 21.88 -31.19 -56.51
CA ARG DC 83 21.49 -30.46 -57.71
C ARG DC 83 22.74 -30.01 -58.45
N VAL DC 84 22.75 -30.20 -59.76
CA VAL DC 84 23.82 -29.69 -60.60
C VAL DC 84 23.66 -28.20 -60.78
N THR DC 85 24.73 -27.45 -60.56
CA THR DC 85 24.70 -26.00 -60.65
C THR DC 85 25.31 -25.45 -61.93
N SER DC 86 26.24 -26.18 -62.54
CA SER DC 86 26.85 -25.71 -63.78
C SER DC 86 27.37 -26.91 -64.55
N PHE DC 87 27.32 -26.79 -65.88
CA PHE DC 87 27.86 -27.81 -66.76
C PHE DC 87 28.44 -27.13 -67.99
N SER DC 88 29.62 -27.57 -68.40
CA SER DC 88 30.28 -26.91 -69.51
C SER DC 88 31.28 -27.87 -70.15
N LEU DC 89 31.39 -27.80 -71.47
CA LEU DC 89 32.50 -28.46 -72.14
C LEU DC 89 33.72 -27.54 -72.11
N SER DC 90 34.89 -28.14 -72.29
CA SER DC 90 36.14 -27.42 -72.09
C SER DC 90 36.26 -26.23 -73.04
N GLY DC 91 35.89 -26.42 -74.29
CA GLY DC 91 35.99 -25.34 -75.25
C GLY DC 91 34.83 -25.23 -76.21
N GLU DC 92 33.66 -25.69 -75.80
CA GLU DC 92 32.49 -25.69 -76.69
C GLU DC 92 31.37 -24.79 -76.21
N PHE DC 93 30.87 -24.99 -75.00
CA PHE DC 93 29.84 -24.11 -74.46
C PHE DC 93 29.77 -24.30 -72.95
N SER DC 94 28.98 -23.45 -72.30
CA SER DC 94 28.82 -23.48 -70.86
C SER DC 94 27.35 -23.21 -70.53
N GLN DC 95 26.97 -23.54 -69.30
CA GLN DC 95 25.60 -23.35 -68.87
C GLN DC 95 25.57 -23.39 -67.34
N THR DC 96 24.89 -22.41 -66.75
CA THR DC 96 24.80 -22.31 -65.30
C THR DC 96 23.33 -22.32 -64.89
N PHE DC 97 23.05 -22.99 -63.77
CA PHE DC 97 21.70 -23.19 -63.29
C PHE DC 97 21.51 -22.50 -61.95
N GLY DC 98 20.31 -22.57 -61.42
CA GLY DC 98 20.02 -21.95 -60.14
C GLY DC 98 18.58 -22.19 -59.73
N GLU DC 99 18.34 -22.00 -58.44
CA GLU DC 99 17.01 -22.19 -57.88
C GLU DC 99 16.08 -21.08 -58.36
N VAL DC 100 14.78 -21.41 -58.45
CA VAL DC 100 13.80 -20.49 -59.01
C VAL DC 100 13.20 -19.57 -57.96
N THR DC 101 13.16 -20.01 -56.70
CA THR DC 101 12.49 -19.25 -55.65
C THR DC 101 13.26 -19.34 -54.34
N LYS DC 102 12.94 -18.44 -53.42
CA LYS DC 102 13.47 -18.46 -52.07
C LYS DC 102 12.29 -18.51 -51.08
N ASN DC 103 12.38 -19.41 -50.12
CA ASN DC 103 11.23 -19.83 -49.33
C ASN DC 103 11.56 -19.79 -47.83
N GLN DC 104 12.06 -18.65 -47.37
CA GLN DC 104 12.40 -18.50 -45.95
C GLN DC 104 11.19 -18.67 -45.04
N SER DC 105 9.96 -18.57 -45.57
CA SER DC 105 8.78 -18.67 -44.73
C SER DC 105 8.69 -20.02 -44.03
N GLY DC 106 9.01 -21.11 -44.71
CA GLY DC 106 8.89 -22.42 -44.12
C GLY DC 106 7.50 -23.00 -44.10
N ASN DC 107 6.52 -22.32 -44.71
CA ASN DC 107 5.18 -22.87 -44.78
C ASN DC 107 5.13 -24.13 -45.64
N MET DC 108 6.14 -24.30 -46.51
CA MET DC 108 6.32 -25.48 -47.34
C MET DC 108 5.30 -25.50 -48.49
N MET DC 109 4.30 -24.64 -48.42
CA MET DC 109 3.35 -24.57 -49.51
C MET DC 109 3.55 -23.31 -50.34
N LEU DC 110 4.25 -22.33 -49.79
CA LEU DC 110 4.67 -21.15 -50.54
C LEU DC 110 6.00 -21.40 -51.24
N SER DC 111 6.07 -22.52 -51.97
CA SER DC 111 7.27 -22.92 -52.67
C SER DC 111 7.12 -22.91 -54.18
N THR DC 112 5.91 -23.04 -54.69
CA THR DC 112 5.60 -22.99 -56.12
C THR DC 112 4.41 -22.08 -56.34
N PRO DC 113 4.31 -21.47 -57.53
CA PRO DC 113 3.13 -20.63 -57.81
C PRO DC 113 1.83 -21.40 -57.69
N TRP DC 114 1.81 -22.66 -58.08
CA TRP DC 114 0.61 -23.45 -57.95
C TRP DC 114 0.20 -23.61 -56.49
N GLY DC 115 1.18 -23.78 -55.60
CA GLY DC 115 0.86 -23.93 -54.19
C GLY DC 115 0.19 -22.71 -53.60
N LYS DC 116 0.72 -21.52 -53.91
CA LYS DC 116 0.14 -20.31 -53.38
C LYS DC 116 -1.21 -19.99 -54.03
N MET DC 117 -1.36 -20.34 -55.31
CA MET DC 117 -2.69 -20.25 -55.93
C MET DC 117 -3.68 -21.14 -55.21
N PHE DC 118 -3.27 -22.37 -54.86
CA PHE DC 118 -4.16 -23.26 -54.15
C PHE DC 118 -4.49 -22.73 -52.77
N GLU DC 119 -3.51 -22.12 -52.10
CA GLU DC 119 -3.81 -21.53 -50.79
C GLU DC 119 -4.81 -20.39 -50.90
N GLN DC 120 -4.68 -19.53 -51.91
CA GLN DC 120 -5.68 -18.47 -52.07
C GLN DC 120 -7.06 -19.05 -52.35
N LEU DC 121 -7.14 -20.07 -53.21
CA LEU DC 121 -8.43 -20.66 -53.50
C LEU DC 121 -9.03 -21.32 -52.26
N LYS DC 122 -8.18 -22.00 -51.46
CA LYS DC 122 -8.65 -22.61 -50.23
C LYS DC 122 -9.17 -21.57 -49.26
N ALA DC 123 -8.44 -20.47 -49.09
CA ALA DC 123 -8.89 -19.40 -48.20
C ALA DC 123 -10.18 -18.78 -48.70
N ARG DC 124 -10.32 -18.67 -50.03
CA ARG DC 124 -11.58 -18.17 -50.61
C ARG DC 124 -12.75 -19.08 -50.23
N ARG DC 125 -12.59 -20.38 -50.42
CA ARG DC 125 -13.72 -21.29 -50.18
C ARG DC 125 -14.00 -21.43 -48.69
N ARG DC 126 -12.96 -21.51 -47.87
CA ARG DC 126 -13.10 -21.63 -46.42
C ARG DC 126 -11.77 -21.23 -45.81
N GLY DC 127 -11.78 -20.16 -45.01
CA GLY DC 127 -10.56 -19.55 -44.50
C GLY DC 127 -9.55 -20.48 -43.86
N ARG DC 128 -8.30 -20.06 -43.82
CA ARG DC 128 -7.21 -20.88 -43.29
C ARG DC 128 -7.27 -21.04 -41.78
N PHE DC 129 -8.34 -20.59 -41.13
CA PHE DC 129 -8.48 -20.70 -39.70
C PHE DC 129 -8.88 -22.12 -39.28
N ALA DC 130 -8.74 -22.39 -37.99
CA ALA DC 130 -9.28 -23.62 -37.39
C ALA DC 130 -9.39 -23.40 -35.88
N LEU DC 131 -10.63 -23.32 -35.41
CA LEU DC 131 -10.93 -23.14 -33.98
C LEU DC 131 -11.79 -24.30 -33.50
N MET DC 132 -11.46 -24.81 -32.32
CA MET DC 132 -12.15 -25.96 -31.76
C MET DC 132 -12.46 -25.71 -30.29
N THR DC 133 -13.45 -26.45 -29.80
CA THR DC 133 -13.78 -26.48 -28.38
C THR DC 133 -13.93 -27.93 -27.94
N GLY DC 134 -13.41 -28.23 -26.76
CA GLY DC 134 -13.59 -29.56 -26.20
C GLY DC 134 -15.05 -29.88 -26.03
N LEU DC 135 -15.46 -31.06 -26.49
CA LEU DC 135 -16.86 -31.45 -26.40
C LEU DC 135 -17.21 -31.84 -24.98
N ARG DC 136 -18.52 -32.02 -24.73
CA ARG DC 136 -19.08 -32.10 -23.39
C ARG DC 136 -18.73 -30.84 -22.58
N SER EC 47 14.25 -37.20 24.13
CA SER EC 47 15.49 -37.27 23.36
C SER EC 47 16.65 -37.73 24.23
N TYR EC 48 17.01 -36.91 25.22
CA TYR EC 48 18.08 -37.21 26.15
C TYR EC 48 17.47 -37.38 27.54
N HIS EC 49 18.35 -37.49 28.54
CA HIS EC 49 17.88 -37.58 29.93
C HIS EC 49 17.16 -36.29 30.31
N VAL EC 50 15.98 -36.44 30.91
CA VAL EC 50 15.15 -35.28 31.21
C VAL EC 50 15.80 -34.38 32.25
N GLY EC 51 16.65 -34.95 33.12
CA GLY EC 51 17.29 -34.13 34.13
C GLY EC 51 18.20 -33.07 33.56
N SER EC 52 18.99 -33.43 32.54
CA SER EC 52 19.88 -32.47 31.90
C SER EC 52 19.08 -31.35 31.26
N PHE EC 53 17.99 -31.71 30.56
CA PHE EC 53 17.11 -30.70 29.98
C PHE EC 53 16.57 -29.77 31.04
N TYR EC 54 16.09 -30.33 32.14
CA TYR EC 54 15.51 -29.53 33.21
C TYR EC 54 16.53 -28.58 33.80
N ASN EC 55 17.76 -29.05 34.01
CA ASN EC 55 18.79 -28.22 34.61
C ASN EC 55 19.36 -27.18 33.66
N ASP EC 56 19.35 -27.44 32.35
CA ASP EC 56 19.95 -26.53 31.38
C ASP EC 56 18.97 -25.50 30.83
N ASN EC 57 17.80 -25.91 30.37
CA ASN EC 57 16.87 -25.00 29.74
C ASN EC 57 15.93 -24.37 30.77
N ALA EC 58 15.83 -23.05 30.72
CA ALA EC 58 15.02 -22.30 31.68
C ALA EC 58 13.52 -22.39 31.42
N THR EC 59 13.11 -22.56 30.17
CA THR EC 59 11.70 -22.74 29.88
C THR EC 59 11.17 -24.01 30.54
N ALA EC 60 11.96 -25.07 30.54
CA ALA EC 60 11.57 -26.27 31.26
C ALA EC 60 11.47 -26.01 32.76
N LYS EC 61 12.43 -25.27 33.31
CA LYS EC 61 12.35 -24.88 34.72
C LYS EC 61 11.01 -24.23 35.03
N ARG EC 62 10.64 -23.22 34.23
CA ARG EC 62 9.39 -22.53 34.44
C ARG EC 62 8.20 -23.48 34.35
N ILE EC 63 8.15 -24.25 33.25
CA ILE EC 63 7.01 -25.12 32.99
C ILE EC 63 6.80 -26.14 34.10
N VAL EC 64 7.88 -26.66 34.68
CA VAL EC 64 7.72 -27.70 35.70
C VAL EC 64 7.61 -27.11 37.11
N ASP EC 65 8.01 -25.86 37.32
CA ASP EC 65 8.08 -25.35 38.68
C ASP EC 65 7.03 -24.32 39.05
N VAL EC 66 6.46 -23.58 38.09
CA VAL EC 66 5.57 -22.47 38.46
C VAL EC 66 4.32 -22.97 39.14
N ILE EC 67 3.86 -24.17 38.78
CA ILE EC 67 2.58 -24.67 39.30
C ILE EC 67 2.71 -25.07 40.77
N PRO EC 68 3.57 -26.05 41.14
CA PRO EC 68 3.53 -26.56 42.52
C PRO EC 68 3.84 -25.52 43.58
N GLU EC 69 4.74 -24.58 43.30
CA GLU EC 69 5.10 -23.59 44.31
C GLU EC 69 3.89 -22.74 44.69
N GLU EC 70 3.18 -22.22 43.70
CA GLU EC 70 1.99 -21.43 44.00
C GLU EC 70 0.92 -22.31 44.62
N MET EC 71 0.80 -23.56 44.15
CA MET EC 71 -0.16 -24.50 44.72
C MET EC 71 0.02 -24.61 46.23
N VAL EC 72 1.28 -24.78 46.68
CA VAL EC 72 1.49 -25.01 48.09
C VAL EC 72 1.44 -23.69 48.86
N THR EC 73 1.94 -22.59 48.28
CA THR EC 73 1.93 -21.31 48.98
C THR EC 73 0.55 -20.69 49.06
N ALA EC 74 -0.44 -21.22 48.33
CA ALA EC 74 -1.79 -20.68 48.42
C ALA EC 74 -2.37 -20.76 49.83
N GLY EC 75 -2.20 -21.89 50.52
CA GLY EC 75 -2.71 -22.06 51.86
C GLY EC 75 -4.02 -22.83 51.91
N PHE EC 76 -4.60 -22.88 53.10
CA PHE EC 76 -5.81 -23.64 53.37
C PHE EC 76 -6.40 -23.21 54.70
N LYS EC 77 -7.63 -23.64 54.96
CA LYS EC 77 -8.21 -23.54 56.29
C LYS EC 77 -8.82 -24.88 56.67
N ILE EC 78 -9.01 -25.07 57.98
CA ILE EC 78 -9.57 -26.29 58.54
C ILE EC 78 -10.83 -25.94 59.32
N SER EC 79 -11.84 -26.77 59.20
CA SER EC 79 -13.09 -26.60 59.93
C SER EC 79 -13.36 -27.82 60.79
N GLY EC 80 -14.04 -27.59 61.91
CA GLY EC 80 -14.28 -28.63 62.89
C GLY EC 80 -13.29 -28.68 64.02
N VAL EC 81 -12.24 -27.87 63.99
CA VAL EC 81 -11.24 -27.82 65.04
C VAL EC 81 -11.58 -26.68 65.98
N LYS EC 82 -11.21 -26.84 67.26
CA LYS EC 82 -11.55 -25.84 68.27
C LYS EC 82 -10.91 -24.49 67.97
N ASP EC 83 -9.65 -24.49 67.55
CA ASP EC 83 -8.93 -23.24 67.34
C ASP EC 83 -7.81 -23.47 66.33
N GLU EC 84 -7.27 -22.37 65.81
CA GLU EC 84 -6.35 -22.41 64.69
C GLU EC 84 -4.99 -21.78 64.96
N LYS EC 85 -4.86 -20.94 66.00
CA LYS EC 85 -3.57 -20.33 66.29
C LYS EC 85 -2.55 -21.39 66.68
N GLU EC 86 -2.93 -22.32 67.55
CA GLU EC 86 -2.03 -23.43 67.88
C GLU EC 86 -1.77 -24.32 66.68
N PHE EC 87 -2.73 -24.47 65.78
CA PHE EC 87 -2.50 -25.23 64.55
C PHE EC 87 -1.43 -24.57 63.70
N LYS EC 88 -1.51 -23.24 63.53
CA LYS EC 88 -0.48 -22.52 62.80
C LYS EC 88 0.87 -22.63 63.49
N SER EC 89 0.88 -22.57 64.83
CA SER EC 89 2.12 -22.71 65.57
C SER EC 89 2.76 -24.06 65.30
N LEU EC 90 1.96 -25.13 65.37
CA LEU EC 90 2.49 -26.46 65.07
C LEU EC 90 2.99 -26.54 63.63
N TRP EC 91 2.23 -25.98 62.69
CA TRP EC 91 2.61 -26.06 61.28
C TRP EC 91 3.95 -25.39 61.03
N ASP EC 92 4.10 -24.13 61.45
CA ASP EC 92 5.33 -23.43 61.18
C ASP EC 92 6.47 -23.81 62.11
N SER EC 93 6.19 -24.53 63.20
CA SER EC 93 7.26 -25.17 63.95
C SER EC 93 7.77 -26.41 63.23
N TYR EC 94 6.88 -27.13 62.55
CA TYR EC 94 7.31 -28.29 61.78
C TYR EC 94 8.05 -27.88 60.51
N LYS EC 95 7.63 -26.79 59.87
CA LYS EC 95 8.34 -26.15 58.74
C LYS EC 95 8.80 -27.17 57.69
N ILE EC 96 7.79 -27.77 57.04
CA ILE EC 96 8.02 -28.84 56.07
C ILE EC 96 7.80 -28.39 54.63
N ASP EC 97 7.34 -27.16 54.44
CA ASP EC 97 6.92 -26.79 53.09
C ASP EC 97 8.02 -26.79 52.02
N PRO EC 98 9.32 -26.60 52.30
CA PRO EC 98 10.28 -26.77 51.20
C PRO EC 98 10.32 -28.20 50.69
N SER EC 99 10.28 -29.14 51.62
CA SER EC 99 10.23 -30.55 51.27
C SER EC 99 8.96 -30.88 50.50
N LEU EC 100 7.83 -30.30 50.92
CA LEU EC 100 6.61 -30.50 50.15
C LEU EC 100 6.75 -29.93 48.73
N VAL EC 101 7.35 -28.76 48.61
CA VAL EC 101 7.53 -28.14 47.29
C VAL EC 101 8.30 -29.07 46.37
N ASP EC 102 9.52 -29.43 46.76
CA ASP EC 102 10.31 -30.22 45.81
C ASP EC 102 9.77 -31.65 45.68
N ALA EC 103 9.00 -32.12 46.66
CA ALA EC 103 8.33 -33.40 46.50
C ALA EC 103 7.33 -33.36 45.35
N LEU EC 104 6.44 -32.36 45.36
CA LEU EC 104 5.50 -32.23 44.25
C LEU EC 104 6.21 -31.94 42.94
N CYS EC 105 7.28 -31.13 42.97
CA CYS EC 105 8.01 -30.82 41.75
C CYS EC 105 8.63 -32.08 41.14
N TRP EC 106 9.24 -32.91 41.97
CA TRP EC 106 9.87 -34.13 41.47
C TRP EC 106 8.84 -35.15 41.02
N ALA EC 107 7.68 -35.18 41.67
CA ALA EC 107 6.60 -36.02 41.19
C ALA EC 107 6.14 -35.58 39.81
N ARG EC 108 6.02 -34.26 39.60
CA ARG EC 108 5.63 -33.74 38.29
C ARG EC 108 6.67 -34.07 37.23
N LEU EC 109 7.94 -33.96 37.58
CA LEU EC 109 8.99 -34.15 36.57
C LEU EC 109 9.21 -35.63 36.26
N TYR EC 110 9.58 -36.41 37.28
CA TYR EC 110 9.93 -37.81 37.08
C TYR EC 110 8.75 -38.74 37.00
N GLY EC 111 7.55 -38.27 37.32
CA GLY EC 111 6.37 -39.13 37.31
C GLY EC 111 6.15 -39.92 38.58
N GLY EC 112 6.99 -39.75 39.59
CA GLY EC 112 6.81 -40.47 40.83
C GLY EC 112 7.73 -40.00 41.94
N ALA EC 113 7.19 -39.93 43.16
CA ALA EC 113 7.97 -39.50 44.31
C ALA EC 113 7.45 -40.21 45.55
N ALA EC 114 8.29 -40.24 46.59
CA ALA EC 114 7.95 -40.92 47.83
C ALA EC 114 8.29 -40.01 49.00
N ILE EC 115 7.49 -40.10 50.07
CA ILE EC 115 7.75 -39.39 51.31
C ILE EC 115 7.77 -40.41 52.44
N VAL EC 116 8.74 -40.28 53.33
CA VAL EC 116 8.89 -41.14 54.50
C VAL EC 116 8.63 -40.30 55.74
N ALA EC 117 7.68 -40.74 56.56
CA ALA EC 117 7.29 -40.03 57.78
C ALA EC 117 7.65 -40.91 58.98
N ILE EC 118 8.37 -40.34 59.94
CA ILE EC 118 8.83 -41.08 61.11
C ILE EC 118 8.08 -40.55 62.33
N ILE EC 119 7.46 -41.45 63.08
CA ILE EC 119 6.56 -41.09 64.17
C ILE EC 119 7.20 -41.49 65.50
N ASN EC 120 6.80 -40.79 66.56
CA ASN EC 120 7.25 -41.09 67.92
C ASN EC 120 6.55 -42.35 68.41
N ASP EC 121 6.94 -43.50 67.87
CA ASP EC 121 6.35 -44.76 68.31
C ASP EC 121 7.47 -45.68 68.78
N ASN EC 122 7.22 -46.32 69.92
CA ASN EC 122 8.19 -47.22 70.54
C ASN EC 122 8.14 -48.61 69.95
N ARG EC 123 8.25 -48.69 68.62
CA ARG EC 123 8.26 -49.95 67.91
C ARG EC 123 9.27 -49.87 66.77
N MET EC 124 9.73 -51.04 66.34
CA MET EC 124 10.62 -51.10 65.19
C MET EC 124 9.83 -50.75 63.93
N LEU EC 125 10.52 -50.11 62.99
CA LEU EC 125 9.87 -49.29 61.98
C LEU EC 125 9.04 -50.07 60.96
N THR EC 126 9.38 -51.34 60.69
CA THR EC 126 8.63 -52.08 59.68
C THR EC 126 7.24 -52.43 60.16
N SER EC 127 7.02 -52.48 61.47
CA SER EC 127 5.71 -52.76 62.01
C SER EC 127 4.76 -51.59 61.72
N PRO EC 128 3.46 -51.86 61.66
CA PRO EC 128 2.49 -50.77 61.42
C PRO EC 128 2.41 -49.79 62.57
N VAL EC 129 1.56 -48.78 62.44
CA VAL EC 129 1.49 -47.67 63.38
C VAL EC 129 0.14 -47.71 64.09
N LYS EC 130 0.18 -47.68 65.42
CA LYS EC 130 -1.02 -47.64 66.24
C LYS EC 130 -1.66 -46.26 66.14
N PRO EC 131 -2.94 -46.14 66.49
CA PRO EC 131 -3.59 -44.82 66.47
C PRO EC 131 -2.87 -43.82 67.36
N GLY EC 132 -2.79 -42.59 66.88
CA GLY EC 132 -2.10 -41.54 67.61
C GLY EC 132 -1.86 -40.35 66.70
N ALA EC 133 -1.41 -39.25 67.33
CA ALA EC 133 -1.15 -37.99 66.64
C ALA EC 133 0.24 -37.51 67.02
N LYS EC 134 1.25 -37.97 66.28
CA LYS EC 134 2.63 -37.60 66.53
C LYS EC 134 3.42 -37.60 65.22
N LEU EC 135 4.52 -36.87 65.21
CA LEU EC 135 5.42 -36.80 64.07
C LEU EC 135 6.66 -36.03 64.48
N GLU EC 136 7.82 -36.43 63.93
CA GLU EC 136 9.07 -35.77 64.23
C GLU EC 136 9.94 -35.52 63.00
N GLY EC 137 9.66 -36.16 61.88
CA GLY EC 137 10.45 -35.95 60.69
C GLY EC 137 9.80 -36.57 59.47
N VAL EC 138 10.14 -35.99 58.32
CA VAL EC 138 9.64 -36.44 57.04
C VAL EC 138 10.69 -36.12 55.98
N ARG EC 139 10.86 -37.01 55.02
CA ARG EC 139 11.93 -36.90 54.03
C ARG EC 139 11.40 -37.29 52.67
N VAL EC 140 11.98 -36.71 51.62
CA VAL EC 140 11.49 -36.88 50.25
C VAL EC 140 12.53 -37.61 49.42
N TYR EC 141 12.10 -38.64 48.72
CA TYR EC 141 12.91 -39.43 47.80
C TYR EC 141 12.28 -39.43 46.43
N ASP EC 142 13.14 -39.53 45.41
CA ASP EC 142 12.68 -39.49 44.03
C ASP EC 142 12.15 -40.86 43.61
N ARG EC 143 11.93 -41.03 42.31
CA ARG EC 143 11.35 -42.27 41.78
C ARG EC 143 12.35 -43.41 41.80
N PHE EC 144 13.65 -43.11 41.68
CA PHE EC 144 14.65 -44.14 41.43
C PHE EC 144 14.96 -45.00 42.65
N ALA EC 145 14.65 -44.54 43.86
CA ALA EC 145 15.08 -45.22 45.07
C ALA EC 145 14.00 -46.07 45.73
N ILE EC 146 12.88 -46.32 45.05
CA ILE EC 146 11.72 -46.98 45.64
C ILE EC 146 11.42 -48.24 44.84
N THR EC 147 11.06 -49.31 45.55
CA THR EC 147 10.53 -50.52 44.92
C THR EC 147 9.59 -51.21 45.89
N ILE EC 148 8.88 -52.23 45.40
CA ILE EC 148 7.93 -52.98 46.20
C ILE EC 148 8.63 -54.26 46.66
N GLU EC 149 8.21 -54.80 47.81
CA GLU EC 149 8.77 -56.06 48.28
C GLU EC 149 7.73 -57.17 48.38
N LYS EC 150 6.65 -56.94 49.12
CA LYS EC 150 5.61 -57.94 49.32
C LYS EC 150 4.29 -57.43 48.79
N ARG EC 151 3.59 -58.28 48.03
CA ARG EC 151 2.30 -57.96 47.46
C ARG EC 151 1.23 -58.78 48.16
N VAL EC 152 0.10 -58.14 48.44
CA VAL EC 152 -1.01 -58.78 49.13
C VAL EC 152 -2.22 -58.82 48.20
N THR EC 153 -2.74 -60.02 47.96
CA THR EC 153 -3.95 -60.22 47.18
C THR EC 153 -5.02 -60.97 47.97
N ASN EC 154 -5.03 -60.79 49.29
CA ASN EC 154 -5.93 -61.55 50.15
C ASN EC 154 -7.39 -61.24 49.83
N ALA EC 155 -8.24 -62.27 49.94
CA ALA EC 155 -9.62 -62.14 49.49
C ALA EC 155 -10.43 -61.22 50.38
N ARG EC 156 -10.34 -61.40 51.71
CA ARG EC 156 -11.23 -60.67 52.60
C ARG EC 156 -10.91 -59.17 52.61
N SER EC 157 -9.64 -58.82 52.52
CA SER EC 157 -9.26 -57.42 52.55
C SER EC 157 -9.53 -56.77 51.19
N PRO EC 158 -10.17 -55.59 51.16
CA PRO EC 158 -10.25 -54.82 49.92
C PRO EC 158 -8.91 -54.23 49.47
N ARG EC 159 -7.88 -54.35 50.30
CA ARG EC 159 -6.54 -53.87 49.99
C ARG EC 159 -5.79 -54.83 49.08
N TYR EC 160 -6.48 -55.82 48.50
CA TYR EC 160 -5.82 -56.81 47.67
C TYR EC 160 -5.27 -56.17 46.40
N GLY EC 161 -4.10 -56.64 45.98
CA GLY EC 161 -3.52 -56.24 44.71
C GLY EC 161 -2.61 -55.03 44.73
N GLU EC 162 -2.38 -54.41 45.89
CA GLU EC 162 -1.40 -53.34 45.97
C GLU EC 162 -0.42 -53.62 47.10
N PRO EC 163 0.85 -53.19 46.97
CA PRO EC 163 1.91 -53.74 47.81
C PRO EC 163 1.74 -53.42 49.29
N GLU EC 164 2.28 -54.30 50.13
CA GLU EC 164 2.26 -54.08 51.56
C GLU EC 164 3.50 -53.29 52.02
N ILE EC 165 4.69 -53.79 51.71
CA ILE EC 165 5.93 -53.24 52.22
C ILE EC 165 6.78 -52.72 51.06
N TYR EC 166 7.39 -51.56 51.25
CA TYR EC 166 8.24 -50.93 50.27
C TYR EC 166 9.70 -51.07 50.67
N LYS EC 167 10.54 -51.36 49.68
CA LYS EC 167 11.99 -51.38 49.87
C LYS EC 167 12.57 -50.10 49.30
N VAL EC 168 13.23 -49.34 50.16
CA VAL EC 168 13.83 -48.06 49.79
C VAL EC 168 15.34 -48.19 49.87
N SER EC 169 16.02 -47.71 48.82
CA SER EC 169 17.47 -47.79 48.71
C SER EC 169 18.00 -46.41 48.37
N PRO EC 170 18.01 -45.49 49.33
CA PRO EC 170 18.50 -44.13 49.07
C PRO EC 170 19.96 -44.08 48.66
N GLY EC 171 20.76 -44.99 49.22
CA GLY EC 171 22.18 -44.99 48.96
C GLY EC 171 22.97 -44.44 50.14
N ASP EC 172 23.76 -43.40 49.89
CA ASP EC 172 24.54 -42.69 50.91
C ASP EC 172 25.14 -43.64 51.95
N ASN EC 173 25.77 -44.70 51.43
CA ASN EC 173 26.44 -45.75 52.20
C ASN EC 173 25.66 -46.19 53.43
N ILE EC 174 24.33 -46.26 53.32
CA ILE EC 174 23.48 -46.86 54.34
C ILE EC 174 22.66 -47.96 53.68
N GLN EC 175 22.44 -49.04 54.41
CA GLN EC 175 21.79 -50.21 53.83
C GLN EC 175 20.35 -49.89 53.44
N PRO EC 176 19.88 -50.36 52.30
CA PRO EC 176 18.46 -50.22 51.96
C PRO EC 176 17.59 -50.92 52.99
N TYR EC 177 16.41 -50.36 53.23
CA TYR EC 177 15.56 -50.87 54.30
C TYR EC 177 14.11 -50.99 53.82
N LEU EC 178 13.26 -51.49 54.72
CA LEU EC 178 11.88 -51.82 54.41
C LEU EC 178 10.94 -51.00 55.28
N ILE EC 179 9.85 -50.54 54.68
CA ILE EC 179 8.88 -49.68 55.35
C ILE EC 179 7.49 -50.24 55.12
N HIS EC 180 6.67 -50.24 56.18
CA HIS EC 180 5.26 -50.59 56.03
C HIS EC 180 4.53 -49.46 55.32
N HIS EC 181 3.47 -49.83 54.60
CA HIS EC 181 2.80 -48.88 53.71
C HIS EC 181 2.18 -47.73 54.48
N THR EC 182 1.84 -47.94 55.76
CA THR EC 182 1.21 -46.88 56.54
C THR EC 182 2.12 -45.67 56.67
N ARG EC 183 3.44 -45.89 56.70
CA ARG EC 183 4.37 -44.78 56.82
C ARG EC 183 4.64 -44.12 55.47
N ILE EC 184 4.17 -44.74 54.39
CA ILE EC 184 4.53 -44.32 53.04
C ILE EC 184 3.32 -43.72 52.33
N PHE EC 185 3.56 -42.57 51.70
CA PHE EC 185 2.65 -42.00 50.72
C PHE EC 185 3.40 -41.86 49.40
N ILE EC 186 2.80 -42.38 48.33
CA ILE EC 186 3.40 -42.35 46.99
C ILE EC 186 2.69 -41.27 46.20
N ALA EC 187 3.46 -40.33 45.66
CA ALA EC 187 2.93 -39.25 44.85
C ALA EC 187 3.15 -39.57 43.38
N ASP EC 188 2.07 -39.55 42.61
CA ASP EC 188 2.12 -39.85 41.19
C ASP EC 188 2.06 -38.56 40.38
N GLY EC 189 2.29 -38.67 39.08
CA GLY EC 189 2.23 -37.53 38.20
C GLY EC 189 0.88 -37.39 37.55
N GLU EC 190 0.81 -37.66 36.24
CA GLU EC 190 -0.43 -37.60 35.50
C GLU EC 190 -0.80 -38.98 34.95
N ARG EC 191 -2.07 -39.13 34.63
CA ARG EC 191 -2.61 -40.44 34.26
C ARG EC 191 -2.03 -40.91 32.92
N VAL EC 192 -1.88 -42.23 32.81
CA VAL EC 192 -1.48 -42.89 31.58
C VAL EC 192 -2.36 -44.13 31.39
N THR EC 193 -2.32 -44.69 30.19
CA THR EC 193 -3.08 -45.89 29.91
C THR EC 193 -2.60 -47.04 30.78
N PRO EC 194 -3.50 -47.89 31.27
CA PRO EC 194 -3.09 -48.94 32.22
C PRO EC 194 -2.08 -49.91 31.65
N GLN EC 195 -2.12 -50.17 30.34
CA GLN EC 195 -1.15 -51.06 29.73
C GLN EC 195 0.27 -50.50 29.83
N MET EC 196 0.41 -49.18 29.96
CA MET EC 196 1.70 -48.56 30.25
C MET EC 196 1.91 -48.34 31.73
N ARG EC 197 0.84 -48.17 32.49
CA ARG EC 197 0.93 -48.02 33.93
C ARG EC 197 1.55 -49.26 34.56
N LYS EC 198 1.06 -50.44 34.17
CA LYS EC 198 1.62 -51.69 34.69
C LYS EC 198 2.99 -51.97 34.09
N GLN EC 199 3.27 -51.43 32.90
CA GLN EC 199 4.60 -51.59 32.32
C GLN EC 199 5.63 -50.73 33.02
N ASN EC 200 5.21 -49.60 33.60
CA ASN EC 200 6.08 -48.73 34.37
C ASN EC 200 5.96 -48.97 35.88
N GLN EC 201 5.66 -50.20 36.28
CA GLN EC 201 5.59 -50.60 37.68
C GLN EC 201 4.61 -49.73 38.47
N GLY EC 202 3.44 -49.50 37.88
CA GLY EC 202 2.42 -48.72 38.56
C GLY EC 202 2.83 -47.29 38.82
N TRP EC 203 3.48 -46.64 37.86
CA TRP EC 203 4.00 -45.30 38.03
C TRP EC 203 3.64 -44.45 36.83
N GLY EC 204 3.58 -43.14 37.04
CA GLY EC 204 3.15 -42.21 36.01
C GLY EC 204 4.21 -41.87 34.99
N ALA EC 205 4.04 -40.77 34.30
CA ALA EC 205 4.96 -40.35 33.24
C ALA EC 205 5.38 -38.91 33.45
N SER EC 206 6.40 -38.50 32.69
CA SER EC 206 6.92 -37.15 32.81
C SER EC 206 5.99 -36.14 32.15
N VAL EC 207 5.98 -34.91 32.68
CA VAL EC 207 5.23 -33.84 32.07
C VAL EC 207 5.90 -33.38 30.78
N LEU EC 208 7.17 -33.72 30.59
CA LEU EC 208 7.92 -33.35 29.39
C LEU EC 208 7.82 -34.48 28.38
N ASN EC 209 6.70 -34.53 27.66
CA ASN EC 209 6.53 -35.48 26.58
C ASN EC 209 7.42 -35.08 25.41
N LYS EC 210 7.54 -35.98 24.43
CA LYS EC 210 8.46 -35.74 23.32
C LYS EC 210 7.98 -34.58 22.46
N SER EC 211 6.66 -34.41 22.30
CA SER EC 211 6.15 -33.28 21.55
C SER EC 211 6.54 -31.96 22.20
N LEU EC 212 6.37 -31.87 23.52
CA LEU EC 212 6.82 -30.69 24.24
C LEU EC 212 8.32 -30.51 24.10
N ILE EC 213 9.07 -31.60 24.19
CA ILE EC 213 10.53 -31.52 24.14
C ILE EC 213 11.00 -30.93 22.82
N ASP EC 214 10.53 -31.48 21.71
CA ASP EC 214 11.03 -30.99 20.42
C ASP EC 214 10.40 -29.67 20.02
N ALA EC 215 9.16 -29.37 20.47
CA ALA EC 215 8.62 -28.05 20.25
C ALA EC 215 9.45 -26.99 20.96
N ILE EC 216 9.87 -27.26 22.19
CA ILE EC 216 10.79 -26.35 22.87
C ILE EC 216 12.13 -26.33 22.16
N CYS EC 217 12.57 -27.47 21.65
CA CYS EC 217 13.90 -27.58 21.07
C CYS EC 217 14.04 -26.72 19.82
N ASP EC 218 13.09 -26.78 18.90
CA ASP EC 218 13.29 -26.07 17.64
C ASP EC 218 13.31 -24.55 17.80
N TYR EC 219 12.88 -24.03 18.96
CA TYR EC 219 12.81 -22.60 19.16
C TYR EC 219 14.19 -21.95 19.09
N ASP EC 220 15.19 -22.55 19.75
CA ASP EC 220 16.53 -21.94 19.76
C ASP EC 220 17.17 -22.06 18.38
N TYR EC 221 16.86 -23.13 17.65
CA TYR EC 221 17.31 -23.24 16.27
C TYR EC 221 16.73 -22.12 15.42
N CYS EC 222 15.45 -21.81 15.63
CA CYS EC 222 14.84 -20.67 14.94
C CYS EC 222 15.53 -19.37 15.31
N GLU EC 223 15.87 -19.21 16.59
CA GLU EC 223 16.57 -17.99 17.03
C GLU EC 223 17.94 -17.86 16.35
N SER EC 224 18.69 -18.95 16.30
CA SER EC 224 20.00 -18.93 15.65
C SER EC 224 19.86 -18.63 14.16
N LEU EC 225 18.83 -19.20 13.51
CA LEU EC 225 18.58 -18.88 12.12
C LEU EC 225 18.29 -17.40 11.94
N ALA EC 226 17.49 -16.82 12.86
CA ALA EC 226 17.20 -15.39 12.78
C ALA EC 226 18.47 -14.56 12.92
N THR EC 227 19.35 -14.94 13.85
CA THR EC 227 20.62 -14.22 14.00
C THR EC 227 21.45 -14.30 12.74
N GLN EC 228 21.49 -15.48 12.11
CA GLN EC 228 22.24 -15.63 10.86
C GLN EC 228 21.63 -14.77 9.75
N ILE EC 229 20.30 -14.72 9.68
CA ILE EC 229 19.63 -13.84 8.71
C ILE EC 229 20.04 -12.40 8.93
N LEU EC 230 20.08 -11.97 10.20
CA LEU EC 230 20.53 -10.62 10.49
C LEU EC 230 21.96 -10.39 10.05
N ARG EC 231 22.84 -11.37 10.27
CA ARG EC 231 24.25 -11.18 9.93
C ARG EC 231 24.44 -11.11 8.42
N ARG EC 232 23.69 -11.89 7.65
CA ARG EC 232 23.90 -11.99 6.21
C ARG EC 232 23.09 -10.95 5.42
N LYS EC 233 22.81 -9.79 6.01
CA LYS EC 233 21.99 -8.80 5.31
C LYS EC 233 22.71 -8.22 4.10
N GLN EC 234 23.98 -7.84 4.26
CA GLN EC 234 24.70 -7.11 3.23
C GLN EC 234 26.05 -7.78 2.97
N GLN EC 235 26.43 -7.86 1.69
CA GLN EC 235 27.66 -8.54 1.29
C GLN EC 235 28.41 -7.68 0.29
N ALA EC 236 29.74 -7.63 0.43
CA ALA EC 236 30.60 -6.92 -0.51
C ALA EC 236 31.47 -7.90 -1.27
N VAL EC 237 31.63 -7.66 -2.57
CA VAL EC 237 32.36 -8.55 -3.45
C VAL EC 237 33.43 -7.76 -4.19
N TRP EC 238 34.65 -8.28 -4.21
CA TRP EC 238 35.79 -7.65 -4.85
C TRP EC 238 36.31 -8.59 -5.94
N LYS EC 239 36.41 -8.09 -7.16
CA LYS EC 239 36.83 -8.88 -8.30
C LYS EC 239 38.16 -8.33 -8.84
N VAL EC 240 39.17 -9.20 -8.93
CA VAL EC 240 40.51 -8.81 -9.35
C VAL EC 240 41.03 -9.83 -10.35
N LYS EC 241 40.97 -9.49 -11.63
CA LYS EC 241 41.50 -10.37 -12.66
C LYS EC 241 42.99 -10.62 -12.45
N GLY EC 242 43.40 -11.87 -12.63
CA GLY EC 242 44.75 -12.28 -12.33
C GLY EC 242 44.98 -12.73 -10.90
N LEU EC 243 44.05 -12.44 -9.99
CA LEU EC 243 44.27 -12.76 -8.59
C LEU EC 243 44.44 -14.26 -8.38
N ALA EC 244 44.03 -15.07 -9.35
CA ALA EC 244 44.13 -16.52 -9.20
C ALA EC 244 45.57 -17.00 -9.22
N GLU EC 245 46.50 -16.15 -9.66
CA GLU EC 245 47.84 -16.65 -9.94
C GLU EC 245 48.76 -16.59 -8.73
N MET EC 246 48.26 -16.16 -7.59
CA MET EC 246 49.10 -16.09 -6.39
C MET EC 246 49.32 -17.50 -5.82
N CYS EC 247 50.53 -17.74 -5.32
CA CYS EC 247 50.78 -18.96 -4.56
C CYS EC 247 49.99 -18.95 -3.26
N ASP EC 248 49.55 -20.12 -2.83
CA ASP EC 248 48.83 -20.24 -1.58
C ASP EC 248 49.78 -20.06 -0.40
N ASP EC 249 49.29 -19.34 0.62
CA ASP EC 249 49.99 -19.17 1.88
C ASP EC 249 51.38 -18.56 1.69
N ASP EC 250 51.40 -17.39 1.04
CA ASP EC 250 52.64 -16.67 0.83
C ASP EC 250 52.45 -15.20 1.21
N ASP EC 251 53.59 -14.52 1.39
CA ASP EC 251 53.57 -13.14 1.86
C ASP EC 251 52.73 -12.25 0.94
N ALA EC 252 52.73 -12.53 -0.36
CA ALA EC 252 51.93 -11.73 -1.28
C ALA EC 252 50.45 -11.83 -0.95
N GLN EC 253 49.93 -13.06 -0.82
CA GLN EC 253 48.52 -13.24 -0.53
C GLN EC 253 48.15 -12.69 0.85
N TYR EC 254 49.02 -12.90 1.84
CA TYR EC 254 48.73 -12.37 3.17
C TYR EC 254 48.70 -10.85 3.17
N ALA EC 255 49.64 -10.22 2.46
CA ALA EC 255 49.63 -8.76 2.35
C ALA EC 255 48.37 -8.28 1.64
N ALA EC 256 47.96 -8.97 0.57
CA ALA EC 256 46.76 -8.56 -0.15
C ALA EC 256 45.52 -8.64 0.72
N ARG EC 257 45.37 -9.74 1.46
CA ARG EC 257 44.18 -9.88 2.29
C ARG EC 257 44.21 -8.93 3.48
N LEU EC 258 45.40 -8.65 4.03
CA LEU EC 258 45.50 -7.66 5.09
C LEU EC 258 45.11 -6.28 4.58
N ARG EC 259 45.55 -5.93 3.38
CA ARG EC 259 45.20 -4.63 2.81
C ARG EC 259 43.71 -4.55 2.52
N LEU EC 260 43.12 -5.66 2.06
CA LEU EC 260 41.67 -5.71 1.87
C LEU EC 260 40.93 -5.47 3.18
N ALA EC 261 41.34 -6.15 4.24
CA ALA EC 261 40.68 -5.95 5.53
C ALA EC 261 40.84 -4.52 6.01
N GLN EC 262 42.03 -3.95 5.84
CA GLN EC 262 42.29 -2.59 6.29
C GLN EC 262 41.39 -1.60 5.54
N VAL EC 263 41.28 -1.76 4.23
CA VAL EC 263 40.45 -0.82 3.47
C VAL EC 263 38.98 -1.03 3.77
N ASP EC 264 38.56 -2.27 4.02
CA ASP EC 264 37.17 -2.52 4.38
C ASP EC 264 36.84 -1.95 5.75
N ASP EC 265 37.84 -1.82 6.62
CA ASP EC 265 37.63 -1.21 7.92
C ASP EC 265 37.19 0.25 7.81
N ASN EC 266 37.83 1.04 6.95
CA ASN EC 266 37.59 2.48 6.89
C ASN EC 266 36.48 2.88 5.93
N SER EC 267 35.85 1.93 5.25
CA SER EC 267 34.75 2.27 4.35
C SER EC 267 33.54 2.75 5.15
N GLY EC 268 32.69 3.52 4.48
CA GLY EC 268 31.52 4.06 5.14
C GLY EC 268 30.80 5.04 4.24
N VAL EC 269 29.83 5.72 4.84
CA VAL EC 269 29.01 6.67 4.08
C VAL EC 269 29.82 7.91 3.71
N GLY EC 270 30.66 8.40 4.62
CA GLY EC 270 31.45 9.58 4.38
C GLY EC 270 32.81 9.33 3.76
N ARG EC 271 33.09 8.10 3.34
CA ARG EC 271 34.39 7.73 2.81
C ARG EC 271 34.21 7.10 1.44
N ALA EC 272 35.17 7.36 0.56
CA ALA EC 272 35.14 6.84 -0.80
C ALA EC 272 36.37 5.98 -1.03
N ILE EC 273 36.21 4.93 -1.83
CA ILE EC 273 37.27 3.98 -2.13
C ILE EC 273 37.50 3.98 -3.64
N GLY EC 274 38.75 4.15 -4.04
CA GLY EC 274 39.11 4.12 -5.44
C GLY EC 274 39.60 2.76 -5.88
N ILE EC 275 39.30 2.43 -7.14
CA ILE EC 275 39.68 1.16 -7.75
C ILE EC 275 40.14 1.43 -9.17
N ASP EC 276 40.67 0.41 -9.81
CA ASP EC 276 41.12 0.50 -11.19
C ASP EC 276 39.98 0.11 -12.13
N ALA EC 277 39.89 0.80 -13.27
CA ALA EC 277 38.78 0.56 -14.19
C ALA EC 277 38.92 -0.79 -14.89
N GLU EC 278 40.10 -1.08 -15.44
CA GLU EC 278 40.24 -2.29 -16.25
C GLU EC 278 40.21 -3.55 -15.40
N THR EC 279 40.92 -3.55 -14.27
CA THR EC 279 41.34 -4.80 -13.65
C THR EC 279 40.46 -5.26 -12.50
N GLU EC 280 39.78 -4.37 -11.79
CA GLU EC 280 39.07 -4.76 -10.59
C GLU EC 280 37.70 -4.09 -10.54
N GLU EC 281 36.77 -4.73 -9.83
CA GLU EC 281 35.42 -4.22 -9.66
C GLU EC 281 34.97 -4.44 -8.22
N TYR EC 282 34.08 -3.57 -7.77
CA TYR EC 282 33.55 -3.60 -6.40
C TYR EC 282 32.03 -3.63 -6.51
N ASP EC 283 31.41 -4.68 -5.97
CA ASP EC 283 29.96 -4.82 -6.04
C ASP EC 283 29.38 -5.07 -4.66
N VAL EC 284 28.10 -4.78 -4.51
CA VAL EC 284 27.40 -4.93 -3.23
C VAL EC 284 26.09 -5.67 -3.48
N LEU EC 285 25.78 -6.60 -2.59
CA LEU EC 285 24.53 -7.37 -2.64
C LEU EC 285 23.79 -7.21 -1.31
N ASN EC 286 22.46 -7.16 -1.40
CA ASN EC 286 21.65 -6.94 -0.22
C ASN EC 286 20.35 -7.71 -0.33
N SER EC 287 19.81 -8.07 0.83
CA SER EC 287 18.56 -8.84 0.91
C SER EC 287 17.71 -8.26 2.03
N ASP EC 288 16.40 -8.48 1.92
CA ASP EC 288 15.44 -7.96 2.88
C ASP EC 288 15.18 -8.98 3.98
N ILE EC 289 14.85 -8.48 5.17
CA ILE EC 289 14.45 -9.29 6.31
C ILE EC 289 13.07 -8.82 6.75
N SER EC 290 12.15 -9.76 6.92
CA SER EC 290 10.77 -9.42 7.23
C SER EC 290 10.03 -10.68 7.67
N GLY EC 291 9.08 -10.50 8.57
CA GLY EC 291 8.26 -11.59 9.04
C GLY EC 291 8.89 -12.46 10.11
N VAL EC 292 10.18 -12.27 10.39
CA VAL EC 292 10.84 -13.08 11.42
C VAL EC 292 10.23 -12.86 12.80
N PRO EC 293 9.97 -11.62 13.24
CA PRO EC 293 9.33 -11.48 14.56
C PRO EC 293 7.98 -12.17 14.66
N GLU EC 294 7.16 -12.08 13.62
CA GLU EC 294 5.86 -12.75 13.65
C GLU EC 294 6.02 -14.26 13.65
N PHE EC 295 6.99 -14.77 12.88
CA PHE EC 295 7.26 -16.19 12.86
C PHE EC 295 7.66 -16.70 14.25
N LEU EC 296 8.57 -15.97 14.91
CA LEU EC 296 9.00 -16.35 16.25
C LEU EC 296 7.85 -16.26 17.24
N SER EC 297 7.01 -15.23 17.11
CA SER EC 297 5.85 -15.11 17.99
C SER EC 297 4.90 -16.28 17.79
N SER EC 298 4.72 -16.73 16.55
CA SER EC 298 3.87 -17.89 16.30
C SER EC 298 4.45 -19.15 16.93
N LYS EC 299 5.77 -19.33 16.83
CA LYS EC 299 6.39 -20.48 17.48
C LYS EC 299 6.18 -20.43 19.00
N MET EC 300 6.36 -19.27 19.60
CA MET EC 300 6.10 -19.13 21.03
C MET EC 300 4.64 -19.42 21.35
N ASP EC 301 3.73 -19.01 20.46
CA ASP EC 301 2.31 -19.29 20.67
C ASP EC 301 2.05 -20.79 20.67
N ARG EC 302 2.70 -21.53 19.76
CA ARG EC 302 2.59 -22.98 19.81
C ARG EC 302 3.10 -23.53 21.12
N ILE EC 303 4.24 -23.01 21.59
CA ILE EC 303 4.78 -23.46 22.87
C ILE EC 303 3.76 -23.26 23.98
N VAL EC 304 3.15 -22.09 24.02
CA VAL EC 304 2.15 -21.78 25.04
C VAL EC 304 0.98 -22.74 24.95
N SER EC 305 0.42 -22.91 23.74
CA SER EC 305 -0.77 -23.74 23.59
C SER EC 305 -0.49 -25.18 23.98
N LEU EC 306 0.66 -25.71 23.59
CA LEU EC 306 0.97 -27.11 23.90
C LEU EC 306 1.34 -27.30 25.36
N SER EC 307 1.97 -26.30 25.99
CA SER EC 307 2.32 -26.43 27.40
C SER EC 307 1.08 -26.39 28.27
N GLY EC 308 0.16 -25.46 27.99
CA GLY EC 308 -1.08 -25.36 28.73
C GLY EC 308 -1.17 -24.23 29.73
N ILE EC 309 -0.16 -23.38 29.81
CA ILE EC 309 -0.20 -22.18 30.64
C ILE EC 309 0.02 -20.97 29.74
N HIS EC 310 -0.78 -19.92 29.95
CA HIS EC 310 -0.92 -18.89 28.93
C HIS EC 310 0.10 -17.77 29.09
N GLU EC 311 -0.07 -16.74 28.25
CA GLU EC 311 0.99 -15.77 28.01
C GLU EC 311 1.41 -15.02 29.26
N ILE EC 312 0.43 -14.57 30.04
CA ILE EC 312 0.70 -13.64 31.14
C ILE EC 312 1.56 -14.32 32.20
N ILE EC 313 1.65 -15.65 32.14
CA ILE EC 313 2.45 -16.40 33.09
C ILE EC 313 3.66 -17.09 32.46
N ILE EC 314 3.65 -17.35 31.15
CA ILE EC 314 4.78 -17.98 30.49
C ILE EC 314 5.66 -16.97 29.75
N LYS EC 315 5.07 -16.16 28.87
CA LYS EC 315 5.84 -15.13 28.18
C LYS EC 315 6.08 -13.92 29.05
N ASN EC 316 5.26 -13.75 30.09
CA ASN EC 316 5.39 -12.64 31.04
C ASN EC 316 5.35 -11.29 30.33
N LYS EC 317 4.50 -11.17 29.32
CA LYS EC 317 4.29 -9.91 28.60
C LYS EC 317 2.81 -9.57 28.66
N ASN EC 318 2.49 -8.43 29.25
CA ASN EC 318 1.12 -7.94 29.23
C ASN EC 318 0.71 -7.62 27.80
N VAL EC 319 -0.56 -7.92 27.49
CA VAL EC 319 -1.04 -7.69 26.13
C VAL EC 319 -1.01 -6.22 25.78
N GLY EC 320 -1.30 -5.35 26.75
CA GLY EC 320 -1.21 -3.91 26.58
C GLY EC 320 -2.37 -3.26 25.86
N GLY EC 321 -3.06 -3.98 24.98
CA GLY EC 321 -4.15 -3.39 24.22
C GLY EC 321 -5.48 -3.33 24.94
N VAL EC 322 -5.56 -3.89 26.15
CA VAL EC 322 -6.81 -3.90 26.91
C VAL EC 322 -6.46 -3.56 28.36
N SER EC 323 -7.44 -2.99 29.06
CA SER EC 323 -7.21 -2.54 30.43
C SER EC 323 -7.56 -3.61 31.46
N ALA EC 324 -8.65 -4.35 31.23
CA ALA EC 324 -9.19 -5.24 32.24
C ALA EC 324 -9.56 -6.61 31.66
N SER EC 325 -8.66 -7.21 30.89
CA SER EC 325 -8.82 -8.60 30.49
C SER EC 325 -7.77 -9.51 31.14
N GLN EC 326 -6.67 -8.94 31.61
CA GLN EC 326 -5.68 -9.71 32.35
C GLN EC 326 -6.26 -10.29 33.63
N ASN EC 327 -7.25 -9.64 34.24
CA ASN EC 327 -7.91 -10.23 35.39
C ASN EC 327 -8.59 -11.54 35.04
N THR EC 328 -9.28 -11.60 33.90
CA THR EC 328 -9.89 -12.84 33.45
C THR EC 328 -8.84 -13.88 33.06
N ALA EC 329 -7.76 -13.45 32.42
CA ALA EC 329 -6.68 -14.39 32.11
C ALA EC 329 -6.14 -15.04 33.39
N LEU EC 330 -5.84 -14.22 34.40
CA LEU EC 330 -5.40 -14.76 35.67
C LEU EC 330 -6.45 -15.65 36.32
N GLU EC 331 -7.74 -15.27 36.28
CA GLU EC 331 -8.72 -16.12 36.94
C GLU EC 331 -8.83 -17.48 36.26
N THR EC 332 -8.66 -17.54 34.94
CA THR EC 332 -8.54 -18.84 34.30
C THR EC 332 -7.33 -19.59 34.83
N PHE EC 333 -6.22 -18.88 35.04
CA PHE EC 333 -5.06 -19.53 35.62
C PHE EC 333 -5.36 -20.11 37.01
N TYR EC 334 -6.03 -19.34 37.87
CA TYR EC 334 -6.30 -19.86 39.21
C TYR EC 334 -7.30 -21.00 39.16
N LYS EC 335 -8.28 -20.96 38.25
CA LYS EC 335 -9.21 -22.07 38.20
C LYS EC 335 -8.51 -23.36 37.75
N LEU EC 336 -7.58 -23.26 36.79
CA LEU EC 336 -6.88 -24.48 36.37
C LEU EC 336 -5.93 -24.98 37.46
N VAL EC 337 -5.27 -24.07 38.17
CA VAL EC 337 -4.36 -24.51 39.22
C VAL EC 337 -5.14 -25.10 40.39
N ASP EC 338 -6.32 -24.56 40.69
CA ASP EC 338 -7.18 -25.16 41.70
C ASP EC 338 -7.63 -26.55 41.26
N ARG EC 339 -7.95 -26.70 39.98
CA ARG EC 339 -8.29 -28.01 39.43
C ARG EC 339 -7.18 -29.01 39.68
N LYS EC 340 -5.95 -28.67 39.31
CA LYS EC 340 -4.85 -29.61 39.51
C LYS EC 340 -4.53 -29.81 40.98
N ARG EC 341 -4.79 -28.80 41.80
CA ARG EC 341 -4.59 -28.93 43.25
C ARG EC 341 -5.53 -29.97 43.85
N GLU EC 342 -6.82 -29.91 43.48
CA GLU EC 342 -7.81 -30.80 44.06
C GLU EC 342 -7.47 -32.27 43.86
N GLU EC 343 -6.71 -32.60 42.83
CA GLU EC 343 -6.44 -34.00 42.52
C GLU EC 343 -5.23 -34.54 43.27
N ASP EC 344 -4.21 -33.72 43.49
CA ASP EC 344 -2.95 -34.21 44.02
C ASP EC 344 -2.54 -33.62 45.36
N TYR EC 345 -2.84 -32.34 45.64
CA TYR EC 345 -2.41 -31.77 46.90
C TYR EC 345 -3.24 -32.30 48.06
N ARG EC 346 -4.54 -32.45 47.86
CA ARG EC 346 -5.42 -32.94 48.93
C ARG EC 346 -4.98 -34.27 49.51
N PRO EC 347 -4.58 -35.28 48.71
CA PRO EC 347 -4.11 -36.54 49.29
C PRO EC 347 -3.00 -36.35 50.31
N LEU EC 348 -2.08 -35.41 50.09
CA LEU EC 348 -1.12 -35.08 51.14
C LEU EC 348 -1.82 -34.59 52.40
N LEU EC 349 -2.88 -33.79 52.23
CA LEU EC 349 -3.60 -33.24 53.37
C LEU EC 349 -4.20 -34.35 54.23
N GLU EC 350 -4.97 -35.26 53.61
CA GLU EC 350 -5.55 -36.31 54.45
C GLU EC 350 -4.56 -37.41 54.80
N PHE EC 351 -3.38 -37.43 54.17
CA PHE EC 351 -2.35 -38.36 54.63
C PHE EC 351 -1.62 -37.84 55.85
N LEU EC 352 -1.40 -36.53 55.95
CA LEU EC 352 -0.56 -35.97 57.00
C LEU EC 352 -1.36 -35.43 58.17
N LEU EC 353 -2.44 -34.70 57.91
CA LEU EC 353 -3.18 -34.05 59.00
C LEU EC 353 -3.67 -35.01 60.07
N PRO EC 354 -4.28 -36.16 59.75
CA PRO EC 354 -4.72 -37.07 60.82
C PRO EC 354 -3.58 -37.56 61.70
N PHE EC 355 -2.33 -37.49 61.23
CA PHE EC 355 -1.18 -37.86 62.05
C PHE EC 355 -0.81 -36.78 63.06
N ILE EC 356 -1.42 -35.60 63.00
CA ILE EC 356 -1.06 -34.50 63.89
C ILE EC 356 -2.25 -34.06 64.72
N VAL EC 357 -3.45 -34.17 64.17
CA VAL EC 357 -4.65 -33.65 64.81
C VAL EC 357 -5.32 -34.77 65.60
N ASP EC 358 -5.63 -34.48 66.87
CA ASP EC 358 -6.39 -35.41 67.68
C ASP EC 358 -7.89 -35.17 67.59
N GLU EC 359 -8.30 -34.07 66.98
CA GLU EC 359 -9.73 -33.79 66.78
C GLU EC 359 -10.32 -34.84 65.84
N GLN EC 360 -11.53 -35.31 66.20
CA GLN EC 360 -12.08 -36.50 65.55
C GLN EC 360 -12.49 -36.22 64.11
N GLU EC 361 -13.45 -35.33 63.90
CA GLU EC 361 -14.01 -35.09 62.58
C GLU EC 361 -13.78 -33.64 62.16
N TRP EC 362 -13.18 -33.46 61.00
CA TRP EC 362 -12.85 -32.13 60.50
C TRP EC 362 -12.87 -32.16 58.97
N SER EC 363 -12.80 -30.99 58.37
CA SER EC 363 -12.74 -30.86 56.93
C SER EC 363 -11.68 -29.84 56.56
N ILE EC 364 -11.14 -29.99 55.36
CA ILE EC 364 -10.14 -29.08 54.80
C ILE EC 364 -10.78 -28.30 53.67
N GLU EC 365 -10.80 -26.98 53.80
CA GLU EC 365 -11.35 -26.11 52.78
C GLU EC 365 -10.23 -25.27 52.19
N PHE EC 366 -10.30 -25.04 50.89
CA PHE EC 366 -9.24 -24.37 50.15
C PHE EC 366 -9.53 -22.89 50.04
N GLU EC 367 -8.51 -22.07 50.24
CA GLU EC 367 -8.67 -20.63 50.19
C GLU EC 367 -9.11 -20.20 48.79
N PRO EC 368 -10.07 -19.29 48.67
CA PRO EC 368 -10.50 -18.83 47.34
C PRO EC 368 -9.38 -18.06 46.66
N LEU EC 369 -8.77 -18.68 45.66
CA LEU EC 369 -7.48 -18.26 45.15
C LEU EC 369 -7.65 -17.03 44.26
N SER EC 370 -7.77 -15.87 44.91
CA SER EC 370 -7.83 -14.60 44.23
C SER EC 370 -7.04 -13.59 45.04
N VAL EC 371 -6.25 -12.76 44.37
CA VAL EC 371 -5.36 -11.82 45.05
C VAL EC 371 -6.19 -10.79 45.80
N PRO EC 372 -6.01 -10.72 47.12
CA PRO EC 372 -6.91 -9.78 47.81
C PRO EC 372 -6.30 -8.40 47.87
N SER EC 373 -7.09 -7.38 48.15
CA SER EC 373 -6.56 -6.03 48.13
C SER EC 373 -7.19 -5.14 49.19
N LYS EC 374 -6.38 -4.28 49.78
CA LYS EC 374 -6.87 -3.46 50.89
C LYS EC 374 -8.17 -2.76 50.67
N LYS EC 375 -8.23 -1.94 49.65
CA LYS EC 375 -9.44 -1.13 49.51
C LYS EC 375 -10.65 -2.03 49.29
N GLU EC 376 -10.51 -2.98 48.37
CA GLU EC 376 -11.60 -3.91 48.08
C GLU EC 376 -11.97 -4.73 49.32
N GLU EC 377 -10.98 -5.21 50.06
CA GLU EC 377 -11.32 -5.93 51.28
C GLU EC 377 -11.92 -5.00 52.33
N SER EC 378 -11.64 -3.70 52.24
CA SER EC 378 -12.34 -2.76 53.11
C SER EC 378 -13.83 -2.73 52.80
N GLU EC 379 -14.19 -2.61 51.52
CA GLU EC 379 -15.62 -2.72 51.21
C GLU EC 379 -16.18 -4.07 51.62
N ILE EC 380 -15.40 -5.14 51.47
CA ILE EC 380 -15.89 -6.47 51.83
C ILE EC 380 -16.20 -6.53 53.32
N THR EC 381 -15.28 -6.04 54.15
CA THR EC 381 -15.50 -6.07 55.60
C THR EC 381 -16.69 -5.23 56.00
N LYS EC 382 -16.84 -4.04 55.40
CA LYS EC 382 -18.02 -3.23 55.69
C LYS EC 382 -19.29 -3.96 55.31
N ASN EC 383 -19.29 -4.61 54.14
CA ASN EC 383 -20.47 -5.32 53.68
C ASN EC 383 -20.80 -6.46 54.62
N ASN EC 384 -19.80 -7.23 55.05
CA ASN EC 384 -20.06 -8.35 55.96
C ASN EC 384 -20.56 -7.86 57.31
N VAL EC 385 -19.98 -6.78 57.85
CA VAL EC 385 -20.39 -6.34 59.17
C VAL EC 385 -21.80 -5.77 59.13
N GLU EC 386 -22.21 -5.17 58.01
CA GLU EC 386 -23.59 -4.73 57.90
C GLU EC 386 -24.54 -5.89 57.65
N SER EC 387 -24.10 -6.91 56.89
CA SER EC 387 -24.97 -8.03 56.59
C SER EC 387 -25.20 -8.90 57.81
N VAL EC 388 -24.18 -9.07 58.66
CA VAL EC 388 -24.34 -9.93 59.82
C VAL EC 388 -25.37 -9.37 60.78
N THR EC 389 -25.34 -8.06 61.06
CA THR EC 389 -26.38 -7.44 61.88
C THR EC 389 -26.87 -6.12 61.25
N LYS EC 390 -27.72 -6.24 60.24
CA LYS EC 390 -28.72 -5.21 59.98
C LYS EC 390 -30.11 -5.64 60.43
N ALA EC 391 -30.40 -6.94 60.38
CA ALA EC 391 -31.76 -7.44 60.58
C ALA EC 391 -31.86 -8.56 61.61
N ILE EC 392 -30.73 -9.09 62.09
CA ILE EC 392 -30.78 -10.15 63.09
C ILE EC 392 -31.26 -9.64 64.44
N THR EC 393 -31.51 -8.33 64.56
CA THR EC 393 -31.97 -7.75 65.81
C THR EC 393 -33.32 -8.29 66.26
N GLU EC 394 -34.17 -8.73 65.32
CA GLU EC 394 -35.51 -9.17 65.67
C GLU EC 394 -35.65 -10.69 65.76
N GLN EC 395 -34.69 -11.45 65.24
CA GLN EC 395 -34.80 -12.90 65.18
C GLN EC 395 -33.83 -13.51 66.20
N ILE EC 396 -34.06 -14.79 66.52
CA ILE EC 396 -33.46 -15.41 67.70
C ILE EC 396 -31.96 -15.64 67.58
N ILE EC 397 -31.35 -15.37 66.43
CA ILE EC 397 -29.90 -15.49 66.31
C ILE EC 397 -29.26 -14.48 67.27
N ASP EC 398 -28.58 -15.00 68.28
CA ASP EC 398 -28.09 -14.19 69.40
C ASP EC 398 -26.60 -13.91 69.26
N LEU EC 399 -26.07 -13.09 70.17
CA LEU EC 399 -24.70 -12.62 70.08
C LEU EC 399 -23.70 -13.77 70.22
N GLU EC 400 -24.01 -14.74 71.08
CA GLU EC 400 -23.08 -15.84 71.35
C GLU EC 400 -22.70 -16.59 70.09
N GLU EC 401 -23.57 -16.62 69.08
CA GLU EC 401 -23.24 -17.21 67.79
C GLU EC 401 -22.96 -16.17 66.71
N ALA EC 402 -23.49 -14.95 66.86
CA ALA EC 402 -23.16 -13.90 65.90
C ALA EC 402 -21.67 -13.59 65.92
N ARG EC 403 -21.05 -13.67 67.10
CA ARG EC 403 -19.61 -13.47 67.19
C ARG EC 403 -18.86 -14.53 66.40
N ASP EC 404 -19.28 -15.80 66.53
CA ASP EC 404 -18.66 -16.86 65.74
C ASP EC 404 -18.88 -16.63 64.25
N THR EC 405 -20.07 -16.19 63.86
CA THR EC 405 -20.32 -15.93 62.45
C THR EC 405 -19.39 -14.85 61.92
N LEU EC 406 -19.21 -13.77 62.69
CA LEU EC 406 -18.41 -12.65 62.19
C LEU EC 406 -16.93 -12.99 62.16
N ARG EC 407 -16.44 -13.76 63.13
CA ARG EC 407 -15.02 -14.07 63.18
C ARG EC 407 -14.66 -15.35 62.43
N SER EC 408 -15.67 -16.10 61.94
CA SER EC 408 -15.38 -17.28 61.13
C SER EC 408 -14.88 -16.85 59.74
N ILE EC 409 -15.57 -15.91 59.12
CA ILE EC 409 -15.05 -15.27 57.91
C ILE EC 409 -13.93 -14.33 58.36
N ALA EC 410 -12.69 -14.72 58.04
CA ALA EC 410 -11.49 -14.12 58.61
C ALA EC 410 -11.44 -12.62 58.36
N PRO EC 411 -11.66 -11.80 59.39
CA PRO EC 411 -11.56 -10.35 59.20
C PRO EC 411 -10.20 -9.84 59.61
N GLU EC 412 -9.97 -8.54 59.41
CA GLU EC 412 -8.87 -7.87 60.08
C GLU EC 412 -9.28 -7.40 61.47
N PHE EC 413 -10.55 -7.60 61.85
CA PHE EC 413 -11.05 -7.24 63.17
C PHE EC 413 -10.85 -8.43 64.10
N LYS EC 414 -9.85 -8.35 64.96
CA LYS EC 414 -9.65 -9.37 65.97
C LYS EC 414 -10.73 -9.28 67.03
N LEU EC 415 -10.87 -10.35 67.81
CA LEU EC 415 -11.89 -10.42 68.84
C LEU EC 415 -11.53 -11.52 69.83
N LYS EC 416 -11.37 -11.15 71.09
CA LYS EC 416 -11.03 -12.13 72.12
C LYS EC 416 -12.22 -13.03 72.41
N ASP EC 417 -11.93 -14.30 72.70
CA ASP EC 417 -12.98 -15.25 73.00
C ASP EC 417 -13.69 -14.89 74.29
N GLY EC 418 -14.99 -15.17 74.34
CA GLY EC 418 -15.79 -14.84 75.49
C GLY EC 418 -17.21 -15.38 75.41
N ASN EC 419 -18.18 -14.56 75.81
CA ASN EC 419 -19.58 -14.98 75.81
C ASN EC 419 -20.15 -15.09 74.40
N ILE FC 4 -13.40 8.29 -67.06
CA ILE FC 4 -13.35 9.24 -68.16
C ILE FC 4 -14.75 9.74 -68.46
N MET FC 5 -14.85 10.94 -69.03
CA MET FC 5 -16.14 11.55 -69.32
C MET FC 5 -16.28 12.08 -70.74
N ASN FC 6 -15.19 12.27 -71.47
CA ASN FC 6 -15.25 12.77 -72.83
C ASN FC 6 -13.90 12.51 -73.51
N GLN FC 7 -13.73 13.03 -74.72
CA GLN FC 7 -12.53 12.80 -75.51
C GLN FC 7 -11.51 13.93 -75.41
N GLU FC 8 -11.95 15.17 -75.17
CA GLU FC 8 -11.00 16.27 -75.09
C GLU FC 8 -10.06 16.11 -73.90
N THR FC 9 -10.58 15.62 -72.77
CA THR FC 9 -9.71 15.40 -71.62
C THR FC 9 -8.67 14.32 -71.90
N LEU FC 10 -9.07 13.26 -72.61
CA LEU FC 10 -8.12 12.22 -72.96
C LEU FC 10 -7.05 12.76 -73.89
N ILE FC 11 -7.46 13.56 -74.88
CA ILE FC 11 -6.49 14.12 -75.82
C ILE FC 11 -5.52 15.03 -75.10
N ALA FC 12 -6.03 15.87 -74.19
CA ALA FC 12 -5.15 16.74 -73.42
C ALA FC 12 -4.19 15.94 -72.57
N ALA FC 13 -4.67 14.86 -71.93
CA ALA FC 13 -3.80 14.06 -71.08
C ALA FC 13 -2.71 13.38 -71.90
N VAL FC 14 -3.05 12.81 -73.05
CA VAL FC 14 -2.06 12.09 -73.84
C VAL FC 14 -1.05 13.07 -74.43
N GLU FC 15 -1.51 14.26 -74.83
CA GLU FC 15 -0.58 15.26 -75.33
C GLU FC 15 0.35 15.74 -74.23
N GLN FC 16 -0.17 15.86 -73.00
CA GLN FC 16 0.67 16.22 -71.87
C GLN FC 16 1.71 15.13 -71.60
N MET FC 17 1.30 13.86 -71.70
CA MET FC 17 2.25 12.76 -71.55
C MET FC 17 3.37 12.85 -72.57
N ARG FC 18 3.01 13.08 -73.83
CA ARG FC 18 4.02 13.17 -74.89
C ARG FC 18 4.91 14.39 -74.70
N LYS FC 19 4.35 15.51 -74.24
CA LYS FC 19 5.16 16.68 -73.96
C LYS FC 19 6.15 16.42 -72.84
N LEU FC 20 5.71 15.71 -71.80
CA LEU FC 20 6.59 15.40 -70.69
C LEU FC 20 7.72 14.47 -71.12
N VAL FC 21 7.38 13.40 -71.83
CA VAL FC 21 8.37 12.44 -72.30
C VAL FC 21 8.34 12.41 -73.83
N PRO FC 22 9.31 13.04 -74.48
CA PRO FC 22 9.28 13.11 -75.95
C PRO FC 22 9.38 11.76 -76.62
N ALA FC 23 9.89 10.74 -75.94
CA ALA FC 23 10.03 9.43 -76.57
C ALA FC 23 8.69 8.80 -76.93
N LEU FC 24 7.60 9.25 -76.31
CA LEU FC 24 6.29 8.68 -76.60
C LEU FC 24 5.75 9.11 -77.96
N ARG FC 25 6.40 10.04 -78.65
CA ARG FC 25 5.91 10.49 -79.95
C ARG FC 25 5.92 9.37 -80.98
N LYS FC 26 6.68 8.31 -80.77
CA LYS FC 26 6.71 7.18 -81.69
C LYS FC 26 5.77 6.06 -81.31
N VAL FC 27 5.31 6.04 -80.06
CA VAL FC 27 4.45 4.95 -79.60
C VAL FC 27 3.09 5.06 -80.29
N PRO FC 28 2.49 3.94 -80.72
CA PRO FC 28 1.17 4.01 -81.34
C PRO FC 28 0.14 4.61 -80.41
N ASP FC 29 -0.78 5.38 -81.00
CA ASP FC 29 -1.68 6.23 -80.23
C ASP FC 29 -2.77 5.44 -79.52
N GLU FC 30 -3.19 4.30 -80.09
CA GLU FC 30 -4.24 3.51 -79.46
C GLU FC 30 -3.75 2.91 -78.14
N THR FC 31 -2.49 2.51 -78.08
CA THR FC 31 -1.94 1.99 -76.82
C THR FC 31 -1.95 3.06 -75.74
N LEU FC 32 -1.64 4.30 -76.11
CA LEU FC 32 -1.67 5.38 -75.12
C LEU FC 32 -3.09 5.65 -74.65
N TYR FC 33 -4.06 5.64 -75.56
CA TYR FC 33 -5.46 5.69 -75.14
C TYR FC 33 -5.79 4.57 -74.16
N ALA FC 34 -5.33 3.36 -74.44
CA ALA FC 34 -5.62 2.25 -73.54
C ALA FC 34 -5.03 2.49 -72.17
N TRP FC 35 -3.77 2.95 -72.13
CA TRP FC 35 -3.12 3.16 -70.84
C TRP FC 35 -3.79 4.29 -70.04
N VAL FC 36 -4.18 5.37 -70.72
CA VAL FC 36 -4.83 6.46 -70.02
C VAL FC 36 -6.21 6.03 -69.51
N GLU FC 37 -6.95 5.26 -70.31
CA GLU FC 37 -8.24 4.79 -69.85
C GLU FC 37 -8.10 3.83 -68.67
N MET FC 38 -7.01 3.07 -68.64
CA MET FC 38 -6.73 2.27 -67.44
C MET FC 38 -6.40 3.15 -66.23
N ALA FC 39 -5.58 4.18 -66.43
CA ALA FC 39 -5.08 4.98 -65.31
C ALA FC 39 -6.15 5.90 -64.73
N GLU FC 40 -7.05 6.42 -65.57
CA GLU FC 40 -8.09 7.32 -65.08
C GLU FC 40 -9.06 6.65 -64.14
N LEU FC 41 -9.04 5.32 -64.07
CA LEU FC 41 -9.83 4.62 -63.07
C LEU FC 41 -9.28 4.81 -61.66
N PHE FC 42 -8.10 5.41 -61.54
CA PHE FC 42 -7.48 5.58 -60.23
C PHE FC 42 -7.53 6.99 -59.69
N VAL FC 43 -7.53 7.99 -60.53
CA VAL FC 43 -7.55 9.36 -60.06
C VAL FC 43 -8.99 9.77 -59.77
N CYS FC 44 -9.19 10.47 -58.66
CA CYS FC 44 -10.53 10.94 -58.32
C CYS FC 44 -10.63 12.43 -58.67
N GLN FC 45 -11.60 12.76 -59.50
CA GLN FC 45 -11.71 14.13 -60.02
C GLN FC 45 -12.04 15.13 -58.92
N LYS FC 46 -12.90 14.75 -57.97
CA LYS FC 46 -13.35 15.67 -56.95
C LYS FC 46 -12.22 16.18 -56.06
N THR FC 47 -11.09 15.49 -56.01
CA THR FC 47 -9.97 15.96 -55.21
C THR FC 47 -9.22 17.07 -55.94
N PHE FC 48 -8.68 16.77 -57.12
CA PHE FC 48 -7.89 17.76 -57.84
C PHE FC 48 -8.79 18.84 -58.44
N LYS FC 49 -9.65 18.45 -59.39
CA LYS FC 49 -10.69 19.27 -59.99
C LYS FC 49 -10.14 20.50 -60.72
N ASP FC 50 -8.85 20.71 -60.69
CA ASP FC 50 -8.21 21.79 -61.43
C ASP FC 50 -6.99 21.33 -62.22
N ALA FC 51 -6.20 20.41 -61.67
CA ALA FC 51 -5.06 19.82 -62.35
C ALA FC 51 -5.31 18.34 -62.61
N TYR FC 52 -6.57 18.03 -62.95
CA TYR FC 52 -6.95 16.65 -63.16
C TYR FC 52 -6.17 16.02 -64.30
N VAL FC 53 -5.96 16.77 -65.38
CA VAL FC 53 -5.19 16.25 -66.51
C VAL FC 53 -3.75 15.97 -66.10
N LYS FC 54 -3.16 16.86 -65.28
CA LYS FC 54 -1.79 16.63 -64.82
C LYS FC 54 -1.72 15.39 -63.94
N ALA FC 55 -2.69 15.21 -63.06
CA ALA FC 55 -2.72 14.01 -62.23
C ALA FC 55 -2.85 12.75 -63.08
N ILE FC 56 -3.73 12.80 -64.09
CA ILE FC 56 -3.90 11.67 -64.99
C ILE FC 56 -2.58 11.34 -65.67
N ALA FC 57 -1.88 12.37 -66.18
CA ALA FC 57 -0.64 12.14 -66.89
C ALA FC 57 0.43 11.54 -65.98
N LEU FC 58 0.63 12.14 -64.80
CA LEU FC 58 1.66 11.64 -63.90
C LEU FC 58 1.37 10.20 -63.49
N TYR FC 59 0.13 9.91 -63.14
CA TYR FC 59 -0.18 8.58 -62.67
C TYR FC 59 -0.09 7.57 -63.82
N ALA FC 60 -0.42 7.99 -65.05
CA ALA FC 60 -0.28 7.10 -66.19
C ALA FC 60 1.17 6.77 -66.47
N LEU FC 61 2.06 7.77 -66.40
CA LEU FC 61 3.48 7.50 -66.56
C LEU FC 61 3.98 6.55 -65.49
N HIS FC 62 3.58 6.78 -64.24
CA HIS FC 62 4.00 5.87 -63.17
C HIS FC 62 3.47 4.46 -63.41
N LEU FC 63 2.20 4.35 -63.82
CA LEU FC 63 1.58 3.05 -64.00
C LEU FC 63 2.22 2.28 -65.15
N ALA FC 64 2.66 2.99 -66.18
CA ALA FC 64 3.30 2.36 -67.32
C ALA FC 64 4.77 2.03 -67.07
N PHE FC 65 5.46 2.78 -66.21
CA PHE FC 65 6.87 2.57 -65.97
C PHE FC 65 7.14 1.91 -64.63
N LEU FC 66 6.09 1.39 -63.98
CA LEU FC 66 6.22 0.80 -62.65
C LEU FC 66 7.38 -0.18 -62.55
N ASP FC 67 7.31 -1.29 -63.27
CA ASP FC 67 8.46 -2.17 -63.43
C ASP FC 67 8.77 -2.40 -64.89
N GLY FC 68 8.05 -1.75 -65.80
CA GLY FC 68 8.14 -2.02 -67.22
C GLY FC 68 6.98 -2.88 -67.66
N ALA FC 69 5.96 -2.24 -68.23
CA ALA FC 69 4.79 -2.95 -68.74
C ALA FC 69 4.50 -2.44 -70.13
N LEU FC 70 4.83 -1.17 -70.38
CA LEU FC 70 4.81 -0.62 -71.72
C LEU FC 70 5.94 -1.17 -72.57
N LYS FC 71 6.89 -1.89 -71.96
CA LYS FC 71 8.03 -2.43 -72.68
C LYS FC 71 7.60 -3.37 -73.81
N GLY FC 72 6.40 -3.92 -73.74
CA GLY FC 72 5.93 -4.77 -74.81
C GLY FC 72 5.62 -4.03 -76.08
N GLU FC 73 6.45 -4.21 -77.10
CA GLU FC 73 6.10 -3.77 -78.44
C GLU FC 73 5.30 -4.87 -79.11
N ASP FC 74 5.06 -4.74 -80.41
CA ASP FC 74 4.30 -5.76 -81.12
C ASP FC 74 5.05 -7.08 -81.20
N GLU FC 75 6.37 -7.08 -80.97
CA GLU FC 75 7.17 -8.30 -80.99
C GLU FC 75 7.98 -8.37 -79.71
N ASP FC 76 7.62 -9.32 -78.85
CA ASP FC 76 8.33 -9.56 -77.60
C ASP FC 76 7.99 -10.97 -77.13
N LEU FC 77 8.73 -11.43 -76.12
CA LEU FC 77 8.51 -12.74 -75.53
C LEU FC 77 8.13 -12.57 -74.06
N GLU FC 78 7.95 -13.70 -73.38
CA GLU FC 78 7.52 -13.71 -71.98
C GLU FC 78 8.73 -13.48 -71.08
N SER FC 79 9.26 -12.26 -71.14
CA SER FC 79 10.35 -11.83 -70.29
C SER FC 79 9.88 -10.91 -69.17
N TYR FC 80 8.60 -10.96 -68.82
CA TYR FC 80 8.06 -10.13 -67.75
C TYR FC 80 8.31 -10.71 -66.37
N SER FC 81 8.78 -11.96 -66.28
CA SER FC 81 9.13 -12.56 -65.01
C SER FC 81 10.61 -12.52 -64.73
N ARG FC 82 11.40 -11.91 -65.61
CA ARG FC 82 12.84 -11.95 -65.56
C ARG FC 82 13.43 -10.69 -66.16
N ARG FC 83 14.71 -10.44 -65.85
CA ARG FC 83 15.44 -9.30 -66.37
C ARG FC 83 16.82 -9.75 -66.82
N VAL FC 84 17.30 -9.19 -67.92
CA VAL FC 84 18.65 -9.49 -68.39
C VAL FC 84 19.63 -8.48 -67.80
N THR FC 85 20.72 -8.97 -67.23
CA THR FC 85 21.70 -8.13 -66.59
C THR FC 85 22.93 -7.86 -67.43
N SER FC 86 23.23 -8.72 -68.41
CA SER FC 86 24.38 -8.50 -69.28
C SER FC 86 24.15 -9.20 -70.60
N PHE FC 87 24.76 -8.66 -71.64
CA PHE FC 87 24.77 -9.28 -72.96
C PHE FC 87 26.05 -8.88 -73.67
N SER FC 88 26.67 -9.83 -74.35
CA SER FC 88 27.96 -9.54 -74.95
C SER FC 88 28.22 -10.49 -76.10
N LEU FC 89 28.74 -9.96 -77.20
CA LEU FC 89 29.32 -10.80 -78.23
C LEU FC 89 30.74 -11.17 -77.82
N SER FC 90 31.13 -12.40 -78.16
CA SER FC 90 32.34 -12.98 -77.56
C SER FC 90 33.58 -12.16 -77.86
N GLY FC 91 33.59 -11.46 -79.00
CA GLY FC 91 34.74 -10.67 -79.33
C GLY FC 91 34.45 -9.35 -80.00
N GLU FC 92 33.23 -8.83 -79.84
CA GLU FC 92 32.84 -7.60 -80.51
C GLU FC 92 32.49 -6.48 -79.55
N PHE FC 93 31.59 -6.72 -78.60
CA PHE FC 93 31.26 -5.71 -77.60
C PHE FC 93 30.58 -6.39 -76.41
N SER FC 94 30.43 -5.63 -75.33
CA SER FC 94 29.82 -6.13 -74.12
C SER FC 94 28.97 -5.03 -73.50
N GLN FC 95 28.00 -5.43 -72.69
CA GLN FC 95 27.12 -4.46 -72.04
C GLN FC 95 26.54 -5.11 -70.79
N THR FC 96 26.38 -4.31 -69.74
CA THR FC 96 25.87 -4.78 -68.47
C THR FC 96 24.79 -3.82 -67.97
N PHE FC 97 23.66 -4.37 -67.54
CA PHE FC 97 22.51 -3.60 -67.11
C PHE FC 97 22.38 -3.65 -65.60
N GLY FC 98 21.34 -3.00 -65.10
CA GLY FC 98 21.11 -2.95 -63.66
C GLY FC 98 19.89 -2.11 -63.36
N GLU FC 99 19.22 -2.48 -62.27
CA GLU FC 99 17.99 -1.83 -61.88
C GLU FC 99 18.29 -0.46 -61.27
N VAL FC 100 17.35 0.46 -61.41
CA VAL FC 100 17.62 1.87 -61.15
C VAL FC 100 17.36 2.26 -59.70
N THR FC 101 16.27 1.79 -59.09
CA THR FC 101 15.80 2.35 -57.83
C THR FC 101 15.61 1.27 -56.77
N LYS FC 102 16.24 1.49 -55.61
CA LYS FC 102 16.07 0.64 -54.44
C LYS FC 102 14.84 1.08 -53.64
N ASN FC 103 14.03 0.10 -53.23
CA ASN FC 103 12.69 0.36 -52.69
C ASN FC 103 12.37 -0.51 -51.48
N GLN FC 104 13.24 -0.50 -50.47
CA GLN FC 104 12.96 -1.29 -49.27
C GLN FC 104 11.69 -0.83 -48.56
N SER FC 105 11.19 0.38 -48.87
CA SER FC 105 9.98 0.86 -48.22
C SER FC 105 8.79 -0.04 -48.50
N GLY FC 106 8.60 -0.44 -49.75
CA GLY FC 106 7.50 -1.33 -50.10
C GLY FC 106 6.16 -0.66 -50.28
N ASN FC 107 6.10 0.67 -50.27
CA ASN FC 107 4.83 1.37 -50.46
C ASN FC 107 4.34 1.18 -51.89
N MET FC 108 5.25 1.01 -52.84
CA MET FC 108 5.00 0.81 -54.27
C MET FC 108 4.62 2.11 -54.96
N MET FC 109 4.36 3.16 -54.19
CA MET FC 109 4.17 4.46 -54.81
C MET FC 109 5.49 5.18 -55.01
N LEU FC 110 6.49 4.86 -54.20
CA LEU FC 110 7.84 5.40 -54.37
C LEU FC 110 8.72 4.44 -55.16
N SER FC 111 8.25 4.03 -56.34
CA SER FC 111 9.01 3.13 -57.20
C SER FC 111 9.54 3.79 -58.46
N THR FC 112 8.88 4.83 -58.95
CA THR FC 112 9.30 5.58 -60.11
C THR FC 112 9.28 7.06 -59.76
N PRO FC 113 10.07 7.88 -60.45
CA PRO FC 113 9.98 9.33 -60.20
C PRO FC 113 8.58 9.87 -60.38
N TRP FC 114 7.86 9.38 -61.40
CA TRP FC 114 6.49 9.84 -61.60
C TRP FC 114 5.61 9.49 -60.41
N GLY FC 115 5.80 8.30 -59.83
CA GLY FC 115 5.01 7.92 -58.68
C GLY FC 115 5.21 8.85 -57.50
N LYS FC 116 6.47 9.18 -57.20
CA LYS FC 116 6.75 10.10 -56.10
C LYS FC 116 6.19 11.48 -56.39
N MET FC 117 6.31 11.92 -57.64
CA MET FC 117 5.77 13.24 -58.01
C MET FC 117 4.27 13.29 -57.80
N PHE FC 118 3.56 12.25 -58.23
CA PHE FC 118 2.12 12.19 -57.99
C PHE FC 118 1.80 12.10 -56.51
N GLU FC 119 2.62 11.37 -55.75
CA GLU FC 119 2.40 11.29 -54.31
C GLU FC 119 2.48 12.65 -53.67
N GLN FC 120 3.47 13.45 -54.05
CA GLN FC 120 3.60 14.79 -53.48
C GLN FC 120 2.46 15.70 -53.92
N LEU FC 121 2.05 15.59 -55.19
CA LEU FC 121 0.92 16.39 -55.64
C LEU FC 121 -0.34 16.05 -54.86
N LYS FC 122 -0.58 14.76 -54.63
CA LYS FC 122 -1.69 14.34 -53.78
C LYS FC 122 -1.54 14.89 -52.38
N ALA FC 123 -0.31 14.86 -51.84
CA ALA FC 123 -0.07 15.34 -50.49
C ALA FC 123 -0.48 16.80 -50.34
N ARG FC 124 -0.15 17.63 -51.34
CA ARG FC 124 -0.56 19.02 -51.24
C ARG FC 124 -2.06 19.19 -51.46
N ARG FC 125 -2.61 18.53 -52.49
CA ARG FC 125 -4.01 18.77 -52.83
C ARG FC 125 -4.94 18.31 -51.71
N ARG FC 126 -4.66 17.15 -51.12
CA ARG FC 126 -5.46 16.63 -50.03
C ARG FC 126 -4.63 15.57 -49.31
N GLY FC 127 -4.33 15.82 -48.04
CA GLY FC 127 -3.37 15.02 -47.28
C GLY FC 127 -3.52 13.52 -47.38
N ARG FC 128 -2.41 12.81 -47.19
CA ARG FC 128 -2.37 11.35 -47.28
C ARG FC 128 -3.10 10.66 -46.14
N PHE FC 129 -3.84 11.39 -45.31
CA PHE FC 129 -4.53 10.82 -44.18
C PHE FC 129 -5.91 10.29 -44.58
N ALA FC 130 -6.49 9.49 -43.68
CA ALA FC 130 -7.89 9.09 -43.80
C ALA FC 130 -8.39 8.79 -42.39
N LEU FC 131 -9.09 9.77 -41.81
CA LEU FC 131 -9.62 9.67 -40.46
C LEU FC 131 -11.14 9.68 -40.54
N MET FC 132 -11.76 8.62 -40.03
CA MET FC 132 -13.22 8.50 -40.07
C MET FC 132 -13.72 7.93 -38.75
N THR FC 133 -15.03 8.06 -38.55
CA THR FC 133 -15.71 7.51 -37.40
C THR FC 133 -17.03 6.90 -37.85
N GLY FC 134 -17.50 5.91 -37.09
CA GLY FC 134 -18.73 5.23 -37.44
C GLY FC 134 -19.93 6.15 -37.29
N LEU FC 135 -20.88 6.04 -38.21
CA LEU FC 135 -22.08 6.85 -38.18
C LEU FC 135 -23.02 6.39 -37.05
N ARG FC 136 -24.14 7.08 -36.94
CA ARG FC 136 -25.20 6.84 -35.94
C ARG FC 136 -24.73 6.22 -34.63
N MET GC 1 103.88 -6.13 -114.40
CA MET GC 1 103.48 -5.85 -113.03
C MET GC 1 102.64 -4.57 -113.08
N HIS GC 2 102.10 -4.29 -114.27
CA HIS GC 2 101.25 -3.13 -114.49
C HIS GC 2 100.13 -3.52 -115.43
N LEU GC 3 98.99 -2.83 -115.30
CA LEU GC 3 97.83 -3.14 -116.11
C LEU GC 3 97.82 -2.27 -117.38
N PRO GC 4 97.33 -2.81 -118.49
CA PRO GC 4 97.30 -2.01 -119.73
C PRO GC 4 96.02 -1.20 -119.86
N ASN GC 5 95.27 -1.06 -118.77
CA ASN GC 5 94.04 -0.27 -118.82
C ASN GC 5 94.35 1.20 -119.04
N GLY GC 6 93.53 1.84 -119.87
CA GLY GC 6 93.68 3.26 -120.13
C GLY GC 6 94.73 3.62 -121.17
N ALA GC 7 95.24 2.65 -121.93
CA ALA GC 7 96.24 2.93 -122.94
C ALA GC 7 95.63 3.73 -124.09
N GLN GC 8 96.43 4.63 -124.66
CA GLN GC 8 96.00 5.47 -125.76
C GLN GC 8 96.92 5.26 -126.95
N ILE GC 9 96.38 5.52 -128.14
CA ILE GC 9 97.06 5.19 -129.40
C ILE GC 9 97.03 6.40 -130.31
N PHE GC 10 98.18 6.72 -130.91
CA PHE GC 10 98.31 7.86 -131.81
C PHE GC 10 98.98 7.41 -133.10
N VAL GC 11 98.66 8.11 -134.19
CA VAL GC 11 99.19 7.81 -135.51
C VAL GC 11 99.75 9.08 -136.12
N GLU GC 12 100.88 8.94 -136.83
CA GLU GC 12 101.50 10.06 -137.52
C GLU GC 12 100.56 10.63 -138.58
N THR GC 13 100.58 11.95 -138.73
CA THR GC 13 99.71 12.61 -139.69
C THR GC 13 100.47 13.51 -140.68
N SER GC 14 101.61 14.05 -140.26
CA SER GC 14 102.34 14.97 -141.12
C SER GC 14 103.81 15.02 -140.69
N ARG GC 15 104.70 15.09 -141.67
CA ARG GC 15 106.13 15.19 -141.44
C ARG GC 15 106.69 16.47 -142.03
N GLY GC 16 107.74 16.98 -141.41
CA GLY GC 16 108.41 18.17 -141.86
C GLY GC 16 109.39 17.89 -142.98
N GLU GC 17 110.19 18.91 -143.30
CA GLU GC 17 111.19 18.79 -144.34
C GLU GC 17 112.30 17.84 -143.91
N GLU GC 18 112.87 17.12 -144.88
CA GLU GC 18 113.93 16.17 -144.59
C GLU GC 18 115.15 16.88 -144.03
N ILE GC 19 115.73 16.30 -142.98
CA ILE GC 19 116.90 16.85 -142.32
C ILE GC 19 118.02 15.82 -142.39
N GLU GC 20 119.19 16.24 -142.87
CA GLU GC 20 120.33 15.36 -143.07
C GLU GC 20 121.39 15.62 -142.01
N ALA GC 21 121.84 14.56 -141.36
CA ALA GC 21 122.92 14.63 -140.38
C ALA GC 21 124.17 14.00 -140.98
N THR GC 22 125.28 14.71 -140.91
CA THR GC 22 126.50 14.28 -141.59
C THR GC 22 127.41 13.41 -140.73
N ALA GC 23 127.35 13.56 -139.41
CA ALA GC 23 128.25 12.78 -138.55
C ALA GC 23 127.57 12.52 -137.21
N VAL GC 24 127.58 11.26 -136.79
CA VAL GC 24 127.03 10.83 -135.52
C VAL GC 24 127.96 9.81 -134.90
N THR GC 25 128.21 9.93 -133.60
CA THR GC 25 129.08 9.00 -132.89
C THR GC 25 128.25 7.94 -132.19
N ASN GC 26 128.94 6.91 -131.71
CA ASN GC 26 128.30 5.74 -131.12
C ASN GC 26 128.61 5.66 -129.62
N GLU GC 27 127.55 5.64 -128.81
CA GLU GC 27 127.65 5.53 -127.36
C GLU GC 27 126.26 5.19 -126.83
N LYS GC 28 126.11 5.27 -125.50
CA LYS GC 28 124.80 5.00 -124.89
C LYS GC 28 123.73 5.94 -125.45
N ASN GC 29 124.01 7.24 -125.48
CA ASN GC 29 123.10 8.22 -126.05
C ASN GC 29 123.81 8.92 -127.20
N PRO GC 30 123.58 8.49 -128.43
CA PRO GC 30 124.31 9.07 -129.56
C PRO GC 30 124.01 10.55 -129.75
N VAL GC 31 125.02 11.27 -130.25
CA VAL GC 31 124.89 12.66 -130.62
C VAL GC 31 125.33 12.81 -132.08
N ALA GC 32 124.54 13.56 -132.84
CA ALA GC 32 124.74 13.73 -134.27
C ALA GC 32 124.98 15.20 -134.59
N THR GC 33 125.68 15.43 -135.69
CA THR GC 33 125.96 16.77 -136.18
C THR GC 33 124.99 17.10 -137.30
N VAL GC 34 124.40 18.29 -137.24
CA VAL GC 34 123.41 18.74 -138.20
C VAL GC 34 123.88 20.05 -138.82
N ALA GC 35 123.58 20.23 -140.10
CA ALA GC 35 123.99 21.46 -140.79
C ALA GC 35 123.31 22.69 -140.20
N SER GC 36 122.01 22.58 -139.90
CA SER GC 36 121.26 23.71 -139.36
C SER GC 36 120.31 23.21 -138.28
N LYS GC 37 119.99 24.10 -137.35
CA LYS GC 37 119.05 23.75 -136.28
C LYS GC 37 117.68 23.38 -136.84
N GLY GC 38 117.20 24.16 -137.81
CA GLY GC 38 115.86 23.93 -138.30
C GLY GC 38 114.81 24.30 -137.25
N ASP GC 39 113.73 23.53 -137.24
CA ASP GC 39 112.66 23.70 -136.27
C ASP GC 39 112.75 22.71 -135.12
N LEU GC 40 113.87 22.01 -134.99
CA LEU GC 40 114.03 21.03 -133.92
C LEU GC 40 113.98 21.71 -132.56
N ALA GC 41 113.39 21.02 -131.59
CA ALA GC 41 113.21 21.56 -130.26
C ALA GC 41 113.27 20.41 -129.26
N LYS GC 42 112.82 20.67 -128.03
CA LYS GC 42 112.90 19.69 -126.96
C LYS GC 42 111.69 18.76 -127.00
N GLY GC 43 111.94 17.46 -126.92
CA GLY GC 43 110.87 16.49 -126.83
C GLY GC 43 109.99 16.37 -128.06
N ASP GC 44 110.59 16.37 -129.25
CA ASP GC 44 109.87 16.12 -130.49
C ASP GC 44 110.42 14.88 -131.18
N TYR GC 45 109.52 14.05 -131.67
CA TYR GC 45 109.86 12.73 -132.18
C TYR GC 45 110.39 12.83 -133.59
N VAL GC 46 111.23 11.87 -133.97
CA VAL GC 46 111.80 11.81 -135.30
C VAL GC 46 111.72 10.38 -135.84
N ILE GC 47 111.61 10.28 -137.15
CA ILE GC 47 111.62 9.01 -137.87
C ILE GC 47 112.78 9.01 -138.83
N VAL GC 48 113.59 7.94 -138.79
CA VAL GC 48 114.71 7.82 -139.72
C VAL GC 48 114.23 7.09 -140.96
N THR GC 49 114.47 7.71 -142.12
CA THR GC 49 114.00 7.17 -143.39
C THR GC 49 115.04 6.29 -144.07
N GLN GC 50 116.34 6.58 -143.90
CA GLN GC 50 117.41 5.78 -144.48
C GLN GC 50 118.73 6.25 -143.88
N SER GC 51 119.68 5.33 -143.75
CA SER GC 51 120.99 5.65 -143.21
C SER GC 51 121.94 4.52 -143.55
N THR GC 52 123.24 4.80 -143.38
CA THR GC 52 124.26 3.80 -143.67
C THR GC 52 124.15 2.60 -142.74
N TRP GC 53 123.93 2.85 -141.44
CA TRP GC 53 123.77 1.76 -140.50
C TRP GC 53 122.48 1.01 -140.78
N ALA GC 54 122.57 -0.31 -140.88
CA ALA GC 54 121.43 -1.11 -141.32
C ALA GC 54 120.39 -1.27 -140.22
N LYS GC 55 120.82 -1.45 -138.98
CA LYS GC 55 119.89 -1.82 -137.91
C LYS GC 55 118.92 -0.69 -137.59
N MET GC 56 119.42 0.54 -137.46
CA MET GC 56 118.57 1.60 -136.94
C MET GC 56 117.68 2.23 -138.01
N VAL GC 57 117.69 1.71 -139.24
CA VAL GC 57 116.82 2.28 -140.26
C VAL GC 57 115.36 1.99 -139.93
N SER GC 58 114.48 2.89 -140.37
CA SER GC 58 113.04 2.78 -140.13
C SER GC 58 112.73 2.66 -138.64
N ARG GC 59 113.18 3.66 -137.89
CA ARG GC 59 113.03 3.67 -136.45
C ARG GC 59 112.56 5.04 -135.97
N VAL GC 60 111.84 5.03 -134.86
CA VAL GC 60 111.34 6.23 -134.23
C VAL GC 60 112.21 6.53 -133.01
N LEU GC 61 112.75 7.74 -132.95
CA LEU GC 61 113.59 8.15 -131.84
C LEU GC 61 113.08 9.45 -131.25
N ILE GC 62 113.56 9.77 -130.06
CA ILE GC 62 113.17 10.97 -129.33
C ILE GC 62 114.41 11.79 -129.03
N VAL GC 63 114.34 13.09 -129.30
CA VAL GC 63 115.46 14.00 -129.06
C VAL GC 63 115.65 14.16 -127.56
N THR GC 64 116.90 14.42 -127.16
CA THR GC 64 117.24 14.69 -125.76
C THR GC 64 117.77 16.09 -125.54
N ASP GC 65 118.76 16.51 -126.32
CA ASP GC 65 119.35 17.84 -126.22
C ASP GC 65 119.51 18.44 -127.60
N ALA GC 66 119.27 19.74 -127.72
CA ALA GC 66 119.30 20.44 -128.99
C ALA GC 66 120.28 21.60 -128.93
N GLN GC 67 121.10 21.73 -129.97
CA GLN GC 67 121.99 22.87 -130.16
C GLN GC 67 121.96 23.26 -131.63
N GLU GC 68 122.69 24.34 -131.96
CA GLU GC 68 122.70 24.81 -133.33
C GLU GC 68 123.38 23.81 -134.26
N THR GC 69 124.22 22.93 -133.70
CA THR GC 69 124.93 21.93 -134.49
C THR GC 69 124.83 20.51 -133.95
N SER GC 70 124.60 20.34 -132.64
CA SER GC 70 124.62 19.02 -132.02
C SER GC 70 123.23 18.64 -131.56
N ILE GC 71 122.78 17.44 -131.95
CA ILE GC 71 121.47 16.92 -131.57
C ILE GC 71 121.66 15.58 -130.87
N THR GC 72 120.92 15.35 -129.80
CA THR GC 72 121.09 14.16 -128.99
C THR GC 72 119.89 13.24 -129.18
N LEU GC 73 120.15 11.97 -129.47
CA LEU GC 73 119.10 10.98 -129.68
C LEU GC 73 119.20 9.90 -128.62
N ALA GC 74 118.06 9.56 -128.03
CA ALA GC 74 117.98 8.52 -127.01
C ALA GC 74 116.84 7.56 -127.34
N GLY GC 75 117.02 6.31 -126.95
CA GLY GC 75 116.07 5.26 -127.26
C GLY GC 75 116.75 4.05 -127.86
N ILE GC 76 117.90 4.26 -128.48
CA ILE GC 76 118.72 3.19 -129.03
C ILE GC 76 120.11 3.29 -128.42
N ASP GC 77 120.70 2.14 -128.14
CA ASP GC 77 122.04 2.06 -127.57
C ASP GC 77 123.04 1.80 -128.69
N THR GC 78 124.10 2.61 -128.74
CA THR GC 78 125.15 2.46 -129.74
C THR GC 78 126.50 2.24 -129.08
N SER GC 79 126.50 1.61 -127.91
CA SER GC 79 127.77 1.32 -127.24
C SER GC 79 128.63 0.38 -128.06
N ASP GC 80 128.02 -0.63 -128.66
CA ASP GC 80 128.76 -1.58 -129.47
C ASP GC 80 129.32 -0.92 -130.72
N THR GC 81 130.49 -1.38 -131.14
CA THR GC 81 131.18 -0.84 -132.31
C THR GC 81 131.13 -1.76 -133.52
N LEU GC 82 131.18 -3.08 -133.31
CA LEU GC 82 131.15 -4.00 -134.45
C LEU GC 82 129.82 -3.92 -135.20
N VAL GC 83 128.72 -3.79 -134.47
CA VAL GC 83 127.42 -3.65 -135.13
C VAL GC 83 127.22 -2.23 -135.66
N PHE GC 84 127.91 -1.25 -135.12
CA PHE GC 84 127.73 0.16 -135.49
C PHE GC 84 129.08 0.74 -135.86
N PRO GC 85 129.61 0.40 -137.04
CA PRO GC 85 130.90 0.97 -137.45
C PRO GC 85 130.80 2.47 -137.65
N ALA GC 86 131.93 3.15 -137.40
CA ALA GC 86 131.95 4.60 -137.44
C ALA GC 86 131.74 5.12 -138.86
N GLY GC 87 131.70 6.44 -138.98
CA GLY GC 87 131.46 7.08 -140.26
C GLY GC 87 130.07 6.88 -140.81
N GLY GC 88 129.06 6.90 -139.95
CA GLY GC 88 127.67 6.76 -140.38
C GLY GC 88 126.96 8.09 -140.40
N THR GC 89 126.16 8.31 -141.43
CA THR GC 89 125.37 9.51 -141.59
C THR GC 89 123.89 9.17 -141.47
N MET GC 90 123.14 10.07 -140.83
CA MET GC 90 121.73 9.86 -140.57
C MET GC 90 120.88 10.68 -141.52
N SER GC 91 119.61 10.29 -141.65
CA SER GC 91 118.64 11.04 -142.44
C SER GC 91 117.27 10.81 -141.82
N PHE GC 92 116.68 11.87 -141.26
CA PHE GC 92 115.42 11.75 -140.54
C PHE GC 92 114.62 13.03 -140.68
N ALA GC 93 113.31 12.89 -140.54
CA ALA GC 93 112.38 14.01 -140.54
C ALA GC 93 111.79 14.18 -139.14
N LYS GC 94 110.89 15.16 -139.00
CA LYS GC 94 110.26 15.47 -137.73
C LYS GC 94 108.75 15.29 -137.85
N ILE GC 95 108.17 14.55 -136.92
CA ILE GC 95 106.72 14.39 -136.88
C ILE GC 95 106.09 15.66 -136.34
N THR GC 96 105.33 16.35 -137.20
CA THR GC 96 104.81 17.66 -136.83
C THR GC 96 103.58 17.53 -135.95
N GLY GC 97 102.69 16.58 -136.26
CA GLY GC 97 101.45 16.43 -135.53
C GLY GC 97 101.13 14.98 -135.27
N TRP GC 98 100.00 14.78 -134.58
CA TRP GC 98 99.49 13.45 -134.27
C TRP GC 98 97.97 13.46 -134.32
N THR GC 99 97.40 12.28 -134.54
CA THR GC 99 95.97 12.07 -134.41
C THR GC 99 95.72 10.75 -133.68
N GLU GC 100 94.58 10.68 -132.99
CA GLU GC 100 94.25 9.53 -132.14
C GLU GC 100 92.95 8.90 -132.62
N ILE GC 101 92.91 7.58 -132.59
CA ILE GC 101 91.74 6.79 -132.97
C ILE GC 101 90.67 6.96 -131.91
N PRO GC 102 89.38 6.92 -132.26
CA PRO GC 102 88.33 6.87 -131.23
C PRO GC 102 88.47 5.60 -130.39
N CYS GC 103 87.57 5.48 -129.41
CA CYS GC 103 87.76 4.47 -128.36
C CYS GC 103 87.87 3.08 -128.97
N VAL GC 104 88.89 2.35 -128.54
CA VAL GC 104 89.34 1.11 -129.17
C VAL GC 104 88.84 -0.08 -128.36
N GLN GC 105 88.24 -1.06 -129.05
CA GLN GC 105 87.57 -2.14 -128.37
C GLN GC 105 88.55 -3.21 -127.87
N GLU GC 106 89.26 -3.87 -128.78
CA GLU GC 106 90.26 -4.87 -128.41
C GLU GC 106 91.49 -4.75 -129.28
N ILE GC 107 92.60 -5.29 -128.78
CA ILE GC 107 93.88 -5.31 -129.47
C ILE GC 107 94.33 -6.76 -129.59
N GLY GC 108 94.68 -7.17 -130.82
CA GLY GC 108 95.17 -8.50 -131.05
C GLY GC 108 96.48 -8.46 -131.82
N GLN GC 109 97.21 -9.58 -131.75
CA GLN GC 109 98.49 -9.69 -132.43
C GLN GC 109 98.71 -11.13 -132.86
N ASP GC 110 99.65 -11.31 -133.80
CA ASP GC 110 99.97 -12.62 -134.32
C ASP GC 110 101.43 -12.63 -134.75
N GLY GC 111 101.98 -13.85 -134.86
CA GLY GC 111 103.37 -14.01 -135.23
C GLY GC 111 104.30 -13.81 -134.06
N GLY GC 112 105.59 -14.03 -134.33
CA GLY GC 112 106.63 -13.87 -133.34
C GLY GC 112 107.13 -15.16 -132.73
N GLU GC 113 106.46 -16.28 -132.98
CA GLU GC 113 106.93 -17.57 -132.48
C GLU GC 113 108.20 -17.95 -133.23
N GLN GC 114 109.32 -17.97 -132.51
CA GLN GC 114 110.61 -18.21 -133.15
C GLN GC 114 110.70 -19.64 -133.66
N GLN GC 115 111.11 -19.79 -134.92
CA GLN GC 115 111.26 -21.10 -135.51
C GLN GC 115 112.61 -21.71 -135.10
N TYR GC 116 112.70 -23.04 -135.23
CA TYR GC 116 113.91 -23.75 -134.90
C TYR GC 116 114.25 -24.73 -136.01
N TYR GC 117 115.54 -24.98 -136.20
CA TYR GC 117 116.04 -25.85 -137.25
C TYR GC 117 116.68 -27.08 -136.60
N THR GC 118 116.36 -28.26 -137.09
CA THR GC 118 116.75 -29.52 -136.49
C THR GC 118 117.81 -30.22 -137.35
N TYR GC 119 118.93 -30.59 -136.72
CA TYR GC 119 119.96 -31.40 -137.34
C TYR GC 119 120.16 -32.68 -136.56
N GLN GC 120 120.08 -33.82 -137.24
CA GLN GC 120 120.29 -35.13 -136.66
C GLN GC 120 121.58 -35.72 -137.23
N CYS GC 121 122.52 -36.07 -136.36
CA CYS GC 121 123.81 -36.61 -136.78
C CYS GC 121 123.84 -38.11 -136.55
N LEU GC 122 124.44 -38.82 -137.50
CA LEU GC 122 124.58 -40.27 -137.39
C LEU GC 122 125.47 -40.68 -136.23
N SER GC 123 126.42 -39.81 -135.84
CA SER GC 123 127.36 -40.17 -134.78
C SER GC 123 126.65 -40.40 -133.46
N ASP GC 124 125.69 -39.54 -133.11
CA ASP GC 124 124.98 -39.63 -131.85
C ASP GC 124 123.55 -40.10 -132.09
N ASP GC 125 122.77 -40.15 -131.01
CA ASP GC 125 121.37 -40.58 -131.04
C ASP GC 125 120.39 -39.49 -130.67
N LYS GC 126 120.60 -38.81 -129.55
CA LYS GC 126 119.72 -37.71 -129.16
C LYS GC 126 119.82 -36.58 -130.16
N GLU GC 127 118.67 -36.04 -130.54
CA GLU GC 127 118.58 -34.97 -131.53
C GLU GC 127 118.56 -33.61 -130.84
N GLN GC 128 119.29 -32.66 -131.42
CA GLN GC 128 119.34 -31.29 -130.91
C GLN GC 128 118.92 -30.32 -132.01
N GLN GC 129 118.33 -29.21 -131.59
CA GLN GC 129 117.72 -28.26 -132.50
C GLN GC 129 118.32 -26.88 -132.30
N ILE GC 130 118.23 -26.06 -133.34
CA ILE GC 130 118.93 -24.78 -133.38
C ILE GC 130 117.92 -23.68 -133.68
N PRO GC 131 117.99 -22.54 -132.98
CA PRO GC 131 117.05 -21.45 -133.27
C PRO GC 131 117.30 -20.86 -134.65
N THR GC 132 116.26 -20.23 -135.18
CA THR GC 132 116.29 -19.63 -136.50
C THR GC 132 115.54 -18.31 -136.43
N PHE GC 133 115.19 -17.75 -137.57
CA PHE GC 133 114.46 -16.48 -137.61
C PHE GC 133 113.11 -16.60 -136.93
N LYS GC 134 112.53 -15.46 -136.59
CA LYS GC 134 111.21 -15.38 -136.01
C LYS GC 134 110.22 -14.89 -137.06
N SER GC 135 108.96 -15.28 -136.90
CA SER GC 135 107.93 -14.91 -137.85
C SER GC 135 107.64 -13.41 -137.77
N ALA GC 136 107.00 -12.90 -138.81
CA ALA GC 136 106.69 -11.48 -138.88
C ALA GC 136 105.63 -11.11 -137.84
N ILE GC 137 105.55 -9.82 -137.53
CA ILE GC 137 104.65 -9.29 -136.51
C ILE GC 137 103.61 -8.41 -137.20
N SER GC 138 102.35 -8.65 -136.89
CA SER GC 138 101.24 -7.84 -137.38
C SER GC 138 100.35 -7.47 -136.21
N LEU GC 139 99.89 -6.22 -136.19
CA LEU GC 139 99.04 -5.71 -135.13
C LEU GC 139 97.69 -5.31 -135.73
N THR GC 140 96.61 -5.77 -135.11
CA THR GC 140 95.26 -5.47 -135.57
C THR GC 140 94.52 -4.66 -134.51
N TYR GC 141 93.81 -3.62 -134.97
CA TYR GC 141 93.13 -2.68 -134.10
C TYR GC 141 91.65 -2.66 -134.45
N THR GC 142 90.81 -2.51 -133.42
CA THR GC 142 89.37 -2.51 -133.59
C THR GC 142 88.78 -1.30 -132.88
N PHE GC 143 87.92 -0.57 -133.59
CA PHE GC 143 87.22 0.56 -132.99
C PHE GC 143 85.87 0.74 -133.66
N ALA GC 144 84.97 1.43 -132.96
CA ALA GC 144 83.59 1.54 -133.40
C ALA GC 144 83.48 2.27 -134.73
N HIS GC 145 82.54 1.82 -135.56
CA HIS GC 145 82.33 2.41 -136.87
C HIS GC 145 81.69 3.78 -136.76
N GLU GC 146 82.05 4.69 -137.66
CA GLU GC 146 81.52 6.03 -137.70
C GLU GC 146 81.46 6.48 -139.15
N PHE GC 147 80.68 7.53 -139.43
CA PHE GC 147 80.56 8.04 -140.79
C PHE GC 147 81.22 9.41 -140.96
N ASP GC 148 81.14 10.26 -139.94
CA ASP GC 148 81.60 11.63 -140.02
C ASP GC 148 83.04 11.81 -139.56
N ASN GC 149 83.75 10.73 -139.25
CA ASN GC 149 85.08 10.85 -138.67
C ASN GC 149 86.04 11.44 -139.69
N PRO GC 150 86.66 12.59 -139.40
CA PRO GC 150 87.57 13.20 -140.39
C PRO GC 150 88.85 12.43 -140.62
N ILE GC 151 89.23 11.53 -139.71
CA ILE GC 151 90.46 10.77 -139.90
C ILE GC 151 90.34 9.74 -141.01
N TYR GC 152 89.13 9.51 -141.52
CA TYR GC 152 88.94 8.54 -142.58
C TYR GC 152 89.70 8.94 -143.84
N GLN GC 153 89.66 10.22 -144.21
CA GLN GC 153 90.39 10.66 -145.40
C GLN GC 153 91.88 10.43 -145.24
N ILE GC 154 92.42 10.74 -144.07
CA ILE GC 154 93.84 10.51 -143.82
C ILE GC 154 94.17 9.02 -143.93
N LEU GC 155 93.33 8.18 -143.33
CA LEU GC 155 93.60 6.74 -143.38
C LEU GC 155 93.55 6.21 -144.80
N ARG GC 156 92.54 6.59 -145.58
CA ARG GC 156 92.42 6.11 -146.94
C ARG GC 156 93.59 6.60 -147.80
N LYS GC 157 93.97 7.86 -147.65
CA LYS GC 157 95.07 8.38 -148.45
C LYS GC 157 96.39 7.74 -148.06
N LEU GC 158 96.60 7.45 -146.77
CA LEU GC 158 97.81 6.74 -146.36
C LEU GC 158 97.82 5.32 -146.91
N ASP GC 159 96.67 4.65 -146.90
CA ASP GC 159 96.61 3.30 -147.46
C ASP GC 159 96.91 3.32 -148.95
N SER GC 160 96.33 4.28 -149.67
CA SER GC 160 96.56 4.38 -151.12
C SER GC 160 98.02 4.69 -151.42
N SER GC 161 98.63 5.59 -150.65
CA SER GC 161 100.02 5.97 -150.91
C SER GC 161 100.98 4.86 -150.57
N GLY GC 162 100.72 4.12 -149.49
CA GLY GC 162 101.62 3.08 -149.06
C GLY GC 162 102.84 3.56 -148.32
N GLN GC 163 102.87 4.82 -147.88
CA GLN GC 163 104.03 5.36 -147.20
C GLN GC 163 104.14 4.78 -145.79
N VAL GC 164 105.39 4.68 -145.30
CA VAL GC 164 105.63 4.20 -143.95
C VAL GC 164 105.18 5.24 -142.95
N THR GC 165 104.41 4.81 -141.95
CA THR GC 165 103.81 5.71 -140.98
C THR GC 165 104.24 5.32 -139.57
N ALA GC 166 104.38 6.33 -138.72
CA ALA GC 166 104.75 6.11 -137.33
C ALA GC 166 103.53 5.89 -136.46
N VAL GC 167 103.63 4.94 -135.54
CA VAL GC 167 102.55 4.60 -134.63
C VAL GC 167 103.09 4.70 -133.20
N ARG GC 168 102.32 5.34 -132.33
CA ARG GC 168 102.73 5.61 -130.96
C ARG GC 168 101.69 5.06 -130.00
N MET GC 169 102.16 4.48 -128.90
CA MET GC 169 101.27 3.96 -127.87
C MET GC 169 101.71 4.46 -126.51
N TYR GC 170 100.76 4.90 -125.71
CA TYR GC 170 101.04 5.48 -124.40
C TYR GC 170 100.30 4.69 -123.34
N VAL GC 171 101.04 4.21 -122.35
CA VAL GC 171 100.50 3.43 -121.24
C VAL GC 171 100.64 4.25 -119.97
N PRO GC 172 99.55 4.89 -119.52
CA PRO GC 172 99.67 5.79 -118.36
C PRO GC 172 100.09 5.09 -117.08
N LYS GC 173 99.70 3.84 -116.88
CA LYS GC 173 99.88 3.21 -115.58
C LYS GC 173 101.35 3.02 -115.24
N ALA GC 174 102.12 2.43 -116.14
CA ALA GC 174 103.54 2.20 -115.87
C ALA GC 174 104.45 3.29 -116.39
N SER GC 175 103.89 4.26 -117.15
CA SER GC 175 104.62 5.42 -117.64
C SER GC 175 105.72 5.05 -118.64
N GLU GC 176 105.42 4.20 -119.61
CA GLU GC 176 106.32 3.95 -120.72
C GLU GC 176 105.76 4.60 -121.98
N MET GC 177 106.46 4.37 -123.09
CA MET GC 177 106.05 5.00 -124.35
C MET GC 177 106.60 4.14 -125.48
N ARG GC 178 105.74 3.38 -126.15
CA ARG GC 178 106.16 2.49 -127.21
C ARG GC 178 106.12 3.21 -128.56
N MET GC 179 107.05 2.84 -129.44
CA MET GC 179 107.23 3.51 -130.71
C MET GC 179 107.52 2.47 -131.78
N TRP GC 180 106.88 2.60 -132.94
CA TRP GC 180 107.16 1.71 -134.05
C TRP GC 180 106.55 2.30 -135.32
N ALA GC 181 106.98 1.78 -136.46
CA ALA GC 181 106.50 2.25 -137.75
C ALA GC 181 106.23 1.05 -138.66
N GLY GC 182 105.33 1.26 -139.61
CA GLY GC 182 104.98 0.20 -140.53
C GLY GC 182 104.03 0.68 -141.59
N ILE GC 183 103.38 -0.26 -142.26
CA ILE GC 183 102.41 0.02 -143.31
C ILE GC 183 101.01 -0.16 -142.74
N LEU GC 184 100.07 0.62 -143.24
CA LEU GC 184 98.71 0.65 -142.72
C LEU GC 184 97.76 -0.07 -143.65
N SER GC 185 96.76 -0.74 -143.09
CA SER GC 185 95.68 -1.37 -143.83
C SER GC 185 94.37 -1.03 -143.16
N PHE GC 186 93.41 -0.55 -143.94
CA PHE GC 186 92.13 -0.07 -143.41
C PHE GC 186 90.98 -0.78 -144.10
N ASN GC 187 89.97 -1.15 -143.33
CA ASN GC 187 88.75 -1.76 -143.85
C ASN GC 187 87.57 -0.93 -143.39
N ASP GC 188 86.66 -0.61 -144.31
CA ASP GC 188 85.48 0.19 -143.99
C ASP GC 188 84.20 -0.58 -144.25
N ILE GC 189 84.20 -1.88 -143.98
CA ILE GC 189 82.99 -2.71 -144.06
C ILE GC 189 82.54 -3.00 -142.63
N PRO GC 190 81.49 -2.35 -142.14
CA PRO GC 190 81.08 -2.57 -140.75
C PRO GC 190 80.63 -3.99 -140.50
N SER GC 191 80.89 -4.47 -139.28
CA SER GC 191 80.51 -5.81 -138.85
C SER GC 191 79.13 -5.71 -138.23
N THR GC 192 78.10 -5.88 -139.07
CA THR GC 192 76.73 -5.75 -138.63
C THR GC 192 76.28 -6.99 -137.88
N GLN GC 193 75.88 -6.80 -136.62
CA GLN GC 193 75.29 -7.87 -135.83
C GLN GC 193 74.08 -7.28 -135.12
N VAL GC 194 73.48 -8.05 -134.21
CA VAL GC 194 72.22 -7.65 -133.56
C VAL GC 194 72.50 -7.40 -132.08
N ASN GC 195 72.21 -6.17 -131.65
CA ASN GC 195 72.23 -5.77 -130.24
C ASN GC 195 73.65 -5.66 -129.66
N GLU GC 196 74.60 -5.22 -130.49
CA GLU GC 196 75.85 -4.69 -129.97
C GLU GC 196 76.49 -3.80 -131.03
N MET GC 197 77.70 -3.35 -130.72
CA MET GC 197 78.37 -2.38 -131.57
C MET GC 197 78.78 -2.99 -132.90
N GLU GC 198 78.96 -2.12 -133.89
CA GLU GC 198 79.54 -2.50 -135.18
C GLU GC 198 80.84 -1.72 -135.38
N THR GC 199 81.86 -2.41 -135.85
CA THR GC 199 83.23 -1.88 -135.85
C THR GC 199 83.86 -2.02 -137.23
N VAL GC 200 84.97 -1.32 -137.40
CA VAL GC 200 85.81 -1.43 -138.59
C VAL GC 200 87.17 -1.96 -138.15
N GLU GC 201 88.03 -2.24 -139.13
CA GLU GC 201 89.30 -2.90 -138.89
C GLU GC 201 90.45 -2.02 -139.37
N LEU GC 202 91.48 -1.93 -138.54
CA LEU GC 202 92.74 -1.29 -138.90
C LEU GC 202 93.87 -2.22 -138.50
N ALA GC 203 94.84 -2.39 -139.40
CA ALA GC 203 95.98 -3.27 -139.17
C ALA GC 203 97.27 -2.53 -139.50
N VAL GC 204 98.33 -2.85 -138.76
CA VAL GC 204 99.63 -2.23 -138.95
C VAL GC 204 100.68 -3.33 -139.10
N SER GC 205 101.49 -3.23 -140.15
CA SER GC 205 102.62 -4.13 -140.30
C SER GC 205 103.81 -3.57 -139.52
N LEU GC 206 104.97 -4.21 -139.62
CA LEU GC 206 106.14 -3.78 -138.89
C LEU GC 206 107.37 -3.78 -139.78
N LYS GC 207 108.12 -2.69 -139.74
CA LYS GC 207 109.37 -2.57 -140.48
C LYS GC 207 110.60 -2.44 -139.60
N GLY GC 208 110.49 -1.90 -138.39
CA GLY GC 208 111.59 -1.77 -137.47
C GLY GC 208 111.36 -2.60 -136.23
N ASP GC 209 111.86 -2.10 -135.11
CA ASP GC 209 111.74 -2.75 -133.82
C ASP GC 209 111.17 -1.79 -132.78
N PHE GC 210 110.51 -2.36 -131.78
CA PHE GC 210 109.93 -1.55 -130.71
C PHE GC 210 111.02 -0.80 -129.95
N THR GC 211 110.71 0.43 -129.57
CA THR GC 211 111.59 1.22 -128.71
C THR GC 211 110.79 1.69 -127.51
N PHE GC 212 111.37 1.57 -126.33
CA PHE GC 212 110.71 1.93 -125.07
C PHE GC 212 111.43 3.12 -124.45
N ILE GC 213 110.66 4.08 -123.96
CA ILE GC 213 111.22 5.30 -123.39
C ILE GC 213 110.26 5.85 -122.35
N SER GC 214 110.79 6.65 -121.42
CA SER GC 214 109.99 7.22 -120.37
C SER GC 214 109.22 8.45 -120.87
N SER GC 215 107.93 8.50 -120.52
CA SER GC 215 107.11 9.64 -120.91
C SER GC 215 107.60 10.92 -120.21
N THR GC 216 108.16 10.78 -119.01
CA THR GC 216 108.72 11.94 -118.32
C THR GC 216 109.87 12.53 -119.11
N LEU GC 217 110.75 11.68 -119.65
CA LEU GC 217 111.82 12.16 -120.51
C LEU GC 217 111.26 12.73 -121.81
N ALA GC 218 110.22 12.09 -122.35
CA ALA GC 218 109.65 12.56 -123.61
C ALA GC 218 109.08 13.96 -123.48
N SER GC 219 108.38 14.23 -122.38
CA SER GC 219 107.80 15.56 -122.17
C SER GC 219 107.79 15.92 -120.69
N MET HC 1 85.10 -59.90 -115.20
CA MET HC 1 84.18 -59.48 -114.14
C MET HC 1 84.96 -59.19 -112.87
N HIS HC 2 85.83 -58.19 -112.94
CA HIS HC 2 86.68 -57.83 -111.81
C HIS HC 2 87.19 -56.40 -112.00
N LEU HC 3 87.76 -55.87 -110.93
CA LEU HC 3 88.23 -54.50 -110.84
C LEU HC 3 89.76 -54.47 -110.74
N PRO HC 4 90.43 -53.67 -111.57
CA PRO HC 4 91.89 -53.76 -111.64
C PRO HC 4 92.65 -52.91 -110.63
N ASN HC 5 91.96 -52.42 -109.59
CA ASN HC 5 92.65 -51.63 -108.58
C ASN HC 5 93.53 -52.50 -107.70
N GLY HC 6 94.61 -51.91 -107.20
CA GLY HC 6 95.53 -52.61 -106.32
C GLY HC 6 96.59 -53.45 -106.99
N ALA HC 7 96.76 -53.31 -108.31
CA ALA HC 7 97.73 -54.12 -109.03
C ALA HC 7 99.16 -53.66 -108.72
N GLN HC 8 100.12 -54.54 -109.00
CA GLN HC 8 101.53 -54.25 -108.82
C GLN HC 8 102.31 -54.66 -110.06
N ILE HC 9 103.45 -54.00 -110.26
CA ILE HC 9 104.27 -54.18 -111.45
C ILE HC 9 105.72 -54.41 -111.02
N PHE HC 10 106.35 -55.44 -111.57
CA PHE HC 10 107.76 -55.74 -111.32
C PHE HC 10 108.48 -55.86 -112.66
N VAL HC 11 109.79 -55.65 -112.63
CA VAL HC 11 110.60 -55.67 -113.84
C VAL HC 11 111.84 -56.52 -113.59
N GLU HC 12 112.25 -57.27 -114.62
CA GLU HC 12 113.47 -58.07 -114.58
C GLU HC 12 114.69 -57.21 -114.32
N THR HC 13 115.53 -57.67 -113.40
CA THR HC 13 116.74 -56.93 -113.06
C THR HC 13 118.01 -57.71 -113.40
N SER HC 14 117.95 -59.04 -113.36
CA SER HC 14 119.12 -59.86 -113.62
C SER HC 14 118.68 -61.28 -113.96
N ARG HC 15 119.39 -61.91 -114.89
CA ARG HC 15 119.12 -63.27 -115.30
C ARG HC 15 120.35 -64.14 -115.07
N GLY HC 16 120.12 -65.44 -114.92
CA GLY HC 16 121.17 -66.39 -114.61
C GLY HC 16 121.85 -66.92 -115.86
N GLU HC 17 122.71 -67.92 -115.64
CA GLU HC 17 123.47 -68.52 -116.71
C GLU HC 17 122.53 -69.27 -117.67
N GLU HC 18 122.84 -69.20 -118.96
CA GLU HC 18 121.94 -69.71 -119.98
C GLU HC 18 121.82 -71.24 -119.88
N ILE HC 19 120.61 -71.74 -120.06
CA ILE HC 19 120.32 -73.17 -119.96
C ILE HC 19 119.77 -73.64 -121.30
N GLU HC 20 120.33 -74.73 -121.81
CA GLU HC 20 119.92 -75.30 -123.09
C GLU HC 20 118.98 -76.48 -122.84
N ALA HC 21 118.05 -76.69 -123.76
CA ALA HC 21 117.14 -77.83 -123.73
C ALA HC 21 117.24 -78.58 -125.05
N THR HC 22 117.15 -79.91 -124.98
CA THR HC 22 117.38 -80.74 -126.16
C THR HC 22 116.10 -81.10 -126.91
N ALA HC 23 114.99 -81.33 -126.21
CA ALA HC 23 113.77 -81.77 -126.88
C ALA HC 23 112.57 -81.49 -125.99
N VAL HC 24 111.42 -81.22 -126.62
CA VAL HC 24 110.18 -80.97 -125.93
C VAL HC 24 109.04 -81.55 -126.75
N THR HC 25 108.05 -82.12 -126.05
CA THR HC 25 106.85 -82.62 -126.70
C THR HC 25 105.75 -81.56 -126.71
N ASN HC 26 104.71 -81.80 -127.50
CA ASN HC 26 103.61 -80.86 -127.67
C ASN HC 26 102.34 -81.42 -127.07
N GLU HC 27 101.74 -80.66 -126.16
CA GLU HC 27 100.51 -81.03 -125.47
C GLU HC 27 99.98 -79.80 -124.76
N LYS HC 28 98.96 -79.99 -123.91
CA LYS HC 28 98.41 -78.88 -123.13
C LYS HC 28 99.47 -78.27 -122.22
N ASN HC 29 100.17 -79.11 -121.45
CA ASN HC 29 101.25 -78.65 -120.58
C ASN HC 29 102.56 -79.27 -121.04
N PRO HC 30 103.38 -78.52 -121.77
CA PRO HC 30 104.62 -79.09 -122.32
C PRO HC 30 105.58 -79.55 -121.23
N VAL HC 31 106.33 -80.60 -121.55
CA VAL HC 31 107.42 -81.07 -120.71
C VAL HC 31 108.65 -81.22 -121.60
N ALA HC 32 109.78 -80.73 -121.12
CA ALA HC 32 111.02 -80.67 -121.89
C ALA HC 32 112.14 -81.39 -121.15
N THR HC 33 113.11 -81.88 -121.91
CA THR HC 33 114.27 -82.55 -121.35
C THR HC 33 115.44 -81.59 -121.31
N VAL HC 34 116.16 -81.57 -120.19
CA VAL HC 34 117.27 -80.66 -119.97
C VAL HC 34 118.48 -81.49 -119.57
N ALA HC 35 119.68 -80.99 -119.91
CA ALA HC 35 120.91 -81.72 -119.58
C ALA HC 35 121.12 -81.81 -118.08
N SER HC 36 120.87 -80.70 -117.37
CA SER HC 36 121.08 -80.67 -115.92
C SER HC 36 119.93 -79.94 -115.25
N LYS HC 37 119.71 -80.29 -113.98
CA LYS HC 37 118.70 -79.60 -113.19
C LYS HC 37 119.03 -78.12 -113.03
N GLY HC 38 120.31 -77.81 -112.79
CA GLY HC 38 120.68 -76.43 -112.53
C GLY HC 38 120.16 -75.98 -111.17
N ASP HC 39 119.85 -74.68 -111.09
CA ASP HC 39 119.30 -74.09 -109.88
C ASP HC 39 117.78 -73.95 -109.94
N LEU HC 40 117.15 -74.56 -110.93
CA LEU HC 40 115.70 -74.43 -111.09
C LEU HC 40 114.97 -75.13 -109.95
N ALA HC 41 113.87 -74.52 -109.54
CA ALA HC 41 113.03 -75.06 -108.48
C ALA HC 41 111.60 -74.65 -108.79
N LYS HC 42 110.70 -74.81 -107.82
CA LYS HC 42 109.29 -74.52 -108.02
C LYS HC 42 109.05 -73.02 -108.10
N GLY HC 43 108.21 -72.61 -109.05
CA GLY HC 43 107.72 -71.25 -109.11
C GLY HC 43 108.75 -70.17 -109.40
N ASP HC 44 109.61 -70.39 -110.39
CA ASP HC 44 110.50 -69.34 -110.89
C ASP HC 44 110.31 -69.17 -112.40
N TYR HC 45 110.33 -67.93 -112.85
CA TYR HC 45 109.98 -67.58 -114.22
C TYR HC 45 111.19 -67.73 -115.14
N VAL HC 46 110.90 -68.05 -116.40
CA VAL HC 46 111.92 -68.25 -117.42
C VAL HC 46 111.54 -67.47 -118.67
N ILE HC 47 112.57 -67.03 -119.39
CA ILE HC 47 112.41 -66.33 -120.65
C ILE HC 47 113.16 -67.10 -121.73
N VAL HC 48 112.49 -67.37 -122.85
CA VAL HC 48 113.13 -68.09 -123.95
C VAL HC 48 113.77 -67.09 -124.89
N THR HC 49 115.08 -67.22 -125.09
CA THR HC 49 115.86 -66.28 -125.88
C THR HC 49 115.89 -66.62 -127.37
N GLN HC 50 115.82 -67.90 -127.72
CA GLN HC 50 115.79 -68.34 -129.11
C GLN HC 50 115.38 -69.79 -129.16
N SER HC 51 114.64 -70.17 -130.20
CA SER HC 51 114.14 -71.52 -130.33
C SER HC 51 113.74 -71.75 -131.78
N THR HC 52 113.58 -73.04 -132.13
CA THR HC 52 113.16 -73.38 -133.48
C THR HC 52 111.76 -72.86 -133.79
N TRP HC 53 110.84 -72.99 -132.84
CA TRP HC 53 109.46 -72.55 -133.07
C TRP HC 53 109.40 -71.03 -133.11
N ALA HC 54 108.80 -70.49 -134.18
CA ALA HC 54 108.79 -69.04 -134.36
C ALA HC 54 107.79 -68.36 -133.45
N LYS HC 55 106.68 -69.02 -133.15
CA LYS HC 55 105.60 -68.37 -132.40
C LYS HC 55 105.99 -68.13 -130.95
N MET HC 56 106.87 -68.96 -130.40
CA MET HC 56 107.15 -68.90 -128.97
C MET HC 56 108.40 -68.11 -128.63
N VAL HC 57 109.02 -67.42 -129.59
CA VAL HC 57 110.25 -66.70 -129.29
C VAL HC 57 109.95 -65.52 -128.37
N SER HC 58 110.88 -65.23 -127.46
CA SER HC 58 110.76 -64.16 -126.48
C SER HC 58 109.47 -64.28 -125.67
N ARG HC 59 109.32 -65.44 -125.02
CA ARG HC 59 108.16 -65.73 -124.20
C ARG HC 59 108.57 -66.01 -122.77
N VAL HC 60 107.71 -65.59 -121.85
CA VAL HC 60 107.90 -65.79 -120.42
C VAL HC 60 107.00 -66.93 -119.98
N LEU HC 61 107.59 -67.95 -119.37
CA LEU HC 61 106.86 -69.11 -118.88
C LEU HC 61 107.20 -69.36 -117.42
N ILE HC 62 106.43 -70.26 -116.81
CA ILE HC 62 106.62 -70.64 -115.41
C ILE HC 62 106.79 -72.16 -115.33
N VAL HC 63 107.70 -72.59 -114.47
CA VAL HC 63 107.93 -74.00 -114.25
C VAL HC 63 106.79 -74.58 -113.43
N THR HC 64 106.40 -75.81 -113.72
CA THR HC 64 105.36 -76.51 -113.00
C THR HC 64 105.89 -77.67 -112.16
N ASP HC 65 106.62 -78.59 -112.78
CA ASP HC 65 107.25 -79.70 -112.08
C ASP HC 65 108.70 -79.81 -112.52
N ALA HC 66 109.60 -79.90 -111.54
CA ALA HC 66 111.03 -79.92 -111.79
C ALA HC 66 111.60 -81.26 -111.38
N GLN HC 67 112.40 -81.88 -112.26
CA GLN HC 67 113.11 -83.10 -111.97
C GLN HC 67 114.57 -82.94 -112.40
N GLU HC 68 115.35 -84.00 -112.22
CA GLU HC 68 116.74 -83.96 -112.62
C GLU HC 68 116.88 -83.78 -114.13
N THR HC 69 115.92 -84.30 -114.89
CA THR HC 69 115.99 -84.25 -116.35
C THR HC 69 114.76 -83.65 -117.02
N SER HC 70 113.60 -83.64 -116.35
CA SER HC 70 112.35 -83.22 -116.97
C SER HC 70 111.80 -81.97 -116.29
N ILE HC 71 111.48 -80.96 -117.11
CA ILE HC 71 110.92 -79.71 -116.61
C ILE HC 71 109.58 -79.47 -117.30
N THR HC 72 108.54 -79.23 -116.50
CA THR HC 72 107.20 -79.02 -117.00
C THR HC 72 106.88 -77.53 -116.98
N LEU HC 73 106.37 -77.02 -118.10
CA LEU HC 73 106.09 -75.60 -118.25
C LEU HC 73 104.58 -75.39 -118.40
N ALA HC 74 104.09 -74.28 -117.86
CA ALA HC 74 102.68 -73.93 -117.96
C ALA HC 74 102.56 -72.50 -118.45
N GLY HC 75 101.59 -72.28 -119.33
CA GLY HC 75 101.33 -70.95 -119.85
C GLY HC 75 101.11 -70.92 -121.35
N ILE HC 76 101.67 -71.90 -122.06
CA ILE HC 76 101.53 -72.01 -123.50
C ILE HC 76 100.94 -73.37 -123.84
N ASP HC 77 99.94 -73.37 -124.71
CA ASP HC 77 99.30 -74.60 -125.15
C ASP HC 77 99.94 -75.06 -126.44
N THR HC 78 100.30 -76.35 -126.50
CA THR HC 78 100.92 -76.95 -127.68
C THR HC 78 100.10 -78.11 -128.20
N SER HC 79 98.77 -78.00 -128.15
CA SER HC 79 97.92 -79.06 -128.68
C SER HC 79 98.08 -79.20 -130.19
N ASP HC 80 98.16 -78.06 -130.89
CA ASP HC 80 98.29 -78.10 -132.34
C ASP HC 80 99.66 -78.62 -132.75
N THR HC 81 99.71 -79.29 -133.90
CA THR HC 81 100.94 -79.88 -134.40
C THR HC 81 101.47 -79.22 -135.67
N LEU HC 82 100.59 -78.72 -136.54
CA LEU HC 82 101.06 -78.11 -137.77
C LEU HC 82 101.74 -76.77 -137.49
N VAL HC 83 101.25 -76.01 -136.51
CA VAL HC 83 101.89 -74.75 -136.16
C VAL HC 83 103.09 -74.95 -135.24
N PHE HC 84 103.15 -76.08 -134.54
CA PHE HC 84 104.30 -76.45 -133.70
C PHE HC 84 104.85 -77.76 -134.21
N PRO HC 85 105.68 -77.73 -135.26
CA PRO HC 85 106.23 -78.98 -135.79
C PRO HC 85 107.11 -79.68 -134.77
N ALA HC 86 107.16 -81.01 -134.87
CA ALA HC 86 107.93 -81.81 -133.94
C ALA HC 86 109.42 -81.51 -134.06
N GLY HC 87 110.18 -82.02 -133.09
CA GLY HC 87 111.61 -81.76 -133.06
C GLY HC 87 111.99 -80.31 -132.78
N GLY HC 88 111.32 -79.67 -131.83
CA GLY HC 88 111.63 -78.31 -131.45
C GLY HC 88 112.55 -78.28 -130.24
N THR HC 89 113.44 -77.28 -130.23
CA THR HC 89 114.43 -77.13 -129.17
C THR HC 89 114.19 -75.82 -128.43
N MET HC 90 114.53 -75.81 -127.14
CA MET HC 90 114.35 -74.65 -126.29
C MET HC 90 115.70 -74.06 -125.89
N SER HC 91 115.66 -72.81 -125.45
CA SER HC 91 116.85 -72.15 -124.91
C SER HC 91 116.37 -71.01 -124.00
N PHE HC 92 116.54 -71.17 -122.70
CA PHE HC 92 115.96 -70.24 -121.74
C PHE HC 92 116.91 -70.03 -120.58
N ALA HC 93 116.70 -68.93 -119.86
CA ALA HC 93 117.40 -68.62 -118.63
C ALA HC 93 116.42 -68.55 -117.48
N LYS HC 94 116.94 -68.27 -116.29
CA LYS HC 94 116.14 -68.14 -115.08
C LYS HC 94 116.27 -66.72 -114.55
N ILE HC 95 115.14 -66.09 -114.24
CA ILE HC 95 115.16 -64.73 -113.75
C ILE HC 95 115.50 -64.75 -112.27
N THR HC 96 116.55 -64.01 -111.89
CA THR HC 96 117.05 -64.12 -110.52
C THR HC 96 116.20 -63.30 -109.55
N GLY HC 97 116.11 -61.98 -109.79
CA GLY HC 97 115.42 -61.10 -108.88
C GLY HC 97 114.41 -60.22 -109.61
N TRP HC 98 113.75 -59.37 -108.83
CA TRP HC 98 112.74 -58.45 -109.33
C TRP HC 98 112.80 -57.15 -108.56
N THR HC 99 112.37 -56.06 -109.21
CA THR HC 99 112.27 -54.76 -108.59
C THR HC 99 110.93 -54.13 -108.95
N GLU HC 100 110.40 -53.34 -108.01
CA GLU HC 100 109.10 -52.70 -108.20
C GLU HC 100 109.30 -51.19 -108.30
N ILE HC 101 108.48 -50.56 -109.12
CA ILE HC 101 108.48 -49.10 -109.29
C ILE HC 101 107.75 -48.48 -108.11
N PRO HC 102 108.14 -47.30 -107.64
CA PRO HC 102 107.33 -46.59 -106.65
C PRO HC 102 105.92 -46.30 -107.19
N CYS HC 103 105.08 -45.77 -106.30
CA CYS HC 103 103.65 -45.70 -106.55
C CYS HC 103 103.36 -44.97 -107.87
N VAL HC 104 102.54 -45.62 -108.71
CA VAL HC 104 102.39 -45.28 -110.12
C VAL HC 104 101.08 -44.51 -110.32
N GLN HC 105 101.14 -43.43 -111.11
CA GLN HC 105 99.97 -42.60 -111.33
C GLN HC 105 99.00 -43.20 -112.34
N GLU HC 106 99.44 -43.35 -113.59
CA GLU HC 106 98.52 -43.66 -114.68
C GLU HC 106 99.10 -44.77 -115.53
N ILE HC 107 98.21 -45.61 -116.06
CA ILE HC 107 98.56 -46.73 -116.91
C ILE HC 107 97.92 -46.51 -118.27
N GLY HC 108 98.75 -46.49 -119.32
CA GLY HC 108 98.25 -46.21 -120.65
C GLY HC 108 98.86 -47.13 -121.68
N GLN HC 109 98.13 -47.31 -122.77
CA GLN HC 109 98.57 -48.13 -123.88
C GLN HC 109 97.92 -47.62 -125.17
N ASP HC 110 98.48 -48.04 -126.30
CA ASP HC 110 97.93 -47.65 -127.59
C ASP HC 110 98.26 -48.73 -128.62
N GLY HC 111 97.55 -48.67 -129.75
CA GLY HC 111 97.73 -49.64 -130.81
C GLY HC 111 96.88 -50.87 -130.62
N GLY HC 112 96.98 -51.76 -131.61
CA GLY HC 112 96.20 -52.98 -131.63
C GLY HC 112 94.97 -52.94 -132.52
N GLU HC 113 94.63 -51.76 -133.06
CA GLU HC 113 93.47 -51.63 -133.93
C GLU HC 113 93.72 -52.42 -135.21
N GLN HC 114 92.95 -53.47 -135.43
CA GLN HC 114 93.16 -54.34 -136.58
C GLN HC 114 92.83 -53.58 -137.87
N GLN HC 115 93.74 -53.65 -138.83
CA GLN HC 115 93.54 -53.00 -140.12
C GLN HC 115 92.71 -53.89 -141.03
N TYR HC 116 92.20 -53.28 -142.10
CA TYR HC 116 91.37 -53.97 -143.08
C TYR HC 116 91.83 -53.64 -144.48
N TYR HC 117 91.59 -54.57 -145.40
CA TYR HC 117 91.90 -54.38 -146.82
C TYR HC 117 90.59 -54.43 -147.60
N THR HC 118 90.30 -53.38 -148.35
CA THR HC 118 89.07 -53.26 -149.12
C THR HC 118 89.39 -53.43 -150.60
N TYR HC 119 88.73 -54.40 -151.24
CA TYR HC 119 88.88 -54.63 -152.66
C TYR HC 119 87.50 -54.63 -153.32
N GLN HC 120 87.39 -53.91 -154.43
CA GLN HC 120 86.15 -53.76 -155.16
C GLN HC 120 86.26 -54.51 -156.48
N CYS HC 121 85.31 -55.40 -156.75
CA CYS HC 121 85.32 -56.20 -157.97
C CYS HC 121 84.20 -55.72 -158.90
N LEU HC 122 84.53 -55.62 -160.19
CA LEU HC 122 83.57 -55.13 -161.18
C LEU HC 122 82.36 -56.05 -161.32
N SER HC 123 82.52 -57.34 -161.03
CA SER HC 123 81.40 -58.28 -161.16
C SER HC 123 80.27 -57.93 -160.18
N ASP HC 124 80.63 -57.54 -158.96
CA ASP HC 124 79.66 -57.20 -157.92
C ASP HC 124 79.54 -55.68 -157.80
N ASP HC 125 78.64 -55.27 -156.92
CA ASP HC 125 78.42 -53.85 -156.63
C ASP HC 125 78.69 -53.47 -155.19
N LYS HC 126 78.29 -54.31 -154.23
CA LYS HC 126 78.58 -54.04 -152.83
C LYS HC 126 80.07 -54.26 -152.55
N GLU HC 127 80.63 -53.44 -151.67
CA GLU HC 127 82.04 -53.53 -151.31
C GLU HC 127 82.20 -54.25 -149.98
N GLN HC 128 83.08 -55.24 -149.96
CA GLN HC 128 83.40 -55.98 -148.75
C GLN HC 128 84.91 -55.96 -148.52
N GLN HC 129 85.31 -56.14 -147.27
CA GLN HC 129 86.70 -56.00 -146.88
C GLN HC 129 87.18 -57.26 -146.17
N ILE HC 130 88.50 -57.38 -146.07
CA ILE HC 130 89.16 -58.54 -145.46
C ILE HC 130 90.11 -58.03 -144.38
N PRO HC 131 90.08 -58.60 -143.18
CA PRO HC 131 91.02 -58.16 -142.13
C PRO HC 131 92.46 -58.52 -142.48
N THR HC 132 93.38 -57.81 -141.84
CA THR HC 132 94.81 -57.92 -142.11
C THR HC 132 95.55 -57.84 -140.77
N PHE HC 133 96.86 -57.57 -140.85
CA PHE HC 133 97.72 -57.53 -139.68
C PHE HC 133 97.20 -56.51 -138.65
N LYS HC 134 97.68 -56.66 -137.42
CA LYS HC 134 97.33 -55.78 -136.32
C LYS HC 134 98.47 -54.80 -136.06
N SER HC 135 98.11 -53.62 -135.56
CA SER HC 135 99.11 -52.61 -135.24
C SER HC 135 99.91 -53.01 -134.01
N ALA HC 136 101.04 -52.34 -133.82
CA ALA HC 136 101.94 -52.66 -132.72
C ALA HC 136 101.33 -52.24 -131.38
N ILE HC 137 101.92 -52.74 -130.30
CA ILE HC 137 101.44 -52.49 -128.95
C ILE HC 137 102.55 -51.80 -128.16
N SER HC 138 102.20 -50.70 -127.51
CA SER HC 138 103.14 -49.96 -126.66
C SER HC 138 102.44 -49.63 -125.35
N LEU HC 139 103.13 -49.87 -124.24
CA LEU HC 139 102.60 -49.62 -122.91
C LEU HC 139 103.41 -48.52 -122.23
N THR HC 140 102.72 -47.55 -121.64
CA THR HC 140 103.35 -46.39 -121.02
C THR HC 140 102.99 -46.33 -119.55
N TYR HC 141 103.94 -45.88 -118.73
CA TYR HC 141 103.75 -45.77 -117.30
C TYR HC 141 104.23 -44.41 -116.83
N THR HC 142 103.58 -43.88 -115.80
CA THR HC 142 103.93 -42.60 -115.18
C THR HC 142 103.99 -42.78 -113.68
N PHE HC 143 105.10 -42.36 -113.07
CA PHE HC 143 105.28 -42.52 -111.64
C PHE HC 143 106.04 -41.33 -111.08
N ALA HC 144 105.92 -41.15 -109.77
CA ALA HC 144 106.51 -39.98 -109.11
C ALA HC 144 108.02 -39.98 -109.25
N HIS HC 145 108.58 -38.79 -109.49
CA HIS HC 145 110.02 -38.63 -109.60
C HIS HC 145 110.65 -38.54 -108.22
N GLU HC 146 111.79 -39.20 -108.05
CA GLU HC 146 112.57 -39.12 -106.82
C GLU HC 146 114.05 -39.11 -107.14
N PHE HC 147 114.78 -38.19 -106.51
CA PHE HC 147 116.21 -38.07 -106.67
C PHE HC 147 116.99 -39.31 -106.22
N ASP HC 148 116.73 -39.78 -105.01
CA ASP HC 148 117.52 -40.84 -104.40
C ASP HC 148 117.00 -42.24 -104.74
N ASN HC 149 116.15 -42.37 -105.75
CA ASN HC 149 115.64 -43.68 -106.11
C ASN HC 149 116.73 -44.46 -106.84
N PRO HC 150 117.16 -45.61 -106.32
CA PRO HC 150 118.27 -46.34 -106.94
C PRO HC 150 117.92 -47.01 -108.26
N ILE HC 151 116.65 -47.32 -108.50
CA ILE HC 151 116.26 -48.01 -109.72
C ILE HC 151 116.43 -47.14 -110.96
N TYR HC 152 116.68 -45.85 -110.77
CA TYR HC 152 116.94 -44.96 -111.90
C TYR HC 152 118.18 -45.41 -112.67
N GLN HC 153 119.25 -45.77 -111.96
CA GLN HC 153 120.45 -46.24 -112.63
C GLN HC 153 120.21 -47.52 -113.40
N ILE HC 154 119.40 -48.43 -112.83
CA ILE HC 154 119.09 -49.67 -113.53
C ILE HC 154 118.35 -49.38 -114.83
N LEU HC 155 117.35 -48.50 -114.77
CA LEU HC 155 116.65 -48.12 -115.99
C LEU HC 155 117.60 -47.47 -116.99
N ARG HC 156 118.51 -46.62 -116.51
CA ARG HC 156 119.44 -45.96 -117.40
C ARG HC 156 120.31 -46.97 -118.14
N LYS HC 157 120.90 -47.92 -117.42
CA LYS HC 157 121.81 -48.83 -118.10
C LYS HC 157 121.06 -49.84 -118.95
N LEU HC 158 119.82 -50.19 -118.56
CA LEU HC 158 119.00 -51.06 -119.41
C LEU HC 158 118.63 -50.35 -120.71
N ASP HC 159 118.31 -49.05 -120.64
CA ASP HC 159 118.05 -48.30 -121.86
C ASP HC 159 119.30 -48.20 -122.72
N SER HC 160 120.46 -48.01 -122.09
CA SER HC 160 121.71 -47.96 -122.85
C SER HC 160 121.98 -49.30 -123.54
N SER HC 161 121.73 -50.41 -122.84
CA SER HC 161 122.03 -51.72 -123.40
C SER HC 161 121.06 -52.11 -124.50
N GLY HC 162 119.76 -51.89 -124.27
CA GLY HC 162 118.76 -52.31 -125.23
C GLY HC 162 118.44 -53.79 -125.21
N GLN HC 163 118.84 -54.51 -124.17
CA GLN HC 163 118.57 -55.95 -124.10
C GLN HC 163 117.10 -56.21 -123.79
N VAL HC 164 116.61 -57.35 -124.28
CA VAL HC 164 115.22 -57.73 -124.05
C VAL HC 164 115.03 -58.15 -122.60
N THR HC 165 113.99 -57.62 -121.96
CA THR HC 165 113.74 -57.84 -120.55
C THR HC 165 112.28 -58.20 -120.32
N ALA HC 166 112.02 -58.91 -119.23
CA ALA HC 166 110.67 -59.32 -118.88
C ALA HC 166 110.06 -58.36 -117.87
N VAL HC 167 108.73 -58.22 -117.93
CA VAL HC 167 107.98 -57.40 -117.00
C VAL HC 167 106.76 -58.20 -116.54
N ARG HC 168 106.39 -58.02 -115.28
CA ARG HC 168 105.42 -58.86 -114.60
C ARG HC 168 104.38 -57.98 -113.95
N MET HC 169 103.11 -58.41 -114.00
CA MET HC 169 102.03 -57.66 -113.39
C MET HC 169 101.16 -58.61 -112.58
N TYR HC 170 100.79 -58.18 -111.38
CA TYR HC 170 99.99 -58.98 -110.46
C TYR HC 170 98.74 -58.20 -110.07
N VAL HC 171 97.58 -58.79 -110.33
CA VAL HC 171 96.29 -58.21 -109.99
C VAL HC 171 95.65 -59.05 -108.89
N PRO HC 172 95.43 -58.48 -107.72
CA PRO HC 172 94.93 -59.30 -106.59
C PRO HC 172 93.48 -59.67 -106.71
N LYS HC 173 92.63 -58.80 -107.26
CA LYS HC 173 91.19 -59.05 -107.25
C LYS HC 173 90.82 -60.29 -108.05
N ALA HC 174 91.38 -60.45 -109.23
CA ALA HC 174 91.05 -61.57 -110.10
C ALA HC 174 91.96 -62.78 -109.91
N SER HC 175 92.98 -62.67 -109.05
CA SER HC 175 93.96 -63.72 -108.81
C SER HC 175 94.69 -64.14 -110.09
N GLU HC 176 94.73 -63.26 -111.08
CA GLU HC 176 95.45 -63.47 -112.32
C GLU HC 176 96.81 -62.78 -112.22
N MET HC 177 97.72 -63.12 -113.12
CA MET HC 177 99.08 -62.59 -113.02
C MET HC 177 99.69 -62.57 -114.42
N ARG HC 178 100.01 -61.38 -114.91
CA ARG HC 178 100.44 -61.20 -116.29
C ARG HC 178 101.97 -61.15 -116.39
N MET HC 179 102.48 -61.71 -117.48
CA MET HC 179 103.90 -61.67 -117.79
C MET HC 179 104.10 -61.41 -119.27
N TRP HC 180 105.07 -60.55 -119.60
CA TRP HC 180 105.42 -60.30 -120.99
C TRP HC 180 106.81 -59.65 -121.02
N ALA HC 181 107.33 -59.50 -122.24
CA ALA HC 181 108.67 -58.97 -122.43
C ALA HC 181 108.69 -57.96 -123.57
N GLY HC 182 109.63 -57.04 -123.49
CA GLY HC 182 109.77 -56.03 -124.52
C GLY HC 182 110.97 -55.14 -124.28
N ILE HC 183 111.07 -54.09 -125.09
CA ILE HC 183 112.16 -53.12 -124.99
C ILE HC 183 111.68 -51.94 -124.15
N LEU HC 184 112.61 -51.32 -123.44
CA LEU HC 184 112.28 -50.30 -122.45
C LEU HC 184 112.65 -48.91 -122.96
N SER HC 185 112.07 -47.89 -122.33
CA SER HC 185 112.41 -46.49 -122.57
C SER HC 185 112.07 -45.69 -121.33
N PHE HC 186 112.98 -44.80 -120.94
CA PHE HC 186 112.84 -43.99 -119.73
C PHE HC 186 112.94 -42.52 -120.07
N ASN HC 187 112.20 -41.69 -119.34
CA ASN HC 187 112.26 -40.25 -119.49
C ASN HC 187 112.56 -39.65 -118.12
N ASP HC 188 113.51 -38.72 -118.07
CA ASP HC 188 113.96 -38.14 -116.80
C ASP HC 188 113.76 -36.64 -116.73
N ILE HC 189 112.85 -36.10 -117.53
CA ILE HC 189 112.48 -34.69 -117.46
C ILE HC 189 111.12 -34.59 -116.77
N PRO HC 190 111.06 -34.14 -115.52
CA PRO HC 190 109.77 -34.02 -114.84
C PRO HC 190 108.88 -32.96 -115.47
N SER HC 191 107.58 -33.15 -115.30
CA SER HC 191 106.57 -32.19 -115.79
C SER HC 191 106.15 -31.33 -114.61
N THR HC 192 106.85 -30.20 -114.44
CA THR HC 192 106.60 -29.32 -113.32
C THR HC 192 105.38 -28.43 -113.58
N GLN HC 193 104.49 -28.35 -112.61
CA GLN HC 193 103.34 -27.46 -112.67
C GLN HC 193 103.06 -26.99 -111.24
N VAL HC 194 102.02 -26.19 -111.05
CA VAL HC 194 101.76 -25.51 -109.79
C VAL HC 194 100.77 -26.32 -108.97
N ASN HC 195 101.16 -26.67 -107.75
CA ASN HC 195 100.26 -27.26 -106.75
C ASN HC 195 99.80 -28.66 -107.11
N GLU HC 196 100.72 -29.50 -107.60
CA GLU HC 196 100.45 -30.94 -107.68
C GLU HC 196 101.78 -31.66 -107.82
N MET HC 197 101.72 -32.99 -107.71
CA MET HC 197 102.91 -33.81 -107.77
C MET HC 197 103.50 -33.77 -109.18
N GLU HC 198 104.75 -34.19 -109.29
CA GLU HC 198 105.47 -34.20 -110.55
C GLU HC 198 105.98 -35.62 -110.84
N THR HC 199 105.95 -35.99 -112.12
CA THR HC 199 106.17 -37.37 -112.53
C THR HC 199 107.13 -37.45 -113.71
N VAL HC 200 107.54 -38.69 -114.02
CA VAL HC 200 108.32 -39.00 -115.20
C VAL HC 200 107.61 -40.13 -115.96
N GLU HC 201 108.08 -40.40 -117.18
CA GLU HC 201 107.38 -41.29 -118.09
C GLU HC 201 108.25 -42.49 -118.45
N LEU HC 202 107.70 -43.69 -118.30
CA LEU HC 202 108.35 -44.92 -118.70
C LEU HC 202 107.49 -45.63 -119.73
N ALA HC 203 108.11 -46.15 -120.78
CA ALA HC 203 107.41 -46.85 -121.85
C ALA HC 203 108.06 -48.20 -122.10
N VAL HC 204 107.24 -49.17 -122.51
CA VAL HC 204 107.73 -50.49 -122.90
C VAL HC 204 107.00 -50.93 -124.15
N SER HC 205 107.75 -51.46 -125.11
CA SER HC 205 107.17 -51.97 -126.34
C SER HC 205 106.76 -53.43 -126.12
N LEU HC 206 106.28 -54.08 -127.18
CA LEU HC 206 105.88 -55.48 -127.11
C LEU HC 206 106.59 -56.27 -128.21
N LYS HC 207 107.29 -57.32 -127.79
CA LYS HC 207 107.98 -58.20 -128.73
C LYS HC 207 107.40 -59.59 -128.83
N GLY HC 208 106.67 -60.07 -127.81
CA GLY HC 208 106.07 -61.38 -127.81
C GLY HC 208 104.57 -61.28 -127.62
N ASP HC 209 104.05 -62.23 -126.84
CA ASP HC 209 102.62 -62.30 -126.55
C ASP HC 209 102.40 -62.45 -125.05
N PHE HC 210 101.22 -62.05 -124.60
CA PHE HC 210 100.87 -62.15 -123.19
C PHE HC 210 100.72 -63.61 -122.78
N THR HC 211 101.12 -63.90 -121.54
CA THR HC 211 100.91 -65.21 -120.94
C THR HC 211 100.07 -65.04 -119.68
N PHE HC 212 99.05 -65.86 -119.53
CA PHE HC 212 98.11 -65.75 -118.43
C PHE HC 212 98.11 -67.05 -117.64
N ILE HC 213 98.38 -66.96 -116.33
CA ILE HC 213 98.39 -68.11 -115.45
C ILE HC 213 97.71 -67.72 -114.14
N SER HC 214 97.34 -68.74 -113.36
CA SER HC 214 96.78 -68.50 -112.04
C SER HC 214 97.89 -68.13 -111.06
N SER HC 215 97.63 -67.09 -110.26
CA SER HC 215 98.62 -66.65 -109.27
C SER HC 215 98.84 -67.72 -108.21
N THR HC 216 97.79 -68.43 -107.80
CA THR HC 216 97.94 -69.51 -106.84
C THR HC 216 98.85 -70.61 -107.39
N LEU HC 217 98.66 -70.96 -108.67
CA LEU HC 217 99.53 -71.94 -109.29
C LEU HC 217 100.96 -71.42 -109.38
N ALA HC 218 101.13 -70.12 -109.66
CA ALA HC 218 102.46 -69.53 -109.73
C ALA HC 218 103.18 -69.64 -108.38
N SER HC 219 102.46 -69.36 -107.30
CA SER HC 219 103.06 -69.46 -105.97
C SER HC 219 102.06 -70.03 -104.96
N MET IC 1 59.53 -49.18 -134.22
CA MET IC 1 58.75 -48.75 -133.07
C MET IC 1 58.90 -49.76 -131.94
N HIS IC 2 60.14 -49.97 -131.50
CA HIS IC 2 60.42 -50.94 -130.47
C HIS IC 2 61.76 -50.62 -129.84
N LEU IC 3 62.00 -51.21 -128.66
CA LEU IC 3 63.18 -50.98 -127.87
C LEU IC 3 64.10 -52.20 -127.90
N PRO IC 4 65.38 -52.01 -128.23
CA PRO IC 4 66.27 -53.16 -128.42
C PRO IC 4 66.88 -53.68 -127.13
N ASN IC 5 66.38 -53.24 -125.98
CA ASN IC 5 66.92 -53.71 -124.72
C ASN IC 5 66.61 -55.19 -124.51
N GLY IC 6 67.57 -55.90 -123.92
CA GLY IC 6 67.43 -57.32 -123.69
C GLY IC 6 67.83 -58.21 -124.84
N ALA IC 7 68.42 -57.66 -125.90
CA ALA IC 7 68.82 -58.46 -127.04
C ALA IC 7 69.98 -59.38 -126.68
N GLN IC 8 70.09 -60.48 -127.42
CA GLN IC 8 71.11 -61.48 -127.15
C GLN IC 8 71.90 -61.79 -128.42
N ILE IC 9 73.16 -62.19 -128.23
CA ILE IC 9 74.10 -62.45 -129.31
C ILE IC 9 74.63 -63.88 -129.17
N PHE IC 10 74.71 -64.60 -130.29
CA PHE IC 10 75.32 -65.92 -130.35
C PHE IC 10 76.23 -65.98 -131.57
N VAL IC 11 77.21 -66.89 -131.52
CA VAL IC 11 78.16 -67.07 -132.60
C VAL IC 11 78.32 -68.56 -132.86
N GLU IC 12 78.42 -68.94 -134.14
CA GLU IC 12 78.57 -70.34 -134.50
C GLU IC 12 79.87 -70.91 -133.97
N THR IC 13 79.81 -72.17 -133.52
CA THR IC 13 80.97 -72.81 -132.91
C THR IC 13 81.38 -74.08 -133.64
N SER IC 14 80.44 -74.73 -134.32
CA SER IC 14 80.74 -75.99 -135.01
C SER IC 14 79.70 -76.26 -136.08
N ARG IC 15 80.15 -76.78 -137.22
CA ARG IC 15 79.26 -77.15 -138.31
C ARG IC 15 79.33 -78.66 -138.55
N GLY IC 16 78.32 -79.17 -139.23
CA GLY IC 16 78.26 -80.57 -139.59
C GLY IC 16 78.83 -80.85 -140.96
N GLU IC 17 78.48 -82.01 -141.50
CA GLU IC 17 78.94 -82.43 -142.81
C GLU IC 17 78.31 -81.56 -143.90
N GLU IC 18 79.09 -81.30 -144.95
CA GLU IC 18 78.58 -80.53 -146.08
C GLU IC 18 77.46 -81.29 -146.78
N ILE IC 19 76.41 -80.56 -147.16
CA ILE IC 19 75.22 -81.14 -147.78
C ILE IC 19 74.98 -80.42 -149.10
N GLU IC 20 74.76 -81.20 -150.16
CA GLU IC 20 74.60 -80.67 -151.51
C GLU IC 20 73.13 -80.77 -151.93
N ALA IC 21 72.62 -79.69 -152.53
CA ALA IC 21 71.28 -79.67 -153.11
C ALA IC 21 71.40 -79.54 -154.62
N THR IC 22 70.77 -80.47 -155.35
CA THR IC 22 70.96 -80.55 -156.79
C THR IC 22 70.21 -79.48 -157.57
N ALA IC 23 69.05 -79.05 -157.10
CA ALA IC 23 68.26 -78.08 -157.85
C ALA IC 23 67.29 -77.38 -156.91
N VAL IC 24 67.14 -76.07 -157.11
CA VAL IC 24 66.21 -75.26 -156.33
C VAL IC 24 65.48 -74.32 -157.29
N THR IC 25 64.17 -74.15 -157.08
CA THR IC 25 63.37 -73.26 -157.90
C THR IC 25 63.33 -71.86 -157.29
N ASN IC 26 62.50 -71.01 -157.88
CA ASN IC 26 62.39 -69.61 -157.48
C ASN IC 26 60.94 -69.23 -157.23
N GLU IC 27 60.65 -68.84 -155.99
CA GLU IC 27 59.32 -68.38 -155.59
C GLU IC 27 59.48 -67.64 -154.26
N LYS IC 28 58.36 -67.34 -153.60
CA LYS IC 28 58.43 -66.64 -152.32
C LYS IC 28 59.24 -67.44 -151.30
N ASN IC 29 58.96 -68.72 -151.16
CA ASN IC 29 59.71 -69.61 -150.27
C ASN IC 29 60.34 -70.71 -151.12
N PRO IC 30 61.64 -70.63 -151.39
CA PRO IC 30 62.26 -71.62 -152.29
C PRO IC 30 62.22 -73.02 -151.71
N VAL IC 31 62.16 -74.00 -152.62
CA VAL IC 31 62.19 -75.41 -152.28
C VAL IC 31 63.27 -76.07 -153.13
N ALA IC 32 64.08 -76.92 -152.50
CA ALA IC 32 65.21 -77.56 -153.13
C ALA IC 32 65.11 -79.07 -152.99
N THR IC 33 65.69 -79.77 -153.96
CA THR IC 33 65.74 -81.23 -153.95
C THR IC 33 67.12 -81.68 -153.52
N VAL IC 34 67.17 -82.63 -152.59
CA VAL IC 34 68.40 -83.17 -152.06
C VAL IC 34 68.36 -84.69 -152.15
N ALA IC 35 69.54 -85.31 -152.23
CA ALA IC 35 69.60 -86.76 -152.27
C ALA IC 35 69.06 -87.36 -150.97
N SER IC 36 69.44 -86.80 -149.83
CA SER IC 36 68.99 -87.29 -148.54
C SER IC 36 68.80 -86.11 -147.59
N LYS IC 37 67.91 -86.31 -146.61
CA LYS IC 37 67.65 -85.27 -145.62
C LYS IC 37 68.88 -85.04 -144.74
N GLY IC 38 69.76 -86.03 -144.65
CA GLY IC 38 70.84 -85.93 -143.68
C GLY IC 38 70.29 -85.94 -142.27
N ASP IC 39 70.80 -85.03 -141.44
CA ASP IC 39 70.31 -84.84 -140.09
C ASP IC 39 69.45 -83.59 -139.96
N LEU IC 40 68.90 -83.09 -141.07
CA LEU IC 40 68.07 -81.89 -141.01
C LEU IC 40 66.72 -82.20 -140.40
N ALA IC 41 66.11 -81.18 -139.83
CA ALA IC 41 64.80 -81.31 -139.20
C ALA IC 41 64.07 -79.97 -139.33
N LYS IC 42 63.00 -79.81 -138.56
CA LYS IC 42 62.21 -78.58 -138.60
C LYS IC 42 62.92 -77.46 -137.86
N GLY IC 43 63.02 -76.31 -138.51
CA GLY IC 43 63.46 -75.09 -137.83
C GLY IC 43 64.87 -75.07 -137.29
N ASP IC 44 65.85 -75.48 -138.09
CA ASP IC 44 67.26 -75.34 -137.72
C ASP IC 44 68.01 -74.59 -138.81
N TYR IC 45 68.96 -73.77 -138.39
CA TYR IC 45 69.65 -72.84 -139.28
C TYR IC 45 70.65 -73.56 -140.18
N VAL IC 46 70.87 -72.99 -141.36
CA VAL IC 46 71.86 -73.49 -142.30
C VAL IC 46 72.66 -72.32 -142.85
N ILE IC 47 73.89 -72.59 -143.24
CA ILE IC 47 74.78 -71.63 -143.88
C ILE IC 47 75.15 -72.16 -145.26
N VAL IC 48 74.97 -71.33 -146.28
CA VAL IC 48 75.32 -71.74 -147.65
C VAL IC 48 76.75 -71.33 -147.92
N THR IC 49 77.59 -72.30 -148.28
CA THR IC 49 79.01 -72.07 -148.49
C THR IC 49 79.35 -71.66 -149.92
N GLN IC 50 78.74 -72.29 -150.92
CA GLN IC 50 79.04 -71.99 -152.31
C GLN IC 50 77.85 -72.42 -153.16
N SER IC 51 77.55 -71.63 -154.19
CA SER IC 51 76.40 -71.92 -155.03
C SER IC 51 76.55 -71.21 -156.37
N THR IC 52 75.69 -71.60 -157.32
CA THR IC 52 75.72 -70.98 -158.64
C THR IC 52 75.26 -69.53 -158.60
N TRP IC 53 74.20 -69.25 -157.84
CA TRP IC 53 73.69 -67.90 -157.74
C TRP IC 53 74.67 -67.02 -156.99
N ALA IC 54 74.93 -65.83 -157.54
CA ALA IC 54 76.06 -65.02 -157.08
C ALA IC 54 75.79 -64.38 -155.72
N LYS IC 55 74.57 -63.88 -155.51
CA LYS IC 55 74.30 -63.10 -154.30
C LYS IC 55 73.91 -63.99 -153.12
N MET IC 56 73.30 -65.15 -153.37
CA MET IC 56 72.89 -65.98 -152.25
C MET IC 56 74.07 -66.67 -151.56
N VAL IC 57 75.26 -66.66 -152.16
CA VAL IC 57 76.41 -67.26 -151.50
C VAL IC 57 76.70 -66.55 -150.19
N SER IC 58 77.15 -67.31 -149.19
CA SER IC 58 77.47 -66.80 -147.85
C SER IC 58 76.25 -66.16 -147.21
N ARG IC 59 75.24 -66.98 -146.97
CA ARG IC 59 73.98 -66.56 -146.40
C ARG IC 59 73.51 -67.56 -145.34
N VAL IC 60 72.81 -67.03 -144.34
CA VAL IC 60 72.22 -67.84 -143.27
C VAL IC 60 70.73 -67.93 -143.53
N LEU IC 61 70.22 -69.15 -143.60
CA LEU IC 61 68.82 -69.39 -143.89
C LEU IC 61 68.21 -70.32 -142.86
N ILE IC 62 66.87 -70.38 -142.86
CA ILE IC 62 66.11 -71.23 -141.96
C ILE IC 62 65.23 -72.14 -142.80
N VAL IC 63 65.14 -73.41 -142.39
CA VAL IC 63 64.30 -74.38 -143.06
C VAL IC 63 62.86 -74.21 -142.60
N THR IC 64 61.92 -74.42 -143.51
CA THR IC 64 60.50 -74.34 -143.20
C THR IC 64 59.83 -75.71 -143.22
N ASP IC 65 60.16 -76.55 -144.21
CA ASP IC 65 59.62 -77.90 -144.30
C ASP IC 65 60.75 -78.86 -144.66
N ALA IC 66 60.70 -80.06 -144.10
CA ALA IC 66 61.70 -81.08 -144.35
C ALA IC 66 61.03 -82.37 -144.77
N GLN IC 67 61.59 -83.04 -145.77
CA GLN IC 67 61.13 -84.35 -146.21
C GLN IC 67 62.34 -85.22 -146.51
N GLU IC 68 62.07 -86.39 -147.10
CA GLU IC 68 63.16 -87.25 -147.54
C GLU IC 68 63.96 -86.60 -148.68
N THR IC 69 63.27 -85.92 -149.58
CA THR IC 69 63.89 -85.35 -150.77
C THR IC 69 63.70 -83.85 -150.91
N SER IC 70 62.71 -83.25 -150.27
CA SER IC 70 62.37 -81.85 -150.46
C SER IC 70 62.65 -81.04 -149.21
N ILE IC 71 63.35 -79.92 -149.37
CA ILE IC 71 63.64 -79.02 -148.27
C ILE IC 71 63.10 -77.64 -148.65
N THR IC 72 62.56 -76.93 -147.67
CA THR IC 72 61.93 -75.62 -147.89
C THR IC 72 62.66 -74.58 -147.08
N LEU IC 73 63.09 -73.50 -147.72
CA LEU IC 73 63.87 -72.46 -147.08
C LEU IC 73 63.11 -71.14 -147.09
N ALA IC 74 63.32 -70.35 -146.04
CA ALA IC 74 62.74 -69.03 -145.93
C ALA IC 74 63.79 -68.05 -145.42
N GLY IC 75 63.63 -66.79 -145.78
CA GLY IC 75 64.59 -65.76 -145.40
C GLY IC 75 65.12 -65.01 -146.59
N ILE IC 76 65.03 -65.62 -147.77
CA ILE IC 76 65.39 -64.98 -149.02
C ILE IC 76 64.22 -65.13 -149.99
N ASP IC 77 63.95 -64.08 -150.75
CA ASP IC 77 62.83 -64.05 -151.69
C ASP IC 77 63.36 -64.33 -153.08
N THR IC 78 62.71 -65.27 -153.78
CA THR IC 78 63.07 -65.64 -155.14
C THR IC 78 61.90 -65.44 -156.09
N SER IC 79 61.11 -64.38 -155.87
CA SER IC 79 60.01 -64.07 -156.77
C SER IC 79 60.52 -63.73 -158.16
N ASP IC 80 61.58 -62.92 -158.25
CA ASP IC 80 62.13 -62.55 -159.54
C ASP IC 80 62.88 -63.72 -160.15
N THR IC 81 62.96 -63.71 -161.49
CA THR IC 81 63.61 -64.78 -162.23
C THR IC 81 64.86 -64.33 -162.98
N LEU IC 82 64.97 -63.04 -163.33
CA LEU IC 82 66.18 -62.57 -164.00
C LEU IC 82 67.35 -62.54 -163.02
N VAL IC 83 67.09 -62.19 -161.76
CA VAL IC 83 68.14 -62.26 -160.74
C VAL IC 83 68.40 -63.69 -160.27
N PHE IC 84 67.51 -64.62 -160.60
CA PHE IC 84 67.64 -66.03 -160.23
C PHE IC 84 67.40 -66.90 -161.46
N PRO IC 85 68.39 -67.03 -162.34
CA PRO IC 85 68.27 -67.99 -163.44
C PRO IC 85 68.08 -69.41 -162.91
N ALA IC 86 67.22 -70.16 -163.57
CA ALA IC 86 66.81 -71.46 -163.06
C ALA IC 86 67.95 -72.46 -163.15
N GLY IC 87 67.70 -73.66 -162.62
CA GLY IC 87 68.68 -74.73 -162.63
C GLY IC 87 69.91 -74.48 -161.78
N GLY IC 88 69.75 -73.83 -160.64
CA GLY IC 88 70.84 -73.60 -159.72
C GLY IC 88 70.92 -74.68 -158.68
N THR IC 89 72.15 -75.00 -158.26
CA THR IC 89 72.40 -76.02 -157.26
C THR IC 89 72.98 -75.39 -156.01
N MET IC 90 72.50 -75.84 -154.85
CA MET IC 90 72.90 -75.30 -153.56
C MET IC 90 73.89 -76.24 -152.88
N SER IC 91 74.66 -75.66 -151.96
CA SER IC 91 75.61 -76.43 -151.17
C SER IC 91 75.72 -75.73 -149.82
N PHE IC 92 75.22 -76.37 -148.77
CA PHE IC 92 75.12 -75.74 -147.47
C PHE IC 92 75.35 -76.77 -146.37
N ALA IC 93 75.81 -76.27 -145.22
CA ALA IC 93 76.05 -77.07 -144.03
C ALA IC 93 75.00 -76.73 -142.97
N LYS IC 94 75.07 -77.46 -141.85
CA LYS IC 94 74.16 -77.27 -140.74
C LYS IC 94 74.95 -76.92 -139.49
N ILE IC 95 74.65 -75.78 -138.89
CA ILE IC 95 75.29 -75.37 -137.64
C ILE IC 95 74.82 -76.30 -136.53
N THR IC 96 75.77 -76.98 -135.89
CA THR IC 96 75.42 -77.95 -134.86
C THR IC 96 75.06 -77.24 -133.55
N GLY IC 97 75.98 -76.41 -133.03
CA GLY IC 97 75.77 -75.77 -131.75
C GLY IC 97 76.05 -74.28 -131.83
N TRP IC 98 75.71 -73.59 -130.75
CA TRP IC 98 75.91 -72.16 -130.61
C TRP IC 98 76.54 -71.87 -129.26
N THR IC 99 77.19 -70.71 -129.17
CA THR IC 99 77.77 -70.23 -127.93
C THR IC 99 77.26 -68.82 -127.66
N GLU IC 100 77.11 -68.50 -126.38
CA GLU IC 100 76.65 -67.19 -125.96
C GLU IC 100 77.79 -66.44 -125.30
N ILE IC 101 78.12 -65.26 -125.82
CA ILE IC 101 79.13 -64.40 -125.23
C ILE IC 101 78.60 -63.93 -123.88
N PRO IC 102 79.45 -63.81 -122.86
CA PRO IC 102 79.00 -63.17 -121.61
C PRO IC 102 78.50 -61.76 -121.87
N CYS IC 103 77.89 -61.17 -120.84
CA CYS IC 103 77.13 -59.95 -121.00
C CYS IC 103 77.97 -58.84 -121.64
N VAL IC 104 77.40 -58.20 -122.66
CA VAL IC 104 78.12 -57.24 -123.50
C VAL IC 104 77.67 -55.84 -123.13
N GLN IC 105 78.60 -54.88 -123.20
CA GLN IC 105 78.30 -53.53 -122.73
C GLN IC 105 77.76 -52.64 -123.84
N GLU IC 106 78.54 -52.44 -124.91
CA GLU IC 106 78.11 -51.59 -126.02
C GLU IC 106 78.21 -52.36 -127.32
N ILE IC 107 77.47 -51.87 -128.32
CA ILE IC 107 77.52 -52.38 -129.68
C ILE IC 107 77.61 -51.19 -130.62
N GLY IC 108 78.61 -51.19 -131.50
CA GLY IC 108 78.81 -50.11 -132.44
C GLY IC 108 79.03 -50.64 -133.84
N GLN IC 109 78.86 -49.73 -134.80
CA GLN IC 109 79.03 -50.07 -136.20
C GLN IC 109 79.53 -48.85 -136.96
N ASP IC 110 80.06 -49.10 -138.16
CA ASP IC 110 80.60 -48.04 -138.98
C ASP IC 110 80.36 -48.37 -140.45
N GLY IC 111 80.39 -47.34 -141.29
CA GLY IC 111 80.15 -47.50 -142.70
C GLY IC 111 78.67 -47.44 -143.06
N GLY IC 112 78.39 -47.71 -144.33
CA GLY IC 112 77.04 -47.72 -144.83
C GLY IC 112 76.64 -46.47 -145.60
N GLU IC 113 77.40 -45.39 -145.47
CA GLU IC 113 77.11 -44.16 -146.21
C GLU IC 113 77.46 -44.37 -147.68
N GLN IC 114 76.46 -44.31 -148.55
CA GLN IC 114 76.69 -44.53 -149.97
C GLN IC 114 77.50 -43.38 -150.55
N GLN IC 115 78.34 -43.70 -151.53
CA GLN IC 115 79.08 -42.68 -152.25
C GLN IC 115 78.28 -42.20 -153.45
N TYR IC 116 78.67 -41.03 -153.97
CA TYR IC 116 78.01 -40.43 -155.13
C TYR IC 116 79.04 -40.10 -156.19
N TYR IC 117 78.63 -40.21 -157.44
CA TYR IC 117 79.47 -39.85 -158.57
C TYR IC 117 78.97 -38.52 -159.12
N THR IC 118 79.78 -37.47 -158.98
CA THR IC 118 79.42 -36.12 -159.40
C THR IC 118 80.00 -35.87 -160.78
N TYR IC 119 79.13 -35.58 -161.74
CA TYR IC 119 79.53 -35.31 -163.11
C TYR IC 119 78.98 -33.95 -163.54
N GLN IC 120 79.79 -33.20 -164.27
CA GLN IC 120 79.41 -31.89 -164.78
C GLN IC 120 79.63 -31.85 -166.29
N CYS IC 121 78.60 -31.49 -167.03
CA CYS IC 121 78.67 -31.41 -168.48
C CYS IC 121 78.55 -29.96 -168.94
N LEU IC 122 79.23 -29.64 -170.03
CA LEU IC 122 79.21 -28.28 -170.55
C LEU IC 122 77.83 -27.85 -171.03
N SER IC 123 76.98 -28.80 -171.41
CA SER IC 123 75.67 -28.45 -171.94
C SER IC 123 74.80 -27.75 -170.91
N ASP IC 124 74.81 -28.24 -169.67
CA ASP IC 124 73.99 -27.69 -168.60
C ASP IC 124 74.86 -26.93 -167.61
N ASP IC 125 74.21 -26.37 -166.59
CA ASP IC 125 74.88 -25.61 -165.55
C ASP IC 125 74.73 -26.20 -164.16
N LYS IC 126 73.54 -26.64 -163.79
CA LYS IC 126 73.35 -27.24 -162.47
C LYS IC 126 73.97 -28.63 -162.43
N GLU IC 127 74.59 -28.96 -161.31
CA GLU IC 127 75.32 -30.21 -161.17
C GLU IC 127 74.44 -31.26 -160.49
N GLN IC 128 74.46 -32.48 -161.04
CA GLN IC 128 73.68 -33.58 -160.51
C GLN IC 128 74.59 -34.77 -160.22
N GLN IC 129 74.20 -35.56 -159.23
CA GLN IC 129 75.00 -36.70 -158.79
C GLN IC 129 74.16 -37.97 -158.87
N ILE IC 130 74.86 -39.11 -158.98
CA ILE IC 130 74.21 -40.41 -159.05
C ILE IC 130 74.76 -41.29 -157.94
N PRO IC 131 73.97 -42.22 -157.40
CA PRO IC 131 74.48 -43.09 -156.34
C PRO IC 131 75.58 -44.03 -156.84
N THR IC 132 76.39 -44.49 -155.90
CA THR IC 132 77.48 -45.40 -156.20
C THR IC 132 77.45 -46.50 -155.13
N PHE IC 133 78.49 -47.33 -155.08
CA PHE IC 133 78.53 -48.45 -154.15
C PHE IC 133 78.54 -47.94 -152.70
N LYS IC 134 78.18 -48.85 -151.80
CA LYS IC 134 78.09 -48.55 -150.37
C LYS IC 134 79.35 -49.02 -149.67
N SER IC 135 79.67 -48.35 -148.57
CA SER IC 135 80.88 -48.66 -147.82
C SER IC 135 80.74 -49.99 -147.09
N ALA IC 136 81.88 -50.53 -146.69
CA ALA IC 136 81.90 -51.79 -145.95
C ALA IC 136 81.34 -51.60 -144.55
N ILE IC 137 80.89 -52.69 -143.95
CA ILE IC 137 80.25 -52.68 -142.64
C ILE IC 137 81.05 -53.56 -141.70
N SER IC 138 81.36 -53.01 -140.53
CA SER IC 138 82.07 -53.75 -139.48
C SER IC 138 81.33 -53.56 -138.17
N LEU IC 139 81.08 -54.65 -137.46
CA LEU IC 139 80.39 -54.63 -136.18
C LEU IC 139 81.42 -54.82 -135.06
N THR IC 140 81.33 -53.97 -134.04
CA THR IC 140 82.26 -53.98 -132.92
C THR IC 140 81.52 -54.30 -131.64
N TYR IC 141 81.99 -55.31 -130.92
CA TYR IC 141 81.37 -55.77 -129.69
C TYR IC 141 82.34 -55.60 -128.52
N THR IC 142 81.78 -55.27 -127.36
CA THR IC 142 82.53 -55.08 -126.13
C THR IC 142 81.87 -55.85 -125.01
N PHE IC 143 82.67 -56.61 -124.25
CA PHE IC 143 82.15 -57.40 -123.15
C PHE IC 143 83.23 -57.57 -122.10
N ALA IC 144 82.80 -57.95 -120.90
CA ALA IC 144 83.70 -58.02 -119.76
C ALA IC 144 84.77 -59.08 -119.98
N HIS IC 145 85.97 -58.81 -119.46
CA HIS IC 145 87.09 -59.71 -119.60
C HIS IC 145 87.07 -60.78 -118.52
N GLU IC 146 87.18 -62.04 -118.92
CA GLU IC 146 87.24 -63.16 -118.00
C GLU IC 146 88.39 -64.07 -118.40
N PHE IC 147 89.25 -64.39 -117.43
CA PHE IC 147 90.46 -65.15 -117.69
C PHE IC 147 90.18 -66.63 -117.92
N ASP IC 148 89.20 -67.20 -117.22
CA ASP IC 148 88.92 -68.63 -117.29
C ASP IC 148 87.76 -68.97 -118.20
N ASN IC 149 87.29 -68.02 -119.01
CA ASN IC 149 86.13 -68.28 -119.85
C ASN IC 149 86.52 -69.24 -120.99
N PRO IC 150 85.84 -70.37 -121.14
CA PRO IC 150 86.24 -71.34 -122.17
C PRO IC 150 85.92 -70.90 -123.59
N ILE IC 151 85.27 -69.74 -123.78
CA ILE IC 151 85.04 -69.23 -125.13
C ILE IC 151 86.30 -68.64 -125.72
N TYR IC 152 87.30 -68.34 -124.89
CA TYR IC 152 88.47 -67.60 -125.36
C TYR IC 152 89.27 -68.40 -126.38
N GLN IC 153 89.51 -69.68 -126.11
CA GLN IC 153 90.32 -70.47 -127.04
C GLN IC 153 89.56 -70.74 -128.33
N ILE IC 154 88.24 -70.89 -128.25
CA ILE IC 154 87.43 -71.05 -129.46
C ILE IC 154 87.53 -69.80 -130.33
N LEU IC 155 87.42 -68.63 -129.70
CA LEU IC 155 87.57 -67.38 -130.45
C LEU IC 155 88.96 -67.25 -131.02
N ARG IC 156 89.99 -67.66 -130.26
CA ARG IC 156 91.35 -67.57 -130.74
C ARG IC 156 91.56 -68.44 -131.97
N LYS IC 157 91.07 -69.69 -131.92
CA LYS IC 157 91.25 -70.57 -133.07
C LYS IC 157 90.43 -70.10 -134.27
N LEU IC 158 89.23 -69.55 -134.04
CA LEU IC 158 88.45 -69.01 -135.14
C LEU IC 158 89.18 -67.84 -135.80
N ASP IC 159 89.76 -66.95 -134.99
CA ASP IC 159 90.52 -65.83 -135.55
C ASP IC 159 91.73 -66.33 -136.31
N SER IC 160 92.45 -67.31 -135.76
CA SER IC 160 93.64 -67.82 -136.43
C SER IC 160 93.30 -68.49 -137.76
N SER IC 161 92.23 -69.27 -137.79
CA SER IC 161 91.85 -69.98 -139.02
C SER IC 161 91.30 -69.02 -140.06
N GLY IC 162 90.51 -68.03 -139.64
CA GLY IC 162 89.88 -67.13 -140.58
C GLY IC 162 88.65 -67.69 -141.26
N GLN IC 163 88.09 -68.79 -140.77
CA GLN IC 163 86.94 -69.39 -141.41
C GLN IC 163 85.69 -68.56 -141.15
N VAL IC 164 84.84 -68.46 -142.17
CA VAL IC 164 83.66 -67.61 -142.10
C VAL IC 164 82.64 -68.21 -141.13
N THR IC 165 82.14 -67.38 -140.22
CA THR IC 165 81.31 -67.85 -139.12
C THR IC 165 79.99 -67.07 -139.10
N ALA IC 166 78.94 -67.74 -138.65
CA ALA IC 166 77.62 -67.15 -138.57
C ALA IC 166 77.41 -66.46 -137.22
N VAL IC 167 76.69 -65.34 -137.28
CA VAL IC 167 76.40 -64.53 -136.09
C VAL IC 167 74.88 -64.40 -135.98
N ARG IC 168 74.37 -64.61 -134.77
CA ARG IC 168 72.93 -64.65 -134.51
C ARG IC 168 72.56 -63.58 -133.51
N MET IC 169 71.52 -62.81 -133.82
CA MET IC 169 71.03 -61.77 -132.94
C MET IC 169 69.55 -62.00 -132.67
N TYR IC 170 69.17 -61.97 -131.40
CA TYR IC 170 67.78 -62.21 -130.99
C TYR IC 170 67.25 -60.98 -130.26
N VAL IC 171 66.17 -60.42 -130.77
CA VAL IC 171 65.53 -59.24 -130.20
C VAL IC 171 64.15 -59.65 -129.69
N PRO IC 172 63.90 -59.56 -128.39
CA PRO IC 172 62.61 -60.05 -127.85
C PRO IC 172 61.43 -59.15 -128.18
N LYS IC 173 61.59 -57.82 -128.08
CA LYS IC 173 60.43 -56.93 -128.17
C LYS IC 173 59.78 -56.98 -129.55
N ALA IC 174 60.58 -56.94 -130.61
CA ALA IC 174 60.05 -56.91 -131.96
C ALA IC 174 59.71 -58.29 -132.51
N SER IC 175 60.02 -59.36 -131.77
CA SER IC 175 59.85 -60.73 -132.23
C SER IC 175 60.64 -61.01 -133.51
N GLU IC 176 61.66 -60.22 -133.77
CA GLU IC 176 62.51 -60.34 -134.95
C GLU IC 176 63.74 -61.17 -134.59
N MET IC 177 64.53 -61.54 -135.60
CA MET IC 177 65.73 -62.34 -135.35
C MET IC 177 66.67 -62.13 -136.52
N ARG IC 178 67.91 -61.72 -136.23
CA ARG IC 178 68.84 -61.32 -137.28
C ARG IC 178 69.89 -62.40 -137.53
N MET IC 179 70.30 -62.52 -138.80
CA MET IC 179 71.27 -63.50 -139.22
C MET IC 179 72.26 -62.85 -140.17
N TRP IC 180 73.54 -63.16 -140.00
CA TRP IC 180 74.57 -62.73 -140.95
C TRP IC 180 75.85 -63.50 -140.65
N ALA IC 181 76.83 -63.32 -141.53
CA ALA IC 181 78.09 -64.04 -141.43
C ALA IC 181 79.25 -63.11 -141.81
N GLY IC 182 80.43 -63.44 -141.29
CA GLY IC 182 81.60 -62.64 -141.57
C GLY IC 182 82.83 -63.24 -140.89
N ILE IC 183 83.92 -62.48 -140.93
CA ILE IC 183 85.18 -62.89 -140.33
C ILE IC 183 85.30 -62.26 -138.95
N LEU IC 184 85.77 -63.05 -137.99
CA LEU IC 184 85.86 -62.63 -136.60
C LEU IC 184 87.27 -62.12 -136.31
N SER IC 185 87.37 -61.12 -135.45
CA SER IC 185 88.64 -60.59 -134.97
C SER IC 185 88.55 -60.43 -133.47
N PHE IC 186 89.55 -60.97 -132.75
CA PHE IC 186 89.56 -60.95 -131.30
C PHE IC 186 90.74 -60.12 -130.82
N ASN IC 187 90.50 -59.32 -129.79
CA ASN IC 187 91.54 -58.50 -129.16
C ASN IC 187 91.65 -58.92 -127.70
N ASP IC 188 92.84 -59.32 -127.30
CA ASP IC 188 93.07 -59.84 -125.96
C ASP IC 188 93.89 -58.87 -125.11
N ILE IC 189 93.65 -57.57 -125.30
CA ILE IC 189 94.36 -56.53 -124.55
C ILE IC 189 93.36 -55.91 -123.57
N PRO IC 190 93.43 -56.24 -122.28
CA PRO IC 190 92.49 -55.63 -121.33
C PRO IC 190 92.72 -54.14 -121.20
N SER IC 191 91.63 -53.38 -121.33
CA SER IC 191 91.67 -51.92 -121.22
C SER IC 191 91.58 -51.59 -119.74
N THR IC 192 92.73 -51.44 -119.11
CA THR IC 192 92.79 -51.22 -117.67
C THR IC 192 92.73 -49.74 -117.34
N GLN IC 193 91.78 -49.38 -116.48
CA GLN IC 193 91.68 -48.03 -115.94
C GLN IC 193 91.37 -48.16 -114.46
N VAL IC 194 90.99 -47.04 -113.83
CA VAL IC 194 90.84 -46.97 -112.38
C VAL IC 194 89.36 -46.86 -112.03
N ASN IC 195 88.86 -47.84 -111.28
CA ASN IC 195 87.55 -47.82 -110.64
C ASN IC 195 86.41 -48.08 -111.61
N GLU IC 196 86.66 -48.87 -112.65
CA GLU IC 196 85.56 -49.46 -113.42
C GLU IC 196 86.04 -50.78 -114.01
N MET IC 197 85.13 -51.47 -114.68
CA MET IC 197 85.41 -52.78 -115.22
C MET IC 197 86.39 -52.68 -116.39
N GLU IC 198 86.98 -53.81 -116.75
CA GLU IC 198 87.91 -53.90 -117.87
C GLU IC 198 87.40 -54.92 -118.88
N THR IC 199 87.53 -54.58 -120.16
CA THR IC 199 86.88 -55.33 -121.23
C THR IC 199 87.89 -55.70 -122.31
N VAL IC 200 87.46 -56.62 -123.18
CA VAL IC 200 88.18 -56.97 -124.39
C VAL IC 200 87.28 -56.64 -125.57
N GLU IC 201 87.80 -56.86 -126.78
CA GLU IC 201 87.14 -56.47 -128.02
C GLU IC 201 86.92 -57.67 -128.93
N LEU IC 202 85.73 -57.75 -129.50
CA LEU IC 202 85.42 -58.69 -130.58
C LEU IC 202 84.74 -57.95 -131.71
N ALA IC 203 85.19 -58.19 -132.93
CA ALA IC 203 84.66 -57.52 -134.11
C ALA IC 203 84.28 -58.55 -135.16
N VAL IC 204 83.24 -58.26 -135.93
CA VAL IC 204 82.79 -59.13 -137.00
C VAL IC 204 82.67 -58.32 -138.29
N SER IC 205 83.31 -58.79 -139.35
CA SER IC 205 83.19 -58.17 -140.66
C SER IC 205 81.91 -58.67 -141.32
N LEU IC 206 81.70 -58.31 -142.59
CA LEU IC 206 80.50 -58.72 -143.31
C LEU IC 206 80.86 -59.20 -144.70
N LYS IC 207 80.22 -60.31 -145.10
CA LYS IC 207 80.31 -60.84 -146.45
C LYS IC 207 78.96 -61.06 -147.11
N GLY IC 208 77.91 -61.31 -146.34
CA GLY IC 208 76.56 -61.41 -146.87
C GLY IC 208 75.77 -60.16 -146.53
N ASP IC 209 74.46 -60.34 -146.42
CA ASP IC 209 73.56 -59.27 -146.04
C ASP IC 209 72.62 -59.74 -144.94
N PHE IC 210 72.06 -58.78 -144.20
CA PHE IC 210 71.21 -59.10 -143.07
C PHE IC 210 69.94 -59.80 -143.53
N THR IC 211 69.50 -60.78 -142.75
CA THR IC 211 68.24 -61.48 -142.99
C THR IC 211 67.44 -61.50 -141.69
N PHE IC 212 66.14 -61.25 -141.80
CA PHE IC 212 65.26 -61.17 -140.63
C PHE IC 212 64.15 -62.21 -140.77
N ILE IC 213 64.01 -63.04 -139.75
CA ILE IC 213 62.94 -64.03 -139.68
C ILE IC 213 62.25 -63.91 -138.32
N SER IC 214 60.98 -64.28 -138.30
CA SER IC 214 60.19 -64.19 -137.07
C SER IC 214 60.62 -65.26 -136.08
N SER IC 215 60.65 -64.88 -134.80
CA SER IC 215 61.15 -65.78 -133.75
C SER IC 215 60.27 -67.01 -133.61
N THR IC 216 58.94 -66.84 -133.72
CA THR IC 216 58.05 -67.99 -133.61
C THR IC 216 58.26 -68.96 -134.76
N LEU IC 217 58.57 -68.44 -135.95
CA LEU IC 217 58.94 -69.31 -137.06
C LEU IC 217 60.26 -70.01 -136.78
N ALA IC 218 61.21 -69.29 -136.16
CA ALA IC 218 62.50 -69.90 -135.84
C ALA IC 218 62.35 -71.05 -134.86
N SER IC 219 61.50 -70.89 -133.86
CA SER IC 219 61.27 -71.94 -132.88
C SER IC 219 59.79 -72.11 -132.57
N MET JC 1 55.17 -17.42 -143.66
CA MET JC 1 55.38 -17.18 -142.24
C MET JC 1 54.65 -18.26 -141.44
N HIS JC 2 55.33 -19.38 -141.20
CA HIS JC 2 54.67 -20.58 -140.72
C HIS JC 2 55.69 -21.52 -140.10
N LEU JC 3 55.18 -22.52 -139.38
CA LEU JC 3 55.96 -23.59 -138.78
C LEU JC 3 55.82 -24.87 -139.59
N PRO JC 4 56.93 -25.52 -139.94
CA PRO JC 4 56.86 -26.65 -140.88
C PRO JC 4 56.39 -27.95 -140.25
N ASN JC 5 55.97 -27.91 -138.99
CA ASN JC 5 55.53 -29.13 -138.33
C ASN JC 5 54.21 -29.61 -138.94
N GLY JC 6 53.94 -30.90 -138.78
CA GLY JC 6 52.74 -31.50 -139.34
C GLY JC 6 52.86 -31.93 -140.78
N ALA JC 7 54.02 -31.79 -141.40
CA ALA JC 7 54.19 -32.16 -142.79
C ALA JC 7 54.12 -33.68 -142.97
N GLN JC 8 53.84 -34.09 -144.20
CA GLN JC 8 53.71 -35.52 -144.52
C GLN JC 8 54.42 -35.83 -145.83
N ILE JC 9 54.82 -37.10 -145.96
CA ILE JC 9 55.61 -37.58 -147.09
C ILE JC 9 54.85 -38.69 -147.80
N PHE JC 10 54.89 -38.69 -149.13
CA PHE JC 10 54.35 -39.75 -149.96
C PHE JC 10 55.32 -40.04 -151.09
N VAL JC 11 55.29 -41.27 -151.60
CA VAL JC 11 56.19 -41.67 -152.67
C VAL JC 11 55.40 -42.40 -153.75
N GLU JC 12 55.86 -42.27 -155.00
CA GLU JC 12 55.24 -42.92 -156.13
C GLU JC 12 55.41 -44.43 -156.05
N THR JC 13 54.36 -45.16 -156.44
CA THR JC 13 54.38 -46.62 -156.32
C THR JC 13 54.13 -47.33 -157.64
N SER JC 14 53.39 -46.69 -158.56
CA SER JC 14 53.06 -47.33 -159.83
C SER JC 14 52.63 -46.26 -160.83
N ARG JC 15 53.08 -46.40 -162.06
CA ARG JC 15 52.78 -45.43 -163.12
C ARG JC 15 51.98 -46.09 -164.23
N GLY JC 16 51.11 -45.29 -164.84
CA GLY JC 16 50.25 -45.76 -165.92
C GLY JC 16 50.96 -45.80 -167.25
N GLU JC 17 50.16 -45.94 -168.30
CA GLU JC 17 50.69 -46.04 -169.65
C GLU JC 17 51.29 -44.71 -170.09
N GLU JC 18 52.36 -44.79 -170.88
CA GLU JC 18 53.00 -43.59 -171.40
C GLU JC 18 52.06 -42.81 -172.31
N ILE JC 19 52.03 -41.49 -172.14
CA ILE JC 19 51.18 -40.61 -172.91
C ILE JC 19 52.05 -39.63 -173.66
N GLU JC 20 51.83 -39.53 -174.97
CA GLU JC 20 52.64 -38.70 -175.86
C GLU JC 20 51.88 -37.43 -176.21
N ALA JC 21 52.54 -36.29 -176.11
CA ALA JC 21 51.98 -35.00 -176.49
C ALA JC 21 52.72 -34.48 -177.71
N THR JC 22 51.97 -34.02 -178.71
CA THR JC 22 52.57 -33.63 -179.98
C THR JC 22 53.09 -32.19 -180.00
N ALA JC 23 52.39 -31.26 -179.33
CA ALA JC 23 52.80 -29.87 -179.36
C ALA JC 23 52.19 -29.14 -178.18
N VAL JC 24 52.95 -28.21 -177.60
CA VAL JC 24 52.51 -27.42 -176.46
C VAL JC 24 52.89 -25.97 -176.70
N THR JC 25 51.99 -25.06 -176.34
CA THR JC 25 52.24 -23.64 -176.44
C THR JC 25 52.95 -23.13 -175.19
N ASN JC 26 53.40 -21.87 -175.26
CA ASN JC 26 54.12 -21.23 -174.16
C ASN JC 26 53.32 -20.06 -173.63
N GLU JC 27 53.05 -20.07 -172.32
CA GLU JC 27 52.33 -19.00 -171.65
C GLU JC 27 52.49 -19.19 -170.14
N LYS JC 28 51.73 -18.42 -169.36
CA LYS JC 28 51.79 -18.55 -167.92
C LYS JC 28 51.35 -19.95 -167.47
N ASN JC 29 50.29 -20.48 -168.06
CA ASN JC 29 49.78 -21.81 -167.74
C ASN JC 29 49.75 -22.64 -169.02
N PRO JC 30 50.75 -23.48 -169.26
CA PRO JC 30 50.82 -24.20 -170.53
C PRO JC 30 49.65 -25.16 -170.73
N VAL JC 31 49.23 -25.26 -172.00
CA VAL JC 31 48.22 -26.20 -172.44
C VAL JC 31 48.75 -26.91 -173.68
N ALA JC 32 48.53 -28.22 -173.75
CA ALA JC 32 49.07 -29.06 -174.79
C ALA JC 32 47.96 -29.87 -175.45
N THR JC 33 48.24 -30.38 -176.65
CA THR JC 33 47.30 -31.21 -177.38
C THR JC 33 47.73 -32.68 -177.27
N VAL JC 34 46.78 -33.54 -176.96
CA VAL JC 34 47.02 -34.97 -176.77
C VAL JC 34 46.24 -35.74 -177.82
N ALA JC 35 46.79 -36.90 -178.21
CA ALA JC 35 46.13 -37.71 -179.23
C ALA JC 35 44.79 -38.24 -178.73
N SER JC 36 44.73 -38.67 -177.47
CA SER JC 36 43.52 -39.27 -176.92
C SER JC 36 43.34 -38.83 -175.48
N LYS JC 37 42.09 -38.88 -175.02
CA LYS JC 37 41.77 -38.58 -173.63
C LYS JC 37 42.49 -39.52 -172.68
N GLY JC 38 42.48 -40.82 -172.98
CA GLY JC 38 43.01 -41.77 -172.03
C GLY JC 38 42.18 -41.79 -170.75
N ASP JC 39 42.85 -42.04 -169.64
CA ASP JC 39 42.21 -42.13 -168.33
C ASP JC 39 42.45 -40.89 -167.47
N LEU JC 40 42.94 -39.80 -168.06
CA LEU JC 40 43.26 -38.61 -167.29
C LEU JC 40 41.99 -38.01 -166.69
N ALA JC 41 42.15 -37.28 -165.60
CA ALA JC 41 41.01 -36.76 -164.85
C ALA JC 41 41.42 -35.44 -164.19
N LYS JC 42 40.62 -35.00 -163.23
CA LYS JC 42 40.84 -33.75 -162.51
C LYS JC 42 41.81 -33.98 -161.35
N GLY JC 43 42.87 -33.19 -161.30
CA GLY JC 43 43.76 -33.17 -160.16
C GLY JC 43 44.53 -34.45 -159.89
N ASP JC 44 45.13 -35.04 -160.92
CA ASP JC 44 46.05 -36.15 -160.74
C ASP JC 44 47.39 -35.78 -161.37
N TYR JC 45 48.47 -36.12 -160.66
CA TYR JC 45 49.81 -35.68 -161.00
C TYR JC 45 50.38 -36.49 -162.16
N VAL JC 46 51.31 -35.87 -162.89
CA VAL JC 46 52.02 -36.52 -163.98
C VAL JC 46 53.51 -36.23 -163.84
N ILE JC 47 54.32 -37.16 -164.32
CA ILE JC 47 55.77 -37.02 -164.37
C ILE JC 47 56.22 -37.07 -165.82
N VAL JC 48 57.02 -36.08 -166.22
CA VAL JC 48 57.53 -36.04 -167.59
C VAL JC 48 58.82 -36.85 -167.66
N THR JC 49 58.90 -37.76 -168.63
CA THR JC 49 60.03 -38.67 -168.75
C THR JC 49 61.09 -38.20 -169.74
N GLN JC 50 60.71 -37.49 -170.79
CA GLN JC 50 61.65 -36.96 -171.77
C GLN JC 50 60.92 -35.99 -172.69
N SER JC 51 61.62 -34.95 -173.13
CA SER JC 51 61.02 -33.95 -173.99
C SER JC 51 62.13 -33.15 -174.66
N THR JC 52 61.73 -32.39 -175.68
CA THR JC 52 62.69 -31.52 -176.37
C THR JC 52 63.24 -30.45 -175.45
N TRP JC 53 62.38 -29.85 -174.62
CA TRP JC 53 62.82 -28.80 -173.72
C TRP JC 53 63.67 -29.39 -172.60
N ALA JC 54 64.86 -28.81 -172.40
CA ALA JC 54 65.80 -29.37 -171.44
C ALA JC 54 65.40 -29.05 -170.00
N LYS JC 55 64.85 -27.87 -169.77
CA LYS JC 55 64.52 -27.47 -168.40
C LYS JC 55 63.33 -28.24 -167.86
N MET JC 56 62.38 -28.58 -168.73
CA MET JC 56 61.12 -29.15 -168.27
C MET JC 56 61.19 -30.65 -168.02
N VAL JC 57 62.26 -31.32 -168.46
CA VAL JC 57 62.34 -32.76 -168.28
C VAL JC 57 62.48 -33.10 -166.80
N SER JC 58 61.99 -34.28 -166.43
CA SER JC 58 62.07 -34.80 -165.06
C SER JC 58 61.39 -33.84 -164.07
N ARG JC 59 60.12 -33.56 -164.37
CA ARG JC 59 59.33 -32.63 -163.58
C ARG JC 59 57.95 -33.22 -163.32
N VAL JC 60 57.40 -32.87 -162.16
CA VAL JC 60 56.07 -33.31 -161.73
C VAL JC 60 55.11 -32.15 -161.92
N LEU JC 61 54.08 -32.37 -162.74
CA LEU JC 61 53.09 -31.37 -163.04
C LEU JC 61 51.71 -31.83 -162.56
N ILE JC 62 50.83 -30.85 -162.35
CA ILE JC 62 49.46 -31.10 -161.93
C ILE JC 62 48.52 -30.66 -163.05
N VAL JC 63 47.59 -31.52 -163.40
CA VAL JC 63 46.64 -31.22 -164.46
C VAL JC 63 45.66 -30.15 -163.98
N THR JC 64 45.33 -29.23 -164.88
CA THR JC 64 44.44 -28.11 -164.57
C THR JC 64 43.10 -28.22 -165.28
N ASP JC 65 43.11 -28.42 -166.59
CA ASP JC 65 41.89 -28.58 -167.38
C ASP JC 65 42.03 -29.81 -168.26
N ALA JC 66 40.95 -30.55 -168.42
CA ALA JC 66 40.95 -31.77 -169.22
C ALA JC 66 39.83 -31.70 -170.26
N GLN JC 67 40.17 -31.96 -171.51
CA GLN JC 67 39.19 -32.07 -172.59
C GLN JC 67 39.59 -33.21 -173.50
N GLU JC 68 38.83 -33.38 -174.57
CA GLU JC 68 39.08 -34.51 -175.49
C GLU JC 68 40.47 -34.42 -176.10
N THR JC 69 40.92 -33.21 -176.45
CA THR JC 69 42.23 -33.03 -177.04
C THR JC 69 43.14 -32.06 -176.30
N SER JC 70 42.61 -31.24 -175.40
CA SER JC 70 43.39 -30.21 -174.72
C SER JC 70 43.59 -30.58 -173.26
N ILE JC 71 44.85 -30.61 -172.84
CA ILE JC 71 45.21 -30.88 -171.44
C ILE JC 71 46.04 -29.71 -170.93
N THR JC 72 45.67 -29.18 -169.77
CA THR JC 72 46.28 -27.98 -169.22
C THR JC 72 47.10 -28.35 -168.00
N LEU JC 73 48.38 -27.97 -168.00
CA LEU JC 73 49.29 -28.31 -166.91
C LEU JC 73 49.81 -27.02 -166.27
N ALA JC 74 49.76 -26.98 -164.95
CA ALA JC 74 50.21 -25.82 -164.19
C ALA JC 74 51.30 -26.23 -163.23
N GLY JC 75 52.15 -25.27 -162.87
CA GLY JC 75 53.27 -25.52 -162.00
C GLY JC 75 54.57 -25.04 -162.59
N ILE JC 76 54.57 -24.77 -163.89
CA ILE JC 76 55.73 -24.27 -164.61
C ILE JC 76 55.33 -23.05 -165.42
N ASP JC 77 56.17 -22.03 -165.39
CA ASP JC 77 55.96 -20.81 -166.16
C ASP JC 77 56.68 -20.93 -167.50
N THR JC 78 55.97 -20.65 -168.59
CA THR JC 78 56.53 -20.68 -169.93
C THR JC 78 56.35 -19.34 -170.63
N SER JC 79 56.34 -18.25 -169.87
CA SER JC 79 56.22 -16.92 -170.46
C SER JC 79 57.42 -16.60 -171.35
N ASP JC 80 58.62 -16.92 -170.88
CA ASP JC 80 59.82 -16.71 -171.68
C ASP JC 80 59.82 -17.63 -172.89
N THR JC 81 60.25 -17.08 -174.03
CA THR JC 81 60.23 -17.80 -175.30
C THR JC 81 61.59 -18.22 -175.79
N LEU JC 82 62.64 -17.44 -175.52
CA LEU JC 82 63.98 -17.81 -175.96
C LEU JC 82 64.45 -19.06 -175.23
N VAL JC 83 64.12 -19.19 -173.95
CA VAL JC 83 64.47 -20.40 -173.21
C VAL JC 83 63.59 -21.57 -173.59
N PHE JC 84 62.43 -21.31 -174.19
CA PHE JC 84 61.46 -22.35 -174.55
C PHE JC 84 61.14 -22.22 -176.02
N PRO JC 85 62.01 -22.74 -176.90
CA PRO JC 85 61.73 -22.66 -178.34
C PRO JC 85 60.42 -23.33 -178.69
N ALA JC 86 59.71 -22.74 -179.66
CA ALA JC 86 58.42 -23.25 -180.07
C ALA JC 86 58.57 -24.60 -180.75
N GLY JC 87 57.44 -25.25 -180.99
CA GLY JC 87 57.44 -26.55 -181.63
C GLY JC 87 58.07 -27.66 -180.80
N GLY JC 88 57.77 -27.71 -179.51
CA GLY JC 88 58.26 -28.75 -178.64
C GLY JC 88 57.17 -29.79 -178.36
N THR JC 89 57.60 -31.03 -178.14
CA THR JC 89 56.70 -32.14 -177.88
C THR JC 89 56.98 -32.71 -176.50
N MET JC 90 55.92 -33.04 -175.78
CA MET JC 90 56.02 -33.57 -174.43
C MET JC 90 55.83 -35.08 -174.42
N SER JC 91 56.19 -35.69 -173.30
CA SER JC 91 56.01 -37.13 -173.10
C SER JC 91 55.99 -37.39 -171.61
N PHE JC 92 54.87 -37.91 -171.11
CA PHE JC 92 54.69 -38.09 -169.68
C PHE JC 92 53.73 -39.24 -169.41
N ALA JC 93 53.83 -39.79 -168.21
CA ALA JC 93 52.90 -40.79 -167.70
C ALA JC 93 52.13 -40.20 -166.53
N LYS JC 94 51.31 -41.03 -165.89
CA LYS JC 94 50.52 -40.63 -164.75
C LYS JC 94 50.85 -41.52 -163.56
N ILE JC 95 50.60 -41.02 -162.35
CA ILE JC 95 50.87 -41.79 -161.14
C ILE JC 95 49.56 -42.38 -160.63
N THR JC 96 49.49 -43.72 -160.58
CA THR JC 96 48.23 -44.38 -160.26
C THR JC 96 47.92 -44.31 -158.77
N GLY JC 97 48.92 -44.52 -157.91
CA GLY JC 97 48.71 -44.59 -156.49
C GLY JC 97 49.83 -43.91 -155.70
N TRP JC 98 49.62 -43.83 -154.40
CA TRP JC 98 50.58 -43.24 -153.48
C TRP JC 98 50.69 -44.11 -152.23
N THR JC 99 51.85 -44.02 -151.57
CA THR JC 99 52.09 -44.69 -150.31
C THR JC 99 52.73 -43.70 -149.34
N GLU JC 100 52.48 -43.89 -148.05
CA GLU JC 100 52.94 -42.97 -147.01
C GLU JC 100 53.83 -43.72 -146.02
N ILE JC 101 55.01 -43.16 -145.75
CA ILE JC 101 55.94 -43.71 -144.78
C ILE JC 101 55.37 -43.54 -143.39
N PRO JC 102 55.61 -44.47 -142.46
CA PRO JC 102 55.26 -44.22 -141.05
C PRO JC 102 55.97 -43.01 -140.49
N CYS JC 103 55.66 -42.68 -139.25
CA CYS JC 103 56.03 -41.38 -138.69
C CYS JC 103 57.54 -41.15 -138.78
N VAL JC 104 57.92 -39.98 -139.28
CA VAL JC 104 59.30 -39.66 -139.63
C VAL JC 104 59.90 -38.79 -138.55
N GLN JC 105 61.10 -39.13 -138.10
CA GLN JC 105 61.69 -38.46 -136.95
C GLN JC 105 62.25 -37.10 -137.31
N GLU JC 106 63.24 -37.05 -138.20
CA GLU JC 106 63.84 -35.80 -138.63
C GLU JC 106 63.94 -35.74 -140.14
N ILE JC 107 64.21 -34.54 -140.64
CA ILE JC 107 64.43 -34.30 -142.06
C ILE JC 107 65.74 -33.52 -142.21
N GLY JC 108 66.63 -34.00 -143.08
CA GLY JC 108 67.90 -33.35 -143.29
C GLY JC 108 68.17 -33.14 -144.76
N GLN JC 109 69.10 -32.23 -145.03
CA GLN JC 109 69.50 -31.92 -146.39
C GLN JC 109 70.92 -31.40 -146.40
N ASP JC 110 71.55 -31.42 -147.57
CA ASP JC 110 72.92 -30.98 -147.72
C ASP JC 110 73.12 -30.40 -149.11
N GLY JC 111 74.21 -29.65 -149.26
CA GLY JC 111 74.50 -29.00 -150.53
C GLY JC 111 73.70 -27.73 -150.70
N GLY JC 112 73.87 -27.12 -151.88
CA GLY JC 112 73.20 -25.89 -152.21
C GLY JC 112 74.07 -24.65 -152.13
N GLU JC 113 75.27 -24.76 -151.55
CA GLU JC 113 76.18 -23.64 -151.47
C GLU JC 113 76.66 -23.30 -152.87
N GLN JC 114 76.38 -22.07 -153.33
CA GLN JC 114 76.75 -21.68 -154.67
C GLN JC 114 78.27 -21.50 -154.76
N GLN JC 115 78.85 -21.91 -155.89
CA GLN JC 115 80.29 -21.83 -156.07
C GLN JC 115 80.67 -20.56 -156.81
N TYR JC 116 81.91 -20.14 -156.63
CA TYR JC 116 82.42 -18.90 -157.22
C TYR JC 116 83.75 -19.17 -157.91
N TYR JC 117 83.98 -18.44 -159.01
CA TYR JC 117 85.25 -18.47 -159.72
C TYR JC 117 85.99 -17.17 -159.41
N THR JC 118 87.18 -17.30 -158.82
CA THR JC 118 87.96 -16.16 -158.38
C THR JC 118 89.03 -15.85 -159.41
N TYR JC 119 88.98 -14.64 -159.97
CA TYR JC 119 89.96 -14.20 -160.95
C TYR JC 119 90.52 -12.84 -160.55
N GLN JC 120 91.83 -12.69 -160.68
CA GLN JC 120 92.52 -11.46 -160.33
C GLN JC 120 93.21 -10.92 -161.58
N CYS JC 121 92.97 -9.65 -161.90
CA CYS JC 121 93.58 -8.99 -163.03
C CYS JC 121 94.71 -8.09 -162.55
N LEU JC 122 95.85 -8.16 -163.24
CA LEU JC 122 97.02 -7.39 -162.84
C LEU JC 122 96.77 -5.89 -162.91
N SER JC 123 95.85 -5.45 -163.77
CA SER JC 123 95.56 -4.01 -163.87
C SER JC 123 95.02 -3.47 -162.55
N ASP JC 124 94.11 -4.20 -161.92
CA ASP JC 124 93.50 -3.80 -160.68
C ASP JC 124 94.17 -4.50 -159.49
N ASP JC 125 93.71 -4.18 -158.29
CA ASP JC 125 94.20 -4.80 -157.07
C ASP JC 125 93.13 -5.61 -156.34
N LYS JC 126 91.95 -5.05 -156.14
CA LYS JC 126 90.88 -5.78 -155.47
C LYS JC 126 90.44 -6.98 -156.30
N GLU JC 127 90.23 -8.10 -155.63
CA GLU JC 127 89.85 -9.34 -156.29
C GLU JC 127 88.33 -9.49 -156.28
N GLN JC 128 87.77 -9.80 -157.45
CA GLN JC 128 86.33 -9.94 -157.62
C GLN JC 128 86.02 -11.33 -158.13
N GLN JC 129 84.96 -11.93 -157.58
CA GLN JC 129 84.56 -13.28 -157.90
C GLN JC 129 83.20 -13.29 -158.57
N ILE JC 130 82.98 -14.31 -159.39
CA ILE JC 130 81.74 -14.45 -160.17
C ILE JC 130 81.03 -15.72 -159.70
N PRO JC 131 79.70 -15.73 -159.65
CA PRO JC 131 78.99 -16.97 -159.29
C PRO JC 131 79.18 -18.04 -160.34
N THR JC 132 78.94 -19.29 -159.92
CA THR JC 132 79.17 -20.46 -160.76
C THR JC 132 78.07 -21.47 -160.44
N PHE JC 133 78.29 -22.73 -160.83
CA PHE JC 133 77.28 -23.77 -160.65
C PHE JC 133 76.98 -23.99 -159.16
N LYS JC 134 75.89 -24.70 -158.91
CA LYS JC 134 75.42 -25.01 -157.58
C LYS JC 134 75.68 -26.48 -157.26
N SER JC 135 75.91 -26.75 -155.97
CA SER JC 135 76.17 -28.12 -155.54
C SER JC 135 74.89 -28.96 -155.61
N ALA JC 136 75.08 -30.27 -155.67
CA ALA JC 136 73.96 -31.19 -155.72
C ALA JC 136 73.20 -31.18 -154.40
N ILE JC 137 71.91 -31.51 -154.47
CA ILE JC 137 71.03 -31.53 -153.31
C ILE JC 137 70.63 -32.97 -153.05
N SER JC 138 70.81 -33.42 -151.81
CA SER JC 138 70.43 -34.76 -151.40
C SER JC 138 69.54 -34.66 -150.16
N LEU JC 139 68.36 -35.24 -150.24
CA LEU JC 139 67.40 -35.25 -149.13
C LEU JC 139 67.41 -36.62 -148.48
N THR JC 140 67.67 -36.64 -147.17
CA THR JC 140 67.74 -37.88 -146.40
C THR JC 140 66.70 -37.85 -145.30
N TYR JC 141 66.00 -38.97 -145.13
CA TYR JC 141 64.94 -39.09 -144.15
C TYR JC 141 65.24 -40.26 -143.21
N THR JC 142 64.85 -40.10 -141.94
CA THR JC 142 65.00 -41.14 -140.94
C THR JC 142 63.66 -41.37 -140.26
N PHE JC 143 63.33 -42.64 -140.02
CA PHE JC 143 62.03 -42.98 -139.46
C PHE JC 143 62.12 -44.28 -138.70
N ALA JC 144 61.06 -44.60 -137.97
CA ALA JC 144 61.06 -45.77 -137.11
C ALA JC 144 61.20 -47.05 -137.91
N HIS JC 145 61.94 -48.01 -137.34
CA HIS JC 145 62.18 -49.28 -138.02
C HIS JC 145 61.09 -50.28 -137.68
N GLU JC 146 60.55 -50.93 -138.71
CA GLU JC 146 59.53 -51.95 -138.55
C GLU JC 146 59.94 -53.21 -139.29
N PHE JC 147 59.68 -54.36 -138.68
CA PHE JC 147 60.10 -55.64 -139.23
C PHE JC 147 59.22 -56.09 -140.40
N ASP JC 148 57.91 -55.84 -140.33
CA ASP JC 148 56.97 -56.37 -141.31
C ASP JC 148 56.30 -55.29 -142.15
N ASN JC 149 56.90 -54.12 -142.26
CA ASN JC 149 56.28 -53.05 -143.03
C ASN JC 149 56.23 -53.43 -144.50
N PRO JC 150 55.06 -53.34 -145.15
CA PRO JC 150 54.96 -53.79 -146.55
C PRO JC 150 55.70 -52.91 -147.53
N ILE JC 151 56.02 -51.66 -147.17
CA ILE JC 151 56.72 -50.78 -148.10
C ILE JC 151 58.20 -51.10 -148.22
N TYR JC 152 58.72 -51.97 -147.35
CA TYR JC 152 60.12 -52.34 -147.44
C TYR JC 152 60.44 -53.04 -148.76
N GLN JC 153 59.55 -53.94 -149.21
CA GLN JC 153 59.77 -54.62 -150.48
C GLN JC 153 59.76 -53.62 -151.63
N ILE JC 154 58.83 -52.65 -151.59
CA ILE JC 154 58.77 -51.64 -152.63
C ILE JC 154 60.08 -50.85 -152.67
N LEU JC 155 60.58 -50.45 -151.51
CA LEU JC 155 61.83 -49.71 -151.46
C LEU JC 155 63.01 -50.54 -151.95
N ARG JC 156 63.04 -51.82 -151.58
CA ARG JC 156 64.14 -52.68 -152.04
C ARG JC 156 64.14 -52.81 -153.55
N LYS JC 157 62.98 -53.08 -154.15
CA LYS JC 157 62.94 -53.23 -155.60
C LYS JC 157 63.21 -51.91 -156.31
N LEU JC 158 62.74 -50.79 -155.73
CA LEU JC 158 63.02 -49.49 -156.33
C LEU JC 158 64.51 -49.18 -156.28
N ASP JC 159 65.18 -49.50 -155.18
CA ASP JC 159 66.63 -49.33 -155.10
C ASP JC 159 67.35 -50.21 -156.10
N SER JC 160 66.91 -51.47 -156.24
CA SER JC 160 67.54 -52.36 -157.20
C SER JC 160 67.39 -51.84 -158.62
N SER JC 161 66.20 -51.33 -158.96
CA SER JC 161 65.96 -50.88 -160.33
C SER JC 161 66.65 -49.55 -160.61
N GLY JC 162 66.69 -48.65 -159.64
CA GLY JC 162 67.22 -47.32 -159.87
C GLY JC 162 66.32 -46.41 -160.68
N GLN JC 163 65.07 -46.79 -160.89
CA GLN JC 163 64.16 -46.02 -161.73
C GLN JC 163 63.74 -44.74 -161.02
N VAL JC 164 63.55 -43.68 -161.82
CA VAL JC 164 63.25 -42.36 -161.26
C VAL JC 164 61.83 -42.35 -160.69
N THR JC 165 61.71 -41.88 -159.46
CA THR JC 165 60.46 -41.96 -158.71
C THR JC 165 60.08 -40.57 -158.20
N ALA JC 166 58.78 -40.29 -158.20
CA ALA JC 166 58.26 -39.02 -157.73
C ALA JC 166 58.02 -39.05 -156.23
N VAL JC 167 58.24 -37.91 -155.58
CA VAL JC 167 58.06 -37.76 -154.15
C VAL JC 167 57.18 -36.55 -153.89
N ARG JC 168 56.24 -36.70 -152.97
CA ARG JC 168 55.27 -35.66 -152.62
C ARG JC 168 55.43 -35.31 -151.14
N MET JC 169 55.35 -34.02 -150.83
CA MET JC 169 55.44 -33.58 -149.45
C MET JC 169 54.42 -32.47 -149.23
N TYR JC 170 53.60 -32.65 -148.19
CA TYR JC 170 52.46 -31.76 -147.94
C TYR JC 170 52.64 -31.05 -146.61
N VAL JC 171 52.45 -29.74 -146.62
CA VAL JC 171 52.54 -28.90 -145.42
C VAL JC 171 51.14 -28.35 -145.13
N PRO JC 172 50.59 -28.68 -143.96
CA PRO JC 172 49.25 -28.16 -143.63
C PRO JC 172 49.24 -26.68 -143.27
N LYS JC 173 50.23 -26.23 -142.49
CA LYS JC 173 50.18 -24.86 -141.94
C LYS JC 173 50.18 -23.81 -143.05
N ALA JC 174 51.07 -23.96 -144.03
CA ALA JC 174 51.16 -22.99 -145.12
C ALA JC 174 50.37 -23.41 -146.35
N SER JC 175 49.85 -24.64 -146.37
CA SER JC 175 48.99 -25.14 -147.44
C SER JC 175 49.65 -25.13 -148.81
N GLU JC 176 50.93 -25.52 -148.89
CA GLU JC 176 51.57 -25.73 -150.17
C GLU JC 176 51.79 -27.21 -150.43
N MET JC 177 52.27 -27.52 -151.63
CA MET JC 177 52.57 -28.90 -152.03
C MET JC 177 53.89 -28.88 -152.76
N ARG JC 178 54.83 -29.73 -152.37
CA ARG JC 178 56.12 -29.78 -153.02
C ARG JC 178 56.25 -31.00 -153.92
N MET JC 179 56.55 -30.74 -155.19
CA MET JC 179 56.67 -31.78 -156.20
C MET JC 179 58.13 -31.90 -156.60
N TRP JC 180 58.69 -33.11 -156.52
CA TRP JC 180 60.02 -33.35 -157.05
C TRP JC 180 60.20 -34.84 -157.27
N ALA JC 181 61.20 -35.18 -158.08
CA ALA JC 181 61.50 -36.57 -158.40
C ALA JC 181 63.01 -36.76 -158.38
N GLY JC 182 63.41 -37.96 -158.01
CA GLY JC 182 64.82 -38.28 -157.94
C GLY JC 182 65.03 -39.75 -157.71
N ILE JC 183 66.30 -40.12 -157.50
CA ILE JC 183 66.69 -41.49 -157.27
C ILE JC 183 66.61 -41.78 -155.78
N LEU JC 184 65.99 -42.90 -155.43
CA LEU JC 184 65.78 -43.27 -154.03
C LEU JC 184 66.84 -44.30 -153.62
N SER JC 185 67.37 -44.13 -152.41
CA SER JC 185 68.27 -45.09 -151.80
C SER JC 185 67.80 -45.39 -150.39
N PHE JC 186 67.96 -46.63 -149.97
CA PHE JC 186 67.41 -47.11 -148.70
C PHE JC 186 68.51 -47.79 -147.90
N ASN JC 187 68.47 -47.65 -146.58
CA ASN JC 187 69.38 -48.36 -145.70
C ASN JC 187 68.57 -49.23 -144.77
N ASP JC 188 69.00 -50.48 -144.60
CA ASP JC 188 68.24 -51.46 -143.82
C ASP JC 188 69.09 -52.00 -142.67
N ILE JC 189 69.96 -51.18 -142.10
CA ILE JC 189 70.72 -51.55 -140.91
C ILE JC 189 70.18 -50.74 -139.75
N PRO JC 190 69.58 -51.38 -138.73
CA PRO JC 190 69.03 -50.63 -137.61
C PRO JC 190 70.11 -49.87 -136.85
N SER JC 191 69.74 -48.67 -136.40
CA SER JC 191 70.61 -47.84 -135.57
C SER JC 191 70.39 -48.29 -134.13
N THR JC 192 71.07 -49.37 -133.76
CA THR JC 192 70.86 -49.98 -132.45
C THR JC 192 71.64 -49.24 -131.37
N GLN JC 193 70.92 -48.72 -130.38
CA GLN JC 193 71.54 -48.11 -129.21
C GLN JC 193 70.71 -48.54 -128.00
N VAL JC 194 70.90 -47.88 -126.87
CA VAL JC 194 70.34 -48.33 -125.60
C VAL JC 194 69.40 -47.26 -125.07
N ASN JC 195 68.15 -47.66 -124.81
CA ASN JC 195 67.09 -46.80 -124.25
C ASN JC 195 66.58 -45.75 -125.22
N GLU JC 196 66.47 -46.09 -126.50
CA GLU JC 196 65.67 -45.28 -127.42
C GLU JC 196 65.33 -46.12 -128.64
N MET JC 197 64.40 -45.59 -129.45
CA MET JC 197 63.96 -46.28 -130.65
C MET JC 197 65.10 -46.40 -131.65
N GLU JC 198 65.03 -47.42 -132.48
CA GLU JC 198 66.01 -47.65 -133.54
C GLU JC 198 65.38 -47.38 -134.90
N THR JC 199 66.17 -46.79 -135.78
CA THR JC 199 65.65 -46.22 -137.03
C THR JC 199 66.42 -46.76 -138.22
N VAL JC 200 65.86 -46.50 -139.41
CA VAL JC 200 66.54 -46.73 -140.68
C VAL JC 200 66.40 -45.45 -141.50
N GLU JC 201 67.30 -45.27 -142.46
CA GLU JC 201 67.41 -44.02 -143.19
C GLU JC 201 67.09 -44.21 -144.67
N LEU JC 202 66.55 -43.16 -145.28
CA LEU JC 202 66.15 -43.13 -146.67
C LEU JC 202 66.61 -41.83 -147.28
N ALA JC 203 67.28 -41.90 -148.43
CA ALA JC 203 67.83 -40.73 -149.09
C ALA JC 203 67.20 -40.56 -150.47
N VAL JC 204 66.92 -39.32 -150.83
CA VAL JC 204 66.37 -38.99 -152.14
C VAL JC 204 67.30 -37.99 -152.81
N SER JC 205 67.77 -38.33 -154.00
CA SER JC 205 68.54 -37.39 -154.81
C SER JC 205 67.57 -36.48 -155.56
N LEU JC 206 68.09 -35.61 -156.42
CA LEU JC 206 67.27 -34.68 -157.16
C LEU JC 206 67.61 -34.75 -158.64
N LYS JC 207 66.57 -34.89 -159.46
CA LYS JC 207 66.72 -34.95 -160.91
C LYS JC 207 66.14 -33.75 -161.64
N GLY JC 208 65.13 -33.08 -161.09
CA GLY JC 208 64.54 -31.91 -161.69
C GLY JC 208 64.66 -30.70 -160.79
N ASP JC 209 63.52 -30.04 -160.59
CA ASP JC 209 63.46 -28.86 -159.75
C ASP JC 209 62.19 -28.88 -158.90
N PHE JC 210 62.24 -28.20 -157.77
CA PHE JC 210 61.07 -28.10 -156.89
C PHE JC 210 59.97 -27.28 -157.57
N THR JC 211 58.74 -27.79 -157.51
CA THR JC 211 57.58 -27.04 -157.97
C THR JC 211 56.54 -27.05 -156.86
N PHE JC 212 56.00 -25.88 -156.55
CA PHE JC 212 55.08 -25.72 -155.44
C PHE JC 212 53.70 -25.37 -155.98
N ILE JC 213 52.68 -26.13 -155.54
CA ILE JC 213 51.32 -25.97 -156.00
C ILE JC 213 50.43 -25.77 -154.78
N SER JC 214 49.48 -24.84 -154.91
CA SER JC 214 48.51 -24.60 -153.85
C SER JC 214 47.70 -25.87 -153.59
N SER JC 215 47.46 -26.14 -152.31
CA SER JC 215 46.74 -27.36 -151.93
C SER JC 215 45.32 -27.36 -152.46
N THR JC 216 44.63 -26.22 -152.38
CA THR JC 216 43.25 -26.15 -152.87
C THR JC 216 43.19 -26.37 -154.38
N LEU JC 217 44.14 -25.80 -155.12
CA LEU JC 217 44.19 -26.03 -156.56
C LEU JC 217 44.50 -27.50 -156.86
N ALA JC 218 45.38 -28.11 -156.08
CA ALA JC 218 45.69 -29.52 -156.27
C ALA JC 218 44.46 -30.40 -156.03
N SER JC 219 43.68 -30.07 -155.01
CA SER JC 219 42.48 -30.85 -154.71
C SER JC 219 41.34 -29.94 -154.24
N MET KC 1 108.07 -37.05 -105.19
CA MET KC 1 107.19 -37.04 -104.04
C MET KC 1 107.48 -35.74 -103.27
N HIS KC 2 107.05 -34.62 -103.86
CA HIS KC 2 107.28 -33.30 -103.31
C HIS KC 2 106.56 -32.27 -104.18
N LEU KC 3 106.50 -31.05 -103.67
CA LEU KC 3 105.79 -30.00 -104.39
C LEU KC 3 106.76 -28.97 -104.92
N PRO KC 4 106.64 -28.57 -106.19
CA PRO KC 4 107.62 -27.66 -106.78
C PRO KC 4 107.32 -26.19 -106.49
N ASN KC 5 106.46 -25.92 -105.52
CA ASN KC 5 106.15 -24.55 -105.16
C ASN KC 5 107.38 -23.88 -104.53
N GLY KC 6 107.53 -22.59 -104.80
CA GLY KC 6 108.66 -21.85 -104.30
C GLY KC 6 109.95 -22.03 -105.06
N ALA KC 7 109.89 -22.61 -106.26
CA ALA KC 7 111.10 -22.84 -107.03
C ALA KC 7 111.67 -21.52 -107.55
N GLN KC 8 112.96 -21.53 -107.85
CA GLN KC 8 113.66 -20.36 -108.34
C GLN KC 8 114.50 -20.73 -109.54
N ILE KC 9 114.79 -19.73 -110.38
CA ILE KC 9 115.52 -19.91 -111.62
C ILE KC 9 116.69 -18.93 -111.64
N PHE KC 10 117.86 -19.40 -112.07
CA PHE KC 10 119.03 -18.57 -112.25
C PHE KC 10 119.69 -18.90 -113.59
N VAL KC 11 120.40 -17.93 -114.14
CA VAL KC 11 121.05 -18.07 -115.44
C VAL KC 11 122.46 -17.51 -115.37
N GLU KC 12 123.38 -18.13 -116.09
CA GLU KC 12 124.77 -17.67 -116.13
C GLU KC 12 124.85 -16.26 -116.72
N THR KC 13 125.77 -15.46 -116.19
CA THR KC 13 125.94 -14.10 -116.69
C THR KC 13 127.37 -13.85 -117.15
N SER KC 14 128.34 -14.57 -116.60
CA SER KC 14 129.74 -14.37 -116.95
C SER KC 14 130.56 -15.58 -116.56
N ARG KC 15 131.50 -15.95 -117.41
CA ARG KC 15 132.43 -17.04 -117.14
C ARG KC 15 133.86 -16.50 -117.03
N GLY KC 16 134.66 -17.19 -116.23
CA GLY KC 16 136.04 -16.80 -116.02
C GLY KC 16 136.95 -17.28 -117.13
N GLU KC 17 138.25 -17.26 -116.84
CA GLU KC 17 139.25 -17.67 -117.81
C GLU KC 17 139.20 -19.18 -118.03
N GLU KC 18 139.53 -19.60 -119.25
CA GLU KC 18 139.52 -21.02 -119.58
C GLU KC 18 140.49 -21.79 -118.69
N ILE KC 19 140.03 -22.91 -118.16
CA ILE KC 19 140.83 -23.77 -117.28
C ILE KC 19 140.96 -25.12 -117.94
N GLU KC 20 142.20 -25.61 -118.04
CA GLU KC 20 142.52 -26.83 -118.78
C GLU KC 20 142.91 -27.92 -117.79
N ALA KC 21 142.39 -29.13 -118.00
CA ALA KC 21 142.68 -30.27 -117.15
C ALA KC 21 143.38 -31.36 -117.95
N THR KC 22 144.49 -31.86 -117.42
CA THR KC 22 145.37 -32.73 -118.20
C THR KC 22 145.00 -34.20 -118.11
N ALA KC 23 144.47 -34.67 -116.98
CA ALA KC 23 144.18 -36.09 -116.83
C ALA KC 23 143.07 -36.29 -115.82
N VAL KC 24 142.14 -37.19 -116.14
CA VAL KC 24 141.03 -37.53 -115.27
C VAL KC 24 140.79 -39.03 -115.35
N THR KC 25 140.46 -39.65 -114.23
CA THR KC 25 140.12 -41.06 -114.19
C THR KC 25 138.60 -41.24 -114.20
N ASN KC 26 138.18 -42.50 -114.16
CA ASN KC 26 136.77 -42.86 -114.27
C ASN KC 26 136.31 -43.62 -113.04
N GLU KC 27 135.34 -43.05 -112.33
CA GLU KC 27 134.72 -43.68 -111.17
C GLU KC 27 133.45 -42.90 -110.84
N LYS KC 28 132.84 -43.21 -109.69
CA LYS KC 28 131.55 -42.63 -109.36
C LYS KC 28 131.68 -41.12 -109.10
N ASN KC 29 132.79 -40.68 -108.52
CA ASN KC 29 133.15 -39.27 -108.49
C ASN KC 29 134.48 -39.06 -109.21
N PRO KC 30 134.47 -38.58 -110.45
CA PRO KC 30 135.73 -38.35 -111.16
C PRO KC 30 136.63 -37.36 -110.43
N VAL KC 31 137.93 -37.63 -110.50
CA VAL KC 31 138.97 -36.74 -110.00
C VAL KC 31 139.94 -36.46 -111.13
N ALA KC 32 140.28 -35.18 -111.31
CA ALA KC 32 141.05 -34.72 -112.45
C ALA KC 32 142.27 -33.92 -111.99
N THR KC 33 143.27 -33.85 -112.86
CA THR KC 33 144.49 -33.10 -112.57
C THR KC 33 144.48 -31.79 -113.35
N VAL KC 34 144.73 -30.69 -112.66
CA VAL KC 34 144.77 -29.36 -113.25
C VAL KC 34 146.14 -28.76 -112.97
N ALA KC 35 146.65 -27.99 -113.95
CA ALA KC 35 147.98 -27.42 -113.83
C ALA KC 35 148.08 -26.47 -112.65
N SER KC 36 147.05 -25.66 -112.42
CA SER KC 36 147.06 -24.68 -111.36
C SER KC 36 145.72 -24.71 -110.62
N LYS KC 37 145.77 -24.31 -109.34
CA LYS KC 37 144.55 -24.19 -108.56
C LYS KC 37 143.62 -23.13 -109.15
N GLY KC 38 144.16 -22.01 -109.58
CA GLY KC 38 143.33 -20.91 -110.07
C GLY KC 38 142.54 -20.29 -108.94
N ASP KC 39 141.35 -19.80 -109.28
CA ASP KC 39 140.44 -19.21 -108.31
C ASP KC 39 139.39 -20.20 -107.82
N LEU KC 40 139.51 -21.47 -108.18
CA LEU KC 40 138.53 -22.46 -107.78
C LEU KC 40 138.54 -22.64 -106.25
N ALA KC 41 137.37 -22.95 -105.72
CA ALA KC 41 137.19 -23.13 -104.29
C ALA KC 41 136.11 -24.19 -104.07
N LYS KC 42 135.60 -24.27 -102.85
CA LYS KC 42 134.56 -25.23 -102.52
C LYS KC 42 133.20 -24.73 -102.99
N GLY KC 43 132.45 -25.60 -103.64
CA GLY KC 43 131.09 -25.29 -104.03
C GLY KC 43 130.92 -24.18 -105.05
N ASP KC 44 131.72 -24.18 -106.11
CA ASP KC 44 131.52 -23.30 -107.24
C ASP KC 44 131.37 -24.12 -108.52
N TYR KC 45 130.35 -23.80 -109.31
CA TYR KC 45 129.96 -24.61 -110.45
C TYR KC 45 130.93 -24.44 -111.60
N VAL KC 46 131.00 -25.47 -112.46
CA VAL KC 46 131.82 -25.43 -113.66
C VAL KC 46 130.98 -25.90 -114.84
N ILE KC 47 131.28 -25.35 -116.00
CA ILE KC 47 130.66 -25.72 -117.26
C ILE KC 47 131.75 -26.19 -118.21
N VAL KC 48 131.58 -27.39 -118.77
CA VAL KC 48 132.58 -27.96 -119.68
C VAL KC 48 132.28 -27.50 -121.10
N THR KC 49 133.28 -26.96 -121.77
CA THR KC 49 133.12 -26.38 -123.10
C THR KC 49 133.47 -27.35 -124.22
N GLN KC 50 134.43 -28.24 -124.01
CA GLN KC 50 134.81 -29.25 -124.99
C GLN KC 50 135.75 -30.24 -124.34
N SER KC 51 135.62 -31.51 -124.73
CA SER KC 51 136.47 -32.55 -124.16
C SER KC 51 136.46 -33.75 -125.11
N THR KC 52 137.41 -34.66 -124.87
CA THR KC 52 137.52 -35.86 -125.69
C THR KC 52 136.28 -36.73 -125.54
N TRP KC 53 135.76 -36.86 -124.32
CA TRP KC 53 134.57 -37.67 -124.09
C TRP KC 53 133.35 -36.98 -124.70
N ALA KC 54 132.63 -37.72 -125.55
CA ALA KC 54 131.55 -37.11 -126.33
C ALA KC 54 130.30 -36.87 -125.48
N LYS KC 55 130.01 -37.80 -124.57
CA LYS KC 55 128.74 -37.74 -123.84
C LYS KC 55 128.65 -36.51 -122.94
N MET KC 56 129.74 -36.15 -122.27
CA MET KC 56 129.67 -35.14 -121.23
C MET KC 56 129.94 -33.73 -121.74
N VAL KC 57 129.95 -33.51 -123.05
CA VAL KC 57 130.16 -32.16 -123.56
C VAL KC 57 128.94 -31.29 -123.21
N SER KC 58 129.21 -30.01 -122.96
CA SER KC 58 128.18 -29.04 -122.59
C SER KC 58 127.40 -29.52 -121.37
N ARG KC 59 128.12 -29.67 -120.25
CA ARG KC 59 127.56 -30.18 -119.02
C ARG KC 59 128.01 -29.31 -117.85
N VAL KC 60 127.15 -29.22 -116.84
CA VAL KC 60 127.38 -28.42 -115.65
C VAL KC 60 127.64 -29.35 -114.48
N LEU KC 61 128.78 -29.15 -113.81
CA LEU KC 61 129.18 -29.97 -112.68
C LEU KC 61 129.49 -29.10 -111.48
N ILE KC 62 129.58 -29.74 -110.32
CA ILE KC 62 129.89 -29.07 -109.07
C ILE KC 62 131.17 -29.67 -108.49
N VAL KC 63 132.03 -28.81 -107.97
CA VAL KC 63 133.29 -29.25 -107.36
C VAL KC 63 132.99 -29.89 -106.01
N THR KC 64 133.77 -30.92 -105.65
CA THR KC 64 133.67 -31.55 -104.35
C THR KC 64 134.91 -31.33 -103.50
N ASP KC 65 136.10 -31.53 -104.06
CA ASP KC 65 137.35 -31.30 -103.36
C ASP KC 65 138.32 -30.56 -104.27
N ALA KC 66 139.01 -29.57 -103.72
CA ALA KC 66 139.95 -28.76 -104.47
C ALA KC 66 141.30 -28.80 -103.78
N GLN KC 67 142.36 -29.02 -104.57
CA GLN KC 67 143.72 -28.97 -104.09
C GLN KC 67 144.56 -28.19 -105.10
N GLU KC 68 145.87 -28.15 -104.87
CA GLU KC 68 146.75 -27.41 -105.77
C GLU KC 68 146.81 -28.07 -107.14
N THR KC 69 146.65 -29.39 -107.19
CA THR KC 69 146.70 -30.13 -108.44
C THR KC 69 145.49 -31.01 -108.72
N SER KC 70 144.72 -31.38 -107.70
CA SER KC 70 143.64 -32.35 -107.86
C SER KC 70 142.29 -31.70 -107.62
N ILE KC 71 141.40 -31.82 -108.60
CA ILE KC 71 140.04 -31.33 -108.49
C ILE KC 71 139.10 -32.53 -108.52
N THR KC 72 137.96 -32.42 -107.86
CA THR KC 72 136.98 -33.51 -107.78
C THR KC 72 135.63 -33.01 -108.27
N LEU KC 73 135.01 -33.77 -109.16
CA LEU KC 73 133.71 -33.40 -109.72
C LEU KC 73 132.67 -34.43 -109.34
N ALA KC 74 131.47 -33.95 -108.99
CA ALA KC 74 130.35 -34.80 -108.64
C ALA KC 74 129.14 -34.40 -109.46
N GLY KC 75 128.38 -35.40 -109.89
CA GLY KC 75 127.19 -35.16 -110.68
C GLY KC 75 127.09 -36.05 -111.90
N ILE KC 76 128.21 -36.64 -112.31
CA ILE KC 76 128.26 -37.55 -113.45
C ILE KC 76 128.97 -38.83 -113.01
N ASP KC 77 128.41 -39.96 -113.40
CA ASP KC 77 128.96 -41.26 -113.04
C ASP KC 77 129.86 -41.75 -114.18
N THR KC 78 131.07 -42.18 -113.83
CA THR KC 78 132.05 -42.65 -114.80
C THR KC 78 132.52 -44.06 -114.45
N SER KC 79 131.63 -44.89 -113.90
CA SER KC 79 132.01 -46.24 -113.52
C SER KC 79 132.40 -47.07 -114.74
N ASP KC 80 131.63 -46.96 -115.82
CA ASP KC 80 131.90 -47.75 -117.01
C ASP KC 80 133.14 -47.24 -117.74
N THR KC 81 133.79 -48.14 -118.48
CA THR KC 81 134.99 -47.81 -119.23
C THR KC 81 134.80 -47.84 -120.73
N LEU KC 82 133.90 -48.68 -121.25
CA LEU KC 82 133.74 -48.79 -122.70
C LEU KC 82 133.13 -47.52 -123.28
N VAL KC 83 132.20 -46.89 -122.55
CA VAL KC 83 131.63 -45.63 -123.04
C VAL KC 83 132.51 -44.44 -122.70
N PHE KC 84 133.28 -44.51 -121.61
CA PHE KC 84 134.23 -43.46 -121.22
C PHE KC 84 135.63 -44.07 -121.24
N PRO KC 85 136.24 -44.16 -122.42
CA PRO KC 85 137.61 -44.70 -122.49
C PRO KC 85 138.59 -43.80 -121.76
N ALA KC 86 139.62 -44.41 -121.19
CA ALA KC 86 140.61 -43.69 -120.41
C ALA KC 86 141.40 -42.72 -121.28
N GLY KC 87 142.27 -41.95 -120.64
CA GLY KC 87 143.08 -40.97 -121.33
C GLY KC 87 142.32 -39.80 -121.90
N GLY KC 88 141.33 -39.31 -121.17
CA GLY KC 88 140.56 -38.15 -121.59
C GLY KC 88 141.02 -36.88 -120.91
N THR KC 89 140.96 -35.78 -121.65
CA THR KC 89 141.35 -34.47 -121.15
C THR KC 89 140.12 -33.57 -121.05
N MET KC 90 140.07 -32.77 -119.99
CA MET KC 90 138.92 -31.92 -119.70
C MET KC 90 139.25 -30.46 -120.01
N SER KC 91 138.21 -29.70 -120.34
CA SER KC 91 138.36 -28.26 -120.55
C SER KC 91 137.05 -27.60 -120.12
N PHE KC 92 137.11 -26.80 -119.05
CA PHE KC 92 135.92 -26.22 -118.47
C PHE KC 92 136.23 -24.81 -117.98
N ALA KC 93 135.18 -24.02 -117.86
CA ALA KC 93 135.25 -22.67 -117.29
C ALA KC 93 134.53 -22.66 -115.95
N LYS KC 94 134.65 -21.54 -115.26
CA LYS KC 94 134.01 -21.36 -113.95
C LYS KC 94 133.06 -20.18 -114.03
N ILE KC 95 131.81 -20.41 -113.65
CA ILE KC 95 130.79 -19.37 -113.69
C ILE KC 95 131.02 -18.41 -112.54
N THR KC 96 131.13 -17.11 -112.85
CA THR KC 96 131.44 -16.13 -111.83
C THR KC 96 130.19 -15.68 -111.09
N GLY KC 97 129.13 -15.33 -111.82
CA GLY KC 97 127.92 -14.81 -111.21
C GLY KC 97 126.67 -15.43 -111.81
N TRP KC 98 125.54 -15.09 -111.19
CA TRP KC 98 124.23 -15.55 -111.62
C TRP KC 98 123.22 -14.42 -111.47
N THR KC 99 122.14 -14.51 -112.24
CA THR KC 99 121.04 -13.56 -112.15
C THR KC 99 119.73 -14.33 -112.12
N GLU KC 100 118.73 -13.77 -111.43
CA GLU KC 100 117.44 -14.40 -111.26
C GLU KC 100 116.37 -13.57 -111.97
N ILE KC 101 115.47 -14.25 -112.67
CA ILE KC 101 114.39 -13.62 -113.42
C ILE KC 101 113.34 -13.10 -112.44
N PRO KC 102 112.72 -11.95 -112.72
CA PRO KC 102 111.58 -11.51 -111.90
C PRO KC 102 110.49 -12.57 -111.85
N CYS KC 103 109.50 -12.33 -110.98
CA CYS KC 103 108.58 -13.39 -110.57
C CYS KC 103 107.95 -14.05 -111.79
N VAL KC 104 108.13 -15.37 -111.88
CA VAL KC 104 107.80 -16.15 -113.07
C VAL KC 104 106.39 -16.72 -112.91
N GLN KC 105 105.57 -16.55 -113.95
CA GLN KC 105 104.17 -16.95 -113.87
C GLN KC 105 104.00 -18.44 -114.15
N GLU KC 106 104.39 -18.89 -115.34
CA GLU KC 106 104.08 -20.25 -115.80
C GLU KC 106 105.31 -20.83 -116.47
N ILE KC 107 105.48 -22.15 -116.31
CA ILE KC 107 106.58 -22.90 -116.90
C ILE KC 107 106.00 -24.00 -117.79
N GLY KC 108 106.50 -24.07 -119.03
CA GLY KC 108 106.02 -25.06 -119.97
C GLY KC 108 107.18 -25.71 -120.70
N GLN KC 109 106.88 -26.86 -121.30
CA GLN KC 109 107.89 -27.63 -122.02
C GLN KC 109 107.24 -28.33 -123.20
N ASP KC 110 108.08 -28.74 -124.16
CA ASP KC 110 107.60 -29.42 -125.35
C ASP KC 110 108.69 -30.38 -125.81
N GLY KC 111 108.27 -31.47 -126.44
CA GLY KC 111 109.19 -32.49 -126.92
C GLY KC 111 109.36 -33.63 -125.95
N GLY KC 112 110.16 -34.60 -126.37
CA GLY KC 112 110.45 -35.78 -125.58
C GLY KC 112 109.72 -37.04 -125.99
N GLU KC 113 108.76 -36.93 -126.91
CA GLU KC 113 108.00 -38.09 -127.36
C GLU KC 113 108.95 -39.01 -128.13
N GLN KC 114 109.08 -40.25 -127.67
CA GLN KC 114 110.03 -41.18 -128.27
C GLN KC 114 109.51 -41.72 -129.59
N GLN KC 115 110.26 -41.50 -130.66
CA GLN KC 115 109.89 -42.02 -131.96
C GLN KC 115 110.09 -43.53 -132.02
N TYR KC 116 109.41 -44.16 -132.96
CA TYR KC 116 109.51 -45.61 -133.15
C TYR KC 116 109.71 -45.92 -134.62
N TYR KC 117 110.36 -47.04 -134.89
CA TYR KC 117 110.57 -47.55 -136.24
C TYR KC 117 109.79 -48.85 -136.39
N THR KC 118 108.85 -48.86 -137.34
CA THR KC 118 107.95 -49.98 -137.55
C THR KC 118 108.38 -50.72 -138.81
N TYR KC 119 108.65 -52.02 -138.67
CA TYR KC 119 109.05 -52.86 -139.78
C TYR KC 119 108.14 -54.08 -139.86
N GLN KC 120 107.74 -54.44 -141.07
CA GLN KC 120 106.87 -55.58 -141.31
C GLN KC 120 107.61 -56.58 -142.19
N CYS KC 121 107.64 -57.84 -141.76
CA CYS KC 121 108.28 -58.91 -142.51
C CYS KC 121 107.22 -59.90 -143.00
N LEU KC 122 107.39 -60.37 -144.23
CA LEU KC 122 106.43 -61.30 -144.81
C LEU KC 122 106.41 -62.64 -144.08
N SER KC 123 107.48 -62.97 -143.36
CA SER KC 123 107.53 -64.26 -142.65
C SER KC 123 106.44 -64.36 -141.59
N ASP KC 124 106.22 -63.30 -140.83
CA ASP KC 124 105.22 -63.26 -139.79
C ASP KC 124 104.06 -62.35 -140.20
N ASP KC 125 103.10 -62.21 -139.30
CA ASP KC 125 101.94 -61.35 -139.50
C ASP KC 125 101.84 -60.21 -138.50
N LYS KC 126 102.13 -60.45 -137.23
CA LYS KC 126 102.05 -59.39 -136.24
C LYS KC 126 103.18 -58.40 -136.43
N GLU KC 127 102.84 -57.12 -136.37
CA GLU KC 127 103.80 -56.05 -136.57
C GLU KC 127 104.38 -55.62 -135.22
N GLN KC 128 105.70 -55.45 -135.17
CA GLN KC 128 106.39 -54.99 -133.98
C GLN KC 128 107.30 -53.83 -134.35
N GLN KC 129 107.53 -52.95 -133.38
CA GLN KC 129 108.33 -51.74 -133.58
C GLN KC 129 109.54 -51.75 -132.67
N ILE KC 130 110.50 -50.88 -132.99
CA ILE KC 130 111.72 -50.74 -132.19
C ILE KC 130 111.88 -49.29 -131.78
N PRO KC 131 112.39 -49.03 -130.59
CA PRO KC 131 112.65 -47.63 -130.18
C PRO KC 131 113.75 -47.01 -131.03
N THR KC 132 113.69 -45.69 -131.14
CA THR KC 132 114.63 -44.93 -131.95
C THR KC 132 114.85 -43.59 -131.25
N PHE KC 133 115.40 -42.60 -131.97
CA PHE KC 133 115.76 -41.32 -131.39
C PHE KC 133 114.54 -40.64 -130.78
N LYS KC 134 114.82 -39.68 -129.89
CA LYS KC 134 113.78 -38.92 -129.21
C LYS KC 134 113.65 -37.55 -129.87
N SER KC 135 112.55 -36.87 -129.58
CA SER KC 135 112.38 -35.51 -130.07
C SER KC 135 113.21 -34.53 -129.24
N ALA KC 136 113.56 -33.42 -129.85
CA ALA KC 136 114.32 -32.39 -129.16
C ALA KC 136 113.46 -31.74 -128.08
N ILE KC 137 114.12 -31.16 -127.08
CA ILE KC 137 113.45 -30.65 -125.89
C ILE KC 137 113.51 -29.13 -125.92
N SER KC 138 112.39 -28.49 -125.60
CA SER KC 138 112.32 -27.03 -125.48
C SER KC 138 111.60 -26.68 -124.19
N LEU KC 139 112.13 -25.72 -123.45
CA LEU KC 139 111.53 -25.23 -122.22
C LEU KC 139 111.12 -23.78 -122.40
N THR KC 140 109.87 -23.46 -122.05
CA THR KC 140 109.32 -22.13 -122.23
C THR KC 140 108.99 -21.51 -120.88
N TYR KC 141 109.39 -20.26 -120.70
CA TYR KC 141 109.14 -19.53 -119.46
C TYR KC 141 108.45 -18.20 -119.78
N THR KC 142 107.61 -17.75 -118.86
CA THR KC 142 106.92 -16.47 -119.00
C THR KC 142 106.99 -15.72 -117.67
N PHE KC 143 107.04 -14.40 -117.74
CA PHE KC 143 107.19 -13.59 -116.55
C PHE KC 143 106.76 -12.15 -116.85
N ALA KC 144 106.48 -11.41 -115.78
CA ALA KC 144 105.96 -10.06 -115.93
C ALA KC 144 106.95 -9.15 -116.66
N HIS KC 145 106.43 -8.38 -117.61
CA HIS KC 145 107.26 -7.47 -118.39
C HIS KC 145 107.64 -6.25 -117.58
N GLU KC 146 108.90 -5.83 -117.69
CA GLU KC 146 109.38 -4.62 -117.05
C GLU KC 146 110.33 -3.89 -118.00
N PHE KC 147 110.22 -2.57 -118.03
CA PHE KC 147 111.01 -1.75 -118.94
C PHE KC 147 112.37 -1.38 -118.36
N ASP KC 148 112.46 -1.13 -117.06
CA ASP KC 148 113.70 -0.74 -116.41
C ASP KC 148 114.51 -1.93 -115.92
N ASN KC 149 114.10 -3.14 -116.25
CA ASN KC 149 114.78 -4.33 -115.75
C ASN KC 149 116.18 -4.40 -116.33
N PRO KC 150 117.23 -4.41 -115.50
CA PRO KC 150 118.60 -4.36 -116.03
C PRO KC 150 119.02 -5.63 -116.76
N ILE KC 151 118.29 -6.73 -116.65
CA ILE KC 151 118.70 -7.96 -117.33
C ILE KC 151 118.24 -8.00 -118.78
N TYR KC 152 117.45 -7.02 -119.22
CA TYR KC 152 116.96 -7.05 -120.59
C TYR KC 152 118.09 -6.93 -121.59
N GLN KC 153 119.05 -6.03 -121.35
CA GLN KC 153 120.20 -5.91 -122.24
C GLN KC 153 121.02 -7.20 -122.23
N ILE KC 154 121.17 -7.82 -121.06
CA ILE KC 154 121.93 -9.06 -120.95
C ILE KC 154 121.29 -10.15 -121.79
N LEU KC 155 119.97 -10.30 -121.67
CA LEU KC 155 119.26 -11.30 -122.47
C LEU KC 155 119.34 -10.98 -123.97
N ARG KC 156 119.22 -9.71 -124.33
CA ARG KC 156 119.30 -9.33 -125.73
C ARG KC 156 120.66 -9.68 -126.32
N LYS KC 157 121.74 -9.34 -125.60
CA LYS KC 157 123.07 -9.63 -126.13
C LYS KC 157 123.37 -11.13 -126.13
N LEU KC 158 122.86 -11.87 -125.14
CA LEU KC 158 123.02 -13.32 -125.15
C LEU KC 158 122.30 -13.93 -126.35
N ASP KC 159 121.09 -13.47 -126.64
CA ASP KC 159 120.37 -13.95 -127.81
C ASP KC 159 121.11 -13.62 -129.09
N SER KC 160 121.64 -12.39 -129.19
CA SER KC 160 122.36 -11.99 -130.38
C SER KC 160 123.62 -12.84 -130.58
N SER KC 161 124.36 -13.09 -129.50
CA SER KC 161 125.60 -13.85 -129.61
C SER KC 161 125.32 -15.33 -129.91
N GLY KC 162 124.29 -15.90 -129.29
CA GLY KC 162 124.01 -17.31 -129.45
C GLY KC 162 124.89 -18.23 -128.63
N GLN KC 163 125.70 -17.68 -127.72
CA GLN KC 163 126.61 -18.50 -126.93
C GLN KC 163 125.86 -19.35 -125.93
N VAL KC 164 126.33 -20.58 -125.73
CA VAL KC 164 125.61 -21.56 -124.92
C VAL KC 164 125.73 -21.19 -123.44
N THR KC 165 124.59 -21.05 -122.78
CA THR KC 165 124.52 -20.52 -121.42
C THR KC 165 123.97 -21.57 -120.46
N ALA KC 166 124.54 -21.60 -119.26
CA ALA KC 166 124.11 -22.52 -118.21
C ALA KC 166 122.90 -21.96 -117.47
N VAL KC 167 122.00 -22.87 -117.09
CA VAL KC 167 120.78 -22.53 -116.37
C VAL KC 167 120.66 -23.41 -115.14
N ARG KC 168 120.29 -22.81 -114.02
CA ARG KC 168 120.16 -23.50 -112.74
C ARG KC 168 118.74 -23.30 -112.23
N MET KC 169 118.18 -24.31 -111.58
CA MET KC 169 116.88 -24.17 -110.96
C MET KC 169 116.88 -24.84 -109.59
N TYR KC 170 116.32 -24.14 -108.61
CA TYR KC 170 116.36 -24.55 -107.21
C TYR KC 170 114.96 -24.88 -106.73
N VAL KC 171 114.79 -26.04 -106.13
CA VAL KC 171 113.52 -26.49 -105.58
C VAL KC 171 113.70 -26.70 -104.08
N PRO KC 172 113.19 -25.77 -103.27
CA PRO KC 172 113.42 -25.87 -101.81
C PRO KC 172 112.84 -27.13 -101.18
N LYS KC 173 111.71 -27.62 -101.67
CA LYS KC 173 111.05 -28.74 -101.00
C LYS KC 173 111.85 -30.03 -101.16
N ALA KC 174 112.31 -30.32 -102.38
CA ALA KC 174 113.07 -31.54 -102.62
C ALA KC 174 114.57 -31.37 -102.38
N SER KC 175 115.03 -30.15 -102.13
CA SER KC 175 116.43 -29.86 -101.80
C SER KC 175 117.38 -30.30 -102.91
N GLU KC 176 116.97 -30.18 -104.17
CA GLU KC 176 117.76 -30.64 -105.29
C GLU KC 176 118.23 -29.46 -106.14
N MET KC 177 119.06 -29.78 -107.13
CA MET KC 177 119.58 -28.79 -108.07
C MET KC 177 119.54 -29.40 -109.45
N ARG KC 178 118.77 -28.81 -110.36
CA ARG KC 178 118.83 -29.20 -111.75
C ARG KC 178 119.56 -28.13 -112.56
N MET KC 179 120.53 -28.59 -113.33
CA MET KC 179 121.38 -27.70 -114.11
C MET KC 179 121.50 -28.26 -115.52
N TRP KC 180 121.61 -27.37 -116.50
CA TRP KC 180 121.70 -27.78 -117.89
C TRP KC 180 122.18 -26.58 -118.71
N ALA KC 181 122.50 -26.85 -119.97
CA ALA KC 181 122.97 -25.82 -120.87
C ALA KC 181 122.19 -25.89 -122.18
N GLY KC 182 122.05 -24.74 -122.81
CA GLY KC 182 121.30 -24.66 -124.04
C GLY KC 182 121.42 -23.29 -124.67
N ILE KC 183 120.51 -23.02 -125.60
CA ILE KC 183 120.48 -21.74 -126.30
C ILE KC 183 119.27 -20.96 -125.85
N LEU KC 184 119.45 -19.66 -125.60
CA LEU KC 184 118.40 -18.78 -125.11
C LEU KC 184 117.68 -18.12 -126.28
N SER KC 185 116.40 -17.82 -126.08
CA SER KC 185 115.60 -17.06 -127.03
C SER KC 185 114.63 -16.19 -126.26
N PHE KC 186 114.53 -14.92 -126.65
CA PHE KC 186 113.78 -13.93 -125.90
C PHE KC 186 112.74 -13.27 -126.80
N ASN KC 187 111.57 -12.99 -126.23
CA ASN KC 187 110.52 -12.28 -126.93
C ASN KC 187 110.20 -11.02 -126.15
N ASP KC 188 110.04 -9.89 -126.85
CA ASP KC 188 109.86 -8.60 -126.21
C ASP KC 188 108.64 -7.86 -126.73
N ILE KC 189 107.61 -8.59 -127.14
CA ILE KC 189 106.32 -8.00 -127.51
C ILE KC 189 105.32 -8.38 -126.43
N PRO KC 190 104.86 -7.44 -125.60
CA PRO KC 190 103.93 -7.79 -124.52
C PRO KC 190 102.60 -8.28 -125.06
N SER KC 191 101.98 -9.19 -124.30
CA SER KC 191 100.68 -9.76 -124.66
C SER KC 191 99.61 -8.92 -123.99
N THR KC 192 99.20 -7.86 -124.67
CA THR KC 192 98.22 -6.93 -124.11
C THR KC 192 96.82 -7.52 -124.16
N GLN KC 193 96.11 -7.41 -123.05
CA GLN KC 193 94.72 -7.86 -122.95
C GLN KC 193 94.02 -6.93 -121.96
N VAL KC 194 92.86 -7.33 -121.45
CA VAL KC 194 92.06 -6.49 -120.59
C VAL KC 194 91.96 -7.12 -119.21
N ASN KC 195 92.42 -6.38 -118.19
CA ASN KC 195 92.25 -6.73 -116.78
C ASN KC 195 93.06 -7.96 -116.37
N GLU KC 196 94.31 -8.05 -116.84
CA GLU KC 196 95.27 -8.97 -116.26
C GLU KC 196 96.67 -8.58 -116.69
N MET KC 197 97.65 -9.26 -116.12
CA MET KC 197 99.05 -8.94 -116.37
C MET KC 197 99.41 -9.27 -117.82
N GLU KC 198 100.38 -8.54 -118.35
CA GLU KC 198 100.96 -8.83 -119.65
C GLU KC 198 102.42 -9.26 -119.47
N THR KC 199 102.81 -10.31 -120.18
CA THR KC 199 104.09 -10.97 -119.96
C THR KC 199 104.83 -11.14 -121.27
N VAL KC 200 106.10 -11.54 -121.15
CA VAL KC 200 106.94 -11.87 -122.29
C VAL KC 200 107.34 -13.33 -122.17
N GLU KC 201 107.93 -13.85 -123.23
CA GLU KC 201 108.27 -15.27 -123.31
C GLU KC 201 109.78 -15.46 -123.45
N LEU KC 202 110.35 -16.26 -122.56
CA LEU KC 202 111.75 -16.68 -122.62
C LEU KC 202 111.78 -18.19 -122.80
N ALA KC 203 112.47 -18.65 -123.83
CA ALA KC 203 112.58 -20.07 -124.12
C ALA KC 203 114.03 -20.48 -124.16
N VAL KC 204 114.30 -21.74 -123.84
CA VAL KC 204 115.65 -22.27 -123.83
C VAL KC 204 115.65 -23.67 -124.43
N SER KC 205 116.58 -23.93 -125.33
CA SER KC 205 116.76 -25.27 -125.90
C SER KC 205 117.69 -26.06 -125.00
N LEU KC 206 118.16 -27.21 -125.47
CA LEU KC 206 119.11 -28.02 -124.71
C LEU KC 206 120.28 -28.41 -125.60
N LYS KC 207 121.45 -28.52 -124.98
CA LYS KC 207 122.65 -29.02 -125.64
C LYS KC 207 123.23 -30.26 -124.98
N GLY KC 208 122.99 -30.49 -123.70
CA GLY KC 208 123.47 -31.66 -122.99
C GLY KC 208 122.33 -32.38 -122.30
N ASP KC 209 122.67 -33.03 -121.18
CA ASP KC 209 121.71 -33.81 -120.41
C ASP KC 209 121.59 -33.22 -119.00
N PHE KC 210 120.44 -33.47 -118.39
CA PHE KC 210 120.16 -32.93 -117.06
C PHE KC 210 121.09 -33.50 -116.01
N THR KC 211 121.44 -32.69 -115.02
CA THR KC 211 122.25 -33.11 -113.88
C THR KC 211 121.52 -32.73 -112.60
N PHE KC 212 121.43 -33.68 -111.68
CA PHE KC 212 120.74 -33.48 -110.41
C PHE KC 212 121.73 -33.70 -109.26
N ILE KC 213 121.85 -32.72 -108.38
CA ILE KC 213 122.72 -32.82 -107.21
C ILE KC 213 121.97 -32.30 -105.99
N SER KC 214 122.49 -32.65 -104.81
CA SER KC 214 121.85 -32.26 -103.56
C SER KC 214 122.21 -30.83 -103.18
N SER KC 215 121.22 -30.10 -102.67
CA SER KC 215 121.43 -28.72 -102.26
C SER KC 215 122.39 -28.64 -101.07
N THR KC 216 122.28 -29.58 -100.13
CA THR KC 216 123.19 -29.59 -99.00
C THR KC 216 124.63 -29.82 -99.45
N LEU KC 217 124.83 -30.74 -100.40
CA LEU KC 217 126.17 -30.96 -100.93
C LEU KC 217 126.67 -29.73 -101.67
N ALA KC 218 125.80 -29.07 -102.44
CA ALA KC 218 126.22 -27.88 -103.18
C ALA KC 218 126.63 -26.76 -102.23
N SER KC 219 125.80 -26.48 -101.22
CA SER KC 219 126.10 -25.45 -100.24
C SER KC 219 125.31 -25.68 -98.96
N MET LC 1 79.32 4.27 -133.32
CA MET LC 1 78.74 4.55 -132.00
C MET LC 1 77.22 4.51 -132.08
N HIS LC 2 76.69 3.56 -132.84
CA HIS LC 2 75.25 3.44 -133.03
C HIS LC 2 74.89 1.97 -133.16
N LEU LC 3 73.64 1.66 -132.85
CA LEU LC 3 73.14 0.31 -132.91
C LEU LC 3 72.42 0.07 -134.24
N PRO LC 4 72.75 -1.01 -134.95
CA PRO LC 4 72.20 -1.20 -136.31
C PRO LC 4 70.78 -1.73 -136.35
N ASN LC 5 70.11 -1.75 -135.20
CA ASN LC 5 68.73 -2.24 -135.16
C ASN LC 5 67.82 -1.32 -135.97
N GLY LC 6 66.85 -1.92 -136.65
CA GLY LC 6 65.89 -1.18 -137.45
C GLY LC 6 66.30 -0.89 -138.87
N ALA LC 7 67.34 -1.53 -139.38
CA ALA LC 7 67.77 -1.29 -140.75
C ALA LC 7 66.78 -1.90 -141.74
N GLN LC 8 66.78 -1.34 -142.95
CA GLN LC 8 65.85 -1.76 -144.00
C GLN LC 8 66.62 -2.06 -145.28
N ILE LC 9 66.04 -2.93 -146.11
CA ILE LC 9 66.66 -3.44 -147.32
C ILE LC 9 65.74 -3.14 -148.50
N PHE LC 10 66.31 -2.68 -149.61
CA PHE LC 10 65.59 -2.46 -150.85
C PHE LC 10 66.44 -2.96 -152.01
N VAL LC 11 65.77 -3.39 -153.08
CA VAL LC 11 66.44 -3.96 -154.25
C VAL LC 11 65.91 -3.27 -155.50
N GLU LC 12 66.81 -3.02 -156.44
CA GLU LC 12 66.44 -2.41 -157.71
C GLU LC 12 65.53 -3.34 -158.52
N THR LC 13 64.59 -2.74 -159.25
CA THR LC 13 63.61 -3.53 -159.98
C THR LC 13 63.50 -3.10 -161.45
N SER LC 14 63.74 -1.82 -161.74
CA SER LC 14 63.56 -1.32 -163.10
C SER LC 14 64.39 -0.07 -163.29
N ARG LC 15 64.96 0.07 -164.49
CA ARG LC 15 65.76 1.24 -164.83
C ARG LC 15 65.24 1.87 -166.12
N GLY LC 16 65.52 3.17 -166.27
CA GLY LC 16 65.11 3.92 -167.44
C GLY LC 16 66.11 3.80 -168.57
N GLU LC 17 66.00 4.74 -169.51
CA GLU LC 17 66.84 4.74 -170.69
C GLU LC 17 68.25 5.21 -170.35
N GLU LC 18 69.22 4.72 -171.11
CA GLU LC 18 70.62 5.10 -170.90
C GLU LC 18 70.82 6.57 -171.23
N ILE LC 19 71.60 7.25 -170.39
CA ILE LC 19 71.89 8.68 -170.55
C ILE LC 19 73.39 8.84 -170.65
N GLU LC 20 73.84 9.49 -171.72
CA GLU LC 20 75.26 9.66 -172.00
C GLU LC 20 75.71 11.04 -171.59
N ALA LC 21 76.76 11.10 -170.76
CA ALA LC 21 77.35 12.35 -170.31
C ALA LC 21 78.64 12.60 -171.08
N THR LC 22 78.86 13.86 -171.47
CA THR LC 22 79.98 14.18 -172.35
C THR LC 22 81.28 14.44 -171.60
N ALA LC 23 81.24 15.08 -170.44
CA ALA LC 23 82.46 15.41 -169.71
C ALA LC 23 82.12 15.71 -168.26
N VAL LC 24 83.07 15.42 -167.37
CA VAL LC 24 82.91 15.66 -165.94
C VAL LC 24 84.22 16.18 -165.39
N THR LC 25 84.14 17.21 -164.54
CA THR LC 25 85.32 17.77 -163.90
C THR LC 25 85.62 17.04 -162.60
N ASN LC 26 86.79 17.30 -162.05
CA ASN LC 26 87.30 16.59 -160.88
C ASN LC 26 87.46 17.56 -159.71
N GLU LC 27 86.70 17.32 -158.64
CA GLU LC 27 86.77 18.08 -157.41
C GLU LC 27 86.09 17.26 -156.32
N LYS LC 28 85.84 17.90 -155.17
CA LYS LC 28 85.18 17.19 -154.07
C LYS LC 28 83.79 16.72 -154.45
N ASN LC 29 83.02 17.57 -155.13
CA ASN LC 29 81.66 17.23 -155.55
C ASN LC 29 81.58 17.31 -157.07
N PRO LC 30 81.71 16.19 -157.78
CA PRO LC 30 81.73 16.22 -159.24
C PRO LC 30 80.42 16.73 -159.83
N VAL LC 31 80.56 17.43 -160.96
CA VAL LC 31 79.43 17.86 -161.78
C VAL LC 31 79.74 17.49 -163.23
N ALA LC 32 78.72 17.02 -163.94
CA ALA LC 32 78.88 16.49 -165.30
C ALA LC 32 77.90 17.18 -166.24
N THR LC 33 78.29 17.25 -167.50
CA THR LC 33 77.47 17.88 -168.54
C THR LC 33 76.68 16.81 -169.28
N VAL LC 34 75.38 17.05 -169.43
CA VAL LC 34 74.47 16.12 -170.08
C VAL LC 34 73.79 16.84 -171.24
N ALA LC 35 73.55 16.10 -172.33
CA ALA LC 35 72.90 16.69 -173.50
C ALA LC 35 71.48 17.12 -173.18
N SER LC 36 70.72 16.28 -172.49
CA SER LC 36 69.31 16.57 -172.21
C SER LC 36 69.02 16.32 -170.74
N LYS LC 37 68.15 17.16 -170.18
CA LYS LC 37 67.71 16.98 -168.80
C LYS LC 37 66.99 15.65 -168.62
N GLY LC 38 66.10 15.31 -169.54
CA GLY LC 38 65.34 14.08 -169.41
C GLY LC 38 64.40 14.10 -168.23
N ASP LC 39 64.30 12.94 -167.58
CA ASP LC 39 63.40 12.74 -166.44
C ASP LC 39 64.09 12.90 -165.09
N LEU LC 40 65.36 13.30 -165.09
CA LEU LC 40 66.10 13.44 -163.84
C LEU LC 40 65.49 14.55 -162.98
N ALA LC 41 65.51 14.34 -161.67
CA ALA LC 41 64.97 15.30 -160.73
C ALA LC 41 65.81 15.22 -159.45
N LYS LC 42 65.30 15.79 -158.36
CA LYS LC 42 66.01 15.80 -157.09
C LYS LC 42 65.78 14.50 -156.34
N GLY LC 43 66.87 13.91 -155.87
CA GLY LC 43 66.77 12.73 -155.02
C GLY LC 43 66.47 11.42 -155.73
N ASP LC 44 67.13 11.16 -156.85
CA ASP LC 44 67.03 9.88 -157.55
C ASP LC 44 68.42 9.26 -157.68
N TYR LC 45 68.51 7.97 -157.39
CA TYR LC 45 69.76 7.25 -157.47
C TYR LC 45 70.06 6.85 -158.92
N VAL LC 46 71.36 6.78 -159.24
CA VAL LC 46 71.80 6.40 -160.57
C VAL LC 46 72.88 5.33 -160.45
N ILE LC 47 72.92 4.45 -161.43
CA ILE LC 47 73.95 3.43 -161.56
C ILE LC 47 74.85 3.80 -162.73
N VAL LC 48 76.16 3.70 -162.54
CA VAL LC 48 77.11 3.99 -163.60
C VAL LC 48 77.42 2.68 -164.33
N THR LC 49 77.27 2.68 -165.65
CA THR LC 49 77.37 1.46 -166.42
C THR LC 49 78.74 1.27 -167.09
N GLN LC 50 79.33 2.33 -167.63
CA GLN LC 50 80.69 2.26 -168.13
C GLN LC 50 81.26 3.66 -168.26
N SER LC 51 82.56 3.79 -167.95
CA SER LC 51 83.25 5.06 -168.07
C SER LC 51 84.75 4.77 -168.16
N THR LC 52 85.49 5.78 -168.62
CA THR LC 52 86.94 5.62 -168.73
C THR LC 52 87.57 5.42 -167.37
N TRP LC 53 87.11 6.15 -166.36
CA TRP LC 53 87.67 6.03 -165.02
C TRP LC 53 87.35 4.66 -164.44
N ALA LC 54 88.38 3.82 -164.30
CA ALA LC 54 88.18 2.45 -163.88
C ALA LC 54 87.61 2.36 -162.46
N LYS LC 55 88.09 3.20 -161.55
CA LYS LC 55 87.61 3.14 -160.18
C LYS LC 55 86.16 3.60 -160.07
N MET LC 56 85.72 4.46 -161.00
CA MET LC 56 84.40 5.05 -160.91
C MET LC 56 83.29 4.13 -161.43
N VAL LC 57 83.62 3.20 -162.33
CA VAL LC 57 82.58 2.37 -162.93
C VAL LC 57 82.03 1.41 -161.88
N SER LC 58 80.80 0.94 -162.12
CA SER LC 58 80.10 0.00 -161.24
C SER LC 58 79.90 0.61 -159.85
N ARG LC 59 79.19 1.73 -159.82
CA ARG LC 59 78.93 2.46 -158.60
C ARG LC 59 77.54 3.08 -158.66
N VAL LC 60 76.95 3.28 -157.48
CA VAL LC 60 75.65 3.93 -157.34
C VAL LC 60 75.89 5.32 -156.74
N LEU LC 61 75.39 6.34 -157.42
CA LEU LC 61 75.57 7.71 -156.98
C LEU LC 61 74.21 8.37 -156.81
N ILE LC 62 74.21 9.52 -156.15
CA ILE LC 62 72.99 10.28 -155.87
C ILE LC 62 73.14 11.68 -156.45
N VAL LC 63 72.06 12.17 -157.06
CA VAL LC 63 72.06 13.49 -157.66
C VAL LC 63 71.97 14.55 -156.57
N THR LC 64 72.68 15.66 -156.77
CA THR LC 64 72.65 16.79 -155.86
C THR LC 64 71.92 18.00 -156.45
N ASP LC 65 72.34 18.44 -157.63
CA ASP LC 65 71.67 19.53 -158.33
C ASP LC 65 71.42 19.11 -159.78
N ALA LC 66 70.26 19.49 -160.31
CA ALA LC 66 69.88 19.16 -161.67
C ALA LC 66 69.53 20.43 -162.42
N GLN LC 67 70.05 20.56 -163.64
CA GLN LC 67 69.73 21.65 -164.54
C GLN LC 67 69.52 21.09 -165.94
N GLU LC 68 69.37 21.98 -166.91
CA GLU LC 68 69.19 21.54 -168.29
C GLU LC 68 70.46 20.88 -168.81
N THR LC 69 71.63 21.35 -168.36
CA THR LC 69 72.89 20.84 -168.86
C THR LC 69 73.81 20.27 -167.78
N SER LC 70 73.59 20.58 -166.51
CA SER LC 70 74.52 20.20 -165.46
C SER LC 70 73.85 19.29 -164.43
N ILE LC 71 74.51 18.18 -164.12
CA ILE LC 71 74.06 17.26 -163.08
C ILE LC 71 75.18 17.08 -162.09
N THR LC 72 74.91 17.35 -160.82
CA THR LC 72 75.90 17.24 -159.75
C THR LC 72 75.70 15.91 -159.03
N LEU LC 73 76.78 15.13 -158.91
CA LEU LC 73 76.74 13.84 -158.26
C LEU LC 73 77.66 13.87 -157.04
N ALA LC 74 77.13 13.39 -155.91
CA ALA LC 74 77.85 13.39 -154.65
C ALA LC 74 77.94 11.97 -154.10
N GLY LC 75 78.99 11.70 -153.35
CA GLY LC 75 79.23 10.39 -152.81
C GLY LC 75 80.61 9.87 -153.16
N ILE LC 76 81.19 10.41 -154.23
CA ILE LC 76 82.53 10.05 -154.67
C ILE LC 76 83.38 11.31 -154.75
N ASP LC 77 84.61 11.22 -154.30
CA ASP LC 77 85.52 12.36 -154.28
C ASP LC 77 86.49 12.25 -155.46
N THR LC 78 86.59 13.32 -156.23
CA THR LC 78 87.48 13.38 -157.37
C THR LC 78 88.53 14.48 -157.19
N SER LC 79 88.93 14.72 -155.94
CA SER LC 79 89.94 15.75 -155.69
C SER LC 79 91.27 15.41 -156.36
N ASP LC 80 91.69 14.16 -156.26
CA ASP LC 80 92.93 13.74 -156.90
C ASP LC 80 92.75 13.67 -158.41
N THR LC 81 93.78 14.10 -159.13
CA THR LC 81 93.75 14.12 -160.59
C THR LC 81 94.64 13.05 -161.23
N LEU LC 82 95.63 12.52 -160.51
CA LEU LC 82 96.45 11.46 -161.08
C LEU LC 82 95.65 10.16 -161.17
N VAL LC 83 94.85 9.85 -160.15
CA VAL LC 83 93.98 8.68 -160.22
C VAL LC 83 92.78 8.94 -161.11
N PHE LC 84 92.40 10.20 -161.30
CA PHE LC 84 91.24 10.58 -162.11
C PHE LC 84 91.70 11.58 -163.17
N PRO LC 85 92.35 11.10 -164.23
CA PRO LC 85 92.79 12.02 -165.28
C PRO LC 85 91.61 12.72 -165.94
N ALA LC 86 91.83 13.97 -166.33
CA ALA LC 86 90.77 14.77 -166.91
C ALA LC 86 90.34 14.22 -168.26
N GLY LC 87 89.24 14.75 -168.77
CA GLY LC 87 88.71 14.33 -170.06
C GLY LC 87 88.16 12.92 -170.08
N GLY LC 88 87.45 12.51 -169.03
CA GLY LC 88 86.81 11.22 -168.99
C GLY LC 88 85.33 11.30 -169.32
N THR LC 89 84.86 10.37 -170.12
CA THR LC 89 83.48 10.32 -170.57
C THR LC 89 82.66 9.49 -169.59
N MET LC 90 81.37 9.78 -169.49
CA MET LC 90 80.52 9.20 -168.47
C MET LC 90 79.23 8.69 -169.11
N SER LC 91 78.70 7.60 -168.56
CA SER LC 91 77.48 7.00 -169.11
C SER LC 91 76.75 6.26 -167.99
N PHE LC 92 75.47 6.58 -167.79
CA PHE LC 92 74.73 6.06 -166.65
C PHE LC 92 73.23 6.02 -166.97
N ALA LC 93 72.49 5.34 -166.11
CA ALA LC 93 71.04 5.25 -166.19
C ALA LC 93 70.42 5.71 -164.87
N LYS LC 94 69.10 5.58 -164.78
CA LYS LC 94 68.34 6.01 -163.61
C LYS LC 94 67.45 4.88 -163.12
N ILE LC 95 67.47 4.65 -161.81
CA ILE LC 95 66.63 3.62 -161.21
C ILE LC 95 65.25 4.19 -160.96
N THR LC 96 64.21 3.48 -161.41
CA THR LC 96 62.85 4.00 -161.30
C THR LC 96 62.19 3.61 -159.98
N GLY LC 97 62.23 2.32 -159.64
CA GLY LC 97 61.50 1.82 -158.49
C GLY LC 97 62.39 1.01 -157.56
N TRP LC 98 61.79 0.63 -156.43
CA TRP LC 98 62.46 -0.18 -155.41
C TRP LC 98 61.48 -1.16 -154.82
N THR LC 99 62.02 -2.24 -154.25
CA THR LC 99 61.23 -3.26 -153.57
C THR LC 99 61.99 -3.75 -152.34
N GLU LC 100 61.25 -3.91 -151.24
CA GLU LC 100 61.84 -4.26 -149.95
C GLU LC 100 61.57 -5.73 -149.65
N ILE LC 101 62.62 -6.44 -149.27
CA ILE LC 101 62.52 -7.85 -148.86
C ILE LC 101 61.83 -7.92 -147.51
N PRO LC 102 61.00 -8.94 -147.27
CA PRO LC 102 60.41 -9.11 -145.93
C PRO LC 102 61.48 -9.21 -144.85
N CYS LC 103 61.00 -9.25 -143.60
CA CYS LC 103 61.88 -9.04 -142.46
C CYS LC 103 63.04 -10.03 -142.46
N VAL LC 104 64.25 -9.50 -142.25
CA VAL LC 104 65.49 -10.25 -142.41
C VAL LC 104 65.97 -10.71 -141.05
N GLN LC 105 66.30 -12.00 -140.94
CA GLN LC 105 66.67 -12.56 -139.65
C GLN LC 105 68.13 -12.25 -139.31
N GLU LC 106 69.07 -12.74 -140.11
CA GLU LC 106 70.48 -12.46 -139.90
C GLU LC 106 71.11 -11.97 -141.20
N ILE LC 107 72.20 -11.22 -141.05
CA ILE LC 107 72.99 -10.74 -142.17
C ILE LC 107 74.41 -11.28 -142.00
N GLY LC 108 74.94 -11.92 -143.04
CA GLY LC 108 76.26 -12.50 -142.98
C GLY LC 108 77.12 -12.01 -144.12
N GLN LC 109 78.43 -12.13 -143.91
CA GLN LC 109 79.40 -11.70 -144.90
C GLN LC 109 80.72 -12.42 -144.66
N ASP LC 110 81.59 -12.38 -145.66
CA ASP LC 110 82.90 -13.00 -145.56
C ASP LC 110 83.88 -12.27 -146.45
N GLY LC 111 85.16 -12.49 -146.21
CA GLY LC 111 86.20 -11.83 -146.96
C GLY LC 111 86.64 -10.53 -146.34
N GLY LC 112 87.67 -9.94 -146.94
CA GLY LC 112 88.28 -8.72 -146.43
C GLY LC 112 89.58 -8.92 -145.70
N GLU LC 113 89.94 -10.17 -145.41
CA GLU LC 113 91.22 -10.46 -144.75
C GLU LC 113 92.35 -10.15 -145.73
N GLN LC 114 93.08 -9.07 -145.49
CA GLN LC 114 94.14 -8.67 -146.39
C GLN LC 114 95.28 -9.67 -146.35
N GLN LC 115 95.71 -10.13 -147.52
CA GLN LC 115 96.82 -11.06 -147.61
C GLN LC 115 98.15 -10.30 -147.61
N TYR LC 116 99.22 -11.01 -147.32
CA TYR LC 116 100.55 -10.41 -147.19
C TYR LC 116 101.55 -11.20 -148.03
N TYR LC 117 102.61 -10.50 -148.42
CA TYR LC 117 103.75 -11.11 -149.10
C TYR LC 117 104.94 -11.07 -148.15
N THR LC 118 105.42 -12.24 -147.74
CA THR LC 118 106.50 -12.36 -146.77
C THR LC 118 107.78 -12.74 -147.51
N TYR LC 119 108.82 -11.93 -147.34
CA TYR LC 119 110.11 -12.17 -147.98
C TYR LC 119 111.21 -12.15 -146.94
N GLN LC 120 112.17 -13.06 -147.07
CA GLN LC 120 113.31 -13.14 -146.17
C GLN LC 120 114.59 -12.84 -146.97
N CYS LC 121 115.39 -11.92 -146.48
CA CYS LC 121 116.65 -11.55 -147.11
C CYS LC 121 117.81 -12.18 -146.35
N LEU LC 122 118.79 -12.69 -147.10
CA LEU LC 122 119.96 -13.30 -146.48
C LEU LC 122 120.80 -12.31 -145.71
N SER LC 123 120.77 -11.03 -146.09
CA SER LC 123 121.58 -10.03 -145.40
C SER LC 123 121.15 -9.86 -143.96
N ASP LC 124 119.84 -9.82 -143.71
CA ASP LC 124 119.30 -9.64 -142.37
C ASP LC 124 118.79 -10.98 -141.83
N ASP LC 125 118.33 -10.95 -140.58
CA ASP LC 125 117.80 -12.14 -139.92
C ASP LC 125 116.32 -12.03 -139.58
N LYS LC 126 115.83 -10.84 -139.24
CA LYS LC 126 114.40 -10.65 -139.02
C LYS LC 126 113.65 -10.74 -140.34
N GLU LC 127 112.45 -11.31 -140.28
CA GLU LC 127 111.60 -11.46 -141.46
C GLU LC 127 110.49 -10.42 -141.42
N GLN LC 128 110.29 -9.76 -142.56
CA GLN LC 128 109.27 -8.73 -142.70
C GLN LC 128 108.39 -9.03 -143.90
N GLN LC 129 107.16 -8.50 -143.85
CA GLN LC 129 106.15 -8.79 -144.84
C GLN LC 129 105.62 -7.50 -145.46
N ILE LC 130 104.90 -7.65 -146.56
CA ILE LC 130 104.31 -6.52 -147.28
C ILE LC 130 102.82 -6.77 -147.46
N PRO LC 131 101.96 -5.79 -147.22
CA PRO LC 131 100.53 -5.96 -147.50
C PRO LC 131 100.28 -6.14 -148.99
N THR LC 132 99.20 -6.83 -149.29
CA THR LC 132 98.88 -7.20 -150.66
C THR LC 132 97.38 -6.98 -150.87
N PHE LC 133 96.82 -7.56 -151.93
CA PHE LC 133 95.43 -7.34 -152.27
C PHE LC 133 94.50 -7.87 -151.17
N LYS LC 134 93.21 -7.55 -151.33
CA LYS LC 134 92.18 -7.94 -150.37
C LYS LC 134 91.29 -9.02 -150.98
N SER LC 135 90.72 -9.85 -150.12
CA SER LC 135 89.89 -10.95 -150.56
C SER LC 135 88.53 -10.43 -151.05
N ALA LC 136 87.84 -11.29 -151.80
CA ALA LC 136 86.53 -10.94 -152.32
C ALA LC 136 85.50 -10.85 -151.19
N ILE LC 137 84.45 -10.07 -151.43
CA ILE LC 137 83.42 -9.81 -150.43
C ILE LC 137 82.09 -10.31 -150.96
N SER LC 138 81.38 -11.08 -150.13
CA SER LC 138 80.05 -11.57 -150.46
C SER LC 138 79.11 -11.30 -149.30
N LEU LC 139 77.88 -10.92 -149.62
CA LEU LC 139 76.87 -10.59 -148.61
C LEU LC 139 75.77 -11.63 -148.66
N THR LC 140 75.39 -12.15 -147.50
CA THR LC 140 74.38 -13.19 -147.39
C THR LC 140 73.26 -12.73 -146.47
N TYR LC 141 72.02 -12.92 -146.92
CA TYR LC 141 70.83 -12.51 -146.18
C TYR LC 141 69.94 -13.71 -145.90
N THR LC 142 69.14 -13.61 -144.85
CA THR LC 142 68.19 -14.64 -144.46
C THR LC 142 66.86 -14.00 -144.14
N PHE LC 143 65.78 -14.55 -144.68
CA PHE LC 143 64.45 -13.99 -144.43
C PHE LC 143 63.41 -15.08 -144.59
N ALA LC 144 62.23 -14.82 -144.04
CA ALA LC 144 61.18 -15.84 -143.97
C ALA LC 144 60.69 -16.22 -145.37
N HIS LC 145 60.32 -17.49 -145.51
CA HIS LC 145 59.86 -18.01 -146.78
C HIS LC 145 58.36 -17.80 -146.92
N GLU LC 146 57.92 -17.40 -148.11
CA GLU LC 146 56.51 -17.21 -148.41
C GLU LC 146 56.26 -17.44 -149.89
N PHE LC 147 55.32 -18.35 -150.19
CA PHE LC 147 55.03 -18.72 -151.57
C PHE LC 147 54.29 -17.66 -152.35
N ASP LC 148 53.31 -16.99 -151.73
CA ASP LC 148 52.44 -16.07 -152.42
C ASP LC 148 53.10 -14.73 -152.69
N ASN LC 149 54.27 -14.49 -152.15
CA ASN LC 149 54.95 -13.22 -152.33
C ASN LC 149 55.33 -13.03 -153.79
N PRO LC 150 55.30 -11.81 -154.32
CA PRO LC 150 55.57 -11.62 -155.75
C PRO LC 150 57.05 -11.55 -156.12
N ILE LC 151 57.95 -11.12 -155.23
CA ILE LC 151 59.32 -10.86 -155.64
C ILE LC 151 60.08 -12.13 -156.00
N TYR LC 152 59.47 -13.29 -155.81
CA TYR LC 152 60.14 -14.55 -156.15
C TYR LC 152 60.46 -14.61 -157.63
N GLN LC 153 59.51 -14.21 -158.49
CA GLN LC 153 59.77 -14.20 -159.92
C GLN LC 153 60.86 -13.21 -160.30
N ILE LC 154 60.85 -12.04 -159.65
CA ILE LC 154 61.89 -11.05 -159.92
C ILE LC 154 63.26 -11.60 -159.58
N LEU LC 155 63.36 -12.26 -158.42
CA LEU LC 155 64.65 -12.82 -158.02
C LEU LC 155 65.08 -13.94 -158.95
N ARG LC 156 64.15 -14.80 -159.38
CA ARG LC 156 64.52 -15.86 -160.31
C ARG LC 156 65.01 -15.30 -161.64
N LYS LC 157 64.30 -14.29 -162.17
CA LYS LC 157 64.74 -13.76 -163.46
C LYS LC 157 66.04 -12.99 -163.33
N LEU LC 158 66.28 -12.33 -162.21
CA LEU LC 158 67.57 -11.68 -162.00
C LEU LC 158 68.69 -12.69 -161.94
N ASP LC 159 68.46 -13.83 -161.26
CA ASP LC 159 69.48 -14.88 -161.23
C ASP LC 159 69.73 -15.45 -162.62
N SER LC 160 68.66 -15.67 -163.40
CA SER LC 160 68.81 -16.22 -164.72
C SER LC 160 69.59 -15.27 -165.63
N SER LC 161 69.29 -13.96 -165.56
CA SER LC 161 69.96 -13.00 -166.41
C SER LC 161 71.41 -12.80 -165.99
N GLY LC 162 71.67 -12.71 -164.68
CA GLY LC 162 72.98 -12.38 -164.20
C GLY LC 162 73.34 -10.92 -164.30
N GLN LC 163 72.37 -10.06 -164.62
CA GLN LC 163 72.62 -8.64 -164.78
C GLN LC 163 72.87 -7.99 -163.42
N VAL LC 164 73.73 -6.96 -163.42
CA VAL LC 164 74.05 -6.27 -162.19
C VAL LC 164 72.83 -5.51 -161.69
N THR LC 165 72.65 -5.51 -160.37
CA THR LC 165 71.49 -4.91 -159.73
C THR LC 165 71.93 -4.12 -158.51
N ALA LC 166 71.21 -3.04 -158.23
CA ALA LC 166 71.55 -2.16 -157.11
C ALA LC 166 70.79 -2.57 -155.85
N VAL LC 167 71.42 -2.33 -154.70
CA VAL LC 167 70.85 -2.66 -153.40
C VAL LC 167 70.99 -1.45 -152.49
N ARG LC 168 69.94 -1.18 -151.72
CA ARG LC 168 69.88 -0.05 -150.80
C ARG LC 168 69.70 -0.56 -149.39
N MET LC 169 70.50 -0.04 -148.47
CA MET LC 169 70.33 -0.37 -147.06
C MET LC 169 70.23 0.91 -146.26
N TYR LC 170 69.15 1.05 -145.49
CA TYR LC 170 68.84 2.29 -144.79
C TYR LC 170 68.89 2.03 -143.29
N VAL LC 171 69.74 2.78 -142.59
CA VAL LC 171 69.92 2.65 -141.15
C VAL LC 171 69.38 3.91 -140.48
N PRO LC 172 68.32 3.80 -139.69
CA PRO LC 172 67.73 5.01 -139.09
C PRO LC 172 68.56 5.61 -137.97
N LYS LC 173 69.12 4.78 -137.08
CA LYS LC 173 69.76 5.31 -135.88
C LYS LC 173 70.95 6.19 -136.23
N ALA LC 174 71.78 5.77 -137.18
CA ALA LC 174 72.92 6.57 -137.60
C ALA LC 174 72.60 7.53 -138.72
N SER LC 175 71.37 7.51 -139.24
CA SER LC 175 70.95 8.35 -140.36
C SER LC 175 71.80 8.14 -141.60
N GLU LC 176 72.32 6.93 -141.79
CA GLU LC 176 73.19 6.63 -142.91
C GLU LC 176 72.42 5.92 -144.01
N MET LC 177 73.11 5.70 -145.13
CA MET LC 177 72.49 5.09 -146.32
C MET LC 177 73.61 4.57 -147.20
N ARG LC 178 73.63 3.26 -147.42
CA ARG LC 178 74.73 2.63 -148.13
C ARG LC 178 74.32 2.17 -149.52
N MET LC 179 75.15 2.48 -150.50
CA MET LC 179 74.92 2.16 -151.90
C MET LC 179 75.94 1.11 -152.35
N TRP LC 180 75.45 0.06 -153.01
CA TRP LC 180 76.33 -0.87 -153.72
C TRP LC 180 75.52 -1.63 -154.74
N ALA LC 181 76.22 -2.24 -155.68
CA ALA LC 181 75.59 -3.02 -156.74
C ALA LC 181 76.38 -4.29 -156.97
N GLY LC 182 75.67 -5.34 -157.37
CA GLY LC 182 76.31 -6.62 -157.57
C GLY LC 182 75.37 -7.63 -158.19
N ILE LC 183 75.85 -8.88 -158.25
CA ILE LC 183 75.11 -9.99 -158.83
C ILE LC 183 74.29 -10.66 -157.74
N LEU LC 184 73.08 -11.08 -158.10
CA LEU LC 184 72.14 -11.67 -157.15
C LEU LC 184 72.18 -13.19 -157.25
N SER LC 185 71.87 -13.85 -156.14
CA SER LC 185 71.70 -15.30 -156.10
C SER LC 185 70.58 -15.63 -155.12
N PHE LC 186 69.61 -16.42 -155.55
CA PHE LC 186 68.45 -16.75 -154.75
C PHE LC 186 68.38 -18.25 -154.54
N ASN LC 187 68.20 -18.67 -153.29
CA ASN LC 187 68.04 -20.07 -152.93
C ASN LC 187 66.60 -20.30 -152.54
N ASP LC 188 65.98 -21.32 -153.13
CA ASP LC 188 64.57 -21.60 -152.91
C ASP LC 188 64.46 -23.00 -152.32
N ILE LC 189 65.22 -23.25 -151.26
CA ILE LC 189 65.18 -24.53 -150.54
C ILE LC 189 64.85 -24.23 -149.08
N PRO LC 190 63.60 -24.34 -148.66
CA PRO LC 190 63.26 -24.05 -147.27
C PRO LC 190 64.00 -24.97 -146.31
N SER LC 191 64.40 -24.41 -145.18
CA SER LC 191 65.13 -25.15 -144.15
C SER LC 191 64.11 -25.68 -143.15
N THR LC 192 63.65 -26.91 -143.39
CA THR LC 192 62.64 -27.51 -142.54
C THR LC 192 63.29 -28.10 -141.29
N GLN LC 193 62.86 -27.62 -140.12
CA GLN LC 193 63.32 -28.15 -138.85
C GLN LC 193 62.16 -28.04 -137.85
N VAL LC 194 62.25 -28.75 -136.74
CA VAL LC 194 61.14 -28.89 -135.81
C VAL LC 194 61.10 -27.67 -134.90
N ASN LC 195 59.97 -26.98 -134.91
CA ASN LC 195 59.65 -25.92 -133.94
C ASN LC 195 60.57 -24.70 -134.06
N GLU LC 196 60.81 -24.26 -135.29
CA GLU LC 196 61.27 -22.90 -135.53
C GLU LC 196 60.98 -22.54 -136.98
N MET LC 197 61.09 -21.24 -137.27
CA MET LC 197 60.76 -20.73 -138.59
C MET LC 197 61.67 -21.31 -139.65
N GLU LC 198 61.12 -21.49 -140.86
CA GLU LC 198 61.88 -21.92 -142.02
C GLU LC 198 62.10 -20.73 -142.94
N THR LC 199 63.32 -20.59 -143.45
CA THR LC 199 63.72 -19.41 -144.18
C THR LC 199 64.41 -19.81 -145.48
N VAL LC 200 64.65 -18.81 -146.32
CA VAL LC 200 65.38 -18.99 -147.57
C VAL LC 200 66.60 -18.06 -147.56
N GLU LC 201 67.42 -18.17 -148.60
CA GLU LC 201 68.72 -17.53 -148.64
C GLU LC 201 68.82 -16.61 -149.84
N LEU LC 202 69.42 -15.44 -149.65
CA LEU LC 202 69.73 -14.52 -150.73
C LEU LC 202 71.16 -14.04 -150.57
N ALA LC 203 71.92 -14.06 -151.65
CA ALA LC 203 73.32 -13.68 -151.65
C ALA LC 203 73.56 -12.58 -152.69
N VAL LC 204 74.42 -11.63 -152.34
CA VAL LC 204 74.77 -10.53 -153.22
C VAL LC 204 76.29 -10.48 -153.33
N SER LC 205 76.79 -10.46 -154.56
CA SER LC 205 78.22 -10.30 -154.79
C SER LC 205 78.56 -8.80 -154.76
N LEU LC 206 79.79 -8.46 -155.12
CA LEU LC 206 80.22 -7.07 -155.15
C LEU LC 206 81.01 -6.79 -156.42
N LYS LC 207 80.67 -5.68 -157.07
CA LYS LC 207 81.39 -5.23 -158.25
C LYS LC 207 82.05 -3.87 -158.09
N GLY LC 208 81.63 -3.05 -157.13
CA GLY LC 208 82.21 -1.75 -156.90
C GLY LC 208 82.69 -1.61 -155.47
N ASP LC 209 82.42 -0.44 -154.91
CA ASP LC 209 82.82 -0.12 -153.54
C ASP LC 209 81.64 0.48 -152.79
N PHE LC 210 81.66 0.31 -151.47
CA PHE LC 210 80.63 0.89 -150.64
C PHE LC 210 80.73 2.41 -150.64
N THR LC 211 79.58 3.07 -150.72
CA THR LC 211 79.50 4.53 -150.62
C THR LC 211 78.61 4.88 -149.45
N PHE LC 212 79.00 5.92 -148.71
CA PHE LC 212 78.28 6.34 -147.51
C PHE LC 212 77.83 7.78 -147.69
N ILE LC 213 76.51 8.00 -147.62
CA ILE LC 213 75.94 9.33 -147.82
C ILE LC 213 74.95 9.61 -146.70
N SER LC 214 74.61 10.89 -146.55
CA SER LC 214 73.64 11.29 -145.55
C SER LC 214 72.22 11.02 -146.04
N SER LC 215 71.44 10.34 -145.21
CA SER LC 215 70.05 10.06 -145.55
C SER LC 215 69.24 11.34 -145.70
N THR LC 216 69.49 12.32 -144.82
CA THR LC 216 68.79 13.59 -144.92
C THR LC 216 69.12 14.30 -146.23
N LEU LC 217 70.40 14.30 -146.61
CA LEU LC 217 70.79 14.92 -147.89
C LEU LC 217 70.15 14.21 -149.07
N ALA LC 218 70.13 12.87 -149.03
CA ALA LC 218 69.51 12.12 -150.13
C ALA LC 218 68.02 12.41 -150.23
N SER LC 219 67.34 12.49 -149.10
CA SER LC 219 65.92 12.80 -149.08
C SER LC 219 65.52 13.46 -147.76
N MET MC 1 25.79 5.64 -76.87
CA MET MC 1 25.84 6.65 -77.91
C MET MC 1 26.64 7.86 -77.46
N ASN MC 2 26.00 9.04 -77.51
CA ASN MC 2 26.48 10.32 -76.99
C ASN MC 2 28.00 10.44 -77.08
N TYR MC 3 28.53 10.35 -78.31
CA TYR MC 3 29.98 10.32 -78.50
C TYR MC 3 30.67 11.57 -77.99
N SER MC 4 29.93 12.67 -77.76
CA SER MC 4 30.53 13.83 -77.13
C SER MC 4 31.03 13.51 -75.73
N GLN MC 5 30.34 12.62 -75.02
CA GLN MC 5 30.80 12.21 -73.69
C GLN MC 5 32.11 11.44 -73.79
N ILE MC 6 32.22 10.53 -74.75
CA ILE MC 6 33.47 9.84 -74.99
C ILE MC 6 34.56 10.83 -75.37
N GLU MC 7 34.20 11.83 -76.17
CA GLU MC 7 35.14 12.87 -76.57
C GLU MC 7 35.70 13.61 -75.36
N ARG MC 8 34.82 14.10 -74.49
CA ARG MC 8 35.28 14.86 -73.34
C ARG MC 8 36.12 13.99 -72.41
N MET MC 9 35.69 12.74 -72.18
CA MET MC 9 36.48 11.86 -71.31
C MET MC 9 37.85 11.58 -71.91
N ALA MC 10 37.91 11.34 -73.21
CA ALA MC 10 39.21 11.10 -73.85
C ALA MC 10 40.09 12.34 -73.77
N ARG MC 11 39.52 13.53 -73.94
CA ARG MC 11 40.31 14.75 -73.83
C ARG MC 11 40.90 14.89 -72.44
N LYS MC 12 40.07 14.68 -71.41
CA LYS MC 12 40.59 14.80 -70.04
C LYS MC 12 41.66 13.72 -69.77
N GLY MC 13 41.43 12.50 -70.26
CA GLY MC 13 42.41 11.45 -70.05
C GLY MC 13 43.74 11.74 -70.71
N VAL MC 14 43.71 12.22 -71.95
CA VAL MC 14 44.95 12.57 -72.64
C VAL MC 14 45.65 13.72 -71.93
N ALA MC 15 44.88 14.72 -71.49
CA ALA MC 15 45.47 15.82 -70.73
C ALA MC 15 46.07 15.36 -69.42
N PHE MC 16 45.55 14.27 -68.84
CA PHE MC 16 46.11 13.77 -67.60
C PHE MC 16 47.56 13.30 -67.78
N PHE MC 17 47.80 12.44 -68.78
CA PHE MC 17 49.13 11.87 -68.98
C PHE MC 17 49.94 12.66 -70.00
N THR MC 18 50.08 13.97 -69.81
CA THR MC 18 50.88 14.79 -70.71
C THR MC 18 51.65 15.83 -69.93
N ASP MC 19 52.80 16.22 -70.48
CA ASP MC 19 53.65 17.23 -69.89
C ASP MC 19 53.69 18.44 -70.79
N PRO MC 20 53.23 19.61 -70.35
CA PRO MC 20 53.29 20.82 -71.18
C PRO MC 20 54.68 21.47 -71.18
N SER MC 21 55.71 20.64 -71.32
CA SER MC 21 57.07 21.14 -71.44
C SER MC 21 57.88 20.40 -72.51
N ARG MC 22 57.31 19.39 -73.16
CA ARG MC 22 57.99 18.69 -74.23
C ARG MC 22 57.62 19.37 -75.55
N PRO MC 23 58.58 19.95 -76.27
CA PRO MC 23 58.26 20.55 -77.56
C PRO MC 23 57.87 19.47 -78.56
N MET MC 24 56.61 19.51 -78.99
CA MET MC 24 56.11 18.59 -79.99
C MET MC 24 55.54 19.37 -81.16
N ASN MC 25 55.86 18.93 -82.37
CA ASN MC 25 55.42 19.61 -83.57
C ASN MC 25 54.90 18.60 -84.56
N LEU MC 26 54.03 19.06 -85.45
CA LEU MC 26 53.46 18.21 -86.49
C LEU MC 26 53.68 18.87 -87.84
N ILE MC 27 54.22 18.11 -88.78
CA ILE MC 27 54.58 18.59 -90.10
C ILE MC 27 53.72 17.87 -91.13
N LYS MC 28 53.03 18.65 -91.97
CA LYS MC 28 52.19 18.14 -93.04
C LYS MC 28 52.71 18.68 -94.37
N GLN MC 29 53.25 17.81 -95.22
CA GLN MC 29 53.66 18.23 -96.54
C GLN MC 29 52.68 17.69 -97.58
N GLY MC 30 52.50 18.45 -98.65
CA GLY MC 30 51.58 18.03 -99.69
C GLY MC 30 51.61 18.98 -100.87
N GLU MC 31 50.83 18.60 -101.89
CA GLU MC 31 50.67 19.38 -103.12
C GLU MC 31 52.00 19.53 -103.85
N TYR MC 32 52.54 18.38 -104.24
CA TYR MC 32 53.70 18.32 -105.13
C TYR MC 32 53.21 18.32 -106.58
N GLY MC 33 54.09 17.96 -107.51
CA GLY MC 33 53.73 17.87 -108.90
C GLY MC 33 54.87 18.27 -109.83
N TYR MC 34 55.17 17.42 -110.80
CA TYR MC 34 56.42 17.54 -111.53
C TYR MC 34 56.29 18.52 -112.70
N ASP MC 35 57.45 18.98 -113.17
CA ASP MC 35 57.54 19.88 -114.30
C ASP MC 35 57.36 19.12 -115.60
N GLU MC 36 57.21 19.86 -116.70
CA GLU MC 36 57.10 19.24 -118.02
C GLU MC 36 58.36 18.46 -118.38
N ASN MC 37 59.50 18.80 -117.78
CA ASN MC 37 60.74 18.06 -118.02
C ASN MC 37 60.94 16.90 -117.06
N GLY MC 38 60.40 16.98 -115.85
CA GLY MC 38 60.40 15.82 -114.98
C GLY MC 38 61.20 15.93 -113.70
N PHE MC 39 61.29 17.14 -113.13
CA PHE MC 39 61.98 17.31 -111.86
C PHE MC 39 61.63 18.67 -111.26
N GLU MC 40 61.37 18.67 -109.95
CA GLU MC 40 61.03 19.88 -109.20
C GLU MC 40 61.05 19.53 -107.71
N ILE MC 41 60.69 20.49 -106.87
CA ILE MC 41 60.72 20.33 -105.42
C ILE MC 41 59.46 20.92 -104.81
N PRO MC 42 58.83 20.25 -103.85
CA PRO MC 42 57.64 20.80 -103.19
C PRO MC 42 58.01 21.78 -102.09
N PRO MC 43 57.73 23.08 -102.28
CA PRO MC 43 58.09 24.09 -101.26
C PRO MC 43 56.97 24.39 -100.28
N MET MC 44 56.75 23.48 -99.33
CA MET MC 44 55.79 23.74 -98.26
C MET MC 44 56.15 22.88 -97.05
N GLU MC 45 55.93 23.43 -95.86
CA GLU MC 45 56.25 22.74 -94.62
C GLU MC 45 55.01 22.47 -93.78
N GLN MC 46 54.23 23.50 -93.43
CA GLN MC 46 53.02 23.36 -92.65
C GLN MC 46 53.30 22.65 -91.32
N VAL MC 47 54.04 23.38 -90.47
CA VAL MC 47 54.38 22.91 -89.14
C VAL MC 47 53.49 23.59 -88.11
N ILE MC 48 52.93 22.80 -87.20
CA ILE MC 48 52.00 23.33 -86.19
C ILE MC 48 52.33 22.71 -84.84
N PRO MC 49 52.05 23.44 -83.76
CA PRO MC 49 52.27 22.89 -82.42
C PRO MC 49 51.22 21.85 -82.06
N ILE MC 50 51.63 20.97 -81.14
CA ILE MC 50 50.77 19.87 -80.69
C ILE MC 50 51.36 19.32 -79.40
N SER MC 51 50.53 18.64 -78.61
CA SER MC 51 50.98 17.97 -77.40
C SER MC 51 50.19 16.67 -77.21
N GLY MC 52 50.79 15.73 -76.51
CA GLY MC 52 50.14 14.44 -76.33
C GLY MC 52 50.93 13.56 -75.37
N ALA MC 53 50.69 12.25 -75.50
CA ALA MC 53 51.29 11.25 -74.62
C ALA MC 53 52.01 10.20 -75.44
N THR MC 54 53.04 9.61 -74.84
CA THR MC 54 53.86 8.59 -75.49
C THR MC 54 54.07 7.42 -74.54
N ARG MC 55 54.30 6.23 -75.12
CA ARG MC 55 54.50 5.03 -74.32
C ARG MC 55 55.22 3.99 -75.17
N ARG MC 56 55.71 2.95 -74.48
CA ARG MC 56 56.29 1.77 -75.09
C ARG MC 56 57.47 2.15 -75.99
N PRO MC 57 58.60 2.56 -75.42
CA PRO MC 57 59.78 2.79 -76.26
C PRO MC 57 60.35 1.48 -76.75
N ASN MC 58 61.02 1.55 -77.90
CA ASN MC 58 61.68 0.37 -78.44
C ASN MC 58 62.95 0.80 -79.16
N ALA MC 59 63.96 -0.04 -79.16
CA ALA MC 59 65.17 0.27 -79.89
C ALA MC 59 65.22 -0.51 -81.20
N ARG MC 60 66.08 -0.05 -82.11
CA ARG MC 60 66.19 -0.60 -83.45
C ARG MC 60 67.60 -1.16 -83.66
N GLU MC 61 67.66 -2.38 -84.17
CA GLU MC 61 68.91 -3.00 -84.60
C GLU MC 61 68.72 -3.49 -86.02
N ILE MC 62 69.65 -3.11 -86.90
CA ILE MC 62 69.50 -3.46 -88.31
C ILE MC 62 70.38 -4.66 -88.68
N ASP MC 63 71.69 -4.50 -88.56
CA ASP MC 63 72.60 -5.62 -88.80
C ASP MC 63 73.80 -5.63 -87.86
N GLY MC 64 73.73 -4.93 -86.73
CA GLY MC 64 74.85 -4.82 -85.82
C GLY MC 64 75.77 -3.66 -86.11
N GLU MC 65 75.34 -2.69 -86.91
CA GLU MC 65 76.24 -1.66 -87.40
C GLU MC 65 76.33 -0.47 -86.45
N THR MC 66 75.64 -0.53 -85.30
CA THR MC 66 75.65 0.52 -84.28
C THR MC 66 75.11 1.85 -84.82
N ILE MC 67 73.81 1.84 -85.12
CA ILE MC 67 73.15 3.06 -85.58
C ILE MC 67 72.39 3.77 -84.46
N ARG MC 68 71.93 3.04 -83.45
CA ARG MC 68 71.32 3.60 -82.25
C ARG MC 68 70.06 4.43 -82.56
N ALA MC 69 69.03 3.75 -83.03
CA ALA MC 69 67.74 4.36 -83.32
C ALA MC 69 66.66 3.80 -82.41
N SER MC 70 65.54 4.52 -82.31
CA SER MC 70 64.45 4.12 -81.43
C SER MC 70 63.12 4.53 -82.03
N ASP MC 71 62.05 3.90 -81.54
CA ASP MC 71 60.69 4.16 -82.03
C ASP MC 71 59.71 4.12 -80.86
N ILE MC 72 58.58 4.81 -81.03
CA ILE MC 72 57.63 5.10 -79.97
C ILE MC 72 56.21 4.86 -80.49
N LEU MC 73 55.27 4.69 -79.55
CA LEU MC 73 53.85 4.75 -79.82
C LEU MC 73 53.26 5.92 -79.04
N GLY MC 74 52.19 6.52 -79.56
CA GLY MC 74 51.67 7.74 -79.00
C GLY MC 74 50.17 7.69 -78.77
N ILE MC 75 49.68 8.67 -78.01
CA ILE MC 75 48.26 8.91 -77.80
C ILE MC 75 48.02 10.41 -77.97
N PHE MC 76 47.01 10.77 -78.74
CA PHE MC 76 46.82 12.18 -79.09
C PHE MC 76 45.34 12.52 -79.02
N ASN MC 77 45.04 13.81 -79.24
CA ASN MC 77 43.70 14.36 -79.24
C ASN MC 77 43.11 14.29 -80.65
N ASN MC 78 41.99 14.97 -80.86
CA ASN MC 78 41.29 14.94 -82.14
C ASN MC 78 41.38 16.27 -82.89
N ASP MC 79 42.31 17.14 -82.51
CA ASP MC 79 42.52 18.39 -83.20
C ASP MC 79 43.71 18.26 -84.13
N HIS MC 80 43.59 18.81 -85.33
CA HIS MC 80 44.60 18.66 -86.38
C HIS MC 80 44.82 17.17 -86.68
N GLU MC 81 43.76 16.58 -87.24
CA GLU MC 81 43.72 15.15 -87.50
C GLU MC 81 45.01 14.64 -88.12
N ILE MC 82 45.41 13.44 -87.71
CA ILE MC 82 46.66 12.84 -88.15
C ILE MC 82 46.40 12.08 -89.45
N ASN MC 83 47.30 12.22 -90.41
CA ASN MC 83 47.23 11.46 -91.64
C ASN MC 83 48.24 10.32 -91.58
N GLU MC 84 48.28 9.54 -92.66
CA GLU MC 84 48.98 8.27 -92.66
C GLU MC 84 50.49 8.42 -92.88
N GLY MC 85 50.95 9.58 -93.31
CA GLY MC 85 52.36 9.76 -93.57
C GLY MC 85 52.94 11.08 -93.09
N ASP MC 86 52.37 11.63 -92.03
CA ASP MC 86 52.80 12.91 -91.48
C ASP MC 86 54.11 12.76 -90.70
N TYR MC 87 54.72 13.90 -90.38
CA TYR MC 87 55.95 13.92 -89.59
C TYR MC 87 55.65 14.45 -88.19
N ILE MC 88 56.21 13.79 -87.18
CA ILE MC 88 56.06 14.22 -85.80
C ILE MC 88 57.44 14.56 -85.25
N GLU MC 89 57.61 15.79 -84.81
CA GLU MC 89 58.87 16.28 -84.27
C GLU MC 89 58.80 16.23 -82.75
N ILE MC 90 59.70 15.45 -82.14
CA ILE MC 90 59.75 15.25 -80.70
C ILE MC 90 61.17 15.62 -80.26
N ASP MC 91 61.29 16.69 -79.47
CA ASP MC 91 62.54 17.02 -78.79
C ASP MC 91 63.71 17.14 -79.77
N GLY MC 92 63.44 17.67 -80.95
CA GLY MC 92 64.45 17.76 -81.98
C GLY MC 92 64.62 16.50 -82.81
N ILE MC 93 63.93 15.41 -82.46
CA ILE MC 93 64.05 14.15 -83.17
C ILE MC 93 62.78 13.92 -83.97
N ARG MC 94 62.94 13.66 -85.26
CA ARG MC 94 61.82 13.53 -86.18
C ARG MC 94 61.45 12.07 -86.36
N HIS MC 95 60.15 11.80 -86.40
CA HIS MC 95 59.62 10.47 -86.67
C HIS MC 95 58.55 10.58 -87.74
N VAL MC 96 58.32 9.48 -88.45
CA VAL MC 96 57.25 9.37 -89.40
C VAL MC 96 56.12 8.57 -88.76
N VAL MC 97 54.88 9.04 -88.94
CA VAL MC 97 53.75 8.30 -88.39
C VAL MC 97 53.40 7.16 -89.34
N VAL MC 98 53.93 5.98 -89.06
CA VAL MC 98 53.74 4.86 -89.97
C VAL MC 98 52.29 4.40 -89.97
N ASP MC 99 51.62 4.45 -88.83
CA ASP MC 99 50.23 4.05 -88.72
C ASP MC 99 49.50 5.05 -87.85
N ALA MC 100 48.27 5.39 -88.25
CA ALA MC 100 47.46 6.34 -87.50
C ALA MC 100 46.74 5.65 -86.35
N ARG MC 101 45.97 4.61 -86.63
CA ARG MC 101 45.18 3.90 -85.63
C ARG MC 101 44.28 4.85 -84.84
N PRO MC 102 43.23 5.39 -85.45
CA PRO MC 102 42.28 6.20 -84.69
C PRO MC 102 41.39 5.31 -83.84
N VAL MC 103 41.29 5.62 -82.55
CA VAL MC 103 40.37 4.88 -81.71
C VAL MC 103 38.96 5.27 -82.14
N GLN MC 104 38.30 4.40 -82.88
CA GLN MC 104 37.14 4.81 -83.64
C GLN MC 104 35.99 3.83 -83.45
N ALA MC 105 34.80 4.41 -83.28
CA ALA MC 105 33.55 3.70 -83.50
C ALA MC 105 32.60 4.59 -84.29
N SER MC 106 33.06 5.75 -84.74
CA SER MC 106 32.26 6.72 -85.48
C SER MC 106 33.22 7.61 -86.25
N LEU MC 107 32.66 8.46 -87.11
CA LEU MC 107 33.48 9.45 -87.78
C LEU MC 107 33.91 10.54 -86.80
N GLU MC 108 34.83 11.39 -87.24
CA GLU MC 108 35.48 12.36 -86.37
C GLU MC 108 36.06 11.64 -85.16
N PRO MC 109 37.15 10.90 -85.33
CA PRO MC 109 37.62 10.00 -84.27
C PRO MC 109 37.92 10.74 -82.98
N VAL MC 110 37.62 10.09 -81.87
CA VAL MC 110 37.78 10.74 -80.58
C VAL MC 110 39.25 10.97 -80.25
N ALA MC 111 40.11 10.03 -80.62
CA ALA MC 111 41.53 10.17 -80.36
C ALA MC 111 42.31 9.28 -81.33
N TYR MC 112 43.62 9.47 -81.37
CA TYR MC 112 44.51 8.69 -82.22
C TYR MC 112 45.56 8.00 -81.36
N ARG MC 113 45.98 6.83 -81.80
CA ARG MC 113 47.00 6.03 -81.13
C ARG MC 113 48.08 5.69 -82.15
N PRO MC 114 48.84 6.68 -82.61
CA PRO MC 114 49.74 6.45 -83.74
C PRO MC 114 50.97 5.65 -83.35
N VAL MC 115 51.59 5.07 -84.38
CA VAL MC 115 52.87 4.38 -84.26
C VAL MC 115 53.90 5.21 -85.02
N LEU MC 116 55.00 5.55 -84.36
CA LEU MC 116 56.02 6.41 -84.94
C LEU MC 116 57.30 5.61 -85.14
N ARG MC 117 57.95 5.82 -86.28
CA ARG MC 117 59.25 5.21 -86.56
C ARG MC 117 60.25 6.32 -86.83
N ARG MC 118 61.44 6.20 -86.26
CA ARG MC 118 62.42 7.26 -86.39
C ARG MC 118 62.85 7.44 -87.84
N VAL MC 119 63.13 8.69 -88.21
CA VAL MC 119 63.41 9.06 -89.59
C VAL MC 119 64.78 8.53 -89.97
N SER MC 120 65.08 8.51 -91.27
CA SER MC 120 66.31 7.93 -91.82
C SER MC 120 66.30 6.44 -91.46
N VAL MC 121 67.29 5.91 -90.77
CA VAL MC 121 67.24 4.52 -90.34
C VAL MC 121 67.63 4.41 -88.88
N MET NC 1 64.93 -4.82 -48.83
CA MET NC 1 66.30 -4.91 -48.35
C MET NC 1 66.49 -6.20 -47.57
N ASN NC 2 67.54 -6.22 -46.75
CA ASN NC 2 67.74 -7.23 -45.72
C ASN NC 2 67.76 -8.59 -46.43
N TYR NC 3 68.81 -8.83 -47.22
CA TYR NC 3 68.87 -10.04 -48.03
C TYR NC 3 69.11 -11.30 -47.20
N SER NC 4 69.47 -11.16 -45.92
CA SER NC 4 69.59 -12.32 -45.05
C SER NC 4 68.26 -13.05 -44.91
N GLN NC 5 67.16 -12.30 -44.81
CA GLN NC 5 65.84 -12.91 -44.75
C GLN NC 5 65.56 -13.73 -46.00
N ILE NC 6 65.87 -13.17 -47.17
CA ILE NC 6 65.68 -13.91 -48.42
C ILE NC 6 66.54 -15.16 -48.44
N GLU NC 7 67.79 -15.05 -47.98
CA GLU NC 7 68.64 -16.22 -47.84
C GLU NC 7 67.95 -17.31 -47.02
N ARG NC 8 67.41 -16.92 -45.87
CA ARG NC 8 66.83 -17.90 -44.96
C ARG NC 8 65.57 -18.54 -45.57
N MET NC 9 64.66 -17.73 -46.11
CA MET NC 9 63.45 -18.30 -46.70
C MET NC 9 63.77 -19.17 -47.91
N ALA NC 10 64.73 -18.75 -48.73
CA ALA NC 10 65.11 -19.58 -49.86
C ALA NC 10 65.68 -20.92 -49.42
N ARG NC 11 66.53 -20.91 -48.39
CA ARG NC 11 67.07 -22.16 -47.90
C ARG NC 11 65.97 -23.07 -47.35
N LYS NC 12 65.02 -22.49 -46.60
CA LYS NC 12 63.91 -23.29 -46.08
C LYS NC 12 63.06 -23.86 -47.20
N GLY NC 13 62.77 -23.05 -48.22
CA GLY NC 13 61.97 -23.55 -49.33
C GLY NC 13 62.67 -24.66 -50.10
N VAL NC 14 63.97 -24.50 -50.33
CA VAL NC 14 64.73 -25.56 -51.01
C VAL NC 14 64.73 -26.82 -50.17
N ALA NC 15 64.91 -26.70 -48.86
CA ALA NC 15 64.90 -27.86 -47.98
C ALA NC 15 63.52 -28.52 -47.93
N PHE NC 16 62.45 -27.78 -48.17
CA PHE NC 16 61.12 -28.38 -48.15
C PHE NC 16 60.96 -29.44 -49.23
N PHE NC 17 61.03 -29.04 -50.50
CA PHE NC 17 60.74 -29.94 -51.60
C PHE NC 17 61.95 -30.77 -52.01
N THR NC 18 62.56 -31.49 -51.07
CA THR NC 18 63.72 -32.31 -51.39
C THR NC 18 63.57 -33.68 -50.76
N ASP NC 19 64.23 -34.66 -51.39
CA ASP NC 19 64.25 -36.03 -50.91
C ASP NC 19 65.66 -36.39 -50.48
N PRO NC 20 65.91 -36.70 -49.21
CA PRO NC 20 67.25 -37.08 -48.77
C PRO NC 20 67.58 -38.56 -49.03
N SER NC 21 67.24 -39.03 -50.23
CA SER NC 21 67.57 -40.38 -50.63
C SER NC 21 68.03 -40.48 -52.07
N ARG NC 22 68.14 -39.36 -52.80
CA ARG NC 22 68.61 -39.37 -54.17
C ARG NC 22 70.09 -39.01 -54.19
N PRO NC 23 70.97 -39.89 -54.65
CA PRO NC 23 72.40 -39.56 -54.68
C PRO NC 23 72.68 -38.48 -55.71
N MET NC 24 73.19 -37.35 -55.24
CA MET NC 24 73.46 -36.19 -56.09
C MET NC 24 74.86 -35.68 -55.78
N ASN NC 25 75.57 -35.29 -56.84
CA ASN NC 25 76.97 -34.90 -56.69
C ASN NC 25 77.31 -33.80 -57.67
N LEU NC 26 78.41 -33.10 -57.40
CA LEU NC 26 78.89 -32.00 -58.22
C LEU NC 26 80.35 -32.23 -58.56
N ILE NC 27 80.72 -31.96 -59.80
CA ILE NC 27 82.07 -32.17 -60.31
C ILE NC 27 82.59 -30.83 -60.83
N LYS NC 28 83.72 -30.38 -60.29
CA LYS NC 28 84.40 -29.18 -60.77
C LYS NC 28 85.79 -29.55 -61.29
N GLN NC 29 85.99 -29.48 -62.60
CA GLN NC 29 87.33 -29.60 -63.15
C GLN NC 29 87.88 -28.23 -63.49
N GLY NC 30 89.20 -28.11 -63.47
CA GLY NC 30 89.81 -26.83 -63.74
C GLY NC 30 91.31 -26.92 -63.77
N GLU NC 31 91.93 -25.80 -64.12
CA GLU NC 31 93.39 -25.64 -64.21
C GLU NC 31 93.97 -26.64 -65.22
N TYR NC 32 93.59 -26.44 -66.47
CA TYR NC 32 94.21 -27.13 -67.59
C TYR NC 32 95.45 -26.37 -68.04
N GLY NC 33 95.98 -26.71 -69.20
CA GLY NC 33 97.18 -26.08 -69.71
C GLY NC 33 98.03 -27.04 -70.51
N TYR NC 34 98.43 -26.62 -71.71
CA TYR NC 34 98.96 -27.56 -72.69
C TYR NC 34 100.47 -27.71 -72.57
N ASP NC 35 100.95 -28.87 -72.98
CA ASP NC 35 102.38 -29.16 -73.06
C ASP NC 35 103.00 -28.41 -74.24
N GLU NC 36 104.34 -28.35 -74.25
CA GLU NC 36 105.04 -27.70 -75.35
C GLU NC 36 104.75 -28.36 -76.69
N ASN NC 37 104.43 -29.65 -76.70
CA ASN NC 37 104.07 -30.34 -77.93
C ASN NC 37 102.60 -30.18 -78.29
N GLY NC 38 101.73 -29.93 -77.31
CA GLY NC 38 100.36 -29.57 -77.61
C GLY NC 38 99.32 -30.63 -77.27
N PHE NC 39 99.55 -31.42 -76.23
CA PHE NC 39 98.58 -32.41 -75.81
C PHE NC 39 98.90 -32.88 -74.40
N GLU NC 40 97.87 -32.96 -73.57
CA GLU NC 40 97.99 -33.40 -72.18
C GLU NC 40 96.57 -33.60 -71.64
N ILE NC 41 96.47 -34.00 -70.37
CA ILE NC 41 95.19 -34.27 -69.75
C ILE NC 41 95.11 -33.58 -68.38
N PRO NC 42 93.97 -33.01 -68.02
CA PRO NC 42 93.82 -32.39 -66.70
C PRO NC 42 93.50 -33.42 -65.64
N PRO NC 43 94.43 -33.71 -64.73
CA PRO NC 43 94.20 -34.76 -63.71
C PRO NC 43 93.60 -34.23 -62.40
N MET NC 44 92.33 -33.83 -62.46
CA MET NC 44 91.63 -33.43 -61.25
C MET NC 44 90.13 -33.57 -61.46
N GLU NC 45 89.45 -34.03 -60.42
CA GLU NC 45 88.01 -34.25 -60.46
C GLU NC 45 87.25 -33.28 -59.57
N GLN NC 46 87.59 -33.22 -58.28
CA GLN NC 46 86.94 -32.30 -57.33
C GLN NC 46 85.43 -32.56 -57.29
N VAL NC 47 85.10 -33.72 -56.73
CA VAL NC 47 83.72 -34.14 -56.49
C VAL NC 47 83.29 -33.67 -55.10
N ILE NC 48 82.05 -33.20 -55.01
CA ILE NC 48 81.48 -32.78 -53.72
C ILE NC 48 80.02 -33.21 -53.66
N PRO NC 49 79.54 -33.48 -52.45
CA PRO NC 49 78.11 -33.79 -52.29
C PRO NC 49 77.26 -32.52 -52.38
N ILE NC 50 75.98 -32.72 -52.71
CA ILE NC 50 75.05 -31.62 -52.85
C ILE NC 50 73.63 -32.19 -52.79
N SER NC 51 72.66 -31.33 -52.48
CA SER NC 51 71.26 -31.71 -52.43
C SER NC 51 70.41 -30.58 -52.98
N GLY NC 52 69.21 -30.93 -53.44
CA GLY NC 52 68.33 -29.95 -54.03
C GLY NC 52 67.10 -30.60 -54.60
N ALA NC 53 66.44 -29.86 -55.50
CA ALA NC 53 65.20 -30.31 -56.11
C ALA NC 53 65.25 -30.13 -57.62
N THR NC 54 64.40 -30.89 -58.32
CA THR NC 54 64.33 -30.87 -59.77
C THR NC 54 62.88 -30.75 -60.20
N ARG NC 55 62.68 -30.39 -61.47
CA ARG NC 55 61.32 -30.25 -62.00
C ARG NC 55 61.37 -30.27 -63.52
N ARG NC 56 60.22 -30.61 -64.11
CA ARG NC 56 59.97 -30.49 -65.53
C ARG NC 56 60.96 -31.32 -66.35
N PRO NC 57 60.89 -32.65 -66.29
CA PRO NC 57 61.74 -33.48 -67.17
C PRO NC 57 61.26 -33.43 -68.60
N ASN NC 58 62.18 -33.71 -69.53
CA ASN NC 58 61.87 -33.68 -70.95
C ASN NC 58 62.58 -34.82 -71.65
N ALA NC 59 61.90 -35.43 -72.62
CA ALA NC 59 62.53 -36.40 -73.49
C ALA NC 59 63.25 -35.68 -74.63
N ARG NC 60 64.16 -36.39 -75.28
CA ARG NC 60 64.98 -35.81 -76.34
C ARG NC 60 64.77 -36.60 -77.63
N GLU NC 61 64.49 -35.89 -78.71
CA GLU NC 61 64.32 -36.47 -80.03
C GLU NC 61 65.25 -35.73 -80.99
N ILE NC 62 66.05 -36.48 -81.74
CA ILE NC 62 67.02 -35.85 -82.64
C ILE NC 62 66.56 -35.94 -84.09
N ASP NC 63 66.52 -37.14 -84.65
CA ASP NC 63 66.00 -37.33 -86.00
C ASP NC 63 65.21 -38.63 -86.17
N GLY NC 64 64.95 -39.37 -85.10
CA GLY NC 64 64.20 -40.60 -85.18
C GLY NC 64 65.03 -41.87 -85.16
N GLU NC 65 66.21 -41.86 -84.55
CA GLU NC 65 67.02 -43.07 -84.44
C GLU NC 65 66.83 -43.82 -83.13
N THR NC 66 65.83 -43.44 -82.32
CA THR NC 66 65.55 -44.11 -81.05
C THR NC 66 66.76 -44.09 -80.13
N ILE NC 67 67.14 -42.88 -79.72
CA ILE NC 67 68.30 -42.74 -78.86
C ILE NC 67 67.92 -42.58 -77.38
N ARG NC 68 66.72 -42.06 -77.10
CA ARG NC 68 66.08 -42.17 -75.79
C ARG NC 68 66.92 -41.54 -74.67
N ALA NC 69 67.05 -40.22 -74.72
CA ALA NC 69 67.71 -39.44 -73.67
C ALA NC 69 66.74 -38.45 -73.06
N SER NC 70 67.15 -37.85 -71.94
CA SER NC 70 66.27 -36.96 -71.19
C SER NC 70 67.08 -35.79 -70.61
N ASP NC 71 66.36 -34.75 -70.21
CA ASP NC 71 66.95 -33.49 -69.76
C ASP NC 71 66.09 -32.89 -68.67
N ILE NC 72 66.70 -32.08 -67.80
CA ILE NC 72 66.11 -31.67 -66.52
C ILE NC 72 66.54 -30.24 -66.19
N LEU NC 73 65.70 -29.56 -65.39
CA LEU NC 73 66.03 -28.30 -64.74
C LEU NC 73 66.17 -28.53 -63.24
N GLY NC 74 66.85 -27.61 -62.56
CA GLY NC 74 67.09 -27.76 -61.14
C GLY NC 74 66.98 -26.47 -60.37
N ILE NC 75 66.85 -26.61 -59.05
CA ILE NC 75 66.91 -25.52 -58.09
C ILE NC 75 67.84 -25.95 -56.96
N PHE NC 76 68.68 -25.02 -56.50
CA PHE NC 76 69.72 -25.41 -55.56
C PHE NC 76 69.90 -24.32 -54.50
N ASN NC 77 70.86 -24.55 -53.61
CA ASN NC 77 71.15 -23.69 -52.48
C ASN NC 77 72.14 -22.61 -52.88
N ASN NC 78 72.66 -21.89 -51.88
CA ASN NC 78 73.66 -20.86 -52.08
C ASN NC 78 75.04 -21.28 -51.58
N ASP NC 79 75.36 -22.57 -51.68
CA ASP NC 79 76.62 -23.11 -51.21
C ASP NC 79 77.32 -23.83 -52.36
N HIS NC 80 78.65 -23.70 -52.40
CA HIS NC 80 79.47 -24.26 -53.48
C HIS NC 80 79.00 -23.71 -54.83
N GLU NC 81 79.20 -22.41 -54.98
CA GLU NC 81 78.68 -21.66 -56.13
C GLU NC 81 78.93 -22.41 -57.44
N ILE NC 82 77.95 -22.34 -58.32
CA ILE NC 82 77.98 -23.08 -59.57
C ILE NC 82 78.58 -22.19 -60.65
N ASN NC 83 79.32 -22.82 -61.57
CA ASN NC 83 79.88 -22.14 -62.72
C ASN NC 83 79.13 -22.54 -63.97
N GLU NC 84 79.55 -21.99 -65.10
CA GLU NC 84 78.86 -22.18 -66.36
C GLU NC 84 79.22 -23.49 -67.05
N GLY NC 85 80.19 -24.26 -66.52
CA GLY NC 85 80.61 -25.47 -67.18
C GLY NC 85 80.88 -26.65 -66.27
N ASP NC 86 80.15 -26.75 -65.17
CA ASP NC 86 80.37 -27.81 -64.19
C ASP NC 86 79.51 -29.02 -64.51
N TYR NC 87 79.82 -30.13 -63.83
CA TYR NC 87 79.08 -31.37 -64.04
C TYR NC 87 78.25 -31.67 -62.81
N ILE NC 88 77.08 -32.27 -63.01
CA ILE NC 88 76.19 -32.67 -61.93
C ILE NC 88 75.79 -34.12 -62.13
N GLU NC 89 75.99 -34.94 -61.10
CA GLU NC 89 75.66 -36.35 -61.15
C GLU NC 89 74.33 -36.56 -60.42
N ILE NC 90 73.36 -37.15 -61.13
CA ILE NC 90 72.01 -37.35 -60.63
C ILE NC 90 71.68 -38.83 -60.72
N ASP NC 91 71.91 -39.57 -59.63
CA ASP NC 91 71.50 -40.97 -59.53
C ASP NC 91 72.10 -41.81 -60.67
N GLY NC 92 73.42 -41.84 -60.74
CA GLY NC 92 74.11 -42.62 -61.75
C GLY NC 92 74.16 -41.98 -63.12
N ILE NC 93 73.51 -40.84 -63.33
CA ILE NC 93 73.44 -40.19 -64.62
C ILE NC 93 74.07 -38.82 -64.51
N ARG NC 94 74.97 -38.51 -65.43
CA ARG NC 94 75.67 -37.23 -65.44
C ARG NC 94 74.98 -36.23 -66.35
N HIS NC 95 75.14 -34.95 -66.03
CA HIS NC 95 74.64 -33.86 -66.83
C HIS NC 95 75.62 -32.71 -66.74
N VAL NC 96 75.56 -31.81 -67.73
CA VAL NC 96 76.39 -30.61 -67.76
C VAL NC 96 75.50 -29.41 -67.51
N VAL NC 97 76.00 -28.47 -66.69
CA VAL NC 97 75.27 -27.25 -66.40
C VAL NC 97 75.43 -26.27 -67.56
N VAL NC 98 74.37 -26.07 -68.34
CA VAL NC 98 74.50 -25.14 -69.47
C VAL NC 98 74.28 -23.70 -69.01
N ASP NC 99 73.18 -23.43 -68.33
CA ASP NC 99 72.92 -22.11 -67.76
C ASP NC 99 72.78 -22.27 -66.26
N ALA NC 100 73.33 -21.30 -65.53
CA ALA NC 100 73.24 -21.31 -64.07
C ALA NC 100 71.96 -20.65 -63.57
N ARG NC 101 71.62 -19.49 -64.14
CA ARG NC 101 70.49 -18.68 -63.68
C ARG NC 101 70.54 -18.44 -62.17
N PRO NC 102 71.46 -17.60 -61.69
CA PRO NC 102 71.43 -17.23 -60.28
C PRO NC 102 70.24 -16.32 -60.00
N VAL NC 103 69.34 -16.76 -59.13
CA VAL NC 103 68.27 -15.87 -58.72
C VAL NC 103 68.88 -14.80 -57.84
N GLN NC 104 68.97 -13.58 -58.37
CA GLN NC 104 69.78 -12.56 -57.75
C GLN NC 104 69.24 -11.17 -58.06
N ALA NC 105 69.26 -10.32 -57.04
CA ALA NC 105 69.17 -8.89 -57.23
C ALA NC 105 70.35 -8.20 -56.56
N SER NC 106 71.25 -8.95 -55.93
CA SER NC 106 72.37 -8.40 -55.19
C SER NC 106 73.55 -9.37 -55.34
N LEU NC 107 74.60 -9.11 -54.56
CA LEU NC 107 75.76 -9.98 -54.58
C LEU NC 107 75.54 -11.18 -53.65
N GLU NC 108 76.39 -12.20 -53.80
CA GLU NC 108 76.19 -13.48 -53.14
C GLU NC 108 74.78 -14.00 -53.42
N PRO NC 109 74.52 -14.49 -54.64
CA PRO NC 109 73.14 -14.82 -55.02
C PRO NC 109 72.52 -15.83 -54.07
N VAL NC 110 71.22 -15.67 -53.84
CA VAL NC 110 70.56 -16.43 -52.79
C VAL NC 110 70.36 -17.88 -53.20
N ALA NC 111 70.24 -18.15 -54.50
CA ALA NC 111 70.04 -19.51 -54.97
C ALA NC 111 70.31 -19.56 -56.47
N TYR NC 112 70.34 -20.77 -57.01
CA TYR NC 112 70.55 -21.00 -58.43
C TYR NC 112 69.42 -21.85 -58.99
N ARG NC 113 69.11 -21.63 -60.26
CA ARG NC 113 68.09 -22.39 -60.98
C ARG NC 113 68.68 -22.87 -62.30
N PRO NC 114 69.64 -23.79 -62.26
CA PRO NC 114 70.37 -24.16 -63.47
C PRO NC 114 69.57 -25.10 -64.36
N VAL NC 115 70.04 -25.21 -65.61
CA VAL NC 115 69.51 -26.16 -66.57
C VAL NC 115 70.60 -27.19 -66.86
N LEU NC 116 70.24 -28.47 -66.79
CA LEU NC 116 71.18 -29.56 -66.94
C LEU NC 116 70.85 -30.33 -68.20
N ARG NC 117 71.84 -30.50 -69.06
CA ARG NC 117 71.65 -31.28 -70.28
C ARG NC 117 72.47 -32.55 -70.19
N ARG NC 118 71.87 -33.66 -70.59
CA ARG NC 118 72.51 -34.96 -70.42
C ARG NC 118 73.78 -35.03 -71.27
N VAL NC 119 74.83 -35.61 -70.68
CA VAL NC 119 76.15 -35.67 -71.32
C VAL NC 119 76.07 -36.63 -72.50
N SER NC 120 77.09 -36.59 -73.37
CA SER NC 120 77.11 -37.31 -74.64
C SER NC 120 75.96 -36.78 -75.49
N VAL NC 121 75.10 -37.62 -76.06
CA VAL NC 121 73.98 -37.15 -76.86
C VAL NC 121 72.72 -37.92 -76.50
N MET OC 1 56.94 -32.43 -48.03
CA MET OC 1 57.62 -33.69 -47.79
C MET OC 1 56.62 -34.83 -47.86
N ASN OC 2 57.02 -35.98 -47.30
CA ASN OC 2 56.11 -37.11 -47.07
C ASN OC 2 55.42 -37.47 -48.39
N TYR OC 3 56.18 -38.01 -49.34
CA TYR OC 3 55.64 -38.31 -50.65
C TYR OC 3 54.63 -39.45 -50.64
N SER OC 4 54.50 -40.15 -49.50
CA SER OC 4 53.48 -41.19 -49.41
C SER OC 4 52.08 -40.63 -49.61
N GLN OC 5 51.76 -39.52 -48.96
CA GLN OC 5 50.44 -38.91 -49.13
C GLN OC 5 50.19 -38.53 -50.58
N ILE OC 6 51.22 -38.01 -51.24
CA ILE OC 6 51.13 -37.68 -52.66
C ILE OC 6 50.80 -38.94 -53.46
N GLU OC 7 51.45 -40.06 -53.13
CA GLU OC 7 51.18 -41.32 -53.81
C GLU OC 7 49.72 -41.74 -53.62
N ARG OC 8 49.22 -41.66 -52.39
CA ARG OC 8 47.84 -42.02 -52.12
C ARG OC 8 46.88 -41.17 -52.95
N MET OC 9 47.05 -39.85 -52.93
CA MET OC 9 46.16 -38.98 -53.67
C MET OC 9 46.25 -39.22 -55.17
N ALA OC 10 47.45 -39.46 -55.69
CA ALA OC 10 47.60 -39.73 -57.11
C ALA OC 10 46.88 -41.02 -57.50
N ARG OC 11 47.02 -42.07 -56.70
CA ARG OC 11 46.35 -43.32 -57.01
C ARG OC 11 44.84 -43.15 -56.98
N LYS OC 12 44.33 -42.43 -55.98
CA LYS OC 12 42.88 -42.20 -55.91
C LYS OC 12 42.38 -41.38 -57.09
N GLY OC 13 43.12 -40.34 -57.47
CA GLY OC 13 42.72 -39.53 -58.61
C GLY OC 13 42.70 -40.33 -59.90
N VAL OC 14 43.72 -41.17 -60.10
CA VAL OC 14 43.74 -42.03 -61.30
C VAL OC 14 42.56 -42.99 -61.27
N ALA OC 15 42.28 -43.58 -60.12
CA ALA OC 15 41.16 -44.52 -60.01
C ALA OC 15 39.81 -43.83 -60.19
N PHE OC 16 39.74 -42.51 -60.00
CA PHE OC 16 38.46 -41.83 -60.15
C PHE OC 16 38.02 -41.77 -61.61
N PHE OC 17 38.80 -41.09 -62.45
CA PHE OC 17 38.42 -40.89 -63.86
C PHE OC 17 38.79 -42.10 -64.72
N THR OC 18 38.32 -43.29 -64.38
CA THR OC 18 38.66 -44.48 -65.14
C THR OC 18 37.43 -45.33 -65.37
N ASP OC 19 37.50 -46.17 -66.41
CA ASP OC 19 36.44 -47.10 -66.76
C ASP OC 19 36.96 -48.52 -66.66
N PRO OC 20 36.35 -49.39 -65.86
CA PRO OC 20 36.77 -50.79 -65.76
C PRO OC 20 36.19 -51.68 -66.86
N SER OC 21 36.17 -51.16 -68.09
CA SER OC 21 35.67 -51.92 -69.22
C SER OC 21 36.50 -51.78 -70.48
N ARG OC 22 37.63 -51.07 -70.44
CA ARG OC 22 38.50 -50.93 -71.60
C ARG OC 22 39.73 -51.80 -71.41
N PRO OC 23 39.93 -52.83 -72.22
CA PRO OC 23 41.13 -53.66 -72.07
C PRO OC 23 42.39 -52.89 -72.46
N MET OC 24 43.34 -52.82 -71.53
CA MET OC 24 44.61 -52.17 -71.78
C MET OC 24 45.74 -53.12 -71.40
N ASN OC 25 46.71 -53.23 -72.30
CA ASN OC 25 47.82 -54.17 -72.09
C ASN OC 25 49.13 -53.44 -72.31
N LEU OC 26 50.21 -54.07 -71.82
CA LEU OC 26 51.54 -53.49 -71.87
C LEU OC 26 52.51 -54.53 -72.38
N ILE OC 27 53.27 -54.16 -73.41
CA ILE OC 27 54.23 -55.05 -74.07
C ILE OC 27 55.63 -54.50 -73.83
N LYS OC 28 56.48 -55.31 -73.20
CA LYS OC 28 57.90 -54.98 -73.01
C LYS OC 28 58.75 -55.97 -73.80
N GLN OC 29 59.42 -55.48 -74.83
CA GLN OC 29 60.45 -56.26 -75.50
C GLN OC 29 61.82 -55.82 -75.04
N GLY OC 30 62.76 -56.76 -75.01
CA GLY OC 30 64.10 -56.44 -74.57
C GLY OC 30 65.04 -57.61 -74.73
N GLU OC 31 66.33 -57.31 -74.54
CA GLU OC 31 67.41 -58.29 -74.60
C GLU OC 31 67.45 -58.98 -75.97
N TYR OC 32 67.73 -58.16 -76.98
CA TYR OC 32 68.05 -58.65 -78.32
C TYR OC 32 69.54 -59.02 -78.38
N GLY OC 33 70.06 -59.17 -79.58
CA GLY OC 33 71.47 -59.38 -79.79
C GLY OC 33 71.76 -60.30 -80.96
N TYR OC 34 72.60 -59.84 -81.87
CA TYR OC 34 72.69 -60.44 -83.19
C TYR OC 34 73.48 -61.73 -83.18
N ASP OC 35 73.18 -62.57 -84.16
CA ASP OC 35 73.87 -63.83 -84.39
C ASP OC 35 75.29 -63.54 -84.91
N GLU OC 36 76.14 -64.57 -84.88
CA GLU OC 36 77.51 -64.39 -85.36
C GLU OC 36 77.56 -63.97 -86.83
N ASN OC 37 76.51 -64.23 -87.60
CA ASN OC 37 76.43 -63.78 -88.98
C ASN OC 37 75.73 -62.44 -89.14
N GLY OC 38 74.91 -62.04 -88.17
CA GLY OC 38 74.36 -60.70 -88.16
C GLY OC 38 72.86 -60.60 -88.38
N PHE OC 39 72.10 -61.59 -87.93
CA PHE OC 39 70.66 -61.55 -88.08
C PHE OC 39 70.01 -62.57 -87.15
N GLU OC 40 69.00 -62.12 -86.41
CA GLU OC 40 68.22 -62.96 -85.51
C GLU OC 40 67.01 -62.15 -85.06
N ILE OC 41 66.19 -62.75 -84.21
CA ILE OC 41 64.95 -62.11 -83.75
C ILE OC 41 64.83 -62.24 -82.24
N PRO OC 42 64.43 -61.19 -81.53
CA PRO OC 42 64.24 -61.30 -80.09
C PRO OC 42 62.90 -61.92 -79.76
N PRO OC 43 62.88 -63.15 -79.24
CA PRO OC 43 61.61 -63.87 -78.99
C PRO OC 43 61.08 -63.68 -77.57
N MET OC 44 60.52 -62.49 -77.30
CA MET OC 44 59.85 -62.26 -76.02
C MET OC 44 58.78 -61.19 -76.20
N GLU OC 45 57.69 -61.36 -75.46
CA GLU OC 45 56.57 -60.43 -75.52
C GLU OC 45 56.40 -59.64 -74.24
N GLN OC 46 56.27 -60.32 -73.09
CA GLN OC 46 56.11 -59.66 -71.79
C GLN OC 46 54.88 -58.74 -71.81
N VAL OC 47 53.73 -59.41 -71.86
CA VAL OC 47 52.42 -58.75 -71.83
C VAL OC 47 51.91 -58.71 -70.39
N ILE OC 48 51.46 -57.53 -69.96
CA ILE OC 48 50.91 -57.35 -68.61
C ILE OC 48 49.69 -56.44 -68.69
N PRO OC 49 48.60 -56.85 -68.04
CA PRO OC 49 47.40 -56.01 -68.01
C PRO OC 49 47.63 -54.70 -67.27
N ILE OC 50 47.03 -53.64 -67.81
CA ILE OC 50 47.20 -52.28 -67.28
C ILE OC 50 45.82 -51.60 -67.29
N SER OC 51 45.65 -50.60 -66.43
CA SER OC 51 44.45 -49.77 -66.41
C SER OC 51 44.85 -48.31 -66.28
N GLY OC 52 43.99 -47.43 -66.76
CA GLY OC 52 44.28 -46.01 -66.70
C GLY OC 52 43.23 -45.19 -67.43
N ALA OC 53 43.58 -43.93 -67.70
CA ALA OC 53 42.69 -42.99 -68.35
C ALA OC 53 43.41 -42.28 -69.50
N THR OC 54 42.63 -41.74 -70.42
CA THR OC 54 43.15 -41.07 -71.61
C THR OC 54 42.49 -39.70 -71.77
N ARG OC 55 43.18 -38.82 -72.48
CA ARG OC 55 42.65 -37.48 -72.73
C ARG OC 55 43.32 -36.90 -73.97
N ARG OC 56 42.68 -35.86 -74.52
CA ARG OC 56 43.20 -35.06 -75.63
C ARG OC 56 43.50 -35.91 -76.86
N PRO OC 57 42.49 -36.45 -77.54
CA PRO OC 57 42.74 -37.14 -78.80
C PRO OC 57 43.14 -36.15 -79.88
N ASN OC 58 43.94 -36.63 -80.83
CA ASN OC 58 44.35 -35.79 -81.94
C ASN OC 58 44.42 -36.64 -83.20
N ALA OC 59 44.17 -36.02 -84.35
CA ALA OC 59 44.27 -36.72 -85.61
C ALA OC 59 45.69 -36.63 -86.17
N ARG OC 60 45.99 -37.50 -87.13
CA ARG OC 60 47.29 -37.56 -87.78
C ARG OC 60 47.10 -37.25 -89.25
N GLU OC 61 47.90 -36.31 -89.76
CA GLU OC 61 47.81 -35.89 -91.15
C GLU OC 61 49.21 -35.80 -91.73
N ILE OC 62 49.44 -36.46 -92.86
CA ILE OC 62 50.78 -36.51 -93.44
C ILE OC 62 50.88 -35.59 -94.66
N ASP OC 63 50.19 -35.92 -95.75
CA ASP OC 63 50.20 -35.08 -96.93
C ASP OC 63 48.86 -35.03 -97.66
N GLY OC 64 47.75 -35.32 -96.98
CA GLY OC 64 46.46 -35.43 -97.63
C GLY OC 64 46.14 -36.80 -98.17
N GLU OC 65 46.82 -37.84 -97.69
CA GLU OC 65 46.79 -39.14 -98.36
C GLU OC 65 45.65 -40.02 -97.87
N THR OC 66 44.85 -39.54 -96.92
CA THR OC 66 43.70 -40.26 -96.37
C THR OC 66 44.10 -41.58 -95.71
N ILE OC 67 44.78 -41.47 -94.57
CA ILE OC 67 45.14 -42.65 -93.80
C ILE OC 67 44.36 -42.77 -92.50
N ARG OC 68 43.94 -41.66 -91.91
CA ARG OC 68 43.00 -41.65 -90.78
C ARG OC 68 43.57 -42.39 -89.55
N ALA OC 69 44.61 -41.81 -88.96
CA ALA OC 69 45.19 -42.32 -87.72
C ALA OC 69 45.03 -41.29 -86.60
N SER OC 70 45.23 -41.73 -85.37
CA SER OC 70 45.02 -40.86 -84.21
C SER OC 70 46.10 -41.10 -83.16
N ASP OC 71 46.23 -40.13 -82.25
CA ASP OC 71 47.21 -40.17 -81.17
C ASP OC 71 46.58 -39.65 -79.89
N ILE OC 72 47.09 -40.14 -78.76
CA ILE OC 72 46.48 -39.92 -77.44
C ILE OC 72 47.59 -39.78 -76.40
N LEU OC 73 47.26 -39.17 -75.26
CA LEU OC 73 48.10 -39.15 -74.07
C LEU OC 73 47.45 -39.99 -72.98
N GLY OC 74 48.23 -40.35 -71.96
CA GLY OC 74 47.73 -41.22 -70.92
C GLY OC 74 48.17 -40.77 -69.54
N ILE OC 75 47.49 -41.33 -68.53
CA ILE OC 75 47.85 -41.18 -67.13
C ILE OC 75 47.83 -42.57 -66.51
N PHE OC 76 48.89 -42.93 -65.79
CA PHE OC 76 49.02 -44.29 -65.30
C PHE OC 76 49.58 -44.27 -63.88
N ASN OC 77 49.52 -45.43 -63.24
CA ASN OC 77 49.96 -45.62 -61.86
C ASN OC 77 51.46 -45.89 -61.82
N ASN OC 78 51.96 -46.22 -60.62
CA ASN OC 78 53.40 -46.35 -60.39
C ASN OC 78 53.85 -47.80 -60.24
N ASP OC 79 53.17 -48.74 -60.89
CA ASP OC 79 53.61 -50.12 -60.94
C ASP OC 79 53.75 -50.55 -62.40
N HIS OC 80 54.67 -51.49 -62.64
CA HIS OC 80 55.10 -51.84 -64.01
C HIS OC 80 55.62 -50.59 -64.72
N GLU OC 81 56.74 -50.10 -64.21
CA GLU OC 81 57.32 -48.85 -64.68
C GLU OC 81 57.39 -48.77 -66.20
N ILE OC 82 57.25 -47.57 -66.73
CA ILE OC 82 57.24 -47.35 -68.16
C ILE OC 82 58.62 -46.89 -68.60
N ASN OC 83 59.24 -47.65 -69.48
CA ASN OC 83 60.47 -47.25 -70.13
C ASN OC 83 60.14 -46.46 -71.40
N GLU OC 84 61.17 -46.04 -72.10
CA GLU OC 84 61.00 -45.03 -73.14
C GLU OC 84 60.55 -45.63 -74.48
N GLY OC 85 60.43 -46.96 -74.59
CA GLY OC 85 60.08 -47.56 -75.86
C GLY OC 85 59.11 -48.72 -75.80
N ASP OC 86 58.20 -48.71 -74.84
CA ASP OC 86 57.29 -49.82 -74.65
C ASP OC 86 56.04 -49.67 -75.52
N TYR OC 87 55.30 -50.77 -75.63
CA TYR OC 87 54.07 -50.80 -76.41
C TYR OC 87 52.87 -50.82 -75.48
N ILE OC 88 51.85 -50.01 -75.81
CA ILE OC 88 50.61 -49.96 -75.05
C ILE OC 88 49.48 -50.39 -75.97
N GLU OC 89 48.76 -51.43 -75.56
CA GLU OC 89 47.64 -51.97 -76.31
C GLU OC 89 46.36 -51.37 -75.77
N ILE OC 90 45.69 -50.55 -76.58
CA ILE OC 90 44.49 -49.82 -76.19
C ILE OC 90 43.37 -50.24 -77.14
N ASP OC 91 42.52 -51.17 -76.69
CA ASP OC 91 41.29 -51.52 -77.40
C ASP OC 91 41.56 -51.92 -78.85
N GLY OC 92 42.49 -52.84 -79.04
CA GLY OC 92 42.76 -53.37 -80.36
C GLY OC 92 43.78 -52.60 -81.17
N ILE OC 93 44.24 -51.45 -80.70
CA ILE OC 93 45.19 -50.62 -81.43
C ILE OC 93 46.43 -50.44 -80.56
N ARG OC 94 47.60 -50.72 -81.13
CA ARG OC 94 48.87 -50.58 -80.44
C ARG OC 94 49.39 -49.16 -80.57
N HIS OC 95 50.15 -48.73 -79.56
CA HIS OC 95 50.81 -47.44 -79.58
C HIS OC 95 52.20 -47.60 -78.98
N VAL OC 96 53.10 -46.69 -79.35
CA VAL OC 96 54.44 -46.64 -78.81
C VAL OC 96 54.53 -45.48 -77.83
N VAL OC 97 55.13 -45.75 -76.66
CA VAL OC 97 55.37 -44.71 -75.67
C VAL OC 97 56.50 -43.82 -76.16
N VAL OC 98 56.19 -42.62 -76.62
CA VAL OC 98 57.23 -41.75 -77.18
C VAL OC 98 57.94 -41.00 -76.06
N ASP OC 99 57.20 -40.48 -75.09
CA ASP OC 99 57.78 -39.86 -73.91
C ASP OC 99 57.02 -40.39 -72.69
N ALA OC 100 57.75 -40.68 -71.62
CA ALA OC 100 57.15 -41.25 -70.42
C ALA OC 100 56.63 -40.17 -69.49
N ARG OC 101 57.46 -39.15 -69.21
CA ARG OC 101 57.08 -38.05 -68.33
C ARG OC 101 56.58 -38.52 -66.96
N PRO OC 102 57.47 -39.00 -66.09
CA PRO OC 102 57.06 -39.27 -64.71
C PRO OC 102 56.78 -37.97 -63.97
N VAL OC 103 55.65 -37.90 -63.29
CA VAL OC 103 55.37 -36.76 -62.43
C VAL OC 103 56.22 -36.89 -61.18
N GLN OC 104 57.33 -36.16 -61.15
CA GLN OC 104 58.39 -36.44 -60.19
C GLN OC 104 58.83 -35.18 -59.49
N ALA OC 105 59.14 -35.34 -58.21
CA ALA OC 105 59.96 -34.39 -57.47
C ALA OC 105 60.96 -35.13 -56.59
N SER OC 106 61.00 -36.46 -56.68
CA SER OC 106 61.83 -37.29 -55.82
C SER OC 106 61.97 -38.66 -56.47
N LEU OC 107 62.66 -39.56 -55.78
CA LEU OC 107 62.85 -40.91 -56.26
C LEU OC 107 61.53 -41.68 -56.19
N GLU OC 108 61.45 -42.78 -56.95
CA GLU OC 108 60.26 -43.61 -57.05
C GLU OC 108 59.05 -42.77 -57.45
N PRO OC 109 58.97 -42.38 -58.73
CA PRO OC 109 57.91 -41.47 -59.16
C PRO OC 109 56.52 -42.02 -58.87
N VAL OC 110 55.59 -41.11 -58.58
CA VAL OC 110 54.28 -41.53 -58.09
C VAL OC 110 53.35 -41.89 -59.23
N ALA OC 111 53.56 -41.32 -60.41
CA ALA OC 111 52.70 -41.61 -61.55
C ALA OC 111 53.43 -41.22 -62.84
N TYR OC 112 52.93 -41.73 -63.96
CA TYR OC 112 53.45 -41.39 -65.27
C TYR OC 112 52.35 -40.74 -66.09
N ARG OC 113 52.75 -39.79 -66.94
CA ARG OC 113 51.84 -39.09 -67.83
C ARG OC 113 52.37 -39.18 -69.25
N PRO OC 114 52.39 -40.38 -69.82
CA PRO OC 114 53.09 -40.58 -71.09
C PRO OC 114 52.28 -40.09 -72.28
N VAL OC 115 52.97 -40.01 -73.41
CA VAL OC 115 52.37 -39.69 -74.70
C VAL OC 115 52.53 -40.91 -75.60
N LEU OC 116 51.44 -41.34 -76.22
CA LEU OC 116 51.44 -42.54 -77.05
C LEU OC 116 51.17 -42.12 -78.49
N ARG OC 117 52.02 -42.57 -79.41
CA ARG OC 117 51.76 -42.35 -80.83
C ARG OC 117 51.52 -43.68 -81.52
N ARG OC 118 50.57 -43.69 -82.45
CA ARG OC 118 50.14 -44.93 -83.06
C ARG OC 118 51.26 -45.55 -83.88
N VAL OC 119 51.31 -46.88 -83.88
CA VAL OC 119 52.36 -47.64 -84.53
C VAL OC 119 52.18 -47.56 -86.04
N SER OC 120 53.19 -47.97 -86.79
CA SER OC 120 53.24 -47.85 -88.25
C SER OC 120 53.24 -46.36 -88.58
N VAL OC 121 52.29 -45.85 -89.38
CA VAL OC 121 52.22 -44.42 -89.61
C VAL OC 121 50.77 -43.95 -89.50
N SER PC 37 44.01 -21.41 31.09
CA SER PC 37 44.66 -20.17 30.69
C SER PC 37 45.51 -19.61 31.83
N PRO PC 38 46.69 -19.09 31.49
CA PRO PC 38 47.54 -18.46 32.51
C PRO PC 38 46.83 -17.25 33.13
N LYS PC 39 46.86 -17.19 34.45
CA LYS PC 39 46.25 -16.11 35.20
C LYS PC 39 47.19 -15.69 36.32
N PRO PC 40 47.14 -14.43 36.74
CA PRO PC 40 48.00 -13.99 37.84
C PRO PC 40 47.65 -14.71 39.13
N PHE PC 41 48.69 -15.01 39.91
CA PHE PC 41 48.52 -15.86 41.08
C PHE PC 41 47.73 -15.15 42.18
N PHE PC 42 47.92 -13.83 42.32
CA PHE PC 42 47.19 -13.10 43.35
C PHE PC 42 45.70 -13.03 43.02
N MET PC 43 45.34 -13.23 41.75
CA MET PC 43 43.95 -13.40 41.36
C MET PC 43 43.66 -14.89 41.28
N SER PC 44 43.47 -15.51 42.46
CA SER PC 44 43.19 -16.93 42.50
C SER PC 44 41.93 -17.26 41.71
N ASP PC 45 41.98 -18.38 40.97
CA ASP PC 45 40.97 -18.74 40.00
C ASP PC 45 39.81 -19.43 40.71
N ALA PC 46 38.73 -18.69 40.94
CA ALA PC 46 37.51 -19.23 41.55
C ALA PC 46 36.31 -18.43 41.02
N SER PC 47 35.72 -18.93 39.94
CA SER PC 47 34.50 -18.36 39.34
C SER PC 47 34.63 -16.87 39.03
N TYR PC 48 35.84 -16.38 38.75
CA TYR PC 48 35.93 -14.98 38.37
C TYR PC 48 35.35 -14.72 36.99
N HIS PC 49 35.11 -15.75 36.17
CA HIS PC 49 34.43 -15.50 34.90
C HIS PC 49 33.03 -14.95 35.15
N VAL PC 50 32.24 -15.65 35.97
CA VAL PC 50 30.90 -15.19 36.28
C VAL PC 50 30.96 -13.96 37.20
N GLY PC 51 31.99 -13.87 38.05
CA GLY PC 51 32.13 -12.69 38.89
C GLY PC 51 32.36 -11.43 38.10
N SER PC 52 33.25 -11.49 37.11
CA SER PC 52 33.51 -10.35 36.24
C SER PC 52 32.31 -10.05 35.36
N PHE PC 53 31.61 -11.10 34.91
CA PHE PC 53 30.39 -10.88 34.15
C PHE PC 53 29.40 -10.09 34.99
N TYR PC 54 29.25 -10.47 36.25
CA TYR PC 54 28.34 -9.76 37.15
C TYR PC 54 28.78 -8.32 37.36
N ASN PC 55 30.03 -8.11 37.73
CA ASN PC 55 30.46 -6.76 38.08
C ASN PC 55 30.67 -5.87 36.86
N ASP PC 56 30.64 -6.43 35.64
CA ASP PC 56 30.80 -5.64 34.43
C ASP PC 56 29.45 -5.37 33.76
N ASN PC 57 28.69 -6.40 33.42
CA ASN PC 57 27.44 -6.22 32.70
C ASN PC 57 26.38 -5.65 33.62
N ALA PC 58 25.49 -4.83 33.04
CA ALA PC 58 24.44 -4.16 33.80
C ALA PC 58 23.14 -4.94 33.86
N THR PC 59 22.76 -5.63 32.77
CA THR PC 59 21.54 -6.42 32.79
C THR PC 59 21.63 -7.54 33.81
N ALA PC 60 22.79 -8.17 33.93
CA ALA PC 60 22.99 -9.17 34.99
C ALA PC 60 22.84 -8.54 36.37
N LYS PC 61 23.42 -7.35 36.55
CA LYS PC 61 23.26 -6.61 37.79
C LYS PC 61 21.79 -6.45 38.15
N ARG PC 62 20.99 -5.97 37.20
CA ARG PC 62 19.57 -5.78 37.46
C ARG PC 62 18.88 -7.10 37.78
N ILE PC 63 19.10 -8.12 36.95
CA ILE PC 63 18.35 -9.37 37.11
C ILE PC 63 18.71 -10.07 38.41
N VAL PC 64 19.89 -9.81 38.97
CA VAL PC 64 20.26 -10.45 40.22
C VAL PC 64 19.92 -9.61 41.45
N ASP PC 65 19.91 -8.27 41.34
CA ASP PC 65 19.61 -7.45 42.50
C ASP PC 65 18.18 -6.93 42.56
N VAL PC 66 17.33 -7.23 41.57
CA VAL PC 66 15.99 -6.66 41.58
C VAL PC 66 15.15 -7.26 42.71
N ILE PC 67 15.24 -8.57 42.91
CA ILE PC 67 14.31 -9.27 43.81
C ILE PC 67 14.71 -9.13 45.27
N PRO PC 68 15.93 -9.50 45.69
CA PRO PC 68 16.22 -9.54 47.14
C PRO PC 68 16.06 -8.21 47.84
N GLU PC 69 16.44 -7.10 47.19
CA GLU PC 69 16.36 -5.80 47.85
C GLU PC 69 14.92 -5.41 48.10
N GLU PC 70 14.06 -5.54 47.10
CA GLU PC 70 12.65 -5.22 47.31
C GLU PC 70 12.03 -6.19 48.31
N MET PC 71 12.45 -7.46 48.27
CA MET PC 71 11.95 -8.44 49.22
C MET PC 71 12.20 -8.01 50.65
N VAL PC 72 13.44 -7.62 50.95
CA VAL PC 72 13.75 -7.24 52.33
C VAL PC 72 13.10 -5.90 52.68
N THR PC 73 13.11 -4.94 51.76
CA THR PC 73 12.57 -3.62 52.08
C THR PC 73 11.05 -3.60 52.14
N ALA PC 74 10.38 -4.66 51.70
CA ALA PC 74 8.92 -4.71 51.82
C ALA PC 74 8.46 -4.63 53.27
N GLY PC 75 9.24 -5.18 54.21
CA GLY PC 75 8.89 -5.12 55.61
C GLY PC 75 7.96 -6.24 56.03
N PHE PC 76 7.74 -6.31 57.35
CA PHE PC 76 6.91 -7.35 57.94
C PHE PC 76 6.34 -6.83 59.25
N LYS PC 77 5.41 -7.61 59.82
CA LYS PC 77 4.82 -7.28 61.10
C LYS PC 77 4.74 -8.55 61.95
N ILE PC 78 4.72 -8.37 63.26
CA ILE PC 78 4.75 -9.49 64.20
C ILE PC 78 3.56 -9.38 65.14
N SER PC 79 2.97 -10.52 65.46
CA SER PC 79 1.83 -10.61 66.35
C SER PC 79 2.18 -11.49 67.54
N GLY PC 80 1.44 -11.29 68.63
CA GLY PC 80 1.71 -12.00 69.87
C GLY PC 80 2.69 -11.31 70.79
N VAL PC 81 3.25 -10.18 70.39
CA VAL PC 81 4.19 -9.42 71.20
C VAL PC 81 3.41 -8.36 71.97
N LYS PC 82 3.93 -8.00 73.15
CA LYS PC 82 3.26 -7.00 73.97
C LYS PC 82 3.19 -5.64 73.28
N ASP PC 83 4.26 -5.24 72.60
CA ASP PC 83 4.27 -3.97 71.89
C ASP PC 83 5.30 -4.05 70.78
N GLU PC 84 5.14 -3.16 69.79
CA GLU PC 84 6.00 -3.16 68.60
C GLU PC 84 6.92 -1.95 68.52
N LYS PC 85 6.67 -0.90 69.30
CA LYS PC 85 7.55 0.27 69.29
C LYS PC 85 8.96 -0.12 69.73
N GLU PC 86 9.07 -0.81 70.86
CA GLU PC 86 10.36 -1.30 71.32
C GLU PC 86 10.95 -2.33 70.37
N PHE PC 87 10.11 -3.14 69.72
CA PHE PC 87 10.61 -4.07 68.71
C PHE PC 87 11.31 -3.34 67.58
N LYS PC 88 10.67 -2.31 67.05
CA LYS PC 88 11.28 -1.53 65.99
C LYS PC 88 12.53 -0.80 66.48
N SER PC 89 12.51 -0.32 67.73
CA SER PC 89 13.67 0.35 68.30
C SER PC 89 14.88 -0.58 68.34
N LEU PC 90 14.69 -1.80 68.87
CA LEU PC 90 15.79 -2.75 68.91
C LEU PC 90 16.20 -3.18 67.50
N TRP PC 91 15.23 -3.31 66.60
CA TRP PC 91 15.54 -3.75 65.23
C TRP PC 91 16.45 -2.74 64.53
N ASP PC 92 16.05 -1.47 64.51
CA ASP PC 92 16.91 -0.49 63.86
C ASP PC 92 18.10 -0.07 64.71
N SER PC 93 18.15 -0.49 65.98
CA SER PC 93 19.39 -0.39 66.73
C SER PC 93 20.40 -1.40 66.23
N TYR PC 94 19.98 -2.64 66.00
CA TYR PC 94 20.90 -3.64 65.46
C TYR PC 94 21.25 -3.37 64.01
N LYS PC 95 20.31 -2.83 63.23
CA LYS PC 95 20.54 -2.33 61.86
C LYS PC 95 21.38 -3.30 61.03
N ILE PC 96 20.77 -4.45 60.73
CA ILE PC 96 21.44 -5.55 60.02
C ILE PC 96 20.96 -5.70 58.58
N ASP PC 97 20.04 -4.84 58.13
CA ASP PC 97 19.42 -5.08 56.85
C ASP PC 97 20.38 -5.01 55.66
N PRO PC 98 21.47 -4.20 55.66
CA PRO PC 98 22.38 -4.29 54.50
C PRO PC 98 23.06 -5.65 54.42
N SER PC 99 23.41 -6.22 55.58
CA SER PC 99 23.98 -7.55 55.64
C SER PC 99 22.99 -8.59 55.13
N LEU PC 100 21.72 -8.47 55.52
CA LEU PC 100 20.72 -9.38 54.97
C LEU PC 100 20.61 -9.23 53.46
N VAL PC 101 20.66 -7.99 52.96
CA VAL PC 101 20.56 -7.75 51.52
C VAL PC 101 21.66 -8.48 50.78
N ASP PC 102 22.92 -8.21 51.12
CA ASP PC 102 23.96 -8.83 50.31
C ASP PC 102 24.08 -10.32 50.59
N ALA PC 103 23.63 -10.78 51.75
CA ALA PC 103 23.57 -12.23 51.98
C ALA PC 103 22.62 -12.89 50.99
N LEU PC 104 21.41 -12.36 50.89
CA LEU PC 104 20.46 -12.91 49.92
C LEU PC 104 20.97 -12.77 48.50
N CYS PC 105 21.61 -11.64 48.18
CA CYS PC 105 22.11 -11.44 46.83
C CYS PC 105 23.18 -12.47 46.47
N TRP PC 106 24.11 -12.71 47.39
CA TRP PC 106 25.17 -13.68 47.10
C TRP PC 106 24.65 -15.10 47.10
N ALA PC 107 23.63 -15.39 47.91
CA ALA PC 107 23.00 -16.70 47.84
C ALA PC 107 22.35 -16.91 46.47
N ARG PC 108 21.68 -15.89 45.95
CA ARG PC 108 21.06 -15.99 44.64
C ARG PC 108 22.12 -16.10 43.54
N LEU PC 109 23.24 -15.42 43.71
CA LEU PC 109 24.27 -15.42 42.66
C LEU PC 109 25.06 -16.72 42.64
N TYR PC 110 25.75 -17.01 43.74
CA TYR PC 110 26.63 -18.18 43.80
C TYR PC 110 25.88 -19.47 44.08
N GLY PC 111 24.60 -19.42 44.40
CA GLY PC 111 23.88 -20.61 44.77
C GLY PC 111 24.09 -21.07 46.20
N GLY PC 112 24.72 -20.23 47.02
CA GLY PC 112 24.94 -20.58 48.42
C GLY PC 112 25.59 -19.45 49.20
N ALA PC 113 25.14 -19.23 50.43
CA ALA PC 113 25.72 -18.20 51.27
C ALA PC 113 25.57 -18.60 52.73
N ALA PC 114 26.41 -18.02 53.57
CA ALA PC 114 26.44 -18.35 55.00
C ALA PC 114 26.29 -17.08 55.83
N ILE PC 115 25.42 -17.14 56.83
CA ILE PC 115 25.23 -16.06 57.78
C ILE PC 115 25.65 -16.56 59.15
N VAL PC 116 26.57 -15.84 59.80
CA VAL PC 116 27.16 -16.26 61.07
C VAL PC 116 26.75 -15.25 62.14
N ALA PC 117 26.17 -15.75 63.22
CA ALA PC 117 25.69 -14.92 64.31
C ALA PC 117 26.44 -15.27 65.59
N ILE PC 118 26.96 -14.26 66.27
CA ILE PC 118 27.67 -14.43 67.53
C ILE PC 118 26.76 -13.90 68.64
N ILE PC 119 26.71 -14.62 69.76
CA ILE PC 119 25.80 -14.32 70.85
C ILE PC 119 26.59 -14.01 72.10
N ASN PC 120 26.02 -13.15 72.94
CA ASN PC 120 26.60 -12.84 74.25
C ASN PC 120 26.47 -14.08 75.12
N ASP PC 121 27.56 -14.85 75.22
CA ASP PC 121 27.53 -16.08 76.00
C ASP PC 121 28.93 -16.39 76.51
N ASN PC 122 28.99 -16.97 77.70
CA ASN PC 122 30.26 -17.33 78.33
C ASN PC 122 30.67 -18.75 78.00
N ARG PC 123 30.70 -19.08 76.71
CA ARG PC 123 31.14 -20.39 76.24
C ARG PC 123 31.90 -20.21 74.94
N MET PC 124 32.70 -21.20 74.60
CA MET PC 124 33.38 -21.20 73.32
C MET PC 124 32.37 -21.32 72.19
N LEU PC 125 32.70 -20.71 71.05
CA LEU PC 125 31.81 -20.68 69.90
C LEU PC 125 31.64 -22.06 69.26
N THR PC 126 32.45 -23.05 69.63
CA THR PC 126 32.26 -24.39 69.09
C THR PC 126 31.06 -25.09 69.72
N SER PC 127 30.83 -24.87 71.01
CA SER PC 127 29.77 -25.59 71.72
C SER PC 127 28.39 -25.10 71.28
N PRO PC 128 27.35 -25.91 71.51
CA PRO PC 128 25.99 -25.47 71.23
C PRO PC 128 25.56 -24.30 72.11
N VAL PC 129 24.34 -23.82 71.91
CA VAL PC 129 23.83 -22.62 72.58
C VAL PC 129 22.70 -23.00 73.52
N LYS PC 130 22.79 -22.54 74.76
CA LYS PC 130 21.73 -22.72 75.74
C LYS PC 130 20.58 -21.76 75.45
N PRO PC 131 19.40 -22.03 75.99
CA PRO PC 131 18.25 -21.14 75.74
C PRO PC 131 18.54 -19.71 76.19
N GLY PC 132 18.04 -18.77 75.41
CA GLY PC 132 18.24 -17.35 75.69
C GLY PC 132 17.92 -16.53 74.46
N ALA PC 133 17.88 -15.21 74.67
CA ALA PC 133 17.55 -14.25 73.61
C ALA PC 133 18.55 -13.09 73.67
N LYS PC 134 19.68 -13.25 72.98
CA LYS PC 134 20.69 -12.21 72.92
C LYS PC 134 21.28 -12.13 71.51
N LEU PC 135 21.68 -10.93 71.12
CA LEU PC 135 22.46 -10.71 69.90
C LEU PC 135 23.56 -9.71 70.21
N GLU PC 136 24.72 -9.88 69.55
CA GLU PC 136 25.80 -8.91 69.62
C GLU PC 136 26.47 -8.64 68.28
N GLY PC 137 26.30 -9.50 67.29
CA GLY PC 137 26.94 -9.30 66.00
C GLY PC 137 26.57 -10.41 65.05
N VAL PC 138 26.52 -10.05 63.77
CA VAL PC 138 26.20 -10.99 62.71
C VAL PC 138 26.89 -10.55 61.43
N ARG PC 139 27.39 -11.51 60.65
CA ARG PC 139 28.21 -11.23 59.49
C ARG PC 139 27.97 -12.29 58.43
N VAL PC 140 28.47 -12.05 57.22
CA VAL PC 140 28.08 -12.81 56.05
C VAL PC 140 29.33 -13.31 55.32
N TYR PC 141 29.21 -14.49 54.70
CA TYR PC 141 30.22 -15.04 53.81
C TYR PC 141 29.56 -15.68 52.59
N ASP PC 142 30.32 -15.75 51.50
CA ASP PC 142 29.84 -16.31 50.25
C ASP PC 142 29.93 -17.83 50.29
N ARG PC 143 29.76 -18.46 49.12
CA ARG PC 143 29.71 -19.92 49.03
C ARG PC 143 31.09 -20.55 49.25
N PHE PC 144 32.15 -19.85 48.87
CA PHE PC 144 33.46 -20.50 48.77
C PHE PC 144 34.17 -20.65 50.12
N ALA PC 145 33.65 -20.05 51.18
CA ALA PC 145 34.36 -20.02 52.46
C ALA PC 145 33.87 -21.07 53.46
N ILE PC 146 32.93 -21.92 53.09
CA ILE PC 146 32.29 -22.85 54.02
C ILE PC 146 32.57 -24.28 53.56
N THR PC 147 32.89 -25.15 54.52
CA THR PC 147 33.04 -26.58 54.26
C THR PC 147 32.39 -27.36 55.40
N ILE PC 148 32.24 -28.66 55.20
CA ILE PC 148 31.61 -29.55 56.16
C ILE PC 148 32.69 -30.29 56.92
N GLU PC 149 32.55 -30.39 58.24
CA GLU PC 149 33.55 -31.07 59.06
C GLU PC 149 33.04 -32.36 59.68
N LYS PC 150 31.95 -32.31 60.43
CA LYS PC 150 31.45 -33.47 61.16
C LYS PC 150 30.04 -33.80 60.67
N ARG PC 151 29.79 -35.08 60.42
CA ARG PC 151 28.51 -35.55 59.90
C ARG PC 151 27.89 -36.51 60.91
N VAL PC 152 26.55 -36.53 60.95
CA VAL PC 152 25.81 -37.36 61.89
C VAL PC 152 24.96 -38.35 61.11
N THR PC 153 24.98 -39.61 61.55
CA THR PC 153 24.14 -40.66 60.98
C THR PC 153 23.43 -41.45 62.08
N ASN PC 154 23.29 -40.86 63.27
CA ASN PC 154 22.67 -41.55 64.40
C ASN PC 154 21.21 -41.88 64.10
N ALA PC 155 20.79 -43.09 64.50
CA ALA PC 155 19.50 -43.60 64.08
C ALA PC 155 18.34 -42.87 64.76
N ARG PC 156 18.45 -42.65 66.08
CA ARG PC 156 17.28 -42.21 66.83
C ARG PC 156 16.84 -40.80 66.46
N SER PC 157 17.79 -39.89 66.30
CA SER PC 157 17.42 -38.51 66.00
C SER PC 157 17.20 -38.35 64.50
N PRO PC 158 16.05 -37.78 64.10
CA PRO PC 158 15.80 -37.53 62.66
C PRO PC 158 16.80 -36.60 62.01
N ARG PC 159 17.66 -35.97 62.81
CA ARG PC 159 18.64 -35.00 62.37
C ARG PC 159 19.79 -35.65 61.59
N TYR PC 160 19.83 -36.97 61.51
CA TYR PC 160 20.93 -37.63 60.82
C TYR PC 160 20.87 -37.31 59.33
N GLY PC 161 22.03 -37.30 58.69
CA GLY PC 161 22.09 -36.98 57.28
C GLY PC 161 22.30 -35.51 56.98
N GLU PC 162 22.30 -34.65 57.99
CA GLU PC 162 22.69 -33.27 57.78
C GLU PC 162 23.95 -32.97 58.58
N PRO PC 163 24.83 -32.10 58.10
CA PRO PC 163 26.12 -31.90 58.76
C PRO PC 163 25.98 -31.32 60.15
N GLU PC 164 26.93 -31.67 61.02
CA GLU PC 164 26.89 -31.20 62.40
C GLU PC 164 27.72 -29.93 62.57
N ILE PC 165 28.95 -29.92 62.05
CA ILE PC 165 29.91 -28.86 62.31
C ILE PC 165 30.36 -28.26 60.98
N TYR PC 166 30.39 -26.93 60.92
CA TYR PC 166 30.81 -26.22 59.72
C TYR PC 166 32.19 -25.62 59.92
N LYS PC 167 33.07 -25.87 58.95
CA LYS PC 167 34.43 -25.36 58.96
C LYS PC 167 34.49 -24.14 58.06
N VAL PC 168 34.65 -22.96 58.66
CA VAL PC 168 34.68 -21.70 57.93
C VAL PC 168 36.13 -21.26 57.79
N SER PC 169 36.50 -20.85 56.58
CA SER PC 169 37.86 -20.43 56.25
C SER PC 169 37.80 -19.05 55.61
N PRO PC 170 37.64 -18.00 56.41
CA PRO PC 170 37.53 -16.64 55.85
C PRO PC 170 38.76 -16.22 55.07
N GLY PC 171 39.93 -16.69 55.50
CA GLY PC 171 41.18 -16.22 54.94
C GLY PC 171 41.69 -15.01 55.72
N ASP PC 172 42.02 -13.94 55.01
CA ASP PC 172 42.44 -12.66 55.59
C ASP PC 172 43.32 -12.84 56.83
N ASN PC 173 44.37 -13.64 56.65
CA ASN PC 173 45.41 -13.92 57.66
C ASN PC 173 44.86 -14.22 59.04
N ILE PC 174 43.70 -14.87 59.14
CA ILE PC 174 43.18 -15.35 60.41
C ILE PC 174 42.85 -16.83 60.24
N GLN PC 175 43.13 -17.61 61.29
CA GLN PC 175 43.01 -19.05 61.20
C GLN PC 175 41.55 -19.47 61.00
N PRO PC 176 41.28 -20.41 60.10
CA PRO PC 176 39.92 -20.92 59.95
C PRO PC 176 39.46 -21.61 61.23
N TYR PC 177 38.14 -21.64 61.42
CA TYR PC 177 37.57 -22.10 62.68
C TYR PC 177 36.29 -22.87 62.43
N LEU PC 178 35.70 -23.36 63.53
CA LEU PC 178 34.62 -24.34 63.47
C LEU PC 178 33.39 -23.82 64.20
N ILE PC 179 32.21 -24.10 63.65
CA ILE PC 179 30.96 -23.61 64.17
C ILE PC 179 29.99 -24.78 64.35
N HIS PC 180 29.23 -24.75 65.45
CA HIS PC 180 28.15 -25.69 65.67
C HIS PC 180 27.00 -25.42 64.68
N HIS PC 181 26.17 -26.44 64.51
CA HIS PC 181 25.07 -26.35 63.54
C HIS PC 181 24.09 -25.23 63.90
N THR PC 182 23.77 -25.08 65.19
CA THR PC 182 22.70 -24.17 65.59
C THR PC 182 23.07 -22.72 65.36
N ARG PC 183 24.36 -22.39 65.44
CA ARG PC 183 24.76 -20.99 65.47
C ARG PC 183 24.55 -20.30 64.13
N ILE PC 184 24.83 -20.98 63.02
CA ILE PC 184 24.76 -20.35 61.71
C ILE PC 184 23.78 -21.09 60.82
N PHE PC 185 23.32 -20.40 59.79
CA PHE PC 185 22.31 -20.88 58.86
C PHE PC 185 22.80 -20.70 57.44
N ILE PC 186 22.49 -21.66 56.57
CA ILE PC 186 22.96 -21.67 55.19
C ILE PC 186 21.79 -21.33 54.27
N ALA PC 187 21.98 -20.32 53.42
CA ALA PC 187 20.96 -19.89 52.48
C ALA PC 187 21.29 -20.43 51.10
N ASP PC 188 20.30 -21.00 50.43
CA ASP PC 188 20.45 -21.65 49.15
C ASP PC 188 19.58 -20.95 48.09
N GLY PC 189 19.84 -21.26 46.83
CA GLY PC 189 19.14 -20.64 45.73
C GLY PC 189 17.94 -21.43 45.24
N GLU PC 190 18.04 -21.98 44.03
CA GLU PC 190 16.94 -22.69 43.40
C GLU PC 190 17.16 -24.19 43.43
N ARG PC 191 16.05 -24.92 43.37
CA ARG PC 191 16.09 -26.37 43.51
C ARG PC 191 16.72 -27.02 42.29
N VAL PC 192 17.44 -28.11 42.53
CA VAL PC 192 17.98 -28.96 41.48
C VAL PC 192 17.65 -30.40 41.83
N THR PC 193 17.80 -31.29 40.84
CA THR PC 193 17.52 -32.69 41.07
C THR PC 193 18.54 -33.26 42.05
N PRO PC 194 18.19 -34.32 42.78
CA PRO PC 194 19.15 -34.87 43.76
C PRO PC 194 20.45 -35.33 43.13
N GLN PC 195 20.42 -35.72 41.85
CA GLN PC 195 21.61 -36.25 41.20
C GLN PC 195 22.75 -35.25 41.19
N MET PC 196 22.50 -33.99 40.81
CA MET PC 196 23.52 -32.97 40.93
C MET PC 196 23.51 -32.25 42.27
N ARG PC 197 22.41 -32.34 43.03
CA ARG PC 197 22.39 -31.79 44.37
C ARG PC 197 23.44 -32.46 45.25
N LYS PC 198 23.59 -33.78 45.11
CA LYS PC 198 24.54 -34.50 45.95
C LYS PC 198 25.99 -34.24 45.52
N GLN PC 199 26.23 -34.00 44.23
CA GLN PC 199 27.60 -33.72 43.80
C GLN PC 199 27.97 -32.26 44.03
N ASN PC 200 27.00 -31.35 44.12
CA ASN PC 200 27.26 -29.96 44.46
C ASN PC 200 27.31 -29.72 45.96
N GLN PC 201 27.50 -30.78 46.75
CA GLN PC 201 27.62 -30.69 48.19
C GLN PC 201 26.42 -29.98 48.81
N GLY PC 202 25.23 -30.41 48.41
CA GLY PC 202 24.00 -29.86 48.97
C GLY PC 202 23.82 -28.37 48.72
N TRP PC 203 24.28 -27.90 47.57
CA TRP PC 203 24.21 -26.48 47.22
C TRP PC 203 23.59 -26.34 45.84
N GLY PC 204 22.81 -25.28 45.67
CA GLY PC 204 22.08 -25.06 44.44
C GLY PC 204 22.95 -24.63 43.28
N ALA PC 205 22.37 -23.89 42.34
CA ALA PC 205 23.08 -23.42 41.16
C ALA PC 205 22.88 -21.91 41.03
N SER PC 206 23.71 -21.31 40.17
CA SER PC 206 23.58 -19.89 39.89
C SER PC 206 22.30 -19.61 39.12
N VAL PC 207 21.71 -18.44 39.37
CA VAL PC 207 20.51 -18.05 38.65
C VAL PC 207 20.81 -17.76 37.19
N LEU PC 208 22.05 -17.41 36.86
CA LEU PC 208 22.46 -17.20 35.47
C LEU PC 208 22.78 -18.55 34.85
N ASN PC 209 21.79 -19.16 34.22
CA ASN PC 209 21.99 -20.42 33.53
C ASN PC 209 22.59 -20.18 32.15
N LYS PC 210 22.90 -21.27 31.45
CA LYS PC 210 23.57 -21.17 30.15
C LYS PC 210 22.70 -20.44 29.14
N SER PC 211 21.40 -20.76 29.10
CA SER PC 211 20.51 -20.12 28.14
C SER PC 211 20.43 -18.62 28.40
N LEU PC 212 20.29 -18.23 29.67
CA LEU PC 212 20.24 -16.81 30.00
C LEU PC 212 21.54 -16.11 29.62
N ILE PC 213 22.68 -16.74 29.90
CA ILE PC 213 23.96 -16.13 29.57
C ILE PC 213 24.09 -15.90 28.08
N ASP PC 214 23.76 -16.93 27.30
CA ASP PC 214 23.89 -16.80 25.84
C ASP PC 214 22.91 -15.78 25.27
N ALA PC 215 21.67 -15.76 25.78
CA ALA PC 215 20.70 -14.79 25.29
C ALA PC 215 21.13 -13.37 25.62
N ILE PC 216 21.70 -13.17 26.82
CA ILE PC 216 22.21 -11.86 27.17
C ILE PC 216 23.37 -11.47 26.26
N CYS PC 217 24.27 -12.41 26.00
CA CYS PC 217 25.44 -12.11 25.18
C CYS PC 217 25.04 -11.75 23.75
N ASP PC 218 24.02 -12.42 23.22
CA ASP PC 218 23.60 -12.19 21.83
C ASP PC 218 23.13 -10.77 21.56
N TYR PC 219 22.58 -10.09 22.57
CA TYR PC 219 22.04 -8.75 22.36
C TYR PC 219 23.13 -7.76 21.94
N ASP PC 220 24.28 -7.82 22.60
CA ASP PC 220 25.37 -6.90 22.25
C ASP PC 220 25.87 -7.17 20.83
N TYR PC 221 25.94 -8.44 20.44
CA TYR PC 221 26.31 -8.78 19.07
C TYR PC 221 25.32 -8.19 18.08
N CYS PC 222 24.03 -8.29 18.38
CA CYS PC 222 23.02 -7.72 17.49
C CYS PC 222 23.16 -6.22 17.40
N GLU PC 223 23.43 -5.55 18.52
CA GLU PC 223 23.60 -4.10 18.49
C GLU PC 223 24.81 -3.69 17.66
N SER PC 224 25.94 -4.39 17.82
CA SER PC 224 27.10 -4.08 17.00
C SER PC 224 26.81 -4.28 15.53
N LEU PC 225 26.09 -5.35 15.19
CA LEU PC 225 25.71 -5.57 13.80
C LEU PC 225 24.82 -4.44 13.28
N ALA PC 226 23.89 -3.96 14.12
CA ALA PC 226 23.02 -2.87 13.70
C ALA PC 226 23.82 -1.60 13.43
N THR PC 227 24.79 -1.30 14.30
CA THR PC 227 25.64 -0.13 14.09
C THR PC 227 26.42 -0.25 12.79
N GLN PC 228 26.96 -1.44 12.51
CA GLN PC 228 27.69 -1.63 11.25
C GLN PC 228 26.77 -1.47 10.05
N ILE PC 229 25.53 -1.99 10.14
CA ILE PC 229 24.58 -1.86 9.05
C ILE PC 229 24.27 -0.39 8.79
N LEU PC 230 24.04 0.39 9.85
CA LEU PC 230 23.80 1.81 9.66
C LEU PC 230 25.00 2.49 9.02
N ARG PC 231 26.22 2.16 9.45
CA ARG PC 231 27.40 2.78 8.87
C ARG PC 231 27.54 2.46 7.39
N ARG PC 232 27.22 1.23 6.99
CA ARG PC 232 27.46 0.76 5.63
C ARG PC 232 26.30 1.07 4.69
N LYS PC 233 25.49 2.10 4.99
CA LYS PC 233 24.29 2.34 4.19
C LYS PC 233 24.62 2.76 2.76
N GLN PC 234 25.62 3.62 2.60
CA GLN PC 234 25.95 4.19 1.30
C GLN PC 234 27.44 4.09 1.04
N GLN PC 235 27.82 3.83 -0.21
CA GLN PC 235 29.22 3.69 -0.58
C GLN PC 235 29.47 4.41 -1.90
N ALA PC 236 30.65 5.01 -2.04
CA ALA PC 236 31.05 5.71 -3.25
C ALA PC 236 32.30 5.05 -3.84
N VAL PC 237 32.29 4.87 -5.16
CA VAL PC 237 33.34 4.16 -5.88
C VAL PC 237 33.89 5.09 -6.96
N TRP PC 238 35.22 5.13 -7.08
CA TRP PC 238 35.92 6.00 -8.02
C TRP PC 238 36.84 5.13 -8.86
N LYS PC 239 36.71 5.23 -10.18
CA LYS PC 239 37.44 4.35 -11.11
C LYS PC 239 38.28 5.20 -12.04
N VAL PC 240 39.58 4.88 -12.14
CA VAL PC 240 40.53 5.65 -12.94
C VAL PC 240 41.43 4.68 -13.71
N LYS PC 241 41.33 4.72 -15.04
CA LYS PC 241 42.14 3.83 -15.87
C LYS PC 241 43.63 4.07 -15.62
N GLY PC 242 44.37 2.98 -15.44
CA GLY PC 242 45.78 3.06 -15.18
C GLY PC 242 46.14 3.38 -13.75
N LEU PC 243 45.16 3.54 -12.87
CA LEU PC 243 45.46 3.94 -11.49
C LEU PC 243 46.36 2.92 -10.79
N ALA PC 244 46.36 1.66 -11.24
CA ALA PC 244 47.15 0.64 -10.57
C ALA PC 244 48.63 0.72 -10.93
N GLU PC 245 48.99 1.57 -11.88
CA GLU PC 245 50.40 1.67 -12.29
C GLU PC 245 51.26 2.24 -11.17
N MET PC 246 50.66 2.82 -10.15
CA MET PC 246 51.38 3.63 -9.18
C MET PC 246 52.04 2.75 -8.13
N CYS PC 247 53.28 3.07 -7.77
CA CYS PC 247 53.94 2.34 -6.69
C CYS PC 247 53.27 2.61 -5.35
N ASP PC 248 53.26 1.60 -4.50
CA ASP PC 248 52.68 1.74 -3.17
C ASP PC 248 53.63 2.49 -2.25
N ASP PC 249 53.04 3.21 -1.28
CA ASP PC 249 53.78 3.97 -0.29
C ASP PC 249 54.74 4.96 -0.95
N ASP PC 250 54.21 5.68 -1.94
CA ASP PC 250 55.01 6.59 -2.76
C ASP PC 250 54.35 7.97 -2.79
N ASP PC 251 55.12 8.94 -3.26
CA ASP PC 251 54.68 10.34 -3.23
C ASP PC 251 53.44 10.55 -4.08
N ALA PC 252 53.42 9.99 -5.28
CA ALA PC 252 52.26 10.15 -6.14
C ALA PC 252 51.01 9.55 -5.51
N GLN PC 253 51.13 8.36 -4.92
CA GLN PC 253 49.98 7.72 -4.32
C GLN PC 253 49.48 8.48 -3.10
N TYR PC 254 50.40 9.00 -2.29
CA TYR PC 254 50.01 9.83 -1.15
C TYR PC 254 49.27 11.06 -1.62
N ALA PC 255 49.78 11.72 -2.68
CA ALA PC 255 49.10 12.89 -3.20
C ALA PC 255 47.70 12.55 -3.70
N ALA PC 256 47.57 11.43 -4.42
CA ALA PC 256 46.27 11.04 -4.95
C ALA PC 256 45.26 10.76 -3.84
N ARG PC 257 45.69 10.06 -2.80
CA ARG PC 257 44.74 9.72 -1.73
C ARG PC 257 44.40 10.96 -0.89
N LEU PC 258 45.35 11.87 -0.69
CA LEU PC 258 45.02 13.14 -0.05
C LEU PC 258 44.00 13.92 -0.85
N ARG PC 259 44.17 13.94 -2.18
CA ARG PC 259 43.20 14.63 -3.03
C ARG PC 259 41.83 13.98 -2.94
N LEU PC 260 41.80 12.64 -2.91
CA LEU PC 260 40.52 11.94 -2.78
C LEU PC 260 39.82 12.31 -1.49
N ALA PC 261 40.54 12.28 -0.37
CA ALA PC 261 39.93 12.64 0.90
C ALA PC 261 39.45 14.09 0.89
N GLN PC 262 40.26 14.99 0.34
CA GLN PC 262 39.89 16.40 0.30
C GLN PC 262 38.61 16.62 -0.49
N VAL PC 263 38.52 16.04 -1.69
CA VAL PC 263 37.33 16.24 -2.52
C VAL PC 263 36.13 15.53 -1.90
N ASP PC 264 36.35 14.43 -1.19
CA ASP PC 264 35.25 13.75 -0.52
C ASP PC 264 34.69 14.61 0.60
N ASP PC 265 35.55 15.33 1.33
CA ASP PC 265 35.08 16.11 2.46
C ASP PC 265 34.23 17.32 2.03
N ASN PC 266 34.46 17.86 0.84
CA ASN PC 266 33.80 19.09 0.42
C ASN PC 266 32.58 18.88 -0.45
N SER PC 267 32.22 17.64 -0.75
CA SER PC 267 31.04 17.39 -1.56
C SER PC 267 29.78 17.50 -0.70
N GLY PC 268 28.64 17.59 -1.37
CA GLY PC 268 27.38 17.72 -0.67
C GLY PC 268 26.27 18.07 -1.63
N VAL PC 269 25.15 18.52 -1.05
CA VAL PC 269 23.99 18.87 -1.86
C VAL PC 269 24.27 20.11 -2.70
N GLY PC 270 24.81 21.15 -2.07
CA GLY PC 270 25.09 22.40 -2.75
C GLY PC 270 26.42 22.47 -3.45
N ARG PC 271 27.13 21.34 -3.59
CA ARG PC 271 28.42 21.31 -4.24
C ARG PC 271 28.42 20.19 -5.27
N ALA PC 272 29.21 20.38 -6.32
CA ALA PC 272 29.32 19.40 -7.40
C ALA PC 272 30.78 19.03 -7.59
N ILE PC 273 31.00 17.85 -8.16
CA ILE PC 273 32.34 17.34 -8.43
C ILE PC 273 32.47 17.07 -9.92
N GLY PC 274 33.55 17.57 -10.52
CA GLY PC 274 33.81 17.34 -11.92
C GLY PC 274 34.78 16.19 -12.14
N ILE PC 275 34.58 15.49 -13.26
CA ILE PC 275 35.43 14.37 -13.62
C ILE PC 275 35.69 14.42 -15.13
N ASP PC 276 36.48 13.47 -15.61
CA ASP PC 276 36.75 13.32 -17.02
C ASP PC 276 36.00 12.12 -17.56
N ALA PC 277 35.20 12.33 -18.60
CA ALA PC 277 34.34 11.26 -19.10
C ALA PC 277 35.15 10.13 -19.73
N GLU PC 278 36.28 10.47 -20.35
CA GLU PC 278 37.04 9.46 -21.08
C GLU PC 278 37.66 8.45 -20.13
N THR PC 279 38.18 8.91 -19.00
CA THR PC 279 39.02 8.07 -18.15
C THR PC 279 38.38 7.61 -16.86
N GLU PC 280 37.79 8.52 -16.07
CA GLU PC 280 37.39 8.18 -14.72
C GLU PC 280 35.88 8.26 -14.57
N GLU PC 281 35.35 7.44 -13.66
CA GLU PC 281 33.93 7.42 -13.34
C GLU PC 281 33.77 7.51 -11.84
N TYR PC 282 32.65 8.08 -11.41
CA TYR PC 282 32.31 8.22 -10.00
C TYR PC 282 30.89 7.69 -9.82
N ASP PC 283 30.78 6.51 -9.24
CA ASP PC 283 29.49 5.87 -9.01
C ASP PC 283 29.20 5.87 -7.51
N VAL PC 284 27.92 5.74 -7.16
CA VAL PC 284 27.50 5.64 -5.77
C VAL PC 284 26.40 4.59 -5.68
N LEU PC 285 26.46 3.77 -4.64
CA LEU PC 285 25.48 2.72 -4.41
C LEU PC 285 24.99 2.76 -2.96
N ASN PC 286 23.80 2.22 -2.74
CA ASN PC 286 23.16 2.36 -1.44
C ASN PC 286 22.26 1.16 -1.16
N SER PC 287 22.04 0.91 0.12
CA SER PC 287 21.16 -0.14 0.59
C SER PC 287 20.25 0.41 1.66
N ASP PC 288 19.09 -0.20 1.82
CA ASP PC 288 18.09 0.26 2.78
C ASP PC 288 18.24 -0.43 4.13
N ILE PC 289 17.50 0.07 5.12
CA ILE PC 289 17.42 -0.52 6.45
C ILE PC 289 15.95 -0.55 6.87
N SER PC 290 15.52 -1.68 7.40
CA SER PC 290 14.13 -1.84 7.82
C SER PC 290 14.01 -3.10 8.65
N GLY PC 291 13.14 -3.03 9.66
CA GLY PC 291 12.90 -4.17 10.53
C GLY PC 291 13.88 -4.33 11.67
N VAL PC 292 14.95 -3.53 11.70
CA VAL PC 292 15.95 -3.67 12.76
C VAL PC 292 15.38 -3.35 14.13
N PRO PC 293 14.64 -2.25 14.34
CA PRO PC 293 14.07 -2.03 15.67
C PRO PC 293 13.15 -3.15 16.12
N GLU PC 294 12.37 -3.71 15.20
CA GLU PC 294 11.51 -4.84 15.55
C GLU PC 294 12.34 -6.07 15.92
N PHE PC 295 13.43 -6.29 15.21
CA PHE PC 295 14.30 -7.42 15.52
C PHE PC 295 14.88 -7.30 16.93
N LEU PC 296 15.39 -6.12 17.27
CA LEU PC 296 15.94 -5.92 18.61
C LEU PC 296 14.85 -5.99 19.67
N SER PC 297 13.65 -5.50 19.36
CA SER PC 297 12.54 -5.64 20.31
C SER PC 297 12.22 -7.10 20.56
N SER PC 298 12.26 -7.92 19.51
CA SER PC 298 12.01 -9.35 19.66
C SER PC 298 13.09 -10.01 20.51
N LYS PC 299 14.35 -9.59 20.32
CA LYS PC 299 15.42 -10.15 21.15
C LYS PC 299 15.24 -9.77 22.61
N MET PC 300 14.88 -8.52 22.89
CA MET PC 300 14.57 -8.12 24.26
C MET PC 300 13.38 -8.89 24.81
N ASP PC 301 12.42 -9.21 23.94
CA ASP PC 301 11.28 -10.03 24.36
C ASP PC 301 11.74 -11.42 24.78
N ARG PC 302 12.66 -12.01 24.02
CA ARG PC 302 13.21 -13.31 24.43
C ARG PC 302 13.90 -13.19 25.78
N ILE PC 303 14.70 -12.14 25.96
CA ILE PC 303 15.40 -11.95 27.23
C ILE PC 303 14.41 -11.88 28.38
N VAL PC 304 13.37 -11.05 28.25
CA VAL PC 304 12.43 -10.86 29.36
C VAL PC 304 11.62 -12.14 29.60
N SER PC 305 11.21 -12.82 28.53
CA SER PC 305 10.41 -14.03 28.68
C SER PC 305 11.19 -15.11 29.40
N LEU PC 306 12.46 -15.28 29.05
CA LEU PC 306 13.26 -16.30 29.74
C LEU PC 306 13.63 -15.85 31.15
N SER PC 307 13.77 -14.54 31.37
CA SER PC 307 14.09 -14.05 32.71
C SER PC 307 12.96 -14.31 33.69
N GLY PC 308 11.74 -13.92 33.32
CA GLY PC 308 10.60 -14.11 34.19
C GLY PC 308 10.16 -12.86 34.93
N ILE PC 309 10.94 -11.78 34.89
CA ILE PC 309 10.53 -10.48 35.40
C ILE PC 309 10.24 -9.60 34.19
N HIS PC 310 9.08 -8.95 34.21
CA HIS PC 310 8.48 -8.50 32.96
C HIS PC 310 8.99 -7.11 32.54
N GLU PC 311 8.42 -6.61 31.44
CA GLU PC 311 9.07 -5.56 30.66
C GLU PC 311 9.12 -4.24 31.40
N ILE PC 312 8.06 -3.87 32.11
CA ILE PC 312 8.01 -2.55 32.73
C ILE PC 312 8.86 -2.56 33.99
N ILE PC 313 9.51 -3.68 34.27
CA ILE PC 313 10.46 -3.75 35.37
C ILE PC 313 11.87 -4.12 34.92
N ILE PC 314 12.05 -4.59 33.69
CA ILE PC 314 13.37 -4.88 33.16
C ILE PC 314 13.81 -3.87 32.11
N LYS PC 315 12.99 -3.62 31.09
CA LYS PC 315 13.28 -2.58 30.11
C LYS PC 315 12.98 -1.19 30.63
N ASN PC 316 12.17 -1.10 31.69
CA ASN PC 316 11.76 0.18 32.27
C ASN PC 316 11.12 1.09 31.23
N LYS PC 317 10.18 0.57 30.45
CA LYS PC 317 9.42 1.37 29.50
C LYS PC 317 7.94 1.09 29.70
N ASN PC 318 7.18 2.12 30.01
CA ASN PC 318 5.74 1.98 30.12
C ASN PC 318 5.13 1.65 28.77
N VAL PC 319 4.05 0.88 28.78
CA VAL PC 319 3.43 0.44 27.53
C VAL PC 319 2.89 1.63 26.75
N GLY PC 320 2.33 2.61 27.44
CA GLY PC 320 1.85 3.83 26.81
C GLY PC 320 0.55 3.71 26.07
N GLY PC 321 0.17 2.51 25.62
CA GLY PC 321 -1.07 2.35 24.88
C GLY PC 321 -2.31 2.16 25.73
N VAL PC 322 -2.16 2.07 27.05
CA VAL PC 322 -3.28 1.82 27.95
C VAL PC 322 -3.02 2.55 29.27
N SER PC 323 -4.10 2.94 29.93
CA SER PC 323 -3.98 3.75 31.14
C SER PC 323 -3.94 2.89 32.41
N ALA PC 324 -4.66 1.78 32.42
CA ALA PC 324 -4.89 1.02 33.65
C ALA PC 324 -4.65 -0.47 33.44
N SER PC 325 -3.54 -0.82 32.79
CA SER PC 325 -3.11 -2.22 32.75
C SER PC 325 -1.73 -2.41 33.38
N GLN PC 326 -0.91 -1.35 33.42
CA GLN PC 326 0.37 -1.44 34.10
C GLN PC 326 0.21 -1.75 35.58
N ASN PC 327 -0.84 -1.26 36.23
CA ASN PC 327 -1.07 -1.62 37.62
C ASN PC 327 -1.32 -3.12 37.78
N THR PC 328 -2.11 -3.73 36.89
CA THR PC 328 -2.30 -5.18 36.96
C THR PC 328 -0.99 -5.91 36.71
N ALA PC 329 -0.17 -5.40 35.79
CA ALA PC 329 1.18 -5.96 35.62
C ALA PC 329 1.96 -5.89 36.94
N LEU PC 330 1.86 -4.76 37.63
CA LEU PC 330 2.47 -4.64 38.95
C LEU PC 330 1.97 -5.71 39.90
N GLU PC 331 0.66 -5.88 40.05
CA GLU PC 331 0.19 -6.89 41.00
C GLU PC 331 0.58 -8.31 40.58
N THR PC 332 0.73 -8.59 39.29
CA THR PC 332 1.31 -9.87 38.91
C THR PC 332 2.74 -9.99 39.42
N PHE PC 333 3.52 -8.91 39.29
CA PHE PC 333 4.87 -8.91 39.83
C PHE PC 333 4.87 -9.12 41.34
N TYR PC 334 3.94 -8.47 42.05
CA TYR PC 334 3.90 -8.61 43.49
C TYR PC 334 3.52 -10.04 43.89
N LYS PC 335 2.59 -10.64 43.14
CA LYS PC 335 2.24 -12.02 43.43
C LYS PC 335 3.43 -12.95 43.26
N LEU PC 336 4.19 -12.79 42.18
CA LEU PC 336 5.32 -13.68 41.97
C LEU PC 336 6.42 -13.44 43.00
N VAL PC 337 6.67 -12.18 43.36
CA VAL PC 337 7.71 -11.91 44.34
C VAL PC 337 7.29 -12.38 45.72
N ASP PC 338 5.98 -12.35 46.02
CA ASP PC 338 5.50 -12.91 47.28
C ASP PC 338 5.66 -14.43 47.30
N ARG PC 339 5.38 -15.09 46.18
CA ARG PC 339 5.58 -16.52 46.11
C ARG PC 339 7.05 -16.88 46.34
N LYS PC 340 7.96 -16.10 45.76
CA LYS PC 340 9.37 -16.34 45.99
C LYS PC 340 9.80 -15.99 47.42
N ARG PC 341 9.18 -14.96 48.00
CA ARG PC 341 9.51 -14.56 49.37
C ARG PC 341 9.14 -15.64 50.37
N GLU PC 342 7.98 -16.28 50.17
CA GLU PC 342 7.51 -17.31 51.09
C GLU PC 342 8.50 -18.45 51.24
N GLU PC 343 9.40 -18.64 50.27
CA GLU PC 343 10.30 -19.79 50.29
C GLU PC 343 11.66 -19.44 50.90
N ASP PC 344 12.07 -18.17 50.84
CA ASP PC 344 13.40 -17.78 51.27
C ASP PC 344 13.43 -16.83 52.46
N TYR PC 345 12.53 -15.86 52.54
CA TYR PC 345 12.67 -14.84 53.58
C TYR PC 345 12.31 -15.40 54.95
N ARG PC 346 11.29 -16.25 55.03
CA ARG PC 346 10.85 -16.78 56.32
C ARG PC 346 11.94 -17.51 57.07
N PRO PC 347 12.75 -18.39 56.46
CA PRO PC 347 13.80 -19.07 57.24
C PRO PC 347 14.71 -18.14 58.01
N LEU PC 348 15.05 -16.97 57.45
CA LEU PC 348 15.81 -16.00 58.22
C LEU PC 348 15.03 -15.55 59.45
N LEU PC 349 13.72 -15.33 59.29
CA LEU PC 349 12.90 -14.89 60.40
C LEU PC 349 12.89 -15.93 61.52
N GLU PC 350 12.58 -17.19 61.19
CA GLU PC 350 12.57 -18.21 62.23
C GLU PC 350 13.95 -18.61 62.72
N PHE PC 351 15.02 -18.21 62.02
CA PHE PC 351 16.36 -18.50 62.50
C PHE PC 351 16.88 -17.41 63.42
N LEU PC 352 16.45 -16.17 63.22
CA LEU PC 352 16.98 -15.04 63.98
C LEU PC 352 16.06 -14.59 65.11
N LEU PC 353 14.76 -14.44 64.83
CA LEU PC 353 13.83 -13.92 65.83
C LEU PC 353 13.84 -14.70 67.15
N PRO PC 354 13.88 -16.04 67.16
CA PRO PC 354 13.93 -16.73 68.47
C PRO PC 354 15.12 -16.35 69.32
N PHE PC 355 16.11 -15.64 68.77
CA PHE PC 355 17.24 -15.17 69.56
C PHE PC 355 17.06 -13.75 70.06
N ILE PC 356 15.94 -13.09 69.78
CA ILE PC 356 15.79 -11.69 70.16
C ILE PC 356 14.50 -11.44 70.90
N VAL PC 357 13.55 -12.37 70.79
CA VAL PC 357 12.24 -12.21 71.43
C VAL PC 357 12.21 -13.02 72.72
N ASP PC 358 11.64 -12.42 73.77
CA ASP PC 358 11.60 -13.06 75.07
C ASP PC 358 10.33 -13.87 75.30
N GLU PC 359 9.21 -13.45 74.73
CA GLU PC 359 7.96 -14.20 74.89
C GLU PC 359 7.99 -15.49 74.06
N GLN PC 360 6.99 -16.33 74.30
CA GLN PC 360 7.08 -17.72 73.83
C GLN PC 360 6.46 -17.91 72.45
N GLU PC 361 5.24 -17.43 72.23
CA GLU PC 361 4.51 -17.70 71.00
C GLU PC 361 4.23 -16.41 70.23
N TRP PC 362 4.54 -16.43 68.93
CA TRP PC 362 4.42 -15.25 68.10
C TRP PC 362 4.05 -15.65 66.69
N SER PC 363 3.72 -14.65 65.88
CA SER PC 363 3.38 -14.84 64.49
C SER PC 363 4.13 -13.82 63.64
N ILE PC 364 4.60 -14.26 62.48
CA ILE PC 364 5.23 -13.40 61.49
C ILE PC 364 4.30 -13.29 60.29
N GLU PC 365 3.78 -12.09 60.05
CA GLU PC 365 2.89 -11.83 58.93
C GLU PC 365 3.54 -10.79 58.04
N PHE PC 366 3.23 -10.84 56.74
CA PHE PC 366 3.84 -9.94 55.77
C PHE PC 366 2.84 -8.87 55.37
N GLU PC 367 3.32 -7.63 55.32
CA GLU PC 367 2.49 -6.53 54.87
C GLU PC 367 2.00 -6.81 53.45
N PRO PC 368 0.71 -6.60 53.16
CA PRO PC 368 0.23 -6.84 51.79
C PRO PC 368 0.92 -5.90 50.81
N LEU PC 369 1.72 -6.47 49.93
CA LEU PC 369 2.72 -5.73 49.16
C LEU PC 369 2.01 -4.91 48.09
N SER PC 370 1.59 -3.71 48.48
CA SER PC 370 0.91 -2.79 47.57
C SER PC 370 1.15 -1.37 48.08
N VAL PC 371 1.53 -0.48 47.17
CA VAL PC 371 1.85 0.90 47.52
C VAL PC 371 0.58 1.65 47.92
N PRO PC 372 0.50 2.18 49.14
CA PRO PC 372 -0.79 2.79 49.46
C PRO PC 372 -0.76 4.27 49.15
N SER PC 373 -1.83 5.01 49.39
CA SER PC 373 -1.71 6.44 49.15
C SER PC 373 -2.79 7.32 49.71
N LYS PC 374 -2.42 8.58 49.89
CA LYS PC 374 -3.34 9.55 50.41
C LYS PC 374 -4.77 9.14 50.19
N LYS PC 375 -5.26 9.39 48.98
CA LYS PC 375 -6.69 9.10 48.81
C LYS PC 375 -7.04 7.75 49.40
N GLU PC 376 -6.54 6.67 48.79
CA GLU PC 376 -7.10 5.37 49.12
C GLU PC 376 -6.94 5.08 50.61
N GLU PC 377 -5.86 5.55 51.23
CA GLU PC 377 -5.72 5.32 52.66
C GLU PC 377 -6.71 6.19 53.44
N SER PC 378 -6.96 7.42 52.98
CA SER PC 378 -7.93 8.27 53.68
C SER PC 378 -9.32 7.66 53.67
N GLU PC 379 -9.81 7.30 52.48
CA GLU PC 379 -11.14 6.68 52.45
C GLU PC 379 -11.16 5.29 53.08
N ILE PC 380 -10.06 4.53 53.02
CA ILE PC 380 -10.10 3.21 53.65
C ILE PC 380 -10.18 3.36 55.16
N THR PC 381 -9.44 4.33 55.72
CA THR PC 381 -9.53 4.57 57.16
C THR PC 381 -10.92 5.05 57.55
N LYS PC 382 -11.55 5.87 56.69
CA LYS PC 382 -12.94 6.24 56.94
C LYS PC 382 -13.83 5.01 57.01
N ASN PC 383 -13.65 4.09 56.04
CA ASN PC 383 -14.46 2.87 56.04
C ASN PC 383 -14.19 2.02 57.28
N ASN PC 384 -12.93 1.89 57.69
CA ASN PC 384 -12.65 1.10 58.88
C ASN PC 384 -13.23 1.73 60.14
N VAL PC 385 -13.12 3.05 60.28
CA VAL PC 385 -13.62 3.67 61.50
C VAL PC 385 -15.14 3.60 61.56
N GLU PC 386 -15.82 3.64 60.41
CA GLU PC 386 -17.27 3.47 60.46
C GLU PC 386 -17.67 2.01 60.63
N SER PC 387 -16.89 1.07 60.08
CA SER PC 387 -17.23 -0.34 60.22
C SER PC 387 -16.96 -0.85 61.62
N VAL PC 388 -15.91 -0.36 62.28
CA VAL PC 388 -15.56 -0.86 63.61
C VAL PC 388 -16.63 -0.50 64.63
N THR PC 389 -17.15 0.73 64.58
CA THR PC 389 -18.32 1.09 65.39
C THR PC 389 -19.36 1.82 64.53
N LYS PC 390 -20.10 1.06 63.74
CA LYS PC 390 -21.42 1.46 63.26
C LYS PC 390 -22.52 0.63 63.88
N ALA PC 391 -22.25 -0.64 64.19
CA ALA PC 391 -23.27 -1.55 64.70
C ALA PC 391 -22.82 -2.32 65.94
N ILE PC 392 -21.63 -2.05 66.47
CA ILE PC 392 -21.18 -2.78 67.65
C ILE PC 392 -21.81 -2.22 68.92
N THR PC 393 -22.44 -1.05 68.84
CA THR PC 393 -23.02 -0.42 70.02
C THR PC 393 -24.23 -1.16 70.56
N GLU PC 394 -24.56 -2.33 70.01
CA GLU PC 394 -25.75 -3.07 70.40
C GLU PC 394 -25.43 -4.37 71.13
N GLN PC 395 -24.20 -4.87 71.05
CA GLN PC 395 -23.85 -6.16 71.63
C GLN PC 395 -22.65 -6.00 72.56
N ILE PC 396 -22.11 -7.15 73.02
CA ILE PC 396 -21.06 -7.15 74.05
C ILE PC 396 -19.71 -6.72 73.50
N ILE PC 397 -19.61 -6.46 72.21
CA ILE PC 397 -18.35 -5.99 71.63
C ILE PC 397 -18.09 -4.60 72.17
N ASP PC 398 -17.18 -4.50 73.13
CA ASP PC 398 -17.06 -3.32 73.97
C ASP PC 398 -15.74 -2.58 73.71
N LEU PC 399 -15.53 -1.49 74.46
CA LEU PC 399 -14.56 -0.48 74.06
C LEU PC 399 -13.12 -0.93 74.29
N GLU PC 400 -12.84 -1.60 75.41
CA GLU PC 400 -11.45 -1.89 75.74
C GLU PC 400 -10.77 -2.78 74.71
N GLU PC 401 -11.54 -3.60 73.99
CA GLU PC 401 -11.00 -4.39 72.89
C GLU PC 401 -11.36 -3.81 71.53
N ALA PC 402 -12.41 -2.98 71.44
CA ALA PC 402 -12.70 -2.29 70.19
C ALA PC 402 -11.57 -1.34 69.82
N ARG PC 403 -11.02 -0.63 70.82
CA ARG PC 403 -9.87 0.23 70.55
C ARG PC 403 -8.67 -0.58 70.09
N ASP PC 404 -8.43 -1.73 70.74
CA ASP PC 404 -7.34 -2.60 70.33
C ASP PC 404 -7.52 -3.07 68.90
N THR PC 405 -8.75 -3.44 68.54
CA THR PC 405 -9.03 -3.85 67.17
C THR PC 405 -8.79 -2.71 66.19
N LEU PC 406 -9.24 -1.50 66.53
CA LEU PC 406 -9.17 -0.41 65.57
C LEU PC 406 -7.74 0.05 65.36
N ARG PC 407 -6.90 -0.01 66.40
CA ARG PC 407 -5.50 0.34 66.21
C ARG PC 407 -4.63 -0.86 65.85
N SER PC 408 -5.20 -2.07 65.82
CA SER PC 408 -4.48 -3.21 65.29
C SER PC 408 -4.26 -3.07 63.79
N ILE PC 409 -5.32 -2.73 63.06
CA ILE PC 409 -5.17 -2.32 61.66
C ILE PC 409 -4.49 -0.96 61.67
N ALA PC 410 -3.23 -0.92 61.26
CA ALA PC 410 -2.34 0.22 61.48
C ALA PC 410 -2.94 1.50 60.95
N PRO PC 411 -3.40 2.40 61.82
CA PRO PC 411 -4.00 3.64 61.35
C PRO PC 411 -3.03 4.80 61.40
N GLU PC 412 -3.45 5.95 60.90
CA GLU PC 412 -2.77 7.21 61.19
C GLU PC 412 -3.23 7.82 62.50
N PHE PC 413 -4.15 7.17 63.20
CA PHE PC 413 -4.73 7.69 64.44
C PHE PC 413 -3.90 7.19 65.61
N LYS PC 414 -2.98 8.04 66.09
CA LYS PC 414 -2.19 7.70 67.26
C LYS PC 414 -3.06 7.70 68.50
N LEU PC 415 -2.83 6.71 69.38
CA LEU PC 415 -3.64 6.56 70.57
C LEU PC 415 -2.75 6.20 71.75
N LYS PC 416 -3.03 6.78 72.90
CA LYS PC 416 -2.32 6.41 74.11
C LYS PC 416 -2.97 5.19 74.76
N ASP PC 417 -2.12 4.28 75.24
CA ASP PC 417 -2.61 3.06 75.88
C ASP PC 417 -3.27 3.38 77.21
N GLY PC 418 -4.27 2.58 77.57
CA GLY PC 418 -5.02 2.81 78.78
C GLY PC 418 -6.16 1.84 78.99
N ASN PC 419 -7.34 2.38 79.32
CA ASN PC 419 -8.52 1.58 79.63
C ASN PC 419 -8.89 0.62 78.50
N MET QC 1 33.19 -41.08 -61.98
CA MET QC 1 32.56 -42.19 -62.69
C MET QC 1 31.21 -41.76 -63.23
N ASN QC 2 30.28 -42.72 -63.31
CA ASN QC 2 28.87 -42.45 -63.59
C ASN QC 2 28.72 -41.68 -64.89
N TYR QC 3 29.08 -42.32 -66.00
CA TYR QC 3 29.11 -41.60 -67.28
C TYR QC 3 27.74 -41.43 -67.90
N SER QC 4 26.72 -42.14 -67.42
CA SER QC 4 25.36 -41.87 -67.89
C SER QC 4 24.93 -40.46 -67.54
N GLN QC 5 25.32 -39.96 -66.36
CA GLN QC 5 25.02 -38.59 -65.98
C GLN QC 5 25.55 -37.60 -67.00
N ILE QC 6 26.83 -37.72 -67.35
CA ILE QC 6 27.44 -36.77 -68.28
C ILE QC 6 26.88 -36.99 -69.68
N GLU QC 7 26.48 -38.22 -70.00
CA GLU QC 7 25.82 -38.48 -71.28
C GLU QC 7 24.53 -37.68 -71.40
N ARG QC 8 23.66 -37.79 -70.41
CA ARG QC 8 22.42 -37.03 -70.46
C ARG QC 8 22.68 -35.53 -70.45
N MET QC 9 23.64 -35.07 -69.64
CA MET QC 9 23.95 -33.65 -69.60
C MET QC 9 24.40 -33.15 -70.96
N ALA QC 10 25.28 -33.90 -71.63
CA ALA QC 10 25.75 -33.50 -72.95
C ALA QC 10 24.61 -33.49 -73.96
N ARG QC 11 23.74 -34.50 -73.90
CA ARG QC 11 22.62 -34.55 -74.85
C ARG QC 11 21.71 -33.34 -74.68
N LYS QC 12 21.37 -33.00 -73.45
CA LYS QC 12 20.51 -31.84 -73.21
C LYS QC 12 21.21 -30.54 -73.59
N GLY QC 13 22.51 -30.44 -73.33
CA GLY QC 13 23.24 -29.25 -73.73
C GLY QC 13 23.26 -29.08 -75.24
N VAL QC 14 23.44 -30.18 -75.97
CA VAL QC 14 23.38 -30.11 -77.43
C VAL QC 14 21.99 -29.72 -77.88
N ALA QC 15 20.96 -30.27 -77.24
CA ALA QC 15 19.58 -29.92 -77.60
C ALA QC 15 19.28 -28.45 -77.34
N PHE QC 16 19.91 -27.84 -76.34
CA PHE QC 16 19.63 -26.44 -76.04
C PHE QC 16 20.11 -25.52 -77.15
N PHE QC 17 21.36 -25.67 -77.59
CA PHE QC 17 21.94 -24.79 -78.60
C PHE QC 17 21.77 -25.34 -80.02
N THR QC 18 20.55 -25.67 -80.42
CA THR QC 18 20.33 -26.20 -81.76
C THR QC 18 19.10 -25.55 -82.40
N ASP QC 19 19.09 -25.56 -83.73
CA ASP QC 19 17.96 -25.08 -84.51
C ASP QC 19 17.25 -26.28 -85.13
N PRO QC 20 15.99 -26.53 -84.78
CA PRO QC 20 15.23 -27.62 -85.43
C PRO QC 20 14.58 -27.18 -86.74
N SER QC 21 15.34 -26.41 -87.53
CA SER QC 21 14.88 -26.02 -88.86
C SER QC 21 16.00 -26.04 -89.89
N ARG QC 22 17.20 -26.46 -89.52
CA ARG QC 22 18.31 -26.54 -90.47
C ARG QC 22 18.41 -27.97 -90.98
N PRO QC 23 18.13 -28.22 -92.26
CA PRO QC 23 18.24 -29.59 -92.77
C PRO QC 23 19.70 -30.06 -92.76
N MET QC 24 19.97 -31.09 -91.97
CA MET QC 24 21.31 -31.62 -91.81
C MET QC 24 21.28 -33.12 -92.02
N ASN QC 25 22.32 -33.63 -92.68
CA ASN QC 25 22.36 -35.04 -93.05
C ASN QC 25 23.77 -35.57 -92.89
N LEU QC 26 23.88 -36.90 -92.86
CA LEU QC 26 25.14 -37.59 -92.70
C LEU QC 26 25.24 -38.71 -93.73
N ILE QC 27 26.34 -38.73 -94.47
CA ILE QC 27 26.56 -39.68 -95.55
C ILE QC 27 27.78 -40.51 -95.24
N LYS QC 28 27.62 -41.83 -95.25
CA LYS QC 28 28.74 -42.76 -95.08
C LYS QC 28 28.88 -43.64 -96.31
N GLN QC 29 30.03 -43.53 -96.97
CA GLN QC 29 30.38 -44.46 -98.03
C GLN QC 29 31.41 -45.47 -97.51
N GLY QC 30 31.35 -46.68 -98.05
CA GLY QC 30 32.26 -47.71 -97.59
C GLY QC 30 32.18 -48.93 -98.47
N GLU QC 31 33.11 -49.86 -98.21
CA GLU QC 31 33.20 -51.14 -98.91
C GLU QC 31 33.37 -50.94 -100.42
N TYR QC 32 34.51 -50.36 -100.76
CA TYR QC 32 34.95 -50.30 -102.15
C TYR QC 32 35.74 -51.58 -102.46
N GLY QC 33 36.42 -51.60 -103.60
CA GLY QC 33 37.22 -52.74 -104.00
C GLY QC 33 37.18 -52.96 -105.49
N TYR QC 34 38.34 -53.07 -106.11
CA TYR QC 34 38.44 -52.90 -107.55
C TYR QC 34 38.19 -54.20 -108.31
N ASP QC 35 37.84 -54.05 -109.58
CA ASP QC 35 37.60 -55.16 -110.49
C ASP QC 35 38.91 -55.88 -110.80
N GLU QC 36 38.79 -57.04 -111.44
CA GLU QC 36 39.96 -57.79 -111.87
C GLU QC 36 40.81 -57.00 -112.87
N ASN QC 37 40.22 -56.00 -113.53
CA ASN QC 37 40.98 -55.13 -114.42
C ASN QC 37 41.52 -53.88 -113.72
N GLY QC 38 40.81 -53.36 -112.71
CA GLY QC 38 41.35 -52.27 -111.92
C GLY QC 38 40.53 -51.01 -111.87
N PHE QC 39 39.21 -51.10 -112.07
CA PHE QC 39 38.36 -49.92 -111.98
C PHE QC 39 36.91 -50.34 -111.76
N GLU QC 40 36.23 -49.61 -110.88
CA GLU QC 40 34.83 -49.88 -110.54
C GLU QC 40 34.32 -48.69 -109.73
N ILE QC 41 33.10 -48.82 -109.21
CA ILE QC 41 32.46 -47.75 -108.46
C ILE QC 41 31.79 -48.30 -107.20
N PRO QC 42 31.89 -47.62 -106.06
CA PRO QC 42 31.12 -48.04 -104.87
C PRO QC 42 29.68 -47.56 -104.97
N PRO QC 43 28.74 -48.47 -105.19
CA PRO QC 43 27.33 -48.09 -105.44
C PRO QC 43 26.46 -48.06 -104.19
N MET QC 44 26.73 -47.12 -103.29
CA MET QC 44 25.92 -46.95 -102.09
C MET QC 44 26.19 -45.59 -101.48
N GLU QC 45 25.16 -45.04 -100.85
CA GLU QC 45 25.21 -43.69 -100.28
C GLU QC 45 25.10 -43.70 -98.76
N GLN QC 46 24.07 -44.34 -98.21
CA GLN QC 46 23.88 -44.46 -96.76
C GLN QC 46 23.81 -43.08 -96.10
N VAL QC 47 22.68 -42.42 -96.39
CA VAL QC 47 22.37 -41.09 -95.86
C VAL QC 47 21.41 -41.22 -94.69
N ILE QC 48 21.60 -40.39 -93.67
CA ILE QC 48 20.81 -40.44 -92.43
C ILE QC 48 20.66 -39.04 -91.87
N PRO QC 49 19.44 -38.65 -91.53
CA PRO QC 49 19.21 -37.32 -90.94
C PRO QC 49 19.87 -37.18 -89.57
N ILE QC 50 20.43 -35.99 -89.34
CA ILE QC 50 21.16 -35.68 -88.11
C ILE QC 50 20.84 -34.24 -87.73
N SER QC 51 20.98 -33.92 -86.45
CA SER QC 51 20.83 -32.55 -85.96
C SER QC 51 21.92 -32.25 -84.94
N GLY QC 52 22.25 -30.96 -84.81
CA GLY QC 52 23.34 -30.57 -83.93
C GLY QC 52 23.55 -29.08 -83.95
N ALA QC 53 24.76 -28.67 -83.55
CA ALA QC 53 25.12 -27.27 -83.40
C ALA QC 53 26.42 -26.97 -84.12
N THR QC 54 26.59 -25.70 -84.51
CA THR QC 54 27.76 -25.24 -85.22
C THR QC 54 28.30 -23.97 -84.57
N ARG QC 55 29.58 -23.70 -84.80
CA ARG QC 55 30.20 -22.50 -84.25
C ARG QC 55 31.48 -22.19 -85.01
N ARG QC 56 31.95 -20.95 -84.86
CA ARG QC 56 33.24 -20.48 -85.33
C ARG QC 56 33.43 -20.67 -86.83
N PRO QC 57 32.73 -19.91 -87.67
CA PRO QC 57 32.98 -20.00 -89.11
C PRO QC 57 34.34 -19.41 -89.46
N ASN QC 58 34.90 -19.88 -90.58
CA ASN QC 58 36.18 -19.37 -91.04
C ASN QC 58 36.21 -19.39 -92.55
N ALA QC 59 36.58 -18.26 -93.15
CA ALA QC 59 36.67 -18.19 -94.60
C ALA QC 59 37.96 -18.87 -95.08
N ARG QC 60 37.94 -19.30 -96.33
CA ARG QC 60 39.06 -19.98 -96.96
C ARG QC 60 39.56 -19.14 -98.12
N GLU QC 61 40.84 -18.80 -98.11
CA GLU QC 61 41.47 -18.03 -99.17
C GLU QC 61 42.69 -18.78 -99.66
N ILE QC 62 42.80 -18.98 -100.97
CA ILE QC 62 43.87 -19.81 -101.51
C ILE QC 62 45.03 -18.97 -102.02
N ASP QC 63 44.80 -18.19 -103.08
CA ASP QC 63 45.86 -17.33 -103.62
C ASP QC 63 45.33 -16.00 -104.15
N GLY QC 64 44.09 -15.63 -103.84
CA GLY QC 64 43.45 -14.50 -104.46
C GLY QC 64 42.55 -14.84 -105.63
N GLU QC 65 42.12 -16.09 -105.75
CA GLU QC 65 41.35 -16.55 -106.90
C GLU QC 65 39.85 -16.28 -106.75
N THR QC 66 39.42 -15.72 -105.62
CA THR QC 66 38.00 -15.37 -105.39
C THR QC 66 37.10 -16.60 -105.52
N ILE QC 67 37.30 -17.55 -104.61
CA ILE QC 67 36.50 -18.78 -104.63
C ILE QC 67 35.38 -18.75 -103.59
N ARG QC 68 35.54 -18.00 -102.50
CA ARG QC 68 34.48 -17.76 -101.52
C ARG QC 68 33.95 -19.06 -100.91
N ALA QC 69 34.82 -19.71 -100.14
CA ALA QC 69 34.49 -20.95 -99.42
C ALA QC 69 34.60 -20.72 -97.92
N SER QC 70 33.92 -21.57 -97.15
CA SER QC 70 33.89 -21.41 -95.70
C SER QC 70 33.97 -22.79 -95.04
N ASP QC 71 34.40 -22.77 -93.77
CA ASP QC 71 34.57 -23.99 -92.99
C ASP QC 71 34.02 -23.75 -91.59
N ILE QC 72 33.61 -24.84 -90.92
CA ILE QC 72 32.86 -24.78 -89.67
C ILE QC 72 33.33 -25.91 -88.77
N LEU QC 73 33.04 -25.78 -87.47
CA LEU QC 73 33.20 -26.84 -86.49
C LEU QC 73 31.84 -27.19 -85.91
N GLY QC 74 31.66 -28.44 -85.48
CA GLY QC 74 30.37 -28.92 -85.07
C GLY QC 74 30.39 -29.62 -83.72
N ILE QC 75 29.19 -29.81 -83.18
CA ILE QC 75 28.95 -30.58 -81.97
C ILE QC 75 27.80 -31.52 -82.23
N PHE QC 76 27.94 -32.79 -81.82
CA PHE QC 76 26.92 -33.77 -82.16
C PHE QC 76 26.73 -34.74 -81.00
N ASN QC 77 25.75 -35.63 -81.18
CA ASN QC 77 25.34 -36.60 -80.18
C ASN QC 77 26.11 -37.90 -80.37
N ASN QC 78 25.75 -38.92 -79.57
CA ASN QC 78 26.50 -40.16 -79.52
C ASN QC 78 25.82 -41.30 -80.27
N ASP QC 79 25.01 -40.99 -81.28
CA ASP QC 79 24.41 -42.01 -82.13
C ASP QC 79 24.87 -41.81 -83.56
N HIS QC 80 24.92 -42.90 -84.32
CA HIS QC 80 25.49 -42.90 -85.68
C HIS QC 80 26.94 -42.40 -85.64
N GLU QC 81 27.77 -43.22 -84.98
CA GLU QC 81 29.14 -42.85 -84.66
C GLU QC 81 29.87 -42.25 -85.85
N ILE QC 82 30.69 -41.24 -85.57
CA ILE QC 82 31.39 -40.47 -86.59
C ILE QC 82 32.72 -41.13 -86.90
N ASN QC 83 32.98 -41.35 -88.19
CA ASN QC 83 34.27 -41.83 -88.65
C ASN QC 83 35.08 -40.65 -89.19
N GLU QC 84 36.34 -40.94 -89.55
CA GLU QC 84 37.28 -39.90 -89.97
C GLU QC 84 37.07 -39.44 -91.41
N GLY QC 85 36.18 -40.08 -92.16
CA GLY QC 85 36.00 -39.71 -93.55
C GLY QC 85 34.57 -39.60 -94.02
N ASP QC 86 33.67 -39.18 -93.15
CA ASP QC 86 32.26 -39.11 -93.49
C ASP QC 86 31.90 -37.73 -94.02
N TYR QC 87 30.73 -37.65 -94.67
CA TYR QC 87 30.25 -36.42 -95.28
C TYR QC 87 29.09 -35.88 -94.48
N ILE QC 88 29.03 -34.56 -94.34
CA ILE QC 88 28.00 -33.90 -93.57
C ILE QC 88 27.31 -32.88 -94.47
N GLU QC 89 26.00 -33.01 -94.62
CA GLU QC 89 25.18 -32.11 -95.39
C GLU QC 89 24.66 -31.01 -94.47
N ILE QC 90 25.13 -29.78 -94.69
CA ILE QC 90 24.78 -28.62 -93.86
C ILE QC 90 24.00 -27.65 -94.75
N ASP QC 91 22.68 -27.66 -94.64
CA ASP QC 91 21.83 -26.65 -95.26
C ASP QC 91 22.11 -26.54 -96.76
N GLY QC 92 22.10 -27.67 -97.45
CA GLY QC 92 22.32 -27.69 -98.88
C GLY QC 92 23.77 -27.64 -99.31
N ILE QC 93 24.73 -27.71 -98.39
CA ILE QC 93 26.14 -27.64 -98.70
C ILE QC 93 26.84 -28.82 -98.02
N ARG QC 94 27.75 -29.46 -98.73
CA ARG QC 94 28.48 -30.61 -98.22
C ARG QC 94 29.80 -30.20 -97.57
N HIS QC 95 30.18 -30.94 -96.54
CA HIS QC 95 31.47 -30.79 -95.89
C HIS QC 95 32.02 -32.17 -95.56
N VAL QC 96 33.33 -32.26 -95.40
CA VAL QC 96 34.01 -33.50 -95.07
C VAL QC 96 34.50 -33.41 -93.63
N VAL QC 97 34.30 -34.49 -92.87
CA VAL QC 97 34.79 -34.53 -91.49
C VAL QC 97 36.28 -34.78 -91.50
N VAL QC 98 37.08 -33.71 -91.38
CA VAL QC 98 38.53 -33.89 -91.41
C VAL QC 98 39.00 -34.57 -90.13
N ASP QC 99 38.41 -34.21 -89.00
CA ASP QC 99 38.73 -34.83 -87.71
C ASP QC 99 37.45 -34.99 -86.91
N ALA QC 100 37.31 -36.15 -86.26
CA ALA QC 100 36.10 -36.44 -85.49
C ALA QC 100 36.17 -35.82 -84.10
N ARG QC 101 37.24 -36.09 -83.36
CA ARG QC 101 37.43 -35.57 -82.02
C ARG QC 101 36.28 -35.97 -81.09
N PRO QC 102 36.21 -37.25 -80.70
CA PRO QC 102 35.19 -37.65 -79.73
C PRO QC 102 35.61 -37.23 -78.33
N VAL QC 103 34.77 -36.41 -77.69
CA VAL QC 103 35.03 -36.03 -76.31
C VAL QC 103 34.90 -37.29 -75.46
N GLN QC 104 36.02 -37.76 -74.93
CA GLN QC 104 36.07 -39.10 -74.37
C GLN QC 104 36.77 -39.09 -73.02
N ALA QC 105 36.34 -40.00 -72.16
CA ALA QC 105 37.10 -40.40 -70.99
C ALA QC 105 37.02 -41.91 -70.79
N SER QC 106 36.37 -42.62 -71.70
CA SER QC 106 36.13 -44.05 -71.57
C SER QC 106 35.62 -44.56 -72.91
N LEU QC 107 35.11 -45.79 -72.91
CA LEU QC 107 34.47 -46.35 -74.08
C LEU QC 107 33.11 -45.67 -74.29
N GLU QC 108 32.48 -45.95 -75.45
CA GLU QC 108 31.22 -45.34 -75.88
C GLU QC 108 31.27 -43.82 -75.69
N PRO QC 109 32.00 -43.12 -76.55
CA PRO QC 109 32.17 -41.67 -76.38
C PRO QC 109 30.83 -40.95 -76.31
N VAL QC 110 30.78 -39.91 -75.48
CA VAL QC 110 29.50 -39.29 -75.15
C VAL QC 110 29.08 -38.29 -76.23
N ALA QC 111 30.03 -37.69 -76.92
CA ALA QC 111 29.72 -36.70 -77.94
C ALA QC 111 30.92 -36.54 -78.86
N TYR QC 112 30.67 -35.93 -80.02
CA TYR QC 112 31.72 -35.66 -80.99
C TYR QC 112 31.78 -34.17 -81.26
N ARG QC 113 33.00 -33.67 -81.51
CA ARG QC 113 33.24 -32.27 -81.84
C ARG QC 113 34.02 -32.22 -83.14
N PRO QC 114 33.38 -32.54 -84.26
CA PRO QC 114 34.11 -32.68 -85.51
C PRO QC 114 34.49 -31.33 -86.11
N VAL QC 115 35.50 -31.37 -86.97
CA VAL QC 115 35.92 -30.24 -87.79
C VAL QC 115 35.52 -30.54 -89.22
N LEU QC 116 34.79 -29.62 -89.85
CA LEU QC 116 34.25 -29.84 -91.19
C LEU QC 116 34.94 -28.90 -92.16
N ARG QC 117 35.50 -29.46 -93.23
CA ARG QC 117 36.12 -28.66 -94.29
C ARG QC 117 35.26 -28.75 -95.53
N ARG QC 118 35.09 -27.62 -96.21
CA ARG QC 118 34.19 -27.59 -97.35
C ARG QC 118 34.69 -28.50 -98.46
N VAL QC 119 33.74 -29.11 -99.17
CA VAL QC 119 34.03 -30.01 -100.27
C VAL QC 119 34.62 -29.20 -101.42
N SER QC 120 35.24 -29.89 -102.39
CA SER QC 120 35.93 -29.25 -103.52
C SER QC 120 37.07 -28.41 -102.96
N VAL QC 121 37.19 -27.13 -103.31
CA VAL QC 121 38.24 -26.30 -102.75
C VAL QC 121 37.66 -24.95 -102.31
N MET RC 1 18.09 -21.80 -78.19
CA MET RC 1 16.67 -21.66 -77.89
C MET RC 1 16.20 -20.21 -77.95
N ASN RC 2 15.10 -20.00 -78.68
CA ASN RC 2 14.45 -18.70 -78.79
C ASN RC 2 15.47 -17.66 -79.27
N TYR RC 3 15.95 -17.81 -80.51
CA TYR RC 3 16.95 -16.90 -81.04
C TYR RC 3 16.39 -15.52 -81.33
N SER RC 4 15.07 -15.32 -81.24
CA SER RC 4 14.51 -13.99 -81.40
C SER RC 4 15.01 -13.05 -80.31
N GLN RC 5 15.14 -13.54 -79.08
CA GLN RC 5 15.68 -12.73 -78.00
C GLN RC 5 17.09 -12.26 -78.32
N ILE RC 6 17.92 -13.19 -78.82
CA ILE RC 6 19.28 -12.84 -79.22
C ILE RC 6 19.25 -11.83 -80.36
N GLU RC 7 18.31 -11.99 -81.29
CA GLU RC 7 18.18 -11.03 -82.39
C GLU RC 7 17.90 -9.64 -81.87
N ARG RC 8 16.94 -9.51 -80.95
CA ARG RC 8 16.62 -8.19 -80.42
C ARG RC 8 17.81 -7.59 -79.67
N MET RC 9 18.47 -8.40 -78.83
CA MET RC 9 19.62 -7.88 -78.10
C MET RC 9 20.72 -7.43 -79.06
N ALA RC 10 20.96 -8.20 -80.12
CA ALA RC 10 21.96 -7.80 -81.10
C ALA RC 10 21.56 -6.53 -81.80
N ARG RC 11 20.27 -6.36 -82.11
CA ARG RC 11 19.83 -5.16 -82.80
C ARG RC 11 20.07 -3.92 -81.96
N LYS RC 12 19.62 -3.93 -80.70
CA LYS RC 12 19.93 -2.78 -79.84
C LYS RC 12 21.43 -2.63 -79.58
N GLY RC 13 22.16 -3.73 -79.50
CA GLY RC 13 23.60 -3.62 -79.29
C GLY RC 13 24.29 -2.91 -80.44
N VAL RC 14 23.94 -3.27 -81.67
CA VAL RC 14 24.53 -2.62 -82.83
C VAL RC 14 24.08 -1.17 -82.91
N ALA RC 15 22.79 -0.91 -82.61
CA ALA RC 15 22.31 0.45 -82.59
C ALA RC 15 22.99 1.30 -81.53
N PHE RC 16 23.52 0.68 -80.48
CA PHE RC 16 24.18 1.43 -79.42
C PHE RC 16 25.50 2.04 -79.93
N PHE RC 17 26.43 1.21 -80.36
CA PHE RC 17 27.76 1.67 -80.77
C PHE RC 17 27.79 2.06 -82.24
N THR RC 18 26.88 2.91 -82.68
CA THR RC 18 26.83 3.35 -84.07
C THR RC 18 26.56 4.83 -84.15
N ASP RC 19 26.99 5.44 -85.26
CA ASP RC 19 26.77 6.85 -85.52
C ASP RC 19 25.85 6.99 -86.72
N PRO RC 20 24.67 7.60 -86.59
CA PRO RC 20 23.79 7.79 -87.74
C PRO RC 20 24.18 8.99 -88.59
N SER RC 21 25.48 9.15 -88.82
CA SER RC 21 25.99 10.19 -89.70
C SER RC 21 27.17 9.73 -90.54
N ARG RC 22 27.56 8.45 -90.47
CA ARG RC 22 28.56 7.91 -91.37
C ARG RC 22 27.85 7.37 -92.60
N PRO RC 23 28.04 7.95 -93.78
CA PRO RC 23 27.42 7.37 -94.97
C PRO RC 23 28.05 6.04 -95.32
N MET RC 24 27.23 4.99 -95.34
CA MET RC 24 27.68 3.66 -95.66
C MET RC 24 26.71 3.02 -96.65
N ASN RC 25 27.25 2.17 -97.52
CA ASN RC 25 26.42 1.58 -98.57
C ASN RC 25 26.85 0.15 -98.83
N LEU RC 26 25.93 -0.61 -99.44
CA LEU RC 26 26.16 -1.97 -99.87
C LEU RC 26 26.00 -2.05 -101.38
N ILE RC 27 26.99 -2.62 -102.05
CA ILE RC 27 26.97 -2.83 -103.49
C ILE RC 27 27.02 -4.32 -103.76
N LYS RC 28 26.04 -4.81 -104.52
CA LYS RC 28 25.95 -6.22 -104.88
C LYS RC 28 25.96 -6.33 -106.41
N GLN RC 29 27.01 -6.92 -106.96
CA GLN RC 29 27.07 -7.20 -108.38
C GLN RC 29 26.83 -8.69 -108.63
N GLY RC 30 26.20 -8.99 -109.76
CA GLY RC 30 25.94 -10.38 -110.09
C GLY RC 30 25.38 -10.52 -111.49
N GLU RC 31 25.27 -11.78 -111.92
CA GLU RC 31 24.71 -12.15 -113.22
C GLU RC 31 25.51 -11.52 -114.36
N TYR RC 32 26.75 -12.00 -114.46
CA TYR RC 32 27.60 -11.71 -115.61
C TYR RC 32 27.44 -12.84 -116.64
N GLY RC 33 28.34 -12.88 -117.61
CA GLY RC 33 28.38 -13.96 -118.58
C GLY RC 33 28.82 -13.49 -119.94
N TYR RC 34 29.81 -14.16 -120.50
CA TYR RC 34 30.55 -13.62 -121.64
C TYR RC 34 29.79 -13.80 -122.95
N ASP RC 35 30.16 -12.97 -123.92
CA ASP RC 35 29.60 -13.01 -125.26
C ASP RC 35 30.10 -14.25 -126.00
N GLU RC 36 29.49 -14.50 -127.16
CA GLU RC 36 29.94 -15.58 -128.02
C GLU RC 36 31.39 -15.41 -128.47
N ASN RC 37 31.90 -14.18 -128.46
CA ASN RC 37 33.29 -13.93 -128.81
C ASN RC 37 34.23 -13.99 -127.61
N GLY RC 38 33.72 -13.74 -126.40
CA GLY RC 38 34.52 -13.94 -125.20
C GLY RC 38 34.73 -12.72 -124.33
N PHE RC 39 33.93 -11.67 -124.50
CA PHE RC 39 34.11 -10.47 -123.70
C PHE RC 39 32.83 -9.64 -123.70
N GLU RC 40 32.50 -9.11 -122.53
CA GLU RC 40 31.32 -8.26 -122.33
C GLU RC 40 31.43 -7.64 -120.94
N ILE RC 41 30.38 -6.95 -120.52
CA ILE RC 41 30.38 -6.24 -119.24
C ILE RC 41 29.05 -6.45 -118.51
N PRO RC 42 29.07 -6.74 -117.21
CA PRO RC 42 27.82 -6.90 -116.46
C PRO RC 42 27.22 -5.56 -116.09
N PRO RC 43 26.08 -5.20 -116.69
CA PRO RC 43 25.47 -3.86 -116.47
C PRO RC 43 24.48 -3.80 -115.31
N MET RC 44 25.00 -3.79 -114.09
CA MET RC 44 24.16 -3.67 -112.91
C MET RC 44 24.99 -3.22 -111.73
N GLU RC 45 24.37 -2.45 -110.83
CA GLU RC 45 25.05 -1.93 -109.65
C GLU RC 45 24.45 -2.45 -108.35
N GLN RC 46 23.16 -2.23 -108.12
CA GLN RC 46 22.48 -2.69 -106.90
C GLN RC 46 23.17 -2.13 -105.64
N VAL RC 47 23.03 -0.82 -105.50
CA VAL RC 47 23.55 -0.10 -104.33
C VAL RC 47 22.39 0.25 -103.41
N ILE RC 48 22.61 0.07 -102.10
CA ILE RC 48 21.56 0.31 -101.10
C ILE RC 48 22.19 0.89 -99.85
N PRO RC 49 21.41 1.65 -99.09
CA PRO RC 49 21.92 2.19 -97.82
C PRO RC 49 22.02 1.13 -96.73
N ILE RC 50 22.87 1.41 -95.75
CA ILE RC 50 23.10 0.50 -94.63
C ILE RC 50 23.76 1.28 -93.50
N SER RC 51 23.67 0.74 -92.28
CA SER RC 51 24.32 1.32 -91.12
C SER RC 51 24.92 0.21 -90.26
N GLY RC 52 25.91 0.57 -89.47
CA GLY RC 52 26.61 -0.43 -88.67
C GLY RC 52 27.73 0.19 -87.85
N ALA RC 53 28.61 -0.67 -87.36
CA ALA RC 53 29.72 -0.26 -86.51
C ALA RC 53 31.00 -0.94 -86.97
N THR RC 54 32.14 -0.32 -86.66
CA THR RC 54 33.45 -0.79 -87.09
C THR RC 54 34.41 -0.75 -85.91
N ARG RC 55 35.55 -1.45 -86.08
CA ARG RC 55 36.56 -1.51 -85.03
C ARG RC 55 37.87 -2.01 -85.61
N ARG RC 56 38.93 -1.89 -84.80
CA ARG RC 56 40.30 -2.33 -85.05
C ARG RC 56 40.81 -1.89 -86.41
N PRO RC 57 41.10 -0.61 -86.62
CA PRO RC 57 41.77 -0.22 -87.86
C PRO RC 57 43.16 -0.81 -87.93
N ASN RC 58 43.62 -1.08 -89.15
CA ASN RC 58 44.95 -1.62 -89.35
C ASN RC 58 45.51 -1.10 -90.67
N ALA RC 59 46.71 -0.54 -90.61
CA ALA RC 59 47.34 -0.01 -91.81
C ALA RC 59 47.93 -1.15 -92.65
N ARG RC 60 48.16 -0.86 -93.92
CA ARG RC 60 48.66 -1.83 -94.88
C ARG RC 60 50.07 -1.42 -95.31
N GLU RC 61 51.00 -2.36 -95.20
CA GLU RC 61 52.35 -2.19 -95.72
C GLU RC 61 52.65 -3.36 -96.63
N ILE RC 62 53.15 -3.07 -97.83
CA ILE RC 62 53.46 -4.14 -98.77
C ILE RC 62 54.97 -4.38 -98.83
N ASP RC 63 55.73 -3.38 -99.28
CA ASP RC 63 57.18 -3.48 -99.29
C ASP RC 63 57.87 -2.15 -98.97
N GLY RC 64 57.13 -1.10 -98.64
CA GLY RC 64 57.72 0.18 -98.30
C GLY RC 64 57.59 1.26 -99.34
N GLU RC 65 56.55 1.23 -100.17
CA GLU RC 65 56.38 2.21 -101.23
C GLU RC 65 55.50 3.39 -100.82
N THR RC 66 55.09 3.48 -99.56
CA THR RC 66 54.23 4.56 -99.06
C THR RC 66 52.92 4.61 -99.85
N ILE RC 67 52.14 3.54 -99.72
CA ILE RC 67 50.85 3.45 -100.40
C ILE RC 67 49.71 3.96 -99.52
N ARG RC 68 49.84 3.81 -98.20
CA ARG RC 68 48.97 4.48 -97.24
C ARG RC 68 47.50 4.07 -97.40
N ALA RC 69 47.23 2.80 -97.14
CA ALA RC 69 45.88 2.26 -97.10
C ALA RC 69 45.64 1.55 -95.78
N SER RC 70 44.39 1.18 -95.52
CA SER RC 70 44.03 0.57 -94.25
C SER RC 70 42.81 -0.31 -94.43
N ASP RC 71 42.54 -1.15 -93.42
CA ASP RC 71 41.42 -2.08 -93.44
C ASP RC 71 40.92 -2.28 -92.02
N ILE RC 72 39.65 -2.69 -91.91
CA ILE RC 72 38.95 -2.76 -90.63
C ILE RC 72 38.02 -3.97 -90.61
N LEU RC 73 37.31 -4.12 -89.50
CA LEU RC 73 36.21 -5.07 -89.35
C LEU RC 73 34.92 -4.29 -89.16
N GLY RC 74 33.79 -5.01 -89.20
CA GLY RC 74 32.50 -4.39 -89.04
C GLY RC 74 31.58 -5.21 -88.17
N ILE RC 75 30.48 -4.57 -87.75
CA ILE RC 75 29.39 -5.22 -87.04
C ILE RC 75 28.10 -4.75 -87.68
N PHE RC 76 27.30 -5.69 -88.18
CA PHE RC 76 26.14 -5.30 -88.98
C PHE RC 76 24.91 -6.03 -88.48
N ASN RC 77 23.75 -5.67 -89.06
CA ASN RC 77 22.46 -6.22 -88.70
C ASN RC 77 22.16 -7.44 -89.56
N ASN RC 78 20.94 -7.96 -89.44
CA ASN RC 78 20.55 -9.20 -90.10
C ASN RC 78 19.71 -8.96 -91.35
N ASP RC 79 19.74 -7.76 -91.90
CA ASP RC 79 19.01 -7.46 -93.12
C ASP RC 79 20.01 -7.29 -94.27
N HIS RC 80 19.56 -7.65 -95.47
CA HIS RC 80 20.37 -7.54 -96.68
C HIS RC 80 21.66 -8.37 -96.54
N GLU RC 81 21.44 -9.69 -96.47
CA GLU RC 81 22.51 -10.63 -96.16
C GLU RC 81 23.78 -10.34 -96.95
N ILE RC 82 24.92 -10.58 -96.30
CA ILE RC 82 26.23 -10.27 -96.84
C ILE RC 82 26.82 -11.53 -97.43
N ASN RC 83 27.63 -11.37 -98.48
CA ASN RC 83 28.34 -12.47 -99.12
C ASN RC 83 29.84 -12.30 -98.94
N GLU RC 84 30.60 -13.18 -99.57
CA GLU RC 84 32.06 -13.16 -99.46
C GLU RC 84 32.72 -12.30 -100.52
N GLY RC 85 31.94 -11.61 -101.35
CA GLY RC 85 32.52 -10.78 -102.39
C GLY RC 85 31.79 -9.46 -102.60
N ASP RC 86 30.99 -9.07 -101.63
CA ASP RC 86 30.21 -7.85 -101.73
C ASP RC 86 31.07 -6.62 -101.48
N TYR RC 87 30.57 -5.47 -101.91
CA TYR RC 87 31.29 -4.21 -101.79
C TYR RC 87 30.63 -3.36 -100.71
N ILE RC 88 31.46 -2.74 -99.87
CA ILE RC 88 30.98 -1.86 -98.81
C ILE RC 88 31.55 -0.47 -99.06
N GLU RC 89 30.67 0.51 -99.21
CA GLU RC 89 31.06 1.89 -99.43
C GLU RC 89 31.14 2.58 -98.08
N ILE RC 90 32.35 2.96 -97.68
CA ILE RC 90 32.63 3.61 -96.40
C ILE RC 90 33.09 5.02 -96.71
N ASP RC 91 32.20 6.00 -96.52
CA ASP RC 91 32.54 7.41 -96.65
C ASP RC 91 33.25 7.71 -97.97
N GLY RC 92 32.76 7.12 -99.05
CA GLY RC 92 33.38 7.27 -100.35
C GLY RC 92 34.56 6.36 -100.60
N ILE RC 93 34.93 5.51 -99.64
CA ILE RC 93 36.01 4.54 -99.81
C ILE RC 93 35.40 3.16 -99.86
N ARG RC 94 35.68 2.42 -100.92
CA ARG RC 94 35.15 1.08 -101.10
C ARG RC 94 36.05 0.04 -100.47
N HIS RC 95 35.42 -1.00 -99.93
CA HIS RC 95 36.11 -2.14 -99.37
C HIS RC 95 35.44 -3.42 -99.85
N VAL RC 96 36.22 -4.49 -99.90
CA VAL RC 96 35.73 -5.81 -100.26
C VAL RC 96 35.48 -6.58 -98.98
N VAL RC 97 34.33 -7.25 -98.90
CA VAL RC 97 34.04 -8.11 -97.76
C VAL RC 97 34.74 -9.44 -97.96
N VAL RC 98 35.96 -9.56 -97.44
CA VAL RC 98 36.74 -10.77 -97.67
C VAL RC 98 36.15 -11.95 -96.90
N ASP RC 99 35.81 -11.72 -95.64
CA ASP RC 99 35.24 -12.77 -94.79
C ASP RC 99 33.91 -12.28 -94.24
N ALA RC 100 32.89 -13.14 -94.35
CA ALA RC 100 31.56 -12.77 -93.87
C ALA RC 100 31.46 -12.89 -92.36
N ARG RC 101 31.72 -14.08 -91.82
CA ARG RC 101 31.67 -14.34 -90.39
C ARG RC 101 30.33 -13.95 -89.78
N PRO RC 102 29.26 -14.68 -90.08
CA PRO RC 102 27.99 -14.43 -89.38
C PRO RC 102 28.05 -15.04 -87.99
N VAL RC 103 27.68 -14.24 -86.99
CA VAL RC 103 27.58 -14.80 -85.64
C VAL RC 103 26.35 -15.71 -85.62
N GLN RC 104 26.60 -17.01 -85.67
CA GLN RC 104 25.53 -17.95 -85.96
C GLN RC 104 25.56 -19.11 -84.99
N ALA RC 105 24.36 -19.56 -84.63
CA ALA RC 105 24.15 -20.88 -84.07
C ALA RC 105 22.89 -21.50 -84.67
N SER RC 106 22.27 -20.84 -85.63
CA SER RC 106 20.98 -21.22 -86.17
C SER RC 106 20.81 -20.56 -87.53
N LEU RC 107 19.81 -21.01 -88.28
CA LEU RC 107 19.51 -20.41 -89.56
C LEU RC 107 18.96 -19.00 -89.35
N GLU RC 108 19.01 -18.19 -90.43
CA GLU RC 108 18.76 -16.75 -90.34
C GLU RC 108 19.68 -16.12 -89.31
N PRO RC 109 20.97 -15.96 -89.63
CA PRO RC 109 21.92 -15.48 -88.63
C PRO RC 109 21.52 -14.14 -88.05
N VAL RC 110 21.80 -13.97 -86.75
CA VAL RC 110 21.35 -12.79 -86.02
C VAL RC 110 22.13 -11.55 -86.45
N ALA RC 111 23.42 -11.69 -86.71
CA ALA RC 111 24.25 -10.54 -87.06
C ALA RC 111 25.49 -11.02 -87.80
N TYR RC 112 26.21 -10.07 -88.39
CA TYR RC 112 27.41 -10.37 -89.17
C TYR RC 112 28.57 -9.55 -88.63
N ARG RC 113 29.77 -10.10 -88.74
CA ARG RC 113 31.01 -9.46 -88.30
C ARG RC 113 32.00 -9.51 -89.44
N PRO RC 114 31.75 -8.79 -90.53
CA PRO RC 114 32.59 -8.94 -91.73
C PRO RC 114 33.97 -8.35 -91.55
N VAL RC 115 34.90 -8.87 -92.34
CA VAL RC 115 36.26 -8.36 -92.44
C VAL RC 115 36.38 -7.64 -93.77
N LEU RC 116 36.79 -6.37 -93.74
CA LEU RC 116 36.75 -5.52 -94.92
C LEU RC 116 38.16 -5.08 -95.27
N ARG RC 117 38.54 -5.24 -96.53
CA ARG RC 117 39.85 -4.82 -96.99
C ARG RC 117 39.71 -3.79 -98.10
N ARG RC 118 40.55 -2.75 -98.04
CA ARG RC 118 40.41 -1.65 -98.98
C ARG RC 118 40.64 -2.12 -100.40
N VAL RC 119 39.88 -1.54 -101.34
CA VAL RC 119 39.87 -1.97 -102.72
C VAL RC 119 41.12 -1.45 -103.40
N SER RC 120 41.44 -1.98 -104.58
CA SER RC 120 42.71 -1.75 -105.28
C SER RC 120 43.81 -2.33 -104.38
N VAL RC 121 44.85 -1.57 -104.04
CA VAL RC 121 45.87 -2.10 -103.13
C VAL RC 121 46.18 -1.06 -102.06
N MET SC 1 49.39 14.16 -63.75
CA MET SC 1 50.17 15.35 -63.42
C MET SC 1 51.28 15.01 -62.43
N ASN SC 2 51.77 16.05 -61.74
CA ASN SC 2 52.73 15.97 -60.63
C ASN SC 2 53.76 14.86 -60.80
N TYR SC 3 54.54 14.93 -61.87
CA TYR SC 3 55.53 13.89 -62.14
C TYR SC 3 56.61 13.81 -61.07
N SER SC 4 56.75 14.83 -60.22
CA SER SC 4 57.68 14.72 -59.10
C SER SC 4 57.26 13.64 -58.13
N GLN SC 5 55.95 13.42 -57.96
CA GLN SC 5 55.47 12.30 -57.16
C GLN SC 5 56.01 10.97 -57.69
N ILE SC 6 55.90 10.77 -59.01
CA ILE SC 6 56.40 9.55 -59.63
C ILE SC 6 57.91 9.47 -59.52
N GLU SC 7 58.59 10.61 -59.64
CA GLU SC 7 60.04 10.66 -59.45
C GLU SC 7 60.43 10.14 -58.08
N ARG SC 8 59.79 10.67 -57.04
CA ARG SC 8 60.12 10.25 -55.67
C ARG SC 8 59.80 8.77 -55.47
N MET SC 9 58.64 8.31 -55.97
CA MET SC 9 58.30 6.91 -55.81
C MET SC 9 59.29 6.00 -56.51
N ALA SC 10 59.69 6.35 -57.73
CA ALA SC 10 60.65 5.53 -58.46
C ALA SC 10 62.00 5.53 -57.77
N ARG SC 11 62.43 6.67 -57.26
CA ARG SC 11 63.71 6.71 -56.55
C ARG SC 11 63.69 5.83 -55.31
N LYS SC 12 62.61 5.91 -54.53
CA LYS SC 12 62.51 5.06 -53.35
C LYS SC 12 62.44 3.59 -53.73
N GLY SC 13 61.71 3.26 -54.81
CA GLY SC 13 61.63 1.88 -55.24
C GLY SC 13 62.98 1.32 -55.66
N VAL SC 14 63.73 2.10 -56.43
CA VAL SC 14 65.06 1.65 -56.84
C VAL SC 14 65.96 1.50 -55.63
N ALA SC 15 65.91 2.44 -54.69
CA ALA SC 15 66.68 2.31 -53.47
C ALA SC 15 66.29 1.09 -52.65
N PHE SC 16 65.03 0.66 -52.76
CA PHE SC 16 64.59 -0.54 -52.04
C PHE SC 16 65.35 -1.78 -52.51
N PHE SC 17 65.18 -2.15 -53.77
CA PHE SC 17 65.75 -3.39 -54.30
C PHE SC 17 67.18 -3.20 -54.82
N THR SC 18 68.06 -2.62 -54.01
CA THR SC 18 69.43 -2.42 -54.44
C THR SC 18 70.39 -2.80 -53.32
N ASP SC 19 71.59 -3.19 -53.70
CA ASP SC 19 72.66 -3.53 -52.76
C ASP SC 19 73.74 -2.47 -52.86
N PRO SC 20 74.02 -1.72 -51.81
CA PRO SC 20 75.11 -0.73 -51.84
C PRO SC 20 76.48 -1.34 -51.56
N SER SC 21 76.74 -2.49 -52.18
CA SER SC 21 78.04 -3.14 -52.06
C SER SC 21 78.54 -3.72 -53.37
N ARG SC 22 77.82 -3.52 -54.48
CA ARG SC 22 78.27 -4.02 -55.78
C ARG SC 22 79.01 -2.92 -56.50
N PRO SC 23 80.30 -3.09 -56.80
CA PRO SC 23 81.01 -2.06 -57.56
C PRO SC 23 80.43 -1.90 -58.95
N MET SC 24 79.85 -0.73 -59.21
CA MET SC 24 79.21 -0.44 -60.49
C MET SC 24 79.66 0.92 -60.98
N ASN SC 25 79.82 1.02 -62.30
CA ASN SC 25 80.35 2.24 -62.91
C ASN SC 25 79.72 2.42 -64.29
N LEU SC 26 79.86 3.64 -64.82
CA LEU SC 26 79.34 4.01 -66.12
C LEU SC 26 80.47 4.65 -66.93
N ILE SC 27 80.61 4.23 -68.18
CA ILE SC 27 81.68 4.68 -69.05
C ILE SC 27 81.06 5.32 -70.28
N LYS SC 28 81.47 6.57 -70.55
CA LYS SC 28 81.01 7.34 -71.71
C LYS SC 28 82.20 7.65 -72.60
N GLN SC 29 82.12 7.27 -73.87
CA GLN SC 29 83.15 7.65 -74.83
C GLN SC 29 82.56 8.60 -75.87
N GLY SC 30 83.38 9.53 -76.34
CA GLY SC 30 82.90 10.51 -77.30
C GLY SC 30 84.03 11.39 -77.79
N GLU SC 31 83.67 12.25 -78.75
CA GLU SC 31 84.57 13.24 -79.35
C GLU SC 31 85.77 12.54 -80.01
N TYR SC 32 85.45 11.79 -81.06
CA TYR SC 32 86.45 11.21 -81.93
C TYR SC 32 86.68 12.13 -83.13
N GLY SC 33 87.40 11.65 -84.13
CA GLY SC 33 87.63 12.40 -85.35
C GLY SC 33 88.98 12.10 -85.95
N TYR SC 34 88.99 11.77 -87.24
CA TYR SC 34 90.11 11.07 -87.84
C TYR SC 34 91.20 12.03 -88.33
N ASP SC 35 92.38 11.47 -88.52
CA ASP SC 35 93.55 12.18 -89.00
C ASP SC 35 93.43 12.44 -90.50
N GLU SC 36 94.30 13.31 -91.01
CA GLU SC 36 94.34 13.59 -92.44
C GLU SC 36 94.73 12.36 -93.26
N ASN SC 37 95.36 11.36 -92.66
CA ASN SC 37 95.61 10.11 -93.35
C ASN SC 37 94.58 9.03 -93.04
N GLY SC 38 93.88 9.12 -91.90
CA GLY SC 38 92.75 8.24 -91.68
C GLY SC 38 92.85 7.28 -90.51
N PHE SC 39 93.56 7.66 -89.45
CA PHE SC 39 93.70 6.77 -88.30
C PHE SC 39 94.13 7.58 -87.07
N GLU SC 40 93.43 7.38 -85.97
CA GLU SC 40 93.73 8.03 -84.70
C GLU SC 40 92.92 7.33 -83.61
N ILE SC 41 92.97 7.88 -82.40
CA ILE SC 41 92.27 7.27 -81.26
C ILE SC 41 91.69 8.36 -80.36
N PRO SC 42 90.47 8.21 -79.85
CA PRO SC 42 89.92 9.18 -78.91
C PRO SC 42 90.43 8.93 -77.51
N PRO SC 43 91.26 9.84 -76.97
CA PRO SC 43 91.87 9.63 -75.64
C PRO SC 43 91.03 10.17 -74.49
N MET SC 44 89.98 9.43 -74.12
CA MET SC 44 89.18 9.78 -72.96
C MET SC 44 88.39 8.56 -72.51
N GLU SC 45 88.09 8.51 -71.21
CA GLU SC 45 87.37 7.40 -70.62
C GLU SC 45 86.03 7.81 -70.03
N GLN SC 46 86.00 8.84 -69.17
CA GLN SC 46 84.77 9.39 -68.61
C GLN SC 46 83.99 8.30 -67.86
N VAL SC 47 84.58 7.88 -66.74
CA VAL SC 47 83.96 6.90 -65.84
C VAL SC 47 83.35 7.62 -64.66
N ILE SC 48 82.16 7.18 -64.25
CA ILE SC 48 81.46 7.77 -63.11
C ILE SC 48 80.78 6.67 -62.31
N PRO SC 49 80.68 6.85 -61.01
CA PRO SC 49 79.98 5.87 -60.16
C PRO SC 49 78.48 5.90 -60.38
N ILE SC 50 77.84 4.77 -60.10
CA ILE SC 50 76.40 4.62 -60.29
C ILE SC 50 75.95 3.40 -59.49
N SER SC 51 74.66 3.36 -59.16
CA SER SC 51 74.07 2.24 -58.44
C SER SC 51 72.72 1.90 -59.06
N GLY SC 52 72.30 0.65 -58.89
CA GLY SC 52 71.04 0.22 -59.45
C GLY SC 52 70.76 -1.23 -59.12
N ALA SC 53 69.84 -1.82 -59.89
CA ALA SC 53 69.42 -3.20 -59.69
C ALA SC 53 69.37 -3.92 -61.03
N THR SC 54 69.51 -5.25 -60.97
CA THR SC 54 69.51 -6.09 -62.16
C THR SC 54 68.55 -7.26 -61.96
N ARG SC 55 68.12 -7.83 -63.08
CA ARG SC 55 67.18 -8.95 -63.05
C ARG SC 55 67.28 -9.71 -64.37
N ARG SC 56 66.77 -10.95 -64.35
CA ARG SC 56 66.65 -11.82 -65.51
C ARG SC 56 68.02 -12.08 -66.15
N PRO SC 57 68.86 -12.90 -65.53
CA PRO SC 57 70.08 -13.33 -66.21
C PRO SC 57 69.78 -14.34 -67.29
N ASN SC 58 70.66 -14.40 -68.29
CA ASN SC 58 70.48 -15.33 -69.41
C ASN SC 58 71.84 -15.63 -70.01
N ALA SC 59 72.16 -16.92 -70.14
CA ALA SC 59 73.45 -17.29 -70.71
C ALA SC 59 73.46 -17.03 -72.21
N ARG SC 60 74.66 -17.09 -72.78
CA ARG SC 60 74.88 -16.85 -74.20
C ARG SC 60 75.42 -18.13 -74.83
N GLU SC 61 74.72 -18.63 -75.84
CA GLU SC 61 75.16 -19.80 -76.60
C GLU SC 61 75.24 -19.42 -78.07
N ILE SC 62 76.38 -19.67 -78.70
CA ILE SC 62 76.55 -19.27 -80.09
C ILE SC 62 76.42 -20.47 -81.03
N ASP SC 63 77.36 -21.42 -80.96
CA ASP SC 63 77.21 -22.67 -81.67
C ASP SC 63 77.80 -23.86 -80.92
N GLY SC 64 78.04 -23.75 -79.62
CA GLY SC 64 78.62 -24.82 -78.85
C GLY SC 64 80.12 -24.76 -78.67
N GLU SC 65 80.73 -23.59 -78.76
CA GLU SC 65 82.17 -23.45 -78.55
C GLU SC 65 82.56 -23.35 -77.09
N THR SC 66 81.59 -23.35 -76.17
CA THR SC 66 81.84 -23.25 -74.73
C THR SC 66 82.59 -21.95 -74.41
N ILE SC 67 81.92 -20.83 -74.67
CA ILE SC 67 82.49 -19.53 -74.34
C ILE SC 67 81.98 -19.02 -72.99
N ARG SC 68 80.77 -19.41 -72.59
CA ARG SC 68 80.29 -19.25 -71.22
C ARG SC 68 80.24 -17.78 -70.79
N ALA SC 69 79.36 -17.03 -71.42
CA ALA SC 69 79.07 -15.65 -71.06
C ALA SC 69 77.60 -15.49 -70.71
N SER SC 70 77.25 -14.34 -70.12
CA SER SC 70 75.89 -14.12 -69.64
C SER SC 70 75.50 -12.67 -69.88
N ASP SC 71 74.19 -12.42 -69.79
CA ASP SC 71 73.62 -11.13 -70.14
C ASP SC 71 72.48 -10.85 -69.16
N ILE SC 72 72.18 -9.57 -68.93
CA ILE SC 72 71.23 -9.17 -67.89
C ILE SC 72 70.46 -7.91 -68.31
N LEU SC 73 69.49 -7.56 -67.48
CA LEU SC 73 68.70 -6.34 -67.57
C LEU SC 73 69.03 -5.47 -66.37
N GLY SC 74 68.58 -4.22 -66.40
CA GLY SC 74 68.87 -3.29 -65.33
C GLY SC 74 67.69 -2.40 -64.99
N ILE SC 75 67.77 -1.80 -63.80
CA ILE SC 75 66.87 -0.75 -63.36
C ILE SC 75 67.71 0.35 -62.74
N PHE SC 76 67.52 1.60 -63.17
CA PHE SC 76 68.42 2.67 -62.75
C PHE SC 76 67.61 3.90 -62.41
N ASN SC 77 68.31 4.92 -61.92
CA ASN SC 77 67.72 6.18 -61.47
C ASN SC 77 67.67 7.19 -62.62
N ASN SC 78 67.34 8.42 -62.29
CA ASN SC 78 67.14 9.48 -63.28
C ASN SC 78 68.28 10.49 -63.30
N ASP SC 79 69.44 10.14 -62.76
CA ASP SC 79 70.62 10.98 -62.82
C ASP SC 79 71.69 10.27 -63.64
N HIS SC 80 72.58 11.07 -64.23
CA HIS SC 80 73.57 10.56 -65.19
C HIS SC 80 72.88 9.85 -66.36
N GLU SC 81 72.15 10.66 -67.11
CA GLU SC 81 71.34 10.21 -68.25
C GLU SC 81 72.08 9.15 -69.07
N ILE SC 82 71.38 8.04 -69.34
CA ILE SC 82 71.94 6.90 -70.05
C ILE SC 82 71.71 7.08 -71.54
N ASN SC 83 72.78 6.97 -72.31
CA ASN SC 83 72.70 7.05 -73.77
C ASN SC 83 72.61 5.65 -74.36
N GLU SC 84 72.54 5.59 -75.69
CA GLU SC 84 72.34 4.33 -76.39
C GLU SC 84 73.63 3.54 -76.60
N GLY SC 85 74.79 4.14 -76.39
CA GLY SC 85 76.04 3.47 -76.68
C GLY SC 85 77.04 3.51 -75.54
N ASP SC 86 76.57 3.42 -74.31
CA ASP SC 86 77.45 3.54 -73.15
C ASP SC 86 77.86 2.16 -72.63
N TYR SC 87 78.88 2.17 -71.78
CA TYR SC 87 79.37 0.96 -71.15
C TYR SC 87 79.01 0.97 -69.68
N ILE SC 88 78.71 -0.21 -69.14
CA ILE SC 88 78.36 -0.36 -67.73
C ILE SC 88 79.32 -1.36 -67.11
N GLU SC 89 80.03 -0.93 -66.08
CA GLU SC 89 81.01 -1.75 -65.38
C GLU SC 89 80.33 -2.41 -64.18
N ILE SC 90 80.23 -3.74 -64.23
CA ILE SC 90 79.51 -4.52 -63.23
C ILE SC 90 80.48 -5.51 -62.59
N ASP SC 91 80.91 -5.22 -61.36
CA ASP SC 91 81.60 -6.19 -60.51
C ASP SC 91 82.82 -6.78 -61.23
N GLY SC 92 83.56 -5.92 -61.92
CA GLY SC 92 84.68 -6.38 -62.72
C GLY SC 92 84.34 -6.74 -64.15
N ILE SC 93 83.07 -6.78 -64.51
CA ILE SC 93 82.63 -7.17 -65.84
C ILE SC 93 81.98 -5.97 -66.52
N ARG SC 94 82.33 -5.76 -67.78
CA ARG SC 94 81.75 -4.70 -68.59
C ARG SC 94 80.66 -5.24 -69.49
N HIS SC 95 79.63 -4.43 -69.69
CA HIS SC 95 78.57 -4.70 -70.65
C HIS SC 95 78.33 -3.43 -71.47
N VAL SC 96 77.70 -3.60 -72.62
CA VAL SC 96 77.29 -2.48 -73.45
C VAL SC 96 75.77 -2.33 -73.33
N VAL SC 97 75.31 -1.09 -73.25
CA VAL SC 97 73.88 -0.82 -73.19
C VAL SC 97 73.30 -0.95 -74.58
N VAL SC 98 72.71 -2.11 -74.87
CA VAL SC 98 72.17 -2.32 -76.22
C VAL SC 98 70.82 -1.60 -76.37
N ASP SC 99 70.10 -1.44 -75.27
CA ASP SC 99 68.78 -0.85 -75.28
C ASP SC 99 68.63 0.02 -74.03
N ALA SC 100 68.08 1.22 -74.21
CA ALA SC 100 67.87 2.11 -73.08
C ALA SC 100 66.58 1.80 -72.34
N ARG SC 101 65.45 1.81 -73.05
CA ARG SC 101 64.13 1.64 -72.46
C ARG SC 101 63.91 2.58 -71.27
N PRO SC 102 63.73 3.88 -71.52
CA PRO SC 102 63.35 4.78 -70.43
C PRO SC 102 61.86 4.60 -70.11
N VAL SC 103 61.56 4.39 -68.83
CA VAL SC 103 60.17 4.40 -68.42
C VAL SC 103 59.71 5.85 -68.41
N GLN SC 104 58.98 6.24 -69.44
CA GLN SC 104 58.76 7.65 -69.70
C GLN SC 104 57.32 7.92 -70.11
N ALA SC 105 56.82 9.05 -69.62
CA ALA SC 105 55.62 9.67 -70.17
C ALA SC 105 55.79 11.18 -70.25
N SER SC 106 56.99 11.69 -69.94
CA SER SC 106 57.27 13.11 -69.95
C SER SC 106 58.76 13.29 -70.22
N LEU SC 107 59.23 14.53 -70.11
CA LEU SC 107 60.64 14.82 -70.25
C LEU SC 107 61.37 14.46 -68.96
N GLU SC 108 62.71 14.40 -69.03
CA GLU SC 108 63.55 13.90 -67.94
C GLU SC 108 63.00 12.58 -67.42
N PRO SC 109 63.16 11.49 -68.16
CA PRO SC 109 62.47 10.24 -67.81
C PRO SC 109 62.75 9.80 -66.39
N VAL SC 110 61.72 9.26 -65.74
CA VAL SC 110 61.78 9.02 -64.31
C VAL SC 110 62.80 7.93 -63.98
N ALA SC 111 62.94 6.93 -64.84
CA ALA SC 111 63.88 5.84 -64.59
C ALA SC 111 64.20 5.15 -65.91
N TYR SC 112 65.22 4.30 -65.88
CA TYR SC 112 65.66 3.54 -67.04
C TYR SC 112 65.62 2.06 -66.72
N ARG SC 113 65.31 1.25 -67.74
CA ARG SC 113 65.29 -0.20 -67.64
C ARG SC 113 66.15 -0.77 -68.76
N PRO SC 114 67.46 -0.55 -68.70
CA PRO SC 114 68.32 -0.88 -69.85
C PRO SC 114 68.52 -2.38 -70.01
N VAL SC 115 68.95 -2.74 -71.20
CA VAL SC 115 69.34 -4.10 -71.54
C VAL SC 115 70.85 -4.10 -71.72
N LEU SC 116 71.57 -4.91 -70.94
CA LEU SC 116 73.02 -4.95 -70.98
C LEU SC 116 73.44 -6.24 -71.65
N ARG SC 117 74.36 -6.15 -72.60
CA ARG SC 117 74.92 -7.34 -73.22
C ARG SC 117 76.43 -7.34 -73.06
N ARG SC 118 76.97 -8.50 -72.69
CA ARG SC 118 78.37 -8.56 -72.28
C ARG SC 118 79.29 -8.26 -73.44
N VAL SC 119 80.40 -7.58 -73.12
CA VAL SC 119 81.34 -7.08 -74.11
C VAL SC 119 82.04 -8.25 -74.77
N SER SC 120 82.74 -8.00 -75.88
CA SER SC 120 83.36 -9.03 -76.71
C SER SC 120 82.24 -9.96 -77.19
N VAL SC 121 82.32 -11.27 -76.98
CA VAL SC 121 81.24 -12.15 -77.40
C VAL SC 121 80.92 -13.14 -76.31
N SER TC 47 -22.33 -40.73 -0.31
CA SER TC 47 -23.28 -39.96 -1.11
C SER TC 47 -24.71 -40.12 -0.57
N TYR TC 48 -25.06 -41.35 -0.22
CA TYR TC 48 -26.38 -41.66 0.33
C TYR TC 48 -26.32 -42.43 1.64
N HIS TC 49 -25.22 -43.09 1.97
CA HIS TC 49 -25.11 -43.85 3.21
C HIS TC 49 -24.93 -42.85 4.35
N VAL TC 50 -26.07 -42.38 4.86
CA VAL TC 50 -26.07 -41.35 5.90
C VAL TC 50 -25.42 -41.85 7.18
N GLY TC 51 -25.41 -43.16 7.41
CA GLY TC 51 -24.79 -43.68 8.62
C GLY TC 51 -23.31 -43.39 8.69
N SER TC 52 -22.62 -43.52 7.55
CA SER TC 52 -21.20 -43.21 7.51
C SER TC 52 -20.95 -41.74 7.77
N PHE TC 53 -21.75 -40.87 7.16
CA PHE TC 53 -21.64 -39.44 7.39
C PHE TC 53 -21.85 -39.12 8.86
N TYR TC 54 -22.77 -39.84 9.50
CA TYR TC 54 -23.08 -39.61 10.90
C TYR TC 54 -21.96 -40.05 11.83
N ASN TC 55 -21.43 -41.25 11.62
CA ASN TC 55 -20.47 -41.83 12.56
C ASN TC 55 -19.01 -41.60 12.16
N ASP TC 56 -18.75 -40.86 11.07
CA ASP TC 56 -17.39 -40.55 10.67
C ASP TC 56 -17.07 -39.07 10.78
N ASN TC 57 -17.87 -38.22 10.15
CA ASN TC 57 -17.69 -36.77 10.25
C ASN TC 57 -18.34 -36.25 11.52
N ALA TC 58 -17.59 -35.43 12.25
CA ALA TC 58 -18.11 -34.82 13.47
C ALA TC 58 -19.09 -33.70 13.21
N THR TC 59 -18.98 -33.02 12.08
CA THR TC 59 -19.91 -31.93 11.77
C THR TC 59 -21.33 -32.46 11.60
N ALA TC 60 -21.49 -33.58 10.90
CA ALA TC 60 -22.81 -34.18 10.78
C ALA TC 60 -23.32 -34.65 12.14
N LYS TC 61 -22.43 -35.24 12.94
CA LYS TC 61 -22.80 -35.62 14.30
C LYS TC 61 -23.39 -34.45 15.05
N ARG TC 62 -22.70 -33.30 15.02
CA ARG TC 62 -23.19 -32.14 15.73
C ARG TC 62 -24.51 -31.65 15.16
N ILE TC 63 -24.58 -31.48 13.84
CA ILE TC 63 -25.78 -30.91 13.25
C ILE TC 63 -27.00 -31.80 13.45
N VAL TC 64 -26.80 -33.09 13.69
CA VAL TC 64 -27.94 -33.97 13.94
C VAL TC 64 -28.20 -34.20 15.43
N ASP TC 65 -27.23 -33.94 16.30
CA ASP TC 65 -27.36 -34.29 17.71
C ASP TC 65 -27.55 -33.11 18.64
N VAL TC 66 -27.08 -31.92 18.28
CA VAL TC 66 -26.97 -30.83 19.24
C VAL TC 66 -28.36 -30.37 19.70
N ILE TC 67 -29.34 -30.34 18.81
CA ILE TC 67 -30.64 -29.76 19.13
C ILE TC 67 -31.44 -30.65 20.08
N PRO TC 68 -31.77 -31.90 19.72
CA PRO TC 68 -32.74 -32.65 20.53
C PRO TC 68 -32.31 -32.88 21.97
N GLU TC 69 -31.02 -33.15 22.21
CA GLU TC 69 -30.60 -33.48 23.57
C GLU TC 69 -30.67 -32.26 24.48
N GLU TC 70 -30.23 -31.11 23.98
CA GLU TC 70 -30.36 -29.88 24.77
C GLU TC 70 -31.82 -29.52 24.96
N MET TC 71 -32.63 -29.73 23.92
CA MET TC 71 -34.07 -29.49 24.00
C MET TC 71 -34.70 -30.29 25.13
N VAL TC 72 -34.43 -31.59 25.20
CA VAL TC 72 -35.05 -32.41 26.23
C VAL TC 72 -34.46 -32.09 27.61
N THR TC 73 -33.15 -31.89 27.70
CA THR TC 73 -32.55 -31.57 29.00
C THR TC 73 -32.96 -30.20 29.52
N ALA TC 74 -33.53 -29.35 28.67
CA ALA TC 74 -34.07 -28.07 29.15
C ALA TC 74 -35.12 -28.26 30.23
N GLY TC 75 -35.98 -29.28 30.11
CA GLY TC 75 -37.01 -29.54 31.09
C GLY TC 75 -38.32 -28.86 30.76
N PHE TC 76 -39.32 -29.18 31.58
CA PHE TC 76 -40.68 -28.66 31.40
C PHE TC 76 -41.37 -28.68 32.76
N LYS TC 77 -42.51 -28.00 32.83
CA LYS TC 77 -43.29 -27.97 34.06
C LYS TC 77 -44.75 -28.27 33.75
N ILE TC 78 -45.46 -28.80 34.74
CA ILE TC 78 -46.87 -29.15 34.60
C ILE TC 78 -47.67 -28.37 35.63
N SER TC 79 -48.84 -27.88 35.20
CA SER TC 79 -49.74 -27.13 36.04
C SER TC 79 -51.05 -27.90 36.17
N GLY TC 80 -51.70 -27.74 37.33
CA GLY TC 80 -52.87 -28.51 37.68
C GLY TC 80 -52.60 -29.70 38.56
N VAL TC 81 -51.39 -29.83 39.09
CA VAL TC 81 -51.00 -30.98 39.91
C VAL TC 81 -50.87 -30.52 41.36
N LYS TC 82 -51.15 -31.45 42.28
CA LYS TC 82 -51.09 -31.13 43.71
C LYS TC 82 -49.67 -30.76 44.13
N ASP TC 83 -48.66 -31.47 43.63
CA ASP TC 83 -47.29 -31.20 44.02
C ASP TC 83 -46.35 -31.71 42.93
N GLU TC 84 -45.09 -31.27 42.99
CA GLU TC 84 -44.10 -31.60 41.98
C GLU TC 84 -42.99 -32.50 42.49
N LYS TC 85 -42.82 -32.62 43.80
CA LYS TC 85 -41.75 -33.44 44.35
C LYS TC 85 -41.93 -34.90 43.94
N GLU TC 86 -43.14 -35.43 44.10
CA GLU TC 86 -43.42 -36.80 43.70
C GLU TC 86 -43.32 -36.98 42.19
N PHE TC 87 -43.71 -35.97 41.41
CA PHE TC 87 -43.56 -36.08 39.96
C PHE TC 87 -42.08 -36.21 39.57
N LYS TC 88 -41.23 -35.34 40.12
CA LYS TC 88 -39.81 -35.44 39.80
C LYS TC 88 -39.22 -36.74 40.31
N SER TC 89 -39.68 -37.21 41.47
CA SER TC 89 -39.19 -38.48 42.01
C SER TC 89 -39.51 -39.64 41.08
N LEU TC 90 -40.77 -39.73 40.63
CA LEU TC 90 -41.12 -40.81 39.71
C LEU TC 90 -40.38 -40.65 38.38
N TRP TC 91 -40.20 -39.40 37.92
CA TRP TC 91 -39.53 -39.17 36.65
C TRP TC 91 -38.09 -39.68 36.69
N ASP TC 92 -37.32 -39.24 37.68
CA ASP TC 92 -35.93 -39.68 37.73
C ASP TC 92 -35.77 -41.08 38.32
N SER TC 93 -36.85 -41.69 38.84
CA SER TC 93 -36.81 -43.12 39.13
C SER TC 93 -36.99 -43.92 37.85
N TYR TC 94 -37.85 -43.47 36.94
CA TYR TC 94 -38.06 -44.18 35.69
C TYR TC 94 -36.88 -43.98 34.72
N LYS TC 95 -36.29 -42.79 34.71
CA LYS TC 95 -35.07 -42.48 33.96
C LYS TC 95 -35.14 -42.98 32.50
N ILE TC 96 -36.07 -42.40 31.76
CA ILE TC 96 -36.28 -42.75 30.35
C ILE TC 96 -35.66 -41.74 29.41
N ASP TC 97 -34.97 -40.72 29.93
CA ASP TC 97 -34.49 -39.68 29.03
C ASP TC 97 -33.40 -40.12 28.04
N PRO TC 98 -32.56 -41.14 28.29
CA PRO TC 98 -31.67 -41.57 27.18
C PRO TC 98 -32.47 -42.08 26.00
N SER TC 99 -33.53 -42.82 26.29
CA SER TC 99 -34.42 -43.31 25.24
C SER TC 99 -35.09 -42.16 24.51
N LEU TC 100 -35.57 -41.15 25.24
CA LEU TC 100 -36.16 -40.01 24.55
C LEU TC 100 -35.13 -39.31 23.67
N VAL TC 101 -33.91 -39.12 24.17
CA VAL TC 101 -32.87 -38.45 23.40
C VAL TC 101 -32.60 -39.19 22.10
N ASP TC 102 -32.21 -40.46 22.19
CA ASP TC 102 -31.83 -41.13 20.95
C ASP TC 102 -33.03 -41.39 20.05
N ALA TC 103 -34.24 -41.53 20.62
CA ALA TC 103 -35.44 -41.63 19.79
C ALA TC 103 -35.61 -40.40 18.92
N LEU TC 104 -35.55 -39.20 19.53
CA LEU TC 104 -35.63 -37.98 18.75
C LEU TC 104 -34.46 -37.88 17.78
N CYS TC 105 -33.29 -38.40 18.16
CA CYS TC 105 -32.13 -38.34 17.28
C CYS TC 105 -32.37 -39.11 15.99
N TRP TC 106 -32.79 -40.37 16.09
CA TRP TC 106 -33.02 -41.12 14.85
C TRP TC 106 -34.27 -40.62 14.13
N ALA TC 107 -35.23 -40.03 14.86
CA ALA TC 107 -36.36 -39.42 14.18
C ALA TC 107 -35.90 -38.28 13.28
N ARG TC 108 -35.00 -37.44 13.78
CA ARG TC 108 -34.43 -36.37 12.97
C ARG TC 108 -33.60 -36.93 11.83
N LEU TC 109 -32.79 -37.95 12.10
CA LEU TC 109 -31.82 -38.42 11.11
C LEU TC 109 -32.49 -39.22 10.00
N TYR TC 110 -33.13 -40.33 10.35
CA TYR TC 110 -33.72 -41.23 9.35
C TYR TC 110 -35.06 -40.73 8.83
N GLY TC 111 -35.62 -39.69 9.45
CA GLY TC 111 -36.93 -39.21 9.05
C GLY TC 111 -38.09 -39.94 9.66
N GLY TC 112 -37.85 -40.99 10.45
CA GLY TC 112 -38.91 -41.75 11.06
C GLY TC 112 -38.43 -42.66 12.16
N ALA TC 113 -39.22 -42.78 13.23
CA ALA TC 113 -38.90 -43.66 14.34
C ALA TC 113 -40.19 -43.97 15.10
N ALA TC 114 -40.15 -45.03 15.89
CA ALA TC 114 -41.31 -45.42 16.69
C ALA TC 114 -40.85 -45.71 18.10
N ILE TC 115 -41.71 -45.42 19.08
CA ILE TC 115 -41.48 -45.78 20.46
C ILE TC 115 -42.67 -46.58 20.96
N VAL TC 116 -42.42 -47.57 21.79
CA VAL TC 116 -43.47 -48.37 22.41
C VAL TC 116 -43.28 -48.32 23.92
N ALA TC 117 -44.37 -48.02 24.63
CA ALA TC 117 -44.41 -48.02 26.07
C ALA TC 117 -45.29 -49.18 26.52
N ILE TC 118 -44.74 -50.07 27.35
CA ILE TC 118 -45.44 -51.25 27.81
C ILE TC 118 -46.12 -50.92 29.13
N ILE TC 119 -47.41 -51.21 29.22
CA ILE TC 119 -48.23 -50.84 30.37
C ILE TC 119 -48.48 -52.08 31.23
N ASN TC 120 -48.56 -51.86 32.54
CA ASN TC 120 -48.88 -52.93 33.48
C ASN TC 120 -50.37 -53.26 33.31
N ASP TC 121 -50.66 -54.22 32.45
CA ASP TC 121 -52.05 -54.62 32.22
C ASP TC 121 -52.09 -56.13 31.96
N ASN TC 122 -53.19 -56.75 32.38
CA ASN TC 122 -53.37 -58.19 32.26
C ASN TC 122 -54.10 -58.57 30.97
N ARG TC 123 -53.60 -58.10 29.84
CA ARG TC 123 -54.18 -58.43 28.53
C ARG TC 123 -53.06 -58.65 27.53
N MET TC 124 -53.40 -59.30 26.44
CA MET TC 124 -52.46 -59.47 25.35
C MET TC 124 -52.14 -58.12 24.72
N LEU TC 125 -50.91 -58.00 24.22
CA LEU TC 125 -50.42 -56.72 23.75
C LEU TC 125 -51.04 -56.28 22.43
N THR TC 126 -51.88 -57.13 21.82
CA THR TC 126 -52.56 -56.71 20.59
C THR TC 126 -53.83 -55.92 20.90
N SER TC 127 -54.57 -56.31 21.94
CA SER TC 127 -55.82 -55.65 22.26
C SER TC 127 -55.56 -54.23 22.75
N PRO TC 128 -56.54 -53.33 22.60
CA PRO TC 128 -56.36 -51.95 23.08
C PRO TC 128 -56.27 -51.83 24.59
N VAL TC 129 -56.33 -50.60 25.10
CA VAL TC 129 -56.13 -50.28 26.52
C VAL TC 129 -57.44 -49.83 27.13
N LYS TC 130 -57.71 -50.26 28.36
CA LYS TC 130 -58.68 -49.58 29.19
C LYS TC 130 -58.02 -48.36 29.83
N PRO TC 131 -58.80 -47.33 30.19
CA PRO TC 131 -58.23 -46.13 30.79
C PRO TC 131 -57.44 -46.45 32.06
N GLY TC 132 -56.33 -45.76 32.24
CA GLY TC 132 -55.49 -45.95 33.40
C GLY TC 132 -54.20 -45.18 33.27
N ALA TC 133 -53.40 -45.23 34.35
CA ALA TC 133 -52.12 -44.55 34.41
C ALA TC 133 -51.07 -45.54 34.91
N LYS TC 134 -50.51 -46.32 33.97
CA LYS TC 134 -49.50 -47.32 34.29
C LYS TC 134 -48.53 -47.44 33.14
N LEU TC 135 -47.29 -47.85 33.46
CA LEU TC 135 -46.32 -48.35 32.51
C LEU TC 135 -45.08 -48.80 33.28
N GLU TC 136 -44.29 -49.68 32.68
CA GLU TC 136 -43.08 -50.19 33.31
C GLU TC 136 -41.86 -50.15 32.42
N GLY TC 137 -41.99 -49.77 31.16
CA GLY TC 137 -40.83 -49.71 30.28
C GLY TC 137 -41.18 -49.01 28.98
N VAL TC 138 -40.15 -48.43 28.39
CA VAL TC 138 -40.25 -47.70 27.12
C VAL TC 138 -39.05 -48.06 26.28
N ARG TC 139 -39.28 -48.35 24.99
CA ARG TC 139 -38.17 -48.68 24.11
C ARG TC 139 -38.46 -48.21 22.70
N VAL TC 140 -37.39 -47.93 21.95
CA VAL TC 140 -37.46 -47.23 20.68
C VAL TC 140 -36.93 -48.14 19.58
N TYR TC 141 -37.55 -48.05 18.41
CA TYR TC 141 -37.10 -48.70 17.19
C TYR TC 141 -36.98 -47.67 16.07
N ASP TC 142 -36.04 -47.91 15.17
CA ASP TC 142 -35.75 -46.97 14.11
C ASP TC 142 -36.78 -47.14 12.97
N ARG TC 143 -36.51 -46.49 11.84
CA ARG TC 143 -37.49 -46.44 10.75
C ARG TC 143 -37.68 -47.80 10.09
N PHE TC 144 -36.62 -48.59 9.98
CA PHE TC 144 -36.66 -49.76 9.12
C PHE TC 144 -37.44 -50.93 9.71
N ALA TC 145 -37.70 -50.92 11.02
CA ALA TC 145 -38.30 -52.07 11.69
C ALA TC 145 -39.81 -51.96 11.86
N ILE TC 146 -40.44 -50.92 11.32
CA ILE TC 146 -41.85 -50.62 11.54
C ILE TC 146 -42.58 -50.72 10.20
N THR TC 147 -43.75 -51.35 10.20
CA THR TC 147 -44.58 -51.40 9.00
C THR TC 147 -46.04 -51.40 9.42
N ILE TC 148 -46.90 -50.88 8.54
CA ILE TC 148 -48.35 -50.91 8.73
C ILE TC 148 -48.82 -52.31 8.41
N GLU TC 149 -49.86 -52.79 9.12
CA GLU TC 149 -50.31 -54.16 8.89
C GLU TC 149 -51.73 -54.23 8.34
N LYS TC 150 -52.69 -53.61 9.00
CA LYS TC 150 -54.07 -53.64 8.54
C LYS TC 150 -54.62 -52.22 8.53
N ARG TC 151 -55.47 -51.94 7.55
CA ARG TC 151 -55.89 -50.58 7.21
C ARG TC 151 -57.34 -50.36 7.60
N VAL TC 152 -57.60 -49.26 8.30
CA VAL TC 152 -58.95 -48.84 8.68
C VAL TC 152 -59.29 -47.56 7.94
N THR TC 153 -60.39 -47.58 7.19
CA THR TC 153 -60.87 -46.41 6.45
C THR TC 153 -62.36 -46.20 6.63
N ASN TC 154 -62.91 -46.55 7.79
CA ASN TC 154 -64.35 -46.49 8.00
C ASN TC 154 -64.85 -45.05 7.95
N ALA TC 155 -66.12 -44.89 7.55
CA ALA TC 155 -66.67 -43.56 7.34
C ALA TC 155 -66.94 -42.85 8.67
N ARG TC 156 -67.37 -43.59 9.68
CA ARG TC 156 -67.81 -42.94 10.92
C ARG TC 156 -66.64 -42.30 11.67
N SER TC 157 -65.56 -43.05 11.85
CA SER TC 157 -64.46 -42.54 12.66
C SER TC 157 -63.64 -41.53 11.86
N PRO TC 158 -63.28 -40.39 12.46
CA PRO TC 158 -62.27 -39.51 11.87
C PRO TC 158 -60.86 -40.09 11.94
N ARG TC 159 -60.72 -41.29 12.47
CA ARG TC 159 -59.45 -42.01 12.54
C ARG TC 159 -59.13 -42.74 11.24
N TYR TC 160 -60.02 -42.69 10.25
CA TYR TC 160 -59.77 -43.37 8.99
C TYR TC 160 -58.59 -42.71 8.28
N GLY TC 161 -57.72 -43.55 7.70
CA GLY TC 161 -56.46 -43.07 7.18
C GLY TC 161 -55.34 -43.05 8.18
N GLU TC 162 -55.65 -43.24 9.46
CA GLU TC 162 -54.66 -43.38 10.51
C GLU TC 162 -54.48 -44.87 10.82
N PRO TC 163 -53.28 -45.43 10.60
CA PRO TC 163 -53.11 -46.89 10.74
C PRO TC 163 -53.47 -47.38 12.13
N GLU TC 164 -54.06 -48.57 12.18
CA GLU TC 164 -54.56 -49.09 13.45
C GLU TC 164 -53.59 -50.12 14.04
N ILE TC 165 -53.05 -51.00 13.20
CA ILE TC 165 -52.19 -52.09 13.65
C ILE TC 165 -50.85 -52.00 12.93
N TYR TC 166 -49.77 -52.17 13.69
CA TYR TC 166 -48.42 -52.16 13.16
C TYR TC 166 -47.77 -53.52 13.37
N LYS TC 167 -46.86 -53.86 12.47
CA LYS TC 167 -45.95 -54.98 12.65
C LYS TC 167 -44.55 -54.45 12.87
N VAL TC 168 -43.88 -54.95 13.90
CA VAL TC 168 -42.53 -54.53 14.26
C VAL TC 168 -41.62 -55.74 14.21
N SER TC 169 -40.46 -55.57 13.56
CA SER TC 169 -39.50 -56.64 13.35
C SER TC 169 -38.13 -56.18 13.84
N PRO TC 170 -37.84 -56.37 15.13
CA PRO TC 170 -36.55 -55.93 15.68
C PRO TC 170 -35.37 -56.74 15.16
N GLY TC 171 -35.57 -58.05 14.99
CA GLY TC 171 -34.48 -58.94 14.64
C GLY TC 171 -34.05 -59.76 15.84
N ASP TC 172 -32.76 -59.76 16.14
CA ASP TC 172 -32.16 -60.44 17.30
C ASP TC 172 -32.82 -61.80 17.56
N ASN TC 173 -32.98 -62.57 16.48
CA ASN TC 173 -33.60 -63.89 16.45
C ASN TC 173 -34.85 -64.01 17.34
N ILE TC 174 -35.68 -62.97 17.35
CA ILE TC 174 -36.99 -63.02 17.99
C ILE TC 174 -38.04 -62.68 16.95
N GLN TC 175 -39.21 -63.29 17.06
CA GLN TC 175 -40.24 -63.17 16.04
C GLN TC 175 -40.78 -61.75 16.01
N PRO TC 176 -40.98 -61.18 14.82
CA PRO TC 176 -41.70 -59.91 14.71
C PRO TC 176 -43.11 -60.06 15.25
N TYR TC 177 -43.63 -58.98 15.86
CA TYR TC 177 -44.94 -59.07 16.48
C TYR TC 177 -45.81 -57.89 16.08
N LEU TC 178 -47.04 -57.90 16.58
CA LEU TC 178 -48.09 -56.97 16.18
C LEU TC 178 -48.48 -56.08 17.35
N ILE TC 179 -48.66 -54.79 17.07
CA ILE TC 179 -48.89 -53.79 18.09
C ILE TC 179 -50.11 -52.97 17.72
N HIS TC 180 -50.97 -52.71 18.71
CA HIS TC 180 -52.07 -51.78 18.56
C HIS TC 180 -51.57 -50.34 18.63
N HIS TC 181 -52.30 -49.44 17.98
CA HIS TC 181 -51.81 -48.07 17.82
C HIS TC 181 -51.74 -47.33 19.16
N THR TC 182 -52.65 -47.64 20.07
CA THR TC 182 -52.78 -46.83 21.29
C THR TC 182 -51.53 -46.93 22.17
N ARG TC 183 -50.65 -47.90 21.88
CA ARG TC 183 -49.47 -48.09 22.72
C ARG TC 183 -48.25 -47.38 22.14
N ILE TC 184 -48.33 -46.90 20.91
CA ILE TC 184 -47.15 -46.39 20.21
C ILE TC 184 -47.43 -45.01 19.63
N PHE TC 185 -46.35 -44.26 19.44
CA PHE TC 185 -46.38 -42.93 18.86
C PHE TC 185 -45.26 -42.88 17.83
N ILE TC 186 -45.59 -42.54 16.59
CA ILE TC 186 -44.63 -42.47 15.50
C ILE TC 186 -44.12 -41.04 15.39
N ALA TC 187 -42.80 -40.88 15.33
CA ALA TC 187 -42.18 -39.58 15.18
C ALA TC 187 -41.55 -39.48 13.80
N ASP TC 188 -41.94 -38.47 13.04
CA ASP TC 188 -41.46 -38.29 11.68
C ASP TC 188 -40.39 -37.20 11.63
N GLY TC 189 -39.93 -36.91 10.42
CA GLY TC 189 -38.91 -35.88 10.24
C GLY TC 189 -39.51 -34.51 10.07
N GLU TC 190 -39.20 -33.85 8.95
CA GLU TC 190 -39.71 -32.52 8.69
C GLU TC 190 -40.77 -32.56 7.60
N ARG TC 191 -41.37 -31.40 7.36
CA ARG TC 191 -42.46 -31.27 6.39
C ARG TC 191 -41.97 -31.53 4.97
N VAL TC 192 -42.86 -32.11 4.16
CA VAL TC 192 -42.56 -32.42 2.76
C VAL TC 192 -43.88 -32.44 2.00
N THR TC 193 -43.78 -32.25 0.68
CA THR TC 193 -44.96 -32.24 -0.16
C THR TC 193 -45.62 -33.63 -0.19
N PRO TC 194 -46.95 -33.69 -0.33
CA PRO TC 194 -47.62 -35.00 -0.38
C PRO TC 194 -47.17 -35.87 -1.54
N GLN TC 195 -46.79 -35.26 -2.66
CA GLN TC 195 -46.35 -36.03 -3.82
C GLN TC 195 -45.01 -36.72 -3.60
N MET TC 196 -44.43 -36.57 -2.42
CA MET TC 196 -43.37 -37.45 -1.94
C MET TC 196 -43.72 -38.10 -0.61
N ARG TC 197 -44.66 -37.51 0.14
CA ARG TC 197 -45.10 -38.11 1.39
C ARG TC 197 -45.74 -39.46 1.15
N LYS TC 198 -46.56 -39.57 0.10
CA LYS TC 198 -47.23 -40.84 -0.16
C LYS TC 198 -46.30 -41.83 -0.85
N GLN TC 199 -45.25 -41.35 -1.52
CA GLN TC 199 -44.22 -42.26 -2.02
C GLN TC 199 -43.32 -42.79 -0.92
N ASN TC 200 -43.07 -41.99 0.12
CA ASN TC 200 -42.26 -42.41 1.25
C ASN TC 200 -43.12 -43.09 2.31
N GLN TC 201 -44.25 -43.66 1.91
CA GLN TC 201 -45.14 -44.40 2.80
C GLN TC 201 -45.50 -43.61 4.05
N GLY TC 202 -45.92 -42.36 3.83
CA GLY TC 202 -46.35 -41.51 4.93
C GLY TC 202 -45.27 -41.26 5.98
N TRP TC 203 -44.05 -41.01 5.54
CA TRP TC 203 -42.93 -40.75 6.43
C TRP TC 203 -42.16 -39.54 5.96
N GLY TC 204 -41.50 -38.86 6.90
CA GLY TC 204 -40.81 -37.63 6.63
C GLY TC 204 -39.52 -37.80 5.83
N ALA TC 205 -38.64 -36.81 5.93
CA ALA TC 205 -37.40 -36.80 5.17
C ALA TC 205 -36.22 -36.58 6.10
N SER TC 206 -35.04 -36.96 5.63
CA SER TC 206 -33.82 -36.74 6.38
C SER TC 206 -33.38 -35.28 6.29
N VAL TC 207 -32.85 -34.76 7.40
CA VAL TC 207 -32.35 -33.39 7.41
C VAL TC 207 -31.12 -33.23 6.52
N LEU TC 208 -30.48 -34.33 6.15
CA LEU TC 208 -29.25 -34.29 5.36
C LEU TC 208 -29.61 -34.41 3.89
N ASN TC 209 -30.12 -33.32 3.33
CA ASN TC 209 -30.41 -33.26 1.90
C ASN TC 209 -29.10 -33.10 1.12
N LYS TC 210 -29.19 -33.37 -0.19
CA LYS TC 210 -27.98 -33.45 -1.00
C LYS TC 210 -27.23 -32.12 -1.04
N SER TC 211 -27.92 -31.00 -0.93
CA SER TC 211 -27.25 -29.71 -0.89
C SER TC 211 -26.33 -29.62 0.32
N LEU TC 212 -26.84 -29.98 1.50
CA LEU TC 212 -26.01 -29.95 2.69
C LEU TC 212 -24.91 -31.02 2.60
N ILE TC 213 -25.22 -32.15 1.98
CA ILE TC 213 -24.22 -33.22 1.86
C ILE TC 213 -23.03 -32.74 1.05
N ASP TC 214 -23.26 -32.18 -0.13
CA ASP TC 214 -22.12 -31.77 -0.94
C ASP TC 214 -21.46 -30.50 -0.40
N ALA TC 215 -22.21 -29.67 0.33
CA ALA TC 215 -21.60 -28.56 1.03
C ALA TC 215 -20.59 -29.05 2.06
N ILE TC 216 -20.96 -30.08 2.82
CA ILE TC 216 -19.98 -30.68 3.74
C ILE TC 216 -18.84 -31.33 2.96
N CYS TC 217 -19.15 -31.95 1.83
CA CYS TC 217 -18.15 -32.72 1.10
C CYS TC 217 -17.03 -31.83 0.57
N ASP TC 218 -17.39 -30.73 -0.09
CA ASP TC 218 -16.34 -29.94 -0.75
C ASP TC 218 -15.43 -29.22 0.22
N TYR TC 219 -15.82 -29.10 1.49
CA TYR TC 219 -14.96 -28.46 2.48
C TYR TC 219 -13.65 -29.22 2.66
N ASP TC 220 -13.74 -30.54 2.77
CA ASP TC 220 -12.53 -31.34 2.92
C ASP TC 220 -11.67 -31.27 1.66
N TYR TC 221 -12.32 -31.20 0.49
CA TYR TC 221 -11.60 -30.98 -0.75
C TYR TC 221 -10.80 -29.69 -0.71
N CYS TC 222 -11.42 -28.62 -0.21
CA CYS TC 222 -10.73 -27.34 -0.10
C CYS TC 222 -9.56 -27.42 0.88
N GLU TC 223 -9.74 -28.11 2.00
CA GLU TC 223 -8.64 -28.25 2.95
C GLU TC 223 -7.47 -29.03 2.35
N SER TC 224 -7.77 -30.11 1.62
CA SER TC 224 -6.71 -30.87 0.97
C SER TC 224 -5.97 -30.01 -0.05
N LEU TC 225 -6.71 -29.23 -0.84
CA LEU TC 225 -6.07 -28.35 -1.81
C LEU TC 225 -5.22 -27.30 -1.12
N ALA TC 226 -5.68 -26.79 0.02
CA ALA TC 226 -4.89 -25.81 0.77
C ALA TC 226 -3.58 -26.42 1.26
N THR TC 227 -3.65 -27.65 1.78
CA THR TC 227 -2.42 -28.32 2.21
C THR TC 227 -1.48 -28.52 1.03
N GLN TC 228 -2.00 -28.92 -0.12
CA GLN TC 228 -1.15 -29.10 -1.30
C GLN TC 228 -0.50 -27.80 -1.71
N ILE TC 229 -1.26 -26.70 -1.73
CA ILE TC 229 -0.70 -25.41 -2.14
C ILE TC 229 0.39 -24.98 -1.15
N LEU TC 230 0.18 -25.22 0.14
CA LEU TC 230 1.23 -24.92 1.11
C LEU TC 230 2.47 -25.76 0.87
N ARG TC 231 2.30 -27.04 0.52
CA ARG TC 231 3.45 -27.89 0.25
C ARG TC 231 4.21 -27.42 -0.98
N ARG TC 232 3.52 -26.90 -1.98
CA ARG TC 232 4.13 -26.54 -3.25
C ARG TC 232 4.62 -25.09 -3.29
N LYS TC 233 5.05 -24.53 -2.16
CA LYS TC 233 5.42 -23.12 -2.14
C LYS TC 233 6.60 -22.81 -3.05
N GLN TC 234 7.65 -23.64 -3.00
CA GLN TC 234 8.86 -23.39 -3.77
C GLN TC 234 9.46 -24.69 -4.26
N GLN TC 235 10.26 -24.60 -5.33
CA GLN TC 235 10.88 -25.76 -5.96
C GLN TC 235 12.33 -25.44 -6.30
N ALA TC 236 13.17 -26.46 -6.31
CA ALA TC 236 14.56 -26.33 -6.73
C ALA TC 236 14.83 -27.25 -7.91
N VAL TC 237 15.55 -26.73 -8.90
CA VAL TC 237 15.82 -27.45 -10.15
C VAL TC 237 17.33 -27.51 -10.35
N TRP TC 238 17.81 -28.68 -10.76
CA TRP TC 238 19.23 -28.97 -10.90
C TRP TC 238 19.49 -29.44 -12.33
N LYS TC 239 20.05 -28.56 -13.15
CA LYS TC 239 20.27 -28.82 -14.57
C LYS TC 239 21.65 -29.44 -14.74
N VAL TC 240 21.70 -30.62 -15.36
CA VAL TC 240 22.96 -31.32 -15.63
C VAL TC 240 22.91 -31.91 -17.04
N LYS TC 241 23.60 -31.25 -17.97
CA LYS TC 241 23.61 -31.72 -19.35
C LYS TC 241 24.14 -33.14 -19.43
N GLY TC 242 23.48 -33.95 -20.24
CA GLY TC 242 23.82 -35.35 -20.37
C GLY TC 242 23.23 -36.26 -19.33
N LEU TC 243 22.50 -35.72 -18.35
CA LEU TC 243 21.91 -36.57 -17.32
C LEU TC 243 20.96 -37.61 -17.91
N ALA TC 244 20.40 -37.33 -19.09
CA ALA TC 244 19.45 -38.26 -19.69
C ALA TC 244 20.16 -39.45 -20.33
N GLU TC 245 21.47 -39.34 -20.51
CA GLU TC 245 22.17 -40.38 -21.27
C GLU TC 245 22.31 -41.66 -20.46
N MET TC 246 22.23 -41.56 -19.13
CA MET TC 246 22.34 -42.73 -18.28
C MET TC 246 21.19 -43.70 -18.51
N CYS TC 247 21.51 -44.99 -18.59
CA CYS TC 247 20.47 -46.01 -18.56
C CYS TC 247 19.96 -46.19 -17.13
N ASP TC 248 18.70 -46.57 -17.00
CA ASP TC 248 18.04 -46.56 -15.70
C ASP TC 248 18.38 -47.81 -14.89
N ASP TC 249 17.80 -47.87 -13.69
CA ASP TC 249 18.03 -48.90 -12.68
C ASP TC 249 19.51 -49.28 -12.58
N ASP TC 250 20.36 -48.28 -12.39
CA ASP TC 250 21.80 -48.49 -12.34
C ASP TC 250 22.40 -47.83 -11.10
N ASP TC 251 23.51 -48.44 -10.66
CA ASP TC 251 24.26 -47.92 -9.51
C ASP TC 251 24.72 -46.49 -9.76
N ALA TC 252 24.94 -46.11 -11.02
CA ALA TC 252 25.33 -44.75 -11.33
C ALA TC 252 24.30 -43.74 -10.83
N GLN TC 253 23.04 -43.93 -11.22
CA GLN TC 253 22.02 -42.97 -10.80
C GLN TC 253 21.67 -43.16 -9.33
N TYR TC 254 21.84 -44.38 -8.80
CA TYR TC 254 21.66 -44.55 -7.37
C TYR TC 254 22.65 -43.70 -6.58
N ALA TC 255 23.92 -43.72 -6.98
CA ALA TC 255 24.92 -42.88 -6.34
C ALA TC 255 24.63 -41.41 -6.57
N ALA TC 256 24.14 -41.06 -7.76
CA ALA TC 256 23.80 -39.67 -8.03
C ALA TC 256 22.71 -39.16 -7.10
N ARG TC 257 21.65 -39.95 -6.90
CA ARG TC 257 20.57 -39.48 -6.04
C ARG TC 257 20.97 -39.54 -4.57
N LEU TC 258 21.86 -40.45 -4.20
CA LEU TC 258 22.41 -40.43 -2.85
C LEU TC 258 23.20 -39.15 -2.60
N ARG TC 259 23.99 -38.73 -3.60
CA ARG TC 259 24.70 -37.46 -3.50
C ARG TC 259 23.73 -36.30 -3.41
N LEU TC 260 22.63 -36.36 -4.15
CA LEU TC 260 21.60 -35.33 -4.06
C LEU TC 260 21.03 -35.25 -2.64
N ALA TC 261 20.77 -36.41 -2.04
CA ALA TC 261 20.33 -36.43 -0.65
C ALA TC 261 21.34 -35.75 0.26
N GLN TC 262 22.61 -36.15 0.14
CA GLN TC 262 23.65 -35.59 1.01
C GLN TC 262 23.74 -34.07 0.84
N VAL TC 263 23.67 -33.59 -0.39
CA VAL TC 263 23.85 -32.15 -0.61
C VAL TC 263 22.62 -31.36 -0.13
N ASP TC 264 21.40 -31.82 -0.42
CA ASP TC 264 20.25 -30.98 -0.11
C ASP TC 264 19.87 -31.08 1.36
N ASP TC 265 20.31 -32.14 2.05
CA ASP TC 265 20.02 -32.23 3.47
C ASP TC 265 20.75 -31.16 4.29
N ASN TC 266 21.84 -30.60 3.77
CA ASN TC 266 22.67 -29.69 4.54
C ASN TC 266 22.65 -28.26 3.99
N SER TC 267 21.72 -27.94 3.10
CA SER TC 267 21.63 -26.57 2.61
C SER TC 267 20.90 -25.70 3.61
N GLY TC 268 21.23 -24.42 3.61
CA GLY TC 268 20.63 -23.49 4.55
C GLY TC 268 21.26 -22.12 4.45
N VAL TC 269 20.95 -21.29 5.45
CA VAL TC 269 21.39 -19.91 5.45
C VAL TC 269 22.91 -19.82 5.60
N GLY TC 270 23.45 -20.52 6.59
CA GLY TC 270 24.88 -20.51 6.84
C GLY TC 270 25.66 -21.53 6.04
N ARG TC 271 25.16 -21.96 4.89
CA ARG TC 271 25.83 -22.96 4.07
C ARG TC 271 25.79 -22.52 2.61
N ALA TC 272 26.82 -22.89 1.87
CA ALA TC 272 26.92 -22.61 0.45
C ALA TC 272 27.28 -23.89 -0.29
N ILE TC 273 26.88 -23.97 -1.55
CA ILE TC 273 27.11 -25.16 -2.37
C ILE TC 273 27.87 -24.75 -3.62
N GLY TC 274 28.91 -25.52 -3.95
CA GLY TC 274 29.70 -25.26 -5.13
C GLY TC 274 29.16 -25.95 -6.36
N ILE TC 275 29.32 -25.27 -7.49
CA ILE TC 275 28.84 -25.78 -8.77
C ILE TC 275 29.89 -25.50 -9.83
N ASP TC 276 29.77 -26.18 -10.96
CA ASP TC 276 30.63 -25.97 -12.11
C ASP TC 276 29.88 -25.19 -13.18
N ALA TC 277 30.41 -24.04 -13.58
CA ALA TC 277 29.67 -23.14 -14.45
C ALA TC 277 29.40 -23.76 -15.82
N GLU TC 278 30.39 -24.46 -16.38
CA GLU TC 278 30.27 -24.91 -17.76
C GLU TC 278 29.26 -26.04 -17.91
N THR TC 279 29.16 -26.92 -16.93
CA THR TC 279 28.40 -28.15 -17.09
C THR TC 279 27.00 -28.13 -16.49
N GLU TC 280 26.83 -27.63 -15.27
CA GLU TC 280 25.57 -27.79 -14.56
C GLU TC 280 25.24 -26.52 -13.78
N GLU TC 281 23.96 -26.34 -13.50
CA GLU TC 281 23.49 -25.16 -12.78
C GLU TC 281 22.38 -25.55 -11.82
N TYR TC 282 22.08 -24.65 -10.88
CA TYR TC 282 21.15 -24.88 -9.79
C TYR TC 282 20.32 -23.62 -9.59
N ASP TC 283 19.01 -23.73 -9.80
CA ASP TC 283 18.13 -22.59 -9.62
C ASP TC 283 16.95 -22.93 -8.72
N VAL TC 284 16.27 -21.89 -8.24
CA VAL TC 284 15.14 -22.04 -7.34
C VAL TC 284 14.02 -21.13 -7.80
N LEU TC 285 12.79 -21.65 -7.79
CA LEU TC 285 11.61 -20.86 -8.10
C LEU TC 285 10.63 -20.95 -6.94
N ASN TC 286 9.73 -19.97 -6.86
CA ASN TC 286 8.84 -19.89 -5.71
C ASN TC 286 7.49 -19.31 -6.13
N SER TC 287 6.50 -19.53 -5.28
CA SER TC 287 5.15 -19.02 -5.48
C SER TC 287 4.59 -18.58 -4.14
N ASP TC 288 3.61 -17.69 -4.19
CA ASP TC 288 3.03 -17.12 -2.99
C ASP TC 288 1.67 -17.73 -2.67
N ILE TC 289 1.20 -17.50 -1.44
CA ILE TC 289 -0.08 -17.98 -0.97
C ILE TC 289 -0.80 -16.83 -0.26
N SER TC 290 -2.09 -16.66 -0.56
CA SER TC 290 -2.90 -15.61 0.04
C SER TC 290 -4.36 -15.87 -0.30
N GLY TC 291 -5.24 -15.46 0.61
CA GLY TC 291 -6.67 -15.60 0.41
C GLY TC 291 -7.24 -16.94 0.79
N VAL TC 292 -6.40 -17.95 1.04
CA VAL TC 292 -6.91 -19.27 1.42
C VAL TC 292 -7.72 -19.21 2.71
N PRO TC 293 -7.26 -18.54 3.78
CA PRO TC 293 -8.12 -18.46 4.98
C PRO TC 293 -9.48 -17.83 4.70
N GLU TC 294 -9.53 -16.80 3.87
CA GLU TC 294 -10.81 -16.17 3.55
C GLU TC 294 -11.70 -17.10 2.75
N PHE TC 295 -11.12 -17.85 1.81
CA PHE TC 295 -11.90 -18.83 1.05
C PHE TC 295 -12.49 -19.88 1.97
N LEU TC 296 -11.68 -20.40 2.90
CA LEU TC 296 -12.18 -21.40 3.84
C LEU TC 296 -13.26 -20.82 4.74
N SER TC 297 -13.08 -19.58 5.18
CA SER TC 297 -14.10 -18.93 6.00
C SER TC 297 -15.41 -18.79 5.24
N SER TC 298 -15.34 -18.45 3.95
CA SER TC 298 -16.55 -18.35 3.15
C SER TC 298 -17.24 -19.71 3.03
N LYS TC 299 -16.46 -20.78 2.84
CA LYS TC 299 -17.05 -22.11 2.79
C LYS TC 299 -17.76 -22.45 4.09
N MET TC 300 -17.13 -22.15 5.23
CA MET TC 300 -17.77 -22.41 6.52
C MET TC 300 -19.04 -21.59 6.68
N ASP TC 301 -19.03 -20.34 6.22
CA ASP TC 301 -20.23 -19.51 6.32
C ASP TC 301 -21.36 -20.11 5.49
N ARG TC 302 -21.05 -20.63 4.31
CA ARG TC 302 -22.09 -21.32 3.55
C ARG TC 302 -22.60 -22.55 4.29
N ILE TC 303 -21.71 -23.29 4.94
CA ILE TC 303 -22.14 -24.44 5.74
C ILE TC 303 -23.16 -24.01 6.77
N VAL TC 304 -22.84 -22.96 7.53
CA VAL TC 304 -23.74 -22.49 8.58
C VAL TC 304 -25.07 -22.02 8.00
N SER TC 305 -25.00 -21.27 6.89
CA SER TC 305 -26.22 -20.73 6.30
C SER TC 305 -27.15 -21.85 5.83
N LEU TC 306 -26.60 -22.86 5.17
CA LEU TC 306 -27.44 -23.98 4.75
C LEU TC 306 -27.87 -24.84 5.92
N SER TC 307 -27.12 -24.82 7.03
CA SER TC 307 -27.51 -25.59 8.21
C SER TC 307 -28.74 -24.98 8.87
N GLY TC 308 -28.62 -23.74 9.35
CA GLY TC 308 -29.70 -23.09 10.06
C GLY TC 308 -29.44 -22.88 11.54
N ILE TC 309 -28.33 -23.39 12.06
CA ILE TC 309 -27.88 -23.09 13.41
C ILE TC 309 -26.56 -22.35 13.29
N HIS TC 310 -26.36 -21.32 14.12
CA HIS TC 310 -25.37 -20.31 13.77
C HIS TC 310 -23.99 -20.62 14.37
N GLU TC 311 -23.12 -19.61 14.27
CA GLU TC 311 -21.69 -19.84 14.34
C GLU TC 311 -21.20 -20.08 15.77
N ILE TC 312 -21.81 -19.41 16.75
CA ILE TC 312 -21.37 -19.55 18.13
C ILE TC 312 -21.66 -20.98 18.58
N ILE TC 313 -22.44 -21.70 17.80
CA ILE TC 313 -22.73 -23.10 18.06
C ILE TC 313 -21.98 -24.05 17.13
N ILE TC 314 -21.74 -23.66 15.87
CA ILE TC 314 -21.05 -24.51 14.91
C ILE TC 314 -19.54 -24.33 14.97
N LYS TC 315 -19.03 -23.14 14.70
CA LYS TC 315 -17.59 -22.94 14.70
C LYS TC 315 -16.99 -22.93 16.10
N ASN TC 316 -17.82 -22.67 17.12
CA ASN TC 316 -17.34 -22.58 18.50
C ASN TC 316 -16.22 -21.55 18.65
N LYS TC 317 -16.32 -20.45 17.91
CA LYS TC 317 -15.33 -19.39 17.93
C LYS TC 317 -16.02 -18.06 18.22
N ASN TC 318 -15.54 -17.35 19.23
CA ASN TC 318 -16.13 -16.07 19.58
C ASN TC 318 -15.81 -15.02 18.51
N VAL TC 319 -16.73 -14.07 18.35
CA VAL TC 319 -16.52 -12.99 17.39
C VAL TC 319 -15.36 -12.10 17.82
N GLY TC 320 -15.24 -11.86 19.13
CA GLY TC 320 -14.11 -11.13 19.69
C GLY TC 320 -14.20 -9.62 19.60
N GLY TC 321 -14.65 -9.06 18.47
CA GLY TC 321 -14.69 -7.63 18.31
C GLY TC 321 -15.81 -6.91 19.03
N VAL TC 322 -16.83 -7.65 19.48
CA VAL TC 322 -17.94 -7.06 20.20
C VAL TC 322 -18.17 -7.88 21.47
N SER TC 323 -18.62 -7.21 22.52
CA SER TC 323 -18.69 -7.84 23.84
C SER TC 323 -20.09 -8.35 24.16
N ALA TC 324 -21.12 -7.73 23.58
CA ALA TC 324 -22.50 -8.02 23.98
C ALA TC 324 -23.42 -8.20 22.78
N SER TC 325 -22.98 -8.97 21.79
CA SER TC 325 -23.88 -9.40 20.71
C SER TC 325 -24.13 -10.90 20.74
N GLN TC 326 -23.24 -11.65 21.38
CA GLN TC 326 -23.43 -13.09 21.54
C GLN TC 326 -24.68 -13.42 22.33
N ASN TC 327 -25.10 -12.55 23.25
CA ASN TC 327 -26.36 -12.77 23.95
C ASN TC 327 -27.55 -12.78 22.99
N THR TC 328 -27.60 -11.82 22.06
CA THR TC 328 -28.66 -11.83 21.06
C THR TC 328 -28.53 -13.02 20.11
N ALA TC 329 -27.29 -13.39 19.76
CA ALA TC 329 -27.11 -14.58 18.94
C ALA TC 329 -27.69 -15.82 19.63
N LEU TC 330 -27.38 -15.99 20.91
CA LEU TC 330 -27.88 -17.14 21.65
C LEU TC 330 -29.39 -17.07 21.85
N GLU TC 331 -29.96 -15.88 22.02
CA GLU TC 331 -31.42 -15.84 22.14
C GLU TC 331 -32.10 -16.14 20.80
N THR TC 332 -31.47 -15.79 19.68
CA THR TC 332 -32.00 -16.22 18.39
C THR TC 332 -31.93 -17.75 18.24
N PHE TC 333 -30.83 -18.34 18.69
CA PHE TC 333 -30.74 -19.81 18.71
C PHE TC 333 -31.84 -20.39 19.59
N TYR TC 334 -32.08 -19.77 20.74
CA TYR TC 334 -33.14 -20.24 21.64
C TYR TC 334 -34.51 -20.12 20.98
N LYS TC 335 -34.72 -19.02 20.24
CA LYS TC 335 -35.94 -18.86 19.48
C LYS TC 335 -36.14 -20.00 18.50
N LEU TC 336 -35.12 -20.31 17.71
CA LEU TC 336 -35.29 -21.37 16.70
C LEU TC 336 -35.51 -22.72 17.36
N VAL TC 337 -34.79 -23.02 18.44
CA VAL TC 337 -34.92 -24.33 19.07
C VAL TC 337 -36.29 -24.47 19.72
N ASP TC 338 -36.80 -23.41 20.34
CA ASP TC 338 -38.16 -23.46 20.90
C ASP TC 338 -39.21 -23.58 19.80
N ARG TC 339 -39.00 -22.87 18.69
CA ARG TC 339 -39.94 -22.91 17.58
C ARG TC 339 -40.02 -24.31 16.99
N LYS TC 340 -38.89 -25.01 16.90
CA LYS TC 340 -38.90 -26.39 16.44
C LYS TC 340 -39.41 -27.34 17.51
N ARG TC 341 -39.14 -27.03 18.79
CA ARG TC 341 -39.57 -27.88 19.89
C ARG TC 341 -41.09 -27.95 19.97
N GLU TC 342 -41.75 -26.80 19.80
CA GLU TC 342 -43.21 -26.76 19.91
C GLU TC 342 -43.89 -27.71 18.93
N GLU TC 343 -43.24 -28.05 17.82
CA GLU TC 343 -43.90 -28.79 16.77
C GLU TC 343 -43.75 -30.30 16.94
N ASP TC 344 -42.70 -30.75 17.63
CA ASP TC 344 -42.45 -32.19 17.80
C ASP TC 344 -42.34 -32.66 19.24
N TYR TC 345 -41.70 -31.91 20.13
CA TYR TC 345 -41.47 -32.40 21.49
C TYR TC 345 -42.78 -32.51 22.26
N ARG TC 346 -43.71 -31.58 22.04
CA ARG TC 346 -44.98 -31.59 22.76
C ARG TC 346 -45.79 -32.87 22.54
N PRO TC 347 -45.99 -33.35 21.30
CA PRO TC 347 -46.77 -34.59 21.11
C PRO TC 347 -46.25 -35.77 21.90
N LEU TC 348 -44.92 -35.90 22.06
CA LEU TC 348 -44.40 -36.94 22.94
C LEU TC 348 -44.98 -36.80 24.34
N LEU TC 349 -45.00 -35.56 24.85
CA LEU TC 349 -45.44 -35.33 26.21
C LEU TC 349 -46.91 -35.66 26.38
N GLU TC 350 -47.76 -35.18 25.47
CA GLU TC 350 -49.17 -35.55 25.63
C GLU TC 350 -49.48 -36.99 25.23
N PHE TC 351 -48.53 -37.68 24.60
CA PHE TC 351 -48.72 -39.12 24.42
C PHE TC 351 -48.35 -39.89 25.69
N LEU TC 352 -47.35 -39.42 26.42
CA LEU TC 352 -46.80 -40.20 27.54
C LEU TC 352 -47.44 -39.87 28.88
N LEU TC 353 -47.66 -38.59 29.17
CA LEU TC 353 -48.19 -38.20 30.48
C LEU TC 353 -49.54 -38.84 30.82
N PRO TC 354 -50.53 -38.93 29.93
CA PRO TC 354 -51.80 -39.55 30.32
C PRO TC 354 -51.68 -40.99 30.82
N PHE TC 355 -50.50 -41.60 30.69
CA PHE TC 355 -50.26 -42.93 31.24
C PHE TC 355 -49.55 -42.89 32.60
N ILE TC 356 -49.32 -41.71 33.16
CA ILE TC 356 -48.66 -41.60 34.46
C ILE TC 356 -49.52 -40.79 35.42
N VAL TC 357 -50.33 -39.87 34.88
CA VAL TC 357 -51.12 -38.98 35.71
C VAL TC 357 -52.53 -39.53 35.86
N ASP TC 358 -53.00 -39.58 37.11
CA ASP TC 358 -54.39 -39.93 37.38
C ASP TC 358 -55.24 -38.70 37.57
N GLU TC 359 -54.63 -37.54 37.78
CA GLU TC 359 -55.35 -36.29 37.94
C GLU TC 359 -56.07 -35.93 36.64
N GLN TC 360 -57.16 -35.17 36.77
CA GLN TC 360 -58.12 -35.06 35.68
C GLN TC 360 -57.59 -34.15 34.56
N GLU TC 361 -57.36 -32.87 34.86
CA GLU TC 361 -57.00 -31.89 33.85
C GLU TC 361 -55.68 -31.22 34.21
N TRP TC 362 -54.84 -31.02 33.21
CA TRP TC 362 -53.51 -30.49 33.42
C TRP TC 362 -53.08 -29.68 32.21
N SER TC 363 -52.02 -28.89 32.40
CA SER TC 363 -51.43 -28.11 31.32
C SER TC 363 -49.91 -28.23 31.40
N ILE TC 364 -49.25 -27.99 30.27
CA ILE TC 364 -47.80 -28.10 30.17
C ILE TC 364 -47.23 -26.73 29.81
N GLU TC 365 -46.16 -26.35 30.48
CA GLU TC 365 -45.48 -25.09 30.23
C GLU TC 365 -44.00 -25.36 29.99
N PHE TC 366 -43.43 -24.65 29.03
CA PHE TC 366 -42.02 -24.79 28.70
C PHE TC 366 -41.23 -23.70 29.40
N GLU TC 367 -40.33 -24.10 30.29
CA GLU TC 367 -39.55 -23.13 31.04
C GLU TC 367 -38.68 -22.34 30.07
N PRO TC 368 -38.69 -21.00 30.15
CA PRO TC 368 -37.89 -20.19 29.22
C PRO TC 368 -36.41 -20.52 29.29
N LEU TC 369 -35.90 -21.14 28.24
CA LEU TC 369 -34.54 -21.70 28.26
C LEU TC 369 -33.52 -20.57 28.21
N SER TC 370 -33.20 -20.06 29.39
CA SER TC 370 -32.19 -19.02 29.53
C SER TC 370 -31.25 -19.43 30.67
N VAL TC 371 -29.98 -19.08 30.53
CA VAL TC 371 -28.98 -19.43 31.54
C VAL TC 371 -29.13 -18.49 32.73
N PRO TC 372 -29.57 -18.99 33.90
CA PRO TC 372 -29.77 -17.99 34.96
C PRO TC 372 -28.47 -17.67 35.67
N SER TC 373 -28.46 -16.81 36.68
CA SER TC 373 -27.19 -16.58 37.39
C SER TC 373 -27.34 -15.99 38.78
N LYS TC 374 -26.59 -16.55 39.73
CA LYS TC 374 -26.66 -16.09 41.11
C LYS TC 374 -27.01 -14.64 41.27
N LYS TC 375 -26.11 -13.75 40.87
CA LYS TC 375 -26.41 -12.37 41.20
C LYS TC 375 -27.75 -11.96 40.59
N GLU TC 376 -27.96 -12.25 39.31
CA GLU TC 376 -29.19 -11.85 38.65
C GLU TC 376 -30.40 -12.56 39.23
N GLU TC 377 -30.26 -13.85 39.58
CA GLU TC 377 -31.40 -14.54 40.17
C GLU TC 377 -31.69 -14.03 41.58
N SER TC 378 -30.65 -13.67 42.34
CA SER TC 378 -30.89 -13.04 43.63
C SER TC 378 -31.66 -11.74 43.47
N GLU TC 379 -31.26 -10.92 42.49
CA GLU TC 379 -31.94 -9.65 42.27
C GLU TC 379 -33.38 -9.85 41.81
N ILE TC 380 -33.62 -10.83 40.94
CA ILE TC 380 -34.98 -11.04 40.47
C ILE TC 380 -35.85 -11.60 41.60
N THR TC 381 -35.28 -12.43 42.47
CA THR TC 381 -36.03 -12.86 43.64
C THR TC 381 -36.37 -11.69 44.54
N LYS TC 382 -35.43 -10.76 44.71
CA LYS TC 382 -35.74 -9.51 45.42
C LYS TC 382 -36.94 -8.82 44.81
N ASN TC 383 -36.90 -8.60 43.49
CA ASN TC 383 -37.95 -7.86 42.82
C ASN TC 383 -39.29 -8.56 42.96
N ASN TC 384 -39.30 -9.89 42.78
CA ASN TC 384 -40.55 -10.62 42.88
C ASN TC 384 -41.07 -10.65 44.31
N VAL TC 385 -40.19 -10.79 45.30
CA VAL TC 385 -40.67 -10.88 46.68
C VAL TC 385 -41.19 -9.54 47.16
N GLU TC 386 -40.64 -8.43 46.67
CA GLU TC 386 -41.24 -7.15 47.02
C GLU TC 386 -42.52 -6.87 46.22
N SER TC 387 -42.59 -7.38 44.98
CA SER TC 387 -43.82 -7.20 44.20
C SER TC 387 -44.98 -7.98 44.80
N VAL TC 388 -44.72 -9.21 45.28
CA VAL TC 388 -45.81 -10.05 45.75
C VAL TC 388 -46.43 -9.48 47.02
N THR TC 389 -45.62 -8.96 47.94
CA THR TC 389 -46.15 -8.23 49.09
C THR TC 389 -45.41 -6.89 49.24
N LYS TC 390 -45.79 -5.95 48.40
CA LYS TC 390 -45.58 -4.52 48.64
C LYS TC 390 -46.90 -3.79 48.86
N ALA TC 391 -47.90 -4.06 48.04
CA ALA TC 391 -49.17 -3.35 48.12
C ALA TC 391 -50.36 -4.28 48.32
N ILE TC 392 -50.15 -5.59 48.40
CA ILE TC 392 -51.27 -6.51 48.56
C ILE TC 392 -51.88 -6.44 49.94
N THR TC 393 -51.22 -5.76 50.89
CA THR TC 393 -51.69 -5.73 52.26
C THR TC 393 -52.99 -4.96 52.42
N GLU TC 394 -53.43 -4.23 51.40
CA GLU TC 394 -54.59 -3.34 51.53
C GLU TC 394 -55.86 -3.88 50.90
N GLN TC 395 -55.80 -4.95 50.10
CA GLN TC 395 -57.00 -5.49 49.47
C GLN TC 395 -57.23 -6.92 49.95
N ILE TC 396 -58.20 -7.58 49.31
CA ILE TC 396 -58.67 -8.90 49.77
C ILE TC 396 -57.71 -10.03 49.44
N ILE TC 397 -56.63 -9.76 48.72
CA ILE TC 397 -55.63 -10.79 48.43
C ILE TC 397 -54.97 -11.20 49.75
N ASP TC 398 -55.27 -12.42 50.19
CA ASP TC 398 -54.92 -12.85 51.54
C ASP TC 398 -53.68 -13.75 51.55
N LEU TC 399 -53.32 -14.24 52.74
CA LEU TC 399 -52.09 -14.99 52.92
C LEU TC 399 -52.09 -16.28 52.12
N GLU TC 400 -53.22 -17.01 52.11
CA GLU TC 400 -53.25 -18.32 51.49
C GLU TC 400 -53.02 -18.27 49.98
N GLU TC 401 -53.48 -17.23 49.30
CA GLU TC 401 -53.17 -17.05 47.89
C GLU TC 401 -51.84 -16.34 47.65
N ALA TC 402 -51.44 -15.45 48.57
CA ALA TC 402 -50.14 -14.80 48.42
C ALA TC 402 -49.01 -15.82 48.47
N ARG TC 403 -49.08 -16.77 49.40
CA ARG TC 403 -48.03 -17.78 49.48
C ARG TC 403 -48.04 -18.68 48.25
N ASP TC 404 -49.23 -19.03 47.76
CA ASP TC 404 -49.34 -19.82 46.54
C ASP TC 404 -48.65 -19.09 45.39
N THR TC 405 -48.88 -17.78 45.26
CA THR TC 405 -48.19 -17.00 44.26
C THR TC 405 -46.68 -17.02 44.47
N LEU TC 406 -46.23 -16.89 45.73
CA LEU TC 406 -44.81 -16.67 45.94
C LEU TC 406 -44.00 -17.95 45.72
N ARG TC 407 -44.59 -19.13 45.91
CA ARG TC 407 -43.83 -20.30 45.47
C ARG TC 407 -44.36 -20.90 44.18
N SER TC 408 -45.32 -20.25 43.52
CA SER TC 408 -45.61 -20.60 42.14
C SER TC 408 -44.43 -20.26 41.24
N ILE TC 409 -43.83 -19.09 41.46
CA ILE TC 409 -42.53 -18.78 40.89
C ILE TC 409 -41.49 -19.58 41.69
N ALA TC 410 -40.72 -20.40 40.99
CA ALA TC 410 -39.76 -21.29 41.64
C ALA TC 410 -38.69 -20.51 42.39
N PRO TC 411 -38.71 -20.51 43.71
CA PRO TC 411 -37.71 -19.75 44.45
C PRO TC 411 -36.53 -20.61 44.89
N GLU TC 412 -35.47 -19.97 45.37
CA GLU TC 412 -34.47 -20.65 46.18
C GLU TC 412 -34.87 -20.68 47.65
N PHE TC 413 -36.01 -20.08 47.99
CA PHE TC 413 -36.50 -20.01 49.35
C PHE TC 413 -37.48 -21.16 49.55
N LYS TC 414 -37.09 -22.15 50.35
CA LYS TC 414 -37.99 -23.24 50.68
C LYS TC 414 -39.11 -22.75 51.60
N LEU TC 415 -40.10 -23.61 51.81
CA LEU TC 415 -41.20 -23.28 52.72
C LEU TC 415 -41.95 -24.56 53.05
N LYS TC 416 -42.32 -24.72 54.31
CA LYS TC 416 -43.13 -25.86 54.72
C LYS TC 416 -44.60 -25.60 54.41
N ASP TC 417 -45.28 -26.62 53.92
CA ASP TC 417 -46.71 -26.52 53.64
C ASP TC 417 -47.49 -26.34 54.93
N GLY TC 418 -48.62 -25.64 54.84
CA GLY TC 418 -49.43 -25.38 56.00
C GLY TC 418 -50.65 -24.51 55.73
N ASN TC 419 -50.83 -23.49 56.57
CA ASN TC 419 -51.98 -22.60 56.48
C ASN TC 419 -52.10 -21.92 55.12
N ALA UC 46 -38.68 -1.22 -25.35
CA ALA UC 46 -39.03 -0.10 -24.48
C ALA UC 46 -40.05 -0.52 -23.43
N SER UC 47 -40.98 0.37 -23.12
CA SER UC 47 -42.00 0.07 -22.13
C SER UC 47 -42.97 -1.00 -22.64
N TYR UC 48 -43.40 -1.86 -21.73
CA TYR UC 48 -44.38 -2.89 -22.02
C TYR UC 48 -45.59 -2.70 -21.11
N HIS UC 49 -46.53 -3.62 -21.20
CA HIS UC 49 -47.68 -3.60 -20.31
C HIS UC 49 -47.24 -3.74 -18.86
N VAL UC 50 -47.76 -2.86 -18.01
CA VAL UC 50 -47.37 -2.86 -16.61
C VAL UC 50 -47.77 -4.15 -15.92
N GLY UC 51 -48.84 -4.80 -16.40
CA GLY UC 51 -49.22 -6.09 -15.86
C GLY UC 51 -48.18 -7.16 -16.09
N SER UC 52 -47.42 -7.06 -17.18
CA SER UC 52 -46.33 -7.99 -17.41
C SER UC 52 -45.25 -7.86 -16.35
N PHE UC 53 -44.86 -6.63 -16.02
CA PHE UC 53 -43.86 -6.43 -14.98
C PHE UC 53 -44.36 -6.82 -13.61
N TYR UC 54 -45.64 -6.53 -13.32
CA TYR UC 54 -46.14 -6.69 -11.96
C TYR UC 54 -46.05 -8.12 -11.47
N ASN UC 55 -46.42 -9.08 -12.32
CA ASN UC 55 -46.40 -10.48 -11.93
C ASN UC 55 -45.11 -11.20 -12.28
N ASP UC 56 -44.14 -10.50 -12.88
CA ASP UC 56 -42.85 -11.11 -13.20
C ASP UC 56 -41.72 -10.63 -12.31
N ASN UC 57 -41.50 -9.32 -12.21
CA ASN UC 57 -40.41 -8.83 -11.39
C ASN UC 57 -40.88 -8.56 -9.97
N ALA UC 58 -40.24 -9.26 -9.02
CA ALA UC 58 -40.55 -9.07 -7.61
C ALA UC 58 -40.20 -7.67 -7.11
N THR UC 59 -39.23 -7.02 -7.74
CA THR UC 59 -38.93 -5.64 -7.38
C THR UC 59 -40.12 -4.72 -7.64
N ALA UC 60 -40.79 -4.91 -8.79
CA ALA UC 60 -42.01 -4.15 -9.05
C ALA UC 60 -43.10 -4.52 -8.06
N LYS UC 61 -43.24 -5.81 -7.76
CA LYS UC 61 -44.15 -6.27 -6.72
C LYS UC 61 -43.98 -5.44 -5.45
N ARG UC 62 -42.76 -5.40 -4.91
CA ARG UC 62 -42.52 -4.70 -3.67
C ARG UC 62 -42.76 -3.20 -3.82
N ILE UC 63 -42.23 -2.61 -4.89
CA ILE UC 63 -42.31 -1.15 -5.02
C ILE UC 63 -43.74 -0.68 -5.17
N VAL UC 64 -44.65 -1.53 -5.66
CA VAL UC 64 -46.05 -1.12 -5.79
C VAL UC 64 -46.90 -1.56 -4.61
N ASP UC 65 -46.48 -2.57 -3.85
CA ASP UC 65 -47.32 -3.09 -2.78
C ASP UC 65 -46.87 -2.74 -1.38
N VAL UC 66 -45.66 -2.19 -1.20
CA VAL UC 66 -45.14 -2.00 0.15
C VAL UC 66 -45.95 -0.95 0.91
N ILE UC 67 -46.34 0.13 0.23
CA ILE UC 67 -46.98 1.25 0.92
C ILE UC 67 -48.43 0.95 1.27
N PRO UC 68 -49.30 0.63 0.31
CA PRO UC 68 -50.73 0.47 0.66
C PRO UC 68 -50.99 -0.62 1.69
N GLU UC 69 -50.24 -1.72 1.64
CA GLU UC 69 -50.45 -2.81 2.60
C GLU UC 69 -50.23 -2.34 4.02
N GLU UC 70 -49.07 -1.74 4.29
CA GLU UC 70 -48.81 -1.21 5.63
C GLU UC 70 -49.78 -0.10 5.98
N MET UC 71 -50.11 0.74 5.00
CA MET UC 71 -51.04 1.84 5.20
C MET UC 71 -52.35 1.35 5.78
N VAL UC 72 -52.96 0.36 5.13
CA VAL UC 72 -54.25 -0.13 5.61
C VAL UC 72 -54.10 -0.96 6.86
N THR UC 73 -53.06 -1.80 6.96
CA THR UC 73 -52.92 -2.64 8.15
C THR UC 73 -52.60 -1.83 9.40
N ALA UC 74 -52.18 -0.57 9.26
CA ALA UC 74 -52.03 0.27 10.44
C ALA UC 74 -53.35 0.44 11.19
N GLY UC 75 -54.43 0.79 10.49
CA GLY UC 75 -55.71 1.01 11.12
C GLY UC 75 -56.02 2.47 11.35
N PHE UC 76 -57.16 2.70 12.01
CA PHE UC 76 -57.63 4.05 12.29
C PHE UC 76 -58.50 4.00 13.53
N LYS UC 77 -58.76 5.18 14.12
CA LYS UC 77 -59.61 5.27 15.29
C LYS UC 77 -60.71 6.29 15.01
N ILE UC 78 -61.85 6.10 15.66
CA ILE UC 78 -63.03 6.92 15.44
C ILE UC 78 -63.34 7.68 16.73
N SER UC 79 -63.95 8.84 16.59
CA SER UC 79 -64.34 9.67 17.72
C SER UC 79 -65.75 10.21 17.48
N GLY UC 80 -66.45 10.45 18.59
CA GLY UC 80 -67.83 10.86 18.54
C GLY UC 80 -68.83 9.73 18.64
N VAL UC 81 -68.37 8.49 18.69
CA VAL UC 81 -69.25 7.33 18.81
C VAL UC 81 -69.47 7.02 20.28
N LYS UC 82 -70.55 6.30 20.57
CA LYS UC 82 -70.86 5.94 21.95
C LYS UC 82 -69.88 4.90 22.49
N ASP UC 83 -69.61 3.84 21.72
CA ASP UC 83 -68.67 2.81 22.12
C ASP UC 83 -67.93 2.30 20.89
N GLU UC 84 -66.98 1.40 21.13
CA GLU UC 84 -66.07 0.95 20.08
C GLU UC 84 -65.97 -0.56 19.95
N LYS UC 85 -66.35 -1.33 20.98
CA LYS UC 85 -66.35 -2.77 20.85
C LYS UC 85 -67.30 -3.23 19.74
N GLU UC 86 -68.49 -2.65 19.70
CA GLU UC 86 -69.42 -2.96 18.61
C GLU UC 86 -68.91 -2.46 17.27
N PHE UC 87 -68.17 -1.34 17.25
CA PHE UC 87 -67.56 -0.88 16.01
C PHE UC 87 -66.58 -1.90 15.48
N LYS UC 88 -65.70 -2.40 16.34
CA LYS UC 88 -64.77 -3.46 15.94
C LYS UC 88 -65.53 -4.71 15.50
N SER UC 89 -66.61 -5.07 16.21
CA SER UC 89 -67.37 -6.25 15.87
C SER UC 89 -67.95 -6.14 14.46
N LEU UC 90 -68.59 -5.01 14.15
CA LEU UC 90 -69.14 -4.85 12.81
C LEU UC 90 -68.04 -4.75 11.77
N TRP UC 91 -66.91 -4.11 12.10
CA TRP UC 91 -65.81 -3.98 11.15
C TRP UC 91 -65.26 -5.33 10.75
N ASP UC 92 -64.89 -6.16 11.73
CA ASP UC 92 -64.34 -7.46 11.39
C ASP UC 92 -65.42 -8.49 11.02
N SER UC 93 -66.70 -8.16 11.22
CA SER UC 93 -67.75 -8.97 10.62
C SER UC 93 -67.87 -8.72 9.13
N TYR UC 94 -67.73 -7.45 8.72
CA TYR UC 94 -67.77 -7.15 7.29
C TYR UC 94 -66.50 -7.58 6.58
N LYS UC 95 -65.35 -7.41 7.22
CA LYS UC 95 -64.04 -7.88 6.76
C LYS UC 95 -63.83 -7.61 5.26
N ILE UC 96 -63.83 -6.32 4.92
CA ILE UC 96 -63.63 -5.88 3.54
C ILE UC 96 -62.27 -5.21 3.34
N ASP UC 97 -61.38 -5.30 4.32
CA ASP UC 97 -60.08 -4.65 4.18
C ASP UC 97 -59.22 -5.26 3.08
N PRO UC 98 -59.32 -6.56 2.71
CA PRO UC 98 -58.52 -7.00 1.55
C PRO UC 98 -59.00 -6.40 0.25
N SER UC 99 -60.33 -6.23 0.12
CA SER UC 99 -60.88 -5.52 -1.02
C SER UC 99 -60.38 -4.07 -1.05
N LEU UC 100 -60.31 -3.43 0.12
CA LEU UC 100 -59.70 -2.10 0.17
C LEU UC 100 -58.25 -2.15 -0.31
N VAL UC 101 -57.51 -3.17 0.11
CA VAL UC 101 -56.09 -3.26 -0.22
C VAL UC 101 -55.90 -3.32 -1.73
N ASP UC 102 -56.57 -4.27 -2.39
CA ASP UC 102 -56.30 -4.38 -3.81
C ASP UC 102 -56.97 -3.25 -4.60
N ALA UC 103 -58.02 -2.63 -4.04
CA ALA UC 103 -58.52 -1.40 -4.65
C ALA UC 103 -57.43 -0.35 -4.73
N LEU UC 104 -56.77 -0.09 -3.59
CA LEU UC 104 -55.69 0.88 -3.59
C LEU UC 104 -54.53 0.44 -4.49
N CYS UC 105 -54.22 -0.86 -4.50
CA CYS UC 105 -53.11 -1.34 -5.32
C CYS UC 105 -53.37 -1.11 -6.81
N TRP UC 106 -54.57 -1.45 -7.30
CA TRP UC 106 -54.85 -1.23 -8.70
C TRP UC 106 -54.97 0.26 -9.02
N ALA UC 107 -55.47 1.06 -8.08
CA ALA UC 107 -55.49 2.50 -8.30
C ALA UC 107 -54.07 3.04 -8.46
N ARG UC 108 -53.14 2.56 -7.64
CA ARG UC 108 -51.75 2.97 -7.75
C ARG UC 108 -51.13 2.50 -9.06
N LEU UC 109 -51.40 1.26 -9.45
CA LEU UC 109 -50.74 0.67 -10.61
C LEU UC 109 -51.26 1.27 -11.91
N TYR UC 110 -52.56 1.10 -12.18
CA TYR UC 110 -53.13 1.52 -13.44
C TYR UC 110 -53.43 3.02 -13.50
N GLY UC 111 -53.38 3.72 -12.37
CA GLY UC 111 -53.72 5.11 -12.34
C GLY UC 111 -55.19 5.40 -12.12
N GLY UC 112 -55.98 4.40 -11.74
CA GLY UC 112 -57.39 4.61 -11.49
C GLY UC 112 -58.14 3.35 -11.13
N ALA UC 113 -59.07 3.47 -10.18
CA ALA UC 113 -59.88 2.34 -9.76
C ALA UC 113 -61.18 2.85 -9.16
N ALA UC 114 -62.21 2.01 -9.20
CA ALA UC 114 -63.53 2.39 -8.70
C ALA UC 114 -64.04 1.28 -7.79
N ILE UC 115 -64.86 1.64 -6.82
CA ILE UC 115 -65.50 0.69 -5.92
C ILE UC 115 -67.00 0.91 -6.00
N VAL UC 116 -67.76 -0.19 -5.99
CA VAL UC 116 -69.21 -0.14 -5.98
C VAL UC 116 -69.69 -0.83 -4.72
N ALA UC 117 -70.58 -0.16 -3.99
CA ALA UC 117 -71.14 -0.65 -2.74
C ALA UC 117 -72.61 -0.96 -2.98
N ILE UC 118 -73.04 -2.16 -2.60
CA ILE UC 118 -74.43 -2.57 -2.74
C ILE UC 118 -75.11 -2.39 -1.39
N ILE UC 119 -76.21 -1.65 -1.39
CA ILE UC 119 -76.89 -1.26 -0.15
C ILE UC 119 -78.14 -2.11 -0.01
N ASN UC 120 -78.45 -2.47 1.24
CA ASN UC 120 -79.69 -3.20 1.55
C ASN UC 120 -80.85 -2.23 1.38
N ASP UC 121 -81.21 -1.95 0.13
CA ASP UC 121 -82.26 -0.98 -0.16
C ASP UC 121 -83.23 -1.58 -1.16
N ASN UC 122 -84.51 -1.32 -0.94
CA ASN UC 122 -85.58 -1.85 -1.79
C ASN UC 122 -85.84 -0.95 -2.99
N ARG UC 123 -84.78 -0.62 -3.73
CA ARG UC 123 -84.90 0.15 -4.95
C ARG UC 123 -83.91 -0.37 -5.99
N MET UC 124 -84.08 0.10 -7.22
CA MET UC 124 -83.11 -0.17 -8.26
C MET UC 124 -81.82 0.59 -8.00
N LEU UC 125 -80.69 -0.02 -8.39
CA LEU UC 125 -79.38 0.52 -8.07
C LEU UC 125 -79.05 1.79 -8.86
N THR UC 126 -79.69 2.02 -10.00
CA THR UC 126 -79.39 3.23 -10.77
C THR UC 126 -79.99 4.47 -10.13
N SER UC 127 -80.95 4.30 -9.22
CA SER UC 127 -81.57 5.42 -8.54
C SER UC 127 -80.62 5.99 -7.48
N PRO UC 128 -80.80 7.27 -7.10
CA PRO UC 128 -80.04 7.82 -5.98
C PRO UC 128 -80.39 7.14 -4.67
N VAL UC 129 -79.70 7.51 -3.59
CA VAL UC 129 -79.78 6.80 -2.32
C VAL UC 129 -80.37 7.72 -1.26
N LYS UC 130 -81.32 7.19 -0.49
CA LYS UC 130 -81.85 7.88 0.67
C LYS UC 130 -80.85 7.79 1.82
N PRO UC 131 -80.96 8.70 2.80
CA PRO UC 131 -80.09 8.58 3.99
C PRO UC 131 -80.36 7.28 4.73
N GLY UC 132 -79.29 6.75 5.33
CA GLY UC 132 -79.39 5.52 6.09
C GLY UC 132 -78.02 4.93 6.33
N ALA UC 133 -77.98 3.98 7.26
CA ALA UC 133 -76.73 3.32 7.65
C ALA UC 133 -76.94 1.81 7.47
N LYS UC 134 -76.63 1.32 6.27
CA LYS UC 134 -76.84 -0.08 5.93
C LYS UC 134 -76.08 -0.41 4.66
N LEU UC 135 -75.36 -1.53 4.70
CA LEU UC 135 -74.51 -1.96 3.60
C LEU UC 135 -74.33 -3.46 3.69
N GLU UC 136 -74.26 -4.12 2.53
CA GLU UC 136 -74.12 -5.57 2.50
C GLU UC 136 -72.92 -6.07 1.72
N GLY UC 137 -72.23 -5.20 0.96
CA GLY UC 137 -71.08 -5.65 0.21
C GLY UC 137 -70.46 -4.51 -0.55
N VAL UC 138 -69.16 -4.66 -0.81
CA VAL UC 138 -68.37 -3.70 -1.57
C VAL UC 138 -67.43 -4.48 -2.47
N ARG UC 139 -67.35 -4.11 -3.74
CA ARG UC 139 -66.43 -4.77 -4.66
C ARG UC 139 -65.78 -3.74 -5.58
N VAL UC 140 -64.56 -4.06 -6.00
CA VAL UC 140 -63.70 -3.10 -6.69
C VAL UC 140 -63.48 -3.53 -8.14
N TYR UC 141 -63.54 -2.56 -9.04
CA TYR UC 141 -63.17 -2.70 -10.44
C TYR UC 141 -61.99 -1.79 -10.75
N ASP UC 142 -61.17 -2.22 -11.70
CA ASP UC 142 -60.01 -1.44 -12.08
C ASP UC 142 -60.41 -0.39 -13.12
N ARG UC 143 -59.43 0.26 -13.73
CA ARG UC 143 -59.72 1.38 -14.62
C ARG UC 143 -60.29 0.91 -15.96
N PHE UC 144 -59.96 -0.31 -16.37
CA PHE UC 144 -60.37 -0.80 -17.68
C PHE UC 144 -61.88 -0.91 -17.81
N ALA UC 145 -62.58 -1.38 -16.77
CA ALA UC 145 -64.00 -1.69 -16.86
C ALA UC 145 -64.91 -0.53 -16.50
N ILE UC 146 -64.35 0.64 -16.22
CA ILE UC 146 -65.12 1.82 -15.82
C ILE UC 146 -65.07 2.84 -16.94
N THR UC 147 -66.21 3.50 -17.19
CA THR UC 147 -66.30 4.52 -18.22
C THR UC 147 -67.40 5.51 -17.81
N ILE UC 148 -67.34 6.71 -18.37
CA ILE UC 148 -68.41 7.71 -18.24
C ILE UC 148 -69.56 7.28 -19.14
N GLU UC 149 -70.80 7.47 -18.70
CA GLU UC 149 -71.93 7.23 -19.58
C GLU UC 149 -72.81 8.47 -19.77
N LYS UC 150 -73.17 9.12 -18.66
CA LYS UC 150 -74.07 10.26 -18.70
C LYS UC 150 -73.34 11.49 -18.19
N ARG UC 151 -73.44 12.58 -18.94
CA ARG UC 151 -72.77 13.83 -18.64
C ARG UC 151 -73.74 14.84 -18.07
N VAL UC 152 -73.41 15.35 -16.88
CA VAL UC 152 -74.17 16.41 -16.23
C VAL UC 152 -73.29 17.63 -16.09
N THR UC 153 -73.75 18.75 -16.64
CA THR UC 153 -73.03 20.02 -16.56
C THR UC 153 -73.95 21.17 -16.14
N ASN UC 154 -74.99 20.86 -15.36
CA ASN UC 154 -75.95 21.89 -14.96
C ASN UC 154 -75.28 22.99 -14.17
N ALA UC 155 -75.75 24.22 -14.37
CA ALA UC 155 -75.06 25.38 -13.83
C ALA UC 155 -75.17 25.45 -12.31
N ARG UC 156 -76.37 25.25 -11.76
CA ARG UC 156 -76.58 25.53 -10.34
C ARG UC 156 -75.84 24.52 -9.47
N SER UC 157 -75.87 23.24 -9.83
CA SER UC 157 -75.25 22.23 -9.00
C SER UC 157 -73.73 22.26 -9.17
N PRO UC 158 -72.97 22.21 -8.07
CA PRO UC 158 -71.52 22.07 -8.18
C PRO UC 158 -71.06 20.74 -8.74
N ARG UC 159 -71.98 19.84 -9.05
CA ARG UC 159 -71.69 18.52 -9.59
C ARG UC 159 -71.35 18.57 -11.07
N TYR UC 160 -71.45 19.75 -11.71
CA TYR UC 160 -71.04 19.86 -13.10
C TYR UC 160 -69.55 19.60 -13.22
N GLY UC 161 -69.19 18.80 -14.21
CA GLY UC 161 -67.82 18.36 -14.37
C GLY UC 161 -67.50 17.00 -13.80
N GLU UC 162 -68.32 16.48 -12.88
CA GLU UC 162 -68.19 15.11 -12.41
C GLU UC 162 -69.40 14.30 -12.87
N PRO UC 163 -69.19 13.23 -13.62
CA PRO UC 163 -70.31 12.56 -14.29
C PRO UC 163 -71.31 11.95 -13.31
N GLU UC 164 -72.55 11.81 -13.77
CA GLU UC 164 -73.61 11.33 -12.90
C GLU UC 164 -73.74 9.81 -12.97
N ILE UC 165 -73.64 9.23 -14.16
CA ILE UC 165 -73.78 7.80 -14.34
C ILE UC 165 -72.52 7.23 -15.00
N TYR UC 166 -72.05 6.12 -14.45
CA TYR UC 166 -70.90 5.41 -14.99
C TYR UC 166 -71.31 4.06 -15.55
N LYS UC 167 -70.67 3.72 -16.66
CA LYS UC 167 -70.81 2.44 -17.35
C LYS UC 167 -69.75 1.48 -16.80
N VAL UC 168 -70.20 0.32 -16.31
CA VAL UC 168 -69.30 -0.71 -15.81
C VAL UC 168 -69.48 -1.95 -16.67
N SER UC 169 -68.36 -2.51 -17.13
CA SER UC 169 -68.36 -3.67 -18.01
C SER UC 169 -67.39 -4.72 -17.45
N PRO UC 170 -67.81 -5.49 -16.46
CA PRO UC 170 -66.92 -6.48 -15.85
C PRO UC 170 -66.54 -7.61 -16.80
N GLY UC 171 -67.53 -8.17 -17.50
CA GLY UC 171 -67.28 -9.31 -18.36
C GLY UC 171 -67.92 -10.57 -17.82
N ASP UC 172 -67.13 -11.64 -17.71
CA ASP UC 172 -67.55 -12.93 -17.14
C ASP UC 172 -68.98 -13.29 -17.54
N ASN UC 173 -69.24 -13.16 -18.85
CA ASN UC 173 -70.54 -13.42 -19.48
C ASN UC 173 -71.73 -12.89 -18.68
N ILE UC 174 -71.56 -11.74 -18.04
CA ILE UC 174 -72.66 -11.02 -17.41
C ILE UC 174 -72.73 -9.64 -18.03
N GLN UC 175 -73.95 -9.16 -18.25
CA GLN UC 175 -74.15 -7.94 -19.03
C GLN UC 175 -73.58 -6.73 -18.31
N PRO UC 176 -72.92 -5.82 -19.04
CA PRO UC 176 -72.50 -4.55 -18.43
C PRO UC 176 -73.70 -3.74 -17.99
N TYR UC 177 -73.50 -2.91 -16.96
CA TYR UC 177 -74.58 -2.20 -16.32
C TYR UC 177 -74.13 -0.79 -15.91
N LEU UC 178 -75.02 -0.07 -15.22
CA LEU UC 178 -74.85 1.36 -15.00
C LEU UC 178 -74.99 1.68 -13.52
N ILE UC 179 -74.28 2.73 -13.07
CA ILE UC 179 -74.32 3.15 -11.67
C ILE UC 179 -74.51 4.66 -11.57
N HIS UC 180 -75.37 5.08 -10.65
CA HIS UC 180 -75.50 6.47 -10.22
C HIS UC 180 -74.21 6.95 -9.55
N HIS UC 181 -74.06 8.27 -9.48
CA HIS UC 181 -72.83 8.83 -8.92
C HIS UC 181 -72.61 8.41 -7.47
N THR UC 182 -73.62 8.60 -6.62
CA THR UC 182 -73.38 8.56 -5.18
C THR UC 182 -72.97 7.17 -4.70
N ARG UC 183 -73.18 6.14 -5.54
CA ARG UC 183 -72.90 4.79 -5.08
C ARG UC 183 -71.43 4.43 -5.18
N ILE UC 184 -70.69 5.09 -6.07
CA ILE UC 184 -69.29 4.75 -6.29
C ILE UC 184 -68.39 5.87 -5.83
N PHE UC 185 -67.15 5.50 -5.52
CA PHE UC 185 -66.06 6.42 -5.29
C PHE UC 185 -64.93 6.08 -6.24
N ILE UC 186 -64.28 7.09 -6.79
CA ILE UC 186 -63.22 6.92 -7.77
C ILE UC 186 -61.91 7.34 -7.11
N ALA UC 187 -60.88 6.52 -7.25
CA ALA UC 187 -59.57 6.78 -6.68
C ALA UC 187 -58.51 6.70 -7.76
N ASP UC 188 -57.75 7.78 -7.93
CA ASP UC 188 -56.71 7.85 -8.94
C ASP UC 188 -55.34 7.61 -8.31
N GLY UC 189 -54.30 7.80 -9.11
CA GLY UC 189 -52.94 7.62 -8.63
C GLY UC 189 -52.34 8.91 -8.10
N GLU UC 190 -51.32 9.41 -8.79
CA GLU UC 190 -50.67 10.66 -8.41
C GLU UC 190 -50.99 11.76 -9.41
N ARG UC 191 -50.66 12.99 -9.01
CA ARG UC 191 -50.99 14.16 -9.80
C ARG UC 191 -50.15 14.22 -11.08
N VAL UC 192 -50.75 14.80 -12.13
CA VAL UC 192 -50.12 14.94 -13.43
C VAL UC 192 -50.57 16.27 -14.00
N THR UC 193 -49.87 16.73 -15.04
CA THR UC 193 -50.20 17.98 -15.69
C THR UC 193 -51.62 17.91 -16.28
N PRO UC 194 -52.36 19.02 -16.25
CA PRO UC 194 -53.77 18.96 -16.71
C PRO UC 194 -53.91 18.57 -18.16
N GLN UC 195 -52.92 18.85 -19.01
CA GLN UC 195 -52.98 18.41 -20.39
C GLN UC 195 -53.03 16.89 -20.50
N MET UC 196 -52.21 16.19 -19.73
CA MET UC 196 -52.31 14.74 -19.66
C MET UC 196 -53.51 14.25 -18.87
N ARG UC 197 -53.97 15.04 -17.89
CA ARG UC 197 -55.18 14.68 -17.16
C ARG UC 197 -56.38 14.61 -18.10
N LYS UC 198 -56.51 15.59 -18.99
CA LYS UC 198 -57.59 15.57 -19.96
C LYS UC 198 -57.37 14.50 -21.03
N GLN UC 199 -56.13 14.28 -21.44
CA GLN UC 199 -55.84 13.27 -22.44
C GLN UC 199 -56.15 11.87 -21.95
N ASN UC 200 -55.89 11.57 -20.69
CA ASN UC 200 -56.18 10.29 -20.09
C ASN UC 200 -57.59 10.22 -19.51
N GLN UC 201 -58.50 11.09 -19.99
CA GLN UC 201 -59.89 11.11 -19.56
C GLN UC 201 -60.01 11.18 -18.03
N GLY UC 202 -59.20 12.05 -17.44
CA GLY UC 202 -59.23 12.22 -16.00
C GLY UC 202 -58.71 11.03 -15.23
N TRP UC 203 -57.63 10.41 -15.71
CA TRP UC 203 -56.97 9.34 -14.99
C TRP UC 203 -55.52 9.76 -14.71
N GLY UC 204 -55.01 9.33 -13.56
CA GLY UC 204 -53.63 9.59 -13.21
C GLY UC 204 -52.69 8.72 -14.02
N ALA UC 205 -51.40 8.80 -13.73
CA ALA UC 205 -50.40 8.03 -14.44
C ALA UC 205 -49.81 6.97 -13.51
N SER UC 206 -49.29 5.91 -14.13
CA SER UC 206 -48.68 4.84 -13.35
C SER UC 206 -47.41 5.35 -12.67
N VAL UC 207 -47.15 4.83 -11.47
CA VAL UC 207 -45.91 5.16 -10.78
C VAL UC 207 -44.70 4.68 -11.55
N LEU UC 208 -44.81 3.54 -12.22
CA LEU UC 208 -43.71 2.98 -13.00
C LEU UC 208 -43.56 3.80 -14.28
N ASN UC 209 -42.97 4.98 -14.14
CA ASN UC 209 -42.60 5.79 -15.29
C ASN UC 209 -41.38 5.18 -15.97
N LYS UC 210 -41.14 5.59 -17.22
CA LYS UC 210 -40.14 4.91 -18.04
C LYS UC 210 -38.73 5.05 -17.46
N SER UC 211 -38.45 6.17 -16.77
CA SER UC 211 -37.16 6.31 -16.13
C SER UC 211 -36.95 5.23 -15.07
N LEU UC 212 -37.95 5.02 -14.21
CA LEU UC 212 -37.86 3.95 -13.23
C LEU UC 212 -37.81 2.59 -13.92
N ILE UC 213 -38.57 2.44 -15.01
CA ILE UC 213 -38.63 1.15 -15.69
C ILE UC 213 -37.26 0.75 -16.23
N ASP UC 214 -36.60 1.65 -16.97
CA ASP UC 214 -35.32 1.25 -17.54
C ASP UC 214 -34.20 1.27 -16.50
N ALA UC 215 -34.36 2.06 -15.43
CA ALA UC 215 -33.44 1.94 -14.31
C ALA UC 215 -33.50 0.55 -13.70
N ILE UC 216 -34.71 0.00 -13.55
CA ILE UC 216 -34.86 -1.38 -13.11
C ILE UC 216 -34.29 -2.34 -14.14
N CYS UC 217 -34.53 -2.06 -15.42
CA CYS UC 217 -34.18 -3.00 -16.48
C CYS UC 217 -32.66 -3.19 -16.57
N ASP UC 218 -31.90 -2.09 -16.60
CA ASP UC 218 -30.46 -2.23 -16.84
C ASP UC 218 -29.75 -2.96 -15.71
N TYR UC 219 -30.37 -3.06 -14.53
CA TYR UC 219 -29.73 -3.74 -13.41
C TYR UC 219 -29.47 -5.21 -13.72
N ASP UC 220 -30.51 -5.94 -14.15
CA ASP UC 220 -30.34 -7.34 -14.48
C ASP UC 220 -29.32 -7.53 -15.58
N TYR UC 221 -29.28 -6.59 -16.53
CA TYR UC 221 -28.21 -6.59 -17.53
C TYR UC 221 -26.85 -6.50 -16.86
N CYS UC 222 -26.73 -5.66 -15.83
CA CYS UC 222 -25.46 -5.51 -15.14
C CYS UC 222 -25.02 -6.81 -14.45
N GLU UC 223 -25.94 -7.50 -13.78
CA GLU UC 223 -25.53 -8.78 -13.18
C GLU UC 223 -25.26 -9.86 -14.22
N SER UC 224 -25.95 -9.84 -15.36
CA SER UC 224 -25.58 -10.76 -16.43
C SER UC 224 -24.15 -10.50 -16.88
N LEU UC 225 -23.79 -9.22 -17.04
CA LEU UC 225 -22.42 -8.89 -17.39
C LEU UC 225 -21.44 -9.32 -16.29
N ALA UC 226 -21.84 -9.19 -15.02
CA ALA UC 226 -20.96 -9.60 -13.94
C ALA UC 226 -20.71 -11.11 -13.97
N THR UC 227 -21.76 -11.89 -14.24
CA THR UC 227 -21.58 -13.33 -14.36
C THR UC 227 -20.64 -13.67 -15.51
N GLN UC 228 -20.79 -12.97 -16.65
CA GLN UC 228 -19.89 -13.20 -17.77
C GLN UC 228 -18.45 -12.82 -17.40
N ILE UC 229 -18.28 -11.73 -16.66
CA ILE UC 229 -16.95 -11.31 -16.23
C ILE UC 229 -16.31 -12.40 -15.37
N LEU UC 230 -17.05 -12.93 -14.41
CA LEU UC 230 -16.49 -13.99 -13.56
C LEU UC 230 -16.19 -15.23 -14.36
N ARG UC 231 -17.02 -15.56 -15.35
CA ARG UC 231 -16.73 -16.74 -16.18
C ARG UC 231 -15.46 -16.54 -16.99
N ARG UC 232 -15.22 -15.33 -17.51
CA ARG UC 232 -14.09 -15.07 -18.38
C ARG UC 232 -12.86 -14.59 -17.62
N LYS UC 233 -12.68 -15.01 -16.36
CA LYS UC 233 -11.51 -14.58 -15.60
C LYS UC 233 -10.23 -15.16 -16.18
N GLN UC 234 -10.26 -16.42 -16.61
CA GLN UC 234 -9.07 -17.14 -17.06
C GLN UC 234 -9.40 -17.91 -18.33
N GLN UC 235 -8.45 -17.96 -19.26
CA GLN UC 235 -8.62 -18.67 -20.52
C GLN UC 235 -7.33 -19.33 -20.94
N ALA UC 236 -7.39 -20.61 -21.29
CA ALA UC 236 -6.24 -21.37 -21.74
C ALA UC 236 -6.29 -21.56 -23.25
N VAL UC 237 -5.16 -21.34 -23.91
CA VAL UC 237 -5.05 -21.43 -25.36
C VAL UC 237 -4.02 -22.50 -25.71
N TRP UC 238 -4.26 -23.21 -26.81
CA TRP UC 238 -3.44 -24.33 -27.23
C TRP UC 238 -3.15 -24.19 -28.72
N LYS UC 239 -1.86 -24.27 -29.08
CA LYS UC 239 -1.43 -24.03 -30.45
C LYS UC 239 -0.66 -25.26 -30.94
N VAL UC 240 -1.14 -25.88 -32.01
CA VAL UC 240 -0.50 -27.05 -32.59
C VAL UC 240 -0.32 -26.85 -34.10
N LYS UC 241 0.93 -26.90 -34.53
CA LYS UC 241 1.30 -26.54 -35.89
C LYS UC 241 0.55 -27.39 -36.91
N GLY UC 242 0.02 -26.73 -37.93
CA GLY UC 242 -0.70 -27.41 -38.98
C GLY UC 242 -2.09 -27.86 -38.62
N LEU UC 243 -2.59 -27.51 -37.43
CA LEU UC 243 -3.93 -27.95 -37.05
C LEU UC 243 -4.98 -27.51 -38.06
N ALA UC 244 -4.73 -26.41 -38.79
CA ALA UC 244 -5.70 -25.91 -39.74
C ALA UC 244 -5.89 -26.86 -40.91
N GLU UC 245 -4.84 -27.62 -41.26
CA GLU UC 245 -4.92 -28.46 -42.45
C GLU UC 245 -5.96 -29.55 -42.30
N MET UC 246 -6.21 -30.02 -41.08
CA MET UC 246 -7.18 -31.08 -40.84
C MET UC 246 -8.59 -30.63 -41.25
N CYS UC 247 -9.29 -31.50 -41.99
CA CYS UC 247 -10.62 -31.15 -42.45
C CYS UC 247 -11.66 -31.49 -41.38
N ASP UC 248 -12.79 -30.78 -41.43
CA ASP UC 248 -13.77 -30.82 -40.36
C ASP UC 248 -14.68 -32.03 -40.46
N ASP UC 249 -15.52 -32.20 -39.44
CA ASP UC 249 -16.50 -33.28 -39.31
C ASP UC 249 -15.93 -34.63 -39.73
N ASP UC 250 -14.75 -34.94 -39.22
CA ASP UC 250 -14.09 -36.23 -39.45
C ASP UC 250 -13.76 -36.87 -38.11
N ASP UC 251 -13.50 -38.17 -38.16
CA ASP UC 251 -13.09 -38.89 -36.96
C ASP UC 251 -11.82 -38.30 -36.38
N ALA UC 252 -10.95 -37.73 -37.23
CA ALA UC 252 -9.75 -37.09 -36.75
C ALA UC 252 -10.07 -35.92 -35.84
N GLN UC 253 -10.92 -35.01 -36.30
CA GLN UC 253 -11.31 -33.86 -35.48
C GLN UC 253 -12.07 -34.30 -34.25
N TYR UC 254 -12.93 -35.32 -34.40
CA TYR UC 254 -13.67 -35.83 -33.25
C TYR UC 254 -12.72 -36.34 -32.17
N ALA UC 255 -11.74 -37.15 -32.57
CA ALA UC 255 -10.76 -37.66 -31.61
C ALA UC 255 -9.94 -36.54 -31.01
N ALA UC 256 -9.60 -35.53 -31.81
CA ALA UC 256 -8.81 -34.41 -31.30
C ALA UC 256 -9.57 -33.68 -30.19
N ARG UC 257 -10.85 -33.37 -30.43
CA ARG UC 257 -11.59 -32.62 -29.41
C ARG UC 257 -11.93 -33.50 -28.21
N LEU UC 258 -12.13 -34.80 -28.44
CA LEU UC 258 -12.30 -35.71 -27.30
C LEU UC 258 -11.05 -35.72 -26.43
N ARG UC 259 -9.88 -35.84 -27.04
CA ARG UC 259 -8.63 -35.79 -26.28
C ARG UC 259 -8.51 -34.47 -25.54
N LEU UC 260 -8.87 -33.37 -26.20
CA LEU UC 260 -8.81 -32.07 -25.54
C LEU UC 260 -9.71 -32.03 -24.31
N ALA UC 261 -10.91 -32.59 -24.42
CA ALA UC 261 -11.82 -32.61 -23.26
C ALA UC 261 -11.24 -33.43 -22.11
N GLN UC 262 -10.75 -34.64 -22.39
CA GLN UC 262 -10.21 -35.46 -21.32
C GLN UC 262 -9.00 -34.80 -20.68
N VAL UC 263 -8.12 -34.20 -21.50
CA VAL UC 263 -6.90 -33.64 -20.93
C VAL UC 263 -7.23 -32.37 -20.14
N ASP UC 264 -8.27 -31.65 -20.54
CA ASP UC 264 -8.68 -30.46 -19.77
C ASP UC 264 -9.32 -30.88 -18.45
N ASP UC 265 -10.04 -32.00 -18.43
CA ASP UC 265 -10.78 -32.38 -17.23
C ASP UC 265 -9.89 -32.71 -16.04
N ASN UC 266 -8.61 -33.00 -16.25
CA ASN UC 266 -7.77 -33.55 -15.20
C ASN UC 266 -6.65 -32.61 -14.73
N SER UC 267 -6.63 -31.37 -15.21
CA SER UC 267 -5.62 -30.43 -14.74
C SER UC 267 -5.95 -29.94 -13.33
N GLY UC 268 -4.92 -29.52 -12.61
CA GLY UC 268 -5.12 -29.04 -11.26
C GLY UC 268 -3.79 -28.71 -10.59
N VAL UC 269 -3.88 -28.45 -9.29
CA VAL UC 269 -2.70 -28.07 -8.51
C VAL UC 269 -1.75 -29.24 -8.38
N GLY UC 270 -2.26 -30.41 -8.03
CA GLY UC 270 -1.44 -31.58 -7.81
C GLY UC 270 -1.19 -32.43 -9.03
N ARG UC 271 -1.48 -31.93 -10.22
CA ARG UC 271 -1.30 -32.67 -11.45
C ARG UC 271 -0.38 -31.88 -12.38
N ALA UC 272 0.09 -32.56 -13.42
CA ALA UC 272 1.03 -31.98 -14.38
C ALA UC 272 0.56 -32.26 -15.79
N ILE UC 273 1.06 -31.49 -16.74
CA ILE UC 273 0.66 -31.58 -18.14
C ILE UC 273 1.91 -31.69 -19.01
N GLY UC 274 1.83 -32.53 -20.03
CA GLY UC 274 2.91 -32.65 -20.98
C GLY UC 274 2.51 -32.24 -22.38
N ILE UC 275 3.43 -31.52 -23.03
CA ILE UC 275 3.23 -31.07 -24.41
C ILE UC 275 4.52 -31.31 -25.17
N ASP UC 276 4.42 -31.29 -26.50
CA ASP UC 276 5.57 -31.47 -27.37
C ASP UC 276 6.26 -30.14 -27.58
N ALA UC 277 7.56 -30.10 -27.32
CA ALA UC 277 8.29 -28.83 -27.33
C ALA UC 277 8.35 -28.23 -28.72
N GLU UC 278 8.46 -29.07 -29.76
CA GLU UC 278 8.84 -28.56 -31.06
C GLU UC 278 7.65 -28.12 -31.89
N THR UC 279 6.48 -28.72 -31.68
CA THR UC 279 5.36 -28.52 -32.58
C THR UC 279 4.10 -27.95 -31.94
N GLU UC 280 4.13 -27.63 -30.64
CA GLU UC 280 2.94 -27.11 -29.99
C GLU UC 280 3.33 -26.34 -28.73
N GLU UC 281 2.42 -25.48 -28.28
CA GLU UC 281 2.59 -24.80 -27.00
C GLU UC 281 1.23 -24.53 -26.37
N TYR UC 282 1.23 -24.47 -25.04
CA TYR UC 282 0.00 -24.37 -24.24
C TYR UC 282 0.18 -23.20 -23.28
N ASP UC 283 -0.57 -22.13 -23.51
CA ASP UC 283 -0.42 -20.91 -22.73
C ASP UC 283 -1.70 -20.58 -22.00
N VAL UC 284 -1.59 -19.68 -21.03
CA VAL UC 284 -2.71 -19.25 -20.20
C VAL UC 284 -2.76 -17.73 -20.17
N LEU UC 285 -3.96 -17.18 -20.14
CA LEU UC 285 -4.20 -15.75 -20.05
C LEU UC 285 -5.20 -15.48 -18.93
N ASN UC 286 -4.95 -14.44 -18.16
CA ASN UC 286 -5.79 -14.16 -17.01
C ASN UC 286 -6.04 -12.67 -16.89
N SER UC 287 -7.19 -12.33 -16.32
CA SER UC 287 -7.59 -10.96 -16.08
C SER UC 287 -8.22 -10.86 -14.71
N ASP UC 288 -8.16 -9.68 -14.11
CA ASP UC 288 -8.63 -9.48 -12.75
C ASP UC 288 -10.07 -8.96 -12.72
N ILE UC 289 -10.67 -9.02 -11.54
CA ILE UC 289 -12.02 -8.49 -11.30
C ILE UC 289 -11.95 -7.58 -10.08
N SER UC 290 -12.54 -6.40 -10.20
CA SER UC 290 -12.52 -5.43 -9.11
C SER UC 290 -13.63 -4.42 -9.32
N GLY UC 291 -14.03 -3.76 -8.23
CA GLY UC 291 -15.02 -2.72 -8.30
C GLY UC 291 -16.42 -3.16 -8.65
N VAL UC 292 -16.62 -4.43 -9.01
CA VAL UC 292 -17.95 -4.88 -9.42
C VAL UC 292 -18.96 -4.78 -8.29
N PRO UC 293 -18.69 -5.24 -7.06
CA PRO UC 293 -19.69 -5.06 -5.99
C PRO UC 293 -20.03 -3.60 -5.75
N GLU UC 294 -19.05 -2.70 -5.80
CA GLU UC 294 -19.33 -1.29 -5.61
C GLU UC 294 -20.18 -0.73 -6.74
N PHE UC 295 -19.91 -1.16 -7.99
CA PHE UC 295 -20.69 -0.69 -9.12
C PHE UC 295 -22.15 -1.14 -9.00
N LEU UC 296 -22.36 -2.39 -8.61
CA LEU UC 296 -23.73 -2.88 -8.42
C LEU UC 296 -24.40 -2.15 -7.26
N SER UC 297 -23.66 -1.85 -6.20
CA SER UC 297 -24.22 -1.06 -5.11
C SER UC 297 -24.64 0.31 -5.59
N SER UC 298 -23.83 0.93 -6.45
CA SER UC 298 -24.19 2.24 -7.01
C SER UC 298 -25.46 2.15 -7.83
N LYS UC 299 -25.62 1.07 -8.60
CA LYS UC 299 -26.87 0.88 -9.34
C LYS UC 299 -28.06 0.77 -8.39
N MET UC 300 -27.90 0.01 -7.30
CA MET UC 300 -28.95 -0.04 -6.29
C MET UC 300 -29.25 1.33 -5.69
N ASP UC 301 -28.23 2.15 -5.48
CA ASP UC 301 -28.49 3.49 -4.96
C ASP UC 301 -29.26 4.33 -5.97
N ARG UC 302 -28.97 4.17 -7.27
CA ARG UC 302 -29.81 4.84 -8.25
C ARG UC 302 -31.25 4.39 -8.17
N ILE UC 303 -31.46 3.08 -8.02
CA ILE UC 303 -32.82 2.55 -7.93
C ILE UC 303 -33.55 3.14 -6.73
N VAL UC 304 -32.87 3.17 -5.57
CA VAL UC 304 -33.54 3.67 -4.37
C VAL UC 304 -33.80 5.16 -4.47
N SER UC 305 -32.88 5.91 -5.06
CA SER UC 305 -33.09 7.35 -5.24
C SER UC 305 -34.28 7.62 -6.13
N LEU UC 306 -34.41 6.88 -7.23
CA LEU UC 306 -35.57 7.06 -8.10
C LEU UC 306 -36.87 6.61 -7.44
N SER UC 307 -36.84 5.50 -6.69
CA SER UC 307 -38.08 4.96 -6.11
C SER UC 307 -38.59 5.84 -4.99
N GLY UC 308 -37.72 6.21 -4.05
CA GLY UC 308 -38.11 7.00 -2.91
C GLY UC 308 -38.31 6.24 -1.61
N ILE UC 309 -38.07 4.92 -1.62
CA ILE UC 309 -38.16 4.10 -0.41
C ILE UC 309 -36.80 3.47 -0.17
N HIS UC 310 -36.28 3.64 1.05
CA HIS UC 310 -34.85 3.47 1.28
C HIS UC 310 -34.48 2.04 1.65
N GLU UC 311 -33.19 1.87 1.97
CA GLU UC 311 -32.55 0.58 1.88
C GLU UC 311 -33.08 -0.42 2.91
N ILE UC 312 -33.36 0.04 4.12
CA ILE UC 312 -33.72 -0.90 5.19
C ILE UC 312 -35.04 -1.58 4.83
N ILE UC 313 -35.70 -1.08 3.80
CA ILE UC 313 -36.97 -1.66 3.34
C ILE UC 313 -36.90 -2.21 1.93
N ILE UC 314 -36.08 -1.63 1.04
CA ILE UC 314 -36.01 -2.08 -0.34
C ILE UC 314 -34.90 -3.11 -0.54
N LYS UC 315 -33.78 -2.97 0.16
CA LYS UC 315 -32.71 -3.94 0.11
C LYS UC 315 -32.76 -4.91 1.29
N ASN UC 316 -33.45 -4.52 2.38
CA ASN UC 316 -33.56 -5.34 3.59
C ASN UC 316 -32.18 -5.69 4.15
N LYS UC 317 -31.25 -4.75 4.06
CA LYS UC 317 -29.90 -4.91 4.58
C LYS UC 317 -29.65 -3.83 5.62
N ASN UC 318 -29.40 -4.24 6.87
CA ASN UC 318 -29.05 -3.27 7.88
C ASN UC 318 -27.63 -2.75 7.63
N VAL UC 319 -27.41 -1.47 7.98
CA VAL UC 319 -26.12 -0.85 7.73
C VAL UC 319 -25.02 -1.54 8.53
N GLY UC 320 -25.33 -1.94 9.77
CA GLY UC 320 -24.39 -2.65 10.61
C GLY UC 320 -23.36 -1.77 11.30
N GLY UC 321 -23.05 -0.60 10.75
CA GLY UC 321 -22.05 0.27 11.35
C GLY UC 321 -22.55 1.17 12.45
N VAL UC 322 -23.84 1.13 12.75
CA VAL UC 322 -24.42 1.97 13.79
C VAL UC 322 -25.54 1.18 14.46
N SER UC 323 -25.78 1.48 15.74
CA SER UC 323 -26.73 0.70 16.53
C SER UC 323 -28.17 1.20 16.34
N ALA UC 324 -28.38 2.51 16.41
CA ALA UC 324 -29.72 3.07 16.51
C ALA UC 324 -29.92 4.23 15.54
N SER UC 325 -29.56 4.04 14.27
CA SER UC 325 -29.96 4.97 13.22
C SER UC 325 -31.06 4.40 12.34
N GLN UC 326 -31.26 3.09 12.37
CA GLN UC 326 -32.37 2.49 11.64
C GLN UC 326 -33.70 2.95 12.19
N ASN UC 327 -33.80 3.29 13.48
CA ASN UC 327 -35.03 3.87 14.00
C ASN UC 327 -35.32 5.23 13.37
N THR UC 328 -34.31 6.06 13.18
CA THR UC 328 -34.50 7.32 12.46
C THR UC 328 -34.89 7.07 11.01
N ALA UC 329 -34.26 6.10 10.36
CA ALA UC 329 -34.62 5.79 8.98
C ALA UC 329 -36.08 5.35 8.88
N LEU UC 330 -36.52 4.46 9.77
CA LEU UC 330 -37.90 4.00 9.73
C LEU UC 330 -38.87 5.08 10.16
N GLU UC 331 -38.44 6.03 10.98
CA GLU UC 331 -39.37 7.12 11.31
C GLU UC 331 -39.51 8.10 10.16
N THR UC 332 -38.44 8.31 9.37
CA THR UC 332 -38.60 9.08 8.13
C THR UC 332 -39.54 8.36 7.16
N PHE UC 333 -39.39 7.03 7.07
CA PHE UC 333 -40.32 6.25 6.26
C PHE UC 333 -41.75 6.40 6.76
N TYR UC 334 -41.94 6.38 8.08
CA TYR UC 334 -43.26 6.57 8.66
C TYR UC 334 -43.81 7.94 8.31
N LYS UC 335 -42.98 8.97 8.38
CA LYS UC 335 -43.42 10.30 8.00
C LYS UC 335 -43.91 10.34 6.56
N LEU UC 336 -43.14 9.77 5.64
CA LEU UC 336 -43.54 9.84 4.24
C LEU UC 336 -44.79 9.01 3.98
N VAL UC 337 -44.90 7.84 4.61
CA VAL UC 337 -46.06 6.99 4.36
C VAL UC 337 -47.31 7.61 4.96
N ASP UC 338 -47.19 8.27 6.11
CA ASP UC 338 -48.34 8.98 6.67
C ASP UC 338 -48.74 10.16 5.80
N ARG UC 339 -47.75 10.88 5.27
CA ARG UC 339 -48.05 11.99 4.36
C ARG UC 339 -48.80 11.51 3.12
N LYS UC 340 -48.39 10.39 2.55
CA LYS UC 340 -49.11 9.83 1.42
C LYS UC 340 -50.46 9.25 1.83
N ARG UC 341 -50.57 8.73 3.06
CA ARG UC 341 -51.82 8.19 3.57
C ARG UC 341 -52.88 9.27 3.66
N GLU UC 342 -52.50 10.45 4.16
CA GLU UC 342 -53.46 11.53 4.37
C GLU UC 342 -54.19 11.92 3.09
N GLU UC 343 -53.58 11.75 1.93
CA GLU UC 343 -54.19 12.23 0.69
C GLU UC 343 -54.99 11.16 -0.04
N ASP UC 344 -54.74 9.87 0.21
CA ASP UC 344 -55.52 8.82 -0.44
C ASP UC 344 -56.37 7.98 0.49
N TYR UC 345 -55.85 7.52 1.62
CA TYR UC 345 -56.60 6.58 2.45
C TYR UC 345 -57.84 7.23 3.05
N ARG UC 346 -57.73 8.49 3.48
CA ARG UC 346 -58.84 9.16 4.17
C ARG UC 346 -60.10 9.28 3.30
N PRO UC 347 -60.03 9.75 2.05
CA PRO UC 347 -61.28 9.92 1.27
C PRO UC 347 -62.12 8.66 1.20
N LEU UC 348 -61.48 7.49 1.12
CA LEU UC 348 -62.23 6.25 1.20
C LEU UC 348 -63.01 6.17 2.51
N LEU UC 349 -62.42 6.66 3.60
CA LEU UC 349 -63.07 6.58 4.90
C LEU UC 349 -64.27 7.51 4.98
N GLU UC 350 -64.11 8.78 4.55
CA GLU UC 350 -65.32 9.59 4.53
C GLU UC 350 -66.32 9.16 3.47
N PHE UC 351 -65.92 8.33 2.51
CA PHE UC 351 -66.91 7.73 1.62
C PHE UC 351 -67.66 6.59 2.27
N LEU UC 352 -67.00 5.79 3.11
CA LEU UC 352 -67.57 4.55 3.61
C LEU UC 352 -68.29 4.70 4.94
N LEU UC 353 -67.74 5.49 5.86
CA LEU UC 353 -68.35 5.61 7.19
C LEU UC 353 -69.81 6.03 7.16
N PRO UC 354 -70.24 7.04 6.40
CA PRO UC 354 -71.66 7.44 6.47
C PRO UC 354 -72.63 6.34 6.12
N PHE UC 355 -72.17 5.28 5.44
CA PHE UC 355 -73.02 4.15 5.11
C PHE UC 355 -73.05 3.09 6.21
N ILE UC 356 -72.26 3.24 7.27
CA ILE UC 356 -72.17 2.21 8.29
C ILE UC 356 -72.45 2.77 9.68
N VAL UC 357 -72.27 4.08 9.86
CA VAL UC 357 -72.47 4.70 11.15
C VAL UC 357 -73.84 5.37 11.17
N ASP UC 358 -74.55 5.20 12.29
CA ASP UC 358 -75.87 5.81 12.44
C ASP UC 358 -75.83 7.14 13.16
N GLU UC 359 -74.86 7.33 14.06
CA GLU UC 359 -74.75 8.55 14.83
C GLU UC 359 -74.41 9.71 13.90
N GLN UC 360 -74.74 10.92 14.35
CA GLN UC 360 -74.74 12.09 13.47
C GLN UC 360 -73.34 12.64 13.22
N GLU UC 361 -72.62 12.99 14.29
CA GLU UC 361 -71.33 13.68 14.16
C GLU UC 361 -70.18 12.81 14.68
N TRP UC 362 -69.13 12.71 13.86
CA TRP UC 362 -67.97 11.90 14.18
C TRP UC 362 -66.73 12.60 13.67
N SER UC 363 -65.57 12.00 13.98
CA SER UC 363 -64.30 12.42 13.42
C SER UC 363 -63.36 11.23 13.38
N ILE UC 364 -62.39 11.27 12.47
CA ILE UC 364 -61.43 10.18 12.29
C ILE UC 364 -60.07 10.65 12.75
N GLU UC 365 -59.36 9.78 13.47
CA GLU UC 365 -58.00 10.07 13.90
C GLU UC 365 -57.08 8.92 13.48
N PHE UC 366 -55.87 9.28 13.05
CA PHE UC 366 -54.85 8.31 12.71
C PHE UC 366 -53.93 8.12 13.91
N GLU UC 367 -53.75 6.88 14.33
CA GLU UC 367 -52.91 6.60 15.47
C GLU UC 367 -51.46 6.90 15.13
N PRO UC 368 -50.62 7.23 16.12
CA PRO UC 368 -49.19 7.40 15.85
C PRO UC 368 -48.58 6.09 15.35
N LEU UC 369 -48.02 6.12 14.15
CA LEU UC 369 -47.48 4.91 13.52
C LEU UC 369 -46.15 4.56 14.19
N SER UC 370 -46.24 3.74 15.25
CA SER UC 370 -45.06 3.31 15.98
C SER UC 370 -45.37 2.00 16.70
N VAL UC 371 -44.52 1.00 16.50
CA VAL UC 371 -44.68 -0.28 17.15
C VAL UC 371 -44.28 -0.15 18.61
N PRO UC 372 -45.22 -0.35 19.54
CA PRO UC 372 -44.82 -0.09 20.93
C PRO UC 372 -43.92 -1.16 21.51
N SER UC 373 -43.35 -0.90 22.68
CA SER UC 373 -42.47 -1.86 23.33
C SER UC 373 -42.88 -2.10 24.77
N LYS UC 374 -43.19 -3.36 25.09
CA LYS UC 374 -43.70 -3.66 26.42
C LYS UC 374 -43.04 -2.82 27.50
N LYS UC 375 -41.80 -3.10 27.84
CA LYS UC 375 -41.25 -2.35 28.96
C LYS UC 375 -41.56 -0.87 28.82
N GLU UC 376 -41.44 -0.33 27.60
CA GLU UC 376 -41.67 1.09 27.40
C GLU UC 376 -43.15 1.42 27.53
N GLU UC 377 -44.05 0.54 27.07
CA GLU UC 377 -45.46 0.83 27.23
C GLU UC 377 -45.90 0.70 28.69
N SER UC 378 -45.30 -0.22 29.45
CA SER UC 378 -45.55 -0.24 30.88
C SER UC 378 -45.08 1.06 31.52
N GLU UC 379 -43.90 1.54 31.13
CA GLU UC 379 -43.42 2.81 31.66
C GLU UC 379 -44.37 3.95 31.32
N ILE UC 380 -44.84 4.02 30.06
CA ILE UC 380 -45.69 5.12 29.64
C ILE UC 380 -47.03 5.06 30.36
N THR UC 381 -47.55 3.85 30.60
CA THR UC 381 -48.75 3.71 31.42
C THR UC 381 -48.50 4.25 32.82
N LYS UC 382 -47.33 3.94 33.40
CA LYS UC 382 -47.00 4.52 34.70
C LYS UC 382 -47.05 6.05 34.64
N ASN UC 383 -46.32 6.64 33.68
CA ASN UC 383 -46.24 8.09 33.62
C ASN UC 383 -47.62 8.70 33.51
N ASN UC 384 -48.44 8.22 32.58
CA ASN UC 384 -49.70 8.90 32.34
C ASN UC 384 -50.75 8.55 33.39
N VAL UC 385 -50.64 7.38 34.04
CA VAL UC 385 -51.61 7.08 35.10
C VAL UC 385 -51.34 7.95 36.32
N GLU UC 386 -50.07 8.24 36.63
CA GLU UC 386 -49.86 9.12 37.76
C GLU UC 386 -50.02 10.58 37.38
N SER UC 387 -49.82 10.94 36.11
CA SER UC 387 -50.13 12.30 35.70
C SER UC 387 -51.62 12.56 35.76
N VAL UC 388 -52.44 11.60 35.33
CA VAL UC 388 -53.89 11.83 35.28
C VAL UC 388 -54.47 11.92 36.69
N THR UC 389 -53.96 11.13 37.64
CA THR UC 389 -54.36 11.27 39.04
C THR UC 389 -53.09 11.42 39.88
N LYS UC 390 -52.49 12.61 39.81
CA LYS UC 390 -51.60 13.14 40.82
C LYS UC 390 -52.11 14.43 41.43
N ALA UC 391 -52.61 15.35 40.60
CA ALA UC 391 -53.03 16.66 41.06
C ALA UC 391 -54.46 17.01 40.67
N ILE UC 392 -55.30 16.02 40.38
CA ILE UC 392 -56.71 16.31 40.14
C ILE UC 392 -57.50 16.31 41.44
N THR UC 393 -56.82 16.14 42.58
CA THR UC 393 -57.50 16.01 43.86
C THR UC 393 -58.01 17.33 44.41
N GLU UC 394 -57.57 18.47 43.86
CA GLU UC 394 -57.90 19.76 44.46
C GLU UC 394 -58.78 20.66 43.60
N GLN UC 395 -59.06 20.28 42.35
CA GLN UC 395 -59.92 21.08 41.50
C GLN UC 395 -61.15 20.27 41.09
N ILE UC 396 -61.96 20.85 40.20
CA ILE UC 396 -63.26 20.28 39.84
C ILE UC 396 -63.15 19.03 38.98
N ILE UC 397 -61.95 18.63 38.58
CA ILE UC 397 -61.76 17.41 37.81
C ILE UC 397 -62.08 16.22 38.69
N ASP UC 398 -63.21 15.56 38.42
CA ASP UC 398 -63.68 14.48 39.27
C ASP UC 398 -63.67 13.15 38.52
N LEU UC 399 -64.21 12.11 39.17
CA LEU UC 399 -63.95 10.74 38.73
C LEU UC 399 -64.65 10.42 37.40
N GLU UC 400 -65.86 10.94 37.20
CA GLU UC 400 -66.61 10.56 36.01
C GLU UC 400 -65.96 11.06 34.72
N GLU UC 401 -65.09 12.07 34.80
CA GLU UC 401 -64.28 12.47 33.67
C GLU UC 401 -62.86 11.93 33.74
N ALA UC 402 -62.32 11.71 34.94
CA ALA UC 402 -60.99 11.13 35.05
C ALA UC 402 -60.94 9.71 34.48
N ARG UC 403 -62.00 8.93 34.70
CA ARG UC 403 -62.07 7.60 34.14
C ARG UC 403 -62.13 7.65 32.60
N ASP UC 404 -62.87 8.61 32.07
CA ASP UC 404 -62.88 8.81 30.62
C ASP UC 404 -61.49 9.19 30.10
N THR UC 405 -60.79 9.99 30.84
CA THR UC 405 -59.49 10.29 30.37
C THR UC 405 -58.65 9.04 30.36
N LEU UC 406 -58.63 8.31 31.46
CA LEU UC 406 -57.72 7.17 31.55
C LEU UC 406 -58.05 6.11 30.50
N ARG UC 407 -59.30 6.06 30.03
CA ARG UC 407 -59.61 5.20 28.90
C ARG UC 407 -59.38 5.87 27.55
N SER UC 408 -59.16 7.19 27.53
CA SER UC 408 -58.83 7.86 26.27
C SER UC 408 -57.55 7.29 25.67
N ILE UC 409 -56.49 7.25 26.47
CA ILE UC 409 -55.29 6.50 26.12
C ILE UC 409 -55.70 5.03 26.01
N ALA UC 410 -55.22 4.34 24.97
CA ALA UC 410 -55.49 2.93 24.80
C ALA UC 410 -54.82 2.15 25.93
N PRO UC 411 -55.57 1.62 26.88
CA PRO UC 411 -54.94 1.00 28.05
C PRO UC 411 -54.86 -0.52 27.94
N GLU UC 412 -53.96 -1.11 28.70
CA GLU UC 412 -54.11 -2.51 29.07
C GLU UC 412 -54.98 -2.68 30.30
N PHE UC 413 -55.39 -1.57 30.91
CA PHE UC 413 -56.25 -1.57 32.09
C PHE UC 413 -57.69 -1.46 31.61
N LYS UC 414 -58.34 -2.60 31.43
CA LYS UC 414 -59.77 -2.61 31.19
C LYS UC 414 -60.52 -2.26 32.47
N LEU UC 415 -61.73 -1.77 32.31
CA LEU UC 415 -62.60 -1.48 33.45
C LEU UC 415 -64.03 -1.35 32.95
N LYS UC 416 -64.97 -1.90 33.71
CA LYS UC 416 -66.36 -1.89 33.32
C LYS UC 416 -66.95 -0.47 33.41
N ASP UC 417 -67.93 -0.21 32.56
CA ASP UC 417 -68.62 1.07 32.59
C ASP UC 417 -69.48 1.18 33.85
N GLY UC 418 -69.75 2.41 34.26
CA GLY UC 418 -70.49 2.64 35.47
C GLY UC 418 -70.62 4.11 35.85
N ASN UC 419 -70.36 4.43 37.11
CA ASN UC 419 -70.50 5.78 37.61
C ASN UC 419 -69.58 6.78 36.89
N SER VC 37 -19.96 46.01 -26.12
CA SER VC 37 -20.62 45.46 -27.28
C SER VC 37 -22.02 46.03 -27.43
N PRO VC 38 -22.50 46.18 -28.67
CA PRO VC 38 -23.85 46.67 -28.90
C PRO VC 38 -24.89 45.80 -28.21
N LYS VC 39 -25.93 46.45 -27.72
CA LYS VC 39 -27.01 45.83 -26.97
C LYS VC 39 -28.33 46.36 -27.51
N PRO VC 40 -29.43 45.63 -27.34
CA PRO VC 40 -30.73 46.16 -27.73
C PRO VC 40 -31.06 47.41 -26.91
N PHE VC 41 -31.59 48.43 -27.59
CA PHE VC 41 -31.73 49.74 -26.96
C PHE VC 41 -32.73 49.72 -25.81
N PHE VC 42 -33.76 48.87 -25.90
CA PHE VC 42 -34.77 48.82 -24.85
C PHE VC 42 -34.24 48.13 -23.61
N MET VC 43 -33.35 47.15 -23.77
CA MET VC 43 -32.72 46.48 -22.64
C MET VC 43 -31.22 46.77 -22.72
N SER VC 44 -30.81 47.91 -22.19
CA SER VC 44 -29.42 48.33 -22.23
C SER VC 44 -29.00 48.91 -20.88
N ASP VC 45 -29.38 48.24 -19.80
CA ASP VC 45 -29.07 48.69 -18.45
C ASP VC 45 -28.19 47.65 -17.77
N ALA VC 46 -27.82 47.93 -16.51
CA ALA VC 46 -27.07 46.96 -15.73
C ALA VC 46 -27.87 45.70 -15.45
N SER VC 47 -29.20 45.78 -15.54
CA SER VC 47 -30.05 44.62 -15.35
C SER VC 47 -29.85 43.55 -16.43
N TYR VC 48 -29.18 43.89 -17.52
CA TYR VC 48 -28.92 42.95 -18.61
C TYR VC 48 -27.90 41.89 -18.23
N HIS VC 49 -27.07 42.11 -17.21
CA HIS VC 49 -26.04 41.17 -16.83
C HIS VC 49 -26.37 40.61 -15.46
N VAL VC 50 -26.52 41.45 -14.44
CA VAL VC 50 -26.76 40.97 -13.08
C VAL VC 50 -28.15 40.37 -13.01
N GLY VC 51 -29.11 40.97 -13.72
CA GLY VC 51 -30.45 40.44 -13.78
C GLY VC 51 -30.46 39.06 -14.40
N SER VC 52 -29.71 38.88 -15.49
CA SER VC 52 -29.65 37.58 -16.15
C SER VC 52 -29.02 36.54 -15.23
N PHE VC 53 -27.94 36.90 -14.54
CA PHE VC 53 -27.32 35.96 -13.61
C PHE VC 53 -28.23 35.59 -12.47
N TYR VC 54 -28.97 36.55 -11.91
CA TYR VC 54 -29.93 36.23 -10.85
C TYR VC 54 -31.03 35.32 -11.37
N ASN VC 55 -31.54 35.62 -12.57
CA ASN VC 55 -32.70 34.91 -13.07
C ASN VC 55 -32.35 33.47 -13.43
N ASP VC 56 -31.25 33.25 -14.15
CA ASP VC 56 -30.96 31.92 -14.70
C ASP VC 56 -30.38 31.01 -13.63
N ASN VC 57 -29.23 31.37 -13.07
CA ASN VC 57 -28.54 30.49 -12.15
C ASN VC 57 -29.29 30.40 -10.83
N ALA VC 58 -29.13 29.26 -10.16
CA ALA VC 58 -29.82 28.99 -8.91
C ALA VC 58 -28.96 29.24 -7.67
N THR VC 59 -27.65 29.02 -7.76
CA THR VC 59 -26.79 29.33 -6.62
C THR VC 59 -26.79 30.82 -6.32
N ALA VC 60 -26.79 31.65 -7.36
CA ALA VC 60 -26.93 33.09 -7.16
C ALA VC 60 -28.28 33.43 -6.54
N LYS VC 61 -29.33 32.74 -7.00
CA LYS VC 61 -30.65 32.89 -6.39
C LYS VC 61 -30.56 32.67 -4.88
N ARG VC 62 -29.94 31.56 -4.47
CA ARG VC 62 -29.83 31.26 -3.06
C ARG VC 62 -29.02 32.33 -2.33
N ILE VC 63 -27.82 32.64 -2.84
CA ILE VC 63 -26.95 33.61 -2.19
C ILE VC 63 -27.65 34.94 -1.99
N VAL VC 64 -28.51 35.34 -2.92
CA VAL VC 64 -29.27 36.57 -2.75
C VAL VC 64 -30.42 36.45 -1.76
N ASP VC 65 -31.20 35.36 -1.80
CA ASP VC 65 -32.49 35.38 -1.12
C ASP VC 65 -32.51 34.65 0.22
N VAL VC 66 -31.50 33.84 0.56
CA VAL VC 66 -31.60 33.04 1.78
C VAL VC 66 -31.61 33.92 3.02
N ILE VC 67 -30.81 34.98 3.03
CA ILE VC 67 -30.69 35.82 4.23
C ILE VC 67 -31.90 36.73 4.41
N PRO VC 68 -32.29 37.58 3.45
CA PRO VC 68 -33.37 38.53 3.73
C PRO VC 68 -34.70 37.89 4.08
N GLU VC 69 -35.07 36.80 3.41
CA GLU VC 69 -36.42 36.26 3.57
C GLU VC 69 -36.57 35.58 4.93
N GLU VC 70 -35.60 34.75 5.32
CA GLU VC 70 -35.61 34.20 6.67
C GLU VC 70 -35.42 35.29 7.72
N MET VC 71 -34.51 36.22 7.43
CA MET VC 71 -34.34 37.45 8.21
C MET VC 71 -35.67 38.02 8.65
N VAL VC 72 -36.55 38.31 7.68
CA VAL VC 72 -37.79 39.00 8.01
C VAL VC 72 -38.83 38.04 8.59
N THR VC 73 -38.90 36.80 8.08
CA THR VC 73 -39.86 35.85 8.63
C THR VC 73 -39.56 35.48 10.07
N ALA VC 74 -38.33 35.71 10.54
CA ALA VC 74 -38.05 35.51 11.96
C ALA VC 74 -38.94 36.35 12.86
N GLY VC 75 -39.30 37.55 12.42
CA GLY VC 75 -40.21 38.39 13.15
C GLY VC 75 -39.53 39.25 14.21
N PHE VC 76 -40.35 40.08 14.86
CA PHE VC 76 -39.90 40.98 15.91
C PHE VC 76 -41.03 41.10 16.92
N LYS VC 77 -40.76 41.78 18.03
CA LYS VC 77 -41.80 42.05 19.01
C LYS VC 77 -41.58 43.42 19.63
N ILE VC 78 -42.64 43.95 20.25
CA ILE VC 78 -42.71 45.34 20.68
C ILE VC 78 -42.94 45.38 22.18
N SER VC 79 -42.48 46.45 22.82
CA SER VC 79 -42.71 46.70 24.23
C SER VC 79 -43.08 48.16 24.42
N GLY VC 80 -43.81 48.43 25.50
CA GLY VC 80 -44.39 49.74 25.74
C GLY VC 80 -45.77 49.95 25.18
N VAL VC 81 -46.33 48.95 24.49
CA VAL VC 81 -47.67 49.02 23.94
C VAL VC 81 -48.63 48.39 24.94
N LYS VC 82 -49.87 48.90 24.95
CA LYS VC 82 -50.86 48.40 25.91
C LYS VC 82 -51.16 46.92 25.69
N ASP VC 83 -51.30 46.52 24.43
CA ASP VC 83 -51.60 45.13 24.10
C ASP VC 83 -51.06 44.81 22.73
N GLU VC 84 -50.81 43.51 22.49
CA GLU VC 84 -50.20 43.06 21.25
C GLU VC 84 -51.15 42.25 20.36
N LYS VC 85 -52.29 41.82 20.88
CA LYS VC 85 -53.23 41.05 20.06
C LYS VC 85 -53.74 41.88 18.90
N GLU VC 86 -54.26 43.07 19.18
CA GLU VC 86 -54.69 43.97 18.11
C GLU VC 86 -53.52 44.43 17.26
N PHE VC 87 -52.32 44.53 17.85
CA PHE VC 87 -51.13 44.85 17.07
C PHE VC 87 -50.88 43.82 15.98
N LYS VC 88 -50.85 42.54 16.36
CA LYS VC 88 -50.68 41.48 15.38
C LYS VC 88 -51.84 41.40 14.42
N SER VC 89 -53.07 41.66 14.89
CA SER VC 89 -54.23 41.64 14.02
C SER VC 89 -54.10 42.68 12.92
N LEU VC 90 -53.74 43.91 13.27
CA LEU VC 90 -53.57 44.96 12.26
C LEU VC 90 -52.34 44.68 11.39
N TRP VC 91 -51.30 44.08 11.97
CA TRP VC 91 -50.12 43.72 11.18
C TRP VC 91 -50.49 42.76 10.06
N ASP VC 92 -51.18 41.66 10.40
CA ASP VC 92 -51.61 40.71 9.40
C ASP VC 92 -52.71 41.26 8.50
N SER VC 93 -53.51 42.22 8.97
CA SER VC 93 -54.46 42.88 8.09
C SER VC 93 -53.74 43.67 7.01
N TYR VC 94 -52.67 44.37 7.37
CA TYR VC 94 -51.87 45.06 6.38
C TYR VC 94 -51.16 44.08 5.45
N LYS VC 95 -50.67 42.97 6.00
CA LYS VC 95 -50.03 41.88 5.25
C LYS VC 95 -49.09 42.40 4.16
N ILE VC 96 -48.14 43.25 4.60
CA ILE VC 96 -47.18 43.86 3.70
C ILE VC 96 -45.82 43.18 3.75
N ASP VC 97 -45.69 42.08 4.49
CA ASP VC 97 -44.37 41.49 4.61
C ASP VC 97 -43.83 40.84 3.33
N PRO VC 98 -44.63 40.34 2.37
CA PRO VC 98 -43.98 39.90 1.13
C PRO VC 98 -43.35 41.07 0.38
N SER VC 99 -44.03 42.22 0.43
CA SER VC 99 -43.47 43.44 -0.14
C SER VC 99 -42.18 43.83 0.57
N LEU VC 100 -42.15 43.69 1.89
CA LEU VC 100 -40.90 43.92 2.61
C LEU VC 100 -39.82 42.97 2.15
N VAL VC 101 -40.17 41.70 1.92
CA VAL VC 101 -39.18 40.70 1.54
C VAL VC 101 -38.54 41.07 0.21
N ASP VC 102 -39.36 41.35 -0.81
CA ASP VC 102 -38.71 41.61 -2.09
C ASP VC 102 -38.11 43.02 -2.12
N ALA VC 103 -38.56 43.93 -1.25
CA ALA VC 103 -37.86 45.19 -1.09
C ALA VC 103 -36.43 44.96 -0.64
N LEU VC 104 -36.26 44.17 0.43
CA LEU VC 104 -34.91 43.84 0.88
C LEU VC 104 -34.15 43.07 -0.20
N CYS VC 105 -34.83 42.22 -0.96
CA CYS VC 105 -34.17 41.43 -1.99
C CYS VC 105 -33.59 42.31 -3.08
N TRP VC 106 -34.39 43.25 -3.61
CA TRP VC 106 -33.88 44.14 -4.63
C TRP VC 106 -32.83 45.09 -4.06
N ALA VC 107 -32.97 45.50 -2.80
CA ALA VC 107 -31.93 46.32 -2.19
C ALA VC 107 -30.61 45.57 -2.13
N ARG VC 108 -30.65 44.30 -1.76
CA ARG VC 108 -29.44 43.49 -1.68
C ARG VC 108 -28.84 43.25 -3.06
N LEU VC 109 -29.70 42.99 -4.05
CA LEU VC 109 -29.21 42.57 -5.37
C LEU VC 109 -28.75 43.77 -6.20
N TYR VC 110 -29.63 44.73 -6.43
CA TYR VC 110 -29.32 45.86 -7.30
C TYR VC 110 -28.51 46.94 -6.62
N GLY VC 111 -28.27 46.83 -5.32
CA GLY VC 111 -27.55 47.85 -4.59
C GLY VC 111 -28.42 48.96 -4.03
N GLY VC 112 -29.73 48.93 -4.28
CA GLY VC 112 -30.61 49.95 -3.77
C GLY VC 112 -32.05 49.74 -4.14
N ALA VC 113 -32.96 50.18 -3.27
CA ALA VC 113 -34.40 50.07 -3.51
C ALA VC 113 -35.11 51.17 -2.75
N ALA VC 114 -36.37 51.41 -3.10
CA ALA VC 114 -37.16 52.44 -2.45
C ALA VC 114 -38.55 51.90 -2.16
N ILE VC 115 -39.17 52.38 -1.09
CA ILE VC 115 -40.53 52.03 -0.74
C ILE VC 115 -41.32 53.32 -0.58
N VAL VC 116 -42.52 53.35 -1.15
CA VAL VC 116 -43.41 54.50 -1.07
C VAL VC 116 -44.64 54.08 -0.28
N ALA VC 117 -44.95 54.83 0.76
CA ALA VC 117 -46.07 54.54 1.65
C ALA VC 117 -47.10 55.66 1.53
N ILE VC 118 -48.35 55.27 1.32
CA ILE VC 118 -49.45 56.21 1.18
C ILE VC 118 -50.27 56.18 2.45
N ILE VC 119 -50.58 57.36 2.99
CA ILE VC 119 -51.27 57.50 4.26
C ILE VC 119 -52.58 58.25 4.04
N ASN VC 120 -53.60 57.88 4.81
CA ASN VC 120 -54.91 58.50 4.70
C ASN VC 120 -54.82 59.93 5.20
N ASP VC 121 -54.71 60.88 4.27
CA ASP VC 121 -54.60 62.28 4.61
C ASP VC 121 -55.25 63.12 3.52
N ASN VC 122 -55.80 64.26 3.92
CA ASN VC 122 -56.52 65.14 3.01
C ASN VC 122 -55.62 66.25 2.47
N ARG VC 123 -54.58 65.88 1.74
CA ARG VC 123 -53.66 66.85 1.16
C ARG VC 123 -53.09 66.31 -0.15
N MET VC 124 -52.43 67.20 -0.88
CA MET VC 124 -51.71 66.79 -2.07
C MET VC 124 -50.51 65.93 -1.70
N LEU VC 125 -50.13 65.03 -2.61
CA LEU VC 125 -49.10 64.05 -2.30
C LEU VC 125 -47.70 64.64 -2.29
N THR VC 126 -47.53 65.89 -2.72
CA THR VC 126 -46.22 66.53 -2.67
C THR VC 126 -45.87 66.99 -1.26
N SER VC 127 -46.85 67.45 -0.50
CA SER VC 127 -46.60 68.13 0.76
C SER VC 127 -46.08 67.14 1.82
N PRO VC 128 -45.38 67.66 2.84
CA PRO VC 128 -44.99 66.81 3.98
C PRO VC 128 -46.19 66.32 4.77
N VAL VC 129 -45.95 65.53 5.80
CA VAL VC 129 -47.00 64.82 6.52
C VAL VC 129 -47.15 65.43 7.92
N LYS VC 130 -48.40 65.60 8.33
CA LYS VC 130 -48.72 65.94 9.71
C LYS VC 130 -48.58 64.71 10.60
N PRO VC 131 -48.41 64.90 11.91
CA PRO VC 131 -48.39 63.76 12.82
C PRO VC 131 -49.69 62.97 12.75
N GLY VC 132 -49.58 61.66 12.88
CA GLY VC 132 -50.73 60.79 12.81
C GLY VC 132 -50.31 59.34 12.68
N ALA VC 133 -51.30 58.46 12.80
CA ALA VC 133 -51.07 57.02 12.75
C ALA VC 133 -52.11 56.37 11.84
N LYS VC 134 -51.81 56.31 10.54
CA LYS VC 134 -52.70 55.70 9.55
C LYS VC 134 -51.85 55.06 8.47
N LEU VC 135 -52.48 54.16 7.70
CA LEU VC 135 -51.93 53.75 6.41
C LEU VC 135 -53.09 53.40 5.49
N GLU VC 136 -52.81 53.43 4.18
CA GLU VC 136 -53.69 52.84 3.20
C GLU VC 136 -52.96 51.96 2.19
N GLY VC 137 -51.63 51.93 2.21
CA GLY VC 137 -50.89 51.05 1.35
C GLY VC 137 -49.42 51.41 1.34
N VAL VC 138 -48.63 50.47 0.80
CA VAL VC 138 -47.20 50.67 0.60
C VAL VC 138 -46.77 49.79 -0.56
N ARG VC 139 -45.83 50.27 -1.36
CA ARG VC 139 -45.34 49.50 -2.50
C ARG VC 139 -43.88 49.84 -2.77
N VAL VC 140 -43.19 48.90 -3.40
CA VAL VC 140 -41.73 48.96 -3.52
C VAL VC 140 -41.33 49.10 -4.99
N TYR VC 141 -40.38 49.99 -5.24
CA TYR VC 141 -39.71 50.14 -6.53
C TYR VC 141 -38.23 49.85 -6.38
N ASP VC 142 -37.60 49.49 -7.50
CA ASP VC 142 -36.19 49.12 -7.49
C ASP VC 142 -35.33 50.37 -7.65
N ARG VC 143 -34.04 50.15 -7.90
CA ARG VC 143 -33.07 51.24 -7.98
C ARG VC 143 -33.28 52.11 -9.21
N PHE VC 144 -33.78 51.53 -10.30
CA PHE VC 144 -33.72 52.19 -11.60
C PHE VC 144 -34.79 53.27 -11.78
N ALA VC 145 -35.84 53.25 -10.96
CA ALA VC 145 -36.98 54.16 -11.15
C ALA VC 145 -36.97 55.34 -10.19
N ILE VC 146 -35.92 55.51 -9.40
CA ILE VC 146 -35.84 56.56 -8.38
C ILE VC 146 -34.72 57.51 -8.76
N THR VC 147 -35.01 58.81 -8.73
CA THR VC 147 -34.02 59.85 -9.01
C THR VC 147 -34.29 61.02 -8.08
N ILE VC 148 -33.23 61.78 -7.78
CA ILE VC 148 -33.32 62.91 -6.87
C ILE VC 148 -33.69 64.14 -7.68
N GLU VC 149 -34.58 64.99 -7.15
CA GLU VC 149 -34.97 66.20 -7.85
C GLU VC 149 -34.60 67.47 -7.09
N LYS VC 150 -35.06 67.60 -5.85
CA LYS VC 150 -34.84 68.80 -5.06
C LYS VC 150 -33.86 68.46 -3.94
N ARG VC 151 -32.81 69.27 -3.84
CA ARG VC 151 -31.75 69.09 -2.86
C ARG VC 151 -31.68 70.31 -1.96
N VAL VC 152 -31.53 70.08 -0.66
CA VAL VC 152 -31.43 71.16 0.32
C VAL VC 152 -30.03 71.15 0.92
N THR VC 153 -29.44 72.34 1.01
CA THR VC 153 -28.11 72.52 1.61
C THR VC 153 -28.12 73.64 2.64
N ASN VC 154 -29.27 73.94 3.22
CA ASN VC 154 -29.37 75.01 4.21
C ASN VC 154 -28.52 74.70 5.43
N ALA VC 155 -27.83 75.72 5.92
CA ALA VC 155 -26.92 75.52 7.05
C ALA VC 155 -27.67 75.36 8.36
N ARG VC 156 -28.83 76.02 8.48
CA ARG VC 156 -29.57 75.98 9.75
C ARG VC 156 -30.00 74.55 10.09
N SER VC 157 -30.55 73.83 9.12
CA SER VC 157 -31.03 72.48 9.39
C SER VC 157 -29.94 71.46 9.09
N PRO VC 158 -29.63 70.57 10.03
CA PRO VC 158 -28.68 69.48 9.77
C PRO VC 158 -29.06 68.55 8.63
N ARG VC 159 -30.26 68.73 8.07
CA ARG VC 159 -30.79 67.91 6.97
C ARG VC 159 -30.22 68.34 5.62
N TYR VC 160 -29.12 69.09 5.62
CA TYR VC 160 -28.52 69.53 4.36
C TYR VC 160 -27.86 68.36 3.64
N GLY VC 161 -27.62 68.54 2.34
CA GLY VC 161 -26.84 67.58 1.58
C GLY VC 161 -27.60 66.34 1.15
N GLU VC 162 -28.89 66.26 1.41
CA GLU VC 162 -29.68 65.10 1.01
C GLU VC 162 -30.86 65.56 0.18
N PRO VC 163 -31.31 64.77 -0.80
CA PRO VC 163 -32.41 65.19 -1.66
C PRO VC 163 -33.69 65.38 -0.87
N GLU VC 164 -34.40 66.47 -1.17
CA GLU VC 164 -35.61 66.77 -0.41
C GLU VC 164 -36.84 66.18 -1.10
N ILE VC 165 -36.84 66.18 -2.43
CA ILE VC 165 -37.97 65.65 -3.21
C ILE VC 165 -37.39 64.69 -4.26
N TYR VC 166 -38.18 63.69 -4.64
CA TYR VC 166 -37.72 62.68 -5.58
C TYR VC 166 -38.62 62.58 -6.81
N LYS VC 167 -37.96 62.46 -7.97
CA LYS VC 167 -38.51 61.86 -9.17
C LYS VC 167 -38.74 60.38 -8.92
N VAL VC 168 -39.97 59.92 -9.10
CA VAL VC 168 -40.23 58.50 -9.24
C VAL VC 168 -40.89 58.27 -10.59
N SER VC 169 -40.32 57.35 -11.37
CA SER VC 169 -40.77 57.08 -12.74
C SER VC 169 -40.91 55.59 -12.92
N PRO VC 170 -42.03 55.00 -12.47
CA PRO VC 170 -42.20 53.54 -12.60
C PRO VC 170 -42.40 53.10 -14.04
N GLY VC 171 -43.14 53.87 -14.82
CA GLY VC 171 -43.43 53.50 -16.19
C GLY VC 171 -44.91 53.25 -16.44
N ASP VC 172 -45.23 52.09 -17.01
CA ASP VC 172 -46.60 51.65 -17.31
C ASP VC 172 -47.46 52.80 -17.83
N ASN VC 173 -46.89 53.57 -18.77
CA ASN VC 173 -47.51 54.70 -19.45
C ASN VC 173 -48.29 55.62 -18.51
N ILE VC 174 -47.81 55.82 -17.28
CA ILE VC 174 -48.36 56.79 -16.36
C ILE VC 174 -47.29 57.80 -16.03
N GLN VC 175 -47.71 59.02 -15.72
CA GLN VC 175 -46.78 60.13 -15.57
C GLN VC 175 -45.88 59.90 -14.34
N PRO VC 176 -44.57 60.06 -14.50
CA PRO VC 176 -43.68 60.10 -13.33
C PRO VC 176 -44.07 61.26 -12.43
N TYR VC 177 -43.90 61.09 -11.12
CA TYR VC 177 -44.34 62.13 -10.21
C TYR VC 177 -43.32 62.35 -9.09
N LEU VC 178 -43.70 63.21 -8.16
CA LEU VC 178 -42.83 63.72 -7.12
C LEU VC 178 -43.25 63.22 -5.76
N ILE VC 179 -42.26 62.81 -4.96
CA ILE VC 179 -42.52 62.38 -3.59
C ILE VC 179 -41.63 63.14 -2.62
N HIS VC 180 -42.24 63.67 -1.56
CA HIS VC 180 -41.48 64.31 -0.49
C HIS VC 180 -40.66 63.27 0.28
N HIS VC 181 -39.54 63.71 0.84
CA HIS VC 181 -38.62 62.81 1.50
C HIS VC 181 -39.28 62.11 2.69
N THR VC 182 -40.09 62.83 3.47
CA THR VC 182 -40.53 62.33 4.76
C THR VC 182 -41.41 61.09 4.63
N ARG VC 183 -41.92 60.81 3.43
CA ARG VC 183 -42.86 59.68 3.29
C ARG VC 183 -42.15 58.39 2.89
N ILE VC 184 -40.96 58.48 2.32
CA ILE VC 184 -40.33 57.31 1.73
C ILE VC 184 -39.07 56.95 2.49
N PHE VC 185 -38.67 55.69 2.33
CA PHE VC 185 -37.44 55.15 2.89
C PHE VC 185 -36.66 54.49 1.76
N ILE VC 186 -35.35 54.73 1.74
CA ILE VC 186 -34.47 54.14 0.75
C ILE VC 186 -33.62 53.08 1.45
N ALA VC 187 -33.46 51.94 0.80
CA ALA VC 187 -32.73 50.81 1.36
C ALA VC 187 -31.49 50.55 0.52
N ASP VC 188 -30.34 50.47 1.19
CA ASP VC 188 -29.06 50.32 0.54
C ASP VC 188 -28.46 48.95 0.87
N GLY VC 189 -27.46 48.54 0.09
CA GLY VC 189 -26.86 47.24 0.26
C GLY VC 189 -25.61 47.25 1.11
N GLU VC 190 -24.46 46.95 0.50
CA GLU VC 190 -23.20 46.83 1.21
C GLU VC 190 -22.39 48.11 1.07
N ARG VC 191 -21.67 48.44 2.14
CA ARG VC 191 -20.88 49.66 2.18
C ARG VC 191 -19.72 49.60 1.18
N VAL VC 192 -19.42 50.76 0.60
CA VAL VC 192 -18.31 50.91 -0.34
C VAL VC 192 -17.55 52.17 0.01
N THR VC 193 -16.33 52.26 -0.53
CA THR VC 193 -15.47 53.41 -0.27
C THR VC 193 -16.17 54.71 -0.67
N PRO VC 194 -16.01 55.78 0.11
CA PRO VC 194 -16.79 57.01 -0.18
C PRO VC 194 -16.54 57.59 -1.55
N GLN VC 195 -15.33 57.45 -2.10
CA GLN VC 195 -15.09 57.94 -3.45
C GLN VC 195 -15.92 57.19 -4.48
N MET VC 196 -16.21 55.91 -4.23
CA MET VC 196 -17.15 55.16 -5.03
C MET VC 196 -18.60 55.49 -4.69
N ARG VC 197 -18.86 55.84 -3.43
CA ARG VC 197 -20.21 56.21 -3.01
C ARG VC 197 -20.69 57.45 -3.76
N LYS VC 198 -19.82 58.44 -3.90
CA LYS VC 198 -20.20 59.63 -4.66
C LYS VC 198 -20.46 59.33 -6.13
N GLN VC 199 -19.64 58.50 -6.77
CA GLN VC 199 -19.90 58.21 -8.19
C GLN VC 199 -21.09 57.29 -8.37
N ASN VC 200 -21.48 56.55 -7.32
CA ASN VC 200 -22.68 55.72 -7.36
C ASN VC 200 -23.91 56.46 -6.84
N GLN VC 201 -23.84 57.77 -6.72
CA GLN VC 201 -24.98 58.60 -6.32
C GLN VC 201 -25.57 58.16 -4.99
N GLY VC 202 -24.70 57.98 -4.00
CA GLY VC 202 -25.14 57.62 -2.66
C GLY VC 202 -25.79 56.26 -2.57
N TRP VC 203 -25.41 55.34 -3.45
CA TRP VC 203 -26.01 54.02 -3.55
C TRP VC 203 -24.94 52.97 -3.45
N GLY VC 204 -25.22 51.91 -2.70
CA GLY VC 204 -24.24 50.88 -2.44
C GLY VC 204 -23.92 50.02 -3.64
N ALA VC 205 -23.32 48.86 -3.42
CA ALA VC 205 -22.92 47.97 -4.49
C ALA VC 205 -23.62 46.62 -4.34
N SER VC 206 -23.66 45.88 -5.44
CA SER VC 206 -24.25 44.56 -5.42
C SER VC 206 -23.35 43.59 -4.67
N VAL VC 207 -23.97 42.63 -3.96
CA VAL VC 207 -23.20 41.64 -3.25
C VAL VC 207 -22.46 40.71 -4.22
N LEU VC 208 -22.98 40.52 -5.43
CA LEU VC 208 -22.34 39.67 -6.43
C LEU VC 208 -21.21 40.45 -7.11
N ASN VC 209 -20.08 40.56 -6.42
CA ASN VC 209 -18.90 41.16 -7.03
C ASN VC 209 -18.20 40.13 -7.92
N LYS VC 210 -17.29 40.63 -8.76
CA LYS VC 210 -16.78 39.79 -9.85
C LYS VC 210 -15.93 38.62 -9.34
N SER VC 211 -15.29 38.76 -8.18
CA SER VC 211 -14.57 37.64 -7.61
C SER VC 211 -15.51 36.47 -7.35
N LEU VC 212 -16.61 36.73 -6.67
CA LEU VC 212 -17.62 35.70 -6.46
C LEU VC 212 -18.21 35.23 -7.79
N ILE VC 213 -18.41 36.16 -8.73
CA ILE VC 213 -19.06 35.83 -9.99
C ILE VC 213 -18.23 34.82 -10.77
N ASP VC 214 -16.94 35.10 -10.96
CA ASP VC 214 -16.14 34.16 -11.74
C ASP VC 214 -15.74 32.94 -10.93
N ALA VC 215 -15.73 33.02 -9.60
CA ALA VC 215 -15.61 31.80 -8.80
C ALA VC 215 -16.77 30.86 -9.09
N ILE VC 216 -17.98 31.40 -9.20
CA ILE VC 216 -19.12 30.59 -9.63
C ILE VC 216 -18.91 30.12 -11.06
N CYS VC 217 -18.44 31.01 -11.93
CA CYS VC 217 -18.43 30.73 -13.36
C CYS VC 217 -17.49 29.57 -13.71
N ASP VC 218 -16.29 29.55 -13.14
CA ASP VC 218 -15.36 28.49 -13.53
C ASP VC 218 -15.80 27.12 -13.03
N TYR VC 219 -16.72 27.06 -12.07
CA TYR VC 219 -17.20 25.77 -11.57
C TYR VC 219 -17.86 24.98 -12.69
N ASP VC 220 -18.69 25.64 -13.51
CA ASP VC 220 -19.38 24.95 -14.60
C ASP VC 220 -18.38 24.39 -15.60
N TYR VC 221 -17.35 25.18 -15.92
CA TYR VC 221 -16.26 24.68 -16.75
C TYR VC 221 -15.61 23.46 -16.12
N CYS VC 222 -15.54 23.44 -14.79
CA CYS VC 222 -14.97 22.28 -14.10
C CYS VC 222 -15.84 21.03 -14.29
N GLU VC 223 -17.17 21.15 -14.13
CA GLU VC 223 -17.99 19.96 -14.39
C GLU VC 223 -17.89 19.53 -15.85
N SER VC 224 -17.81 20.49 -16.77
CA SER VC 224 -17.68 20.11 -18.18
C SER VC 224 -16.39 19.33 -18.42
N LEU VC 225 -15.29 19.79 -17.83
CA LEU VC 225 -14.03 19.06 -17.96
C LEU VC 225 -14.14 17.68 -17.33
N ALA VC 226 -14.82 17.56 -16.19
CA ALA VC 226 -14.98 16.26 -15.56
C ALA VC 226 -15.77 15.30 -16.44
N THR VC 227 -16.84 15.78 -17.06
CA THR VC 227 -17.64 14.94 -17.94
C THR VC 227 -16.83 14.50 -19.15
N GLN VC 228 -16.04 15.42 -19.73
CA GLN VC 228 -15.19 15.02 -20.85
C GLN VC 228 -14.14 14.01 -20.42
N ILE VC 229 -13.60 14.17 -19.21
CA ILE VC 229 -12.65 13.21 -18.68
C ILE VC 229 -13.29 11.83 -18.60
N LEU VC 230 -14.52 11.76 -18.10
CA LEU VC 230 -15.22 10.49 -18.04
C LEU VC 230 -15.45 9.91 -19.42
N ARG VC 231 -15.80 10.75 -20.40
CA ARG VC 231 -16.06 10.24 -21.75
C ARG VC 231 -14.79 9.69 -22.40
N ARG VC 232 -13.66 10.35 -22.19
CA ARG VC 232 -12.41 9.98 -22.84
C ARG VC 232 -11.61 8.94 -22.06
N LYS VC 233 -12.27 8.14 -21.22
CA LYS VC 233 -11.54 7.19 -20.38
C LYS VC 233 -10.84 6.13 -21.22
N GLN VC 234 -11.51 5.62 -22.25
CA GLN VC 234 -11.00 4.52 -23.05
C GLN VC 234 -11.27 4.80 -24.51
N GLN VC 235 -10.29 4.49 -25.37
CA GLN VC 235 -10.37 4.78 -26.80
C GLN VC 235 -9.94 3.55 -27.58
N ALA VC 236 -10.59 3.32 -28.73
CA ALA VC 236 -10.26 2.19 -29.58
C ALA VC 236 -9.78 2.69 -30.95
N VAL VC 237 -8.71 2.09 -31.44
CA VAL VC 237 -8.08 2.49 -32.70
C VAL VC 237 -8.05 1.28 -33.63
N TRP VC 238 -8.52 1.49 -34.87
CA TRP VC 238 -8.56 0.46 -35.89
C TRP VC 238 -7.73 0.94 -37.08
N LYS VC 239 -6.61 0.28 -37.34
CA LYS VC 239 -5.67 0.72 -38.36
C LYS VC 239 -5.68 -0.27 -39.52
N VAL VC 240 -5.85 0.24 -40.74
CA VAL VC 240 -5.93 -0.58 -41.95
C VAL VC 240 -5.05 0.04 -43.01
N LYS VC 241 -3.96 -0.66 -43.35
CA LYS VC 241 -3.08 -0.20 -44.41
C LYS VC 241 -3.85 -0.08 -45.72
N GLY VC 242 -3.57 0.99 -46.45
CA GLY VC 242 -4.31 1.29 -47.66
C GLY VC 242 -5.61 2.02 -47.44
N LEU VC 243 -6.08 2.13 -46.19
CA LEU VC 243 -7.33 2.83 -45.93
C LEU VC 243 -7.26 4.29 -46.35
N ALA VC 244 -6.05 4.86 -46.44
CA ALA VC 244 -5.91 6.24 -46.88
C ALA VC 244 -6.35 6.41 -48.33
N GLU VC 245 -6.20 5.35 -49.13
CA GLU VC 245 -6.40 5.50 -50.57
C GLU VC 245 -7.88 5.46 -50.94
N MET VC 246 -8.74 5.11 -49.98
CA MET VC 246 -10.18 5.10 -50.21
C MET VC 246 -10.70 6.48 -50.59
N CYS VC 247 -11.57 6.53 -51.59
CA CYS VC 247 -12.15 7.80 -52.01
C CYS VC 247 -13.16 8.31 -50.99
N ASP VC 248 -13.23 9.63 -50.86
CA ASP VC 248 -14.09 10.25 -49.86
C ASP VC 248 -15.56 10.18 -50.29
N ASP VC 249 -16.43 10.39 -49.29
CA ASP VC 249 -17.88 10.65 -49.43
C ASP VC 249 -18.51 9.91 -50.61
N ASP VC 250 -18.26 8.61 -50.67
CA ASP VC 250 -18.90 7.73 -51.65
C ASP VC 250 -19.45 6.50 -50.95
N ASP VC 251 -20.12 5.66 -51.74
CA ASP VC 251 -20.78 4.48 -51.20
C ASP VC 251 -19.77 3.53 -50.54
N ALA VC 252 -18.55 3.47 -51.07
CA ALA VC 252 -17.55 2.60 -50.47
C ALA VC 252 -17.23 3.02 -49.05
N GLN VC 253 -16.92 4.31 -48.83
CA GLN VC 253 -16.62 4.78 -47.49
C GLN VC 253 -17.86 4.71 -46.59
N TYR VC 254 -19.04 4.97 -47.16
CA TYR VC 254 -20.26 4.85 -46.37
C TYR VC 254 -20.44 3.43 -45.85
N ALA VC 255 -20.26 2.43 -46.72
CA ALA VC 255 -20.38 1.05 -46.29
C ALA VC 255 -19.29 0.68 -45.29
N ALA VC 256 -18.08 1.22 -45.48
CA ALA VC 256 -17.00 0.95 -44.54
C ALA VC 256 -17.34 1.43 -43.15
N ARG VC 257 -17.86 2.66 -43.03
CA ARG VC 257 -18.19 3.17 -41.72
C ARG VC 257 -19.45 2.51 -41.17
N LEU VC 258 -20.35 2.07 -42.05
CA LEU VC 258 -21.47 1.24 -41.61
C LEU VC 258 -20.97 -0.02 -40.91
N ARG VC 259 -20.03 -0.72 -41.55
CA ARG VC 259 -19.50 -1.94 -40.96
C ARG VC 259 -18.74 -1.64 -39.67
N LEU VC 260 -18.00 -0.53 -39.64
CA LEU VC 260 -17.30 -0.14 -38.42
C LEU VC 260 -18.28 0.07 -37.27
N ALA VC 261 -19.36 0.81 -37.51
CA ALA VC 261 -20.33 1.05 -36.46
C ALA VC 261 -20.99 -0.25 -36.02
N GLN VC 262 -21.31 -1.12 -36.98
CA GLN VC 262 -21.97 -2.38 -36.63
C GLN VC 262 -21.06 -3.26 -35.77
N VAL VC 263 -19.79 -3.39 -36.17
CA VAL VC 263 -18.88 -4.23 -35.40
C VAL VC 263 -18.60 -3.61 -34.03
N ASP VC 264 -18.53 -2.27 -33.95
CA ASP VC 264 -18.33 -1.63 -32.66
C ASP VC 264 -19.50 -1.87 -31.72
N ASP VC 265 -20.73 -1.78 -32.25
CA ASP VC 265 -21.91 -1.94 -31.40
C ASP VC 265 -22.06 -3.36 -30.88
N ASN VC 266 -21.45 -4.35 -31.53
CA ASN VC 266 -21.60 -5.74 -31.14
C ASN VC 266 -20.38 -6.28 -30.41
N SER VC 267 -19.44 -5.43 -30.03
CA SER VC 267 -18.33 -5.87 -29.21
C SER VC 267 -18.69 -5.77 -27.73
N GLY VC 268 -18.00 -6.55 -26.91
CA GLY VC 268 -18.28 -6.55 -25.49
C GLY VC 268 -17.54 -7.67 -24.79
N VAL VC 269 -17.96 -7.93 -23.55
CA VAL VC 269 -17.31 -8.97 -22.75
C VAL VC 269 -17.55 -10.35 -23.36
N GLY VC 270 -18.79 -10.67 -23.66
CA GLY VC 270 -19.16 -11.99 -24.14
C GLY VC 270 -18.98 -12.21 -25.63
N ARG VC 271 -18.42 -11.24 -26.35
CA ARG VC 271 -18.28 -11.33 -27.79
C ARG VC 271 -16.91 -10.85 -28.21
N ALA VC 272 -16.43 -11.41 -29.32
CA ALA VC 272 -15.09 -11.12 -29.83
C ALA VC 272 -15.21 -10.70 -31.29
N ILE VC 273 -14.16 -10.05 -31.79
CA ILE VC 273 -14.12 -9.55 -33.16
C ILE VC 273 -12.88 -10.11 -33.84
N GLY VC 274 -13.05 -10.56 -35.08
CA GLY VC 274 -11.93 -11.02 -35.88
C GLY VC 274 -11.40 -9.94 -36.80
N ILE VC 275 -10.11 -10.05 -37.11
CA ILE VC 275 -9.45 -9.11 -38.01
C ILE VC 275 -8.44 -9.87 -38.84
N ASP VC 276 -7.91 -9.21 -39.86
CA ASP VC 276 -6.90 -9.79 -40.74
C ASP VC 276 -5.50 -9.52 -40.17
N ALA VC 277 -4.65 -10.55 -40.21
CA ALA VC 277 -3.30 -10.40 -39.67
C ALA VC 277 -2.45 -9.45 -40.52
N GLU VC 278 -2.56 -9.56 -41.85
CA GLU VC 278 -1.70 -8.77 -42.72
C GLU VC 278 -2.00 -7.28 -42.66
N THR VC 279 -3.26 -6.90 -42.81
CA THR VC 279 -3.57 -5.54 -43.24
C THR VC 279 -4.16 -4.63 -42.17
N GLU VC 280 -4.57 -5.17 -41.03
CA GLU VC 280 -5.27 -4.34 -40.05
C GLU VC 280 -4.97 -4.81 -38.63
N GLU VC 281 -4.91 -3.84 -37.73
CA GLU VC 281 -4.75 -4.10 -36.30
C GLU VC 281 -5.82 -3.33 -35.53
N TYR VC 282 -6.14 -3.83 -34.35
CA TYR VC 282 -7.14 -3.25 -33.46
C TYR VC 282 -6.52 -3.10 -32.08
N ASP VC 283 -6.26 -1.86 -31.68
CA ASP VC 283 -5.68 -1.58 -30.38
C ASP VC 283 -6.66 -0.79 -29.52
N VAL VC 284 -6.41 -0.79 -28.22
CA VAL VC 284 -7.20 -0.01 -27.27
C VAL VC 284 -6.25 0.70 -26.32
N LEU VC 285 -6.53 1.97 -26.05
CA LEU VC 285 -5.77 2.78 -25.12
C LEU VC 285 -6.67 3.20 -23.97
N ASN VC 286 -6.09 3.28 -22.78
CA ASN VC 286 -6.87 3.56 -21.59
C ASN VC 286 -6.15 4.62 -20.76
N SER VC 287 -6.95 5.36 -19.99
CA SER VC 287 -6.45 6.37 -19.08
C SER VC 287 -7.16 6.23 -17.75
N ASP VC 288 -6.52 6.72 -16.69
CA ASP VC 288 -7.05 6.60 -15.34
C ASP VC 288 -7.65 7.92 -14.87
N ILE VC 289 -8.61 7.82 -13.97
CA ILE VC 289 -9.28 8.99 -13.38
C ILE VC 289 -9.23 8.83 -11.87
N SER VC 290 -8.93 9.94 -11.18
CA SER VC 290 -8.84 9.94 -9.73
C SER VC 290 -8.68 11.37 -9.24
N GLY VC 291 -9.22 11.64 -8.06
CA GLY VC 291 -9.04 12.91 -7.40
C GLY VC 291 -10.00 14.00 -7.80
N VAL VC 292 -10.73 13.85 -8.91
CA VAL VC 292 -11.67 14.88 -9.32
C VAL VC 292 -12.82 15.06 -8.34
N PRO VC 293 -13.27 14.06 -7.57
CA PRO VC 293 -14.27 14.36 -6.53
C PRO VC 293 -13.79 15.39 -5.53
N GLU VC 294 -12.62 15.18 -4.90
CA GLU VC 294 -12.17 16.16 -3.92
C GLU VC 294 -11.72 17.44 -4.60
N PHE VC 295 -11.36 17.38 -5.88
CA PHE VC 295 -11.07 18.60 -6.62
C PHE VC 295 -12.32 19.49 -6.71
N LEU VC 296 -13.44 18.92 -7.13
CA LEU VC 296 -14.69 19.67 -7.14
C LEU VC 296 -15.09 20.10 -5.73
N SER VC 297 -14.81 19.26 -4.74
CA SER VC 297 -15.11 19.65 -3.36
C SER VC 297 -14.32 20.88 -2.95
N SER VC 298 -13.05 20.94 -3.33
CA SER VC 298 -12.23 22.12 -3.02
C SER VC 298 -12.77 23.36 -3.72
N LYS VC 299 -13.24 23.21 -4.97
CA LYS VC 299 -13.87 24.33 -5.64
C LYS VC 299 -15.10 24.80 -4.87
N MET VC 300 -15.90 23.85 -4.38
CA MET VC 300 -17.06 24.22 -3.55
C MET VC 300 -16.63 24.94 -2.29
N ASP VC 301 -15.53 24.50 -1.65
CA ASP VC 301 -15.08 25.19 -0.44
C ASP VC 301 -14.65 26.60 -0.76
N ARG VC 302 -14.02 26.83 -1.91
CA ARG VC 302 -13.71 28.20 -2.31
C ARG VC 302 -14.98 29.02 -2.47
N ILE VC 303 -16.01 28.44 -3.10
CA ILE VC 303 -17.28 29.14 -3.25
C ILE VC 303 -17.84 29.52 -1.89
N VAL VC 304 -17.81 28.59 -0.94
CA VAL VC 304 -18.34 28.87 0.39
C VAL VC 304 -17.54 29.97 1.07
N SER VC 305 -16.22 29.90 0.97
CA SER VC 305 -15.37 30.88 1.65
C SER VC 305 -15.62 32.28 1.12
N LEU VC 306 -15.73 32.43 -0.20
CA LEU VC 306 -16.00 33.76 -0.73
C LEU VC 306 -17.45 34.20 -0.54
N SER VC 307 -18.40 33.25 -0.43
CA SER VC 307 -19.79 33.63 -0.24
C SER VC 307 -20.03 34.14 1.18
N GLY VC 308 -19.52 33.43 2.18
CA GLY VC 308 -19.68 33.83 3.56
C GLY VC 308 -20.78 33.13 4.32
N ILE VC 309 -21.59 32.30 3.66
CA ILE VC 309 -22.60 31.49 4.31
C ILE VC 309 -22.22 30.02 4.14
N HIS VC 310 -22.29 29.26 5.23
CA HIS VC 310 -21.52 28.03 5.31
C HIS VC 310 -22.28 26.81 4.78
N GLU VC 311 -21.70 25.64 5.04
CA GLU VC 311 -21.94 24.47 4.20
C GLU VC 311 -23.35 23.91 4.37
N ILE VC 312 -23.83 23.75 5.60
CA ILE VC 312 -25.11 23.09 5.80
C ILE VC 312 -26.26 24.00 5.38
N ILE VC 313 -25.92 25.18 4.86
CA ILE VC 313 -26.91 26.09 4.34
C ILE VC 313 -26.73 26.34 2.84
N ILE VC 314 -25.51 26.24 2.30
CA ILE VC 314 -25.26 26.49 0.89
C ILE VC 314 -25.19 25.19 0.09
N LYS VC 315 -24.50 24.18 0.59
CA LYS VC 315 -24.47 22.87 -0.05
C LYS VC 315 -25.59 21.96 0.44
N ASN VC 316 -26.21 22.32 1.57
CA ASN VC 316 -27.29 21.55 2.15
C ASN VC 316 -26.93 20.09 2.35
N LYS VC 317 -25.70 19.83 2.83
CA LYS VC 317 -25.28 18.48 3.16
C LYS VC 317 -24.72 18.46 4.57
N ASN VC 318 -25.20 17.52 5.37
CA ASN VC 318 -24.62 17.32 6.69
C ASN VC 318 -23.26 16.63 6.56
N VAL VC 319 -22.39 16.85 7.55
CA VAL VC 319 -21.07 16.24 7.52
C VAL VC 319 -21.17 14.72 7.64
N GLY VC 320 -22.13 14.24 8.43
CA GLY VC 320 -22.32 12.82 8.63
C GLY VC 320 -21.35 12.15 9.56
N GLY VC 321 -20.16 12.73 9.77
CA GLY VC 321 -19.17 12.14 10.65
C GLY VC 321 -19.30 12.47 12.11
N VAL VC 322 -20.13 13.47 12.46
CA VAL VC 322 -20.31 13.87 13.84
C VAL VC 322 -21.80 14.04 14.09
N SER VC 323 -22.20 13.93 15.36
CA SER VC 323 -23.61 13.95 15.71
C SER VC 323 -24.15 15.38 15.83
N ALA VC 324 -23.49 16.21 16.63
CA ALA VC 324 -24.03 17.50 17.03
C ALA VC 324 -23.01 18.62 16.89
N SER VC 325 -22.38 18.73 15.71
CA SER VC 325 -21.61 19.92 15.38
C SER VC 325 -22.32 20.84 14.41
N GLN VC 326 -23.23 20.29 13.59
CA GLN VC 326 -24.06 21.14 12.76
C GLN VC 326 -24.90 22.08 13.59
N ASN VC 327 -25.24 21.70 14.82
CA ASN VC 327 -25.95 22.63 15.69
C ASN VC 327 -25.10 23.86 15.99
N THR VC 328 -23.84 23.68 16.36
CA THR VC 328 -22.97 24.83 16.60
C THR VC 328 -22.78 25.65 15.33
N ALA VC 329 -22.63 24.97 14.20
CA ALA VC 329 -22.57 25.67 12.93
C ALA VC 329 -23.81 26.53 12.73
N LEU VC 330 -24.98 26.02 13.11
CA LEU VC 330 -26.19 26.81 12.86
C LEU VC 330 -26.34 27.96 13.84
N GLU VC 331 -25.89 27.86 15.11
CA GLU VC 331 -25.99 29.12 15.84
C GLU VC 331 -24.91 30.11 15.41
N THR VC 332 -23.80 29.65 14.82
CA THR VC 332 -22.91 30.61 14.19
C THR VC 332 -23.60 31.31 13.02
N PHE VC 333 -24.36 30.55 12.24
CA PHE VC 333 -25.17 31.14 11.18
C PHE VC 333 -26.18 32.13 11.74
N TYR VC 334 -26.83 31.79 12.86
CA TYR VC 334 -27.77 32.72 13.47
C TYR VC 334 -27.06 33.97 13.96
N LYS VC 335 -25.86 33.80 14.50
CA LYS VC 335 -25.08 34.96 14.93
C LYS VC 335 -24.80 35.90 13.76
N LEU VC 336 -24.38 35.34 12.62
CA LEU VC 336 -24.06 36.22 11.50
C LEU VC 336 -25.33 36.84 10.91
N VAL VC 337 -26.43 36.09 10.87
CA VAL VC 337 -27.65 36.65 10.28
C VAL VC 337 -28.21 37.75 11.18
N ASP VC 338 -28.11 37.60 12.50
CA ASP VC 338 -28.53 38.69 13.39
C ASP VC 338 -27.58 39.87 13.29
N ARG VC 339 -26.28 39.60 13.15
CA ARG VC 339 -25.30 40.66 12.97
C ARG VC 339 -25.62 41.50 11.74
N LYS VC 340 -26.04 40.85 10.65
CA LYS VC 340 -26.47 41.60 9.48
C LYS VC 340 -27.85 42.23 9.67
N ARG VC 341 -28.73 41.57 10.42
CA ARG VC 341 -30.09 42.07 10.59
C ARG VC 341 -30.12 43.39 11.34
N GLU VC 342 -29.25 43.53 12.35
CA GLU VC 342 -29.20 44.76 13.12
C GLU VC 342 -28.91 45.98 12.27
N GLU VC 343 -28.30 45.80 11.09
CA GLU VC 343 -27.85 46.93 10.30
C GLU VC 343 -28.87 47.33 9.22
N ASP VC 344 -29.76 46.41 8.84
CA ASP VC 344 -30.73 46.69 7.77
C ASP VC 344 -32.18 46.58 8.20
N TYR VC 345 -32.57 45.55 8.96
CA TYR VC 345 -34.00 45.36 9.25
C TYR VC 345 -34.52 46.47 10.16
N ARG VC 346 -33.77 46.80 11.20
CA ARG VC 346 -34.25 47.76 12.20
C ARG VC 346 -34.64 49.11 11.61
N PRO VC 347 -33.85 49.75 10.73
CA PRO VC 347 -34.27 51.05 10.18
C PRO VC 347 -35.63 51.02 9.50
N LEU VC 348 -35.98 49.94 8.81
CA LEU VC 348 -37.32 49.80 8.28
C LEU VC 348 -38.36 49.85 9.39
N LEU VC 349 -38.05 49.23 10.53
CA LEU VC 349 -38.99 49.26 11.65
C LEU VC 349 -39.19 50.69 12.15
N GLU VC 350 -38.09 51.41 12.44
CA GLU VC 350 -38.27 52.79 12.89
C GLU VC 350 -38.90 53.68 11.83
N PHE VC 351 -38.78 53.33 10.55
CA PHE VC 351 -39.45 54.12 9.52
C PHE VC 351 -40.94 53.82 9.46
N LEU VC 352 -41.35 52.59 9.76
CA LEU VC 352 -42.72 52.17 9.49
C LEU VC 352 -43.64 52.28 10.71
N LEU VC 353 -43.19 51.85 11.89
CA LEU VC 353 -44.07 51.86 13.05
C LEU VC 353 -44.66 53.23 13.37
N PRO VC 354 -43.90 54.33 13.44
CA PRO VC 354 -44.49 55.60 13.89
C PRO VC 354 -45.69 56.06 13.07
N PHE VC 355 -45.97 55.42 11.94
CA PHE VC 355 -47.15 55.75 11.15
C PHE VC 355 -48.37 54.92 11.51
N ILE VC 356 -48.25 53.96 12.44
CA ILE VC 356 -49.40 53.12 12.79
C ILE VC 356 -49.63 53.12 14.29
N VAL VC 357 -48.58 53.31 15.08
CA VAL VC 357 -48.67 53.15 16.52
C VAL VC 357 -49.17 54.45 17.15
N ASP VC 358 -50.36 54.39 17.75
CA ASP VC 358 -50.85 55.51 18.54
C ASP VC 358 -50.06 55.71 19.81
N GLU VC 359 -49.37 54.68 20.28
CA GLU VC 359 -48.58 54.76 21.50
C GLU VC 359 -47.40 55.71 21.30
N GLN VC 360 -46.96 56.33 22.40
CA GLN VC 360 -46.01 57.44 22.31
C GLN VC 360 -44.57 56.96 22.26
N GLU VC 361 -44.14 56.21 23.28
CA GLU VC 361 -42.76 55.74 23.37
C GLU VC 361 -42.73 54.22 23.45
N TRP VC 362 -42.06 53.60 22.49
CA TRP VC 362 -42.07 52.15 22.38
C TRP VC 362 -40.65 51.65 22.13
N SER VC 363 -40.44 50.36 22.36
CA SER VC 363 -39.16 49.73 22.13
C SER VC 363 -39.34 48.49 21.28
N ILE VC 364 -38.40 48.28 20.36
CA ILE VC 364 -38.42 47.16 19.43
C ILE VC 364 -37.35 46.17 19.87
N GLU VC 365 -37.72 44.90 19.99
CA GLU VC 365 -36.78 43.86 20.37
C GLU VC 365 -36.96 42.65 19.48
N PHE VC 366 -35.91 41.84 19.38
CA PHE VC 366 -35.86 40.73 18.43
C PHE VC 366 -35.87 39.41 19.18
N GLU VC 367 -36.68 38.47 18.71
CA GLU VC 367 -36.75 37.17 19.37
C GLU VC 367 -35.41 36.46 19.24
N PRO VC 368 -35.02 35.64 20.23
CA PRO VC 368 -33.85 34.79 20.05
C PRO VC 368 -34.10 33.78 18.94
N LEU VC 369 -33.39 33.93 17.82
CA LEU VC 369 -33.68 33.15 16.62
C LEU VC 369 -33.03 31.78 16.75
N SER VC 370 -33.74 30.88 17.42
CA SER VC 370 -33.33 29.49 17.58
C SER VC 370 -34.58 28.64 17.68
N VAL VC 371 -34.59 27.53 16.93
CA VAL VC 371 -35.75 26.65 16.89
C VAL VC 371 -35.96 26.00 18.25
N PRO VC 372 -37.11 26.24 18.90
CA PRO VC 372 -37.22 25.54 20.19
C PRO VC 372 -37.78 24.14 19.95
N SER VC 373 -37.80 23.25 20.93
CA SER VC 373 -38.44 21.93 20.74
C SER VC 373 -39.33 21.48 21.89
N LYS VC 374 -40.58 21.13 21.59
CA LYS VC 374 -41.52 20.70 22.61
C LYS VC 374 -40.80 20.40 23.88
N LYS VC 375 -40.01 19.34 23.86
CA LYS VC 375 -39.34 18.96 25.10
C LYS VC 375 -38.72 20.17 25.79
N GLU VC 376 -37.86 20.89 25.07
CA GLU VC 376 -37.04 21.90 25.74
C GLU VC 376 -37.90 23.02 26.32
N GLU VC 377 -38.93 23.49 25.59
CA GLU VC 377 -39.78 24.51 26.22
C GLU VC 377 -40.65 23.91 27.32
N SER VC 378 -40.95 22.62 27.27
CA SER VC 378 -41.64 22.01 28.40
C SER VC 378 -40.84 22.19 29.68
N GLU VC 379 -39.57 21.77 29.67
CA GLU VC 379 -38.79 21.99 30.89
C GLU VC 379 -38.46 23.46 31.12
N ILE VC 380 -38.33 24.29 30.09
CA ILE VC 380 -38.01 25.69 30.38
C ILE VC 380 -39.20 26.35 31.07
N THR VC 381 -40.42 25.98 30.67
CA THR VC 381 -41.59 26.44 31.40
C THR VC 381 -41.59 25.90 32.82
N LYS VC 382 -41.13 24.66 33.02
CA LYS VC 382 -41.01 24.14 34.38
C LYS VC 382 -40.13 25.04 35.24
N ASN VC 383 -38.90 25.30 34.79
CA ASN VC 383 -38.00 26.14 35.58
C ASN VC 383 -38.52 27.58 35.72
N ASN VC 384 -39.12 28.13 34.67
CA ASN VC 384 -39.63 29.49 34.78
C ASN VC 384 -40.76 29.58 35.81
N VAL VC 385 -41.70 28.63 35.79
CA VAL VC 385 -42.79 28.72 36.75
C VAL VC 385 -42.27 28.45 38.16
N GLU VC 386 -41.25 27.60 38.28
CA GLU VC 386 -40.63 27.37 39.60
C GLU VC 386 -39.94 28.63 40.11
N SER VC 387 -39.23 29.34 39.23
CA SER VC 387 -38.49 30.53 39.63
C SER VC 387 -39.40 31.71 39.94
N VAL VC 388 -40.45 31.90 39.14
CA VAL VC 388 -41.30 33.07 39.34
C VAL VC 388 -41.97 33.04 40.69
N THR VC 389 -42.49 31.87 41.11
CA THR VC 389 -42.98 31.72 42.48
C THR VC 389 -42.40 30.44 43.11
N LYS VC 390 -41.13 30.54 43.51
CA LYS VC 390 -40.57 29.76 44.61
C LYS VC 390 -40.32 30.60 45.84
N ALA VC 391 -39.86 31.84 45.67
CA ALA VC 391 -39.41 32.64 46.81
C ALA VC 391 -40.09 33.99 46.90
N ILE VC 392 -40.91 34.37 45.92
CA ILE VC 392 -41.56 35.67 45.98
C ILE VC 392 -42.58 35.74 47.12
N THR VC 393 -42.97 34.59 47.66
CA THR VC 393 -43.94 34.55 48.74
C THR VC 393 -43.46 35.24 50.00
N GLU VC 394 -42.16 35.50 50.13
CA GLU VC 394 -41.61 36.15 51.31
C GLU VC 394 -41.38 37.64 51.10
N GLN VC 395 -41.36 38.11 49.86
CA GLN VC 395 -41.13 39.52 49.56
C GLN VC 395 -42.44 40.22 49.26
N ILE VC 396 -42.36 41.54 49.02
CA ILE VC 396 -43.54 42.33 48.67
C ILE VC 396 -44.01 42.05 47.25
N ILE VC 397 -43.35 41.15 46.52
CA ILE VC 397 -43.74 40.80 45.17
C ILE VC 397 -45.10 40.13 45.22
N ASP VC 398 -46.12 40.83 44.73
CA ASP VC 398 -47.50 40.36 44.82
C ASP VC 398 -47.93 39.78 43.48
N LEU VC 399 -49.16 39.24 43.44
CA LEU VC 399 -49.62 38.55 42.24
C LEU VC 399 -49.75 39.50 41.07
N GLU VC 400 -50.19 40.74 41.31
CA GLU VC 400 -50.45 41.64 40.20
C GLU VC 400 -49.21 41.94 39.36
N GLU VC 401 -48.01 41.73 39.91
CA GLU VC 401 -46.79 41.86 39.13
C GLU VC 401 -46.12 40.52 38.85
N ALA VC 402 -46.31 39.53 39.72
CA ALA VC 402 -45.81 38.19 39.44
C ALA VC 402 -46.44 37.64 38.17
N ARG VC 403 -47.74 37.89 37.98
CA ARG VC 403 -48.40 37.47 36.75
C ARG VC 403 -47.78 38.14 35.53
N ASP VC 404 -47.48 39.44 35.63
CA ASP VC 404 -46.82 40.11 34.51
C ASP VC 404 -45.48 39.47 34.21
N THR VC 405 -44.70 39.20 35.27
CA THR VC 405 -43.41 38.54 35.07
C THR VC 405 -43.59 37.20 34.38
N LEU VC 406 -44.67 36.47 34.70
CA LEU VC 406 -44.78 35.11 34.19
C LEU VC 406 -45.30 35.06 32.75
N ARG VC 407 -46.24 35.93 32.37
CA ARG VC 407 -46.68 35.84 30.98
C ARG VC 407 -46.00 36.88 30.09
N SER VC 408 -45.05 37.65 30.62
CA SER VC 408 -44.23 38.49 29.74
C SER VC 408 -43.34 37.63 28.86
N ILE VC 409 -42.67 36.65 29.46
CA ILE VC 409 -42.01 35.60 28.70
C ILE VC 409 -43.10 34.73 28.09
N ALA VC 410 -43.29 34.84 26.78
CA ALA VC 410 -44.45 34.27 26.10
C ALA VC 410 -44.58 32.77 26.35
N PRO VC 411 -45.54 32.37 27.18
CA PRO VC 411 -45.70 30.95 27.48
C PRO VC 411 -46.78 30.32 26.62
N GLU VC 412 -46.95 29.00 26.75
CA GLU VC 412 -48.17 28.36 26.31
C GLU VC 412 -49.30 28.54 27.32
N PHE VC 413 -49.03 29.23 28.43
CA PHE VC 413 -50.01 29.53 29.47
C PHE VC 413 -50.78 30.77 29.03
N LYS VC 414 -51.95 30.57 28.43
CA LYS VC 414 -52.84 31.70 28.23
C LYS VC 414 -53.41 32.15 29.57
N LEU VC 415 -53.50 33.46 29.76
CA LEU VC 415 -53.96 33.99 31.04
C LEU VC 415 -54.95 35.10 30.81
N LYS VC 416 -56.11 35.01 31.45
CA LYS VC 416 -57.13 36.04 31.33
C LYS VC 416 -56.67 37.31 32.02
N ASP VC 417 -57.05 38.44 31.42
CA ASP VC 417 -56.74 39.73 32.04
C ASP VC 417 -57.56 39.90 33.31
N GLY VC 418 -56.96 40.54 34.31
CA GLY VC 418 -57.64 40.74 35.57
C GLY VC 418 -56.76 41.31 36.67
N ASN VC 419 -56.84 40.72 37.85
CA ASN VC 419 -56.10 41.20 39.02
C ASN VC 419 -54.63 40.78 38.96
N ALA WC 46 37.81 25.72 17.81
CA ALA WC 46 36.44 26.11 17.50
C ALA WC 46 35.61 26.28 18.76
N SER WC 47 36.05 27.18 19.64
CA SER WC 47 35.36 27.45 20.89
C SER WC 47 34.97 28.92 20.91
N TYR WC 48 33.72 29.20 21.26
CA TYR WC 48 33.17 30.55 21.22
C TYR WC 48 32.68 30.95 22.61
N HIS WC 49 32.83 32.23 22.92
CA HIS WC 49 32.40 32.74 24.21
C HIS WC 49 30.87 32.68 24.32
N VAL WC 50 30.40 32.26 25.49
CA VAL WC 50 28.97 31.96 25.65
C VAL WC 50 28.11 33.22 25.66
N GLY WC 51 28.67 34.39 25.97
CA GLY WC 51 27.86 35.59 26.01
C GLY WC 51 27.32 35.99 24.64
N SER WC 52 28.17 35.89 23.62
CA SER WC 52 27.73 36.19 22.27
C SER WC 52 26.62 35.25 21.83
N PHE WC 53 26.78 33.95 22.11
CA PHE WC 53 25.74 32.99 21.77
C PHE WC 53 24.46 33.29 22.53
N TYR WC 54 24.58 33.68 23.80
CA TYR WC 54 23.41 34.00 24.60
C TYR WC 54 22.63 35.16 23.99
N ASN WC 55 23.31 36.29 23.73
CA ASN WC 55 22.58 37.46 23.27
C ASN WC 55 22.32 37.44 21.78
N ASP WC 56 22.78 36.40 21.07
CA ASP WC 56 22.48 36.23 19.65
C ASP WC 56 21.35 35.23 19.42
N ASN WC 57 21.51 34.00 19.89
CA ASN WC 57 20.56 32.94 19.60
C ASN WC 57 19.37 33.00 20.55
N ALA WC 58 18.20 32.63 20.04
CA ALA WC 58 16.95 32.68 20.79
C ALA WC 58 16.71 31.46 21.66
N THR WC 59 17.00 30.26 21.14
CA THR WC 59 16.80 29.05 21.93
C THR WC 59 17.68 29.06 23.17
N ALA WC 60 18.91 29.58 23.05
CA ALA WC 60 19.76 29.74 24.22
C ALA WC 60 19.13 30.70 25.22
N LYS WC 61 18.57 31.81 24.73
CA LYS WC 61 17.85 32.74 25.59
C LYS WC 61 16.78 32.02 26.39
N ARG WC 62 15.94 31.24 25.70
CA ARG WC 62 14.86 30.54 26.40
C ARG WC 62 15.41 29.55 27.41
N ILE WC 63 16.39 28.73 27.01
CA ILE WC 63 16.92 27.72 27.90
C ILE WC 63 17.53 28.33 29.16
N VAL WC 64 18.22 29.46 29.04
CA VAL WC 64 18.85 30.07 30.21
C VAL WC 64 17.88 30.92 31.03
N ASP WC 65 16.79 31.40 30.43
CA ASP WC 65 15.95 32.40 31.09
C ASP WC 65 14.61 31.87 31.60
N VAL WC 66 14.12 30.75 31.08
CA VAL WC 66 12.75 30.35 31.37
C VAL WC 66 12.59 30.01 32.85
N ILE WC 67 13.58 29.37 33.45
CA ILE WC 67 13.44 28.86 34.81
C ILE WC 67 13.54 29.97 35.86
N PRO WC 68 14.60 30.79 35.89
CA PRO WC 68 14.74 31.72 37.02
C PRO WC 68 13.59 32.70 37.17
N GLU WC 69 13.05 33.25 36.08
CA GLU WC 69 12.02 34.27 36.19
C GLU WC 69 10.72 33.69 36.72
N GLU WC 70 10.31 32.53 36.20
CA GLU WC 70 9.12 31.87 36.72
C GLU WC 70 9.34 31.45 38.16
N MET WC 71 10.54 30.97 38.47
CA MET WC 71 10.89 30.56 39.83
C MET WC 71 10.70 31.71 40.82
N VAL WC 72 11.21 32.88 40.48
CA VAL WC 72 11.11 34.01 41.40
C VAL WC 72 9.69 34.56 41.44
N THR WC 73 8.99 34.60 40.30
CA THR WC 73 7.62 35.10 40.31
C THR WC 73 6.63 34.14 40.94
N ALA WC 74 7.03 32.90 41.21
CA ALA WC 74 6.15 31.98 41.91
C ALA WC 74 5.70 32.52 43.26
N GLY WC 75 6.63 33.05 44.07
CA GLY WC 75 6.28 33.61 45.36
C GLY WC 75 6.56 32.68 46.53
N PHE WC 76 6.22 33.17 47.72
CA PHE WC 76 6.49 32.45 48.96
C PHE WC 76 5.58 32.99 50.05
N LYS WC 77 5.63 32.33 51.21
CA LYS WC 77 4.97 32.81 52.42
C LYS WC 77 5.91 32.67 53.60
N ILE WC 78 5.71 33.51 54.60
CA ILE WC 78 6.58 33.56 55.77
C ILE WC 78 5.75 33.18 56.99
N SER WC 79 6.28 32.27 57.79
CA SER WC 79 5.62 31.81 59.00
C SER WC 79 6.33 32.37 60.23
N GLY WC 80 5.55 32.54 61.30
CA GLY WC 80 6.03 33.15 62.52
C GLY WC 80 5.89 34.65 62.57
N VAL WC 81 5.34 35.26 61.53
CA VAL WC 81 5.22 36.71 61.45
C VAL WC 81 3.94 37.16 62.13
N LYS WC 82 4.00 38.32 62.79
CA LYS WC 82 2.82 38.86 63.46
C LYS WC 82 1.75 39.27 62.45
N ASP WC 83 2.15 39.81 61.30
CA ASP WC 83 1.22 40.17 60.25
C ASP WC 83 1.97 40.25 58.93
N GLU WC 84 1.23 40.08 57.83
CA GLU WC 84 1.82 39.98 56.50
C GLU WC 84 1.53 41.17 55.59
N LYS WC 85 0.54 42.00 55.93
CA LYS WC 85 0.25 43.17 55.10
C LYS WC 85 1.43 44.12 55.06
N GLU WC 86 1.95 44.50 56.23
CA GLU WC 86 3.13 45.35 56.27
C GLU WC 86 4.36 44.65 55.70
N PHE WC 87 4.42 43.32 55.80
CA PHE WC 87 5.51 42.59 55.17
C PHE WC 87 5.51 42.80 53.66
N LYS WC 88 4.37 42.59 53.01
CA LYS WC 88 4.31 42.81 51.57
C LYS WC 88 4.53 44.27 51.21
N SER WC 89 4.00 45.19 52.02
CA SER WC 89 4.20 46.61 51.77
C SER WC 89 5.69 46.95 51.77
N LEU WC 90 6.42 46.47 52.77
CA LEU WC 90 7.85 46.76 52.85
C LEU WC 90 8.60 46.06 51.71
N TRP WC 91 8.18 44.84 51.38
CA TRP WC 91 8.86 44.06 50.35
C TRP WC 91 8.77 44.75 48.99
N ASP WC 92 7.56 45.12 48.57
CA ASP WC 92 7.45 45.81 47.29
C ASP WC 92 7.82 47.28 47.40
N SER WC 93 8.02 47.80 48.61
CA SER WC 93 8.67 49.10 48.74
C SER WC 93 10.14 49.01 48.35
N TYR WC 94 10.86 47.99 48.83
CA TYR WC 94 12.21 47.78 48.33
C TYR WC 94 12.25 47.37 46.87
N LYS WC 95 11.25 46.61 46.41
CA LYS WC 95 11.04 46.29 45.00
C LYS WC 95 12.34 45.89 44.30
N ILE WC 96 12.95 44.81 44.79
CA ILE WC 96 14.26 44.37 44.34
C ILE WC 96 14.19 43.21 43.35
N ASP WC 97 12.99 42.81 42.92
CA ASP WC 97 12.90 41.60 42.12
C ASP WC 97 13.53 41.68 40.72
N PRO WC 98 13.70 42.84 40.06
CA PRO WC 98 14.45 42.80 38.80
C PRO WC 98 15.91 42.45 39.02
N SER WC 99 16.50 43.04 40.06
CA SER WC 99 17.86 42.72 40.44
C SER WC 99 17.97 41.25 40.83
N LEU WC 100 16.98 40.74 41.55
CA LEU WC 100 17.00 39.31 41.88
C LEU WC 100 16.94 38.47 40.62
N VAL WC 101 16.10 38.85 39.66
CA VAL WC 101 15.95 38.07 38.44
C VAL WC 101 17.26 38.01 37.68
N ASP WC 102 17.89 39.17 37.42
CA ASP WC 102 19.09 39.11 36.61
C ASP WC 102 20.28 38.58 37.41
N ALA WC 103 20.24 38.68 38.74
CA ALA WC 103 21.27 38.02 39.55
C ALA WC 103 21.21 36.51 39.35
N LEU WC 104 20.02 35.92 39.49
CA LEU WC 104 19.90 34.49 39.25
C LEU WC 104 20.23 34.15 37.80
N CYS WC 105 19.86 35.01 36.86
CA CYS WC 105 20.15 34.75 35.45
C CYS WC 105 21.65 34.67 35.19
N TRP WC 106 22.41 35.64 35.70
CA TRP WC 106 23.85 35.62 35.46
C TRP WC 106 24.55 34.56 36.29
N ALA WC 107 23.99 34.19 37.45
CA ALA WC 107 24.52 33.03 38.16
C ALA WC 107 24.34 31.76 37.32
N ARG WC 108 23.18 31.62 36.68
CA ARG WC 108 22.93 30.47 35.82
C ARG WC 108 23.86 30.47 34.61
N LEU WC 109 24.08 31.64 34.01
CA LEU WC 109 24.85 31.70 32.77
C LEU WC 109 26.36 31.61 33.04
N TYR WC 110 26.91 32.58 33.76
CA TYR WC 110 28.35 32.70 33.91
C TYR WC 110 28.92 31.76 34.97
N GLY WC 111 28.07 31.07 35.72
CA GLY WC 111 28.55 30.22 36.79
C GLY WC 111 28.95 30.95 38.05
N GLY WC 112 28.66 32.25 38.14
CA GLY WC 112 28.98 33.02 39.32
C GLY WC 112 28.40 34.42 39.28
N ALA WC 113 27.79 34.85 40.38
CA ALA WC 113 27.24 36.18 40.47
C ALA WC 113 27.33 36.66 41.92
N ALA WC 114 27.31 37.98 42.10
CA ALA WC 114 27.43 38.56 43.42
C ALA WC 114 26.36 39.62 43.61
N ILE WC 115 25.90 39.78 44.84
CA ILE WC 115 25.00 40.87 45.23
C ILE WC 115 25.62 41.62 46.39
N VAL WC 116 25.65 42.95 46.28
CA VAL WC 116 26.11 43.82 47.35
C VAL WC 116 24.90 44.43 48.03
N ALA WC 117 24.79 44.20 49.34
CA ALA WC 117 23.69 44.71 50.14
C ALA WC 117 24.22 45.77 51.09
N ILE WC 118 23.72 46.99 50.97
CA ILE WC 118 24.16 48.11 51.79
C ILE WC 118 23.16 48.31 52.92
N ILE WC 119 23.67 48.71 54.09
CA ILE WC 119 22.88 48.74 55.31
C ILE WC 119 23.07 50.08 56.01
N ASN WC 120 22.08 50.46 56.80
CA ASN WC 120 22.17 51.65 57.65
C ASN WC 120 23.05 51.33 58.84
N ASP WC 121 24.31 51.77 58.80
CA ASP WC 121 25.22 51.56 59.90
C ASP WC 121 26.30 52.62 59.87
N ASN WC 122 26.81 52.96 61.06
CA ASN WC 122 27.84 53.99 61.21
C ASN WC 122 29.24 53.40 61.24
N ARG WC 123 29.60 52.63 60.20
CA ARG WC 123 30.91 52.02 60.11
C ARG WC 123 31.34 51.95 58.66
N MET WC 124 32.64 51.68 58.46
CA MET WC 124 33.16 51.47 57.13
C MET WC 124 32.72 50.10 56.60
N LEU WC 125 32.73 49.98 55.27
CA LEU WC 125 32.20 48.78 54.63
C LEU WC 125 33.04 47.53 54.93
N THR WC 126 34.33 47.70 55.25
CA THR WC 126 35.15 46.54 55.53
C THR WC 126 34.81 45.91 56.87
N SER WC 127 34.17 46.67 57.76
CA SER WC 127 33.81 46.15 59.07
C SER WC 127 32.70 45.10 58.96
N PRO WC 128 32.62 44.20 59.93
CA PRO WC 128 31.47 43.28 59.98
C PRO WC 128 30.17 44.01 60.25
N VAL WC 129 29.06 43.28 60.31
CA VAL WC 129 27.74 43.87 60.50
C VAL WC 129 27.24 43.52 61.90
N LYS WC 130 26.87 44.54 62.65
CA LYS WC 130 26.32 44.37 63.99
C LYS WC 130 24.88 43.87 63.91
N PRO WC 131 24.38 43.26 64.99
CA PRO WC 131 22.99 42.79 64.98
C PRO WC 131 22.01 43.92 64.74
N GLY WC 132 20.93 43.60 64.03
CA GLY WC 132 19.91 44.57 63.70
C GLY WC 132 19.15 44.14 62.48
N ALA WC 133 18.15 44.96 62.12
CA ALA WC 133 17.32 44.73 60.93
C ALA WC 133 17.19 46.05 60.19
N LYS WC 134 18.15 46.33 59.32
CA LYS WC 134 18.14 47.53 58.49
C LYS WC 134 18.56 47.16 57.07
N LEU WC 135 17.88 47.75 56.08
CA LEU WC 135 18.26 47.61 54.69
C LEU WC 135 17.96 48.89 53.95
N GLU WC 136 18.82 49.23 52.99
CA GLU WC 136 18.65 50.44 52.20
C GLU WC 136 18.88 50.25 50.70
N GLY WC 137 19.46 49.15 50.28
CA GLY WC 137 19.68 48.94 48.86
C GLY WC 137 20.48 47.68 48.58
N VAL WC 138 20.29 47.16 47.38
CA VAL WC 138 20.97 45.95 46.90
C VAL WC 138 21.30 46.15 45.43
N ARG WC 139 22.50 45.74 45.03
CA ARG WC 139 22.94 45.83 43.64
C ARG WC 139 23.60 44.52 43.23
N VAL WC 140 23.72 44.31 41.91
CA VAL WC 140 24.12 43.01 41.37
C VAL WC 140 25.34 43.17 40.46
N TYR WC 141 26.31 42.29 40.64
CA TYR WC 141 27.55 42.26 39.88
C TYR WC 141 27.76 40.85 39.28
N ASP WC 142 28.46 40.81 38.15
CA ASP WC 142 28.64 39.58 37.40
C ASP WC 142 29.77 38.74 37.99
N ARG WC 143 30.18 37.71 37.23
CA ARG WC 143 31.25 36.81 37.66
C ARG WC 143 32.61 37.49 37.62
N PHE WC 144 32.80 38.44 36.69
CA PHE WC 144 34.14 38.90 36.36
C PHE WC 144 34.67 39.96 37.32
N ALA WC 145 33.82 40.52 38.18
CA ALA WC 145 34.22 41.68 38.97
C ALA WC 145 34.52 41.35 40.43
N ILE WC 146 34.58 40.08 40.81
CA ILE WC 146 34.73 39.67 42.20
C ILE WC 146 35.94 38.76 42.34
N THR WC 147 36.71 38.96 43.40
CA THR WC 147 37.82 38.08 43.75
C THR WC 147 37.88 37.92 45.27
N ILE WC 148 38.80 37.08 45.72
CA ILE WC 148 39.02 36.80 47.14
C ILE WC 148 40.24 37.60 47.58
N GLU WC 149 40.24 38.08 48.84
CA GLU WC 149 41.39 38.87 49.29
C GLU WC 149 42.15 38.23 50.45
N LYS WC 150 41.47 37.87 51.54
CA LYS WC 150 42.15 37.51 52.78
C LYS WC 150 41.80 36.07 53.15
N ARG WC 151 42.73 35.42 53.85
CA ARG WC 151 42.65 33.99 54.14
C ARG WC 151 42.49 33.75 55.63
N VAL WC 152 41.60 32.84 55.98
CA VAL WC 152 41.38 32.39 57.36
C VAL WC 152 41.57 30.89 57.42
N THR WC 153 42.37 30.42 58.38
CA THR WC 153 42.61 28.99 58.56
C THR WC 153 42.48 28.57 60.02
N ASN WC 154 41.81 29.38 60.84
CA ASN WC 154 41.69 29.08 62.26
C ASN WC 154 40.92 27.78 62.47
N ALA WC 155 41.56 26.82 63.14
CA ALA WC 155 40.92 25.54 63.41
C ALA WC 155 39.82 25.68 64.44
N ARG WC 156 39.86 26.74 65.25
CA ARG WC 156 38.82 26.94 66.26
C ARG WC 156 37.46 27.14 65.63
N SER WC 157 37.38 28.01 64.62
CA SER WC 157 36.11 28.26 63.96
C SER WC 157 35.91 27.27 62.80
N PRO WC 158 34.66 26.93 62.47
CA PRO WC 158 34.40 26.14 61.27
C PRO WC 158 34.54 26.92 59.96
N ARG WC 159 35.06 28.13 60.03
CA ARG WC 159 35.14 29.04 58.89
C ARG WC 159 36.45 28.89 58.11
N TYR WC 160 37.34 27.99 58.55
CA TYR WC 160 38.59 27.79 57.82
C TYR WC 160 38.31 27.29 56.41
N GLY WC 161 39.09 27.80 55.46
CA GLY WC 161 38.90 27.45 54.06
C GLY WC 161 37.80 28.19 53.35
N GLU WC 162 37.18 29.18 53.99
CA GLU WC 162 36.14 29.99 53.37
C GLU WC 162 36.57 31.45 53.39
N PRO WC 163 36.52 32.16 52.25
CA PRO WC 163 37.08 33.51 52.17
C PRO WC 163 36.46 34.47 53.17
N GLU WC 164 37.28 35.38 53.70
CA GLU WC 164 36.80 36.27 54.75
C GLU WC 164 36.51 37.66 54.19
N ILE WC 165 37.34 38.13 53.25
CA ILE WC 165 37.19 39.46 52.65
C ILE WC 165 37.05 39.30 51.14
N TYR WC 166 36.06 39.99 50.57
CA TYR WC 166 35.82 39.95 49.13
C TYR WC 166 36.29 41.25 48.47
N LYS WC 167 37.06 41.08 47.40
CA LYS WC 167 37.70 42.16 46.68
C LYS WC 167 36.90 42.44 45.41
N VAL WC 168 36.17 43.55 45.41
CA VAL WC 168 35.29 43.91 44.30
C VAL WC 168 35.99 44.97 43.45
N SER WC 169 35.95 44.77 42.14
CA SER WC 169 36.55 45.72 41.18
C SER WC 169 35.50 46.01 40.10
N PRO WC 170 34.50 46.82 40.43
CA PRO WC 170 33.44 47.12 39.45
C PRO WC 170 33.95 47.81 38.21
N GLY WC 171 35.05 48.54 38.34
CA GLY WC 171 35.58 49.30 37.22
C GLY WC 171 34.87 50.64 37.09
N ASP WC 172 34.55 51.02 35.86
CA ASP WC 172 33.87 52.28 35.52
C ASP WC 172 34.37 53.44 36.38
N ASN WC 173 35.68 53.70 36.26
CA ASN WC 173 36.39 54.81 36.92
C ASN WC 173 36.05 54.99 38.39
N ILE WC 174 35.83 53.89 39.11
CA ILE WC 174 35.72 53.88 40.56
C ILE WC 174 36.73 52.89 41.11
N GLN WC 175 37.46 53.30 42.15
CA GLN WC 175 38.49 52.45 42.71
C GLN WC 175 37.89 51.16 43.25
N PRO WC 176 38.50 50.02 42.95
CA PRO WC 176 38.05 48.76 43.56
C PRO WC 176 38.19 48.81 45.07
N TYR WC 177 37.27 48.15 45.76
CA TYR WC 177 37.26 48.19 47.21
C TYR WC 177 37.07 46.80 47.80
N LEU WC 178 37.01 46.75 49.12
CA LEU WC 178 36.99 45.52 49.87
C LEU WC 178 35.76 45.50 50.78
N ILE WC 179 35.11 44.33 50.86
CA ILE WC 179 33.88 44.19 51.62
C ILE WC 179 34.02 43.01 52.57
N HIS WC 180 33.45 43.15 53.76
CA HIS WC 180 33.40 42.05 54.71
C HIS WC 180 32.46 40.96 54.22
N HIS WC 181 32.64 39.77 54.79
CA HIS WC 181 31.89 38.60 54.35
C HIS WC 181 30.39 38.79 54.50
N THR WC 182 29.94 39.34 55.62
CA THR WC 182 28.52 39.32 55.95
C THR WC 182 27.72 40.26 55.06
N ARG WC 183 28.40 41.13 54.30
CA ARG WC 183 27.67 42.10 53.49
C ARG WC 183 27.42 41.59 52.07
N ILE WC 184 28.00 40.44 51.72
CA ILE WC 184 27.94 39.93 50.36
C ILE WC 184 27.40 38.50 50.37
N PHE WC 185 26.63 38.19 49.34
CA PHE WC 185 26.23 36.82 49.03
C PHE WC 185 26.72 36.45 47.63
N ILE WC 186 27.14 35.20 47.46
CA ILE WC 186 27.64 34.70 46.19
C ILE WC 186 26.68 33.62 45.69
N ALA WC 187 26.25 33.74 44.45
CA ALA WC 187 25.39 32.76 43.80
C ALA WC 187 26.21 31.97 42.79
N ASP WC 188 26.13 30.64 42.88
CA ASP WC 188 26.93 29.74 42.07
C ASP WC 188 26.02 28.98 41.11
N GLY WC 189 26.63 28.35 40.11
CA GLY WC 189 25.89 27.63 39.09
C GLY WC 189 25.58 26.21 39.51
N GLU WC 190 26.02 25.24 38.71
CA GLU WC 190 25.73 23.83 38.99
C GLU WC 190 26.97 23.13 39.53
N ARG WC 191 26.74 21.98 40.13
CA ARG WC 191 27.80 21.22 40.79
C ARG WC 191 28.82 20.72 39.77
N VAL WC 192 30.10 20.77 40.16
CA VAL WC 192 31.20 20.27 39.35
C VAL WC 192 32.14 19.48 40.24
N THR WC 193 32.96 18.64 39.60
CA THR WC 193 33.94 17.84 40.33
C THR WC 193 34.93 18.77 41.04
N PRO WC 194 35.35 18.41 42.27
CA PRO WC 194 36.21 19.33 43.03
C PRO WC 194 37.56 19.62 42.38
N GLN WC 195 38.10 18.67 41.63
CA GLN WC 195 39.38 18.90 40.96
C GLN WC 195 39.28 20.02 39.92
N MET WC 196 38.08 20.25 39.39
CA MET WC 196 37.79 21.42 38.58
C MET WC 196 37.30 22.60 39.41
N ARG WC 197 36.66 22.32 40.56
CA ARG WC 197 36.14 23.38 41.41
C ARG WC 197 37.27 24.26 41.92
N LYS WC 198 38.30 23.66 42.52
CA LYS WC 198 39.40 24.48 43.03
C LYS WC 198 40.24 25.07 41.91
N GLN WC 199 40.26 24.42 40.74
CA GLN WC 199 40.91 25.01 39.58
C GLN WC 199 40.17 26.26 39.10
N ASN WC 200 38.84 26.29 39.24
CA ASN WC 200 38.03 27.44 38.87
C ASN WC 200 37.74 28.34 40.05
N GLN WC 201 38.65 28.39 41.03
CA GLN WC 201 38.52 29.27 42.20
C GLN WC 201 37.21 29.02 42.95
N GLY WC 202 36.88 27.75 43.13
CA GLY WC 202 35.69 27.38 43.89
C GLY WC 202 34.40 27.92 43.29
N TRP WC 203 34.26 27.86 41.97
CA TRP WC 203 33.15 28.49 41.28
C TRP WC 203 32.54 27.50 40.30
N GLY WC 204 31.27 27.71 39.99
CA GLY WC 204 30.54 26.80 39.13
C GLY WC 204 30.89 26.93 37.67
N ALA WC 205 30.12 26.29 36.80
CA ALA WC 205 30.37 26.30 35.37
C ALA WC 205 29.12 26.73 34.63
N SER WC 206 29.31 27.16 33.39
CA SER WC 206 28.19 27.60 32.57
C SER WC 206 27.25 26.44 32.29
N VAL WC 207 25.95 26.73 32.27
CA VAL WC 207 24.97 25.69 31.98
C VAL WC 207 24.97 25.30 30.51
N LEU WC 208 25.63 26.09 29.66
CA LEU WC 208 25.76 25.76 28.24
C LEU WC 208 27.06 24.99 28.05
N ASN WC 209 26.98 23.67 28.19
CA ASN WC 209 28.16 22.84 27.98
C ASN WC 209 28.35 22.54 26.50
N LYS WC 210 29.42 21.80 26.20
CA LYS WC 210 29.78 21.55 24.80
C LYS WC 210 28.73 20.74 24.07
N SER WC 211 28.15 19.73 24.72
CA SER WC 211 27.12 18.92 24.08
C SER WC 211 25.91 19.77 23.73
N LEU WC 212 25.46 20.61 24.66
CA LEU WC 212 24.33 21.48 24.37
C LEU WC 212 24.67 22.44 23.24
N ILE WC 213 25.88 23.00 23.27
CA ILE WC 213 26.28 24.00 22.28
C ILE WC 213 26.27 23.40 20.87
N ASP WC 214 26.95 22.26 20.70
CA ASP WC 214 27.03 21.72 19.35
C ASP WC 214 25.73 21.05 18.92
N ALA WC 215 24.92 20.54 19.86
CA ALA WC 215 23.60 20.07 19.49
C ALA WC 215 22.74 21.22 18.95
N ILE WC 216 22.82 22.39 19.59
CA ILE WC 216 22.12 23.55 19.06
C ILE WC 216 22.67 23.93 17.69
N CYS WC 217 24.00 23.93 17.55
CA CYS WC 217 24.61 24.39 16.31
C CYS WC 217 24.25 23.49 15.14
N ASP WC 218 24.19 22.18 15.37
CA ASP WC 218 23.86 21.24 14.31
C ASP WC 218 22.45 21.43 13.76
N TYR WC 219 21.52 21.93 14.58
CA TYR WC 219 20.14 22.08 14.13
C TYR WC 219 20.03 23.08 13.00
N ASP WC 220 20.72 24.23 13.12
CA ASP WC 220 20.67 25.24 12.06
C ASP WC 220 21.28 24.72 10.77
N TYR WC 221 22.38 23.96 10.88
CA TYR WC 221 22.97 23.34 9.71
C TYR WC 221 21.99 22.39 9.04
N CYS WC 222 21.26 21.61 9.84
CA CYS WC 222 20.26 20.71 9.27
C CYS WC 222 19.16 21.50 8.56
N GLU WC 223 18.71 22.60 9.16
CA GLU WC 223 17.67 23.41 8.52
C GLU WC 223 18.14 23.98 7.18
N SER WC 224 19.36 24.52 7.15
CA SER WC 224 19.89 25.06 5.90
C SER WC 224 20.02 23.96 4.85
N LEU WC 225 20.47 22.77 5.27
CA LEU WC 225 20.59 21.67 4.33
C LEU WC 225 19.22 21.24 3.80
N ALA WC 226 18.20 21.27 4.65
CA ALA WC 226 16.85 20.94 4.20
C ALA WC 226 16.35 21.96 3.18
N THR WC 227 16.64 23.25 3.42
CA THR WC 227 16.27 24.27 2.45
C THR WC 227 16.95 24.01 1.10
N GLN WC 228 18.24 23.65 1.14
CA GLN WC 228 18.93 23.31 -0.10
C GLN WC 228 18.30 22.10 -0.78
N ILE WC 229 17.92 21.09 0.02
CA ILE WC 229 17.27 19.90 -0.54
C ILE WC 229 16.01 20.28 -1.28
N LEU WC 230 15.19 21.14 -0.68
CA LEU WC 230 13.99 21.61 -1.38
C LEU WC 230 14.34 22.38 -2.64
N ARG WC 231 15.37 23.23 -2.58
CA ARG WC 231 15.70 24.05 -3.75
C ARG WC 231 16.15 23.18 -4.92
N ARG WC 232 16.86 22.08 -4.65
CA ARG WC 232 17.40 21.25 -5.71
C ARG WC 232 16.46 20.11 -6.12
N LYS WC 233 15.14 20.32 -6.03
CA LYS WC 233 14.21 19.27 -6.40
C LYS WC 233 14.26 18.96 -7.89
N GLN WC 234 14.38 19.99 -8.73
CA GLN WC 234 14.27 19.84 -10.18
C GLN WC 234 15.42 20.56 -10.86
N GLN WC 235 15.84 20.04 -12.01
CA GLN WC 235 16.92 20.63 -12.80
C GLN WC 235 16.63 20.44 -14.29
N ALA WC 236 16.72 21.52 -15.06
CA ALA WC 236 16.50 21.47 -16.49
C ALA WC 236 17.83 21.57 -17.22
N VAL WC 237 18.06 20.66 -18.17
CA VAL WC 237 19.31 20.58 -18.90
C VAL WC 237 19.01 20.80 -20.39
N TRP WC 238 19.79 21.67 -21.01
CA TRP WC 238 19.60 22.06 -22.41
C TRP WC 238 20.95 21.95 -23.12
N LYS WC 239 21.06 21.01 -24.06
CA LYS WC 239 22.33 20.70 -24.71
C LYS WC 239 22.25 21.01 -26.19
N VAL WC 240 23.28 21.68 -26.72
CA VAL WC 240 23.33 22.14 -28.10
C VAL WC 240 24.68 21.81 -28.70
N LYS WC 241 24.68 21.08 -29.82
CA LYS WC 241 25.91 20.79 -30.54
C LYS WC 241 26.64 22.07 -30.89
N GLY WC 242 27.95 22.08 -30.64
CA GLY WC 242 28.77 23.24 -30.93
C GLY WC 242 28.70 24.33 -29.89
N LEU WC 243 27.97 24.13 -28.79
CA LEU WC 243 27.84 25.19 -27.79
C LEU WC 243 29.21 25.61 -27.25
N ALA WC 244 30.19 24.71 -27.25
CA ALA WC 244 31.50 25.05 -26.70
C ALA WC 244 32.27 25.99 -27.61
N GLU WC 245 31.93 26.03 -28.90
CA GLU WC 245 32.64 26.91 -29.82
C GLU WC 245 32.44 28.37 -29.44
N MET WC 246 31.27 28.72 -28.92
CA MET WC 246 31.00 30.09 -28.52
C MET WC 246 31.95 30.50 -27.39
N CYS WC 247 32.60 31.63 -27.63
CA CYS WC 247 33.63 32.10 -26.70
C CYS WC 247 33.20 32.76 -25.43
N ASP WC 248 34.15 32.94 -24.53
CA ASP WC 248 33.78 33.47 -23.23
C ASP WC 248 33.42 34.94 -23.30
N ASP WC 249 32.56 35.36 -22.36
CA ASP WC 249 32.24 36.75 -22.02
C ASP WC 249 32.26 37.68 -23.23
N ASP WC 250 31.43 37.38 -24.22
CA ASP WC 250 31.25 38.25 -25.37
C ASP WC 250 29.77 38.44 -25.66
N ASP WC 251 29.49 39.23 -26.69
CA ASP WC 251 28.13 39.62 -27.00
C ASP WC 251 27.27 38.42 -27.37
N ALA WC 252 27.82 37.47 -28.12
CA ALA WC 252 27.05 36.29 -28.49
C ALA WC 252 26.65 35.49 -27.27
N GLN WC 253 27.57 35.29 -26.33
CA GLN WC 253 27.24 34.55 -25.12
C GLN WC 253 26.22 35.30 -24.28
N TYR WC 254 26.35 36.62 -24.18
CA TYR WC 254 25.36 37.41 -23.45
C TYR WC 254 23.98 37.24 -24.07
N ALA WC 255 23.89 37.33 -25.39
CA ALA WC 255 22.60 37.19 -26.05
C ALA WC 255 22.01 35.81 -25.83
N ALA WC 256 22.85 34.76 -25.95
CA ALA WC 256 22.35 33.41 -25.76
C ALA WC 256 21.83 33.19 -24.34
N ARG WC 257 22.57 33.66 -23.34
CA ARG WC 257 22.13 33.42 -21.96
C ARG WC 257 20.92 34.27 -21.61
N LEU WC 258 20.82 35.48 -22.17
CA LEU WC 258 19.60 36.26 -21.99
C LEU WC 258 18.41 35.56 -22.61
N ARG WC 259 18.60 34.96 -23.79
CA ARG WC 259 17.52 34.20 -24.41
C ARG WC 259 17.11 33.02 -23.56
N LEU WC 260 18.09 32.32 -22.98
CA LEU WC 260 17.78 31.18 -22.12
C LEU WC 260 17.00 31.63 -20.89
N ALA WC 261 17.40 32.73 -20.26
CA ALA WC 261 16.66 33.23 -19.11
C ALA WC 261 15.25 33.64 -19.50
N GLN WC 262 15.10 34.30 -20.64
CA GLN WC 262 13.79 34.74 -21.09
C GLN WC 262 12.86 33.56 -21.35
N VAL WC 263 13.37 32.52 -22.02
CA VAL WC 263 12.52 31.37 -22.30
C VAL WC 263 12.21 30.60 -21.03
N ASP WC 264 13.13 30.59 -20.06
CA ASP WC 264 12.86 29.91 -18.80
C ASP WC 264 11.82 30.66 -17.98
N ASP WC 265 11.79 31.98 -18.09
CA ASP WC 265 10.83 32.77 -17.32
C ASP WC 265 9.39 32.58 -17.78
N ASN WC 266 9.17 32.14 -19.03
CA ASN WC 266 7.84 32.01 -19.57
C ASN WC 266 7.38 30.56 -19.74
N SER WC 267 8.12 29.60 -19.17
CA SER WC 267 7.71 28.21 -19.25
C SER WC 267 6.68 27.90 -18.17
N GLY WC 268 6.07 26.73 -18.27
CA GLY WC 268 5.08 26.32 -17.30
C GLY WC 268 4.13 25.29 -17.88
N VAL WC 269 2.99 25.14 -17.21
CA VAL WC 269 2.01 24.15 -17.64
C VAL WC 269 1.33 24.58 -18.92
N GLY WC 270 0.84 25.83 -18.97
CA GLY WC 270 0.09 26.32 -20.10
C GLY WC 270 0.92 26.80 -21.26
N ARG WC 271 2.24 26.68 -21.20
CA ARG WC 271 3.13 27.16 -22.25
C ARG WC 271 4.11 26.07 -22.65
N ALA WC 272 4.42 26.03 -23.94
CA ALA WC 272 5.35 25.04 -24.49
C ALA WC 272 6.54 25.76 -25.08
N ILE WC 273 7.61 25.00 -25.36
CA ILE WC 273 8.84 25.56 -25.90
C ILE WC 273 9.19 24.79 -27.17
N GLY WC 274 9.90 25.45 -28.09
CA GLY WC 274 10.34 24.83 -29.31
C GLY WC 274 11.80 24.43 -29.27
N ILE WC 275 12.09 23.32 -29.96
CA ILE WC 275 13.43 22.73 -29.96
C ILE WC 275 13.74 22.29 -31.39
N ASP WC 276 15.02 22.36 -31.75
CA ASP WC 276 15.49 21.79 -33.01
C ASP WC 276 15.94 20.36 -32.77
N ALA WC 277 15.31 19.42 -33.47
CA ALA WC 277 15.53 18.00 -33.19
C ALA WC 277 16.95 17.58 -33.57
N GLU WC 278 17.50 18.17 -34.64
CA GLU WC 278 18.76 17.67 -35.19
C GLU WC 278 19.95 17.99 -34.29
N THR WC 279 19.90 19.10 -33.56
CA THR WC 279 21.08 19.55 -32.83
C THR WC 279 20.92 19.59 -31.31
N GLU WC 280 19.74 19.91 -30.78
CA GLU WC 280 19.65 20.25 -29.37
C GLU WC 280 18.59 19.40 -28.70
N GLU WC 281 18.79 19.19 -27.39
CA GLU WC 281 17.88 18.38 -26.59
C GLU WC 281 17.64 19.07 -25.26
N TYR WC 282 16.40 18.97 -24.77
CA TYR WC 282 15.96 19.62 -23.54
C TYR WC 282 15.33 18.56 -22.65
N ASP WC 283 15.99 18.27 -21.53
CA ASP WC 283 15.49 17.27 -20.59
C ASP WC 283 15.32 17.89 -19.20
N VAL WC 284 14.61 17.16 -18.34
CA VAL WC 284 14.40 17.57 -16.96
C VAL WC 284 14.67 16.39 -16.04
N LEU WC 285 15.42 16.63 -14.98
CA LEU WC 285 15.73 15.65 -13.96
C LEU WC 285 15.08 16.06 -12.64
N ASN WC 286 14.54 15.07 -11.93
CA ASN WC 286 13.78 15.36 -10.72
C ASN WC 286 14.17 14.39 -9.62
N SER WC 287 13.96 14.81 -8.38
CA SER WC 287 14.23 14.01 -7.20
C SER WC 287 13.10 14.16 -6.21
N ASP WC 288 12.99 13.20 -5.31
CA ASP WC 288 11.91 13.18 -4.33
C ASP WC 288 12.41 13.65 -2.96
N ILE WC 289 11.44 14.03 -2.11
CA ILE WC 289 11.71 14.49 -0.75
C ILE WC 289 10.80 13.75 0.20
N SER WC 290 11.37 13.22 1.29
CA SER WC 290 10.59 12.49 2.29
C SER WC 290 11.45 12.30 3.52
N GLY WC 291 10.79 12.33 4.69
CA GLY WC 291 11.45 12.08 5.95
C GLY WC 291 12.16 13.25 6.57
N VAL WC 292 12.25 14.38 5.86
CA VAL WC 292 12.93 15.55 6.42
C VAL WC 292 12.25 16.06 7.67
N PRO WC 293 10.92 16.22 7.73
CA PRO WC 293 10.30 16.62 9.00
C PRO WC 293 10.57 15.65 10.13
N GLU WC 294 10.60 14.35 9.84
CA GLU WC 294 10.89 13.36 10.89
C GLU WC 294 12.31 13.52 11.40
N PHE WC 295 13.27 13.74 10.49
CA PHE WC 295 14.66 13.92 10.90
C PHE WC 295 14.81 15.18 11.75
N LEU WC 296 14.12 16.25 11.37
CA LEU WC 296 14.15 17.48 12.16
C LEU WC 296 13.51 17.26 13.53
N SER WC 297 12.44 16.48 13.58
CA SER WC 297 11.83 16.16 14.87
C SER WC 297 12.78 15.35 15.75
N SER WC 298 13.58 14.47 15.14
CA SER WC 298 14.56 13.72 15.91
C SER WC 298 15.64 14.65 16.47
N LYS WC 299 16.09 15.62 15.68
CA LYS WC 299 17.06 16.58 16.19
C LYS WC 299 16.47 17.41 17.34
N MET WC 300 15.20 17.81 17.21
CA MET WC 300 14.55 18.49 18.34
C MET WC 300 14.46 17.59 19.55
N ASP WC 301 14.24 16.28 19.34
CA ASP WC 301 14.31 15.34 20.45
C ASP WC 301 15.65 15.37 21.14
N ARG WC 302 16.73 15.39 20.37
CA ARG WC 302 18.05 15.48 21.00
C ARG WC 302 18.20 16.76 21.79
N ILE WC 303 17.71 17.88 21.24
CA ILE WC 303 17.79 19.16 21.94
C ILE WC 303 17.06 19.09 23.27
N VAL WC 304 15.83 18.58 23.27
CA VAL WC 304 15.05 18.56 24.51
C VAL WC 304 15.66 17.59 25.51
N SER WC 305 16.18 16.46 25.03
CA SER WC 305 16.79 15.50 25.93
C SER WC 305 18.02 16.07 26.61
N LEU WC 306 18.86 16.79 25.87
CA LEU WC 306 20.02 17.41 26.49
C LEU WC 306 19.63 18.57 27.40
N SER WC 307 18.61 19.35 27.03
CA SER WC 307 18.22 20.49 27.85
C SER WC 307 17.64 20.05 29.18
N GLY WC 308 16.76 19.05 29.16
CA GLY WC 308 16.13 18.57 30.37
C GLY WC 308 14.79 19.19 30.69
N ILE WC 309 14.35 20.18 29.91
CA ILE WC 309 13.03 20.76 30.02
C ILE WC 309 12.22 20.31 28.81
N HIS WC 310 10.97 19.90 29.06
CA HIS WC 310 10.25 19.11 28.07
C HIS WC 310 9.63 19.98 26.98
N GLU WC 311 8.90 19.31 26.08
CA GLU WC 311 8.62 19.87 24.76
C GLU WC 311 7.60 21.01 24.82
N ILE WC 312 6.57 20.89 25.66
CA ILE WC 312 5.51 21.89 25.64
C ILE WC 312 5.99 23.14 26.37
N ILE WC 313 7.25 23.12 26.81
CA ILE WC 313 7.88 24.31 27.38
C ILE WC 313 9.03 24.83 26.54
N ILE WC 314 9.75 23.95 25.83
CA ILE WC 314 10.89 24.38 25.02
C ILE WC 314 10.49 24.63 23.56
N LYS WC 315 9.72 23.72 22.96
CA LYS WC 315 9.14 23.99 21.65
C LYS WC 315 7.81 24.74 21.77
N ASN WC 316 7.18 24.67 22.95
CA ASN WC 316 5.91 25.33 23.21
C ASN WC 316 4.86 24.98 22.15
N LYS WC 317 4.60 23.70 21.97
CA LYS WC 317 3.59 23.24 21.02
C LYS WC 317 2.75 22.16 21.69
N ASN WC 318 1.44 22.35 21.71
CA ASN WC 318 0.55 21.36 22.30
C ASN WC 318 0.60 20.06 21.51
N VAL WC 319 0.49 18.94 22.23
CA VAL WC 319 0.49 17.64 21.58
C VAL WC 319 -0.75 17.47 20.71
N GLY WC 320 -1.90 17.98 21.18
CA GLY WC 320 -3.12 17.96 20.40
C GLY WC 320 -3.89 16.65 20.41
N GLY WC 321 -3.20 15.51 20.53
CA GLY WC 321 -3.89 14.23 20.50
C GLY WC 321 -4.49 13.80 21.82
N VAL WC 322 -4.22 14.51 22.90
CA VAL WC 322 -4.73 14.17 24.22
C VAL WC 322 -5.09 15.47 24.94
N SER WC 323 -6.18 15.43 25.71
CA SER WC 323 -6.68 16.63 26.36
C SER WC 323 -6.17 16.77 27.79
N ALA WC 324 -5.85 15.64 28.44
CA ALA WC 324 -5.52 15.64 29.86
C ALA WC 324 -4.24 14.88 30.14
N SER WC 325 -3.20 15.12 29.33
CA SER WC 325 -1.86 14.63 29.65
C SER WC 325 -0.85 15.77 29.80
N GLN WC 326 -1.10 16.90 29.15
CA GLN WC 326 -0.23 18.05 29.35
C GLN WC 326 -0.38 18.64 30.75
N ASN WC 327 -1.47 18.36 31.45
CA ASN WC 327 -1.54 18.76 32.86
C ASN WC 327 -0.52 18.03 33.72
N THR WC 328 -0.40 16.71 33.55
CA THR WC 328 0.63 16.00 34.30
C THR WC 328 2.03 16.32 33.75
N ALA WC 329 2.11 16.65 32.46
CA ALA WC 329 3.36 17.22 31.95
C ALA WC 329 3.76 18.46 32.75
N LEU WC 330 2.83 19.39 32.90
CA LEU WC 330 3.09 20.57 33.71
C LEU WC 330 3.48 20.22 35.13
N GLU WC 331 2.78 19.27 35.77
CA GLU WC 331 3.13 19.00 37.17
C GLU WC 331 4.51 18.35 37.28
N THR WC 332 4.94 17.57 36.29
CA THR WC 332 6.32 17.11 36.28
C THR WC 332 7.28 18.29 36.16
N PHE WC 333 6.96 19.25 35.31
CA PHE WC 333 7.76 20.48 35.24
C PHE WC 333 7.80 21.19 36.59
N TYR WC 334 6.65 21.27 37.26
CA TYR WC 334 6.60 21.94 38.56
C TYR WC 334 7.49 21.23 39.56
N LYS WC 335 7.43 19.89 39.56
CA LYS WC 335 8.26 19.11 40.47
C LYS WC 335 9.73 19.38 40.23
N LEU WC 336 10.17 19.36 38.96
CA LEU WC 336 11.59 19.57 38.69
C LEU WC 336 12.01 20.99 39.03
N VAL WC 337 11.18 21.99 38.71
CA VAL WC 337 11.57 23.36 38.98
C VAL WC 337 11.60 23.65 40.47
N ASP WC 338 10.68 23.05 41.23
CA ASP WC 338 10.73 23.19 42.69
C ASP WC 338 11.94 22.49 43.27
N ARG WC 339 12.30 21.32 42.71
CA ARG WC 339 13.50 20.63 43.16
C ARG WC 339 14.73 21.49 42.95
N LYS WC 340 14.83 22.17 41.81
CA LYS WC 340 15.95 23.06 41.58
C LYS WC 340 15.86 24.33 42.43
N ARG WC 341 14.65 24.83 42.66
CA ARG WC 341 14.48 26.04 43.48
C ARG WC 341 14.94 25.83 44.91
N GLU WC 342 14.57 24.70 45.52
CA GLU WC 342 14.95 24.44 46.89
C GLU WC 342 16.46 24.49 47.10
N GLU WC 343 17.23 24.22 46.05
CA GLU WC 343 18.67 24.18 46.16
C GLU WC 343 19.28 25.58 46.27
N ASP WC 344 18.77 26.55 45.53
CA ASP WC 344 19.49 27.81 45.38
C ASP WC 344 18.68 29.08 45.60
N TYR WC 345 17.34 29.04 45.46
CA TYR WC 345 16.59 30.29 45.65
C TYR WC 345 16.45 30.64 47.13
N ARG WC 346 16.23 29.63 47.98
CA ARG WC 346 16.10 29.86 49.41
C ARG WC 346 17.31 30.54 50.04
N PRO WC 347 18.56 30.20 49.69
CA PRO WC 347 19.71 30.92 50.28
C PRO WC 347 19.60 32.43 50.22
N LEU WC 348 19.02 32.99 49.15
CA LEU WC 348 18.71 34.42 49.16
C LEU WC 348 17.75 34.77 50.29
N LEU WC 349 16.78 33.90 50.55
CA LEU WC 349 15.80 34.16 51.60
C LEU WC 349 16.48 34.23 52.96
N GLU WC 350 17.29 33.22 53.31
CA GLU WC 350 18.00 33.34 54.57
C GLU WC 350 19.08 34.43 54.56
N PHE WC 351 19.58 34.85 53.40
CA PHE WC 351 20.57 35.91 53.39
C PHE WC 351 19.96 37.27 53.69
N LEU WC 352 18.76 37.53 53.17
CA LEU WC 352 18.20 38.88 53.23
C LEU WC 352 17.10 39.04 54.27
N LEU WC 353 16.26 38.01 54.46
CA LEU WC 353 15.11 38.14 55.34
C LEU WC 353 15.46 38.52 56.78
N PRO WC 354 16.42 37.88 57.45
CA PRO WC 354 16.71 38.29 58.84
C PRO WC 354 17.23 39.71 58.94
N PHE WC 355 17.68 40.29 57.83
CA PHE WC 355 18.16 41.67 57.81
C PHE WC 355 17.04 42.68 57.74
N ILE WC 356 15.78 42.25 57.61
CA ILE WC 356 14.67 43.18 57.49
C ILE WC 356 13.61 42.94 58.55
N VAL WC 357 13.55 41.72 59.06
CA VAL WC 357 12.55 41.36 60.07
C VAL WC 357 13.18 41.43 61.45
N ASP WC 358 12.49 42.07 62.38
CA ASP WC 358 12.99 42.18 63.75
C ASP WC 358 12.57 41.01 64.61
N GLU WC 359 11.70 40.13 64.12
CA GLU WC 359 11.25 38.99 64.89
C GLU WC 359 12.38 37.97 65.03
N GLN WC 360 12.38 37.30 66.19
CA GLN WC 360 13.47 36.37 66.51
C GLN WC 360 13.42 35.12 65.65
N GLU WC 361 12.23 34.56 65.43
CA GLU WC 361 12.08 33.30 64.71
C GLU WC 361 11.05 33.43 63.61
N TRP WC 362 11.26 32.67 62.55
CA TRP WC 362 10.40 32.67 61.37
C TRP WC 362 10.82 31.51 60.47
N SER WC 363 9.99 31.22 59.48
CA SER WC 363 10.25 30.12 58.55
C SER WC 363 9.75 30.48 57.16
N ILE WC 364 10.31 29.80 56.17
CA ILE WC 364 9.99 30.04 54.77
C ILE WC 364 9.18 28.86 54.26
N GLU WC 365 8.02 29.13 53.65
CA GLU WC 365 7.26 28.10 52.97
C GLU WC 365 7.09 28.52 51.52
N PHE WC 366 7.33 27.58 50.61
CA PHE WC 366 7.21 27.84 49.18
C PHE WC 366 5.78 27.56 48.74
N GLU WC 367 5.17 28.55 48.10
CA GLU WC 367 3.77 28.44 47.74
C GLU WC 367 3.56 27.26 46.80
N PRO WC 368 2.44 26.53 46.93
CA PRO WC 368 2.22 25.39 46.04
C PRO WC 368 2.09 25.84 44.60
N LEU WC 369 3.09 25.51 43.79
CA LEU WC 369 3.22 26.07 42.45
C LEU WC 369 2.25 25.31 41.53
N SER WC 370 0.97 25.69 41.61
CA SER WC 370 -0.07 25.09 40.80
C SER WC 370 -1.04 26.18 40.39
N VAL WC 371 -1.44 26.17 39.12
CA VAL WC 371 -2.29 27.23 38.57
C VAL WC 371 -3.68 27.19 39.22
N PRO WC 372 -4.15 28.29 39.82
CA PRO WC 372 -5.42 28.16 40.56
C PRO WC 372 -6.75 28.55 39.86
N SER WC 373 -7.63 27.61 39.54
CA SER WC 373 -8.82 27.95 38.71
C SER WC 373 -10.07 28.34 39.50
N LYS WC 374 -10.50 29.59 39.37
CA LYS WC 374 -11.62 30.07 40.18
C LYS WC 374 -12.56 29.01 40.67
N LYS WC 375 -13.20 28.32 39.76
CA LYS WC 375 -14.22 27.35 40.14
C LYS WC 375 -13.72 26.38 41.20
N GLU WC 376 -12.57 25.75 40.96
CA GLU WC 376 -12.08 24.79 41.95
C GLU WC 376 -11.62 25.49 43.21
N GLU WC 377 -11.17 26.75 43.10
CA GLU WC 377 -10.86 27.52 44.29
C GLU WC 377 -12.10 27.74 45.15
N SER WC 378 -13.22 28.08 44.54
CA SER WC 378 -14.46 28.24 45.30
C SER WC 378 -14.86 26.91 45.93
N GLU WC 379 -14.72 25.81 45.19
CA GLU WC 379 -15.06 24.51 45.72
C GLU WC 379 -14.18 24.14 46.91
N ILE WC 380 -12.88 24.39 46.81
CA ILE WC 380 -11.96 24.13 47.91
C ILE WC 380 -12.31 24.99 49.11
N THR WC 381 -12.63 26.27 48.88
CA THR WC 381 -13.00 27.14 50.00
C THR WC 381 -14.26 26.63 50.69
N LYS WC 382 -15.25 26.18 49.92
CA LYS WC 382 -16.44 25.58 50.51
C LYS WC 382 -16.06 24.38 51.38
N ASN WC 383 -15.21 23.51 50.87
CA ASN WC 383 -14.82 22.33 51.64
C ASN WC 383 -14.10 22.73 52.92
N ASN WC 384 -13.17 23.69 52.83
CA ASN WC 384 -12.44 24.13 54.02
C ASN WC 384 -13.37 24.74 55.05
N VAL WC 385 -14.30 25.58 54.62
CA VAL WC 385 -15.15 26.27 55.58
C VAL WC 385 -16.10 25.28 56.24
N GLU WC 386 -16.57 24.27 55.51
CA GLU WC 386 -17.43 23.29 56.16
C GLU WC 386 -16.64 22.35 57.08
N SER WC 387 -15.40 22.02 56.71
CA SER WC 387 -14.60 21.17 57.59
C SER WC 387 -14.19 21.90 58.86
N VAL WC 388 -13.80 23.17 58.75
CA VAL WC 388 -13.24 23.88 59.89
C VAL WC 388 -14.29 24.03 61.00
N THR WC 389 -15.55 24.27 60.64
CA THR WC 389 -16.65 24.16 61.60
C THR WC 389 -17.78 23.32 61.00
N LYS WC 390 -17.56 22.02 61.00
CA LYS WC 390 -18.61 21.02 60.97
C LYS WC 390 -18.64 20.20 62.25
N ALA WC 391 -17.49 20.05 62.92
CA ALA WC 391 -17.40 19.23 64.12
C ALA WC 391 -16.59 19.87 65.24
N ILE WC 392 -16.44 21.21 65.23
CA ILE WC 392 -15.77 21.86 66.35
C ILE WC 392 -16.78 22.37 67.37
N THR WC 393 -18.07 22.18 67.12
CA THR WC 393 -19.10 22.67 68.03
C THR WC 393 -19.14 21.93 69.35
N GLU WC 394 -18.45 20.79 69.47
CA GLU WC 394 -18.58 19.93 70.64
C GLU WC 394 -17.31 19.83 71.47
N GLN WC 395 -16.20 20.42 71.03
CA GLN WC 395 -14.95 20.35 71.79
C GLN WC 395 -14.39 21.75 72.02
N ILE WC 396 -13.16 21.80 72.55
CA ILE WC 396 -12.57 23.06 73.00
C ILE WC 396 -12.01 23.90 71.87
N ILE WC 397 -12.14 23.47 70.62
CA ILE WC 397 -11.67 24.28 69.51
C ILE WC 397 -12.57 25.50 69.39
N ASP WC 398 -12.07 26.65 69.83
CA ASP WC 398 -12.89 27.83 70.02
C ASP WC 398 -12.62 28.85 68.91
N LEU WC 399 -13.38 29.96 68.94
CA LEU WC 399 -13.39 30.90 67.83
C LEU WC 399 -12.05 31.61 67.67
N GLU WC 400 -11.38 31.96 68.77
CA GLU WC 400 -10.14 32.72 68.67
C GLU WC 400 -9.06 31.99 67.88
N GLU WC 401 -9.13 30.66 67.80
CA GLU WC 401 -8.22 29.88 66.98
C GLU WC 401 -8.85 29.36 65.70
N ALA WC 402 -10.17 29.18 65.68
CA ALA WC 402 -10.84 28.83 64.43
C ALA WC 402 -10.70 29.95 63.40
N ARG WC 403 -10.79 31.20 63.85
CA ARG WC 403 -10.56 32.34 62.96
C ARG WC 403 -9.14 32.31 62.40
N ASP WC 404 -8.16 32.01 63.27
CA ASP WC 404 -6.78 31.89 62.81
C ASP WC 404 -6.65 30.80 61.75
N THR WC 405 -7.28 29.64 61.99
CA THR WC 405 -7.21 28.55 61.03
C THR WC 405 -7.84 28.94 59.70
N LEU WC 406 -8.98 29.64 59.74
CA LEU WC 406 -9.67 29.95 58.49
C LEU WC 406 -8.98 31.04 57.70
N ARG WC 407 -8.38 32.01 58.39
CA ARG WC 407 -7.68 33.09 57.70
C ARG WC 407 -6.20 32.81 57.50
N SER WC 408 -5.73 31.63 57.94
CA SER WC 408 -4.36 31.22 57.61
C SER WC 408 -4.31 30.56 56.25
N ILE WC 409 -5.13 29.54 56.02
CA ILE WC 409 -5.29 28.96 54.70
C ILE WC 409 -5.91 30.05 53.81
N ALA WC 410 -5.16 30.49 52.80
CA ALA WC 410 -5.42 31.75 52.10
C ALA WC 410 -6.84 31.77 51.54
N PRO WC 411 -7.74 32.54 52.16
CA PRO WC 411 -9.11 32.63 51.66
C PRO WC 411 -9.32 33.85 50.81
N GLU WC 412 -10.50 33.96 50.20
CA GLU WC 412 -11.01 35.23 49.74
C GLU WC 412 -11.81 35.94 50.81
N PHE WC 413 -11.89 35.35 52.00
CA PHE WC 413 -12.79 35.80 53.07
C PHE WC 413 -12.07 36.86 53.89
N LYS WC 414 -12.36 38.13 53.61
CA LYS WC 414 -11.83 39.20 54.42
C LYS WC 414 -12.49 39.20 55.79
N LEU WC 415 -11.67 39.41 56.82
CA LEU WC 415 -12.15 39.37 58.19
C LEU WC 415 -11.25 40.24 59.06
N LYS WC 416 -11.84 41.19 59.75
CA LYS WC 416 -11.08 42.08 60.62
C LYS WC 416 -10.57 41.33 61.85
N ASP WC 417 -9.39 41.72 62.31
CA ASP WC 417 -8.80 41.12 63.49
C ASP WC 417 -9.60 41.51 64.73
N GLY WC 418 -9.58 40.62 65.73
CA GLY WC 418 -10.33 40.85 66.95
C GLY WC 418 -10.24 39.71 67.93
N ASN WC 419 -11.38 39.30 68.47
CA ASN WC 419 -11.43 38.24 69.48
C ASN WC 419 -10.89 36.92 68.94
N PRO XC 38 -4.81 -59.78 6.99
CA PRO XC 38 -3.60 -59.06 7.39
C PRO XC 38 -3.71 -58.46 8.79
N LYS XC 39 -4.31 -59.20 9.72
CA LYS XC 39 -4.50 -58.74 11.08
C LYS XC 39 -4.10 -59.83 12.05
N PRO XC 40 -3.62 -59.47 13.25
CA PRO XC 40 -3.26 -60.49 14.24
C PRO XC 40 -4.49 -60.92 15.04
N PHE XC 41 -4.56 -62.22 15.34
CA PHE XC 41 -5.74 -62.79 15.97
C PHE XC 41 -5.78 -62.55 17.47
N PHE XC 42 -4.61 -62.37 18.11
CA PHE XC 42 -4.54 -62.48 19.56
C PHE XC 42 -5.39 -61.42 20.25
N MET XC 43 -5.37 -60.18 19.75
CA MET XC 43 -6.23 -59.13 20.29
C MET XC 43 -6.12 -57.95 19.32
N SER XC 44 -7.10 -57.05 19.39
CA SER XC 44 -7.20 -55.94 18.45
C SER XC 44 -5.98 -55.02 18.55
N ASP XC 45 -5.87 -54.11 17.57
CA ASP XC 45 -4.77 -53.17 17.51
C ASP XC 45 -5.21 -51.72 17.73
N ALA XC 46 -6.52 -51.44 17.65
CA ALA XC 46 -7.01 -50.11 17.96
C ALA XC 46 -6.61 -49.70 19.37
N SER XC 47 -6.58 -50.67 20.29
CA SER XC 47 -6.03 -50.44 21.62
C SER XC 47 -4.68 -49.76 21.55
N TYR XC 48 -3.72 -50.42 20.90
CA TYR XC 48 -2.36 -49.89 20.81
C TYR XC 48 -2.34 -48.54 20.12
N HIS XC 49 -3.07 -48.41 19.00
CA HIS XC 49 -3.08 -47.16 18.25
C HIS XC 49 -3.52 -45.99 19.14
N VAL XC 50 -4.73 -46.09 19.70
CA VAL XC 50 -5.27 -44.96 20.45
C VAL XC 50 -4.47 -44.74 21.73
N GLY XC 51 -4.03 -45.80 22.39
CA GLY XC 51 -3.26 -45.64 23.61
C GLY XC 51 -1.94 -44.93 23.37
N SER XC 52 -1.21 -45.35 22.35
CA SER XC 52 0.07 -44.72 22.02
C SER XC 52 -0.14 -43.28 21.61
N PHE XC 53 -1.15 -43.00 20.77
CA PHE XC 53 -1.39 -41.63 20.36
C PHE XC 53 -1.72 -40.75 21.56
N TYR XC 54 -2.57 -41.24 22.47
CA TYR XC 54 -2.93 -40.46 23.63
C TYR XC 54 -1.71 -40.19 24.51
N ASN XC 55 -0.98 -41.24 24.89
CA ASN XC 55 0.14 -41.02 25.80
C ASN XC 55 1.30 -40.29 25.13
N ASP XC 56 1.30 -40.17 23.81
CA ASP XC 56 2.33 -39.42 23.11
C ASP XC 56 1.99 -37.95 22.94
N ASN XC 57 0.87 -37.64 22.29
CA ASN XC 57 0.57 -36.25 21.94
C ASN XC 57 -0.10 -35.53 23.10
N ALA XC 58 0.41 -34.33 23.39
CA ALA XC 58 -0.13 -33.51 24.46
C ALA XC 58 -1.50 -32.92 24.15
N THR XC 59 -1.74 -32.56 22.88
CA THR XC 59 -3.07 -32.09 22.51
C THR XC 59 -4.10 -33.18 22.74
N ALA XC 60 -3.72 -34.45 22.57
CA ALA XC 60 -4.62 -35.55 22.91
C ALA XC 60 -4.89 -35.58 24.40
N LYS XC 61 -3.85 -35.47 25.23
CA LYS XC 61 -4.02 -35.33 26.66
C LYS XC 61 -5.10 -34.29 26.98
N ARG XC 62 -4.93 -33.08 26.43
CA ARG XC 62 -5.85 -32.00 26.76
C ARG XC 62 -7.26 -32.31 26.26
N ILE XC 63 -7.39 -32.70 24.98
CA ILE XC 63 -8.71 -32.86 24.41
C ILE XC 63 -9.50 -33.98 25.08
N VAL XC 64 -8.83 -34.99 25.64
CA VAL XC 64 -9.59 -36.05 26.29
C VAL XC 64 -9.60 -35.98 27.81
N ASP XC 65 -8.87 -35.03 28.42
CA ASP XC 65 -8.91 -34.86 29.86
C ASP XC 65 -9.51 -33.55 30.34
N VAL XC 66 -9.69 -32.56 29.47
CA VAL XC 66 -9.98 -31.22 29.95
C VAL XC 66 -11.45 -31.08 30.33
N ILE XC 67 -12.28 -32.04 29.95
CA ILE XC 67 -13.68 -32.05 30.38
C ILE XC 67 -13.95 -32.79 31.70
N PRO XC 68 -13.60 -34.08 31.82
CA PRO XC 68 -14.17 -34.89 32.91
C PRO XC 68 -13.76 -34.43 34.29
N GLU XC 69 -12.53 -33.98 34.47
CA GLU XC 69 -12.05 -33.60 35.79
C GLU XC 69 -12.82 -32.39 36.33
N GLU XC 70 -13.08 -31.39 35.48
CA GLU XC 70 -13.95 -30.30 35.89
C GLU XC 70 -15.34 -30.81 36.18
N MET XC 71 -15.87 -31.66 35.29
CA MET XC 71 -17.22 -32.20 35.48
C MET XC 71 -17.38 -32.81 36.86
N VAL XC 72 -16.37 -33.54 37.31
CA VAL XC 72 -16.50 -34.25 38.58
C VAL XC 72 -16.17 -33.34 39.76
N THR XC 73 -15.16 -32.48 39.63
CA THR XC 73 -14.78 -31.62 40.75
C THR XC 73 -15.74 -30.47 40.98
N ALA XC 74 -16.69 -30.24 40.06
CA ALA XC 74 -17.67 -29.18 40.29
C ALA XC 74 -18.47 -29.39 41.56
N GLY XC 75 -18.71 -30.63 41.98
CA GLY XC 75 -19.45 -30.91 43.19
C GLY XC 75 -20.95 -30.95 42.96
N PHE XC 76 -21.66 -31.34 44.01
CA PHE XC 76 -23.11 -31.50 43.95
C PHE XC 76 -23.68 -31.40 45.36
N LYS XC 77 -25.01 -31.27 45.43
CA LYS XC 77 -25.72 -31.24 46.70
C LYS XC 77 -26.85 -32.25 46.68
N ILE XC 78 -27.25 -32.69 47.86
CA ILE XC 78 -28.35 -33.63 48.04
C ILE XC 78 -29.37 -33.02 48.99
N SER XC 79 -30.64 -33.15 48.63
CA SER XC 79 -31.75 -32.63 49.41
C SER XC 79 -32.64 -33.77 49.87
N GLY XC 80 -33.45 -33.49 50.89
CA GLY XC 80 -34.19 -34.52 51.58
C GLY XC 80 -33.40 -35.25 52.65
N VAL XC 81 -32.16 -34.83 52.89
CA VAL XC 81 -31.29 -35.45 53.87
C VAL XC 81 -31.27 -34.60 55.14
N LYS XC 82 -31.14 -35.25 56.29
CA LYS XC 82 -31.19 -34.54 57.57
C LYS XC 82 -30.05 -33.54 57.70
N ASP XC 83 -28.85 -33.92 57.26
CA ASP XC 83 -27.69 -33.05 57.41
C ASP XC 83 -26.69 -33.38 56.32
N GLU XC 84 -25.76 -32.44 56.09
CA GLU XC 84 -24.76 -32.57 55.04
C GLU XC 84 -23.33 -32.68 55.54
N LYS XC 85 -23.08 -32.32 56.80
CA LYS XC 85 -21.72 -32.40 57.33
C LYS XC 85 -21.24 -33.85 57.37
N GLU XC 86 -22.06 -34.75 57.90
CA GLU XC 86 -21.69 -36.16 57.89
C GLU XC 86 -21.69 -36.74 56.49
N PHE XC 87 -22.53 -36.23 55.59
CA PHE XC 87 -22.48 -36.66 54.19
C PHE XC 87 -21.11 -36.35 53.59
N LYS XC 88 -20.63 -35.12 53.78
CA LYS XC 88 -19.29 -34.77 53.33
C LYS XC 88 -18.22 -35.59 54.03
N SER XC 89 -18.43 -35.90 55.32
CA SER XC 89 -17.47 -36.70 56.05
C SER XC 89 -17.33 -38.09 55.44
N LEU XC 90 -18.45 -38.74 55.15
CA LEU XC 90 -18.39 -40.04 54.47
C LEU XC 90 -17.78 -39.91 53.09
N TRP XC 91 -18.16 -38.87 52.35
CA TRP XC 91 -17.66 -38.70 50.98
C TRP XC 91 -16.13 -38.60 50.96
N ASP XC 92 -15.56 -37.71 51.78
CA ASP XC 92 -14.12 -37.54 51.75
C ASP XC 92 -13.39 -38.59 52.58
N SER XC 93 -14.09 -39.36 53.42
CA SER XC 93 -13.45 -40.52 54.04
C SER XC 93 -13.34 -41.67 53.04
N TYR XC 94 -14.25 -41.73 52.08
CA TYR XC 94 -14.18 -42.79 51.09
C TYR XC 94 -13.27 -42.42 49.93
N LYS XC 95 -13.25 -41.14 49.56
CA LYS XC 95 -12.25 -40.55 48.65
C LYS XC 95 -11.98 -41.41 47.41
N ILE XC 96 -13.08 -41.77 46.73
CA ILE XC 96 -12.99 -42.50 45.47
C ILE XC 96 -13.05 -41.57 44.27
N ASP XC 97 -12.91 -40.26 44.49
CA ASP XC 97 -13.02 -39.26 43.44
C ASP XC 97 -11.97 -39.43 42.35
N PRO XC 98 -10.67 -39.63 42.67
CA PRO XC 98 -9.72 -39.87 41.57
C PRO XC 98 -10.04 -41.11 40.76
N SER XC 99 -10.53 -42.16 41.41
CA SER XC 99 -10.94 -43.35 40.67
C SER XC 99 -12.09 -43.02 39.72
N LEU XC 100 -13.05 -42.23 40.19
CA LEU XC 100 -14.15 -41.80 39.32
C LEU XC 100 -13.62 -40.96 38.16
N VAL XC 101 -12.67 -40.06 38.44
CA VAL XC 101 -12.11 -39.21 37.40
C VAL XC 101 -11.52 -40.06 36.30
N ASP XC 102 -10.67 -41.01 36.68
CA ASP XC 102 -9.97 -41.77 35.66
C ASP XC 102 -10.90 -42.76 34.98
N ALA XC 103 -11.91 -43.26 35.71
CA ALA XC 103 -12.92 -44.11 35.10
C ALA XC 103 -13.64 -43.39 33.98
N LEU XC 104 -14.12 -42.17 34.25
CA LEU XC 104 -14.74 -41.37 33.20
C LEU XC 104 -13.74 -41.04 32.10
N CYS XC 105 -12.46 -40.91 32.46
CA CYS XC 105 -11.44 -40.65 31.44
C CYS XC 105 -11.35 -41.79 30.44
N TRP XC 106 -11.27 -43.04 30.92
CA TRP XC 106 -11.19 -44.11 29.93
C TRP XC 106 -12.54 -44.37 29.28
N ALA XC 107 -13.64 -44.06 29.96
CA ALA XC 107 -14.94 -44.17 29.32
C ALA XC 107 -15.01 -43.25 28.12
N ARG XC 108 -14.47 -42.03 28.26
CA ARG XC 108 -14.41 -41.11 27.13
C ARG XC 108 -13.43 -41.60 26.06
N LEU XC 109 -12.25 -42.07 26.47
CA LEU XC 109 -11.20 -42.36 25.51
C LEU XC 109 -11.47 -43.67 24.77
N TYR XC 110 -11.52 -44.79 25.51
CA TYR XC 110 -11.65 -46.11 24.91
C TYR XC 110 -13.06 -46.41 24.41
N GLY XC 111 -14.04 -45.56 24.73
CA GLY XC 111 -15.41 -45.84 24.38
C GLY XC 111 -16.12 -46.74 25.36
N GLY XC 112 -15.47 -47.13 26.45
CA GLY XC 112 -16.09 -47.98 27.44
C GLY XC 112 -15.21 -48.22 28.65
N ALA XC 113 -15.81 -48.26 29.83
CA ALA XC 113 -15.08 -48.54 31.06
C ALA XC 113 -16.01 -49.20 32.05
N ALA XC 114 -15.43 -49.90 33.03
CA ALA XC 114 -16.23 -50.60 34.03
C ALA XC 114 -15.75 -50.22 35.42
N ILE XC 115 -16.71 -49.98 36.32
CA ILE XC 115 -16.41 -49.61 37.70
C ILE XC 115 -17.20 -50.53 38.61
N VAL XC 116 -16.53 -51.09 39.63
CA VAL XC 116 -17.16 -52.05 40.52
C VAL XC 116 -16.93 -51.62 41.96
N ALA XC 117 -18.01 -51.62 42.75
CA ALA XC 117 -17.96 -51.36 44.18
C ALA XC 117 -18.30 -52.65 44.91
N ILE XC 118 -17.41 -53.08 45.80
CA ILE XC 118 -17.64 -54.25 46.64
C ILE XC 118 -18.45 -53.83 47.85
N ILE XC 119 -19.37 -54.69 48.27
CA ILE XC 119 -20.28 -54.40 49.36
C ILE XC 119 -19.98 -55.31 50.53
N ASN XC 120 -20.25 -54.82 51.73
CA ASN XC 120 -20.04 -55.59 52.96
C ASN XC 120 -21.26 -56.47 53.19
N ASP XC 121 -21.18 -57.73 52.78
CA ASP XC 121 -22.28 -58.65 52.95
C ASP XC 121 -21.74 -60.07 53.09
N ASN XC 122 -22.53 -60.94 53.71
CA ASN XC 122 -22.15 -62.33 53.93
C ASN XC 122 -22.66 -63.24 52.83
N ARG XC 123 -22.32 -62.93 51.58
CA ARG XC 123 -22.74 -63.75 50.45
C ARG XC 123 -21.59 -63.81 49.44
N MET XC 124 -21.64 -64.85 48.60
CA MET XC 124 -20.68 -64.97 47.52
C MET XC 124 -20.86 -63.83 46.53
N LEU XC 125 -19.73 -63.34 46.00
CA LEU XC 125 -19.76 -62.18 45.11
C LEU XC 125 -20.58 -62.42 43.85
N THR XC 126 -20.80 -63.69 43.48
CA THR XC 126 -21.66 -63.96 42.32
C THR XC 126 -23.13 -63.71 42.64
N SER XC 127 -23.53 -63.88 43.88
CA SER XC 127 -24.93 -63.76 44.25
C SER XC 127 -25.42 -62.32 44.14
N PRO XC 128 -26.73 -62.12 43.98
CA PRO XC 128 -27.27 -60.75 43.94
C PRO XC 128 -27.11 -60.03 45.27
N VAL XC 129 -27.51 -58.76 45.32
CA VAL XC 129 -27.31 -57.91 46.48
C VAL XC 129 -28.67 -57.53 47.05
N LYS XC 130 -28.90 -57.87 48.31
CA LYS XC 130 -30.10 -57.47 49.01
C LYS XC 130 -30.04 -55.99 49.36
N PRO XC 131 -31.19 -55.35 49.59
CA PRO XC 131 -31.17 -53.93 49.95
C PRO XC 131 -30.36 -53.67 51.21
N GLY XC 132 -29.66 -52.54 51.22
CA GLY XC 132 -28.83 -52.17 52.34
C GLY XC 132 -27.95 -51.00 51.98
N ALA XC 133 -27.22 -50.51 52.99
CA ALA XC 133 -26.30 -49.38 52.83
C ALA XC 133 -24.92 -49.83 53.31
N LYS XC 134 -24.16 -50.46 52.42
CA LYS XC 134 -22.81 -50.91 52.72
C LYS XC 134 -21.93 -50.69 51.50
N LEU XC 135 -20.68 -50.30 51.75
CA LEU XC 135 -19.66 -50.23 50.71
C LEU XC 135 -18.30 -50.01 51.36
N GLU XC 136 -17.28 -50.70 50.87
CA GLU XC 136 -15.95 -50.62 51.46
C GLU XC 136 -14.81 -50.54 50.46
N GLY XC 137 -15.08 -50.61 49.16
CA GLY XC 137 -14.02 -50.53 48.17
C GLY XC 137 -14.60 -50.37 46.79
N VAL XC 138 -13.88 -49.60 45.97
CA VAL XC 138 -14.29 -49.27 44.62
C VAL XC 138 -13.07 -49.30 43.71
N ARG XC 139 -13.20 -49.90 42.52
CA ARG XC 139 -12.08 -50.00 41.61
C ARG XC 139 -12.56 -50.17 40.16
N VAL XC 140 -11.71 -49.75 39.23
CA VAL XC 140 -12.08 -49.51 37.84
C VAL XC 140 -11.17 -50.27 36.89
N TYR XC 141 -11.77 -50.85 35.86
CA TYR XC 141 -11.10 -51.48 34.73
C TYR XC 141 -11.49 -50.79 33.42
N ASP XC 142 -10.64 -51.00 32.42
CA ASP XC 142 -10.84 -50.42 31.10
C ASP XC 142 -11.81 -51.28 30.28
N ARG XC 143 -11.86 -51.02 28.98
CA ARG XC 143 -12.85 -51.65 28.12
C ARG XC 143 -12.58 -53.15 27.93
N PHE XC 144 -11.34 -53.58 28.11
CA PHE XC 144 -10.93 -54.88 27.58
C PHE XC 144 -11.10 -56.01 28.58
N ALA XC 145 -11.40 -55.73 29.84
CA ALA XC 145 -11.41 -56.75 30.87
C ALA XC 145 -12.80 -57.30 31.16
N ILE XC 146 -13.83 -56.86 30.45
CA ILE XC 146 -15.23 -57.18 30.77
C ILE XC 146 -15.87 -57.87 29.57
N THR XC 147 -16.56 -58.98 29.83
CA THR XC 147 -17.35 -59.66 28.81
C THR XC 147 -18.69 -60.07 29.41
N ILE XC 148 -19.60 -60.51 28.53
CA ILE XC 148 -20.94 -60.95 28.91
C ILE XC 148 -20.89 -62.44 29.19
N GLU XC 149 -21.71 -62.92 30.13
CA GLU XC 149 -21.83 -64.34 30.39
C GLU XC 149 -23.25 -64.87 30.17
N LYS XC 150 -24.25 -64.28 30.82
CA LYS XC 150 -25.59 -64.82 30.85
C LYS XC 150 -26.59 -63.81 30.30
N ARG XC 151 -27.54 -64.30 29.51
CA ARG XC 151 -28.61 -63.49 28.93
C ARG XC 151 -29.92 -64.23 29.05
N VAL XC 152 -30.98 -63.51 29.43
CA VAL XC 152 -32.32 -64.07 29.55
C VAL XC 152 -33.29 -63.20 28.77
N THR XC 153 -34.23 -63.83 28.07
CA THR XC 153 -35.26 -63.12 27.32
C THR XC 153 -36.66 -63.49 27.81
N ASN XC 154 -36.87 -63.51 29.11
CA ASN XC 154 -38.18 -63.82 29.66
C ASN XC 154 -39.17 -62.69 29.39
N ALA XC 155 -40.39 -63.06 29.01
CA ALA XC 155 -41.38 -62.07 28.61
C ALA XC 155 -41.93 -61.32 29.81
N ARG XC 156 -41.95 -61.96 30.99
CA ARG XC 156 -42.57 -61.34 32.16
C ARG XC 156 -41.86 -60.05 32.55
N SER XC 157 -40.54 -60.09 32.67
CA SER XC 157 -39.81 -58.91 33.11
C SER XC 157 -39.56 -57.97 31.94
N PRO XC 158 -39.45 -56.66 32.20
CA PRO XC 158 -38.99 -55.72 31.17
C PRO XC 158 -37.48 -55.67 31.03
N ARG XC 159 -36.75 -56.48 31.80
CA ARG XC 159 -35.29 -56.48 31.82
C ARG XC 159 -34.69 -57.44 30.79
N TYR XC 160 -35.51 -58.11 29.99
CA TYR XC 160 -34.97 -59.11 29.08
C TYR XC 160 -34.11 -58.46 28.01
N GLY XC 161 -33.02 -59.12 27.66
CA GLY XC 161 -32.13 -58.62 26.63
C GLY XC 161 -30.92 -57.84 27.10
N GLU XC 162 -30.54 -57.97 28.37
CA GLU XC 162 -29.39 -57.25 28.89
C GLU XC 162 -28.47 -58.19 29.65
N PRO XC 163 -27.16 -57.90 29.70
CA PRO XC 163 -26.22 -58.82 30.37
C PRO XC 163 -26.58 -59.04 31.83
N GLU XC 164 -26.96 -60.28 32.15
CA GLU XC 164 -27.27 -60.62 33.53
C GLU XC 164 -25.99 -60.72 34.37
N ILE XC 165 -24.99 -61.43 33.87
CA ILE XC 165 -23.76 -61.71 34.60
C ILE XC 165 -22.58 -61.28 33.75
N TYR XC 166 -21.57 -60.69 34.39
CA TYR XC 166 -20.38 -60.23 33.69
C TYR XC 166 -19.17 -61.07 34.08
N LYS XC 167 -18.38 -61.42 33.08
CA LYS XC 167 -17.11 -62.09 33.26
C LYS XC 167 -16.00 -61.05 33.27
N VAL XC 168 -15.31 -60.92 34.39
CA VAL XC 168 -14.21 -59.97 34.55
C VAL XC 168 -12.91 -60.75 34.57
N SER XC 169 -11.98 -60.36 33.69
CA SER XC 169 -10.70 -61.03 33.51
C SER XC 169 -9.58 -60.00 33.47
N PRO XC 170 -9.19 -59.47 34.63
CA PRO XC 170 -8.12 -58.45 34.65
C PRO XC 170 -6.80 -58.96 34.09
N GLY XC 171 -6.51 -60.23 34.36
CA GLY XC 171 -5.17 -60.74 34.15
C GLY XC 171 -4.43 -60.80 35.47
N ASP XC 172 -3.23 -60.22 35.52
CA ASP XC 172 -2.39 -60.17 36.73
C ASP XC 172 -2.48 -61.46 37.53
N ASN XC 173 -2.28 -62.58 36.83
CA ASN XC 173 -2.32 -63.94 37.37
C ASN XC 173 -3.48 -64.17 38.34
N ILE XC 174 -4.63 -63.57 38.05
CA ILE XC 174 -5.85 -63.80 38.82
C ILE XC 174 -6.90 -64.38 37.89
N GLN XC 175 -7.55 -65.46 38.33
CA GLN XC 175 -8.51 -66.14 37.49
C GLN XC 175 -9.70 -65.23 37.18
N PRO XC 176 -10.15 -65.18 35.93
CA PRO XC 176 -11.39 -64.45 35.63
C PRO XC 176 -12.54 -64.99 36.45
N TYR XC 177 -13.38 -64.09 36.94
CA TYR XC 177 -14.51 -64.48 37.78
C TYR XC 177 -15.78 -63.79 37.30
N LEU XC 178 -16.88 -64.07 37.99
CA LEU XC 178 -18.20 -63.68 37.55
C LEU XC 178 -18.84 -62.75 38.57
N ILE XC 179 -19.51 -61.72 38.06
CA ILE XC 179 -20.12 -60.70 38.89
C ILE XC 179 -21.57 -60.53 38.48
N HIS XC 180 -22.45 -60.39 39.48
CA HIS XC 180 -23.86 -60.17 39.22
C HIS XC 180 -24.08 -58.76 38.66
N HIS XC 181 -25.25 -58.57 38.03
CA HIS XC 181 -25.56 -57.30 37.38
C HIS XC 181 -25.55 -56.13 38.35
N THR XC 182 -25.95 -56.37 39.59
CA THR XC 182 -26.13 -55.26 40.53
C THR XC 182 -24.80 -54.60 40.88
N ARG XC 183 -23.69 -55.29 40.65
CA ARG XC 183 -22.42 -54.84 41.21
C ARG XC 183 -21.59 -54.07 40.19
N ILE XC 184 -21.95 -54.15 38.91
CA ILE XC 184 -21.17 -53.55 37.83
C ILE XC 184 -21.94 -52.39 37.22
N PHE XC 185 -21.24 -51.29 36.99
CA PHE XC 185 -21.74 -50.18 36.20
C PHE XC 185 -20.82 -49.99 35.01
N ILE XC 186 -21.40 -49.94 33.81
CA ILE XC 186 -20.65 -49.77 32.57
C ILE XC 186 -20.82 -48.33 32.11
N ALA XC 187 -19.71 -47.61 32.02
CA ALA XC 187 -19.69 -46.24 31.53
C ALA XC 187 -19.38 -46.26 30.04
N ASP XC 188 -20.25 -45.64 29.25
CA ASP XC 188 -20.16 -45.65 27.81
C ASP XC 188 -19.73 -44.27 27.32
N GLY XC 189 -19.41 -44.18 26.03
CA GLY XC 189 -19.00 -42.92 25.44
C GLY XC 189 -20.15 -42.18 24.77
N GLU XC 190 -20.14 -42.13 23.45
CA GLU XC 190 -21.14 -41.40 22.68
C GLU XC 190 -22.02 -42.37 21.91
N ARG XC 191 -23.26 -41.92 21.65
CA ARG XC 191 -24.22 -42.74 20.93
C ARG XC 191 -23.76 -43.01 19.51
N VAL XC 192 -24.09 -44.20 19.01
CA VAL XC 192 -23.81 -44.60 17.64
C VAL XC 192 -25.07 -45.24 17.07
N THR XC 193 -25.10 -45.35 15.74
CA THR XC 193 -26.24 -45.95 15.07
C THR XC 193 -26.41 -47.40 15.52
N PRO XC 194 -27.65 -47.87 15.66
CA PRO XC 194 -27.86 -49.23 16.20
C PRO XC 194 -27.20 -50.33 15.37
N GLN XC 195 -27.13 -50.16 14.05
CA GLN XC 195 -26.51 -51.18 13.22
C GLN XC 195 -25.01 -51.32 13.51
N MET XC 196 -24.39 -50.30 14.08
CA MET XC 196 -23.02 -50.38 14.55
C MET XC 196 -22.93 -50.73 16.03
N ARG XC 197 -23.94 -50.33 16.80
CA ARG XC 197 -23.98 -50.68 18.22
C ARG XC 197 -24.06 -52.19 18.39
N LYS XC 198 -24.87 -52.84 17.55
CA LYS XC 198 -24.97 -54.30 17.62
C LYS XC 198 -23.70 -54.98 17.12
N GLN XC 199 -22.98 -54.36 16.18
CA GLN XC 199 -21.71 -54.91 15.73
C GLN XC 199 -20.62 -54.77 16.77
N ASN XC 200 -20.66 -53.72 17.59
CA ASN XC 200 -19.65 -53.46 18.61
C ASN XC 200 -20.09 -53.95 19.98
N GLN XC 201 -20.78 -55.09 20.05
CA GLN XC 201 -21.33 -55.67 21.28
C GLN XC 201 -21.88 -54.59 22.22
N GLY XC 202 -22.76 -53.75 21.68
CA GLY XC 202 -23.47 -52.77 22.48
C GLY XC 202 -22.58 -51.77 23.20
N TRP XC 203 -21.45 -51.42 22.60
CA TRP XC 203 -20.47 -50.55 23.25
C TRP XC 203 -20.09 -49.42 22.30
N GLY XC 204 -19.87 -48.24 22.87
CA GLY XC 204 -19.67 -47.04 22.09
C GLY XC 204 -18.30 -46.95 21.43
N ALA XC 205 -17.99 -45.78 20.87
CA ALA XC 205 -16.77 -45.57 20.13
C ALA XC 205 -15.91 -44.51 20.81
N SER XC 206 -14.67 -44.40 20.36
CA SER XC 206 -13.74 -43.45 20.94
C SER XC 206 -14.08 -42.02 20.55
N VAL XC 207 -13.71 -41.07 21.41
CA VAL XC 207 -13.92 -39.67 21.10
C VAL XC 207 -13.02 -39.20 19.96
N LEU XC 208 -11.93 -39.92 19.69
CA LEU XC 208 -10.99 -39.56 18.64
C LEU XC 208 -11.36 -40.30 17.37
N ASN XC 209 -12.21 -39.67 16.55
CA ASN XC 209 -12.55 -40.22 15.25
C ASN XC 209 -11.45 -39.85 14.25
N LYS XC 210 -11.49 -40.50 13.09
CA LYS XC 210 -10.39 -40.39 12.13
C LYS XC 210 -10.23 -38.95 11.63
N SER XC 211 -11.34 -38.23 11.48
CA SER XC 211 -11.24 -36.84 11.04
C SER XC 211 -10.48 -36.00 12.05
N LEU XC 212 -10.80 -36.16 13.34
CA LEU XC 212 -10.07 -35.43 14.36
C LEU XC 212 -8.61 -35.86 14.40
N ILE XC 213 -8.36 -37.16 14.24
CA ILE XC 213 -6.99 -37.67 14.32
C ILE XC 213 -6.13 -37.08 13.21
N ASP XC 214 -6.61 -37.14 11.97
CA ASP XC 214 -5.76 -36.65 10.88
C ASP XC 214 -5.74 -35.12 10.82
N ALA XC 215 -6.79 -34.44 11.30
CA ALA XC 215 -6.71 -32.99 11.46
C ALA XC 215 -5.60 -32.61 12.43
N ILE XC 216 -5.50 -33.34 13.55
CA ILE XC 216 -4.39 -33.10 14.47
C ILE XC 216 -3.06 -33.43 13.81
N CYS XC 217 -3.02 -34.53 13.05
CA CYS XC 217 -1.77 -34.97 12.44
C CYS XC 217 -1.23 -33.95 11.45
N ASP XC 218 -2.11 -33.35 10.65
CA ASP XC 218 -1.65 -32.38 9.65
C ASP XC 218 -0.98 -31.16 10.26
N TYR XC 219 -1.30 -30.82 11.51
CA TYR XC 219 -0.67 -29.67 12.15
C TYR XC 219 0.84 -29.82 12.21
N ASP XC 220 1.32 -30.98 12.67
CA ASP XC 220 2.75 -31.16 12.84
C ASP XC 220 3.47 -31.14 11.50
N TYR XC 221 2.85 -31.73 10.47
CA TYR XC 221 3.43 -31.70 9.14
C TYR XC 221 3.55 -30.28 8.63
N CYS XC 222 2.50 -29.46 8.83
CA CYS XC 222 2.57 -28.06 8.44
C CYS XC 222 3.62 -27.30 9.24
N GLU XC 223 3.76 -27.62 10.53
CA GLU XC 223 4.78 -26.98 11.36
C GLU XC 223 6.18 -27.28 10.85
N SER XC 224 6.45 -28.54 10.51
CA SER XC 224 7.75 -28.90 9.96
C SER XC 224 7.98 -28.20 8.63
N LEU XC 225 6.95 -28.12 7.80
CA LEU XC 225 7.09 -27.40 6.54
C LEU XC 225 7.42 -25.93 6.78
N ALA XC 226 6.79 -25.31 7.79
CA ALA XC 226 7.08 -23.92 8.10
C ALA XC 226 8.52 -23.74 8.53
N THR XC 227 9.02 -24.66 9.37
CA THR XC 227 10.41 -24.59 9.79
C THR XC 227 11.35 -24.73 8.59
N GLN XC 228 11.02 -25.64 7.68
CA GLN XC 228 11.83 -25.79 6.47
C GLN XC 228 11.82 -24.52 5.63
N ILE XC 229 10.65 -23.89 5.49
CA ILE XC 229 10.56 -22.64 4.74
C ILE XC 229 11.44 -21.58 5.36
N LEU XC 230 11.41 -21.47 6.68
CA LEU XC 230 12.30 -20.53 7.36
C LEU XC 230 13.76 -20.85 7.09
N ARG XC 231 14.13 -22.13 7.12
CA ARG XC 231 15.53 -22.50 6.89
C ARG XC 231 15.99 -22.14 5.48
N ARG XC 232 15.13 -22.35 4.49
CA ARG XC 232 15.52 -22.17 3.09
C ARG XC 232 15.30 -20.75 2.58
N LYS XC 233 15.38 -19.74 3.45
CA LYS XC 233 15.11 -18.37 3.02
C LYS XC 233 16.18 -17.86 2.05
N GLN XC 234 17.45 -18.16 2.33
CA GLN XC 234 18.56 -17.60 1.58
C GLN XC 234 19.55 -18.69 1.23
N GLN XC 235 20.08 -18.65 0.00
CA GLN XC 235 21.04 -19.64 -0.48
C GLN XC 235 22.17 -18.94 -1.22
N ALA XC 236 23.41 -19.32 -0.90
CA ALA XC 236 24.58 -18.78 -1.56
C ALA XC 236 25.23 -19.84 -2.42
N VAL XC 237 25.58 -19.47 -3.65
CA VAL XC 237 26.17 -20.39 -4.62
C VAL XC 237 27.47 -19.81 -5.13
N TRP XC 238 28.44 -20.68 -5.39
CA TRP XC 238 29.79 -20.31 -5.80
C TRP XC 238 30.18 -21.19 -6.97
N LYS XC 239 30.42 -20.59 -8.14
CA LYS XC 239 30.71 -21.34 -9.35
C LYS XC 239 32.13 -21.04 -9.82
N VAL XC 240 32.91 -22.10 -10.04
CA VAL XC 240 34.28 -22.00 -10.52
C VAL XC 240 34.54 -23.06 -11.57
N LYS XC 241 34.84 -22.61 -12.79
CA LYS XC 241 35.16 -23.50 -13.89
C LYS XC 241 36.24 -24.49 -13.48
N GLY XC 242 35.96 -25.77 -13.71
CA GLY XC 242 36.91 -26.81 -13.35
C GLY XC 242 36.61 -27.56 -12.08
N LEU XC 243 35.65 -27.11 -11.26
CA LEU XC 243 35.34 -27.86 -10.04
C LEU XC 243 34.82 -29.26 -10.35
N ALA XC 244 34.41 -29.53 -11.59
CA ALA XC 244 33.93 -30.85 -11.94
C ALA XC 244 35.07 -31.82 -12.20
N GLU XC 245 36.30 -31.31 -12.37
CA GLU XC 245 37.39 -32.17 -12.83
C GLU XC 245 37.86 -33.12 -11.74
N MET XC 246 37.89 -32.67 -10.49
CA MET XC 246 38.35 -33.53 -9.40
C MET XC 246 37.37 -34.67 -9.15
N CYS XC 247 37.89 -35.90 -9.08
CA CYS XC 247 37.02 -37.02 -8.76
C CYS XC 247 36.95 -37.25 -7.25
N ASP XC 248 35.99 -38.06 -6.85
CA ASP XC 248 35.52 -38.08 -5.47
C ASP XC 248 36.58 -38.62 -4.51
N ASP XC 249 36.46 -38.21 -3.24
CA ASP XC 249 37.30 -38.70 -2.15
C ASP XC 249 38.77 -38.45 -2.49
N ASP XC 250 39.14 -37.18 -2.50
CA ASP XC 250 40.49 -36.76 -2.85
C ASP XC 250 40.90 -35.63 -1.91
N ASP XC 251 42.21 -35.55 -1.65
CA ASP XC 251 42.70 -34.57 -0.69
C ASP XC 251 42.50 -33.14 -1.20
N ALA XC 252 42.66 -32.93 -2.50
CA ALA XC 252 42.44 -31.60 -3.06
C ALA XC 252 40.99 -31.16 -2.87
N GLN XC 253 40.04 -32.05 -3.13
CA GLN XC 253 38.64 -31.72 -2.94
C GLN XC 253 38.32 -31.50 -1.47
N TYR XC 254 38.91 -32.31 -0.59
CA TYR XC 254 38.71 -32.11 0.84
C TYR XC 254 39.20 -30.75 1.29
N ALA XC 255 40.39 -30.36 0.83
CA ALA XC 255 40.93 -29.04 1.17
C ALA XC 255 40.06 -27.93 0.62
N ALA XC 256 39.56 -28.09 -0.61
CA ALA XC 256 38.72 -27.06 -1.21
C ALA XC 256 37.43 -26.87 -0.42
N ARG XC 257 36.76 -27.96 -0.04
CA ARG XC 257 35.51 -27.82 0.68
C ARG XC 257 35.75 -27.32 2.11
N LEU XC 258 36.88 -27.71 2.71
CA LEU XC 258 37.22 -27.16 4.02
C LEU XC 258 37.43 -25.66 3.95
N ARG XC 259 38.14 -25.20 2.91
CA ARG XC 259 38.33 -23.76 2.72
C ARG XC 259 37.01 -23.05 2.49
N LEU XC 260 36.10 -23.67 1.72
CA LEU XC 260 34.78 -23.09 1.52
C LEU XC 260 34.05 -22.90 2.84
N ALA XC 261 34.02 -23.94 3.67
CA ALA XC 261 33.34 -23.82 4.96
C ALA XC 261 33.99 -22.74 5.82
N GLN XC 262 35.32 -22.73 5.86
CA GLN XC 262 36.04 -21.76 6.69
C GLN XC 262 35.74 -20.33 6.26
N VAL XC 263 35.76 -20.06 4.96
CA VAL XC 263 35.50 -18.71 4.49
C VAL XC 263 34.03 -18.34 4.67
N ASP XC 264 33.12 -19.29 4.45
CA ASP XC 264 31.70 -18.98 4.62
C ASP XC 264 31.39 -18.67 6.08
N ASP XC 265 32.17 -19.22 7.01
CA ASP XC 265 31.98 -18.88 8.41
C ASP XC 265 32.26 -17.40 8.70
N ASN XC 266 33.26 -16.81 8.05
CA ASN XC 266 33.74 -15.48 8.42
C ASN XC 266 33.15 -14.36 7.57
N SER XC 267 32.28 -14.65 6.61
CA SER XC 267 31.67 -13.58 5.84
C SER XC 267 30.60 -12.89 6.66
N GLY XC 268 30.29 -11.66 6.29
CA GLY XC 268 29.28 -10.90 7.00
C GLY XC 268 29.19 -9.47 6.50
N VAL XC 269 28.49 -8.65 7.28
CA VAL XC 269 28.27 -7.26 6.89
C VAL XC 269 29.58 -6.50 6.85
N GLY XC 270 30.36 -6.59 7.92
CA GLY XC 270 31.58 -5.83 8.07
C GLY XC 270 32.82 -6.47 7.48
N ARG XC 271 32.68 -7.49 6.65
CA ARG XC 271 33.81 -8.17 6.03
C ARG XC 271 33.49 -8.46 4.56
N ALA XC 272 34.52 -8.45 3.74
CA ALA XC 272 34.37 -8.63 2.30
C ALA XC 272 35.16 -9.85 1.86
N ILE XC 273 34.70 -10.50 0.79
CA ILE XC 273 35.33 -11.68 0.24
C ILE XC 273 35.79 -11.37 -1.18
N GLY XC 274 37.02 -11.76 -1.51
CA GLY XC 274 37.56 -11.51 -2.82
C GLY XC 274 37.50 -12.71 -3.72
N ILE XC 275 37.21 -12.45 -5.00
CA ILE XC 275 37.10 -13.49 -6.00
C ILE XC 275 37.84 -13.03 -7.25
N ASP XC 276 37.99 -13.95 -8.21
CA ASP XC 276 38.67 -13.66 -9.47
C ASP XC 276 37.63 -13.44 -10.56
N ALA XC 277 37.88 -12.43 -11.40
CA ALA XC 277 36.87 -12.03 -12.40
C ALA XC 277 36.65 -13.11 -13.45
N GLU XC 278 37.73 -13.71 -13.96
CA GLU XC 278 37.58 -14.64 -15.08
C GLU XC 278 36.99 -15.97 -14.66
N THR XC 279 37.42 -16.50 -13.51
CA THR XC 279 37.20 -17.90 -13.19
C THR XC 279 36.19 -18.15 -12.08
N GLU XC 280 35.71 -17.11 -11.40
CA GLU XC 280 34.81 -17.31 -10.27
C GLU XC 280 33.60 -16.41 -10.39
N GLU XC 281 32.46 -16.91 -9.90
CA GLU XC 281 31.29 -16.08 -9.66
C GLU XC 281 30.66 -16.51 -8.35
N TYR XC 282 30.07 -15.52 -7.64
CA TYR XC 282 29.44 -15.73 -6.34
C TYR XC 282 28.06 -15.08 -6.40
N ASP XC 283 27.02 -15.91 -6.33
CA ASP XC 283 25.65 -15.42 -6.39
C ASP XC 283 24.89 -15.76 -5.11
N VAL XC 284 23.82 -15.01 -4.86
CA VAL XC 284 22.96 -15.24 -3.73
C VAL XC 284 21.51 -15.17 -4.20
N LEU XC 285 20.68 -16.06 -3.66
CA LEU XC 285 19.26 -16.13 -3.96
C LEU XC 285 18.45 -16.06 -2.67
N ASN XC 286 17.30 -15.41 -2.75
CA ASN XC 286 16.46 -15.21 -1.58
C ASN XC 286 15.00 -15.31 -1.96
N SER XC 287 14.18 -15.60 -0.96
CA SER XC 287 12.74 -15.75 -1.14
C SER XC 287 12.02 -15.14 0.05
N ASP XC 288 10.74 -14.84 -0.15
CA ASP XC 288 9.94 -14.16 0.86
C ASP XC 288 9.09 -15.15 1.62
N ILE XC 289 8.73 -14.77 2.85
CA ILE XC 289 7.83 -15.56 3.70
C ILE XC 289 6.72 -14.64 4.19
N SER XC 290 5.47 -15.12 4.08
CA SER XC 290 4.31 -14.33 4.46
C SER XC 290 3.08 -15.25 4.45
N GLY XC 291 2.11 -14.92 5.29
CA GLY XC 291 0.89 -15.70 5.38
C GLY XC 291 0.99 -16.95 6.23
N VAL XC 292 2.21 -17.32 6.66
CA VAL XC 292 2.37 -18.54 7.46
C VAL XC 292 1.61 -18.45 8.78
N PRO XC 293 1.73 -17.38 9.58
CA PRO XC 293 0.94 -17.32 10.82
C PRO XC 293 -0.55 -17.43 10.60
N GLU XC 294 -1.06 -16.82 9.52
CA GLU XC 294 -2.48 -16.93 9.22
C GLU XC 294 -2.87 -18.35 8.85
N PHE XC 295 -2.00 -19.05 8.10
CA PHE XC 295 -2.30 -20.43 7.74
C PHE XC 295 -2.37 -21.31 8.98
N LEU XC 296 -1.41 -21.15 9.90
CA LEU XC 296 -1.46 -21.91 11.15
C LEU XC 296 -2.67 -21.53 12.00
N SER XC 297 -3.05 -20.25 12.00
CA SER XC 297 -4.23 -19.84 12.74
C SER XC 297 -5.48 -20.51 12.17
N SER XC 298 -5.57 -20.61 10.84
CA SER XC 298 -6.70 -21.29 10.23
C SER XC 298 -6.71 -22.77 10.59
N LYS XC 299 -5.53 -23.40 10.63
CA LYS XC 299 -5.47 -24.80 11.05
C LYS XC 299 -5.98 -24.97 12.48
N MET XC 300 -5.57 -24.08 13.38
CA MET XC 300 -6.08 -24.14 14.76
C MET XC 300 -7.57 -23.88 14.82
N ASP XC 301 -8.08 -22.98 13.97
CA ASP XC 301 -9.52 -22.76 13.92
C ASP XC 301 -10.25 -24.05 13.54
N ARG XC 302 -9.73 -24.76 12.54
CA ARG XC 302 -10.33 -26.04 12.18
C ARG XC 302 -10.26 -27.03 13.33
N ILE XC 303 -9.12 -27.09 14.02
CA ILE XC 303 -8.98 -28.04 15.13
C ILE XC 303 -10.01 -27.75 16.21
N VAL XC 304 -10.15 -26.48 16.61
CA VAL XC 304 -11.06 -26.17 17.70
C VAL XC 304 -12.52 -26.39 17.27
N SER XC 305 -12.84 -26.06 16.02
CA SER XC 305 -14.21 -26.27 15.55
C SER XC 305 -14.55 -27.75 15.50
N LEU XC 306 -13.60 -28.58 15.05
CA LEU XC 306 -13.84 -30.01 14.97
C LEU XC 306 -13.83 -30.67 16.34
N SER XC 307 -13.11 -30.10 17.31
CA SER XC 307 -13.11 -30.65 18.65
C SER XC 307 -14.40 -30.32 19.39
N GLY XC 308 -14.75 -29.04 19.46
CA GLY XC 308 -15.92 -28.61 20.18
C GLY XC 308 -15.65 -27.87 21.47
N ILE XC 309 -14.39 -27.80 21.89
CA ILE XC 309 -13.98 -26.97 23.01
C ILE XC 309 -13.24 -25.76 22.44
N HIS XC 310 -13.53 -24.59 22.98
CA HIS XC 310 -13.21 -23.35 22.31
C HIS XC 310 -11.83 -22.81 22.75
N GLU XC 311 -11.48 -21.65 22.17
CA GLU XC 311 -10.08 -21.28 22.03
C GLU XC 311 -9.41 -20.97 23.36
N ILE XC 312 -10.07 -20.23 24.25
CA ILE XC 312 -9.37 -19.75 25.44
C ILE XC 312 -9.16 -20.90 26.42
N ILE XC 313 -9.62 -22.10 26.06
CA ILE XC 313 -9.40 -23.27 26.88
C ILE XC 313 -8.61 -24.36 26.17
N ILE XC 314 -8.61 -24.41 24.84
CA ILE XC 314 -7.81 -25.38 24.11
C ILE XC 314 -6.52 -24.77 23.57
N LYS XC 315 -6.59 -23.61 22.91
CA LYS XC 315 -5.41 -22.87 22.52
C LYS XC 315 -4.78 -22.15 23.71
N ASN XC 316 -5.60 -21.86 24.73
CA ASN XC 316 -5.14 -21.22 25.96
C ASN XC 316 -4.52 -19.86 25.70
N LYS XC 317 -5.21 -19.01 24.93
CA LYS XC 317 -4.80 -17.64 24.69
C LYS XC 317 -6.05 -16.78 24.65
N ASN XC 318 -6.08 -15.73 25.48
CA ASN XC 318 -7.18 -14.80 25.43
C ASN XC 318 -7.10 -13.94 24.17
N VAL XC 319 -8.27 -13.51 23.69
CA VAL XC 319 -8.32 -12.73 22.46
C VAL XC 319 -7.60 -11.40 22.63
N GLY XC 320 -7.70 -10.82 23.82
CA GLY XC 320 -6.97 -9.60 24.15
C GLY XC 320 -7.59 -8.31 23.64
N GLY XC 321 -8.32 -8.35 22.53
CA GLY XC 321 -8.92 -7.14 21.99
C GLY XC 321 -10.16 -6.67 22.69
N VAL XC 322 -10.71 -7.47 23.59
CA VAL XC 322 -11.94 -7.14 24.31
C VAL XC 322 -11.76 -7.54 25.77
N SER XC 323 -12.44 -6.82 26.66
CA SER XC 323 -12.25 -7.01 28.09
C SER XC 323 -13.18 -8.08 28.66
N ALA XC 324 -14.41 -8.16 28.16
CA ALA XC 324 -15.44 -8.98 28.79
C ALA XC 324 -16.19 -9.83 27.77
N SER XC 325 -15.47 -10.53 26.90
CA SER XC 325 -16.07 -11.57 26.07
C SER XC 325 -15.64 -12.97 26.49
N GLN XC 326 -14.51 -13.09 27.17
CA GLN XC 326 -14.15 -14.37 27.76
C GLN XC 326 -15.19 -14.82 28.79
N ASN XC 327 -15.93 -13.88 29.37
CA ASN XC 327 -17.03 -14.26 30.25
C ASN XC 327 -18.12 -15.02 29.50
N THR XC 328 -18.53 -14.55 28.32
CA THR XC 328 -19.52 -15.30 27.57
C THR XC 328 -18.92 -16.59 27.03
N ALA XC 329 -17.63 -16.57 26.70
CA ALA XC 329 -16.98 -17.81 26.27
C ALA XC 329 -17.04 -18.87 27.36
N LEU XC 330 -16.70 -18.48 28.59
CA LEU XC 330 -16.74 -19.43 29.69
C LEU XC 330 -18.17 -19.84 30.03
N GLU XC 331 -19.15 -18.94 29.91
CA GLU XC 331 -20.51 -19.39 30.22
C GLU XC 331 -21.02 -20.37 29.17
N THR XC 332 -20.64 -20.20 27.90
CA THR XC 332 -20.99 -21.22 26.90
C THR XC 332 -20.28 -22.53 27.20
N PHE XC 333 -19.03 -22.47 27.65
CA PHE XC 333 -18.31 -23.68 28.03
C PHE XC 333 -19.03 -24.41 29.16
N TYR XC 334 -19.47 -23.67 30.18
CA TYR XC 334 -20.21 -24.30 31.28
C TYR XC 334 -21.55 -24.83 30.80
N LYS XC 335 -22.20 -24.15 29.86
CA LYS XC 335 -23.44 -24.67 29.30
C LYS XC 335 -23.21 -26.03 28.65
N LEU XC 336 -22.15 -26.16 27.86
CA LEU XC 336 -21.92 -27.44 27.18
C LEU XC 336 -21.51 -28.52 28.17
N VAL XC 337 -20.70 -28.17 29.17
CA VAL XC 337 -20.29 -29.20 30.12
C VAL XC 337 -21.49 -29.66 30.94
N ASP XC 338 -22.43 -28.76 31.26
CA ASP XC 338 -23.61 -29.18 32.00
C ASP XC 338 -24.52 -30.04 31.15
N ARG XC 339 -24.75 -29.64 29.89
CA ARG XC 339 -25.65 -30.40 29.02
C ARG XC 339 -25.12 -31.82 28.80
N LYS XC 340 -23.79 -31.98 28.73
CA LYS XC 340 -23.30 -33.35 28.62
C LYS XC 340 -23.29 -34.06 29.97
N ARG XC 341 -23.00 -33.32 31.05
CA ARG XC 341 -22.82 -33.92 32.36
C ARG XC 341 -24.10 -34.57 32.84
N GLU XC 342 -25.23 -33.93 32.59
CA GLU XC 342 -26.51 -34.51 32.99
C GLU XC 342 -26.71 -35.90 32.39
N GLU XC 343 -26.03 -36.19 31.28
CA GLU XC 343 -26.26 -37.44 30.55
C GLU XC 343 -25.32 -38.56 30.99
N ASP XC 344 -24.20 -38.25 31.64
CA ASP XC 344 -23.26 -39.28 32.08
C ASP XC 344 -22.93 -39.28 33.57
N TYR XC 345 -22.78 -38.12 34.21
CA TYR XC 345 -22.33 -38.13 35.60
C TYR XC 345 -23.39 -38.71 36.54
N ARG XC 346 -24.64 -38.29 36.36
CA ARG XC 346 -25.71 -38.71 37.27
C ARG XC 346 -25.85 -40.21 37.39
N PRO XC 347 -25.82 -41.00 36.30
CA PRO XC 347 -25.95 -42.46 36.47
C PRO XC 347 -24.98 -43.05 37.48
N LEU XC 348 -23.75 -42.53 37.57
CA LEU XC 348 -22.88 -42.90 38.67
C LEU XC 348 -23.53 -42.57 40.01
N LEU XC 349 -24.22 -41.43 40.09
CA LEU XC 349 -24.82 -41.01 41.35
C LEU XC 349 -25.88 -42.00 41.80
N GLU XC 350 -26.85 -42.31 40.92
CA GLU XC 350 -27.83 -43.29 41.41
C GLU XC 350 -27.30 -44.71 41.43
N PHE XC 351 -26.14 -44.99 40.83
CA PHE XC 351 -25.56 -46.31 40.98
C PHE XC 351 -24.87 -46.50 42.32
N LEU XC 352 -24.25 -45.45 42.84
CA LEU XC 352 -23.41 -45.57 44.04
C LEU XC 352 -24.09 -45.06 45.31
N LEU XC 353 -24.80 -43.94 45.24
CA LEU XC 353 -25.36 -43.34 46.45
C LEU XC 353 -26.30 -44.26 47.22
N PRO XC 354 -27.23 -45.00 46.60
CA PRO XC 354 -28.12 -45.86 47.40
C PRO XC 354 -27.38 -46.89 48.24
N PHE XC 355 -26.12 -47.18 47.93
CA PHE XC 355 -25.31 -48.08 48.74
C PHE XC 355 -24.72 -47.42 49.97
N ILE XC 356 -24.86 -46.10 50.13
CA ILE XC 356 -24.28 -45.42 51.27
C ILE XC 356 -25.31 -44.57 52.00
N VAL XC 357 -26.38 -44.17 51.31
CA VAL XC 357 -27.43 -43.38 51.94
C VAL XC 357 -28.50 -44.33 52.46
N ASP XC 358 -28.86 -44.15 53.73
CA ASP XC 358 -29.84 -45.03 54.36
C ASP XC 358 -31.26 -44.51 54.28
N GLU XC 359 -31.45 -43.24 53.94
CA GLU XC 359 -32.78 -42.65 53.91
C GLU XC 359 -33.59 -43.20 52.76
N GLN XC 360 -34.90 -42.95 52.81
CA GLN XC 360 -35.80 -43.48 51.79
C GLN XC 360 -35.72 -42.67 50.50
N GLU XC 361 -35.92 -41.36 50.58
CA GLU XC 361 -36.00 -40.50 49.40
C GLU XC 361 -35.01 -39.35 49.52
N TRP XC 362 -34.50 -38.90 48.38
CA TRP XC 362 -33.56 -37.80 48.31
C TRP XC 362 -33.56 -37.26 46.89
N SER XC 363 -32.90 -36.11 46.70
CA SER XC 363 -32.78 -35.49 45.40
C SER XC 363 -31.36 -35.00 45.21
N ILE XC 364 -30.91 -34.99 43.96
CA ILE XC 364 -29.56 -34.60 43.59
C ILE XC 364 -29.63 -33.33 42.76
N GLU XC 365 -28.85 -32.33 43.14
CA GLU XC 365 -28.77 -31.08 42.39
C GLU XC 365 -27.30 -30.77 42.11
N PHE XC 366 -27.05 -30.12 40.98
CA PHE XC 366 -25.69 -29.84 40.53
C PHE XC 366 -25.37 -28.37 40.76
N GLU XC 367 -24.15 -28.11 41.21
CA GLU XC 367 -23.70 -26.74 41.40
C GLU XC 367 -23.67 -26.01 40.06
N PRO XC 368 -24.22 -24.80 39.99
CA PRO XC 368 -24.05 -23.99 38.77
C PRO XC 368 -22.58 -23.69 38.53
N LEU XC 369 -22.08 -24.04 37.35
CA LEU XC 369 -20.66 -23.86 37.04
C LEU XC 369 -20.39 -22.38 36.81
N SER XC 370 -20.04 -21.71 37.89
CA SER XC 370 -19.70 -20.29 37.84
C SER XC 370 -18.74 -19.99 38.99
N VAL XC 371 -17.58 -19.44 38.66
CA VAL XC 371 -16.55 -19.17 39.67
C VAL XC 371 -17.02 -18.03 40.56
N PRO XC 372 -17.27 -18.29 41.84
CA PRO XC 372 -17.77 -17.12 42.57
C PRO XC 372 -16.62 -16.20 42.95
N SER XC 373 -16.92 -15.04 43.54
CA SER XC 373 -15.87 -14.12 43.97
C SER XC 373 -16.27 -13.36 45.22
N LYS XC 374 -15.31 -13.13 46.11
CA LYS XC 374 -15.64 -12.48 47.37
C LYS XC 374 -16.63 -11.39 47.15
N LYS XC 375 -16.24 -10.40 46.37
CA LYS XC 375 -17.13 -9.27 46.21
C LYS XC 375 -18.54 -9.73 45.87
N GLU XC 376 -18.72 -10.34 44.70
CA GLU XC 376 -20.05 -10.67 44.23
C GLU XC 376 -20.78 -11.56 45.22
N GLU XC 377 -20.06 -12.46 45.91
CA GLU XC 377 -20.73 -13.27 46.92
C GLU XC 377 -21.14 -12.42 48.12
N SER XC 378 -20.37 -11.37 48.43
CA SER XC 378 -20.77 -10.47 49.50
C SER XC 378 -22.07 -9.74 49.15
N GLU XC 379 -22.15 -9.17 47.95
CA GLU XC 379 -23.42 -8.53 47.60
C GLU XC 379 -24.56 -9.53 47.50
N ILE XC 380 -24.35 -10.72 46.93
CA ILE XC 380 -25.48 -11.63 46.82
C ILE XC 380 -25.94 -12.07 48.20
N THR XC 381 -25.01 -12.25 49.14
CA THR XC 381 -25.43 -12.69 50.46
C THR XC 381 -26.14 -11.56 51.22
N LYS XC 382 -25.71 -10.30 51.03
CA LYS XC 382 -26.45 -9.22 51.68
C LYS XC 382 -27.85 -9.11 51.10
N ASN XC 383 -27.98 -9.24 49.78
CA ASN XC 383 -29.30 -9.19 49.16
C ASN XC 383 -30.19 -10.33 49.63
N ASN XC 384 -29.63 -11.54 49.74
CA ASN XC 384 -30.43 -12.66 50.22
C ASN XC 384 -30.84 -12.49 51.67
N VAL XC 385 -29.93 -12.00 52.53
CA VAL XC 385 -30.30 -11.89 53.94
C VAL XC 385 -31.31 -10.77 54.16
N GLU XC 386 -31.26 -9.70 53.36
CA GLU XC 386 -32.30 -8.70 53.52
C GLU XC 386 -33.61 -9.12 52.86
N SER XC 387 -33.54 -9.92 51.79
CA SER XC 387 -34.77 -10.38 51.16
C SER XC 387 -35.49 -11.41 52.03
N VAL XC 388 -34.74 -12.25 52.74
CA VAL XC 388 -35.37 -13.28 53.55
C VAL XC 388 -36.14 -12.67 54.71
N THR XC 389 -35.60 -11.63 55.36
CA THR XC 389 -36.35 -10.86 56.35
C THR XC 389 -36.24 -9.37 56.05
N LYS XC 390 -37.01 -8.94 55.06
CA LYS XC 390 -37.44 -7.56 54.92
C LYS XC 390 -38.92 -7.40 55.13
N ALA XC 391 -39.73 -8.29 54.56
CA ALA XC 391 -41.19 -8.16 54.62
C ALA XC 391 -41.88 -9.36 55.25
N ILE XC 392 -41.14 -10.39 55.65
CA ILE XC 392 -41.78 -11.57 56.22
C ILE XC 392 -42.34 -11.31 57.61
N THR XC 393 -42.02 -10.16 58.19
CA THR XC 393 -42.38 -9.88 59.58
C THR XC 393 -43.88 -9.79 59.81
N GLU XC 394 -44.68 -9.69 58.75
CA GLU XC 394 -46.13 -9.56 58.90
C GLU XC 394 -46.92 -10.79 58.46
N GLN XC 395 -46.25 -11.89 58.16
CA GLN XC 395 -46.92 -13.12 57.74
C GLN XC 395 -46.64 -14.24 58.74
N ILE XC 396 -47.16 -15.43 58.43
CA ILE XC 396 -46.96 -16.60 59.28
C ILE XC 396 -45.59 -17.22 59.11
N ILE XC 397 -44.74 -16.65 58.25
CA ILE XC 397 -43.40 -17.17 58.04
C ILE XC 397 -42.60 -16.99 59.32
N ASP XC 398 -42.31 -18.08 60.01
CA ASP XC 398 -41.70 -18.03 61.33
C ASP XC 398 -40.22 -18.38 61.25
N LEU XC 399 -39.54 -18.28 62.39
CA LEU XC 399 -38.09 -18.40 62.43
C LEU XC 399 -37.62 -19.80 62.05
N GLU XC 400 -38.40 -20.83 62.39
CA GLU XC 400 -37.97 -22.20 62.12
C GLU XC 400 -37.79 -22.46 60.64
N GLU XC 401 -38.61 -21.86 59.78
CA GLU XC 401 -38.40 -21.95 58.34
C GLU XC 401 -37.55 -20.83 57.77
N ALA XC 402 -37.52 -19.67 58.44
CA ALA XC 402 -36.64 -18.59 57.99
C ALA XC 402 -35.17 -19.01 58.07
N ARG XC 403 -34.78 -19.66 59.17
CA ARG XC 403 -33.41 -20.15 59.29
C ARG XC 403 -33.11 -21.22 58.25
N ASP XC 404 -34.09 -22.09 57.98
CA ASP XC 404 -33.89 -23.11 56.97
C ASP XC 404 -33.67 -22.49 55.59
N THR XC 405 -34.47 -21.48 55.25
CA THR XC 405 -34.26 -20.78 53.99
C THR XC 405 -32.90 -20.10 53.95
N LEU XC 406 -32.51 -19.46 55.05
CA LEU XC 406 -31.26 -18.71 55.05
C LEU XC 406 -30.05 -19.63 54.88
N ARG XC 407 -30.06 -20.79 55.54
CA ARG XC 407 -28.92 -21.70 55.47
C ARG XC 407 -29.07 -22.77 54.40
N SER XC 408 -30.17 -22.76 53.65
CA SER XC 408 -30.26 -23.62 52.47
C SER XC 408 -29.43 -23.05 51.33
N ILE XC 409 -29.64 -21.78 51.00
CA ILE XC 409 -28.76 -21.06 50.10
C ILE XC 409 -27.43 -20.88 50.82
N ALA XC 410 -26.40 -21.62 50.38
CA ALA XC 410 -25.18 -21.84 51.16
C ALA XC 410 -24.54 -20.53 51.60
N PRO XC 411 -24.63 -20.18 52.88
CA PRO XC 411 -24.04 -18.94 53.35
C PRO XC 411 -22.66 -19.16 53.96
N GLU XC 412 -21.97 -18.07 54.23
CA GLU XC 412 -20.78 -18.11 55.08
C GLU XC 412 -21.13 -17.83 56.54
N PHE XC 413 -22.40 -17.64 56.85
CA PHE XC 413 -22.86 -17.36 58.21
C PHE XC 413 -23.19 -18.69 58.87
N LYS XC 414 -22.32 -19.12 59.79
CA LYS XC 414 -22.55 -20.34 60.52
C LYS XC 414 -23.79 -20.22 61.40
N LEU XC 415 -24.48 -21.34 61.59
CA LEU XC 415 -25.66 -21.37 62.45
C LEU XC 415 -25.90 -22.80 62.90
N LYS XC 416 -25.67 -23.07 64.19
CA LYS XC 416 -25.92 -24.40 64.72
C LYS XC 416 -27.41 -24.68 64.79
N ASP XC 417 -27.75 -25.95 64.86
CA ASP XC 417 -29.15 -26.34 64.98
C ASP XC 417 -29.72 -25.92 66.32
N GLY XC 418 -31.02 -25.66 66.34
CA GLY XC 418 -31.69 -25.23 67.56
C GLY XC 418 -33.18 -25.03 67.36
N ASN XC 419 -33.70 -23.95 67.93
CA ASN XC 419 -35.13 -23.64 67.81
C ASN XC 419 -35.47 -23.21 66.39
N TYR YC 3 -49.35 0.24 -37.26
CA TYR YC 3 -50.15 -0.91 -37.61
C TYR YC 3 -49.23 -1.93 -38.21
N GLU YC 4 -48.42 -2.59 -37.40
CA GLU YC 4 -47.43 -3.49 -37.95
C GLU YC 4 -47.35 -4.86 -37.33
N ASN YC 5 -46.72 -5.79 -38.03
CA ASN YC 5 -46.63 -7.17 -37.56
C ASN YC 5 -45.30 -7.44 -36.89
N LEU YC 6 -45.31 -7.96 -35.67
CA LEU YC 6 -44.09 -8.27 -34.94
C LEU YC 6 -43.32 -9.49 -35.48
N PHE YC 7 -42.00 -9.55 -35.29
CA PHE YC 7 -41.22 -10.71 -35.71
C PHE YC 7 -41.06 -11.66 -34.54
N LEU YC 8 -40.75 -12.92 -34.83
CA LEU YC 8 -40.56 -13.94 -33.80
C LEU YC 8 -39.11 -14.33 -33.72
N ARG YC 9 -38.50 -14.19 -32.56
CA ARG YC 9 -37.05 -14.43 -32.41
C ARG YC 9 -36.31 -15.75 -32.55
N PRO YC 10 -36.84 -16.85 -31.97
CA PRO YC 10 -36.01 -18.06 -32.10
C PRO YC 10 -35.97 -18.47 -33.55
N ALA YC 11 -34.84 -18.90 -34.06
CA ALA YC 11 -34.79 -19.21 -35.47
C ALA YC 11 -34.38 -20.63 -35.71
N CYS YC 12 -35.30 -21.56 -35.50
CA CYS YC 12 -35.00 -22.99 -35.67
C CYS YC 12 -35.91 -23.72 -36.65
N PRO YC 13 -35.44 -24.83 -37.23
CA PRO YC 13 -36.31 -25.46 -38.22
C PRO YC 13 -37.54 -26.02 -37.57
N GLY YC 14 -38.65 -25.95 -38.27
CA GLY YC 14 -39.88 -26.45 -37.72
C GLY YC 14 -40.67 -25.45 -36.93
N ASN YC 15 -40.16 -24.25 -36.74
CA ASN YC 15 -41.01 -23.29 -36.08
C ASN YC 15 -41.48 -22.17 -36.96
N ILE YC 16 -42.42 -21.41 -36.44
CA ILE YC 16 -42.99 -20.28 -37.18
C ILE YC 16 -42.04 -19.10 -37.10
N SER YC 17 -42.03 -18.28 -38.14
CA SER YC 17 -41.08 -17.18 -38.24
C SER YC 17 -41.71 -15.81 -38.01
N ASP YC 18 -43.04 -15.69 -38.12
CA ASP YC 18 -43.71 -14.41 -37.97
C ASP YC 18 -44.97 -14.61 -37.15
N THR YC 19 -45.63 -13.50 -36.83
CA THR YC 19 -46.94 -13.54 -36.20
C THR YC 19 -48.01 -12.98 -37.14
N SER YC 20 -47.84 -13.21 -38.44
CA SER YC 20 -48.88 -12.89 -39.38
C SER YC 20 -49.99 -13.93 -39.28
N THR YC 21 -50.97 -13.83 -40.17
CA THR YC 21 -52.09 -14.76 -40.14
C THR YC 21 -51.60 -16.19 -40.36
N TYR YC 22 -51.84 -17.05 -39.38
CA TYR YC 22 -51.45 -18.45 -39.47
C TYR YC 22 -52.58 -19.34 -39.01
N ASN YC 23 -52.45 -20.63 -39.33
CA ASN YC 23 -53.45 -21.64 -39.00
C ASN YC 23 -52.74 -22.93 -38.65
N ILE YC 24 -53.11 -23.56 -37.55
CA ILE YC 24 -52.47 -24.79 -37.09
C ILE YC 24 -53.55 -25.85 -36.93
N ASP YC 25 -53.42 -26.93 -37.69
CA ASP YC 25 -54.37 -28.03 -37.69
C ASP YC 25 -53.88 -29.09 -36.71
N GLY YC 26 -54.42 -29.06 -35.49
CA GLY YC 26 -53.92 -29.91 -34.42
C GLY YC 26 -54.63 -31.22 -34.22
N ALA YC 27 -55.64 -31.54 -35.02
CA ALA YC 27 -56.35 -32.81 -34.91
C ALA YC 27 -55.88 -33.76 -36.01
N CYS YC 28 -54.68 -34.32 -35.81
CA CYS YC 28 -54.07 -35.22 -36.78
C CYS YC 28 -53.29 -36.31 -36.04
N VAL YC 29 -52.99 -37.39 -36.76
CA VAL YC 29 -52.14 -38.47 -36.28
C VAL YC 29 -51.17 -38.87 -37.38
N ALA YC 30 -50.06 -39.47 -36.97
CA ALA YC 30 -48.95 -39.74 -37.87
C ALA YC 30 -48.85 -41.23 -38.16
N GLN YC 31 -48.56 -41.56 -39.43
CA GLN YC 31 -48.17 -42.91 -39.82
C GLN YC 31 -46.71 -42.88 -40.26
N GLY YC 32 -45.88 -43.71 -39.63
CA GLY YC 32 -44.45 -43.59 -39.81
C GLY YC 32 -43.87 -42.53 -38.89
N ASP YC 33 -42.66 -42.10 -39.22
CA ASP YC 33 -41.96 -41.07 -38.47
C ASP YC 33 -41.81 -39.81 -39.31
N ILE YC 34 -41.97 -38.66 -38.67
CA ILE YC 34 -41.87 -37.37 -39.34
C ILE YC 34 -40.88 -36.50 -38.58
N GLY YC 35 -40.11 -35.72 -39.33
CA GLY YC 35 -39.15 -34.80 -38.75
C GLY YC 35 -39.66 -33.38 -38.81
N PHE YC 36 -39.34 -32.59 -37.79
CA PHE YC 36 -39.77 -31.20 -37.75
C PHE YC 36 -39.25 -30.46 -38.96
N GLY YC 37 -40.13 -29.69 -39.60
CA GLY YC 37 -39.77 -28.92 -40.76
C GLY YC 37 -39.88 -29.63 -42.09
N SER YC 38 -40.71 -30.66 -42.19
CA SER YC 38 -40.90 -31.40 -43.42
C SER YC 38 -42.36 -31.31 -43.84
N ALA YC 39 -42.59 -31.43 -45.15
CA ALA YC 39 -43.93 -31.40 -45.68
C ALA YC 39 -44.61 -32.75 -45.46
N VAL YC 40 -45.93 -32.71 -45.28
CA VAL YC 40 -46.73 -33.91 -45.00
C VAL YC 40 -47.90 -33.94 -45.97
N GLN YC 41 -48.49 -35.13 -46.11
CA GLN YC 41 -49.63 -35.35 -46.98
C GLN YC 41 -50.72 -36.10 -46.23
N VAL YC 42 -51.96 -35.95 -46.68
CA VAL YC 42 -53.11 -36.55 -46.02
C VAL YC 42 -53.46 -37.84 -46.75
N VAL YC 43 -53.36 -38.97 -46.05
CA VAL YC 43 -53.61 -40.25 -46.68
C VAL YC 43 -55.04 -40.72 -46.44
N GLY YC 44 -55.67 -40.24 -45.39
CA GLY YC 44 -57.04 -40.64 -45.11
C GLY YC 44 -57.63 -39.84 -43.97
N ILE YC 45 -58.92 -40.04 -43.75
CA ILE YC 45 -59.68 -39.35 -42.71
C ILE YC 45 -60.50 -40.39 -41.95
N VAL YC 46 -60.36 -40.39 -40.62
CA VAL YC 46 -61.17 -41.24 -39.75
C VAL YC 46 -61.77 -40.39 -38.63
N ASP YC 47 -63.10 -40.32 -38.60
CA ASP YC 47 -63.84 -39.69 -37.50
C ASP YC 47 -63.43 -38.24 -37.29
N GLY YC 48 -63.24 -37.51 -38.38
CA GLY YC 48 -62.83 -36.12 -38.29
C GLY YC 48 -61.36 -35.91 -38.02
N VAL YC 49 -60.55 -36.95 -38.07
CA VAL YC 49 -59.11 -36.89 -37.83
C VAL YC 49 -58.41 -37.17 -39.15
N LYS YC 50 -57.36 -36.41 -39.43
CA LYS YC 50 -56.58 -36.59 -40.65
C LYS YC 50 -55.33 -37.39 -40.34
N VAL YC 51 -55.08 -38.44 -41.14
CA VAL YC 51 -53.89 -39.27 -40.99
C VAL YC 51 -52.85 -38.78 -41.99
N VAL YC 52 -51.68 -38.40 -41.48
CA VAL YC 52 -50.65 -37.79 -42.30
C VAL YC 52 -49.42 -38.67 -42.34
N ALA YC 53 -48.64 -38.54 -43.42
CA ALA YC 53 -47.38 -39.24 -43.57
C ALA YC 53 -46.40 -38.31 -44.26
N ALA YC 54 -45.13 -38.69 -44.26
CA ALA YC 54 -44.12 -37.90 -44.94
C ALA YC 54 -44.34 -37.95 -46.45
N LEU YC 55 -43.89 -36.89 -47.12
CA LEU YC 55 -44.25 -36.71 -48.52
C LEU YC 55 -43.56 -37.75 -49.40
N PRO YC 56 -44.32 -38.49 -50.19
CA PRO YC 56 -43.71 -39.39 -51.18
C PRO YC 56 -43.54 -38.72 -52.52
N ASP YC 57 -43.08 -39.46 -53.53
CA ASP YC 57 -43.09 -38.93 -54.88
C ASP YC 57 -44.50 -39.04 -55.49
N GLY YC 58 -44.96 -37.93 -56.06
CA GLY YC 58 -46.28 -37.89 -56.67
C GLY YC 58 -47.38 -37.36 -55.79
N GLY YC 59 -47.09 -37.01 -54.54
CA GLY YC 59 -48.12 -36.50 -53.66
C GLY YC 59 -48.28 -35.00 -53.75
N THR YC 60 -49.32 -34.50 -53.10
CA THR YC 60 -49.56 -33.07 -52.98
C THR YC 60 -49.35 -32.65 -51.55
N PRO YC 61 -48.39 -31.78 -51.25
CA PRO YC 61 -48.15 -31.40 -49.85
C PRO YC 61 -49.36 -30.67 -49.27
N TYR YC 62 -49.58 -30.89 -47.98
CA TYR YC 62 -50.69 -30.26 -47.29
C TYR YC 62 -50.26 -29.25 -46.24
N GLY YC 63 -49.14 -29.48 -45.58
CA GLY YC 63 -48.69 -28.58 -44.52
C GLY YC 63 -47.28 -28.96 -44.14
N ILE YC 64 -46.81 -28.36 -43.05
CA ILE YC 64 -45.45 -28.55 -42.57
C ILE YC 64 -45.49 -28.85 -41.08
N ALA YC 65 -44.78 -29.90 -40.67
CA ALA YC 65 -44.75 -30.28 -39.26
C ALA YC 65 -44.20 -29.15 -38.40
N PHE YC 66 -44.75 -29.01 -37.21
CA PHE YC 66 -44.53 -27.84 -36.37
C PHE YC 66 -43.90 -28.29 -35.05
N ARG YC 67 -42.99 -27.47 -34.54
CA ARG YC 67 -42.19 -27.87 -33.38
C ARG YC 67 -42.93 -27.56 -32.08
N SER YC 68 -43.00 -28.55 -31.21
CA SER YC 68 -43.63 -28.39 -29.90
C SER YC 68 -42.82 -29.14 -28.87
N GLN YC 69 -42.72 -28.57 -27.66
CA GLN YC 69 -41.86 -29.11 -26.63
C GLN YC 69 -42.60 -29.89 -25.57
N TYR YC 70 -43.88 -30.16 -25.77
CA TYR YC 70 -44.64 -31.05 -24.90
C TYR YC 70 -45.13 -32.28 -25.63
N GLU YC 71 -45.58 -32.11 -26.88
CA GLU YC 71 -46.16 -33.23 -27.61
C GLU YC 71 -45.10 -34.22 -28.06
N HIS YC 72 -43.90 -33.72 -28.37
CA HIS YC 72 -42.84 -34.53 -28.96
C HIS YC 72 -41.60 -34.42 -28.08
N LEU YC 73 -41.50 -35.32 -27.10
CA LEU YC 73 -40.38 -35.28 -26.16
C LEU YC 73 -39.14 -35.97 -26.73
N SER YC 74 -39.30 -36.73 -27.80
CA SER YC 74 -38.16 -37.47 -28.35
C SER YC 74 -37.22 -36.56 -29.13
N GLY YC 75 -37.76 -35.77 -30.04
CA GLY YC 75 -36.96 -34.94 -30.92
C GLY YC 75 -37.58 -34.90 -32.31
N LYS YC 76 -38.49 -35.84 -32.55
CA LYS YC 76 -39.22 -35.93 -33.80
C LYS YC 76 -40.60 -36.48 -33.52
N ILE YC 77 -41.44 -36.53 -34.55
CA ILE YC 77 -42.78 -37.05 -34.38
C ILE YC 77 -42.80 -38.55 -34.66
N LEU YC 78 -43.41 -39.31 -33.75
CA LEU YC 78 -43.38 -40.76 -33.80
C LEU YC 78 -44.73 -41.29 -34.25
N ASP YC 79 -44.72 -42.54 -34.73
CA ASP YC 79 -45.93 -43.18 -35.19
C ASP YC 79 -46.95 -43.24 -34.06
N GLY YC 80 -48.22 -43.02 -34.41
CA GLY YC 80 -49.28 -43.08 -33.42
C GLY YC 80 -49.33 -41.91 -32.48
N GLU YC 81 -48.78 -40.76 -32.86
CA GLU YC 81 -48.76 -39.58 -32.02
C GLU YC 81 -49.63 -38.49 -32.63
N VAL YC 82 -50.25 -37.70 -31.77
CA VAL YC 82 -50.97 -36.51 -32.23
C VAL YC 82 -49.96 -35.48 -32.69
N CYS YC 83 -50.27 -34.80 -33.80
CA CYS YC 83 -49.29 -34.01 -34.53
C CYS YC 83 -49.84 -32.64 -34.85
N ASN YC 84 -48.96 -31.64 -34.81
CA ASN YC 84 -49.28 -30.28 -35.20
C ASN YC 84 -48.82 -30.04 -36.63
N VAL YC 85 -49.68 -29.44 -37.44
CA VAL YC 85 -49.39 -29.19 -38.85
C VAL YC 85 -49.81 -27.77 -39.18
N VAL YC 86 -48.90 -27.02 -39.80
CA VAL YC 86 -49.16 -25.63 -40.18
C VAL YC 86 -49.69 -25.60 -41.60
N SER YC 87 -50.90 -25.06 -41.77
CA SER YC 87 -51.55 -25.02 -43.07
C SER YC 87 -51.57 -23.65 -43.71
N HIS YC 88 -51.16 -22.61 -43.00
CA HIS YC 88 -51.23 -21.24 -43.50
C HIS YC 88 -50.32 -20.37 -42.64
N GLY YC 89 -49.33 -19.74 -43.28
CA GLY YC 89 -48.40 -18.89 -42.55
C GLY YC 89 -46.97 -19.03 -43.01
N ARG YC 90 -46.03 -18.36 -42.34
CA ARG YC 90 -44.62 -18.40 -42.72
C ARG YC 90 -43.89 -19.33 -41.75
N VAL YC 91 -43.05 -20.21 -42.30
CA VAL YC 91 -42.45 -21.28 -41.51
C VAL YC 91 -41.08 -21.64 -42.07
N TRP YC 92 -40.17 -22.03 -41.17
CA TRP YC 92 -38.81 -22.41 -41.56
C TRP YC 92 -38.76 -23.88 -41.95
N THR YC 93 -38.24 -24.16 -43.14
CA THR YC 93 -38.25 -25.49 -43.73
C THR YC 93 -36.82 -25.93 -44.01
N LEU YC 94 -36.61 -27.25 -43.89
CA LEU YC 94 -35.36 -27.87 -44.32
C LEU YC 94 -35.25 -27.84 -45.83
N THR YC 95 -34.03 -27.74 -46.33
CA THR YC 95 -33.81 -27.64 -47.76
C THR YC 95 -32.51 -28.34 -48.13
N SER YC 96 -32.41 -28.72 -49.39
CA SER YC 96 -31.18 -29.25 -49.96
C SER YC 96 -30.54 -28.29 -50.95
N LEU YC 97 -31.11 -27.10 -51.11
CA LEU YC 97 -30.59 -26.14 -52.07
C LEU YC 97 -29.25 -25.58 -51.60
N GLY YC 98 -28.55 -24.92 -52.51
CA GLY YC 98 -27.26 -24.34 -52.21
C GLY YC 98 -27.28 -22.83 -52.12
N GLU YC 99 -28.09 -22.19 -52.95
CA GLU YC 99 -28.18 -20.75 -53.00
C GLU YC 99 -29.64 -20.31 -52.95
N ALA YC 100 -29.87 -19.09 -52.49
CA ALA YC 100 -31.23 -18.62 -52.31
C ALA YC 100 -31.89 -18.39 -53.68
N PRO YC 101 -33.15 -18.77 -53.84
CA PRO YC 101 -33.83 -18.51 -55.11
C PRO YC 101 -34.35 -17.08 -55.16
N SER YC 102 -34.92 -16.74 -56.32
CA SER YC 102 -35.48 -15.40 -56.50
C SER YC 102 -36.64 -15.18 -55.53
N LEU YC 103 -36.76 -13.95 -55.06
CA LEU YC 103 -37.83 -13.63 -54.12
C LEU YC 103 -39.18 -13.83 -54.77
N PHE YC 104 -40.10 -14.44 -54.02
CA PHE YC 104 -41.49 -14.65 -54.44
C PHE YC 104 -41.58 -15.62 -55.61
N SER YC 105 -40.66 -16.57 -55.71
CA SER YC 105 -40.74 -17.60 -56.72
C SER YC 105 -41.57 -18.76 -56.19
N LYS YC 106 -41.68 -19.82 -56.98
CA LYS YC 106 -42.52 -20.96 -56.64
C LYS YC 106 -41.64 -22.15 -56.27
N LEU YC 107 -41.83 -22.70 -55.08
CA LEU YC 107 -40.97 -23.75 -54.58
C LEU YC 107 -41.42 -25.13 -55.06
N GLN YC 108 -40.49 -26.07 -55.05
CA GLN YC 108 -40.75 -27.45 -55.45
C GLN YC 108 -40.14 -28.40 -54.43
N PHE YC 109 -40.90 -29.41 -54.03
CA PHE YC 109 -40.56 -30.29 -52.93
C PHE YC 109 -40.07 -31.63 -53.45
N GLY YC 110 -38.85 -32.01 -53.07
CA GLY YC 110 -38.35 -33.33 -53.36
C GLY YC 110 -38.91 -34.36 -52.40
N SER YC 111 -38.33 -35.56 -52.46
CA SER YC 111 -38.82 -36.65 -51.61
C SER YC 111 -38.41 -36.41 -50.16
N GLY YC 112 -39.28 -36.85 -49.26
CA GLY YC 112 -39.07 -36.63 -47.83
C GLY YC 112 -39.53 -35.29 -47.32
N GLY YC 113 -40.10 -34.45 -48.19
CA GLY YC 113 -40.57 -33.15 -47.77
C GLY YC 113 -39.46 -32.14 -47.57
N VAL YC 114 -38.54 -32.05 -48.52
CA VAL YC 114 -37.48 -31.06 -48.50
C VAL YC 114 -37.62 -30.18 -49.73
N VAL YC 115 -37.21 -28.93 -49.61
CA VAL YC 115 -37.29 -27.98 -50.70
C VAL YC 115 -36.06 -28.18 -51.59
N THR YC 116 -36.29 -28.43 -52.87
CA THR YC 116 -35.21 -28.60 -53.83
C THR YC 116 -35.39 -27.80 -55.12
N GLY YC 117 -36.56 -27.22 -55.36
CA GLY YC 117 -36.80 -26.48 -56.57
C GLY YC 117 -37.29 -25.09 -56.30
N GLY YC 118 -37.03 -24.20 -57.26
CA GLY YC 118 -37.50 -22.84 -57.19
C GLY YC 118 -38.13 -22.38 -58.48
N SER YC 119 -38.61 -23.35 -59.27
CA SER YC 119 -39.17 -23.07 -60.59
C SER YC 119 -40.52 -23.75 -60.79
N GLY YC 120 -41.31 -23.90 -59.75
CA GLY YC 120 -42.60 -24.56 -59.88
C GLY YC 120 -43.61 -23.72 -60.63
N SER YC 121 -44.72 -24.36 -60.98
CA SER YC 121 -45.78 -23.68 -61.70
C SER YC 121 -46.72 -22.96 -60.74
N ALA YC 122 -47.15 -23.65 -59.68
CA ALA YC 122 -48.05 -23.06 -58.70
C ALA YC 122 -47.83 -23.74 -57.37
N GLY YC 123 -48.14 -23.03 -56.29
CA GLY YC 123 -48.00 -23.59 -54.97
C GLY YC 123 -47.58 -22.61 -53.89
N TRP YC 124 -46.62 -23.02 -53.07
CA TRP YC 124 -46.10 -22.15 -52.03
C TRP YC 124 -44.95 -21.32 -52.58
N THR YC 125 -44.66 -20.21 -51.91
CA THR YC 125 -43.70 -19.25 -52.44
C THR YC 125 -42.61 -18.96 -51.41
N PHE YC 126 -41.46 -18.55 -51.94
CA PHE YC 126 -40.33 -18.17 -51.10
C PHE YC 126 -40.57 -16.81 -50.48
N ALA YC 127 -40.23 -16.68 -49.18
CA ALA YC 127 -40.58 -15.49 -48.41
C ALA YC 127 -39.40 -14.60 -48.11
N GLY YC 128 -38.18 -14.99 -48.50
CA GLY YC 128 -37.04 -14.12 -48.36
C GLY YC 128 -36.07 -14.46 -47.25
N GLY YC 129 -36.27 -15.55 -46.53
CA GLY YC 129 -35.35 -15.92 -45.48
C GLY YC 129 -34.51 -17.11 -45.85
N PHE YC 130 -33.20 -17.02 -45.64
CA PHE YC 130 -32.27 -18.06 -46.03
C PHE YC 130 -31.09 -18.05 -45.07
N VAL YC 131 -31.04 -19.01 -44.15
CA VAL YC 131 -29.95 -19.10 -43.19
C VAL YC 131 -29.37 -20.52 -43.26
N LYS YC 132 -28.36 -20.74 -42.40
CA LYS YC 132 -27.65 -22.01 -42.41
C LYS YC 132 -27.81 -22.87 -41.18
N HIS YC 133 -28.11 -24.15 -41.37
CA HIS YC 133 -28.22 -25.09 -40.28
C HIS YC 133 -27.45 -26.36 -40.50
N GLU YC 134 -26.54 -26.68 -39.59
CA GLU YC 134 -25.87 -27.98 -39.62
C GLU YC 134 -25.27 -28.42 -40.90
N ASP YC 135 -24.46 -27.59 -41.53
CA ASP YC 135 -23.95 -27.92 -42.84
C ASP YC 135 -25.10 -28.21 -43.80
N GLY YC 136 -26.16 -27.43 -43.71
CA GLY YC 136 -27.32 -27.59 -44.56
C GLY YC 136 -27.98 -26.24 -44.42
N TYR YC 137 -29.04 -25.95 -45.15
CA TYR YC 137 -29.62 -24.68 -44.98
C TYR YC 137 -31.06 -24.73 -44.53
N ILE YC 138 -31.61 -23.60 -44.10
CA ILE YC 138 -33.01 -23.44 -43.74
C ILE YC 138 -33.56 -22.30 -44.57
N ILE YC 139 -34.76 -22.49 -45.11
CA ILE YC 139 -35.42 -21.43 -45.88
C ILE YC 139 -36.74 -21.08 -45.20
N GLU YC 140 -37.34 -20.00 -45.66
CA GLU YC 140 -38.60 -19.52 -45.11
C GLU YC 140 -39.66 -19.58 -46.19
N VAL YC 141 -40.73 -20.34 -45.92
CA VAL YC 141 -41.78 -20.58 -46.91
C VAL YC 141 -43.07 -19.95 -46.42
N GLN YC 142 -43.88 -19.52 -47.38
CA GLN YC 142 -45.21 -18.95 -47.12
C GLN YC 142 -46.26 -19.95 -47.60
N VAL YC 143 -46.91 -20.61 -46.67
CA VAL YC 143 -47.91 -21.63 -46.94
C VAL YC 143 -49.29 -20.98 -47.03
N LYS YC 144 -50.07 -21.32 -48.03
CA LYS YC 144 -51.43 -20.81 -48.19
C LYS YC 144 -52.39 -21.97 -48.23
N GLN YC 145 -53.63 -21.81 -47.81
CA GLN YC 145 -54.54 -22.95 -47.71
C GLN YC 145 -54.97 -23.70 -48.96
N ASN YC 146 -55.37 -23.04 -50.02
CA ASN YC 146 -55.88 -23.80 -51.18
C ASN YC 146 -54.93 -23.80 -52.36
N ALA YC 147 -53.66 -23.53 -52.11
CA ALA YC 147 -52.68 -23.45 -53.18
C ALA YC 147 -52.42 -24.70 -54.00
N PHE YC 148 -52.33 -25.85 -53.35
CA PHE YC 148 -52.07 -27.09 -54.04
C PHE YC 148 -53.35 -27.88 -54.04
N ILE YC 149 -53.84 -28.30 -55.20
CA ILE YC 149 -55.12 -28.99 -55.29
C ILE YC 149 -54.95 -30.43 -55.70
N ALA YC 150 -55.55 -31.36 -54.98
CA ALA YC 150 -55.34 -32.77 -55.26
C ALA YC 150 -55.84 -33.17 -56.63
N PRO YC 151 -55.02 -33.92 -57.38
CA PRO YC 151 -55.42 -34.23 -58.75
C PRO YC 151 -56.60 -35.16 -58.71
N PRO YC 152 -57.51 -35.00 -59.66
CA PRO YC 152 -58.69 -35.85 -59.72
C PRO YC 152 -58.31 -37.30 -59.89
N TYR ZC 3 39.37 -37.72 29.89
CA TYR ZC 3 40.59 -37.30 30.54
C TYR ZC 3 41.42 -36.62 29.51
N GLU ZC 4 41.08 -35.39 29.13
CA GLU ZC 4 41.79 -34.74 28.05
C GLU ZC 4 42.25 -33.32 28.30
N ASN ZC 5 43.17 -32.85 27.48
CA ASN ZC 5 43.73 -31.53 27.67
C ASN ZC 5 43.08 -30.51 26.74
N LEU ZC 6 42.57 -29.41 27.27
CA LEU ZC 6 41.94 -28.38 26.47
C LEU ZC 6 42.91 -27.55 25.61
N PHE ZC 7 42.46 -26.99 24.49
CA PHE ZC 7 43.31 -26.13 23.66
C PHE ZC 7 43.06 -24.68 24.04
N LEU ZC 8 44.00 -23.82 23.66
CA LEU ZC 8 43.91 -22.40 23.97
C LEU ZC 8 43.88 -21.66 22.66
N ARG ZC 9 42.76 -21.03 22.32
CA ARG ZC 9 42.58 -20.42 20.97
C ARG ZC 9 43.37 -19.25 20.37
N PRO ZC 10 43.64 -18.18 21.14
CA PRO ZC 10 44.36 -17.09 20.45
C PRO ZC 10 45.70 -17.62 20.00
N ALA ZC 11 46.12 -17.34 18.77
CA ALA ZC 11 47.35 -17.95 18.27
C ALA ZC 11 48.41 -16.95 17.95
N CYS ZC 12 48.72 -16.09 18.90
CA CYS ZC 12 49.70 -15.03 18.64
C CYS ZC 12 51.12 -15.34 19.10
N PRO ZC 13 52.13 -14.71 18.49
CA PRO ZC 13 53.48 -15.08 18.91
C PRO ZC 13 53.73 -14.66 20.32
N GLY ZC 14 54.48 -15.46 21.05
CA GLY ZC 14 54.76 -15.14 22.41
C GLY ZC 14 53.77 -15.66 23.41
N ASN ZC 15 52.70 -16.29 22.97
CA ASN ZC 15 51.84 -16.87 23.96
C ASN ZC 15 51.84 -18.38 23.98
N ILE ZC 16 51.23 -18.94 25.01
CA ILE ZC 16 51.15 -20.38 25.17
C ILE ZC 16 50.05 -20.92 24.27
N SER ZC 17 50.23 -22.15 23.80
CA SER ZC 17 49.31 -22.74 22.83
C SER ZC 17 48.43 -23.83 23.43
N ASP ZC 18 48.78 -24.38 24.59
CA ASP ZC 18 48.02 -25.46 25.20
C ASP ZC 18 47.92 -25.21 26.68
N THR ZC 19 47.14 -26.05 27.36
CA THR ZC 19 47.09 -26.05 28.82
C THR ZC 19 47.67 -27.34 29.38
N SER ZC 20 48.68 -27.89 28.70
CA SER ZC 20 49.42 -29.01 29.26
C SER ZC 20 50.33 -28.51 30.37
N THR ZC 21 51.16 -29.40 30.90
CA THR ZC 21 52.06 -29.03 31.98
C THR ZC 21 53.02 -27.95 31.52
N TYR ZC 22 52.97 -26.79 32.18
CA TYR ZC 22 53.86 -25.68 31.85
C TYR ZC 22 54.44 -25.09 33.12
N ASN ZC 23 55.47 -24.28 32.94
CA ASN ZC 23 56.19 -23.63 34.03
C ASN ZC 23 56.61 -22.25 33.58
N ILE ZC 24 56.35 -21.24 34.41
CA ILE ZC 24 56.68 -19.86 34.08
C ILE ZC 24 57.57 -19.30 35.17
N ASP ZC 25 58.78 -18.89 34.80
CA ASP ZC 25 59.76 -18.36 35.72
C ASP ZC 25 59.65 -16.85 35.73
N GLY ZC 26 58.93 -16.30 36.72
CA GLY ZC 26 58.61 -14.91 36.75
C GLY ZC 26 59.53 -14.01 37.54
N ALA ZC 27 60.58 -14.55 38.16
CA ALA ZC 27 61.53 -13.75 38.91
C ALA ZC 27 62.80 -13.55 38.08
N CYS ZC 28 62.70 -12.65 37.09
CA CYS ZC 28 63.81 -12.35 36.20
C CYS ZC 28 63.80 -10.88 35.83
N VAL ZC 29 64.94 -10.41 35.32
CA VAL ZC 29 65.09 -9.05 34.80
C VAL ZC 29 65.85 -9.11 33.49
N ALA ZC 30 65.65 -8.08 32.68
CA ALA ZC 30 66.16 -8.06 31.31
C ALA ZC 30 67.33 -7.10 31.17
N GLN ZC 31 68.35 -7.50 30.41
CA GLN ZC 31 69.41 -6.61 29.96
C GLN ZC 31 69.29 -6.45 28.45
N GLY ZC 32 69.18 -5.21 27.99
CA GLY ZC 32 68.83 -4.96 26.61
C GLY ZC 32 67.33 -5.04 26.41
N ASP ZC 33 66.94 -5.18 25.15
CA ASP ZC 33 65.54 -5.28 24.76
C ASP ZC 33 65.26 -6.68 24.21
N ILE ZC 34 64.09 -7.21 24.57
CA ILE ZC 34 63.67 -8.54 24.13
C ILE ZC 34 62.29 -8.44 23.49
N GLY ZC 35 62.09 -9.24 22.46
CA GLY ZC 35 60.80 -9.28 21.76
C GLY ZC 35 60.05 -10.54 22.13
N PHE ZC 36 58.73 -10.42 22.21
CA PHE ZC 36 57.89 -11.57 22.54
C PHE ZC 36 58.11 -12.69 21.54
N GLY ZC 37 58.29 -13.91 22.05
CA GLY ZC 37 58.48 -15.06 21.20
C GLY ZC 37 59.91 -15.34 20.80
N SER ZC 38 60.89 -14.88 21.58
CA SER ZC 38 62.29 -15.12 21.29
C SER ZC 38 62.94 -15.87 22.44
N ALA ZC 39 63.98 -16.63 22.11
CA ALA ZC 39 64.71 -17.37 23.13
C ALA ZC 39 65.63 -16.44 23.91
N VAL ZC 40 65.84 -16.77 25.18
CA VAL ZC 40 66.66 -15.96 26.07
C VAL ZC 40 67.68 -16.86 26.76
N GLN ZC 41 68.72 -16.23 27.30
CA GLN ZC 41 69.78 -16.93 27.99
C GLN ZC 41 70.06 -16.26 29.32
N VAL ZC 42 70.62 -17.01 30.27
CA VAL ZC 42 70.86 -16.52 31.62
C VAL ZC 42 72.32 -16.10 31.70
N VAL ZC 43 72.56 -14.82 31.96
CA VAL ZC 43 73.92 -14.30 31.98
C VAL ZC 43 74.46 -14.24 33.42
N GLY ZC 44 73.58 -14.18 34.40
CA GLY ZC 44 74.02 -14.12 35.79
C GLY ZC 44 72.86 -14.23 36.74
N ILE ZC 45 73.20 -14.35 38.03
CA ILE ZC 45 72.22 -14.48 39.09
C ILE ZC 45 72.60 -13.51 40.21
N VAL ZC 46 71.64 -12.68 40.63
CA VAL ZC 46 71.83 -11.78 41.76
C VAL ZC 46 70.65 -11.94 42.71
N ASP ZC 47 70.94 -12.38 43.94
CA ASP ZC 47 69.96 -12.43 45.03
C ASP ZC 47 68.73 -13.26 44.68
N GLY ZC 48 68.95 -14.39 44.01
CA GLY ZC 48 67.87 -15.25 43.61
C GLY ZC 48 67.13 -14.81 42.37
N VAL ZC 49 67.64 -13.80 41.67
CA VAL ZC 49 67.02 -13.28 40.45
C VAL ZC 49 67.94 -13.63 39.28
N LYS ZC 50 67.36 -14.04 38.17
CA LYS ZC 50 68.10 -14.39 36.97
C LYS ZC 50 68.09 -13.22 36.00
N VAL ZC 51 69.25 -12.84 35.51
CA VAL ZC 51 69.37 -11.77 34.52
C VAL ZC 51 69.46 -12.39 33.14
N VAL ZC 52 68.54 -12.02 32.26
CA VAL ZC 52 68.42 -12.66 30.95
C VAL ZC 52 68.70 -11.65 29.86
N ALA ZC 53 69.14 -12.14 28.70
CA ALA ZC 53 69.37 -11.33 27.53
C ALA ZC 53 68.97 -12.13 26.31
N ALA ZC 54 68.87 -11.45 25.17
CA ALA ZC 54 68.54 -12.14 23.92
C ALA ZC 54 69.68 -13.06 23.52
N LEU ZC 55 69.34 -14.11 22.79
CA LEU ZC 55 70.27 -15.18 22.53
C LEU ZC 55 71.40 -14.71 21.60
N PRO ZC 56 72.66 -14.85 22.00
CA PRO ZC 56 73.77 -14.58 21.09
C PRO ZC 56 74.21 -15.83 20.36
N ASP ZC 57 75.28 -15.73 19.56
CA ASP ZC 57 75.88 -16.92 18.99
C ASP ZC 57 76.74 -17.62 20.03
N GLY ZC 58 76.55 -18.93 20.17
CA GLY ZC 58 77.31 -19.73 21.11
C GLY ZC 58 76.65 -19.94 22.45
N GLY ZC 59 75.46 -19.38 22.68
CA GLY ZC 59 74.80 -19.55 23.95
C GLY ZC 59 73.90 -20.77 23.98
N THR ZC 60 73.41 -21.08 25.18
CA THR ZC 60 72.45 -22.16 25.36
C THR ZC 60 71.11 -21.56 25.75
N PRO ZC 61 70.06 -21.74 24.95
CA PRO ZC 61 68.78 -21.12 25.28
C PRO ZC 61 68.21 -21.69 26.57
N TYR ZC 62 67.52 -20.84 27.32
CA TYR ZC 62 66.93 -21.24 28.57
C TYR ZC 62 65.40 -21.25 28.57
N GLY ZC 63 64.79 -20.34 27.82
CA GLY ZC 63 63.33 -20.25 27.79
C GLY ZC 63 62.93 -19.31 26.69
N ILE ZC 64 61.65 -18.97 26.67
CA ILE ZC 64 61.06 -18.13 25.63
C ILE ZC 64 60.23 -17.04 26.29
N ALA ZC 65 60.44 -15.80 25.86
CA ALA ZC 65 59.71 -14.68 26.43
C ALA ZC 65 58.21 -14.85 26.22
N PHE ZC 66 57.44 -14.41 27.20
CA PHE ZC 66 56.02 -14.72 27.28
C PHE ZC 66 55.22 -13.42 27.27
N ARG ZC 67 54.07 -13.45 26.60
CA ARG ZC 67 53.31 -12.24 26.37
C ARG ZC 67 52.41 -11.92 27.56
N SER ZC 68 52.47 -10.67 28.03
CA SER ZC 68 51.62 -10.22 29.13
C SER ZC 68 51.18 -8.80 28.84
N GLN ZC 69 49.94 -8.49 29.21
CA GLN ZC 69 49.33 -7.22 28.87
C GLN ZC 69 49.32 -6.24 30.03
N TYR ZC 70 49.98 -6.53 31.13
CA TYR ZC 70 50.18 -5.60 32.22
C TYR ZC 70 51.65 -5.26 32.43
N GLU ZC 71 52.52 -6.25 32.33
CA GLU ZC 71 53.93 -6.03 32.61
C GLU ZC 71 54.60 -5.23 31.51
N HIS ZC 72 54.17 -5.42 30.26
CA HIS ZC 72 54.82 -4.83 29.10
C HIS ZC 72 53.79 -4.02 28.33
N LEU ZC 73 53.68 -2.73 28.68
CA LEU ZC 73 52.69 -1.88 28.03
C LEU ZC 73 53.20 -1.32 26.71
N SER ZC 74 54.51 -1.43 26.45
CA SER ZC 74 55.05 -0.85 25.23
C SER ZC 74 54.74 -1.70 24.00
N GLY ZC 75 55.00 -3.00 24.09
CA GLY ZC 75 54.84 -3.90 22.96
C GLY ZC 75 55.96 -4.93 22.95
N LYS ZC 76 57.00 -4.65 23.74
CA LYS ZC 76 58.13 -5.55 23.89
C LYS ZC 76 58.67 -5.39 25.30
N ILE ZC 77 59.66 -6.21 25.65
CA ILE ZC 77 60.25 -6.13 26.97
C ILE ZC 77 61.44 -5.19 26.95
N LEU ZC 78 61.48 -4.27 27.90
CA LEU ZC 78 62.46 -3.20 27.95
C LEU ZC 78 63.51 -3.49 29.01
N ASP ZC 79 64.67 -2.84 28.86
CA ASP ZC 79 65.74 -2.99 29.82
C ASP ZC 79 65.27 -2.59 31.22
N GLY ZC 80 65.72 -3.34 32.22
CA GLY ZC 80 65.37 -3.05 33.58
C GLY ZC 80 63.95 -3.38 33.96
N GLU ZC 81 63.31 -4.29 33.25
CA GLU ZC 81 61.92 -4.67 33.52
C GLU ZC 81 61.87 -6.11 34.00
N VAL ZC 82 60.91 -6.39 34.88
CA VAL ZC 82 60.65 -7.76 35.28
C VAL ZC 82 60.01 -8.50 34.12
N CYS ZC 83 60.42 -9.76 33.92
CA CYS ZC 83 60.13 -10.47 32.69
C CYS ZC 83 59.59 -11.86 32.99
N ASN ZC 84 58.66 -12.32 32.16
CA ASN ZC 84 58.12 -13.66 32.22
C ASN ZC 84 58.83 -14.55 31.21
N VAL ZC 85 59.24 -15.73 31.63
CA VAL ZC 85 59.98 -16.66 30.77
C VAL ZC 85 59.38 -18.05 30.95
N VAL ZC 86 59.06 -18.70 29.83
CA VAL ZC 86 58.48 -20.03 29.85
C VAL ZC 86 59.59 -21.06 29.74
N SER ZC 87 59.69 -21.94 30.75
CA SER ZC 87 60.75 -22.93 30.81
C SER ZC 87 60.29 -24.34 30.49
N HIS ZC 88 58.99 -24.57 30.36
CA HIS ZC 88 58.45 -25.90 30.15
C HIS ZC 88 57.03 -25.78 29.62
N GLY ZC 89 56.79 -26.33 28.43
CA GLY ZC 89 55.46 -26.25 27.84
C GLY ZC 89 55.48 -25.98 26.35
N ARG ZC 90 54.32 -25.80 25.74
CA ARG ZC 90 54.22 -25.56 24.31
C ARG ZC 90 53.96 -24.08 24.07
N VAL ZC 91 54.69 -23.48 23.13
CA VAL ZC 91 54.68 -22.03 22.96
C VAL ZC 91 54.94 -21.67 21.50
N TRP ZC 92 54.33 -20.57 21.05
CA TRP ZC 92 54.48 -20.10 19.68
C TRP ZC 92 55.71 -19.22 19.55
N THR ZC 93 56.58 -19.56 18.60
CA THR ZC 93 57.87 -18.90 18.44
C THR ZC 93 57.96 -18.30 17.04
N LEU ZC 94 58.69 -17.19 16.96
CA LEU ZC 94 59.06 -16.60 15.69
C LEU ZC 94 60.06 -17.48 14.97
N THR ZC 95 60.01 -17.47 13.65
CA THR ZC 95 60.88 -18.32 12.85
C THR ZC 95 61.25 -17.62 11.56
N SER ZC 96 62.35 -18.05 10.97
CA SER ZC 96 62.76 -17.62 9.64
C SER ZC 96 62.64 -18.72 8.62
N LEU ZC 97 62.12 -19.89 9.00
CA LEU ZC 97 62.01 -21.00 8.09
C LEU ZC 97 60.94 -20.74 7.03
N GLY ZC 98 60.95 -21.56 5.99
CA GLY ZC 98 60.00 -21.41 4.91
C GLY ZC 98 58.95 -22.49 4.89
N GLU ZC 99 59.33 -23.72 5.25
CA GLU ZC 99 58.42 -24.85 5.24
C GLU ZC 99 58.51 -25.59 6.56
N ALA ZC 100 57.44 -26.29 6.91
CA ALA ZC 100 57.38 -26.97 8.20
C ALA ZC 100 58.36 -28.14 8.22
N PRO ZC 101 59.07 -28.35 9.32
CA PRO ZC 101 59.97 -29.49 9.43
C PRO ZC 101 59.20 -30.75 9.80
N SER ZC 102 59.93 -31.87 9.82
CA SER ZC 102 59.32 -33.14 10.20
C SER ZC 102 58.83 -33.09 11.64
N LEU ZC 103 57.71 -33.76 11.88
CA LEU ZC 103 57.14 -33.79 13.21
C LEU ZC 103 58.11 -34.42 14.20
N PHE ZC 104 58.23 -33.81 15.38
CA PHE ZC 104 59.04 -34.32 16.47
C PHE ZC 104 60.53 -34.31 16.14
N SER ZC 105 60.97 -33.38 15.30
CA SER ZC 105 62.38 -33.23 15.01
C SER ZC 105 63.01 -32.30 16.06
N LYS ZC 106 64.29 -32.01 15.90
CA LYS ZC 106 65.04 -31.21 16.85
C LYS ZC 106 65.33 -29.84 16.25
N LEU ZC 107 64.91 -28.78 16.94
CA LEU ZC 107 65.03 -27.44 16.41
C LEU ZC 107 66.39 -26.84 16.70
N GLN ZC 108 66.77 -25.85 15.90
CA GLN ZC 108 68.02 -25.12 16.05
C GLN ZC 108 67.76 -23.63 15.96
N PHE ZC 109 68.37 -22.87 16.86
CA PHE ZC 109 68.09 -21.45 17.04
C PHE ZC 109 69.21 -20.62 16.45
N GLY ZC 110 68.87 -19.73 15.51
CA GLY ZC 110 69.80 -18.75 15.01
C GLY ZC 110 69.97 -17.59 15.95
N SER ZC 111 70.65 -16.56 15.47
CA SER ZC 111 70.91 -15.40 16.31
C SER ZC 111 69.63 -14.58 16.53
N GLY ZC 112 69.53 -13.99 17.70
CA GLY ZC 112 68.34 -13.25 18.08
C GLY ZC 112 67.21 -14.10 18.64
N GLY ZC 113 67.42 -15.40 18.77
CA GLY ZC 113 66.40 -16.27 19.30
C GLY ZC 113 65.28 -16.57 18.31
N VAL ZC 114 65.63 -16.92 17.09
CA VAL ZC 114 64.66 -17.32 16.09
C VAL ZC 114 64.98 -18.75 15.66
N VAL ZC 115 63.96 -19.49 15.28
CA VAL ZC 115 64.12 -20.87 14.85
C VAL ZC 115 64.53 -20.86 13.38
N THR ZC 116 65.65 -21.51 13.08
CA THR ZC 116 66.13 -21.62 11.72
C THR ZC 116 66.54 -23.02 11.31
N GLY ZC 117 66.66 -23.95 12.25
CA GLY ZC 117 67.09 -25.30 11.93
C GLY ZC 117 66.10 -26.34 12.42
N GLY ZC 118 66.11 -27.49 11.75
CA GLY ZC 118 65.28 -28.60 12.15
C GLY ZC 118 66.06 -29.89 12.16
N SER ZC 119 67.39 -29.79 12.32
CA SER ZC 119 68.28 -30.95 12.29
C SER ZC 119 69.24 -30.97 13.47
N GLY ZC 120 68.82 -30.48 14.63
CA GLY ZC 120 69.70 -30.46 15.78
C GLY ZC 120 69.95 -31.84 16.35
N SER ZC 121 70.93 -31.90 17.26
CA SER ZC 121 71.27 -33.17 17.89
C SER ZC 121 70.38 -33.42 19.11
N ALA ZC 122 70.21 -32.42 19.96
CA ALA ZC 122 69.38 -32.55 21.15
C ALA ZC 122 68.84 -31.18 21.53
N GLY ZC 123 67.71 -31.17 22.21
CA GLY ZC 123 67.12 -29.93 22.66
C GLY ZC 123 65.61 -29.90 22.66
N TRP ZC 124 65.04 -28.82 22.15
CA TRP ZC 124 63.60 -28.69 22.04
C TRP ZC 124 63.12 -29.30 20.73
N THR ZC 125 61.83 -29.64 20.69
CA THR ZC 125 61.30 -30.37 19.54
C THR ZC 125 60.09 -29.65 18.96
N PHE ZC 126 59.87 -29.92 17.67
CA PHE ZC 126 58.73 -29.37 16.96
C PHE ZC 126 57.45 -30.09 17.37
N ALA ZC 127 56.38 -29.32 17.58
CA ALA ZC 127 55.16 -29.86 18.15
C ALA ZC 127 54.02 -29.99 17.15
N GLY ZC 128 54.22 -29.55 15.90
CA GLY ZC 128 53.23 -29.77 14.86
C GLY ZC 128 52.42 -28.57 14.45
N GLY ZC 129 52.68 -27.39 14.99
CA GLY ZC 129 51.95 -26.21 14.60
C GLY ZC 129 52.78 -25.28 13.74
N PHE ZC 130 52.20 -24.82 12.63
CA PHE ZC 130 52.91 -23.99 11.67
C PHE ZC 130 51.91 -23.08 10.98
N VAL ZC 131 51.90 -21.79 11.36
CA VAL ZC 131 51.00 -20.83 10.76
C VAL ZC 131 51.80 -19.64 10.27
N LYS ZC 132 51.08 -18.66 9.73
CA LYS ZC 132 51.73 -17.50 9.13
C LYS ZC 132 51.49 -16.17 9.82
N HIS ZC 133 52.56 -15.44 10.09
CA HIS ZC 133 52.46 -14.12 10.68
C HIS ZC 133 53.22 -13.05 9.96
N GLU ZC 134 52.56 -12.00 9.50
CA GLU ZC 134 53.25 -10.84 8.95
C GLU ZC 134 54.27 -11.09 7.90
N ASP ZC 135 53.94 -11.84 6.87
CA ASP ZC 135 54.93 -12.20 5.88
C ASP ZC 135 56.11 -12.90 6.55
N GLY ZC 136 55.83 -13.76 7.51
CA GLY ZC 136 56.84 -14.49 8.24
C GLY ZC 136 56.02 -15.63 8.84
N TYR ZC 137 56.64 -16.59 9.48
CA TYR ZC 137 55.83 -17.62 10.02
C TYR ZC 137 55.95 -17.76 11.52
N ILE ZC 138 55.05 -18.51 12.14
CA ILE ZC 138 55.08 -18.85 13.56
C ILE ZC 138 55.06 -20.37 13.66
N ILE ZC 139 55.89 -20.91 14.54
CA ILE ZC 139 55.90 -22.34 14.77
C ILE ZC 139 55.56 -22.61 16.23
N GLU ZC 140 55.33 -23.88 16.55
CA GLU ZC 140 54.97 -24.30 17.89
C GLU ZC 140 56.06 -25.21 18.43
N VAL ZC 141 56.67 -24.81 19.54
CA VAL ZC 141 57.81 -25.52 20.11
C VAL ZC 141 57.40 -26.11 21.45
N GLN ZC 142 58.00 -27.25 21.79
CA GLN ZC 142 57.81 -27.92 23.07
C GLN ZC 142 59.10 -27.78 23.88
N VAL ZC 143 59.06 -26.93 24.89
CA VAL ZC 143 60.20 -26.64 25.75
C VAL ZC 143 60.21 -27.59 26.93
N LYS ZC 144 61.35 -28.17 27.26
CA LYS ZC 144 61.49 -29.06 28.41
C LYS ZC 144 62.56 -28.51 29.33
N GLN ZC 145 62.50 -28.77 30.62
CA GLN ZC 145 63.43 -28.13 31.54
C GLN ZC 145 64.92 -28.42 31.48
N ASN ZC 146 65.33 -29.67 31.36
CA ASN ZC 146 66.78 -29.96 31.40
C ASN ZC 146 67.34 -30.35 30.05
N ALA ZC 147 66.65 -30.01 28.98
CA ALA ZC 147 67.07 -30.41 27.64
C ALA ZC 147 68.39 -29.88 27.15
N PHE ZC 148 68.68 -28.61 27.39
CA PHE ZC 148 69.91 -28.01 26.92
C PHE ZC 148 70.79 -27.82 28.14
N ILE ZC 149 72.00 -28.33 28.13
CA ILE ZC 149 72.87 -28.27 29.30
C ILE ZC 149 74.07 -27.38 29.04
N ALA ZC 150 74.35 -26.44 29.93
CA ALA ZC 150 75.43 -25.49 29.70
C ALA ZC 150 76.78 -26.16 29.62
N PRO ZC 151 77.57 -25.78 28.60
CA PRO ZC 151 78.84 -26.47 28.42
C PRO ZC 151 79.75 -26.12 29.57
N PRO ZC 152 80.55 -27.08 30.01
CA PRO ZC 152 81.49 -26.83 31.09
C PRO ZC 152 82.46 -25.73 30.74
N TYR AD 3 47.64 33.53 19.63
CA TYR AD 3 47.83 34.94 19.37
C TYR AD 3 47.82 35.12 17.89
N GLU AD 4 46.65 35.04 17.26
CA GLU AD 4 46.60 35.08 15.81
C GLU AD 4 45.60 36.03 15.20
N ASN AD 5 45.78 36.34 13.93
CA ASN AD 5 44.91 37.28 13.25
C ASN AD 5 43.86 36.58 12.43
N LEU AD 6 42.59 36.93 12.64
CA LEU AD 6 41.49 36.32 11.90
C LEU AD 6 41.40 36.76 10.43
N PHE AD 7 40.84 35.92 9.55
CA PHE AD 7 40.65 36.28 8.14
C PHE AD 7 39.25 36.82 7.95
N LEU AD 8 39.04 37.63 6.91
CA LEU AD 8 37.73 38.23 6.63
C LEU AD 8 37.12 37.59 5.41
N ARG AD 9 35.87 37.15 5.51
CA ARG AD 9 35.28 36.37 4.41
C ARG AD 9 34.98 36.84 2.99
N PRO AD 10 34.32 37.99 2.80
CA PRO AD 10 34.03 38.31 1.40
C PRO AD 10 35.27 38.73 0.66
N ALA AD 11 35.42 38.34 -0.60
CA ALA AD 11 36.67 38.63 -1.30
C ALA AD 11 36.42 39.53 -2.48
N CYS AD 12 35.54 40.48 -2.30
CA CYS AD 12 35.17 41.37 -3.42
C CYS AD 12 36.11 42.55 -3.62
N PRO AD 13 36.17 43.09 -4.84
CA PRO AD 13 37.13 44.19 -5.01
C PRO AD 13 36.72 45.39 -4.23
N GLY AD 14 37.69 46.11 -3.70
CA GLY AD 14 37.37 47.26 -2.91
C GLY AD 14 37.18 47.00 -1.46
N ASN AD 15 37.22 45.76 -1.01
CA ASN AD 15 37.15 45.58 0.41
C ASN AD 15 38.42 45.09 1.04
N ILE AD 16 38.44 45.11 2.36
CA ILE AD 16 39.61 44.68 3.12
C ILE AD 16 39.63 43.16 3.19
N SER AD 17 40.82 42.58 3.24
CA SER AD 17 40.98 41.14 3.20
C SER AD 17 41.37 40.53 4.53
N ASP AD 18 41.86 41.32 5.47
CA ASP AD 18 42.30 40.79 6.76
C ASP AD 18 41.84 41.74 7.85
N THR AD 19 42.07 41.34 9.09
CA THR AD 19 41.86 42.19 10.25
C THR AD 19 43.18 42.53 10.93
N SER AD 20 44.24 42.64 10.14
CA SER AD 20 45.50 43.14 10.68
C SER AD 20 45.40 44.64 10.89
N THR AD 21 46.52 45.26 11.26
CA THR AD 21 46.52 46.70 11.50
C THR AD 21 46.16 47.45 10.23
N TYR AD 22 45.07 48.22 10.28
CA TYR AD 22 44.62 48.99 9.14
C TYR AD 22 44.26 50.40 9.59
N ASN AD 23 44.13 51.29 8.62
CA ASN AD 23 43.80 52.69 8.85
C ASN AD 23 42.90 53.17 7.72
N ILE AD 24 41.81 53.84 8.06
CA ILE AD 24 40.84 54.32 7.08
C ILE AD 24 40.68 55.82 7.27
N ASP AD 25 41.01 56.58 6.22
CA ASP AD 25 40.95 58.04 6.23
C ASP AD 25 39.59 58.45 5.67
N GLY AD 26 38.64 58.74 6.56
CA GLY AD 26 37.28 59.00 6.15
C GLY AD 26 36.90 60.45 5.95
N ALA AD 27 37.82 61.39 6.14
CA ALA AD 27 37.53 62.80 5.92
C ALA AD 27 38.12 63.25 4.58
N CYS AD 28 37.44 62.86 3.51
CA CYS AD 28 37.87 63.19 2.15
C CYS AD 28 36.66 63.44 1.27
N VAL AD 29 36.91 64.08 0.13
CA VAL AD 29 35.90 64.32 -0.90
C VAL AD 29 36.51 64.02 -2.26
N ALA AD 30 35.65 63.71 -3.22
CA ALA AD 30 36.07 63.22 -4.53
C ALA AD 30 35.87 64.28 -5.60
N GLN AD 31 36.83 64.39 -6.51
CA GLN AD 31 36.69 65.16 -7.74
C GLN AD 31 36.69 64.20 -8.92
N GLY AD 32 35.63 64.24 -9.73
CA GLY AD 32 35.42 63.21 -10.72
C GLY AD 32 34.75 61.99 -10.12
N ASP AD 33 34.84 60.88 -10.84
CA ASP AD 33 34.26 59.62 -10.42
C ASP AD 33 35.36 58.61 -10.12
N ILE AD 34 35.17 57.83 -9.07
CA ILE AD 34 36.14 56.83 -8.65
C ILE AD 34 35.43 55.48 -8.52
N GLY AD 35 36.13 54.43 -8.87
CA GLY AD 35 35.61 53.07 -8.77
C GLY AD 35 36.24 52.35 -7.60
N PHE AD 36 35.44 51.51 -6.94
CA PHE AD 36 35.95 50.74 -5.81
C PHE AD 36 37.14 49.90 -6.23
N GLY AD 37 38.20 49.94 -5.43
CA GLY AD 37 39.38 49.16 -5.70
C GLY AD 37 40.41 49.83 -6.57
N SER AD 38 40.42 51.15 -6.64
CA SER AD 38 41.38 51.88 -7.46
C SER AD 38 42.20 52.80 -6.57
N ALA AD 39 43.41 53.10 -7.01
CA ALA AD 39 44.29 54.00 -6.28
C ALA AD 39 43.87 55.44 -6.51
N VAL AD 40 44.09 56.28 -5.50
CA VAL AD 40 43.71 57.68 -5.54
C VAL AD 40 44.90 58.54 -5.13
N GLN AD 41 44.83 59.81 -5.48
CA GLN AD 41 45.89 60.77 -5.18
C GLN AD 41 45.28 62.02 -4.57
N VAL AD 42 46.10 62.75 -3.80
CA VAL AD 42 45.62 63.93 -3.08
C VAL AD 42 46.01 65.16 -3.89
N VAL AD 43 45.00 65.91 -4.34
CA VAL AD 43 45.26 67.05 -5.20
C VAL AD 43 45.29 68.35 -4.38
N GLY AD 44 44.66 68.37 -3.22
CA GLY AD 44 44.66 69.56 -2.39
C GLY AD 44 44.04 69.29 -1.05
N ILE AD 45 44.14 70.30 -0.17
CA ILE AD 45 43.61 70.23 1.19
C ILE AD 45 42.84 71.51 1.46
N VAL AD 46 41.59 71.38 1.90
CA VAL AD 46 40.77 72.52 2.31
C VAL AD 46 40.18 72.22 3.69
N ASP AD 47 40.54 73.05 4.67
CA ASP AD 47 39.94 73.02 6.01
C ASP AD 47 40.07 71.65 6.67
N GLY AD 48 41.22 71.02 6.51
CA GLY AD 48 41.44 69.72 7.09
C GLY AD 48 40.85 68.57 6.31
N VAL AD 49 40.35 68.82 5.10
CA VAL AD 49 39.75 67.81 4.25
C VAL AD 49 40.67 67.61 3.05
N LYS AD 50 40.86 66.36 2.65
CA LYS AD 50 41.70 66.03 1.51
C LYS AD 50 40.81 65.80 0.29
N VAL AD 51 41.17 66.43 -0.82
CA VAL AD 51 40.45 66.27 -2.08
C VAL AD 51 41.21 65.26 -2.93
N VAL AD 52 40.54 64.18 -3.31
CA VAL AD 52 41.19 63.07 -4.00
C VAL AD 52 40.59 62.92 -5.39
N ALA AD 53 41.40 62.36 -6.29
CA ALA AD 53 40.98 62.05 -7.65
C ALA AD 53 41.62 60.73 -8.07
N ALA AD 54 41.14 60.18 -9.17
CA ALA AD 54 41.71 58.95 -9.68
C ALA AD 54 43.14 59.19 -10.17
N LEU AD 55 43.94 58.14 -10.14
CA LEU AD 55 45.37 58.29 -10.35
C LEU AD 55 45.67 58.65 -11.81
N PRO AD 56 46.38 59.75 -12.06
CA PRO AD 56 46.84 60.06 -13.40
C PRO AD 56 48.22 59.50 -13.67
N ASP AD 57 48.79 59.79 -14.84
CA ASP AD 57 50.19 59.47 -15.07
C ASP AD 57 51.09 60.50 -14.41
N GLY AD 58 52.08 60.01 -13.66
CA GLY AD 58 53.02 60.87 -12.98
C GLY AD 58 52.69 61.17 -11.53
N GLY AD 59 51.57 60.66 -11.02
CA GLY AD 59 51.21 60.92 -9.65
C GLY AD 59 51.78 59.90 -8.68
N THR AD 60 51.63 60.19 -7.40
CA THR AD 60 52.03 59.27 -6.34
C THR AD 60 50.78 58.76 -5.64
N PRO AD 61 50.51 57.47 -5.68
CA PRO AD 61 49.28 56.97 -5.05
C PRO AD 61 49.31 57.19 -3.55
N TYR AD 62 48.13 57.44 -2.99
CA TYR AD 62 48.00 57.68 -1.56
C TYR AD 62 47.22 56.59 -0.83
N GLY AD 63 46.24 56.00 -1.47
CA GLY AD 63 45.42 54.98 -0.84
C GLY AD 63 44.56 54.31 -1.87
N ILE AD 64 43.61 53.50 -1.40
CA ILE AD 64 42.74 52.73 -2.27
C ILE AD 64 41.31 52.91 -1.81
N ALA AD 65 40.41 53.21 -2.75
CA ALA AD 65 39.01 53.42 -2.42
C ALA AD 65 38.41 52.17 -1.79
N PHE AD 66 37.51 52.38 -0.83
CA PHE AD 66 37.04 51.33 0.05
C PHE AD 66 35.52 51.18 -0.11
N ARG AD 67 35.04 49.95 -0.06
CA ARG AD 67 33.65 49.67 -0.36
C ARG AD 67 32.76 49.87 0.86
N SER AD 68 31.69 50.63 0.68
CA SER AD 68 30.72 50.87 1.74
C SER AD 68 29.32 50.85 1.16
N GLN AD 69 28.38 50.31 1.92
CA GLN AD 69 27.03 50.09 1.43
C GLN AD 69 26.03 51.12 1.91
N TYR AD 70 26.49 52.18 2.57
CA TYR AD 70 25.65 53.30 2.92
C TYR AD 70 26.09 54.58 2.24
N GLU AD 71 27.40 54.81 2.13
CA GLU AD 71 27.89 56.06 1.58
C GLU AD 71 27.71 56.11 0.07
N HIS AD 72 27.81 54.97 -0.59
CA HIS AD 72 27.80 54.90 -2.06
C HIS AD 72 26.68 53.96 -2.48
N LEU AD 73 25.49 54.52 -2.69
CA LEU AD 73 24.34 53.71 -3.06
C LEU AD 73 24.30 53.43 -4.55
N SER AD 74 25.10 54.15 -5.34
CA SER AD 74 25.05 53.98 -6.79
C SER AD 74 25.76 52.71 -7.23
N GLY AD 75 26.99 52.50 -6.75
CA GLY AD 75 27.82 51.40 -7.19
C GLY AD 75 29.26 51.83 -7.29
N LYS AD 76 29.46 53.15 -7.31
CA LYS AD 76 30.78 53.75 -7.37
C LYS AD 76 30.74 55.07 -6.62
N ILE AD 77 31.90 55.71 -6.49
CA ILE AD 77 31.97 56.98 -5.79
C ILE AD 77 31.78 58.12 -6.79
N LEU AD 78 30.90 59.05 -6.43
CA LEU AD 78 30.49 60.13 -7.32
C LEU AD 78 31.13 61.43 -6.89
N ASP AD 79 31.20 62.37 -7.84
CA ASP AD 79 31.75 63.69 -7.56
C ASP AD 79 31.00 64.36 -6.42
N GLY AD 80 31.73 65.05 -5.55
CA GLY AD 80 31.12 65.75 -4.45
C GLY AD 80 30.61 64.87 -3.34
N GLU AD 81 31.16 63.67 -3.20
CA GLU AD 81 30.74 62.73 -2.17
C GLU AD 81 31.86 62.52 -1.17
N VAL AD 82 31.49 62.29 0.09
CA VAL AD 82 32.47 61.90 1.09
C VAL AD 82 32.92 60.48 0.80
N CYS AD 83 34.22 60.22 0.97
CA CYS AD 83 34.84 59.02 0.45
C CYS AD 83 35.70 58.36 1.53
N ASN AD 84 35.71 57.03 1.52
CA ASN AD 84 36.58 56.24 2.40
C ASN AD 84 37.82 55.81 1.63
N VAL AD 85 38.99 55.97 2.25
CA VAL AD 85 40.26 55.66 1.62
C VAL AD 85 41.10 54.89 2.61
N VAL AD 86 41.64 53.75 2.18
CA VAL AD 86 42.47 52.90 3.02
C VAL AD 86 43.93 53.28 2.83
N SER AD 87 44.59 53.68 3.92
CA SER AD 87 45.96 54.15 3.86
C SER AD 87 46.97 53.15 4.41
N HIS AD 88 46.51 52.08 5.04
CA HIS AD 88 47.39 51.12 5.70
C HIS AD 88 46.63 49.82 5.92
N GLY AD 89 47.12 48.73 5.35
CA GLY AD 89 46.45 47.45 5.50
C GLY AD 89 46.42 46.63 4.24
N ARG AD 90 45.76 45.47 4.26
CA ARG AD 90 45.69 44.59 3.10
C ARG AD 90 44.32 44.75 2.44
N VAL AD 91 44.32 44.90 1.11
CA VAL AD 91 43.11 45.26 0.39
C VAL AD 91 43.12 44.64 -1.01
N TRP AD 92 41.94 44.31 -1.52
CA TRP AD 92 41.80 43.70 -2.84
C TRP AD 92 41.70 44.79 -3.90
N THR AD 93 42.56 44.70 -4.92
CA THR AD 93 42.68 45.72 -5.94
C THR AD 93 42.41 45.12 -7.31
N LEU AD 94 41.84 45.96 -8.18
CA LEU AD 94 41.69 45.61 -9.59
C LEU AD 94 43.05 45.58 -10.26
N THR AD 95 43.19 44.72 -11.26
CA THR AD 95 44.46 44.57 -11.94
C THR AD 95 44.23 44.24 -13.41
N SER AD 96 45.24 44.52 -14.23
CA SER AD 96 45.26 44.13 -15.62
C SER AD 96 46.27 43.03 -15.90
N LEU AD 97 46.93 42.52 -14.87
CA LEU AD 97 47.94 41.49 -15.06
C LEU AD 97 47.31 40.17 -15.45
N GLY AD 98 48.14 39.26 -15.94
CA GLY AD 98 47.67 37.95 -16.36
C GLY AD 98 48.06 36.83 -15.42
N GLU AD 99 49.23 36.93 -14.82
CA GLU AD 99 49.74 35.90 -13.92
C GLU AD 99 50.23 36.54 -12.64
N ALA AD 100 50.23 35.77 -11.56
CA ALA AD 100 50.61 36.30 -10.27
C ALA AD 100 52.10 36.63 -10.24
N PRO AD 101 52.49 37.75 -9.65
CA PRO AD 101 53.92 38.06 -9.53
C PRO AD 101 54.54 37.34 -8.35
N SER AD 102 55.86 37.50 -8.22
CA SER AD 102 56.57 36.89 -7.12
C SER AD 102 56.09 37.45 -5.79
N LEU AD 103 56.06 36.58 -4.77
CA LEU AD 103 55.61 37.00 -3.47
C LEU AD 103 56.52 38.09 -2.91
N PHE AD 104 55.91 39.11 -2.32
CA PHE AD 104 56.63 40.20 -1.66
C PHE AD 104 57.42 41.06 -2.64
N SER AD 105 56.97 41.14 -3.89
CA SER AD 105 57.60 42.02 -4.85
C SER AD 105 57.00 43.41 -4.74
N LYS AD 106 57.43 44.33 -5.61
CA LYS AD 106 57.01 45.72 -5.57
C LYS AD 106 56.08 46.00 -6.74
N LEU AD 107 54.89 46.49 -6.43
CA LEU AD 107 53.86 46.68 -7.46
C LEU AD 107 54.02 48.03 -8.14
N GLN AD 108 53.47 48.12 -9.35
CA GLN AD 108 53.48 49.35 -10.14
C GLN AD 108 52.10 49.60 -10.71
N PHE AD 109 51.65 50.85 -10.61
CA PHE AD 109 50.27 51.23 -10.93
C PHE AD 109 50.22 51.95 -12.27
N GLY AD 110 49.42 51.40 -13.19
CA GLY AD 110 49.14 52.07 -14.44
C GLY AD 110 48.11 53.17 -14.28
N SER AD 111 47.65 53.69 -15.40
CA SER AD 111 46.68 54.79 -15.36
C SER AD 111 45.32 54.28 -14.91
N GLY AD 112 44.60 55.15 -14.20
CA GLY AD 112 43.32 54.78 -13.63
C GLY AD 112 43.38 54.05 -12.32
N GLY AD 113 44.58 53.85 -11.76
CA GLY AD 113 44.72 53.16 -10.51
C GLY AD 113 44.53 51.67 -10.60
N VAL AD 114 45.17 51.03 -11.58
CA VAL AD 114 45.15 49.58 -11.70
C VAL AD 114 46.57 49.08 -11.60
N VAL AD 115 46.72 47.86 -11.09
CA VAL AD 115 48.03 47.25 -10.93
C VAL AD 115 48.43 46.63 -12.26
N THR AD 116 49.60 47.02 -12.77
CA THR AD 116 50.11 46.47 -14.01
C THR AD 116 51.57 46.05 -13.94
N GLY AD 117 52.29 46.40 -12.88
CA GLY AD 117 53.69 46.05 -12.79
C GLY AD 117 54.00 45.32 -11.50
N GLY AD 118 55.07 44.53 -11.55
CA GLY AD 118 55.53 43.81 -10.39
C GLY AD 118 57.04 43.95 -10.22
N SER AD 119 57.60 45.02 -10.78
CA SER AD 119 59.05 45.24 -10.75
C SER AD 119 59.41 46.65 -10.31
N GLY AD 120 58.62 47.24 -9.41
CA GLY AD 120 58.91 48.59 -8.97
C GLY AD 120 60.13 48.67 -8.08
N SER AD 121 60.58 49.90 -7.83
CA SER AD 121 61.74 50.12 -6.97
C SER AD 121 61.33 50.16 -5.51
N ALA AD 122 60.29 50.91 -5.18
CA ALA AD 122 59.81 51.02 -3.80
C ALA AD 122 58.33 51.34 -3.83
N GLY AD 123 57.66 50.96 -2.74
CA GLY AD 123 56.23 51.23 -2.63
C GLY AD 123 55.44 50.18 -1.91
N TRP AD 124 54.29 49.81 -2.47
CA TRP AD 124 53.46 48.77 -1.90
C TRP AD 124 53.90 47.42 -2.43
N THR AD 125 53.54 46.36 -1.70
CA THR AD 125 54.02 45.03 -2.01
C THR AD 125 52.88 44.05 -2.18
N PHE AD 126 53.15 43.00 -2.95
CA PHE AD 126 52.20 41.93 -3.18
C PHE AD 126 52.09 41.05 -1.95
N ALA AD 127 50.87 40.67 -1.58
CA ALA AD 127 50.61 39.99 -0.32
C ALA AD 127 50.28 38.51 -0.49
N GLY AD 128 50.16 38.02 -1.72
CA GLY AD 128 49.99 36.61 -1.95
C GLY AD 128 48.60 36.17 -2.37
N GLY AD 129 47.67 37.08 -2.57
CA GLY AD 129 46.34 36.71 -3.01
C GLY AD 129 46.09 37.07 -4.45
N PHE AD 130 45.54 36.13 -5.22
CA PHE AD 130 45.33 36.30 -6.64
C PHE AD 130 44.13 35.47 -7.07
N VAL AD 131 42.99 36.12 -7.29
CA VAL AD 131 41.78 35.43 -7.72
C VAL AD 131 41.26 36.10 -8.98
N LYS AD 132 40.12 35.58 -9.46
CA LYS AD 132 39.55 36.05 -10.71
C LYS AD 132 38.22 36.75 -10.61
N HIS AD 133 38.10 37.92 -11.22
CA HIS AD 133 36.85 38.64 -11.27
C HIS AD 133 36.45 39.10 -12.64
N GLU AD 134 35.26 38.69 -13.09
CA GLU AD 134 34.73 39.22 -14.33
C GLU AD 134 35.58 39.21 -15.54
N ASP AD 135 36.18 38.08 -15.85
CA ASP AD 135 37.13 38.04 -16.95
C ASP AD 135 38.24 39.06 -16.72
N GLY AD 136 38.70 39.17 -15.49
CA GLY AD 136 39.75 40.10 -15.12
C GLY AD 136 40.21 39.52 -13.80
N TYR AD 137 41.25 40.03 -13.20
CA TYR AD 137 41.65 39.46 -11.97
C TYR AD 137 41.63 40.43 -10.80
N ILE AD 138 41.73 39.94 -9.58
CA ILE AD 138 41.85 40.73 -8.37
C ILE AD 138 43.10 40.27 -7.66
N ILE AD 139 43.88 41.23 -7.15
CA ILE AD 139 45.07 40.90 -6.39
C ILE AD 139 44.93 41.48 -4.99
N GLU AD 140 45.85 41.09 -4.11
CA GLU AD 140 45.84 41.54 -2.73
C GLU AD 140 47.11 42.34 -2.46
N VAL AD 141 46.94 43.60 -2.07
CA VAL AD 141 48.05 44.52 -1.88
C VAL AD 141 48.16 44.88 -0.41
N GLN AD 142 49.39 45.13 0.02
CA GLN AD 142 49.70 45.58 1.38
C GLN AD 142 50.14 47.04 1.33
N VAL AD 143 49.27 47.93 1.78
CA VAL AD 143 49.49 49.36 1.76
C VAL AD 143 50.15 49.79 3.05
N LYS AD 144 51.19 50.61 2.98
CA LYS AD 144 51.87 51.13 4.17
C LYS AD 144 51.82 52.64 4.14
N GLN AD 145 51.84 53.32 5.27
CA GLN AD 145 51.66 54.76 5.26
C GLN AD 145 52.68 55.67 4.61
N ASN AD 146 53.97 55.49 4.84
CA ASN AD 146 54.95 56.44 4.28
C ASN AD 146 55.74 55.87 3.13
N ALA AD 147 55.25 54.82 2.50
CA ALA AD 147 55.97 54.15 1.44
C ALA AD 147 56.26 54.95 0.19
N PHE AD 148 55.31 55.72 -0.28
CA PHE AD 148 55.49 56.51 -1.49
C PHE AD 148 55.61 57.95 -1.06
N ILE AD 149 56.68 58.64 -1.44
CA ILE AD 149 56.92 60.00 -1.00
C ILE AD 149 56.82 60.98 -2.14
N ALA AD 150 56.05 62.05 -1.98
CA ALA AD 150 55.83 62.98 -3.08
C ALA AD 150 57.09 63.67 -3.52
N PRO AD 151 57.32 63.70 -4.84
CA PRO AD 151 58.57 64.28 -5.30
C PRO AD 151 58.60 65.74 -5.02
N PRO AD 152 59.77 66.26 -4.67
CA PRO AD 152 59.90 67.68 -4.39
C PRO AD 152 59.52 68.53 -5.59
N TYR BD 3 -7.18 57.03 -21.84
CA TYR BD 3 -8.24 57.47 -22.72
C TYR BD 3 -8.20 56.60 -23.93
N GLU BD 4 -8.64 55.37 -23.83
CA GLU BD 4 -8.51 54.45 -24.95
C GLU BD 4 -9.74 53.67 -25.33
N ASN BD 5 -9.75 53.12 -26.54
CA ASN BD 5 -10.90 52.39 -27.03
C ASN BD 5 -10.74 50.90 -26.87
N LEU BD 6 -11.72 50.24 -26.25
CA LEU BD 6 -11.66 48.80 -26.04
C LEU BD 6 -11.88 47.97 -27.32
N PHE BD 7 -11.35 46.75 -27.38
CA PHE BD 7 -11.56 45.87 -28.52
C PHE BD 7 -12.72 44.94 -28.24
N LEU BD 8 -13.32 44.38 -29.29
CA LEU BD 8 -14.48 43.48 -29.16
C LEU BD 8 -14.07 42.04 -29.41
N ARG BD 9 -14.58 41.10 -28.61
CA ARG BD 9 -14.13 39.71 -28.68
C ARG BD 9 -14.28 38.69 -29.81
N PRO BD 10 -15.46 38.58 -30.42
CA PRO BD 10 -15.54 37.51 -31.43
C PRO BD 10 -15.42 38.00 -32.85
N ALA BD 11 -14.48 37.45 -33.58
CA ALA BD 11 -14.25 37.89 -34.94
C ALA BD 11 -15.02 37.11 -35.96
N CYS BD 12 -16.34 37.18 -35.90
CA CYS BD 12 -17.13 36.52 -36.97
C CYS BD 12 -17.63 37.46 -38.06
N PRO BD 13 -17.90 36.94 -39.26
CA PRO BD 13 -18.30 37.88 -40.30
C PRO BD 13 -19.65 38.47 -39.98
N GLY BD 14 -19.83 39.72 -40.34
CA GLY BD 14 -21.07 40.37 -40.06
C GLY BD 14 -21.15 41.05 -38.73
N ASN BD 15 -20.13 40.94 -37.91
CA ASN BD 15 -20.20 41.70 -36.68
C ASN BD 15 -19.23 42.84 -36.59
N ILE BD 16 -19.41 43.68 -35.61
CA ILE BD 16 -18.54 44.83 -35.39
C ILE BD 16 -17.26 44.38 -34.72
N SER BD 17 -16.16 45.07 -35.01
CA SER BD 17 -14.85 44.67 -34.53
C SER BD 17 -14.31 45.57 -33.42
N ASP BD 18 -14.85 46.77 -33.25
CA ASP BD 18 -14.35 47.70 -32.25
C ASP BD 18 -15.53 48.37 -31.59
N THR BD 19 -15.25 49.16 -30.56
CA THR BD 19 -16.23 50.00 -29.92
C THR BD 19 -15.94 51.48 -30.16
N SER BD 20 -15.37 51.79 -31.32
CA SER BD 20 -15.22 53.18 -31.72
C SER BD 20 -16.57 53.74 -32.13
N THR BD 21 -16.58 54.97 -32.64
CA THR BD 21 -17.83 55.60 -33.04
C THR BD 21 -18.48 54.81 -34.16
N TYR BD 22 -19.69 54.32 -33.92
CA TYR BD 22 -20.43 53.56 -34.91
C TYR BD 22 -21.87 54.05 -34.96
N ASN BD 23 -22.57 53.65 -36.02
CA ASN BD 23 -23.95 54.03 -36.26
C ASN BD 23 -24.66 52.85 -36.91
N ILE BD 24 -25.84 52.51 -36.39
CA ILE BD 24 -26.61 51.37 -36.88
C ILE BD 24 -27.99 51.88 -37.29
N ASP BD 25 -28.32 51.71 -38.57
CA ASP BD 25 -29.59 52.17 -39.13
C ASP BD 25 -30.56 51.00 -39.09
N GLY BD 26 -31.41 50.97 -38.07
CA GLY BD 26 -32.28 49.83 -37.83
C GLY BD 26 -33.67 49.91 -38.40
N ALA BD 27 -34.03 51.00 -39.09
CA ALA BD 27 -35.34 51.13 -39.70
C ALA BD 27 -35.25 50.87 -41.20
N CYS BD 28 -35.12 49.59 -41.56
CA CYS BD 28 -34.99 49.17 -42.94
C CYS BD 28 -35.71 47.85 -43.15
N VAL BD 29 -35.98 47.54 -44.42
CA VAL BD 29 -36.55 46.26 -44.84
C VAL BD 29 -35.81 45.76 -46.05
N ALA BD 30 -35.86 44.45 -46.27
CA ALA BD 30 -35.05 43.79 -47.28
C ALA BD 30 -35.91 43.33 -48.45
N GLN BD 31 -35.39 43.49 -49.66
CA GLN BD 31 -35.95 42.87 -50.86
C GLN BD 31 -34.97 41.83 -51.36
N GLY BD 32 -35.44 40.59 -51.51
CA GLY BD 32 -34.55 39.49 -51.76
C GLY BD 32 -33.94 38.97 -50.47
N ASP BD 33 -32.86 38.22 -50.62
CA ASP BD 33 -32.15 37.65 -49.48
C ASP BD 33 -30.76 38.27 -49.37
N ILE BD 34 -30.34 38.53 -48.13
CA ILE BD 34 -29.04 39.14 -47.86
C ILE BD 34 -28.29 38.27 -46.86
N GLY BD 35 -26.99 38.19 -47.04
CA GLY BD 35 -26.12 37.43 -46.16
C GLY BD 35 -25.33 38.36 -45.25
N PHE BD 36 -25.12 37.92 -44.01
CA PHE BD 36 -24.37 38.73 -43.06
C PHE BD 36 -22.98 39.04 -43.60
N GLY BD 37 -22.58 40.30 -43.50
CA GLY BD 37 -21.29 40.72 -43.96
C GLY BD 37 -21.20 41.13 -45.40
N SER BD 38 -22.30 41.54 -46.02
CA SER BD 38 -22.32 41.96 -47.41
C SER BD 38 -22.81 43.40 -47.49
N ALA BD 39 -22.36 44.10 -48.54
CA ALA BD 39 -22.77 45.47 -48.76
C ALA BD 39 -24.19 45.51 -49.34
N VAL BD 40 -24.92 46.57 -49.00
CA VAL BD 40 -26.30 46.74 -49.43
C VAL BD 40 -26.46 48.12 -50.04
N GLN BD 41 -27.54 48.29 -50.80
CA GLN BD 41 -27.84 49.54 -51.46
C GLN BD 41 -29.30 49.91 -51.22
N VAL BD 42 -29.59 51.21 -51.31
CA VAL BD 42 -30.94 51.71 -51.01
C VAL BD 42 -31.67 51.89 -52.33
N VAL BD 43 -32.76 51.15 -52.51
CA VAL BD 43 -33.49 51.19 -53.78
C VAL BD 43 -34.68 52.14 -53.70
N GLY BD 44 -35.17 52.41 -52.49
CA GLY BD 44 -36.30 53.33 -52.35
C GLY BD 44 -36.58 53.63 -50.89
N ILE BD 45 -37.48 54.58 -50.69
CA ILE BD 45 -37.88 55.02 -49.35
C ILE BD 45 -39.40 55.07 -49.29
N VAL BD 46 -39.99 54.39 -48.31
CA VAL BD 46 -41.43 54.45 -48.06
C VAL BD 46 -41.67 54.78 -46.59
N ASP BD 47 -42.31 55.92 -46.35
CA ASP BD 47 -42.78 56.32 -45.01
C ASP BD 47 -41.64 56.35 -43.98
N GLY BD 48 -40.49 56.88 -44.40
CA GLY BD 48 -39.35 56.95 -43.52
C GLY BD 48 -38.58 55.66 -43.36
N VAL BD 49 -38.89 54.65 -44.17
CA VAL BD 49 -38.23 53.35 -44.13
C VAL BD 49 -37.42 53.20 -45.41
N LYS BD 50 -36.21 52.67 -45.30
CA LYS BD 50 -35.35 52.44 -46.44
C LYS BD 50 -35.44 51.00 -46.88
N VAL BD 51 -35.65 50.76 -48.17
CA VAL BD 51 -35.70 49.43 -48.74
C VAL BD 51 -34.35 49.10 -49.33
N VAL BD 52 -33.73 48.02 -48.87
CA VAL BD 52 -32.37 47.69 -49.25
C VAL BD 52 -32.35 46.36 -49.99
N ALA BD 53 -31.34 46.19 -50.83
CA ALA BD 53 -31.12 44.96 -51.56
C ALA BD 53 -29.62 44.72 -51.65
N ALA BD 54 -29.25 43.50 -52.04
CA ALA BD 54 -27.84 43.18 -52.21
C ALA BD 54 -27.25 43.98 -53.37
N LEU BD 55 -25.95 44.22 -53.29
CA LEU BD 55 -25.32 45.15 -54.21
C LEU BD 55 -25.28 44.58 -55.62
N PRO BD 56 -25.80 45.31 -56.61
CA PRO BD 56 -25.65 44.90 -58.01
C PRO BD 56 -24.43 45.53 -58.64
N ASP BD 57 -24.24 45.31 -59.94
CA ASP BD 57 -23.21 46.05 -60.66
C ASP BD 57 -23.71 47.45 -61.00
N GLY BD 58 -22.88 48.45 -60.70
CA GLY BD 58 -23.22 49.84 -60.97
C GLY BD 58 -23.84 50.59 -59.81
N GLY BD 59 -24.05 49.95 -58.67
CA GLY BD 59 -24.64 50.62 -57.53
C GLY BD 59 -23.61 51.29 -56.64
N THR BD 60 -24.11 52.07 -55.70
CA THR BD 60 -23.26 52.70 -54.69
C THR BD 60 -23.57 52.08 -53.35
N PRO BD 61 -22.61 51.42 -52.71
CA PRO BD 61 -22.90 50.77 -51.42
C PRO BD 61 -23.27 51.79 -50.36
N TYR BD 62 -24.17 51.38 -49.48
CA TYR BD 62 -24.63 52.25 -48.40
C TYR BD 62 -24.20 51.79 -47.02
N GLY BD 63 -24.11 50.49 -46.79
CA GLY BD 63 -23.76 49.96 -45.48
C GLY BD 63 -23.49 48.48 -45.60
N ILE BD 64 -23.36 47.83 -44.45
CA ILE BD 64 -23.03 46.41 -44.38
C ILE BD 64 -23.99 45.74 -43.42
N ALA BD 65 -24.58 44.62 -43.84
CA ALA BD 65 -25.52 43.90 -43.01
C ALA BD 65 -24.86 43.45 -41.71
N PHE BD 66 -25.62 43.47 -40.63
CA PHE BD 66 -25.09 43.32 -39.29
C PHE BD 66 -25.72 42.11 -38.63
N ARG BD 67 -24.93 41.38 -37.85
CA ARG BD 67 -25.36 40.11 -37.29
C ARG BD 67 -26.15 40.29 -36.01
N SER BD 68 -27.33 39.67 -35.94
CA SER BD 68 -28.17 39.72 -34.76
C SER BD 68 -28.79 38.35 -34.53
N GLN BD 69 -28.91 37.97 -33.26
CA GLN BD 69 -29.35 36.64 -32.91
C GLN BD 69 -30.82 36.57 -32.48
N TYR BD 70 -31.56 37.65 -32.64
CA TYR BD 70 -32.99 37.65 -32.42
C TYR BD 70 -33.76 37.96 -33.69
N GLU BD 71 -33.27 38.91 -34.48
CA GLU BD 71 -34.00 39.34 -35.67
C GLU BD 71 -33.94 38.29 -36.77
N HIS BD 72 -32.83 37.57 -36.86
CA HIS BD 72 -32.58 36.64 -37.96
C HIS BD 72 -32.29 35.27 -37.37
N LEU BD 73 -33.36 34.48 -37.19
CA LEU BD 73 -33.21 33.15 -36.59
C LEU BD 73 -32.80 32.11 -37.61
N SER BD 74 -32.89 32.43 -38.90
CA SER BD 74 -32.57 31.45 -39.93
C SER BD 74 -31.07 31.26 -40.09
N GLY BD 75 -30.33 32.36 -40.23
CA GLY BD 75 -28.91 32.32 -40.50
C GLY BD 75 -28.52 33.42 -41.46
N LYS BD 76 -29.54 33.99 -42.11
CA LYS BD 76 -29.35 35.09 -43.04
C LYS BD 76 -30.60 35.96 -42.98
N ILE BD 77 -30.55 37.09 -43.69
CA ILE BD 77 -31.69 37.99 -43.72
C ILE BD 77 -32.63 37.62 -44.86
N LEU BD 78 -33.92 37.53 -44.55
CA LEU BD 78 -34.93 37.04 -45.49
C LEU BD 78 -35.76 38.20 -46.01
N ASP BD 79 -36.40 37.98 -47.15
CA ASP BD 79 -37.26 38.98 -47.74
C ASP BD 79 -38.37 39.37 -46.78
N GLY BD 80 -38.69 40.66 -46.75
CA GLY BD 80 -39.75 41.14 -45.88
C GLY BD 80 -39.41 41.18 -44.42
N GLU BD 81 -38.12 41.24 -44.07
CA GLU BD 81 -37.69 41.28 -42.69
C GLU BD 81 -37.06 42.63 -42.37
N VAL BD 82 -37.24 43.06 -41.13
CA VAL BD 82 -36.53 44.24 -40.64
C VAL BD 82 -35.06 43.91 -40.50
N CYS BD 83 -34.20 44.85 -40.89
CA CYS BD 83 -32.78 44.58 -41.09
C CYS BD 83 -31.93 45.63 -40.39
N ASN BD 84 -30.80 45.20 -39.86
CA ASN BD 84 -29.80 46.08 -39.27
C ASN BD 84 -28.70 46.35 -40.29
N VAL BD 85 -28.32 47.62 -40.42
CA VAL BD 85 -27.32 48.02 -41.39
C VAL BD 85 -26.36 48.99 -40.71
N VAL BD 86 -25.06 48.72 -40.83
CA VAL BD 86 -24.02 49.55 -40.23
C VAL BD 86 -23.58 50.60 -41.24
N SER BD 87 -23.73 51.88 -40.87
CA SER BD 87 -23.40 52.97 -41.77
C SER BD 87 -22.12 53.70 -41.40
N HIS BD 88 -21.53 53.40 -40.26
CA HIS BD 88 -20.35 54.12 -39.78
C HIS BD 88 -19.67 53.28 -38.71
N GLY BD 89 -18.42 52.91 -38.93
CA GLY BD 89 -17.70 52.10 -37.97
C GLY BD 89 -16.84 51.02 -38.60
N ARG BD 90 -16.21 50.17 -37.78
CA ARG BD 90 -15.35 49.11 -38.28
C ARG BD 90 -16.09 47.80 -38.21
N VAL BD 91 -16.03 47.01 -39.29
CA VAL BD 91 -16.87 45.82 -39.42
C VAL BD 91 -16.15 44.77 -40.27
N TRP BD 92 -16.40 43.50 -39.94
CA TRP BD 92 -15.80 42.38 -40.65
C TRP BD 92 -16.62 42.02 -41.88
N THR BD 93 -15.97 41.97 -43.03
CA THR BD 93 -16.63 41.77 -44.31
C THR BD 93 -16.09 40.53 -44.99
N LEU BD 94 -16.97 39.87 -45.75
CA LEU BD 94 -16.56 38.78 -46.62
C LEU BD 94 -15.75 39.32 -47.79
N THR BD 95 -14.81 38.51 -48.27
CA THR BD 95 -13.93 38.94 -49.34
C THR BD 95 -13.59 37.76 -50.24
N SER BD 96 -13.20 38.07 -51.46
CA SER BD 96 -12.67 37.08 -52.39
C SER BD 96 -11.18 37.26 -52.64
N LEU BD 97 -10.54 38.20 -51.95
CA LEU BD 97 -9.13 38.48 -52.15
C LEU BD 97 -8.28 37.33 -51.62
N GLY BD 98 -7.01 37.33 -52.00
CA GLY BD 98 -6.09 36.29 -51.58
C GLY BD 98 -5.07 36.76 -50.57
N GLU BD 99 -4.62 38.01 -50.71
CA GLU BD 99 -3.62 38.59 -49.83
C GLU BD 99 -4.08 39.94 -49.34
N ALA BD 100 -3.56 40.35 -48.18
CA ALA BD 100 -4.00 41.60 -47.57
C ALA BD 100 -3.51 42.79 -48.39
N PRO BD 101 -4.34 43.80 -48.60
CA PRO BD 101 -3.89 44.99 -49.32
C PRO BD 101 -3.11 45.92 -48.40
N SER BD 102 -2.59 46.99 -48.99
CA SER BD 102 -1.84 47.98 -48.23
C SER BD 102 -2.76 48.64 -47.21
N LEU BD 103 -2.17 48.95 -46.05
CA LEU BD 103 -2.94 49.59 -44.99
C LEU BD 103 -3.46 50.94 -45.45
N PHE BD 104 -4.72 51.21 -45.12
CA PHE BD 104 -5.37 52.50 -45.39
C PHE BD 104 -5.55 52.74 -46.88
N SER BD 105 -5.69 51.68 -47.67
CA SER BD 105 -5.99 51.82 -49.09
C SER BD 105 -7.49 51.94 -49.29
N LYS BD 106 -7.91 52.00 -50.55
CA LYS BD 106 -9.32 52.20 -50.89
C LYS BD 106 -9.88 50.91 -51.46
N LEU BD 107 -10.95 50.40 -50.86
CA LEU BD 107 -11.51 49.11 -51.24
C LEU BD 107 -12.47 49.25 -52.40
N GLN BD 108 -12.67 48.15 -53.12
CA GLN BD 108 -13.60 48.08 -54.24
C GLN BD 108 -14.45 46.81 -54.12
N PHE BD 109 -15.75 46.97 -54.34
CA PHE BD 109 -16.73 45.94 -54.10
C PHE BD 109 -17.19 45.30 -55.40
N GLY BD 110 -17.01 43.98 -55.51
CA GLY BD 110 -17.56 43.23 -56.61
C GLY BD 110 -19.04 42.98 -56.44
N SER BD 111 -19.57 42.13 -57.31
CA SER BD 111 -21.00 41.82 -57.27
C SER BD 111 -21.33 40.96 -56.06
N GLY BD 112 -22.53 41.18 -55.51
CA GLY BD 112 -22.96 40.50 -54.32
C GLY BD 112 -22.48 41.12 -53.02
N GLY BD 113 -21.77 42.24 -53.09
CA GLY BD 113 -21.28 42.89 -51.90
C GLY BD 113 -20.10 42.19 -51.26
N VAL BD 114 -19.11 41.83 -52.06
CA VAL BD 114 -17.87 41.25 -51.55
C VAL BD 114 -16.72 42.16 -51.95
N VAL BD 115 -15.68 42.18 -51.12
CA VAL BD 115 -14.51 43.01 -51.37
C VAL BD 115 -13.60 42.26 -52.34
N THR BD 116 -13.27 42.90 -53.45
CA THR BD 116 -12.37 42.32 -54.44
C THR BD 116 -11.27 43.26 -54.90
N GLY BD 117 -11.34 44.54 -54.58
CA GLY BD 117 -10.34 45.49 -55.03
C GLY BD 117 -9.74 46.26 -53.89
N GLY BD 118 -8.51 46.72 -54.10
CA GLY BD 118 -7.82 47.54 -53.13
C GLY BD 118 -7.19 48.75 -53.77
N SER BD 119 -7.73 49.17 -54.91
CA SER BD 119 -7.17 50.28 -55.68
C SER BD 119 -8.25 51.29 -56.10
N GLY BD 120 -9.27 51.48 -55.26
CA GLY BD 120 -10.32 52.41 -55.61
C GLY BD 120 -9.88 53.85 -55.54
N SER BD 121 -10.73 54.73 -56.07
CA SER BD 121 -10.44 56.16 -56.05
C SER BD 121 -10.87 56.80 -54.75
N ALA BD 122 -12.09 56.50 -54.29
CA ALA BD 122 -12.61 57.06 -53.05
C ALA BD 122 -13.64 56.10 -52.49
N GLY BD 123 -13.81 56.16 -51.17
CA GLY BD 123 -14.79 55.31 -50.52
C GLY BD 123 -14.41 54.83 -49.13
N TRP BD 124 -14.60 53.55 -48.87
CA TRP BD 124 -14.22 52.96 -47.60
C TRP BD 124 -12.78 52.49 -47.66
N THR BD 125 -12.17 52.33 -46.49
CA THR BD 125 -10.74 52.04 -46.42
C THR BD 125 -10.48 50.79 -45.60
N PHE BD 126 -9.34 50.16 -45.89
CA PHE BD 126 -8.90 48.98 -45.17
C PHE BD 126 -8.37 49.38 -43.80
N ALA BD 127 -8.74 48.60 -42.77
CA ALA BD 127 -8.45 48.97 -41.39
C ALA BD 127 -7.35 48.14 -40.75
N GLY BD 128 -6.83 47.14 -41.44
CA GLY BD 128 -5.69 46.39 -40.96
C GLY BD 128 -5.98 45.00 -40.44
N GLY BD 129 -7.20 44.52 -40.53
CA GLY BD 129 -7.52 43.18 -40.08
C GLY BD 129 -7.75 42.23 -41.22
N PHE BD 130 -7.13 41.05 -41.17
CA PHE BD 130 -7.20 40.08 -42.25
C PHE BD 130 -7.05 38.68 -41.65
N VAL BD 131 -8.16 37.95 -41.55
CA VAL BD 131 -8.13 36.59 -41.02
C VAL BD 131 -8.80 35.67 -42.02
N LYS BD 132 -8.88 34.38 -41.62
CA LYS BD 132 -9.41 33.37 -42.51
C LYS BD 132 -10.69 32.71 -42.09
N HIS BD 133 -11.66 32.64 -43.00
CA HIS BD 133 -12.92 31.97 -42.73
C HIS BD 133 -13.32 30.98 -43.77
N GLU BD 134 -13.52 29.72 -43.40
CA GLU BD 134 -14.09 28.75 -44.32
C GLU BD 134 -13.48 28.62 -45.66
N ASP BD 135 -12.17 28.46 -45.73
CA ASP BD 135 -11.50 28.45 -47.02
C ASP BD 135 -11.83 29.73 -47.79
N GLY BD 136 -11.85 30.85 -47.10
CA GLY BD 136 -12.15 32.13 -47.70
C GLY BD 136 -11.59 33.08 -46.66
N TYR BD 137 -11.58 34.37 -46.91
CA TYR BD 137 -11.06 35.21 -45.91
C TYR BD 137 -12.04 36.24 -45.40
N ILE BD 138 -11.73 36.90 -44.30
CA ILE BD 138 -12.51 38.00 -43.74
C ILE BD 138 -11.56 39.19 -43.59
N ILE BD 139 -12.06 40.37 -43.97
CA ILE BD 139 -11.26 41.59 -43.82
C ILE BD 139 -12.02 42.54 -42.91
N GLU BD 140 -11.33 43.61 -42.50
CA GLU BD 140 -11.90 44.61 -41.61
C GLU BD 140 -11.97 45.94 -42.34
N VAL BD 141 -13.17 46.49 -42.48
CA VAL BD 141 -13.40 47.70 -43.24
C VAL BD 141 -13.84 48.80 -42.31
N GLN BD 142 -13.48 50.03 -42.67
CA GLN BD 142 -13.89 51.24 -41.95
C GLN BD 142 -14.89 52.00 -42.80
N VAL BD 143 -16.16 51.96 -42.40
CA VAL BD 143 -17.25 52.58 -43.12
C VAL BD 143 -17.46 54.00 -42.60
N LYS BD 144 -17.61 54.97 -43.49
CA LYS BD 144 -17.86 56.36 -43.10
C LYS BD 144 -19.16 56.81 -43.73
N GLN BD 145 -19.88 57.74 -43.14
CA GLN BD 145 -21.19 58.11 -43.66
C GLN BD 145 -21.35 58.73 -45.03
N ASN BD 146 -20.55 59.72 -45.40
CA ASN BD 146 -20.79 60.39 -46.70
C ASN BD 146 -19.73 60.06 -47.72
N ALA BD 147 -19.02 58.96 -47.54
CA ALA BD 147 -17.93 58.60 -48.44
C ALA BD 147 -18.30 58.31 -49.88
N PHE BD 148 -19.38 57.59 -50.10
CA PHE BD 148 -19.79 57.24 -51.45
C PHE BD 148 -21.01 58.07 -51.77
N ILE BD 149 -20.99 58.82 -52.86
CA ILE BD 149 -22.09 59.73 -53.19
C ILE BD 149 -22.82 59.27 -54.44
N ALA BD 150 -24.13 59.18 -54.38
CA ALA BD 150 -24.90 58.65 -55.51
C ALA BD 150 -24.77 59.51 -56.74
N PRO BD 151 -24.51 58.87 -57.89
CA PRO BD 151 -24.28 59.67 -59.08
C PRO BD 151 -25.55 60.35 -59.48
N PRO BD 152 -25.45 61.57 -59.99
CA PRO BD 152 -26.62 62.31 -60.42
C PRO BD 152 -27.36 61.59 -61.51
N TYR CD 3 -20.78 -58.12 -4.80
CA TYR CD 3 -20.16 -59.29 -4.24
C TYR CD 3 -18.75 -59.34 -4.73
N GLU CD 4 -17.88 -58.48 -4.21
CA GLU CD 4 -16.53 -58.40 -4.74
C GLU CD 4 -15.41 -58.43 -3.73
N ASN CD 5 -14.21 -58.71 -4.21
CA ASN CD 5 -13.06 -58.83 -3.33
C ASN CD 5 -12.23 -57.55 -3.31
N LEU CD 6 -11.96 -57.01 -2.14
CA LEU CD 6 -11.17 -55.78 -2.02
C LEU CD 6 -9.67 -55.97 -2.30
N PHE CD 7 -8.98 -54.92 -2.75
CA PHE CD 7 -7.54 -55.00 -2.98
C PHE CD 7 -6.80 -54.49 -1.76
N LEU CD 8 -5.52 -54.85 -1.66
CA LEU CD 8 -4.70 -54.51 -0.48
C LEU CD 8 -3.60 -53.55 -0.88
N ARG CD 9 -3.58 -52.35 -0.33
CA ARG CD 9 -2.64 -51.31 -0.80
C ARG CD 9 -1.10 -51.29 -0.75
N PRO CD 10 -0.48 -51.65 0.38
CA PRO CD 10 0.99 -51.58 0.31
C PRO CD 10 1.51 -52.66 -0.62
N ALA CD 11 2.45 -52.35 -1.51
CA ALA CD 11 2.88 -53.33 -2.50
C ALA CD 11 4.33 -53.68 -2.35
N CYS CD 12 4.69 -54.27 -1.22
CA CYS CD 12 6.07 -54.64 -0.93
C CYS CD 12 6.36 -56.13 -0.96
N PRO CD 13 7.62 -56.52 -1.21
CA PRO CD 13 7.84 -57.96 -1.32
C PRO CD 13 7.61 -58.64 0.00
N GLY CD 14 7.09 -59.84 -0.06
CA GLY CD 14 6.81 -60.56 1.15
C GLY CD 14 5.45 -60.32 1.74
N ASN CD 15 4.66 -59.43 1.18
CA ASN CD 15 3.33 -59.31 1.70
C ASN CD 15 2.25 -59.81 0.79
N ILE CD 16 1.05 -59.93 1.32
CA ILE CD 16 -0.10 -60.40 0.55
C ILE CD 16 -0.63 -59.27 -0.31
N SER CD 17 -1.18 -59.61 -1.46
CA SER CD 17 -1.63 -58.61 -2.43
C SER CD 17 -3.14 -58.47 -2.51
N ASP CD 18 -3.90 -59.45 -2.02
CA ASP CD 18 -5.36 -59.42 -2.11
C ASP CD 18 -5.93 -59.89 -0.79
N THR CD 19 -7.25 -59.80 -0.68
CA THR CD 19 -7.97 -60.38 0.45
C THR CD 19 -8.86 -61.53 0.00
N SER CD 20 -8.41 -62.27 -1.02
CA SER CD 20 -9.09 -63.49 -1.40
C SER CD 20 -8.79 -64.58 -0.37
N THR CD 21 -9.26 -65.79 -0.65
CA THR CD 21 -9.03 -66.89 0.27
C THR CD 21 -7.55 -67.16 0.45
N TYR CD 22 -7.06 -67.02 1.68
CA TYR CD 22 -5.65 -67.26 1.97
C TYR CD 22 -5.54 -68.11 3.24
N ASN CD 23 -4.34 -68.64 3.45
CA ASN CD 23 -4.03 -69.50 4.59
C ASN CD 23 -2.61 -69.22 5.03
N ILE CD 24 -2.41 -69.02 6.33
CA ILE CD 24 -1.11 -68.70 6.89
C ILE CD 24 -0.77 -69.75 7.94
N ASP CD 25 0.33 -70.48 7.72
CA ASP CD 25 0.77 -71.54 8.62
C ASP CD 25 1.79 -70.94 9.58
N GLY CD 26 1.33 -70.58 10.78
CA GLY CD 26 2.15 -69.88 11.73
C GLY CD 26 2.89 -70.70 12.75
N ALA CD 27 2.75 -72.03 12.72
CA ALA CD 27 3.47 -72.90 13.66
C ALA CD 27 4.66 -73.54 12.95
N CYS CD 28 5.71 -72.74 12.77
CA CYS CD 28 6.92 -73.20 12.09
C CYS CD 28 8.14 -72.55 12.73
N VAL CD 29 9.31 -73.14 12.46
CA VAL CD 29 10.60 -72.60 12.89
C VAL CD 29 11.57 -72.70 11.73
N ALA CD 30 12.59 -71.86 11.76
CA ALA CD 30 13.51 -71.69 10.65
C ALA CD 30 14.87 -72.29 10.97
N GLN CD 31 15.47 -72.96 9.99
CA GLN CD 31 16.87 -73.38 10.02
C GLN CD 31 17.64 -72.57 8.98
N GLY CD 32 18.68 -71.88 9.41
CA GLY CD 32 19.33 -70.91 8.57
C GLY CD 32 18.60 -69.59 8.58
N ASP CD 33 18.90 -68.76 7.59
CA ASP CD 33 18.27 -67.46 7.44
C ASP CD 33 17.40 -67.43 6.20
N ILE CD 34 16.25 -66.78 6.31
CA ILE CD 34 15.29 -66.67 5.21
C ILE CD 34 14.96 -65.20 5.00
N GLY CD 35 14.77 -64.84 3.74
CA GLY CD 35 14.41 -63.48 3.37
C GLY CD 35 12.95 -63.41 2.98
N PHE CD 36 12.31 -62.29 3.32
CA PHE CD 36 10.90 -62.10 2.99
C PHE CD 36 10.69 -62.22 1.49
N GLY CD 37 9.68 -62.98 1.10
CA GLY CD 37 9.36 -63.15 -0.30
C GLY CD 37 10.08 -64.27 -1.00
N SER CD 38 10.55 -65.29 -0.27
CA SER CD 38 11.25 -66.42 -0.85
C SER CD 38 10.49 -67.69 -0.54
N ALA CD 39 10.64 -68.69 -1.41
CA ALA CD 39 10.01 -69.98 -1.20
C ALA CD 39 10.78 -70.78 -0.16
N VAL CD 40 10.04 -71.62 0.58
CA VAL CD 40 10.63 -72.43 1.64
C VAL CD 40 10.19 -73.87 1.45
N GLN CD 41 10.91 -74.78 2.10
CA GLN CD 41 10.63 -76.20 2.04
C GLN CD 41 10.62 -76.78 3.44
N VAL CD 42 9.93 -77.90 3.60
CA VAL CD 42 9.76 -78.53 4.91
C VAL CD 42 10.77 -79.67 5.03
N VAL CD 43 11.69 -79.55 5.98
CA VAL CD 43 12.74 -80.54 6.12
C VAL CD 43 12.39 -81.59 7.17
N GLY CD 44 11.51 -81.25 8.10
CA GLY CD 44 11.12 -82.21 9.13
C GLY CD 44 9.99 -81.66 9.97
N ILE CD 45 9.47 -82.54 10.83
CA ILE CD 45 8.37 -82.22 11.73
C ILE CD 45 8.72 -82.71 13.12
N VAL CD 46 8.63 -81.80 14.11
CA VAL CD 46 8.82 -82.15 15.51
C VAL CD 46 7.64 -81.62 16.33
N ASP CD 47 6.90 -82.54 16.96
CA ASP CD 47 5.85 -82.20 17.90
C ASP CD 47 4.79 -81.27 17.30
N GLY CD 48 4.41 -81.55 16.06
CA GLY CD 48 3.43 -80.74 15.37
C GLY CD 48 3.95 -79.44 14.81
N VAL CD 49 5.27 -79.24 14.82
CA VAL CD 49 5.91 -78.04 14.31
C VAL CD 49 6.68 -78.42 13.06
N LYS CD 50 6.61 -77.58 12.03
CA LYS CD 50 7.31 -77.81 10.78
C LYS CD 50 8.60 -76.99 10.76
N VAL CD 51 9.72 -77.64 10.44
CA VAL CD 51 11.01 -76.98 10.32
C VAL CD 51 11.26 -76.67 8.85
N VAL CD 52 11.46 -75.39 8.55
CA VAL CD 52 11.57 -74.94 7.17
C VAL CD 52 12.96 -74.36 6.93
N ALA CD 53 13.38 -74.41 5.66
CA ALA CD 53 14.63 -73.84 5.23
C ALA CD 53 14.43 -73.23 3.85
N ALA CD 54 15.41 -72.44 3.42
CA ALA CD 54 15.35 -71.85 2.09
C ALA CD 54 15.46 -72.93 1.02
N LEU CD 55 14.89 -72.67 -0.14
CA LEU CD 55 14.73 -73.71 -1.14
C LEU CD 55 16.08 -74.09 -1.74
N PRO CD 56 16.45 -75.38 -1.70
CA PRO CD 56 17.65 -75.83 -2.41
C PRO CD 56 17.34 -76.29 -3.81
N ASP CD 57 18.33 -76.82 -4.52
CA ASP CD 57 18.06 -77.47 -5.79
C ASP CD 57 17.51 -78.87 -5.56
N GLY CD 58 16.42 -79.19 -6.24
CA GLY CD 58 15.79 -80.50 -6.12
C GLY CD 58 14.66 -80.59 -5.13
N GLY CD 59 14.35 -79.50 -4.42
CA GLY CD 59 13.27 -79.54 -3.46
C GLY CD 59 11.93 -79.19 -4.05
N THR CD 60 10.88 -79.39 -3.26
CA THR CD 60 9.53 -79.01 -3.64
C THR CD 60 9.08 -77.86 -2.76
N PRO CD 61 8.79 -76.68 -3.33
CA PRO CD 61 8.41 -75.55 -2.49
C PRO CD 61 7.11 -75.81 -1.77
N TYR CD 62 7.01 -75.27 -0.57
CA TYR CD 62 5.81 -75.44 0.25
C TYR CD 62 5.03 -74.15 0.46
N GLY CD 63 5.70 -73.02 0.56
CA GLY CD 63 5.04 -71.75 0.80
C GLY CD 63 6.01 -70.63 0.60
N ILE CD 64 5.60 -69.43 0.99
CA ILE CD 64 6.40 -68.22 0.80
C ILE CD 64 6.43 -67.45 2.11
N ALA CD 65 7.63 -67.05 2.52
CA ALA CD 65 7.78 -66.31 3.77
C ALA CD 65 6.99 -65.01 3.73
N PHE CD 66 6.43 -64.64 4.87
CA PHE CD 66 5.44 -63.58 4.96
C PHE CD 66 5.97 -62.48 5.88
N ARG CD 67 5.67 -61.23 5.52
CA ARG CD 67 6.25 -60.09 6.22
C ARG CD 67 5.45 -59.73 7.45
N SER CD 68 6.14 -59.60 8.59
CA SER CD 68 5.51 -59.20 9.84
C SER CD 68 6.43 -58.24 10.58
N GLN CD 69 5.83 -57.26 11.23
CA GLN CD 69 6.59 -56.18 11.86
C GLN CD 69 6.73 -56.34 13.36
N TYR CD 70 6.33 -57.48 13.92
CA TYR CD 70 6.59 -57.80 15.31
C TYR CD 70 7.50 -59.02 15.46
N GLU CD 71 7.28 -60.04 14.63
CA GLU CD 71 8.04 -61.28 14.77
C GLU CD 71 9.48 -61.11 14.32
N HIS CD 72 9.70 -60.28 13.31
CA HIS CD 72 11.01 -60.13 12.68
C HIS CD 72 11.43 -58.67 12.75
N LEU CD 73 12.11 -58.31 13.84
CA LEU CD 73 12.53 -56.92 14.03
C LEU CD 73 13.81 -56.60 13.28
N SER CD 74 14.53 -57.62 12.81
CA SER CD 74 15.81 -57.38 12.14
C SER CD 74 15.61 -56.86 10.73
N GLY CD 75 14.79 -57.53 9.95
CA GLY CD 75 14.61 -57.22 8.54
C GLY CD 75 14.44 -58.49 7.73
N LYS CD 76 14.81 -59.61 8.34
CA LYS CD 76 14.69 -60.92 7.73
C LYS CD 76 14.41 -61.93 8.83
N ILE CD 77 14.16 -63.18 8.43
CA ILE CD 77 13.90 -64.22 9.42
C ILE CD 77 15.21 -64.91 9.80
N LEU CD 78 15.41 -65.05 11.10
CA LEU CD 78 16.67 -65.55 11.65
C LEU CD 78 16.50 -66.98 12.13
N ASP CD 79 17.63 -67.68 12.24
CA ASP CD 79 17.61 -69.05 12.73
C ASP CD 79 17.00 -69.13 14.12
N GLY CD 80 16.22 -70.17 14.35
CA GLY CD 80 15.59 -70.37 15.64
C GLY CD 80 14.45 -69.44 15.94
N GLU CD 81 13.81 -68.89 14.92
CA GLU CD 81 12.70 -67.97 15.10
C GLU CD 81 11.41 -68.60 14.59
N VAL CD 82 10.31 -68.25 15.23
CA VAL CD 82 9.00 -68.65 14.73
C VAL CD 82 8.69 -67.85 13.47
N CYS CD 83 8.11 -68.51 12.48
CA CYS CD 83 8.03 -67.99 11.12
C CYS CD 83 6.62 -68.10 10.58
N ASN CD 84 6.21 -67.10 9.80
CA ASN CD 84 4.93 -67.11 9.09
C ASN CD 84 5.16 -67.56 7.65
N VAL CD 85 4.32 -68.48 7.18
CA VAL CD 85 4.45 -69.03 5.83
C VAL CD 85 3.07 -69.05 5.19
N VAL CD 86 2.97 -68.53 3.99
CA VAL CD 86 1.71 -68.47 3.25
C VAL CD 86 1.60 -69.70 2.37
N SER CD 87 0.55 -70.50 2.57
CA SER CD 87 0.36 -71.74 1.85
C SER CD 87 -0.73 -71.67 0.80
N HIS CD 88 -1.51 -70.59 0.75
CA HIS CD 88 -2.64 -70.48 -0.15
C HIS CD 88 -3.02 -69.02 -0.28
N GLY CD 89 -2.98 -68.48 -1.48
CA GLY CD 89 -3.33 -67.08 -1.69
C GLY CD 89 -2.42 -66.37 -2.67
N ARG CD 90 -2.60 -65.07 -2.86
CA ARG CD 90 -1.80 -64.29 -3.79
C ARG CD 90 -0.76 -63.50 -3.01
N VAL CD 91 0.49 -63.52 -3.47
CA VAL CD 91 1.60 -62.96 -2.70
C VAL CD 91 2.68 -62.44 -3.64
N TRP CD 92 3.35 -61.38 -3.21
CA TRP CD 92 4.42 -60.76 -3.99
C TRP CD 92 5.74 -61.46 -3.73
N THR CD 93 6.40 -61.89 -4.80
CA THR CD 93 7.61 -62.70 -4.72
C THR CD 93 8.76 -61.98 -5.43
N LEU CD 94 9.96 -62.20 -4.91
CA LEU CD 94 11.18 -61.76 -5.57
C LEU CD 94 11.41 -62.60 -6.83
N THR CD 95 12.01 -61.98 -7.83
CA THR CD 95 12.24 -62.65 -9.11
C THR CD 95 13.54 -62.17 -9.73
N SER CD 96 14.09 -62.99 -10.61
CA SER CD 96 15.24 -62.63 -11.42
C SER CD 96 14.87 -62.45 -12.88
N LEU CD 97 13.60 -62.55 -13.22
CA LEU CD 97 13.17 -62.43 -14.61
C LEU CD 97 13.30 -60.99 -15.09
N GLY CD 98 13.22 -60.82 -16.40
CA GLY CD 98 13.35 -59.50 -17.00
C GLY CD 98 12.04 -58.95 -17.53
N GLU CD 99 11.20 -59.83 -18.07
CA GLU CD 99 9.92 -59.43 -18.64
C GLU CD 99 8.81 -60.31 -18.10
N ALA CD 100 7.60 -59.79 -18.10
CA ALA CD 100 6.48 -60.50 -17.53
C ALA CD 100 6.13 -61.72 -18.39
N PRO CD 101 5.83 -62.85 -17.77
CA PRO CD 101 5.42 -64.03 -18.55
C PRO CD 101 3.95 -63.96 -18.93
N SER CD 102 3.53 -64.94 -19.70
CA SER CD 102 2.13 -65.01 -20.12
C SER CD 102 1.23 -65.19 -18.91
N LEU CD 103 0.06 -64.58 -18.97
CA LEU CD 103 -0.89 -64.66 -17.87
C LEU CD 103 -1.32 -66.12 -17.66
N PHE CD 104 -1.37 -66.52 -16.39
CA PHE CD 104 -1.84 -67.84 -16.00
C PHE CD 104 -0.91 -68.96 -16.46
N SER CD 105 0.38 -68.66 -16.60
CA SER CD 105 1.36 -69.69 -16.95
C SER CD 105 1.85 -70.36 -15.66
N LYS CD 106 2.80 -71.28 -15.80
CA LYS CD 106 3.30 -72.05 -14.68
C LYS CD 106 4.71 -71.59 -14.34
N LEU CD 107 4.92 -71.20 -13.09
CA LEU CD 107 6.19 -70.63 -12.67
C LEU CD 107 7.18 -71.71 -12.28
N GLN CD 108 8.47 -71.36 -12.34
CA GLN CD 108 9.56 -72.24 -11.96
C GLN CD 108 10.54 -71.50 -11.06
N PHE CD 109 10.95 -72.15 -9.99
CA PHE CD 109 11.73 -71.53 -8.93
C PHE CD 109 13.19 -71.96 -9.03
N GLY CD 110 14.09 -70.98 -9.15
CA GLY CD 110 15.51 -71.23 -9.08
C GLY CD 110 15.97 -71.40 -7.65
N SER CD 111 17.28 -71.44 -7.48
CA SER CD 111 17.85 -71.63 -6.16
C SER CD 111 17.67 -70.39 -5.30
N GLY CD 112 17.49 -70.62 -4.00
CA GLY CD 112 17.22 -69.54 -3.07
C GLY CD 112 15.78 -69.10 -3.00
N GLY CD 113 14.88 -69.75 -3.74
CA GLY CD 113 13.48 -69.39 -3.72
C GLY CD 113 13.17 -68.14 -4.49
N VAL CD 114 13.68 -68.02 -5.71
CA VAL CD 114 13.36 -66.90 -6.58
C VAL CD 114 12.72 -67.45 -7.84
N VAL CD 115 11.84 -66.66 -8.44
CA VAL CD 115 11.14 -67.06 -9.65
C VAL CD 115 12.05 -66.78 -10.84
N THR CD 116 12.31 -67.80 -11.64
CA THR CD 116 13.13 -67.65 -12.82
C THR CD 116 12.53 -68.29 -14.08
N GLY CD 117 11.48 -69.09 -13.95
CA GLY CD 117 10.90 -69.75 -15.09
C GLY CD 117 9.42 -69.46 -15.21
N GLY CD 118 8.92 -69.56 -16.44
CA GLY CD 118 7.52 -69.39 -16.71
C GLY CD 118 6.99 -70.48 -17.61
N SER CD 119 7.66 -71.63 -17.63
CA SER CD 119 7.31 -72.74 -18.51
C SER CD 119 7.25 -74.06 -17.77
N GLY CD 120 6.83 -74.05 -16.51
CA GLY CD 120 6.75 -75.28 -15.74
C GLY CD 120 5.62 -76.18 -16.20
N SER CD 121 5.65 -77.42 -15.69
CA SER CD 121 4.62 -78.38 -16.03
C SER CD 121 3.40 -78.24 -15.13
N ALA CD 122 3.62 -78.14 -13.82
CA ALA CD 122 2.54 -77.99 -12.86
C ALA CD 122 3.06 -77.26 -11.64
N GLY CD 123 2.15 -76.60 -10.93
CA GLY CD 123 2.53 -75.88 -9.73
C GLY CD 123 1.76 -74.60 -9.48
N TRP CD 124 2.49 -73.55 -9.12
CA TRP CD 124 1.88 -72.25 -8.91
C TRP CD 124 1.82 -71.48 -10.21
N THR CD 125 0.94 -70.48 -10.27
CA THR CD 125 0.68 -69.78 -11.52
C THR CD 125 0.85 -68.28 -11.34
N PHE CD 126 1.16 -67.63 -12.46
CA PHE CD 126 1.30 -66.18 -12.49
C PHE CD 126 -0.06 -65.51 -12.42
N ALA CD 127 -0.16 -64.45 -11.63
CA ALA CD 127 -1.46 -63.84 -11.33
C ALA CD 127 -1.66 -62.49 -12.02
N GLY CD 128 -0.65 -61.99 -12.73
CA GLY CD 128 -0.82 -60.78 -13.52
C GLY CD 128 -0.19 -59.52 -12.96
N GLY CD 129 0.52 -59.61 -11.85
CA GLY CD 129 1.17 -58.43 -11.31
C GLY CD 129 2.67 -58.45 -11.53
N PHE CD 130 3.23 -57.35 -12.00
CA PHE CD 130 4.65 -57.26 -12.33
C PHE CD 130 5.11 -55.83 -12.13
N VAL CD 131 5.83 -55.57 -11.05
CA VAL CD 131 6.34 -54.23 -10.77
C VAL CD 131 7.84 -54.32 -10.53
N LYS CD 132 8.43 -53.16 -10.23
CA LYS CD 132 9.87 -53.07 -10.06
C LYS CD 132 10.36 -52.74 -8.68
N HIS CD 133 11.32 -53.51 -8.17
CA HIS CD 133 11.92 -53.24 -6.88
C HIS CD 133 13.42 -53.24 -6.90
N GLU CD 134 14.04 -52.14 -6.49
CA GLU CD 134 15.49 -52.12 -6.30
C GLU CD 134 16.34 -52.61 -7.42
N ASP CD 135 16.12 -52.13 -8.61
CA ASP CD 135 16.84 -52.66 -9.76
C ASP CD 135 16.63 -54.16 -9.85
N GLY CD 136 15.42 -54.62 -9.61
CA GLY CD 136 15.07 -56.02 -9.66
C GLY CD 136 13.57 -55.96 -9.78
N TYR CD 137 12.89 -57.06 -9.97
CA TYR CD 137 11.48 -56.95 -10.08
C TYR CD 137 10.73 -57.74 -9.03
N ILE CD 138 9.43 -57.49 -8.88
CA ILE CD 138 8.54 -58.23 -8.01
C ILE CD 138 7.40 -58.75 -8.88
N ILE CD 139 7.02 -60.01 -8.66
CA ILE CD 139 5.89 -60.58 -9.38
C ILE CD 139 4.83 -61.01 -8.37
N GLU CD 140 3.66 -61.35 -8.87
CA GLU CD 140 2.54 -61.77 -8.05
C GLU CD 140 2.19 -63.21 -8.37
N VAL CD 141 2.26 -64.07 -7.36
CA VAL CD 141 2.06 -65.50 -7.54
C VAL CD 141 0.81 -65.93 -6.81
N GLN CD 142 0.15 -66.95 -7.35
CA GLN CD 142 -1.04 -67.55 -6.76
C GLN CD 142 -0.67 -68.95 -6.24
N VAL CD 143 -0.56 -69.08 -4.93
CA VAL CD 143 -0.16 -70.31 -4.26
C VAL CD 143 -1.41 -71.12 -3.95
N LYS CD 144 -1.38 -72.43 -4.23
CA LYS CD 144 -2.49 -73.33 -3.92
C LYS CD 144 -1.98 -74.43 -3.04
N GLN CD 145 -2.81 -75.02 -2.19
CA GLN CD 145 -2.31 -76.00 -1.23
C GLN CD 145 -1.73 -77.32 -1.70
N ASN CD 146 -2.35 -78.02 -2.61
CA ASN CD 146 -1.82 -79.35 -2.98
C ASN CD 146 -1.18 -79.38 -4.35
N ALA CD 147 -0.78 -78.23 -4.85
CA ALA CD 147 -0.22 -78.14 -6.20
C ALA CD 147 1.09 -78.86 -6.45
N PHE CD 148 2.03 -78.80 -5.52
CA PHE CD 148 3.31 -79.44 -5.69
C PHE CD 148 3.33 -80.64 -4.77
N ILE CD 149 3.59 -81.83 -5.28
CA ILE CD 149 3.53 -83.05 -4.47
C ILE CD 149 4.90 -83.65 -4.31
N ALA CD 150 5.29 -83.97 -3.07
CA ALA CD 150 6.63 -84.47 -2.83
C ALA CD 150 6.90 -85.79 -3.51
N PRO CD 151 8.06 -85.89 -4.18
CA PRO CD 151 8.30 -87.11 -4.93
C PRO CD 151 8.48 -88.26 -3.97
N PRO CD 152 8.00 -89.43 -4.36
CA PRO CD 152 8.15 -90.61 -3.50
C PRO CD 152 9.60 -90.93 -3.25
#